data_6EK5
#
_entry.id   6EK5
#
_cell.length_a   1
_cell.length_b   1
_cell.length_c   1
_cell.angle_alpha   90
_cell.angle_beta   90
_cell.angle_gamma   90
#
_symmetry.space_group_name_H-M   'P 1'
#
_entity_poly.entity_id   1
_entity_poly.type   'polypeptide(L)'
_entity_poly.pdbx_seq_one_letter_code
;APMYRKPTMYRMYRSPDIPRGCEGPCKVQSFEQRDDVKHLGICKVISDVTRGPGLTHRVGKRFCIKSIYILGKIWLDETI
KKQNHTNNVIFYLLRDRRPYGNAPQDFGQIFNMFDNEPSTATIKNDLRDRFQVLRKFHATVVGGLYCMKEQALVKRFYRL
NHHVTYNHQEAGKYENHTENALLLYMACTHASNPVYATLKIRIYF
;
_entity_poly.pdbx_strand_id   A,B,C,D,E,F,G,H,I,J,K,L,M,N,O,P,Q,R,S,T,U,V,W,X,Y,Z,BA,BB,BC,BD,a,b,c,d,e,f,g,h,i,j,m,n,o,p,q,r,s,t,u,x,y,z,3,1,2,k,w,l,v,BE,BF,BG,BJ,BP,BS,BT,BU,BX,BY,BZ,Ba,Bb,Bc,Bd,BK,BL,BM,BN,BO,Be,Bf,Bg,Bh,Bi,Bj,Bm,Bn,Bo,Bp,Bq,Br,Bs,Bt,Bu,Bx,By,Bz,B3,B1,B2,Bw,BH,BQ,BV,Bk,Bv,BI,BR,BW,Bl
#
# COMPACT_ATOMS: atom_id res chain seq x y z
N PRO A 16 27.19 118.95 22.85
CA PRO A 16 26.47 118.46 21.68
C PRO A 16 26.07 119.56 20.71
N ASP A 17 26.40 120.81 21.05
CA ASP A 17 25.98 121.96 20.26
C ASP A 17 27.17 122.75 19.73
N ILE A 18 28.19 122.97 20.54
CA ILE A 18 29.27 123.92 20.26
C ILE A 18 30.56 123.21 19.83
N PRO A 19 31.33 123.79 18.92
CA PRO A 19 32.61 123.20 18.51
C PRO A 19 33.83 123.77 19.22
N ARG A 20 33.69 124.72 20.14
CA ARG A 20 34.84 125.46 20.65
C ARG A 20 35.16 125.15 22.10
N GLY A 21 34.23 125.36 23.02
CA GLY A 21 34.51 125.24 24.44
C GLY A 21 33.24 125.09 25.26
N CYS A 22 33.37 124.42 26.41
CA CYS A 22 32.24 123.96 27.21
C CYS A 22 31.62 125.05 28.08
N GLU A 23 31.89 126.33 27.77
CA GLU A 23 31.16 127.42 28.39
C GLU A 23 29.69 127.38 27.99
N GLY A 24 28.86 128.02 28.81
CA GLY A 24 27.47 128.18 28.49
C GLY A 24 27.30 129.10 27.29
N PRO A 25 26.36 128.77 26.39
CA PRO A 25 26.12 129.62 25.22
C PRO A 25 25.46 130.94 25.61
N CYS A 26 26.28 131.87 26.10
CA CYS A 26 25.77 133.07 26.72
C CYS A 26 25.23 134.05 25.69
N LYS A 27 24.10 134.67 26.02
CA LYS A 27 23.43 135.60 25.12
C LYS A 27 23.97 137.01 25.34
N VAL A 28 24.31 137.68 24.24
CA VAL A 28 24.60 139.11 24.24
C VAL A 28 23.72 139.74 23.18
N GLN A 29 22.67 140.43 23.61
CA GLN A 29 21.65 140.92 22.70
C GLN A 29 21.85 142.41 22.42
N SER A 30 21.60 142.85 21.14
CA SER A 30 21.71 144.20 20.60
C SER A 30 20.31 144.62 20.18
N PHE A 31 19.52 145.06 21.15
CA PHE A 31 18.22 145.64 20.82
C PHE A 31 18.41 147.01 20.18
N GLU A 32 17.59 147.29 19.17
CA GLU A 32 17.50 148.62 18.61
C GLU A 32 16.07 149.09 18.66
N GLN A 33 15.91 150.40 18.89
CA GLN A 33 14.65 151.10 18.64
C GLN A 33 15.06 152.21 17.69
N ARG A 34 15.12 151.85 16.41
CA ARG A 34 15.73 152.71 15.39
C ARG A 34 14.90 152.74 14.13
N ASP A 35 15.48 153.28 13.08
CA ASP A 35 14.92 153.25 11.74
C ASP A 35 16.09 153.19 10.75
N ASP A 36 15.81 153.49 9.50
CA ASP A 36 16.87 153.57 8.50
C ASP A 36 16.57 154.73 7.57
N VAL A 37 17.39 154.85 6.53
CA VAL A 37 17.11 155.72 5.39
C VAL A 37 17.05 154.80 4.18
N LYS A 38 16.90 155.38 2.98
CA LYS A 38 16.91 154.56 1.77
C LYS A 38 18.27 153.88 1.57
N HIS A 39 19.35 154.60 1.83
CA HIS A 39 20.67 154.10 1.50
C HIS A 39 21.16 153.05 2.50
N LEU A 40 21.03 153.34 3.80
CA LEU A 40 21.71 152.50 4.75
C LEU A 40 21.01 152.49 6.10
N GLY A 41 20.96 151.31 6.70
CA GLY A 41 20.80 151.18 8.13
C GLY A 41 21.93 150.32 8.64
N ILE A 42 22.86 150.90 9.39
CA ILE A 42 24.09 150.22 9.75
C ILE A 42 24.03 149.77 11.20
N CYS A 43 24.41 148.51 11.42
CA CYS A 43 24.37 147.92 12.76
C CYS A 43 25.53 146.94 12.88
N LYS A 44 26.62 147.38 13.52
CA LYS A 44 27.58 146.40 14.02
C LYS A 44 26.99 145.70 15.22
N VAL A 45 26.76 144.41 15.07
CA VAL A 45 25.99 143.68 16.06
C VAL A 45 26.88 143.24 17.22
N ILE A 46 28.19 143.24 17.01
CA ILE A 46 29.14 142.75 17.99
C ILE A 46 29.79 143.92 18.75
N SER A 47 29.09 145.06 18.79
CA SER A 47 29.72 146.32 19.16
C SER A 47 29.95 146.42 20.67
N ASP A 48 28.89 146.31 21.46
CA ASP A 48 28.96 146.59 22.89
C ASP A 48 29.48 145.43 23.72
N VAL A 49 30.20 144.47 23.13
CA VAL A 49 30.68 143.30 23.86
C VAL A 49 32.05 143.65 24.43
N THR A 50 32.11 143.99 25.71
CA THR A 50 33.33 144.36 26.40
C THR A 50 33.72 143.24 27.37
N ARG A 51 34.96 143.32 27.86
CA ARG A 51 35.42 142.34 28.85
C ARG A 51 34.77 142.62 30.21
N GLY A 52 34.21 141.58 30.81
CA GLY A 52 33.59 141.69 32.11
C GLY A 52 33.13 140.35 32.62
N PRO A 53 32.80 140.27 33.91
CA PRO A 53 32.36 138.99 34.49
C PRO A 53 30.93 138.62 34.14
N GLY A 54 30.09 139.58 33.77
CA GLY A 54 28.70 139.30 33.49
C GLY A 54 28.49 138.54 32.19
N LEU A 55 27.26 138.06 32.00
CA LEU A 55 26.92 137.31 30.80
C LEU A 55 26.61 138.21 29.61
N THR A 56 26.53 139.52 29.81
CA THR A 56 26.50 140.48 28.71
C THR A 56 27.90 140.95 28.33
N HIS A 57 28.91 140.11 28.56
CA HIS A 57 30.30 140.48 28.40
C HIS A 57 31.04 139.32 27.76
N ARG A 58 32.37 139.36 27.79
CA ARG A 58 33.20 138.39 27.10
C ARG A 58 34.41 138.04 27.94
N VAL A 59 34.98 136.88 27.66
CA VAL A 59 36.22 136.41 28.28
C VAL A 59 37.25 136.25 27.18
N GLY A 60 38.27 137.11 27.19
CA GLY A 60 39.30 137.08 26.18
C GLY A 60 38.95 137.86 24.93
N LYS A 61 39.35 137.35 23.77
CA LYS A 61 39.08 138.04 22.51
C LYS A 61 38.70 137.06 21.40
N ARG A 62 38.19 135.89 21.75
CA ARG A 62 37.81 134.86 20.79
C ARG A 62 36.35 134.52 20.96
N PHE A 63 35.59 134.58 19.86
CA PHE A 63 34.18 134.23 19.83
C PHE A 63 33.95 133.05 18.91
N CYS A 64 32.87 132.33 19.18
CA CYS A 64 32.26 131.43 18.20
C CYS A 64 30.75 131.64 18.35
N ILE A 65 30.20 132.54 17.54
CA ILE A 65 28.76 132.83 17.56
C ILE A 65 28.00 131.60 17.11
N LYS A 66 27.20 131.04 18.02
CA LYS A 66 26.40 129.87 17.68
C LYS A 66 25.26 130.24 16.74
N SER A 67 24.45 131.22 17.13
CA SER A 67 23.35 131.62 16.27
C SER A 67 22.97 133.07 16.56
N ILE A 68 22.54 133.76 15.50
CA ILE A 68 21.90 135.05 15.60
C ILE A 68 20.39 134.85 15.49
N TYR A 69 19.67 135.32 16.49
CA TYR A 69 18.22 135.17 16.56
C TYR A 69 17.60 136.56 16.38
N ILE A 70 17.04 136.81 15.20
CA ILE A 70 16.55 138.12 14.83
C ILE A 70 15.05 138.17 15.07
N LEU A 71 14.65 138.91 16.10
CA LEU A 71 13.27 139.36 16.24
C LEU A 71 13.15 140.75 15.62
N GLY A 72 11.91 141.17 15.39
CA GLY A 72 11.71 142.50 14.88
C GLY A 72 10.33 142.77 14.30
N LYS A 73 9.82 143.97 14.56
CA LYS A 73 8.59 144.45 13.96
C LYS A 73 8.89 145.65 13.09
N ILE A 74 8.48 145.59 11.83
CA ILE A 74 8.85 146.58 10.81
C ILE A 74 7.56 147.26 10.38
N TRP A 75 7.37 148.52 10.78
CA TRP A 75 6.12 149.20 10.51
C TRP A 75 6.37 150.52 9.80
N LEU A 76 5.25 151.17 9.47
CA LEU A 76 5.21 152.55 9.04
C LEU A 76 4.02 153.28 9.67
N ASP A 77 3.57 152.84 10.84
CA ASP A 77 2.25 153.22 11.37
C ASP A 77 2.29 154.56 12.10
N GLU A 78 3.30 155.39 11.82
CA GLU A 78 3.22 156.82 12.10
C GLU A 78 2.09 157.43 11.29
N THR A 79 1.53 158.56 11.76
CA THR A 79 0.39 159.19 11.10
C THR A 79 0.71 159.81 9.75
N ILE A 80 1.98 159.80 9.35
CA ILE A 80 2.44 160.32 8.06
C ILE A 80 2.96 159.08 7.33
N LYS A 81 3.50 159.25 6.12
CA LYS A 81 4.05 158.22 5.25
C LYS A 81 2.98 157.23 4.78
N LYS A 82 1.77 157.74 4.57
CA LYS A 82 0.78 157.04 3.76
C LYS A 82 0.89 157.38 2.29
N GLN A 83 1.33 158.58 1.93
CA GLN A 83 1.71 158.89 0.56
C GLN A 83 3.16 158.42 0.32
N ASN A 84 3.53 158.39 -0.97
CA ASN A 84 4.83 157.89 -1.48
C ASN A 84 5.07 156.47 -0.99
N HIS A 85 4.02 155.65 -1.04
CA HIS A 85 3.96 154.40 -0.31
C HIS A 85 4.44 153.19 -1.11
N THR A 86 4.13 151.99 -0.59
CA THR A 86 4.53 150.68 -1.10
C THR A 86 6.04 150.48 -1.17
N ASN A 87 6.71 150.45 -0.03
CA ASN A 87 8.13 150.15 0.04
C ASN A 87 8.33 148.80 0.70
N ASN A 88 9.47 148.16 0.45
CA ASN A 88 9.82 146.90 1.08
C ASN A 88 11.24 146.94 1.62
N VAL A 89 11.53 146.01 2.52
CA VAL A 89 12.80 145.99 3.25
C VAL A 89 13.54 144.72 2.87
N ILE A 90 14.79 144.87 2.44
CA ILE A 90 15.68 143.75 2.17
C ILE A 90 16.77 143.76 3.23
N PHE A 91 16.91 142.66 3.95
CA PHE A 91 17.94 142.58 4.97
C PHE A 91 19.22 141.95 4.40
N TYR A 92 20.33 142.32 5.01
CA TYR A 92 21.65 141.84 4.59
C TYR A 92 22.46 141.49 5.83
N LEU A 93 22.88 140.24 5.94
CA LEU A 93 23.69 139.77 7.06
C LEU A 93 25.00 139.30 6.46
N LEU A 94 26.06 140.08 6.62
CA LEU A 94 27.31 139.88 5.90
C LEU A 94 28.38 139.32 6.82
N ARG A 95 29.20 138.43 6.28
CA ARG A 95 30.42 138.00 6.97
C ARG A 95 31.56 138.91 6.52
N ASP A 96 32.01 139.77 7.42
CA ASP A 96 33.06 140.74 7.12
C ASP A 96 34.43 140.09 7.28
N ARG A 97 35.40 140.60 6.53
CA ARG A 97 36.75 140.07 6.54
C ARG A 97 37.76 140.94 7.30
N ARG A 98 37.57 142.25 7.34
CA ARG A 98 38.52 143.15 7.98
C ARG A 98 37.78 144.41 8.42
N PRO A 99 38.20 145.02 9.52
CA PRO A 99 37.59 146.29 9.93
C PRO A 99 38.39 147.50 9.48
N TYR A 100 37.79 148.69 9.54
CA TYR A 100 38.51 149.95 9.48
C TYR A 100 37.87 150.89 10.51
N GLY A 101 38.34 150.81 11.76
CA GLY A 101 37.83 151.66 12.83
C GLY A 101 36.35 151.48 13.10
N ASN A 102 35.57 152.47 12.69
CA ASN A 102 34.12 152.41 12.77
C ASN A 102 33.55 151.59 11.60
N ALA A 103 32.23 151.68 11.40
CA ALA A 103 31.60 150.93 10.33
C ALA A 103 31.86 151.61 8.99
N PRO A 104 32.10 150.85 7.92
CA PRO A 104 32.33 151.45 6.60
C PRO A 104 31.04 151.91 5.94
N GLN A 105 31.14 152.36 4.70
CA GLN A 105 29.99 152.80 3.93
C GLN A 105 29.11 151.60 3.55
N ASP A 106 27.91 151.89 3.06
CA ASP A 106 27.07 150.87 2.45
C ASP A 106 27.02 151.03 0.93
N PHE A 107 26.56 152.18 0.45
CA PHE A 107 26.37 152.36 -0.99
C PHE A 107 27.70 152.46 -1.72
N GLY A 108 28.75 152.90 -1.04
CA GLY A 108 30.08 152.85 -1.57
C GLY A 108 30.81 151.55 -1.35
N GLN A 109 30.16 150.57 -0.70
CA GLN A 109 30.76 149.28 -0.44
C GLN A 109 30.06 148.16 -1.20
N ILE A 110 28.75 147.99 -1.04
CA ILE A 110 28.03 147.11 -1.94
C ILE A 110 27.81 147.83 -3.26
N PHE A 111 27.55 147.03 -4.30
CA PHE A 111 27.90 147.48 -5.66
C PHE A 111 26.87 148.45 -6.24
N ASN A 112 25.63 148.02 -6.42
CA ASN A 112 24.71 148.78 -7.25
C ASN A 112 23.49 149.16 -6.41
N MET A 113 22.49 149.75 -7.07
CA MET A 113 21.36 150.37 -6.39
C MET A 113 20.34 149.32 -5.94
N PHE A 114 20.52 148.88 -4.68
CA PHE A 114 19.53 148.32 -3.76
C PHE A 114 19.10 146.90 -4.12
N ASP A 115 19.52 146.36 -5.26
CA ASP A 115 19.39 144.94 -5.59
C ASP A 115 20.73 144.49 -6.13
N ASN A 116 21.60 144.03 -5.24
CA ASN A 116 23.01 143.92 -5.61
C ASN A 116 23.71 142.88 -4.74
N GLU A 117 25.03 142.90 -4.84
CA GLU A 117 26.01 142.08 -4.15
C GLU A 117 27.14 143.01 -3.73
N PRO A 118 28.11 142.59 -2.93
CA PRO A 118 29.31 143.41 -2.73
C PRO A 118 30.11 143.56 -4.02
N SER A 119 30.92 144.62 -4.06
CA SER A 119 31.66 144.98 -5.25
C SER A 119 32.78 143.96 -5.52
N THR A 120 33.29 144.00 -6.75
CA THR A 120 34.33 143.07 -7.17
C THR A 120 35.66 143.33 -6.47
N ALA A 121 35.91 144.57 -6.06
CA ALA A 121 37.14 144.92 -5.36
C ALA A 121 37.03 144.77 -3.85
N THR A 122 35.91 144.25 -3.34
CA THR A 122 35.67 144.20 -1.91
C THR A 122 35.59 142.79 -1.36
N ILE A 123 35.62 141.76 -2.21
CA ILE A 123 35.47 140.39 -1.75
C ILE A 123 36.73 139.90 -1.03
N PHE A 131 33.39 141.80 0.72
CA PHE A 131 33.10 141.15 1.99
C PHE A 131 32.12 140.02 1.74
N GLN A 132 32.22 138.95 2.52
CA GLN A 132 31.35 137.80 2.30
C GLN A 132 29.94 138.09 2.80
N VAL A 133 29.01 137.34 2.25
CA VAL A 133 27.58 137.44 2.56
C VAL A 133 27.20 136.14 3.26
N LEU A 134 26.23 136.20 4.18
CA LEU A 134 25.64 134.96 4.66
C LEU A 134 24.26 134.68 4.06
N ARG A 135 23.28 135.53 4.32
CA ARG A 135 21.94 135.37 3.76
C ARG A 135 21.24 136.72 3.65
N LYS A 136 20.01 136.68 3.14
CA LYS A 136 19.14 137.85 2.97
C LYS A 136 17.80 137.55 3.61
N PHE A 137 16.94 138.58 3.68
CA PHE A 137 15.57 138.42 4.16
C PHE A 137 14.66 139.36 3.36
N HIS A 138 13.36 139.30 3.67
CA HIS A 138 12.37 140.15 3.02
C HIS A 138 11.38 140.67 4.07
N ALA A 139 10.86 141.86 3.80
CA ALA A 139 9.80 142.46 4.61
C ALA A 139 9.11 143.48 3.73
N THR A 140 7.82 143.27 3.46
CA THR A 140 7.06 144.08 2.52
C THR A 140 5.93 144.79 3.24
N VAL A 141 6.07 146.10 3.41
CA VAL A 141 5.04 146.91 4.08
C VAL A 141 4.42 147.87 3.08
N VAL A 142 3.24 147.52 2.57
CA VAL A 142 2.61 148.32 1.53
C VAL A 142 1.31 148.95 2.05
N GLY A 143 1.40 150.21 2.46
CA GLY A 143 0.20 150.88 2.97
C GLY A 143 0.00 152.28 2.44
N GLY A 144 -1.09 152.49 1.71
CA GLY A 144 -1.37 153.82 1.18
C GLY A 144 -2.61 154.44 1.80
N LEU A 145 -3.70 154.47 1.04
CA LEU A 145 -4.96 154.99 1.55
C LEU A 145 -6.09 154.04 1.17
N TYR A 146 -7.24 154.24 1.81
CA TYR A 146 -8.53 153.60 1.57
C TYR A 146 -8.57 152.10 1.77
N CYS A 147 -7.51 151.44 2.25
CA CYS A 147 -7.76 150.21 2.98
C CYS A 147 -7.11 150.26 4.38
N MET A 148 -5.82 150.64 4.57
CA MET A 148 -4.67 150.54 3.67
C MET A 148 -4.01 149.18 3.98
N LYS A 149 -3.89 148.31 2.98
CA LYS A 149 -3.61 146.93 3.29
C LYS A 149 -2.13 146.59 3.11
N GLU A 150 -1.34 147.00 4.09
CA GLU A 150 -0.31 146.25 4.84
C GLU A 150 0.35 147.18 5.83
N GLN A 151 0.91 146.59 6.89
CA GLN A 151 1.50 147.28 8.03
C GLN A 151 2.50 146.36 8.71
N ALA A 152 2.77 146.64 10.00
CA ALA A 152 3.74 145.99 10.87
C ALA A 152 3.78 144.48 10.72
N LEU A 153 4.92 143.96 10.28
CA LEU A 153 5.11 142.53 10.10
C LEU A 153 6.09 142.02 11.16
N VAL A 154 5.90 140.77 11.59
CA VAL A 154 6.77 140.20 12.60
C VAL A 154 7.69 139.16 11.94
N LYS A 155 8.99 139.25 12.23
CA LYS A 155 9.97 138.35 11.64
C LYS A 155 10.81 137.73 12.75
N ARG A 156 10.79 136.39 12.83
CA ARG A 156 11.69 135.65 13.71
C ARG A 156 12.47 134.65 12.86
N PHE A 157 13.77 134.50 13.17
CA PHE A 157 14.65 133.64 12.38
C PHE A 157 15.75 133.08 13.27
N TYR A 158 15.79 131.74 13.39
CA TYR A 158 17.05 131.08 13.75
C TYR A 158 18.03 131.21 12.59
N ARG A 159 19.30 131.46 12.92
CA ARG A 159 20.31 131.63 11.87
C ARG A 159 21.67 131.27 12.48
N LEU A 160 22.16 130.07 12.17
CA LEU A 160 23.43 129.59 12.70
C LEU A 160 24.60 130.25 11.97
N ASN A 161 25.65 130.56 12.72
CA ASN A 161 26.80 131.29 12.19
C ASN A 161 28.07 130.75 12.85
N HIS A 162 29.17 131.49 12.75
CA HIS A 162 30.48 130.98 13.17
C HIS A 162 31.30 132.12 13.76
N HIS A 163 32.61 131.89 13.86
CA HIS A 163 33.50 132.53 14.84
C HIS A 163 33.84 133.98 14.49
N VAL A 164 34.20 134.73 15.54
CA VAL A 164 34.55 136.15 15.49
C VAL A 164 35.77 136.34 16.39
N THR A 165 36.71 137.20 15.97
CA THR A 165 37.89 137.51 16.76
C THR A 165 37.95 139.01 17.01
N TYR A 166 38.34 139.40 18.23
CA TYR A 166 38.73 140.79 18.51
C TYR A 166 40.24 140.93 18.52
N ASN A 167 40.71 142.11 18.14
CA ASN A 167 42.15 142.37 18.07
C ASN A 167 42.71 142.66 19.45
N HIS A 168 42.27 143.76 20.06
CA HIS A 168 42.85 144.20 21.32
C HIS A 168 42.27 143.43 22.49
N GLN A 169 42.99 143.47 23.61
CA GLN A 169 42.58 142.85 24.85
C GLN A 169 41.87 143.83 25.77
N GLU A 170 41.28 144.87 25.19
CA GLU A 170 40.60 145.92 25.92
C GLU A 170 39.20 145.48 26.32
N ALA A 171 38.59 146.25 27.22
CA ALA A 171 37.16 146.16 27.47
C ALA A 171 36.42 147.20 26.62
N GLY A 172 36.68 147.12 25.31
CA GLY A 172 36.30 148.17 24.39
C GLY A 172 35.13 147.81 23.50
N LYS A 173 34.74 148.80 22.70
CA LYS A 173 33.59 148.72 21.80
C LYS A 173 34.06 148.20 20.44
N TYR A 174 33.25 148.39 19.41
CA TYR A 174 33.44 147.87 18.05
C TYR A 174 34.71 148.37 17.34
N GLU A 175 35.44 149.33 17.91
CA GLU A 175 36.53 149.96 17.19
C GLU A 175 37.76 149.06 17.08
N ASN A 176 37.95 148.13 18.01
CA ASN A 176 39.17 147.32 18.09
C ASN A 176 39.00 145.94 17.47
N HIS A 177 38.26 145.83 16.38
CA HIS A 177 38.02 144.54 15.73
C HIS A 177 39.25 144.07 14.95
N THR A 178 39.13 142.88 14.39
CA THR A 178 40.10 142.27 13.48
C THR A 178 39.31 141.40 12.51
N GLU A 179 39.99 140.43 11.90
CA GLU A 179 39.41 139.47 10.96
C GLU A 179 38.15 138.80 11.51
N ASN A 180 37.24 138.45 10.58
CA ASN A 180 35.98 137.75 10.83
C ASN A 180 35.06 138.57 11.75
N ALA A 181 34.67 139.73 11.27
CA ALA A 181 33.55 140.47 11.83
C ALA A 181 32.26 140.09 11.09
N LEU A 182 31.13 140.51 11.65
CA LEU A 182 29.84 140.30 11.01
C LEU A 182 28.87 141.36 11.52
N LEU A 183 28.03 141.87 10.62
CA LEU A 183 27.16 143.00 10.94
C LEU A 183 25.99 142.98 9.98
N LEU A 184 25.10 143.97 10.13
CA LEU A 184 23.87 144.04 9.36
C LEU A 184 23.82 145.32 8.52
N TYR A 185 23.12 145.22 7.39
CA TYR A 185 22.68 146.37 6.62
C TYR A 185 21.21 146.21 6.31
N MET A 186 20.46 147.29 6.41
CA MET A 186 19.05 147.32 6.05
C MET A 186 18.87 148.31 4.91
N ALA A 187 18.00 147.97 3.96
CA ALA A 187 17.87 148.74 2.73
C ALA A 187 16.41 149.01 2.44
N CYS A 188 16.09 150.27 2.13
CA CYS A 188 14.81 150.65 1.60
C CYS A 188 14.91 150.85 0.09
N THR A 189 13.78 150.70 -0.59
CA THR A 189 13.77 150.71 -2.05
C THR A 189 13.02 151.89 -2.66
N HIS A 190 12.70 152.91 -1.87
CA HIS A 190 11.98 154.07 -2.39
C HIS A 190 12.49 155.33 -1.70
N ALA A 191 12.27 156.47 -2.36
CA ALA A 191 12.84 157.74 -1.92
C ALA A 191 12.23 158.24 -0.62
N SER A 192 10.99 157.88 -0.33
CA SER A 192 10.42 158.16 0.98
C SER A 192 11.07 157.27 2.05
N ASN A 193 10.89 157.66 3.30
CA ASN A 193 11.40 156.84 4.38
C ASN A 193 10.27 156.44 5.34
N PRO A 194 9.43 155.45 4.99
CA PRO A 194 8.35 155.07 5.92
C PRO A 194 8.81 154.10 6.98
N VAL A 195 9.92 153.40 6.76
CA VAL A 195 10.26 152.20 7.52
C VAL A 195 10.76 152.59 8.90
N TYR A 196 10.00 152.23 9.93
CA TYR A 196 10.44 152.30 11.32
C TYR A 196 10.62 150.88 11.84
N ALA A 197 11.81 150.33 11.61
CA ALA A 197 12.13 148.94 11.91
C ALA A 197 12.89 148.86 13.21
N THR A 198 12.28 148.23 14.21
CA THR A 198 12.92 147.99 15.50
C THR A 198 13.09 146.49 15.67
N LEU A 199 14.33 146.08 15.95
CA LEU A 199 14.71 144.68 15.91
C LEU A 199 15.40 144.29 17.21
N LYS A 200 15.03 143.12 17.71
CA LYS A 200 15.68 142.50 18.85
C LYS A 200 16.57 141.37 18.35
N ILE A 201 17.87 141.49 18.60
CA ILE A 201 18.87 140.63 17.97
C ILE A 201 19.61 139.90 19.08
N ARG A 202 19.23 138.66 19.35
CA ARG A 202 19.94 137.84 20.32
C ARG A 202 21.12 137.13 19.65
N ILE A 203 22.29 137.26 20.25
CA ILE A 203 23.43 136.40 19.96
C ILE A 203 23.76 135.65 21.24
N TYR A 204 23.63 134.33 21.22
CA TYR A 204 24.12 133.50 22.31
C TYR A 204 25.20 132.57 21.76
N PHE A 205 26.28 132.45 22.52
CA PHE A 205 27.51 131.84 22.03
C PHE A 205 28.32 131.21 23.16
N PRO B 16 11.94 105.87 -25.29
CA PRO B 16 11.97 106.01 -23.83
C PRO B 16 10.79 106.81 -23.28
N ASP B 17 9.91 107.28 -24.16
CA ASP B 17 8.80 108.14 -23.77
C ASP B 17 7.45 107.54 -24.12
N ILE B 18 7.31 106.95 -25.29
CA ILE B 18 6.01 106.55 -25.86
C ILE B 18 5.79 105.04 -25.75
N PRO B 19 4.55 104.60 -25.53
CA PRO B 19 4.25 103.16 -25.50
C PRO B 19 3.72 102.58 -26.80
N ARG B 20 3.56 103.37 -27.87
CA ARG B 20 2.82 102.92 -29.04
C ARG B 20 3.69 102.69 -30.27
N GLY B 21 4.41 103.72 -30.72
CA GLY B 21 5.15 103.63 -31.96
C GLY B 21 6.22 104.70 -32.07
N CYS B 22 7.28 104.40 -32.83
CA CYS B 22 8.50 105.18 -32.87
C CYS B 22 8.40 106.43 -33.74
N GLU B 23 7.20 106.87 -34.07
CA GLU B 23 7.01 108.17 -34.71
C GLU B 23 7.43 109.29 -33.75
N GLY B 24 7.74 110.44 -34.33
CA GLY B 24 8.01 111.63 -33.55
C GLY B 24 6.76 112.10 -32.84
N PRO B 25 6.91 112.55 -31.59
CA PRO B 25 5.74 113.04 -30.84
C PRO B 25 5.24 114.37 -31.39
N CYS B 26 4.48 114.30 -32.48
CA CYS B 26 4.13 115.48 -33.25
C CYS B 26 3.08 116.31 -32.54
N LYS B 27 3.25 117.62 -32.58
CA LYS B 27 2.36 118.56 -31.91
C LYS B 27 1.21 118.94 -32.85
N VAL B 28 -0.01 118.87 -32.33
CA VAL B 28 -1.18 119.43 -32.99
C VAL B 28 -1.86 120.34 -31.97
N GLN B 29 -1.72 121.64 -32.16
CA GLN B 29 -2.15 122.62 -31.17
C GLN B 29 -3.48 123.23 -31.58
N SER B 30 -4.44 123.21 -30.65
CA SER B 30 -5.76 123.80 -30.85
C SER B 30 -5.77 125.12 -30.08
N PHE B 31 -5.20 126.15 -30.69
CA PHE B 31 -5.31 127.48 -30.12
C PHE B 31 -6.73 128.00 -30.28
N GLU B 32 -7.21 128.69 -29.25
CA GLU B 32 -8.45 129.42 -29.34
C GLU B 32 -8.20 130.88 -28.97
N GLN B 33 -8.93 131.76 -29.63
CA GLN B 33 -9.09 133.14 -29.19
C GLN B 33 -10.60 133.31 -29.08
N ARG B 34 -11.14 132.87 -27.95
CA ARG B 34 -12.57 132.71 -27.78
C ARG B 34 -13.03 133.22 -26.42
N ASP B 35 -14.27 132.90 -26.08
CA ASP B 35 -14.83 133.14 -24.76
C ASP B 35 -15.81 132.02 -24.47
N ASP B 36 -16.68 132.24 -23.48
CA ASP B 36 -17.73 131.28 -23.19
C ASP B 36 -18.99 132.04 -22.82
N VAL B 37 -20.00 131.29 -22.40
CA VAL B 37 -21.18 131.84 -21.76
C VAL B 37 -21.24 131.20 -20.38
N LYS B 38 -22.30 131.47 -19.62
CA LYS B 38 -22.43 130.83 -18.32
C LYS B 38 -22.60 129.32 -18.45
N HIS B 39 -23.38 128.88 -19.44
CA HIS B 39 -23.72 127.47 -19.54
C HIS B 39 -22.57 126.63 -20.09
N LEU B 40 -21.95 127.09 -21.18
CA LEU B 40 -21.05 126.19 -21.88
C LEU B 40 -19.97 126.95 -22.63
N GLY B 41 -18.76 126.42 -22.57
CA GLY B 41 -17.76 126.68 -23.59
C GLY B 41 -17.28 125.34 -24.11
N ILE B 42 -17.60 125.02 -25.36
CA ILE B 42 -17.38 123.68 -25.89
C ILE B 42 -16.17 123.69 -26.81
N CYS B 43 -15.29 122.71 -26.62
CA CYS B 43 -14.07 122.60 -27.40
C CYS B 43 -13.75 121.13 -27.59
N LYS B 44 -14.09 120.57 -28.75
CA LYS B 44 -13.48 119.30 -29.15
C LYS B 44 -12.04 119.57 -29.54
N VAL B 45 -11.09 119.06 -28.75
CA VAL B 45 -9.69 119.41 -28.88
C VAL B 45 -9.04 118.61 -30.01
N ILE B 46 -9.67 117.50 -30.41
CA ILE B 46 -9.10 116.60 -31.41
C ILE B 46 -9.73 116.85 -32.78
N SER B 47 -10.24 118.06 -32.99
CA SER B 47 -11.15 118.32 -34.11
C SER B 47 -10.42 118.40 -35.44
N ASP B 48 -9.46 119.32 -35.55
CA ASP B 48 -8.83 119.63 -36.83
C ASP B 48 -7.72 118.66 -37.22
N VAL B 49 -7.68 117.46 -36.66
CA VAL B 49 -6.60 116.51 -36.96
C VAL B 49 -7.04 115.67 -38.15
N THR B 50 -6.54 116.01 -39.33
CA THR B 50 -6.85 115.32 -40.58
C THR B 50 -5.64 114.51 -41.03
N ARG B 51 -5.87 113.62 -42.00
CA ARG B 51 -4.78 112.84 -42.56
C ARG B 51 -3.93 113.71 -43.47
N GLY B 52 -2.61 113.67 -43.26
CA GLY B 52 -1.68 114.41 -44.07
C GLY B 52 -0.25 114.12 -43.69
N PRO B 53 0.70 114.53 -44.54
CA PRO B 53 2.12 114.24 -44.25
C PRO B 53 2.72 115.15 -43.20
N GLY B 54 2.14 116.31 -42.93
CA GLY B 54 2.73 117.25 -41.99
C GLY B 54 2.56 116.80 -40.55
N LEU B 55 3.26 117.50 -39.66
CA LEU B 55 3.20 117.18 -38.24
C LEU B 55 1.98 117.77 -37.54
N THR B 56 1.20 118.61 -38.23
CA THR B 56 -0.12 119.02 -37.76
C THR B 56 -1.21 118.09 -38.26
N HIS B 57 -0.87 116.82 -38.53
CA HIS B 57 -1.77 115.88 -39.17
C HIS B 57 -1.61 114.53 -38.48
N ARG B 58 -2.13 113.48 -39.11
CA ARG B 58 -2.17 112.16 -38.52
C ARG B 58 -1.90 111.09 -39.56
N VAL B 59 -1.45 109.93 -39.09
CA VAL B 59 -1.24 108.76 -39.93
C VAL B 59 -2.18 107.67 -39.44
N GLY B 60 -3.17 107.33 -40.26
CA GLY B 60 -4.15 106.33 -39.90
C GLY B 60 -5.30 106.88 -39.09
N LYS B 61 -5.78 106.09 -38.12
CA LYS B 61 -6.93 106.51 -37.30
C LYS B 61 -6.75 106.12 -35.84
N ARG B 62 -5.51 105.92 -35.40
CA ARG B 62 -5.21 105.51 -34.04
C ARG B 62 -4.29 106.53 -33.37
N PHE B 63 -4.71 107.02 -32.21
CA PHE B 63 -3.94 107.96 -31.42
C PHE B 63 -3.57 107.35 -30.08
N CYS B 64 -2.48 107.84 -29.49
CA CYS B 64 -2.20 107.69 -28.06
C CYS B 64 -1.69 109.06 -27.61
N ILE B 65 -2.59 109.89 -27.11
CA ILE B 65 -2.23 111.23 -26.64
C ILE B 65 -1.33 111.10 -25.41
N LYS B 66 -0.10 111.57 -25.55
CA LYS B 66 0.84 111.51 -24.43
C LYS B 66 0.45 112.50 -23.35
N SER B 67 0.30 113.77 -23.72
CA SER B 67 -0.06 114.78 -22.74
C SER B 67 -0.78 115.93 -23.42
N ILE B 68 -1.72 116.52 -22.69
CA ILE B 68 -2.35 117.79 -23.05
C ILE B 68 -1.68 118.87 -22.22
N TYR B 69 -1.14 119.88 -22.89
CA TYR B 69 -0.44 121.00 -22.25
C TYR B 69 -1.29 122.25 -22.44
N ILE B 70 -1.96 122.67 -21.37
CA ILE B 70 -2.92 123.76 -21.43
C ILE B 70 -2.23 125.05 -20.99
N LEU B 71 -1.98 125.94 -21.94
CA LEU B 71 -1.70 127.33 -21.64
C LEU B 71 -3.01 128.12 -21.69
N GLY B 72 -2.96 129.34 -21.16
CA GLY B 72 -4.13 130.17 -21.23
C GLY B 72 -4.14 131.36 -20.30
N LYS B 73 -4.64 132.49 -20.79
CA LYS B 73 -4.86 133.67 -19.98
C LYS B 73 -6.35 133.98 -19.95
N ILE B 74 -6.90 134.10 -18.75
CA ILE B 74 -8.33 134.22 -18.53
C ILE B 74 -8.58 135.58 -17.91
N TRP B 75 -9.16 136.49 -18.69
CA TRP B 75 -9.32 137.86 -18.21
C TRP B 75 -10.77 138.31 -18.34
N LEU B 76 -11.00 139.52 -17.86
CA LEU B 76 -12.21 140.28 -18.10
C LEU B 76 -11.91 141.74 -18.40
N ASP B 77 -10.71 142.04 -18.94
CA ASP B 77 -10.18 143.40 -18.95
C ASP B 77 -10.70 144.22 -20.12
N GLU B 78 -11.84 143.83 -20.68
CA GLU B 78 -12.64 144.73 -21.50
C GLU B 78 -13.13 145.88 -20.61
N THR B 79 -13.43 147.04 -21.23
CA THR B 79 -13.82 148.23 -20.49
C THR B 79 -15.20 148.12 -19.82
N ILE B 80 -15.92 147.02 -20.06
CA ILE B 80 -17.23 146.76 -19.46
C ILE B 80 -16.98 145.54 -18.57
N LYS B 81 -18.03 145.03 -17.92
CA LYS B 81 -18.03 143.86 -17.04
C LYS B 81 -17.20 144.11 -15.78
N LYS B 82 -17.22 145.35 -15.29
CA LYS B 82 -16.83 145.65 -13.93
C LYS B 82 -17.99 145.55 -12.94
N GLN B 83 -19.22 145.80 -13.38
CA GLN B 83 -20.40 145.47 -12.59
C GLN B 83 -20.76 144.00 -12.82
N ASN B 84 -21.65 143.48 -11.96
CA ASN B 84 -22.09 142.09 -11.90
C ASN B 84 -20.90 141.15 -11.79
N HIS B 85 -19.95 141.54 -10.95
CA HIS B 85 -18.59 141.00 -10.95
C HIS B 85 -18.41 139.81 -10.02
N THR B 86 -17.13 139.46 -9.78
CA THR B 86 -16.66 138.33 -8.98
C THR B 86 -17.14 136.98 -9.49
N ASN B 87 -16.70 136.57 -10.67
CA ASN B 87 -16.99 135.25 -11.22
C ASN B 87 -15.71 134.43 -11.25
N ASN B 88 -15.86 133.11 -11.28
CA ASN B 88 -14.72 132.21 -11.37
C ASN B 88 -14.97 131.15 -12.45
N VAL B 89 -13.89 130.51 -12.90
CA VAL B 89 -13.93 129.57 -14.01
C VAL B 89 -13.54 128.19 -13.49
N ILE B 90 -14.39 127.21 -13.76
CA ILE B 90 -14.10 125.82 -13.44
C ILE B 90 -13.89 125.09 -14.77
N PHE B 91 -12.73 124.45 -14.92
CA PHE B 91 -12.46 123.72 -16.15
C PHE B 91 -12.85 122.25 -16.00
N TYR B 92 -13.18 121.62 -17.12
CA TYR B 92 -13.59 120.23 -17.15
C TYR B 92 -12.92 119.55 -18.33
N LEU B 93 -12.12 118.53 -18.06
CA LEU B 93 -11.44 117.76 -19.10
C LEU B 93 -11.96 116.33 -18.99
N LEU B 94 -12.82 115.94 -19.92
CA LEU B 94 -13.60 114.71 -19.80
C LEU B 94 -13.06 113.66 -20.76
N ARG B 95 -13.07 112.40 -20.30
CA ARG B 95 -12.81 111.26 -21.19
C ARG B 95 -14.17 110.79 -21.73
N ASP B 96 -14.41 111.04 -23.02
CA ASP B 96 -15.67 110.68 -23.64
C ASP B 96 -15.64 109.22 -24.09
N ARG B 97 -16.83 108.61 -24.14
CA ARG B 97 -16.95 107.21 -24.51
C ARG B 97 -17.51 106.99 -25.92
N ARG B 98 -18.33 107.94 -26.44
CA ARG B 98 -18.94 107.77 -27.75
C ARG B 98 -19.29 109.14 -28.31
N PRO B 99 -19.23 109.31 -29.63
CA PRO B 99 -19.66 110.59 -30.23
C PRO B 99 -21.08 110.54 -30.75
N TYR B 100 -21.65 111.71 -31.03
CA TYR B 100 -22.86 111.84 -31.85
C TYR B 100 -22.66 113.03 -32.78
N GLY B 101 -22.04 112.78 -33.94
CA GLY B 101 -21.80 113.83 -34.92
C GLY B 101 -20.94 114.97 -34.41
N ASN B 102 -21.58 116.11 -34.17
CA ASN B 102 -20.94 117.26 -33.57
C ASN B 102 -20.84 117.10 -32.05
N ALA B 103 -20.51 118.18 -31.35
CA ALA B 103 -20.38 118.12 -29.91
C ALA B 103 -21.77 118.10 -29.26
N PRO B 104 -21.94 117.32 -28.19
CA PRO B 104 -23.25 117.29 -27.51
C PRO B 104 -23.47 118.49 -26.61
N GLN B 105 -24.56 118.49 -25.86
CA GLN B 105 -24.88 119.57 -24.94
C GLN B 105 -23.92 119.54 -23.74
N ASP B 106 -23.96 120.62 -22.96
CA ASP B 106 -23.27 120.63 -21.67
C ASP B 106 -24.27 120.54 -20.52
N PHE B 107 -25.20 121.50 -20.42
CA PHE B 107 -26.10 121.55 -19.27
C PHE B 107 -27.12 120.42 -19.32
N GLY B 108 -27.43 119.92 -20.51
CA GLY B 108 -28.23 118.72 -20.64
C GLY B 108 -27.44 117.43 -20.59
N GLN B 109 -26.13 117.51 -20.40
CA GLN B 109 -25.29 116.32 -20.31
C GLN B 109 -24.68 116.14 -18.92
N ILE B 110 -23.95 117.14 -18.41
CA ILE B 110 -23.60 117.10 -17.00
C ILE B 110 -24.81 117.49 -16.17
N PHE B 111 -24.80 117.06 -14.91
CA PHE B 111 -26.06 116.84 -14.18
C PHE B 111 -26.70 118.13 -13.70
N ASN B 112 -26.03 118.89 -12.83
CA ASN B 112 -26.71 119.94 -12.10
C ASN B 112 -26.01 121.27 -12.39
N MET B 113 -26.44 122.32 -11.69
CA MET B 113 -26.04 123.69 -12.00
C MET B 113 -24.64 123.99 -11.46
N PHE B 114 -23.65 123.78 -12.34
CA PHE B 114 -22.32 124.40 -12.39
C PHE B 114 -21.36 123.90 -11.33
N ASP B 115 -21.83 123.09 -10.37
CA ASP B 115 -20.97 122.35 -9.44
C ASP B 115 -21.48 120.93 -9.40
N ASN B 116 -20.97 120.09 -10.29
CA ASN B 116 -21.64 118.83 -10.56
C ASN B 116 -20.66 117.80 -11.10
N GLU B 117 -21.25 116.72 -11.62
CA GLU B 117 -20.62 115.56 -12.24
C GLU B 117 -21.47 115.23 -13.45
N PRO B 118 -21.07 114.30 -14.34
CA PRO B 118 -21.99 113.82 -15.36
C PRO B 118 -23.17 113.07 -14.76
N SER B 119 -24.25 113.00 -15.54
CA SER B 119 -25.49 112.42 -15.07
C SER B 119 -25.37 110.91 -14.91
N THR B 120 -26.32 110.33 -14.17
CA THR B 120 -26.31 108.90 -13.89
C THR B 120 -26.59 108.07 -15.14
N ALA B 121 -27.32 108.62 -16.11
CA ALA B 121 -27.62 107.91 -17.34
C ALA B 121 -26.57 108.13 -18.43
N THR B 122 -25.48 108.82 -18.12
CA THR B 122 -24.50 109.20 -19.13
C THR B 122 -23.14 108.54 -18.92
N ILE B 123 -22.93 107.83 -17.82
CA ILE B 123 -21.62 107.24 -17.53
C ILE B 123 -21.34 106.05 -18.44
N PHE B 131 -20.36 110.08 -19.18
CA PHE B 131 -19.03 110.13 -19.79
C PHE B 131 -18.01 110.27 -18.67
N GLN B 132 -16.82 109.69 -18.88
CA GLN B 132 -15.82 109.72 -17.83
C GLN B 132 -15.18 111.11 -17.73
N VAL B 133 -14.61 111.37 -16.56
CA VAL B 133 -13.96 112.62 -16.23
C VAL B 133 -12.48 112.31 -16.07
N LEU B 134 -11.60 113.27 -16.39
CA LEU B 134 -10.21 113.11 -15.99
C LEU B 134 -9.85 114.00 -14.80
N ARG B 135 -9.91 115.32 -14.94
CA ARG B 135 -9.62 116.24 -13.84
C ARG B 135 -10.39 117.54 -14.03
N LYS B 136 -10.18 118.46 -13.07
CA LYS B 136 -10.77 119.79 -13.06
C LYS B 136 -9.67 120.82 -12.85
N PHE B 137 -10.03 122.10 -12.98
CA PHE B 137 -9.10 123.20 -12.68
C PHE B 137 -9.89 124.35 -12.06
N HIS B 138 -9.17 125.42 -11.72
CA HIS B 138 -9.77 126.61 -11.13
C HIS B 138 -9.14 127.85 -11.75
N ALA B 139 -9.94 128.91 -11.83
CA ALA B 139 -9.47 130.23 -12.26
C ALA B 139 -10.45 131.25 -11.70
N THR B 140 -9.97 132.14 -10.84
CA THR B 140 -10.81 133.07 -10.11
C THR B 140 -10.46 134.50 -10.49
N VAL B 141 -11.33 135.15 -11.24
CA VAL B 141 -11.11 136.53 -11.68
C VAL B 141 -12.16 137.43 -11.03
N VAL B 142 -11.75 138.12 -9.97
CA VAL B 142 -12.70 138.94 -9.20
C VAL B 142 -12.34 140.42 -9.33
N GLY B 143 -13.02 141.13 -10.23
CA GLY B 143 -12.73 142.54 -10.39
C GLY B 143 -13.96 143.43 -10.50
N GLY B 144 -14.12 144.32 -9.53
CA GLY B 144 -15.27 145.22 -9.56
C GLY B 144 -14.87 146.67 -9.78
N LEU B 145 -14.91 147.47 -8.72
CA LEU B 145 -14.50 148.86 -8.79
C LEU B 145 -13.63 149.19 -7.59
N TYR B 146 -12.94 150.33 -7.69
CA TYR B 146 -12.15 150.99 -6.66
C TYR B 146 -10.94 150.20 -6.15
N CYS B 147 -10.61 149.04 -6.72
CA CYS B 147 -9.19 148.65 -6.66
C CYS B 147 -8.65 148.35 -8.07
N MET B 148 -9.30 147.54 -8.94
CA MET B 148 -10.21 146.41 -8.68
C MET B 148 -9.31 145.16 -8.64
N LYS B 149 -9.34 144.45 -7.52
CA LYS B 149 -8.28 143.47 -7.30
C LYS B 149 -8.72 142.05 -7.64
N GLU B 150 -8.72 141.78 -8.95
CA GLU B 150 -8.15 140.63 -9.66
C GLU B 150 -8.47 140.75 -11.14
N GLN B 151 -7.64 140.12 -11.97
CA GLN B 151 -7.67 140.18 -13.42
C GLN B 151 -7.00 138.94 -14.00
N ALA B 152 -6.54 139.08 -15.25
CA ALA B 152 -5.94 138.04 -16.10
C ALA B 152 -4.96 137.14 -15.33
N LEU B 153 -5.29 135.86 -15.26
CA LEU B 153 -4.46 134.86 -14.59
C LEU B 153 -3.85 133.95 -15.64
N VAL B 154 -2.64 133.45 -15.36
CA VAL B 154 -1.97 132.56 -16.29
C VAL B 154 -1.98 131.15 -15.73
N LYS B 155 -2.37 130.18 -16.56
CA LYS B 155 -2.46 128.79 -16.13
C LYS B 155 -1.68 127.92 -17.11
N ARG B 156 -0.68 127.19 -16.59
CA ARG B 156 0.02 126.17 -17.35
C ARG B 156 -0.07 124.84 -16.60
N PHE B 157 -0.28 123.75 -17.34
CA PHE B 157 -0.48 122.44 -16.73
C PHE B 157 0.02 121.35 -17.67
N TYR B 158 1.03 120.58 -17.22
CA TYR B 158 1.23 119.25 -17.76
C TYR B 158 0.07 118.35 -17.32
N ARG B 159 -0.41 117.51 -18.25
CA ARG B 159 -1.53 116.62 -17.94
C ARG B 159 -1.44 115.39 -18.85
N LEU B 160 -0.96 114.29 -18.30
CA LEU B 160 -0.79 113.06 -19.08
C LEU B 160 -2.14 112.36 -19.28
N ASN B 161 -2.32 111.79 -20.47
CA ASN B 161 -3.59 111.19 -20.87
C ASN B 161 -3.30 109.95 -21.71
N HIS B 162 -4.30 109.46 -22.43
CA HIS B 162 -4.19 108.16 -23.11
C HIS B 162 -4.97 108.21 -24.43
N HIS B 163 -5.24 107.03 -24.99
CA HIS B 163 -5.45 106.81 -26.42
C HIS B 163 -6.81 107.31 -26.91
N VAL B 164 -6.86 107.58 -28.21
CA VAL B 164 -8.03 108.09 -28.95
C VAL B 164 -8.10 107.33 -30.27
N THR B 165 -9.31 107.02 -30.74
CA THR B 165 -9.50 106.35 -32.01
C THR B 165 -10.44 107.19 -32.88
N TYR B 166 -10.15 107.27 -34.18
CA TYR B 166 -11.10 107.78 -35.16
C TYR B 166 -11.78 106.63 -35.90
N ASN B 167 -13.02 106.87 -36.30
CA ASN B 167 -13.79 105.83 -36.98
C ASN B 167 -13.40 105.74 -38.46
N HIS B 168 -13.65 106.81 -39.21
CA HIS B 168 -13.43 106.76 -40.65
C HIS B 168 -11.96 106.97 -40.99
N GLN B 169 -11.61 106.56 -42.21
CA GLN B 169 -10.26 106.73 -42.74
C GLN B 169 -10.14 108.00 -43.58
N GLU B 170 -11.00 108.98 -43.31
CA GLU B 170 -11.04 110.22 -44.04
C GLU B 170 -9.95 111.17 -43.56
N ALA B 171 -9.72 112.23 -44.33
CA ALA B 171 -8.96 113.38 -43.86
C ALA B 171 -9.92 114.45 -43.31
N GLY B 172 -10.74 114.01 -42.36
CA GLY B 172 -11.89 114.76 -41.92
C GLY B 172 -11.71 115.39 -40.54
N LYS B 173 -12.72 116.15 -40.16
CA LYS B 173 -12.76 116.90 -38.91
C LYS B 173 -13.39 116.04 -37.82
N TYR B 174 -13.82 116.67 -36.72
CA TYR B 174 -14.33 116.01 -35.52
C TYR B 174 -15.60 115.16 -35.73
N GLU B 175 -16.22 115.19 -36.90
CA GLU B 175 -17.52 114.56 -37.07
C GLU B 175 -17.42 113.03 -37.15
N ASN B 176 -16.27 112.49 -37.57
CA ASN B 176 -16.14 111.05 -37.81
C ASN B 176 -15.46 110.32 -36.67
N HIS B 177 -15.75 110.70 -35.43
CA HIS B 177 -15.13 110.07 -34.26
C HIS B 177 -15.73 108.70 -33.99
N THR B 178 -15.18 108.04 -32.97
CA THR B 178 -15.67 106.78 -32.41
C THR B 178 -15.33 106.79 -30.93
N GLU B 179 -15.26 105.60 -30.33
CA GLU B 179 -14.92 105.40 -28.92
C GLU B 179 -13.63 106.12 -28.52
N ASN B 180 -13.59 106.52 -27.25
CA ASN B 180 -12.47 107.19 -26.58
C ASN B 180 -12.14 108.53 -27.26
N ALA B 181 -13.12 109.40 -27.20
CA ALA B 181 -12.88 110.80 -27.47
C ALA B 181 -12.55 111.53 -26.17
N LEU B 182 -12.08 112.77 -26.29
CA LEU B 182 -11.83 113.61 -25.14
C LEU B 182 -11.89 115.07 -25.57
N LEU B 183 -12.47 115.90 -24.71
CA LEU B 183 -12.73 117.29 -25.07
C LEU B 183 -12.85 118.11 -23.78
N LEU B 184 -13.12 119.41 -23.94
CA LEU B 184 -13.16 120.34 -22.83
C LEU B 184 -14.54 120.98 -22.69
N TYR B 185 -14.88 121.32 -21.45
CA TYR B 185 -15.98 122.22 -21.15
C TYR B 185 -15.48 123.28 -20.18
N MET B 186 -15.90 124.52 -20.41
CA MET B 186 -15.60 125.63 -19.53
C MET B 186 -16.90 126.18 -18.97
N ALA B 187 -16.90 126.56 -17.69
CA ALA B 187 -18.12 126.92 -16.99
C ALA B 187 -17.93 128.22 -16.24
N CYS B 188 -18.88 129.14 -16.41
CA CYS B 188 -18.98 130.33 -15.58
C CYS B 188 -20.05 130.13 -14.52
N THR B 189 -19.93 130.88 -13.42
CA THR B 189 -20.79 130.67 -12.26
C THR B 189 -21.70 131.86 -11.96
N HIS B 190 -21.83 132.81 -12.88
CA HIS B 190 -22.68 133.97 -12.67
C HIS B 190 -23.35 134.37 -13.98
N ALA B 191 -24.47 135.08 -13.85
CA ALA B 191 -25.33 135.41 -14.99
C ALA B 191 -24.67 136.36 -15.97
N SER B 192 -23.76 137.21 -15.50
CA SER B 192 -22.96 138.03 -16.41
C SER B 192 -21.95 137.16 -17.15
N ASN B 193 -21.42 137.70 -18.23
CA ASN B 193 -20.38 136.97 -18.95
C ASN B 193 -19.11 137.81 -19.05
N PRO B 194 -18.29 137.88 -17.99
CA PRO B 194 -17.06 138.68 -18.08
C PRO B 194 -15.90 137.92 -18.70
N VAL B 195 -15.97 136.59 -18.72
CA VAL B 195 -14.80 135.74 -18.95
C VAL B 195 -14.45 135.76 -20.44
N TYR B 196 -13.29 136.32 -20.76
CA TYR B 196 -12.69 136.20 -22.08
C TYR B 196 -11.44 135.33 -21.95
N ALA B 197 -11.66 134.02 -22.06
CA ALA B 197 -10.61 133.03 -21.82
C ALA B 197 -10.06 132.54 -23.16
N THR B 198 -8.79 132.84 -23.42
CA THR B 198 -8.11 132.37 -24.61
C THR B 198 -7.02 131.40 -24.19
N LEU B 199 -7.03 130.21 -24.76
CA LEU B 199 -6.20 129.10 -24.29
C LEU B 199 -5.42 128.50 -25.44
N LYS B 200 -4.15 128.23 -25.19
CA LYS B 200 -3.29 127.51 -26.11
C LYS B 200 -3.13 126.07 -25.61
N ILE B 201 -3.56 125.12 -26.43
CA ILE B 201 -3.71 123.73 -26.00
C ILE B 201 -2.82 122.87 -26.89
N ARG B 202 -1.64 122.53 -26.39
CA ARG B 202 -0.76 121.62 -27.12
C ARG B 202 -1.10 120.17 -26.80
N ILE B 203 -1.29 119.37 -27.85
CA ILE B 203 -1.29 117.92 -27.75
C ILE B 203 -0.12 117.42 -28.58
N TYR B 204 0.85 116.78 -27.94
CA TYR B 204 1.89 116.06 -28.65
C TYR B 204 1.82 114.59 -28.29
N PHE B 205 1.93 113.74 -29.32
CA PHE B 205 1.60 112.33 -29.20
C PHE B 205 2.42 111.48 -30.17
N PRO C 16 -12.52 93.42 -2.73
CA PRO C 16 -12.08 94.45 -1.76
C PRO C 16 -12.85 95.78 -1.74
N ASP C 17 -13.88 95.88 -0.92
CA ASP C 17 -14.44 97.20 -0.63
C ASP C 17 -14.26 97.57 0.84
N ILE C 18 -14.86 96.82 1.74
CA ILE C 18 -15.14 97.15 3.14
C ILE C 18 -15.67 95.83 3.75
N PRO C 19 -15.73 95.64 5.07
CA PRO C 19 -16.11 94.31 5.58
C PRO C 19 -17.60 93.98 5.56
N ARG C 20 -18.48 94.71 4.89
CA ARG C 20 -19.88 94.30 4.85
C ARG C 20 -20.39 94.03 3.44
N GLY C 21 -20.27 95.00 2.55
CA GLY C 21 -20.94 94.98 1.27
C GLY C 21 -20.13 94.43 0.13
N CYS C 22 -20.56 93.28 -0.37
CA CYS C 22 -20.25 92.83 -1.71
C CYS C 22 -21.11 93.51 -2.76
N GLU C 23 -22.03 94.39 -2.33
CA GLU C 23 -22.89 95.17 -3.19
C GLU C 23 -22.08 96.11 -4.08
N GLY C 24 -22.73 96.58 -5.15
CA GLY C 24 -22.19 97.63 -5.97
C GLY C 24 -22.04 98.90 -5.16
N PRO C 25 -20.81 99.44 -5.12
CA PRO C 25 -20.53 100.58 -4.23
C PRO C 25 -21.20 101.86 -4.68
N CYS C 26 -22.49 101.98 -4.37
CA CYS C 26 -23.35 102.89 -5.12
C CYS C 26 -23.29 104.28 -4.54
N LYS C 27 -23.38 105.27 -5.43
CA LYS C 27 -23.39 106.67 -5.04
C LYS C 27 -24.82 107.12 -4.84
N VAL C 28 -25.07 107.78 -3.72
CA VAL C 28 -26.31 108.51 -3.49
C VAL C 28 -25.91 109.91 -3.06
N GLN C 29 -26.26 110.89 -3.87
CA GLN C 29 -25.83 112.25 -3.64
C GLN C 29 -26.94 113.03 -2.93
N SER C 30 -26.58 113.76 -1.86
CA SER C 30 -27.49 114.68 -1.19
C SER C 30 -27.09 116.08 -1.63
N PHE C 31 -27.54 116.47 -2.83
CA PHE C 31 -27.35 117.85 -3.25
C PHE C 31 -28.27 118.76 -2.46
N GLU C 32 -27.76 119.93 -2.11
CA GLU C 32 -28.58 120.98 -1.55
C GLU C 32 -28.41 122.25 -2.38
N GLN C 33 -29.51 123.00 -2.50
CA GLN C 33 -29.47 124.38 -2.96
C GLN C 33 -30.14 125.15 -1.82
N ARG C 34 -29.35 125.44 -0.80
CA ARG C 34 -29.88 125.93 0.47
C ARG C 34 -29.05 127.07 1.01
N ASP C 35 -29.30 127.43 2.26
CA ASP C 35 -28.48 128.38 3.01
C ASP C 35 -28.51 127.95 4.47
N ASP C 36 -28.12 128.86 5.35
CA ASP C 36 -28.22 128.58 6.77
C ASP C 36 -28.65 129.86 7.48
N VAL C 37 -28.65 129.79 8.81
CA VAL C 37 -28.78 130.98 9.66
C VAL C 37 -27.50 131.02 10.50
N LYS C 38 -27.42 131.96 11.44
CA LYS C 38 -26.26 132.00 12.31
C LYS C 38 -26.17 130.77 13.20
N HIS C 39 -27.31 130.29 13.71
CA HIS C 39 -27.30 129.21 14.69
C HIS C 39 -27.05 127.86 14.04
N LEU C 40 -27.77 127.56 12.96
CA LEU C 40 -27.75 126.18 12.50
C LEU C 40 -28.01 126.09 11.00
N GLY C 41 -27.27 125.20 10.35
CA GLY C 41 -27.69 124.63 9.09
C GLY C 41 -27.65 123.12 9.25
N ILE C 42 -28.81 122.47 9.25
CA ILE C 42 -28.90 121.07 9.61
C ILE C 42 -29.11 120.23 8.35
N CYS C 43 -28.33 119.16 8.24
CA CYS C 43 -28.38 118.27 7.08
C CYS C 43 -28.11 116.86 7.55
N LYS C 44 -29.15 116.06 7.72
CA LYS C 44 -28.96 114.62 7.77
C LYS C 44 -28.64 114.13 6.38
N VAL C 45 -27.52 113.43 6.22
CA VAL C 45 -27.03 112.94 4.94
C VAL C 45 -27.21 111.41 4.84
N ILE C 46 -28.30 110.86 5.38
CA ILE C 46 -28.49 109.41 5.42
C ILE C 46 -29.77 108.96 4.73
N SER C 47 -30.91 109.61 5.01
CA SER C 47 -32.19 109.14 4.47
C SER C 47 -32.40 109.51 3.01
N ASP C 48 -31.36 110.02 2.36
CA ASP C 48 -31.25 109.97 0.91
C ASP C 48 -31.40 108.53 0.41
N VAL C 49 -30.84 107.58 1.14
CA VAL C 49 -31.06 106.16 0.88
C VAL C 49 -32.30 105.72 1.62
N THR C 50 -33.25 105.16 0.89
CA THR C 50 -34.34 104.38 1.43
C THR C 50 -34.12 102.93 1.02
N ARG C 51 -34.98 102.03 1.50
CA ARG C 51 -34.94 100.67 0.99
C ARG C 51 -35.46 100.63 -0.43
N GLY C 52 -34.79 99.85 -1.27
CA GLY C 52 -35.27 99.62 -2.61
C GLY C 52 -34.37 98.66 -3.36
N PRO C 53 -34.87 98.09 -4.45
CA PRO C 53 -34.00 97.33 -5.35
C PRO C 53 -33.16 98.20 -6.26
N GLY C 54 -33.48 99.49 -6.38
CA GLY C 54 -32.79 100.36 -7.28
C GLY C 54 -31.38 100.71 -6.82
N LEU C 55 -30.66 101.40 -7.70
CA LEU C 55 -29.24 101.65 -7.50
C LEU C 55 -28.95 102.92 -6.71
N THR C 56 -29.96 103.56 -6.14
CA THR C 56 -29.77 104.62 -5.15
C THR C 56 -30.38 104.21 -3.82
N HIS C 57 -30.24 102.95 -3.48
CA HIS C 57 -30.94 102.36 -2.35
C HIS C 57 -30.01 101.43 -1.60
N ARG C 58 -30.60 100.58 -0.78
CA ARG C 58 -29.87 99.62 0.02
C ARG C 58 -30.62 98.30 0.02
N VAL C 59 -29.95 97.26 0.50
CA VAL C 59 -30.55 95.95 0.70
C VAL C 59 -30.44 95.64 2.19
N GLY C 60 -31.57 95.56 2.87
CA GLY C 60 -31.54 95.36 4.31
C GLY C 60 -31.43 96.69 5.04
N LYS C 61 -30.62 96.71 6.09
CA LYS C 61 -30.53 97.88 6.97
C LYS C 61 -29.09 98.17 7.41
N ARG C 62 -28.11 97.98 6.51
CA ARG C 62 -26.71 98.12 6.88
C ARG C 62 -25.93 98.94 5.85
N PHE C 63 -25.07 99.86 6.33
CA PHE C 63 -24.14 100.63 5.51
C PHE C 63 -22.70 100.45 5.99
N CYS C 64 -21.73 100.72 5.07
CA CYS C 64 -20.34 101.07 5.41
C CYS C 64 -19.97 102.18 4.44
N ILE C 65 -20.14 103.43 4.88
CA ILE C 65 -19.82 104.59 4.04
C ILE C 65 -18.32 104.63 3.82
N LYS C 66 -17.91 104.49 2.55
CA LYS C 66 -16.49 104.53 2.22
C LYS C 66 -15.95 105.94 2.35
N SER C 67 -16.57 106.90 1.69
CA SER C 67 -16.11 108.27 1.77
C SER C 67 -17.25 109.23 1.50
N ILE C 68 -17.21 110.38 2.17
CA ILE C 68 -18.05 111.52 1.87
C ILE C 68 -17.22 112.51 1.06
N TYR C 69 -17.72 112.86 -0.13
CA TYR C 69 -17.05 113.77 -1.05
C TYR C 69 -17.85 115.07 -1.10
N ILE C 70 -17.34 116.10 -0.45
CA ILE C 70 -18.08 117.36 -0.28
C ILE C 70 -17.60 118.33 -1.35
N LEU C 71 -18.46 118.60 -2.33
CA LEU C 71 -18.33 119.76 -3.19
C LEU C 71 -19.16 120.89 -2.59
N GLY C 72 -18.92 122.10 -3.09
CA GLY C 72 -19.71 123.23 -2.65
C GLY C 72 -19.14 124.58 -2.95
N LYS C 73 -20.01 125.51 -3.31
CA LYS C 73 -19.65 126.90 -3.50
C LYS C 73 -20.42 127.75 -2.48
N ILE C 74 -19.68 128.54 -1.72
CA ILE C 74 -20.21 129.28 -0.58
C ILE C 74 -20.06 130.76 -0.91
N TRP C 75 -21.18 131.43 -1.19
CA TRP C 75 -21.12 132.81 -1.62
C TRP C 75 -22.01 133.70 -0.76
N LEU C 76 -21.93 134.99 -1.06
CA LEU C 76 -22.88 135.98 -0.59
C LEU C 76 -23.26 136.95 -1.70
N ASP C 77 -23.20 136.52 -2.96
CA ASP C 77 -23.20 137.44 -4.11
C ASP C 77 -24.61 137.85 -4.52
N GLU C 78 -25.58 137.74 -3.60
CA GLU C 78 -26.82 138.48 -3.72
C GLU C 78 -26.53 139.97 -3.65
N THR C 79 -27.42 140.79 -4.22
CA THR C 79 -27.20 142.24 -4.29
C THR C 79 -27.29 142.95 -2.94
N ILE C 80 -27.63 142.21 -1.88
CA ILE C 80 -27.70 142.74 -0.52
C ILE C 80 -26.60 141.99 0.22
N LYS C 81 -26.47 142.23 1.54
CA LYS C 81 -25.48 141.64 2.44
C LYS C 81 -24.06 142.03 2.07
N LYS C 82 -23.88 143.26 1.59
CA LYS C 82 -22.58 143.90 1.59
C LYS C 82 -22.30 144.66 2.87
N GLN C 83 -23.31 145.18 3.56
CA GLN C 83 -23.16 145.67 4.92
C GLN C 83 -23.25 144.50 5.90
N ASN C 84 -22.85 144.77 7.15
CA ASN C 84 -22.75 143.80 8.25
C ASN C 84 -21.89 142.60 7.84
N HIS C 85 -20.79 142.90 7.18
CA HIS C 85 -20.04 141.93 6.41
C HIS C 85 -18.92 141.25 7.18
N THR C 86 -18.03 140.57 6.45
CA THR C 86 -16.91 139.77 6.94
C THR C 86 -17.32 138.63 7.86
N ASN C 87 -18.04 137.64 7.33
CA ASN C 87 -18.40 136.44 8.08
C ASN C 87 -17.64 135.25 7.49
N ASN C 88 -17.48 134.20 8.30
CA ASN C 88 -16.84 132.97 7.85
C ASN C 88 -17.69 131.76 8.25
N VAL C 89 -17.42 130.63 7.59
CA VAL C 89 -18.21 129.42 7.74
C VAL C 89 -17.32 128.34 8.33
N ILE C 90 -17.77 127.74 9.43
CA ILE C 90 -17.10 126.60 10.03
C ILE C 90 -17.99 125.38 9.82
N PHE C 91 -17.44 124.34 9.19
CA PHE C 91 -18.21 123.13 8.96
C PHE C 91 -17.99 122.13 10.09
N TYR C 92 -18.99 121.28 10.30
CA TYR C 92 -18.95 120.27 11.35
C TYR C 92 -19.50 118.97 10.79
N LEU C 93 -18.69 117.93 10.80
CA LEU C 93 -19.11 116.61 10.32
C LEU C 93 -19.00 115.67 11.51
N LEU C 94 -20.14 115.29 12.09
CA LEU C 94 -20.17 114.62 13.38
C LEU C 94 -20.53 113.16 13.20
N ARG C 95 -19.91 112.30 14.01
CA ARG C 95 -20.34 110.91 14.11
C ARG C 95 -21.36 110.82 15.25
N ASP C 96 -22.62 110.59 14.88
CA ASP C 96 -23.71 110.53 15.86
C ASP C 96 -23.81 109.13 16.45
N ARG C 97 -24.31 109.06 17.68
CA ARG C 97 -24.42 107.80 18.40
C ARG C 97 -25.84 107.26 18.48
N ARG C 98 -26.89 108.19 18.50
CA ARG C 98 -28.28 107.86 18.12
C ARG C 98 -29.20 109.07 18.04
N PRO C 99 -30.10 109.09 17.05
CA PRO C 99 -31.17 110.09 17.05
C PRO C 99 -32.47 109.60 17.66
N TYR C 100 -33.36 110.54 17.98
CA TYR C 100 -34.71 110.26 18.45
C TYR C 100 -35.63 111.29 17.81
N GLY C 101 -36.65 110.83 17.08
CA GLY C 101 -37.47 111.76 16.35
C GLY C 101 -36.66 112.37 15.22
N ASN C 102 -36.74 113.68 15.04
CA ASN C 102 -36.09 114.29 13.89
C ASN C 102 -34.64 114.65 14.20
N ALA C 103 -34.06 115.47 13.33
CA ALA C 103 -32.72 116.00 13.57
C ALA C 103 -32.78 117.01 14.71
N PRO C 104 -32.05 116.80 15.80
CA PRO C 104 -32.03 117.80 16.87
C PRO C 104 -31.23 119.02 16.44
N GLN C 105 -31.72 120.19 16.82
CA GLN C 105 -31.14 121.45 16.36
C GLN C 105 -29.78 121.68 17.00
N ASP C 106 -28.98 122.54 16.34
CA ASP C 106 -27.54 122.59 16.59
C ASP C 106 -27.19 123.25 17.92
N PHE C 107 -27.67 124.48 18.13
CA PHE C 107 -27.35 125.19 19.37
C PHE C 107 -28.01 124.53 20.57
N GLY C 108 -29.06 123.76 20.35
CA GLY C 108 -29.56 122.88 21.39
C GLY C 108 -28.76 121.60 21.55
N GLN C 109 -27.61 121.47 20.87
CA GLN C 109 -26.80 120.27 21.01
C GLN C 109 -25.32 120.53 21.28
N ILE C 110 -24.70 121.51 20.62
CA ILE C 110 -23.27 121.74 20.85
C ILE C 110 -23.09 122.83 21.90
N PHE C 111 -21.91 122.88 22.54
CA PHE C 111 -21.86 123.47 23.89
C PHE C 111 -22.00 124.99 23.87
N ASN C 112 -21.07 125.69 23.23
CA ASN C 112 -20.98 127.14 23.46
C ASN C 112 -21.14 127.85 22.11
N MET C 113 -20.95 129.17 22.13
CA MET C 113 -21.28 130.03 20.99
C MET C 113 -20.20 129.95 19.91
N PHE C 114 -20.43 129.04 18.96
CA PHE C 114 -19.94 129.02 17.58
C PHE C 114 -18.46 128.67 17.44
N ASP C 115 -17.72 128.56 18.55
CA ASP C 115 -16.37 127.99 18.57
C ASP C 115 -16.32 127.04 19.73
N ASN C 116 -16.67 125.77 19.48
CA ASN C 116 -16.99 124.87 20.58
C ASN C 116 -16.79 123.43 20.17
N GLU C 117 -17.30 122.55 21.03
CA GLU C 117 -17.32 121.10 20.94
C GLU C 117 -18.71 120.65 21.38
N PRO C 118 -19.08 119.38 21.25
CA PRO C 118 -20.31 118.92 21.89
C PRO C 118 -20.23 119.00 23.41
N SER C 119 -21.42 119.05 24.03
CA SER C 119 -21.51 119.23 25.47
C SER C 119 -21.02 118.00 26.22
N THR C 120 -20.75 118.18 27.51
CA THR C 120 -20.24 117.10 28.35
C THR C 120 -21.28 116.02 28.60
N ALA C 121 -22.57 116.36 28.55
CA ALA C 121 -23.63 115.39 28.75
C ALA C 121 -24.09 114.73 27.46
N THR C 122 -23.43 115.01 26.33
CA THR C 122 -23.87 114.54 25.04
C THR C 122 -22.92 113.55 24.38
N ILE C 123 -21.74 113.32 24.96
CA ILE C 123 -20.74 112.45 24.35
C ILE C 123 -21.16 110.99 24.45
N PHE C 131 -22.07 113.65 21.32
CA PHE C 131 -21.94 112.94 20.06
C PHE C 131 -20.52 113.09 19.55
N GLN C 132 -20.02 112.08 18.85
CA GLN C 132 -18.64 112.15 18.39
C GLN C 132 -18.51 113.08 17.21
N VAL C 133 -17.28 113.56 17.00
CA VAL C 133 -16.91 114.48 15.94
C VAL C 133 -16.00 113.72 15.00
N LEU C 134 -16.03 114.04 13.71
CA LEU C 134 -14.97 113.53 12.83
C LEU C 134 -13.95 114.60 12.48
N ARG C 135 -14.35 115.68 11.79
CA ARG C 135 -13.44 116.77 11.44
C ARG C 135 -14.22 118.08 11.29
N LYS C 136 -13.48 119.13 10.96
CA LYS C 136 -14.01 120.48 10.73
C LYS C 136 -13.49 120.99 9.39
N PHE C 137 -14.01 122.14 8.96
CA PHE C 137 -13.52 122.81 7.75
C PHE C 137 -13.59 124.31 7.98
N HIS C 138 -13.16 125.06 6.96
CA HIS C 138 -13.17 126.52 6.99
C HIS C 138 -13.62 127.06 5.64
N ALA C 139 -14.28 128.21 5.69
CA ALA C 139 -14.67 128.94 4.49
C ALA C 139 -14.87 130.40 4.90
N THR C 140 -14.06 131.30 4.34
CA THR C 140 -14.03 132.69 4.76
C THR C 140 -14.44 133.59 3.60
N VAL C 141 -15.65 134.16 3.69
CA VAL C 141 -16.16 135.04 2.64
C VAL C 141 -16.29 136.46 3.21
N VAL C 142 -15.32 137.31 2.87
CA VAL C 142 -15.28 138.65 3.44
C VAL C 142 -15.49 139.69 2.33
N GLY C 143 -16.72 140.17 2.20
CA GLY C 143 -16.98 141.17 1.18
C GLY C 143 -17.85 142.34 1.63
N GLY C 144 -17.27 143.55 1.62
CA GLY C 144 -18.03 144.71 2.04
C GLY C 144 -18.28 145.67 0.88
N LEU C 145 -17.55 146.78 0.85
CA LEU C 145 -17.68 147.74 -0.23
C LEU C 145 -16.29 148.17 -0.69
N TYR C 146 -16.26 148.80 -1.85
CA TYR C 146 -15.11 149.47 -2.49
C TYR C 146 -13.95 148.55 -2.86
N CYS C 147 -14.04 147.23 -2.69
CA CYS C 147 -13.23 146.39 -3.57
C CYS C 147 -14.11 145.36 -4.31
N MET C 148 -15.02 144.58 -3.66
CA MET C 148 -15.03 144.11 -2.27
C MET C 148 -14.32 142.73 -2.30
N LYS C 149 -13.25 142.61 -1.53
CA LYS C 149 -12.36 141.48 -1.78
C LYS C 149 -12.60 140.33 -0.80
N GLU C 150 -13.67 139.58 -1.08
CA GLU C 150 -13.78 138.12 -1.17
C GLU C 150 -15.21 137.74 -1.47
N GLN C 151 -15.39 136.57 -2.06
CA GLN C 151 -16.66 136.04 -2.55
C GLN C 151 -16.60 134.53 -2.61
N ALA C 152 -17.46 133.95 -3.47
CA ALA C 152 -17.69 132.52 -3.67
C ALA C 152 -16.40 131.71 -3.70
N LEU C 153 -16.25 130.79 -2.74
CA LEU C 153 -15.09 129.93 -2.65
C LEU C 153 -15.51 128.50 -3.00
N VAL C 154 -14.59 127.73 -3.59
CA VAL C 154 -14.89 126.36 -3.96
C VAL C 154 -14.15 125.42 -3.02
N LYS C 155 -14.86 124.44 -2.48
CA LYS C 155 -14.28 123.48 -1.53
C LYS C 155 -14.57 122.07 -2.01
N ARG C 156 -13.50 121.29 -2.24
CA ARG C 156 -13.61 119.86 -2.50
C ARG C 156 -12.77 119.10 -1.49
N PHE C 157 -13.30 117.98 -1.00
CA PHE C 157 -12.63 117.21 0.05
C PHE C 157 -12.98 115.73 -0.09
N TYR C 158 -11.97 114.89 -0.31
CA TYR C 158 -12.07 113.50 0.06
C TYR C 158 -12.10 113.37 1.58
N ARG C 159 -12.96 112.48 2.09
CA ARG C 159 -13.07 112.31 3.55
C ARG C 159 -13.57 110.88 3.80
N LEU C 160 -12.66 110.00 4.21
CA LEU C 160 -13.01 108.61 4.45
C LEU C 160 -13.72 108.46 5.80
N ASN C 161 -14.71 107.58 5.85
CA ASN C 161 -15.56 107.41 7.03
C ASN C 161 -15.89 105.93 7.18
N HIS C 162 -16.90 105.62 7.99
CA HIS C 162 -17.18 104.23 8.36
C HIS C 162 -18.69 104.04 8.51
N HIS C 163 -19.08 102.94 9.15
CA HIS C 163 -20.36 102.26 8.97
C HIS C 163 -21.54 103.00 9.60
N VAL C 164 -22.72 102.71 9.06
CA VAL C 164 -24.02 103.29 9.47
C VAL C 164 -25.04 102.15 9.49
N THR C 165 -25.99 102.19 10.44
CA THR C 165 -27.03 101.16 10.54
C THR C 165 -28.39 101.77 10.89
N TYR C 166 -29.48 101.26 10.30
CA TYR C 166 -30.84 101.57 10.76
C TYR C 166 -31.39 100.43 11.62
N ASN C 167 -32.19 100.81 12.63
CA ASN C 167 -32.96 99.83 13.39
C ASN C 167 -34.27 99.50 12.69
N HIS C 168 -35.12 100.51 12.53
CA HIS C 168 -36.46 100.29 12.00
C HIS C 168 -36.38 99.92 10.53
N GLN C 169 -37.12 98.89 10.16
CA GLN C 169 -36.92 98.17 8.91
C GLN C 169 -37.77 98.73 7.78
N GLU C 170 -38.04 100.04 7.81
CA GLU C 170 -38.90 100.70 6.87
C GLU C 170 -38.13 101.15 5.63
N ALA C 171 -38.87 101.26 4.52
CA ALA C 171 -38.39 101.93 3.31
C ALA C 171 -38.68 103.42 3.45
N GLY C 172 -38.00 104.05 4.39
CA GLY C 172 -38.47 105.35 4.83
C GLY C 172 -37.45 106.42 5.14
N LYS C 173 -37.86 107.33 6.01
CA LYS C 173 -37.18 108.60 6.26
C LYS C 173 -36.09 108.44 7.32
N TYR C 174 -35.66 109.57 7.89
CA TYR C 174 -34.48 109.67 8.75
C TYR C 174 -34.74 109.42 10.23
N GLU C 175 -36.00 109.41 10.66
CA GLU C 175 -36.30 109.38 12.09
C GLU C 175 -36.16 108.02 12.74
N ASN C 176 -35.67 107.01 12.02
CA ASN C 176 -35.87 105.64 12.47
C ASN C 176 -34.57 104.83 12.48
N HIS C 177 -33.51 105.40 13.04
CA HIS C 177 -32.17 104.85 12.93
C HIS C 177 -31.76 104.12 14.22
N THR C 178 -30.48 103.77 14.28
CA THR C 178 -29.81 103.24 15.47
C THR C 178 -28.37 103.74 15.42
N GLU C 179 -27.46 103.01 16.10
CA GLU C 179 -26.02 103.25 16.19
C GLU C 179 -25.40 103.81 14.91
N ASN C 180 -24.55 104.81 15.11
CA ASN C 180 -23.70 105.43 14.08
C ASN C 180 -24.54 106.03 12.95
N ALA C 181 -25.24 107.05 13.35
CA ALA C 181 -25.63 108.01 12.33
C ALA C 181 -24.50 109.01 12.13
N LEU C 182 -24.61 109.81 11.07
CA LEU C 182 -23.66 110.88 10.80
C LEU C 182 -24.34 111.93 9.95
N LEU C 183 -24.04 113.20 10.24
CA LEU C 183 -24.73 114.31 9.60
C LEU C 183 -23.85 115.55 9.69
N LEU C 184 -24.37 116.66 9.17
CA LEU C 184 -23.62 117.90 9.08
C LEU C 184 -24.28 119.02 9.87
N TYR C 185 -23.46 119.94 10.35
CA TYR C 185 -23.91 121.23 10.84
C TYR C 185 -23.04 122.32 10.22
N MET C 186 -23.68 123.41 9.82
CA MET C 186 -22.98 124.57 9.29
C MET C 186 -23.24 125.75 10.22
N ALA C 187 -22.22 126.57 10.43
CA ALA C 187 -22.29 127.63 11.43
C ALA C 187 -21.80 128.94 10.85
N CYS C 188 -22.58 130.00 11.06
CA CYS C 188 -22.16 131.36 10.78
C CYS C 188 -21.73 132.04 12.07
N THR C 189 -20.88 133.05 11.95
CA THR C 189 -20.27 133.69 13.12
C THR C 189 -20.68 135.14 13.30
N HIS C 190 -21.71 135.61 12.61
CA HIS C 190 -22.16 136.99 12.72
C HIS C 190 -23.68 137.05 12.61
N ALA C 191 -24.25 138.13 13.16
CA ALA C 191 -25.69 138.25 13.28
C ALA C 191 -26.40 138.41 11.94
N SER C 192 -25.71 138.95 10.93
CA SER C 192 -26.25 138.95 9.58
C SER C 192 -26.22 137.54 9.01
N ASN C 193 -26.99 137.35 7.94
CA ASN C 193 -26.97 136.05 7.27
C ASN C 193 -26.58 136.21 5.80
N PRO C 194 -25.30 136.39 5.47
CA PRO C 194 -24.93 136.53 4.05
C PRO C 194 -24.75 135.20 3.34
N VAL C 195 -24.54 134.12 4.09
CA VAL C 195 -24.01 132.88 3.54
C VAL C 195 -25.11 132.15 2.77
N TYR C 196 -24.93 132.04 1.46
CA TYR C 196 -25.73 131.18 0.61
C TYR C 196 -24.85 130.02 0.13
N ALA C 197 -24.80 128.98 0.95
CA ALA C 197 -23.91 127.85 0.73
C ALA C 197 -24.69 126.69 0.12
N THR C 198 -24.35 126.35 -1.12
CA THR C 198 -24.94 125.20 -1.81
C THR C 198 -23.85 124.16 -2.01
N LEU C 199 -24.13 122.94 -1.56
CA LEU C 199 -23.13 121.90 -1.47
C LEU C 199 -23.62 120.63 -2.15
N LYS C 200 -22.72 120.01 -2.92
CA LYS C 200 -22.95 118.71 -3.51
C LYS C 200 -22.18 117.66 -2.72
N ILE C 201 -22.90 116.71 -2.15
CA ILE C 201 -22.35 115.79 -1.16
C ILE C 201 -22.52 114.37 -1.70
N ARG C 202 -21.45 113.83 -2.28
CA ARG C 202 -21.47 112.45 -2.74
C ARG C 202 -21.10 111.50 -1.60
N ILE C 203 -21.93 110.49 -1.38
CA ILE C 203 -21.56 109.33 -0.59
C ILE C 203 -21.61 108.12 -1.50
N TYR C 204 -20.47 107.48 -1.72
CA TYR C 204 -20.44 106.19 -2.40
C TYR C 204 -19.89 105.14 -1.44
N PHE C 205 -20.54 103.98 -1.43
CA PHE C 205 -20.34 102.99 -0.39
C PHE C 205 -20.61 101.58 -0.90
N PRO D 16 -1.70 103.28 26.66
CA PRO D 16 -0.95 103.51 25.42
C PRO D 16 -0.73 104.99 25.11
N ASP D 17 -1.24 105.87 25.97
CA ASP D 17 -1.19 107.31 25.73
C ASP D 17 -0.44 108.05 26.83
N ILE D 18 -0.66 107.70 28.09
CA ILE D 18 -0.21 108.48 29.24
C ILE D 18 1.01 107.85 29.92
N PRO D 19 1.92 108.65 30.45
CA PRO D 19 3.07 108.10 31.17
C PRO D 19 2.92 108.07 32.68
N ARG D 20 1.81 108.52 33.25
CA ARG D 20 1.71 108.74 34.70
C ARG D 20 0.81 107.75 35.42
N GLY D 21 -0.46 107.66 35.03
CA GLY D 21 -1.42 106.85 35.76
C GLY D 21 -2.66 106.55 34.94
N CYS D 22 -3.29 105.41 35.24
CA CYS D 22 -4.34 104.83 34.43
C CYS D 22 -5.71 105.50 34.62
N GLU D 23 -5.75 106.70 35.18
CA GLU D 23 -6.97 107.50 35.19
C GLU D 23 -7.37 107.88 33.77
N GLY D 24 -8.64 108.19 33.58
CA GLY D 24 -9.13 108.72 32.33
C GLY D 24 -8.55 110.09 32.06
N PRO D 25 -8.19 110.37 30.81
CA PRO D 25 -7.65 111.69 30.48
C PRO D 25 -8.72 112.77 30.53
N CYS D 26 -9.02 113.22 31.75
CA CYS D 26 -10.17 114.07 31.98
C CYS D 26 -9.93 115.49 31.48
N LYS D 27 -10.96 116.06 30.86
CA LYS D 27 -10.87 117.40 30.29
C LYS D 27 -11.24 118.44 31.33
N VAL D 28 -10.43 119.47 31.45
CA VAL D 28 -10.76 120.67 32.21
C VAL D 28 -10.54 121.85 31.28
N GLN D 29 -11.63 122.43 30.79
CA GLN D 29 -11.57 123.44 29.75
C GLN D 29 -11.73 124.83 30.35
N SER D 30 -10.74 125.69 30.14
CA SER D 30 -10.76 127.06 30.63
C SER D 30 -11.24 127.93 29.47
N PHE D 31 -12.55 127.97 29.28
CA PHE D 31 -13.12 128.90 28.33
C PHE D 31 -13.02 130.32 28.86
N GLU D 32 -12.72 131.25 27.97
CA GLU D 32 -12.80 132.66 28.28
C GLU D 32 -13.71 133.34 27.27
N GLN D 33 -14.45 134.34 27.75
CA GLN D 33 -15.11 135.32 26.90
C GLN D 33 -14.57 136.65 27.41
N ARG D 34 -13.39 137.00 26.92
CA ARG D 34 -12.61 138.09 27.49
C ARG D 34 -12.00 138.95 26.39
N ASP D 35 -11.08 139.83 26.79
CA ASP D 35 -10.26 140.61 25.88
C ASP D 35 -8.91 140.82 26.55
N ASP D 36 -8.15 141.78 26.05
CA ASP D 36 -6.89 142.12 26.68
C ASP D 36 -6.71 143.63 26.61
N VAL D 37 -5.53 144.09 27.05
CA VAL D 37 -5.09 145.45 26.82
C VAL D 37 -3.81 145.33 26.01
N LYS D 38 -3.13 146.46 25.75
CA LYS D 38 -1.86 146.40 25.04
C LYS D 38 -0.80 145.66 25.86
N HIS D 39 -0.77 145.88 27.17
CA HIS D 39 0.31 145.35 27.98
C HIS D 39 0.13 143.85 28.26
N LEU D 40 -1.07 143.46 28.66
CA LEU D 40 -1.20 142.10 29.21
C LEU D 40 -2.60 141.56 29.02
N GLY D 41 -2.67 140.28 28.66
CA GLY D 41 -3.84 139.47 28.91
C GLY D 41 -3.38 138.25 29.67
N ILE D 42 -3.77 138.14 30.95
CA ILE D 42 -3.21 137.12 31.83
C ILE D 42 -4.23 136.01 32.03
N CYS D 43 -3.76 134.77 31.89
CA CYS D 43 -4.63 133.60 32.03
C CYS D 43 -3.81 132.47 32.65
N LYS D 44 -3.96 132.26 33.96
CA LYS D 44 -3.54 130.98 34.53
C LYS D 44 -4.52 129.92 34.09
N VAL D 45 -4.03 128.97 33.30
CA VAL D 45 -4.92 128.02 32.65
C VAL D 45 -5.26 126.87 33.59
N ILE D 46 -4.46 126.69 34.64
CA ILE D 46 -4.62 125.56 35.55
C ILE D 46 -5.36 126.01 36.82
N SER D 47 -6.15 127.08 36.72
CA SER D 47 -6.62 127.80 37.90
C SER D 47 -7.74 127.05 38.61
N ASP D 48 -8.84 126.78 37.90
CA ASP D 48 -10.06 126.26 38.51
C ASP D 48 -10.04 124.75 38.73
N VAL D 49 -8.86 124.11 38.76
CA VAL D 49 -8.79 122.66 38.91
C VAL D 49 -8.72 122.35 40.40
N THR D 50 -9.85 121.97 40.99
CA THR D 50 -9.96 121.64 42.40
C THR D 50 -10.13 120.13 42.56
N ARG D 51 -9.97 119.66 43.80
CA ARG D 51 -10.18 118.25 44.09
C ARG D 51 -11.67 117.92 44.08
N GLY D 52 -12.03 116.87 43.36
CA GLY D 52 -13.39 116.42 43.27
C GLY D 52 -13.53 115.15 42.47
N PRO D 53 -14.70 114.50 42.55
CA PRO D 53 -14.88 113.24 41.82
C PRO D 53 -15.13 113.42 40.34
N GLY D 54 -15.59 114.59 39.90
CA GLY D 54 -15.92 114.81 38.51
C GLY D 54 -14.70 114.90 37.62
N LEU D 55 -14.95 114.86 36.31
CA LEU D 55 -13.87 114.94 35.33
C LEU D 55 -13.40 116.37 35.08
N THR D 56 -14.09 117.37 35.63
CA THR D 56 -13.58 118.74 35.66
C THR D 56 -12.79 119.01 36.93
N HIS D 57 -12.19 117.99 37.50
CA HIS D 57 -11.54 118.07 38.81
C HIS D 57 -10.24 117.27 38.75
N ARG D 58 -9.67 117.00 39.92
CA ARG D 58 -8.36 116.37 40.00
C ARG D 58 -8.33 115.38 41.16
N VAL D 59 -7.40 114.43 41.06
CA VAL D 59 -7.13 113.46 42.11
C VAL D 59 -5.70 113.67 42.59
N GLY D 60 -5.56 114.16 43.82
CA GLY D 60 -4.25 114.42 44.38
C GLY D 60 -3.71 115.79 44.01
N LYS D 61 -2.40 115.89 43.78
CA LYS D 61 -1.78 117.16 43.46
C LYS D 61 -0.71 117.01 42.38
N ARG D 62 -0.79 115.96 41.57
CA ARG D 62 0.18 115.70 40.52
C ARG D 62 -0.52 115.65 39.16
N PHE D 63 -0.03 116.43 38.21
CA PHE D 63 -0.53 116.46 36.86
C PHE D 63 0.53 116.02 35.88
N CYS D 64 0.08 115.51 34.74
CA CYS D 64 0.90 115.41 33.53
C CYS D 64 0.00 115.84 32.38
N ILE D 65 0.06 117.13 32.02
CA ILE D 65 -0.76 117.67 30.95
C ILE D 65 -0.30 117.05 29.63
N LYS D 66 -1.19 116.30 29.00
CA LYS D 66 -0.87 115.67 27.72
C LYS D 66 -0.79 116.71 26.61
N SER D 67 -1.85 117.51 26.45
CA SER D 67 -1.84 118.52 25.41
C SER D 67 -2.79 119.65 25.78
N ILE D 68 -2.40 120.87 25.38
CA ILE D 68 -3.27 122.03 25.41
C ILE D 68 -3.81 122.23 24.00
N TYR D 69 -5.13 122.27 23.88
CA TYR D 69 -5.82 122.44 22.61
C TYR D 69 -6.49 123.81 22.61
N ILE D 70 -5.91 124.75 21.87
CA ILE D 70 -6.33 126.13 21.89
C ILE D 70 -7.25 126.38 20.71
N LEU D 71 -8.54 126.55 20.99
CA LEU D 71 -9.47 127.15 20.05
C LEU D 71 -9.54 128.65 20.33
N GLY D 72 -10.11 129.39 19.39
CA GLY D 72 -10.29 130.81 19.61
C GLY D 72 -10.57 131.62 18.38
N LYS D 73 -11.48 132.59 18.52
CA LYS D 73 -11.76 133.56 17.48
C LYS D 73 -11.37 134.95 17.98
N ILE D 74 -10.53 135.64 17.21
CA ILE D 74 -9.92 136.90 17.62
C ILE D 74 -10.43 137.97 16.67
N TRP D 75 -11.32 138.85 17.16
CA TRP D 75 -11.95 139.82 16.30
C TRP D 75 -11.75 141.23 16.84
N LEU D 76 -12.26 142.18 16.06
CA LEU D 76 -12.46 143.56 16.47
C LEU D 76 -13.79 144.10 15.96
N ASP D 77 -14.78 143.23 15.74
CA ASP D 77 -15.97 143.55 14.96
C ASP D 77 -17.03 144.28 15.78
N GLU D 78 -16.64 144.90 16.89
CA GLU D 78 -17.43 145.94 17.52
C GLU D 78 -17.54 147.12 16.55
N THR D 79 -18.60 147.93 16.70
CA THR D 79 -18.86 149.04 15.78
C THR D 79 -17.85 150.19 15.90
N ILE D 80 -16.93 150.10 16.86
CA ILE D 80 -15.88 151.09 17.07
C ILE D 80 -14.59 150.34 16.76
N LYS D 81 -13.43 150.99 16.92
CA LYS D 81 -12.09 150.46 16.69
C LYS D 81 -11.85 150.11 15.22
N LYS D 82 -12.45 150.91 14.33
CA LYS D 82 -12.01 150.97 12.94
C LYS D 82 -10.91 151.99 12.72
N GLN D 83 -10.86 153.07 13.50
CA GLN D 83 -9.70 153.94 13.52
C GLN D 83 -8.65 153.37 14.47
N ASN D 84 -7.43 153.92 14.38
CA ASN D 84 -6.24 153.49 15.11
C ASN D 84 -5.97 152.01 14.89
N HIS D 85 -6.12 151.59 13.63
CA HIS D 85 -6.27 150.19 13.28
C HIS D 85 -4.96 149.49 12.93
N THR D 86 -5.08 148.30 12.33
CA THR D 86 -3.99 147.39 11.96
C THR D 86 -3.14 146.93 13.14
N ASN D 87 -3.72 146.17 14.06
CA ASN D 87 -2.99 145.58 15.17
C ASN D 87 -2.92 144.07 14.97
N ASN D 88 -1.95 143.43 15.60
CA ASN D 88 -1.81 141.98 15.55
C ASN D 88 -1.58 141.42 16.96
N VAL D 89 -1.82 140.12 17.11
CA VAL D 89 -1.79 139.44 18.40
C VAL D 89 -0.66 138.43 18.39
N ILE D 90 0.22 138.51 19.38
CA ILE D 90 1.27 137.53 19.58
C ILE D 90 0.93 136.75 20.84
N PHE D 91 0.83 135.43 20.73
CA PHE D 91 0.54 134.61 21.89
C PHE D 91 1.83 134.11 22.55
N TYR D 92 1.74 133.85 23.85
CA TYR D 92 2.87 133.38 24.62
C TYR D 92 2.39 132.28 25.55
N LEU D 93 2.96 131.09 25.41
CA LEU D 93 2.63 129.95 26.27
C LEU D 93 3.92 129.58 26.99
N LEU D 94 3.99 129.91 28.28
CA LEU D 94 5.23 129.85 29.03
C LEU D 94 5.22 128.67 29.99
N ARG D 95 6.37 128.02 30.16
CA ARG D 95 6.55 127.05 31.23
C ARG D 95 7.12 127.79 32.44
N ASP D 96 6.28 127.94 33.47
CA ASP D 96 6.67 128.66 34.67
C ASP D 96 7.43 127.74 35.63
N ARG D 97 8.29 128.34 36.45
CA ARG D 97 9.12 127.59 37.38
C ARG D 97 8.67 127.70 38.83
N ARG D 98 8.05 128.82 39.24
CA ARG D 98 7.65 129.01 40.62
C ARG D 98 6.48 129.98 40.66
N PRO D 99 5.57 129.84 41.61
CA PRO D 99 4.48 130.82 41.75
C PRO D 99 4.77 131.87 42.81
N TYR D 100 3.99 132.95 42.80
CA TYR D 100 3.90 133.87 43.93
C TYR D 100 2.43 134.26 44.10
N GLY D 101 1.69 133.45 44.85
CA GLY D 101 0.28 133.70 45.10
C GLY D 101 -0.58 133.73 43.84
N ASN D 102 -0.98 134.94 43.46
CA ASN D 102 -1.71 135.17 42.22
C ASN D 102 -0.74 135.22 41.04
N ALA D 103 -1.23 135.69 39.88
CA ALA D 103 -0.39 135.77 38.70
C ALA D 103 0.55 136.97 38.80
N PRO D 104 1.79 136.82 38.35
CA PRO D 104 2.72 137.96 38.39
C PRO D 104 2.48 138.96 37.28
N GLN D 105 3.35 139.95 37.17
CA GLN D 105 3.25 140.96 36.13
C GLN D 105 3.60 140.36 34.77
N ASP D 106 3.30 141.11 33.71
CA ASP D 106 3.78 140.77 32.37
C ASP D 106 4.91 141.69 31.93
N PHE D 107 4.65 143.00 31.86
CA PHE D 107 5.64 143.93 31.33
C PHE D 107 6.82 144.10 32.28
N GLY D 108 6.60 143.89 33.58
CA GLY D 108 7.68 143.82 34.53
C GLY D 108 8.32 142.47 34.68
N GLN D 109 7.86 141.48 33.91
CA GLN D 109 8.43 140.13 33.96
C GLN D 109 9.12 139.75 32.67
N ILE D 110 8.43 139.82 31.52
CA ILE D 110 9.15 139.71 30.25
C ILE D 110 9.83 141.04 29.96
N PHE D 111 10.83 140.98 29.08
CA PHE D 111 11.91 141.97 29.14
C PHE D 111 11.52 143.31 28.49
N ASN D 112 11.24 143.31 27.20
CA ASN D 112 11.18 144.58 26.47
C ASN D 112 9.80 144.72 25.86
N MET D 113 9.63 145.78 25.04
CA MET D 113 8.31 146.18 24.55
C MET D 113 7.87 145.30 23.39
N PHE D 114 7.12 144.26 23.73
CA PHE D 114 6.12 143.53 22.95
C PHE D 114 6.74 142.62 21.87
N ASP D 115 8.04 142.68 21.64
CA ASP D 115 8.78 141.71 20.83
C ASP D 115 10.01 141.31 21.62
N ASN D 116 9.88 140.29 22.46
CA ASN D 116 10.88 140.07 23.49
C ASN D 116 10.91 138.61 23.92
N GLU D 117 11.61 138.39 25.04
CA GLU D 117 11.82 137.14 25.73
C GLU D 117 11.67 137.46 27.22
N PRO D 118 11.66 136.47 28.11
CA PRO D 118 11.77 136.79 29.55
C PRO D 118 13.11 137.40 29.90
N SER D 119 13.12 138.13 31.01
CA SER D 119 14.30 138.87 31.44
C SER D 119 15.42 137.93 31.87
N THR D 120 16.63 138.48 31.94
CA THR D 120 17.81 137.70 32.31
C THR D 120 17.78 137.27 33.78
N ALA D 121 17.10 138.02 34.64
CA ALA D 121 17.01 137.68 36.05
C ALA D 121 15.80 136.79 36.35
N THR D 122 15.06 136.35 35.35
CA THR D 122 13.82 135.62 35.56
C THR D 122 13.87 134.18 35.07
N ILE D 123 14.94 133.77 34.41
CA ILE D 123 15.01 132.42 33.84
C ILE D 123 15.21 131.38 34.94
N PHE D 131 11.54 132.78 33.43
CA PHE D 131 10.63 131.65 33.30
C PHE D 131 10.78 131.05 31.91
N GLN D 132 10.61 129.74 31.79
CA GLN D 132 10.80 129.09 30.50
C GLN D 132 9.63 129.39 29.57
N VAL D 133 9.90 129.25 28.28
CA VAL D 133 8.94 129.49 27.21
C VAL D 133 8.68 128.14 26.56
N LEU D 134 7.47 127.93 26.04
CA LEU D 134 7.28 126.77 25.17
C LEU D 134 7.21 127.15 23.69
N ARG D 135 6.20 127.94 23.29
CA ARG D 135 6.08 128.39 21.90
C ARG D 135 5.34 129.73 21.84
N LYS D 136 5.18 130.23 20.62
CA LYS D 136 4.47 131.46 20.31
C LYS D 136 3.43 131.19 19.24
N PHE D 137 2.59 132.19 18.97
CA PHE D 137 1.61 132.11 17.86
C PHE D 137 1.47 133.50 17.24
N HIS D 138 0.63 133.58 16.21
CA HIS D 138 0.36 134.83 15.51
C HIS D 138 -1.13 134.94 15.21
N ALA D 139 -1.61 136.18 15.19
CA ALA D 139 -2.99 136.47 14.79
C ALA D 139 -3.00 137.93 14.34
N THR D 140 -3.30 138.18 13.07
CA THR D 140 -3.21 139.51 12.47
C THR D 140 -4.59 139.97 12.03
N VAL D 141 -5.16 140.94 12.75
CA VAL D 141 -6.47 141.49 12.42
C VAL D 141 -6.32 142.94 11.99
N VAL D 142 -6.35 143.17 10.67
CA VAL D 142 -6.11 144.51 10.15
C VAL D 142 -7.37 145.04 9.47
N GLY D 143 -8.14 145.85 10.19
CA GLY D 143 -9.35 146.41 9.61
C GLY D 143 -9.56 147.88 9.87
N GLY D 144 -9.56 148.68 8.80
CA GLY D 144 -9.77 150.11 8.96
C GLY D 144 -11.08 150.58 8.35
N LEU D 145 -11.01 151.23 7.19
CA LEU D 145 -12.20 151.68 6.50
C LEU D 145 -12.07 151.33 5.01
N TYR D 146 -13.20 151.42 4.32
CA TYR D 146 -13.39 151.31 2.87
C TYR D 146 -13.01 149.95 2.28
N CYS D 147 -12.64 148.94 3.05
CA CYS D 147 -12.89 147.58 2.55
C CYS D 147 -13.71 146.77 3.56
N MET D 148 -13.40 146.70 4.87
CA MET D 148 -12.08 146.83 5.54
C MET D 148 -11.52 145.40 5.63
N LYS D 149 -10.34 145.18 5.05
CA LYS D 149 -9.95 143.80 4.80
C LYS D 149 -8.97 143.29 5.87
N GLU D 150 -9.54 142.95 7.03
CA GLU D 150 -9.37 141.73 7.81
C GLU D 150 -10.19 141.83 9.08
N GLN D 151 -10.55 140.68 9.64
CA GLN D 151 -11.44 140.53 10.78
C GLN D 151 -11.16 139.20 11.47
N ALA D 152 -12.17 138.71 12.20
CA ALA D 152 -12.16 137.50 13.04
C ALA D 152 -11.47 136.32 12.38
N LEU D 153 -10.37 135.87 13.00
CA LEU D 153 -9.60 134.73 12.51
C LEU D 153 -9.81 133.55 13.46
N VAL D 154 -9.77 132.34 12.92
CA VAL D 154 -9.95 131.15 13.73
C VAL D 154 -8.61 130.43 13.87
N LYS D 155 -8.25 130.07 15.10
CA LYS D 155 -6.98 129.42 15.38
C LYS D 155 -7.24 128.14 16.18
N ARG D 156 -6.81 127.00 15.63
CA ARG D 156 -6.81 125.74 16.35
C ARG D 156 -5.39 125.17 16.34
N PHE D 157 -4.97 124.61 17.48
CA PHE D 157 -3.61 124.11 17.63
C PHE D 157 -3.58 122.94 18.60
N TYR D 158 -3.17 121.77 18.13
CA TYR D 158 -2.60 120.76 19.02
C TYR D 158 -1.27 121.25 19.56
N ARG D 159 -1.02 121.01 20.85
CA ARG D 159 0.23 121.46 21.45
C ARG D 159 0.53 120.56 22.66
N LEU D 160 1.46 119.62 22.47
CA LEU D 160 1.81 118.67 23.52
C LEU D 160 2.70 119.33 24.57
N ASN D 161 2.49 118.97 25.83
CA ASN D 161 3.17 119.60 26.96
C ASN D 161 3.45 118.53 28.01
N HIS D 162 3.78 118.95 29.23
CA HIS D 162 4.25 118.03 30.26
C HIS D 162 3.74 118.50 31.63
N HIS D 163 4.36 117.96 32.68
CA HIS D 163 3.77 117.78 34.00
C HIS D 163 3.67 119.10 34.79
N VAL D 164 2.72 119.09 35.74
CA VAL D 164 2.39 120.21 36.63
C VAL D 164 2.18 119.65 38.03
N THR D 165 2.65 120.36 39.07
CA THR D 165 2.45 119.94 40.45
C THR D 165 1.71 121.06 41.20
N TYR D 166 0.79 120.67 42.07
CA TYR D 166 0.22 121.57 43.07
C TYR D 166 0.87 121.36 44.43
N ASN D 167 0.96 122.43 45.21
CA ASN D 167 1.60 122.36 46.52
C ASN D 167 0.65 121.77 47.56
N HIS D 168 -0.46 122.46 47.82
CA HIS D 168 -1.35 122.05 48.89
C HIS D 168 -2.27 120.94 48.43
N GLN D 169 -2.84 120.23 49.41
CA GLN D 169 -3.80 119.16 49.18
C GLN D 169 -5.23 119.66 49.27
N GLU D 170 -5.43 120.95 49.03
CA GLU D 170 -6.73 121.59 49.11
C GLU D 170 -7.55 121.32 47.85
N ALA D 171 -8.84 121.64 47.93
CA ALA D 171 -9.69 121.74 46.75
C ALA D 171 -9.74 123.20 46.29
N GLY D 172 -8.54 123.76 46.08
CA GLY D 172 -8.37 125.18 45.91
C GLY D 172 -8.09 125.60 44.48
N LYS D 173 -8.00 126.92 44.31
CA LYS D 173 -7.79 127.57 43.02
C LYS D 173 -6.29 127.73 42.78
N TYR D 174 -5.92 128.62 41.84
CA TYR D 174 -4.55 128.83 41.39
C TYR D 174 -3.57 129.33 42.45
N GLU D 175 -4.04 129.68 43.65
CA GLU D 175 -3.18 130.34 44.63
C GLU D 175 -2.18 129.38 45.27
N ASN D 176 -2.50 128.09 45.33
CA ASN D 176 -1.67 127.12 46.05
C ASN D 176 -0.74 126.32 45.14
N HIS D 177 -0.19 126.95 44.12
CA HIS D 177 0.71 126.28 43.18
C HIS D 177 2.08 126.02 43.80
N THR D 178 2.92 125.35 43.01
CA THR D 178 4.33 125.10 43.31
C THR D 178 5.06 125.06 41.97
N GLU D 179 6.23 124.41 41.95
CA GLU D 179 7.06 124.24 40.75
C GLU D 179 6.28 123.67 39.58
N ASN D 180 6.73 124.06 38.37
CA ASN D 180 6.19 123.64 37.07
C ASN D 180 4.72 124.03 36.92
N ALA D 181 4.49 125.34 36.92
CA ALA D 181 3.24 125.91 36.45
C ALA D 181 3.36 126.25 34.97
N LEU D 182 2.23 126.56 34.35
CA LEU D 182 2.20 127.00 32.96
C LEU D 182 0.93 127.82 32.74
N LEU D 183 1.07 128.89 31.95
CA LEU D 183 -0.02 129.85 31.78
C LEU D 183 0.20 130.60 30.47
N LEU D 184 -0.70 131.53 30.18
CA LEU D 184 -0.70 132.26 28.93
C LEU D 184 -0.53 133.76 29.15
N TYR D 185 0.08 134.41 28.16
CA TYR D 185 0.05 135.85 28.04
C TYR D 185 -0.33 136.21 26.61
N MET D 186 -1.18 137.22 26.46
CA MET D 186 -1.57 137.74 25.16
C MET D 186 -1.11 139.19 25.06
N ALA D 187 -0.63 139.58 23.89
CA ALA D 187 0.00 140.88 23.72
C ALA D 187 -0.56 141.58 22.49
N CYS D 188 -0.94 142.84 22.66
CA CYS D 188 -1.27 143.73 21.56
C CYS D 188 -0.08 144.64 21.26
N THR D 189 -0.01 145.13 20.02
CA THR D 189 1.15 145.88 19.57
C THR D 189 0.83 147.34 19.23
N HIS D 190 -0.33 147.86 19.62
CA HIS D 190 -0.69 149.24 19.35
C HIS D 190 -1.47 149.81 20.53
N ALA D 191 -1.47 151.15 20.61
CA ALA D 191 -2.02 151.83 21.76
C ALA D 191 -3.54 151.72 21.86
N SER D 192 -4.22 151.54 20.73
CA SER D 192 -5.64 151.22 20.77
C SER D 192 -5.86 149.79 21.27
N ASN D 193 -7.09 149.51 21.68
CA ASN D 193 -7.40 148.15 22.10
C ASN D 193 -8.55 147.57 21.28
N PRO D 194 -8.31 147.13 20.04
CA PRO D 194 -9.41 146.56 19.25
C PRO D 194 -9.68 145.11 19.55
N VAL D 195 -8.72 144.40 20.13
CA VAL D 195 -8.72 142.93 20.16
C VAL D 195 -9.74 142.44 21.18
N TYR D 196 -10.77 141.77 20.69
CA TYR D 196 -11.70 141.02 21.53
C TYR D 196 -11.50 139.54 21.25
N ALA D 197 -10.55 138.95 21.98
CA ALA D 197 -10.13 137.58 21.75
C ALA D 197 -10.77 136.66 22.77
N THR D 198 -11.63 135.76 22.29
CA THR D 198 -12.27 134.76 23.13
C THR D 198 -11.76 133.39 22.72
N LEU D 199 -11.24 132.63 23.68
CA LEU D 199 -10.51 131.41 23.40
C LEU D 199 -11.06 130.27 24.23
N LYS D 200 -11.22 129.12 23.57
CA LYS D 200 -11.58 127.88 24.23
C LYS D 200 -10.34 127.00 24.36
N ILE D 201 -9.96 126.69 25.60
CA ILE D 201 -8.67 126.08 25.89
C ILE D 201 -8.93 124.74 26.57
N ARG D 202 -8.87 123.66 25.80
CA ARG D 202 -8.99 122.32 26.36
C ARG D 202 -7.64 121.82 26.87
N ILE D 203 -7.62 121.36 28.11
CA ILE D 203 -6.53 120.55 28.63
C ILE D 203 -7.11 119.20 29.00
N TYR D 204 -6.66 118.15 28.32
CA TYR D 204 -6.99 116.79 28.74
C TYR D 204 -5.70 116.06 29.09
N PHE D 205 -5.75 115.34 30.20
CA PHE D 205 -4.54 114.81 30.83
C PHE D 205 -4.83 113.53 31.61
N PRO E 16 35.49 120.70 -7.91
CA PRO E 16 34.29 120.05 -7.38
C PRO E 16 32.99 120.69 -7.88
N ASP E 17 33.10 121.71 -8.72
CA ASP E 17 31.94 122.47 -9.18
C ASP E 17 31.80 122.43 -10.70
N ILE E 18 32.89 122.57 -11.43
CA ILE E 18 32.87 122.82 -12.87
C ILE E 18 33.25 121.56 -13.67
N PRO E 19 32.66 121.35 -14.84
CA PRO E 19 33.04 120.20 -15.67
C PRO E 19 34.04 120.51 -16.77
N ARG E 20 34.51 121.75 -16.92
CA ARG E 20 35.25 122.14 -18.11
C ARG E 20 36.73 122.41 -17.84
N GLY E 21 37.05 123.34 -16.94
CA GLY E 21 38.42 123.76 -16.73
C GLY E 21 38.62 124.47 -15.41
N CYS E 22 39.83 124.39 -14.87
CA CYS E 22 40.14 124.80 -13.51
C CYS E 22 40.33 126.31 -13.36
N GLU E 23 39.85 127.11 -14.31
CA GLU E 23 39.77 128.55 -14.12
C GLU E 23 38.79 128.89 -13.01
N GLY E 24 38.95 130.08 -12.44
CA GLY E 24 38.02 130.60 -11.47
C GLY E 24 36.68 130.89 -12.12
N PRO E 25 35.58 130.57 -11.42
CA PRO E 25 34.25 130.84 -11.98
C PRO E 25 33.95 132.32 -12.02
N CYS E 26 34.49 132.99 -13.04
CA CYS E 26 34.49 134.45 -13.09
C CYS E 26 33.10 134.99 -13.43
N LYS E 27 32.72 136.06 -12.73
CA LYS E 27 31.41 136.67 -12.91
C LYS E 27 31.47 137.72 -14.02
N VAL E 28 30.50 137.65 -14.93
CA VAL E 28 30.26 138.71 -15.91
C VAL E 28 28.79 139.07 -15.80
N GLN E 29 28.51 140.22 -15.19
CA GLN E 29 27.16 140.60 -14.85
C GLN E 29 26.62 141.61 -15.86
N SER E 30 25.45 141.28 -16.42
CA SER E 30 24.77 142.15 -17.36
C SER E 30 23.66 142.85 -16.59
N PHE E 31 24.02 143.91 -15.87
CA PHE E 31 23.01 144.74 -15.23
C PHE E 31 22.28 145.55 -16.29
N GLU E 32 20.98 145.69 -16.09
CA GLU E 32 20.19 146.61 -16.89
C GLU E 32 19.46 147.57 -15.96
N GLN E 33 19.31 148.80 -16.42
CA GLN E 33 18.37 149.76 -15.85
C GLN E 33 17.51 150.16 -17.04
N ARG E 34 16.51 149.32 -17.32
CA ARG E 34 15.76 149.40 -18.58
C ARG E 34 14.27 149.23 -18.34
N ASP E 35 13.54 149.04 -19.42
CA ASP E 35 12.13 148.68 -19.39
C ASP E 35 11.86 147.82 -20.60
N ASP E 36 10.59 147.66 -20.95
CA ASP E 36 10.22 146.94 -22.16
C ASP E 36 9.04 147.66 -22.80
N VAL E 37 8.52 147.03 -23.85
CA VAL E 37 7.24 147.41 -24.44
C VAL E 37 6.35 146.17 -24.32
N LYS E 38 5.14 146.23 -24.87
CA LYS E 38 4.28 145.06 -24.86
C LYS E 38 4.87 143.91 -25.67
N HIS E 39 5.47 144.22 -26.82
CA HIS E 39 5.92 143.18 -27.73
C HIS E 39 7.21 142.52 -27.26
N LEU E 40 8.21 143.33 -26.88
CA LEU E 40 9.52 142.75 -26.69
C LEU E 40 10.34 143.55 -25.69
N GLY E 41 11.07 142.81 -24.85
CA GLY E 41 12.25 143.34 -24.21
C GLY E 41 13.40 142.41 -24.51
N ILE E 42 14.36 142.85 -25.30
CA ILE E 42 15.39 141.96 -25.83
C ILE E 42 16.70 142.19 -25.08
N CYS E 43 17.32 141.09 -24.68
CA CYS E 43 18.56 141.15 -23.91
C CYS E 43 19.42 139.95 -24.30
N LYS E 44 20.40 140.16 -25.19
CA LYS E 44 21.48 139.19 -25.30
C LYS E 44 22.37 139.31 -24.08
N VAL E 45 22.37 138.25 -23.27
CA VAL E 45 23.01 138.32 -21.95
C VAL E 45 24.52 138.09 -22.08
N ILE E 46 24.96 137.52 -23.19
CA ILE E 46 26.35 137.16 -23.39
C ILE E 46 27.07 138.21 -24.24
N SER E 47 26.54 139.43 -24.26
CA SER E 47 26.90 140.43 -25.27
C SER E 47 28.28 141.01 -25.02
N ASP E 48 28.48 141.63 -23.86
CA ASP E 48 29.68 142.42 -23.58
C ASP E 48 30.88 141.58 -23.14
N VAL E 49 30.90 140.29 -23.43
CA VAL E 49 32.00 139.42 -22.99
C VAL E 49 33.06 139.43 -24.08
N THR E 50 34.11 140.23 -23.88
CA THR E 50 35.21 140.36 -24.82
C THR E 50 36.46 139.67 -24.26
N ARG E 51 37.46 139.47 -25.12
CA ARG E 51 38.72 138.88 -24.68
C ARG E 51 39.51 139.90 -23.86
N GLY E 52 39.98 139.47 -22.69
CA GLY E 52 40.77 140.32 -21.83
C GLY E 52 41.26 139.57 -20.61
N PRO E 53 42.23 140.15 -19.88
CA PRO E 53 42.77 139.47 -18.70
C PRO E 53 41.87 139.54 -17.48
N GLY E 54 40.95 140.50 -17.42
CA GLY E 54 40.11 140.66 -16.25
C GLY E 54 39.05 139.58 -16.13
N LEU E 55 38.41 139.55 -14.96
CA LEU E 55 37.36 138.57 -14.70
C LEU E 55 36.02 138.95 -15.30
N THR E 56 35.88 140.17 -15.83
CA THR E 56 34.73 140.54 -16.65
C THR E 56 34.97 140.26 -18.13
N HIS E 57 35.82 139.28 -18.44
CA HIS E 57 36.27 139.02 -19.79
C HIS E 57 36.31 137.51 -20.00
N ARG E 58 36.96 137.08 -21.07
CA ARG E 58 36.96 135.69 -21.46
C ARG E 58 38.34 135.29 -22.00
N VAL E 59 38.60 133.98 -21.96
CA VAL E 59 39.81 133.39 -22.50
C VAL E 59 39.39 132.43 -23.61
N GLY E 60 39.71 132.79 -24.85
CA GLY E 60 39.34 131.97 -26.00
C GLY E 60 37.95 132.26 -26.51
N LYS E 61 37.24 131.21 -26.94
CA LYS E 61 35.90 131.38 -27.49
C LYS E 61 34.96 130.26 -27.05
N ARG E 62 35.27 129.60 -25.93
CA ARG E 62 34.47 128.49 -25.43
C ARG E 62 33.98 128.80 -24.02
N PHE E 63 32.67 128.70 -23.82
CA PHE E 63 32.05 128.91 -22.51
C PHE E 63 31.40 127.63 -22.04
N CYS E 64 31.23 127.52 -20.73
CA CYS E 64 30.29 126.60 -20.10
C CYS E 64 29.66 127.38 -18.95
N ILE E 65 28.51 128.01 -19.23
CA ILE E 65 27.81 128.80 -18.23
C ILE E 65 27.30 127.88 -17.13
N LYS E 66 27.81 128.07 -15.92
CA LYS E 66 27.39 127.24 -14.79
C LYS E 66 25.96 127.59 -14.37
N SER E 67 25.71 128.86 -14.10
CA SER E 67 24.37 129.27 -13.70
C SER E 67 24.15 130.73 -14.04
N ILE E 68 22.90 131.05 -14.38
CA ILE E 68 22.41 132.41 -14.50
C ILE E 68 21.66 132.75 -13.23
N TYR E 69 22.07 133.81 -12.55
CA TYR E 69 21.47 134.26 -11.31
C TYR E 69 20.75 135.58 -11.57
N ILE E 70 19.42 135.51 -11.63
CA ILE E 70 18.60 136.66 -12.03
C ILE E 70 18.09 137.34 -10.77
N LEU E 71 18.63 138.52 -10.49
CA LEU E 71 18.00 139.46 -9.58
C LEU E 71 17.14 140.42 -10.39
N GLY E 72 16.28 141.15 -9.68
CA GLY E 72 15.47 142.13 -10.36
C GLY E 72 14.27 142.63 -9.59
N LYS E 73 14.00 143.92 -9.70
CA LYS E 73 12.80 144.54 -9.15
C LYS E 73 11.97 145.09 -10.29
N ILE E 74 10.70 144.68 -10.33
CA ILE E 74 9.81 144.97 -11.45
C ILE E 74 8.68 145.85 -10.91
N TRP E 75 8.69 147.13 -11.26
CA TRP E 75 7.72 148.05 -10.70
C TRP E 75 6.96 148.78 -11.80
N LEU E 76 6.02 149.60 -11.34
CA LEU E 76 5.35 150.62 -12.14
C LEU E 76 5.18 151.91 -11.36
N ASP E 77 6.07 152.19 -10.39
CA ASP E 77 5.82 153.19 -9.37
C ASP E 77 6.20 154.60 -9.85
N GLU E 78 6.26 154.82 -11.15
CA GLU E 78 6.18 156.15 -11.72
C GLU E 78 4.82 156.75 -11.40
N THR E 79 4.74 158.09 -11.37
CA THR E 79 3.51 158.78 -10.98
C THR E 79 2.36 158.63 -12.00
N ILE E 80 2.63 158.00 -13.14
CA ILE E 80 1.65 157.75 -14.18
C ILE E 80 1.52 156.23 -14.20
N LYS E 81 0.69 155.69 -15.12
CA LYS E 81 0.42 154.27 -15.32
C LYS E 81 -0.29 153.65 -14.12
N LYS E 82 -1.14 154.43 -13.47
CA LYS E 82 -2.17 153.89 -12.59
C LYS E 82 -3.46 153.55 -13.32
N GLN E 83 -3.79 154.25 -14.41
CA GLN E 83 -4.84 153.81 -15.30
C GLN E 83 -4.27 152.79 -16.29
N ASN E 84 -5.19 152.10 -17.00
CA ASN E 84 -4.92 151.02 -17.94
C ASN E 84 -4.09 149.92 -17.27
N HIS E 85 -4.47 149.60 -16.02
CA HIS E 85 -3.62 148.86 -15.10
C HIS E 85 -3.83 147.35 -15.13
N THR E 86 -3.28 146.68 -14.11
CA THR E 86 -3.28 145.23 -13.93
C THR E 86 -2.59 144.47 -15.05
N ASN E 87 -1.28 144.65 -15.21
CA ASN E 87 -0.49 143.90 -16.18
C ASN E 87 0.45 142.96 -15.43
N ASN E 88 0.90 141.91 -16.11
CA ASN E 88 1.85 140.97 -15.54
C ASN E 88 2.98 140.70 -16.52
N VAL E 89 4.08 140.17 -16.00
CA VAL E 89 5.31 139.98 -16.76
C VAL E 89 5.60 138.49 -16.83
N ILE E 90 5.79 137.98 -18.05
CA ILE E 90 6.20 136.60 -18.28
C ILE E 90 7.62 136.64 -18.80
N PHE E 91 8.54 135.95 -18.13
CA PHE E 91 9.92 135.91 -18.59
C PHE E 91 10.16 134.70 -19.47
N TYR E 92 11.14 134.83 -20.36
CA TYR E 92 11.50 133.78 -21.29
C TYR E 92 13.01 133.69 -21.37
N LEU E 93 13.56 132.52 -21.03
CA LEU E 93 14.99 132.28 -21.08
C LEU E 93 15.20 131.15 -22.08
N LEU E 94 15.69 131.49 -23.27
CA LEU E 94 15.69 130.57 -24.40
C LEU E 94 17.10 130.08 -24.67
N ARG E 95 17.21 128.81 -25.05
CA ARG E 95 18.47 128.27 -25.59
C ARG E 95 18.43 128.44 -27.10
N ASP E 96 19.26 129.35 -27.61
CA ASP E 96 19.30 129.65 -29.03
C ASP E 96 20.22 128.68 -29.75
N ARG E 97 19.93 128.44 -31.03
CA ARG E 97 20.70 127.50 -31.83
C ARG E 97 21.63 128.16 -32.83
N ARG E 98 21.34 129.37 -33.33
CA ARG E 98 22.16 130.03 -34.33
C ARG E 98 21.93 131.54 -34.24
N PRO E 99 22.94 132.35 -34.53
CA PRO E 99 22.74 133.80 -34.55
C PRO E 99 22.51 134.34 -35.95
N TYR E 100 22.02 135.58 -36.04
CA TYR E 100 22.07 136.36 -37.28
C TYR E 100 22.44 137.79 -36.90
N GLY E 101 23.75 138.05 -36.83
CA GLY E 101 24.25 139.37 -36.51
C GLY E 101 23.83 139.88 -35.14
N ASN E 102 22.89 140.82 -35.14
CA ASN E 102 22.28 141.34 -33.93
C ASN E 102 21.18 140.40 -33.44
N ALA E 103 20.37 140.87 -32.50
CA ALA E 103 19.29 140.05 -31.97
C ALA E 103 18.14 139.98 -32.96
N PRO E 104 17.50 138.82 -33.11
CA PRO E 104 16.35 138.72 -34.02
C PRO E 104 15.08 139.31 -33.44
N GLN E 105 13.97 139.15 -34.15
CA GLN E 105 12.68 139.63 -33.69
C GLN E 105 12.19 138.79 -32.52
N ASP E 106 11.13 139.28 -31.86
CA ASP E 106 10.42 138.49 -30.87
C ASP E 106 9.06 138.02 -31.40
N PHE E 107 8.19 138.96 -31.77
CA PHE E 107 6.83 138.61 -32.17
C PHE E 107 6.82 137.91 -33.53
N GLY E 108 7.81 138.17 -34.37
CA GLY E 108 7.99 137.42 -35.58
C GLY E 108 8.80 136.16 -35.43
N GLN E 109 9.24 135.84 -34.21
CA GLN E 109 10.01 134.63 -33.95
C GLN E 109 9.27 133.64 -33.07
N ILE E 110 8.81 134.05 -31.89
CA ILE E 110 7.87 133.20 -31.16
C ILE E 110 6.49 133.36 -31.78
N PHE E 111 5.63 132.38 -31.52
CA PHE E 111 4.55 132.09 -32.46
C PHE E 111 3.37 133.05 -32.32
N ASN E 112 2.72 133.08 -31.16
CA ASN E 112 1.41 133.72 -31.08
C ASN E 112 1.47 134.82 -30.03
N MET E 113 0.31 135.42 -29.75
CA MET E 113 0.23 136.64 -28.94
C MET E 113 0.35 136.30 -27.44
N PHE E 114 1.59 136.38 -26.96
CA PHE E 114 2.03 136.64 -25.59
C PHE E 114 1.81 135.47 -24.64
N ASP E 115 1.14 134.40 -25.07
CA ASP E 115 1.08 133.13 -24.34
C ASP E 115 1.33 132.03 -25.37
N ASN E 116 2.60 131.69 -25.55
CA ASN E 116 2.99 130.92 -26.73
C ASN E 116 4.26 130.14 -26.49
N GLU E 117 4.81 129.63 -27.59
CA GLU E 117 6.03 128.86 -27.73
C GLU E 117 6.73 129.40 -28.97
N PRO E 118 7.98 129.00 -29.27
CA PRO E 118 8.54 129.33 -30.59
C PRO E 118 7.78 128.65 -31.71
N SER E 119 7.91 129.22 -32.91
CA SER E 119 7.18 128.76 -34.07
C SER E 119 7.69 127.40 -34.54
N THR E 120 6.86 126.74 -35.35
CA THR E 120 7.18 125.41 -35.86
C THR E 120 8.36 125.41 -36.83
N ALA E 121 8.58 126.53 -37.52
CA ALA E 121 9.69 126.64 -38.45
C ALA E 121 10.97 127.16 -37.80
N THR E 122 10.98 127.35 -36.48
CA THR E 122 12.10 127.97 -35.79
C THR E 122 12.83 127.04 -34.84
N ILE E 123 12.32 125.83 -34.62
CA ILE E 123 12.91 124.91 -33.66
C ILE E 123 14.23 124.33 -34.18
N PHE E 131 13.77 127.85 -31.91
CA PHE E 131 14.85 127.92 -30.94
C PHE E 131 14.39 127.24 -29.66
N GLN E 132 15.32 126.62 -28.95
CA GLN E 132 14.95 125.89 -27.75
C GLN E 132 14.65 126.85 -26.60
N VAL E 133 13.89 126.35 -25.65
CA VAL E 133 13.46 127.08 -24.46
C VAL E 133 14.15 126.42 -23.28
N LEU E 134 14.45 127.19 -22.24
CA LEU E 134 14.84 126.55 -20.98
C LEU E 134 13.72 126.59 -19.94
N ARG E 135 13.32 127.79 -19.49
CA ARG E 135 12.22 127.91 -18.52
C ARG E 135 11.52 129.26 -18.69
N LYS E 136 10.51 129.47 -17.84
CA LYS E 136 9.73 130.70 -17.80
C LYS E 136 9.69 131.22 -16.36
N PHE E 137 9.14 132.42 -16.18
CA PHE E 137 8.93 132.98 -14.85
C PHE E 137 7.63 133.78 -14.85
N HIS E 138 7.29 134.34 -13.69
CA HIS E 138 6.09 135.16 -13.53
C HIS E 138 6.41 136.36 -12.67
N ALA E 139 5.70 137.46 -12.94
CA ALA E 139 5.78 138.67 -12.13
C ALA E 139 4.48 139.44 -12.37
N THR E 140 3.68 139.63 -11.33
CA THR E 140 2.35 140.20 -11.44
C THR E 140 2.29 141.51 -10.66
N VAL E 141 2.24 142.63 -11.38
CA VAL E 141 2.16 143.95 -10.75
C VAL E 141 0.82 144.59 -11.08
N VAL E 142 -0.10 144.53 -10.12
CA VAL E 142 -1.47 145.00 -10.36
C VAL E 142 -1.76 146.22 -9.47
N GLY E 143 -1.62 147.41 -10.04
CA GLY E 143 -1.89 148.61 -9.26
C GLY E 143 -2.71 149.66 -9.97
N GLY E 144 -3.90 149.95 -9.46
CA GLY E 144 -4.76 150.95 -10.07
C GLY E 144 -4.93 152.18 -9.19
N LEU E 145 -6.10 152.30 -8.57
CA LEU E 145 -6.38 153.41 -7.67
C LEU E 145 -7.05 152.88 -6.42
N TYR E 146 -7.08 153.72 -5.39
CA TYR E 146 -7.78 153.57 -4.11
C TYR E 146 -7.31 152.40 -3.25
N CYS E 147 -6.28 151.65 -3.61
CA CYS E 147 -5.51 151.01 -2.56
C CYS E 147 -4.01 151.36 -2.64
N MET E 148 -3.32 151.28 -3.80
CA MET E 148 -3.53 150.41 -4.97
C MET E 148 -2.67 149.15 -4.71
N LYS E 149 -3.30 147.99 -4.69
CA LYS E 149 -2.62 146.85 -4.10
C LYS E 149 -2.01 145.94 -5.17
N GLU E 150 -0.88 146.39 -5.70
CA GLU E 150 0.40 145.68 -5.89
C GLU E 150 1.39 146.61 -6.58
N GLN E 151 2.68 146.34 -6.38
CA GLN E 151 3.80 147.15 -6.84
C GLN E 151 5.04 146.29 -6.96
N ALA E 152 6.20 146.94 -6.88
CA ALA E 152 7.55 146.38 -7.06
C ALA E 152 7.75 145.05 -6.36
N LEU E 153 8.01 144.00 -7.16
CA LEU E 153 8.24 142.67 -6.64
C LEU E 153 9.72 142.31 -6.82
N VAL E 154 10.24 141.51 -5.91
CA VAL E 154 11.64 141.09 -5.98
C VAL E 154 11.71 139.64 -6.40
N LYS E 155 12.55 139.34 -7.40
CA LYS E 155 12.70 137.99 -7.91
C LYS E 155 14.18 137.60 -7.91
N ARG E 156 14.50 136.52 -7.20
CA ARG E 156 15.83 135.92 -7.25
C ARG E 156 15.68 134.45 -7.65
N PHE E 157 16.58 133.98 -8.49
CA PHE E 157 16.51 132.61 -9.02
C PHE E 157 17.89 132.09 -9.33
N TYR E 158 18.29 131.01 -8.66
CA TYR E 158 19.33 130.13 -9.20
C TYR E 158 18.78 129.41 -10.42
N ARG E 159 19.61 129.29 -11.47
CA ARG E 159 19.16 128.63 -12.70
C ARG E 159 20.39 128.07 -13.41
N LEU E 160 20.60 126.76 -13.29
CA LEU E 160 21.75 126.11 -13.89
C LEU E 160 21.56 125.92 -15.39
N ASN E 161 22.63 126.11 -16.15
CA ASN E 161 22.57 126.08 -17.61
C ASN E 161 23.85 125.43 -18.14
N HIS E 162 24.14 125.59 -19.42
CA HIS E 162 25.22 124.86 -20.07
C HIS E 162 25.89 125.75 -21.13
N HIS E 163 26.65 125.12 -22.02
CA HIS E 163 27.77 125.70 -22.74
C HIS E 163 27.34 126.66 -23.85
N VAL E 164 28.27 127.57 -24.18
CA VAL E 164 28.11 128.62 -25.19
C VAL E 164 29.42 128.69 -25.99
N THR E 165 29.34 128.91 -27.29
CA THR E 165 30.52 129.06 -28.13
C THR E 165 30.46 130.40 -28.87
N TYR E 166 31.61 131.08 -28.98
CA TYR E 166 31.75 132.21 -29.89
C TYR E 166 32.45 131.78 -31.17
N ASN E 167 32.10 132.44 -32.27
CA ASN E 167 32.68 132.11 -33.57
C ASN E 167 34.08 132.71 -33.72
N HIS E 168 34.15 134.03 -33.73
CA HIS E 168 35.42 134.70 -34.01
C HIS E 168 36.30 134.73 -32.76
N GLN E 169 37.60 134.95 -33.00
CA GLN E 169 38.59 135.08 -31.95
C GLN E 169 38.84 136.53 -31.59
N GLU E 170 37.86 137.39 -31.83
CA GLU E 170 37.94 138.81 -31.58
C GLU E 170 37.71 139.12 -30.10
N ALA E 171 38.03 140.35 -29.72
CA ALA E 171 37.59 140.90 -28.44
C ALA E 171 36.30 141.70 -28.65
N GLY E 172 35.31 141.01 -29.25
CA GLY E 172 34.13 141.65 -29.78
C GLY E 172 32.88 141.43 -28.94
N LYS E 173 31.82 142.08 -29.38
CA LYS E 173 30.52 142.07 -28.72
C LYS E 173 29.68 140.92 -29.27
N TYR E 174 28.36 140.96 -29.06
CA TYR E 174 27.41 139.90 -29.39
C TYR E 174 27.30 139.57 -30.87
N GLU E 175 27.94 140.35 -31.77
CA GLU E 175 27.71 140.18 -33.20
C GLU E 175 28.39 138.93 -33.75
N ASN E 176 29.47 138.46 -33.14
CA ASN E 176 30.27 137.36 -33.69
C ASN E 176 29.95 136.02 -33.05
N HIS E 177 28.67 135.75 -32.75
CA HIS E 177 28.28 134.51 -32.13
C HIS E 177 28.29 133.34 -33.12
N THR E 178 27.99 132.16 -32.61
CA THR E 178 27.80 130.94 -33.37
C THR E 178 26.76 130.10 -32.61
N GLU E 179 26.77 128.79 -32.87
CA GLU E 179 25.87 127.82 -32.22
C GLU E 179 25.89 127.94 -30.69
N ASN E 180 24.74 127.61 -30.10
CA ASN E 180 24.48 127.58 -28.65
C ASN E 180 24.67 128.97 -28.03
N ALA E 181 23.81 129.88 -28.48
CA ALA E 181 23.62 131.15 -27.78
C ALA E 181 22.46 131.00 -26.79
N LEU E 182 22.32 131.99 -25.92
CA LEU E 182 21.20 132.04 -24.99
C LEU E 182 20.96 133.49 -24.58
N LEU E 183 19.69 133.86 -24.46
CA LEU E 183 19.33 135.25 -24.23
C LEU E 183 17.94 135.29 -23.60
N LEU E 184 17.45 136.50 -23.34
CA LEU E 184 16.19 136.71 -22.64
C LEU E 184 15.19 137.46 -23.51
N TYR E 185 13.92 137.18 -23.28
CA TYR E 185 12.81 138.01 -23.76
C TYR E 185 11.88 138.28 -22.60
N MET E 186 11.40 139.51 -22.52
CA MET E 186 10.41 139.91 -21.53
C MET E 186 9.15 140.35 -22.24
N ALA E 187 8.00 140.00 -21.69
CA ALA E 187 6.72 140.21 -22.37
C ALA E 187 5.72 140.86 -21.43
N CYS E 188 5.06 141.91 -21.92
CA CYS E 188 3.91 142.49 -21.26
C CYS E 188 2.63 142.01 -21.93
N THR E 189 1.54 142.03 -21.18
CA THR E 189 0.28 141.45 -21.64
C THR E 189 -0.83 142.48 -21.83
N HIS E 190 -0.52 143.77 -21.84
CA HIS E 190 -1.53 144.81 -22.03
C HIS E 190 -0.95 145.94 -22.84
N ALA E 191 -1.85 146.71 -23.46
CA ALA E 191 -1.45 147.74 -24.42
C ALA E 191 -0.74 148.91 -23.76
N SER E 192 -1.00 149.18 -22.49
CA SER E 192 -0.21 150.16 -21.76
C SER E 192 1.18 149.60 -21.48
N ASN E 193 2.11 150.49 -21.13
CA ASN E 193 3.44 150.04 -20.77
C ASN E 193 3.80 150.52 -19.36
N PRO E 194 3.31 149.86 -18.30
CA PRO E 194 3.66 150.31 -16.94
C PRO E 194 4.99 149.75 -16.47
N VAL E 195 5.47 148.66 -17.07
CA VAL E 195 6.52 147.84 -16.49
C VAL E 195 7.87 148.54 -16.65
N TYR E 196 8.46 148.92 -15.52
CA TYR E 196 9.84 149.38 -15.46
C TYR E 196 10.67 148.33 -14.71
N ALA E 197 11.14 147.35 -15.48
CA ALA E 197 11.81 146.18 -14.92
C ALA E 197 13.33 146.35 -15.06
N THR E 198 14.01 146.46 -13.93
CA THR E 198 15.46 146.53 -13.90
C THR E 198 16.00 145.28 -13.23
N LEU E 199 16.90 144.59 -13.92
CA LEU E 199 17.33 143.26 -13.53
C LEU E 199 18.85 143.20 -13.46
N LYS E 200 19.35 142.56 -12.40
CA LYS E 200 20.76 142.26 -12.25
C LYS E 200 20.97 140.78 -12.55
N ILE E 201 21.78 140.49 -13.56
CA ILE E 201 21.89 139.15 -14.13
C ILE E 201 23.34 138.72 -14.01
N ARG E 202 23.64 137.92 -12.98
CA ARG E 202 24.97 137.35 -12.82
C ARG E 202 25.10 136.07 -13.61
N ILE E 203 26.15 135.99 -14.43
CA ILE E 203 26.61 134.72 -15.00
C ILE E 203 28.02 134.49 -14.47
N TYR E 204 28.20 133.42 -13.70
CA TYR E 204 29.53 132.97 -13.33
C TYR E 204 29.76 131.58 -13.88
N PHE E 205 30.95 131.38 -14.45
CA PHE E 205 31.23 130.22 -15.28
C PHE E 205 32.71 129.85 -15.24
N PRO F 16 -17.65 75.95 -11.90
CA PRO F 16 -16.85 75.15 -12.85
C PRO F 16 -17.16 75.46 -14.31
N ASP F 17 -18.09 76.39 -14.55
CA ASP F 17 -18.55 76.70 -15.90
C ASP F 17 -18.32 78.16 -16.27
N ILE F 18 -18.59 79.08 -15.35
CA ILE F 18 -18.66 80.51 -15.64
C ILE F 18 -17.43 81.25 -15.15
N PRO F 19 -16.97 82.29 -15.86
CA PRO F 19 -15.83 83.08 -15.39
C PRO F 19 -16.20 84.37 -14.65
N ARG F 20 -17.48 84.68 -14.48
CA ARG F 20 -17.87 86.01 -14.03
C ARG F 20 -18.44 86.03 -12.61
N GLY F 21 -19.51 85.28 -12.35
CA GLY F 21 -20.21 85.35 -11.08
C GLY F 21 -21.09 84.15 -10.84
N CYS F 22 -21.29 83.82 -9.57
CA CYS F 22 -21.90 82.57 -9.13
C CYS F 22 -23.43 82.56 -9.25
N GLU F 23 -24.01 83.47 -10.02
CA GLU F 23 -25.42 83.40 -10.36
C GLU F 23 -25.69 82.15 -11.21
N GLY F 24 -26.95 81.72 -11.20
CA GLY F 24 -27.39 80.65 -12.05
C GLY F 24 -27.33 81.07 -13.51
N PRO F 25 -26.90 80.17 -14.39
CA PRO F 25 -26.85 80.50 -15.82
C PRO F 25 -28.24 80.60 -16.43
N CYS F 26 -28.88 81.75 -16.21
CA CYS F 26 -30.29 81.91 -16.52
C CYS F 26 -30.52 82.04 -18.02
N LYS F 27 -31.57 81.38 -18.49
CA LYS F 27 -31.90 81.37 -19.91
C LYS F 27 -32.80 82.55 -20.24
N VAL F 28 -32.46 83.27 -21.31
CA VAL F 28 -33.32 84.27 -21.92
C VAL F 28 -33.42 83.93 -23.39
N GLN F 29 -34.55 83.38 -23.81
CA GLN F 29 -34.71 82.83 -25.13
C GLN F 29 -35.48 83.80 -26.02
N SER F 30 -34.95 84.07 -27.23
CA SER F 30 -35.59 84.91 -28.24
C SER F 30 -36.11 83.97 -29.32
N PHE F 31 -37.27 83.38 -29.07
CA PHE F 31 -37.94 82.61 -30.11
C PHE F 31 -38.50 83.55 -31.16
N GLU F 32 -38.39 83.13 -32.41
CA GLU F 32 -39.07 83.79 -33.50
C GLU F 32 -39.93 82.79 -34.25
N GLN F 33 -41.07 83.28 -34.73
CA GLN F 33 -41.86 82.58 -35.74
C GLN F 33 -41.99 83.61 -36.86
N ARG F 34 -40.96 83.69 -37.69
CA ARG F 34 -40.79 84.78 -38.64
C ARG F 34 -40.34 84.26 -39.99
N ASP F 35 -39.92 85.19 -40.84
CA ASP F 35 -39.30 84.88 -42.12
C ASP F 35 -38.30 85.98 -42.41
N ASP F 36 -37.87 86.08 -43.66
CA ASP F 36 -37.00 87.18 -44.07
C ASP F 36 -37.40 87.63 -45.46
N VAL F 37 -36.60 88.53 -46.01
CA VAL F 37 -36.67 88.89 -47.42
C VAL F 37 -35.30 88.56 -47.99
N LYS F 38 -35.06 88.89 -49.26
CA LYS F 38 -33.75 88.67 -49.85
C LYS F 38 -32.68 89.52 -49.17
N HIS F 39 -33.01 90.77 -48.85
CA HIS F 39 -32.01 91.70 -48.36
C HIS F 39 -31.67 91.45 -46.90
N LEU F 40 -32.68 91.28 -46.05
CA LEU F 40 -32.40 91.32 -44.62
C LEU F 40 -33.41 90.52 -43.83
N GLY F 41 -32.91 89.79 -42.84
CA GLY F 41 -33.71 89.39 -41.70
C GLY F 41 -33.00 89.86 -40.45
N ILE F 42 -33.56 90.84 -39.75
CA ILE F 42 -32.86 91.50 -38.66
C ILE F 42 -33.40 91.01 -37.33
N CYS F 43 -32.48 90.68 -36.43
CA CYS F 43 -32.84 90.15 -35.11
C CYS F 43 -31.81 90.65 -34.10
N LYS F 44 -32.14 91.70 -33.36
CA LYS F 44 -31.40 91.98 -32.13
C LYS F 44 -31.78 90.94 -31.09
N VAL F 45 -30.84 90.09 -30.68
CA VAL F 45 -31.14 88.93 -29.87
C VAL F 45 -31.20 89.32 -28.39
N ILE F 46 -30.64 90.48 -28.03
CA ILE F 46 -30.53 90.92 -26.65
C ILE F 46 -31.63 91.93 -26.33
N SER F 47 -32.73 91.91 -27.09
CA SER F 47 -33.68 93.01 -27.12
C SER F 47 -34.55 93.05 -25.87
N ASP F 48 -35.28 91.98 -25.61
CA ASP F 48 -36.31 91.97 -24.57
C ASP F 48 -35.75 91.73 -23.17
N VAL F 49 -34.46 91.96 -22.92
CA VAL F 49 -33.88 91.69 -21.62
C VAL F 49 -34.00 92.96 -20.78
N THR F 50 -34.99 92.99 -19.90
CA THR F 50 -35.26 94.13 -19.03
C THR F 50 -34.87 93.78 -17.59
N ARG F 51 -34.80 94.80 -16.74
CA ARG F 51 -34.52 94.57 -15.33
C ARG F 51 -35.73 93.98 -14.63
N GLY F 52 -35.50 92.89 -13.89
CA GLY F 52 -36.55 92.24 -13.15
C GLY F 52 -36.01 91.10 -12.30
N PRO F 53 -36.83 90.59 -11.38
CA PRO F 53 -36.36 89.51 -10.51
C PRO F 53 -36.37 88.14 -11.18
N GLY F 54 -37.12 87.95 -12.25
CA GLY F 54 -37.22 86.65 -12.89
C GLY F 54 -35.96 86.29 -13.67
N LEU F 55 -35.91 85.03 -14.08
CA LEU F 55 -34.77 84.52 -14.82
C LEU F 55 -34.83 84.87 -16.31
N THR F 56 -35.95 85.44 -16.78
CA THR F 56 -36.03 86.03 -18.11
C THR F 56 -35.68 87.52 -18.08
N HIS F 57 -34.86 87.93 -17.12
CA HIS F 57 -34.58 89.33 -16.87
C HIS F 57 -33.10 89.47 -16.55
N ARG F 58 -32.71 90.63 -16.02
CA ARG F 58 -31.31 90.95 -15.80
C ARG F 58 -31.14 91.70 -14.49
N VAL F 59 -29.92 91.65 -13.96
CA VAL F 59 -29.53 92.39 -12.77
C VAL F 59 -28.43 93.36 -13.17
N GLY F 60 -28.73 94.65 -13.15
CA GLY F 60 -27.77 95.66 -13.54
C GLY F 60 -27.73 95.92 -15.03
N LYS F 61 -26.54 96.17 -15.57
CA LYS F 61 -26.40 96.46 -16.99
C LYS F 61 -25.15 95.81 -17.59
N ARG F 62 -24.67 94.74 -16.96
CA ARG F 62 -23.46 94.04 -17.41
C ARG F 62 -23.79 92.58 -17.70
N PHE F 63 -23.46 92.13 -18.90
CA PHE F 63 -23.65 90.75 -19.31
C PHE F 63 -22.31 90.09 -19.61
N CYS F 64 -22.31 88.75 -19.51
CA CYS F 64 -21.27 87.91 -20.12
C CYS F 64 -22.01 86.71 -20.70
N ILE F 65 -22.36 86.80 -21.98
CA ILE F 65 -23.08 85.72 -22.66
C ILE F 65 -22.17 84.51 -22.77
N LYS F 66 -22.55 83.42 -22.11
CA LYS F 66 -21.74 82.20 -22.16
C LYS F 66 -21.84 81.55 -23.53
N SER F 67 -23.06 81.29 -24.00
CA SER F 67 -23.22 80.66 -25.30
C SER F 67 -24.58 81.02 -25.89
N ILE F 68 -24.61 81.15 -27.21
CA ILE F 68 -25.84 81.23 -27.98
C ILE F 68 -26.11 79.86 -28.56
N TYR F 69 -27.29 79.33 -28.28
CA TYR F 69 -27.71 78.01 -28.73
C TYR F 69 -28.83 78.18 -29.76
N ILE F 70 -28.50 78.01 -31.02
CA ILE F 70 -29.41 78.30 -32.12
C ILE F 70 -30.09 77.00 -32.54
N LEU F 71 -31.37 76.88 -32.23
CA LEU F 71 -32.24 75.91 -32.87
C LEU F 71 -32.94 76.58 -34.05
N GLY F 72 -33.54 75.76 -34.90
CA GLY F 72 -34.28 76.33 -36.00
C GLY F 72 -34.59 75.38 -37.13
N LYS F 73 -35.80 75.49 -37.68
CA LYS F 73 -36.20 74.76 -38.87
C LYS F 73 -36.49 75.75 -39.99
N ILE F 74 -35.83 75.55 -41.13
CA ILE F 74 -35.85 76.49 -42.23
C ILE F 74 -36.52 75.80 -43.41
N TRP F 75 -37.74 76.20 -43.73
CA TRP F 75 -38.50 75.51 -44.76
C TRP F 75 -38.98 76.48 -45.83
N LEU F 76 -39.63 75.91 -46.83
CA LEU F 76 -40.42 76.61 -47.82
C LEU F 76 -41.72 75.88 -48.13
N ASP F 77 -42.24 75.10 -47.18
CA ASP F 77 -43.26 74.08 -47.44
C ASP F 77 -44.67 74.68 -47.47
N GLU F 78 -44.78 76.00 -47.67
CA GLU F 78 -46.03 76.60 -48.11
C GLU F 78 -46.37 76.05 -49.50
N THR F 79 -47.66 76.07 -49.85
CA THR F 79 -48.12 75.50 -51.11
C THR F 79 -47.67 76.28 -52.35
N ILE F 80 -47.02 77.42 -52.15
CA ILE F 80 -46.49 78.26 -53.24
C ILE F 80 -44.98 78.18 -53.05
N LYS F 81 -44.22 78.91 -53.88
CA LYS F 81 -42.75 79.00 -53.88
C LYS F 81 -42.11 77.66 -54.23
N LYS F 82 -42.75 76.89 -55.11
CA LYS F 82 -42.09 75.82 -55.83
C LYS F 82 -41.44 76.29 -57.12
N GLN F 83 -41.97 77.33 -57.77
CA GLN F 83 -41.27 78.00 -58.84
C GLN F 83 -40.30 79.03 -58.26
N ASN F 84 -39.39 79.53 -59.11
CA ASN F 84 -38.31 80.46 -58.78
C ASN F 84 -37.46 79.89 -57.64
N HIS F 85 -37.17 78.59 -57.72
CA HIS F 85 -36.70 77.80 -56.61
C HIS F 85 -35.18 77.72 -56.49
N THR F 86 -34.70 76.80 -55.66
CA THR F 86 -33.30 76.55 -55.31
C THR F 86 -32.61 77.76 -54.68
N ASN F 87 -33.03 78.16 -53.48
CA ASN F 87 -32.38 79.22 -52.73
C ASN F 87 -31.71 78.61 -51.50
N ASN F 88 -30.72 79.31 -50.96
CA ASN F 88 -30.03 78.88 -49.75
C ASN F 88 -29.92 80.05 -48.77
N VAL F 89 -29.66 79.71 -47.51
CA VAL F 89 -29.65 80.67 -46.41
C VAL F 89 -28.25 80.73 -45.84
N ILE F 90 -27.70 81.94 -45.76
CA ILE F 90 -26.41 82.18 -45.10
C ILE F 90 -26.69 82.96 -43.84
N PHE F 91 -26.25 82.43 -42.69
CA PHE F 91 -26.45 83.12 -41.44
C PHE F 91 -25.24 83.98 -41.10
N TYR F 92 -25.49 85.05 -40.33
CA TYR F 92 -24.45 85.98 -39.92
C TYR F 92 -24.66 86.32 -38.46
N LEU F 93 -23.66 86.03 -37.63
CA LEU F 93 -23.71 86.34 -36.21
C LEU F 93 -22.57 87.31 -35.94
N LEU F 94 -22.89 88.58 -35.75
CA LEU F 94 -21.90 89.66 -35.74
C LEU F 94 -21.68 90.16 -34.33
N ARG F 95 -20.43 90.49 -34.02
CA ARG F 95 -20.11 91.22 -32.79
C ARG F 95 -20.15 92.71 -33.11
N ASP F 96 -21.17 93.40 -32.60
CA ASP F 96 -21.36 94.82 -32.86
C ASP F 96 -20.52 95.64 -31.89
N ARG F 97 -20.14 96.84 -32.33
CA ARG F 97 -19.30 97.74 -31.54
C ARG F 97 -20.05 98.91 -30.94
N ARG F 98 -21.12 99.36 -31.62
CA ARG F 98 -21.84 100.53 -31.13
C ARG F 98 -23.28 100.46 -31.65
N PRO F 99 -24.24 100.97 -30.89
CA PRO F 99 -25.62 101.03 -31.39
C PRO F 99 -25.98 102.38 -31.97
N TYR F 100 -27.10 102.43 -32.70
CA TYR F 100 -27.76 103.70 -33.04
C TYR F 100 -29.26 103.47 -32.90
N GLY F 101 -29.78 103.66 -31.69
CA GLY F 101 -31.20 103.49 -31.42
C GLY F 101 -31.72 102.10 -31.69
N ASN F 102 -32.47 101.98 -32.79
CA ASN F 102 -32.95 100.69 -33.27
C ASN F 102 -31.85 99.96 -34.05
N ALA F 103 -32.24 98.90 -34.76
CA ALA F 103 -31.27 98.14 -35.54
C ALA F 103 -30.90 98.89 -36.82
N PRO F 104 -29.63 98.86 -37.22
CA PRO F 104 -29.23 99.54 -38.46
C PRO F 104 -29.61 98.76 -39.71
N GLN F 105 -29.19 99.25 -40.87
CA GLN F 105 -29.45 98.57 -42.13
C GLN F 105 -28.62 97.29 -42.23
N ASP F 106 -28.95 96.47 -43.22
CA ASP F 106 -28.12 95.33 -43.58
C ASP F 106 -27.35 95.57 -44.88
N PHE F 107 -28.08 95.82 -45.98
CA PHE F 107 -27.43 95.94 -47.28
C PHE F 107 -26.63 97.23 -47.39
N GLY F 108 -27.02 98.25 -46.63
CA GLY F 108 -26.22 99.44 -46.51
C GLY F 108 -25.14 99.39 -45.45
N GLN F 109 -25.03 98.26 -44.74
CA GLN F 109 -24.02 98.10 -43.71
C GLN F 109 -22.98 97.04 -44.08
N ILE F 110 -23.39 95.82 -44.39
CA ILE F 110 -22.44 94.89 -45.00
C ILE F 110 -22.27 95.24 -46.47
N PHE F 111 -21.10 94.89 -47.02
CA PHE F 111 -20.53 95.60 -48.15
C PHE F 111 -21.24 95.29 -49.47
N ASN F 112 -21.23 94.04 -49.91
CA ASN F 112 -21.60 93.75 -51.29
C ASN F 112 -22.78 92.78 -51.28
N MET F 113 -23.16 92.32 -52.48
CA MET F 113 -24.40 91.56 -52.67
C MET F 113 -24.22 90.10 -52.23
N PHE F 114 -24.57 89.85 -50.97
CA PHE F 114 -25.02 88.60 -50.37
C PHE F 114 -23.91 87.57 -50.18
N ASP F 115 -22.70 87.82 -50.68
CA ASP F 115 -21.51 87.05 -50.35
C ASP F 115 -20.40 88.05 -50.03
N ASN F 116 -20.30 88.45 -48.77
CA ASN F 116 -19.54 89.64 -48.45
C ASN F 116 -19.05 89.60 -47.01
N GLU F 117 -18.58 90.76 -46.57
CA GLU F 117 -18.05 91.08 -45.26
C GLU F 117 -18.61 92.46 -44.90
N PRO F 118 -18.44 92.96 -43.67
CA PRO F 118 -18.77 94.37 -43.42
C PRO F 118 -17.86 95.32 -44.20
N SER F 119 -18.36 96.54 -44.39
CA SER F 119 -17.67 97.53 -45.19
C SER F 119 -16.40 98.01 -44.50
N THR F 120 -15.53 98.64 -45.30
CA THR F 120 -14.25 99.13 -44.79
C THR F 120 -14.42 100.30 -43.82
N ALA F 121 -15.49 101.07 -43.96
CA ALA F 121 -15.75 102.20 -43.07
C ALA F 121 -16.56 101.80 -41.84
N THR F 122 -16.85 100.53 -41.65
CA THR F 122 -17.73 100.08 -40.58
C THR F 122 -17.04 99.23 -39.53
N ILE F 123 -15.77 98.87 -39.73
CA ILE F 123 -15.08 97.99 -38.79
C ILE F 123 -14.73 98.72 -37.51
N PHE F 131 -18.26 96.57 -38.31
CA PHE F 131 -18.62 95.81 -37.11
C PHE F 131 -17.97 94.44 -37.19
N GLN F 132 -17.60 93.88 -36.05
CA GLN F 132 -16.91 92.60 -36.04
C GLN F 132 -17.89 91.47 -36.33
N VAL F 133 -17.32 90.36 -36.81
CA VAL F 133 -18.05 89.15 -37.18
C VAL F 133 -17.64 88.08 -36.17
N LEU F 134 -18.53 87.16 -35.86
CA LEU F 134 -18.09 85.96 -35.14
C LEU F 134 -17.99 84.73 -36.04
N ARG F 135 -19.11 84.26 -36.62
CA ARG F 135 -19.10 83.12 -37.53
C ARG F 135 -20.26 83.23 -38.52
N LYS F 136 -20.34 82.22 -39.39
CA LYS F 136 -21.38 82.09 -40.40
C LYS F 136 -21.99 80.70 -40.30
N PHE F 137 -23.08 80.47 -41.04
CA PHE F 137 -23.69 79.15 -41.15
C PHE F 137 -24.21 78.94 -42.57
N HIS F 138 -24.78 77.77 -42.81
CA HIS F 138 -25.36 77.43 -44.10
C HIS F 138 -26.67 76.69 -43.91
N ALA F 139 -27.58 76.88 -44.87
CA ALA F 139 -28.84 76.15 -44.91
C ALA F 139 -29.32 76.19 -46.36
N THR F 140 -29.42 75.02 -46.99
CA THR F 140 -29.72 74.92 -48.41
C THR F 140 -31.04 74.20 -48.63
N VAL F 141 -32.07 74.94 -49.03
CA VAL F 141 -33.38 74.37 -49.26
C VAL F 141 -33.72 74.48 -50.75
N VAL F 142 -33.56 73.36 -51.46
CA VAL F 142 -33.73 73.37 -52.91
C VAL F 142 -34.94 72.49 -53.30
N GLY F 143 -36.08 73.13 -53.52
CA GLY F 143 -37.26 72.37 -53.89
C GLY F 143 -38.07 72.97 -55.03
N GLY F 144 -38.15 72.26 -56.14
CA GLY F 144 -38.91 72.76 -57.28
C GLY F 144 -40.14 71.91 -57.57
N LEU F 145 -40.08 71.09 -58.61
CA LEU F 145 -41.18 70.21 -58.95
C LEU F 145 -40.62 68.83 -59.28
N TYR F 146 -41.53 67.85 -59.31
CA TYR F 146 -41.34 66.46 -59.73
C TYR F 146 -40.37 65.65 -58.89
N CYS F 147 -39.81 66.17 -57.80
CA CYS F 147 -39.42 65.23 -56.74
C CYS F 147 -40.06 65.62 -55.40
N MET F 148 -40.03 66.87 -54.90
CA MET F 148 -39.04 67.94 -55.12
C MET F 148 -38.00 67.78 -53.99
N LYS F 149 -36.74 67.59 -54.34
CA LYS F 149 -35.81 67.09 -53.35
C LYS F 149 -34.95 68.22 -52.76
N GLU F 150 -35.58 68.96 -51.84
CA GLU F 150 -35.12 69.35 -50.50
C GLU F 150 -36.17 70.25 -49.86
N GLN F 151 -36.17 70.28 -48.53
CA GLN F 151 -37.16 70.96 -47.70
C GLN F 151 -36.55 71.27 -46.35
N ALA F 152 -37.42 71.44 -45.35
CA ALA F 152 -37.14 71.84 -43.96
C ALA F 152 -35.92 71.13 -43.38
N LEU F 153 -34.90 71.90 -43.04
CA LEU F 153 -33.67 71.38 -42.45
C LEU F 153 -33.60 71.81 -40.98
N VAL F 154 -33.00 70.97 -40.16
CA VAL F 154 -32.87 71.29 -38.74
C VAL F 154 -31.42 71.65 -38.43
N LYS F 155 -31.23 72.77 -37.72
CA LYS F 155 -29.89 73.24 -37.39
C LYS F 155 -29.80 73.48 -35.89
N ARG F 156 -28.87 72.80 -35.22
CA ARG F 156 -28.53 73.06 -33.83
C ARG F 156 -27.04 73.36 -33.73
N PHE F 157 -26.69 74.34 -32.90
CA PHE F 157 -25.30 74.78 -32.79
C PHE F 157 -25.03 75.32 -31.38
N TYR F 158 -24.12 74.68 -30.66
CA TYR F 158 -23.43 75.36 -29.58
C TYR F 158 -22.51 76.44 -30.16
N ARG F 159 -22.47 77.61 -29.52
CA ARG F 159 -21.64 78.71 -30.02
C ARG F 159 -21.28 79.60 -28.83
N LEU F 160 -20.05 79.46 -28.33
CA LEU F 160 -19.59 80.24 -27.19
C LEU F 160 -19.26 81.67 -27.59
N ASN F 161 -19.58 82.62 -26.73
CA ASN F 161 -19.43 84.05 -27.02
C ASN F 161 -19.01 84.76 -25.74
N HIS F 162 -19.12 86.08 -25.72
CA HIS F 162 -18.56 86.89 -24.63
C HIS F 162 -19.48 88.09 -24.35
N HIS F 163 -18.94 89.07 -23.64
CA HIS F 163 -19.68 90.00 -22.80
C HIS F 163 -20.44 91.06 -23.61
N VAL F 164 -21.49 91.59 -22.97
CA VAL F 164 -22.40 92.61 -23.51
C VAL F 164 -22.67 93.63 -22.40
N THR F 165 -22.73 94.92 -22.76
CA THR F 165 -23.03 95.97 -21.80
C THR F 165 -24.27 96.74 -22.27
N TYR F 166 -25.14 97.10 -21.32
CA TYR F 166 -26.20 98.07 -21.57
C TYR F 166 -25.81 99.44 -21.03
N ASN F 167 -26.31 100.49 -21.70
CA ASN F 167 -25.97 101.85 -21.30
C ASN F 167 -26.82 102.30 -20.11
N HIS F 168 -28.13 102.37 -20.29
CA HIS F 168 -29.00 102.91 -19.27
C HIS F 168 -29.31 101.87 -18.20
N GLN F 169 -29.76 102.35 -17.05
CA GLN F 169 -30.16 101.51 -15.94
C GLN F 169 -31.66 101.26 -15.93
N GLU F 170 -32.29 101.36 -17.10
CA GLU F 170 -33.72 101.19 -17.26
C GLU F 170 -34.09 99.72 -17.29
N ALA F 171 -35.39 99.46 -17.17
CA ALA F 171 -35.95 98.15 -17.49
C ALA F 171 -36.45 98.16 -18.93
N GLY F 172 -35.55 98.52 -19.84
CA GLY F 172 -35.91 98.85 -21.20
C GLY F 172 -35.50 97.78 -22.21
N LYS F 173 -35.90 98.04 -23.46
CA LYS F 173 -35.70 97.16 -24.59
C LYS F 173 -34.36 97.49 -25.25
N TYR F 174 -34.17 97.02 -26.49
CA TYR F 174 -32.92 97.13 -27.25
C TYR F 174 -32.45 98.55 -27.54
N GLU F 175 -33.25 99.58 -27.25
CA GLU F 175 -32.93 100.93 -27.68
C GLU F 175 -31.79 101.55 -26.87
N ASN F 176 -31.60 101.12 -25.62
CA ASN F 176 -30.64 101.75 -24.73
C ASN F 176 -29.31 101.02 -24.64
N HIS F 177 -28.84 100.47 -25.76
CA HIS F 177 -27.58 99.72 -25.79
C HIS F 177 -26.37 100.65 -25.70
N THR F 178 -25.20 100.03 -25.65
CA THR F 178 -23.90 100.68 -25.73
C THR F 178 -22.94 99.71 -26.42
N GLU F 179 -21.63 99.90 -26.19
CA GLU F 179 -20.57 99.05 -26.73
C GLU F 179 -20.82 97.56 -26.48
N ASN F 180 -20.32 96.75 -27.41
CA ASN F 180 -20.37 95.28 -27.41
C ASN F 180 -21.82 94.77 -27.40
N ALA F 181 -22.52 95.10 -28.47
CA ALA F 181 -23.76 94.44 -28.80
C ALA F 181 -23.47 93.26 -29.72
N LEU F 182 -24.48 92.42 -29.92
CA LEU F 182 -24.39 91.30 -30.85
C LEU F 182 -25.79 90.92 -31.31
N LEU F 183 -25.91 90.59 -32.59
CA LEU F 183 -27.21 90.35 -33.19
C LEU F 183 -27.03 89.48 -34.43
N LEU F 184 -28.14 89.20 -35.11
CA LEU F 184 -28.15 88.30 -36.25
C LEU F 184 -28.62 89.00 -37.51
N TYR F 185 -28.10 88.52 -38.65
CA TYR F 185 -28.65 88.82 -39.96
C TYR F 185 -28.82 87.53 -40.72
N MET F 186 -29.94 87.42 -41.43
CA MET F 186 -30.22 86.28 -42.30
C MET F 186 -30.35 86.78 -43.73
N ALA F 187 -29.82 86.00 -44.67
CA ALA F 187 -29.70 86.45 -46.05
C ALA F 187 -30.22 85.37 -47.00
N CYS F 188 -31.07 85.78 -47.94
CA CYS F 188 -31.46 84.95 -49.05
C CYS F 188 -30.69 85.36 -50.30
N THR F 189 -30.55 84.41 -51.23
CA THR F 189 -29.70 84.61 -52.40
C THR F 189 -30.46 84.64 -53.71
N HIS F 190 -31.78 84.77 -53.69
CA HIS F 190 -32.58 84.81 -54.91
C HIS F 190 -33.74 85.77 -54.72
N ALA F 191 -34.27 86.25 -55.86
CA ALA F 191 -35.28 87.31 -55.86
C ALA F 191 -36.62 86.84 -55.29
N SER F 192 -36.93 85.55 -55.39
CA SER F 192 -38.09 85.03 -54.71
C SER F 192 -37.85 84.98 -53.20
N ASN F 193 -38.94 84.85 -52.45
CA ASN F 193 -38.79 84.71 -51.00
C ASN F 193 -39.43 83.41 -50.52
N PRO F 194 -38.78 82.26 -50.68
CA PRO F 194 -39.40 81.02 -50.20
C PRO F 194 -39.15 80.76 -48.72
N VAL F 195 -38.15 81.39 -48.14
CA VAL F 195 -37.59 80.97 -46.85
C VAL F 195 -38.54 81.40 -45.73
N TYR F 196 -39.11 80.43 -45.05
CA TYR F 196 -39.84 80.64 -43.80
C TYR F 196 -39.03 80.01 -42.68
N ALA F 197 -38.11 80.79 -42.13
CA ALA F 197 -37.15 80.33 -41.14
C ALA F 197 -37.60 80.74 -39.75
N THR F 198 -37.94 79.76 -38.92
CA THR F 198 -38.30 80.01 -37.53
C THR F 198 -37.24 79.39 -36.64
N LEU F 199 -36.69 80.20 -35.74
CA LEU F 199 -35.50 79.83 -34.98
C LEU F 199 -35.74 80.04 -33.49
N LYS F 200 -35.31 79.06 -32.71
CA LYS F 200 -35.30 79.16 -31.26
C LYS F 200 -33.88 79.42 -30.79
N ILE F 201 -33.68 80.56 -30.12
CA ILE F 201 -32.35 81.08 -29.84
C ILE F 201 -32.22 81.19 -28.32
N ARG F 202 -31.58 80.21 -27.70
CA ARG F 202 -31.30 80.27 -26.27
C ARG F 202 -30.01 81.02 -26.01
N ILE F 203 -30.07 82.00 -25.12
CA ILE F 203 -28.88 82.59 -24.50
C ILE F 203 -28.98 82.31 -23.01
N TYR F 204 -28.03 81.54 -22.48
CA TYR F 204 -27.90 81.40 -21.04
C TYR F 204 -26.54 81.93 -20.63
N PHE F 205 -26.53 82.69 -19.53
CA PHE F 205 -25.38 83.51 -19.16
C PHE F 205 -25.31 83.72 -17.65
N PRO G 16 16.57 63.99 -50.84
CA PRO G 16 15.62 63.89 -49.73
C PRO G 16 14.30 63.21 -50.11
N ASP G 17 14.19 62.80 -51.38
CA ASP G 17 12.95 62.24 -51.89
C ASP G 17 13.13 60.81 -52.41
N ILE G 18 14.22 60.55 -53.14
CA ILE G 18 14.40 59.32 -53.90
C ILE G 18 15.37 58.37 -53.22
N PRO G 19 15.14 57.05 -53.32
CA PRO G 19 16.08 56.08 -52.74
C PRO G 19 17.09 55.50 -53.72
N ARG G 20 17.08 55.89 -54.99
CA ARG G 20 17.86 55.18 -56.01
C ARG G 20 19.04 55.97 -56.54
N GLY G 21 18.81 57.16 -57.10
CA GLY G 21 19.85 57.91 -57.77
C GLY G 21 19.49 59.37 -57.94
N CYS G 22 20.52 60.22 -57.98
CA CYS G 22 20.38 61.67 -57.90
C CYS G 22 19.95 62.33 -59.21
N GLU G 23 19.41 61.55 -60.16
CA GLU G 23 18.77 62.12 -61.33
C GLU G 23 17.52 62.91 -60.93
N GLY G 24 17.12 63.82 -61.79
CA GLY G 24 15.89 64.55 -61.62
C GLY G 24 14.70 63.63 -61.74
N PRO G 25 13.69 63.81 -60.90
CA PRO G 25 12.49 62.97 -60.98
C PRO G 25 11.67 63.27 -62.22
N CYS G 26 12.10 62.72 -63.35
CA CYS G 26 11.58 63.11 -64.66
C CYS G 26 10.19 62.53 -64.88
N LYS G 27 9.30 63.34 -65.45
CA LYS G 27 7.92 62.95 -65.70
C LYS G 27 7.81 62.28 -67.06
N VAL G 28 7.14 61.14 -67.09
CA VAL G 28 6.72 60.49 -68.33
C VAL G 28 5.24 60.23 -68.20
N GLN G 29 4.43 61.03 -68.90
CA GLN G 29 2.99 61.02 -68.73
C GLN G 29 2.32 60.24 -69.86
N SER G 30 1.48 59.26 -69.51
CA SER G 30 0.73 58.46 -70.47
C SER G 30 -0.69 59.00 -70.48
N PHE G 31 -0.90 60.08 -71.22
CA PHE G 31 -2.25 60.57 -71.43
C PHE G 31 -2.99 59.63 -72.37
N GLU G 32 -4.26 59.41 -72.07
CA GLU G 32 -5.16 58.72 -72.99
C GLU G 32 -6.36 59.60 -73.26
N GLN G 33 -6.85 59.52 -74.50
CA GLN G 33 -8.18 60.00 -74.85
C GLN G 33 -8.85 58.78 -75.45
N ARG G 34 -9.39 57.93 -74.57
CA ARG G 34 -9.82 56.60 -74.94
C ARG G 34 -11.16 56.27 -74.31
N ASP G 35 -11.53 54.99 -74.38
CA ASP G 35 -12.68 54.45 -73.68
C ASP G 35 -12.36 53.00 -73.32
N ASP G 36 -13.38 52.23 -72.99
CA ASP G 36 -13.19 50.80 -72.75
C ASP G 36 -14.38 50.06 -73.31
N VAL G 37 -14.41 48.75 -73.05
CA VAL G 37 -15.58 47.92 -73.28
C VAL G 37 -15.95 47.37 -71.91
N LYS G 38 -16.95 46.48 -71.86
CA LYS G 38 -17.30 45.85 -70.60
C LYS G 38 -16.17 44.97 -70.08
N HIS G 39 -15.50 44.24 -70.96
CA HIS G 39 -14.52 43.26 -70.52
C HIS G 39 -13.21 43.91 -70.10
N LEU G 40 -12.69 44.82 -70.92
CA LEU G 40 -11.32 45.24 -70.70
C LEU G 40 -11.08 46.65 -71.21
N GLY G 41 -10.32 47.42 -70.42
CA GLY G 41 -9.60 48.56 -70.93
C GLY G 41 -8.15 48.38 -70.54
N ILE G 42 -7.27 48.13 -71.50
CA ILE G 42 -5.90 47.73 -71.20
C ILE G 42 -4.96 48.91 -71.45
N CYS G 43 -4.08 49.14 -70.49
CA CYS G 43 -3.12 50.25 -70.56
C CYS G 43 -1.83 49.82 -69.89
N LYS G 44 -0.84 49.41 -70.69
CA LYS G 44 0.52 49.38 -70.17
C LYS G 44 1.03 50.80 -70.02
N VAL G 45 1.28 51.21 -68.80
CA VAL G 45 1.55 52.61 -68.52
C VAL G 45 3.03 52.91 -68.75
N ILE G 46 3.88 51.90 -68.80
CA ILE G 46 5.31 52.06 -68.92
C ILE G 46 5.75 51.84 -70.37
N SER G 47 4.83 52.03 -71.33
CA SER G 47 5.02 51.54 -72.69
C SER G 47 6.01 52.39 -73.47
N ASP G 48 5.72 53.68 -73.62
CA ASP G 48 6.46 54.56 -74.52
C ASP G 48 7.77 55.09 -73.92
N VAL G 49 8.32 54.44 -72.89
CA VAL G 49 9.54 54.94 -72.24
C VAL G 49 10.73 54.31 -72.96
N THR G 50 11.35 55.07 -73.86
CA THR G 50 12.50 54.63 -74.63
C THR G 50 13.76 55.32 -74.12
N ARG G 51 14.92 54.82 -74.55
CA ARG G 51 16.18 55.46 -74.19
C ARG G 51 16.38 56.75 -74.97
N GLY G 52 16.70 57.83 -74.26
CA GLY G 52 16.94 59.10 -74.88
C GLY G 52 17.40 60.13 -73.86
N PRO G 53 17.91 61.27 -74.35
CA PRO G 53 18.41 62.29 -73.42
C PRO G 53 17.31 63.13 -72.77
N GLY G 54 16.11 63.16 -73.36
CA GLY G 54 15.05 63.98 -72.82
C GLY G 54 14.45 63.43 -71.54
N LEU G 55 13.64 64.26 -70.89
CA LEU G 55 13.00 63.85 -69.65
C LEU G 55 11.76 62.99 -69.87
N THR G 56 11.30 62.84 -71.12
CA THR G 56 10.30 61.85 -71.46
C THR G 56 10.92 60.52 -71.86
N HIS G 57 12.11 60.22 -71.34
CA HIS G 57 12.90 59.07 -71.76
C HIS G 57 13.52 58.44 -70.51
N ARG G 58 14.50 57.56 -70.73
CA ARG G 58 15.08 56.79 -69.64
C ARG G 58 16.58 56.65 -69.86
N VAL G 59 17.28 56.37 -68.76
CA VAL G 59 18.72 56.10 -68.77
C VAL G 59 18.91 54.68 -68.26
N GLY G 60 19.33 53.78 -69.14
CA GLY G 60 19.53 52.39 -68.77
C GLY G 60 18.26 51.56 -68.85
N LYS G 61 18.09 50.62 -67.92
CA LYS G 61 16.93 49.75 -67.93
C LYS G 61 16.39 49.50 -66.53
N ARG G 62 16.68 50.40 -65.59
CA ARG G 62 16.25 50.27 -64.20
C ARG G 62 15.40 51.46 -63.80
N PHE G 63 14.21 51.19 -63.28
CA PHE G 63 13.29 52.21 -62.81
C PHE G 63 13.06 52.04 -61.31
N CYS G 64 12.69 53.13 -60.67
CA CYS G 64 12.04 53.10 -59.37
C CYS G 64 10.94 54.15 -59.44
N ILE G 65 9.73 53.71 -59.79
CA ILE G 65 8.59 54.62 -59.90
C ILE G 65 8.24 55.14 -58.51
N LYS G 66 8.37 56.46 -58.33
CA LYS G 66 8.06 57.06 -57.04
C LYS G 66 6.55 57.07 -56.82
N SER G 67 5.79 57.62 -57.76
CA SER G 67 4.35 57.66 -57.60
C SER G 67 3.68 57.73 -58.95
N ILE G 68 2.51 57.10 -59.04
CA ILE G 68 1.59 57.25 -60.15
C ILE G 68 0.51 58.25 -59.74
N TYR G 69 0.35 59.30 -60.52
CA TYR G 69 -0.62 60.36 -60.25
C TYR G 69 -1.70 60.28 -61.32
N ILE G 70 -2.87 59.77 -60.94
CA ILE G 70 -3.95 59.49 -61.89
C ILE G 70 -4.92 60.65 -61.85
N LEU G 71 -4.93 61.45 -62.92
CA LEU G 71 -6.03 62.34 -63.23
C LEU G 71 -7.01 61.62 -64.15
N GLY G 72 -8.20 62.19 -64.28
CA GLY G 72 -9.15 61.61 -65.20
C GLY G 72 -10.59 62.05 -65.01
N LYS G 73 -11.28 62.26 -66.13
CA LYS G 73 -12.70 62.54 -66.13
C LYS G 73 -13.43 61.41 -66.85
N ILE G 74 -14.41 60.83 -66.17
CA ILE G 74 -15.10 59.63 -66.63
C ILE G 74 -16.54 60.00 -66.89
N TRP G 75 -16.94 60.08 -68.16
CA TRP G 75 -18.28 60.55 -68.49
C TRP G 75 -19.00 59.54 -69.37
N LEU G 76 -20.25 59.88 -69.65
CA LEU G 76 -21.05 59.26 -70.69
C LEU G 76 -21.85 60.29 -71.48
N ASP G 77 -21.36 61.53 -71.56
CA ASP G 77 -22.17 62.67 -71.98
C ASP G 77 -22.25 62.80 -73.50
N GLU G 78 -22.00 61.72 -74.22
CA GLU G 78 -22.43 61.59 -75.61
C GLU G 78 -23.96 61.62 -75.64
N THR G 79 -24.53 62.02 -76.78
CA THR G 79 -25.98 62.17 -76.91
C THR G 79 -26.75 60.85 -76.88
N ILE G 80 -26.03 59.71 -76.86
CA ILE G 80 -26.61 58.38 -76.79
C ILE G 80 -26.17 57.85 -75.42
N LYS G 81 -26.52 56.60 -75.11
CA LYS G 81 -26.20 55.89 -73.86
C LYS G 81 -26.87 56.55 -72.65
N LYS G 82 -28.07 57.08 -72.85
CA LYS G 82 -28.98 57.36 -71.75
C LYS G 82 -29.87 56.17 -71.40
N GLN G 83 -30.20 55.31 -72.36
CA GLN G 83 -30.79 54.02 -72.07
C GLN G 83 -29.70 53.01 -71.71
N ASN G 84 -30.13 51.88 -71.15
CA ASN G 84 -29.28 50.79 -70.64
C ASN G 84 -28.28 51.34 -69.63
N HIS G 85 -28.76 52.21 -68.75
CA HIS G 85 -27.92 53.10 -67.97
C HIS G 85 -27.54 52.55 -66.60
N THR G 86 -27.01 53.42 -65.73
CA THR G 86 -26.52 53.15 -64.39
C THR G 86 -25.37 52.13 -64.36
N ASN G 87 -24.22 52.49 -64.92
CA ASN G 87 -23.02 51.66 -64.87
C ASN G 87 -21.99 52.35 -63.99
N ASN G 88 -21.05 51.58 -63.45
CA ASN G 88 -19.96 52.11 -62.65
C ASN G 88 -18.63 51.53 -63.11
N VAL G 89 -17.55 52.20 -62.73
CA VAL G 89 -16.20 51.87 -63.19
C VAL G 89 -15.38 51.44 -61.98
N ILE G 90 -14.77 50.26 -62.07
CA ILE G 90 -13.84 49.78 -61.06
C ILE G 90 -12.45 49.79 -61.68
N PHE G 91 -11.51 50.49 -61.05
CA PHE G 91 -10.15 50.53 -61.56
C PHE G 91 -9.30 49.44 -60.91
N TYR G 92 -8.27 49.02 -61.65
CA TYR G 92 -7.36 47.98 -61.18
C TYR G 92 -5.94 48.40 -61.53
N LEU G 93 -5.09 48.52 -60.52
CA LEU G 93 -3.69 48.88 -60.71
C LEU G 93 -2.88 47.71 -60.17
N LEU G 94 -2.31 46.91 -61.07
CA LEU G 94 -1.73 45.63 -60.71
C LEU G 94 -0.21 45.70 -60.76
N ARG G 95 0.44 45.01 -59.82
CA ARG G 95 1.88 44.79 -59.89
C ARG G 95 2.11 43.48 -60.64
N ASP G 96 2.62 43.57 -61.87
CA ASP G 96 2.85 42.41 -62.71
C ASP G 96 4.20 41.77 -62.37
N ARG G 97 4.30 40.46 -62.61
CA ARG G 97 5.50 39.71 -62.31
C ARG G 97 6.32 39.33 -63.53
N ARG G 98 5.64 39.17 -64.64
CA ARG G 98 6.36 38.74 -65.83
C ARG G 98 5.59 39.20 -67.06
N PRO G 99 6.27 39.52 -68.15
CA PRO G 99 5.56 39.87 -69.39
C PRO G 99 5.45 38.70 -70.35
N TYR G 100 4.58 38.84 -71.36
CA TYR G 100 4.60 37.97 -72.53
C TYR G 100 4.34 38.86 -73.74
N GLY G 101 5.43 39.43 -74.30
CA GLY G 101 5.33 40.29 -75.47
C GLY G 101 4.48 41.52 -75.26
N ASN G 102 3.29 41.50 -75.87
CA ASN G 102 2.30 42.55 -75.68
C ASN G 102 1.54 42.34 -74.37
N ALA G 103 0.43 43.06 -74.20
CA ALA G 103 -0.37 42.95 -72.99
C ALA G 103 -1.18 41.66 -73.01
N PRO G 104 -1.32 40.97 -71.88
CA PRO G 104 -2.12 39.74 -71.86
C PRO G 104 -3.61 40.03 -71.80
N GLN G 105 -4.42 38.98 -71.66
CA GLN G 105 -5.86 39.13 -71.56
C GLN G 105 -6.25 39.76 -70.24
N ASP G 106 -7.53 40.15 -70.13
CA ASP G 106 -8.09 40.56 -68.85
C ASP G 106 -9.04 39.51 -68.30
N PHE G 107 -10.10 39.17 -69.05
CA PHE G 107 -11.12 38.27 -68.54
C PHE G 107 -10.60 36.84 -68.45
N GLY G 108 -9.62 36.48 -69.27
CA GLY G 108 -8.92 35.23 -69.13
C GLY G 108 -7.77 35.25 -68.16
N GLN G 109 -7.51 36.39 -67.52
CA GLN G 109 -6.42 36.51 -66.55
C GLN G 109 -6.93 36.75 -65.15
N ILE G 110 -7.73 37.80 -64.92
CA ILE G 110 -8.43 37.88 -63.64
C ILE G 110 -9.61 36.93 -63.67
N PHE G 111 -10.01 36.48 -62.48
CA PHE G 111 -10.68 35.20 -62.31
C PHE G 111 -12.13 35.22 -62.79
N ASN G 112 -12.98 36.04 -62.17
CA ASN G 112 -14.42 35.87 -62.36
C ASN G 112 -14.99 37.18 -62.93
N MET G 113 -16.32 37.23 -63.03
CA MET G 113 -17.00 38.30 -63.76
C MET G 113 -17.09 39.57 -62.90
N PHE G 114 -16.10 40.43 -63.11
CA PHE G 114 -16.08 41.88 -62.90
C PHE G 114 -16.05 42.30 -61.43
N ASP G 115 -16.18 41.36 -60.49
CA ASP G 115 -15.92 41.59 -59.07
C ASP G 115 -15.07 40.44 -58.59
N ASN G 116 -13.75 40.59 -58.69
CA ASN G 116 -12.88 39.43 -58.59
C ASN G 116 -11.48 39.84 -58.15
N GLU G 117 -10.57 38.88 -58.29
CA GLU G 117 -9.15 38.92 -57.98
C GLU G 117 -8.45 38.21 -59.14
N PRO G 118 -7.12 38.24 -59.23
CA PRO G 118 -6.45 37.35 -60.19
C PRO G 118 -6.64 35.88 -59.85
N SER G 119 -6.48 35.04 -60.87
CA SER G 119 -6.73 33.61 -60.74
C SER G 119 -5.68 32.95 -59.85
N THR G 120 -6.01 31.74 -59.39
CA THR G 120 -5.12 30.99 -58.50
C THR G 120 -3.85 30.52 -59.21
N ALA G 121 -3.91 30.32 -60.52
CA ALA G 121 -2.75 29.89 -61.28
C ALA G 121 -1.92 31.06 -61.82
N THR G 122 -2.27 32.29 -61.46
CA THR G 122 -1.62 33.46 -62.03
C THR G 122 -0.83 34.27 -61.02
N ILE G 123 -0.88 33.93 -59.73
CA ILE G 123 -0.21 34.71 -58.70
C ILE G 123 1.30 34.50 -58.76
N PHE G 131 -0.90 37.44 -60.81
CA PHE G 131 -0.14 38.69 -60.77
C PHE G 131 -0.58 39.48 -59.55
N GLN G 132 0.35 40.23 -58.96
CA GLN G 132 0.03 40.96 -57.74
C GLN G 132 -0.84 42.18 -58.05
N VAL G 133 -1.55 42.62 -57.02
CA VAL G 133 -2.45 43.76 -57.09
C VAL G 133 -1.84 44.84 -56.21
N LEU G 134 -2.06 46.11 -56.55
CA LEU G 134 -1.75 47.16 -55.59
C LEU G 134 -2.99 47.74 -54.92
N ARG G 135 -3.89 48.37 -55.68
CA ARG G 135 -5.13 48.92 -55.12
C ARG G 135 -6.22 48.93 -56.18
N LYS G 136 -7.40 49.43 -55.77
CA LYS G 136 -8.58 49.57 -56.61
C LYS G 136 -9.10 51.00 -56.48
N PHE G 137 -10.07 51.34 -57.33
CA PHE G 137 -10.76 52.64 -57.23
C PHE G 137 -12.23 52.45 -57.59
N HIS G 138 -12.98 53.54 -57.53
CA HIS G 138 -14.41 53.54 -57.86
C HIS G 138 -14.74 54.79 -58.67
N ALA G 139 -15.73 54.64 -59.55
CA ALA G 139 -16.28 55.75 -60.31
C ALA G 139 -17.68 55.34 -60.74
N THR G 140 -18.70 56.07 -60.28
CA THR G 140 -20.09 55.70 -60.47
C THR G 140 -20.80 56.78 -61.30
N VAL G 141 -21.11 56.46 -62.55
CA VAL G 141 -21.79 57.40 -63.43
C VAL G 141 -23.17 56.85 -63.77
N VAL G 142 -24.19 57.39 -63.09
CA VAL G 142 -25.54 56.88 -63.24
C VAL G 142 -26.45 57.94 -63.88
N GLY G 143 -26.64 57.84 -65.20
CA GLY G 143 -27.48 58.80 -65.87
C GLY G 143 -28.47 58.22 -66.86
N GLY G 144 -29.76 58.37 -66.58
CA GLY G 144 -30.77 57.84 -67.48
C GLY G 144 -31.58 58.94 -68.17
N LEU G 145 -32.81 59.14 -67.71
CA LEU G 145 -33.65 60.20 -68.26
C LEU G 145 -34.33 60.93 -67.10
N TYR G 146 -34.88 62.10 -67.44
CA TYR G 146 -35.73 62.96 -66.61
C TYR G 146 -35.06 63.52 -65.36
N CYS G 147 -33.77 63.31 -65.13
CA CYS G 147 -33.07 64.32 -64.34
C CYS G 147 -31.83 64.84 -65.08
N MET G 148 -30.92 64.02 -65.66
CA MET G 148 -30.54 62.64 -65.31
C MET G 148 -29.36 62.78 -64.32
N LYS G 149 -29.50 62.22 -63.12
CA LYS G 149 -28.58 62.63 -62.07
C LYS G 149 -27.48 61.60 -61.85
N GLU G 150 -26.50 61.65 -62.77
CA GLU G 150 -25.04 61.68 -62.56
C GLU G 150 -24.35 61.68 -63.91
N GLN G 151 -23.12 62.20 -63.92
CA GLN G 151 -22.32 62.41 -65.12
C GLN G 151 -20.84 62.45 -64.73
N ALA G 152 -20.04 63.11 -65.59
CA ALA G 152 -18.58 63.23 -65.53
C ALA G 152 -18.06 63.50 -64.12
N LEU G 153 -17.28 62.57 -63.60
CA LEU G 153 -16.68 62.70 -62.28
C LEU G 153 -15.18 62.91 -62.43
N VAL G 154 -14.59 63.66 -61.49
CA VAL G 154 -13.16 63.93 -61.54
C VAL G 154 -12.47 63.14 -60.44
N LYS G 155 -11.39 62.44 -60.80
CA LYS G 155 -10.65 61.61 -59.86
C LYS G 155 -9.17 61.98 -59.90
N ARG G 156 -8.62 62.40 -58.76
CA ARG G 156 -7.19 62.61 -58.60
C ARG G 156 -6.70 61.76 -57.43
N PHE G 157 -5.53 61.15 -57.59
CA PHE G 157 -4.99 60.23 -56.58
C PHE G 157 -3.47 60.27 -56.61
N TYR G 158 -2.85 60.67 -55.50
CA TYR G 158 -1.48 60.25 -55.22
C TYR G 158 -1.46 58.76 -54.93
N ARG G 159 -0.44 58.08 -55.46
CA ARG G 159 -0.34 56.62 -55.26
C ARG G 159 1.12 56.23 -55.37
N LEU G 160 1.77 56.00 -54.23
CA LEU G 160 3.19 55.65 -54.20
C LEU G 160 3.39 54.19 -54.59
N ASN G 161 4.46 53.93 -55.33
CA ASN G 161 4.73 52.60 -55.88
C ASN G 161 6.23 52.36 -55.85
N HIS G 162 6.71 51.35 -56.59
CA HIS G 162 8.09 50.90 -56.49
C HIS G 162 8.59 50.45 -57.87
N HIS G 163 9.70 49.72 -57.87
CA HIS G 163 10.65 49.63 -58.97
C HIS G 163 10.15 48.79 -60.14
N VAL G 164 10.71 49.08 -61.32
CA VAL G 164 10.40 48.43 -62.60
C VAL G 164 11.72 48.20 -63.32
N THR G 165 11.83 47.05 -63.96
CA THR G 165 13.02 46.72 -64.73
C THR G 165 12.63 46.45 -66.19
N TYR G 166 13.45 46.93 -67.13
CA TYR G 166 13.36 46.50 -68.51
C TYR G 166 14.42 45.45 -68.82
N ASN G 167 14.09 44.55 -69.76
CA ASN G 167 15.01 43.47 -70.11
C ASN G 167 16.09 43.97 -71.07
N HIS G 168 15.69 44.40 -72.26
CA HIS G 168 16.65 44.75 -73.28
C HIS G 168 17.19 46.17 -73.06
N GLN G 169 18.33 46.44 -73.68
CA GLN G 169 18.96 47.75 -73.65
C GLN G 169 18.59 48.59 -74.85
N GLU G 170 17.44 48.31 -75.44
CA GLU G 170 16.95 49.00 -76.63
C GLU G 170 16.32 50.33 -76.26
N ALA G 171 16.09 51.15 -77.28
CA ALA G 171 15.21 52.32 -77.14
C ALA G 171 13.80 51.95 -77.59
N GLY G 172 13.27 50.90 -76.97
CA GLY G 172 12.08 50.23 -77.43
C GLY G 172 10.85 50.50 -76.57
N LYS G 173 9.74 49.96 -77.05
CA LYS G 173 8.43 50.11 -76.43
C LYS G 173 8.20 49.00 -75.42
N TYR G 174 6.94 48.79 -75.03
CA TYR G 174 6.52 47.85 -73.97
C TYR G 174 6.86 46.38 -74.24
N GLU G 175 7.34 46.02 -75.43
CA GLU G 175 7.49 44.63 -75.79
C GLU G 175 8.67 43.97 -75.08
N ASN G 176 9.70 44.74 -74.70
CA ASN G 176 10.94 44.17 -74.17
C ASN G 176 11.00 44.23 -72.64
N HIS G 177 9.87 44.00 -71.96
CA HIS G 177 9.84 44.06 -70.51
C HIS G 177 10.48 42.81 -69.89
N THR G 178 10.52 42.83 -68.56
CA THR G 178 10.95 41.71 -67.72
C THR G 178 10.16 41.80 -66.42
N GLU G 179 10.69 41.18 -65.35
CA GLU G 179 10.09 41.17 -64.02
C GLU G 179 9.75 42.58 -63.53
N ASN G 180 8.70 42.64 -62.70
CA ASN G 180 8.16 43.85 -62.05
C ASN G 180 7.71 44.88 -63.08
N ALA G 181 6.74 44.48 -63.88
CA ALA G 181 5.96 45.42 -64.65
C ALA G 181 4.75 45.87 -63.82
N LEU G 182 4.06 46.90 -64.31
CA LEU G 182 2.83 47.37 -63.69
C LEU G 182 2.01 48.10 -64.74
N LEU G 183 0.69 47.90 -64.69
CA LEU G 183 -0.20 48.42 -65.72
C LEU G 183 -1.60 48.53 -65.13
N LEU G 184 -2.54 48.96 -65.96
CA LEU G 184 -3.91 49.23 -65.54
C LEU G 184 -4.91 48.35 -66.28
N TYR G 185 -6.02 48.05 -65.60
CA TYR G 185 -7.20 47.52 -66.23
C TYR G 185 -8.40 48.32 -65.76
N MET G 186 -9.31 48.61 -66.68
CA MET G 186 -10.55 49.29 -66.38
C MET G 186 -11.71 48.36 -66.71
N ALA G 187 -12.74 48.38 -65.88
CA ALA G 187 -13.82 47.41 -65.99
C ALA G 187 -15.18 48.10 -65.93
N CYS G 188 -16.05 47.77 -66.86
CA CYS G 188 -17.45 48.16 -66.82
C CYS G 188 -18.29 46.98 -66.33
N THR G 189 -19.45 47.29 -65.75
CA THR G 189 -20.27 46.29 -65.09
C THR G 189 -21.62 46.06 -65.78
N HIS G 190 -21.81 46.55 -66.99
CA HIS G 190 -23.06 46.37 -67.71
C HIS G 190 -22.79 46.18 -69.20
N ALA G 191 -23.75 45.57 -69.88
CA ALA G 191 -23.58 45.16 -71.27
C ALA G 191 -23.49 46.34 -72.22
N SER G 192 -24.10 47.47 -71.88
CA SER G 192 -23.90 48.68 -72.65
C SER G 192 -22.49 49.23 -72.42
N ASN G 193 -22.06 50.11 -73.31
CA ASN G 193 -20.76 50.75 -73.13
C ASN G 193 -20.90 52.27 -73.07
N PRO G 194 -21.34 52.85 -71.95
CA PRO G 194 -21.46 54.31 -71.89
C PRO G 194 -20.15 55.01 -71.56
N VAL G 195 -19.20 54.30 -70.98
CA VAL G 195 -18.06 54.91 -70.30
C VAL G 195 -17.07 55.44 -71.33
N TYR G 196 -16.91 56.75 -71.37
CA TYR G 196 -15.84 57.41 -72.12
C TYR G 196 -14.87 58.02 -71.12
N ALA G 197 -13.92 57.20 -70.67
CA ALA G 197 -12.99 57.57 -69.62
C ALA G 197 -11.66 57.99 -70.21
N THR G 198 -11.32 59.26 -70.04
CA THR G 198 -10.03 59.80 -70.48
C THR G 198 -9.23 60.18 -69.25
N LEU G 199 -8.01 59.66 -69.17
CA LEU G 199 -7.21 59.75 -67.95
C LEU G 199 -5.83 60.29 -68.26
N LYS G 200 -5.38 61.21 -67.42
CA LYS G 200 -4.00 61.71 -67.47
C LYS G 200 -3.20 61.07 -66.34
N ILE G 201 -2.16 60.34 -66.72
CA ILE G 201 -1.44 59.46 -65.79
C ILE G 201 0.01 59.93 -65.74
N ARG G 202 0.36 60.70 -64.70
CA ARG G 202 1.73 61.11 -64.50
C ARG G 202 2.49 60.04 -63.72
N ILE G 203 3.65 59.64 -64.25
CA ILE G 203 4.65 58.91 -63.50
C ILE G 203 5.90 59.78 -63.44
N TYR G 204 6.29 60.20 -62.25
CA TYR G 204 7.58 60.84 -62.06
C TYR G 204 8.42 59.99 -61.13
N PHE G 205 9.69 59.82 -61.49
CA PHE G 205 10.55 58.82 -60.87
C PHE G 205 12.01 59.24 -60.92
N ALA H 1 42.34 -16.85 -11.09
CA ALA H 1 41.55 -15.67 -10.78
C ALA H 1 40.06 -15.98 -10.87
N PRO H 2 39.27 -15.43 -9.95
CA PRO H 2 37.83 -15.76 -9.91
C PRO H 2 37.08 -15.14 -11.07
N MET H 3 36.51 -16.03 -11.91
CA MET H 3 35.66 -15.68 -13.06
C MET H 3 36.40 -14.81 -14.09
N TYR H 4 37.42 -15.41 -14.69
CA TYR H 4 37.98 -14.96 -15.97
C TYR H 4 36.87 -14.77 -17.00
N ARG H 5 36.95 -13.68 -17.78
CA ARG H 5 35.86 -13.41 -18.72
C ARG H 5 36.28 -12.93 -20.14
N LYS H 6 37.17 -13.59 -20.90
CA LYS H 6 38.17 -14.63 -20.61
C LYS H 6 39.47 -14.10 -19.94
N PRO H 7 39.92 -12.87 -20.21
CA PRO H 7 40.78 -12.20 -19.24
C PRO H 7 39.94 -11.45 -18.21
N THR H 8 40.57 -11.16 -17.08
CA THR H 8 39.84 -10.60 -15.94
C THR H 8 39.53 -9.13 -16.16
N MET H 9 38.25 -8.78 -16.06
CA MET H 9 37.89 -7.42 -15.73
C MET H 9 37.80 -7.28 -14.21
N TYR H 10 37.40 -6.08 -13.77
CA TYR H 10 37.61 -5.61 -12.40
C TYR H 10 39.07 -5.74 -11.98
N ARG H 11 40.00 -5.45 -12.89
CA ARG H 11 41.39 -5.30 -12.53
C ARG H 11 41.78 -3.83 -12.64
N MET H 12 41.81 -3.26 -13.85
CA MET H 12 41.18 -2.00 -14.25
C MET H 12 41.45 -0.75 -13.38
N TYR H 13 42.25 -0.85 -12.32
CA TYR H 13 42.17 0.16 -11.26
C TYR H 13 43.54 0.31 -10.59
N ARG H 14 43.54 0.97 -9.43
CA ARG H 14 44.76 1.31 -8.70
C ARG H 14 45.33 0.06 -8.03
N SER H 15 46.60 -0.24 -8.32
CA SER H 15 47.35 -1.25 -7.60
C SER H 15 48.83 -0.88 -7.64
N PRO H 16 49.49 -0.85 -6.56
CA PRO H 16 50.93 -0.54 -6.59
C PRO H 16 51.77 -1.73 -7.06
N ASP H 17 51.87 -1.90 -8.37
CA ASP H 17 52.66 -3.01 -8.90
C ASP H 17 53.89 -2.54 -9.66
N ILE H 18 53.70 -1.94 -10.84
CA ILE H 18 54.68 -1.82 -11.93
C ILE H 18 53.98 -1.00 -13.02
N PRO H 19 54.65 -0.54 -14.09
CA PRO H 19 53.88 0.19 -15.13
C PRO H 19 53.02 -0.66 -16.07
N ARG H 20 53.51 -1.77 -16.63
CA ARG H 20 52.89 -2.31 -17.84
C ARG H 20 51.84 -3.38 -17.59
N GLY H 21 52.21 -4.49 -16.97
CA GLY H 21 51.25 -5.55 -16.69
C GLY H 21 50.22 -5.08 -15.66
N CYS H 22 49.05 -5.68 -15.68
CA CYS H 22 48.00 -5.17 -14.82
C CYS H 22 47.46 -6.20 -13.84
N GLU H 23 47.61 -7.49 -14.16
CA GLU H 23 46.86 -8.55 -13.53
C GLU H 23 47.38 -8.85 -12.13
N GLY H 24 46.86 -9.94 -11.54
CA GLY H 24 47.35 -10.46 -10.29
C GLY H 24 48.82 -10.80 -10.40
N PRO H 25 49.62 -10.33 -9.43
CA PRO H 25 51.07 -10.43 -9.57
C PRO H 25 51.56 -11.87 -9.47
N CYS H 26 51.45 -12.57 -10.60
CA CYS H 26 51.39 -14.02 -10.56
C CYS H 26 52.77 -14.62 -10.38
N LYS H 27 52.85 -15.62 -9.50
CA LYS H 27 54.12 -16.26 -9.21
C LYS H 27 54.38 -17.37 -10.21
N VAL H 28 55.61 -17.42 -10.70
CA VAL H 28 56.14 -18.56 -11.45
C VAL H 28 57.40 -19.00 -10.73
N GLN H 29 57.36 -20.19 -10.16
CA GLN H 29 58.57 -20.76 -9.60
C GLN H 29 59.47 -21.24 -10.73
N SER H 30 60.77 -21.15 -10.54
CA SER H 30 61.74 -22.02 -11.19
C SER H 30 62.52 -22.72 -10.09
N PHE H 31 61.92 -23.78 -9.54
CA PHE H 31 62.65 -24.62 -8.61
C PHE H 31 63.70 -25.43 -9.35
N GLU H 32 64.86 -25.57 -8.72
CA GLU H 32 65.87 -26.50 -9.20
C GLU H 32 66.23 -27.46 -8.08
N GLN H 33 66.52 -28.70 -8.48
CA GLN H 33 67.21 -29.66 -7.62
C GLN H 33 68.42 -30.06 -8.45
N ARG H 34 69.46 -29.23 -8.38
CA ARG H 34 70.58 -29.31 -9.31
C ARG H 34 71.90 -29.14 -8.57
N ASP H 35 72.97 -28.96 -9.34
CA ASP H 35 74.28 -28.60 -8.83
C ASP H 35 74.96 -27.73 -9.88
N ASP H 36 76.27 -27.59 -9.76
CA ASP H 36 77.03 -26.88 -10.77
C ASP H 36 78.35 -27.58 -10.98
N VAL H 37 79.21 -26.96 -11.78
CA VAL H 37 80.61 -27.34 -11.90
C VAL H 37 81.40 -26.11 -11.48
N LYS H 38 82.73 -26.17 -11.60
CA LYS H 38 83.54 -25.00 -11.28
C LYS H 38 83.26 -23.85 -12.24
N HIS H 39 83.09 -24.15 -13.53
CA HIS H 39 82.98 -23.10 -14.53
C HIS H 39 81.61 -22.45 -14.53
N LEU H 40 80.54 -23.25 -14.51
CA LEU H 40 79.24 -22.67 -14.78
C LEU H 40 78.13 -23.46 -14.12
N GLY H 41 77.16 -22.72 -13.58
CA GLY H 41 75.83 -23.25 -13.37
C GLY H 41 74.86 -22.30 -14.04
N ILE H 42 74.21 -22.74 -15.12
CA ILE H 42 73.43 -21.85 -15.96
C ILE H 42 71.95 -22.07 -15.69
N CYS H 43 71.23 -20.97 -15.52
CA CYS H 43 69.79 -21.02 -15.23
C CYS H 43 69.14 -19.82 -15.89
N LYS H 44 68.51 -20.02 -17.05
CA LYS H 44 67.54 -19.04 -17.52
C LYS H 44 66.29 -19.16 -16.68
N VAL H 45 65.95 -18.08 -15.95
CA VAL H 45 64.91 -18.11 -14.94
C VAL H 45 63.52 -17.87 -15.54
N ILE H 46 63.42 -17.72 -16.86
CA ILE H 46 62.22 -17.25 -17.51
C ILE H 46 61.57 -18.35 -18.36
N SER H 47 62.20 -19.54 -18.43
CA SER H 47 61.88 -20.55 -19.46
C SER H 47 60.48 -21.11 -19.31
N ASP H 48 60.00 -21.32 -18.07
CA ASP H 48 58.71 -21.97 -17.89
C ASP H 48 57.52 -21.06 -18.16
N VAL H 49 57.71 -19.75 -18.22
CA VAL H 49 56.55 -18.86 -18.34
C VAL H 49 56.13 -18.87 -19.81
N THR H 50 55.05 -19.58 -20.09
CA THR H 50 54.49 -19.71 -21.43
C THR H 50 53.15 -19.01 -21.48
N ARG H 51 52.53 -19.02 -22.66
CA ARG H 51 51.21 -18.41 -22.82
C ARG H 51 50.16 -19.26 -22.12
N GLY H 52 49.33 -18.60 -21.33
CA GLY H 52 48.20 -19.24 -20.71
C GLY H 52 47.38 -18.24 -19.93
N PRO H 53 46.09 -18.53 -19.73
CA PRO H 53 45.29 -17.69 -18.83
C PRO H 53 45.56 -17.95 -17.36
N GLY H 54 46.29 -19.01 -17.02
CA GLY H 54 46.51 -19.37 -15.63
C GLY H 54 47.46 -18.43 -14.92
N LEU H 55 47.49 -18.58 -13.60
CA LEU H 55 48.27 -17.72 -12.72
C LEU H 55 49.72 -18.17 -12.55
N THR H 56 50.22 -19.01 -13.45
CA THR H 56 51.66 -19.26 -13.59
C THR H 56 52.06 -19.07 -15.05
N HIS H 57 51.46 -18.07 -15.70
CA HIS H 57 51.58 -17.91 -17.14
C HIS H 57 51.67 -16.41 -17.46
N ARG H 58 51.45 -16.09 -18.73
CA ARG H 58 51.52 -14.73 -19.23
C ARG H 58 50.45 -14.53 -20.30
N VAL H 59 50.21 -13.27 -20.63
CA VAL H 59 49.37 -12.89 -21.76
C VAL H 59 50.19 -11.95 -22.64
N GLY H 60 50.47 -12.39 -23.86
CA GLY H 60 51.36 -11.63 -24.70
C GLY H 60 52.80 -11.84 -24.29
N LYS H 61 53.67 -10.97 -24.78
CA LYS H 61 55.11 -11.18 -24.68
C LYS H 61 55.78 -10.15 -23.76
N ARG H 62 55.03 -9.56 -22.84
CA ARG H 62 55.55 -8.45 -22.04
C ARG H 62 55.50 -8.79 -20.55
N PHE H 63 56.64 -8.61 -19.87
CA PHE H 63 56.74 -8.77 -18.44
C PHE H 63 57.15 -7.46 -17.79
N CYS H 64 56.86 -7.34 -16.49
CA CYS H 64 57.54 -6.42 -15.57
C CYS H 64 57.73 -7.22 -14.28
N ILE H 65 58.90 -7.85 -14.16
CA ILE H 65 59.22 -8.65 -12.97
C ILE H 65 59.33 -7.73 -11.76
N LYS H 66 58.44 -7.92 -10.80
CA LYS H 66 58.47 -7.10 -9.60
C LYS H 66 59.65 -7.45 -8.72
N SER H 67 59.79 -8.74 -8.39
CA SER H 67 60.90 -9.15 -7.55
C SER H 67 61.23 -10.62 -7.81
N ILE H 68 62.52 -10.93 -7.70
CA ILE H 68 63.01 -12.30 -7.66
C ILE H 68 63.29 -12.63 -6.19
N TYR H 69 62.68 -13.70 -5.71
CA TYR H 69 62.80 -14.16 -4.34
C TYR H 69 63.57 -15.47 -4.35
N ILE H 70 64.84 -15.42 -3.95
CA ILE H 70 65.73 -16.57 -4.05
C ILE H 70 65.78 -17.26 -2.70
N LEU H 71 65.18 -18.43 -2.62
CA LEU H 71 65.45 -19.38 -1.56
C LEU H 71 66.54 -20.34 -2.02
N GLY H 72 67.11 -21.08 -1.07
CA GLY H 72 68.10 -22.07 -1.44
C GLY H 72 68.96 -22.57 -0.31
N LYS H 73 69.24 -23.86 -0.33
CA LYS H 73 70.18 -24.49 0.59
C LYS H 73 71.35 -25.05 -0.20
N ILE H 74 72.56 -24.64 0.19
CA ILE H 74 73.78 -24.93 -0.56
C ILE H 74 74.64 -25.81 0.33
N TRP H 75 74.76 -27.09 -0.01
CA TRP H 75 75.47 -28.02 0.85
C TRP H 75 76.55 -28.76 0.07
N LEU H 76 77.28 -29.58 0.82
CA LEU H 76 78.17 -30.59 0.28
C LEU H 76 78.06 -31.89 1.07
N ASP H 77 76.91 -32.17 1.68
CA ASP H 77 76.79 -33.18 2.72
C ASP H 77 76.59 -34.58 2.14
N GLU H 78 76.98 -34.79 0.88
CA GLU H 78 77.24 -36.13 0.37
C GLU H 78 78.40 -36.74 1.14
N THR H 79 78.47 -38.07 1.19
CA THR H 79 79.49 -38.77 1.96
C THR H 79 80.91 -38.63 1.40
N ILE H 80 81.05 -37.99 0.24
CA ILE H 80 82.33 -37.74 -0.40
C ILE H 80 82.47 -36.23 -0.37
N LYS H 81 83.55 -35.69 -0.95
CA LYS H 81 83.88 -34.26 -1.04
C LYS H 81 84.14 -33.66 0.33
N LYS H 82 84.73 -34.44 1.23
CA LYS H 82 85.40 -33.91 2.42
C LYS H 82 86.85 -33.57 2.16
N GLN H 83 87.53 -34.26 1.25
CA GLN H 83 88.83 -33.84 0.77
C GLN H 83 88.64 -32.80 -0.35
N ASN H 84 89.74 -32.12 -0.70
CA ASN H 84 89.80 -31.03 -1.67
C ASN H 84 88.81 -29.93 -1.31
N HIS H 85 88.74 -29.62 -0.02
CA HIS H 85 87.63 -28.88 0.57
C HIS H 85 87.84 -27.38 0.62
N THR H 86 86.99 -26.70 1.40
CA THR H 86 86.92 -25.24 1.57
C THR H 86 86.67 -24.48 0.28
N ASN H 87 85.49 -24.65 -0.32
CA ASN H 87 85.07 -23.90 -1.48
C ASN H 87 83.94 -22.95 -1.10
N ASN H 88 83.75 -21.90 -1.88
CA ASN H 88 82.66 -20.96 -1.66
C ASN H 88 81.94 -20.68 -2.98
N VAL H 89 80.72 -20.15 -2.86
CA VAL H 89 79.83 -19.94 -3.99
C VAL H 89 79.59 -18.45 -4.15
N ILE H 90 79.83 -17.95 -5.36
CA ILE H 90 79.52 -16.57 -5.70
C ILE H 90 78.36 -16.59 -6.69
N PHE H 91 77.28 -15.90 -6.36
CA PHE H 91 76.14 -15.85 -7.26
C PHE H 91 76.22 -14.63 -8.17
N TYR H 92 75.59 -14.76 -9.34
CA TYR H 92 75.58 -13.69 -10.34
C TYR H 92 74.18 -13.60 -10.91
N LEU H 93 73.56 -12.43 -10.77
CA LEU H 93 72.23 -12.18 -11.31
C LEU H 93 72.37 -11.05 -12.32
N LEU H 94 72.32 -11.38 -13.60
CA LEU H 94 72.71 -10.46 -14.67
C LEU H 94 71.48 -9.96 -15.40
N ARG H 95 71.50 -8.68 -15.79
CA ARG H 95 70.51 -8.13 -16.71
C ARG H 95 71.05 -8.30 -18.13
N ASP H 96 70.45 -9.21 -18.89
CA ASP H 96 70.90 -9.50 -20.24
C ASP H 96 70.28 -8.53 -21.23
N ARG H 97 70.99 -8.28 -22.33
CA ARG H 97 70.55 -7.34 -23.35
C ARG H 97 70.00 -7.98 -24.61
N ARG H 98 70.49 -9.20 -25.00
CA ARG H 98 69.79 -10.01 -26.02
C ARG H 98 70.23 -11.46 -25.90
N PRO H 99 69.38 -12.42 -26.26
CA PRO H 99 69.84 -13.81 -26.34
C PRO H 99 70.48 -14.12 -27.70
N TYR H 100 71.44 -15.05 -27.69
CA TYR H 100 72.06 -15.56 -28.91
C TYR H 100 71.54 -16.97 -29.11
N GLY H 101 70.37 -17.08 -29.74
CA GLY H 101 69.73 -18.36 -29.91
C GLY H 101 69.29 -18.98 -28.58
N ASN H 102 69.98 -20.04 -28.16
CA ASN H 102 69.68 -20.69 -26.90
C ASN H 102 70.64 -20.18 -25.82
N ALA H 103 70.71 -20.88 -24.68
CA ALA H 103 71.46 -20.41 -23.53
C ALA H 103 72.97 -20.47 -23.79
N PRO H 104 73.71 -19.40 -23.49
CA PRO H 104 75.16 -19.37 -23.76
C PRO H 104 76.02 -19.91 -22.64
N GLN H 105 77.34 -19.81 -22.82
CA GLN H 105 78.34 -20.30 -21.87
C GLN H 105 78.50 -19.34 -20.69
N ASP H 106 79.46 -19.64 -19.81
CA ASP H 106 79.88 -18.70 -18.78
C ASP H 106 81.37 -18.36 -18.86
N PHE H 107 82.28 -19.35 -18.89
CA PHE H 107 83.70 -19.03 -18.97
C PHE H 107 84.06 -18.42 -20.32
N GLY H 108 83.30 -18.74 -21.35
CA GLY H 108 83.38 -17.97 -22.58
C GLY H 108 82.58 -16.68 -22.56
N GLN H 109 82.00 -16.31 -21.43
CA GLN H 109 81.12 -15.15 -21.35
C GLN H 109 81.61 -14.08 -20.38
N ILE H 110 81.87 -14.42 -19.12
CA ILE H 110 82.44 -13.43 -18.20
C ILE H 110 83.95 -13.39 -18.38
N PHE H 111 84.58 -12.29 -17.94
CA PHE H 111 85.93 -12.01 -18.46
C PHE H 111 86.98 -12.97 -17.93
N ASN H 112 87.21 -13.01 -16.62
CA ASN H 112 88.40 -13.66 -16.10
C ASN H 112 87.98 -14.76 -15.13
N MET H 113 88.97 -15.37 -14.48
CA MET H 113 88.77 -16.59 -13.70
C MET H 113 88.15 -16.26 -12.33
N PHE H 114 86.82 -16.33 -12.29
CA PHE H 114 85.93 -16.59 -11.16
C PHE H 114 85.82 -15.42 -10.19
N ASP H 115 86.61 -14.36 -10.35
CA ASP H 115 86.42 -13.09 -9.65
C ASP H 115 86.54 -11.99 -10.69
N ASN H 116 85.40 -11.64 -11.30
CA ASN H 116 85.45 -10.87 -12.53
C ASN H 116 84.16 -10.08 -12.73
N GLU H 117 84.04 -9.57 -13.95
CA GLU H 117 82.93 -8.79 -14.49
C GLU H 117 82.70 -9.32 -15.91
N PRO H 118 81.63 -8.91 -16.61
CA PRO H 118 81.55 -9.23 -18.04
C PRO H 118 82.64 -8.55 -18.85
N SER H 119 82.92 -9.12 -20.01
CA SER H 119 84.01 -8.66 -20.85
C SER H 119 83.70 -7.30 -21.46
N THR H 120 84.76 -6.64 -21.95
CA THR H 120 84.63 -5.30 -22.52
C THR H 120 83.86 -5.31 -23.83
N ALA H 121 83.88 -6.41 -24.57
CA ALA H 121 83.14 -6.51 -25.82
C ALA H 121 81.73 -7.03 -25.64
N THR H 122 81.26 -7.22 -24.41
CA THR H 122 79.97 -7.84 -24.15
C THR H 122 78.97 -6.90 -23.49
N ILE H 123 79.38 -5.70 -23.11
CA ILE H 123 78.49 -4.79 -22.40
C ILE H 123 77.45 -4.20 -23.34
N PHE H 131 77.10 -7.73 -21.06
CA PHE H 131 75.74 -7.80 -20.51
C PHE H 131 75.74 -7.12 -19.16
N GLN H 132 74.62 -6.50 -18.80
CA GLN H 132 74.56 -5.77 -17.54
C GLN H 132 74.45 -6.74 -16.37
N VAL H 133 74.84 -6.24 -15.20
CA VAL H 133 74.84 -6.98 -13.94
C VAL H 133 73.79 -6.32 -13.06
N LEU H 134 73.16 -7.09 -12.19
CA LEU H 134 72.36 -6.46 -11.14
C LEU H 134 73.05 -6.51 -9.78
N ARG H 135 73.28 -7.71 -9.23
CA ARG H 135 73.97 -7.84 -7.94
C ARG H 135 74.69 -9.19 -7.87
N LYS H 136 75.35 -9.41 -6.74
CA LYS H 136 76.07 -10.64 -6.42
C LYS H 136 75.61 -11.16 -5.06
N PHE H 137 76.06 -12.37 -4.72
CA PHE H 137 75.80 -12.93 -3.39
C PHE H 137 77.03 -13.73 -2.96
N HIS H 138 76.95 -14.30 -1.75
CA HIS H 138 78.01 -15.13 -1.20
C HIS H 138 77.42 -16.34 -0.50
N ALA H 139 78.17 -17.44 -0.52
CA ALA H 139 77.83 -18.65 0.21
C ALA H 139 79.11 -19.43 0.41
N THR H 140 79.52 -19.62 1.67
CA THR H 140 80.81 -20.20 2.01
C THR H 140 80.59 -21.51 2.77
N VAL H 141 80.89 -22.63 2.11
CA VAL H 141 80.73 -23.95 2.71
C VAL H 141 82.11 -24.59 2.86
N VAL H 142 82.65 -24.54 4.07
CA VAL H 142 84.00 -25.03 4.31
C VAL H 142 83.97 -26.25 5.24
N GLY H 143 84.03 -27.44 4.66
CA GLY H 143 84.01 -28.64 5.47
C GLY H 143 85.03 -29.70 5.08
N GLY H 144 85.97 -29.98 5.97
CA GLY H 144 86.98 -30.99 5.67
C GLY H 144 86.85 -32.22 6.55
N LEU H 145 87.74 -32.35 7.53
CA LEU H 145 87.68 -33.46 8.47
C LEU H 145 87.88 -32.94 9.88
N TYR H 146 87.56 -33.79 10.86
CA TYR H 146 87.78 -33.65 12.29
C TYR H 146 87.05 -32.47 12.95
N CYS H 147 86.21 -31.72 12.25
CA CYS H 147 85.13 -31.07 13.00
C CYS H 147 83.75 -31.42 12.40
N MET H 148 83.50 -31.34 11.08
CA MET H 148 84.09 -30.46 10.05
C MET H 148 83.20 -29.21 10.02
N LYS H 149 83.79 -28.04 10.26
CA LYS H 149 82.95 -26.90 10.58
C LYS H 149 82.75 -25.98 9.36
N GLU H 150 81.85 -26.43 8.48
CA GLU H 150 80.73 -25.71 7.87
C GLU H 150 80.03 -26.63 6.89
N GLN H 151 78.75 -26.35 6.63
CA GLN H 151 77.85 -27.16 5.82
C GLN H 151 76.73 -26.28 5.29
N ALA H 152 75.60 -26.93 4.96
CA ALA H 152 74.40 -26.37 4.33
C ALA H 152 73.98 -25.03 4.93
N LEU H 153 74.01 -23.99 4.10
CA LEU H 153 73.62 -22.64 4.51
C LEU H 153 72.31 -22.28 3.84
N VAL H 154 71.49 -21.47 4.53
CA VAL H 154 70.21 -21.06 3.98
C VAL H 154 70.29 -19.61 3.57
N LYS H 155 69.83 -19.31 2.34
CA LYS H 155 69.87 -17.94 1.81
C LYS H 155 68.49 -17.55 1.32
N ARG H 156 67.95 -16.47 1.89
CA ARG H 156 66.72 -15.86 1.39
C ARG H 156 67.00 -14.39 1.07
N PHE H 157 66.44 -13.92 -0.04
CA PHE H 157 66.70 -12.55 -0.50
C PHE H 157 65.50 -12.01 -1.26
N TYR H 158 64.89 -10.93 -0.75
CA TYR H 158 64.12 -10.05 -1.61
C TYR H 158 65.05 -9.33 -2.57
N ARG H 159 64.63 -9.20 -3.83
CA ARG H 159 65.47 -8.54 -4.83
C ARG H 159 64.56 -7.97 -5.92
N LEU H 160 64.33 -6.66 -5.87
CA LEU H 160 63.45 -5.99 -6.83
C LEU H 160 64.15 -5.81 -8.17
N ASN H 161 63.40 -5.98 -9.25
CA ASN H 161 63.94 -5.95 -10.60
C ASN H 161 62.92 -5.29 -11.53
N HIS H 162 63.09 -5.46 -12.84
CA HIS H 162 62.30 -4.71 -13.82
C HIS H 162 62.03 -5.59 -15.03
N HIS H 163 61.62 -4.96 -16.13
CA HIS H 163 60.81 -5.54 -17.19
C HIS H 163 61.58 -6.50 -18.09
N VAL H 164 60.82 -7.40 -18.73
CA VAL H 164 61.31 -8.44 -19.64
C VAL H 164 60.35 -8.50 -20.82
N THR H 165 60.88 -8.79 -22.04
CA THR H 165 60.07 -9.02 -23.25
C THR H 165 60.52 -10.29 -23.97
N TYR H 166 59.56 -11.03 -24.56
CA TYR H 166 59.81 -12.16 -25.45
C TYR H 166 59.77 -11.75 -26.93
N ASN H 167 60.30 -12.61 -27.79
CA ASN H 167 60.34 -12.32 -29.22
C ASN H 167 59.15 -12.91 -29.98
N HIS H 168 59.04 -14.23 -30.03
CA HIS H 168 58.05 -14.84 -30.89
C HIS H 168 56.69 -14.86 -30.19
N GLN H 169 55.66 -15.23 -30.93
CA GLN H 169 54.30 -15.32 -30.41
C GLN H 169 53.93 -16.75 -30.05
N GLU H 170 54.91 -17.50 -29.56
CA GLU H 170 54.74 -18.91 -29.24
C GLU H 170 54.34 -19.08 -27.77
N ALA H 171 53.67 -20.19 -27.49
CA ALA H 171 53.52 -20.67 -26.11
C ALA H 171 54.69 -21.60 -25.81
N GLY H 172 55.89 -21.02 -25.82
CA GLY H 172 57.09 -21.81 -25.91
C GLY H 172 58.21 -21.53 -24.92
N LYS H 173 59.40 -21.99 -25.27
CA LYS H 173 60.52 -22.16 -24.36
C LYS H 173 61.34 -20.87 -24.26
N TYR H 174 62.56 -20.98 -23.74
CA TYR H 174 63.46 -19.85 -23.52
C TYR H 174 64.05 -19.29 -24.81
N GLU H 175 64.06 -20.08 -25.90
CA GLU H 175 64.79 -19.68 -27.09
C GLU H 175 64.17 -18.51 -27.83
N ASN H 176 62.90 -18.19 -27.58
CA ASN H 176 62.25 -17.05 -28.23
C ASN H 176 62.28 -15.79 -27.37
N HIS H 177 63.32 -15.59 -26.58
CA HIS H 177 63.49 -14.33 -25.86
C HIS H 177 63.96 -13.24 -26.80
N THR H 178 63.93 -12.01 -26.30
CA THR H 178 64.48 -10.86 -27.00
C THR H 178 65.16 -10.00 -25.94
N GLU H 179 65.37 -8.71 -26.25
CA GLU H 179 65.91 -7.69 -25.36
C GLU H 179 65.33 -7.74 -23.95
N ASN H 180 66.18 -7.39 -22.99
CA ASN H 180 65.91 -7.42 -21.55
C ASN H 180 65.50 -8.83 -21.10
N ALA H 181 66.46 -9.72 -21.25
CA ALA H 181 66.40 -10.98 -20.54
C ALA H 181 67.15 -10.84 -19.22
N LEU H 182 66.99 -11.84 -18.36
CA LEU H 182 67.73 -11.90 -17.10
C LEU H 182 67.81 -13.35 -16.65
N LEU H 183 68.95 -13.73 -16.10
CA LEU H 183 69.21 -15.13 -15.76
C LEU H 183 70.31 -15.17 -14.70
N LEU H 184 70.67 -16.39 -14.30
CA LEU H 184 71.62 -16.61 -13.22
C LEU H 184 72.85 -17.37 -13.70
N TYR H 185 73.98 -17.08 -13.03
CA TYR H 185 75.16 -17.91 -13.12
C TYR H 185 75.65 -18.19 -11.71
N MET H 186 76.07 -19.43 -11.48
CA MET H 186 76.65 -19.84 -10.21
C MET H 186 78.09 -20.29 -10.46
N ALA H 187 78.99 -19.94 -9.53
CA ALA H 187 80.41 -20.15 -9.75
C ALA H 187 81.04 -20.81 -8.53
N CYS H 188 81.81 -21.86 -8.77
CA CYS H 188 82.67 -22.45 -7.76
C CYS H 188 84.11 -21.97 -7.95
N THR H 189 84.87 -22.00 -6.87
CA THR H 189 86.22 -21.42 -6.87
C THR H 189 87.32 -22.46 -6.68
N HIS H 190 87.03 -23.74 -6.80
CA HIS H 190 88.04 -24.78 -6.64
C HIS H 190 87.77 -25.92 -7.61
N ALA H 191 88.82 -26.70 -7.90
CA ALA H 191 88.77 -27.72 -8.93
C ALA H 191 87.87 -28.89 -8.57
N SER H 192 87.68 -29.16 -7.27
CA SER H 192 86.68 -30.13 -6.86
C SER H 192 85.28 -29.57 -7.08
N ASN H 193 84.30 -30.46 -7.06
CA ASN H 193 82.92 -30.01 -7.17
C ASN H 193 82.09 -30.48 -5.97
N PRO H 194 82.20 -29.83 -4.81
CA PRO H 194 81.41 -30.28 -3.66
C PRO H 194 79.99 -29.72 -3.65
N VAL H 195 79.76 -28.63 -4.37
CA VAL H 195 78.57 -27.80 -4.19
C VAL H 195 77.36 -28.49 -4.79
N TYR H 196 76.42 -28.88 -3.94
CA TYR H 196 75.09 -29.32 -4.36
C TYR H 196 74.08 -28.28 -3.93
N ALA H 197 73.89 -27.29 -4.80
CA ALA H 197 73.06 -26.13 -4.51
C ALA H 197 71.70 -26.28 -5.14
N THR H 198 70.66 -26.39 -4.33
CA THR H 198 69.28 -26.46 -4.79
C THR H 198 68.56 -25.20 -4.35
N LEU H 199 67.95 -24.51 -5.29
CA LEU H 199 67.42 -23.18 -5.06
C LEU H 199 65.97 -23.10 -5.51
N LYS H 200 65.14 -22.47 -4.69
CA LYS H 200 63.76 -22.15 -5.02
C LYS H 200 63.67 -20.67 -5.37
N ILE H 201 63.26 -20.39 -6.60
CA ILE H 201 63.35 -19.05 -7.17
C ILE H 201 61.94 -18.60 -7.53
N ARG H 202 61.32 -17.80 -6.67
CA ARG H 202 60.02 -17.23 -6.97
C ARG H 202 60.17 -15.94 -7.75
N ILE H 203 59.46 -15.85 -8.88
CA ILE H 203 59.22 -14.58 -9.57
C ILE H 203 57.73 -14.34 -9.54
N TYR H 204 57.30 -13.28 -8.87
CA TYR H 204 55.91 -12.82 -8.97
C TYR H 204 55.89 -11.43 -9.58
N PHE H 205 54.97 -11.23 -10.51
CA PHE H 205 54.99 -10.05 -11.38
C PHE H 205 53.58 -9.68 -11.84
N ARG I 14 7.58 28.37 -36.06
CA ARG I 14 8.69 29.14 -36.62
C ARG I 14 8.25 30.42 -37.33
N SER I 15 6.96 30.58 -37.56
CA SER I 15 6.46 31.56 -38.51
C SER I 15 5.17 32.23 -38.01
N PRO I 16 5.00 33.57 -38.26
CA PRO I 16 3.84 34.33 -37.75
C PRO I 16 2.57 34.31 -38.60
N ASP I 17 1.67 33.36 -38.35
CA ASP I 17 0.32 33.48 -38.89
C ASP I 17 -0.72 33.65 -37.79
N ILE I 18 -0.86 32.65 -36.92
CA ILE I 18 -1.99 32.40 -36.01
C ILE I 18 -1.52 31.24 -35.13
N PRO I 19 -2.12 30.93 -33.98
CA PRO I 19 -1.53 29.90 -33.11
C PRO I 19 -1.78 28.45 -33.52
N ARG I 20 -2.27 28.12 -34.71
CA ARG I 20 -2.41 26.71 -35.06
C ARG I 20 -1.61 26.32 -36.28
N GLY I 21 -1.79 26.99 -37.40
CA GLY I 21 -1.32 26.55 -38.68
C GLY I 21 0.02 27.13 -39.10
N CYS I 22 1.01 26.25 -39.16
CA CYS I 22 2.21 26.46 -39.95
C CYS I 22 1.98 26.18 -41.42
N GLU I 23 0.77 25.76 -41.78
CA GLU I 23 0.35 25.49 -43.15
C GLU I 23 0.41 26.76 -43.99
N GLY I 24 0.42 26.54 -45.31
CA GLY I 24 0.28 27.62 -46.25
C GLY I 24 -1.08 28.27 -46.11
N PRO I 25 -1.09 29.59 -45.87
CA PRO I 25 -2.35 30.28 -45.53
C PRO I 25 -3.30 30.37 -46.71
N CYS I 26 -3.99 29.28 -46.97
CA CYS I 26 -4.56 29.07 -48.28
C CYS I 26 -5.92 29.73 -48.41
N LYS I 27 -6.21 30.23 -49.61
CA LYS I 27 -7.49 30.85 -49.90
C LYS I 27 -8.43 29.80 -50.46
N VAL I 28 -9.65 29.78 -49.92
CA VAL I 28 -10.75 29.03 -50.50
C VAL I 28 -11.91 30.01 -50.61
N GLN I 29 -12.33 30.28 -51.83
CA GLN I 29 -13.33 31.29 -52.09
C GLN I 29 -14.68 30.61 -52.25
N SER I 30 -15.66 31.17 -51.58
CA SER I 30 -17.04 30.75 -51.78
C SER I 30 -17.71 31.83 -52.61
N PHE I 31 -17.49 31.77 -53.92
CA PHE I 31 -18.24 32.66 -54.81
C PHE I 31 -19.68 32.20 -54.91
N GLU I 32 -20.58 33.18 -54.94
CA GLU I 32 -21.97 32.92 -55.25
C GLU I 32 -22.39 33.78 -56.43
N GLN I 33 -23.27 33.21 -57.25
CA GLN I 33 -24.04 33.97 -58.23
C GLN I 33 -25.49 33.63 -57.88
N ARG I 34 -26.01 34.34 -56.89
CA ARG I 34 -27.27 33.96 -56.25
C ARG I 34 -28.14 35.19 -56.02
N ASP I 35 -29.19 34.99 -55.24
CA ASP I 35 -30.05 36.07 -54.76
C ASP I 35 -30.55 35.67 -53.38
N ASP I 36 -31.59 36.34 -52.91
CA ASP I 36 -32.22 35.96 -51.65
C ASP I 36 -33.73 36.12 -51.79
N VAL I 37 -34.42 35.94 -50.68
CA VAL I 37 -35.82 36.30 -50.55
C VAL I 37 -35.87 37.32 -49.43
N LYS I 38 -37.09 37.74 -49.04
CA LYS I 38 -37.21 38.67 -47.92
C LYS I 38 -36.74 38.03 -46.62
N HIS I 39 -37.06 36.76 -46.40
CA HIS I 39 -36.80 36.13 -45.12
C HIS I 39 -35.34 35.76 -44.96
N LEU I 40 -34.75 35.12 -45.96
CA LEU I 40 -33.45 34.51 -45.74
C LEU I 40 -32.63 34.42 -47.01
N GLY I 41 -31.34 34.71 -46.89
CA GLY I 41 -30.35 34.20 -47.82
C GLY I 41 -29.30 33.49 -47.00
N ILE I 42 -29.21 32.17 -47.14
CA ILE I 42 -28.39 31.36 -46.25
C ILE I 42 -27.13 30.93 -46.99
N CYS I 43 -25.99 31.09 -46.32
CA CYS I 43 -24.69 30.75 -46.90
C CYS I 43 -23.79 30.24 -45.79
N LYS I 44 -23.66 28.93 -45.67
CA LYS I 44 -22.52 28.39 -44.92
C LYS I 44 -21.27 28.59 -45.74
N VAL I 45 -20.28 29.20 -45.11
CA VAL I 45 -19.03 29.55 -45.77
C VAL I 45 -17.88 28.66 -45.24
N ILE I 46 -18.15 27.38 -44.95
CA ILE I 46 -17.14 26.51 -44.35
C ILE I 46 -16.86 25.26 -45.18
N SER I 47 -17.90 24.56 -45.65
CA SER I 47 -17.69 23.29 -46.34
C SER I 47 -17.23 23.46 -47.78
N ASP I 48 -16.89 24.69 -48.17
CA ASP I 48 -16.00 24.94 -49.30
C ASP I 48 -14.69 24.16 -49.13
N VAL I 49 -14.18 24.10 -47.91
CA VAL I 49 -13.04 23.26 -47.58
C VAL I 49 -13.55 21.87 -47.21
N THR I 50 -13.05 20.87 -47.91
CA THR I 50 -13.14 19.47 -47.52
C THR I 50 -11.74 19.02 -47.14
N ARG I 51 -11.62 17.79 -46.67
CA ARG I 51 -10.30 17.21 -46.46
C ARG I 51 -9.67 16.92 -47.81
N GLY I 52 -8.38 17.22 -47.91
CA GLY I 52 -7.61 16.85 -49.08
C GLY I 52 -6.17 17.26 -48.95
N PRO I 53 -5.30 16.68 -49.77
CA PRO I 53 -3.92 17.17 -49.87
C PRO I 53 -3.78 18.42 -50.70
N GLY I 54 -4.81 18.78 -51.48
CA GLY I 54 -4.72 19.93 -52.36
C GLY I 54 -4.75 21.25 -51.62
N LEU I 55 -4.55 22.31 -52.38
CA LEU I 55 -4.35 23.65 -51.83
C LEU I 55 -5.65 24.43 -51.64
N THR I 56 -6.80 23.78 -51.80
CA THR I 56 -8.08 24.34 -51.39
C THR I 56 -8.73 23.46 -50.35
N HIS I 57 -7.90 22.92 -49.44
CA HIS I 57 -8.34 21.89 -48.52
C HIS I 57 -7.72 22.17 -47.16
N ARG I 58 -7.74 21.15 -46.32
CA ARG I 58 -7.21 21.22 -44.98
C ARG I 58 -6.47 19.92 -44.66
N VAL I 59 -5.72 19.94 -43.57
CA VAL I 59 -5.05 18.76 -43.04
C VAL I 59 -5.60 18.53 -41.64
N GLY I 60 -6.32 17.42 -41.46
CA GLY I 60 -6.96 17.20 -40.17
C GLY I 60 -8.32 17.84 -40.12
N LYS I 61 -8.65 18.44 -38.97
CA LYS I 61 -9.98 18.97 -38.74
C LYS I 61 -9.95 20.30 -37.98
N ARG I 62 -8.97 21.17 -38.28
CA ARG I 62 -8.80 22.41 -37.53
C ARG I 62 -8.58 23.60 -38.46
N PHE I 63 -9.24 24.73 -38.16
CA PHE I 63 -9.04 26.02 -38.84
C PHE I 63 -8.68 27.12 -37.85
N CYS I 64 -8.06 28.18 -38.36
CA CYS I 64 -8.02 29.51 -37.74
C CYS I 64 -8.18 30.49 -38.90
N ILE I 65 -9.42 30.90 -39.15
CA ILE I 65 -9.72 31.84 -40.23
C ILE I 65 -9.10 33.20 -39.89
N LYS I 66 -8.14 33.63 -40.72
CA LYS I 66 -7.50 34.91 -40.49
C LYS I 66 -8.44 36.05 -40.81
N SER I 67 -9.01 36.06 -42.01
CA SER I 67 -9.93 37.12 -42.39
C SER I 67 -10.90 36.64 -43.45
N ILE I 68 -12.12 37.15 -43.38
CA ILE I 68 -13.10 37.02 -44.44
C ILE I 68 -13.09 38.31 -45.25
N TYR I 69 -12.87 38.18 -46.55
CA TYR I 69 -12.81 39.31 -47.47
C TYR I 69 -14.03 39.26 -48.39
N ILE I 70 -15.01 40.13 -48.12
CA ILE I 70 -16.29 40.09 -48.81
C ILE I 70 -16.26 41.10 -49.94
N LEU I 71 -16.21 40.60 -51.17
CA LEU I 71 -16.57 41.37 -52.35
C LEU I 71 -18.04 41.14 -52.67
N GLY I 72 -18.58 42.00 -53.52
CA GLY I 72 -19.95 41.81 -53.93
C GLY I 72 -20.60 43.00 -54.57
N LYS I 73 -21.40 42.75 -55.61
CA LYS I 73 -22.22 43.76 -56.24
C LYS I 73 -23.69 43.40 -56.06
N ILE I 74 -24.46 44.33 -55.52
CA ILE I 74 -25.84 44.09 -55.11
C ILE I 74 -26.72 44.99 -55.97
N TRP I 75 -27.45 44.37 -56.90
CA TRP I 75 -28.23 45.16 -57.85
C TRP I 75 -29.68 44.71 -57.85
N LEU I 76 -30.46 45.43 -58.66
CA LEU I 76 -31.81 45.05 -59.05
C LEU I 76 -32.05 45.33 -60.52
N ASP I 77 -31.00 45.33 -61.35
CA ASP I 77 -31.04 45.90 -62.69
C ASP I 77 -31.62 44.93 -63.72
N GLU I 78 -32.37 43.94 -63.28
CA GLU I 78 -33.30 43.22 -64.14
C GLU I 78 -34.36 44.20 -64.65
N THR I 79 -34.97 43.90 -65.80
CA THR I 79 -35.94 44.81 -66.42
C THR I 79 -37.26 44.91 -65.66
N ILE I 80 -37.42 44.14 -64.59
CA ILE I 80 -38.61 44.17 -63.73
C ILE I 80 -38.07 44.67 -62.38
N LYS I 81 -38.94 44.75 -61.37
CA LYS I 81 -38.66 45.20 -60.01
C LYS I 81 -38.25 46.67 -59.96
N LYS I 82 -38.85 47.47 -60.84
CA LYS I 82 -38.88 48.92 -60.66
C LYS I 82 -40.07 49.38 -59.84
N GLN I 83 -41.19 48.67 -59.87
CA GLN I 83 -42.27 48.88 -58.92
C GLN I 83 -41.97 48.12 -57.63
N ASN I 84 -42.73 48.45 -56.58
CA ASN I 84 -42.59 47.93 -55.21
C ASN I 84 -41.16 48.14 -54.72
N HIS I 85 -40.62 49.32 -54.98
CA HIS I 85 -39.20 49.59 -54.92
C HIS I 85 -38.74 50.13 -53.57
N THR I 86 -37.50 50.65 -53.55
CA THR I 86 -36.78 51.18 -52.38
C THR I 86 -36.59 50.16 -51.28
N ASN I 87 -35.80 49.11 -51.53
CA ASN I 87 -35.44 48.13 -50.52
C ASN I 87 -33.95 48.27 -50.19
N ASN I 88 -33.56 47.80 -49.02
CA ASN I 88 -32.16 47.81 -48.61
C ASN I 88 -31.76 46.44 -48.05
N VAL I 89 -30.46 46.21 -47.99
CA VAL I 89 -29.91 44.91 -47.62
C VAL I 89 -29.12 45.08 -46.33
N ILE I 90 -29.43 44.27 -45.33
CA ILE I 90 -28.68 44.22 -44.08
C ILE I 90 -27.95 42.89 -44.04
N PHE I 91 -26.63 42.92 -43.90
CA PHE I 91 -25.86 41.70 -43.82
C PHE I 91 -25.66 41.27 -42.38
N TYR I 92 -25.49 39.96 -42.19
CA TYR I 92 -25.30 39.38 -40.87
C TYR I 92 -24.20 38.33 -40.96
N LEU I 93 -23.13 38.52 -40.20
CA LEU I 93 -22.02 37.58 -40.15
C LEU I 93 -21.94 37.08 -38.71
N LEU I 94 -22.39 35.84 -38.50
CA LEU I 94 -22.61 35.32 -37.15
C LEU I 94 -21.54 34.32 -36.77
N ARG I 95 -21.13 34.34 -35.51
CA ARG I 95 -20.29 33.29 -34.95
C ARG I 95 -21.20 32.23 -34.35
N ASP I 96 -21.28 31.07 -35.01
CA ASP I 96 -22.15 29.99 -34.58
C ASP I 96 -21.46 29.15 -33.51
N ARG I 97 -22.27 28.54 -32.65
CA ARG I 97 -21.77 27.74 -31.54
C ARG I 97 -21.90 26.23 -31.74
N ARG I 98 -22.94 25.74 -32.48
CA ARG I 98 -22.95 24.42 -33.15
C ARG I 98 -24.14 24.22 -34.07
N PRO I 99 -23.92 23.57 -35.21
CA PRO I 99 -25.05 23.13 -36.05
C PRO I 99 -25.46 21.68 -35.80
N TYR I 100 -26.65 21.34 -36.26
CA TYR I 100 -27.18 19.97 -36.25
C TYR I 100 -27.92 19.75 -37.56
N GLY I 101 -27.52 18.73 -38.32
CA GLY I 101 -28.10 18.57 -39.63
C GLY I 101 -27.65 19.69 -40.53
N ASN I 102 -28.57 20.28 -41.29
CA ASN I 102 -28.17 21.28 -42.27
C ASN I 102 -28.10 22.68 -41.66
N ALA I 103 -28.03 23.68 -42.51
CA ALA I 103 -28.11 25.06 -42.07
C ALA I 103 -29.53 25.37 -41.61
N PRO I 104 -29.73 25.76 -40.35
CA PRO I 104 -31.08 26.14 -39.90
C PRO I 104 -31.47 27.48 -40.51
N GLN I 105 -32.74 27.58 -40.88
CA GLN I 105 -33.23 28.74 -41.61
C GLN I 105 -33.30 29.96 -40.70
N ASP I 106 -33.31 31.14 -41.33
CA ASP I 106 -32.98 32.38 -40.62
C ASP I 106 -34.10 32.83 -39.70
N PHE I 107 -35.31 33.00 -40.23
CA PHE I 107 -36.42 33.48 -39.42
C PHE I 107 -36.82 32.45 -38.38
N GLY I 108 -36.48 31.18 -38.60
CA GLY I 108 -36.56 30.21 -37.53
C GLY I 108 -35.40 30.25 -36.55
N GLN I 109 -34.54 31.27 -36.64
CA GLN I 109 -33.43 31.37 -35.70
C GLN I 109 -33.25 32.75 -35.06
N ILE I 110 -33.43 33.84 -35.81
CA ILE I 110 -33.22 35.17 -35.21
C ILE I 110 -34.58 35.72 -34.77
N PHE I 111 -34.56 36.77 -33.91
CA PHE I 111 -35.74 36.94 -33.06
C PHE I 111 -36.91 37.56 -33.80
N ASN I 112 -36.77 38.79 -34.30
CA ASN I 112 -37.95 39.54 -34.72
C ASN I 112 -37.78 39.91 -36.19
N MET I 113 -38.72 40.72 -36.70
CA MET I 113 -38.84 40.98 -38.13
C MET I 113 -37.80 42.01 -38.59
N PHE I 114 -36.67 41.48 -39.05
CA PHE I 114 -35.72 42.05 -40.00
C PHE I 114 -34.86 43.18 -39.42
N ASP I 115 -35.13 43.64 -38.20
CA ASP I 115 -34.26 44.53 -37.45
C ASP I 115 -34.17 43.96 -36.03
N ASN I 116 -33.20 43.07 -35.81
CA ASN I 116 -33.25 42.23 -34.64
C ASN I 116 -31.86 41.75 -34.25
N GLU I 117 -31.86 40.77 -33.34
CA GLU I 117 -30.72 40.06 -32.77
C GLU I 117 -31.12 38.60 -32.72
N PRO I 118 -30.22 37.66 -32.40
CA PRO I 118 -30.66 36.29 -32.12
C PRO I 118 -31.54 36.23 -30.88
N SER I 119 -32.34 35.15 -30.82
CA SER I 119 -33.32 34.99 -29.75
C SER I 119 -32.63 34.72 -28.41
N THR I 120 -33.40 34.90 -27.34
CA THR I 120 -32.88 34.71 -25.99
C THR I 120 -32.56 33.25 -25.68
N ALA I 121 -33.24 32.31 -26.34
CA ALA I 121 -33.00 30.89 -26.12
C ALA I 121 -31.93 30.34 -27.06
N THR I 122 -31.29 31.18 -27.87
CA THR I 122 -30.36 30.72 -28.88
C THR I 122 -28.92 31.13 -28.64
N ILE I 123 -28.67 31.97 -27.63
CA ILE I 123 -27.31 32.47 -27.39
C ILE I 123 -26.41 31.40 -26.81
N PHE I 131 -26.98 32.27 -30.88
CA PHE I 131 -25.71 32.18 -31.57
C PHE I 131 -25.04 33.55 -31.53
N GLN I 132 -23.71 33.59 -31.47
CA GLN I 132 -23.03 34.86 -31.37
C GLN I 132 -23.02 35.57 -32.73
N VAL I 133 -22.84 36.89 -32.65
CA VAL I 133 -22.81 37.78 -33.81
C VAL I 133 -21.38 38.30 -33.90
N LEU I 134 -20.91 38.59 -35.11
CA LEU I 134 -19.68 39.36 -35.23
C LEU I 134 -19.93 40.81 -35.63
N ARG I 135 -20.49 41.06 -36.81
CA ARG I 135 -20.79 42.42 -37.26
C ARG I 135 -21.97 42.40 -38.24
N LYS I 136 -22.33 43.60 -38.71
CA LYS I 136 -23.39 43.82 -39.68
C LYS I 136 -22.85 44.68 -40.82
N PHE I 137 -23.64 44.84 -41.88
CA PHE I 137 -23.31 45.74 -42.98
C PHE I 137 -24.59 46.38 -43.49
N HIS I 138 -24.44 47.26 -44.50
CA HIS I 138 -25.56 47.94 -45.13
C HIS I 138 -25.36 47.97 -46.63
N ALA I 139 -26.48 47.96 -47.35
CA ALA I 139 -26.49 48.12 -48.80
C ALA I 139 -27.89 48.61 -49.18
N THR I 140 -27.97 49.82 -49.73
CA THR I 140 -29.24 50.47 -50.00
C THR I 140 -29.41 50.68 -51.50
N VAL I 141 -30.31 49.92 -52.11
CA VAL I 141 -30.57 50.02 -53.54
C VAL I 141 -32.00 50.53 -53.76
N VAL I 142 -32.12 51.83 -54.05
CA VAL I 142 -33.42 52.45 -54.17
C VAL I 142 -33.66 52.91 -55.62
N GLY I 143 -34.38 52.10 -56.39
CA GLY I 143 -34.65 52.47 -57.77
C GLY I 143 -36.07 52.25 -58.22
N GLY I 144 -36.77 53.33 -58.55
CA GLY I 144 -38.15 53.20 -59.01
C GLY I 144 -38.31 53.58 -60.47
N LEU I 145 -38.87 54.76 -60.72
CA LEU I 145 -39.04 55.24 -62.08
C LEU I 145 -38.62 56.71 -62.14
N TYR I 146 -38.43 57.18 -63.37
CA TYR I 146 -38.18 58.58 -63.77
C TYR I 146 -36.88 59.17 -63.24
N CYS I 147 -36.02 58.43 -62.55
CA CYS I 147 -34.61 58.82 -62.61
C CYS I 147 -33.73 57.64 -63.07
N MET I 148 -33.82 56.41 -62.54
CA MET I 148 -34.25 56.00 -61.18
C MET I 148 -32.96 55.95 -60.34
N LYS I 149 -32.92 56.73 -59.26
CA LYS I 149 -31.62 56.98 -58.65
C LYS I 149 -31.38 56.09 -57.43
N GLU I 150 -31.03 54.84 -57.71
CA GLU I 150 -29.92 54.04 -57.18
C GLU I 150 -29.97 52.65 -57.77
N GLN I 151 -28.81 51.99 -57.80
CA GLN I 151 -28.59 50.69 -58.44
C GLN I 151 -27.39 50.01 -57.79
N ALA I 152 -26.78 49.09 -58.54
CA ALA I 152 -25.67 48.21 -58.16
C ALA I 152 -24.59 48.93 -57.37
N LEU I 153 -24.39 48.51 -56.12
CA LEU I 153 -23.38 49.08 -55.24
C LEU I 153 -22.26 48.07 -55.05
N VAL I 154 -21.03 48.55 -54.86
CA VAL I 154 -19.90 47.67 -54.66
C VAL I 154 -19.46 47.74 -53.20
N LYS I 155 -19.27 46.58 -52.58
CA LYS I 155 -18.88 46.51 -51.18
C LYS I 155 -17.65 45.63 -51.04
N ARG I 156 -16.56 46.19 -50.50
CA ARG I 156 -15.38 45.43 -50.13
C ARG I 156 -15.10 45.67 -48.65
N PHE I 157 -14.70 44.60 -47.94
CA PHE I 157 -14.48 44.69 -46.49
C PHE I 157 -13.41 43.68 -46.08
N TYR I 158 -12.31 44.17 -45.53
CA TYR I 158 -11.49 43.36 -44.64
C TYR I 158 -12.26 43.10 -43.35
N ARG I 159 -12.17 41.86 -42.85
CA ARG I 159 -12.89 41.50 -41.63
C ARG I 159 -12.16 40.35 -40.96
N LEU I 160 -11.39 40.65 -39.91
CA LEU I 160 -10.60 39.65 -39.21
C LEU I 160 -11.49 38.81 -38.29
N ASN I 161 -11.20 37.52 -38.22
CA ASN I 161 -12.03 36.56 -37.49
C ASN I 161 -11.12 35.52 -36.83
N HIS I 162 -11.69 34.41 -36.39
CA HIS I 162 -10.95 33.44 -35.57
C HIS I 162 -11.41 32.02 -35.92
N HIS I 163 -11.08 31.08 -35.05
CA HIS I 163 -10.90 29.66 -35.36
C HIS I 163 -12.23 28.92 -35.59
N VAL I 164 -12.12 27.82 -36.33
CA VAL I 164 -13.23 26.94 -36.71
C VAL I 164 -12.75 25.50 -36.57
N THR I 165 -13.61 24.57 -36.15
CA THR I 165 -13.24 23.15 -35.98
C THR I 165 -14.37 22.25 -36.45
N TYR I 166 -14.04 21.12 -37.10
CA TYR I 166 -14.99 20.03 -37.35
C TYR I 166 -14.81 18.91 -36.34
N ASN I 167 -15.92 18.28 -35.97
CA ASN I 167 -15.88 17.05 -35.19
C ASN I 167 -15.69 15.83 -36.10
N HIS I 168 -16.66 15.60 -36.98
CA HIS I 168 -16.66 14.40 -37.79
C HIS I 168 -15.54 14.47 -38.82
N GLN I 169 -14.82 13.36 -38.93
CA GLN I 169 -13.51 13.34 -39.57
C GLN I 169 -13.59 13.01 -41.05
N GLU I 170 -14.69 13.41 -41.68
CA GLU I 170 -14.96 13.09 -43.07
C GLU I 170 -14.34 14.12 -44.01
N ALA I 171 -14.06 13.67 -45.24
CA ALA I 171 -13.73 14.57 -46.35
C ALA I 171 -15.04 15.01 -47.01
N GLY I 172 -15.80 15.79 -46.26
CA GLY I 172 -17.19 15.96 -46.64
C GLY I 172 -17.81 17.33 -46.49
N LYS I 173 -19.13 17.32 -46.32
CA LYS I 173 -20.00 18.49 -46.43
C LYS I 173 -20.09 19.22 -45.10
N TYR I 174 -21.11 20.09 -44.96
CA TYR I 174 -21.25 21.04 -43.88
C TYR I 174 -21.98 20.52 -42.65
N GLU I 175 -22.65 19.37 -42.74
CA GLU I 175 -23.54 18.94 -41.66
C GLU I 175 -22.81 18.31 -40.48
N ASN I 176 -21.48 18.34 -40.45
CA ASN I 176 -20.76 17.45 -39.55
C ASN I 176 -19.71 18.17 -38.71
N HIS I 177 -20.08 19.30 -38.12
CA HIS I 177 -19.14 20.21 -37.48
C HIS I 177 -19.17 20.05 -35.96
N THR I 178 -18.50 20.99 -35.29
CA THR I 178 -18.53 21.17 -33.84
C THR I 178 -18.38 22.67 -33.59
N GLU I 179 -17.88 23.02 -32.39
CA GLU I 179 -17.62 24.37 -31.89
C GLU I 179 -17.11 25.34 -32.96
N ASN I 180 -17.69 26.54 -32.94
CA ASN I 180 -17.29 27.68 -33.74
C ASN I 180 -17.41 27.40 -35.25
N ALA I 181 -18.66 27.25 -35.65
CA ALA I 181 -18.95 27.51 -37.05
C ALA I 181 -19.20 29.00 -37.25
N LEU I 182 -19.24 29.41 -38.51
CA LEU I 182 -19.56 30.79 -38.86
C LEU I 182 -20.12 30.82 -40.28
N LEU I 183 -21.13 31.66 -40.49
CA LEU I 183 -21.85 31.67 -41.75
C LEU I 183 -22.52 33.03 -41.91
N LEU I 184 -23.24 33.20 -43.02
CA LEU I 184 -23.87 34.46 -43.37
C LEU I 184 -25.38 34.33 -43.47
N TYR I 185 -26.06 35.44 -43.16
CA TYR I 185 -27.46 35.62 -43.50
C TYR I 185 -27.63 36.96 -44.18
N MET I 186 -28.45 37.01 -45.22
CA MET I 186 -28.79 38.23 -45.92
C MET I 186 -30.28 38.47 -45.78
N ALA I 187 -30.67 39.73 -45.60
CA ALA I 187 -32.04 40.07 -45.27
C ALA I 187 -32.54 41.21 -46.15
N CYS I 188 -33.71 41.02 -46.74
CA CYS I 188 -34.44 42.08 -47.42
C CYS I 188 -35.53 42.63 -46.49
N THR I 189 -35.92 43.88 -46.73
CA THR I 189 -36.83 44.57 -45.84
C THR I 189 -38.18 44.91 -46.49
N HIS I 190 -38.50 44.33 -47.64
CA HIS I 190 -39.77 44.59 -48.31
C HIS I 190 -40.27 43.32 -48.98
N ALA I 191 -41.59 43.29 -49.22
CA ALA I 191 -42.25 42.09 -49.69
C ALA I 191 -41.86 41.72 -51.12
N SER I 192 -41.47 42.69 -51.94
CA SER I 192 -40.90 42.39 -53.24
C SER I 192 -39.51 41.78 -53.08
N ASN I 193 -39.03 41.16 -54.14
CA ASN I 193 -37.67 40.62 -54.11
C ASN I 193 -36.83 41.21 -55.24
N PRO I 194 -36.34 42.45 -55.14
CA PRO I 194 -35.53 43.00 -56.22
C PRO I 194 -34.07 42.60 -56.15
N VAL I 195 -33.60 42.16 -54.99
CA VAL I 195 -32.18 42.07 -54.70
C VAL I 195 -31.58 40.86 -55.40
N TYR I 196 -30.70 41.12 -56.36
CA TYR I 196 -29.85 40.10 -56.97
C TYR I 196 -28.41 40.35 -56.52
N ALA I 197 -28.07 39.79 -55.38
CA ALA I 197 -26.78 40.03 -54.73
C ALA I 197 -25.84 38.87 -55.01
N THR I 198 -24.77 39.15 -55.74
CA THR I 198 -23.73 38.16 -56.02
C THR I 198 -22.45 38.60 -55.32
N LEU I 199 -21.88 37.72 -54.51
CA LEU I 199 -20.80 38.08 -53.62
C LEU I 199 -19.64 37.12 -53.79
N LYS I 200 -18.43 37.68 -53.82
CA LYS I 200 -17.20 36.90 -53.81
C LYS I 200 -16.59 36.97 -52.43
N ILE I 201 -16.44 35.82 -51.79
CA ILE I 201 -16.11 35.74 -50.38
C ILE I 201 -14.80 34.96 -50.25
N ARG I 202 -13.69 35.69 -50.10
CA ARG I 202 -12.40 35.05 -49.86
C ARG I 202 -12.20 34.77 -48.38
N ILE I 203 -11.85 33.54 -48.06
CA ILE I 203 -11.30 33.20 -46.75
C ILE I 203 -9.89 32.67 -47.00
N TYR I 204 -8.89 33.37 -46.47
CA TYR I 204 -7.53 32.85 -46.45
C TYR I 204 -7.09 32.70 -45.00
N PHE I 205 -6.45 31.57 -44.71
CA PHE I 205 -6.21 31.14 -43.34
C PHE I 205 -4.96 30.28 -43.25
N PRO J 16 2.23 89.32 -33.93
CA PRO J 16 1.96 87.90 -33.67
C PRO J 16 1.39 87.15 -34.88
N ASP J 17 1.22 87.86 -36.00
CA ASP J 17 0.60 87.29 -37.19
C ASP J 17 1.53 87.32 -38.39
N ILE J 18 2.24 88.42 -38.60
CA ILE J 18 2.96 88.69 -39.84
C ILE J 18 4.47 88.48 -39.68
N PRO J 19 5.17 88.00 -40.71
CA PRO J 19 6.62 87.84 -40.63
C PRO J 19 7.42 88.98 -41.24
N ARG J 20 6.79 90.03 -41.79
CA ARG J 20 7.50 91.01 -42.61
C ARG J 20 7.63 92.37 -41.95
N GLY J 21 6.52 93.01 -41.60
CA GLY J 21 6.54 94.37 -41.10
C GLY J 21 5.27 94.74 -40.38
N CYS J 22 5.40 95.69 -39.43
CA CYS J 22 4.35 96.00 -38.46
C CYS J 22 3.25 96.89 -39.02
N GLU J 23 3.12 96.99 -40.33
CA GLU J 23 1.97 97.62 -40.94
C GLU J 23 0.70 96.83 -40.64
N GLY J 24 -0.44 97.51 -40.73
CA GLY J 24 -1.72 96.84 -40.62
C GLY J 24 -1.95 95.91 -41.79
N PRO J 25 -2.53 94.73 -41.52
CA PRO J 25 -2.81 93.79 -42.60
C PRO J 25 -3.94 94.28 -43.50
N CYS J 26 -3.59 95.19 -44.41
CA CYS J 26 -4.59 95.93 -45.18
C CYS J 26 -5.22 95.05 -46.25
N LYS J 27 -6.54 95.18 -46.40
CA LYS J 27 -7.29 94.39 -47.36
C LYS J 27 -7.31 95.08 -48.72
N VAL J 28 -7.03 94.32 -49.77
CA VAL J 28 -7.24 94.76 -51.14
C VAL J 28 -8.05 93.66 -51.81
N GLN J 29 -9.32 93.93 -52.03
CA GLN J 29 -10.26 92.92 -52.49
C GLN J 29 -10.53 93.08 -53.99
N SER J 30 -10.38 91.97 -54.73
CA SER J 30 -10.67 91.93 -56.15
C SER J 30 -12.01 91.22 -56.30
N PHE J 31 -13.09 91.97 -56.08
CA PHE J 31 -14.41 91.42 -56.37
C PHE J 31 -14.61 91.32 -57.87
N GLU J 32 -15.26 90.24 -58.30
CA GLU J 32 -15.71 90.12 -59.67
C GLU J 32 -17.21 89.85 -59.67
N GLN J 33 -17.88 90.39 -60.68
CA GLN J 33 -19.24 89.97 -61.05
C GLN J 33 -19.10 89.58 -62.51
N ARG J 34 -18.64 88.35 -62.73
CA ARG J 34 -18.19 87.91 -64.04
C ARG J 34 -18.70 86.51 -64.35
N ASP J 35 -18.16 85.92 -65.41
CA ASP J 35 -18.38 84.52 -65.75
C ASP J 35 -17.10 84.01 -66.41
N ASP J 36 -17.21 82.88 -67.09
CA ASP J 36 -16.08 82.37 -67.86
C ASP J 36 -16.60 81.79 -69.16
N VAL J 37 -15.68 81.16 -69.90
CA VAL J 37 -16.03 80.32 -71.04
C VAL J 37 -15.50 78.93 -70.70
N LYS J 38 -15.60 77.99 -71.64
CA LYS J 38 -15.03 76.67 -71.40
C LYS J 38 -13.51 76.72 -71.26
N HIS J 39 -12.85 77.54 -72.09
CA HIS J 39 -11.40 77.52 -72.14
C HIS J 39 -10.79 78.25 -70.96
N LEU J 40 -11.27 79.45 -70.65
CA LEU J 40 -10.52 80.28 -69.72
C LEU J 40 -11.44 81.26 -68.99
N GLY J 41 -11.17 81.41 -67.70
CA GLY J 41 -11.55 82.60 -66.98
C GLY J 41 -10.30 83.17 -66.32
N ILE J 42 -9.84 84.31 -66.79
CA ILE J 42 -8.54 84.84 -66.38
C ILE J 42 -8.73 85.98 -65.39
N CYS J 43 -7.96 85.92 -64.31
CA CYS J 43 -8.05 86.92 -63.25
C CYS J 43 -6.66 87.12 -62.67
N LYS J 44 -5.96 88.17 -63.08
CA LYS J 44 -4.83 88.64 -62.29
C LYS J 44 -5.36 89.31 -61.03
N VAL J 45 -5.10 88.69 -59.86
CA VAL J 45 -5.72 89.10 -58.61
C VAL J 45 -4.98 90.30 -58.02
N ILE J 46 -3.75 90.55 -58.46
CA ILE J 46 -2.91 91.59 -57.90
C ILE J 46 -2.94 92.83 -58.80
N SER J 47 -4.00 92.99 -59.59
CA SER J 47 -3.99 93.92 -60.72
C SER J 47 -4.12 95.36 -60.26
N ASP J 48 -5.21 95.69 -59.56
CA ASP J 48 -5.55 97.07 -59.25
C ASP J 48 -4.81 97.63 -58.04
N VAL J 49 -3.68 97.06 -57.65
CA VAL J 49 -2.96 97.52 -56.46
C VAL J 49 -1.95 98.57 -56.92
N THR J 50 -2.31 99.85 -56.73
CA THR J 50 -1.48 100.98 -57.10
C THR J 50 -0.90 101.63 -55.85
N ARG J 51 0.08 102.51 -56.05
CA ARG J 51 0.66 103.25 -54.94
C ARG J 51 -0.31 104.33 -54.47
N GLY J 52 -0.55 104.37 -53.16
CA GLY J 52 -1.41 105.36 -52.56
C GLY J 52 -1.43 105.25 -51.06
N PRO J 53 -1.98 106.27 -50.38
CA PRO J 53 -1.99 106.25 -48.91
C PRO J 53 -3.08 105.36 -48.33
N GLY J 54 -4.12 105.03 -49.09
CA GLY J 54 -5.21 104.24 -48.57
C GLY J 54 -4.84 102.78 -48.38
N LEU J 55 -5.73 102.06 -47.69
CA LEU J 55 -5.51 100.64 -47.42
C LEU J 55 -5.88 99.75 -48.59
N THR J 56 -6.49 100.30 -49.65
CA THR J 56 -6.65 99.60 -50.91
C THR J 56 -5.49 99.87 -51.86
N HIS J 57 -4.31 100.14 -51.31
CA HIS J 57 -3.16 100.58 -52.08
C HIS J 57 -1.92 99.90 -51.53
N ARG J 58 -0.75 100.39 -51.92
CA ARG J 58 0.51 99.75 -51.57
C ARG J 58 1.57 100.80 -51.27
N VAL J 59 2.58 100.38 -50.51
CA VAL J 59 3.74 101.21 -50.20
C VAL J 59 4.97 100.51 -50.79
N GLY J 60 5.55 101.13 -51.81
CA GLY J 60 6.71 100.55 -52.48
C GLY J 60 6.34 99.56 -53.56
N LYS J 61 7.13 98.49 -53.69
CA LYS J 61 6.90 97.49 -54.72
C LYS J 61 7.15 96.08 -54.21
N ARG J 62 7.06 95.88 -52.90
CA ARG J 62 7.31 94.58 -52.28
C ARG J 62 6.08 94.13 -51.50
N PHE J 63 5.61 92.92 -51.80
CA PHE J 63 4.47 92.33 -51.11
C PHE J 63 4.91 91.06 -50.38
N CYS J 64 4.15 90.72 -49.35
CA CYS J 64 4.14 89.37 -48.79
C CYS J 64 2.67 89.07 -48.51
N ILE J 65 2.00 88.43 -49.47
CA ILE J 65 0.59 88.08 -49.32
C ILE J 65 0.44 87.05 -48.22
N LYS J 66 -0.25 87.43 -47.15
CA LYS J 66 -0.46 86.51 -46.03
C LYS J 66 -1.44 85.40 -46.42
N SER J 67 -2.62 85.79 -46.91
CA SER J 67 -3.60 84.78 -47.29
C SER J 67 -4.54 85.35 -48.35
N ILE J 68 -4.96 84.47 -49.25
CA ILE J 68 -6.05 84.74 -50.18
C ILE J 68 -7.31 84.08 -49.62
N TYR J 69 -8.35 84.88 -49.44
CA TYR J 69 -9.63 84.44 -48.90
C TYR J 69 -10.66 84.48 -50.01
N ILE J 70 -11.02 83.33 -50.55
CA ILE J 70 -11.88 83.24 -51.72
C ILE J 70 -13.31 82.97 -51.24
N LEU J 71 -14.15 83.98 -51.37
CA LEU J 71 -15.60 83.79 -51.35
C LEU J 71 -16.09 83.62 -52.77
N GLY J 72 -17.34 83.15 -52.89
CA GLY J 72 -17.91 83.01 -54.21
C GLY J 72 -19.13 82.13 -54.30
N LYS J 73 -20.10 82.56 -55.11
CA LYS J 73 -21.27 81.76 -55.43
C LYS J 73 -21.27 81.45 -56.92
N ILE J 74 -21.36 80.18 -57.25
CA ILE J 74 -21.19 79.69 -58.62
C ILE J 74 -22.53 79.08 -59.04
N TRP J 75 -23.24 79.76 -59.93
CA TRP J 75 -24.57 79.31 -60.29
C TRP J 75 -24.70 79.16 -61.80
N LEU J 76 -25.88 78.69 -62.20
CA LEU J 76 -26.36 78.72 -63.56
C LEU J 76 -27.83 79.12 -63.64
N ASP J 77 -28.32 79.88 -62.66
CA ASP J 77 -29.75 80.04 -62.43
C ASP J 77 -30.37 81.11 -63.32
N GLU J 78 -29.72 81.44 -64.43
CA GLU J 78 -30.37 82.11 -65.55
C GLU J 78 -31.47 81.19 -66.10
N THR J 79 -32.47 81.77 -66.75
CA THR J 79 -33.62 81.00 -67.24
C THR J 79 -33.28 80.09 -68.42
N ILE J 80 -32.05 80.14 -68.91
CA ILE J 80 -31.57 79.30 -70.01
C ILE J 80 -30.48 78.44 -69.35
N LYS J 81 -29.82 77.58 -70.14
CA LYS J 81 -28.75 76.67 -69.72
C LYS J 81 -29.25 75.61 -68.76
N LYS J 82 -30.49 75.17 -68.94
CA LYS J 82 -30.96 73.91 -68.39
C LYS J 82 -30.69 72.73 -69.30
N GLN J 83 -30.67 72.92 -70.62
CA GLN J 83 -30.15 71.92 -71.54
C GLN J 83 -28.62 72.02 -71.61
N ASN J 84 -28.00 70.99 -72.21
CA ASN J 84 -26.56 70.81 -72.32
C ASN J 84 -25.89 70.89 -70.95
N HIS J 85 -26.52 70.25 -69.97
CA HIS J 85 -26.27 70.51 -68.56
C HIS J 85 -25.21 69.59 -67.95
N THR J 86 -25.16 69.58 -66.61
CA THR J 86 -24.20 68.86 -65.77
C THR J 86 -22.74 69.22 -66.04
N ASN J 87 -22.35 70.45 -65.74
CA ASN J 87 -20.96 70.90 -65.83
C ASN J 87 -20.42 71.15 -64.43
N ASN J 88 -19.10 71.09 -64.30
CA ASN J 88 -18.44 71.38 -63.03
C ASN J 88 -17.29 72.36 -63.25
N VAL J 89 -16.85 72.97 -62.16
CA VAL J 89 -15.85 74.04 -62.19
C VAL J 89 -14.62 73.55 -61.43
N ILE J 90 -13.46 73.63 -62.08
CA ILE J 90 -12.18 73.33 -61.44
C ILE J 90 -11.42 74.64 -61.33
N PHE J 91 -11.02 75.01 -60.11
CA PHE J 91 -10.27 76.23 -59.91
C PHE J 91 -8.77 75.95 -59.94
N TYR J 92 -8.01 76.97 -60.33
CA TYR J 92 -6.56 76.88 -60.43
C TYR J 92 -5.96 78.15 -59.86
N LEU J 93 -5.13 78.00 -58.82
CA LEU J 93 -4.45 79.13 -58.20
C LEU J 93 -2.96 78.87 -58.37
N LEU J 94 -2.33 79.61 -59.28
CA LEU J 94 -0.99 79.30 -59.73
C LEU J 94 0.01 80.31 -59.17
N ARG J 95 1.20 79.83 -58.82
CA ARG J 95 2.32 80.71 -58.51
C ARG J 95 3.10 80.96 -59.80
N ASP J 96 2.99 82.18 -60.32
CA ASP J 96 3.66 82.54 -61.57
C ASP J 96 5.10 82.95 -61.31
N ARG J 97 5.94 82.75 -62.33
CA ARG J 97 7.36 83.05 -62.22
C ARG J 97 7.79 84.31 -62.96
N ARG J 98 7.07 84.72 -64.05
CA ARG J 98 7.45 85.88 -64.83
C ARG J 98 6.23 86.42 -65.56
N PRO J 99 6.14 87.72 -65.77
CA PRO J 99 5.02 88.26 -66.55
C PRO J 99 5.39 88.50 -68.00
N TYR J 100 4.38 88.72 -68.85
CA TYR J 100 4.56 89.29 -70.18
C TYR J 100 3.41 90.27 -70.42
N GLY J 101 3.61 91.52 -69.98
CA GLY J 101 2.61 92.57 -70.15
C GLY J 101 1.29 92.27 -69.47
N ASN J 102 0.30 91.94 -70.28
CA ASN J 102 -1.02 91.51 -69.80
C ASN J 102 -0.98 90.03 -69.40
N ALA J 103 -2.15 89.44 -69.19
CA ALA J 103 -2.22 88.04 -68.79
C ALA J 103 -1.96 87.14 -70.00
N PRO J 104 -1.24 86.04 -69.82
CA PRO J 104 -1.00 85.12 -70.94
C PRO J 104 -2.19 84.23 -71.24
N GLN J 105 -2.01 83.30 -72.17
CA GLN J 105 -3.07 82.37 -72.53
C GLN J 105 -3.32 81.37 -71.40
N ASP J 106 -4.41 80.63 -71.52
CA ASP J 106 -4.65 79.49 -70.64
C ASP J 106 -4.45 78.16 -71.36
N PHE J 107 -5.20 77.92 -72.44
CA PHE J 107 -5.15 76.63 -73.12
C PHE J 107 -3.83 76.45 -73.87
N GLY J 108 -3.19 77.54 -74.27
CA GLY J 108 -1.86 77.48 -74.81
C GLY J 108 -0.76 77.53 -73.78
N GLN J 109 -1.12 77.61 -72.48
CA GLN J 109 -0.13 77.64 -71.41
C GLN J 109 -0.18 76.39 -70.55
N ILE J 110 -1.34 76.05 -69.97
CA ILE J 110 -1.46 74.73 -69.36
C ILE J 110 -1.66 73.70 -70.46
N PHE J 111 -1.34 72.43 -70.13
CA PHE J 111 -0.93 71.47 -71.15
C PHE J 111 -2.09 70.92 -71.95
N ASN J 112 -3.03 70.22 -71.31
CA ASN J 112 -3.97 69.40 -72.05
C ASN J 112 -5.39 69.87 -71.72
N MET J 113 -6.37 69.12 -72.23
CA MET J 113 -7.78 69.56 -72.19
C MET J 113 -8.39 69.30 -70.81
N PHE J 114 -8.32 70.35 -69.98
CA PHE J 114 -9.20 70.68 -68.86
C PHE J 114 -8.99 69.79 -67.63
N ASP J 115 -8.17 68.74 -67.72
CA ASP J 115 -7.69 67.97 -66.58
C ASP J 115 -6.20 67.79 -66.76
N ASN J 116 -5.42 68.73 -66.25
CA ASN J 116 -4.02 68.83 -66.68
C ASN J 116 -3.18 69.52 -65.61
N GLU J 117 -1.97 69.88 -66.03
CA GLU J 117 -0.92 70.56 -65.30
C GLU J 117 -0.33 71.59 -66.27
N PRO J 118 0.54 72.50 -65.84
CA PRO J 118 1.27 73.32 -66.81
C PRO J 118 2.21 72.48 -67.68
N SER J 119 2.55 73.03 -68.84
CA SER J 119 3.33 72.31 -69.83
C SER J 119 4.77 72.13 -69.35
N THR J 120 5.47 71.20 -70.01
CA THR J 120 6.86 70.89 -69.64
C THR J 120 7.82 72.03 -69.96
N ALA J 121 7.48 72.86 -70.95
CA ALA J 121 8.33 74.00 -71.30
C ALA J 121 7.98 75.26 -70.54
N THR J 122 7.07 75.20 -69.59
CA THR J 122 6.56 76.38 -68.91
C THR J 122 6.91 76.42 -67.42
N ILE J 123 7.49 75.36 -66.88
CA ILE J 123 7.77 75.31 -65.45
C ILE J 123 8.95 76.21 -65.08
N PHE J 131 4.87 77.26 -65.13
CA PHE J 131 4.59 78.10 -63.99
C PHE J 131 4.18 77.21 -62.82
N GLN J 132 4.51 77.62 -61.61
CA GLN J 132 4.19 76.79 -60.46
C GLN J 132 2.70 76.85 -60.12
N VAL J 133 2.25 75.83 -59.42
CA VAL J 133 0.87 75.67 -59.00
C VAL J 133 0.86 75.78 -57.49
N LEU J 134 -0.23 76.30 -56.91
CA LEU J 134 -0.39 76.16 -55.46
C LEU J 134 -1.41 75.08 -55.09
N ARG J 135 -2.68 75.26 -55.46
CA ARG J 135 -3.72 74.26 -55.17
C ARG J 135 -4.82 74.35 -56.22
N LYS J 136 -5.83 73.47 -56.05
CA LYS J 136 -7.01 73.39 -56.90
C LYS J 136 -8.25 73.43 -56.02
N PHE J 137 -9.42 73.53 -56.66
CA PHE J 137 -10.70 73.45 -55.95
C PHE J 137 -11.71 72.73 -56.84
N HIS J 138 -12.92 72.57 -56.32
CA HIS J 138 -14.01 71.91 -57.04
C HIS J 138 -15.30 72.67 -56.82
N ALA J 139 -16.17 72.63 -57.82
CA ALA J 139 -17.52 73.20 -57.74
C ALA J 139 -18.35 72.50 -58.79
N THR J 140 -19.38 71.76 -58.36
CA THR J 140 -20.17 70.91 -59.24
C THR J 140 -21.61 71.41 -59.27
N VAL J 141 -22.02 72.01 -60.39
CA VAL J 141 -23.37 72.51 -60.55
C VAL J 141 -24.09 71.70 -61.62
N VAL J 142 -24.92 70.76 -61.19
CA VAL J 142 -25.57 69.86 -62.14
C VAL J 142 -27.09 70.09 -62.13
N GLY J 143 -27.58 70.87 -63.09
CA GLY J 143 -29.01 71.14 -63.16
C GLY J 143 -29.62 71.03 -64.53
N GLY J 144 -30.52 70.07 -64.72
CA GLY J 144 -31.18 69.91 -66.02
C GLY J 144 -32.65 70.26 -65.97
N LEU J 145 -33.49 69.23 -65.99
CA LEU J 145 -34.94 69.43 -65.91
C LEU J 145 -35.52 68.42 -64.93
N TYR J 146 -36.76 68.69 -64.53
CA TYR J 146 -37.65 67.84 -63.71
C TYR J 146 -37.16 67.57 -62.30
N CYS J 147 -36.05 68.14 -61.83
CA CYS J 147 -35.96 68.34 -60.39
C CYS J 147 -35.68 69.81 -60.05
N MET J 148 -34.70 70.52 -60.66
CA MET J 148 -33.44 70.06 -61.25
C MET J 148 -32.39 70.15 -60.12
N LYS J 149 -31.76 69.02 -59.79
CA LYS J 149 -31.05 68.98 -58.52
C LYS J 149 -29.55 69.19 -58.70
N GLU J 150 -29.19 70.47 -58.89
CA GLU J 150 -28.13 71.23 -58.22
C GLU J 150 -28.08 72.63 -58.81
N GLN J 151 -27.56 73.57 -58.03
CA GLN J 151 -27.53 74.99 -58.33
C GLN J 151 -26.41 75.65 -57.54
N ALA J 152 -26.55 76.98 -57.34
CA ALA J 152 -25.59 77.88 -56.70
C ALA J 152 -24.97 77.29 -55.43
N LEU J 153 -23.65 77.12 -55.47
CA LEU J 153 -22.91 76.59 -54.33
C LEU J 153 -22.06 77.70 -53.73
N VAL J 154 -21.84 77.64 -52.43
CA VAL J 154 -21.04 78.66 -51.75
C VAL J 154 -19.69 78.06 -51.36
N LYS J 155 -18.61 78.76 -51.68
CA LYS J 155 -17.26 78.29 -51.39
C LYS J 155 -16.50 79.37 -50.63
N ARG J 156 -16.03 79.03 -49.43
CA ARG J 156 -15.12 79.88 -48.67
C ARG J 156 -13.87 79.08 -48.34
N PHE J 157 -12.70 79.73 -48.44
CA PHE J 157 -11.43 79.05 -48.24
C PHE J 157 -10.40 80.04 -47.69
N TYR J 158 -9.88 79.76 -46.49
CA TYR J 158 -8.58 80.28 -46.11
C TYR J 158 -7.50 79.61 -46.95
N ARG J 159 -6.52 80.40 -47.39
CA ARG J 159 -5.45 79.85 -48.23
C ARG J 159 -4.20 80.72 -48.04
N LEU J 160 -3.25 80.24 -47.25
CA LEU J 160 -2.03 80.99 -46.97
C LEU J 160 -1.06 80.92 -48.14
N ASN J 161 -0.39 82.03 -48.40
CA ASN J 161 0.49 82.16 -49.58
C ASN J 161 1.70 83.00 -49.18
N HIS J 162 2.44 83.50 -50.17
CA HIS J 162 3.73 84.14 -49.91
C HIS J 162 3.93 85.30 -50.91
N HIS J 163 5.18 85.75 -51.02
CA HIS J 163 5.54 87.10 -51.43
C HIS J 163 5.37 87.34 -52.93
N VAL J 164 5.21 88.62 -53.27
CA VAL J 164 5.01 89.14 -54.63
C VAL J 164 5.85 90.39 -54.78
N THR J 165 6.44 90.60 -55.95
CA THR J 165 7.22 91.80 -56.22
C THR J 165 6.65 92.50 -57.45
N TYR J 166 6.60 93.84 -57.43
CA TYR J 166 6.37 94.63 -58.62
C TYR J 166 7.68 95.19 -59.16
N ASN J 167 7.73 95.36 -60.48
CA ASN J 167 8.94 95.86 -61.12
C ASN J 167 9.06 97.38 -60.99
N HIS J 168 8.11 98.10 -61.58
CA HIS J 168 8.21 99.54 -61.62
C HIS J 168 7.74 100.17 -60.32
N GLN J 169 8.15 101.42 -60.11
CA GLN J 169 7.74 102.20 -58.95
C GLN J 169 6.55 103.09 -59.25
N GLU J 170 5.74 102.69 -60.23
CA GLU J 170 4.58 103.44 -60.67
C GLU J 170 3.40 103.20 -59.73
N ALA J 171 2.38 104.03 -59.88
CA ALA J 171 1.06 103.76 -59.30
C ALA J 171 0.18 103.07 -60.35
N GLY J 172 0.71 101.96 -60.88
CA GLY J 172 0.17 101.33 -62.06
C GLY J 172 -0.57 100.03 -61.78
N LYS J 173 -1.14 99.49 -62.84
CA LYS J 173 -1.95 98.28 -62.82
C LYS J 173 -1.05 97.06 -63.04
N TYR J 174 -1.65 95.92 -63.41
CA TYR J 174 -0.99 94.63 -63.53
C TYR J 174 0.11 94.57 -64.60
N GLU J 175 0.28 95.60 -65.42
CA GLU J 175 1.18 95.51 -66.56
C GLU J 175 2.66 95.54 -66.15
N ASN J 176 2.98 96.17 -65.02
CA ASN J 176 4.37 96.39 -64.63
C ASN J 176 4.88 95.36 -63.62
N HIS J 177 4.47 94.11 -63.75
CA HIS J 177 4.87 93.06 -62.82
C HIS J 177 6.33 92.63 -63.06
N THR J 178 6.78 91.73 -62.21
CA THR J 178 8.08 91.05 -62.31
C THR J 178 7.90 89.66 -61.72
N GLU J 179 9.01 89.04 -61.30
CA GLU J 179 9.03 87.72 -60.67
C GLU J 179 8.04 87.59 -59.51
N ASN J 180 7.55 86.36 -59.33
CA ASN J 180 6.62 85.94 -58.28
C ASN J 180 5.29 86.71 -58.36
N ALA J 181 4.63 86.48 -59.48
CA ALA J 181 3.23 86.84 -59.60
C ALA J 181 2.36 85.65 -59.21
N LEU J 182 1.07 85.90 -59.04
CA LEU J 182 0.11 84.84 -58.77
C LEU J 182 -1.27 85.30 -59.23
N LEU J 183 -2.04 84.38 -59.80
CA LEU J 183 -3.30 84.72 -60.42
C LEU J 183 -4.17 83.47 -60.47
N LEU J 184 -5.37 83.60 -61.04
CA LEU J 184 -6.35 82.54 -61.07
C LEU J 184 -6.70 82.16 -62.50
N TYR J 185 -7.07 80.89 -62.67
CA TYR J 185 -7.74 80.42 -63.88
C TYR J 185 -8.95 79.59 -63.45
N MET J 186 -10.05 79.78 -64.17
CA MET J 186 -11.26 79.00 -63.95
C MET J 186 -11.57 78.22 -65.21
N ALA J 187 -12.03 76.99 -65.06
CA ALA J 187 -12.18 76.08 -66.18
C ALA J 187 -13.55 75.41 -66.14
N CYS J 188 -14.24 75.42 -67.27
CA CYS J 188 -15.44 74.63 -67.48
C CYS J 188 -15.11 73.38 -68.28
N THR J 189 -15.93 72.35 -68.12
CA THR J 189 -15.65 71.04 -68.70
C THR J 189 -16.65 70.62 -69.77
N HIS J 190 -17.49 71.52 -70.27
CA HIS J 190 -18.46 71.19 -71.30
C HIS J 190 -18.61 72.36 -72.26
N ALA J 191 -19.10 72.04 -73.46
CA ALA J 191 -19.15 73.00 -74.55
C ALA J 191 -20.15 74.12 -74.30
N SER J 192 -21.20 73.85 -73.53
CA SER J 192 -22.09 74.92 -73.10
C SER J 192 -21.39 75.82 -72.08
N ASN J 193 -21.95 77.00 -71.88
CA ASN J 193 -21.40 77.89 -70.86
C ASN J 193 -22.47 78.24 -69.82
N PRO J 194 -22.80 77.37 -68.87
CA PRO J 194 -23.81 77.73 -67.87
C PRO J 194 -23.26 78.53 -66.71
N VAL J 195 -21.94 78.49 -66.49
CA VAL J 195 -21.34 78.91 -65.24
C VAL J 195 -21.32 80.44 -65.17
N TYR J 196 -22.07 80.99 -64.23
CA TYR J 196 -21.99 82.40 -63.87
C TYR J 196 -21.41 82.48 -62.46
N ALA J 197 -20.08 82.51 -62.41
CA ALA J 197 -19.34 82.45 -61.15
C ALA J 197 -18.87 83.85 -60.77
N THR J 198 -19.41 84.36 -59.65
CA THR J 198 -19.01 85.64 -59.10
C THR J 198 -18.31 85.39 -57.77
N LEU J 199 -17.10 85.93 -57.64
CA LEU J 199 -16.23 85.59 -56.53
C LEU J 199 -15.71 86.84 -55.85
N LYS J 200 -15.72 86.84 -54.53
CA LYS J 200 -15.13 87.88 -53.72
C LYS J 200 -13.80 87.37 -53.16
N ILE J 201 -12.72 88.06 -53.52
CA ILE J 201 -11.36 87.56 -53.30
C ILE J 201 -10.65 88.58 -52.41
N ARG J 202 -10.58 88.31 -51.12
CA ARG J 202 -9.82 89.16 -50.20
C ARG J 202 -8.36 88.74 -50.17
N ILE J 203 -7.47 89.71 -50.37
CA ILE J 203 -6.06 89.56 -50.04
C ILE J 203 -5.74 90.58 -48.96
N TYR J 204 -5.37 90.11 -47.78
CA TYR J 204 -4.83 91.00 -46.76
C TYR J 204 -3.39 90.59 -46.45
N PHE J 205 -2.53 91.58 -46.34
CA PHE J 205 -1.09 91.36 -46.34
C PHE J 205 -0.36 92.44 -45.55
N PRO K 16 57.27 118.16 -8.79
CA PRO K 16 58.01 117.53 -7.69
C PRO K 16 58.51 118.52 -6.65
N ASP K 17 58.23 119.81 -6.86
CA ASP K 17 58.74 120.87 -5.99
C ASP K 17 57.62 121.67 -5.35
N ILE K 18 56.59 122.01 -6.10
CA ILE K 18 55.57 122.99 -5.68
C ILE K 18 54.27 122.31 -5.25
N PRO K 19 53.56 122.85 -4.26
CA PRO K 19 52.28 122.29 -3.86
C PRO K 19 51.06 122.98 -4.46
N ARG K 20 51.22 124.01 -5.30
CA ARG K 20 50.09 124.86 -5.69
C ARG K 20 49.69 124.69 -7.14
N GLY K 21 50.60 124.93 -8.09
CA GLY K 21 50.26 124.95 -9.50
C GLY K 21 51.47 124.80 -10.38
N CYS K 22 51.27 124.25 -11.58
CA CYS K 22 52.34 123.80 -12.47
C CYS K 22 52.98 124.94 -13.25
N GLU K 23 52.81 126.19 -12.84
CA GLU K 23 53.57 127.29 -13.39
C GLU K 23 55.05 127.14 -13.06
N GLY K 24 55.89 127.79 -13.86
CA GLY K 24 57.29 127.86 -13.58
C GLY K 24 57.56 128.65 -12.32
N PRO K 25 58.52 128.19 -11.49
CA PRO K 25 58.84 128.93 -10.26
C PRO K 25 59.56 130.24 -10.57
N CYS K 26 58.78 131.25 -10.94
CA CYS K 26 59.33 132.48 -11.48
C CYS K 26 59.96 133.33 -10.39
N LYS K 27 61.12 133.92 -10.71
CA LYS K 27 61.87 134.73 -9.77
C LYS K 27 61.40 136.18 -9.85
N VAL K 28 61.15 136.76 -8.68
CA VAL K 28 60.94 138.20 -8.55
C VAL K 28 61.89 138.68 -7.47
N GLN K 29 62.96 139.35 -7.88
CA GLN K 29 64.04 139.71 -6.98
C GLN K 29 63.94 141.17 -6.56
N SER K 30 63.98 141.39 -5.25
CA SER K 30 63.98 142.74 -4.69
C SER K 30 65.41 143.04 -4.27
N PHE K 31 66.23 143.44 -5.24
CA PHE K 31 67.57 143.91 -4.90
C PHE K 31 67.47 145.28 -4.24
N GLU K 32 68.32 145.48 -3.25
CA GLU K 32 68.51 146.80 -2.66
C GLU K 32 69.98 147.17 -2.72
N GLN K 33 70.23 148.45 -2.92
CA GLN K 33 71.54 149.05 -2.67
C GLN K 33 71.24 150.19 -1.71
N ARG K 34 71.14 149.82 -0.43
CA ARG K 34 70.59 150.70 0.59
C ARG K 34 71.43 150.66 1.86
N ASP K 35 70.89 151.23 2.92
CA ASP K 35 71.44 151.13 4.26
C ASP K 35 70.28 151.16 5.23
N ASP K 36 70.58 151.43 6.50
CA ASP K 36 69.53 151.58 7.49
C ASP K 36 69.92 152.70 8.44
N VAL K 37 69.12 152.87 9.49
CA VAL K 37 69.46 153.70 10.63
C VAL K 37 69.46 152.76 11.83
N LYS K 38 69.64 153.32 13.04
CA LYS K 38 69.57 152.49 14.23
C LYS K 38 68.17 151.92 14.44
N HIS K 39 67.14 152.73 14.19
CA HIS K 39 65.78 152.32 14.51
C HIS K 39 65.23 151.33 13.50
N LEU K 40 65.38 151.62 12.21
CA LEU K 40 64.61 150.84 11.24
C LEU K 40 65.32 150.79 9.90
N GLY K 41 65.29 149.61 9.28
CA GLY K 41 65.44 149.49 7.85
C GLY K 41 64.24 148.72 7.34
N ILE K 42 63.36 149.38 6.58
CA ILE K 42 62.07 148.81 6.22
C ILE K 42 62.10 148.36 4.77
N CYS K 43 61.63 147.14 4.54
CA CYS K 43 61.62 146.56 3.19
C CYS K 43 60.39 145.68 3.06
N LYS K 44 59.32 146.20 2.43
CA LYS K 44 58.29 145.31 1.92
C LYS K 44 58.84 144.58 0.71
N VAL K 45 58.97 143.27 0.84
CA VAL K 45 59.68 142.50 -0.17
C VAL K 45 58.76 142.15 -1.33
N ILE K 46 57.45 142.23 -1.12
CA ILE K 46 56.46 141.83 -2.10
C ILE K 46 55.91 143.06 -2.84
N SER K 47 56.69 144.15 -2.87
CA SER K 47 56.16 145.46 -3.23
C SER K 47 55.93 145.59 -4.73
N ASP K 48 56.98 145.41 -5.53
CA ASP K 48 56.94 145.70 -6.95
C ASP K 48 56.32 144.60 -7.80
N VAL K 49 55.53 143.69 -7.21
CA VAL K 49 54.97 142.57 -7.97
C VAL K 49 53.62 143.03 -8.52
N THR K 50 53.59 143.39 -9.80
CA THR K 50 52.40 143.86 -10.49
C THR K 50 51.92 142.79 -11.46
N ARG K 51 50.69 142.95 -11.96
CA ARG K 51 50.16 142.04 -12.95
C ARG K 51 50.82 142.28 -14.30
N GLY K 52 51.30 141.21 -14.92
CA GLY K 52 51.93 141.28 -16.22
C GLY K 52 52.29 139.91 -16.75
N PRO K 53 52.61 139.83 -18.04
CA PRO K 53 52.95 138.53 -18.63
C PRO K 53 54.35 138.04 -18.30
N GLY K 54 55.26 138.93 -17.90
CA GLY K 54 56.63 138.54 -17.63
C GLY K 54 56.78 137.76 -16.34
N LEU K 55 57.97 137.17 -16.17
CA LEU K 55 58.25 136.40 -14.98
C LEU K 55 58.62 137.25 -13.77
N THR K 56 58.81 138.56 -13.96
CA THR K 56 58.92 139.50 -12.85
C THR K 56 57.56 140.07 -12.46
N HIS K 57 56.48 139.31 -12.69
CA HIS K 57 55.12 139.79 -12.53
C HIS K 57 54.31 138.67 -11.90
N ARG K 58 52.98 138.82 -11.93
CA ARG K 58 52.08 137.90 -11.25
C ARG K 58 50.84 137.66 -12.09
N VAL K 59 50.18 136.53 -11.82
CA VAL K 59 48.92 136.17 -12.45
C VAL K 59 47.87 136.08 -11.34
N GLY K 60 46.93 137.01 -11.35
CA GLY K 60 45.90 137.05 -10.33
C GLY K 60 46.31 137.79 -9.08
N LYS K 61 45.87 137.30 -7.91
CA LYS K 61 46.19 137.95 -6.65
C LYS K 61 46.50 136.94 -5.55
N ARG K 62 46.92 135.73 -5.93
CA ARG K 62 47.22 134.67 -4.97
C ARG K 62 48.65 134.21 -5.14
N PHE K 63 49.41 134.20 -4.05
CA PHE K 63 50.79 133.76 -4.03
C PHE K 63 50.93 132.54 -3.12
N CYS K 64 51.95 131.74 -3.39
CA CYS K 64 52.49 130.80 -2.42
C CYS K 64 54.00 130.88 -2.57
N ILE K 65 54.62 131.72 -1.74
CA ILE K 65 56.07 131.92 -1.78
C ILE K 65 56.75 130.63 -1.34
N LYS K 66 57.50 130.02 -2.25
CA LYS K 66 58.21 128.78 -1.93
C LYS K 66 59.38 129.05 -0.99
N SER K 67 60.26 129.97 -1.36
CA SER K 67 61.39 130.27 -0.51
C SER K 67 61.88 131.70 -0.77
N ILE K 68 62.36 132.33 0.29
CA ILE K 68 63.09 133.58 0.21
C ILE K 68 64.57 133.25 0.31
N TYR K 69 65.34 133.68 -0.69
CA TYR K 69 66.78 133.44 -0.76
C TYR K 69 67.50 134.76 -0.57
N ILE K 70 68.07 134.95 0.61
CA ILE K 70 68.66 136.22 1.00
C ILE K 70 70.16 136.16 0.75
N LEU K 71 70.62 136.87 -0.26
CA LEU K 71 72.02 137.22 -0.40
C LEU K 71 72.25 138.59 0.23
N GLY K 72 73.52 138.91 0.45
CA GLY K 72 73.82 140.23 0.99
C GLY K 72 75.21 140.38 1.57
N LYS K 73 75.81 141.53 1.32
CA LYS K 73 77.08 141.91 1.93
C LYS K 73 76.87 143.13 2.81
N ILE K 74 77.28 143.02 4.07
CA ILE K 74 77.00 144.02 5.08
C ILE K 74 78.33 144.59 5.53
N TRP K 75 78.62 145.84 5.14
CA TRP K 75 79.91 146.42 5.42
C TRP K 75 79.78 147.75 6.15
N LEU K 76 80.93 148.30 6.48
CA LEU K 76 81.09 149.68 6.93
C LEU K 76 82.32 150.32 6.31
N ASP K 77 82.74 149.86 5.12
CA ASP K 77 84.07 150.15 4.59
C ASP K 77 84.14 151.49 3.88
N GLU K 78 83.20 152.39 4.17
CA GLU K 78 83.38 153.81 3.90
C GLU K 78 84.56 154.33 4.72
N THR K 79 85.20 155.41 4.27
CA THR K 79 86.40 155.94 4.93
C THR K 79 86.12 156.57 6.29
N ILE K 80 84.85 156.66 6.69
CA ILE K 80 84.44 157.19 7.98
C ILE K 80 83.83 155.99 8.71
N LYS K 81 83.30 156.20 9.92
CA LYS K 81 82.67 155.20 10.78
C LYS K 81 83.66 154.13 11.23
N LYS K 82 84.91 154.53 11.45
CA LYS K 82 85.84 153.75 12.25
C LYS K 82 85.77 154.08 13.73
N GLN K 83 85.41 155.31 14.10
CA GLN K 83 85.05 155.63 15.47
C GLN K 83 83.58 155.27 15.71
N ASN K 84 83.20 155.26 17.00
CA ASN K 84 81.89 154.85 17.50
C ASN K 84 81.53 153.46 17.00
N HIS K 85 82.50 152.56 17.04
CA HIS K 85 82.48 151.31 16.29
C HIS K 85 81.91 150.14 17.07
N THR K 86 82.13 148.93 16.54
CA THR K 86 81.62 147.64 17.04
C THR K 86 80.10 147.56 17.12
N ASN K 87 79.43 147.59 15.97
CA ASN K 87 77.98 147.41 15.91
C ASN K 87 77.69 146.07 15.22
N ASN K 88 76.50 145.53 15.48
CA ASN K 88 76.06 144.30 14.83
C ASN K 88 74.65 144.46 14.30
N VAL K 89 74.27 143.56 13.39
CA VAL K 89 73.02 143.65 12.66
C VAL K 89 72.17 142.43 13.03
N ILE K 90 70.94 142.68 13.47
CA ILE K 90 69.97 141.62 13.73
C ILE K 90 68.89 141.73 12.66
N PHE K 91 68.66 140.65 11.93
CA PHE K 91 67.62 140.66 10.90
C PHE K 91 66.31 140.14 11.47
N TYR K 92 65.21 140.59 10.86
CA TYR K 92 63.87 140.21 11.28
C TYR K 92 63.03 139.93 10.04
N LEU K 93 62.53 138.72 9.92
CA LEU K 93 61.68 138.33 8.80
C LEU K 93 60.34 137.94 9.39
N LEU K 94 59.34 138.81 9.24
CA LEU K 94 58.09 138.70 9.96
C LEU K 94 56.97 138.23 9.04
N ARG K 95 56.08 137.39 9.57
CA ARG K 95 54.84 137.07 8.88
C ARG K 95 53.77 138.06 9.34
N ASP K 96 53.38 138.97 8.44
CA ASP K 96 52.41 140.00 8.77
C ASP K 96 50.99 139.47 8.60
N ARG K 97 50.06 140.05 9.35
CA ARG K 97 48.67 139.62 9.34
C ARG K 97 47.74 140.57 8.60
N ARG K 98 48.04 141.85 8.57
CA ARG K 98 47.16 142.83 7.93
C ARG K 98 47.99 144.04 7.50
N PRO K 99 47.62 144.69 6.41
CA PRO K 99 48.33 145.92 6.02
C PRO K 99 47.61 147.18 6.47
N TYR K 100 48.31 148.32 6.43
CA TYR K 100 47.69 149.64 6.50
C TYR K 100 48.40 150.53 5.49
N GLY K 101 47.92 150.50 4.25
CA GLY K 101 48.49 151.32 3.19
C GLY K 101 49.95 151.03 2.90
N ASN K 102 50.81 151.96 3.33
CA ASN K 102 52.25 151.78 3.25
C ASN K 102 52.76 150.91 4.39
N ALA K 103 54.07 150.89 4.60
CA ALA K 103 54.65 150.09 5.66
C ALA K 103 54.44 150.78 7.01
N PRO K 104 54.14 150.02 8.07
CA PRO K 104 53.97 150.63 9.40
C PRO K 104 55.29 150.98 10.06
N GLN K 105 55.22 151.43 11.32
CA GLN K 105 56.41 151.75 12.07
C GLN K 105 57.18 150.50 12.44
N ASP K 106 58.41 150.69 12.93
CA ASP K 106 59.17 149.59 13.53
C ASP K 106 59.24 149.73 15.04
N PHE K 107 59.78 150.84 15.55
CA PHE K 107 59.99 150.99 16.98
C PHE K 107 58.67 151.18 17.72
N GLY K 108 57.66 151.71 17.05
CA GLY K 108 56.32 151.76 17.58
C GLY K 108 55.51 150.51 17.34
N GLN K 109 56.08 149.51 16.68
CA GLN K 109 55.37 148.26 16.41
C GLN K 109 55.98 147.08 17.15
N ILE K 110 57.28 146.81 16.99
CA ILE K 110 57.94 145.86 17.88
C ILE K 110 58.21 146.55 19.21
N PHE K 111 58.39 145.73 20.25
CA PHE K 111 58.08 146.19 21.60
C PHE K 111 59.18 147.07 22.20
N ASN K 112 60.39 146.55 22.36
CA ASN K 112 61.36 147.22 23.21
C ASN K 112 62.61 147.52 22.37
N MET K 113 63.64 148.02 23.04
CA MET K 113 64.82 148.56 22.36
C MET K 113 65.76 147.44 21.90
N PHE K 114 65.55 147.03 20.64
CA PHE K 114 66.48 146.41 19.71
C PHE K 114 66.81 144.96 20.05
N ASP K 115 66.35 144.43 21.18
CA ASP K 115 66.38 143.00 21.50
C ASP K 115 65.00 142.65 22.04
N ASN K 116 64.09 142.28 21.14
CA ASN K 116 62.69 142.25 21.51
C ASN K 116 61.91 141.30 20.64
N GLU K 117 60.58 141.42 20.73
CA GLU K 117 59.55 140.68 20.03
C GLU K 117 58.49 141.70 19.63
N PRO K 118 57.49 141.36 18.83
CA PRO K 118 56.36 142.27 18.64
C PRO K 118 55.58 142.48 19.93
N SER K 119 54.85 143.59 19.98
CA SER K 119 54.13 143.99 21.18
C SER K 119 52.95 143.07 21.45
N THR K 120 52.44 143.12 22.68
CA THR K 120 51.33 142.27 23.08
C THR K 120 50.03 142.65 22.40
N ALA K 121 49.87 143.90 21.99
CA ALA K 121 48.67 144.34 21.30
C ALA K 121 48.77 144.20 19.79
N THR K 122 49.84 143.61 19.27
CA THR K 122 50.08 143.56 17.83
C THR K 122 50.04 142.15 17.27
N ILE K 123 49.93 141.12 18.11
CA ILE K 123 49.98 139.74 17.63
C ILE K 123 48.69 139.36 16.91
N PHE K 131 52.16 141.02 15.18
CA PHE K 131 52.40 140.36 13.90
C PHE K 131 53.29 139.15 14.14
N GLN K 132 53.11 138.10 13.34
CA GLN K 132 53.89 136.90 13.55
C GLN K 132 55.32 137.08 13.05
N VAL K 133 56.20 136.25 13.59
CA VAL K 133 57.62 136.24 13.28
C VAL K 133 57.90 134.94 12.56
N LEU K 134 58.87 134.93 11.65
CA LEU K 134 59.35 133.64 11.15
C LEU K 134 60.72 133.26 11.74
N ARG K 135 61.76 134.04 11.48
CA ARG K 135 63.09 133.77 12.04
C ARG K 135 63.88 135.07 12.18
N LYS K 136 65.11 134.92 12.68
CA LYS K 136 66.07 136.01 12.86
C LYS K 136 67.39 135.63 12.21
N PHE K 137 68.31 136.59 12.15
CA PHE K 137 69.67 136.33 11.67
C PHE K 137 70.65 137.18 12.47
N HIS K 138 71.93 137.03 12.17
CA HIS K 138 73.00 137.79 12.82
C HIS K 138 74.02 138.24 11.79
N ALA K 139 74.63 139.40 12.06
CA ALA K 139 75.73 139.91 11.25
C ALA K 139 76.51 140.87 12.13
N THR K 140 77.78 140.56 12.40
CA THR K 140 78.59 141.30 13.37
C THR K 140 79.77 141.93 12.64
N VAL K 141 79.74 143.25 12.49
CA VAL K 141 80.82 143.97 11.82
C VAL K 141 81.51 144.88 12.84
N VAL K 142 82.66 144.44 13.34
CA VAL K 142 83.36 145.17 14.39
C VAL K 142 84.69 145.71 13.87
N GLY K 143 84.71 146.98 13.47
CA GLY K 143 85.94 147.55 12.97
C GLY K 143 86.26 148.93 13.51
N GLY K 144 87.36 149.06 14.26
CA GLY K 144 87.74 150.36 14.79
C GLY K 144 89.03 150.88 14.17
N LEU K 145 90.12 150.81 14.92
CA LEU K 145 91.42 151.25 14.42
C LEU K 145 92.47 150.21 14.80
N TYR K 146 93.63 150.33 14.15
CA TYR K 146 94.87 149.60 14.39
C TYR K 146 94.79 148.08 14.16
N CYS K 147 93.68 147.53 13.69
CA CYS K 147 93.83 146.28 12.94
C CYS K 147 93.19 146.40 11.54
N MET K 148 91.93 146.88 11.35
CA MET K 148 90.77 146.85 12.26
C MET K 148 90.01 145.56 11.93
N LYS K 149 89.84 144.69 12.93
CA LYS K 149 89.44 143.33 12.59
C LYS K 149 87.95 143.10 12.78
N GLU K 150 87.19 143.59 11.79
CA GLU K 150 86.11 142.92 11.04
C GLU K 150 85.51 143.91 10.06
N GLN K 151 84.91 143.37 9.00
CA GLN K 151 84.38 144.13 7.87
C GLN K 151 83.30 143.30 7.18
N ALA K 152 83.07 143.60 5.91
CA ALA K 152 82.03 143.04 5.03
C ALA K 152 81.88 141.53 5.15
N LEU K 153 80.71 141.10 5.60
CA LEU K 153 80.41 139.68 5.75
C LEU K 153 79.40 139.27 4.69
N VAL K 154 79.48 138.01 4.25
CA VAL K 154 78.57 137.51 3.23
C VAL K 154 77.58 136.56 3.88
N LYS K 155 76.30 136.74 3.60
CA LYS K 155 75.24 135.90 4.17
C LYS K 155 74.36 135.37 3.06
N ARG K 156 74.27 134.04 2.97
CA ARG K 156 73.33 133.37 2.08
C ARG K 156 72.46 132.42 2.92
N PHE K 157 71.17 132.38 2.61
CA PHE K 157 70.21 131.58 3.39
C PHE K 157 69.08 131.11 2.50
N TYR K 158 68.93 129.79 2.36
CA TYR K 158 67.63 129.23 2.00
C TYR K 158 66.66 129.41 3.17
N ARG K 159 65.42 129.77 2.84
CA ARG K 159 64.42 130.01 3.89
C ARG K 159 63.04 129.75 3.29
N LEU K 160 62.46 128.59 3.59
CA LEU K 160 61.16 128.22 3.05
C LEU K 160 60.03 128.95 3.78
N ASN K 161 59.01 129.35 3.04
CA ASN K 161 57.92 130.17 3.58
C ASN K 161 56.61 129.73 2.91
N HIS K 162 55.58 130.55 3.03
CA HIS K 162 54.23 130.15 2.61
C HIS K 162 53.49 131.36 2.03
N HIS K 163 52.17 131.23 1.92
CA HIS K 163 51.33 131.95 0.96
C HIS K 163 51.12 133.41 1.32
N VAL K 164 50.80 134.20 0.28
CA VAL K 164 50.56 135.64 0.34
C VAL K 164 49.36 135.94 -0.55
N THR K 165 48.49 136.85 -0.12
CA THR K 165 47.34 137.26 -0.91
C THR K 165 47.40 138.77 -1.14
N TYR K 166 47.04 139.20 -2.35
CA TYR K 166 46.76 140.61 -2.62
C TYR K 166 45.26 140.87 -2.62
N ASN K 167 44.88 142.09 -2.23
CA ASN K 167 43.46 142.44 -2.15
C ASN K 167 42.93 142.81 -3.54
N HIS K 168 43.45 143.87 -4.14
CA HIS K 168 42.91 144.37 -5.38
C HIS K 168 43.42 143.56 -6.56
N GLN K 169 42.70 143.68 -7.68
CA GLN K 169 43.07 143.03 -8.93
C GLN K 169 43.85 143.97 -9.84
N GLU K 170 44.51 144.96 -9.25
CA GLU K 170 45.27 145.96 -9.97
C GLU K 170 46.64 145.42 -10.38
N ALA K 171 47.29 146.15 -11.27
CA ALA K 171 48.73 145.95 -11.52
C ALA K 171 49.53 146.92 -10.66
N GLY K 172 49.28 146.86 -9.35
CA GLY K 172 49.73 147.86 -8.42
C GLY K 172 50.88 147.40 -7.53
N LYS K 173 51.35 148.35 -6.73
CA LYS K 173 52.47 148.17 -5.83
C LYS K 173 51.97 147.67 -4.48
N TYR K 174 52.81 147.79 -3.44
CA TYR K 174 52.57 147.26 -2.09
C TYR K 174 51.35 147.85 -1.38
N GLU K 175 50.69 148.87 -1.93
CA GLU K 175 49.65 149.58 -1.20
C GLU K 175 48.35 148.77 -1.09
N ASN K 176 48.10 147.87 -2.05
CA ASN K 176 46.82 147.17 -2.12
C ASN K 176 46.88 145.76 -1.52
N HIS K 177 47.62 145.58 -0.43
CA HIS K 177 47.75 144.27 0.20
C HIS K 177 46.49 143.89 0.97
N THR K 178 46.52 142.69 1.52
CA THR K 178 45.51 142.14 2.43
C THR K 178 46.23 141.20 3.39
N GLU K 179 45.48 140.28 4.00
CA GLU K 179 45.99 139.27 4.92
C GLU K 179 47.19 138.51 4.35
N ASN K 180 48.07 138.08 5.28
CA ASN K 180 49.28 137.29 5.02
C ASN K 180 50.25 138.04 4.11
N ALA K 181 50.72 139.17 4.62
CA ALA K 181 51.89 139.84 4.05
C ALA K 181 53.14 139.34 4.79
N LEU K 182 54.30 139.68 4.23
CA LEU K 182 55.58 139.37 4.86
C LEU K 182 56.62 140.35 4.36
N LEU K 183 57.50 140.79 5.26
CA LEU K 183 58.46 141.84 4.95
C LEU K 183 59.63 141.73 5.92
N LEU K 184 60.58 142.65 5.78
CA LEU K 184 61.82 142.62 6.56
C LEU K 184 61.98 143.88 7.40
N TYR K 185 62.66 143.72 8.53
CA TYR K 185 63.19 144.83 9.30
C TYR K 185 64.64 144.54 9.62
N MET K 186 65.47 145.57 9.53
CA MET K 186 66.88 145.49 9.88
C MET K 186 67.14 146.45 11.03
N ALA K 187 67.98 146.02 11.98
CA ALA K 187 68.17 146.77 13.21
C ALA K 187 69.65 146.92 13.51
N CYS K 188 70.05 148.15 13.83
CA CYS K 188 71.37 148.44 14.36
C CYS K 188 71.28 148.62 15.88
N THR K 189 72.39 148.38 16.56
CA THR K 189 72.41 148.37 18.01
C THR K 189 73.25 149.47 18.63
N HIS K 190 73.64 150.49 17.86
CA HIS K 190 74.45 151.59 18.38
C HIS K 190 74.04 152.88 17.70
N ALA K 191 74.35 154.00 18.38
CA ALA K 191 73.87 155.32 17.95
C ALA K 191 74.52 155.78 16.66
N SER K 192 75.73 155.32 16.36
CA SER K 192 76.32 155.57 15.05
C SER K 192 75.60 154.75 13.98
N ASN K 193 75.81 155.14 12.73
CA ASN K 193 75.24 154.37 11.64
C ASN K 193 76.33 153.90 10.68
N PRO K 194 77.09 152.85 11.01
CA PRO K 194 78.13 152.39 10.08
C PRO K 194 77.61 151.46 9.01
N VAL K 195 76.45 150.85 9.22
CA VAL K 195 76.02 149.69 8.44
C VAL K 195 75.54 150.14 7.07
N TYR K 196 76.28 149.73 6.03
CA TYR K 196 75.84 149.85 4.65
C TYR K 196 75.55 148.45 4.12
N ALA K 197 74.33 148.01 4.34
CA ALA K 197 73.91 146.64 4.03
C ALA K 197 73.13 146.63 2.72
N THR K 198 73.70 145.97 1.72
CA THR K 198 73.04 145.79 0.42
C THR K 198 72.74 144.31 0.24
N LEU K 199 71.49 144.00 -0.04
CA LEU K 199 71.01 142.64 -0.01
C LEU K 199 70.28 142.31 -1.31
N LYS K 200 70.56 141.12 -1.83
CA LYS K 200 69.86 140.57 -2.97
C LYS K 200 68.89 139.50 -2.48
N ILE K 201 67.60 139.72 -2.73
CA ILE K 201 66.54 138.94 -2.11
C ILE K 201 65.74 138.28 -3.23
N ARG K 202 66.03 137.01 -3.51
CA ARG K 202 65.25 136.26 -4.48
C ARG K 202 64.02 135.64 -3.83
N ILE K 203 62.86 135.87 -4.43
CA ILE K 203 61.66 135.09 -4.14
C ILE K 203 61.28 134.38 -5.43
N TYR K 204 61.30 133.05 -5.42
CA TYR K 204 60.75 132.27 -6.52
C TYR K 204 59.60 131.42 -5.98
N PHE K 205 58.51 131.40 -6.74
CA PHE K 205 57.24 130.88 -6.25
C PHE K 205 56.40 130.32 -7.39
N PRO L 16 70.69 103.27 40.64
CA PRO L 16 70.64 103.43 39.19
C PRO L 16 71.87 104.14 38.63
N ASP L 17 72.81 104.52 39.50
CA ASP L 17 73.98 105.28 39.11
C ASP L 17 75.28 104.56 39.41
N ILE L 18 75.38 103.93 40.58
CA ILE L 18 76.65 103.42 41.12
C ILE L 18 76.75 101.91 40.98
N PRO L 19 77.93 101.35 40.74
CA PRO L 19 78.10 99.90 40.66
C PRO L 19 78.60 99.25 41.94
N ARG L 20 78.85 100.00 43.02
CA ARG L 20 79.58 99.47 44.17
C ARG L 20 78.71 99.30 45.41
N GLY L 21 78.09 100.37 45.91
CA GLY L 21 77.36 100.33 47.15
C GLY L 21 76.40 101.48 47.30
N CYS L 22 75.33 101.25 48.07
CA CYS L 22 74.18 102.14 48.15
C CYS L 22 74.40 103.36 49.04
N GLU L 23 75.64 103.69 49.36
CA GLU L 23 75.96 104.96 50.01
C GLU L 23 75.62 106.13 49.09
N GLY L 24 75.42 107.29 49.69
CA GLY L 24 75.24 108.51 48.94
C GLY L 24 76.52 108.88 48.20
N PRO L 25 76.39 109.37 46.95
CA PRO L 25 77.58 109.76 46.20
C PRO L 25 78.19 111.04 46.76
N CYS L 26 78.97 110.88 47.83
CA CYS L 26 79.43 112.01 48.62
C CYS L 26 80.54 112.76 47.90
N LYS L 27 80.48 114.08 47.97
CA LYS L 27 81.44 114.95 47.30
C LYS L 27 82.63 115.21 48.22
N VAL L 28 83.83 115.05 47.67
CA VAL L 28 85.06 115.50 48.32
C VAL L 28 85.80 116.36 47.32
N GLN L 29 85.78 117.66 47.52
CA GLN L 29 86.27 118.61 46.55
C GLN L 29 87.66 119.11 46.94
N SER L 30 88.60 119.00 46.00
CA SER L 30 89.95 119.49 46.18
C SER L 30 90.06 120.81 45.44
N PHE L 31 89.58 121.87 46.07
CA PHE L 31 89.79 123.20 45.50
C PHE L 31 91.25 123.60 45.66
N GLU L 32 91.77 124.26 44.63
CA GLU L 32 93.08 124.89 44.72
C GLU L 32 92.94 126.36 44.35
N GLN L 33 93.74 127.19 45.03
CA GLN L 33 94.00 128.56 44.60
C GLN L 33 95.52 128.61 44.48
N ARG L 34 96.01 128.14 43.34
CA ARG L 34 97.43 127.86 43.15
C ARG L 34 97.91 128.35 41.81
N ASP L 35 99.12 127.94 41.44
CA ASP L 35 99.68 128.15 40.12
C ASP L 35 100.58 126.96 39.81
N ASP L 36 101.44 127.12 38.81
CA ASP L 36 102.42 126.08 38.50
C ASP L 36 103.72 126.74 38.13
N VAL L 37 104.67 125.92 37.70
CA VAL L 37 105.89 126.39 37.05
C VAL L 37 105.88 125.77 35.66
N LYS L 38 106.96 125.95 34.89
CA LYS L 38 107.04 125.32 33.58
C LYS L 38 107.08 123.80 33.70
N HIS L 39 107.83 123.29 34.68
CA HIS L 39 108.06 121.85 34.76
C HIS L 39 106.85 121.11 35.31
N LEU L 40 106.27 121.59 36.41
CA LEU L 40 105.32 120.76 37.10
C LEU L 40 104.31 121.60 37.88
N GLY L 41 103.06 121.16 37.83
CA GLY L 41 102.08 121.49 38.85
C GLY L 41 101.51 120.19 39.36
N ILE L 42 101.81 119.83 40.60
CA ILE L 42 101.49 118.51 41.12
C ILE L 42 100.29 118.60 42.05
N CYS L 43 99.34 117.69 41.86
CA CYS L 43 98.12 117.67 42.65
C CYS L 43 97.69 116.22 42.83
N LYS L 44 97.99 115.63 43.97
CA LYS L 44 97.28 114.41 44.37
C LYS L 44 95.87 114.79 44.77
N VAL L 45 94.90 114.32 44.00
CA VAL L 45 93.54 114.79 44.15
C VAL L 45 92.83 114.03 45.27
N ILE L 46 93.37 112.87 45.65
CA ILE L 46 92.74 112.00 46.63
C ILE L 46 93.39 112.18 48.01
N SER L 47 94.01 113.35 48.23
CA SER L 47 94.93 113.52 49.34
C SER L 47 94.22 113.64 50.68
N ASP L 48 93.34 114.63 50.82
CA ASP L 48 92.75 114.98 52.11
C ASP L 48 91.57 114.10 52.50
N VAL L 49 91.42 112.90 51.92
CA VAL L 49 90.27 112.05 52.21
C VAL L 49 90.65 111.16 53.39
N THR L 50 90.19 111.52 54.57
CA THR L 50 90.46 110.80 55.81
C THR L 50 89.19 110.07 56.26
N ARG L 51 89.35 109.16 57.22
CA ARG L 51 88.20 108.47 57.79
C ARG L 51 87.43 109.40 58.71
N GLY L 52 86.12 109.46 58.51
CA GLY L 52 85.25 110.27 59.33
C GLY L 52 83.79 110.09 58.97
N PRO L 53 82.90 110.57 59.83
CA PRO L 53 81.46 110.41 59.54
C PRO L 53 80.91 111.37 58.51
N GLY L 54 81.59 112.49 58.26
CA GLY L 54 81.08 113.48 57.33
C GLY L 54 81.20 113.03 55.88
N LEU L 55 80.55 113.81 55.01
CA LEU L 55 80.57 113.50 53.58
C LEU L 55 81.83 114.00 52.88
N THR L 56 82.68 114.75 53.57
CA THR L 56 84.02 115.06 53.09
C THR L 56 85.04 114.04 53.58
N HIS L 57 84.61 112.81 53.83
CA HIS L 57 85.42 111.79 54.46
C HIS L 57 85.16 110.46 53.76
N ARG L 58 85.60 109.37 54.37
CA ARG L 58 85.52 108.06 53.75
C ARG L 58 85.17 107.00 54.79
N VAL L 59 84.63 105.88 54.30
CA VAL L 59 84.32 104.72 55.12
C VAL L 59 85.17 103.56 54.61
N GLY L 60 86.13 103.13 55.44
CA GLY L 60 87.03 102.06 55.04
C GLY L 60 88.22 102.52 54.24
N LYS L 61 88.63 101.72 53.26
CA LYS L 61 89.79 102.06 52.44
C LYS L 61 89.57 101.69 50.97
N ARG L 62 88.32 101.61 50.54
CA ARG L 62 87.97 101.23 49.17
C ARG L 62 87.15 102.34 48.52
N PHE L 63 87.58 102.80 47.36
CA PHE L 63 86.89 103.82 46.59
C PHE L 63 86.46 103.26 45.25
N CYS L 64 85.42 103.85 44.69
CA CYS L 64 85.11 103.75 43.26
C CYS L 64 84.69 105.15 42.82
N ILE L 65 85.67 105.91 42.33
CA ILE L 65 85.41 107.28 41.88
C ILE L 65 84.49 107.24 40.66
N LYS L 66 83.30 107.80 40.80
CA LYS L 66 82.35 107.84 39.70
C LYS L 66 82.80 108.81 38.63
N SER L 67 83.06 110.05 39.01
CA SER L 67 83.50 111.04 38.03
C SER L 67 84.30 112.13 38.72
N ILE L 68 85.30 112.65 37.98
CA ILE L 68 86.01 113.86 38.35
C ILE L 68 85.43 115.00 37.54
N TYR L 69 84.97 116.04 38.23
CA TYR L 69 84.36 117.22 37.62
C TYR L 69 85.31 118.39 37.80
N ILE L 70 86.00 118.77 36.73
CA ILE L 70 87.04 119.78 36.80
C ILE L 70 86.45 121.12 36.37
N LEU L 71 86.29 122.01 37.33
CA LEU L 71 86.12 123.43 37.06
C LEU L 71 87.48 124.11 37.10
N GLY L 72 87.52 125.34 36.59
CA GLY L 72 88.76 126.08 36.66
C GLY L 72 88.85 127.27 35.74
N LYS L 73 89.44 128.35 36.23
CA LYS L 73 89.75 129.52 35.43
C LYS L 73 91.26 129.72 35.40
N ILE L 74 91.80 129.80 34.19
CA ILE L 74 93.24 129.81 33.96
C ILE L 74 93.59 131.15 33.35
N TRP L 75 94.24 132.01 34.13
CA TRP L 75 94.51 133.37 33.69
C TRP L 75 95.99 133.69 33.79
N LEU L 76 96.32 134.89 33.32
CA LEU L 76 97.59 135.55 33.56
C LEU L 76 97.40 137.03 33.88
N ASP L 77 96.24 137.42 34.43
CA ASP L 77 95.80 138.81 34.46
C ASP L 77 96.41 139.57 35.64
N GLU L 78 97.52 139.10 36.19
CA GLU L 78 98.40 139.92 37.00
C GLU L 78 98.97 141.03 36.13
N THR L 79 99.36 142.15 36.76
CA THR L 79 99.86 143.32 36.02
C THR L 79 101.21 143.11 35.34
N ILE L 80 101.84 141.95 35.56
CA ILE L 80 103.11 141.60 34.95
C ILE L 80 102.76 140.41 34.05
N LYS L 81 103.78 139.82 33.39
CA LYS L 81 103.66 138.67 32.48
C LYS L 81 102.85 139.00 31.24
N LYS L 82 102.96 140.24 30.76
CA LYS L 82 102.59 140.59 29.41
C LYS L 82 103.72 140.40 28.42
N GLN L 83 104.97 140.56 28.84
CA GLN L 83 106.12 140.14 28.04
C GLN L 83 106.36 138.64 28.25
N ASN L 84 107.20 138.07 27.37
CA ASN L 84 107.53 136.64 27.30
C ASN L 84 106.26 135.81 27.19
N HIS L 85 105.34 136.28 26.35
CA HIS L 85 103.95 135.83 26.36
C HIS L 85 103.65 134.69 25.42
N THR L 86 102.36 134.44 25.18
CA THR L 86 101.79 133.36 24.38
C THR L 86 102.17 131.97 24.88
N ASN L 87 101.71 131.59 26.06
CA ASN L 87 101.89 130.24 26.59
C ASN L 87 100.56 129.52 26.62
N ASN L 88 100.60 128.19 26.63
CA ASN L 88 99.39 127.38 26.73
C ASN L 88 99.57 126.29 27.79
N VAL L 89 98.45 125.74 28.23
CA VAL L 89 98.42 124.79 29.33
C VAL L 89 97.92 123.45 28.81
N ILE L 90 98.69 122.40 29.06
CA ILE L 90 98.28 121.03 28.73
C ILE L 90 98.03 120.32 30.05
N PHE L 91 96.82 119.77 30.21
CA PHE L 91 96.51 119.04 31.43
C PHE L 91 96.78 117.56 31.25
N TYR L 92 97.07 116.89 32.36
CA TYR L 92 97.36 115.47 32.38
C TYR L 92 96.65 114.83 33.56
N LEU L 93 95.78 113.88 33.28
CA LEU L 93 95.04 113.16 34.33
C LEU L 93 95.44 111.69 34.19
N LEU L 94 96.28 111.23 35.11
CA LEU L 94 96.95 109.93 34.97
C LEU L 94 96.34 108.91 35.92
N ARG L 95 96.24 107.67 35.45
CA ARG L 95 95.91 106.55 36.33
C ARG L 95 97.22 105.96 36.85
N ASP L 96 97.50 106.16 38.14
CA ASP L 96 98.74 105.70 38.75
C ASP L 96 98.59 104.25 39.18
N ARG L 97 99.73 103.54 39.21
CA ARG L 97 99.75 102.14 39.57
C ARG L 97 100.30 101.86 40.96
N ARG L 98 101.20 102.68 41.50
CA ARG L 98 101.80 102.44 42.80
C ARG L 98 102.26 103.78 43.37
N PRO L 99 102.23 103.93 44.69
CA PRO L 99 102.75 105.16 45.30
C PRO L 99 104.18 105.00 45.82
N TYR L 100 104.84 106.12 46.11
CA TYR L 100 106.06 106.13 46.92
C TYR L 100 105.97 107.33 47.85
N GLY L 101 105.34 107.11 49.02
CA GLY L 101 105.20 108.16 50.02
C GLY L 101 104.43 109.37 49.54
N ASN L 102 105.16 110.46 49.29
CA ASN L 102 104.60 111.67 48.71
C ASN L 102 104.48 111.53 47.19
N ALA L 103 104.24 112.66 46.51
CA ALA L 103 104.10 112.62 45.06
C ALA L 103 105.46 112.50 44.40
N PRO L 104 105.57 111.72 43.33
CA PRO L 104 106.86 111.59 42.63
C PRO L 104 107.17 112.79 41.75
N GLN L 105 108.27 112.69 40.99
CA GLN L 105 108.65 113.76 40.09
C GLN L 105 107.70 113.83 38.90
N ASP L 106 107.81 114.91 38.12
CA ASP L 106 107.12 115.00 36.84
C ASP L 106 108.09 114.83 35.67
N PHE L 107 109.09 115.71 35.58
CA PHE L 107 110.00 115.71 34.43
C PHE L 107 110.92 114.50 34.45
N GLY L 108 111.20 113.96 35.63
CA GLY L 108 111.89 112.70 35.75
C GLY L 108 111.00 111.48 35.68
N GLN L 109 109.70 111.66 35.51
CA GLN L 109 108.77 110.54 35.41
C GLN L 109 108.13 110.44 34.03
N ILE L 110 107.50 111.50 33.53
CA ILE L 110 107.12 111.50 32.13
C ILE L 110 108.35 111.81 31.28
N PHE L 111 108.28 111.44 30.00
CA PHE L 111 109.51 111.14 29.26
C PHE L 111 110.24 112.38 28.79
N ASN L 112 109.61 113.19 27.93
CA ASN L 112 110.37 114.20 27.20
C ASN L 112 109.79 115.57 27.51
N MET L 113 110.29 116.60 26.82
CA MET L 113 110.01 117.99 27.15
C MET L 113 108.62 118.40 26.63
N PHE L 114 107.64 118.26 27.52
CA PHE L 114 106.36 118.98 27.59
C PHE L 114 105.36 118.58 26.52
N ASP L 115 105.74 117.74 25.55
CA ASP L 115 104.83 117.09 24.62
C ASP L 115 105.23 115.63 24.56
N ASN L 116 104.66 114.82 25.44
CA ASN L 116 105.23 113.51 25.70
C ASN L 116 104.18 112.55 26.25
N GLU L 117 104.67 111.42 26.74
CA GLU L 117 103.97 110.31 27.35
C GLU L 117 104.80 109.89 28.56
N PRO L 118 104.32 109.00 29.43
CA PRO L 118 105.22 108.43 30.45
C PRO L 118 106.33 107.61 29.83
N SER L 119 107.40 107.44 30.59
CA SER L 119 108.60 106.77 30.11
C SER L 119 108.35 105.27 29.93
N THR L 120 109.25 104.63 29.18
CA THR L 120 109.13 103.21 28.88
C THR L 120 109.35 102.34 30.11
N ALA L 121 110.12 102.82 31.09
CA ALA L 121 110.37 102.08 32.31
C ALA L 121 109.36 102.36 33.40
N THR L 122 108.32 103.15 33.12
CA THR L 122 107.38 103.59 34.13
C THR L 122 105.97 103.05 33.94
N ILE L 123 105.70 102.36 32.84
CA ILE L 123 104.35 101.88 32.54
C ILE L 123 103.97 100.70 33.45
N PHE L 131 103.33 104.79 34.24
CA PHE L 131 102.02 104.95 34.86
C PHE L 131 100.99 105.17 33.75
N GLN L 132 99.77 104.69 33.96
CA GLN L 132 98.75 104.81 32.92
C GLN L 132 98.23 106.24 32.84
N VAL L 133 97.67 106.56 31.68
CA VAL L 133 97.12 107.87 31.38
C VAL L 133 95.63 107.68 31.22
N LEU L 134 94.83 108.69 31.56
CA LEU L 134 93.42 108.65 31.17
C LEU L 134 93.12 109.57 29.99
N ARG L 135 93.29 110.89 30.15
CA ARG L 135 93.06 111.84 29.07
C ARG L 135 93.93 113.09 29.25
N LYS L 136 93.79 114.01 28.31
CA LYS L 136 94.49 115.30 28.31
C LYS L 136 93.47 116.41 28.12
N PHE L 137 93.93 117.66 28.26
CA PHE L 137 93.09 118.83 27.99
C PHE L 137 93.96 119.92 27.37
N HIS L 138 93.33 121.05 27.05
CA HIS L 138 94.01 122.20 26.47
C HIS L 138 93.49 123.48 27.10
N ALA L 139 94.37 124.47 27.19
CA ALA L 139 94.01 125.82 27.64
C ALA L 139 95.07 126.76 27.09
N THR L 140 94.65 127.70 26.23
CA THR L 140 95.56 128.57 25.51
C THR L 140 95.32 130.01 25.91
N VAL L 141 96.25 130.59 26.67
CA VAL L 141 96.14 131.98 27.11
C VAL L 141 97.26 132.80 26.47
N VAL L 142 96.90 133.53 25.41
CA VAL L 142 97.89 134.27 24.65
C VAL L 142 97.66 135.78 24.79
N GLY L 143 98.39 136.42 25.69
CA GLY L 143 98.22 137.85 25.88
C GLY L 143 99.52 138.64 25.98
N GLY L 144 99.75 139.53 25.02
CA GLY L 144 100.96 140.34 25.05
C GLY L 144 100.68 141.80 25.29
N LEU L 145 100.77 142.61 24.24
CA LEU L 145 100.46 144.03 24.33
C LEU L 145 99.61 144.44 23.14
N TYR L 146 99.03 145.63 23.26
CA TYR L 146 98.27 146.37 22.24
C TYR L 146 97.01 145.68 21.74
N CYS L 147 96.59 144.54 22.29
CA CYS L 147 95.15 144.28 22.24
C CYS L 147 94.59 143.99 23.65
N MET L 148 95.18 143.13 24.51
CA MET L 148 96.00 141.94 24.23
C MET L 148 95.01 140.76 24.18
N LYS L 149 94.97 140.05 23.05
CA LYS L 149 93.83 139.17 22.84
C LYS L 149 94.16 137.72 23.16
N GLU L 150 94.16 137.43 24.47
CA GLU L 150 93.50 136.33 25.17
C GLU L 150 93.83 136.40 26.65
N GLN L 151 92.96 135.83 27.47
CA GLN L 151 93.02 135.87 28.93
C GLN L 151 92.26 134.69 29.51
N ALA L 152 91.80 134.84 30.75
CA ALA L 152 91.14 133.84 31.59
C ALA L 152 90.09 133.03 30.84
N LEU L 153 90.32 131.73 30.74
CA LEU L 153 89.40 130.81 30.07
C LEU L 153 88.72 129.93 31.10
N VAL L 154 87.48 129.53 30.84
CA VAL L 154 86.75 128.69 31.76
C VAL L 154 86.64 127.29 31.18
N LYS L 155 86.97 126.28 31.99
CA LYS L 155 86.94 124.89 31.56
C LYS L 155 86.10 124.07 32.53
N ARG L 156 85.05 123.44 32.02
CA ARG L 156 84.27 122.46 32.77
C ARG L 156 84.25 121.14 32.01
N PHE L 157 84.37 120.03 32.73
CA PHE L 157 84.47 118.71 32.11
C PHE L 157 83.88 117.66 33.04
N TYR L 158 82.83 116.98 32.59
CA TYR L 158 82.53 115.66 33.11
C TYR L 158 83.60 114.67 32.66
N ARG L 159 84.01 113.78 33.57
CA ARG L 159 85.06 112.82 33.23
C ARG L 159 84.89 111.59 34.13
N LEU L 160 84.32 110.53 33.58
CA LEU L 160 84.06 109.31 34.34
C LEU L 160 85.34 108.51 34.53
N ASN L 161 85.48 107.91 35.71
CA ASN L 161 86.71 107.21 36.09
C ASN L 161 86.33 105.99 36.92
N HIS L 162 87.30 105.40 37.63
CA HIS L 162 87.09 104.12 38.30
C HIS L 162 87.88 104.09 39.61
N HIS L 163 88.06 102.88 40.15
CA HIS L 163 88.27 102.63 41.57
C HIS L 163 89.66 103.01 42.06
N VAL L 164 89.75 103.26 43.37
CA VAL L 164 90.96 103.66 44.10
C VAL L 164 90.98 102.89 45.41
N THR L 165 92.16 102.44 45.85
CA THR L 165 92.31 101.76 47.12
C THR L 165 93.32 102.50 47.99
N TYR L 166 93.04 102.59 49.29
CA TYR L 166 94.04 103.00 50.27
C TYR L 166 94.63 101.80 50.98
N ASN L 167 95.89 101.92 51.39
CA ASN L 167 96.58 100.82 52.06
C ASN L 167 96.19 100.74 53.53
N HIS L 168 96.52 101.77 54.28
CA HIS L 168 96.32 101.73 55.73
C HIS L 168 94.87 102.05 56.09
N GLN L 169 94.50 101.66 57.30
CA GLN L 169 93.17 101.93 57.84
C GLN L 169 93.17 103.18 58.70
N GLU L 170 94.09 104.10 58.44
CA GLU L 170 94.24 105.34 59.19
C GLU L 170 93.23 106.37 58.71
N ALA L 171 93.10 107.44 59.51
CA ALA L 171 92.43 108.66 59.06
C ALA L 171 93.46 109.64 58.51
N GLY L 172 94.24 109.14 57.55
CA GLY L 172 95.44 109.81 57.09
C GLY L 172 95.30 110.46 55.73
N LYS L 173 96.37 111.15 55.35
CA LYS L 173 96.47 111.91 54.11
C LYS L 173 97.01 111.01 53.01
N TYR L 174 97.49 111.62 51.91
CA TYR L 174 97.94 110.93 50.70
C TYR L 174 99.12 109.99 50.89
N GLU L 175 99.75 109.95 52.06
CA GLU L 175 100.99 109.21 52.21
C GLU L 175 100.78 107.69 52.26
N ASN L 176 99.60 107.25 52.69
CA ASN L 176 99.35 105.82 52.93
C ASN L 176 98.60 105.15 51.77
N HIS L 177 98.91 105.53 50.53
CA HIS L 177 98.24 104.97 49.37
C HIS L 177 98.73 103.55 49.07
N THR L 178 98.11 102.96 48.05
CA THR L 178 98.49 101.67 47.48
C THR L 178 98.14 101.73 46.00
N GLU L 179 97.97 100.55 45.38
CA GLU L 179 97.60 100.40 43.97
C GLU L 179 96.38 101.23 43.59
N ASN L 180 96.36 101.64 42.32
CA ASN L 180 95.29 102.42 41.68
C ASN L 180 95.07 103.77 42.37
N ALA L 181 96.12 104.59 42.31
CA ALA L 181 95.99 106.00 42.60
C ALA L 181 95.71 106.76 41.31
N LEU L 182 95.35 108.04 41.45
CA LEU L 182 95.15 108.92 40.31
C LEU L 182 95.34 110.36 40.76
N LEU L 183 95.97 111.16 39.91
CA LEU L 183 96.35 112.52 40.27
C LEU L 183 96.52 113.33 39.00
N LEU L 184 96.88 114.60 39.17
CA LEU L 184 97.00 115.54 38.06
C LEU L 184 98.42 116.07 37.92
N TYR L 185 98.77 116.41 36.68
CA TYR L 185 99.94 117.22 36.38
C TYR L 185 99.52 118.33 35.43
N MET L 186 100.04 119.52 35.67
CA MET L 186 99.82 120.67 34.79
C MET L 186 101.15 121.11 34.23
N ALA L 187 101.16 121.50 32.96
CA ALA L 187 102.41 121.78 32.26
C ALA L 187 102.32 123.10 31.51
N CYS L 188 103.34 123.94 31.68
CA CYS L 188 103.52 125.13 30.88
C CYS L 188 104.57 124.85 29.80
N THR L 189 104.49 125.62 28.71
CA THR L 189 105.33 125.36 27.54
C THR L 189 106.32 126.48 27.25
N HIS L 190 106.55 127.41 28.18
CA HIS L 190 107.48 128.50 27.96
C HIS L 190 108.19 128.83 29.27
N ALA L 191 109.37 129.45 29.14
CA ALA L 191 110.25 129.68 30.28
C ALA L 191 109.68 130.69 31.27
N SER L 192 108.84 131.61 30.82
CA SER L 192 108.11 132.48 31.75
C SER L 192 107.05 131.68 32.49
N ASN L 193 106.56 132.25 33.58
CA ASN L 193 105.48 131.60 34.30
C ASN L 193 104.27 132.53 34.42
N PRO L 194 103.46 132.68 33.37
CA PRO L 194 102.30 133.57 33.49
C PRO L 194 101.09 132.89 34.10
N VAL L 195 101.05 131.57 34.10
CA VAL L 195 99.82 130.82 34.34
C VAL L 195 99.48 130.84 35.83
N TYR L 196 98.37 131.48 36.16
CA TYR L 196 97.78 131.40 37.49
C TYR L 196 96.46 130.63 37.37
N ALA L 197 96.57 129.31 37.46
CA ALA L 197 95.45 128.41 37.23
C ALA L 197 94.87 127.94 38.55
N THR L 198 93.64 128.34 38.83
CA THR L 198 92.92 127.92 40.02
C THR L 198 91.75 127.05 39.59
N LEU L 199 91.68 125.84 40.17
CA LEU L 199 90.77 124.82 39.69
C LEU L 199 89.95 124.27 40.84
N LYS L 200 88.66 124.09 40.59
CA LYS L 200 87.75 123.42 41.51
C LYS L 200 87.47 122.02 41.00
N ILE L 201 87.83 121.02 41.80
CA ILE L 201 87.87 119.64 41.36
C ILE L 201 86.92 118.84 42.25
N ARG L 202 85.71 118.59 41.76
CA ARG L 202 84.76 117.76 42.48
C ARG L 202 84.99 116.29 42.14
N ILE L 203 85.12 115.46 43.18
CA ILE L 203 85.01 114.02 43.06
C ILE L 203 83.82 113.60 43.90
N TYR L 204 82.79 113.04 43.25
CA TYR L 204 81.70 112.40 43.97
C TYR L 204 81.65 110.93 43.60
N PHE L 205 81.48 110.09 44.62
CA PHE L 205 81.69 108.65 44.48
C PHE L 205 80.83 107.87 45.45
N PRO M 16 93.29 90.68 19.30
CA PRO M 16 92.09 91.45 18.96
C PRO M 16 92.40 92.79 18.30
N ASP M 17 93.69 93.08 18.10
CA ASP M 17 94.11 94.37 17.56
C ASP M 17 94.90 94.22 16.26
N ILE M 18 95.79 93.25 16.18
CA ILE M 18 96.78 93.15 15.10
C ILE M 18 96.41 92.07 14.09
N PRO M 19 96.72 92.27 12.81
CA PRO M 19 96.44 91.23 11.80
C PRO M 19 97.64 90.36 11.45
N ARG M 20 98.82 90.57 12.04
CA ARG M 20 100.04 89.94 11.56
C ARG M 20 100.59 88.86 12.49
N GLY M 21 100.90 89.20 13.74
CA GLY M 21 101.56 88.30 14.65
C GLY M 21 101.42 88.71 16.09
N CYS M 22 101.47 87.73 16.99
CA CYS M 22 101.11 87.89 18.39
C CYS M 22 102.22 88.53 19.24
N GLU M 23 103.19 89.18 18.60
CA GLU M 23 104.15 90.00 19.32
C GLU M 23 103.45 91.19 19.97
N GLY M 24 104.08 91.74 21.00
CA GLY M 24 103.61 92.96 21.62
C GLY M 24 103.72 94.12 20.67
N PRO M 25 102.72 95.01 20.65
CA PRO M 25 102.79 96.18 19.77
C PRO M 25 103.82 97.18 20.25
N CYS M 26 105.08 96.90 19.92
CA CYS M 26 106.21 97.63 20.49
C CYS M 26 106.33 99.02 19.88
N LYS M 27 106.62 100.00 20.74
CA LYS M 27 106.74 101.39 20.32
C LYS M 27 108.17 101.68 19.88
N VAL M 28 108.30 102.33 18.72
CA VAL M 28 109.56 102.90 18.27
C VAL M 28 109.27 104.35 17.92
N GLN M 29 109.71 105.26 18.78
CA GLN M 29 109.34 106.66 18.67
C GLN M 29 110.47 107.47 18.05
N SER M 30 110.18 108.14 16.96
CA SER M 30 111.15 108.99 16.28
C SER M 30 110.87 110.42 16.73
N PHE M 31 111.38 110.77 17.91
CA PHE M 31 111.32 112.15 18.34
C PHE M 31 112.29 113.00 17.54
N GLU M 32 111.86 114.20 17.19
CA GLU M 32 112.74 115.19 16.62
C GLU M 32 112.70 116.46 17.46
N GLN M 33 113.85 117.12 17.55
CA GLN M 33 113.93 118.49 18.02
C GLN M 33 114.64 119.21 16.87
N ARG M 34 113.84 119.58 15.86
CA ARG M 34 114.36 120.03 14.58
C ARG M 34 113.61 121.25 14.08
N ASP M 35 113.84 121.58 12.82
CA ASP M 35 113.09 122.60 12.10
C ASP M 35 113.04 122.18 10.64
N ASP M 36 112.70 123.12 9.77
CA ASP M 36 112.73 122.84 8.33
C ASP M 36 113.24 124.09 7.62
N VAL M 37 113.20 124.03 6.29
CA VAL M 37 113.40 125.20 5.45
C VAL M 37 112.11 125.35 4.66
N LYS M 38 112.07 126.30 3.72
CA LYS M 38 110.89 126.44 2.88
C LYS M 38 110.68 125.22 1.99
N HIS M 39 111.76 124.66 1.45
CA HIS M 39 111.63 123.60 0.47
C HIS M 39 111.30 122.27 1.11
N LEU M 40 112.02 121.90 2.17
CA LEU M 40 111.91 120.52 2.63
C LEU M 40 112.20 120.41 4.12
N GLY M 41 111.41 119.57 4.78
CA GLY M 41 111.83 118.96 6.02
C GLY M 41 111.67 117.46 5.87
N ILE M 42 112.77 116.73 5.82
CA ILE M 42 112.74 115.32 5.46
C ILE M 42 112.92 114.46 6.71
N CYS M 43 112.05 113.45 6.83
CA CYS M 43 112.07 112.57 7.98
C CYS M 43 111.67 111.17 7.53
N LYS M 44 112.64 110.29 7.32
CA LYS M 44 112.34 108.87 7.26
C LYS M 44 112.02 108.40 8.67
N VAL M 45 110.77 107.98 8.87
CA VAL M 45 110.29 107.72 10.21
C VAL M 45 110.68 106.31 10.65
N ILE M 46 111.02 105.45 9.70
CA ILE M 46 111.31 104.05 9.98
C ILE M 46 112.82 103.82 10.04
N SER M 47 113.59 104.88 10.32
CA SER M 47 115.03 104.88 10.07
C SER M 47 115.78 104.06 11.10
N ASP M 48 115.66 104.41 12.39
CA ASP M 48 116.49 103.84 13.44
C ASP M 48 116.00 102.48 13.93
N VAL M 49 115.19 101.75 13.18
CA VAL M 49 114.65 100.48 13.63
C VAL M 49 115.62 99.38 13.20
N THR M 50 116.44 98.93 14.14
CA THR M 50 117.44 97.89 13.90
C THR M 50 117.00 96.60 14.58
N ARG M 51 117.67 95.50 14.24
CA ARG M 51 117.39 94.22 14.87
C ARG M 51 117.95 94.20 16.28
N GLY M 52 117.11 93.81 17.24
CA GLY M 52 117.53 93.71 18.61
C GLY M 52 116.43 93.13 19.49
N PRO M 53 116.77 92.74 20.72
CA PRO M 53 115.75 92.15 21.61
C PRO M 53 114.83 93.17 22.25
N GLY M 54 115.22 94.45 22.31
CA GLY M 54 114.40 95.44 22.97
C GLY M 54 113.17 95.82 22.16
N LEU M 55 112.28 96.56 22.82
CA LEU M 55 111.04 97.00 22.18
C LEU M 55 111.24 98.22 21.29
N THR M 56 112.41 98.85 21.31
CA THR M 56 112.79 99.86 20.34
C THR M 56 113.49 99.25 19.13
N HIS M 57 113.21 97.99 18.83
CA HIS M 57 113.92 97.23 17.82
C HIS M 57 112.91 96.41 17.03
N ARG M 58 113.41 95.45 16.27
CA ARG M 58 112.57 94.68 15.36
C ARG M 58 113.01 93.22 15.34
N VAL M 59 112.09 92.36 14.94
CA VAL M 59 112.35 90.93 14.76
C VAL M 59 112.11 90.61 13.28
N GLY M 60 113.20 90.29 12.57
CA GLY M 60 113.10 89.99 11.16
C GLY M 60 113.16 91.23 10.28
N LYS M 61 112.39 91.22 9.18
CA LYS M 61 112.39 92.35 8.25
C LYS M 61 110.99 92.65 7.74
N ARG M 62 109.95 92.27 8.49
CA ARG M 62 108.57 92.47 8.10
C ARG M 62 107.85 93.30 9.15
N PHE M 63 107.22 94.39 8.72
CA PHE M 63 106.44 95.26 9.59
C PHE M 63 104.99 95.26 9.17
N CYS M 64 104.12 95.58 10.12
CA CYS M 64 102.75 96.04 9.84
C CYS M 64 102.49 97.17 10.83
N ILE M 65 102.75 98.40 10.38
CA ILE M 65 102.54 99.57 11.23
C ILE M 65 101.06 99.74 11.50
N LYS M 66 100.68 99.61 12.78
CA LYS M 66 99.27 99.76 13.14
C LYS M 66 98.84 101.21 13.04
N SER M 67 99.56 102.12 13.68
CA SER M 67 99.21 103.53 13.62
C SER M 67 100.43 104.39 13.87
N ILE M 68 100.45 105.54 13.20
CA ILE M 68 101.40 106.62 13.48
C ILE M 68 100.67 107.65 14.33
N TYR M 69 101.24 107.96 15.49
CA TYR M 69 100.66 108.91 16.44
C TYR M 69 101.57 110.14 16.47
N ILE M 70 101.13 111.22 15.83
CA ILE M 70 101.94 112.41 15.66
C ILE M 70 101.59 113.41 16.74
N LEU M 71 102.49 113.60 17.69
CA LEU M 71 102.49 114.77 18.56
C LEU M 71 103.37 115.83 17.94
N GLY M 72 103.25 117.05 18.46
CA GLY M 72 104.11 118.11 17.99
C GLY M 72 103.66 119.51 18.31
N LYS M 73 104.61 120.36 18.66
CA LYS M 73 104.38 121.79 18.86
C LYS M 73 105.16 122.57 17.83
N ILE M 74 104.46 123.43 17.08
CA ILE M 74 105.03 124.13 15.94
C ILE M 74 105.01 125.61 16.26
N TRP M 75 106.18 126.19 16.53
CA TRP M 75 106.24 127.58 16.97
C TRP M 75 107.17 128.38 16.08
N LEU M 76 107.22 129.68 16.38
CA LEU M 76 108.22 130.60 15.89
C LEU M 76 108.71 131.53 17.00
N ASP M 77 108.65 131.10 18.26
CA ASP M 77 108.75 132.00 19.41
C ASP M 77 110.21 132.30 19.77
N GLU M 78 111.13 132.12 18.83
CA GLU M 78 112.44 132.75 18.91
C GLU M 78 112.26 134.27 18.86
N THR M 79 113.23 135.01 19.41
CA THR M 79 113.12 136.47 19.49
C THR M 79 113.23 137.18 18.14
N ILE M 80 113.48 136.43 17.06
CA ILE M 80 113.56 136.96 15.70
C ILE M 80 112.37 136.30 14.99
N LYS M 81 112.22 136.56 13.69
CA LYS M 81 111.17 136.04 12.81
C LYS M 81 109.79 136.55 13.21
N LYS M 82 109.73 137.78 13.71
CA LYS M 82 108.48 138.53 13.76
C LYS M 82 108.22 139.32 12.49
N GLN M 83 109.25 139.76 11.76
CA GLN M 83 109.11 140.27 10.41
C GLN M 83 109.07 139.10 9.43
N ASN M 84 108.66 139.41 8.19
CA ASN M 84 108.45 138.46 7.09
C ASN M 84 107.52 137.33 7.52
N HIS M 85 106.45 137.71 8.22
CA HIS M 85 105.65 136.79 9.01
C HIS M 85 104.45 136.21 8.26
N THR M 86 103.54 135.60 9.02
CA THR M 86 102.34 134.88 8.56
C THR M 86 102.64 133.72 7.62
N ASN M 87 103.29 132.68 8.12
CA ASN M 87 103.53 131.46 7.36
C ASN M 87 102.71 130.33 7.96
N ASN M 88 102.44 129.31 7.16
CA ASN M 88 101.72 128.12 7.63
C ASN M 88 102.45 126.86 7.20
N VAL M 89 102.11 125.75 7.86
CA VAL M 89 102.80 124.48 7.68
C VAL M 89 101.81 123.47 7.10
N ILE M 90 102.18 122.84 6.00
CA ILE M 90 101.40 121.76 5.41
C ILE M 90 102.20 120.47 5.60
N PHE M 91 101.59 119.49 6.23
CA PHE M 91 102.27 118.22 6.43
C PHE M 91 101.93 117.24 5.30
N TYR M 92 102.86 116.31 5.07
CA TYR M 92 102.71 115.32 4.01
C TYR M 92 103.18 113.98 4.55
N LEU M 93 102.28 113.00 4.57
CA LEU M 93 102.60 111.65 5.03
C LEU M 93 102.39 110.73 3.84
N LEU M 94 103.47 110.28 3.23
CA LEU M 94 103.43 109.60 1.93
C LEU M 94 103.67 108.11 2.09
N ARG M 95 102.96 107.32 1.30
CA ARG M 95 103.26 105.89 1.17
C ARG M 95 104.24 105.72 0.01
N ASP M 96 105.49 105.40 0.33
CA ASP M 96 106.54 105.26 -0.68
C ASP M 96 106.50 103.86 -1.27
N ARG M 97 106.96 103.76 -2.52
CA ARG M 97 106.96 102.50 -3.25
C ARG M 97 108.33 101.85 -3.37
N ARG M 98 109.43 102.61 -3.40
CA ARG M 98 110.77 102.07 -3.58
C ARG M 98 111.77 103.03 -2.97
N PRO M 99 112.88 102.52 -2.43
CA PRO M 99 113.92 103.42 -1.92
C PRO M 99 115.04 103.64 -2.92
N TYR M 100 115.88 104.64 -2.67
CA TYR M 100 117.19 104.79 -3.33
C TYR M 100 118.17 105.25 -2.26
N GLY M 101 118.76 104.29 -1.54
CA GLY M 101 119.74 104.58 -0.51
C GLY M 101 119.21 105.44 0.61
N ASN M 102 119.63 106.70 0.63
CA ASN M 102 119.13 107.69 1.56
C ASN M 102 117.78 108.24 1.09
N ALA M 103 117.33 109.33 1.70
CA ALA M 103 116.06 109.93 1.34
C ALA M 103 116.19 110.70 0.02
N PRO M 104 115.19 110.64 -0.85
CA PRO M 104 115.27 111.39 -2.12
C PRO M 104 114.95 112.86 -1.93
N GLN M 105 114.89 113.59 -3.04
CA GLN M 105 114.56 115.01 -3.00
C GLN M 105 113.10 115.23 -2.62
N ASP M 106 112.76 116.48 -2.32
CA ASP M 106 111.36 116.87 -2.17
C ASP M 106 110.87 117.69 -3.36
N PHE M 107 111.51 118.83 -3.63
CA PHE M 107 111.02 119.73 -4.66
C PHE M 107 111.26 119.15 -6.06
N GLY M 108 112.26 118.28 -6.21
CA GLY M 108 112.44 117.53 -7.42
C GLY M 108 111.66 116.24 -7.49
N GLN M 109 110.88 115.93 -6.46
CA GLN M 109 110.06 114.72 -6.44
C GLN M 109 108.58 115.02 -6.47
N ILE M 110 108.06 115.82 -5.53
CA ILE M 110 106.70 116.33 -5.69
C ILE M 110 106.72 117.46 -6.71
N PHE M 111 105.54 117.76 -7.26
CA PHE M 111 105.49 118.36 -8.59
C PHE M 111 105.76 119.86 -8.56
N ASN M 112 104.91 120.64 -7.91
CA ASN M 112 104.92 122.08 -8.12
C ASN M 112 105.17 122.76 -6.77
N MET M 113 105.09 124.10 -6.79
CA MET M 113 105.52 124.92 -5.66
C MET M 113 104.46 124.92 -4.55
N PHE M 114 104.65 124.00 -3.60
CA PHE M 114 104.21 124.00 -2.21
C PHE M 114 102.71 123.77 -2.03
N ASP M 115 101.93 123.73 -3.10
CA ASP M 115 100.54 123.27 -3.10
C ASP M 115 100.38 122.32 -4.27
N ASN M 116 100.63 121.04 -4.02
CA ASN M 116 100.85 120.13 -5.13
C ASN M 116 100.54 118.69 -4.73
N GLU M 117 100.97 117.78 -5.60
CA GLU M 117 100.86 116.33 -5.53
C GLU M 117 102.20 115.78 -6.01
N PRO M 118 102.47 114.48 -5.90
CA PRO M 118 103.65 113.93 -6.57
C PRO M 118 103.53 114.03 -8.08
N SER M 119 104.69 113.99 -8.74
CA SER M 119 104.76 114.17 -10.19
C SER M 119 104.16 112.98 -10.92
N THR M 120 103.86 113.20 -12.20
CA THR M 120 103.24 112.16 -13.03
C THR M 120 104.19 111.01 -13.32
N ALA M 121 105.49 111.25 -13.31
CA ALA M 121 106.47 110.19 -13.54
C ALA M 121 106.91 109.49 -12.26
N THR M 122 106.30 109.81 -11.12
CA THR M 122 106.75 109.30 -9.84
C THR M 122 105.75 108.39 -9.16
N ILE M 123 104.54 108.26 -9.71
CA ILE M 123 103.50 107.46 -9.07
C ILE M 123 103.79 105.97 -9.19
N PHE M 131 105.00 108.53 -6.07
CA PHE M 131 104.86 107.83 -4.80
C PHE M 131 103.47 108.10 -4.26
N GLN M 132 102.89 107.13 -3.55
CA GLN M 132 101.54 107.29 -3.05
C GLN M 132 101.52 108.23 -1.85
N VAL M 133 100.35 108.79 -1.61
CA VAL M 133 100.09 109.74 -0.54
C VAL M 133 99.14 109.03 0.43
N LEU M 134 99.24 109.35 1.72
CA LEU M 134 98.17 108.93 2.62
C LEU M 134 97.24 110.08 3.01
N ARG M 135 97.76 111.11 3.70
CA ARG M 135 96.94 112.27 4.08
C ARG M 135 97.83 113.50 4.21
N LYS M 136 97.18 114.62 4.56
CA LYS M 136 97.82 115.91 4.79
C LYS M 136 97.38 116.45 6.14
N PHE M 137 98.02 117.55 6.56
CA PHE M 137 97.61 118.25 7.77
C PHE M 137 97.79 119.75 7.56
N HIS M 138 97.44 120.53 8.59
CA HIS M 138 97.57 121.98 8.57
C HIS M 138 98.10 122.47 9.90
N ALA M 139 98.85 123.57 9.84
CA ALA M 139 99.33 124.27 11.04
C ALA M 139 99.63 125.70 10.62
N THR M 140 98.91 126.65 11.21
CA THR M 140 98.98 128.05 10.79
C THR M 140 99.50 128.90 11.95
N VAL M 141 100.73 129.38 11.82
CA VAL M 141 101.36 130.21 12.85
C VAL M 141 101.58 131.61 12.29
N VAL M 142 100.68 132.54 12.65
CA VAL M 142 100.73 133.88 12.09
C VAL M 142 101.06 134.90 13.20
N GLY M 143 102.32 135.28 13.31
CA GLY M 143 102.70 136.24 14.32
C GLY M 143 103.64 137.35 13.84
N GLY M 144 103.16 138.59 13.87
CA GLY M 144 104.00 139.70 13.45
C GLY M 144 104.36 140.62 14.60
N LEU M 145 103.72 141.79 14.65
CA LEU M 145 103.95 142.74 15.74
C LEU M 145 102.61 143.26 16.23
N TYR M 146 102.67 143.89 17.41
CA TYR M 146 101.60 144.64 18.08
C TYR M 146 100.38 143.81 18.47
N CYS M 147 100.37 142.49 18.30
CA CYS M 147 99.52 141.72 19.19
C CYS M 147 100.33 140.61 19.90
N MET M 148 101.15 139.77 19.23
CA MET M 148 101.09 139.31 17.84
C MET M 148 100.28 138.00 17.87
N LYS M 149 99.17 137.95 17.13
CA LYS M 149 98.21 136.90 17.41
C LYS M 149 98.32 135.74 16.42
N GLU M 150 99.34 134.90 16.67
CA GLU M 150 99.33 133.44 16.75
C GLU M 150 100.74 132.95 17.01
N GLN M 151 100.84 131.76 17.58
CA GLN M 151 102.09 131.13 18.04
C GLN M 151 101.90 129.63 18.09
N ALA M 152 102.74 128.98 18.92
CA ALA M 152 102.86 127.54 19.11
C ALA M 152 101.52 126.83 19.18
N LEU M 153 101.27 125.94 18.22
CA LEU M 153 100.04 125.16 18.16
C LEU M 153 100.35 123.70 18.49
N VAL M 154 99.39 123.01 19.11
CA VAL M 154 99.60 121.62 19.46
C VAL M 154 98.75 120.74 18.54
N LYS M 155 99.37 119.71 17.97
CA LYS M 155 98.69 118.80 17.05
C LYS M 155 98.88 117.37 17.51
N ARG M 156 97.76 116.68 17.76
CA ARG M 156 97.77 115.25 18.02
C ARG M 156 96.84 114.56 17.02
N PHE M 157 97.26 113.40 16.51
CA PHE M 157 96.50 112.70 15.48
C PHE M 157 96.73 111.20 15.60
N TYR M 158 95.67 110.45 15.85
CA TYR M 158 95.65 109.03 15.48
C TYR M 158 95.62 108.92 13.96
N ARG M 159 96.39 107.97 13.42
CA ARG M 159 96.44 107.79 11.97
C ARG M 159 96.83 106.34 11.67
N LEU M 160 95.84 105.54 11.30
CA LEU M 160 96.06 104.12 11.03
C LEU M 160 96.71 103.93 9.66
N ASN M 161 97.63 102.97 9.58
CA ASN M 161 98.43 102.74 8.37
C ASN M 161 98.65 101.24 8.21
N HIS M 162 99.60 100.85 7.38
CA HIS M 162 99.77 99.45 6.99
C HIS M 162 101.26 99.14 6.81
N HIS M 163 101.53 98.02 6.14
CA HIS M 163 102.76 97.24 6.28
C HIS M 163 103.97 97.88 5.62
N VAL M 164 105.15 97.50 6.11
CA VAL M 164 106.46 97.97 5.67
C VAL M 164 107.39 96.76 5.63
N THR M 165 108.27 96.69 4.62
CA THR M 165 109.24 95.61 4.50
C THR M 165 110.65 96.21 4.45
N TYR M 166 111.60 95.56 5.12
CA TYR M 166 113.02 95.83 4.93
C TYR M 166 113.65 94.80 4.01
N ASN M 167 114.66 95.23 3.27
CA ASN M 167 115.33 94.33 2.32
C ASN M 167 116.33 93.43 3.04
N HIS M 168 117.36 94.01 3.63
CA HIS M 168 118.43 93.23 4.21
C HIS M 168 118.04 92.72 5.60
N GLN M 169 118.77 91.70 6.05
CA GLN M 169 118.58 91.10 7.36
C GLN M 169 119.56 91.69 8.38
N GLU M 170 120.02 92.90 8.13
CA GLU M 170 121.00 93.59 8.97
C GLU M 170 120.31 94.21 10.17
N ALA M 171 121.13 94.62 11.15
CA ALA M 171 120.67 95.51 12.21
C ALA M 171 120.98 96.95 11.84
N GLY M 172 120.48 97.34 10.67
CA GLY M 172 120.88 98.56 10.01
C GLY M 172 119.82 99.66 10.06
N LYS M 173 120.22 100.81 9.53
CA LYS M 173 119.41 102.02 9.50
C LYS M 173 118.58 102.05 8.23
N TYR M 174 118.06 103.23 7.88
CA TYR M 174 117.13 103.45 6.76
C TYR M 174 117.70 103.11 5.38
N GLU M 175 118.99 102.79 5.26
CA GLU M 175 119.60 102.64 3.94
C GLU M 175 119.20 101.35 3.24
N ASN M 176 118.84 100.32 4.00
CA ASN M 176 118.58 98.99 3.44
C ASN M 176 117.10 98.70 3.24
N HIS M 177 116.32 99.69 2.84
CA HIS M 177 114.89 99.52 2.64
C HIS M 177 114.58 98.75 1.36
N THR M 178 113.30 98.51 1.15
CA THR M 178 112.74 97.91 -0.06
C THR M 178 111.34 98.51 -0.24
N GLU M 179 110.49 97.81 -0.99
CA GLU M 179 109.10 98.19 -1.25
C GLU M 179 108.33 98.52 0.03
N ASN M 180 107.36 99.43 -0.13
CA ASN M 180 106.45 99.90 0.92
C ASN M 180 107.21 100.54 2.09
N ALA M 181 107.88 101.66 1.77
CA ALA M 181 108.37 102.57 2.79
C ALA M 181 107.32 103.66 3.02
N LEU M 182 107.52 104.44 4.09
CA LEU M 182 106.67 105.58 4.38
C LEU M 182 107.46 106.58 5.22
N LEU M 183 107.26 107.86 4.95
CA LEU M 183 108.05 108.91 5.56
C LEU M 183 107.26 110.22 5.50
N LEU M 184 107.88 111.28 6.02
CA LEU M 184 107.23 112.58 6.13
C LEU M 184 107.97 113.64 5.34
N TYR M 185 107.20 114.63 4.87
CA TYR M 185 107.74 115.88 4.38
C TYR M 185 106.98 117.02 5.03
N MET M 186 107.71 118.06 5.41
CA MET M 186 107.13 119.27 5.96
C MET M 186 107.45 120.43 5.03
N ALA M 187 106.49 121.33 4.85
CA ALA M 187 106.62 122.39 3.86
C ALA M 187 106.24 123.74 4.46
N CYS M 188 107.10 124.73 4.24
CA CYS M 188 106.79 126.12 4.53
C CYS M 188 106.39 126.84 3.25
N THR M 189 105.62 127.91 3.40
CA THR M 189 105.03 128.60 2.26
C THR M 189 105.55 130.02 2.08
N HIS M 190 106.63 130.40 2.74
CA HIS M 190 107.19 131.75 2.61
C HIS M 190 108.71 131.68 2.68
N ALA M 191 109.34 132.72 2.12
CA ALA M 191 110.80 132.73 1.95
C ALA M 191 111.54 132.82 3.28
N SER M 192 110.93 133.40 4.31
CA SER M 192 111.51 133.36 5.63
C SER M 192 111.39 131.95 6.21
N ASN M 193 112.17 131.68 7.26
CA ASN M 193 112.06 130.39 7.92
C ASN M 193 111.74 130.57 9.40
N PRO M 194 110.48 130.86 9.76
CA PRO M 194 110.16 131.02 11.20
C PRO M 194 109.90 129.70 11.89
N VAL M 195 109.58 128.65 11.16
CA VAL M 195 108.98 127.44 11.72
C VAL M 195 110.03 126.63 12.46
N TYR M 196 109.88 126.52 13.77
CA TYR M 196 110.65 125.59 14.59
C TYR M 196 109.70 124.51 15.08
N ALA M 197 109.53 123.47 14.26
CA ALA M 197 108.56 122.41 14.50
C ALA M 197 109.27 121.20 15.09
N THR M 198 108.93 120.87 16.34
CA THR M 198 109.44 119.68 17.00
C THR M 198 108.29 118.72 17.23
N LEU M 199 108.46 117.48 16.77
CA LEU M 199 107.37 116.54 16.70
C LEU M 199 107.78 115.22 17.37
N LYS M 200 106.86 114.67 18.16
CA LYS M 200 107.01 113.35 18.74
C LYS M 200 106.14 112.38 17.97
N ILE M 201 106.77 111.37 17.37
CA ILE M 201 106.10 110.51 16.40
C ILE M 201 106.18 109.08 16.93
N ARG M 202 105.08 108.61 17.54
CA ARG M 202 105.01 107.23 17.99
C ARG M 202 104.53 106.33 16.86
N ILE M 203 105.27 105.26 16.61
CA ILE M 203 104.79 104.13 15.82
C ILE M 203 104.78 102.91 16.74
N TYR M 204 103.60 102.37 16.98
CA TYR M 204 103.48 101.09 17.66
C TYR M 204 102.82 100.09 16.71
N PHE M 205 103.38 98.88 16.68
CA PHE M 205 103.07 97.91 15.64
C PHE M 205 103.25 96.48 16.13
N PRO N 16 84.54 100.26 -10.94
CA PRO N 16 83.83 100.55 -9.68
C PRO N 16 83.73 102.04 -9.39
N ASP N 17 84.27 102.88 -10.27
CA ASP N 17 84.32 104.31 -10.05
C ASP N 17 83.60 105.09 -11.14
N ILE N 18 83.77 104.72 -12.39
CA ILE N 18 83.36 105.51 -13.54
C ILE N 18 82.08 104.97 -14.19
N PRO N 19 81.21 105.83 -14.71
CA PRO N 19 80.01 105.34 -15.40
C PRO N 19 80.13 105.29 -16.92
N ARG N 20 81.27 105.65 -17.52
CA ARG N 20 81.35 105.86 -18.96
C ARG N 20 82.15 104.81 -19.69
N GLY N 21 83.43 104.64 -19.33
CA GLY N 21 84.32 103.76 -20.07
C GLY N 21 85.56 103.39 -19.27
N CYS N 22 86.10 102.21 -19.57
CA CYS N 22 87.14 101.57 -18.77
C CYS N 22 88.54 102.14 -18.99
N GLU N 23 88.65 103.33 -19.57
CA GLU N 23 89.92 104.05 -19.61
C GLU N 23 90.36 104.42 -18.20
N GLY N 24 91.66 104.65 -18.05
CA GLY N 24 92.20 105.14 -16.80
C GLY N 24 91.72 106.56 -16.54
N PRO N 25 91.40 106.87 -15.28
CA PRO N 25 90.95 108.24 -14.95
C PRO N 25 92.10 109.23 -15.03
N CYS N 26 92.40 109.66 -16.26
CA CYS N 26 93.60 110.43 -16.53
C CYS N 26 93.46 111.86 -16.03
N LYS N 27 94.53 112.37 -15.43
CA LYS N 27 94.54 113.72 -14.88
C LYS N 27 94.97 114.72 -15.94
N VAL N 28 94.22 115.81 -16.05
CA VAL N 28 94.60 116.97 -16.83
C VAL N 28 94.48 118.17 -15.91
N GLN N 29 95.62 118.68 -15.45
CA GLN N 29 95.65 119.71 -14.42
C GLN N 29 95.88 121.08 -15.03
N SER N 30 94.99 122.02 -14.73
CA SER N 30 95.12 123.40 -15.18
C SER N 30 95.67 124.19 -14.01
N PHE N 31 96.98 124.13 -13.81
CA PHE N 31 97.61 124.98 -12.82
C PHE N 31 97.63 126.41 -13.33
N GLU N 32 97.39 127.34 -12.41
CA GLU N 32 97.59 128.75 -12.68
C GLU N 32 98.54 129.33 -11.65
N GLN N 33 99.36 130.28 -12.10
CA GLN N 33 100.09 131.19 -11.22
C GLN N 33 99.66 132.57 -11.69
N ARG N 34 98.50 132.99 -11.19
CA ARG N 34 97.82 134.17 -11.73
C ARG N 34 97.27 135.04 -10.61
N ASP N 35 96.43 135.99 -10.99
CA ASP N 35 95.67 136.81 -10.07
C ASP N 35 94.35 137.14 -10.73
N ASP N 36 93.66 138.14 -10.21
CA ASP N 36 92.43 138.61 -10.84
C ASP N 36 92.38 140.13 -10.73
N VAL N 37 91.24 140.68 -11.15
CA VAL N 37 90.90 142.07 -10.88
C VAL N 37 89.61 142.04 -10.08
N LYS N 38 89.03 143.20 -9.80
CA LYS N 38 87.75 143.23 -9.09
C LYS N 38 86.64 142.59 -9.92
N HIS N 39 86.64 142.85 -11.23
CA HIS N 39 85.52 142.42 -12.07
C HIS N 39 85.58 140.93 -12.38
N LEU N 40 86.75 140.45 -12.80
CA LEU N 40 86.77 139.10 -13.38
C LEU N 40 88.13 138.45 -13.19
N GLY N 41 88.09 137.16 -12.87
CA GLY N 41 89.19 136.27 -13.15
C GLY N 41 88.65 135.11 -13.94
N ILE N 42 89.03 135.00 -15.21
CA ILE N 42 88.40 134.05 -16.12
C ILE N 42 89.33 132.87 -16.35
N CYS N 43 88.76 131.67 -16.26
CA CYS N 43 89.53 130.44 -16.42
C CYS N 43 88.63 129.40 -17.07
N LYS N 44 88.78 129.21 -18.38
CA LYS N 44 88.26 127.99 -18.99
C LYS N 44 89.15 126.83 -18.59
N VAL N 45 88.58 125.91 -17.81
CA VAL N 45 89.39 124.87 -17.18
C VAL N 45 89.64 123.73 -18.15
N ILE N 46 88.84 123.63 -19.21
CA ILE N 46 88.92 122.53 -20.16
C ILE N 46 89.70 122.94 -21.41
N SER N 47 90.56 123.96 -21.28
CA SER N 47 91.10 124.67 -22.43
C SER N 47 92.16 123.84 -23.16
N ASP N 48 93.23 123.47 -22.46
CA ASP N 48 94.41 122.87 -23.07
C ASP N 48 94.27 121.37 -23.34
N VAL N 49 93.06 120.83 -23.39
CA VAL N 49 92.87 119.40 -23.57
C VAL N 49 92.78 119.14 -25.07
N THR N 50 93.88 118.68 -25.67
CA THR N 50 93.98 118.39 -27.09
C THR N 50 94.02 116.87 -27.30
N ARG N 51 93.84 116.45 -28.55
CA ARG N 51 93.94 115.03 -28.87
C ARG N 51 95.40 114.59 -28.87
N GLY N 52 95.67 113.49 -28.17
CA GLY N 52 97.00 112.94 -28.09
C GLY N 52 97.03 111.64 -27.32
N PRO N 53 98.13 110.90 -27.42
CA PRO N 53 98.22 109.61 -26.72
C PRO N 53 98.48 109.72 -25.23
N GLY N 54 99.02 110.86 -24.77
CA GLY N 54 99.35 111.00 -23.36
C GLY N 54 98.14 111.17 -22.48
N LEU N 55 98.38 111.08 -21.16
CA LEU N 55 97.32 111.21 -20.19
C LEU N 55 96.95 112.66 -19.90
N THR N 56 97.72 113.62 -20.42
CA THR N 56 97.33 115.03 -20.42
C THR N 56 96.56 115.40 -21.68
N HIS N 57 95.88 114.43 -22.29
CA HIS N 57 95.25 114.60 -23.59
C HIS N 57 93.89 113.91 -23.55
N ARG N 58 93.30 113.72 -24.74
CA ARG N 58 91.95 113.19 -24.84
C ARG N 58 91.85 112.24 -26.02
N VAL N 59 90.84 111.37 -25.95
CA VAL N 59 90.52 110.45 -27.04
C VAL N 59 89.11 110.78 -27.52
N GLY N 60 89.01 111.30 -28.74
CA GLY N 60 87.73 111.70 -29.28
C GLY N 60 87.30 113.09 -28.89
N LYS N 61 85.99 113.28 -28.66
CA LYS N 61 85.47 114.58 -28.31
C LYS N 61 84.39 114.50 -27.23
N ARG N 62 84.40 113.42 -26.44
CA ARG N 62 83.39 113.20 -25.40
C ARG N 62 84.07 113.06 -24.05
N PHE N 63 83.63 113.86 -23.08
CA PHE N 63 84.14 113.81 -21.72
C PHE N 63 83.03 113.42 -20.77
N CYS N 64 83.43 112.86 -19.63
CA CYS N 64 82.59 112.79 -18.44
C CYS N 64 83.53 113.12 -17.27
N ILE N 65 83.56 114.39 -16.89
CA ILE N 65 84.42 114.84 -15.78
C ILE N 65 83.91 114.22 -14.49
N LYS N 66 84.74 113.38 -13.87
CA LYS N 66 84.35 112.75 -12.61
C LYS N 66 84.36 113.76 -11.47
N SER N 67 85.47 114.47 -11.29
CA SER N 67 85.54 115.45 -10.22
C SER N 67 86.57 116.51 -10.56
N ILE N 68 86.28 117.74 -10.13
CA ILE N 68 87.24 118.84 -10.12
C ILE N 68 87.79 118.96 -8.71
N TYR N 69 89.10 118.89 -8.58
CA TYR N 69 89.81 118.97 -7.31
C TYR N 69 90.57 120.28 -7.27
N ILE N 70 90.06 121.24 -6.51
CA ILE N 70 90.60 122.59 -6.49
C ILE N 70 91.53 122.72 -5.29
N LEU N 71 92.83 122.80 -5.56
CA LEU N 71 93.79 123.31 -4.61
C LEU N 71 93.99 124.80 -4.85
N GLY N 72 94.61 125.45 -3.89
CA GLY N 72 94.90 126.87 -4.07
C GLY N 72 95.24 127.62 -2.81
N LYS N 73 96.21 128.52 -2.92
CA LYS N 73 96.57 129.45 -1.86
C LYS N 73 96.29 130.87 -2.32
N ILE N 74 95.51 131.60 -1.54
CA ILE N 74 95.01 132.92 -1.91
C ILE N 74 95.60 133.91 -0.94
N TRP N 75 96.54 134.73 -1.40
CA TRP N 75 97.24 135.63 -0.51
C TRP N 75 97.16 137.07 -1.00
N LEU N 76 97.74 137.96 -0.20
CA LEU N 76 98.05 139.32 -0.57
C LEU N 76 99.41 139.74 -0.04
N ASP N 77 100.33 138.78 0.15
CA ASP N 77 101.53 139.00 0.95
C ASP N 77 102.66 139.67 0.15
N GLU N 78 102.32 140.34 -0.95
CA GLU N 78 103.20 141.33 -1.54
C GLU N 78 103.40 142.47 -0.54
N THR N 79 104.51 143.20 -0.67
CA THR N 79 104.86 144.26 0.29
C THR N 79 103.94 145.49 0.20
N ILE N 80 103.02 145.50 -0.77
CA ILE N 80 102.05 146.58 -0.95
C ILE N 80 100.71 145.92 -0.67
N LYS N 81 99.60 146.67 -0.81
CA LYS N 81 98.22 146.23 -0.61
C LYS N 81 97.95 145.87 0.85
N LYS N 82 98.60 146.59 1.78
CA LYS N 82 98.16 146.65 3.16
C LYS N 82 97.15 147.74 3.41
N GLN N 83 97.19 148.84 2.66
CA GLN N 83 96.11 149.81 2.65
C GLN N 83 95.02 149.35 1.68
N ASN N 84 93.84 150.00 1.78
CA ASN N 84 92.62 149.68 1.03
C ASN N 84 92.24 148.22 1.22
N HIS N 85 92.35 147.75 2.47
CA HIS N 85 92.39 146.33 2.78
C HIS N 85 91.02 145.73 3.10
N THR N 86 91.04 144.51 3.67
CA THR N 86 89.88 143.68 4.02
C THR N 86 89.01 143.33 2.82
N ASN N 87 89.52 142.55 1.88
CA ASN N 87 88.76 142.05 0.76
C ASN N 87 88.58 140.54 0.91
N ASN N 88 87.55 140.00 0.26
CA ASN N 88 87.30 138.56 0.27
C ASN N 88 87.04 138.07 -1.16
N VAL N 89 87.17 136.75 -1.33
CA VAL N 89 87.10 136.12 -2.64
C VAL N 89 85.90 135.20 -2.66
N ILE N 90 85.03 135.37 -3.65
CA ILE N 90 83.90 134.47 -3.88
C ILE N 90 84.19 133.70 -5.17
N PHE N 91 84.18 132.39 -5.09
CA PHE N 91 84.41 131.58 -6.27
C PHE N 91 83.10 131.20 -6.94
N TYR N 92 83.17 130.97 -8.25
CA TYR N 92 82.00 130.61 -9.05
C TYR N 92 82.40 129.50 -10.01
N LEU N 93 81.73 128.36 -9.89
CA LEU N 93 81.98 127.21 -10.77
C LEU N 93 80.67 126.96 -11.52
N LEU N 94 80.64 127.33 -12.80
CA LEU N 94 79.39 127.39 -13.56
C LEU N 94 79.32 126.25 -14.55
N ARG N 95 78.12 125.70 -14.74
CA ARG N 95 77.86 124.77 -15.83
C ARG N 95 77.38 125.59 -17.02
N ASP N 96 78.21 125.70 -18.05
CA ASP N 96 77.90 126.48 -19.23
C ASP N 96 77.08 125.65 -20.21
N ARG N 97 76.26 126.33 -21.02
CA ARG N 97 75.38 125.68 -21.97
C ARG N 97 75.85 125.80 -23.42
N ARG N 98 76.56 126.85 -23.80
CA ARG N 98 76.98 127.06 -25.18
C ARG N 98 78.22 127.94 -25.18
N PRO N 99 79.13 127.76 -26.14
CA PRO N 99 80.29 128.64 -26.25
C PRO N 99 80.09 129.74 -27.27
N TYR N 100 80.95 130.76 -27.23
CA TYR N 100 81.12 131.70 -28.35
C TYR N 100 82.61 131.97 -28.49
N GLY N 101 83.30 131.13 -29.26
CA GLY N 101 84.72 131.28 -29.49
C GLY N 101 85.57 131.21 -28.24
N ASN N 102 86.07 132.37 -27.81
CA ASN N 102 86.80 132.51 -26.57
C ASN N 102 85.84 132.60 -25.39
N ALA N 103 86.36 133.00 -24.23
CA ALA N 103 85.52 133.11 -23.04
C ALA N 103 84.68 134.39 -23.11
N PRO N 104 83.41 134.33 -22.68
CA PRO N 104 82.58 135.53 -22.68
C PRO N 104 82.89 136.48 -21.54
N GLN N 105 82.10 137.54 -21.41
CA GLN N 105 82.28 138.50 -20.34
C GLN N 105 81.88 137.90 -19.00
N ASP N 106 82.22 138.59 -17.92
CA ASP N 106 81.71 138.26 -16.59
C ASP N 106 80.65 139.25 -16.13
N PHE N 107 81.01 140.53 -16.03
CA PHE N 107 80.10 141.53 -15.48
C PHE N 107 78.94 141.82 -16.43
N GLY N 108 79.15 141.61 -17.73
CA GLY N 108 78.07 141.66 -18.68
C GLY N 108 77.33 140.37 -18.86
N GLN N 109 77.71 139.32 -18.13
CA GLN N 109 77.04 138.02 -18.21
C GLN N 109 76.31 137.66 -16.93
N ILE N 110 77.00 137.64 -15.78
CA ILE N 110 76.27 137.56 -14.53
C ILE N 110 75.69 138.93 -14.20
N PHE N 111 74.69 138.93 -13.31
CA PHE N 111 73.70 140.01 -13.36
C PHE N 111 74.18 141.28 -12.67
N ASN N 112 74.46 141.23 -11.37
CA ASN N 112 74.61 142.46 -10.61
C ASN N 112 76.01 142.49 -9.98
N MET N 113 76.24 143.51 -9.15
CA MET N 113 77.58 143.79 -8.64
C MET N 113 77.95 142.84 -7.50
N PHE N 114 78.62 141.76 -7.87
CA PHE N 114 79.55 140.93 -7.10
C PHE N 114 78.87 140.05 -6.05
N ASP N 115 77.56 140.20 -5.83
CA ASP N 115 76.76 139.27 -5.05
C ASP N 115 75.50 139.00 -5.84
N ASN N 116 75.55 137.99 -6.71
CA ASN N 116 74.54 137.88 -7.75
C ASN N 116 74.40 136.43 -8.23
N GLU N 117 73.69 136.30 -9.34
CA GLU N 117 73.38 135.09 -10.08
C GLU N 117 73.56 135.43 -11.55
N PRO N 118 73.51 134.47 -12.48
CA PRO N 118 73.44 134.84 -13.90
C PRO N 118 72.14 135.57 -14.23
N SER N 119 72.19 136.32 -15.34
CA SER N 119 71.08 137.17 -15.73
C SER N 119 69.89 136.33 -16.21
N THR N 120 68.73 136.97 -16.26
CA THR N 120 67.49 136.29 -16.66
C THR N 120 67.49 135.90 -18.13
N ALA N 121 68.24 136.63 -18.97
CA ALA N 121 68.31 136.32 -20.38
C ALA N 121 69.44 135.34 -20.72
N THR N 122 70.15 134.82 -19.72
CA THR N 122 71.32 134.00 -19.94
C THR N 122 71.17 132.56 -19.50
N ILE N 123 70.05 132.22 -18.85
CA ILE N 123 69.87 130.86 -18.32
C ILE N 123 69.59 129.87 -19.44
N PHE N 131 73.36 130.93 -17.89
CA PHE N 131 74.17 129.73 -17.79
C PHE N 131 73.97 129.11 -16.42
N GLN N 132 74.04 127.79 -16.33
CA GLN N 132 73.79 127.13 -15.07
C GLN N 132 74.98 127.30 -14.12
N VAL N 133 74.69 127.15 -12.83
CA VAL N 133 75.66 127.28 -11.75
C VAL N 133 75.80 125.89 -11.15
N LEU N 134 76.99 125.57 -10.63
CA LEU N 134 77.10 124.39 -9.78
C LEU N 134 77.19 124.73 -8.30
N ARG N 135 78.25 125.42 -7.87
CA ARG N 135 78.40 125.82 -6.47
C ARG N 135 79.24 127.10 -6.37
N LYS N 136 79.44 127.54 -5.13
CA LYS N 136 80.24 128.71 -4.79
C LYS N 136 81.25 128.32 -3.72
N PHE N 137 82.17 129.25 -3.42
CA PHE N 137 83.12 129.07 -2.33
C PHE N 137 83.37 130.41 -1.66
N HIS N 138 84.21 130.41 -0.62
CA HIS N 138 84.58 131.61 0.11
C HIS N 138 86.06 131.59 0.42
N ALA N 139 86.65 132.79 0.48
CA ALA N 139 88.04 132.97 0.89
C ALA N 139 88.16 134.41 1.38
N THR N 140 88.49 134.59 2.66
CA THR N 140 88.49 135.90 3.29
C THR N 140 89.90 136.26 3.75
N VAL N 141 90.54 137.19 3.06
CA VAL N 141 91.89 137.61 3.40
C VAL N 141 91.86 139.06 3.87
N VAL N 142 91.90 139.25 5.19
CA VAL N 142 91.76 140.59 5.76
C VAL N 142 93.06 141.01 6.45
N GLY N 143 93.89 141.78 5.75
CA GLY N 143 95.14 142.22 6.35
C GLY N 143 95.46 143.69 6.13
N GLY N 144 95.52 144.44 7.23
CA GLY N 144 95.85 145.86 7.12
C GLY N 144 97.18 146.20 7.73
N LEU N 145 97.16 146.83 8.91
CA LEU N 145 98.38 147.16 9.62
C LEU N 145 98.22 146.79 11.09
N TYR N 146 99.35 146.77 11.79
CA TYR N 146 99.51 146.60 13.23
C TYR N 146 99.02 145.27 13.80
N CYS N 147 98.59 144.31 12.99
CA CYS N 147 98.72 142.93 13.45
C CYS N 147 99.49 142.08 12.42
N MET N 148 99.17 142.07 11.10
CA MET N 148 97.88 142.32 10.45
C MET N 148 97.20 140.94 10.32
N LYS N 149 96.01 140.79 10.88
CA LYS N 149 95.51 139.44 11.09
C LYS N 149 94.50 139.04 10.01
N GLU N 150 95.05 138.69 8.85
CA GLU N 150 94.78 137.50 8.02
C GLU N 150 95.62 137.58 6.76
N GLN N 151 95.88 136.41 6.18
CA GLN N 151 96.77 136.22 5.03
C GLN N 151 96.39 134.94 4.30
N ALA N 152 97.36 134.39 3.56
CA ALA N 152 97.26 133.22 2.69
C ALA N 152 96.46 132.07 3.32
N LEU N 153 95.35 131.73 2.68
CA LEU N 153 94.49 130.64 3.13
C LEU N 153 94.61 129.47 2.16
N VAL N 154 94.46 128.26 2.67
CA VAL N 154 94.56 127.08 1.82
C VAL N 154 93.16 126.48 1.66
N LYS N 155 92.79 126.18 0.42
CA LYS N 155 91.47 125.63 0.11
C LYS N 155 91.63 124.36 -0.72
N ARG N 156 91.11 123.25 -0.21
CA ARG N 156 91.01 122.01 -0.96
C ARG N 156 89.56 121.55 -0.97
N PHE N 157 89.10 121.05 -2.12
CA PHE N 157 87.70 120.67 -2.29
C PHE N 157 87.59 119.53 -3.29
N TYR N 158 87.08 118.39 -2.85
CA TYR N 158 86.44 117.45 -3.78
C TYR N 158 85.15 118.06 -4.30
N ARG N 159 84.89 117.88 -5.60
CA ARG N 159 83.68 118.44 -6.20
C ARG N 159 83.32 117.59 -7.42
N LEU N 160 82.32 116.73 -7.26
CA LEU N 160 81.90 115.84 -8.34
C LEU N 160 81.06 116.59 -9.37
N ASN N 161 81.26 116.25 -10.64
CA ASN N 161 80.62 116.97 -11.76
C ASN N 161 80.28 115.95 -12.84
N HIS N 162 79.99 116.43 -14.04
CA HIS N 162 79.45 115.57 -15.10
C HIS N 162 80.00 116.03 -16.47
N HIS N 163 79.34 115.58 -17.53
CA HIS N 163 79.93 115.40 -18.86
C HIS N 163 80.14 116.71 -19.61
N VAL N 164 81.09 116.66 -20.55
CA VAL N 164 81.50 117.78 -21.40
C VAL N 164 81.68 117.23 -22.82
N THR N 165 81.29 118.01 -23.83
CA THR N 165 81.46 117.61 -25.23
C THR N 165 82.28 118.68 -25.96
N TYR N 166 83.19 118.25 -26.83
CA TYR N 166 83.82 119.14 -27.79
C TYR N 166 83.16 119.01 -29.16
N ASN N 167 83.16 120.10 -29.91
CA ASN N 167 82.52 120.12 -31.23
C ASN N 167 83.44 119.48 -32.28
N HIS N 168 84.59 120.09 -32.52
CA HIS N 168 85.47 119.64 -33.59
C HIS N 168 86.29 118.44 -33.16
N GLN N 169 86.80 117.73 -34.17
CA GLN N 169 87.67 116.58 -33.95
C GLN N 169 89.14 116.97 -34.03
N GLU N 170 89.45 118.23 -33.75
CA GLU N 170 90.79 118.77 -33.81
C GLU N 170 91.57 118.41 -32.56
N ALA N 171 92.89 118.61 -32.63
CA ALA N 171 93.73 118.62 -31.44
C ALA N 171 93.89 120.06 -30.94
N GLY N 172 92.75 120.71 -30.72
CA GLY N 172 92.69 122.13 -30.51
C GLY N 172 92.42 122.54 -29.07
N LYS N 173 92.44 123.85 -28.87
CA LYS N 173 92.27 124.48 -27.56
C LYS N 173 90.79 124.76 -27.32
N TYR N 174 90.49 125.64 -26.36
CA TYR N 174 89.13 125.95 -25.90
C TYR N 174 88.21 126.55 -26.95
N GLU N 175 88.71 126.89 -28.15
CA GLU N 175 87.91 127.64 -29.11
C GLU N 175 86.83 126.78 -29.77
N ASN N 176 87.05 125.47 -29.86
CA ASN N 176 86.16 124.58 -30.62
C ASN N 176 85.16 123.84 -29.74
N HIS N 177 84.65 124.48 -28.70
CA HIS N 177 83.70 123.86 -27.79
C HIS N 177 82.32 123.73 -28.41
N THR N 178 81.42 123.10 -27.65
CA THR N 178 80.00 122.98 -27.96
C THR N 178 79.26 122.95 -26.62
N GLU N 179 78.04 122.40 -26.63
CA GLU N 179 77.19 122.26 -25.44
C GLU N 179 77.92 121.61 -24.27
N ASN N 180 77.50 121.99 -23.06
CA ASN N 180 78.00 121.50 -21.77
C ASN N 180 79.49 121.76 -21.60
N ALA N 181 79.82 123.06 -21.56
CA ALA N 181 81.11 123.51 -21.07
C ALA N 181 81.01 123.82 -19.58
N LEU N 182 82.16 124.02 -18.95
CA LEU N 182 82.22 124.43 -17.56
C LEU N 182 83.54 125.14 -17.30
N LEU N 183 83.48 126.20 -16.49
CA LEU N 183 84.65 127.05 -16.29
C LEU N 183 84.47 127.78 -14.96
N LEU N 184 85.45 128.63 -14.63
CA LEU N 184 85.49 129.33 -13.36
C LEU N 184 85.45 130.84 -13.56
N TYR N 185 84.89 131.51 -12.55
CA TYR N 185 85.03 132.94 -12.39
C TYR N 185 85.43 133.23 -10.94
N MET N 186 86.35 134.16 -10.76
CA MET N 186 86.78 134.62 -9.45
C MET N 186 86.43 136.10 -9.32
N ALA N 187 85.98 136.50 -8.13
CA ALA N 187 85.46 137.83 -7.92
C ALA N 187 86.06 138.45 -6.67
N CYS N 188 86.54 139.68 -6.81
CA CYS N 188 86.93 140.52 -5.68
C CYS N 188 85.82 141.51 -5.37
N THR N 189 85.78 141.96 -4.12
CA THR N 189 84.69 142.79 -3.64
C THR N 189 85.11 144.21 -3.26
N HIS N 190 86.31 144.64 -3.64
CA HIS N 190 86.78 145.98 -3.33
C HIS N 190 87.61 146.52 -4.49
N ALA N 191 87.71 147.86 -4.54
CA ALA N 191 88.32 148.54 -5.67
C ALA N 191 89.82 148.30 -5.75
N SER N 192 90.49 148.03 -4.64
CA SER N 192 91.88 147.61 -4.68
C SER N 192 91.98 146.18 -5.23
N ASN N 193 93.19 145.82 -5.63
CA ASN N 193 93.39 144.44 -6.10
C ASN N 193 94.49 143.77 -5.28
N PRO N 194 94.21 143.30 -4.05
CA PRO N 194 95.26 142.63 -3.27
C PRO N 194 95.42 141.17 -3.62
N VAL N 195 94.41 140.55 -4.23
CA VAL N 195 94.29 139.10 -4.29
C VAL N 195 95.27 138.55 -5.33
N TYR N 196 96.25 137.79 -4.85
CA TYR N 196 97.12 137.00 -5.71
C TYR N 196 96.80 135.53 -5.46
N ALA N 197 95.81 135.03 -6.20
CA ALA N 197 95.27 133.69 -6.02
C ALA N 197 95.85 132.75 -7.06
N THR N 198 96.64 131.78 -6.61
CA THR N 198 97.20 130.75 -7.47
C THR N 198 96.58 129.42 -7.10
N LEU N 199 96.01 128.73 -8.09
CA LEU N 199 95.18 127.56 -7.84
C LEU N 199 95.65 126.40 -8.69
N LYS N 200 95.71 125.22 -8.07
CA LYS N 200 95.98 123.97 -8.77
C LYS N 200 94.67 123.21 -8.93
N ILE N 201 94.28 122.95 -10.16
CA ILE N 201 92.95 122.46 -10.48
C ILE N 201 93.11 121.12 -11.19
N ARG N 202 92.95 120.02 -10.45
CA ARG N 202 92.97 118.71 -11.05
C ARG N 202 91.59 118.32 -11.58
N ILE N 203 91.53 117.91 -12.84
CA ILE N 203 90.38 117.19 -13.37
C ILE N 203 90.87 115.81 -13.78
N TYR N 204 90.33 114.77 -13.14
CA TYR N 204 90.54 113.40 -13.58
C TYR N 204 89.20 112.79 -13.96
N PHE N 205 89.20 112.10 -15.08
CA PHE N 205 87.97 111.70 -15.75
C PHE N 205 88.15 110.41 -16.55
N PRO O 16 48.30 120.07 23.39
CA PRO O 16 49.44 119.34 22.82
C PRO O 16 50.80 119.85 23.32
N ASP O 17 50.78 120.87 24.18
CA ASP O 17 52.00 121.51 24.65
C ASP O 17 52.15 121.42 26.16
N ILE O 18 51.07 121.65 26.91
CA ILE O 18 51.13 121.85 28.36
C ILE O 18 50.65 120.62 29.12
N PRO O 19 51.24 120.32 30.29
CA PRO O 19 50.77 119.19 31.09
C PRO O 19 49.81 119.55 32.22
N ARG O 20 49.44 120.82 32.40
CA ARG O 20 48.74 121.25 33.60
C ARG O 20 47.29 121.64 33.35
N GLY O 21 47.03 122.62 32.47
CA GLY O 21 45.71 123.14 32.30
C GLY O 21 45.56 123.92 31.00
N CYS O 22 44.33 123.94 30.47
CA CYS O 22 44.04 124.40 29.11
C CYS O 22 43.99 125.92 28.99
N GLU O 23 44.53 126.66 29.95
CA GLU O 23 44.72 128.10 29.80
C GLU O 23 45.72 128.39 28.69
N GLY O 24 45.64 129.59 28.15
CA GLY O 24 46.61 130.05 27.18
C GLY O 24 47.98 130.22 27.83
N PRO O 25 49.04 129.83 27.10
CA PRO O 25 50.39 129.97 27.66
C PRO O 25 50.81 131.43 27.73
N CYS O 26 50.34 132.12 28.77
CA CYS O 26 50.46 133.57 28.86
C CYS O 26 51.88 133.98 29.18
N LYS O 27 52.34 135.04 28.52
CA LYS O 27 53.70 135.54 28.69
C LYS O 27 53.73 136.55 29.83
N VAL O 28 54.70 136.39 30.72
CA VAL O 28 55.04 137.40 31.73
C VAL O 28 56.53 137.65 31.61
N GLN O 29 56.89 138.79 31.02
CA GLN O 29 58.28 139.07 30.67
C GLN O 29 58.91 140.01 31.70
N SER O 30 60.05 139.58 32.24
CA SER O 30 60.82 140.36 33.20
C SER O 30 61.97 140.98 32.43
N PHE O 31 61.69 142.08 31.74
CA PHE O 31 62.75 142.84 31.11
C PHE O 31 63.56 143.57 32.18
N GLU O 32 64.87 143.61 31.98
CA GLU O 32 65.73 144.45 32.79
C GLU O 32 66.54 145.35 31.88
N GLN O 33 66.78 146.56 32.37
CA GLN O 33 67.80 147.45 31.81
C GLN O 33 68.70 147.76 33.01
N ARG O 34 69.62 146.84 33.26
CA ARG O 34 70.38 146.83 34.51
C ARG O 34 71.84 146.54 34.26
N ASP O 35 72.58 146.28 35.33
CA ASP O 35 73.94 145.80 35.27
C ASP O 35 74.16 144.88 36.48
N ASP O 36 75.41 144.62 36.80
CA ASP O 36 75.72 143.85 37.99
C ASP O 36 76.96 144.44 38.65
N VAL O 37 77.44 143.75 39.67
CA VAL O 37 78.75 144.01 40.27
C VAL O 37 79.53 142.72 40.10
N LYS O 38 80.74 142.66 40.66
CA LYS O 38 81.51 141.42 40.61
C LYS O 38 80.82 140.31 41.39
N HIS O 39 80.26 140.64 42.56
CA HIS O 39 79.74 139.61 43.44
C HIS O 39 78.39 139.08 42.97
N LEU O 40 77.47 139.97 42.62
CA LEU O 40 76.10 139.51 42.43
C LEU O 40 75.34 140.39 41.45
N GLY O 41 74.56 139.74 40.60
CA GLY O 41 73.42 140.37 39.97
C GLY O 41 72.20 139.52 40.26
N ILE O 42 71.28 140.03 41.07
CA ILE O 42 70.19 139.22 41.58
C ILE O 42 68.90 139.58 40.85
N CYS O 43 68.19 138.53 40.42
CA CYS O 43 66.95 138.71 39.68
C CYS O 43 66.00 137.57 40.05
N LYS O 44 65.05 137.84 40.95
CA LYS O 44 63.90 136.96 41.05
C LYS O 44 63.01 137.18 39.83
N VAL O 45 62.91 136.13 39.01
CA VAL O 45 62.27 136.28 37.72
C VAL O 45 60.76 136.17 37.84
N ILE O 46 60.28 135.61 38.94
CA ILE O 46 58.85 135.36 39.14
C ILE O 46 58.23 136.45 40.03
N SER O 47 58.86 137.63 40.06
CA SER O 47 58.58 138.61 41.09
C SER O 47 57.25 139.33 40.87
N ASP O 48 57.10 139.99 39.73
CA ASP O 48 55.97 140.88 39.48
C ASP O 48 54.70 140.14 39.03
N VAL O 49 54.57 138.85 39.29
CA VAL O 49 53.42 138.09 38.83
C VAL O 49 52.36 138.15 39.92
N THR O 50 51.37 139.03 39.75
CA THR O 50 50.28 139.23 40.70
C THR O 50 49.00 138.66 40.13
N ARG O 51 47.98 138.53 40.99
CA ARG O 51 46.67 138.05 40.54
C ARG O 51 45.96 139.15 39.77
N GLY O 52 45.46 138.79 38.59
CA GLY O 52 44.73 139.71 37.75
C GLY O 52 44.18 139.03 36.51
N PRO O 53 43.26 139.71 35.81
CA PRO O 53 42.66 139.09 34.61
C PRO O 53 43.56 139.12 33.39
N GLY O 54 44.56 140.01 33.35
CA GLY O 54 45.40 140.13 32.18
C GLY O 54 46.37 138.97 32.02
N LEU O 55 47.00 138.92 30.85
CA LEU O 55 47.96 137.86 30.56
C LEU O 55 49.33 138.12 31.16
N THR O 56 49.57 139.31 31.72
CA THR O 56 50.75 139.57 32.53
C THR O 56 50.49 139.28 34.00
N HIS O 57 49.57 138.37 34.31
CA HIS O 57 49.10 138.11 35.65
C HIS O 57 48.95 136.60 35.83
N ARG O 58 48.27 136.20 36.89
CA ARG O 58 48.16 134.79 37.25
C ARG O 58 46.76 134.50 37.78
N VAL O 59 46.39 133.22 37.70
CA VAL O 59 45.14 132.71 38.25
C VAL O 59 45.49 131.70 39.33
N GLY O 60 45.20 132.05 40.58
CA GLY O 60 45.51 131.19 41.70
C GLY O 60 46.93 131.34 42.21
N LYS O 61 47.54 130.23 42.63
CA LYS O 61 48.89 130.28 43.17
C LYS O 61 49.74 129.09 42.70
N ARG O 62 49.37 128.49 41.57
CA ARG O 62 50.07 127.33 41.03
C ARG O 62 50.59 127.64 39.63
N PHE O 63 51.87 127.43 39.41
CA PHE O 63 52.50 127.63 38.11
C PHE O 63 53.06 126.31 37.60
N CYS O 64 53.19 126.23 36.28
CA CYS O 64 54.06 125.25 35.62
C CYS O 64 54.74 126.01 34.49
N ILE O 65 55.94 126.53 34.78
CA ILE O 65 56.70 127.29 33.79
C ILE O 65 57.13 126.34 32.66
N LYS O 66 56.62 126.61 31.46
CA LYS O 66 56.97 125.77 30.31
C LYS O 66 58.42 126.02 29.90
N SER O 67 58.78 127.27 29.65
CA SER O 67 60.14 127.58 29.24
C SER O 67 60.49 129.01 29.61
N ILE O 68 61.76 129.21 29.96
CA ILE O 68 62.34 130.53 30.10
C ILE O 68 63.12 130.83 28.82
N TYR O 69 62.79 131.95 28.18
CA TYR O 69 63.42 132.37 26.93
C TYR O 69 64.25 133.61 27.23
N ILE O 70 65.57 133.44 27.28
CA ILE O 70 66.48 134.51 27.69
C ILE O 70 67.03 135.18 26.45
N LEU O 71 66.59 136.40 26.19
CA LEU O 71 67.29 137.32 25.31
C LEU O 71 68.23 138.18 26.13
N GLY O 72 69.15 138.85 25.43
CA GLY O 72 70.04 139.75 26.13
C GLY O 72 71.27 140.17 25.36
N LYS O 73 71.64 141.44 25.50
CA LYS O 73 72.88 141.96 24.95
C LYS O 73 73.77 142.41 26.10
N ILE O 74 75.00 141.91 26.12
CA ILE O 74 75.91 142.10 27.24
C ILE O 74 77.10 142.88 26.71
N TRP O 75 77.20 144.15 27.10
CA TRP O 75 78.24 145.02 26.54
C TRP O 75 79.05 145.66 27.65
N LEU O 76 80.06 146.40 27.20
CA LEU O 76 80.81 147.34 28.02
C LEU O 76 81.08 148.64 27.28
N ASP O 77 80.22 149.01 26.32
CA ASP O 77 80.54 150.02 25.32
C ASP O 77 80.29 151.43 25.82
N GLU O 78 80.25 151.62 27.15
CA GLU O 78 80.43 152.93 27.74
C GLU O 78 81.84 153.43 27.41
N THR O 79 82.04 154.75 27.42
CA THR O 79 83.31 155.35 27.03
C THR O 79 84.44 155.10 28.05
N ILE O 80 84.13 154.45 29.17
CA ILE O 80 85.11 154.11 30.20
C ILE O 80 85.11 152.58 30.18
N LYS O 81 85.89 151.95 31.08
CA LYS O 81 86.04 150.50 31.25
C LYS O 81 86.70 149.86 30.02
N LYS O 82 87.61 150.59 29.39
CA LYS O 82 88.58 149.98 28.49
C LYS O 82 89.84 149.52 29.20
N GLN O 83 90.23 150.17 30.30
CA GLN O 83 91.25 149.63 31.19
C GLN O 83 90.62 148.63 32.16
N ASN O 84 91.48 147.86 32.83
CA ASN O 84 91.11 146.77 33.75
C ASN O 84 90.21 145.77 33.06
N HIS O 85 90.54 145.45 31.81
CA HIS O 85 89.63 144.80 30.87
C HIS O 85 89.72 143.29 30.87
N THR O 86 89.12 142.68 29.84
CA THR O 86 88.99 141.23 29.62
C THR O 86 88.25 140.51 30.74
N ASN O 87 86.96 140.80 30.91
CA ASN O 87 86.12 140.08 31.86
C ASN O 87 85.10 139.24 31.10
N ASN O 88 84.58 138.21 31.75
CA ASN O 88 83.54 137.38 31.17
C ASN O 88 82.40 137.17 32.16
N VAL O 89 81.25 136.74 31.63
CA VAL O 89 80.01 136.64 32.40
C VAL O 89 79.61 135.17 32.45
N ILE O 90 79.39 134.65 33.65
CA ILE O 90 78.87 133.31 33.84
C ILE O 90 77.45 133.45 34.39
N PHE O 91 76.49 132.86 33.71
CA PHE O 91 75.11 132.92 34.17
C PHE O 91 74.77 131.70 35.03
N TYR O 92 73.81 131.89 35.93
CA TYR O 92 73.37 130.85 36.84
C TYR O 92 71.86 130.88 36.92
N LEU O 93 71.22 129.77 36.56
CA LEU O 93 69.77 129.65 36.62
C LEU O 93 69.48 128.51 37.59
N LEU O 94 69.02 128.86 38.79
CA LEU O 94 68.95 127.92 39.91
C LEU O 94 67.50 127.54 40.17
N ARG O 95 67.30 126.27 40.52
CA ARG O 95 66.01 125.83 41.06
C ARG O 95 66.06 125.96 42.58
N ASP O 96 65.33 126.93 43.11
CA ASP O 96 65.32 127.19 44.54
C ASP O 96 64.32 126.27 45.24
N ARG O 97 64.59 125.99 46.52
CA ARG O 97 63.76 125.09 47.31
C ARG O 97 62.88 125.81 48.33
N ARG O 98 63.27 126.95 48.86
CA ARG O 98 62.51 127.66 49.88
C ARG O 98 62.86 129.14 49.82
N PRO O 99 61.92 130.03 50.14
CA PRO O 99 62.23 131.46 50.19
C PRO O 99 62.52 131.94 51.60
N TYR O 100 63.09 133.13 51.71
CA TYR O 100 63.13 133.89 52.98
C TYR O 100 62.86 135.35 52.64
N GLY O 101 61.59 135.72 52.58
CA GLY O 101 61.19 137.09 52.29
C GLY O 101 61.65 137.58 50.94
N ASN O 102 62.65 138.45 50.95
CA ASN O 102 63.30 138.95 49.75
C ASN O 102 64.31 137.93 49.23
N ALA O 103 65.16 138.36 48.30
CA ALA O 103 66.16 137.46 47.74
C ALA O 103 67.32 137.29 48.72
N PRO O 104 67.86 136.07 48.84
CA PRO O 104 69.00 135.86 49.74
C PRO O 104 70.32 136.35 49.16
N GLN O 105 71.41 136.09 49.87
CA GLN O 105 72.73 136.48 49.41
C GLN O 105 73.15 135.63 48.21
N ASP O 106 74.23 136.05 47.55
CA ASP O 106 74.88 135.22 46.55
C ASP O 106 76.20 134.63 47.06
N PHE O 107 77.14 135.50 47.44
CA PHE O 107 78.47 135.03 47.83
C PHE O 107 78.44 134.30 49.17
N GLY O 108 77.47 134.62 50.02
CA GLY O 108 77.23 133.85 51.22
C GLY O 108 76.32 132.65 51.04
N GLN O 109 75.85 132.41 49.81
CA GLN O 109 74.99 131.27 49.54
C GLN O 109 75.65 130.25 48.63
N ILE O 110 76.13 130.65 47.45
CA ILE O 110 76.99 129.75 46.69
C ILE O 110 78.39 129.78 47.31
N PHE O 111 79.17 128.74 46.99
CA PHE O 111 80.23 128.34 47.91
C PHE O 111 81.48 129.21 47.78
N ASN O 112 82.13 129.21 46.63
CA ASN O 112 83.49 129.74 46.55
C ASN O 112 83.51 130.87 45.52
N MET O 113 84.71 131.39 45.24
CA MET O 113 84.88 132.60 44.46
C MET O 113 84.73 132.33 42.96
N PHE O 114 83.49 132.50 42.49
CA PHE O 114 83.07 132.83 41.13
C PHE O 114 83.19 131.67 40.14
N ASP O 115 83.77 130.55 40.55
CA ASP O 115 83.74 129.29 39.80
C ASP O 115 83.39 128.19 40.79
N ASN O 116 82.10 127.94 40.98
CA ASN O 116 81.66 127.19 42.15
C ASN O 116 80.32 126.52 41.89
N GLU O 117 79.74 126.03 42.99
CA GLU O 117 78.46 125.36 43.11
C GLU O 117 77.81 125.93 44.38
N PRO O 118 76.55 125.62 44.68
CA PRO O 118 76.02 125.96 46.01
C PRO O 118 76.72 125.19 47.11
N SER O 119 76.65 125.75 48.32
CA SER O 119 77.35 125.20 49.47
C SER O 119 76.73 123.87 49.91
N THR O 120 77.50 123.13 50.71
CA THR O 120 77.08 121.83 51.18
C THR O 120 75.92 121.90 52.16
N ALA O 121 75.78 123.02 52.88
CA ALA O 121 74.69 123.19 53.82
C ALA O 121 73.45 123.83 53.19
N THR O 122 73.45 124.05 51.88
CA THR O 122 72.38 124.78 51.21
C THR O 122 71.58 123.93 50.24
N ILE O 123 71.99 122.69 49.99
CA ILE O 123 71.31 121.85 49.01
C ILE O 123 69.97 121.36 49.53
N PHE O 131 70.71 124.88 47.34
CA PHE O 131 69.62 125.06 46.38
C PHE O 131 70.01 124.37 45.08
N GLN O 132 69.03 123.85 44.36
CA GLN O 132 69.34 123.12 43.14
C GLN O 132 69.71 124.08 42.01
N VAL O 133 70.42 123.53 41.04
CA VAL O 133 70.90 124.26 39.87
C VAL O 133 70.16 123.69 38.68
N LEU O 134 69.91 124.51 37.65
CA LEU O 134 69.46 123.93 36.38
C LEU O 134 70.56 123.90 35.34
N ARG O 135 71.07 125.07 34.91
CA ARG O 135 72.16 125.14 33.93
C ARG O 135 72.97 126.41 34.13
N LYS O 136 73.99 126.57 33.28
CA LYS O 136 74.87 127.72 33.26
C LYS O 136 74.94 128.27 31.84
N PHE O 137 75.58 129.43 31.68
CA PHE O 137 75.84 129.99 30.36
C PHE O 137 77.20 130.69 30.37
N HIS O 138 77.57 131.25 29.22
CA HIS O 138 78.83 131.96 29.06
C HIS O 138 78.61 133.22 28.24
N ALA O 139 79.41 134.25 28.53
CA ALA O 139 79.43 135.47 27.75
C ALA O 139 80.77 136.13 28.00
N THR O 140 81.58 136.27 26.95
CA THR O 140 82.96 136.74 27.07
C THR O 140 83.12 138.05 26.32
N VAL O 141 83.28 139.15 27.06
CA VAL O 141 83.44 140.48 26.47
C VAL O 141 84.85 140.99 26.79
N VAL O 142 85.75 140.88 25.82
CA VAL O 142 87.15 141.24 26.06
C VAL O 142 87.53 142.45 25.20
N GLY O 143 87.49 143.64 25.80
CA GLY O 143 87.86 144.83 25.05
C GLY O 143 88.77 145.79 25.78
N GLY O 144 89.97 145.99 25.25
CA GLY O 144 90.91 146.91 25.89
C GLY O 144 91.18 148.13 25.03
N LEU O 145 92.35 148.18 24.41
CA LEU O 145 92.70 149.28 23.53
C LEU O 145 93.33 148.72 22.26
N TYR O 146 93.42 149.59 21.26
CA TYR O 146 94.09 149.41 19.97
C TYR O 146 93.53 148.30 19.09
N CYS O 147 92.43 147.63 19.44
CA CYS O 147 91.62 147.08 18.37
C CYS O 147 90.16 147.55 18.48
N MET O 148 89.47 147.50 19.64
CA MET O 148 89.62 146.59 20.78
C MET O 148 88.65 145.42 20.50
N LYS O 149 89.19 144.20 20.45
CA LYS O 149 88.41 143.12 19.84
C LYS O 149 87.74 142.25 20.90
N GLU O 150 86.64 142.78 21.44
CA GLU O 150 85.32 142.17 21.62
C GLU O 150 84.41 143.16 22.34
N GLN O 151 83.11 142.99 22.15
CA GLN O 151 82.06 143.89 22.63
C GLN O 151 80.75 143.12 22.74
N ALA O 152 79.64 143.87 22.69
CA ALA O 152 78.25 143.42 22.87
C ALA O 152 77.95 142.12 22.14
N LEU O 153 77.61 141.09 22.91
CA LEU O 153 77.26 139.78 22.37
C LEU O 153 75.77 139.55 22.55
N VAL O 154 75.17 138.80 21.62
CA VAL O 154 73.75 138.51 21.70
C VAL O 154 73.56 137.05 22.09
N LYS O 155 72.70 136.81 23.08
CA LYS O 155 72.44 135.46 23.56
C LYS O 155 70.94 135.18 23.57
N ARG O 156 70.52 134.15 22.83
CA ARG O 156 69.15 133.66 22.88
C ARG O 156 69.19 132.18 23.24
N PHE O 157 68.25 131.76 24.09
CA PHE O 157 68.23 130.38 24.58
C PHE O 157 66.80 129.96 24.89
N TYR O 158 66.31 128.94 24.20
CA TYR O 158 65.21 128.13 24.72
C TYR O 158 65.71 127.34 25.94
N ARG O 159 64.88 127.26 26.98
CA ARG O 159 65.27 126.54 28.19
C ARG O 159 64.00 126.07 28.90
N LEU O 160 63.70 124.78 28.74
CA LEU O 160 62.49 124.21 29.34
C LEU O 160 62.68 123.97 30.84
N ASN O 161 61.62 124.22 31.61
CA ASN O 161 61.69 124.16 33.07
C ASN O 161 60.37 123.60 33.58
N HIS O 162 60.11 123.76 34.88
CA HIS O 162 58.97 123.10 35.52
C HIS O 162 58.38 124.02 36.60
N HIS O 163 57.58 123.43 37.49
CA HIS O 163 56.51 124.09 38.22
C HIS O 163 57.02 124.99 39.35
N VAL O 164 56.18 125.96 39.72
CA VAL O 164 56.43 126.96 40.76
C VAL O 164 55.13 127.12 41.55
N THR O 165 55.23 127.29 42.87
CA THR O 165 54.07 127.52 43.72
C THR O 165 54.24 128.83 44.48
N TYR O 166 53.16 129.60 44.61
CA TYR O 166 53.11 130.71 45.56
C TYR O 166 52.38 130.31 46.83
N ASN O 167 52.78 130.92 47.95
CA ASN O 167 52.19 130.59 49.24
C ASN O 167 50.85 131.30 49.42
N HIS O 168 50.87 132.63 49.44
CA HIS O 168 49.67 133.39 49.75
C HIS O 168 48.78 133.52 48.52
N GLN O 169 47.51 133.84 48.76
CA GLN O 169 46.53 134.07 47.72
C GLN O 169 46.40 135.55 47.39
N GLU O 170 47.45 136.32 47.65
CA GLU O 170 47.47 137.75 47.44
C GLU O 170 47.73 138.07 45.97
N ALA O 171 47.50 139.33 45.61
CA ALA O 171 47.99 139.87 44.34
C ALA O 171 49.33 140.56 44.56
N GLY O 172 50.26 139.79 45.15
CA GLY O 172 51.49 140.32 45.68
C GLY O 172 52.72 140.01 44.83
N LYS O 173 53.83 140.56 45.28
CA LYS O 173 55.13 140.46 44.61
C LYS O 173 55.87 139.23 45.13
N TYR O 174 57.18 139.18 44.90
CA TYR O 174 58.05 138.04 45.21
C TYR O 174 58.14 137.67 46.68
N GLU O 175 57.57 138.47 47.60
CA GLU O 175 57.79 138.25 49.02
C GLU O 175 57.02 137.04 49.56
N ASN O 176 55.90 136.68 48.94
CA ASN O 176 55.01 135.64 49.46
C ASN O 176 55.22 134.28 48.79
N HIS O 177 56.47 133.92 48.48
CA HIS O 177 56.76 132.66 47.82
C HIS O 177 56.66 131.49 48.80
N THR O 178 56.87 130.30 48.25
CA THR O 178 56.96 129.04 48.98
C THR O 178 57.92 128.14 48.19
N GLU O 179 57.81 126.82 48.41
CA GLU O 179 58.62 125.81 47.74
C GLU O 179 58.61 125.96 46.22
N ASN O 180 59.72 125.55 45.61
CA ASN O 180 59.98 125.54 44.16
C ASN O 180 59.89 126.96 43.57
N ALA O 181 60.82 127.81 44.02
CA ALA O 181 61.11 129.06 43.35
C ALA O 181 62.26 128.84 42.36
N LEU O 182 62.48 129.84 41.51
CA LEU O 182 63.59 129.82 40.57
C LEU O 182 63.94 131.25 40.20
N LEU O 183 65.23 131.53 40.07
CA LEU O 183 65.71 132.88 39.87
C LEU O 183 67.09 132.83 39.23
N LEU O 184 67.68 134.00 38.99
CA LEU O 184 68.94 134.13 38.30
C LEU O 184 70.00 134.78 39.18
N TYR O 185 71.25 134.39 38.91
CA TYR O 185 72.41 135.12 39.41
C TYR O 185 73.37 135.34 38.25
N MET O 186 73.95 136.53 38.19
CA MET O 186 74.95 136.88 37.20
C MET O 186 76.25 137.20 37.92
N ALA O 187 77.37 136.76 37.35
CA ALA O 187 78.66 136.85 38.03
C ALA O 187 79.71 137.44 37.10
N CYS O 188 80.46 138.41 37.60
CA CYS O 188 81.65 138.92 36.94
C CYS O 188 82.88 138.33 37.60
N THR O 189 83.98 138.27 36.83
CA THR O 189 85.18 137.58 37.28
C THR O 189 86.38 138.51 37.48
N HIS O 190 86.17 139.82 37.53
CA HIS O 190 87.26 140.76 37.72
C HIS O 190 86.78 141.93 38.57
N ALA O 191 87.74 142.60 39.21
CA ALA O 191 87.44 143.64 40.19
C ALA O 191 86.81 144.88 39.56
N SER O 192 87.09 145.16 38.29
CA SER O 192 86.38 146.21 37.58
C SER O 192 84.94 145.78 37.31
N ASN O 193 84.10 146.75 36.99
CA ASN O 193 82.73 146.42 36.63
C ASN O 193 82.40 146.95 35.22
N PRO O 194 82.83 146.28 34.15
CA PRO O 194 82.50 146.78 32.81
C PRO O 194 81.14 146.35 32.32
N VAL O 195 80.57 145.29 32.91
CA VAL O 195 79.45 144.57 32.32
C VAL O 195 78.17 145.38 32.50
N TYR O 196 77.60 145.83 31.38
CA TYR O 196 76.26 146.41 31.35
C TYR O 196 75.35 145.43 30.58
N ALA O 197 74.81 144.48 31.32
CA ALA O 197 74.03 143.39 30.75
C ALA O 197 72.55 143.66 30.91
N THR O 198 71.86 143.86 29.78
CA THR O 198 70.42 144.05 29.77
C THR O 198 69.77 142.86 29.07
N LEU O 199 68.83 142.23 29.76
CA LEU O 199 68.29 140.96 29.33
C LEU O 199 66.77 141.01 29.28
N LYS O 200 66.22 140.44 28.21
CA LYS O 200 64.79 140.26 28.06
C LYS O 200 64.45 138.80 28.33
N ILE O 201 63.63 138.56 29.35
CA ILE O 201 63.42 137.21 29.88
C ILE O 201 61.93 136.90 29.75
N ARG O 202 61.57 136.16 28.71
CA ARG O 202 60.19 135.70 28.55
C ARG O 202 59.96 134.41 29.32
N ILE O 203 58.91 134.40 30.14
CA ILE O 203 58.35 133.16 30.68
C ILE O 203 56.94 133.05 30.16
N TYR O 204 56.66 132.03 29.37
CA TYR O 204 55.29 131.70 28.99
C TYR O 204 54.95 130.32 29.52
N PHE O 205 53.76 130.20 30.08
CA PHE O 205 53.39 129.05 30.89
C PHE O 205 51.88 128.80 30.85
N PRO P 16 -7.12 87.11 38.75
CA PRO P 16 -7.32 85.76 38.21
C PRO P 16 -8.78 85.48 37.86
N ASP P 17 -9.66 86.45 38.09
CA ASP P 17 -11.10 86.25 37.89
C ASP P 17 -11.67 87.21 36.85
N ILE P 18 -11.27 88.49 36.90
CA ILE P 18 -11.92 89.56 36.15
C ILE P 18 -11.10 89.97 34.92
N PRO P 19 -11.75 90.35 33.82
CA PRO P 19 -11.02 90.83 32.64
C PRO P 19 -10.91 92.34 32.53
N ARG P 20 -11.46 93.12 33.46
CA ARG P 20 -11.61 94.56 33.25
C ARG P 20 -10.69 95.40 34.13
N GLY P 21 -10.79 95.26 35.46
CA GLY P 21 -10.07 96.12 36.36
C GLY P 21 -9.97 95.54 37.76
N CYS P 22 -8.92 95.92 38.48
CA CYS P 22 -8.52 95.29 39.74
C CYS P 22 -9.34 95.76 40.94
N GLU P 23 -10.50 96.36 40.72
CA GLU P 23 -11.45 96.62 41.79
C GLU P 23 -11.97 95.31 42.38
N GLY P 24 -12.44 95.38 43.61
CA GLY P 24 -13.10 94.26 44.24
C GLY P 24 -14.40 93.94 43.55
N PRO P 25 -14.70 92.66 43.37
CA PRO P 25 -15.97 92.27 42.73
C PRO P 25 -17.17 92.56 43.61
N CYS P 26 -17.59 93.83 43.63
CA CYS P 26 -18.55 94.30 44.60
C CYS P 26 -19.96 93.82 44.25
N LYS P 27 -20.69 93.42 45.29
CA LYS P 27 -22.04 92.89 45.13
C LYS P 27 -23.05 94.02 45.17
N VAL P 28 -23.97 94.02 44.21
CA VAL P 28 -25.15 94.87 44.23
C VAL P 28 -26.34 93.97 44.02
N GLN P 29 -27.08 93.71 45.09
CA GLN P 29 -28.14 92.72 45.09
C GLN P 29 -29.51 93.39 44.95
N SER P 30 -30.25 93.01 43.92
CA SER P 30 -31.58 93.55 43.67
C SER P 30 -32.57 92.54 44.23
N PHE P 31 -32.78 92.58 45.54
CA PHE P 31 -33.82 91.76 46.13
C PHE P 31 -35.19 92.34 45.77
N GLU P 32 -36.13 91.44 45.50
CA GLU P 32 -37.52 91.83 45.35
C GLU P 32 -38.37 91.01 46.32
N GLN P 33 -39.41 91.65 46.84
CA GLN P 33 -40.51 90.96 47.49
C GLN P 33 -41.74 91.42 46.72
N ARG P 34 -41.98 90.76 45.59
CA ARG P 34 -42.93 91.24 44.60
C ARG P 34 -43.78 90.09 44.07
N ASP P 35 -44.51 90.36 43.00
CA ASP P 35 -45.25 89.36 42.25
C ASP P 35 -45.25 89.80 40.79
N ASP P 36 -46.14 89.21 40.00
CA ASP P 36 -46.30 89.64 38.62
C ASP P 36 -47.77 89.61 38.27
N VAL P 37 -48.06 89.84 36.99
CA VAL P 37 -49.38 89.60 36.43
C VAL P 37 -49.17 88.58 35.32
N LYS P 38 -50.21 88.27 34.56
CA LYS P 38 -50.05 87.34 33.44
C LYS P 38 -49.14 87.93 32.36
N HIS P 39 -49.28 89.23 32.09
CA HIS P 39 -48.56 89.82 30.97
C HIS P 39 -47.09 90.06 31.28
N LEU P 40 -46.81 90.66 32.44
CA LEU P 40 -45.46 91.15 32.65
C LEU P 40 -45.10 91.19 34.12
N GLY P 41 -43.85 90.79 34.40
CA GLY P 41 -43.17 91.20 35.61
C GLY P 41 -41.86 91.83 35.20
N ILE P 42 -41.71 93.13 35.38
CA ILE P 42 -40.59 93.86 34.82
C ILE P 42 -39.59 94.19 35.93
N CYS P 43 -38.32 93.94 35.65
CA CYS P 43 -37.25 94.16 36.62
C CYS P 43 -36.01 94.58 35.87
N LYS P 44 -35.73 95.89 35.82
CA LYS P 44 -34.38 96.33 35.49
C LYS P 44 -33.46 96.02 36.65
N VAL P 45 -32.50 95.10 36.52
CA VAL P 45 -31.69 94.59 37.62
C VAL P 45 -30.53 95.53 37.92
N ILE P 46 -30.20 96.41 36.98
CA ILE P 46 -29.05 97.30 37.11
C ILE P 46 -29.50 98.69 37.55
N SER P 47 -30.67 98.78 38.20
CA SER P 47 -31.36 100.06 38.37
C SER P 47 -30.71 100.93 39.43
N ASP P 48 -30.60 100.42 40.66
CA ASP P 48 -30.19 101.23 41.81
C ASP P 48 -28.67 101.39 41.93
N VAL P 49 -27.91 101.18 40.86
CA VAL P 49 -26.46 101.26 40.94
C VAL P 49 -26.06 102.71 40.64
N THR P 50 -25.77 103.48 41.68
CA THR P 50 -25.38 104.87 41.58
C THR P 50 -23.90 105.02 41.89
N ARG P 51 -23.34 106.18 41.58
CA ARG P 51 -21.94 106.46 41.90
C ARG P 51 -21.79 106.71 43.39
N GLY P 52 -20.82 106.02 44.00
CA GLY P 52 -20.54 106.19 45.40
C GLY P 52 -19.33 105.37 45.84
N PRO P 53 -18.81 105.64 47.03
CA PRO P 53 -17.62 104.91 47.50
C PRO P 53 -17.92 103.51 48.00
N GLY P 54 -19.15 103.21 48.37
CA GLY P 54 -19.49 101.91 48.91
C GLY P 54 -19.49 100.81 47.87
N LEU P 55 -19.56 99.58 48.35
CA LEU P 55 -19.57 98.42 47.47
C LEU P 55 -20.94 98.14 46.88
N THR P 56 -21.99 98.82 47.34
CA THR P 56 -23.28 98.82 46.67
C THR P 56 -23.40 99.92 45.64
N HIS P 57 -22.28 100.35 45.07
CA HIS P 57 -22.20 101.51 44.19
C HIS P 57 -21.28 101.18 43.03
N ARG P 58 -20.88 102.22 42.29
CA ARG P 58 -20.10 102.03 41.08
C ARG P 58 -19.05 103.14 40.96
N VAL P 59 -18.02 102.84 40.18
CA VAL P 59 -16.96 103.78 39.86
C VAL P 59 -16.98 104.00 38.35
N GLY P 60 -17.37 105.21 37.92
CA GLY P 60 -17.46 105.52 36.51
C GLY P 60 -18.78 105.11 35.89
N LYS P 61 -18.74 104.65 34.65
CA LYS P 61 -19.95 104.25 33.94
C LYS P 61 -19.75 102.99 33.10
N ARG P 62 -18.76 102.17 33.47
CA ARG P 62 -18.44 100.95 32.73
C ARG P 62 -18.54 99.75 33.66
N PHE P 63 -19.33 98.75 33.25
CA PHE P 63 -19.49 97.52 33.99
C PHE P 63 -18.97 96.34 33.17
N CYS P 64 -18.61 95.27 33.87
CA CYS P 64 -18.49 93.94 33.27
C CYS P 64 -19.08 92.98 34.29
N ILE P 65 -20.38 92.68 34.13
CA ILE P 65 -21.07 91.77 35.04
C ILE P 65 -20.49 90.37 34.88
N LYS P 66 -19.89 89.87 35.96
CA LYS P 66 -19.31 88.53 35.92
C LYS P 66 -20.40 87.47 35.91
N SER P 67 -21.32 87.52 36.86
CA SER P 67 -22.39 86.54 36.89
C SER P 67 -23.61 87.12 37.61
N ILE P 68 -24.78 86.70 37.14
CA ILE P 68 -26.04 86.93 37.84
C ILE P 68 -26.40 85.64 38.58
N TYR P 69 -26.60 85.76 39.88
CA TYR P 69 -26.92 84.64 40.75
C TYR P 69 -28.36 84.80 41.22
N ILE P 70 -29.26 84.00 40.65
CA ILE P 70 -30.69 84.16 40.90
C ILE P 70 -31.11 83.16 41.96
N LEU P 71 -31.41 83.66 43.14
CA LEU P 71 -32.18 82.92 44.13
C LEU P 71 -33.66 83.28 43.97
N GLY P 72 -34.51 82.47 44.60
CA GLY P 72 -35.93 82.79 44.55
C GLY P 72 -36.84 81.65 44.93
N LYS P 73 -37.90 81.99 45.66
CA LYS P 73 -38.96 81.05 45.98
C LYS P 73 -40.26 81.54 45.34
N ILE P 74 -40.89 80.66 44.56
CA ILE P 74 -42.04 81.02 43.74
C ILE P 74 -43.23 80.21 44.26
N TRP P 75 -44.16 80.88 44.94
CA TRP P 75 -45.26 80.18 45.57
C TRP P 75 -46.60 80.74 45.11
N LEU P 76 -47.66 80.09 45.61
CA LEU P 76 -49.02 80.59 45.57
C LEU P 76 -49.74 80.33 46.88
N ASP P 77 -49.01 80.26 48.00
CA ASP P 77 -49.52 79.70 49.24
C ASP P 77 -50.31 80.72 50.06
N GLU P 78 -50.81 81.78 49.41
CA GLU P 78 -51.89 82.57 49.96
C GLU P 78 -53.14 81.69 50.08
N THR P 79 -54.06 82.05 50.98
CA THR P 79 -55.24 81.22 51.25
C THR P 79 -56.26 81.22 50.09
N ILE P 80 -56.01 82.00 49.04
CA ILE P 80 -56.86 82.08 47.86
C ILE P 80 -55.97 81.51 46.74
N LYS P 81 -56.47 81.51 45.50
CA LYS P 81 -55.80 81.03 44.29
C LYS P 81 -55.52 79.53 44.34
N LYS P 82 -56.43 78.78 44.97
CA LYS P 82 -56.53 77.35 44.77
C LYS P 82 -57.42 76.98 43.60
N GLN P 83 -58.44 77.78 43.28
CA GLN P 83 -59.17 77.65 42.04
C GLN P 83 -58.42 78.38 40.92
N ASN P 84 -58.82 78.11 39.68
CA ASN P 84 -58.21 78.62 38.44
C ASN P 84 -56.73 78.29 38.41
N HIS P 85 -56.40 77.06 38.81
CA HIS P 85 -55.05 76.67 39.20
C HIS P 85 -54.23 76.08 38.06
N THR P 86 -53.10 75.46 38.42
CA THR P 86 -52.09 74.87 37.53
C THR P 86 -51.47 75.86 36.56
N ASN P 87 -50.72 76.84 37.08
CA ASN P 87 -49.98 77.78 36.26
C ASN P 87 -48.48 77.52 36.42
N ASN P 88 -47.70 77.94 35.43
CA ASN P 88 -46.25 77.81 35.50
C ASN P 88 -45.59 79.13 35.12
N VAL P 89 -44.31 79.27 35.48
CA VAL P 89 -43.57 80.51 35.33
C VAL P 89 -42.42 80.26 34.36
N ILE P 90 -42.33 81.09 33.33
CA ILE P 90 -41.22 81.07 32.40
C ILE P 90 -40.41 82.34 32.61
N PHE P 91 -39.12 82.19 32.89
CA PHE P 91 -38.27 83.35 33.10
C PHE P 91 -37.59 83.75 31.79
N TYR P 92 -37.26 85.04 31.70
CA TYR P 92 -36.61 85.59 30.53
C TYR P 92 -35.52 86.54 30.98
N LEU P 93 -34.28 86.25 30.59
CA LEU P 93 -33.14 87.10 30.93
C LEU P 93 -32.57 87.58 29.60
N LEU P 94 -32.81 88.85 29.27
CA LEU P 94 -32.56 89.37 27.94
C LEU P 94 -31.33 90.28 27.95
N ARG P 95 -30.55 90.22 26.88
CA ARG P 95 -29.49 91.20 26.64
C ARG P 95 -30.09 92.33 25.81
N ASP P 96 -30.26 93.49 26.43
CA ASP P 96 -30.86 94.64 25.77
C ASP P 96 -29.80 95.41 24.99
N ARG P 97 -30.24 96.09 23.93
CA ARG P 97 -29.35 96.84 23.06
C ARG P 97 -29.42 98.34 23.24
N ARG P 98 -30.64 98.71 23.68
CA ARG P 98 -30.81 100.15 23.80
C ARG P 98 -31.91 100.43 24.82
N PRO P 99 -31.81 101.53 25.56
CA PRO P 99 -32.89 101.90 26.48
C PRO P 99 -33.84 102.92 25.88
N TYR P 100 -35.00 103.10 26.51
CA TYR P 100 -35.87 104.26 26.28
C TYR P 100 -36.41 104.70 27.64
N GLY P 101 -35.65 105.54 28.33
CA GLY P 101 -36.04 106.06 29.63
C GLY P 101 -36.24 104.99 30.69
N ASN P 102 -37.50 104.73 31.01
CA ASN P 102 -37.88 103.65 31.91
C ASN P 102 -37.89 102.31 31.18
N ALA P 103 -38.47 101.28 31.80
CA ALA P 103 -38.52 99.97 31.18
C ALA P 103 -39.60 99.93 30.11
N PRO P 104 -39.34 99.26 28.98
CA PRO P 104 -40.36 99.17 27.93
C PRO P 104 -41.45 98.16 28.25
N GLN P 105 -42.34 97.93 27.29
CA GLN P 105 -43.41 96.95 27.46
C GLN P 105 -42.85 95.53 27.44
N ASP P 106 -43.69 94.58 27.81
CA ASP P 106 -43.37 93.17 27.63
C ASP P 106 -44.18 92.55 26.50
N PHE P 107 -45.51 92.58 26.60
CA PHE P 107 -46.36 91.90 25.62
C PHE P 107 -46.34 92.63 24.28
N GLY P 108 -46.08 93.93 24.29
CA GLY P 108 -45.85 94.67 23.07
C GLY P 108 -44.42 94.64 22.58
N GLN P 109 -43.53 93.95 23.29
CA GLN P 109 -42.13 93.84 22.89
C GLN P 109 -41.74 92.42 22.49
N ILE P 110 -41.95 91.43 23.36
CA ILE P 110 -41.83 90.06 22.90
C ILE P 110 -43.10 89.69 22.13
N PHE P 111 -42.93 88.93 21.05
CA PHE P 111 -43.78 88.86 19.86
C PHE P 111 -45.18 88.34 20.17
N ASN P 112 -45.30 87.12 20.67
CA ASN P 112 -46.61 86.46 20.67
C ASN P 112 -46.96 86.09 22.11
N MET P 113 -48.06 85.37 22.27
CA MET P 113 -48.65 85.12 23.59
C MET P 113 -47.91 84.01 24.33
N PHE P 114 -46.94 84.45 25.14
CA PHE P 114 -46.39 83.81 26.33
C PHE P 114 -45.48 82.61 26.03
N ASP P 115 -45.40 82.16 24.77
CA ASP P 115 -44.40 81.20 24.32
C ASP P 115 -43.82 81.75 23.03
N ASN P 116 -42.77 82.55 23.14
CA ASN P 116 -42.37 83.39 22.03
C ASN P 116 -40.89 83.75 22.11
N GLU P 117 -40.52 84.72 21.28
CA GLU P 117 -39.21 85.32 21.11
C GLU P 117 -39.45 86.82 20.97
N PRO P 118 -38.42 87.66 20.97
CA PRO P 118 -38.63 89.07 20.59
C PRO P 118 -39.07 89.21 19.14
N SER P 119 -39.71 90.33 18.84
CA SER P 119 -40.28 90.58 17.53
C SER P 119 -39.18 90.78 16.48
N THR P 120 -39.59 90.67 15.22
CA THR P 120 -38.65 90.80 14.11
C THR P 120 -38.13 92.22 13.95
N ALA P 121 -38.91 93.21 14.38
CA ALA P 121 -38.49 94.61 14.29
C ALA P 121 -37.73 95.08 15.52
N THR P 122 -37.45 94.20 16.47
CA THR P 122 -36.86 94.59 17.74
C THR P 122 -35.46 94.04 17.95
N ILE P 123 -34.96 93.18 17.07
CA ILE P 123 -33.65 92.56 17.25
C ILE P 123 -32.53 93.55 17.02
N PHE P 131 -34.44 92.75 20.68
CA PHE P 131 -33.44 92.75 21.74
C PHE P 131 -32.91 91.32 21.88
N GLN P 132 -31.64 91.18 22.24
CA GLN P 132 -31.07 89.85 22.35
C GLN P 132 -31.55 89.14 23.61
N VAL P 133 -31.47 87.82 23.57
CA VAL P 133 -31.88 86.94 24.65
C VAL P 133 -30.60 86.30 25.19
N LEU P 134 -30.57 85.97 26.48
CA LEU P 134 -29.50 85.10 26.96
C LEU P 134 -29.99 83.68 27.23
N ARG P 135 -30.91 83.48 28.17
CA ARG P 135 -31.46 82.16 28.47
C ARG P 135 -32.87 82.28 29.03
N LYS P 136 -33.47 81.12 29.32
CA LYS P 136 -34.80 80.99 29.91
C LYS P 136 -34.71 80.10 31.14
N PHE P 137 -35.82 80.02 31.88
CA PHE P 137 -35.93 79.10 33.03
C PHE P 137 -37.36 78.56 33.09
N HIS P 138 -37.60 77.69 34.07
CA HIS P 138 -38.91 77.10 34.29
C HIS P 138 -39.21 77.06 35.78
N ALA P 139 -40.50 77.17 36.10
CA ALA P 139 -40.99 77.02 37.47
C ALA P 139 -42.45 76.65 37.37
N THR P 140 -42.82 75.46 37.85
CA THR P 140 -44.16 74.92 37.68
C THR P 140 -44.81 74.73 39.05
N VAL P 141 -45.79 75.57 39.36
CA VAL P 141 -46.50 75.50 40.63
C VAL P 141 -47.96 75.11 40.37
N VAL P 142 -48.27 73.83 40.58
CA VAL P 142 -49.60 73.32 40.26
C VAL P 142 -50.33 72.89 41.55
N GLY P 143 -51.17 73.78 42.07
CA GLY P 143 -51.90 73.43 43.28
C GLY P 143 -53.37 73.78 43.26
N GLY P 144 -54.23 72.76 43.33
CA GLY P 144 -55.66 73.00 43.33
C GLY P 144 -56.32 72.65 44.65
N LEU P 145 -57.02 71.52 44.69
CA LEU P 145 -57.65 71.06 45.92
C LEU P 145 -57.39 69.57 46.07
N TYR P 146 -57.65 69.09 47.28
CA TYR P 146 -57.64 67.68 47.72
C TYR P 146 -56.30 66.97 47.62
N CYS P 147 -55.21 67.64 47.25
CA CYS P 147 -53.93 67.13 47.74
C CYS P 147 -53.15 68.22 48.50
N MET P 148 -52.96 69.46 47.98
CA MET P 148 -52.90 69.90 46.58
C MET P 148 -51.41 69.83 46.19
N LYS P 149 -51.09 69.05 45.16
CA LYS P 149 -49.69 68.68 44.99
C LYS P 149 -49.00 69.54 43.92
N GLU P 150 -48.66 70.77 44.34
CA GLU P 150 -47.37 71.46 44.20
C GLU P 150 -47.49 72.86 44.77
N GLN P 151 -46.36 73.41 45.18
CA GLN P 151 -46.25 74.69 45.88
C GLN P 151 -44.85 75.26 45.67
N ALA P 152 -44.44 76.13 46.60
CA ALA P 152 -43.19 76.91 46.61
C ALA P 152 -41.98 76.09 46.18
N LEU P 153 -41.36 76.50 45.07
CA LEU P 153 -40.18 75.84 44.55
C LEU P 153 -38.98 76.76 44.74
N VAL P 154 -37.80 76.16 44.94
CA VAL P 154 -36.59 76.95 45.13
C VAL P 154 -35.72 76.83 43.89
N LYS P 155 -35.24 77.96 43.39
CA LYS P 155 -34.42 78.00 42.18
C LYS P 155 -33.14 78.78 42.46
N ARG P 156 -32.00 78.11 42.27
CA ARG P 156 -30.69 78.77 42.32
C ARG P 156 -29.96 78.50 41.01
N PHE P 157 -29.29 79.52 40.48
CA PHE P 157 -28.62 79.41 39.18
C PHE P 157 -27.40 80.32 39.15
N TYR P 158 -26.22 79.73 38.96
CA TYR P 158 -25.10 80.48 38.40
C TYR P 158 -25.39 80.80 36.94
N ARG P 159 -25.05 82.02 36.52
CA ARG P 159 -25.31 82.42 35.14
C ARG P 159 -24.31 83.51 34.76
N LEU P 160 -23.27 83.13 34.01
CA LEU P 160 -22.23 84.07 33.62
C LEU P 160 -22.71 84.97 32.48
N ASN P 161 -22.31 86.24 32.53
CA ASN P 161 -22.77 87.26 31.60
C ASN P 161 -21.61 88.20 31.29
N HIS P 162 -21.92 89.37 30.71
CA HIS P 162 -20.89 90.26 30.19
C HIS P 162 -21.32 91.72 30.41
N HIS P 163 -20.65 92.63 29.70
CA HIS P 163 -20.46 94.02 30.09
C HIS P 163 -21.73 94.87 29.89
N VAL P 164 -21.77 95.97 30.67
CA VAL P 164 -22.87 96.94 30.69
C VAL P 164 -22.25 98.33 30.75
N THR P 165 -22.87 99.23 30.02
CA THR P 165 -22.41 100.62 30.01
C THR P 165 -23.54 101.53 30.46
N TYR P 166 -23.22 102.55 31.26
CA TYR P 166 -24.13 103.65 31.52
C TYR P 166 -23.77 104.86 30.67
N ASN P 167 -24.78 105.65 30.32
CA ASN P 167 -24.56 106.82 29.46
C ASN P 167 -24.02 107.99 30.28
N HIS P 168 -24.82 108.48 31.23
CA HIS P 168 -24.46 109.68 31.96
C HIS P 168 -23.47 109.36 33.08
N GLN P 169 -22.78 110.40 33.53
CA GLN P 169 -21.84 110.31 34.64
C GLN P 169 -22.50 110.68 35.97
N GLU P 170 -23.81 110.53 36.06
CA GLU P 170 -24.59 110.87 37.23
C GLU P 170 -24.49 109.77 38.29
N ALA P 171 -24.93 110.10 39.49
CA ALA P 171 -25.20 109.10 40.52
C ALA P 171 -26.68 108.71 40.47
N GLY P 172 -27.12 108.30 39.28
CA GLY P 172 -28.51 108.15 38.97
C GLY P 172 -28.98 106.71 38.89
N LYS P 173 -30.28 106.58 38.68
CA LYS P 173 -30.97 105.29 38.62
C LYS P 173 -30.99 104.79 37.18
N TYR P 174 -31.87 103.83 36.89
CA TYR P 174 -31.97 103.13 35.61
C TYR P 174 -32.29 104.01 34.40
N GLU P 175 -32.62 105.29 34.60
CA GLU P 175 -33.12 106.12 33.51
C GLU P 175 -32.01 106.53 32.53
N ASN P 176 -30.76 106.60 32.98
CA ASN P 176 -29.67 107.12 32.17
C ASN P 176 -28.82 106.04 31.52
N HIS P 177 -29.45 104.95 31.08
CA HIS P 177 -28.73 103.84 30.46
C HIS P 177 -28.29 104.18 29.03
N THR P 178 -27.57 103.24 28.44
CA THR P 178 -27.15 103.26 27.04
C THR P 178 -27.09 101.81 26.57
N GLU P 179 -26.32 101.56 25.50
CA GLU P 179 -26.12 100.23 24.93
C GLU P 179 -25.71 99.19 25.97
N ASN P 180 -26.12 97.94 25.70
CA ASN P 180 -25.84 96.75 26.51
C ASN P 180 -26.40 96.87 27.93
N ALA P 181 -27.68 97.08 27.95
CA ALA P 181 -28.43 96.86 29.17
C ALA P 181 -28.84 95.40 29.26
N LEU P 182 -29.32 94.98 30.44
CA LEU P 182 -29.86 93.65 30.63
C LEU P 182 -30.83 93.67 31.80
N LEU P 183 -31.92 92.93 31.66
CA LEU P 183 -33.00 92.98 32.63
C LEU P 183 -33.80 91.69 32.54
N LEU P 184 -34.85 91.59 33.35
CA LEU P 184 -35.66 90.38 33.46
C LEU P 184 -37.10 90.64 33.07
N TYR P 185 -37.74 89.59 32.55
CA TYR P 185 -39.18 89.53 32.41
C TYR P 185 -39.67 88.21 32.98
N MET P 186 -40.78 88.24 33.70
CA MET P 186 -41.43 87.05 34.23
C MET P 186 -42.80 86.94 33.62
N ALA P 187 -43.21 85.72 33.29
CA ALA P 187 -44.44 85.49 32.54
C ALA P 187 -45.28 84.41 33.20
N CYS P 188 -46.56 84.70 33.38
CA CYS P 188 -47.55 83.70 33.76
C CYS P 188 -48.33 83.24 32.54
N THR P 189 -48.88 82.04 32.61
CA THR P 189 -49.52 81.42 31.46
C THR P 189 -51.02 81.21 31.63
N HIS P 190 -51.64 81.81 32.64
CA HIS P 190 -53.08 81.66 32.87
C HIS P 190 -53.66 82.97 33.36
N ALA P 191 -54.98 83.12 33.17
CA ALA P 191 -55.66 84.37 33.44
C ALA P 191 -55.71 84.72 34.92
N SER P 192 -55.68 83.72 35.81
CA SER P 192 -55.53 83.98 37.22
C SER P 192 -54.12 84.46 37.53
N ASN P 193 -53.95 85.05 38.71
CA ASN P 193 -52.62 85.47 39.11
C ASN P 193 -52.24 84.82 40.45
N PRO P 194 -51.84 83.54 40.47
CA PRO P 194 -51.46 82.94 41.75
C PRO P 194 -50.03 83.22 42.15
N VAL P 195 -49.18 83.60 41.20
CA VAL P 195 -47.73 83.56 41.38
C VAL P 195 -47.29 84.72 42.28
N TYR P 196 -46.78 84.39 43.45
CA TYR P 196 -46.10 85.34 44.31
C TYR P 196 -44.62 84.97 44.36
N ALA P 197 -43.88 85.49 43.38
CA ALA P 197 -42.48 85.14 43.18
C ALA P 197 -41.58 86.22 43.76
N THR P 198 -40.83 85.85 44.79
CA THR P 198 -39.86 86.75 45.40
C THR P 198 -38.47 86.20 45.15
N LEU P 199 -37.60 87.03 44.58
CA LEU P 199 -36.32 86.58 44.07
C LEU P 199 -35.19 87.44 44.61
N LYS P 200 -34.12 86.78 45.02
CA LYS P 200 -32.89 87.43 45.42
C LYS P 200 -31.87 87.31 44.30
N ILE P 201 -31.43 88.45 43.77
CA ILE P 201 -30.66 88.50 42.54
C ILE P 201 -29.32 89.15 42.86
N ARG P 202 -28.29 88.33 43.05
CA ARG P 202 -26.94 88.86 43.24
C ARG P 202 -26.26 89.10 41.91
N ILE P 203 -25.72 90.31 41.74
CA ILE P 203 -24.76 90.60 40.69
C ILE P 203 -23.46 91.00 41.38
N TYR P 204 -22.41 90.22 41.19
CA TYR P 204 -21.08 90.62 41.60
C TYR P 204 -20.18 90.72 40.37
N PHE P 205 -19.40 91.79 40.33
CA PHE P 205 -18.70 92.20 39.12
C PHE P 205 -17.42 92.95 39.43
N ALA Q 1 -30.63 31.88 -15.67
CA ALA Q 1 -29.33 31.62 -15.06
C ALA Q 1 -29.26 30.18 -14.55
N PRO Q 2 -28.10 29.54 -14.71
CA PRO Q 2 -27.98 28.11 -14.34
C PRO Q 2 -27.99 27.93 -12.83
N MET Q 3 -29.00 27.20 -12.35
CA MET Q 3 -29.19 26.82 -10.94
C MET Q 3 -29.28 28.04 -10.01
N TYR Q 4 -30.35 28.81 -10.21
CA TYR Q 4 -30.88 29.73 -9.20
C TYR Q 4 -31.04 29.02 -7.86
N ARG Q 5 -30.66 29.70 -6.77
CA ARG Q 5 -30.72 29.03 -5.47
C ARG Q 5 -31.26 29.86 -4.29
N LYS Q 6 -32.44 30.53 -4.33
CA LYS Q 6 -33.33 30.91 -5.43
C LYS Q 6 -32.86 32.17 -6.23
N PRO Q 7 -32.16 33.14 -5.62
CA PRO Q 7 -31.29 34.01 -6.41
C PRO Q 7 -29.90 33.38 -6.55
N THR Q 8 -29.18 33.84 -7.58
CA THR Q 8 -27.92 33.22 -7.93
C THR Q 8 -26.82 33.59 -6.95
N MET Q 9 -26.17 32.59 -6.38
CA MET Q 9 -24.83 32.78 -5.86
C MET Q 9 -23.83 32.48 -6.97
N TYR Q 10 -22.55 32.54 -6.61
CA TYR Q 10 -21.44 32.67 -7.57
C TYR Q 10 -21.66 33.82 -8.54
N ARG Q 11 -22.19 34.94 -8.03
CA ARG Q 11 -22.21 36.18 -8.80
C ARG Q 11 -21.22 37.16 -8.19
N MET Q 12 -21.48 37.65 -6.97
CA MET Q 12 -20.57 37.70 -5.81
C MET Q 12 -19.17 38.30 -6.04
N TYR Q 13 -18.83 38.77 -7.24
CA TYR Q 13 -17.42 38.93 -7.58
C TYR Q 13 -17.26 40.08 -8.58
N ARG Q 14 -16.07 40.14 -9.20
CA ARG Q 14 -15.69 41.23 -10.10
C ARG Q 14 -16.42 41.08 -11.43
N SER Q 15 -17.13 42.13 -11.84
CA SER Q 15 -17.70 42.23 -13.17
C SER Q 15 -17.80 43.71 -13.53
N PRO Q 16 -17.31 44.11 -14.65
CA PRO Q 16 -17.44 45.52 -15.05
C PRO Q 16 -18.85 45.85 -15.55
N ASP Q 17 -19.76 46.12 -14.63
CA ASP Q 17 -21.13 46.44 -15.02
C ASP Q 17 -21.50 47.88 -14.67
N ILE Q 18 -21.67 48.19 -13.39
CA ILE Q 18 -22.45 49.31 -12.85
C ILE Q 18 -22.26 49.25 -11.33
N PRO Q 19 -22.68 50.24 -10.52
CA PRO Q 19 -22.53 50.06 -9.06
C PRO Q 19 -23.50 49.11 -8.37
N ARG Q 20 -24.81 49.19 -8.63
CA ARG Q 20 -25.78 48.65 -7.67
C ARG Q 20 -26.21 47.21 -7.96
N GLY Q 21 -26.82 46.95 -9.11
CA GLY Q 21 -27.23 45.60 -9.44
C GLY Q 21 -26.03 44.70 -9.64
N CYS Q 22 -26.22 43.40 -9.46
CA CYS Q 22 -25.06 42.52 -9.50
C CYS Q 22 -25.17 41.44 -10.54
N GLU Q 23 -26.40 41.08 -10.94
CA GLU Q 23 -26.67 39.84 -11.65
C GLU Q 23 -26.23 39.91 -13.10
N GLY Q 24 -26.60 38.89 -13.86
CA GLY Q 24 -26.41 38.86 -15.29
C GLY Q 24 -27.11 40.04 -15.93
N PRO Q 25 -26.39 40.76 -16.81
CA PRO Q 25 -26.91 42.04 -17.31
C PRO Q 25 -28.08 41.85 -18.24
N CYS Q 26 -29.25 41.67 -17.63
CA CYS Q 26 -30.35 41.00 -18.30
C CYS Q 26 -31.05 41.93 -19.26
N LYS Q 27 -31.35 41.41 -20.46
CA LYS Q 27 -32.00 42.22 -21.47
C LYS Q 27 -33.50 42.17 -21.31
N VAL Q 28 -34.13 43.34 -21.42
CA VAL Q 28 -35.57 43.45 -21.56
C VAL Q 28 -35.81 44.26 -22.81
N GLN Q 29 -36.41 43.61 -23.81
CA GLN Q 29 -36.83 44.34 -24.98
C GLN Q 29 -38.08 45.14 -24.67
N SER Q 30 -38.20 46.34 -25.29
CA SER Q 30 -39.50 46.94 -25.54
C SER Q 30 -39.61 47.13 -27.05
N PHE Q 31 -39.97 46.06 -27.74
CA PHE Q 31 -40.27 46.18 -29.16
C PHE Q 31 -41.59 46.90 -29.35
N GLU Q 32 -41.63 47.75 -30.36
CA GLU Q 32 -42.88 48.35 -30.80
C GLU Q 32 -43.08 48.06 -32.28
N GLN Q 33 -44.34 47.87 -32.65
CA GLN Q 33 -44.77 47.91 -34.05
C GLN Q 33 -45.87 48.97 -34.04
N ARG Q 34 -45.44 50.23 -34.11
CA ARG Q 34 -46.31 51.36 -33.85
C ARG Q 34 -46.09 52.47 -34.88
N ASP Q 35 -46.65 53.63 -34.58
CA ASP Q 35 -46.42 54.85 -35.33
C ASP Q 35 -46.51 56.01 -34.36
N ASP Q 36 -46.66 57.22 -34.90
CA ASP Q 36 -46.87 58.38 -34.05
C ASP Q 36 -47.88 59.30 -34.72
N VAL Q 37 -48.07 60.47 -34.12
CA VAL Q 37 -48.79 61.57 -34.75
C VAL Q 37 -47.79 62.71 -34.82
N LYS Q 38 -48.23 63.89 -35.27
CA LYS Q 38 -47.35 65.04 -35.29
C LYS Q 38 -46.93 65.46 -33.90
N HIS Q 39 -47.86 65.42 -32.94
CA HIS Q 39 -47.60 65.95 -31.61
C HIS Q 39 -46.73 65.01 -30.78
N LEU Q 40 -47.08 63.72 -30.75
CA LEU Q 40 -46.46 62.87 -29.76
C LEU Q 40 -46.41 61.42 -30.22
N GLY Q 41 -45.29 60.77 -29.94
CA GLY Q 41 -45.25 59.33 -29.83
C GLY Q 41 -44.65 58.99 -28.48
N ILE Q 42 -45.45 58.44 -27.58
CA ILE Q 42 -45.04 58.28 -26.19
C ILE Q 42 -44.70 56.81 -25.93
N CYS Q 43 -43.56 56.62 -25.28
CA CYS Q 43 -43.07 55.27 -24.98
C CYS Q 43 -42.34 55.31 -23.64
N LYS Q 44 -43.01 54.89 -22.58
CA LYS Q 44 -42.28 54.53 -21.37
C LYS Q 44 -41.57 53.21 -21.61
N VAL Q 45 -40.23 53.22 -21.57
CA VAL Q 45 -39.41 52.09 -22.00
C VAL Q 45 -39.21 51.08 -20.86
N ILE Q 46 -39.84 51.31 -19.70
CA ILE Q 46 -39.54 50.55 -18.49
C ILE Q 46 -40.74 49.68 -18.07
N SER Q 47 -41.85 49.75 -18.82
CA SER Q 47 -43.15 49.24 -18.35
C SER Q 47 -43.17 47.73 -18.18
N ASP Q 48 -42.50 46.99 -19.07
CA ASP Q 48 -42.58 45.53 -19.02
C ASP Q 48 -41.73 44.90 -17.91
N VAL Q 49 -40.78 45.63 -17.32
CA VAL Q 49 -39.88 45.01 -16.36
C VAL Q 49 -40.63 44.91 -15.03
N THR Q 50 -41.07 43.70 -14.72
CA THR Q 50 -41.81 43.41 -13.51
C THR Q 50 -40.96 42.52 -12.61
N ARG Q 51 -41.49 42.19 -11.43
CA ARG Q 51 -40.78 41.31 -10.52
C ARG Q 51 -40.78 39.89 -11.05
N GLY Q 52 -39.60 39.28 -11.05
CA GLY Q 52 -39.48 37.88 -11.40
C GLY Q 52 -38.04 37.44 -11.23
N PRO Q 53 -37.84 36.14 -11.04
CA PRO Q 53 -36.47 35.60 -11.05
C PRO Q 53 -35.89 35.46 -12.44
N GLY Q 54 -36.69 35.60 -13.48
CA GLY Q 54 -36.23 35.37 -14.84
C GLY Q 54 -35.32 36.48 -15.35
N LEU Q 55 -34.69 36.20 -16.48
CA LEU Q 55 -33.71 37.09 -17.07
C LEU Q 55 -34.32 38.13 -17.99
N THR Q 56 -35.62 38.41 -17.86
CA THR Q 56 -36.26 39.59 -18.42
C THR Q 56 -37.04 40.31 -17.33
N HIS Q 57 -36.48 40.32 -16.12
CA HIS Q 57 -37.21 40.77 -14.95
C HIS Q 57 -36.26 41.54 -14.04
N ARG Q 58 -36.67 41.72 -12.79
CA ARG Q 58 -35.92 42.46 -11.78
C ARG Q 58 -36.11 41.79 -10.43
N VAL Q 59 -35.26 42.18 -9.48
CA VAL Q 59 -35.41 41.81 -8.08
C VAL Q 59 -35.40 43.09 -7.28
N GLY Q 60 -36.49 43.39 -6.60
CA GLY Q 60 -36.61 44.66 -5.93
C GLY Q 60 -36.90 45.77 -6.92
N LYS Q 61 -36.72 47.01 -6.47
CA LYS Q 61 -37.17 48.18 -7.21
C LYS Q 61 -36.02 49.03 -7.72
N ARG Q 62 -34.84 48.43 -7.89
CA ARG Q 62 -33.63 49.21 -8.21
C ARG Q 62 -33.04 48.74 -9.54
N PHE Q 63 -32.78 49.69 -10.43
CA PHE Q 63 -32.11 49.45 -11.70
C PHE Q 63 -30.82 50.24 -11.77
N CYS Q 64 -29.89 49.80 -12.62
CA CYS Q 64 -28.81 50.62 -13.19
C CYS Q 64 -28.75 50.22 -14.67
N ILE Q 65 -29.46 50.96 -15.51
CA ILE Q 65 -29.49 50.70 -16.94
C ILE Q 65 -28.10 50.96 -17.52
N LYS Q 66 -27.47 49.91 -18.03
CA LYS Q 66 -26.14 50.05 -18.62
C LYS Q 66 -26.22 50.79 -19.95
N SER Q 67 -27.05 50.32 -20.87
CA SER Q 67 -27.18 50.98 -22.16
C SER Q 67 -28.54 50.69 -22.76
N ILE Q 68 -29.05 51.68 -23.48
CA ILE Q 68 -30.22 51.53 -24.34
C ILE Q 68 -29.71 51.37 -25.77
N TYR Q 69 -30.12 50.28 -26.41
CA TYR Q 69 -29.70 49.94 -27.77
C TYR Q 69 -30.92 50.07 -28.67
N ILE Q 70 -30.97 51.15 -29.45
CA ILE Q 70 -32.15 51.48 -30.25
C ILE Q 70 -31.93 50.98 -31.67
N LEU Q 71 -32.64 49.92 -32.04
CA LEU Q 71 -32.85 49.58 -33.43
C LEU Q 71 -34.13 50.22 -33.94
N GLY Q 72 -34.30 50.24 -35.25
CA GLY Q 72 -35.53 50.76 -35.79
C GLY Q 72 -35.48 51.11 -37.26
N LYS Q 73 -36.58 50.82 -37.96
CA LYS Q 73 -36.76 51.21 -39.34
C LYS Q 73 -37.94 52.16 -39.43
N ILE Q 74 -37.71 53.33 -40.02
CA ILE Q 74 -38.67 54.43 -40.02
C ILE Q 74 -39.06 54.66 -41.49
N TRP Q 75 -40.28 54.28 -41.85
CA TRP Q 75 -40.70 54.36 -43.24
C TRP Q 75 -41.99 55.16 -43.38
N LEU Q 76 -42.38 55.32 -44.64
CA LEU Q 76 -43.71 55.78 -45.03
C LEU Q 76 -44.24 54.99 -46.21
N ASP Q 77 -43.81 53.73 -46.38
CA ASP Q 77 -43.97 53.00 -47.64
C ASP Q 77 -45.34 52.35 -47.74
N GLU Q 78 -46.33 52.84 -46.99
CA GLU Q 78 -47.72 52.59 -47.30
C GLU Q 78 -48.05 53.23 -48.65
N THR Q 79 -49.08 52.71 -49.33
CA THR Q 79 -49.44 53.18 -50.67
C THR Q 79 -50.00 54.60 -50.71
N ILE Q 80 -50.21 55.21 -49.54
CA ILE Q 80 -50.71 56.58 -49.41
C ILE Q 80 -49.54 57.34 -48.78
N LYS Q 81 -49.73 58.62 -48.49
CA LYS Q 81 -48.75 59.54 -47.89
C LYS Q 81 -47.55 59.77 -48.79
N LYS Q 82 -47.80 59.79 -50.11
CA LYS Q 82 -46.87 60.39 -51.05
C LYS Q 82 -47.11 61.88 -51.26
N GLN Q 83 -48.35 62.34 -51.12
CA GLN Q 83 -48.62 63.78 -51.04
C GLN Q 83 -48.42 64.24 -49.60
N ASN Q 84 -48.37 65.57 -49.43
CA ASN Q 84 -48.08 66.27 -48.17
C ASN Q 84 -46.78 65.78 -47.57
N HIS Q 85 -45.77 65.62 -48.42
CA HIS Q 85 -44.58 64.84 -48.12
C HIS Q 85 -43.43 65.66 -47.55
N THR Q 86 -42.24 65.05 -47.52
CA THR Q 86 -41.00 65.56 -46.96
C THR Q 86 -41.07 65.90 -45.47
N ASN Q 87 -41.25 64.89 -44.63
CA ASN Q 87 -41.24 65.06 -43.18
C ASN Q 87 -40.00 64.38 -42.61
N ASN Q 88 -39.58 64.81 -41.43
CA ASN Q 88 -38.45 64.19 -40.74
C ASN Q 88 -38.81 63.91 -39.29
N VAL Q 89 -38.02 63.04 -38.67
CA VAL Q 89 -38.29 62.54 -37.32
C VAL Q 89 -37.16 62.99 -36.41
N ILE Q 90 -37.51 63.64 -35.30
CA ILE Q 90 -36.56 64.01 -34.27
C ILE Q 90 -36.85 63.16 -33.05
N PHE Q 91 -35.85 62.43 -32.57
CA PHE Q 91 -36.05 61.60 -31.39
C PHE Q 91 -35.64 62.36 -30.13
N TYR Q 92 -36.26 61.97 -29.02
CA TYR Q 92 -36.00 62.59 -27.72
C TYR Q 92 -35.91 61.50 -26.68
N LEU Q 93 -34.76 61.40 -26.01
CA LEU Q 93 -34.55 60.43 -24.95
C LEU Q 93 -34.27 61.23 -23.68
N LEU Q 94 -35.27 61.28 -22.78
CA LEU Q 94 -35.25 62.21 -21.65
C LEU Q 94 -34.97 61.47 -20.36
N ARG Q 95 -34.21 62.10 -19.48
CA ARG Q 95 -34.07 61.62 -18.11
C ARG Q 95 -35.15 62.29 -17.25
N ASP Q 96 -36.15 61.51 -16.85
CA ASP Q 96 -37.27 62.05 -16.07
C ASP Q 96 -36.90 62.09 -14.59
N ARG Q 97 -37.54 63.01 -13.88
CA ARG Q 97 -37.27 63.22 -12.45
C ARG Q 97 -38.37 62.69 -11.54
N ARG Q 98 -39.63 62.70 -12.04
CA ARG Q 98 -40.67 61.94 -11.33
C ARG Q 98 -41.83 61.69 -12.27
N PRO Q 99 -42.60 60.61 -12.09
CA PRO Q 99 -43.84 60.43 -12.84
C PRO Q 99 -45.00 61.13 -12.17
N TYR Q 100 -45.97 61.58 -12.97
CA TYR Q 100 -47.22 62.16 -12.48
C TYR Q 100 -48.31 61.14 -12.77
N GLY Q 101 -48.47 60.18 -11.87
CA GLY Q 101 -49.41 59.09 -12.08
C GLY Q 101 -49.02 58.20 -13.24
N ASN Q 102 -49.77 58.29 -14.34
CA ASN Q 102 -49.48 57.50 -15.53
C ASN Q 102 -48.69 58.35 -16.53
N ALA Q 103 -48.61 57.90 -17.78
CA ALA Q 103 -47.77 58.56 -18.78
C ALA Q 103 -48.33 59.92 -19.19
N PRO Q 104 -47.50 60.97 -19.22
CA PRO Q 104 -48.00 62.32 -19.55
C PRO Q 104 -47.99 62.65 -21.04
N GLN Q 105 -48.34 63.90 -21.36
CA GLN Q 105 -48.42 64.39 -22.73
C GLN Q 105 -47.04 64.72 -23.28
N ASP Q 106 -47.01 65.28 -24.50
CA ASP Q 106 -45.78 65.85 -25.05
C ASP Q 106 -45.93 67.32 -25.41
N PHE Q 107 -46.95 67.71 -26.19
CA PHE Q 107 -47.10 69.13 -26.54
C PHE Q 107 -47.48 69.96 -25.33
N GLY Q 108 -48.14 69.35 -24.36
CA GLY Q 108 -48.26 69.98 -23.06
C GLY Q 108 -47.05 69.80 -22.16
N GLN Q 109 -45.96 69.23 -22.67
CA GLN Q 109 -44.80 68.92 -21.85
C GLN Q 109 -43.53 69.64 -22.32
N ILE Q 110 -43.13 69.48 -23.58
CA ILE Q 110 -41.98 70.22 -24.08
C ILE Q 110 -42.42 71.63 -24.49
N PHE Q 111 -41.54 72.58 -24.50
CA PHE Q 111 -41.95 73.98 -24.48
C PHE Q 111 -42.67 74.42 -25.76
N ASN Q 112 -41.99 74.36 -26.90
CA ASN Q 112 -42.50 75.04 -28.08
C ASN Q 112 -42.71 74.03 -29.19
N MET Q 113 -43.05 74.53 -30.38
CA MET Q 113 -43.49 73.68 -31.49
C MET Q 113 -42.30 73.02 -32.19
N PHE Q 114 -42.01 71.81 -31.73
CA PHE Q 114 -41.34 70.70 -32.42
C PHE Q 114 -39.83 70.92 -32.62
N ASP Q 115 -39.29 72.09 -32.29
CA ASP Q 115 -37.86 72.33 -32.19
C ASP Q 115 -37.63 73.08 -30.89
N ASN Q 116 -37.42 72.35 -29.80
CA ASN Q 116 -37.54 72.94 -28.49
C ASN Q 116 -36.72 72.17 -27.46
N GLU Q 117 -36.99 72.50 -26.20
CA GLU Q 117 -36.42 71.95 -24.98
C GLU Q 117 -37.58 71.78 -24.01
N PRO Q 118 -37.40 71.14 -22.85
CA PRO Q 118 -38.45 71.19 -21.83
C PRO Q 118 -38.67 72.60 -21.29
N SER Q 119 -39.85 72.82 -20.74
CA SER Q 119 -40.25 74.14 -20.27
C SER Q 119 -39.45 74.56 -19.04
N THR Q 120 -39.49 75.86 -18.75
CA THR Q 120 -38.75 76.42 -17.62
C THR Q 120 -39.30 75.97 -16.29
N ALA Q 121 -40.60 75.65 -16.22
CA ALA Q 121 -41.22 75.20 -14.99
C ALA Q 121 -41.16 73.69 -14.81
N THR Q 122 -40.48 72.97 -15.71
CA THR Q 122 -40.49 71.52 -15.71
C THR Q 122 -39.13 70.90 -15.41
N ILE Q 123 -38.08 71.70 -15.31
CA ILE Q 123 -36.73 71.17 -15.11
C ILE Q 123 -36.55 70.67 -13.68
N PHE Q 131 -37.91 68.44 -17.00
CA PHE Q 131 -37.31 67.12 -16.94
C PHE Q 131 -35.99 67.15 -17.71
N GLN Q 132 -35.03 66.35 -17.27
CA GLN Q 132 -33.72 66.38 -17.91
C GLN Q 132 -33.77 65.65 -19.26
N VAL Q 133 -32.81 65.98 -20.10
CA VAL Q 133 -32.66 65.45 -21.45
C VAL Q 133 -31.38 64.63 -21.44
N LEU Q 134 -31.32 63.57 -22.24
CA LEU Q 134 -30.02 62.94 -22.48
C LEU Q 134 -29.46 63.28 -23.86
N ARG Q 135 -30.12 62.88 -24.94
CA ARG Q 135 -29.66 63.19 -26.29
C ARG Q 135 -30.85 63.25 -27.26
N LYS Q 136 -30.53 63.53 -28.52
CA LYS Q 136 -31.50 63.59 -29.62
C LYS Q 136 -31.01 62.71 -30.76
N PHE Q 137 -31.86 62.54 -31.77
CA PHE Q 137 -31.47 61.83 -32.99
C PHE Q 137 -32.16 62.48 -34.19
N HIS Q 138 -31.88 61.96 -35.37
CA HIS Q 138 -32.47 62.45 -36.61
C HIS Q 138 -32.87 61.28 -37.50
N ALA Q 139 -33.92 61.49 -38.29
CA ALA Q 139 -34.35 60.53 -39.29
C ALA Q 139 -35.17 61.32 -40.32
N THR Q 140 -34.70 61.35 -41.56
CA THR Q 140 -35.28 62.18 -42.61
C THR Q 140 -35.82 61.31 -43.73
N VAL Q 141 -37.14 61.21 -43.84
CA VAL Q 141 -37.78 60.41 -44.87
C VAL Q 141 -38.53 61.33 -45.82
N VAL Q 142 -37.93 61.60 -46.97
CA VAL Q 142 -38.51 62.56 -47.92
C VAL Q 142 -38.92 61.84 -49.20
N GLY Q 143 -40.20 61.50 -49.31
CA GLY Q 143 -40.67 60.83 -50.52
C GLY Q 143 -41.97 61.36 -51.08
N GLY Q 144 -41.92 61.90 -52.29
CA GLY Q 144 -43.12 62.43 -52.91
C GLY Q 144 -43.54 61.63 -54.13
N LEU Q 145 -43.30 62.17 -55.32
CA LEU Q 145 -43.62 61.48 -56.56
C LEU Q 145 -42.44 61.63 -57.53
N TYR Q 146 -42.47 60.80 -58.56
CA TYR Q 146 -41.58 60.79 -59.73
C TYR Q 146 -40.11 60.52 -59.42
N CYS Q 147 -39.71 60.22 -58.20
CA CYS Q 147 -38.51 59.39 -58.07
C CYS Q 147 -38.78 58.14 -57.23
N MET Q 148 -39.40 58.19 -56.03
CA MET Q 148 -39.47 59.28 -55.04
C MET Q 148 -38.29 59.02 -54.08
N LYS Q 149 -37.38 60.00 -53.96
CA LYS Q 149 -36.10 59.68 -53.36
C LYS Q 149 -36.03 60.11 -51.89
N GLU Q 150 -36.67 59.29 -51.05
CA GLU Q 150 -36.18 58.70 -49.79
C GLU Q 150 -37.28 57.88 -49.17
N GLN Q 151 -36.89 56.91 -48.34
CA GLN Q 151 -37.76 55.92 -47.71
C GLN Q 151 -37.10 55.39 -46.45
N ALA Q 152 -37.51 54.18 -46.06
CA ALA Q 152 -37.14 53.47 -44.84
C ALA Q 152 -35.65 53.56 -44.53
N LEU Q 153 -35.32 54.18 -43.40
CA LEU Q 153 -33.94 54.32 -42.94
C LEU Q 153 -33.71 53.43 -41.74
N VAL Q 154 -32.49 52.93 -41.59
CA VAL Q 154 -32.16 52.06 -40.47
C VAL Q 154 -31.28 52.83 -39.49
N LYS Q 155 -31.62 52.77 -38.21
CA LYS Q 155 -30.89 53.49 -37.17
C LYS Q 155 -30.52 52.51 -36.06
N ARG Q 156 -29.22 52.38 -35.79
CA ARG Q 156 -28.72 51.65 -34.64
C ARG Q 156 -27.83 52.56 -33.82
N PHE Q 157 -27.95 52.49 -32.49
CA PHE Q 157 -27.22 53.37 -31.59
C PHE Q 157 -26.94 52.67 -30.27
N TYR Q 158 -25.66 52.51 -29.95
CA TYR Q 158 -25.27 52.35 -28.55
C TYR Q 158 -25.49 53.66 -27.81
N ARG Q 159 -26.01 53.58 -26.58
CA ARG Q 159 -26.29 54.78 -25.80
C ARG Q 159 -26.24 54.41 -24.31
N LEU Q 160 -25.13 54.76 -23.66
CA LEU Q 160 -24.94 54.43 -22.25
C LEU Q 160 -25.74 55.37 -21.36
N ASN Q 161 -26.31 54.84 -20.30
CA ASN Q 161 -27.21 55.58 -19.41
C ASN Q 161 -26.96 55.14 -17.97
N HIS Q 162 -27.89 55.45 -17.07
CA HIS Q 162 -27.67 55.24 -15.64
C HIS Q 162 -28.99 54.86 -14.97
N HIS Q 163 -29.02 54.97 -13.64
CA HIS Q 163 -29.88 54.20 -12.76
C HIS Q 163 -31.34 54.65 -12.78
N VAL Q 164 -32.22 53.72 -12.40
CA VAL Q 164 -33.67 53.88 -12.35
C VAL Q 164 -34.17 53.22 -11.06
N THR Q 165 -35.23 53.79 -10.45
CA THR Q 165 -35.90 53.21 -9.28
C THR Q 165 -37.42 53.21 -9.47
N TYR Q 166 -38.09 52.16 -8.96
CA TYR Q 166 -39.55 52.08 -8.88
C TYR Q 166 -40.07 52.48 -7.49
N ASN Q 167 -41.38 52.75 -7.42
CA ASN Q 167 -41.97 53.19 -6.16
C ASN Q 167 -42.57 52.03 -5.37
N HIS Q 168 -43.61 51.39 -5.90
CA HIS Q 168 -44.34 50.41 -5.11
C HIS Q 168 -43.61 49.07 -5.14
N GLN Q 169 -44.06 48.13 -4.31
CA GLN Q 169 -43.49 46.79 -4.24
C GLN Q 169 -44.32 45.80 -5.05
N GLU Q 170 -44.87 46.25 -6.17
CA GLU Q 170 -45.73 45.45 -7.01
C GLU Q 170 -44.92 44.76 -8.10
N ALA Q 171 -45.46 43.63 -8.58
CA ALA Q 171 -45.01 43.03 -9.84
C ALA Q 171 -45.86 43.62 -10.97
N GLY Q 172 -45.70 44.92 -11.16
CA GLY Q 172 -46.67 45.68 -11.93
C GLY Q 172 -46.15 46.59 -13.01
N LYS Q 173 -47.02 47.53 -13.41
CA LYS Q 173 -46.90 48.28 -14.65
C LYS Q 173 -46.03 49.53 -14.45
N TYR Q 174 -46.12 50.46 -15.40
CA TYR Q 174 -45.34 51.69 -15.40
C TYR Q 174 -45.79 52.70 -14.35
N GLU Q 175 -47.03 52.59 -13.85
CA GLU Q 175 -47.60 53.62 -13.00
C GLU Q 175 -46.94 53.71 -11.63
N ASN Q 176 -46.24 52.66 -11.18
CA ASN Q 176 -45.56 52.70 -9.89
C ASN Q 176 -44.09 53.09 -9.99
N HIS Q 177 -43.74 53.96 -10.94
CA HIS Q 177 -42.39 54.49 -10.99
C HIS Q 177 -42.20 55.56 -9.92
N THR Q 178 -40.94 55.95 -9.74
CA THR Q 178 -40.58 57.06 -8.87
C THR Q 178 -39.47 57.82 -9.58
N GLU Q 179 -38.70 58.61 -8.81
CA GLU Q 179 -37.52 59.35 -9.26
C GLU Q 179 -36.61 58.54 -10.18
N ASN Q 180 -36.00 59.26 -11.12
CA ASN Q 180 -35.13 58.74 -12.17
C ASN Q 180 -35.86 57.70 -13.02
N ALA Q 181 -36.90 58.20 -13.64
CA ALA Q 181 -37.46 57.48 -14.78
C ALA Q 181 -36.78 57.97 -16.06
N LEU Q 182 -37.02 57.24 -17.14
CA LEU Q 182 -36.53 57.63 -18.46
C LEU Q 182 -37.41 57.01 -19.52
N LEU Q 183 -37.68 57.77 -20.58
CA LEU Q 183 -38.64 57.34 -21.60
C LEU Q 183 -38.34 58.09 -22.89
N LEU Q 184 -39.14 57.83 -23.91
CA LEU Q 184 -38.93 58.38 -25.24
C LEU Q 184 -40.10 59.24 -25.69
N TYR Q 185 -39.79 60.23 -26.52
CA TYR Q 185 -40.78 60.95 -27.30
C TYR Q 185 -40.31 61.01 -28.75
N MET Q 186 -41.25 60.81 -29.66
CA MET Q 186 -40.98 60.92 -31.09
C MET Q 186 -41.84 62.05 -31.65
N ALA Q 187 -41.26 62.82 -32.57
CA ALA Q 187 -41.90 64.04 -33.06
C ALA Q 187 -41.87 64.09 -34.57
N CYS Q 188 -43.02 64.38 -35.17
CA CYS Q 188 -43.12 64.70 -36.59
C CYS Q 188 -43.21 66.20 -36.76
N THR Q 189 -42.81 66.68 -37.94
CA THR Q 189 -42.70 68.12 -38.19
C THR Q 189 -43.67 68.63 -39.25
N HIS Q 190 -44.67 67.84 -39.63
CA HIS Q 190 -45.64 68.26 -40.63
C HIS Q 190 -47.01 67.72 -40.28
N ALA Q 191 -48.04 68.38 -40.83
CA ALA Q 191 -49.43 68.10 -40.45
C ALA Q 191 -49.89 66.74 -40.93
N SER Q 192 -49.32 66.22 -42.02
CA SER Q 192 -49.59 64.85 -42.41
C SER Q 192 -48.92 63.88 -41.44
N ASN Q 193 -49.37 62.62 -41.48
CA ASN Q 193 -48.72 61.62 -40.65
C ASN Q 193 -48.20 60.47 -41.50
N PRO Q 194 -47.05 60.61 -42.18
CA PRO Q 194 -46.53 59.50 -42.99
C PRO Q 194 -45.74 58.49 -42.19
N VAL Q 195 -45.25 58.87 -41.01
CA VAL Q 195 -44.20 58.14 -40.32
C VAL Q 195 -44.78 56.87 -39.69
N TYR Q 196 -44.35 55.73 -40.19
CA TYR Q 196 -44.61 54.44 -39.55
C TYR Q 196 -43.29 53.91 -39.01
N ALA Q 197 -42.98 54.32 -37.78
CA ALA Q 197 -41.69 54.03 -37.16
C ALA Q 197 -41.84 52.87 -36.18
N THR Q 198 -41.19 51.74 -36.50
CA THR Q 198 -41.17 50.58 -35.62
C THR Q 198 -39.75 50.39 -35.12
N LEU Q 199 -39.60 50.31 -33.80
CA LEU Q 199 -38.30 50.36 -33.16
C LEU Q 199 -38.13 49.19 -32.21
N LYS Q 200 -36.97 48.57 -32.25
CA LYS Q 200 -36.56 47.55 -31.30
C LYS Q 200 -35.59 48.15 -30.30
N ILE Q 201 -35.97 48.14 -29.03
CA ILE Q 201 -35.27 48.89 -27.99
C ILE Q 201 -34.78 47.90 -26.95
N ARG Q 202 -33.51 47.53 -27.04
CA ARG Q 202 -32.91 46.66 -26.02
C ARG Q 202 -32.40 47.49 -24.85
N ILE Q 203 -32.79 47.10 -23.64
CA ILE Q 203 -32.14 47.56 -22.42
C ILE Q 203 -31.57 46.33 -21.74
N TYR Q 204 -30.24 46.27 -21.61
CA TYR Q 204 -29.61 45.25 -20.80
C TYR Q 204 -28.86 45.93 -19.66
N PHE Q 205 -29.00 45.38 -18.46
CA PHE Q 205 -28.60 46.06 -17.24
C PHE Q 205 -28.22 45.05 -16.15
N ARG R 14 -19.08 46.33 -1.24
CA ARG R 14 -19.48 44.95 -0.99
C ARG R 14 -20.66 44.90 -0.03
N SER R 15 -20.39 44.64 1.22
CA SER R 15 -21.48 44.50 2.17
C SER R 15 -21.04 45.05 3.50
N PRO R 16 -21.47 46.22 4.03
CA PRO R 16 -21.51 46.10 5.50
C PRO R 16 -22.88 45.95 6.16
N ASP R 17 -23.35 44.73 6.36
CA ASP R 17 -24.48 44.51 7.25
C ASP R 17 -24.09 43.71 8.48
N ILE R 18 -23.67 42.46 8.28
CA ILE R 18 -23.58 41.37 9.26
C ILE R 18 -22.86 40.24 8.52
N PRO R 19 -22.30 39.22 9.16
CA PRO R 19 -21.50 38.25 8.40
C PRO R 19 -22.28 37.20 7.61
N ARG R 20 -23.58 37.31 7.38
CA ARG R 20 -24.25 36.31 6.56
C ARG R 20 -24.92 36.91 5.33
N GLY R 21 -25.79 37.88 5.51
CA GLY R 21 -26.68 38.35 4.47
C GLY R 21 -26.19 39.53 3.68
N CYS R 22 -25.90 39.28 2.41
CA CYS R 22 -25.86 40.32 1.39
C CYS R 22 -27.27 40.69 0.91
N GLU R 23 -28.30 40.03 1.46
CA GLU R 23 -29.69 40.29 1.16
C GLU R 23 -30.08 41.70 1.59
N GLY R 24 -31.19 42.17 1.02
CA GLY R 24 -31.82 43.39 1.46
C GLY R 24 -32.27 43.28 2.89
N PRO R 25 -31.80 44.19 3.76
CA PRO R 25 -32.04 44.05 5.20
C PRO R 25 -33.49 44.28 5.58
N CYS R 26 -34.30 43.27 5.36
CA CYS R 26 -35.74 43.49 5.23
C CYS R 26 -36.41 43.51 6.60
N LYS R 27 -37.44 44.34 6.71
CA LYS R 27 -38.22 44.45 7.93
C LYS R 27 -39.40 43.49 7.85
N VAL R 28 -39.61 42.72 8.90
CA VAL R 28 -40.83 41.96 9.09
C VAL R 28 -41.33 42.30 10.49
N GLN R 29 -42.49 42.92 10.56
CA GLN R 29 -43.01 43.40 11.82
C GLN R 29 -44.00 42.40 12.38
N SER R 30 -43.85 42.12 13.65
CA SER R 30 -44.84 41.32 14.37
C SER R 30 -45.64 42.28 15.23
N PHE R 31 -46.61 42.95 14.62
CA PHE R 31 -47.54 43.75 15.39
C PHE R 31 -48.48 42.84 16.17
N GLU R 32 -48.78 43.26 17.40
CA GLU R 32 -49.82 42.62 18.18
C GLU R 32 -50.83 43.68 18.61
N GLN R 33 -52.09 43.26 18.67
CA GLN R 33 -53.14 43.99 19.37
C GLN R 33 -53.69 42.98 20.35
N ARG R 34 -53.00 42.84 21.48
CA ARG R 34 -53.22 41.73 22.40
C ARG R 34 -53.24 42.22 23.84
N ASP R 35 -53.18 41.27 24.76
CA ASP R 35 -53.01 41.54 26.18
C ASP R 35 -52.22 40.37 26.77
N ASP R 36 -52.25 40.24 28.08
CA ASP R 36 -51.63 39.10 28.74
C ASP R 36 -52.52 38.67 29.90
N VAL R 37 -52.00 37.71 30.67
CA VAL R 37 -52.56 37.36 31.97
C VAL R 37 -51.45 37.61 32.98
N LYS R 38 -51.67 37.25 34.24
CA LYS R 38 -50.62 37.40 35.24
C LYS R 38 -49.44 36.49 34.94
N HIS R 39 -49.71 35.26 34.50
CA HIS R 39 -48.66 34.26 34.36
C HIS R 39 -47.82 34.51 33.10
N LEU R 40 -48.48 34.72 31.95
CA LEU R 40 -47.73 34.68 30.71
C LEU R 40 -48.38 35.54 29.65
N GLY R 41 -47.52 36.23 28.89
CA GLY R 41 -47.87 36.69 27.57
C GLY R 41 -46.81 36.18 26.61
N ILE R 42 -47.15 35.25 25.74
CA ILE R 42 -46.17 34.55 24.94
C ILE R 42 -46.21 35.07 23.51
N CYS R 43 -45.02 35.34 22.99
CA CYS R 43 -44.87 35.89 21.64
C CYS R 43 -43.60 35.34 21.03
N LYS R 44 -43.71 34.30 20.19
CA LYS R 44 -42.62 33.99 19.27
C LYS R 44 -42.58 35.06 18.20
N VAL R 45 -41.41 35.65 18.03
CA VAL R 45 -41.22 36.74 17.08
C VAL R 45 -40.37 36.27 15.88
N ILE R 46 -40.55 35.02 15.42
CA ILE R 46 -39.71 34.48 14.36
C ILE R 46 -40.51 34.01 13.16
N SER R 47 -41.60 33.25 13.36
CA SER R 47 -42.33 32.68 12.24
C SER R 47 -43.23 33.67 11.53
N ASP R 48 -43.10 34.95 11.86
CA ASP R 48 -43.51 36.04 10.99
C ASP R 48 -42.84 35.89 9.62
N VAL R 49 -41.59 35.49 9.60
CA VAL R 49 -40.89 35.14 8.36
C VAL R 49 -41.16 33.68 8.05
N THR R 50 -41.69 33.42 6.86
CA THR R 50 -41.71 32.11 6.24
C THR R 50 -40.76 32.15 5.06
N ARG R 51 -40.58 31.01 4.40
CA ARG R 51 -39.83 31.02 3.15
C ARG R 51 -40.67 31.67 2.06
N GLY R 52 -40.01 32.49 1.25
CA GLY R 52 -40.64 33.06 0.09
C GLY R 52 -39.68 33.92 -0.70
N PRO R 53 -40.03 34.20 -1.95
CA PRO R 53 -39.26 35.20 -2.72
C PRO R 53 -39.61 36.64 -2.35
N GLY R 54 -40.71 36.86 -1.64
CA GLY R 54 -41.14 38.20 -1.32
C GLY R 54 -40.26 38.87 -0.28
N LEU R 55 -40.55 40.16 -0.06
CA LEU R 55 -39.71 41.01 0.76
C LEU R 55 -40.06 40.99 2.24
N THR R 56 -40.94 40.09 2.67
CA THR R 56 -41.16 39.82 4.08
C THR R 56 -40.84 38.36 4.38
N HIS R 57 -39.78 37.86 3.75
CA HIS R 57 -39.48 36.45 3.77
C HIS R 57 -37.97 36.28 3.92
N ARG R 58 -37.52 35.07 3.61
CA ARG R 58 -36.12 34.71 3.68
C ARG R 58 -35.74 33.86 2.48
N VAL R 59 -34.45 33.67 2.29
CA VAL R 59 -33.92 32.77 1.27
C VAL R 59 -33.12 31.70 1.99
N GLY R 60 -33.58 30.46 1.93
CA GLY R 60 -32.90 29.42 2.69
C GLY R 60 -33.45 29.33 4.10
N LYS R 61 -32.55 29.13 5.07
CA LYS R 61 -32.95 28.88 6.45
C LYS R 61 -32.02 29.58 7.45
N ARG R 62 -31.57 30.80 7.13
CA ARG R 62 -30.60 31.49 7.98
C ARG R 62 -30.99 32.95 8.21
N PHE R 63 -30.83 33.42 9.45
CA PHE R 63 -31.01 34.82 9.84
C PHE R 63 -29.77 35.36 10.54
N CYS R 64 -29.63 36.69 10.54
CA CYS R 64 -28.82 37.46 11.49
C CYS R 64 -29.63 38.70 11.81
N ILE R 65 -30.41 38.63 12.88
CA ILE R 65 -31.25 39.75 13.30
C ILE R 65 -30.36 40.90 13.76
N LYS R 66 -30.43 42.02 13.02
CA LYS R 66 -29.62 43.18 13.37
C LYS R 66 -30.14 43.84 14.64
N SER R 67 -31.43 44.17 14.68
CA SER R 67 -31.99 44.80 15.87
C SER R 67 -33.48 44.52 15.94
N ILE R 68 -33.95 44.40 17.18
CA ILE R 68 -35.38 44.38 17.49
C ILE R 68 -35.75 45.77 17.98
N TYR R 69 -36.74 46.39 17.33
CA TYR R 69 -37.21 47.72 17.64
C TYR R 69 -38.61 47.61 18.22
N ILE R 70 -38.73 47.76 19.53
CA ILE R 70 -39.98 47.52 20.24
C ILE R 70 -40.68 48.86 20.45
N LEU R 71 -41.77 49.06 19.72
CA LEU R 71 -42.75 50.08 20.06
C LEU R 71 -43.84 49.45 20.92
N GLY R 72 -44.64 50.30 21.54
CA GLY R 72 -45.74 49.77 22.32
C GLY R 72 -46.37 50.75 23.29
N LYS R 73 -47.69 50.70 23.39
CA LYS R 73 -48.43 51.45 24.40
C LYS R 73 -49.13 50.48 25.33
N ILE R 74 -48.89 50.64 26.63
CA ILE R 74 -49.33 49.69 27.64
C ILE R 74 -50.31 50.43 28.54
N TRP R 75 -51.60 50.09 28.42
CA TRP R 75 -52.62 50.83 29.15
C TRP R 75 -53.48 49.89 29.97
N LEU R 76 -54.40 50.51 30.71
CA LEU R 76 -55.52 49.84 31.36
C LEU R 76 -56.80 50.66 31.23
N ASP R 77 -56.92 51.47 30.17
CA ASP R 77 -57.92 52.54 30.11
C ASP R 77 -59.28 52.03 29.63
N GLU R 78 -59.53 50.73 29.76
CA GLU R 78 -60.88 50.21 29.75
C GLU R 78 -61.64 50.76 30.95
N THR R 79 -62.98 50.82 30.84
CA THR R 79 -63.80 51.43 31.89
C THR R 79 -63.85 50.60 33.19
N ILE R 80 -63.23 49.43 33.20
CA ILE R 80 -63.15 48.56 34.38
C ILE R 80 -61.66 48.55 34.71
N LYS R 81 -61.26 47.77 35.73
CA LYS R 81 -59.89 47.59 36.22
C LYS R 81 -59.32 48.89 36.80
N LYS R 82 -60.18 49.68 37.43
CA LYS R 82 -59.74 50.71 38.36
C LYS R 82 -59.59 50.20 39.78
N GLN R 83 -60.37 49.20 40.19
CA GLN R 83 -60.10 48.48 41.42
C GLN R 83 -59.06 47.39 41.17
N ASN R 84 -58.53 46.85 42.27
CA ASN R 84 -57.45 45.85 42.30
C ASN R 84 -56.24 46.37 41.52
N HIS R 85 -55.92 47.64 41.74
CA HIS R 85 -55.05 48.40 40.85
C HIS R 85 -53.58 48.39 41.26
N THR R 86 -52.80 49.29 40.66
CA THR R 86 -51.35 49.45 40.80
C THR R 86 -50.56 48.21 40.42
N ASN R 87 -50.57 47.83 39.15
CA ASN R 87 -49.77 46.74 38.62
C ASN R 87 -48.68 47.30 37.71
N ASN R 88 -47.61 46.55 37.52
CA ASN R 88 -46.54 46.94 36.62
C ASN R 88 -46.16 45.77 35.71
N VAL R 89 -45.48 46.09 34.62
CA VAL R 89 -45.16 45.14 33.57
C VAL R 89 -43.65 44.98 33.50
N ILE R 90 -43.16 43.75 33.58
CA ILE R 90 -41.76 43.44 33.40
C ILE R 90 -41.63 42.68 32.09
N PHE R 91 -40.80 43.18 31.18
CA PHE R 91 -40.60 42.50 29.91
C PHE R 91 -39.40 41.56 29.98
N TYR R 92 -39.44 40.53 29.15
CA TYR R 92 -38.38 39.53 29.09
C TYR R 92 -38.10 39.21 27.64
N LEU R 93 -36.87 39.43 27.20
CA LEU R 93 -36.45 39.14 25.84
C LEU R 93 -35.34 38.10 25.96
N LEU R 94 -35.66 36.85 25.62
CA LEU R 94 -34.78 35.72 25.92
C LEU R 94 -34.12 35.21 24.66
N ARG R 95 -32.86 34.80 24.78
CA ARG R 95 -32.19 34.05 23.71
C ARG R 95 -32.42 32.56 23.97
N ASP R 96 -33.25 31.94 23.13
CA ASP R 96 -33.59 30.54 23.29
C ASP R 96 -32.53 29.66 22.63
N ARG R 97 -32.38 28.44 23.15
CA ARG R 97 -31.37 27.50 22.66
C ARG R 97 -31.94 26.38 21.82
N ARG R 98 -33.20 25.91 22.07
CA ARG R 98 -34.03 25.18 21.09
C ARG R 98 -35.47 24.97 21.55
N PRO R 99 -36.44 25.10 20.64
CA PRO R 99 -37.81 24.68 20.94
C PRO R 99 -38.14 23.26 20.48
N TYR R 100 -39.23 22.72 21.03
CA TYR R 100 -39.78 21.43 20.62
C TYR R 100 -41.30 21.57 20.60
N GLY R 101 -41.92 21.30 19.47
CA GLY R 101 -43.35 21.55 19.38
C GLY R 101 -43.61 23.03 19.40
N ASN R 102 -44.59 23.48 20.20
CA ASN R 102 -44.97 24.88 20.16
C ASN R 102 -44.12 25.71 21.14
N ALA R 103 -44.57 26.93 21.39
CA ALA R 103 -43.95 27.77 22.41
C ALA R 103 -44.25 27.20 23.79
N PRO R 104 -43.24 26.83 24.57
CA PRO R 104 -43.51 26.37 25.93
C PRO R 104 -43.93 27.53 26.81
N GLN R 105 -44.89 27.27 27.70
CA GLN R 105 -45.49 28.32 28.51
C GLN R 105 -44.51 28.82 29.56
N ASP R 106 -44.78 30.03 30.06
CA ASP R 106 -43.75 30.80 30.77
C ASP R 106 -43.49 30.27 32.17
N PHE R 107 -44.54 30.15 32.99
CA PHE R 107 -44.35 29.67 34.36
C PHE R 107 -43.93 28.21 34.39
N GLY R 108 -44.20 27.47 33.32
CA GLY R 108 -43.58 26.17 33.16
C GLY R 108 -42.15 26.23 32.65
N GLN R 109 -41.55 27.42 32.57
CA GLN R 109 -40.17 27.50 32.11
C GLN R 109 -39.26 28.35 33.00
N ILE R 110 -39.73 29.49 33.52
CA ILE R 110 -38.84 30.32 34.34
C ILE R 110 -39.07 30.00 35.82
N PHE R 111 -38.13 30.42 36.69
CA PHE R 111 -38.02 29.66 37.95
C PHE R 111 -39.12 30.02 38.94
N ASN R 112 -39.18 31.26 39.39
CA ASN R 112 -39.99 31.57 40.57
C ASN R 112 -41.03 32.62 40.19
N MET R 113 -41.76 33.10 41.20
CA MET R 113 -42.94 33.93 40.98
C MET R 113 -42.54 35.38 40.66
N PHE R 114 -42.44 35.64 39.36
CA PHE R 114 -42.59 36.93 38.67
C PHE R 114 -41.43 37.89 38.89
N ASP R 115 -40.47 37.56 39.76
CA ASP R 115 -39.19 38.25 39.87
C ASP R 115 -38.11 37.19 39.93
N ASN R 116 -37.61 36.80 38.76
CA ASN R 116 -36.85 35.56 38.68
C ASN R 116 -35.90 35.58 37.49
N GLU R 117 -35.37 34.39 37.21
CA GLU R 117 -34.45 34.04 36.14
C GLU R 117 -34.94 32.70 35.59
N PRO R 118 -34.40 32.19 34.48
CA PRO R 118 -34.70 30.80 34.10
C PRO R 118 -34.16 29.81 35.11
N SER R 119 -34.76 28.62 35.10
CA SER R 119 -34.44 27.59 36.08
C SER R 119 -33.04 27.02 35.84
N THR R 120 -32.54 26.34 36.87
CA THR R 120 -31.18 25.77 36.80
C THR R 120 -31.08 24.62 35.82
N ALA R 121 -32.18 23.92 35.56
CA ALA R 121 -32.19 22.82 34.62
C ALA R 121 -32.51 23.25 33.19
N THR R 122 -32.64 24.55 32.94
CA THR R 122 -33.09 25.05 31.65
C THR R 122 -32.04 25.85 30.91
N ILE R 123 -30.90 26.14 31.54
CA ILE R 123 -29.88 26.97 30.91
C ILE R 123 -29.16 26.23 29.80
N PHE R 131 -32.61 28.59 29.41
CA PHE R 131 -32.52 29.38 28.18
C PHE R 131 -31.84 30.70 28.51
N GLN R 132 -31.08 31.23 27.56
CA GLN R 132 -30.36 32.47 27.82
C GLN R 132 -31.32 33.66 27.80
N VAL R 133 -30.88 34.73 28.46
CA VAL R 133 -31.61 35.99 28.59
C VAL R 133 -30.83 37.02 27.81
N LEU R 134 -31.51 38.01 27.23
CA LEU R 134 -30.79 39.17 26.73
C LEU R 134 -30.93 40.40 27.65
N ARG R 135 -32.15 40.92 27.82
CA ARG R 135 -32.38 42.06 28.70
C ARG R 135 -33.80 42.03 29.24
N LYS R 136 -34.12 43.03 30.06
CA LYS R 136 -35.44 43.23 30.66
C LYS R 136 -35.90 44.66 30.39
N PHE R 137 -37.15 44.95 30.74
CA PHE R 137 -37.69 46.31 30.66
C PHE R 137 -38.65 46.53 31.82
N HIS R 138 -39.19 47.75 31.89
CA HIS R 138 -40.16 48.12 32.92
C HIS R 138 -41.28 48.93 32.31
N ALA R 139 -42.46 48.79 32.90
CA ALA R 139 -43.63 49.60 32.53
C ALA R 139 -44.57 49.59 33.73
N THR R 140 -44.81 50.76 34.32
CA THR R 140 -45.56 50.88 35.57
C THR R 140 -46.83 51.68 35.33
N VAL R 141 -47.98 51.00 35.35
CA VAL R 141 -49.27 51.64 35.14
C VAL R 141 -50.09 51.56 36.43
N VAL R 142 -50.11 52.66 37.18
CA VAL R 142 -50.76 52.66 38.48
C VAL R 142 -51.97 53.60 38.45
N GLY R 143 -53.17 53.03 38.26
CA GLY R 143 -54.36 53.86 38.23
C GLY R 143 -55.54 53.32 39.02
N GLY R 144 -55.95 54.03 40.07
CA GLY R 144 -57.07 53.59 40.86
C GLY R 144 -58.27 54.49 40.73
N LEU R 145 -58.53 55.30 41.75
CA LEU R 145 -59.63 56.26 41.72
C LEU R 145 -59.14 57.60 42.25
N TYR R 146 -59.94 58.62 42.00
CA TYR R 146 -59.83 60.00 42.49
C TYR R 146 -58.58 60.75 42.05
N CYS R 147 -57.72 60.21 41.20
CA CYS R 147 -56.94 61.12 40.35
C CYS R 147 -57.11 60.79 38.87
N MET R 148 -56.98 59.53 38.39
CA MET R 148 -56.19 58.40 38.90
C MET R 148 -54.83 58.49 38.19
N LYS R 149 -53.75 58.60 38.96
CA LYS R 149 -52.51 59.05 38.34
C LYS R 149 -51.57 57.87 38.05
N GLU R 150 -51.89 57.18 36.95
CA GLU R 150 -51.03 56.75 35.83
C GLU R 150 -51.85 55.93 34.86
N GLN R 151 -51.40 55.90 33.61
CA GLN R 151 -52.09 55.28 32.47
C GLN R 151 -51.07 54.94 31.39
N ALA R 152 -51.56 54.83 30.16
CA ALA R 152 -50.86 54.42 28.95
C ALA R 152 -49.48 55.05 28.82
N LEU R 153 -48.44 54.21 28.83
CA LEU R 153 -47.07 54.66 28.70
C LEU R 153 -46.53 54.23 27.33
N VAL R 154 -45.62 55.03 26.78
CA VAL R 154 -45.05 54.71 25.48
C VAL R 154 -43.61 54.26 25.67
N LYS R 155 -43.25 53.14 25.04
CA LYS R 155 -41.90 52.59 25.16
C LYS R 155 -41.33 52.34 23.77
N ARG R 156 -40.20 52.97 23.48
CA ARG R 156 -39.43 52.69 22.28
C ARG R 156 -38.01 52.30 22.68
N PHE R 157 -37.45 51.29 21.99
CA PHE R 157 -36.13 50.77 22.35
C PHE R 157 -35.44 50.22 21.09
N TYR R 158 -34.30 50.81 20.74
CA TYR R 158 -33.32 50.08 19.95
C TYR R 158 -32.72 48.96 20.78
N ARG R 159 -32.53 47.79 20.16
CA ARG R 159 -31.98 46.64 20.88
C ARG R 159 -31.29 45.73 19.86
N LEU R 160 -29.97 45.79 19.81
CA LEU R 160 -29.20 45.00 18.87
C LEU R 160 -29.09 43.55 19.33
N ASN R 161 -29.16 42.62 18.38
CA ASN R 161 -29.20 41.19 18.68
C ASN R 161 -28.41 40.45 17.61
N HIS R 162 -28.58 39.13 17.51
CA HIS R 162 -27.74 38.30 16.66
C HIS R 162 -28.58 37.17 16.06
N HIS R 163 -27.88 36.15 15.55
CA HIS R 163 -28.35 35.26 14.49
C HIS R 163 -29.39 34.26 14.97
N VAL R 164 -30.20 33.78 14.00
CA VAL R 164 -31.29 32.82 14.18
C VAL R 164 -31.22 31.83 13.03
N THR R 165 -31.52 30.54 13.27
CA THR R 165 -31.50 29.52 12.22
C THR R 165 -32.68 28.56 12.37
N TYR R 166 -33.28 28.13 11.25
CA TYR R 166 -34.22 27.01 11.24
C TYR R 166 -33.55 25.72 10.77
N ASN R 167 -33.96 24.60 11.35
CA ASN R 167 -33.57 23.28 10.85
C ASN R 167 -34.47 22.85 9.71
N HIS R 168 -35.76 22.68 10.01
CA HIS R 168 -36.69 22.12 9.03
C HIS R 168 -36.92 23.12 7.91
N GLN R 169 -36.87 22.61 6.69
CA GLN R 169 -36.71 23.43 5.49
C GLN R 169 -38.04 23.83 4.89
N GLU R 170 -39.06 24.00 5.73
CA GLU R 170 -40.41 24.29 5.30
C GLU R 170 -40.63 25.78 5.14
N ALA R 171 -41.59 26.14 4.27
CA ALA R 171 -42.13 27.49 4.18
C ALA R 171 -43.26 27.61 5.20
N GLY R 172 -42.89 27.55 6.47
CA GLY R 172 -43.89 27.30 7.48
C GLY R 172 -43.81 28.04 8.80
N LYS R 173 -44.37 27.41 9.82
CA LYS R 173 -44.66 28.01 11.10
C LYS R 173 -43.45 27.92 12.05
N TYR R 174 -43.70 28.11 13.35
CA TYR R 174 -42.68 28.30 14.37
C TYR R 174 -42.17 27.01 15.00
N GLU R 175 -42.84 25.87 14.79
CA GLU R 175 -42.53 24.67 15.54
C GLU R 175 -41.30 23.92 15.02
N ASN R 176 -40.57 24.48 14.06
CA ASN R 176 -39.65 23.65 13.30
C ASN R 176 -38.25 24.25 13.21
N HIS R 177 -37.71 24.71 14.34
CA HIS R 177 -36.50 25.50 14.37
C HIS R 177 -35.29 24.66 14.80
N THR R 178 -34.18 25.34 15.07
CA THR R 178 -32.97 24.79 15.66
C THR R 178 -32.36 25.90 16.52
N GLU R 179 -31.04 25.80 16.75
CA GLU R 179 -30.21 26.75 17.50
C GLU R 179 -30.60 28.21 17.34
N ASN R 180 -30.62 28.90 18.48
CA ASN R 180 -30.83 30.34 18.60
C ASN R 180 -32.18 30.76 18.03
N ALA R 181 -33.21 30.33 18.75
CA ALA R 181 -34.46 31.08 18.66
C ALA R 181 -34.43 32.24 19.64
N LEU R 182 -35.40 33.14 19.52
CA LEU R 182 -35.55 34.24 20.45
C LEU R 182 -37.01 34.70 20.42
N LEU R 183 -37.54 35.04 21.59
CA LEU R 183 -38.96 35.36 21.73
C LEU R 183 -39.14 36.21 22.98
N LEU R 184 -40.40 36.57 23.25
CA LEU R 184 -40.74 37.46 24.34
C LEU R 184 -41.65 36.78 25.36
N TYR R 185 -41.52 37.22 26.60
CA TYR R 185 -42.50 36.95 27.64
C TYR R 185 -42.85 38.26 28.34
N MET R 186 -44.13 38.43 28.63
CA MET R 186 -44.62 39.58 29.37
C MET R 186 -45.24 39.08 30.67
N ALA R 187 -45.02 39.83 31.76
CA ALA R 187 -45.42 39.37 33.08
C ALA R 187 -46.15 40.48 33.82
N CYS R 188 -47.29 40.12 34.41
CA CYS R 188 -48.00 40.97 35.34
C CYS R 188 -47.70 40.52 36.77
N THR R 189 -47.84 41.45 37.71
CA THR R 189 -47.44 41.19 39.10
C THR R 189 -48.60 41.20 40.08
N HIS R 190 -49.85 41.16 39.60
CA HIS R 190 -51.01 41.16 40.48
C HIS R 190 -52.10 40.28 39.90
N ALA R 191 -53.00 39.83 40.78
CA ALA R 191 -54.00 38.84 40.42
C ALA R 191 -55.05 39.38 39.45
N SER R 192 -55.30 40.69 39.46
CA SER R 192 -56.13 41.29 38.44
C SER R 192 -55.39 41.32 37.10
N ASN R 193 -56.15 41.53 36.03
CA ASN R 193 -55.52 41.65 34.73
C ASN R 193 -55.88 42.99 34.08
N PRO R 194 -55.27 44.11 34.47
CA PRO R 194 -55.61 45.39 33.84
C PRO R 194 -54.87 45.63 32.54
N VAL R 195 -53.76 44.93 32.32
CA VAL R 195 -52.78 45.32 31.30
C VAL R 195 -53.31 44.95 29.92
N TYR R 196 -53.57 45.97 29.10
CA TYR R 196 -53.85 45.80 27.69
C TYR R 196 -52.67 46.39 26.91
N ALA R 197 -51.67 45.54 26.69
CA ALA R 197 -50.40 45.96 26.09
C ALA R 197 -50.38 45.57 24.62
N THR R 198 -50.36 46.57 23.74
CA THR R 198 -50.24 46.35 22.31
C THR R 198 -48.91 46.90 21.85
N LEU R 199 -48.14 46.06 21.16
CA LEU R 199 -46.74 46.36 20.86
C LEU R 199 -46.48 46.17 19.38
N LYS R 200 -45.75 47.12 18.80
CA LYS R 200 -45.26 47.03 17.44
C LYS R 200 -43.78 46.67 17.47
N ILE R 201 -43.43 45.53 16.88
CA ILE R 201 -42.11 44.93 17.05
C ILE R 201 -41.49 44.82 15.66
N ARG R 202 -40.62 45.76 15.31
CA ARG R 202 -39.89 45.69 14.06
C ARG R 202 -38.62 44.87 14.23
N ILE R 203 -38.43 43.88 13.35
CA ILE R 203 -37.15 43.22 13.16
C ILE R 203 -36.71 43.50 11.73
N TYR R 204 -35.61 44.22 11.57
CA TYR R 204 -34.98 44.36 10.26
C TYR R 204 -33.59 43.75 10.31
N PHE R 205 -33.27 42.99 9.27
CA PHE R 205 -32.11 42.10 9.29
C PHE R 205 -31.55 41.90 7.88
N PRO S 16 -1.93 58.36 53.65
CA PRO S 16 -2.45 58.52 52.28
C PRO S 16 -3.77 59.27 52.20
N ASP S 17 -4.29 59.69 53.36
CA ASP S 17 -5.59 60.34 53.44
C ASP S 17 -5.50 61.75 54.02
N ILE S 18 -4.71 61.94 55.07
CA ILE S 18 -4.73 63.16 55.88
C ILE S 18 -3.53 64.05 55.57
N PRO S 19 -3.70 65.37 55.62
CA PRO S 19 -2.56 66.29 55.41
C PRO S 19 -1.91 66.81 56.68
N ARG S 20 -2.37 66.42 57.88
CA ARG S 20 -1.96 67.08 59.11
C ARG S 20 -1.07 66.22 59.99
N GLY S 21 -1.54 65.05 60.42
CA GLY S 21 -0.84 64.24 61.38
C GLY S 21 -1.32 62.80 61.39
N CYS S 22 -0.42 61.89 61.77
CA CYS S 22 -0.61 60.45 61.62
C CYS S 22 -1.50 59.83 62.69
N GLU S 23 -2.28 60.64 63.40
CA GLU S 23 -3.32 60.11 64.28
C GLU S 23 -4.40 59.40 63.48
N GLY S 24 -5.12 58.51 64.14
CA GLY S 24 -6.26 57.87 63.54
C GLY S 24 -7.37 58.88 63.28
N PRO S 25 -8.04 58.75 62.13
CA PRO S 25 -9.15 59.67 61.82
C PRO S 25 -10.36 59.42 62.71
N CYS S 26 -10.29 59.94 63.93
CA CYS S 26 -11.25 59.59 64.96
C CYS S 26 -12.60 60.26 64.72
N LYS S 27 -13.67 59.50 64.94
CA LYS S 27 -15.02 59.98 64.71
C LYS S 27 -15.55 60.66 65.97
N VAL S 28 -16.13 61.84 65.79
CA VAL S 28 -16.90 62.52 66.83
C VAL S 28 -18.25 62.87 66.21
N GLN S 29 -19.28 62.13 66.58
CA GLN S 29 -20.57 62.24 65.93
C GLN S 29 -21.54 63.05 66.78
N SER S 30 -22.08 64.12 66.21
CA SER S 30 -23.05 64.98 66.89
C SER S 30 -24.42 64.54 66.40
N PHE S 31 -24.94 63.47 67.01
CA PHE S 31 -26.31 63.09 66.74
C PHE S 31 -27.25 64.07 67.40
N GLU S 32 -28.34 64.38 66.70
CA GLU S 32 -29.44 65.12 67.29
C GLU S 32 -30.72 64.33 67.12
N GLN S 33 -31.59 64.45 68.13
CA GLN S 33 -32.99 64.05 68.01
C GLN S 33 -33.74 65.33 68.37
N ARG S 34 -33.90 66.20 67.38
CA ARG S 34 -34.35 67.56 67.63
C ARG S 34 -35.36 67.99 66.58
N ASP S 35 -35.66 69.28 66.55
CA ASP S 35 -36.47 69.91 65.53
C ASP S 35 -35.95 71.32 65.33
N ASP S 36 -36.75 72.16 64.69
CA ASP S 36 -36.40 73.56 64.56
C ASP S 36 -37.66 74.40 64.71
N VAL S 37 -37.51 75.71 64.49
CA VAL S 37 -38.64 76.62 64.32
C VAL S 37 -38.50 77.20 62.93
N LYS S 38 -39.36 78.15 62.57
CA LYS S 38 -39.23 78.81 61.27
C LYS S 38 -37.94 79.59 61.17
N HIS S 39 -37.54 80.28 62.24
CA HIS S 39 -36.41 81.20 62.19
C HIS S 39 -35.09 80.45 62.21
N LEU S 40 -34.93 79.51 63.14
CA LEU S 40 -33.59 78.99 63.36
C LEU S 40 -33.63 77.57 63.90
N GLY S 41 -32.71 76.75 63.39
CA GLY S 41 -32.26 75.56 64.10
C GLY S 41 -30.76 75.64 64.20
N ILE S 42 -30.25 75.83 65.41
CA ILE S 42 -28.83 76.14 65.60
C ILE S 42 -28.11 74.91 66.12
N CYS S 43 -26.97 74.61 65.50
CA CYS S 43 -26.17 73.43 65.86
C CYS S 43 -24.70 73.77 65.67
N LYS S 44 -24.00 74.11 66.75
CA LYS S 44 -22.55 74.05 66.73
C LYS S 44 -22.12 72.60 66.71
N VAL S 45 -21.49 72.17 65.61
CA VAL S 45 -21.22 70.75 65.40
C VAL S 45 -19.95 70.34 66.11
N ILE S 46 -19.10 71.30 66.47
CA ILE S 46 -17.80 71.03 67.06
C ILE S 46 -17.86 71.21 68.59
N SER S 47 -19.06 71.09 69.17
CA SER S 47 -19.32 71.57 70.52
C SER S 47 -18.71 70.64 71.57
N ASP S 48 -19.11 69.36 71.57
CA ASP S 48 -18.77 68.43 72.64
C ASP S 48 -17.38 67.82 72.51
N VAL S 49 -16.47 68.42 71.75
CA VAL S 49 -15.15 67.85 71.53
C VAL S 49 -14.23 68.39 72.63
N THR S 50 -14.00 67.58 73.66
CA THR S 50 -13.14 67.94 74.78
C THR S 50 -11.84 67.15 74.71
N ARG S 51 -10.86 67.57 75.52
CA ARG S 51 -9.60 66.86 75.59
C ARG S 51 -9.77 65.55 76.36
N GLY S 52 -9.28 64.46 75.76
CA GLY S 52 -9.35 63.16 76.39
C GLY S 52 -8.64 62.10 75.55
N PRO S 53 -8.41 60.93 76.15
CA PRO S 53 -7.69 59.88 75.42
C PRO S 53 -8.56 59.13 74.41
N GLY S 54 -9.88 59.17 74.56
CA GLY S 54 -10.76 58.43 73.68
C GLY S 54 -10.84 59.04 72.28
N LEU S 55 -11.45 58.28 71.38
CA LEU S 55 -11.61 58.73 70.00
C LEU S 55 -12.79 59.66 69.82
N THR S 56 -13.62 59.85 70.84
CA THR S 56 -14.62 60.91 70.85
C THR S 56 -14.08 62.19 71.48
N HIS S 57 -12.77 62.41 71.40
CA HIS S 57 -12.09 63.49 72.09
C HIS S 57 -11.05 64.08 71.15
N ARG S 58 -10.15 64.89 71.71
CA ARG S 58 -9.19 65.62 70.90
C ARG S 58 -7.84 65.66 71.62
N VAL S 59 -6.79 65.88 70.82
CA VAL S 59 -5.43 66.06 71.33
C VAL S 59 -4.98 67.46 70.93
N GLY S 60 -4.82 68.32 71.94
CA GLY S 60 -4.43 69.69 71.70
C GLY S 60 -5.59 70.61 71.38
N LYS S 61 -5.38 71.56 70.47
CA LYS S 61 -6.41 72.52 70.11
C LYS S 61 -6.43 72.82 68.61
N ARG S 62 -5.90 71.89 67.80
CA ARG S 62 -5.82 72.07 66.36
C ARG S 62 -6.57 70.94 65.65
N PHE S 63 -7.50 71.30 64.77
CA PHE S 63 -8.25 70.34 63.98
C PHE S 63 -7.96 70.54 62.51
N CYS S 64 -8.18 69.46 61.74
CA CYS S 64 -8.36 69.53 60.29
C CYS S 64 -9.48 68.56 59.97
N ILE S 65 -10.71 69.08 59.91
CA ILE S 65 -11.87 68.26 59.62
C ILE S 65 -11.78 67.75 58.18
N LYS S 66 -11.67 66.43 58.02
CA LYS S 66 -11.59 65.85 56.69
C LYS S 66 -12.92 65.94 55.97
N SER S 67 -13.99 65.45 56.59
CA SER S 67 -15.30 65.51 55.97
C SER S 67 -16.39 65.49 57.02
N ILE S 68 -17.47 66.19 56.72
CA ILE S 68 -18.72 66.11 57.46
C ILE S 68 -19.66 65.20 56.69
N TYR S 69 -20.14 64.15 57.36
CA TYR S 69 -21.04 63.16 56.76
C TYR S 69 -22.40 63.31 57.40
N ILE S 70 -23.34 63.91 56.68
CA ILE S 70 -24.65 64.26 57.21
C ILE S 70 -25.63 63.17 56.83
N LEU S 71 -26.05 62.38 57.81
CA LEU S 71 -27.25 61.57 57.71
C LEU S 71 -28.42 62.34 58.28
N GLY S 72 -29.63 61.86 57.99
CA GLY S 72 -30.79 62.51 58.55
C GLY S 72 -32.10 62.16 57.89
N LYS S 73 -33.15 62.01 58.70
CA LYS S 73 -34.50 61.82 58.23
C LYS S 73 -35.35 63.00 58.69
N ILE S 74 -36.02 63.64 57.73
CA ILE S 74 -36.72 64.89 57.98
C ILE S 74 -38.20 64.63 57.72
N TRP S 75 -39.01 64.57 58.78
CA TRP S 75 -40.40 64.20 58.64
C TRP S 75 -41.30 65.25 59.25
N LEU S 76 -42.60 65.00 59.09
CA LEU S 76 -43.66 65.68 59.81
C LEU S 76 -44.74 64.71 60.27
N ASP S 77 -44.39 63.43 60.48
CA ASP S 77 -45.37 62.35 60.58
C ASP S 77 -45.95 62.23 61.99
N GLU S 78 -45.88 63.30 62.79
CA GLU S 78 -46.75 63.45 63.94
C GLU S 78 -48.21 63.53 63.47
N THR S 79 -49.14 63.17 64.34
CA THR S 79 -50.56 63.13 63.98
C THR S 79 -51.19 64.50 63.73
N ILE S 80 -50.43 65.57 63.97
CA ILE S 80 -50.87 66.94 63.73
C ILE S 80 -49.96 67.44 62.61
N LYS S 81 -50.10 68.71 62.22
CA LYS S 81 -49.34 69.39 61.16
C LYS S 81 -49.61 68.78 59.78
N LYS S 82 -50.84 68.33 59.56
CA LYS S 82 -51.34 68.12 58.22
C LYS S 82 -51.98 69.36 57.62
N GLN S 83 -52.56 70.25 58.43
CA GLN S 83 -52.94 71.58 57.99
C GLN S 83 -51.73 72.51 58.04
N ASN S 84 -51.87 73.67 57.39
CA ASN S 84 -50.83 74.68 57.21
C ASN S 84 -49.58 74.08 56.58
N HIS S 85 -49.80 73.24 55.58
CA HIS S 85 -48.80 72.28 55.09
C HIS S 85 -47.96 72.81 53.94
N THR S 86 -47.24 71.91 53.29
CA THR S 86 -46.28 72.14 52.19
C THR S 86 -45.14 73.07 52.56
N ASN S 87 -44.28 72.64 53.47
CA ASN S 87 -43.08 73.38 53.84
C ASN S 87 -41.85 72.62 53.34
N ASN S 88 -40.74 73.33 53.16
CA ASN S 88 -39.49 72.71 52.76
C ASN S 88 -38.34 73.21 53.65
N VAL S 89 -37.24 72.46 53.63
CA VAL S 89 -36.12 72.70 54.52
C VAL S 89 -34.90 73.07 53.67
N ILE S 90 -34.29 74.21 53.98
CA ILE S 90 -33.04 74.61 53.34
C ILE S 90 -31.94 74.52 54.40
N PHE S 91 -30.90 73.75 54.09
CA PHE S 91 -29.79 73.62 55.03
C PHE S 91 -28.70 74.65 54.72
N TYR S 92 -27.95 75.00 55.76
CA TYR S 92 -26.87 75.97 55.65
C TYR S 92 -25.68 75.46 56.45
N LEU S 93 -24.56 75.27 55.77
CA LEU S 93 -23.33 74.83 56.41
C LEU S 93 -22.30 75.93 56.19
N LEU S 94 -22.02 76.69 57.25
CA LEU S 94 -21.26 77.94 57.13
C LEU S 94 -19.86 77.76 57.69
N ARG S 95 -18.89 78.40 57.04
CA ARG S 95 -17.55 78.52 57.58
C ARG S 95 -17.49 79.82 58.40
N ASP S 96 -17.42 79.69 59.72
CA ASP S 96 -17.42 80.83 60.61
C ASP S 96 -16.00 81.37 60.76
N ARG S 97 -15.90 82.67 61.04
CA ARG S 97 -14.61 83.34 61.17
C ARG S 97 -14.23 83.67 62.61
N ARG S 98 -15.20 83.88 63.50
CA ARG S 98 -14.91 84.26 64.87
C ARG S 98 -16.08 83.84 65.76
N PRO S 99 -15.82 83.48 67.01
CA PRO S 99 -16.93 83.17 67.93
C PRO S 99 -17.28 84.34 68.83
N TYR S 100 -18.44 84.26 69.48
CA TYR S 100 -18.78 85.12 70.62
C TYR S 100 -19.47 84.24 71.65
N GLY S 101 -18.69 83.60 72.52
CA GLY S 101 -19.23 82.74 73.56
C GLY S 101 -20.04 81.57 73.05
N ASN S 102 -21.36 81.68 73.21
CA ASN S 102 -22.30 80.70 72.67
C ASN S 102 -22.55 80.97 71.19
N ALA S 103 -23.58 80.34 70.64
CA ALA S 103 -23.91 80.51 69.23
C ALA S 103 -24.61 81.85 69.02
N PRO S 104 -24.30 82.56 67.93
CA PRO S 104 -24.98 83.84 67.66
C PRO S 104 -26.38 83.66 67.11
N GLN S 105 -27.01 84.76 66.72
CA GLN S 105 -28.35 84.72 66.15
C GLN S 105 -28.30 84.12 64.75
N ASP S 106 -29.49 83.81 64.22
CA ASP S 106 -29.62 83.45 62.81
C ASP S 106 -30.25 84.57 61.99
N PHE S 107 -31.47 84.98 62.35
CA PHE S 107 -32.21 85.96 61.56
C PHE S 107 -31.60 87.35 61.68
N GLY S 108 -30.92 87.62 62.80
CA GLY S 108 -30.15 88.83 62.94
C GLY S 108 -28.73 88.73 62.42
N GLN S 109 -28.34 87.58 61.88
CA GLN S 109 -27.01 87.38 61.32
C GLN S 109 -27.02 87.19 59.82
N ILE S 110 -27.77 86.20 59.31
CA ILE S 110 -28.00 86.17 57.87
C ILE S 110 -29.06 87.21 57.51
N PHE S 111 -29.05 87.63 56.24
CA PHE S 111 -29.54 88.95 55.89
C PHE S 111 -31.07 89.03 55.86
N ASN S 112 -31.71 88.27 54.98
CA ASN S 112 -33.11 88.54 54.68
C ASN S 112 -33.92 87.28 55.00
N MET S 113 -35.22 87.33 54.66
CA MET S 113 -36.17 86.30 55.08
C MET S 113 -36.05 85.04 54.22
N PHE S 114 -35.24 84.11 54.72
CA PHE S 114 -35.25 82.66 54.51
C PHE S 114 -34.76 82.25 53.12
N ASP S 115 -34.51 83.17 52.21
CA ASP S 115 -33.81 82.93 50.96
C ASP S 115 -32.76 84.02 50.81
N ASN S 116 -31.57 83.78 51.34
CA ASN S 116 -30.64 84.88 51.56
C ASN S 116 -29.20 84.37 51.60
N GLU S 117 -28.33 85.27 52.05
CA GLU S 117 -26.90 85.13 52.24
C GLU S 117 -26.58 85.79 53.58
N PRO S 118 -25.36 85.68 54.11
CA PRO S 118 -24.99 86.52 55.26
C PRO S 118 -24.97 87.99 54.90
N SER S 119 -25.10 88.83 55.94
CA SER S 119 -25.20 90.27 55.75
C SER S 119 -23.86 90.86 55.28
N THR S 120 -23.95 92.08 54.76
CA THR S 120 -22.76 92.76 54.24
C THR S 120 -21.78 93.15 55.34
N ALA S 121 -22.26 93.36 56.57
CA ALA S 121 -21.39 93.70 57.68
C ALA S 121 -20.87 92.49 58.44
N THR S 122 -21.14 91.28 57.95
CA THR S 122 -20.81 90.05 58.68
C THR S 122 -19.77 89.20 57.97
N ILE S 123 -19.38 89.54 56.75
CA ILE S 123 -18.45 88.72 55.99
C ILE S 123 -17.04 88.82 56.54
N PHE S 131 -19.98 86.04 57.68
CA PHE S 131 -19.34 84.74 57.88
C PHE S 131 -19.39 83.99 56.55
N GLN S 132 -18.38 83.17 56.29
CA GLN S 132 -18.32 82.47 55.02
C GLN S 132 -19.32 81.32 55.00
N VAL S 133 -19.67 80.91 53.79
CA VAL S 133 -20.62 79.84 53.51
C VAL S 133 -19.82 78.72 52.87
N LEU S 134 -20.23 77.47 53.09
CA LEU S 134 -19.68 76.39 52.28
C LEU S 134 -20.65 75.90 51.21
N ARG S 135 -21.80 75.34 51.61
CA ARG S 135 -22.82 74.89 50.66
C ARG S 135 -24.20 74.94 51.29
N LYS S 136 -25.20 74.53 50.51
CA LYS S 136 -26.59 74.46 50.92
C LYS S 136 -27.14 73.08 50.59
N PHE S 137 -28.36 72.80 51.05
CA PHE S 137 -29.06 71.55 50.69
C PHE S 137 -30.54 71.84 50.55
N HIS S 138 -31.31 70.81 50.22
CA HIS S 138 -32.75 70.91 50.06
C HIS S 138 -33.42 69.69 50.69
N ALA S 139 -34.64 69.90 51.19
CA ALA S 139 -35.48 68.83 51.69
C ALA S 139 -36.92 69.33 51.65
N THR S 140 -37.76 68.68 50.86
CA THR S 140 -39.12 69.15 50.58
C THR S 140 -40.13 68.12 51.10
N VAL S 141 -40.81 68.46 52.19
CA VAL S 141 -41.80 67.58 52.78
C VAL S 141 -43.19 68.21 52.64
N VAL S 142 -43.95 67.75 51.64
CA VAL S 142 -45.25 68.36 51.36
C VAL S 142 -46.37 67.36 51.64
N GLY S 143 -46.99 67.47 52.82
CA GLY S 143 -48.07 66.57 53.14
C GLY S 143 -49.29 67.21 53.76
N GLY S 144 -50.42 67.16 53.06
CA GLY S 144 -51.64 67.75 53.59
C GLY S 144 -52.69 66.71 53.94
N LEU S 145 -53.72 66.59 53.11
CA LEU S 145 -54.76 65.60 53.31
C LEU S 145 -55.06 64.91 51.99
N TYR S 146 -55.77 63.79 52.09
CA TYR S 146 -56.34 62.98 51.01
C TYR S 146 -55.33 62.37 50.04
N CYS S 147 -54.02 62.49 50.26
CA CYS S 147 -53.16 61.44 49.72
C CYS S 147 -52.28 60.84 50.83
N MET S 148 -51.57 61.60 51.69
CA MET S 148 -51.00 62.95 51.51
C MET S 148 -49.57 62.73 50.98
N LYS S 149 -49.28 63.28 49.80
CA LYS S 149 -48.08 62.82 49.11
C LYS S 149 -46.90 63.78 49.30
N GLU S 150 -46.30 63.66 50.48
CA GLU S 150 -44.85 63.52 50.77
C GLU S 150 -44.66 63.48 52.27
N GLN S 151 -43.54 62.88 52.69
CA GLN S 151 -43.19 62.61 54.08
C GLN S 151 -41.68 62.47 54.21
N ALA S 152 -41.26 61.76 55.26
CA ALA S 152 -39.87 61.55 55.69
C ALA S 152 -38.93 61.23 54.53
N LEU S 153 -37.95 62.11 54.32
CA LEU S 153 -36.96 61.95 53.27
C LEU S 153 -35.62 61.62 53.91
N VAL S 154 -34.80 60.83 53.20
CA VAL S 154 -33.49 60.46 53.71
C VAL S 154 -32.42 61.21 52.92
N LYS S 155 -31.47 61.83 53.65
CA LYS S 155 -30.42 62.60 53.02
C LYS S 155 -29.06 62.12 53.55
N ARG S 156 -28.20 61.67 52.64
CA ARG S 156 -26.81 61.36 52.96
C ARG S 156 -25.91 62.18 52.05
N PHE S 157 -24.82 62.70 52.60
CA PHE S 157 -23.91 63.58 51.84
C PHE S 157 -22.49 63.44 52.39
N TYR S 158 -21.57 62.99 51.53
CA TYR S 158 -20.16 63.31 51.72
C TYR S 158 -19.94 64.80 51.50
N ARG S 159 -19.11 65.43 52.35
CA ARG S 159 -18.86 66.87 52.22
C ARG S 159 -17.50 67.15 52.83
N LEU S 160 -16.49 67.34 51.97
CA LEU S 160 -15.13 67.59 52.42
C LEU S 160 -14.97 69.03 52.88
N ASN S 161 -14.20 69.22 53.95
CA ASN S 161 -14.04 70.54 54.58
C ASN S 161 -12.60 70.67 55.06
N HIS S 162 -12.34 71.64 55.94
CA HIS S 162 -10.97 71.99 56.31
C HIS S 162 -10.93 72.41 57.78
N HIS S 163 -9.84 73.06 58.17
CA HIS S 163 -9.31 73.09 59.54
C HIS S 163 -10.12 73.96 60.48
N VAL S 164 -9.99 73.64 61.78
CA VAL S 164 -10.67 74.30 62.89
C VAL S 164 -9.65 74.46 64.02
N THR S 165 -9.68 75.60 64.73
CA THR S 165 -8.81 75.84 65.87
C THR S 165 -9.64 76.12 67.11
N TYR S 166 -9.23 75.59 68.25
CA TYR S 166 -9.75 76.01 69.55
C TYR S 166 -8.79 76.98 70.22
N ASN S 167 -9.35 77.90 71.01
CA ASN S 167 -8.55 78.91 71.69
C ASN S 167 -7.88 78.33 72.94
N HIS S 168 -8.69 77.92 73.91
CA HIS S 168 -8.16 77.50 75.20
C HIS S 168 -7.67 76.05 75.13
N GLN S 169 -6.82 75.70 76.09
CA GLN S 169 -6.30 74.34 76.23
C GLN S 169 -7.11 73.53 77.21
N GLU S 170 -8.38 73.88 77.39
CA GLU S 170 -9.28 73.23 78.32
C GLU S 170 -9.82 71.95 77.72
N ALA S 171 -10.45 71.14 78.58
CA ALA S 171 -11.30 70.03 78.13
C ALA S 171 -12.76 70.51 78.08
N GLY S 172 -12.96 71.60 77.35
CA GLY S 172 -14.21 72.35 77.40
C GLY S 172 -15.08 72.17 76.17
N LYS S 173 -16.25 72.79 76.26
CA LYS S 173 -17.29 72.72 75.24
C LYS S 173 -17.09 73.85 74.23
N TYR S 174 -18.13 74.16 73.44
CA TYR S 174 -18.10 75.12 72.35
C TYR S 174 -17.78 76.56 72.75
N GLU S 175 -17.70 76.88 74.05
CA GLU S 175 -17.58 78.27 74.47
C GLU S 175 -16.19 78.84 74.22
N ASN S 176 -15.17 78.01 74.19
CA ASN S 176 -13.78 78.48 74.12
C ASN S 176 -13.21 78.43 72.70
N HIS S 177 -14.02 78.73 71.69
CA HIS S 177 -13.57 78.69 70.30
C HIS S 177 -12.67 79.89 69.96
N THR S 178 -12.18 79.88 68.73
CA THR S 178 -11.42 80.97 68.13
C THR S 178 -11.73 80.94 66.62
N GLU S 179 -10.83 81.53 65.82
CA GLU S 179 -10.95 81.57 64.37
C GLU S 179 -11.20 80.20 63.75
N ASN S 180 -11.90 80.22 62.61
CA ASN S 180 -12.27 79.05 61.79
C ASN S 180 -13.11 78.05 62.57
N ALA S 181 -14.29 78.50 62.97
CA ALA S 181 -15.35 77.62 63.42
C ALA S 181 -16.23 77.25 62.22
N LEU S 182 -17.11 76.28 62.43
CA LEU S 182 -18.09 75.89 61.43
C LEU S 182 -19.26 75.22 62.12
N LEU S 183 -20.46 75.51 61.64
CA LEU S 183 -21.69 75.06 62.30
C LEU S 183 -22.82 75.04 61.29
N LEU S 184 -24.00 74.67 61.74
CA LEU S 184 -25.17 74.50 60.88
C LEU S 184 -26.29 75.44 61.28
N TYR S 185 -27.09 75.81 60.26
CA TYR S 185 -28.38 76.44 60.47
C TYR S 185 -29.41 75.72 59.61
N MET S 186 -30.59 75.49 60.18
CA MET S 186 -31.71 74.89 59.46
C MET S 186 -32.83 75.90 59.42
N ALA S 187 -33.53 75.97 58.29
CA ALA S 187 -34.52 77.00 58.05
C ALA S 187 -35.81 76.40 57.52
N CYS S 188 -36.93 76.79 58.13
CA CYS S 188 -38.26 76.50 57.60
C CYS S 188 -38.80 77.72 56.88
N THR S 189 -39.72 77.49 55.96
CA THR S 189 -40.21 78.55 55.08
C THR S 189 -41.69 78.87 55.28
N HIS S 190 -42.31 78.40 56.35
CA HIS S 190 -43.72 78.67 56.62
C HIS S 190 -43.94 78.84 58.12
N ALA S 191 -45.04 79.52 58.45
CA ALA S 191 -45.30 79.92 59.83
C ALA S 191 -45.62 78.74 60.73
N SER S 192 -46.15 77.65 60.18
CA SER S 192 -46.30 76.42 60.95
C SER S 192 -44.93 75.79 61.19
N ASN S 193 -44.89 74.87 62.15
CA ASN S 193 -43.64 74.15 62.40
C ASN S 193 -43.86 72.64 62.27
N PRO S 194 -43.93 72.10 61.04
CA PRO S 194 -44.12 70.64 60.92
C PRO S 194 -42.83 69.86 61.02
N VAL S 195 -41.68 70.49 60.81
CA VAL S 195 -40.43 69.80 60.54
C VAL S 195 -39.87 69.22 61.82
N TYR S 196 -39.83 67.89 61.90
CA TYR S 196 -39.11 67.17 62.94
C TYR S 196 -37.91 66.49 62.30
N ALA S 197 -36.81 67.24 62.22
CA ALA S 197 -35.60 66.81 61.52
C ALA S 197 -34.58 66.29 62.53
N THR S 198 -34.28 65.00 62.45
CA THR S 198 -33.26 64.38 63.28
C THR S 198 -32.12 63.94 62.38
N LEU S 199 -30.91 64.38 62.72
CA LEU S 199 -29.77 64.23 61.83
C LEU S 199 -28.60 63.60 62.57
N LYS S 200 -27.95 62.65 61.91
CA LYS S 200 -26.71 62.05 62.40
C LYS S 200 -25.54 62.64 61.62
N ILE S 201 -24.64 63.29 62.33
CA ILE S 201 -23.60 64.12 61.72
C ILE S 201 -22.25 63.55 62.15
N ARG S 202 -21.63 62.76 61.27
CA ARG S 202 -20.29 62.25 61.53
C ARG S 202 -19.24 63.26 61.07
N ILE S 203 -18.31 63.58 61.96
CA ILE S 203 -17.07 64.24 61.60
C ILE S 203 -15.94 63.29 61.95
N TYR S 204 -15.19 62.85 60.94
CA TYR S 204 -13.96 62.12 61.18
C TYR S 204 -12.80 62.90 60.60
N PHE S 205 -11.72 62.99 61.37
CA PHE S 205 -10.64 63.94 61.09
C PHE S 205 -9.30 63.41 61.62
N PRO T 16 -19.45 80.55 8.63
CA PRO T 16 -19.05 79.54 9.62
C PRO T 16 -20.21 78.66 10.09
N ASP T 17 -21.41 78.90 9.55
CA ASP T 17 -22.60 78.20 9.98
C ASP T 17 -23.26 77.43 8.84
N ILE T 18 -23.35 78.03 7.66
CA ILE T 18 -24.18 77.53 6.56
C ILE T 18 -23.34 76.86 5.48
N PRO T 19 -23.84 75.80 4.83
CA PRO T 19 -23.11 75.17 3.73
C PRO T 19 -23.53 75.62 2.34
N ARG T 20 -24.48 76.53 2.19
CA ARG T 20 -25.09 76.80 0.89
C ARG T 20 -24.74 78.16 0.31
N GLY T 21 -25.03 79.25 1.03
CA GLY T 21 -24.86 80.58 0.49
C GLY T 21 -24.85 81.64 1.57
N CYS T 22 -24.16 82.74 1.30
CA CYS T 22 -23.82 83.76 2.30
C CYS T 22 -24.97 84.72 2.60
N GLU T 23 -26.21 84.34 2.27
CA GLU T 23 -27.38 85.08 2.73
C GLU T 23 -27.50 84.98 4.24
N GLY T 24 -28.21 85.93 4.83
CA GLY T 24 -28.54 85.89 6.23
C GLY T 24 -29.48 84.74 6.53
N PRO T 25 -29.27 84.05 7.65
CA PRO T 25 -30.16 82.94 8.02
C PRO T 25 -31.53 83.43 8.44
N CYS T 26 -32.36 83.73 7.44
CA CYS T 26 -33.61 84.43 7.67
C CYS T 26 -34.65 83.52 8.30
N LYS T 27 -35.39 84.05 9.27
CA LYS T 27 -36.39 83.29 10.00
C LYS T 27 -37.73 83.39 9.27
N VAL T 28 -38.37 82.23 9.08
CA VAL T 28 -39.76 82.16 8.64
C VAL T 28 -40.49 81.28 9.63
N GLN T 29 -41.29 81.89 10.49
CA GLN T 29 -41.91 81.19 11.62
C GLN T 29 -43.35 80.86 11.31
N SER T 30 -43.71 79.59 11.46
CA SER T 30 -45.06 79.09 11.23
C SER T 30 -45.70 78.93 12.60
N PHE T 31 -46.20 80.03 13.15
CA PHE T 31 -46.98 79.94 14.37
C PHE T 31 -48.34 79.33 14.07
N GLU T 32 -48.81 78.50 14.99
CA GLU T 32 -50.17 78.01 14.94
C GLU T 32 -50.85 78.32 16.27
N GLN T 33 -52.14 78.62 16.18
CA GLN T 33 -53.04 78.62 17.33
C GLN T 33 -54.14 77.65 16.92
N ARG T 34 -53.87 76.36 17.11
CA ARG T 34 -54.68 75.30 16.54
C ARG T 34 -54.92 74.20 17.55
N ASP T 35 -55.44 73.07 17.06
CA ASP T 35 -55.57 71.85 17.82
C ASP T 35 -55.41 70.69 16.85
N ASP T 36 -55.83 69.51 17.27
CA ASP T 36 -55.82 68.36 16.38
C ASP T 36 -57.08 67.53 16.64
N VAL T 37 -57.13 66.38 15.99
CA VAL T 37 -58.11 65.34 16.30
C VAL T 37 -57.30 64.12 16.70
N LYS T 38 -57.96 62.99 16.93
CA LYS T 38 -57.24 61.76 17.24
C LYS T 38 -56.39 61.30 16.06
N HIS T 39 -56.92 61.41 14.85
CA HIS T 39 -56.24 60.85 13.69
C HIS T 39 -55.07 61.71 13.22
N LEU T 40 -55.29 63.02 13.11
CA LEU T 40 -54.30 63.83 12.41
C LEU T 40 -54.30 65.26 12.89
N GLY T 41 -53.10 65.81 13.04
CA GLY T 41 -52.90 67.24 12.99
C GLY T 41 -51.85 67.52 11.93
N ILE T 42 -52.24 68.13 10.82
CA ILE T 42 -51.36 68.24 9.67
C ILE T 42 -50.83 69.68 9.58
N CYS T 43 -49.52 69.77 9.37
CA CYS T 43 -48.85 71.08 9.29
C CYS T 43 -47.71 70.97 8.29
N LYS T 44 -47.93 71.43 7.06
CA LYS T 44 -46.79 71.72 6.19
C LYS T 44 -46.11 72.98 6.70
N VAL T 45 -44.91 72.84 7.14
CA VAL T 45 -44.24 73.93 7.85
C VAL T 45 -43.60 74.89 6.86
N ILE T 46 -43.40 74.46 5.62
CA ILE T 46 -42.72 75.25 4.61
C ILE T 46 -43.72 75.93 3.67
N SER T 47 -44.95 76.12 4.15
CA SER T 47 -46.08 76.44 3.28
C SER T 47 -46.04 77.89 2.78
N ASP T 48 -46.05 78.84 3.70
CA ASP T 48 -46.22 80.25 3.37
C ASP T 48 -44.93 80.94 2.91
N VAL T 49 -43.92 80.19 2.46
CA VAL T 49 -42.65 80.79 2.06
C VAL T 49 -42.74 81.11 0.57
N THR T 50 -43.00 82.38 0.26
CA THR T 50 -43.11 82.86 -1.11
C THR T 50 -41.90 83.70 -1.47
N ARG T 51 -41.75 83.99 -2.76
CA ARG T 51 -40.65 84.85 -3.21
C ARG T 51 -40.93 86.29 -2.85
N GLY T 52 -39.95 86.96 -2.24
CA GLY T 52 -40.07 88.34 -1.87
C GLY T 52 -38.79 88.88 -1.28
N PRO T 53 -38.68 90.20 -1.15
CA PRO T 53 -37.45 90.79 -0.62
C PRO T 53 -37.32 90.69 0.89
N GLY T 54 -38.43 90.49 1.62
CA GLY T 54 -38.38 90.45 3.06
C GLY T 54 -37.75 89.17 3.59
N LEU T 55 -37.48 89.19 4.90
CA LEU T 55 -36.86 88.04 5.56
C LEU T 55 -37.87 86.94 5.90
N THR T 56 -39.17 87.21 5.73
CA THR T 56 -40.20 86.17 5.78
C THR T 56 -40.47 85.57 4.42
N HIS T 57 -39.47 85.59 3.53
CA HIS T 57 -39.64 85.21 2.14
C HIS T 57 -38.41 84.40 1.72
N ARG T 58 -38.25 84.21 0.41
CA ARG T 58 -37.21 83.35 -0.13
C ARG T 58 -36.62 83.96 -1.39
N VAL T 59 -35.41 83.54 -1.70
CA VAL T 59 -34.72 83.92 -2.93
C VAL T 59 -34.47 82.64 -3.74
N GLY T 60 -35.17 82.51 -4.87
CA GLY T 60 -35.05 81.34 -5.70
C GLY T 60 -35.95 80.21 -5.28
N LYS T 61 -35.45 78.97 -5.39
CA LYS T 61 -36.26 77.81 -5.04
C LYS T 61 -35.43 76.74 -4.33
N ARG T 62 -34.32 77.14 -3.70
CA ARG T 62 -33.43 76.21 -3.02
C ARG T 62 -33.30 76.61 -1.55
N PHE T 63 -33.56 75.67 -0.65
CA PHE T 63 -33.43 75.88 0.78
C PHE T 63 -32.36 74.95 1.35
N CYS T 64 -31.78 75.36 2.44
CA CYS T 64 -31.05 74.46 3.33
C CYS T 64 -31.47 74.86 4.75
N ILE T 65 -32.49 74.18 5.27
CA ILE T 65 -32.99 74.47 6.61
C ILE T 65 -31.93 74.09 7.63
N LYS T 66 -31.43 75.10 8.36
CA LYS T 66 -30.41 74.85 9.37
C LYS T 66 -31.01 74.13 10.57
N SER T 67 -32.08 74.68 11.14
CA SER T 67 -32.69 74.04 12.29
C SER T 67 -34.16 74.44 12.39
N ILE T 68 -34.96 73.50 12.86
CA ILE T 68 -36.34 73.75 13.27
C ILE T 68 -36.35 73.89 14.79
N TYR T 69 -36.87 75.02 15.27
CA TYR T 69 -36.94 75.32 16.70
C TYR T 69 -38.40 75.30 17.11
N ILE T 70 -38.81 74.24 17.79
CA ILE T 70 -40.21 74.01 18.13
C ILE T 70 -40.46 74.50 19.54
N LEU T 71 -41.18 75.60 19.66
CA LEU T 71 -41.82 75.99 20.91
C LEU T 71 -43.25 75.45 20.91
N GLY T 72 -43.87 75.47 22.08
CA GLY T 72 -45.25 75.04 22.15
C GLY T 72 -45.75 74.70 23.54
N LYS T 73 -46.99 75.09 23.80
CA LYS T 73 -47.69 74.73 25.03
C LYS T 73 -48.89 73.87 24.68
N ILE T 74 -48.97 72.69 25.29
CA ILE T 74 -49.96 71.68 24.93
C ILE T 74 -50.86 71.49 26.16
N TRP T 75 -52.09 71.97 26.08
CA TRP T 75 -52.98 71.94 27.23
C TRP T 75 -54.28 71.25 26.89
N LEU T 76 -55.11 71.13 27.94
CA LEU T 76 -56.51 70.78 27.83
C LEU T 76 -57.36 71.62 28.77
N ASP T 77 -56.93 72.84 29.09
CA ASP T 77 -57.45 73.59 30.23
C ASP T 77 -58.72 74.36 29.87
N GLU T 78 -59.42 73.94 28.80
CA GLU T 78 -60.81 74.30 28.61
C GLU T 78 -61.64 73.70 29.75
N THR T 79 -62.80 74.32 30.04
CA THR T 79 -63.63 73.88 31.16
C THR T 79 -64.29 72.52 30.96
N ILE T 80 -64.12 71.92 29.78
CA ILE T 80 -64.65 70.59 29.46
C ILE T 80 -63.40 69.74 29.26
N LYS T 81 -63.57 68.46 28.90
CA LYS T 81 -62.52 67.46 28.66
C LYS T 81 -61.75 67.15 29.93
N LYS T 82 -62.43 67.16 31.07
CA LYS T 82 -61.94 66.49 32.27
C LYS T 82 -62.36 65.03 32.35
N GLN T 83 -63.50 64.66 31.77
CA GLN T 83 -63.84 63.26 31.56
C GLN T 83 -63.19 62.76 30.28
N ASN T 84 -63.18 61.43 30.11
CA ASN T 84 -62.54 60.70 29.02
C ASN T 84 -61.06 61.08 28.92
N HIS T 85 -60.42 61.17 30.08
CA HIS T 85 -59.14 61.86 30.23
C HIS T 85 -57.92 60.94 30.07
N THR T 86 -56.76 61.45 30.48
CA THR T 86 -55.43 60.83 30.38
C THR T 86 -55.02 60.49 28.96
N ASN T 87 -54.81 61.50 28.12
CA ASN T 87 -54.30 61.32 26.77
C ASN T 87 -52.89 61.89 26.68
N ASN T 88 -52.12 61.42 25.71
CA ASN T 88 -50.77 61.93 25.48
C ASN T 88 -50.57 62.24 24.00
N VAL T 89 -49.55 63.03 23.71
CA VAL T 89 -49.30 63.54 22.36
C VAL T 89 -47.95 62.99 21.90
N ILE T 90 -47.95 62.37 20.73
CA ILE T 90 -46.73 61.90 20.08
C ILE T 90 -46.50 62.77 18.85
N PHE T 91 -45.34 63.42 18.77
CA PHE T 91 -45.04 64.24 17.62
C PHE T 91 -44.29 63.46 16.56
N TYR T 92 -44.44 63.89 15.31
CA TYR T 92 -43.80 63.24 14.18
C TYR T 92 -43.25 64.30 13.25
N LEU T 93 -41.95 64.29 13.03
CA LEU T 93 -41.29 65.24 12.14
C LEU T 93 -40.66 64.41 11.02
N LEU T 94 -41.27 64.43 9.84
CA LEU T 94 -40.94 63.50 8.77
C LEU T 94 -40.17 64.21 7.67
N ARG T 95 -39.20 63.50 7.09
CA ARG T 95 -38.54 63.96 5.87
C ARG T 95 -39.31 63.37 4.68
N ASP T 96 -40.03 64.22 3.96
CA ASP T 96 -40.85 63.78 2.83
C ASP T 96 -40.00 63.69 1.57
N ARG T 97 -40.41 62.82 0.66
CA ARG T 97 -39.67 62.58 -0.58
C ARG T 97 -40.34 63.19 -1.81
N ARG T 98 -41.63 63.29 -1.76
CA ARG T 98 -42.32 63.79 -2.94
C ARG T 98 -43.65 64.40 -2.49
N PRO T 99 -44.12 65.44 -3.18
CA PRO T 99 -45.44 66.00 -2.85
C PRO T 99 -46.54 65.46 -3.77
N TYR T 100 -47.79 65.68 -3.38
CA TYR T 100 -48.94 65.54 -4.28
C TYR T 100 -49.89 66.69 -3.97
N GLY T 101 -49.67 67.83 -4.62
CA GLY T 101 -50.50 69.01 -4.44
C GLY T 101 -50.54 69.53 -3.01
N ASN T 102 -51.66 69.30 -2.34
CA ASN T 102 -51.82 69.62 -0.93
C ASN T 102 -51.17 68.53 -0.05
N ALA T 103 -51.47 68.57 1.24
CA ALA T 103 -50.91 67.59 2.16
C ALA T 103 -51.63 66.25 2.01
N PRO T 104 -50.90 65.13 2.08
CA PRO T 104 -51.55 63.82 1.97
C PRO T 104 -52.24 63.41 3.26
N GLN T 105 -52.76 62.18 3.29
CA GLN T 105 -53.41 61.65 4.48
C GLN T 105 -52.38 61.38 5.58
N ASP T 106 -52.89 61.11 6.78
CA ASP T 106 -52.05 60.61 7.87
C ASP T 106 -52.30 59.14 8.14
N PHE T 107 -53.55 58.78 8.48
CA PHE T 107 -53.85 57.41 8.88
C PHE T 107 -53.79 56.47 7.69
N GLY T 108 -54.02 56.97 6.48
CA GLY T 108 -53.79 56.20 5.28
C GLY T 108 -52.39 56.26 4.75
N GLN T 109 -51.49 56.97 5.43
CA GLN T 109 -50.10 57.07 5.01
C GLN T 109 -49.15 56.40 5.99
N ILE T 110 -49.18 56.79 7.27
CA ILE T 110 -48.47 55.98 8.27
C ILE T 110 -49.30 54.74 8.58
N PHE T 111 -48.63 53.70 9.01
CA PHE T 111 -49.11 52.33 8.81
C PHE T 111 -50.26 51.96 9.75
N ASN T 112 -50.03 51.98 11.06
CA ASN T 112 -50.97 51.34 11.97
C ASN T 112 -51.48 52.39 12.96
N MET T 113 -52.25 51.92 13.95
CA MET T 113 -52.99 52.81 14.85
C MET T 113 -52.07 53.37 15.94
N PHE T 114 -51.52 54.56 15.63
CA PHE T 114 -51.06 55.62 16.54
C PHE T 114 -49.74 55.28 17.23
N ASP T 115 -49.22 54.06 17.10
CA ASP T 115 -47.86 53.69 17.50
C ASP T 115 -47.25 52.92 16.35
N ASN T 116 -46.62 53.63 15.43
CA ASN T 116 -46.32 53.05 14.13
C ASN T 116 -45.13 53.74 13.47
N GLU T 117 -44.97 53.42 12.19
CA GLU T 117 -43.96 53.91 11.26
C GLU T 117 -44.69 54.17 9.95
N PRO T 118 -44.07 54.78 8.95
CA PRO T 118 -44.70 54.80 7.61
C PRO T 118 -44.81 53.42 7.02
N SER T 119 -45.74 53.29 6.07
CA SER T 119 -46.06 52.00 5.47
C SER T 119 -44.91 51.51 4.59
N THR T 120 -44.94 50.21 4.28
CA THR T 120 -43.91 49.59 3.47
C THR T 120 -43.92 50.07 2.03
N ALA T 121 -45.08 50.49 1.53
CA ALA T 121 -45.19 50.98 0.16
C ALA T 121 -44.96 52.48 0.05
N THR T 122 -44.58 53.15 1.14
CA THR T 122 -44.48 54.61 1.16
C THR T 122 -43.05 55.09 1.37
N ILE T 123 -42.10 54.21 1.64
CA ILE T 123 -40.73 54.63 1.93
C ILE T 123 -40.02 55.11 0.66
N PHE T 131 -42.27 57.46 3.35
CA PHE T 131 -41.59 58.74 3.52
C PHE T 131 -40.63 58.62 4.70
N GLN T 132 -39.51 59.32 4.64
CA GLN T 132 -38.53 59.20 5.71
C GLN T 132 -38.98 59.94 6.96
N VAL T 133 -38.41 59.52 8.08
CA VAL T 133 -38.71 60.07 9.41
C VAL T 133 -37.44 60.76 9.87
N LEU T 134 -37.57 61.83 10.66
CA LEU T 134 -36.41 62.35 11.35
C LEU T 134 -36.38 61.97 12.83
N ARG T 135 -37.35 62.44 13.63
CA ARG T 135 -37.43 62.10 15.04
C ARG T 135 -38.87 62.15 15.53
N LYS T 136 -39.05 61.86 16.82
CA LYS T 136 -40.33 61.88 17.50
C LYS T 136 -40.21 62.72 18.76
N PHE T 137 -41.34 62.98 19.42
CA PHE T 137 -41.36 63.67 20.71
C PHE T 137 -42.47 63.07 21.57
N HIS T 138 -42.58 63.58 22.80
CA HIS T 138 -43.62 63.15 23.74
C HIS T 138 -44.19 64.36 24.46
N ALA T 139 -45.47 64.24 24.82
CA ALA T 139 -46.16 65.24 25.63
C ALA T 139 -47.33 64.53 26.29
N THR T 140 -47.33 64.47 27.62
CA THR T 140 -48.31 63.69 28.37
C THR T 140 -49.13 64.62 29.26
N VAL T 141 -50.40 64.82 28.89
CA VAL T 141 -51.29 65.68 29.66
C VAL T 141 -52.41 64.83 30.26
N VAL T 142 -52.27 64.52 31.55
CA VAL T 142 -53.22 63.63 32.20
C VAL T 142 -53.99 64.39 33.29
N GLY T 143 -55.20 64.83 32.95
CA GLY T 143 -56.01 65.55 33.93
C GLY T 143 -57.46 65.13 33.98
N GLY T 144 -57.87 64.59 35.13
CA GLY T 144 -59.26 64.17 35.28
C GLY T 144 -60.01 65.02 36.29
N LEU T 145 -60.25 64.46 37.47
CA LEU T 145 -60.93 65.19 38.54
C LEU T 145 -60.19 64.95 39.85
N TYR T 146 -60.50 65.79 40.83
CA TYR T 146 -60.09 65.73 42.24
C TYR T 146 -58.58 65.89 42.47
N CYS T 147 -57.75 66.15 41.46
CA CYS T 147 -56.53 66.86 41.79
C CYS T 147 -56.39 68.13 40.92
N MET T 148 -56.55 68.12 39.58
CA MET T 148 -56.34 67.03 38.62
C MET T 148 -54.89 67.18 38.14
N LYS T 149 -54.08 66.14 38.32
CA LYS T 149 -52.65 66.35 38.21
C LYS T 149 -52.11 65.90 36.85
N GLU T 150 -52.33 66.76 35.86
CA GLU T 150 -51.39 67.30 34.86
C GLU T 150 -52.15 68.20 33.91
N GLN T 151 -51.40 69.12 33.29
CA GLN T 151 -51.92 70.18 32.43
C GLN T 151 -50.83 70.64 31.48
N ALA T 152 -50.97 71.88 30.99
CA ALA T 152 -50.14 72.55 29.99
C ALA T 152 -48.65 72.34 30.23
N LEU T 153 -47.99 71.69 29.27
CA LEU T 153 -46.56 71.43 29.33
C LEU T 153 -45.85 72.29 28.29
N VAL T 154 -44.61 72.69 28.60
CA VAL T 154 -43.85 73.52 27.68
C VAL T 154 -42.75 72.67 27.06
N LYS T 155 -42.61 72.74 25.73
CA LYS T 155 -41.62 71.97 25.00
C LYS T 155 -40.81 72.90 24.11
N ARG T 156 -39.49 72.92 24.33
CA ARG T 156 -38.56 73.60 23.43
C ARG T 156 -37.52 72.60 22.96
N PHE T 157 -37.15 72.68 21.67
CA PHE T 157 -36.23 71.73 21.08
C PHE T 157 -35.45 72.40 19.95
N TYR T 158 -34.13 72.46 20.08
CA TYR T 158 -33.26 72.57 18.92
C TYR T 158 -33.31 71.27 18.12
N ARG T 159 -33.35 71.39 16.79
CA ARG T 159 -33.44 70.20 15.94
C ARG T 159 -32.84 70.56 14.58
N LEU T 160 -31.61 70.12 14.35
CA LEU T 160 -30.91 70.42 13.10
C LEU T 160 -31.42 69.53 11.96
N ASN T 161 -31.54 70.11 10.77
CA ASN T 161 -32.12 69.42 9.62
C ASN T 161 -31.36 69.85 8.37
N HIS T 162 -31.93 69.60 7.20
CA HIS T 162 -31.21 69.77 5.93
C HIS T 162 -32.17 70.26 4.85
N HIS T 163 -31.74 70.14 3.59
CA HIS T 163 -32.17 70.98 2.48
C HIS T 163 -33.58 70.65 1.98
N VAL T 164 -34.20 71.64 1.34
CA VAL T 164 -35.55 71.60 0.78
C VAL T 164 -35.50 72.29 -0.58
N THR T 165 -36.21 71.74 -1.53
CA THR T 165 -36.29 72.33 -2.85
C THR T 165 -37.74 72.62 -3.20
N TYR T 166 -38.00 73.77 -3.84
CA TYR T 166 -39.28 74.03 -4.48
C TYR T 166 -39.19 73.79 -5.98
N ASN T 167 -40.31 73.37 -6.57
CA ASN T 167 -40.34 73.07 -8.00
C ASN T 167 -40.47 74.35 -8.82
N HIS T 168 -41.58 75.06 -8.67
CA HIS T 168 -41.83 76.22 -9.51
C HIS T 168 -41.09 77.44 -9.01
N GLN T 169 -40.94 78.42 -9.91
CA GLN T 169 -40.31 79.69 -9.60
C GLN T 169 -41.33 80.76 -9.23
N GLU T 170 -42.48 80.33 -8.72
CA GLU T 170 -43.58 81.20 -8.35
C GLU T 170 -43.32 81.82 -6.98
N ALA T 171 -44.12 82.83 -6.67
CA ALA T 171 -44.24 83.33 -5.29
C ALA T 171 -45.43 82.66 -4.61
N GLY T 172 -45.40 81.32 -4.63
CA GLY T 172 -46.55 80.52 -4.29
C GLY T 172 -46.43 79.83 -2.93
N LYS T 173 -47.52 79.15 -2.58
CA LYS T 173 -47.67 78.46 -1.32
C LYS T 173 -47.18 77.01 -1.46
N TYR T 174 -47.56 76.14 -0.52
CA TYR T 174 -47.10 74.76 -0.41
C TYR T 174 -47.44 73.87 -1.60
N GLU T 175 -48.25 74.33 -2.56
CA GLU T 175 -48.75 73.45 -3.62
C GLU T 175 -47.68 73.11 -4.64
N ASN T 176 -46.67 73.96 -4.83
CA ASN T 176 -45.69 73.78 -5.90
C ASN T 176 -44.38 73.16 -5.41
N HIS T 177 -44.47 72.21 -4.49
CA HIS T 177 -43.27 71.56 -3.95
C HIS T 177 -42.67 70.57 -4.94
N THR T 178 -41.55 69.99 -4.54
CA THR T 178 -40.86 68.90 -5.23
C THR T 178 -40.19 68.05 -4.16
N GLU T 179 -39.16 67.29 -4.56
CA GLU T 179 -38.37 66.43 -3.68
C GLU T 179 -37.86 67.17 -2.45
N ASN T 180 -37.71 66.40 -1.36
CA ASN T 180 -37.20 66.83 -0.05
C ASN T 180 -38.09 67.92 0.55
N ALA T 181 -39.35 67.57 0.77
CA ALA T 181 -40.21 68.33 1.65
C ALA T 181 -40.06 67.81 3.08
N LEU T 182 -40.61 68.56 4.03
CA LEU T 182 -40.65 68.14 5.42
C LEU T 182 -41.80 68.84 6.12
N LEU T 183 -42.48 68.11 7.00
CA LEU T 183 -43.69 68.63 7.62
C LEU T 183 -43.92 67.86 8.93
N LEU T 184 -45.01 68.19 9.60
CA LEU T 184 -45.33 67.64 10.92
C LEU T 184 -46.64 66.88 10.90
N TYR T 185 -46.72 65.88 11.78
CA TYR T 185 -47.98 65.25 12.14
C TYR T 185 -48.05 65.17 13.65
N MET T 186 -49.24 65.44 14.19
CA MET T 186 -49.50 65.32 15.62
C MET T 186 -50.57 64.28 15.82
N ALA T 187 -50.43 63.46 16.87
CA ALA T 187 -51.28 62.31 17.07
C ALA T 187 -51.80 62.27 18.51
N CYS T 188 -53.10 62.08 18.66
CA CYS T 188 -53.71 61.78 19.94
C CYS T 188 -53.98 60.28 20.04
N THR T 189 -54.05 59.79 21.27
CA THR T 189 -54.15 58.35 21.52
C THR T 189 -55.46 57.93 22.16
N HIS T 190 -56.47 58.80 22.19
CA HIS T 190 -57.76 58.46 22.77
C HIS T 190 -58.89 59.11 21.98
N ALA T 191 -60.08 58.53 22.11
CA ALA T 191 -61.22 58.93 21.28
C ALA T 191 -61.72 60.33 21.60
N SER T 192 -61.52 60.81 22.82
CA SER T 192 -61.81 62.21 23.13
C SER T 192 -60.76 63.11 22.47
N ASN T 193 -61.09 64.39 22.39
CA ASN T 193 -60.12 65.34 21.85
C ASN T 193 -59.84 66.45 22.86
N PRO T 194 -59.02 66.21 23.89
CA PRO T 194 -58.74 67.29 24.85
C PRO T 194 -57.64 68.21 24.40
N VAL T 195 -56.79 67.79 23.46
CA VAL T 195 -55.51 68.43 23.20
C VAL T 195 -55.73 69.73 22.42
N TYR T 196 -55.42 70.84 23.06
CA TYR T 196 -55.34 72.15 22.41
C TYR T 196 -53.87 72.56 22.37
N ALA T 197 -53.17 72.12 21.33
CA ALA T 197 -51.74 72.31 21.20
C ALA T 197 -51.45 73.46 20.26
N THR T 198 -50.86 74.53 20.81
CA THR T 198 -50.44 75.68 20.01
C THR T 198 -48.93 75.76 20.04
N LEU T 199 -48.32 75.81 18.86
CA LEU T 199 -46.88 75.65 18.72
C LEU T 199 -46.30 76.79 17.91
N LYS T 200 -45.17 77.31 18.37
CA LYS T 200 -44.39 78.30 17.64
C LYS T 200 -43.18 77.61 17.04
N ILE T 201 -43.08 77.64 15.72
CA ILE T 201 -42.13 76.82 14.97
C ILE T 201 -41.22 77.77 14.19
N ARG T 202 -40.03 78.04 14.72
CA ARG T 202 -39.06 78.84 14.00
C ARG T 202 -38.23 77.96 13.06
N ILE T 203 -38.14 78.36 11.80
CA ILE T 203 -37.14 77.86 10.87
C ILE T 203 -36.28 79.03 10.47
N TYR T 204 -34.99 78.97 10.81
CA TYR T 204 -34.03 79.93 10.28
C TYR T 204 -32.99 79.18 9.48
N PHE T 205 -32.66 79.74 8.31
CA PHE T 205 -31.91 79.02 7.29
C PHE T 205 -31.09 79.98 6.43
N PRO U 16 47.55 47.06 68.07
CA PRO U 16 46.67 46.17 67.29
C PRO U 16 45.56 45.55 68.13
N ASP U 17 45.51 45.88 69.42
CA ASP U 17 44.55 45.28 70.35
C ASP U 17 43.66 46.32 70.99
N ILE U 18 44.20 47.45 71.41
CA ILE U 18 43.52 48.41 72.28
C ILE U 18 43.04 49.63 71.49
N PRO U 19 41.89 50.22 71.85
CA PRO U 19 41.42 51.44 71.19
C PRO U 19 41.74 52.73 71.91
N ARG U 20 42.42 52.70 73.06
CA ARG U 20 42.53 53.88 73.92
C ARG U 20 43.92 54.46 73.97
N GLY U 21 44.93 53.69 74.40
CA GLY U 21 46.26 54.20 74.62
C GLY U 21 47.30 53.11 74.67
N CYS U 22 48.53 53.47 74.29
CA CYS U 22 49.61 52.52 74.04
C CYS U 22 50.28 52.00 75.31
N GLU U 23 49.64 52.14 76.46
CA GLU U 23 50.10 51.47 77.67
C GLU U 23 49.99 49.96 77.52
N GLY U 24 50.77 49.25 78.33
CA GLY U 24 50.67 47.81 78.39
C GLY U 24 49.34 47.40 78.99
N PRO U 25 48.72 46.34 78.45
CA PRO U 25 47.44 45.86 78.99
C PRO U 25 47.62 45.21 80.35
N CYS U 26 47.72 46.05 81.38
CA CYS U 26 48.12 45.60 82.71
C CYS U 26 46.99 44.84 83.39
N LYS U 27 47.36 43.75 84.05
CA LYS U 27 46.40 42.89 84.74
C LYS U 27 46.18 43.39 86.16
N VAL U 28 44.91 43.49 86.55
CA VAL U 28 44.52 43.71 87.94
C VAL U 28 43.50 42.63 88.27
N GLN U 29 43.94 41.64 89.05
CA GLN U 29 43.14 40.45 89.29
C GLN U 29 42.47 40.52 90.66
N SER U 30 41.17 40.31 90.68
CA SER U 30 40.40 40.29 91.91
C SER U 30 40.11 38.83 92.22
N PHE U 31 41.09 38.15 92.80
CA PHE U 31 40.85 36.80 93.29
C PHE U 31 39.97 36.85 94.52
N GLU U 32 39.06 35.88 94.61
CA GLU U 32 38.31 35.67 95.83
C GLU U 32 38.48 34.23 96.27
N GLN U 33 38.51 34.04 97.59
CA GLN U 33 38.32 32.72 98.21
C GLN U 33 37.14 32.95 99.15
N ARG U 34 35.95 32.87 98.59
CA ARG U 34 34.74 33.30 99.27
C ARG U 34 33.61 32.31 99.07
N ASP U 35 32.41 32.73 99.44
CA ASP U 35 31.18 32.00 99.18
C ASP U 35 30.07 33.03 98.99
N ASP U 36 28.83 32.58 99.05
CA ASP U 36 27.70 33.49 99.00
C ASP U 36 26.64 33.02 99.97
N VAL U 37 25.49 33.69 99.94
CA VAL U 37 24.28 33.23 100.59
C VAL U 37 23.26 33.05 99.49
N LYS U 38 22.01 32.72 99.84
CA LYS U 38 20.96 32.61 98.83
C LYS U 38 20.68 33.96 98.17
N HIS U 39 20.68 35.04 98.95
CA HIS U 39 20.26 36.33 98.43
C HIS U 39 21.34 36.99 97.58
N LEU U 40 22.57 37.01 98.07
CA LEU U 40 23.56 37.86 97.42
C LEU U 40 24.97 37.33 97.62
N GLY U 41 25.76 37.41 96.56
CA GLY U 41 27.20 37.45 96.67
C GLY U 41 27.68 38.68 95.93
N ILE U 42 28.20 39.66 96.66
CA ILE U 42 28.48 40.96 96.07
C ILE U 42 29.99 41.11 95.87
N CYS U 43 30.36 41.57 94.68
CA CYS U 43 31.77 41.73 94.33
C CYS U 43 31.90 42.95 93.41
N LYS U 44 32.30 44.09 93.97
CA LYS U 44 32.82 45.16 93.12
C LYS U 44 34.18 44.75 92.61
N VAL U 45 34.30 44.54 91.30
CA VAL U 45 35.49 43.94 90.73
C VAL U 45 36.57 44.99 90.52
N ILE U 46 36.20 46.27 90.51
CA ILE U 46 37.10 47.37 90.21
C ILE U 46 37.57 48.03 91.52
N SER U 47 37.51 47.30 92.63
CA SER U 47 37.59 47.90 93.96
C SER U 47 39.01 48.33 94.30
N ASP U 48 39.94 47.38 94.31
CA ASP U 48 41.29 47.61 94.83
C ASP U 48 42.23 48.30 93.83
N VAL U 49 41.71 48.98 92.81
CA VAL U 49 42.55 49.61 91.79
C VAL U 49 42.85 51.03 92.26
N THR U 50 44.04 51.23 92.83
CA THR U 50 44.49 52.52 93.33
C THR U 50 45.56 53.08 92.41
N ARG U 51 45.87 54.36 92.60
CA ARG U 51 46.94 54.99 91.81
C ARG U 51 48.30 54.52 92.30
N GLY U 52 49.14 54.09 91.36
CA GLY U 52 50.47 53.64 91.67
C GLY U 52 51.26 53.32 90.42
N PRO U 53 52.58 53.15 90.56
CA PRO U 53 53.40 52.85 89.38
C PRO U 53 53.33 51.41 88.92
N GLY U 54 52.90 50.48 89.78
CA GLY U 54 52.87 49.09 89.42
C GLY U 54 51.75 48.75 88.45
N LEU U 55 51.82 47.53 87.91
CA LEU U 55 50.81 47.07 86.96
C LEU U 55 49.55 46.57 87.64
N THR U 56 49.53 46.46 88.96
CA THR U 56 48.31 46.24 89.73
C THR U 56 47.67 47.54 90.16
N HIS U 57 47.89 48.62 89.39
CA HIS U 57 47.49 49.96 89.77
C HIS U 57 46.95 50.66 88.53
N ARG U 58 46.80 51.98 88.63
CA ARG U 58 46.17 52.76 87.56
C ARG U 58 46.88 54.10 87.40
N VAL U 59 46.72 54.68 86.21
CA VAL U 59 47.24 56.00 85.90
C VAL U 59 46.05 56.89 85.58
N GLY U 60 45.78 57.86 86.45
CA GLY U 60 44.66 58.75 86.29
C GLY U 60 43.36 58.20 86.84
N LYS U 61 42.24 58.47 86.15
CA LYS U 61 40.94 58.02 86.60
C LYS U 61 40.07 57.54 85.45
N ARG U 62 40.68 57.14 84.33
CA ARG U 62 39.96 56.70 83.15
C ARG U 62 40.37 55.27 82.80
N PHE U 63 39.39 54.38 82.66
CA PHE U 63 39.62 53.00 82.28
C PHE U 63 38.94 52.72 80.94
N CYS U 64 39.45 51.71 80.25
CA CYS U 64 38.72 51.01 79.18
C CYS U 64 39.04 49.54 79.38
N ILE U 65 38.16 48.84 80.11
CA ILE U 65 38.34 47.42 80.37
C ILE U 65 38.20 46.64 79.06
N LYS U 66 39.29 46.00 78.64
CA LYS U 66 39.26 45.22 77.41
C LYS U 66 38.44 43.96 77.59
N SER U 67 38.76 43.16 78.61
CA SER U 67 38.02 41.94 78.83
C SER U 67 38.10 41.53 80.30
N ILE U 68 37.01 40.93 80.78
CA ILE U 68 36.99 40.25 82.07
C ILE U 68 37.12 38.76 81.81
N TYR U 69 38.12 38.15 82.42
CA TYR U 69 38.41 36.72 82.26
C TYR U 69 38.09 36.02 83.57
N ILE U 70 36.98 35.31 83.60
CA ILE U 70 36.46 34.71 84.84
C ILE U 70 36.90 33.26 84.88
N LEU U 71 37.83 32.96 85.77
CA LEU U 71 38.08 31.59 86.21
C LEU U 71 37.26 31.32 87.46
N GLY U 72 37.15 30.06 87.82
CA GLY U 72 36.45 29.72 89.04
C GLY U 72 36.02 28.27 89.17
N LYS U 73 36.15 27.75 90.39
CA LYS U 73 35.65 26.42 90.72
C LYS U 73 34.56 26.56 91.78
N ILE U 74 33.40 25.99 91.49
CA ILE U 74 32.20 26.17 92.31
C ILE U 74 31.84 24.81 92.87
N TRP U 75 32.04 24.61 94.17
CA TRP U 75 31.83 23.31 94.77
C TRP U 75 30.90 23.40 95.95
N LEU U 76 30.62 22.22 96.51
CA LEU U 76 29.99 22.06 97.81
C LEU U 76 30.64 20.93 98.60
N ASP U 77 31.92 20.65 98.35
CA ASP U 77 32.55 19.41 98.79
C ASP U 77 33.04 19.48 100.23
N GLU U 78 32.49 20.39 101.03
CA GLU U 78 32.55 20.30 102.48
C GLU U 78 31.80 19.04 102.91
N THR U 79 32.15 18.50 104.09
CA THR U 79 31.57 17.25 104.57
C THR U 79 30.09 17.36 104.97
N ILE U 80 29.53 18.58 104.92
CA ILE U 80 28.13 18.83 105.23
C ILE U 80 27.55 19.30 103.89
N LYS U 81 26.27 19.68 103.87
CA LYS U 81 25.51 20.16 102.71
C LYS U 81 25.36 19.09 101.65
N LYS U 82 25.23 17.83 102.07
CA LYS U 82 24.69 16.78 101.23
C LYS U 82 23.18 16.68 101.31
N GLN U 83 22.57 17.02 102.46
CA GLN U 83 21.14 17.21 102.54
C GLN U 83 20.78 18.61 102.07
N ASN U 84 19.48 18.83 101.83
CA ASN U 84 18.89 20.06 101.29
C ASN U 84 19.56 20.44 99.97
N HIS U 85 19.79 19.43 99.13
CA HIS U 85 20.72 19.52 98.01
C HIS U 85 20.08 19.95 96.70
N THR U 86 20.82 19.77 95.60
CA THR U 86 20.48 20.16 94.23
C THR U 86 20.22 21.65 94.06
N ASN U 87 21.26 22.46 94.23
CA ASN U 87 21.18 23.90 93.99
C ASN U 87 22.04 24.24 92.77
N ASN U 88 21.73 25.37 92.13
CA ASN U 88 22.50 25.85 91.00
C ASN U 88 22.83 27.32 91.16
N VAL U 89 23.83 27.79 90.41
CA VAL U 89 24.36 29.13 90.54
C VAL U 89 24.10 29.88 89.24
N ILE U 90 23.48 31.06 89.35
CA ILE U 90 23.28 31.94 88.22
C ILE U 90 24.17 33.16 88.43
N PHE U 91 25.04 33.45 87.48
CA PHE U 91 25.91 34.60 87.59
C PHE U 91 25.28 35.82 86.92
N TYR U 92 25.67 36.99 87.41
CA TYR U 92 25.16 38.26 86.89
C TYR U 92 26.31 39.24 86.78
N LEU U 93 26.57 39.72 85.57
CA LEU U 93 27.63 40.70 85.32
C LEU U 93 26.94 41.94 84.77
N LEU U 94 26.84 42.97 85.61
CA LEU U 94 25.98 44.12 85.31
C LEU U 94 26.83 45.33 84.94
N ARG U 95 26.34 46.12 83.99
CA ARG U 95 26.91 47.43 83.71
C ARG U 95 26.17 48.45 84.56
N ASP U 96 26.86 48.99 85.58
CA ASP U 96 26.26 49.94 86.50
C ASP U 96 26.34 51.35 85.92
N ARG U 97 25.39 52.19 86.33
CA ARG U 97 25.30 53.56 85.83
C ARG U 97 25.76 54.60 86.84
N ARG U 98 25.63 54.35 88.15
CA ARG U 98 25.98 55.33 89.18
C ARG U 98 26.32 54.60 90.47
N PRO U 99 27.23 55.12 91.27
CA PRO U 99 27.51 54.51 92.58
C PRO U 99 26.76 55.20 93.72
N TYR U 100 26.71 54.53 94.88
CA TYR U 100 26.35 55.19 96.14
C TYR U 100 27.28 54.64 97.21
N GLY U 101 28.45 55.26 97.36
CA GLY U 101 29.43 54.86 98.36
C GLY U 101 29.93 53.44 98.18
N ASN U 102 29.47 52.56 99.07
CA ASN U 102 29.75 51.14 98.98
C ASN U 102 28.82 50.46 97.97
N ALA U 103 28.79 49.13 97.98
CA ALA U 103 27.95 48.40 97.06
C ALA U 103 26.49 48.45 97.51
N PRO U 104 25.54 48.60 96.58
CA PRO U 104 24.12 48.62 96.97
C PRO U 104 23.58 47.23 97.27
N GLN U 105 22.27 47.16 97.51
CA GLN U 105 21.62 45.88 97.77
C GLN U 105 21.56 45.04 96.51
N ASP U 106 21.19 43.76 96.68
CA ASP U 106 20.87 42.91 95.55
C ASP U 106 19.37 42.65 95.44
N PHE U 107 18.77 42.07 96.48
CA PHE U 107 17.37 41.69 96.42
C PHE U 107 16.45 42.91 96.43
N GLY U 108 16.91 44.01 97.01
CA GLY U 108 16.20 45.27 96.90
C GLY U 108 16.55 46.07 95.67
N GLN U 109 17.43 45.57 94.81
CA GLN U 109 17.80 46.26 93.59
C GLN U 109 17.34 45.53 92.34
N ILE U 110 17.71 44.25 92.16
CA ILE U 110 17.07 43.46 91.12
C ILE U 110 15.68 43.04 91.61
N PHE U 111 14.81 42.71 90.64
CA PHE U 111 13.37 42.85 90.87
C PHE U 111 12.78 41.72 91.71
N ASN U 112 12.86 40.49 91.22
CA ASN U 112 12.04 39.43 91.81
C ASN U 112 12.96 38.32 92.29
N MET U 113 12.35 37.22 92.75
CA MET U 113 13.07 36.15 93.44
C MET U 113 13.82 35.25 92.45
N PHE U 114 15.09 35.61 92.24
CA PHE U 114 16.22 34.79 91.82
C PHE U 114 16.16 34.37 90.35
N ASP U 115 15.08 34.66 89.62
CA ASP U 115 15.01 34.55 88.18
C ASP U 115 14.37 35.83 87.67
N ASN U 116 15.19 36.84 87.39
CA ASN U 116 14.66 38.18 87.25
C ASN U 116 15.58 39.04 86.39
N GLU U 117 15.30 40.34 86.43
CA GLU U 117 15.98 41.43 85.75
C GLU U 117 16.08 42.56 86.78
N PRO U 118 16.80 43.65 86.51
CA PRO U 118 16.70 44.82 87.39
C PRO U 118 15.30 45.44 87.34
N SER U 119 14.99 46.19 88.40
CA SER U 119 13.66 46.76 88.56
C SER U 119 13.42 47.87 87.55
N THR U 120 12.14 48.21 87.38
CA THR U 120 11.74 49.23 86.42
C THR U 120 12.19 50.63 86.84
N ALA U 121 12.37 50.88 88.13
CA ALA U 121 12.82 52.17 88.62
C ALA U 121 14.34 52.26 88.71
N THR U 122 15.07 51.25 88.26
CA THR U 122 16.50 51.19 88.46
C THR U 122 17.29 51.26 87.15
N ILE U 123 16.62 51.22 86.00
CA ILE U 123 17.32 51.19 84.72
C ILE U 123 17.93 52.55 84.40
N PHE U 131 19.78 49.39 86.48
CA PHE U 131 21.17 49.30 86.05
C PHE U 131 21.25 48.34 84.87
N GLN U 132 22.17 48.60 83.94
CA GLN U 132 22.26 47.77 82.76
C GLN U 132 22.89 46.42 83.09
N VAL U 133 22.61 45.44 82.23
CA VAL U 133 23.08 44.08 82.34
C VAL U 133 24.04 43.85 81.19
N LEU U 134 25.05 43.01 81.37
CA LEU U 134 25.81 42.55 80.22
C LEU U 134 25.45 41.12 79.80
N ARG U 135 25.71 40.13 80.67
CA ARG U 135 25.36 38.74 80.38
C ARG U 135 25.12 37.98 81.68
N LYS U 136 24.80 36.69 81.53
CA LYS U 136 24.56 35.76 82.62
C LYS U 136 25.42 34.51 82.41
N PHE U 137 25.44 33.63 83.42
CA PHE U 137 26.11 32.34 83.30
C PHE U 137 25.30 31.29 84.07
N HIS U 138 25.79 30.05 84.03
CA HIS U 138 25.16 28.94 84.74
C HIS U 138 26.23 28.08 85.40
N ALA U 139 25.84 27.47 86.52
CA ALA U 139 26.68 26.50 87.22
C ALA U 139 25.75 25.65 88.06
N THR U 140 25.70 24.35 87.77
CA THR U 140 24.74 23.44 88.40
C THR U 140 25.49 22.38 89.20
N VAL U 141 25.42 22.47 90.52
CA VAL U 141 26.08 21.51 91.39
C VAL U 141 25.02 20.73 92.17
N VAL U 142 24.75 19.51 91.71
CA VAL U 142 23.68 18.71 92.30
C VAL U 142 24.27 17.47 92.98
N GLY U 143 24.46 17.54 94.29
CA GLY U 143 25.00 16.39 95.01
C GLY U 143 24.30 16.05 96.30
N GLY U 144 23.68 14.87 96.36
CA GLY U 144 22.99 14.46 97.57
C GLY U 144 23.66 13.29 98.26
N LEU U 145 23.06 12.11 98.13
CA LEU U 145 23.65 10.90 98.71
C LEU U 145 23.58 9.78 97.68
N TYR U 146 24.33 8.72 97.95
CA TYR U 146 24.37 7.43 97.25
C TYR U 146 24.83 7.50 95.80
N CYS U 147 25.25 8.63 95.27
CA CYS U 147 26.21 8.54 94.17
C CYS U 147 27.47 9.36 94.47
N MET U 148 27.43 10.65 94.90
CA MET U 148 26.40 11.68 94.67
C MET U 148 26.84 12.43 93.41
N LYS U 149 25.99 12.46 92.39
CA LYS U 149 26.48 12.84 91.08
C LYS U 149 26.16 14.30 90.75
N GLU U 150 26.95 15.19 91.35
CA GLU U 150 27.65 16.33 90.75
C GLU U 150 28.39 17.09 91.85
N GLN U 151 29.44 17.80 91.46
CA GLN U 151 30.37 18.50 92.35
C GLN U 151 31.04 19.63 91.58
N ALA U 152 32.21 20.04 92.08
CA ALA U 152 33.04 21.16 91.62
C ALA U 152 33.14 21.24 90.09
N LEU U 153 32.63 22.33 89.53
CA LEU U 153 32.68 22.57 88.09
C LEU U 153 33.66 23.69 87.81
N VAL U 154 34.31 23.63 86.64
CA VAL U 154 35.27 24.65 86.26
C VAL U 154 34.67 25.51 85.16
N LYS U 155 34.76 26.83 85.32
CA LYS U 155 34.20 27.78 84.36
C LYS U 155 35.27 28.78 83.96
N ARG U 156 35.58 28.83 82.65
CA ARG U 156 36.43 29.87 82.09
C ARG U 156 35.66 30.58 80.98
N PHE U 157 35.80 31.90 80.91
CA PHE U 157 35.06 32.71 79.95
C PHE U 157 35.87 33.95 79.58
N TYR U 158 36.20 34.07 78.29
CA TYR U 158 36.49 35.39 77.72
C TYR U 158 35.20 36.21 77.67
N ARG U 159 35.31 37.50 78.01
CA ARG U 159 34.12 38.36 78.02
C ARG U 159 34.58 39.80 77.80
N LEU U 160 34.41 40.29 76.58
CA LEU U 160 34.84 41.64 76.23
C LEU U 160 33.86 42.68 76.78
N ASN U 161 34.39 43.80 77.24
CA ASN U 161 33.60 44.84 77.90
C ASN U 161 34.16 46.21 77.50
N HIS U 162 33.80 47.25 78.25
CA HIS U 162 34.11 48.62 77.85
C HIS U 162 34.39 49.47 79.09
N HIS U 163 34.36 50.79 78.91
CA HIS U 163 35.08 51.76 79.72
C HIS U 163 34.46 51.98 81.11
N VAL U 164 35.31 52.44 82.03
CA VAL U 164 34.99 52.73 83.43
C VAL U 164 35.66 54.04 83.81
N THR U 165 35.01 54.86 84.61
CA THR U 165 35.58 56.12 85.08
C THR U 165 35.56 56.14 86.61
N TYR U 166 36.63 56.66 87.21
CA TYR U 166 36.63 57.01 88.63
C TYR U 166 36.41 58.51 88.81
N ASN U 167 35.79 58.86 89.93
CA ASN U 167 35.49 60.27 90.20
C ASN U 167 36.71 60.99 90.75
N HIS U 168 37.19 60.58 91.92
CA HIS U 168 38.26 61.29 92.58
C HIS U 168 39.61 60.90 92.00
N GLN U 169 40.60 61.76 92.25
CA GLN U 169 41.98 61.53 91.83
C GLN U 169 42.81 60.91 92.93
N GLU U 170 42.15 60.20 93.84
CA GLU U 170 42.79 59.57 94.99
C GLU U 170 43.44 58.26 94.58
N ALA U 171 44.27 57.73 95.47
CA ALA U 171 44.73 56.35 95.39
C ALA U 171 43.83 55.46 96.25
N GLY U 172 42.52 55.55 95.97
CA GLY U 172 41.50 55.01 96.83
C GLY U 172 40.84 53.75 96.29
N LYS U 173 39.96 53.21 97.11
CA LYS U 173 39.25 51.96 96.86
C LYS U 173 37.94 52.28 96.13
N TYR U 174 37.01 51.32 96.12
CA TYR U 174 35.75 51.37 95.38
C TYR U 174 34.80 52.51 95.80
N GLU U 175 35.10 53.26 96.86
CA GLU U 175 34.13 54.22 97.39
C GLU U 175 34.02 55.46 96.51
N ASN U 176 35.06 55.81 95.76
CA ASN U 176 35.09 57.08 95.01
C ASN U 176 34.74 56.91 93.54
N HIS U 177 33.79 56.03 93.22
CA HIS U 177 33.41 55.77 91.85
C HIS U 177 32.55 56.91 91.28
N THR U 178 32.21 56.77 90.01
CA THR U 178 31.29 57.65 89.28
C THR U 178 30.60 56.79 88.24
N GLU U 179 30.06 57.42 87.19
CA GLU U 179 29.38 56.77 86.08
C GLU U 179 30.20 55.63 85.48
N ASN U 180 29.47 54.63 84.95
CA ASN U 180 29.99 53.44 84.27
C ASN U 180 30.89 52.62 85.21
N ALA U 181 30.25 52.12 86.25
CA ALA U 181 30.83 51.06 87.05
C ALA U 181 30.35 49.71 86.51
N LEU U 182 30.98 48.64 87.00
CA LEU U 182 30.56 47.28 86.66
C LEU U 182 31.02 46.34 87.75
N LEU U 183 30.18 45.36 88.09
CA LEU U 183 30.43 44.50 89.23
C LEU U 183 29.64 43.20 89.02
N LEU U 184 29.74 42.30 90.00
CA LEU U 184 29.15 40.98 89.92
C LEU U 184 28.13 40.75 91.03
N TYR U 185 27.14 39.93 90.72
CA TYR U 185 26.26 39.34 91.72
C TYR U 185 26.17 37.85 91.47
N MET U 186 26.20 37.07 92.54
CA MET U 186 26.04 35.62 92.48
C MET U 186 24.79 35.25 93.26
N ALA U 187 24.03 34.28 92.74
CA ALA U 187 22.73 33.96 93.28
C ALA U 187 22.59 32.45 93.46
N CYS U 188 22.13 32.05 94.65
CA CYS U 188 21.72 30.69 94.91
C CYS U 188 20.20 30.59 94.85
N THR U 189 19.70 29.39 94.57
CA THR U 189 18.28 29.19 94.32
C THR U 189 17.59 28.30 95.36
N HIS U 190 18.23 28.04 96.49
CA HIS U 190 17.65 27.21 97.54
C HIS U 190 18.05 27.75 98.91
N ALA U 191 17.24 27.40 99.92
CA ALA U 191 17.38 27.97 101.25
C ALA U 191 18.66 27.50 101.95
N SER U 192 19.18 26.33 101.61
CA SER U 192 20.48 25.91 102.10
C SER U 192 21.57 26.74 101.41
N ASN U 193 22.76 26.71 102.01
CA ASN U 193 23.88 27.39 101.38
C ASN U 193 25.03 26.42 101.13
N PRO U 194 24.97 25.58 100.08
CA PRO U 194 26.09 24.65 99.84
C PRO U 194 27.23 25.28 99.06
N VAL U 195 26.98 26.39 98.36
CA VAL U 195 27.87 26.89 97.32
C VAL U 195 29.09 27.55 97.95
N TYR U 196 30.26 26.94 97.75
CA TYR U 196 31.54 27.55 98.06
C TYR U 196 32.25 27.86 96.75
N ALA U 197 31.96 29.03 96.21
CA ALA U 197 32.43 29.45 94.89
C ALA U 197 33.62 30.38 95.04
N THR U 198 34.79 29.93 94.59
CA THR U 198 35.99 30.74 94.58
C THR U 198 36.38 31.01 93.14
N LEU U 199 36.55 32.29 92.81
CA LEU U 199 36.69 32.73 91.43
C LEU U 199 37.93 33.60 91.28
N LYS U 200 38.67 33.34 90.20
CA LYS U 200 39.79 34.18 89.81
C LYS U 200 39.36 35.04 88.62
N ILE U 201 39.41 36.36 88.82
CA ILE U 201 38.80 37.31 87.89
C ILE U 201 39.90 38.21 87.38
N ARG U 202 40.42 37.93 86.18
CA ARG U 202 41.40 38.80 85.55
C ARG U 202 40.70 39.91 84.77
N ILE U 203 41.12 41.15 85.03
CA ILE U 203 40.82 42.28 84.16
C ILE U 203 42.15 42.81 83.65
N TYR U 204 42.36 42.73 82.34
CA TYR U 204 43.49 43.40 81.71
C TYR U 204 42.96 44.44 80.73
N PHE U 205 43.58 45.62 80.77
CA PHE U 205 43.03 46.80 80.11
C PHE U 205 44.13 47.77 79.71
N ALA V 1 -21.87 20.01 36.36
CA ALA V 1 -20.75 20.09 35.44
C ALA V 1 -20.59 18.76 34.68
N PRO V 2 -20.27 18.84 33.38
CA PRO V 2 -20.21 17.61 32.56
C PRO V 2 -19.00 16.76 32.93
N MET V 3 -19.29 15.54 33.40
CA MET V 3 -18.31 14.50 33.74
C MET V 3 -17.31 14.97 34.82
N TYR V 4 -17.87 15.19 36.02
CA TYR V 4 -17.11 15.22 37.27
C TYR V 4 -16.23 13.97 37.38
N ARG V 5 -14.99 14.14 37.84
CA ARG V 5 -14.09 12.98 37.88
C ARG V 5 -13.21 12.85 39.15
N LYS V 6 -13.71 12.88 40.40
CA LYS V 6 -15.01 13.31 40.96
C LYS V 6 -15.15 14.86 41.10
N PRO V 7 -14.08 15.61 41.35
CA PRO V 7 -14.10 17.03 40.98
C PRO V 7 -13.63 17.21 39.54
N THR V 8 -13.99 18.35 38.96
CA THR V 8 -13.77 18.57 37.54
C THR V 8 -12.31 18.88 37.25
N MET V 9 -11.72 18.12 36.35
CA MET V 9 -10.56 18.59 35.64
C MET V 9 -11.02 19.30 34.38
N TYR V 10 -10.05 19.73 33.56
CA TYR V 10 -10.23 20.75 32.53
C TYR V 10 -10.90 22.00 33.08
N ARG V 11 -10.51 22.41 34.29
CA ARG V 11 -10.90 23.71 34.81
C ARG V 11 -9.66 24.61 34.86
N MET V 12 -8.69 24.31 35.72
CA MET V 12 -7.25 24.19 35.43
C MET V 12 -6.57 25.36 34.68
N TYR V 13 -7.29 26.42 34.33
CA TYR V 13 -6.81 27.32 33.29
C TYR V 13 -7.30 28.74 33.53
N ARG V 14 -7.19 29.58 32.51
CA ARG V 14 -7.51 31.00 32.60
C ARG V 14 -9.01 31.21 32.63
N SER V 15 -9.48 31.91 33.65
CA SER V 15 -10.86 32.37 33.73
C SER V 15 -10.90 33.64 34.57
N PRO V 16 -11.48 34.67 34.11
CA PRO V 16 -11.58 35.89 34.93
C PRO V 16 -12.65 35.79 36.00
N ASP V 17 -12.30 35.17 37.13
CA ASP V 17 -13.26 35.03 38.22
C ASP V 17 -12.86 35.82 39.46
N ILE V 18 -11.82 35.37 40.16
CA ILE V 18 -11.53 35.66 41.58
C ILE V 18 -10.19 34.98 41.87
N PRO V 19 -9.52 35.18 43.02
CA PRO V 19 -8.27 34.42 43.25
C PRO V 19 -8.42 32.96 43.62
N ARG V 20 -9.29 32.56 44.56
CA ARG V 20 -9.12 31.30 45.25
C ARG V 20 -9.89 30.13 44.62
N GLY V 21 -11.21 30.22 44.56
CA GLY V 21 -12.00 29.15 43.96
C GLY V 21 -11.74 29.06 42.46
N CYS V 22 -11.96 27.89 41.89
CA CYS V 22 -11.58 27.72 40.49
C CYS V 22 -12.73 27.32 39.61
N GLU V 23 -13.77 26.71 40.18
CA GLU V 23 -14.77 25.97 39.43
C GLU V 23 -15.73 26.90 38.70
N GLY V 24 -16.77 26.30 38.12
CA GLY V 24 -17.86 27.03 37.53
C GLY V 24 -18.50 27.95 38.55
N PRO V 25 -18.70 29.23 38.18
CA PRO V 25 -19.10 30.23 39.17
C PRO V 25 -20.53 30.02 39.64
N CYS V 26 -20.66 29.09 40.59
CA CYS V 26 -21.94 28.41 40.79
C CYS V 26 -22.90 29.28 41.58
N LYS V 27 -24.14 29.32 41.11
CA LYS V 27 -25.15 30.15 41.76
C LYS V 27 -25.81 29.38 42.90
N VAL V 28 -25.97 30.08 44.02
CA VAL V 28 -26.80 29.61 45.12
C VAL V 28 -27.80 30.72 45.39
N GLN V 29 -29.06 30.44 45.14
CA GLN V 29 -30.11 31.36 45.52
C GLN V 29 -30.32 31.31 47.03
N SER V 30 -30.69 32.41 47.62
CA SER V 30 -31.44 32.46 48.86
C SER V 30 -32.70 33.27 48.58
N PHE V 31 -33.70 32.61 47.99
CA PHE V 31 -34.99 33.24 47.85
C PHE V 31 -35.69 33.33 49.19
N GLU V 32 -36.36 34.45 49.42
CA GLU V 32 -37.24 34.60 50.56
C GLU V 32 -38.62 34.98 50.07
N GLN V 33 -39.63 34.48 50.78
CA GLN V 33 -41.00 34.99 50.69
C GLN V 33 -41.34 35.36 52.13
N ARG V 34 -40.90 36.55 52.53
CA ARG V 34 -40.88 36.94 53.94
C ARG V 34 -41.37 38.37 54.10
N ASP V 35 -41.18 38.90 55.30
CA ASP V 35 -41.41 40.30 55.60
C ASP V 35 -40.39 40.71 56.67
N ASP V 36 -40.65 41.83 57.32
CA ASP V 36 -39.82 42.25 58.44
C ASP V 36 -40.70 42.86 59.51
N VAL V 37 -40.05 43.41 60.53
CA VAL V 37 -40.70 44.25 61.52
C VAL V 37 -39.99 45.60 61.43
N LYS V 38 -40.34 46.54 62.31
CA LYS V 38 -39.64 47.82 62.33
C LYS V 38 -38.17 47.66 62.70
N HIS V 39 -37.88 46.78 63.67
CA HIS V 39 -36.53 46.69 64.20
C HIS V 39 -35.60 45.93 63.27
N LEU V 40 -36.04 44.77 62.78
CA LEU V 40 -35.09 43.90 62.12
C LEU V 40 -35.76 43.01 61.09
N GLY V 41 -35.08 42.85 59.95
CA GLY V 41 -35.28 41.69 59.10
C GLY V 41 -33.93 41.06 58.88
N ILE V 42 -33.73 39.86 59.44
CA ILE V 42 -32.40 39.25 59.48
C ILE V 42 -32.33 38.14 58.43
N CYS V 43 -31.23 38.15 57.67
CA CYS V 43 -31.03 37.17 56.61
C CYS V 43 -29.53 36.88 56.52
N LYS V 44 -29.09 35.77 57.10
CA LYS V 44 -27.79 35.23 56.72
C LYS V 44 -27.91 34.62 55.34
N VAL V 45 -27.12 35.18 54.40
CA VAL V 45 -27.30 34.85 52.97
C VAL V 45 -26.47 33.62 52.58
N ILE V 46 -25.79 32.99 53.54
CA ILE V 46 -24.80 31.96 53.24
C ILE V 46 -25.26 30.58 53.73
N SER V 47 -26.44 30.50 54.38
CA SER V 47 -26.83 29.34 55.18
C SER V 47 -27.03 28.08 54.34
N ASP V 48 -27.58 28.21 53.12
CA ASP V 48 -27.88 27.03 52.33
C ASP V 48 -26.67 26.38 51.67
N VAL V 49 -25.54 27.08 51.59
CA VAL V 49 -24.40 26.54 50.84
C VAL V 49 -23.72 25.52 51.74
N THR V 50 -23.94 24.25 51.46
CA THR V 50 -23.38 23.13 52.20
C THR V 50 -22.40 22.39 51.31
N ARG V 51 -21.77 21.36 51.87
CA ARG V 51 -20.84 20.55 51.11
C ARG V 51 -21.59 19.70 50.09
N GLY V 52 -21.10 19.72 48.86
CA GLY V 52 -21.63 18.88 47.82
C GLY V 52 -20.85 19.07 46.54
N PRO V 53 -20.85 18.06 45.67
CA PRO V 53 -20.27 18.23 44.34
C PRO V 53 -21.15 19.02 43.39
N GLY V 54 -22.40 19.28 43.76
CA GLY V 54 -23.33 19.94 42.86
C GLY V 54 -23.04 21.41 42.69
N LEU V 55 -23.71 21.99 41.70
CA LEU V 55 -23.50 23.38 41.32
C LEU V 55 -24.36 24.36 42.11
N THR V 56 -24.86 23.96 43.27
CA THR V 56 -25.40 24.87 44.29
C THR V 56 -24.74 24.57 45.63
N HIS V 57 -23.45 24.25 45.60
CA HIS V 57 -22.76 23.73 46.77
C HIS V 57 -21.34 24.31 46.80
N ARG V 58 -20.49 23.69 47.61
CA ARG V 58 -19.11 24.10 47.80
C ARG V 58 -18.23 22.87 47.96
N VAL V 59 -16.93 23.09 47.85
CA VAL V 59 -15.92 22.08 48.18
C VAL V 59 -14.97 22.71 49.18
N GLY V 60 -14.92 22.15 50.38
CA GLY V 60 -14.15 22.76 51.43
C GLY V 60 -14.88 23.97 52.00
N LYS V 61 -14.14 24.79 52.74
CA LYS V 61 -14.74 25.84 53.55
C LYS V 61 -14.39 27.24 53.04
N ARG V 62 -14.04 27.36 51.76
CA ARG V 62 -13.52 28.63 51.23
C ARG V 62 -14.40 29.14 50.11
N PHE V 63 -14.81 30.40 50.21
CA PHE V 63 -15.56 31.09 49.17
C PHE V 63 -14.77 32.29 48.67
N CYS V 64 -15.15 32.65 47.45
CA CYS V 64 -14.88 34.00 46.96
C CYS V 64 -16.15 34.41 46.21
N ILE V 65 -17.06 35.09 46.92
CA ILE V 65 -18.31 35.54 46.32
C ILE V 65 -18.01 36.59 45.27
N LYS V 66 -18.34 36.28 44.01
CA LYS V 66 -18.10 37.22 42.93
C LYS V 66 -19.07 38.39 43.00
N SER V 67 -20.37 38.10 43.07
CA SER V 67 -21.35 39.17 43.15
C SER V 67 -22.62 38.66 43.80
N ILE V 68 -23.27 39.56 44.54
CA ILE V 68 -24.62 39.36 45.04
C ILE V 68 -25.58 40.10 44.12
N TYR V 69 -26.55 39.39 43.57
CA TYR V 69 -27.53 39.94 42.65
C TYR V 69 -28.88 39.95 43.34
N ILE V 70 -29.32 41.13 43.77
CA ILE V 70 -30.51 41.27 44.60
C ILE V 70 -31.68 41.64 43.69
N LEU V 71 -32.58 40.70 43.49
CA LEU V 71 -33.92 41.00 42.99
C LEU V 71 -34.86 41.20 44.17
N GLY V 72 -36.02 41.75 43.89
CA GLY V 72 -37.01 41.90 44.95
C GLY V 72 -38.12 42.88 44.66
N LYS V 73 -39.33 42.52 45.08
CA LYS V 73 -40.49 43.39 45.02
C LYS V 73 -40.96 43.68 46.44
N ILE V 74 -41.08 44.96 46.76
CA ILE V 74 -41.34 45.42 48.12
C ILE V 74 -42.69 46.12 48.09
N TRP V 75 -43.71 45.49 48.66
CA TRP V 75 -45.07 46.03 48.58
C TRP V 75 -45.67 46.17 49.96
N LEU V 76 -46.89 46.72 49.96
CA LEU V 76 -47.80 46.71 51.09
C LEU V 76 -49.22 46.43 50.66
N ASP V 77 -49.41 45.71 49.54
CA ASP V 77 -50.69 45.66 48.83
C ASP V 77 -51.63 44.63 49.43
N GLU V 78 -51.42 44.24 50.70
CA GLU V 78 -52.46 43.61 51.49
C GLU V 78 -53.60 44.61 51.68
N THR V 79 -54.82 44.09 51.94
CA THR V 79 -56.00 44.93 52.06
C THR V 79 -56.02 45.82 53.30
N ILE V 80 -55.03 45.65 54.18
CA ILE V 80 -54.88 46.44 55.40
C ILE V 80 -53.59 47.23 55.17
N LYS V 81 -53.17 48.03 56.17
CA LYS V 81 -51.97 48.86 56.18
C LYS V 81 -52.04 49.97 55.14
N LYS V 82 -53.25 50.50 54.91
CA LYS V 82 -53.42 51.79 54.27
C LYS V 82 -53.39 52.95 55.27
N GLN V 83 -53.82 52.73 56.51
CA GLN V 83 -53.57 53.68 57.59
C GLN V 83 -52.18 53.46 58.17
N ASN V 84 -51.73 54.44 58.96
CA ASN V 84 -50.39 54.51 59.56
C ASN V 84 -49.32 54.40 58.49
N HIS V 85 -49.54 55.08 57.37
CA HIS V 85 -48.84 54.84 56.12
C HIS V 85 -47.58 55.68 55.93
N THR V 86 -47.08 55.69 54.69
CA THR V 86 -45.85 56.36 54.25
C THR V 86 -44.60 55.88 54.98
N ASN V 87 -44.21 54.62 54.78
CA ASN V 87 -42.97 54.09 55.31
C ASN V 87 -42.01 53.81 54.17
N ASN V 88 -40.71 53.76 54.48
CA ASN V 88 -39.69 53.44 53.50
C ASN V 88 -38.74 52.39 54.05
N VAL V 89 -38.00 51.75 53.15
CA VAL V 89 -37.14 50.62 53.47
C VAL V 89 -35.70 51.02 53.19
N ILE V 90 -34.83 50.85 54.18
CA ILE V 90 -33.41 51.06 54.01
C ILE V 90 -32.73 49.69 54.11
N PHE V 91 -31.98 49.32 53.09
CA PHE V 91 -31.29 48.05 53.11
C PHE V 91 -29.87 48.20 53.65
N TYR V 92 -29.35 47.13 54.22
CA TYR V 92 -28.02 47.11 54.81
C TYR V 92 -27.34 45.81 54.42
N LEU V 93 -26.21 45.90 53.73
CA LEU V 93 -25.43 44.74 53.32
C LEU V 93 -24.08 44.88 53.99
N LEU V 94 -23.84 44.08 55.04
CA LEU V 94 -22.70 44.29 55.93
C LEU V 94 -21.65 43.22 55.69
N ARG V 95 -20.38 43.61 55.77
CA ARG V 95 -19.28 42.66 55.82
C ARG V 95 -19.00 42.33 57.28
N ASP V 96 -19.34 41.11 57.70
CA ASP V 96 -19.18 40.69 59.08
C ASP V 96 -17.76 40.18 59.30
N ARG V 97 -17.30 40.31 60.55
CA ARG V 97 -15.93 39.90 60.91
C ARG V 97 -15.87 38.61 61.70
N ARG V 98 -16.87 38.28 62.54
CA ARG V 98 -17.00 36.92 63.09
C ARG V 98 -18.43 36.67 63.50
N PRO V 99 -18.91 35.43 63.47
CA PRO V 99 -20.21 35.12 64.06
C PRO V 99 -20.11 34.83 65.55
N TYR V 100 -21.18 35.16 66.28
CA TYR V 100 -21.30 34.83 67.71
C TYR V 100 -22.32 33.71 67.82
N GLY V 101 -21.86 32.48 67.64
CA GLY V 101 -22.76 31.34 67.62
C GLY V 101 -23.71 31.36 66.45
N ASN V 102 -24.98 31.62 66.71
CA ASN V 102 -26.00 31.70 65.68
C ASN V 102 -26.23 33.16 65.28
N ALA V 103 -27.32 33.44 64.56
CA ALA V 103 -27.56 34.77 64.02
C ALA V 103 -27.91 35.77 65.13
N PRO V 104 -27.27 36.95 65.14
CA PRO V 104 -27.51 37.94 66.21
C PRO V 104 -28.67 38.89 65.93
N GLN V 105 -28.85 39.86 66.83
CA GLN V 105 -29.92 40.86 66.78
C GLN V 105 -29.58 41.96 65.77
N ASP V 106 -30.46 42.97 65.70
CA ASP V 106 -30.15 44.19 64.97
C ASP V 106 -30.21 45.44 65.85
N PHE V 107 -31.30 45.68 66.59
CA PHE V 107 -31.37 46.87 67.44
C PHE V 107 -30.38 46.78 68.60
N GLY V 108 -30.04 45.56 69.02
CA GLY V 108 -28.90 45.39 69.88
C GLY V 108 -27.57 45.35 69.17
N GLN V 109 -27.54 45.61 67.86
CA GLN V 109 -26.33 45.49 67.07
C GLN V 109 -25.90 46.80 66.40
N ILE V 110 -26.78 47.44 65.64
CA ILE V 110 -26.43 48.74 65.06
C ILE V 110 -26.70 49.84 66.10
N PHE V 111 -26.07 51.04 65.84
CA PHE V 111 -25.96 51.95 66.98
C PHE V 111 -27.29 52.59 67.37
N ASN V 112 -27.90 53.36 66.47
CA ASN V 112 -28.99 54.23 66.90
C ASN V 112 -30.24 53.88 66.09
N MET V 113 -31.29 54.69 66.27
CA MET V 113 -32.62 54.37 65.75
C MET V 113 -32.71 54.68 64.25
N PHE V 114 -32.45 53.64 63.46
CA PHE V 114 -32.90 53.39 62.09
C PHE V 114 -32.23 54.28 61.04
N ASP V 115 -31.43 55.25 61.44
CA ASP V 115 -30.55 56.00 60.55
C ASP V 115 -29.19 56.07 61.23
N ASN V 116 -28.35 55.08 60.97
CA ASN V 116 -27.20 54.87 61.83
C ASN V 116 -26.10 54.13 61.08
N GLU V 117 -25.12 53.69 61.88
CA GLU V 117 -23.94 52.93 61.51
C GLU V 117 -23.78 51.85 62.58
N PRO V 118 -22.86 50.89 62.43
CA PRO V 118 -22.56 50.01 63.56
C PRO V 118 -21.92 50.76 64.72
N SER V 119 -22.02 50.17 65.91
CA SER V 119 -21.56 50.81 67.13
C SER V 119 -20.04 50.90 67.16
N THR V 120 -19.53 51.76 68.05
CA THR V 120 -18.10 51.97 68.18
C THR V 120 -17.38 50.76 68.75
N ALA V 121 -18.07 49.95 69.55
CA ALA V 121 -17.47 48.74 70.13
C ALA V 121 -17.63 47.52 69.25
N THR V 122 -18.17 47.66 68.04
CA THR V 122 -18.49 46.53 67.18
C THR V 122 -17.67 46.49 65.91
N ILE V 123 -16.87 47.50 65.63
CA ILE V 123 -16.12 47.56 64.37
C ILE V 123 -14.96 46.57 64.39
N PHE V 131 -18.88 45.83 63.04
CA PHE V 131 -18.81 45.02 61.84
C PHE V 131 -18.75 45.95 60.64
N GLN V 132 -18.06 45.53 59.58
CA GLN V 132 -17.91 46.41 58.42
C GLN V 132 -19.20 46.45 57.60
N VAL V 133 -19.33 47.51 56.84
CA VAL V 133 -20.48 47.79 55.98
C VAL V 133 -19.97 47.68 54.55
N LEU V 134 -20.84 47.26 53.62
CA LEU V 134 -20.50 47.43 52.21
C LEU V 134 -21.26 48.58 51.56
N ARG V 135 -22.59 48.50 51.48
CA ARG V 135 -23.40 49.57 50.91
C ARG V 135 -24.80 49.56 51.52
N LYS V 136 -25.63 50.50 51.05
CA LYS V 136 -27.02 50.66 51.46
C LYS V 136 -27.89 50.73 50.22
N PHE V 137 -29.21 50.70 50.42
CA PHE V 137 -30.18 50.89 49.34
C PHE V 137 -31.37 51.68 49.86
N HIS V 138 -32.33 51.93 48.97
CA HIS V 138 -33.55 52.65 49.32
C HIS V 138 -34.74 52.00 48.64
N ALA V 139 -35.89 52.08 49.30
CA ALA V 139 -37.16 51.63 48.74
C ALA V 139 -38.26 52.38 49.48
N THR V 140 -39.03 53.19 48.77
CA THR V 140 -40.02 54.08 49.37
C THR V 140 -41.41 53.70 48.90
N VAL V 141 -42.21 53.13 49.80
CA VAL V 141 -43.57 52.72 49.47
C VAL V 141 -44.55 53.56 50.28
N VAL V 142 -45.13 54.57 49.63
CA VAL V 142 -46.00 55.51 50.33
C VAL V 142 -47.44 55.39 49.81
N GLY V 143 -48.26 54.63 50.52
CA GLY V 143 -49.65 54.48 50.09
C GLY V 143 -50.68 54.61 51.19
N GLY V 144 -51.53 55.64 51.10
CA GLY V 144 -52.55 55.82 52.11
C GLY V 144 -53.95 55.59 51.57
N LEU V 145 -54.69 56.68 51.34
CA LEU V 145 -56.02 56.59 50.77
C LEU V 145 -56.18 57.64 49.69
N TYR V 146 -57.23 57.48 48.90
CA TYR V 146 -57.73 58.39 47.86
C TYR V 146 -56.79 58.66 46.70
N CYS V 147 -55.62 58.00 46.61
CA CYS V 147 -55.07 57.82 45.27
C CYS V 147 -54.79 56.33 45.00
N MET V 148 -54.12 55.54 45.87
CA MET V 148 -53.10 55.90 46.87
C MET V 148 -51.74 55.75 46.14
N LYS V 149 -50.96 56.83 46.09
CA LYS V 149 -49.87 56.84 45.13
C LYS V 149 -48.53 56.51 45.78
N GLU V 150 -48.34 55.21 46.04
CA GLU V 150 -47.17 54.38 45.72
C GLU V 150 -47.41 52.98 46.26
N GLN V 151 -46.74 52.00 45.66
CA GLN V 151 -46.89 50.57 45.92
C GLN V 151 -45.62 49.84 45.51
N ALA V 152 -45.77 48.55 45.23
CA ALA V 152 -44.72 47.57 44.91
C ALA V 152 -43.67 48.12 43.95
N LEU V 153 -42.43 48.21 44.42
CA LEU V 153 -41.31 48.69 43.62
C LEU V 153 -40.38 47.52 43.30
N VAL V 154 -39.74 47.58 42.14
CA VAL V 154 -38.83 46.51 41.74
C VAL V 154 -37.40 47.02 41.84
N LYS V 155 -36.53 46.23 42.48
CA LYS V 155 -35.14 46.60 42.67
C LYS V 155 -34.24 45.49 42.17
N ARG V 156 -33.37 45.80 41.21
CA ARG V 156 -32.32 44.90 40.77
C ARG V 156 -30.97 45.61 40.90
N PHE V 157 -29.96 44.87 41.36
CA PHE V 157 -28.65 45.45 41.63
C PHE V 157 -27.57 44.40 41.42
N TYR V 158 -26.66 44.64 40.46
CA TYR V 158 -25.34 44.04 40.52
C TYR V 158 -24.56 44.61 41.70
N ARG V 159 -23.83 43.75 42.42
CA ARG V 159 -23.07 44.21 43.58
C ARG V 159 -21.90 43.25 43.79
N LEU V 160 -20.70 43.66 43.38
CA LEU V 160 -19.52 42.84 43.49
C LEU V 160 -19.00 42.82 44.92
N ASN V 161 -18.53 41.66 45.36
CA ASN V 161 -18.10 41.45 46.74
C ASN V 161 -16.88 40.52 46.75
N HIS V 162 -16.56 39.96 47.90
CA HIS V 162 -15.31 39.22 48.07
C HIS V 162 -15.52 38.06 49.03
N HIS V 163 -14.41 37.50 49.53
CA HIS V 163 -14.30 36.12 49.99
C HIS V 163 -14.98 35.88 51.35
N VAL V 164 -15.34 34.60 51.56
CA VAL V 164 -16.01 34.10 52.76
C VAL V 164 -15.35 32.77 53.13
N THR V 165 -15.21 32.53 54.45
CA THR V 165 -14.70 31.25 54.97
C THR V 165 -15.66 30.69 56.03
N TYR V 166 -15.81 29.35 56.07
CA TYR V 166 -16.51 28.62 57.13
C TYR V 166 -15.55 28.07 58.17
N ASN V 167 -16.10 27.69 59.33
CA ASN V 167 -15.29 27.18 60.42
C ASN V 167 -15.19 25.66 60.42
N HIS V 168 -16.30 24.96 60.64
CA HIS V 168 -16.24 23.52 60.83
C HIS V 168 -16.17 22.82 59.49
N GLN V 169 -15.93 21.51 59.52
CA GLN V 169 -15.86 20.67 58.32
C GLN V 169 -17.17 19.95 58.09
N GLU V 170 -18.28 20.58 58.42
CA GLU V 170 -19.61 19.99 58.32
C GLU V 170 -20.24 20.30 56.98
N ALA V 171 -21.16 19.43 56.55
CA ALA V 171 -22.08 19.75 55.48
C ALA V 171 -23.33 20.37 56.10
N GLY V 172 -23.14 21.54 56.71
CA GLY V 172 -24.10 22.08 57.64
C GLY V 172 -24.55 23.51 57.47
N LYS V 173 -25.12 24.05 58.54
CA LYS V 173 -25.92 25.27 58.52
C LYS V 173 -25.04 26.50 58.68
N TYR V 174 -25.66 27.64 59.01
CA TYR V 174 -25.00 28.92 59.18
C TYR V 174 -24.15 29.01 60.43
N GLU V 175 -24.40 28.16 61.43
CA GLU V 175 -23.76 28.32 62.73
C GLU V 175 -22.27 28.03 62.72
N ASN V 176 -21.76 27.30 61.72
CA ASN V 176 -20.34 27.01 61.64
C ASN V 176 -19.57 28.00 60.75
N HIS V 177 -19.99 29.26 60.72
CA HIS V 177 -19.22 30.27 60.02
C HIS V 177 -18.00 30.67 60.84
N THR V 178 -17.11 31.42 60.20
CA THR V 178 -15.96 32.03 60.86
C THR V 178 -15.82 33.43 60.26
N GLU V 179 -14.61 34.01 60.41
CA GLU V 179 -14.21 35.30 59.84
C GLU V 179 -14.66 35.49 58.40
N ASN V 180 -14.97 36.75 58.08
CA ASN V 180 -15.51 37.20 56.80
C ASN V 180 -16.82 36.48 56.47
N ALA V 181 -17.81 36.72 57.30
CA ALA V 181 -19.19 36.46 56.93
C ALA V 181 -19.80 37.72 56.32
N LEU V 182 -20.98 37.56 55.72
CA LEU V 182 -21.72 38.69 55.18
C LEU V 182 -23.19 38.33 55.13
N LEU V 183 -24.05 39.30 55.46
CA LEU V 183 -25.48 39.05 55.60
C LEU V 183 -26.23 40.37 55.41
N LEU V 184 -27.55 40.31 55.53
CA LEU V 184 -28.42 41.45 55.28
C LEU V 184 -29.20 41.83 56.53
N TYR V 185 -29.51 43.12 56.61
CA TYR V 185 -30.51 43.63 57.53
C TYR V 185 -31.45 44.55 56.76
N MET V 186 -32.75 44.44 57.05
CA MET V 186 -33.76 45.30 56.48
C MET V 186 -34.41 46.09 57.60
N ALA V 187 -34.72 47.36 57.34
CA ALA V 187 -35.18 48.26 58.38
C ALA V 187 -36.40 49.03 57.91
N CYS V 188 -37.43 49.06 58.75
CA CYS V 188 -38.58 49.92 58.56
C CYS V 188 -38.45 51.14 59.47
N THR V 189 -39.11 52.23 59.09
CA THR V 189 -38.94 53.51 59.77
C THR V 189 -40.21 54.00 60.47
N HIS V 190 -41.22 53.15 60.63
CA HIS V 190 -42.46 53.54 61.28
C HIS V 190 -43.00 52.38 62.10
N ALA V 191 -43.84 52.72 63.08
CA ALA V 191 -44.32 51.74 64.05
C ALA V 191 -45.26 50.71 63.45
N SER V 192 -45.96 51.06 62.38
CA SER V 192 -46.73 50.06 61.63
C SER V 192 -45.79 49.14 60.88
N ASN V 193 -46.32 48.00 60.46
CA ASN V 193 -45.53 47.09 59.64
C ASN V 193 -46.21 46.82 58.30
N PRO V 194 -46.13 47.73 57.33
CA PRO V 194 -46.78 47.47 56.04
C PRO V 194 -45.92 46.64 55.10
N VAL V 195 -44.61 46.58 55.33
CA VAL V 195 -43.65 46.13 54.33
C VAL V 195 -43.71 44.60 54.22
N TYR V 196 -44.15 44.12 53.07
CA TYR V 196 -44.03 42.72 52.70
C TYR V 196 -43.02 42.60 51.57
N ALA V 197 -41.75 42.48 51.96
CA ALA V 197 -40.64 42.50 51.03
C ALA V 197 -40.16 41.07 50.77
N THR V 198 -40.32 40.63 49.53
CA THR V 198 -39.84 39.32 49.10
C THR V 198 -38.73 39.53 48.08
N LEU V 199 -37.58 38.91 48.34
CA LEU V 199 -36.36 39.19 47.60
C LEU V 199 -35.74 37.90 47.09
N LYS V 200 -35.31 37.94 45.83
CA LYS V 200 -34.54 36.86 45.23
C LYS V 200 -33.08 37.27 45.18
N ILE V 201 -32.22 36.50 45.84
CA ILE V 201 -30.84 36.90 46.10
C ILE V 201 -29.94 35.84 45.47
N ARG V 202 -29.43 36.12 44.28
CA ARG V 202 -28.47 35.23 43.65
C ARG V 202 -27.05 35.53 44.12
N ILE V 203 -26.35 34.51 44.57
CA ILE V 203 -24.90 34.55 44.73
C ILE V 203 -24.32 33.52 43.79
N TYR V 204 -23.53 33.97 42.81
CA TYR V 204 -22.74 33.06 42.00
C TYR V 204 -21.27 33.37 42.20
N PHE V 205 -20.47 32.32 42.36
CA PHE V 205 -19.10 32.43 42.83
C PHE V 205 -18.23 31.31 42.30
N ARG W 14 -1.00 25.26 38.70
CA ARG W 14 -1.27 26.60 39.21
C ARG W 14 -0.59 26.93 40.56
N SER W 15 -0.23 25.91 41.35
CA SER W 15 0.13 26.09 42.77
C SER W 15 1.33 25.23 43.19
N PRO W 16 2.23 25.73 44.16
CA PRO W 16 3.42 24.96 44.58
C PRO W 16 3.23 23.97 45.73
N ASP W 17 2.88 22.72 45.45
CA ASP W 17 3.02 21.68 46.46
C ASP W 17 4.07 20.64 46.07
N ILE W 18 3.83 19.93 44.98
CA ILE W 18 4.46 18.65 44.58
C ILE W 18 3.96 18.41 43.16
N PRO W 19 4.55 17.53 42.34
CA PRO W 19 4.11 17.44 40.93
C PRO W 19 2.83 16.66 40.68
N ARG W 20 2.00 16.32 41.67
CA ARG W 20 0.75 15.63 41.35
C ARG W 20 -0.48 16.39 41.82
N GLY W 21 -0.55 16.72 43.09
CA GLY W 21 -1.77 17.19 43.71
C GLY W 21 -1.91 18.68 43.78
N CYS W 22 -2.88 19.19 43.02
CA CYS W 22 -3.48 20.49 43.29
C CYS W 22 -4.51 20.42 44.41
N GLU W 23 -4.73 19.23 44.97
CA GLU W 23 -5.63 19.00 46.09
C GLU W 23 -5.16 19.75 47.34
N GLY W 24 -6.09 19.91 48.27
CA GLY W 24 -5.77 20.43 49.58
C GLY W 24 -4.83 19.49 50.30
N PRO W 25 -3.67 20.01 50.73
CA PRO W 25 -2.62 19.14 51.28
C PRO W 25 -2.98 18.56 52.63
N CYS W 26 -3.80 17.52 52.60
CA CYS W 26 -4.58 17.16 53.77
C CYS W 26 -3.78 16.27 54.71
N LYS W 27 -4.03 16.46 56.01
CA LYS W 27 -3.38 15.65 57.03
C LYS W 27 -4.26 14.46 57.36
N VAL W 28 -3.66 13.28 57.40
CA VAL W 28 -4.28 12.09 57.94
C VAL W 28 -3.30 11.52 58.94
N GLN W 29 -3.69 11.49 60.20
CA GLN W 29 -2.80 11.08 61.26
C GLN W 29 -3.05 9.63 61.62
N SER W 30 -2.09 8.82 61.78
CA SER W 30 -2.17 7.44 62.28
C SER W 30 -1.65 7.47 63.71
N PHE W 31 -2.52 7.87 64.64
CA PHE W 31 -2.16 7.77 66.05
C PHE W 31 -2.18 6.30 66.47
N GLU W 32 -1.23 5.95 67.30
CA GLU W 32 -1.25 4.65 67.97
C GLU W 32 -1.17 4.85 69.47
N GLN W 33 -1.85 3.98 70.20
CA GLN W 33 -1.64 3.79 71.63
C GLN W 33 -1.32 2.32 71.76
N ARG W 34 -0.06 1.99 71.51
CA ARG W 34 0.36 0.60 71.32
C ARG W 34 1.66 0.33 72.06
N ASP W 35 2.25 -0.82 71.76
CA ASP W 35 3.58 -1.19 72.21
C ASP W 35 4.22 -2.05 71.13
N ASP W 36 5.27 -2.76 71.48
CA ASP W 36 5.89 -3.70 70.56
C ASP W 36 6.32 -4.93 71.33
N VAL W 37 7.02 -5.83 70.62
CA VAL W 37 7.74 -6.93 71.24
C VAL W 37 9.19 -6.73 70.86
N LYS W 38 10.06 -7.68 71.23
CA LYS W 38 11.46 -7.58 70.82
C LYS W 38 11.61 -7.67 69.31
N HIS W 39 10.85 -8.55 68.66
CA HIS W 39 11.05 -8.81 67.24
C HIS W 39 10.48 -7.70 66.38
N LEU W 40 9.24 -7.29 66.64
CA LEU W 40 8.57 -6.45 65.67
C LEU W 40 7.53 -5.55 66.32
N GLY W 41 7.50 -4.31 65.85
CA GLY W 41 6.30 -3.48 65.96
C GLY W 41 5.95 -3.00 64.58
N ILE W 42 4.84 -3.49 64.03
CA ILE W 42 4.52 -3.26 62.62
C ILE W 42 3.43 -2.20 62.51
N CYS W 43 3.65 -1.25 61.61
CA CYS W 43 2.71 -0.15 61.41
C CYS W 43 2.74 0.23 59.93
N LYS W 44 1.76 -0.24 59.16
CA LYS W 44 1.50 0.38 57.88
C LYS W 44 0.84 1.73 58.12
N VAL W 45 1.48 2.80 57.51
CA VAL W 45 1.03 4.16 57.69
C VAL W 45 0.35 4.69 56.41
N ILE W 46 -0.39 3.84 55.69
CA ILE W 46 -0.97 4.25 54.41
C ILE W 46 -2.48 4.10 54.37
N SER W 47 -3.03 2.96 54.82
CA SER W 47 -4.47 2.72 54.70
C SER W 47 -5.29 3.46 55.74
N ASP W 48 -4.66 4.36 56.48
CA ASP W 48 -5.37 5.45 57.14
C ASP W 48 -6.20 6.25 56.14
N VAL W 49 -5.68 6.45 54.94
CA VAL W 49 -6.42 7.03 53.83
C VAL W 49 -7.15 5.91 53.10
N THR W 50 -8.46 6.03 53.00
CA THR W 50 -9.28 5.28 52.07
C THR W 50 -9.77 6.25 51.00
N ARG W 51 -10.47 5.72 50.00
CA ARG W 51 -11.14 6.60 49.06
C ARG W 51 -12.32 7.28 49.73
N GLY W 52 -12.49 8.56 49.45
CA GLY W 52 -13.65 9.29 49.90
C GLY W 52 -13.63 10.72 49.43
N PRO W 53 -14.79 11.38 49.47
CA PRO W 53 -14.82 12.83 49.23
C PRO W 53 -14.38 13.65 50.42
N GLY W 54 -14.29 13.04 51.61
CA GLY W 54 -13.95 13.77 52.80
C GLY W 54 -12.49 14.19 52.85
N LEU W 55 -12.17 14.97 53.87
CA LEU W 55 -10.87 15.63 53.97
C LEU W 55 -9.82 14.79 54.69
N THR W 56 -10.11 13.52 54.97
CA THR W 56 -9.11 12.56 55.41
C THR W 56 -9.00 11.42 54.43
N HIS W 57 -9.12 11.75 53.14
CA HIS W 57 -9.25 10.74 52.10
C HIS W 57 -8.40 11.16 50.91
N ARG W 58 -8.69 10.54 49.78
CA ARG W 58 -8.01 10.80 48.53
C ARG W 58 -9.01 10.83 47.39
N VAL W 59 -8.55 11.30 46.24
CA VAL W 59 -9.33 11.28 45.00
C VAL W 59 -8.55 10.45 44.01
N GLY W 60 -9.11 9.30 43.62
CA GLY W 60 -8.37 8.40 42.75
C GLY W 60 -7.49 7.47 43.55
N LYS W 61 -6.28 7.23 43.04
CA LYS W 61 -5.38 6.24 43.62
C LYS W 61 -3.92 6.72 43.64
N ARG W 62 -3.68 8.01 43.90
CA ARG W 62 -2.33 8.58 43.82
C ARG W 62 -2.02 9.46 45.02
N PHE W 63 -0.80 9.31 45.57
CA PHE W 63 -0.26 10.17 46.63
C PHE W 63 1.07 10.79 46.21
N CYS W 64 1.39 11.93 46.95
CA CYS W 64 2.76 12.43 47.09
C CYS W 64 2.87 12.92 48.52
N ILE W 65 3.37 12.05 49.40
CA ILE W 65 3.53 12.39 50.82
C ILE W 65 4.60 13.46 50.95
N LYS W 66 4.19 14.64 51.43
CA LYS W 66 5.14 15.73 51.60
C LYS W 66 6.08 15.45 52.77
N SER W 67 5.53 15.15 53.94
CA SER W 67 6.37 14.87 55.09
C SER W 67 5.62 13.99 56.08
N ILE W 68 6.38 13.12 56.75
CA ILE W 68 5.91 12.39 57.92
C ILE W 68 6.42 13.10 59.16
N TYR W 69 5.51 13.46 60.05
CA TYR W 69 5.82 14.17 61.28
C TYR W 69 5.56 13.22 62.45
N ILE W 70 6.64 12.70 63.02
CA ILE W 70 6.53 11.66 64.05
C ILE W 70 6.64 12.33 65.41
N LEU W 71 5.53 12.37 66.12
CA LEU W 71 5.52 12.61 67.56
C LEU W 71 5.55 11.26 68.28
N GLY W 72 5.84 11.31 69.57
CA GLY W 72 5.81 10.08 70.34
C GLY W 72 6.52 10.14 71.68
N LYS W 73 5.93 9.49 72.67
CA LYS W 73 6.54 9.33 73.98
C LYS W 73 6.76 7.84 74.23
N ILE W 74 8.00 7.47 74.54
CA ILE W 74 8.41 6.08 74.64
C ILE W 74 8.82 5.84 76.09
N TRP W 75 8.00 5.09 76.83
CA TRP W 75 8.24 4.92 78.25
C TRP W 75 8.29 3.43 78.61
N LEU W 76 8.57 3.20 79.88
CA LEU W 76 8.40 1.91 80.54
C LEU W 76 7.82 2.08 81.94
N ASP W 77 7.04 3.15 82.17
CA ASP W 77 6.71 3.60 83.52
C ASP W 77 5.51 2.84 84.11
N GLU W 78 5.21 1.66 83.57
CA GLU W 78 4.40 0.69 84.28
C GLU W 78 5.13 0.26 85.55
N THR W 79 4.39 -0.20 86.56
CA THR W 79 4.97 -0.56 87.86
C THR W 79 5.85 -1.80 87.82
N ILE W 80 5.93 -2.47 86.67
CA ILE W 80 6.76 -3.66 86.47
C ILE W 80 7.79 -3.20 85.44
N LYS W 81 8.68 -4.11 85.01
CA LYS W 81 9.75 -3.90 84.03
C LYS W 81 10.79 -2.91 84.54
N LYS W 82 11.05 -2.93 85.84
CA LYS W 82 12.27 -2.36 86.39
C LYS W 82 13.42 -3.35 86.42
N GLN W 83 13.15 -4.65 86.55
CA GLN W 83 14.16 -5.67 86.32
C GLN W 83 14.25 -5.97 84.82
N ASN W 84 15.32 -6.69 84.44
CA ASN W 84 15.68 -7.02 83.06
C ASN W 84 15.77 -5.76 82.21
N HIS W 85 16.38 -4.72 82.78
CA HIS W 85 16.24 -3.35 82.29
C HIS W 85 17.32 -2.94 81.30
N THR W 86 17.42 -1.63 81.05
CA THR W 86 18.31 -0.97 80.10
C THR W 86 18.13 -1.43 78.66
N ASN W 87 16.97 -1.15 78.06
CA ASN W 87 16.72 -1.44 76.65
C ASN W 87 16.63 -0.12 75.89
N ASN W 88 16.86 -0.18 74.58
CA ASN W 88 16.73 0.99 73.72
C ASN W 88 15.91 0.64 72.48
N VAL W 89 15.42 1.68 71.81
CA VAL W 89 14.50 1.54 70.69
C VAL W 89 15.19 2.09 69.44
N ILE W 90 15.23 1.28 68.39
CA ILE W 90 15.72 1.71 67.09
C ILE W 90 14.54 1.76 66.15
N PHE W 91 14.30 2.92 65.53
CA PHE W 91 13.20 3.06 64.60
C PHE W 91 13.68 2.79 63.18
N TYR W 92 12.74 2.34 62.34
CA TYR W 92 13.01 2.02 60.95
C TYR W 92 11.87 2.54 60.09
N LEU W 93 12.19 3.44 59.17
CA LEU W 93 11.20 4.00 58.25
C LEU W 93 11.64 3.60 56.85
N LEU W 94 10.93 2.63 56.26
CA LEU W 94 11.38 1.98 55.05
C LEU W 94 10.57 2.43 53.85
N ARG W 95 11.22 2.58 52.71
CA ARG W 95 10.51 2.77 51.44
C ARG W 95 10.28 1.39 50.83
N ASP W 96 9.04 0.93 50.82
CA ASP W 96 8.69 -0.39 50.31
C ASP W 96 8.50 -0.33 48.79
N ARG W 97 8.74 -1.47 48.14
CA ARG W 97 8.64 -1.56 46.69
C ARG W 97 7.41 -2.30 46.20
N ARG W 98 6.86 -3.34 46.93
CA ARG W 98 5.46 -3.81 46.84
C ARG W 98 5.08 -4.79 47.94
N PRO W 99 3.86 -4.67 48.47
CA PRO W 99 3.33 -5.70 49.36
C PRO W 99 2.47 -6.75 48.65
N TYR W 100 2.24 -7.86 49.34
CA TYR W 100 1.33 -8.92 48.89
C TYR W 100 0.60 -9.43 50.12
N GLY W 101 -0.74 -9.39 50.09
CA GLY W 101 -1.48 -9.74 51.28
C GLY W 101 -1.26 -8.69 52.34
N ASN W 102 -1.00 -9.10 53.57
CA ASN W 102 -0.91 -8.13 54.66
C ASN W 102 0.51 -7.58 54.79
N ALA W 103 0.77 -6.92 55.92
CA ALA W 103 2.11 -6.47 56.24
C ALA W 103 2.98 -7.67 56.58
N PRO W 104 4.07 -7.91 55.84
CA PRO W 104 4.97 -9.01 56.19
C PRO W 104 5.75 -8.66 57.45
N GLN W 105 5.94 -9.67 58.30
CA GLN W 105 6.54 -9.47 59.61
C GLN W 105 8.03 -9.15 59.48
N ASP W 106 8.58 -8.53 60.53
CA ASP W 106 9.86 -7.83 60.42
C ASP W 106 11.04 -8.79 60.34
N PHE W 107 11.17 -9.68 61.33
CA PHE W 107 12.30 -10.61 61.33
C PHE W 107 12.22 -11.60 60.19
N GLY W 108 11.03 -11.80 59.63
CA GLY W 108 10.92 -12.50 58.36
C GLY W 108 11.22 -11.64 57.16
N GLN W 109 11.73 -10.42 57.36
CA GLN W 109 12.07 -9.57 56.22
C GLN W 109 13.46 -8.93 56.30
N ILE W 110 13.90 -8.46 57.46
CA ILE W 110 15.22 -7.82 57.53
C ILE W 110 16.26 -8.84 57.97
N PHE W 111 17.53 -8.51 57.82
CA PHE W 111 18.47 -9.62 57.68
C PHE W 111 18.83 -10.26 59.02
N ASN W 112 19.42 -9.51 59.94
CA ASN W 112 20.06 -10.14 61.08
C ASN W 112 19.44 -9.58 62.36
N MET W 113 20.02 -9.98 63.50
CA MET W 113 19.40 -9.72 64.81
C MET W 113 19.65 -8.27 65.25
N PHE W 114 18.68 -7.42 64.93
CA PHE W 114 18.31 -6.16 65.57
C PHE W 114 19.28 -5.02 65.31
N ASP W 115 20.42 -5.27 64.68
CA ASP W 115 21.32 -4.24 64.16
C ASP W 115 21.69 -4.65 62.74
N ASN W 116 20.88 -4.22 61.77
CA ASN W 116 20.95 -4.84 60.45
C ASN W 116 20.43 -3.89 59.38
N GLU W 117 20.21 -4.48 58.21
CA GLU W 117 19.72 -3.88 56.99
C GLU W 117 18.73 -4.88 56.40
N PRO W 118 17.97 -4.55 55.36
CA PRO W 118 17.20 -5.59 54.66
C PRO W 118 18.10 -6.61 53.99
N SER W 119 17.53 -7.78 53.74
CA SER W 119 18.28 -8.90 53.21
C SER W 119 18.68 -8.66 51.75
N THR W 120 19.65 -9.45 51.28
CA THR W 120 20.16 -9.30 49.93
C THR W 120 19.14 -9.71 48.88
N ALA W 121 18.22 -10.60 49.21
CA ALA W 121 17.19 -11.04 48.28
C ALA W 121 15.93 -10.19 48.33
N THR W 122 15.93 -9.11 49.11
CA THR W 122 14.74 -8.31 49.35
C THR W 122 14.83 -6.90 48.79
N ILE W 123 15.99 -6.48 48.28
CA ILE W 123 16.17 -5.12 47.81
C ILE W 123 15.45 -4.89 46.49
N PHE W 131 13.88 -4.30 50.36
CA PHE W 131 13.07 -3.09 50.35
C PHE W 131 13.96 -1.92 50.71
N GLN W 132 13.68 -0.75 50.15
CA GLN W 132 14.53 0.41 50.42
C GLN W 132 14.28 0.96 51.82
N VAL W 133 15.27 1.68 52.31
CA VAL W 133 15.28 2.29 53.63
C VAL W 133 15.25 3.79 53.41
N LEU W 134 14.64 4.54 54.32
CA LEU W 134 14.84 5.98 54.29
C LEU W 134 15.78 6.47 55.39
N ARG W 135 15.43 6.30 56.67
CA ARG W 135 16.29 6.69 57.78
C ARG W 135 16.00 5.82 59.00
N LYS W 136 16.74 6.11 60.07
CA LYS W 136 16.62 5.44 61.37
C LYS W 136 16.46 6.49 62.46
N PHE W 137 16.17 6.04 63.68
CA PHE W 137 16.12 6.92 64.84
C PHE W 137 16.66 6.16 66.05
N HIS W 138 16.69 6.85 67.20
CA HIS W 138 17.15 6.27 68.45
C HIS W 138 16.23 6.72 69.58
N ALA W 139 16.10 5.84 70.59
CA ALA W 139 15.37 6.16 71.81
C ALA W 139 15.90 5.21 72.89
N THR W 140 16.51 5.75 73.92
CA THR W 140 17.19 4.96 74.94
C THR W 140 16.51 5.17 76.29
N VAL W 141 15.80 4.14 76.76
CA VAL W 141 15.12 4.22 78.05
C VAL W 141 15.76 3.22 79.01
N VAL W 142 16.61 3.73 79.91
CA VAL W 142 17.36 2.86 80.80
C VAL W 142 16.93 3.11 82.25
N GLY W 143 16.03 2.25 82.76
CA GLY W 143 15.58 2.41 84.13
C GLY W 143 15.53 1.13 84.94
N GLY W 144 16.34 1.05 85.98
CA GLY W 144 16.33 -0.15 86.82
C GLY W 144 15.81 0.13 88.21
N LEU W 145 16.71 0.19 89.19
CA LEU W 145 16.33 0.50 90.57
C LEU W 145 17.31 1.52 91.14
N TYR W 146 16.90 2.10 92.27
CA TYR W 146 17.66 3.01 93.14
C TYR W 146 18.09 4.32 92.50
N CYS W 147 17.70 4.64 91.26
CA CYS W 147 17.59 6.06 90.95
C CYS W 147 16.19 6.41 90.42
N MET W 148 15.58 5.69 89.45
CA MET W 148 16.17 4.90 88.35
C MET W 148 16.29 5.87 87.16
N LYS W 149 17.51 6.07 86.65
CA LYS W 149 17.72 7.21 85.78
C LYS W 149 17.70 6.82 84.30
N GLU W 150 16.48 6.63 83.80
CA GLU W 150 15.90 7.18 82.56
C GLU W 150 14.49 6.62 82.40
N GLN W 151 13.66 7.37 81.66
CA GLN W 151 12.24 7.11 81.47
C GLN W 151 11.78 7.76 80.16
N ALA W 152 10.47 8.03 80.09
CA ALA W 152 9.74 8.56 78.94
C ALA W 152 10.47 9.69 78.22
N LEU W 153 10.83 9.46 76.97
CA LEU W 153 11.51 10.45 76.14
C LEU W 153 10.56 10.96 75.08
N VAL W 154 10.72 12.21 74.69
CA VAL W 154 9.86 12.81 73.67
C VAL W 154 10.65 12.97 72.38
N LYS W 155 10.08 12.53 71.26
CA LYS W 155 10.75 12.59 69.97
C LYS W 155 9.83 13.27 68.96
N ARG W 156 10.29 14.37 68.37
CA ARG W 156 9.62 15.02 67.26
C ARG W 156 10.60 15.13 66.09
N PHE W 157 10.09 14.89 64.88
CA PHE W 157 10.95 14.87 63.69
C PHE W 157 10.14 15.30 62.47
N TYR W 158 10.55 16.39 61.84
CA TYR W 158 10.23 16.60 60.43
C TYR W 158 10.98 15.59 59.59
N ARG W 159 10.31 15.03 58.57
CA ARG W 159 10.95 14.03 57.72
C ARG W 159 10.26 14.06 56.35
N LEU W 160 10.91 14.69 55.37
CA LEU W 160 10.34 14.82 54.04
C LEU W 160 10.47 13.51 53.27
N ASN W 161 9.45 13.19 52.48
CA ASN W 161 9.36 11.92 51.78
C ASN W 161 8.72 12.16 50.41
N HIS W 162 8.26 11.09 49.75
CA HIS W 162 7.80 11.18 48.37
C HIS W 162 6.64 10.21 48.15
N HIS W 163 6.34 9.94 46.88
CA HIS W 163 5.03 9.54 46.39
C HIS W 163 4.68 8.09 46.74
N VAL W 164 3.36 7.82 46.77
CA VAL W 164 2.76 6.53 47.09
C VAL W 164 1.61 6.31 46.10
N THR W 165 1.39 5.02 45.61
CA THR W 165 0.31 4.70 44.67
C THR W 165 -0.38 3.39 45.07
N TYR W 166 -1.71 3.32 44.93
CA TYR W 166 -2.44 2.05 44.99
C TYR W 166 -2.77 1.54 43.60
N ASN W 167 -2.74 0.21 43.45
CA ASN W 167 -3.25 -0.43 42.24
C ASN W 167 -4.76 -0.63 42.32
N HIS W 168 -5.20 -1.43 43.29
CA HIS W 168 -6.60 -1.80 43.38
C HIS W 168 -7.44 -0.61 43.78
N GLN W 169 -8.54 -0.42 43.07
CA GLN W 169 -9.27 0.84 43.05
C GLN W 169 -10.37 0.88 44.10
N GLU W 170 -10.14 0.22 45.22
CA GLU W 170 -11.12 0.09 46.28
C GLU W 170 -11.04 1.24 47.26
N ALA W 171 -12.17 1.53 47.92
CA ALA W 171 -12.23 2.40 49.09
C ALA W 171 -11.92 1.57 50.33
N GLY W 172 -10.68 1.09 50.40
CA GLY W 172 -10.41 0.01 51.33
C GLY W 172 -9.10 0.03 52.09
N LYS W 173 -8.67 -1.16 52.48
CA LYS W 173 -7.62 -1.39 53.44
C LYS W 173 -6.24 -1.40 52.77
N TYR W 174 -5.24 -1.95 53.46
CA TYR W 174 -3.83 -1.85 53.10
C TYR W 174 -3.32 -2.95 52.18
N GLU W 175 -4.09 -4.01 51.97
CA GLU W 175 -3.57 -5.18 51.27
C GLU W 175 -3.54 -5.03 49.75
N ASN W 176 -3.86 -3.85 49.22
CA ASN W 176 -4.21 -3.77 47.81
C ASN W 176 -3.44 -2.67 47.06
N HIS W 177 -2.12 -2.62 47.27
CA HIS W 177 -1.30 -1.51 46.82
C HIS W 177 -0.53 -1.87 45.55
N THR W 178 0.41 -1.00 45.19
CA THR W 178 1.40 -1.21 44.14
C THR W 178 2.67 -0.47 44.57
N GLU W 179 3.51 -0.10 43.59
CA GLU W 179 4.76 0.64 43.73
C GLU W 179 4.75 1.70 44.82
N ASN W 180 5.84 1.70 45.60
CA ASN W 180 6.14 2.71 46.61
C ASN W 180 5.08 2.75 47.71
N ALA W 181 5.05 1.69 48.51
CA ALA W 181 4.49 1.79 49.85
C ALA W 181 5.59 2.26 50.80
N LEU W 182 5.18 2.62 52.02
CA LEU W 182 6.11 2.99 53.07
C LEU W 182 5.45 2.76 54.42
N LEU W 183 6.23 2.27 55.37
CA LEU W 183 5.69 1.87 56.67
C LEU W 183 6.81 1.88 57.70
N LEU W 184 6.48 1.51 58.93
CA LEU W 184 7.41 1.58 60.05
C LEU W 184 7.65 0.20 60.65
N TYR W 185 8.85 0.03 61.20
CA TYR W 185 9.16 -1.07 62.10
C TYR W 185 9.84 -0.51 63.33
N MET W 186 9.47 -1.04 64.49
CA MET W 186 10.09 -0.67 65.76
C MET W 186 10.75 -1.92 66.34
N ALA W 187 11.92 -1.74 66.94
CA ALA W 187 12.73 -2.86 67.38
C ALA W 187 13.21 -2.65 68.81
N CYS W 188 13.04 -3.68 69.64
CA CYS W 188 13.64 -3.72 70.95
C CYS W 188 14.88 -4.62 70.92
N THR W 189 15.80 -4.37 71.84
CA THR W 189 17.11 -5.04 71.83
C THR W 189 17.33 -5.96 73.02
N HIS W 190 16.29 -6.30 73.78
CA HIS W 190 16.44 -7.19 74.92
C HIS W 190 15.20 -8.07 75.05
N ALA W 191 15.39 -9.20 75.74
CA ALA W 191 14.36 -10.23 75.81
C ALA W 191 13.14 -9.79 76.60
N SER W 192 13.30 -8.88 77.56
CA SER W 192 12.15 -8.29 78.23
C SER W 192 11.42 -7.35 77.27
N ASN W 193 10.18 -7.02 77.63
CA ASN W 193 9.44 -6.05 76.82
C ASN W 193 9.01 -4.87 77.67
N PRO W 194 9.89 -3.91 77.98
CA PRO W 194 9.46 -2.76 78.78
C PRO W 194 8.81 -1.66 77.96
N VAL W 195 9.04 -1.64 76.65
CA VAL W 195 8.78 -0.47 75.83
C VAL W 195 7.27 -0.34 75.58
N TYR W 196 6.68 0.71 76.12
CA TYR W 196 5.32 1.12 75.79
C TYR W 196 5.40 2.42 75.00
N ALA W 197 5.55 2.28 73.69
CA ALA W 197 5.77 3.41 72.79
C ALA W 197 4.48 3.78 72.10
N THR W 198 3.97 4.97 72.39
CA THR W 198 2.79 5.51 71.73
C THR W 198 3.19 6.72 70.90
N LEU W 199 2.84 6.69 69.63
CA LEU W 199 3.36 7.65 68.66
C LEU W 199 2.22 8.28 67.89
N LYS W 200 2.31 9.60 67.71
CA LYS W 200 1.40 10.35 66.87
C LYS W 200 2.11 10.68 65.56
N ILE W 201 1.55 10.19 64.46
CA ILE W 201 2.23 10.20 63.16
C ILE W 201 1.37 11.01 62.19
N ARG W 202 1.72 12.27 61.98
CA ARG W 202 1.04 13.09 60.99
C ARG W 202 1.65 12.89 59.62
N ILE W 203 0.80 12.61 58.64
CA ILE W 203 1.15 12.72 57.23
C ILE W 203 0.24 13.77 56.62
N TYR W 204 0.83 14.86 56.15
CA TYR W 204 0.09 15.83 55.36
C TYR W 204 0.70 15.91 53.97
N PHE W 205 -0.17 15.92 52.96
CA PHE W 205 0.24 15.71 51.58
C PHE W 205 -0.69 16.42 50.61
N PRO X 16 56.18 19.81 52.14
CA PRO X 16 54.82 20.36 52.18
C PRO X 16 54.25 20.46 53.60
N ASP X 17 55.03 20.04 54.60
CA ASP X 17 54.56 19.99 55.97
C ASP X 17 55.39 20.88 56.89
N ILE X 18 56.71 20.85 56.75
CA ILE X 18 57.64 21.44 57.72
C ILE X 18 58.20 22.77 57.24
N PRO X 19 58.45 23.73 58.13
CA PRO X 19 59.07 25.00 57.73
C PRO X 19 60.57 25.08 57.94
N ARG X 20 61.23 24.04 58.45
CA ARG X 20 62.61 24.16 58.91
C ARG X 20 63.61 23.42 58.03
N GLY X 21 63.45 22.11 57.86
CA GLY X 21 64.44 21.31 57.17
C GLY X 21 63.88 19.97 56.72
N CYS X 22 64.46 19.44 55.64
CA CYS X 22 63.92 18.29 54.91
C CYS X 22 64.20 16.95 55.58
N GLU X 23 64.57 16.94 56.86
CA GLU X 23 64.64 15.70 57.63
C GLU X 23 63.25 15.09 57.76
N GLY X 24 63.23 13.78 58.02
CA GLY X 24 62.00 13.09 58.31
C GLY X 24 61.43 13.56 59.63
N PRO X 25 60.10 13.72 59.71
CA PRO X 25 59.49 14.15 60.97
C PRO X 25 59.53 13.06 62.03
N CYS X 26 60.68 12.93 62.67
CA CYS X 26 60.96 11.78 63.52
C CYS X 26 60.20 11.89 64.84
N LYS X 27 59.67 10.76 65.29
CA LYS X 27 58.88 10.70 66.50
C LYS X 27 59.79 10.45 67.70
N VAL X 28 59.61 11.23 68.76
CA VAL X 28 60.22 10.97 70.06
C VAL X 28 59.08 10.99 71.07
N GLN X 29 58.69 9.82 71.55
CA GLN X 29 57.50 9.68 72.37
C GLN X 29 57.89 9.55 73.85
N SER X 30 57.36 10.44 74.66
CA SER X 30 57.61 10.41 76.09
C SER X 30 56.39 9.73 76.72
N PHE X 31 56.37 8.40 76.67
CA PHE X 31 55.35 7.66 77.40
C PHE X 31 55.61 7.73 78.88
N GLU X 32 54.54 7.87 79.65
CA GLU X 32 54.61 7.74 81.09
C GLU X 32 53.63 6.67 81.55
N GLN X 33 54.02 5.94 82.58
CA GLN X 33 53.10 5.12 83.36
C GLN X 33 53.29 5.63 84.78
N ARG X 34 52.59 6.73 85.09
CA ARG X 34 52.86 7.50 86.29
C ARG X 34 51.56 7.90 86.97
N ASP X 35 51.67 8.81 87.93
CA ASP X 35 50.54 9.46 88.57
C ASP X 35 50.97 10.88 88.95
N ASP X 36 50.21 11.50 89.83
CA ASP X 36 50.61 12.81 90.34
C ASP X 36 50.25 12.88 91.81
N VAL X 37 50.43 14.07 92.38
CA VAL X 37 49.91 14.40 93.70
C VAL X 37 48.97 15.57 93.49
N LYS X 38 48.43 16.14 94.57
CA LYS X 38 47.59 17.31 94.43
C LYS X 38 48.36 18.50 93.89
N HIS X 39 49.60 18.69 94.34
CA HIS X 39 50.34 19.89 94.01
C HIS X 39 50.90 19.84 92.60
N LEU X 40 51.52 18.73 92.22
CA LEU X 40 52.31 18.75 91.00
C LEU X 40 52.41 17.37 90.37
N GLY X 41 52.29 17.35 89.04
CA GLY X 41 52.83 16.27 88.25
C GLY X 41 53.73 16.89 87.20
N ILE X 42 55.04 16.68 87.31
CA ILE X 42 56.00 17.40 86.48
C ILE X 42 56.54 16.48 85.40
N CYS X 43 56.55 17.00 84.18
CA CYS X 43 57.01 16.24 83.01
C CYS X 43 57.70 17.20 82.06
N LYS X 44 59.04 17.22 82.08
CA LYS X 44 59.76 17.78 80.94
C LYS X 44 59.65 16.83 79.77
N VAL X 45 58.96 17.26 78.70
CA VAL X 45 58.61 16.36 77.61
C VAL X 45 59.78 16.22 76.64
N ILE X 46 60.73 17.15 76.68
CA ILE X 46 61.84 17.17 75.75
C ILE X 46 63.10 16.57 76.38
N SER X 47 62.92 15.72 77.39
CA SER X 47 64.00 15.34 78.29
C SER X 47 64.97 14.36 77.63
N ASP X 48 64.48 13.21 77.20
CA ASP X 48 65.33 12.11 76.75
C ASP X 48 65.81 12.25 75.31
N VAL X 49 65.80 13.46 74.73
CA VAL X 49 66.19 13.65 73.33
C VAL X 49 67.68 13.92 73.31
N THR X 50 68.47 12.90 72.99
CA THR X 50 69.93 12.99 72.93
C THR X 50 70.38 12.94 71.48
N ARG X 51 71.64 13.27 71.24
CA ARG X 51 72.20 13.19 69.90
C ARG X 51 72.45 11.75 69.52
N GLY X 52 71.97 11.36 68.34
CA GLY X 52 72.15 10.02 67.83
C GLY X 52 71.62 9.88 66.42
N PRO X 53 71.97 8.78 65.75
CA PRO X 53 71.50 8.59 64.37
C PRO X 53 70.05 8.13 64.27
N GLY X 54 69.48 7.56 65.33
CA GLY X 54 68.14 7.05 65.27
C GLY X 54 67.08 8.14 65.24
N LEU X 55 65.85 7.72 64.96
CA LEU X 55 64.74 8.67 64.89
C LEU X 55 64.18 9.02 66.27
N THR X 56 64.62 8.34 67.32
CA THR X 56 64.35 8.75 68.69
C THR X 56 65.43 9.67 69.23
N HIS X 57 66.10 10.41 68.35
CA HIS X 57 67.27 11.20 68.69
C HIS X 57 67.17 12.54 67.96
N ARG X 58 68.29 13.27 67.94
CA ARG X 58 68.31 14.62 67.37
C ARG X 58 69.60 14.85 66.62
N VAL X 59 69.55 15.82 65.71
CA VAL X 59 70.71 16.28 64.96
C VAL X 59 70.95 17.74 65.31
N GLY X 60 72.05 18.00 66.02
CA GLY X 60 72.37 19.35 66.44
C GLY X 60 71.70 19.75 67.74
N LYS X 61 71.29 21.01 67.83
CA LYS X 61 70.66 21.51 69.06
C LYS X 61 69.49 22.44 68.76
N ARG X 62 68.89 22.32 67.57
CA ARG X 62 67.79 23.17 67.16
C ARG X 62 66.58 22.32 66.83
N PHE X 63 65.44 22.65 67.45
CA PHE X 63 64.18 21.97 67.21
C PHE X 63 63.17 22.93 66.63
N CYS X 64 62.18 22.36 65.92
CA CYS X 64 60.91 23.04 65.64
C CYS X 64 59.84 21.97 65.81
N ILE X 65 59.27 21.91 67.01
CA ILE X 65 58.22 20.93 67.31
C ILE X 65 56.99 21.25 66.49
N LYS X 66 56.62 20.33 65.60
CA LYS X 66 55.45 20.54 64.76
C LYS X 66 54.17 20.41 65.59
N SER X 67 54.02 19.30 66.30
CA SER X 67 52.82 19.12 67.10
C SER X 67 53.11 18.16 68.25
N ILE X 68 52.45 18.41 69.38
CA ILE X 68 52.39 17.48 70.50
C ILE X 68 51.06 16.76 70.42
N TYR X 69 51.12 15.43 70.39
CA TYR X 69 49.94 14.57 70.29
C TYR X 69 49.78 13.83 71.61
N ILE X 70 48.82 14.26 72.42
CA ILE X 70 48.65 13.75 73.78
C ILE X 70 47.58 12.68 73.76
N LEU X 71 47.99 11.44 73.93
CA LEU X 71 47.10 10.36 74.31
C LEU X 71 47.12 10.23 75.84
N GLY X 72 46.14 9.49 76.36
CA GLY X 72 46.14 9.26 77.79
C GLY X 72 44.84 8.77 78.36
N LYS X 73 44.92 7.84 79.30
CA LYS X 73 43.78 7.38 80.06
C LYS X 73 43.97 7.73 81.52
N ILE X 74 42.99 8.42 82.10
CA ILE X 74 43.08 9.00 83.43
C ILE X 74 42.04 8.31 84.29
N TRP X 75 42.48 7.44 85.20
CA TRP X 75 41.55 6.65 85.99
C TRP X 75 41.81 6.82 87.47
N LEU X 76 40.95 6.16 88.25
CA LEU X 76 41.14 5.93 89.67
C LEU X 76 40.72 4.52 90.06
N ASP X 77 40.80 3.56 89.12
CA ASP X 77 40.13 2.27 89.25
C ASP X 77 40.94 1.27 90.08
N GLU X 78 41.87 1.76 90.90
CA GLU X 78 42.40 0.99 92.01
C GLU X 78 41.27 0.68 92.99
N THR X 79 41.41 -0.39 93.77
CA THR X 79 40.36 -0.83 94.67
C THR X 79 40.13 0.10 95.87
N ILE X 80 40.96 1.14 95.99
CA ILE X 80 40.85 2.15 97.05
C ILE X 80 40.51 3.43 96.30
N LYS X 81 40.40 4.56 97.02
CA LYS X 81 40.08 5.90 96.50
C LYS X 81 38.68 5.97 95.91
N LYS X 82 37.75 5.22 96.50
CA LYS X 82 36.33 5.48 96.33
C LYS X 82 35.78 6.48 97.33
N GLN X 83 36.35 6.55 98.54
CA GLN X 83 36.07 7.65 99.45
C GLN X 83 36.96 8.84 99.09
N ASN X 84 36.61 10.00 99.67
CA ASN X 84 37.24 11.31 99.42
C ASN X 84 37.24 11.62 97.94
N HIS X 85 36.12 11.35 97.29
CA HIS X 85 36.03 11.25 95.84
C HIS X 85 35.65 12.54 95.15
N THR X 86 35.29 12.43 93.86
CA THR X 86 34.93 13.52 92.95
C THR X 86 36.05 14.53 92.75
N ASN X 87 37.15 14.12 92.14
CA ASN X 87 38.25 15.02 91.78
C ASN X 87 38.31 15.16 90.27
N ASN X 88 38.90 16.25 89.79
CA ASN X 88 39.10 16.47 88.37
C ASN X 88 40.53 16.89 88.08
N VAL X 89 40.93 16.76 86.83
CA VAL X 89 42.32 16.99 86.40
C VAL X 89 42.33 18.17 85.44
N ILE X 90 43.17 19.16 85.73
CA ILE X 90 43.39 20.29 84.84
C ILE X 90 44.81 20.16 84.30
N PHE X 91 44.93 20.13 82.98
CA PHE X 91 46.26 20.03 82.37
C PHE X 91 46.81 21.42 82.05
N TYR X 92 48.13 21.51 82.03
CA TYR X 92 48.82 22.76 81.75
C TYR X 92 49.99 22.47 80.82
N LEU X 93 49.98 23.10 79.65
CA LEU X 93 51.05 22.94 78.66
C LEU X 93 51.66 24.33 78.48
N LEU X 94 52.85 24.53 79.05
CA LEU X 94 53.43 25.86 79.17
C LEU X 94 54.58 26.04 78.19
N ARG X 95 54.69 27.25 77.63
CA ARG X 95 55.88 27.62 76.87
C ARG X 95 56.86 28.28 77.83
N ASP X 96 57.96 27.58 78.14
CA ASP X 96 58.95 28.06 79.09
C ASP X 96 59.94 28.98 78.39
N ARG X 97 60.51 29.91 79.16
CA ARG X 97 61.45 30.89 78.62
C ARG X 97 62.89 30.63 78.98
N ARG X 98 63.17 29.97 80.13
CA ARG X 98 64.55 29.73 80.56
C ARG X 98 64.56 28.51 81.48
N PRO X 99 65.64 27.73 81.48
CA PRO X 99 65.74 26.62 82.42
C PRO X 99 66.55 26.96 83.66
N TYR X 100 66.46 26.12 84.69
CA TYR X 100 67.42 26.12 85.80
C TYR X 100 67.69 24.66 86.14
N GLY X 101 68.67 24.06 85.46
CA GLY X 101 69.06 22.69 85.70
C GLY X 101 67.95 21.68 85.46
N ASN X 102 67.41 21.15 86.55
CA ASN X 102 66.25 20.26 86.52
C ASN X 102 64.96 21.08 86.39
N ALA X 103 63.83 20.41 86.62
CA ALA X 103 62.54 21.09 86.52
C ALA X 103 62.30 21.95 87.75
N PRO X 104 61.73 23.15 87.58
CA PRO X 104 61.44 24.00 88.74
C PRO X 104 60.21 23.56 89.51
N GLN X 105 59.81 24.34 90.51
CA GLN X 105 58.63 24.05 91.29
C GLN X 105 57.36 24.26 90.47
N ASP X 106 56.24 23.79 91.00
CA ASP X 106 54.94 24.12 90.44
C ASP X 106 54.18 25.13 91.30
N PHE X 107 53.92 24.78 92.57
CA PHE X 107 53.11 25.62 93.43
C PHE X 107 53.84 26.90 93.83
N GLY X 108 55.17 26.86 93.84
CA GLY X 108 55.97 28.06 94.00
C GLY X 108 56.26 28.79 92.71
N GLN X 109 55.76 28.31 91.58
CA GLN X 109 55.97 28.96 90.29
C GLN X 109 54.68 29.51 89.71
N ILE X 110 53.65 28.69 89.54
CA ILE X 110 52.34 29.24 89.23
C ILE X 110 51.72 29.80 90.51
N PHE X 111 50.78 30.73 90.33
CA PHE X 111 50.52 31.74 91.36
C PHE X 111 49.71 31.19 92.54
N ASN X 112 48.48 30.75 92.29
CA ASN X 112 47.56 30.53 93.40
C ASN X 112 47.11 29.07 93.38
N MET X 113 46.16 28.73 94.27
CA MET X 113 45.78 27.35 94.53
C MET X 113 44.85 26.82 93.42
N PHE X 114 45.49 26.18 92.44
CA PHE X 114 44.97 25.14 91.54
C PHE X 114 44.00 25.66 90.48
N ASP X 115 43.60 26.93 90.55
CA ASP X 115 42.88 27.61 89.47
C ASP X 115 43.55 28.96 89.27
N ASN X 116 44.56 29.00 88.41
CA ASN X 116 45.48 30.14 88.43
C ASN X 116 46.15 30.31 87.07
N GLU X 117 47.18 31.15 87.09
CA GLU X 117 48.05 31.53 85.98
C GLU X 117 49.47 31.55 86.57
N PRO X 118 50.52 31.69 85.76
CA PRO X 118 51.84 31.96 86.34
C PRO X 118 51.90 33.30 87.06
N SER X 119 52.86 33.41 87.98
CA SER X 119 52.98 34.58 88.82
C SER X 119 53.42 35.80 88.02
N THR X 120 53.23 36.98 88.63
CA THR X 120 53.57 38.23 87.97
C THR X 120 55.08 38.42 87.81
N ALA X 121 55.88 37.81 88.68
CA ALA X 121 57.33 37.90 88.59
C ALA X 121 57.94 36.81 87.74
N THR X 122 57.13 35.98 87.09
CA THR X 122 57.63 34.82 86.36
C THR X 122 57.41 34.90 84.86
N ILE X 123 56.69 35.90 84.38
CA ILE X 123 56.36 35.99 82.95
C ILE X 123 57.58 36.39 82.14
N PHE X 131 56.36 32.47 83.09
CA PHE X 131 56.56 31.63 81.92
C PHE X 131 55.29 31.64 81.09
N GLN X 132 55.42 31.54 79.77
CA GLN X 132 54.25 31.61 78.92
C GLN X 132 53.44 30.31 78.98
N VAL X 133 52.17 30.43 78.63
CA VAL X 133 51.21 29.34 78.63
C VAL X 133 50.86 29.08 77.17
N LEU X 134 50.54 27.84 76.83
CA LEU X 134 49.92 27.60 75.53
C LEU X 134 48.43 27.32 75.63
N ARG X 135 48.03 26.23 76.29
CA ARG X 135 46.61 25.91 76.47
C ARG X 135 46.42 25.09 77.75
N LYS X 136 45.16 24.74 78.01
CA LYS X 136 44.74 23.92 79.14
C LYS X 136 43.88 22.77 78.64
N PHE X 137 43.55 21.84 79.54
CA PHE X 137 42.62 20.76 79.23
C PHE X 137 41.79 20.45 80.47
N HIS X 138 40.88 19.48 80.32
CA HIS X 138 40.01 19.05 81.42
C HIS X 138 39.90 17.53 81.41
N ALA X 139 39.72 16.97 82.60
CA ALA X 139 39.46 15.55 82.78
C ALA X 139 38.78 15.39 84.12
N THR X 140 37.54 14.91 84.12
CA THR X 140 36.71 14.85 85.32
C THR X 140 36.38 13.40 85.64
N VAL X 141 36.99 12.87 86.71
CA VAL X 141 36.74 11.48 87.13
C VAL X 141 36.06 11.49 88.49
N VAL X 142 34.74 11.29 88.47
CA VAL X 142 33.95 11.38 89.70
C VAL X 142 33.36 10.00 90.05
N GLY X 143 34.03 9.29 90.95
CA GLY X 143 33.53 7.99 91.34
C GLY X 143 33.55 7.71 92.83
N GLY X 144 32.36 7.53 93.42
CA GLY X 144 32.29 7.26 94.84
C GLY X 144 31.80 5.85 95.14
N LEU X 145 30.54 5.74 95.57
CA LEU X 145 29.94 4.44 95.84
C LEU X 145 28.55 4.41 95.25
N TYR X 146 28.00 3.19 95.15
CA TYR X 146 26.64 2.84 94.77
C TYR X 146 26.24 3.23 93.34
N CYS X 147 27.13 3.75 92.51
CA CYS X 147 26.90 3.53 91.09
C CYS X 147 28.14 2.89 90.42
N MET X 148 29.39 3.37 90.61
CA MET X 148 29.84 4.73 90.91
C MET X 148 30.11 5.40 89.54
N LYS X 149 29.43 6.51 89.27
CA LYS X 149 29.37 6.95 87.88
C LYS X 149 30.37 8.08 87.62
N GLU X 150 31.64 7.68 87.47
CA GLU X 150 32.59 8.03 86.41
C GLU X 150 33.92 7.36 86.72
N GLN X 151 34.72 7.15 85.67
CA GLN X 151 35.98 6.42 85.70
C GLN X 151 36.85 6.87 84.53
N ALA X 152 37.78 6.00 84.14
CA ALA X 152 38.81 6.17 83.11
C ALA X 152 38.28 6.86 81.85
N LEU X 153 38.82 8.05 81.56
CA LEU X 153 38.44 8.82 80.38
C LEU X 153 39.59 8.81 79.40
N VAL X 154 39.27 8.85 78.10
CA VAL X 154 40.29 8.85 77.07
C VAL X 154 40.38 10.24 76.45
N LYS X 155 41.60 10.77 76.34
CA LYS X 155 41.82 12.10 75.79
C LYS X 155 42.85 12.02 74.67
N ARG X 156 42.46 12.45 73.47
CA ARG X 156 43.38 12.62 72.35
C ARG X 156 43.29 14.06 71.85
N PHE X 157 44.44 14.65 71.52
CA PHE X 157 44.49 16.05 71.11
C PHE X 157 45.64 16.27 70.14
N TYR X 158 45.33 16.70 68.92
CA TYR X 158 46.30 17.43 68.11
C TYR X 158 46.55 18.79 68.74
N ARG X 159 47.83 19.21 68.76
CA ARG X 159 48.17 20.50 69.36
C ARG X 159 49.46 21.00 68.71
N LEU X 160 49.32 21.95 67.78
CA LEU X 160 50.46 22.48 67.05
C LEU X 160 51.25 23.46 67.91
N ASN X 161 52.57 23.42 67.79
CA ASN X 161 53.47 24.21 68.64
C ASN X 161 54.65 24.67 67.80
N HIS X 162 55.72 25.13 68.45
CA HIS X 162 56.82 25.78 67.74
C HIS X 162 58.15 25.42 68.43
N HIS X 163 59.19 26.19 68.11
CA HIS X 163 60.59 25.79 68.16
C HIS X 163 61.14 25.70 69.59
N VAL X 164 62.19 24.88 69.73
CA VAL X 164 62.90 24.60 70.97
C VAL X 164 64.40 24.61 70.66
N THR X 165 65.22 25.13 71.58
CA THR X 165 66.66 25.14 71.42
C THR X 165 67.30 24.44 72.62
N TYR X 166 68.35 23.64 72.35
CA TYR X 166 69.24 23.16 73.40
C TYR X 166 70.50 23.98 73.48
N ASN X 167 71.07 24.09 74.68
CA ASN X 167 72.28 24.90 74.87
C ASN X 167 73.51 24.12 74.44
N HIS X 168 73.80 23.01 75.12
CA HIS X 168 75.03 22.28 74.88
C HIS X 168 74.91 21.39 73.66
N GLN X 169 76.06 20.99 73.13
CA GLN X 169 76.15 20.09 71.99
C GLN X 169 76.35 18.64 72.44
N GLU X 170 75.91 18.33 73.66
CA GLU X 170 76.05 17.01 74.25
C GLU X 170 74.97 16.07 73.72
N ALA X 171 75.18 14.78 73.99
CA ALA X 171 74.11 13.79 73.84
C ALA X 171 73.42 13.59 75.19
N GLY X 172 72.95 14.70 75.75
CA GLY X 172 72.51 14.77 77.12
C GLY X 172 71.00 14.84 77.28
N LYS X 173 70.59 14.82 78.54
CA LYS X 173 69.19 14.83 78.96
C LYS X 173 68.73 16.28 79.14
N TYR X 174 67.61 16.46 79.84
CA TYR X 174 66.94 17.75 80.03
C TYR X 174 67.76 18.82 80.75
N GLU X 175 68.94 18.48 81.29
CA GLU X 175 69.65 19.41 82.16
C GLU X 175 70.31 20.55 81.38
N ASN X 176 70.64 20.33 80.10
CA ASN X 176 71.42 21.29 79.32
C ASN X 176 70.54 22.15 78.40
N HIS X 177 69.36 22.54 78.86
CA HIS X 177 68.45 23.34 78.07
C HIS X 177 68.91 24.80 77.98
N THR X 178 68.15 25.58 77.22
CA THR X 178 68.29 27.02 77.09
C THR X 178 66.90 27.59 76.82
N GLU X 179 66.84 28.78 76.24
CA GLU X 179 65.60 29.47 75.87
C GLU X 179 64.65 28.59 75.07
N ASN X 180 63.35 28.85 75.25
CA ASN X 180 62.24 28.19 74.58
C ASN X 180 62.20 26.68 74.87
N ALA X 181 62.01 26.39 76.14
CA ALA X 181 61.62 25.06 76.57
C ALA X 181 60.10 24.97 76.64
N LEU X 182 59.59 23.75 76.78
CA LEU X 182 58.16 23.53 76.97
C LEU X 182 57.97 22.20 77.68
N LEU X 183 57.00 22.16 78.60
CA LEU X 183 56.81 21.00 79.46
C LEU X 183 55.37 21.01 79.97
N LEU X 184 55.04 20.03 80.80
CA LEU X 184 53.69 19.83 81.29
C LEU X 184 53.63 19.93 82.80
N TYR X 185 52.47 20.38 83.29
CA TYR X 185 52.10 20.23 84.69
C TYR X 185 50.69 19.66 84.77
N MET X 186 50.48 18.74 85.69
CA MET X 186 49.18 18.16 85.95
C MET X 186 48.77 18.50 87.37
N ALA X 187 47.49 18.80 87.57
CA ALA X 187 47.01 19.33 88.84
C ALA X 187 45.76 18.59 89.28
N CYS X 188 45.76 18.16 90.54
CA CYS X 188 44.57 17.64 91.20
C CYS X 188 43.97 18.72 92.08
N THR X 189 42.66 18.60 92.34
CA THR X 189 41.93 19.64 93.04
C THR X 189 41.39 19.20 94.39
N HIS X 190 41.85 18.07 94.93
CA HIS X 190 41.38 17.59 96.23
C HIS X 190 42.53 16.93 96.97
N ALA X 191 42.38 16.86 98.30
CA ALA X 191 43.46 16.41 99.17
C ALA X 191 43.77 14.92 99.01
N SER X 192 42.80 14.12 98.60
CA SER X 192 43.07 12.74 98.24
C SER X 192 43.85 12.68 96.93
N ASN X 193 44.46 11.53 96.66
CA ASN X 193 45.15 11.35 95.39
C ASN X 193 44.59 10.15 94.64
N PRO X 194 43.44 10.27 93.99
CA PRO X 194 42.90 9.11 93.25
C PRO X 194 43.49 8.97 91.86
N VAL X 195 44.06 10.04 91.30
CA VAL X 195 44.34 10.13 89.87
C VAL X 195 45.56 9.28 89.53
N TYR X 196 45.35 8.24 88.75
CA TYR X 196 46.42 7.47 88.13
C TYR X 196 46.38 7.72 86.63
N ALA X 197 47.06 8.79 86.22
CA ALA X 197 47.02 9.27 84.84
C ALA X 197 48.26 8.81 84.09
N THR X 198 48.07 7.97 83.10
CA THR X 198 49.15 7.50 82.24
C THR X 198 48.92 8.03 80.84
N LEU X 199 49.92 8.71 80.30
CA LEU X 199 49.76 9.48 79.08
C LEU X 199 50.84 9.10 78.07
N LYS X 200 50.43 8.95 76.82
CA LYS X 200 51.34 8.74 75.71
C LYS X 200 51.45 10.04 74.92
N ILE X 201 52.65 10.59 74.85
CA ILE X 201 52.88 11.94 74.36
C ILE X 201 53.81 11.85 73.15
N ARG X 202 53.24 11.90 71.95
CA ARG X 202 54.05 11.92 70.74
C ARG X 202 54.44 13.35 70.39
N ILE X 203 55.73 13.55 70.16
CA ILE X 203 56.23 14.75 69.50
C ILE X 203 56.90 14.30 68.22
N TYR X 204 56.37 14.73 67.07
CA TYR X 204 57.05 14.54 65.81
C TYR X 204 57.35 15.90 65.21
N PHE X 205 58.58 16.05 64.70
CA PHE X 205 59.13 17.35 64.35
C PHE X 205 60.14 17.24 63.21
N PRO Y 16 14.65 51.44 63.89
CA PRO Y 16 15.47 50.35 63.32
C PRO Y 16 15.07 48.97 63.82
N ASP Y 17 14.08 48.90 64.70
CA ASP Y 17 13.68 47.65 65.33
C ASP Y 17 12.22 47.29 65.02
N ILE Y 18 11.33 48.25 65.07
CA ILE Y 18 9.88 48.02 65.06
C ILE Y 18 9.26 48.33 63.70
N PRO Y 19 8.25 47.58 63.27
CA PRO Y 19 7.57 47.88 62.01
C PRO Y 19 6.29 48.69 62.14
N ARG Y 20 5.86 49.08 63.34
CA ARG Y 20 4.53 49.63 63.54
C ARG Y 20 4.52 51.10 63.88
N GLY Y 21 5.18 51.52 64.97
CA GLY Y 21 5.11 52.87 65.43
C GLY Y 21 6.24 53.23 66.37
N CYS Y 22 6.59 54.51 66.40
CA CYS Y 22 7.81 55.00 67.05
C CYS Y 22 7.68 55.14 68.57
N GLU Y 23 6.69 54.49 69.18
CA GLU Y 23 6.64 54.37 70.64
C GLU Y 23 7.83 53.55 71.14
N GLY Y 24 8.15 53.75 72.42
CA GLY Y 24 9.15 52.94 73.07
C GLY Y 24 8.68 51.50 73.21
N PRO Y 25 9.58 50.54 73.00
CA PRO Y 25 9.20 49.14 73.14
C PRO Y 25 8.95 48.76 74.59
N CYS Y 26 7.77 49.10 75.09
CA CYS Y 26 7.47 49.02 76.51
C CYS Y 26 7.27 47.58 76.95
N LYS Y 27 7.81 47.26 78.12
CA LYS Y 27 7.75 45.92 78.66
C LYS Y 27 6.48 45.75 79.50
N VAL Y 28 5.76 44.67 79.26
CA VAL Y 28 4.67 44.23 80.13
C VAL Y 28 4.94 42.79 80.48
N GLN Y 29 5.38 42.55 81.70
CA GLN Y 29 5.86 41.24 82.12
C GLN Y 29 4.80 40.50 82.92
N SER Y 30 4.36 39.34 82.47
CA SER Y 30 3.38 38.50 83.13
C SER Y 30 4.15 37.48 83.95
N PHE Y 31 4.60 37.90 85.14
CA PHE Y 31 5.21 36.95 86.06
C PHE Y 31 4.12 36.06 86.64
N GLU Y 32 4.46 34.79 86.81
CA GLU Y 32 3.63 33.86 87.55
C GLU Y 32 4.46 33.23 88.67
N GLN Y 33 3.79 32.98 89.78
CA GLN Y 33 4.30 32.09 90.82
C GLN Y 33 3.18 31.06 90.98
N ARG Y 34 3.20 30.06 90.10
CA ARG Y 34 2.07 29.16 89.92
C ARG Y 34 2.54 27.72 89.78
N ASP Y 35 1.63 26.86 89.39
CA ASP Y 35 1.92 25.48 89.03
C ASP Y 35 0.94 25.08 87.94
N ASP Y 36 0.82 23.77 87.71
CA ASP Y 36 -0.17 23.28 86.77
C ASP Y 36 -0.78 21.99 87.33
N VAL Y 37 -1.61 21.36 86.51
CA VAL Y 37 -2.07 20.00 86.76
C VAL Y 37 -1.60 19.18 85.56
N LYS Y 38 -1.99 17.90 85.50
CA LYS Y 38 -1.63 17.09 84.34
C LYS Y 38 -2.28 17.62 83.07
N HIS Y 39 -3.54 18.05 83.15
CA HIS Y 39 -4.29 18.40 81.96
C HIS Y 39 -3.89 19.77 81.43
N LEU Y 40 -3.80 20.78 82.30
CA LEU Y 40 -3.71 22.13 81.78
C LEU Y 40 -2.99 23.05 82.76
N GLY Y 41 -2.14 23.91 82.20
CA GLY Y 41 -1.77 25.14 82.86
C GLY Y 41 -2.04 26.27 81.89
N ILE Y 42 -3.03 27.11 82.19
CA ILE Y 42 -3.52 28.09 81.23
C ILE Y 42 -3.02 29.47 81.61
N CYS Y 43 -2.50 30.18 80.62
CA CYS Y 43 -1.94 31.51 80.83
C CYS Y 43 -2.21 32.35 79.59
N LYS Y 44 -3.25 33.19 79.63
CA LYS Y 44 -3.33 34.29 78.67
C LYS Y 44 -2.28 35.32 79.02
N VAL Y 45 -1.32 35.50 78.16
CA VAL Y 45 -0.15 36.30 78.49
C VAL Y 45 -0.44 37.77 78.25
N ILE Y 46 -1.48 38.08 77.47
CA ILE Y 46 -1.79 39.45 77.08
C ILE Y 46 -2.93 40.00 77.96
N SER Y 47 -3.11 39.43 79.15
CA SER Y 47 -4.33 39.62 79.92
C SER Y 47 -4.40 41.00 80.55
N ASP Y 48 -3.43 41.34 81.39
CA ASP Y 48 -3.48 42.53 82.23
C ASP Y 48 -3.07 43.82 81.50
N VAL Y 49 -3.10 43.84 80.16
CA VAL Y 49 -2.65 45.02 79.41
C VAL Y 49 -3.86 45.92 79.22
N THR Y 50 -3.98 46.96 80.04
CA THR Y 50 -5.07 47.92 79.98
C THR Y 50 -4.57 49.24 79.43
N ARG Y 51 -5.50 50.12 79.08
CA ARG Y 51 -5.14 51.44 78.59
C ARG Y 51 -4.66 52.32 79.75
N GLY Y 52 -3.51 52.95 79.57
CA GLY Y 52 -2.95 53.83 80.56
C GLY Y 52 -1.68 54.51 80.08
N PRO Y 53 -1.23 55.54 80.79
CA PRO Y 53 -0.03 56.26 80.36
C PRO Y 53 1.26 55.54 80.67
N GLY Y 54 1.27 54.60 81.61
CA GLY Y 54 2.49 53.93 82.00
C GLY Y 54 2.97 52.94 80.96
N LEU Y 55 4.20 52.46 81.16
CA LEU Y 55 4.80 51.49 80.24
C LEU Y 55 4.33 50.07 80.50
N THR Y 56 3.59 49.82 81.58
CA THR Y 56 2.89 48.56 81.78
C THR Y 56 1.48 48.60 81.22
N HIS Y 57 1.25 49.43 80.20
CA HIS Y 57 -0.07 49.70 79.68
C HIS Y 57 0.01 49.76 78.15
N ARG Y 58 -1.04 50.26 77.53
CA ARG Y 58 -1.15 50.26 76.07
C ARG Y 58 -1.78 51.56 75.59
N VAL Y 59 -1.52 51.87 74.32
CA VAL Y 59 -2.11 53.01 73.64
C VAL Y 59 -2.94 52.47 72.47
N GLY Y 60 -4.26 52.60 72.59
CA GLY Y 60 -5.15 52.11 71.55
C GLY Y 60 -5.51 50.65 71.73
N LYS Y 61 -5.63 49.92 70.62
CA LYS Y 61 -6.00 48.51 70.66
C LYS Y 61 -5.23 47.69 69.64
N ARG Y 62 -4.06 48.17 69.22
CA ARG Y 62 -3.23 47.49 68.23
C ARG Y 62 -1.86 47.19 68.81
N PHE Y 63 -1.46 45.92 68.75
CA PHE Y 63 -0.15 45.48 69.21
C PHE Y 63 0.67 44.94 68.04
N CYS Y 64 1.97 44.98 68.19
CA CYS Y 64 2.89 44.15 67.40
C CYS Y 64 3.94 43.66 68.38
N ILE Y 65 3.72 42.47 68.93
CA ILE Y 65 4.64 41.88 69.89
C ILE Y 65 5.95 41.55 69.19
N LYS Y 66 7.02 42.21 69.61
CA LYS Y 66 8.33 41.97 69.01
C LYS Y 66 8.87 40.61 69.43
N SER Y 67 8.93 40.34 70.73
CA SER Y 67 9.43 39.06 71.19
C SER Y 67 8.85 38.74 72.56
N ILE Y 68 8.63 37.44 72.79
CA ILE Y 68 8.33 36.90 74.10
C ILE Y 68 9.61 36.31 74.66
N TYR Y 69 10.00 36.77 75.84
CA TYR Y 69 11.21 36.33 76.52
C TYR Y 69 10.81 35.53 77.75
N ILE Y 70 10.94 34.21 77.66
CA ILE Y 70 10.45 33.30 78.70
C ILE Y 70 11.62 32.94 79.61
N LEU Y 71 11.60 33.47 80.83
CA LEU Y 71 12.39 32.94 81.92
C LEU Y 71 11.54 31.93 82.70
N GLY Y 72 12.22 31.15 83.54
CA GLY Y 72 11.48 30.22 84.36
C GLY Y 72 12.30 29.12 84.99
N LYS Y 73 11.98 28.80 86.23
CA LYS Y 73 12.57 27.66 86.93
C LYS Y 73 11.47 26.66 87.25
N ILE Y 74 11.67 25.42 86.83
CA ILE Y 74 10.66 24.37 86.89
C ILE Y 74 11.18 23.30 87.84
N TRP Y 75 10.59 23.21 89.02
CA TRP Y 75 11.10 22.29 90.04
C TRP Y 75 10.00 21.38 90.53
N LEU Y 76 10.42 20.47 91.41
CA LEU Y 76 9.54 19.66 92.25
C LEU Y 76 10.08 19.56 93.67
N ASP Y 77 10.85 20.55 94.13
CA ASP Y 77 11.69 20.41 95.32
C ASP Y 77 10.90 20.66 96.61
N GLU Y 78 9.58 20.54 96.57
CA GLU Y 78 8.78 20.35 97.77
C GLU Y 78 9.18 19.01 98.41
N THR Y 79 8.97 18.89 99.72
CA THR Y 79 9.39 17.70 100.47
C THR Y 79 8.58 16.44 100.12
N ILE Y 80 7.55 16.57 99.28
CA ILE Y 80 6.73 15.46 98.83
C ILE Y 80 7.01 15.38 97.33
N LYS Y 81 6.33 14.47 96.62
CA LYS Y 81 6.45 14.22 95.18
C LYS Y 81 7.83 13.71 94.79
N LYS Y 82 8.43 12.91 95.68
CA LYS Y 82 9.53 12.04 95.31
C LYS Y 82 9.06 10.68 94.81
N GLN Y 83 7.93 10.18 95.29
CA GLN Y 83 7.26 9.03 94.68
C GLN Y 83 6.43 9.50 93.49
N ASN Y 84 6.00 8.52 92.68
CA ASN Y 84 5.25 8.71 91.42
C ASN Y 84 5.99 9.65 90.49
N HIS Y 85 7.32 9.46 90.41
CA HIS Y 85 8.24 10.44 89.88
C HIS Y 85 8.52 10.29 88.40
N THR Y 86 9.56 10.99 87.93
CA THR Y 86 10.01 11.08 86.53
C THR Y 86 8.97 11.63 85.58
N ASN Y 87 8.60 12.90 85.75
CA ASN Y 87 7.70 13.58 84.83
C ASN Y 87 8.47 14.65 84.06
N ASN Y 88 7.95 15.03 82.91
CA ASN Y 88 8.55 16.09 82.10
C ASN Y 88 7.48 17.08 81.65
N VAL Y 89 7.93 18.27 81.25
CA VAL Y 89 7.07 19.39 80.93
C VAL Y 89 7.23 19.72 79.45
N ILE Y 90 6.12 19.76 78.72
CA ILE Y 90 6.11 20.19 77.34
C ILE Y 90 5.39 21.53 77.28
N PHE Y 91 6.04 22.55 76.74
CA PHE Y 91 5.42 23.85 76.63
C PHE Y 91 4.76 24.02 75.27
N TYR Y 92 3.73 24.87 75.24
CA TYR Y 92 2.97 25.14 74.03
C TYR Y 92 2.71 26.62 73.94
N LEU Y 93 3.19 27.25 72.87
CA LEU Y 93 2.97 28.68 72.64
C LEU Y 93 2.19 28.78 71.34
N LEU Y 94 0.90 29.10 71.45
CA LEU Y 94 -0.02 28.99 70.33
C LEU Y 94 -0.39 30.37 69.80
N ARG Y 95 -0.53 30.47 68.48
CA ARG Y 95 -1.12 31.66 67.86
C ARG Y 95 -2.63 31.42 67.74
N ASP Y 96 -3.41 32.13 68.55
CA ASP Y 96 -4.86 31.97 68.57
C ASP Y 96 -5.49 32.82 67.48
N ARG Y 97 -6.66 32.37 67.01
CA ARG Y 97 -7.37 33.06 65.93
C ARG Y 97 -8.59 33.83 66.40
N ARG Y 98 -9.21 33.36 67.46
CA ARG Y 98 -10.42 34.01 67.92
C ARG Y 98 -10.59 33.75 69.40
N PRO Y 99 -11.17 34.69 70.14
CA PRO Y 99 -11.45 34.44 71.57
C PRO Y 99 -12.88 33.99 71.81
N TYR Y 100 -13.15 33.46 73.01
CA TYR Y 100 -14.51 33.30 73.53
C TYR Y 100 -14.47 33.68 75.00
N GLY Y 101 -14.64 34.98 75.29
CA GLY Y 101 -14.66 35.48 76.65
C GLY Y 101 -13.37 35.23 77.41
N ASN Y 102 -13.43 34.28 78.33
CA ASN Y 102 -12.26 33.82 79.08
C ASN Y 102 -11.45 32.83 78.24
N ALA Y 103 -10.51 32.13 78.89
CA ALA Y 103 -9.67 31.18 78.18
C ALA Y 103 -10.46 29.89 77.91
N PRO Y 104 -10.29 29.28 76.75
CA PRO Y 104 -11.00 28.02 76.46
C PRO Y 104 -10.36 26.83 77.14
N GLN Y 105 -10.87 25.63 76.84
CA GLN Y 105 -10.33 24.40 77.40
C GLN Y 105 -8.96 24.10 76.82
N ASP Y 106 -8.27 23.14 77.42
CA ASP Y 106 -7.05 22.59 76.82
C ASP Y 106 -7.27 21.20 76.26
N PHE Y 107 -7.70 20.25 77.10
CA PHE Y 107 -7.82 18.86 76.67
C PHE Y 107 -9.00 18.68 75.72
N GLY Y 108 -10.01 19.54 75.81
CA GLY Y 108 -11.07 19.58 74.83
C GLY Y 108 -10.78 20.44 73.63
N GLN Y 109 -9.60 21.06 73.56
CA GLN Y 109 -9.23 21.90 72.44
C GLN Y 109 -8.08 21.30 71.63
N ILE Y 110 -6.94 21.01 72.26
CA ILE Y 110 -5.93 20.20 71.58
C ILE Y 110 -6.37 18.75 71.61
N PHE Y 111 -5.89 18.00 70.63
CA PHE Y 111 -6.60 16.81 70.16
C PHE Y 111 -6.48 15.63 71.11
N ASN Y 112 -5.27 15.14 71.36
CA ASN Y 112 -5.14 13.83 71.99
C ASN Y 112 -4.33 13.99 73.27
N MET Y 113 -4.01 12.86 73.91
CA MET Y 113 -3.44 12.85 75.25
C MET Y 113 -1.94 13.18 75.22
N PHE Y 114 -1.66 14.47 75.39
CA PHE Y 114 -0.43 15.07 75.92
C PHE Y 114 0.75 15.03 74.95
N ASP Y 115 0.62 14.35 73.81
CA ASP Y 115 1.57 14.42 72.70
C ASP Y 115 0.75 14.59 71.43
N ASN Y 116 0.46 15.83 71.07
CA ASN Y 116 -0.59 16.08 70.10
C ASN Y 116 -0.39 17.40 69.39
N GLU Y 117 -1.44 17.81 68.69
CA GLU Y 117 -1.60 19.03 67.92
C GLU Y 117 -3.00 19.54 68.22
N PRO Y 118 -3.39 20.74 67.77
CA PRO Y 118 -4.81 21.11 67.85
C PRO Y 118 -5.68 20.24 66.95
N SER Y 119 -6.97 20.19 67.29
CA SER Y 119 -7.91 19.32 66.61
C SER Y 119 -8.17 19.81 65.19
N THR Y 120 -8.74 18.91 64.38
CA THR Y 120 -9.01 19.21 62.97
C THR Y 120 -10.12 20.24 62.81
N ALA Y 121 -11.04 20.33 63.78
CA ALA Y 121 -12.11 21.31 63.72
C ALA Y 121 -11.75 22.63 64.36
N THR Y 122 -10.51 22.82 64.79
CA THR Y 122 -10.11 24.00 65.56
C THR Y 122 -9.11 24.87 64.82
N ILE Y 123 -8.60 24.45 63.68
CA ILE Y 123 -7.57 25.20 62.97
C ILE Y 123 -8.15 26.45 62.31
N PHE Y 131 -6.55 26.16 66.20
CA PHE Y 131 -5.77 27.36 66.47
C PHE Y 131 -4.33 27.11 66.04
N GLN Y 132 -3.65 28.15 65.57
CA GLN Y 132 -2.30 27.97 65.08
C GLN Y 132 -1.32 27.79 66.24
N VAL Y 133 -0.19 27.18 65.92
CA VAL Y 133 0.89 26.89 66.87
C VAL Y 133 2.06 27.75 66.46
N LEU Y 134 2.89 28.16 67.41
CA LEU Y 134 4.18 28.74 67.04
C LEU Y 134 5.34 27.78 67.27
N ARG Y 135 5.61 27.39 68.51
CA ARG Y 135 6.68 26.44 68.82
C ARG Y 135 6.36 25.66 70.09
N LYS Y 136 7.27 24.77 70.47
CA LYS Y 136 7.20 23.95 71.66
C LYS Y 136 8.50 24.09 72.45
N PHE Y 137 8.53 23.53 73.66
CA PHE Y 137 9.75 23.47 74.46
C PHE Y 137 9.77 22.16 75.23
N HIS Y 138 10.85 21.96 76.00
CA HIS Y 138 11.01 20.77 76.82
C HIS Y 138 11.57 21.16 78.18
N ALA Y 139 11.20 20.38 79.20
CA ALA Y 139 11.75 20.51 80.54
C ALA Y 139 11.55 19.18 81.23
N THR Y 140 12.64 18.52 81.60
CA THR Y 140 12.60 17.16 82.14
C THR Y 140 13.12 17.16 83.56
N VAL Y 141 12.22 16.97 84.53
CA VAL Y 141 12.59 16.94 85.94
C VAL Y 141 12.34 15.53 86.50
N VAL Y 142 13.42 14.74 86.61
CA VAL Y 142 13.28 13.36 87.02
C VAL Y 142 13.95 13.14 88.38
N GLY Y 143 13.15 13.15 89.45
CA GLY Y 143 13.72 12.96 90.77
C GLY Y 143 12.95 12.00 91.65
N GLY Y 144 13.56 10.87 92.02
CA GLY Y 144 12.89 9.91 92.88
C GLY Y 144 13.53 9.81 94.24
N LEU Y 145 14.28 8.73 94.48
CA LEU Y 145 14.99 8.55 95.73
C LEU Y 145 16.40 8.07 95.44
N TYR Y 146 17.24 8.15 96.47
CA TYR Y 146 18.61 7.63 96.56
C TYR Y 146 19.60 8.25 95.59
N CYS Y 147 19.24 9.26 94.79
CA CYS Y 147 20.29 10.17 94.37
C CYS Y 147 19.92 11.63 94.71
N MET Y 148 18.72 12.18 94.42
CA MET Y 148 17.78 11.84 93.34
C MET Y 148 18.16 12.77 92.16
N LYS Y 149 18.48 12.18 91.02
CA LYS Y 149 19.17 12.99 90.01
C LYS Y 149 18.21 13.48 88.92
N GLU Y 150 17.47 14.52 89.28
CA GLU Y 150 17.23 15.78 88.56
C GLU Y 150 16.26 16.63 89.35
N GLN Y 151 16.32 17.94 89.13
CA GLN Y 151 15.57 18.95 89.86
C GLN Y 151 15.44 20.20 88.99
N ALA Y 152 15.23 21.35 89.66
CA ALA Y 152 14.97 22.67 89.09
C ALA Y 152 15.88 23.01 87.91
N LEU Y 153 15.27 23.21 86.75
CA LEU Y 153 15.99 23.55 85.53
C LEU Y 153 15.68 24.99 85.17
N VAL Y 154 16.64 25.66 84.55
CA VAL Y 154 16.46 27.05 84.15
C VAL Y 154 16.31 27.13 82.64
N LYS Y 155 15.29 27.84 82.16
CA LYS Y 155 15.02 27.97 80.74
C LYS Y 155 14.89 29.43 80.38
N ARG Y 156 15.74 29.90 79.46
CA ARG Y 156 15.63 31.22 78.87
C ARG Y 156 15.54 31.08 77.35
N PHE Y 157 14.67 31.88 76.73
CA PHE Y 157 14.43 31.77 75.29
C PHE Y 157 14.04 33.14 74.73
N TYR Y 158 14.84 33.66 73.80
CA TYR Y 158 14.34 34.63 72.85
C TYR Y 158 13.35 33.95 71.90
N ARG Y 159 12.25 34.63 71.59
CA ARG Y 159 11.23 34.05 70.70
C ARG Y 159 10.48 35.20 70.02
N LEU Y 160 10.82 35.46 68.77
CA LEU Y 160 10.20 36.56 68.02
C LEU Y 160 8.80 36.16 67.55
N ASN Y 161 7.88 37.12 67.59
CA ASN Y 161 6.47 36.87 67.29
C ASN Y 161 5.91 38.09 66.55
N HIS Y 162 4.58 38.19 66.48
CA HIS Y 162 3.94 39.20 65.64
C HIS Y 162 2.66 39.69 66.32
N HIS Y 163 1.80 40.36 65.53
CA HIS Y 163 0.85 41.35 65.99
C HIS Y 163 -0.37 40.74 66.72
N VAL Y 164 -0.99 41.57 67.55
CA VAL Y 164 -2.15 41.24 68.38
C VAL Y 164 -3.11 42.43 68.31
N THR Y 165 -4.40 42.14 68.24
CA THR Y 165 -5.41 43.18 68.23
C THR Y 165 -6.37 42.98 69.40
N TYR Y 166 -6.78 44.06 70.05
CA TYR Y 166 -7.91 44.05 70.98
C TYR Y 166 -9.16 44.59 70.31
N ASN Y 167 -10.31 44.07 70.74
CA ASN Y 167 -11.59 44.47 70.15
C ASN Y 167 -12.05 45.80 70.72
N HIS Y 168 -12.32 45.85 72.01
CA HIS Y 168 -12.90 47.03 72.62
C HIS Y 168 -11.83 48.08 72.91
N GLN Y 169 -12.29 49.32 73.08
CA GLN Y 169 -11.43 50.45 73.41
C GLN Y 169 -11.40 50.70 74.92
N GLU Y 170 -11.66 49.65 75.70
CA GLU Y 170 -11.71 49.73 77.15
C GLU Y 170 -10.31 49.69 77.74
N ALA Y 171 -10.22 50.02 79.02
CA ALA Y 171 -9.02 49.74 79.81
C ALA Y 171 -9.20 48.41 80.54
N GLY Y 172 -9.51 47.38 79.75
CA GLY Y 172 -9.97 46.12 80.28
C GLY Y 172 -8.94 45.00 80.21
N LYS Y 173 -9.35 43.86 80.76
CA LYS Y 173 -8.52 42.67 80.86
C LYS Y 173 -8.71 41.80 79.62
N TYR Y 174 -8.31 40.53 79.70
CA TYR Y 174 -8.30 39.57 78.60
C TYR Y 174 -9.67 39.27 77.98
N GLU Y 175 -10.77 39.75 78.56
CA GLU Y 175 -12.10 39.33 78.12
C GLU Y 175 -12.49 39.97 76.79
N ASN Y 176 -11.95 41.13 76.45
CA ASN Y 176 -12.38 41.90 75.27
C ASN Y 176 -11.46 41.70 74.08
N HIS Y 177 -10.93 40.50 73.87
CA HIS Y 177 -10.02 40.22 72.77
C HIS Y 177 -10.77 40.14 71.43
N THR Y 178 -10.00 39.96 70.37
CA THR Y 178 -10.47 39.70 69.02
C THR Y 178 -9.43 38.81 68.34
N GLU Y 179 -9.42 38.82 67.00
CA GLU Y 179 -8.47 38.06 66.19
C GLU Y 179 -7.02 38.28 66.60
N ASN Y 180 -6.20 37.23 66.39
CA ASN Y 180 -4.77 37.18 66.65
C ASN Y 180 -4.46 37.41 68.13
N ALA Y 181 -4.97 36.51 68.95
CA ALA Y 181 -4.51 36.37 70.31
C ALA Y 181 -3.37 35.35 70.35
N LEU Y 182 -2.69 35.29 71.49
CA LEU Y 182 -1.64 34.30 71.72
C LEU Y 182 -1.49 34.07 73.21
N LEU Y 183 -1.26 32.82 73.58
CA LEU Y 183 -1.24 32.43 74.99
C LEU Y 183 -0.44 31.15 75.14
N LEU Y 184 -0.36 30.66 76.37
CA LEU Y 184 0.45 29.49 76.69
C LEU Y 184 -0.40 28.36 77.26
N TYR Y 185 0.07 27.14 77.01
CA TYR Y 185 -0.40 25.96 77.72
C TYR Y 185 0.80 25.17 78.21
N MET Y 186 0.71 24.66 79.43
CA MET Y 186 1.74 23.81 80.00
C MET Y 186 1.13 22.44 80.28
N ALA Y 187 1.90 21.39 80.04
CA ALA Y 187 1.37 20.03 80.09
C ALA Y 187 2.30 19.14 80.90
N CYS Y 188 1.72 18.38 81.82
CA CYS Y 188 2.41 17.31 82.52
C CYS Y 188 2.02 15.97 81.90
N THR Y 189 2.90 14.99 82.05
CA THR Y 189 2.74 13.70 81.39
C THR Y 189 2.51 12.53 82.34
N HIS Y 190 2.21 12.80 83.61
CA HIS Y 190 1.98 11.74 84.58
C HIS Y 190 0.89 12.16 85.56
N ALA Y 191 0.26 11.16 86.17
CA ALA Y 191 -0.92 11.38 87.01
C ALA Y 191 -0.60 12.14 88.29
N SER Y 192 0.63 12.05 88.79
CA SER Y 192 1.06 12.89 89.89
C SER Y 192 1.23 14.32 89.42
N ASN Y 193 1.28 15.24 90.37
CA ASN Y 193 1.53 16.64 90.01
C ASN Y 193 2.76 17.17 90.75
N PRO Y 194 3.98 16.84 90.31
CA PRO Y 194 5.16 17.37 91.01
C PRO Y 194 5.55 18.76 90.56
N VAL Y 195 5.10 19.19 89.39
CA VAL Y 195 5.67 20.35 88.70
C VAL Y 195 5.20 21.63 89.38
N TYR Y 196 6.15 22.36 89.98
CA TYR Y 196 5.92 23.71 90.45
C TYR Y 196 6.74 24.65 89.57
N ALA Y 197 6.12 25.06 88.46
CA ALA Y 197 6.79 25.85 87.43
C ALA Y 197 6.41 27.32 87.58
N THR Y 198 7.39 28.14 87.91
CA THR Y 198 7.20 29.60 88.01
C THR Y 198 8.01 30.25 86.91
N LEU Y 199 7.35 31.09 86.11
CA LEU Y 199 7.92 31.61 84.88
C LEU Y 199 7.79 33.12 84.84
N LYS Y 200 8.87 33.77 84.43
CA LYS Y 200 8.88 35.21 84.17
C LYS Y 200 8.84 35.43 82.67
N ILE Y 201 7.79 36.11 82.20
CA ILE Y 201 7.48 36.18 80.78
C ILE Y 201 7.49 37.66 80.40
N ARG Y 202 8.60 38.12 79.80
CA ARG Y 202 8.67 39.48 79.30
C ARG Y 202 8.12 39.55 77.88
N ILE Y 203 7.20 40.48 77.65
CA ILE Y 203 6.82 40.91 76.31
C ILE Y 203 7.18 42.38 76.20
N TYR Y 204 8.12 42.70 75.29
CA TYR Y 204 8.38 44.09 74.95
C TYR Y 204 8.06 44.29 73.47
N PHE Y 205 7.39 45.40 73.18
CA PHE Y 205 6.76 45.61 71.89
C PHE Y 205 6.67 47.10 71.55
N PRO Z 16 38.51 113.10 40.76
CA PRO Z 16 38.20 111.84 41.45
C PRO Z 16 37.26 112.02 42.63
N ASP Z 17 36.85 113.26 42.90
CA ASP Z 17 36.02 113.57 44.06
C ASP Z 17 34.69 114.19 43.67
N ILE Z 18 34.68 115.11 42.71
CA ILE Z 18 33.52 115.96 42.41
C ILE Z 18 32.79 115.50 41.15
N PRO Z 19 31.46 115.63 41.11
CA PRO Z 19 30.71 115.27 39.91
C PRO Z 19 30.38 116.44 38.99
N ARG Z 20 30.78 117.68 39.31
CA ARG Z 20 30.25 118.85 38.61
C ARG Z 20 31.30 119.54 37.74
N GLY Z 21 32.41 119.99 38.32
CA GLY Z 21 33.38 120.79 37.61
C GLY Z 21 34.73 120.82 38.29
N CYS Z 22 35.78 121.01 37.49
CA CYS Z 22 37.17 120.83 37.92
C CYS Z 22 37.72 122.01 38.71
N GLU Z 23 36.86 122.88 39.25
CA GLU Z 23 37.29 123.89 40.19
C GLU Z 23 37.78 123.23 41.49
N GLY Z 24 38.60 123.97 42.22
CA GLY Z 24 39.02 123.53 43.53
C GLY Z 24 37.87 123.50 44.50
N PRO Z 25 37.82 122.47 45.35
CA PRO Z 25 36.73 122.39 46.34
C PRO Z 25 36.87 123.45 47.42
N CYS Z 26 36.44 124.67 47.10
CA CYS Z 26 36.72 125.83 47.92
C CYS Z 26 35.84 125.83 49.17
N LYS Z 27 36.46 126.19 50.29
CA LYS Z 27 35.78 126.21 51.58
C LYS Z 27 35.11 127.57 51.80
N VAL Z 28 33.85 127.53 52.21
CA VAL Z 28 33.14 128.70 52.70
C VAL Z 28 32.57 128.33 54.05
N GLN Z 29 33.17 128.83 55.11
CA GLN Z 29 32.85 128.41 56.47
C GLN Z 29 31.95 129.44 57.15
N SER Z 30 30.83 128.96 57.67
CA SER Z 30 29.86 129.79 58.40
C SER Z 30 30.09 129.52 59.88
N PHE Z 31 31.11 130.17 60.44
CA PHE Z 31 31.29 130.10 61.89
C PHE Z 31 30.21 130.91 62.58
N GLU Z 32 29.73 130.39 63.69
CA GLU Z 32 28.87 131.15 64.58
C GLU Z 32 29.47 131.16 65.97
N GLN Z 33 29.27 132.28 66.66
CA GLN Z 33 29.46 132.37 68.10
C GLN Z 33 28.12 132.87 68.61
N ARG Z 34 27.19 131.94 68.78
CA ARG Z 34 25.78 132.26 68.99
C ARG Z 34 25.18 131.39 70.08
N ASP Z 35 23.86 131.44 70.19
CA ASP Z 35 23.09 130.55 71.04
C ASP Z 35 21.75 130.31 70.36
N ASP Z 36 20.78 129.82 71.12
CA ASP Z 36 19.44 129.66 70.59
C ASP Z 36 18.44 130.02 71.68
N VAL Z 37 17.17 129.79 71.39
CA VAL Z 37 16.11 129.82 72.39
C VAL Z 37 15.49 128.43 72.36
N LYS Z 38 14.42 128.23 73.12
CA LYS Z 38 13.73 126.94 73.10
C LYS Z 38 13.13 126.66 71.73
N HIS Z 39 12.54 127.68 71.10
CA HIS Z 39 11.79 127.47 69.87
C HIS Z 39 12.71 127.28 68.66
N LEU Z 40 13.70 128.16 68.51
CA LEU Z 40 14.41 128.17 67.25
C LEU Z 40 15.84 128.67 67.40
N GLY Z 41 16.75 128.02 66.69
CA GLY Z 41 18.01 128.62 66.33
C GLY Z 41 18.14 128.51 64.83
N ILE Z 42 18.08 129.63 64.11
CA ILE Z 42 17.98 129.61 62.67
C ILE Z 42 19.32 129.99 62.05
N CYS Z 43 19.75 129.19 61.07
CA CYS Z 43 21.03 129.40 60.40
C CYS Z 43 20.88 129.01 58.94
N LYS Z 44 20.69 129.99 58.06
CA LYS Z 44 20.94 129.74 56.64
C LYS Z 44 22.44 129.64 56.44
N VAL Z 45 22.89 128.44 56.06
CA VAL Z 45 24.32 128.17 56.03
C VAL Z 45 24.94 128.67 54.73
N ILE Z 46 24.12 128.92 53.72
CA ILE Z 46 24.60 129.30 52.40
C ILE Z 46 24.47 130.82 52.21
N SER Z 47 24.45 131.57 53.32
CA SER Z 47 24.01 132.96 53.30
C SER Z 47 25.06 133.89 52.69
N ASP Z 48 26.25 133.92 53.27
CA ASP Z 48 27.27 134.91 52.92
C ASP Z 48 28.06 134.56 51.67
N VAL Z 49 27.56 133.68 50.80
CA VAL Z 49 28.31 133.25 49.62
C VAL Z 49 27.96 134.21 48.48
N THR Z 50 28.83 135.18 48.22
CA THR Z 50 28.64 136.17 47.18
C THR Z 50 29.59 135.89 46.02
N ARG Z 51 29.36 136.56 44.89
CA ARG Z 51 30.25 136.42 43.74
C ARG Z 51 31.55 137.17 43.98
N GLY Z 52 32.67 136.50 43.76
CA GLY Z 52 33.98 137.10 43.92
C GLY Z 52 35.08 136.15 43.50
N PRO Z 53 36.29 136.68 43.35
CA PRO Z 53 37.41 135.82 42.92
C PRO Z 53 37.98 134.94 44.02
N GLY Z 54 37.76 135.28 45.29
CA GLY Z 54 38.34 134.52 46.38
C GLY Z 54 37.67 133.17 46.58
N LEU Z 55 38.30 132.35 47.41
CA LEU Z 55 37.78 131.03 47.70
C LEU Z 55 36.66 131.04 48.74
N THR Z 56 36.41 132.18 49.39
CA THR Z 56 35.22 132.37 50.21
C THR Z 56 34.06 132.93 49.41
N HIS Z 57 34.03 132.66 48.11
CA HIS Z 57 33.08 133.26 47.18
C HIS Z 57 32.60 132.19 46.22
N ARG Z 58 31.95 132.62 45.13
CA ARG Z 58 31.33 131.70 44.20
C ARG Z 58 31.51 132.20 42.77
N VAL Z 59 31.41 131.27 41.83
CA VAL Z 59 31.44 131.56 40.40
C VAL Z 59 30.10 131.15 39.81
N GLY Z 60 29.31 132.13 39.39
CA GLY Z 60 28.00 131.86 38.83
C GLY Z 60 26.92 131.73 39.88
N LYS Z 61 25.97 130.82 39.66
CA LYS Z 61 24.87 130.64 40.59
C LYS Z 61 24.50 129.17 40.78
N ARG Z 62 25.45 128.27 40.52
CA ARG Z 62 25.23 126.84 40.63
C ARG Z 62 26.22 126.24 41.61
N PHE Z 63 25.69 125.50 42.60
CA PHE Z 63 26.49 124.82 43.59
C PHE Z 63 26.29 123.31 43.50
N CYS Z 64 27.28 122.57 43.95
CA CYS Z 64 27.11 121.16 44.32
C CYS Z 64 27.91 120.99 45.62
N ILE Z 65 27.22 121.12 46.75
CA ILE Z 65 27.87 120.99 48.06
C ILE Z 65 28.32 119.55 48.24
N LYS Z 66 29.63 119.35 48.35
CA LYS Z 66 30.17 118.01 48.54
C LYS Z 66 29.86 117.50 49.94
N SER Z 67 30.22 118.27 50.96
CA SER Z 67 29.97 117.84 52.33
C SER Z 67 29.88 119.05 53.24
N ILE Z 68 29.01 118.93 54.25
CA ILE Z 68 28.97 119.85 55.38
C ILE Z 68 29.71 119.21 56.53
N TYR Z 69 30.70 119.91 57.06
CA TYR Z 69 31.53 119.44 58.16
C TYR Z 69 31.22 120.28 59.39
N ILE Z 70 30.47 119.71 60.33
CA ILE Z 70 29.97 120.45 61.47
C ILE Z 70 30.89 120.19 62.65
N LEU Z 71 31.66 121.21 63.03
CA LEU Z 71 32.29 121.28 64.33
C LEU Z 71 31.38 122.03 65.29
N GLY Z 72 31.68 121.91 66.57
CA GLY Z 72 30.91 122.66 67.54
C GLY Z 72 31.05 122.19 68.98
N LYS Z 73 31.09 123.15 69.90
CA LYS Z 73 31.06 122.88 71.32
C LYS Z 73 29.80 123.49 71.92
N ILE Z 74 29.03 122.66 72.61
CA ILE Z 74 27.70 123.02 73.11
C ILE Z 74 27.76 122.99 74.61
N TRP Z 75 27.74 124.16 75.25
CA TRP Z 75 27.91 124.22 76.70
C TRP Z 75 26.77 124.98 77.35
N LEU Z 76 26.84 125.02 78.67
CA LEU Z 76 26.05 125.90 79.51
C LEU Z 76 26.88 126.49 80.65
N ASP Z 77 28.20 126.63 80.44
CA ASP Z 77 29.15 126.85 81.54
C ASP Z 77 29.23 128.32 81.93
N GLU Z 78 28.23 129.12 81.60
CA GLU Z 78 28.00 130.39 82.25
C GLU Z 78 27.70 130.15 83.73
N THR Z 79 27.96 131.14 84.58
CA THR Z 79 27.80 130.99 86.02
C THR Z 79 26.34 130.87 86.48
N ILE Z 80 25.40 131.01 85.54
CA ILE Z 80 23.97 130.88 85.82
C ILE Z 80 23.56 129.63 85.02
N LYS Z 81 22.26 129.29 85.03
CA LYS Z 81 21.65 128.16 84.35
C LYS Z 81 22.16 126.83 84.90
N LYS Z 82 22.42 126.78 86.19
CA LYS Z 82 22.51 125.52 86.92
C LYS Z 82 21.17 125.05 87.45
N GLN Z 83 20.25 125.96 87.77
CA GLN Z 83 18.86 125.60 88.03
C GLN Z 83 18.11 125.48 86.70
N ASN Z 84 16.91 124.88 86.76
CA ASN Z 84 16.04 124.58 85.62
C ASN Z 84 16.79 123.76 84.58
N HIS Z 85 17.55 122.78 85.06
CA HIS Z 85 18.61 122.14 84.30
C HIS Z 85 18.16 120.88 83.56
N THR Z 86 19.13 120.11 83.08
CA THR Z 86 18.98 118.89 82.27
C THR Z 86 18.23 119.10 80.97
N ASN Z 87 18.82 119.85 80.05
CA ASN Z 87 18.26 120.05 78.72
C ASN Z 87 19.16 119.36 77.69
N ASN Z 88 18.61 119.04 76.53
CA ASN Z 88 19.37 118.44 75.45
C ASN Z 88 19.08 119.16 74.13
N VAL Z 89 19.97 118.96 73.16
CA VAL Z 89 19.92 119.67 71.90
C VAL Z 89 19.68 118.66 70.78
N ILE Z 90 18.67 118.90 69.97
CA ILE Z 90 18.39 118.09 68.78
C ILE Z 90 18.70 118.96 67.57
N PHE Z 91 19.58 118.49 66.70
CA PHE Z 91 19.90 119.24 65.50
C PHE Z 91 19.03 118.80 64.33
N TYR Z 92 18.82 119.73 63.39
CA TYR Z 92 18.00 119.48 62.21
C TYR Z 92 18.70 120.08 61.01
N LEU Z 93 19.02 119.24 60.03
CA LEU Z 93 19.66 119.67 58.80
C LEU Z 93 18.69 119.33 57.67
N LEU Z 94 18.02 120.34 57.13
CA LEU Z 94 16.89 120.15 56.24
C LEU Z 94 17.28 120.47 54.80
N ARG Z 95 16.75 119.70 53.85
CA ARG Z 95 16.84 120.05 52.44
C ARG Z 95 15.60 120.86 52.09
N ASP Z 96 15.79 122.16 51.85
CA ASP Z 96 14.69 123.06 51.54
C ASP Z 96 14.36 123.01 50.06
N ARG Z 97 13.10 123.29 49.74
CA ARG Z 97 12.62 123.25 48.36
C ARG Z 97 12.42 124.62 47.73
N ARG Z 98 12.10 125.67 48.49
CA ARG Z 98 11.83 126.98 47.96
C ARG Z 98 12.11 128.02 49.03
N PRO Z 99 12.57 129.21 48.65
CA PRO Z 99 12.76 130.29 49.65
C PRO Z 99 11.58 131.24 49.70
N TYR Z 100 11.52 132.06 50.75
CA TYR Z 100 10.68 133.25 50.79
C TYR Z 100 11.48 134.36 51.45
N GLY Z 101 12.27 135.08 50.65
CA GLY Z 101 13.09 136.18 51.15
C GLY Z 101 14.10 135.77 52.18
N ASN Z 102 13.82 136.13 53.43
CA ASN Z 102 14.64 135.72 54.57
C ASN Z 102 14.27 134.30 55.00
N ALA Z 103 14.74 133.90 56.19
CA ALA Z 103 14.45 132.56 56.68
C ALA Z 103 13.02 132.48 57.20
N PRO Z 104 12.32 131.37 56.95
CA PRO Z 104 10.95 131.23 57.46
C PRO Z 104 10.91 130.89 58.95
N GLN Z 105 9.71 130.63 59.46
CA GLN Z 105 9.54 130.26 60.85
C GLN Z 105 10.07 128.85 61.10
N ASP Z 106 10.19 128.50 62.38
CA ASP Z 106 10.47 127.12 62.76
C ASP Z 106 9.24 126.44 63.34
N PHE Z 107 8.68 126.98 64.43
CA PHE Z 107 7.58 126.32 65.11
C PHE Z 107 6.29 126.39 64.29
N GLY Z 108 6.16 127.39 63.44
CA GLY Z 108 5.09 127.44 62.48
C GLY Z 108 5.36 126.71 61.18
N GLN Z 109 6.53 126.08 61.05
CA GLN Z 109 6.88 125.34 59.85
C GLN Z 109 7.01 123.85 60.11
N ILE Z 110 7.86 123.44 61.06
CA ILE Z 110 7.80 122.05 61.50
C ILE Z 110 6.61 121.87 62.43
N PHE Z 111 6.19 120.63 62.60
CA PHE Z 111 4.79 120.37 62.95
C PHE Z 111 4.50 120.57 64.44
N ASN Z 112 5.14 119.78 65.31
CA ASN Z 112 4.68 119.71 66.69
C ASN Z 112 5.81 120.11 67.61
N MET Z 113 5.58 119.96 68.91
CA MET Z 113 6.48 120.51 69.93
C MET Z 113 7.70 119.62 70.12
N PHE Z 114 8.76 119.97 69.39
CA PHE Z 114 10.18 119.73 69.64
C PHE Z 114 10.61 118.28 69.42
N ASP Z 115 9.68 117.36 69.17
CA ASP Z 115 9.97 116.02 68.70
C ASP Z 115 9.02 115.73 67.54
N ASN Z 116 9.46 116.07 66.33
CA ASN Z 116 8.51 116.17 65.23
C ASN Z 116 9.20 115.99 63.89
N GLU Z 117 8.45 116.32 62.85
CA GLU Z 117 8.80 116.29 61.43
C GLU Z 117 8.24 117.57 60.83
N PRO Z 118 8.54 117.92 59.58
CA PRO Z 118 7.81 119.02 58.93
C PRO Z 118 6.34 118.69 58.75
N SER Z 119 5.54 119.75 58.60
CA SER Z 119 4.09 119.61 58.52
C SER Z 119 3.67 118.96 57.21
N THR Z 120 2.43 118.49 57.18
CA THR Z 120 1.90 117.81 56.00
C THR Z 120 1.69 118.75 54.83
N ALA Z 121 1.47 120.03 55.10
CA ALA Z 121 1.29 121.01 54.04
C ALA Z 121 2.60 121.66 53.58
N THR Z 122 3.74 121.21 54.10
CA THR Z 122 5.02 121.85 53.83
C THR Z 122 5.98 120.98 53.05
N ILE Z 123 5.64 119.71 52.80
CA ILE Z 123 6.57 118.80 52.12
C ILE Z 123 6.67 119.14 50.64
N PHE Z 131 9.07 120.65 53.74
CA PHE Z 131 10.45 120.72 53.28
C PHE Z 131 11.14 119.41 53.62
N GLN Z 132 12.07 118.98 52.78
CA GLN Z 132 12.73 117.70 53.02
C GLN Z 132 13.72 117.81 54.16
N VAL Z 133 14.03 116.65 54.73
CA VAL Z 133 14.95 116.51 55.86
C VAL Z 133 16.14 115.73 55.33
N LEU Z 134 17.33 115.98 55.87
CA LEU Z 134 18.44 115.08 55.60
C LEU Z 134 18.74 114.15 56.78
N ARG Z 135 19.15 114.71 57.93
CA ARG Z 135 19.43 113.91 59.13
C ARG Z 135 19.21 114.75 60.38
N LYS Z 136 19.44 114.11 61.53
CA LYS Z 136 19.35 114.72 62.85
C LYS Z 136 20.63 114.45 63.63
N PHE Z 137 20.76 115.08 64.80
CA PHE Z 137 21.87 114.81 65.70
C PHE Z 137 21.38 114.90 67.14
N HIS Z 138 22.28 114.67 68.09
CA HIS Z 138 21.98 114.73 69.51
C HIS Z 138 23.11 115.42 70.24
N ALA Z 139 22.76 116.10 71.33
CA ALA Z 139 23.73 116.71 72.24
C ALA Z 139 23.02 116.88 73.58
N THR Z 140 23.52 116.21 74.61
CA THR Z 140 22.87 116.16 75.91
C THR Z 140 23.75 116.80 76.97
N VAL Z 141 23.37 117.99 77.44
CA VAL Z 141 24.14 118.70 78.45
C VAL Z 141 23.32 118.79 79.73
N VAL Z 142 23.63 117.91 80.69
CA VAL Z 142 22.84 117.83 81.91
C VAL Z 142 23.68 118.25 83.11
N GLY Z 143 23.54 119.51 83.54
CA GLY Z 143 24.30 119.98 84.68
C GLY Z 143 23.51 120.78 85.68
N GLY Z 144 23.38 120.27 86.91
CA GLY Z 144 22.65 120.98 87.94
C GLY Z 144 23.54 121.47 89.06
N LEU Z 145 23.49 120.79 90.20
CA LEU Z 145 24.34 121.13 91.33
C LEU Z 145 24.92 119.85 91.92
N TYR Z 146 25.93 120.03 92.76
CA TYR Z 146 26.61 119.04 93.59
C TYR Z 146 27.32 117.91 92.83
N CYS Z 147 27.38 117.93 91.51
CA CYS Z 147 28.52 117.26 90.89
C CYS Z 147 29.29 118.20 89.95
N MET Z 148 28.67 118.97 89.02
CA MET Z 148 27.40 118.73 88.30
C MET Z 148 27.80 117.99 87.01
N LYS Z 149 27.23 116.79 86.80
CA LYS Z 149 27.83 115.92 85.81
C LYS Z 149 27.06 115.95 84.49
N GLU Z 150 27.31 117.03 83.73
CA GLU Z 150 27.64 117.09 82.30
C GLU Z 150 27.78 118.55 81.89
N GLN Z 151 28.55 118.78 80.83
CA GLN Z 151 28.92 120.10 80.32
C GLN Z 151 29.27 120.00 78.86
N ALA Z 152 30.07 120.96 78.38
CA ALA Z 152 30.49 121.17 76.99
C ALA Z 152 30.89 119.88 76.28
N LEU Z 153 30.14 119.54 75.24
CA LEU Z 153 30.41 118.35 74.43
C LEU Z 153 30.93 118.77 73.07
N VAL Z 154 31.79 117.94 72.49
CA VAL Z 154 32.37 118.25 71.18
C VAL Z 154 31.74 117.32 70.14
N LYS Z 155 31.28 117.89 69.02
CA LYS Z 155 30.64 117.14 67.96
C LYS Z 155 31.31 117.45 66.64
N ARG Z 156 31.85 116.41 65.98
CA ARG Z 156 32.35 116.51 64.63
C ARG Z 156 31.64 115.49 63.76
N PHE Z 157 31.29 115.88 62.53
CA PHE Z 157 30.53 115.02 61.63
C PHE Z 157 30.87 115.34 60.19
N TYR Z 158 31.40 114.35 59.47
CA TYR Z 158 31.30 114.34 58.02
C TYR Z 158 29.84 114.11 57.63
N ARG Z 159 29.37 114.83 56.60
CA ARG Z 159 27.98 114.70 56.17
C ARG Z 159 27.91 115.10 54.70
N LEU Z 160 27.83 114.11 53.81
CA LEU Z 160 27.79 114.35 52.38
C LEU Z 160 26.39 114.82 51.95
N ASN Z 161 26.36 115.76 51.01
CA ASN Z 161 25.11 116.39 50.58
C ASN Z 161 25.19 116.65 49.08
N HIS Z 162 24.30 117.49 48.56
CA HIS Z 162 24.16 117.67 47.11
C HIS Z 162 23.82 119.13 46.80
N HIS Z 163 23.33 119.36 45.58
CA HIS Z 163 23.44 120.62 44.86
C HIS Z 163 22.50 121.71 45.40
N VAL Z 164 22.89 122.96 45.13
CA VAL Z 164 22.18 124.18 45.54
C VAL Z 164 22.22 125.14 44.36
N THR Z 165 21.13 125.87 44.13
CA THR Z 165 21.07 126.87 43.06
C THR Z 165 20.72 128.23 43.67
N TYR Z 166 21.35 129.29 43.17
CA TYR Z 166 20.91 130.66 43.43
C TYR Z 166 20.12 131.21 42.25
N ASN Z 167 19.17 132.09 42.56
CA ASN Z 167 18.30 132.66 41.52
C ASN Z 167 19.03 133.78 40.78
N HIS Z 168 19.36 134.86 41.48
CA HIS Z 168 19.91 136.04 40.84
C HIS Z 168 21.40 135.86 40.59
N GLN Z 169 21.91 136.68 39.67
CA GLN Z 169 23.33 136.71 39.33
C GLN Z 169 24.07 137.79 40.10
N GLU Z 170 23.54 138.16 41.26
CA GLU Z 170 24.10 139.21 42.10
C GLU Z 170 25.26 138.66 42.92
N ALA Z 171 26.02 139.59 43.52
CA ALA Z 171 26.97 139.25 44.57
C ALA Z 171 26.30 139.43 45.94
N GLY Z 172 25.15 138.77 46.10
CA GLY Z 172 24.24 139.01 47.19
C GLY Z 172 24.25 137.93 48.26
N LYS Z 173 23.47 138.20 49.30
CA LYS Z 173 23.35 137.34 50.46
C LYS Z 173 22.22 136.34 50.25
N TYR Z 174 21.73 135.72 51.34
CA TYR Z 174 20.74 134.66 51.32
C TYR Z 174 19.38 135.04 50.74
N GLU Z 175 19.13 136.31 50.44
CA GLU Z 175 17.79 136.74 50.06
C GLU Z 175 17.40 136.30 48.65
N ASN Z 176 18.37 136.10 47.76
CA ASN Z 176 18.10 135.83 46.36
C ASN Z 176 18.17 134.34 46.00
N HIS Z 177 17.71 133.48 46.90
CA HIS Z 177 17.76 132.04 46.67
C HIS Z 177 16.69 131.59 45.67
N THR Z 178 16.71 130.30 45.37
CA THR Z 178 15.72 129.60 44.55
C THR Z 178 15.64 128.18 45.08
N GLU Z 179 15.16 127.26 44.24
CA GLU Z 179 15.03 125.83 44.54
C GLU Z 179 16.33 125.23 45.07
N ASN Z 180 16.16 124.22 45.94
CA ASN Z 180 17.22 123.42 46.57
C ASN Z 180 18.13 124.31 47.43
N ALA Z 181 17.52 124.88 48.47
CA ALA Z 181 18.27 125.46 49.57
C ALA Z 181 18.47 124.41 50.67
N LEU Z 182 19.33 124.73 51.62
CA LEU Z 182 19.53 123.87 52.79
C LEU Z 182 20.06 124.73 53.93
N LEU Z 183 19.59 124.42 55.14
CA LEU Z 183 19.90 125.26 56.31
C LEU Z 183 19.72 124.41 57.56
N LEU Z 184 19.94 125.04 58.71
CA LEU Z 184 19.91 124.37 59.99
C LEU Z 184 18.84 124.93 60.91
N TYR Z 185 18.32 124.06 61.78
CA TYR Z 185 17.53 124.48 62.93
C TYR Z 185 18.08 123.76 64.16
N MET Z 186 18.15 124.49 65.26
CA MET Z 186 18.56 123.95 66.55
C MET Z 186 17.41 124.09 67.52
N ALA Z 187 17.20 123.08 68.36
CA ALA Z 187 16.04 123.01 69.22
C ALA Z 187 16.43 122.68 70.64
N CYS Z 188 15.91 123.44 71.59
CA CYS Z 188 16.00 123.12 73.00
C CYS Z 188 14.68 122.51 73.47
N THR Z 189 14.75 121.72 74.54
CA THR Z 189 13.59 120.96 74.99
C THR Z 189 13.08 121.38 76.37
N HIS Z 190 13.51 122.53 76.88
CA HIS Z 190 13.06 123.00 78.19
C HIS Z 190 12.92 124.52 78.16
N ALA Z 191 12.10 125.04 79.09
CA ALA Z 191 11.73 126.44 79.10
C ALA Z 191 12.90 127.36 79.44
N SER Z 192 13.88 126.87 80.20
CA SER Z 192 15.10 127.63 80.40
C SER Z 192 15.93 127.65 79.12
N ASN Z 193 16.88 128.57 79.07
CA ASN Z 193 17.77 128.61 77.91
C ASN Z 193 19.23 128.49 78.35
N PRO Z 194 19.72 127.28 78.68
CA PRO Z 194 21.12 127.16 79.09
C PRO Z 194 22.08 127.06 77.93
N VAL Z 195 21.60 126.68 76.75
CA VAL Z 195 22.43 126.21 75.65
C VAL Z 195 23.15 127.40 75.01
N TYR Z 196 24.48 127.43 75.14
CA TYR Z 196 25.33 128.34 74.39
C TYR Z 196 26.14 127.51 73.40
N ALA Z 197 25.55 127.28 72.24
CA ALA Z 197 26.11 126.40 71.22
C ALA Z 197 26.80 127.23 70.14
N THR Z 198 28.12 127.08 70.04
CA THR Z 198 28.90 127.75 69.01
C THR Z 198 29.47 126.67 68.08
N LEU Z 199 29.21 126.83 66.79
CA LEU Z 199 29.48 125.78 65.81
C LEU Z 199 30.29 126.33 64.66
N LYS Z 200 31.30 125.56 64.25
CA LYS Z 200 32.08 125.84 63.06
C LYS Z 200 31.62 124.92 61.95
N ILE Z 201 31.13 125.49 60.85
CA ILE Z 201 30.43 124.75 59.82
C ILE Z 201 31.20 124.96 58.51
N ARG Z 202 32.03 123.98 58.15
CA ARG Z 202 32.73 124.02 56.87
C ARG Z 202 31.86 123.44 55.77
N ILE Z 203 31.70 124.18 54.68
CA ILE Z 203 31.20 123.65 53.42
C ILE Z 203 32.31 123.81 52.39
N TYR Z 204 32.82 122.69 51.87
CA TYR Z 204 33.71 122.74 50.73
C TYR Z 204 33.08 121.99 49.57
N PHE Z 205 33.17 122.59 48.39
CA PHE Z 205 32.38 122.18 47.25
C PHE Z 205 33.09 122.49 45.93
N PRO AA 16 -98.68 -71.77 -25.56
CA PRO AA 16 -98.47 -70.83 -24.45
C PRO AA 16 -99.63 -70.77 -23.48
N ASP AA 17 -100.68 -71.57 -23.73
CA ASP AA 17 -101.90 -71.53 -22.93
C ASP AA 17 -102.20 -72.88 -22.29
N ILE AA 18 -102.04 -73.97 -23.02
CA ILE AA 18 -102.54 -75.29 -22.62
C ILE AA 18 -101.41 -76.19 -22.13
N PRO AA 19 -101.66 -77.05 -21.15
CA PRO AA 19 -100.63 -77.99 -20.69
C PRO AA 19 -100.72 -79.39 -21.29
N ARG AA 20 -101.68 -79.68 -22.17
CA ARG AA 20 -101.97 -81.05 -22.57
C ARG AA 20 -101.58 -81.36 -24.00
N GLY AA 21 -102.12 -80.64 -24.98
CA GLY AA 21 -101.93 -80.95 -26.37
C GLY AA 21 -102.25 -79.80 -27.29
N CYS AA 22 -101.60 -79.77 -28.45
CA CYS AA 22 -101.59 -78.61 -29.35
C CYS AA 22 -102.85 -78.50 -30.21
N GLU AA 23 -103.93 -79.18 -29.83
CA GLU AA 23 -105.22 -78.94 -30.46
C GLU AA 23 -105.72 -77.53 -30.15
N GLY AA 24 -106.62 -77.05 -31.01
CA GLY AA 24 -107.27 -75.78 -30.76
C GLY AA 24 -108.17 -75.86 -29.55
N PRO AA 25 -108.19 -74.80 -28.73
CA PRO AA 25 -109.05 -74.80 -27.55
C PRO AA 25 -110.52 -74.68 -27.93
N CYS AA 26 -111.11 -75.81 -28.32
CA CYS AA 26 -112.42 -75.83 -28.94
C CYS AA 26 -113.52 -75.59 -27.90
N LYS AA 27 -114.50 -74.79 -28.28
CA LYS AA 27 -115.60 -74.43 -27.39
C LYS AA 27 -116.72 -75.46 -27.52
N VAL AA 28 -117.21 -75.92 -26.37
CA VAL AA 28 -118.44 -76.70 -26.30
C VAL AA 28 -119.32 -76.04 -25.27
N GLN AA 29 -120.35 -75.35 -25.73
CA GLN AA 29 -121.17 -74.50 -24.88
C GLN AA 29 -122.48 -75.19 -24.52
N SER AA 30 -122.70 -75.35 -23.24
CA SER AA 30 -123.93 -75.97 -22.73
C SER AA 30 -124.87 -74.83 -22.36
N PHE AA 31 -125.54 -74.29 -23.36
CA PHE AA 31 -126.58 -73.30 -23.08
C PHE AA 31 -127.80 -74.01 -22.49
N GLU AA 32 -128.41 -73.34 -21.52
CA GLU AA 32 -129.69 -73.77 -21.00
C GLU AA 32 -130.68 -72.62 -21.11
N GLN AA 33 -131.94 -72.98 -21.38
CA GLN AA 33 -133.07 -72.09 -21.19
C GLN AA 33 -133.99 -72.87 -20.25
N ARG AA 34 -133.68 -72.78 -18.95
CA ARG AA 34 -134.28 -73.66 -17.96
C ARG AA 34 -134.67 -72.88 -16.71
N ASP AA 35 -135.00 -73.63 -15.67
CA ASP AA 35 -135.23 -73.08 -14.34
C ASP AA 35 -134.77 -74.12 -13.32
N ASP AA 36 -135.20 -73.97 -12.09
CA ASP AA 36 -134.91 -74.97 -11.07
C ASP AA 36 -136.14 -75.11 -10.18
N VAL AA 37 -135.97 -75.91 -9.12
CA VAL AA 37 -136.92 -75.97 -8.02
C VAL AA 37 -136.15 -75.54 -6.78
N LYS AA 38 -136.78 -75.62 -5.61
CA LYS AA 38 -136.07 -75.30 -4.38
C LYS AA 38 -134.94 -76.29 -4.11
N HIS AA 39 -135.18 -77.57 -4.37
CA HIS AA 39 -134.21 -78.59 -3.99
C HIS AA 39 -133.02 -78.64 -4.94
N LEU AA 40 -133.28 -78.65 -6.25
CA LEU AA 40 -132.20 -78.98 -7.16
C LEU AA 40 -132.41 -78.34 -8.53
N GLY AA 41 -131.32 -77.84 -9.08
CA GLY AA 41 -131.20 -77.66 -10.52
C GLY AA 41 -129.96 -78.38 -10.97
N ILE AA 42 -130.11 -79.47 -11.72
CA ILE AA 42 -128.99 -80.35 -12.02
C ILE AA 42 -128.54 -80.14 -13.45
N CYS AA 43 -127.23 -80.01 -13.63
CA CYS AA 43 -126.65 -79.76 -14.94
C CYS AA 43 -125.30 -80.46 -15.01
N LYS AA 44 -125.25 -81.64 -15.63
CA LYS AA 44 -123.96 -82.16 -16.07
C LYS AA 44 -123.50 -81.35 -17.27
N VAL AA 45 -122.40 -80.62 -17.09
CA VAL AA 45 -121.98 -79.64 -18.08
C VAL AA 45 -121.19 -80.33 -19.20
N ILE AA 46 -120.69 -81.53 -18.95
CA ILE AA 46 -119.83 -82.24 -19.90
C ILE AA 46 -120.64 -83.28 -20.68
N SER AA 47 -121.95 -83.08 -20.77
CA SER AA 47 -122.87 -84.15 -21.17
C SER AA 47 -122.80 -84.42 -22.67
N ASP AA 48 -123.08 -83.40 -23.49
CA ASP AA 48 -123.26 -83.58 -24.92
C ASP AA 48 -121.94 -83.64 -25.70
N VAL AA 49 -120.82 -83.93 -25.06
CA VAL AA 49 -119.53 -83.93 -25.75
C VAL AA 49 -119.29 -85.34 -26.28
N THR AA 50 -119.55 -85.54 -27.57
CA THR AA 50 -119.38 -86.82 -28.24
C THR AA 50 -118.16 -86.77 -29.16
N ARG AA 51 -117.74 -87.94 -29.63
CA ARG AA 51 -116.63 -88.01 -30.56
C ARG AA 51 -117.07 -87.54 -31.95
N GLY AA 52 -116.30 -86.63 -32.54
CA GLY AA 52 -116.59 -86.12 -33.85
C GLY AA 52 -115.51 -85.17 -34.34
N PRO AA 53 -115.52 -84.86 -35.63
CA PRO AA 53 -114.48 -83.96 -36.18
C PRO AA 53 -114.70 -82.49 -35.86
N GLY AA 54 -115.93 -82.08 -35.53
CA GLY AA 54 -116.20 -80.68 -35.29
C GLY AA 54 -115.64 -80.19 -33.97
N LEU AA 55 -115.68 -78.87 -33.80
CA LEU AA 55 -115.16 -78.25 -32.58
C LEU AA 55 -116.16 -78.31 -31.43
N THR AA 56 -117.39 -78.74 -31.68
CA THR AA 56 -118.33 -79.06 -30.61
C THR AA 56 -118.25 -80.52 -30.20
N HIS AA 57 -117.08 -81.14 -30.38
CA HIS AA 57 -116.88 -82.56 -30.19
C HIS AA 57 -115.55 -82.78 -29.49
N ARG AA 58 -115.09 -84.03 -29.50
CA ARG AA 58 -113.90 -84.42 -28.75
C ARG AA 58 -113.08 -85.42 -29.55
N VAL AA 59 -111.80 -85.49 -29.21
CA VAL AA 59 -110.87 -86.46 -29.79
C VAL AA 59 -110.37 -87.33 -28.65
N GLY AA 60 -110.78 -88.60 -28.67
CA GLY AA 60 -110.39 -89.53 -27.62
C GLY AA 60 -111.29 -89.50 -26.41
N LYS AA 61 -110.72 -89.65 -25.22
CA LYS AA 61 -111.50 -89.66 -24.00
C LYS AA 61 -110.80 -88.91 -22.86
N ARG AA 62 -109.89 -88.00 -23.20
CA ARG AA 62 -109.12 -87.24 -22.22
C ARG AA 62 -109.36 -85.75 -22.41
N PHE AA 63 -109.75 -85.07 -21.33
CA PHE AA 63 -109.97 -83.64 -21.33
C PHE AA 63 -109.01 -82.96 -20.38
N CYS AA 64 -108.75 -81.68 -20.64
CA CYS AA 64 -108.20 -80.76 -19.65
C CYS AA 64 -108.96 -79.46 -19.85
N ILE AA 65 -110.02 -79.28 -19.07
CA ILE AA 65 -110.85 -78.07 -19.15
C ILE AA 65 -110.03 -76.88 -18.68
N LYS AA 66 -109.78 -75.94 -19.59
CA LYS AA 66 -109.02 -74.75 -19.24
C LYS AA 66 -109.83 -73.82 -18.34
N SER AA 67 -111.04 -73.46 -18.78
CA SER AA 67 -111.87 -72.59 -17.96
C SER AA 67 -113.34 -72.80 -18.30
N ILE AA 68 -114.18 -72.65 -17.28
CA ILE AA 68 -115.62 -72.56 -17.44
C ILE AA 68 -116.00 -71.09 -17.37
N TYR AA 69 -116.68 -70.61 -18.40
CA TYR AA 69 -117.11 -69.22 -18.50
C TYR AA 69 -118.63 -69.18 -18.38
N ILE AA 70 -119.11 -68.75 -17.23
CA ILE AA 70 -120.53 -68.80 -16.91
C ILE AA 70 -121.14 -67.44 -17.20
N LEU AA 71 -121.94 -67.35 -18.25
CA LEU AA 71 -122.88 -66.27 -18.45
C LEU AA 71 -124.22 -66.68 -17.86
N GLY AA 72 -125.10 -65.69 -17.70
CA GLY AA 72 -126.43 -66.01 -17.22
C GLY AA 72 -127.23 -64.85 -16.70
N LYS AA 73 -128.51 -64.84 -17.00
CA LYS AA 73 -129.46 -63.87 -16.45
C LYS AA 73 -130.49 -64.61 -15.62
N ILE AA 74 -130.64 -64.19 -14.36
CA ILE AA 74 -131.45 -64.90 -13.37
C ILE AA 74 -132.59 -63.97 -12.99
N TRP AA 75 -133.80 -64.28 -13.44
CA TRP AA 75 -134.92 -63.38 -13.22
C TRP AA 75 -136.08 -64.10 -12.55
N LEU AA 76 -137.11 -63.32 -12.26
CA LEU AA 76 -138.43 -63.81 -11.89
C LEU AA 76 -139.53 -63.01 -12.57
N ASP AA 77 -139.26 -62.43 -13.74
CA ASP AA 77 -140.08 -61.37 -14.32
C ASP AA 77 -141.28 -61.93 -15.08
N GLU AA 78 -141.67 -63.18 -14.80
CA GLU AA 78 -143.01 -63.66 -15.14
C GLU AA 78 -144.04 -62.84 -14.37
N THR AA 79 -145.26 -62.76 -14.89
CA THR AA 79 -146.32 -61.94 -14.29
C THR AA 79 -146.83 -62.46 -12.94
N ILE AA 80 -146.34 -63.64 -12.51
CA ILE AA 80 -146.69 -64.23 -11.23
C ILE AA 80 -145.38 -64.23 -10.44
N LYS AA 81 -145.39 -64.78 -9.23
CA LYS AA 81 -144.25 -64.88 -8.31
C LYS AA 81 -143.77 -63.51 -7.84
N LYS AA 82 -144.70 -62.58 -7.67
CA LYS AA 82 -144.48 -61.38 -6.87
C LYS AA 82 -144.81 -61.59 -5.40
N GLN AA 83 -145.76 -62.47 -5.07
CA GLN AA 83 -145.95 -62.93 -3.71
C GLN AA 83 -144.97 -64.07 -3.41
N ASN AA 84 -144.85 -64.39 -2.11
CA ASN AA 84 -143.92 -65.38 -1.56
C ASN AA 84 -142.49 -65.07 -1.99
N HIS AA 85 -142.14 -63.79 -1.94
CA HIS AA 85 -140.97 -63.25 -2.63
C HIS AA 85 -139.71 -63.22 -1.79
N THR AA 86 -138.70 -62.48 -2.28
CA THR AA 86 -137.36 -62.34 -1.72
C THR AA 86 -136.60 -63.65 -1.59
N ASN AA 87 -136.26 -64.28 -2.71
CA ASN AA 87 -135.45 -65.48 -2.73
C ASN AA 87 -134.09 -65.15 -3.36
N ASN AA 88 -133.08 -65.95 -3.05
CA ASN AA 88 -131.76 -65.79 -3.62
C ASN AA 88 -131.23 -67.13 -4.13
N VAL AA 89 -130.22 -67.06 -5.00
CA VAL AA 89 -129.69 -68.22 -5.69
C VAL AA 89 -128.24 -68.43 -5.25
N ILE AA 90 -127.92 -69.62 -4.79
CA ILE AA 90 -126.55 -70.00 -4.46
C ILE AA 90 -126.11 -71.03 -5.49
N PHE AA 91 -125.00 -70.74 -6.18
CA PHE AA 91 -124.49 -71.68 -7.17
C PHE AA 91 -123.46 -72.61 -6.55
N TYR AA 92 -123.34 -73.79 -7.13
CA TYR AA 92 -122.41 -74.81 -6.67
C TYR AA 92 -121.73 -75.45 -7.87
N LEU AA 93 -120.41 -75.34 -7.93
CA LEU AA 93 -119.62 -75.93 -9.01
C LEU AA 93 -118.70 -76.94 -8.36
N LEU AA 94 -119.01 -78.23 -8.52
CA LEU AA 94 -118.38 -79.30 -7.76
C LEU AA 94 -117.41 -80.07 -8.63
N ARG AA 95 -116.28 -80.48 -8.04
CA ARG AA 95 -115.40 -81.45 -8.69
C ARG AA 95 -115.82 -82.84 -8.24
N ASP AA 96 -116.41 -83.61 -9.16
CA ASP AA 96 -116.90 -84.94 -8.85
C ASP AA 96 -115.78 -85.97 -8.96
N ARG AA 97 -115.91 -87.05 -8.20
CA ARG AA 97 -114.89 -88.09 -8.17
C ARG AA 97 -115.28 -89.36 -8.91
N ARG AA 98 -116.57 -89.68 -9.01
CA ARG AA 98 -117.01 -90.90 -9.66
C ARG AA 98 -118.44 -90.72 -10.16
N PRO AA 99 -118.80 -91.35 -11.27
CA PRO AA 99 -120.19 -91.28 -11.72
C PRO AA 99 -121.01 -92.49 -11.30
N TYR AA 100 -122.34 -92.38 -11.42
CA TYR AA 100 -123.24 -93.54 -11.38
C TYR AA 100 -124.30 -93.32 -12.45
N GLY AA 101 -124.00 -93.73 -13.68
CA GLY AA 101 -124.93 -93.60 -14.79
C GLY AA 101 -125.32 -92.17 -15.10
N ASN AA 102 -126.55 -91.82 -14.73
CA ASN AA 102 -127.05 -90.46 -14.86
C ASN AA 102 -126.56 -89.61 -13.67
N ALA AA 103 -127.15 -88.42 -13.51
CA ALA AA 103 -126.75 -87.54 -12.44
C ALA AA 103 -127.33 -88.03 -11.11
N PRO AA 104 -126.57 -87.94 -10.01
CA PRO AA 104 -127.10 -88.37 -8.71
C PRO AA 104 -128.04 -87.35 -8.10
N GLN AA 105 -128.47 -87.60 -6.87
CA GLN AA 105 -129.35 -86.68 -6.16
C GLN AA 105 -128.58 -85.42 -5.75
N ASP AA 106 -129.34 -84.41 -5.31
CA ASP AA 106 -128.74 -83.23 -4.68
C ASP AA 106 -128.96 -83.22 -3.17
N PHE AA 107 -130.22 -83.24 -2.74
CA PHE AA 107 -130.52 -83.11 -1.31
C PHE AA 107 -130.13 -84.37 -0.55
N GLY AA 108 -130.12 -85.52 -1.21
CA GLY AA 108 -129.57 -86.73 -0.64
C GLY AA 108 -128.08 -86.90 -0.81
N GLN AA 109 -127.41 -85.93 -1.44
CA GLN AA 109 -125.97 -85.99 -1.65
C GLN AA 109 -125.23 -84.91 -0.87
N ILE AA 110 -125.58 -83.63 -1.06
CA ILE AA 110 -125.07 -82.62 -0.15
C ILE AA 110 -125.87 -82.67 1.14
N PHE AA 111 -125.28 -82.15 2.21
CA PHE AA 111 -125.61 -82.62 3.55
C PHE AA 111 -126.92 -82.04 4.08
N ASN AA 112 -127.02 -80.73 4.23
CA ASN AA 112 -128.10 -80.16 5.02
C ASN AA 112 -128.89 -79.19 4.15
N MET AA 113 -129.84 -78.50 4.76
CA MET AA 113 -130.82 -77.70 4.03
C MET AA 113 -130.22 -76.35 3.58
N PHE AA 114 -129.71 -76.36 2.35
CA PHE AA 114 -129.53 -75.25 1.42
C PHE AA 114 -128.40 -74.30 1.81
N ASP AA 115 -127.78 -74.46 2.98
CA ASP AA 115 -126.54 -73.79 3.35
C ASP AA 115 -125.63 -74.85 3.95
N ASN AA 116 -124.83 -75.49 3.09
CA ASN AA 116 -124.21 -76.74 3.50
C ASN AA 116 -122.95 -76.99 2.68
N GLU AA 117 -122.46 -78.23 2.82
CA GLU AA 117 -121.29 -78.81 2.17
C GLU AA 117 -121.71 -80.23 1.76
N PRO AA 118 -120.91 -80.97 1.00
CA PRO AA 118 -121.21 -82.40 0.81
C PRO AA 118 -121.09 -83.18 2.11
N SER AA 119 -121.76 -84.32 2.14
CA SER AA 119 -121.84 -85.15 3.34
C SER AA 119 -120.50 -85.78 3.67
N THR AA 120 -120.38 -86.25 4.92
CA THR AA 120 -119.14 -86.84 5.39
C THR AA 120 -118.84 -88.18 4.72
N ALA AA 121 -119.87 -88.90 4.27
CA ALA AA 121 -119.69 -90.17 3.59
C ALA AA 121 -119.53 -90.03 2.09
N THR AA 122 -119.46 -88.81 1.56
CA THR AA 122 -119.46 -88.58 0.12
C THR AA 122 -118.16 -87.97 -0.39
N ILE AA 123 -117.24 -87.60 0.50
CA ILE AA 123 -116.01 -86.93 0.08
C ILE AA 123 -115.05 -87.92 -0.59
N PHE AA 131 -118.01 -85.59 -2.49
CA PHE AA 131 -117.48 -85.09 -3.73
C PHE AA 131 -116.82 -83.74 -3.48
N GLN AA 132 -115.76 -83.43 -4.22
CA GLN AA 132 -115.05 -82.19 -3.99
C GLN AA 132 -115.83 -81.00 -4.53
N VAL AA 133 -115.52 -79.83 -3.99
CA VAL AA 133 -116.14 -78.57 -4.34
C VAL AA 133 -115.07 -77.73 -5.01
N LEU AA 134 -115.46 -76.86 -5.94
CA LEU AA 134 -114.52 -75.85 -6.41
C LEU AA 134 -114.82 -74.47 -5.84
N ARG AA 135 -115.97 -73.88 -6.15
CA ARG AA 135 -116.36 -72.58 -5.63
C ARG AA 135 -117.88 -72.46 -5.56
N LYS AA 136 -118.34 -71.30 -5.09
CA LYS AA 136 -119.75 -70.94 -4.98
C LYS AA 136 -119.97 -69.59 -5.65
N PHE AA 137 -121.24 -69.20 -5.77
CA PHE AA 137 -121.61 -67.88 -6.28
C PHE AA 137 -122.85 -67.39 -5.54
N HIS AA 138 -123.29 -66.17 -5.88
CA HIS AA 138 -124.48 -65.57 -5.29
C HIS AA 138 -125.28 -64.88 -6.37
N ALA AA 139 -126.60 -64.86 -6.16
CA ALA AA 139 -127.52 -64.11 -7.02
C ALA AA 139 -128.77 -63.85 -6.19
N THR AA 140 -129.08 -62.58 -5.94
CA THR AA 140 -130.16 -62.19 -5.04
C THR AA 140 -131.22 -61.42 -5.82
N VAL AA 141 -132.38 -62.04 -6.03
CA VAL AA 141 -133.48 -61.42 -6.75
C VAL AA 141 -134.65 -61.22 -5.80
N VAL AA 142 -134.80 -59.98 -5.31
CA VAL AA 142 -135.81 -59.69 -4.31
C VAL AA 142 -136.87 -58.75 -4.89
N GLY AA 143 -137.99 -59.31 -5.34
CA GLY AA 143 -139.05 -58.48 -5.90
C GLY AA 143 -140.44 -58.82 -5.43
N GLY AA 144 -141.08 -57.89 -4.72
CA GLY AA 144 -142.43 -58.13 -4.24
C GLY AA 144 -143.46 -57.24 -4.92
N LEU AA 145 -143.94 -56.23 -4.20
CA LEU AA 145 -144.88 -55.27 -4.75
C LEU AA 145 -144.45 -53.87 -4.36
N TYR AA 146 -145.05 -52.89 -5.04
CA TYR AA 146 -144.98 -51.45 -4.82
C TYR AA 146 -143.58 -50.83 -4.98
N CYS AA 147 -142.56 -51.57 -5.40
CA CYS AA 147 -141.49 -50.87 -6.10
C CYS AA 147 -141.23 -51.51 -7.48
N MET AA 148 -141.07 -52.84 -7.66
CA MET AA 148 -140.58 -53.86 -6.71
C MET AA 148 -139.06 -53.95 -6.97
N LYS AA 149 -138.26 -53.71 -5.93
CA LYS AA 149 -136.85 -53.44 -6.20
C LYS AA 149 -135.98 -54.67 -5.96
N GLU AA 150 -136.02 -55.58 -6.95
CA GLU AA 150 -134.90 -56.24 -7.63
C GLU AA 150 -135.46 -57.23 -8.64
N GLN AA 151 -134.66 -57.53 -9.67
CA GLN AA 151 -135.03 -58.35 -10.80
C GLN AA 151 -133.76 -58.94 -11.43
N ALA AA 152 -133.87 -59.29 -12.72
CA ALA AA 152 -132.87 -59.96 -13.54
C ALA AA 152 -131.46 -59.41 -13.34
N LEU AA 153 -130.56 -60.25 -12.85
CA LEU AA 153 -129.17 -59.88 -12.63
C LEU AA 153 -128.30 -60.60 -13.64
N VAL AA 154 -127.19 -59.95 -14.04
CA VAL AA 154 -126.29 -60.55 -15.01
C VAL AA 154 -125.02 -60.98 -14.29
N LYS AA 155 -124.58 -62.22 -14.55
CA LYS AA 155 -123.39 -62.78 -13.91
C LYS AA 155 -122.45 -63.33 -14.97
N ARG AA 156 -121.23 -62.79 -15.01
CA ARG AA 156 -120.16 -63.34 -15.83
C ARG AA 156 -118.97 -63.67 -14.94
N PHE AA 157 -118.33 -64.81 -15.21
CA PHE AA 157 -117.22 -65.29 -14.38
C PHE AA 157 -116.25 -66.10 -15.21
N TYR AA 158 -115.00 -65.63 -15.29
CA TYR AA 158 -113.89 -66.53 -15.59
C TYR AA 158 -113.68 -67.48 -14.41
N ARG AA 159 -113.41 -68.75 -14.71
CA ARG AA 159 -113.21 -69.73 -13.65
C ARG AA 159 -112.34 -70.86 -14.20
N LEU AA 160 -111.06 -70.84 -13.84
CA LEU AA 160 -110.11 -71.84 -14.33
C LEU AA 160 -110.29 -73.16 -13.59
N ASN AA 161 -110.15 -74.26 -14.32
CA ASN AA 161 -110.40 -75.60 -13.79
C ASN AA 161 -109.39 -76.57 -14.39
N HIS AA 162 -109.65 -77.87 -14.28
CA HIS AA 162 -108.66 -78.89 -14.66
C HIS AA 162 -109.37 -80.10 -15.26
N HIS AA 163 -108.65 -81.21 -15.32
CA HIS AA 163 -108.86 -82.29 -16.29
C HIS AA 163 -110.09 -83.15 -15.99
N VAL AA 164 -110.59 -83.79 -17.04
CA VAL AA 164 -111.77 -84.67 -17.04
C VAL AA 164 -111.44 -85.88 -17.90
N THR AA 165 -111.89 -87.07 -17.49
CA THR AA 165 -111.69 -88.28 -18.26
C THR AA 165 -113.05 -88.92 -18.56
N TYR AA 166 -113.22 -89.45 -19.78
CA TYR AA 166 -114.34 -90.33 -20.10
C TYR AA 166 -113.88 -91.78 -20.07
N ASN AA 167 -114.81 -92.67 -19.71
CA ASN AA 167 -114.50 -94.09 -19.62
C ASN AA 167 -114.50 -94.75 -20.99
N HIS AA 168 -115.65 -94.76 -21.65
CA HIS AA 168 -115.80 -95.48 -22.89
C HIS AA 168 -115.26 -94.66 -24.06
N GLN AA 169 -114.97 -95.36 -25.16
CA GLN AA 169 -114.50 -94.75 -26.40
C GLN AA 169 -115.65 -94.49 -27.36
N GLU AA 170 -116.86 -94.34 -26.83
CA GLU AA 170 -118.06 -94.13 -27.61
C GLU AA 170 -118.17 -92.67 -28.03
N ALA AA 171 -119.08 -92.42 -28.97
CA ALA AA 171 -119.54 -91.06 -29.27
C ALA AA 171 -120.81 -90.77 -28.47
N GLY AA 172 -120.70 -90.96 -27.15
CA GLY AA 172 -121.85 -91.01 -26.27
C GLY AA 172 -121.99 -89.77 -25.40
N LYS AA 173 -123.09 -89.77 -24.65
CA LYS AA 173 -123.48 -88.67 -23.77
C LYS AA 173 -122.88 -88.89 -22.38
N TYR AA 174 -123.42 -88.20 -21.37
CA TYR AA 174 -122.91 -88.17 -20.01
C TYR AA 174 -122.91 -89.52 -19.28
N GLU AA 175 -123.50 -90.56 -19.86
CA GLU AA 175 -123.69 -91.80 -19.12
C GLU AA 175 -122.39 -92.59 -18.95
N ASN AA 176 -121.43 -92.42 -19.86
CA ASN AA 176 -120.22 -93.24 -19.87
C ASN AA 176 -119.03 -92.55 -19.22
N HIS AA 177 -119.25 -91.80 -18.14
CA HIS AA 177 -118.18 -91.09 -17.46
C HIS AA 177 -117.30 -92.04 -16.63
N THR AA 178 -116.27 -91.45 -16.03
CA THR AA 178 -115.38 -92.11 -15.09
C THR AA 178 -114.91 -91.03 -14.10
N GLU AA 179 -113.77 -91.27 -13.45
CA GLU AA 179 -113.16 -90.35 -12.49
C GLU AA 179 -112.99 -88.94 -13.06
N ASN AA 180 -113.06 -87.97 -12.15
CA ASN AA 180 -112.89 -86.53 -12.40
C ASN AA 180 -113.96 -86.01 -13.37
N ALA AA 181 -115.20 -86.09 -12.92
CA ALA AA 181 -116.29 -85.36 -13.54
C ALA AA 181 -116.45 -84.02 -12.82
N LEU AA 182 -117.26 -83.14 -13.42
CA LEU AA 182 -117.59 -81.86 -12.81
C LEU AA 182 -118.92 -81.38 -13.39
N LEU AA 183 -119.74 -80.79 -12.52
CA LEU AA 183 -121.10 -80.42 -12.91
C LEU AA 183 -121.59 -79.32 -11.97
N LEU AA 184 -122.82 -78.89 -12.17
CA LEU AA 184 -123.40 -77.77 -11.43
C LEU AA 184 -124.63 -78.20 -10.65
N TYR AA 185 -124.85 -77.50 -9.53
CA TYR AA 185 -126.10 -77.53 -8.81
C TYR AA 185 -126.53 -76.10 -8.52
N MET AA 186 -127.82 -75.83 -8.69
CA MET AA 186 -128.40 -74.54 -8.37
C MET AA 186 -129.43 -74.74 -7.26
N ALA AA 187 -129.49 -73.79 -6.33
CA ALA AA 187 -130.30 -73.95 -5.13
C ALA AA 187 -131.12 -72.70 -4.88
N CYS AA 188 -132.41 -72.90 -4.63
CA CYS AA 188 -133.29 -71.85 -4.13
C CYS AA 188 -133.48 -72.00 -2.63
N THR AA 189 -133.81 -70.90 -1.97
CA THR AA 189 -133.88 -70.87 -0.51
C THR AA 189 -135.27 -70.63 0.04
N HIS AA 190 -136.31 -70.73 -0.79
CA HIS AA 190 -137.68 -70.52 -0.34
C HIS AA 190 -138.62 -71.48 -1.06
N ALA AA 191 -139.78 -71.71 -0.44
CA ALA AA 191 -140.71 -72.72 -0.90
C ALA AA 191 -141.36 -72.38 -2.23
N SER AA 192 -141.49 -71.08 -2.55
CA SER AA 192 -141.92 -70.69 -3.87
C SER AA 192 -140.81 -70.95 -4.89
N ASN AA 193 -141.19 -70.96 -6.17
CA ASN AA 193 -140.18 -71.11 -7.20
C ASN AA 193 -140.21 -69.94 -8.18
N PRO AA 194 -139.65 -68.78 -7.82
CA PRO AA 194 -139.66 -67.65 -8.77
C PRO AA 194 -138.55 -67.70 -9.79
N VAL AA 195 -137.48 -68.45 -9.52
CA VAL AA 195 -136.22 -68.32 -10.22
C VAL AA 195 -136.34 -68.95 -11.61
N TYR AA 196 -136.25 -68.12 -12.64
CA TYR AA 196 -136.09 -68.58 -14.02
C TYR AA 196 -134.69 -68.19 -14.48
N ALA AA 197 -133.74 -69.09 -14.20
CA ALA AA 197 -132.33 -68.85 -14.45
C ALA AA 197 -131.90 -69.53 -15.73
N THR AA 198 -131.53 -68.73 -16.73
CA THR AA 198 -131.00 -69.24 -17.99
C THR AA 198 -129.55 -68.85 -18.11
N LEU AA 199 -128.68 -69.83 -18.34
CA LEU AA 199 -127.24 -69.63 -18.24
C LEU AA 199 -126.56 -70.14 -19.50
N LYS AA 200 -125.61 -69.35 -19.99
CA LYS AA 200 -124.74 -69.73 -21.09
C LYS AA 200 -123.39 -70.11 -20.53
N ILE AA 201 -122.98 -71.36 -20.74
CA ILE AA 201 -121.83 -71.94 -20.06
C ILE AA 201 -120.83 -72.36 -21.13
N ARG AA 202 -119.81 -71.54 -21.37
CA ARG AA 202 -118.74 -71.88 -22.28
C ARG AA 202 -117.67 -72.69 -21.58
N ILE AA 203 -117.32 -73.83 -22.15
CA ILE AA 203 -116.10 -74.55 -21.81
C ILE AA 203 -115.23 -74.58 -23.04
N TYR AA 204 -114.06 -73.95 -22.98
CA TYR AA 204 -113.06 -74.10 -24.03
C TYR AA 204 -111.81 -74.74 -23.43
N PHE AA 205 -111.26 -75.70 -24.16
CA PHE AA 205 -110.24 -76.59 -23.61
C PHE AA 205 -109.31 -77.10 -24.70
N PRO BA 16 -93.79 -51.38 23.24
CA PRO BA 16 -93.87 -51.46 21.77
C PRO BA 16 -95.05 -50.68 21.20
N ASP BA 17 -95.84 -50.04 22.05
CA ASP BA 17 -97.06 -49.35 21.63
C ASP BA 17 -97.02 -47.86 21.98
N ILE BA 18 -96.55 -47.52 23.17
CA ILE BA 18 -96.70 -46.17 23.73
C ILE BA 18 -95.39 -45.38 23.65
N PRO BA 19 -95.46 -44.07 23.44
CA PRO BA 19 -94.23 -43.25 23.43
C PRO BA 19 -93.94 -42.53 24.74
N ARG BA 20 -94.76 -42.68 25.78
CA ARG BA 20 -94.66 -41.82 26.97
C ARG BA 20 -94.15 -42.54 28.20
N GLY BA 21 -94.82 -43.60 28.64
CA GLY BA 21 -94.49 -44.25 29.89
C GLY BA 21 -95.08 -45.64 29.99
N CYS BA 22 -94.41 -46.50 30.76
CA CYS BA 22 -94.67 -47.94 30.79
C CYS BA 22 -95.88 -48.33 31.64
N GLU BA 23 -96.76 -47.38 31.94
CA GLU BA 23 -98.05 -47.70 32.54
C GLU BA 23 -98.90 -48.51 31.58
N GLY BA 24 -99.87 -49.25 32.12
CA GLY BA 24 -100.83 -49.95 31.32
C GLY BA 24 -101.72 -48.96 30.58
N PRO BA 25 -102.05 -49.27 29.32
CA PRO BA 25 -102.93 -48.39 28.55
C PRO BA 25 -104.36 -48.44 29.06
N CYS BA 26 -104.62 -47.71 30.14
CA CYS BA 26 -105.86 -47.83 30.88
C CYS BA 26 -107.01 -47.18 30.13
N LYS BA 27 -108.16 -47.85 30.14
CA LYS BA 27 -109.34 -47.37 29.45
C LYS BA 27 -110.16 -46.46 30.36
N VAL BA 28 -110.55 -45.31 29.83
CA VAL BA 28 -111.53 -44.43 30.46
C VAL BA 28 -112.60 -44.16 29.42
N GLN BA 29 -113.75 -44.78 29.58
CA GLN BA 29 -114.80 -44.75 28.56
C GLN BA 29 -115.89 -43.76 28.95
N SER BA 30 -116.24 -42.90 27.98
CA SER BA 30 -117.29 -41.91 28.14
C SER BA 30 -118.49 -42.43 27.34
N PHE BA 31 -119.24 -43.34 27.94
CA PHE BA 31 -120.48 -43.76 27.34
C PHE BA 31 -121.52 -42.65 27.46
N GLU BA 32 -122.30 -42.49 26.41
CA GLU BA 32 -123.46 -41.63 26.45
C GLU BA 32 -124.70 -42.42 26.04
N GLN BA 33 -125.83 -42.09 26.67
CA GLN BA 33 -127.14 -42.49 26.20
C GLN BA 33 -127.88 -41.16 26.06
N ARG BA 34 -127.65 -40.51 24.92
CA ARG BA 34 -128.05 -39.13 24.71
C ARG BA 34 -128.66 -38.92 23.34
N ASP BA 35 -128.83 -37.66 22.97
CA ASP BA 35 -129.23 -37.26 21.63
C ASP BA 35 -128.58 -35.93 21.34
N ASP BA 36 -129.08 -35.23 20.32
CA ASP BA 36 -128.59 -33.89 20.03
C ASP BA 36 -129.77 -33.03 19.61
N VAL BA 37 -129.46 -31.81 19.18
CA VAL BA 37 -130.41 -30.94 18.49
C VAL BA 37 -129.80 -30.68 17.13
N LYS BA 38 -130.44 -29.81 16.33
CA LYS BA 38 -129.86 -29.45 15.04
C LYS BA 38 -128.54 -28.72 15.20
N HIS BA 39 -128.46 -27.81 16.19
CA HIS BA 39 -127.30 -26.95 16.31
C HIS BA 39 -126.11 -27.68 16.90
N LEU BA 40 -126.31 -28.41 18.00
CA LEU BA 40 -125.15 -28.88 18.74
C LEU BA 40 -125.46 -30.15 19.51
N GLY BA 41 -124.50 -31.07 19.49
CA GLY BA 41 -124.37 -32.08 20.52
C GLY BA 41 -122.98 -31.99 21.08
N ILE BA 42 -122.84 -31.55 22.33
CA ILE BA 42 -121.54 -31.23 22.88
C ILE BA 42 -121.10 -32.33 23.85
N CYS BA 43 -119.86 -32.76 23.69
CA CYS BA 43 -119.30 -33.83 24.50
C CYS BA 43 -117.82 -33.55 24.73
N LYS BA 44 -117.48 -33.00 25.90
CA LYS BA 44 -116.09 -33.07 26.34
C LYS BA 44 -115.78 -34.50 26.76
N VAL BA 45 -114.91 -35.17 26.01
CA VAL BA 45 -114.70 -36.60 26.16
C VAL BA 45 -113.74 -36.87 27.32
N ILE BA 46 -112.98 -35.87 27.73
CA ILE BA 46 -111.96 -36.01 28.75
C ILE BA 46 -112.47 -35.52 30.11
N SER BA 47 -113.79 -35.51 30.28
CA SER BA 47 -114.41 -34.76 31.37
C SER BA 47 -114.24 -35.45 32.71
N ASP BA 48 -114.71 -36.69 32.84
CA ASP BA 48 -114.80 -37.36 34.12
C ASP BA 48 -113.48 -38.01 34.57
N VAL BA 49 -112.35 -37.59 34.03
CA VAL BA 49 -111.06 -38.22 34.36
C VAL BA 49 -110.49 -37.47 35.56
N THR BA 50 -110.65 -38.04 36.75
CA THR BA 50 -110.16 -37.46 38.00
C THR BA 50 -108.97 -38.26 38.50
N ARG BA 51 -108.26 -37.70 39.48
CA ARG BA 51 -107.14 -38.39 40.09
C ARG BA 51 -107.64 -39.51 41.00
N GLY BA 52 -107.08 -40.70 40.82
CA GLY BA 52 -107.44 -41.84 41.63
C GLY BA 52 -106.59 -43.05 41.30
N PRO BA 53 -106.63 -44.08 42.16
CA PRO BA 53 -105.81 -45.26 41.91
C PRO BA 53 -106.38 -46.20 40.85
N GLY BA 54 -107.68 -46.11 40.55
CA GLY BA 54 -108.29 -47.01 39.61
C GLY BA 54 -107.90 -46.72 38.16
N LEU BA 55 -108.25 -47.65 37.28
CA LEU BA 55 -107.94 -47.50 35.87
C LEU BA 55 -108.92 -46.60 35.13
N THR BA 56 -110.02 -46.19 35.78
CA THR BA 56 -110.89 -45.15 35.27
C THR BA 56 -110.47 -43.77 35.77
N HIS BA 57 -109.19 -43.60 36.07
CA HIS BA 57 -108.67 -42.40 36.71
C HIS BA 57 -107.35 -42.03 36.05
N ARG BA 58 -106.61 -41.13 36.69
CA ARG BA 58 -105.40 -40.59 36.12
C ARG BA 58 -104.33 -40.42 37.21
N VAL BA 59 -103.08 -40.37 36.76
CA VAL BA 59 -101.93 -40.11 37.62
C VAL BA 59 -101.28 -38.83 37.13
N GLY BA 60 -101.37 -37.78 37.95
CA GLY BA 60 -100.81 -36.49 37.58
C GLY BA 60 -101.74 -35.65 36.73
N LYS BA 61 -101.18 -34.92 35.76
CA LYS BA 61 -101.99 -34.04 34.92
C LYS BA 61 -101.52 -34.07 33.47
N ARG BA 62 -100.84 -35.15 33.06
CA ARG BA 62 -100.29 -35.27 31.71
C ARG BA 62 -100.87 -36.52 31.05
N PHE BA 63 -101.45 -36.35 29.87
CA PHE BA 63 -102.00 -37.45 29.08
C PHE BA 63 -101.24 -37.56 27.76
N CYS BA 64 -101.27 -38.75 27.19
CA CYS BA 64 -100.99 -38.99 25.78
C CYS BA 64 -102.03 -39.99 25.32
N ILE BA 65 -103.14 -39.49 24.77
CA ILE BA 65 -104.22 -40.35 24.29
C ILE BA 65 -103.72 -41.14 23.09
N LYS BA 66 -103.67 -42.47 23.23
CA LYS BA 66 -103.22 -43.32 22.15
C LYS BA 66 -104.26 -43.37 21.04
N SER BA 67 -105.50 -43.71 21.37
CA SER BA 67 -106.54 -43.78 20.36
C SER BA 67 -107.90 -43.57 21.00
N ILE BA 68 -108.79 -42.92 20.24
CA ILE BA 68 -110.20 -42.84 20.55
C ILE BA 68 -110.93 -43.89 19.72
N TYR BA 69 -111.67 -44.77 20.38
CA TYR BA 69 -112.40 -45.85 19.75
C TYR BA 69 -113.89 -45.55 19.88
N ILE BA 70 -114.50 -45.12 18.78
CA ILE BA 70 -115.88 -44.66 18.80
C ILE BA 70 -116.78 -45.79 18.35
N LEU BA 71 -117.54 -46.35 19.29
CA LEU BA 71 -118.71 -47.15 18.97
C LEU BA 71 -119.94 -46.27 18.96
N GLY BA 72 -121.03 -46.78 18.42
CA GLY BA 72 -122.26 -46.02 18.44
C GLY BA 72 -123.32 -46.49 17.48
N LYS BA 73 -124.57 -46.46 17.93
CA LYS BA 73 -125.72 -46.73 17.10
C LYS BA 73 -126.58 -45.47 17.02
N ILE BA 74 -126.87 -45.04 15.79
CA ILE BA 74 -127.53 -43.76 15.54
C ILE BA 74 -128.86 -44.07 14.89
N TRP BA 75 -129.95 -43.88 15.63
CA TRP BA 75 -131.26 -44.27 15.14
C TRP BA 75 -132.23 -43.10 15.20
N LEU BA 76 -133.44 -43.38 14.69
CA LEU BA 76 -134.61 -42.54 14.90
C LEU BA 76 -135.84 -43.39 15.16
N ASP BA 77 -135.68 -44.59 15.73
CA ASP BA 77 -136.71 -45.62 15.73
C ASP BA 77 -137.71 -45.43 16.86
N GLU BA 78 -137.81 -44.22 17.41
CA GLU BA 78 -138.98 -43.82 18.18
C GLU BA 78 -140.21 -43.82 17.26
N THR BA 79 -141.40 -43.98 17.85
CA THR BA 79 -142.62 -44.10 17.07
C THR BA 79 -143.04 -42.80 16.37
N ILE BA 80 -142.31 -41.71 16.61
CA ILE BA 80 -142.56 -40.41 15.99
C ILE BA 80 -141.31 -40.18 15.13
N LYS BA 81 -141.23 -39.01 14.47
CA LYS BA 81 -140.13 -38.58 13.60
C LYS BA 81 -140.01 -39.46 12.36
N LYS BA 82 -141.14 -39.94 11.85
CA LYS BA 82 -141.23 -40.43 10.49
C LYS BA 82 -141.55 -39.34 9.48
N GLN BA 83 -142.27 -38.29 9.88
CA GLN BA 83 -142.40 -37.09 9.08
C GLN BA 83 -141.20 -36.18 9.33
N ASN BA 84 -141.04 -35.18 8.45
CA ASN BA 84 -139.92 -34.23 8.42
C ASN BA 84 -138.59 -34.98 8.35
N HIS BA 85 -138.56 -36.01 7.51
CA HIS BA 85 -137.53 -37.05 7.57
C HIS BA 85 -136.34 -36.78 6.67
N THR BA 86 -135.52 -37.82 6.47
CA THR BA 86 -134.26 -37.83 5.70
C THR BA 86 -133.22 -36.85 6.22
N ASN BA 87 -132.71 -37.08 7.43
CA ASN BA 87 -131.62 -36.29 8.00
C ASN BA 87 -130.37 -37.16 8.08
N ASN BA 88 -129.21 -36.51 8.13
CA ASN BA 88 -127.94 -37.21 8.28
C ASN BA 88 -127.10 -36.55 9.36
N VAL BA 89 -126.11 -37.29 9.85
CA VAL BA 89 -125.29 -36.87 10.98
C VAL BA 89 -123.85 -36.70 10.50
N ILE BA 90 -123.28 -35.54 10.76
CA ILE BA 90 -121.87 -35.28 10.49
C ILE BA 90 -121.16 -35.16 11.83
N PHE BA 91 -120.13 -35.98 12.04
CA PHE BA 91 -119.38 -35.92 13.28
C PHE BA 91 -118.17 -35.00 13.14
N TYR BA 92 -117.76 -34.44 14.27
CA TYR BA 92 -116.63 -33.52 14.32
C TYR BA 92 -115.78 -33.85 15.53
N LEU BA 93 -114.52 -34.20 15.30
CA LEU BA 93 -113.59 -34.51 16.38
C LEU BA 93 -112.46 -33.48 16.28
N LEU BA 94 -112.47 -32.51 17.20
CA LEU BA 94 -111.63 -31.33 17.08
C LEU BA 94 -110.48 -31.40 18.08
N ARG BA 95 -109.31 -30.92 17.65
CA ARG BA 95 -108.19 -30.69 18.56
C ARG BA 95 -108.29 -29.26 19.08
N ASP BA 96 -108.65 -29.10 20.35
CA ASP BA 96 -108.82 -27.79 20.95
C ASP BA 96 -107.49 -27.25 21.43
N ARG BA 97 -107.38 -25.92 21.48
CA ARG BA 97 -106.15 -25.25 21.86
C ARG BA 97 -106.21 -24.63 23.26
N ARG BA 98 -107.39 -24.23 23.75
CA ARG BA 98 -107.51 -23.58 25.05
C ARG BA 98 -108.92 -23.78 25.58
N PRO BA 99 -109.10 -23.88 26.89
CA PRO BA 99 -110.45 -23.98 27.45
C PRO BA 99 -110.98 -22.64 27.93
N TYR BA 100 -112.29 -22.57 28.19
CA TYR BA 100 -112.89 -21.48 28.97
C TYR BA 100 -113.95 -22.12 29.88
N GLY BA 101 -113.51 -22.57 31.06
CA GLY BA 101 -114.41 -23.18 32.02
C GLY BA 101 -115.11 -24.42 31.51
N ASN BA 102 -116.41 -24.28 31.22
CA ASN BA 102 -117.20 -25.33 30.62
C ASN BA 102 -116.96 -25.38 29.11
N ALA BA 103 -117.82 -26.12 28.40
CA ALA BA 103 -117.68 -26.23 26.95
C ALA BA 103 -118.17 -24.95 26.27
N PRO BA 104 -117.48 -24.50 25.21
CA PRO BA 104 -117.94 -23.30 24.50
C PRO BA 104 -119.12 -23.58 23.57
N GLN BA 105 -119.51 -22.58 22.81
CA GLN BA 105 -120.61 -22.71 21.85
C GLN BA 105 -120.17 -23.60 20.68
N ASP BA 106 -121.15 -24.00 19.87
CA ASP BA 106 -120.87 -24.64 18.60
C ASP BA 106 -121.13 -23.72 17.42
N PHE BA 107 -122.37 -23.24 17.28
CA PHE BA 107 -122.75 -22.43 16.12
C PHE BA 107 -122.10 -21.06 16.16
N GLY BA 108 -121.79 -20.56 17.35
CA GLY BA 108 -120.99 -19.36 17.49
C GLY BA 108 -119.51 -19.58 17.48
N GLN BA 109 -119.05 -20.83 17.33
CA GLN BA 109 -117.63 -21.14 17.29
C GLN BA 109 -117.20 -21.65 15.92
N ILE BA 110 -117.83 -22.71 15.40
CA ILE BA 110 -117.59 -23.05 14.00
C ILE BA 110 -118.41 -22.10 13.13
N PHE BA 111 -117.99 -21.98 11.87
CA PHE BA 111 -118.25 -20.75 11.12
C PHE BA 111 -119.69 -20.68 10.59
N ASN BA 112 -120.08 -21.60 9.71
CA ASN BA 112 -121.30 -21.39 8.95
C ASN BA 112 -122.26 -22.54 9.22
N MET BA 113 -123.38 -22.56 8.49
CA MET BA 113 -124.49 -23.46 8.79
C MET BA 113 -124.21 -24.88 8.28
N PHE BA 114 -123.66 -25.69 9.18
CA PHE BA 114 -123.72 -27.16 9.27
C PHE BA 114 -122.86 -27.87 8.22
N ASP BA 115 -122.26 -27.14 7.28
CA ASP BA 115 -121.22 -27.66 6.38
C ASP BA 115 -120.11 -26.63 6.36
N ASN BA 116 -119.16 -26.77 7.28
CA ASN BA 116 -118.26 -25.65 7.56
C ASN BA 116 -116.95 -26.14 8.15
N GLU BA 117 -116.20 -25.18 8.67
CA GLU BA 117 -114.91 -25.30 9.33
C GLU BA 117 -114.97 -24.37 10.54
N PRO BA 118 -113.99 -24.38 11.45
CA PRO BA 118 -113.93 -23.32 12.46
C PRO BA 118 -113.68 -21.94 11.84
N SER BA 119 -114.06 -20.91 12.59
CA SER BA 119 -113.99 -19.55 12.11
C SER BA 119 -112.54 -19.08 11.98
N THR BA 120 -112.36 -17.99 11.22
CA THR BA 120 -111.02 -17.45 10.98
C THR BA 120 -110.40 -16.85 12.23
N ALA BA 121 -111.23 -16.38 13.18
CA ALA BA 121 -110.72 -15.81 14.41
C ALA BA 121 -110.55 -16.85 15.51
N THR BA 122 -110.75 -18.13 15.23
CA THR BA 122 -110.75 -19.16 16.24
C THR BA 122 -109.62 -20.16 16.09
N ILE BA 123 -108.84 -20.09 15.02
CA ILE BA 123 -107.79 -21.07 14.77
C ILE BA 123 -106.61 -20.86 15.71
N PHE BA 131 -109.96 -23.31 16.39
CA PHE BA 131 -109.51 -24.54 17.03
C PHE BA 131 -109.20 -25.56 15.94
N GLN BA 132 -108.23 -26.42 16.18
CA GLN BA 132 -107.84 -27.38 15.17
C GLN BA 132 -108.86 -28.51 15.05
N VAL BA 133 -108.85 -29.15 13.89
CA VAL BA 133 -109.74 -30.24 13.55
C VAL BA 133 -108.88 -31.49 13.44
N LEU BA 134 -109.43 -32.66 13.75
CA LEU BA 134 -108.73 -33.89 13.39
C LEU BA 134 -109.37 -34.58 12.19
N ARG BA 135 -110.62 -35.03 12.31
CA ARG BA 135 -111.32 -35.68 11.19
C ARG BA 135 -112.83 -35.48 11.34
N LYS BA 136 -113.57 -36.03 10.37
CA LYS BA 136 -115.02 -36.00 10.32
C LYS BA 136 -115.54 -37.42 10.12
N PHE BA 137 -116.86 -37.59 10.20
CA PHE BA 137 -117.51 -38.86 9.91
C PHE BA 137 -118.85 -38.60 9.25
N HIS BA 138 -119.54 -39.68 8.90
CA HIS BA 138 -120.86 -39.60 8.28
C HIS BA 138 -121.78 -40.66 8.88
N ALA BA 139 -123.07 -40.33 8.92
CA ALA BA 139 -124.11 -41.26 9.34
C ALA BA 139 -125.41 -40.76 8.73
N THR BA 140 -126.03 -41.57 7.86
CA THR BA 140 -127.19 -41.16 7.09
C THR BA 140 -128.38 -42.03 7.45
N VAL BA 141 -129.34 -41.47 8.17
CA VAL BA 141 -130.54 -42.20 8.58
C VAL BA 141 -131.76 -41.59 7.88
N VAL BA 142 -132.21 -42.25 6.82
CA VAL BA 142 -133.30 -41.71 6.02
C VAL BA 142 -134.53 -42.61 6.12
N GLY BA 143 -135.47 -42.26 6.99
CA GLY BA 143 -136.67 -43.06 7.13
C GLY BA 143 -137.96 -42.28 7.19
N GLY BA 144 -138.82 -42.48 6.19
CA GLY BA 144 -140.10 -41.78 6.18
C GLY BA 144 -141.28 -42.70 6.37
N LEU BA 145 -142.01 -42.99 5.30
CA LEU BA 145 -143.13 -43.91 5.35
C LEU BA 145 -143.06 -44.85 4.17
N TYR BA 146 -143.84 -45.92 4.26
CA TYR BA 146 -144.12 -46.93 3.23
C TYR BA 146 -142.91 -47.75 2.78
N CYS BA 147 -141.73 -47.60 3.37
CA CYS BA 147 -140.83 -48.75 3.35
C CYS BA 147 -140.38 -49.11 4.78
N MET BA 148 -139.91 -48.18 5.66
CA MET BA 148 -139.21 -46.91 5.40
C MET BA 148 -137.71 -47.26 5.40
N LYS BA 149 -137.03 -46.96 4.30
CA LYS BA 149 -135.72 -47.57 4.13
C LYS BA 149 -134.58 -46.61 4.49
N GLU BA 150 -134.37 -46.48 5.80
CA GLU BA 150 -133.12 -46.56 6.56
C GLU BA 150 -133.39 -46.29 8.02
N GLN BA 151 -132.51 -46.79 8.89
CA GLN BA 151 -132.63 -46.77 10.33
C GLN BA 151 -131.25 -46.89 10.95
N ALA BA 152 -131.22 -47.36 12.22
CA ALA BA 152 -130.05 -47.49 13.09
C ALA BA 152 -128.83 -48.06 12.38
N LEU BA 153 -127.77 -47.25 12.32
CA LEU BA 153 -126.53 -47.65 11.69
C LEU BA 153 -125.47 -47.84 12.77
N VAL BA 154 -124.53 -48.76 12.54
CA VAL BA 154 -123.48 -49.03 13.50
C VAL BA 154 -122.17 -48.47 12.97
N LYS BA 155 -121.44 -47.73 13.80
CA LYS BA 155 -120.18 -47.11 13.41
C LYS BA 155 -119.11 -47.47 14.42
N ARG BA 156 -118.04 -48.12 13.94
CA ARG BA 156 -116.85 -48.36 14.75
C ARG BA 156 -115.64 -47.78 14.02
N PHE BA 157 -114.74 -47.15 14.77
CA PHE BA 157 -113.58 -46.46 14.19
C PHE BA 157 -112.41 -46.50 15.17
N TYR BA 158 -111.31 -47.12 14.75
CA TYR BA 158 -110.01 -46.78 15.33
C TYR BA 158 -109.62 -45.37 14.89
N ARG BA 159 -109.05 -44.59 15.82
CA ARG BA 159 -108.67 -43.22 15.48
C ARG BA 159 -107.52 -42.81 16.43
N LEU BA 160 -106.29 -42.83 15.92
CA LEU BA 160 -105.13 -42.50 16.72
C LEU BA 160 -105.01 -40.99 16.91
N ASN BA 161 -104.58 -40.58 18.11
CA ASN BA 161 -104.55 -39.17 18.48
C ASN BA 161 -103.31 -38.95 19.36
N HIS BA 162 -103.26 -37.82 20.06
CA HIS BA 162 -102.05 -37.41 20.77
C HIS BA 162 -102.44 -36.69 22.06
N HIS BA 163 -101.48 -35.98 22.65
CA HIS BA 163 -101.39 -35.68 24.07
C HIS BA 163 -102.39 -34.61 24.51
N VAL BA 164 -102.69 -34.65 25.82
CA VAL BA 164 -103.63 -33.76 26.51
C VAL BA 164 -103.00 -33.37 27.85
N THR BA 165 -103.18 -32.13 28.28
CA THR BA 165 -102.68 -31.68 29.57
C THR BA 165 -103.85 -31.12 30.39
N TYR BA 166 -103.83 -31.41 31.70
CA TYR BA 166 -104.70 -30.71 32.64
C TYR BA 166 -103.93 -29.63 33.38
N ASN BA 167 -104.64 -28.56 33.76
CA ASN BA 167 -104.00 -27.44 34.45
C ASN BA 167 -103.80 -27.76 35.93
N HIS BA 168 -104.91 -27.93 36.65
CA HIS BA 168 -104.82 -28.09 38.09
C HIS BA 168 -104.46 -29.52 38.47
N GLN BA 169 -103.98 -29.67 39.70
CA GLN BA 169 -103.64 -30.97 40.26
C GLN BA 169 -104.77 -31.55 41.08
N GLU BA 170 -106.00 -31.15 40.77
CA GLU BA 170 -107.19 -31.59 41.48
C GLU BA 170 -107.63 -32.96 40.99
N ALA BA 171 -108.54 -33.57 41.75
CA ALA BA 171 -109.30 -34.73 41.28
C ALA BA 171 -110.62 -34.26 40.68
N GLY BA 172 -110.51 -33.35 39.72
CA GLY BA 172 -111.64 -32.59 39.23
C GLY BA 172 -112.11 -33.02 37.84
N LYS BA 173 -113.19 -32.38 37.42
CA LYS BA 173 -113.86 -32.66 36.16
C LYS BA 173 -113.27 -31.76 35.07
N TYR BA 174 -114.00 -31.62 33.95
CA TYR BA 174 -113.55 -30.90 32.75
C TYR BA 174 -113.26 -29.42 32.94
N GLU BA 175 -113.57 -28.83 34.11
CA GLU BA 175 -113.49 -27.39 34.27
C GLU BA 175 -112.04 -26.89 34.36
N ASN BA 176 -111.11 -27.73 34.83
CA ASN BA 176 -109.75 -27.30 35.10
C ASN BA 176 -108.77 -27.65 33.99
N HIS BA 177 -109.21 -27.56 32.73
CA HIS BA 177 -108.35 -27.89 31.61
C HIS BA 177 -107.30 -26.81 31.34
N THR BA 178 -106.46 -27.08 30.35
CA THR BA 178 -105.47 -26.15 29.82
C THR BA 178 -105.30 -26.50 28.34
N GLU BA 179 -104.16 -26.10 27.76
CA GLU BA 179 -103.81 -26.35 26.37
C GLU BA 179 -103.96 -27.83 25.98
N ASN BA 180 -104.27 -28.04 24.70
CA ASN BA 180 -104.45 -29.35 24.05
C ASN BA 180 -105.57 -30.16 24.71
N ALA BA 181 -106.76 -29.60 24.60
CA ALA BA 181 -107.97 -30.36 24.85
C ALA BA 181 -108.47 -30.96 23.54
N LEU BA 182 -109.44 -31.86 23.65
CA LEU BA 182 -110.09 -32.46 22.48
C LEU BA 182 -111.47 -32.95 22.88
N LEU BA 183 -112.43 -32.76 22.00
CA LEU BA 183 -113.83 -33.04 22.31
C LEU BA 183 -114.59 -33.27 21.01
N LEU BA 184 -115.89 -33.52 21.14
CA LEU BA 184 -116.74 -33.86 20.00
C LEU BA 184 -117.86 -32.84 19.82
N TYR BA 185 -118.27 -32.69 18.57
CA TYR BA 185 -119.51 -32.02 18.22
C TYR BA 185 -120.28 -32.91 17.24
N MET BA 186 -121.58 -32.99 17.44
CA MET BA 186 -122.47 -33.72 16.53
C MET BA 186 -123.45 -32.73 15.93
N ALA BA 187 -123.75 -32.91 14.64
CA ALA BA 187 -124.55 -31.93 13.91
C ALA BA 187 -125.65 -32.63 13.14
N CYS BA 188 -126.87 -32.10 13.26
CA CYS BA 188 -127.98 -32.49 12.41
C CYS BA 188 -128.19 -31.44 11.33
N THR BA 189 -128.80 -31.86 10.21
CA THR BA 189 -128.91 -31.01 9.04
C THR BA 189 -130.34 -30.64 8.69
N HIS BA 190 -131.30 -30.86 9.59
CA HIS BA 190 -132.70 -30.53 9.33
C HIS BA 190 -133.35 -30.04 10.62
N ALA BA 191 -134.44 -29.30 10.43
CA ALA BA 191 -135.09 -28.61 11.55
C ALA BA 191 -135.76 -29.58 12.52
N SER BA 192 -136.18 -30.75 12.06
CA SER BA 192 -136.65 -31.78 12.97
C SER BA 192 -135.48 -32.36 13.76
N ASN BA 193 -135.80 -33.05 14.84
CA ASN BA 193 -134.74 -33.72 15.61
C ASN BA 193 -135.03 -35.21 15.72
N PRO BA 194 -134.76 -36.01 14.68
CA PRO BA 194 -135.01 -37.46 14.79
C PRO BA 194 -133.88 -38.22 15.45
N VAL BA 195 -132.68 -37.64 15.49
CA VAL BA 195 -131.46 -38.39 15.77
C VAL BA 195 -131.37 -38.70 17.26
N TYR BA 196 -131.45 -39.97 17.60
CA TYR BA 196 -131.15 -40.46 18.94
C TYR BA 196 -129.86 -41.28 18.86
N ALA BA 197 -128.73 -40.57 18.99
CA ALA BA 197 -127.41 -41.15 18.81
C ALA BA 197 -126.79 -41.44 20.17
N THR BA 198 -126.58 -42.72 20.45
CA THR BA 198 -125.92 -43.17 21.66
C THR BA 198 -124.59 -43.80 21.29
N LEU BA 199 -123.51 -43.32 21.89
CA LEU BA 199 -122.17 -43.65 21.47
C LEU BA 199 -121.34 -44.12 22.64
N LYS BA 200 -120.59 -45.19 22.43
CA LYS BA 200 -119.61 -45.69 23.39
C LYS BA 200 -118.22 -45.29 22.93
N ILE BA 201 -117.52 -44.51 23.75
CA ILE BA 201 -116.29 -43.84 23.34
C ILE BA 201 -115.19 -44.32 24.28
N ARG BA 202 -114.39 -45.28 23.82
CA ARG BA 202 -113.24 -45.74 24.57
C ARG BA 202 -112.03 -44.85 24.29
N ILE BA 203 -111.39 -44.36 25.35
CA ILE BA 203 -110.05 -43.80 25.27
C ILE BA 203 -109.16 -44.66 26.14
N TYR BA 204 -108.18 -45.32 25.54
CA TYR BA 204 -107.13 -46.00 26.30
C TYR BA 204 -105.79 -45.35 25.96
N PHE BA 205 -105.00 -45.12 27.00
CA PHE BA 205 -103.83 -44.27 26.92
C PHE BA 205 -102.76 -44.68 27.93
N PRO CA 16 -91.12 -24.32 0.41
CA PRO CA 16 -91.86 -25.15 -0.57
C PRO CA 16 -93.37 -24.95 -0.64
N ASP CA 17 -93.86 -24.04 -1.49
CA ASP CA 17 -95.27 -24.04 -1.83
C ASP CA 17 -95.50 -24.39 -3.29
N ILE CA 18 -95.01 -23.56 -4.19
CA ILE CA 18 -95.38 -23.45 -5.61
C ILE CA 18 -94.36 -22.48 -6.20
N PRO CA 19 -94.16 -22.37 -7.53
CA PRO CA 19 -93.06 -21.52 -8.02
C PRO CA 19 -93.33 -20.03 -8.04
N ARG CA 20 -94.36 -19.48 -7.40
CA ARG CA 20 -94.52 -18.03 -7.40
C ARG CA 20 -94.51 -17.43 -6.01
N GLY CA 21 -95.38 -17.89 -5.12
CA GLY CA 21 -95.66 -17.23 -3.87
C GLY CA 21 -94.88 -17.76 -2.69
N CYS CA 22 -94.00 -16.90 -2.19
CA CYS CA 22 -93.50 -16.99 -0.83
C CYS CA 22 -94.50 -16.43 0.18
N GLU CA 23 -95.63 -15.94 -0.29
CA GLU CA 23 -96.71 -15.42 0.53
C GLU CA 23 -97.31 -16.51 1.42
N GLY CA 24 -98.01 -16.07 2.45
CA GLY CA 24 -98.80 -16.96 3.27
C GLY CA 24 -99.89 -17.60 2.45
N PRO CA 25 -99.92 -18.94 2.43
CA PRO CA 25 -100.84 -19.65 1.53
C PRO CA 25 -102.29 -19.52 1.93
N CYS CA 26 -102.88 -18.38 1.58
CA CYS CA 26 -104.07 -17.92 2.28
C CYS CA 26 -105.32 -18.53 1.69
N LYS CA 27 -106.29 -18.80 2.55
CA LYS CA 27 -107.58 -19.34 2.13
C LYS CA 27 -108.54 -18.19 1.88
N VAL CA 28 -109.21 -18.25 0.74
CA VAL CA 28 -110.36 -17.38 0.47
C VAL CA 28 -111.47 -18.30 0.01
N GLN CA 29 -112.54 -18.34 0.79
CA GLN CA 29 -113.63 -19.26 0.54
C GLN CA 29 -114.75 -18.55 -0.21
N SER CA 30 -115.24 -19.21 -1.26
CA SER CA 30 -116.43 -18.72 -1.96
C SER CA 30 -117.58 -19.63 -1.53
N PHE CA 31 -118.14 -19.35 -0.36
CA PHE CA 31 -119.35 -20.04 0.04
C PHE CA 31 -120.53 -19.55 -0.80
N GLU CA 32 -121.40 -20.49 -1.16
CA GLU CA 32 -122.68 -20.15 -1.76
C GLU CA 32 -123.79 -20.77 -0.94
N GLN CA 33 -124.91 -20.06 -0.87
CA GLN CA 33 -126.18 -20.61 -0.43
C GLN CA 33 -127.12 -20.31 -1.59
N ARG CA 34 -127.06 -21.18 -2.61
CA ARG CA 34 -127.67 -20.90 -3.90
C ARG CA 34 -128.40 -22.13 -4.43
N ASP CA 35 -128.78 -22.06 -5.69
CA ASP CA 35 -129.32 -23.19 -6.43
C ASP CA 35 -128.90 -23.03 -7.89
N ASP CA 36 -129.56 -23.76 -8.78
CA ASP CA 36 -129.30 -23.60 -10.20
C ASP CA 36 -130.63 -23.70 -10.94
N VAL CA 37 -130.53 -23.71 -12.27
CA VAL CA 37 -131.64 -24.06 -13.14
C VAL CA 37 -131.17 -25.27 -13.93
N LYS CA 38 -131.98 -25.73 -14.90
CA LYS CA 38 -131.55 -26.84 -15.75
C LYS CA 38 -130.35 -26.46 -16.60
N HIS CA 39 -130.34 -25.23 -17.13
CA HIS CA 39 -129.31 -24.84 -18.09
C HIS CA 39 -127.98 -24.54 -17.42
N LEU CA 40 -128.01 -23.75 -16.34
CA LEU CA 40 -126.74 -23.21 -15.86
C LEU CA 40 -126.81 -22.91 -14.37
N GLY CA 41 -125.72 -23.24 -13.69
CA GLY CA 41 -125.39 -22.60 -12.43
C GLY CA 41 -123.98 -22.06 -12.56
N ILE CA 42 -123.83 -20.73 -12.58
CA ILE CA 42 -122.56 -20.11 -12.91
C ILE CA 42 -121.90 -19.58 -11.65
N CYS CA 43 -120.62 -19.88 -11.50
CA CYS CA 43 -119.85 -19.47 -10.33
C CYS CA 43 -118.42 -19.18 -10.76
N LYS CA 44 -118.09 -17.91 -10.95
CA LYS CA 44 -116.68 -17.54 -10.97
C LYS CA 44 -116.14 -17.61 -9.55
N VAL CA 45 -115.07 -18.35 -9.37
CA VAL CA 45 -114.47 -18.60 -8.08
C VAL CA 45 -113.13 -17.84 -7.94
N ILE CA 46 -113.02 -16.62 -8.52
CA ILE CA 46 -111.76 -15.90 -8.53
C ILE CA 46 -111.84 -14.52 -7.87
N SER CA 47 -112.88 -13.72 -8.19
CA SER CA 47 -112.95 -12.36 -7.69
C SER CA 47 -113.42 -12.27 -6.24
N ASP CA 48 -113.50 -13.42 -5.56
CA ASP CA 48 -113.46 -13.48 -4.11
C ASP CA 48 -112.20 -12.77 -3.59
N VAL CA 49 -111.09 -12.93 -4.28
CA VAL CA 49 -109.87 -12.19 -3.99
C VAL CA 49 -109.91 -10.88 -4.78
N THR CA 50 -109.79 -9.78 -4.06
CA THR CA 50 -109.47 -8.48 -4.61
C THR CA 50 -108.06 -8.12 -4.17
N ARG CA 51 -107.55 -6.99 -4.66
CA ARG CA 51 -106.29 -6.50 -4.13
C ARG CA 51 -106.50 -5.97 -2.71
N GLY CA 52 -105.55 -6.26 -1.84
CA GLY CA 52 -105.55 -5.71 -0.52
C GLY CA 52 -104.34 -6.17 0.28
N PRO CA 53 -104.04 -5.46 1.36
CA PRO CA 53 -103.03 -5.95 2.31
C PRO CA 53 -103.54 -7.04 3.23
N GLY CA 54 -104.86 -7.23 3.30
CA GLY CA 54 -105.43 -8.20 4.22
C GLY CA 54 -105.20 -9.64 3.78
N LEU CA 55 -105.58 -10.55 4.67
CA LEU CA 55 -105.26 -11.96 4.51
C LEU CA 55 -106.30 -12.73 3.72
N THR CA 56 -107.26 -12.06 3.08
CA THR CA 56 -108.14 -12.66 2.09
C THR CA 56 -107.96 -11.97 0.75
N HIS CA 57 -106.72 -11.61 0.44
CA HIS CA 57 -106.42 -10.76 -0.70
C HIS CA 57 -105.18 -11.29 -1.38
N ARG CA 58 -104.61 -10.44 -2.22
CA ARG CA 58 -103.41 -10.75 -2.98
C ARG CA 58 -102.48 -9.55 -2.97
N VAL CA 59 -101.24 -9.78 -3.41
CA VAL CA 59 -100.26 -8.72 -3.61
C VAL CA 59 -99.88 -8.74 -5.08
N GLY CA 60 -100.22 -7.67 -5.80
CA GLY CA 60 -99.99 -7.67 -7.23
C GLY CA 60 -101.15 -8.29 -7.98
N LYS CA 61 -100.83 -9.06 -9.01
CA LYS CA 61 -101.85 -9.61 -9.90
C LYS CA 61 -101.55 -11.06 -10.31
N ARG CA 62 -101.02 -11.87 -9.38
CA ARG CA 62 -100.61 -13.24 -9.71
C ARG CA 62 -101.10 -14.24 -8.67
N PHE CA 63 -101.60 -15.40 -9.15
CA PHE CA 63 -101.97 -16.54 -8.31
C PHE CA 63 -101.24 -17.81 -8.74
N CYS CA 64 -101.16 -18.78 -7.81
CA CYS CA 64 -100.93 -20.20 -8.10
C CYS CA 64 -101.84 -20.96 -7.14
N ILE CA 65 -103.04 -21.29 -7.60
CA ILE CA 65 -104.01 -22.02 -6.78
C ILE CA 65 -103.48 -23.41 -6.52
N LYS CA 66 -103.23 -23.71 -5.24
CA LYS CA 66 -102.73 -25.03 -4.87
C LYS CA 66 -103.81 -26.07 -5.01
N SER CA 67 -104.96 -25.86 -4.38
CA SER CA 67 -106.05 -26.81 -4.48
C SER CA 67 -107.38 -26.13 -4.24
N ILE CA 68 -108.40 -26.62 -4.94
CA ILE CA 68 -109.79 -26.29 -4.68
C ILE CA 68 -110.40 -27.42 -3.86
N TYR CA 69 -110.95 -27.07 -2.70
CA TYR CA 69 -111.56 -28.01 -1.78
C TYR CA 69 -113.06 -27.77 -1.77
N ILE CA 70 -113.80 -28.66 -2.43
CA ILE CA 70 -115.23 -28.47 -2.64
C ILE CA 70 -115.98 -29.25 -1.58
N LEU CA 71 -116.59 -28.54 -0.63
CA LEU CA 71 -117.64 -29.09 0.21
C LEU CA 71 -118.98 -28.78 -0.43
N GLY CA 72 -120.01 -29.47 0.07
CA GLY CA 72 -121.34 -29.17 -0.44
C GLY CA 72 -122.38 -30.22 -0.14
N LYS CA 73 -123.58 -29.77 0.19
CA LYS CA 73 -124.74 -30.63 0.36
C LYS CA 73 -125.78 -30.27 -0.70
N ILE CA 74 -126.21 -31.29 -1.45
CA ILE CA 74 -127.07 -31.10 -2.62
C ILE CA 74 -128.38 -31.79 -2.33
N TRP CA 75 -129.44 -31.02 -2.08
CA TRP CA 75 -130.70 -31.60 -1.67
C TRP CA 75 -131.84 -31.14 -2.57
N LEU CA 76 -133.01 -31.69 -2.29
CA LEU CA 76 -134.28 -31.21 -2.81
C LEU CA 76 -135.36 -31.23 -1.73
N ASP CA 77 -134.97 -31.08 -0.46
CA ASP CA 77 -135.84 -31.41 0.67
C ASP CA 77 -136.78 -30.27 1.03
N GLU CA 78 -137.03 -29.35 0.09
CA GLU CA 78 -138.18 -28.47 0.15
C GLU CA 78 -139.45 -29.33 0.06
N THR CA 79 -140.57 -28.82 0.60
CA THR CA 79 -141.81 -29.57 0.65
C THR CA 79 -142.46 -29.80 -0.72
N ILE CA 80 -141.89 -29.22 -1.77
CA ILE CA 80 -142.37 -29.38 -3.15
C ILE CA 80 -141.23 -30.12 -3.84
N LYS CA 81 -141.37 -30.37 -5.15
CA LYS CA 81 -140.40 -31.06 -6.01
C LYS CA 81 -140.23 -32.53 -5.62
N LYS CA 82 -141.31 -33.15 -5.15
CA LYS CA 82 -141.42 -34.60 -5.12
C LYS CA 82 -141.95 -35.18 -6.41
N GLN CA 83 -142.81 -34.46 -7.13
CA GLN CA 83 -143.17 -34.82 -8.50
C GLN CA 83 -142.09 -34.29 -9.46
N ASN CA 84 -142.15 -34.80 -10.70
CA ASN CA 84 -141.19 -34.54 -11.78
C ASN CA 84 -139.78 -34.86 -11.32
N HIS CA 85 -139.64 -35.99 -10.63
CA HIS CA 85 -138.47 -36.28 -9.82
C HIS CA 85 -137.39 -37.07 -10.55
N THR CA 86 -136.44 -37.61 -9.78
CA THR CA 86 -135.25 -38.35 -10.22
C THR CA 86 -134.33 -37.54 -11.14
N ASN CA 87 -133.72 -36.49 -10.61
CA ASN CA 87 -132.73 -35.71 -11.35
C ASN CA 87 -131.35 -35.94 -10.72
N ASN CA 88 -130.31 -35.69 -11.50
CA ASN CA 88 -128.93 -35.79 -11.01
C ASN CA 88 -128.13 -34.56 -11.40
N VAL CA 89 -127.02 -34.36 -10.73
CA VAL CA 89 -126.19 -33.17 -10.88
C VAL CA 89 -124.83 -33.58 -11.43
N ILE CA 90 -124.42 -32.95 -12.52
CA ILE CA 90 -123.09 -33.15 -13.09
C ILE CA 90 -122.32 -31.85 -12.87
N PHE CA 91 -121.17 -31.95 -12.21
CA PHE CA 91 -120.36 -30.77 -11.99
C PHE CA 91 -119.32 -30.60 -13.09
N TYR CA 92 -118.92 -29.36 -13.31
CA TYR CA 92 -117.94 -29.03 -14.34
C TYR CA 92 -116.98 -28.00 -13.78
N LEU CA 93 -115.70 -28.34 -13.74
CA LEU CA 93 -114.64 -27.45 -13.25
C LEU CA 93 -113.70 -27.22 -14.42
N LEU CA 94 -113.79 -26.03 -15.02
CA LEU CA 94 -113.14 -25.76 -16.30
C LEU CA 94 -111.94 -24.86 -16.12
N ARG CA 95 -110.88 -25.12 -16.88
CA ARG CA 95 -109.76 -24.19 -16.98
C ARG CA 95 -110.03 -23.24 -18.14
N ASP CA 96 -110.33 -21.97 -17.82
CA ASP CA 96 -110.65 -20.97 -18.81
C ASP CA 96 -109.39 -20.36 -19.38
N ARG CA 97 -109.49 -19.89 -20.63
CA ARG CA 97 -108.34 -19.31 -21.33
C ARG CA 97 -108.40 -17.79 -21.44
N ARG CA 98 -109.63 -17.17 -21.52
CA ARG CA 98 -109.85 -15.75 -21.18
C ARG CA 98 -111.33 -15.36 -21.16
N PRO CA 99 -111.73 -14.53 -20.20
CA PRO CA 99 -113.07 -13.92 -20.24
C PRO CA 99 -113.08 -12.53 -20.88
N TYR CA 100 -114.29 -12.09 -21.25
CA TYR CA 100 -114.54 -10.74 -21.75
C TYR CA 100 -115.86 -10.27 -21.16
N GLY CA 101 -115.85 -9.15 -20.45
CA GLY CA 101 -117.05 -8.73 -19.77
C GLY CA 101 -117.32 -9.69 -18.62
N ASN CA 102 -118.58 -10.12 -18.47
CA ASN CA 102 -118.93 -10.93 -17.31
C ASN CA 102 -118.69 -12.41 -17.59
N ALA CA 103 -119.24 -13.25 -16.72
CA ALA CA 103 -119.21 -14.69 -16.93
C ALA CA 103 -120.14 -15.05 -18.08
N PRO CA 104 -119.64 -15.65 -19.15
CA PRO CA 104 -120.52 -16.08 -20.24
C PRO CA 104 -121.35 -17.27 -19.81
N GLN CA 105 -122.60 -17.29 -20.23
CA GLN CA 105 -123.56 -18.28 -19.77
C GLN CA 105 -123.23 -19.66 -20.37
N ASP CA 106 -123.74 -20.70 -19.71
CA ASP CA 106 -123.22 -22.05 -19.92
C ASP CA 106 -123.66 -22.65 -21.25
N PHE CA 107 -124.97 -22.70 -21.50
CA PHE CA 107 -125.46 -23.29 -22.74
C PHE CA 107 -125.08 -22.46 -23.95
N GLY CA 108 -124.77 -21.18 -23.76
CA GLY CA 108 -124.12 -20.41 -24.79
C GLY CA 108 -122.63 -20.65 -24.89
N GLN CA 109 -122.09 -21.65 -24.17
CA GLN CA 109 -120.66 -21.93 -24.28
C GLN CA 109 -120.32 -23.41 -24.49
N ILE CA 110 -121.02 -24.35 -23.85
CA ILE CA 110 -120.68 -25.76 -24.03
C ILE CA 110 -121.58 -26.36 -25.09
N PHE CA 111 -121.17 -27.53 -25.67
CA PHE CA 111 -121.66 -27.83 -27.01
C PHE CA 111 -123.12 -28.29 -27.03
N ASN CA 112 -123.43 -29.41 -26.37
CA ASN CA 112 -124.71 -30.05 -26.62
C ASN CA 112 -125.47 -30.15 -25.30
N MET CA 113 -126.61 -30.84 -25.33
CA MET CA 113 -127.56 -30.84 -24.22
C MET CA 113 -127.10 -31.79 -23.11
N PHE CA 114 -126.38 -31.21 -22.15
CA PHE CA 114 -126.22 -31.61 -20.75
C PHE CA 114 -125.33 -32.84 -20.57
N ASP CA 115 -124.91 -33.50 -21.64
CA ASP CA 115 -123.87 -34.54 -21.62
C ASP CA 115 -122.92 -34.23 -22.77
N ASN CA 116 -121.91 -33.42 -22.50
CA ASN CA 116 -121.18 -32.79 -23.58
C ASN CA 116 -119.76 -32.42 -23.15
N GLU CA 117 -119.13 -31.63 -24.01
CA GLU CA 117 -117.79 -31.06 -23.90
C GLU CA 117 -117.91 -29.61 -24.36
N PRO CA 118 -116.89 -28.77 -24.23
CA PRO CA 118 -116.93 -27.46 -24.90
C PRO CA 118 -116.92 -27.60 -26.41
N SER CA 119 -117.40 -26.55 -27.07
CA SER CA 119 -117.57 -26.55 -28.52
C SER CA 119 -116.22 -26.54 -29.23
N THR CA 120 -116.25 -26.90 -30.52
CA THR CA 120 -115.03 -26.96 -31.32
C THR CA 120 -114.43 -25.59 -31.57
N ALA CA 121 -115.25 -24.53 -31.57
CA ALA CA 121 -114.75 -23.18 -31.79
C ALA CA 121 -114.36 -22.48 -30.50
N THR CA 122 -114.39 -23.17 -29.36
CA THR CA 122 -114.16 -22.56 -28.06
C THR CA 122 -112.90 -23.04 -27.37
N ILE CA 123 -112.22 -24.05 -27.91
CA ILE CA 123 -111.05 -24.62 -27.25
C ILE CA 123 -109.85 -23.67 -27.33
N PHE CA 131 -112.75 -23.79 -24.28
CA PHE CA 131 -112.09 -23.61 -23.00
C PHE CA 131 -111.70 -24.97 -22.45
N GLN CA 132 -110.58 -25.04 -21.73
CA GLN CA 132 -110.12 -26.32 -21.22
C GLN CA 132 -110.98 -26.79 -20.05
N VAL CA 133 -110.95 -28.09 -19.82
CA VAL CA 133 -111.69 -28.76 -18.76
C VAL CA 133 -110.65 -29.29 -17.78
N LEU CA 134 -110.99 -29.36 -16.50
CA LEU CA 134 -110.15 -30.12 -15.58
C LEU CA 134 -110.76 -31.48 -15.23
N ARG CA 135 -111.92 -31.50 -14.56
CA ARG CA 135 -112.58 -32.75 -14.21
C ARG CA 135 -114.09 -32.54 -14.10
N LYS CA 136 -114.79 -33.62 -13.77
CA LYS CA 136 -116.24 -33.65 -13.58
C LYS CA 136 -116.55 -34.29 -12.24
N PHE CA 137 -117.82 -34.24 -11.83
CA PHE CA 137 -118.28 -34.94 -10.63
C PHE CA 137 -119.70 -35.46 -10.88
N HIS CA 138 -120.25 -36.13 -9.87
CA HIS CA 138 -121.60 -36.68 -9.92
C HIS CA 138 -122.30 -36.44 -8.60
N ALA CA 139 -123.62 -36.28 -8.69
CA ALA CA 139 -124.48 -36.18 -7.51
C ALA CA 139 -125.88 -36.57 -7.95
N THR CA 140 -126.42 -37.65 -7.39
CA THR CA 140 -127.68 -38.22 -7.83
C THR CA 140 -128.70 -38.15 -6.70
N VAL CA 141 -129.69 -37.28 -6.83
CA VAL CA 141 -130.73 -37.13 -5.82
C VAL CA 141 -132.06 -37.56 -6.41
N VAL CA 142 -132.49 -38.78 -6.08
CA VAL CA 142 -133.69 -39.34 -6.66
C VAL CA 142 -134.76 -39.53 -5.58
N GLY CA 143 -135.69 -38.58 -5.48
CA GLY CA 143 -136.74 -38.69 -4.49
C GLY CA 143 -138.14 -38.37 -4.99
N GLY CA 144 -139.02 -39.36 -4.99
CA GLY CA 144 -140.39 -39.13 -5.44
C GLY CA 144 -141.39 -39.23 -4.32
N LEU CA 145 -142.14 -40.33 -4.28
CA LEU CA 145 -143.11 -40.56 -3.22
C LEU CA 145 -142.98 -42.00 -2.74
N TYR CA 146 -143.58 -42.25 -1.58
CA TYR CA 146 -143.76 -43.55 -0.92
C TYR CA 146 -142.48 -44.26 -0.51
N CYS CA 147 -141.31 -43.67 -0.65
CA CYS CA 147 -140.24 -44.07 0.27
C CYS CA 147 -139.65 -42.85 1.00
N MET CA 148 -139.27 -41.73 0.34
CA MET CA 148 -138.79 -41.56 -1.04
C MET CA 148 -137.26 -41.68 -0.98
N LYS CA 149 -136.70 -42.64 -1.71
CA LYS CA 149 -135.33 -43.02 -1.41
C LYS CA 149 -134.33 -42.38 -2.37
N GLU CA 150 -134.06 -41.09 -2.10
CA GLU CA 150 -132.75 -40.44 -2.00
C GLU CA 150 -132.97 -38.95 -1.73
N GLN CA 151 -131.96 -38.32 -1.13
CA GLN CA 151 -131.99 -36.94 -0.66
C GLN CA 151 -130.57 -36.41 -0.57
N ALA CA 152 -130.39 -35.38 0.27
CA ALA CA 152 -129.16 -34.60 0.48
C ALA CA 152 -127.92 -35.47 0.57
N LEU CA 153 -127.00 -35.29 -0.37
CA LEU CA 153 -125.74 -36.02 -0.40
C LEU CA 153 -124.60 -35.08 -0.04
N VAL CA 154 -123.56 -35.61 0.59
CA VAL CA 154 -122.42 -34.80 0.97
C VAL CA 154 -121.24 -35.14 0.06
N LYS CA 155 -120.59 -34.12 -0.47
CA LYS CA 155 -119.46 -34.30 -1.38
C LYS CA 155 -118.27 -33.48 -0.90
N ARG CA 156 -117.16 -34.16 -0.62
CA ARG CA 156 -115.89 -33.50 -0.33
C ARG CA 156 -114.84 -34.01 -1.31
N PHE CA 157 -113.99 -33.09 -1.79
CA PHE CA 157 -113.00 -33.44 -2.81
C PHE CA 157 -111.77 -32.55 -2.66
N TYR CA 158 -110.62 -33.15 -2.39
CA TYR CA 158 -109.35 -32.52 -2.73
C TYR CA 158 -109.20 -32.48 -4.24
N ARG CA 159 -108.70 -31.35 -4.77
CA ARG CA 159 -108.55 -31.21 -6.22
C ARG CA 159 -107.43 -30.20 -6.48
N LEU CA 160 -106.24 -30.71 -6.82
CA LEU CA 160 -105.08 -29.86 -7.08
C LEU CA 160 -105.18 -29.18 -8.43
N ASN CA 161 -104.75 -27.93 -8.50
CA ASN CA 161 -104.89 -27.10 -9.70
C ASN CA 161 -103.65 -26.22 -9.83
N HIS CA 162 -103.72 -25.19 -10.66
CA HIS CA 162 -102.55 -24.40 -11.02
C HIS CA 162 -102.95 -22.93 -11.20
N HIS CA 163 -102.06 -22.16 -11.84
CA HIS CA 163 -101.93 -20.73 -11.68
C HIS CA 163 -103.05 -19.94 -12.37
N VAL CA 164 -103.26 -18.71 -11.86
CA VAL CA 164 -104.28 -17.76 -12.31
C VAL CA 164 -103.62 -16.38 -12.33
N THR CA 165 -103.99 -15.52 -13.33
CA THR CA 165 -103.42 -14.17 -13.44
C THR CA 165 -104.50 -13.17 -13.84
N TYR CA 166 -104.46 -11.95 -13.27
CA TYR CA 166 -105.26 -10.82 -13.78
C TYR CA 166 -104.40 -9.90 -14.63
N ASN CA 167 -105.02 -9.33 -15.67
CA ASN CA 167 -104.39 -8.25 -16.44
C ASN CA 167 -104.61 -6.90 -15.77
N HIS CA 168 -105.87 -6.49 -15.66
CA HIS CA 168 -106.19 -5.16 -15.16
C HIS CA 168 -105.88 -5.06 -13.68
N GLN CA 169 -105.21 -3.98 -13.32
CA GLN CA 169 -104.52 -3.86 -12.04
C GLN CA 169 -105.39 -3.28 -10.96
N GLU CA 170 -106.69 -3.53 -11.02
CA GLU CA 170 -107.66 -2.97 -10.11
C GLU CA 170 -107.82 -3.82 -8.86
N ALA CA 171 -108.23 -3.17 -7.77
CA ALA CA 171 -108.70 -3.85 -6.56
C ALA CA 171 -110.19 -4.14 -6.73
N GLY CA 172 -110.48 -5.03 -7.69
CA GLY CA 172 -111.85 -5.11 -8.15
C GLY CA 172 -112.43 -6.47 -8.46
N LYS CA 173 -113.41 -6.47 -9.36
CA LYS CA 173 -114.32 -7.57 -9.61
C LYS CA 173 -113.71 -8.54 -10.64
N TYR CA 174 -114.57 -9.39 -11.21
CA TYR CA 174 -114.18 -10.53 -12.04
C TYR CA 174 -114.02 -10.22 -13.51
N GLU CA 175 -114.48 -9.07 -13.99
CA GLU CA 175 -114.53 -8.81 -15.43
C GLU CA 175 -113.19 -8.42 -16.04
N ASN CA 176 -112.10 -8.48 -15.29
CA ASN CA 176 -110.89 -7.78 -15.72
C ASN CA 176 -109.65 -8.65 -15.67
N HIS CA 177 -109.75 -9.87 -16.22
CA HIS CA 177 -108.73 -10.89 -16.05
C HIS CA 177 -107.87 -11.02 -17.32
N THR CA 178 -107.05 -12.06 -17.34
CA THR CA 178 -106.27 -12.50 -18.49
C THR CA 178 -106.18 -14.03 -18.41
N GLU CA 179 -105.14 -14.60 -19.04
CA GLU CA 179 -104.80 -16.02 -19.10
C GLU CA 179 -105.11 -16.79 -17.81
N ASN CA 180 -105.71 -17.96 -17.99
CA ASN CA 180 -105.98 -18.95 -16.96
C ASN CA 180 -106.89 -18.39 -15.87
N ALA CA 181 -108.12 -18.16 -16.29
CA ALA CA 181 -109.17 -18.15 -15.30
C ALA CA 181 -109.67 -19.58 -15.09
N LEU CA 182 -110.47 -19.76 -14.05
CA LEU CA 182 -111.10 -21.05 -13.77
C LEU CA 182 -112.36 -20.81 -12.95
N LEU CA 183 -113.40 -21.57 -13.26
CA LEU CA 183 -114.72 -21.35 -12.66
C LEU CA 183 -115.52 -22.64 -12.75
N LEU CA 184 -116.75 -22.60 -12.26
CA LEU CA 184 -117.61 -23.76 -12.17
C LEU CA 184 -118.89 -23.59 -12.99
N TYR CA 185 -119.40 -24.72 -13.48
CA TYR CA 185 -120.75 -24.81 -14.00
C TYR CA 185 -121.43 -26.02 -13.38
N MET CA 186 -122.69 -25.85 -13.02
CA MET CA 186 -123.51 -26.92 -12.49
C MET CA 186 -124.68 -27.16 -13.44
N ALA CA 187 -125.03 -28.42 -13.64
CA ALA CA 187 -126.01 -28.79 -14.65
C ALA CA 187 -127.05 -29.73 -14.08
N CYS CA 188 -128.31 -29.43 -14.33
CA CYS CA 188 -129.42 -30.34 -14.07
C CYS CA 188 -129.84 -31.02 -15.36
N THR CA 189 -130.45 -32.20 -15.23
CA THR CA 189 -130.77 -33.03 -16.38
C THR CA 189 -132.27 -33.22 -16.61
N HIS CA 190 -133.11 -32.43 -15.95
CA HIS CA 190 -134.56 -32.55 -16.12
C HIS CA 190 -135.20 -31.17 -16.05
N ALA CA 191 -136.40 -31.08 -16.63
CA ALA CA 191 -137.08 -29.79 -16.79
C ALA CA 191 -137.52 -29.18 -15.47
N SER CA 192 -137.78 -29.99 -14.47
CA SER CA 192 -138.03 -29.47 -13.13
C SER CA 192 -136.74 -28.93 -12.52
N ASN CA 193 -136.88 -28.13 -11.48
CA ASN CA 193 -135.69 -27.64 -10.79
C ASN CA 193 -135.74 -28.03 -9.30
N PRO CA 194 -135.42 -29.28 -8.95
CA PRO CA 194 -135.45 -29.64 -7.52
C PRO CA 194 -134.17 -29.28 -6.79
N VAL CA 195 -133.07 -29.07 -7.50
CA VAL CA 195 -131.74 -29.07 -6.91
C VAL CA 195 -131.51 -27.75 -6.17
N TYR CA 196 -131.37 -27.86 -4.85
CA TYR CA 196 -130.91 -26.76 -4.01
C TYR CA 196 -129.52 -27.11 -3.49
N ALA CA 197 -128.52 -26.77 -4.28
CA ALA CA 197 -127.14 -27.15 -4.02
C ALA CA 197 -126.38 -25.98 -3.41
N THR CA 198 -125.97 -26.13 -2.15
CA THR CA 198 -125.16 -25.14 -1.46
C THR CA 198 -123.79 -25.72 -1.20
N LEU CA 199 -122.76 -25.01 -1.65
CA LEU CA 199 -121.40 -25.54 -1.68
C LEU CA 199 -120.44 -24.58 -1.00
N LYS CA 200 -119.55 -25.16 -0.19
CA LYS CA 200 -118.46 -24.43 0.41
C LYS CA 200 -117.17 -24.74 -0.33
N ILE CA 201 -116.55 -23.73 -0.90
CA ILE CA 201 -115.46 -23.90 -1.86
C ILE CA 201 -114.24 -23.19 -1.30
N ARG CA 202 -113.34 -23.95 -0.68
CA ARG CA 202 -112.09 -23.39 -0.20
C ARG CA 202 -111.04 -23.39 -1.31
N ILE CA 203 -110.42 -22.24 -1.53
CA ILE CA 203 -109.19 -22.14 -2.30
C ILE CA 203 -108.12 -21.62 -1.35
N TYR CA 204 -107.09 -22.42 -1.10
CA TYR CA 204 -105.91 -21.93 -0.40
C TYR CA 204 -104.70 -22.06 -1.32
N PHE CA 205 -103.89 -21.00 -1.33
CA PHE CA 205 -102.87 -20.83 -2.34
C PHE CA 205 -101.69 -20.03 -1.81
N PRO DA 16 -95.20 -38.80 -28.36
CA PRO DA 16 -95.18 -39.57 -27.10
C PRO DA 16 -96.48 -40.32 -26.84
N ASP DA 17 -97.44 -40.21 -27.75
CA ASP DA 17 -98.77 -40.80 -27.56
C ASP DA 17 -99.12 -41.80 -28.65
N ILE DA 18 -98.81 -41.48 -29.90
CA ILE DA 18 -99.31 -42.22 -31.07
C ILE DA 18 -98.24 -43.11 -31.67
N PRO DA 19 -98.60 -44.28 -32.20
CA PRO DA 19 -97.62 -45.14 -32.87
C PRO DA 19 -97.57 -45.02 -34.39
N ARG DA 20 -98.39 -44.16 -35.01
CA ARG DA 20 -98.57 -44.20 -36.45
C ARG DA 20 -97.97 -42.99 -37.17
N GLY DA 21 -98.39 -41.78 -36.84
CA GLY DA 21 -97.99 -40.59 -37.56
C GLY DA 21 -98.22 -39.32 -36.78
N CYS DA 22 -97.40 -38.31 -37.07
CA CYS DA 22 -97.31 -37.09 -36.26
C CYS DA 22 -98.43 -36.10 -36.52
N GLU DA 23 -99.52 -36.53 -37.12
CA GLU DA 23 -100.73 -35.71 -37.20
C GLU DA 23 -101.30 -35.47 -35.80
N GLY DA 24 -102.09 -34.41 -35.68
CA GLY DA 24 -102.81 -34.14 -34.46
C GLY DA 24 -103.87 -35.20 -34.22
N PRO DA 25 -104.05 -35.62 -32.97
CA PRO DA 25 -105.07 -36.61 -32.66
C PRO DA 25 -106.47 -36.04 -32.79
N CYS DA 26 -106.95 -35.96 -34.03
CA CYS DA 26 -108.17 -35.23 -34.34
C CYS DA 26 -109.40 -35.99 -33.87
N LYS DA 27 -110.36 -35.25 -33.31
CA LYS DA 27 -111.58 -35.83 -32.77
C LYS DA 27 -112.63 -35.91 -33.87
N VAL DA 28 -113.28 -37.07 -33.99
CA VAL DA 28 -114.47 -37.23 -34.81
C VAL DA 28 -115.52 -37.87 -33.91
N GLN DA 29 -116.49 -37.08 -33.49
CA GLN DA 29 -117.44 -37.51 -32.48
C GLN DA 29 -118.77 -37.90 -33.14
N SER DA 30 -119.20 -39.13 -32.89
CA SER DA 30 -120.45 -39.66 -33.40
C SER DA 30 -121.48 -39.53 -32.28
N PHE DA 31 -122.03 -38.33 -32.13
CA PHE DA 31 -123.13 -38.15 -31.20
C PHE DA 31 -124.39 -38.79 -31.77
N GLU DA 32 -125.15 -39.41 -30.89
CA GLU DA 32 -126.48 -39.89 -31.23
C GLU DA 32 -127.49 -39.30 -30.25
N GLN DA 33 -128.68 -39.01 -30.77
CA GLN DA 33 -129.87 -38.76 -29.96
C GLN DA 33 -130.87 -39.78 -30.48
N ARG DA 34 -130.75 -41.01 -29.96
CA ARG DA 34 -131.43 -42.15 -30.53
C ARG DA 34 -132.04 -43.02 -29.45
N ASP DA 35 -132.47 -44.21 -29.84
CA ASP DA 35 -132.91 -45.25 -28.92
C ASP DA 35 -132.56 -46.59 -29.55
N ASP DA 36 -133.16 -47.66 -29.05
CA ASP DA 36 -132.98 -48.97 -29.65
C ASP DA 36 -134.31 -49.71 -29.62
N VAL DA 37 -134.26 -50.97 -30.01
CA VAL DA 37 -135.36 -51.91 -29.81
C VAL DA 37 -134.78 -53.03 -28.95
N LYS DA 38 -135.58 -54.08 -28.71
CA LYS DA 38 -135.05 -55.22 -27.96
C LYS DA 38 -133.93 -55.93 -28.72
N HIS DA 39 -134.09 -56.07 -30.04
CA HIS DA 39 -133.14 -56.87 -30.81
C HIS DA 39 -131.83 -56.14 -31.06
N LEU DA 40 -131.92 -54.87 -31.50
CA LEU DA 40 -130.71 -54.25 -32.01
C LEU DA 40 -130.74 -52.74 -31.86
N GLY DA 41 -129.60 -52.19 -31.47
CA GLY DA 41 -129.30 -50.80 -31.74
C GLY DA 41 -127.97 -50.75 -32.47
N ILE DA 42 -127.98 -50.39 -33.75
CA ILE DA 42 -126.80 -50.52 -34.59
C ILE DA 42 -126.16 -49.15 -34.80
N CYS DA 43 -124.85 -49.11 -34.62
CA CYS DA 43 -124.10 -47.86 -34.77
C CYS DA 43 -122.72 -48.19 -35.33
N LYS DA 44 -122.55 -47.99 -36.64
CA LYS DA 44 -121.19 -47.90 -37.18
C LYS DA 44 -120.60 -46.57 -36.75
N VAL DA 45 -119.56 -46.65 -35.92
CA VAL DA 45 -119.04 -45.45 -35.28
C VAL DA 45 -118.08 -44.72 -36.20
N ILE DA 46 -117.58 -45.39 -37.22
CA ILE DA 46 -116.57 -44.83 -38.12
C ILE DA 46 -117.23 -44.34 -39.41
N SER DA 47 -118.53 -44.04 -39.36
CA SER DA 47 -119.34 -43.89 -40.57
C SER DA 47 -119.06 -42.58 -41.29
N ASP DA 48 -119.26 -41.45 -40.61
CA ASP DA 48 -119.22 -40.13 -41.24
C ASP DA 48 -117.81 -39.57 -41.43
N VAL DA 49 -116.78 -40.41 -41.42
CA VAL DA 49 -115.40 -39.92 -41.54
C VAL DA 49 -115.05 -39.89 -43.01
N THR DA 50 -115.11 -38.71 -43.62
CA THR DA 50 -114.81 -38.52 -45.03
C THR DA 50 -113.48 -37.78 -45.18
N ARG DA 51 -112.95 -37.77 -46.40
CA ARG DA 51 -111.72 -37.03 -46.67
C ARG DA 51 -111.99 -35.53 -46.69
N GLY DA 52 -111.18 -34.79 -45.94
CA GLY DA 52 -111.30 -33.35 -45.90
C GLY DA 52 -110.19 -32.72 -45.07
N PRO DA 53 -110.04 -31.40 -45.17
CA PRO DA 53 -108.97 -30.73 -44.42
C PRO DA 53 -109.28 -30.53 -42.95
N GLY DA 54 -110.55 -30.57 -42.56
CA GLY DA 54 -110.91 -30.31 -41.18
C GLY DA 54 -110.55 -31.46 -40.25
N LEU DA 55 -110.66 -31.19 -38.95
CA LEU DA 55 -110.35 -32.19 -37.94
C LEU DA 55 -111.48 -33.18 -37.71
N THR DA 56 -112.66 -32.94 -38.29
CA THR DA 56 -113.73 -33.93 -38.34
C THR DA 56 -113.64 -34.79 -39.59
N HIS DA 57 -112.44 -34.96 -40.14
CA HIS DA 57 -112.22 -35.61 -41.42
C HIS DA 57 -110.99 -36.50 -41.30
N ARG DA 58 -110.49 -36.95 -42.45
CA ARG DA 58 -109.39 -37.92 -42.48
C ARG DA 58 -108.44 -37.59 -43.62
N VAL DA 59 -107.22 -38.08 -43.48
CA VAL DA 59 -106.18 -37.97 -44.51
C VAL DA 59 -105.81 -39.38 -44.95
N GLY DA 60 -106.16 -39.71 -46.19
CA GLY DA 60 -105.89 -41.04 -46.71
C GLY DA 60 -106.96 -42.06 -46.36
N LYS DA 61 -106.55 -43.29 -46.09
CA LYS DA 61 -107.49 -44.35 -45.78
C LYS DA 61 -106.98 -45.26 -44.66
N ARG DA 62 -106.08 -44.77 -43.83
CA ARG DA 62 -105.48 -45.54 -42.75
C ARG DA 62 -105.74 -44.86 -41.42
N PHE DA 63 -106.30 -45.60 -40.47
CA PHE DA 63 -106.57 -45.11 -39.13
C PHE DA 63 -105.77 -45.91 -38.12
N CYS DA 64 -105.52 -45.28 -36.97
CA CYS DA 64 -105.15 -45.99 -35.74
C CYS DA 64 -105.92 -45.29 -34.62
N ILE DA 65 -107.09 -45.83 -34.30
CA ILE DA 65 -107.93 -45.27 -33.25
C ILE DA 65 -107.24 -45.43 -31.91
N LYS DA 66 -106.89 -44.30 -31.28
CA LYS DA 66 -106.23 -44.34 -29.99
C LYS DA 66 -107.20 -44.79 -28.90
N SER DA 67 -108.34 -44.12 -28.79
CA SER DA 67 -109.31 -44.50 -27.77
C SER DA 67 -110.70 -44.07 -28.18
N ILE DA 68 -111.68 -44.89 -27.79
CA ILE DA 68 -113.09 -44.54 -27.87
C ILE DA 68 -113.54 -44.08 -26.49
N TYR DA 69 -114.08 -42.88 -26.41
CA TYR DA 69 -114.53 -42.28 -25.16
C TYR DA 69 -116.05 -42.20 -25.19
N ILE DA 70 -116.71 -43.09 -24.47
CA ILE DA 70 -118.17 -43.23 -24.53
C ILE DA 70 -118.78 -42.45 -23.38
N LEU DA 71 -119.42 -41.34 -23.69
CA LEU DA 71 -120.36 -40.70 -22.80
C LEU DA 71 -121.76 -41.20 -23.11
N GLY DA 72 -122.69 -40.94 -22.19
CA GLY DA 72 -124.05 -41.33 -22.45
C GLY DA 72 -124.96 -41.36 -21.25
N LYS DA 73 -126.20 -40.91 -21.44
CA LYS DA 73 -127.23 -41.01 -20.42
C LYS DA 73 -128.35 -41.91 -20.93
N ILE DA 74 -128.68 -42.92 -20.16
CA ILE DA 74 -129.59 -43.98 -20.58
C ILE DA 74 -130.81 -43.91 -19.66
N TRP DA 75 -131.93 -43.44 -20.19
CA TRP DA 75 -133.11 -43.23 -19.37
C TRP DA 75 -134.32 -43.95 -19.94
N LEU DA 76 -135.42 -43.84 -19.19
CA LEU DA 76 -136.76 -44.19 -19.63
C LEU DA 76 -137.77 -43.16 -19.17
N ASP DA 77 -137.36 -41.90 -18.97
CA ASP DA 77 -138.14 -40.92 -18.22
C ASP DA 77 -139.20 -40.24 -19.08
N GLU DA 78 -139.58 -40.87 -20.20
CA GLU DA 78 -140.83 -40.54 -20.86
C GLU DA 78 -141.99 -40.88 -19.93
N THR DA 79 -143.14 -40.22 -20.12
CA THR DA 79 -144.29 -40.39 -19.23
C THR DA 79 -144.96 -41.76 -19.34
N ILE DA 80 -144.50 -42.60 -20.28
CA ILE DA 80 -145.00 -43.95 -20.47
C ILE DA 80 -143.81 -44.84 -20.12
N LYS DA 81 -143.96 -46.16 -20.26
CA LYS DA 81 -142.96 -47.20 -19.97
C LYS DA 81 -142.61 -47.26 -18.49
N LYS DA 82 -143.59 -47.00 -17.64
CA LYS DA 82 -143.52 -47.39 -16.24
C LYS DA 82 -144.04 -48.80 -16.00
N GLN DA 83 -145.00 -49.28 -16.80
CA GLN DA 83 -145.37 -50.68 -16.82
C GLN DA 83 -144.40 -51.45 -17.73
N ASN DA 84 -144.44 -52.79 -17.62
CA ASN DA 84 -143.57 -53.74 -18.31
C ASN DA 84 -142.10 -53.40 -18.04
N HIS DA 85 -141.81 -53.08 -16.79
CA HIS DA 85 -140.57 -52.39 -16.39
C HIS DA 85 -139.45 -53.33 -16.01
N THR DA 86 -138.41 -52.76 -15.38
CA THR DA 86 -137.16 -53.40 -14.96
C THR DA 86 -136.38 -54.04 -16.11
N ASN DA 87 -135.87 -53.22 -17.03
CA ASN DA 87 -135.01 -53.69 -18.11
C ASN DA 87 -133.59 -53.16 -17.89
N ASN DA 88 -132.61 -53.83 -18.47
CA ASN DA 88 -131.23 -53.39 -18.39
C ASN DA 88 -130.58 -53.42 -19.78
N VAL DA 89 -129.46 -52.70 -19.90
CA VAL DA 89 -128.80 -52.49 -21.18
C VAL DA 89 -127.42 -53.14 -21.11
N ILE DA 90 -127.13 -53.99 -22.09
CA ILE DA 90 -125.81 -54.59 -22.24
C ILE DA 90 -125.19 -54.00 -23.49
N PHE DA 91 -124.01 -53.40 -23.36
CA PHE DA 91 -123.34 -52.84 -24.50
C PHE DA 91 -122.36 -53.84 -25.11
N TYR DA 92 -122.12 -53.68 -26.41
CA TYR DA 92 -121.22 -54.56 -27.15
C TYR DA 92 -120.37 -53.71 -28.07
N LEU DA 93 -119.05 -53.78 -27.88
CA LEU DA 93 -118.10 -53.05 -28.72
C LEU DA 93 -117.24 -54.09 -29.41
N LEU DA 94 -117.49 -54.32 -30.70
CA LEU DA 94 -116.93 -55.46 -31.41
C LEU DA 94 -115.82 -55.01 -32.36
N ARG DA 95 -114.77 -55.83 -32.47
CA ARG DA 95 -113.77 -55.64 -33.52
C ARG DA 95 -114.21 -56.46 -34.73
N ASP DA 96 -114.63 -55.77 -35.78
CA ASP DA 96 -115.12 -56.42 -37.00
C ASP DA 96 -113.95 -56.78 -37.91
N ARG DA 97 -114.15 -57.84 -38.70
CA ARG DA 97 -113.11 -58.32 -39.60
C ARG DA 97 -113.34 -57.98 -41.06
N ARG DA 98 -114.58 -57.84 -41.52
CA ARG DA 98 -114.89 -57.58 -42.92
C ARG DA 98 -116.23 -56.87 -43.00
N PRO DA 99 -116.42 -55.99 -43.99
CA PRO DA 99 -117.74 -55.37 -44.17
C PRO DA 99 -118.57 -56.05 -45.24
N TYR DA 100 -119.86 -55.74 -45.28
CA TYR DA 100 -120.72 -56.05 -46.43
C TYR DA 100 -121.63 -54.85 -46.64
N GLY DA 101 -121.15 -53.85 -47.40
CA GLY DA 101 -121.92 -52.66 -47.69
C GLY DA 101 -122.31 -51.87 -46.46
N ASN DA 102 -123.59 -51.94 -46.11
CA ASN DA 102 -124.11 -51.34 -44.90
C ASN DA 102 -123.83 -52.23 -43.69
N ALA DA 103 -124.47 -51.94 -42.56
CA ALA DA 103 -124.26 -52.72 -41.36
C ALA DA 103 -125.00 -54.06 -41.45
N PRO DA 104 -124.41 -55.14 -40.97
CA PRO DA 104 -125.09 -56.44 -41.01
C PRO DA 104 -126.15 -56.58 -39.92
N GLN DA 105 -126.73 -57.77 -39.80
CA GLN DA 105 -127.73 -58.04 -38.79
C GLN DA 105 -127.08 -58.10 -37.41
N ASP DA 106 -127.92 -58.11 -36.37
CA ASP DA 106 -127.46 -58.39 -35.01
C ASP DA 106 -127.88 -59.77 -34.56
N PHE DA 107 -129.20 -60.04 -34.53
CA PHE DA 107 -129.70 -61.30 -33.99
C PHE DA 107 -129.37 -62.47 -34.91
N GLY DA 108 -129.22 -62.21 -36.20
CA GLY DA 108 -128.72 -63.21 -37.12
C GLY DA 108 -127.21 -63.28 -37.22
N GLN DA 109 -126.49 -62.46 -36.45
CA GLN DA 109 -125.04 -62.46 -36.46
C GLN DA 109 -124.45 -62.93 -35.13
N ILE DA 110 -124.82 -62.29 -34.01
CA ILE DA 110 -124.48 -62.89 -32.72
C ILE DA 110 -125.44 -64.03 -32.44
N PHE DA 111 -125.04 -64.92 -31.53
CA PHE DA 111 -125.54 -66.29 -31.59
C PHE DA 111 -126.93 -66.44 -30.98
N ASN DA 112 -127.09 -66.15 -29.68
CA ASN DA 112 -128.29 -66.57 -29.00
C ASN DA 112 -128.99 -65.35 -28.41
N MET DA 113 -130.05 -65.58 -27.63
CA MET DA 113 -130.94 -64.51 -27.18
C MET DA 113 -130.33 -63.74 -26.00
N PHE DA 114 -129.65 -62.65 -26.37
CA PHE DA 114 -129.38 -61.44 -25.59
C PHE DA 114 -128.35 -61.63 -24.47
N ASP DA 115 -127.90 -62.85 -24.22
CA ASP DA 115 -126.75 -63.14 -23.37
C ASP DA 115 -125.89 -64.15 -24.11
N ASN DA 116 -124.97 -63.65 -24.92
CA ASN DA 116 -124.35 -64.51 -25.92
C ASN DA 116 -122.98 -63.98 -26.33
N GLU DA 117 -122.47 -64.56 -27.41
CA GLU DA 117 -121.21 -64.28 -28.08
C GLU DA 117 -121.52 -64.30 -29.57
N PRO DA 118 -120.59 -63.92 -30.46
CA PRO DA 118 -120.80 -64.16 -31.88
C PRO DA 118 -120.85 -65.65 -32.21
N SER DA 119 -121.47 -65.97 -33.35
CA SER DA 119 -121.69 -67.34 -33.75
C SER DA 119 -120.38 -68.02 -34.14
N THR DA 120 -120.42 -69.35 -34.18
CA THR DA 120 -119.24 -70.14 -34.51
C THR DA 120 -118.81 -69.98 -35.96
N ALA DA 121 -119.73 -69.66 -36.85
CA ALA DA 121 -119.41 -69.46 -38.25
C ALA DA 121 -119.05 -68.02 -38.58
N THR DA 122 -118.96 -67.14 -37.58
CA THR DA 122 -118.75 -65.72 -37.82
C THR DA 122 -117.43 -65.20 -37.30
N ILE DA 123 -116.65 -66.02 -36.60
CA ILE DA 123 -115.40 -65.56 -36.00
C ILE DA 123 -114.33 -65.36 -37.07
N PHE DA 131 -117.07 -62.48 -35.69
CA PHE DA 131 -116.38 -61.20 -35.57
C PHE DA 131 -115.82 -61.09 -34.17
N GLN DA 132 -114.68 -60.42 -34.02
CA GLN DA 132 -114.05 -60.33 -32.72
C GLN DA 132 -114.80 -59.34 -31.82
N VAL DA 133 -114.61 -59.52 -30.52
CA VAL DA 133 -115.22 -58.71 -29.48
C VAL DA 133 -114.09 -57.93 -28.82
N LEU DA 134 -114.37 -56.73 -28.33
CA LEU DA 134 -113.42 -56.08 -27.43
C LEU DA 134 -113.84 -56.14 -25.98
N ARG DA 135 -114.97 -55.51 -25.61
CA ARG DA 135 -115.47 -55.55 -24.24
C ARG DA 135 -116.98 -55.38 -24.22
N LYS DA 136 -117.55 -55.40 -23.01
CA LYS DA 136 -118.97 -55.22 -22.76
C LYS DA 136 -119.15 -54.14 -21.71
N PHE DA 137 -120.40 -53.73 -21.48
CA PHE DA 137 -120.74 -52.79 -20.41
C PHE DA 137 -122.09 -53.18 -19.81
N HIS DA 138 -122.52 -52.42 -18.80
CA HIS DA 138 -123.79 -52.64 -18.13
C HIS DA 138 -124.47 -51.31 -17.88
N ALA DA 139 -125.80 -51.33 -17.90
CA ALA DA 139 -126.62 -50.18 -17.53
C ALA DA 139 -127.99 -50.72 -17.12
N THR DA 140 -128.37 -50.50 -15.87
CA THR DA 140 -129.57 -51.09 -15.30
C THR DA 140 -130.55 -49.99 -14.91
N VAL DA 141 -131.63 -49.86 -15.66
CA VAL DA 141 -132.65 -48.85 -15.37
C VAL DA 141 -133.95 -49.54 -14.97
N VAL DA 142 -134.21 -49.57 -13.66
CA VAL DA 142 -135.36 -50.30 -13.16
C VAL DA 142 -136.36 -49.33 -12.53
N GLY DA 143 -137.39 -48.95 -13.29
CA GLY DA 143 -138.38 -48.03 -12.75
C GLY DA 143 -139.82 -48.41 -13.04
N GLY DA 144 -140.59 -48.70 -11.99
CA GLY DA 144 -141.98 -49.07 -12.18
C GLY DA 144 -142.93 -48.02 -11.62
N LEU DA 145 -143.54 -48.31 -10.47
CA LEU DA 145 -144.43 -47.37 -9.82
C LEU DA 145 -144.12 -47.34 -8.33
N TYR DA 146 -144.65 -46.31 -7.67
CA TYR DA 146 -144.64 -46.07 -6.22
C TYR DA 146 -143.28 -45.89 -5.59
N CYS DA 147 -142.18 -45.86 -6.33
CA CYS DA 147 -141.04 -45.10 -5.81
C CYS DA 147 -140.57 -44.04 -6.83
N MET DA 148 -140.35 -44.33 -8.13
CA MET DA 148 -139.95 -45.60 -8.76
C MET DA 148 -138.41 -45.57 -8.81
N LYS DA 149 -137.77 -46.56 -8.19
CA LYS DA 149 -136.35 -46.39 -7.91
C LYS DA 149 -135.47 -47.12 -8.93
N GLU DA 150 -135.34 -46.49 -10.10
CA GLU DA 150 -134.12 -46.18 -10.86
C GLU DA 150 -134.50 -45.49 -12.15
N GLN DA 151 -133.55 -44.72 -12.69
CA GLN DA 151 -133.73 -43.86 -13.86
C GLN DA 151 -132.38 -43.62 -14.51
N ALA DA 152 -132.29 -42.52 -15.27
CA ALA DA 152 -131.16 -42.07 -16.07
C ALA DA 152 -129.81 -42.24 -15.37
N LEU DA 153 -128.95 -43.09 -15.95
CA LEU DA 153 -127.62 -43.35 -15.42
C LEU DA 153 -126.59 -42.73 -16.34
N VAL DA 154 -125.47 -42.29 -15.77
CA VAL DA 154 -124.41 -41.67 -16.57
C VAL DA 154 -123.23 -42.64 -16.66
N LYS DA 155 -122.73 -42.85 -17.87
CA LYS DA 155 -121.62 -43.77 -18.11
C LYS DA 155 -120.53 -43.07 -18.89
N ARG DA 156 -119.33 -43.01 -18.31
CA ARG DA 156 -118.14 -42.53 -18.99
C ARG DA 156 -117.07 -43.62 -18.93
N PHE DA 157 -116.36 -43.81 -20.04
CA PHE DA 157 -115.36 -44.88 -20.14
C PHE DA 157 -114.25 -44.47 -21.11
N TYR DA 158 -113.03 -44.40 -20.59
CA TYR DA 158 -111.85 -44.54 -21.44
C TYR DA 158 -111.77 -45.98 -21.95
N ARG DA 159 -111.42 -46.14 -23.23
CA ARG DA 159 -111.34 -47.47 -23.82
C ARG DA 159 -110.36 -47.42 -24.99
N LEU DA 160 -109.13 -47.91 -24.75
CA LEU DA 160 -108.09 -47.89 -25.78
C LEU DA 160 -108.32 -48.99 -26.81
N ASN DA 161 -108.04 -48.67 -28.07
CA ASN DA 161 -108.32 -49.57 -29.19
C ASN DA 161 -107.20 -49.43 -30.21
N HIS DA 162 -107.43 -49.92 -31.43
CA HIS DA 162 -106.37 -50.02 -32.43
C HIS DA 162 -106.94 -49.75 -33.83
N HIS DA 163 -106.19 -50.14 -34.85
CA HIS DA 163 -106.22 -49.55 -36.19
C HIS DA 163 -107.44 -49.97 -37.00
N VAL DA 164 -107.77 -49.11 -37.98
CA VAL DA 164 -108.90 -49.27 -38.90
C VAL DA 164 -108.42 -48.88 -40.29
N THR DA 165 -108.87 -49.59 -41.32
CA THR DA 165 -108.53 -49.27 -42.70
C THR DA 165 -109.81 -49.04 -43.51
N TYR DA 166 -109.78 -48.04 -44.39
CA TYR DA 166 -110.81 -47.90 -45.42
C TYR DA 166 -110.32 -48.44 -46.75
N ASN DA 167 -111.26 -48.95 -47.55
CA ASN DA 167 -110.91 -49.53 -48.85
C ASN DA 167 -110.69 -48.44 -49.89
N HIS DA 168 -111.75 -47.69 -50.21
CA HIS DA 168 -111.69 -46.74 -51.28
C HIS DA 168 -111.02 -45.44 -50.83
N GLN DA 169 -110.56 -44.67 -51.82
CA GLN DA 169 -109.96 -43.37 -51.58
C GLN DA 169 -110.96 -42.24 -51.73
N GLU DA 170 -112.24 -42.55 -51.52
CA GLU DA 170 -113.33 -41.59 -51.65
C GLU DA 170 -113.43 -40.72 -50.42
N ALA DA 171 -114.20 -39.65 -50.53
CA ALA DA 171 -114.67 -38.89 -49.38
C ALA DA 171 -116.06 -39.39 -48.95
N GLY DA 172 -116.12 -40.70 -48.71
CA GLY DA 172 -117.36 -41.41 -48.57
C GLY DA 172 -117.68 -41.81 -47.14
N LYS DA 173 -118.87 -42.39 -46.99
CA LYS DA 173 -119.42 -42.82 -45.71
C LYS DA 173 -119.01 -44.26 -45.43
N TYR DA 174 -119.71 -44.92 -44.50
CA TYR DA 174 -119.39 -46.26 -44.02
C TYR DA 174 -119.45 -47.38 -45.06
N GLU DA 175 -119.91 -47.09 -46.28
CA GLU DA 175 -120.15 -48.17 -47.24
C GLU DA 175 -118.87 -48.73 -47.83
N ASN DA 176 -117.79 -47.95 -47.88
CA ASN DA 176 -116.56 -48.34 -48.57
C ASN DA 176 -115.50 -48.87 -47.61
N HIS DA 177 -115.90 -49.62 -46.58
CA HIS DA 177 -114.96 -50.16 -45.62
C HIS DA 177 -114.17 -51.33 -46.18
N THR DA 178 -113.25 -51.85 -45.37
CA THR DA 178 -112.48 -53.05 -45.61
C THR DA 178 -112.19 -53.68 -44.26
N GLU DA 179 -111.14 -54.52 -44.19
CA GLU DA 179 -110.70 -55.19 -42.98
C GLU DA 179 -110.51 -54.22 -41.80
N ASN DA 180 -110.73 -54.76 -40.60
CA ASN DA 180 -110.58 -54.09 -39.31
C ASN DA 180 -111.52 -52.87 -39.19
N ALA DA 181 -112.83 -53.18 -39.22
CA ALA DA 181 -113.84 -52.22 -38.81
C ALA DA 181 -114.15 -52.45 -37.33
N LEU DA 182 -114.89 -51.51 -36.75
CA LEU DA 182 -115.36 -51.63 -35.37
C LEU DA 182 -116.61 -50.78 -35.20
N LEU DA 183 -117.56 -51.29 -34.43
CA LEU DA 183 -118.87 -50.66 -34.31
C LEU DA 183 -119.52 -51.13 -33.01
N LEU DA 184 -120.72 -50.65 -32.76
CA LEU DA 184 -121.44 -50.92 -31.52
C LEU DA 184 -122.75 -51.64 -31.77
N TYR DA 185 -123.14 -52.44 -30.79
CA TYR DA 185 -124.50 -52.97 -30.68
C TYR DA 185 -125.00 -52.74 -29.27
N MET DA 186 -126.26 -52.34 -29.18
CA MET DA 186 -126.93 -52.15 -27.90
C MET DA 186 -128.10 -53.13 -27.82
N ALA DA 187 -128.32 -53.70 -26.63
CA ALA DA 187 -129.27 -54.78 -26.47
C ALA DA 187 -130.18 -54.51 -25.27
N CYS DA 188 -131.48 -54.66 -25.48
CA CYS DA 188 -132.45 -54.68 -24.41
C CYS DA 188 -132.85 -56.12 -24.09
N THR DA 189 -133.30 -56.35 -22.87
CA THR DA 189 -133.57 -57.69 -22.39
C THR DA 189 -135.04 -57.96 -22.09
N HIS DA 190 -135.96 -57.10 -22.53
CA HIS DA 190 -137.38 -57.28 -22.29
C HIS DA 190 -138.17 -56.80 -23.50
N ALA DA 191 -139.40 -57.33 -23.61
CA ALA DA 191 -140.22 -57.10 -24.80
C ALA DA 191 -140.68 -55.67 -24.93
N SER DA 192 -140.81 -54.94 -23.82
CA SER DA 192 -141.07 -53.51 -23.89
C SER DA 192 -139.82 -52.77 -24.38
N ASN DA 193 -140.02 -51.54 -24.81
CA ASN DA 193 -138.88 -50.73 -25.22
C ASN DA 193 -138.81 -49.43 -24.41
N PRO DA 194 -138.34 -49.46 -23.15
CA PRO DA 194 -138.27 -48.22 -22.38
C PRO DA 194 -137.02 -47.40 -22.66
N VAL DA 195 -135.98 -48.03 -23.20
CA VAL DA 195 -134.63 -47.47 -23.20
C VAL DA 195 -134.53 -46.36 -24.25
N TYR DA 196 -134.33 -45.14 -23.78
CA TYR DA 196 -133.97 -44.01 -24.63
C TYR DA 196 -132.53 -43.62 -24.30
N ALA DA 197 -131.60 -44.28 -24.99
CA ALA DA 197 -130.17 -44.14 -24.72
C ALA DA 197 -129.55 -43.20 -25.74
N THR DA 198 -129.07 -42.06 -25.27
CA THR DA 198 -128.36 -41.10 -26.11
C THR DA 198 -126.91 -41.03 -25.65
N LEU DA 199 -126.00 -41.23 -26.59
CA LEU DA 199 -124.59 -41.43 -26.26
C LEU DA 199 -123.72 -40.49 -27.08
N LYS DA 200 -122.75 -39.90 -26.41
CA LYS DA 200 -121.72 -39.10 -27.06
C LYS DA 200 -120.43 -39.92 -27.13
N ILE DA 201 -119.96 -40.16 -28.34
CA ILE DA 201 -118.90 -41.12 -28.60
C ILE DA 201 -117.74 -40.38 -29.25
N ARG DA 202 -116.73 -40.01 -28.46
CA ARG DA 202 -115.53 -39.39 -28.99
C ARG DA 202 -114.54 -40.45 -29.45
N ILE DA 203 -114.07 -40.32 -30.69
CA ILE DA 203 -112.88 -41.02 -31.16
C ILE DA 203 -111.85 -39.96 -31.51
N TYR DA 204 -110.73 -39.96 -30.80
CA TYR DA 204 -109.59 -39.14 -31.20
C TYR DA 204 -108.41 -40.06 -31.50
N PHE DA 205 -107.73 -39.76 -32.60
CA PHE DA 205 -106.77 -40.68 -33.20
C PHE DA 205 -105.67 -39.93 -33.94
N PRO EA 16 11.81 71.49 62.13
CA PRO EA 16 12.90 72.38 61.69
C PRO EA 16 13.65 73.04 62.84
N ASP EA 17 13.23 72.74 64.07
CA ASP EA 17 13.80 73.38 65.26
C ASP EA 17 14.43 72.38 66.21
N ILE EA 18 13.78 71.24 66.45
CA ILE EA 18 14.13 70.31 67.52
C ILE EA 18 14.86 69.09 66.99
N PRO EA 19 15.82 68.53 67.74
CA PRO EA 19 16.49 67.30 67.31
C PRO EA 19 15.94 66.02 67.92
N ARG EA 20 14.91 66.07 68.77
CA ARG EA 20 14.53 64.91 69.57
C ARG EA 20 13.19 64.30 69.15
N GLY EA 21 12.10 65.07 69.17
CA GLY EA 21 10.78 64.54 68.93
C GLY EA 21 9.78 65.61 68.57
N CYS EA 22 8.76 65.22 67.80
CA CYS EA 22 7.84 66.15 67.16
C CYS EA 22 6.75 66.69 68.10
N GLU EA 23 6.96 66.59 69.41
CA GLU EA 23 6.09 67.27 70.36
C GLU EA 23 6.23 68.79 70.22
N GLY EA 24 5.22 69.51 70.68
CA GLY EA 24 5.28 70.95 70.74
C GLY EA 24 6.32 71.40 71.75
N PRO EA 25 7.07 72.45 71.42
CA PRO EA 25 8.08 72.97 72.36
C PRO EA 25 7.43 73.64 73.55
N CYS EA 26 6.99 72.83 74.51
CA CYS EA 26 6.14 73.31 75.59
C CYS EA 26 6.95 74.11 76.60
N LYS EA 27 6.36 75.20 77.07
CA LYS EA 27 7.02 76.09 78.02
C LYS EA 27 6.74 75.64 79.45
N VAL EA 28 7.78 75.57 80.26
CA VAL EA 28 7.67 75.39 81.70
C VAL EA 28 8.49 76.50 82.33
N GLN EA 29 7.81 77.50 82.87
CA GLN EA 29 8.46 78.71 83.35
C GLN EA 29 8.61 78.67 84.87
N SER EA 30 9.84 78.75 85.33
CA SER EA 30 10.13 78.75 86.75
C SER EA 30 10.28 80.22 87.16
N PHE EA 31 9.15 80.88 87.38
CA PHE EA 31 9.20 82.23 87.93
C PHE EA 31 9.59 82.17 89.40
N GLU EA 32 10.40 83.12 89.81
CA GLU EA 32 10.69 83.33 91.22
C GLU EA 32 10.36 84.76 91.60
N GLN EA 33 9.89 84.93 92.82
CA GLN EA 33 9.82 86.23 93.48
C GLN EA 33 10.60 86.00 94.78
N ARG EA 34 11.92 86.10 94.66
CA ARG EA 34 12.82 85.65 95.72
C ARG EA 34 13.95 86.65 95.93
N ASP EA 35 14.95 86.23 96.69
CA ASP EA 35 16.19 86.97 96.87
C ASP EA 35 17.30 85.95 97.06
N ASP EA 36 18.44 86.40 97.58
CA ASP EA 36 19.52 85.49 97.90
C ASP EA 36 20.18 85.95 99.19
N VAL EA 37 21.27 85.28 99.53
CA VAL EA 37 22.17 85.74 100.58
C VAL EA 37 23.52 85.94 99.90
N LYS EA 38 24.56 86.27 100.68
CA LYS EA 38 25.89 86.39 100.09
C LYS EA 38 26.39 85.06 99.55
N HIS EA 39 26.14 83.97 100.27
CA HIS EA 39 26.72 82.68 99.91
C HIS EA 39 26.01 82.04 98.73
N LEU EA 40 24.68 82.01 98.77
CA LEU EA 40 23.99 81.17 97.80
C LEU EA 40 22.59 81.68 97.50
N GLY EA 41 22.23 81.62 96.23
CA GLY EA 41 20.84 81.57 95.84
C GLY EA 41 20.65 80.36 94.96
N ILE EA 42 19.92 79.36 95.44
CA ILE EA 42 19.86 78.06 94.78
C ILE EA 42 18.52 77.91 94.07
N CYS EA 43 18.59 77.47 92.82
CA CYS EA 43 17.40 77.31 91.99
C CYS EA 43 17.61 76.11 91.08
N LYS EA 44 17.05 74.95 91.44
CA LYS EA 44 16.87 73.90 90.46
C LYS EA 44 15.75 74.31 89.51
N VAL EA 45 16.11 74.52 88.25
CA VAL EA 45 15.17 75.13 87.30
C VAL EA 45 14.25 74.07 86.72
N ILE EA 46 14.62 72.80 86.83
CA ILE EA 46 13.87 71.70 86.22
C ILE EA 46 13.00 71.01 87.27
N SER EA 47 12.66 71.72 88.34
CA SER EA 47 12.13 71.10 89.55
C SER EA 47 10.69 70.66 89.38
N ASP EA 48 9.80 71.60 89.07
CA ASP EA 48 8.36 71.36 89.08
C ASP EA 48 7.83 70.68 87.81
N VAL EA 49 8.68 70.02 87.03
CA VAL EA 49 8.25 69.41 85.78
C VAL EA 49 7.81 67.98 86.10
N THR EA 50 6.50 67.77 86.20
CA THR EA 50 5.92 66.47 86.50
C THR EA 50 5.24 65.91 85.26
N ARG EA 51 4.89 64.62 85.30
CA ARG EA 51 4.18 64.01 84.19
C ARG EA 51 2.73 64.47 84.19
N GLY EA 52 2.26 64.90 83.02
CA GLY EA 52 0.90 65.35 82.85
C GLY EA 52 0.59 65.70 81.41
N PRO EA 53 -0.69 65.84 81.08
CA PRO EA 53 -1.06 66.16 79.70
C PRO EA 53 -0.84 67.61 79.31
N GLY EA 54 -0.75 68.52 80.28
CA GLY EA 54 -0.61 69.92 79.97
C GLY EA 54 0.77 70.29 79.46
N LEU EA 55 0.88 71.52 78.95
CA LEU EA 55 2.15 71.99 78.41
C LEU EA 55 3.10 72.48 79.49
N THR EA 56 2.65 72.58 80.74
CA THR EA 56 3.53 72.80 81.88
C THR EA 56 3.99 71.48 82.49
N HIS EA 57 4.06 70.42 81.69
CA HIS EA 57 4.32 69.07 82.16
C HIS EA 57 5.26 68.39 81.17
N ARG EA 58 5.38 67.07 81.29
CA ARG EA 58 6.35 66.31 80.51
C ARG EA 58 5.75 64.98 80.09
N VAL EA 59 6.32 64.41 79.03
CA VAL EA 59 5.96 63.10 78.52
C VAL EA 59 7.19 62.22 78.63
N GLY EA 60 7.14 61.24 79.53
CA GLY EA 60 8.27 60.35 79.75
C GLY EA 60 9.30 60.90 80.72
N LYS EA 61 10.58 60.64 80.46
CA LYS EA 61 11.63 61.09 81.35
C LYS EA 61 12.85 61.60 80.57
N ARG EA 62 12.66 62.02 79.33
CA ARG EA 62 13.75 62.48 78.47
C ARG EA 62 13.47 63.91 78.01
N PHE EA 63 14.42 64.80 78.24
CA PHE EA 63 14.33 66.19 77.82
C PHE EA 63 15.43 66.50 76.81
N CYS EA 64 15.17 67.52 76.00
CA CYS EA 64 16.22 68.23 75.26
C CYS EA 64 15.84 69.71 75.35
N ILE EA 65 16.40 70.40 76.35
CA ILE EA 65 16.12 71.81 76.55
C ILE EA 65 16.70 72.60 75.39
N LYS EA 66 15.82 73.25 74.63
CA LYS EA 66 16.27 74.04 73.49
C LYS EA 66 16.97 75.31 73.96
N SER EA 67 16.31 76.09 74.82
CA SER EA 67 16.92 77.31 75.30
C SER EA 67 16.33 77.70 76.64
N ILE EA 68 17.17 78.29 77.49
CA ILE EA 68 16.75 78.95 78.71
C ILE EA 68 16.70 80.45 78.43
N TYR EA 69 15.54 81.06 78.68
CA TYR EA 69 15.32 82.48 78.44
C TYR EA 69 15.15 83.16 79.79
N ILE EA 70 16.18 83.87 80.23
CA ILE EA 70 16.23 84.45 81.56
C ILE EA 70 15.80 85.91 81.47
N LEU EA 71 14.61 86.19 81.99
CA LEU EA 71 14.21 87.55 82.33
C LEU EA 71 14.54 87.80 83.80
N GLY EA 72 14.51 89.07 84.18
CA GLY EA 72 14.75 89.38 85.57
C GLY EA 72 15.08 90.83 85.86
N LYS EA 73 14.54 91.33 86.96
CA LYS EA 73 14.88 92.65 87.46
C LYS EA 73 15.53 92.50 88.84
N ILE EA 74 16.72 93.08 88.97
CA ILE EA 74 17.56 92.89 90.15
C ILE EA 74 17.70 94.25 90.83
N TRP EA 75 17.04 94.43 91.97
CA TRP EA 75 17.02 95.73 92.62
C TRP EA 75 17.49 95.62 94.06
N LEU EA 76 17.56 96.79 94.70
CA LEU EA 76 17.70 96.94 96.13
C LEU EA 76 16.81 98.04 96.67
N ASP EA 77 15.68 98.33 96.00
CA ASP EA 77 14.93 99.56 96.20
C ASP EA 77 13.97 99.46 97.39
N GLU EA 78 14.22 98.54 98.30
CA GLU EA 78 13.66 98.62 99.64
C GLU EA 78 14.19 99.87 100.33
N THR EA 79 13.45 100.38 101.32
CA THR EA 79 13.82 101.64 101.98
C THR EA 79 15.07 101.52 102.87
N ILE EA 80 15.62 100.31 103.00
CA ILE EA 80 16.83 100.06 103.77
C ILE EA 80 17.85 99.61 102.73
N LYS EA 81 19.06 99.23 103.15
CA LYS EA 81 20.18 98.77 102.32
C LYS EA 81 20.68 99.86 101.38
N LYS EA 82 20.64 101.10 101.85
CA LYS EA 82 21.43 102.18 101.26
C LYS EA 82 22.82 102.29 101.86
N GLN EA 83 22.99 101.92 103.13
CA GLN EA 83 24.32 101.73 103.71
C GLN EA 83 24.82 100.34 103.37
N ASN EA 84 26.13 100.13 103.60
CA ASN EA 84 26.89 98.91 103.27
C ASN EA 84 26.71 98.55 101.81
N HIS EA 85 26.78 99.57 100.95
CA HIS EA 85 26.30 99.50 99.58
C HIS EA 85 27.36 99.09 98.57
N THR EA 86 27.04 99.28 97.28
CA THR EA 86 27.84 98.92 96.11
C THR EA 86 28.15 97.43 96.02
N ASN EA 87 27.12 96.61 95.81
CA ASN EA 87 27.30 95.18 95.59
C ASN EA 87 26.93 94.85 94.15
N ASN EA 88 27.44 93.74 93.64
CA ASN EA 88 27.11 93.27 92.30
C ASN EA 88 26.76 91.79 92.33
N VAL EA 89 26.09 91.34 91.27
CA VAL EA 89 25.55 89.99 91.18
C VAL EA 89 26.26 89.26 90.04
N ILE EA 90 26.80 88.09 90.35
CA ILE EA 90 27.39 87.22 89.34
C ILE EA 90 26.49 85.99 89.22
N PHE EA 91 26.02 85.72 88.02
CA PHE EA 91 25.17 84.55 87.81
C PHE EA 91 26.01 83.35 87.38
N TYR EA 92 25.48 82.17 87.68
CA TYR EA 92 26.15 80.91 87.36
C TYR EA 92 25.11 79.93 86.85
N LEU EA 93 25.29 79.47 85.62
CA LEU EA 93 24.40 78.49 85.01
C LEU EA 93 25.24 77.26 84.71
N LEU EA 94 25.06 76.22 85.52
CA LEU EA 94 25.97 75.07 85.53
C LEU EA 94 25.32 73.87 84.87
N ARG EA 95 26.11 73.10 84.13
CA ARG EA 95 25.68 71.79 83.65
C ARG EA 95 26.09 70.75 84.69
N ASP EA 96 25.10 70.20 85.41
CA ASP EA 96 25.36 69.24 86.46
C ASP EA 96 25.49 67.84 85.88
N ARG EA 97 26.24 66.99 86.58
CA ARG EA 97 26.51 65.63 86.13
C ARG EA 97 25.74 64.57 86.90
N ARG EA 98 25.42 64.80 88.17
CA ARG EA 98 24.74 63.80 88.98
C ARG EA 98 23.98 64.51 90.09
N PRO EA 99 22.84 63.97 90.53
CA PRO EA 99 22.13 64.57 91.67
C PRO EA 99 22.44 63.86 92.98
N TYR EA 100 22.08 64.50 94.10
CA TYR EA 100 21.98 63.83 95.39
C TYR EA 100 20.73 64.36 96.08
N GLY EA 101 19.60 63.72 95.81
CA GLY EA 101 18.33 64.11 96.41
C GLY EA 101 17.90 65.52 96.09
N ASN EA 102 18.02 66.39 97.10
CA ASN EA 102 17.76 67.82 96.94
C ASN EA 102 18.99 68.52 96.32
N ALA EA 103 19.00 69.84 96.36
CA ALA EA 103 20.10 70.60 95.80
C ALA EA 103 21.31 70.53 96.73
N PRO EA 104 22.53 70.41 96.18
CA PRO EA 104 23.72 70.39 97.04
C PRO EA 104 24.11 71.77 97.53
N GLN EA 105 25.26 71.86 98.21
CA GLN EA 105 25.77 73.13 98.71
C GLN EA 105 26.25 73.99 97.55
N ASP EA 106 26.52 75.26 97.86
CA ASP EA 106 27.21 76.15 96.92
C ASP EA 106 28.65 76.41 97.34
N PHE EA 107 28.84 76.97 98.53
CA PHE EA 107 30.18 77.36 98.97
C PHE EA 107 31.04 76.14 99.28
N GLY EA 108 30.43 75.04 99.65
CA GLY EA 108 31.14 73.78 99.77
C GLY EA 108 31.25 72.99 98.49
N GLN EA 109 30.72 73.51 97.38
CA GLN EA 109 30.79 72.83 96.09
C GLN EA 109 31.66 73.60 95.09
N ILE EA 110 31.36 74.86 94.82
CA ILE EA 110 32.32 75.68 94.08
C ILE EA 110 33.44 76.10 95.02
N PHE EA 111 34.59 76.45 94.42
CA PHE EA 111 35.87 76.30 95.13
C PHE EA 111 36.11 77.43 96.13
N ASN EA 112 36.21 78.66 95.67
CA ASN EA 112 36.76 79.71 96.52
C ASN EA 112 35.71 80.82 96.67
N MET EA 113 36.12 81.91 97.31
CA MET EA 113 35.19 82.97 97.73
C MET EA 113 34.82 83.87 96.55
N PHE EA 114 33.71 83.52 95.91
CA PHE EA 114 32.80 84.35 95.13
C PHE EA 114 33.34 84.78 93.78
N ASP EA 115 34.62 84.51 93.48
CA ASP EA 115 35.19 84.64 92.14
C ASP EA 115 35.98 83.37 91.88
N ASN EA 116 35.31 82.37 91.32
CA ASN EA 116 35.86 81.02 91.35
C ASN EA 116 35.31 80.17 90.21
N GLU EA 117 35.57 78.88 90.32
CA GLU EA 117 35.17 77.79 89.44
C GLU EA 117 34.74 76.64 90.36
N PRO EA 118 34.16 75.56 89.83
CA PRO EA 118 33.97 74.38 90.68
C PRO EA 118 35.29 73.76 91.12
N SER EA 119 35.23 73.00 92.21
CA SER EA 119 36.42 72.43 92.81
C SER EA 119 37.02 71.34 91.93
N THR EA 120 38.27 71.00 92.22
CA THR EA 120 38.99 69.99 91.44
C THR EA 120 38.43 68.59 91.65
N ALA EA 121 37.82 68.32 92.80
CA ALA EA 121 37.24 67.02 93.08
C ALA EA 121 35.78 66.92 92.65
N THR EA 122 35.24 67.94 92.00
CA THR EA 122 33.83 67.98 91.67
C THR EA 122 33.54 67.94 90.17
N ILE EA 123 34.56 67.99 89.33
CA ILE EA 123 34.36 68.03 87.88
C ILE EA 123 33.91 66.68 87.35
N PHE EA 131 31.43 69.81 88.70
CA PHE EA 131 30.28 69.89 87.81
C PHE EA 131 30.61 70.87 86.69
N GLN EA 132 30.06 70.63 85.51
CA GLN EA 132 30.38 71.49 84.38
C GLN EA 132 29.66 72.82 84.48
N VAL EA 133 30.22 73.80 83.79
CA VAL EA 133 29.72 75.17 83.75
C VAL EA 133 29.22 75.41 82.33
N LEU EA 134 28.20 76.25 82.16
CA LEU EA 134 27.90 76.72 80.82
C LEU EA 134 28.36 78.15 80.59
N ARG EA 135 27.80 79.13 81.32
CA ARG EA 135 28.22 80.54 81.19
C ARG EA 135 27.99 81.28 82.50
N LYS EA 136 28.33 82.56 82.48
CA LYS EA 136 28.17 83.48 83.60
C LYS EA 136 27.43 84.73 83.13
N PHE EA 137 27.06 85.58 84.07
CA PHE EA 137 26.45 86.88 83.75
C PHE EA 137 26.93 87.92 84.76
N HIS EA 138 26.47 89.16 84.58
CA HIS EA 138 26.81 90.27 85.46
C HIS EA 138 25.58 91.11 85.73
N ALA EA 139 25.54 91.70 86.92
CA ALA EA 139 24.51 92.67 87.29
C ALA EA 139 25.07 93.51 88.42
N THR EA 140 25.22 94.81 88.19
CA THR EA 140 25.89 95.71 89.12
C THR EA 140 24.91 96.75 89.62
N VAL EA 141 24.51 96.65 90.88
CA VAL EA 141 23.58 97.59 91.49
C VAL EA 141 24.30 98.37 92.59
N VAL EA 142 24.70 99.59 92.27
CA VAL EA 142 25.49 100.39 93.20
C VAL EA 142 24.69 101.62 93.66
N GLY EA 143 24.06 101.53 94.83
CA GLY EA 143 23.30 102.65 95.31
C GLY EA 143 23.51 102.98 96.78
N GLY EA 144 24.05 104.16 97.06
CA GLY EA 144 24.27 104.55 98.45
C GLY EA 144 23.40 105.72 98.87
N LEU EA 145 23.99 106.91 98.97
CA LEU EA 145 23.24 108.10 99.32
C LEU EA 145 23.65 109.24 98.40
N TYR EA 146 22.84 110.29 98.41
CA TYR EA 146 23.03 111.58 97.75
C TYR EA 146 23.10 111.54 96.23
N CYS EA 147 22.91 110.40 95.57
CA CYS EA 147 22.38 110.52 94.21
C CYS EA 147 21.11 109.68 94.04
N MET EA 148 21.01 108.39 94.45
CA MET EA 148 22.06 107.37 94.58
C MET EA 148 22.09 106.63 93.23
N LYS EA 149 23.24 106.63 92.57
CA LYS EA 149 23.24 106.26 91.16
C LYS EA 149 23.67 104.82 90.95
N GLU EA 150 22.73 103.91 91.22
CA GLU EA 150 22.27 102.77 90.41
C GLU EA 150 21.22 102.01 91.17
N GLN EA 151 20.38 101.29 90.43
CA GLN EA 151 19.21 100.57 90.93
C GLN EA 151 18.85 99.45 89.96
N ALA EA 152 17.58 99.03 90.02
CA ALA EA 152 16.98 97.92 89.27
C ALA EA 152 17.41 97.87 87.82
N LEU EA 153 18.08 96.77 87.46
CA LEU EA 153 18.55 96.57 86.09
C LEU EA 153 17.73 95.44 85.46
N VAL EA 154 17.54 95.52 84.14
CA VAL EA 154 16.77 94.49 83.44
C VAL EA 154 17.71 93.65 82.60
N LYS EA 155 17.59 92.33 82.71
CA LYS EA 155 18.45 91.41 81.99
C LYS EA 155 17.61 90.41 81.22
N ARG EA 156 17.77 90.37 79.90
CA ARG EA 156 17.18 89.34 79.05
C ARG EA 156 18.29 88.65 78.27
N PHE EA 157 18.18 87.33 78.15
CA PHE EA 157 19.22 86.52 77.50
C PHE EA 157 18.60 85.30 76.84
N TYR EA 158 18.74 85.19 75.52
CA TYR EA 158 18.68 83.89 74.87
C TYR EA 158 19.91 83.07 75.26
N ARG EA 159 19.71 81.78 75.53
CA ARG EA 159 20.82 80.92 75.93
C ARG EA 159 20.47 79.49 75.55
N LEU EA 160 21.07 79.01 74.46
CA LEU EA 160 20.80 77.66 73.96
C LEU EA 160 21.54 76.62 74.80
N ASN EA 161 20.88 75.49 75.03
CA ASN EA 161 21.40 74.44 75.92
C ASN EA 161 21.02 73.09 75.33
N HIS EA 162 21.12 72.03 76.14
CA HIS EA 162 20.97 70.66 75.64
C HIS EA 162 20.30 69.80 76.70
N HIS EA 163 20.39 68.48 76.53
CA HIS EA 163 19.45 67.49 77.03
C HIS EA 163 19.55 67.25 78.53
N VAL EA 164 18.44 66.78 79.09
CA VAL EA 164 18.25 66.47 80.52
C VAL EA 164 17.49 65.15 80.61
N THR EA 165 17.87 64.30 81.58
CA THR EA 165 17.18 63.04 81.81
C THR EA 165 16.66 63.00 83.24
N TYR EA 166 15.46 62.46 83.43
CA TYR EA 166 14.96 62.09 84.76
C TYR EA 166 15.12 60.59 84.98
N ASN EA 167 15.33 60.22 86.25
CA ASN EA 167 15.53 58.80 86.59
C ASN EA 167 14.20 58.07 86.66
N HIS EA 168 13.34 58.47 87.59
CA HIS EA 168 12.11 57.74 87.84
C HIS EA 168 11.03 58.12 86.83
N GLN EA 169 10.04 57.26 86.70
CA GLN EA 169 8.89 57.48 85.83
C GLN EA 169 7.72 58.08 86.60
N GLU EA 170 8.01 58.79 87.69
CA GLU EA 170 7.01 59.40 88.55
C GLU EA 170 6.53 60.71 87.96
N ALA EA 171 5.43 61.22 88.51
CA ALA EA 171 5.02 62.60 88.29
C ALA EA 171 5.56 63.47 89.42
N GLY EA 172 6.88 63.39 89.61
CA GLY EA 172 7.54 63.93 90.78
C GLY EA 172 8.32 65.20 90.53
N LYS EA 173 8.86 65.73 91.62
CA LYS EA 173 9.61 66.98 91.64
C LYS EA 173 11.09 66.68 91.40
N TYR EA 174 11.95 67.65 91.74
CA TYR EA 174 13.39 67.62 91.48
C TYR EA 174 14.15 66.48 92.18
N GLU EA 175 13.51 65.71 93.06
CA GLU EA 175 14.24 64.74 93.87
C GLU EA 175 14.68 63.51 93.08
N ASN EA 176 13.96 63.17 92.01
CA ASN EA 176 14.19 61.93 91.27
C ASN EA 176 15.03 62.12 90.01
N HIS EA 177 16.03 63.01 90.06
CA HIS EA 177 16.87 63.28 88.91
C HIS EA 177 17.87 62.16 88.66
N THR EA 178 18.63 62.32 87.59
CA THR EA 178 19.75 61.46 87.22
C THR EA 178 20.76 62.35 86.49
N GLU EA 179 21.63 61.73 85.68
CA GLU EA 179 22.65 62.40 84.88
C GLU EA 179 22.09 63.55 84.05
N ASN EA 180 22.94 64.55 83.82
CA ASN EA 180 22.67 65.76 83.03
C ASN EA 180 21.49 66.56 83.60
N ALA EA 181 21.71 67.05 84.82
CA ALA EA 181 20.87 68.10 85.38
C ALA EA 181 21.50 69.46 85.06
N LEU EA 182 20.74 70.51 85.31
CA LEU EA 182 21.23 71.88 85.15
C LEU EA 182 20.41 72.80 86.03
N LEU EA 183 21.08 73.78 86.65
CA LEU EA 183 20.46 74.63 87.64
C LEU EA 183 21.25 75.93 87.75
N LEU EA 184 20.81 76.81 88.63
CA LEU EA 184 21.38 78.14 88.78
C LEU EA 184 21.95 78.34 90.19
N TYR EA 185 22.98 79.18 90.24
CA TYR EA 185 23.45 79.76 91.50
C TYR EA 185 23.60 81.26 91.31
N MET EA 186 23.20 82.02 92.32
CA MET EA 186 23.37 83.46 92.34
C MET EA 186 24.27 83.82 93.50
N ALA EA 187 25.14 84.80 93.29
CA ALA EA 187 26.17 85.13 94.26
C ALA EA 187 26.23 86.63 94.49
N CYS EA 188 26.25 87.01 95.77
CA CYS EA 188 26.53 88.38 96.18
C CYS EA 188 27.98 88.48 96.64
N THR EA 189 28.53 89.69 96.57
CA THR EA 189 29.94 89.90 96.84
C THR EA 189 30.22 90.76 98.06
N HIS EA 190 29.22 91.01 98.91
CA HIS EA 190 29.40 91.82 100.10
C HIS EA 190 28.56 91.26 101.24
N ALA EA 191 28.96 91.60 102.46
CA ALA EA 191 28.37 91.02 103.66
C ALA EA 191 26.93 91.47 103.88
N SER EA 192 26.55 92.64 103.40
CA SER EA 192 25.16 93.04 103.41
C SER EA 192 24.37 92.23 102.38
N ASN EA 193 23.05 92.25 102.52
CA ASN EA 193 22.22 91.56 101.53
C ASN EA 193 21.22 92.54 100.92
N PRO EA 194 21.63 93.39 99.96
CA PRO EA 194 20.67 94.31 99.35
C PRO EA 194 19.88 93.69 98.23
N VAL EA 195 20.36 92.60 97.64
CA VAL EA 195 19.89 92.13 96.35
C VAL EA 195 18.53 91.45 96.51
N TYR EA 196 17.51 92.06 95.92
CA TYR EA 196 16.20 91.44 95.77
C TYR EA 196 15.98 91.14 94.28
N ALA EA 197 16.47 89.97 93.87
CA ALA EA 197 16.47 89.58 92.47
C ALA EA 197 15.31 88.64 92.17
N THR EA 198 14.38 89.09 91.35
CA THR EA 198 13.26 88.28 90.91
C THR EA 198 13.39 88.02 89.42
N LEU EA 199 13.36 86.76 89.03
CA LEU EA 199 13.71 86.35 87.69
C LEU EA 199 12.61 85.47 87.11
N LYS EA 200 12.29 85.73 85.85
CA LYS EA 200 11.38 84.90 85.07
C LYS EA 200 12.20 84.06 84.10
N ILE EA 201 12.10 82.74 84.24
CA ILE EA 201 13.00 81.81 83.57
C ILE EA 201 12.15 80.90 82.70
N ARG EA 202 12.08 81.21 81.41
CA ARG EA 202 11.38 80.34 80.46
C ARG EA 202 12.30 79.24 79.96
N ILE EA 203 11.85 78.00 80.04
CA ILE EA 203 12.44 76.89 79.31
C ILE EA 203 11.38 76.36 78.36
N TYR EA 204 11.63 76.45 77.06
CA TYR EA 204 10.79 75.79 76.08
C TYR EA 204 11.64 74.76 75.33
N PHE EA 205 11.06 73.59 75.13
CA PHE EA 205 11.81 72.42 74.69
C PHE EA 205 10.93 71.46 73.92
N PRO FA 16 43.49 68.03 69.40
CA PRO FA 16 42.90 69.11 68.60
C PRO FA 16 43.11 70.49 69.22
N ASP FA 17 43.77 70.55 70.37
CA ASP FA 17 43.93 71.80 71.10
C ASP FA 17 45.40 72.17 71.29
N ILE FA 18 46.25 71.21 71.63
CA ILE FA 18 47.62 71.45 72.08
C ILE FA 18 48.64 71.15 70.99
N PRO FA 19 49.74 71.90 70.92
CA PRO FA 19 50.79 71.60 69.94
C PRO FA 19 51.97 70.80 70.48
N ARG FA 20 51.97 70.40 71.75
CA ARG FA 20 53.18 69.86 72.38
C ARG FA 20 53.08 68.37 72.69
N GLY FA 21 52.09 67.95 73.49
CA GLY FA 21 52.03 66.59 73.96
C GLY FA 21 50.64 66.23 74.48
N CYS FA 22 50.31 64.94 74.38
CA CYS FA 22 48.95 64.44 74.59
C CYS FA 22 48.58 64.29 76.07
N GLU FA 23 49.31 64.95 76.97
CA GLU FA 23 48.89 65.06 78.36
C GLU FA 23 47.61 65.87 78.47
N GLY FA 24 46.89 65.66 79.57
CA GLY FA 24 45.72 66.46 79.86
C GLY FA 24 46.12 67.90 80.16
N PRO FA 25 45.32 68.86 79.67
CA PRO FA 25 45.64 70.27 79.94
C PRO FA 25 45.40 70.63 81.40
N CYS FA 26 46.37 70.28 82.24
CA CYS FA 26 46.18 70.35 83.68
C CYS FA 26 46.22 71.79 84.18
N LYS FA 27 45.32 72.11 85.10
CA LYS FA 27 45.20 73.44 85.66
C LYS FA 27 46.13 73.60 86.86
N VAL FA 28 46.89 74.69 86.88
CA VAL FA 28 47.65 75.12 88.05
C VAL FA 28 47.25 76.57 88.30
N GLN FA 29 46.45 76.80 89.32
CA GLN FA 29 45.86 78.10 89.56
C GLN FA 29 46.60 78.83 90.67
N SER FA 30 47.09 80.02 90.36
CA SER FA 30 47.78 80.86 91.34
C SER FA 30 46.76 81.88 91.83
N PHE FA 31 45.92 81.45 92.77
CA PHE FA 31 45.03 82.40 93.42
C PHE FA 31 45.82 83.30 94.36
N GLU FA 32 45.44 84.57 94.38
CA GLU FA 32 45.95 85.49 95.37
C GLU FA 32 44.79 86.12 96.13
N GLN FA 33 45.01 86.37 97.40
CA GLN FA 33 44.16 87.26 98.20
C GLN FA 33 45.15 88.29 98.73
N ARG FA 34 45.44 89.28 97.91
CA ARG FA 34 46.55 90.20 98.15
C ARG FA 34 46.15 91.63 97.85
N ASP FA 35 47.15 92.51 97.80
CA ASP FA 35 46.99 93.88 97.36
C ASP FA 35 48.30 94.29 96.69
N ASP FA 36 48.48 95.60 96.52
CA ASP FA 36 49.74 96.09 95.99
C ASP FA 36 50.09 97.38 96.73
N VAL FA 37 51.16 98.02 96.26
CA VAL FA 37 51.50 99.38 96.65
C VAL FA 37 51.48 100.20 95.37
N LYS FA 38 51.85 101.47 95.44
CA LYS FA 38 51.93 102.29 94.23
C LYS FA 38 52.99 101.77 93.27
N HIS FA 39 54.14 101.35 93.80
CA HIS FA 39 55.27 100.99 92.95
C HIS FA 39 55.08 99.62 92.30
N LEU FA 40 54.71 98.62 93.09
CA LEU FA 40 54.80 97.27 92.57
C LEU FA 40 53.79 96.34 93.23
N GLY FA 41 53.19 95.49 92.41
CA GLY FA 41 52.62 94.24 92.90
C GLY FA 41 53.22 93.12 92.09
N ILE FA 42 54.05 92.29 92.72
CA ILE FA 42 54.85 91.31 91.99
C ILE FA 42 54.24 89.92 92.17
N CYS FA 43 54.12 89.21 91.05
CA CYS FA 43 53.53 87.87 91.06
C CYS FA 43 54.23 87.04 89.99
N LYS FA 44 55.19 86.20 90.40
CA LYS FA 44 55.61 85.12 89.53
C LYS FA 44 54.51 84.07 89.49
N VAL FA 45 53.91 83.91 88.31
CA VAL FA 45 52.70 83.10 88.20
C VAL FA 45 53.06 81.62 88.09
N ILE FA 46 54.30 81.31 87.73
CA ILE FA 46 54.74 79.95 87.48
C ILE FA 46 55.49 79.39 88.70
N SER FA 47 55.23 79.97 89.89
CA SER FA 47 56.09 79.77 91.04
C SER FA 47 55.93 78.40 91.66
N ASP FA 48 54.72 78.06 92.10
CA ASP FA 48 54.47 76.87 92.89
C ASP FA 48 54.34 75.59 92.06
N VAL FA 49 54.85 75.56 90.83
CA VAL FA 49 54.70 74.38 89.98
C VAL FA 49 55.90 73.48 90.23
N THR FA 50 55.71 72.44 91.03
CA THR FA 50 56.75 71.48 91.37
C THR FA 50 56.49 70.16 90.68
N ARG FA 51 57.48 69.28 90.68
CA ARG FA 51 57.32 67.95 90.11
C ARG FA 51 56.46 67.08 91.02
N GLY FA 52 55.44 66.45 90.43
CA GLY FA 52 54.57 65.57 91.17
C GLY FA 52 53.56 64.89 90.25
N PRO FA 53 52.88 63.86 90.76
CA PRO FA 53 51.92 63.14 89.93
C PRO FA 53 50.59 63.86 89.75
N GLY FA 54 50.26 64.80 90.63
CA GLY FA 54 48.98 65.46 90.55
C GLY FA 54 48.90 66.46 89.41
N LEU FA 55 47.68 66.93 89.15
CA LEU FA 55 47.46 67.90 88.08
C LEU FA 55 47.80 69.32 88.48
N THR FA 56 48.10 69.58 89.76
CA THR FA 56 48.68 70.84 90.19
C THR FA 56 50.20 70.80 90.17
N HIS FA 57 50.78 69.96 89.31
CA HIS FA 57 52.21 69.69 89.30
C HIS FA 57 52.67 69.64 87.85
N ARG FA 58 53.88 69.13 87.64
CA ARG FA 58 54.50 69.13 86.32
C ARG FA 58 55.27 67.84 86.10
N VAL FA 59 55.48 67.52 84.82
CA VAL FA 59 56.28 66.38 84.40
C VAL FA 59 57.47 66.92 83.62
N GLY FA 60 58.66 66.78 84.18
CA GLY FA 60 59.86 67.28 83.56
C GLY FA 60 60.13 68.74 83.83
N LYS FA 61 60.64 69.46 82.84
CA LYS FA 61 60.98 70.87 83.01
C LYS FA 61 60.62 71.70 81.78
N ARG FA 62 59.68 71.22 80.98
CA ARG FA 62 59.27 71.90 79.75
C ARG FA 62 57.78 72.20 79.80
N PHE FA 63 57.42 73.46 79.59
CA PHE FA 63 56.04 73.90 79.55
C PHE FA 63 55.70 74.45 78.17
N CYS FA 64 54.40 74.41 77.85
CA CYS FA 64 53.83 75.24 76.79
C CYS FA 64 52.50 75.73 77.33
N ILE FA 65 52.50 76.92 77.93
CA ILE FA 65 51.30 77.50 78.50
C ILE FA 65 50.32 77.83 77.38
N LYS FA 66 49.17 77.16 77.39
CA LYS FA 66 48.16 77.39 76.38
C LYS FA 66 47.50 78.76 76.57
N SER FA 67 46.98 79.02 77.77
CA SER FA 67 46.34 80.29 78.02
C SER FA 67 46.40 80.62 79.51
N ILE FA 68 46.52 81.92 79.79
CA ILE FA 68 46.34 82.46 81.13
C ILE FA 68 44.93 83.04 81.21
N TYR FA 69 44.15 82.58 82.17
CA TYR FA 69 42.77 83.01 82.37
C TYR FA 69 42.71 83.81 83.67
N ILE FA 70 42.62 85.13 83.54
CA ILE FA 70 42.71 86.03 84.68
C ILE FA 70 41.29 86.39 85.12
N LEU FA 71 40.88 85.86 86.27
CA LEU FA 71 39.75 86.39 87.02
C LEU FA 71 40.26 87.39 88.03
N GLY FA 72 39.33 88.17 88.58
CA GLY FA 72 39.73 89.10 89.62
C GLY FA 72 38.73 90.19 89.90
N LYS FA 73 38.58 90.52 91.19
CA LYS FA 73 37.79 91.65 91.63
C LYS FA 73 38.70 92.66 92.32
N ILE FA 74 38.64 93.90 91.85
CA ILE FA 74 39.57 94.95 92.27
C ILE FA 74 38.74 96.02 92.96
N TRP FA 75 38.87 96.11 94.29
CA TRP FA 75 38.04 97.02 95.05
C TRP FA 75 38.88 97.94 95.91
N LEU FA 76 38.17 98.85 96.59
CA LEU FA 76 38.70 99.65 97.68
C LEU FA 76 37.69 99.75 98.81
N ASP FA 77 36.81 98.76 98.98
CA ASP FA 77 35.61 98.90 99.80
C ASP FA 77 35.88 98.65 101.28
N GLU FA 78 37.13 98.78 101.70
CA GLU FA 78 37.45 98.97 103.11
C GLU FA 78 36.85 100.29 103.57
N THR FA 79 36.58 100.42 104.88
CA THR FA 79 35.93 101.61 105.42
C THR FA 79 36.80 102.87 105.38
N ILE FA 80 38.06 102.75 104.96
CA ILE FA 80 38.98 103.86 104.82
C ILE FA 80 39.24 103.94 103.32
N LYS FA 81 40.13 104.86 102.90
CA LYS FA 81 40.53 105.11 101.51
C LYS FA 81 39.37 105.62 100.66
N LYS FA 82 38.49 106.40 101.28
CA LYS FA 82 37.59 107.27 100.54
C LYS FA 82 38.20 108.64 100.25
N GLN FA 83 39.09 109.14 101.10
CA GLN FA 83 39.91 110.29 100.75
C GLN FA 83 41.12 109.84 99.94
N ASN FA 84 41.81 110.82 99.33
CA ASN FA 84 42.94 110.63 98.43
C ASN FA 84 42.58 109.69 97.29
N HIS FA 85 41.38 109.88 96.75
CA HIS FA 85 40.71 108.88 95.92
C HIS FA 85 40.98 109.04 94.43
N THR FA 86 40.16 108.34 93.63
CA THR FA 86 40.23 108.26 92.16
C THR FA 86 41.55 107.71 91.65
N ASN FA 87 41.85 106.43 91.92
CA ASN FA 87 43.02 105.76 91.40
C ASN FA 87 42.57 104.70 90.40
N ASN FA 88 43.46 104.31 89.50
CA ASN FA 88 43.20 103.25 88.53
C ASN FA 88 44.36 102.26 88.50
N VAL FA 89 44.08 101.07 87.96
CA VAL FA 89 45.02 99.95 87.97
C VAL FA 89 45.38 99.63 86.53
N ILE FA 90 46.69 99.60 86.24
CA ILE FA 90 47.18 99.17 84.94
C ILE FA 90 47.89 97.83 85.15
N PHE FA 91 47.47 96.81 84.41
CA PHE FA 91 48.09 95.51 84.52
C PHE FA 91 49.20 95.35 83.49
N TYR FA 92 50.17 94.51 83.83
CA TYR FA 92 51.32 94.25 82.96
C TYR FA 92 51.60 92.75 82.97
N LEU FA 93 51.53 92.13 81.80
CA LEU FA 93 51.81 90.70 81.66
C LEU FA 93 53.02 90.59 80.72
N LEU FA 94 54.18 90.30 81.27
CA LEU FA 94 55.44 90.41 80.56
C LEU FA 94 55.98 89.04 80.19
N ARG FA 95 56.58 88.93 79.01
CA ARG FA 95 57.35 87.75 78.65
C ARG FA 95 58.80 87.99 79.06
N ASP FA 96 59.25 87.29 80.10
CA ASP FA 96 60.60 87.46 80.63
C ASP FA 96 61.58 86.61 79.84
N ARG FA 97 62.84 87.06 79.80
CA ARG FA 97 63.89 86.38 79.04
C ARG FA 97 64.87 85.61 79.91
N ARG FA 98 65.12 86.03 81.15
CA ARG FA 98 66.09 85.37 82.03
C ARG FA 98 65.71 85.63 83.47
N PRO FA 99 65.99 84.70 84.37
CA PRO FA 99 65.74 84.95 85.80
C PRO FA 99 66.98 85.40 86.54
N TYR FA 100 66.80 85.93 87.76
CA TYR FA 100 67.88 86.10 88.72
C TYR FA 100 67.32 85.72 90.09
N GLY FA 101 67.38 84.42 90.42
CA GLY FA 101 66.90 83.92 91.70
C GLY FA 101 65.43 84.17 91.94
N ASN FA 102 65.15 85.12 92.83
CA ASN FA 102 63.79 85.58 93.10
C ASN FA 102 63.33 86.58 92.03
N ALA FA 103 62.23 87.27 92.29
CA ALA FA 103 61.70 88.22 91.32
C ALA FA 103 62.53 89.50 91.36
N PRO FA 104 62.79 90.12 90.21
CA PRO FA 104 63.56 91.37 90.19
C PRO FA 104 62.72 92.57 90.60
N GLN FA 105 63.30 93.76 90.50
CA GLN FA 105 62.60 95.00 90.83
C GLN FA 105 61.52 95.29 89.78
N ASP FA 106 60.66 96.26 90.10
CA ASP FA 106 59.74 96.81 89.11
C ASP FA 106 60.16 98.20 88.66
N PHE FA 107 60.24 99.15 89.60
CA PHE FA 107 60.52 100.53 89.23
C PHE FA 107 61.96 100.72 88.77
N GLY FA 108 62.87 99.86 89.22
CA GLY FA 108 64.21 99.81 88.69
C GLY FA 108 64.38 98.96 87.46
N GLN FA 109 63.29 98.33 86.98
CA GLN FA 109 63.35 97.50 85.79
C GLN FA 109 62.56 98.09 84.63
N ILE FA 110 61.27 98.38 84.81
CA ILE FA 110 60.59 99.18 83.81
C ILE FA 110 60.98 100.65 83.99
N PHE FA 111 60.77 101.42 82.92
CA PHE FA 111 61.60 102.62 82.73
C PHE FA 111 61.14 103.79 83.58
N ASN FA 112 59.92 104.29 83.39
CA ASN FA 112 59.56 105.59 83.92
C ASN FA 112 58.35 105.42 84.84
N MET FA 113 57.82 106.55 85.32
CA MET FA 113 56.82 106.56 86.37
C MET FA 113 55.43 106.22 85.81
N PHE FA 114 55.11 104.93 85.88
CA PHE FA 114 53.79 104.32 85.93
C PHE FA 114 53.02 104.36 84.61
N ASP FA 115 53.54 105.05 83.59
CA ASP FA 115 53.04 104.96 82.22
C ASP FA 115 54.26 104.81 81.33
N ASN FA 116 54.66 103.57 81.08
CA ASN FA 116 55.99 103.33 80.55
C ASN FA 116 56.06 101.99 79.81
N GLU FA 117 57.29 101.60 79.53
CA GLU FA 117 57.72 100.38 78.86
C GLU FA 117 58.93 99.87 79.64
N PRO FA 118 59.46 98.68 79.36
CA PRO FA 118 60.76 98.31 79.93
C PRO FA 118 61.88 99.19 79.40
N SER FA 119 62.97 99.24 80.18
CA SER FA 119 64.09 100.12 79.87
C SER FA 119 64.84 99.63 78.63
N THR FA 120 65.65 100.54 78.07
CA THR FA 120 66.40 100.24 76.86
C THR FA 120 67.50 99.22 77.09
N ALA FA 121 68.02 99.13 78.32
CA ALA FA 121 69.06 98.16 78.65
C ALA FA 121 68.50 96.82 79.13
N THR FA 122 67.18 96.64 79.09
CA THR FA 122 66.55 95.45 79.66
C THR FA 122 65.87 94.57 78.63
N ILE FA 123 65.79 95.00 77.37
CA ILE FA 123 65.08 94.24 76.34
C ILE FA 123 65.87 93.00 75.94
N PHE FA 131 62.99 93.27 79.00
CA PHE FA 131 62.18 92.07 78.98
C PHE FA 131 60.99 92.32 78.06
N GLN FA 132 60.51 91.27 77.39
CA GLN FA 132 59.42 91.45 76.45
C GLN FA 132 58.09 91.62 77.20
N VAL FA 133 57.15 92.22 76.50
CA VAL FA 133 55.81 92.51 77.00
C VAL FA 133 54.85 91.64 76.19
N LEU FA 134 53.74 91.22 76.79
CA LEU FA 134 52.68 90.65 76.00
C LEU FA 134 51.50 91.60 75.79
N ARG FA 135 50.80 91.99 76.87
CA ARG FA 135 49.70 92.94 76.77
C ARG FA 135 49.54 93.71 78.08
N LYS FA 136 48.55 94.59 78.11
CA LYS FA 136 48.20 95.41 79.26
C LYS FA 136 46.70 95.26 79.52
N PHE FA 137 46.25 95.82 80.64
CA PHE FA 137 44.81 95.87 80.96
C PHE FA 137 44.52 97.19 81.68
N HIS FA 138 43.24 97.38 82.02
CA HIS FA 138 42.79 98.57 82.72
C HIS FA 138 41.77 98.18 83.80
N ALA FA 139 41.77 98.96 84.88
CA ALA FA 139 40.78 98.81 85.94
C ALA FA 139 40.72 100.15 86.66
N THR FA 140 39.56 100.80 86.63
CA THR FA 140 39.40 102.16 87.14
C THR FA 140 38.40 102.17 88.29
N VAL FA 141 38.91 102.36 89.51
CA VAL FA 141 38.06 102.38 90.69
C VAL FA 141 38.10 103.78 91.30
N VAL FA 142 37.05 104.56 91.03
CA VAL FA 142 37.02 105.96 91.46
C VAL FA 142 35.91 106.17 92.49
N GLY FA 143 36.28 106.15 93.77
CA GLY FA 143 35.28 106.35 94.82
C GLY FA 143 35.69 107.30 95.92
N GLY FA 144 34.98 108.42 96.04
CA GLY FA 144 35.30 109.39 97.08
C GLY FA 144 34.21 109.49 98.14
N LEU FA 145 33.43 110.55 98.09
CA LEU FA 145 32.32 110.75 99.01
C LEU FA 145 31.10 111.21 98.24
N TYR FA 146 29.95 111.14 98.91
CA TYR FA 146 28.64 111.64 98.50
C TYR FA 146 28.05 111.02 97.24
N CYS FA 147 28.68 110.01 96.62
CA CYS FA 147 27.85 109.09 95.86
C CYS FA 147 28.08 107.64 96.31
N MET FA 148 29.31 107.10 96.46
CA MET FA 148 30.57 107.44 95.78
C MET FA 148 30.64 106.52 94.55
N LYS FA 149 30.73 107.09 93.36
CA LYS FA 149 30.45 106.29 92.18
C LYS FA 149 31.73 105.81 91.50
N GLU FA 150 32.31 104.77 92.10
CA GLU FA 150 32.79 103.52 91.50
C GLU FA 150 33.42 102.66 92.59
N GLN FA 151 33.45 101.36 92.36
CA GLN FA 151 33.90 100.34 93.30
C GLN FA 151 34.33 99.10 92.54
N ALA FA 152 34.30 97.95 93.24
CA ALA FA 152 34.75 96.62 92.81
C ALA FA 152 34.32 96.29 91.38
N LEU FA 153 35.30 96.11 90.50
CA LEU FA 153 35.07 95.76 89.11
C LEU FA 153 35.49 94.31 88.88
N VAL FA 154 34.80 93.63 87.96
CA VAL FA 154 35.13 92.25 87.66
C VAL FA 154 35.80 92.18 86.29
N LYS FA 155 36.93 91.47 86.21
CA LYS FA 155 37.69 91.35 84.98
C LYS FA 155 37.94 89.88 84.68
N ARG FA 156 37.47 89.41 83.52
CA ARG FA 156 37.80 88.09 83.01
C ARG FA 156 38.41 88.24 81.62
N PHE FA 157 39.45 87.45 81.35
CA PHE FA 157 40.19 87.55 80.09
C PHE FA 157 40.76 86.20 79.70
N TYR FA 158 40.34 85.67 78.54
CA TYR FA 158 41.15 84.70 77.84
C TYR FA 158 42.39 85.39 77.29
N ARG FA 159 43.54 84.71 77.39
CA ARG FA 159 44.80 85.29 76.92
C ARG FA 159 45.75 84.15 76.56
N LEU FA 160 45.88 83.88 75.26
CA LEU FA 160 46.73 82.80 74.78
C LEU FA 160 48.20 83.20 74.83
N ASN FA 161 49.05 82.24 75.21
CA ASN FA 161 50.48 82.50 75.41
C ASN FA 161 51.27 81.29 74.93
N HIS FA 162 52.53 81.19 75.33
CA HIS FA 162 53.44 80.18 74.77
C HIS FA 162 54.40 79.70 75.86
N HIS FA 163 55.48 79.05 75.43
CA HIS FA 163 56.23 78.06 76.19
C HIS FA 163 57.09 78.67 77.30
N VAL FA 164 57.38 77.83 78.29
CA VAL FA 164 58.17 78.17 79.48
C VAL FA 164 59.11 76.98 79.76
N THR FA 165 60.35 77.25 80.18
CA THR FA 165 61.30 76.20 80.53
C THR FA 165 61.78 76.41 81.96
N TYR FA 166 61.92 75.32 82.71
CA TYR FA 166 62.64 75.34 83.98
C TYR FA 166 64.05 74.80 83.81
N ASN FA 167 64.97 75.33 84.63
CA ASN FA 167 66.37 74.92 84.54
C ASN FA 167 66.59 73.59 85.24
N HIS FA 168 66.38 73.55 86.54
CA HIS FA 168 66.71 72.37 87.32
C HIS FA 168 65.61 71.31 87.20
N GLN FA 169 65.98 70.08 87.53
CA GLN FA 169 65.06 68.95 87.54
C GLN FA 169 64.48 68.70 88.92
N GLU FA 170 64.45 69.74 89.75
CA GLU FA 170 63.97 69.67 91.12
C GLU FA 170 62.45 69.71 91.17
N ALA FA 171 61.90 69.38 92.33
CA ALA FA 171 60.51 69.66 92.64
C ALA FA 171 60.41 70.99 93.38
N GLY FA 172 60.98 72.03 92.76
CA GLY FA 172 61.23 73.29 93.40
C GLY FA 172 60.28 74.40 92.97
N LYS FA 173 60.47 75.54 93.63
CA LYS FA 173 59.66 76.73 93.43
C LYS FA 173 60.29 77.60 92.34
N TYR FA 174 59.88 78.87 92.27
CA TYR FA 174 60.27 79.83 91.23
C TYR FA 174 61.77 80.13 91.15
N GLU FA 175 62.58 79.65 92.09
CA GLU FA 175 63.98 80.06 92.14
C GLU FA 175 64.83 79.43 91.04
N ASN FA 176 64.44 78.26 90.55
CA ASN FA 176 65.27 77.50 89.60
C ASN FA 176 64.84 77.69 88.15
N HIS FA 177 64.42 78.89 87.78
CA HIS FA 177 63.98 79.17 86.41
C HIS FA 177 65.15 79.25 85.44
N THR FA 178 64.81 79.43 84.17
CA THR FA 178 65.74 79.69 83.07
C THR FA 178 65.01 80.58 82.07
N GLU FA 179 65.47 80.57 80.81
CA GLU FA 179 64.89 81.32 79.71
C GLU FA 179 63.38 81.11 79.57
N ASN FA 180 62.70 82.15 79.09
CA ASN FA 180 61.26 82.21 78.81
C ASN FA 180 60.44 81.98 80.09
N ALA FA 181 60.60 82.91 81.02
CA ALA FA 181 59.67 83.06 82.13
C ALA FA 181 58.59 84.06 81.76
N LEU FA 182 57.55 84.12 82.58
CA LEU FA 182 56.49 85.10 82.42
C LEU FA 182 55.81 85.32 83.76
N LEU FA 183 55.46 86.58 84.04
CA LEU FA 183 54.95 86.96 85.35
C LEU FA 183 54.15 88.25 85.21
N LEU FA 184 53.62 88.74 86.33
CA LEU FA 184 52.75 89.89 86.34
C LEU FA 184 53.34 91.03 87.18
N TYR FA 185 52.99 92.25 86.78
CA TYR FA 185 53.17 93.43 87.61
C TYR FA 185 51.87 94.21 87.63
N MET FA 186 51.52 94.72 88.81
CA MET FA 186 50.35 95.57 88.98
C MET FA 186 50.81 96.93 89.46
N ALA FA 187 50.17 97.98 88.95
CA ALA FA 187 50.64 99.35 89.20
C ALA FA 187 49.48 100.23 89.62
N CYS FA 188 49.70 100.99 90.69
CA CYS FA 188 48.80 102.05 91.10
C CYS FA 188 49.37 103.40 90.65
N THR FA 189 48.49 104.38 90.49
CA THR FA 189 48.87 105.66 89.92
C THR FA 189 48.74 106.83 90.90
N HIS FA 190 48.58 106.57 92.19
CA HIS FA 190 48.45 107.63 93.18
C HIS FA 190 49.12 107.21 94.47
N ALA FA 191 49.48 108.22 95.28
CA ALA FA 191 50.29 107.99 96.48
C ALA FA 191 49.54 107.23 97.56
N SER FA 192 48.22 107.32 97.60
CA SER FA 192 47.44 106.47 98.48
C SER FA 192 47.45 105.03 97.96
N ASN FA 193 47.07 104.12 98.85
CA ASN FA 193 46.97 102.71 98.42
C ASN FA 193 45.56 102.19 98.68
N PRO FA 194 44.57 102.51 97.83
CA PRO FA 194 43.22 101.98 98.07
C PRO FA 194 43.02 100.58 97.52
N VAL FA 195 43.86 100.15 96.57
CA VAL FA 195 43.57 99.00 95.73
C VAL FA 195 43.78 97.72 96.52
N TYR FA 196 42.69 96.99 96.75
CA TYR FA 196 42.74 95.63 97.27
C TYR FA 196 42.30 94.68 96.16
N ALA FA 197 43.27 94.28 95.35
CA ALA FA 197 43.01 93.48 94.15
C ALA FA 197 43.31 92.02 94.42
N THR FA 198 42.28 91.18 94.39
CA THR FA 198 42.43 89.74 94.53
C THR FA 198 42.07 89.08 93.23
N LEU FA 199 42.97 88.25 92.71
CA LEU FA 199 42.86 87.74 91.36
C LEU FA 199 43.02 86.22 91.37
N LYS FA 200 42.16 85.56 90.60
CA LYS FA 200 42.24 84.13 90.36
C LYS FA 200 42.82 83.90 88.96
N ILE FA 201 43.96 83.24 88.90
CA ILE FA 201 44.76 83.16 87.68
C ILE FA 201 44.89 81.69 87.31
N ARG FA 202 44.07 81.23 86.38
CA ARG FA 202 44.19 79.87 85.87
C ARG FA 202 45.20 79.80 84.73
N ILE FA 203 46.14 78.87 84.85
CA ILE FA 203 46.97 78.45 83.73
C ILE FA 203 46.69 76.98 83.50
N TYR FA 204 46.14 76.66 82.33
CA TYR FA 204 46.02 75.27 81.91
C TYR FA 204 46.84 75.07 80.64
N PHE FA 205 47.58 73.96 80.61
CA PHE FA 205 48.62 73.76 79.62
C PHE FA 205 48.84 72.27 79.33
N PRO GA 16 60.54 93.60 56.05
CA PRO GA 16 59.10 93.34 55.92
C PRO GA 16 58.24 94.43 56.56
N ASP GA 17 58.87 95.45 57.13
CA ASP GA 17 58.18 96.50 57.86
C ASP GA 17 58.41 97.87 57.27
N ILE GA 18 59.65 98.19 56.90
CA ILE GA 18 60.08 99.54 56.55
C ILE GA 18 60.21 99.73 55.05
N PRO GA 19 59.90 100.91 54.52
CA PRO GA 19 60.09 101.17 53.08
C PRO GA 19 61.38 101.89 52.72
N ARG GA 20 62.24 102.24 53.68
CA ARG GA 20 63.35 103.15 53.42
C ARG GA 20 64.71 102.47 53.46
N GLY GA 21 65.08 101.85 54.57
CA GLY GA 21 66.42 101.30 54.75
C GLY GA 21 66.48 100.29 55.87
N CYS GA 22 67.43 99.37 55.75
CA CYS GA 22 67.50 98.17 56.59
C CYS GA 22 68.11 98.42 57.96
N GLU GA 23 68.17 99.68 58.42
CA GLU GA 23 68.51 99.99 59.79
C GLU GA 23 67.45 99.45 60.73
N GLY GA 24 67.84 99.24 61.99
CA GLY GA 24 66.91 98.87 63.02
C GLY GA 24 65.93 100.00 63.30
N PRO GA 25 64.65 99.67 63.51
CA PRO GA 25 63.66 100.71 63.82
C PRO GA 25 63.87 101.31 65.20
N CYS GA 26 64.83 102.23 65.29
CA CYS GA 26 65.31 102.71 66.58
C CYS GA 26 64.29 103.66 67.22
N LYS GA 27 64.12 103.51 68.53
CA LYS GA 27 63.16 104.31 69.28
C LYS GA 27 63.83 105.59 69.76
N VAL GA 28 63.15 106.72 69.56
CA VAL GA 28 63.51 107.99 70.17
C VAL GA 28 62.26 108.51 70.84
N GLN GA 29 62.21 108.43 72.16
CA GLN GA 29 61.01 108.71 72.92
C GLN GA 29 61.09 110.10 73.55
N SER GA 30 60.14 110.95 73.20
CA SER GA 30 60.05 112.29 73.73
C SER GA 30 59.07 112.25 74.90
N PHE GA 31 59.56 111.81 76.05
CA PHE GA 31 58.75 111.88 77.26
C PHE GA 31 58.63 113.32 77.71
N GLU GA 32 57.44 113.68 78.18
CA GLU GA 32 57.24 114.95 78.85
C GLU GA 32 56.65 114.71 80.22
N GLN GA 33 57.05 115.55 81.17
CA GLN GA 33 56.36 115.70 82.45
C GLN GA 33 56.03 117.18 82.51
N ARG GA 34 54.93 117.54 81.85
CA ARG GA 34 54.61 118.93 81.57
C ARG GA 34 53.14 119.21 81.82
N ASP GA 35 52.70 120.38 81.38
CA ASP GA 35 51.29 120.76 81.36
C ASP GA 35 51.08 121.66 80.15
N ASP GA 36 49.96 122.38 80.14
CA ASP GA 36 49.72 123.35 79.09
C ASP GA 36 49.06 124.57 79.71
N VAL GA 37 48.65 125.49 78.84
CA VAL GA 37 47.76 126.59 79.20
C VAL GA 37 46.52 126.43 78.33
N LYS GA 38 45.60 127.38 78.41
CA LYS GA 38 44.41 127.32 77.55
C LYS GA 38 44.79 127.45 76.08
N HIS GA 39 45.75 128.34 75.76
CA HIS GA 39 46.04 128.64 74.37
C HIS GA 39 46.87 127.55 73.71
N LEU GA 40 47.94 127.11 74.38
CA LEU GA 40 48.90 126.28 73.67
C LEU GA 40 49.64 125.34 74.61
N GLY GA 41 49.82 124.11 74.14
CA GLY GA 41 50.90 123.27 74.63
C GLY GA 41 51.71 122.83 73.43
N ILE GA 42 52.95 123.30 73.31
CA ILE GA 42 53.73 123.11 72.10
C ILE GA 42 54.78 122.04 72.34
N CYS GA 43 54.87 121.11 71.38
CA CYS GA 43 55.82 120.01 71.47
C CYS GA 43 56.30 119.66 70.08
N LYS GA 44 57.48 120.14 69.71
CA LYS GA 44 58.18 119.54 68.57
C LYS GA 44 58.70 118.18 68.98
N VAL GA 45 58.16 117.14 68.35
CA VAL GA 45 58.41 115.78 68.82
C VAL GA 45 59.74 115.26 68.25
N ILE GA 46 60.24 115.90 67.19
CA ILE GA 46 61.43 115.45 66.51
C ILE GA 46 62.65 116.26 66.94
N SER GA 47 62.59 116.85 68.15
CA SER GA 47 63.51 117.90 68.53
C SER GA 47 64.89 117.37 68.87
N ASP GA 48 64.96 116.46 69.86
CA ASP GA 48 66.25 116.03 70.42
C ASP GA 48 66.93 114.95 69.59
N VAL GA 49 66.61 114.79 68.32
CA VAL GA 49 67.20 113.72 67.50
C VAL GA 49 68.45 114.28 66.84
N THR GA 50 69.61 113.98 67.41
CA THR GA 50 70.90 114.44 66.91
C THR GA 50 71.64 113.27 66.27
N ARG GA 51 72.71 113.59 65.54
CA ARG GA 51 73.54 112.56 64.93
C ARG GA 51 74.39 111.87 65.99
N GLY GA 52 74.36 110.54 66.00
CA GLY GA 52 75.13 109.76 66.93
C GLY GA 52 75.00 108.27 66.65
N PRO GA 53 75.88 107.46 67.26
CA PRO GA 53 75.83 106.02 67.01
C PRO GA 53 74.72 105.30 67.76
N GLY GA 54 74.19 105.89 68.84
CA GLY GA 54 73.18 105.22 69.62
C GLY GA 54 71.83 105.17 68.93
N LEU GA 55 70.93 104.37 69.53
CA LEU GA 55 69.59 104.22 68.96
C LEU GA 55 68.65 105.36 69.35
N THR GA 56 69.08 106.25 70.24
CA THR GA 56 68.37 107.51 70.48
C THR GA 56 68.89 108.63 69.60
N HIS GA 57 69.41 108.28 68.42
CA HIS GA 57 70.09 109.22 67.54
C HIS GA 57 69.67 108.92 66.11
N ARG GA 58 70.41 109.49 65.15
CA ARG GA 58 70.04 109.39 63.75
C ARG GA 58 71.29 109.23 62.89
N VAL GA 59 71.08 108.69 61.69
CA VAL GA 59 72.13 108.54 60.69
C VAL GA 59 71.72 109.37 59.48
N GLY GA 60 72.46 110.44 59.22
CA GLY GA 60 72.15 111.33 58.11
C GLY GA 60 71.12 112.38 58.46
N LYS GA 61 70.25 112.70 57.49
CA LYS GA 61 69.23 113.72 57.70
C LYS GA 61 67.89 113.33 57.08
N ARG GA 62 67.66 112.04 56.88
CA ARG GA 62 66.44 111.54 56.27
C ARG GA 62 65.73 110.58 57.21
N PHE GA 63 64.45 110.85 57.48
CA PHE GA 63 63.62 110.01 58.33
C PHE GA 63 62.47 109.44 57.51
N CYS GA 64 61.96 108.30 57.99
CA CYS GA 64 60.62 107.82 57.62
C CYS GA 64 60.02 107.29 58.92
N ILE GA 65 59.25 108.15 59.60
CA ILE GA 65 58.61 107.78 60.85
C ILE GA 65 57.56 106.72 60.58
N LYS GA 66 57.76 105.52 61.14
CA LYS GA 66 56.80 104.44 60.94
C LYS GA 66 55.53 104.70 61.72
N SER GA 67 55.65 104.96 63.02
CA SER GA 67 54.46 105.23 63.82
C SER GA 67 54.83 106.06 65.03
N ILE GA 68 53.89 106.92 65.42
CA ILE GA 68 53.94 107.62 66.70
C ILE GA 68 53.02 106.88 67.67
N TYR GA 69 53.58 106.49 68.81
CA TYR GA 69 52.86 105.75 69.83
C TYR GA 69 52.70 106.66 71.04
N ILE GA 70 51.49 107.18 71.25
CA ILE GA 70 51.24 108.18 72.27
C ILE GA 70 50.67 107.48 73.49
N LEU GA 71 51.47 107.40 74.55
CA LEU GA 71 50.98 107.14 75.89
C LEU GA 71 50.72 108.45 76.60
N GLY GA 72 50.00 108.38 77.71
CA GLY GA 72 49.77 109.59 78.47
C GLY GA 72 48.63 109.51 79.48
N LYS GA 73 48.85 110.10 80.64
CA LYS GA 73 47.83 110.25 81.66
C LYS GA 73 47.55 111.73 81.87
N ILE GA 74 46.29 112.11 81.75
CA ILE GA 74 45.87 113.51 81.74
C ILE GA 74 44.99 113.72 82.97
N TRP GA 75 45.52 114.42 83.96
CA TRP GA 75 44.80 114.57 85.22
C TRP GA 75 44.64 116.04 85.59
N LEU GA 76 43.93 116.25 86.70
CA LEU GA 76 43.88 117.51 87.42
C LEU GA 76 43.95 117.29 88.92
N ASP GA 77 44.59 116.20 89.37
CA ASP GA 77 44.43 115.71 90.74
C ASP GA 77 45.36 116.43 91.72
N GLU GA 78 45.82 117.62 91.37
CA GLU GA 78 46.35 118.56 92.34
C GLU GA 78 45.23 118.96 93.30
N THR GA 79 45.59 119.39 94.52
CA THR GA 79 44.60 119.71 95.54
C THR GA 79 43.79 120.97 95.24
N ILE GA 80 44.13 121.68 94.16
CA ILE GA 80 43.41 122.88 93.72
C ILE GA 80 42.80 122.48 92.38
N LYS GA 81 42.12 123.41 91.70
CA LYS GA 81 41.45 123.25 90.42
C LYS GA 81 40.29 122.26 90.50
N LYS GA 82 39.60 122.25 91.63
CA LYS GA 82 38.26 121.69 91.72
C LYS GA 82 37.18 122.70 91.38
N GLN GA 83 37.39 123.99 91.63
CA GLN GA 83 36.53 125.03 91.10
C GLN GA 83 36.97 125.37 89.67
N ASN GA 84 36.09 126.12 88.97
CA ASN GA 84 36.24 126.49 87.57
C ASN GA 84 36.44 125.25 86.69
N HIS GA 85 35.66 124.22 86.98
CA HIS GA 85 35.95 122.87 86.52
C HIS GA 85 35.27 122.50 85.22
N THR GA 86 35.26 121.20 84.91
CA THR GA 86 34.75 120.57 83.69
C THR GA 86 35.42 121.08 82.42
N ASN GA 87 36.71 120.79 82.24
CA ASN GA 87 37.43 121.11 81.02
C ASN GA 87 37.78 119.82 80.29
N ASN GA 88 38.01 119.91 78.99
CA ASN GA 88 38.41 118.77 78.18
C ASN GA 88 39.60 119.13 77.31
N VAL GA 89 40.29 118.10 76.82
CA VAL GA 89 41.55 118.26 76.08
C VAL GA 89 41.33 117.76 74.66
N ILE GA 90 41.65 118.60 73.68
CA ILE GA 90 41.63 118.20 72.28
C ILE GA 90 43.07 118.16 71.81
N PHE GA 91 43.49 117.02 71.27
CA PHE GA 91 44.85 116.90 70.77
C PHE GA 91 44.90 117.20 69.28
N TYR GA 92 46.07 117.66 68.84
CA TYR GA 92 46.30 118.03 67.44
C TYR GA 92 47.65 117.51 67.02
N LEU GA 93 47.67 116.64 66.01
CA LEU GA 93 48.91 116.08 65.47
C LEU GA 93 48.98 116.53 64.01
N LEU GA 94 49.85 117.50 63.73
CA LEU GA 94 49.85 118.20 62.46
C LEU GA 94 51.03 117.76 61.62
N ARG GA 95 50.82 117.66 60.30
CA ARG GA 95 51.91 117.50 59.35
C ARG GA 95 52.35 118.89 58.90
N ASP GA 96 53.53 119.33 59.33
CA ASP GA 96 54.02 120.65 59.02
C ASP GA 96 54.74 120.63 57.66
N ARG GA 97 54.74 121.79 57.00
CA ARG GA 97 55.33 121.92 55.68
C ARG GA 97 56.66 122.65 55.67
N ARG GA 98 56.90 123.57 56.60
CA ARG GA 98 58.13 124.35 56.61
C ARG GA 98 58.41 124.82 58.03
N PRO GA 99 59.66 124.95 58.42
CA PRO GA 99 59.97 125.50 59.76
C PRO GA 99 60.30 126.98 59.71
N TYR GA 100 60.30 127.62 60.89
CA TYR GA 100 60.92 128.94 61.07
C TYR GA 100 61.64 128.92 62.41
N GLY GA 101 62.89 128.46 62.40
CA GLY GA 101 63.71 128.40 63.60
C GLY GA 101 63.13 127.51 64.70
N ASN GA 102 62.60 128.16 65.73
CA ASN GA 102 61.90 127.48 66.81
C ASN GA 102 60.47 127.17 66.40
N ALA GA 103 59.64 126.78 67.37
CA ALA GA 103 58.25 126.46 67.08
C ALA GA 103 57.44 127.73 66.86
N PRO GA 104 56.51 127.74 65.90
CA PRO GA 104 55.68 128.93 65.69
C PRO GA 104 54.57 129.06 66.71
N GLN GA 105 53.70 130.06 66.51
CA GLN GA 105 52.57 130.27 67.39
C GLN GA 105 51.53 129.17 67.23
N ASP GA 106 50.58 129.13 68.15
CA ASP GA 106 49.40 128.29 67.99
C ASP GA 106 48.16 129.09 67.65
N PHE GA 107 47.77 130.04 68.52
CA PHE GA 107 46.54 130.79 68.33
C PHE GA 107 46.65 131.75 67.17
N GLY GA 108 47.86 132.21 66.85
CA GLY GA 108 48.09 132.97 65.65
C GLY GA 108 48.36 132.14 64.41
N GLN GA 109 48.34 130.81 64.54
CA GLN GA 109 48.56 129.92 63.40
C GLN GA 109 47.32 129.13 63.03
N ILE GA 110 46.73 128.38 63.97
CA ILE GA 110 45.41 127.83 63.71
C ILE GA 110 44.37 128.93 63.89
N PHE GA 111 43.20 128.71 63.28
CA PHE GA 111 42.37 129.85 62.87
C PHE GA 111 41.58 130.45 64.03
N ASN GA 112 40.70 129.69 64.65
CA ASN GA 112 39.70 130.30 65.53
C ASN GA 112 39.85 129.69 66.92
N MET GA 113 38.92 130.06 67.82
CA MET GA 113 39.04 129.76 69.25
C MET GA 113 38.64 128.30 69.52
N PHE GA 114 39.66 127.45 69.53
CA PHE GA 114 39.79 126.17 70.22
C PHE GA 114 38.95 125.04 69.61
N ASP GA 115 38.09 125.34 68.62
CA ASP GA 115 37.44 124.34 67.79
C ASP GA 115 37.58 124.79 66.35
N ASN GA 116 38.66 124.38 65.71
CA ASN GA 116 39.06 125.04 64.47
C ASN GA 116 39.90 124.11 63.61
N GLU GA 117 40.52 124.72 62.60
CA GLU GA 117 41.41 124.14 61.60
C GLU GA 117 42.54 125.14 61.43
N PRO GA 118 43.61 124.83 60.69
CA PRO GA 118 44.58 125.87 60.34
C PRO GA 118 43.97 126.93 59.43
N SER GA 119 44.60 128.10 59.44
CA SER GA 119 44.09 129.25 58.71
C SER GA 119 44.21 129.05 57.20
N THR GA 120 43.46 129.86 56.46
CA THR GA 120 43.45 129.77 55.00
C THR GA 120 44.77 130.19 54.38
N ALA GA 121 45.53 131.06 55.04
CA ALA GA 121 46.82 131.50 54.53
C ALA GA 121 47.98 130.63 54.99
N THR GA 122 47.69 129.52 55.69
CA THR GA 122 48.74 128.70 56.29
C THR GA 122 48.83 127.31 55.69
N ILE GA 123 47.91 126.93 54.81
CA ILE GA 123 47.90 125.58 54.26
C ILE GA 123 49.03 125.38 53.26
N PHE GA 131 49.18 124.64 57.40
CA PHE GA 131 49.93 123.42 57.63
C PHE GA 131 48.95 122.26 57.64
N GLN GA 132 49.41 121.10 57.18
CA GLN GA 132 48.51 119.95 57.09
C GLN GA 132 48.25 119.36 58.47
N VAL GA 133 47.14 118.65 58.57
CA VAL GA 133 46.68 118.00 59.79
C VAL GA 133 46.77 116.50 59.54
N LEU GA 134 47.04 115.72 60.58
CA LEU GA 134 46.84 114.27 60.44
C LEU GA 134 45.57 113.77 61.12
N ARG GA 135 45.48 113.91 62.45
CA ARG GA 135 44.28 113.50 63.19
C ARG GA 135 44.13 114.33 64.46
N LYS GA 136 43.07 114.03 65.21
CA LYS GA 136 42.74 114.66 66.48
C LYS GA 136 42.51 113.57 67.53
N PHE GA 137 42.36 113.99 68.78
CA PHE GA 137 42.00 113.08 69.87
C PHE GA 137 41.08 113.81 70.86
N HIS GA 138 40.66 113.09 71.88
CA HIS GA 138 39.80 113.64 72.93
C HIS GA 138 40.26 113.14 74.29
N ALA GA 139 40.05 113.99 75.31
CA ALA GA 139 40.31 113.62 76.69
C ALA GA 139 39.46 114.56 77.54
N THR GA 140 38.51 113.99 78.31
CA THR GA 140 37.53 114.76 79.05
C THR GA 140 37.70 114.51 80.54
N VAL GA 141 38.20 115.51 81.26
CA VAL GA 141 38.42 115.39 82.69
C VAL GA 141 37.49 116.37 83.42
N VAL GA 142 36.39 115.85 83.94
CA VAL GA 142 35.37 116.71 84.55
C VAL GA 142 35.28 116.42 86.06
N GLY GA 143 35.95 117.24 86.86
CA GLY GA 143 35.90 117.03 88.30
C GLY GA 143 35.69 118.29 89.12
N GLY GA 144 34.55 118.36 89.82
CA GLY GA 144 34.28 119.52 90.65
C GLY GA 144 34.29 119.21 92.13
N LEU GA 145 33.12 119.13 92.74
CA LEU GA 145 33.00 118.78 94.15
C LEU GA 145 31.88 117.76 94.31
N TYR GA 146 31.86 117.15 95.49
CA TYR GA 146 30.84 116.23 96.02
C TYR GA 146 30.65 114.94 95.23
N CYS GA 147 31.44 114.65 94.19
CA CYS GA 147 31.63 113.24 93.89
C CYS GA 147 33.13 112.88 93.87
N MET GA 148 34.05 113.61 93.18
CA MET GA 148 33.87 114.44 91.97
C MET GA 148 34.16 113.51 90.79
N LYS GA 149 33.20 113.35 89.89
CA LYS GA 149 33.29 112.23 88.95
C LYS GA 149 33.82 112.67 87.59
N GLU GA 150 35.15 112.84 87.55
CA GLU GA 150 36.11 112.32 86.57
C GLU GA 150 37.49 112.85 86.92
N GLN GA 151 38.52 112.12 86.48
CA GLN GA 151 39.93 112.36 86.79
C GLN GA 151 40.80 111.74 85.72
N ALA GA 152 42.05 111.45 86.08
CA ALA GA 152 43.13 110.94 85.24
C ALA GA 152 42.68 109.83 84.29
N LEU GA 153 42.78 110.11 82.99
CA LEU GA 153 42.41 109.15 81.95
C LEU GA 153 43.68 108.66 81.25
N VAL GA 154 43.65 107.41 80.79
CA VAL GA 154 44.80 106.83 80.12
C VAL GA 154 44.50 106.72 78.63
N LYS GA 155 45.43 107.19 77.79
CA LYS GA 155 45.25 107.17 76.34
C LYS GA 155 46.45 106.50 75.69
N ARG GA 156 46.20 105.42 74.95
CA ARG GA 156 47.22 104.79 74.12
C ARG GA 156 46.70 104.74 72.68
N PHE GA 157 47.59 105.01 71.73
CA PHE GA 157 47.20 105.07 70.32
C PHE GA 157 48.38 104.66 69.43
N TYR GA 158 48.20 103.58 68.66
CA TYR GA 158 48.98 103.41 67.45
C TYR GA 158 48.57 104.46 66.42
N ARG GA 159 49.56 105.04 65.72
CA ARG GA 159 49.26 106.07 64.73
C ARG GA 159 50.39 106.07 63.69
N LEU GA 160 50.11 105.48 62.53
CA LEU GA 160 51.10 105.37 61.46
C LEU GA 160 51.25 106.70 60.74
N ASN GA 161 52.48 107.03 60.37
CA ASN GA 161 52.81 108.33 59.77
C ASN GA 161 53.89 108.10 58.71
N HIS GA 162 54.54 109.18 58.28
CA HIS GA 162 55.45 109.12 57.13
C HIS GA 162 56.63 110.07 57.36
N HIS GA 163 57.35 110.38 56.28
CA HIS GA 163 58.75 110.77 56.28
C HIS GA 163 58.97 112.21 56.78
N VAL GA 164 60.19 112.45 57.26
CA VAL GA 164 60.67 113.72 57.82
C VAL GA 164 62.08 113.95 57.29
N THR GA 165 62.42 115.20 56.96
CA THR GA 165 63.76 115.54 56.50
C THR GA 165 64.33 116.62 57.41
N TYR GA 166 65.63 116.52 57.73
CA TYR GA 166 66.38 117.61 58.33
C TYR GA 166 67.20 118.34 57.29
N ASN GA 167 67.40 119.64 57.51
CA ASN GA 167 68.15 120.46 56.56
C ASN GA 167 69.66 120.26 56.74
N HIS GA 168 70.17 120.65 57.90
CA HIS GA 168 71.61 120.63 58.12
C HIS GA 168 72.10 119.23 58.46
N GLN GA 169 73.40 119.04 58.29
CA GLN GA 169 74.06 117.79 58.62
C GLN GA 169 74.68 117.83 60.02
N GLU GA 170 74.15 118.67 60.88
CA GLU GA 170 74.63 118.86 62.23
C GLU GA 170 74.13 117.75 63.14
N ALA GA 171 74.73 117.68 64.34
CA ALA GA 171 74.18 116.90 65.44
C ALA GA 171 73.33 117.80 66.33
N GLY GA 172 72.37 118.48 65.69
CA GLY GA 172 71.65 119.57 66.29
C GLY GA 172 70.22 119.23 66.69
N LYS GA 173 69.59 120.21 67.32
CA LYS GA 173 68.24 120.11 67.84
C LYS GA 173 67.24 120.55 66.76
N TYR GA 174 66.00 120.85 67.18
CA TYR GA 174 64.88 121.17 66.29
C TYR GA 174 65.06 122.40 65.42
N GLU GA 175 66.13 123.19 65.62
CA GLU GA 175 66.24 124.48 64.93
C GLU GA 175 66.59 124.33 63.45
N ASN GA 176 67.24 123.24 63.06
CA ASN GA 176 67.75 123.08 61.70
C ASN GA 176 66.84 122.22 60.82
N HIS GA 177 65.53 122.35 60.97
CA HIS GA 177 64.58 121.56 60.20
C HIS GA 177 64.47 122.07 58.77
N THR GA 178 63.67 121.36 57.99
CA THR GA 178 63.28 121.72 56.62
C THR GA 178 61.87 121.17 56.40
N GLU GA 179 61.50 120.98 55.12
CA GLU GA 179 60.20 120.44 54.72
C GLU GA 179 59.85 119.14 55.43
N ASN GA 180 58.54 118.94 55.62
CA ASN GA 180 57.93 117.76 56.25
C ASN GA 180 58.40 117.58 57.69
N ALA GA 181 58.05 118.57 58.51
CA ALA GA 181 58.11 118.42 59.96
C ALA GA 181 56.75 117.93 60.46
N LEU GA 182 56.72 117.53 61.74
CA LEU GA 182 55.47 117.15 62.39
C LEU GA 182 55.64 117.33 63.89
N LEU GA 183 54.57 117.80 64.54
CA LEU GA 183 54.65 118.17 65.94
C LEU GA 183 53.23 118.14 66.52
N LEU GA 184 53.13 118.47 67.80
CA LEU GA 184 51.87 118.40 68.53
C LEU GA 184 51.44 119.76 69.06
N TYR GA 185 50.13 119.93 69.17
CA TYR GA 185 49.54 121.02 69.94
C TYR GA 185 48.47 120.42 70.85
N MET GA 186 48.42 120.92 72.08
CA MET GA 186 47.40 120.54 73.04
C MET GA 186 46.59 121.77 73.40
N ALA GA 187 45.29 121.60 73.56
CA ALA GA 187 44.38 122.72 73.73
C ALA GA 187 43.43 122.47 74.90
N CYS GA 188 43.31 123.47 75.76
CA CYS GA 188 42.29 123.50 76.80
C CYS GA 188 41.15 124.40 76.36
N THR GA 189 39.96 124.16 76.91
CA THR GA 189 38.75 124.85 76.46
C THR GA 189 38.13 125.74 77.54
N HIS GA 190 38.86 126.04 78.62
CA HIS GA 190 38.33 126.89 79.68
C HIS GA 190 39.45 127.76 80.24
N ALA GA 191 39.05 128.86 80.86
CA ALA GA 191 40.00 129.88 81.32
C ALA GA 191 40.87 129.41 82.47
N SER GA 192 40.38 128.46 83.28
CA SER GA 192 41.23 127.83 84.27
C SER GA 192 42.23 126.91 83.60
N ASN GA 193 43.26 126.55 84.35
CA ASN GA 193 44.23 125.59 83.82
C ASN GA 193 44.34 124.37 84.73
N PRO GA 194 43.40 123.42 84.68
CA PRO GA 194 43.52 122.24 85.55
C PRO GA 194 44.40 121.16 84.97
N VAL GA 195 44.65 121.18 83.66
CA VAL GA 195 45.17 120.03 82.94
C VAL GA 195 46.66 119.88 83.22
N TYR GA 196 47.03 118.80 83.90
CA TYR GA 196 48.42 118.38 84.04
C TYR GA 196 48.61 117.10 83.24
N ALA GA 197 48.92 117.28 81.96
CA ALA GA 197 49.00 116.18 81.01
C ALA GA 197 50.46 115.80 80.77
N THR GA 198 50.82 114.59 81.19
CA THR GA 198 52.16 114.06 80.97
C THR GA 198 52.05 112.88 80.01
N LEU GA 199 52.82 112.94 78.93
CA LEU GA 199 52.67 112.02 77.82
C LEU GA 199 54.00 111.38 77.46
N LYS GA 200 53.96 110.08 77.22
CA LYS GA 200 55.10 109.33 76.72
C LYS GA 200 54.89 109.05 75.24
N ILE GA 201 55.79 109.56 74.41
CA ILE GA 201 55.60 109.60 72.97
C ILE GA 201 56.74 108.81 72.33
N ARG GA 202 56.47 107.56 71.97
CA ARG GA 202 57.44 106.74 71.25
C ARG GA 202 57.35 107.00 69.75
N ILE GA 203 58.48 107.30 69.13
CA ILE GA 203 58.64 107.23 67.69
C ILE GA 203 59.70 106.18 67.40
N TYR GA 204 59.30 105.10 66.72
CA TYR GA 204 60.26 104.15 66.20
C TYR GA 204 60.17 104.12 64.68
N PHE GA 205 61.32 104.12 64.03
CA PHE GA 205 61.41 104.38 62.60
C PHE GA 205 62.61 103.67 61.98
N PRO HA 16 8.59 99.69 44.47
CA PRO HA 16 9.85 99.11 44.98
C PRO HA 16 9.88 98.99 46.50
N ASP HA 17 8.80 99.42 47.17
CA ASP HA 17 8.75 99.45 48.63
C ASP HA 17 7.63 98.58 49.18
N ILE HA 18 6.44 98.63 48.57
CA ILE HA 18 5.23 98.06 49.15
C ILE HA 18 4.84 96.75 48.47
N PRO HA 19 4.28 95.79 49.22
CA PRO HA 19 3.82 94.54 48.60
C PRO HA 19 2.34 94.48 48.27
N ARG HA 20 1.56 95.54 48.52
CA ARG HA 20 0.10 95.44 48.46
C ARG HA 20 -0.51 96.21 47.29
N GLY HA 21 -0.28 97.52 47.21
CA GLY HA 21 -0.93 98.34 46.22
C GLY HA 21 -0.23 99.67 46.01
N CYS HA 22 -0.38 100.22 44.80
CA CYS HA 22 0.41 101.35 44.33
C CYS HA 22 -0.07 102.69 44.86
N GLU HA 23 -0.86 102.71 45.93
CA GLU HA 23 -1.18 103.94 46.63
C GLU HA 23 0.08 104.53 47.26
N GLY HA 24 0.03 105.83 47.52
CA GLY HA 24 1.09 106.49 48.26
C GLY HA 24 1.14 106.01 49.68
N PRO HA 25 2.36 105.82 50.22
CA PRO HA 25 2.48 105.37 51.61
C PRO HA 25 2.09 106.47 52.59
N CYS HA 26 0.77 106.62 52.79
CA CYS HA 26 0.23 107.76 53.50
C CYS HA 26 0.47 107.64 55.00
N LYS HA 27 0.84 108.75 55.62
CA LYS HA 27 1.14 108.78 57.05
C LYS HA 27 -0.13 109.06 57.84
N VAL HA 28 -0.35 108.26 58.88
CA VAL HA 28 -1.38 108.53 59.88
C VAL HA 28 -0.68 108.48 61.23
N GLN HA 29 -0.47 109.64 61.83
CA GLN HA 29 0.36 109.75 63.03
C GLN HA 29 -0.53 109.88 64.26
N SER HA 30 -0.28 109.00 65.22
CA SER HA 30 -0.98 109.01 66.50
C SER HA 30 -0.05 109.67 67.52
N PHE HA 31 -0.03 111.00 67.49
CA PHE HA 31 0.69 111.72 68.53
C PHE HA 31 -0.06 111.62 69.85
N GLU HA 32 0.71 111.46 70.93
CA GLU HA 32 0.16 111.57 72.26
C GLU HA 32 0.93 112.63 73.04
N GLN HA 33 0.20 113.34 73.91
CA GLN HA 33 0.80 114.15 74.96
C GLN HA 33 0.15 113.60 76.23
N ARG HA 34 0.71 112.51 76.73
CA ARG HA 34 0.06 111.71 77.76
C ARG HA 34 1.06 111.27 78.82
N ASP HA 35 0.63 110.36 79.67
CA ASP HA 35 1.50 109.70 80.64
C ASP HA 35 0.96 108.28 80.82
N ASP HA 36 1.39 107.63 81.89
CA ASP HA 36 0.86 106.31 82.21
C ASP HA 36 0.69 106.21 83.73
N VAL HA 37 0.34 105.01 84.17
CA VAL HA 37 0.39 104.66 85.59
C VAL HA 37 1.35 103.49 85.68
N LYS HA 38 1.49 102.90 86.87
CA LYS HA 38 2.35 101.73 87.00
C LYS HA 38 1.81 100.54 86.21
N HIS HA 39 0.49 100.35 86.22
CA HIS HA 39 -0.10 99.16 85.63
C HIS HA 39 -0.14 99.24 84.11
N LEU HA 40 -0.63 100.36 83.57
CA LEU HA 40 -0.95 100.36 82.16
C LEU HA 40 -0.83 101.75 81.55
N GLY HA 41 -0.28 101.80 80.35
CA GLY HA 41 -0.53 102.90 79.44
C GLY HA 41 -1.02 102.30 78.13
N ILE HA 42 -2.30 102.52 77.81
CA ILE HA 42 -2.92 101.81 76.70
C ILE HA 42 -3.06 102.74 75.51
N CYS HA 43 -2.67 102.25 74.34
CA CYS HA 43 -2.71 103.04 73.11
C CYS HA 43 -3.04 102.10 71.95
N LYS HA 44 -4.30 102.08 71.53
CA LYS HA 44 -4.60 101.54 70.20
C LYS HA 44 -4.11 102.52 69.16
N VAL HA 45 -3.11 102.10 68.39
CA VAL HA 45 -2.42 103.02 67.50
C VAL HA 45 -3.19 103.19 66.20
N ILE HA 46 -4.09 102.27 65.90
CA ILE HA 46 -4.82 102.26 64.64
C ILE HA 46 -6.22 102.86 64.83
N SER HA 47 -6.39 103.69 65.86
CA SER HA 47 -7.72 104.05 66.35
C SER HA 47 -8.42 105.05 65.43
N ASP HA 48 -7.81 106.21 65.21
CA ASP HA 48 -8.45 107.32 64.53
C ASP HA 48 -8.42 107.22 63.00
N VAL HA 49 -8.22 106.02 62.44
CA VAL HA 49 -8.11 105.86 60.99
C VAL HA 49 -9.51 105.60 60.45
N THR HA 50 -10.15 106.63 59.92
CA THR HA 50 -11.50 106.55 59.37
C THR HA 50 -11.44 106.63 57.84
N ARG HA 51 -12.56 106.31 57.19
CA ARG HA 51 -12.63 106.42 55.74
C ARG HA 51 -12.74 107.88 55.33
N GLY HA 52 -11.89 108.29 54.38
CA GLY HA 52 -11.90 109.64 53.88
C GLY HA 52 -10.91 109.81 52.73
N PRO HA 53 -11.02 110.92 52.01
CA PRO HA 53 -10.12 111.15 50.87
C PRO HA 53 -8.72 111.60 51.27
N GLY HA 54 -8.55 112.15 52.47
CA GLY HA 54 -7.25 112.65 52.88
C GLY HA 54 -6.25 111.55 53.19
N LEU HA 55 -5.00 111.97 53.34
CA LEU HA 55 -3.92 111.03 53.64
C LEU HA 55 -3.86 110.64 55.11
N THR HA 56 -4.63 111.30 55.98
CA THR HA 56 -4.84 110.86 57.35
C THR HA 56 -6.03 109.92 57.47
N HIS HA 57 -6.37 109.21 56.40
CA HIS HA 57 -7.57 108.41 56.31
C HIS HA 57 -7.24 107.10 55.61
N ARG HA 58 -8.27 106.37 55.20
CA ARG HA 58 -8.10 105.04 54.65
C ARG HA 58 -9.06 104.82 53.49
N VAL HA 59 -8.71 103.87 52.63
CA VAL HA 59 -9.56 103.44 51.52
C VAL HA 59 -9.90 101.98 51.74
N GLY HA 60 -11.16 101.70 52.03
CA GLY HA 60 -11.60 100.34 52.29
C GLY HA 60 -11.41 99.92 53.73
N LYS HA 61 -11.04 98.65 53.93
CA LYS HA 61 -10.87 98.12 55.28
C LYS HA 61 -9.66 97.19 55.37
N ARG HA 62 -8.70 97.33 54.47
CA ARG HA 62 -7.51 96.48 54.42
C ARG HA 62 -6.26 97.34 54.54
N PHE HA 63 -5.41 97.00 55.49
CA PHE HA 63 -4.13 97.68 55.71
C PHE HA 63 -2.99 96.72 55.49
N CYS HA 64 -1.83 97.27 55.16
CA CYS HA 64 -0.53 96.60 55.29
C CYS HA 64 0.41 97.65 55.84
N ILE HA 65 0.55 97.69 57.17
CA ILE HA 65 1.43 98.67 57.83
C ILE HA 65 2.88 98.36 57.45
N LYS HA 66 3.51 99.28 56.75
CA LYS HA 66 4.90 99.10 56.36
C LYS HA 66 5.83 99.21 57.56
N SER HA 67 5.73 100.31 58.30
CA SER HA 67 6.58 100.47 59.47
C SER HA 67 5.92 101.40 60.47
N ILE HA 68 6.16 101.13 61.75
CA ILE HA 68 5.83 102.03 62.84
C ILE HA 68 7.12 102.76 63.23
N TYR HA 69 7.07 104.09 63.20
CA TYR HA 69 8.21 104.94 63.52
C TYR HA 69 7.91 105.65 64.83
N ILE HA 70 8.54 105.20 65.91
CA ILE HA 70 8.24 105.69 67.26
C ILE HA 70 9.25 106.76 67.62
N LEU HA 71 8.80 108.00 67.66
CA LEU HA 71 9.51 109.07 68.35
C LEU HA 71 8.98 109.18 69.77
N GLY HA 72 9.72 109.89 70.61
CA GLY HA 72 9.24 110.10 71.96
C GLY HA 72 10.29 110.57 72.95
N LYS HA 73 9.88 111.48 73.83
CA LYS HA 73 10.71 111.93 74.94
C LYS HA 73 10.03 111.54 76.24
N ILE HA 74 10.77 110.84 77.09
CA ILE HA 74 10.23 110.25 78.31
C ILE HA 74 10.92 110.91 79.48
N TRP HA 75 10.20 111.76 80.20
CA TRP HA 75 10.81 112.54 81.28
C TRP HA 75 10.07 112.34 82.58
N LEU HA 76 10.62 112.97 83.62
CA LEU HA 76 9.97 113.18 84.90
C LEU HA 76 10.22 114.59 85.43
N ASP HA 77 10.46 115.56 84.53
CA ASP HA 77 11.04 116.84 84.91
C ASP HA 77 9.99 117.83 85.43
N GLU HA 78 8.85 117.33 85.89
CA GLU HA 78 7.97 118.08 86.76
C GLU HA 78 8.70 118.37 88.08
N THR HA 79 8.31 119.42 88.78
CA THR HA 79 8.99 119.84 90.00
C THR HA 79 8.81 118.88 91.18
N ILE HA 80 7.99 117.84 91.00
CA ILE HA 80 7.75 116.82 92.01
C ILE HA 80 8.32 115.54 91.40
N LYS HA 81 8.19 114.41 92.09
CA LYS HA 81 8.67 113.08 91.68
C LYS HA 81 10.19 113.02 91.60
N LYS HA 82 10.86 113.76 92.48
CA LYS HA 82 12.26 113.49 92.78
C LYS HA 82 12.44 112.48 93.90
N GLN HA 83 11.51 112.38 94.83
CA GLN HA 83 11.47 111.26 95.77
C GLN HA 83 10.75 110.08 95.12
N ASN HA 84 10.90 108.90 95.75
CA ASN HA 84 10.40 107.61 95.29
C ASN HA 84 10.89 107.31 93.88
N HIS HA 85 12.17 107.60 93.65
CA HIS HA 85 12.73 107.74 92.32
C HIS HA 85 13.34 106.45 91.77
N THR HA 86 14.10 106.59 90.68
CA THR HA 86 14.75 105.52 89.90
C THR HA 86 13.78 104.51 89.33
N ASN HA 87 12.93 104.93 88.40
CA ASN HA 87 12.03 104.04 87.68
C ASN HA 87 12.48 103.94 86.23
N ASN HA 88 12.08 102.86 85.56
CA ASN HA 88 12.38 102.68 84.15
C ASN HA 88 11.12 102.25 83.39
N VAL HA 89 11.16 102.41 82.07
CA VAL HA 89 10.00 102.19 81.20
C VAL HA 89 10.31 101.03 80.27
N ILE HA 90 9.44 100.04 80.25
CA ILE HA 90 9.53 98.93 79.32
C ILE HA 90 8.38 99.08 78.33
N PHE HA 91 8.70 99.13 77.03
CA PHE HA 91 7.66 99.24 76.03
C PHE HA 91 7.25 97.86 75.51
N TYR HA 92 6.01 97.77 75.05
CA TYR HA 92 5.45 96.53 74.54
C TYR HA 92 4.67 96.84 73.27
N LEU HA 93 5.07 96.23 72.16
CA LEU HA 93 4.39 96.41 70.88
C LEU HA 93 3.88 95.04 70.47
N LEU HA 94 2.58 94.81 70.60
CA LEU HA 94 2.00 93.49 70.50
C LEU HA 94 1.25 93.33 69.19
N ARG HA 95 1.33 92.14 68.60
CA ARG HA 95 0.47 91.78 67.48
C ARG HA 95 -0.78 91.10 68.04
N ASP HA 96 -1.92 91.80 67.98
CA ASP HA 96 -3.17 91.30 68.53
C ASP HA 96 -3.86 90.40 67.51
N ARG HA 97 -4.65 89.46 68.03
CA ARG HA 97 -5.34 88.49 67.21
C ARG HA 97 -6.84 88.75 67.06
N ARG HA 98 -7.51 89.38 68.03
CA ARG HA 98 -8.95 89.62 67.99
C ARG HA 98 -9.27 90.81 68.87
N PRO HA 99 -10.29 91.60 68.51
CA PRO HA 99 -10.71 92.70 69.39
C PRO HA 99 -11.89 92.33 70.28
N TYR HA 100 -12.16 93.14 71.30
CA TYR HA 100 -13.42 93.12 72.03
C TYR HA 100 -13.81 94.58 72.29
N GLY HA 101 -14.50 95.19 71.33
CA GLY HA 101 -14.95 96.57 71.45
C GLY HA 101 -13.83 97.58 71.63
N ASN HA 102 -13.69 98.07 72.86
CA ASN HA 102 -12.59 98.95 73.23
C ASN HA 102 -11.33 98.14 73.53
N ALA HA 103 -10.34 98.79 74.14
CA ALA HA 103 -9.09 98.11 74.46
C ALA HA 103 -9.28 97.21 75.68
N PRO HA 104 -8.67 96.03 75.68
CA PRO HA 104 -8.80 95.15 76.85
C PRO HA 104 -7.89 95.57 78.00
N GLN HA 105 -7.86 94.76 79.05
CA GLN HA 105 -7.01 95.03 80.20
C GLN HA 105 -5.54 94.84 79.84
N ASP HA 106 -4.66 95.28 80.74
CA ASP HA 106 -3.24 94.96 80.65
C ASP HA 106 -2.82 93.94 81.69
N PHE HA 107 -3.00 94.25 82.97
CA PHE HA 107 -2.53 93.38 84.03
C PHE HA 107 -3.35 92.10 84.12
N GLY HA 108 -4.60 92.15 83.70
CA GLY HA 108 -5.41 90.96 83.55
C GLY HA 108 -5.24 90.24 82.23
N GLN HA 109 -4.39 90.75 81.34
CA GLN HA 109 -4.15 90.13 80.04
C GLN HA 109 -2.74 89.59 79.92
N ILE HA 110 -1.71 90.42 80.12
CA ILE HA 110 -0.37 89.86 80.26
C ILE HA 110 -0.22 89.27 81.66
N PHE HA 111 0.78 88.40 81.81
CA PHE HA 111 0.68 87.38 82.85
C PHE HA 111 1.05 87.89 84.23
N ASN HA 112 2.28 88.34 84.43
CA ASN HA 112 2.79 88.53 85.79
C ASN HA 112 3.20 89.99 85.95
N MET HA 113 3.80 90.30 87.10
CA MET HA 113 4.06 91.68 87.50
C MET HA 113 5.30 92.23 86.78
N PHE HA 114 5.03 92.90 85.66
CA PHE HA 114 5.81 93.95 85.00
C PHE HA 114 7.09 93.44 84.32
N ASP HA 115 7.46 92.18 84.48
CA ASP HA 115 8.49 91.51 83.71
C ASP HA 115 7.93 90.17 83.28
N ASN HA 116 7.27 90.15 82.12
CA ASN HA 116 6.41 89.02 81.80
C ASN HA 116 6.23 88.88 80.29
N GLU HA 117 5.26 88.04 79.95
CA GLU HA 117 4.81 87.68 78.62
C GLU HA 117 3.28 87.65 78.68
N PRO HA 118 2.56 87.51 77.56
CA PRO HA 118 1.12 87.25 77.67
C PRO HA 118 0.83 85.89 78.31
N SER HA 119 -0.38 85.76 78.84
CA SER HA 119 -0.77 84.58 79.58
C SER HA 119 -0.91 83.38 78.65
N THR HA 120 -0.93 82.18 79.26
CA THR HA 120 -1.02 80.95 78.50
C THR HA 120 -2.39 80.76 77.85
N ALA HA 121 -3.44 81.36 78.41
CA ALA HA 121 -4.77 81.27 77.84
C ALA HA 121 -5.07 82.38 76.84
N THR HA 122 -4.10 83.23 76.52
CA THR HA 122 -4.33 84.39 75.69
C THR HA 122 -3.62 84.36 74.35
N ILE HA 123 -2.77 83.35 74.11
CA ILE HA 123 -1.99 83.29 72.89
C ILE HA 123 -2.86 82.92 71.70
N PHE HA 131 -2.05 86.81 73.09
CA PHE HA 131 -1.85 87.68 71.93
C PHE HA 131 -0.37 87.67 71.58
N GLN HA 132 -0.05 87.81 70.30
CA GLN HA 132 1.34 87.75 69.87
C GLN HA 132 2.06 89.04 70.23
N VAL HA 133 3.38 88.93 70.33
CA VAL HA 133 4.28 90.02 70.67
C VAL HA 133 5.10 90.30 69.42
N LEU HA 134 5.51 91.55 69.22
CA LEU HA 134 6.53 91.81 68.21
C LEU HA 134 7.90 92.09 68.82
N ARG HA 135 8.05 93.16 69.60
CA ARG HA 135 9.32 93.48 70.25
C ARG HA 135 9.07 94.28 71.53
N LYS HA 136 10.17 94.62 72.20
CA LYS HA 136 10.18 95.40 73.42
C LYS HA 136 11.16 96.56 73.25
N PHE HA 137 11.16 97.48 74.24
CA PHE HA 137 12.13 98.57 74.27
C PHE HA 137 12.51 98.85 75.72
N HIS HA 138 13.41 99.82 75.91
CA HIS HA 138 13.85 100.23 77.25
C HIS HA 138 13.96 101.75 77.30
N ALA HA 139 13.72 102.28 78.49
CA ALA HA 139 13.90 103.70 78.77
C ALA HA 139 14.09 103.84 80.28
N THR HA 140 15.26 104.31 80.70
CA THR HA 140 15.63 104.34 82.11
C THR HA 140 15.83 105.79 82.56
N VAL HA 141 14.90 106.30 83.36
CA VAL HA 141 14.98 107.67 83.86
C VAL HA 141 15.18 107.63 85.38
N VAL HA 142 16.42 107.84 85.81
CA VAL HA 142 16.75 107.72 87.22
C VAL HA 142 17.18 109.08 87.77
N GLY HA 143 16.24 109.79 88.42
CA GLY HA 143 16.58 111.08 88.98
C GLY HA 143 16.06 111.32 90.38
N GLY HA 144 16.98 111.49 91.34
CA GLY HA 144 16.57 111.74 92.71
C GLY HA 144 16.93 113.13 93.17
N LEU HA 145 17.97 113.24 94.01
CA LEU HA 145 18.44 114.53 94.49
C LEU HA 145 19.95 114.58 94.39
N TYR HA 146 20.49 115.79 94.51
CA TYR HA 146 21.90 116.14 94.61
C TYR HA 146 22.76 115.79 93.40
N CYS HA 147 22.20 115.28 92.31
CA CYS HA 147 22.89 115.53 91.04
C CYS HA 147 21.94 116.18 90.02
N MET HA 148 20.71 115.70 89.77
CA MET HA 148 20.18 114.33 89.88
C MET HA 148 20.39 113.70 88.49
N LYS HA 149 21.14 112.60 88.43
CA LYS HA 149 21.65 112.17 87.14
C LYS HA 149 20.81 111.04 86.52
N GLU HA 150 19.66 111.45 85.97
CA GLU HA 150 19.12 111.13 84.65
C GLU HA 150 17.75 111.79 84.50
N GLN HA 151 17.36 112.03 83.25
CA GLN HA 151 16.16 112.75 82.87
C GLN HA 151 15.74 112.34 81.47
N ALA HA 152 14.99 113.22 80.81
CA ALA HA 152 14.36 113.06 79.49
C ALA HA 152 15.28 112.40 78.47
N LEU HA 153 14.88 111.23 77.99
CA LEU HA 153 15.64 110.48 77.00
C LEU HA 153 14.88 110.51 75.67
N VAL HA 154 15.62 110.49 74.57
CA VAL HA 154 14.99 110.51 73.26
C VAL HA 154 15.13 109.14 72.61
N LYS HA 155 14.02 108.61 72.08
CA LYS HA 155 14.00 107.29 71.47
C LYS HA 155 13.41 107.39 70.08
N ARG HA 156 14.18 106.99 69.06
CA ARG HA 156 13.68 106.84 67.70
C ARG HA 156 13.95 105.41 67.24
N PHE HA 157 12.98 104.83 66.52
CA PHE HA 157 13.08 103.44 66.09
C PHE HA 157 12.32 103.24 64.79
N TYR HA 158 13.03 102.84 63.74
CA TYR HA 158 12.38 102.13 62.64
C TYR HA 158 11.94 100.75 63.12
N ARG HA 159 10.73 100.33 62.70
CA ARG HA 159 10.21 99.04 63.12
C ARG HA 159 9.22 98.56 62.06
N LEU HA 160 9.67 97.62 61.22
CA LEU HA 160 8.83 97.10 60.15
C LEU HA 160 7.81 96.11 60.68
N ASN HA 161 6.61 96.15 60.12
CA ASN HA 161 5.48 95.35 60.60
C ASN HA 161 4.65 94.90 59.40
N HIS HA 162 3.42 94.44 59.64
CA HIS HA 162 2.62 93.81 58.60
C HIS HA 162 1.14 94.15 58.80
N HIS HA 163 0.27 93.38 58.15
CA HIS HA 163 -1.06 93.80 57.73
C HIS HA 163 -2.06 93.86 58.89
N VAL HA 164 -3.09 94.67 58.69
CA VAL HA 164 -4.19 94.93 59.63
C VAL HA 164 -5.49 94.94 58.84
N THR HA 165 -6.58 94.41 59.40
CA THR HA 165 -7.88 94.42 58.76
C THR HA 165 -8.89 95.10 59.69
N TYR HA 166 -9.79 95.90 59.12
CA TYR HA 166 -10.98 96.37 59.82
C TYR HA 166 -12.19 95.55 59.43
N ASN HA 167 -13.13 95.41 60.37
CA ASN HA 167 -14.33 94.61 60.14
C ASN HA 167 -15.35 95.40 59.32
N HIS HA 168 -15.86 96.50 59.90
CA HIS HA 168 -16.94 97.23 59.27
C HIS HA 168 -16.41 98.16 58.19
N GLN HA 169 -17.32 98.57 57.31
CA GLN HA 169 -17.03 99.50 56.23
C GLN HA 169 -17.36 100.93 56.62
N GLU HA 170 -17.36 101.22 57.92
CA GLU HA 170 -17.69 102.52 58.45
C GLU HA 170 -16.52 103.47 58.34
N ALA HA 171 -16.79 104.76 58.55
CA ALA HA 171 -15.75 105.75 58.79
C ALA HA 171 -15.55 105.92 60.30
N GLY HA 172 -15.28 104.79 60.96
CA GLY HA 172 -15.34 104.69 62.40
C GLY HA 172 -13.97 104.59 63.06
N LYS HA 173 -14.02 104.60 64.38
CA LYS HA 173 -12.83 104.57 65.24
C LYS HA 173 -12.46 103.11 65.54
N TYR HA 174 -11.64 102.90 66.57
CA TYR HA 174 -11.06 101.61 66.95
C TYR HA 174 -12.08 100.54 67.33
N GLU HA 175 -13.36 100.87 67.45
CA GLU HA 175 -14.34 99.92 68.00
C GLU HA 175 -14.68 98.80 67.01
N ASN HA 176 -14.56 99.06 65.71
CA ASN HA 176 -15.02 98.11 64.69
C ASN HA 176 -13.90 97.27 64.10
N HIS HA 177 -12.93 96.87 64.93
CA HIS HA 177 -11.80 96.08 64.46
C HIS HA 177 -12.20 94.62 64.20
N THR HA 178 -11.23 93.86 63.71
CA THR HA 178 -11.31 92.42 63.51
C THR HA 178 -9.92 91.85 63.71
N GLU HA 179 -9.66 90.66 63.15
CA GLU HA 179 -8.36 89.99 63.22
C GLU HA 179 -7.20 90.89 62.80
N ASN HA 180 -6.03 90.61 63.40
CA ASN HA 180 -4.75 91.28 63.16
C ASN HA 180 -4.83 92.78 63.48
N ALA HA 181 -5.07 93.04 64.77
CA ALA HA 181 -4.86 94.36 65.32
C ALA HA 181 -3.44 94.44 65.90
N LEU HA 182 -3.02 95.66 66.23
CA LEU HA 182 -1.74 95.88 66.89
C LEU HA 182 -1.80 97.19 67.65
N LEU HA 183 -1.20 97.20 68.83
CA LEU HA 183 -1.31 98.34 69.74
C LEU HA 183 -0.12 98.32 70.70
N LEU HA 184 -0.10 99.29 71.60
CA LEU HA 184 1.02 99.48 72.53
C LEU HA 184 0.56 99.35 73.98
N TYR HA 185 1.49 98.89 74.81
CA TYR HA 185 1.37 99.00 76.25
C TYR HA 185 2.67 99.57 76.80
N MET HA 186 2.55 100.48 77.77
CA MET HA 186 3.69 101.05 78.46
C MET HA 186 3.60 100.67 79.94
N ALA HA 187 4.75 100.36 80.53
CA ALA HA 187 4.77 99.81 81.88
C ALA HA 187 5.80 100.55 82.74
N CYS HA 188 5.38 100.95 83.94
CA CYS HA 188 6.27 101.45 84.96
C CYS HA 188 6.55 100.35 85.97
N THR HA 189 7.69 100.47 86.65
CA THR HA 189 8.16 99.41 87.55
C THR HA 189 8.21 99.82 89.02
N HIS HA 190 7.59 100.94 89.38
CA HIS HA 190 7.60 101.40 90.77
C HIS HA 190 6.26 102.05 91.10
N ALA HA 191 5.96 102.09 92.39
CA ALA HA 191 4.64 102.53 92.87
C ALA HA 191 4.40 104.01 92.64
N SER HA 192 5.45 104.83 92.59
CA SER HA 192 5.29 106.21 92.19
C SER HA 192 5.01 106.30 90.69
N ASN HA 193 4.52 107.46 90.26
CA ASN HA 193 4.29 107.65 88.84
C ASN HA 193 5.06 108.87 88.34
N PRO HA 194 6.37 108.77 88.11
CA PRO HA 194 7.11 109.94 87.61
C PRO HA 194 7.03 110.10 86.10
N VAL HA 195 6.68 109.06 85.37
CA VAL HA 195 6.89 108.99 83.94
C VAL HA 195 5.85 109.84 83.22
N TYR HA 196 6.32 110.91 82.57
CA TYR HA 196 5.51 111.69 81.64
C TYR HA 196 6.06 111.46 80.24
N ALA HA 197 5.56 110.40 79.60
CA ALA HA 197 6.06 109.95 78.31
C ALA HA 197 5.13 110.42 77.20
N THR HA 198 5.65 111.30 76.34
CA THR HA 198 4.92 111.78 75.18
C THR HA 198 5.61 111.26 73.93
N LEU HA 199 4.85 110.60 73.07
CA LEU HA 199 5.41 109.86 71.96
C LEU HA 199 4.72 110.26 70.66
N LYS HA 200 5.53 110.45 69.62
CA LYS HA 200 5.05 110.66 68.27
C LYS HA 200 5.22 109.38 67.47
N ILE HA 201 4.10 108.84 66.98
CA ILE HA 201 4.06 107.50 66.42
C ILE HA 201 3.59 107.62 64.97
N ARG HA 202 4.53 107.59 64.03
CA ARG HA 202 4.18 107.59 62.62
C ARG HA 202 3.93 106.18 62.13
N ILE HA 203 2.79 105.98 61.48
CA ILE HA 203 2.54 104.79 60.66
C ILE HA 203 2.33 105.27 59.24
N TYR HA 204 3.22 104.87 58.34
CA TYR HA 204 3.00 105.08 56.92
C TYR HA 204 2.93 103.73 56.23
N PHE HA 205 1.96 103.60 55.33
CA PHE HA 205 1.56 102.31 54.79
C PHE HA 205 0.97 102.45 53.39
N PRO IA 16 98.29 71.53 26.65
CA PRO IA 16 97.40 70.81 27.56
C PRO IA 16 97.73 71.04 29.03
N ASP IA 17 98.75 71.85 29.32
CA ASP IA 17 99.22 72.08 30.67
C ASP IA 17 99.15 73.54 31.08
N ILE IA 18 99.52 74.46 30.19
CA ILE IA 18 99.73 75.87 30.53
C ILE IA 18 98.59 76.75 30.04
N PRO IA 19 98.23 77.80 30.78
CA PRO IA 19 97.17 78.72 30.33
C PRO IA 19 97.68 79.98 29.65
N ARG IA 20 98.99 80.17 29.48
CA ARG IA 20 99.52 81.47 29.06
C ARG IA 20 100.10 81.46 27.66
N GLY IA 21 101.09 80.61 27.38
CA GLY IA 21 101.80 80.65 26.12
C GLY IA 21 102.56 79.37 25.85
N CYS IA 22 102.74 79.06 24.57
CA CYS IA 22 103.23 77.77 24.10
C CYS IA 22 104.74 77.61 24.22
N GLU IA 23 105.40 78.43 25.02
CA GLU IA 23 106.80 78.20 25.38
C GLU IA 23 106.94 76.91 26.18
N GLY IA 24 108.14 76.35 26.17
CA GLY IA 24 108.46 75.22 27.00
C GLY IA 24 108.43 75.60 28.46
N PRO IA 25 107.90 74.72 29.32
CA PRO IA 25 107.87 75.01 30.76
C PRO IA 25 109.26 74.96 31.37
N CYS IA 26 110.01 76.04 31.19
CA CYS IA 26 111.43 76.05 31.51
C CYS IA 26 111.66 76.11 33.02
N LYS IA 27 112.63 75.34 33.49
CA LYS IA 27 112.94 75.25 34.90
C LYS IA 27 113.96 76.33 35.27
N VAL IA 28 113.68 77.04 36.36
CA VAL IA 28 114.64 77.93 37.00
C VAL IA 28 114.69 77.54 38.46
N GLN IA 29 115.76 76.86 38.86
CA GLN IA 29 115.85 76.27 40.18
C GLN IA 29 116.69 77.13 41.11
N SER IA 30 116.13 77.47 42.26
CA SER IA 30 116.82 78.25 43.27
C SER IA 30 117.27 77.27 44.34
N PHE IA 31 118.38 76.58 44.09
CA PHE IA 31 118.97 75.75 45.11
C PHE IA 31 119.60 76.64 46.19
N GLU IA 32 119.46 76.21 47.43
CA GLU IA 32 120.19 76.81 48.53
C GLU IA 32 120.96 75.73 49.27
N GLN IA 33 122.15 76.12 49.75
CA GLN IA 33 122.88 75.36 50.76
C GLN IA 33 123.08 76.36 51.89
N ARG IA 34 122.04 76.50 52.71
CA ARG IA 34 121.96 77.60 53.68
C ARG IA 34 121.47 77.09 55.02
N ASP IA 35 121.12 78.04 55.89
CA ASP IA 35 120.47 77.77 57.15
C ASP IA 35 119.56 78.95 57.46
N ASP IA 36 119.14 79.06 58.71
CA ASP IA 36 118.36 80.22 59.12
C ASP IA 36 118.79 80.62 60.53
N VAL IA 37 118.06 81.58 61.09
CA VAL IA 37 118.16 81.91 62.50
C VAL IA 37 116.75 81.68 63.07
N LYS IA 38 116.55 82.01 64.35
CA LYS IA 38 115.21 81.89 64.92
C LYS IA 38 114.22 82.83 64.25
N HIS IA 39 114.65 84.05 63.95
CA HIS IA 39 113.72 85.06 63.46
C HIS IA 39 113.37 84.86 62.00
N LEU IA 40 114.37 84.63 61.15
CA LEU IA 40 114.09 84.71 59.72
C LEU IA 40 115.05 83.83 58.93
N GLY IA 41 114.48 83.17 57.92
CA GLY IA 41 115.26 82.72 56.78
C GLY IA 41 114.59 83.25 55.54
N ILE IA 42 115.24 84.18 54.84
CA ILE IA 42 114.59 84.92 53.77
C ILE IA 42 115.10 84.41 52.42
N CYS IA 43 114.15 84.16 51.52
CA CYS IA 43 114.48 83.62 50.20
C CYS IA 43 113.49 84.20 49.19
N LYS IA 44 113.90 85.24 48.46
CA LYS IA 44 113.19 85.58 47.23
C LYS IA 44 113.50 84.53 46.19
N VAL IA 45 112.47 83.79 45.80
CA VAL IA 45 112.68 82.62 44.98
C VAL IA 45 112.78 83.01 43.50
N ILE IA 46 112.31 84.20 43.16
CA ILE IA 46 112.25 84.66 41.78
C ILE IA 46 113.43 85.59 41.47
N SER IA 47 114.52 85.46 42.24
CA SER IA 47 115.56 86.49 42.28
C SER IA 47 116.43 86.47 41.04
N ASP IA 48 117.08 85.34 40.76
CA ASP IA 48 118.11 85.26 39.73
C ASP IA 48 117.55 85.07 38.32
N VAL IA 49 116.28 85.41 38.07
CA VAL IA 49 115.69 85.18 36.77
C VAL IA 49 115.92 86.45 35.94
N THR IA 50 116.91 86.41 35.06
CA THR IA 50 117.28 87.53 34.19
C THR IA 50 116.87 87.22 32.76
N ARG IA 51 116.89 88.25 31.92
CA ARG IA 51 116.59 88.06 30.50
C ARG IA 51 117.76 87.37 29.81
N GLY IA 52 117.44 86.30 29.05
CA GLY IA 52 118.44 85.57 28.31
C GLY IA 52 117.82 84.48 27.47
N PRO IA 53 118.60 83.93 26.54
CA PRO IA 53 118.05 82.88 25.66
C PRO IA 53 117.94 81.52 26.31
N GLY IA 54 118.68 81.26 27.39
CA GLY IA 54 118.66 79.97 28.02
C GLY IA 54 117.38 79.69 28.79
N LEU IA 55 117.22 78.43 29.19
CA LEU IA 55 116.03 78.02 29.93
C LEU IA 55 116.12 78.35 31.42
N THR IA 56 117.27 78.82 31.90
CA THR IA 56 117.39 79.40 33.22
C THR IA 56 117.16 80.91 33.21
N HIS IA 57 116.39 81.39 32.24
CA HIS IA 57 116.22 82.82 32.00
C HIS IA 57 114.76 83.08 31.68
N ARG IA 58 114.47 84.27 31.16
CA ARG IA 58 113.10 84.69 30.93
C ARG IA 58 113.00 85.48 29.63
N VAL IA 59 111.78 85.52 29.09
CA VAL IA 59 111.46 86.30 27.90
C VAL IA 59 110.44 87.35 28.30
N GLY IA 60 110.85 88.61 28.28
CA GLY IA 60 109.97 89.69 28.67
C GLY IA 60 109.94 89.94 30.17
N LYS IA 61 108.76 90.28 30.71
CA LYS IA 61 108.64 90.58 32.13
C LYS IA 61 107.34 90.02 32.71
N ARG IA 62 106.78 89.00 32.08
CA ARG IA 62 105.52 88.39 32.52
C ARG IA 62 105.73 86.92 32.80
N PHE IA 63 105.35 86.49 33.99
CA PHE IA 63 105.43 85.08 34.40
C PHE IA 63 104.04 84.55 34.68
N CYS IA 64 103.91 83.23 34.56
CA CYS IA 64 102.81 82.48 35.17
C CYS IA 64 103.45 81.21 35.73
N ILE IA 65 103.82 81.26 37.01
CA ILE IA 65 104.43 80.12 37.67
C ILE IA 65 103.42 78.98 37.77
N LYS IA 66 103.72 77.87 37.10
CA LYS IA 66 102.83 76.73 37.13
C LYS IA 66 102.87 76.04 38.49
N SER IA 67 104.06 75.69 38.95
CA SER IA 67 104.17 75.04 40.25
C SER IA 67 105.55 75.28 40.84
N ILE IA 68 105.58 75.39 42.16
CA ILE IA 68 106.82 75.37 42.94
C ILE IA 68 106.97 73.96 43.51
N TYR IA 69 108.11 73.34 43.22
CA TYR IA 69 108.43 71.99 43.66
C TYR IA 69 109.55 72.07 44.68
N ILE IA 70 109.20 71.91 45.96
CA ILE IA 70 110.14 72.11 47.05
C ILE IA 70 110.71 70.76 47.46
N LEU IA 71 111.97 70.53 47.15
CA LEU IA 71 112.76 69.49 47.78
C LEU IA 71 113.51 70.10 48.97
N GLY IA 72 114.04 69.23 49.82
CA GLY IA 72 114.83 69.72 50.93
C GLY IA 72 115.05 68.72 52.04
N LYS IA 73 116.26 68.75 52.59
CA LYS IA 73 116.61 67.97 53.77
C LYS IA 73 116.96 68.92 54.90
N ILE IA 74 116.29 68.75 56.04
CA ILE IA 74 116.37 69.68 57.17
C ILE IA 74 116.98 68.92 58.33
N TRP IA 75 118.24 69.22 58.66
CA TRP IA 75 118.93 68.46 59.68
C TRP IA 75 119.48 69.38 60.76
N LEU IA 76 120.08 68.74 61.77
CA LEU IA 76 120.92 69.36 62.76
C LEU IA 76 122.16 68.53 63.06
N ASP IA 77 122.61 67.72 62.10
CA ASP IA 77 123.55 66.63 62.36
C ASP IA 77 125.01 67.12 62.39
N GLU IA 78 125.22 68.41 62.61
CA GLU IA 78 126.51 68.91 63.06
C GLU IA 78 126.80 68.32 64.44
N THR IA 79 128.09 68.24 64.80
CA THR IA 79 128.50 67.61 66.06
C THR IA 79 128.12 68.41 67.31
N ILE IA 80 127.54 69.61 67.12
CA ILE IA 80 127.09 70.46 68.21
C ILE IA 80 125.57 70.51 68.02
N LYS IA 81 124.87 71.29 68.85
CA LYS IA 81 123.41 71.48 68.85
C LYS IA 81 122.66 70.20 69.18
N LYS IA 82 123.24 69.38 70.05
CA LYS IA 82 122.50 68.35 70.76
C LYS IA 82 121.88 68.86 72.05
N GLN IA 83 122.49 69.84 72.72
CA GLN IA 83 121.84 70.56 73.80
C GLN IA 83 120.95 71.66 73.22
N ASN IA 84 120.09 72.21 74.08
CA ASN IA 84 119.07 73.23 73.75
C ASN IA 84 118.19 72.75 72.61
N HIS IA 85 117.80 71.48 72.68
CA HIS IA 85 117.28 70.74 71.55
C HIS IA 85 115.75 70.79 71.43
N THR IA 86 115.22 69.91 70.58
CA THR IA 86 113.80 69.79 70.22
C THR IA 86 113.20 71.05 69.61
N ASN IA 87 113.66 71.42 68.42
CA ASN IA 87 113.10 72.54 67.67
C ASN IA 87 112.38 72.01 66.44
N ASN IA 88 111.45 72.78 65.91
CA ASN IA 88 110.74 72.43 64.69
C ASN IA 88 110.72 73.60 63.72
N VAL IA 89 110.44 73.31 62.46
CA VAL IA 89 110.52 74.28 61.38
C VAL IA 89 109.12 74.46 60.80
N ILE IA 90 108.66 75.71 60.73
CA ILE IA 90 107.40 76.04 60.08
C ILE IA 90 107.75 76.82 58.82
N PHE IA 91 107.27 76.34 57.67
CA PHE IA 91 107.53 77.04 56.43
C PHE IA 91 106.39 78.00 56.10
N TYR IA 92 106.73 79.04 55.34
CA TYR IA 92 105.77 80.07 54.95
C TYR IA 92 106.01 80.41 53.48
N LEU IA 93 104.99 80.20 52.65
CA LEU IA 93 105.06 80.52 51.23
C LEU IA 93 104.00 81.58 50.97
N LEU IA 94 104.43 82.82 50.79
CA LEU IA 94 103.53 83.98 50.80
C LEU IA 94 103.35 84.51 49.39
N ARG IA 95 102.13 84.95 49.08
CA ARG IA 95 101.87 85.72 47.86
C ARG IA 95 102.02 87.19 48.19
N ASP IA 96 103.10 87.80 47.70
CA ASP IA 96 103.39 89.20 47.98
C ASP IA 96 102.63 90.11 47.01
N ARG IA 97 102.34 91.32 47.47
CA ARG IA 97 101.58 92.29 46.69
C ARG IA 97 102.42 93.41 46.11
N ARG IA 98 103.52 93.81 46.74
CA ARG IA 98 104.34 94.92 46.28
C ARG IA 98 105.76 94.73 46.79
N PRO IA 99 106.77 95.16 46.05
CA PRO IA 99 108.15 95.11 46.55
C PRO IA 99 108.61 96.42 47.14
N TYR IA 100 109.73 96.38 47.88
CA TYR IA 100 110.49 97.59 48.24
C TYR IA 100 111.96 97.24 48.11
N GLY IA 101 112.50 97.39 46.89
CA GLY IA 101 113.90 97.11 46.63
C GLY IA 101 114.31 95.68 46.90
N ASN IA 102 115.04 95.48 48.00
CA ASN IA 102 115.42 94.16 48.47
C ASN IA 102 114.26 93.52 49.24
N ALA IA 103 114.55 92.43 49.96
CA ALA IA 103 113.52 91.75 50.72
C ALA IA 103 113.21 92.51 52.00
N PRO IA 104 111.93 92.59 52.39
CA PRO IA 104 111.58 93.29 53.63
C PRO IA 104 111.88 92.47 54.88
N GLN IA 105 111.49 92.98 56.04
CA GLN IA 105 111.69 92.28 57.29
C GLN IA 105 110.77 91.06 57.38
N ASP IA 106 111.03 90.22 58.38
CA ASP IA 106 110.10 89.14 58.72
C ASP IA 106 109.35 89.43 60.01
N PHE IA 107 110.08 89.61 61.12
CA PHE IA 107 109.44 89.78 62.42
C PHE IA 107 108.75 91.14 62.54
N GLY IA 108 109.22 92.13 61.79
CA GLY IA 108 108.52 93.38 61.67
C GLY IA 108 107.45 93.41 60.59
N GLN IA 109 107.24 92.31 59.89
CA GLN IA 109 106.23 92.23 58.85
C GLN IA 109 105.11 91.27 59.20
N ILE IA 110 105.42 90.01 59.50
CA ILE IA 110 104.40 89.15 60.10
C ILE IA 110 104.24 89.51 61.57
N PHE IA 111 103.10 89.13 62.13
CA PHE IA 111 102.58 89.87 63.29
C PHE IA 111 103.27 89.49 64.59
N ASN IA 112 103.16 88.23 65.02
CA ASN IA 112 103.50 87.90 66.39
C ASN IA 112 104.60 86.83 66.38
N MET IA 113 104.94 86.32 67.56
CA MET IA 113 106.10 85.47 67.76
C MET IA 113 105.81 84.04 67.29
N PHE IA 114 106.16 83.78 66.03
CA PHE IA 114 106.51 82.50 65.42
C PHE IA 114 105.32 81.56 65.21
N ASP IA 115 104.14 81.90 65.71
CA ASP IA 115 102.88 81.23 65.37
C ASP IA 115 101.86 82.32 65.07
N ASN IA 116 101.80 82.74 63.81
CA ASN IA 116 101.13 83.99 63.49
C ASN IA 116 100.65 84.01 62.05
N GLU IA 117 100.27 85.21 61.63
CA GLU IA 117 99.77 85.59 60.32
C GLU IA 117 100.44 86.92 59.98
N PRO IA 118 100.31 87.45 58.76
CA PRO IA 118 100.75 88.83 58.53
C PRO IA 118 99.92 89.84 59.31
N SER IA 119 100.51 91.01 59.52
CA SER IA 119 99.89 92.04 60.34
C SER IA 119 98.67 92.63 59.65
N THR IA 120 97.85 93.32 60.45
CA THR IA 120 96.62 93.92 59.95
C THR IA 120 96.88 95.08 59.00
N ALA IA 121 98.01 95.76 59.14
CA ALA IA 121 98.35 96.87 58.27
C ALA IA 121 99.14 96.44 57.04
N THR IA 122 99.32 95.14 56.83
CA THR IA 122 100.18 94.64 55.76
C THR IA 122 99.42 93.86 54.69
N ILE IA 123 98.13 93.60 54.89
CA ILE IA 123 97.38 92.78 53.94
C ILE IA 123 97.09 93.56 52.66
N PHE IA 131 100.43 91.12 53.44
CA PHE IA 131 100.74 90.36 52.24
C PHE IA 131 99.98 89.04 52.29
N GLN IA 132 99.58 88.52 51.14
CA GLN IA 132 98.79 87.30 51.13
C GLN IA 132 99.67 86.08 51.41
N VAL IA 133 99.01 85.03 51.86
CA VAL IA 133 99.64 83.76 52.22
C VAL IA 133 99.15 82.75 51.20
N LEU IA 134 99.97 81.74 50.88
CA LEU IA 134 99.44 80.60 50.15
C LEU IA 134 99.24 79.37 51.04
N ARG IA 135 100.32 78.82 51.60
CA ARG IA 135 100.21 77.67 52.50
C ARG IA 135 101.37 77.66 53.49
N LYS IA 136 101.38 76.65 54.35
CA LYS IA 136 102.40 76.41 55.36
C LYS IA 136 102.89 74.98 55.24
N PHE IA 137 103.95 74.66 55.99
CA PHE IA 137 104.46 73.29 56.08
C PHE IA 137 104.96 73.04 57.50
N HIS IA 138 105.44 71.81 57.73
CA HIS IA 138 105.98 71.41 59.02
C HIS IA 138 107.23 70.58 58.81
N ALA IA 139 108.15 70.68 59.78
CA ALA IA 139 109.35 69.85 59.82
C ALA IA 139 109.82 69.83 61.27
N THR IA 140 109.84 68.67 61.89
CA THR IA 140 110.12 68.52 63.31
C THR IA 140 111.37 67.69 63.51
N VAL IA 141 112.46 68.35 63.93
CA VAL IA 141 113.73 67.67 64.16
C VAL IA 141 114.06 67.73 65.65
N VAL IA 142 113.81 66.62 66.35
CA VAL IA 142 113.98 66.60 67.79
C VAL IA 142 115.11 65.64 68.17
N GLY IA 143 116.31 66.18 68.40
CA GLY IA 143 117.42 65.32 68.77
C GLY IA 143 118.26 65.83 69.91
N GLY IA 144 118.28 65.10 71.03
CA GLY IA 144 119.08 65.53 72.17
C GLY IA 144 120.24 64.58 72.44
N LEU IA 145 120.11 63.76 73.47
CA LEU IA 145 121.14 62.79 73.80
C LEU IA 145 120.48 61.45 74.12
N TYR IA 146 121.30 60.41 74.14
CA TYR IA 146 121.01 59.03 74.54
C TYR IA 146 119.97 58.31 73.69
N CYS IA 147 119.46 58.88 72.60
CA CYS IA 147 119.00 57.99 71.54
C CYS IA 147 119.67 58.34 70.20
N MET IA 148 119.74 59.61 69.72
CA MET IA 148 118.83 60.75 69.95
C MET IA 148 117.79 60.68 68.81
N LYS IA 149 116.52 60.59 69.16
CA LYS IA 149 115.56 60.18 68.16
C LYS IA 149 114.79 61.37 67.58
N GLU IA 150 115.48 62.07 66.67
CA GLU IA 150 115.07 62.52 65.34
C GLU IA 150 116.18 63.34 64.71
N GLN IA 151 116.19 63.38 63.38
CA GLN IA 151 117.23 64.00 62.56
C GLN IA 151 116.64 64.37 61.21
N ALA IA 152 117.53 64.49 60.21
CA ALA IA 152 117.28 64.91 58.84
C ALA IA 152 116.02 64.32 58.24
N LEU IA 153 115.06 65.17 57.91
CA LEU IA 153 113.80 64.75 57.30
C LEU IA 153 113.77 65.20 55.85
N VAL IA 154 113.10 64.43 55.01
CA VAL IA 154 113.01 64.77 53.58
C VAL IA 154 111.59 65.25 53.28
N LYS IA 155 111.48 66.38 52.59
CA LYS IA 155 110.19 66.97 52.25
C LYS IA 155 110.13 67.24 50.76
N ARG IA 156 109.15 66.63 50.08
CA ARG IA 156 108.84 66.94 48.70
C ARG IA 156 107.39 67.36 48.60
N PHE IA 157 107.10 68.38 47.79
CA PHE IA 157 105.75 68.92 47.67
C PHE IA 157 105.54 69.50 46.27
N TYR IA 158 104.58 68.93 45.54
CA TYR IA 158 103.94 69.69 44.47
C TYR IA 158 103.11 70.82 45.06
N ARG IA 159 103.16 72.01 44.43
CA ARG IA 159 102.42 73.16 44.94
C ARG IA 159 102.14 74.09 43.77
N LEU IA 160 100.91 74.05 43.26
CA LEU IA 160 100.51 74.87 42.12
C LEU IA 160 100.29 76.32 42.54
N ASN IA 161 100.69 77.25 41.69
CA ASN IA 161 100.65 78.69 42.00
C ASN IA 161 100.28 79.45 40.73
N HIS IA 162 100.50 80.76 40.73
CA HIS IA 162 100.02 81.62 39.65
C HIS IA 162 101.02 82.74 39.39
N HIS IA 163 100.57 83.78 38.68
CA HIS IA 163 101.39 84.66 37.87
C HIS IA 163 102.23 85.64 38.68
N VAL IA 164 103.31 86.10 38.06
CA VAL IA 164 104.29 87.03 38.61
C VAL IA 164 104.65 88.04 37.51
N THR IA 165 104.82 89.30 37.87
CA THR IA 165 105.22 90.34 36.91
C THR IA 165 106.52 91.00 37.40
N TYR IA 166 107.42 91.30 36.46
CA TYR IA 166 108.55 92.18 36.73
C TYR IA 166 108.27 93.57 36.18
N ASN IA 167 108.85 94.57 36.86
CA ASN IA 167 108.63 95.97 36.47
C ASN IA 167 109.51 96.34 35.28
N HIS IA 168 110.82 96.32 35.49
CA HIS IA 168 111.75 96.79 34.47
C HIS IA 168 111.97 95.73 33.40
N GLN IA 169 112.46 96.19 32.25
CA GLN IA 169 112.81 95.32 31.13
C GLN IA 169 114.28 94.95 31.13
N GLU IA 170 114.91 94.99 32.30
CA GLU IA 170 116.32 94.71 32.47
C GLU IA 170 116.57 93.21 32.50
N ALA IA 171 117.85 92.84 32.37
CA ALA IA 171 118.30 91.49 32.69
C ALA IA 171 118.79 91.45 34.13
N GLY IA 172 117.92 91.88 35.05
CA GLY IA 172 118.29 92.16 36.41
C GLY IA 172 117.80 91.12 37.41
N LYS IA 173 118.21 91.35 38.66
CA LYS IA 173 117.92 90.47 39.78
C LYS IA 173 116.61 90.91 40.44
N TYR IA 174 116.37 90.45 41.68
CA TYR IA 174 115.14 90.65 42.43
C TYR IA 174 114.78 92.11 42.73
N GLU IA 175 115.67 93.07 42.44
CA GLU IA 175 115.45 94.44 42.88
C GLU IA 175 114.37 95.16 42.07
N ASN IA 176 114.15 94.75 40.83
CA ASN IA 176 113.25 95.47 39.92
C ASN IA 176 111.86 94.83 39.83
N HIS IA 177 111.34 94.32 40.94
CA HIS IA 177 110.04 93.68 40.95
C HIS IA 177 108.90 94.71 40.87
N THR IA 178 107.68 94.18 40.82
CA THR IA 178 106.44 94.94 40.88
C THR IA 178 105.40 94.04 41.56
N GLU IA 179 104.12 94.33 41.32
CA GLU IA 179 102.99 93.56 41.85
C GLU IA 179 103.11 92.07 41.60
N ASN IA 180 102.54 91.29 42.52
CA ASN IA 180 102.48 89.83 42.50
C ASN IA 180 103.87 89.20 42.50
N ALA IA 181 104.59 89.45 43.59
CA ALA IA 181 105.79 88.68 43.92
C ALA IA 181 105.40 87.51 44.82
N LEU IA 182 106.33 86.59 45.02
CA LEU IA 182 106.15 85.48 45.93
C LEU IA 182 107.52 84.99 46.40
N LEU IA 183 107.61 84.63 47.68
CA LEU IA 183 108.88 84.29 48.27
C LEU IA 183 108.62 83.42 49.49
N LEU IA 184 109.71 83.04 50.18
CA LEU IA 184 109.64 82.12 51.31
C LEU IA 184 110.16 82.78 52.58
N TYR IA 185 109.61 82.32 53.70
CA TYR IA 185 110.18 82.57 55.02
C TYR IA 185 110.25 81.25 55.77
N MET IA 186 111.35 81.04 56.48
CA MET IA 186 111.53 79.88 57.33
C MET IA 186 111.68 80.34 58.77
N ALA IA 187 111.10 79.61 59.70
CA ALA IA 187 111.02 80.04 61.09
C ALA IA 187 111.44 78.92 62.02
N CYS IA 188 112.32 79.24 62.97
CA CYS IA 188 112.65 78.37 64.07
C CYS IA 188 111.90 78.81 65.32
N THR IA 189 111.69 77.88 66.24
CA THR IA 189 110.84 78.13 67.41
C THR IA 189 111.60 78.09 68.73
N HIS IA 190 112.94 78.11 68.70
CA HIS IA 190 113.73 78.08 69.92
C HIS IA 190 114.97 78.94 69.76
N ALA IA 191 115.52 79.36 70.90
CA ALA IA 191 116.61 80.34 70.92
C ALA IA 191 117.90 79.78 70.35
N SER IA 192 118.12 78.47 70.43
CA SER IA 192 119.24 77.85 69.75
C SER IA 192 119.00 77.84 68.24
N ASN IA 193 120.07 77.63 67.49
CA ASN IA 193 119.92 77.53 66.04
C ASN IA 193 120.46 76.20 65.54
N PRO IA 194 119.72 75.09 65.69
CA PRO IA 194 120.24 73.81 65.19
C PRO IA 194 119.98 73.59 63.71
N VAL IA 195 119.02 74.30 63.13
CA VAL IA 195 118.45 73.96 61.83
C VAL IA 195 119.43 74.32 60.73
N TYR IA 196 119.93 73.30 60.03
CA TYR IA 196 120.68 73.47 58.79
C TYR IA 196 119.82 72.92 57.65
N ALA IA 197 118.96 73.79 57.12
CA ALA IA 197 117.98 73.41 56.12
C ALA IA 197 118.46 73.81 54.73
N THR IA 198 118.72 72.81 53.89
CA THR IA 198 119.11 73.04 52.50
C THR IA 198 118.00 72.52 51.61
N LEU IA 199 117.53 73.39 50.71
CA LEU IA 199 116.31 73.12 49.95
C LEU IA 199 116.57 73.33 48.46
N LYS IA 200 116.07 72.40 47.67
CA LYS IA 200 116.07 72.52 46.22
C LYS IA 200 114.68 72.89 45.75
N ILE IA 201 114.57 74.06 45.10
CA ILE IA 201 113.29 74.67 44.81
C ILE IA 201 113.17 74.81 43.30
N ARG IA 202 112.46 73.89 42.66
CA ARG IA 202 112.20 73.99 41.23
C ARG IA 202 110.96 74.85 40.98
N ILE IA 203 111.11 75.84 40.10
CA ILE IA 203 109.98 76.52 39.49
C ILE IA 203 110.05 76.26 37.99
N TYR IA 204 109.04 75.57 37.45
CA TYR IA 204 108.90 75.45 36.01
C TYR IA 204 107.59 76.09 35.59
N PHE IA 205 107.65 76.87 34.52
CA PHE IA 205 106.57 77.77 34.15
C PHE IA 205 106.53 78.01 32.64
N PRO JA 16 63.46 61.22 65.19
CA PRO JA 16 64.42 61.06 64.09
C PRO JA 16 65.65 60.25 64.49
N ASP JA 17 65.71 59.82 65.75
CA ASP JA 17 66.89 59.13 66.27
C ASP JA 17 66.57 57.73 66.78
N ILE JA 18 65.45 57.57 67.48
CA ILE JA 18 65.14 56.36 68.23
C ILE JA 18 64.11 55.49 67.52
N PRO JA 19 64.20 54.16 67.61
CA PRO JA 19 63.18 53.29 67.01
C PRO JA 19 62.11 52.79 67.97
N ARG JA 20 62.14 53.17 69.25
CA ARG JA 20 61.30 52.53 70.25
C ARG JA 20 60.18 53.42 70.77
N GLY JA 21 60.52 54.58 71.35
CA GLY JA 21 59.54 55.41 72.01
C GLY JA 21 60.03 56.83 72.20
N CYS JA 22 59.08 57.77 72.24
CA CYS JA 22 59.36 59.20 72.18
C CYS JA 22 59.83 59.81 73.50
N GLU JA 23 60.29 58.97 74.45
CA GLU JA 23 60.96 59.46 75.64
C GLU JA 23 62.28 60.14 75.26
N GLY JA 24 62.75 61.02 76.14
CA GLY JA 24 64.06 61.61 75.99
C GLY JA 24 65.14 60.58 76.12
N PRO JA 25 66.19 60.68 75.29
CA PRO JA 25 67.29 59.72 75.37
C PRO JA 25 68.12 59.95 76.64
N CYS JA 26 67.62 59.43 77.75
CA CYS JA 26 68.17 59.75 79.06
C CYS JA 26 69.49 59.04 79.29
N LYS JA 27 70.44 59.76 79.88
CA LYS JA 27 71.77 59.25 80.14
C LYS JA 27 71.80 58.54 81.50
N VAL JA 28 72.37 57.34 81.53
CA VAL JA 28 72.71 56.66 82.76
C VAL JA 28 74.17 56.26 82.65
N GLN JA 29 75.03 56.96 83.37
CA GLN JA 29 76.47 56.83 83.22
C GLN JA 29 77.04 55.97 84.35
N SER JA 30 77.84 54.97 83.97
CA SER JA 30 78.53 54.09 84.91
C SER JA 30 79.98 54.52 84.91
N PHE JA 31 80.28 55.57 85.67
CA PHE JA 31 81.67 55.95 85.87
C PHE JA 31 82.35 54.95 86.79
N GLU JA 32 83.60 54.64 86.47
CA GLU JA 32 84.44 53.87 87.37
C GLU JA 32 85.72 54.65 87.64
N GLN JA 33 86.21 54.50 88.87
CA GLN JA 33 87.57 54.88 89.22
C GLN JA 33 88.16 53.60 89.79
N ARG JA 34 88.62 52.74 88.90
CA ARG JA 34 88.96 51.37 89.23
C ARG JA 34 90.27 50.94 88.57
N ASP JA 35 90.54 49.66 88.62
CA ASP JA 35 91.64 49.04 87.90
C ASP JA 35 91.20 47.63 87.52
N ASP JA 36 92.16 46.79 87.17
CA ASP JA 36 91.87 45.39 86.90
C ASP JA 36 93.00 44.54 87.44
N VAL JA 37 92.93 43.24 87.15
CA VAL JA 37 94.05 42.33 87.33
C VAL JA 37 94.35 41.77 85.96
N LYS JA 38 95.29 40.81 85.89
CA LYS JA 38 95.59 40.18 84.61
C LYS JA 38 94.39 39.40 84.07
N HIS JA 39 93.68 38.71 84.96
CA HIS JA 39 92.61 37.80 84.52
C HIS JA 39 91.36 38.56 84.12
N LEU JA 40 90.90 39.49 84.96
CA LEU JA 40 89.57 40.02 84.75
C LEU JA 40 89.44 41.44 85.30
N GLY JA 41 88.75 42.27 84.53
CA GLY JA 41 88.10 43.44 85.07
C GLY JA 41 86.64 43.38 84.69
N ILE JA 42 85.75 43.18 85.65
CA ILE JA 42 84.36 42.90 85.37
C ILE JA 42 83.51 44.12 85.64
N CYS JA 43 82.64 44.44 84.69
CA CYS JA 43 81.77 45.62 84.79
C CYS JA 43 80.44 45.29 84.14
N LYS JA 44 79.43 44.95 84.93
CA LYS JA 44 78.07 45.02 84.43
C LYS JA 44 77.67 46.48 84.31
N VAL JA 45 77.46 46.93 83.07
CA VAL JA 45 77.29 48.35 82.81
C VAL JA 45 75.84 48.78 83.08
N ILE JA 46 74.92 47.82 83.13
CA ILE JA 46 73.50 48.10 83.28
C ILE JA 46 73.07 47.90 84.73
N SER JA 47 74.01 48.00 85.67
CA SER JA 47 73.81 47.50 87.03
C SER JA 47 72.90 48.42 87.83
N ASP JA 48 73.30 49.69 87.99
CA ASP JA 48 72.64 50.60 88.92
C ASP JA 48 71.37 51.24 88.35
N VAL JA 49 70.75 50.66 87.32
CA VAL JA 49 69.57 51.26 86.70
C VAL JA 49 68.34 50.71 87.42
N THR JA 50 67.79 51.51 88.34
CA THR JA 50 66.63 51.15 89.12
C THR JA 50 65.42 51.95 88.65
N ARG JA 51 64.23 51.54 89.09
CA ARG JA 51 63.02 52.28 88.76
C ARG JA 51 62.95 53.57 89.56
N GLY JA 52 62.69 54.68 88.86
CA GLY JA 52 62.56 55.96 89.49
C GLY JA 52 62.17 57.03 88.50
N PRO JA 53 61.75 58.20 89.01
CA PRO JA 53 61.33 59.27 88.10
C PRO JA 53 62.48 60.02 87.45
N GLY JA 54 63.69 59.96 88.01
CA GLY JA 54 64.80 60.71 87.47
C GLY JA 54 65.34 60.12 86.18
N LEU JA 55 66.21 60.88 85.53
CA LEU JA 55 66.80 60.46 84.26
C LEU JA 55 67.96 59.50 84.45
N THR JA 56 68.42 59.28 85.69
CA THR JA 56 69.35 58.22 86.01
C THR JA 56 68.64 56.94 86.40
N HIS JA 57 67.42 56.74 85.90
CA HIS JA 57 66.54 55.66 86.32
C HIS JA 57 65.86 55.09 85.07
N ARG JA 58 64.82 54.28 85.29
CA ARG JA 58 64.16 53.58 84.21
C ARG JA 58 62.65 53.55 84.45
N VAL JA 59 61.92 53.35 83.36
CA VAL JA 59 60.46 53.19 83.39
C VAL JA 59 60.15 51.80 82.85
N GLY JA 60 59.68 50.92 83.73
CA GLY JA 60 59.36 49.56 83.35
C GLY JA 60 60.56 48.64 83.40
N LYS JA 61 60.64 47.70 82.46
CA LYS JA 61 61.72 46.73 82.44
C LYS JA 61 62.22 46.46 81.03
N ARG JA 62 62.00 47.40 80.10
CA ARG JA 62 62.39 47.24 78.70
C ARG JA 62 63.33 48.37 78.31
N PHE JA 63 64.49 48.01 77.77
CA PHE JA 63 65.47 48.97 77.28
C PHE JA 63 65.67 48.80 75.78
N CYS JA 64 66.12 49.86 75.13
CA CYS JA 64 66.76 49.80 73.81
C CYS JA 64 67.93 50.77 73.89
N ILE JA 65 69.11 50.23 74.23
CA ILE JA 65 70.32 51.05 74.34
C ILE JA 65 70.69 51.57 72.96
N LYS JA 66 70.65 52.89 72.81
CA LYS JA 66 71.01 53.50 71.52
C LYS JA 66 72.50 53.40 71.27
N SER JA 67 73.31 53.88 72.22
CA SER JA 67 74.74 53.81 72.06
C SER JA 67 75.44 53.80 73.41
N ILE JA 68 76.56 53.09 73.46
CA ILE JA 68 77.49 53.16 74.58
C ILE JA 68 78.64 54.06 74.16
N TYR JA 69 78.89 55.10 74.96
CA TYR JA 69 79.93 56.08 74.71
C TYR JA 69 81.01 55.91 75.76
N ILE JA 70 82.14 55.32 75.37
CA ILE JA 70 83.19 54.94 76.29
C ILE JA 70 84.26 56.03 76.28
N LEU JA 71 84.33 56.80 77.35
CA LEU JA 71 85.50 57.60 77.66
C LEU JA 71 86.43 56.79 78.57
N GLY JA 72 87.67 57.27 78.70
CA GLY JA 72 88.58 56.61 79.59
C GLY JA 72 90.03 56.94 79.40
N LYS JA 73 90.76 57.08 80.51
CA LYS JA 73 92.20 57.26 80.50
C LYS JA 73 92.84 56.06 81.19
N ILE JA 74 93.77 55.42 80.50
CA ILE JA 74 94.37 54.16 80.93
C ILE JA 74 95.84 54.42 81.17
N TRP JA 75 96.25 54.44 82.45
CA TRP JA 75 97.63 54.81 82.77
C TRP JA 75 98.28 53.73 83.62
N LEU JA 76 99.55 53.98 83.89
CA LEU JA 76 100.32 53.28 84.91
C LEU JA 76 101.20 54.22 85.71
N ASP JA 77 100.80 55.50 85.83
CA ASP JA 77 101.69 56.57 86.25
C ASP JA 77 101.80 56.67 87.77
N GLU JA 78 101.47 55.58 88.48
CA GLU JA 78 101.91 55.41 89.86
C GLU JA 78 103.44 55.31 89.88
N THR JA 79 104.04 55.65 91.02
CA THR JA 79 105.51 55.69 91.13
C THR JA 79 106.16 54.31 91.08
N ILE JA 80 105.36 53.24 91.03
CA ILE JA 80 105.85 51.86 90.94
C ILE JA 80 105.36 51.40 89.57
N LYS JA 81 105.61 50.13 89.22
CA LYS JA 81 105.24 49.48 87.97
C LYS JA 81 105.93 50.10 86.76
N LYS JA 82 107.18 50.54 86.96
CA LYS JA 82 108.10 50.78 85.86
C LYS JA 82 108.88 49.53 85.48
N GLN JA 83 109.16 48.63 86.42
CA GLN JA 83 109.66 47.30 86.09
C GLN JA 83 108.48 46.39 85.73
N ASN JA 84 108.82 45.23 85.14
CA ASN JA 84 107.89 44.22 84.62
C ASN JA 84 106.92 44.86 83.63
N HIS JA 85 107.46 45.72 82.77
CA HIS JA 85 106.68 46.68 82.00
C HIS JA 85 106.25 46.18 80.63
N THR JA 86 105.79 47.11 79.79
CA THR JA 86 105.25 46.90 78.44
C THR JA 86 104.04 45.98 78.40
N ASN JA 87 102.93 46.40 78.99
CA ASN JA 87 101.67 45.66 78.92
C ASN JA 87 100.67 46.45 78.07
N ASN JA 88 99.69 45.76 77.53
CA ASN JA 88 98.63 46.40 76.75
C ASN JA 88 97.26 45.90 77.21
N VAL JA 89 96.22 46.65 76.85
CA VAL JA 89 94.87 46.41 77.32
C VAL JA 89 94.00 46.07 76.11
N ILE JA 90 93.31 44.94 76.19
CA ILE JA 90 92.33 44.55 75.18
C ILE JA 90 90.96 44.65 75.82
N PHE JA 91 90.07 45.42 75.21
CA PHE JA 91 88.72 45.56 75.73
C PHE JA 91 87.78 44.55 75.07
N TYR JA 92 86.73 44.18 75.81
CA TYR JA 92 85.75 43.23 75.33
C TYR JA 92 84.36 43.74 75.70
N LEU JA 93 83.52 43.95 74.70
CA LEU JA 93 82.14 44.41 74.91
C LEU JA 93 81.24 43.31 74.36
N LEU JA 94 80.63 42.54 75.25
CA LEU JA 94 79.95 41.31 74.88
C LEU JA 94 78.44 41.49 74.94
N ARG JA 95 77.74 40.86 74.00
CA ARG JA 95 76.28 40.75 74.08
C ARG JA 95 75.96 39.44 74.80
N ASP JA 96 75.47 39.56 76.04
CA ASP JA 96 75.16 38.39 76.86
C ASP JA 96 73.77 37.86 76.53
N ARG JA 97 73.58 36.57 76.74
CA ARG JA 97 72.32 35.91 76.43
C ARG JA 97 71.48 35.57 77.66
N ARG JA 98 72.08 35.33 78.83
CA ARG JA 98 71.36 34.95 80.03
C ARG JA 98 72.18 35.33 81.25
N PRO JA 99 71.53 35.69 82.36
CA PRO JA 99 72.28 35.97 83.59
C PRO JA 99 72.32 34.77 84.54
N TYR JA 100 73.21 34.83 85.53
CA TYR JA 100 73.15 33.95 86.71
C TYR JA 100 73.48 34.80 87.92
N GLY JA 101 72.47 35.44 88.49
CA GLY JA 101 72.64 36.28 89.67
C GLY JA 101 73.59 37.44 89.47
N ASN JA 102 74.77 37.32 90.04
CA ASN JA 102 75.85 38.29 89.87
C ASN JA 102 76.57 38.03 88.53
N ALA JA 103 77.74 38.67 88.36
CA ALA JA 103 78.50 38.51 87.13
C ALA JA 103 79.22 37.16 87.13
N PRO JA 104 79.27 36.48 85.98
CA PRO JA 104 79.98 35.19 85.93
C PRO JA 104 81.48 35.36 85.86
N GLN JA 105 82.20 34.25 85.70
CA GLN JA 105 83.65 34.27 85.58
C GLN JA 105 84.07 34.90 84.25
N ASP JA 106 85.37 35.20 84.13
CA ASP JA 106 85.94 35.57 82.85
C ASP JA 106 86.80 34.46 82.26
N PHE JA 107 87.84 34.03 82.99
CA PHE JA 107 88.78 33.05 82.46
C PHE JA 107 88.14 31.66 82.35
N GLY JA 108 87.14 31.38 83.19
CA GLY JA 108 86.35 30.19 83.05
C GLY JA 108 85.19 30.32 82.10
N GLN JA 109 85.01 31.49 81.48
CA GLN JA 109 83.92 31.70 80.53
C GLN JA 109 84.43 31.92 79.11
N ILE JA 110 85.31 32.90 78.88
CA ILE JA 110 85.99 32.96 77.60
C ILE JA 110 87.09 31.90 77.59
N PHE JA 111 87.54 31.55 76.39
CA PHE JA 111 88.12 30.21 76.19
C PHE JA 111 89.57 30.12 76.65
N ASN JA 112 90.47 30.89 76.04
CA ASN JA 112 91.89 30.61 76.22
C ASN JA 112 92.57 31.86 76.80
N MET JA 113 93.89 31.81 76.90
CA MET JA 113 94.67 32.81 77.63
C MET JA 113 94.84 34.08 76.80
N PHE JA 114 93.91 35.01 77.03
CA PHE JA 114 94.01 36.46 76.85
C PHE JA 114 93.99 36.91 75.39
N ASP JA 115 94.05 35.99 74.43
CA ASP JA 115 93.79 36.27 73.02
C ASP JA 115 92.85 35.19 72.52
N ASN JA 116 91.55 35.44 72.64
CA ASN JA 116 90.59 34.35 72.52
C ASN JA 116 89.22 34.86 72.10
N GLU JA 117 88.24 33.98 72.23
CA GLU JA 117 86.83 34.13 71.95
C GLU JA 117 86.09 33.44 73.10
N PRO JA 118 84.76 33.56 73.21
CA PRO JA 118 84.04 32.71 74.16
C PRO JA 118 84.12 31.25 73.78
N SER JA 119 83.90 30.39 74.78
CA SER JA 119 84.04 28.95 74.62
C SER JA 119 82.94 28.39 73.74
N THR JA 120 83.18 27.17 73.24
CA THR JA 120 82.22 26.51 72.36
C THR JA 120 80.94 26.12 73.06
N ALA JA 121 80.99 25.88 74.37
CA ALA JA 121 79.81 25.53 75.14
C ALA JA 121 79.07 26.74 75.71
N THR JA 122 79.50 27.95 75.37
CA THR JA 122 78.95 29.16 75.97
C THR JA 122 78.21 30.04 74.98
N ILE JA 123 78.23 29.72 73.69
CA ILE JA 123 77.60 30.57 72.68
C ILE JA 123 76.09 30.47 72.74
N PHE JA 131 78.52 33.21 74.83
CA PHE JA 131 77.86 34.51 74.83
C PHE JA 131 78.34 35.28 73.60
N GLN JA 132 77.46 36.11 73.05
CA GLN JA 132 77.83 36.84 71.84
C GLN JA 132 78.79 37.98 72.16
N VAL JA 133 79.51 38.39 71.14
CA VAL JA 133 80.51 39.46 71.21
C VAL JA 133 79.97 40.60 70.37
N LEU JA 134 80.28 41.85 70.72
CA LEU JA 134 80.04 42.94 69.80
C LEU JA 134 81.30 43.44 69.11
N ARG JA 135 82.26 43.98 69.88
CA ARG JA 135 83.53 44.44 69.31
C ARG JA 135 84.63 44.36 70.37
N LYS JA 136 85.84 44.77 69.96
CA LYS JA 136 87.03 44.82 70.78
C LYS JA 136 87.65 46.20 70.68
N PHE JA 137 88.66 46.46 71.51
CA PHE JA 137 89.44 47.70 71.44
C PHE JA 137 90.90 47.39 71.78
N HIS JA 138 91.73 48.43 71.73
CA HIS JA 138 93.15 48.31 72.05
C HIS JA 138 93.59 49.52 72.88
N ALA JA 139 94.57 49.28 73.74
CA ALA JA 139 95.21 50.34 74.52
C ALA JA 139 96.58 49.82 74.93
N THR JA 140 97.64 50.47 74.47
CA THR JA 140 99.00 49.99 74.64
C THR JA 140 99.79 51.00 75.47
N VAL JA 141 100.09 50.64 76.72
CA VAL JA 141 100.84 51.51 77.62
C VAL JA 141 102.19 50.85 77.93
N VAL JA 142 103.24 51.32 77.25
CA VAL JA 142 104.55 50.70 77.38
C VAL JA 142 105.53 51.69 78.04
N GLY JA 143 105.73 51.56 79.34
CA GLY JA 143 106.65 52.45 80.02
C GLY JA 143 107.60 51.76 80.99
N GLY JA 144 108.90 51.82 80.70
CA GLY JA 144 109.88 51.21 81.59
C GLY JA 144 110.76 52.23 82.27
N LEU JA 145 112.01 52.35 81.82
CA LEU JA 145 112.92 53.33 82.37
C LEU JA 145 113.66 54.03 81.23
N TYR JA 146 114.30 55.15 81.57
CA TYR JA 146 115.19 55.97 80.75
C TYR JA 146 114.55 56.60 79.52
N CYS JA 147 113.24 56.49 79.30
CA CYS JA 147 112.61 57.56 78.53
C CYS JA 147 111.42 58.16 79.31
N MET JA 148 110.46 57.39 79.87
CA MET JA 148 109.98 56.05 79.50
C MET JA 148 108.81 56.29 78.53
N LYS JA 149 108.89 55.77 77.31
CA LYS JA 149 108.00 56.26 76.28
C LYS JA 149 106.82 55.30 76.06
N GLU JA 150 105.85 55.41 76.98
CA GLU JA 150 104.40 55.55 76.79
C GLU JA 150 103.72 55.58 78.14
N GLN JA 151 102.54 56.19 78.19
CA GLN JA 151 101.76 56.44 79.40
C GLN JA 151 100.28 56.59 79.02
N ALA JA 152 99.55 57.29 79.90
CA ALA JA 152 98.10 57.51 79.86
C ALA JA 152 97.59 57.86 78.46
N LEU JA 153 96.73 56.98 77.92
CA LEU JA 153 96.13 57.18 76.61
C LEU JA 153 94.65 57.52 76.78
N VAL JA 154 94.12 58.31 75.86
CA VAL JA 154 92.71 58.69 75.94
C VAL JA 154 91.95 57.97 74.83
N LYS JA 155 90.82 57.36 75.19
CA LYS JA 155 90.01 56.60 74.24
C LYS JA 155 88.58 57.08 74.31
N ARG JA 156 88.06 57.56 73.17
CA ARG JA 156 86.63 57.87 73.03
C ARG JA 156 86.08 57.09 71.85
N PHE JA 157 84.86 56.56 72.02
CA PHE JA 157 84.25 55.72 71.00
C PHE JA 157 82.73 55.85 71.05
N TYR JA 158 82.14 56.33 69.95
CA TYR JA 158 80.74 56.02 69.67
C TYR JA 158 80.60 54.54 69.35
N ARG JA 159 79.54 53.91 69.87
CA ARG JA 159 79.33 52.48 69.65
C ARG JA 159 77.84 52.19 69.77
N LEU JA 160 77.16 52.04 68.63
CA LEU JA 160 75.73 51.79 68.61
C LEU JA 160 75.42 50.35 68.97
N ASN JA 161 74.35 50.13 69.72
CA ASN JA 161 73.98 48.82 70.25
C ASN JA 161 72.46 48.69 70.23
N HIS JA 162 71.93 47.72 70.96
CA HIS JA 162 70.51 47.37 70.86
C HIS JA 162 69.99 46.94 72.23
N HIS JA 163 68.83 46.28 72.23
CA HIS JA 163 67.88 46.25 73.35
C HIS JA 163 68.34 45.35 74.49
N VAL JA 164 67.81 45.65 75.68
CA VAL JA 164 68.08 44.97 76.94
C VAL JA 164 66.74 44.81 77.68
N THR JA 165 66.54 43.68 78.36
CA THR JA 165 65.33 43.45 79.14
C THR JA 165 65.73 43.12 80.58
N TYR JA 166 64.96 43.65 81.55
CA TYR JA 166 65.03 43.20 82.92
C TYR JA 166 63.90 42.24 83.23
N ASN JA 167 64.16 41.30 84.15
CA ASN JA 167 63.16 40.29 84.51
C ASN JA 167 62.15 40.86 85.49
N HIS JA 168 62.60 41.24 86.68
CA HIS JA 168 61.69 41.66 87.72
C HIS JA 168 61.26 43.11 87.52
N GLN JA 169 60.15 43.47 88.17
CA GLN JA 169 59.62 44.82 88.16
C GLN JA 169 60.08 45.61 89.37
N GLU JA 170 61.22 45.24 89.93
CA GLU JA 170 61.77 45.86 91.13
C GLU JA 170 62.50 47.15 90.76
N ALA JA 171 62.82 47.94 91.78
CA ALA JA 171 63.78 49.03 91.65
C ALA JA 171 65.16 48.54 92.07
N GLY JA 172 65.59 47.45 91.43
CA GLY JA 172 66.73 46.69 91.86
C GLY JA 172 67.97 46.88 90.99
N LYS JA 173 69.05 46.23 91.44
CA LYS JA 173 70.35 46.31 90.80
C LYS JA 173 70.48 45.18 89.76
N TYR JA 174 71.72 44.88 89.36
CA TYR JA 174 72.03 43.93 88.29
C TYR JA 174 71.59 42.50 88.55
N GLU JA 175 71.09 42.16 89.74
CA GLU JA 175 70.83 40.76 90.08
C GLU JA 175 69.60 40.21 89.38
N ASN JA 176 68.63 41.07 89.04
CA ASN JA 176 67.35 40.61 88.51
C ASN JA 176 67.26 40.69 86.99
N HIS JA 177 68.35 40.39 86.29
CA HIS JA 177 68.38 40.46 84.84
C HIS JA 177 67.63 39.28 84.20
N THR JA 178 67.57 39.32 82.88
CA THR JA 178 67.04 38.24 82.04
C THR JA 178 67.81 38.29 80.72
N GLU JA 179 67.23 37.73 79.66
CA GLU JA 179 67.79 37.70 78.32
C GLU JA 179 68.25 39.08 77.84
N ASN JA 180 69.28 39.06 76.99
CA ASN JA 180 69.90 40.24 76.34
C ASN JA 180 70.46 41.21 77.38
N ALA JA 181 71.45 40.72 78.12
CA ALA JA 181 72.31 41.59 78.89
C ALA JA 181 73.53 41.96 78.07
N LEU JA 182 74.30 42.93 78.57
CA LEU JA 182 75.56 43.32 77.94
C LEU JA 182 76.45 43.97 79.00
N LEU JA 183 77.74 43.68 78.92
CA LEU JA 183 78.68 44.10 79.96
C LEU JA 183 80.08 44.12 79.36
N LEU JA 184 81.06 44.47 80.18
CA LEU JA 184 82.43 44.64 79.75
C LEU JA 184 83.37 43.68 80.47
N TYR JA 185 84.44 43.31 79.76
CA TYR JA 185 85.60 42.67 80.37
C TYR JA 185 86.85 43.40 79.90
N MET JA 186 87.78 43.60 80.83
CA MET JA 186 89.07 44.19 80.52
C MET JA 186 90.16 43.18 80.83
N ALA JA 187 91.18 43.13 79.99
CA ALA JA 187 92.19 42.08 80.07
C ALA JA 187 93.59 42.69 80.00
N CYS JA 188 94.45 42.26 80.92
CA CYS JA 188 95.87 42.55 80.87
C CYS JA 188 96.61 41.33 80.34
N THR JA 189 97.79 41.57 79.76
CA THR JA 189 98.53 40.52 79.07
C THR JA 189 99.86 40.17 79.74
N HIS JA 190 100.10 40.63 80.98
CA HIS JA 190 101.34 40.33 81.67
C HIS JA 190 101.07 40.13 83.15
N ALA JA 191 101.99 39.44 83.82
CA ALA JA 191 101.80 39.02 85.19
C ALA JA 191 101.81 40.19 86.18
N SER JA 192 102.50 41.28 85.85
CA SER JA 192 102.39 42.48 86.64
C SER JA 192 101.02 43.14 86.44
N ASN JA 193 100.67 44.03 87.35
CA ASN JA 193 99.42 44.76 87.19
C ASN JA 193 99.67 46.26 87.16
N PRO JA 194 100.14 46.83 86.04
CA PRO JA 194 100.37 48.29 86.02
C PRO JA 194 99.12 49.08 85.71
N VAL JA 195 98.10 48.46 85.12
CA VAL JA 195 97.01 49.17 84.48
C VAL JA 195 96.07 49.74 85.53
N TYR JA 196 96.01 51.07 85.59
CA TYR JA 196 95.00 51.78 86.36
C TYR JA 196 94.06 52.49 85.37
N ALA JA 197 93.05 51.75 84.94
CA ALA JA 197 92.15 52.21 83.89
C ALA JA 197 90.85 52.72 84.51
N THR JA 198 90.59 54.01 84.36
CA THR JA 198 89.36 54.63 84.83
C THR JA 198 88.58 55.10 83.62
N LEU JA 199 87.32 54.67 83.53
CA LEU JA 199 86.53 54.84 82.33
C LEU JA 199 85.19 55.47 82.67
N LYS JA 200 84.79 56.44 81.84
CA LYS JA 200 83.47 57.04 81.91
C LYS JA 200 82.62 56.49 80.79
N ILE JA 201 81.52 55.83 81.16
CA ILE JA 201 80.74 55.03 80.22
C ILE JA 201 79.33 55.60 80.19
N ARG JA 202 79.03 56.41 79.18
CA ARG JA 202 77.68 56.92 78.99
C ARG JA 202 76.83 55.94 78.20
N ILE JA 203 75.66 55.62 78.74
CA ILE JA 203 74.60 54.97 77.98
C ILE JA 203 73.42 55.93 77.96
N TYR JA 204 73.05 56.39 76.77
CA TYR JA 204 71.80 57.14 76.62
C TYR JA 204 70.89 56.37 75.67
N PHE JA 205 69.62 56.29 76.04
CA PHE JA 205 68.68 55.37 75.42
C PHE JA 205 67.25 55.89 75.49
N PRO KA 16 73.35 32.91 52.51
CA PRO KA 16 73.80 34.24 52.08
C PRO KA 16 75.30 34.44 52.24
N ASP KA 17 76.01 33.43 52.74
CA ASP KA 17 77.43 33.54 53.04
C ASP KA 17 78.26 32.53 52.25
N ILE KA 18 77.81 31.29 52.14
CA ILE KA 18 78.60 30.17 51.65
C ILE KA 18 78.23 29.79 50.23
N PRO KA 19 79.18 29.36 49.40
CA PRO KA 19 78.86 28.90 48.04
C PRO KA 19 78.72 27.40 47.89
N ARG KA 20 78.87 26.60 48.94
CA ARG KA 20 79.01 25.15 48.79
C ARG KA 20 77.80 24.38 49.31
N GLY KA 21 77.45 24.52 50.59
CA GLY KA 21 76.42 23.72 51.20
C GLY KA 21 75.90 24.32 52.48
N CYS KA 22 74.64 24.02 52.80
CA CYS KA 22 73.89 24.68 53.86
C CYS KA 22 74.23 24.20 55.26
N GLU KA 23 75.36 23.52 55.44
CA GLU KA 23 75.86 23.22 56.77
C GLU KA 23 76.23 24.51 57.50
N GLY KA 24 76.26 24.42 58.83
CA GLY KA 24 76.73 25.52 59.65
C GLY KA 24 78.21 25.75 59.43
N PRO KA 25 78.62 27.03 59.38
CA PRO KA 25 80.04 27.33 59.20
C PRO KA 25 80.86 26.98 60.44
N CYS KA 26 81.18 25.71 60.58
CA CYS KA 26 81.74 25.18 61.81
C CYS KA 26 83.20 25.58 61.97
N LYS KA 27 83.56 25.96 63.19
CA LYS KA 27 84.92 26.41 63.50
C LYS KA 27 85.79 25.22 63.86
N VAL KA 28 86.98 25.17 63.26
CA VAL KA 28 88.03 24.25 63.68
C VAL KA 28 89.27 25.09 63.90
N GLN KA 29 89.63 25.31 65.15
CA GLN KA 29 90.68 26.25 65.50
C GLN KA 29 91.96 25.51 65.83
N SER KA 30 93.07 25.97 65.23
CA SER KA 30 94.41 25.44 65.47
C SER KA 30 95.14 26.46 66.32
N PHE KA 31 94.88 26.42 67.62
CA PHE KA 31 95.66 27.24 68.54
C PHE KA 31 97.06 26.69 68.67
N GLU KA 32 98.03 27.58 68.74
CA GLU KA 32 99.39 27.20 69.09
C GLU KA 32 99.84 28.02 70.28
N GLN KA 33 100.65 27.39 71.13
CA GLN KA 33 101.45 28.09 72.13
C GLN KA 33 102.87 27.63 71.82
N ARG KA 34 103.49 28.30 70.86
CA ARG KA 34 104.72 27.83 70.25
C ARG KA 34 105.70 28.98 70.05
N ASP KA 35 106.76 28.71 69.30
CA ASP KA 35 107.70 29.71 68.84
C ASP KA 35 108.21 29.27 67.48
N ASP KA 36 109.32 29.86 67.05
CA ASP KA 36 109.94 29.44 65.81
C ASP KA 36 111.46 29.48 65.99
N VAL KA 37 112.16 29.24 64.89
CA VAL KA 37 113.60 29.49 64.81
C VAL KA 37 113.77 30.51 63.69
N LYS KA 38 115.02 30.83 63.34
CA LYS KA 38 115.24 31.75 62.23
C LYS KA 38 114.77 31.16 60.91
N HIS KA 39 115.00 29.86 60.70
CA HIS KA 39 114.72 29.25 59.40
C HIS KA 39 113.23 29.00 59.19
N LEU KA 40 112.57 28.41 60.19
CA LEU KA 40 111.23 27.91 59.91
C LEU KA 40 110.37 27.88 61.18
N GLY KA 41 109.11 28.27 61.01
CA GLY KA 41 108.06 27.84 61.91
C GLY KA 41 106.98 27.22 61.06
N ILE KA 42 106.78 25.90 61.19
CA ILE KA 42 105.92 25.18 60.28
C ILE KA 42 104.62 24.84 60.97
N CYS KA 43 103.51 25.09 60.27
CA CYS KA 43 102.18 24.86 60.81
C CYS KA 43 101.26 24.42 59.67
N LYS KA 44 101.03 23.12 59.55
CA LYS KA 44 99.89 22.67 58.75
C LYS KA 44 98.61 22.97 59.53
N VAL KA 45 97.81 23.87 58.99
CA VAL KA 45 96.68 24.41 59.74
C VAL KA 45 95.48 23.47 59.64
N ILE KA 46 95.49 22.57 58.66
CA ILE KA 46 94.37 21.68 58.41
C ILE KA 46 94.63 20.29 59.00
N SER KA 47 95.51 20.22 60.01
CA SER KA 47 96.09 18.95 60.43
C SER KA 47 95.12 18.10 61.22
N ASP KA 48 94.60 18.62 62.33
CA ASP KA 48 93.82 17.84 63.28
C ASP KA 48 92.36 17.67 62.88
N VAL KA 49 91.99 17.86 61.61
CA VAL KA 49 90.60 17.78 61.19
C VAL KA 49 90.32 16.33 60.80
N THR KA 50 89.70 15.58 61.69
CA THR KA 50 89.36 14.18 61.48
C THR KA 50 87.86 14.04 61.28
N ARG KA 51 87.43 12.86 60.82
CA ARG KA 51 86.01 12.59 60.65
C ARG KA 51 85.36 12.37 62.01
N GLY KA 52 84.25 13.06 62.25
CA GLY KA 52 83.51 12.92 63.47
C GLY KA 52 82.23 13.74 63.44
N PRO KA 53 81.33 13.48 64.40
CA PRO KA 53 80.06 14.22 64.42
C PRO KA 53 80.17 15.64 64.96
N GLY KA 54 81.21 15.94 65.73
CA GLY KA 54 81.34 17.25 66.33
C GLY KA 54 81.70 18.33 65.34
N LEU KA 55 81.60 19.58 65.79
CA LEU KA 55 81.92 20.72 64.95
C LEU KA 55 83.41 21.00 64.85
N THR KA 56 84.23 20.31 65.65
CA THR KA 56 85.68 20.31 65.46
C THR KA 56 86.14 19.19 64.54
N HIS KA 57 85.27 18.75 63.64
CA HIS KA 57 85.50 17.58 62.81
C HIS KA 57 85.02 17.88 61.40
N ARG KA 58 84.90 16.83 60.59
CA ARG KA 58 84.58 17.00 59.18
C ARG KA 58 83.63 15.89 58.72
N VAL KA 59 82.92 16.17 57.63
CA VAL KA 59 82.03 15.22 56.99
C VAL KA 59 82.56 14.98 55.58
N GLY KA 60 83.07 13.77 55.34
CA GLY KA 60 83.64 13.43 54.05
C GLY KA 60 85.09 13.83 53.90
N LYS KA 61 85.47 14.28 52.70
CA LYS KA 61 86.86 14.65 52.45
C LYS KA 61 86.95 15.90 51.57
N ARG KA 62 85.91 16.73 51.57
CA ARG KA 62 85.86 17.93 50.74
C ARG KA 62 85.64 19.15 51.63
N PHE KA 63 86.52 20.15 51.50
CA PHE KA 63 86.43 21.40 52.24
C PHE KA 63 86.23 22.55 51.27
N CYS KA 64 85.64 23.63 51.78
CA CYS KA 64 85.73 24.96 51.17
C CYS KA 64 85.93 25.92 52.34
N ILE KA 65 87.19 26.23 52.63
CA ILE KA 65 87.53 27.15 53.71
C ILE KA 65 87.03 28.53 53.37
N LYS KA 66 86.09 29.03 54.16
CA LYS KA 66 85.56 30.37 53.93
C LYS KA 66 86.57 31.44 54.28
N SER KA 67 87.11 31.39 55.50
CA SER KA 67 88.10 32.38 55.90
C SER KA 67 88.99 31.82 56.99
N ILE KA 68 90.25 32.24 56.96
CA ILE KA 68 91.20 32.02 58.05
C ILE KA 68 91.26 33.30 58.87
N TYR KA 69 91.00 33.19 60.16
CA TYR KA 69 91.00 34.32 61.08
C TYR KA 69 92.19 34.17 62.02
N ILE KA 70 93.22 34.96 61.79
CA ILE KA 70 94.49 34.82 62.51
C ILE KA 70 94.51 35.83 63.66
N LEU KA 71 94.38 35.33 64.87
CA LEU KA 71 94.76 36.07 66.06
C LEU KA 71 96.20 35.73 66.43
N GLY KA 72 96.77 36.54 67.30
CA GLY KA 72 98.12 36.23 67.75
C GLY KA 72 98.85 37.37 68.42
N LYS KA 73 99.59 37.05 69.47
CA LYS KA 73 100.48 37.99 70.14
C LYS KA 73 101.91 37.52 69.99
N ILE KA 74 102.76 38.39 69.48
CA ILE KA 74 104.13 38.04 69.11
C ILE KA 74 105.06 38.85 70.00
N TRP KA 75 105.71 38.19 70.95
CA TRP KA 75 106.52 38.91 71.93
C TRP KA 75 107.94 38.35 71.97
N LEU KA 76 108.74 39.01 72.79
CA LEU KA 76 110.04 38.52 73.22
C LEU KA 76 110.26 38.77 74.71
N ASP KA 77 109.19 38.85 75.51
CA ASP KA 77 109.23 39.41 76.85
C ASP KA 77 109.70 38.40 77.90
N GLU KA 78 110.40 37.35 77.46
CA GLU KA 78 111.23 36.56 78.35
C GLU KA 78 112.35 37.45 78.89
N THR KA 79 112.91 37.10 80.06
CA THR KA 79 113.92 37.93 80.71
C THR KA 79 115.27 37.93 79.98
N ILE KA 80 115.41 37.15 78.91
CA ILE KA 80 116.61 37.09 78.10
C ILE KA 80 116.16 37.63 76.74
N LYS KA 81 117.06 37.65 75.76
CA LYS KA 81 116.85 38.12 74.38
C LYS KA 81 116.57 39.61 74.33
N LYS KA 82 117.19 40.37 75.23
CA LYS KA 82 117.35 41.81 75.07
C LYS KA 82 118.59 42.18 74.27
N GLN KA 83 119.65 41.38 74.34
CA GLN KA 83 120.77 41.50 73.42
C GLN KA 83 120.45 40.77 72.12
N ASN KA 84 121.27 41.04 71.09
CA ASN KA 84 121.13 40.54 69.71
C ASN KA 84 119.74 40.86 69.18
N HIS KA 85 119.29 42.08 69.43
CA HIS KA 85 117.88 42.46 69.33
C HIS KA 85 117.51 43.04 67.97
N THR KA 86 116.32 43.66 67.92
CA THR KA 86 115.68 44.25 66.74
C THR KA 86 115.44 43.24 65.61
N ASN KA 87 114.57 42.27 65.84
CA ASN KA 87 114.16 41.31 64.81
C ASN KA 87 112.70 41.58 64.45
N ASN KA 88 112.29 41.14 63.25
CA ASN KA 88 110.91 41.25 62.81
C ASN KA 88 110.43 39.93 62.23
N VAL KA 89 109.12 39.80 62.14
CA VAL KA 89 108.47 38.55 61.75
C VAL KA 89 107.74 38.79 60.43
N ILE KA 90 108.01 37.95 59.44
CA ILE KA 90 107.29 37.97 58.17
C ILE KA 90 106.46 36.70 58.10
N PHE KA 91 105.15 36.84 57.93
CA PHE KA 91 104.29 35.68 57.82
C PHE KA 91 104.10 35.26 56.37
N TYR KA 92 103.83 33.98 56.17
CA TYR KA 92 103.64 33.42 54.84
C TYR KA 92 102.46 32.46 54.89
N LEU KA 93 101.43 32.74 54.10
CA LEU KA 93 100.25 31.89 54.02
C LEU KA 93 100.18 31.40 52.57
N LEU KA 94 100.52 30.12 52.37
CA LEU KA 94 100.75 29.60 51.03
C LEU KA 94 99.61 28.68 50.61
N ARG KA 95 99.24 28.75 49.33
CA ARG KA 95 98.34 27.76 48.75
C ARG KA 95 99.18 26.63 48.18
N ASP KA 96 99.14 25.47 48.83
CA ASP KA 96 99.94 24.32 48.42
C ASP KA 96 99.22 23.54 47.32
N ARG KA 97 100.00 22.86 46.48
CA ARG KA 97 99.46 22.11 45.36
C ARG KA 97 99.48 20.60 45.56
N ARG KA 98 100.41 20.05 46.35
CA ARG KA 98 100.53 18.61 46.54
C ARG KA 98 101.21 18.35 47.87
N PRO KA 99 100.87 17.25 48.56
CA PRO KA 99 101.57 16.90 49.79
C PRO KA 99 102.67 15.88 49.58
N TYR KA 100 103.54 15.71 50.57
CA TYR KA 100 104.43 14.55 50.66
C TYR KA 100 104.47 14.14 52.13
N GLY KA 101 103.51 13.30 52.54
CA GLY KA 101 103.44 12.81 53.90
C GLY KA 101 103.27 13.89 54.94
N ASN KA 102 104.36 14.16 55.67
CA ASN KA 102 104.40 15.26 56.63
C ASN KA 102 104.67 16.59 55.91
N ALA KA 103 105.01 17.62 56.69
CA ALA KA 103 105.27 18.93 56.11
C ALA KA 103 106.65 18.95 55.46
N PRO KA 104 106.80 19.59 54.30
CA PRO KA 104 108.12 19.68 53.65
C PRO KA 104 109.03 20.69 54.31
N GLN KA 105 110.20 20.92 53.71
CA GLN KA 105 111.15 21.89 54.21
C GLN KA 105 110.63 23.31 53.98
N ASP KA 106 111.30 24.28 54.61
CA ASP KA 106 111.07 25.68 54.30
C ASP KA 106 112.22 26.28 53.49
N PHE KA 107 113.43 26.26 54.05
CA PHE KA 107 114.56 26.91 53.40
C PHE KA 107 115.00 26.17 52.15
N GLY KA 108 114.75 24.85 52.09
CA GLY KA 108 114.94 24.10 50.88
C GLY KA 108 113.76 24.12 49.93
N GLN KA 109 112.69 24.82 50.28
CA GLN KA 109 111.51 24.91 49.42
C GLN KA 109 111.29 26.33 48.89
N ILE KA 110 111.19 27.34 49.77
CA ILE KA 110 111.24 28.70 49.27
C ILE KA 110 112.69 29.07 48.96
N PHE KA 111 112.86 30.10 48.15
CA PHE KA 111 114.07 30.18 47.32
C PHE KA 111 115.27 30.70 48.11
N ASN KA 112 115.21 31.94 48.60
CA ASN KA 112 116.43 32.59 49.06
C ASN KA 112 116.25 32.97 50.53
N MET KA 113 117.24 33.70 51.06
CA MET KA 113 117.34 33.94 52.50
C MET KA 113 116.37 35.06 52.93
N PHE KA 114 115.19 34.62 53.36
CA PHE KA 114 114.24 35.25 54.28
C PHE KA 114 113.51 36.45 53.68
N ASP KA 115 113.85 36.88 52.47
CA ASP KA 115 113.07 37.85 51.70
C ASP KA 115 112.97 37.29 50.29
N ASN KA 116 111.95 36.49 50.04
CA ASN KA 116 111.96 35.64 48.85
C ASN KA 116 110.56 35.27 48.42
N GLU KA 117 110.50 34.30 47.52
CA GLU KA 117 109.33 33.70 46.91
C GLU KA 117 109.61 32.19 46.86
N PRO KA 118 108.65 31.34 46.50
CA PRO KA 118 108.99 29.94 46.24
C PRO KA 118 109.90 29.80 45.02
N SER KA 119 110.61 28.67 44.98
CA SER KA 119 111.60 28.44 43.93
C SER KA 119 110.93 28.22 42.58
N THR KA 120 111.75 28.33 41.53
CA THR KA 120 111.26 28.20 40.16
C THR KA 120 110.83 26.77 39.84
N ALA KA 121 111.42 25.78 40.51
CA ALA KA 121 111.07 24.39 40.29
C ALA KA 121 109.94 23.91 41.19
N THR KA 122 109.33 24.80 41.98
CA THR KA 122 108.35 24.40 42.96
C THR KA 122 106.95 24.94 42.68
N ILE KA 123 106.79 25.80 41.68
CA ILE KA 123 105.50 26.41 41.39
C ILE KA 123 104.52 25.40 40.78
N PHE KA 131 105.04 26.22 44.88
CA PHE KA 131 103.74 26.23 45.52
C PHE KA 131 103.19 27.65 45.48
N GLN KA 132 101.87 27.79 45.37
CA GLN KA 132 101.29 29.11 45.26
C GLN KA 132 101.30 29.82 46.61
N VAL KA 133 101.22 31.14 46.55
CA VAL KA 133 101.23 32.03 47.70
C VAL KA 133 99.86 32.67 47.76
N LEU KA 134 99.37 32.99 48.96
CA LEU KA 134 98.20 33.85 49.04
C LEU KA 134 98.56 35.28 49.45
N ARG KA 135 99.09 35.48 50.66
CA ARG KA 135 99.50 36.82 51.11
C ARG KA 135 100.63 36.70 52.13
N LYS KA 136 101.07 37.87 52.61
CA LYS KA 136 102.12 38.01 53.62
C LYS KA 136 101.61 38.90 54.75
N PHE KA 137 102.39 38.99 55.82
CA PHE KA 137 102.09 39.91 56.92
C PHE KA 137 103.41 40.45 57.48
N HIS KA 138 103.29 41.32 58.48
CA HIS KA 138 104.44 41.92 59.14
C HIS KA 138 104.21 41.97 60.64
N ALA KA 139 105.31 41.86 61.39
CA ALA KA 139 105.29 42.03 62.84
C ALA KA 139 106.71 42.40 63.26
N THR KA 140 106.86 43.59 63.83
CA THR KA 140 108.18 44.15 64.13
C THR KA 140 108.32 44.34 65.63
N VAL KA 141 109.14 43.50 66.27
CA VAL KA 141 109.36 43.58 67.72
C VAL KA 141 110.81 43.98 67.97
N VAL KA 142 111.02 45.26 68.27
CA VAL KA 142 112.38 45.77 68.42
C VAL KA 142 112.61 46.21 69.88
N GLY KA 143 113.23 45.34 70.67
CA GLY KA 143 113.49 45.69 72.06
C GLY KA 143 114.89 45.36 72.55
N GLY KA 144 115.66 46.38 72.91
CA GLY KA 144 117.00 46.14 73.40
C GLY KA 144 117.16 46.50 74.87
N LEU KA 145 117.81 47.63 75.15
CA LEU KA 145 117.97 48.10 76.51
C LEU KA 145 117.66 49.58 76.56
N TYR KA 146 117.48 50.08 77.79
CA TYR KA 146 117.32 51.48 78.19
C TYR KA 146 116.09 52.17 77.63
N CYS KA 147 115.18 51.51 76.91
CA CYS KA 147 113.82 52.01 76.93
C CYS KA 147 112.83 50.90 77.36
N MET KA 148 112.85 49.67 76.82
CA MET KA 148 113.27 49.24 75.48
C MET KA 148 112.01 49.28 74.60
N LYS KA 149 112.06 50.06 73.52
CA LYS KA 149 110.81 50.42 72.87
C LYS KA 149 110.54 49.55 71.64
N GLU KA 150 110.08 48.33 71.92
CA GLU KA 150 108.93 47.63 71.34
C GLU KA 150 108.84 46.24 71.93
N GLN KA 151 107.64 45.66 71.92
CA GLN KA 151 107.30 44.40 72.55
C GLN KA 151 106.07 43.82 71.87
N ALA KA 152 105.36 42.95 72.59
CA ALA KA 152 104.20 42.15 72.17
C ALA KA 152 103.20 42.96 71.35
N LEU KA 153 103.01 42.55 70.10
CA LEU KA 153 102.07 43.21 69.19
C LEU KA 153 100.89 42.28 68.97
N VAL KA 154 99.71 42.87 68.74
CA VAL KA 154 98.52 42.08 68.51
C VAL KA 154 98.13 42.19 67.04
N LYS KA 155 97.85 41.05 66.40
CA LYS KA 155 97.50 41.00 64.99
C LYS KA 155 96.21 40.22 64.81
N ARG KA 156 95.19 40.87 64.25
CA ARG KA 156 93.97 40.21 63.83
C ARG KA 156 93.73 40.48 62.35
N PHE KA 157 93.28 39.45 61.62
CA PHE KA 157 93.11 39.56 60.17
C PHE KA 157 91.98 38.64 59.72
N TYR KA 158 90.93 39.22 59.14
CA TYR KA 158 90.08 38.47 58.22
C TYR KA 158 90.87 38.15 56.96
N ARG KA 159 90.70 36.92 56.44
CA ARG KA 159 91.42 36.51 55.24
C ARG KA 159 90.62 35.42 54.55
N LEU KA 160 89.90 35.79 53.49
CA LEU KA 160 89.07 34.85 52.75
C LEU KA 160 89.91 33.94 51.86
N ASN KA 161 89.52 32.68 51.78
CA ASN KA 161 90.29 31.66 51.05
C ASN KA 161 89.32 30.71 50.37
N HIS KA 162 89.81 29.55 49.95
CA HIS KA 162 89.02 28.64 49.11
C HIS KA 162 89.36 27.19 49.47
N HIS KA 163 88.99 26.27 48.57
CA HIS KA 163 88.69 24.88 48.87
C HIS KA 163 89.94 24.05 49.13
N VAL KA 164 89.73 22.94 49.87
CA VAL KA 164 90.74 21.98 50.28
C VAL KA 164 90.15 20.58 50.11
N THR KA 165 90.96 19.62 49.67
CA THR KA 165 90.52 18.24 49.53
C THR KA 165 91.43 17.33 50.35
N TYR KA 166 90.85 16.32 51.01
CA TYR KA 166 91.61 15.22 51.59
C TYR KA 166 91.55 14.00 50.68
N ASN KA 167 92.62 13.20 50.70
CA ASN KA 167 92.70 12.02 49.85
C ASN KA 167 91.91 10.86 50.46
N HIS KA 168 92.34 10.40 51.63
CA HIS KA 168 91.74 9.21 52.21
C HIS KA 168 90.44 9.54 52.92
N GLN KA 169 89.63 8.50 53.14
CA GLN KA 169 88.37 8.62 53.86
C GLN KA 169 88.53 8.26 55.33
N GLU KA 170 89.74 8.42 55.86
CA GLU KA 170 90.07 8.10 57.23
C GLU KA 170 89.62 9.22 58.17
N ALA KA 171 89.63 8.91 59.46
CA ALA KA 171 89.53 9.93 60.50
C ALA KA 171 90.94 10.32 60.96
N GLY KA 172 91.76 10.72 59.97
CA GLY KA 172 93.18 10.86 60.15
C GLY KA 172 93.65 12.30 60.22
N LYS KA 173 94.95 12.43 60.46
CA LYS KA 173 95.63 13.72 60.62
C LYS KA 173 96.13 14.20 59.26
N TYR KA 174 97.07 15.15 59.27
CA TYR KA 174 97.58 15.83 58.08
C TYR KA 174 98.30 14.93 57.08
N GLU KA 175 98.53 13.66 57.39
CA GLU KA 175 99.38 12.81 56.55
C GLU KA 175 98.67 12.39 55.26
N ASN KA 176 97.33 12.32 55.27
CA ASN KA 176 96.58 11.77 54.13
C ASN KA 176 96.01 12.85 53.21
N HIS KA 177 96.76 13.94 53.00
CA HIS KA 177 96.30 15.02 52.15
C HIS KA 177 96.36 14.66 50.67
N THR KA 178 95.89 15.59 49.85
CA THR KA 178 95.98 15.55 48.40
C THR KA 178 96.09 16.99 47.91
N GLU KA 179 95.73 17.22 46.65
CA GLU KA 179 95.74 18.54 46.01
C GLU KA 179 95.00 19.60 46.84
N ASN KA 180 95.48 20.84 46.71
CA ASN KA 180 94.95 22.05 47.34
C ASN KA 180 94.99 21.94 48.87
N ALA KA 181 96.22 21.87 49.37
CA ALA KA 181 96.49 22.09 50.78
C ALA KA 181 96.84 23.56 51.00
N LEU KA 182 96.88 23.97 52.27
CA LEU KA 182 97.30 25.32 52.63
C LEU KA 182 97.82 25.30 54.05
N LEU KA 183 98.88 26.05 54.31
CA LEU KA 183 99.57 26.01 55.59
C LEU KA 183 100.34 27.31 55.77
N LEU KA 184 101.04 27.40 56.90
CA LEU KA 184 101.75 28.62 57.27
C LEU KA 184 103.25 28.37 57.41
N TYR KA 185 104.02 29.42 57.14
CA TYR KA 185 105.42 29.49 57.51
C TYR KA 185 105.67 30.82 58.21
N MET KA 186 106.46 30.79 59.26
CA MET KA 186 106.87 31.98 59.98
C MET KA 186 108.39 32.11 59.89
N ALA KA 187 108.87 33.33 59.72
CA ALA KA 187 110.28 33.56 59.44
C ALA KA 187 110.84 34.65 60.34
N CYS KA 188 111.98 34.38 60.96
CA CYS KA 188 112.76 35.38 61.66
C CYS KA 188 113.92 35.84 60.77
N THR KA 189 114.40 37.04 61.02
CA THR KA 189 115.41 37.67 60.17
C THR KA 189 116.74 37.90 60.86
N HIS KA 190 116.98 37.29 62.01
CA HIS KA 190 118.25 37.45 62.72
C HIS KA 190 118.63 36.14 63.40
N ALA KA 191 119.94 36.01 63.67
CA ALA KA 191 120.49 34.75 64.17
C ALA KA 191 120.02 34.41 65.57
N SER KA 192 119.69 35.42 66.38
CA SER KA 192 119.06 35.15 67.67
C SER KA 192 117.63 34.66 67.46
N ASN KA 193 117.07 34.07 68.51
CA ASN KA 193 115.68 33.65 68.44
C ASN KA 193 114.86 34.29 69.55
N PRO KA 194 114.47 35.57 69.43
CA PRO KA 194 113.67 36.18 70.50
C PRO KA 194 112.19 35.89 70.38
N VAL KA 195 111.71 35.50 69.21
CA VAL KA 195 110.30 35.53 68.87
C VAL KA 195 109.59 34.37 69.56
N TYR KA 196 108.70 34.69 70.49
CA TYR KA 196 107.76 33.74 71.06
C TYR KA 196 106.36 34.11 70.59
N ALA KA 197 106.01 33.58 69.42
CA ALA KA 197 104.76 33.92 68.74
C ALA KA 197 103.73 32.84 68.98
N THR KA 198 102.65 33.19 69.69
CA THR KA 198 101.54 32.30 69.92
C THR KA 198 100.32 32.84 69.21
N LEU KA 199 99.70 32.00 68.38
CA LEU KA 199 98.68 32.45 67.45
C LEU KA 199 97.44 31.58 67.58
N LYS KA 200 96.29 32.24 67.58
CA LYS KA 200 94.99 31.57 67.54
C LYS KA 200 94.43 31.67 66.13
N ILE KA 201 94.21 30.54 65.49
CA ILE KA 201 93.91 30.48 64.06
C ILE KA 201 92.55 29.82 63.90
N ARG KA 202 91.51 30.63 63.72
CA ARG KA 202 90.17 30.10 63.44
C ARG KA 202 90.00 29.85 61.95
N ILE KA 203 89.56 28.64 61.61
CA ILE KA 203 89.03 28.35 60.29
C ILE KA 203 87.58 27.93 60.49
N TYR KA 204 86.64 28.71 59.94
CA TYR KA 204 85.25 28.31 59.87
C TYR KA 204 84.85 28.19 58.41
N PHE KA 205 84.13 27.12 58.10
CA PHE KA 205 83.90 26.71 56.72
C PHE KA 205 82.59 25.95 56.58
N PRO LA 16 95.04 38.91 28.45
CA PRO LA 16 94.31 39.90 29.26
C PRO LA 16 95.22 40.78 30.11
N ASP LA 17 96.54 40.55 30.02
CA ASP LA 17 97.50 41.25 30.86
C ASP LA 17 98.51 42.04 30.03
N ILE LA 18 99.01 41.47 28.95
CA ILE LA 18 100.17 41.99 28.21
C ILE LA 18 99.74 42.68 26.91
N PRO LA 19 100.43 43.75 26.50
CA PRO LA 19 100.12 44.40 25.23
C PRO LA 19 100.99 43.99 24.06
N ARG LA 20 101.96 43.08 24.24
CA ARG LA 20 102.98 42.85 23.22
C ARG LA 20 102.86 41.49 22.54
N GLY LA 21 102.91 40.39 23.29
CA GLY LA 21 102.95 39.07 22.71
C GLY LA 21 102.57 37.99 23.70
N CYS LA 22 102.03 36.89 23.18
CA CYS LA 22 101.38 35.85 23.97
C CYS LA 22 102.36 34.89 24.65
N GLU LA 23 103.64 35.27 24.77
CA GLU LA 23 104.57 34.53 25.60
C GLU LA 23 104.17 34.61 27.06
N GLY LA 24 104.64 33.64 27.83
CA GLY LA 24 104.46 33.66 29.27
C GLY LA 24 105.22 34.80 29.89
N PRO LA 25 104.62 35.47 30.88
CA PRO LA 25 105.32 36.58 31.55
C PRO LA 25 106.46 36.08 32.42
N CYS LA 26 107.59 35.80 31.78
CA CYS LA 26 108.69 35.09 32.42
C CYS LA 26 109.44 36.02 33.38
N LYS LA 27 109.79 35.46 34.53
CA LYS LA 27 110.48 36.20 35.57
C LYS LA 27 111.98 36.14 35.36
N VAL LA 28 112.64 37.30 35.43
CA VAL LA 28 114.10 37.38 35.49
C VAL LA 28 114.43 38.24 36.69
N GLN LA 29 114.89 37.62 37.76
CA GLN LA 29 115.06 38.29 39.04
C GLN LA 29 116.53 38.64 39.27
N SER LA 30 116.75 39.92 39.54
CA SER LA 30 118.10 40.40 39.81
C SER LA 30 118.21 40.55 41.33
N PHE LA 31 118.47 39.44 42.01
CA PHE LA 31 118.74 39.51 43.42
C PHE LA 31 120.13 40.11 43.65
N GLU LA 32 120.23 40.93 44.68
CA GLU LA 32 121.52 41.40 45.14
C GLU LA 32 121.68 41.08 46.62
N GLN LA 33 122.91 40.77 46.99
CA GLN LA 33 123.33 40.76 48.40
C GLN LA 33 124.51 41.71 48.43
N ARG LA 34 124.20 43.00 48.52
CA ARG LA 34 125.17 44.06 48.29
C ARG LA 34 125.03 45.16 49.33
N ASP LA 35 125.69 46.27 49.07
CA ASP LA 35 125.55 47.49 49.84
C ASP LA 35 125.76 48.66 48.89
N ASP LA 36 126.01 49.84 49.45
CA ASP LA 36 126.33 51.00 48.63
C ASP LA 36 127.41 51.81 49.33
N VAL LA 37 127.71 52.97 48.75
CA VAL LA 37 128.50 53.99 49.41
C VAL LA 37 127.61 55.22 49.50
N LYS LA 38 128.15 56.34 49.97
CA LYS LA 38 127.36 57.57 50.01
C LYS LA 38 127.00 58.05 48.61
N HIS LA 39 127.93 57.94 47.66
CA HIS LA 39 127.73 58.52 46.35
C HIS LA 39 126.81 57.67 45.48
N LEU LA 40 127.04 56.36 45.44
CA LEU LA 40 126.37 55.58 44.42
C LEU LA 40 126.18 54.13 44.85
N GLY LA 41 125.01 53.59 44.55
CA GLY LA 41 124.84 52.17 44.41
C GLY LA 41 124.24 51.91 43.05
N ILE LA 42 125.01 51.29 42.15
CA ILE LA 42 124.60 51.20 40.75
C ILE LA 42 124.13 49.77 40.46
N CYS LA 43 122.98 49.69 39.79
CA CYS LA 43 122.39 48.39 39.46
C CYS LA 43 121.69 48.53 38.12
N LYS LA 44 122.33 48.07 37.04
CA LYS LA 44 121.59 47.79 35.82
C LYS LA 44 120.75 46.54 36.03
N VAL LA 45 119.43 46.70 36.01
CA VAL LA 45 118.54 45.63 36.42
C VAL LA 45 118.31 44.67 35.26
N ILE LA 46 118.58 45.10 34.04
CA ILE LA 46 118.30 44.32 32.84
C ILE LA 46 119.57 43.63 32.34
N SER LA 47 120.54 43.42 33.24
CA SER LA 47 121.91 43.10 32.85
C SER LA 47 122.03 41.65 32.36
N ASP LA 48 121.69 40.69 33.22
CA ASP LA 48 121.95 39.28 32.97
C ASP LA 48 120.93 38.61 32.06
N VAL LA 49 120.16 39.37 31.27
CA VAL LA 49 119.12 38.78 30.44
C VAL LA 49 119.75 38.44 29.08
N THR LA 50 120.09 37.18 28.88
CA THR LA 50 120.70 36.69 27.66
C THR LA 50 119.69 35.87 26.87
N ARG LA 51 120.01 35.58 25.61
CA ARG LA 51 119.16 34.74 24.78
C ARG LA 51 119.28 33.28 25.22
N GLY LA 52 118.13 32.65 25.43
CA GLY LA 52 118.09 31.25 25.81
C GLY LA 52 116.67 30.74 25.88
N PRO LA 53 116.51 29.41 25.96
CA PRO LA 53 115.16 28.83 26.00
C PRO LA 53 114.49 28.94 27.36
N GLY LA 54 115.25 29.13 28.44
CA GLY LA 54 114.66 29.17 29.76
C GLY LA 54 113.90 30.45 30.04
N LEU LA 55 113.17 30.44 31.14
CA LEU LA 55 112.38 31.61 31.54
C LEU LA 55 113.20 32.68 32.23
N THR LA 56 114.47 32.40 32.55
CA THR LA 56 115.41 33.43 32.98
C THR LA 56 116.17 34.03 31.81
N HIS LA 57 115.57 34.01 30.62
CA HIS LA 57 116.24 34.40 29.38
C HIS LA 57 115.26 35.21 28.54
N ARG LA 58 115.60 35.40 27.28
CA ARG LA 58 114.83 36.27 26.40
C ARG LA 58 114.75 35.68 25.00
N VAL LA 59 113.73 36.11 24.26
CA VAL LA 59 113.55 35.74 22.86
C VAL LA 59 113.63 37.01 22.04
N GLY LA 60 114.69 37.13 21.24
CA GLY LA 60 114.90 38.31 20.42
C GLY LA 60 115.60 39.43 21.14
N LYS LA 61 115.19 40.67 20.86
CA LYS LA 61 115.82 41.83 21.49
C LYS LA 61 114.80 42.90 21.85
N ARG LA 62 113.54 42.52 22.02
CA ARG LA 62 112.47 43.45 22.35
C ARG LA 62 111.80 43.06 23.65
N PHE LA 63 111.72 44.00 24.58
CA PHE LA 63 111.07 43.80 25.87
C PHE LA 63 109.88 44.73 26.00
N CYS LA 64 108.94 44.32 26.85
CA CYS LA 64 107.94 45.22 27.42
C CYS LA 64 107.82 44.80 28.89
N ILE LA 65 108.58 45.47 29.75
CA ILE LA 65 108.56 45.17 31.18
C ILE LA 65 107.20 45.54 31.74
N LYS LA 66 106.47 44.53 32.23
CA LYS LA 66 105.15 44.78 32.80
C LYS LA 66 105.28 45.49 34.15
N SER LA 67 106.06 44.93 35.06
CA SER LA 67 106.22 45.56 36.37
C SER LA 67 107.55 45.14 36.99
N ILE LA 68 108.14 46.08 37.73
CA ILE LA 68 109.26 45.80 38.61
C ILE LA 68 108.73 45.65 40.02
N TYR LA 69 109.03 44.52 40.65
CA TYR LA 69 108.58 44.20 42.00
C TYR LA 69 109.79 44.21 42.91
N ILE LA 70 109.93 45.26 43.71
CA ILE LA 70 111.12 45.47 44.53
C ILE LA 70 110.83 44.97 45.93
N LEU LA 71 111.45 43.85 46.29
CA LEU LA 71 111.61 43.45 47.69
C LEU LA 71 112.92 43.98 48.21
N GLY LA 72 113.08 43.95 49.53
CA GLY LA 72 114.34 44.37 50.10
C GLY LA 72 114.32 44.68 51.57
N LYS LA 73 115.37 44.29 52.28
CA LYS LA 73 115.57 44.63 53.67
C LYS LA 73 116.82 45.48 53.78
N ILE LA 74 116.68 46.65 54.40
CA ILE LA 74 117.74 47.66 54.44
C ILE LA 74 118.13 47.83 55.89
N TRP LA 75 119.31 47.34 56.27
CA TRP LA 75 119.71 47.36 57.66
C TRP LA 75 121.06 48.03 57.84
N LEU LA 76 121.45 48.14 59.10
CA LEU LA 76 122.80 48.48 59.52
C LEU LA 76 123.25 47.62 60.69
N ASP LA 77 122.72 46.41 60.83
CA ASP LA 77 122.80 45.64 62.07
C ASP LA 77 124.11 44.86 62.18
N GLU LA 78 125.14 45.28 61.46
CA GLU LA 78 126.51 44.91 61.77
C GLU LA 78 126.87 45.49 63.14
N THR LA 79 127.84 44.87 63.81
CA THR LA 79 128.22 45.28 65.17
C THR LA 79 128.91 46.65 65.24
N ILE LA 80 129.18 47.26 64.08
CA ILE LA 80 129.80 48.58 64.00
C ILE LA 80 128.71 49.45 63.36
N LYS LA 81 129.01 50.73 63.10
CA LYS LA 81 128.13 51.74 62.50
C LYS LA 81 126.94 52.06 63.41
N LYS LA 82 127.17 52.03 64.72
CA LYS LA 82 126.28 52.68 65.67
C LYS LA 82 126.65 54.13 65.91
N GLN LA 83 127.93 54.50 65.79
CA GLN LA 83 128.33 55.90 65.74
C GLN LA 83 128.18 56.42 64.31
N ASN LA 84 128.24 57.75 64.17
CA ASN LA 84 128.04 58.50 62.92
C ASN LA 84 126.70 58.13 62.29
N HIS LA 85 125.67 58.04 63.13
CA HIS LA 85 124.42 57.37 62.80
C HIS LA 85 123.37 58.29 62.22
N THR LA 86 122.12 57.79 62.17
CA THR LA 86 120.93 58.42 61.60
C THR LA 86 121.06 58.78 60.13
N ASN LA 87 121.17 57.76 59.27
CA ASN LA 87 121.18 57.96 57.82
C ASN LA 87 119.90 57.40 57.23
N ASN LA 88 119.52 57.89 56.05
CA ASN LA 88 118.35 57.40 55.34
C ASN LA 88 118.71 57.11 53.89
N VAL LA 89 117.85 56.32 53.23
CA VAL LA 89 118.09 55.82 51.89
C VAL LA 89 117.02 56.39 50.97
N ILE LA 90 117.45 57.02 49.88
CA ILE LA 90 116.54 57.49 48.84
C ILE LA 90 116.78 56.64 47.60
N PHE LA 91 115.72 56.01 47.11
CA PHE LA 91 115.86 55.20 45.91
C PHE LA 91 115.54 56.01 44.66
N TYR LA 92 116.13 55.58 43.55
CA TYR LA 92 115.95 56.25 42.27
C TYR LA 92 115.77 55.19 41.20
N LEU LA 93 114.63 55.21 40.51
CA LEU LA 93 114.35 54.27 39.43
C LEU LA 93 114.16 55.12 38.17
N LEU LA 94 115.15 55.10 37.29
CA LEU LA 94 115.24 56.04 36.19
C LEU LA 94 114.92 55.35 34.87
N ARG LA 95 114.22 56.07 33.98
CA ARG LA 95 114.06 55.63 32.60
C ARG LA 95 115.20 56.22 31.78
N ASP LA 96 116.14 55.37 31.37
CA ASP LA 96 117.31 55.81 30.62
C ASP LA 96 116.98 55.92 29.14
N ARG LA 97 117.69 56.80 28.44
CA ARG LA 97 117.46 57.05 27.03
C ARG LA 97 118.52 56.45 26.12
N ARG LA 98 119.77 56.29 26.56
CA ARG LA 98 120.84 55.77 25.72
C ARG LA 98 121.90 55.15 26.62
N PRO LA 99 122.59 54.10 26.15
CA PRO LA 99 123.69 53.53 26.94
C PRO LA 99 125.06 54.06 26.50
N TYR LA 100 126.07 53.83 27.32
CA TYR LA 100 127.47 53.95 26.91
C TYR LA 100 128.23 52.79 27.54
N GLY LA 101 128.25 51.65 26.85
CA GLY LA 101 128.94 50.46 27.32
C GLY LA 101 128.44 49.94 28.65
N ASN LA 102 129.24 50.16 29.69
CA ASN LA 102 128.87 49.84 31.06
C ASN LA 102 127.96 50.93 31.64
N ALA LA 103 127.76 50.90 32.96
CA ALA LA 103 126.91 51.88 33.60
C ALA LA 103 127.65 53.21 33.74
N PRO LA 104 126.96 54.34 33.53
CA PRO LA 104 127.62 55.64 33.67
C PRO LA 104 127.79 56.05 35.14
N GLN LA 105 128.27 57.27 35.35
CA GLN LA 105 128.45 57.80 36.70
C GLN LA 105 127.09 58.08 37.35
N ASP LA 106 127.12 58.34 38.65
CA ASP LA 106 125.95 58.85 39.35
C ASP LA 106 126.10 60.33 39.71
N PHE LA 107 127.14 60.67 40.48
CA PHE LA 107 127.29 62.04 40.96
C PHE LA 107 127.68 62.98 39.84
N GLY LA 108 128.34 62.47 38.80
CA GLY LA 108 128.58 63.24 37.60
C GLY LA 108 127.46 63.20 36.58
N GLN LA 109 126.37 62.49 36.89
CA GLN LA 109 125.22 62.41 35.99
C GLN LA 109 123.99 63.09 36.56
N ILE LA 110 123.54 62.71 37.75
CA ILE LA 110 122.53 63.52 38.42
C ILE LA 110 123.21 64.75 39.02
N PHE LA 111 122.37 65.78 39.30
CA PHE LA 111 122.90 67.15 39.31
C PHE LA 111 123.64 67.48 40.60
N ASN LA 112 122.95 67.46 41.74
CA ASN LA 112 123.50 68.09 42.93
C ASN LA 112 123.60 67.03 44.03
N MET LA 113 123.97 67.48 45.24
CA MET LA 113 124.33 66.58 46.33
C MET LA 113 123.07 66.01 47.00
N PHE LA 114 122.67 64.83 46.52
CA PHE LA 114 121.90 63.77 47.18
C PHE LA 114 120.42 64.12 47.36
N ASP LA 115 120.00 65.34 47.05
CA ASP LA 115 118.58 65.71 46.94
C ASP LA 115 118.44 66.50 45.66
N ASN LA 116 118.17 65.81 44.55
CA ASN LA 116 118.37 66.42 43.25
C ASN LA 116 117.50 65.73 42.20
N GLU LA 117 117.81 66.06 40.95
CA GLU LA 117 117.21 65.59 39.71
C GLU LA 117 118.37 65.34 38.75
N PRO LA 118 118.15 64.73 37.58
CA PRO LA 118 119.21 64.71 36.57
C PRO LA 118 119.54 66.11 36.06
N SER LA 119 120.76 66.24 35.52
CA SER LA 119 121.28 67.52 35.09
C SER LA 119 120.53 68.03 33.85
N THR LA 120 120.69 69.33 33.59
CA THR LA 120 120.00 69.97 32.48
C THR LA 120 120.54 69.51 31.13
N ALA LA 121 121.81 69.07 31.07
CA ALA LA 121 122.39 68.59 29.84
C ALA LA 121 122.22 67.09 29.63
N THR LA 122 121.47 66.42 30.51
CA THR LA 122 121.35 64.97 30.47
C THR LA 122 119.94 64.49 30.15
N ILE LA 123 118.96 65.38 30.06
CA ILE LA 123 117.58 64.96 29.82
C ILE LA 123 117.38 64.51 28.39
N PHE LA 131 118.49 62.11 31.68
CA PHE LA 131 117.78 60.84 31.59
C PHE LA 131 116.46 60.97 32.33
N GLN LA 132 115.43 60.27 31.87
CA GLN LA 132 114.13 60.39 32.51
C GLN LA 132 114.09 59.64 33.84
N VAL LA 133 113.16 60.05 34.67
CA VAL LA 133 112.95 59.50 36.01
C VAL LA 133 111.60 58.80 35.96
N LEU LA 134 111.43 57.73 36.75
CA LEU LA 134 110.09 57.21 36.96
C LEU LA 134 109.53 57.57 38.34
N ARG LA 135 110.15 57.10 39.42
CA ARG LA 135 109.70 57.43 40.78
C ARG LA 135 110.88 57.36 41.74
N LYS LA 136 110.58 57.65 43.02
CA LYS LA 136 111.52 57.60 44.13
C LYS LA 136 110.95 56.75 45.24
N PHE LA 137 111.76 56.47 46.26
CA PHE LA 137 111.30 55.78 47.47
C PHE LA 137 112.03 56.36 48.68
N HIS LA 138 111.69 55.84 49.86
CA HIS LA 138 112.30 56.26 51.11
C HIS LA 138 112.58 55.04 51.98
N ALA LA 139 113.65 55.15 52.78
CA ALA LA 139 113.99 54.13 53.77
C ALA LA 139 114.84 54.82 54.82
N THR LA 140 114.36 54.87 56.06
CA THR LA 140 115.00 55.63 57.12
C THR LA 140 115.44 54.69 58.24
N VAL LA 141 116.75 54.48 58.36
CA VAL LA 141 117.30 53.61 59.38
C VAL LA 141 118.12 54.44 60.36
N VAL LA 142 117.54 54.74 61.51
CA VAL LA 142 118.18 55.63 62.48
C VAL LA 142 118.51 54.85 63.76
N GLY LA 143 119.76 54.40 63.87
CA GLY LA 143 120.15 53.67 65.06
C GLY LA 143 121.48 54.07 65.66
N GLY LA 144 121.46 54.60 66.88
CA GLY LA 144 122.70 55.00 67.53
C GLY LA 144 123.03 54.15 68.73
N LEU LA 145 122.83 54.69 69.93
CA LEU LA 145 123.07 53.95 71.16
C LEU LA 145 121.89 54.18 72.11
N TYR LA 146 121.83 53.34 73.14
CA TYR LA 146 120.93 53.39 74.29
C TYR LA 146 119.45 53.24 73.97
N CYS LA 147 119.04 52.99 72.73
CA CYS LA 147 117.77 52.29 72.57
C CYS LA 147 117.95 51.03 71.71
N MET LA 148 118.60 51.05 70.52
CA MET LA 148 118.75 52.14 69.55
C MET LA 148 117.58 52.02 68.57
N LYS LA 149 116.76 53.06 68.47
CA LYS LA 149 115.46 52.87 67.84
C LYS LA 149 115.45 53.33 66.38
N GLU LA 150 116.02 52.47 65.53
CA GLU LA 150 115.50 51.96 64.25
C GLU LA 150 116.54 51.05 63.63
N GLN LA 151 116.07 50.14 62.78
CA GLN LA 151 116.86 49.09 62.15
C GLN LA 151 116.18 48.64 60.86
N ALA LA 152 116.49 47.40 60.45
CA ALA LA 152 116.07 46.76 59.20
C ALA LA 152 114.60 46.97 58.88
N LEU LA 153 114.33 47.63 57.75
CA LEU LA 153 112.98 47.91 57.30
C LEU LA 153 112.69 47.06 56.07
N VAL LA 154 111.42 46.67 55.90
CA VAL LA 154 111.04 45.85 54.76
C VAL LA 154 110.24 46.71 53.79
N LYS LA 155 110.61 46.66 52.50
CA LYS LA 155 109.94 47.45 51.47
C LYS LA 155 109.51 46.53 50.34
N ARG LA 156 108.20 46.52 50.06
CA ARG LA 156 107.65 45.85 48.88
C ARG LA 156 106.85 46.87 48.07
N PHE LA 157 106.99 46.80 46.75
CA PHE LA 157 106.35 47.77 45.85
C PHE LA 157 106.03 47.11 44.51
N TYR LA 158 104.74 47.07 44.17
CA TYR LA 158 104.35 46.96 42.77
C TYR LA 158 104.71 48.27 42.06
N ARG LA 159 105.22 48.16 40.83
CA ARG LA 159 105.62 49.35 40.08
C ARG LA 159 105.55 49.02 38.59
N LEU LA 160 104.49 49.46 37.92
CA LEU LA 160 104.30 49.18 36.51
C LEU LA 160 105.18 50.08 35.65
N ASN LA 161 105.72 49.51 34.57
CA ASN LA 161 106.69 50.19 33.72
C ASN LA 161 106.42 49.79 32.27
N HIS LA 162 107.39 50.04 31.39
CA HIS LA 162 107.17 49.88 29.95
C HIS LA 162 108.46 49.39 29.29
N HIS LA 163 108.51 49.53 27.96
CA HIS LA 163 109.31 48.69 27.07
C HIS LA 163 110.81 49.02 27.11
N VAL LA 164 111.61 48.02 26.73
CA VAL LA 164 113.07 48.05 26.70
C VAL LA 164 113.52 47.38 25.41
N THR LA 165 114.56 47.90 24.76
CA THR LA 165 115.11 47.29 23.55
C THR LA 165 116.59 47.00 23.77
N TYR LA 166 117.05 45.85 23.26
CA TYR LA 166 118.47 45.56 23.14
C TYR LA 166 118.94 45.81 21.70
N ASN LA 167 120.21 46.21 21.57
CA ASN LA 167 120.76 46.51 20.25
C ASN LA 167 121.17 45.23 19.53
N HIS LA 168 122.13 44.50 20.08
CA HIS LA 168 122.68 43.35 19.39
C HIS LA 168 121.78 42.13 19.57
N GLN LA 169 121.96 41.16 18.69
CA GLN LA 169 121.25 39.89 18.74
C GLN LA 169 122.05 38.81 19.46
N GLU LA 170 122.94 39.23 20.35
CA GLU LA 170 123.81 38.34 21.09
C GLU LA 170 123.07 37.73 22.28
N ALA LA 171 123.68 36.70 22.86
CA ALA LA 171 123.27 36.21 24.17
C ALA LA 171 124.14 36.87 25.25
N GLY LA 172 124.14 38.20 25.23
CA GLY LA 172 125.09 39.00 25.97
C GLY LA 172 124.49 39.69 27.19
N LYS LA 173 125.37 40.35 27.92
CA LYS LA 173 125.05 41.05 29.15
C LYS LA 173 124.67 42.50 28.84
N TYR LA 174 124.69 43.36 29.86
CA TYR LA 174 124.24 44.75 29.80
C TYR LA 174 125.01 45.64 28.81
N GLU LA 175 126.10 45.17 28.22
CA GLU LA 175 126.96 46.04 27.42
C GLU LA 175 126.35 46.40 26.08
N ASN LA 176 125.47 45.55 25.53
CA ASN LA 176 124.95 45.73 24.18
C ASN LA 176 123.57 46.37 24.14
N HIS LA 177 123.32 47.33 25.04
CA HIS LA 177 122.02 47.99 25.10
C HIS LA 177 121.83 48.99 23.96
N THR LA 178 120.64 49.58 23.93
CA THR LA 178 120.28 50.67 23.03
C THR LA 178 119.25 51.54 23.78
N GLU LA 179 118.46 52.31 23.03
CA GLU LA 179 117.41 53.17 23.55
C GLU LA 179 116.48 52.44 24.52
N ASN LA 180 115.95 53.22 25.48
CA ASN LA 180 114.99 52.79 26.51
C ASN LA 180 115.58 51.69 27.40
N ALA LA 181 116.64 52.05 28.11
CA ALA LA 181 117.11 51.28 29.24
C ALA LA 181 116.47 51.80 30.52
N LEU LA 182 116.63 51.03 31.60
CA LEU LA 182 116.16 51.44 32.91
C LEU LA 182 116.97 50.71 33.97
N LEU LA 183 117.30 51.43 35.05
CA LEU LA 183 118.19 50.91 36.07
C LEU LA 183 117.94 51.66 37.37
N LEU LA 184 118.71 51.31 38.40
CA LEU LA 184 118.53 51.85 39.73
C LEU LA 184 119.77 52.60 40.21
N TYR LA 185 119.53 53.59 41.06
CA TYR LA 185 120.57 54.21 41.87
C TYR LA 185 120.09 54.28 43.31
N MET LA 186 121.00 53.98 44.23
CA MET LA 186 120.72 54.09 45.65
C MET LA 186 121.66 55.13 46.25
N ALA LA 187 121.14 55.93 47.18
CA ALA LA 187 121.88 57.08 47.69
C ALA LA 187 121.83 57.10 49.21
N CYS LA 188 122.99 57.28 49.82
CA CYS LA 188 123.11 57.57 51.24
C CYS LA 188 123.33 59.06 51.45
N THR LA 189 122.95 59.54 52.63
CA THR LA 189 122.97 60.97 52.91
C THR LA 189 123.96 61.38 53.98
N HIS LA 190 124.88 60.51 54.37
CA HIS LA 190 125.88 60.83 55.39
C HIS LA 190 127.20 60.18 55.04
N ALA LA 191 128.27 60.74 55.61
CA ALA LA 191 129.63 60.34 55.25
C ALA LA 191 129.98 58.93 55.71
N SER LA 192 129.35 58.44 56.78
CA SER LA 192 129.49 57.05 57.15
C SER LA 192 128.75 56.16 56.16
N ASN LA 193 129.08 54.88 56.17
CA ASN LA 193 128.36 53.93 55.31
C ASN LA 193 127.73 52.82 56.14
N PRO LA 194 126.60 53.06 56.80
CA PRO LA 194 125.97 51.98 57.58
C PRO LA 194 125.10 51.06 56.76
N VAL LA 195 124.67 51.50 55.59
CA VAL LA 195 123.57 50.87 54.87
C VAL LA 195 124.05 49.58 54.21
N TYR LA 196 123.52 48.46 54.68
CA TYR LA 196 123.67 47.17 54.03
C TYR LA 196 122.31 46.76 53.46
N ALA LA 197 122.04 47.22 52.24
CA ALA LA 197 120.76 47.05 51.59
C ALA LA 197 120.81 45.90 50.60
N THR LA 198 120.06 44.83 50.88
CA THR LA 198 119.95 43.70 49.98
C THR LA 198 118.53 43.63 49.46
N LEU LA 199 118.39 43.59 48.14
CA LEU LA 199 117.10 43.77 47.49
C LEU LA 199 116.85 42.64 46.51
N LYS LA 200 115.63 42.12 46.53
CA LYS LA 200 115.16 41.15 45.55
C LYS LA 200 114.25 41.86 44.56
N ILE LA 201 114.65 41.83 43.29
CA ILE LA 201 114.03 42.67 42.27
C ILE LA 201 113.47 41.74 41.19
N ARG LA 202 112.16 41.48 41.25
CA ARG LA 202 111.51 40.69 40.22
C ARG LA 202 111.08 41.58 39.06
N ILE LA 203 111.46 41.18 37.84
CA ILE LA 203 110.87 41.71 36.62
C ILE LA 203 110.19 40.55 35.92
N TYR LA 204 108.88 40.61 35.78
CA TYR LA 204 108.16 39.67 34.93
C TYR LA 204 107.49 40.44 33.79
N PHE LA 205 107.60 39.88 32.59
CA PHE LA 205 107.27 40.62 31.37
C PHE LA 205 106.82 39.67 30.27
N PRO MA 16 78.54 85.55 49.49
CA PRO MA 16 78.67 84.12 49.20
C PRO MA 16 79.20 83.31 50.38
N ASP MA 17 79.49 83.99 51.49
CA ASP MA 17 80.10 83.35 52.65
C ASP MA 17 79.23 83.45 53.90
N ILE MA 18 78.63 84.62 54.15
CA ILE MA 18 77.98 84.93 55.42
C ILE MA 18 76.46 84.85 55.31
N PRO MA 19 75.77 84.43 56.37
CA PRO MA 19 74.30 84.42 56.35
C PRO MA 19 73.64 85.61 57.01
N ARG MA 20 74.38 86.59 57.53
CA ARG MA 20 73.80 87.61 58.39
C ARG MA 20 73.76 88.99 57.75
N GLY MA 21 74.92 89.53 57.36
CA GLY MA 21 75.00 90.90 56.88
C GLY MA 21 76.26 91.16 56.09
N CYS MA 22 76.18 92.11 55.17
CA CYS MA 22 77.20 92.35 54.15
C CYS MA 22 78.41 93.13 54.67
N GLU MA 23 78.60 93.21 55.98
CA GLU MA 23 79.84 93.72 56.55
C GLU MA 23 81.01 92.82 56.19
N GLY MA 24 82.21 93.39 56.23
CA GLY MA 24 83.42 92.62 56.06
C GLY MA 24 83.62 91.65 57.21
N PRO MA 25 84.07 90.43 56.91
CA PRO MA 25 84.31 89.45 57.97
C PRO MA 25 85.51 89.83 58.83
N CYS MA 26 85.30 90.75 59.76
CA CYS MA 26 86.38 91.39 60.49
C CYS MA 26 86.97 90.44 61.52
N LYS MA 27 88.30 90.46 61.62
CA LYS MA 27 89.02 89.58 62.54
C LYS MA 27 89.17 90.26 63.90
N VAL MA 28 88.84 89.52 64.96
CA VAL MA 28 89.15 89.91 66.32
C VAL MA 28 89.89 88.75 66.96
N GLN MA 29 91.20 88.89 67.12
CA GLN MA 29 92.05 87.79 67.53
C GLN MA 29 92.39 87.91 69.01
N SER MA 30 92.09 86.85 69.75
CA SER MA 30 92.38 86.78 71.18
C SER MA 30 93.65 85.97 71.33
N PHE MA 31 94.79 86.63 71.12
CA PHE MA 31 96.06 85.99 71.40
C PHE MA 31 96.26 85.86 72.91
N GLU MA 32 96.82 84.73 73.32
CA GLU MA 32 97.26 84.57 74.69
C GLU MA 32 98.73 84.17 74.69
N GLN MA 33 99.45 84.66 75.70
CA GLN MA 33 100.76 84.14 76.07
C GLN MA 33 100.59 83.75 77.52
N ARG MA 34 100.04 82.55 77.74
CA ARG MA 34 99.56 82.14 79.05
C ARG MA 34 99.96 80.70 79.34
N ASP MA 35 99.37 80.15 80.40
CA ASP MA 35 99.48 78.74 80.73
C ASP MA 35 98.18 78.33 81.39
N ASP MA 36 98.20 77.19 82.07
CA ASP MA 36 97.03 76.76 82.83
C ASP MA 36 97.50 76.13 84.12
N VAL MA 37 96.54 75.57 84.86
CA VAL MA 37 96.82 74.70 85.99
C VAL MA 37 96.18 73.36 85.65
N LYS MA 38 96.21 72.40 86.58
CA LYS MA 38 95.55 71.12 86.33
C LYS MA 38 94.04 71.30 86.19
N HIS MA 39 93.44 72.15 87.02
CA HIS MA 39 91.99 72.25 87.07
C HIS MA 39 91.43 73.04 85.90
N LEU MA 40 92.01 74.19 85.61
CA LEU MA 40 91.33 75.09 84.67
C LEU MA 40 92.31 75.99 83.95
N GLY MA 41 92.05 76.17 82.65
CA GLY MA 41 92.54 77.34 81.94
C GLY MA 41 91.34 78.00 81.30
N ILE MA 42 90.97 79.18 81.77
CA ILE MA 42 89.70 79.80 81.37
C ILE MA 42 89.98 80.93 80.38
N CYS MA 43 89.21 80.94 79.30
CA CYS MA 43 89.37 81.94 78.25
C CYS MA 43 88.00 82.24 77.66
N LYS MA 44 87.39 83.35 78.09
CA LYS MA 44 86.29 83.91 77.30
C LYS MA 44 86.88 84.54 76.05
N VAL MA 45 86.53 83.96 74.90
CA VAL MA 45 87.18 84.33 73.66
C VAL MA 45 86.55 85.59 73.08
N ILE MA 46 85.34 85.92 73.51
CA ILE MA 46 84.58 87.03 72.95
C ILE MA 46 84.69 88.26 73.87
N SER MA 47 85.76 88.33 74.67
CA SER MA 47 85.83 89.25 75.80
C SER MA 47 86.05 90.68 75.35
N ASP MA 48 87.16 90.93 74.66
CA ASP MA 48 87.62 92.28 74.36
C ASP MA 48 86.92 92.92 73.15
N VAL MA 49 85.75 92.42 72.75
CA VAL MA 49 85.07 92.94 71.57
C VAL MA 49 84.15 94.08 72.03
N THR MA 50 84.59 95.31 71.85
CA THR MA 50 83.85 96.51 72.23
C THR MA 50 83.33 97.21 70.98
N ARG MA 51 82.41 98.16 71.18
CA ARG MA 51 81.90 98.95 70.07
C ARG MA 51 82.95 99.95 69.61
N GLY MA 52 83.19 99.98 68.29
CA GLY MA 52 84.12 100.91 67.72
C GLY MA 52 84.15 100.82 66.20
N PRO MA 53 84.77 101.80 65.55
CA PRO MA 53 84.79 101.78 64.08
C PRO MA 53 85.81 100.82 63.50
N GLY MA 54 86.82 100.41 64.26
CA GLY MA 54 87.85 99.54 63.73
C GLY MA 54 87.37 98.11 63.52
N LEU MA 55 88.22 97.34 62.83
CA LEU MA 55 87.89 95.95 62.56
C LEU MA 55 88.19 95.02 63.73
N THR MA 56 88.83 95.51 64.78
CA THR MA 56 88.94 94.80 66.04
C THR MA 56 87.79 95.13 66.99
N HIS MA 57 86.64 95.51 66.44
CA HIS MA 57 85.52 96.02 67.21
C HIS MA 57 84.24 95.44 66.64
N ARG MA 58 83.10 96.01 67.03
CA ARG MA 58 81.80 95.47 66.67
C ARG MA 58 80.83 96.59 66.38
N VAL MA 59 79.79 96.26 65.62
CA VAL MA 59 78.69 97.16 65.30
C VAL MA 59 77.42 96.56 65.88
N GLY MA 60 76.87 97.21 66.91
CA GLY MA 60 75.68 96.72 67.56
C GLY MA 60 75.96 95.69 68.64
N LYS MA 61 75.09 94.69 68.75
CA LYS MA 61 75.24 93.67 69.78
C LYS MA 61 74.89 92.27 69.26
N ARG MA 62 74.97 92.08 67.95
CA ARG MA 62 74.63 90.81 67.31
C ARG MA 62 75.83 90.28 66.54
N PHE MA 63 76.21 89.04 66.83
CA PHE MA 63 77.30 88.36 66.14
C PHE MA 63 76.78 87.14 65.40
N CYS MA 64 77.51 86.75 64.37
CA CYS MA 64 77.42 85.40 63.80
C CYS MA 64 78.87 85.00 63.51
N ILE MA 65 79.48 84.29 64.47
CA ILE MA 65 80.86 83.84 64.32
C ILE MA 65 80.93 82.80 63.21
N LYS MA 66 81.66 83.14 62.14
CA LYS MA 66 81.80 82.22 61.02
C LYS MA 66 82.69 81.05 61.40
N SER MA 67 83.89 81.33 61.90
CA SER MA 67 84.79 80.25 62.28
C SER MA 67 85.76 80.73 63.33
N ILE MA 68 86.12 79.82 64.23
CA ILE MA 68 87.23 80.00 65.16
C ILE MA 68 88.43 79.26 64.60
N TYR MA 69 89.54 79.98 64.43
CA TYR MA 69 90.77 79.43 63.88
C TYR MA 69 91.81 79.41 64.99
N ILE MA 70 92.08 78.21 65.53
CA ILE MA 70 92.93 78.05 66.69
C ILE MA 70 94.32 77.69 66.22
N LEU MA 71 95.25 78.62 66.35
CA LEU MA 71 96.67 78.32 66.33
C LEU MA 71 97.16 78.10 67.75
N GLY MA 72 98.35 77.53 67.87
CA GLY MA 72 98.92 77.36 69.19
C GLY MA 72 100.07 76.38 69.28
N LYS MA 73 101.06 76.72 70.09
CA LYS MA 73 102.17 75.84 70.40
C LYS MA 73 102.15 75.53 71.89
N ILE MA 74 102.14 74.23 72.20
CA ILE MA 74 101.94 73.75 73.57
C ILE MA 74 103.22 73.05 73.99
N TRP MA 75 103.98 73.66 74.88
CA TRP MA 75 105.28 73.11 75.25
C TRP MA 75 105.39 72.94 76.75
N LEU MA 76 106.53 72.38 77.14
CA LEU MA 76 107.01 72.37 78.51
C LEU MA 76 108.50 72.65 78.59
N ASP MA 77 109.06 73.38 77.61
CA ASP MA 77 110.50 73.43 77.38
C ASP MA 77 111.19 74.44 78.29
N GLU MA 78 110.56 74.81 79.40
CA GLU MA 78 111.27 75.43 80.51
C GLU MA 78 112.28 74.42 81.07
N THR MA 79 113.34 74.91 81.71
CA THR MA 79 114.41 74.06 82.21
C THR MA 79 114.01 73.16 83.38
N ILE MA 80 112.78 73.32 83.88
CA ILE MA 80 112.24 72.50 84.96
C ILE MA 80 111.09 71.73 84.30
N LYS MA 81 110.36 70.92 85.08
CA LYS MA 81 109.22 70.09 84.67
C LYS MA 81 109.64 69.00 83.69
N LYS MA 82 110.85 68.47 83.87
CA LYS MA 82 111.22 67.18 83.31
C LYS MA 82 110.86 66.02 84.22
N GLN MA 83 110.85 66.21 85.53
CA GLN MA 83 110.25 65.24 86.44
C GLN MA 83 108.75 65.46 86.52
N ASN MA 84 108.05 64.48 87.11
CA ASN MA 84 106.59 64.41 87.22
C ASN MA 84 105.94 64.55 85.84
N HIS MA 85 106.52 63.87 84.86
CA HIS MA 85 106.28 64.14 83.45
C HIS MA 85 105.17 63.31 82.84
N THR MA 86 105.10 63.33 81.49
CA THR MA 86 104.10 62.68 80.64
C THR MA 86 102.67 63.15 80.92
N ASN MA 87 102.38 64.41 80.63
CA ASN MA 87 101.04 64.96 80.73
C ASN MA 87 100.51 65.26 79.33
N ASN MA 88 99.18 65.31 79.19
CA ASN MA 88 98.56 65.66 77.94
C ASN MA 88 97.48 66.71 78.15
N VAL MA 89 97.09 67.37 77.06
CA VAL MA 89 96.17 68.50 77.10
C VAL MA 89 94.91 68.12 76.34
N ILE MA 90 93.76 68.28 76.99
CA ILE MA 90 92.46 68.08 76.34
C ILE MA 90 91.81 69.44 76.24
N PHE MA 91 91.44 69.84 75.03
CA PHE MA 91 90.78 71.12 74.84
C PHE MA 91 89.27 70.97 74.87
N TYR MA 92 88.59 72.04 75.26
CA TYR MA 92 87.14 72.06 75.35
C TYR MA 92 86.62 73.37 74.80
N LEU MA 93 85.79 73.29 73.76
CA LEU MA 93 85.21 74.47 73.14
C LEU MA 93 83.70 74.33 73.31
N LEU MA 94 83.12 75.11 74.22
CA LEU MA 94 81.76 74.91 74.68
C LEU MA 94 80.85 75.99 74.12
N ARG MA 95 79.62 75.60 73.77
CA ARG MA 95 78.57 76.56 73.45
C ARG MA 95 77.81 76.86 74.74
N ASP MA 96 78.00 78.07 75.28
CA ASP MA 96 77.38 78.47 76.53
C ASP MA 96 75.97 78.99 76.27
N ARG MA 97 75.11 78.85 77.29
CA ARG MA 97 73.72 79.25 77.19
C ARG MA 97 73.39 80.54 77.93
N ARG MA 98 74.08 80.87 79.00
CA ARG MA 98 73.79 82.05 79.81
C ARG MA 98 75.06 82.49 80.53
N PRO MA 99 75.23 83.78 80.76
CA PRO MA 99 76.39 84.23 81.55
C PRO MA 99 76.03 84.49 83.00
N TYR MA 100 77.05 84.63 83.85
CA TYR MA 100 76.90 85.19 85.19
C TYR MA 100 78.12 86.09 85.43
N GLY MA 101 78.02 87.36 85.00
CA GLY MA 101 79.09 88.32 85.18
C GLY MA 101 80.39 87.93 84.52
N ASN MA 102 81.35 87.52 85.33
CA ASN MA 102 82.63 87.00 84.84
C ASN MA 102 82.48 85.53 84.43
N ALA MA 103 83.61 84.85 84.23
CA ALA MA 103 83.58 83.46 83.82
C ALA MA 103 83.25 82.57 85.02
N PRO MA 104 82.45 81.53 84.82
CA PRO MA 104 82.13 80.63 85.94
C PRO MA 104 83.26 79.65 86.24
N GLN MA 105 83.00 78.72 87.16
CA GLN MA 105 83.99 77.71 87.52
C GLN MA 105 84.16 76.72 86.38
N ASP MA 106 85.20 75.88 86.50
CA ASP MA 106 85.37 74.73 85.61
C ASP MA 106 85.05 73.43 86.32
N PHE MA 107 85.78 73.12 87.40
CA PHE MA 107 85.63 71.84 88.07
C PHE MA 107 84.30 71.74 88.81
N GLY MA 108 83.75 72.87 89.22
CA GLY MA 108 82.41 72.92 89.75
C GLY MA 108 81.32 73.05 88.71
N GLN MA 109 81.68 73.11 87.43
CA GLN MA 109 80.71 73.22 86.36
C GLN MA 109 80.67 71.99 85.47
N ILE MA 110 81.79 71.57 84.90
CA ILE MA 110 81.83 70.24 84.28
C ILE MA 110 81.95 69.19 85.38
N PHE MA 111 81.59 67.95 85.02
CA PHE MA 111 81.09 67.02 86.04
C PHE MA 111 82.22 66.38 86.84
N ASN MA 112 83.09 65.61 86.18
CA ASN MA 112 83.97 64.72 86.93
C ASN MA 112 85.42 65.08 86.60
N MET MA 113 86.34 64.26 87.11
CA MET MA 113 87.77 64.58 87.07
C MET MA 113 88.37 64.29 85.69
N PHE MA 114 88.39 65.34 84.87
CA PHE MA 114 89.27 65.62 83.74
C PHE MA 114 89.00 64.76 82.51
N ASP MA 115 88.10 63.77 82.60
CA ASP MA 115 87.57 63.05 81.45
C ASP MA 115 86.07 62.97 81.63
N ASN MA 116 85.36 63.98 81.12
CA ASN MA 116 83.98 64.18 81.54
C ASN MA 116 83.19 64.94 80.49
N GLU MA 117 82.02 65.38 80.91
CA GLU MA 117 81.02 66.15 80.18
C GLU MA 117 80.51 67.22 81.16
N PRO MA 118 79.71 68.19 80.73
CA PRO MA 118 79.04 69.06 81.71
C PRO MA 118 78.05 68.28 82.57
N SER MA 119 77.76 68.85 83.74
CA SER MA 119 76.91 68.20 84.72
C SER MA 119 75.46 68.13 84.24
N THR MA 120 74.69 67.25 84.89
CA THR MA 120 73.29 67.05 84.52
C THR MA 120 72.42 68.25 84.85
N ALA MA 121 72.80 69.05 85.85
CA ALA MA 121 72.05 70.24 86.21
C ALA MA 121 72.49 71.48 85.46
N THR MA 122 73.41 71.35 84.50
CA THR MA 122 73.99 72.50 83.83
C THR MA 122 73.66 72.58 82.34
N ILE MA 123 72.99 71.56 81.78
CA ILE MA 123 72.70 71.54 80.35
C ILE MA 123 71.61 72.54 79.99
N PHE MA 131 75.76 73.26 80.06
CA PHE MA 131 76.11 74.10 78.92
C PHE MA 131 76.45 73.19 77.75
N GLN MA 132 76.15 73.63 76.53
CA GLN MA 132 76.40 72.78 75.37
C GLN MA 132 77.89 72.74 75.04
N VAL MA 133 78.27 71.68 74.34
CA VAL MA 133 79.63 71.43 73.91
C VAL MA 133 79.65 71.55 72.40
N LEU MA 134 80.78 71.98 71.83
CA LEU MA 134 80.92 71.84 70.38
C LEU MA 134 81.86 70.70 69.99
N ARG MA 135 83.14 70.77 70.37
CA ARG MA 135 84.09 69.70 70.08
C ARG MA 135 85.21 69.69 71.13
N LYS MA 136 86.14 68.75 70.95
CA LYS MA 136 87.31 68.57 71.80
C LYS MA 136 88.55 68.52 70.92
N PHE MA 137 89.72 68.53 71.57
CA PHE MA 137 91.00 68.36 70.86
C PHE MA 137 91.94 67.55 71.74
N HIS MA 138 93.15 67.30 71.22
CA HIS MA 138 94.18 66.56 71.94
C HIS MA 138 95.53 67.22 71.72
N ALA MA 139 96.39 67.11 72.73
CA ALA MA 139 97.78 67.57 72.64
C ALA MA 139 98.56 66.80 73.69
N THR MA 140 99.53 65.99 73.26
CA THR MA 140 100.25 65.08 74.14
C THR MA 140 101.72 65.47 74.17
N VAL MA 141 102.17 66.02 75.29
CA VAL MA 141 103.56 66.42 75.46
C VAL MA 141 104.22 65.56 76.53
N VAL MA 142 104.98 64.55 76.09
CA VAL MA 142 105.56 63.59 77.02
C VAL MA 142 107.08 63.72 77.02
N GLY MA 143 107.63 64.45 77.99
CA GLY MA 143 109.07 64.60 78.05
C GLY MA 143 109.67 64.44 79.43
N GLY MA 144 110.51 63.42 79.61
CA GLY MA 144 111.13 63.20 80.91
C GLY MA 144 112.63 63.42 80.86
N LEU MA 145 113.40 62.34 80.88
CA LEU MA 145 114.86 62.43 80.80
C LEU MA 145 115.35 61.39 79.81
N TYR MA 146 116.62 61.56 79.41
CA TYR MA 146 117.44 60.67 78.60
C TYR MA 146 116.93 60.42 77.18
N CYS MA 147 115.87 61.09 76.72
CA CYS MA 147 115.80 61.30 75.28
C CYS MA 147 115.63 62.79 74.95
N MET MA 148 114.70 63.58 75.56
CA MET MA 148 113.40 63.20 76.15
C MET MA 148 112.37 63.38 75.01
N LYS MA 149 111.66 62.31 74.67
CA LYS MA 149 110.95 62.33 73.40
C LYS MA 149 109.46 62.65 73.59
N GLU MA 150 109.21 63.95 73.78
CA GLU MA 150 108.22 64.80 73.11
C GLU MA 150 108.26 66.19 73.72
N GLN MA 151 107.82 67.17 72.95
CA GLN MA 151 107.89 68.60 73.26
C GLN MA 151 106.83 69.35 72.47
N ALA MA 152 107.07 70.65 72.28
CA ALA MA 152 106.19 71.63 71.64
C ALA MA 152 105.52 71.11 70.37
N LEU MA 153 104.20 71.02 70.40
CA LEU MA 153 103.41 70.56 69.27
C LEU MA 153 102.65 71.74 68.67
N VAL MA 154 102.43 71.71 67.37
CA VAL MA 154 101.71 72.79 66.70
C VAL MA 154 100.33 72.29 66.30
N LYS MA 155 99.29 73.08 66.62
CA LYS MA 155 97.92 72.71 66.33
C LYS MA 155 97.23 73.84 65.59
N ARG MA 156 96.75 73.55 64.37
CA ARG MA 156 95.90 74.47 63.62
C ARG MA 156 94.59 73.77 63.29
N PHE MA 157 93.48 74.51 63.39
CA PHE MA 157 92.16 73.94 63.19
C PHE MA 157 91.21 75.00 62.64
N TYR MA 158 90.68 74.77 61.45
CA TYR MA 158 89.42 75.40 61.06
C TYR MA 158 88.28 74.81 61.90
N ARG MA 159 87.36 75.65 62.35
CA ARG MA 159 86.25 75.18 63.18
C ARG MA 159 85.08 76.15 63.00
N LEU MA 160 84.10 75.75 62.20
CA LEU MA 160 82.94 76.59 61.92
C LEU MA 160 81.97 76.58 63.09
N ASN MA 161 81.38 77.74 63.37
CA ASN MA 161 80.52 77.93 64.54
C ASN MA 161 79.37 78.86 64.14
N HIS MA 162 78.67 79.41 65.14
CA HIS MA 162 77.43 80.15 64.88
C HIS MA 162 77.33 81.31 65.89
N HIS MA 163 76.11 81.86 65.99
CA HIS MA 163 75.85 83.23 66.42
C HIS MA 163 76.04 83.45 67.93
N VAL MA 164 76.30 84.71 68.27
CA VAL MA 164 76.53 85.20 69.64
C VAL MA 164 75.78 86.52 69.79
N THR MA 165 75.20 86.76 70.95
CA THR MA 165 74.50 88.01 71.24
C THR MA 165 75.12 88.65 72.49
N TYR MA 166 75.26 89.98 72.46
CA TYR MA 166 75.55 90.75 73.66
C TYR MA 166 74.28 91.40 74.20
N ASN MA 167 74.24 91.56 75.53
CA ASN MA 167 73.05 92.14 76.17
C ASN MA 167 73.06 93.66 76.04
N HIS MA 168 74.05 94.32 76.64
CA HIS MA 168 74.06 95.76 76.69
C HIS MA 168 74.59 96.36 75.39
N GLN MA 169 74.27 97.63 75.19
CA GLN MA 169 74.73 98.39 74.04
C GLN MA 169 75.99 99.19 74.35
N GLU MA 170 76.76 98.73 75.34
CA GLU MA 170 77.97 99.38 75.78
C GLU MA 170 79.13 99.06 74.85
N ALA MA 171 80.22 99.81 75.01
CA ALA MA 171 81.51 99.44 74.44
C ALA MA 171 82.33 98.68 75.48
N GLY MA 172 81.72 97.61 76.00
CA GLY MA 172 82.21 96.93 77.18
C GLY MA 172 82.85 95.59 76.89
N LYS MA 173 83.37 95.00 77.95
CA LYS MA 173 84.09 93.74 77.93
C LYS MA 173 83.10 92.58 78.13
N TYR MA 174 83.62 91.40 78.49
CA TYR MA 174 82.86 90.15 78.61
C TYR MA 174 81.76 90.17 79.67
N GLU MA 175 81.65 91.21 80.50
CA GLU MA 175 80.75 91.17 81.64
C GLU MA 175 79.28 91.32 81.22
N ASN MA 176 79.01 91.98 80.09
CA ASN MA 176 77.64 92.31 79.69
C ASN MA 176 77.07 91.33 78.67
N HIS MA 177 77.38 90.04 78.80
CA HIS MA 177 76.89 89.04 77.86
C HIS MA 177 75.41 88.72 78.09
N THR MA 178 74.90 87.85 77.22
CA THR MA 178 73.56 87.28 77.31
C THR MA 178 73.64 85.88 76.71
N GLU MA 179 72.49 85.35 76.28
CA GLU MA 179 72.37 84.03 75.64
C GLU MA 179 73.36 83.84 74.49
N ASN MA 180 73.75 82.58 74.31
CA ASN MA 180 74.66 82.10 73.26
C ASN MA 180 76.03 82.77 73.35
N ALA MA 181 76.70 82.49 74.47
CA ALA MA 181 78.13 82.74 74.59
C ALA MA 181 78.90 81.48 74.19
N LEU MA 182 80.21 81.64 74.03
CA LEU MA 182 81.09 80.51 73.74
C LEU MA 182 82.50 80.86 74.20
N LEU MA 183 83.19 79.88 74.77
CA LEU MA 183 84.48 80.12 75.40
C LEU MA 183 85.25 78.80 75.44
N LEU MA 184 86.45 78.85 76.01
CA LEU MA 184 87.35 77.71 76.04
C LEU MA 184 87.68 77.29 77.47
N TYR MA 185 87.94 76.00 77.63
CA TYR MA 185 88.57 75.47 78.82
C TYR MA 185 89.71 74.55 78.40
N MET MA 186 90.82 74.65 79.11
CA MET MA 186 91.98 73.79 78.89
C MET MA 186 92.22 72.98 80.15
N ALA MA 187 92.59 71.71 79.99
CA ALA MA 187 92.67 70.78 81.11
C ALA MA 187 93.98 70.02 81.06
N CYS MA 188 94.66 69.97 82.20
CA CYS MA 188 95.81 69.09 82.40
C CYS MA 188 95.38 67.86 83.19
N THR MA 189 96.12 66.77 83.02
CA THR MA 189 95.74 65.49 83.59
C THR MA 189 96.70 64.97 84.66
N HIS MA 190 97.60 65.81 85.16
CA HIS MA 190 98.55 65.40 86.19
C HIS MA 190 98.79 66.55 87.16
N ALA MA 191 99.25 66.19 88.37
CA ALA MA 191 99.37 67.13 89.46
C ALA MA 191 100.46 68.17 89.22
N SER MA 192 101.48 67.84 88.45
CA SER MA 192 102.45 68.84 88.02
C SER MA 192 101.82 69.79 87.01
N ASN MA 193 102.48 70.93 86.81
CA ASN MA 193 101.99 71.86 85.81
C ASN MA 193 103.08 72.15 84.77
N PRO MA 194 103.34 71.25 83.81
CA PRO MA 194 104.39 71.53 82.81
C PRO MA 194 103.89 72.38 81.66
N VAL MA 195 102.59 72.44 81.44
CA VAL MA 195 102.02 72.93 80.19
C VAL MA 195 102.11 74.45 80.13
N TYR MA 196 102.91 74.94 79.19
CA TYR MA 196 102.93 76.36 78.84
C TYR MA 196 102.35 76.50 77.43
N ALA MA 197 101.03 76.62 77.38
CA ALA MA 197 100.29 76.63 76.13
C ALA MA 197 99.94 78.06 75.74
N THR MA 198 100.51 78.54 74.64
CA THR MA 198 100.20 79.86 74.09
C THR MA 198 99.50 79.67 72.76
N LEU MA 199 98.33 80.29 72.63
CA LEU MA 199 97.43 80.02 71.52
C LEU MA 199 97.02 81.33 70.85
N LYS MA 200 97.03 81.32 69.53
CA LYS MA 200 96.51 82.41 68.72
C LYS MA 200 95.15 82.02 68.17
N ILE MA 201 94.12 82.78 68.53
CA ILE MA 201 92.74 82.39 68.29
C ILE MA 201 92.10 83.47 67.43
N ARG MA 202 92.02 83.21 66.12
CA ARG MA 202 91.33 84.13 65.22
C ARG MA 202 89.84 83.81 65.19
N ILE MA 203 89.03 84.85 65.38
CA ILE MA 203 87.61 84.80 65.06
C ILE MA 203 87.37 85.86 63.99
N TYR MA 204 86.96 85.43 62.79
CA TYR MA 204 86.49 86.36 61.78
C TYR MA 204 85.03 86.06 61.47
N PHE MA 205 84.24 87.12 61.36
CA PHE MA 205 82.78 87.01 61.36
C PHE MA 205 82.14 88.14 60.58
N PRO NA 16 91.29 24.74 13.19
CA PRO NA 16 89.99 24.06 13.09
C PRO NA 16 89.96 22.71 13.82
N ASP NA 17 91.08 22.34 14.44
CA ASP NA 17 91.21 21.04 15.08
C ASP NA 17 91.51 21.15 16.57
N ILE NA 18 92.39 22.06 16.96
CA ILE NA 18 92.96 22.12 18.30
C ILE NA 18 92.35 23.24 19.14
N PRO NA 19 92.19 23.04 20.45
CA PRO NA 19 91.68 24.12 21.30
C PRO NA 19 92.74 24.90 22.05
N ARG NA 20 94.02 24.61 21.88
CA ARG NA 20 95.05 25.17 22.76
C ARG NA 20 95.96 26.17 22.08
N GLY NA 21 96.64 25.79 21.00
CA GLY NA 21 97.64 26.64 20.38
C GLY NA 21 97.97 26.20 18.97
N CYS NA 22 98.38 27.16 18.15
CA CYS NA 22 98.52 27.00 16.70
C CYS NA 22 99.79 26.27 16.28
N GLU NA 23 100.45 25.57 17.21
CA GLU NA 23 101.53 24.66 16.84
C GLU NA 23 101.00 23.51 15.98
N GLY NA 24 101.91 22.91 15.23
CA GLY NA 24 101.58 21.71 14.48
C GLY NA 24 101.29 20.55 15.41
N PRO NA 25 100.28 19.74 15.07
CA PRO NA 25 99.96 18.58 15.92
C PRO NA 25 101.03 17.51 15.82
N CYS NA 26 102.12 17.70 16.56
CA CYS NA 26 103.31 16.89 16.40
C CYS NA 26 103.13 15.51 17.00
N LYS NA 27 103.61 14.50 16.29
CA LYS NA 27 103.48 13.11 16.71
C LYS NA 27 104.65 12.72 17.61
N VAL NA 28 104.34 12.10 18.74
CA VAL NA 28 105.33 11.45 19.58
C VAL NA 28 104.85 10.03 19.81
N GLN NA 29 105.47 9.06 19.14
CA GLN NA 29 104.99 7.70 19.11
C GLN NA 29 105.80 6.83 20.08
N SER NA 30 105.11 6.18 21.00
CA SER NA 30 105.73 5.27 21.94
C SER NA 30 105.51 3.86 21.41
N PHE NA 31 106.35 3.46 20.45
CA PHE NA 31 106.32 2.08 20.00
C PHE NA 31 106.91 1.18 21.08
N GLU NA 32 106.30 0.01 21.23
CA GLU NA 32 106.87 -1.04 22.05
C GLU NA 32 107.01 -2.31 21.22
N GLN NA 33 108.07 -3.06 21.51
CA GLN NA 33 108.20 -4.44 21.08
C GLN NA 33 108.42 -5.19 22.38
N ARG NA 34 107.32 -5.50 23.06
CA ARG NA 34 107.36 -5.96 24.44
C ARG NA 34 106.39 -7.12 24.64
N ASP NA 35 106.17 -7.46 25.91
CA ASP NA 35 105.15 -8.40 26.32
C ASP NA 35 104.65 -7.97 27.69
N ASP NA 36 103.97 -8.88 28.38
CA ASP NA 36 103.55 -8.59 29.75
C ASP NA 36 103.70 -9.85 30.58
N VAL NA 37 103.23 -9.78 31.81
CA VAL NA 37 103.04 -10.95 32.66
C VAL NA 37 101.55 -11.00 32.98
N LYS NA 38 101.14 -11.93 33.84
CA LYS NA 38 99.74 -11.98 34.25
C LYS NA 38 99.34 -10.74 35.03
N HIS NA 39 100.22 -10.25 35.91
CA HIS NA 39 99.86 -9.17 36.81
C HIS NA 39 99.86 -7.82 36.11
N LEU NA 40 100.91 -7.52 35.35
CA LEU NA 40 101.07 -6.15 34.90
C LEU NA 40 101.85 -6.06 33.60
N GLY NA 41 101.38 -5.18 32.72
CA GLY NA 41 102.23 -4.61 31.70
C GLY NA 41 102.14 -3.12 31.81
N ILE NA 42 103.22 -2.46 32.23
CA ILE NA 42 103.18 -1.05 32.58
C ILE NA 42 103.82 -0.22 31.48
N CYS NA 43 103.13 0.85 31.10
CA CYS NA 43 103.59 1.72 30.02
C CYS NA 43 103.16 3.14 30.35
N LYS NA 44 104.09 3.95 30.88
CA LYS NA 44 103.89 5.39 30.85
C LYS NA 44 104.09 5.87 29.42
N VAL NA 45 103.01 6.37 28.82
CA VAL NA 45 103.02 6.67 27.40
C VAL NA 45 103.64 8.03 27.13
N ILE NA 46 103.71 8.88 28.16
CA ILE NA 46 104.19 10.25 28.01
C ILE NA 46 105.65 10.36 28.47
N SER NA 47 106.37 9.24 28.44
CA SER NA 47 107.65 9.13 29.14
C SER NA 47 108.76 9.88 28.43
N ASP NA 48 109.04 9.53 27.17
CA ASP NA 48 110.21 10.02 26.46
C ASP NA 48 110.02 11.41 25.85
N VAL NA 49 109.06 12.19 26.32
CA VAL NA 49 108.79 13.50 25.73
C VAL NA 49 109.66 14.53 26.47
N THR NA 50 110.78 14.91 25.87
CA THR NA 50 111.71 15.88 26.43
C THR NA 50 111.62 17.18 25.67
N ARG NA 51 112.22 18.24 26.24
CA ARG NA 51 112.26 19.53 25.56
C ARG NA 51 113.26 19.49 24.41
N GLY NA 52 112.82 19.93 23.24
CA GLY NA 52 113.67 19.99 22.08
C GLY NA 52 112.96 20.64 20.90
N PRO NA 53 113.73 20.99 19.86
CA PRO NA 53 113.10 21.65 18.70
C PRO NA 53 112.37 20.69 17.77
N GLY NA 54 112.66 19.40 17.82
CA GLY NA 54 112.03 18.45 16.92
C GLY NA 54 110.58 18.18 17.26
N LEU NA 55 109.90 17.51 16.33
CA LEU NA 55 108.50 17.17 16.53
C LEU NA 55 108.28 15.94 17.40
N THR NA 56 109.35 15.23 17.76
CA THR NA 56 109.30 14.20 18.79
C THR NA 56 109.62 14.77 20.17
N HIS NA 57 109.34 16.05 20.38
CA HIS NA 57 109.74 16.76 21.59
C HIS NA 57 108.59 17.66 22.01
N ARG NA 58 108.88 18.59 22.92
CA ARG NA 58 107.86 19.44 23.51
C ARG NA 58 108.38 20.85 23.69
N VAL NA 59 107.45 21.79 23.78
CA VAL NA 59 107.73 23.20 24.07
C VAL NA 59 107.06 23.54 25.38
N GLY NA 60 107.86 23.80 26.42
CA GLY NA 60 107.33 24.11 27.73
C GLY NA 60 107.00 22.88 28.55
N LYS NA 61 105.91 22.96 29.32
CA LYS NA 61 105.53 21.85 30.19
C LYS NA 61 104.01 21.65 30.21
N ARG NA 62 103.32 22.12 29.16
CA ARG NA 62 101.86 22.02 29.08
C ARG NA 62 101.48 21.24 27.83
N PHE NA 63 100.66 20.21 28.01
CA PHE NA 63 100.15 19.40 26.92
C PHE NA 63 98.64 19.50 26.85
N CYS NA 64 98.10 19.24 25.65
CA CYS NA 64 96.69 18.90 25.46
C CYS NA 64 96.68 17.78 24.43
N ILE NA 65 96.68 16.53 24.91
CA ILE NA 65 96.69 15.37 24.02
C ILE NA 65 95.36 15.31 23.28
N LYS NA 66 95.43 15.46 21.95
CA LYS NA 66 94.22 15.41 21.13
C LYS NA 66 93.66 14.00 21.07
N SER NA 67 94.50 13.03 20.68
CA SER NA 67 94.03 11.66 20.60
C SER NA 67 95.19 10.70 20.76
N ILE NA 68 94.90 9.56 21.38
CA ILE NA 68 95.80 8.42 21.41
C ILE NA 68 95.32 7.43 20.35
N TYR NA 69 96.22 7.06 19.44
CA TYR NA 69 95.92 6.15 18.35
C TYR NA 69 96.68 4.86 18.59
N ILE NA 70 95.98 3.82 19.03
CA ILE NA 70 96.60 2.58 19.45
C ILE NA 70 96.55 1.59 18.29
N LEU NA 71 97.69 1.33 17.69
CA LEU NA 71 97.88 0.15 16.85
C LEU NA 71 98.44 -0.98 17.70
N GLY NA 72 98.40 -2.19 17.16
CA GLY NA 72 98.98 -3.30 17.87
C GLY NA 72 98.55 -4.67 17.39
N LYS NA 73 99.50 -5.60 17.37
CA LYS NA 73 99.23 -7.00 17.07
C LYS NA 73 99.57 -7.83 18.30
N ILE NA 74 98.61 -8.62 18.75
CA ILE NA 74 98.70 -9.35 20.02
C ILE NA 74 98.68 -10.83 19.68
N TRP NA 75 99.83 -11.50 19.80
CA TRP NA 75 99.93 -12.89 19.39
C TRP NA 75 100.44 -13.76 20.52
N LEU NA 76 100.50 -15.05 20.23
CA LEU NA 76 101.21 -16.05 21.01
C LEU NA 76 101.95 -17.03 20.12
N ASP NA 77 102.35 -16.61 18.91
CA ASP NA 77 102.76 -17.52 17.85
C ASP NA 77 104.22 -17.94 17.98
N GLU NA 78 104.80 -17.81 19.17
CA GLU NA 78 106.00 -18.55 19.52
C GLU NA 78 105.70 -20.04 19.49
N THR NA 79 106.74 -20.87 19.27
CA THR NA 79 106.56 -22.31 19.14
C THR NA 79 106.16 -23.02 20.43
N ILE NA 80 106.10 -22.28 21.55
CA ILE NA 80 105.69 -22.80 22.85
C ILE NA 80 104.39 -22.05 23.14
N LYS NA 81 103.79 -22.27 24.32
CA LYS NA 81 102.55 -21.67 24.81
C LYS NA 81 101.35 -22.07 23.96
N LYS NA 82 101.35 -23.30 23.46
CA LYS NA 82 100.15 -23.96 23.00
C LYS NA 82 99.42 -24.70 24.10
N GLN NA 83 100.12 -25.21 25.10
CA GLN NA 83 99.49 -25.70 26.32
C GLN NA 83 99.23 -24.52 27.26
N ASN NA 84 98.41 -24.78 28.29
CA ASN NA 84 97.93 -23.81 29.27
C ASN NA 84 97.27 -22.63 28.57
N HIS NA 85 96.47 -22.93 27.56
CA HIS NA 85 96.04 -21.96 26.56
C HIS NA 85 94.71 -21.27 26.89
N THR NA 86 94.15 -20.60 25.88
CA THR NA 86 92.92 -19.79 25.93
C THR NA 86 92.99 -18.65 26.93
N ASN NA 87 93.85 -17.66 26.69
CA ASN NA 87 93.92 -16.45 27.51
C ASN NA 87 93.42 -15.27 26.68
N ASN NA 88 92.98 -14.23 27.37
CA ASN NA 88 92.55 -13.00 26.71
C ASN NA 88 93.19 -11.78 27.38
N VAL NA 89 93.17 -10.66 26.65
CA VAL NA 89 93.86 -9.44 27.07
C VAL NA 89 92.82 -8.36 27.30
N ILE NA 90 92.85 -7.75 28.48
CA ILE NA 90 92.00 -6.60 28.80
C ILE NA 90 92.91 -5.39 28.90
N PHE NA 91 92.62 -4.36 28.12
CA PHE NA 91 93.42 -3.15 28.17
C PHE NA 91 92.81 -2.13 29.15
N TYR NA 92 93.67 -1.29 29.69
CA TYR NA 92 93.26 -0.27 30.65
C TYR NA 92 93.98 1.03 30.31
N LEU NA 93 93.22 2.07 30.02
CA LEU NA 93 93.77 3.39 29.71
C LEU NA 93 93.24 4.33 30.78
N LEU NA 94 94.10 4.71 31.72
CA LEU NA 94 93.68 5.40 32.94
C LEU NA 94 94.08 6.86 32.89
N ARG NA 95 93.20 7.72 33.41
CA ARG NA 95 93.56 9.12 33.66
C ARG NA 95 94.11 9.22 35.07
N ASP NA 96 95.42 9.44 35.19
CA ASP NA 96 96.09 9.50 36.49
C ASP NA 96 95.96 10.92 37.06
N ARG NA 97 95.99 11.00 38.40
CA ARG NA 97 95.84 12.26 39.10
C ARG NA 97 97.14 12.80 39.68
N ARG NA 98 98.11 11.96 40.05
CA ARG NA 98 99.35 12.40 40.67
C ARG NA 98 100.43 11.35 40.40
N PRO NA 99 101.68 11.77 40.28
CA PRO NA 99 102.77 10.79 40.12
C PRO NA 99 103.48 10.49 41.43
N TYR NA 100 104.27 9.42 41.45
CA TYR NA 100 105.27 9.18 42.50
C TYR NA 100 106.52 8.64 41.82
N GLY NA 101 107.38 9.55 41.34
CA GLY NA 101 108.62 9.17 40.69
C GLY NA 101 108.42 8.35 39.44
N ASN NA 102 108.72 7.05 39.54
CA ASN NA 102 108.49 6.09 38.48
C ASN NA 102 107.02 5.66 38.47
N ALA NA 103 106.72 4.60 37.73
CA ALA NA 103 105.35 4.10 37.64
C ALA NA 103 104.99 3.34 38.91
N PRO NA 104 103.76 3.49 39.42
CA PRO NA 104 103.35 2.74 40.62
C PRO NA 104 103.02 1.29 40.32
N GLN NA 105 102.52 0.58 41.32
CA GLN NA 105 102.13 -0.81 41.17
C GLN NA 105 100.86 -0.91 40.32
N ASP NA 106 100.54 -2.14 39.91
CA ASP NA 106 99.25 -2.42 39.30
C ASP NA 106 98.32 -3.18 40.25
N PHE NA 107 98.76 -4.37 40.69
CA PHE NA 107 97.89 -5.21 41.50
C PHE NA 107 97.69 -4.64 42.90
N GLY NA 108 98.66 -3.86 43.38
CA GLY NA 108 98.48 -3.11 44.60
C GLY NA 108 97.82 -1.77 44.43
N GLN NA 109 97.45 -1.40 43.20
CA GLN NA 109 96.78 -0.13 42.93
C GLN NA 109 95.35 -0.32 42.46
N ILE NA 110 95.11 -1.08 41.40
CA ILE NA 110 93.74 -1.48 41.10
C ILE NA 110 93.33 -2.61 42.04
N PHE NA 111 92.02 -2.79 42.18
CA PHE NA 111 91.50 -3.38 43.41
C PHE NA 111 91.64 -4.90 43.45
N ASN NA 112 91.00 -5.62 42.53
CA ASN NA 112 90.83 -7.05 42.72
C ASN NA 112 91.46 -7.77 41.53
N MET NA 113 91.27 -9.09 41.49
CA MET NA 113 91.99 -9.96 40.55
C MET NA 113 91.36 -9.89 39.15
N PHE NA 114 91.92 -8.98 38.34
CA PHE NA 114 91.97 -8.97 36.88
C PHE NA 114 90.63 -8.63 36.22
N ASP NA 115 89.53 -8.52 36.98
CA ASP NA 115 88.28 -7.95 36.51
C ASP NA 115 87.81 -6.99 37.59
N ASN NA 116 88.23 -5.73 37.46
CA ASN NA 116 88.14 -4.82 38.59
C ASN NA 116 88.09 -3.37 38.14
N GLU NA 117 88.26 -2.49 39.11
CA GLU NA 117 88.30 -1.03 39.03
C GLU NA 117 89.45 -0.59 39.93
N PRO NA 118 89.84 0.69 39.93
CA PRO NA 118 90.76 1.15 40.97
C PRO NA 118 90.14 1.09 42.36
N SER NA 119 91.03 1.04 43.36
CA SER NA 119 90.60 0.87 44.75
C SER NA 119 89.88 2.11 45.26
N THR NA 120 89.16 1.93 46.37
CA THR NA 120 88.39 3.01 46.96
C THR NA 120 89.27 4.10 47.56
N ALA NA 121 90.48 3.76 47.97
CA ALA NA 121 91.40 4.73 48.54
C ALA NA 121 92.30 5.39 47.49
N THR NA 122 92.08 5.11 46.21
CA THR NA 122 92.96 5.56 45.14
C THR NA 122 92.29 6.54 44.19
N ILE NA 123 90.99 6.78 44.31
CA ILE NA 123 90.29 7.64 43.37
C ILE NA 123 90.63 9.11 43.60
N PHE NA 131 92.61 6.42 41.03
CA PHE NA 131 92.95 7.13 39.79
C PHE NA 131 91.80 6.96 38.82
N GLN NA 132 91.57 7.97 37.98
CA GLN NA 132 90.45 7.90 37.06
C GLN NA 132 90.75 6.95 35.90
N VAL NA 133 89.68 6.47 35.28
CA VAL NA 133 89.73 5.55 34.16
C VAL NA 133 89.20 6.31 32.96
N LEU NA 134 89.68 5.97 31.76
CA LEU NA 134 89.02 6.47 30.57
C LEU NA 134 88.18 5.38 29.87
N ARG NA 135 88.81 4.31 29.37
CA ARG NA 135 88.09 3.22 28.73
C ARG NA 135 88.87 1.92 28.88
N LYS NA 136 88.29 0.85 28.32
CA LYS NA 136 88.87 -0.49 28.30
C LYS NA 136 88.86 -1.00 26.87
N PHE NA 137 89.51 -2.16 26.66
CA PHE NA 137 89.48 -2.83 25.36
C PHE NA 137 89.46 -4.35 25.60
N HIS NA 138 89.42 -5.11 24.51
CA HIS NA 138 89.42 -6.56 24.56
C HIS NA 138 90.32 -7.10 23.46
N ALA NA 139 90.93 -8.26 23.74
CA ALA NA 139 91.73 -9.00 22.76
C ALA NA 139 91.75 -10.44 23.23
N THR NA 140 91.20 -11.36 22.43
CA THR NA 140 91.02 -12.75 22.81
C THR NA 140 91.83 -13.64 21.89
N VAL NA 141 92.91 -14.22 22.40
CA VAL NA 141 93.77 -15.10 21.63
C VAL NA 141 93.69 -16.51 22.20
N VAL NA 142 92.89 -17.37 21.55
CA VAL NA 142 92.66 -18.71 22.07
C VAL NA 142 93.25 -19.76 21.13
N GLY NA 143 94.46 -20.24 21.44
CA GLY NA 143 95.07 -21.24 20.59
C GLY NA 143 95.70 -22.40 21.33
N GLY NA 144 95.17 -23.60 21.12
CA GLY NA 144 95.73 -24.78 21.78
C GLY NA 144 96.39 -25.73 20.81
N LEU NA 145 95.71 -26.84 20.52
CA LEU NA 145 96.22 -27.81 19.56
C LEU NA 145 95.08 -28.24 18.65
N TYR NA 146 95.47 -28.90 17.55
CA TYR NA 146 94.63 -29.56 16.56
C TYR NA 146 93.67 -28.65 15.78
N CYS NA 147 93.70 -27.33 15.96
CA CYS NA 147 93.26 -26.49 14.85
C CYS NA 147 94.35 -25.47 14.47
N MET NA 148 94.96 -24.68 15.39
CA MET NA 148 94.47 -24.20 16.70
C MET NA 148 93.82 -22.84 16.40
N LYS NA 149 92.54 -22.70 16.74
CA LYS NA 149 91.80 -21.58 16.18
C LYS NA 149 91.67 -20.43 17.17
N GLU NA 150 92.77 -19.67 17.28
CA GLU NA 150 92.90 -18.21 17.23
C GLU NA 150 94.36 -17.83 17.46
N GLN NA 151 94.73 -16.65 16.96
CA GLN NA 151 96.10 -16.13 16.95
C GLN NA 151 96.06 -14.62 16.86
N ALA NA 152 97.17 -14.05 16.37
CA ALA NA 152 97.46 -12.61 16.26
C ALA NA 152 96.27 -11.80 15.75
N LEU NA 153 95.79 -10.89 16.59
CA LEU NA 153 94.67 -10.02 16.25
C LEU NA 153 95.18 -8.60 16.07
N VAL NA 154 94.54 -7.85 15.19
CA VAL NA 154 94.94 -6.47 14.93
C VAL NA 154 93.91 -5.52 15.55
N LYS NA 155 94.39 -4.53 16.30
CA LYS NA 155 93.51 -3.57 16.96
C LYS NA 155 93.94 -2.16 16.61
N ARG NA 156 93.03 -1.39 16.01
CA ARG NA 156 93.23 0.04 15.79
C ARG NA 156 92.08 0.79 16.44
N PHE NA 157 92.40 1.93 17.08
CA PHE NA 157 91.40 2.70 17.82
C PHE NA 157 91.77 4.18 17.80
N TYR NA 158 90.91 5.01 17.23
CA TYR NA 158 90.87 6.43 17.60
C TYR NA 158 90.36 6.55 19.02
N ARG NA 159 90.97 7.45 19.80
CA ARG NA 159 90.56 7.63 21.19
C ARG NA 159 90.94 9.05 21.62
N LEU NA 160 89.95 9.94 21.66
CA LEU NA 160 90.18 11.33 22.00
C LEU NA 160 90.35 11.49 23.51
N ASN NA 161 91.26 12.38 23.91
CA ASN NA 161 91.63 12.55 25.31
C ASN NA 161 91.89 14.04 25.56
N HIS NA 162 92.54 14.35 26.67
CA HIS NA 162 92.69 15.75 27.11
C HIS NA 162 94.04 15.94 27.78
N HIS NA 163 94.17 17.04 28.52
CA HIS NA 163 95.43 17.73 28.80
C HIS NA 163 96.30 17.01 29.82
N VAL NA 164 97.60 17.29 29.74
CA VAL NA 164 98.66 16.71 30.59
C VAL NA 164 99.61 17.86 30.96
N THR NA 165 100.11 17.87 32.20
CA THR NA 165 101.08 18.87 32.65
C THR NA 165 102.34 18.17 33.14
N TYR NA 166 103.50 18.73 32.83
CA TYR NA 166 104.76 18.35 33.48
C TYR NA 166 105.12 19.35 34.57
N ASN NA 167 105.80 18.84 35.60
CA ASN NA 167 106.18 19.70 36.73
C ASN NA 167 107.43 20.52 36.39
N HIS NA 168 108.55 19.84 36.16
CA HIS NA 168 109.81 20.53 35.97
C HIS NA 168 109.95 21.06 34.55
N GLN NA 169 110.84 22.03 34.39
CA GLN NA 169 111.16 22.61 33.09
C GLN NA 169 112.37 21.94 32.45
N GLU NA 170 112.63 20.69 32.82
CA GLU NA 170 113.76 19.94 32.33
C GLU NA 170 113.47 19.36 30.95
N ALA NA 171 114.52 18.88 30.30
CA ALA NA 171 114.37 18.02 29.13
C ALA NA 171 114.43 16.55 29.56
N GLY NA 172 113.55 16.22 30.49
CA GLY NA 172 113.61 14.97 31.22
C GLY NA 172 112.55 13.96 30.82
N LYS NA 173 112.66 12.79 31.42
CA LYS NA 173 111.80 11.65 31.15
C LYS NA 173 110.59 11.69 32.10
N TYR NA 174 109.90 10.56 32.24
CA TYR NA 174 108.65 10.42 32.99
C TYR NA 174 108.75 10.74 34.48
N GLU NA 175 109.95 10.95 35.02
CA GLU NA 175 110.11 11.06 36.48
C GLU NA 175 109.59 12.39 37.01
N ASN NA 176 109.58 13.44 36.20
CA ASN NA 176 109.26 14.79 36.67
C ASN NA 176 107.82 15.20 36.37
N HIS NA 177 106.87 14.27 36.48
CA HIS NA 177 105.47 14.55 36.19
C HIS NA 177 104.83 15.36 37.32
N THR NA 178 103.57 15.71 37.10
CA THR NA 178 102.68 16.35 38.06
C THR NA 178 101.27 15.86 37.76
N GLU NA 179 100.27 16.64 38.21
CA GLU NA 179 98.85 16.37 37.99
C GLU NA 179 98.52 16.09 36.52
N ASN NA 180 97.50 15.25 36.33
CA ASN NA 180 96.95 14.85 35.03
C ASN NA 180 97.99 14.14 34.17
N ALA NA 181 98.42 12.99 34.67
CA ALA NA 181 99.15 12.02 33.87
C ALA NA 181 98.16 11.01 33.28
N LEU NA 182 98.64 10.21 32.34
CA LEU NA 182 97.85 9.13 31.76
C LEU NA 182 98.79 8.08 31.20
N LEU NA 183 98.41 6.81 31.38
CA LEU NA 183 99.29 5.69 31.04
C LEU NA 183 98.43 4.45 30.81
N LEU NA 184 99.09 3.34 30.53
CA LEU NA 184 98.42 2.10 30.18
C LEU NA 184 98.77 0.98 31.15
N TYR NA 185 97.82 0.07 31.33
CA TYR NA 185 98.07 -1.22 31.95
C TYR NA 185 97.49 -2.31 31.07
N MET NA 186 98.22 -3.40 30.93
CA MET NA 186 97.76 -4.58 30.20
C MET NA 186 97.68 -5.75 31.16
N ALA NA 187 96.64 -6.56 31.01
CA ALA NA 187 96.35 -7.62 31.97
C ALA NA 187 96.10 -8.93 31.26
N CYS NA 188 96.75 -9.99 31.74
CA CYS NA 188 96.46 -11.35 31.33
C CYS NA 188 95.60 -12.03 32.40
N THR NA 189 94.84 -13.04 31.98
CA THR NA 189 93.86 -13.67 32.85
C THR NA 189 94.18 -15.12 33.19
N HIS NA 190 95.40 -15.60 32.91
CA HIS NA 190 95.77 -16.98 33.20
C HIS NA 190 97.22 -17.03 33.63
N ALA NA 191 97.56 -18.10 34.35
CA ALA NA 191 98.87 -18.22 34.99
C ALA NA 191 100.00 -18.38 33.98
N SER NA 192 99.73 -18.94 32.80
CA SER NA 192 100.71 -18.94 31.74
C SER NA 192 100.89 -17.54 31.17
N ASN NA 193 101.99 -17.34 30.45
CA ASN NA 193 102.20 -16.05 29.82
C ASN NA 193 102.37 -16.22 28.29
N PRO NA 194 101.29 -16.42 27.54
CA PRO NA 194 101.45 -16.57 26.08
C PRO NA 194 101.53 -15.24 25.35
N VAL NA 195 101.07 -14.15 25.96
CA VAL NA 195 100.79 -12.91 25.25
C VAL NA 195 102.08 -12.19 24.92
N TYR NA 196 102.38 -12.09 23.62
CA TYR NA 196 103.44 -11.23 23.12
C TYR NA 196 102.79 -10.07 22.35
N ALA NA 197 102.44 -9.03 23.09
CA ALA NA 197 101.69 -7.90 22.56
C ALA NA 197 102.64 -6.75 22.26
N THR NA 198 102.76 -6.40 20.97
CA THR NA 198 103.56 -5.28 20.54
C THR NA 198 102.62 -4.23 19.95
N LEU NA 199 102.72 -3.00 20.46
CA LEU NA 199 101.74 -1.97 20.18
C LEU NA 199 102.44 -0.70 19.72
N LYS NA 200 101.89 -0.09 18.67
CA LYS NA 200 102.31 1.21 18.19
C LYS NA 200 101.31 2.26 18.65
N ILE NA 201 101.78 3.22 19.43
CA ILE NA 201 100.91 4.15 20.14
C ILE NA 201 101.26 5.55 19.69
N ARG NA 202 100.46 6.10 18.76
CA ARG NA 202 100.64 7.48 18.34
C ARG NA 202 99.89 8.42 19.25
N ILE NA 203 100.59 9.44 19.75
CA ILE NA 203 99.96 10.61 20.36
C ILE NA 203 100.34 11.81 19.51
N TYR NA 204 99.35 12.44 18.90
CA TYR NA 204 99.56 13.73 18.24
C TYR NA 204 98.71 14.78 18.93
N PHE NA 205 99.32 15.94 19.17
CA PHE NA 205 98.75 16.94 20.06
C PHE NA 205 99.20 18.35 19.67
N PRO OA 16 76.58 14.29 -14.21
CA PRO OA 16 76.03 14.14 -12.85
C PRO OA 16 76.94 13.33 -11.92
N ASP OA 17 78.07 12.86 -12.44
CA ASP OA 17 78.97 11.99 -11.69
C ASP OA 17 80.36 12.60 -11.53
N ILE OA 18 80.90 13.19 -12.58
CA ILE OA 18 82.32 13.58 -12.65
C ILE OA 18 82.50 15.09 -12.46
N PRO OA 19 83.58 15.52 -11.81
CA PRO OA 19 83.84 16.96 -11.67
C PRO OA 19 84.80 17.54 -12.69
N ARG OA 20 85.34 16.76 -13.63
CA ARG OA 20 86.44 17.21 -14.47
C ARG OA 20 86.06 17.45 -15.92
N GLY OA 21 85.54 16.43 -16.62
CA GLY OA 21 85.29 16.53 -18.03
C GLY OA 21 84.32 15.47 -18.52
N CYS OA 22 83.60 15.78 -19.60
CA CYS OA 22 82.47 15.00 -20.08
C CYS OA 22 82.87 13.76 -20.87
N GLU OA 23 84.11 13.30 -20.76
CA GLU OA 23 84.51 12.01 -21.29
C GLU OA 23 83.78 10.90 -20.55
N GLY OA 24 83.69 9.73 -21.21
CA GLY OA 24 83.16 8.55 -20.59
C GLY OA 24 84.07 8.08 -19.48
N PRO OA 25 83.49 7.62 -18.36
CA PRO OA 25 84.32 7.12 -17.26
C PRO OA 25 84.97 5.79 -17.60
N CYS OA 26 86.06 5.87 -18.36
CA CYS OA 26 86.66 4.69 -18.96
C CYS OA 26 87.40 3.84 -17.92
N LYS OA 27 87.24 2.53 -18.03
CA LYS OA 27 87.85 1.59 -17.10
C LYS OA 27 89.24 1.22 -17.58
N VAL OA 28 90.20 1.27 -16.65
CA VAL OA 28 91.53 0.70 -16.86
C VAL OA 28 91.80 -0.21 -15.68
N GLN OA 29 91.73 -1.51 -15.92
CA GLN OA 29 91.79 -2.50 -14.85
C GLN OA 29 93.18 -3.12 -14.77
N SER OA 30 93.77 -3.08 -13.57
CA SER OA 30 95.08 -3.68 -13.32
C SER OA 30 94.81 -5.00 -12.61
N PHE OA 31 94.48 -6.03 -13.38
CA PHE OA 31 94.39 -7.36 -12.82
C PHE OA 31 95.78 -7.89 -12.50
N GLU OA 32 95.88 -8.58 -11.37
CA GLU OA 32 97.08 -9.33 -11.05
C GLU OA 32 96.72 -10.79 -10.79
N GLN OA 33 97.63 -11.67 -11.19
CA GLN OA 33 97.62 -13.06 -10.73
C GLN OA 33 99.00 -13.24 -10.12
N ARG OA 34 99.13 -12.81 -8.87
CA ARG OA 34 100.43 -12.65 -8.24
C ARG OA 34 100.41 -13.18 -6.80
N ASP OA 35 101.46 -12.87 -6.06
CA ASP OA 35 101.54 -13.13 -4.63
C ASP OA 35 102.38 -12.01 -4.01
N ASP OA 36 102.85 -12.24 -2.80
CA ASP OA 36 103.75 -11.29 -2.17
C ASP OA 36 104.81 -12.06 -1.40
N VAL OA 37 105.63 -11.32 -0.66
CA VAL OA 37 106.52 -11.89 0.34
C VAL OA 37 106.11 -11.26 1.66
N LYS OA 38 106.86 -11.54 2.74
CA LYS OA 38 106.55 -10.91 4.01
C LYS OA 38 106.76 -9.40 3.95
N HIS OA 39 107.82 -8.95 3.28
CA HIS OA 39 108.19 -7.55 3.32
C HIS OA 39 107.29 -6.70 2.42
N LEU OA 40 107.07 -7.15 1.18
CA LEU OA 40 106.46 -6.23 0.22
C LEU OA 40 105.70 -6.98 -0.85
N GLY OA 41 104.53 -6.43 -1.19
CA GLY OA 41 103.93 -6.68 -2.49
C GLY OA 41 103.66 -5.35 -3.12
N ILE OA 42 104.38 -5.02 -4.19
CA ILE OA 42 104.36 -3.68 -4.75
C ILE OA 42 103.53 -3.67 -6.03
N CYS OA 43 102.64 -2.68 -6.13
CA CYS OA 43 101.75 -2.55 -7.28
C CYS OA 43 101.52 -1.08 -7.55
N LYS OA 44 102.23 -0.52 -8.52
CA LYS OA 44 101.80 0.75 -9.09
C LYS OA 44 100.56 0.49 -9.95
N VAL OA 45 99.42 1.04 -9.53
CA VAL OA 45 98.14 0.71 -10.14
C VAL OA 45 97.91 1.53 -11.40
N ILE OA 46 98.64 2.62 -11.56
CA ILE OA 46 98.45 3.55 -12.67
C ILE OA 46 99.50 3.31 -13.76
N SER OA 47 100.05 2.09 -13.80
CA SER OA 47 101.28 1.83 -14.55
C SER OA 47 101.03 1.78 -16.05
N ASP OA 48 100.17 0.87 -16.50
CA ASP OA 48 100.00 0.57 -17.91
C ASP OA 48 99.08 1.56 -18.64
N VAL OA 49 98.86 2.76 -18.11
CA VAL OA 49 97.95 3.71 -18.74
C VAL OA 49 98.76 4.56 -19.70
N THR OA 50 98.70 4.24 -20.99
CA THR OA 50 99.41 4.94 -22.04
C THR OA 50 98.43 5.76 -22.87
N ARG OA 51 98.97 6.66 -23.69
CA ARG OA 51 98.14 7.45 -24.58
C ARG OA 51 97.64 6.60 -25.74
N GLY OA 52 96.33 6.65 -25.98
CA GLY OA 52 95.72 5.92 -27.06
C GLY OA 52 94.24 6.23 -27.19
N PRO OA 53 93.64 5.83 -28.31
CA PRO OA 53 92.20 6.13 -28.51
C PRO OA 53 91.27 5.21 -27.73
N GLY OA 54 91.72 4.03 -27.30
CA GLY OA 54 90.87 3.10 -26.62
C GLY OA 54 90.54 3.53 -25.20
N LEU OA 55 89.58 2.82 -24.61
CA LEU OA 55 89.15 3.12 -23.25
C LEU OA 55 90.06 2.52 -22.19
N THR OA 56 91.03 1.69 -22.58
CA THR OA 56 92.11 1.27 -21.70
C THR OA 56 93.31 2.19 -21.79
N HIS OA 57 93.09 3.45 -22.15
CA HIS OA 57 94.15 4.40 -22.44
C HIS OA 57 93.78 5.75 -21.83
N ARG OA 58 94.49 6.80 -22.23
CA ARG OA 58 94.32 8.11 -21.64
C ARG OA 58 94.42 9.19 -22.71
N VAL OA 59 93.85 10.35 -22.39
CA VAL OA 59 93.93 11.54 -23.23
C VAL OA 59 94.66 12.61 -22.45
N GLY OA 60 95.87 12.95 -22.88
CA GLY OA 60 96.67 13.94 -22.20
C GLY OA 60 97.48 13.38 -21.06
N LYS OA 61 97.62 14.14 -19.98
CA LYS OA 61 98.41 13.71 -18.83
C LYS OA 61 97.76 14.10 -17.51
N ARG OA 62 96.44 14.29 -17.51
CA ARG OA 62 95.70 14.70 -16.32
C ARG OA 62 94.62 13.67 -16.02
N PHE OA 63 94.61 13.16 -14.78
CA PHE OA 63 93.61 12.22 -14.32
C PHE OA 63 92.82 12.83 -13.17
N CYS OA 64 91.59 12.29 -13.00
CA CYS OA 64 90.85 12.43 -11.75
C CYS OA 64 90.20 11.07 -11.51
N ILE OA 65 90.89 10.22 -10.73
CA ILE OA 65 90.38 8.89 -10.43
C ILE OA 65 89.14 9.01 -9.58
N LYS OA 66 88.00 8.55 -10.12
CA LYS OA 66 86.75 8.62 -9.38
C LYS OA 66 86.74 7.61 -8.24
N SER OA 67 87.02 6.34 -8.55
CA SER OA 67 87.02 5.32 -7.51
C SER OA 67 87.92 4.16 -7.92
N ILE OA 68 88.57 3.56 -6.92
CA ILE OA 68 89.26 2.30 -7.07
C ILE OA 68 88.35 1.21 -6.51
N TYR OA 69 88.06 0.21 -7.34
CA TYR OA 69 87.20 -0.90 -6.99
C TYR OA 69 88.05 -2.16 -6.88
N ILE OA 70 88.32 -2.60 -5.66
CA ILE OA 70 89.24 -3.68 -5.40
C ILE OA 70 88.44 -4.97 -5.22
N LEU OA 71 88.52 -5.85 -6.21
CA LEU OA 71 88.15 -7.25 -6.05
C LEU OA 71 89.38 -8.04 -5.66
N GLY OA 72 89.16 -9.26 -5.19
CA GLY OA 72 90.29 -10.11 -4.87
C GLY OA 72 89.98 -11.30 -4.00
N LYS OA 73 90.61 -12.43 -4.30
CA LYS OA 73 90.54 -13.61 -3.48
C LYS OA 73 91.94 -13.94 -2.95
N ILE OA 74 92.04 -14.07 -1.63
CA ILE OA 74 93.32 -14.19 -0.95
C ILE OA 74 93.34 -15.57 -0.29
N TRP OA 75 94.14 -16.49 -0.84
CA TRP OA 75 94.14 -17.86 -0.36
C TRP OA 75 95.54 -18.30 0.01
N LEU OA 76 95.59 -19.53 0.53
CA LEU OA 76 96.82 -20.29 0.70
C LEU OA 76 96.62 -21.75 0.32
N ASP OA 77 95.68 -22.03 -0.61
CA ASP OA 77 95.16 -23.39 -0.81
C ASP OA 77 96.06 -24.21 -1.75
N GLU OA 78 97.32 -23.82 -1.89
CA GLU OA 78 98.34 -24.72 -2.39
C GLU OA 78 98.50 -25.88 -1.40
N THR OA 79 98.99 -27.03 -1.90
CA THR OA 79 99.11 -28.24 -1.07
C THR OA 79 100.17 -28.14 0.02
N ILE OA 80 100.94 -27.04 0.04
CA ILE OA 80 101.97 -26.80 1.05
C ILE OA 80 101.45 -25.58 1.81
N LYS OA 81 102.22 -25.08 2.77
CA LYS OA 81 101.92 -23.92 3.63
C LYS OA 81 100.73 -24.17 4.53
N LYS OA 82 100.57 -25.41 4.98
CA LYS OA 82 99.74 -25.73 6.14
C LYS OA 82 100.51 -25.63 7.45
N GLN OA 83 101.81 -25.89 7.45
CA GLN OA 83 102.67 -25.57 8.59
C GLN OA 83 103.08 -24.10 8.51
N ASN OA 84 103.64 -23.60 9.63
CA ASN OA 84 104.04 -22.21 9.83
C ASN OA 84 102.87 -21.26 9.55
N HIS OA 85 101.70 -21.65 10.03
CA HIS OA 85 100.43 -21.10 9.57
C HIS OA 85 99.93 -19.92 10.40
N THR OA 86 98.65 -19.57 10.20
CA THR OA 86 97.95 -18.43 10.80
C THR OA 86 98.58 -17.08 10.50
N ASN OA 87 98.56 -16.67 9.23
CA ASN OA 87 99.03 -15.35 8.83
C ASN OA 87 97.84 -14.52 8.38
N ASN OA 88 97.98 -13.19 8.42
CA ASN OA 88 96.95 -12.28 7.95
C ASN OA 88 97.55 -11.22 7.04
N VAL OA 89 96.69 -10.57 6.26
CA VAL OA 89 97.10 -9.62 5.23
C VAL OA 89 96.56 -8.25 5.60
N ILE OA 90 97.46 -7.27 5.63
CA ILE OA 90 97.08 -5.87 5.85
C ILE OA 90 97.33 -5.14 4.54
N PHE OA 91 96.30 -4.50 4.01
CA PHE OA 91 96.46 -3.74 2.77
C PHE OA 91 96.78 -2.28 3.07
N TYR OA 92 97.46 -1.64 2.12
CA TYR OA 92 97.87 -0.25 2.24
C TYR OA 92 97.64 0.43 0.91
N LEU OA 93 96.80 1.46 0.90
CA LEU OA 93 96.50 2.24 -0.30
C LEU OA 93 96.97 3.67 0.00
N LEU OA 94 98.09 4.05 -0.59
CA LEU OA 94 98.78 5.28 -0.21
C LEU OA 94 98.60 6.35 -1.28
N ARG OA 95 98.46 7.60 -0.84
CA ARG OA 95 98.53 8.74 -1.75
C ARG OA 95 99.98 9.21 -1.80
N ASP OA 96 100.64 8.97 -2.92
CA ASP OA 96 102.05 9.32 -3.09
C ASP OA 96 102.18 10.78 -3.51
N ARG OA 97 103.31 11.39 -3.16
CA ARG OA 97 103.56 12.80 -3.46
C ARG OA 97 104.55 13.02 -4.59
N ARG OA 98 105.50 12.08 -4.78
CA ARG OA 98 106.51 12.27 -5.80
C ARG OA 98 107.02 10.90 -6.24
N PRO OA 99 107.41 10.74 -7.50
CA PRO OA 99 108.00 9.47 -7.95
C PRO OA 99 109.52 9.51 -7.95
N TYR OA 100 110.14 8.33 -8.05
CA TYR OA 100 111.57 8.21 -8.41
C TYR OA 100 111.69 7.03 -9.36
N GLY OA 101 111.50 7.29 -10.66
CA GLY OA 101 111.60 6.26 -11.68
C GLY OA 101 110.61 5.12 -11.51
N ASN OA 102 111.13 3.98 -11.07
CA ASN OA 102 110.31 2.82 -10.74
C ASN OA 102 109.71 2.97 -9.33
N ALA OA 103 109.17 1.88 -8.81
CA ALA OA 103 108.56 1.92 -7.49
C ALA OA 103 109.64 1.93 -6.41
N PRO OA 104 109.45 2.70 -5.33
CA PRO OA 104 110.45 2.71 -4.25
C PRO OA 104 110.35 1.50 -3.35
N GLN OA 105 111.14 1.48 -2.28
CA GLN OA 105 111.11 0.39 -1.32
C GLN OA 105 109.82 0.41 -0.51
N ASP OA 106 109.58 -0.68 0.23
CA ASP OA 106 108.51 -0.69 1.21
C ASP OA 106 109.04 -0.62 2.64
N PHE OA 107 109.88 -1.58 3.03
CA PHE OA 107 110.35 -1.66 4.41
C PHE OA 107 111.34 -0.54 4.72
N GLY OA 108 112.03 -0.03 3.71
CA GLY OA 108 112.83 1.17 3.86
C GLY OA 108 112.07 2.47 3.68
N GLN OA 109 110.77 2.40 3.41
CA GLN OA 109 109.95 3.59 3.22
C GLN OA 109 108.92 3.75 4.32
N ILE OA 110 108.07 2.76 4.55
CA ILE OA 110 107.25 2.79 5.76
C ILE OA 110 108.11 2.38 6.95
N PHE OA 111 107.70 2.83 8.14
CA PHE OA 111 108.63 3.02 9.25
C PHE OA 111 109.07 1.73 9.91
N ASN OA 112 108.14 0.97 10.49
CA ASN OA 112 108.53 -0.09 11.40
C ASN OA 112 107.97 -1.41 10.88
N MET OA 113 108.13 -2.47 11.68
CA MET OA 113 107.85 -3.83 11.24
C MET OA 113 106.34 -4.13 11.27
N PHE OA 114 105.73 -3.90 10.11
CA PHE OA 114 104.49 -4.51 9.61
C PHE OA 114 103.23 -4.02 10.31
N ASP OA 115 103.34 -3.22 11.37
CA ASP OA 115 102.23 -2.48 11.96
C ASP OA 115 102.71 -1.06 12.18
N ASN OA 116 102.52 -0.21 11.18
CA ASN OA 116 103.25 1.05 11.16
C ASN OA 116 102.51 2.09 10.33
N GLU OA 117 103.24 3.17 10.05
CA GLU OA 117 102.87 4.33 9.27
C GLU OA 117 104.08 4.66 8.40
N PRO OA 118 103.98 5.60 7.45
CA PRO OA 118 105.21 6.08 6.79
C PRO OA 118 106.12 6.82 7.77
N SER OA 119 107.40 6.88 7.40
CA SER OA 119 108.42 7.46 8.26
C SER OA 119 108.25 8.97 8.38
N THR OA 120 108.90 9.53 9.40
CA THR OA 120 108.81 10.96 9.67
C THR OA 120 109.49 11.81 8.60
N ALA OA 121 110.50 11.25 7.93
CA ALA OA 121 111.20 11.97 6.87
C ALA OA 121 110.57 11.76 5.49
N THR OA 122 109.44 11.08 5.40
CA THR OA 122 108.85 10.71 4.14
C THR OA 122 107.50 11.37 3.87
N ILE OA 123 106.95 12.08 4.85
CA ILE OA 123 105.62 12.68 4.69
C ILE OA 123 105.66 13.88 3.75
N PHE OA 131 104.97 9.86 2.69
CA PHE OA 131 103.93 9.82 1.67
C PHE OA 131 102.58 9.69 2.38
N GLN OA 132 101.54 10.27 1.80
CA GLN OA 132 100.24 10.24 2.44
C GLN OA 132 99.60 8.86 2.31
N VAL OA 133 98.67 8.59 3.21
CA VAL OA 133 97.94 7.33 3.29
C VAL OA 133 96.49 7.66 2.95
N LEU OA 134 95.77 6.71 2.35
CA LEU OA 134 94.32 6.87 2.26
C LEU OA 134 93.58 5.98 3.26
N ARG OA 135 93.69 4.66 3.13
CA ARG OA 135 93.04 3.74 4.06
C ARG OA 135 93.81 2.43 4.13
N LYS OA 136 93.30 1.50 4.96
CA LYS OA 136 93.85 0.17 5.16
C LYS OA 136 92.73 -0.85 4.97
N PHE OA 137 93.11 -2.13 4.95
CA PHE OA 137 92.13 -3.23 4.92
C PHE OA 137 92.66 -4.39 5.76
N HIS OA 138 91.87 -5.45 5.83
CA HIS OA 138 92.23 -6.66 6.57
C HIS OA 138 91.84 -7.89 5.77
N ALA OA 139 92.62 -8.95 5.95
CA ALA OA 139 92.31 -10.26 5.37
C ALA OA 139 93.04 -11.29 6.21
N THR OA 140 92.30 -12.18 6.86
CA THR OA 140 92.85 -13.13 7.83
C THR OA 140 92.63 -14.56 7.33
N VAL OA 141 93.71 -15.21 6.91
CA VAL OA 141 93.64 -16.57 6.41
C VAL OA 141 94.41 -17.50 7.37
N VAL OA 142 93.66 -18.19 8.23
CA VAL OA 142 94.29 -19.01 9.25
C VAL OA 142 93.99 -20.49 9.01
N GLY OA 143 94.93 -21.20 8.38
CA GLY OA 143 94.71 -22.61 8.11
C GLY OA 143 95.89 -23.51 8.42
N GLY OA 144 95.73 -24.40 9.38
CA GLY OA 144 96.81 -25.32 9.73
C GLY OA 144 96.50 -26.76 9.37
N LEU OA 145 96.17 -27.57 10.38
CA LEU OA 145 95.81 -28.95 10.16
C LEU OA 145 94.59 -29.28 11.00
N TYR OA 146 93.97 -30.42 10.66
CA TYR OA 146 92.86 -31.08 11.36
C TYR OA 146 91.56 -30.29 11.43
N CYS OA 147 91.44 -29.12 10.81
CA CYS OA 147 90.10 -28.72 10.40
C CYS OA 147 90.06 -28.41 8.89
N MET OA 148 90.97 -27.61 8.29
CA MET OA 148 91.74 -26.48 8.85
C MET OA 148 90.89 -25.22 8.60
N LYS OA 149 90.55 -24.51 9.67
CA LYS OA 149 89.47 -23.54 9.53
C LYS OA 149 90.01 -22.12 9.36
N GLU OA 150 90.46 -21.83 8.14
CA GLU OA 150 90.15 -20.68 7.28
C GLU OA 150 90.95 -20.79 6.00
N GLN OA 151 90.45 -20.14 4.95
CA GLN OA 151 90.96 -20.20 3.58
C GLN OA 151 90.53 -18.96 2.83
N ALA OA 152 90.51 -19.07 1.50
CA ALA OA 152 90.23 -18.02 0.51
C ALA OA 152 89.07 -17.13 0.90
N LEU OA 153 89.36 -15.85 1.10
CA LEU OA 153 88.35 -14.85 1.45
C LEU OA 153 88.13 -13.92 0.27
N VAL OA 154 86.91 -13.42 0.14
CA VAL OA 154 86.59 -12.52 -0.96
C VAL OA 154 86.41 -11.11 -0.41
N LYS OA 155 87.06 -10.14 -1.05
CA LYS OA 155 87.01 -8.74 -0.62
C LYS OA 155 86.60 -7.86 -1.79
N ARG OA 156 85.49 -7.14 -1.62
CA ARG OA 156 85.08 -6.10 -2.57
C ARG OA 156 84.93 -4.79 -1.82
N PHE OA 157 85.38 -3.70 -2.44
CA PHE OA 157 85.37 -2.38 -1.79
C PHE OA 157 85.21 -1.29 -2.83
N TYR OA 158 84.12 -0.51 -2.73
CA TYR OA 158 84.12 0.83 -3.29
C TYR OA 158 85.07 1.71 -2.50
N ARG OA 159 85.82 2.56 -3.19
CA ARG OA 159 86.78 3.44 -2.51
C ARG OA 159 87.01 4.67 -3.40
N LEU OA 160 86.38 5.78 -3.03
CA LEU OA 160 86.48 7.01 -3.80
C LEU OA 160 87.82 7.71 -3.54
N ASN OA 161 88.40 8.28 -4.60
CA ASN OA 161 89.73 8.87 -4.54
C ASN OA 161 89.74 10.12 -5.42
N HIS OA 162 90.93 10.61 -5.75
CA HIS OA 162 91.06 11.92 -6.42
C HIS OA 162 92.23 11.86 -7.41
N HIS OA 163 92.68 13.05 -7.83
CA HIS OA 163 93.37 13.28 -9.10
C HIS OA 163 94.81 12.78 -9.12
N VAL OA 164 95.29 12.51 -10.34
CA VAL OA 164 96.63 12.01 -10.63
C VAL OA 164 97.15 12.78 -11.85
N THR OA 165 98.45 13.12 -11.85
CA THR OA 165 99.06 13.80 -12.98
C THR OA 165 100.24 12.96 -13.49
N TYR OA 166 100.40 12.89 -14.82
CA TYR OA 166 101.61 12.38 -15.42
C TYR OA 166 102.51 13.54 -15.88
N ASN OA 167 103.82 13.30 -15.84
CA ASN OA 167 104.78 14.35 -16.21
C ASN OA 167 104.90 14.45 -17.73
N HIS OA 168 105.38 13.39 -18.37
CA HIS OA 168 105.66 13.44 -19.80
C HIS OA 168 104.39 13.26 -20.61
N GLN OA 169 104.47 13.67 -21.87
CA GLN OA 169 103.38 13.52 -22.83
C GLN OA 169 103.55 12.27 -23.68
N GLU OA 170 104.25 11.28 -23.15
CA GLU OA 170 104.54 10.04 -23.83
C GLU OA 170 103.35 9.09 -23.76
N ALA OA 171 103.39 8.04 -24.58
CA ALA OA 171 102.51 6.90 -24.41
C ALA OA 171 103.22 5.82 -23.57
N GLY OA 172 103.68 6.24 -22.41
CA GLY OA 172 104.60 5.47 -21.60
C GLY OA 172 103.97 4.83 -20.38
N LYS OA 173 104.80 4.05 -19.69
CA LYS OA 173 104.42 3.30 -18.51
C LYS OA 173 104.64 4.15 -17.26
N TYR OA 174 104.68 3.50 -16.08
CA TYR OA 174 104.76 4.14 -14.77
C TYR OA 174 106.01 4.98 -14.54
N GLU OA 175 107.00 4.95 -15.43
CA GLU OA 175 108.29 5.59 -15.15
C GLU OA 175 108.22 7.11 -15.23
N ASN OA 176 107.29 7.67 -16.01
CA ASN OA 176 107.25 9.10 -16.27
C ASN OA 176 106.22 9.84 -15.41
N HIS OA 177 106.07 9.44 -14.15
CA HIS OA 177 105.11 10.06 -13.25
C HIS OA 177 105.58 11.43 -12.77
N THR OA 178 104.72 12.07 -11.99
CA THR OA 178 105.00 13.33 -11.29
C THR OA 178 104.18 13.31 -10.01
N GLU OA 179 103.92 14.50 -9.44
CA GLU OA 179 103.12 14.68 -8.24
C GLU OA 179 101.77 13.96 -8.30
N ASN OA 180 101.31 13.55 -7.12
CA ASN OA 180 100.02 12.88 -6.88
C ASN OA 180 99.93 11.55 -7.64
N ALA OA 181 100.83 10.64 -7.29
CA ALA OA 181 100.70 9.24 -7.64
C ALA OA 181 99.95 8.52 -6.52
N LEU OA 182 99.55 7.28 -6.81
CA LEU OA 182 98.91 6.42 -5.82
C LEU OA 182 99.11 4.97 -6.22
N LEU OA 183 99.36 4.12 -5.23
CA LEU OA 183 99.74 2.74 -5.48
C LEU OA 183 99.41 1.91 -4.24
N LEU OA 184 99.71 0.62 -4.31
CA LEU OA 184 99.37 -0.33 -3.25
C LEU OA 184 100.62 -0.97 -2.67
N TYR OA 185 100.51 -1.33 -1.38
CA TYR OA 185 101.45 -2.24 -0.76
C TYR OA 185 100.66 -3.30 -0.01
N MET OA 186 101.12 -4.54 -0.09
CA MET OA 186 100.54 -5.67 0.63
C MET OA 186 101.58 -6.21 1.58
N ALA OA 187 101.14 -6.60 2.78
CA ALA OA 187 102.06 -6.97 3.84
C ALA OA 187 101.62 -8.29 4.49
N CYS OA 188 102.57 -9.20 4.64
CA CYS OA 188 102.38 -10.40 5.43
C CYS OA 188 103.04 -10.22 6.80
N THR OA 189 102.54 -10.97 7.78
CA THR OA 189 102.97 -10.78 9.17
C THR OA 189 103.71 -11.98 9.74
N HIS OA 190 104.16 -12.92 8.91
CA HIS OA 190 104.88 -14.10 9.39
C HIS OA 190 105.95 -14.48 8.38
N ALA OA 191 106.97 -15.21 8.87
CA ALA OA 191 108.14 -15.52 8.07
C ALA OA 191 107.85 -16.47 6.92
N SER OA 192 106.83 -17.32 7.05
CA SER OA 192 106.38 -18.12 5.93
C SER OA 192 105.68 -17.24 4.90
N ASN OA 193 105.53 -17.77 3.69
CA ASN OA 193 104.80 -17.03 2.67
C ASN OA 193 103.63 -17.86 2.14
N PRO OA 194 102.52 -17.94 2.87
CA PRO OA 194 101.38 -18.73 2.35
C PRO OA 194 100.51 -17.95 1.39
N VAL OA 195 100.58 -16.62 1.42
CA VAL OA 195 99.55 -15.77 0.80
C VAL OA 195 99.72 -15.77 -0.70
N TYR OA 196 98.74 -16.32 -1.40
CA TYR OA 196 98.61 -16.18 -2.85
C TYR OA 196 97.39 -15.31 -3.14
N ALA OA 197 97.64 -14.00 -3.16
CA ALA OA 197 96.58 -13.00 -3.28
C ALA OA 197 96.52 -12.50 -4.72
N THR OA 198 95.40 -12.79 -5.39
CA THR OA 198 95.15 -12.31 -6.74
C THR OA 198 93.98 -11.33 -6.69
N LEU OA 199 94.20 -10.13 -7.22
CA LEU OA 199 93.27 -9.03 -7.05
C LEU OA 199 92.93 -8.41 -8.39
N LYS OA 200 91.64 -8.14 -8.57
CA LYS OA 200 91.14 -7.40 -9.72
C LYS OA 200 90.83 -5.97 -9.30
N ILE OA 201 91.51 -5.02 -9.91
CA ILE OA 201 91.52 -3.63 -9.44
C ILE OA 201 90.98 -2.76 -10.57
N ARG OA 202 89.70 -2.40 -10.50
CA ARG OA 202 89.11 -1.49 -11.46
C ARG OA 202 89.34 -0.05 -11.05
N ILE OA 203 89.87 0.76 -11.96
CA ILE OA 203 89.84 2.21 -11.85
C ILE OA 203 89.03 2.73 -13.02
N TYR OA 204 87.90 3.36 -12.74
CA TYR OA 204 87.16 4.09 -13.75
C TYR OA 204 87.11 5.56 -13.38
N PHE OA 205 87.35 6.42 -14.37
CA PHE OA 205 87.63 7.83 -14.13
C PHE OA 205 87.19 8.69 -15.32
N PRO PA 16 71.90 16.42 38.58
CA PRO PA 16 71.61 16.16 37.17
C PRO PA 16 71.51 14.66 36.85
N ASP PA 17 71.70 13.81 37.85
CA ASP PA 17 71.73 12.37 37.65
C ASP PA 17 70.64 11.65 38.45
N ILE PA 18 70.43 12.04 39.70
CA ILE PA 18 69.62 11.28 40.65
C ILE PA 18 68.24 11.93 40.86
N PRO PA 19 67.20 11.13 41.06
CA PRO PA 19 65.87 11.69 41.35
C PRO PA 19 65.51 11.76 42.82
N ARG PA 20 66.37 11.34 43.75
CA ARG PA 20 65.96 11.16 45.14
C ARG PA 20 66.57 12.17 46.09
N GLY PA 21 67.90 12.26 46.17
CA GLY PA 21 68.56 13.09 47.15
C GLY PA 21 70.00 13.37 46.79
N CYS PA 22 70.50 14.52 47.26
CA CYS PA 22 71.78 15.08 46.82
C CYS PA 22 72.99 14.43 47.48
N GLU PA 23 72.84 13.24 48.06
CA GLU PA 23 73.97 12.45 48.50
C GLU PA 23 74.82 12.03 47.30
N GLY PA 24 76.09 11.73 47.58
CA GLY PA 24 76.96 11.17 46.57
C GLY PA 24 76.50 9.78 46.17
N PRO PA 25 76.59 9.47 44.86
CA PRO PA 25 76.18 8.13 44.40
C PRO PA 25 77.17 7.07 44.84
N CYS PA 26 77.03 6.64 46.10
CA CYS PA 26 78.04 5.80 46.73
C CYS PA 26 77.98 4.38 46.21
N LYS PA 27 79.15 3.79 45.99
CA LYS PA 27 79.26 2.45 45.45
C LYS PA 27 79.25 1.44 46.60
N VAL PA 28 78.43 0.39 46.46
CA VAL PA 28 78.48 -0.78 47.32
C VAL PA 28 78.59 -1.98 46.40
N GLN PA 29 79.77 -2.57 46.33
CA GLN PA 29 80.06 -3.61 45.35
C GLN PA 29 80.00 -4.99 46.01
N SER PA 30 79.21 -5.86 45.42
CA SER PA 30 79.06 -7.24 45.88
C SER PA 30 79.90 -8.11 44.96
N PHE PA 31 81.20 -8.15 45.23
CA PHE PA 31 82.06 -9.08 44.52
C PHE PA 31 81.78 -10.49 45.00
N GLU PA 32 81.80 -11.43 44.05
CA GLU PA 32 81.77 -12.84 44.37
C GLU PA 32 82.97 -13.52 43.73
N GLN PA 33 83.50 -14.52 44.43
CA GLN PA 33 84.41 -15.50 43.85
C GLN PA 33 83.73 -16.82 44.15
N ARG PA 34 82.78 -17.19 43.29
CA ARG PA 34 81.85 -18.27 43.57
C ARG PA 34 81.65 -19.13 42.34
N ASP PA 35 80.65 -20.01 42.40
CA ASP PA 35 80.19 -20.79 41.27
C ASP PA 35 78.69 -20.99 41.44
N ASP PA 36 78.15 -21.96 40.71
CA ASP PA 36 76.74 -22.31 40.88
C ASP PA 36 76.60 -23.82 40.76
N VAL PA 37 75.35 -24.27 40.76
CA VAL PA 37 75.00 -25.63 40.40
C VAL PA 37 74.07 -25.52 39.21
N LYS PA 38 73.52 -26.64 38.74
CA LYS PA 38 72.56 -26.58 37.64
C LYS PA 38 71.30 -25.84 38.04
N HIS PA 39 70.83 -26.06 39.26
CA HIS PA 39 69.53 -25.53 39.66
C HIS PA 39 69.61 -24.04 39.98
N LEU PA 40 70.60 -23.63 40.78
CA LEU PA 40 70.54 -22.28 41.32
C LEU PA 40 71.92 -21.74 41.63
N GLY PA 41 72.11 -20.46 41.30
CA GLY PA 41 73.12 -19.65 41.94
C GLY PA 41 72.43 -18.42 42.50
N ILE PA 42 72.36 -18.31 43.82
CA ILE PA 42 71.54 -17.29 44.46
C ILE PA 42 72.43 -16.19 45.00
N CYS PA 43 72.04 -14.95 44.72
CA CYS PA 43 72.81 -13.78 45.13
C CYS PA 43 71.83 -12.64 45.43
N LYS PA 44 71.54 -12.43 46.71
CA LYS PA 44 70.94 -11.16 47.11
C LYS PA 44 72.02 -10.09 47.03
N VAL PA 45 71.83 -9.15 46.13
CA VAL PA 45 72.89 -8.21 45.81
C VAL PA 45 72.89 -7.06 46.81
N ILE PA 46 71.79 -6.87 47.53
CA ILE PA 46 71.61 -5.74 48.44
C ILE PA 46 71.88 -6.19 49.89
N SER PA 47 72.65 -7.27 50.06
CA SER PA 47 72.69 -7.99 51.33
C SER PA 47 73.50 -7.22 52.38
N ASP PA 48 74.78 -6.96 52.09
CA ASP PA 48 75.72 -6.45 53.08
C ASP PA 48 75.62 -4.93 53.28
N VAL PA 49 74.51 -4.29 52.91
CA VAL PA 49 74.40 -2.84 53.02
C VAL PA 49 73.82 -2.53 54.40
N THR PA 50 74.68 -2.15 55.33
CA THR PA 50 74.30 -1.82 56.70
C THR PA 50 74.41 -0.31 56.91
N ARG PA 51 73.84 0.16 58.02
CA ARG PA 51 73.94 1.58 58.36
C ARG PA 51 75.34 1.90 58.85
N GLY PA 52 75.93 2.96 58.29
CA GLY PA 52 77.25 3.39 58.69
C GLY PA 52 77.64 4.66 57.98
N PRO PA 53 78.71 5.31 58.45
CA PRO PA 53 79.14 6.57 57.83
C PRO PA 53 79.89 6.40 56.52
N GLY PA 54 80.45 5.21 56.27
CA GLY PA 54 81.25 4.99 55.08
C GLY PA 54 80.41 4.91 53.82
N LEU PA 55 81.09 4.94 52.67
CA LEU PA 55 80.41 4.86 51.39
C LEU PA 55 80.05 3.43 51.00
N THR PA 56 80.51 2.44 51.74
CA THR PA 56 80.02 1.06 51.60
C THR PA 56 78.84 0.79 52.52
N HIS PA 57 78.08 1.83 52.87
CA HIS PA 57 77.02 1.74 53.87
C HIS PA 57 75.83 2.55 53.36
N ARG PA 58 74.88 2.82 54.26
CA ARG PA 58 73.63 3.45 53.89
C ARG PA 58 73.20 4.45 54.96
N VAL PA 59 72.36 5.39 54.55
CA VAL PA 59 71.76 6.37 55.45
C VAL PA 59 70.25 6.16 55.41
N GLY PA 60 69.70 5.68 56.52
CA GLY PA 60 68.28 5.41 56.59
C GLY PA 60 67.89 4.04 56.07
N LYS PA 61 66.74 3.96 55.40
CA LYS PA 61 66.26 2.68 54.88
C LYS PA 61 65.63 2.82 53.51
N ARG PA 62 65.99 3.87 52.76
CA ARG PA 62 65.44 4.14 51.45
C ARG PA 62 66.55 4.19 50.41
N PHE PA 63 66.41 3.40 49.35
CA PHE PA 63 67.36 3.36 48.26
C PHE PA 63 66.69 3.81 46.97
N CYS PA 64 67.47 4.32 46.06
CA CYS PA 64 67.10 4.42 44.64
C CYS PA 64 68.35 3.99 43.87
N ILE PA 65 68.41 2.70 43.52
CA ILE PA 65 69.55 2.16 42.79
C ILE PA 65 69.56 2.77 41.39
N LYS PA 66 70.62 3.52 41.09
CA LYS PA 66 70.74 4.15 39.78
C LYS PA 66 71.05 3.11 38.71
N SER PA 67 72.09 2.31 38.92
CA SER PA 67 72.44 1.30 37.94
C SER PA 67 73.20 0.17 38.61
N ILE PA 68 72.97 -1.05 38.11
CA ILE PA 68 73.79 -2.21 38.43
C ILE PA 68 74.78 -2.42 37.29
N TYR PA 69 76.05 -2.46 37.62
CA TYR PA 69 77.13 -2.63 36.66
C TYR PA 69 77.76 -4.00 36.88
N ILE PA 70 77.45 -4.93 35.99
CA ILE PA 70 77.85 -6.33 36.17
C ILE PA 70 79.12 -6.56 35.36
N LEU PA 71 80.23 -6.74 36.06
CA LEU PA 71 81.42 -7.35 35.49
C LEU PA 71 81.40 -8.84 35.79
N GLY PA 72 82.26 -9.57 35.09
CA GLY PA 72 82.35 -10.99 35.37
C GLY PA 72 83.03 -11.81 34.30
N LYS PA 73 83.82 -12.78 34.74
CA LYS PA 73 84.44 -13.76 33.86
C LYS PA 73 83.91 -15.14 34.21
N ILE PA 74 83.39 -15.83 33.19
CA ILE PA 74 82.67 -17.09 33.38
C ILE PA 74 83.47 -18.16 32.65
N TRP PA 75 84.14 -19.03 33.42
CA TRP PA 75 85.02 -20.02 32.81
C TRP PA 75 84.66 -21.42 33.26
N LEU PA 76 85.40 -22.37 32.69
CA LEU PA 76 85.45 -23.75 33.16
C LEU PA 76 86.87 -24.29 33.13
N ASP PA 77 87.87 -23.42 33.26
CA ASP PA 77 89.25 -23.75 32.93
C ASP PA 77 89.98 -24.48 34.05
N GLU PA 78 89.23 -25.09 34.97
CA GLU PA 78 89.77 -26.13 35.83
C GLU PA 78 90.20 -27.31 34.96
N THR PA 79 91.15 -28.12 35.45
CA THR PA 79 91.70 -29.24 34.68
C THR PA 79 90.71 -30.38 34.45
N ILE PA 80 89.52 -30.29 35.05
CA ILE PA 80 88.46 -31.28 34.89
C ILE PA 80 87.35 -30.54 34.16
N LYS PA 81 86.21 -31.18 33.92
CA LYS PA 81 85.02 -30.65 33.25
C LYS PA 81 85.30 -30.31 31.78
N LYS PA 82 86.16 -31.11 31.14
CA LYS PA 82 86.21 -31.17 29.69
C LYS PA 82 85.25 -32.18 29.11
N GLN PA 83 84.94 -33.27 29.83
CA GLN PA 83 83.84 -34.14 29.47
C GLN PA 83 82.54 -33.56 30.00
N ASN PA 84 81.42 -34.12 29.51
CA ASN PA 84 80.04 -33.69 29.79
C ASN PA 84 79.88 -32.21 29.48
N HIS PA 85 80.44 -31.78 28.36
CA HIS PA 85 80.71 -30.38 28.07
C HIS PA 85 79.58 -29.69 27.30
N THR PA 86 79.90 -28.50 26.77
CA THR PA 86 79.00 -27.59 26.05
C THR PA 86 77.81 -27.13 26.87
N ASN PA 87 78.04 -26.37 27.93
CA ASN PA 87 76.97 -25.78 28.73
C ASN PA 87 76.98 -24.26 28.52
N ASN PA 88 75.84 -23.62 28.77
CA ASN PA 88 75.73 -22.18 28.69
C ASN PA 88 75.05 -21.62 29.93
N VAL PA 89 75.22 -20.32 30.15
CA VAL PA 89 74.76 -19.64 31.35
C VAL PA 89 73.69 -18.62 30.96
N ILE PA 90 72.53 -18.70 31.60
CA ILE PA 90 71.47 -17.71 31.42
C ILE PA 90 71.36 -16.94 32.73
N PHE PA 91 71.50 -15.62 32.64
CA PHE PA 91 71.38 -14.80 33.84
C PHE PA 91 69.95 -14.30 34.01
N TYR PA 92 69.60 -14.03 35.27
CA TYR PA 92 68.26 -13.57 35.62
C TYR PA 92 68.40 -12.47 36.66
N LEU PA 93 67.91 -11.27 36.33
CA LEU PA 93 67.94 -10.13 37.24
C LEU PA 93 66.48 -9.76 37.50
N LEU PA 94 65.97 -10.09 38.68
CA LEU PA 94 64.55 -10.03 38.97
C LEU PA 94 64.23 -8.85 39.88
N ARG PA 95 63.11 -8.20 39.64
CA ARG PA 95 62.56 -7.23 40.57
C ARG PA 95 61.63 -7.95 41.54
N ASP PA 96 62.06 -8.11 42.79
CA ASP PA 96 61.29 -8.83 43.79
C ASP PA 96 60.26 -7.91 44.43
N ARG PA 97 59.17 -8.51 44.90
CA ARG PA 97 58.07 -7.77 45.50
C ARG PA 97 58.00 -7.88 47.02
N ARG PA 98 58.44 -8.96 47.57
CA ARG PA 98 58.34 -9.16 49.01
C ARG PA 98 59.43 -10.14 49.44
N PRO PA 99 59.97 -9.99 50.65
CA PRO PA 99 60.93 -10.97 51.15
C PRO PA 99 60.30 -12.02 52.05
N TYR PA 100 61.03 -13.10 52.32
CA TYR PA 100 60.72 -14.03 53.41
C TYR PA 100 62.04 -14.42 54.07
N GLY PA 101 62.49 -13.60 55.02
CA GLY PA 101 63.72 -13.86 55.74
C GLY PA 101 64.96 -13.90 54.86
N ASN PA 102 65.47 -15.10 54.63
CA ASN PA 102 66.58 -15.33 53.72
C ASN PA 102 66.08 -15.39 52.27
N ALA PA 103 66.92 -15.85 51.36
CA ALA PA 103 66.54 -15.93 49.97
C ALA PA 103 65.62 -17.13 49.73
N PRO PA 104 64.61 -16.99 48.89
CA PRO PA 104 63.72 -18.12 48.61
C PRO PA 104 64.32 -19.13 47.65
N GLN PA 105 63.54 -20.12 47.25
CA GLN PA 105 63.99 -21.13 46.31
C GLN PA 105 64.14 -20.53 44.91
N ASP PA 106 64.77 -21.29 44.02
CA ASP PA 106 64.78 -20.94 42.60
C ASP PA 106 63.87 -21.87 41.78
N PHE PA 107 64.14 -23.17 41.82
CA PHE PA 107 63.39 -24.10 40.98
C PHE PA 107 61.95 -24.27 41.48
N GLY PA 108 61.72 -24.05 42.77
CA GLY PA 108 60.37 -23.99 43.29
C GLY PA 108 59.72 -22.62 43.20
N GLN PA 109 60.42 -21.64 42.64
CA GLN PA 109 59.87 -20.30 42.49
C GLN PA 109 59.67 -19.92 41.03
N ILE PA 110 60.70 -19.99 40.20
CA ILE PA 110 60.47 -19.88 38.76
C ILE PA 110 59.92 -21.20 38.25
N PHE PA 111 59.26 -21.16 37.13
CA PHE PA 111 58.23 -22.15 36.83
C PHE PA 111 58.81 -23.48 36.35
N ASN PA 112 59.51 -23.49 35.22
CA ASN PA 112 59.81 -24.75 34.57
C ASN PA 112 61.33 -24.90 34.45
N MET PA 113 61.75 -25.95 33.75
CA MET PA 113 63.15 -26.36 33.73
C MET PA 113 63.97 -25.48 32.78
N PHE PA 114 64.56 -24.44 33.37
CA PHE PA 114 65.77 -23.71 32.96
C PHE PA 114 65.56 -22.81 31.74
N ASP PA 115 64.40 -22.86 31.08
CA ASP PA 115 63.99 -21.90 30.07
C ASP PA 115 62.56 -21.50 30.39
N ASN PA 116 62.39 -20.47 31.22
CA ASN PA 116 61.11 -20.25 31.86
C ASN PA 116 60.94 -18.80 32.25
N GLU PA 117 59.90 -18.57 33.06
CA GLU PA 117 59.47 -17.32 33.64
C GLU PA 117 59.10 -17.64 35.09
N PRO PA 118 58.81 -16.65 35.94
CA PRO PA 118 58.23 -16.97 37.25
C PRO PA 118 56.85 -17.58 37.12
N SER PA 119 56.45 -18.30 38.17
CA SER PA 119 55.20 -19.05 38.17
C SER PA 119 54.00 -18.10 38.20
N THR PA 120 52.84 -18.65 37.86
CA THR PA 120 51.61 -17.87 37.80
C THR PA 120 51.13 -17.44 39.19
N ALA PA 121 51.48 -18.19 40.23
CA ALA PA 121 51.09 -17.84 41.58
C ALA PA 121 52.12 -16.96 42.29
N THR PA 122 53.17 -16.52 41.59
CA THR PA 122 54.26 -15.79 42.21
C THR PA 122 54.38 -14.35 41.73
N ILE PA 123 53.59 -13.94 40.75
CA ILE PA 123 53.72 -12.59 40.19
C ILE PA 123 53.16 -11.55 41.15
N PHE PA 131 57.13 -12.94 40.97
CA PHE PA 131 58.03 -11.82 41.16
C PHE PA 131 58.35 -11.23 39.79
N GLN PA 132 58.56 -9.91 39.74
CA GLN PA 132 58.81 -9.28 38.46
C GLN PA 132 60.23 -9.56 37.99
N VAL PA 133 60.41 -9.43 36.68
CA VAL PA 133 61.68 -9.66 35.99
C VAL PA 133 62.14 -8.32 35.48
N LEU PA 134 63.45 -8.11 35.39
CA LEU PA 134 63.94 -6.95 34.64
C LEU PA 134 64.51 -7.35 33.28
N ARG PA 135 65.59 -8.13 33.23
CA ARG PA 135 66.17 -8.59 31.97
C ARG PA 135 66.88 -9.92 32.17
N LYS PA 136 67.45 -10.41 31.07
CA LYS PA 136 68.23 -11.66 31.03
C LYS PA 136 69.57 -11.38 30.37
N PHE PA 137 70.45 -12.38 30.40
CA PHE PA 137 71.74 -12.30 29.69
C PHE PA 137 72.08 -13.69 29.15
N HIS PA 138 73.23 -13.77 28.46
CA HIS PA 138 73.72 -15.02 27.90
C HIS PA 138 75.21 -15.13 28.12
N ALA PA 139 75.68 -16.38 28.27
CA ALA PA 139 77.11 -16.67 28.35
C ALA PA 139 77.27 -18.13 27.95
N THR PA 140 77.99 -18.38 26.85
CA THR PA 140 78.09 -19.70 26.26
C THR PA 140 79.54 -20.18 26.31
N VAL PA 141 79.83 -21.14 27.18
CA VAL PA 141 81.18 -21.68 27.32
C VAL PA 141 81.19 -23.14 26.86
N VAL PA 142 81.66 -23.37 25.63
CA VAL PA 142 81.60 -24.71 25.06
C VAL PA 142 83.03 -25.25 24.85
N GLY PA 143 83.50 -26.06 25.79
CA GLY PA 143 84.83 -26.61 25.66
C GLY PA 143 84.95 -28.08 25.97
N GLY PA 144 85.31 -28.88 24.96
CA GLY PA 144 85.45 -30.32 25.19
C GLY PA 144 86.89 -30.78 25.06
N LEU PA 145 87.21 -31.43 23.95
CA LEU PA 145 88.58 -31.88 23.70
C LEU PA 145 88.96 -31.54 22.26
N TYR PA 146 90.26 -31.63 21.99
CA TYR PA 146 90.92 -31.51 20.69
C TYR PA 146 90.77 -30.16 20.00
N CYS PA 147 90.15 -29.15 20.61
CA CYS PA 147 90.56 -27.80 20.21
C CYS PA 147 90.99 -26.98 21.44
N MET PA 148 90.25 -26.90 22.57
CA MET PA 148 88.79 -27.04 22.75
C MET PA 148 88.23 -25.61 22.64
N LYS PA 149 87.32 -25.39 21.70
CA LYS PA 149 87.03 -24.01 21.34
C LYS PA 149 85.75 -23.50 22.00
N GLU PA 150 85.90 -23.16 23.29
CA GLU PA 150 85.47 -21.93 23.96
C GLU PA 150 85.81 -22.03 25.43
N GLN PA 151 85.97 -20.87 26.08
CA GLN PA 151 86.41 -20.73 27.46
C GLN PA 151 85.92 -19.40 28.00
N ALA PA 152 86.62 -18.90 29.04
CA ALA PA 152 86.33 -17.70 29.82
C ALA PA 152 85.90 -16.52 28.97
N LEU PA 153 84.66 -16.06 29.18
CA LEU PA 153 84.11 -14.93 28.46
C LEU PA 153 83.98 -13.76 29.41
N VAL PA 154 84.12 -12.53 28.88
CA VAL PA 154 84.01 -11.34 29.71
C VAL PA 154 82.71 -10.63 29.39
N LYS PA 155 81.95 -10.27 30.43
CA LYS PA 155 80.67 -9.61 30.27
C LYS PA 155 80.64 -8.34 31.10
N ARG PA 156 80.43 -7.20 30.44
CA ARG PA 156 80.17 -5.93 31.11
C ARG PA 156 78.85 -5.36 30.62
N PHE PA 157 78.07 -4.80 31.55
CA PHE PA 157 76.73 -4.30 31.22
C PHE PA 157 76.37 -3.13 32.13
N TYR PA 158 76.15 -1.96 31.54
CA TYR PA 158 75.33 -0.95 32.20
C TYR PA 158 73.88 -1.44 32.24
N ARG PA 159 73.21 -1.20 33.37
CA ARG PA 159 71.83 -1.65 33.52
C ARG PA 159 71.14 -0.74 34.55
N LEU PA 160 70.34 0.20 34.06
CA LEU PA 160 69.65 1.14 34.92
C LEU PA 160 68.45 0.49 35.60
N ASN PA 161 68.23 0.84 36.87
CA ASN PA 161 67.19 0.22 37.70
C ASN PA 161 66.58 1.29 38.60
N HIS PA 162 65.86 0.86 39.63
CA HIS PA 162 65.07 1.79 40.44
C HIS PA 162 65.08 1.34 41.90
N HIS PA 163 64.14 1.87 42.69
CA HIS PA 163 64.24 2.05 44.13
C HIS PA 163 64.08 0.74 44.91
N VAL PA 164 64.64 0.74 46.12
CA VAL PA 164 64.64 -0.38 47.06
C VAL PA 164 64.37 0.19 48.46
N THR PA 165 63.60 -0.52 49.24
CA THR PA 165 63.32 -0.10 50.61
C THR PA 165 63.74 -1.21 51.58
N TYR PA 166 64.32 -0.83 52.71
CA TYR PA 166 64.51 -1.74 53.84
C TYR PA 166 63.42 -1.51 54.89
N ASN PA 167 63.08 -2.59 55.60
CA ASN PA 167 62.02 -2.52 56.61
C ASN PA 167 62.57 -1.92 57.91
N HIS PA 168 63.51 -2.61 58.53
CA HIS PA 168 63.99 -2.20 59.84
C HIS PA 168 65.02 -1.09 59.73
N GLN PA 169 65.22 -0.39 60.85
CA GLN PA 169 66.19 0.69 60.96
C GLN PA 169 67.50 0.18 61.53
N GLU PA 170 67.78 -1.10 61.38
CA GLU PA 170 68.97 -1.75 61.90
C GLU PA 170 70.17 -1.49 61.00
N ALA PA 171 71.35 -1.80 61.51
CA ALA PA 171 72.55 -1.91 60.68
C ALA PA 171 72.76 -3.37 60.28
N GLY PA 172 71.70 -3.92 59.67
CA GLY PA 172 71.60 -5.35 59.46
C GLY PA 172 71.81 -5.78 58.02
N LYS PA 173 71.79 -7.09 57.82
CA LYS PA 173 72.03 -7.73 56.55
C LYS PA 173 70.70 -7.91 55.81
N TYR PA 174 70.68 -8.79 54.80
CA TYR PA 174 69.55 -9.00 53.90
C TYR PA 174 68.27 -9.50 54.56
N GLU PA 175 68.30 -9.84 55.86
CA GLU PA 175 67.15 -10.49 56.48
C GLU PA 175 65.99 -9.54 56.73
N ASN PA 176 66.27 -8.25 56.90
CA ASN PA 176 65.25 -7.27 57.30
C ASN PA 176 64.69 -6.47 56.12
N HIS PA 177 64.52 -7.11 54.97
CA HIS PA 177 64.00 -6.43 53.79
C HIS PA 177 62.50 -6.17 53.89
N THR PA 178 61.98 -5.50 52.87
CA THR PA 178 60.55 -5.25 52.66
C THR PA 178 60.33 -5.20 51.15
N GLU PA 179 59.24 -4.56 50.73
CA GLU PA 179 58.86 -4.39 49.33
C GLU PA 179 60.00 -3.83 48.49
N ASN PA 180 60.00 -4.21 47.21
CA ASN PA 180 60.94 -3.79 46.17
C ASN PA 180 62.38 -4.19 46.52
N ALA PA 181 62.58 -5.51 46.63
CA ALA PA 181 63.91 -6.07 46.62
C ALA PA 181 64.31 -6.42 45.18
N LEU PA 182 65.58 -6.73 44.98
CA LEU PA 182 66.07 -7.17 43.69
C LEU PA 182 67.33 -7.99 43.91
N LEU PA 183 67.48 -9.07 43.13
CA LEU PA 183 68.56 -10.02 43.34
C LEU PA 183 68.79 -10.78 42.03
N LEU PA 184 69.75 -11.70 42.06
CA LEU PA 184 70.16 -12.44 40.88
C LEU PA 184 69.93 -13.93 41.04
N TYR PA 185 69.69 -14.59 39.90
CA TYR PA 185 69.76 -16.04 39.80
C TYR PA 185 70.61 -16.39 38.58
N MET PA 186 71.45 -17.40 38.72
CA MET PA 186 72.25 -17.92 37.63
C MET PA 186 71.86 -19.37 37.39
N ALA PA 187 71.81 -19.77 36.13
CA ALA PA 187 71.28 -21.07 35.75
C ALA PA 187 72.21 -21.77 34.79
N CYS PA 188 72.51 -23.03 35.08
CA CYS PA 188 73.19 -23.92 34.15
C CYS PA 188 72.17 -24.83 33.48
N THR PA 189 72.52 -25.32 32.29
CA THR PA 189 71.60 -26.08 31.46
C THR PA 189 72.01 -27.53 31.25
N HIS PA 190 72.96 -28.04 32.02
CA HIS PA 190 73.40 -29.43 31.88
C HIS PA 190 73.73 -29.99 33.25
N ALA PA 191 73.70 -31.33 33.34
CA ALA PA 191 73.83 -32.02 34.62
C ALA PA 191 75.22 -31.90 35.22
N SER PA 192 76.25 -31.72 34.39
CA SER PA 192 77.57 -31.41 34.91
C SER PA 192 77.60 -29.98 35.45
N ASN PA 193 78.62 -29.70 36.25
CA ASN PA 193 78.77 -28.34 36.76
C ASN PA 193 80.14 -27.77 36.36
N PRO PA 194 80.32 -27.32 35.11
CA PRO PA 194 81.64 -26.75 34.74
C PRO PA 194 81.78 -25.29 35.12
N VAL PA 195 80.69 -24.58 35.34
CA VAL PA 195 80.68 -23.13 35.37
C VAL PA 195 81.29 -22.63 36.67
N TYR PA 196 82.43 -21.96 36.57
CA TYR PA 196 83.02 -21.21 37.67
C TYR PA 196 82.92 -19.73 37.32
N ALA PA 197 81.79 -19.14 37.69
CA ALA PA 197 81.46 -17.76 37.32
C ALA PA 197 81.72 -16.84 38.50
N THR PA 198 82.69 -15.95 38.34
CA THR PA 198 83.01 -14.94 39.35
C THR PA 198 82.67 -13.58 38.79
N LEU PA 199 81.86 -12.82 39.51
CA LEU PA 199 81.27 -11.60 39.01
C LEU PA 199 81.51 -10.45 39.97
N LYS PA 200 81.88 -9.30 39.41
CA LYS PA 200 81.99 -8.05 40.14
C LYS PA 200 80.78 -7.19 39.84
N ILE PA 201 80.02 -6.87 40.88
CA ILE PA 201 78.70 -6.26 40.73
C ILE PA 201 78.72 -4.93 41.45
N ARG PA 202 78.91 -3.84 40.69
CA ARG PA 202 78.84 -2.51 41.27
C ARG PA 202 77.41 -2.00 41.29
N ILE PA 203 76.96 -1.54 42.44
CA ILE PA 203 75.75 -0.73 42.56
C ILE PA 203 76.18 0.62 43.10
N TYR PA 204 75.99 1.67 42.31
CA TYR PA 204 76.15 3.04 42.81
C TYR PA 204 74.82 3.76 42.70
N PHE PA 205 74.49 4.49 43.76
CA PHE PA 205 73.14 5.01 43.96
C PHE PA 205 73.15 6.30 44.78
N PRO QA 16 88.72 84.15 -23.95
CA PRO QA 16 88.84 82.79 -23.43
C PRO QA 16 90.27 82.40 -23.07
N ASP QA 17 91.22 83.32 -23.28
CA ASP QA 17 92.64 83.04 -23.08
C ASP QA 17 93.27 83.96 -22.03
N ILE QA 18 92.95 85.25 -22.07
CA ILE QA 18 93.65 86.27 -21.31
C ILE QA 18 92.86 86.72 -20.08
N PRO QA 19 93.53 87.05 -18.98
CA PRO QA 19 92.82 87.57 -17.79
C PRO QA 19 92.81 89.08 -17.66
N ARG QA 20 93.41 89.83 -18.58
CA ARG QA 20 93.64 91.25 -18.37
C ARG QA 20 92.79 92.17 -19.25
N GLY QA 21 92.89 92.03 -20.57
CA GLY QA 21 92.22 92.94 -21.47
C GLY QA 21 92.10 92.37 -22.87
N CYS QA 22 91.07 92.83 -23.59
CA CYS QA 22 90.64 92.22 -24.85
C CYS QA 22 91.49 92.64 -26.05
N GLU QA 23 92.69 93.17 -25.82
CA GLU QA 23 93.65 93.39 -26.89
C GLU QA 23 94.09 92.06 -27.48
N GLY QA 24 94.57 92.11 -28.72
CA GLY QA 24 95.16 90.96 -29.36
C GLY QA 24 96.44 90.55 -28.66
N PRO QA 25 96.66 89.24 -28.50
CA PRO QA 25 97.90 88.78 -27.85
C PRO QA 25 99.11 89.00 -28.73
N CYS QA 26 99.61 90.23 -28.72
CA CYS QA 26 100.61 90.66 -29.69
C CYS QA 26 101.98 90.09 -29.35
N LYS QA 27 102.70 89.65 -30.38
CA LYS QA 27 104.00 89.03 -30.22
C LYS QA 27 105.09 90.11 -30.24
N VAL QA 28 105.99 90.03 -29.28
CA VAL QA 28 107.22 90.81 -29.29
C VAL QA 28 108.36 89.83 -29.08
N GLN QA 29 109.09 89.54 -30.16
CA GLN QA 29 110.08 88.47 -30.15
C GLN QA 29 111.48 89.06 -30.00
N SER QA 30 112.19 88.60 -28.99
CA SER QA 30 113.57 89.02 -28.73
C SER QA 30 114.46 87.94 -29.30
N PHE QA 31 114.68 87.98 -30.61
CA PHE QA 31 115.66 87.09 -31.21
C PHE QA 31 117.06 87.54 -30.85
N GLU QA 32 117.92 86.56 -30.58
CA GLU QA 32 119.33 86.81 -30.43
C GLU QA 32 120.11 85.94 -31.41
N GLN QA 33 121.21 86.51 -31.91
CA GLN QA 33 122.24 85.73 -32.59
C GLN QA 33 123.50 86.08 -31.80
N ARG QA 34 123.69 85.38 -30.69
CA ARG QA 34 124.67 85.75 -29.68
C ARG QA 34 125.42 84.53 -29.18
N ASP QA 35 126.17 84.72 -28.11
CA ASP QA 35 126.82 83.65 -27.37
C ASP QA 35 126.86 84.06 -25.90
N ASP QA 36 127.69 83.40 -25.12
CA ASP QA 36 127.89 83.79 -23.73
C ASP QA 36 129.36 83.62 -23.39
N VAL QA 37 129.66 83.82 -22.10
CA VAL QA 37 130.95 83.46 -21.53
C VAL QA 37 130.64 82.44 -20.45
N LYS QA 38 131.66 82.02 -19.69
CA LYS QA 38 131.42 81.11 -18.58
C LYS QA 38 130.56 81.75 -17.50
N HIS QA 39 130.80 83.03 -17.20
CA HIS QA 39 130.15 83.67 -16.07
C HIS QA 39 128.71 84.04 -16.39
N LEU QA 40 128.48 84.67 -17.54
CA LEU QA 40 127.17 85.28 -17.74
C LEU QA 40 126.81 85.36 -19.21
N GLY QA 41 125.55 85.07 -19.50
CA GLY QA 41 124.90 85.57 -20.70
C GLY QA 41 123.64 86.30 -20.28
N ILE QA 42 123.62 87.61 -20.44
CA ILE QA 42 122.55 88.43 -19.87
C ILE QA 42 121.59 88.86 -20.98
N CYS QA 43 120.30 88.71 -20.69
CA CYS QA 43 119.27 89.04 -21.67
C CYS QA 43 118.05 89.56 -20.91
N LYS QA 44 117.88 90.88 -20.85
CA LYS QA 44 116.59 91.44 -20.50
C LYS QA 44 115.64 91.23 -21.67
N VAL QA 45 114.62 90.41 -21.45
CA VAL QA 45 113.79 89.96 -22.56
C VAL QA 45 112.71 91.00 -22.87
N ILE QA 46 112.45 91.89 -21.94
CA ILE QA 46 111.38 92.87 -22.06
C ILE QA 46 111.94 94.23 -22.51
N SER QA 47 113.11 94.22 -23.15
CA SER QA 47 113.91 95.43 -23.32
C SER QA 47 113.33 96.35 -24.38
N ASP QA 48 113.20 95.86 -25.61
CA ASP QA 48 112.86 96.69 -26.76
C ASP QA 48 111.37 96.98 -26.89
N VAL QA 49 110.58 96.84 -25.83
CA VAL QA 49 109.13 97.04 -25.91
C VAL QA 49 108.85 98.51 -25.61
N THR QA 50 108.64 99.30 -26.66
CA THR QA 50 108.35 100.72 -26.56
C THR QA 50 106.90 100.99 -26.89
N ARG QA 51 106.44 102.20 -26.57
CA ARG QA 51 105.07 102.58 -26.91
C ARG QA 51 104.94 102.84 -28.39
N GLY QA 52 103.94 102.24 -29.02
CA GLY QA 52 103.67 102.42 -30.42
C GLY QA 52 102.40 101.71 -30.86
N PRO QA 53 101.92 102.03 -32.06
CA PRO QA 53 100.68 101.40 -32.53
C PRO QA 53 100.86 99.97 -33.03
N GLY QA 54 102.08 99.57 -33.39
CA GLY QA 54 102.29 98.25 -33.94
C GLY QA 54 102.21 97.15 -32.89
N LEU QA 55 102.18 95.91 -33.38
CA LEU QA 55 102.08 94.76 -32.49
C LEU QA 55 103.43 94.36 -31.89
N THR QA 56 104.53 94.96 -32.34
CA THR QA 56 105.81 94.85 -31.67
C THR QA 56 106.01 95.96 -30.63
N HIS QA 57 104.93 96.47 -30.07
CA HIS QA 57 104.94 97.63 -29.20
C HIS QA 57 103.98 97.38 -28.04
N ARG QA 58 103.67 98.44 -27.30
CA ARG QA 58 102.87 98.32 -26.10
C ARG QA 58 101.91 99.50 -25.98
N VAL QA 59 100.85 99.29 -25.21
CA VAL QA 59 99.88 100.33 -24.89
C VAL QA 59 99.91 100.54 -23.39
N GLY QA 60 100.39 101.70 -22.97
CA GLY QA 60 100.49 102.01 -21.56
C GLY QA 60 101.77 101.50 -20.92
N LYS QA 61 101.68 101.03 -19.68
CA LYS QA 61 102.85 100.55 -18.96
C LYS QA 61 102.54 99.31 -18.13
N ARG QA 62 101.49 98.57 -18.49
CA ARG QA 62 101.07 97.39 -17.76
C ARG QA 62 101.08 96.17 -18.68
N PHE QA 63 101.78 95.12 -18.28
CA PHE QA 63 101.85 93.87 -19.01
C PHE QA 63 101.23 92.75 -18.20
N CYS QA 64 100.77 91.71 -18.90
CA CYS QA 64 100.54 90.39 -18.33
C CYS QA 64 101.05 89.40 -19.36
N ILE QA 65 102.31 88.98 -19.20
CA ILE QA 65 102.93 88.03 -20.12
C ILE QA 65 102.23 86.69 -19.99
N LYS QA 66 101.60 86.25 -21.07
CA LYS QA 66 100.89 84.97 -21.06
C LYS QA 66 101.90 83.82 -21.05
N SER QA 67 102.82 83.80 -22.00
CA SER QA 67 103.80 82.74 -22.05
C SER QA 67 105.06 83.22 -22.76
N ILE QA 68 106.19 82.70 -22.30
CA ILE QA 68 107.46 82.82 -22.99
C ILE QA 68 107.71 81.52 -23.75
N TYR QA 69 107.92 81.64 -25.06
CA TYR QA 69 108.15 80.50 -25.94
C TYR QA 69 109.59 80.55 -26.41
N ILE QA 70 110.43 79.68 -25.84
CA ILE QA 70 111.86 79.71 -26.09
C ILE QA 70 112.20 78.69 -27.16
N LEU QA 71 112.54 79.18 -28.35
CA LEU QA 71 113.25 78.39 -29.34
C LEU QA 71 114.75 78.61 -29.18
N GLY QA 72 115.53 77.75 -29.82
CA GLY QA 72 116.96 77.93 -29.77
C GLY QA 72 117.79 76.73 -30.16
N LYS QA 73 118.87 76.98 -30.88
CA LYS QA 73 119.85 75.96 -31.21
C LYS QA 73 121.18 76.33 -30.57
N ILE QA 74 121.73 75.39 -29.80
CA ILE QA 74 122.91 75.63 -28.98
C ILE QA 74 124.02 74.74 -29.51
N TRP QA 75 125.01 75.34 -30.17
CA TRP QA 75 126.05 74.55 -30.81
C TRP QA 75 127.43 74.98 -30.35
N LEU QA 76 128.42 74.26 -30.86
CA LEU QA 76 129.81 74.64 -30.81
C LEU QA 76 130.52 74.33 -32.12
N ASP QA 77 129.79 74.34 -33.24
CA ASP QA 77 130.25 73.75 -34.50
C ASP QA 77 131.13 74.72 -35.30
N GLU QA 78 131.71 75.71 -34.63
CA GLU QA 78 132.87 76.42 -35.17
C GLU QA 78 134.03 75.44 -35.30
N THR QA 79 134.98 75.73 -36.20
CA THR QA 79 136.09 74.82 -36.47
C THR QA 79 137.09 74.70 -35.33
N ILE QA 80 136.91 75.49 -34.26
CA ILE QA 80 137.76 75.47 -33.07
C ILE QA 80 136.83 74.98 -31.97
N LYS QA 81 137.32 74.91 -30.73
CA LYS QA 81 136.61 74.47 -29.52
C LYS QA 81 136.21 73.00 -29.61
N LYS QA 82 137.06 72.19 -30.24
CA LYS QA 82 137.03 70.74 -30.05
C LYS QA 82 137.88 70.29 -28.89
N GLN QA 83 138.96 71.00 -28.56
CA GLN QA 83 139.68 70.79 -27.31
C GLN QA 83 138.99 71.57 -26.20
N ASN QA 84 139.37 71.24 -24.95
CA ASN QA 84 138.80 71.77 -23.71
C ASN QA 84 137.30 71.57 -23.68
N HIS QA 85 136.87 70.38 -24.10
CA HIS QA 85 135.48 70.12 -24.49
C HIS QA 85 134.61 69.59 -23.36
N THR QA 86 133.44 69.07 -23.73
CA THR QA 86 132.39 68.55 -22.85
C THR QA 86 131.85 69.59 -21.87
N ASN QA 87 131.19 70.63 -22.36
CA ASN QA 87 130.52 71.62 -21.53
C ASN QA 87 129.01 71.49 -21.70
N ASN QA 88 128.26 71.96 -20.71
CA ASN QA 88 126.82 71.97 -20.78
C ASN QA 88 126.27 73.33 -20.38
N VAL QA 89 125.01 73.58 -20.75
CA VAL QA 89 124.37 74.88 -20.58
C VAL QA 89 123.20 74.72 -19.61
N ILE QA 90 123.19 75.54 -18.56
CA ILE QA 90 122.08 75.59 -17.63
C ILE QA 90 121.38 76.93 -17.83
N PHE QA 91 120.09 76.89 -18.12
CA PHE QA 91 119.34 78.13 -18.30
C PHE QA 91 118.69 78.57 -16.99
N TYR QA 92 118.47 79.88 -16.88
CA TYR QA 92 117.88 80.47 -15.70
C TYR QA 92 116.87 81.52 -16.14
N LEU QA 93 115.61 81.34 -15.75
CA LEU QA 93 114.55 82.28 -16.07
C LEU QA 93 114.02 82.80 -14.74
N LEU QA 94 114.37 84.03 -14.40
CA LEU QA 94 114.16 84.56 -13.06
C LEU QA 94 113.02 85.56 -13.06
N ARG QA 95 112.23 85.55 -11.99
CA ARG QA 95 111.26 86.61 -11.73
C ARG QA 95 111.94 87.68 -10.88
N ASP QA 96 112.22 88.83 -11.49
CA ASP QA 96 112.92 89.92 -10.81
C ASP QA 96 111.93 90.77 -10.02
N ARG QA 97 112.43 91.38 -8.95
CA ARG QA 97 111.59 92.20 -8.07
C ARG QA 97 111.80 93.69 -8.24
N ARG QA 98 112.99 94.14 -8.63
CA ARG QA 98 113.27 95.57 -8.75
C ARG QA 98 114.39 95.76 -9.76
N PRO QA 99 114.39 96.87 -10.49
CA PRO QA 99 115.51 97.15 -11.41
C PRO QA 99 116.54 98.09 -10.81
N TYR QA 100 117.71 98.17 -11.44
CA TYR QA 100 118.67 99.26 -11.20
C TYR QA 100 119.25 99.65 -12.55
N GLY QA 101 118.56 100.56 -13.25
CA GLY QA 101 119.01 101.04 -14.55
C GLY QA 101 119.12 99.95 -15.60
N ASN QA 102 120.36 99.59 -15.91
CA ASN QA 102 120.65 98.49 -16.81
C ASN QA 102 120.55 97.15 -16.07
N ALA QA 103 121.05 96.08 -16.69
CA ALA QA 103 120.99 94.76 -16.09
C ALA QA 103 122.06 94.64 -15.00
N PRO QA 104 121.74 94.00 -13.87
CA PRO QA 104 122.74 93.82 -12.81
C PRO QA 104 123.74 92.72 -13.12
N GLN QA 105 124.61 92.42 -12.17
CA GLN QA 105 125.59 91.36 -12.33
C GLN QA 105 124.91 89.99 -12.31
N ASP QA 106 125.68 88.97 -12.68
CA ASP QA 106 125.24 87.59 -12.50
C ASP QA 106 125.99 86.91 -11.36
N PHE QA 107 127.33 86.83 -11.45
CA PHE QA 107 128.11 86.09 -10.47
C PHE QA 107 128.14 86.82 -9.13
N GLY QA 108 127.99 88.14 -9.14
CA GLY QA 108 127.81 88.89 -7.92
C GLY QA 108 126.38 88.98 -7.44
N GLN QA 109 125.43 88.35 -8.16
CA GLN QA 109 124.03 88.37 -7.76
C GLN QA 109 123.53 86.99 -7.36
N ILE QA 110 123.66 85.98 -8.24
CA ILE QA 110 123.43 84.62 -7.78
C ILE QA 110 124.65 84.15 -6.99
N PHE QA 111 124.43 83.12 -6.17
CA PHE QA 111 125.28 82.95 -4.98
C PHE QA 111 126.63 82.33 -5.31
N ASN QA 112 126.65 81.10 -5.81
CA ASN QA 112 127.89 80.34 -5.83
C ASN QA 112 128.21 79.95 -7.28
N MET QA 113 129.26 79.15 -7.44
CA MET QA 113 129.83 78.87 -8.76
C MET QA 113 128.98 77.83 -9.52
N PHE QA 114 128.06 78.37 -10.32
CA PHE QA 114 127.46 77.79 -11.53
C PHE QA 114 126.46 76.67 -11.24
N ASP QA 115 126.32 76.21 -10.00
CA ASP QA 115 125.25 75.34 -9.55
C ASP QA 115 124.71 75.92 -8.25
N ASN QA 116 123.73 76.81 -8.36
CA ASN QA 116 123.41 77.66 -7.23
C ASN QA 116 121.96 78.15 -7.31
N GLU QA 117 121.68 79.13 -6.46
CA GLU QA 117 120.43 79.84 -6.29
C GLU QA 117 120.79 81.32 -6.13
N PRO QA 118 119.83 82.25 -6.11
CA PRO QA 118 120.18 83.61 -5.71
C PRO QA 118 120.62 83.70 -4.26
N SER QA 119 121.35 84.77 -3.95
CA SER QA 119 121.94 84.93 -2.63
C SER QA 119 120.86 85.22 -1.59
N THR QA 120 121.25 85.05 -0.32
CA THR QA 120 120.33 85.25 0.79
C THR QA 120 119.94 86.71 0.98
N ALA QA 121 120.80 87.64 0.57
CA ALA QA 121 120.50 89.06 0.67
C ALA QA 121 119.79 89.62 -0.56
N THR QA 122 119.42 88.77 -1.52
CA THR QA 122 118.88 89.23 -2.79
C THR QA 122 117.43 88.81 -3.01
N ILE QA 123 116.87 87.99 -2.13
CA ILE QA 123 115.51 87.49 -2.33
C ILE QA 123 114.47 88.57 -2.08
N PHE QA 131 116.32 87.66 -5.76
CA PHE QA 131 115.32 87.74 -6.80
C PHE QA 131 114.67 86.38 -6.97
N GLN QA 132 113.40 86.35 -7.34
CA GLN QA 132 112.71 85.07 -7.46
C GLN QA 132 113.12 84.35 -8.74
N VAL QA 133 112.93 83.04 -8.72
CA VAL QA 133 113.27 82.14 -9.81
C VAL QA 133 111.95 81.62 -10.35
N LEU QA 134 111.89 81.32 -11.64
CA LEU QA 134 110.74 80.54 -12.15
C LEU QA 134 111.11 79.09 -12.43
N ARG QA 135 112.02 78.82 -13.38
CA ARG QA 135 112.45 77.46 -13.68
C ARG QA 135 113.86 77.47 -14.25
N LYS QA 136 114.36 76.27 -14.56
CA LYS QA 136 115.66 76.04 -15.14
C LYS QA 136 115.51 75.17 -16.39
N PHE QA 137 116.61 75.01 -17.14
CA PHE QA 137 116.63 74.10 -18.29
C PHE QA 137 118.01 73.44 -18.36
N HIS QA 138 118.18 72.57 -19.36
CA HIS QA 138 119.44 71.87 -19.59
C HIS QA 138 119.74 71.82 -21.07
N ALA QA 139 121.03 71.84 -21.39
CA ALA QA 139 121.50 71.65 -22.76
C ALA QA 139 122.94 71.16 -22.67
N THR QA 140 123.19 69.95 -23.17
CA THR QA 140 124.48 69.29 -23.00
C THR QA 140 125.12 69.07 -24.37
N VAL QA 141 126.18 69.83 -24.67
CA VAL QA 141 126.87 69.71 -25.94
C VAL QA 141 128.29 69.19 -25.69
N VAL QA 142 128.49 67.90 -25.92
CA VAL QA 142 129.77 67.27 -25.61
C VAL QA 142 130.45 66.80 -26.89
N GLY QA 143 131.38 67.61 -27.41
CA GLY QA 143 132.07 67.22 -28.62
C GLY QA 143 133.57 67.44 -28.59
N GLY QA 144 134.34 66.36 -28.69
CA GLY QA 144 135.79 66.48 -28.68
C GLY QA 144 136.41 66.09 -30.01
N LEU QA 145 137.01 64.90 -30.06
CA LEU QA 145 137.60 64.40 -31.29
C LEU QA 145 137.22 62.94 -31.47
N TYR QA 146 137.44 62.45 -32.69
CA TYR QA 146 137.31 61.07 -33.14
C TYR QA 146 135.91 60.47 -33.05
N CYS QA 147 134.87 61.22 -32.68
CA CYS QA 147 133.56 60.83 -33.18
C CYS QA 147 132.87 62.00 -33.91
N MET QA 148 132.80 63.25 -33.38
CA MET QA 148 132.77 63.66 -31.97
C MET QA 148 131.28 63.72 -31.58
N LYS QA 149 130.89 62.96 -30.57
CA LYS QA 149 129.46 62.71 -30.39
C LYS QA 149 128.86 63.61 -29.32
N GLU QA 150 128.62 64.87 -29.71
CA GLU QA 150 127.39 65.66 -29.56
C GLU QA 150 127.63 67.05 -30.12
N GLN QA 151 126.56 67.72 -30.53
CA GLN QA 151 126.55 69.01 -31.20
C GLN QA 151 125.21 69.69 -30.98
N ALA QA 152 124.88 70.61 -31.90
CA ALA QA 152 123.71 71.48 -31.90
C ALA QA 152 122.43 70.78 -31.48
N LEU QA 153 121.84 71.21 -30.37
CA LEU QA 153 120.60 70.65 -29.85
C LEU QA 153 119.48 71.67 -30.03
N VAL QA 154 118.26 71.18 -30.24
CA VAL QA 154 117.13 72.07 -30.42
C VAL QA 154 116.25 72.01 -29.19
N LYS QA 155 115.87 73.18 -28.67
CA LYS QA 155 115.05 73.27 -27.46
C LYS QA 155 113.84 74.15 -27.73
N ARG QA 156 112.64 73.59 -27.56
CA ARG QA 156 111.41 74.36 -27.58
C ARG QA 156 110.66 74.13 -26.28
N PHE QA 157 110.07 75.20 -25.74
CA PHE QA 157 109.39 75.13 -24.44
C PHE QA 157 108.25 76.14 -24.39
N TYR QA 158 107.04 75.65 -24.22
CA TYR QA 158 105.97 76.48 -23.65
C TYR QA 158 106.29 76.75 -22.18
N ARG QA 159 106.06 78.00 -21.74
CA ARG QA 159 106.35 78.36 -20.35
C ARG QA 159 105.43 79.52 -19.96
N LEU QA 160 104.38 79.23 -19.21
CA LEU QA 160 103.42 80.24 -18.81
C LEU QA 160 103.97 81.08 -17.67
N ASN QA 161 103.68 82.38 -17.70
CA ASN QA 161 104.23 83.34 -16.74
C ASN QA 161 103.17 84.38 -16.42
N HIS QA 162 103.56 85.51 -15.83
CA HIS QA 162 102.60 86.48 -15.31
C HIS QA 162 103.16 87.89 -15.50
N HIS QA 163 102.58 88.84 -14.78
CA HIS QA 163 102.52 90.25 -15.14
C HIS QA 163 103.84 90.99 -14.94
N VAL QA 164 103.99 92.09 -15.69
CA VAL QA 164 105.17 92.96 -15.71
C VAL QA 164 104.66 94.40 -15.74
N THR QA 165 105.33 95.31 -15.02
CA THR QA 165 104.98 96.72 -15.02
C THR QA 165 106.19 97.55 -15.45
N TYR QA 166 105.96 98.58 -16.26
CA TYR QA 166 106.96 99.62 -16.51
C TYR QA 166 106.68 100.84 -15.66
N ASN QA 167 107.75 101.55 -15.30
CA ASN QA 167 107.63 102.73 -14.45
C ASN QA 167 107.19 103.94 -15.27
N HIS QA 168 108.03 104.37 -16.22
CA HIS QA 168 107.77 105.59 -16.95
C HIS QA 168 106.77 105.35 -18.07
N GLN QA 169 106.18 106.45 -18.54
CA GLN QA 169 105.24 106.42 -19.65
C GLN QA 169 105.93 106.75 -20.97
N GLU QA 170 107.23 106.49 -21.04
CA GLU QA 170 108.03 106.77 -22.21
C GLU QA 170 107.85 105.68 -23.27
N ALA QA 171 108.34 105.97 -24.48
CA ALA QA 171 108.52 104.95 -25.50
C ALA QA 171 109.96 104.44 -25.45
N GLY QA 172 110.36 104.00 -24.25
CA GLY QA 172 111.74 103.73 -23.93
C GLY QA 172 112.08 102.25 -23.85
N LYS QA 173 113.37 102.01 -23.63
CA LYS QA 173 113.95 100.69 -23.57
C LYS QA 173 113.92 100.18 -22.13
N TYR QA 174 114.72 99.15 -21.82
CA TYR QA 174 114.74 98.45 -20.54
C TYR QA 174 115.13 99.31 -19.34
N GLU QA 175 115.56 100.55 -19.54
CA GLU QA 175 116.12 101.33 -18.44
C GLU QA 175 115.05 101.83 -17.47
N ASN QA 176 113.82 102.00 -17.93
CA ASN QA 176 112.76 102.62 -17.12
C ASN QA 176 111.82 101.60 -16.48
N HIS QA 177 112.36 100.46 -16.04
CA HIS QA 177 111.55 99.43 -15.42
C HIS QA 177 111.12 99.80 -14.00
N THR QA 178 110.33 98.91 -13.41
CA THR QA 178 109.90 98.97 -12.02
C THR QA 178 109.73 97.53 -11.55
N GLU QA 179 108.93 97.34 -10.48
CA GLU QA 179 108.62 96.04 -9.91
C GLU QA 179 108.13 95.03 -10.96
N ASN QA 180 108.43 93.76 -10.69
CA ASN QA 180 108.05 92.59 -11.49
C ASN QA 180 108.64 92.66 -12.91
N ALA QA 181 109.97 92.65 -12.96
CA ALA QA 181 110.68 92.38 -14.19
C ALA QA 181 110.97 90.89 -14.29
N LEU QA 182 111.42 90.46 -15.47
CA LEU QA 182 111.83 89.08 -15.68
C LEU QA 182 112.81 89.05 -16.85
N LEU QA 183 113.83 88.20 -16.73
CA LEU QA 183 114.92 88.17 -17.70
C LEU QA 183 115.61 86.81 -17.61
N LEU QA 184 116.64 86.63 -18.43
CA LEU QA 184 117.34 85.37 -18.56
C LEU QA 184 118.80 85.49 -18.16
N TYR QA 185 119.34 84.39 -17.66
CA TYR QA 185 120.78 84.20 -17.53
C TYR QA 185 121.14 82.85 -18.10
N MET QA 186 122.26 82.80 -18.83
CA MET QA 186 122.80 81.57 -19.38
C MET QA 186 124.16 81.33 -18.77
N ALA QA 187 124.47 80.07 -18.45
CA ALA QA 187 125.67 79.73 -17.71
C ALA QA 187 126.41 78.59 -18.38
N CYS QA 188 127.72 78.76 -18.55
CA CYS QA 188 128.61 77.70 -18.96
C CYS QA 188 129.35 77.16 -17.74
N THR QA 189 129.79 75.91 -17.84
CA THR QA 189 130.37 75.22 -16.69
C THR QA 189 131.85 74.87 -16.87
N HIS QA 190 132.53 75.44 -17.86
CA HIS QA 190 133.94 75.17 -18.09
C HIS QA 190 134.63 76.44 -18.57
N ALA QA 191 135.96 76.46 -18.38
CA ALA QA 191 136.75 77.66 -18.63
C ALA QA 191 136.84 78.02 -20.10
N SER QA 192 136.71 77.04 -21.00
CA SER QA 192 136.59 77.34 -22.42
C SER QA 192 135.23 77.94 -22.71
N ASN QA 193 135.12 78.56 -23.87
CA ASN QA 193 133.82 79.10 -24.28
C ASN QA 193 133.39 78.50 -25.62
N PRO QA 194 132.88 77.27 -25.66
CA PRO QA 194 132.45 76.71 -26.95
C PRO QA 194 131.05 77.12 -27.35
N VAL QA 195 130.23 77.56 -26.40
CA VAL QA 195 128.79 77.65 -26.59
C VAL QA 195 128.46 78.86 -27.45
N TYR QA 196 127.92 78.59 -28.64
CA TYR QA 196 127.33 79.60 -29.49
C TYR QA 196 125.82 79.36 -29.53
N ALA QA 197 125.13 79.94 -28.56
CA ALA QA 197 123.70 79.70 -28.35
C ALA QA 197 122.90 80.85 -28.92
N THR QA 198 122.12 80.58 -29.96
CA THR QA 198 121.23 81.57 -30.55
C THR QA 198 119.80 81.12 -30.31
N LEU QA 199 119.00 82.02 -29.73
CA LEU QA 199 117.69 81.67 -29.22
C LEU QA 199 116.64 82.63 -29.76
N LYS QA 200 115.51 82.07 -30.17
CA LYS QA 200 114.34 82.85 -30.57
C LYS QA 200 113.31 82.79 -29.44
N ILE QA 201 112.98 83.96 -28.91
CA ILE QA 201 112.22 84.05 -27.66
C ILE QA 201 110.94 84.83 -27.98
N ARG QA 202 109.83 84.10 -28.18
CA ARG QA 202 108.54 84.74 -28.38
C ARG QA 202 107.88 85.03 -27.03
N ILE QA 203 107.45 86.27 -26.85
CA ILE QA 203 106.51 86.62 -25.79
C ILE QA 203 105.26 87.15 -26.47
N TYR QA 204 104.14 86.46 -26.29
CA TYR QA 204 102.84 86.98 -26.70
C TYR QA 204 101.96 87.14 -25.47
N PHE QA 205 101.28 88.28 -25.42
CA PHE QA 205 100.61 88.71 -24.19
C PHE QA 205 99.40 89.58 -24.50
N PRO RA 16 100.14 43.04 8.48
CA PRO RA 16 99.66 43.80 7.32
C PRO RA 16 100.46 43.53 6.04
N ASP RA 17 101.46 42.65 6.14
CA ASP RA 17 102.36 42.38 5.02
C ASP RA 17 102.33 40.92 4.60
N ILE RA 18 102.32 39.99 5.57
CA ILE RA 18 102.56 38.57 5.32
C ILE RA 18 101.26 37.77 5.37
N PRO RA 19 101.12 36.72 4.56
CA PRO RA 19 99.92 35.87 4.62
C PRO RA 19 100.08 34.60 5.43
N ARG RA 20 101.25 34.33 6.03
CA ARG RA 20 101.53 33.01 6.60
C ARG RA 20 101.59 33.01 8.12
N GLY RA 21 102.47 33.81 8.73
CA GLY RA 21 102.70 33.75 10.16
C GLY RA 21 103.40 35.00 10.67
N CYS RA 22 103.15 35.32 11.94
CA CYS RA 22 103.52 36.59 12.55
C CYS RA 22 104.99 36.66 12.96
N GLU RA 23 105.84 35.79 12.43
CA GLU RA 23 107.29 35.93 12.58
C GLU RA 23 107.76 37.20 11.87
N GLY RA 24 108.93 37.69 12.30
CA GLY RA 24 109.57 38.79 11.63
C GLY RA 24 110.02 38.38 10.24
N PRO RA 25 109.87 39.27 9.26
CA PRO RA 25 110.32 38.95 7.90
C PRO RA 25 111.83 38.92 7.79
N CYS RA 26 112.41 37.80 8.22
CA CYS RA 26 113.85 37.71 8.41
C CYS RA 26 114.57 37.61 7.07
N LYS RA 27 115.70 38.32 6.97
CA LYS RA 27 116.48 38.36 5.74
C LYS RA 27 117.50 37.23 5.74
N VAL RA 28 117.56 36.51 4.62
CA VAL RA 28 118.63 35.55 4.35
C VAL RA 28 119.20 35.92 2.98
N GLN RA 29 120.38 36.53 2.97
CA GLN RA 29 120.94 37.09 1.76
C GLN RA 29 122.01 36.16 1.19
N SER RA 30 121.86 35.84 -0.09
CA SER RA 30 122.79 35.00 -0.82
C SER RA 30 123.65 35.94 -1.67
N PHE RA 31 124.66 36.53 -1.04
CA PHE RA 31 125.62 37.31 -1.80
C PHE RA 31 126.51 36.37 -2.60
N GLU RA 32 126.83 36.78 -3.81
CA GLU RA 32 127.84 36.12 -4.61
C GLU RA 32 128.90 37.11 -5.03
N GLN RA 33 130.14 36.64 -5.10
CA GLN RA 33 131.22 37.33 -5.79
C GLN RA 33 131.72 36.30 -6.79
N ARG RA 34 131.01 36.22 -7.92
CA ARG RA 34 131.18 35.13 -8.86
C ARG RA 34 131.21 35.64 -10.29
N ASP RA 35 131.11 34.71 -11.24
CA ASP RA 35 130.94 35.01 -12.65
C ASP RA 35 130.10 33.89 -13.26
N ASP RA 36 130.12 33.80 -14.57
CA ASP RA 36 129.44 32.70 -15.24
C ASP RA 36 130.29 32.26 -16.42
N VAL RA 37 129.73 31.34 -17.20
CA VAL RA 37 130.26 30.98 -18.51
C VAL RA 37 129.17 31.31 -19.51
N LYS RA 38 129.38 30.97 -20.78
CA LYS RA 38 128.33 31.19 -21.78
C LYS RA 38 127.10 30.33 -21.50
N HIS RA 39 127.30 29.09 -21.07
CA HIS RA 39 126.20 28.15 -20.95
C HIS RA 39 125.38 28.41 -19.69
N LEU RA 40 126.05 28.58 -18.55
CA LEU RA 40 125.30 28.54 -17.30
C LEU RA 40 126.00 29.35 -16.21
N GLY RA 41 125.19 30.07 -15.45
CA GLY RA 41 125.56 30.48 -14.12
C GLY RA 41 124.46 30.02 -13.18
N ILE RA 42 124.76 29.04 -12.32
CA ILE RA 42 123.74 28.38 -11.53
C ILE RA 42 123.80 28.87 -10.09
N CYS RA 43 122.63 29.21 -9.55
CA CYS RA 43 122.53 29.73 -8.19
C CYS RA 43 121.22 29.24 -7.59
N LYS RA 44 121.28 28.18 -6.78
CA LYS RA 44 120.17 27.91 -5.87
C LYS RA 44 120.19 28.95 -4.77
N VAL RA 45 119.16 29.79 -4.74
CA VAL RA 45 119.16 30.96 -3.87
C VAL RA 45 118.73 30.59 -2.46
N ILE RA 46 118.08 29.43 -2.31
CA ILE RA 46 117.53 29.00 -1.03
C ILE RA 46 118.46 27.99 -0.35
N SER RA 47 119.75 28.02 -0.70
CA SER RA 47 120.66 26.93 -0.42
C SER RA 47 121.07 26.89 1.06
N ASP RA 48 121.67 27.98 1.55
CA ASP RA 48 122.29 28.00 2.86
C ASP RA 48 121.30 28.25 4.00
N VAL RA 49 120.01 28.01 3.81
CA VAL RA 49 119.02 28.29 4.84
C VAL RA 49 118.86 27.03 5.68
N THR RA 50 119.50 27.00 6.84
CA THR RA 50 119.47 25.87 7.76
C THR RA 50 118.63 26.24 8.99
N ARG RA 51 118.29 25.22 9.78
CA ARG RA 51 117.54 25.45 11.01
C ARG RA 51 118.45 26.06 12.06
N GLY RA 52 117.99 27.15 12.67
CA GLY RA 52 118.72 27.82 13.72
C GLY RA 52 117.94 28.96 14.32
N PRO RA 53 118.39 29.48 15.47
CA PRO RA 53 117.66 30.57 16.12
C PRO RA 53 117.87 31.93 15.48
N GLY RA 54 118.95 32.12 14.71
CA GLY RA 54 119.24 33.40 14.13
C GLY RA 54 118.32 33.76 12.99
N LEU RA 55 118.40 35.03 12.57
CA LEU RA 55 117.57 35.50 11.47
C LEU RA 55 118.12 35.14 10.11
N THR RA 56 119.34 34.60 10.04
CA THR RA 56 119.85 33.98 8.81
C THR RA 56 119.52 32.50 8.74
N HIS RA 57 118.43 32.08 9.38
CA HIS RA 57 118.09 30.69 9.54
C HIS RA 57 116.58 30.53 9.34
N ARG RA 58 116.05 29.38 9.72
CA ARG RA 58 114.66 29.05 9.47
C ARG RA 58 114.07 28.30 10.65
N VAL RA 59 112.74 28.35 10.74
CA VAL RA 59 111.98 27.62 11.74
C VAL RA 59 111.07 26.64 11.00
N GLY RA 60 111.36 25.35 11.14
CA GLY RA 60 110.59 24.33 10.46
C GLY RA 60 111.05 24.07 9.05
N LYS RA 61 110.10 23.80 8.14
CA LYS RA 61 110.45 23.50 6.76
C LYS RA 61 109.47 24.14 5.78
N ARG RA 62 108.79 25.22 6.20
CA ARG RA 62 107.81 25.89 5.37
C ARG RA 62 108.21 27.35 5.19
N PHE RA 63 108.29 27.80 3.94
CA PHE RA 63 108.60 29.18 3.60
C PHE RA 63 107.44 29.82 2.88
N CYS RA 64 107.36 31.14 2.95
CA CYS RA 64 106.59 31.97 2.02
C CYS RA 64 107.47 33.16 1.72
N ILE RA 65 108.24 33.07 0.64
CA ILE RA 65 109.14 34.15 0.24
C ILE RA 65 108.31 35.35 -0.17
N LYS RA 66 108.45 36.45 0.57
CA LYS RA 66 107.71 37.67 0.24
C LYS RA 66 108.25 38.33 -1.01
N SER RA 67 109.56 38.58 -1.05
CA SER RA 67 110.15 39.20 -2.22
C SER RA 67 111.63 38.85 -2.31
N ILE RA 68 112.09 38.72 -3.55
CA ILE RA 68 113.51 38.64 -3.87
C ILE RA 68 113.96 40.01 -4.32
N TYR RA 69 114.98 40.55 -3.66
CA TYR RA 69 115.52 41.87 -3.95
C TYR RA 69 116.91 41.70 -4.54
N ILE RA 70 117.03 41.87 -5.84
CA ILE RA 70 118.27 41.58 -6.56
C ILE RA 70 119.04 42.88 -6.74
N LEU RA 71 120.14 43.01 -6.01
CA LEU RA 71 121.17 43.98 -6.33
C LEU RA 71 122.22 43.30 -7.20
N GLY RA 72 123.08 44.13 -7.82
CA GLY RA 72 124.15 43.56 -8.60
C GLY RA 72 124.81 44.51 -9.56
N LYS RA 73 126.13 44.39 -9.67
CA LYS RA 73 126.91 45.13 -10.65
C LYS RA 73 127.56 44.14 -11.61
N ILE RA 74 127.33 44.34 -12.90
CA ILE RA 74 127.72 43.38 -13.94
C ILE RA 74 128.74 44.09 -14.82
N TRP RA 75 130.01 43.68 -14.71
CA TRP RA 75 131.06 44.37 -15.44
C TRP RA 75 131.87 43.40 -16.27
N LEU RA 76 132.82 43.99 -17.00
CA LEU RA 76 133.90 43.28 -17.66
C LEU RA 76 135.22 44.02 -17.52
N ASP RA 77 135.39 44.81 -16.45
CA ASP RA 77 136.44 45.81 -16.36
C ASP RA 77 137.77 45.21 -15.91
N GLU RA 78 137.95 43.91 -16.06
CA GLU RA 78 139.27 43.30 -16.05
C GLU RA 78 140.06 43.85 -17.24
N THR RA 79 141.40 43.83 -17.15
CA THR RA 79 142.26 44.41 -18.18
C THR RA 79 142.26 43.62 -19.50
N ILE RA 80 141.57 42.47 -19.53
CA ILE RA 80 141.44 41.64 -20.72
C ILE RA 80 139.95 41.71 -21.05
N LYS RA 81 139.51 40.97 -22.09
CA LYS RA 81 138.14 40.89 -22.58
C LYS RA 81 137.64 42.22 -23.13
N LYS RA 82 138.54 42.99 -23.75
CA LYS RA 82 138.16 44.06 -24.65
C LYS RA 82 137.98 43.58 -26.08
N GLN RA 83 138.70 42.55 -26.52
CA GLN RA 83 138.40 41.86 -27.76
C GLN RA 83 137.30 40.84 -27.52
N ASN RA 84 136.73 40.33 -28.63
CA ASN RA 84 135.60 39.40 -28.68
C ASN RA 84 134.42 39.97 -27.90
N HIS RA 85 134.17 41.26 -28.08
CA HIS RA 85 133.35 42.05 -27.18
C HIS RA 85 131.88 42.12 -27.58
N THR RA 86 131.15 43.05 -26.97
CA THR RA 86 129.70 43.29 -27.10
C THR RA 86 128.85 42.09 -26.74
N ASN RA 87 128.85 41.70 -25.48
CA ASN RA 87 127.98 40.63 -24.98
C ASN RA 87 126.93 41.24 -24.05
N ASN RA 88 125.82 40.54 -23.88
CA ASN RA 88 124.77 40.96 -22.96
C ASN RA 88 124.33 39.80 -22.07
N VAL RA 89 123.67 40.14 -20.97
CA VAL RA 89 123.30 39.18 -19.94
C VAL RA 89 121.77 39.11 -19.88
N ILE RA 90 121.23 37.90 -19.97
CA ILE RA 90 119.80 37.67 -19.79
C ILE RA 90 119.64 36.89 -18.51
N PHE RA 91 118.84 37.42 -17.59
CA PHE RA 91 118.61 36.73 -16.33
C PHE RA 91 117.36 35.86 -16.41
N TYR RA 92 117.34 34.81 -15.60
CA TYR RA 92 116.24 33.86 -15.56
C TYR RA 92 115.94 33.53 -14.11
N LEU RA 93 114.72 33.81 -13.67
CA LEU RA 93 114.28 33.50 -12.31
C LEU RA 93 113.11 32.54 -12.44
N LEU RA 94 113.37 31.27 -12.15
CA LEU RA 94 112.43 30.19 -12.46
C LEU RA 94 111.75 29.69 -11.21
N ARG RA 95 110.46 29.35 -11.34
CA ARG RA 95 109.76 28.63 -10.28
C ARG RA 95 109.91 27.13 -10.56
N ASP RA 96 110.70 26.45 -9.74
CA ASP RA 96 110.96 25.03 -9.92
C ASP RA 96 109.85 24.19 -9.28
N ARG RA 97 109.64 23.00 -9.82
CA ARG RA 97 108.59 22.11 -9.35
C ARG RA 97 109.10 20.94 -8.53
N ARG RA 98 110.34 20.46 -8.76
CA ARG RA 98 110.86 19.29 -8.06
C ARG RA 98 112.38 19.37 -8.06
N PRO RA 99 113.04 18.86 -7.02
CA PRO RA 99 114.51 18.82 -7.03
C PRO RA 99 115.05 17.46 -7.45
N TYR RA 100 116.35 17.41 -7.76
CA TYR RA 100 117.09 16.16 -7.85
C TYR RA 100 118.46 16.39 -7.23
N GLY RA 101 118.55 16.21 -5.91
CA GLY RA 101 119.79 16.40 -5.19
C GLY RA 101 120.37 17.79 -5.29
N ASN RA 102 121.44 17.91 -6.07
CA ASN RA 102 122.06 19.20 -6.38
C ASN RA 102 121.27 19.91 -7.48
N ALA RA 103 121.87 20.96 -8.05
CA ALA RA 103 121.21 21.71 -9.10
C ALA RA 103 121.29 20.95 -10.42
N PRO RA 104 120.22 20.97 -11.22
CA PRO RA 104 120.26 20.28 -12.51
C PRO RA 104 121.03 21.05 -13.57
N GLN RA 105 121.02 20.56 -14.80
CA GLN RA 105 121.68 21.22 -15.92
C GLN RA 105 120.93 22.51 -16.29
N ASP RA 106 121.57 23.31 -17.13
CA ASP RA 106 120.89 24.45 -17.76
C ASP RA 106 120.61 24.19 -19.23
N PHE RA 107 121.65 23.94 -20.02
CA PHE RA 107 121.48 23.81 -21.47
C PHE RA 107 120.77 22.51 -21.82
N GLY RA 108 120.89 21.49 -20.98
CA GLY RA 108 120.09 20.30 -21.12
C GLY RA 108 118.73 20.35 -20.47
N GLN RA 109 118.38 21.49 -19.86
CA GLN RA 109 117.08 21.65 -19.21
C GLN RA 109 116.22 22.69 -19.92
N ILE RA 110 116.70 23.92 -20.09
CA ILE RA 110 116.01 24.84 -20.98
C ILE RA 110 116.34 24.47 -22.42
N PHE RA 111 115.47 24.93 -23.34
CA PHE RA 111 115.32 24.21 -24.60
C PHE RA 111 116.44 24.52 -25.60
N ASN RA 112 116.57 25.78 -26.03
CA ASN RA 112 117.39 26.06 -27.20
C ASN RA 112 118.48 27.03 -26.80
N MET RA 113 119.24 27.50 -27.80
CA MET RA 113 120.47 28.25 -27.57
C MET RA 113 120.15 29.72 -27.22
N PHE RA 114 120.06 29.97 -25.91
CA PHE RA 114 120.28 31.23 -25.20
C PHE RA 114 119.17 32.25 -25.39
N ASP RA 115 118.20 32.00 -26.27
CA ASP RA 115 116.96 32.76 -26.37
C ASP RA 115 115.83 31.76 -26.44
N ASN RA 116 115.30 31.36 -25.28
CA ASN RA 116 114.48 30.17 -25.23
C ASN RA 116 113.53 30.21 -24.04
N GLU RA 117 112.93 29.05 -23.78
CA GLU RA 117 112.00 28.72 -22.71
C GLU RA 117 112.42 27.36 -22.19
N PRO RA 118 111.85 26.86 -21.08
CA PRO RA 118 112.08 25.45 -20.74
C PRO RA 118 111.49 24.50 -21.77
N SER RA 119 112.02 23.28 -21.78
CA SER RA 119 111.64 22.29 -22.77
C SER RA 119 110.22 21.79 -22.54
N THR RA 120 109.66 21.16 -23.58
CA THR RA 120 108.29 20.67 -23.54
C THR RA 120 108.13 19.50 -22.56
N ALA RA 121 109.19 18.74 -22.32
CA ALA RA 121 109.13 17.61 -21.40
C ALA RA 121 109.49 18.00 -19.97
N THR RA 122 109.68 19.29 -19.70
CA THR RA 122 110.17 19.74 -18.39
C THR RA 122 109.15 20.59 -17.64
N ILE RA 123 108.04 20.94 -18.25
CA ILE RA 123 107.06 21.82 -17.61
C ILE RA 123 106.29 21.10 -16.51
N PHE RA 131 109.88 23.26 -16.08
CA PHE RA 131 109.83 24.02 -14.85
C PHE RA 131 109.23 25.39 -15.13
N GLN RA 132 108.50 25.94 -14.18
CA GLN RA 132 107.84 27.22 -14.42
C GLN RA 132 108.86 28.37 -14.37
N VAL RA 133 108.48 29.47 -15.01
CA VAL RA 133 109.28 30.67 -15.11
C VAL RA 133 108.55 31.74 -14.31
N LEU RA 134 109.29 32.68 -13.72
CA LEU RA 134 108.63 33.87 -13.20
C LEU RA 134 108.84 35.09 -14.08
N ARG RA 135 110.08 35.56 -14.25
CA ARG RA 135 110.38 36.71 -15.12
C ARG RA 135 111.79 36.60 -15.65
N LYS RA 136 112.17 37.61 -16.46
CA LYS RA 136 113.48 37.75 -17.05
C LYS RA 136 114.02 39.14 -16.75
N PHE RA 137 115.29 39.37 -17.10
CA PHE RA 137 115.90 40.70 -16.99
C PHE RA 137 116.87 40.89 -18.15
N HIS RA 138 117.49 42.08 -18.19
CA HIS RA 138 118.46 42.41 -19.22
C HIS RA 138 119.63 43.15 -18.60
N ALA RA 139 120.81 42.97 -19.20
CA ALA RA 139 122.01 43.70 -18.82
C ALA RA 139 122.94 43.66 -20.02
N THR RA 140 123.26 44.82 -20.58
CA THR RA 140 124.01 44.93 -21.83
C THR RA 140 125.32 45.65 -21.57
N VAL RA 141 126.43 44.91 -21.61
CA VAL RA 141 127.75 45.48 -21.39
C VAL RA 141 128.57 45.38 -22.68
N VAL RA 142 128.64 46.49 -23.41
CA VAL RA 142 129.30 46.49 -24.72
C VAL RA 142 130.56 47.35 -24.68
N GLY RA 143 131.72 46.73 -24.50
CA GLY RA 143 132.95 47.49 -24.46
C GLY RA 143 134.09 46.89 -25.25
N GLY RA 144 134.54 47.61 -26.29
CA GLY RA 144 135.64 47.11 -27.10
C GLY RA 144 136.90 47.95 -26.95
N LEU RA 145 137.19 48.77 -27.96
CA LEU RA 145 138.33 49.66 -27.91
C LEU RA 145 137.91 51.04 -28.41
N TYR RA 146 138.78 52.02 -28.14
CA TYR RA 146 138.74 53.40 -28.60
C TYR RA 146 137.54 54.22 -28.14
N CYS RA 147 136.65 53.70 -27.30
CA CYS RA 147 135.92 54.63 -26.45
C CYS RA 147 136.07 54.26 -24.96
N MET RA 148 135.88 53.00 -24.50
CA MET RA 148 135.02 51.92 -25.04
C MET RA 148 133.67 52.08 -24.32
N LYS RA 149 132.59 52.27 -25.08
CA LYS RA 149 131.38 52.76 -24.45
C LYS RA 149 130.39 51.64 -24.17
N GLU RA 150 130.67 50.90 -23.10
CA GLU RA 150 129.79 50.51 -21.99
C GLU RA 150 130.56 49.62 -21.04
N GLN RA 151 130.12 49.59 -19.78
CA GLN RA 151 130.77 48.91 -18.67
C GLN RA 151 129.74 48.60 -17.59
N ALA RA 152 130.23 48.44 -16.36
CA ALA RA 152 129.50 48.04 -15.15
C ALA RA 152 128.15 48.75 -15.01
N LEU RA 153 127.07 47.97 -15.03
CA LEU RA 153 125.72 48.49 -14.89
C LEU RA 153 125.17 48.06 -13.53
N VAL RA 154 124.30 48.89 -12.95
CA VAL RA 154 123.72 48.59 -11.66
C VAL RA 154 122.25 48.22 -11.85
N LYS RA 155 121.83 47.11 -11.25
CA LYS RA 155 120.46 46.62 -11.38
C LYS RA 155 119.88 46.39 -9.99
N ARG RA 156 118.78 47.07 -9.69
CA ARG RA 156 118.00 46.80 -8.49
C ARG RA 156 116.55 46.51 -8.90
N PHE RA 157 115.95 45.52 -8.23
CA PHE RA 157 114.60 45.07 -8.59
C PHE RA 157 113.89 44.55 -7.35
N TYR RA 158 112.77 45.18 -6.99
CA TYR RA 158 111.76 44.49 -6.20
C TYR RA 158 111.10 43.42 -7.05
N ARG RA 159 110.84 42.25 -6.45
CA ARG RA 159 110.24 41.15 -7.20
C ARG RA 159 109.50 40.25 -6.20
N LEU RA 160 108.18 40.39 -6.15
CA LEU RA 160 107.36 39.61 -5.22
C LEU RA 160 107.18 38.19 -5.71
N ASN RA 161 107.21 37.24 -4.77
CA ASN RA 161 107.17 35.81 -5.10
C ASN RA 161 106.33 35.09 -4.04
N HIS RA 162 106.44 33.77 -3.98
CA HIS RA 162 105.55 32.97 -3.14
C HIS RA 162 106.32 31.77 -2.56
N HIS RA 163 105.58 30.78 -2.07
CA HIS RA 163 106.01 29.86 -1.03
C HIS RA 163 107.00 28.80 -1.52
N VAL RA 164 107.76 28.27 -0.57
CA VAL RA 164 108.80 27.25 -0.77
C VAL RA 164 108.68 26.24 0.37
N THR RA 165 108.89 24.96 0.09
CA THR RA 165 108.87 23.92 1.09
C THR RA 165 110.19 23.17 1.08
N TYR RA 166 110.70 22.82 2.26
CA TYR RA 166 111.79 21.85 2.39
C TYR RA 166 111.24 20.48 2.78
N ASN RA 167 111.94 19.43 2.33
CA ASN RA 167 111.49 18.07 2.60
C ASN RA 167 111.90 17.64 4.01
N HIS RA 168 113.21 17.58 4.27
CA HIS RA 168 113.68 17.05 5.54
C HIS RA 168 113.62 18.11 6.64
N GLN RA 169 113.65 17.63 7.88
CA GLN RA 169 113.65 18.48 9.05
C GLN RA 169 115.07 18.73 9.56
N GLU RA 170 116.05 18.64 8.66
CA GLU RA 170 117.46 18.81 8.99
C GLU RA 170 117.82 20.29 9.06
N ALA RA 171 118.99 20.56 9.61
CA ALA RA 171 119.62 21.88 9.48
C ALA RA 171 120.58 21.86 8.29
N GLY RA 172 120.04 21.48 7.14
CA GLY RA 172 120.82 21.15 5.97
C GLY RA 172 120.78 22.20 4.87
N LYS RA 173 121.56 21.93 3.84
CA LYS RA 173 121.74 22.82 2.69
C LYS RA 173 120.70 22.46 1.63
N TYR RA 174 120.94 22.92 0.39
CA TYR RA 174 120.01 22.80 -0.74
C TYR RA 174 119.67 21.37 -1.16
N GLU RA 175 120.34 20.35 -0.61
CA GLU RA 175 120.18 19.00 -1.10
C GLU RA 175 118.83 18.37 -0.72
N ASN RA 176 118.24 18.82 0.38
CA ASN RA 176 117.03 18.17 0.93
C ASN RA 176 115.75 18.91 0.55
N HIS RA 177 115.67 19.44 -0.67
CA HIS RA 177 114.50 20.18 -1.11
C HIS RA 177 113.33 19.25 -1.42
N THR RA 178 112.21 19.85 -1.78
CA THR RA 178 111.01 19.19 -2.27
C THR RA 178 110.33 20.15 -3.24
N GLU RA 179 109.02 19.96 -3.47
CA GLU RA 179 108.21 20.80 -4.33
C GLU RA 179 108.34 22.29 -4.03
N ASN RA 180 108.18 23.09 -5.09
CA ASN RA 180 108.22 24.56 -5.08
C ASN RA 180 109.57 25.08 -4.60
N ALA RA 181 110.59 24.76 -5.39
CA ALA RA 181 111.87 25.43 -5.28
C ALA RA 181 111.90 26.61 -6.25
N LEU RA 182 112.92 27.45 -6.10
CA LEU RA 182 113.14 28.56 -7.02
C LEU RA 182 114.61 28.94 -6.98
N LEU RA 183 115.15 29.27 -8.15
CA LEU RA 183 116.59 29.52 -8.28
C LEU RA 183 116.82 30.38 -9.51
N LEU RA 184 118.10 30.67 -9.78
CA LEU RA 184 118.48 31.57 -10.85
C LEU RA 184 119.35 30.87 -11.89
N TYR RA 185 119.25 31.34 -13.12
CA TYR RA 185 120.21 31.03 -14.17
C TYR RA 185 120.62 32.33 -14.85
N MET RA 186 121.92 32.45 -15.13
CA MET RA 186 122.46 33.58 -15.86
C MET RA 186 123.06 33.07 -17.16
N ALA RA 187 122.88 33.86 -18.23
CA ALA RA 187 123.24 33.40 -19.57
C ALA RA 187 124.03 34.48 -20.29
N CYS RA 188 125.15 34.07 -20.88
CA CYS RA 188 125.90 34.90 -21.81
C CYS RA 188 125.58 34.49 -23.24
N THR RA 189 125.77 35.43 -24.16
CA THR RA 189 125.36 35.23 -25.55
C THR RA 189 126.52 35.19 -26.54
N HIS RA 190 127.75 35.08 -26.07
CA HIS RA 190 128.92 35.04 -26.95
C HIS RA 190 129.96 34.08 -26.39
N ALA RA 191 130.83 33.60 -27.27
CA ALA RA 191 131.78 32.55 -26.93
C ALA RA 191 132.85 33.01 -25.96
N SER RA 192 133.17 34.30 -25.94
CA SER RA 192 134.04 34.84 -24.90
C SER RA 192 133.30 34.88 -23.57
N ASN RA 193 134.07 35.03 -22.50
CA ASN RA 193 133.45 35.17 -21.19
C ASN RA 193 133.89 36.46 -20.52
N PRO RA 194 133.33 37.62 -20.89
CA PRO RA 194 133.75 38.87 -20.23
C PRO RA 194 133.02 39.13 -18.93
N VAL RA 195 131.87 38.49 -18.71
CA VAL RA 195 130.92 38.91 -17.69
C VAL RA 195 131.43 38.48 -16.31
N TYR RA 196 131.74 39.47 -15.48
CA TYR RA 196 132.02 39.26 -14.06
C TYR RA 196 130.88 39.88 -13.27
N ALA RA 197 129.82 39.10 -13.08
CA ALA RA 197 128.59 39.57 -12.46
C ALA RA 197 128.54 39.15 -11.00
N THR RA 198 128.57 40.13 -10.10
CA THR RA 198 128.45 39.90 -8.68
C THR RA 198 127.15 40.51 -8.19
N LEU RA 199 126.34 39.70 -7.53
CA LEU RA 199 124.97 40.07 -7.21
C LEU RA 199 124.69 39.86 -5.73
N LYS RA 200 124.02 40.83 -5.14
CA LYS RA 200 123.52 40.74 -3.77
C LYS RA 200 122.02 40.47 -3.82
N ILE RA 201 121.62 39.34 -3.25
CA ILE RA 201 120.27 38.81 -3.42
C ILE RA 201 119.64 38.70 -2.04
N ARG RA 202 118.82 39.69 -1.67
CA ARG RA 202 118.08 39.63 -0.41
C ARG RA 202 116.77 38.87 -0.60
N ILE RA 203 116.54 37.89 0.26
CA ILE RA 203 115.22 37.30 0.45
C ILE RA 203 114.81 37.58 1.88
N TYR RA 204 113.74 38.35 2.06
CA TYR RA 204 113.12 38.50 3.37
C TYR RA 204 111.70 37.96 3.30
N PHE RA 205 111.34 37.20 4.34
CA PHE RA 205 110.13 36.37 4.31
C PHE RA 205 109.56 36.17 5.70
N PRO SA 16 88.38 31.13 -19.74
CA PRO SA 16 88.53 32.55 -19.42
C PRO SA 16 89.51 33.27 -20.36
N ASP SA 17 90.09 32.54 -21.31
CA ASP SA 17 91.11 33.08 -22.20
C ASP SA 17 90.70 33.02 -23.67
N ILE SA 18 90.12 31.90 -24.09
CA ILE SA 18 89.90 31.59 -25.51
C ILE SA 18 88.46 31.79 -25.92
N PRO SA 19 88.20 32.23 -27.16
CA PRO SA 19 86.82 32.38 -27.63
C PRO SA 19 86.31 31.22 -28.47
N ARG SA 20 87.09 30.17 -28.71
CA ARG SA 20 86.74 29.16 -29.71
C ARG SA 20 86.38 27.81 -29.11
N GLY SA 21 87.27 27.19 -28.35
CA GLY SA 21 87.07 25.84 -27.87
C GLY SA 21 87.96 25.51 -26.70
N CYS SA 22 87.49 24.60 -25.85
CA CYS SA 22 88.10 24.31 -24.55
C CYS SA 22 89.34 23.41 -24.63
N GLU SA 23 89.94 23.28 -25.81
CA GLU SA 23 91.25 22.65 -25.92
C GLU SA 23 92.31 23.46 -25.19
N GLY SA 24 93.40 22.79 -24.82
CA GLY SA 24 94.54 23.46 -24.25
C GLY SA 24 95.19 24.37 -25.27
N PRO SA 25 95.63 25.56 -24.85
CA PRO SA 25 96.30 26.48 -25.77
C PRO SA 25 97.67 25.98 -26.16
N CYS SA 26 97.70 25.04 -27.11
CA CYS SA 26 98.92 24.30 -27.43
C CYS SA 26 99.90 25.15 -28.21
N LYS SA 27 101.18 25.03 -27.85
CA LYS SA 27 102.24 25.81 -28.48
C LYS SA 27 102.76 25.07 -29.71
N VAL SA 28 102.89 25.81 -30.81
CA VAL SA 28 103.60 25.35 -31.99
C VAL SA 28 104.61 26.42 -32.35
N GLN SA 29 105.87 26.16 -32.06
CA GLN SA 29 106.92 27.17 -32.16
C GLN SA 29 107.72 26.99 -33.45
N SER SA 30 107.80 28.06 -34.23
CA SER SA 30 108.57 28.07 -35.46
C SER SA 30 109.88 28.77 -35.16
N PHE SA 31 110.82 28.03 -34.57
CA PHE SA 31 112.16 28.56 -34.39
C PHE SA 31 112.87 28.62 -35.73
N GLU SA 32 113.63 29.69 -35.93
CA GLU SA 32 114.53 29.78 -37.05
C GLU SA 32 115.95 30.05 -36.54
N GLN SA 33 116.92 29.48 -37.25
CA GLN SA 33 118.32 29.89 -37.14
C GLN SA 33 118.69 30.24 -38.57
N ARG SA 34 118.36 31.48 -38.95
CA ARG SA 34 118.39 31.89 -40.35
C ARG SA 34 119.00 33.28 -40.48
N ASP SA 35 118.86 33.85 -41.67
CA ASP SA 35 119.20 35.24 -41.94
C ASP SA 35 118.24 35.74 -43.01
N ASP SA 36 118.58 36.85 -43.64
CA ASP SA 36 117.79 37.36 -44.74
C ASP SA 36 118.73 37.92 -45.80
N VAL SA 37 118.14 38.53 -46.82
CA VAL SA 37 118.87 39.35 -47.78
C VAL SA 37 118.27 40.74 -47.67
N LYS SA 38 118.69 41.67 -48.54
CA LYS SA 38 118.11 43.00 -48.53
C LYS SA 38 116.63 42.95 -48.93
N HIS SA 39 116.28 42.13 -49.92
CA HIS SA 39 114.93 42.15 -50.46
C HIS SA 39 113.94 41.45 -49.54
N LEU SA 40 114.28 40.25 -49.07
CA LEU SA 40 113.25 39.44 -48.44
C LEU SA 40 113.84 38.49 -47.43
N GLY SA 41 113.13 38.35 -46.31
CA GLY SA 41 113.24 37.17 -45.47
C GLY SA 41 111.84 36.64 -45.28
N ILE SA 42 111.55 35.48 -45.85
CA ILE SA 42 110.18 34.97 -45.92
C ILE SA 42 110.01 33.84 -44.91
N CYS SA 43 108.91 33.93 -44.15
CA CYS SA 43 108.61 32.95 -43.11
C CYS SA 43 107.10 32.77 -43.04
N LYS SA 44 106.58 31.72 -43.65
CA LYS SA 44 105.24 31.27 -43.30
C LYS SA 44 105.30 30.63 -41.93
N VAL SA 45 104.62 31.25 -40.97
CA VAL SA 45 104.78 30.86 -39.57
C VAL SA 45 103.87 29.67 -39.25
N ILE SA 46 102.85 29.44 -40.07
CA ILE SA 46 101.87 28.41 -39.82
C ILE SA 46 102.17 27.14 -40.65
N SER SA 47 103.44 26.97 -41.02
CA SER SA 47 103.81 26.03 -42.06
C SER SA 47 103.75 24.58 -41.58
N ASP SA 48 104.52 24.26 -40.54
CA ASP SA 48 104.72 22.88 -40.11
C ASP SA 48 103.59 22.34 -39.22
N VAL SA 49 102.40 22.94 -39.25
CA VAL SA 49 101.31 22.51 -38.37
C VAL SA 49 100.52 21.45 -39.13
N THR SA 50 100.76 20.18 -38.81
CA THR SA 50 100.10 19.05 -39.43
C THR SA 50 99.12 18.43 -38.45
N ARG SA 51 98.25 17.56 -38.95
CA ARG SA 51 97.31 16.85 -38.09
C ARG SA 51 98.04 15.76 -37.31
N GLY SA 52 97.82 15.74 -35.99
CA GLY SA 52 98.42 14.76 -35.12
C GLY SA 52 97.92 14.89 -33.70
N PRO SA 53 98.18 13.88 -32.87
CA PRO SA 53 97.70 13.93 -31.48
C PRO SA 53 98.53 14.83 -30.57
N GLY SA 54 99.78 15.13 -30.95
CA GLY SA 54 100.63 15.92 -30.08
C GLY SA 54 100.25 17.39 -30.05
N LEU SA 55 100.86 18.11 -29.11
CA LEU SA 55 100.59 19.53 -28.96
C LEU SA 55 101.34 20.40 -29.95
N THR SA 56 102.27 19.82 -30.72
CA THR SA 56 102.87 20.50 -31.86
C THR SA 56 102.09 20.23 -33.15
N HIS SA 57 100.80 19.96 -33.04
CA HIS SA 57 99.97 19.52 -34.14
C HIS SA 57 98.62 20.24 -34.04
N ARG SA 58 97.64 19.74 -34.81
CA ARG SA 58 96.35 20.41 -34.92
C ARG SA 58 95.24 19.37 -34.99
N VAL SA 59 94.04 19.82 -34.63
CA VAL SA 59 92.83 19.01 -34.73
C VAL SA 59 91.89 19.70 -35.71
N GLY SA 60 91.68 19.07 -36.86
CA GLY SA 60 90.83 19.65 -37.88
C GLY SA 60 91.56 20.62 -38.80
N LYS SA 61 90.86 21.69 -39.20
CA LYS SA 61 91.46 22.67 -40.10
C LYS SA 61 91.07 24.09 -39.72
N ARG SA 62 90.71 24.32 -38.47
CA ARG SA 62 90.29 25.63 -37.99
C ARG SA 62 91.18 26.08 -36.84
N PHE SA 63 91.75 27.28 -36.98
CA PHE SA 63 92.59 27.87 -35.95
C PHE SA 63 91.95 29.15 -35.43
N CYS SA 64 92.33 29.50 -34.21
CA CYS SA 64 92.16 30.87 -33.70
C CYS SA 64 93.45 31.16 -32.93
N ILE SA 65 94.42 31.79 -33.60
CA ILE SA 65 95.69 32.12 -33.00
C ILE SA 65 95.47 33.18 -31.92
N LYS SA 66 95.75 32.82 -30.67
CA LYS SA 66 95.57 33.76 -29.57
C LYS SA 66 96.64 34.84 -29.61
N SER SA 67 97.90 34.45 -29.66
CA SER SA 67 98.97 35.44 -29.71
C SER SA 67 100.21 34.84 -30.37
N ILE SA 68 100.92 35.70 -31.08
CA ILE SA 68 102.27 35.40 -31.57
C ILE SA 68 103.27 36.06 -30.62
N TYR SA 69 104.17 35.26 -30.08
CA TYR SA 69 105.19 35.72 -29.14
C TYR SA 69 106.53 35.63 -29.82
N ILE SA 70 107.07 36.78 -30.23
CA ILE SA 70 108.29 36.84 -31.03
C ILE SA 70 109.46 37.10 -30.11
N LEU SA 71 110.30 36.09 -29.91
CA LEU SA 71 111.64 36.27 -29.40
C LEU SA 71 112.61 36.42 -30.56
N GLY SA 72 113.81 36.88 -30.25
CA GLY SA 72 114.81 36.98 -31.30
C GLY SA 72 116.00 37.85 -30.98
N LYS SA 73 117.18 37.41 -31.40
CA LYS SA 73 118.40 38.19 -31.31
C LYS SA 73 118.91 38.47 -32.71
N ILE SA 74 119.13 39.74 -33.01
CA ILE SA 74 119.45 40.20 -34.36
C ILE SA 74 120.85 40.79 -34.30
N TRP SA 75 121.82 40.09 -34.88
CA TRP SA 75 123.21 40.52 -34.77
C TRP SA 75 123.85 40.64 -36.15
N LEU SA 76 125.10 41.10 -36.12
CA LEU SA 76 126.01 41.04 -37.24
C LEU SA 76 127.41 40.64 -36.79
N ASP SA 77 127.53 39.88 -35.69
CA ASP SA 77 128.79 39.72 -34.98
C ASP SA 77 129.66 38.63 -35.59
N GLU SA 78 129.43 38.28 -36.85
CA GLU SA 78 130.42 37.58 -37.66
C GLU SA 78 131.65 38.49 -37.82
N THR SA 79 132.82 37.89 -38.06
CA THR SA 79 134.07 38.64 -38.15
C THR SA 79 134.17 39.54 -39.39
N ILE SA 80 133.18 39.47 -40.28
CA ILE SA 80 133.11 40.30 -41.48
C ILE SA 80 131.88 41.18 -41.25
N LYS SA 81 131.53 42.01 -42.24
CA LYS SA 81 130.40 42.94 -42.23
C LYS SA 81 130.55 44.03 -41.17
N LYS SA 82 131.78 44.45 -40.93
CA LYS SA 82 132.05 45.73 -40.27
C LYS SA 82 132.13 46.89 -41.24
N GLN SA 83 132.56 46.67 -42.48
CA GLN SA 83 132.40 47.66 -43.54
C GLN SA 83 130.99 47.56 -44.13
N ASN SA 84 130.62 48.58 -44.91
CA ASN SA 84 129.30 48.77 -45.53
C ASN SA 84 128.21 48.71 -44.46
N HIS SA 85 128.48 49.37 -43.34
CA HIS SA 85 127.75 49.15 -42.10
C HIS SA 85 126.56 50.08 -41.90
N THR SA 86 126.03 50.12 -40.67
CA THR SA 86 124.86 50.86 -40.22
C THR SA 86 123.59 50.51 -40.96
N ASN SA 87 123.10 49.28 -40.80
CA ASN SA 87 121.83 48.85 -41.37
C ASN SA 87 120.84 48.63 -40.23
N ASN SA 88 119.55 48.69 -40.56
CA ASN SA 88 118.49 48.43 -39.59
C ASN SA 88 117.46 47.46 -40.18
N VAL SA 89 116.67 46.87 -39.29
CA VAL SA 89 115.73 45.81 -39.64
C VAL SA 89 114.32 46.31 -39.37
N ILE SA 90 113.45 46.23 -40.37
CA ILE SA 90 112.04 46.55 -40.22
C ILE SA 90 111.27 45.25 -40.35
N PHE SA 91 110.48 44.91 -39.34
CA PHE SA 91 109.68 43.69 -39.39
C PHE SA 91 108.29 43.98 -39.94
N TYR SA 92 107.70 42.96 -40.55
CA TYR SA 92 106.37 43.06 -41.15
C TYR SA 92 105.59 41.80 -40.80
N LEU SA 93 104.47 41.97 -40.11
CA LEU SA 93 103.59 40.87 -39.74
C LEU SA 93 102.26 41.12 -40.42
N LEU SA 94 101.98 40.37 -41.48
CA LEU SA 94 100.87 40.67 -42.38
C LEU SA 94 99.73 39.69 -42.17
N ARG SA 95 98.50 40.18 -42.26
CA ARG SA 95 97.32 39.32 -42.33
C ARG SA 95 97.04 39.04 -43.80
N ASP SA 96 97.29 37.82 -44.25
CA ASP SA 96 97.11 37.43 -45.64
C ASP SA 96 95.65 37.04 -45.89
N ARG SA 97 95.22 37.22 -47.13
CA ARG SA 97 93.84 36.94 -47.51
C ARG SA 97 93.68 35.66 -48.33
N ARG SA 98 94.68 35.27 -49.10
CA ARG SA 98 94.57 34.09 -49.97
C ARG SA 98 95.97 33.54 -50.21
N PRO SA 99 96.11 32.22 -50.36
CA PRO SA 99 97.42 31.65 -50.71
C PRO SA 99 97.56 31.39 -52.20
N TYR SA 100 98.80 31.14 -52.64
CA TYR SA 100 99.07 30.55 -53.95
C TYR SA 100 100.21 29.55 -53.76
N GLY SA 101 99.85 28.31 -53.41
CA GLY SA 101 100.83 27.27 -53.21
C GLY SA 101 101.85 27.56 -52.13
N ASN SA 102 103.07 27.86 -52.55
CA ASN SA 102 104.14 28.29 -51.66
C ASN SA 102 103.99 29.77 -51.31
N ALA SA 103 105.04 30.36 -50.72
CA ALA SA 103 104.98 31.76 -50.35
C ALA SA 103 105.17 32.64 -51.58
N PRO SA 104 104.44 33.76 -51.68
CA PRO SA 104 104.61 34.65 -52.84
C PRO SA 104 105.85 35.52 -52.72
N GLN SA 105 106.01 36.44 -53.67
CA GLN SA 105 107.14 37.35 -53.65
C GLN SA 105 107.01 38.36 -52.52
N ASP SA 106 108.09 39.10 -52.27
CA ASP SA 106 108.03 40.25 -51.37
C ASP SA 106 108.11 41.57 -52.14
N PHE SA 107 109.19 41.78 -52.90
CA PHE SA 107 109.39 43.05 -53.58
C PHE SA 107 108.42 43.23 -54.73
N GLY SA 108 107.94 42.15 -55.31
CA GLY SA 108 106.87 42.20 -56.27
C GLY SA 108 105.48 42.18 -55.68
N GLN SA 109 105.37 42.13 -54.35
CA GLN SA 109 104.08 42.12 -53.68
C GLN SA 109 103.85 43.38 -52.86
N ILE SA 110 104.74 43.73 -51.94
CA ILE SA 110 104.67 45.06 -51.34
C ILE SA 110 105.25 46.07 -52.32
N PHE SA 111 104.87 47.34 -52.12
CA PHE SA 111 104.84 48.27 -53.24
C PHE SA 111 106.22 48.81 -53.60
N ASN SA 112 106.88 49.52 -52.68
CA ASN SA 112 108.04 50.31 -53.07
C ASN SA 112 109.25 49.85 -52.26
N MET SA 113 110.36 50.57 -52.42
CA MET SA 113 111.65 50.14 -51.90
C MET SA 113 111.76 50.41 -50.39
N PHE SA 114 111.40 49.38 -49.62
CA PHE SA 114 111.82 49.07 -48.26
C PHE SA 114 111.21 49.98 -47.18
N ASP SA 115 110.48 51.04 -47.58
CA ASP SA 115 109.66 51.83 -46.68
C ASP SA 115 108.32 52.03 -47.38
N ASN SA 116 107.40 51.09 -47.14
CA ASN SA 116 106.24 50.99 -48.01
C ASN SA 116 105.07 50.33 -47.30
N GLU SA 117 104.08 49.97 -48.10
CA GLU SA 117 102.84 49.31 -47.77
C GLU SA 117 102.61 48.26 -48.86
N PRO SA 118 101.62 47.37 -48.74
CA PRO SA 118 101.25 46.54 -49.89
C PRO SA 118 100.69 47.36 -51.04
N SER SA 119 100.76 46.79 -52.24
CA SER SA 119 100.37 47.48 -53.45
C SER SA 119 98.85 47.69 -53.50
N THR SA 120 98.44 48.61 -54.37
CA THR SA 120 97.03 48.93 -54.51
C THR SA 120 96.22 47.80 -55.12
N ALA SA 121 96.85 46.95 -55.93
CA ALA SA 121 96.17 45.82 -56.53
C ALA SA 121 96.22 44.56 -55.68
N THR SA 122 96.76 44.63 -54.46
CA THR SA 122 96.98 43.46 -53.63
C THR SA 122 96.14 43.45 -52.36
N ILE SA 123 95.42 44.53 -52.07
CA ILE SA 123 94.66 44.62 -50.82
C ILE SA 123 93.42 43.72 -50.86
N PHE SA 131 97.26 42.65 -49.50
CA PHE SA 131 97.12 41.83 -48.30
C PHE SA 131 97.11 42.74 -47.08
N GLN SA 132 96.38 42.36 -46.04
CA GLN SA 132 96.29 43.21 -44.87
C GLN SA 132 97.57 43.15 -44.05
N VAL SA 133 97.77 44.18 -43.25
CA VAL SA 133 98.92 44.34 -42.38
C VAL SA 133 98.40 44.25 -40.95
N LEU SA 134 99.21 43.75 -40.03
CA LEU SA 134 98.88 43.91 -38.62
C LEU SA 134 99.71 44.98 -37.93
N ARG SA 135 101.04 44.79 -37.84
CA ARG SA 135 101.92 45.79 -37.24
C ARG SA 135 103.32 45.69 -37.84
N LYS SA 136 104.21 46.55 -37.35
CA LYS SA 136 105.61 46.61 -37.73
C LYS SA 136 106.48 46.58 -36.48
N PHE SA 137 107.79 46.46 -36.68
CA PHE SA 137 108.75 46.55 -35.58
C PHE SA 137 110.01 47.25 -36.08
N HIS SA 138 110.98 47.42 -35.18
CA HIS SA 138 112.26 48.05 -35.48
C HIS SA 138 113.39 47.28 -34.81
N ALA SA 139 114.55 47.29 -35.46
CA ALA SA 139 115.77 46.73 -34.90
C ALA SA 139 116.94 47.41 -35.62
N THR SA 140 117.76 48.14 -34.88
CA THR SA 140 118.81 48.96 -35.44
C THR SA 140 120.17 48.47 -34.97
N VAL SA 141 120.93 47.84 -35.87
CA VAL SA 141 122.25 47.32 -35.54
C VAL SA 141 123.31 48.10 -36.32
N VAL SA 142 123.95 49.05 -35.65
CA VAL SA 142 124.90 49.93 -36.31
C VAL SA 142 126.31 49.68 -35.78
N GLY SA 143 127.10 48.89 -36.50
CA GLY SA 143 128.45 48.61 -36.06
C GLY SA 143 129.50 48.69 -37.16
N GLY SA 144 130.43 49.64 -37.03
CA GLY SA 144 131.48 49.76 -38.03
C GLY SA 144 132.85 49.42 -37.48
N LEU SA 145 133.67 50.44 -37.22
CA LEU SA 145 134.99 50.23 -36.64
C LEU SA 145 135.21 51.25 -35.54
N TYR SA 146 136.24 50.99 -34.73
CA TYR SA 146 136.80 51.84 -33.67
C TYR SA 146 135.85 52.16 -32.52
N CYS SA 147 134.65 51.59 -32.45
CA CYS SA 147 134.06 51.43 -31.13
C CYS SA 147 133.67 49.95 -30.89
N MET SA 148 132.95 49.24 -31.78
CA MET SA 148 131.96 49.70 -32.78
C MET SA 148 130.60 49.64 -32.07
N LYS SA 149 129.91 50.78 -32.00
CA LYS SA 149 128.80 50.85 -31.05
C LYS SA 149 127.45 50.64 -31.74
N GLU SA 150 127.16 49.37 -32.01
CA GLU SA 150 125.93 48.62 -31.73
C GLU SA 150 126.06 47.21 -32.29
N GLN SA 151 125.30 46.29 -31.71
CA GLN SA 151 125.36 44.86 -31.99
C GLN SA 151 124.02 44.22 -31.61
N ALA SA 152 124.07 42.90 -31.36
CA ALA SA 152 122.94 42.01 -31.07
C ALA SA 152 121.93 42.63 -30.11
N LEU SA 153 120.71 42.82 -30.60
CA LEU SA 153 119.62 43.38 -29.80
C LEU SA 153 118.61 42.28 -29.51
N VAL SA 154 117.95 42.36 -28.36
CA VAL SA 154 116.95 41.36 -27.98
C VAL SA 154 115.57 41.98 -28.09
N LYS SA 155 114.65 41.28 -28.75
CA LYS SA 155 113.29 41.76 -28.95
C LYS SA 155 112.30 40.71 -28.48
N ARG SA 156 111.45 41.07 -27.52
CA ARG SA 156 110.33 40.25 -27.11
C ARG SA 156 109.04 41.06 -27.25
N PHE SA 157 107.98 40.41 -27.73
CA PHE SA 157 106.72 41.10 -27.99
C PHE SA 157 105.55 40.13 -27.82
N TYR SA 158 104.66 40.43 -26.87
CA TYR SA 158 103.29 39.93 -26.95
C TYR SA 158 102.57 40.59 -28.12
N ARG SA 159 101.80 39.80 -28.86
CA ARG SA 159 101.08 40.35 -30.03
C ARG SA 159 99.84 39.47 -30.27
N LEU SA 160 98.68 39.98 -29.86
CA LEU SA 160 97.43 39.24 -29.99
C LEU SA 160 96.93 39.30 -31.43
N ASN SA 161 96.37 38.18 -31.90
CA ASN SA 161 95.95 38.04 -33.30
C ASN SA 161 94.66 37.21 -33.33
N HIS SA 162 94.31 36.70 -34.50
CA HIS SA 162 93.00 36.06 -34.70
C HIS SA 162 93.14 34.89 -35.68
N HIS SA 163 92.00 34.45 -36.21
CA HIS SA 163 91.78 33.09 -36.69
C HIS SA 163 92.46 32.82 -38.04
N VAL SA 164 92.71 31.52 -38.28
CA VAL SA 164 93.36 30.99 -39.48
C VAL SA 164 92.60 29.73 -39.89
N THR SA 165 92.42 29.52 -41.19
CA THR SA 165 91.76 28.32 -41.70
C THR SA 165 92.72 27.60 -42.66
N TYR SA 166 92.72 26.26 -42.59
CA TYR SA 166 93.34 25.44 -43.63
C TYR SA 166 92.28 24.89 -44.58
N ASN SA 167 92.68 24.69 -45.83
CA ASN SA 167 91.75 24.20 -46.84
C ASN SA 167 91.58 22.68 -46.73
N HIS SA 168 92.65 21.94 -46.95
CA HIS SA 168 92.55 20.49 -47.01
C HIS SA 168 92.55 19.89 -45.61
N GLN SA 169 92.07 18.64 -45.53
CA GLN SA 169 92.03 17.88 -44.29
C GLN SA 169 93.25 16.99 -44.16
N GLU SA 170 94.35 17.35 -44.81
CA GLU SA 170 95.58 16.58 -44.81
C GLU SA 170 96.37 16.83 -43.53
N ALA SA 171 97.37 15.98 -43.31
CA ALA SA 171 98.42 16.26 -42.32
C ALA SA 171 99.61 16.93 -43.02
N GLY SA 172 99.32 18.02 -43.71
CA GLY SA 172 100.23 18.63 -44.65
C GLY SA 172 100.85 19.93 -44.14
N LYS SA 173 101.76 20.44 -44.97
CA LYS SA 173 102.53 21.64 -44.68
C LYS SA 173 101.78 22.86 -45.21
N TYR SA 174 102.49 23.99 -45.37
CA TYR SA 174 101.93 25.29 -45.73
C TYR SA 174 101.26 25.34 -47.11
N GLU SA 175 101.36 24.29 -47.93
CA GLU SA 175 100.90 24.36 -49.30
C GLU SA 175 99.39 24.35 -49.42
N ASN SA 176 98.68 23.76 -48.47
CA ASN SA 176 97.24 23.56 -48.57
C ASN SA 176 96.43 24.61 -47.80
N HIS SA 177 96.88 25.85 -47.80
CA HIS SA 177 96.20 26.92 -47.09
C HIS SA 177 94.92 27.36 -47.82
N THR SA 178 94.21 28.28 -47.18
CA THR SA 178 93.05 28.98 -47.73
C THR SA 178 93.03 30.37 -47.13
N GLU SA 179 91.85 31.01 -47.12
CA GLU SA 179 91.64 32.35 -46.56
C GLU SA 179 92.18 32.49 -45.14
N ASN SA 180 92.60 33.72 -44.83
CA ASN SA 180 93.12 34.14 -43.52
C ASN SA 180 94.39 33.36 -43.14
N ALA SA 181 95.41 33.54 -43.95
CA ALA SA 181 96.78 33.17 -43.57
C ALA SA 181 97.45 34.37 -42.93
N LEU SA 182 98.62 34.11 -42.32
CA LEU SA 182 99.44 35.17 -41.75
C LEU SA 182 100.88 34.69 -41.70
N LEU SA 183 101.81 35.60 -41.99
CA LEU SA 183 103.21 35.24 -42.12
C LEU SA 183 104.05 36.49 -41.90
N LEU SA 184 105.37 36.33 -42.01
CA LEU SA 184 106.33 37.39 -41.73
C LEU SA 184 107.16 37.74 -42.96
N TYR SA 185 107.57 38.99 -43.01
CA TYR SA 185 108.62 39.44 -43.91
C TYR SA 185 109.62 40.28 -43.12
N MET SA 186 110.90 40.06 -43.39
CA MET SA 186 111.97 40.83 -42.79
C MET SA 186 112.70 41.59 -43.89
N ALA SA 187 113.10 42.83 -43.60
CA ALA SA 187 113.64 43.71 -44.62
C ALA SA 187 114.92 44.37 -44.12
N CYS SA 188 115.95 44.34 -44.96
CA CYS SA 188 117.16 45.10 -44.74
C CYS SA 188 117.13 46.35 -45.63
N THR SA 189 117.87 47.38 -45.21
CA THR SA 189 117.81 48.68 -45.87
C THR SA 189 119.13 49.08 -46.54
N HIS SA 190 120.07 48.16 -46.71
CA HIS SA 190 121.35 48.46 -47.34
C HIS SA 190 121.80 47.28 -48.17
N ALA SA 191 122.68 47.56 -49.14
CA ALA SA 191 123.09 46.58 -50.13
C ALA SA 191 123.94 45.46 -49.54
N SER SA 192 124.67 45.73 -48.45
CA SER SA 192 125.34 44.67 -47.73
C SER SA 192 124.32 43.80 -46.99
N ASN SA 193 124.76 42.61 -46.59
CA ASN SA 193 123.88 41.75 -45.81
C ASN SA 193 124.52 41.40 -44.46
N PRO SA 194 124.51 42.31 -43.47
CA PRO SA 194 125.11 41.96 -42.18
C PRO SA 194 124.18 41.19 -41.27
N VAL SA 195 122.88 41.24 -41.51
CA VAL SA 195 121.88 40.84 -40.53
C VAL SA 195 121.81 39.32 -40.45
N TYR SA 196 122.20 38.78 -39.30
CA TYR SA 196 121.97 37.38 -38.96
C TYR SA 196 120.94 37.32 -37.85
N ALA SA 197 119.67 37.31 -38.25
CA ALA SA 197 118.55 37.39 -37.33
C ALA SA 197 117.96 36.00 -37.10
N THR SA 198 118.07 35.53 -35.86
CA THR SA 198 117.49 34.25 -35.47
C THR SA 198 116.38 34.53 -34.47
N LEU SA 199 115.19 34.00 -34.74
CA LEU SA 199 114.00 34.37 -34.01
C LEU SA 199 113.27 33.13 -33.53
N LYS SA 200 112.82 33.17 -32.28
CA LYS SA 200 111.97 32.15 -31.71
C LYS SA 200 110.54 32.67 -31.66
N ILE SA 201 109.63 31.98 -32.36
CA ILE SA 201 108.29 32.49 -32.62
C ILE SA 201 107.30 31.49 -32.02
N ARG SA 202 106.80 31.79 -30.83
CA ARG SA 202 105.76 30.96 -30.22
C ARG SA 202 104.38 31.39 -30.69
N ILE SA 203 103.61 30.43 -31.17
CA ILE SA 203 102.17 30.59 -31.35
C ILE SA 203 101.49 29.59 -30.44
N TYR SA 204 100.73 30.08 -29.47
CA TYR SA 204 99.86 29.23 -28.67
C TYR SA 204 98.42 29.65 -28.88
N PHE SA 205 97.54 28.66 -29.06
CA PHE SA 205 96.20 28.90 -29.56
C PHE SA 205 95.23 27.83 -29.05
N PRO TA 16 81.42 55.97 -39.68
CA PRO TA 16 81.94 56.07 -38.32
C PRO TA 16 83.30 56.73 -38.24
N ASP TA 17 83.86 57.14 -39.38
CA ASP TA 17 85.20 57.71 -39.44
C ASP TA 17 85.20 59.12 -40.00
N ILE TA 18 84.44 59.39 -41.04
CA ILE TA 18 84.52 60.62 -41.82
C ILE TA 18 83.39 61.59 -41.50
N PRO TA 19 83.64 62.90 -41.52
CA PRO TA 19 82.56 63.87 -41.30
C PRO TA 19 81.96 64.46 -42.56
N ARG TA 20 82.40 64.07 -43.75
CA ARG TA 20 82.02 64.78 -44.97
C ARG TA 20 81.09 64.00 -45.88
N GLY TA 21 81.49 62.81 -46.33
CA GLY TA 21 80.74 62.06 -47.31
C GLY TA 21 81.12 60.60 -47.35
N CYS TA 22 80.17 59.75 -47.75
CA CYS TA 22 80.27 58.30 -47.63
C CYS TA 22 81.12 57.65 -48.71
N GLU TA 23 81.95 58.42 -49.41
CA GLU TA 23 82.96 57.84 -50.29
C GLU TA 23 83.98 57.05 -49.49
N GLY TA 24 84.65 56.13 -50.18
CA GLY TA 24 85.75 55.40 -49.59
C GLY TA 24 86.91 56.33 -49.30
N PRO TA 25 87.58 56.13 -48.15
CA PRO TA 25 88.74 56.98 -47.83
C PRO TA 25 89.92 56.66 -48.71
N CYS TA 26 89.91 57.21 -49.92
CA CYS TA 26 90.85 56.82 -50.96
C CYS TA 26 92.23 57.39 -50.70
N LYS TA 27 93.25 56.57 -50.93
CA LYS TA 27 94.63 56.97 -50.69
C LYS TA 27 95.21 57.64 -51.93
N VAL TA 28 95.86 58.77 -51.73
CA VAL TA 28 96.67 59.42 -52.75
C VAL TA 28 98.04 59.67 -52.12
N GLN TA 29 99.02 58.87 -52.51
CA GLN TA 29 100.32 58.87 -51.86
C GLN TA 29 101.34 59.64 -52.68
N SER TA 30 101.94 60.64 -52.06
CA SER TA 30 102.98 61.44 -52.70
C SER TA 30 104.31 60.89 -52.21
N PHE TA 31 104.75 59.81 -52.84
CA PHE TA 31 106.10 59.32 -52.56
C PHE TA 31 107.13 60.24 -53.18
N GLU TA 32 108.22 60.45 -52.46
CA GLU TA 32 109.37 61.13 -53.01
C GLU TA 32 110.60 60.25 -52.85
N GLN TA 33 111.49 60.33 -53.84
CA GLN TA 33 112.86 59.83 -53.72
C GLN TA 33 113.70 61.05 -54.04
N ARG TA 34 113.90 61.89 -53.03
CA ARG TA 34 114.45 63.23 -53.22
C ARG TA 34 115.48 63.55 -52.16
N ASP TA 35 115.86 64.82 -52.09
CA ASP TA 35 116.70 65.35 -51.04
C ASP TA 35 116.29 66.80 -50.82
N ASP TA 36 117.13 67.57 -50.15
CA ASP TA 36 116.88 68.99 -49.98
C ASP TA 36 118.20 69.73 -50.10
N VAL TA 37 118.14 71.03 -49.84
CA VAL TA 37 119.33 71.85 -49.64
C VAL TA 37 119.21 72.41 -48.23
N LYS TA 38 120.13 73.30 -47.84
CA LYS TA 38 120.02 73.93 -46.52
C LYS TA 38 118.79 74.81 -46.42
N HIS TA 39 118.47 75.54 -47.49
CA HIS TA 39 117.41 76.54 -47.41
C HIS TA 39 116.03 75.89 -47.47
N LEU TA 40 115.81 74.98 -48.43
CA LEU TA 40 114.45 74.56 -48.68
C LEU TA 40 114.39 73.15 -49.26
N GLY TA 41 113.41 72.39 -48.78
CA GLY TA 41 112.90 71.27 -49.53
C GLY TA 41 111.40 71.46 -49.65
N ILE TA 42 110.91 71.71 -50.85
CA ILE TA 42 109.53 72.12 -51.05
C ILE TA 42 108.73 70.96 -51.62
N CYS TA 43 107.56 70.73 -51.02
CA CYS TA 43 106.69 69.63 -51.42
C CYS TA 43 105.25 70.07 -51.24
N LYS TA 44 104.59 70.48 -52.33
CA LYS TA 44 103.13 70.53 -52.32
C LYS TA 44 102.60 69.10 -52.36
N VAL TA 45 101.94 68.72 -51.26
CA VAL TA 45 101.58 67.32 -51.09
C VAL TA 45 100.28 67.01 -51.83
N ILE TA 46 99.51 68.03 -52.17
CA ILE TA 46 98.21 67.87 -52.80
C ILE TA 46 98.30 68.07 -54.31
N SER TA 47 99.49 67.88 -54.87
CA SER TA 47 99.80 68.37 -56.22
C SER TA 47 99.15 67.50 -57.30
N ASP TA 48 99.46 66.22 -57.32
CA ASP TA 48 99.08 65.34 -58.43
C ASP TA 48 97.65 64.81 -58.32
N VAL TA 49 96.76 65.46 -57.56
CA VAL TA 49 95.40 64.97 -57.37
C VAL TA 49 94.55 65.60 -58.46
N THR TA 50 94.26 64.84 -59.52
CA THR TA 50 93.46 65.27 -60.64
C THR TA 50 92.10 64.58 -60.61
N ARG TA 51 91.17 65.07 -61.42
CA ARG TA 51 89.86 64.45 -61.52
C ARG TA 51 89.96 63.16 -62.32
N GLY TA 52 89.39 62.09 -61.76
CA GLY TA 52 89.38 60.80 -62.40
C GLY TA 52 88.59 59.79 -61.62
N PRO TA 53 88.27 58.64 -62.25
CA PRO TA 53 87.48 57.62 -61.55
C PRO TA 53 88.28 56.80 -60.55
N GLY TA 54 89.61 56.75 -60.67
CA GLY TA 54 90.41 55.93 -59.80
C GLY TA 54 90.52 56.50 -58.40
N LEU TA 55 91.06 55.67 -57.49
CA LEU TA 55 91.22 56.09 -56.10
C LEU TA 55 92.46 56.94 -55.88
N THR TA 56 93.32 57.08 -56.88
CA THR TA 56 94.40 58.06 -56.87
C THR TA 56 93.95 59.40 -57.46
N HIS TA 57 92.66 59.70 -57.40
CA HIS TA 57 92.07 60.85 -58.08
C HIS TA 57 91.06 61.48 -57.13
N ARG TA 58 90.22 62.37 -57.68
CA ARG TA 58 89.29 63.14 -56.88
C ARG TA 58 87.97 63.30 -57.60
N VAL TA 59 86.92 63.57 -56.82
CA VAL TA 59 85.59 63.85 -57.34
C VAL TA 59 85.23 65.26 -56.92
N GLY TA 60 85.15 66.17 -57.90
CA GLY TA 60 84.84 67.56 -57.63
C GLY TA 60 86.05 68.38 -57.28
N LYS TA 61 85.89 69.33 -56.35
CA LYS TA 61 86.98 70.20 -55.95
C LYS TA 61 87.00 70.46 -54.45
N ARG TA 62 86.40 69.56 -53.67
CA ARG TA 62 86.32 69.71 -52.23
C ARG TA 62 86.97 68.51 -51.55
N PHE TA 63 87.91 68.79 -50.64
CA PHE TA 63 88.59 67.76 -49.86
C PHE TA 63 88.28 67.95 -48.38
N CYS TA 64 88.40 66.85 -47.64
CA CYS TA 64 88.56 66.88 -46.19
C CYS TA 64 89.61 65.82 -45.87
N ILE TA 65 90.87 66.25 -45.79
CA ILE TA 65 91.97 65.33 -45.49
C ILE TA 65 91.82 64.81 -44.08
N LYS TA 66 91.61 63.49 -43.95
CA LYS TA 66 91.47 62.89 -42.64
C LYS TA 66 92.80 62.86 -41.90
N SER TA 67 93.83 62.31 -42.52
CA SER TA 67 95.13 62.26 -41.88
C SER TA 67 96.23 62.19 -42.91
N ILE TA 68 97.36 62.81 -42.58
CA ILE TA 68 98.61 62.65 -43.32
C ILE TA 68 99.47 61.65 -42.55
N TYR TA 69 99.88 60.59 -43.23
CA TYR TA 69 100.70 59.53 -42.64
C TYR TA 69 102.08 59.60 -43.27
N ILE TA 70 103.04 60.11 -42.52
CA ILE TA 70 104.38 60.38 -43.03
C ILE TA 70 105.28 59.21 -42.65
N LEU TA 71 105.65 58.42 -43.66
CA LEU TA 71 106.79 57.52 -43.56
C LEU TA 71 108.03 58.22 -44.09
N GLY TA 72 109.19 57.65 -43.80
CA GLY TA 72 110.40 58.22 -44.33
C GLY TA 72 111.68 57.76 -43.66
N LYS TA 73 112.71 57.56 -44.46
CA LYS TA 73 114.05 57.27 -43.97
C LYS TA 73 114.98 58.38 -44.40
N ILE TA 74 115.69 58.96 -43.42
CA ILE TA 74 116.49 60.16 -43.61
C ILE TA 74 117.93 59.77 -43.34
N TRP TA 75 118.74 59.69 -44.40
CA TRP TA 75 120.10 59.22 -44.24
C TRP TA 75 121.10 60.22 -44.81
N LEU TA 76 122.37 59.87 -44.65
CA LEU TA 76 123.49 60.49 -45.34
C LEU TA 76 124.50 59.45 -45.81
N ASP TA 77 124.06 58.21 -46.06
CA ASP TA 77 124.95 57.06 -46.17
C ASP TA 77 125.56 56.93 -47.57
N GLU TA 78 125.58 58.03 -48.34
CA GLU TA 78 126.47 58.14 -49.48
C GLU TA 78 127.92 58.11 -48.99
N THR TA 79 128.84 57.70 -49.86
CA THR TA 79 130.25 57.54 -49.47
C THR TA 79 130.96 58.86 -49.18
N ILE TA 80 130.29 59.99 -49.39
CA ILE TA 80 130.82 61.32 -49.13
C ILE TA 80 129.93 61.85 -48.01
N LYS TA 81 130.16 63.11 -47.58
CA LYS TA 81 129.44 63.81 -46.52
C LYS TA 81 129.63 63.16 -45.15
N LYS TA 82 130.83 62.61 -44.93
CA LYS TA 82 131.30 62.33 -43.58
C LYS TA 82 132.02 63.50 -42.94
N GLN TA 83 132.66 64.36 -43.73
CA GLN TA 83 133.13 65.66 -43.24
C GLN TA 83 131.98 66.67 -43.28
N ASN TA 84 132.20 67.80 -42.61
CA ASN TA 84 131.24 68.89 -42.42
C ASN TA 84 129.94 68.35 -41.82
N HIS TA 85 130.09 67.47 -40.83
CA HIS TA 85 129.02 66.59 -40.39
C HIS TA 85 128.20 67.15 -39.23
N THR TA 86 127.40 66.28 -38.61
CA THR TA 86 126.46 66.56 -37.52
C THR TA 86 125.39 67.57 -37.88
N ASN TA 87 124.50 67.23 -38.82
CA ASN TA 87 123.36 68.07 -39.18
C ASN TA 87 122.08 67.38 -38.72
N ASN TA 88 121.02 68.16 -38.54
CA ASN TA 88 119.72 67.63 -38.17
C ASN TA 88 118.63 68.23 -39.05
N VAL TA 89 117.47 67.56 -39.07
CA VAL TA 89 116.38 67.90 -39.97
C VAL TA 89 115.19 68.35 -39.12
N ILE TA 90 114.65 69.52 -39.42
CA ILE TA 90 113.44 70.01 -38.79
C ILE TA 90 112.35 70.02 -39.85
N PHE TA 91 111.24 69.32 -39.58
CA PHE TA 91 110.15 69.29 -40.54
C PHE TA 91 109.13 70.37 -40.22
N TYR TA 92 108.43 70.81 -41.26
CA TYR TA 92 107.42 71.86 -41.15
C TYR TA 92 106.20 71.46 -41.97
N LEU TA 93 105.06 71.33 -41.31
CA LEU TA 93 103.81 70.98 -41.98
C LEU TA 93 102.86 72.16 -41.76
N LEU TA 94 102.65 72.96 -42.78
CA LEU TA 94 101.99 74.26 -42.66
C LEU TA 94 100.58 74.20 -43.22
N ARG TA 95 99.66 74.89 -42.57
CA ARG TA 95 98.33 75.12 -43.14
C ARG TA 95 98.37 76.43 -43.92
N ASP TA 96 98.32 76.35 -45.25
CA ASP TA 96 98.41 77.51 -46.10
C ASP TA 96 97.04 78.15 -46.26
N ARG TA 97 97.04 79.46 -46.51
CA ARG TA 97 95.80 80.22 -46.64
C ARG TA 97 95.46 80.61 -48.08
N ARG TA 98 96.43 80.78 -48.97
CA ARG TA 98 96.18 81.22 -50.34
C ARG TA 98 97.34 80.74 -51.21
N PRO TA 99 97.07 80.41 -52.47
CA PRO TA 99 98.17 80.05 -53.39
C PRO TA 99 98.62 81.22 -54.25
N TYR TA 100 99.78 81.08 -54.89
CA TYR TA 100 100.19 81.93 -56.00
C TYR TA 100 100.85 81.04 -57.04
N GLY TA 101 100.03 80.46 -57.94
CA GLY TA 101 100.52 79.60 -58.99
C GLY TA 101 101.24 78.37 -58.50
N ASN TA 102 102.56 78.38 -58.64
CA ASN TA 102 103.43 77.33 -58.11
C ASN TA 102 103.68 77.55 -56.62
N ALA TA 103 104.65 76.83 -56.07
CA ALA TA 103 104.97 76.95 -54.66
C ALA TA 103 105.76 78.24 -54.41
N PRO TA 104 105.49 78.93 -53.30
CA PRO TA 104 106.24 80.16 -53.00
C PRO TA 104 107.62 79.87 -52.43
N GLN TA 105 108.32 80.92 -52.01
CA GLN TA 105 109.64 80.78 -51.42
C GLN TA 105 109.54 80.14 -50.03
N ASP TA 106 110.68 79.75 -49.49
CA ASP TA 106 110.78 79.35 -48.10
C ASP TA 106 111.47 80.41 -47.24
N PHE TA 107 112.72 80.73 -47.57
CA PHE TA 107 113.50 81.64 -46.75
C PHE TA 107 112.99 83.08 -46.85
N GLY TA 108 112.36 83.42 -47.97
CA GLY TA 108 111.66 84.67 -48.08
C GLY TA 108 110.24 84.67 -47.59
N GLN TA 109 109.76 83.53 -47.07
CA GLN TA 109 108.41 83.41 -46.55
C GLN TA 109 108.40 83.18 -45.05
N ILE TA 110 109.06 82.14 -44.55
CA ILE TA 110 109.28 82.05 -43.11
C ILE TA 110 110.39 83.02 -42.72
N PHE TA 111 110.42 83.35 -41.42
CA PHE TA 111 111.01 84.62 -41.03
C PHE TA 111 112.53 84.58 -40.97
N ASN TA 112 113.11 83.76 -40.10
CA ASN TA 112 114.52 83.92 -39.78
C ASN TA 112 115.25 82.61 -40.12
N MET TA 113 116.53 82.55 -39.76
CA MET TA 113 117.42 81.48 -40.20
C MET TA 113 117.19 80.20 -39.37
N PHE TA 114 116.33 79.35 -39.90
CA PHE TA 114 116.24 77.90 -39.72
C PHE TA 114 115.70 77.48 -38.36
N ASP TA 115 115.49 78.41 -37.42
CA ASP TA 115 114.76 78.18 -36.18
C ASP TA 115 113.79 79.35 -36.02
N ASN TA 116 112.59 79.20 -36.58
CA ASN TA 116 111.75 80.37 -36.78
C ASN TA 116 110.27 79.97 -36.86
N GLU TA 117 109.48 80.94 -37.29
CA GLU TA 117 108.04 80.90 -37.50
C GLU TA 117 107.80 81.62 -38.83
N PRO TA 118 106.58 81.61 -39.38
CA PRO TA 118 106.29 82.50 -40.52
C PRO TA 118 106.37 83.97 -40.12
N SER TA 119 106.57 84.81 -41.13
CA SER TA 119 106.77 86.23 -40.91
C SER TA 119 105.47 86.90 -40.45
N THR TA 120 105.63 88.11 -39.90
CA THR TA 120 104.49 88.86 -39.37
C THR TA 120 103.56 89.34 -40.46
N ALA TA 121 104.07 89.54 -41.68
CA ALA TA 121 103.25 89.98 -42.79
C ALA TA 121 102.65 88.82 -43.59
N THR TA 122 102.83 87.59 -43.14
CA THR TA 122 102.43 86.42 -43.90
C THR TA 122 101.32 85.61 -43.23
N ILE TA 123 100.94 85.96 -42.00
CA ILE TA 123 99.95 85.18 -41.27
C ILE TA 123 98.54 85.40 -41.84
N PHE TA 131 101.30 82.44 -43.02
CA PHE TA 131 100.58 81.20 -43.25
C PHE TA 131 100.54 80.41 -41.94
N GLN TA 132 99.47 79.66 -41.72
CA GLN TA 132 99.34 78.94 -40.47
C GLN TA 132 100.26 77.71 -40.46
N VAL TA 133 100.56 77.26 -39.26
CA VAL TA 133 101.42 76.11 -38.99
C VAL TA 133 100.54 75.04 -38.39
N LEU TA 134 100.86 73.76 -38.64
CA LEU TA 134 100.22 72.71 -37.86
C LEU TA 134 101.15 72.12 -36.79
N ARG TA 135 102.25 71.50 -37.19
CA ARG TA 135 103.22 70.94 -36.24
C ARG TA 135 104.61 70.91 -36.86
N LYS TA 136 105.57 70.42 -36.06
CA LYS TA 136 106.96 70.26 -36.45
C LYS TA 136 107.39 68.82 -36.14
N PHE TA 137 108.60 68.47 -36.59
CA PHE TA 137 109.20 67.18 -36.27
C PHE TA 137 110.71 67.35 -36.11
N HIS TA 138 111.39 66.26 -35.78
CA HIS TA 138 112.83 66.25 -35.61
C HIS TA 138 113.42 65.01 -36.25
N ALA TA 139 114.66 65.15 -36.73
CA ALA TA 139 115.43 64.02 -37.25
C ALA TA 139 116.90 64.42 -37.17
N THR TA 140 117.69 63.69 -36.39
CA THR TA 140 119.07 64.05 -36.09
C THR TA 140 120.00 62.98 -36.61
N VAL TA 141 120.73 63.28 -37.68
CA VAL TA 141 121.67 62.34 -38.28
C VAL TA 141 123.09 62.87 -38.11
N VAL TA 142 123.81 62.34 -37.12
CA VAL TA 142 125.13 62.84 -36.80
C VAL TA 142 126.19 61.77 -37.08
N GLY TA 143 126.83 61.87 -38.25
CA GLY TA 143 127.85 60.89 -38.59
C GLY TA 143 129.11 61.47 -39.17
N GLY TA 144 130.23 61.31 -38.46
CA GLY TA 144 131.50 61.83 -38.97
C GLY TA 144 132.48 60.73 -39.32
N LEU TA 145 133.47 60.51 -38.48
CA LEU TA 145 134.46 59.45 -38.69
C LEU TA 145 134.68 58.71 -37.38
N TYR TA 146 135.31 57.55 -37.50
CA TYR TA 146 135.81 56.68 -36.43
C TYR TA 146 134.75 56.12 -35.50
N CYS TA 147 133.45 56.34 -35.72
CA CYS TA 147 132.51 55.34 -35.23
C CYS TA 147 131.60 54.82 -36.36
N MET TA 148 130.96 55.65 -37.21
CA MET TA 148 130.49 57.03 -37.01
C MET TA 148 129.04 56.91 -36.50
N LYS TA 149 128.76 57.46 -35.32
CA LYS TA 149 127.53 57.06 -34.65
C LYS TA 149 126.43 58.09 -34.84
N GLU TA 150 125.82 58.06 -36.03
CA GLU TA 150 124.39 58.03 -36.33
C GLU TA 150 124.21 58.04 -37.85
N GLN TA 151 123.06 57.53 -38.29
CA GLN TA 151 122.72 57.32 -39.69
C GLN TA 151 121.20 57.30 -39.83
N ALA TA 152 120.74 56.65 -40.92
CA ALA TA 152 119.35 56.54 -41.37
C ALA TA 152 118.37 56.27 -40.24
N LEU TA 153 117.46 57.21 -40.01
CA LEU TA 153 116.44 57.08 -38.98
C LEU TA 153 115.08 56.87 -39.64
N VAL TA 154 114.20 56.13 -38.97
CA VAL TA 154 112.88 55.87 -39.51
C VAL TA 154 111.85 56.67 -38.72
N LYS TA 155 110.97 57.38 -39.43
CA LYS TA 155 109.95 58.20 -38.80
C LYS TA 155 108.58 57.85 -39.36
N ARG TA 156 107.67 57.42 -38.48
CA ARG TA 156 106.26 57.23 -38.82
C ARG TA 156 105.41 58.08 -37.90
N PHE TA 157 104.37 58.70 -38.45
CA PHE TA 157 103.51 59.62 -37.69
C PHE TA 157 102.10 59.60 -38.25
N TYR TA 158 101.14 59.20 -37.42
CA TYR TA 158 99.75 59.62 -37.63
C TYR TA 158 99.64 61.12 -37.36
N ARG TA 159 98.87 61.82 -38.21
CA ARG TA 159 98.73 63.27 -38.05
C ARG TA 159 97.39 63.67 -38.67
N LEU TA 160 96.39 63.90 -37.82
CA LEU TA 160 95.05 64.26 -38.28
C LEU TA 160 95.00 65.72 -38.71
N ASN TA 161 94.27 66.00 -39.78
CA ASN TA 161 94.22 67.33 -40.38
C ASN TA 161 92.79 67.58 -40.87
N HIS TA 162 92.62 68.59 -41.73
CA HIS TA 162 91.28 69.04 -42.11
C HIS TA 162 91.29 69.50 -43.57
N HIS TA 163 90.26 70.24 -43.96
CA HIS TA 163 89.75 70.33 -45.33
C HIS TA 163 90.63 71.17 -46.25
N VAL TA 164 90.51 70.89 -47.54
CA VAL TA 164 91.25 71.53 -48.64
C VAL TA 164 90.26 71.78 -49.78
N THR TA 165 90.38 72.92 -50.46
CA THR TA 165 89.54 73.24 -51.60
C THR TA 165 90.42 73.50 -52.83
N TYR TA 166 89.97 73.03 -53.99
CA TYR TA 166 90.55 73.44 -55.27
C TYR TA 166 89.66 74.49 -55.93
N ASN TA 167 90.30 75.39 -56.70
CA ASN TA 167 89.57 76.46 -57.36
C ASN TA 167 88.89 75.96 -58.62
N HIS TA 168 89.68 75.52 -59.60
CA HIS TA 168 89.14 75.16 -60.90
C HIS TA 168 88.56 73.75 -60.87
N GLN TA 169 87.71 73.48 -61.85
CA GLN TA 169 87.08 72.16 -62.03
C GLN TA 169 87.86 71.31 -63.02
N GLU TA 170 89.15 71.59 -63.17
CA GLU TA 170 90.02 70.90 -64.11
C GLU TA 170 90.47 69.57 -63.53
N ALA TA 171 91.04 68.74 -64.40
CA ALA TA 171 91.82 67.57 -63.97
C ALA TA 171 93.30 67.94 -63.88
N GLY TA 172 93.57 68.99 -63.13
CA GLY TA 172 94.86 69.65 -63.14
C GLY TA 172 95.71 69.39 -61.91
N LYS TA 173 96.91 69.93 -61.97
CA LYS TA 173 97.92 69.76 -60.93
C LYS TA 173 97.79 70.89 -59.91
N TYR TA 174 98.83 71.10 -59.10
CA TYR TA 174 98.85 72.04 -57.98
C TYR TA 174 98.64 73.51 -58.35
N GLU TA 175 98.61 73.86 -59.63
CA GLU TA 175 98.59 75.27 -60.03
C GLU TA 175 97.24 75.93 -59.78
N ASN TA 176 96.15 75.17 -59.78
CA ASN TA 176 94.80 75.73 -59.72
C ASN TA 176 94.20 75.68 -58.32
N HIS TA 177 95.02 75.91 -57.28
CA HIS TA 177 94.55 75.87 -55.91
C HIS TA 177 93.73 77.11 -55.56
N THR TA 178 93.22 77.11 -54.33
CA THR TA 178 92.53 78.24 -53.70
C THR TA 178 92.82 78.15 -52.21
N GLU TA 179 91.95 78.78 -51.40
CA GLU TA 179 92.04 78.78 -49.94
C GLU TA 179 92.19 77.38 -49.35
N ASN TA 180 92.88 77.33 -48.21
CA ASN TA 180 93.14 76.13 -47.40
C ASN TA 180 93.93 75.08 -48.20
N ALA TA 181 95.16 75.46 -48.57
CA ALA TA 181 96.16 74.52 -49.02
C ALA TA 181 97.00 74.06 -47.83
N LEU TA 182 97.80 73.03 -48.05
CA LEU TA 182 98.73 72.54 -47.04
C LEU TA 182 99.87 71.81 -47.74
N LEU TA 183 101.08 71.99 -47.23
CA LEU TA 183 102.28 71.48 -47.88
C LEU TA 183 103.39 71.36 -46.85
N LEU TA 184 104.56 70.91 -47.30
CA LEU TA 184 105.69 70.64 -46.43
C LEU TA 184 106.89 71.50 -46.79
N TYR TA 185 107.69 71.79 -45.76
CA TYR TA 185 109.03 72.33 -45.93
C TYR TA 185 109.98 71.51 -45.08
N MET TA 186 111.15 71.21 -45.63
CA MET TA 186 112.21 70.52 -44.91
C MET TA 186 113.41 71.45 -44.83
N ALA TA 187 114.10 71.43 -43.69
CA ALA TA 187 115.16 72.39 -43.41
C ALA TA 187 116.39 71.68 -42.88
N CYS TA 188 117.54 72.01 -43.46
CA CYS TA 188 118.83 71.61 -42.93
C CYS TA 188 119.46 72.78 -42.18
N THR TA 189 120.35 72.45 -41.23
CA THR TA 189 120.89 73.45 -40.33
C THR TA 189 122.40 73.67 -40.50
N HIS TA 190 123.00 73.18 -41.59
CA HIS TA 190 124.42 73.35 -41.82
C HIS TA 190 124.68 73.55 -43.30
N ALA TA 191 125.83 74.16 -43.61
CA ALA TA 191 126.15 74.56 -44.97
C ALA TA 191 126.39 73.39 -45.90
N SER TA 192 126.83 72.25 -45.38
CA SER TA 192 126.90 71.03 -46.17
C SER TA 192 125.49 70.50 -46.44
N ASN TA 193 125.40 69.62 -47.42
CA ASN TA 193 124.11 69.00 -47.70
C ASN TA 193 124.22 67.48 -47.61
N PRO TA 194 124.23 66.89 -46.41
CA PRO TA 194 124.31 65.42 -46.31
C PRO TA 194 122.97 64.74 -46.46
N VAL TA 195 121.88 65.45 -46.24
CA VAL TA 195 120.57 64.85 -46.00
C VAL TA 195 119.99 64.33 -47.32
N TYR TA 196 119.85 63.02 -47.42
CA TYR TA 196 119.10 62.37 -48.49
C TYR TA 196 117.84 61.76 -47.89
N ALA TA 197 116.80 62.59 -47.80
CA ALA TA 197 115.56 62.23 -47.13
C ALA TA 197 114.52 61.82 -48.16
N THR TA 198 114.13 60.55 -48.12
CA THR TA 198 113.07 60.03 -48.97
C THR TA 198 111.88 59.64 -48.10
N LEU TA 199 110.71 60.18 -48.44
CA LEU TA 199 109.55 60.09 -47.57
C LEU TA 199 108.36 59.56 -48.36
N LYS TA 200 107.63 58.65 -47.72
CA LYS TA 200 106.36 58.15 -48.24
C LYS TA 200 105.23 58.81 -47.47
N ILE TA 201 104.37 59.54 -48.18
CA ILE TA 201 103.40 60.41 -47.55
C ILE TA 201 102.02 59.96 -48.00
N ARG TA 202 101.32 59.20 -47.16
CA ARG TA 202 99.95 58.79 -47.45
C ARG TA 202 98.98 59.86 -46.97
N ILE TA 203 98.09 60.27 -47.88
CA ILE TA 203 96.89 61.01 -47.50
C ILE TA 203 95.70 60.16 -47.90
N TYR TA 204 94.91 59.74 -46.92
CA TYR TA 204 93.63 59.11 -47.19
C TYR TA 204 92.52 59.97 -46.60
N PHE TA 205 91.46 60.14 -47.39
CA PHE TA 205 90.45 61.15 -47.10
C PHE TA 205 89.09 60.74 -47.66
N PRO UA 16 100.39 76.11 5.83
CA PRO UA 16 99.92 75.17 4.81
C PRO UA 16 101.01 74.20 4.34
N ASP UA 17 102.22 74.34 4.89
CA ASP UA 17 103.36 73.55 4.45
C ASP UA 17 103.95 72.71 5.59
N ILE UA 18 104.07 73.27 6.78
CA ILE UA 18 104.84 72.66 7.87
C ILE UA 18 103.94 72.04 8.93
N PRO UA 19 104.35 70.93 9.55
CA PRO UA 19 103.55 70.33 10.62
C PRO UA 19 103.99 70.71 12.03
N ARG UA 20 105.02 71.53 12.21
CA ARG UA 20 105.62 71.71 13.52
C ARG UA 20 105.37 73.09 14.14
N GLY UA 21 105.76 74.17 13.46
CA GLY UA 21 105.69 75.49 14.03
C GLY UA 21 105.78 76.57 12.97
N CYS UA 22 105.17 77.72 13.28
CA CYS UA 22 104.93 78.79 12.31
C CYS UA 22 106.16 79.66 12.03
N GLU UA 23 107.36 79.19 12.37
CA GLU UA 23 108.58 79.84 11.93
C GLU UA 23 108.72 79.76 10.42
N GLY UA 24 109.51 80.67 9.87
CA GLY UA 24 109.85 80.64 8.47
C GLY UA 24 110.70 79.43 8.15
N PRO UA 25 110.44 78.79 7.00
CA PRO UA 25 111.25 77.62 6.62
C PRO UA 25 112.66 78.01 6.23
N CYS UA 26 113.50 78.23 7.24
CA CYS UA 26 114.80 78.83 7.04
C CYS UA 26 115.77 77.84 6.40
N LYS UA 27 116.56 78.34 5.45
CA LYS UA 27 117.52 77.52 4.72
C LYS UA 27 118.85 77.49 5.46
N VAL UA 28 119.40 76.29 5.62
CA VAL UA 28 120.77 76.09 6.08
C VAL UA 28 121.43 75.18 5.06
N GLN UA 29 122.30 75.75 4.23
CA GLN UA 29 122.86 75.04 3.10
C GLN UA 29 124.28 74.58 3.41
N SER UA 30 124.52 73.29 3.19
CA SER UA 30 125.84 72.68 3.38
C SER UA 30 126.44 72.50 2.00
N PHE UA 31 127.00 73.58 1.46
CA PHE UA 31 127.75 73.47 0.22
C PHE UA 31 129.06 72.75 0.49
N GLU UA 32 129.45 71.90 -0.46
CA GLU UA 32 130.78 71.32 -0.47
C GLU UA 32 131.45 71.61 -1.80
N GLN UA 33 132.76 71.80 -1.73
CA GLN UA 33 133.63 71.77 -2.90
C GLN UA 33 134.66 70.71 -2.54
N ARG UA 34 134.29 69.45 -2.75
CA ARG UA 34 135.03 68.32 -2.22
C ARG UA 34 135.17 67.21 -3.25
N ASP UA 35 135.62 66.06 -2.80
CA ASP UA 35 135.64 64.84 -3.59
C ASP UA 35 135.41 63.67 -2.65
N ASP UA 36 135.73 62.47 -3.10
CA ASP UA 36 135.66 61.31 -2.24
C ASP UA 36 136.84 60.40 -2.54
N VAL UA 37 136.82 59.22 -1.92
CA VAL UA 37 137.71 58.12 -2.27
C VAL UA 37 136.80 56.97 -2.68
N LYS UA 38 137.37 55.81 -2.96
CA LYS UA 38 136.54 54.65 -3.27
C LYS UA 38 135.70 54.22 -2.09
N HIS UA 39 136.25 54.27 -0.88
CA HIS UA 39 135.56 53.73 0.27
C HIS UA 39 134.47 54.66 0.78
N LEU UA 40 134.79 55.95 0.92
CA LEU UA 40 133.87 56.80 1.66
C LEU UA 40 133.97 58.25 1.22
N GLY UA 41 132.82 58.89 1.11
CA GLY UA 41 132.73 60.33 1.20
C GLY UA 41 131.72 60.66 2.27
N ILE UA 42 132.17 61.21 3.40
CA ILE UA 42 131.34 61.37 4.57
C ILE UA 42 130.91 62.83 4.70
N CYS UA 43 129.62 63.02 4.94
CA CYS UA 43 129.05 64.37 5.07
C CYS UA 43 127.93 64.32 6.09
N LYS UA 44 128.21 64.74 7.32
CA LYS UA 44 127.11 65.09 8.23
C LYS UA 44 126.51 66.41 7.76
N VAL UA 45 125.26 66.34 7.32
CA VAL UA 45 124.65 67.48 6.65
C VAL UA 45 124.12 68.48 7.67
N ILE UA 46 123.92 68.05 8.91
CA ILE UA 46 123.32 68.87 9.95
C ILE UA 46 124.40 69.45 10.86
N SER UA 47 125.63 69.57 10.35
CA SER UA 47 126.80 69.79 11.19
C SER UA 47 126.88 71.22 11.72
N ASP UA 48 126.92 72.19 10.81
CA ASP UA 48 127.21 73.58 11.16
C ASP UA 48 125.99 74.34 11.67
N VAL UA 49 124.94 73.67 12.14
CA VAL UA 49 123.73 74.35 12.57
C VAL UA 49 123.89 74.64 14.06
N THR UA 50 124.23 75.88 14.39
CA THR UA 50 124.43 76.34 15.75
C THR UA 50 123.28 77.27 16.16
N ARG UA 51 123.19 77.53 17.46
CA ARG UA 51 122.17 78.46 17.95
C ARG UA 51 122.56 79.89 17.61
N GLY UA 52 121.60 80.63 17.03
CA GLY UA 52 121.83 82.01 16.68
C GLY UA 52 120.56 82.64 16.13
N PRO UA 53 120.55 83.98 16.03
CA PRO UA 53 119.35 84.66 15.53
C PRO UA 53 119.18 84.60 14.02
N GLY UA 54 120.24 84.32 13.27
CA GLY UA 54 120.15 84.31 11.82
C GLY UA 54 119.42 83.10 11.29
N LEU UA 55 119.11 83.15 9.99
CA LEU UA 55 118.40 82.05 9.34
C LEU UA 55 119.32 80.90 8.96
N THR UA 56 120.64 81.07 9.09
CA THR UA 56 121.58 79.95 8.99
C THR UA 56 121.84 79.32 10.35
N HIS UA 57 120.87 79.39 11.26
CA HIS UA 57 121.04 78.98 12.64
C HIS UA 57 119.78 78.26 13.08
N ARG UA 58 119.65 78.06 14.39
CA ARG UA 58 118.55 77.27 14.94
C ARG UA 58 118.05 77.90 16.23
N VAL UA 59 116.81 77.56 16.57
CA VAL UA 59 116.18 77.97 17.82
C VAL UA 59 115.87 76.70 18.62
N GLY UA 60 116.57 76.51 19.72
CA GLY UA 60 116.39 75.33 20.55
C GLY UA 60 117.19 74.14 20.08
N LYS UA 61 116.62 72.94 20.20
CA LYS UA 61 117.32 71.73 19.80
C LYS UA 61 116.41 70.73 19.10
N ARG UA 62 115.32 71.22 18.51
CA ARG UA 62 114.34 70.38 17.83
C ARG UA 62 114.20 70.82 16.38
N PHE UA 63 114.36 69.87 15.46
CA PHE UA 63 114.21 70.10 14.03
C PHE UA 63 113.06 69.28 13.49
N CYS UA 64 112.50 69.75 12.38
CA CYS UA 64 111.69 68.92 11.49
C CYS UA 64 112.11 69.33 10.07
N ILE UA 65 113.06 68.59 9.51
CA ILE UA 65 113.56 68.86 8.16
C ILE UA 65 112.44 68.60 7.16
N LYS UA 66 112.01 69.65 6.48
CA LYS UA 66 110.96 69.51 5.48
C LYS UA 66 111.47 68.77 4.25
N SER UA 67 112.56 69.25 3.66
CA SER UA 67 113.10 68.60 2.49
C SER UA 67 114.60 68.89 2.36
N ILE UA 68 115.32 67.90 1.86
CA ILE UA 68 116.70 68.06 1.42
C ILE UA 68 116.69 68.24 -0.09
N TYR UA 69 117.27 69.33 -0.55
CA TYR UA 69 117.35 69.66 -1.97
C TYR UA 69 118.79 69.55 -2.42
N ILE UA 70 119.10 68.48 -3.14
CA ILE UA 70 120.48 68.15 -3.51
C ILE UA 70 120.73 68.66 -4.92
N LEU UA 71 121.53 69.71 -5.03
CA LEU UA 71 122.18 70.06 -6.27
C LEU UA 71 123.56 69.43 -6.32
N GLY UA 72 124.15 69.42 -7.51
CA GLY UA 72 125.49 68.90 -7.63
C GLY UA 72 125.95 68.56 -9.02
N LYS UA 73 127.20 68.86 -9.31
CA LYS UA 73 127.84 68.47 -10.56
C LYS UA 73 128.99 67.52 -10.25
N ILE UA 74 128.97 66.35 -10.89
CA ILE UA 74 129.89 65.27 -10.59
C ILE UA 74 130.74 65.03 -11.83
N TRP UA 75 132.01 65.42 -11.77
CA TRP UA 75 132.86 65.35 -12.94
C TRP UA 75 134.13 64.56 -12.65
N LEU UA 76 134.92 64.40 -13.70
CA LEU UA 76 136.29 63.94 -13.64
C LEU UA 76 137.18 64.74 -14.58
N ASP UA 77 136.83 65.99 -14.88
CA ASP UA 77 137.39 66.74 -16.00
C ASP UA 77 138.73 67.40 -15.65
N GLU UA 78 139.41 66.91 -14.61
CA GLU UA 78 140.82 67.15 -14.44
C GLU UA 78 141.59 66.52 -15.61
N THR UA 79 142.78 67.05 -15.91
CA THR UA 79 143.55 66.58 -17.06
C THR UA 79 144.11 65.17 -16.90
N ILE UA 80 143.93 64.55 -15.73
CA ILE UA 80 144.35 63.19 -15.46
C ILE UA 80 143.05 62.42 -15.25
N LYS UA 81 143.13 61.12 -14.92
CA LYS UA 81 142.02 60.21 -14.68
C LYS UA 81 141.19 59.98 -15.94
N LYS UA 82 141.85 59.96 -17.08
CA LYS UA 82 141.29 59.37 -18.29
C LYS UA 82 141.60 57.89 -18.41
N GLN UA 83 142.72 57.42 -17.88
CA GLN UA 83 142.96 55.99 -17.71
C GLN UA 83 142.28 55.51 -16.42
N ASN UA 84 142.19 54.18 -16.29
CA ASN UA 84 141.51 53.48 -15.19
C ASN UA 84 140.07 53.95 -15.05
N HIS UA 85 139.41 54.12 -16.19
CA HIS UA 85 138.18 54.90 -16.30
C HIS UA 85 136.91 54.08 -16.14
N THR UA 86 135.77 54.69 -16.51
CA THR UA 86 134.41 54.17 -16.38
C THR UA 86 134.01 53.82 -14.96
N ASN UA 87 133.89 54.83 -14.10
CA ASN UA 87 133.40 54.66 -12.74
C ASN UA 87 132.03 55.33 -12.61
N ASN UA 88 131.25 54.89 -11.64
CA ASN UA 88 129.95 55.50 -11.36
C ASN UA 88 129.80 55.77 -9.87
N VAL UA 89 128.85 56.64 -9.54
CA VAL UA 89 128.66 57.13 -8.18
C VAL UA 89 127.29 56.68 -7.69
N ILE UA 90 127.26 56.03 -6.54
CA ILE UA 90 126.02 55.64 -5.89
C ILE UA 90 125.90 56.49 -4.63
N PHE UA 91 124.79 57.22 -4.50
CA PHE UA 91 124.57 58.04 -3.32
C PHE UA 91 123.78 57.29 -2.27
N TYR UA 92 123.99 57.67 -1.02
CA TYR UA 92 123.32 57.04 0.12
C TYR UA 92 122.88 58.12 1.08
N LEU UA 93 121.58 58.21 1.33
CA LEU UA 93 121.02 59.18 2.26
C LEU UA 93 120.35 58.37 3.37
N LEU UA 94 120.99 58.33 4.54
CA LEU UA 94 120.61 57.39 5.59
C LEU UA 94 119.91 58.13 6.72
N ARG UA 95 118.90 57.49 7.31
CA ARG UA 95 118.31 57.96 8.56
C ARG UA 95 119.05 57.28 9.71
N ASP UA 96 119.85 58.06 10.44
CA ASP UA 96 120.65 57.54 11.53
C ASP UA 96 119.82 57.48 12.82
N ARG UA 97 120.19 56.56 13.69
CA ARG UA 97 119.47 56.34 14.95
C ARG UA 97 120.20 56.87 16.17
N ARG UA 98 121.53 56.91 16.18
CA ARG UA 98 122.30 57.35 17.34
C ARG UA 98 123.64 57.87 16.87
N PRO UA 99 124.21 58.86 17.56
CA PRO UA 99 125.56 59.32 17.21
C PRO UA 99 126.64 58.69 18.08
N TYR UA 100 127.90 58.82 17.66
CA TYR UA 100 129.06 58.59 18.53
C TYR UA 100 130.08 59.67 18.21
N GLY UA 101 129.95 60.82 18.88
CA GLY UA 101 130.87 61.93 18.69
C GLY UA 101 130.90 62.47 17.27
N ASN UA 102 131.98 62.16 16.56
CA ASN UA 102 132.13 62.50 15.16
C ASN UA 102 131.39 61.48 14.29
N ALA UA 103 131.65 61.51 12.98
CA ALA UA 103 130.99 60.60 12.07
C ALA UA 103 131.62 59.20 12.18
N PRO UA 104 130.82 58.14 12.12
CA PRO UA 104 131.36 56.78 12.18
C PRO UA 104 131.99 56.34 10.87
N GLN UA 105 132.41 55.08 10.81
CA GLN UA 105 132.99 54.52 9.60
C GLN UA 105 131.92 54.34 8.53
N ASP UA 106 132.37 54.07 7.30
CA ASP UA 106 131.48 53.64 6.24
C ASP UA 106 131.61 52.15 5.94
N PHE UA 107 132.81 51.71 5.55
CA PHE UA 107 133.00 50.34 5.14
C PHE UA 107 132.91 49.36 6.31
N GLY UA 108 133.21 49.84 7.52
CA GLY UA 108 132.96 49.08 8.71
C GLY UA 108 131.57 49.22 9.29
N GLN UA 109 130.71 50.01 8.64
CA GLN UA 109 129.34 50.21 9.09
C GLN UA 109 128.32 49.62 8.13
N ILE UA 110 128.34 50.03 6.85
CA ILE UA 110 127.56 49.29 5.87
C ILE UA 110 128.29 48.00 5.52
N PHE UA 111 127.53 47.05 4.96
CA PHE UA 111 127.91 45.65 5.11
C PHE UA 111 129.01 45.23 4.15
N ASN UA 112 128.76 45.29 2.84
CA ASN UA 112 129.63 44.60 1.89
C ASN UA 112 130.19 45.63 0.91
N MET UA 113 130.91 45.13 -0.09
CA MET UA 113 131.69 45.98 -0.99
C MET UA 113 130.79 46.64 -2.04
N PHE UA 114 130.35 47.86 -1.70
CA PHE UA 114 129.94 48.96 -2.57
C PHE UA 114 128.59 48.74 -3.25
N ASP UA 115 127.98 47.57 -3.13
CA ASP UA 115 126.59 47.31 -3.51
C ASP UA 115 125.95 46.56 -2.37
N ASN UA 116 125.39 47.29 -1.41
CA ASN UA 116 125.07 46.69 -0.12
C ASN UA 116 123.96 47.46 0.57
N GLU UA 117 123.80 47.13 1.85
CA GLU UA 117 122.85 47.66 2.81
C GLU UA 117 123.63 47.84 4.12
N PRO UA 118 123.07 48.47 5.15
CA PRO UA 118 123.71 48.41 6.46
C PRO UA 118 123.74 47.00 7.03
N SER UA 119 124.68 46.79 7.95
CA SER UA 119 124.91 45.46 8.52
C SER UA 119 123.75 45.05 9.42
N THR UA 120 123.69 43.74 9.69
CA THR UA 120 122.63 43.18 10.51
C THR UA 120 122.71 43.62 11.96
N ALA UA 121 123.91 43.93 12.45
CA ALA UA 121 124.08 44.39 13.83
C ALA UA 121 123.96 45.90 13.98
N THR UA 122 123.61 46.62 12.91
CA THR UA 122 123.62 48.07 12.91
C THR UA 122 122.23 48.68 12.75
N ILE UA 123 121.20 47.88 12.48
CA ILE UA 123 119.88 48.40 12.24
C ILE UA 123 119.23 48.90 13.53
N PHE UA 131 121.59 51.14 10.85
CA PHE UA 131 121.00 52.47 10.71
C PHE UA 131 120.01 52.44 9.55
N GLN UA 132 118.95 53.23 9.64
CA GLN UA 132 117.94 53.21 8.60
C GLN UA 132 118.43 53.94 7.36
N VAL UA 133 117.81 53.60 6.24
CA VAL UA 133 118.11 54.15 4.92
C VAL UA 133 116.89 54.96 4.51
N LEU UA 134 117.09 56.03 3.73
CA LEU UA 134 115.95 56.65 3.09
C LEU UA 134 115.86 56.31 1.60
N ARG UA 135 116.85 56.72 0.79
CA ARG UA 135 116.87 56.40 -0.63
C ARG UA 135 118.30 56.36 -1.14
N LYS UA 136 118.44 56.09 -2.45
CA LYS UA 136 119.70 56.03 -3.16
C LYS UA 136 119.61 56.92 -4.40
N PHE UA 137 120.75 57.10 -5.07
CA PHE UA 137 120.79 57.81 -6.36
C PHE UA 137 121.83 57.16 -7.25
N HIS UA 138 121.97 57.70 -8.47
CA HIS UA 138 122.94 57.21 -9.44
C HIS UA 138 123.60 58.39 -10.14
N ALA UA 139 124.85 58.18 -10.54
CA ALA UA 139 125.60 59.14 -11.34
C ALA UA 139 126.70 58.36 -12.04
N THR UA 140 126.67 58.34 -13.37
CA THR UA 140 127.56 57.50 -14.17
C THR UA 140 128.44 58.38 -15.04
N VAL UA 141 129.72 58.49 -14.70
CA VAL UA 141 130.66 59.29 -15.46
C VAL UA 141 131.70 58.38 -16.11
N VAL UA 142 131.51 58.11 -17.40
CA VAL UA 142 132.38 57.16 -18.10
C VAL UA 142 133.19 57.89 -19.18
N GLY UA 143 134.44 58.23 -18.86
CA GLY UA 143 135.26 58.91 -19.84
C GLY UA 143 136.68 58.39 -19.94
N GLY UA 144 137.03 57.84 -21.11
CA GLY UA 144 138.38 57.33 -21.29
C GLY UA 144 139.18 58.14 -22.30
N LEU UA 145 139.35 57.59 -23.51
CA LEU UA 145 140.05 58.29 -24.57
C LEU UA 145 139.26 58.14 -25.87
N TYR UA 146 139.63 58.97 -26.84
CA TYR UA 146 139.17 58.99 -28.23
C TYR UA 146 137.69 59.25 -28.43
N CYS UA 147 136.90 59.56 -27.41
CA CYS UA 147 135.72 60.37 -27.68
C CYS UA 147 135.70 61.62 -26.79
N MET UA 148 135.89 61.58 -25.45
CA MET UA 148 135.62 60.47 -24.50
C MET UA 148 134.19 60.72 -23.98
N LYS UA 149 133.30 59.75 -24.18
CA LYS UA 149 131.89 60.06 -24.03
C LYS UA 149 131.35 59.63 -22.67
N GLU UA 150 131.66 60.44 -21.67
CA GLU UA 150 130.77 61.02 -20.64
C GLU UA 150 131.61 61.84 -19.68
N GLN UA 151 130.97 62.80 -19.02
CA GLN UA 151 131.57 63.80 -18.15
C GLN UA 151 130.53 64.32 -17.17
N ALA UA 152 130.79 65.52 -16.65
CA ALA UA 152 130.02 66.23 -15.63
C ALA UA 152 128.51 66.14 -15.82
N LEU UA 153 127.84 65.52 -14.86
CA LEU UA 153 126.39 65.36 -14.90
C LEU UA 153 125.77 66.25 -13.84
N VAL UA 154 124.56 66.74 -14.10
CA VAL UA 154 123.87 67.62 -13.14
C VAL UA 154 122.73 66.84 -12.52
N LYS UA 155 122.62 66.89 -11.19
CA LYS UA 155 121.58 66.17 -10.46
C LYS UA 155 120.87 67.14 -9.53
N ARG UA 156 119.55 67.26 -9.72
CA ARG UA 156 118.70 68.00 -8.78
C ARG UA 156 117.59 67.06 -8.32
N PHE UA 157 117.27 67.14 -7.02
CA PHE UA 157 116.28 66.24 -6.41
C PHE UA 157 115.57 66.93 -5.26
N TYR UA 158 114.25 67.10 -5.37
CA TYR UA 158 113.42 67.26 -4.18
C TYR UA 158 113.40 65.94 -3.42
N ARG UA 159 113.48 66.03 -2.08
CA ARG UA 159 113.49 64.81 -1.26
C ARG UA 159 112.95 65.17 0.12
N LEU UA 160 111.68 64.83 0.38
CA LEU UA 160 111.04 65.14 1.65
C LEU UA 160 111.51 64.20 2.75
N ASN UA 161 111.69 64.73 3.95
CA ASN UA 161 112.25 63.98 5.07
C ASN UA 161 111.53 64.43 6.35
N HIS UA 162 112.11 64.10 7.50
CA HIS UA 162 111.43 64.30 8.78
C HIS UA 162 112.46 64.70 9.85
N HIS UA 163 112.04 64.58 11.12
CA HIS UA 163 112.55 65.35 12.24
C HIS UA 163 113.95 64.90 12.70
N VAL UA 164 114.64 65.83 13.35
CA VAL UA 164 116.00 65.68 13.88
C VAL UA 164 116.04 66.34 15.26
N THR UA 165 116.75 65.74 16.21
CA THR UA 165 116.91 66.31 17.54
C THR UA 165 118.38 66.48 17.85
N TYR UA 166 118.74 67.59 18.50
CA TYR UA 166 120.05 67.76 19.11
C TYR UA 166 119.97 67.50 20.61
N ASN UA 167 121.08 66.99 21.15
CA ASN UA 167 121.13 66.66 22.58
C ASN UA 167 121.37 67.91 23.43
N HIS UA 168 122.52 68.56 23.24
CA HIS UA 168 122.89 69.67 24.10
C HIS UA 168 122.22 70.95 23.63
N GLN UA 169 122.17 71.92 24.55
CA GLN UA 169 121.62 73.25 24.28
C GLN UA 169 122.71 74.24 23.89
N GLU UA 170 123.81 73.73 23.35
CA GLU UA 170 124.96 74.53 22.96
C GLU UA 170 124.72 75.19 21.61
N ALA UA 171 125.58 76.15 21.28
CA ALA UA 171 125.70 76.65 19.91
C ALA UA 171 126.81 75.91 19.19
N GLY UA 172 126.69 74.58 19.19
CA GLY UA 172 127.77 73.70 18.81
C GLY UA 172 127.57 73.04 17.45
N LYS UA 173 128.58 72.29 17.06
CA LYS UA 173 128.65 71.60 15.78
C LYS UA 173 128.06 70.21 15.91
N TYR UA 174 128.35 69.32 14.95
CA TYR UA 174 127.79 67.98 14.84
C TYR UA 174 128.10 67.05 16.01
N GLU UA 175 128.96 67.44 16.95
CA GLU UA 175 129.42 66.50 17.98
C GLU UA 175 128.36 66.22 19.03
N ASN UA 176 127.43 67.14 19.26
CA ASN UA 176 126.46 67.03 20.35
C ASN UA 176 125.10 66.50 19.90
N HIS UA 177 125.08 65.56 18.95
CA HIS UA 177 123.84 65.02 18.44
C HIS UA 177 123.19 64.05 19.43
N THR UA 178 122.02 63.55 19.05
CA THR UA 178 121.27 62.52 19.74
C THR UA 178 120.50 61.73 18.69
N GLU UA 179 119.43 61.04 19.10
CA GLU UA 179 118.56 60.25 18.24
C GLU UA 179 118.07 61.05 17.02
N ASN UA 180 117.84 60.31 15.93
CA ASN UA 180 117.34 60.79 14.64
C ASN UA 180 118.28 61.83 14.03
N ALA UA 181 119.49 61.37 13.71
CA ALA UA 181 120.38 62.09 12.83
C ALA UA 181 120.17 61.62 11.39
N LEU UA 182 120.75 62.35 10.45
CA LEU UA 182 120.73 61.95 9.05
C LEU UA 182 121.91 62.59 8.34
N LEU UA 183 122.52 61.84 7.43
CA LEU UA 183 123.76 62.26 6.79
C LEU UA 183 123.91 61.52 5.46
N LEU UA 184 125.01 61.79 4.77
CA LEU UA 184 125.24 61.24 3.45
C LEU UA 184 126.50 60.39 3.40
N TYR UA 185 126.49 59.40 2.52
CA TYR UA 185 127.69 58.70 2.11
C TYR UA 185 127.72 58.64 0.58
N MET UA 186 128.91 58.85 0.03
CA MET UA 186 129.13 58.74 -1.41
C MET UA 186 130.13 57.61 -1.66
N ALA UA 187 129.89 56.84 -2.72
CA ALA UA 187 130.66 55.63 -2.97
C ALA UA 187 131.13 55.59 -4.41
N CYS UA 188 132.42 55.30 -4.59
CA CYS UA 188 132.98 54.99 -5.89
C CYS UA 188 133.13 53.48 -6.03
N THR UA 189 133.15 53.01 -7.28
CA THR UA 189 133.13 51.57 -7.56
C THR UA 189 134.40 51.07 -8.24
N HIS UA 190 135.47 51.86 -8.27
CA HIS UA 190 136.72 51.44 -8.90
C HIS UA 190 137.90 51.99 -8.10
N ALA UA 191 139.05 51.33 -8.29
CA ALA UA 191 140.22 51.62 -7.47
C ALA UA 191 140.82 52.98 -7.76
N SER UA 192 140.64 53.50 -8.98
CA SER UA 192 141.02 54.88 -9.25
C SER UA 192 140.06 55.84 -8.56
N ASN UA 193 140.48 57.10 -8.45
CA ASN UA 193 139.60 58.10 -7.87
C ASN UA 193 139.38 59.25 -8.85
N PRO UA 194 138.52 59.10 -9.86
CA PRO UA 194 138.30 60.22 -10.79
C PRO UA 194 137.29 61.22 -10.29
N VAL UA 195 136.44 60.83 -9.35
CA VAL UA 195 135.21 61.57 -9.04
C VAL UA 195 135.55 62.82 -8.25
N TYR UA 196 135.30 63.98 -8.86
CA TYR UA 196 135.33 65.26 -8.16
C TYR UA 196 133.90 65.79 -8.09
N ALA UA 197 133.20 65.37 -7.05
CA ALA UA 197 131.79 65.66 -6.88
C ALA UA 197 131.59 66.82 -5.91
N THR UA 198 131.08 67.93 -6.41
CA THR UA 198 130.76 69.09 -5.58
C THR UA 198 129.26 69.28 -5.58
N LEU UA 199 128.69 69.35 -4.39
CA LEU UA 199 127.24 69.30 -4.22
C LEU UA 199 126.76 70.46 -3.36
N LYS UA 200 125.67 71.07 -3.80
CA LYS UA 200 124.98 72.10 -3.02
C LYS UA 200 123.73 71.48 -2.42
N ILE UA 201 123.67 71.50 -1.09
CA ILE UA 201 122.67 70.73 -0.34
C ILE UA 201 121.86 71.73 0.48
N ARG UA 202 120.68 72.09 -0.01
CA ARG UA 202 119.77 72.95 0.74
C ARG UA 202 118.91 72.12 1.68
N ILE UA 203 118.88 72.49 2.96
CA ILE UA 203 117.87 72.04 3.89
C ILE UA 203 117.09 73.27 4.34
N TYR UA 204 115.80 73.31 4.03
CA TYR UA 204 114.92 74.32 4.59
C TYR UA 204 113.84 73.63 5.42
N PHE UA 205 113.58 74.20 6.59
CA PHE UA 205 112.80 73.51 7.62
C PHE UA 205 112.07 74.51 8.52
N PRO VA 16 31.12 49.38 -53.88
CA PRO VA 16 31.93 48.43 -53.12
C PRO VA 16 32.98 47.71 -53.97
N ASP VA 17 33.03 48.04 -55.26
CA ASP VA 17 33.93 47.36 -56.20
C ASP VA 17 34.91 48.32 -56.85
N ILE VA 18 34.45 49.50 -57.26
CA ILE VA 18 35.21 50.40 -58.13
C ILE VA 18 35.80 51.58 -57.35
N PRO VA 19 36.99 52.06 -57.71
CA PRO VA 19 37.56 53.23 -57.04
C PRO VA 19 37.34 54.55 -57.76
N ARG VA 20 36.67 54.58 -58.90
CA ARG VA 20 36.65 55.77 -59.76
C ARG VA 20 35.30 56.48 -59.80
N GLY VA 21 34.23 55.79 -60.20
CA GLY VA 21 32.95 56.42 -60.42
C GLY VA 21 31.82 55.42 -60.45
N CYS VA 22 30.63 55.88 -60.06
CA CYS VA 22 29.47 55.02 -59.80
C CYS VA 22 28.75 54.57 -61.07
N GLU VA 23 29.38 54.66 -62.23
CA GLU VA 23 28.86 54.04 -63.44
C GLU VA 23 28.84 52.53 -63.30
N GLY VA 24 28.00 51.88 -64.10
CA GLY VA 24 27.97 50.45 -64.17
C GLY VA 24 29.26 49.92 -64.78
N PRO VA 25 29.78 48.82 -64.24
CA PRO VA 25 31.01 48.23 -64.81
C PRO VA 25 30.76 47.61 -66.17
N CYS VA 26 30.73 48.45 -67.19
CA CYS VA 26 30.27 48.04 -68.51
C CYS VA 26 31.32 47.19 -69.21
N LYS VA 27 30.85 46.13 -69.88
CA LYS VA 27 31.73 45.21 -70.57
C LYS VA 27 31.98 45.69 -72.00
N VAL VA 28 33.25 45.69 -72.40
CA VAL VA 28 33.64 45.88 -73.80
C VAL VA 28 34.55 44.72 -74.14
N GLN VA 29 34.04 43.77 -74.92
CA GLN VA 29 34.73 42.51 -75.17
C GLN VA 29 35.38 42.54 -76.55
N SER VA 30 36.68 42.25 -76.58
CA SER VA 30 37.43 42.19 -77.82
C SER VA 30 37.60 40.72 -78.16
N PHE VA 31 36.56 40.13 -78.76
CA PHE VA 31 36.69 38.78 -79.28
C PHE VA 31 37.56 38.78 -80.51
N GLU VA 32 38.39 37.75 -80.63
CA GLU VA 32 39.12 37.51 -81.86
C GLU VA 32 38.83 36.09 -82.33
N GLN VA 33 38.79 35.94 -83.66
CA GLN VA 33 38.86 34.64 -84.31
C GLN VA 33 40.04 34.77 -85.25
N ARG VA 34 41.23 34.58 -84.70
CA ARG VA 34 42.47 34.94 -85.37
C ARG VA 34 43.52 33.85 -85.20
N ASP VA 35 44.75 34.17 -85.57
CA ASP VA 35 45.91 33.35 -85.31
C ASP VA 35 47.11 34.27 -85.11
N ASP VA 36 48.30 33.72 -85.20
CA ASP VA 36 49.50 34.54 -85.12
C ASP VA 36 50.52 34.01 -86.12
N VAL VA 37 51.72 34.57 -86.07
CA VAL VA 37 52.89 34.03 -86.75
C VAL VA 37 53.89 33.74 -85.65
N LYS VA 38 55.11 33.33 -86.02
CA LYS VA 38 56.15 33.11 -85.02
C LYS VA 38 56.53 34.40 -84.32
N HIS VA 39 56.63 35.50 -85.08
CA HIS VA 39 57.15 36.73 -84.53
C HIS VA 39 56.13 37.45 -83.66
N LEU VA 40 54.90 37.59 -84.15
CA LEU VA 40 53.99 38.51 -83.48
C LEU VA 40 52.54 38.11 -83.68
N GLY VA 41 51.77 38.22 -82.61
CA GLY VA 41 50.34 38.39 -82.71
C GLY VA 41 49.96 39.63 -81.94
N ILE VA 42 49.53 40.68 -82.64
CA ILE VA 42 49.34 41.98 -82.02
C ILE VA 42 47.85 42.24 -81.81
N CYS VA 43 47.53 42.71 -80.61
CA CYS VA 43 46.14 42.98 -80.24
C CYS VA 43 46.12 44.17 -79.30
N LYS VA 44 45.82 45.35 -79.82
CA LYS VA 44 45.39 46.44 -78.95
C LYS VA 44 43.99 46.14 -78.45
N VAL VA 45 43.85 45.92 -77.14
CA VAL VA 45 42.61 45.42 -76.57
C VAL VA 45 41.63 46.56 -76.33
N ILE VA 46 42.12 47.78 -76.30
CA ILE VA 46 41.31 48.95 -75.98
C ILE VA 46 40.90 49.70 -77.25
N SER VA 47 40.89 48.98 -78.39
CA SER VA 47 40.87 49.62 -79.70
C SER VA 47 39.49 50.18 -80.03
N ASP VA 48 38.47 49.32 -80.05
CA ASP VA 48 37.15 49.67 -80.55
C ASP VA 48 36.28 50.42 -79.54
N VAL VA 49 36.86 51.03 -78.50
CA VAL VA 49 36.08 51.70 -77.47
C VAL VA 49 35.89 53.16 -77.90
N THR VA 50 34.73 53.46 -78.45
CA THR VA 50 34.38 54.80 -78.93
C THR VA 50 33.37 55.43 -77.98
N ARG VA 51 33.16 56.74 -78.14
CA ARG VA 51 32.17 57.44 -77.33
C ARG VA 51 30.77 57.10 -77.83
N GLY VA 52 29.90 56.72 -76.89
CA GLY VA 52 28.53 56.40 -77.21
C GLY VA 52 27.72 56.10 -75.96
N PRO VA 53 26.39 56.06 -76.10
CA PRO VA 53 25.55 55.81 -74.93
C PRO VA 53 25.50 54.35 -74.50
N GLY VA 54 25.84 53.41 -75.38
CA GLY VA 54 25.75 52.01 -75.06
C GLY VA 54 26.84 51.55 -74.10
N LEU VA 55 26.67 50.33 -73.59
CA LEU VA 55 27.64 49.77 -72.67
C LEU VA 55 28.85 49.18 -73.36
N THR VA 56 28.85 49.08 -74.69
CA THR VA 56 30.04 48.78 -75.45
C THR VA 56 30.80 50.04 -75.86
N HIS VA 57 30.67 51.10 -75.07
CA HIS VA 57 31.19 52.42 -75.42
C HIS VA 57 31.79 53.04 -74.16
N ARG VA 58 32.05 54.34 -74.23
CA ARG VA 58 32.75 55.04 -73.15
C ARG VA 58 32.16 56.43 -72.95
N VAL VA 59 32.37 56.96 -71.75
CA VAL VA 59 31.97 58.32 -71.39
C VAL VA 59 33.23 59.09 -71.06
N GLY VA 60 33.58 60.06 -71.91
CA GLY VA 60 34.78 60.85 -71.72
C GLY VA 60 36.03 60.20 -72.29
N LYS VA 61 37.16 60.35 -71.60
CA LYS VA 61 38.42 59.80 -72.08
C LYS VA 61 39.25 59.21 -70.94
N ARG VA 62 38.61 58.84 -69.83
CA ARG VA 62 39.29 58.31 -68.67
C ARG VA 62 38.75 56.92 -68.34
N PHE VA 63 39.66 55.95 -68.23
CA PHE VA 63 39.32 54.58 -67.88
C PHE VA 63 39.97 54.21 -66.56
N CYS VA 64 39.36 53.21 -65.90
CA CYS VA 64 40.03 52.43 -64.86
C CYS VA 64 39.59 50.99 -65.08
N ILE VA 65 40.41 50.24 -65.83
CA ILE VA 65 40.11 48.84 -66.12
C ILE VA 65 40.18 48.04 -64.84
N LYS VA 66 39.05 47.47 -64.43
CA LYS VA 66 39.02 46.66 -63.22
C LYS VA 66 39.73 45.34 -63.43
N SER VA 67 39.34 44.59 -64.46
CA SER VA 67 39.98 43.32 -64.72
C SER VA 67 39.86 42.96 -66.19
N ILE VA 68 40.90 42.29 -66.70
CA ILE VA 68 40.86 41.63 -67.99
C ILE VA 68 40.60 40.15 -67.77
N TYR VA 69 39.56 39.64 -68.39
CA TYR VA 69 39.15 38.24 -68.27
C TYR VA 69 39.40 37.55 -69.60
N ILE VA 70 40.46 36.75 -69.65
CA ILE VA 70 40.92 36.14 -70.89
C ILE VA 70 40.36 34.73 -70.97
N LEU VA 71 39.41 34.52 -71.86
CA LEU VA 71 39.04 33.20 -72.34
C LEU VA 71 39.83 32.89 -73.60
N GLY VA 72 39.84 31.62 -73.99
CA GLY VA 72 40.50 31.27 -75.22
C GLY VA 72 40.81 29.80 -75.39
N LYS VA 73 40.64 29.31 -76.60
CA LYS VA 73 41.02 27.95 -76.98
C LYS VA 73 42.11 28.03 -78.04
N ILE VA 74 43.23 27.35 -77.77
CA ILE VA 74 44.43 27.46 -78.58
C ILE VA 74 44.69 26.08 -79.18
N TRP VA 75 44.45 25.94 -80.48
CA TRP VA 75 44.54 24.64 -81.12
C TRP VA 75 45.49 24.67 -82.31
N LEU VA 76 45.67 23.50 -82.89
CA LEU VA 76 46.29 23.30 -84.19
C LEU VA 76 45.54 22.26 -85.01
N ASP VA 77 44.24 22.08 -84.76
CA ASP VA 77 43.50 20.90 -85.22
C ASP VA 77 43.02 21.05 -86.66
N GLU VA 78 43.64 21.93 -87.44
CA GLU VA 78 43.57 21.87 -88.89
C GLU VA 78 44.21 20.56 -89.36
N THR VA 79 43.81 20.09 -90.55
CA THR VA 79 44.29 18.81 -91.06
C THR VA 79 45.77 18.80 -91.46
N ILE VA 80 46.42 19.97 -91.39
CA ILE VA 80 47.84 20.12 -91.69
C ILE VA 80 48.46 20.51 -90.35
N LYS VA 81 49.77 20.77 -90.34
CA LYS VA 81 50.58 21.16 -89.17
C LYS VA 81 50.64 20.06 -88.13
N LYS VA 82 50.66 18.81 -88.58
CA LYS VA 82 51.12 17.70 -87.76
C LYS VA 82 52.61 17.46 -87.86
N GLN VA 83 53.24 17.79 -89.00
CA GLN VA 83 54.69 17.86 -89.08
C GLN VA 83 55.16 19.22 -88.58
N ASN VA 84 56.48 19.32 -88.34
CA ASN VA 84 57.17 20.48 -87.78
C ASN VA 84 56.53 20.88 -86.45
N HIS VA 85 56.23 19.89 -85.63
CA HIS VA 85 55.31 20.01 -84.51
C HIS VA 85 55.99 20.36 -83.19
N THR VA 86 55.24 20.22 -82.09
CA THR VA 86 55.62 20.54 -80.71
C THR VA 86 55.98 22.01 -80.51
N ASN VA 87 55.03 22.91 -80.66
CA ASN VA 87 55.22 24.33 -80.38
C ASN VA 87 54.41 24.71 -79.14
N ASN VA 88 54.81 25.79 -78.48
CA ASN VA 88 54.08 26.30 -77.34
C ASN VA 88 53.87 27.81 -77.47
N VAL VA 89 52.93 28.33 -76.70
CA VAL VA 89 52.49 29.72 -76.79
C VAL VA 89 52.82 30.41 -75.48
N ILE VA 90 53.54 31.53 -75.56
CA ILE VA 90 53.81 32.38 -74.41
C ILE VA 90 53.03 33.66 -74.59
N PHE VA 91 52.19 34.00 -73.62
CA PHE VA 91 51.42 35.23 -73.71
C PHE VA 91 52.14 36.37 -73.01
N TYR VA 92 51.86 37.59 -73.47
CA TYR VA 92 52.47 38.79 -72.92
C TYR VA 92 51.40 39.86 -72.78
N LEU VA 93 51.18 40.33 -71.56
CA LEU VA 93 50.21 41.38 -71.29
C LEU VA 93 51.00 42.55 -70.71
N LEU VA 94 51.19 43.60 -71.53
CA LEU VA 94 52.13 44.66 -71.21
C LEU VA 94 51.40 45.92 -70.81
N ARG VA 95 51.95 46.64 -69.84
CA ARG VA 95 51.49 48.00 -69.52
C ARG VA 95 52.30 48.98 -70.35
N ASP VA 96 51.66 49.58 -71.36
CA ASP VA 96 52.34 50.51 -72.26
C ASP VA 96 52.38 51.90 -71.65
N ARG VA 97 53.39 52.68 -72.04
CA ARG VA 97 53.58 54.02 -71.51
C ARG VA 97 53.22 55.12 -72.49
N ARG VA 98 53.34 54.86 -73.79
CA ARG VA 98 53.08 55.89 -74.80
C ARG VA 98 52.68 55.23 -76.10
N PRO VA 99 51.81 55.85 -76.89
CA PRO VA 99 51.48 55.30 -78.21
C PRO VA 99 52.28 55.94 -79.33
N TYR VA 100 52.27 55.31 -80.51
CA TYR VA 100 52.68 55.96 -81.75
C TYR VA 100 51.70 55.52 -82.84
N GLY VA 101 50.59 56.25 -82.96
CA GLY VA 101 49.58 55.95 -83.96
C GLY VA 101 48.96 54.59 -83.82
N ASN VA 102 49.34 53.68 -84.73
CA ASN VA 102 48.94 52.29 -84.69
C ASN VA 102 49.81 51.51 -83.69
N ALA VA 103 49.72 50.19 -83.74
CA ALA VA 103 50.51 49.36 -82.83
C ALA VA 103 51.96 49.31 -83.29
N PRO VA 104 52.91 49.33 -82.36
CA PRO VA 104 54.33 49.25 -82.75
C PRO VA 104 54.76 47.82 -83.10
N GLN VA 105 56.05 47.64 -83.34
CA GLN VA 105 56.59 46.33 -83.65
C GLN VA 105 56.58 45.45 -82.40
N ASP VA 106 56.83 44.15 -82.61
CA ASP VA 106 57.08 43.24 -81.50
C ASP VA 106 58.55 42.85 -81.40
N PHE VA 107 59.10 42.25 -82.46
CA PHE VA 107 60.47 41.75 -82.41
C PHE VA 107 61.48 42.88 -82.40
N GLY VA 108 61.12 44.03 -82.95
CA GLY VA 108 61.93 45.23 -82.81
C GLY VA 108 61.66 46.03 -81.56
N GLN VA 109 60.75 45.57 -80.71
CA GLN VA 109 60.43 46.27 -79.46
C GLN VA 109 60.83 45.46 -78.24
N ILE VA 110 60.36 44.22 -78.10
CA ILE VA 110 60.93 43.36 -77.08
C ILE VA 110 62.27 42.83 -77.57
N PHE VA 111 63.13 42.46 -76.63
CA PHE VA 111 64.58 42.49 -76.86
C PHE VA 111 65.07 41.33 -77.72
N ASN VA 112 64.90 40.10 -77.26
CA ASN VA 112 65.62 38.99 -77.88
C ASN VA 112 64.61 37.96 -78.38
N MET VA 113 65.13 36.83 -78.86
CA MET VA 113 64.32 35.84 -79.59
C MET VA 113 63.50 34.99 -78.62
N PHE VA 114 62.27 35.44 -78.39
CA PHE VA 114 61.07 34.71 -77.98
C PHE VA 114 61.10 34.26 -76.51
N ASP VA 115 62.21 34.44 -75.80
CA ASP VA 115 62.28 34.29 -74.35
C ASP VA 115 63.02 35.50 -73.82
N ASN VA 116 62.29 36.56 -73.52
CA ASN VA 116 62.91 37.86 -73.34
C ASN VA 116 62.07 38.76 -72.45
N GLU VA 117 62.46 40.04 -72.46
CA GLU VA 117 61.88 41.17 -71.77
C GLU VA 117 61.86 42.32 -72.76
N PRO VA 118 61.23 43.46 -72.46
CA PRO VA 118 61.44 44.65 -73.31
C PRO VA 118 62.88 45.14 -73.26
N SER VA 119 63.25 45.88 -74.30
CA SER VA 119 64.62 46.35 -74.46
C SER VA 119 64.97 47.41 -73.42
N THR VA 120 66.27 47.65 -73.25
CA THR VA 120 66.76 48.61 -72.27
C THR VA 120 66.40 50.04 -72.65
N ALA VA 121 66.25 50.33 -73.94
CA ALA VA 121 65.91 51.67 -74.39
C ALA VA 121 64.41 51.90 -74.48
N THR VA 122 63.59 50.93 -74.06
CA THR VA 122 62.15 51.00 -74.23
C THR VA 122 61.38 51.10 -72.93
N ILE VA 123 62.04 50.98 -71.78
CA ILE VA 123 61.35 50.98 -70.49
C ILE VA 123 60.86 52.38 -70.14
N PHE VA 131 58.75 49.43 -72.28
CA PHE VA 131 57.36 49.45 -71.84
C PHE VA 131 57.21 48.47 -70.69
N GLN VA 132 56.31 48.77 -69.75
CA GLN VA 132 56.16 47.92 -68.59
C GLN VA 132 55.42 46.64 -68.95
N VAL VA 133 55.62 45.63 -68.11
CA VAL VA 133 55.03 44.30 -68.26
C VAL VA 133 54.07 44.14 -67.10
N LEU VA 134 52.98 43.38 -67.31
CA LEU VA 134 52.20 42.96 -66.15
C LEU VA 134 52.44 41.50 -65.78
N ARG VA 135 52.09 40.55 -66.66
CA ARG VA 135 52.32 39.13 -66.41
C ARG VA 135 52.50 38.38 -67.72
N LYS VA 136 52.71 37.07 -67.60
CA LYS VA 136 52.87 36.15 -68.73
C LYS VA 136 51.91 34.98 -68.54
N PHE VA 137 51.82 34.12 -69.57
CA PHE VA 137 51.04 32.89 -69.47
C PHE VA 137 51.76 31.80 -70.27
N HIS VA 138 51.16 30.60 -70.27
CA HIS VA 138 51.70 29.46 -70.99
C HIS VA 138 50.57 28.70 -71.67
N ALA VA 139 50.89 28.09 -72.80
CA ALA VA 139 49.97 27.21 -73.51
C ALA VA 139 50.82 26.30 -74.39
N THR VA 140 50.78 25.00 -74.13
CA THR VA 140 51.65 24.03 -74.79
C THR VA 140 50.82 23.05 -75.60
N VAL VA 141 50.89 23.17 -76.92
CA VAL VA 141 50.15 22.28 -77.82
C VAL VA 141 51.14 21.44 -78.62
N VAL VA 142 51.31 20.18 -78.19
CA VAL VA 142 52.31 19.32 -78.80
C VAL VA 142 51.62 18.14 -79.51
N GLY VA 143 51.43 18.26 -80.82
CA GLY VA 143 50.79 17.18 -81.56
C GLY VA 143 51.47 16.82 -82.86
N GLY VA 144 51.98 15.60 -82.95
CA GLY VA 144 52.63 15.16 -84.17
C GLY VA 144 51.86 14.06 -84.88
N LEU VA 145 52.36 12.83 -84.78
CA LEU VA 145 51.68 11.68 -85.38
C LEU VA 145 51.66 10.54 -84.38
N TYR VA 146 50.81 9.55 -84.69
CA TYR VA 146 50.67 8.26 -84.01
C TYR VA 146 50.22 8.32 -82.55
N CYS VA 147 49.90 9.48 -81.99
CA CYS VA 147 48.94 9.44 -80.89
C CYS VA 147 47.75 10.37 -81.16
N MET VA 148 47.90 11.65 -81.57
CA MET VA 148 49.01 12.60 -81.32
C MET VA 148 48.64 13.35 -80.04
N LYS VA 149 49.49 13.28 -79.03
CA LYS VA 149 49.03 13.67 -77.70
C LYS VA 149 49.48 15.09 -77.33
N GLU VA 150 48.76 16.06 -77.91
CA GLU VA 150 48.15 17.24 -77.28
C GLU VA 150 47.49 18.08 -78.36
N GLN VA 151 46.49 18.87 -77.95
CA GLN VA 151 45.63 19.66 -78.81
C GLN VA 151 45.05 20.83 -78.02
N ALA VA 152 43.92 21.34 -78.50
CA ALA VA 152 43.19 22.51 -78.01
C ALA VA 152 43.09 22.56 -76.48
N LEU VA 153 43.70 23.60 -75.90
CA LEU VA 153 43.67 23.80 -74.46
C LEU VA 153 42.79 24.99 -74.14
N VAL VA 154 42.14 24.95 -72.97
CA VAL VA 154 41.27 26.04 -72.57
C VAL VA 154 41.94 26.84 -71.45
N LYS VA 155 41.97 28.16 -71.58
CA LYS VA 155 42.60 29.02 -70.59
C LYS VA 155 41.61 30.11 -70.16
N ARG VA 156 41.33 30.15 -68.86
CA ARG VA 156 40.56 31.24 -68.26
C ARG VA 156 41.39 31.86 -67.14
N PHE VA 157 41.35 33.19 -67.04
CA PHE VA 157 42.16 33.92 -66.07
C PHE VA 157 41.46 35.21 -65.65
N TYR VA 158 41.14 35.33 -64.37
CA TYR VA 158 40.97 36.65 -63.77
C TYR VA 158 42.31 37.35 -63.71
N ARG VA 159 42.32 38.65 -64.02
CA ARG VA 159 43.56 39.41 -64.01
C ARG VA 159 43.23 40.88 -63.76
N LEU VA 160 43.45 41.34 -62.52
CA LEU VA 160 43.13 42.71 -62.14
C LEU VA 160 44.19 43.68 -62.67
N ASN VA 161 43.75 44.85 -63.11
CA ASN VA 161 44.62 45.83 -63.74
C ASN VA 161 44.17 47.22 -63.32
N HIS VA 162 44.62 48.25 -64.03
CA HIS VA 162 44.42 49.64 -63.60
C HIS VA 162 44.22 50.53 -64.82
N HIS VA 163 44.36 51.84 -64.61
CA HIS VA 163 43.71 52.89 -65.39
C HIS VA 163 44.35 53.09 -66.78
N VAL VA 164 43.54 53.64 -67.68
CA VAL VA 164 43.88 53.93 -69.08
C VAL VA 164 43.31 55.30 -69.42
N THR VA 165 44.06 56.10 -70.19
CA THR VA 165 43.60 57.41 -70.63
C THR VA 165 43.61 57.47 -72.16
N TYR VA 166 42.59 58.09 -72.74
CA TYR VA 166 42.61 58.47 -74.14
C TYR VA 166 42.96 59.95 -74.30
N ASN VA 167 43.62 60.28 -75.41
CA ASN VA 167 44.04 61.66 -75.64
C ASN VA 167 42.88 62.50 -76.17
N HIS VA 168 42.36 62.16 -77.34
CA HIS VA 168 41.35 62.98 -77.98
C HIS VA 168 39.98 62.70 -77.40
N GLN VA 169 39.07 63.64 -77.63
CA GLN VA 169 37.68 63.54 -77.21
C GLN VA 169 36.79 63.00 -78.33
N GLU VA 170 37.38 62.27 -79.26
CA GLU VA 170 36.70 61.72 -80.41
C GLU VA 170 35.93 60.46 -80.03
N ALA VA 171 35.05 60.03 -80.94
CA ALA VA 171 34.48 58.69 -80.89
C ALA VA 171 35.30 57.75 -81.77
N GLY VA 172 36.60 57.72 -81.49
CA GLY VA 172 37.57 57.11 -82.37
C GLY VA 172 38.11 55.78 -81.87
N LYS VA 173 38.95 55.19 -82.71
CA LYS VA 173 39.55 53.89 -82.49
C LYS VA 173 40.89 54.06 -81.76
N TYR VA 174 41.73 53.03 -81.79
CA TYR VA 174 42.99 52.96 -81.06
C TYR VA 174 44.03 54.02 -81.44
N GLU VA 175 43.80 54.81 -82.47
CA GLU VA 175 44.83 55.71 -82.98
C GLU VA 175 45.07 56.91 -82.09
N ASN VA 176 44.06 57.33 -81.32
CA ASN VA 176 44.14 58.56 -80.54
C ASN VA 176 44.47 58.32 -79.07
N HIS VA 177 45.35 57.36 -78.78
CA HIS VA 177 45.72 57.05 -77.41
C HIS VA 177 46.67 58.09 -76.82
N THR VA 178 47.00 57.89 -75.56
CA THR VA 178 47.99 58.67 -74.81
C THR VA 178 48.62 57.72 -73.79
N GLU VA 179 49.21 58.29 -72.73
CA GLU VA 179 49.83 57.55 -71.64
C GLU VA 179 48.91 56.47 -71.06
N ASN VA 180 49.55 55.40 -70.56
CA ASN VA 180 48.93 54.24 -69.92
C ASN VA 180 47.97 53.52 -70.86
N ALA VA 181 48.54 53.00 -71.93
CA ALA VA 181 47.87 52.01 -72.76
C ALA VA 181 48.24 50.61 -72.25
N LEU VA 182 47.52 49.61 -72.76
CA LEU VA 182 47.83 48.22 -72.45
C LEU VA 182 47.29 47.35 -73.58
N LEU VA 183 48.05 46.32 -73.93
CA LEU VA 183 47.73 45.49 -75.09
C LEU VA 183 48.41 44.14 -74.93
N LEU VA 184 48.22 43.27 -75.91
CA LEU VA 184 48.71 41.90 -75.86
C LEU VA 184 49.70 41.62 -76.99
N TYR VA 185 50.63 40.71 -76.71
CA TYR VA 185 51.44 40.07 -77.72
C TYR VA 185 51.41 38.57 -77.50
N MET VA 186 51.31 37.83 -78.60
CA MET VA 186 51.36 36.37 -78.56
C MET VA 186 52.57 35.91 -79.36
N ALA VA 187 53.25 34.88 -78.87
CA ALA VA 187 54.52 34.45 -79.43
C ALA VA 187 54.53 32.95 -79.65
N CYS VA 188 54.95 32.54 -80.84
CA CYS VA 188 55.24 31.15 -81.14
C CYS VA 188 56.76 30.93 -81.08
N THR VA 189 57.14 29.68 -80.83
CA THR VA 189 58.55 29.36 -80.60
C THR VA 189 59.15 28.45 -81.66
N HIS VA 190 58.49 28.27 -82.81
CA HIS VA 190 59.00 27.42 -83.87
C HIS VA 190 58.64 28.01 -85.22
N ALA VA 191 59.42 27.62 -86.24
CA ALA VA 191 59.32 28.23 -87.56
C ALA VA 191 58.01 27.89 -88.26
N SER VA 192 57.40 26.75 -87.95
CA SER VA 192 56.06 26.47 -88.44
C SER VA 192 55.04 27.35 -87.74
N ASN VA 193 53.85 27.44 -88.32
CA ASN VA 193 52.79 28.20 -87.67
C ASN VA 193 51.56 27.32 -87.44
N PRO VA 194 51.56 26.45 -86.41
CA PRO VA 194 50.37 25.62 -86.17
C PRO VA 194 49.29 26.32 -85.38
N VAL VA 195 49.63 27.39 -84.66
CA VAL VA 195 48.79 27.93 -83.61
C VAL VA 195 47.63 28.70 -84.22
N TYR VA 196 46.42 28.19 -84.02
CA TYR VA 196 45.19 28.91 -84.31
C TYR VA 196 44.51 29.25 -82.99
N ALA VA 197 44.90 30.38 -82.42
CA ALA VA 197 44.47 30.80 -81.10
C ALA VA 197 43.36 31.84 -81.22
N THR VA 198 42.16 31.47 -80.76
CA THR VA 198 41.02 32.38 -80.74
C THR VA 198 40.66 32.65 -79.28
N LEU VA 199 40.60 33.92 -78.93
CA LEU VA 199 40.50 34.33 -77.54
C LEU VA 199 39.34 35.30 -77.35
N LYS VA 200 38.59 35.09 -76.29
CA LYS VA 200 37.54 36.00 -75.86
C LYS VA 200 38.04 36.80 -74.66
N ILE VA 201 38.10 38.12 -74.82
CA ILE VA 201 38.79 38.98 -73.87
C ILE VA 201 37.76 39.97 -73.34
N ARG VA 202 37.23 39.70 -72.14
CA ARG VA 202 36.32 40.63 -71.49
C ARG VA 202 37.11 41.67 -70.70
N ILE VA 203 36.81 42.95 -70.92
CA ILE VA 203 37.20 44.03 -70.02
C ILE VA 203 35.92 44.65 -69.49
N TYR VA 204 35.71 44.56 -68.18
CA TYR VA 204 34.64 45.31 -67.54
C TYR VA 204 35.25 46.27 -66.53
N PHE VA 205 34.74 47.50 -66.54
CA PHE VA 205 35.38 48.61 -65.86
C PHE VA 205 34.37 49.66 -65.42
N PRO WA 16 72.78 24.63 -32.52
CA PRO WA 16 71.41 24.97 -32.92
C PRO WA 16 70.76 23.90 -33.80
N ASP WA 17 71.49 22.82 -34.09
CA ASP WA 17 71.02 21.78 -34.99
C ASP WA 17 70.94 20.42 -34.31
N ILE WA 18 71.94 20.06 -33.51
CA ILE WA 18 72.12 18.70 -33.00
C ILE WA 18 71.70 18.58 -31.55
N PRO WA 19 71.14 17.45 -31.13
CA PRO WA 19 70.78 17.25 -29.71
C PRO WA 19 71.80 16.47 -28.90
N ARG WA 20 72.93 16.03 -29.48
CA ARG WA 20 73.81 15.08 -28.81
C ARG WA 20 75.14 15.68 -28.37
N GLY WA 21 75.93 16.23 -29.30
CA GLY WA 21 77.26 16.69 -29.00
C GLY WA 21 77.80 17.64 -30.05
N CYS WA 22 78.70 18.52 -29.62
CA CYS WA 22 79.15 19.66 -30.41
C CYS WA 22 80.19 19.32 -31.47
N GLU WA 23 80.31 18.04 -31.83
CA GLU WA 23 81.11 17.65 -32.98
C GLU WA 23 80.49 18.20 -34.27
N GLY WA 24 81.31 18.32 -35.30
CA GLY WA 24 80.84 18.69 -36.61
C GLY WA 24 79.96 17.60 -37.19
N PRO WA 25 78.86 18.00 -37.86
CA PRO WA 25 77.98 16.99 -38.46
C PRO WA 25 78.62 16.32 -39.66
N CYS WA 26 79.49 15.35 -39.38
CA CYS WA 26 80.36 14.77 -40.39
C CYS WA 26 79.59 13.86 -41.33
N LYS WA 27 79.89 13.95 -42.62
CA LYS WA 27 79.22 13.17 -43.64
C LYS WA 27 79.92 11.83 -43.83
N VAL WA 28 79.14 10.76 -43.84
CA VAL WA 28 79.60 9.44 -44.26
C VAL WA 28 78.64 8.95 -45.33
N GLN WA 29 79.09 8.98 -46.57
CA GLN WA 29 78.22 8.72 -47.71
C GLN WA 29 78.42 7.30 -48.23
N SER WA 30 77.31 6.59 -48.42
CA SER WA 30 77.31 5.23 -48.95
C SER WA 30 76.81 5.33 -50.39
N PHE WA 31 77.69 5.70 -51.30
CA PHE WA 31 77.36 5.66 -52.71
C PHE WA 31 77.29 4.22 -53.18
N GLU WA 32 76.32 3.94 -54.04
CA GLU WA 32 76.26 2.67 -54.74
C GLU WA 32 76.21 2.92 -56.23
N GLN WA 33 76.85 2.03 -56.98
CA GLN WA 33 76.63 1.91 -58.42
C GLN WA 33 76.23 0.45 -58.60
N ARG WA 34 74.95 0.19 -58.37
CA ARG WA 34 74.45 -1.18 -58.22
C ARG WA 34 73.14 -1.36 -58.97
N ASP WA 35 72.49 -2.48 -58.71
CA ASP WA 35 71.14 -2.76 -59.18
C ASP WA 35 70.46 -3.61 -58.13
N ASP WA 36 69.36 -4.25 -58.50
CA ASP WA 36 68.69 -5.18 -57.61
C ASP WA 36 68.19 -6.37 -58.42
N VAL WA 37 67.44 -7.23 -57.74
CA VAL WA 37 66.67 -8.28 -58.40
C VAL WA 37 65.22 -8.02 -58.02
N LYS WA 38 64.31 -8.89 -58.42
CA LYS WA 38 62.91 -8.74 -58.02
C LYS WA 38 62.75 -8.86 -56.51
N HIS WA 39 63.46 -9.80 -55.89
CA HIS WA 39 63.23 -10.10 -54.48
C HIS WA 39 63.86 -9.05 -53.57
N LEU WA 40 65.12 -8.70 -53.83
CA LEU WA 40 65.83 -7.92 -52.82
C LEU WA 40 66.92 -7.06 -53.44
N GLY WA 41 67.03 -5.84 -52.93
CA GLY WA 41 68.26 -5.10 -53.01
C GLY WA 41 68.63 -4.67 -51.61
N ILE WA 42 69.71 -5.23 -51.07
CA ILE WA 42 70.03 -5.07 -49.66
C ILE WA 42 71.18 -4.09 -49.51
N CYS WA 43 71.01 -3.14 -48.58
CA CYS WA 43 72.01 -2.11 -48.34
C CYS WA 43 72.00 -1.77 -46.86
N LYS WA 44 72.95 -2.32 -46.10
CA LYS WA 44 73.25 -1.75 -44.79
C LYS WA 44 73.98 -0.44 -45.00
N VAL WA 45 73.36 0.65 -44.61
CA VAL WA 45 73.86 1.98 -44.94
C VAL WA 45 74.94 2.41 -43.94
N ILE WA 46 74.99 1.77 -42.78
CA ILE WA 46 75.89 2.15 -41.70
C ILE WA 46 77.12 1.23 -41.69
N SER WA 47 77.43 0.62 -42.85
CA SER WA 47 78.35 -0.51 -42.89
C SER WA 47 79.80 -0.08 -42.71
N ASP WA 48 80.28 0.79 -43.60
CA ASP WA 48 81.71 1.11 -43.67
C ASP WA 48 82.15 2.16 -42.65
N VAL WA 49 81.40 2.37 -41.58
CA VAL WA 49 81.75 3.41 -40.60
C VAL WA 49 82.64 2.77 -39.55
N THR WA 50 83.95 2.99 -39.66
CA THR WA 50 84.95 2.44 -38.74
C THR WA 50 85.51 3.56 -37.87
N ARG WA 51 86.22 3.18 -36.81
CA ARG WA 51 86.86 4.16 -35.96
C ARG WA 51 88.08 4.76 -36.65
N GLY WA 52 88.15 6.09 -36.65
CA GLY WA 52 89.26 6.78 -37.25
C GLY WA 52 89.16 8.28 -37.02
N PRO WA 53 90.26 9.00 -37.28
CA PRO WA 53 90.24 10.46 -37.06
C PRO WA 53 89.52 11.24 -38.15
N GLY WA 54 89.36 10.67 -39.34
CA GLY WA 54 88.74 11.39 -40.44
C GLY WA 54 87.24 11.56 -40.26
N LEU WA 55 86.67 12.40 -41.13
CA LEU WA 55 85.24 12.67 -41.08
C LEU WA 55 84.42 11.60 -41.78
N THR WA 56 85.05 10.66 -42.47
CA THR WA 56 84.39 9.44 -42.95
C THR WA 56 84.46 8.31 -41.94
N HIS WA 57 84.56 8.64 -40.66
CA HIS WA 57 84.82 7.68 -39.59
C HIS WA 57 83.95 8.04 -38.40
N ARG WA 58 84.25 7.44 -37.25
CA ARG WA 58 83.42 7.60 -36.07
C ARG WA 58 84.30 7.69 -34.82
N VAL WA 59 83.73 8.28 -33.78
CA VAL WA 59 84.36 8.37 -32.46
C VAL WA 59 83.48 7.60 -31.48
N GLY WA 60 84.00 6.47 -30.98
CA GLY WA 60 83.26 5.65 -30.06
C GLY WA 60 82.33 4.67 -30.75
N LYS WA 61 81.15 4.44 -30.16
CA LYS WA 61 80.20 3.49 -30.72
C LYS WA 61 78.76 3.99 -30.60
N ARG WA 62 78.58 5.30 -30.50
CA ARG WA 62 77.26 5.90 -30.35
C ARG WA 62 77.01 6.89 -31.48
N PHE WA 63 75.88 6.71 -32.18
CA PHE WA 63 75.47 7.59 -33.26
C PHE WA 63 74.16 8.27 -32.90
N CYS WA 64 73.94 9.42 -33.51
CA CYS WA 64 72.60 10.01 -33.63
C CYS WA 64 72.52 10.54 -35.05
N ILE WA 65 71.99 9.73 -35.96
CA ILE WA 65 71.85 10.12 -37.36
C ILE WA 65 70.84 11.25 -37.46
N LYS WA 66 71.32 12.42 -37.90
CA LYS WA 66 70.43 13.57 -38.04
C LYS WA 66 69.48 13.38 -39.22
N SER WA 67 70.03 13.09 -40.40
CA SER WA 67 69.17 12.89 -41.57
C SER WA 67 69.88 12.00 -42.58
N ILE WA 68 69.08 11.21 -43.28
CA ILE WA 68 69.51 10.47 -44.46
C ILE WA 68 69.04 11.25 -45.69
N TYR WA 69 69.98 11.59 -46.55
CA TYR WA 69 69.72 12.35 -47.77
C TYR WA 69 69.92 11.43 -48.96
N ILE WA 70 68.82 10.99 -49.57
CA ILE WA 70 68.87 9.99 -50.62
C ILE WA 70 68.81 10.70 -51.97
N LEU WA 71 69.94 10.70 -52.68
CA LEU WA 71 69.96 10.97 -54.10
C LEU WA 71 69.86 9.66 -54.86
N GLY WA 72 69.57 9.76 -56.15
CA GLY WA 72 69.54 8.56 -56.95
C GLY WA 72 68.84 8.69 -58.29
N LYS WA 73 69.40 8.06 -59.31
CA LYS WA 73 68.79 7.96 -60.62
C LYS WA 73 68.49 6.49 -60.92
N ILE WA 74 67.23 6.21 -61.25
CA ILE WA 74 66.74 4.85 -61.38
C ILE WA 74 66.32 4.67 -62.84
N TRP WA 75 67.10 3.91 -63.60
CA TRP WA 75 66.86 3.78 -65.03
C TRP WA 75 66.74 2.33 -65.43
N LEU WA 76 66.44 2.15 -66.72
CA LEU WA 76 66.55 0.87 -67.42
C LEU WA 76 67.15 1.05 -68.80
N ASP WA 77 67.97 2.08 -69.00
CA ASP WA 77 68.34 2.55 -70.33
C ASP WA 77 69.49 1.76 -70.94
N GLU WA 78 69.72 0.54 -70.45
CA GLU WA 78 70.48 -0.46 -71.19
C GLU WA 78 69.74 -0.80 -72.47
N THR WA 79 70.46 -1.28 -73.49
CA THR WA 79 69.87 -1.55 -74.79
C THR WA 79 68.91 -2.74 -74.80
N ILE WA 80 68.80 -3.46 -73.67
CA ILE WA 80 67.90 -4.59 -73.52
C ILE WA 80 66.89 -4.12 -72.47
N LYS WA 81 65.96 -4.98 -72.08
CA LYS WA 81 64.89 -4.74 -71.09
C LYS WA 81 63.91 -3.68 -71.57
N LYS WA 82 63.65 -3.65 -72.88
CA LYS WA 82 62.47 -2.99 -73.42
C LYS WA 82 61.27 -3.91 -73.48
N GLN WA 83 61.46 -5.22 -73.65
CA GLN WA 83 60.40 -6.19 -73.46
C GLN WA 83 60.28 -6.52 -71.97
N ASN WA 84 59.18 -7.20 -71.61
CA ASN WA 84 58.78 -7.54 -70.24
C ASN WA 84 58.77 -6.31 -69.35
N HIS WA 85 58.23 -5.23 -69.89
CA HIS WA 85 58.43 -3.88 -69.36
C HIS WA 85 57.36 -3.45 -68.36
N THR WA 86 57.35 -2.14 -68.07
CA THR WA 86 56.49 -1.46 -67.10
C THR WA 86 56.64 -1.98 -65.67
N ASN WA 87 57.80 -1.78 -65.07
CA ASN WA 87 58.03 -2.13 -63.67
C ASN WA 87 58.20 -0.84 -62.86
N ASN WA 88 57.95 -0.93 -61.56
CA ASN WA 88 58.15 0.20 -60.66
C ASN WA 88 58.93 -0.23 -59.43
N VAL WA 89 59.48 0.76 -58.73
CA VAL WA 89 60.38 0.53 -57.61
C VAL WA 89 59.73 1.08 -56.34
N ILE WA 90 59.63 0.24 -55.32
CA ILE WA 90 59.15 0.67 -54.01
C ILE WA 90 60.34 0.61 -53.06
N PHE WA 91 60.63 1.74 -52.41
CA PHE WA 91 61.73 1.78 -51.47
C PHE WA 91 61.24 1.50 -50.05
N TYR WA 92 62.15 0.96 -49.23
CA TYR WA 92 61.84 0.62 -47.84
C TYR WA 92 63.01 1.06 -46.98
N LEU WA 93 62.74 1.94 -46.02
CA LEU WA 93 63.75 2.42 -45.09
C LEU WA 93 63.29 2.00 -43.70
N LEU WA 94 63.93 0.98 -43.14
CA LEU WA 94 63.44 0.30 -41.95
C LEU WA 94 64.29 0.67 -40.74
N ARG WA 95 63.63 0.82 -39.58
CA ARG WA 95 64.34 0.92 -38.31
C ARG WA 95 64.48 -0.48 -37.74
N ASP WA 96 65.71 -1.00 -37.75
CA ASP WA 96 65.98 -2.36 -37.28
C ASP WA 96 66.17 -2.35 -35.76
N ARG WA 97 65.85 -3.50 -35.15
CA ARG WA 97 65.94 -3.64 -33.70
C ARG WA 97 67.13 -4.46 -33.23
N ARG WA 98 67.55 -5.39 -34.07
CA ARG WA 98 68.64 -6.27 -33.65
C ARG WA 98 69.35 -6.79 -34.90
N PRO WA 99 70.66 -7.01 -34.82
CA PRO WA 99 71.37 -7.61 -35.96
C PRO WA 99 71.54 -9.12 -35.80
N TYR WA 100 71.91 -9.79 -36.90
CA TYR WA 100 72.45 -11.15 -36.86
C TYR WA 100 73.60 -11.21 -37.87
N GLY WA 101 74.80 -10.84 -37.41
CA GLY WA 101 75.99 -10.87 -38.25
C GLY WA 101 75.89 -9.97 -39.47
N ASN WA 102 75.72 -10.60 -40.63
CA ASN WA 102 75.50 -9.90 -41.89
C ASN WA 102 74.04 -9.47 -42.00
N ALA WA 103 73.63 -9.04 -43.20
CA ALA WA 103 72.26 -8.62 -43.42
C ALA WA 103 71.34 -9.82 -43.51
N PRO WA 104 70.13 -9.73 -42.94
CA PRO WA 104 69.18 -10.85 -43.03
C PRO WA 104 68.50 -10.92 -44.38
N GLN WA 105 67.54 -11.84 -44.51
CA GLN WA 105 66.79 -12.00 -45.74
C GLN WA 105 65.85 -10.81 -45.94
N ASP WA 106 65.28 -10.73 -47.14
CA ASP WA 106 64.19 -9.80 -47.40
C ASP WA 106 62.84 -10.50 -47.52
N PHE WA 107 62.73 -11.43 -48.48
CA PHE WA 107 61.44 -12.08 -48.74
C PHE WA 107 61.06 -13.03 -47.61
N GLY WA 108 62.04 -13.56 -46.90
CA GLY WA 108 61.78 -14.32 -45.69
C GLY WA 108 61.66 -13.48 -44.43
N GLN WA 109 61.79 -12.16 -44.55
CA GLN WA 109 61.67 -11.26 -43.40
C GLN WA 109 60.44 -10.36 -43.49
N ILE WA 110 60.28 -9.60 -44.58
CA ILE WA 110 59.00 -8.94 -44.81
C ILE WA 110 58.01 -9.96 -45.34
N PHE WA 111 56.74 -9.72 -45.06
CA PHE WA 111 55.73 -10.78 -44.97
C PHE WA 111 55.35 -11.37 -46.33
N ASN WA 112 54.79 -10.55 -47.22
CA ASN WA 112 54.13 -11.12 -48.40
C ASN WA 112 54.79 -10.55 -49.65
N MET WA 113 54.20 -10.87 -50.81
CA MET WA 113 54.83 -10.61 -52.10
C MET WA 113 54.66 -9.13 -52.50
N PHE WA 114 55.69 -8.35 -52.14
CA PHE WA 114 56.13 -7.10 -52.75
C PHE WA 114 55.21 -5.91 -52.45
N ASP WA 115 54.06 -6.11 -51.83
CA ASP WA 115 53.22 -5.06 -51.28
C ASP WA 115 52.82 -5.49 -49.88
N ASN WA 116 53.64 -5.14 -48.90
CA ASN WA 116 53.54 -5.79 -47.60
C ASN WA 116 54.10 -4.91 -46.50
N GLU WA 117 54.27 -5.54 -45.34
CA GLU WA 117 54.80 -5.01 -44.09
C GLU WA 117 55.74 -6.08 -43.54
N PRO WA 118 56.51 -5.83 -42.48
CA PRO WA 118 57.21 -6.93 -41.81
C PRO WA 118 56.25 -7.92 -41.19
N SER WA 119 56.75 -9.14 -40.97
CA SER WA 119 55.93 -10.22 -40.47
C SER WA 119 55.55 -10.00 -39.01
N THR WA 120 54.53 -10.75 -38.58
CA THR WA 120 54.02 -10.62 -37.22
C THR WA 120 55.01 -11.12 -36.17
N ALA WA 121 55.88 -12.05 -36.54
CA ALA WA 121 56.88 -12.58 -35.61
C ALA WA 121 58.19 -11.79 -35.64
N THR WA 122 58.25 -10.69 -36.39
CA THR WA 122 59.49 -9.96 -36.58
C THR WA 122 59.47 -8.56 -35.98
N ILE WA 123 58.34 -8.09 -35.47
CA ILE WA 123 58.23 -6.74 -34.96
C ILE WA 123 58.96 -6.59 -33.62
N PHE WA 131 60.58 -5.97 -37.46
CA PHE WA 131 61.45 -4.80 -37.41
C PHE WA 131 60.63 -3.57 -37.74
N GLN WA 132 60.98 -2.44 -37.15
CA GLN WA 132 60.19 -1.23 -37.38
C GLN WA 132 60.48 -0.66 -38.77
N VAL WA 133 59.53 0.14 -39.24
CA VAL WA 133 59.56 0.79 -40.53
C VAL WA 133 59.68 2.28 -40.26
N LEU WA 134 60.33 3.03 -41.15
CA LEU WA 134 60.22 4.48 -41.08
C LEU WA 134 59.31 5.05 -42.16
N ARG WA 135 59.66 4.90 -43.44
CA ARG WA 135 58.83 5.37 -44.54
C ARG WA 135 59.07 4.53 -45.79
N LYS WA 136 58.35 4.88 -46.86
CA LYS WA 136 58.44 4.25 -48.16
C LYS WA 136 58.66 5.33 -49.22
N PHE WA 137 58.93 4.90 -50.46
CA PHE WA 137 59.04 5.81 -51.60
C PHE WA 137 58.47 5.12 -52.83
N HIS WA 138 58.48 5.85 -53.95
CA HIS WA 138 58.00 5.34 -55.23
C HIS WA 138 58.94 5.77 -56.35
N ALA WA 139 59.03 4.91 -57.37
CA ALA WA 139 59.77 5.23 -58.59
C ALA WA 139 59.21 4.35 -59.69
N THR WA 140 58.64 4.96 -60.71
CA THR WA 140 57.91 4.24 -61.76
C THR WA 140 58.60 4.44 -63.09
N VAL WA 141 59.26 3.41 -63.60
CA VAL WA 141 59.96 3.47 -64.88
C VAL WA 141 59.27 2.54 -65.88
N VAL WA 142 58.45 3.12 -66.76
CA VAL WA 142 57.66 2.34 -67.68
C VAL WA 142 58.11 2.60 -69.13
N GLY WA 143 58.96 1.71 -69.65
CA GLY WA 143 59.42 1.89 -71.01
C GLY WA 143 59.42 0.63 -71.86
N GLY WA 144 58.61 0.63 -72.91
CA GLY WA 144 58.55 -0.54 -73.79
C GLY WA 144 59.09 -0.25 -75.18
N LEU WA 145 58.20 -0.10 -76.15
CA LEU WA 145 58.60 0.22 -77.51
C LEU WA 145 57.69 1.31 -78.05
N TYR WA 146 58.13 1.91 -79.16
CA TYR WA 146 57.42 2.88 -80.01
C TYR WA 146 57.07 4.20 -79.32
N CYS WA 147 57.48 4.46 -78.08
CA CYS WA 147 57.65 5.86 -77.72
C CYS WA 147 59.07 6.11 -77.18
N MET WA 148 59.63 5.33 -76.22
CA MET WA 148 58.99 4.54 -75.15
C MET WA 148 58.92 5.48 -73.94
N LYS WA 149 57.72 5.72 -73.42
CA LYS WA 149 57.56 6.85 -72.52
C LYS WA 149 57.56 6.41 -71.06
N GLU WA 150 58.76 6.14 -70.55
CA GLU WA 150 59.37 6.62 -69.30
C GLU WA 150 60.74 5.98 -69.15
N GLN WA 151 61.60 6.64 -68.39
CA GLN WA 151 63.01 6.30 -68.19
C GLN WA 151 63.49 6.88 -66.87
N ALA WA 152 64.81 7.08 -66.78
CA ALA WA 152 65.57 7.54 -65.61
C ALA WA 152 64.90 8.68 -64.87
N LEU WA 153 64.53 8.42 -63.62
CA LEU WA 153 63.90 9.43 -62.77
C LEU WA 153 64.87 9.85 -61.68
N VAL WA 154 64.78 11.10 -61.25
CA VAL WA 154 65.67 11.60 -60.21
C VAL WA 154 64.87 11.77 -58.92
N LYS WA 155 65.42 11.27 -57.81
CA LYS WA 155 64.76 11.33 -56.52
C LYS WA 155 65.70 11.92 -55.49
N ARG WA 156 65.30 13.03 -54.87
CA ARG WA 156 66.00 13.61 -53.74
C ARG WA 156 65.03 13.74 -52.57
N PHE WA 157 65.51 13.43 -51.37
CA PHE WA 157 64.65 13.42 -50.18
C PHE WA 157 65.48 13.76 -48.95
N TYR WA 158 65.12 14.86 -48.28
CA TYR WA 158 65.44 15.01 -46.86
C TYR WA 158 64.62 14.01 -46.05
N ARG WA 159 65.27 13.39 -45.05
CA ARG WA 159 64.57 12.39 -44.23
C ARG WA 159 65.25 12.34 -42.86
N LEU WA 160 64.63 12.97 -41.87
CA LEU WA 160 65.21 13.03 -40.52
C LEU WA 160 64.99 11.71 -39.80
N ASN WA 161 66.00 11.31 -39.02
CA ASN WA 161 66.00 10.00 -38.35
C ASN WA 161 66.66 10.17 -36.98
N HIS WA 162 67.05 9.06 -36.36
CA HIS WA 162 67.51 9.07 -34.97
C HIS WA 162 68.61 8.04 -34.78
N HIS WA 163 68.89 7.71 -33.51
CA HIS WA 163 70.16 7.21 -33.04
C HIS WA 163 70.44 5.76 -33.43
N VAL WA 164 71.73 5.43 -33.46
CA VAL WA 164 72.27 4.11 -33.82
C VAL WA 164 73.40 3.80 -32.83
N THR WA 165 73.47 2.53 -32.42
CA THR WA 165 74.53 2.11 -31.53
C THR WA 165 75.30 0.97 -32.19
N TYR WA 166 76.64 0.97 -32.02
CA TYR WA 166 77.46 -0.19 -32.33
C TYR WA 166 77.81 -0.96 -31.06
N ASN WA 167 77.97 -2.27 -31.20
CA ASN WA 167 78.27 -3.12 -30.06
C ASN WA 167 79.75 -3.05 -29.69
N HIS WA 168 80.61 -3.49 -30.60
CA HIS WA 168 82.02 -3.60 -30.29
C HIS WA 168 82.71 -2.24 -30.44
N GLN WA 169 83.89 -2.14 -29.82
CA GLN WA 169 84.72 -0.95 -29.88
C GLN WA 169 85.79 -1.07 -30.97
N GLU WA 170 85.51 -1.88 -31.98
CA GLU WA 170 86.43 -2.15 -33.07
C GLU WA 170 86.38 -1.03 -34.10
N ALA WA 171 87.36 -1.02 -35.00
CA ALA WA 171 87.29 -0.23 -36.22
C ALA WA 171 86.73 -1.09 -37.36
N GLY WA 172 85.57 -1.68 -37.10
CA GLY WA 172 85.03 -2.73 -37.93
C GLY WA 172 83.85 -2.29 -38.80
N LYS WA 173 83.41 -3.24 -39.61
CA LYS WA 173 82.34 -3.05 -40.58
C LYS WA 173 81.00 -3.38 -39.93
N TYR WA 174 79.97 -3.60 -40.75
CA TYR WA 174 78.58 -3.81 -40.32
C TYR WA 174 78.35 -5.05 -39.45
N GLU WA 175 79.35 -5.90 -39.25
CA GLU WA 175 79.12 -7.18 -38.58
C GLU WA 175 78.93 -7.03 -37.08
N ASN WA 176 79.49 -5.98 -36.48
CA ASN WA 176 79.50 -5.83 -35.02
C ASN WA 176 78.41 -4.89 -34.51
N HIS WA 177 77.23 -4.92 -35.12
CA HIS WA 177 76.13 -4.04 -34.73
C HIS WA 177 75.49 -4.51 -33.42
N THR WA 178 74.52 -3.72 -32.97
CA THR WA 178 73.66 -4.01 -31.83
C THR WA 178 72.30 -3.36 -32.12
N GLU WA 179 71.52 -3.11 -31.06
CA GLU WA 179 70.21 -2.47 -31.14
C GLU WA 179 70.24 -1.17 -31.93
N ASN WA 180 69.10 -0.87 -32.55
CA ASN WA 180 68.83 0.33 -33.35
C ASN WA 180 69.79 0.45 -34.54
N ALA WA 181 69.72 -0.56 -35.40
CA ALA WA 181 70.28 -0.43 -36.73
C ALA WA 181 69.22 0.13 -37.68
N LEU WA 182 69.66 0.50 -38.88
CA LEU WA 182 68.76 0.96 -39.92
C LEU WA 182 69.41 0.73 -41.27
N LEU WA 183 68.60 0.32 -42.25
CA LEU WA 183 69.13 -0.08 -43.55
C LEU WA 183 68.01 0.03 -44.58
N LEU WA 184 68.34 -0.31 -45.82
CA LEU WA 184 67.41 -0.17 -46.94
C LEU WA 184 67.10 -1.51 -47.59
N TYR WA 185 65.89 -1.58 -48.15
CA TYR WA 185 65.53 -2.64 -49.08
C TYR WA 185 64.89 -2.00 -50.30
N MET WA 186 65.23 -2.52 -51.48
CA MET WA 186 64.64 -2.08 -52.73
C MET WA 186 63.92 -3.26 -53.36
N ALA WA 187 62.75 -2.99 -53.95
CA ALA WA 187 61.89 -4.07 -54.43
C ALA WA 187 61.42 -3.78 -55.85
N CYS WA 188 61.54 -4.78 -56.71
CA CYS WA 188 60.95 -4.76 -58.03
C CYS WA 188 59.65 -5.57 -58.02
N THR WA 189 58.75 -5.25 -58.95
CA THR WA 189 57.42 -5.84 -58.96
C THR WA 189 57.14 -6.72 -60.18
N HIS WA 190 58.17 -7.09 -60.94
CA HIS WA 190 57.98 -7.92 -62.12
C HIS WA 190 59.16 -8.88 -62.27
N ALA WA 191 58.92 -9.97 -63.00
CA ALA WA 191 59.89 -11.06 -63.09
C ALA WA 191 61.14 -10.67 -63.88
N SER WA 192 61.03 -9.72 -64.80
CA SER WA 192 62.22 -9.17 -65.44
C SER WA 192 62.99 -8.30 -64.45
N ASN WA 193 64.24 -8.03 -64.80
CA ASN WA 193 65.03 -7.13 -63.96
C ASN WA 193 65.55 -5.95 -64.76
N PRO WA 194 64.71 -4.93 -65.04
CA PRO WA 194 65.22 -3.78 -65.81
C PRO WA 194 65.92 -2.75 -64.96
N VAL WA 195 65.69 -2.76 -63.65
CA VAL WA 195 66.01 -1.63 -62.78
C VAL WA 195 67.52 -1.60 -62.53
N TYR WA 196 68.17 -0.56 -63.03
CA TYR WA 196 69.56 -0.24 -62.68
C TYR WA 196 69.55 1.04 -61.86
N ALA WA 197 69.38 0.86 -60.55
CA ALA WA 197 69.21 1.97 -59.62
C ALA WA 197 70.53 2.26 -58.91
N THR WA 198 71.10 3.43 -59.16
CA THR WA 198 72.31 3.87 -58.48
C THR WA 198 71.97 5.07 -57.62
N LEU WA 199 72.31 4.99 -56.34
CA LEU WA 199 71.84 5.94 -55.34
C LEU WA 199 73.01 6.49 -54.55
N LYS WA 200 72.99 7.80 -54.34
CA LYS WA 200 73.94 8.47 -53.46
C LYS WA 200 73.25 8.80 -52.15
N ILE WA 201 73.77 8.25 -51.05
CA ILE WA 201 73.08 8.25 -49.77
C ILE WA 201 73.98 8.97 -48.77
N ARG WA 202 73.70 10.25 -48.52
CA ARG WA 202 74.42 11.00 -47.51
C ARG WA 202 73.80 10.79 -46.13
N ILE WA 203 74.63 10.43 -45.16
CA ILE WA 203 74.27 10.52 -43.75
C ILE WA 203 75.24 11.49 -43.11
N TYR WA 204 74.71 12.61 -42.61
CA TYR WA 204 75.50 13.51 -41.78
C TYR WA 204 74.88 13.57 -40.39
N PHE WA 205 75.75 13.52 -39.38
CA PHE WA 205 75.32 13.28 -38.01
C PHE WA 205 76.28 13.90 -37.00
N PRO XA 16 63.70 50.54 -50.02
CA PRO XA 16 62.82 49.52 -49.47
C PRO XA 16 63.12 48.12 -49.99
N ASP XA 17 64.13 48.00 -50.87
CA ASP XA 17 64.45 46.73 -51.51
C ASP XA 17 65.86 46.27 -51.20
N ILE XA 18 66.83 47.18 -51.23
CA ILE XA 18 68.26 46.85 -51.21
C ILE XA 18 68.89 47.10 -49.84
N PRO XA 19 69.84 46.28 -49.41
CA PRO XA 19 70.53 46.52 -48.15
C PRO XA 19 71.86 47.24 -48.25
N ARG XA 20 72.32 47.62 -49.45
CA ARG XA 20 73.69 48.08 -49.63
C ARG XA 20 73.80 49.56 -49.94
N GLY XA 21 73.16 50.03 -51.03
CA GLY XA 21 73.34 51.39 -51.47
C GLY XA 21 72.24 51.83 -52.41
N CYS XA 22 71.97 53.14 -52.42
CA CYS XA 22 70.80 53.72 -53.07
C CYS XA 22 70.95 53.87 -54.59
N GLU XA 23 71.89 53.16 -55.20
CA GLU XA 23 71.95 53.07 -56.65
C GLU XA 23 70.72 52.33 -57.18
N GLY XA 24 70.42 52.57 -58.46
CA GLY XA 24 69.37 51.84 -59.14
C GLY XA 24 69.76 50.38 -59.29
N PRO XA 25 68.79 49.47 -59.11
CA PRO XA 25 69.08 48.04 -59.27
C PRO XA 25 69.31 47.68 -60.72
N CYS XA 26 70.53 47.96 -61.20
CA CYS XA 26 70.82 47.88 -62.62
C CYS XA 26 70.93 46.45 -63.10
N LYS XA 27 70.37 46.17 -64.27
CA LYS XA 27 70.36 44.84 -64.84
C LYS XA 27 71.63 44.61 -65.67
N VAL XA 28 72.27 43.47 -65.44
CA VAL XA 28 73.34 42.98 -66.30
C VAL XA 28 72.98 41.56 -66.68
N GLN XA 29 72.53 41.37 -67.91
CA GLN XA 29 71.97 40.10 -68.34
C GLN XA 29 72.99 39.31 -69.16
N SER XA 30 73.22 38.07 -68.75
CA SER XA 30 74.13 37.16 -69.44
C SER XA 30 73.26 36.22 -70.26
N PHE XA 31 72.82 36.68 -71.42
CA PHE XA 31 72.13 35.80 -72.34
C PHE XA 31 73.11 34.83 -72.97
N GLU XA 32 72.67 33.60 -73.13
CA GLU XA 32 73.41 32.62 -73.90
C GLU XA 32 72.52 32.06 -75.00
N GLN XA 33 73.14 31.78 -76.14
CA GLN XA 33 72.54 30.93 -77.18
C GLN XA 33 73.57 29.82 -77.37
N ARG XA 34 73.49 28.82 -76.49
CA ARG XA 34 74.55 27.83 -76.36
C ARG XA 34 73.96 26.43 -76.22
N ASP XA 35 74.81 25.48 -75.85
CA ASP XA 35 74.41 24.14 -75.50
C ASP XA 35 75.38 23.64 -74.43
N ASP XA 36 75.40 22.33 -74.22
CA ASP XA 36 76.37 21.75 -73.31
C ASP XA 36 76.86 20.43 -73.88
N VAL XA 37 77.64 19.72 -73.09
CA VAL XA 37 77.99 18.33 -73.37
C VAL XA 37 77.48 17.54 -72.17
N LYS XA 38 77.76 16.24 -72.12
CA LYS XA 38 77.37 15.44 -70.96
C LYS XA 38 78.08 15.90 -69.70
N HIS XA 39 79.36 16.22 -69.80
CA HIS XA 39 80.16 16.50 -68.62
C HIS XA 39 79.88 17.90 -68.06
N LEU XA 40 79.87 18.91 -68.93
CA LEU XA 40 79.89 20.26 -68.40
C LEU XA 40 79.23 21.25 -69.35
N GLY XA 41 78.46 22.16 -68.77
CA GLY XA 41 78.18 23.43 -69.40
C GLY XA 41 78.56 24.52 -68.43
N ILE XA 42 79.60 25.28 -68.74
CA ILE XA 42 80.19 26.21 -67.78
C ILE XA 42 79.79 27.63 -68.14
N CYS XA 43 79.36 28.37 -67.13
CA CYS XA 43 78.90 29.75 -67.31
C CYS XA 43 79.26 30.54 -66.07
N LYS XA 44 80.37 31.30 -66.12
CA LYS XA 44 80.55 32.36 -65.15
C LYS XA 44 79.58 33.49 -65.48
N VAL XA 45 78.62 33.73 -64.58
CA VAL XA 45 77.52 34.62 -64.87
C VAL XA 45 77.92 36.07 -64.63
N ILE XA 46 79.00 36.29 -63.88
CA ILE XA 46 79.43 37.62 -63.49
C ILE XA 46 80.59 38.10 -64.38
N SER XA 47 80.68 37.52 -65.59
CA SER XA 47 81.90 37.63 -66.38
C SER XA 47 82.07 39.01 -67.02
N ASP XA 48 81.09 39.42 -67.83
CA ASP XA 48 81.22 40.62 -68.65
C ASP XA 48 80.92 41.91 -67.90
N VAL XA 49 80.99 41.94 -66.58
CA VAL XA 49 80.65 43.13 -65.81
C VAL XA 49 81.94 43.93 -65.63
N THR XA 50 82.10 44.97 -66.45
CA THR XA 50 83.27 45.84 -66.41
C THR XA 50 82.89 47.20 -65.84
N ARG XA 51 83.89 48.00 -65.50
CA ARG XA 51 83.64 49.35 -65.00
C ARG XA 51 83.21 50.25 -66.14
N GLY XA 52 82.11 50.98 -65.92
CA GLY XA 52 81.59 51.91 -66.89
C GLY XA 52 80.40 52.67 -66.37
N PRO XA 53 80.02 53.74 -67.07
CA PRO XA 53 78.88 54.55 -66.60
C PRO XA 53 77.52 53.94 -66.88
N GLY XA 54 77.43 53.01 -67.83
CA GLY XA 54 76.14 52.44 -68.19
C GLY XA 54 75.62 51.47 -67.14
N LEU XA 55 74.35 51.09 -67.32
CA LEU XA 55 73.71 50.17 -66.38
C LEU XA 55 74.06 48.72 -66.67
N THR XA 56 74.74 48.42 -67.77
CA THR XA 56 75.33 47.11 -67.99
C THR XA 56 76.76 47.04 -67.47
N HIS XA 57 77.09 47.84 -66.46
CA HIS XA 57 78.44 48.01 -65.97
C HIS XA 57 78.40 48.05 -64.44
N ARG XA 58 79.50 48.48 -63.83
CA ARG XA 58 79.64 48.44 -62.39
C ARG XA 58 80.38 49.68 -61.90
N VAL XA 59 80.18 50.00 -60.63
CA VAL XA 59 80.88 51.10 -59.96
C VAL XA 59 81.69 50.48 -58.83
N GLY XA 60 83.01 50.52 -58.96
CA GLY XA 60 83.90 49.94 -57.97
C GLY XA 60 84.13 48.46 -58.16
N LYS XA 61 84.23 47.72 -57.04
CA LYS XA 61 84.49 46.29 -57.11
C LYS XA 61 83.68 45.51 -56.09
N ARG XA 62 82.55 46.07 -55.63
CA ARG XA 62 81.71 45.44 -54.63
C ARG XA 62 80.31 45.26 -55.17
N PHE XA 63 79.80 44.03 -55.10
CA PHE XA 63 78.46 43.69 -55.53
C PHE XA 63 77.64 43.20 -54.34
N CYS XA 64 76.33 43.34 -54.46
CA CYS XA 64 75.37 42.58 -53.66
C CYS XA 64 74.25 42.18 -54.63
N ILE XA 65 74.37 40.97 -55.20
CA ILE XA 65 73.39 40.47 -56.15
C ILE XA 65 72.08 40.24 -55.42
N LYS XA 66 71.05 41.00 -55.82
CA LYS XA 66 69.74 40.85 -55.19
C LYS XA 66 69.09 39.55 -55.61
N SER XA 67 68.98 39.31 -56.92
CA SER XA 67 68.37 38.07 -57.38
C SER XA 67 68.89 37.72 -58.76
N ILE XA 68 69.00 36.42 -59.00
CA ILE XA 68 69.24 35.86 -60.33
C ILE XA 68 67.90 35.38 -60.88
N TYR XA 69 67.52 35.88 -62.05
CA TYR XA 69 66.26 35.55 -62.70
C TYR XA 69 66.58 34.73 -63.94
N ILE XA 70 66.34 33.43 -63.86
CA ILE XA 70 66.73 32.51 -64.93
C ILE XA 70 65.53 32.25 -65.81
N LEU XA 71 65.58 32.79 -67.03
CA LEU XA 71 64.72 32.34 -68.11
C LEU XA 71 65.46 31.27 -68.92
N GLY XA 72 64.72 30.56 -69.74
CA GLY XA 72 65.36 29.58 -70.59
C GLY XA 72 64.44 28.55 -71.21
N LYS XA 73 64.71 28.22 -72.47
CA LYS XA 73 64.02 27.14 -73.16
C LYS XA 73 65.03 26.06 -73.52
N ILE XA 74 64.72 24.84 -73.10
CA ILE XA 74 65.65 23.72 -73.19
C ILE XA 74 65.03 22.70 -74.14
N TRP XA 75 65.60 22.58 -75.34
CA TRP XA 75 64.98 21.72 -76.36
C TRP XA 75 66.00 20.72 -76.89
N LEU XA 76 65.50 19.86 -77.76
CA LEU XA 76 66.29 19.00 -78.63
C LEU XA 76 65.72 18.94 -80.03
N ASP XA 77 65.02 20.00 -80.47
CA ASP XA 77 64.15 19.94 -81.64
C ASP XA 77 64.93 20.15 -82.94
N GLU XA 78 66.24 19.92 -82.94
CA GLU XA 78 66.99 19.67 -84.15
C GLU XA 78 66.48 18.39 -84.80
N THR XA 79 66.66 18.26 -86.11
CA THR XA 79 66.14 17.12 -86.86
C THR XA 79 66.84 15.79 -86.55
N ILE XA 80 67.89 15.83 -85.72
CA ILE XA 80 68.63 14.66 -85.30
C ILE XA 80 68.37 14.58 -83.79
N LYS XA 81 68.98 13.61 -83.10
CA LYS XA 81 68.88 13.35 -81.67
C LYS XA 81 67.47 12.94 -81.26
N LYS XA 82 66.79 12.21 -82.14
CA LYS XA 82 65.62 11.42 -81.76
C LYS XA 82 65.99 10.03 -81.29
N GLN XA 83 67.08 9.45 -81.79
CA GLN XA 83 67.65 8.24 -81.20
C GLN XA 83 68.55 8.62 -80.03
N ASN XA 84 68.91 7.60 -79.23
CA ASN XA 84 69.70 7.72 -78.00
C ASN XA 84 69.04 8.71 -77.04
N HIS XA 85 67.73 8.62 -76.94
CA HIS XA 85 66.89 9.68 -76.37
C HIS XA 85 66.62 9.52 -74.88
N THR XA 86 65.65 10.30 -74.39
CA THR XA 86 65.23 10.41 -72.99
C THR XA 86 66.34 10.86 -72.05
N ASN XA 87 66.81 12.10 -72.20
CA ASN XA 87 67.79 12.69 -71.31
C ASN XA 87 67.11 13.81 -70.51
N ASN XA 88 67.68 14.14 -69.35
CA ASN XA 88 67.19 15.23 -68.54
C ASN XA 88 68.33 16.14 -68.10
N VAL XA 89 67.98 17.35 -67.68
CA VAL XA 89 68.95 18.39 -67.36
C VAL XA 89 68.84 18.72 -65.87
N ILE XA 90 69.96 18.66 -65.17
CA ILE XA 90 70.03 19.07 -63.78
C ILE XA 90 70.87 20.34 -63.72
N PHE XA 91 70.29 21.41 -63.16
CA PHE XA 91 71.03 22.65 -63.04
C PHE XA 91 71.73 22.75 -61.70
N TYR XA 92 72.82 23.51 -61.68
CA TYR XA 92 73.62 23.70 -60.48
C TYR XA 92 74.01 25.17 -60.38
N LEU XA 93 73.60 25.82 -59.30
CA LEU XA 93 73.93 27.21 -59.06
C LEU XA 93 74.74 27.25 -57.77
N LEU XA 94 76.05 27.46 -57.90
CA LEU XA 94 76.98 27.26 -56.80
C LEU XA 94 77.47 28.59 -56.27
N ARG XA 95 77.66 28.68 -54.96
CA ARG XA 95 78.34 29.80 -54.34
C ARG XA 95 79.82 29.45 -54.25
N ASP XA 96 80.64 30.10 -55.06
CA ASP XA 96 82.07 29.82 -55.11
C ASP XA 96 82.80 30.61 -54.03
N ARG XA 97 83.94 30.06 -53.58
CA ARG XA 97 84.72 30.67 -52.51
C ARG XA 97 85.99 31.35 -52.99
N ARG XA 98 86.60 30.90 -54.10
CA ARG XA 98 87.85 31.46 -54.59
C ARG XA 98 87.96 31.20 -56.08
N PRO XA 99 88.59 32.10 -56.84
CA PRO XA 99 88.81 31.84 -58.27
C PRO XA 99 90.20 31.29 -58.55
N TYR XA 100 90.38 30.76 -59.76
CA TYR XA 100 91.72 30.49 -60.32
C TYR XA 100 91.68 30.89 -61.79
N GLY XA 101 91.94 32.17 -62.06
CA GLY XA 101 91.96 32.68 -63.42
C GLY XA 101 90.64 32.54 -64.15
N ASN XA 102 90.60 31.59 -65.09
CA ASN XA 102 89.38 31.23 -65.80
C ASN XA 102 88.52 30.30 -64.95
N ALA XA 103 87.51 29.69 -65.57
CA ALA XA 103 86.62 28.78 -64.86
C ALA XA 103 87.31 27.44 -64.62
N PRO XA 104 87.13 26.83 -63.45
CA PRO XA 104 87.74 25.53 -63.19
C PRO XA 104 87.00 24.38 -63.87
N GLN XA 105 87.42 23.16 -63.59
CA GLN XA 105 86.77 21.98 -64.14
C GLN XA 105 85.40 21.78 -63.51
N ASP XA 106 84.62 20.87 -64.11
CA ASP XA 106 83.38 20.41 -63.49
C ASP XA 106 83.52 19.00 -62.93
N PHE XA 107 83.84 18.03 -63.80
CA PHE XA 107 83.87 16.64 -63.38
C PHE XA 107 85.05 16.36 -62.46
N GLY XA 108 86.13 17.13 -62.58
CA GLY XA 108 87.21 17.08 -61.63
C GLY XA 108 87.02 17.95 -60.41
N GLN XA 109 85.89 18.66 -60.31
CA GLN XA 109 85.61 19.51 -59.16
C GLN XA 109 84.45 19.01 -58.34
N ILE XA 110 83.27 18.80 -58.95
CA ILE XA 110 82.22 18.07 -58.23
C ILE XA 110 82.54 16.59 -58.28
N PHE XA 111 81.95 15.84 -57.34
CA PHE XA 111 82.56 14.59 -56.89
C PHE XA 111 82.33 13.44 -57.85
N ASN XA 112 81.08 13.04 -58.08
CA ASN XA 112 80.83 11.76 -58.72
C ASN XA 112 80.02 12.00 -59.99
N MET XA 113 79.59 10.91 -60.62
CA MET XA 113 79.00 10.96 -61.96
C MET XA 113 77.53 11.40 -61.89
N PHE XA 114 77.35 12.71 -62.05
CA PHE XA 114 76.17 13.43 -62.54
C PHE XA 114 75.01 13.47 -61.55
N ASP XA 115 75.10 12.76 -60.43
CA ASP XA 115 74.19 12.90 -59.29
C ASP XA 115 75.03 12.99 -58.04
N ASN XA 116 75.43 14.20 -57.67
CA ASN XA 116 76.52 14.34 -56.72
C ASN XA 116 76.43 15.68 -55.99
N GLU XA 117 77.52 15.99 -55.30
CA GLU XA 117 77.79 17.19 -54.52
C GLU XA 117 79.23 17.58 -54.84
N PRO XA 118 79.72 18.74 -54.40
CA PRO XA 118 81.16 19.00 -54.50
C PRO XA 118 81.98 18.05 -53.63
N SER XA 119 83.26 17.90 -53.99
CA SER XA 119 84.13 16.95 -53.34
C SER XA 119 84.46 17.40 -51.92
N THR XA 120 84.97 16.45 -51.13
CA THR XA 120 85.29 16.70 -49.73
C THR XA 120 86.48 17.65 -49.57
N ALA XA 121 87.38 17.67 -50.55
CA ALA XA 121 88.54 18.55 -50.51
C ALA XA 121 88.28 19.92 -51.13
N THR XA 122 87.04 20.20 -51.55
CA THR XA 122 86.73 21.42 -52.28
C THR XA 122 85.81 22.36 -51.52
N ILE XA 123 85.30 21.96 -50.37
CA ILE XA 123 84.34 22.79 -49.63
C ILE XA 123 85.04 23.97 -48.98
N PHE XA 131 83.34 23.87 -52.83
CA PHE XA 131 82.65 25.14 -53.07
C PHE XA 131 81.21 24.99 -52.62
N GLN XA 132 80.62 26.08 -52.13
CA GLN XA 132 79.27 26.00 -51.61
C GLN XA 132 78.26 25.91 -52.76
N VAL XA 133 77.09 25.40 -52.42
CA VAL XA 133 75.97 25.20 -53.35
C VAL XA 133 74.88 26.15 -52.91
N LEU XA 134 74.07 26.64 -53.84
CA LEU XA 134 72.84 27.31 -53.43
C LEU XA 134 71.60 26.46 -53.65
N ARG XA 135 71.28 26.10 -54.90
CA ARG XA 135 70.13 25.24 -55.18
C ARG XA 135 70.37 24.47 -56.48
N LYS XA 136 69.37 23.65 -56.84
CA LYS XA 136 69.35 22.84 -58.05
C LYS XA 136 68.06 23.09 -58.80
N PHE XA 137 67.96 22.55 -60.02
CA PHE XA 137 66.72 22.60 -60.80
C PHE XA 137 66.58 21.30 -61.58
N HIS XA 138 65.48 21.19 -62.34
CA HIS XA 138 65.20 20.03 -63.16
C HIS XA 138 64.65 20.47 -64.50
N ALA XA 139 64.94 19.68 -65.53
CA ALA XA 139 64.38 19.88 -66.87
C ALA XA 139 64.46 18.54 -67.57
N THR XA 140 63.31 17.97 -67.94
CA THR XA 140 63.23 16.62 -68.48
C THR XA 140 62.69 16.68 -69.90
N VAL XA 141 63.55 16.43 -70.88
CA VAL XA 141 63.15 16.44 -72.29
C VAL XA 141 63.27 15.03 -72.85
N VAL XA 142 62.14 14.33 -72.95
CA VAL XA 142 62.15 12.94 -73.39
C VAL XA 142 61.44 12.80 -74.73
N GLY XA 143 62.21 12.77 -75.82
CA GLY XA 143 61.62 12.62 -77.13
C GLY XA 143 62.29 11.62 -78.04
N GLY XA 144 61.58 10.56 -78.40
CA GLY XA 144 62.15 9.56 -79.29
C GLY XA 144 61.47 9.52 -80.64
N LEU XA 145 60.64 8.50 -80.87
CA LEU XA 145 59.90 8.38 -82.11
C LEU XA 145 58.47 8.02 -81.79
N TYR XA 146 57.61 8.18 -82.81
CA TYR XA 146 56.21 7.78 -82.88
C TYR XA 146 55.28 8.47 -81.88
N CYS XA 147 55.74 9.43 -81.08
CA CYS XA 147 54.77 10.43 -80.63
C CYS XA 147 55.25 11.85 -80.96
N MET XA 148 56.49 12.28 -80.69
CA MET XA 148 57.43 11.86 -79.63
C MET XA 148 57.15 12.81 -78.45
N LYS XA 149 56.80 12.24 -77.29
CA LYS XA 149 56.20 13.09 -76.26
C LYS XA 149 57.21 13.48 -75.19
N GLU XA 150 58.04 14.47 -75.56
CA GLU XA 150 58.38 15.70 -74.82
C GLU XA 150 59.41 16.48 -75.62
N GLN XA 151 59.45 17.78 -75.39
CA GLN XA 151 60.27 18.75 -76.11
C GLN XA 151 60.51 19.97 -75.25
N ALA XA 152 60.81 21.09 -75.90
CA ALA XA 152 61.18 22.39 -75.33
C ALA XA 152 60.32 22.78 -74.13
N LEU XA 153 60.97 22.91 -72.98
CA LEU XA 153 60.31 23.30 -71.74
C LEU XA 153 60.73 24.71 -71.36
N VAL XA 154 59.84 25.46 -70.72
CA VAL XA 154 60.15 26.82 -70.32
C VAL XA 154 60.33 26.87 -68.81
N LYS XA 155 61.41 27.48 -68.35
CA LYS XA 155 61.72 27.58 -66.93
C LYS XA 155 61.97 29.03 -66.55
N ARG XA 156 61.17 29.55 -65.61
CA ARG XA 156 61.41 30.84 -65.01
C ARG XA 156 61.52 30.68 -63.50
N PHE XA 157 62.45 31.40 -62.88
CA PHE XA 157 62.72 31.25 -61.45
C PHE XA 157 63.22 32.58 -60.88
N TYR XA 158 62.48 33.15 -59.94
CA TYR XA 158 63.08 34.07 -58.98
C TYR XA 158 64.02 33.30 -58.06
N ARG XA 159 65.19 33.89 -57.76
CA ARG XA 159 66.17 33.22 -56.90
C ARG XA 159 67.03 34.29 -56.23
N LEU XA 160 66.73 34.57 -54.96
CA LEU XA 160 67.45 35.60 -54.22
C LEU XA 160 68.82 35.09 -53.78
N ASN XA 161 69.82 35.97 -53.83
CA ASN XA 161 71.21 35.61 -53.56
C ASN XA 161 71.88 36.76 -52.82
N HIS XA 162 73.21 36.77 -52.78
CA HIS XA 162 73.95 37.71 -51.94
C HIS XA 162 75.25 38.11 -52.63
N HIS XA 163 76.18 38.68 -51.86
CA HIS XA 163 77.21 39.60 -52.33
C HIS XA 163 78.34 38.90 -53.08
N VAL XA 164 79.02 39.70 -53.92
CA VAL XA 164 80.14 39.28 -54.77
C VAL XA 164 81.18 40.39 -54.71
N THR XA 165 82.46 40.02 -54.71
CA THR XA 165 83.56 40.99 -54.71
C THR XA 165 84.46 40.71 -55.91
N TYR XA 166 84.94 41.79 -56.56
CA TYR XA 166 86.03 41.69 -57.51
C TYR XA 166 87.35 42.12 -56.87
N ASN XA 167 88.44 41.51 -57.34
CA ASN XA 167 89.76 41.81 -56.78
C ASN XA 167 90.31 43.12 -57.35
N HIS XA 168 90.55 43.15 -58.66
CA HIS XA 168 91.20 44.29 -59.27
C HIS XA 168 90.21 45.42 -59.51
N GLN XA 169 90.76 46.62 -59.69
CA GLN XA 169 89.97 47.82 -60.00
C GLN XA 169 89.92 48.08 -61.49
N GLU XA 170 90.08 47.03 -62.30
CA GLU XA 170 90.10 47.12 -63.74
C GLU XA 170 88.68 47.20 -64.29
N ALA XA 171 88.59 47.55 -65.57
CA ALA XA 171 87.35 47.36 -66.33
C ALA XA 171 87.41 46.02 -67.08
N GLY XA 172 87.65 44.96 -66.31
CA GLY XA 172 88.02 43.68 -66.85
C GLY XA 172 86.90 42.64 -66.76
N LYS XA 173 87.20 41.48 -67.33
CA LYS XA 173 86.29 40.36 -67.42
C LYS XA 173 86.44 39.46 -66.19
N TYR XA 174 85.95 38.22 -66.28
CA TYR XA 174 85.89 37.27 -65.17
C TYR XA 174 87.24 36.85 -64.59
N GLU XA 175 88.36 37.26 -65.20
CA GLU XA 175 89.66 36.73 -64.79
C GLU XA 175 90.13 37.32 -63.46
N ASN XA 176 89.70 38.52 -63.11
CA ASN XA 176 90.21 39.24 -61.94
C ASN XA 176 89.31 39.11 -60.72
N HIS XA 177 88.70 37.94 -60.51
CA HIS XA 177 87.81 37.73 -59.39
C HIS XA 177 88.58 37.57 -58.07
N THR XA 178 87.82 37.44 -56.99
CA THR XA 178 88.30 37.13 -55.65
C THR XA 178 87.21 36.33 -54.96
N GLU XA 179 87.24 36.32 -53.62
CA GLU XA 179 86.25 35.63 -52.78
C GLU XA 179 84.81 35.97 -53.16
N ASN XA 180 83.93 34.98 -52.93
CA ASN XA 180 82.48 35.04 -53.16
C ASN XA 180 82.16 35.31 -54.63
N ALA XA 181 82.56 34.35 -55.45
CA ALA XA 181 82.06 34.25 -56.81
C ALA XA 181 80.84 33.34 -56.83
N LEU XA 182 80.12 33.34 -57.95
CA LEU XA 182 79.00 32.44 -58.16
C LEU XA 182 78.80 32.24 -59.66
N LEU XA 183 78.46 31.02 -60.05
CA LEU XA 183 78.39 30.65 -61.45
C LEU XA 183 77.49 29.44 -61.60
N LEU XA 184 77.34 28.97 -62.83
CA LEU XA 184 76.44 27.87 -63.15
C LEU XA 184 77.18 26.69 -63.75
N TYR XA 185 76.62 25.50 -63.51
CA TYR XA 185 76.99 24.29 -64.23
C TYR XA 185 75.71 23.62 -64.70
N MET XA 186 75.73 23.11 -65.93
CA MET XA 186 74.63 22.35 -66.49
C MET XA 186 75.12 20.94 -66.80
N ALA XA 187 74.27 19.95 -66.54
CA ALA XA 187 74.69 18.56 -66.63
C ALA XA 187 73.68 17.75 -67.42
N CYS XA 188 74.18 16.97 -68.37
CA CYS XA 188 73.39 15.96 -69.06
C CYS XA 188 73.68 14.59 -68.46
N THR XA 189 72.71 13.67 -68.60
CA THR XA 189 72.79 12.38 -67.96
C THR XA 189 72.91 11.21 -68.92
N HIS XA 190 73.20 11.46 -70.20
CA HIS XA 190 73.33 10.39 -71.19
C HIS XA 190 74.43 10.74 -72.17
N ALA XA 191 74.96 9.70 -72.82
CA ALA XA 191 76.14 9.84 -73.68
C ALA XA 191 75.86 10.64 -74.94
N SER XA 192 74.62 10.64 -75.42
CA SER XA 192 74.24 11.53 -76.51
C SER XA 192 74.20 12.97 -76.01
N ASN XA 193 74.21 13.90 -76.96
CA ASN XA 193 74.08 15.30 -76.58
C ASN XA 193 72.88 15.94 -77.29
N PRO XA 194 71.64 15.70 -76.83
CA PRO XA 194 70.49 16.33 -77.49
C PRO XA 194 70.23 17.75 -77.02
N VAL XA 195 70.73 18.14 -75.86
CA VAL XA 195 70.26 19.32 -75.15
C VAL XA 195 70.82 20.56 -75.82
N TYR XA 196 69.93 21.37 -76.39
CA TYR XA 196 70.25 22.72 -76.85
C TYR XA 196 69.54 23.71 -75.95
N ALA XA 197 70.21 24.05 -74.85
CA ALA XA 197 69.62 24.88 -73.80
C ALA XA 197 70.12 26.32 -73.94
N THR XA 198 69.20 27.23 -74.24
CA THR XA 198 69.50 28.65 -74.33
C THR XA 198 68.77 29.37 -73.20
N LEU XA 199 69.51 30.13 -72.41
CA LEU XA 199 69.01 30.68 -71.18
C LEU XA 199 69.25 32.17 -71.12
N LYS XA 200 68.25 32.91 -70.68
CA LYS XA 200 68.35 34.34 -70.40
C LYS XA 200 68.44 34.54 -68.90
N ILE XA 201 69.55 35.12 -68.45
CA ILE XA 201 69.89 35.16 -67.03
C ILE XA 201 70.00 36.63 -66.63
N ARG XA 202 68.95 37.17 -66.02
CA ARG XA 202 69.00 38.52 -65.49
C ARG XA 202 69.58 38.53 -64.09
N ILE XA 203 70.58 39.38 -63.87
CA ILE XA 203 71.01 39.76 -62.54
C ILE XA 203 70.77 41.26 -62.39
N TYR XA 204 69.88 41.64 -61.47
CA TYR XA 204 69.74 43.04 -61.10
C TYR XA 204 70.10 43.20 -59.63
N PHE XA 205 70.87 44.25 -59.34
CA PHE XA 205 71.54 44.39 -58.06
C PHE XA 205 71.76 45.85 -57.71
N PRO YA 16 44.87 113.51 -25.32
CA PRO YA 16 45.06 112.24 -26.02
C PRO YA 16 46.01 112.36 -27.22
N ASP YA 17 46.52 113.56 -27.48
CA ASP YA 17 47.35 113.82 -28.64
C ASP YA 17 48.74 114.31 -28.26
N ILE YA 18 48.84 115.22 -27.29
CA ILE YA 18 50.07 115.96 -27.00
C ILE YA 18 50.77 115.43 -25.76
N PRO YA 19 52.11 115.44 -25.73
CA PRO YA 19 52.84 115.01 -24.53
C PRO YA 19 53.28 116.14 -23.60
N ARG YA 20 52.99 117.40 -23.91
CA ARG YA 20 53.61 118.51 -23.20
C ARG YA 20 52.65 119.28 -22.31
N GLY YA 21 51.56 119.84 -22.87
CA GLY YA 21 50.68 120.70 -22.14
C GLY YA 21 49.33 120.86 -22.80
N CYS YA 22 48.30 121.13 -22.00
CA CYS YA 22 46.90 121.07 -22.41
C CYS YA 22 46.44 122.30 -23.18
N GLU YA 23 47.37 123.10 -23.71
CA GLU YA 23 47.02 124.15 -24.65
C GLU YA 23 46.45 123.56 -25.94
N GLY YA 24 45.70 124.38 -26.66
CA GLY YA 24 45.22 123.99 -27.96
C GLY YA 24 46.36 123.87 -28.94
N PRO YA 25 46.31 122.85 -29.82
CA PRO YA 25 47.38 122.68 -30.82
C PRO YA 25 47.32 123.77 -31.88
N CYS YA 26 47.85 124.94 -31.55
CA CYS YA 26 47.67 126.13 -32.36
C CYS YA 26 48.52 126.07 -33.63
N LYS YA 27 47.93 126.50 -34.73
CA LYS YA 27 48.60 126.47 -36.03
C LYS YA 27 49.38 127.77 -36.24
N VAL YA 28 50.63 127.63 -36.67
CA VAL YA 28 51.42 128.75 -37.15
C VAL YA 28 51.96 128.35 -38.51
N GLN YA 29 51.38 128.90 -39.56
CA GLN YA 29 51.65 128.47 -40.93
C GLN YA 29 52.62 129.43 -41.60
N SER YA 30 53.74 128.89 -42.06
CA SER YA 30 54.74 129.67 -42.76
C SER YA 30 54.50 129.44 -44.25
N PHE YA 31 53.54 130.17 -44.81
CA PHE YA 31 53.35 130.16 -46.25
C PHE YA 31 54.48 130.91 -46.92
N GLU YA 32 54.92 130.39 -48.05
CA GLU YA 32 55.84 131.10 -48.91
C GLU YA 32 55.24 131.19 -50.31
N GLN YA 33 55.51 132.31 -50.97
CA GLN YA 33 55.33 132.45 -52.41
C GLN YA 33 56.70 132.87 -52.90
N ARG YA 34 57.56 131.88 -53.09
CA ARG YA 34 58.99 132.12 -53.31
C ARG YA 34 59.53 131.23 -54.42
N ASP YA 35 60.84 131.19 -54.52
CA ASP YA 35 61.56 130.28 -55.40
C ASP YA 35 62.88 129.94 -54.73
N ASP YA 36 63.80 129.39 -55.50
CA ASP YA 36 65.14 129.13 -54.98
C ASP YA 36 66.15 129.44 -56.07
N VAL YA 37 67.40 129.12 -55.78
CA VAL YA 37 68.47 129.10 -56.78
C VAL YA 37 68.99 127.67 -56.79
N LYS YA 38 70.05 127.41 -57.56
CA LYS YA 38 70.64 126.08 -57.57
C LYS YA 38 71.23 125.73 -56.21
N HIS YA 39 71.88 126.69 -55.55
CA HIS YA 39 72.61 126.40 -54.33
C HIS YA 39 71.69 126.24 -53.13
N LEU YA 40 70.75 127.18 -52.95
CA LEU YA 40 70.05 127.21 -51.68
C LEU YA 40 68.66 127.82 -51.82
N GLY YA 41 67.71 127.21 -51.14
CA GLY YA 41 66.50 127.89 -50.75
C GLY YA 41 66.35 127.74 -49.25
N ILE YA 42 66.49 128.83 -48.51
CA ILE YA 42 66.59 128.77 -47.06
C ILE YA 42 65.28 129.23 -46.44
N CYS YA 43 64.81 128.44 -45.47
CA CYS YA 43 63.54 128.73 -44.80
C CYS YA 43 63.66 128.29 -43.35
N LYS YA 44 63.91 129.23 -42.44
CA LYS YA 44 63.64 128.96 -41.04
C LYS YA 44 62.14 128.96 -40.82
N VAL YA 45 61.62 127.79 -40.47
CA VAL YA 45 60.17 127.61 -40.45
C VAL YA 45 59.58 128.13 -39.13
N ILE YA 46 60.42 128.29 -38.11
CA ILE YA 46 59.97 128.67 -36.79
C ILE YA 46 60.20 130.17 -36.56
N SER YA 47 60.27 130.95 -37.65
CA SER YA 47 60.81 132.30 -37.60
C SER YA 47 59.83 133.28 -36.96
N ASP YA 48 58.64 133.42 -37.53
CA ASP YA 48 57.70 134.47 -37.16
C ASP YA 48 56.89 134.13 -35.91
N VAL YA 49 57.32 133.20 -35.07
CA VAL YA 49 56.55 132.80 -33.89
C VAL YA 49 56.96 133.70 -32.73
N THR YA 50 56.16 134.72 -32.44
CA THR YA 50 56.41 135.67 -31.38
C THR YA 50 55.45 135.42 -30.23
N ARG YA 51 55.73 136.04 -29.08
CA ARG YA 51 54.83 135.94 -27.93
C ARG YA 51 53.59 136.78 -28.16
N GLY YA 52 52.42 136.18 -27.95
CA GLY YA 52 51.17 136.87 -28.10
C GLY YA 52 50.00 136.00 -27.70
N PRO YA 53 48.82 136.60 -27.52
CA PRO YA 53 47.64 135.81 -27.11
C PRO YA 53 47.02 135.01 -28.23
N GLY YA 54 47.26 135.36 -29.48
CA GLY YA 54 46.63 134.67 -30.60
C GLY YA 54 47.21 133.29 -30.83
N LEU YA 55 46.52 132.53 -31.69
CA LEU YA 55 46.95 131.18 -32.01
C LEU YA 55 48.06 131.14 -33.05
N THR YA 56 48.39 132.28 -33.67
CA THR YA 56 49.59 132.40 -34.49
C THR YA 56 50.79 132.87 -33.67
N HIS YA 57 50.80 132.56 -32.38
CA HIS YA 57 51.79 133.07 -31.45
C HIS YA 57 52.19 131.95 -30.50
N ARG YA 58 52.87 132.30 -29.42
CA ARG YA 58 53.43 131.32 -28.51
C ARG YA 58 53.28 131.79 -27.07
N VAL YA 59 53.33 130.83 -26.15
CA VAL YA 59 53.31 131.10 -24.71
C VAL YA 59 54.62 130.57 -24.14
N GLY YA 60 55.48 131.49 -23.69
CA GLY YA 60 56.77 131.11 -23.14
C GLY YA 60 57.83 130.94 -24.21
N LYS YA 61 58.72 129.96 -24.01
CA LYS YA 61 59.81 129.73 -24.94
C LYS YA 61 60.07 128.24 -25.17
N ARG YA 62 59.06 127.40 -24.93
CA ARG YA 62 59.19 125.96 -25.08
C ARG YA 62 58.16 125.45 -26.07
N PHE YA 63 58.63 124.72 -27.09
CA PHE YA 63 57.78 124.11 -28.10
C PHE YA 63 57.88 122.60 -28.03
N CYS YA 64 56.84 121.93 -28.52
CA CYS YA 64 56.91 120.53 -28.92
C CYS YA 64 56.10 120.45 -30.21
N ILE YA 65 56.79 120.56 -31.35
CA ILE YA 65 56.15 120.50 -32.65
C ILE YA 65 55.60 119.09 -32.87
N LYS YA 66 54.27 119.00 -32.98
CA LYS YA 66 53.65 117.70 -33.20
C LYS YA 66 53.92 117.20 -34.62
N SER YA 67 53.60 118.02 -35.62
CA SER YA 67 53.83 117.61 -36.99
C SER YA 67 54.00 118.83 -37.88
N ILE YA 68 54.86 118.67 -38.89
CA ILE YA 68 54.97 119.62 -40.00
C ILE YA 68 54.19 119.05 -41.17
N TYR YA 69 53.24 119.84 -41.67
CA TYR YA 69 52.38 119.45 -42.79
C TYR YA 69 52.74 120.30 -43.99
N ILE YA 70 53.45 119.70 -44.94
CA ILE YA 70 54.01 120.44 -46.08
C ILE YA 70 53.06 120.28 -47.26
N LEU YA 71 52.37 121.35 -47.60
CA LEU YA 71 51.75 121.49 -48.91
C LEU YA 71 52.70 122.20 -49.85
N GLY YA 72 52.39 122.14 -51.14
CA GLY YA 72 53.21 122.85 -52.08
C GLY YA 72 53.05 122.43 -53.53
N LYS YA 73 53.07 123.42 -54.43
CA LYS YA 73 53.07 123.17 -55.86
C LYS YA 73 54.38 123.71 -56.44
N ILE YA 74 55.09 122.85 -57.15
CA ILE YA 74 56.44 123.13 -57.64
C ILE YA 74 56.37 123.14 -59.15
N TRP YA 75 56.47 124.32 -59.76
CA TRP YA 75 56.31 124.43 -61.20
C TRP YA 75 57.50 125.13 -61.84
N LEU YA 76 57.43 125.20 -63.16
CA LEU YA 76 58.28 126.04 -63.98
C LEU YA 76 57.49 126.71 -65.09
N ASP YA 77 56.19 126.94 -64.89
CA ASP YA 77 55.26 127.25 -65.97
C ASP YA 77 55.27 128.73 -66.33
N GLU YA 78 56.33 129.46 -65.98
CA GLU YA 78 56.64 130.73 -66.61
C GLU YA 78 56.92 130.50 -68.08
N THR YA 79 56.73 131.53 -68.92
CA THR YA 79 56.87 131.41 -70.36
C THR YA 79 58.33 131.20 -70.82
N ILE YA 80 59.28 131.25 -69.89
CA ILE YA 80 60.70 131.03 -70.17
C ILE YA 80 61.02 129.74 -69.40
N LYS YA 81 62.28 129.31 -69.43
CA LYS YA 81 62.82 128.12 -68.77
C LYS YA 81 62.22 126.83 -69.35
N LYS YA 82 61.96 126.84 -70.65
CA LYS YA 82 61.78 125.61 -71.41
C LYS YA 82 63.09 125.06 -71.96
N GLN YA 83 64.06 125.91 -72.25
CA GLN YA 83 65.43 125.46 -72.51
C GLN YA 83 66.17 125.27 -71.19
N ASN YA 84 67.33 124.59 -71.28
CA ASN YA 84 68.17 124.20 -70.15
C ASN YA 84 67.37 123.41 -69.12
N HIS YA 85 66.54 122.50 -69.63
CA HIS YA 85 65.44 121.91 -68.87
C HIS YA 85 65.82 120.59 -68.17
N THR YA 86 64.79 119.89 -67.71
CA THR YA 86 64.85 118.64 -66.93
C THR YA 86 65.61 118.77 -65.62
N ASN YA 87 65.08 119.54 -64.68
CA ASN YA 87 65.65 119.66 -63.34
C ASN YA 87 64.70 119.01 -62.34
N ASN YA 88 65.24 118.61 -61.19
CA ASN YA 88 64.43 118.05 -60.12
C ASN YA 88 64.77 118.71 -58.79
N VAL YA 89 63.88 118.56 -57.82
CA VAL YA 89 63.98 119.23 -56.53
C VAL YA 89 64.14 118.17 -55.44
N ILE YA 90 65.17 118.32 -54.63
CA ILE YA 90 65.38 117.47 -53.46
C ILE YA 90 65.15 118.33 -52.23
N PHE YA 91 64.24 117.90 -51.37
CA PHE YA 91 63.97 118.65 -50.15
C PHE YA 91 64.81 118.12 -48.99
N TYR YA 92 65.07 119.00 -48.03
CA TYR YA 92 65.87 118.66 -46.86
C TYR YA 92 65.22 119.28 -45.64
N LEU YA 93 64.85 118.43 -44.68
CA LEU YA 93 64.24 118.88 -43.44
C LEU YA 93 65.18 118.45 -42.32
N LEU YA 94 65.92 119.41 -41.76
CA LEU YA 94 67.03 119.11 -40.87
C LEU YA 94 66.67 119.42 -39.43
N ARG YA 95 67.15 118.60 -38.50
CA ARG YA 95 67.08 118.92 -37.08
C ARG YA 95 68.37 119.63 -36.70
N ASP YA 96 68.27 120.93 -36.44
CA ASP YA 96 69.43 121.75 -36.12
C ASP YA 96 69.75 121.64 -34.63
N ARG YA 97 71.03 121.84 -34.31
CA ARG YA 97 71.51 121.72 -32.93
C ARG YA 97 71.81 123.06 -32.26
N ARG YA 98 72.19 124.08 -33.02
CA ARG YA 98 72.55 125.38 -32.44
C ARG YA 98 72.34 126.45 -33.48
N PRO YA 99 71.97 127.66 -33.07
CA PRO YA 99 71.86 128.77 -34.04
C PRO YA 99 73.10 129.65 -34.07
N TYR YA 100 73.20 130.49 -35.10
CA TYR YA 100 74.13 131.62 -35.10
C TYR YA 100 73.40 132.80 -35.74
N GLY YA 101 72.67 133.55 -34.93
CA GLY YA 101 71.93 134.72 -35.38
C GLY YA 101 70.89 134.40 -36.43
N ASN YA 102 71.19 134.77 -37.67
CA ASN YA 102 70.35 134.45 -38.82
C ASN YA 102 70.62 133.02 -39.29
N ALA YA 103 70.12 132.68 -40.47
CA ALA YA 103 70.31 131.34 -41.01
C ALA YA 103 71.74 131.17 -41.54
N PRO YA 104 72.36 130.00 -41.31
CA PRO YA 104 73.72 129.79 -41.84
C PRO YA 104 73.73 129.49 -43.33
N GLN YA 105 74.91 129.16 -43.85
CA GLN YA 105 75.06 128.80 -45.25
C GLN YA 105 74.42 127.45 -45.54
N ASP YA 106 74.29 127.14 -46.83
CA ASP YA 106 73.91 125.79 -47.24
C ASP YA 106 75.09 125.04 -47.84
N PHE YA 107 75.68 125.57 -48.91
CA PHE YA 107 76.74 124.86 -49.62
C PHE YA 107 78.02 124.82 -48.80
N GLY YA 108 78.23 125.79 -47.92
CA GLY YA 108 79.30 125.74 -46.96
C GLY YA 108 78.98 124.99 -45.69
N GLN YA 109 77.77 124.45 -45.56
CA GLN YA 109 77.36 123.70 -44.38
C GLN YA 109 77.13 122.23 -44.68
N ILE YA 110 76.26 121.89 -45.64
CA ILE YA 110 76.22 120.52 -46.12
C ILE YA 110 77.40 120.30 -47.06
N PHE YA 111 77.74 119.02 -47.24
CA PHE YA 111 79.12 118.68 -47.61
C PHE YA 111 79.41 118.89 -49.09
N ASN YA 112 78.73 118.17 -49.97
CA ASN YA 112 79.19 118.10 -51.35
C ASN YA 112 78.08 118.60 -52.27
N MET YA 113 78.30 118.47 -53.57
CA MET YA 113 77.45 119.10 -54.58
C MET YA 113 76.16 118.30 -54.78
N PHE YA 114 75.14 118.71 -54.04
CA PHE YA 114 73.69 118.57 -54.29
C PHE YA 114 73.17 117.15 -54.11
N ASP YA 115 74.04 116.16 -53.88
CA ASP YA 115 73.65 114.82 -53.45
C ASP YA 115 74.58 114.45 -52.30
N ASN YA 116 74.17 114.79 -51.08
CA ASN YA 116 75.12 114.81 -49.98
C ASN YA 116 74.43 114.63 -48.64
N GLU YA 117 75.19 114.89 -47.59
CA GLU YA 117 74.85 114.84 -46.18
C GLU YA 117 75.49 116.07 -45.55
N PRO YA 118 75.21 116.40 -44.29
CA PRO YA 118 76.02 117.44 -43.61
C PRO YA 118 77.46 117.00 -43.43
N SER YA 119 78.33 118.00 -43.27
CA SER YA 119 79.76 117.76 -43.20
C SER YA 119 80.14 117.05 -41.90
N THR YA 120 81.35 116.49 -41.89
CA THR YA 120 81.84 115.74 -40.73
C THR YA 120 82.10 116.64 -39.54
N ALA YA 121 82.41 117.92 -39.76
CA ALA YA 121 82.65 118.86 -38.68
C ALA YA 121 81.40 119.57 -38.21
N THR YA 122 80.23 119.21 -38.74
CA THR YA 122 78.99 119.94 -38.46
C THR YA 122 77.97 119.11 -37.69
N ILE YA 123 78.22 117.83 -37.46
CA ILE YA 123 77.25 116.97 -36.81
C ILE YA 123 77.16 117.27 -35.32
N PHE YA 131 74.88 119.03 -38.38
CA PHE YA 131 73.50 119.17 -37.91
C PHE YA 131 72.73 117.92 -38.28
N GLN YA 132 71.76 117.53 -37.46
CA GLN YA 132 71.03 116.31 -37.72
C GLN YA 132 70.03 116.51 -38.86
N VAL YA 133 69.66 115.39 -39.46
CA VAL YA 133 68.73 115.34 -40.59
C VAL YA 133 67.48 114.63 -40.07
N LEU YA 134 66.31 114.98 -40.61
CA LEU YA 134 65.15 114.14 -40.36
C LEU YA 134 64.77 113.28 -41.57
N ARG YA 135 64.40 113.88 -42.69
CA ARG YA 135 64.07 113.14 -43.91
C ARG YA 135 64.34 113.99 -45.14
N LYS YA 136 64.06 113.40 -46.31
CA LYS YA 136 64.21 114.03 -47.61
C LYS YA 136 62.92 113.86 -48.39
N PHE YA 137 62.83 114.53 -49.54
CA PHE YA 137 61.69 114.37 -50.46
C PHE YA 137 62.21 114.45 -51.89
N HIS YA 138 61.28 114.30 -52.84
CA HIS YA 138 61.59 114.38 -54.27
C HIS YA 138 60.50 115.17 -54.98
N ALA YA 139 60.90 115.85 -56.05
CA ALA YA 139 59.97 116.55 -56.94
C ALA YA 139 60.69 116.70 -58.27
N THR YA 140 60.14 116.09 -59.33
CA THR YA 140 60.79 116.03 -60.62
C THR YA 140 59.94 116.76 -61.66
N VAL YA 141 60.41 117.92 -62.10
CA VAL YA 141 59.69 118.71 -63.10
C VAL YA 141 60.53 118.77 -64.38
N VAL YA 142 60.16 117.95 -65.36
CA VAL YA 142 60.94 117.84 -66.58
C VAL YA 142 60.12 118.34 -67.77
N GLY YA 143 60.35 119.60 -68.16
CA GLY YA 143 59.63 120.16 -69.29
C GLY YA 143 60.46 120.92 -70.28
N GLY YA 144 60.56 120.43 -71.51
CA GLY YA 144 61.33 121.12 -72.53
C GLY YA 144 60.48 121.69 -73.63
N LEU YA 145 60.48 121.04 -74.80
CA LEU YA 145 59.66 121.47 -75.92
C LEU YA 145 59.00 120.25 -76.53
N TYR YA 146 57.99 120.52 -77.37
CA TYR YA 146 57.24 119.58 -78.22
C TYR YA 146 56.47 118.50 -77.49
N CYS YA 147 56.40 118.48 -76.16
CA CYS YA 147 55.22 117.88 -75.56
C CYS YA 147 54.53 118.85 -74.60
N MET YA 148 55.20 119.55 -73.64
CA MET YA 148 56.44 119.21 -72.93
C MET YA 148 56.00 118.46 -71.66
N LYS YA 149 56.48 117.23 -71.49
CA LYS YA 149 55.82 116.37 -70.51
C LYS YA 149 56.59 116.32 -69.20
N GLU YA 150 56.42 117.39 -68.42
CA GLU YA 150 56.08 117.44 -66.99
C GLU YA 150 56.05 118.89 -66.53
N GLN YA 151 55.31 119.15 -65.46
CA GLN YA 151 55.02 120.47 -64.93
C GLN YA 151 54.66 120.36 -63.46
N ALA YA 152 53.94 121.36 -62.96
CA ALA YA 152 53.53 121.57 -61.56
C ALA YA 152 53.05 120.30 -60.89
N LEU YA 153 53.77 119.88 -59.85
CA LEU YA 153 53.43 118.68 -59.08
C LEU YA 153 52.93 119.11 -57.71
N VAL YA 154 52.01 118.32 -57.14
CA VAL YA 154 51.46 118.64 -55.83
C VAL YA 154 52.02 117.65 -54.81
N LYS YA 155 52.51 118.17 -53.69
CA LYS YA 155 53.11 117.33 -52.64
C LYS YA 155 52.45 117.65 -51.31
N ARG YA 156 51.85 116.65 -50.68
CA ARG YA 156 51.36 116.74 -49.32
C ARG YA 156 51.99 115.65 -48.48
N PHE YA 157 52.38 116.00 -47.24
CA PHE YA 157 53.08 115.07 -46.36
C PHE YA 157 52.75 115.37 -44.91
N TYR YA 158 52.15 114.40 -44.21
CA TYR YA 158 52.27 114.34 -42.77
C TYR YA 158 53.71 114.01 -42.37
N ARG YA 159 54.22 114.67 -41.34
CA ARG YA 159 55.59 114.44 -40.92
C ARG YA 159 55.70 114.79 -39.43
N LEU YA 160 55.71 113.77 -38.58
CA LEU YA 160 55.77 113.98 -37.13
C LEU YA 160 57.19 114.34 -36.69
N ASN YA 161 57.29 115.25 -35.73
CA ASN YA 161 58.58 115.79 -35.29
C ASN YA 161 58.52 116.01 -33.78
N HIS YA 162 59.46 116.78 -33.25
CA HIS YA 162 59.62 116.91 -31.79
C HIS YA 162 60.05 118.33 -31.45
N HIS YA 163 60.56 118.51 -30.23
CA HIS YA 163 60.54 119.75 -29.47
C HIS YA 163 61.55 120.78 -29.99
N VAL YA 164 61.25 122.05 -29.69
CA VAL YA 164 62.03 123.23 -30.07
C VAL YA 164 62.06 124.17 -28.86
N THR YA 165 63.20 124.81 -28.61
CA THR YA 165 63.33 125.77 -27.53
C THR YA 165 63.78 127.12 -28.10
N TYR YA 166 63.22 128.21 -27.57
CA TYR YA 166 63.76 129.55 -27.80
C TYR YA 166 64.59 130.00 -26.61
N ASN YA 167 65.59 130.83 -26.89
CA ASN YA 167 66.49 131.31 -25.83
C ASN YA 167 65.85 132.47 -25.07
N HIS YA 168 65.59 133.57 -25.75
CA HIS YA 168 65.13 134.77 -25.07
C HIS YA 168 63.63 134.69 -24.82
N GLN YA 169 63.17 135.52 -23.87
CA GLN YA 169 61.76 135.65 -23.53
C GLN YA 169 61.10 136.79 -24.29
N GLU YA 170 61.65 137.16 -25.44
CA GLU YA 170 61.16 138.25 -26.24
C GLU YA 170 59.96 137.82 -27.07
N ALA YA 171 59.27 138.80 -27.65
CA ALA YA 171 58.30 138.56 -28.71
C ALA YA 171 58.98 138.73 -30.06
N GLY YA 172 60.07 137.99 -30.24
CA GLY YA 172 61.00 138.20 -31.33
C GLY YA 172 60.92 137.15 -32.42
N LYS YA 173 61.72 137.39 -33.46
CA LYS YA 173 61.77 136.56 -34.65
C LYS YA 173 62.84 135.48 -34.46
N TYR YA 174 63.27 134.86 -35.56
CA TYR YA 174 64.19 133.72 -35.58
C TYR YA 174 65.58 133.99 -35.00
N GLU YA 175 65.91 135.24 -34.66
CA GLU YA 175 67.28 135.57 -34.28
C GLU YA 175 67.64 135.06 -32.88
N ASN YA 176 66.65 134.91 -32.00
CA ASN YA 176 66.91 134.58 -30.60
C ASN YA 176 66.74 133.09 -30.29
N HIS YA 177 67.13 132.22 -31.20
CA HIS YA 177 66.99 130.78 -31.01
C HIS YA 177 68.03 130.24 -30.02
N THR YA 178 67.91 128.94 -29.75
CA THR YA 178 68.86 128.16 -28.96
C THR YA 178 68.84 126.75 -29.52
N GLU YA 179 69.26 125.78 -28.70
CA GLU YA 179 69.29 124.36 -29.05
C GLU YA 179 67.95 123.86 -29.59
N ASN YA 180 68.05 122.85 -30.48
CA ASN YA 180 66.93 122.16 -31.13
C ASN YA 180 66.08 123.13 -31.96
N ALA YA 181 66.72 123.68 -32.99
CA ALA YA 181 66.02 124.34 -34.07
C ALA YA 181 65.75 123.33 -35.19
N LEU YA 182 64.92 123.74 -36.15
CA LEU YA 182 64.65 122.92 -37.32
C LEU YA 182 64.19 123.83 -38.45
N LEU YA 183 64.63 123.54 -39.67
CA LEU YA 183 64.38 124.42 -40.81
C LEU YA 183 64.51 123.59 -42.08
N LEU YA 184 64.33 124.27 -43.22
CA LEU YA 184 64.31 123.62 -44.52
C LEU YA 184 65.41 124.14 -45.42
N TYR YA 185 65.87 123.26 -46.31
CA TYR YA 185 66.68 123.64 -47.46
C TYR YA 185 66.10 123.00 -48.70
N MET YA 186 66.07 123.76 -49.78
CA MET YA 186 65.62 123.27 -51.08
C MET YA 186 66.78 123.36 -52.06
N ALA YA 187 66.92 122.35 -52.91
CA ALA YA 187 68.08 122.24 -53.78
C ALA YA 187 67.66 121.95 -55.21
N CYS YA 188 68.23 122.71 -56.14
CA CYS YA 188 68.12 122.43 -57.56
C CYS YA 188 69.40 121.75 -58.05
N THR YA 189 69.28 120.99 -59.13
CA THR YA 189 70.37 120.16 -59.61
C THR YA 189 70.91 120.58 -60.97
N HIS YA 190 70.57 121.77 -61.46
CA HIS YA 190 71.05 122.24 -62.75
C HIS YA 190 71.29 123.74 -62.69
N ALA YA 191 72.13 124.22 -63.61
CA ALA YA 191 72.60 125.60 -63.58
C ALA YA 191 71.50 126.60 -63.90
N SER YA 192 70.49 126.20 -64.67
CA SER YA 192 69.31 127.04 -64.85
C SER YA 192 68.49 127.10 -63.57
N ASN YA 193 67.62 128.08 -63.48
CA ASN YA 193 66.73 128.14 -62.33
C ASN YA 193 65.26 128.13 -62.77
N PRO YA 194 64.70 126.97 -63.13
CA PRO YA 194 63.28 126.96 -63.54
C PRO YA 194 62.32 126.89 -62.38
N VAL YA 195 62.78 126.46 -61.20
CA VAL YA 195 61.91 126.02 -60.12
C VAL YA 195 61.27 127.23 -59.45
N TYR YA 196 59.96 127.35 -59.58
CA TYR YA 196 59.16 128.30 -58.80
C TYR YA 196 58.30 127.51 -57.83
N ALA YA 197 58.88 127.21 -56.67
CA ALA YA 197 58.26 126.35 -55.68
C ALA YA 197 57.62 127.19 -54.57
N THR YA 198 56.30 127.14 -54.47
CA THR YA 198 55.56 127.82 -53.43
C THR YA 198 54.93 126.77 -52.53
N LEU YA 199 55.19 126.87 -51.23
CA LEU YA 199 54.86 125.82 -50.28
C LEU YA 199 54.08 126.41 -49.11
N LYS YA 200 53.03 125.69 -48.72
CA LYS YA 200 52.27 125.99 -47.53
C LYS YA 200 52.65 125.01 -46.43
N ILE YA 201 53.19 125.53 -45.33
CA ILE YA 201 53.83 124.72 -44.31
C ILE YA 201 53.09 124.94 -43.00
N ARG YA 202 52.19 124.02 -42.65
CA ARG YA 202 51.50 124.07 -41.38
C ARG YA 202 52.33 123.40 -40.29
N ILE YA 203 52.54 124.11 -39.19
CA ILE YA 203 53.00 123.51 -37.94
C ILE YA 203 51.90 123.72 -36.91
N TYR YA 204 51.32 122.63 -36.42
CA TYR YA 204 50.43 122.70 -35.27
C TYR YA 204 51.02 121.89 -34.13
N PHE YA 205 50.96 122.47 -32.94
CA PHE YA 205 51.73 121.98 -31.80
C PHE YA 205 51.03 122.30 -30.48
N PRO ZA 16 68.53 70.88 -47.58
CA PRO ZA 16 67.51 71.83 -47.14
C PRO ZA 16 66.80 72.53 -48.30
N ASP ZA 17 67.19 72.21 -49.53
CA ASP ZA 17 66.67 72.89 -50.71
C ASP ZA 17 65.97 71.91 -51.66
N ILE ZA 18 66.55 70.74 -51.89
CA ILE ZA 18 66.13 69.83 -52.96
C ILE ZA 18 65.32 68.65 -52.42
N PRO ZA 19 64.33 68.17 -53.17
CA PRO ZA 19 63.58 66.99 -52.73
C PRO ZA 19 64.04 65.67 -53.33
N ARG ZA 20 65.07 65.64 -54.19
CA ARG ZA 20 65.38 64.46 -54.98
C ARG ZA 20 66.67 63.77 -54.56
N GLY ZA 21 67.81 64.46 -54.58
CA GLY ZA 21 69.09 63.84 -54.34
C GLY ZA 21 70.16 64.84 -53.99
N CYS ZA 22 71.15 64.40 -53.23
CA CYS ZA 22 72.14 65.26 -52.59
C CYS ZA 22 73.25 65.73 -53.52
N GLU ZA 23 73.05 65.64 -54.84
CA GLU ZA 23 73.95 66.26 -55.80
C GLU ZA 23 73.90 67.78 -55.66
N GLY ZA 24 74.96 68.43 -56.12
CA GLY ZA 24 74.99 69.87 -56.18
C GLY ZA 24 74.00 70.38 -57.19
N PRO ZA 25 73.31 71.48 -56.87
CA PRO ZA 25 72.34 72.06 -57.82
C PRO ZA 25 73.03 72.69 -59.01
N CYS ZA 26 73.42 71.85 -59.96
CA CYS ZA 26 74.29 72.26 -61.05
C CYS ZA 26 73.54 73.11 -62.06
N LYS ZA 27 74.19 74.17 -62.54
CA LYS ZA 27 73.59 75.09 -63.49
C LYS ZA 27 73.85 74.61 -64.91
N VAL ZA 28 72.79 74.61 -65.72
CA VAL ZA 28 72.91 74.41 -67.16
C VAL ZA 28 72.15 75.57 -67.81
N GLN ZA 29 72.89 76.52 -68.35
CA GLN ZA 29 72.32 77.76 -68.83
C GLN ZA 29 72.17 77.74 -70.34
N SER ZA 30 70.95 78.03 -70.80
CA SER ZA 30 70.66 78.09 -72.22
C SER ZA 30 70.60 79.57 -72.59
N PHE ZA 31 71.78 80.15 -72.80
CA PHE ZA 31 71.82 81.51 -73.32
C PHE ZA 31 71.42 81.51 -74.79
N GLU ZA 32 70.66 82.54 -75.17
CA GLU ZA 32 70.39 82.79 -76.57
C GLU ZA 32 70.82 84.21 -76.91
N GLN ZA 33 71.30 84.37 -78.15
CA GLN ZA 33 71.45 85.68 -78.77
C GLN ZA 33 70.64 85.53 -80.06
N ARG ZA 34 69.34 85.72 -79.94
CA ARG ZA 34 68.40 85.37 -80.99
C ARG ZA 34 67.35 86.45 -81.17
N ASP ZA 35 66.31 86.12 -81.94
CA ASP ZA 35 65.12 86.95 -82.09
C ASP ZA 35 63.94 86.01 -82.29
N ASP ZA 36 62.84 86.56 -82.78
CA ASP ZA 36 61.68 85.74 -83.12
C ASP ZA 36 61.06 86.28 -84.39
N VAL ZA 37 59.91 85.70 -84.74
CA VAL ZA 37 59.03 86.24 -85.78
C VAL ZA 37 57.72 86.51 -85.07
N LYS ZA 38 56.69 86.94 -85.84
CA LYS ZA 38 55.39 87.14 -85.23
C LYS ZA 38 54.79 85.84 -84.72
N HIS ZA 39 54.96 84.75 -85.47
CA HIS ZA 39 54.29 83.50 -85.12
C HIS ZA 39 54.96 82.79 -83.97
N LEU ZA 40 56.29 82.66 -84.02
CA LEU ZA 40 56.92 81.74 -83.08
C LEU ZA 40 58.36 82.15 -82.78
N GLY ZA 41 58.72 82.02 -81.52
CA GLY ZA 41 60.11 81.88 -81.13
C GLY ZA 41 60.22 80.63 -80.28
N ILE ZA 42 60.86 79.59 -80.81
CA ILE ZA 42 60.83 78.28 -80.17
C ILE ZA 42 62.17 78.02 -79.47
N CYS ZA 43 62.08 77.55 -78.23
CA CYS ZA 43 63.26 77.28 -77.42
C CYS ZA 43 62.97 76.08 -76.53
N LYS ZA 44 63.45 74.91 -76.93
CA LYS ZA 44 63.56 73.82 -75.97
C LYS ZA 44 64.71 74.12 -75.03
N VAL ZA 45 64.37 74.35 -73.75
CA VAL ZA 45 65.35 74.85 -72.80
C VAL ZA 45 66.21 73.73 -72.26
N ILE ZA 46 65.75 72.49 -72.39
CA ILE ZA 46 66.41 71.33 -71.82
C ILE ZA 46 67.23 70.60 -72.89
N SER ZA 47 67.62 71.32 -73.95
CA SER ZA 47 68.10 70.69 -75.18
C SER ZA 47 69.51 70.15 -75.02
N ASP ZA 48 70.46 71.02 -74.70
CA ASP ZA 48 71.88 70.68 -74.73
C ASP ZA 48 72.37 69.93 -73.49
N VAL ZA 49 71.49 69.31 -72.71
CA VAL ZA 49 71.88 68.64 -71.48
C VAL ZA 49 72.22 67.19 -71.83
N THR ZA 50 73.50 66.90 -71.96
CA THR ZA 50 74.00 65.57 -72.29
C THR ZA 50 74.64 64.94 -71.07
N ARG ZA 51 74.90 63.63 -71.15
CA ARG ZA 51 75.59 62.94 -70.06
C ARG ZA 51 77.06 63.30 -70.05
N GLY ZA 52 77.56 63.68 -68.88
CA GLY ZA 52 78.95 64.02 -68.71
C GLY ZA 52 79.29 64.31 -67.27
N PRO ZA 53 80.59 64.36 -66.95
CA PRO ZA 53 80.99 64.62 -65.56
C PRO ZA 53 80.87 66.07 -65.13
N GLY ZA 54 80.84 67.01 -66.08
CA GLY ZA 54 80.80 68.42 -65.74
C GLY ZA 54 79.45 68.85 -65.20
N LEU ZA 55 79.42 70.07 -64.66
CA LEU ZA 55 78.20 70.63 -64.10
C LEU ZA 55 77.27 71.21 -65.17
N THR ZA 56 77.72 71.30 -66.43
CA THR ZA 56 76.85 71.60 -67.55
C THR ZA 56 76.29 70.34 -68.18
N HIS ZA 57 76.16 69.27 -67.40
CA HIS ZA 57 75.80 67.95 -67.90
C HIS ZA 57 74.82 67.32 -66.92
N ARG ZA 58 74.61 66.00 -67.08
CA ARG ZA 58 73.60 65.30 -66.30
C ARG ZA 58 74.10 63.92 -65.91
N VAL ZA 59 73.51 63.37 -64.86
CA VAL ZA 59 73.78 62.02 -64.39
C VAL ZA 59 72.49 61.23 -64.51
N GLY ZA 60 72.46 60.27 -65.43
CA GLY ZA 60 71.28 59.47 -65.66
C GLY ZA 60 70.29 60.11 -66.62
N LYS ZA 61 68.99 59.93 -66.34
CA LYS ZA 61 67.96 60.48 -67.22
C LYS ZA 61 66.78 61.05 -66.41
N ARG ZA 62 67.02 61.42 -65.16
CA ARG ZA 62 65.98 61.94 -64.29
C ARG ZA 62 66.36 63.33 -63.80
N PHE ZA 63 65.46 64.29 -63.99
CA PHE ZA 63 65.65 65.66 -63.54
C PHE ZA 63 64.58 66.02 -62.52
N CYS ZA 64 64.91 66.99 -61.68
CA CYS ZA 64 63.92 67.75 -60.92
C CYS ZA 64 64.40 69.20 -60.98
N ILE ZA 65 63.88 69.95 -61.96
CA ILE ZA 65 64.26 71.35 -62.12
C ILE ZA 65 63.74 72.15 -60.93
N LYS ZA 66 64.68 72.72 -60.17
CA LYS ZA 66 64.29 73.52 -59.01
C LYS ZA 66 63.68 74.85 -59.44
N SER ZA 67 64.39 75.60 -60.28
CA SER ZA 67 63.86 76.87 -60.74
C SER ZA 67 64.47 77.24 -62.08
N ILE ZA 68 63.67 77.91 -62.90
CA ILE ZA 68 64.12 78.57 -64.11
C ILE ZA 68 64.29 80.05 -63.80
N TYR ZA 69 65.48 80.58 -64.04
CA TYR ZA 69 65.81 81.97 -63.78
C TYR ZA 69 66.01 82.67 -65.12
N ILE ZA 70 65.03 83.47 -65.52
CA ILE ZA 70 65.02 84.08 -66.84
C ILE ZA 70 65.55 85.49 -66.72
N LEU ZA 71 66.76 85.71 -67.24
CA LEU ZA 71 67.24 87.04 -67.56
C LEU ZA 71 66.92 87.36 -69.01
N GLY ZA 72 67.04 88.63 -69.36
CA GLY ZA 72 66.82 88.98 -70.75
C GLY ZA 72 66.58 90.46 -71.01
N LYS ZA 73 67.16 90.96 -72.10
CA LYS ZA 73 66.91 92.31 -72.56
C LYS ZA 73 66.24 92.23 -73.93
N ILE ZA 74 65.09 92.90 -74.05
CA ILE ZA 74 64.23 92.80 -75.22
C ILE ZA 74 64.18 94.18 -75.87
N TRP ZA 75 64.84 94.33 -77.01
CA TRP ZA 75 64.95 95.64 -77.63
C TRP ZA 75 64.46 95.60 -79.07
N LEU ZA 76 64.48 96.79 -79.67
CA LEU ZA 76 64.34 96.98 -81.10
C LEU ZA 76 65.31 98.04 -81.62
N ASP ZA 77 66.45 98.21 -80.95
CA ASP ZA 77 67.29 99.40 -81.13
C ASP ZA 77 68.22 99.26 -82.33
N GLU ZA 78 67.91 98.38 -83.27
CA GLU ZA 78 68.46 98.45 -84.61
C GLU ZA 78 68.01 99.76 -85.27
N THR ZA 79 68.78 100.24 -86.25
CA THR ZA 79 68.49 101.53 -86.89
C THR ZA 79 67.23 101.52 -87.76
N ILE ZA 80 66.60 100.37 -87.92
CA ILE ZA 80 65.36 100.20 -88.69
C ILE ZA 80 64.33 99.81 -87.63
N LYS ZA 81 63.10 99.54 -88.05
CA LYS ZA 81 61.95 99.14 -87.23
C LYS ZA 81 61.54 100.23 -86.26
N LYS ZA 82 61.66 101.48 -86.68
CA LYS ZA 82 60.95 102.59 -86.06
C LYS ZA 82 59.57 102.82 -86.66
N GLN ZA 83 59.36 102.49 -87.94
CA GLN ZA 83 58.03 102.42 -88.51
C GLN ZA 83 57.41 101.05 -88.20
N ASN ZA 84 56.09 100.95 -88.42
CA ASN ZA 84 55.26 99.78 -88.11
C ASN ZA 84 55.42 99.37 -86.66
N HIS ZA 85 55.43 100.37 -85.78
CA HIS ZA 85 55.92 100.23 -84.42
C HIS ZA 85 54.84 99.87 -83.40
N THR ZA 86 55.18 100.02 -82.11
CA THR ZA 86 54.37 99.69 -80.95
C THR ZA 86 53.95 98.22 -80.88
N ASN ZA 87 54.91 97.32 -80.71
CA ASN ZA 87 54.64 95.90 -80.51
C ASN ZA 87 55.00 95.51 -79.08
N ASN ZA 88 54.41 94.42 -78.59
CA ASN ZA 88 54.71 93.91 -77.27
C ASN ZA 88 54.96 92.40 -77.34
N VAL ZA 89 55.60 91.89 -76.29
CA VAL ZA 89 56.05 90.50 -76.24
C VAL ZA 89 55.30 89.79 -75.12
N ILE ZA 90 54.66 88.67 -75.44
CA ILE ZA 90 54.02 87.82 -74.45
C ILE ZA 90 54.84 86.53 -74.37
N PHE ZA 91 55.30 86.19 -73.17
CA PHE ZA 91 56.06 84.97 -73.00
C PHE ZA 91 55.15 83.82 -72.59
N TYR ZA 92 55.57 82.61 -72.94
CA TYR ZA 92 54.83 81.40 -72.63
C TYR ZA 92 55.80 80.34 -72.15
N LEU ZA 93 55.59 79.86 -70.93
CA LEU ZA 93 56.41 78.81 -70.34
C LEU ZA 93 55.49 77.63 -70.08
N LEU ZA 94 55.58 76.59 -70.91
CA LEU ZA 94 54.61 75.52 -70.93
C LEU ZA 94 55.17 74.26 -70.31
N ARG ZA 95 54.33 73.53 -69.58
CA ARG ZA 95 54.67 72.18 -69.14
C ARG ZA 95 54.18 71.20 -70.20
N ASP ZA 96 55.12 70.60 -70.93
CA ASP ZA 96 54.79 69.68 -72.02
C ASP ZA 96 54.57 68.28 -71.46
N ARG ZA 97 53.74 67.50 -72.17
CA ARG ZA 97 53.39 66.15 -71.74
C ARG ZA 97 54.07 65.06 -72.55
N ARG ZA 98 54.42 65.28 -73.83
CA ARG ZA 98 55.02 64.26 -74.67
C ARG ZA 98 55.82 64.95 -75.76
N PRO ZA 99 56.91 64.34 -76.22
CA PRO ZA 99 57.66 64.91 -77.36
C PRO ZA 99 57.29 64.26 -78.68
N TYR ZA 100 57.68 64.89 -79.78
CA TYR ZA 100 57.72 64.25 -81.10
C TYR ZA 100 59.00 64.71 -81.79
N GLY ZA 101 60.10 63.99 -81.54
CA GLY ZA 101 61.38 64.30 -82.13
C GLY ZA 101 61.90 65.68 -81.80
N ASN ZA 102 61.84 66.58 -82.78
CA ASN ZA 102 62.19 67.97 -82.59
C ASN ZA 102 61.03 68.74 -81.94
N ALA ZA 103 61.10 70.07 -81.95
CA ALA ZA 103 60.06 70.88 -81.36
C ALA ZA 103 58.84 70.93 -82.28
N PRO ZA 104 57.63 70.87 -81.73
CA PRO ZA 104 56.42 70.95 -82.57
C PRO ZA 104 56.12 72.38 -83.03
N GLN ZA 105 54.99 72.55 -83.70
CA GLN ZA 105 54.57 73.86 -84.15
C GLN ZA 105 54.14 74.73 -82.98
N ASP ZA 106 53.96 76.03 -83.25
CA ASP ZA 106 53.35 76.93 -82.29
C ASP ZA 106 51.93 77.30 -82.69
N PHE ZA 107 51.76 77.90 -83.87
CA PHE ZA 107 50.45 78.40 -84.28
C PHE ZA 107 49.50 77.25 -84.61
N GLY ZA 108 50.04 76.11 -85.02
CA GLY ZA 108 49.24 74.91 -85.16
C GLY ZA 108 49.09 74.09 -83.89
N GLN ZA 109 49.66 74.55 -82.78
CA GLN ZA 109 49.55 73.86 -81.50
C GLN ZA 109 48.75 74.65 -80.48
N ILE ZA 110 49.13 75.89 -80.19
CA ILE ZA 110 48.24 76.74 -79.41
C ILE ZA 110 47.13 77.26 -80.33
N PHE ZA 111 46.04 77.71 -79.71
CA PHE ZA 111 44.76 77.67 -80.41
C PHE ZA 111 44.57 78.84 -81.38
N ASN ZA 112 44.57 80.07 -80.90
CA ASN ZA 112 44.09 81.17 -81.72
C ASN ZA 112 45.21 82.21 -81.85
N MET ZA 113 44.88 83.34 -82.46
CA MET ZA 113 45.88 84.34 -82.87
C MET ZA 113 46.32 85.19 -81.68
N PHE ZA 114 47.40 84.74 -81.05
CA PHE ZA 114 48.39 85.48 -80.26
C PHE ZA 114 47.88 85.93 -78.89
N ASP ZA 115 46.59 85.73 -78.59
CA ASP ZA 115 46.04 85.87 -77.24
C ASP ZA 115 45.16 84.65 -76.99
N ASN ZA 116 45.77 83.59 -76.46
CA ASN ZA 116 45.11 82.29 -76.52
C ASN ZA 116 45.62 81.39 -75.41
N GLU ZA 117 45.26 80.11 -75.55
CA GLU ZA 117 45.59 78.97 -74.71
C GLU ZA 117 45.94 77.83 -75.64
N PRO ZA 118 46.44 76.69 -75.15
CA PRO ZA 118 46.54 75.51 -76.03
C PRO ZA 118 45.17 75.01 -76.46
N SER ZA 119 45.17 74.28 -77.57
CA SER ZA 119 43.94 73.80 -78.18
C SER ZA 119 43.27 72.73 -77.33
N THR ZA 120 41.99 72.49 -77.60
CA THR ZA 120 41.21 71.52 -76.85
C THR ZA 120 41.66 70.09 -77.09
N ALA ZA 121 42.24 69.81 -78.25
CA ALA ZA 121 42.73 68.48 -78.57
C ALA ZA 121 44.18 68.26 -78.15
N THR ZA 122 44.79 69.22 -77.47
CA THR ZA 122 46.21 69.16 -77.16
C THR ZA 122 46.51 69.06 -75.67
N ILE ZA 123 45.50 69.16 -74.82
CA ILE ZA 123 45.71 69.16 -73.38
C ILE ZA 123 46.07 67.76 -72.88
N PHE ZA 131 48.75 70.73 -74.18
CA PHE ZA 131 49.92 70.72 -73.30
C PHE ZA 131 49.66 71.68 -72.15
N GLN ZA 132 50.20 71.38 -70.97
CA GLN ZA 132 49.95 72.23 -69.83
C GLN ZA 132 50.76 73.52 -69.91
N VAL ZA 133 50.29 74.52 -69.18
CA VAL ZA 133 50.89 75.84 -69.12
C VAL ZA 133 51.40 76.01 -67.70
N LEU ZA 134 52.48 76.78 -67.53
CA LEU ZA 134 52.83 77.19 -66.17
C LEU ZA 134 52.48 78.65 -65.90
N ARG ZA 135 53.09 79.60 -66.62
CA ARG ZA 135 52.78 81.02 -66.45
C ARG ZA 135 53.05 81.78 -67.74
N LYS ZA 136 52.81 83.09 -67.69
CA LYS ZA 136 53.03 84.02 -68.80
C LYS ZA 136 53.86 85.19 -68.29
N PHE ZA 137 54.29 86.04 -69.22
CA PHE ZA 137 54.98 87.29 -68.88
C PHE ZA 137 54.57 88.38 -69.86
N HIS ZA 138 55.12 89.58 -69.65
CA HIS ZA 138 54.85 90.72 -70.51
C HIS ZA 138 56.14 91.49 -70.76
N ALA ZA 139 56.21 92.10 -71.95
CA ALA ZA 139 57.30 93.00 -72.30
C ALA ZA 139 56.79 93.90 -73.41
N THR ZA 140 56.74 95.21 -73.14
CA THR ZA 140 56.13 96.17 -74.05
C THR ZA 140 57.18 97.17 -74.53
N VAL ZA 141 57.56 97.05 -75.80
CA VAL ZA 141 58.55 97.94 -76.40
C VAL ZA 141 57.88 98.80 -77.47
N VAL ZA 142 57.57 100.04 -77.12
CA VAL ZA 142 56.83 100.91 -78.02
C VAL ZA 142 57.71 102.10 -78.46
N GLY ZA 143 58.33 101.98 -79.63
CA GLY ZA 143 59.17 103.06 -80.10
C GLY ZA 143 58.97 103.44 -81.56
N GLY ZA 144 58.51 104.66 -81.80
CA GLY ZA 144 58.30 105.10 -83.18
C GLY ZA 144 59.25 106.20 -83.58
N LEU ZA 145 58.76 107.43 -83.65
CA LEU ZA 145 59.59 108.59 -83.98
C LEU ZA 145 59.27 109.72 -83.03
N TYR ZA 146 60.16 110.71 -83.03
CA TYR ZA 146 60.06 112.01 -82.34
C TYR ZA 146 59.99 111.94 -80.81
N CYS ZA 147 60.11 110.78 -80.18
CA CYS ZA 147 60.64 110.82 -78.82
C CYS ZA 147 61.87 109.89 -78.68
N MET ZA 148 61.86 108.61 -79.13
CA MET ZA 148 60.75 107.66 -79.27
C MET ZA 148 60.67 106.90 -77.94
N LYS ZA 149 59.52 106.96 -77.27
CA LYS ZA 149 59.53 106.56 -75.87
C LYS ZA 149 58.98 105.14 -75.68
N GLU ZA 150 59.85 104.18 -75.99
CA GLU ZA 150 60.23 102.99 -75.20
C GLU ZA 150 61.23 102.17 -76.00
N GLN ZA 151 62.02 101.37 -75.27
CA GLN ZA 151 63.13 100.58 -75.80
C GLN ZA 151 63.41 99.43 -74.87
N ALA ZA 152 64.65 98.92 -74.94
CA ALA ZA 152 65.18 97.75 -74.23
C ALA ZA 152 64.75 97.68 -72.77
N LEU ZA 153 64.01 96.64 -72.43
CA LEU ZA 153 63.53 96.43 -71.06
C LEU ZA 153 64.27 95.24 -70.47
N VAL ZA 154 64.48 95.27 -69.15
CA VAL ZA 154 65.19 94.19 -68.48
C VAL ZA 154 64.18 93.39 -67.66
N LYS ZA 155 64.21 92.06 -67.79
CA LYS ZA 155 63.29 91.19 -67.08
C LYS ZA 155 64.07 90.11 -66.34
N ARG ZA 156 63.91 90.06 -65.03
CA ARG ZA 156 64.43 88.97 -64.21
C ARG ZA 156 63.29 88.33 -63.44
N PHE ZA 157 63.30 87.01 -63.34
CA PHE ZA 157 62.20 86.27 -62.70
C PHE ZA 157 62.74 84.99 -62.08
N TYR ZA 158 62.61 84.85 -60.76
CA TYR ZA 158 62.58 83.53 -60.14
C TYR ZA 158 61.29 82.82 -60.54
N ARG ZA 159 61.40 81.53 -60.84
CA ARG ZA 159 60.22 80.76 -61.25
C ARG ZA 159 60.47 79.29 -60.91
N LEU ZA 160 59.86 78.83 -59.82
CA LEU ZA 160 60.03 77.45 -59.36
C LEU ZA 160 59.22 76.49 -60.22
N ASN ZA 161 59.79 75.32 -60.48
CA ASN ZA 161 59.18 74.34 -61.38
C ASN ZA 161 59.47 72.94 -60.83
N HIS ZA 162 59.29 71.91 -61.66
CA HIS ZA 162 59.34 70.53 -61.19
C HIS ZA 162 59.95 69.64 -62.28
N HIS ZA 163 59.76 68.33 -62.14
CA HIS ZA 163 60.63 67.28 -62.67
C HIS ZA 163 60.49 67.10 -64.18
N VAL ZA 164 61.57 66.55 -64.76
CA VAL ZA 164 61.72 66.27 -66.20
C VAL ZA 164 62.37 64.90 -66.33
N THR ZA 165 61.96 64.11 -67.31
CA THR ZA 165 62.56 62.82 -67.58
C THR ZA 165 63.06 62.77 -69.02
N TYR ZA 166 64.23 62.15 -69.23
CA TYR ZA 166 64.68 61.78 -70.57
C TYR ZA 166 64.42 60.30 -70.82
N ASN ZA 167 64.18 59.97 -72.10
CA ASN ZA 167 63.88 58.59 -72.47
C ASN ZA 167 65.16 57.77 -72.56
N HIS ZA 168 66.03 58.12 -73.50
CA HIS ZA 168 67.21 57.31 -73.77
C HIS ZA 168 68.31 57.60 -72.76
N GLN ZA 169 69.25 56.67 -72.67
CA GLN ZA 169 70.42 56.79 -71.81
C GLN ZA 169 71.62 57.34 -72.57
N GLU ZA 170 71.37 58.07 -73.63
CA GLU ZA 170 72.40 58.63 -74.49
C GLU ZA 170 72.98 59.90 -73.87
N ALA ZA 171 74.11 60.34 -74.43
CA ALA ZA 171 74.61 61.69 -74.18
C ALA ZA 171 74.13 62.63 -75.29
N GLY ZA 172 72.80 62.65 -75.46
CA GLY ZA 172 72.18 63.24 -76.61
C GLY ZA 172 71.48 64.56 -76.32
N LYS ZA 173 70.98 65.16 -77.39
CA LYS ZA 173 70.31 66.45 -77.37
C LYS ZA 173 68.82 66.26 -77.14
N TYR ZA 174 68.01 67.29 -77.44
CA TYR ZA 174 66.57 67.34 -77.18
C TYR ZA 174 65.74 66.28 -77.89
N GLU ZA 175 66.33 65.49 -78.79
CA GLU ZA 175 65.53 64.59 -79.62
C GLU ZA 175 65.01 63.38 -78.86
N ASN ZA 176 65.71 62.96 -77.80
CA ASN ZA 176 65.40 61.72 -77.09
C ASN ZA 176 64.58 61.94 -75.82
N HIS ZA 177 63.65 62.90 -75.84
CA HIS ZA 177 62.83 63.20 -74.68
C HIS ZA 177 61.76 62.14 -74.44
N THR ZA 178 61.03 62.33 -73.36
CA THR ZA 178 59.84 61.54 -72.99
C THR ZA 178 58.90 62.47 -72.24
N GLU ZA 179 58.00 61.89 -71.44
CA GLU ZA 179 57.04 62.62 -70.61
C GLU ZA 179 57.69 63.70 -69.76
N ASN ZA 180 56.90 64.76 -69.51
CA ASN ZA 180 57.26 65.92 -68.69
C ASN ZA 180 58.48 66.66 -69.24
N ALA ZA 181 58.29 67.20 -70.45
CA ALA ZA 181 59.18 68.20 -70.99
C ALA ZA 181 58.66 69.59 -70.64
N LEU ZA 182 59.49 70.60 -70.87
CA LEU ZA 182 59.10 71.99 -70.67
C LEU ZA 182 59.98 72.88 -71.55
N LEU ZA 183 59.38 73.90 -72.13
CA LEU ZA 183 60.06 74.73 -73.12
C LEU ZA 183 59.35 76.09 -73.17
N LEU ZA 184 59.85 76.96 -74.04
CA LEU ZA 184 59.37 78.32 -74.16
C LEU ZA 184 58.81 78.60 -75.55
N TYR ZA 185 57.84 79.51 -75.59
CA TYR ZA 185 57.41 80.15 -76.82
C TYR ZA 185 57.36 81.65 -76.59
N MET ZA 186 57.81 82.41 -77.59
CA MET ZA 186 57.76 83.86 -77.56
C MET ZA 186 56.87 84.32 -78.72
N ALA ZA 187 56.07 85.35 -78.48
CA ALA ZA 187 55.05 85.76 -79.42
C ALA ZA 187 55.10 87.28 -79.63
N CYS ZA 188 55.11 87.69 -80.90
CA CYS ZA 188 54.92 89.08 -81.27
C CYS ZA 188 53.47 89.29 -81.72
N THR ZA 189 53.01 90.54 -81.61
CA THR ZA 189 51.62 90.85 -81.86
C THR ZA 189 51.40 91.77 -83.07
N HIS ZA 190 52.40 91.96 -83.91
CA HIS ZA 190 52.27 92.81 -85.08
C HIS ZA 190 53.06 92.21 -86.24
N ALA ZA 191 52.67 92.62 -87.46
CA ALA ZA 191 53.21 92.02 -88.67
C ALA ZA 191 54.69 92.37 -88.89
N SER ZA 192 55.15 93.50 -88.39
CA SER ZA 192 56.57 93.80 -88.40
C SER ZA 192 57.30 92.92 -87.40
N ASN ZA 193 58.62 92.84 -87.55
CA ASN ZA 193 59.40 92.08 -86.59
C ASN ZA 193 60.48 92.96 -85.95
N PRO ZA 194 60.13 93.82 -84.98
CA PRO ZA 194 61.16 94.66 -84.36
C PRO ZA 194 61.91 93.96 -83.25
N VAL ZA 195 61.36 92.88 -82.69
CA VAL ZA 195 61.81 92.35 -81.42
C VAL ZA 195 63.11 91.58 -81.61
N TYR ZA 196 64.18 92.09 -81.00
CA TYR ZA 196 65.44 91.38 -80.88
C TYR ZA 196 65.65 91.03 -79.40
N ALA ZA 197 65.09 89.90 -79.02
CA ALA ZA 197 65.05 89.47 -77.62
C ALA ZA 197 66.15 88.44 -77.36
N THR ZA 198 67.12 88.81 -76.53
CA THR ZA 198 68.19 87.91 -76.13
C THR ZA 198 68.04 87.64 -74.64
N LEU ZA 199 67.99 86.35 -74.29
CA LEU ZA 199 67.62 85.93 -72.94
C LEU ZA 199 68.65 84.97 -72.39
N LYS ZA 200 69.01 85.18 -71.13
CA LYS ZA 200 69.86 84.27 -70.38
C LYS ZA 200 68.99 83.47 -69.42
N ILE ZA 201 69.00 82.14 -69.60
CA ILE ZA 201 68.04 81.27 -68.94
C ILE ZA 201 68.82 80.27 -68.09
N ARG ZA 202 68.92 80.54 -66.79
CA ARG ZA 202 69.56 79.61 -65.88
C ARG ZA 202 68.56 78.57 -65.39
N ILE ZA 203 68.93 77.30 -65.51
CA ILE ZA 203 68.27 76.22 -64.80
C ILE ZA 203 69.30 75.59 -63.87
N TYR ZA 204 69.07 75.67 -62.57
CA TYR ZA 204 69.86 74.93 -61.61
C TYR ZA 204 68.95 73.95 -60.88
N PHE ZA 205 69.44 72.72 -60.71
CA PHE ZA 205 68.62 71.60 -60.30
C PHE ZA 205 69.43 70.56 -59.54
N PRO AB 16 36.32 69.72 -54.60
CA PRO AB 16 36.98 70.76 -53.79
C PRO AB 16 36.88 72.15 -54.39
N ASP AB 17 36.23 72.27 -55.55
CA ASP AB 17 36.16 73.53 -56.27
C ASP AB 17 34.71 73.99 -56.48
N ILE AB 18 33.82 73.08 -56.84
CA ILE AB 18 32.47 73.41 -57.30
C ILE AB 18 31.42 73.18 -56.23
N PRO AB 19 30.37 74.00 -56.17
CA PRO AB 19 29.29 73.77 -55.21
C PRO AB 19 28.07 73.04 -55.77
N ARG AB 20 28.05 72.66 -57.04
CA ARG AB 20 26.83 72.20 -57.69
C ARG AB 20 26.83 70.71 -58.01
N GLY AB 21 27.79 70.23 -58.80
CA GLY AB 21 27.78 68.86 -59.27
C GLY AB 21 29.13 68.42 -59.77
N CYS AB 22 29.39 67.12 -59.69
CA CYS AB 22 30.71 66.54 -59.89
C CYS AB 22 31.09 66.38 -61.36
N GLU AB 23 30.42 67.07 -62.27
CA GLU AB 23 30.86 67.16 -63.65
C GLU AB 23 32.19 67.89 -63.73
N GLY AB 24 32.92 67.65 -64.82
CA GLY AB 24 34.13 68.37 -65.10
C GLY AB 24 33.83 69.82 -65.38
N PRO AB 25 34.68 70.73 -64.88
CA PRO AB 25 34.47 72.16 -65.15
C PRO AB 25 34.76 72.51 -66.59
N CYS AB 26 33.78 72.24 -67.45
CA CYS AB 26 33.99 72.30 -68.90
C CYS AB 26 34.05 73.74 -69.39
N LYS AB 27 34.97 74.01 -70.30
CA LYS AB 27 35.19 75.34 -70.84
C LYS AB 27 34.29 75.56 -72.05
N VAL AB 28 33.61 76.70 -72.07
CA VAL AB 28 32.90 77.18 -73.24
C VAL AB 28 33.37 78.61 -73.48
N GLN AB 29 34.22 78.78 -74.49
CA GLN AB 29 34.89 80.05 -74.71
C GLN AB 29 34.22 80.84 -75.84
N SER AB 30 33.82 82.06 -75.52
CA SER AB 30 33.20 82.96 -76.48
C SER AB 30 34.30 83.91 -76.96
N PHE AB 31 35.10 83.43 -77.91
CA PHE AB 31 36.05 84.31 -78.56
C PHE AB 31 35.33 85.27 -79.48
N GLU AB 32 35.80 86.52 -79.49
CA GLU AB 32 35.36 87.48 -80.47
C GLU AB 32 36.56 88.04 -81.22
N GLN AB 33 36.36 88.33 -82.49
CA GLN AB 33 37.26 89.16 -83.28
C GLN AB 33 36.36 90.26 -83.80
N ARG AB 34 36.14 91.26 -82.95
CA ARG AB 34 35.09 92.26 -83.18
C ARG AB 34 35.60 93.65 -82.88
N ASP AB 35 34.67 94.60 -82.82
CA ASP AB 35 34.92 95.95 -82.35
C ASP AB 35 33.65 96.45 -81.68
N ASP AB 36 33.56 97.76 -81.49
CA ASP AB 36 32.33 98.35 -80.95
C ASP AB 36 32.07 99.66 -81.67
N VAL AB 37 31.05 100.37 -81.19
CA VAL AB 37 30.81 101.76 -81.57
C VAL AB 37 30.90 102.56 -80.27
N LYS AB 38 30.61 103.86 -80.34
CA LYS AB 38 30.61 104.65 -79.11
C LYS AB 38 29.50 104.21 -78.16
N HIS AB 39 28.33 103.87 -78.69
CA HIS AB 39 27.18 103.59 -77.84
C HIS AB 39 27.27 102.20 -77.21
N LEU AB 40 27.57 101.18 -78.01
CA LEU AB 40 27.38 99.84 -77.51
C LEU AB 40 28.32 98.85 -78.18
N GLY AB 41 28.85 97.94 -77.38
CA GLY AB 41 29.33 96.67 -77.87
C GLY AB 41 28.65 95.58 -77.08
N ILE AB 42 27.76 94.82 -77.72
CA ILE AB 42 26.90 93.89 -77.00
C ILE AB 42 27.40 92.46 -77.20
N CYS AB 43 27.48 91.74 -76.09
CA CYS AB 43 27.98 90.36 -76.10
C CYS AB 43 27.21 89.57 -75.05
N LYS AB 44 26.20 88.81 -75.46
CA LYS AB 44 25.70 87.75 -74.61
C LYS AB 44 26.72 86.62 -74.59
N VAL AB 45 27.32 86.40 -73.41
CA VAL AB 45 28.45 85.50 -73.31
C VAL AB 45 28.00 84.06 -73.21
N ILE AB 46 26.74 83.84 -72.86
CA ILE AB 46 26.20 82.50 -72.63
C ILE AB 46 25.42 82.02 -73.85
N SER AB 47 25.72 82.57 -75.02
CA SER AB 47 24.83 82.47 -76.18
C SER AB 47 24.90 81.09 -76.82
N ASP AB 48 26.09 80.67 -77.25
CA ASP AB 48 26.25 79.48 -78.06
C ASP AB 48 26.28 78.18 -77.26
N VAL AB 49 25.78 78.17 -76.02
CA VAL AB 49 25.85 76.97 -75.18
C VAL AB 49 24.58 76.16 -75.44
N THR AB 50 24.69 75.12 -76.26
CA THR AB 50 23.59 74.24 -76.61
C THR AB 50 23.76 72.90 -75.92
N ARG AB 51 22.70 72.09 -75.94
CA ARG AB 51 22.77 70.75 -75.37
C ARG AB 51 23.56 69.84 -76.30
N GLY AB 52 24.53 69.12 -75.73
CA GLY AB 52 25.34 68.19 -76.47
C GLY AB 52 26.29 67.43 -75.57
N PRO AB 53 26.89 66.36 -76.09
CA PRO AB 53 27.81 65.56 -75.26
C PRO AB 53 29.18 66.18 -75.08
N GLY AB 54 29.59 67.10 -75.95
CA GLY AB 54 30.91 67.68 -75.87
C GLY AB 54 31.06 68.65 -74.71
N LEU AB 55 32.31 69.04 -74.45
CA LEU AB 55 32.60 69.96 -73.37
C LEU AB 55 32.36 71.42 -73.75
N THR AB 56 32.09 71.71 -75.03
CA THR AB 56 31.60 73.01 -75.45
C THR AB 56 30.07 73.08 -75.43
N HIS AB 57 29.43 72.28 -74.57
CA HIS AB 57 27.99 72.11 -74.56
C HIS AB 57 27.53 72.08 -73.11
N ARG AB 58 26.29 71.65 -72.91
CA ARG AB 58 25.67 71.68 -71.58
C ARG AB 58 24.81 70.44 -71.37
N VAL AB 59 24.58 70.13 -70.10
CA VAL AB 59 23.70 69.05 -69.68
C VAL AB 59 22.55 69.66 -68.89
N GLY AB 60 21.35 69.61 -69.47
CA GLY AB 60 20.19 70.19 -68.82
C GLY AB 60 20.02 71.67 -69.09
N LYS AB 61 19.57 72.42 -68.08
CA LYS AB 61 19.34 73.84 -68.24
C LYS AB 61 19.76 74.63 -67.00
N ARG AB 62 20.66 74.08 -66.20
CA ARG AB 62 21.13 74.72 -64.97
C ARG AB 62 22.63 74.90 -65.02
N PHE AB 63 23.08 76.14 -64.79
CA PHE AB 63 24.49 76.47 -64.76
C PHE AB 63 24.86 76.98 -63.37
N CYS AB 64 26.15 76.83 -63.05
CA CYS AB 64 26.79 77.61 -61.98
C CYS AB 64 28.15 78.00 -62.54
N ILE AB 65 28.22 79.20 -63.11
CA ILE AB 65 29.47 79.71 -63.68
C ILE AB 65 30.47 79.94 -62.56
N LYS AB 66 31.56 79.19 -62.58
CA LYS AB 66 32.60 79.35 -61.56
C LYS AB 66 33.35 80.66 -61.74
N SER AB 67 33.88 80.89 -62.94
CA SER AB 67 34.60 82.13 -63.18
C SER AB 67 34.58 82.47 -64.66
N ILE AB 68 34.55 83.78 -64.93
CA ILE AB 68 34.77 84.32 -66.26
C ILE AB 68 36.21 84.81 -66.33
N TYR AB 69 36.95 84.30 -67.30
CA TYR AB 69 38.36 84.63 -67.50
C TYR AB 69 38.47 85.44 -68.79
N ILE AB 70 38.67 86.74 -68.64
CA ILE AB 70 38.65 87.67 -69.78
C ILE AB 70 40.09 87.92 -70.22
N LEU AB 71 40.45 87.38 -71.36
CA LEU AB 71 41.61 87.83 -72.11
C LEU AB 71 41.17 88.89 -73.12
N GLY AB 72 42.15 89.60 -73.66
CA GLY AB 72 41.83 90.58 -74.69
C GLY AB 72 42.90 91.60 -74.97
N LYS AB 73 43.06 91.92 -76.24
CA LYS AB 73 43.95 93.01 -76.67
C LYS AB 73 43.11 94.08 -77.34
N ILE AB 74 43.25 95.31 -76.86
CA ILE AB 74 42.41 96.42 -77.26
C ILE AB 74 43.30 97.45 -77.96
N TRP AB 75 43.18 97.55 -79.27
CA TRP AB 75 44.09 98.41 -80.03
C TRP AB 75 43.30 99.41 -80.87
N LEU AB 76 44.07 100.27 -81.54
CA LEU AB 76 43.61 101.11 -82.62
C LEU AB 76 44.61 101.17 -83.77
N ASP AB 77 45.42 100.11 -83.93
CA ASP AB 77 46.63 100.16 -84.75
C ASP AB 77 46.34 99.95 -86.23
N GLU AB 78 45.10 100.18 -86.66
CA GLU AB 78 44.79 100.42 -88.06
C GLU AB 78 45.49 101.69 -88.51
N THR AB 79 45.75 101.82 -89.81
CA THR AB 79 46.50 102.97 -90.34
C THR AB 79 45.72 104.28 -90.29
N ILE AB 80 44.46 104.24 -89.86
CA ILE AB 80 43.61 105.42 -89.71
C ILE AB 80 43.35 105.50 -88.21
N LYS AB 81 42.55 106.47 -87.77
CA LYS AB 81 42.16 106.73 -86.39
C LYS AB 81 43.36 107.15 -85.53
N LYS AB 82 44.29 107.88 -86.14
CA LYS AB 82 45.25 108.68 -85.40
C LYS AB 82 44.75 110.07 -85.09
N GLN AB 83 43.89 110.65 -85.92
CA GLN AB 83 43.15 111.85 -85.57
C GLN AB 83 41.92 111.48 -84.76
N ASN AB 84 41.30 112.50 -84.13
CA ASN AB 84 40.15 112.39 -83.23
C ASN AB 84 40.45 111.40 -82.10
N HIS AB 85 41.66 111.49 -81.56
CA HIS AB 85 42.26 110.45 -80.75
C HIS AB 85 42.02 110.61 -79.26
N THR AB 86 42.77 109.84 -78.46
CA THR AB 86 42.70 109.74 -77.00
C THR AB 86 41.34 109.28 -76.49
N ASN AB 87 40.96 108.05 -76.78
CA ASN AB 87 39.74 107.44 -76.26
C ASN AB 87 40.11 106.33 -75.27
N ASN AB 88 39.19 106.00 -74.38
CA ASN AB 88 39.38 104.92 -73.43
C ASN AB 88 38.16 104.01 -73.41
N VAL AB 89 38.35 102.81 -72.87
CA VAL AB 89 37.34 101.76 -72.89
C VAL AB 89 36.95 101.45 -71.46
N ILE AB 90 35.66 101.50 -71.16
CA ILE AB 90 35.12 101.10 -69.87
C ILE AB 90 34.32 99.82 -70.10
N PHE AB 91 34.68 98.76 -69.37
CA PHE AB 91 33.95 97.51 -69.49
C PHE AB 91 32.83 97.42 -68.46
N TYR AB 92 31.80 96.65 -68.80
CA TYR AB 92 30.65 96.45 -67.94
C TYR AB 92 30.26 94.99 -67.97
N LEU AB 93 30.29 94.35 -66.80
CA LEU AB 93 29.90 92.94 -66.68
C LEU AB 93 28.70 92.91 -65.74
N LEU AB 94 27.51 92.71 -66.30
CA LEU AB 94 26.27 92.90 -65.57
C LEU AB 94 25.63 91.57 -65.22
N ARG AB 95 25.02 91.50 -64.04
CA ARG AB 95 24.17 90.37 -63.69
C ARG AB 95 22.74 90.71 -64.10
N ASP AB 96 22.24 90.06 -65.14
CA ASP AB 96 20.91 90.33 -65.66
C ASP AB 96 19.87 89.54 -64.88
N ARG AB 97 18.64 90.08 -64.84
CA ARG AB 97 17.55 89.48 -64.09
C ARG AB 97 16.52 88.79 -64.97
N ARG AB 98 16.30 89.24 -66.20
CA ARG AB 98 15.28 88.67 -67.07
C ARG AB 98 15.68 88.92 -68.53
N PRO AB 99 15.33 88.02 -69.44
CA PRO AB 99 15.60 88.26 -70.86
C PRO AB 99 14.39 88.81 -71.59
N TYR AB 100 14.62 89.34 -72.80
CA TYR AB 100 13.54 89.59 -73.77
C TYR AB 100 14.07 89.18 -75.14
N GLY AB 101 13.92 87.90 -75.48
CA GLY AB 101 14.35 87.39 -76.76
C GLY AB 101 15.84 87.53 -77.01
N ASN AB 102 16.18 88.47 -77.88
CA ASN AB 102 17.57 88.83 -78.16
C ASN AB 102 18.10 89.78 -77.07
N ALA AB 103 19.26 90.39 -77.32
CA ALA AB 103 19.85 91.30 -76.36
C ALA AB 103 19.12 92.64 -76.38
N PRO AB 104 18.90 93.26 -75.22
CA PRO AB 104 18.22 94.56 -75.19
C PRO AB 104 19.15 95.71 -75.58
N GLN AB 105 18.66 96.93 -75.47
CA GLN AB 105 19.45 98.11 -75.78
C GLN AB 105 20.54 98.32 -74.73
N ASP AB 106 21.47 99.23 -75.04
CA ASP AB 106 22.43 99.69 -74.05
C ASP AB 106 22.11 101.11 -73.58
N PHE AB 107 22.09 102.07 -74.51
CA PHE AB 107 21.91 103.47 -74.14
C PHE AB 107 20.49 103.75 -73.66
N GLY AB 108 19.53 102.96 -74.13
CA GLY AB 108 18.19 103.02 -73.59
C GLY AB 108 17.97 102.15 -72.37
N GLN AB 109 18.99 101.45 -71.90
CA GLN AB 109 18.87 100.60 -70.71
C GLN AB 109 19.70 101.12 -69.55
N ILE AB 110 21.02 101.33 -69.73
CA ILE AB 110 21.77 102.06 -68.72
C ILE AB 110 21.46 103.55 -68.88
N PHE AB 111 21.73 104.30 -67.80
CA PHE AB 111 21.00 105.55 -67.58
C PHE AB 111 21.53 106.70 -68.42
N ASN AB 112 22.79 107.10 -68.22
CA ASN AB 112 23.23 108.38 -68.75
C ASN AB 112 24.43 108.13 -69.67
N MET AB 113 25.04 109.23 -70.14
CA MET AB 113 26.04 109.17 -71.20
C MET AB 113 27.40 108.73 -70.64
N PHE AB 114 27.63 107.42 -70.72
CA PHE AB 114 28.91 106.71 -70.79
C PHE AB 114 29.67 106.69 -69.46
N ASP AB 115 29.21 107.40 -68.43
CA ASP AB 115 29.70 107.27 -67.07
C ASP AB 115 28.48 107.18 -66.17
N ASN AB 116 27.98 105.97 -65.95
CA ASN AB 116 26.63 105.82 -65.41
C ASN AB 116 26.48 104.49 -64.69
N GLU AB 117 25.22 104.18 -64.41
CA GLU AB 117 24.71 102.99 -63.75
C GLU AB 117 23.46 102.58 -64.53
N PRO AB 118 22.85 101.41 -64.27
CA PRO AB 118 21.52 101.16 -64.84
C PRO AB 118 20.47 102.11 -64.30
N SER AB 119 19.40 102.25 -65.07
CA SER AB 119 18.34 103.19 -64.75
C SER AB 119 17.55 102.75 -63.51
N THR AB 120 16.81 103.71 -62.95
CA THR AB 120 16.03 103.45 -61.74
C THR AB 120 14.87 102.50 -61.98
N ALA AB 121 14.35 102.47 -63.21
CA ALA AB 121 13.24 101.59 -63.54
C ALA AB 121 13.71 100.22 -64.04
N THR AB 122 15.00 99.94 -64.01
CA THR AB 122 15.55 98.72 -64.60
C THR AB 122 16.17 97.78 -63.58
N ILE AB 123 16.27 98.19 -62.31
CA ILE AB 123 16.92 97.37 -61.30
C ILE AB 123 16.05 96.19 -60.90
N PHE AB 131 18.94 96.28 -63.96
CA PHE AB 131 19.67 95.02 -63.96
C PHE AB 131 20.88 95.18 -63.05
N GLN AB 132 21.27 94.09 -62.38
CA GLN AB 132 22.38 94.17 -61.45
C GLN AB 132 23.71 94.25 -62.19
N VAL AB 133 24.70 94.79 -61.49
CA VAL AB 133 26.05 94.98 -61.99
C VAL AB 133 26.94 94.04 -61.20
N LEU AB 134 28.02 93.54 -61.81
CA LEU AB 134 29.04 92.88 -61.01
C LEU AB 134 30.28 93.75 -60.81
N ARG AB 135 31.00 94.10 -61.88
CA ARG AB 135 32.18 94.96 -61.77
C ARG AB 135 32.39 95.73 -63.07
N LYS AB 136 33.44 96.55 -63.09
CA LYS AB 136 33.86 97.36 -64.23
C LYS AB 136 35.33 97.10 -64.49
N PHE AB 137 35.82 97.64 -65.62
CA PHE AB 137 37.25 97.59 -65.94
C PHE AB 137 37.65 98.89 -66.64
N HIS AB 138 38.93 99.00 -66.98
CA HIS AB 138 39.47 100.16 -67.68
C HIS AB 138 40.44 99.70 -68.75
N ALA AB 139 40.51 100.50 -69.82
CA ALA AB 139 41.49 100.29 -70.89
C ALA AB 139 41.64 101.63 -71.59
N THR AB 140 42.84 102.20 -71.56
CA THR AB 140 43.09 103.55 -72.05
C THR AB 140 44.09 103.49 -73.20
N VAL AB 141 43.60 103.73 -74.43
CA VAL AB 141 44.44 103.72 -75.62
C VAL AB 141 44.52 105.12 -76.20
N VAL AB 142 45.61 105.82 -75.92
CA VAL AB 142 45.74 107.21 -76.34
C VAL AB 142 46.86 107.35 -77.37
N GLY AB 143 46.49 107.37 -78.65
CA GLY AB 143 47.50 107.52 -79.69
C GLY AB 143 47.16 108.51 -80.78
N GLY AB 144 47.95 109.58 -80.88
CA GLY AB 144 47.69 110.57 -81.91
C GLY AB 144 48.79 110.61 -82.97
N LEU AB 145 49.65 111.62 -82.91
CA LEU AB 145 50.76 111.73 -83.84
C LEU AB 145 52.02 112.11 -83.06
N TYR AB 146 53.16 111.95 -83.73
CA TYR AB 146 54.51 112.36 -83.33
C TYR AB 146 55.04 111.69 -82.07
N CYS AB 147 54.35 110.72 -81.46
CA CYS AB 147 55.11 109.73 -80.71
C CYS AB 147 54.78 108.31 -81.18
N MET AB 148 53.52 107.86 -81.34
CA MET AB 148 52.28 108.29 -80.65
C MET AB 148 52.14 107.35 -79.44
N LYS AB 149 52.09 107.92 -78.24
CA LYS AB 149 52.31 107.09 -77.07
C LYS AB 149 51.01 106.69 -76.39
N GLU AB 150 50.35 105.69 -77.00
CA GLU AB 150 49.79 104.48 -76.41
C GLU AB 150 49.08 103.69 -77.51
N GLN AB 151 48.96 102.38 -77.30
CA GLN AB 151 48.44 101.41 -78.25
C GLN AB 151 47.92 100.19 -77.50
N ALA AB 152 47.87 99.05 -78.21
CA ALA AB 152 47.33 97.75 -77.79
C ALA AB 152 47.74 97.38 -76.37
N LEU AB 153 46.74 97.25 -75.49
CA LEU AB 153 46.96 96.87 -74.11
C LEU AB 153 46.44 95.46 -73.90
N VAL AB 154 47.07 94.72 -72.99
CA VAL AB 154 46.65 93.36 -72.70
C VAL AB 154 45.97 93.32 -71.33
N LYS AB 155 44.80 92.70 -71.26
CA LYS AB 155 44.04 92.61 -70.02
C LYS AB 155 43.68 91.16 -69.74
N ARG AB 156 44.11 90.65 -68.59
CA ARG AB 156 43.69 89.36 -68.09
C ARG AB 156 43.09 89.53 -66.70
N PHE AB 157 42.00 88.81 -66.43
CA PHE AB 157 41.28 88.95 -65.16
C PHE AB 157 40.61 87.63 -64.79
N TYR AB 158 40.99 87.07 -63.65
CA TYR AB 158 40.11 86.15 -62.95
C TYR AB 158 38.91 86.91 -62.40
N ARG AB 159 37.72 86.32 -62.50
CA ARG AB 159 36.51 86.99 -62.02
C ARG AB 159 35.48 85.91 -61.67
N LEU AB 160 35.33 85.64 -60.38
CA LEU AB 160 34.41 84.62 -59.91
C LEU AB 160 32.97 85.12 -59.96
N ASN AB 161 32.05 84.23 -60.33
CA ASN AB 161 30.65 84.60 -60.54
C ASN AB 161 29.77 83.43 -60.06
N HIS AB 162 28.51 83.44 -60.45
CA HIS AB 162 27.53 82.49 -59.92
C HIS AB 162 26.53 82.09 -61.00
N HIS AB 163 25.41 81.51 -60.58
CA HIS AB 163 24.59 80.58 -61.36
C HIS AB 163 23.78 81.27 -62.45
N VAL AB 164 23.43 80.47 -63.46
CA VAL AB 164 22.66 80.87 -64.64
C VAL AB 164 21.64 79.77 -64.93
N THR AB 165 20.43 80.13 -65.33
CA THR AB 165 19.41 79.16 -65.70
C THR AB 165 18.95 79.42 -67.13
N TYR AB 166 18.71 78.35 -67.89
CA TYR AB 166 18.01 78.43 -69.16
C TYR AB 166 16.55 78.00 -68.98
N ASN AB 167 15.67 78.59 -69.80
CA ASN AB 167 14.24 78.29 -69.71
C ASN AB 167 13.92 76.98 -70.42
N HIS AB 168 14.13 76.94 -71.73
CA HIS AB 168 13.72 75.80 -72.52
C HIS AB 168 14.74 74.67 -72.42
N GLN AB 169 14.29 73.46 -72.76
CA GLN AB 169 15.13 72.28 -72.78
C GLN AB 169 15.68 72.00 -74.17
N GLU AB 170 15.79 73.05 -74.99
CA GLU AB 170 16.25 72.95 -76.36
C GLU AB 170 17.78 72.89 -76.40
N ALA AB 171 18.30 72.52 -77.57
CA ALA AB 171 19.71 72.71 -77.88
C ALA AB 171 19.90 74.05 -78.61
N GLY AB 172 19.41 75.10 -77.98
CA GLY AB 172 19.25 76.39 -78.61
C GLY AB 172 20.26 77.43 -78.16
N LYS AB 173 20.17 78.59 -78.81
CA LYS AB 173 21.06 79.71 -78.59
C LYS AB 173 20.50 80.62 -77.49
N TYR AB 174 20.99 81.86 -77.42
CA TYR AB 174 20.68 82.82 -76.36
C TYR AB 174 19.20 83.23 -76.27
N GLU AB 175 18.35 82.82 -77.21
CA GLU AB 175 16.99 83.34 -77.26
C GLU AB 175 16.10 82.75 -76.17
N ASN AB 176 16.40 81.55 -75.68
CA ASN AB 176 15.52 80.85 -74.75
C ASN AB 176 15.97 80.99 -73.29
N HIS AB 177 16.47 82.15 -72.89
CA HIS AB 177 16.94 82.38 -71.54
C HIS AB 177 15.77 82.53 -70.56
N THR AB 178 16.13 82.68 -69.29
CA THR AB 178 15.22 82.98 -68.19
C THR AB 178 16.02 83.80 -67.18
N GLU AB 179 15.56 83.82 -65.92
CA GLU AB 179 16.19 84.51 -64.80
C GLU AB 179 17.68 84.19 -64.68
N ASN AB 180 18.43 85.18 -64.18
CA ASN AB 180 19.87 85.12 -63.91
C ASN AB 180 20.67 84.85 -65.18
N ALA AB 181 20.58 85.80 -66.12
CA ALA AB 181 21.51 85.89 -67.22
C ALA AB 181 22.66 86.81 -66.85
N LEU AB 182 23.70 86.81 -67.67
CA LEU AB 182 24.84 87.70 -67.50
C LEU AB 182 25.51 87.90 -68.84
N LEU AB 183 25.96 89.12 -69.10
CA LEU AB 183 26.49 89.48 -70.41
C LEU AB 183 27.39 90.70 -70.25
N LEU AB 184 27.95 91.17 -71.37
CA LEU AB 184 28.90 92.27 -71.37
C LEU AB 184 28.39 93.45 -72.18
N TYR AB 185 28.83 94.63 -71.77
CA TYR AB 185 28.73 95.83 -72.59
C TYR AB 185 30.09 96.53 -72.61
N MET AB 186 30.47 97.01 -73.78
CA MET AB 186 31.70 97.78 -73.95
C MET AB 186 31.34 99.18 -74.42
N ALA AB 187 32.05 100.18 -73.90
CA ALA AB 187 31.69 101.57 -74.11
C ALA AB 187 32.90 102.38 -74.54
N CYS AB 188 32.74 103.16 -75.59
CA CYS AB 188 33.71 104.16 -75.99
C CYS AB 188 33.23 105.54 -75.53
N THR AB 189 34.19 106.46 -75.35
CA THR AB 189 33.89 107.76 -74.77
C THR AB 189 34.11 108.92 -75.73
N HIS AB 190 34.26 108.66 -77.03
CA HIS AB 190 34.47 109.73 -78.01
C HIS AB 190 33.75 109.37 -79.31
N ALA AB 191 33.47 110.41 -80.09
CA ALA AB 191 32.65 110.25 -81.30
C ALA AB 191 33.33 109.45 -82.39
N SER AB 192 34.66 109.45 -82.43
CA SER AB 192 35.37 108.55 -83.32
C SER AB 192 35.27 107.12 -82.83
N ASN AB 193 35.56 106.18 -83.72
CA ASN AB 193 35.58 104.79 -83.31
C ASN AB 193 36.94 104.15 -83.57
N PRO AB 194 37.94 104.39 -82.73
CA PRO AB 194 39.26 103.76 -82.97
C PRO AB 194 39.36 102.36 -82.44
N VAL AB 195 38.49 101.97 -81.50
CA VAL AB 195 38.70 100.80 -80.67
C VAL AB 195 38.40 99.54 -81.48
N TYR AB 196 39.43 98.74 -81.72
CA TYR AB 196 39.29 97.39 -82.25
C TYR AB 196 39.66 96.39 -81.15
N ALA AB 197 38.67 96.06 -80.33
CA ALA AB 197 38.86 95.24 -79.16
C ALA AB 197 38.45 93.80 -79.44
N THR AB 198 39.43 92.89 -79.42
CA THR AB 198 39.17 91.47 -79.58
C THR AB 198 39.49 90.76 -78.29
N LEU AB 199 38.53 90.00 -77.78
CA LEU AB 199 38.60 89.46 -76.43
C LEU AB 199 38.34 87.96 -76.46
N LYS AB 200 39.15 87.23 -75.70
CA LYS AB 200 38.95 85.80 -75.47
C LYS AB 200 38.37 85.61 -74.09
N ILE AB 201 37.18 85.02 -74.03
CA ILE AB 201 36.38 85.00 -72.81
C ILE AB 201 36.15 83.53 -72.46
N ARG AB 202 36.93 83.00 -71.52
CA ARG AB 202 36.72 81.64 -71.03
C ARG AB 202 35.71 81.64 -69.90
N ILE AB 203 34.70 80.78 -70.02
CA ILE AB 203 33.84 80.40 -68.91
C ILE AB 203 34.03 78.90 -68.69
N TYR AB 204 34.55 78.54 -67.52
CA TYR AB 204 34.57 77.14 -67.12
C TYR AB 204 33.74 76.98 -65.86
N PHE AB 205 32.92 75.93 -65.84
CA PHE AB 205 31.87 75.79 -64.84
C PHE AB 205 31.55 74.33 -64.58
N PRO BB 16 21.91 95.49 -41.48
CA PRO BB 16 23.33 95.14 -41.40
C PRO BB 16 24.24 96.20 -42.01
N ASP BB 17 23.67 97.28 -42.52
CA ASP BB 17 24.43 98.32 -43.22
C ASP BB 17 24.28 99.67 -42.55
N ILE BB 18 23.07 100.05 -42.13
CA ILE BB 18 22.75 101.41 -41.71
C ILE BB 18 22.64 101.52 -40.19
N PRO BB 19 23.03 102.66 -39.62
CA PRO BB 19 22.89 102.85 -38.16
C PRO BB 19 21.65 103.64 -37.75
N ARG BB 20 20.80 104.07 -38.67
CA ARG BB 20 19.75 105.04 -38.35
C ARG BB 20 18.35 104.46 -38.38
N GLY BB 21 17.92 103.91 -39.53
CA GLY BB 21 16.55 103.47 -39.70
C GLY BB 21 16.40 102.51 -40.86
N CYS BB 22 15.40 101.64 -40.77
CA CYS BB 22 15.23 100.50 -41.66
C CYS BB 22 14.63 100.86 -43.01
N GLU BB 23 14.63 102.13 -43.39
CA GLU BB 23 14.29 102.52 -44.76
C GLU BB 23 15.31 101.96 -45.74
N GLY BB 24 14.87 101.86 -47.00
CA GLY BB 24 15.77 101.48 -48.07
C GLY BB 24 16.80 102.56 -48.31
N PRO BB 25 18.05 102.16 -48.57
CA PRO BB 25 19.10 103.15 -48.84
C PRO BB 25 18.91 103.82 -50.19
N CYS BB 26 18.01 104.80 -50.22
CA CYS BB 26 17.54 105.38 -51.46
C CYS BB 26 18.59 106.29 -52.08
N LYS BB 27 18.74 106.19 -53.40
CA LYS BB 27 19.73 106.98 -54.13
C LYS BB 27 19.13 108.32 -54.54
N VAL BB 28 19.89 109.39 -54.29
CA VAL BB 28 19.59 110.71 -54.84
C VAL BB 28 20.87 111.19 -55.51
N GLN BB 29 20.88 111.16 -56.84
CA GLN BB 29 22.09 111.41 -57.61
C GLN BB 29 22.08 112.83 -58.16
N SER BB 30 23.16 113.55 -57.88
CA SER BB 30 23.35 114.90 -58.40
C SER BB 30 24.32 114.80 -59.56
N PHE BB 31 23.79 114.41 -60.72
CA PHE BB 31 24.60 114.45 -61.92
C PHE BB 31 24.83 115.89 -62.35
N GLU BB 32 26.03 116.17 -62.82
CA GLU BB 32 26.33 117.42 -63.46
C GLU BB 32 26.91 117.16 -64.85
N GLN BB 33 26.57 118.05 -65.78
CA GLN BB 33 27.27 118.16 -67.06
C GLN BB 33 27.71 119.62 -67.09
N ARG BB 34 28.83 119.88 -66.43
CA ARG BB 34 29.25 121.24 -66.13
C ARG BB 34 30.75 121.41 -66.38
N ASP BB 35 31.28 122.54 -65.91
CA ASP BB 35 32.70 122.81 -65.89
C ASP BB 35 32.99 123.67 -64.67
N ASP BB 36 34.16 124.30 -64.66
CA ASP BB 36 34.47 125.23 -63.59
C ASP BB 36 35.23 126.42 -64.18
N VAL BB 37 35.70 127.29 -63.30
CA VAL BB 37 36.66 128.32 -63.65
C VAL BB 37 37.89 128.05 -62.79
N LYS BB 38 38.89 128.93 -62.85
CA LYS BB 38 40.06 128.76 -62.00
C LYS BB 38 39.69 128.90 -60.52
N HIS BB 39 38.82 129.85 -60.19
CA HIS BB 39 38.55 130.16 -58.80
C HIS BB 39 37.63 129.12 -58.15
N LEU BB 40 36.54 128.77 -58.82
CA LEU BB 40 35.52 128.00 -58.12
C LEU BB 40 34.71 127.14 -59.07
N GLY BB 41 34.43 125.92 -58.63
CA GLY BB 41 33.29 125.17 -59.13
C GLY BB 41 32.46 124.76 -57.94
N ILE BB 42 31.27 125.33 -57.80
CA ILE BB 42 30.47 125.18 -56.59
C ILE BB 42 29.33 124.19 -56.84
N CYS BB 43 29.17 123.26 -55.91
CA CYS BB 43 28.15 122.23 -56.02
C CYS BB 43 27.65 121.90 -54.62
N LYS BB 44 26.49 122.46 -54.24
CA LYS BB 44 25.76 121.90 -53.11
C LYS BB 44 25.14 120.59 -53.54
N VAL BB 45 25.61 119.49 -52.94
CA VAL BB 45 25.24 118.18 -53.42
C VAL BB 45 23.90 117.75 -52.86
N ILE BB 46 23.44 118.40 -51.79
CA ILE BB 46 22.22 118.02 -51.10
C ILE BB 46 21.06 118.94 -51.53
N SER BB 47 21.17 119.54 -52.71
CA SER BB 47 20.33 120.67 -53.08
C SER BB 47 18.91 120.24 -53.43
N ASP BB 48 18.75 119.37 -54.42
CA ASP BB 48 17.46 119.04 -54.99
C ASP BB 48 16.68 118.00 -54.18
N VAL BB 49 17.01 117.79 -52.91
CA VAL BB 49 16.34 116.76 -52.11
C VAL BB 49 15.14 117.41 -51.43
N THR BB 50 13.94 117.19 -52.01
CA THR BB 50 12.70 117.74 -51.49
C THR BB 50 11.87 116.62 -50.87
N ARG BB 51 10.83 117.02 -50.13
CA ARG BB 51 9.92 116.03 -49.54
C ARG BB 51 9.03 115.43 -50.61
N GLY BB 52 8.96 114.10 -50.63
CA GLY BB 52 8.12 113.40 -51.57
C GLY BB 52 8.14 111.90 -51.32
N PRO BB 53 7.20 111.17 -51.94
CA PRO BB 53 7.14 109.72 -51.72
C PRO BB 53 8.19 108.94 -52.49
N GLY BB 54 8.77 109.50 -53.55
CA GLY BB 54 9.72 108.78 -54.36
C GLY BB 54 11.06 108.61 -53.68
N LEU BB 55 11.90 107.76 -54.28
CA LEU BB 55 13.22 107.50 -53.73
C LEU BB 55 14.24 108.57 -54.09
N THR BB 56 13.89 109.51 -54.97
CA THR BB 56 14.67 110.71 -55.19
C THR BB 56 14.26 111.85 -54.28
N HIS BB 57 13.71 111.52 -53.11
CA HIS BB 57 13.11 112.49 -52.22
C HIS BB 57 13.51 112.14 -50.78
N ARG BB 58 12.82 112.75 -49.81
CA ARG BB 58 13.18 112.60 -48.42
C ARG BB 58 11.92 112.51 -47.56
N VAL BB 59 12.09 111.94 -46.38
CA VAL BB 59 11.04 111.85 -45.37
C VAL BB 59 11.51 112.62 -44.14
N GLY BB 60 10.86 113.74 -43.88
CA GLY BB 60 11.24 114.58 -42.75
C GLY BB 60 12.35 115.56 -43.08
N LYS BB 61 13.24 115.79 -42.11
CA LYS BB 61 14.33 116.75 -42.30
C LYS BB 61 15.63 116.24 -41.69
N ARG BB 62 15.77 114.93 -41.52
CA ARG BB 62 16.96 114.33 -40.92
C ARG BB 62 17.58 113.34 -41.88
N PHE BB 63 18.88 113.52 -42.14
CA PHE BB 63 19.64 112.63 -43.01
C PHE BB 63 20.75 111.96 -42.22
N CYS BB 64 21.17 110.80 -42.71
CA CYS BB 64 22.46 110.21 -42.35
C CYS BB 64 23.03 109.65 -43.67
N ILE BB 65 23.84 110.47 -44.33
CA ILE BB 65 24.46 110.07 -45.59
C ILE BB 65 25.44 108.93 -45.35
N LYS BB 66 25.14 107.76 -45.91
CA LYS BB 66 26.01 106.61 -45.74
C LYS BB 66 27.30 106.79 -46.51
N SER BB 67 27.20 107.08 -47.81
CA SER BB 67 28.40 107.26 -48.62
C SER BB 67 28.10 108.14 -49.81
N ILE BB 68 29.09 108.93 -50.20
CA ILE BB 68 29.11 109.66 -51.45
C ILE BB 68 29.96 108.88 -52.44
N TYR BB 69 29.37 108.54 -53.58
CA TYR BB 69 30.04 107.76 -54.62
C TYR BB 69 30.26 108.67 -55.82
N ILE BB 70 31.50 109.11 -56.01
CA ILE BB 70 31.82 110.11 -57.02
C ILE BB 70 32.34 109.39 -58.26
N LEU BB 71 31.53 109.39 -59.31
CA LEU BB 71 32.00 109.11 -60.66
C LEU BB 71 32.36 110.41 -61.35
N GLY BB 72 33.07 110.30 -62.45
CA GLY BB 72 33.39 111.50 -63.21
C GLY BB 72 34.51 111.36 -64.22
N LYS BB 73 34.33 111.99 -65.37
CA LYS BB 73 35.36 112.07 -66.38
C LYS BB 73 35.75 113.54 -66.57
N ILE BB 74 37.04 113.81 -66.45
CA ILE BB 74 37.56 115.17 -66.42
C ILE BB 74 38.44 115.34 -67.64
N TRP BB 75 37.98 116.10 -68.63
CA TRP BB 75 38.71 116.22 -69.88
C TRP BB 75 38.97 117.68 -70.23
N LEU BB 76 39.69 117.85 -71.33
CA LEU BB 76 39.84 119.11 -72.03
C LEU BB 76 39.75 118.93 -73.54
N ASP BB 77 39.04 117.90 -74.01
CA ASP BB 77 39.16 117.42 -75.38
C ASP BB 77 38.29 118.22 -76.34
N GLU BB 78 37.90 119.43 -75.97
CA GLU BB 78 37.45 120.43 -76.93
C GLU BB 78 38.60 120.77 -77.88
N THR BB 79 38.27 121.24 -79.09
CA THR BB 79 39.28 121.50 -80.12
C THR BB 79 40.17 122.70 -79.79
N ILE BB 80 39.90 123.41 -78.70
CA ILE BB 80 40.69 124.54 -78.24
C ILE BB 80 41.28 124.07 -76.92
N LYS BB 81 42.03 124.94 -76.22
CA LYS BB 81 42.69 124.71 -74.93
C LYS BB 81 43.78 123.64 -75.03
N LYS BB 82 44.46 123.59 -76.18
CA LYS BB 82 45.75 122.93 -76.27
C LYS BB 82 46.91 123.85 -75.92
N GLN BB 83 46.79 125.15 -76.16
CA GLN BB 83 47.73 126.12 -75.60
C GLN BB 83 47.32 126.47 -74.17
N ASN BB 84 48.25 127.13 -73.46
CA ASN BB 84 48.14 127.50 -72.05
C ASN BB 84 47.85 126.27 -71.20
N HIS BB 85 48.53 125.18 -71.51
CA HIS BB 85 48.16 123.84 -71.07
C HIS BB 85 48.81 123.40 -69.77
N THR BB 86 48.72 122.09 -69.48
CA THR BB 86 49.19 121.41 -68.27
C THR BB 86 48.56 121.95 -66.99
N ASN BB 87 47.25 121.75 -66.82
CA ASN BB 87 46.55 122.10 -65.59
C ASN BB 87 46.12 120.83 -64.88
N ASN BB 88 45.89 120.92 -63.58
CA ASN BB 88 45.40 119.81 -62.79
C ASN BB 88 44.24 120.24 -61.91
N VAL BB 89 43.48 119.26 -61.44
CA VAL BB 89 42.24 119.49 -60.70
C VAL BB 89 42.42 118.95 -59.28
N ILE BB 90 42.17 119.80 -58.29
CA ILE BB 90 42.16 119.38 -56.89
C ILE BB 90 40.72 119.44 -56.40
N PHE BB 91 40.22 118.32 -55.90
CA PHE BB 91 38.85 118.29 -55.39
C PHE BB 91 38.83 118.58 -53.89
N TYR BB 92 37.69 119.12 -53.44
CA TYR BB 92 37.51 119.46 -52.04
C TYR BB 92 36.11 119.04 -51.62
N LEU BB 93 36.03 118.17 -50.63
CA LEU BB 93 34.75 117.70 -50.10
C LEU BB 93 34.72 118.12 -48.64
N LEU BB 94 33.92 119.15 -48.33
CA LEU BB 94 33.98 119.83 -47.05
C LEU BB 94 32.76 119.47 -46.21
N ARG BB 95 32.98 119.32 -44.90
CA ARG BB 95 31.87 119.23 -43.94
C ARG BB 95 31.55 120.64 -43.47
N ASP BB 96 30.41 121.17 -43.90
CA ASP BB 96 30.00 122.52 -43.56
C ASP BB 96 29.30 122.54 -42.20
N ARG BB 97 29.39 123.68 -41.52
CA ARG BB 97 28.81 123.83 -40.19
C ARG BB 97 27.53 124.66 -40.16
N ARG BB 98 27.37 125.61 -41.07
CA ARG BB 98 26.20 126.48 -41.07
C ARG BB 98 25.97 127.00 -42.48
N PRO BB 99 24.72 127.23 -42.86
CA PRO BB 99 24.45 127.82 -44.18
C PRO BB 99 24.23 129.32 -44.12
N TYR BB 100 24.27 129.99 -45.28
CA TYR BB 100 23.76 131.35 -45.43
C TYR BB 100 23.04 131.40 -46.78
N GLY BB 101 21.75 131.04 -46.76
CA GLY BB 101 20.94 131.06 -47.97
C GLY BB 101 21.43 130.16 -49.07
N ASN BB 102 22.01 130.78 -50.11
CA ASN BB 102 22.66 130.07 -51.20
C ASN BB 102 24.07 129.63 -50.80
N ALA BB 103 24.86 129.22 -51.78
CA ALA BB 103 26.22 128.78 -51.49
C ALA BB 103 27.13 129.98 -51.26
N PRO BB 104 28.06 129.90 -50.31
CA PRO BB 104 28.97 131.03 -50.07
C PRO BB 104 30.09 131.09 -51.10
N GLN BB 105 31.03 132.00 -50.89
CA GLN BB 105 32.18 132.16 -51.77
C GLN BB 105 33.12 130.97 -51.63
N ASP BB 106 34.07 130.88 -52.56
CA ASP BB 106 35.18 129.94 -52.41
C ASP BB 106 36.48 130.65 -52.06
N PHE BB 107 36.92 131.58 -52.92
CA PHE BB 107 38.22 132.23 -52.72
C PHE BB 107 38.20 133.18 -51.53
N GLY BB 108 37.02 133.71 -51.21
CA GLY BB 108 36.85 134.47 -49.99
C GLY BB 108 36.52 133.64 -48.77
N GLN BB 109 36.44 132.33 -48.92
CA GLN BB 109 36.15 131.43 -47.80
C GLN BB 109 37.33 130.54 -47.45
N ILE BB 110 37.85 129.76 -48.40
CA ILE BB 110 39.13 129.11 -48.16
C ILE BB 110 40.25 130.13 -48.32
N PHE BB 111 41.39 129.82 -47.71
CA PHE BB 111 42.31 130.87 -47.28
C PHE BB 111 43.15 131.44 -48.43
N ASN BB 112 43.97 130.63 -49.08
CA ASN BB 112 45.00 131.17 -49.95
C ASN BB 112 44.81 130.61 -51.35
N MET BB 113 45.76 130.92 -52.23
CA MET BB 113 45.62 130.65 -53.66
C MET BB 113 45.90 129.18 -53.98
N PHE BB 114 44.82 128.40 -53.99
CA PHE BB 114 44.60 127.14 -54.70
C PHE BB 114 45.35 125.95 -54.10
N ASP BB 115 46.22 126.16 -53.13
CA ASP BB 115 46.82 125.10 -52.31
C ASP BB 115 46.72 125.54 -50.86
N ASN BB 116 45.59 125.20 -50.22
CA ASN BB 116 45.25 125.86 -48.98
C ASN BB 116 44.34 124.98 -48.12
N GLU BB 117 43.78 125.62 -47.11
CA GLU BB 117 42.85 125.10 -46.11
C GLU BB 117 41.79 126.18 -45.92
N PRO BB 118 40.70 125.93 -45.19
CA PRO BB 118 39.82 127.04 -44.81
C PRO BB 118 40.50 128.03 -43.89
N SER BB 119 39.97 129.25 -43.87
CA SER BB 119 40.57 130.34 -43.13
C SER BB 119 40.43 130.13 -41.62
N THR BB 120 41.24 130.88 -40.86
CA THR BB 120 41.25 130.75 -39.41
C THR BB 120 39.96 131.26 -38.78
N ALA BB 121 39.28 132.20 -39.42
CA ALA BB 121 38.02 132.73 -38.90
C ALA BB 121 36.80 131.94 -39.38
N THR BB 122 36.99 130.84 -40.09
CA THR BB 122 35.89 130.11 -40.70
C THR BB 122 35.69 128.71 -40.13
N ILE BB 123 36.58 128.25 -39.25
CA ILE BB 123 36.49 126.89 -38.73
C ILE BB 123 35.35 126.76 -37.73
N PHE BB 131 35.15 126.12 -41.88
CA PHE BB 131 34.31 124.96 -42.13
C PHE BB 131 35.19 123.72 -42.16
N GLN BB 132 34.65 122.59 -41.71
CA GLN BB 132 35.46 121.38 -41.65
C GLN BB 132 35.67 120.79 -43.04
N VAL BB 133 36.72 120.00 -43.15
CA VAL BB 133 37.12 119.34 -44.39
C VAL BB 133 36.92 117.85 -44.16
N LEU BB 134 36.60 117.10 -45.22
CA LEU BB 134 36.68 115.65 -45.10
C LEU BB 134 37.91 115.07 -45.80
N ARG BB 135 38.02 115.22 -47.12
CA ARG BB 135 39.18 114.73 -47.87
C ARG BB 135 39.38 115.57 -49.13
N LYS BB 136 40.42 115.20 -49.88
CA LYS BB 136 40.79 115.83 -51.14
C LYS BB 136 40.95 114.74 -52.21
N PHE BB 137 41.13 115.17 -53.47
CA PHE BB 137 41.41 114.25 -54.56
C PHE BB 137 42.38 114.93 -55.54
N HIS BB 138 42.74 114.20 -56.59
CA HIS BB 138 43.64 114.70 -57.61
C HIS BB 138 43.14 114.27 -58.99
N ALA BB 139 43.41 115.11 -59.98
CA ALA BB 139 43.13 114.79 -61.38
C ALA BB 139 44.05 115.67 -62.22
N THR BB 140 44.94 115.05 -62.98
CA THR BB 140 45.98 115.76 -63.73
C THR BB 140 45.79 115.54 -65.21
N VAL BB 141 45.35 116.58 -65.93
CA VAL BB 141 45.13 116.52 -67.36
C VAL BB 141 46.14 117.43 -68.07
N VAL BB 142 47.20 116.84 -68.60
CA VAL BB 142 48.27 117.62 -69.20
C VAL BB 142 48.34 117.36 -70.71
N GLY BB 143 47.73 118.24 -71.51
CA GLY BB 143 47.76 118.05 -72.94
C GLY BB 143 48.07 119.30 -73.74
N GLY BB 144 49.20 119.30 -74.45
CA GLY BB 144 49.56 120.46 -75.25
C GLY BB 144 49.52 120.16 -76.74
N LEU BB 145 50.69 120.00 -77.35
CA LEU BB 145 50.78 119.68 -78.77
C LEU BB 145 51.82 118.59 -78.95
N TYR BB 146 51.78 117.98 -80.15
CA TYR BB 146 52.73 117.00 -80.68
C TYR BB 146 52.82 115.69 -79.92
N CYS BB 147 52.01 115.44 -78.89
CA CYS BB 147 51.71 114.04 -78.61
C CYS BB 147 50.20 113.80 -78.58
N MET BB 148 49.35 114.58 -77.88
CA MET BB 148 49.58 115.37 -76.67
C MET BB 148 49.23 114.45 -75.49
N LYS BB 149 50.18 114.20 -74.60
CA LYS BB 149 50.00 113.08 -73.69
C LYS BB 149 49.50 113.53 -72.32
N GLU BB 150 48.20 113.80 -72.27
CA GLU BB 150 47.20 113.35 -71.29
C GLU BB 150 45.85 113.98 -71.63
N GLN BB 151 44.79 113.32 -71.20
CA GLN BB 151 43.40 113.67 -71.51
C GLN BB 151 42.48 113.09 -70.44
N ALA BB 152 41.21 112.91 -70.81
CA ALA BB 152 40.09 112.46 -69.97
C ALA BB 152 40.47 111.32 -69.03
N LEU BB 153 40.38 111.58 -67.73
CA LEU BB 153 40.68 110.57 -66.71
C LEU BB 153 39.39 110.17 -66.03
N VAL BB 154 39.33 108.91 -65.58
CA VAL BB 154 38.13 108.42 -64.91
C VAL BB 154 38.42 108.26 -63.42
N LYS BB 155 37.53 108.78 -62.57
CA LYS BB 155 37.71 108.72 -61.13
C LYS BB 155 36.46 108.13 -60.49
N ARG BB 156 36.64 107.03 -59.77
CA ARG BB 156 35.58 106.46 -58.94
C ARG BB 156 36.09 106.34 -57.51
N PHE BB 157 35.22 106.66 -56.54
CA PHE BB 157 35.61 106.67 -55.13
C PHE BB 157 34.41 106.33 -54.26
N TYR BB 158 34.51 105.24 -53.50
CA TYR BB 158 33.72 105.10 -52.29
C TYR BB 158 34.21 106.10 -51.25
N ARG BB 159 33.27 106.73 -50.53
CA ARG BB 159 33.65 107.72 -49.53
C ARG BB 159 32.53 107.78 -48.48
N LEU BB 160 32.77 107.16 -47.33
CA LEU BB 160 31.78 107.11 -46.26
C LEU BB 160 31.72 108.44 -45.52
N ASN BB 161 30.52 108.86 -45.14
CA ASN BB 161 30.28 110.15 -44.51
C ASN BB 161 29.19 110.00 -43.45
N HIS BB 162 28.63 111.12 -43.01
CA HIS BB 162 27.72 111.11 -41.86
C HIS BB 162 26.62 112.15 -42.07
N HIS BB 163 25.92 112.49 -40.97
CA HIS BB 163 24.56 112.99 -40.97
C HIS BB 163 24.45 114.44 -41.44
N VAL BB 164 23.24 114.78 -41.92
CA VAL BB 164 22.87 116.10 -42.45
C VAL BB 164 21.47 116.42 -41.92
N THR BB 165 21.24 117.68 -41.56
CA THR BB 165 19.92 118.12 -41.09
C THR BB 165 19.43 119.26 -41.99
N TYR BB 166 18.14 119.26 -42.30
CA TYR BB 166 17.47 120.41 -42.88
C TYR BB 166 16.71 121.19 -41.81
N ASN BB 167 16.60 122.50 -42.01
CA ASN BB 167 15.92 123.35 -41.05
C ASN BB 167 14.40 123.28 -41.22
N HIS BB 168 13.91 123.72 -42.38
CA HIS BB 168 12.49 123.82 -42.59
C HIS BB 168 11.89 122.47 -42.96
N GLN BB 169 10.57 122.37 -42.78
CA GLN BB 169 9.81 121.18 -43.13
C GLN BB 169 9.20 121.29 -44.52
N GLU BB 170 9.80 122.10 -45.38
CA GLU BB 170 9.32 122.36 -46.72
C GLU BB 170 9.73 121.23 -47.66
N ALA BB 171 9.13 121.22 -48.84
CA ALA BB 171 9.62 120.42 -49.96
C ALA BB 171 10.53 121.28 -50.84
N GLY BB 172 11.54 121.86 -50.20
CA GLY BB 172 12.34 122.91 -50.78
C GLY BB 172 13.74 122.46 -51.19
N LYS BB 173 14.44 123.41 -51.80
CA LYS BB 173 15.78 123.21 -52.34
C LYS BB 173 16.81 123.56 -51.25
N TYR BB 174 18.06 123.78 -51.67
CA TYR BB 174 19.22 123.99 -50.78
C TYR BB 174 19.13 125.22 -49.89
N GLU BB 175 18.13 126.09 -50.06
CA GLU BB 175 18.11 127.37 -49.36
C GLU BB 175 17.76 127.22 -47.88
N ASN BB 176 17.02 126.18 -47.51
CA ASN BB 176 16.50 126.03 -46.14
C ASN BB 176 17.35 125.09 -45.28
N HIS BB 177 18.68 125.12 -45.44
CA HIS BB 177 19.56 124.25 -44.68
C HIS BB 177 19.70 124.72 -43.24
N THR BB 178 20.45 123.94 -42.47
CA THR BB 178 20.86 124.24 -41.11
C THR BB 178 22.23 123.59 -40.90
N GLU BB 179 22.59 123.35 -39.63
CA GLU BB 179 23.84 122.71 -39.23
C GLU BB 179 24.10 121.40 -39.99
N ASN BB 180 25.38 121.10 -40.17
CA ASN BB 180 25.91 119.88 -40.81
C ASN BB 180 25.42 119.77 -42.27
N ALA BB 181 25.83 120.73 -43.07
CA ALA BB 181 25.76 120.62 -44.51
C ALA BB 181 27.08 120.05 -45.04
N LEU BB 182 27.08 119.67 -46.31
CA LEU BB 182 28.29 119.21 -46.97
C LEU BB 182 28.14 119.43 -48.47
N LEU BB 183 29.23 119.83 -49.12
CA LEU BB 183 29.19 120.21 -50.52
C LEU BB 183 30.59 120.09 -51.10
N LEU BB 184 30.72 120.43 -52.37
CA LEU BB 184 31.97 120.27 -53.11
C LEU BB 184 32.50 121.61 -53.62
N TYR BB 185 33.82 121.69 -53.73
CA TYR BB 185 34.49 122.73 -54.48
C TYR BB 185 35.51 122.08 -55.40
N MET BB 186 35.60 122.59 -56.63
CA MET BB 186 36.59 122.15 -57.59
C MET BB 186 37.48 123.33 -57.94
N ALA BB 187 38.77 123.06 -58.10
CA ALA BB 187 39.76 124.11 -58.26
C ALA BB 187 40.68 123.82 -59.42
N CYS BB 188 40.87 124.82 -60.28
CA CYS BB 188 41.89 124.79 -61.31
C CYS BB 188 43.10 125.60 -60.86
N THR BB 189 44.26 125.27 -61.42
CA THR BB 189 45.52 125.85 -60.97
C THR BB 189 46.20 126.72 -62.03
N HIS BB 190 45.51 127.09 -63.10
CA HIS BB 190 46.10 127.92 -64.14
C HIS BB 190 45.05 128.87 -64.70
N ALA BB 191 45.52 129.96 -65.30
CA ALA BB 191 44.65 131.05 -65.73
C ALA BB 191 43.75 130.66 -66.89
N SER BB 192 44.16 129.71 -67.72
CA SER BB 192 43.27 129.15 -68.72
C SER BB 192 42.20 128.30 -68.06
N ASN BB 193 41.14 128.02 -68.81
CA ASN BB 193 40.10 127.14 -68.29
C ASN BB 193 39.90 125.95 -69.22
N PRO BB 194 40.77 124.93 -69.20
CA PRO BB 194 40.57 123.77 -70.09
C PRO BB 194 39.60 122.75 -69.52
N VAL BB 195 39.37 122.77 -68.21
CA VAL BB 195 38.76 121.64 -67.51
C VAL BB 195 37.26 121.62 -67.79
N TYR BB 196 36.80 120.58 -68.48
CA TYR BB 196 35.39 120.27 -68.62
C TYR BB 196 35.10 118.99 -67.85
N ALA BB 197 34.81 119.17 -66.55
CA ALA BB 197 34.64 118.07 -65.63
C ALA BB 197 33.17 117.79 -65.40
N THR BB 198 32.71 116.62 -65.83
CA THR BB 198 31.34 116.18 -65.62
C THR BB 198 31.36 114.99 -64.68
N LEU BB 199 30.60 115.08 -63.59
CA LEU BB 199 30.68 114.13 -62.49
C LEU BB 199 29.31 113.59 -62.15
N LYS BB 200 29.25 112.29 -61.94
CA LYS BB 200 28.06 111.62 -61.44
C LYS BB 200 28.25 111.30 -59.96
N ILE BB 201 27.38 111.87 -59.12
CA ILE BB 201 27.58 111.86 -57.68
C ILE BB 201 26.39 111.14 -57.05
N ARG BB 202 26.57 109.88 -56.71
CA ARG BB 202 25.53 109.13 -56.01
C ARG BB 202 25.65 109.35 -54.51
N ILE BB 203 24.54 109.73 -53.88
CA ILE BB 203 24.38 109.65 -52.43
C ILE BB 203 23.25 108.67 -52.16
N TYR BB 204 23.56 107.56 -51.50
CA TYR BB 204 22.53 106.66 -51.00
C TYR BB 204 22.63 106.61 -49.48
N PHE BB 205 21.47 106.67 -48.82
CA PHE BB 205 21.41 106.91 -47.39
C PHE BB 205 20.15 106.30 -46.78
N PRO CB 16 73.72 97.91 -29.46
CA PRO CB 16 72.43 97.43 -29.98
C PRO CB 16 72.40 97.35 -31.50
N ASP CB 17 73.50 97.71 -32.16
CA ASP CB 17 73.56 97.77 -33.62
C ASP CB 17 74.61 96.84 -34.19
N ILE CB 18 75.80 96.79 -33.58
CA ILE CB 18 76.98 96.15 -34.17
C ILE CB 18 77.27 94.80 -33.52
N PRO CB 19 77.76 93.82 -34.27
CA PRO CB 19 78.12 92.52 -33.69
C PRO CB 19 79.60 92.36 -33.36
N ARG CB 20 80.45 93.37 -33.58
CA ARG CB 20 81.89 93.16 -33.53
C ARG CB 20 82.56 93.86 -32.35
N GLY CB 21 82.42 95.18 -32.23
CA GLY CB 21 83.13 95.94 -31.23
C GLY CB 21 82.52 97.30 -30.99
N CYS CB 22 82.70 97.82 -29.77
CA CYS CB 22 82.00 98.99 -29.28
C CYS CB 22 82.58 100.32 -29.78
N GLU CB 23 83.37 100.29 -30.85
CA GLU CB 23 83.78 101.51 -31.52
C GLU CB 23 82.57 102.20 -32.15
N GLY CB 24 82.70 103.50 -32.38
CA GLY CB 24 81.70 104.25 -33.10
C GLY CB 24 81.61 103.80 -34.54
N PRO CB 25 80.39 103.70 -35.08
CA PRO CB 25 80.24 103.29 -36.48
C PRO CB 25 80.71 104.37 -37.44
N CYS CB 26 82.03 104.44 -37.63
CA CYS CB 26 82.65 105.56 -38.32
C CYS CB 26 82.41 105.47 -39.82
N LYS CB 27 82.13 106.62 -40.42
CA LYS CB 27 81.83 106.71 -41.84
C LYS CB 27 83.12 106.92 -42.63
N VAL CB 28 83.28 106.13 -43.69
CA VAL CB 28 84.33 106.34 -44.68
C VAL CB 28 83.63 106.36 -46.03
N GLN CB 29 83.49 107.55 -46.61
CA GLN CB 29 82.69 107.74 -47.80
C GLN CB 29 83.58 107.84 -49.04
N SER CB 30 83.33 106.96 -50.04
CA SER CB 30 84.03 106.94 -51.32
C SER CB 30 83.16 107.69 -52.32
N PHE CB 31 83.24 109.01 -52.28
CA PHE CB 31 82.59 109.81 -53.30
C PHE CB 31 83.32 109.67 -54.62
N GLU CB 32 82.55 109.60 -55.70
CA GLU CB 32 83.11 109.68 -57.03
C GLU CB 32 82.43 110.81 -57.79
N GLN CB 33 83.21 111.47 -58.64
CA GLN CB 33 82.68 112.34 -59.68
C GLN CB 33 83.28 111.77 -60.96
N ARG CB 34 82.63 110.73 -61.48
CA ARG CB 34 83.21 109.90 -62.52
C ARG CB 34 82.17 109.57 -63.59
N ASP CB 35 82.53 108.64 -64.46
CA ASP CB 35 81.62 108.06 -65.43
C ASP CB 35 82.03 106.61 -65.64
N ASP CB 36 81.55 106.01 -66.73
CA ASP CB 36 81.97 104.66 -67.07
C ASP CB 36 82.13 104.58 -68.58
N VAL CB 37 82.38 103.36 -69.05
CA VAL CB 37 82.30 103.03 -70.47
C VAL CB 37 81.25 101.95 -70.58
N LYS CB 38 81.05 101.40 -71.78
CA LYS CB 38 80.10 100.30 -71.93
C LYS CB 38 80.55 99.07 -71.16
N HIS CB 39 81.84 98.76 -71.18
CA HIS CB 39 82.33 97.51 -70.61
C HIS CB 39 82.38 97.56 -69.09
N LEU CB 40 82.95 98.64 -68.53
CA LEU CB 40 83.27 98.59 -67.12
C LEU CB 40 83.27 99.97 -66.49
N GLY CB 41 82.73 100.04 -65.28
CA GLY CB 41 83.07 101.10 -64.36
C GLY CB 41 83.52 100.43 -63.07
N ILE CB 42 84.80 100.55 -62.74
CA ILE CB 42 85.36 99.77 -61.64
C ILE CB 42 85.58 100.68 -60.43
N CYS CB 43 85.15 100.19 -59.27
CA CYS CB 43 85.25 100.95 -58.03
C CYS CB 43 85.51 99.98 -56.90
N LYS CB 44 86.76 99.83 -56.47
CA LYS CB 44 87.02 99.25 -55.16
C LYS CB 44 86.62 100.26 -54.09
N VAL CB 45 85.58 99.89 -53.34
CA VAL CB 45 84.98 100.85 -52.44
C VAL CB 45 85.76 100.94 -51.13
N ILE CB 46 86.58 99.94 -50.85
CA ILE CB 46 87.31 99.84 -49.59
C ILE CB 46 88.76 100.33 -49.77
N SER CB 47 89.00 101.16 -50.79
CA SER CB 47 90.35 101.42 -51.28
C SER CB 47 91.13 102.32 -50.34
N ASP CB 48 90.62 103.53 -50.10
CA ASP CB 48 91.36 104.57 -49.40
C ASP CB 48 91.32 104.45 -47.88
N VAL CB 49 91.02 103.27 -47.33
CA VAL CB 49 90.89 103.09 -45.89
C VAL CB 49 92.27 102.70 -45.35
N THR CB 50 93.00 103.66 -44.81
CA THR CB 50 94.33 103.46 -44.25
C THR CB 50 94.27 103.52 -42.73
N ARG CB 51 95.35 103.09 -42.09
CA ARG CB 51 95.44 103.17 -40.63
C ARG CB 51 95.67 104.62 -40.20
N GLY CB 52 94.86 105.07 -39.25
CA GLY CB 52 94.99 106.40 -38.71
C GLY CB 52 94.02 106.64 -37.57
N PRO CB 53 94.23 107.73 -36.82
CA PRO CB 53 93.35 108.01 -35.68
C PRO CB 53 92.00 108.59 -36.07
N GLY CB 54 91.86 109.16 -37.26
CA GLY CB 54 90.62 109.79 -37.67
C GLY CB 54 89.52 108.78 -37.99
N LEU CB 55 88.31 109.30 -38.13
CA LEU CB 55 87.16 108.46 -38.44
C LEU CB 55 87.07 108.11 -39.92
N THR CB 56 87.90 108.72 -40.77
CA THR CB 56 88.05 108.28 -42.15
C THR CB 56 89.17 107.26 -42.29
N HIS CB 57 89.44 106.49 -41.23
CA HIS CB 57 90.58 105.59 -41.17
C HIS CB 57 90.13 104.30 -40.50
N ARG CB 58 91.09 103.48 -40.09
CA ARG CB 58 90.81 102.16 -39.56
C ARG CB 58 91.76 101.84 -38.41
N VAL CB 59 91.32 100.91 -37.57
CA VAL CB 59 92.13 100.39 -36.46
C VAL CB 59 92.34 98.91 -36.70
N GLY CB 60 93.58 98.54 -37.00
CA GLY CB 60 93.91 97.15 -37.29
C GLY CB 60 93.67 96.76 -38.73
N LYS CB 61 93.20 95.53 -38.95
CA LYS CB 61 92.98 95.05 -40.32
C LYS CB 61 91.70 94.22 -40.42
N ARG CB 62 90.76 94.43 -39.51
CA ARG CB 62 89.51 93.68 -39.48
C ARG CB 62 88.33 94.64 -39.58
N PHE CB 63 87.45 94.39 -40.54
CA PHE CB 63 86.24 95.18 -40.74
C PHE CB 63 85.01 94.32 -40.53
N CYS CB 64 83.91 94.97 -40.17
CA CYS CB 64 82.57 94.40 -40.33
C CYS CB 64 81.71 95.55 -40.85
N ILE CB 65 81.58 95.62 -42.18
CA ILE CB 65 80.78 96.67 -42.80
C ILE CB 65 79.32 96.48 -42.44
N LYS CB 66 78.76 97.45 -41.73
CA LYS CB 66 77.36 97.37 -41.34
C LYS CB 66 76.44 97.58 -42.53
N SER CB 67 76.63 98.67 -43.26
CA SER CB 67 75.80 98.93 -44.42
C SER CB 67 76.53 99.83 -45.40
N ILE CB 68 76.26 99.59 -46.69
CA ILE CB 68 76.66 100.48 -47.76
C ILE CB 68 75.44 101.32 -48.14
N TYR CB 69 75.60 102.64 -48.09
CA TYR CB 69 74.54 103.59 -48.39
C TYR CB 69 74.90 104.30 -49.69
N ILE CB 70 74.23 103.92 -50.78
CA ILE CB 70 74.57 104.40 -52.11
C ILE CB 70 73.64 105.56 -52.45
N LEU CB 71 74.19 106.76 -52.47
CA LEU CB 71 73.58 107.89 -53.15
C LEU CB 71 74.12 107.98 -54.57
N GLY CB 72 73.44 108.77 -55.39
CA GLY CB 72 73.92 108.96 -56.74
C GLY CB 72 72.92 109.53 -57.71
N LYS CB 73 73.41 110.42 -58.57
CA LYS CB 73 72.62 110.96 -59.68
C LYS CB 73 73.26 110.54 -60.99
N ILE CB 74 72.46 109.91 -61.86
CA ILE CB 74 72.95 109.29 -63.08
C ILE CB 74 72.31 110.04 -64.24
N TRP CB 75 73.11 110.83 -64.95
CA TRP CB 75 72.56 111.68 -66.00
C TRP CB 75 73.28 111.44 -67.32
N LEU CB 76 72.79 112.13 -68.34
CA LEU CB 76 73.46 112.31 -69.61
C LEU CB 76 73.32 113.74 -70.12
N ASP CB 77 73.16 114.72 -69.22
CA ASP CB 77 72.69 116.05 -69.57
C ASP CB 77 73.82 116.95 -70.07
N GLU CB 78 74.92 116.36 -70.54
CA GLU CB 78 75.85 117.06 -71.41
C GLU CB 78 75.14 117.42 -72.71
N THR CB 79 75.62 118.47 -73.40
CA THR CB 79 74.97 118.96 -74.61
C THR CB 79 75.08 118.00 -75.80
N ILE CB 80 75.82 116.89 -75.65
CA ILE CB 80 75.97 115.87 -76.68
C ILE CB 80 75.29 114.64 -76.07
N LYS CB 81 75.32 113.51 -76.79
CA LYS CB 81 74.74 112.22 -76.41
C LYS CB 81 73.22 112.28 -76.32
N LYS CB 82 72.60 113.08 -77.19
CA LYS CB 82 71.19 112.95 -77.49
C LYS CB 82 70.92 111.97 -78.62
N GLN CB 83 71.85 111.81 -79.57
CA GLN CB 83 71.80 110.71 -80.52
C GLN CB 83 72.41 109.46 -79.88
N ASN CB 84 72.17 108.31 -80.54
CA ASN CB 84 72.57 106.97 -80.10
C ASN CB 84 72.05 106.70 -78.70
N HIS CB 85 70.80 107.08 -78.46
CA HIS CB 85 70.25 107.24 -77.12
C HIS CB 85 69.54 106.00 -76.60
N THR CB 86 68.78 106.18 -75.51
CA THR CB 86 68.05 105.15 -74.76
C THR CB 86 68.95 104.06 -74.19
N ASN CB 87 69.83 104.40 -73.25
CA ASN CB 87 70.65 103.42 -72.55
C ASN CB 87 70.19 103.33 -71.10
N ASN CB 88 70.50 102.22 -70.45
CA ASN CB 88 70.19 102.03 -69.04
C ASN CB 88 71.41 101.49 -68.30
N VAL CB 89 71.38 101.63 -66.97
CA VAL CB 89 72.51 101.29 -66.12
C VAL CB 89 72.11 100.15 -65.20
N ILE CB 90 72.90 99.09 -65.20
CA ILE CB 90 72.71 97.98 -64.28
C ILE CB 90 73.88 98.00 -63.29
N PHE CB 91 73.56 98.07 -62.00
CA PHE CB 91 74.61 98.08 -60.99
C PHE CB 91 74.90 96.65 -60.51
N TYR CB 92 76.13 96.46 -60.04
CA TYR CB 92 76.59 95.17 -59.55
C TYR CB 92 77.39 95.39 -58.28
N LEU CB 93 76.95 94.80 -57.18
CA LEU CB 93 77.64 94.89 -55.90
C LEU CB 93 78.02 93.48 -55.52
N LEU CB 94 79.31 93.15 -55.66
CA LEU CB 94 79.78 91.77 -55.58
C LEU CB 94 80.51 91.54 -54.27
N ARG CB 95 80.33 90.35 -53.69
CA ARG CB 95 81.17 89.90 -52.59
C ARG CB 95 82.36 89.13 -53.17
N ASP CB 96 83.55 89.73 -53.09
CA ASP CB 96 84.75 89.14 -53.65
C ASP CB 96 85.36 88.16 -52.66
N ARG CB 97 86.07 87.17 -53.19
CA ARG CB 97 86.69 86.13 -52.38
C ARG CB 97 88.19 86.27 -52.23
N ARG CB 98 88.89 86.84 -53.21
CA ARG CB 98 90.34 86.96 -53.16
C ARG CB 98 90.77 88.14 -54.02
N PRO CB 99 91.85 88.82 -53.66
CA PRO CB 99 92.37 89.89 -54.52
C PRO CB 99 93.51 89.44 -55.42
N TYR CB 100 93.84 90.25 -56.42
CA TYR CB 100 95.10 90.14 -57.14
C TYR CB 100 95.61 91.55 -57.39
N GLY CB 101 96.35 92.09 -56.42
CA GLY CB 101 96.92 93.43 -56.52
C GLY CB 101 95.88 94.53 -56.68
N ASN CB 102 95.79 95.06 -57.89
CA ASN CB 102 94.78 96.03 -58.25
C ASN CB 102 93.45 95.34 -58.56
N ALA CB 103 92.51 96.08 -59.15
CA ALA CB 103 91.21 95.52 -59.49
C ALA CB 103 91.32 94.63 -60.72
N PRO CB 104 90.62 93.50 -60.75
CA PRO CB 104 90.66 92.63 -61.93
C PRO CB 104 89.80 93.14 -63.07
N GLN CB 105 89.69 92.36 -64.14
CA GLN CB 105 88.87 92.72 -65.28
C GLN CB 105 87.39 92.65 -64.92
N ASP CB 106 86.55 93.18 -65.80
CA ASP CB 106 85.11 92.98 -65.71
C ASP CB 106 84.61 92.01 -66.77
N PHE CB 107 84.82 92.33 -68.06
CA PHE CB 107 84.27 91.52 -69.14
C PHE CB 107 84.97 90.19 -69.25
N GLY CB 108 86.23 90.12 -68.82
CA GLY CB 108 86.92 88.85 -68.69
C GLY CB 108 86.71 88.14 -67.39
N GLN CB 109 85.90 88.70 -66.49
CA GLN CB 109 85.61 88.08 -65.21
C GLN CB 109 84.16 87.66 -65.08
N ILE CB 110 83.20 88.57 -65.27
CA ILE CB 110 81.81 88.13 -65.41
C ILE CB 110 81.62 87.58 -66.82
N PHE CB 111 80.57 86.80 -66.97
CA PHE CB 111 80.58 85.79 -68.03
C PHE CB 111 80.25 86.36 -69.40
N ASN CB 112 79.06 86.91 -69.59
CA ASN CB 112 78.58 87.18 -70.94
C ASN CB 112 78.28 88.67 -71.07
N MET CB 113 77.71 89.04 -72.22
CA MET CB 113 77.56 90.45 -72.60
C MET CB 113 76.37 91.09 -71.87
N PHE CB 114 76.70 91.70 -70.73
CA PHE CB 114 76.01 92.80 -70.05
C PHE CB 114 74.70 92.40 -69.38
N ASP CB 115 74.23 91.17 -69.57
CA ASP CB 115 73.14 90.58 -68.79
C ASP CB 115 73.58 89.18 -68.38
N ASN CB 116 74.25 89.09 -67.24
CA ASN CB 116 75.01 87.89 -66.94
C ASN CB 116 75.18 87.70 -65.44
N GLU CB 117 76.08 86.78 -65.11
CA GLU CB 117 76.50 86.36 -63.78
C GLU CB 117 78.02 86.21 -63.86
N PRO CB 118 78.73 85.99 -62.74
CA PRO CB 118 80.13 85.61 -62.85
C PRO CB 118 80.31 84.25 -63.51
N SER CB 119 81.50 84.04 -64.05
CA SER CB 119 81.80 82.82 -64.81
C SER CB 119 81.85 81.60 -63.90
N THR CB 120 81.76 80.43 -64.52
CA THR CB 120 81.75 79.17 -63.79
C THR CB 120 83.10 78.87 -63.14
N ALA CB 121 84.19 79.38 -63.70
CA ALA CB 121 85.52 79.17 -63.13
C ALA CB 121 85.91 80.24 -62.12
N THR CB 122 85.01 81.16 -61.78
CA THR CB 122 85.34 82.30 -60.93
C THR CB 122 84.62 82.27 -59.59
N ILE CB 123 83.69 81.35 -59.38
CA ILE CB 123 82.90 81.33 -58.14
C ILE CB 123 83.75 80.86 -56.96
N PHE CB 131 83.26 84.83 -58.28
CA PHE CB 131 83.12 85.70 -57.11
C PHE CB 131 81.65 85.81 -56.76
N GLN CB 132 81.36 85.95 -55.47
CA GLN CB 132 79.96 86.00 -55.05
C GLN CB 132 79.35 87.35 -55.38
N VAL CB 133 78.02 87.35 -55.47
CA VAL CB 133 77.22 88.51 -55.80
C VAL CB 133 76.42 88.85 -54.55
N LEU CB 134 76.12 90.13 -54.32
CA LEU CB 134 75.13 90.45 -53.30
C LEU CB 134 73.78 90.85 -53.91
N ARG CB 135 73.72 91.94 -54.66
CA ARG CB 135 72.48 92.37 -55.31
C ARG CB 135 72.79 93.17 -56.58
N LYS CB 136 71.72 93.61 -57.24
CA LYS CB 136 71.77 94.42 -58.45
C LYS CB 136 70.90 95.65 -58.27
N PHE CB 137 70.97 96.57 -59.22
CA PHE CB 137 70.09 97.75 -59.24
C PHE CB 137 69.74 98.08 -60.69
N HIS CB 138 68.94 99.12 -60.86
CA HIS CB 138 68.52 99.59 -62.17
C HIS CB 138 68.54 101.11 -62.21
N ALA CB 139 68.82 101.65 -63.40
CA ALA CB 139 68.75 103.08 -63.64
C ALA CB 139 68.58 103.26 -65.15
N THR CB 140 67.45 103.84 -65.57
CA THR CB 140 67.08 103.93 -66.97
C THR CB 140 67.00 105.39 -67.39
N VAL CB 141 67.97 105.83 -68.19
CA VAL CB 141 68.01 107.22 -68.67
C VAL CB 141 67.80 107.22 -70.18
N VAL CB 142 66.58 107.54 -70.61
CA VAL CB 142 66.25 107.47 -72.02
C VAL CB 142 65.94 108.87 -72.55
N GLY CB 143 66.92 109.50 -73.19
CA GLY CB 143 66.69 110.84 -73.72
C GLY CB 143 67.22 111.05 -75.13
N GLY CB 144 66.32 111.32 -76.07
CA GLY CB 144 66.76 111.55 -77.44
C GLY CB 144 66.51 112.98 -77.89
N LEU CB 145 65.49 113.19 -78.71
CA LEU CB 145 65.12 114.52 -79.16
C LEU CB 145 63.62 114.69 -79.07
N TYR CB 146 63.18 115.94 -79.17
CA TYR CB 146 61.80 116.42 -79.26
C TYR CB 146 60.92 116.11 -78.06
N CYS CB 147 61.43 115.53 -76.97
CA CYS CB 147 60.77 115.82 -75.70
C CYS CB 147 61.78 116.38 -74.67
N MET CB 148 62.97 115.79 -74.42
CA MET CB 148 63.37 114.38 -74.55
C MET CB 148 63.10 113.74 -73.18
N LYS CB 149 62.28 112.71 -73.15
CA LYS CB 149 61.73 112.31 -71.85
C LYS CB 149 62.48 111.11 -71.27
N GLU CB 150 63.65 111.41 -70.71
CA GLU CB 150 64.17 111.02 -69.39
C GLU CB 150 65.58 111.56 -69.23
N GLN CB 151 65.99 111.74 -67.98
CA GLN CB 151 67.25 112.36 -67.58
C GLN CB 151 67.64 111.89 -66.20
N ALA CB 152 68.46 112.70 -65.52
CA ALA CB 152 69.08 112.46 -64.21
C ALA CB 152 68.11 111.86 -63.20
N LEU CB 153 68.41 110.64 -62.74
CA LEU CB 153 67.59 109.95 -61.75
C LEU CB 153 68.35 109.90 -60.43
N VAL CB 154 67.61 109.92 -59.33
CA VAL CB 154 68.24 109.87 -58.01
C VAL CB 154 67.98 108.49 -57.40
N LYS CB 155 69.05 107.87 -56.88
CA LYS CB 155 68.95 106.54 -56.28
C LYS CB 155 69.56 106.57 -54.89
N ARG CB 156 68.77 106.22 -53.88
CA ARG CB 156 69.24 106.01 -52.53
C ARG CB 156 68.86 104.60 -52.08
N PHE CB 157 69.77 103.92 -51.39
CA PHE CB 157 69.56 102.53 -50.98
C PHE CB 157 70.31 102.25 -49.68
N TYR CB 158 69.57 101.90 -48.63
CA TYR CB 158 70.15 101.12 -47.54
C TYR CB 158 70.49 99.71 -48.05
N ARG CB 159 71.64 99.19 -47.63
CA ARG CB 159 72.06 97.86 -48.09
C ARG CB 159 73.01 97.28 -47.04
N LEU CB 160 72.48 96.37 -46.21
CA LEU CB 160 73.27 95.77 -45.15
C LEU CB 160 74.21 94.71 -45.70
N ASN CB 161 75.42 94.63 -45.14
CA ASN CB 161 76.47 93.76 -45.63
C ASN CB 161 77.25 93.21 -44.44
N HIS CB 162 78.44 92.66 -44.70
CA HIS CB 162 79.19 91.94 -43.67
C HIS CB 162 80.69 92.17 -43.86
N HIS CB 163 81.49 91.32 -43.23
CA HIS CB 163 82.86 91.62 -42.81
C HIS CB 163 83.86 91.61 -43.97
N VAL CB 164 84.96 92.33 -43.75
CA VAL CB 164 86.07 92.52 -44.69
C VAL CB 164 87.37 92.41 -43.90
N THR CB 165 88.38 91.78 -44.49
CA THR CB 165 89.69 91.67 -43.85
C THR CB 165 90.76 92.28 -44.77
N TYR CB 166 91.72 92.99 -44.18
CA TYR CB 166 92.94 93.38 -44.88
C TYR CB 166 94.09 92.44 -44.51
N ASN CB 167 95.00 92.24 -45.46
CA ASN CB 167 96.14 91.34 -45.23
C ASN CB 167 97.22 92.03 -44.42
N HIS CB 168 97.81 93.09 -44.97
CA HIS CB 168 98.96 93.71 -44.34
C HIS CB 168 98.51 94.66 -43.22
N GLN CB 169 99.45 94.98 -42.33
CA GLN CB 169 99.23 95.91 -41.25
C GLN CB 169 99.69 97.32 -41.61
N GLU CB 170 99.71 97.62 -42.91
CA GLU CB 170 100.16 98.91 -43.42
C GLU CB 170 99.07 99.95 -43.29
N ALA CB 171 99.45 101.20 -43.48
CA ALA CB 171 98.49 102.29 -43.70
C ALA CB 171 98.31 102.50 -45.21
N GLY CB 172 97.96 101.41 -45.88
CA GLY CB 172 98.00 101.33 -47.32
C GLY CB 172 96.63 101.37 -47.99
N LYS CB 173 96.66 101.38 -49.31
CA LYS CB 173 95.49 101.47 -50.16
C LYS CB 173 94.99 100.06 -50.48
N TYR CB 174 94.15 99.94 -51.52
CA TYR CB 174 93.47 98.71 -51.92
C TYR CB 174 94.40 97.55 -52.32
N GLU CB 175 95.70 97.78 -52.44
CA GLU CB 175 96.58 96.75 -53.00
C GLU CB 175 96.84 95.60 -52.03
N ASN CB 176 96.75 95.84 -50.73
CA ASN CB 176 97.13 94.84 -49.72
C ASN CB 176 95.92 94.09 -49.16
N HIS CB 177 94.94 93.78 -49.98
CA HIS CB 177 93.74 93.09 -49.53
C HIS CB 177 94.02 91.60 -49.28
N THR CB 178 92.98 90.91 -48.81
CA THR CB 178 92.94 89.47 -48.64
C THR CB 178 91.50 89.03 -48.85
N GLU CB 179 91.14 87.85 -48.31
CA GLU CB 179 89.79 87.29 -48.39
C GLU CB 179 88.71 88.27 -47.95
N ASN CB 180 87.53 88.11 -48.55
CA ASN CB 180 86.31 88.88 -48.30
C ASN CB 180 86.52 90.37 -48.59
N ALA CB 181 86.78 90.65 -49.86
CA ALA CB 181 86.68 92.00 -50.39
C ALA CB 181 85.29 92.20 -50.96
N LEU CB 182 84.96 93.45 -51.28
CA LEU CB 182 83.70 93.79 -51.92
C LEU CB 182 83.88 95.11 -52.67
N LEU CB 183 83.27 95.19 -53.85
CA LEU CB 183 83.47 96.33 -54.74
C LEU CB 183 82.29 96.42 -55.70
N LEU CB 184 82.34 97.41 -56.58
CA LEU CB 184 81.26 97.70 -57.50
C LEU CB 184 81.69 97.56 -58.95
N TYR CB 185 80.73 97.20 -59.80
CA TYR CB 185 80.85 97.33 -61.24
C TYR CB 185 79.60 98.00 -61.77
N MET CB 186 79.81 98.91 -62.72
CA MET CB 186 78.71 99.59 -63.40
C MET CB 186 78.77 99.23 -64.88
N ALA CB 187 77.60 99.03 -65.49
CA ALA CB 187 77.53 98.51 -66.84
C ALA CB 187 76.57 99.35 -67.68
N CYS CB 188 77.03 99.73 -68.87
CA CYS CB 188 76.16 100.32 -69.88
C CYS CB 188 75.80 99.27 -70.92
N THR CB 189 74.67 99.48 -71.60
CA THR CB 189 74.12 98.48 -72.50
C THR CB 189 74.10 98.92 -73.96
N HIS CB 190 74.81 100.00 -74.31
CA HIS CB 190 74.84 100.47 -75.70
C HIS CB 190 76.22 101.02 -76.02
N ALA CB 191 76.53 101.06 -77.31
CA ALA CB 191 77.87 101.39 -77.77
C ALA CB 191 78.24 102.85 -77.52
N SER CB 192 77.26 103.75 -77.46
CA SER CB 192 77.53 105.11 -77.04
C SER CB 192 77.83 105.14 -75.54
N ASN CB 193 78.41 106.24 -75.10
CA ASN CB 193 78.66 106.40 -73.67
C ASN CB 193 77.99 107.67 -73.14
N PRO CB 194 76.67 107.67 -72.91
CA PRO CB 194 76.03 108.89 -72.39
C PRO CB 194 76.13 109.02 -70.88
N VAL CB 195 76.39 107.94 -70.17
CA VAL CB 195 76.17 107.86 -68.73
C VAL CB 195 77.29 108.62 -68.01
N TYR CB 196 76.91 109.70 -67.34
CA TYR CB 196 77.78 110.39 -66.40
C TYR CB 196 77.21 110.19 -64.99
N ALA CB 197 77.62 109.08 -64.38
CA ALA CB 197 77.09 108.66 -63.10
C ALA CB 197 78.05 109.03 -61.98
N THR CB 198 77.61 109.93 -61.11
CA THR CB 198 78.39 110.32 -59.94
C THR CB 198 77.65 109.86 -58.69
N LEU CB 199 78.36 109.12 -57.84
CA LEU CB 199 77.73 108.40 -56.74
C LEU CB 199 78.45 108.72 -55.44
N LYS CB 200 77.66 108.95 -54.40
CA LYS CB 200 78.16 109.11 -53.04
C LYS CB 200 77.89 107.83 -52.26
N ILE CB 201 78.96 107.20 -51.79
CA ILE CB 201 78.89 105.84 -51.25
C ILE CB 201 79.36 105.90 -49.81
N ARG CB 202 78.43 105.94 -48.86
CA ARG CB 202 78.77 105.89 -47.45
C ARG CB 202 78.91 104.44 -46.98
N ILE CB 203 80.03 104.14 -46.35
CA ILE CB 203 80.17 102.92 -45.55
C ILE CB 203 80.43 103.36 -44.12
N TYR CB 204 79.51 103.02 -43.22
CA TYR CB 204 79.74 103.19 -41.79
C TYR CB 204 79.71 101.81 -41.13
N PHE CB 205 80.67 101.59 -40.23
CA PHE CB 205 80.96 100.26 -39.71
C PHE CB 205 81.55 100.33 -38.32
N ALA DB 1 23.33 -9.86 39.46
CA ALA DB 1 23.15 -8.89 38.39
C ALA DB 1 22.32 -9.50 37.26
N PRO DB 2 21.43 -8.70 36.66
CA PRO DB 2 20.51 -9.24 35.64
C PRO DB 2 21.24 -9.56 34.34
N MET DB 3 21.24 -10.85 33.98
CA MET DB 3 21.79 -11.39 32.74
C MET DB 3 23.30 -11.12 32.61
N TYR DB 4 24.05 -11.73 33.53
CA TYR DB 4 25.48 -11.99 33.36
C TYR DB 4 25.75 -12.63 32.01
N ARG DB 5 26.82 -12.19 31.33
CA ARG DB 5 27.07 -12.72 29.99
C ARG DB 5 28.55 -13.06 29.64
N LYS DB 6 29.32 -13.83 30.42
CA LYS DB 6 29.22 -14.29 31.80
C LYS DB 6 29.60 -13.22 32.88
N PRO DB 7 30.53 -12.30 32.60
CA PRO DB 7 30.52 -11.03 33.34
C PRO DB 7 29.60 -10.02 32.65
N THR DB 8 29.19 -9.02 33.42
CA THR DB 8 28.16 -8.09 32.95
C THR DB 8 28.75 -7.10 31.95
N MET DB 9 28.14 -7.03 30.78
CA MET DB 9 28.25 -5.83 29.98
C MET DB 9 27.12 -4.89 30.35
N TYR DB 10 27.04 -3.76 29.63
CA TYR DB 10 26.31 -2.57 30.05
C TYR DB 10 26.70 -2.14 31.46
N ARG DB 11 27.99 -2.22 31.79
CA ARG DB 11 28.51 -1.61 33.00
C ARG DB 11 29.38 -0.42 32.63
N MET DB 12 30.53 -0.64 31.99
CA MET DB 12 31.00 0.02 30.76
C MET DB 12 30.98 1.56 30.72
N TYR DB 13 30.56 2.24 31.78
CA TYR DB 13 30.12 3.63 31.61
C TYR DB 13 30.39 4.41 32.90
N ARG DB 14 29.79 5.59 33.00
CA ARG DB 14 30.00 6.53 34.11
C ARG DB 14 29.30 6.02 35.36
N SER DB 15 30.05 5.89 36.44
CA SER DB 15 29.51 5.63 37.76
C SER DB 15 30.46 6.21 38.81
N PRO DB 16 29.99 6.99 39.70
CA PRO DB 16 30.89 7.51 40.75
C PRO DB 16 31.21 6.47 41.82
N ASP DB 17 32.19 5.61 41.54
CA ASP DB 17 32.56 4.58 42.51
C ASP DB 17 33.97 4.78 43.06
N ILE DB 18 35.00 4.56 42.24
CA ILE DB 18 36.38 4.24 42.64
C ILE DB 18 37.16 4.14 41.33
N PRO DB 19 38.50 4.04 41.30
CA PRO DB 19 39.17 3.88 40.00
C PRO DB 19 39.09 2.50 39.35
N ARG DB 20 39.32 1.39 40.06
CA ARG DB 20 39.71 0.15 39.39
C ARG DB 20 38.54 -0.78 39.08
N GLY DB 21 37.82 -1.24 40.09
CA GLY DB 21 36.69 -2.12 39.87
C GLY DB 21 35.57 -1.38 39.15
N CYS DB 22 34.73 -2.12 38.45
CA CYS DB 22 33.74 -1.44 37.63
C CYS DB 22 32.31 -1.82 37.99
N GLU DB 23 32.12 -3.00 38.58
CA GLU DB 23 30.82 -3.65 38.64
C GLU DB 23 29.92 -2.99 39.69
N GLY DB 24 28.78 -3.63 39.93
CA GLY DB 24 27.89 -3.25 41.00
C GLY DB 24 28.59 -3.29 42.33
N PRO DB 25 28.46 -2.20 43.11
CA PRO DB 25 29.29 -2.06 44.31
C PRO DB 25 28.91 -3.05 45.40
N CYS DB 26 29.42 -4.26 45.24
CA CYS DB 26 28.78 -5.43 45.85
C CYS DB 26 29.12 -5.52 47.33
N LYS DB 27 28.11 -5.81 48.14
CA LYS DB 27 28.30 -5.89 49.57
C LYS DB 27 28.74 -7.29 49.96
N VAL DB 28 29.73 -7.35 50.84
CA VAL DB 28 30.12 -8.57 51.52
C VAL DB 28 30.07 -8.26 53.01
N GLN DB 29 29.14 -8.89 53.70
CA GLN DB 29 29.13 -8.79 55.14
C GLN DB 29 30.26 -9.63 55.73
N SER DB 30 30.79 -9.10 56.82
CA SER DB 30 31.44 -9.97 57.80
C SER DB 30 30.73 -9.74 59.12
N PHE DB 31 29.59 -10.39 59.30
CA PHE DB 31 28.92 -10.37 60.59
C PHE DB 31 29.70 -11.22 61.58
N GLU DB 32 29.78 -10.73 62.81
CA GLU DB 32 30.29 -11.53 63.90
C GLU DB 32 29.26 -11.57 65.02
N GLN DB 33 29.21 -12.72 65.69
CA GLN DB 33 28.54 -12.85 66.98
C GLN DB 33 29.63 -13.39 67.89
N ARG DB 34 30.45 -12.47 68.40
CA ARG DB 34 31.70 -12.83 69.06
C ARG DB 34 31.90 -12.01 70.32
N ASP DB 35 33.11 -12.07 70.86
CA ASP DB 35 33.55 -11.22 71.96
C ASP DB 35 35.04 -10.98 71.77
N ASP DB 36 35.69 -10.53 72.83
CA ASP DB 36 37.14 -10.37 72.80
C ASP DB 36 37.71 -10.78 74.15
N VAL DB 37 39.01 -10.56 74.30
CA VAL DB 37 39.68 -10.64 75.60
C VAL DB 37 40.26 -9.26 75.84
N LYS DB 38 41.02 -9.10 76.93
CA LYS DB 38 41.68 -7.82 77.17
C LYS DB 38 42.71 -7.51 76.09
N HIS DB 39 43.47 -8.51 75.67
CA HIS DB 39 44.60 -8.27 74.77
C HIS DB 39 44.13 -8.04 73.34
N LEU DB 40 43.24 -8.89 72.83
CA LEU DB 40 43.01 -8.86 71.39
C LEU DB 40 41.61 -9.34 71.05
N GLY DB 41 40.99 -8.65 70.09
CA GLY DB 41 39.93 -9.23 69.30
C GLY DB 41 40.31 -9.07 67.84
N ILE DB 42 40.61 -10.16 67.17
CA ILE DB 42 41.20 -10.10 65.83
C ILE DB 42 40.13 -10.44 64.79
N CYS DB 43 40.07 -9.61 63.75
CA CYS DB 43 39.09 -9.78 62.68
C CYS DB 43 39.71 -9.34 61.37
N LYS DB 44 40.19 -10.30 60.57
CA LYS DB 44 40.43 -10.00 59.17
C LYS DB 44 39.09 -9.86 58.46
N VAL DB 45 38.85 -8.71 57.92
CA VAL DB 45 37.52 -8.38 57.42
C VAL DB 45 37.34 -8.80 55.96
N ILE DB 46 38.35 -9.44 55.36
CA ILE DB 46 38.40 -9.69 53.93
C ILE DB 46 38.26 -11.19 53.60
N SER DB 47 38.17 -12.04 54.64
CA SER DB 47 38.38 -13.49 54.49
C SER DB 47 37.31 -14.16 53.63
N ASP DB 48 36.05 -13.72 53.74
CA ASP DB 48 34.97 -14.40 53.03
C ASP DB 48 34.92 -14.08 51.54
N VAL DB 49 35.59 -13.02 51.08
CA VAL DB 49 35.43 -12.61 49.69
C VAL DB 49 36.31 -13.54 48.85
N THR DB 50 35.68 -14.49 48.17
CA THR DB 50 36.34 -15.47 47.33
C THR DB 50 35.96 -15.21 45.88
N ARG DB 51 36.52 -16.00 44.97
CA ARG DB 51 36.19 -15.88 43.56
C ARG DB 51 34.78 -16.38 43.31
N GLY DB 52 34.01 -15.58 42.58
CA GLY DB 52 32.70 -15.97 42.15
C GLY DB 52 32.09 -14.90 41.29
N PRO DB 53 31.14 -15.29 40.43
CA PRO DB 53 30.37 -14.28 39.68
C PRO DB 53 29.30 -13.60 40.51
N GLY DB 54 29.01 -14.11 41.71
CA GLY DB 54 27.94 -13.56 42.52
C GLY DB 54 28.26 -12.21 43.12
N LEU DB 55 27.22 -11.58 43.65
CA LEU DB 55 27.33 -10.23 44.21
C LEU DB 55 27.75 -10.21 45.67
N THR DB 56 28.37 -11.28 46.17
CA THR DB 56 29.12 -11.28 47.41
C THR DB 56 30.51 -11.85 47.17
N HIS DB 57 31.09 -11.54 46.01
CA HIS DB 57 32.30 -12.20 45.55
C HIS DB 57 33.18 -11.16 44.85
N ARG DB 58 34.14 -11.67 44.09
CA ARG DB 58 35.11 -10.85 43.37
C ARG DB 58 35.43 -11.50 42.03
N VAL DB 59 36.06 -10.73 41.16
CA VAL DB 59 36.62 -11.24 39.91
C VAL DB 59 38.09 -10.82 39.87
N GLY DB 60 38.99 -11.80 39.88
CA GLY DB 60 40.39 -11.48 40.00
C GLY DB 60 40.75 -11.12 41.43
N LYS DB 61 41.92 -10.52 41.60
CA LYS DB 61 42.51 -10.33 42.91
C LYS DB 61 42.57 -8.86 43.32
N ARG DB 62 41.72 -8.02 42.74
CA ARG DB 62 41.82 -6.57 42.93
C ARG DB 62 40.55 -6.02 43.55
N PHE DB 63 40.70 -5.26 44.63
CA PHE DB 63 39.59 -4.56 45.28
C PHE DB 63 39.85 -3.06 45.25
N CYS DB 64 38.79 -2.34 45.34
CA CYS DB 64 38.82 -0.96 45.80
C CYS DB 64 37.63 -0.81 46.74
N ILE DB 65 37.89 -1.00 48.03
CA ILE DB 65 36.85 -0.89 49.05
C ILE DB 65 36.37 0.56 49.12
N LYS DB 66 35.10 0.76 48.79
CA LYS DB 66 34.54 2.11 48.83
C LYS DB 66 34.35 2.57 50.27
N SER DB 67 33.65 1.78 51.08
CA SER DB 67 33.45 2.16 52.47
C SER DB 67 33.22 0.92 53.32
N ILE DB 68 33.68 1.00 54.56
CA ILE DB 68 33.35 0.04 55.60
C ILE DB 68 32.26 0.66 56.46
N TYR DB 69 31.15 -0.04 56.60
CA TYR DB 69 30.00 0.41 57.38
C TYR DB 69 29.87 -0.48 58.61
N ILE DB 70 30.26 0.05 59.75
CA ILE DB 70 30.35 -0.72 60.99
C ILE DB 70 29.08 -0.49 61.79
N LEU DB 71 28.23 -1.52 61.85
CA LEU DB 71 27.19 -1.61 62.86
C LEU DB 71 27.72 -2.41 64.04
N GLY DB 72 27.00 -2.33 65.16
CA GLY DB 72 27.40 -3.12 66.31
C GLY DB 72 26.80 -2.69 67.62
N LYS DB 73 26.43 -3.67 68.43
CA LYS DB 73 25.98 -3.45 69.80
C LYS DB 73 26.96 -4.08 70.76
N ILE DB 74 27.46 -3.30 71.70
CA ILE DB 74 28.54 -3.70 72.60
C ILE DB 74 27.97 -3.70 74.00
N TRP DB 75 27.77 -4.89 74.58
CA TRP DB 75 27.12 -4.99 75.87
C TRP DB 75 27.98 -5.79 76.84
N LEU DB 76 27.47 -5.87 78.07
CA LEU DB 76 27.93 -6.79 79.08
C LEU DB 76 26.75 -7.40 79.85
N ASP DB 77 25.58 -7.51 79.22
CA ASP DB 77 24.32 -7.75 79.92
C ASP DB 77 24.10 -9.23 80.21
N GLU DB 78 25.16 -10.03 80.21
CA GLU DB 78 25.15 -11.34 80.85
C GLU DB 78 24.93 -11.14 82.35
N THR DB 79 24.39 -12.16 83.03
CA THR DB 79 24.06 -12.05 84.45
C THR DB 79 25.28 -11.97 85.37
N ILE DB 80 26.48 -12.10 84.82
CA ILE DB 80 27.73 -11.99 85.55
C ILE DB 80 28.40 -10.73 84.98
N LYS DB 81 29.61 -10.41 85.45
CA LYS DB 81 30.42 -9.26 85.05
C LYS DB 81 29.77 -7.94 85.44
N LYS DB 82 29.08 -7.93 86.57
CA LYS DB 82 28.75 -6.69 87.27
C LYS DB 82 29.84 -6.27 88.24
N GLN DB 83 30.59 -7.20 88.81
CA GLN DB 83 31.82 -6.86 89.53
C GLN DB 83 32.97 -6.71 88.53
N ASN DB 84 34.08 -6.14 89.02
CA ASN DB 84 35.28 -5.81 88.26
C ASN DB 84 34.93 -4.94 87.05
N HIS DB 85 34.05 -3.98 87.28
CA HIS DB 85 33.33 -3.29 86.23
C HIS DB 85 34.01 -2.02 85.73
N THR DB 86 33.25 -1.22 84.98
CA THR DB 86 33.67 0.03 84.32
C THR DB 86 34.81 -0.16 83.32
N ASN DB 87 34.57 -0.88 82.24
CA ASN DB 87 35.54 -1.04 81.16
C ASN DB 87 35.04 -0.31 79.92
N ASN DB 88 35.96 0.05 79.04
CA ASN DB 88 35.61 0.69 77.77
C ASN DB 88 36.33 0.02 76.62
N VAL DB 89 35.82 0.25 75.40
CA VAL DB 89 36.28 -0.42 74.20
C VAL DB 89 36.89 0.62 73.27
N ILE DB 90 38.12 0.39 72.84
CA ILE DB 90 38.78 1.23 71.84
C ILE DB 90 38.91 0.40 70.57
N PHE DB 91 38.37 0.91 69.47
CA PHE DB 91 38.47 0.19 68.21
C PHE DB 91 39.68 0.66 67.41
N TYR DB 92 40.19 -0.23 66.58
CA TYR DB 92 41.36 0.04 65.75
C TYR DB 92 41.11 -0.51 64.36
N LEU DB 93 41.14 0.36 63.36
CA LEU DB 93 40.95 -0.02 61.97
C LEU DB 93 42.24 0.34 61.24
N LEU DB 94 43.06 -0.67 60.93
CA LEU DB 94 44.43 -0.46 60.48
C LEU DB 94 44.54 -0.74 58.98
N ARG DB 95 45.36 0.06 58.30
CA ARG DB 95 45.76 -0.25 56.93
C ARG DB 95 47.04 -1.07 56.98
N ASP DB 96 46.93 -2.35 56.65
CA ASP DB 96 48.07 -3.27 56.71
C ASP DB 96 48.88 -3.17 55.41
N ARG DB 97 50.18 -3.47 55.53
CA ARG DB 97 51.09 -3.38 54.40
C ARG DB 97 51.49 -4.74 53.83
N ARG DB 98 51.56 -5.77 54.64
CA ARG DB 98 51.65 -7.14 54.09
C ARG DB 98 51.20 -8.13 55.15
N PRO DB 99 50.66 -9.28 54.75
CA PRO DB 99 50.41 -10.35 55.73
C PRO DB 99 51.63 -11.22 55.94
N TYR DB 100 51.76 -11.77 57.15
CA TYR DB 100 52.81 -12.73 57.49
C TYR DB 100 52.13 -14.09 57.63
N GLY DB 101 51.95 -14.77 56.50
CA GLY DB 101 51.23 -16.02 56.48
C GLY DB 101 49.76 -15.87 56.85
N ASN DB 102 49.38 -16.32 58.03
CA ASN DB 102 48.01 -16.21 58.51
C ASN DB 102 47.89 -14.98 59.42
N ALA DB 103 46.80 -14.90 60.18
CA ALA DB 103 46.51 -13.70 60.98
C ALA DB 103 47.46 -13.59 62.17
N PRO DB 104 48.06 -12.41 62.40
CA PRO DB 104 49.03 -12.25 63.49
C PRO DB 104 48.42 -11.86 64.83
N GLN DB 105 49.28 -11.62 65.83
CA GLN DB 105 48.89 -11.28 67.19
C GLN DB 105 48.47 -9.80 67.27
N ASP DB 106 48.19 -9.35 68.50
CA ASP DB 106 48.00 -7.93 68.78
C ASP DB 106 48.97 -7.40 69.83
N PHE DB 107 49.07 -8.03 71.01
CA PHE DB 107 50.00 -7.52 72.02
C PHE DB 107 51.45 -7.71 71.59
N GLY DB 108 51.71 -8.72 70.76
CA GLY DB 108 52.98 -8.76 70.06
C GLY DB 108 53.06 -7.90 68.83
N GLN DB 109 52.04 -7.08 68.56
CA GLN DB 109 51.99 -6.28 67.34
C GLN DB 109 51.94 -4.79 67.60
N ILE DB 110 50.99 -4.29 68.39
CA ILE DB 110 50.99 -2.87 68.73
C ILE DB 110 51.93 -2.62 69.89
N PHE DB 111 52.34 -1.30 70.06
CA PHE DB 111 53.54 -1.08 70.86
C PHE DB 111 53.31 -1.33 72.35
N ASN DB 112 52.43 -0.56 72.99
CA ASN DB 112 52.40 -0.53 74.44
C ASN DB 112 51.02 -0.95 74.91
N MET DB 113 50.79 -0.84 76.22
CA MET DB 113 49.61 -1.41 76.87
C MET DB 113 48.38 -0.51 76.65
N PHE DB 114 47.64 -0.82 75.59
CA PHE DB 114 46.21 -0.57 75.36
C PHE DB 114 45.89 0.90 75.06
N ASP DB 115 46.86 1.82 75.18
CA ASP DB 115 46.74 3.18 74.68
C ASP DB 115 48.03 3.48 73.92
N ASN DB 116 48.03 3.19 72.62
CA ASN DB 116 49.29 3.10 71.90
C ASN DB 116 49.09 3.34 70.42
N GLU DB 117 50.15 3.03 69.67
CA GLU DB 117 50.30 3.11 68.23
C GLU DB 117 51.02 1.83 67.81
N PRO DB 118 51.16 1.53 66.51
CA PRO DB 118 52.06 0.44 66.12
C PRO DB 118 53.51 0.76 66.45
N SER DB 119 54.30 -0.31 66.55
CA SER DB 119 55.70 -0.20 66.97
C SER DB 119 56.54 0.49 65.89
N THR DB 120 57.72 0.95 66.30
CA THR DB 120 58.62 1.66 65.40
C THR DB 120 59.20 0.75 64.33
N ALA DB 121 59.32 -0.55 64.61
CA ALA DB 121 59.84 -1.50 63.64
C ALA DB 121 58.76 -2.10 62.75
N THR DB 122 57.52 -1.65 62.87
CA THR DB 122 56.40 -2.26 62.17
C THR DB 122 55.76 -1.35 61.13
N ILE DB 123 56.17 -0.09 61.04
CA ILE DB 123 55.55 0.85 60.13
C ILE DB 123 55.94 0.56 58.69
N PHE DB 131 52.62 -1.02 60.75
CA PHE DB 131 51.48 -1.05 59.84
C PHE DB 131 50.73 0.27 59.98
N GLN DB 132 50.12 0.74 58.89
CA GLN DB 132 49.44 2.02 58.93
C GLN DB 132 48.11 1.89 59.67
N VAL DB 133 47.64 3.03 60.15
CA VAL DB 133 46.40 3.16 60.90
C VAL DB 133 45.45 3.97 60.02
N LEU DB 134 44.15 3.72 60.13
CA LEU DB 134 43.20 4.65 59.53
C LEU DB 134 42.51 5.54 60.57
N ARG DB 135 41.74 4.95 61.49
CA ARG DB 135 41.08 5.72 62.55
C ARG DB 135 40.85 4.84 63.77
N LYS DB 136 40.25 5.44 64.80
CA LYS DB 136 39.90 4.79 66.05
C LYS DB 136 38.43 5.07 66.36
N PHE DB 137 37.91 4.39 67.40
CA PHE DB 137 36.56 4.64 67.88
C PHE DB 137 36.54 4.51 69.40
N HIS DB 138 35.37 4.73 69.99
CA HIS DB 138 35.17 4.62 71.43
C HIS DB 138 33.86 3.93 71.72
N ALA DB 139 33.82 3.20 72.84
CA ALA DB 139 32.60 2.58 73.34
C ALA DB 139 32.81 2.36 74.83
N THR DB 140 32.00 3.00 75.66
CA THR DB 140 32.18 3.00 77.11
C THR DB 140 30.97 2.34 77.77
N VAL DB 141 31.16 1.14 78.31
CA VAL DB 141 30.11 0.41 78.98
C VAL DB 141 30.45 0.27 80.46
N VAL DB 142 29.83 1.12 81.28
CA VAL DB 142 30.17 1.15 82.70
C VAL DB 142 28.96 0.70 83.54
N GLY DB 143 28.96 -0.56 83.94
CA GLY DB 143 27.86 -1.06 84.74
C GLY DB 143 28.25 -1.91 85.93
N GLY DB 144 27.95 -1.43 87.14
CA GLY DB 144 28.30 -2.19 88.32
C GLY DB 144 27.07 -2.69 89.07
N LEU DB 145 26.74 -2.05 90.19
CA LEU DB 145 25.56 -2.42 90.95
C LEU DB 145 24.83 -1.14 91.35
N TYR DB 146 23.58 -1.34 91.78
CA TYR DB 146 22.67 -0.35 92.38
C TYR DB 146 22.27 0.79 91.46
N CYS DB 147 22.65 0.82 90.19
CA CYS DB 147 21.78 1.53 89.25
C CYS DB 147 21.38 0.63 88.08
N MET DB 148 22.28 -0.12 87.38
CA MET DB 148 23.71 0.12 87.14
C MET DB 148 23.78 0.91 85.82
N LYS DB 149 24.37 2.10 85.86
CA LYS DB 149 24.16 3.02 84.75
C LYS DB 149 25.33 3.01 83.77
N GLU DB 150 25.35 1.96 82.94
CA GLU DB 150 25.52 1.95 81.48
C GLU DB 150 25.52 0.51 80.99
N GLN DB 151 25.16 0.33 79.73
CA GLN DB 151 24.97 -0.97 79.08
C GLN DB 151 25.13 -0.81 77.58
N ALA DB 152 24.54 -1.76 76.84
CA ALA DB 152 24.61 -1.92 75.38
C ALA DB 152 24.48 -0.59 74.62
N LEU DB 153 25.54 -0.24 73.89
CA LEU DB 153 25.57 0.98 73.09
C LEU DB 153 25.53 0.60 71.63
N VAL DB 154 24.92 1.47 70.81
CA VAL DB 154 24.82 1.21 69.38
C VAL DB 154 25.76 2.16 68.64
N LYS DB 155 26.57 1.60 67.73
CA LYS DB 155 27.53 2.39 66.98
C LYS DB 155 27.34 2.13 65.49
N ARG DB 156 27.06 3.20 64.73
CA ARG DB 156 27.05 3.15 63.27
C ARG DB 156 28.02 4.19 62.73
N PHE DB 157 28.77 3.82 61.69
CA PHE DB 157 29.79 4.71 61.13
C PHE DB 157 29.95 4.44 59.64
N TYR DB 158 29.69 5.46 58.82
CA TYR DB 158 30.29 5.51 57.49
C TYR DB 158 31.79 5.73 57.62
N ARG DB 159 32.57 5.02 56.79
CA ARG DB 159 34.03 5.15 56.86
C ARG DB 159 34.60 4.80 55.48
N LEU DB 160 34.97 5.81 54.71
CA LEU DB 160 35.49 5.61 53.37
C LEU DB 160 36.94 5.14 53.42
N ASN DB 161 37.30 4.23 52.52
CA ASN DB 161 38.61 3.59 52.51
C ASN DB 161 39.04 3.38 51.06
N HIS DB 162 40.05 2.54 50.85
CA HIS DB 162 40.67 2.41 49.53
C HIS DB 162 41.09 0.95 49.30
N HIS DB 163 41.96 0.75 48.30
CA HIS DB 163 42.10 -0.48 47.55
C HIS DB 163 42.80 -1.60 48.33
N VAL DB 164 42.52 -2.83 47.91
CA VAL DB 164 43.04 -4.08 48.50
C VAL DB 164 43.40 -5.00 47.33
N THR DB 165 44.47 -5.75 47.50
CA THR DB 165 44.88 -6.78 46.53
C THR DB 165 45.14 -8.11 47.23
N TYR DB 166 44.80 -9.23 46.57
CA TYR DB 166 45.16 -10.59 46.99
C TYR DB 166 46.41 -11.10 46.26
N ASN DB 167 46.99 -12.17 46.80
CA ASN DB 167 48.22 -12.73 46.23
C ASN DB 167 47.93 -13.87 45.26
N HIS DB 168 47.39 -14.98 45.74
CA HIS DB 168 47.27 -16.16 44.91
C HIS DB 168 46.03 -16.06 44.02
N GLN DB 169 45.91 -16.98 43.09
CA GLN DB 169 44.76 -17.04 42.17
C GLN DB 169 43.73 -18.06 42.63
N GLU DB 170 43.57 -18.19 43.95
CA GLU DB 170 42.68 -19.17 44.54
C GLU DB 170 41.31 -18.55 44.79
N ALA DB 171 40.30 -19.42 44.83
CA ALA DB 171 39.00 -19.07 45.38
C ALA DB 171 39.00 -19.40 46.87
N GLY DB 172 39.86 -18.69 47.60
CA GLY DB 172 40.24 -19.13 48.92
C GLY DB 172 40.20 -18.12 50.05
N LYS DB 173 40.90 -18.45 51.13
CA LYS DB 173 40.73 -17.82 52.43
C LYS DB 173 41.60 -16.57 52.56
N TYR DB 174 41.79 -16.11 53.80
CA TYR DB 174 42.53 -14.91 54.11
C TYR DB 174 44.04 -15.06 53.91
N GLU DB 175 44.56 -16.30 53.91
CA GLU DB 175 46.01 -16.51 53.94
C GLU DB 175 46.70 -16.11 52.64
N ASN DB 176 45.97 -15.97 51.53
CA ASN DB 176 46.59 -15.57 50.27
C ASN DB 176 46.44 -14.07 50.01
N HIS DB 177 46.49 -13.24 51.05
CA HIS DB 177 46.52 -11.81 50.87
C HIS DB 177 47.91 -11.36 50.45
N THR DB 178 48.01 -10.10 50.03
CA THR DB 178 49.28 -9.46 49.75
C THR DB 178 49.17 -8.03 50.28
N GLU DB 179 50.03 -7.13 49.77
CA GLU DB 179 50.04 -5.70 50.06
C GLU DB 179 48.66 -5.08 50.07
N ASN DB 180 48.51 -4.08 50.94
CA ASN DB 180 47.27 -3.35 51.21
C ASN DB 180 46.17 -4.30 51.66
N ALA DB 181 46.42 -4.94 52.79
CA ALA DB 181 45.35 -5.54 53.56
C ALA DB 181 44.81 -4.53 54.56
N LEU DB 182 43.67 -4.86 55.16
CA LEU DB 182 43.08 -4.04 56.21
C LEU DB 182 42.19 -4.92 57.08
N LEU DB 183 42.23 -4.66 58.39
CA LEU DB 183 41.56 -5.52 59.35
C LEU DB 183 41.30 -4.72 60.62
N LEU DB 184 40.71 -5.39 61.60
CA LEU DB 184 40.30 -4.75 62.85
C LEU DB 184 40.99 -5.36 64.05
N TYR DB 185 41.19 -4.53 65.07
CA TYR DB 185 41.54 -4.99 66.40
C TYR DB 185 40.62 -4.31 67.41
N MET DB 186 40.17 -5.07 68.39
CA MET DB 186 39.35 -4.55 69.48
C MET DB 186 40.11 -4.75 70.78
N ALA DB 187 40.02 -3.76 71.67
CA ALA DB 187 40.84 -3.75 72.88
C ALA DB 187 39.99 -3.43 74.09
N CYS DB 188 40.15 -4.25 75.14
CA CYS DB 188 39.59 -3.97 76.45
C CYS DB 188 40.68 -3.39 77.35
N THR DB 189 40.26 -2.64 78.37
CA THR DB 189 41.19 -1.90 79.21
C THR DB 189 41.21 -2.38 80.66
N HIS DB 190 40.63 -3.53 80.96
CA HIS DB 190 40.61 -4.06 82.32
C HIS DB 190 40.75 -5.57 82.30
N ALA DB 191 41.20 -6.12 83.43
CA ALA DB 191 41.54 -7.54 83.51
C ALA DB 191 40.32 -8.45 83.41
N SER DB 192 39.15 -7.97 83.80
CA SER DB 192 37.92 -8.72 83.55
C SER DB 192 37.57 -8.68 82.07
N ASN DB 193 36.69 -9.58 81.67
CA ASN DB 193 36.25 -9.58 80.28
C ASN DB 193 34.73 -9.44 80.21
N PRO DB 194 34.16 -8.24 80.40
CA PRO DB 194 32.70 -8.11 80.32
C PRO DB 194 32.19 -7.96 78.89
N VAL DB 195 33.05 -7.56 77.96
CA VAL DB 195 32.62 -7.04 76.67
C VAL DB 195 32.16 -8.19 75.78
N TYR DB 196 30.88 -8.20 75.45
CA TYR DB 196 30.32 -9.07 74.43
C TYR DB 196 29.90 -8.21 73.25
N ALA DB 197 30.84 -7.96 72.36
CA ALA DB 197 30.66 -7.04 71.24
C ALA DB 197 30.37 -7.82 69.98
N THR DB 198 29.17 -7.66 69.44
CA THR DB 198 28.77 -8.26 68.18
C THR DB 198 28.56 -7.16 67.15
N LEU DB 199 29.24 -7.28 66.01
CA LEU DB 199 29.32 -6.20 65.06
C LEU DB 199 28.94 -6.71 63.67
N LYS DB 200 28.14 -5.90 62.97
CA LYS DB 200 27.80 -6.13 61.58
C LYS DB 200 28.61 -5.18 60.72
N ILE DB 201 29.44 -5.73 59.83
CA ILE DB 201 30.45 -4.97 59.12
C ILE DB 201 30.16 -5.12 57.63
N ARG DB 202 29.52 -4.13 57.04
CA ARG DB 202 29.29 -4.12 55.59
C ARG DB 202 30.48 -3.50 54.87
N ILE DB 203 31.00 -4.22 53.88
CA ILE DB 203 31.89 -3.66 52.88
C ILE DB 203 31.19 -3.77 51.53
N TYR DB 204 30.89 -2.63 50.92
CA TYR DB 204 30.43 -2.62 49.54
C TYR DB 204 31.43 -1.86 48.69
N PHE DB 205 31.74 -2.42 47.53
CA PHE DB 205 32.87 -1.98 46.73
C PHE DB 205 32.64 -2.25 45.24
N ALA EB 1 9.21 9.18 -45.04
CA ALA EB 1 9.34 9.65 -43.66
C ALA EB 1 8.43 8.83 -42.75
N PRO EB 2 8.92 8.51 -41.54
CA PRO EB 2 8.14 7.64 -40.64
C PRO EB 2 6.92 8.36 -40.07
N MET EB 3 5.73 7.83 -40.41
CA MET EB 3 4.42 8.28 -39.93
C MET EB 3 4.15 9.75 -40.29
N TYR EB 4 4.03 9.98 -41.61
CA TYR EB 4 3.36 11.16 -42.16
C TYR EB 4 1.99 11.34 -41.53
N ARG EB 5 1.63 12.59 -41.20
CA ARG EB 5 0.35 12.79 -40.51
C ARG EB 5 -0.50 14.00 -40.99
N LYS EB 6 -0.82 14.20 -42.28
CA LYS EB 6 -0.31 13.66 -43.54
C LYS EB 6 1.04 14.29 -44.02
N PRO EB 7 1.31 15.57 -43.72
CA PRO EB 7 2.72 16.00 -43.68
C PRO EB 7 3.31 15.77 -42.30
N THR EB 8 4.64 15.73 -42.25
CA THR EB 8 5.33 15.33 -41.03
C THR EB 8 5.31 16.46 -40.01
N MET EB 9 4.84 16.15 -38.81
CA MET EB 9 5.21 16.92 -37.64
C MET EB 9 6.46 16.28 -37.03
N TYR EB 10 6.88 16.84 -35.90
CA TYR EB 10 8.24 16.67 -35.36
C TYR EB 10 9.31 16.96 -36.41
N ARG EB 11 9.10 18.00 -37.22
CA ARG EB 11 10.14 18.52 -38.08
C ARG EB 11 10.58 19.88 -37.55
N MET EB 12 9.72 20.90 -37.62
CA MET EB 12 9.35 21.82 -36.54
C MET EB 12 10.49 22.51 -35.75
N TYR EB 13 11.76 22.25 -36.08
CA TYR EB 13 12.82 22.53 -35.11
C TYR EB 13 14.11 22.88 -35.85
N ARG EB 14 15.22 22.87 -35.11
CA ARG EB 14 16.53 23.29 -35.61
C ARG EB 14 17.10 22.24 -36.55
N SER EB 15 17.45 22.66 -37.76
CA SER EB 15 18.19 21.83 -38.70
C SER EB 15 19.00 22.75 -39.61
N PRO EB 16 20.24 22.54 -39.76
CA PRO EB 16 21.03 23.39 -40.67
C PRO EB 16 20.81 23.01 -42.14
N ASP EB 17 19.72 23.54 -42.73
CA ASP EB 17 19.44 23.24 -44.12
C ASP EB 17 19.54 24.48 -45.01
N ILE EB 18 18.60 25.41 -44.89
CA ILE EB 18 18.24 26.42 -45.90
C ILE EB 18 17.16 27.28 -45.23
N PRO EB 19 16.72 28.42 -45.79
CA PRO EB 19 15.63 29.16 -45.12
C PRO EB 19 14.23 28.57 -45.25
N ARG EB 20 13.75 28.17 -46.43
CA ARG EB 20 12.31 28.06 -46.65
C ARG EB 20 11.74 26.67 -46.40
N GLY EB 21 12.20 25.66 -47.14
CA GLY EB 21 11.70 24.31 -46.93
C GLY EB 21 12.13 23.78 -45.57
N CYS EB 22 11.37 22.83 -45.04
CA CYS EB 22 11.66 22.40 -43.69
C CYS EB 22 11.96 20.91 -43.58
N GLU EB 23 11.48 20.13 -44.53
CA GLU EB 23 11.39 18.68 -44.38
C GLU EB 23 12.74 18.01 -44.52
N GLY EB 24 12.72 16.67 -44.57
CA GLY EB 24 13.89 15.88 -44.86
C GLY EB 24 14.47 16.26 -46.20
N PRO EB 25 15.80 16.51 -46.24
CA PRO EB 25 16.40 17.09 -47.44
C PRO EB 25 16.41 16.12 -48.60
N CYS EB 26 15.27 16.06 -49.27
CA CYS EB 26 14.93 14.87 -50.05
C CYS EB 26 15.65 14.88 -51.39
N LYS EB 27 16.20 13.72 -51.75
CA LYS EB 27 16.95 13.61 -53.00
C LYS EB 27 16.01 13.31 -54.15
N VAL EB 28 16.22 14.01 -55.26
CA VAL EB 28 15.61 13.67 -56.54
C VAL EB 28 16.75 13.52 -57.52
N GLN EB 29 16.94 12.30 -58.00
CA GLN EB 29 17.89 12.09 -59.07
C GLN EB 29 17.31 12.60 -60.38
N SER EB 30 18.18 13.12 -61.22
CA SER EB 30 17.93 13.15 -62.66
C SER EB 30 19.09 12.39 -63.30
N PHE EB 31 19.00 11.07 -63.31
CA PHE EB 31 19.96 10.27 -64.04
C PHE EB 31 19.70 10.41 -65.54
N GLU EB 32 20.79 10.48 -66.30
CA GLU EB 32 20.70 10.39 -67.74
C GLU EB 32 21.59 9.27 -68.23
N GLN EB 33 21.15 8.60 -69.29
CA GLN EB 33 22.00 7.73 -70.10
C GLN EB 33 21.85 8.30 -71.50
N ARG EB 34 22.62 9.34 -71.78
CA ARG EB 34 22.42 10.17 -72.96
C ARG EB 34 23.75 10.50 -73.63
N ASP EB 35 23.70 11.43 -74.57
CA ASP EB 35 24.87 12.01 -75.19
C ASP EB 35 24.55 13.46 -75.52
N ASP EB 36 25.35 14.06 -76.39
CA ASP EB 36 25.06 15.40 -76.86
C ASP EB 36 25.41 15.49 -78.34
N VAL EB 37 25.32 16.70 -78.87
CA VAL EB 37 25.86 17.03 -80.18
C VAL EB 37 26.90 18.12 -79.94
N LYS EB 38 27.46 18.67 -81.01
CA LYS EB 38 28.40 19.78 -80.85
C LYS EB 38 27.73 21.01 -80.27
N HIS EB 39 26.50 21.30 -80.72
CA HIS EB 39 25.86 22.55 -80.35
C HIS EB 39 25.30 22.50 -78.92
N LEU EB 40 24.58 21.42 -78.58
CA LEU EB 40 23.82 21.48 -77.35
C LEU EB 40 23.62 20.09 -76.76
N GLY EB 41 23.74 20.02 -75.43
CA GLY EB 41 23.10 18.96 -74.67
C GLY EB 41 22.26 19.62 -73.60
N ILE EB 42 20.94 19.52 -73.71
CA ILE EB 42 20.04 20.28 -72.87
C ILE EB 42 19.44 19.38 -71.80
N CYS EB 43 19.47 19.87 -70.56
CA CYS EB 43 18.95 19.11 -69.42
C CYS EB 43 18.34 20.09 -68.43
N LYS EB 44 17.01 20.22 -68.45
CA LYS EB 44 16.34 20.81 -67.29
C LYS EB 44 16.37 19.81 -66.15
N VAL EB 45 17.02 20.18 -65.06
CA VAL EB 45 17.33 19.25 -63.98
C VAL EB 45 16.17 19.16 -62.98
N ILE EB 46 15.06 19.86 -63.22
CA ILE EB 46 14.00 20.03 -62.24
C ILE EB 46 12.71 19.29 -62.65
N SER EB 47 12.72 18.66 -63.84
CA SER EB 47 11.48 18.22 -64.50
C SER EB 47 10.75 17.12 -63.73
N ASP EB 48 11.49 16.19 -63.11
CA ASP EB 48 10.83 15.07 -62.45
C ASP EB 48 10.19 15.41 -61.11
N VAL EB 49 10.53 16.55 -60.51
CA VAL EB 49 10.05 16.83 -59.16
C VAL EB 49 8.61 17.33 -59.30
N THR EB 50 7.66 16.47 -58.98
CA THR EB 50 6.23 16.76 -59.06
C THR EB 50 5.66 16.77 -57.64
N ARG EB 51 4.37 17.08 -57.55
CA ARG EB 51 3.71 17.07 -56.26
C ARG EB 51 3.55 15.65 -55.74
N GLY EB 52 3.93 15.46 -54.48
CA GLY EB 52 3.71 14.21 -53.81
C GLY EB 52 4.17 14.30 -52.38
N PRO EB 53 3.61 13.45 -51.51
CA PRO EB 53 4.13 13.35 -50.14
C PRO EB 53 5.43 12.57 -50.04
N GLY EB 54 5.85 11.89 -51.09
CA GLY EB 54 7.02 11.04 -51.05
C GLY EB 54 8.32 11.84 -50.99
N LEU EB 55 9.40 11.11 -50.69
CA LEU EB 55 10.72 11.71 -50.51
C LEU EB 55 11.49 11.85 -51.81
N THR EB 56 10.82 11.83 -52.96
CA THR EB 56 11.37 12.29 -54.23
C THR EB 56 10.42 13.29 -54.87
N HIS EB 57 9.81 14.12 -54.04
CA HIS EB 57 8.71 14.98 -54.48
C HIS EB 57 8.83 16.32 -53.78
N ARG EB 58 7.74 17.09 -53.81
CA ARG EB 58 7.66 18.42 -53.24
C ARG EB 58 6.28 18.63 -52.66
N VAL EB 59 6.16 19.68 -51.84
CA VAL EB 59 4.88 20.16 -51.34
C VAL EB 59 4.77 21.63 -51.69
N GLY EB 60 3.82 21.98 -52.53
CA GLY EB 60 3.74 23.34 -53.03
C GLY EB 60 4.78 23.57 -54.11
N LYS EB 61 5.01 24.84 -54.41
CA LYS EB 61 5.79 25.22 -55.58
C LYS EB 61 7.12 25.86 -55.21
N ARG EB 62 7.63 25.60 -54.02
CA ARG EB 62 8.81 26.30 -53.51
C ARG EB 62 9.94 25.32 -53.23
N PHE EB 63 11.13 25.61 -53.75
CA PHE EB 63 12.34 24.85 -53.48
C PHE EB 63 13.38 25.75 -52.84
N CYS EB 64 14.31 25.13 -52.14
CA CYS EB 64 15.63 25.69 -51.84
C CYS EB 64 16.62 24.55 -52.05
N ILE EB 65 17.18 24.48 -53.26
CA ILE EB 65 18.15 23.43 -53.59
C ILE EB 65 19.41 23.63 -52.76
N LYS EB 66 19.71 22.67 -51.90
CA LYS EB 66 20.89 22.77 -51.06
C LYS EB 66 22.16 22.56 -51.89
N SER EB 67 22.22 21.46 -52.64
CA SER EB 67 23.40 21.20 -53.45
C SER EB 67 23.03 20.31 -54.63
N ILE EB 68 23.70 20.54 -55.74
CA ILE EB 68 23.69 19.65 -56.89
C ILE EB 68 24.96 18.81 -56.85
N TYR EB 69 24.80 17.49 -56.84
CA TYR EB 69 25.92 16.55 -56.78
C TYR EB 69 26.00 15.83 -58.12
N ILE EB 70 26.99 16.21 -58.92
CA ILE EB 70 27.12 15.73 -60.29
C ILE EB 70 28.11 14.58 -60.31
N LEU EB 71 27.60 13.37 -60.51
CA LEU EB 71 28.41 12.25 -60.94
C LEU EB 71 28.37 12.15 -62.46
N GLY EB 72 29.28 11.36 -63.01
CA GLY EB 72 29.27 11.17 -64.44
C GLY EB 72 30.54 10.60 -65.03
N LYS EB 73 30.37 9.71 -66.00
CA LYS EB 73 31.48 9.17 -66.78
C LYS EB 73 31.31 9.59 -68.23
N ILE EB 74 32.34 10.21 -68.78
CA ILE EB 74 32.29 10.83 -70.10
C ILE EB 74 33.27 10.09 -70.99
N TRP EB 75 32.76 9.29 -71.92
CA TRP EB 75 33.63 8.45 -72.72
C TRP EB 75 33.38 8.68 -74.21
N LEU EB 76 34.19 7.98 -75.00
CA LEU EB 76 33.98 7.80 -76.43
C LEU EB 76 34.28 6.37 -76.86
N ASP EB 77 34.13 5.40 -75.95
CA ASP EB 77 34.70 4.06 -76.12
C ASP EB 77 33.81 3.16 -76.97
N GLU EB 78 32.92 3.74 -77.77
CA GLU EB 78 32.33 3.04 -78.90
C GLU EB 78 33.43 2.68 -79.89
N THR EB 79 33.20 1.64 -80.70
CA THR EB 79 34.23 1.14 -81.62
C THR EB 79 34.51 2.09 -82.79
N ILE EB 80 33.77 3.20 -82.89
CA ILE EB 80 33.95 4.22 -83.91
C ILE EB 80 34.39 5.46 -83.12
N LYS EB 81 34.59 6.59 -83.81
CA LYS EB 81 35.00 7.87 -83.27
C LYS EB 81 36.41 7.83 -82.68
N LYS EB 82 37.28 7.02 -83.30
CA LYS EB 82 38.71 7.17 -83.11
C LYS EB 82 39.33 8.15 -84.09
N GLN EB 83 38.78 8.30 -85.30
CA GLN EB 83 39.13 9.41 -86.18
C GLN EB 83 38.34 10.64 -85.79
N ASN EB 84 38.77 11.80 -86.33
CA ASN EB 84 38.25 13.14 -86.05
C ASN EB 84 38.27 13.42 -84.56
N HIS EB 85 39.38 13.04 -83.91
CA HIS EB 85 39.46 12.88 -82.47
C HIS EB 85 39.94 14.12 -81.75
N THR EB 86 40.30 13.95 -80.46
CA THR EB 86 40.73 14.99 -79.52
C THR EB 86 39.70 16.08 -79.29
N ASN EB 87 38.57 15.73 -78.69
CA ASN EB 87 37.55 16.70 -78.31
C ASN EB 87 37.50 16.79 -76.78
N ASN EB 88 36.99 17.91 -76.28
CA ASN EB 88 36.82 18.11 -74.84
C ASN EB 88 35.43 18.64 -74.54
N VAL EB 89 35.01 18.51 -73.28
CA VAL EB 89 33.66 18.82 -72.84
C VAL EB 89 33.74 19.98 -71.86
N ILE EB 90 32.98 21.03 -72.12
CA ILE EB 90 32.84 22.15 -71.19
C ILE EB 90 31.43 22.11 -70.64
N PHE EB 91 31.29 22.06 -69.32
CA PHE EB 91 29.98 22.05 -68.71
C PHE EB 91 29.53 23.46 -68.35
N TYR EB 92 28.22 23.65 -68.32
CA TYR EB 92 27.62 24.94 -68.01
C TYR EB 92 26.44 24.72 -67.08
N LEU EB 93 26.50 25.31 -65.90
CA LEU EB 93 25.42 25.21 -64.92
C LEU EB 93 24.92 26.63 -64.68
N LEU EB 94 23.76 26.94 -65.24
CA LEU EB 94 23.28 28.31 -65.32
C LEU EB 94 22.14 28.55 -64.34
N ARG EB 95 22.12 29.75 -63.74
CA ARG EB 95 20.97 30.19 -62.97
C ARG EB 95 20.04 30.95 -63.90
N ASP EB 96 18.90 30.34 -64.22
CA ASP EB 96 17.94 30.93 -65.15
C ASP EB 96 17.03 31.91 -64.42
N ARG EB 97 16.53 32.90 -65.17
CA ARG EB 97 15.68 33.93 -64.60
C ARG EB 97 14.20 33.79 -64.96
N ARG EB 98 13.84 33.22 -66.13
CA ARG EB 98 12.47 32.78 -66.39
C ARG EB 98 12.47 31.76 -67.52
N PRO EB 99 11.51 30.84 -67.56
CA PRO EB 99 11.37 29.97 -68.74
C PRO EB 99 10.51 30.62 -69.80
N TYR EB 100 10.81 30.28 -71.07
CA TYR EB 100 10.00 30.71 -72.21
C TYR EB 100 9.23 29.49 -72.70
N GLY EB 101 8.09 29.21 -72.08
CA GLY EB 101 7.33 28.01 -72.39
C GLY EB 101 8.07 26.75 -72.00
N ASN EB 102 8.53 26.00 -73.00
CA ASN EB 102 9.27 24.77 -72.77
C ASN EB 102 10.78 25.06 -72.85
N ALA EB 103 11.60 24.01 -72.97
CA ALA EB 103 13.05 24.15 -72.90
C ALA EB 103 13.59 24.84 -74.16
N PRO EB 104 14.46 25.85 -74.00
CA PRO EB 104 14.97 26.59 -75.16
C PRO EB 104 16.24 26.00 -75.79
N GLN EB 105 16.78 26.70 -76.78
CA GLN EB 105 17.97 26.28 -77.52
C GLN EB 105 19.24 26.55 -76.71
N ASP EB 106 20.40 26.30 -77.35
CA ASP EB 106 21.68 26.73 -76.80
C ASP EB 106 22.45 27.64 -77.75
N PHE EB 107 22.66 27.25 -79.01
CA PHE EB 107 23.41 28.12 -79.93
C PHE EB 107 22.62 29.38 -80.26
N GLY EB 108 21.29 29.31 -80.19
CA GLY EB 108 20.49 30.50 -80.19
C GLY EB 108 20.38 31.17 -78.83
N GLN EB 109 21.12 30.70 -77.83
CA GLN EB 109 20.99 31.21 -76.46
C GLN EB 109 22.28 31.80 -75.92
N ILE EB 110 23.38 31.06 -75.93
CA ILE EB 110 24.66 31.63 -75.50
C ILE EB 110 25.29 32.38 -76.66
N PHE EB 111 26.27 33.27 -76.36
CA PHE EB 111 26.60 34.28 -77.37
C PHE EB 111 27.36 33.71 -78.55
N ASN EB 112 28.56 33.17 -78.33
CA ASN EB 112 29.44 32.91 -79.45
C ASN EB 112 29.78 31.42 -79.48
N MET EB 113 30.71 31.04 -80.36
CA MET EB 113 30.97 29.64 -80.66
C MET EB 113 31.86 29.01 -79.58
N PHE EB 114 31.19 28.40 -78.62
CA PHE EB 114 31.62 27.29 -77.75
C PHE EB 114 32.63 27.71 -76.68
N ASP EB 115 33.13 28.94 -76.70
CA ASP EB 115 33.90 29.54 -75.62
C ASP EB 115 33.33 30.93 -75.38
N ASN EB 116 32.33 31.03 -74.51
CA ASN EB 116 31.51 32.22 -74.50
C ASN EB 116 30.86 32.41 -73.14
N GLU EB 117 29.89 33.32 -73.12
CA GLU EB 117 29.05 33.74 -72.01
C GLU EB 117 27.65 33.88 -72.58
N PRO EB 118 26.61 34.10 -71.76
CA PRO EB 118 25.31 34.47 -72.33
C PRO EB 118 25.35 35.83 -73.01
N SER EB 119 24.40 36.04 -73.91
CA SER EB 119 24.37 37.24 -74.74
C SER EB 119 24.02 38.47 -73.89
N THR EB 120 24.30 39.64 -74.47
CA THR EB 120 24.06 40.90 -73.77
C THR EB 120 22.57 41.20 -73.60
N ALA EB 121 21.73 40.68 -74.49
CA ALA EB 121 20.29 40.88 -74.39
C ALA EB 121 19.59 39.81 -73.56
N THR EB 122 20.34 38.91 -72.94
CA THR EB 122 19.74 37.77 -72.24
C THR EB 122 19.99 37.79 -70.74
N ILE EB 123 20.78 38.72 -70.24
CA ILE EB 123 21.12 38.74 -68.81
C ILE EB 123 19.94 39.21 -67.98
N PHE EB 131 20.85 35.24 -69.04
CA PHE EB 131 20.59 34.38 -67.90
C PHE EB 131 21.86 34.27 -67.07
N GLN EB 132 21.73 34.14 -65.76
CA GLN EB 132 22.90 34.10 -64.91
C GLN EB 132 23.60 32.75 -65.02
N VAL EB 133 24.88 32.76 -64.66
CA VAL EB 133 25.75 31.59 -64.70
C VAL EB 133 26.09 31.27 -63.25
N LEU EB 134 26.31 29.99 -62.93
CA LEU EB 134 26.91 29.68 -61.65
C LEU EB 134 28.38 29.28 -61.77
N ARG EB 135 28.70 28.19 -62.47
CA ARG EB 135 30.09 27.77 -62.67
C ARG EB 135 30.21 26.97 -63.96
N LYS EB 136 31.44 26.52 -64.23
CA LYS EB 136 31.79 25.72 -65.39
C LYS EB 136 32.56 24.49 -64.93
N PHE EB 137 32.81 23.56 -65.85
CA PHE EB 137 33.66 22.40 -65.58
C PHE EB 137 34.47 22.07 -66.82
N HIS EB 138 35.30 21.03 -66.71
CA HIS EB 138 36.12 20.56 -67.82
C HIS EB 138 36.12 19.04 -67.85
N ALA EB 139 36.25 18.50 -69.07
CA ALA EB 139 36.40 17.06 -69.28
C ALA EB 139 37.06 16.89 -70.64
N THR EB 140 38.26 16.31 -70.65
CA THR EB 140 39.09 16.23 -71.86
C THR EB 140 39.29 14.77 -72.22
N VAL EB 141 38.66 14.31 -73.29
CA VAL EB 141 38.79 12.94 -73.75
C VAL EB 141 39.48 12.92 -75.12
N VAL EB 142 40.77 12.62 -75.11
CA VAL EB 142 41.56 12.68 -76.34
C VAL EB 142 42.03 11.28 -76.73
N GLY EB 143 41.31 10.64 -77.65
CA GLY EB 143 41.71 9.31 -78.08
C GLY EB 143 41.68 9.09 -79.58
N GLY EB 144 42.83 8.83 -80.18
CA GLY EB 144 42.88 8.59 -81.60
C GLY EB 144 43.27 7.16 -81.94
N LEU EB 145 44.50 6.97 -82.38
CA LEU EB 145 45.00 5.63 -82.69
C LEU EB 145 46.40 5.47 -82.11
N TYR EB 146 46.84 4.22 -82.05
CA TYR EB 146 48.18 3.76 -81.68
C TYR EB 146 48.61 4.06 -80.26
N CYS EB 147 47.76 4.63 -79.39
CA CYS EB 147 47.98 4.35 -77.98
C CYS EB 147 46.69 3.79 -77.33
N MET EB 148 45.48 4.37 -77.49
CA MET EB 148 45.14 5.78 -77.76
C MET EB 148 44.93 6.43 -76.38
N LYS EB 149 45.69 7.46 -76.07
CA LYS EB 149 45.78 7.87 -74.68
C LYS EB 149 44.88 9.06 -74.37
N GLU EB 150 43.59 8.76 -74.23
CA GLU EB 150 42.67 9.15 -73.16
C GLU EB 150 41.28 8.60 -73.47
N GLN EB 151 40.48 8.41 -72.43
CA GLN EB 151 39.16 7.78 -72.47
C GLN EB 151 38.34 8.26 -71.28
N ALA EB 152 37.34 7.44 -70.91
CA ALA EB 152 36.34 7.68 -69.87
C ALA EB 152 36.91 8.29 -68.60
N LEU EB 153 36.47 9.50 -68.28
CA LEU EB 153 36.91 10.20 -67.08
C LEU EB 153 35.76 10.26 -66.08
N VAL EB 154 36.09 10.24 -64.80
CA VAL EB 154 35.07 10.29 -63.76
C VAL EB 154 35.09 11.67 -63.10
N LYS EB 155 33.92 12.28 -62.97
CA LYS EB 155 33.81 13.61 -62.37
C LYS EB 155 32.77 13.59 -61.26
N ARG EB 156 33.19 13.95 -60.05
CA ARG EB 156 32.29 14.16 -58.92
C ARG EB 156 32.50 15.56 -58.38
N PHE EB 157 31.40 16.24 -58.03
CA PHE EB 157 31.46 17.63 -57.58
C PHE EB 157 30.33 17.91 -56.60
N TYR EB 158 30.68 18.27 -55.37
CA TYR EB 158 29.77 19.05 -54.54
C TYR EB 158 29.61 20.44 -55.13
N ARG EB 159 28.38 20.96 -55.12
CA ARG EB 159 28.13 22.29 -55.69
C ARG EB 159 26.89 22.86 -55.02
N LEU EB 160 27.10 23.78 -54.07
CA LEU EB 160 26.00 24.38 -53.31
C LEU EB 160 25.29 25.44 -54.15
N ASN EB 161 23.97 25.50 -54.02
CA ASN EB 161 23.14 26.38 -54.85
C ASN EB 161 21.99 26.91 -53.98
N HIS EB 162 20.97 27.45 -54.61
CA HIS EB 162 19.91 28.17 -53.89
C HIS EB 162 18.56 27.94 -54.57
N HIS EB 163 17.58 28.78 -54.24
CA HIS EB 163 16.17 28.48 -54.29
C HIS EB 163 15.60 28.47 -55.71
N VAL EB 164 14.49 27.75 -55.87
CA VAL EB 164 13.75 27.55 -57.13
C VAL EB 164 12.26 27.66 -56.80
N THR EB 165 11.47 28.21 -57.74
CA THR EB 165 10.01 28.28 -57.63
C THR EB 165 9.35 27.79 -58.93
N TYR EB 166 8.20 27.11 -58.82
CA TYR EB 166 7.34 26.74 -59.94
C TYR EB 166 6.18 27.72 -60.12
N ASN EB 167 5.54 27.67 -61.28
CA ASN EB 167 4.45 28.59 -61.60
C ASN EB 167 3.09 27.99 -61.28
N HIS EB 168 2.68 26.94 -61.98
CA HIS EB 168 1.32 26.45 -61.84
C HIS EB 168 1.21 25.55 -60.61
N GLN EB 169 -0.03 25.19 -60.27
CA GLN EB 169 -0.31 24.32 -59.13
C GLN EB 169 -0.52 22.88 -59.58
N GLU EB 170 0.22 22.46 -60.61
CA GLU EB 170 0.08 21.14 -61.18
C GLU EB 170 1.05 20.17 -60.54
N ALA EB 171 0.69 18.88 -60.58
CA ALA EB 171 1.64 17.80 -60.32
C ALA EB 171 2.29 17.41 -61.66
N GLY EB 172 3.03 18.35 -62.22
CA GLY EB 172 3.39 18.27 -63.62
C GLY EB 172 4.84 18.49 -63.99
N LYS EB 173 5.06 18.78 -65.27
CA LYS EB 173 6.36 18.69 -65.93
C LYS EB 173 7.15 19.99 -65.76
N TYR EB 174 8.18 20.15 -66.59
CA TYR EB 174 9.08 21.30 -66.55
C TYR EB 174 8.44 22.58 -67.06
N GLU EB 175 7.37 22.48 -67.86
CA GLU EB 175 6.83 23.65 -68.56
C GLU EB 175 6.18 24.67 -67.63
N ASN EB 176 5.80 24.26 -66.41
CA ASN EB 176 5.19 25.20 -65.48
C ASN EB 176 6.19 25.80 -64.49
N HIS EB 177 7.43 26.02 -64.92
CA HIS EB 177 8.40 26.73 -64.09
C HIS EB 177 8.10 28.23 -64.11
N THR EB 178 8.77 28.95 -63.22
CA THR EB 178 8.74 30.40 -63.18
C THR EB 178 10.17 30.85 -62.87
N GLU EB 179 10.30 32.10 -62.39
CA GLU EB 179 11.55 32.70 -61.92
C GLU EB 179 12.40 31.76 -61.07
N ASN EB 180 13.72 31.94 -61.22
CA ASN EB 180 14.76 31.12 -60.59
C ASN EB 180 14.60 29.65 -60.95
N ALA EB 181 14.77 29.42 -62.24
CA ALA EB 181 15.05 28.07 -62.70
C ALA EB 181 16.57 27.87 -62.79
N LEU EB 182 16.98 26.62 -62.97
CA LEU EB 182 18.38 26.29 -63.17
C LEU EB 182 18.47 24.97 -63.92
N LEU EB 183 19.43 24.89 -64.84
CA LEU EB 183 19.53 23.75 -65.73
C LEU EB 183 20.97 23.65 -66.25
N LEU EB 184 21.21 22.67 -67.10
CA LEU EB 184 22.55 22.38 -67.61
C LEU EB 184 22.61 22.52 -69.12
N TYR EB 185 23.80 22.88 -69.61
CA TYR EB 185 24.15 22.76 -71.00
C TYR EB 185 25.52 22.08 -71.10
N MET EB 186 25.65 21.17 -72.05
CA MET EB 186 26.90 20.50 -72.34
C MET EB 186 27.34 20.86 -73.75
N ALA EB 187 28.64 21.06 -73.94
CA ALA EB 187 29.15 21.59 -75.20
C ALA EB 187 30.34 20.76 -75.67
N CYS EB 188 30.30 20.37 -76.94
CA CYS EB 188 31.44 19.77 -77.62
C CYS EB 188 32.13 20.83 -78.48
N THR EB 189 33.42 20.62 -78.75
CA THR EB 189 34.24 21.62 -79.42
C THR EB 189 34.74 21.18 -80.79
N HIS EB 190 34.19 20.10 -81.35
CA HIS EB 190 34.61 19.62 -82.66
C HIS EB 190 33.42 19.07 -83.41
N ALA EB 191 33.56 19.03 -84.75
CA ALA EB 191 32.44 18.68 -85.63
C ALA EB 191 32.02 17.24 -85.51
N SER EB 192 32.92 16.34 -85.12
CA SER EB 192 32.54 14.97 -84.81
C SER EB 192 31.77 14.94 -83.48
N ASN EB 193 31.07 13.83 -83.25
CA ASN EB 193 30.37 13.67 -81.99
C ASN EB 193 30.84 12.41 -81.27
N PRO EB 194 32.00 12.42 -80.61
CA PRO EB 194 32.44 11.21 -79.90
C PRO EB 194 31.85 11.07 -78.53
N VAL EB 195 31.36 12.16 -77.94
CA VAL EB 195 31.09 12.24 -76.51
C VAL EB 195 29.81 11.48 -76.18
N TYR EB 196 29.96 10.39 -75.42
CA TYR EB 196 28.83 9.69 -74.83
C TYR EB 196 28.90 9.90 -73.32
N ALA EB 197 28.30 11.01 -72.87
CA ALA EB 197 28.38 11.45 -71.49
C ALA EB 197 27.10 11.07 -70.75
N THR EB 198 27.24 10.17 -69.77
CA THR EB 198 26.13 9.77 -68.93
C THR EB 198 26.41 10.25 -67.51
N LEU EB 199 25.45 10.98 -66.94
CA LEU EB 199 25.67 11.70 -65.69
C LEU EB 199 24.57 11.38 -64.71
N LYS EB 200 24.97 11.15 -63.46
CA LYS EB 200 24.06 11.00 -62.34
C LYS EB 200 24.05 12.28 -61.53
N ILE EB 201 22.88 12.91 -61.43
CA ILE EB 201 22.76 14.26 -60.90
C ILE EB 201 21.83 14.21 -59.70
N ARG EB 202 22.41 14.18 -58.50
CA ARG EB 202 21.62 14.23 -57.28
C ARG EB 202 21.33 15.68 -56.89
N ILE EB 203 20.06 15.97 -56.65
CA ILE EB 203 19.65 17.19 -55.96
C ILE EB 203 18.95 16.75 -54.69
N TYR EB 204 19.52 17.10 -53.54
CA TYR EB 204 18.83 16.94 -52.27
C TYR EB 204 18.63 18.30 -51.63
N PHE EB 205 17.43 18.53 -51.10
CA PHE EB 205 16.98 19.85 -50.72
C PHE EB 205 15.96 19.78 -49.59
N ARG FB 14 37.08 1.34 27.81
CA ARG FB 14 37.69 2.03 28.94
C ARG FB 14 39.22 1.93 28.98
N SER FB 15 39.78 0.87 28.38
CA SER FB 15 41.18 0.47 28.61
C SER FB 15 41.93 0.04 27.35
N PRO FB 16 43.25 0.38 27.22
CA PRO FB 16 44.04 0.07 26.01
C PRO FB 16 44.67 -1.32 25.93
N ASP FB 17 43.98 -2.32 25.38
CA ASP FB 17 44.64 -3.54 25.00
C ASP FB 17 44.63 -3.75 23.49
N ILE FB 18 43.45 -3.89 22.91
CA ILE FB 18 43.17 -4.45 21.57
C ILE FB 18 41.68 -4.17 21.35
N PRO FB 19 41.11 -4.23 20.14
CA PRO FB 19 39.70 -3.82 19.98
C PRO FB 19 38.66 -4.84 20.41
N ARG FB 20 38.96 -5.91 21.13
CA ARG FB 20 37.89 -6.80 21.58
C ARG FB 20 37.80 -6.93 23.09
N GLY FB 21 38.89 -7.30 23.75
CA GLY FB 21 38.88 -7.72 25.12
C GLY FB 21 39.20 -6.64 26.11
N CYS FB 22 38.18 -6.28 26.91
CA CYS FB 22 38.37 -5.64 28.19
C CYS FB 22 38.75 -6.63 29.27
N GLU FB 23 38.84 -7.92 28.93
CA GLU FB 23 39.24 -8.99 29.82
C GLU FB 23 40.68 -8.79 30.30
N GLY FB 24 41.00 -9.49 31.39
CA GLY FB 24 42.36 -9.58 31.85
C GLY FB 24 43.23 -10.26 30.84
N PRO FB 25 44.30 -9.59 30.40
CA PRO FB 25 45.10 -10.10 29.28
C PRO FB 25 45.90 -11.34 29.63
N CYS FB 26 45.21 -12.48 29.63
CA CYS FB 26 45.69 -13.63 30.38
C CYS FB 26 46.68 -14.44 29.57
N LYS FB 27 47.66 -15.00 30.27
CA LYS FB 27 48.66 -15.86 29.64
C LYS FB 27 48.20 -17.29 29.72
N VAL FB 28 48.29 -17.99 28.58
CA VAL FB 28 48.14 -19.43 28.53
C VAL FB 28 49.34 -19.96 27.78
N GLN FB 29 50.17 -20.73 28.45
CA GLN FB 29 51.42 -21.19 27.89
C GLN FB 29 51.25 -22.59 27.34
N SER FB 30 51.74 -22.80 26.14
CA SER FB 30 51.80 -24.13 25.57
C SER FB 30 53.27 -24.57 25.64
N PHE FB 31 53.67 -25.04 26.82
CA PHE FB 31 54.98 -25.63 26.94
C PHE FB 31 55.00 -26.99 26.24
N GLU FB 32 56.11 -27.28 25.58
CA GLU FB 32 56.36 -28.60 25.06
C GLU FB 32 57.69 -29.11 25.59
N GLN FB 33 57.74 -30.42 25.83
CA GLN FB 33 58.99 -31.14 26.02
C GLN FB 33 58.93 -32.24 24.97
N ARG FB 34 59.31 -31.87 23.74
CA ARG FB 34 59.06 -32.70 22.57
C ARG FB 34 60.28 -32.73 21.67
N ASP FB 35 60.07 -33.25 20.46
CA ASP FB 35 61.06 -33.22 19.39
C ASP FB 35 60.29 -33.13 18.07
N ASP FB 36 60.98 -33.42 16.98
CA ASP FB 36 60.32 -33.48 15.69
C ASP FB 36 60.90 -34.64 14.89
N VAL FB 37 60.48 -34.73 13.64
CA VAL FB 37 61.12 -35.59 12.65
C VAL FB 37 61.60 -34.67 11.54
N LYS FB 38 62.13 -35.23 10.45
CA LYS FB 38 62.54 -34.40 9.33
C LYS FB 38 61.35 -33.70 8.68
N HIS FB 39 60.23 -34.40 8.55
CA HIS FB 39 59.11 -33.87 7.81
C HIS FB 39 58.33 -32.83 8.60
N LEU FB 40 58.01 -33.12 9.86
CA LEU FB 40 57.04 -32.28 10.54
C LEU FB 40 57.25 -32.30 12.05
N GLY FB 41 57.11 -31.11 12.64
CA GLY FB 41 56.78 -31.01 14.04
C GLY FB 41 55.56 -30.13 14.15
N ILE FB 42 54.42 -30.70 14.54
CA ILE FB 42 53.14 -30.00 14.47
C ILE FB 42 52.72 -29.57 15.86
N CYS FB 43 52.30 -28.30 15.96
CA CYS FB 43 51.90 -27.73 17.24
C CYS FB 43 50.78 -26.73 16.98
N LYS FB 44 49.53 -27.14 17.20
CA LYS FB 44 48.46 -26.16 17.36
C LYS FB 44 48.64 -25.48 18.71
N VAL FB 45 48.68 -24.17 18.68
CA VAL FB 45 48.91 -23.37 19.86
C VAL FB 45 47.62 -22.62 20.28
N ILE FB 46 46.44 -23.24 20.12
CA ILE FB 46 45.18 -22.56 20.39
C ILE FB 46 44.33 -23.27 21.42
N SER FB 47 44.16 -24.60 21.31
CA SER FB 47 43.25 -25.32 22.22
C SER FB 47 43.85 -25.57 23.60
N ASP FB 48 44.99 -24.95 23.88
CA ASP FB 48 45.42 -24.69 25.25
C ASP FB 48 44.34 -23.95 26.02
N VAL FB 49 43.66 -23.00 25.36
CA VAL FB 49 42.50 -22.33 25.91
C VAL FB 49 41.27 -23.16 25.58
N THR FB 50 40.53 -23.54 26.60
CA THR FB 50 39.17 -24.02 26.48
C THR FB 50 38.25 -22.97 27.08
N ARG FB 51 36.94 -23.20 26.99
CA ARG FB 51 36.02 -22.33 27.70
C ARG FB 51 36.11 -22.60 29.20
N GLY FB 52 36.08 -21.54 29.98
CA GLY FB 52 36.01 -21.65 31.41
C GLY FB 52 35.95 -20.30 32.08
N PRO FB 53 35.53 -20.27 33.34
CA PRO FB 53 35.64 -19.04 34.13
C PRO FB 53 37.05 -18.78 34.65
N GLY FB 54 37.93 -19.77 34.60
CA GLY FB 54 39.26 -19.63 35.15
C GLY FB 54 40.14 -18.73 34.31
N LEU FB 55 41.33 -18.46 34.85
CA LEU FB 55 42.24 -17.48 34.29
C LEU FB 55 43.18 -18.04 33.24
N THR FB 56 42.99 -19.28 32.81
CA THR FB 56 43.66 -19.84 31.64
C THR FB 56 42.63 -20.23 30.58
N HIS FB 57 41.59 -19.41 30.45
CA HIS FB 57 40.44 -19.76 29.64
C HIS FB 57 39.99 -18.53 28.88
N ARG FB 58 38.77 -18.60 28.38
CA ARG FB 58 38.16 -17.52 27.62
C ARG FB 58 36.71 -17.37 28.03
N VAL FB 59 36.10 -16.27 27.60
CA VAL FB 59 34.67 -16.03 27.78
C VAL FB 59 34.06 -15.89 26.39
N GLY FB 60 33.21 -16.83 26.02
CA GLY FB 60 32.67 -16.82 24.67
C GLY FB 60 33.58 -17.58 23.72
N LYS FB 61 33.74 -17.02 22.51
CA LYS FB 61 34.46 -17.71 21.45
C LYS FB 61 35.34 -16.75 20.64
N ARG FB 62 35.96 -15.76 21.29
CA ARG FB 62 36.72 -14.74 20.58
C ARG FB 62 38.08 -14.49 21.24
N PHE FB 63 39.13 -14.36 20.41
CA PHE FB 63 40.48 -13.97 20.84
C PHE FB 63 40.96 -12.74 20.07
N CYS FB 64 41.96 -12.04 20.64
CA CYS FB 64 42.88 -11.14 19.94
C CYS FB 64 44.25 -11.39 20.58
N ILE FB 65 45.02 -12.28 19.98
CA ILE FB 65 46.35 -12.61 20.49
C ILE FB 65 47.25 -11.39 20.35
N LYS FB 66 47.71 -10.85 21.49
CA LYS FB 66 48.58 -9.69 21.46
C LYS FB 66 49.97 -10.06 20.95
N SER FB 67 50.59 -11.07 21.57
CA SER FB 67 51.91 -11.49 21.14
C SER FB 67 52.15 -12.94 21.50
N ILE FB 68 52.90 -13.62 20.65
CA ILE FB 68 53.45 -14.94 20.94
C ILE FB 68 54.91 -14.75 21.35
N TYR FB 69 55.25 -15.25 22.53
CA TYR FB 69 56.59 -15.13 23.09
C TYR FB 69 57.21 -16.52 23.11
N ILE FB 70 58.13 -16.77 22.18
CA ILE FB 70 58.69 -18.10 21.99
C ILE FB 70 60.02 -18.17 22.72
N LEU FB 71 60.05 -18.92 23.81
CA LEU FB 71 61.28 -19.41 24.39
C LEU FB 71 61.59 -20.80 23.84
N GLY FB 72 62.82 -21.24 24.04
CA GLY FB 72 63.17 -22.57 23.60
C GLY FB 72 64.65 -22.86 23.52
N LYS FB 73 65.04 -24.06 23.91
CA LYS FB 73 66.39 -24.56 23.76
C LYS FB 73 66.37 -25.76 22.82
N ILE FB 74 67.20 -25.69 21.78
CA ILE FB 74 67.18 -26.66 20.69
C ILE FB 74 68.53 -27.36 20.70
N TRP FB 75 68.55 -28.62 21.13
CA TRP FB 75 69.82 -29.33 21.28
C TRP FB 75 69.80 -30.64 20.52
N LEU FB 76 70.95 -31.30 20.56
CA LEU FB 76 71.12 -32.68 20.16
C LEU FB 76 72.01 -33.45 21.14
N ASP FB 77 72.05 -33.02 22.42
CA ASP FB 77 73.10 -33.43 23.35
C ASP FB 77 72.79 -34.78 23.99
N GLU FB 78 71.93 -35.59 23.38
CA GLU FB 78 71.88 -37.01 23.65
C GLU FB 78 73.23 -37.64 23.26
N THR FB 79 73.56 -38.78 23.88
CA THR FB 79 74.86 -39.42 23.64
C THR FB 79 75.01 -40.03 22.24
N ILE FB 80 73.94 -39.99 21.44
CA ILE FB 80 73.94 -40.49 20.06
C ILE FB 80 73.72 -39.23 19.22
N LYS FB 81 73.62 -39.39 17.90
CA LYS FB 81 73.41 -38.34 16.90
C LYS FB 81 74.59 -37.37 16.84
N LYS FB 82 75.79 -37.89 17.04
CA LYS FB 82 77.01 -37.21 16.62
C LYS FB 82 77.40 -37.53 15.20
N GLN FB 83 77.09 -38.72 14.69
CA GLN FB 83 77.17 -39.01 13.27
C GLN FB 83 75.92 -38.51 12.56
N ASN FB 84 76.00 -38.46 11.22
CA ASN FB 84 74.97 -37.94 10.32
C ASN FB 84 74.59 -36.52 10.72
N HIS FB 85 75.61 -35.71 11.03
CA HIS FB 85 75.44 -34.47 11.76
C HIS FB 85 75.27 -33.24 10.87
N THR FB 86 75.40 -32.06 11.48
CA THR FB 86 75.23 -30.73 10.89
C THR FB 86 73.83 -30.50 10.30
N ASN FB 87 72.81 -30.47 11.15
CA ASN FB 87 71.45 -30.14 10.74
C ASN FB 87 71.06 -28.79 11.33
N ASN FB 88 70.09 -28.14 10.70
CA ASN FB 88 69.57 -26.87 11.20
C ASN FB 88 68.05 -26.90 11.22
N VAL FB 89 67.47 -25.97 11.99
CA VAL FB 89 66.04 -25.93 12.24
C VAL FB 89 65.47 -24.64 11.65
N ILE FB 90 64.45 -24.77 10.82
CA ILE FB 90 63.73 -23.62 10.28
C ILE FB 90 62.34 -23.62 10.91
N PHE FB 91 61.98 -22.53 11.56
CA PHE FB 91 60.66 -22.43 12.17
C PHE FB 91 59.66 -21.78 11.21
N TYR FB 92 58.39 -22.13 11.40
CA TYR FB 92 57.32 -21.62 10.57
C TYR FB 92 56.15 -21.28 11.47
N LEU FB 93 55.73 -20.01 11.45
CA LEU FB 93 54.59 -19.54 12.24
C LEU FB 93 53.57 -19.03 11.23
N LEU FB 94 52.51 -19.80 11.01
CA LEU FB 94 51.58 -19.57 9.91
C LEU FB 94 50.27 -19.00 10.42
N ARG FB 95 49.69 -18.08 9.65
CA ARG FB 95 48.32 -17.64 9.89
C ARG FB 95 47.39 -18.52 9.07
N ASP FB 96 46.64 -19.39 9.75
CA ASP FB 96 45.74 -20.33 9.09
C ASP FB 96 44.40 -19.66 8.80
N ARG FB 97 43.74 -20.15 7.75
CA ARG FB 97 42.47 -19.59 7.32
C ARG FB 97 41.26 -20.44 7.67
N ARG FB 98 41.38 -21.79 7.73
CA ARG FB 98 40.48 -22.69 8.49
C ARG FB 98 40.97 -24.13 8.56
N PRO FB 99 40.79 -24.78 9.71
CA PRO FB 99 41.01 -26.22 9.80
C PRO FB 99 39.75 -27.05 9.61
N TYR FB 100 39.94 -28.34 9.34
CA TYR FB 100 38.86 -29.33 9.28
C TYR FB 100 39.38 -30.60 9.91
N GLY FB 101 38.67 -31.10 10.92
CA GLY FB 101 39.18 -32.23 11.67
C GLY FB 101 40.41 -31.82 12.44
N ASN FB 102 41.47 -32.63 12.40
CA ASN FB 102 42.62 -32.34 13.23
C ASN FB 102 43.60 -31.40 12.53
N ALA FB 103 44.81 -31.32 13.07
CA ALA FB 103 45.88 -30.56 12.43
C ALA FB 103 46.33 -31.30 11.18
N PRO FB 104 46.24 -30.69 10.00
CA PRO FB 104 46.75 -31.36 8.80
C PRO FB 104 48.28 -31.37 8.80
N GLN FB 105 48.84 -32.47 8.34
CA GLN FB 105 50.28 -32.69 8.43
C GLN FB 105 51.02 -31.78 7.45
N ASP FB 106 52.31 -31.56 7.73
CA ASP FB 106 53.04 -30.45 7.15
C ASP FB 106 53.37 -30.67 5.68
N PHE FB 107 54.05 -31.78 5.37
CA PHE FB 107 54.44 -32.06 3.98
C PHE FB 107 53.22 -32.33 3.11
N GLY FB 108 52.10 -32.71 3.70
CA GLY FB 108 50.85 -32.70 2.98
C GLY FB 108 50.21 -31.33 2.88
N GLN FB 109 50.91 -30.26 3.28
CA GLN FB 109 50.34 -28.92 3.16
C GLN FB 109 51.27 -27.90 2.51
N ILE FB 110 52.57 -27.90 2.81
CA ILE FB 110 53.45 -26.89 2.21
C ILE FB 110 54.12 -27.47 0.97
N PHE FB 111 54.70 -26.62 0.12
CA PHE FB 111 54.83 -27.05 -1.28
C PHE FB 111 55.98 -28.03 -1.49
N ASN FB 112 57.21 -27.62 -1.22
CA ASN FB 112 58.35 -28.40 -1.71
C ASN FB 112 59.20 -28.81 -0.51
N MET FB 113 60.36 -29.41 -0.81
CA MET FB 113 61.18 -30.06 0.21
C MET FB 113 62.01 -29.03 1.00
N PHE FB 114 61.42 -28.60 2.12
CA PHE FB 114 62.05 -28.07 3.33
C PHE FB 114 62.60 -26.65 3.17
N ASP FB 115 62.59 -26.09 1.96
CA ASP FB 115 62.85 -24.68 1.71
C ASP FB 115 61.78 -24.19 0.75
N ASN FB 116 60.66 -23.73 1.29
CA ASN FB 116 59.47 -23.58 0.49
C ASN FB 116 58.52 -22.54 1.07
N GLU FB 117 57.32 -22.53 0.54
CA GLU FB 117 56.17 -21.70 0.86
C GLU FB 117 54.96 -22.63 0.86
N PRO FB 118 53.77 -22.18 1.29
CA PRO FB 118 52.57 -22.98 1.05
C PRO FB 118 52.25 -23.11 -0.43
N SER FB 119 51.49 -24.16 -0.75
CA SER FB 119 51.19 -24.48 -2.13
C SER FB 119 50.24 -23.44 -2.75
N THR FB 120 50.18 -23.46 -4.08
CA THR FB 120 49.35 -22.51 -4.81
C THR FB 120 47.87 -22.75 -4.62
N ALA FB 121 47.47 -24.00 -4.32
CA ALA FB 121 46.07 -24.31 -4.09
C ALA FB 121 45.66 -24.18 -2.63
N THR FB 122 46.55 -23.69 -1.76
CA THR FB 122 46.30 -23.66 -0.33
C THR FB 122 46.20 -22.25 0.23
N ILE FB 123 46.48 -21.22 -0.56
CA ILE FB 123 46.49 -19.85 -0.05
C ILE FB 123 45.06 -19.36 0.20
N PHE FB 131 47.57 -21.33 2.94
CA PHE FB 131 47.44 -20.69 4.25
C PHE FB 131 48.46 -19.58 4.37
N GLN FB 132 48.11 -18.52 5.09
CA GLN FB 132 49.03 -17.39 5.18
C GLN FB 132 50.17 -17.70 6.13
N VAL FB 133 51.26 -16.96 5.94
CA VAL FB 133 52.49 -17.09 6.71
C VAL FB 133 52.62 -15.81 7.53
N LEU FB 134 53.23 -15.89 8.71
CA LEU FB 134 53.63 -14.67 9.38
C LEU FB 134 55.14 -14.42 9.29
N ARG FB 135 55.97 -15.29 9.86
CA ARG FB 135 57.42 -15.15 9.79
C ARG FB 135 58.09 -16.51 9.88
N LYS FB 136 59.42 -16.49 9.84
CA LYS FB 136 60.28 -17.66 9.95
C LYS FB 136 61.34 -17.41 11.01
N PHE FB 137 62.10 -18.45 11.35
CA PHE FB 137 63.23 -18.32 12.26
C PHE FB 137 64.34 -19.27 11.81
N HIS FB 138 65.46 -19.24 12.55
CA HIS FB 138 66.61 -20.10 12.26
C HIS FB 138 67.17 -20.64 13.56
N ALA FB 139 67.73 -21.84 13.47
CA ALA FB 139 68.44 -22.46 14.59
C ALA FB 139 69.39 -23.50 13.99
N THR FB 140 70.69 -23.30 14.17
CA THR FB 140 71.71 -24.13 13.52
C THR FB 140 72.52 -24.86 14.58
N VAL FB 141 72.32 -26.18 14.67
CA VAL FB 141 73.04 -27.00 15.63
C VAL FB 141 73.95 -27.97 14.88
N VAL FB 142 75.24 -27.63 14.82
CA VAL FB 142 76.17 -28.43 14.03
C VAL FB 142 77.20 -29.09 14.95
N GLY FB 143 76.97 -30.36 15.30
CA GLY FB 143 77.91 -31.05 16.16
C GLY FB 143 78.26 -32.46 15.72
N GLY FB 144 79.54 -32.68 15.39
CA GLY FB 144 79.95 -34.01 14.98
C GLY FB 144 80.90 -34.66 15.97
N LEU FB 145 82.19 -34.69 15.64
CA LEU FB 145 83.19 -35.25 16.52
C LEU FB 145 84.39 -34.31 16.56
N TYR FB 146 85.25 -34.54 17.56
CA TYR FB 146 86.56 -33.93 17.77
C TYR FB 146 86.54 -32.42 18.00
N CYS FB 147 85.40 -31.76 18.10
CA CYS FB 147 85.40 -30.53 18.90
C CYS FB 147 84.32 -30.58 19.98
N MET FB 148 83.03 -30.94 19.73
CA MET FB 148 82.26 -30.81 18.47
C MET FB 148 81.55 -29.44 18.57
N LYS FB 149 81.80 -28.57 17.60
CA LYS FB 149 81.44 -27.18 17.83
C LYS FB 149 80.12 -26.80 17.15
N GLU FB 150 79.03 -27.21 17.81
CA GLU FB 150 77.83 -26.45 18.18
C GLU FB 150 76.85 -27.38 18.87
N GLN FB 151 75.97 -26.79 19.68
CA GLN FB 151 75.03 -27.48 20.55
C GLN FB 151 73.86 -26.55 20.86
N ALA FB 152 73.18 -26.82 21.98
CA ALA FB 152 71.97 -26.18 22.47
C ALA FB 152 72.01 -24.65 22.35
N LEU FB 153 71.09 -24.11 21.55
CA LEU FB 153 71.00 -22.67 21.34
C LEU FB 153 69.74 -22.16 22.02
N VAL FB 154 69.77 -20.91 22.50
CA VAL FB 154 68.61 -20.33 23.16
C VAL FB 154 68.00 -19.28 22.26
N LYS FB 155 66.68 -19.34 22.08
CA LYS FB 155 65.95 -18.42 21.21
C LYS FB 155 64.81 -17.79 21.98
N ARG FB 156 64.81 -16.46 22.07
CA ARG FB 156 63.69 -15.71 22.61
C ARG FB 156 63.25 -14.68 21.56
N PHE FB 157 61.93 -14.51 21.42
CA PHE FB 157 61.38 -13.62 20.39
C PHE FB 157 60.06 -13.05 20.86
N TYR FB 158 59.99 -11.72 20.98
CA TYR FB 158 58.70 -11.04 20.91
C TYR FB 158 58.16 -11.14 19.48
N ARG FB 159 56.86 -11.37 19.35
CA ARG FB 159 56.26 -11.51 18.02
C ARG FB 159 54.77 -11.13 18.13
N LEU FB 160 54.44 -9.92 17.70
CA LEU FB 160 53.08 -9.42 17.78
C LEU FB 160 52.21 -10.04 16.68
N ASN FB 161 50.96 -10.35 17.03
CA ASN FB 161 50.05 -11.05 16.13
C ASN FB 161 48.64 -10.49 16.33
N HIS FB 162 47.63 -11.21 15.85
CA HIS FB 162 46.26 -10.68 15.81
C HIS FB 162 45.27 -11.82 16.07
N HIS FB 163 44.00 -11.56 15.73
CA HIS FB 163 42.83 -12.19 16.33
C HIS FB 163 42.62 -13.63 15.88
N VAL FB 164 41.90 -14.38 16.72
CA VAL FB 164 41.57 -15.80 16.54
C VAL FB 164 40.11 -15.98 16.96
N THR FB 165 39.34 -16.84 16.28
CA THR FB 165 37.93 -17.10 16.62
C THR FB 165 37.61 -18.59 16.50
N TYR FB 166 36.78 -19.13 17.41
CA TYR FB 166 36.17 -20.45 17.25
C TYR FB 166 34.73 -20.32 16.75
N ASN FB 167 34.31 -21.28 15.92
CA ASN FB 167 32.91 -21.41 15.55
C ASN FB 167 32.15 -22.22 16.59
N HIS FB 168 32.54 -23.48 16.76
CA HIS FB 168 31.80 -24.39 17.62
C HIS FB 168 31.96 -23.98 19.08
N GLN FB 169 30.85 -23.95 19.78
CA GLN FB 169 30.74 -23.25 21.06
C GLN FB 169 31.04 -24.16 22.24
N GLU FB 170 31.94 -25.13 22.04
CA GLU FB 170 32.27 -26.12 23.04
C GLU FB 170 33.39 -25.64 23.96
N ALA FB 171 33.40 -26.19 25.16
CA ALA FB 171 34.52 -26.07 26.09
C ALA FB 171 35.52 -27.19 25.76
N GLY FB 172 36.12 -27.09 24.58
CA GLY FB 172 36.78 -28.26 24.05
C GLY FB 172 38.09 -28.07 23.32
N LYS FB 173 38.37 -29.01 22.42
CA LYS FB 173 39.65 -29.23 21.80
C LYS FB 173 39.81 -28.35 20.55
N TYR FB 174 40.78 -28.70 19.69
CA TYR FB 174 41.25 -27.88 18.58
C TYR FB 174 40.49 -28.10 17.27
N GLU FB 175 39.69 -29.15 17.16
CA GLU FB 175 39.11 -29.51 15.88
C GLU FB 175 37.91 -28.67 15.47
N ASN FB 176 37.58 -27.63 16.22
CA ASN FB 176 36.26 -27.04 16.08
C ASN FB 176 36.29 -25.52 15.91
N HIS FB 177 37.15 -25.03 15.02
CA HIS FB 177 37.45 -23.63 14.90
C HIS FB 177 36.73 -22.99 13.70
N THR FB 178 37.12 -21.77 13.39
CA THR FB 178 36.72 -21.02 12.20
C THR FB 178 37.91 -20.14 11.81
N GLU FB 179 37.62 -19.05 11.08
CA GLU FB 179 38.55 -18.02 10.61
C GLU FB 179 39.69 -17.71 11.58
N ASN FB 180 40.89 -17.63 11.02
CA ASN FB 180 42.12 -17.20 11.69
C ASN FB 180 42.47 -18.12 12.86
N ALA FB 181 42.83 -19.33 12.47
CA ALA FB 181 43.68 -20.10 13.36
C ALA FB 181 45.15 -19.74 13.11
N LEU FB 182 46.02 -20.18 14.01
CA LEU FB 182 47.45 -19.99 13.85
C LEU FB 182 48.18 -21.08 14.65
N LEU FB 183 49.27 -21.58 14.08
CA LEU FB 183 49.96 -22.73 14.65
C LEU FB 183 51.40 -22.73 14.15
N LEU FB 184 52.16 -23.73 14.57
CA LEU FB 184 53.58 -23.83 14.26
C LEU FB 184 53.89 -25.09 13.48
N TYR FB 185 54.94 -24.99 12.65
CA TYR FB 185 55.59 -26.15 12.06
C TYR FB 185 57.09 -26.01 12.26
N MET FB 186 57.74 -27.11 12.60
CA MET FB 186 59.18 -27.17 12.74
C MET FB 186 59.73 -28.15 11.72
N ALA FB 187 60.87 -27.82 11.12
CA ALA FB 187 61.40 -28.58 10.00
C ALA FB 187 62.87 -28.87 10.21
N CYS FB 188 63.25 -30.13 10.01
CA CYS FB 188 64.64 -30.54 9.95
C CYS FB 188 65.05 -30.72 8.48
N THR FB 189 66.35 -30.58 8.22
CA THR FB 189 66.85 -30.58 6.85
C THR FB 189 67.74 -31.77 6.52
N HIS FB 190 67.76 -32.80 7.35
CA HIS FB 190 68.59 -33.97 7.09
C HIS FB 190 67.86 -35.22 7.55
N ALA FB 191 68.28 -36.37 6.99
CA ALA FB 191 67.57 -37.63 7.19
C ALA FB 191 67.70 -38.15 8.61
N SER FB 192 68.77 -37.81 9.32
CA SER FB 192 68.86 -38.11 10.73
C SER FB 192 67.91 -37.23 11.52
N ASN FB 193 67.65 -37.63 12.76
CA ASN FB 193 66.81 -36.81 13.62
C ASN FB 193 67.55 -36.44 14.91
N PRO FB 194 68.48 -35.47 14.88
CA PRO FB 194 69.17 -35.11 16.12
C PRO FB 194 68.41 -34.14 16.98
N VAL FB 195 67.44 -33.41 16.41
CA VAL FB 195 66.88 -32.22 17.03
C VAL FB 195 65.94 -32.62 18.15
N TYR FB 196 66.30 -32.27 19.38
CA TYR FB 196 65.43 -32.35 20.53
C TYR FB 196 65.10 -30.93 20.99
N ALA FB 197 64.07 -30.37 20.38
CA ALA FB 197 63.69 -28.97 20.57
C ALA FB 197 62.53 -28.88 21.54
N THR FB 198 62.78 -28.28 22.70
CA THR FB 198 61.75 -28.04 23.70
C THR FB 198 61.54 -26.54 23.82
N LEU FB 199 60.29 -26.11 23.67
CA LEU FB 199 59.97 -24.70 23.52
C LEU FB 199 58.89 -24.30 24.52
N LYS FB 200 59.09 -23.15 25.14
CA LYS FB 200 58.09 -22.54 25.99
C LYS FB 200 57.44 -21.38 25.24
N ILE FB 201 56.13 -21.47 25.03
CA ILE FB 201 55.41 -20.59 24.11
C ILE FB 201 54.35 -19.86 24.92
N ARG FB 202 54.64 -18.63 25.31
CA ARG FB 202 53.65 -17.80 25.99
C ARG FB 202 52.78 -17.06 24.99
N ILE FB 203 51.47 -17.18 25.15
CA ILE FB 203 50.50 -16.29 24.50
C ILE FB 203 49.77 -15.55 25.61
N TYR FB 204 49.93 -14.23 25.65
CA TYR FB 204 49.11 -13.40 26.52
C TYR FB 204 48.29 -12.44 25.66
N PHE FB 205 47.02 -12.32 26.01
CA PHE FB 205 46.04 -11.67 25.14
C PHE FB 205 44.91 -11.04 25.93
N ARG GB 14 46.87 3.36 -19.06
CA ARG GB 14 45.43 3.56 -19.18
C ARG GB 14 44.98 3.42 -20.64
N SER GB 15 44.50 4.49 -21.22
CA SER GB 15 43.95 4.39 -22.56
C SER GB 15 44.27 5.64 -23.35
N PRO GB 16 45.27 5.71 -24.26
CA PRO GB 16 45.27 7.03 -24.91
C PRO GB 16 44.82 6.97 -26.37
N ASP GB 17 44.48 5.78 -26.86
CA ASP GB 17 44.12 5.58 -28.26
C ASP GB 17 42.72 5.04 -28.43
N ILE GB 18 42.32 4.07 -27.61
CA ILE GB 18 41.11 3.29 -27.81
C ILE GB 18 39.98 3.72 -26.87
N PRO GB 19 38.73 3.67 -27.31
CA PRO GB 19 37.60 4.00 -26.43
C PRO GB 19 36.91 2.80 -25.79
N ARG GB 20 37.34 1.57 -26.05
CA ARG GB 20 36.56 0.39 -25.68
C ARG GB 20 37.18 -0.42 -24.55
N GLY GB 21 38.42 -0.91 -24.72
CA GLY GB 21 39.02 -1.81 -23.76
C GLY GB 21 40.53 -1.89 -23.93
N CYS GB 22 41.22 -2.18 -22.82
CA CYS GB 22 42.66 -2.07 -22.70
C CYS GB 22 43.43 -3.24 -23.34
N GLU GB 23 42.78 -4.02 -24.21
CA GLU GB 23 43.48 -4.99 -25.03
C GLU GB 23 44.43 -4.30 -25.99
N GLY GB 24 45.44 -5.04 -26.45
CA GLY GB 24 46.33 -4.56 -27.47
C GLY GB 24 45.59 -4.39 -28.79
N PRO GB 25 45.90 -3.32 -29.52
CA PRO GB 25 45.24 -3.10 -30.82
C PRO GB 25 45.72 -4.10 -31.86
N CYS GB 26 45.17 -5.31 -31.80
CA CYS GB 26 45.67 -6.43 -32.56
C CYS GB 26 45.32 -6.30 -34.04
N LYS GB 27 46.28 -6.64 -34.90
CA LYS GB 27 46.11 -6.54 -36.34
C LYS GB 27 45.51 -7.83 -36.89
N VAL GB 28 44.48 -7.68 -37.72
CA VAL GB 28 43.96 -8.78 -38.52
C VAL GB 28 43.92 -8.29 -39.95
N GLN GB 29 44.86 -8.77 -40.77
CA GLN GB 29 45.05 -8.25 -42.11
C GLN GB 29 44.43 -9.17 -43.14
N SER GB 30 43.40 -8.73 -43.78
CA SER GB 30 42.67 -9.50 -44.78
C SER GB 30 43.39 -9.31 -46.11
N PHE GB 31 44.46 -10.04 -46.30
CA PHE GB 31 45.11 -10.05 -47.61
C PHE GB 31 44.25 -10.80 -48.61
N GLU GB 32 44.20 -10.28 -49.82
CA GLU GB 32 43.61 -10.99 -50.94
C GLU GB 32 44.62 -11.10 -52.06
N GLN GB 33 44.56 -12.23 -52.76
CA GLN GB 33 45.20 -12.39 -54.07
C GLN GB 33 44.06 -12.80 -54.98
N ARG GB 34 43.32 -11.80 -55.45
CA ARG GB 34 42.03 -12.02 -56.11
C ARG GB 34 41.91 -11.13 -57.33
N ASP GB 35 40.69 -11.07 -57.87
CA ASP GB 35 40.32 -10.15 -58.93
C ASP GB 35 38.86 -9.79 -58.72
N ASP GB 36 38.24 -9.24 -59.77
CA ASP GB 36 36.81 -8.95 -59.71
C ASP GB 36 36.20 -9.28 -61.07
N VAL GB 37 34.92 -8.93 -61.20
CA VAL GB 37 34.24 -8.91 -62.49
C VAL GB 37 33.78 -7.47 -62.68
N LYS GB 38 33.03 -7.21 -63.76
CA LYS GB 38 32.50 -5.86 -63.96
C LYS GB 38 31.50 -5.49 -62.86
N HIS GB 39 30.66 -6.44 -62.45
CA HIS GB 39 29.57 -6.12 -61.53
C HIS GB 39 30.06 -5.96 -60.10
N LEU GB 40 30.87 -6.91 -59.63
CA LEU GB 40 31.13 -6.94 -58.19
C LEU GB 40 32.48 -7.57 -57.88
N GLY GB 41 33.16 -6.96 -56.92
CA GLY GB 41 34.18 -7.65 -56.15
C GLY GB 41 33.83 -7.49 -54.69
N ILE GB 42 33.44 -8.58 -54.03
CA ILE GB 42 32.88 -8.50 -52.69
C ILE GB 42 33.91 -8.97 -51.67
N CYS GB 43 34.05 -8.18 -50.60
CA CYS GB 43 35.02 -8.47 -49.57
C CYS GB 43 34.45 -8.01 -48.24
N LYS GB 44 33.90 -8.93 -47.45
CA LYS GB 44 33.70 -8.66 -46.03
C LYS GB 44 35.06 -8.67 -45.35
N VAL GB 45 35.46 -7.55 -44.84
CA VAL GB 45 36.82 -7.41 -44.34
C VAL GB 45 36.93 -7.90 -42.90
N ILE GB 46 35.81 -8.04 -42.21
CA ILE GB 46 35.78 -8.41 -40.80
C ILE GB 46 35.46 -9.90 -40.65
N SER GB 47 35.72 -10.68 -41.70
CA SER GB 47 35.16 -12.02 -41.81
C SER GB 47 35.86 -13.02 -40.88
N ASP GB 48 37.17 -13.18 -41.03
CA ASP GB 48 37.91 -14.25 -40.35
C ASP GB 48 38.29 -13.91 -38.92
N VAL GB 49 37.62 -12.95 -38.27
CA VAL GB 49 37.97 -12.55 -36.92
C VAL GB 49 37.18 -13.42 -35.95
N THR GB 50 37.82 -14.45 -35.40
CA THR GB 50 37.21 -15.38 -34.47
C THR GB 50 37.75 -15.14 -33.06
N ARG GB 51 37.09 -15.72 -32.07
CA ARG GB 51 37.57 -15.62 -30.70
C ARG GB 51 38.80 -16.50 -30.50
N GLY GB 52 39.85 -15.91 -29.92
CA GLY GB 52 41.07 -16.63 -29.64
C GLY GB 52 42.07 -15.77 -28.89
N PRO GB 53 43.11 -16.40 -28.33
CA PRO GB 53 44.10 -15.63 -27.57
C PRO GB 53 45.08 -14.86 -28.43
N GLY GB 54 45.25 -15.23 -29.69
CA GLY GB 54 46.22 -14.56 -30.54
C GLY GB 54 45.79 -13.18 -30.97
N LEU GB 55 46.74 -12.45 -31.56
CA LEU GB 55 46.47 -11.09 -32.02
C LEU GB 55 45.76 -11.05 -33.37
N THR GB 56 45.63 -12.20 -34.04
CA THR GB 56 44.75 -12.31 -35.21
C THR GB 56 43.35 -12.73 -34.83
N HIS GB 57 42.92 -12.40 -33.61
CA HIS GB 57 41.67 -12.87 -33.05
C HIS GB 57 41.01 -11.73 -32.30
N ARG GB 58 40.00 -12.05 -31.49
CA ARG GB 58 39.20 -11.03 -30.82
C ARG GB 58 38.86 -11.49 -29.41
N VAL GB 59 38.54 -10.52 -28.56
CA VAL GB 59 38.08 -10.76 -27.20
C VAL GB 59 36.67 -10.20 -27.08
N GLY GB 60 35.69 -11.09 -26.93
CA GLY GB 60 34.30 -10.67 -26.85
C GLY GB 60 33.65 -10.50 -28.19
N LYS GB 61 32.76 -9.50 -28.31
CA LYS GB 61 32.04 -9.26 -29.56
C LYS GB 61 31.91 -7.77 -29.86
N ARG GB 62 32.82 -6.95 -29.32
CA ARG GB 62 32.78 -5.51 -29.51
C ARG GB 62 34.08 -5.03 -30.13
N PHE GB 63 33.99 -4.31 -31.23
CA PHE GB 63 35.14 -3.74 -31.92
C PHE GB 63 35.04 -2.22 -31.91
N CYS GB 64 36.19 -1.58 -32.02
CA CYS GB 64 36.28 -0.18 -32.44
C CYS GB 64 37.47 -0.12 -33.40
N ILE GB 65 37.17 -0.24 -34.70
CA ILE GB 65 38.21 -0.21 -35.72
C ILE GB 65 38.82 1.19 -35.76
N LYS GB 66 40.12 1.27 -35.44
CA LYS GB 66 40.80 2.56 -35.45
C LYS GB 66 41.01 3.04 -36.87
N SER GB 67 41.62 2.21 -37.72
CA SER GB 67 41.85 2.61 -39.09
C SER GB 67 41.96 1.37 -39.99
N ILE GB 68 41.49 1.53 -41.22
CA ILE GB 68 41.72 0.58 -42.28
C ILE GB 68 42.85 1.11 -43.14
N TYR GB 69 43.89 0.31 -43.32
CA TYR GB 69 45.08 0.68 -44.09
C TYR GB 69 45.10 -0.18 -45.34
N ILE GB 70 44.76 0.41 -46.48
CA ILE GB 70 44.59 -0.32 -47.72
C ILE GB 70 45.87 -0.19 -48.54
N LEU GB 71 46.62 -1.27 -48.63
CA LEU GB 71 47.64 -1.44 -49.66
C LEU GB 71 47.02 -2.14 -50.86
N GLY GB 72 47.73 -2.11 -51.97
CA GLY GB 72 47.25 -2.82 -53.14
C GLY GB 72 47.89 -2.42 -54.45
N LYS GB 73 48.14 -3.40 -55.29
CA LYS GB 73 48.60 -3.18 -56.66
C LYS GB 73 47.56 -3.70 -57.63
N ILE GB 74 47.13 -2.84 -58.54
CA ILE GB 74 46.00 -3.12 -59.43
C ILE GB 74 46.55 -3.14 -60.85
N TRP GB 75 46.64 -4.33 -61.44
CA TRP GB 75 47.27 -4.45 -62.76
C TRP GB 75 46.33 -5.14 -63.74
N LEU GB 76 46.82 -5.23 -64.97
CA LEU GB 76 46.27 -6.08 -66.01
C LEU GB 76 47.36 -6.77 -66.81
N ASP GB 77 48.53 -7.01 -66.19
CA ASP GB 77 49.75 -7.34 -66.91
C ASP GB 77 49.84 -8.83 -67.24
N GLU GB 78 48.71 -9.53 -67.25
CA GLU GB 78 48.60 -10.81 -67.93
C GLU GB 78 48.81 -10.59 -69.43
N THR GB 79 49.25 -11.64 -70.14
CA THR GB 79 49.58 -11.52 -71.56
C THR GB 79 48.36 -11.30 -72.47
N ILE GB 80 47.15 -11.33 -71.90
CA ILE GB 80 45.91 -11.10 -72.61
C ILE GB 80 45.38 -9.79 -72.01
N LYS GB 81 44.19 -9.35 -72.44
CA LYS GB 81 43.50 -8.13 -72.00
C LYS GB 81 44.27 -6.88 -72.36
N LYS GB 82 44.94 -6.90 -73.50
CA LYS GB 82 45.38 -5.67 -74.18
C LYS GB 82 44.33 -5.12 -75.12
N GLN GB 83 43.49 -5.96 -75.71
CA GLN GB 83 42.29 -5.49 -76.40
C GLN GB 83 41.17 -5.27 -75.39
N ASN GB 84 40.11 -4.58 -75.85
CA ASN GB 84 38.95 -4.16 -75.06
C ASN GB 84 39.39 -3.37 -73.85
N HIS GB 85 40.35 -2.47 -74.06
CA HIS GB 85 41.15 -1.89 -72.99
C HIS GB 85 40.60 -0.57 -72.45
N THR GB 86 41.43 0.13 -71.68
CA THR GB 86 41.13 1.39 -70.98
C THR GB 86 39.99 1.28 -69.99
N ASN GB 87 40.17 0.52 -68.92
CA ASN GB 87 39.20 0.42 -67.84
C ASN GB 87 39.78 1.07 -66.59
N ASN GB 88 38.91 1.48 -65.68
CA ASN GB 88 39.32 2.05 -64.40
C ASN GB 88 38.56 1.41 -63.26
N VAL GB 89 39.10 1.56 -62.05
CA VAL GB 89 38.58 0.91 -60.86
C VAL GB 89 38.09 1.98 -59.89
N ILE GB 90 36.85 1.84 -59.46
CA ILE GB 90 36.28 2.71 -58.43
C ILE GB 90 36.08 1.86 -57.18
N PHE GB 91 36.68 2.29 -56.07
CA PHE GB 91 36.52 1.56 -54.82
C PHE GB 91 35.36 2.12 -54.00
N TYR GB 92 34.79 1.24 -53.17
CA TYR GB 92 33.66 1.60 -52.33
C TYR GB 92 33.87 1.00 -50.96
N LEU GB 93 33.92 1.84 -49.95
CA LEU GB 93 34.09 1.40 -48.56
C LEU GB 93 32.84 1.86 -47.81
N LEU GB 94 31.94 0.92 -47.51
CA LEU GB 94 30.61 1.24 -47.04
C LEU GB 94 30.48 0.94 -45.55
N ARG GB 95 29.75 1.78 -44.84
CA ARG GB 95 29.33 1.48 -43.47
C ARG GB 95 27.98 0.78 -43.54
N ASP GB 96 27.97 -0.51 -43.24
CA ASP GB 96 26.75 -1.31 -43.31
C ASP GB 96 25.96 -1.18 -42.01
N ARG GB 97 24.64 -1.36 -42.11
CA ARG GB 97 23.75 -1.21 -40.97
C ARG GB 97 23.23 -2.54 -40.42
N ARG GB 98 23.11 -3.51 -41.27
CA ARG GB 98 22.56 -4.78 -40.84
C ARG GB 98 23.07 -5.88 -41.74
N PRO GB 99 23.26 -7.09 -41.22
CA PRO GB 99 23.65 -8.21 -42.09
C PRO GB 99 22.48 -9.07 -42.51
N TYR GB 100 22.69 -9.92 -43.52
CA TYR GB 100 21.78 -11.03 -43.82
C TYR GB 100 22.65 -12.23 -44.17
N GLY GB 101 23.06 -12.99 -43.15
CA GLY GB 101 23.88 -14.17 -43.33
C GLY GB 101 25.22 -13.90 -43.98
N ASN GB 102 25.32 -14.29 -45.25
CA ASN GB 102 26.50 -14.00 -46.07
C ASN GB 102 26.43 -12.57 -46.61
N ALA GB 103 27.30 -12.26 -47.57
CA ALA GB 103 27.33 -10.93 -48.15
C ALA GB 103 26.15 -10.75 -49.12
N PRO GB 104 25.53 -9.56 -49.12
CA PRO GB 104 24.42 -9.33 -50.05
C PRO GB 104 24.89 -9.05 -51.48
N GLN GB 105 23.95 -8.71 -52.35
CA GLN GB 105 24.29 -8.38 -53.73
C GLN GB 105 25.02 -7.03 -53.81
N ASP GB 106 25.57 -6.75 -54.98
CA ASP GB 106 26.10 -5.42 -55.27
C ASP GB 106 25.20 -4.65 -56.22
N PHE GB 107 24.97 -5.20 -57.43
CA PHE GB 107 24.21 -4.46 -58.45
C PHE GB 107 22.74 -4.38 -58.09
N GLY GB 108 22.24 -5.34 -57.32
CA GLY GB 108 20.91 -5.25 -56.77
C GLY GB 108 20.82 -4.48 -55.46
N GLN GB 109 21.93 -3.97 -54.95
CA GLN GB 109 21.95 -3.22 -53.71
C GLN GB 109 22.30 -1.75 -53.93
N ILE GB 110 23.45 -1.46 -54.56
CA ILE GB 110 23.68 -0.08 -55.01
C ILE GB 110 22.88 0.15 -56.28
N PHE GB 111 22.56 1.41 -56.55
CA PHE GB 111 21.37 1.76 -57.34
C PHE GB 111 21.57 1.55 -58.83
N ASN GB 112 22.52 2.24 -59.45
CA ASN GB 112 22.52 2.30 -60.91
C ASN GB 112 23.87 1.77 -61.40
N MET GB 113 24.08 1.88 -62.72
CA MET GB 113 25.21 1.24 -63.39
C MET GB 113 26.51 2.02 -63.17
N PHE GB 114 27.23 1.61 -62.13
CA PHE GB 114 28.67 1.72 -61.91
C PHE GB 114 29.14 3.13 -61.56
N ASP GB 115 28.26 4.15 -61.64
CA ASP GB 115 28.50 5.48 -61.11
C ASP GB 115 27.27 5.88 -60.33
N ASN GB 116 27.24 5.55 -59.04
CA ASN GB 116 25.98 5.56 -58.31
C ASN GB 116 26.22 5.73 -56.82
N GLU GB 117 25.15 5.51 -56.07
CA GLU GB 117 25.02 5.56 -54.63
C GLU GB 117 24.18 4.34 -54.23
N PRO GB 118 24.03 4.02 -52.94
CA PRO GB 118 23.03 3.01 -52.57
C PRO GB 118 21.61 3.47 -52.87
N SER GB 119 20.72 2.48 -52.98
CA SER GB 119 19.34 2.74 -53.38
C SER GB 119 18.58 3.47 -52.28
N THR GB 120 17.45 4.05 -52.67
CA THR GB 120 16.62 4.81 -51.74
C THR GB 120 15.96 3.93 -50.69
N ALA GB 121 15.73 2.66 -51.00
CA ALA GB 121 15.12 1.73 -50.05
C ALA GB 121 16.16 1.00 -49.19
N THR GB 122 17.43 1.34 -49.31
CA THR GB 122 18.50 0.62 -48.64
C THR GB 122 19.23 1.43 -47.58
N ILE GB 123 18.93 2.72 -47.46
CA ILE GB 123 19.66 3.57 -46.53
C ILE GB 123 19.26 3.28 -45.09
N PHE GB 131 22.39 1.46 -47.24
CA PHE GB 131 23.53 1.30 -46.35
C PHE GB 131 24.40 2.54 -46.45
N GLN GB 132 25.05 2.92 -45.36
CA GLN GB 132 25.86 4.13 -45.37
C GLN GB 132 27.16 3.90 -46.12
N VAL GB 133 27.73 5.01 -46.58
CA VAL GB 133 28.97 5.04 -47.34
C VAL GB 133 30.00 5.74 -46.46
N LEU GB 134 31.27 5.37 -46.58
CA LEU GB 134 32.32 6.19 -45.97
C LEU GB 134 33.07 7.03 -46.99
N ARG GB 135 33.77 6.40 -47.95
CA ARG GB 135 34.49 7.14 -48.99
C ARG GB 135 34.62 6.27 -50.24
N LYS GB 136 35.27 6.85 -51.26
CA LYS GB 136 35.55 6.21 -52.53
C LYS GB 136 37.03 6.35 -52.85
N PHE GB 137 37.47 5.66 -53.90
CA PHE GB 137 38.85 5.80 -54.40
C PHE GB 137 38.83 5.70 -55.93
N HIS GB 138 40.01 5.83 -56.52
CA HIS GB 138 40.18 5.75 -57.96
C HIS GB 138 41.43 4.94 -58.28
N ALA GB 139 41.39 4.24 -59.42
CA ALA GB 139 42.54 3.53 -59.96
C ALA GB 139 42.30 3.36 -61.45
N THR GB 140 43.17 3.95 -62.27
CA THR GB 140 42.97 4.01 -63.72
C THR GB 140 44.09 3.26 -64.41
N VAL GB 141 43.78 2.10 -64.98
CA VAL GB 141 44.77 1.29 -65.69
C VAL GB 141 44.40 1.23 -67.16
N VAL GB 142 45.08 2.03 -67.97
CA VAL GB 142 44.74 2.14 -69.38
C VAL GB 142 45.89 1.60 -70.24
N GLY GB 143 45.78 0.35 -70.68
CA GLY GB 143 46.83 -0.22 -71.50
C GLY GB 143 46.33 -1.00 -72.71
N GLY GB 144 46.66 -0.51 -73.91
CA GLY GB 144 46.24 -1.20 -75.12
C GLY GB 144 47.40 -1.80 -75.89
N LEU GB 145 47.78 -1.16 -76.99
CA LEU GB 145 48.91 -1.61 -77.78
C LEU GB 145 49.77 -0.40 -78.16
N TYR GB 146 50.99 -0.70 -78.61
CA TYR GB 146 51.98 0.21 -79.19
C TYR GB 146 52.50 1.29 -78.24
N CYS GB 147 52.13 1.31 -76.97
CA CYS GB 147 53.06 1.92 -76.02
C CYS GB 147 53.38 0.94 -74.88
N MET GB 148 52.44 0.27 -74.19
CA MET GB 148 51.04 0.64 -73.92
C MET GB 148 51.06 1.39 -72.58
N LYS GB 149 50.57 2.63 -72.59
CA LYS GB 149 50.88 3.49 -71.45
C LYS GB 149 49.72 3.57 -70.46
N GLU GB 150 49.62 2.50 -69.65
CA GLU GB 150 49.46 2.47 -68.19
C GLU GB 150 49.33 1.02 -67.75
N GLN GB 151 49.68 0.76 -66.50
CA GLN GB 151 49.75 -0.56 -65.88
C GLN GB 151 49.62 -0.43 -64.38
N ALA GB 152 50.13 -1.44 -63.66
CA ALA GB 152 50.05 -1.64 -62.21
C ALA GB 152 50.31 -0.36 -61.43
N LEU GB 153 49.30 0.07 -60.67
CA LEU GB 153 49.40 1.27 -59.84
C LEU GB 153 49.42 0.85 -58.38
N VAL GB 154 50.11 1.64 -57.55
CA VAL GB 154 50.19 1.33 -56.13
C VAL GB 154 49.35 2.34 -55.36
N LYS GB 155 48.51 1.84 -54.45
CA LYS GB 155 47.63 2.69 -53.66
C LYS GB 155 47.81 2.38 -52.19
N ARG GB 156 48.18 3.39 -51.40
CA ARG GB 156 48.21 3.29 -49.95
C ARG GB 156 47.35 4.41 -49.37
N PHE GB 157 46.59 4.08 -48.32
CA PHE GB 157 45.66 5.03 -47.73
C PHE GB 157 45.49 4.74 -46.24
N TYR GB 158 45.85 5.71 -45.40
CA TYR GB 158 45.27 5.78 -44.07
C TYR GB 158 43.80 6.14 -44.17
N ARG GB 159 42.96 5.49 -43.35
CA ARG GB 159 41.51 5.76 -43.40
C ARG GB 159 40.92 5.42 -42.03
N LEU GB 160 40.66 6.45 -41.22
CA LEU GB 160 40.13 6.25 -39.88
C LEU GB 160 38.64 5.92 -39.93
N ASN GB 161 38.22 5.02 -39.05
CA ASN GB 161 36.84 4.51 -39.04
C ASN GB 161 36.41 4.30 -37.59
N HIS GB 162 35.33 3.55 -37.39
CA HIS GB 162 34.71 3.45 -36.06
C HIS GB 162 34.16 2.03 -35.87
N HIS GB 163 33.28 1.88 -34.87
CA HIS GB 163 33.04 0.64 -34.15
C HIS GB 163 32.23 -0.38 -34.95
N VAL GB 164 32.40 -1.65 -34.57
CA VAL GB 164 31.76 -2.82 -35.17
C VAL GB 164 31.32 -3.74 -34.04
N THR GB 165 30.16 -4.34 -34.17
CA THR GB 165 29.66 -5.28 -33.18
C THR GB 165 29.40 -6.63 -33.85
N TYR GB 166 29.72 -7.72 -33.16
CA TYR GB 166 29.26 -9.05 -33.53
C TYR GB 166 28.07 -9.47 -32.68
N ASN GB 167 27.19 -10.27 -33.27
CA ASN GB 167 25.99 -10.72 -32.56
C ASN GB 167 26.32 -11.87 -31.61
N HIS GB 168 26.75 -13.00 -32.16
CA HIS GB 168 26.94 -14.19 -31.35
C HIS GB 168 28.27 -14.14 -30.63
N GLN GB 169 28.38 -14.96 -29.59
CA GLN GB 169 29.59 -15.10 -28.80
C GLN GB 169 30.44 -16.29 -29.28
N GLU GB 170 30.29 -16.66 -30.54
CA GLU GB 170 30.98 -17.77 -31.14
C GLU GB 170 32.41 -17.38 -31.54
N ALA GB 171 33.21 -18.39 -31.84
CA ALA GB 171 34.49 -18.18 -32.53
C ALA GB 171 34.28 -18.36 -34.04
N GLY GB 172 33.32 -17.60 -34.57
CA GLY GB 172 32.80 -17.82 -35.89
C GLY GB 172 33.26 -16.78 -36.91
N LYS GB 173 32.84 -17.02 -38.15
CA LYS GB 173 33.19 -16.21 -39.30
C LYS GB 173 32.15 -15.10 -39.48
N TYR GB 174 32.11 -14.50 -40.67
CA TYR GB 174 31.28 -13.34 -41.01
C TYR GB 174 29.77 -13.57 -40.91
N GLU GB 175 29.31 -14.80 -40.68
CA GLU GB 175 27.89 -15.10 -40.76
C GLU GB 175 27.11 -14.57 -39.56
N ASN GB 176 27.75 -14.41 -38.40
CA ASN GB 176 27.06 -14.06 -37.17
C ASN GB 176 27.16 -12.58 -36.83
N HIS GB 177 27.10 -11.71 -37.84
CA HIS GB 177 27.22 -10.27 -37.61
C HIS GB 177 25.93 -9.69 -37.02
N THR GB 178 25.98 -8.40 -36.75
CA THR GB 178 24.85 -7.59 -36.32
C THR GB 178 25.09 -6.17 -36.85
N GLU GB 179 24.44 -5.18 -36.23
CA GLU GB 179 24.57 -3.76 -36.57
C GLU GB 179 26.02 -3.31 -36.66
N ASN GB 180 26.24 -2.32 -37.54
CA ASN GB 180 27.52 -1.66 -37.80
C ASN GB 180 28.58 -2.65 -38.30
N ALA GB 181 28.27 -3.25 -39.46
CA ALA GB 181 29.27 -3.92 -40.25
C ALA GB 181 29.90 -2.94 -41.22
N LEU GB 182 30.99 -3.36 -41.85
CA LEU GB 182 31.65 -2.56 -42.89
C LEU GB 182 32.43 -3.49 -43.79
N LEU GB 183 32.42 -3.20 -45.09
CA LEU GB 183 33.00 -4.10 -46.07
C LEU GB 183 33.32 -3.29 -47.33
N LEU GB 184 33.84 -3.97 -48.35
CA LEU GB 184 34.29 -3.34 -49.58
C LEU GB 184 33.53 -3.86 -50.79
N TYR GB 185 33.40 -2.98 -51.78
CA TYR GB 185 33.00 -3.36 -53.12
C TYR GB 185 33.97 -2.74 -54.12
N MET GB 186 34.34 -3.52 -55.13
CA MET GB 186 35.19 -3.05 -56.21
C MET GB 186 34.40 -3.13 -57.51
N ALA GB 187 34.57 -2.14 -58.37
CA ALA GB 187 33.75 -2.01 -59.57
C ALA GB 187 34.62 -1.76 -60.78
N CYS GB 188 34.37 -2.51 -61.85
CA CYS GB 188 34.94 -2.25 -63.16
C CYS GB 188 33.90 -1.55 -64.03
N THR GB 189 34.38 -0.81 -65.03
CA THR GB 189 33.52 0.03 -65.84
C THR GB 189 33.44 -0.40 -67.30
N HIS GB 190 33.90 -1.60 -67.65
CA HIS GB 190 33.86 -2.08 -69.01
C HIS GB 190 33.59 -3.58 -69.03
N ALA GB 191 33.08 -4.05 -70.17
CA ALA GB 191 32.61 -5.43 -70.29
C ALA GB 191 33.73 -6.45 -70.22
N SER GB 192 34.94 -6.07 -70.63
CA SER GB 192 36.09 -6.94 -70.41
C SER GB 192 36.45 -6.98 -68.93
N ASN GB 193 37.25 -7.97 -68.56
CA ASN GB 193 37.72 -8.05 -67.18
C ASN GB 193 39.24 -8.05 -67.12
N PRO GB 194 39.91 -6.91 -67.28
CA PRO GB 194 41.37 -6.91 -67.21
C PRO GB 194 41.91 -6.85 -65.80
N VAL GB 195 41.11 -6.39 -64.84
CA VAL GB 195 41.59 -5.95 -63.54
C VAL GB 195 41.94 -7.17 -62.69
N TYR GB 196 43.23 -7.31 -62.39
CA TYR GB 196 43.71 -8.25 -61.39
C TYR GB 196 44.23 -7.47 -60.19
N ALA GB 197 43.31 -7.15 -59.28
CA ALA GB 197 43.59 -6.29 -58.15
C ALA GB 197 43.82 -7.12 -56.90
N THR GB 198 45.04 -7.08 -56.38
CA THR GB 198 45.38 -7.77 -55.14
C THR GB 198 45.71 -6.71 -54.08
N LEU GB 199 45.04 -6.80 -52.94
CA LEU GB 199 45.07 -5.75 -51.95
C LEU GB 199 45.41 -6.32 -50.58
N LYS GB 200 46.29 -5.62 -49.88
CA LYS GB 200 46.61 -5.92 -48.49
C LYS GB 200 45.91 -4.92 -47.59
N ILE GB 201 45.04 -5.42 -46.71
CA ILE GB 201 44.11 -4.58 -45.97
C ILE GB 201 44.39 -4.80 -44.49
N ARG GB 202 45.14 -3.88 -43.88
CA ARG GB 202 45.37 -3.94 -42.44
C ARG GB 202 44.25 -3.25 -41.69
N ILE GB 203 43.68 -3.94 -40.70
CA ILE GB 203 42.86 -3.32 -39.68
C ILE GB 203 43.55 -3.53 -38.35
N TYR GB 204 43.96 -2.44 -37.70
CA TYR GB 204 44.44 -2.51 -36.34
C TYR GB 204 43.52 -1.68 -35.45
N PHE GB 205 43.17 -2.25 -34.29
CA PHE GB 205 42.09 -1.73 -33.48
C PHE GB 205 42.31 -2.05 -32.00
N PRO HB 16 -97.90 -79.30 6.60
CA PRO HB 16 -97.75 -77.96 6.03
C PRO HB 16 -98.84 -76.99 6.46
N ASP HB 17 -99.78 -77.46 7.29
CA ASP HB 17 -100.93 -76.66 7.69
C ASP HB 17 -100.99 -76.47 9.20
N ILE HB 18 -100.73 -77.52 9.98
CA ILE HB 18 -101.01 -77.56 11.42
C ILE HB 18 -99.74 -77.40 12.24
N PRO HB 19 -99.80 -76.74 13.39
CA PRO HB 19 -98.62 -76.63 14.26
C PRO HB 19 -98.55 -77.64 15.40
N ARG HB 20 -99.53 -78.54 15.54
CA ARG HB 20 -99.64 -79.36 16.75
C ARG HB 20 -99.31 -80.83 16.53
N GLY HB 21 -100.02 -81.51 15.63
CA GLY HB 21 -99.87 -82.93 15.46
C GLY HB 21 -100.42 -83.42 14.13
N CYS HB 22 -99.86 -84.52 13.65
CA CYS HB 22 -100.07 -85.01 12.29
C CYS HB 22 -101.39 -85.76 12.11
N GLU HB 23 -102.34 -85.60 13.02
CA GLU HB 23 -103.69 -86.09 12.81
C GLU HB 23 -104.35 -85.35 11.66
N GLY HB 24 -105.37 -85.98 11.08
CA GLY HB 24 -106.17 -85.33 10.07
C GLY HB 24 -106.97 -84.19 10.66
N PRO HB 25 -107.08 -83.08 9.92
CA PRO HB 25 -107.86 -81.95 10.42
C PRO HB 25 -109.35 -82.24 10.43
N CYS HB 26 -109.79 -82.96 11.45
CA CYS HB 26 -111.13 -83.50 11.48
C CYS HB 26 -112.18 -82.43 11.75
N LYS HB 27 -113.29 -82.51 11.03
CA LYS HB 27 -114.36 -81.54 11.15
C LYS HB 27 -115.33 -81.96 12.24
N VAL HB 28 -115.68 -81.01 13.11
CA VAL HB 28 -116.77 -81.17 14.06
C VAL HB 28 -117.67 -79.96 13.88
N GLN HB 29 -118.82 -80.16 13.25
CA GLN HB 29 -119.68 -79.06 12.85
C GLN HB 29 -120.85 -78.92 13.82
N SER HB 30 -121.01 -77.72 14.35
CA SER HB 30 -122.10 -77.39 15.26
C SER HB 30 -123.15 -76.66 14.44
N PHE HB 31 -123.96 -77.42 13.71
CA PHE HB 31 -125.10 -76.82 13.03
C PHE HB 31 -126.16 -76.43 14.05
N GLU HB 32 -126.78 -75.29 13.81
CA GLU HB 32 -127.96 -74.89 14.56
C GLU HB 32 -129.10 -74.60 13.60
N GLN HB 33 -130.30 -74.94 14.03
CA GLN HB 33 -131.53 -74.44 13.41
C GLN HB 33 -132.27 -73.79 14.56
N ARG HB 34 -131.89 -72.54 14.85
CA ARG HB 34 -132.29 -71.86 16.07
C ARG HB 34 -132.69 -70.42 15.78
N ASP HB 35 -132.84 -69.64 16.85
CA ASP HB 35 -133.04 -68.21 16.78
C ASP HB 35 -132.38 -67.60 18.01
N ASP HB 36 -132.74 -66.36 18.32
CA ASP HB 36 -132.25 -65.72 19.53
C ASP HB 36 -133.38 -64.89 20.13
N VAL HB 37 -133.03 -64.15 21.17
CA VAL HB 37 -133.89 -63.10 21.71
C VAL HB 37 -133.09 -61.81 21.59
N LYS HB 38 -133.63 -60.70 22.11
CA LYS HB 38 -132.87 -59.46 22.09
C LYS HB 38 -131.61 -59.55 22.94
N HIS HB 39 -131.70 -60.20 24.10
CA HIS HB 39 -130.59 -60.19 25.05
C HIS HB 39 -129.47 -61.14 24.62
N LEU HB 40 -129.82 -62.37 24.26
CA LEU HB 40 -128.78 -63.37 24.12
C LEU HB 40 -129.17 -64.46 23.13
N GLY HB 41 -128.18 -64.86 22.33
CA GLY HB 41 -128.20 -66.16 21.70
C GLY HB 41 -126.90 -66.86 22.06
N ILE HB 42 -126.97 -67.90 22.86
CA ILE HB 42 -125.78 -68.50 23.44
C ILE HB 42 -125.46 -69.81 22.72
N CYS HB 43 -124.19 -69.97 22.36
CA CYS HB 43 -123.74 -71.15 21.64
C CYS HB 43 -122.32 -71.46 22.08
N LYS HB 44 -122.16 -72.44 22.98
CA LYS HB 44 -120.86 -73.06 23.15
C LYS HB 44 -120.59 -73.95 21.95
N VAL HB 45 -119.59 -73.58 21.16
CA VAL HB 45 -119.37 -74.21 19.87
C VAL HB 45 -118.58 -75.51 20.05
N ILE HB 46 -117.92 -75.68 21.19
CA ILE HB 46 -117.06 -76.82 21.43
C ILE HB 46 -117.78 -77.87 22.29
N SER HB 47 -119.11 -77.85 22.26
CA SER HB 47 -119.91 -78.55 23.27
C SER HB 47 -119.91 -80.05 23.05
N ASP HB 48 -120.38 -80.50 21.89
CA ASP HB 48 -120.63 -81.91 21.63
C ASP HB 48 -119.39 -82.70 21.24
N VAL HB 49 -118.19 -82.22 21.56
CA VAL HB 49 -116.96 -82.90 21.16
C VAL HB 49 -116.59 -83.88 22.28
N THR HB 50 -116.91 -85.15 22.10
CA THR HB 50 -116.63 -86.20 23.07
C THR HB 50 -115.51 -87.09 22.56
N ARG HB 51 -114.97 -87.91 23.45
CA ARG HB 51 -113.93 -88.87 23.06
C ARG HB 51 -114.54 -90.01 22.25
N GLY HB 52 -113.93 -90.30 21.09
CA GLY HB 52 -114.38 -91.37 20.25
C GLY HB 52 -113.46 -91.56 19.06
N PRO HB 53 -113.61 -92.68 18.35
CA PRO HB 53 -112.73 -92.94 17.21
C PRO HB 53 -113.12 -92.18 15.95
N GLY HB 54 -114.35 -91.69 15.85
CA GLY HB 54 -114.79 -91.01 14.65
C GLY HB 54 -114.19 -89.61 14.51
N LEU HB 55 -114.39 -89.03 13.33
CA LEU HB 55 -113.88 -87.70 13.06
C LEU HB 55 -114.76 -86.60 13.60
N THR HB 56 -115.95 -86.93 14.12
CA THR HB 56 -116.76 -85.99 14.88
C THR HB 56 -116.46 -86.08 16.38
N HIS HB 57 -115.23 -86.48 16.73
CA HIS HB 57 -114.85 -86.76 18.10
C HIS HB 57 -113.45 -86.21 18.34
N ARG HB 58 -112.85 -86.62 19.44
CA ARG HB 58 -111.56 -86.08 19.86
C ARG HB 58 -110.68 -87.18 20.43
N VAL HB 59 -109.38 -86.92 20.42
CA VAL HB 59 -108.38 -87.80 21.02
C VAL HB 59 -107.68 -87.01 22.13
N GLY HB 60 -107.92 -87.42 23.37
CA GLY HB 60 -107.35 -86.74 24.51
C GLY HB 60 -108.17 -85.55 24.98
N LYS HB 61 -107.48 -84.49 25.42
CA LYS HB 61 -108.17 -83.31 25.93
C LYS HB 61 -107.49 -82.02 25.47
N ARG HB 62 -106.73 -82.08 24.37
CA ARG HB 62 -106.00 -80.92 23.86
C ARG HB 62 -106.43 -80.63 22.44
N PHE HB 63 -106.83 -79.38 22.20
CA PHE HB 63 -107.23 -78.92 20.88
C PHE HB 63 -106.28 -77.82 20.40
N CYS HB 64 -106.21 -77.67 19.08
CA CYS HB 64 -105.70 -76.45 18.45
C CYS HB 64 -106.64 -76.20 17.27
N ILE HB 65 -107.66 -75.37 17.51
CA ILE HB 65 -108.64 -75.05 16.46
C ILE HB 65 -107.95 -74.24 15.37
N LYS HB 66 -107.88 -74.81 14.17
CA LYS HB 66 -107.26 -74.12 13.05
C LYS HB 66 -108.11 -72.95 12.58
N SER HB 67 -109.39 -73.22 12.27
CA SER HB 67 -110.26 -72.15 11.83
C SER HB 67 -111.71 -72.49 12.13
N ILE HB 68 -112.48 -71.45 12.43
CA ILE HB 68 -113.93 -71.54 12.51
C ILE HB 68 -114.49 -70.98 11.20
N TYR HB 69 -115.31 -71.80 10.53
CA TYR HB 69 -115.91 -71.44 9.26
C TYR HB 69 -117.41 -71.26 9.47
N ILE HB 70 -117.87 -70.02 9.50
CA ILE HB 70 -119.24 -69.70 9.85
C ILE HB 70 -120.04 -69.52 8.56
N LEU HB 71 -120.91 -70.48 8.28
CA LEU HB 71 -122.00 -70.28 7.33
C LEU HB 71 -123.24 -69.83 8.09
N GLY HB 72 -124.21 -69.33 7.34
CA GLY HB 72 -125.45 -68.95 7.99
C GLY HB 72 -126.35 -68.05 7.17
N LYS HB 73 -127.65 -68.29 7.24
CA LYS HB 73 -128.66 -67.44 6.65
C LYS HB 73 -129.53 -66.85 7.75
N ILE HB 74 -129.64 -65.53 7.77
CA ILE HB 74 -130.29 -64.80 8.85
C ILE HB 74 -131.50 -64.10 8.26
N TRP HB 75 -132.69 -64.60 8.59
CA TRP HB 75 -133.90 -64.07 7.98
C TRP HB 75 -134.89 -63.63 9.04
N LEU HB 76 -136.00 -63.08 8.54
CA LEU HB 76 -137.22 -62.85 9.31
C LEU HB 76 -138.46 -63.21 8.50
N ASP HB 77 -138.35 -64.14 7.55
CA ASP HB 77 -139.34 -64.32 6.50
C ASP HB 77 -140.51 -65.20 6.96
N GLU HB 78 -140.72 -65.31 8.27
CA GLU HB 78 -141.99 -65.75 8.81
C GLU HB 78 -143.06 -64.73 8.42
N THR HB 79 -144.33 -65.17 8.37
CA THR HB 79 -145.43 -64.31 7.94
C THR HB 79 -145.76 -63.18 8.92
N ILE HB 80 -145.10 -63.16 10.09
CA ILE HB 80 -145.29 -62.12 11.10
C ILE HB 80 -143.94 -61.42 11.15
N LYS HB 81 -143.78 -60.44 12.04
CA LYS HB 81 -142.58 -59.63 12.26
C LYS HB 81 -142.24 -58.76 11.05
N LYS HB 82 -143.27 -58.28 10.36
CA LYS HB 82 -143.14 -57.15 9.46
C LYS HB 82 -143.34 -55.82 10.16
N GLN HB 83 -144.14 -55.76 11.22
CA GLN HB 83 -144.17 -54.60 12.11
C GLN HB 83 -143.05 -54.71 13.12
N ASN HB 84 -142.78 -53.59 13.82
CA ASN HB 84 -141.69 -53.41 14.79
C ASN HB 84 -140.35 -53.76 14.15
N HIS HB 85 -140.17 -53.32 12.92
CA HIS HB 85 -139.14 -53.83 12.03
C HIS HB 85 -137.83 -53.05 12.08
N THR HB 86 -136.96 -53.32 11.09
CA THR HB 86 -135.60 -52.78 10.93
C THR HB 86 -134.68 -53.09 12.10
N ASN HB 87 -134.35 -54.36 12.29
CA ASN HB 87 -133.38 -54.79 13.29
C ASN HB 87 -132.13 -55.31 12.59
N ASN HB 88 -131.01 -55.30 13.30
CA ASN HB 88 -129.77 -55.83 12.77
C ASN HB 88 -129.11 -56.75 13.80
N VAL HB 89 -128.19 -57.58 13.31
CA VAL HB 89 -127.55 -58.63 14.11
C VAL HB 89 -126.07 -58.31 14.24
N ILE HB 90 -125.57 -58.26 15.46
CA ILE HB 90 -124.14 -58.12 15.72
C ILE HB 90 -123.65 -59.43 16.30
N PHE HB 91 -122.64 -60.02 15.66
CA PHE HB 91 -122.08 -61.27 16.16
C PHE HB 91 -120.90 -61.01 17.08
N TYR HB 92 -120.66 -61.95 17.98
CA TYR HB 92 -119.58 -61.85 18.95
C TYR HB 92 -118.92 -63.21 19.07
N LEU HB 93 -117.63 -63.27 18.76
CA LEU HB 93 -116.86 -64.50 18.86
C LEU HB 93 -115.76 -64.23 19.89
N LEU HB 94 -115.92 -64.80 21.10
CA LEU HB 94 -115.10 -64.42 22.24
C LEU HB 94 -114.11 -65.53 22.56
N ARG HB 95 -112.90 -65.13 22.97
CA ARG HB 95 -111.95 -66.07 23.55
C ARG HB 95 -112.16 -66.08 25.05
N ASP HB 96 -112.70 -67.18 25.57
CA ASP HB 96 -113.00 -67.31 27.00
C ASP HB 96 -111.76 -67.76 27.76
N ARG HB 97 -111.71 -67.39 29.03
CA ARG HB 97 -110.56 -67.71 29.88
C ARG HB 97 -110.84 -68.81 30.89
N ARG HB 98 -112.08 -68.98 31.35
CA ARG HB 98 -112.40 -69.97 32.37
C ARG HB 98 -113.88 -70.34 32.24
N PRO HB 99 -114.24 -71.59 32.54
CA PRO HB 99 -115.66 -71.96 32.53
C PRO HB 99 -116.29 -71.91 33.92
N TYR HB 100 -117.62 -71.95 33.97
CA TYR HB 100 -118.36 -72.26 35.20
C TYR HB 100 -119.52 -73.17 34.81
N GLY HB 101 -119.26 -74.48 34.77
CA GLY HB 101 -120.27 -75.46 34.44
C GLY HB 101 -120.86 -75.28 33.05
N ASN HB 102 -122.10 -74.80 33.01
CA ASN HB 102 -122.77 -74.46 31.77
C ASN HB 102 -122.31 -73.08 31.27
N ALA HB 103 -123.04 -72.54 30.29
CA ALA HB 103 -122.67 -71.24 29.74
C ALA HB 103 -123.09 -70.13 30.70
N PRO HB 104 -122.27 -69.09 30.85
CA PRO HB 104 -122.64 -67.97 31.73
C PRO HB 104 -123.66 -67.04 31.09
N GLN HB 105 -123.96 -65.94 31.78
CA GLN HB 105 -124.88 -64.94 31.27
C GLN HB 105 -124.27 -64.18 30.10
N ASP HB 106 -125.11 -63.42 29.40
CA ASP HB 106 -124.62 -62.47 28.41
C ASP HB 106 -124.73 -61.04 28.90
N PHE HB 107 -125.94 -60.58 29.23
CA PHE HB 107 -126.16 -59.18 29.60
C PHE HB 107 -125.55 -58.88 30.96
N GLY HB 108 -125.44 -59.87 31.82
CA GLY HB 108 -124.71 -59.73 33.06
C GLY HB 108 -123.22 -59.99 32.95
N GLN HB 109 -122.73 -60.30 31.75
CA GLN HB 109 -121.31 -60.55 31.54
C GLN HB 109 -120.66 -59.49 30.65
N ILE HB 110 -121.18 -59.26 29.45
CA ILE HB 110 -120.74 -58.09 28.71
C ILE HB 110 -121.43 -56.85 29.28
N PHE HB 111 -120.84 -55.69 29.02
CA PHE HB 111 -121.01 -54.56 29.93
C PHE HB 111 -122.35 -53.84 29.74
N ASN HB 112 -122.59 -53.27 28.56
CA ASN HB 112 -123.69 -52.31 28.43
C ASN HB 112 -124.65 -52.82 27.37
N MET HB 113 -125.64 -51.99 27.04
CA MET HB 113 -126.77 -52.40 26.20
C MET HB 113 -126.38 -52.41 24.71
N PHE HB 114 -125.95 -53.60 24.27
CA PHE HB 114 -125.98 -54.13 22.91
C PHE HB 114 -124.96 -53.49 21.97
N ASP HB 115 -124.25 -52.45 22.40
CA ASP HB 115 -123.08 -51.92 21.71
C ASP HB 115 -122.00 -51.72 22.75
N ASN HB 116 -121.19 -52.75 22.98
CA ASN HB 116 -120.38 -52.78 24.18
C ASN HB 116 -119.16 -53.67 23.99
N GLU HB 117 -118.51 -53.95 25.12
CA GLU HB 117 -117.34 -54.78 25.31
C GLU HB 117 -117.59 -55.61 26.56
N PRO HB 118 -116.76 -56.59 26.90
CA PRO HB 118 -116.88 -57.21 28.22
C PRO HB 118 -116.57 -56.24 29.35
N SER HB 119 -117.09 -56.55 30.54
CA SER HB 119 -116.98 -55.68 31.69
C SER HB 119 -115.54 -55.61 32.19
N THR HB 120 -115.28 -54.58 33.00
CA THR HB 120 -113.94 -54.35 33.53
C THR HB 120 -113.52 -55.42 34.54
N ALA HB 121 -114.48 -56.04 35.22
CA ALA HB 121 -114.18 -57.09 36.18
C ALA HB 121 -114.15 -58.49 35.56
N THR HB 122 -114.29 -58.59 34.24
CA THR HB 122 -114.41 -59.88 33.58
C THR HB 122 -113.24 -60.21 32.65
N ILE HB 123 -112.31 -59.27 32.44
CA ILE HB 123 -111.21 -59.49 31.51
C ILE HB 123 -110.19 -60.47 32.09
N PHE HB 131 -113.56 -61.44 29.74
CA PHE HB 131 -113.18 -62.48 28.80
C PHE HB 131 -112.68 -61.83 27.52
N GLN HB 132 -111.72 -62.47 26.85
CA GLN HB 132 -111.16 -61.87 25.65
C GLN HB 132 -112.13 -61.99 24.48
N VAL HB 133 -111.93 -61.10 23.51
CA VAL HB 133 -112.74 -61.01 22.30
C VAL HB 133 -111.84 -61.41 21.15
N LEU HB 134 -112.40 -62.01 20.10
CA LEU HB 134 -111.63 -62.16 18.87
C LEU HB 134 -112.06 -61.17 17.79
N ARG HB 135 -113.31 -61.26 17.31
CA ARG HB 135 -113.81 -60.32 16.30
C ARG HB 135 -115.33 -60.19 16.43
N LYS HB 136 -115.90 -59.36 15.55
CA LYS HB 136 -117.32 -59.10 15.45
C LYS HB 136 -117.77 -59.29 14.02
N PHE HB 137 -119.09 -59.26 13.80
CA PHE HB 137 -119.65 -59.30 12.45
C PHE HB 137 -120.89 -58.41 12.40
N HIS HB 138 -121.50 -58.33 11.21
CA HIS HB 138 -122.71 -57.55 11.00
C HIS HB 138 -123.68 -58.32 10.13
N ALA HB 139 -124.97 -58.08 10.36
CA ALA HB 139 -126.04 -58.64 9.53
C ALA HB 139 -127.25 -57.74 9.72
N THR HB 140 -127.69 -57.09 8.65
CA THR HB 140 -128.75 -56.08 8.72
C THR HB 140 -129.95 -56.54 7.91
N VAL HB 141 -131.03 -56.91 8.60
CA VAL HB 141 -132.25 -57.36 7.95
C VAL HB 141 -133.37 -56.36 8.22
N VAL HB 142 -133.64 -55.50 7.23
CA VAL HB 142 -134.61 -54.43 7.41
C VAL HB 142 -135.82 -54.65 6.51
N GLY HB 143 -136.89 -55.22 7.05
CA GLY HB 143 -138.08 -55.45 6.25
C GLY HB 143 -139.37 -55.08 6.92
N GLY HB 144 -140.08 -54.10 6.36
CA GLY HB 144 -141.35 -53.69 6.93
C GLY HB 144 -142.53 -54.00 6.03
N LEU HB 145 -143.07 -52.99 5.36
CA LEU HB 145 -144.18 -53.19 4.43
C LEU HB 145 -143.90 -52.38 3.17
N TYR HB 146 -144.66 -52.70 2.13
CA TYR HB 146 -144.76 -52.02 0.83
C TYR HB 146 -143.47 -52.03 0.01
N CYS HB 147 -142.40 -52.68 0.42
CA CYS HB 147 -141.48 -53.16 -0.60
C CYS HB 147 -141.24 -54.67 -0.47
N MET HB 148 -140.93 -55.27 0.70
CA MET HB 148 -140.24 -54.71 1.88
C MET HB 148 -138.74 -55.03 1.66
N LYS HB 149 -137.90 -53.99 1.64
CA LYS HB 149 -136.57 -54.20 1.11
C LYS HB 149 -135.53 -54.39 2.21
N GLU HB 150 -135.52 -55.61 2.76
CA GLU HB 150 -134.39 -56.51 3.01
C GLU HB 150 -134.88 -57.76 3.70
N GLN HB 151 -134.13 -58.84 3.55
CA GLN HB 151 -134.47 -60.18 4.02
C GLN HB 151 -133.19 -60.99 4.19
N ALA HB 152 -133.35 -62.31 4.15
CA ALA HB 152 -132.33 -63.34 4.37
C ALA HB 152 -131.00 -63.02 3.70
N LEU HB 153 -129.96 -62.85 4.53
CA LEU HB 153 -128.61 -62.56 4.04
C LEU HB 153 -127.72 -63.78 4.27
N VAL HB 154 -126.75 -63.97 3.39
CA VAL HB 154 -125.84 -65.10 3.52
C VAL HB 154 -124.48 -64.60 3.96
N LYS HB 155 -123.91 -65.25 4.99
CA LYS HB 155 -122.62 -64.85 5.53
C LYS HB 155 -121.70 -66.06 5.58
N ARG HB 156 -120.55 -65.97 4.90
CA ARG HB 156 -119.49 -66.95 5.00
C ARG HB 156 -118.21 -66.24 5.42
N PHE HB 157 -117.44 -66.87 6.31
CA PHE HB 157 -116.23 -66.26 6.86
C PHE HB 157 -115.22 -67.35 7.22
N TYR HB 158 -114.05 -67.31 6.58
CA TYR HB 158 -112.86 -67.91 7.16
C TYR HB 158 -112.45 -67.11 8.39
N ARG HB 159 -112.05 -67.80 9.46
CA ARG HB 159 -111.64 -67.11 10.68
C ARG HB 159 -110.67 -68.02 11.44
N LEU HB 160 -109.38 -67.71 11.36
CA LEU HB 160 -108.35 -68.51 12.00
C LEU HB 160 -108.30 -68.22 13.50
N ASN HB 161 -108.08 -69.27 14.28
CA ASN HB 161 -108.12 -69.18 15.75
C ASN HB 161 -107.03 -70.10 16.32
N HIS HB 162 -107.12 -70.40 17.61
CA HIS HB 162 -106.04 -71.10 18.31
C HIS HB 162 -106.63 -72.04 19.36
N HIS HB 163 -105.79 -72.48 20.29
CA HIS HB 163 -105.92 -73.74 21.03
C HIS HB 163 -107.00 -73.68 22.11
N VAL HB 164 -107.50 -74.88 22.45
CA VAL HB 164 -108.56 -75.11 23.45
C VAL HB 164 -108.14 -76.33 24.27
N THR HB 165 -108.41 -76.31 25.57
CA THR HB 165 -108.11 -77.44 26.45
C THR HB 165 -109.40 -77.88 27.15
N TYR HB 166 -109.59 -79.19 27.28
CA TYR HB 166 -110.59 -79.75 28.18
C TYR HB 166 -109.97 -80.20 29.49
N ASN HB 167 -110.74 -80.12 30.56
CA ASN HB 167 -110.24 -80.49 31.89
C ASN HB 167 -110.26 -82.01 32.07
N HIS HB 168 -111.46 -82.60 32.04
CA HIS HB 168 -111.59 -84.01 32.36
C HIS HB 168 -111.25 -84.87 31.15
N GLN HB 169 -110.96 -86.13 31.41
CA GLN HB 169 -110.66 -87.12 30.38
C GLN HB 169 -111.90 -87.93 30.00
N GLU HB 170 -113.08 -87.34 30.20
CA GLU HB 170 -114.35 -87.97 29.93
C GLU HB 170 -114.68 -87.91 28.44
N ALA HB 171 -115.68 -88.69 28.05
CA ALA HB 171 -116.32 -88.52 26.74
C ALA HB 171 -117.56 -87.63 26.91
N GLY HB 172 -117.33 -86.45 27.48
CA GLY HB 172 -118.39 -85.59 27.97
C GLY HB 172 -118.64 -84.37 27.10
N LYS HB 173 -119.66 -83.63 27.50
CA LYS HB 173 -120.13 -82.44 26.80
C LYS HB 173 -119.41 -81.21 27.35
N TYR HB 174 -119.95 -80.02 27.08
CA TYR HB 174 -119.35 -78.73 27.41
C TYR HB 174 -119.13 -78.47 28.90
N GLU HB 175 -119.62 -79.34 29.80
CA GLU HB 175 -119.60 -79.03 31.22
C GLU HB 175 -118.20 -79.16 31.82
N ASN HB 176 -117.34 -79.99 31.24
CA ASN HB 176 -116.03 -80.30 31.83
C ASN HB 176 -114.88 -79.49 31.21
N HIS HB 177 -115.13 -78.23 30.88
CA HIS HB 177 -114.11 -77.38 30.27
C HIS HB 177 -113.06 -76.93 31.29
N THR HB 178 -112.07 -76.21 30.78
CA THR HB 178 -111.04 -75.53 31.56
C THR HB 178 -110.64 -74.28 30.78
N GLU HB 179 -109.44 -73.77 31.06
CA GLU HB 179 -108.88 -72.58 30.40
C GLU HB 179 -108.94 -72.68 28.88
N ASN HB 180 -109.05 -71.50 28.26
CA ASN HB 180 -109.10 -71.29 26.80
C ASN HB 180 -110.29 -72.01 26.16
N ALA HB 181 -111.46 -71.57 26.56
CA ALA HB 181 -112.68 -71.89 25.84
C ALA HB 181 -112.97 -70.79 24.82
N LEU HB 182 -113.92 -71.05 23.93
CA LEU HB 182 -114.36 -70.05 22.97
C LEU HB 182 -115.78 -70.41 22.52
N LEU HB 183 -116.61 -69.38 22.36
CA LEU HB 183 -118.02 -69.58 22.09
C LEU HB 183 -118.57 -68.33 21.42
N LEU HB 184 -119.87 -68.35 21.13
CA LEU HB 184 -120.53 -67.28 20.39
C LEU HB 184 -121.64 -66.63 21.22
N TYR HB 185 -121.85 -65.35 20.95
CA TYR HB 185 -123.05 -64.65 21.37
C TYR HB 185 -123.63 -63.91 20.18
N MET HB 186 -124.95 -63.95 20.06
CA MET HB 186 -125.68 -63.21 19.03
C MET HB 186 -126.58 -62.19 19.71
N ALA HB 187 -126.69 -61.00 19.12
CA ALA HB 187 -127.38 -59.90 19.77
C ALA HB 187 -128.34 -59.24 18.78
N CYS HB 188 -129.57 -59.02 19.23
CA CYS HB 188 -130.54 -58.21 18.52
C CYS HB 188 -130.60 -56.83 19.17
N THR HB 189 -131.03 -55.83 18.38
CA THR HB 189 -130.98 -54.44 18.82
C THR HB 189 -132.36 -53.81 18.95
N HIS HB 190 -133.44 -54.59 18.96
CA HIS HB 190 -134.78 -54.05 19.09
C HIS HB 190 -135.64 -55.02 19.90
N ALA HB 191 -136.71 -54.47 20.48
CA ALA HB 191 -137.54 -55.21 21.42
C ALA HB 191 -138.32 -56.34 20.78
N SER HB 192 -138.63 -56.23 19.48
CA SER HB 192 -139.20 -57.34 18.75
C SER HB 192 -138.15 -58.42 18.53
N ASN HB 193 -138.62 -59.62 18.20
CA ASN HB 193 -137.67 -60.69 17.88
C ASN HB 193 -137.93 -61.23 16.47
N PRO HB 194 -137.49 -60.54 15.41
CA PRO HB 194 -137.71 -61.07 14.07
C PRO HB 194 -136.68 -62.09 13.63
N VAL HB 195 -135.51 -62.10 14.28
CA VAL HB 195 -134.33 -62.77 13.74
C VAL HB 195 -134.47 -64.28 13.92
N TYR HB 196 -134.56 -64.99 12.81
CA TYR HB 196 -134.45 -66.45 12.78
C TYR HB 196 -133.15 -66.80 12.08
N ALA HB 197 -132.07 -66.85 12.87
CA ALA HB 197 -130.73 -67.05 12.36
C ALA HB 197 -130.30 -68.50 12.54
N THR HB 198 -130.11 -69.20 11.42
CA THR HB 198 -129.62 -70.56 11.44
C THR HB 198 -128.24 -70.60 10.81
N LEU HB 199 -127.27 -71.15 11.53
CA LEU HB 199 -125.87 -71.04 11.18
C LEU HB 199 -125.22 -72.41 11.16
N LYS HB 200 -124.42 -72.65 10.13
CA LYS HB 200 -123.59 -73.84 10.03
C LYS HB 200 -122.15 -73.46 10.36
N ILE HB 201 -121.61 -74.08 11.41
CA ILE HB 201 -120.35 -73.65 12.00
C ILE HB 201 -119.38 -74.83 11.91
N ARG HB 202 -118.50 -74.81 10.92
CA ARG HB 202 -117.46 -75.83 10.82
C ARG HB 202 -116.24 -75.44 11.64
N ILE HB 203 -115.79 -76.35 12.49
CA ILE HB 203 -114.47 -76.28 13.09
C ILE HB 203 -113.70 -77.50 12.60
N TYR HB 204 -112.62 -77.27 11.87
CA TYR HB 204 -111.69 -78.34 11.53
C TYR HB 204 -110.33 -78.00 12.13
N PHE HB 205 -109.70 -79.02 12.73
CA PHE HB 205 -108.55 -78.81 13.59
C PHE HB 205 -107.64 -80.03 13.60
N PRO IB 16 -77.32 -13.02 9.91
CA PRO IB 16 -76.33 -13.46 10.89
C PRO IB 16 -76.79 -13.25 12.33
N ASP IB 17 -77.99 -12.72 12.52
CA ASP IB 17 -78.50 -12.38 13.85
C ASP IB 17 -79.78 -13.13 14.18
N ILE IB 18 -80.71 -13.23 13.23
CA ILE IB 18 -82.07 -13.69 13.48
C ILE IB 18 -82.29 -15.12 13.01
N PRO IB 19 -83.12 -15.91 13.70
CA PRO IB 19 -83.41 -17.28 13.25
C PRO IB 19 -84.71 -17.42 12.48
N ARG IB 20 -85.47 -16.35 12.25
CA ARG IB 20 -86.84 -16.48 11.75
C ARG IB 20 -87.02 -15.99 10.32
N GLY IB 21 -86.70 -14.71 10.04
CA GLY IB 21 -86.98 -14.13 8.76
C GLY IB 21 -86.17 -12.87 8.52
N CYS IB 22 -85.90 -12.59 7.24
CA CYS IB 22 -84.95 -11.57 6.83
C CYS IB 22 -85.50 -10.14 6.89
N GLU IB 23 -86.60 -9.92 7.62
CA GLU IB 23 -87.05 -8.57 7.92
C GLU IB 23 -86.03 -7.85 8.79
N GLY IB 24 -86.09 -6.51 8.75
CA GLY IB 24 -85.29 -5.70 9.63
C GLY IB 24 -85.71 -5.88 11.07
N PRO IB 25 -84.74 -5.93 11.99
CA PRO IB 25 -85.08 -6.07 13.41
C PRO IB 25 -85.71 -4.81 13.97
N CYS IB 26 -87.01 -4.64 13.70
CA CYS IB 26 -87.69 -3.39 13.95
C CYS IB 26 -87.95 -3.19 15.45
N LYS IB 27 -87.74 -1.97 15.91
CA LYS IB 27 -87.90 -1.63 17.31
C LYS IB 27 -89.34 -1.22 17.60
N VAL IB 28 -89.92 -1.78 18.65
CA VAL IB 28 -91.19 -1.33 19.20
C VAL IB 28 -90.97 -1.09 20.68
N GLN IB 29 -90.88 0.17 21.07
CA GLN IB 29 -90.48 0.54 22.41
C GLN IB 29 -91.70 0.91 23.25
N SER IB 30 -91.75 0.36 24.47
CA SER IB 30 -92.81 0.63 25.44
C SER IB 30 -92.18 1.49 26.53
N PHE IB 31 -92.08 2.80 26.25
CA PHE IB 31 -91.66 3.72 27.28
C PHE IB 31 -92.77 3.89 28.30
N GLU IB 32 -92.39 3.98 29.56
CA GLU IB 32 -93.30 4.36 30.62
C GLU IB 32 -92.74 5.57 31.37
N GLN IB 33 -93.64 6.43 31.80
CA GLN IB 33 -93.35 7.46 32.80
C GLN IB 33 -94.38 7.20 33.89
N ARG IB 34 -94.06 6.23 34.75
CA ARG IB 34 -95.04 5.67 35.68
C ARG IB 34 -94.43 5.48 37.06
N ASP IB 35 -95.15 4.75 37.90
CA ASP IB 35 -94.66 4.31 39.19
C ASP IB 35 -95.31 2.97 39.49
N ASP IB 36 -95.27 2.56 40.75
CA ASP IB 36 -95.95 1.34 41.16
C ASP IB 36 -96.57 1.56 42.53
N VAL IB 37 -97.11 0.49 43.08
CA VAL IB 37 -97.52 0.44 44.49
C VAL IB 37 -96.69 -0.68 45.11
N LYS IB 38 -96.96 -1.00 46.38
CA LYS IB 38 -96.25 -2.12 47.00
C LYS IB 38 -96.60 -3.44 46.34
N HIS IB 39 -97.88 -3.63 45.99
CA HIS IB 39 -98.33 -4.92 45.50
C HIS IB 39 -97.91 -5.17 44.05
N LEU IB 40 -98.14 -4.19 43.18
CA LEU IB 40 -98.01 -4.49 41.76
C LEU IB 40 -97.64 -3.26 40.96
N GLY IB 41 -96.75 -3.47 39.99
CA GLY IB 41 -96.65 -2.59 38.84
C GLY IB 41 -96.77 -3.45 37.61
N ILE IB 42 -97.86 -3.32 36.86
CA ILE IB 42 -98.16 -4.24 35.79
C ILE IB 42 -97.88 -3.58 34.44
N CYS IB 43 -97.18 -4.32 33.58
CA CYS IB 43 -96.81 -3.80 32.26
C CYS IB 43 -96.83 -4.97 31.28
N LYS IB 44 -97.91 -5.08 30.50
CA LYS IB 44 -97.83 -5.89 29.29
C LYS IB 44 -96.99 -5.15 28.26
N VAL IB 45 -95.86 -5.71 27.91
CA VAL IB 45 -94.88 -5.00 27.09
C VAL IB 45 -95.21 -5.13 25.61
N ILE IB 46 -96.04 -6.10 25.25
CA ILE IB 46 -96.36 -6.39 23.87
C ILE IB 46 -97.72 -5.79 23.49
N SER IB 47 -98.15 -4.76 24.22
CA SER IB 47 -99.54 -4.31 24.20
C SER IB 47 -99.88 -3.56 22.92
N ASP IB 48 -99.16 -2.46 22.65
CA ASP IB 48 -99.52 -1.53 21.59
C ASP IB 48 -99.04 -1.97 20.21
N VAL IB 49 -98.75 -3.25 20.00
CA VAL IB 49 -98.21 -3.71 18.71
C VAL IB 49 -99.41 -4.12 17.85
N THR IB 50 -99.80 -3.23 16.94
CA THR IB 50 -100.92 -3.46 16.03
C THR IB 50 -100.41 -3.70 14.62
N ARG IB 51 -101.29 -4.18 13.75
CA ARG IB 51 -100.93 -4.39 12.36
C ARG IB 51 -100.82 -3.06 11.63
N GLY IB 52 -99.72 -2.85 10.92
CA GLY IB 52 -99.50 -1.65 10.16
C GLY IB 52 -98.22 -1.71 9.36
N PRO IB 53 -98.04 -0.78 8.41
CA PRO IB 53 -96.83 -0.81 7.58
C PRO IB 53 -95.59 -0.25 8.28
N GLY IB 54 -95.76 0.54 9.33
CA GLY IB 54 -94.62 1.15 10.00
C GLY IB 54 -93.82 0.15 10.82
N LEU IB 55 -92.64 0.61 11.26
CA LEU IB 55 -91.75 -0.23 12.06
C LEU IB 55 -92.16 -0.28 13.52
N THR IB 56 -93.12 0.54 13.95
CA THR IB 56 -93.74 0.40 15.26
C THR IB 56 -94.97 -0.50 15.21
N HIS IB 57 -95.00 -1.43 14.27
CA HIS IB 57 -96.17 -2.25 13.99
C HIS IB 57 -95.72 -3.68 13.73
N ARG IB 58 -96.62 -4.49 13.18
CA ARG IB 58 -96.36 -5.92 13.00
C ARG IB 58 -96.95 -6.39 11.68
N VAL IB 59 -96.41 -7.50 11.19
CA VAL IB 59 -96.90 -8.17 9.99
C VAL IB 59 -97.36 -9.56 10.40
N GLY IB 60 -98.68 -9.78 10.35
CA GLY IB 60 -99.24 -11.05 10.74
C GLY IB 60 -99.51 -11.16 12.23
N LYS IB 61 -99.30 -12.35 12.80
CA LYS IB 61 -99.55 -12.57 14.22
C LYS IB 61 -98.48 -13.44 14.86
N ARG IB 62 -97.29 -13.48 14.28
CA ARG IB 62 -96.19 -14.30 14.78
C ARG IB 62 -94.98 -13.42 15.09
N PHE IB 63 -94.47 -13.54 16.31
CA PHE IB 63 -93.29 -12.81 16.76
C PHE IB 63 -92.18 -13.78 17.09
N CYS IB 64 -90.93 -13.26 17.02
CA CYS IB 64 -89.79 -13.88 17.69
C CYS IB 64 -88.98 -12.73 18.27
N ILE IB 65 -89.25 -12.40 19.53
CA ILE IB 65 -88.55 -11.32 20.21
C ILE IB 65 -87.08 -11.69 20.37
N LYS IB 66 -86.20 -10.92 19.73
CA LYS IB 66 -84.77 -11.19 19.82
C LYS IB 66 -84.25 -10.83 21.20
N SER IB 67 -84.50 -9.59 21.65
CA SER IB 67 -84.03 -9.18 22.95
C SER IB 67 -84.90 -8.05 23.50
N ILE IB 68 -85.07 -8.06 24.81
CA ILE IB 68 -85.65 -6.94 25.55
C ILE IB 68 -84.51 -6.13 26.15
N TYR IB 69 -84.46 -4.85 25.84
CA TYR IB 69 -83.42 -3.94 26.32
C TYR IB 69 -84.06 -2.96 27.30
N ILE IB 70 -83.81 -3.17 28.59
CA ILE IB 70 -84.46 -2.42 29.64
C ILE IB 70 -83.54 -1.29 30.07
N LEU IB 71 -83.91 -0.07 29.72
CA LEU IB 71 -83.38 1.13 30.36
C LEU IB 71 -84.30 1.52 31.50
N GLY IB 72 -83.81 2.41 32.36
CA GLY IB 72 -84.65 2.90 33.43
C GLY IB 72 -83.93 3.57 34.56
N LYS IB 73 -84.52 4.65 35.07
CA LYS IB 73 -84.04 5.32 36.26
C LYS IB 73 -85.10 5.22 37.35
N ILE IB 74 -84.69 4.73 38.52
CA ILE IB 74 -85.61 4.39 39.60
C ILE IB 74 -85.26 5.29 40.77
N TRP IB 75 -86.12 6.28 41.05
CA TRP IB 75 -85.80 7.26 42.07
C TRP IB 75 -86.92 7.35 43.10
N LEU IB 76 -86.67 8.19 44.10
CA LEU IB 76 -87.66 8.67 45.04
C LEU IB 76 -87.49 10.15 45.34
N ASP IB 77 -86.94 10.91 44.37
CA ASP IB 77 -86.42 12.26 44.64
C ASP IB 77 -87.51 13.31 44.61
N GLU IB 78 -88.77 12.92 44.78
CA GLU IB 78 -89.83 13.84 45.17
C GLU IB 78 -89.49 14.39 46.56
N THR IB 79 -90.02 15.59 46.88
CA THR IB 79 -89.71 16.25 48.14
C THR IB 79 -90.31 15.56 49.37
N ILE IB 80 -91.10 14.51 49.17
CA ILE IB 80 -91.69 13.72 50.24
C ILE IB 80 -91.03 12.35 50.10
N LYS IB 81 -91.43 11.38 50.94
CA LYS IB 81 -90.95 10.01 50.98
C LYS IB 81 -89.48 9.92 51.37
N LYS IB 82 -89.05 10.84 52.25
CA LYS IB 82 -87.83 10.66 53.03
C LYS IB 82 -88.05 9.89 54.32
N GLN IB 83 -89.23 10.00 54.92
CA GLN IB 83 -89.63 9.11 56.01
C GLN IB 83 -90.17 7.80 55.43
N ASN IB 84 -90.30 6.80 56.30
CA ASN IB 84 -90.72 5.43 55.97
C ASN IB 84 -89.85 4.84 54.88
N HIS IB 85 -88.54 5.09 55.00
CA HIS IB 85 -87.59 4.92 53.90
C HIS IB 85 -86.94 3.56 53.84
N THR IB 86 -85.86 3.47 53.04
CA THR IB 86 -85.09 2.26 52.74
C THR IB 86 -85.92 1.15 52.10
N ASN IB 87 -86.40 1.36 50.89
CA ASN IB 87 -87.11 0.34 50.13
C ASN IB 87 -86.25 -0.07 48.93
N ASN IB 88 -86.50 -1.27 48.41
CA ASN IB 88 -85.80 -1.75 47.23
C ASN IB 88 -86.78 -2.33 46.23
N VAL IB 89 -86.34 -2.46 44.98
CA VAL IB 89 -87.19 -2.86 43.86
C VAL IB 89 -86.69 -4.19 43.34
N ILE IB 90 -87.59 -5.17 43.24
CA ILE IB 90 -87.28 -6.45 42.62
C ILE IB 90 -88.07 -6.53 41.32
N PHE IB 91 -87.38 -6.75 40.21
CA PHE IB 91 -88.06 -6.86 38.93
C PHE IB 91 -88.37 -8.31 38.62
N TYR IB 92 -89.42 -8.50 37.81
CA TYR IB 92 -89.87 -9.83 37.42
C TYR IB 92 -90.22 -9.80 35.94
N LEU IB 93 -89.54 -10.62 35.16
CA LEU IB 93 -89.79 -10.73 33.72
C LEU IB 93 -90.24 -12.16 33.47
N LEU IB 94 -91.53 -12.35 33.23
CA LEU IB 94 -92.14 -13.68 33.23
C LEU IB 94 -92.47 -14.11 31.81
N ARG IB 95 -92.29 -15.40 31.53
CA ARG IB 95 -92.78 -15.99 30.30
C ARG IB 95 -94.19 -16.53 30.59
N ASP IB 96 -95.21 -15.88 30.02
CA ASP IB 96 -96.59 -16.25 30.25
C ASP IB 96 -97.01 -17.35 29.29
N ARG IB 97 -97.97 -18.16 29.71
CA ARG IB 97 -98.44 -19.29 28.93
C ARG IB 97 -99.80 -19.07 28.28
N ARG IB 98 -100.63 -18.26 28.93
CA ARG IB 98 -101.96 -18.06 28.41
C ARG IB 98 -102.48 -16.70 28.87
N PRO IB 99 -103.30 -16.04 28.08
CA PRO IB 99 -103.91 -14.77 28.53
C PRO IB 99 -105.31 -14.96 29.08
N TYR IB 100 -105.82 -13.93 29.77
CA TYR IB 100 -107.25 -13.82 30.07
C TYR IB 100 -107.62 -12.34 29.89
N GLY IB 101 -107.96 -11.97 28.65
CA GLY IB 101 -108.35 -10.60 28.34
C GLY IB 101 -107.27 -9.58 28.63
N ASN IB 102 -107.48 -8.82 29.70
CA ASN IB 102 -106.51 -7.84 30.20
C ASN IB 102 -105.44 -8.56 31.03
N ALA IB 103 -104.63 -7.79 31.75
CA ALA IB 103 -103.58 -8.36 32.57
C ALA IB 103 -104.16 -8.97 33.84
N PRO IB 104 -103.66 -10.12 34.28
CA PRO IB 104 -104.18 -10.73 35.52
C PRO IB 104 -103.63 -10.05 36.78
N GLN IB 105 -103.95 -10.61 37.93
CA GLN IB 105 -103.47 -10.08 39.20
C GLN IB 105 -101.97 -10.33 39.35
N ASP IB 106 -101.37 -9.69 40.36
CA ASP IB 106 -100.02 -10.01 40.76
C ASP IB 106 -99.98 -10.77 42.07
N PHE IB 107 -100.52 -10.19 43.14
CA PHE IB 107 -100.43 -10.80 44.47
C PHE IB 107 -101.31 -12.03 44.58
N GLY IB 108 -102.38 -12.10 43.78
CA GLY IB 108 -103.16 -13.30 43.66
C GLY IB 108 -102.65 -14.29 42.63
N GLN IB 109 -101.55 -13.97 41.95
CA GLN IB 109 -100.96 -14.86 40.96
C GLN IB 109 -99.61 -15.40 41.38
N ILE IB 110 -98.64 -14.53 41.70
CA ILE IB 110 -97.44 -15.03 42.35
C ILE IB 110 -97.74 -15.30 43.82
N PHE IB 111 -97.00 -16.24 44.41
CA PHE IB 111 -97.48 -17.03 45.55
C PHE IB 111 -97.51 -16.22 46.84
N ASN IB 112 -96.37 -15.73 47.31
CA ASN IB 112 -96.29 -15.26 48.69
C ASN IB 112 -95.85 -13.79 48.67
N MET IB 113 -95.61 -13.25 49.86
CA MET IB 113 -95.39 -11.81 50.03
C MET IB 113 -93.96 -11.42 49.64
N PHE IB 114 -93.84 -11.01 48.37
CA PHE IB 114 -92.83 -10.13 47.79
C PHE IB 114 -91.44 -10.76 47.65
N ASP IB 115 -91.23 -11.96 48.17
CA ASP IB 115 -90.05 -12.77 47.89
C ASP IB 115 -90.53 -14.17 47.60
N ASN IB 116 -90.82 -14.44 46.33
CA ASN IB 116 -91.61 -15.62 46.00
C ASN IB 116 -91.34 -16.08 44.58
N GLU IB 117 -92.20 -16.98 44.12
CA GLU IB 117 -92.27 -17.62 42.81
C GLU IB 117 -93.74 -17.63 42.42
N PRO IB 118 -94.09 -18.00 41.19
CA PRO IB 118 -95.51 -18.25 40.89
C PRO IB 118 -96.06 -19.44 41.67
N SER IB 119 -97.38 -19.46 41.83
CA SER IB 119 -98.06 -20.46 42.63
C SER IB 119 -97.99 -21.83 41.96
N THR IB 120 -98.26 -22.86 42.77
CA THR IB 120 -98.20 -24.24 42.29
C THR IB 120 -99.31 -24.56 41.30
N ALA IB 121 -100.44 -23.87 41.39
CA ALA IB 121 -101.54 -24.08 40.46
C ALA IB 121 -101.46 -23.20 39.21
N THR IB 122 -100.38 -22.44 39.05
CA THR IB 122 -100.29 -21.47 37.97
C THR IB 122 -99.20 -21.80 36.94
N ILE IB 123 -98.38 -22.82 37.19
CA ILE IB 123 -97.27 -23.14 36.30
C ILE IB 123 -97.77 -23.77 35.00
N PHE IB 131 -97.17 -19.67 35.75
CA PHE IB 131 -96.58 -19.06 34.56
C PHE IB 131 -95.07 -19.14 34.69
N GLN IB 132 -94.38 -19.27 33.56
CA GLN IB 132 -92.93 -19.41 33.61
C GLN IB 132 -92.26 -18.07 33.90
N VAL IB 133 -91.05 -18.16 34.42
CA VAL IB 133 -90.23 -17.02 34.79
C VAL IB 133 -89.06 -16.99 33.82
N LEU IB 134 -88.52 -15.81 33.51
CA LEU IB 134 -87.24 -15.78 32.83
C LEU IB 134 -86.10 -15.38 33.76
N ARG IB 135 -86.11 -14.16 34.31
CA ARG IB 135 -85.09 -13.71 35.24
C ARG IB 135 -85.66 -12.66 36.20
N LYS IB 136 -84.79 -12.18 37.09
CA LYS IB 136 -85.10 -11.14 38.06
C LYS IB 136 -84.05 -10.04 37.98
N PHE IB 137 -84.29 -8.95 38.70
CA PHE IB 137 -83.30 -7.86 38.81
C PHE IB 137 -83.37 -7.28 40.22
N HIS IB 138 -82.52 -6.29 40.48
CA HIS IB 138 -82.46 -5.60 41.76
C HIS IB 138 -82.29 -4.11 41.54
N ALA IB 139 -82.85 -3.33 42.47
CA ALA IB 139 -82.66 -1.88 42.50
C ALA IB 139 -82.93 -1.44 43.93
N THR IB 140 -81.91 -0.87 44.57
CA THR IB 140 -81.98 -0.54 45.99
C THR IB 140 -81.83 0.97 46.17
N VAL IB 141 -82.93 1.64 46.54
CA VAL IB 141 -82.92 3.08 46.75
C VAL IB 141 -83.19 3.37 48.22
N VAL IB 142 -82.12 3.66 48.96
CA VAL IB 142 -82.25 3.85 50.41
C VAL IB 142 -81.92 5.30 50.77
N GLY IB 143 -82.95 6.12 50.94
CA GLY IB 143 -82.73 7.51 51.30
C GLY IB 143 -83.63 8.04 52.39
N GLY IB 144 -83.03 8.41 53.53
CA GLY IB 144 -83.82 8.94 54.63
C GLY IB 144 -83.53 10.41 54.89
N LEU IB 145 -82.79 10.69 55.96
CA LEU IB 145 -82.40 12.05 56.28
C LEU IB 145 -80.93 12.08 56.66
N TYR IB 146 -80.38 13.29 56.68
CA TYR IB 146 -79.04 13.68 57.14
C TYR IB 146 -77.89 13.07 56.35
N CYS IB 147 -78.12 12.33 55.26
CA CYS IB 147 -77.07 12.31 54.25
C CYS IB 147 -77.62 12.73 52.88
N MET IB 148 -78.76 12.20 52.35
CA MET IB 148 -79.37 10.88 52.57
C MET IB 148 -78.78 9.97 51.48
N LYS IB 149 -78.12 8.88 51.88
CA LYS IB 149 -77.28 8.20 50.92
C LYS IB 149 -77.97 6.96 50.33
N GLU IB 150 -78.86 7.24 49.38
CA GLU IB 150 -79.00 6.64 48.04
C GLU IB 150 -80.22 7.25 47.36
N GLN IB 151 -80.21 7.22 46.02
CA GLN IB 151 -81.20 7.84 45.15
C GLN IB 151 -81.19 7.13 43.80
N ALA IB 152 -81.65 7.86 42.78
CA ALA IB 152 -81.86 7.42 41.39
C ALA IB 152 -80.72 6.56 40.86
N LEU IB 153 -81.03 5.30 40.54
CA LEU IB 153 -80.06 4.37 39.99
C LEU IB 153 -80.38 4.11 38.53
N VAL IB 154 -79.35 3.85 37.73
CA VAL IB 154 -79.55 3.59 36.31
C VAL IB 154 -79.31 2.12 36.04
N LYS IB 155 -80.23 1.49 35.32
CA LYS IB 155 -80.15 0.06 35.00
C LYS IB 155 -80.30 -0.13 33.50
N ARG IB 156 -79.28 -0.75 32.88
CA ARG IB 156 -79.35 -1.17 31.50
C ARG IB 156 -79.05 -2.67 31.44
N PHE IB 157 -79.79 -3.39 30.60
CA PHE IB 157 -79.65 -4.85 30.51
C PHE IB 157 -79.99 -5.32 29.10
N TYR IB 158 -79.04 -5.93 28.42
CA TYR IB 158 -79.36 -6.86 27.35
C TYR IB 158 -80.01 -8.11 27.94
N ARG IB 159 -81.05 -8.61 27.26
CA ARG IB 159 -81.77 -9.78 27.76
C ARG IB 159 -82.41 -10.49 26.56
N LEU IB 160 -81.79 -11.58 26.12
CA LEU IB 160 -82.29 -12.32 24.96
C LEU IB 160 -83.49 -13.17 25.35
N ASN IB 161 -84.47 -13.26 24.45
CA ASN IB 161 -85.74 -13.95 24.72
C ASN IB 161 -86.19 -14.64 23.44
N HIS IB 162 -87.45 -15.05 23.38
CA HIS IB 162 -87.95 -15.90 22.30
C HIS IB 162 -89.38 -15.52 21.96
N HIS IB 163 -90.07 -16.41 21.24
CA HIS IB 163 -91.19 -16.11 20.36
C HIS IB 163 -92.48 -15.80 21.12
N VAL IB 164 -93.36 -15.05 20.44
CA VAL IB 164 -94.66 -14.61 20.93
C VAL IB 164 -95.67 -14.77 19.79
N THR IB 165 -96.89 -15.23 20.13
CA THR IB 165 -97.94 -15.38 19.14
C THR IB 165 -99.14 -14.52 19.56
N TYR IB 166 -99.79 -13.88 18.57
CA TYR IB 166 -101.11 -13.28 18.77
C TYR IB 166 -102.19 -14.19 18.22
N ASN IB 167 -103.37 -14.13 18.84
CA ASN IB 167 -104.48 -14.97 18.43
C ASN IB 167 -105.18 -14.39 17.19
N HIS IB 168 -105.77 -13.20 17.34
CA HIS IB 168 -106.58 -12.64 16.28
C HIS IB 168 -105.70 -11.97 15.23
N GLN IB 169 -106.29 -11.77 14.05
CA GLN IB 169 -105.63 -11.10 12.94
C GLN IB 169 -106.00 -9.62 12.90
N GLU IB 170 -106.36 -9.05 14.04
CA GLU IB 170 -106.78 -7.67 14.17
C GLU IB 170 -105.56 -6.75 14.22
N ALA IB 171 -105.82 -5.46 14.06
CA ALA IB 171 -104.84 -4.42 14.39
C ALA IB 171 -105.09 -3.92 15.82
N GLY IB 172 -105.11 -4.88 16.75
CA GLY IB 172 -105.59 -4.66 18.09
C GLY IB 172 -104.48 -4.59 19.13
N LYS IB 173 -104.92 -4.30 20.35
CA LYS IB 173 -104.05 -4.12 21.51
C LYS IB 173 -103.86 -5.47 22.21
N TYR IB 174 -103.40 -5.44 23.46
CA TYR IB 174 -103.03 -6.61 24.26
C TYR IB 174 -104.17 -7.59 24.53
N GLU IB 175 -105.42 -7.26 24.19
CA GLU IB 175 -106.55 -8.08 24.60
C GLU IB 175 -106.65 -9.39 23.82
N ASN IB 176 -106.14 -9.42 22.60
CA ASN IB 176 -106.32 -10.58 21.70
C ASN IB 176 -105.11 -11.51 21.68
N HIS IB 177 -104.47 -11.71 22.83
CA HIS IB 177 -103.30 -12.57 22.90
C HIS IB 177 -103.67 -14.04 22.84
N THR IB 178 -102.65 -14.88 22.84
CA THR IB 178 -102.74 -16.34 22.94
C THR IB 178 -101.50 -16.82 23.67
N GLU IB 179 -101.15 -18.10 23.48
CA GLU IB 179 -99.97 -18.74 24.08
C GLU IB 179 -98.69 -17.94 23.85
N ASN IB 180 -97.78 -18.06 24.82
CA ASN IB 180 -96.44 -17.44 24.84
C ASN IB 180 -96.54 -15.91 24.80
N ALA IB 181 -97.16 -15.36 25.82
CA ALA IB 181 -97.04 -13.95 26.13
C ALA IB 181 -95.87 -13.75 27.09
N LEU IB 182 -95.50 -12.48 27.28
CA LEU IB 182 -94.46 -12.12 28.23
C LEU IB 182 -94.67 -10.68 28.67
N LEU IB 183 -94.45 -10.41 29.94
CA LEU IB 183 -94.75 -9.11 30.51
C LEU IB 183 -93.92 -8.92 31.77
N LEU IB 184 -94.11 -7.77 32.43
CA LEU IB 184 -93.31 -7.39 33.59
C LEU IB 184 -94.18 -7.22 34.83
N TYR IB 185 -93.58 -7.48 35.98
CA TYR IB 185 -94.12 -7.07 37.27
C TYR IB 185 -93.02 -6.38 38.06
N MET IB 186 -93.36 -5.30 38.73
CA MET IB 186 -92.45 -4.58 39.61
C MET IB 186 -93.00 -4.64 41.03
N ALA IB 187 -92.11 -4.81 42.00
CA ALA IB 187 -92.52 -5.06 43.38
C ALA IB 187 -91.77 -4.15 44.33
N CYS IB 188 -92.50 -3.51 45.23
CA CYS IB 188 -91.93 -2.79 46.36
C CYS IB 188 -92.02 -3.65 47.61
N THR IB 189 -91.14 -3.40 48.58
CA THR IB 189 -91.04 -4.23 49.76
C THR IB 189 -91.39 -3.53 51.05
N HIS IB 190 -92.02 -2.35 50.99
CA HIS IB 190 -92.41 -1.61 52.18
C HIS IB 190 -93.74 -0.91 51.94
N ALA IB 191 -94.42 -0.59 53.05
CA ALA IB 191 -95.78 -0.08 53.00
C ALA IB 191 -95.86 1.33 52.40
N SER IB 192 -94.79 2.12 52.51
CA SER IB 192 -94.73 3.38 51.81
C SER IB 192 -94.54 3.15 50.32
N ASN IB 193 -94.82 4.19 49.53
CA ASN IB 193 -94.60 4.08 48.10
C ASN IB 193 -93.63 5.17 47.62
N PRO IB 194 -92.32 5.02 47.83
CA PRO IB 194 -91.40 6.06 47.36
C PRO IB 194 -91.01 5.91 45.89
N VAL IB 195 -91.19 4.72 45.33
CA VAL IB 195 -90.55 4.35 44.07
C VAL IB 195 -91.28 5.03 42.91
N TYR IB 196 -90.58 5.93 42.23
CA TYR IB 196 -91.02 6.50 40.96
C TYR IB 196 -90.09 5.98 39.86
N ALA IB 197 -90.44 4.81 39.34
CA ALA IB 197 -89.60 4.09 38.39
C ALA IB 197 -90.12 4.31 36.98
N THR IB 198 -89.31 4.99 36.15
CA THR IB 198 -89.64 5.20 34.75
C THR IB 198 -88.63 4.44 33.91
N LEU IB 199 -89.14 3.61 33.01
CA LEU IB 199 -88.32 2.64 32.29
C LEU IB 199 -88.55 2.76 30.80
N LYS IB 200 -87.46 2.72 30.04
CA LYS IB 200 -87.50 2.65 28.58
C LYS IB 200 -87.18 1.22 28.16
N ILE IB 201 -88.13 0.60 27.47
CA ILE IB 201 -88.08 -0.84 27.21
C ILE IB 201 -88.09 -1.03 25.70
N ARG IB 202 -86.91 -1.25 25.12
CA ARG IB 202 -86.82 -1.56 23.70
C ARG IB 202 -87.01 -3.04 23.45
N ILE IB 203 -87.90 -3.39 22.54
CA ILE IB 203 -87.96 -4.71 21.95
C ILE IB 203 -87.70 -4.55 20.46
N TYR IB 204 -86.61 -5.14 19.99
CA TYR IB 204 -86.38 -5.24 18.56
C TYR IB 204 -86.33 -6.71 18.16
N PHE IB 205 -87.00 -7.02 17.05
CA PHE IB 205 -87.30 -8.40 16.69
C PHE IB 205 -87.41 -8.56 15.18
N PRO JB 16 -54.46 -38.82 49.82
CA PRO JB 16 -54.71 -37.91 48.70
C PRO JB 16 -54.58 -36.43 49.09
N ASP JB 17 -54.27 -36.16 50.35
CA ASP JB 17 -54.23 -34.79 50.86
C ASP JB 17 -52.86 -34.43 51.41
N ILE JB 18 -52.23 -35.33 52.14
CA ILE JB 18 -51.04 -35.02 52.95
C ILE JB 18 -49.77 -35.56 52.29
N PRO JB 19 -48.63 -34.85 52.41
CA PRO JB 19 -47.38 -35.35 51.87
C PRO JB 19 -46.48 -36.06 52.87
N ARG JB 20 -46.87 -36.20 54.14
CA ARG JB 20 -45.94 -36.63 55.19
C ARG JB 20 -46.24 -38.03 55.72
N GLY JB 21 -47.45 -38.26 56.25
CA GLY JB 21 -47.76 -39.50 56.92
C GLY JB 21 -49.25 -39.73 57.05
N CYS JB 22 -49.64 -40.99 57.09
CA CYS JB 22 -51.04 -41.42 56.98
C CYS JB 22 -51.83 -41.26 58.28
N GLU JB 23 -51.35 -40.46 59.22
CA GLU JB 23 -52.15 -40.07 60.38
C GLU JB 23 -53.34 -39.23 59.94
N GLY JB 24 -54.36 -39.19 60.79
CA GLY JB 24 -55.49 -38.32 60.58
C GLY JB 24 -55.08 -36.87 60.71
N PRO JB 25 -55.63 -36.01 59.84
CA PRO JB 25 -55.29 -34.58 59.93
C PRO JB 25 -55.92 -33.93 61.14
N CYS JB 26 -55.28 -34.12 62.29
CA CYS JB 26 -55.87 -33.77 63.57
C CYS JB 26 -55.86 -32.26 63.79
N LYS JB 27 -56.96 -31.75 64.33
CA LYS JB 27 -57.12 -30.32 64.56
C LYS JB 27 -56.58 -29.96 65.94
N VAL JB 28 -55.78 -28.90 65.98
CA VAL JB 28 -55.37 -28.26 67.23
C VAL JB 28 -55.69 -26.79 67.08
N GLN JB 29 -56.75 -26.35 67.76
CA GLN JB 29 -57.28 -25.01 67.56
C GLN JB 29 -56.84 -24.08 68.69
N SER JB 30 -56.26 -22.94 68.33
CA SER JB 30 -55.84 -21.93 69.30
C SER JB 30 -56.89 -20.83 69.26
N PHE JB 31 -57.99 -21.05 69.96
CA PHE JB 31 -58.97 -19.99 70.12
C PHE JB 31 -58.42 -18.92 71.07
N GLU JB 32 -58.71 -17.67 70.74
CA GLU JB 32 -58.44 -16.57 71.65
C GLU JB 32 -59.73 -15.79 71.88
N GLN JB 33 -59.88 -15.29 73.09
CA GLN JB 33 -60.86 -14.25 73.41
C GLN JB 33 -60.00 -13.14 74.02
N ARG JB 34 -59.40 -12.34 73.15
CA ARG JB 34 -58.36 -11.42 73.54
C ARG JB 34 -58.55 -10.06 72.87
N ASP JB 35 -57.53 -9.22 72.97
CA ASP JB 35 -57.44 -7.96 72.24
C ASP JB 35 -55.97 -7.71 71.94
N ASP JB 36 -55.65 -6.47 71.60
CA ASP JB 36 -54.26 -6.10 71.40
C ASP JB 36 -54.05 -4.70 71.95
N VAL JB 37 -52.85 -4.18 71.71
CA VAL JB 37 -52.55 -2.77 71.93
C VAL JB 37 -52.13 -2.23 70.57
N LYS JB 38 -51.70 -0.97 70.52
CA LYS JB 38 -51.22 -0.41 69.26
C LYS JB 38 -49.95 -1.12 68.78
N HIS JB 39 -49.04 -1.45 69.70
CA HIS JB 39 -47.75 -1.97 69.31
C HIS JB 39 -47.82 -3.44 68.91
N LEU JB 40 -48.49 -4.26 69.73
CA LEU JB 40 -48.35 -5.69 69.52
C LEU JB 40 -49.57 -6.45 70.00
N GLY JB 41 -49.95 -7.45 69.22
CA GLY JB 41 -50.74 -8.56 69.73
C GLY JB 41 -50.00 -9.83 69.36
N ILE JB 42 -49.46 -10.53 70.35
CA ILE JB 42 -48.56 -11.65 70.11
C ILE JB 42 -49.28 -12.96 70.35
N CYS JB 43 -49.12 -13.88 69.40
CA CYS JB 43 -49.77 -15.19 69.47
C CYS JB 43 -48.86 -16.22 68.85
N LYS JB 44 -48.13 -16.97 69.68
CA LYS JB 44 -47.54 -18.22 69.19
C LYS JB 44 -48.66 -19.23 69.03
N VAL JB 45 -48.89 -19.64 67.79
CA VAL JB 45 -50.07 -20.44 67.49
C VAL JB 45 -49.79 -21.92 67.76
N ILE JB 46 -48.53 -22.30 67.85
CA ILE JB 46 -48.12 -23.68 68.00
C ILE JB 46 -47.80 -23.99 69.48
N SER JB 47 -48.36 -23.19 70.40
CA SER JB 47 -47.88 -23.16 71.78
C SER JB 47 -48.30 -24.38 72.56
N ASP JB 48 -49.61 -24.62 72.67
CA ASP JB 48 -50.15 -25.64 73.57
C ASP JB 48 -50.12 -27.05 72.99
N VAL JB 49 -49.27 -27.33 72.00
CA VAL JB 49 -49.25 -28.64 71.37
C VAL JB 49 -48.22 -29.48 72.13
N THR JB 50 -48.72 -30.35 73.02
CA THR JB 50 -47.88 -31.23 73.83
C THR JB 50 -48.02 -32.66 73.34
N ARG JB 51 -47.12 -33.53 73.82
CA ARG JB 51 -47.20 -34.94 73.47
C ARG JB 51 -48.35 -35.61 74.22
N GLY JB 52 -49.19 -36.34 73.50
CA GLY JB 52 -50.30 -37.05 74.09
C GLY JB 52 -51.03 -37.89 73.07
N PRO JB 53 -51.89 -38.79 73.54
CA PRO JB 53 -52.62 -39.66 72.60
C PRO JB 53 -53.78 -38.98 71.90
N GLY JB 54 -54.31 -37.89 72.45
CA GLY JB 54 -55.46 -37.23 71.87
C GLY JB 54 -55.13 -36.49 70.59
N LEU JB 55 -56.19 -36.06 69.90
CA LEU JB 55 -56.03 -35.33 68.65
C LEU JB 55 -55.72 -33.85 68.86
N THR JB 56 -55.80 -33.36 70.09
CA THR JB 56 -55.29 -32.04 70.44
C THR JB 56 -53.83 -32.09 70.89
N HIS JB 57 -53.08 -33.07 70.40
CA HIS JB 57 -51.74 -33.36 70.87
C HIS JB 57 -50.87 -33.70 69.66
N ARG JB 58 -49.69 -34.26 69.92
CA ARG JB 58 -48.72 -34.51 68.87
C ARG JB 58 -48.01 -35.83 69.13
N VAL JB 59 -47.45 -36.40 68.05
CA VAL JB 59 -46.64 -37.61 68.11
C VAL JB 59 -45.25 -37.24 67.63
N GLY JB 60 -44.28 -37.27 68.54
CA GLY JB 60 -42.92 -36.91 68.21
C GLY JB 60 -42.64 -35.43 68.29
N LYS JB 61 -41.82 -34.91 67.37
CA LYS JB 61 -41.46 -33.51 67.38
C LYS JB 61 -41.40 -32.93 65.96
N ARG JB 62 -42.09 -33.56 65.01
CA ARG JB 62 -42.08 -33.13 63.62
C ARG JB 62 -43.50 -32.82 63.17
N PHE JB 63 -43.69 -31.62 62.62
CA PHE JB 63 -44.98 -31.19 62.10
C PHE JB 63 -44.86 -30.93 60.60
N CYS JB 64 -45.99 -31.03 59.93
CA CYS JB 64 -46.18 -30.43 58.60
C CYS JB 64 -47.57 -29.82 58.61
N ILE JB 65 -47.65 -28.53 58.95
CA ILE JB 65 -48.93 -27.83 59.01
C ILE JB 65 -49.51 -27.73 57.61
N LYS JB 66 -50.66 -28.36 57.39
CA LYS JB 66 -51.30 -28.32 56.09
C LYS JB 66 -51.89 -26.95 55.82
N SER JB 67 -52.71 -26.45 56.72
CA SER JB 67 -53.31 -25.13 56.53
C SER JB 67 -53.67 -24.52 57.87
N ILE JB 68 -53.55 -23.20 57.94
CA ILE JB 68 -54.08 -22.40 59.03
C ILE JB 68 -55.39 -21.80 58.56
N TYR JB 69 -56.46 -22.05 59.32
CA TYR JB 69 -57.80 -21.57 59.00
C TYR JB 69 -58.18 -20.52 60.04
N ILE JB 70 -58.15 -19.25 59.64
CA ILE JB 70 -58.34 -18.14 60.57
C ILE JB 70 -59.78 -17.69 60.49
N LEU JB 71 -60.55 -17.97 61.53
CA LEU JB 71 -61.81 -17.30 61.79
C LEU JB 71 -61.56 -16.11 62.70
N GLY JB 72 -62.55 -15.23 62.80
CA GLY JB 72 -62.41 -14.11 63.70
C GLY JB 72 -63.37 -12.97 63.47
N LYS JB 73 -63.86 -12.40 64.56
CA LYS JB 73 -64.68 -11.19 64.52
C LYS JB 73 -63.94 -10.08 65.24
N ILE JB 74 -63.76 -8.95 64.56
CA ILE JB 74 -62.93 -7.85 65.03
C ILE JB 74 -63.85 -6.65 65.24
N TRP JB 75 -64.11 -6.31 66.49
CA TRP JB 75 -65.07 -5.24 66.78
C TRP JB 75 -64.45 -4.18 67.67
N LEU JB 76 -65.26 -3.16 67.91
CA LEU JB 76 -65.03 -2.15 68.94
C LEU JB 76 -66.31 -1.81 69.69
N ASP JB 77 -67.26 -2.74 69.75
CA ASP JB 77 -68.65 -2.44 70.12
C ASP JB 77 -68.84 -2.39 71.63
N GLU JB 78 -67.77 -2.19 72.39
CA GLU JB 78 -67.87 -1.73 73.76
C GLU JB 78 -68.48 -0.32 73.76
N THR JB 79 -69.11 0.06 74.88
CA THR JB 79 -69.81 1.35 74.96
C THR JB 79 -68.88 2.57 74.96
N ILE JB 80 -67.57 2.33 74.97
CA ILE JB 80 -66.56 3.40 74.92
C ILE JB 80 -65.86 3.18 73.58
N LYS JB 81 -64.83 3.98 73.27
CA LYS JB 81 -64.03 3.94 72.05
C LYS JB 81 -64.83 4.28 70.82
N LYS JB 82 -65.80 5.19 70.97
CA LYS JB 82 -66.38 5.91 69.85
C LYS JB 82 -65.62 7.17 69.50
N GLN JB 83 -64.99 7.83 70.47
CA GLN JB 83 -64.02 8.87 70.19
C GLN JB 83 -62.66 8.24 69.88
N ASN JB 84 -61.75 9.08 69.34
CA ASN JB 84 -60.41 8.71 68.88
C ASN JB 84 -60.49 7.55 67.88
N HIS JB 85 -61.47 7.65 66.97
CA HIS JB 85 -61.93 6.52 66.18
C HIS JB 85 -61.22 6.37 64.84
N THR JB 86 -61.81 5.53 63.97
CA THR JB 86 -61.31 5.15 62.65
C THR JB 86 -59.94 4.50 62.66
N ASN JB 87 -59.84 3.31 63.25
CA ASN JB 87 -58.61 2.52 63.24
C ASN JB 87 -58.81 1.29 62.38
N ASN JB 88 -57.72 0.72 61.88
CA ASN JB 88 -57.77 -0.50 61.09
C ASN JB 88 -56.73 -1.50 61.60
N VAL JB 89 -56.92 -2.76 61.23
CA VAL JB 89 -56.11 -3.87 61.73
C VAL JB 89 -55.36 -4.48 60.56
N ILE JB 90 -54.04 -4.59 60.70
CA ILE JB 90 -53.20 -5.27 59.72
C ILE JB 90 -52.69 -6.55 60.37
N PHE JB 91 -52.95 -7.69 59.75
CA PHE JB 91 -52.47 -8.95 60.29
C PHE JB 91 -51.13 -9.32 59.69
N TYR JB 92 -50.36 -10.09 60.45
CA TYR JB 92 -49.04 -10.54 60.04
C TYR JB 92 -48.88 -12.00 60.42
N LEU JB 93 -48.64 -12.85 59.43
CA LEU JB 93 -48.43 -14.27 59.64
C LEU JB 93 -47.02 -14.58 59.15
N LEU JB 94 -46.09 -14.78 60.08
CA LEU JB 94 -44.67 -14.82 59.77
C LEU JB 94 -44.15 -16.25 59.86
N ARG JB 95 -43.24 -16.59 58.95
CA ARG JB 95 -42.48 -17.83 59.07
C ARG JB 95 -41.20 -17.53 59.85
N ASP JB 96 -41.12 -18.02 61.08
CA ASP JB 96 -39.99 -17.76 61.95
C ASP JB 96 -38.88 -18.76 61.67
N ARG JB 97 -37.64 -18.34 61.94
CA ARG JB 97 -36.47 -19.17 61.69
C ARG JB 97 -35.84 -19.76 62.94
N ARG JB 98 -35.98 -19.05 64.04
CA ARG JB 98 -35.35 -19.53 65.25
C ARG JB 98 -36.12 -18.97 66.45
N PRO JB 99 -36.17 -19.71 67.56
CA PRO JB 99 -36.81 -19.18 68.77
C PRO JB 99 -35.81 -18.60 69.75
N TYR JB 100 -36.30 -17.85 70.73
CA TYR JB 100 -35.54 -17.49 71.93
C TYR JB 100 -36.50 -17.60 73.11
N GLY JB 101 -36.62 -18.80 73.68
CA GLY JB 101 -37.48 -19.04 74.82
C GLY JB 101 -38.94 -18.74 74.57
N ASN JB 102 -39.40 -17.62 75.13
CA ASN JB 102 -40.74 -17.11 74.91
C ASN JB 102 -40.81 -16.34 73.58
N ALA JB 103 -41.90 -15.62 73.37
CA ALA JB 103 -42.06 -14.86 72.13
C ALA JB 103 -41.18 -13.60 72.18
N PRO JB 104 -40.56 -13.23 71.05
CA PRO JB 104 -39.75 -12.00 71.03
C PRO JB 104 -40.59 -10.75 70.94
N GLN JB 105 -39.93 -9.60 70.80
CA GLN JB 105 -40.62 -8.33 70.67
C GLN JB 105 -41.32 -8.23 69.31
N ASP JB 106 -42.17 -7.22 69.17
CA ASP JB 106 -42.72 -6.87 67.86
C ASP JB 106 -42.11 -5.59 67.30
N PHE JB 107 -42.24 -4.49 68.04
CA PHE JB 107 -41.78 -3.20 67.52
C PHE JB 107 -40.26 -3.12 67.48
N GLY JB 108 -39.58 -3.87 68.34
CA GLY JB 108 -38.15 -4.03 68.24
C GLY JB 108 -37.69 -5.12 67.30
N GLN JB 109 -38.62 -5.82 66.65
CA GLN JB 109 -38.27 -6.87 65.71
C GLN JB 109 -38.65 -6.52 64.28
N ILE JB 110 -39.91 -6.19 64.01
CA ILE JB 110 -40.23 -5.59 62.71
C ILE JB 110 -39.80 -4.14 62.72
N PHE JB 111 -39.50 -3.62 61.54
CA PHE JB 111 -38.58 -2.50 61.39
C PHE JB 111 -39.18 -1.16 61.83
N ASN JB 112 -40.25 -0.72 61.17
CA ASN JB 112 -40.65 0.68 61.33
C ASN JB 112 -42.09 0.71 61.85
N MET JB 113 -42.65 1.91 61.92
CA MET JB 113 -43.93 2.14 62.60
C MET JB 113 -45.11 1.72 61.72
N PHE JB 114 -45.52 0.47 61.92
CA PHE JB 114 -46.84 -0.11 61.68
C PHE JB 114 -47.18 -0.32 60.21
N ASP JB 115 -46.33 0.14 59.29
CA ASP JB 115 -46.40 -0.21 57.87
C ASP JB 115 -44.99 -0.55 57.43
N ASN JB 116 -44.62 -1.82 57.56
CA ASN JB 116 -43.21 -2.17 57.52
C ASN JB 116 -43.04 -3.63 57.10
N GLU JB 117 -41.80 -4.09 57.28
CA GLU JB 117 -41.28 -5.42 57.01
C GLU JB 117 -40.39 -5.77 58.20
N PRO JB 118 -39.90 -7.01 58.33
CA PRO JB 118 -38.86 -7.27 59.33
C PRO JB 118 -37.57 -6.53 59.02
N SER JB 119 -36.76 -6.33 60.05
CA SER JB 119 -35.54 -5.55 59.95
C SER JB 119 -34.48 -6.28 59.11
N THR JB 120 -33.49 -5.51 58.66
CA THR JB 120 -32.43 -6.05 57.82
C THR JB 120 -31.53 -7.03 58.56
N ALA JB 121 -31.40 -6.87 59.88
CA ALA JB 121 -30.58 -7.77 60.69
C ALA JB 121 -31.35 -8.97 61.21
N THR JB 122 -32.61 -9.15 60.82
CA THR JB 122 -33.46 -10.18 61.37
C THR JB 122 -33.87 -11.25 60.36
N ILE JB 123 -33.54 -11.08 59.09
CA ILE JB 123 -33.96 -12.01 58.05
C ILE JB 123 -33.18 -13.32 58.15
N PHE JB 131 -36.81 -12.42 60.09
CA PHE JB 131 -37.67 -13.59 60.04
C PHE JB 131 -38.52 -13.51 58.77
N GLN JB 132 -38.84 -14.67 58.20
CA GLN JB 132 -39.59 -14.67 56.96
C GLN JB 132 -41.06 -14.34 57.22
N VAL JB 133 -41.72 -13.88 56.15
CA VAL JB 133 -43.12 -13.48 56.16
C VAL JB 133 -43.86 -14.48 55.29
N LEU JB 134 -45.11 -14.75 55.59
CA LEU JB 134 -45.94 -15.48 54.62
C LEU JB 134 -46.93 -14.57 53.91
N ARG JB 135 -47.88 -13.96 54.62
CA ARG JB 135 -48.84 -13.03 54.01
C ARG JB 135 -49.32 -12.02 55.05
N LYS JB 136 -50.21 -11.14 54.60
CA LYS JB 136 -50.83 -10.10 55.41
C LYS JB 136 -52.34 -10.17 55.24
N PHE JB 137 -53.07 -9.40 56.05
CA PHE JB 137 -54.52 -9.27 55.90
C PHE JB 137 -54.93 -7.84 56.23
N HIS JB 138 -56.23 -7.57 56.13
CA HIS JB 138 -56.78 -6.25 56.43
C HIS JB 138 -58.08 -6.40 57.19
N ALA JB 139 -58.36 -5.43 58.04
CA ALA JB 139 -59.63 -5.34 58.77
C ALA JB 139 -59.80 -3.88 59.17
N THR JB 140 -60.85 -3.24 58.67
CA THR JB 140 -61.06 -1.81 58.84
C THR JB 140 -62.34 -1.56 59.61
N VAL JB 141 -62.21 -1.14 60.87
CA VAL JB 141 -63.37 -0.86 61.72
C VAL JB 141 -63.41 0.63 62.02
N VAL JB 142 -64.28 1.35 61.31
CA VAL JB 142 -64.33 2.80 61.44
C VAL JB 142 -65.68 3.23 62.04
N GLY JB 143 -65.71 3.47 63.34
CA GLY JB 143 -66.95 3.87 63.97
C GLY JB 143 -66.82 5.02 64.95
N GLY JB 144 -67.46 6.16 64.63
CA GLY JB 144 -67.39 7.30 65.52
C GLY JB 144 -68.73 7.63 66.16
N LEU JB 145 -69.38 8.68 65.68
CA LEU JB 145 -70.70 9.05 66.17
C LEU JB 145 -71.59 9.38 64.99
N TYR JB 146 -72.90 9.44 65.28
CA TYR JB 146 -74.00 9.87 64.41
C TYR JB 146 -74.22 9.02 63.17
N CYS JB 147 -73.51 7.90 62.97
CA CYS JB 147 -74.14 6.86 62.17
C CYS JB 147 -74.17 5.52 62.94
N MET JB 148 -73.08 5.01 63.55
CA MET JB 148 -71.64 5.20 63.24
C MET JB 148 -71.28 4.04 62.29
N LYS JB 149 -70.80 4.37 61.09
CA LYS JB 149 -70.78 3.35 60.05
C LYS JB 149 -69.40 2.73 59.90
N GLU JB 150 -69.09 1.82 60.83
CA GLU JB 150 -68.55 0.46 60.65
C GLU JB 150 -68.32 -0.16 62.02
N GLN JB 151 -68.32 -1.49 62.06
CA GLN JB 151 -68.25 -2.29 63.27
C GLN JB 151 -67.70 -3.67 62.92
N ALA JB 152 -68.02 -4.65 63.78
CA ALA JB 152 -67.56 -6.05 63.75
C ALA JB 152 -67.57 -6.65 62.35
N LEU JB 153 -66.39 -7.03 61.87
CA LEU JB 153 -66.23 -7.65 60.56
C LEU JB 153 -65.86 -9.11 60.75
N VAL JB 154 -66.29 -9.94 59.81
CA VAL JB 154 -65.99 -11.37 59.88
C VAL JB 154 -64.95 -11.72 58.82
N LYS JB 155 -63.90 -12.44 59.22
CA LYS JB 155 -62.82 -12.82 58.32
C LYS JB 155 -62.60 -14.32 58.40
N ARG JB 156 -62.73 -15.00 57.26
CA ARG JB 156 -62.36 -16.40 57.13
C ARG JB 156 -61.36 -16.54 55.99
N PHE JB 157 -60.35 -17.38 56.20
CA PHE JB 157 -59.26 -17.54 55.23
C PHE JB 157 -58.70 -18.96 55.29
N TYR JB 158 -58.81 -19.70 54.19
CA TYR JB 158 -57.88 -20.80 53.95
C TYR JB 158 -56.49 -20.25 53.70
N ARG JB 159 -55.47 -20.90 54.27
CA ARG JB 159 -54.10 -20.44 54.10
C ARG JB 159 -53.16 -21.64 54.26
N LEU JB 160 -52.67 -22.17 53.14
CA LEU JB 160 -51.80 -23.33 53.16
C LEU JB 160 -50.39 -22.94 53.59
N ASN JB 161 -49.75 -23.82 54.36
CA ASN JB 161 -48.44 -23.54 54.94
C ASN JB 161 -47.63 -24.84 54.96
N HIS JB 162 -46.56 -24.87 55.73
CA HIS JB 162 -45.59 -25.98 55.68
C HIS JB 162 -45.04 -26.24 57.07
N HIS JB 163 -43.93 -26.99 57.12
CA HIS JB 163 -43.51 -27.81 58.25
C HIS JB 163 -42.97 -27.00 59.42
N VAL JB 164 -43.05 -27.62 60.61
CA VAL JB 164 -42.62 -27.06 61.89
C VAL JB 164 -41.90 -28.18 62.65
N THR JB 165 -40.82 -27.81 63.34
CA THR JB 165 -40.09 -28.78 64.14
C THR JB 165 -40.04 -28.28 65.59
N TYR JB 166 -40.18 -29.21 66.54
CA TYR JB 166 -39.86 -28.95 67.94
C TYR JB 166 -38.50 -29.51 68.30
N ASN JB 167 -37.83 -28.85 69.24
CA ASN JB 167 -36.49 -29.27 69.64
C ASN JB 167 -36.56 -30.44 70.62
N HIS JB 168 -37.15 -30.22 71.79
CA HIS JB 168 -37.14 -31.23 72.83
C HIS JB 168 -38.22 -32.28 72.59
N GLN JB 169 -38.05 -33.42 73.24
CA GLN JB 169 -39.00 -34.52 73.18
C GLN JB 169 -39.97 -34.49 74.36
N GLU JB 170 -40.18 -33.31 74.92
CA GLU JB 170 -41.03 -33.11 76.08
C GLU JB 170 -42.50 -33.05 75.66
N ALA JB 171 -43.38 -33.14 76.65
CA ALA JB 171 -44.79 -32.79 76.47
C ALA JB 171 -45.01 -31.33 76.89
N GLY JB 172 -44.22 -30.45 76.28
CA GLY JB 172 -44.09 -29.09 76.73
C GLY JB 172 -44.78 -28.08 75.83
N LYS JB 173 -44.72 -26.83 76.29
CA LYS JB 173 -45.36 -25.69 75.64
C LYS JB 173 -44.39 -25.06 74.64
N TYR JB 174 -44.67 -23.82 74.22
CA TYR JB 174 -43.94 -23.10 73.18
C TYR JB 174 -42.46 -22.83 73.49
N GLU JB 175 -41.99 -23.12 74.70
CA GLU JB 175 -40.65 -22.71 75.10
C GLU JB 175 -39.55 -23.55 74.43
N ASN JB 176 -39.85 -24.80 74.07
CA ASN JB 176 -38.84 -25.73 73.58
C ASN JB 176 -38.82 -25.84 72.06
N HIS JB 177 -39.03 -24.72 71.35
CA HIS JB 177 -39.04 -24.72 69.89
C HIS JB 177 -37.63 -24.84 69.32
N THR JB 178 -37.59 -24.90 67.99
CA THR JB 178 -36.36 -24.88 67.19
C THR JB 178 -36.71 -24.20 65.87
N GLU JB 179 -35.90 -24.47 64.83
CA GLU JB 179 -36.09 -23.94 63.48
C GLU JB 179 -37.50 -24.17 62.96
N ASN JB 180 -37.94 -23.24 62.09
CA ASN JB 180 -39.23 -23.23 61.41
C ASN JB 180 -40.39 -23.19 62.40
N ALA JB 181 -40.43 -22.13 63.18
CA ALA JB 181 -41.62 -21.76 63.91
C ALA JB 181 -42.48 -20.84 63.05
N LEU JB 182 -43.71 -20.60 63.48
CA LEU JB 182 -44.60 -19.66 62.83
C LEU JB 182 -45.63 -19.16 63.83
N LEU JB 183 -45.95 -17.87 63.75
CA LEU JB 183 -46.80 -17.24 64.75
C LEU JB 183 -47.43 -15.99 64.12
N LEU JB 184 -48.22 -15.29 64.93
CA LEU JB 184 -48.98 -14.14 64.46
C LEU JB 184 -48.58 -12.86 65.19
N TYR JB 185 -48.72 -11.75 64.49
CA TYR JB 185 -48.70 -10.43 65.10
C TYR JB 185 -49.90 -9.64 64.59
N MET JB 186 -50.55 -8.91 65.48
CA MET JB 186 -51.64 -8.03 65.12
C MET JB 186 -51.25 -6.60 65.46
N ALA JB 187 -51.63 -5.66 64.60
CA ALA JB 187 -51.16 -4.29 64.70
C ALA JB 187 -52.32 -3.32 64.59
N CYS JB 188 -52.39 -2.36 65.51
CA CYS JB 188 -53.28 -1.22 65.42
C CYS JB 188 -52.51 -0.01 64.93
N THR JB 189 -53.23 0.94 64.32
CA THR JB 189 -52.61 2.07 63.66
C THR JB 189 -52.93 3.41 64.32
N HIS JB 190 -53.49 3.41 65.53
CA HIS JB 190 -53.84 4.66 66.21
C HIS JB 190 -53.61 4.49 67.70
N ALA JB 191 -53.43 5.63 68.38
CA ALA JB 191 -53.03 5.65 69.78
C ALA JB 191 -54.11 5.12 70.71
N SER JB 192 -55.39 5.24 70.32
CA SER JB 192 -56.45 4.59 71.07
C SER JB 192 -56.39 3.08 70.87
N ASN JB 193 -57.08 2.36 71.75
CA ASN JB 193 -57.14 0.91 71.58
C ASN JB 193 -58.59 0.45 71.49
N PRO JB 194 -59.27 0.60 70.34
CA PRO JB 194 -60.66 0.15 70.25
C PRO JB 194 -60.79 -1.33 69.93
N VAL JB 195 -59.75 -1.94 69.39
CA VAL JB 195 -59.86 -3.24 68.72
C VAL JB 195 -59.98 -4.34 69.77
N TYR JB 196 -61.13 -4.99 69.79
CA TYR JB 196 -61.35 -6.22 70.54
C TYR JB 196 -61.51 -7.37 69.54
N ALA JB 197 -60.37 -7.93 69.15
CA ALA JB 197 -60.31 -8.95 68.11
C ALA JB 197 -60.21 -10.33 68.73
N THR JB 198 -61.24 -11.15 68.54
CA THR JB 198 -61.25 -12.53 68.99
C THR JB 198 -61.26 -13.44 67.79
N LEU JB 199 -60.29 -14.36 67.74
CA LEU JB 199 -60.03 -15.14 66.54
C LEU JB 199 -60.01 -16.62 66.88
N LYS JB 200 -60.64 -17.41 66.02
CA LYS JB 200 -60.59 -18.87 66.09
C LYS JB 200 -59.65 -19.37 65.01
N ILE JB 201 -58.59 -20.05 65.42
CA ILE JB 201 -57.47 -20.37 64.54
C ILE JB 201 -57.34 -21.89 64.50
N ARG JB 202 -57.88 -22.53 63.47
CA ARG JB 202 -57.72 -23.96 63.29
C ARG JB 202 -56.42 -24.27 62.55
N ILE JB 203 -55.62 -25.16 63.12
CA ILE JB 203 -54.53 -25.81 62.41
C ILE JB 203 -54.84 -27.30 62.37
N TYR JB 204 -55.04 -27.84 61.17
CA TYR JB 204 -55.13 -29.28 61.00
C TYR JB 204 -53.98 -29.74 60.10
N PHE JB 205 -53.36 -30.83 60.51
CA PHE JB 205 -52.08 -31.25 59.94
C PHE JB 205 -51.90 -32.77 60.01
N PRO KB 16 -82.04 -36.04 32.37
CA PRO KB 16 -80.83 -35.25 32.14
C PRO KB 16 -80.41 -34.41 33.36
N ASP KB 17 -81.19 -34.49 34.44
CA ASP KB 17 -80.96 -33.67 35.62
C ASP KB 17 -80.69 -34.50 36.86
N ILE KB 18 -81.46 -35.58 37.07
CA ILE KB 18 -81.49 -36.32 38.32
C ILE KB 18 -80.71 -37.62 38.24
N PRO KB 19 -80.06 -38.05 39.32
CA PRO KB 19 -79.36 -39.34 39.31
C PRO KB 19 -80.13 -40.50 39.92
N ARG KB 20 -81.37 -40.30 40.40
CA ARG KB 20 -82.03 -41.31 41.21
C ARG KB 20 -83.22 -41.97 40.51
N GLY KB 21 -84.22 -41.20 40.08
CA GLY KB 21 -85.43 -41.75 39.55
C GLY KB 21 -86.22 -40.75 38.74
N CYS KB 22 -86.99 -41.24 37.78
CA CYS KB 22 -87.63 -40.43 36.75
C CYS KB 22 -88.91 -39.73 37.22
N GLU KB 23 -89.11 -39.62 38.53
CA GLU KB 23 -90.17 -38.77 39.07
C GLU KB 23 -89.90 -37.30 38.73
N GLY KB 24 -90.97 -36.51 38.75
CA GLY KB 24 -90.84 -35.08 38.59
C GLY KB 24 -90.12 -34.47 39.78
N PRO KB 25 -89.25 -33.50 39.53
CA PRO KB 25 -88.53 -32.84 40.64
C PRO KB 25 -89.47 -31.97 41.47
N CYS KB 26 -90.22 -32.60 42.35
CA CYS KB 26 -91.31 -31.95 43.05
C CYS KB 26 -90.80 -30.99 44.12
N LYS KB 27 -91.43 -29.83 44.20
CA LYS KB 27 -91.03 -28.79 45.15
C LYS KB 27 -91.75 -29.01 46.48
N VAL KB 28 -90.99 -28.95 47.57
CA VAL KB 28 -91.55 -28.88 48.92
C VAL KB 28 -90.88 -27.70 49.59
N GLN KB 29 -91.63 -26.61 49.74
CA GLN KB 29 -91.07 -25.34 50.20
C GLN KB 29 -91.39 -25.13 51.67
N SER KB 30 -90.36 -24.83 52.45
CA SER KB 30 -90.51 -24.51 53.88
C SER KB 30 -90.37 -23.00 54.00
N PHE KB 31 -91.46 -22.30 53.71
CA PHE KB 31 -91.48 -20.87 53.96
C PHE KB 31 -91.55 -20.60 55.46
N GLU KB 32 -90.82 -19.59 55.90
CA GLU KB 32 -90.95 -19.09 57.25
C GLU KB 32 -91.26 -17.60 57.21
N GLN KB 33 -92.08 -17.17 58.17
CA GLN KB 33 -92.22 -15.75 58.50
C GLN KB 33 -91.89 -15.70 59.98
N ARG KB 34 -90.59 -15.65 60.27
CA ARG KB 34 -90.09 -15.86 61.62
C ARG KB 34 -89.01 -14.85 61.96
N ASP KB 35 -88.32 -15.10 63.07
CA ASP KB 35 -87.13 -14.37 63.46
C ASP KB 35 -86.22 -15.33 64.19
N ASP KB 36 -85.25 -14.79 64.93
CA ASP KB 36 -84.39 -15.62 65.74
C ASP KB 36 -84.11 -14.89 67.06
N VAL KB 37 -83.23 -15.48 67.85
CA VAL KB 37 -82.65 -14.81 69.01
C VAL KB 37 -81.14 -14.79 68.76
N LYS KB 38 -80.37 -14.32 69.73
CA LYS KB 38 -78.92 -14.33 69.57
C LYS KB 38 -78.38 -15.76 69.49
N HIS KB 39 -78.93 -16.66 70.30
CA HIS KB 39 -78.36 -18.00 70.41
C HIS KB 39 -78.73 -18.88 69.23
N LEU KB 40 -80.02 -18.89 68.86
CA LEU KB 40 -80.45 -19.91 67.92
C LEU KB 40 -81.66 -19.46 67.11
N GLY KB 41 -81.62 -19.80 65.82
CA GLY KB 41 -82.83 -19.91 65.04
C GLY KB 41 -82.84 -21.29 64.42
N ILE KB 42 -83.76 -22.15 64.84
CA ILE KB 42 -83.72 -23.56 64.48
C ILE KB 42 -84.79 -23.84 63.43
N CYS KB 43 -84.37 -24.55 62.37
CA CYS KB 43 -85.28 -24.87 61.28
C CYS KB 43 -84.90 -26.24 60.74
N LYS KB 44 -85.63 -27.28 61.14
CA LYS KB 44 -85.59 -28.53 60.38
C LYS KB 44 -86.34 -28.32 59.07
N VAL KB 45 -85.61 -28.37 57.96
CA VAL KB 45 -86.16 -27.98 56.67
C VAL KB 45 -86.96 -29.13 56.05
N ILE KB 46 -86.73 -30.35 56.53
CA ILE KB 46 -87.34 -31.54 55.97
C ILE KB 46 -88.55 -31.98 56.81
N SER KB 47 -89.13 -31.04 57.56
CA SER KB 47 -90.05 -31.38 58.64
C SER KB 47 -91.41 -31.83 58.13
N ASP KB 48 -92.09 -30.97 57.36
CA ASP KB 48 -93.49 -31.18 56.98
C ASP KB 48 -93.65 -32.11 55.79
N VAL KB 49 -92.66 -32.94 55.46
CA VAL KB 49 -92.75 -33.81 54.29
C VAL KB 49 -93.37 -35.13 54.73
N THR KB 50 -94.66 -35.30 54.48
CA THR KB 50 -95.41 -36.49 54.84
C THR KB 50 -95.73 -37.29 53.59
N ARG KB 51 -96.17 -38.53 53.78
CA ARG KB 51 -96.57 -39.38 52.66
C ARG KB 51 -97.92 -38.91 52.11
N GLY KB 52 -97.97 -38.73 50.79
CA GLY KB 52 -99.19 -38.33 50.13
C GLY KB 52 -99.02 -38.30 48.62
N PRO KB 53 -100.13 -38.21 47.89
CA PRO KB 53 -100.04 -38.20 46.42
C PRO KB 53 -99.60 -36.86 45.84
N GLY KB 54 -99.74 -35.77 46.57
CA GLY KB 54 -99.40 -34.47 46.04
C GLY KB 54 -97.90 -34.25 45.92
N LEU KB 55 -97.54 -33.17 45.23
CA LEU KB 55 -96.14 -32.83 45.03
C LEU KB 55 -95.51 -32.12 46.22
N THR KB 56 -96.32 -31.75 47.23
CA THR KB 56 -95.80 -31.30 48.51
C THR KB 56 -95.64 -32.46 49.49
N HIS KB 57 -95.43 -33.67 48.98
CA HIS KB 57 -95.43 -34.88 49.78
C HIS KB 57 -94.29 -35.77 49.30
N ARG KB 58 -94.32 -37.04 49.71
CA ARG KB 58 -93.22 -37.96 49.43
C ARG KB 58 -93.77 -39.34 49.13
N VAL KB 59 -92.96 -40.13 48.44
CA VAL KB 59 -93.25 -41.53 48.13
C VAL KB 59 -92.19 -42.38 48.79
N GLY KB 60 -92.57 -43.14 49.82
CA GLY KB 60 -91.64 -43.98 50.55
C GLY KB 60 -90.92 -43.23 51.65
N LYS KB 61 -89.64 -43.55 51.85
CA LYS KB 61 -88.85 -42.93 52.92
C LYS KB 61 -87.43 -42.63 52.47
N ARG KB 62 -87.20 -42.49 51.17
CA ARG KB 62 -85.89 -42.24 50.62
C ARG KB 62 -85.90 -40.95 49.81
N PHE KB 63 -84.99 -40.04 50.13
CA PHE KB 63 -84.83 -38.77 49.44
C PHE KB 63 -83.47 -38.70 48.77
N CYS KB 64 -83.38 -37.89 47.73
CA CYS KB 64 -82.10 -37.36 47.23
C CYS KB 64 -82.38 -35.90 46.90
N ILE KB 65 -82.09 -35.02 47.85
CA ILE KB 65 -82.30 -33.58 47.67
C ILE KB 65 -81.34 -33.08 46.60
N LYS KB 66 -81.90 -32.60 45.49
CA LYS KB 66 -81.07 -32.08 44.41
C LYS KB 66 -80.44 -30.74 44.79
N SER KB 67 -81.27 -29.79 45.23
CA SER KB 67 -80.74 -28.50 45.62
C SER KB 67 -81.68 -27.83 46.61
N ILE KB 68 -81.08 -27.08 47.53
CA ILE KB 68 -81.79 -26.16 48.40
C ILE KB 68 -81.64 -24.76 47.82
N TYR KB 69 -82.76 -24.10 47.56
CA TYR KB 69 -82.80 -22.76 46.99
C TYR KB 69 -83.31 -21.81 48.05
N ILE KB 70 -82.40 -21.02 48.63
CA ILE KB 70 -82.70 -20.17 49.77
C ILE KB 70 -82.99 -18.76 49.25
N LEU KB 71 -84.24 -18.36 49.30
CA LEU KB 71 -84.62 -16.95 49.22
C LEU KB 71 -84.72 -16.39 50.63
N GLY KB 72 -84.77 -15.07 50.73
CA GLY KB 72 -84.94 -14.46 52.03
C GLY KB 72 -84.59 -13.00 52.10
N LYS KB 73 -85.39 -12.24 52.86
CA LYS KB 73 -85.12 -10.85 53.16
C LYS KB 73 -84.92 -10.71 54.66
N ILE KB 74 -83.79 -10.12 55.04
CA ILE KB 74 -83.36 -10.06 56.44
C ILE KB 74 -83.32 -8.59 56.83
N TRP KB 75 -84.27 -8.17 57.66
CA TRP KB 75 -84.39 -6.76 57.99
C TRP KB 75 -84.38 -6.56 59.49
N LEU KB 76 -84.42 -5.27 59.86
CA LEU KB 76 -84.70 -4.81 61.21
C LEU KB 76 -85.62 -3.61 61.20
N ASP KB 77 -86.47 -3.47 60.18
CA ASP KB 77 -87.15 -2.21 59.87
C ASP KB 77 -88.42 -2.03 60.70
N GLU KB 78 -88.53 -2.74 61.82
CA GLU KB 78 -89.46 -2.36 62.88
C GLU KB 78 -89.06 -0.99 63.43
N THR KB 79 -90.02 -0.27 64.00
CA THR KB 79 -89.77 1.10 64.49
C THR KB 79 -88.85 1.15 65.72
N ILE KB 80 -88.47 0.00 66.26
CA ILE KB 80 -87.56 -0.10 67.40
C ILE KB 80 -86.32 -0.78 66.83
N LYS KB 81 -85.33 -1.06 67.67
CA LYS KB 81 -84.05 -1.71 67.35
C LYS KB 81 -83.20 -0.86 66.41
N LYS KB 82 -83.29 0.47 66.56
CA LYS KB 82 -82.27 1.37 66.04
C LYS KB 82 -81.13 1.59 67.01
N GLN KB 83 -81.37 1.52 68.32
CA GLN KB 83 -80.30 1.44 69.30
C GLN KB 83 -79.82 0.00 69.43
N ASN KB 84 -78.66 -0.16 70.09
CA ASN KB 84 -77.94 -1.43 70.28
C ASN KB 84 -77.70 -2.11 68.93
N HIS KB 85 -77.30 -1.30 67.95
CA HIS KB 85 -77.35 -1.66 66.54
C HIS KB 85 -76.07 -2.29 66.02
N THR KB 86 -75.98 -2.38 64.69
CA THR KB 86 -74.89 -3.00 63.91
C THR KB 86 -74.69 -4.48 64.22
N ASN KB 87 -75.66 -5.31 63.89
CA ASN KB 87 -75.55 -6.76 64.03
C ASN KB 87 -75.49 -7.39 62.64
N ASN KB 88 -74.93 -8.59 62.55
CA ASN KB 88 -74.89 -9.34 61.31
C ASN KB 88 -75.35 -10.78 61.52
N VAL KB 89 -75.69 -11.44 60.42
CA VAL KB 89 -76.30 -12.77 60.45
C VAL KB 89 -75.35 -13.74 59.77
N ILE KB 90 -75.00 -14.82 60.45
CA ILE KB 90 -74.20 -15.89 59.88
C ILE KB 90 -75.12 -17.10 59.75
N PHE KB 91 -75.23 -17.63 58.53
CA PHE KB 91 -76.07 -18.80 58.31
C PHE KB 91 -75.24 -20.08 58.42
N TYR KB 92 -75.92 -21.16 58.79
CA TYR KB 92 -75.29 -22.47 58.95
C TYR KB 92 -76.20 -23.52 58.35
N LEU KB 93 -75.69 -24.24 57.36
CA LEU KB 93 -76.44 -25.32 56.70
C LEU KB 93 -75.65 -26.60 56.95
N LEU KB 94 -76.14 -27.44 57.85
CA LEU KB 94 -75.37 -28.56 58.38
C LEU KB 94 -75.88 -29.87 57.81
N ARG KB 95 -74.97 -30.80 57.52
CA ARG KB 95 -75.34 -32.18 57.22
C ARG KB 95 -75.34 -32.96 58.52
N ASP KB 96 -76.54 -33.33 58.99
CA ASP KB 96 -76.69 -34.04 60.25
C ASP KB 96 -76.50 -35.54 60.04
N ARG KB 97 -76.05 -36.22 61.08
CA ARG KB 97 -75.77 -37.65 61.02
C ARG KB 97 -76.82 -38.51 61.73
N ARG KB 98 -77.51 -38.00 62.76
CA ARG KB 98 -78.47 -38.78 63.52
C ARG KB 98 -79.47 -37.84 64.16
N PRO KB 99 -80.72 -38.26 64.32
CA PRO KB 99 -81.70 -37.42 65.04
C PRO KB 99 -81.85 -37.82 66.50
N TYR KB 100 -82.48 -36.95 67.29
CA TYR KB 100 -83.01 -37.31 68.61
C TYR KB 100 -84.37 -36.63 68.75
N GLY KB 101 -85.41 -37.30 68.27
CA GLY KB 101 -86.76 -36.78 68.36
C GLY KB 101 -86.96 -35.46 67.64
N ASN KB 102 -87.09 -34.39 68.43
CA ASN KB 102 -87.16 -33.04 67.92
C ASN KB 102 -85.76 -32.51 67.58
N ALA KB 103 -85.66 -31.20 67.35
CA ALA KB 103 -84.38 -30.61 67.01
C ALA KB 103 -83.51 -30.47 68.26
N PRO KB 104 -82.20 -30.73 68.16
CA PRO KB 104 -81.33 -30.58 69.32
C PRO KB 104 -80.99 -29.12 69.62
N GLN KB 105 -80.10 -28.92 70.59
CA GLN KB 105 -79.67 -27.57 70.95
C GLN KB 105 -78.78 -26.99 69.85
N ASP KB 106 -78.52 -25.68 69.95
CA ASP KB 106 -77.52 -25.03 69.11
C ASP KB 106 -76.26 -24.70 69.90
N PHE KB 107 -76.38 -23.90 70.96
CA PHE KB 107 -75.20 -23.44 71.69
C PHE KB 107 -74.57 -24.56 72.49
N GLY KB 108 -75.36 -25.57 72.88
CA GLY KB 108 -74.82 -26.77 73.46
C GLY KB 108 -74.39 -27.82 72.47
N GLN KB 109 -74.53 -27.54 71.17
CA GLN KB 109 -74.12 -28.48 70.14
C GLN KB 109 -72.95 -27.98 69.32
N ILE KB 110 -73.04 -26.80 68.71
CA ILE KB 110 -71.85 -26.18 68.15
C ILE KB 110 -71.03 -25.58 69.29
N PHE KB 111 -69.73 -25.38 69.02
CA PHE KB 111 -68.74 -25.38 70.10
C PHE KB 111 -68.71 -24.07 70.88
N ASN KB 112 -68.39 -22.96 70.22
CA ASN KB 112 -68.03 -21.76 70.97
C ASN KB 112 -68.98 -20.63 70.56
N MET KB 113 -68.71 -19.43 71.06
CA MET KB 113 -69.63 -18.31 70.95
C MET KB 113 -69.55 -17.67 69.56
N PHE KB 114 -70.45 -18.14 68.70
CA PHE KB 114 -71.03 -17.49 67.52
C PHE KB 114 -70.06 -17.38 66.33
N ASP KB 115 -68.79 -17.72 66.50
CA ASP KB 115 -67.83 -17.89 65.42
C ASP KB 115 -67.10 -19.20 65.67
N ASN KB 116 -67.65 -20.29 65.15
CA ASN KB 116 -67.23 -21.60 65.62
C ASN KB 116 -67.49 -22.67 64.57
N GLU KB 117 -67.38 -23.91 65.02
CA GLU KB 117 -67.57 -25.16 64.30
C GLU KB 117 -68.36 -26.07 65.25
N PRO KB 118 -68.84 -27.24 64.81
CA PRO KB 118 -69.36 -28.21 65.77
C PRO KB 118 -68.28 -28.73 66.71
N SER KB 119 -68.72 -29.23 67.86
CA SER KB 119 -67.82 -29.66 68.92
C SER KB 119 -67.08 -30.93 68.50
N THR KB 120 -65.99 -31.21 69.23
CA THR KB 120 -65.16 -32.38 68.94
C THR KB 120 -65.85 -33.69 69.24
N ALA KB 121 -66.80 -33.69 70.18
CA ALA KB 121 -67.54 -34.90 70.52
C ALA KB 121 -68.81 -35.08 69.69
N THR KB 122 -69.05 -34.21 68.70
CA THR KB 122 -70.30 -34.22 67.95
C THR KB 122 -70.11 -34.59 66.49
N ILE KB 123 -68.88 -34.74 66.01
CA ILE KB 123 -68.65 -35.01 64.59
C ILE KB 123 -69.02 -36.44 64.24
N PHE KB 131 -71.54 -33.07 64.09
CA PHE KB 131 -72.36 -33.16 62.89
C PHE KB 131 -71.63 -32.46 61.75
N GLN KB 132 -71.82 -32.95 60.53
CA GLN KB 132 -71.10 -32.37 59.40
C GLN KB 132 -71.72 -31.03 59.00
N VAL KB 133 -70.90 -30.22 58.33
CA VAL KB 133 -71.26 -28.89 57.87
C VAL KB 133 -71.29 -28.97 56.35
N LEU KB 134 -72.14 -28.17 55.71
CA LEU KB 134 -72.00 -28.00 54.26
C LEU KB 134 -71.38 -26.65 53.90
N ARG KB 135 -72.04 -25.54 54.21
CA ARG KB 135 -71.50 -24.21 53.92
C ARG KB 135 -72.06 -23.19 54.92
N LYS KB 136 -71.62 -21.94 54.75
CA LYS KB 136 -72.05 -20.80 55.55
C LYS KB 136 -72.51 -19.68 54.63
N PHE KB 137 -73.08 -18.63 55.20
CA PHE KB 137 -73.45 -17.43 54.46
C PHE KB 137 -73.22 -16.21 55.33
N HIS KB 138 -73.50 -15.03 54.77
CA HIS KB 138 -73.36 -13.76 55.48
C HIS KB 138 -74.54 -12.87 55.17
N ALA KB 139 -74.89 -12.03 56.14
CA ALA KB 139 -75.92 -11.00 55.97
C ALA KB 139 -75.64 -9.93 57.03
N THR KB 140 -75.33 -8.71 56.59
CA THR KB 140 -74.91 -7.64 57.47
C THR KB 140 -75.90 -6.49 57.43
N VAL KB 141 -76.67 -6.33 58.49
CA VAL KB 141 -77.66 -5.26 58.57
C VAL KB 141 -77.25 -4.27 59.66
N VAL KB 142 -76.67 -3.15 59.24
CA VAL KB 142 -76.15 -2.17 60.19
C VAL KB 142 -76.94 -0.87 60.11
N GLY KB 143 -77.89 -0.69 61.02
CA GLY KB 143 -78.68 0.52 61.01
C GLY KB 143 -78.89 1.16 62.37
N GLY KB 144 -78.37 2.37 62.56
CA GLY KB 144 -78.53 3.05 63.83
C GLY KB 144 -79.41 4.28 63.71
N LEU KB 145 -78.78 5.46 63.75
CA LEU KB 145 -79.51 6.70 63.60
C LEU KB 145 -78.76 7.61 62.64
N TYR KB 146 -79.45 8.66 62.18
CA TYR KB 146 -78.97 9.77 61.37
C TYR KB 146 -78.45 9.40 59.99
N CYS KB 147 -78.52 8.15 59.53
CA CYS KB 147 -78.60 7.96 58.09
C CYS KB 147 -79.83 7.12 57.71
N MET KB 148 -80.15 5.96 58.32
CA MET KB 148 -79.27 4.98 58.98
C MET KB 148 -78.90 3.96 57.88
N LYS KB 149 -77.59 3.80 57.63
CA LYS KB 149 -77.22 3.14 56.40
C LYS KB 149 -76.85 1.67 56.62
N GLU KB 150 -77.90 0.85 56.77
CA GLU KB 150 -78.17 -0.42 56.11
C GLU KB 150 -79.47 -1.00 56.65
N GLN KB 151 -80.10 -1.84 55.85
CA GLN KB 151 -81.42 -2.42 56.10
C GLN KB 151 -81.56 -3.72 55.32
N ALA KB 152 -82.82 -4.10 55.06
CA ALA KB 152 -83.26 -5.34 54.41
C ALA KB 152 -82.41 -5.73 53.21
N LEU KB 153 -81.75 -6.87 53.29
CA LEU KB 153 -80.91 -7.39 52.22
C LEU KB 153 -81.58 -8.60 51.61
N VAL KB 154 -81.38 -8.81 50.31
CA VAL KB 154 -81.97 -9.96 49.63
C VAL KB 154 -80.89 -10.97 49.32
N LYS KB 155 -81.14 -12.24 49.64
CA LYS KB 155 -80.17 -13.32 49.43
C LYS KB 155 -80.83 -14.44 48.67
N ARG KB 156 -80.28 -14.77 47.49
CA ARG KB 156 -80.67 -15.94 46.73
C ARG KB 156 -79.44 -16.81 46.49
N PHE KB 157 -79.61 -18.13 46.61
CA PHE KB 157 -78.48 -19.06 46.49
C PHE KB 157 -78.97 -20.40 45.95
N TYR KB 158 -78.45 -20.79 44.78
CA TYR KB 158 -78.42 -22.20 44.42
C TYR KB 158 -77.43 -22.93 45.34
N ARG KB 159 -77.81 -24.13 45.78
CA ARG KB 159 -76.94 -24.89 46.68
C ARG KB 159 -77.26 -26.38 46.51
N LEU KB 160 -76.41 -27.09 45.77
CA LEU KB 160 -76.63 -28.50 45.51
C LEU KB 160 -76.25 -29.34 46.73
N ASN KB 161 -77.04 -30.39 46.97
CA ASN KB 161 -76.89 -31.22 48.16
C ASN KB 161 -77.18 -32.67 47.78
N HIS KB 162 -77.41 -33.52 48.78
CA HIS KB 162 -77.50 -34.97 48.55
C HIS KB 162 -78.54 -35.57 49.50
N HIS KB 163 -78.50 -36.90 49.64
CA HIS KB 163 -79.62 -37.75 50.01
C HIS KB 163 -79.99 -37.64 51.49
N VAL KB 164 -81.26 -37.98 51.77
CA VAL KB 164 -81.88 -37.96 53.10
C VAL KB 164 -82.73 -39.22 53.22
N THR KB 165 -82.75 -39.83 54.41
CA THR KB 165 -83.57 -41.00 54.67
C THR KB 165 -84.50 -40.72 55.84
N TYR KB 166 -85.75 -41.20 55.76
CA TYR KB 166 -86.64 -41.26 56.91
C TYR KB 166 -86.68 -42.68 57.48
N ASN KB 167 -86.89 -42.77 58.79
CA ASN KB 167 -86.91 -44.07 59.46
C ASN KB 167 -88.25 -44.75 59.26
N HIS KB 168 -89.32 -44.16 59.79
CA HIS KB 168 -90.62 -44.80 59.78
C HIS KB 168 -91.31 -44.62 58.43
N GLN KB 169 -92.29 -45.48 58.18
CA GLN KB 169 -93.10 -45.44 56.97
C GLN KB 169 -94.39 -44.67 57.19
N GLU KB 170 -94.39 -43.76 58.16
CA GLU KB 170 -95.55 -42.96 58.52
C GLU KB 170 -95.72 -41.80 57.56
N ALA KB 171 -96.90 -41.16 57.63
CA ALA KB 171 -97.11 -39.87 57.02
C ALA KB 171 -96.86 -38.77 58.06
N GLY KB 172 -95.67 -38.82 58.65
CA GLY KB 172 -95.36 -38.05 59.83
C GLY KB 172 -94.43 -36.87 59.58
N LYS KB 173 -94.20 -36.13 60.65
CA LYS KB 173 -93.40 -34.91 60.64
C LYS KB 173 -91.94 -35.27 60.94
N TYR KB 174 -91.15 -34.26 61.33
CA TYR KB 174 -89.70 -34.38 61.54
C TYR KB 174 -89.28 -35.35 62.65
N GLU KB 175 -90.22 -35.89 63.43
CA GLU KB 175 -89.85 -36.66 64.61
C GLU KB 175 -89.29 -38.04 64.25
N ASN KB 176 -89.68 -38.60 63.11
CA ASN KB 176 -89.33 -39.98 62.76
C ASN KB 176 -88.14 -40.08 61.81
N HIS KB 177 -87.14 -39.21 61.99
CA HIS KB 177 -85.98 -39.20 61.11
C HIS KB 177 -85.04 -40.38 61.42
N THR KB 178 -83.99 -40.46 60.63
CA THR KB 178 -82.87 -41.39 60.81
C THR KB 178 -81.62 -40.71 60.26
N GLU KB 179 -80.60 -41.50 59.91
CA GLU KB 179 -79.34 -41.03 59.34
C GLU KB 179 -79.55 -40.08 58.15
N ASN KB 180 -78.59 -39.16 58.01
CA ASN KB 180 -78.50 -38.16 56.93
C ASN KB 180 -79.72 -37.23 56.94
N ALA KB 181 -79.84 -36.49 58.04
CA ALA KB 181 -80.71 -35.34 58.09
C ALA KB 181 -79.92 -34.09 57.70
N LEU KB 182 -80.63 -32.99 57.48
CA LEU KB 182 -80.01 -31.71 57.22
C LEU KB 182 -80.98 -30.60 57.59
N LEU KB 183 -80.45 -29.53 58.17
CA LEU KB 183 -81.29 -28.47 58.72
C LEU KB 183 -80.45 -27.19 58.80
N LEU KB 184 -81.08 -26.12 59.32
CA LEU KB 184 -80.47 -24.81 59.35
C LEU KB 184 -80.33 -24.30 60.78
N TYR KB 185 -79.30 -23.49 61.00
CA TYR KB 185 -79.18 -22.66 62.19
C TYR KB 185 -78.86 -21.24 61.75
N MET KB 186 -79.50 -20.27 62.41
CA MET KB 186 -79.23 -18.85 62.18
C MET KB 186 -78.70 -18.25 63.47
N ALA KB 187 -77.71 -17.36 63.34
CA ALA KB 187 -77.00 -16.84 64.50
C ALA KB 187 -76.90 -15.33 64.43
N CYS KB 188 -77.24 -14.68 65.53
CA CYS KB 188 -76.98 -13.25 65.72
C CYS KB 188 -75.74 -13.07 66.59
N THR KB 189 -75.09 -11.92 66.44
CA THR KB 189 -73.81 -11.67 67.08
C THR KB 189 -73.86 -10.56 68.13
N HIS KB 190 -75.04 -10.13 68.55
CA HIS KB 190 -75.15 -9.08 69.55
C HIS KB 190 -76.34 -9.36 70.46
N ALA KB 191 -76.30 -8.76 71.66
CA ALA KB 191 -77.26 -9.07 72.70
C ALA KB 191 -78.67 -8.56 72.37
N SER KB 192 -78.79 -7.52 71.57
CA SER KB 192 -80.09 -7.12 71.06
C SER KB 192 -80.59 -8.12 70.04
N ASN KB 193 -81.89 -8.06 69.76
CA ASN KB 193 -82.43 -8.92 68.72
C ASN KB 193 -83.12 -8.10 67.63
N PRO KB 194 -82.38 -7.49 66.71
CA PRO KB 194 -83.04 -6.71 65.65
C PRO KB 194 -83.51 -7.55 64.48
N VAL KB 195 -82.96 -8.75 64.31
CA VAL KB 195 -83.05 -9.49 63.07
C VAL KB 195 -84.44 -10.09 62.93
N TYR KB 196 -85.19 -9.63 61.94
CA TYR KB 196 -86.44 -10.25 61.53
C TYR KB 196 -86.22 -10.86 60.14
N ALA KB 197 -85.74 -12.10 60.14
CA ALA KB 197 -85.34 -12.79 58.93
C ALA KB 197 -86.43 -13.75 58.49
N THR KB 198 -87.04 -13.47 57.33
CA THR KB 198 -88.04 -14.35 56.75
C THR KB 198 -87.49 -14.93 55.46
N LEU KB 199 -87.50 -16.25 55.35
CA LEU KB 199 -86.79 -16.95 54.30
C LEU KB 199 -87.73 -17.92 53.59
N LYS KB 200 -87.64 -17.93 52.27
CA LYS KB 200 -88.33 -18.90 51.44
C LYS KB 200 -87.33 -19.94 50.96
N ILE KB 201 -87.58 -21.20 51.33
CA ILE KB 201 -86.59 -22.27 51.17
C ILE KB 201 -87.21 -23.33 50.29
N ARG KB 202 -86.87 -23.32 49.01
CA ARG KB 202 -87.31 -24.37 48.09
C ARG KB 202 -86.37 -25.55 48.13
N ILE KB 203 -86.93 -26.74 48.32
CA ILE KB 203 -86.23 -28.00 48.06
C ILE KB 203 -87.00 -28.71 46.95
N TYR KB 204 -86.36 -28.90 45.80
CA TYR KB 204 -86.92 -29.75 44.76
C TYR KB 204 -85.97 -30.92 44.53
N PHE KB 205 -86.56 -32.11 44.42
CA PHE KB 205 -85.80 -33.35 44.48
C PHE KB 205 -86.48 -34.46 43.68
N PRO LB 16 -82.10 -28.35 -40.38
CA PRO LB 16 -80.95 -27.64 -39.81
C PRO LB 16 -81.25 -26.16 -39.51
N ASP LB 17 -82.47 -25.72 -39.79
CA ASP LB 17 -82.84 -24.32 -39.64
C ASP LB 17 -84.00 -24.13 -38.66
N ILE LB 18 -85.01 -24.98 -38.73
CA ILE LB 18 -86.28 -24.77 -38.03
C ILE LB 18 -86.41 -25.65 -36.80
N PRO LB 19 -87.05 -25.17 -35.73
CA PRO LB 19 -87.27 -26.00 -34.54
C PRO LB 19 -88.63 -26.67 -34.45
N ARG LB 20 -89.52 -26.48 -35.44
CA ARG LB 20 -90.92 -26.88 -35.28
C ARG LB 20 -91.31 -28.06 -36.15
N GLY LB 21 -91.17 -27.95 -37.48
CA GLY LB 21 -91.65 -28.96 -38.38
C GLY LB 21 -91.01 -28.86 -39.75
N CYS LB 22 -90.94 -30.00 -40.44
CA CYS LB 22 -90.15 -30.15 -41.67
C CYS LB 22 -90.83 -29.60 -42.91
N GLU LB 23 -91.85 -28.74 -42.75
CA GLU LB 23 -92.40 -28.00 -43.87
C GLU LB 23 -91.35 -27.04 -44.44
N GLY LB 24 -91.56 -26.66 -45.69
CA GLY LB 24 -90.73 -25.63 -46.31
C GLY LB 24 -90.97 -24.29 -45.64
N PRO LB 25 -89.89 -23.52 -45.45
CA PRO LB 25 -90.04 -22.19 -44.84
C PRO LB 25 -90.72 -21.22 -45.79
N CYS LB 26 -92.05 -21.31 -45.85
CA CYS LB 26 -92.82 -20.60 -46.86
C CYS LB 26 -92.91 -19.12 -46.57
N LYS LB 27 -92.77 -18.32 -47.61
CA LYS LB 27 -92.80 -16.87 -47.48
C LYS LB 27 -94.23 -16.35 -47.59
N VAL LB 28 -94.61 -15.48 -46.67
CA VAL LB 28 -95.84 -14.72 -46.76
C VAL LB 28 -95.46 -13.25 -46.57
N GLN LB 29 -95.46 -12.50 -47.66
CA GLN LB 29 -94.94 -11.15 -47.65
C GLN LB 29 -96.08 -10.13 -47.59
N SER LB 30 -95.98 -9.30 -46.57
CA SER LB 30 -96.98 -8.26 -46.39
C SER LB 30 -96.38 -6.97 -46.96
N PHE LB 31 -96.45 -6.82 -48.27
CA PHE LB 31 -96.06 -5.56 -48.88
C PHE LB 31 -97.11 -4.50 -48.58
N GLU LB 32 -96.63 -3.30 -48.32
CA GLU LB 32 -97.50 -2.14 -48.23
C GLU LB 32 -97.02 -1.07 -49.21
N GLN LB 33 -97.99 -0.36 -49.77
CA GLN LB 33 -97.74 0.91 -50.46
C GLN LB 33 -98.63 1.90 -49.72
N ARG LB 34 -98.15 2.39 -48.59
CA ARG LB 34 -98.96 3.12 -47.64
C ARG LB 34 -98.23 4.35 -47.12
N ASP LB 35 -98.79 4.95 -46.08
CA ASP LB 35 -98.15 6.02 -45.34
C ASP LB 35 -98.60 5.89 -43.88
N ASP LB 36 -98.41 6.97 -43.11
CA ASP LB 36 -98.91 6.99 -41.75
C ASP LB 36 -99.43 8.38 -41.45
N VAL LB 37 -99.80 8.59 -40.18
CA VAL LB 37 -100.08 9.91 -39.65
C VAL LB 37 -99.08 10.11 -38.52
N LYS LB 38 -99.19 11.22 -37.78
CA LYS LB 38 -98.32 11.43 -36.64
C LYS LB 38 -98.56 10.40 -35.55
N HIS LB 39 -99.82 10.05 -35.30
CA HIS LB 39 -100.15 9.19 -34.17
C HIS LB 39 -99.83 7.73 -34.45
N LEU LB 40 -100.23 7.22 -35.61
CA LEU LB 40 -100.19 5.78 -35.78
C LEU LB 40 -100.04 5.39 -37.25
N GLY LB 41 -99.20 4.38 -37.48
CA GLY LB 41 -99.31 3.57 -38.66
C GLY LB 41 -99.41 2.13 -38.22
N ILE LB 42 -100.57 1.51 -38.43
CA ILE LB 42 -100.85 0.20 -37.85
C ILE LB 42 -100.77 -0.87 -38.93
N CYS LB 43 -100.06 -1.95 -38.60
CA CYS LB 43 -99.85 -3.05 -39.54
C CYS LB 43 -99.81 -4.35 -38.75
N LYS LB 44 -100.92 -5.09 -38.73
CA LYS LB 44 -100.84 -6.49 -38.35
C LYS LB 44 -100.18 -7.25 -39.49
N VAL LB 45 -98.77 -7.87 -39.38
CA VAL LB 45 -97.98 -8.48 -40.43
C VAL LB 45 -98.45 -9.91 -40.70
N ILE LB 46 -99.20 -10.49 -39.77
CA ILE LB 46 -99.64 -11.88 -39.85
C ILE LB 46 -101.09 -11.95 -40.35
N SER LB 47 -101.54 -10.91 -41.06
CA SER LB 47 -102.97 -10.70 -41.30
C SER LB 47 -103.52 -11.66 -42.34
N ASP LB 48 -102.97 -11.63 -43.56
CA ASP LB 48 -103.54 -12.33 -44.69
C ASP LB 48 -103.16 -13.80 -44.75
N VAL LB 49 -102.74 -14.42 -43.65
CA VAL LB 49 -102.31 -15.81 -43.66
C VAL LB 49 -103.54 -16.68 -43.38
N THR LB 50 -104.12 -17.24 -44.43
CA THR LB 50 -105.30 -18.09 -44.33
C THR LB 50 -104.92 -19.54 -44.59
N ARG LB 51 -105.83 -20.46 -44.28
CA ARG LB 51 -105.60 -21.87 -44.54
C ARG LB 51 -105.72 -22.16 -46.03
N GLY LB 52 -104.72 -22.85 -46.58
CA GLY LB 52 -104.72 -23.21 -47.98
C GLY LB 52 -103.53 -24.08 -48.32
N PRO LB 53 -103.56 -24.70 -49.50
CA PRO LB 53 -102.45 -25.59 -49.90
C PRO LB 53 -101.22 -24.84 -50.37
N GLY LB 54 -101.35 -23.58 -50.80
CA GLY LB 54 -100.21 -22.85 -51.33
C GLY LB 54 -99.23 -22.43 -50.25
N LEU LB 55 -98.07 -21.95 -50.72
CA LEU LB 55 -97.02 -21.51 -49.80
C LEU LB 55 -97.25 -20.10 -49.27
N THR LB 56 -98.25 -19.38 -49.79
CA THR LB 56 -98.71 -18.14 -49.18
C THR LB 56 -99.83 -18.38 -48.18
N HIS LB 57 -99.86 -19.56 -47.57
CA HIS LB 57 -100.96 -20.00 -46.73
C HIS LB 57 -100.38 -20.72 -45.51
N ARG LB 58 -101.24 -21.42 -44.79
CA ARG LB 58 -100.84 -22.05 -43.53
C ARG LB 58 -101.52 -23.40 -43.39
N VAL LB 59 -100.91 -24.25 -42.56
CA VAL LB 59 -101.45 -25.55 -42.21
C VAL LB 59 -101.72 -25.56 -40.71
N GLY LB 60 -102.99 -25.58 -40.34
CA GLY LB 60 -103.37 -25.56 -38.94
C GLY LB 60 -103.47 -24.17 -38.36
N LYS LB 61 -103.07 -24.00 -37.10
CA LYS LB 61 -103.15 -22.70 -36.44
C LYS LB 61 -101.92 -22.43 -35.57
N ARG LB 62 -100.79 -23.08 -35.87
CA ARG LB 62 -99.57 -22.94 -35.09
C ARG LB 62 -98.45 -22.46 -35.99
N PHE LB 63 -97.79 -21.36 -35.60
CA PHE LB 63 -96.66 -20.81 -36.32
C PHE LB 63 -95.41 -20.86 -35.45
N CYS LB 64 -94.11 -20.72 -36.20
CA CYS LB 64 -92.85 -20.33 -35.57
C CYS LB 64 -92.14 -19.44 -36.59
N ILE LB 65 -92.35 -18.13 -36.46
CA ILE LB 65 -91.73 -17.17 -37.37
C ILE LB 65 -90.22 -17.19 -37.17
N LYS LB 66 -89.49 -17.59 -38.22
CA LYS LB 66 -88.04 -17.63 -38.14
C LYS LB 66 -87.46 -16.23 -38.13
N SER LB 67 -87.82 -15.41 -39.12
CA SER LB 67 -87.29 -14.06 -39.17
C SER LB 67 -88.25 -13.16 -39.94
N ILE LB 68 -88.32 -11.90 -39.51
CA ILE LB 68 -88.96 -10.83 -40.24
C ILE LB 68 -87.88 -10.04 -40.96
N TYR LB 69 -88.02 -9.93 -42.28
CA TYR LB 69 -87.06 -9.23 -43.13
C TYR LB 69 -87.73 -7.97 -43.66
N ILE LB 70 -87.35 -6.82 -43.10
CA ILE LB 70 -88.01 -5.56 -43.39
C ILE LB 70 -87.20 -4.83 -44.45
N LEU LB 71 -87.74 -4.75 -45.66
CA LEU LB 71 -87.31 -3.78 -46.65
C LEU LB 71 -88.17 -2.55 -46.54
N GLY LB 72 -87.73 -1.48 -47.18
CA GLY LB 72 -88.54 -0.28 -47.19
C GLY LB 72 -87.82 0.99 -47.58
N LYS LB 73 -88.49 1.84 -48.34
CA LYS LB 73 -88.00 3.16 -48.68
C LYS LB 73 -88.94 4.20 -48.10
N ILE LB 74 -88.39 5.13 -47.32
CA ILE LB 74 -89.17 6.08 -46.54
C ILE LB 74 -88.84 7.46 -47.08
N TRP LB 75 -89.78 8.08 -47.80
CA TRP LB 75 -89.51 9.35 -48.45
C TRP LB 75 -90.55 10.40 -48.06
N LEU LB 76 -90.31 11.59 -48.58
CA LEU LB 76 -91.28 12.68 -48.59
C LEU LB 76 -91.27 13.41 -49.92
N ASP LB 77 -90.89 12.74 -51.02
CA ASP LB 77 -90.52 13.39 -52.26
C ASP LB 77 -91.74 13.74 -53.12
N GLU LB 78 -92.92 13.83 -52.52
CA GLU LB 78 -94.04 14.53 -53.11
C GLU LB 78 -93.67 16.01 -53.25
N THR LB 79 -94.32 16.70 -54.20
CA THR LB 79 -93.98 18.11 -54.48
C THR LB 79 -94.38 19.07 -53.36
N ILE LB 80 -95.06 18.58 -52.32
CA ILE LB 80 -95.46 19.37 -51.16
C ILE LB 80 -94.66 18.77 -50.02
N LYS LB 81 -94.87 19.27 -48.79
CA LYS LB 81 -94.22 18.85 -47.55
C LYS LB 81 -92.72 19.15 -47.56
N LYS LB 82 -92.34 20.25 -48.20
CA LYS LB 82 -91.05 20.87 -47.97
C LYS LB 82 -91.07 21.87 -46.82
N GLN LB 83 -92.21 22.52 -46.56
CA GLN LB 83 -92.39 23.28 -45.33
C GLN LB 83 -92.83 22.33 -44.21
N ASN LB 84 -92.77 22.84 -42.97
CA ASN LB 84 -93.05 22.12 -41.73
C ASN LB 84 -92.19 20.86 -41.64
N HIS LB 85 -90.92 21.01 -42.01
CA HIS LB 85 -90.06 19.88 -42.34
C HIS LB 85 -89.24 19.37 -41.16
N THR LB 86 -88.23 18.53 -41.48
CA THR LB 86 -87.35 17.84 -40.55
C THR LB 86 -88.07 16.91 -39.58
N ASN LB 87 -88.69 15.85 -40.09
CA ASN LB 87 -89.32 14.83 -39.26
C ASN LB 87 -88.52 13.54 -39.37
N ASN LB 88 -88.64 12.67 -38.37
CA ASN LB 88 -88.00 11.36 -38.38
C ASN LB 88 -88.99 10.27 -38.01
N VAL LB 89 -88.64 9.03 -38.33
CA VAL LB 89 -89.52 7.89 -38.19
C VAL LB 89 -88.90 6.93 -37.16
N ILE LB 90 -89.67 6.57 -36.15
CA ILE LB 90 -89.26 5.56 -35.18
C ILE LB 90 -90.15 4.34 -35.40
N PHE LB 91 -89.52 3.19 -35.64
CA PHE LB 91 -90.28 1.97 -35.83
C PHE LB 91 -90.45 1.21 -34.51
N TYR LB 92 -91.51 0.44 -34.44
CA TYR LB 92 -91.84 -0.34 -33.26
C TYR LB 92 -92.31 -1.72 -33.69
N LEU LB 93 -91.60 -2.76 -33.26
CA LEU LB 93 -91.95 -4.14 -33.57
C LEU LB 93 -92.23 -4.81 -32.24
N LEU LB 94 -93.51 -5.04 -31.94
CA LEU LB 94 -93.95 -5.44 -30.61
C LEU LB 94 -94.33 -6.91 -30.60
N ARG LB 95 -94.03 -7.60 -29.50
CA ARG LB 95 -94.55 -8.93 -29.25
C ARG LB 95 -95.84 -8.79 -28.46
N ASP LB 96 -96.98 -9.06 -29.12
CA ASP LB 96 -98.29 -8.91 -28.50
C ASP LB 96 -98.63 -10.16 -27.70
N ARG LB 97 -99.46 -9.98 -26.66
CA ARG LB 97 -99.85 -11.07 -25.78
C ARG LB 97 -101.28 -11.56 -26.00
N ARG LB 98 -102.01 -10.41 -26.56
CA ARG LB 98 -103.41 -10.75 -26.72
C ARG LB 98 -104.01 -9.86 -27.80
N PRO LB 99 -104.98 -10.36 -28.56
CA PRO LB 99 -105.67 -9.50 -29.53
C PRO LB 99 -106.98 -8.94 -29.00
N TYR LB 100 -107.52 -7.94 -29.69
CA TYR LB 100 -108.91 -7.51 -29.52
C TYR LB 100 -109.46 -7.21 -30.91
N GLY LB 101 -109.97 -8.24 -31.59
CA GLY LB 101 -110.54 -8.09 -32.92
C GLY LB 101 -109.56 -7.58 -33.95
N ASN LB 102 -109.74 -6.31 -34.33
CA ASN LB 102 -108.82 -5.62 -35.22
C ASN LB 102 -107.60 -5.12 -34.45
N ALA LB 103 -106.81 -4.24 -35.08
CA ALA LB 103 -105.62 -3.72 -34.44
C ALA LB 103 -106.00 -2.65 -33.41
N PRO LB 104 -105.32 -2.62 -32.25
CA PRO LB 104 -105.63 -1.60 -31.25
C PRO LB 104 -105.04 -0.24 -31.59
N GLN LB 105 -105.16 0.71 -30.67
CA GLN LB 105 -104.61 2.03 -30.87
C GLN LB 105 -103.08 2.00 -30.79
N ASP LB 106 -102.46 3.12 -31.19
CA ASP LB 106 -101.04 3.31 -30.95
C ASP LB 106 -100.79 4.32 -29.84
N PHE LB 107 -101.27 5.55 -30.01
CA PHE LB 107 -100.96 6.61 -29.05
C PHE LB 107 -101.68 6.39 -27.72
N GLY LB 108 -102.82 5.69 -27.76
CA GLY LB 108 -103.48 5.26 -26.53
C GLY LB 108 -102.98 3.95 -25.99
N GLN LB 109 -101.99 3.33 -26.63
CA GLN LB 109 -101.43 2.07 -26.17
C GLN LB 109 -99.99 2.21 -25.73
N ILE LB 110 -99.09 2.72 -26.58
CA ILE LB 110 -97.78 3.10 -26.09
C ILE LB 110 -97.89 4.44 -25.35
N PHE LB 111 -97.56 4.51 -24.05
CA PHE LB 111 -97.84 5.36 -22.90
C PHE LB 111 -97.86 6.85 -23.25
N ASN LB 112 -96.76 7.40 -23.72
CA ASN LB 112 -96.63 8.85 -23.75
C ASN LB 112 -96.37 9.29 -25.19
N MET LB 113 -96.10 10.58 -25.38
CA MET LB 113 -96.05 11.18 -26.70
C MET LB 113 -94.71 10.88 -27.39
N PHE LB 114 -94.74 9.80 -28.18
CA PHE LB 114 -93.91 9.50 -29.35
C PHE LB 114 -92.47 9.11 -28.99
N ASP LB 115 -92.06 9.21 -27.72
CA ASP LB 115 -90.82 8.66 -27.21
C ASP LB 115 -91.15 7.95 -25.92
N ASN LB 116 -91.50 6.67 -26.02
CA ASN LB 116 -92.17 6.01 -24.91
C ASN LB 116 -91.96 4.51 -24.95
N GLU LB 117 -92.75 3.83 -24.12
CA GLU LB 117 -92.83 2.39 -23.92
C GLU LB 117 -94.32 2.06 -23.82
N PRO LB 118 -94.72 0.79 -23.81
CA PRO LB 118 -96.12 0.49 -23.47
C PRO LB 118 -96.46 0.86 -22.03
N SER LB 119 -97.75 1.05 -21.78
CA SER LB 119 -98.23 1.53 -20.50
C SER LB 119 -98.05 0.46 -19.41
N THR LB 120 -98.13 0.90 -18.16
CA THR LB 120 -97.94 0.01 -17.02
C THR LB 120 -99.08 -0.99 -16.88
N ALA LB 121 -100.28 -0.65 -17.34
CA ALA LB 121 -101.42 -1.55 -17.27
C ALA LB 121 -101.54 -2.44 -18.50
N THR LB 122 -100.58 -2.42 -19.41
CA THR LB 122 -100.69 -3.13 -20.67
C THR LB 122 -99.66 -4.24 -20.84
N ILE LB 123 -98.71 -4.36 -19.91
CA ILE LB 123 -97.64 -5.35 -20.04
C ILE LB 123 -98.17 -6.76 -19.79
N PHE LB 131 -98.01 -4.77 -23.49
CA PHE LB 131 -97.59 -5.72 -24.51
C PHE LB 131 -96.08 -5.69 -24.62
N GLN LB 132 -95.47 -6.83 -24.93
CA GLN LB 132 -94.01 -6.88 -24.99
C GLN LB 132 -93.49 -6.19 -26.26
N VAL LB 133 -92.24 -5.79 -26.18
CA VAL LB 133 -91.53 -5.11 -27.26
C VAL LB 133 -90.45 -6.06 -27.73
N LEU LB 134 -90.10 -6.00 -29.02
CA LEU LB 134 -88.88 -6.68 -29.45
C LEU LB 134 -87.72 -5.71 -29.70
N ARG LB 135 -87.85 -4.80 -30.67
CA ARG LB 135 -86.81 -3.82 -30.95
C ARG LB 135 -87.43 -2.56 -31.56
N LYS LB 136 -86.56 -1.59 -31.86
CA LYS LB 136 -86.91 -0.32 -32.49
C LYS LB 136 -86.01 -0.10 -33.69
N PHE LB 137 -86.32 0.94 -34.46
CA PHE LB 137 -85.47 1.36 -35.59
C PHE LB 137 -85.50 2.88 -35.69
N HIS LB 138 -84.74 3.41 -36.66
CA HIS LB 138 -84.67 4.83 -36.92
C HIS LB 138 -84.71 5.10 -38.41
N ALA LB 139 -85.27 6.24 -38.78
CA ALA LB 139 -85.26 6.72 -40.16
C ALA LB 139 -85.47 8.23 -40.10
N THR LB 140 -84.48 8.99 -40.58
CA THR LB 140 -84.47 10.44 -40.44
C THR LB 140 -84.49 11.07 -41.82
N VAL LB 141 -85.63 11.68 -42.18
CA VAL LB 141 -85.78 12.33 -43.47
C VAL LB 141 -85.96 13.83 -43.25
N VAL LB 142 -84.88 14.59 -43.45
CA VAL LB 142 -84.91 16.02 -43.16
C VAL LB 142 -84.74 16.82 -44.46
N GLY LB 143 -85.85 17.28 -45.03
CA GLY LB 143 -85.76 18.05 -46.26
C GLY LB 143 -86.62 19.29 -46.29
N GLY LB 144 -85.98 20.46 -46.36
CA GLY LB 144 -86.74 21.70 -46.42
C GLY LB 144 -86.62 22.41 -47.76
N LEU LB 145 -85.82 23.48 -47.80
CA LEU LB 145 -85.58 24.21 -49.03
C LEU LB 145 -84.10 24.51 -49.15
N TYR LB 146 -83.71 24.91 -50.36
CA TYR LB 146 -82.39 25.41 -50.76
C TYR LB 146 -81.23 24.42 -50.60
N CYS LB 147 -81.46 23.16 -50.21
CA CYS LB 147 -80.50 22.16 -50.66
C CYS LB 147 -81.21 21.00 -51.40
N MET LB 148 -82.32 20.39 -50.91
CA MET LB 148 -82.73 20.21 -49.51
C MET LB 148 -82.14 18.86 -49.07
N LYS LB 149 -81.33 18.87 -48.01
CA LYS LB 149 -80.48 17.70 -47.79
C LYS LB 149 -81.06 16.78 -46.71
N GLU LB 150 -82.06 15.99 -47.14
CA GLU LB 150 -82.23 14.54 -46.97
C GLU LB 150 -83.56 14.13 -47.59
N GLN LB 151 -83.64 12.86 -47.97
CA GLN LB 151 -84.77 12.27 -48.70
C GLN LB 151 -84.79 10.77 -48.45
N ALA LB 152 -85.43 10.04 -49.37
CA ALA LB 152 -85.68 8.60 -49.35
C ALA LB 152 -84.49 7.78 -48.88
N LEU LB 153 -84.68 7.09 -47.76
CA LEU LB 153 -83.65 6.24 -47.18
C LEU LB 153 -84.05 4.78 -47.35
N VAL LB 154 -83.06 3.91 -47.50
CA VAL LB 154 -83.33 2.48 -47.67
C VAL LB 154 -82.95 1.75 -46.40
N LYS LB 155 -83.84 0.90 -45.90
CA LYS LB 155 -83.61 0.15 -44.68
C LYS LB 155 -83.86 -1.34 -44.93
N ARG LB 156 -82.83 -2.15 -44.69
CA ARG LB 156 -82.95 -3.60 -44.71
C ARG LB 156 -82.48 -4.15 -43.36
N PHE LB 157 -83.19 -5.15 -42.84
CA PHE LB 157 -82.89 -5.69 -41.51
C PHE LB 157 -83.28 -7.16 -41.45
N TYR LB 158 -82.31 -8.04 -41.22
CA TYR LB 158 -82.61 -9.34 -40.65
C TYR LB 158 -83.06 -9.16 -39.19
N ARG LB 159 -84.08 -9.92 -38.79
CA ARG LB 159 -84.59 -9.79 -37.42
C ARG LB 159 -85.25 -11.12 -37.04
N LEU LB 160 -84.54 -11.91 -36.24
CA LEU LB 160 -85.04 -13.22 -35.84
C LEU LB 160 -86.09 -13.08 -34.74
N ASN LB 161 -87.12 -13.92 -34.80
CA ASN LB 161 -88.26 -13.84 -33.90
C ASN LB 161 -88.73 -15.26 -33.57
N HIS LB 162 -89.94 -15.39 -33.03
CA HIS LB 162 -90.41 -16.66 -32.51
C HIS LB 162 -91.91 -16.81 -32.77
N HIS LB 163 -92.54 -17.75 -32.05
CA HIS LB 163 -93.75 -18.45 -32.46
C HIS LB 163 -95.01 -17.58 -32.33
N VAL LB 164 -96.03 -17.96 -33.12
CA VAL LB 164 -97.33 -17.30 -33.20
C VAL LB 164 -98.39 -18.40 -33.26
N THR LB 165 -99.58 -18.09 -32.54
CA THR LB 165 -100.72 -19.00 -32.55
C THR LB 165 -101.95 -18.27 -33.07
N TYR LB 166 -102.76 -18.96 -33.88
CA TYR LB 166 -104.11 -18.50 -34.21
C TYR LB 166 -105.15 -19.22 -33.36
N ASN LB 167 -106.25 -18.54 -33.08
CA ASN LB 167 -107.30 -19.11 -32.24
C ASN LB 167 -108.19 -20.05 -33.07
N HIS LB 168 -108.88 -19.51 -34.06
CA HIS LB 168 -109.85 -20.29 -34.80
C HIS LB 168 -109.17 -21.14 -35.87
N GLN LB 169 -109.90 -22.16 -36.32
CA GLN LB 169 -109.45 -23.04 -37.38
C GLN LB 169 -109.97 -22.62 -38.74
N GLU LB 170 -110.27 -21.33 -38.88
CA GLU LB 170 -110.82 -20.76 -40.10
C GLU LB 170 -109.72 -20.51 -41.12
N ALA LB 171 -110.14 -20.24 -42.35
CA ALA LB 171 -109.24 -19.68 -43.37
C ALA LB 171 -109.39 -18.15 -43.38
N GLY LB 172 -109.21 -17.56 -42.20
CA GLY LB 172 -109.56 -16.19 -41.95
C GLY LB 172 -108.37 -15.25 -41.86
N LYS LB 173 -108.70 -13.98 -41.71
CA LYS LB 173 -107.73 -12.89 -41.65
C LYS LB 173 -107.32 -12.65 -40.20
N TYR LB 174 -106.73 -11.48 -39.92
CA TYR LB 174 -106.16 -11.11 -38.63
C TYR LB 174 -107.15 -11.07 -37.46
N GLU LB 175 -108.45 -11.21 -37.70
CA GLU LB 175 -109.44 -10.99 -36.65
C GLU LB 175 -109.48 -12.13 -35.64
N ASN LB 176 -109.10 -13.34 -36.04
CA ASN LB 176 -109.25 -14.53 -35.19
C ASN LB 176 -107.96 -14.91 -34.47
N HIS LB 177 -107.17 -13.93 -34.04
CA HIS LB 177 -105.91 -14.21 -33.36
C HIS LB 177 -106.13 -14.69 -31.93
N THR LB 178 -105.02 -15.02 -31.28
CA THR LB 178 -104.95 -15.37 -29.86
C THR LB 178 -103.58 -14.90 -29.36
N GLU LB 179 -103.12 -15.50 -28.24
CA GLU LB 179 -101.83 -15.21 -27.64
C GLU LB 179 -100.67 -15.27 -28.64
N ASN LB 180 -99.64 -14.45 -28.35
CA ASN LB 180 -98.40 -14.34 -29.12
C ASN LB 180 -98.66 -13.90 -30.57
N ALA LB 181 -99.32 -12.81 -30.62
CA ALA LB 181 -99.34 -12.07 -31.87
C ALA LB 181 -98.13 -11.15 -31.93
N LEU LB 182 -97.90 -10.58 -33.11
CA LEU LB 182 -96.83 -9.60 -33.30
C LEU LB 182 -97.18 -8.72 -34.49
N LEU LB 183 -96.90 -7.43 -34.38
CA LEU LB 183 -97.31 -6.46 -35.39
C LEU LB 183 -96.40 -5.25 -35.29
N LEU LB 184 -96.68 -4.25 -36.13
CA LEU LB 184 -95.84 -3.07 -36.25
C LEU LB 184 -96.63 -1.80 -35.91
N TYR LB 185 -95.91 -0.81 -35.39
CA TYR LB 185 -96.38 0.56 -35.31
C TYR LB 185 -95.31 1.48 -35.85
N MET LB 186 -95.73 2.48 -36.62
CA MET LB 186 -94.84 3.50 -37.14
C MET LB 186 -95.28 4.85 -36.57
N ALA LB 187 -94.29 5.68 -36.24
CA ALA LB 187 -94.56 6.92 -35.52
C ALA LB 187 -93.84 8.08 -36.18
N CYS LB 188 -94.58 9.17 -36.40
CA CYS LB 188 -94.00 10.44 -36.81
C CYS LB 188 -93.91 11.37 -35.60
N THR LB 189 -92.98 12.32 -35.67
CA THR LB 189 -92.67 13.17 -34.53
C THR LB 189 -93.02 14.64 -34.75
N HIS LB 190 -93.79 14.96 -35.78
CA HIS LB 190 -94.15 16.35 -36.05
C HIS LB 190 -95.58 16.40 -36.60
N ALA LB 191 -96.20 17.58 -36.46
CA ALA LB 191 -97.62 17.74 -36.77
C ALA LB 191 -97.91 17.63 -38.26
N SER LB 192 -96.94 17.95 -39.12
CA SER LB 192 -97.09 17.68 -40.54
C SER LB 192 -96.99 16.18 -40.80
N ASN LB 193 -97.46 15.78 -41.98
CA ASN LB 193 -97.34 14.38 -42.36
C ASN LB 193 -96.56 14.24 -43.67
N PRO LB 194 -95.22 14.33 -43.65
CA PRO LB 194 -94.47 14.18 -44.90
C PRO LB 194 -94.20 12.74 -45.26
N VAL LB 195 -94.27 11.83 -44.29
CA VAL LB 195 -93.70 10.49 -44.43
C VAL LB 195 -94.59 9.63 -45.33
N TYR LB 196 -94.06 9.26 -46.48
CA TYR LB 196 -94.67 8.24 -47.34
C TYR LB 196 -93.77 7.01 -47.33
N ALA LB 197 -94.02 6.15 -46.34
CA ALA LB 197 -93.18 4.99 -46.08
C ALA LB 197 -93.83 3.74 -46.66
N THR LB 198 -93.19 3.15 -47.66
CA THR LB 198 -93.65 1.90 -48.25
C THR LB 198 -92.62 0.82 -47.94
N LEU LB 199 -93.10 -0.28 -47.36
CA LEU LB 199 -92.22 -1.29 -46.79
C LEU LB 199 -92.59 -2.66 -47.33
N LYS LB 200 -91.57 -3.43 -47.68
CA LYS LB 200 -91.71 -4.83 -48.06
C LYS LB 200 -91.26 -5.71 -46.90
N ILE LB 201 -92.17 -6.51 -46.38
CA ILE LB 201 -91.97 -7.22 -45.12
C ILE LB 201 -92.08 -8.71 -45.41
N ARG LB 202 -90.94 -9.38 -45.55
CA ARG LB 202 -90.92 -10.82 -45.71
C ARG LB 202 -90.94 -11.52 -44.36
N ILE LB 203 -91.87 -12.46 -44.20
CA ILE LB 203 -91.81 -13.44 -43.12
C ILE LB 203 -91.69 -14.81 -43.77
N TYR LB 204 -90.58 -15.49 -43.53
CA TYR LB 204 -90.45 -16.89 -43.91
C TYR LB 204 -90.26 -17.73 -42.66
N PHE LB 205 -90.97 -18.85 -42.61
CA PHE LB 205 -91.13 -19.62 -41.38
C PHE LB 205 -91.35 -21.10 -41.67
N PRO MB 16 -52.83 -21.56 -54.61
CA PRO MB 16 -53.24 -21.10 -53.28
C PRO MB 16 -54.47 -20.20 -53.31
N ASP MB 17 -55.00 -19.94 -54.49
CA ASP MB 17 -56.12 -19.01 -54.65
C ASP MB 17 -57.35 -19.68 -55.26
N ILE MB 18 -57.16 -20.52 -56.29
CA ILE MB 18 -58.24 -21.03 -57.11
C ILE MB 18 -58.60 -22.47 -56.77
N PRO MB 19 -59.87 -22.86 -56.87
CA PRO MB 19 -60.26 -24.26 -56.62
C PRO MB 19 -60.41 -25.11 -57.86
N ARG MB 20 -60.19 -24.58 -59.07
CA ARG MB 20 -60.57 -25.28 -60.30
C ARG MB 20 -59.39 -25.77 -61.11
N GLY MB 21 -58.48 -24.87 -61.53
CA GLY MB 21 -57.42 -25.23 -62.43
C GLY MB 21 -56.30 -24.21 -62.43
N CYS MB 22 -55.09 -24.67 -62.74
CA CYS MB 22 -53.86 -23.92 -62.56
C CYS MB 22 -53.60 -22.90 -63.66
N GLU MB 23 -54.62 -22.53 -64.44
CA GLU MB 23 -54.52 -21.41 -65.36
C GLU MB 23 -54.34 -20.11 -64.58
N GLY MB 24 -53.78 -19.11 -65.26
CA GLY MB 24 -53.68 -17.78 -64.71
C GLY MB 24 -55.05 -17.17 -64.53
N PRO MB 25 -55.26 -16.45 -63.42
CA PRO MB 25 -56.57 -15.80 -63.19
C PRO MB 25 -56.78 -14.63 -64.14
N CYS MB 26 -57.18 -14.95 -65.36
CA CYS MB 26 -57.19 -13.97 -66.44
C CYS MB 26 -58.36 -12.99 -66.28
N LYS MB 27 -58.08 -11.72 -66.54
CA LYS MB 27 -59.08 -10.67 -66.39
C LYS MB 27 -59.85 -10.51 -67.70
N VAL MB 28 -61.18 -10.45 -67.58
CA VAL MB 28 -62.06 -10.06 -68.67
C VAL MB 28 -62.95 -8.94 -68.14
N GLN MB 29 -62.67 -7.72 -68.54
CA GLN MB 29 -63.31 -6.55 -67.97
C GLN MB 29 -64.41 -6.04 -68.88
N SER MB 30 -65.59 -5.88 -68.30
CA SER MB 30 -66.75 -5.33 -69.02
C SER MB 30 -66.89 -3.88 -68.58
N PHE MB 31 -66.09 -3.00 -69.16
CA PHE MB 31 -66.27 -1.58 -68.93
C PHE MB 31 -67.53 -1.10 -69.64
N GLU MB 32 -68.25 -0.20 -68.97
CA GLU MB 32 -69.35 0.50 -69.58
C GLU MB 32 -69.12 2.00 -69.45
N GLN MB 33 -69.55 2.73 -70.47
CA GLN MB 33 -69.73 4.18 -70.39
C GLN MB 33 -71.18 4.38 -70.79
N ARG MB 34 -72.07 4.19 -69.82
CA ARG MB 34 -73.49 4.07 -70.09
C ARG MB 34 -74.30 4.87 -69.07
N ASP MB 35 -75.61 4.64 -69.08
CA ASP MB 35 -76.52 5.16 -68.08
C ASP MB 35 -77.62 4.14 -67.89
N ASP MB 36 -78.73 4.57 -67.28
CA ASP MB 36 -79.89 3.69 -67.15
C ASP MB 36 -81.14 4.54 -67.36
N VAL MB 37 -82.29 3.89 -67.14
CA VAL MB 37 -83.56 4.58 -67.02
C VAL MB 37 -84.08 4.25 -65.63
N LYS MB 38 -85.30 4.69 -65.31
CA LYS MB 38 -85.88 4.34 -64.01
C LYS MB 38 -86.11 2.84 -63.89
N HIS MB 39 -86.57 2.19 -64.96
CA HIS MB 39 -86.97 0.80 -64.88
C HIS MB 39 -85.77 -0.14 -64.87
N LEU MB 40 -84.83 0.06 -65.78
CA LEU MB 40 -83.82 -0.97 -65.97
C LEU MB 40 -82.51 -0.40 -66.48
N GLY MB 41 -81.42 -0.92 -65.93
CA GLY MB 41 -80.14 -0.88 -66.61
C GLY MB 41 -79.63 -2.30 -66.68
N ILE MB 42 -79.57 -2.87 -67.88
CA ILE MB 42 -79.30 -4.30 -68.04
C ILE MB 42 -77.87 -4.49 -68.52
N CYS MB 43 -77.17 -5.42 -67.85
CA CYS MB 43 -75.77 -5.71 -68.18
C CYS MB 43 -75.53 -7.19 -67.96
N LYS MB 44 -75.53 -7.98 -69.03
CA LYS MB 44 -74.92 -9.30 -68.96
C LYS MB 44 -73.41 -9.13 -68.93
N VAL MB 45 -72.79 -9.48 -67.78
CA VAL MB 45 -71.39 -9.17 -67.55
C VAL MB 45 -70.50 -10.21 -68.23
N ILE MB 46 -71.05 -11.36 -68.58
CA ILE MB 46 -70.29 -12.47 -69.13
C ILE MB 46 -70.44 -12.51 -70.66
N SER MB 47 -70.78 -11.37 -71.27
CA SER MB 47 -71.29 -11.34 -72.63
C SER MB 47 -70.18 -11.57 -73.66
N ASP MB 48 -69.16 -10.70 -73.65
CA ASP MB 48 -68.15 -10.68 -74.70
C ASP MB 48 -67.05 -11.72 -74.53
N VAL MB 49 -67.27 -12.77 -73.74
CA VAL MB 49 -66.24 -13.77 -73.49
C VAL MB 49 -66.35 -14.86 -74.56
N THR MB 50 -65.50 -14.78 -75.58
CA THR MB 50 -65.48 -15.72 -76.69
C THR MB 50 -64.25 -16.62 -76.57
N ARG MB 51 -64.24 -17.69 -77.35
CA ARG MB 51 -63.09 -18.59 -77.38
C ARG MB 51 -61.94 -17.95 -78.14
N GLY MB 52 -60.75 -17.95 -77.52
CA GLY MB 52 -59.58 -17.40 -78.13
C GLY MB 52 -58.35 -17.63 -77.27
N PRO MB 53 -57.16 -17.41 -77.85
CA PRO MB 53 -55.92 -17.65 -77.09
C PRO MB 53 -55.59 -16.55 -76.10
N GLY MB 54 -56.14 -15.35 -76.28
CA GLY MB 54 -55.81 -14.24 -75.40
C GLY MB 54 -56.43 -14.36 -74.03
N LEU MB 55 -55.98 -13.49 -73.12
CA LEU MB 55 -56.48 -13.49 -71.76
C LEU MB 55 -57.81 -12.76 -71.62
N THR MB 56 -58.27 -12.08 -72.66
CA THR MB 56 -59.64 -11.57 -72.72
C THR MB 56 -60.60 -12.57 -73.34
N HIS MB 57 -60.29 -13.86 -73.22
CA HIS MB 57 -61.02 -14.91 -73.91
C HIS MB 57 -61.19 -16.09 -72.95
N ARG MB 58 -61.57 -17.24 -73.49
CA ARG MB 58 -61.89 -18.40 -72.68
C ARG MB 58 -61.40 -19.67 -73.35
N VAL MB 59 -61.21 -20.71 -72.53
CA VAL MB 59 -60.84 -22.04 -73.00
C VAL MB 59 -61.96 -22.99 -72.63
N GLY MB 60 -62.68 -23.49 -73.63
CA GLY MB 60 -63.80 -24.38 -73.39
C GLY MB 60 -65.10 -23.65 -73.12
N LYS MB 61 -65.92 -24.20 -72.21
CA LYS MB 61 -67.20 -23.61 -71.90
C LYS MB 61 -67.51 -23.68 -70.40
N ARG MB 62 -66.48 -23.78 -69.57
CA ARG MB 62 -66.64 -23.90 -68.13
C ARG MB 62 -65.90 -22.77 -67.42
N PHE MB 63 -66.61 -22.03 -66.57
CA PHE MB 63 -66.04 -20.95 -65.79
C PHE MB 63 -66.13 -21.27 -64.31
N CYS MB 64 -65.23 -20.66 -63.54
CA CYS MB 64 -65.41 -20.50 -62.10
C CYS MB 64 -64.95 -19.08 -61.79
N ILE MB 65 -65.90 -18.15 -61.77
CA ILE MB 65 -65.60 -16.74 -61.50
C ILE MB 65 -65.14 -16.62 -60.05
N LYS MB 66 -63.88 -16.20 -59.88
CA LYS MB 66 -63.34 -16.03 -58.53
C LYS MB 66 -63.96 -14.82 -57.85
N SER MB 67 -63.90 -13.66 -58.50
CA SER MB 67 -64.49 -12.46 -57.90
C SER MB 67 -64.86 -11.47 -58.99
N ILE MB 68 -65.94 -10.74 -58.72
CA ILE MB 68 -66.33 -9.57 -59.50
C ILE MB 68 -65.86 -8.34 -58.74
N TYR MB 69 -65.08 -7.50 -59.40
CA TYR MB 69 -64.52 -6.29 -58.81
C TYR MB 69 -65.18 -5.09 -59.49
N ILE MB 70 -66.11 -4.44 -58.80
CA ILE MB 70 -66.92 -3.39 -59.37
C ILE MB 70 -66.31 -2.04 -59.00
N LEU MB 71 -65.72 -1.38 -59.98
CA LEU MB 71 -65.44 0.04 -59.90
C LEU MB 71 -66.60 0.82 -60.51
N GLY MB 72 -66.63 2.12 -60.26
CA GLY MB 72 -67.66 2.93 -60.86
C GLY MB 72 -67.86 4.28 -60.22
N LYS MB 73 -68.10 5.29 -61.06
CA LYS MB 73 -68.47 6.62 -60.61
C LYS MB 73 -69.87 6.94 -61.12
N ILE MB 74 -70.75 7.32 -60.19
CA ILE MB 74 -72.18 7.49 -60.47
C ILE MB 74 -72.50 8.95 -60.25
N TRP MB 75 -72.74 9.69 -61.33
CA TRP MB 75 -72.94 11.12 -61.22
C TRP MB 75 -74.25 11.54 -61.86
N LEU MB 76 -74.52 12.84 -61.74
CA LEU MB 76 -75.55 13.53 -62.50
C LEU MB 76 -75.05 14.90 -62.97
N ASP MB 77 -73.73 15.06 -63.16
CA ASP MB 77 -73.12 16.38 -63.27
C ASP MB 77 -73.20 16.94 -64.69
N GLU MB 78 -74.14 16.45 -65.49
CA GLU MB 78 -74.59 17.17 -66.67
C GLU MB 78 -75.24 18.48 -66.25
N THR MB 79 -75.25 19.47 -67.14
CA THR MB 79 -75.76 20.81 -66.81
C THR MB 79 -77.28 20.85 -66.60
N ILE MB 80 -77.97 19.73 -66.83
CA ILE MB 80 -79.41 19.61 -66.63
C ILE MB 80 -79.54 18.61 -65.48
N LYS MB 81 -80.77 18.25 -65.11
CA LYS MB 81 -81.14 17.30 -64.05
C LYS MB 81 -80.70 17.80 -62.67
N LYS MB 82 -80.78 19.12 -62.47
CA LYS MB 82 -80.80 19.70 -61.15
C LYS MB 82 -82.20 19.82 -60.58
N GLN MB 83 -83.22 19.99 -61.42
CA GLN MB 83 -84.61 19.84 -61.00
C GLN MB 83 -84.99 18.35 -61.03
N ASN MB 84 -86.14 18.04 -60.39
CA ASN MB 84 -86.67 16.70 -60.21
C ASN MB 84 -85.64 15.80 -59.54
N HIS MB 85 -84.97 16.34 -58.53
CA HIS MB 85 -83.73 15.81 -58.01
C HIS MB 85 -83.92 14.84 -56.84
N THR MB 86 -82.81 14.54 -56.15
CA THR MB 86 -82.68 13.60 -55.04
C THR MB 86 -83.09 12.17 -55.39
N ASN MB 87 -82.34 11.52 -56.28
CA ASN MB 87 -82.55 10.12 -56.61
C ASN MB 87 -81.38 9.30 -56.07
N ASN MB 88 -81.61 8.01 -55.87
CA ASN MB 88 -80.57 7.10 -55.43
C ASN MB 88 -80.56 5.84 -56.29
N VAL MB 89 -79.44 5.11 -56.24
CA VAL MB 89 -79.21 3.96 -57.10
C VAL MB 89 -79.10 2.72 -56.22
N ILE MB 90 -79.89 1.70 -56.54
CA ILE MB 90 -79.80 0.41 -55.87
C ILE MB 90 -79.27 -0.59 -56.89
N PHE MB 91 -78.17 -1.25 -56.55
CA PHE MB 91 -77.60 -2.23 -57.45
C PHE MB 91 -78.12 -3.63 -57.14
N TYR MB 92 -78.14 -4.48 -58.16
CA TYR MB 92 -78.62 -5.85 -58.04
C TYR MB 92 -77.67 -6.76 -58.79
N LEU MB 93 -77.07 -7.71 -58.09
CA LEU MB 93 -76.17 -8.69 -58.68
C LEU MB 93 -76.80 -10.05 -58.46
N LEU MB 94 -77.36 -10.63 -59.51
CA LEU MB 94 -78.22 -11.80 -59.40
C LEU MB 94 -77.50 -13.05 -59.90
N ARG MB 95 -77.73 -14.16 -59.24
CA ARG MB 95 -77.31 -15.47 -59.76
C ARG MB 95 -78.47 -16.04 -60.58
N ASP MB 96 -78.29 -16.07 -61.90
CA ASP MB 96 -79.33 -16.54 -62.81
C ASP MB 96 -79.27 -18.06 -62.94
N ARG MB 97 -80.42 -18.66 -63.22
CA ARG MB 97 -80.54 -20.11 -63.33
C ARG MB 97 -80.65 -20.62 -64.76
N ARG MB 98 -81.22 -19.76 -65.66
CA ARG MB 98 -81.42 -20.20 -67.02
C ARG MB 98 -81.47 -18.98 -67.93
N PRO MB 99 -81.00 -19.09 -69.17
CA PRO MB 99 -81.13 -17.98 -70.12
C PRO MB 99 -82.33 -18.11 -71.04
N TYR MB 100 -82.69 -17.03 -71.72
CA TYR MB 100 -83.58 -17.07 -72.87
C TYR MB 100 -83.03 -16.11 -73.92
N GLY MB 101 -82.11 -16.61 -74.75
CA GLY MB 101 -81.50 -15.80 -75.80
C GLY MB 101 -80.75 -14.59 -75.30
N ASN MB 102 -81.35 -13.42 -75.49
CA ASN MB 102 -80.82 -12.17 -74.97
C ASN MB 102 -81.20 -12.01 -73.49
N ALA MB 103 -81.02 -10.79 -72.96
CA ALA MB 103 -81.34 -10.54 -71.57
C ALA MB 103 -82.85 -10.40 -71.39
N PRO MB 104 -83.40 -10.94 -70.30
CA PRO MB 104 -84.85 -10.81 -70.07
C PRO MB 104 -85.24 -9.43 -69.55
N GLN MB 105 -86.51 -9.27 -69.20
CA GLN MB 105 -86.99 -8.01 -68.65
C GLN MB 105 -86.45 -7.79 -67.24
N ASP MB 106 -86.65 -6.57 -66.74
CA ASP MB 106 -86.39 -6.28 -65.34
C ASP MB 106 -87.68 -6.11 -64.55
N PHE MB 107 -88.52 -5.15 -64.95
CA PHE MB 107 -89.72 -4.84 -64.18
C PHE MB 107 -90.77 -5.94 -64.31
N GLY MB 108 -90.74 -6.68 -65.42
CA GLY MB 108 -91.55 -7.88 -65.54
C GLY MB 108 -90.92 -9.13 -64.98
N GLN MB 109 -89.72 -9.03 -64.42
CA GLN MB 109 -89.05 -10.18 -63.83
C GLN MB 109 -88.90 -10.06 -62.32
N ILE MB 110 -88.29 -8.98 -61.82
CA ILE MB 110 -88.37 -8.72 -60.39
C ILE MB 110 -89.75 -8.15 -60.07
N PHE MB 111 -90.19 -8.38 -58.84
CA PHE MB 111 -91.61 -8.44 -58.52
C PHE MB 111 -92.28 -7.06 -58.52
N ASN MB 112 -91.84 -6.14 -57.66
CA ASN MB 112 -92.63 -4.95 -57.40
C ASN MB 112 -91.79 -3.72 -57.72
N MET MB 113 -92.33 -2.54 -57.42
CA MET MB 113 -91.75 -1.27 -57.85
C MET MB 113 -90.56 -0.87 -56.97
N PHE MB 114 -89.38 -1.28 -57.44
CA PHE MB 114 -88.06 -0.70 -57.20
C PHE MB 114 -87.51 -0.96 -55.80
N ASP MB 115 -88.29 -1.54 -54.90
CA ASP MB 115 -87.82 -2.07 -53.62
C ASP MB 115 -88.42 -3.45 -53.46
N ASN MB 116 -87.73 -4.47 -53.95
CA ASN MB 116 -88.37 -5.75 -54.16
C ASN MB 116 -87.35 -6.88 -54.16
N GLU MB 117 -87.83 -8.05 -54.60
CA GLU MB 117 -87.14 -9.31 -54.75
C GLU MB 117 -87.60 -9.89 -56.08
N PRO MB 118 -87.01 -10.98 -56.59
CA PRO MB 118 -87.61 -11.66 -57.73
C PRO MB 118 -88.98 -12.26 -57.40
N SER MB 119 -89.77 -12.47 -58.44
CA SER MB 119 -91.14 -12.94 -58.28
C SER MB 119 -91.18 -14.38 -57.79
N THR MB 120 -92.35 -14.78 -57.29
CA THR MB 120 -92.53 -16.12 -56.75
C THR MB 120 -92.48 -17.19 -57.82
N ALA MB 121 -92.83 -16.86 -59.06
CA ALA MB 121 -92.79 -17.82 -60.16
C ALA MB 121 -91.45 -17.84 -60.88
N THR MB 122 -90.45 -17.10 -60.39
CA THR MB 122 -89.18 -16.95 -61.09
C THR MB 122 -88.00 -17.56 -60.34
N ILE MB 123 -88.20 -18.03 -59.11
CA ILE MB 123 -87.09 -18.55 -58.32
C ILE MB 123 -86.63 -19.91 -58.83
N PHE MB 131 -85.18 -16.14 -60.02
CA PHE MB 131 -83.74 -16.22 -60.18
C PHE MB 131 -83.09 -15.87 -58.84
N GLN MB 132 -81.94 -16.48 -58.55
CA GLN MB 132 -81.30 -16.24 -57.27
C GLN MB 132 -80.62 -14.87 -57.25
N VAL MB 133 -80.42 -14.37 -56.05
CA VAL MB 133 -79.81 -13.07 -55.78
C VAL MB 133 -78.47 -13.36 -55.11
N LEU MB 134 -77.48 -12.50 -55.32
CA LEU MB 134 -76.29 -12.58 -54.48
C LEU MB 134 -76.24 -11.47 -53.44
N ARG MB 135 -76.16 -10.20 -53.85
CA ARG MB 135 -76.15 -9.07 -52.92
C ARG MB 135 -76.73 -7.82 -53.60
N LYS MB 136 -76.75 -6.73 -52.83
CA LYS MB 136 -77.22 -5.43 -53.27
C LYS MB 136 -76.16 -4.38 -52.94
N PHE MB 137 -76.37 -3.15 -53.42
CA PHE MB 137 -75.50 -2.03 -53.08
C PHE MB 137 -76.36 -0.77 -52.98
N HIS MB 138 -75.69 0.35 -52.65
CA HIS MB 138 -76.35 1.64 -52.53
C HIS MB 138 -75.48 2.72 -53.15
N ALA MB 139 -76.13 3.74 -53.70
CA ALA MB 139 -75.46 4.93 -54.21
C ALA MB 139 -76.48 6.06 -54.21
N THR MB 140 -76.22 7.11 -53.43
CA THR MB 140 -77.18 8.18 -53.21
C THR MB 140 -76.62 9.49 -53.73
N VAL MB 141 -77.18 9.97 -54.84
CA VAL MB 141 -76.73 11.23 -55.44
C VAL MB 141 -77.86 12.26 -55.35
N VAL MB 142 -77.74 13.15 -54.38
CA VAL MB 142 -78.81 14.12 -54.13
C VAL MB 142 -78.32 15.54 -54.42
N GLY MB 143 -78.64 16.04 -55.62
CA GLY MB 143 -78.21 17.39 -55.96
C GLY MB 143 -79.28 18.24 -56.62
N GLY MB 144 -79.67 19.32 -55.95
CA GLY MB 144 -80.69 20.21 -56.52
C GLY MB 144 -80.12 21.57 -56.89
N LEU MB 145 -80.42 22.57 -56.07
CA LEU MB 145 -79.91 23.92 -56.30
C LEU MB 145 -79.43 24.48 -54.97
N TYR MB 146 -78.66 25.58 -55.07
CA TYR MB 146 -78.17 26.44 -54.00
C TYR MB 146 -77.24 25.76 -53.00
N CYS MB 147 -76.84 24.50 -53.18
CA CYS MB 147 -75.54 24.13 -52.60
C CYS MB 147 -74.62 23.53 -53.69
N MET MB 148 -75.03 22.56 -54.53
CA MET MB 148 -76.05 21.52 -54.35
C MET MB 148 -75.31 20.30 -53.78
N LYS MB 149 -75.73 19.83 -52.61
CA LYS MB 149 -74.86 18.92 -51.87
C LYS MB 149 -75.28 17.46 -52.05
N GLU MB 150 -74.90 16.92 -53.22
CA GLU MB 150 -74.23 15.64 -53.46
C GLU MB 150 -74.06 15.45 -54.96
N GLN MB 151 -73.07 14.64 -55.34
CA GLN MB 151 -72.66 14.40 -56.72
C GLN MB 151 -71.94 13.07 -56.80
N ALA MB 152 -71.10 12.92 -57.84
CA ALA MB 152 -70.36 11.73 -58.22
C ALA MB 152 -69.73 11.00 -57.03
N LEU MB 153 -70.17 9.77 -56.81
CA LEU MB 153 -69.65 8.93 -55.74
C LEU MB 153 -68.81 7.81 -56.33
N VAL MB 154 -67.80 7.38 -55.59
CA VAL MB 154 -66.93 6.30 -56.07
C VAL MB 154 -67.22 5.04 -55.26
N LYS MB 155 -67.41 3.92 -55.96
CA LYS MB 155 -67.72 2.65 -55.32
C LYS MB 155 -66.75 1.58 -55.81
N ARG MB 156 -66.02 0.97 -54.86
CA ARG MB 156 -65.19 -0.19 -55.15
C ARG MB 156 -65.61 -1.32 -54.21
N PHE MB 157 -65.66 -2.54 -54.75
CA PHE MB 157 -66.13 -3.70 -53.99
C PHE MB 157 -65.45 -4.96 -54.48
N TYR MB 158 -64.70 -5.62 -53.60
CA TYR MB 158 -64.43 -7.05 -53.76
C TYR MB 158 -65.74 -7.82 -53.55
N ARG MB 159 -65.96 -8.84 -54.38
CA ARG MB 159 -67.20 -9.63 -54.27
C ARG MB 159 -66.92 -11.02 -54.84
N LEU MB 160 -66.72 -12.00 -53.96
CA LEU MB 160 -66.41 -13.35 -54.38
C LEU MB 160 -67.68 -14.07 -54.86
N ASN MB 161 -67.53 -14.88 -55.91
CA ASN MB 161 -68.65 -15.54 -56.55
C ASN MB 161 -68.22 -16.94 -56.99
N HIS MB 162 -68.98 -17.56 -57.87
CA HIS MB 162 -68.77 -18.97 -58.22
C HIS MB 162 -69.10 -19.20 -59.70
N HIS MB 163 -69.28 -20.47 -60.07
CA HIS MB 163 -69.06 -20.99 -61.41
C HIS MB 163 -70.16 -20.60 -62.40
N VAL MB 164 -69.79 -20.61 -63.68
CA VAL MB 164 -70.63 -20.27 -64.82
C VAL MB 164 -70.36 -21.29 -65.93
N THR MB 165 -71.42 -21.67 -66.63
CA THR MB 165 -71.27 -22.60 -67.75
C THR MB 165 -71.84 -21.95 -69.02
N TYR MB 166 -71.16 -22.15 -70.15
CA TYR MB 166 -71.72 -21.87 -71.46
C TYR MB 166 -72.23 -23.14 -72.12
N ASN MB 167 -73.28 -22.98 -72.94
CA ASN MB 167 -73.88 -24.14 -73.60
C ASN MB 167 -73.07 -24.55 -74.83
N HIS MB 168 -72.99 -23.67 -75.82
CA HIS MB 168 -72.36 -24.02 -77.08
C HIS MB 168 -70.84 -23.91 -76.97
N GLN MB 169 -70.17 -24.57 -77.92
CA GLN MB 169 -68.71 -24.54 -78.02
C GLN MB 169 -68.25 -23.48 -79.02
N GLU MB 170 -69.07 -22.47 -79.23
CA GLU MB 170 -68.79 -21.40 -80.19
C GLU MB 170 -67.83 -20.38 -79.58
N ALA MB 171 -67.31 -19.51 -80.44
CA ALA MB 171 -66.63 -18.30 -80.01
C ALA MB 171 -67.62 -17.14 -80.00
N GLY MB 172 -68.73 -17.34 -79.29
CA GLY MB 172 -69.89 -16.50 -79.38
C GLY MB 172 -70.10 -15.59 -78.18
N LYS MB 173 -71.12 -14.76 -78.30
CA LYS MB 173 -71.48 -13.76 -77.31
C LYS MB 173 -72.46 -14.36 -76.31
N TYR MB 174 -73.16 -13.50 -75.55
CA TYR MB 174 -74.06 -13.88 -74.46
C TYR MB 174 -75.26 -14.74 -74.88
N GLU MB 175 -75.49 -14.96 -76.17
CA GLU MB 175 -76.73 -15.61 -76.61
C GLU MB 175 -76.73 -17.11 -76.33
N ASN MB 176 -75.55 -17.74 -76.26
CA ASN MB 176 -75.45 -19.19 -76.16
C ASN MB 176 -75.22 -19.68 -74.73
N HIS MB 177 -75.84 -19.02 -73.75
CA HIS MB 177 -75.66 -19.39 -72.35
C HIS MB 177 -76.41 -20.67 -72.00
N THR MB 178 -76.24 -21.10 -70.76
CA THR MB 178 -76.97 -22.20 -70.13
C THR MB 178 -77.09 -21.88 -68.65
N GLU MB 179 -77.31 -22.91 -67.82
CA GLU MB 179 -77.42 -22.81 -66.38
C GLU MB 179 -76.27 -22.03 -65.75
N ASN MB 180 -76.58 -21.36 -64.63
CA ASN MB 180 -75.66 -20.57 -63.80
C ASN MB 180 -75.04 -19.41 -64.60
N ALA MB 181 -75.91 -18.56 -65.05
CA ALA MB 181 -75.50 -17.25 -65.51
C ALA MB 181 -75.53 -16.27 -64.35
N LEU MB 182 -74.95 -15.10 -64.56
CA LEU MB 182 -75.00 -14.02 -63.58
C LEU MB 182 -74.83 -12.69 -64.29
N LEU MB 183 -75.57 -11.69 -63.85
CA LEU MB 183 -75.62 -10.40 -64.54
C LEU MB 183 -76.06 -9.33 -63.54
N LEU MB 184 -76.17 -8.10 -64.03
CA LEU MB 184 -76.48 -6.95 -63.20
C LEU MB 184 -77.77 -6.28 -63.63
N TYR MB 185 -78.44 -5.68 -62.65
CA TYR MB 185 -79.52 -4.73 -62.91
C TYR MB 185 -79.27 -3.49 -62.06
N MET MB 186 -79.50 -2.32 -62.65
CA MET MB 186 -79.40 -1.05 -61.96
C MET MB 186 -80.77 -0.39 -61.95
N ALA MB 187 -81.12 0.25 -60.84
CA ALA MB 187 -82.47 0.76 -60.65
C ALA MB 187 -82.43 2.19 -60.15
N CYS MB 188 -83.21 3.06 -60.78
CA CYS MB 188 -83.47 4.40 -60.30
C CYS MB 188 -84.83 4.44 -59.61
N THR MB 189 -84.99 5.40 -58.69
CA THR MB 189 -86.17 5.46 -57.85
C THR MB 189 -87.04 6.69 -58.09
N HIS MB 190 -86.82 7.42 -59.18
CA HIS MB 190 -87.61 8.61 -59.48
C HIS MB 190 -87.82 8.72 -60.98
N ALA MB 191 -88.86 9.46 -61.36
CA ALA MB 191 -89.30 9.53 -62.74
C ALA MB 191 -88.31 10.26 -63.65
N SER MB 192 -87.53 11.18 -63.09
CA SER MB 192 -86.44 11.77 -63.84
C SER MB 192 -85.32 10.77 -64.04
N ASN MB 193 -84.43 11.05 -64.99
CA ASN MB 193 -83.29 10.18 -65.19
C ASN MB 193 -81.98 10.97 -65.04
N PRO MB 194 -81.53 11.27 -63.83
CA PRO MB 194 -80.27 12.01 -63.68
C PRO MB 194 -79.04 11.13 -63.75
N VAL MB 195 -79.19 9.83 -63.50
CA VAL MB 195 -78.07 8.95 -63.19
C VAL MB 195 -77.29 8.64 -64.46
N TYR MB 196 -76.05 9.10 -64.51
CA TYR MB 196 -75.08 8.70 -65.52
C TYR MB 196 -74.00 7.87 -64.84
N ALA MB 197 -74.26 6.57 -64.75
CA ALA MB 197 -73.42 5.65 -64.01
C ALA MB 197 -72.52 4.88 -64.98
N THR MB 198 -71.22 5.10 -64.87
CA THR MB 198 -70.24 4.39 -65.67
C THR MB 198 -69.41 3.52 -64.74
N LEU MB 199 -69.34 2.23 -65.05
CA LEU MB 199 -68.78 1.25 -64.12
C LEU MB 199 -67.72 0.41 -64.83
N LYS MB 200 -66.61 0.18 -64.14
CA LYS MB 200 -65.57 -0.72 -64.58
C LYS MB 200 -65.67 -2.01 -63.79
N ILE MB 201 -65.91 -3.12 -64.49
CA ILE MB 201 -66.29 -4.38 -63.86
C ILE MB 201 -65.23 -5.41 -64.23
N ARG MB 202 -64.29 -5.66 -63.33
CA ARG MB 202 -63.29 -6.71 -63.55
C ARG MB 202 -63.82 -8.05 -63.08
N ILE MB 203 -63.74 -9.06 -63.94
CA ILE MB 203 -63.88 -10.45 -63.56
C ILE MB 203 -62.56 -11.13 -63.87
N TYR MB 204 -61.88 -11.62 -62.84
CA TYR MB 204 -60.72 -12.48 -63.04
C TYR MB 204 -61.01 -13.85 -62.44
N PHE MB 205 -60.65 -14.89 -63.17
CA PHE MB 205 -61.11 -16.24 -62.89
C PHE MB 205 -60.10 -17.28 -63.36
N PRO NB 16 -81.61 -13.49 -10.62
CA PRO NB 16 -80.50 -13.51 -11.58
C PRO NB 16 -80.11 -12.12 -12.06
N ASP NB 17 -80.80 -11.08 -11.58
CA ASP NB 17 -80.59 -9.72 -12.04
C ASP NB 17 -80.16 -8.79 -10.91
N ILE NB 18 -80.78 -8.90 -9.75
CA ILE NB 18 -80.65 -7.91 -8.67
C ILE NB 18 -79.75 -8.41 -7.56
N PRO NB 19 -78.98 -7.53 -6.91
CA PRO NB 19 -78.14 -7.94 -5.78
C PRO NB 19 -78.75 -7.68 -4.41
N ARG NB 20 -79.96 -7.13 -4.30
CA ARG NB 20 -80.47 -6.63 -3.03
C ARG NB 20 -81.61 -7.46 -2.47
N GLY NB 21 -82.72 -7.61 -3.20
CA GLY NB 21 -83.90 -8.26 -2.68
C GLY NB 21 -84.84 -8.70 -3.77
N CYS NB 22 -85.61 -9.75 -3.49
CA CYS NB 22 -86.40 -10.47 -4.48
C CYS NB 22 -87.71 -9.78 -4.84
N GLU NB 23 -87.84 -8.48 -4.55
CA GLU NB 23 -88.95 -7.69 -5.06
C GLU NB 23 -88.86 -7.57 -6.58
N GLY NB 24 -90.00 -7.30 -7.20
CA GLY NB 24 -90.05 -7.01 -8.62
C GLY NB 24 -89.32 -5.72 -8.93
N PRO NB 25 -88.58 -5.69 -10.03
CA PRO NB 25 -87.87 -4.45 -10.42
C PRO NB 25 -88.84 -3.38 -10.89
N CYS NB 26 -89.45 -2.70 -9.94
CA CYS NB 26 -90.57 -1.82 -10.22
C CYS NB 26 -90.09 -0.53 -10.87
N LYS NB 27 -90.84 -0.07 -11.88
CA LYS NB 27 -90.50 1.13 -12.62
C LYS NB 27 -91.10 2.36 -11.94
N VAL NB 28 -90.29 3.38 -11.77
CA VAL NB 28 -90.76 4.71 -11.37
C VAL NB 28 -90.18 5.69 -12.38
N GLN NB 29 -91.03 6.18 -13.27
CA GLN NB 29 -90.58 6.97 -14.41
C GLN NB 29 -90.83 8.45 -14.14
N SER NB 30 -89.79 9.27 -14.21
CA SER NB 30 -89.86 10.71 -14.02
C SER NB 30 -89.91 11.33 -15.42
N PHE NB 31 -91.10 11.34 -16.01
CA PHE NB 31 -91.28 12.06 -17.26
C PHE NB 31 -91.26 13.55 -17.01
N GLU NB 32 -90.64 14.27 -17.92
CA GLU NB 32 -90.72 15.72 -17.93
C GLU NB 32 -91.23 16.19 -19.28
N GLN NB 33 -92.00 17.26 -19.26
CA GLN NB 33 -92.31 18.05 -20.45
C GLN NB 33 -91.86 19.46 -20.07
N ARG NB 34 -90.56 19.70 -20.22
CA ARG NB 34 -89.92 20.88 -19.66
C ARG NB 34 -88.96 21.50 -20.66
N ASP NB 35 -88.15 22.43 -20.16
CA ASP NB 35 -87.04 23.00 -20.91
C ASP NB 35 -85.95 23.34 -19.91
N ASP NB 36 -85.00 24.17 -20.32
CA ASP NB 36 -83.97 24.64 -19.41
C ASP NB 36 -83.69 26.10 -19.71
N VAL NB 37 -82.67 26.62 -19.04
CA VAL NB 37 -82.08 27.92 -19.37
C VAL NB 37 -80.63 27.63 -19.71
N LYS NB 38 -79.83 28.68 -19.95
CA LYS NB 38 -78.41 28.47 -20.21
C LYS NB 38 -77.71 27.91 -18.98
N HIS NB 39 -78.05 28.39 -17.79
CA HIS NB 39 -77.31 28.03 -16.59
C HIS NB 39 -77.67 26.63 -16.10
N LEU NB 40 -78.97 26.33 -16.01
CA LEU NB 40 -79.33 25.12 -15.30
C LEU NB 40 -80.65 24.55 -15.80
N GLY NB 41 -80.68 23.23 -15.91
CA GLY NB 41 -81.93 22.49 -15.88
C GLY NB 41 -81.81 21.45 -14.79
N ILE NB 42 -82.57 21.60 -13.70
CA ILE NB 42 -82.38 20.78 -12.51
C ILE NB 42 -83.48 19.74 -12.43
N CYS NB 43 -83.08 18.50 -12.17
CA CYS NB 43 -84.02 17.39 -12.09
C CYS NB 43 -83.51 16.41 -11.03
N LYS NB 44 -84.07 16.46 -9.82
CA LYS NB 44 -83.92 15.33 -8.91
C LYS NB 44 -84.80 14.20 -9.42
N VAL NB 45 -84.19 13.13 -9.82
CA VAL NB 45 -84.91 12.08 -10.51
C VAL NB 45 -85.58 11.14 -9.52
N ILE NB 46 -85.15 11.16 -8.26
CA ILE NB 46 -85.65 10.26 -7.24
C ILE NB 46 -86.69 10.95 -6.35
N SER NB 47 -87.34 11.99 -6.90
CA SER NB 47 -88.09 12.93 -6.08
C SER NB 47 -89.42 12.35 -5.61
N ASP NB 48 -90.27 11.95 -6.55
CA ASP NB 48 -91.65 11.58 -6.25
C ASP NB 48 -91.80 10.14 -5.74
N VAL NB 49 -90.74 9.52 -5.24
CA VAL NB 49 -90.80 8.13 -4.79
C VAL NB 49 -91.19 8.13 -3.32
N THR NB 50 -92.47 7.88 -3.04
CA THR NB 50 -93.02 7.85 -1.69
C THR NB 50 -93.32 6.41 -1.30
N ARG NB 51 -93.57 6.20 0.00
CA ARG NB 51 -93.95 4.87 0.48
C ARG NB 51 -95.39 4.56 0.08
N GLY NB 52 -95.59 3.38 -0.50
CA GLY NB 52 -96.90 2.94 -0.90
C GLY NB 52 -96.87 1.53 -1.44
N PRO NB 53 -98.05 0.92 -1.60
CA PRO NB 53 -98.10 -0.46 -2.09
C PRO NB 53 -97.90 -0.59 -3.59
N GLY NB 54 -98.11 0.48 -4.36
CA GLY NB 54 -98.01 0.40 -5.80
C GLY NB 54 -96.57 0.30 -6.28
N LEU NB 55 -96.43 0.00 -7.57
CA LEU NB 55 -95.12 -0.14 -8.18
C LEU NB 55 -94.49 1.20 -8.54
N THR NB 56 -95.24 2.31 -8.44
CA THR NB 56 -94.68 3.64 -8.51
C THR NB 56 -94.28 4.18 -7.15
N HIS NB 57 -93.95 3.28 -6.22
CA HIS NB 57 -93.71 3.62 -4.82
C HIS NB 57 -92.50 2.82 -4.34
N ARG NB 58 -92.31 2.80 -3.02
CA ARG NB 58 -91.14 2.18 -2.43
C ARG NB 58 -91.51 1.46 -1.15
N VAL NB 59 -90.66 0.51 -0.77
CA VAL NB 59 -90.78 -0.23 0.48
C VAL NB 59 -89.55 0.07 1.31
N GLY NB 60 -89.74 0.78 2.41
CA GLY NB 60 -88.63 1.16 3.28
C GLY NB 60 -87.92 2.42 2.83
N LYS NB 61 -86.60 2.46 2.99
CA LYS NB 61 -85.82 3.64 2.64
C LYS NB 61 -84.50 3.26 1.98
N ARG NB 62 -84.41 2.07 1.39
CA ARG NB 62 -83.19 1.58 0.76
C ARG NB 62 -83.46 1.27 -0.70
N PHE NB 63 -82.66 1.84 -1.59
CA PHE NB 63 -82.75 1.60 -3.02
C PHE NB 63 -81.46 0.94 -3.52
N CYS NB 64 -81.58 0.23 -4.60
CA CYS NB 64 -80.44 -0.13 -5.44
C CYS NB 64 -80.92 0.06 -6.88
N ILE NB 65 -80.67 1.24 -7.43
CA ILE NB 65 -81.08 1.56 -8.80
C ILE NB 65 -80.29 0.69 -9.76
N LYS NB 66 -81.00 -0.19 -10.48
CA LYS NB 66 -80.34 -1.05 -11.45
C LYS NB 66 -79.86 -0.28 -12.66
N SER NB 67 -80.76 0.48 -13.29
CA SER NB 67 -80.38 1.26 -14.45
C SER NB 67 -81.31 2.45 -14.62
N ILE NB 68 -80.74 3.54 -15.11
CA ILE NB 68 -81.49 4.70 -15.58
C ILE NB 68 -81.57 4.61 -17.10
N TYR NB 69 -82.79 4.63 -17.62
CA TYR NB 69 -83.05 4.53 -19.05
C TYR NB 69 -83.59 5.88 -19.53
N ILE NB 70 -82.74 6.63 -20.21
CA ILE NB 70 -83.06 8.01 -20.60
C ILE NB 70 -83.56 8.00 -22.03
N LEU NB 71 -84.85 8.23 -22.21
CA LEU NB 71 -85.41 8.64 -23.48
C LEU NB 71 -85.48 10.16 -23.54
N GLY NB 72 -85.69 10.69 -24.74
CA GLY NB 72 -85.83 12.12 -24.86
C GLY NB 72 -85.66 12.67 -26.25
N LYS NB 73 -86.49 13.65 -26.59
CA LYS NB 73 -86.38 14.39 -27.83
C LYS NB 73 -86.08 15.85 -27.51
N ILE NB 74 -85.00 16.36 -28.10
CA ILE NB 74 -84.46 17.68 -27.77
C ILE NB 74 -84.59 18.53 -29.03
N TRP NB 75 -85.52 19.49 -29.01
CA TRP NB 75 -85.78 20.28 -30.21
C TRP NB 75 -85.67 21.76 -29.91
N LEU NB 76 -85.85 22.53 -30.97
CA LEU NB 76 -86.07 23.97 -30.93
C LEU NB 76 -87.15 24.40 -31.92
N ASP NB 77 -88.08 23.50 -32.25
CA ASP NB 77 -88.95 23.66 -33.42
C ASP NB 77 -90.16 24.55 -33.13
N GLU NB 78 -90.08 25.38 -32.09
CA GLU NB 78 -90.96 26.52 -31.96
C GLU NB 78 -90.69 27.49 -33.12
N THR NB 79 -91.69 28.31 -33.47
CA THR NB 79 -91.58 29.20 -34.62
C THR NB 79 -90.58 30.35 -34.41
N ILE NB 80 -90.01 30.47 -33.22
CA ILE NB 80 -89.00 31.47 -32.90
C ILE NB 80 -87.74 30.66 -32.64
N LYS NB 81 -86.64 31.34 -32.25
CA LYS NB 81 -85.32 30.77 -31.95
C LYS NB 81 -84.68 30.13 -33.18
N LYS NB 82 -84.92 30.72 -34.34
CA LYS NB 82 -84.08 30.50 -35.51
C LYS NB 82 -82.89 31.45 -35.58
N GLN NB 83 -83.02 32.66 -35.05
CA GLN NB 83 -81.87 33.52 -34.82
C GLN NB 83 -81.20 33.15 -33.50
N ASN NB 84 -79.97 33.66 -33.31
CA ASN NB 84 -79.08 33.40 -32.18
C ASN NB 84 -78.86 31.89 -32.02
N HIS NB 85 -78.65 31.23 -33.15
CA HIS NB 85 -78.78 29.78 -33.26
C HIS NB 85 -77.48 29.02 -33.03
N THR NB 86 -77.48 27.73 -33.40
CA THR NB 86 -76.40 26.76 -33.23
C THR NB 86 -75.97 26.56 -31.78
N ASN NB 87 -76.85 26.00 -30.96
CA ASN NB 87 -76.54 25.65 -29.58
C ASN NB 87 -76.52 24.13 -29.45
N ASN NB 88 -75.82 23.62 -28.44
CA ASN NB 88 -75.78 22.20 -28.16
C ASN NB 88 -76.03 21.94 -26.68
N VAL NB 89 -76.38 20.70 -26.35
CA VAL NB 89 -76.80 20.31 -25.02
C VAL NB 89 -75.79 19.31 -24.48
N ILE NB 90 -75.25 19.58 -23.30
CA ILE NB 90 -74.37 18.65 -22.60
C ILE NB 90 -75.13 18.15 -21.37
N PHE NB 91 -75.28 16.84 -21.25
CA PHE NB 91 -75.97 16.28 -20.11
C PHE NB 91 -74.97 15.92 -19.00
N TYR NB 92 -75.47 15.93 -17.76
CA TYR NB 92 -74.66 15.63 -16.60
C TYR NB 92 -75.47 14.74 -15.67
N LEU NB 93 -74.96 13.55 -15.39
CA LEU NB 93 -75.61 12.61 -14.49
C LEU NB 93 -74.64 12.38 -13.33
N LEU NB 94 -74.95 12.98 -12.18
CA LEU NB 94 -73.99 13.06 -11.07
C LEU NB 94 -74.38 12.12 -9.96
N ARG NB 95 -73.37 11.51 -9.32
CA ARG NB 95 -73.59 10.78 -8.09
C ARG NB 95 -73.38 11.74 -6.92
N ASP NB 96 -74.47 12.10 -6.24
CA ASP NB 96 -74.43 13.06 -5.15
C ASP NB 96 -74.06 12.34 -3.85
N ARG NB 97 -73.43 13.10 -2.94
CA ARG NB 97 -72.98 12.55 -1.67
C ARG NB 97 -73.84 12.97 -0.48
N ARG NB 98 -74.43 14.12 -0.59
CA ARG NB 98 -75.20 14.61 0.54
C ARG NB 98 -76.27 15.57 0.03
N PRO NB 99 -77.43 15.63 0.67
CA PRO NB 99 -78.44 16.62 0.28
C PRO NB 99 -78.41 17.86 1.15
N TYR NB 100 -79.07 18.93 0.71
CA TYR NB 100 -79.43 20.06 1.55
C TYR NB 100 -80.85 20.48 1.19
N GLY NB 101 -81.84 19.84 1.82
CA GLY NB 101 -83.23 20.16 1.58
C GLY NB 101 -83.68 19.93 0.15
N ASN NB 102 -83.88 21.03 -0.57
CA ASN NB 102 -84.19 21.01 -1.99
C ASN NB 102 -82.91 20.82 -2.82
N ALA NB 103 -83.01 21.03 -4.12
CA ALA NB 103 -81.86 20.86 -5.00
C ALA NB 103 -80.91 22.05 -4.85
N PRO NB 104 -79.60 21.82 -4.86
CA PRO NB 104 -78.64 22.93 -4.76
C PRO NB 104 -78.48 23.68 -6.07
N GLN NB 105 -77.56 24.63 -6.10
CA GLN NB 105 -77.28 25.41 -7.30
C GLN NB 105 -76.60 24.53 -8.35
N ASP NB 106 -76.51 25.06 -9.58
CA ASP NB 106 -75.68 24.44 -10.61
C ASP NB 106 -74.41 25.24 -10.86
N PHE NB 107 -74.55 26.52 -11.25
CA PHE NB 107 -73.40 27.32 -11.63
C PHE NB 107 -72.54 27.68 -10.43
N GLY NB 108 -73.14 27.73 -9.24
CA GLY NB 108 -72.39 27.86 -8.01
C GLY NB 108 -71.91 26.55 -7.42
N GLN NB 109 -72.20 25.42 -8.09
CA GLN NB 109 -71.76 24.12 -7.61
C GLN NB 109 -70.75 23.48 -8.53
N ILE NB 110 -71.06 23.31 -9.82
CA ILE NB 110 -70.01 22.94 -10.76
C ILE NB 110 -69.19 24.18 -11.09
N PHE NB 111 -67.94 23.95 -11.45
CA PHE NB 111 -66.87 24.94 -11.25
C PHE NB 111 -66.95 26.09 -12.23
N ASN NB 112 -66.83 25.84 -13.53
CA ASN NB 112 -66.58 26.93 -14.47
C ASN NB 112 -67.69 26.95 -15.51
N MET NB 113 -67.54 27.81 -16.51
CA MET NB 113 -68.61 28.12 -17.45
C MET NB 113 -68.74 27.02 -18.51
N PHE NB 114 -69.62 26.07 -18.21
CA PHE NB 114 -70.38 25.20 -19.11
C PHE NB 114 -69.54 24.10 -19.75
N ASP NB 115 -68.22 24.10 -19.57
CA ASP NB 115 -67.35 22.98 -19.91
C ASP NB 115 -66.44 22.75 -18.71
N ASN NB 116 -66.88 21.92 -17.78
CA ASN NB 116 -66.26 21.92 -16.46
C ASN NB 116 -66.46 20.57 -15.77
N GLU NB 117 -66.15 20.58 -14.48
CA GLU NB 117 -66.24 19.50 -13.51
C GLU NB 117 -66.81 20.11 -12.24
N PRO NB 118 -67.16 19.34 -11.21
CA PRO NB 118 -67.48 19.94 -9.91
C PRO NB 118 -66.27 20.61 -9.30
N SER NB 119 -66.54 21.55 -8.39
CA SER NB 119 -65.50 22.36 -7.78
C SER NB 119 -64.63 21.52 -6.83
N THR NB 120 -63.47 22.07 -6.50
CA THR NB 120 -62.52 21.38 -5.64
C THR NB 120 -63.01 21.26 -4.21
N ALA NB 121 -63.87 22.17 -3.76
CA ALA NB 121 -64.41 22.13 -2.41
C ALA NB 121 -65.71 21.33 -2.33
N THR NB 122 -66.14 20.69 -3.41
CA THR NB 122 -67.43 20.02 -3.45
C THR NB 122 -67.33 18.51 -3.61
N ILE NB 123 -66.13 17.97 -3.82
CA ILE NB 123 -65.99 16.54 -4.05
C ILE NB 123 -66.19 15.74 -2.78
N PHE NB 131 -69.14 16.80 -5.59
CA PHE NB 131 -70.04 15.69 -5.77
C PHE NB 131 -69.51 14.82 -6.91
N GLN NB 132 -69.73 13.51 -6.82
CA GLN NB 132 -69.19 12.61 -7.84
C GLN NB 132 -70.01 12.71 -9.12
N VAL NB 133 -69.37 12.31 -10.21
CA VAL NB 133 -69.94 12.33 -11.55
C VAL NB 133 -70.08 10.87 -11.97
N LEU NB 134 -71.08 10.56 -12.79
CA LEU NB 134 -71.08 9.25 -13.44
C LEU NB 134 -70.68 9.33 -14.91
N ARG NB 135 -71.45 10.03 -15.75
CA ARG NB 135 -71.12 10.18 -17.17
C ARG NB 135 -71.71 11.48 -17.72
N LYS NB 136 -71.47 11.71 -19.00
CA LYS NB 136 -71.96 12.86 -19.74
C LYS NB 136 -72.64 12.37 -21.02
N PHE NB 137 -73.30 13.30 -21.73
CA PHE NB 137 -73.89 13.00 -23.03
C PHE NB 137 -73.74 14.23 -23.92
N HIS NB 138 -74.22 14.10 -25.17
CA HIS NB 138 -74.18 15.18 -26.13
C HIS NB 138 -75.50 15.23 -26.90
N ALA NB 139 -75.87 16.44 -27.32
CA ALA NB 139 -77.04 16.66 -28.18
C ALA NB 139 -76.82 17.99 -28.87
N THR NB 140 -76.70 17.97 -30.20
CA THR NB 140 -76.35 19.15 -30.98
C THR NB 140 -77.48 19.52 -31.91
N VAL NB 141 -78.17 20.62 -31.61
CA VAL NB 141 -79.29 21.08 -32.43
C VAL NB 141 -78.92 22.42 -33.06
N VAL NB 142 -78.54 22.38 -34.34
CA VAL NB 142 -78.05 23.57 -35.01
C VAL NB 142 -79.02 23.96 -36.15
N GLY NB 143 -79.90 24.91 -35.87
CA GLY NB 143 -80.84 25.33 -36.89
C GLY NB 143 -81.02 26.84 -37.00
N GLY NB 144 -80.64 27.39 -38.15
CA GLY NB 144 -80.80 28.83 -38.35
C GLY NB 144 -81.83 29.17 -39.41
N LEU NB 145 -81.37 29.56 -40.60
CA LEU NB 145 -82.26 29.86 -41.70
C LEU NB 145 -81.71 29.23 -42.97
N TYR NB 146 -82.57 29.17 -43.98
CA TYR NB 146 -82.31 28.76 -45.37
C TYR NB 146 -81.86 27.32 -45.54
N CYS NB 147 -81.82 26.48 -44.51
CA CYS NB 147 -81.98 25.05 -44.79
C CYS NB 147 -83.13 24.46 -43.95
N MET NB 148 -83.24 24.66 -42.61
CA MET NB 148 -82.18 24.93 -41.62
C MET NB 148 -81.76 23.54 -41.08
N LYS NB 149 -80.49 23.20 -41.20
CA LYS NB 149 -80.13 21.80 -41.05
C LYS NB 149 -79.55 21.52 -39.66
N GLU NB 150 -80.47 21.43 -38.69
CA GLU NB 150 -80.63 20.39 -37.66
C GLU NB 150 -81.79 20.75 -36.76
N GLN NB 151 -82.38 19.74 -36.13
CA GLN NB 151 -83.58 19.83 -35.31
C GLN NB 151 -83.61 18.66 -34.33
N ALA NB 152 -84.83 18.34 -33.87
CA ALA NB 152 -85.15 17.34 -32.85
C ALA NB 152 -84.37 16.04 -33.02
N LEU NB 153 -83.56 15.72 -32.01
CA LEU NB 153 -82.75 14.50 -32.01
C LEU NB 153 -83.31 13.54 -30.96
N VAL NB 154 -83.19 12.25 -31.22
CA VAL NB 154 -83.68 11.25 -30.29
C VAL NB 154 -82.51 10.58 -29.60
N LYS NB 155 -82.56 10.47 -28.28
CA LYS NB 155 -81.49 9.88 -27.49
C LYS NB 155 -82.06 8.80 -26.58
N ARG NB 156 -81.56 7.57 -26.74
CA ARG NB 156 -81.86 6.48 -25.82
C ARG NB 156 -80.55 5.92 -25.28
N PHE NB 157 -80.53 5.60 -23.99
CA PHE NB 157 -79.32 5.13 -23.33
C PHE NB 157 -79.67 4.19 -22.19
N TYR NB 158 -79.20 2.96 -22.27
CA TYR NB 158 -79.01 2.14 -21.07
C TYR NB 158 -77.86 2.72 -20.25
N ARG NB 159 -78.04 2.76 -18.92
CA ARG NB 159 -77.00 3.32 -18.05
C ARG NB 159 -77.14 2.68 -16.67
N LEU NB 160 -76.27 1.72 -16.37
CA LEU NB 160 -76.32 1.01 -15.10
C LEU NB 160 -75.74 1.85 -13.98
N ASN NB 161 -76.36 1.77 -12.81
CA ASN NB 161 -76.00 2.62 -11.67
C ASN NB 161 -76.13 1.78 -10.39
N HIS NB 162 -76.16 2.45 -9.23
CA HIS NB 162 -76.10 1.75 -7.95
C HIS NB 162 -76.95 2.49 -6.92
N HIS NB 163 -76.73 2.17 -5.64
CA HIS NB 163 -77.70 2.28 -4.56
C HIS NB 163 -77.95 3.72 -4.12
N VAL NB 164 -79.13 3.92 -3.53
CA VAL NB 164 -79.64 5.20 -3.02
C VAL NB 164 -80.31 4.93 -1.67
N THR NB 165 -80.10 5.84 -0.76
CA THR NB 165 -80.72 5.72 0.56
C THR NB 165 -81.57 6.96 0.83
N TYR NB 166 -82.75 6.77 1.44
CA TYR NB 166 -83.51 7.87 2.02
C TYR NB 166 -83.30 7.92 3.52
N ASN NB 167 -83.38 9.14 4.07
CA ASN NB 167 -83.15 9.34 5.50
C ASN NB 167 -84.41 8.98 6.29
N HIS NB 168 -85.49 9.71 6.07
CA HIS NB 168 -86.68 9.54 6.88
C HIS NB 168 -87.51 8.35 6.39
N GLN NB 169 -88.38 7.87 7.28
CA GLN NB 169 -89.30 6.77 6.98
C GLN NB 169 -90.66 7.29 6.53
N GLU NB 170 -90.69 8.50 6.00
CA GLU NB 170 -91.92 9.16 5.56
C GLU NB 170 -92.34 8.64 4.19
N ALA NB 171 -93.57 8.97 3.82
CA ALA NB 171 -94.03 8.84 2.43
C ALA NB 171 -93.84 10.17 1.71
N GLY NB 172 -92.61 10.68 1.76
CA GLY NB 172 -92.29 12.03 1.38
C GLY NB 172 -91.57 12.15 0.05
N LYS NB 173 -91.35 13.40 -0.34
CA LYS NB 173 -90.73 13.76 -1.60
C LYS NB 173 -89.21 13.88 -1.41
N TYR NB 174 -88.53 14.54 -2.34
CA TYR NB 174 -87.07 14.65 -2.40
C TYR NB 174 -86.43 15.35 -1.21
N GLU NB 175 -87.21 15.94 -0.29
CA GLU NB 175 -86.63 16.78 0.75
C GLU NB 175 -85.92 15.96 1.83
N ASN NB 176 -86.32 14.71 2.04
CA ASN NB 176 -85.82 13.91 3.16
C ASN NB 176 -84.72 12.93 2.74
N HIS NB 177 -83.84 13.34 1.83
CA HIS NB 177 -82.76 12.49 1.36
C HIS NB 177 -81.65 12.35 2.40
N THR NB 178 -80.67 11.54 2.05
CA THR NB 178 -79.42 11.35 2.80
C THR NB 178 -78.34 11.02 1.78
N GLU NB 179 -77.26 10.38 2.24
CA GLU NB 179 -76.13 9.95 1.41
C GLU NB 179 -76.57 9.16 0.18
N ASN NB 180 -75.76 9.30 -0.88
CA ASN NB 180 -75.91 8.62 -2.17
C ASN NB 180 -77.25 8.99 -2.84
N ALA NB 181 -77.39 10.27 -3.10
CA ALA NB 181 -78.41 10.74 -4.03
C ALA NB 181 -77.81 10.76 -5.44
N LEU NB 182 -78.69 10.95 -6.43
CA LEU NB 182 -78.26 11.09 -7.81
C LEU NB 182 -79.33 11.86 -8.57
N LEU NB 183 -78.90 12.74 -9.46
CA LEU NB 183 -79.82 13.65 -10.15
C LEU NB 183 -79.16 14.12 -11.45
N LEU NB 184 -79.87 14.96 -12.18
CA LEU NB 184 -79.43 15.42 -13.49
C LEU NB 184 -79.24 16.94 -13.52
N TYR NB 185 -78.32 17.37 -14.37
CA TYR NB 185 -78.22 18.76 -14.78
C TYR NB 185 -78.11 18.81 -16.29
N MET NB 186 -78.81 19.77 -16.89
CA MET NB 186 -78.75 20.02 -18.33
C MET NB 186 -78.20 21.42 -18.55
N ALA NB 187 -77.36 21.55 -19.58
CA ALA NB 187 -76.62 22.79 -19.80
C ALA NB 187 -76.73 23.22 -21.24
N CYS NB 188 -77.05 24.50 -21.45
CA CYS NB 188 -76.97 25.14 -22.75
C CYS NB 188 -75.69 25.97 -22.82
N THR NB 189 -75.22 26.19 -24.05
CA THR NB 189 -73.93 26.83 -24.27
C THR NB 189 -74.03 28.18 -24.96
N HIS NB 190 -75.22 28.78 -25.05
CA HIS NB 190 -75.38 30.07 -25.69
C HIS NB 190 -76.45 30.87 -24.95
N ALA NB 191 -76.38 32.20 -25.12
CA ALA NB 191 -77.21 33.12 -24.36
C ALA NB 191 -78.69 33.03 -24.72
N SER NB 192 -79.01 32.62 -25.95
CA SER NB 192 -80.39 32.32 -26.29
C SER NB 192 -80.84 31.03 -25.61
N ASN NB 193 -82.15 30.84 -25.56
CA ASN NB 193 -82.67 29.60 -25.00
C ASN NB 193 -83.55 28.87 -26.02
N PRO NB 194 -82.97 28.17 -27.01
CA PRO NB 194 -83.81 27.47 -27.97
C PRO NB 194 -84.27 26.10 -27.50
N VAL NB 195 -83.58 25.52 -26.51
CA VAL NB 195 -83.68 24.10 -26.21
C VAL NB 195 -84.99 23.83 -25.48
N TYR NB 196 -85.88 23.08 -26.13
CA TYR NB 196 -87.07 22.52 -25.49
C TYR NB 196 -86.88 21.01 -25.40
N ALA NB 197 -86.24 20.58 -24.31
CA ALA NB 197 -85.86 19.19 -24.13
C ALA NB 197 -86.85 18.49 -23.20
N THR NB 198 -87.57 17.52 -23.74
CA THR NB 198 -88.50 16.72 -22.96
C THR NB 198 -87.98 15.29 -22.93
N LEU NB 199 -87.84 14.75 -21.71
CA LEU NB 199 -87.14 13.49 -21.52
C LEU NB 199 -87.99 12.54 -20.70
N LYS NB 200 -88.02 11.29 -21.13
CA LYS NB 200 -88.64 10.21 -20.39
C LYS NB 200 -87.56 9.37 -19.71
N ILE NB 201 -87.61 9.32 -18.39
CA ILE NB 201 -86.51 8.78 -17.59
C ILE NB 201 -87.06 7.61 -16.79
N ARG NB 202 -86.82 6.39 -17.27
CA ARG NB 202 -87.20 5.20 -16.52
C ARG NB 202 -86.11 4.81 -15.54
N ILE NB 203 -86.49 4.62 -14.28
CA ILE NB 203 -85.67 3.92 -13.31
C ILE NB 203 -86.42 2.68 -12.89
N TYR NB 204 -85.87 1.50 -13.17
CA TYR NB 204 -86.39 0.26 -12.62
C TYR NB 204 -85.32 -0.38 -11.75
N PHE NB 205 -85.75 -0.86 -10.59
CA PHE NB 205 -84.84 -1.25 -9.52
C PHE NB 205 -85.43 -2.34 -8.64
N PRO OB 16 -23.22 -63.51 -67.61
CA PRO OB 16 -22.78 -62.35 -66.82
C PRO OB 16 -22.59 -61.09 -67.66
N ASP OB 17 -22.85 -61.19 -68.97
CA ASP OB 17 -22.62 -60.08 -69.90
C ASP OB 17 -23.89 -59.64 -70.61
N ILE OB 18 -24.71 -60.59 -71.05
CA ILE OB 18 -25.82 -60.32 -71.97
C ILE OB 18 -27.17 -60.35 -71.25
N PRO OB 19 -28.12 -59.51 -71.65
CA PRO OB 19 -29.46 -59.54 -71.04
C PRO OB 19 -30.50 -60.35 -71.82
N ARG OB 20 -30.16 -60.96 -72.95
CA ARG OB 20 -31.16 -61.51 -73.85
C ARG OB 20 -31.17 -63.03 -73.90
N GLY OB 21 -30.05 -63.67 -74.25
CA GLY OB 21 -30.01 -65.10 -74.47
C GLY OB 21 -28.61 -65.65 -74.44
N CYS OB 22 -28.49 -66.91 -74.06
CA CYS OB 22 -27.21 -67.55 -73.74
C CYS OB 22 -26.41 -67.98 -74.96
N GLU OB 23 -26.74 -67.45 -76.15
CA GLU OB 23 -25.89 -67.64 -77.32
C GLU OB 23 -24.54 -66.95 -77.10
N GLY OB 24 -23.54 -67.40 -77.86
CA GLY OB 24 -22.26 -66.76 -77.88
C GLY OB 24 -22.35 -65.38 -78.49
N PRO OB 25 -21.63 -64.41 -77.92
CA PRO OB 25 -21.66 -63.04 -78.48
C PRO OB 25 -20.93 -62.97 -79.81
N CYS OB 26 -21.62 -63.39 -80.87
CA CYS OB 26 -20.97 -63.60 -82.15
C CYS OB 26 -20.67 -62.27 -82.84
N LYS OB 27 -19.50 -62.20 -83.46
CA LYS OB 27 -19.04 -60.99 -84.12
C LYS OB 27 -19.52 -60.99 -85.57
N VAL OB 28 -20.09 -59.86 -86.00
CA VAL OB 28 -20.37 -59.59 -87.40
C VAL OB 28 -19.73 -58.25 -87.72
N GLN OB 29 -18.63 -58.27 -88.44
CA GLN OB 29 -17.82 -57.08 -88.65
C GLN OB 29 -18.08 -56.51 -90.05
N SER OB 30 -18.52 -55.28 -90.09
CA SER OB 30 -18.75 -54.58 -91.36
C SER OB 30 -17.51 -53.76 -91.64
N PHE OB 31 -16.48 -54.41 -92.18
CA PHE OB 31 -15.32 -53.67 -92.64
C PHE OB 31 -15.66 -52.92 -93.91
N GLU OB 32 -15.13 -51.70 -94.01
CA GLU OB 32 -15.19 -50.95 -95.24
C GLU OB 32 -13.77 -50.56 -95.65
N GLN OB 33 -13.55 -50.54 -96.96
CA GLN OB 33 -12.39 -49.87 -97.56
C GLN OB 33 -13.02 -48.90 -98.54
N ARG OB 34 -13.43 -47.74 -98.02
CA ARG OB 34 -14.28 -46.82 -98.76
C ARG OB 34 -13.81 -45.39 -98.58
N ASP OB 35 -14.65 -44.45 -99.00
CA ASP OB 35 -14.47 -43.03 -98.75
C ASP OB 35 -15.85 -42.41 -98.62
N ASP OB 36 -15.92 -41.10 -98.73
CA ASP OB 36 -17.20 -40.42 -98.74
C ASP OB 36 -17.15 -39.27 -99.73
N VAL OB 37 -18.21 -38.48 -99.74
CA VAL OB 37 -18.23 -37.19 -100.44
C VAL OB 37 -18.51 -36.16 -99.36
N LYS OB 38 -18.68 -34.88 -99.76
CA LYS OB 38 -19.02 -33.86 -98.78
C LYS OB 38 -20.39 -34.12 -98.16
N HIS OB 39 -21.36 -34.55 -98.96
CA HIS OB 39 -22.73 -34.66 -98.48
C HIS OB 39 -22.93 -35.88 -97.60
N LEU OB 40 -22.46 -37.04 -98.06
CA LEU OB 40 -22.89 -38.27 -97.39
C LEU OB 40 -21.84 -39.36 -97.53
N GLY OB 41 -21.65 -40.09 -96.44
CA GLY OB 41 -21.11 -41.44 -96.50
C GLY OB 41 -22.08 -42.34 -95.78
N ILE OB 42 -22.76 -43.22 -96.50
CA ILE OB 42 -23.87 -43.99 -95.94
C ILE OB 42 -23.43 -45.41 -95.69
N CYS OB 43 -23.75 -45.91 -94.49
CA CYS OB 43 -23.36 -47.27 -94.09
C CYS OB 43 -24.46 -47.82 -93.20
N LYS OB 44 -25.33 -48.65 -93.77
CA LYS OB 44 -26.15 -49.53 -92.92
C LYS OB 44 -25.25 -50.62 -92.37
N VAL OB 45 -25.05 -50.60 -91.03
CA VAL OB 45 -24.06 -51.46 -90.40
C VAL OB 45 -24.61 -52.86 -90.19
N ILE OB 46 -25.93 -53.00 -90.21
CA ILE OB 46 -26.59 -54.26 -89.92
C ILE OB 46 -26.99 -54.97 -91.22
N SER OB 47 -26.29 -54.67 -92.32
CA SER OB 47 -26.77 -55.01 -93.66
C SER OB 47 -26.59 -56.49 -93.97
N ASP OB 48 -25.36 -56.98 -93.91
CA ASP OB 48 -25.03 -58.32 -94.39
C ASP OB 48 -25.33 -59.42 -93.37
N VAL OB 49 -26.20 -59.19 -92.39
CA VAL OB 49 -26.48 -60.19 -91.36
C VAL OB 49 -27.64 -61.04 -91.85
N THR OB 50 -27.34 -62.22 -92.37
CA THR OB 50 -28.34 -63.15 -92.90
C THR OB 50 -28.47 -64.33 -91.95
N ARG OB 51 -29.52 -65.13 -92.15
CA ARG OB 51 -29.71 -66.33 -91.35
C ARG OB 51 -28.73 -67.41 -91.78
N GLY OB 52 -28.04 -68.00 -90.80
CA GLY OB 52 -27.09 -69.05 -91.06
C GLY OB 52 -26.53 -69.62 -89.77
N PRO OB 53 -25.85 -70.77 -89.86
CA PRO OB 53 -25.30 -71.39 -88.64
C PRO OB 53 -24.02 -70.74 -88.15
N GLY OB 54 -23.30 -70.00 -89.00
CA GLY OB 54 -22.04 -69.42 -88.61
C GLY OB 54 -22.21 -68.24 -87.67
N LEU OB 55 -21.08 -67.81 -87.10
CA LEU OB 55 -21.08 -66.68 -86.19
C LEU OB 55 -21.09 -65.33 -86.89
N THR OB 56 -20.94 -65.31 -88.22
CA THR OB 56 -21.19 -64.12 -89.02
C THR OB 56 -22.63 -64.05 -89.50
N HIS OB 57 -23.55 -64.66 -88.75
CA HIS OB 57 -24.94 -64.82 -89.17
C HIS OB 57 -25.84 -64.58 -87.97
N ARG OB 58 -27.10 -64.95 -88.10
CA ARG OB 58 -28.10 -64.66 -87.08
C ARG OB 58 -29.06 -65.83 -86.92
N VAL OB 59 -29.69 -65.88 -85.75
CA VAL OB 59 -30.73 -66.87 -85.45
C VAL OB 59 -32.03 -66.11 -85.20
N GLY OB 60 -32.98 -66.27 -86.10
CA GLY OB 60 -34.25 -65.58 -85.99
C GLY OB 60 -34.23 -64.19 -86.57
N LYS OB 61 -34.93 -63.25 -85.92
CA LYS OB 61 -35.01 -61.89 -86.42
C LYS OB 61 -34.96 -60.86 -85.29
N ARG OB 62 -34.39 -61.25 -84.14
CA ARG OB 62 -34.31 -60.38 -82.98
C ARG OB 62 -32.85 -60.20 -82.57
N PHE OB 63 -32.41 -58.95 -82.45
CA PHE OB 63 -31.07 -58.60 -82.03
C PHE OB 63 -31.12 -57.83 -80.72
N CYS OB 64 -30.02 -57.88 -79.98
CA CYS OB 64 -29.70 -56.91 -78.92
C CYS OB 64 -28.21 -56.64 -79.07
N ILE OB 65 -27.88 -55.57 -79.82
CA ILE OB 65 -26.49 -55.20 -80.05
C ILE OB 65 -25.88 -54.74 -78.73
N LYS OB 66 -24.87 -55.47 -78.26
CA LYS OB 66 -24.22 -55.12 -77.01
C LYS OB 66 -23.36 -53.87 -77.19
N SER OB 67 -22.47 -53.88 -78.18
CA SER OB 67 -21.63 -52.71 -78.40
C SER OB 67 -21.17 -52.68 -79.86
N ILE OB 68 -21.02 -51.46 -80.36
CA ILE OB 68 -20.37 -51.20 -81.63
C ILE OB 68 -18.95 -50.73 -81.33
N TYR OB 69 -17.98 -51.42 -81.90
CA TYR OB 69 -16.56 -51.14 -81.70
C TYR OB 69 -16.00 -50.60 -83.01
N ILE OB 70 -15.78 -49.28 -83.07
CA ILE OB 70 -15.38 -48.61 -84.30
C ILE OB 70 -13.87 -48.45 -84.30
N LEU OB 71 -13.20 -49.21 -85.15
CA LEU OB 71 -11.84 -48.92 -85.55
C LEU OB 71 -11.87 -48.09 -86.83
N GLY OB 72 -10.72 -47.51 -87.16
CA GLY OB 72 -10.66 -46.76 -88.40
C GLY OB 72 -9.49 -45.81 -88.51
N LYS OB 73 -8.90 -45.74 -89.71
CA LYS OB 73 -7.88 -44.78 -90.04
C LYS OB 73 -8.39 -43.85 -91.13
N ILE OB 74 -8.32 -42.55 -90.87
CA ILE OB 74 -8.93 -41.54 -91.73
C ILE OB 74 -7.80 -40.69 -92.28
N TRP OB 75 -7.49 -40.84 -93.57
CA TRP OB 75 -6.35 -40.15 -94.14
C TRP OB 75 -6.76 -39.35 -95.36
N LEU OB 76 -5.77 -38.64 -95.91
CA LEU OB 76 -5.82 -38.03 -97.21
C LEU OB 76 -4.51 -38.20 -97.97
N ASP OB 77 -3.76 -39.27 -97.67
CA ASP OB 77 -2.36 -39.38 -98.05
C ASP OB 77 -2.18 -39.89 -99.48
N GLU OB 78 -3.21 -39.76 -100.31
CA GLU OB 78 -3.04 -39.81 -101.76
C GLU OB 78 -2.17 -38.64 -102.20
N THR OB 79 -1.50 -38.78 -103.34
CA THR OB 79 -0.56 -37.76 -103.82
C THR OB 79 -1.22 -36.46 -104.26
N ILE OB 80 -2.55 -36.42 -104.27
CA ILE OB 80 -3.33 -35.24 -104.63
C ILE OB 80 -4.03 -34.85 -103.33
N LYS OB 81 -4.89 -33.81 -103.36
CA LYS OB 81 -5.66 -33.28 -102.25
C LYS OB 81 -4.77 -32.70 -101.15
N LYS OB 82 -3.65 -32.10 -101.56
CA LYS OB 82 -2.92 -31.18 -100.71
C LYS OB 82 -3.40 -29.74 -100.85
N GLN OB 83 -3.92 -29.35 -102.02
CA GLN OB 83 -4.65 -28.10 -102.15
C GLN OB 83 -6.10 -28.31 -101.72
N ASN OB 84 -6.81 -27.18 -101.53
CA ASN OB 84 -8.19 -27.11 -101.04
C ASN OB 84 -8.32 -27.85 -99.71
N HIS OB 85 -7.33 -27.64 -98.84
CA HIS OB 85 -7.09 -28.51 -97.69
C HIS OB 85 -7.78 -28.05 -96.41
N THR OB 86 -7.36 -28.64 -95.29
CA THR OB 86 -7.89 -28.45 -93.93
C THR OB 86 -9.37 -28.80 -93.80
N ASN OB 87 -9.71 -30.07 -93.96
CA ASN OB 87 -11.07 -30.55 -93.74
C ASN OB 87 -11.10 -31.43 -92.50
N ASN OB 88 -12.27 -31.58 -91.90
CA ASN OB 88 -12.45 -32.45 -90.76
C ASN OB 88 -13.68 -33.34 -90.94
N VAL OB 89 -13.74 -34.41 -90.16
CA VAL OB 89 -14.77 -35.44 -90.30
C VAL OB 89 -15.60 -35.46 -89.03
N ILE OB 90 -16.92 -35.35 -89.19
CA ILE OB 90 -17.85 -35.49 -88.07
C ILE OB 90 -18.61 -36.78 -88.29
N PHE OB 91 -18.57 -37.67 -87.31
CA PHE OB 91 -19.30 -38.93 -87.42
C PHE OB 91 -20.68 -38.81 -86.80
N TYR OB 92 -21.61 -39.63 -87.30
CA TYR OB 92 -22.98 -39.64 -86.82
C TYR OB 92 -23.43 -41.08 -86.69
N LEU OB 93 -23.82 -41.48 -85.49
CA LEU OB 93 -24.31 -42.83 -85.22
C LEU OB 93 -25.74 -42.67 -84.72
N LEU OB 94 -26.71 -42.99 -85.58
CA LEU OB 94 -28.11 -42.66 -85.34
C LEU OB 94 -28.90 -43.89 -84.97
N ARG OB 95 -29.85 -43.73 -84.04
CA ARG OB 95 -30.84 -44.76 -83.78
C ARG OB 95 -32.05 -44.50 -84.67
N ASP OB 96 -32.23 -45.36 -85.68
CA ASP OB 96 -33.31 -45.20 -86.64
C ASP OB 96 -34.60 -45.81 -86.09
N ARG OB 97 -35.73 -45.27 -86.55
CA ARG OB 97 -37.04 -45.72 -86.08
C ARG OB 97 -37.80 -46.57 -87.10
N ARG OB 98 -37.58 -46.41 -88.41
CA ARG OB 98 -38.30 -47.14 -89.45
C ARG OB 98 -37.45 -47.18 -90.71
N PRO OB 99 -37.56 -48.24 -91.50
CA PRO OB 99 -36.84 -48.28 -92.78
C PRO OB 99 -37.71 -47.90 -93.95
N TYR OB 100 -37.10 -47.62 -95.10
CA TYR OB 100 -37.79 -47.57 -96.39
C TYR OB 100 -36.88 -48.24 -97.42
N GLY OB 101 -37.00 -49.56 -97.54
CA GLY OB 101 -36.21 -50.33 -98.50
C GLY OB 101 -34.71 -50.23 -98.27
N ASN OB 102 -34.05 -49.49 -99.15
CA ASN OB 102 -32.63 -49.18 -99.02
C ASN OB 102 -32.42 -48.04 -98.03
N ALA OB 103 -31.20 -47.49 -98.01
CA ALA OB 103 -30.89 -46.40 -97.10
C ALA OB 103 -31.50 -45.10 -97.60
N PRO OB 104 -32.02 -44.26 -96.71
CA PRO OB 104 -32.59 -42.97 -97.14
C PRO OB 104 -31.51 -41.93 -97.43
N GLN OB 105 -31.94 -40.71 -97.72
CA GLN OB 105 -31.03 -39.61 -97.98
C GLN OB 105 -30.31 -39.19 -96.70
N ASP OB 106 -29.28 -38.37 -96.85
CA ASP OB 106 -28.65 -37.71 -95.71
C ASP OB 106 -29.00 -36.23 -95.65
N PHE OB 107 -28.68 -35.47 -96.70
CA PHE OB 107 -28.87 -34.02 -96.68
C PHE OB 107 -30.34 -33.66 -96.74
N GLY OB 108 -31.17 -34.53 -97.34
CA GLY OB 108 -32.60 -34.37 -97.28
C GLY OB 108 -33.25 -34.98 -96.05
N GLN OB 109 -32.47 -35.56 -95.15
CA GLN OB 109 -33.00 -36.16 -93.93
C GLN OB 109 -32.55 -35.42 -92.68
N ILE OB 110 -31.24 -35.25 -92.48
CA ILE OB 110 -30.80 -34.33 -91.43
C ILE OB 110 -30.94 -32.90 -91.96
N PHE OB 111 -30.99 -31.94 -91.03
CA PHE OB 111 -31.66 -30.68 -91.30
C PHE OB 111 -30.82 -29.71 -92.13
N ASN OB 112 -29.67 -29.28 -91.62
CA ASN OB 112 -29.00 -28.14 -92.21
C ASN OB 112 -27.60 -28.56 -92.64
N MET OB 113 -26.81 -27.58 -93.09
CA MET OB 113 -25.52 -27.85 -93.74
C MET OB 113 -24.45 -28.17 -92.71
N PHE OB 114 -24.28 -29.46 -92.46
CA PHE OB 114 -23.10 -30.17 -91.98
C PHE OB 114 -22.79 -29.93 -90.50
N ASP OB 115 -23.50 -29.03 -89.83
CA ASP OB 115 -23.47 -28.89 -88.38
C ASP OB 115 -24.92 -28.78 -87.92
N ASN OB 116 -25.53 -29.92 -87.64
CA ASN OB 116 -26.98 -29.96 -87.54
C ASN OB 116 -27.44 -31.13 -86.67
N GLU OB 117 -28.74 -31.37 -86.74
CA GLU OB 117 -29.51 -32.41 -86.07
C GLU OB 117 -30.47 -32.97 -87.11
N PRO OB 118 -31.20 -34.05 -86.85
CA PRO OB 118 -32.30 -34.43 -87.75
C PRO OB 118 -33.41 -33.39 -87.77
N SER OB 119 -34.18 -33.41 -88.85
CA SER OB 119 -35.23 -32.41 -89.07
C SER OB 119 -36.38 -32.60 -88.09
N THR OB 120 -37.19 -31.55 -87.98
CA THR OB 120 -38.32 -31.56 -87.05
C THR OB 120 -39.41 -32.53 -87.47
N ALA OB 121 -39.53 -32.81 -88.77
CA ALA OB 121 -40.53 -33.74 -89.26
C ALA OB 121 -40.02 -35.19 -89.32
N THR OB 122 -38.82 -35.45 -88.82
CA THR OB 122 -38.19 -36.77 -88.96
C THR OB 122 -38.00 -37.48 -87.62
N ILE OB 123 -38.26 -36.82 -86.50
CA ILE OB 123 -38.01 -37.42 -85.20
C ILE OB 123 -39.03 -38.50 -84.88
N PHE OB 131 -35.34 -39.02 -86.83
CA PHE OB 131 -34.73 -40.25 -86.35
C PHE OB 131 -33.86 -39.93 -85.15
N GLN OB 132 -33.76 -40.86 -84.19
CA GLN OB 132 -32.99 -40.58 -83.00
C GLN OB 132 -31.49 -40.65 -83.28
N VAL OB 133 -30.74 -39.98 -82.40
CA VAL OB 133 -29.29 -39.90 -82.48
C VAL OB 133 -28.76 -40.66 -81.28
N LEU OB 134 -27.57 -41.26 -81.42
CA LEU OB 134 -26.89 -41.76 -80.22
C LEU OB 134 -25.73 -40.86 -79.80
N ARG OB 135 -24.69 -40.73 -80.63
CA ARG OB 135 -23.55 -39.86 -80.33
C ARG OB 135 -22.91 -39.38 -81.62
N LYS OB 136 -21.85 -38.58 -81.44
CA LYS OB 136 -21.05 -38.01 -82.52
C LYS OB 136 -19.58 -38.32 -82.26
N PHE OB 137 -18.72 -38.01 -83.24
CA PHE OB 137 -17.27 -38.13 -83.07
C PHE OB 137 -16.60 -36.99 -83.85
N HIS OB 138 -15.26 -36.96 -83.78
CA HIS OB 138 -14.47 -35.96 -84.47
C HIS OB 138 -13.24 -36.62 -85.08
N ALA OB 139 -12.79 -36.06 -86.19
CA ALA OB 139 -11.54 -36.47 -86.84
C ALA OB 139 -11.09 -35.30 -87.71
N THR OB 140 -9.93 -34.74 -87.40
CA THR OB 140 -9.46 -33.52 -88.03
C THR OB 140 -8.16 -33.81 -88.78
N VAL OB 141 -8.23 -33.81 -90.11
CA VAL OB 141 -7.05 -34.07 -90.94
C VAL OB 141 -6.71 -32.81 -91.73
N VAL OB 142 -5.72 -32.07 -91.26
CA VAL OB 142 -5.38 -30.78 -91.86
C VAL OB 142 -3.98 -30.86 -92.49
N GLY OB 143 -3.93 -31.09 -93.81
CA GLY OB 143 -2.65 -31.16 -94.47
C GLY OB 143 -2.57 -30.41 -95.79
N GLY OB 144 -1.71 -29.39 -95.84
CA GLY OB 144 -1.57 -28.61 -97.07
C GLY OB 144 -0.20 -28.79 -97.71
N LEU OB 145 0.66 -27.79 -97.57
CA LEU OB 145 2.01 -27.86 -98.10
C LEU OB 145 2.98 -27.34 -97.05
N TYR OB 146 4.26 -27.63 -97.28
CA TYR OB 146 5.43 -27.15 -96.55
C TYR OB 146 5.52 -27.56 -95.08
N CYS OB 147 4.61 -28.38 -94.56
CA CYS OB 147 5.03 -29.19 -93.43
C CYS OB 147 4.77 -30.69 -93.70
N MET OB 148 3.59 -31.15 -94.16
CA MET OB 148 2.24 -30.60 -93.99
C MET OB 148 1.66 -31.27 -92.73
N LYS OB 149 1.28 -30.47 -91.74
CA LYS OB 149 1.08 -31.05 -90.43
C LYS OB 149 -0.40 -31.31 -90.13
N GLU OB 150 -0.90 -32.40 -90.72
CA GLU OB 150 -1.69 -33.49 -90.13
C GLU OB 150 -2.06 -34.48 -91.22
N GLN OB 151 -2.33 -35.72 -90.80
CA GLN OB 151 -2.58 -36.86 -91.67
C GLN OB 151 -3.38 -37.90 -90.92
N ALA OB 152 -3.29 -39.15 -91.38
CA ALA OB 152 -4.01 -40.35 -90.90
C ALA OB 152 -4.10 -40.43 -89.39
N LEU OB 153 -5.32 -40.38 -88.86
CA LEU OB 153 -5.57 -40.47 -87.44
C LEU OB 153 -6.22 -41.81 -87.13
N VAL OB 154 -5.96 -42.35 -85.94
CA VAL OB 154 -6.54 -43.62 -85.55
C VAL OB 154 -7.60 -43.38 -84.49
N LYS OB 155 -8.78 -43.99 -84.68
CA LYS OB 155 -9.89 -43.82 -83.75
C LYS OB 155 -10.41 -45.19 -83.34
N ARG OB 156 -10.38 -45.45 -82.03
CA ARG OB 156 -11.02 -46.63 -81.45
C ARG OB 156 -12.02 -46.18 -80.38
N PHE OB 157 -13.19 -46.83 -80.34
CA PHE OB 157 -14.25 -46.44 -79.43
C PHE OB 157 -15.08 -47.65 -79.05
N TYR OB 158 -15.11 -47.97 -77.75
CA TYR OB 158 -16.22 -48.74 -77.20
C TYR OB 158 -17.48 -47.87 -77.22
N ARG OB 159 -18.62 -48.47 -77.58
CA ARG OB 159 -19.87 -47.72 -77.66
C ARG OB 159 -21.02 -48.71 -77.45
N LEU OB 160 -21.59 -48.71 -76.24
CA LEU OB 160 -22.68 -49.62 -75.91
C LEU OB 160 -23.99 -49.14 -76.51
N ASN OB 161 -24.80 -50.08 -76.97
CA ASN OB 161 -26.05 -49.77 -77.69
C ASN OB 161 -27.10 -50.81 -77.30
N HIS OB 162 -28.17 -50.90 -78.07
CA HIS OB 162 -29.33 -51.72 -77.70
C HIS OB 162 -29.96 -52.33 -78.95
N HIS OB 163 -31.20 -52.81 -78.80
CA HIS OB 163 -31.79 -53.88 -79.60
C HIS OB 163 -32.18 -53.42 -81.01
N VAL OB 164 -32.25 -54.41 -81.91
CA VAL OB 164 -32.58 -54.24 -83.33
C VAL OB 164 -33.52 -55.40 -83.71
N THR OB 165 -34.51 -55.15 -84.56
CA THR OB 165 -35.42 -56.17 -85.04
C THR OB 165 -35.39 -56.20 -86.56
N TYR OB 166 -35.43 -57.40 -87.15
CA TYR OB 166 -35.70 -57.58 -88.57
C TYR OB 166 -37.16 -57.96 -88.79
N ASN OB 167 -37.70 -57.55 -89.94
CA ASN OB 167 -39.10 -57.82 -90.25
C ASN OB 167 -39.26 -59.26 -90.77
N HIS OB 168 -38.65 -59.55 -91.92
CA HIS OB 168 -38.87 -60.84 -92.55
C HIS OB 168 -38.01 -61.92 -91.92
N GLN OB 169 -38.40 -63.16 -92.15
CA GLN OB 169 -37.66 -64.33 -91.68
C GLN OB 169 -36.72 -64.88 -92.74
N GLU OB 170 -36.31 -64.02 -93.66
CA GLU OB 170 -35.44 -64.38 -94.76
C GLU OB 170 -33.98 -64.46 -94.31
N ALA OB 171 -33.15 -65.04 -95.16
CA ALA OB 171 -31.70 -64.92 -95.03
C ALA OB 171 -31.20 -63.76 -95.90
N GLY OB 172 -31.81 -62.59 -95.66
CA GLY OB 172 -31.68 -61.46 -96.55
C GLY OB 172 -30.79 -60.35 -96.00
N LYS OB 173 -30.61 -59.34 -96.85
CA LYS OB 173 -29.76 -58.20 -96.59
C LYS OB 173 -30.58 -57.09 -95.92
N TYR OB 174 -30.06 -55.86 -95.92
CA TYR OB 174 -30.63 -54.71 -95.23
C TYR OB 174 -32.03 -54.29 -95.69
N GLU OB 175 -32.56 -54.88 -96.76
CA GLU OB 175 -33.81 -54.39 -97.34
C GLU OB 175 -35.03 -54.74 -96.50
N ASN OB 176 -34.98 -55.82 -95.72
CA ASN OB 176 -36.15 -56.32 -95.00
C ASN OB 176 -36.17 -55.90 -93.54
N HIS OB 177 -35.75 -54.68 -93.23
CA HIS OB 177 -35.72 -54.19 -91.87
C HIS OB 177 -37.12 -53.84 -91.36
N THR OB 178 -37.17 -53.44 -90.09
CA THR OB 178 -38.36 -52.93 -89.42
C THR OB 178 -37.87 -51.92 -88.38
N GLU OB 179 -38.70 -51.66 -87.37
CA GLU OB 179 -38.41 -50.74 -86.26
C GLU OB 179 -37.06 -51.04 -85.61
N ASN OB 180 -36.45 -49.97 -85.09
CA ASN OB 180 -35.17 -49.97 -84.37
C ASN OB 180 -34.02 -50.49 -85.25
N ALA OB 181 -33.78 -49.72 -86.30
CA ALA OB 181 -32.54 -49.86 -87.05
C ALA OB 181 -31.51 -48.88 -86.51
N LEU OB 182 -30.26 -49.05 -86.95
CA LEU OB 182 -29.19 -48.13 -86.59
C LEU OB 182 -28.10 -48.22 -87.66
N LEU OB 183 -27.53 -47.06 -88.00
CA LEU OB 183 -26.59 -46.97 -89.10
C LEU OB 183 -25.72 -45.75 -88.90
N LEU OB 184 -24.81 -45.52 -89.85
CA LEU OB 184 -23.84 -44.44 -89.77
C LEU OB 184 -23.99 -43.45 -90.91
N TYR OB 185 -23.62 -42.20 -90.62
CA TYR OB 185 -23.38 -41.19 -91.64
C TYR OB 185 -22.05 -40.53 -91.35
N MET OB 186 -21.29 -40.27 -92.40
CA MET OB 186 -20.03 -39.56 -92.32
C MET OB 186 -20.14 -38.28 -93.13
N ALA OB 187 -19.56 -37.19 -92.62
CA ALA OB 187 -19.75 -35.87 -93.20
C ALA OB 187 -18.41 -35.17 -93.36
N CYS OB 188 -18.18 -34.62 -94.55
CA CYS OB 188 -17.08 -33.71 -94.79
C CYS OB 188 -17.59 -32.28 -94.78
N THR OB 189 -16.68 -31.34 -94.49
CA THR OB 189 -17.06 -29.95 -94.28
C THR OB 189 -16.48 -29.00 -95.33
N HIS OB 190 -15.96 -29.52 -96.44
CA HIS OB 190 -15.39 -28.67 -97.49
C HIS OB 190 -15.68 -29.28 -98.85
N ALA OB 191 -15.63 -28.43 -99.88
CA ALA OB 191 -16.05 -28.81 -101.22
C ALA OB 191 -15.11 -29.82 -101.86
N SER OB 192 -13.83 -29.83 -101.48
CA SER OB 192 -12.93 -30.88 -101.92
C SER OB 192 -13.28 -32.19 -101.21
N ASN OB 193 -12.78 -33.29 -101.76
CA ASN OB 193 -12.99 -34.58 -101.12
C ASN OB 193 -11.65 -35.25 -100.80
N PRO OB 194 -10.95 -34.85 -99.74
CA PRO OB 194 -9.67 -35.50 -99.44
C PRO OB 194 -9.83 -36.78 -98.63
N VAL OB 195 -10.96 -36.96 -97.97
CA VAL OB 195 -11.11 -37.95 -96.91
C VAL OB 195 -11.22 -39.35 -97.51
N TYR OB 196 -10.21 -40.17 -97.26
CA TYR OB 196 -10.27 -41.60 -97.53
C TYR OB 196 -10.32 -42.35 -96.21
N ALA OB 197 -11.54 -42.52 -95.71
CA ALA OB 197 -11.77 -43.09 -94.38
C ALA OB 197 -12.16 -44.55 -94.51
N THR OB 198 -11.32 -45.44 -94.00
CA THR OB 198 -11.59 -46.86 -93.98
C THR OB 198 -11.74 -47.30 -92.52
N LEU OB 199 -12.86 -47.95 -92.22
CA LEU OB 199 -13.24 -48.20 -90.83
C LEU OB 199 -13.57 -49.69 -90.66
N LYS OB 200 -13.09 -50.24 -89.56
CA LYS OB 200 -13.43 -51.59 -89.14
C LYS OB 200 -14.43 -51.51 -87.99
N ILE OB 201 -15.62 -52.07 -88.21
CA ILE OB 201 -16.75 -51.86 -87.32
C ILE OB 201 -17.18 -53.21 -86.79
N ARG OB 202 -16.75 -53.55 -85.58
CA ARG OB 202 -17.20 -54.78 -84.93
C ARG OB 202 -18.51 -54.56 -84.20
N ILE OB 203 -19.49 -55.42 -84.47
CA ILE OB 203 -20.68 -55.56 -83.64
C ILE OB 203 -20.66 -56.98 -83.09
N TYR OB 204 -20.55 -57.12 -81.78
CA TYR OB 204 -20.74 -58.40 -81.13
C TYR OB 204 -21.94 -58.30 -80.19
N PHE OB 205 -22.79 -59.33 -80.22
CA PHE OB 205 -24.11 -59.27 -79.62
C PHE OB 205 -24.59 -60.64 -79.19
N PRO PB 16 4.90 -60.60 -50.82
CA PRO PB 16 3.87 -59.55 -50.90
C PRO PB 16 3.61 -59.08 -52.33
N ASP PB 17 4.32 -59.65 -53.30
CA ASP PB 17 4.23 -59.23 -54.70
C ASP PB 17 3.78 -60.34 -55.62
N ILE PB 18 4.30 -61.55 -55.43
CA ILE PB 18 4.14 -62.65 -56.39
C ILE PB 18 3.12 -63.68 -55.92
N PRO PB 19 2.36 -64.29 -56.83
CA PRO PB 19 1.41 -65.34 -56.45
C PRO PB 19 1.91 -66.76 -56.62
N ARG PB 20 3.15 -66.97 -57.08
CA ARG PB 20 3.58 -68.31 -57.51
C ARG PB 20 4.62 -68.94 -56.60
N GLY PB 21 5.77 -68.28 -56.39
CA GLY PB 21 6.86 -68.87 -55.66
C GLY PB 21 7.86 -67.83 -55.18
N CYS PB 22 8.54 -68.14 -54.08
CA CYS PB 22 9.36 -67.20 -53.34
C CYS PB 22 10.74 -66.95 -53.96
N GLU PB 23 10.92 -67.31 -55.23
CA GLU PB 23 12.12 -66.91 -55.96
C GLU PB 23 12.16 -65.40 -56.12
N GLY PB 24 13.36 -64.88 -56.34
CA GLY PB 24 13.53 -63.48 -56.66
C GLY PB 24 12.93 -63.15 -58.01
N PRO PB 25 12.28 -61.99 -58.12
CA PRO PB 25 11.68 -61.60 -59.41
C PRO PB 25 12.74 -61.24 -60.43
N CYS PB 26 13.33 -62.27 -61.04
CA CYS PB 26 14.51 -62.09 -61.86
C CYS PB 26 14.18 -61.46 -63.20
N LYS PB 27 15.03 -60.53 -63.63
CA LYS PB 27 14.82 -59.80 -64.88
C LYS PB 27 15.45 -60.56 -66.04
N VAL PB 28 14.69 -60.71 -67.11
CA VAL PB 28 15.20 -61.18 -68.39
C VAL PB 28 14.78 -60.17 -69.43
N GLN PB 29 15.72 -59.36 -69.90
CA GLN PB 29 15.43 -58.22 -70.75
C GLN PB 29 15.74 -58.56 -72.20
N SER PB 30 14.76 -58.43 -73.06
CA SER PB 30 14.93 -58.66 -74.49
C SER PB 30 15.10 -57.29 -75.14
N PHE PB 31 16.32 -56.76 -75.06
CA PHE PB 31 16.63 -55.55 -75.79
C PHE PB 31 16.71 -55.85 -77.29
N GLU PB 32 16.20 -54.92 -78.08
CA GLU PB 32 16.39 -54.95 -79.52
C GLU PB 32 17.01 -53.64 -79.98
N GLN PB 33 17.87 -53.75 -80.98
CA GLN PB 33 18.30 -52.60 -81.78
C GLN PB 33 17.95 -52.99 -83.20
N ARG PB 34 16.67 -52.78 -83.55
CA ARG PB 34 16.10 -53.34 -84.76
C ARG PB 34 15.25 -52.31 -85.48
N ASP PB 35 14.48 -52.79 -86.46
CA ASP PB 35 13.48 -52.00 -87.14
C ASP PB 35 12.35 -52.96 -87.54
N ASP PB 36 11.51 -52.52 -88.46
CA ASP PB 36 10.47 -53.39 -88.98
C ASP PB 36 10.31 -53.11 -90.47
N VAL PB 37 9.30 -53.75 -91.06
CA VAL PB 37 8.84 -53.42 -92.40
C VAL PB 37 7.39 -53.00 -92.24
N LYS PB 38 6.70 -52.75 -93.35
CA LYS PB 38 5.27 -52.41 -93.27
C LYS PB 38 4.46 -53.58 -92.72
N HIS PB 39 4.78 -54.80 -93.15
CA HIS PB 39 3.94 -55.95 -92.82
C HIS PB 39 4.16 -56.41 -91.38
N LEU PB 40 5.42 -56.56 -90.97
CA LEU PB 40 5.66 -57.26 -89.72
C LEU PB 40 6.95 -56.81 -89.06
N GLY PB 41 6.88 -56.66 -87.74
CA GLY PB 41 8.07 -56.74 -86.90
C GLY PB 41 7.81 -57.79 -85.85
N ILE PB 42 8.51 -58.91 -85.92
CA ILE PB 42 8.18 -60.06 -85.08
C ILE PB 42 9.20 -60.19 -83.96
N CYS PB 43 8.69 -60.38 -82.75
CA CYS PB 43 9.53 -60.48 -81.55
C CYS PB 43 8.89 -61.47 -80.60
N LYS PB 44 9.37 -62.71 -80.58
CA LYS PB 44 9.10 -63.57 -79.44
C LYS PB 44 9.91 -63.08 -78.25
N VAL PB 45 9.21 -62.62 -77.21
CA VAL PB 45 9.87 -61.93 -76.12
C VAL PB 45 10.41 -62.94 -75.10
N ILE PB 46 9.94 -64.17 -75.14
CA ILE PB 46 10.29 -65.19 -74.16
C ILE PB 46 11.35 -66.13 -74.76
N SER PB 47 12.10 -65.66 -75.75
CA SER PB 47 12.89 -66.54 -76.61
C SER PB 47 14.15 -67.04 -75.91
N ASP PB 48 15.01 -66.13 -75.46
CA ASP PB 48 16.34 -66.50 -74.96
C ASP PB 48 16.34 -66.96 -73.50
N VAL PB 49 15.21 -67.40 -72.96
CA VAL PB 49 15.14 -67.81 -71.56
C VAL PB 49 15.46 -69.29 -71.49
N THR PB 50 16.70 -69.63 -71.14
CA THR PB 50 17.17 -71.00 -71.03
C THR PB 50 17.33 -71.37 -69.56
N ARG PB 51 17.51 -72.66 -69.30
CA ARG PB 51 17.75 -73.13 -67.93
C ARG PB 51 19.17 -72.79 -67.51
N GLY PB 52 19.30 -72.18 -66.34
CA GLY PB 52 20.60 -71.83 -65.79
C GLY PB 52 20.48 -71.25 -64.40
N PRO PB 53 21.61 -71.14 -63.70
CA PRO PB 53 21.57 -70.60 -62.33
C PRO PB 53 21.43 -69.10 -62.26
N GLY PB 54 21.78 -68.37 -63.33
CA GLY PB 54 21.73 -66.92 -63.28
C GLY PB 54 20.32 -66.38 -63.32
N LEU PB 55 20.22 -65.07 -63.06
CA LEU PB 55 18.92 -64.40 -63.06
C LEU PB 55 18.43 -64.04 -64.45
N THR PB 56 19.26 -64.22 -65.48
CA THR PB 56 18.82 -64.14 -66.87
C THR PB 56 18.39 -65.51 -67.39
N HIS PB 57 17.95 -66.39 -66.51
CA HIS PB 57 17.67 -67.78 -66.84
C HIS PB 57 16.38 -68.19 -66.13
N ARG PB 58 16.12 -69.50 -66.08
CA ARG PB 58 14.87 -70.01 -65.56
C ARG PB 58 15.12 -71.30 -64.77
N VAL PB 59 14.18 -71.60 -63.88
CA VAL PB 59 14.18 -72.84 -63.10
C VAL PB 59 12.94 -73.62 -63.49
N GLY PB 60 13.13 -74.75 -64.16
CA GLY PB 60 12.02 -75.56 -64.61
C GLY PB 60 11.43 -75.13 -65.93
N LYS PB 61 10.12 -75.23 -66.07
CA LYS PB 61 9.45 -74.87 -67.32
C LYS PB 61 8.14 -74.13 -67.07
N ARG PB 62 7.99 -73.52 -65.90
CA ARG PB 62 6.76 -72.81 -65.53
C ARG PB 62 7.07 -71.35 -65.23
N PHE PB 63 6.36 -70.44 -65.88
CA PHE PB 63 6.50 -69.01 -65.68
C PHE PB 63 5.21 -68.44 -65.15
N CYS PB 64 5.34 -67.29 -64.46
CA CYS PB 64 4.22 -66.38 -64.22
C CYS PB 64 4.80 -64.98 -64.40
N ILE PB 65 4.67 -64.45 -65.62
CA ILE PB 65 5.18 -63.12 -65.92
C ILE PB 65 4.39 -62.08 -65.15
N LYS PB 66 5.05 -61.37 -64.25
CA LYS PB 66 4.39 -60.35 -63.45
C LYS PB 66 4.04 -59.14 -64.30
N SER PB 67 5.04 -58.59 -65.00
CA SER PB 67 4.77 -57.43 -65.84
C SER PB 67 5.80 -57.34 -66.95
N ILE PB 68 5.35 -56.86 -68.11
CA ILE PB 68 6.21 -56.46 -69.21
C ILE PB 68 6.37 -54.95 -69.16
N TYR PB 69 7.62 -54.49 -69.09
CA TYR PB 69 7.94 -53.08 -69.01
C TYR PB 69 8.62 -52.67 -70.32
N ILE PB 70 7.88 -51.97 -71.16
CA ILE PB 70 8.32 -51.65 -72.51
C ILE PB 70 8.90 -50.24 -72.50
N LEU PB 71 10.22 -50.14 -72.63
CA LEU PB 71 10.87 -48.91 -73.03
C LEU PB 71 11.05 -48.91 -74.53
N GLY PB 72 11.37 -47.74 -75.07
CA GLY PB 72 11.63 -47.67 -76.50
C GLY PB 72 11.59 -46.29 -77.09
N LYS PB 73 12.51 -46.02 -78.02
CA LYS PB 73 12.53 -44.80 -78.80
C LYS PB 73 12.32 -45.15 -80.26
N ILE PB 74 11.33 -44.51 -80.87
CA ILE PB 74 10.87 -44.85 -82.22
C ILE PB 74 11.14 -43.64 -83.10
N TRP PB 75 12.13 -43.74 -83.98
CA TRP PB 75 12.52 -42.58 -84.76
C TRP PB 75 12.52 -42.91 -86.25
N LEU PB 76 12.82 -41.88 -87.03
CA LEU PB 76 13.14 -41.98 -88.44
C LEU PB 76 14.31 -41.07 -88.81
N ASP PB 77 15.19 -40.75 -87.86
CA ASP PB 77 16.12 -39.64 -87.98
C ASP PB 77 17.38 -40.03 -88.75
N GLU PB 78 17.32 -41.08 -89.56
CA GLU PB 78 18.27 -41.30 -90.63
C GLU PB 78 18.14 -40.15 -91.63
N THR PB 79 19.22 -39.89 -92.39
CA THR PB 79 19.24 -38.76 -93.32
C THR PB 79 18.33 -38.94 -94.55
N ILE PB 80 17.69 -40.11 -94.67
CA ILE PB 80 16.76 -40.41 -95.74
C ILE PB 80 15.41 -40.58 -95.03
N LYS PB 81 14.36 -40.92 -95.78
CA LYS PB 81 12.99 -41.14 -95.30
C LYS PB 81 12.37 -39.85 -94.75
N LYS PB 82 12.72 -38.73 -95.36
CA LYS PB 82 11.93 -37.51 -95.23
C LYS PB 82 10.83 -37.40 -96.26
N GLN PB 83 11.02 -37.98 -97.46
CA GLN PB 83 9.92 -38.16 -98.40
C GLN PB 83 9.15 -39.43 -98.05
N ASN PB 84 7.96 -39.58 -98.66
CA ASN PB 84 7.00 -40.66 -98.43
C ASN PB 84 6.65 -40.75 -96.94
N HIS PB 85 6.46 -39.59 -96.33
CA HIS PB 85 6.48 -39.44 -94.88
C HIS PB 85 5.10 -39.58 -94.23
N THR PB 86 5.02 -39.17 -92.95
CA THR PB 86 3.86 -39.25 -92.07
C THR PB 86 3.35 -40.67 -91.86
N ASN PB 87 4.13 -41.52 -91.20
CA ASN PB 87 3.71 -42.87 -90.84
C ASN PB 87 3.57 -42.95 -89.33
N ASN PB 88 2.77 -43.90 -88.86
CA ASN PB 88 2.61 -44.15 -87.43
C ASN PB 88 2.75 -45.63 -87.12
N VAL PB 89 2.99 -45.93 -85.84
CA VAL PB 89 3.29 -47.27 -85.38
C VAL PB 89 2.18 -47.73 -84.45
N ILE PB 90 1.60 -48.89 -84.74
CA ILE PB 90 0.62 -49.51 -83.86
C ILE PB 90 1.26 -50.75 -83.28
N PHE PB 91 1.30 -50.84 -81.95
CA PHE PB 91 1.88 -52.01 -81.30
C PHE PB 91 0.80 -53.04 -81.00
N TYR PB 92 1.22 -54.30 -80.93
CA TYR PB 92 0.33 -55.42 -80.67
C TYR PB 92 1.02 -56.36 -79.70
N LEU PB 93 0.40 -56.58 -78.54
CA LEU PB 93 0.92 -57.49 -77.53
C LEU PB 93 -0.12 -58.58 -77.35
N LEU PB 94 0.15 -59.77 -77.89
CA LEU PB 94 -0.85 -60.81 -78.02
C LEU PB 94 -0.60 -61.92 -77.01
N ARG PB 95 -1.68 -62.48 -76.48
CA ARG PB 95 -1.60 -63.71 -75.69
C ARG PB 95 -1.79 -64.88 -76.64
N ASP PB 96 -0.71 -65.63 -76.90
CA ASP PB 96 -0.75 -66.75 -77.83
C ASP PB 96 -1.24 -68.00 -77.12
N ARG PB 97 -1.85 -68.90 -77.89
CA ARG PB 97 -2.42 -70.13 -77.35
C ARG PB 97 -1.60 -71.38 -77.66
N ARG PB 98 -0.88 -71.40 -78.78
CA ARG PB 98 -0.12 -72.59 -79.17
C ARG PB 98 1.04 -72.15 -80.06
N PRO PB 99 2.17 -72.85 -80.01
CA PRO PB 99 3.28 -72.53 -80.92
C PRO PB 99 3.30 -73.44 -82.14
N TYR PB 100 4.08 -73.05 -83.16
CA TYR PB 100 4.48 -73.96 -84.24
C TYR PB 100 5.94 -73.66 -84.54
N GLY PB 101 6.85 -74.33 -83.82
CA GLY PB 101 8.27 -74.16 -84.01
C GLY PB 101 8.76 -72.74 -83.79
N ASN PB 102 9.08 -72.07 -84.88
CA ASN PB 102 9.46 -70.66 -84.87
C ASN PB 102 8.21 -69.77 -84.80
N ALA PB 103 8.39 -68.48 -85.04
CA ALA PB 103 7.28 -67.55 -84.99
C ALA PB 103 6.42 -67.68 -86.25
N PRO PB 104 5.10 -67.60 -86.12
CA PRO PB 104 4.24 -67.68 -87.31
C PRO PB 104 4.20 -66.39 -88.10
N GLN PB 105 3.35 -66.35 -89.13
CA GLN PB 105 3.20 -65.16 -89.95
C GLN PB 105 2.50 -64.05 -89.16
N ASP PB 106 2.52 -62.84 -89.73
CA ASP PB 106 1.70 -61.75 -89.21
C ASP PB 106 0.51 -61.46 -90.11
N PHE PB 107 0.78 -61.12 -91.38
CA PHE PB 107 -0.30 -60.70 -92.28
C PHE PB 107 -1.18 -61.88 -92.67
N GLY PB 108 -0.63 -63.09 -92.65
CA GLY PB 108 -1.43 -64.29 -92.82
C GLY PB 108 -2.04 -64.81 -91.54
N GLN PB 109 -1.82 -64.14 -90.41
CA GLN PB 109 -2.38 -64.56 -89.13
C GLN PB 109 -3.40 -63.57 -88.60
N ILE PB 110 -3.03 -62.29 -88.44
CA ILE PB 110 -4.06 -61.29 -88.18
C ILE PB 110 -4.77 -60.97 -89.49
N PHE PB 111 -6.00 -60.44 -89.36
CA PHE PB 111 -7.00 -60.62 -90.42
C PHE PB 111 -6.76 -59.68 -91.60
N ASN PB 112 -6.83 -58.37 -91.39
CA ASN PB 112 -6.95 -57.46 -92.52
C ASN PB 112 -5.78 -56.48 -92.48
N MET PB 113 -5.81 -55.49 -93.39
CA MET PB 113 -4.67 -54.62 -93.63
C MET PB 113 -4.57 -53.53 -92.54
N PHE PB 114 -3.77 -53.86 -91.52
CA PHE PB 114 -3.04 -52.97 -90.62
C PHE PB 114 -3.93 -52.25 -89.60
N ASP PB 115 -5.25 -52.37 -89.70
CA ASP PB 115 -6.19 -51.95 -88.67
C ASP PB 115 -7.18 -53.09 -88.48
N ASN PB 116 -6.86 -54.02 -87.60
CA ASN PB 116 -7.55 -55.30 -87.60
C ASN PB 116 -7.49 -55.96 -86.24
N GLU PB 117 -7.87 -57.23 -86.23
CA GLU PB 117 -7.92 -58.17 -85.12
C GLU PB 117 -7.38 -59.49 -85.65
N PRO PB 118 -7.14 -60.51 -84.83
CA PRO PB 118 -6.86 -61.83 -85.37
C PRO PB 118 -8.05 -62.41 -86.11
N SER PB 119 -7.75 -63.36 -87.00
CA SER PB 119 -8.76 -63.94 -87.88
C SER PB 119 -9.74 -64.81 -87.08
N THR PB 120 -10.87 -65.09 -87.71
CA THR PB 120 -11.93 -65.88 -87.09
C THR PB 120 -11.52 -67.33 -86.88
N ALA PB 121 -10.62 -67.85 -87.71
CA ALA PB 121 -10.16 -69.23 -87.59
C ALA PB 121 -8.94 -69.36 -86.69
N THR PB 122 -8.50 -68.27 -86.05
CA THR PB 122 -7.26 -68.28 -85.29
C THR PB 122 -7.46 -68.07 -83.79
N ILE PB 123 -8.68 -67.78 -83.35
CA ILE PB 123 -8.94 -67.50 -81.94
C ILE PB 123 -8.86 -68.76 -81.09
N PHE PB 131 -5.69 -66.14 -82.00
CA PHE PB 131 -4.87 -65.98 -80.81
C PHE PB 131 -5.40 -64.79 -80.02
N GLN PB 132 -5.30 -64.85 -78.69
CA GLN PB 132 -5.84 -63.78 -77.87
C GLN PB 132 -4.95 -62.54 -77.93
N VAL PB 133 -5.55 -61.41 -77.62
CA VAL PB 133 -4.92 -60.10 -77.63
C VAL PB 133 -4.86 -59.65 -76.18
N LEU PB 134 -3.84 -58.86 -75.81
CA LEU PB 134 -3.90 -58.18 -74.52
C LEU PB 134 -4.22 -56.70 -74.67
N ARG PB 135 -3.35 -55.92 -75.32
CA ARG PB 135 -3.59 -54.49 -75.54
C ARG PB 135 -2.87 -54.02 -76.80
N LYS PB 136 -3.03 -52.73 -77.09
CA LYS PB 136 -2.39 -52.05 -78.22
C LYS PB 136 -1.69 -50.80 -77.70
N PHE PB 137 -0.92 -50.15 -78.60
CA PHE PB 137 -0.29 -48.88 -78.29
C PHE PB 137 -0.28 -48.01 -79.55
N HIS PB 138 0.25 -46.80 -79.41
CA HIS PB 138 0.35 -45.85 -80.51
C HIS PB 138 1.71 -45.16 -80.48
N ALA PB 139 2.20 -44.81 -81.66
CA ALA PB 139 3.42 -44.02 -81.81
C ALA PB 139 3.35 -43.36 -83.18
N THR PB 140 3.32 -42.02 -83.21
CA THR PB 140 3.09 -41.26 -84.42
C THR PB 140 4.31 -40.40 -84.73
N VAL PB 141 5.06 -40.77 -85.75
CA VAL PB 141 6.25 -40.04 -86.15
C VAL PB 141 6.03 -39.42 -87.53
N VAL PB 142 5.71 -38.13 -87.55
CA VAL PB 142 5.36 -37.46 -88.80
C VAL PB 142 6.42 -36.40 -89.14
N GLY PB 143 7.36 -36.75 -90.01
CA GLY PB 143 8.39 -35.80 -90.38
C GLY PB 143 8.68 -35.73 -91.86
N GLY PB 144 8.41 -34.59 -92.49
CA GLY PB 144 8.69 -34.44 -93.91
C GLY PB 144 9.80 -33.45 -94.19
N LEU PB 145 9.44 -32.26 -94.65
CA LEU PB 145 10.42 -31.20 -94.91
C LEU PB 145 9.89 -29.89 -94.36
N TYR PB 146 10.80 -28.93 -94.25
CA TYR PB 146 10.59 -27.51 -93.90
C TYR PB 146 10.03 -27.27 -92.50
N CYS PB 147 9.86 -28.28 -91.65
CA CYS PB 147 9.94 -27.96 -90.23
C CYS PB 147 10.98 -28.84 -89.52
N MET PB 148 11.03 -30.19 -89.67
CA MET PB 148 9.94 -31.14 -90.00
C MET PB 148 9.39 -31.61 -88.64
N LYS PB 149 8.10 -31.40 -88.39
CA LYS PB 149 7.63 -31.50 -87.02
C LYS PB 149 6.95 -32.84 -86.76
N GLU PB 150 7.81 -33.86 -86.56
CA GLU PB 150 7.82 -34.85 -85.48
C GLU PB 150 8.95 -35.83 -85.74
N GLN PB 151 9.43 -36.46 -84.66
CA GLN PB 151 10.59 -37.35 -84.63
C GLN PB 151 10.47 -38.30 -83.45
N ALA PB 152 11.62 -38.81 -83.01
CA ALA PB 152 11.82 -39.82 -81.96
C ALA PB 152 10.95 -39.57 -80.73
N LEU PB 153 10.05 -40.51 -80.46
CA LEU PB 153 9.17 -40.43 -79.31
C LEU PB 153 9.58 -41.48 -78.29
N VAL PB 154 9.37 -41.17 -77.00
CA VAL PB 154 9.74 -42.11 -75.94
C VAL PB 154 8.47 -42.71 -75.35
N LYS PB 155 8.45 -44.03 -75.22
CA LYS PB 155 7.28 -44.74 -74.68
C LYS PB 155 7.71 -45.64 -73.54
N ARG PB 156 7.14 -45.42 -72.36
CA ARG PB 156 7.30 -46.32 -71.22
C ARG PB 156 5.92 -46.77 -70.75
N PHE PB 157 5.80 -48.06 -70.40
CA PHE PB 157 4.51 -48.63 -70.02
C PHE PB 157 4.73 -49.76 -69.03
N TYR PB 158 4.18 -49.62 -67.82
CA TYR PB 158 3.85 -50.77 -67.00
C TYR PB 158 2.71 -51.56 -67.65
N ARG PB 159 2.82 -52.88 -67.64
CA ARG PB 159 1.78 -53.71 -68.26
C ARG PB 159 1.79 -55.08 -67.57
N LEU PB 160 0.83 -55.30 -66.67
CA LEU PB 160 0.75 -56.55 -65.92
C LEU PB 160 0.18 -57.66 -66.79
N ASN PB 161 0.72 -58.87 -66.63
CA ASN PB 161 0.36 -60.02 -67.46
C ASN PB 161 0.36 -61.27 -66.59
N HIS PB 162 0.38 -62.44 -67.23
CA HIS PB 162 0.19 -63.70 -66.50
C HIS PB 162 1.04 -64.80 -67.13
N HIS PB 163 0.72 -66.05 -66.81
CA HIS PB 163 1.63 -67.18 -66.81
C HIS PB 163 1.97 -67.69 -68.22
N VAL PB 164 3.13 -68.35 -68.30
CA VAL PB 164 3.71 -68.91 -69.53
C VAL PB 164 4.27 -70.29 -69.18
N THR PB 165 4.10 -71.28 -70.07
CA THR PB 165 4.65 -72.61 -69.87
C THR PB 165 5.58 -72.95 -71.03
N TYR PB 166 6.70 -73.61 -70.72
CA TYR PB 166 7.52 -74.27 -71.74
C TYR PB 166 7.25 -75.75 -71.78
N ASN PB 167 7.39 -76.33 -72.97
CA ASN PB 167 7.13 -77.76 -73.15
C ASN PB 167 8.30 -78.60 -72.66
N HIS PB 168 9.45 -78.45 -73.31
CA HIS PB 168 10.59 -79.32 -73.02
C HIS PB 168 11.32 -78.83 -71.78
N GLN PB 169 12.12 -79.74 -71.21
CA GLN PB 169 12.95 -79.45 -70.06
C GLN PB 169 14.37 -79.09 -70.46
N GLU PB 170 14.54 -78.58 -71.68
CA GLU PB 170 15.82 -78.22 -72.24
C GLU PB 170 16.28 -76.86 -71.73
N ALA PB 171 17.54 -76.55 -71.96
CA ALA PB 171 18.05 -75.20 -71.83
C ALA PB 171 18.01 -74.50 -73.19
N GLY PB 172 16.82 -74.51 -73.79
CA GLY PB 172 16.64 -74.15 -75.17
C GLY PB 172 16.00 -72.79 -75.38
N LYS PB 173 15.90 -72.43 -76.65
CA LYS PB 173 15.36 -71.15 -77.11
C LYS PB 173 13.86 -71.28 -77.34
N TYR PB 174 13.28 -70.33 -78.08
CA TYR PB 174 11.84 -70.21 -78.31
C TYR PB 174 11.19 -71.39 -79.04
N GLU PB 175 11.97 -72.35 -79.54
CA GLU PB 175 11.41 -73.40 -80.39
C GLU PB 175 10.59 -74.41 -79.61
N ASN PB 176 10.88 -74.61 -78.33
CA ASN PB 176 10.27 -75.68 -77.54
C ASN PB 176 9.11 -75.18 -76.68
N HIS PB 177 8.31 -74.24 -77.17
CA HIS PB 177 7.19 -73.70 -76.42
C HIS PB 177 6.02 -74.68 -76.34
N THR PB 178 4.99 -74.27 -75.63
CA THR PB 178 3.71 -74.95 -75.53
C THR PB 178 2.64 -73.87 -75.31
N GLU PB 179 1.49 -74.26 -74.75
CA GLU PB 179 0.38 -73.37 -74.45
C GLU PB 179 0.80 -72.14 -73.65
N ASN PB 180 0.07 -71.04 -73.88
CA ASN PB 180 0.23 -69.75 -73.21
C ASN PB 180 1.61 -69.15 -73.48
N ALA PB 181 1.87 -68.88 -74.76
CA ALA PB 181 2.97 -68.01 -75.16
C ALA PB 181 2.46 -66.58 -75.27
N LEU PB 182 3.40 -65.64 -75.41
CA LEU PB 182 3.07 -64.24 -75.63
C LEU PB 182 4.24 -63.57 -76.33
N LEU PB 183 3.93 -62.67 -77.26
CA LEU PB 183 4.95 -62.07 -78.11
C LEU PB 183 4.40 -60.76 -78.66
N LEU PB 184 5.21 -60.09 -79.47
CA LEU PB 184 4.89 -58.77 -80.01
C LEU PB 184 4.82 -58.78 -81.52
N TYR PB 185 3.98 -57.89 -82.05
CA TYR PB 185 4.01 -57.53 -83.46
C TYR PB 185 4.01 -56.00 -83.55
N MET PB 186 4.80 -55.48 -84.48
CA MET PB 186 4.84 -54.05 -84.76
C MET PB 186 4.41 -53.83 -86.20
N ALA PB 187 3.65 -52.77 -86.44
CA ALA PB 187 3.02 -52.56 -87.73
C ALA PB 187 3.25 -51.12 -88.20
N CYS PB 188 3.68 -50.98 -89.45
CA CYS PB 188 3.72 -49.70 -90.12
C CYS PB 188 2.52 -49.57 -91.06
N THR PB 189 2.14 -48.33 -91.35
CA THR PB 189 0.91 -48.06 -92.09
C THR PB 189 1.16 -47.42 -93.45
N HIS PB 190 2.38 -47.42 -93.95
CA HIS PB 190 2.69 -46.83 -95.25
C HIS PB 190 3.78 -47.64 -95.94
N ALA PB 191 3.81 -47.51 -97.27
CA ALA PB 191 4.68 -48.35 -98.10
C ALA PB 191 6.16 -48.06 -97.90
N SER PB 192 6.52 -46.84 -97.49
CA SER PB 192 7.89 -46.57 -97.10
C SER PB 192 8.20 -47.23 -95.76
N ASN PB 193 9.48 -47.34 -95.46
CA ASN PB 193 9.86 -47.89 -94.17
C ASN PB 193 10.75 -46.90 -93.40
N PRO PB 194 10.18 -45.86 -92.78
CA PRO PB 194 11.01 -44.91 -92.03
C PRO PB 194 11.33 -45.37 -90.62
N VAL PB 195 10.54 -46.31 -90.08
CA VAL PB 195 10.52 -46.57 -88.65
C VAL PB 195 11.75 -47.36 -88.25
N TYR PB 196 12.61 -46.75 -87.45
CA TYR PB 196 13.71 -47.43 -86.79
C TYR PB 196 13.41 -47.45 -85.29
N ALA PB 197 12.67 -48.48 -84.88
CA ALA PB 197 12.17 -48.62 -83.52
C ALA PB 197 13.05 -49.57 -82.73
N THR PB 198 13.74 -49.05 -81.71
CA THR PB 198 14.54 -49.85 -80.82
C THR PB 198 13.92 -49.81 -79.44
N LEU PB 199 13.67 -50.99 -78.88
CA LEU PB 199 12.86 -51.12 -77.67
C LEU PB 199 13.59 -51.95 -76.64
N LYS PB 200 13.54 -51.48 -75.40
CA LYS PB 200 14.04 -52.23 -74.25
C LYS PB 200 12.86 -52.81 -73.49
N ILE PB 201 12.82 -54.13 -73.39
CA ILE PB 201 11.64 -54.86 -72.93
C ILE PB 201 12.05 -55.65 -71.69
N ARG PB 202 11.75 -55.12 -70.51
CA ARG PB 202 12.00 -55.84 -69.28
C ARG PB 202 10.82 -56.75 -68.95
N ILE PB 203 11.11 -58.03 -68.69
CA ILE PB 203 10.18 -58.93 -68.04
C ILE PB 203 10.82 -59.36 -66.73
N TYR PB 204 10.18 -59.01 -65.61
CA TYR PB 204 10.58 -59.55 -64.32
C TYR PB 204 9.41 -60.34 -63.74
N PHE PB 205 9.73 -61.51 -63.19
CA PHE PB 205 8.74 -62.52 -62.86
C PHE PB 205 9.20 -63.38 -61.69
N PRO QB 16 -39.53 -35.01 -64.65
CA PRO QB 16 -38.22 -35.34 -64.06
C PRO QB 16 -37.10 -34.43 -64.55
N ASP QB 17 -37.43 -33.48 -65.43
CA ASP QB 17 -36.43 -32.62 -66.05
C ASP QB 17 -36.67 -31.14 -65.75
N ILE QB 18 -37.92 -30.69 -65.80
CA ILE QB 18 -38.26 -29.27 -65.78
C ILE QB 18 -38.81 -28.83 -64.43
N PRO QB 19 -38.52 -27.61 -63.99
CA PRO QB 19 -39.08 -27.11 -62.72
C PRO QB 19 -40.33 -26.25 -62.87
N ARG QB 20 -40.84 -26.01 -64.08
CA ARG QB 20 -41.86 -24.99 -64.28
C ARG QB 20 -43.23 -25.56 -64.64
N GLY QB 21 -43.34 -26.34 -65.72
CA GLY QB 21 -44.61 -26.80 -66.20
C GLY QB 21 -44.48 -27.98 -67.15
N CYS QB 22 -45.52 -28.80 -67.19
CA CYS QB 22 -45.49 -30.11 -67.85
C CYS QB 22 -45.65 -30.04 -69.36
N GLU QB 23 -45.43 -28.88 -69.97
CA GLU QB 23 -45.32 -28.78 -71.41
C GLU QB 23 -44.11 -29.54 -71.91
N GLY QB 24 -44.15 -29.91 -73.19
CA GLY QB 24 -43.01 -30.51 -73.84
C GLY QB 24 -41.88 -29.50 -73.97
N PRO QB 25 -40.63 -29.96 -73.75
CA PRO QB 25 -39.49 -29.05 -73.87
C PRO QB 25 -39.23 -28.67 -75.32
N CYS QB 26 -40.01 -27.71 -75.82
CA CYS QB 26 -40.04 -27.41 -77.24
C CYS QB 26 -38.80 -26.66 -77.67
N LYS QB 27 -38.27 -27.02 -78.83
CA LYS QB 27 -37.06 -26.43 -79.37
C LYS QB 27 -37.40 -25.20 -80.20
N VAL QB 28 -36.68 -24.11 -79.96
CA VAL QB 28 -36.71 -22.93 -80.81
C VAL QB 28 -35.27 -22.61 -81.14
N GLN QB 29 -34.87 -22.91 -82.37
CA GLN QB 29 -33.47 -22.84 -82.77
C GLN QB 29 -33.21 -21.57 -83.57
N SER QB 30 -32.22 -20.80 -83.14
CA SER QB 30 -31.81 -19.57 -83.81
C SER QB 30 -30.55 -19.91 -84.58
N PHE QB 31 -30.72 -20.51 -85.76
CA PHE QB 31 -29.59 -20.70 -86.64
C PHE QB 31 -29.15 -19.38 -87.25
N GLU QB 32 -27.85 -19.21 -87.37
CA GLU QB 32 -27.30 -18.10 -88.12
C GLU QB 32 -26.36 -18.62 -89.18
N GLN QB 33 -26.35 -17.94 -90.32
CA GLN QB 33 -25.30 -18.08 -91.33
C GLN QB 33 -24.78 -16.66 -91.49
N ARG QB 34 -23.89 -16.26 -90.58
CA ARG QB 34 -23.49 -14.88 -90.42
C ARG QB 34 -21.99 -14.75 -90.24
N ASP QB 35 -21.55 -13.57 -89.85
CA ASP QB 35 -20.18 -13.30 -89.45
C ASP QB 35 -20.22 -12.21 -88.39
N ASP QB 36 -19.08 -11.59 -88.13
CA ASP QB 36 -19.04 -10.47 -87.21
C ASP QB 36 -18.07 -9.44 -87.75
N VAL QB 37 -17.82 -8.41 -86.95
CA VAL QB 37 -16.74 -7.46 -87.18
C VAL QB 37 -15.85 -7.56 -85.95
N LYS QB 38 -14.82 -6.70 -85.87
CA LYS QB 38 -13.97 -6.70 -84.69
C LYS QB 38 -14.75 -6.28 -83.44
N HIS QB 39 -15.63 -5.29 -83.57
CA HIS QB 39 -16.29 -4.71 -82.41
C HIS QB 39 -17.40 -5.60 -81.90
N LEU QB 40 -18.27 -6.07 -82.79
CA LEU QB 40 -19.49 -6.70 -82.30
C LEU QB 40 -20.05 -7.72 -83.27
N GLY QB 41 -20.51 -8.83 -82.72
CA GLY QB 41 -21.49 -9.66 -83.38
C GLY QB 41 -22.67 -9.82 -82.45
N ILE QB 42 -23.81 -9.24 -82.80
CA ILE QB 42 -24.93 -9.16 -81.87
C ILE QB 42 -26.00 -10.16 -82.27
N CYS QB 43 -26.49 -10.90 -81.27
CA CYS QB 43 -27.50 -11.93 -81.50
C CYS QB 43 -28.41 -11.97 -80.28
N LYS QB 44 -29.58 -11.35 -80.38
CA LYS QB 44 -30.66 -11.68 -79.44
C LYS QB 44 -31.19 -13.06 -79.80
N VAL QB 45 -31.01 -14.02 -78.91
CA VAL QB 45 -31.31 -15.40 -79.22
C VAL QB 45 -32.78 -15.70 -79.02
N ILE QB 46 -33.49 -14.85 -78.27
CA ILE QB 46 -34.88 -15.08 -77.92
C ILE QB 46 -35.80 -14.25 -78.83
N SER QB 47 -35.31 -13.89 -80.03
CA SER QB 47 -35.94 -12.85 -80.82
C SER QB 47 -37.22 -13.32 -81.49
N ASP QB 48 -37.13 -14.38 -82.30
CA ASP QB 48 -38.23 -14.80 -83.17
C ASP QB 48 -39.27 -15.65 -82.45
N VAL QB 49 -39.35 -15.62 -81.13
CA VAL QB 49 -40.28 -16.46 -80.38
C VAL QB 49 -41.58 -15.69 -80.23
N THR QB 50 -42.56 -16.00 -81.07
CA THR QB 50 -43.87 -15.36 -81.07
C THR QB 50 -44.92 -16.32 -80.52
N ARG QB 51 -46.09 -15.79 -80.21
CA ARG QB 51 -47.20 -16.63 -79.74
C ARG QB 51 -47.78 -17.42 -80.91
N GLY QB 52 -47.93 -18.73 -80.71
CA GLY QB 52 -48.50 -19.59 -81.70
C GLY QB 52 -48.66 -21.01 -81.19
N PRO QB 53 -49.41 -21.83 -81.91
CA PRO QB 53 -49.64 -23.21 -81.45
C PRO QB 53 -48.46 -24.14 -81.72
N GLY QB 54 -47.57 -23.80 -82.64
CA GLY QB 54 -46.47 -24.68 -82.98
C GLY QB 54 -45.40 -24.73 -81.91
N LEU QB 55 -44.47 -25.68 -82.07
CA LEU QB 55 -43.38 -25.84 -81.12
C LEU QB 55 -42.24 -24.87 -81.35
N THR QB 56 -42.26 -24.11 -82.45
CA THR QB 56 -41.36 -22.99 -82.65
C THR QB 56 -41.96 -21.69 -82.13
N HIS QB 57 -42.84 -21.78 -81.13
CA HIS QB 57 -43.62 -20.64 -80.65
C HIS QB 57 -43.68 -20.71 -79.13
N ARG QB 58 -44.57 -19.93 -78.55
CA ARG QB 58 -44.64 -19.80 -77.10
C ARG QB 58 -46.09 -19.71 -76.65
N VAL QB 59 -46.32 -20.05 -75.38
CA VAL QB 59 -47.61 -19.93 -74.74
C VAL QB 59 -47.47 -18.93 -73.60
N GLY QB 60 -48.10 -17.77 -73.74
CA GLY QB 60 -48.01 -16.73 -72.72
C GLY QB 60 -46.79 -15.85 -72.88
N LYS QB 61 -46.20 -15.43 -71.76
CA LYS QB 61 -45.04 -14.55 -71.78
C LYS QB 61 -44.00 -14.93 -70.74
N ARG QB 62 -44.01 -16.18 -70.29
CA ARG QB 62 -43.10 -16.67 -69.26
C ARG QB 62 -42.29 -17.83 -69.80
N PHE QB 63 -40.96 -17.72 -69.69
CA PHE QB 63 -40.04 -18.76 -70.11
C PHE QB 63 -39.26 -19.28 -68.92
N CYS QB 64 -38.79 -20.52 -69.05
CA CYS QB 64 -37.70 -21.03 -68.22
C CYS QB 64 -36.81 -21.83 -69.16
N ILE QB 65 -35.78 -21.17 -69.69
CA ILE QB 65 -34.85 -21.81 -70.61
C ILE QB 65 -34.06 -22.88 -69.87
N LYS QB 66 -34.25 -24.13 -70.27
CA LYS QB 66 -33.54 -25.23 -69.63
C LYS QB 66 -32.06 -25.20 -70.00
N SER QB 67 -31.76 -25.18 -71.29
CA SER QB 67 -30.36 -25.16 -71.72
C SER QB 67 -30.25 -24.53 -73.09
N ILE QB 68 -29.14 -23.82 -73.29
CA ILE QB 68 -28.71 -23.36 -74.60
C ILE QB 68 -27.65 -24.32 -75.12
N TYR QB 69 -27.89 -24.88 -76.30
CA TYR QB 69 -26.99 -25.85 -76.92
C TYR QB 69 -26.37 -25.18 -78.14
N ILE QB 70 -25.10 -24.79 -78.03
CA ILE QB 70 -24.43 -24.01 -79.06
C ILE QB 70 -23.62 -24.96 -79.92
N LEU QB 71 -24.07 -25.17 -81.15
CA LEU QB 71 -23.24 -25.71 -82.22
C LEU QB 71 -22.62 -24.56 -82.99
N GLY QB 72 -21.62 -24.89 -83.80
CA GLY QB 72 -21.02 -23.86 -84.62
C GLY QB 72 -19.66 -24.21 -85.20
N LYS QB 73 -19.44 -23.81 -86.44
CA LYS QB 73 -18.15 -23.92 -87.11
C LYS QB 73 -17.65 -22.53 -87.43
N ILE QB 74 -16.43 -22.23 -86.97
CA ILE QB 74 -15.86 -20.89 -87.04
C ILE QB 74 -14.64 -20.97 -87.95
N TRP QB 75 -14.74 -20.41 -89.15
CA TRP QB 75 -13.67 -20.55 -90.13
C TRP QB 75 -13.23 -19.19 -90.64
N LEU QB 76 -12.21 -19.23 -91.49
CA LEU QB 76 -11.78 -18.14 -92.33
C LEU QB 76 -11.43 -18.60 -93.73
N ASP QB 77 -12.04 -19.71 -94.19
CA ASP QB 77 -11.53 -20.45 -95.35
C ASP QB 77 -12.03 -19.85 -96.67
N GLU QB 78 -12.44 -18.59 -96.67
CA GLU QB 78 -12.53 -17.80 -97.88
C GLU QB 78 -11.13 -17.66 -98.48
N THR QB 79 -11.05 -17.44 -99.80
CA THR QB 79 -9.77 -17.37 -100.50
C THR QB 79 -8.93 -16.14 -100.15
N ILE QB 80 -9.48 -15.22 -99.33
CA ILE QB 80 -8.79 -14.02 -98.88
C ILE QB 80 -8.66 -14.23 -97.38
N LYS QB 81 -8.09 -13.24 -96.66
CA LYS QB 81 -7.87 -13.23 -95.21
C LYS QB 81 -6.87 -14.29 -94.78
N LYS QB 82 -5.88 -14.56 -95.63
CA LYS QB 82 -4.66 -15.22 -95.21
C LYS QB 82 -3.60 -14.26 -94.71
N GLN QB 83 -3.57 -13.03 -95.20
CA GLN QB 83 -2.78 -11.96 -94.58
C GLN QB 83 -3.57 -11.34 -93.43
N ASN QB 84 -2.86 -10.56 -92.61
CA ASN QB 84 -3.36 -9.92 -91.39
C ASN QB 84 -3.97 -10.96 -90.45
N HIS QB 85 -3.29 -12.10 -90.33
CA HIS QB 85 -3.86 -13.33 -89.79
C HIS QB 85 -3.66 -13.49 -88.29
N THR QB 86 -3.90 -14.73 -87.81
CA THR QB 86 -3.86 -15.15 -86.41
C THR QB 86 -4.81 -14.38 -85.50
N ASN QB 87 -6.11 -14.53 -85.70
CA ASN QB 87 -7.12 -13.94 -84.83
C ASN QB 87 -7.83 -15.05 -84.06
N ASN QB 88 -8.42 -14.70 -82.93
CA ASN QB 88 -9.19 -15.65 -82.13
C ASN QB 88 -10.53 -15.04 -81.74
N VAL QB 89 -11.46 -15.92 -81.35
CA VAL QB 89 -12.84 -15.55 -81.07
C VAL QB 89 -13.13 -15.80 -79.60
N ILE QB 90 -13.62 -14.77 -78.91
CA ILE QB 90 -14.06 -14.91 -77.52
C ILE QB 90 -15.57 -14.75 -77.53
N PHE QB 91 -16.27 -15.75 -76.99
CA PHE QB 91 -17.72 -15.67 -76.92
C PHE QB 91 -18.17 -15.10 -75.59
N TYR QB 92 -19.35 -14.49 -75.61
CA TYR QB 92 -19.94 -13.87 -74.42
C TYR QB 92 -21.41 -14.20 -74.38
N LEU QB 93 -21.84 -14.86 -73.31
CA LEU QB 93 -23.24 -15.22 -73.11
C LEU QB 93 -23.69 -14.51 -71.84
N LEU QB 94 -24.46 -13.45 -71.99
CA LEU QB 94 -24.75 -12.53 -70.90
C LEU QB 94 -26.18 -12.72 -70.41
N ARG QB 95 -26.38 -12.60 -69.10
CA ARG QB 95 -27.72 -12.51 -68.53
C ARG QB 95 -28.08 -11.03 -68.44
N ASP QB 96 -29.02 -10.59 -69.29
CA ASP QB 96 -29.43 -9.19 -69.35
C ASP QB 96 -30.50 -8.92 -68.30
N ARG QB 97 -30.54 -7.67 -67.85
CA ARG QB 97 -31.48 -7.25 -66.80
C ARG QB 97 -32.66 -6.43 -67.32
N ARG QB 98 -32.38 -5.71 -68.39
CA ARG QB 98 -33.43 -4.84 -68.90
C ARG QB 98 -33.21 -4.62 -70.38
N PRO QB 99 -34.28 -4.46 -71.16
CA PRO QB 99 -34.11 -4.13 -72.58
C PRO QB 99 -34.24 -2.64 -72.86
N TYR QB 100 -33.82 -2.22 -74.05
CA TYR QB 100 -34.18 -0.91 -74.61
C TYR QB 100 -34.48 -1.12 -76.09
N GLY QB 101 -35.73 -1.46 -76.40
CA GLY QB 101 -36.16 -1.67 -77.78
C GLY QB 101 -35.42 -2.78 -78.50
N ASN QB 102 -34.54 -2.37 -79.40
CA ASN QB 102 -33.65 -3.29 -80.11
C ASN QB 102 -32.44 -3.64 -79.22
N ALA QB 103 -31.42 -4.25 -79.83
CA ALA QB 103 -30.23 -4.64 -79.08
C ALA QB 103 -29.36 -3.41 -78.82
N PRO QB 104 -28.76 -3.32 -77.63
CA PRO QB 104 -27.88 -2.17 -77.34
C PRO QB 104 -26.51 -2.32 -77.99
N GLN QB 105 -25.61 -1.38 -77.67
CA GLN QB 105 -24.26 -1.42 -78.20
C GLN QB 105 -23.47 -2.56 -77.56
N ASP QB 106 -22.29 -2.84 -78.12
CA ASP QB 106 -21.34 -3.74 -77.50
C ASP QB 106 -20.15 -2.98 -76.91
N PHE QB 107 -19.42 -2.25 -77.75
CA PHE QB 107 -18.20 -1.59 -77.29
C PHE QB 107 -18.50 -0.42 -76.37
N GLY QB 108 -19.69 0.18 -76.51
CA GLY QB 108 -20.16 1.16 -75.57
C GLY QB 108 -20.88 0.59 -74.36
N GLN QB 109 -20.99 -0.74 -74.28
CA GLN QB 109 -21.65 -1.39 -73.15
C GLN QB 109 -20.69 -2.20 -72.31
N ILE QB 110 -19.97 -3.15 -72.91
CA ILE QB 110 -18.86 -3.77 -72.18
C ILE QB 110 -17.68 -2.80 -72.19
N PHE QB 111 -16.89 -2.87 -71.12
CA PHE QB 111 -16.08 -1.76 -70.64
C PHE QB 111 -14.91 -1.42 -71.57
N ASN QB 112 -13.98 -2.35 -71.77
CA ASN QB 112 -12.71 -1.98 -72.37
C ASN QB 112 -12.50 -2.81 -73.64
N MET QB 113 -11.32 -2.68 -74.23
CA MET QB 113 -11.04 -3.23 -75.56
C MET QB 113 -10.77 -4.73 -75.49
N PHE QB 114 -11.84 -5.49 -75.69
CA PHE QB 114 -11.91 -6.87 -76.19
C PHE QB 114 -11.45 -7.93 -75.18
N ASP QB 115 -10.90 -7.52 -74.04
CA ASP QB 115 -10.64 -8.41 -72.90
C ASP QB 115 -11.15 -7.69 -71.67
N ASN QB 116 -12.42 -7.90 -71.34
CA ASN QB 116 -13.08 -7.00 -70.40
C ASN QB 116 -14.25 -7.70 -69.72
N GLU QB 117 -15.05 -6.87 -69.05
CA GLU QB 117 -16.26 -7.18 -68.31
C GLU QB 117 -17.26 -6.09 -68.66
N PRO QB 118 -18.53 -6.19 -68.25
CA PRO QB 118 -19.42 -5.03 -68.39
C PRO QB 118 -18.98 -3.87 -67.49
N SER QB 119 -19.43 -2.68 -67.87
CA SER QB 119 -19.01 -1.45 -67.19
C SER QB 119 -19.60 -1.37 -65.79
N THR QB 120 -19.01 -0.50 -64.97
CA THR QB 120 -19.45 -0.33 -63.59
C THR QB 120 -20.83 0.30 -63.48
N ALA QB 121 -21.24 1.09 -64.47
CA ALA QB 121 -22.55 1.70 -64.46
C ALA QB 121 -23.62 0.85 -65.13
N THR QB 122 -23.30 -0.37 -65.54
CA THR QB 122 -24.21 -1.21 -66.31
C THR QB 122 -24.65 -2.46 -65.57
N ILE QB 123 -24.09 -2.75 -64.40
CA ILE QB 123 -24.40 -3.97 -63.68
C ILE QB 123 -25.80 -3.90 -63.06
N PHE QB 131 -24.80 -5.35 -66.90
CA PHE QB 131 -25.59 -6.54 -67.16
C PHE QB 131 -24.82 -7.75 -66.69
N GLN QB 132 -25.54 -8.78 -66.22
CA GLN QB 132 -24.86 -9.95 -65.70
C GLN QB 132 -24.29 -10.80 -66.83
N VAL QB 133 -23.29 -11.61 -66.46
CA VAL QB 133 -22.58 -12.50 -67.36
C VAL QB 133 -22.93 -13.91 -66.94
N LEU QB 134 -22.96 -14.85 -67.88
CA LEU QB 134 -23.01 -16.25 -67.48
C LEU QB 134 -21.66 -16.95 -67.66
N ARG QB 135 -21.16 -17.07 -68.89
CA ARG QB 135 -19.86 -17.69 -69.13
C ARG QB 135 -19.24 -17.12 -70.41
N LYS QB 136 -18.05 -17.63 -70.73
CA LYS QB 136 -17.29 -17.26 -71.92
C LYS QB 136 -16.88 -18.54 -72.66
N PHE QB 137 -16.32 -18.36 -73.85
CA PHE QB 137 -15.77 -19.48 -74.63
C PHE QB 137 -14.53 -19.01 -75.37
N HIS QB 138 -13.90 -19.93 -76.10
CA HIS QB 138 -12.71 -19.64 -76.89
C HIS QB 138 -12.81 -20.33 -78.23
N ALA QB 139 -12.21 -19.71 -79.24
CA ALA QB 139 -12.08 -20.29 -80.57
C ALA QB 139 -10.91 -19.60 -81.25
N THR QB 140 -9.86 -20.36 -81.57
CA THR QB 140 -8.61 -19.80 -82.08
C THR QB 140 -8.35 -20.31 -83.49
N VAL QB 141 -8.50 -19.42 -84.48
CA VAL QB 141 -8.28 -19.77 -85.87
C VAL QB 141 -7.07 -19.01 -86.40
N VAL QB 142 -5.93 -19.70 -86.47
CA VAL QB 142 -4.68 -19.05 -86.85
C VAL QB 142 -4.18 -19.61 -88.18
N GLY QB 143 -4.47 -18.90 -89.28
CA GLY QB 143 -4.03 -19.36 -90.58
C GLY QB 143 -3.42 -18.29 -91.46
N GLY QB 144 -2.14 -18.44 -91.78
CA GLY QB 144 -1.48 -17.46 -92.64
C GLY QB 144 -1.09 -18.03 -93.99
N LEU QB 145 0.19 -18.31 -94.18
CA LEU QB 145 0.68 -18.91 -95.40
C LEU QB 145 1.66 -20.02 -95.07
N TYR QB 146 1.94 -20.85 -96.07
CA TYR QB 146 2.95 -21.91 -96.11
C TYR QB 146 2.73 -23.05 -95.12
N CYS QB 147 1.64 -23.10 -94.36
CA CYS QB 147 1.19 -24.41 -93.93
C CYS QB 147 -0.29 -24.64 -94.32
N MET QB 148 -1.26 -23.73 -94.07
CA MET QB 148 -1.35 -22.72 -93.01
C MET QB 148 -2.09 -23.40 -91.84
N LYS QB 149 -1.46 -23.47 -90.68
CA LYS QB 149 -1.97 -24.38 -89.67
C LYS QB 149 -2.82 -23.68 -88.62
N GLU QB 150 -4.07 -23.39 -89.02
CA GLU QB 150 -5.34 -23.66 -88.34
C GLU QB 150 -6.48 -23.09 -89.17
N GLN QB 151 -7.67 -23.65 -88.97
CA GLN QB 151 -8.88 -23.37 -89.75
C GLN QB 151 -10.10 -23.73 -88.91
N ALA QB 152 -11.21 -23.98 -89.61
CA ALA QB 152 -12.55 -24.25 -89.08
C ALA QB 152 -12.55 -25.19 -87.88
N LEU QB 153 -13.00 -24.68 -86.74
CA LEU QB 153 -13.08 -25.46 -85.51
C LEU QB 153 -14.54 -25.72 -85.19
N VAL QB 154 -14.81 -26.87 -84.56
CA VAL QB 154 -16.18 -27.22 -84.20
C VAL QB 154 -16.34 -27.09 -82.69
N LYS QB 155 -17.41 -26.41 -82.26
CA LYS QB 155 -17.67 -26.19 -80.85
C LYS QB 155 -19.10 -26.63 -80.53
N ARG QB 156 -19.22 -27.58 -79.60
CA ARG QB 156 -20.51 -27.98 -79.04
C ARG QB 156 -20.45 -27.81 -77.51
N PHE QB 157 -21.54 -27.31 -76.93
CA PHE QB 157 -21.59 -27.02 -75.50
C PHE QB 157 -23.01 -27.17 -74.98
N TYR QB 158 -23.21 -28.10 -74.04
CA TYR QB 158 -24.34 -28.00 -73.13
C TYR QB 158 -24.11 -26.81 -72.20
N ARG QB 159 -25.19 -26.06 -71.93
CA ARG QB 159 -25.06 -24.88 -71.06
C ARG QB 159 -26.44 -24.61 -70.43
N LEU QB 160 -26.59 -25.01 -69.17
CA LEU QB 160 -27.86 -24.84 -68.47
C LEU QB 160 -28.05 -23.39 -68.03
N ASN QB 161 -29.28 -22.92 -68.12
CA ASN QB 161 -29.61 -21.51 -67.84
C ASN QB 161 -30.98 -21.46 -67.16
N HIS QB 162 -31.58 -20.28 -67.12
CA HIS QB 162 -32.79 -20.05 -66.33
C HIS QB 162 -33.72 -19.07 -67.05
N HIS QB 163 -34.68 -18.53 -66.30
CA HIS QB 163 -35.95 -18.03 -66.81
C HIS QB 163 -35.83 -16.70 -67.55
N VAL QB 164 -36.81 -16.46 -68.42
CA VAL QB 164 -36.94 -15.28 -69.28
C VAL QB 164 -38.40 -14.85 -69.26
N THR QB 165 -38.60 -13.53 -69.21
CA THR QB 165 -39.96 -13.00 -69.24
C THR QB 165 -40.11 -12.06 -70.44
N TYR QB 166 -41.25 -12.11 -71.12
CA TYR QB 166 -41.64 -11.09 -72.07
C TYR QB 166 -42.63 -10.12 -71.44
N ASN QB 167 -42.59 -8.87 -71.91
CA ASN QB 167 -43.46 -7.83 -71.36
C ASN QB 167 -44.86 -7.93 -71.96
N HIS QB 168 -44.96 -7.72 -73.27
CA HIS QB 168 -46.26 -7.65 -73.91
C HIS QB 168 -46.82 -9.04 -74.18
N GLN QB 169 -48.13 -9.10 -74.39
CA GLN QB 169 -48.83 -10.33 -74.73
C GLN QB 169 -49.00 -10.49 -76.23
N GLU QB 170 -48.13 -9.85 -77.00
CA GLU QB 170 -48.17 -9.87 -78.45
C GLU QB 170 -47.58 -11.16 -79.00
N ALA QB 171 -47.82 -11.40 -80.29
CA ALA QB 171 -47.08 -12.41 -81.04
C ALA QB 171 -45.89 -11.74 -81.75
N GLY QB 172 -45.08 -11.05 -80.96
CA GLY QB 172 -44.08 -10.14 -81.46
C GLY QB 172 -42.66 -10.67 -81.34
N LYS QB 173 -41.75 -9.86 -81.88
CA LYS QB 173 -40.33 -10.17 -81.95
C LYS QB 173 -39.63 -9.63 -80.69
N TYR QB 174 -38.31 -9.52 -80.74
CA TYR QB 174 -37.45 -9.14 -79.62
C TYR QB 174 -37.72 -7.75 -79.03
N GLU QB 175 -38.56 -6.93 -79.66
CA GLU QB 175 -38.70 -5.54 -79.24
C GLU QB 175 -39.47 -5.39 -77.92
N ASN QB 176 -40.35 -6.33 -77.60
CA ASN QB 176 -41.25 -6.21 -76.45
C ASN QB 176 -40.75 -6.96 -75.22
N HIS QB 177 -39.44 -6.98 -74.98
CA HIS QB 177 -38.88 -7.69 -73.85
C HIS QB 177 -39.12 -6.94 -72.54
N THR QB 178 -38.68 -7.57 -71.46
CA THR QB 178 -38.66 -7.01 -70.10
C THR QB 178 -37.46 -7.62 -69.38
N GLU QB 179 -37.50 -7.61 -68.04
CA GLU QB 179 -36.46 -8.17 -67.19
C GLU QB 179 -36.10 -9.61 -67.57
N ASN QB 180 -34.82 -9.95 -67.30
CA ASN QB 180 -34.21 -11.26 -67.54
C ASN QB 180 -34.26 -11.67 -69.01
N ALA QB 181 -33.65 -10.85 -69.82
CA ALA QB 181 -33.29 -11.25 -71.17
C ALA QB 181 -31.91 -11.91 -71.16
N LEU QB 182 -31.55 -12.53 -72.28
CA LEU QB 182 -30.23 -13.13 -72.44
C LEU QB 182 -29.92 -13.20 -73.93
N LEU QB 183 -28.67 -12.93 -74.27
CA LEU QB 183 -28.26 -12.83 -75.66
C LEU QB 183 -26.77 -13.06 -75.76
N LEU QB 184 -26.24 -12.98 -76.98
CA LEU QB 184 -24.84 -13.28 -77.26
C LEU QB 184 -24.10 -12.06 -77.82
N TYR QB 185 -22.80 -12.01 -77.54
CA TYR QB 185 -21.88 -11.14 -78.23
C TYR QB 185 -20.67 -11.96 -78.66
N MET QB 186 -20.20 -11.69 -79.87
CA MET QB 186 -18.99 -12.32 -80.40
C MET QB 186 -17.97 -11.23 -80.66
N ALA QB 187 -16.70 -11.54 -80.37
CA ALA QB 187 -15.66 -10.53 -80.41
C ALA QB 187 -14.44 -11.05 -81.17
N CYS QB 188 -13.95 -10.24 -82.10
CA CYS QB 188 -12.67 -10.47 -82.76
C CYS QB 188 -11.60 -9.59 -82.11
N THR QB 189 -10.35 -10.02 -82.22
CA THR QB 189 -9.25 -9.36 -81.52
C THR QB 189 -8.23 -8.72 -82.46
N HIS QB 190 -8.55 -8.56 -83.75
CA HIS QB 190 -7.63 -7.96 -84.70
C HIS QB 190 -8.42 -7.14 -85.71
N ALA QB 191 -7.71 -6.18 -86.33
CA ALA QB 191 -8.35 -5.20 -87.20
C ALA QB 191 -8.89 -5.81 -88.49
N SER QB 192 -8.30 -6.91 -88.96
CA SER QB 192 -8.89 -7.64 -90.07
C SER QB 192 -10.16 -8.36 -89.62
N ASN QB 193 -10.96 -8.77 -90.59
CA ASN QB 193 -12.15 -9.53 -90.25
C ASN QB 193 -12.15 -10.88 -90.97
N PRO QB 194 -11.39 -11.88 -90.48
CA PRO QB 194 -11.39 -13.18 -91.15
C PRO QB 194 -12.54 -14.08 -90.73
N VAL QB 195 -13.15 -13.81 -89.58
CA VAL QB 195 -14.01 -14.77 -88.90
C VAL QB 195 -15.35 -14.84 -89.62
N TYR QB 196 -15.64 -16.00 -90.20
CA TYR QB 196 -16.96 -16.33 -90.71
C TYR QB 196 -17.55 -17.43 -89.83
N ALA QB 197 -18.20 -17.00 -88.75
CA ALA QB 197 -18.70 -17.90 -87.73
C ALA QB 197 -20.19 -18.13 -87.91
N THR QB 198 -20.57 -19.36 -88.24
CA THR QB 198 -21.97 -19.74 -88.37
C THR QB 198 -22.30 -20.73 -87.26
N LEU QB 199 -23.35 -20.42 -86.50
CA LEU QB 199 -23.64 -21.14 -85.27
C LEU QB 199 -25.09 -21.60 -85.27
N LYS QB 200 -25.29 -22.83 -84.84
CA LYS QB 200 -26.61 -23.39 -84.61
C LYS QB 200 -26.88 -23.42 -83.12
N ILE QB 201 -27.93 -22.70 -82.70
CA ILE QB 201 -28.17 -22.42 -81.29
C ILE QB 201 -29.53 -22.99 -80.93
N ARG QB 202 -29.54 -24.18 -80.32
CA ARG QB 202 -30.78 -24.77 -79.85
C ARG QB 202 -31.11 -24.26 -78.44
N ILE QB 203 -32.33 -23.77 -78.27
CA ILE QB 203 -32.91 -23.57 -76.95
C ILE QB 203 -34.13 -24.47 -76.86
N TYR QB 204 -34.10 -25.43 -75.93
CA TYR QB 204 -35.28 -26.21 -75.61
C TYR QB 204 -35.64 -25.96 -74.15
N PHE QB 205 -36.93 -25.76 -73.90
CA PHE QB 205 -37.41 -25.25 -72.63
C PHE QB 205 -38.82 -25.73 -72.33
N PRO RB 16 -88.14 -80.00 -41.85
CA PRO RB 16 -87.08 -79.25 -42.53
C PRO RB 16 -87.57 -78.47 -43.75
N ASP RB 17 -88.87 -78.57 -44.04
CA ASP RB 17 -89.44 -77.96 -45.24
C ASP RB 17 -90.53 -76.95 -44.91
N ILE RB 18 -91.41 -77.27 -43.97
CA ILE RB 18 -92.65 -76.52 -43.72
C ILE RB 18 -92.54 -75.64 -42.48
N PRO RB 19 -93.16 -74.46 -42.47
CA PRO RB 19 -93.16 -73.61 -41.28
C PRO RB 19 -94.39 -73.73 -40.40
N ARG RB 20 -95.38 -74.56 -40.74
CA ARG RB 20 -96.67 -74.52 -40.08
C ARG RB 20 -96.94 -75.72 -39.19
N GLY RB 21 -96.92 -76.94 -39.74
CA GLY RB 21 -97.31 -78.12 -39.01
C GLY RB 21 -96.80 -79.39 -39.64
N CYS RB 22 -96.60 -80.42 -38.82
CA CYS RB 22 -95.89 -81.64 -39.20
C CYS RB 22 -96.74 -82.62 -39.99
N GLU RB 23 -97.86 -82.16 -40.57
CA GLU RB 23 -98.60 -82.97 -41.53
C GLU RB 23 -97.78 -83.21 -42.79
N GLY RB 24 -98.12 -84.26 -43.52
CA GLY RB 24 -97.52 -84.53 -44.80
C GLY RB 24 -97.90 -83.45 -45.79
N PRO RB 25 -96.95 -83.04 -46.63
CA PRO RB 25 -97.25 -82.02 -47.66
C PRO RB 25 -98.15 -82.58 -48.75
N CYS RB 26 -99.45 -82.64 -48.45
CA CYS RB 26 -100.39 -83.36 -49.30
C CYS RB 26 -100.69 -82.59 -50.57
N LYS RB 27 -100.76 -83.31 -51.69
CA LYS RB 27 -100.99 -82.72 -52.99
C LYS RB 27 -102.50 -82.62 -53.26
N VAL RB 28 -102.93 -81.45 -53.71
CA VAL RB 28 -104.28 -81.26 -54.24
C VAL RB 28 -104.11 -80.61 -55.61
N GLN RB 29 -104.31 -81.39 -56.66
CA GLN RB 29 -104.00 -80.95 -58.00
C GLN RB 29 -105.28 -80.54 -58.74
N SER RB 30 -105.27 -79.31 -59.25
CA SER RB 30 -106.38 -78.77 -60.02
C SER RB 30 -106.00 -78.91 -61.49
N PHE RB 31 -106.19 -80.10 -62.03
CA PHE RB 31 -106.02 -80.27 -63.47
C PHE RB 31 -107.17 -79.62 -64.20
N GLU RB 32 -106.85 -78.99 -65.33
CA GLU RB 32 -107.86 -78.51 -66.25
C GLU RB 32 -107.60 -79.09 -67.63
N GLN RB 33 -108.68 -79.37 -68.34
CA GLN RB 33 -108.66 -79.62 -69.78
C GLN RB 33 -109.63 -78.58 -70.33
N ARG RB 34 -109.12 -77.36 -70.51
CA ARG RB 34 -109.97 -76.21 -70.78
C ARG RB 34 -109.37 -75.34 -71.87
N ASP RB 35 -109.92 -74.15 -72.01
CA ASP RB 35 -109.38 -73.10 -72.88
C ASP RB 35 -109.71 -71.77 -72.23
N ASP RB 36 -109.60 -70.70 -73.01
CA ASP RB 36 -110.00 -69.38 -72.52
C ASP RB 36 -110.69 -68.63 -73.65
N VAL RB 37 -110.98 -67.36 -73.39
CA VAL RB 37 -111.40 -66.42 -74.41
C VAL RB 37 -110.36 -65.31 -74.39
N LYS RB 38 -110.57 -64.26 -75.19
CA LYS RB 38 -109.65 -63.13 -75.15
C LYS RB 38 -109.67 -62.43 -73.80
N HIS RB 39 -110.85 -62.27 -73.20
CA HIS RB 39 -110.98 -61.48 -71.99
C HIS RB 39 -110.48 -62.22 -70.76
N LEU RB 40 -110.91 -63.47 -70.59
CA LEU RB 40 -110.68 -64.10 -69.30
C LEU RB 40 -110.58 -65.61 -69.43
N GLY RB 41 -109.63 -66.19 -68.68
CA GLY RB 41 -109.72 -67.57 -68.28
C GLY RB 41 -109.60 -67.62 -66.78
N ILE RB 42 -110.67 -67.98 -66.09
CA ILE RB 42 -110.74 -67.85 -64.64
C ILE RB 42 -110.57 -69.22 -64.00
N CYS RB 43 -109.71 -69.28 -62.99
CA CYS RB 43 -109.43 -70.53 -62.29
C CYS RB 43 -109.16 -70.21 -60.83
N LYS RB 44 -110.15 -70.40 -59.97
CA LYS RB 44 -109.86 -70.50 -58.54
C LYS RB 44 -109.19 -71.85 -58.28
N VAL RB 45 -107.93 -71.77 -57.86
CA VAL RB 45 -107.12 -72.98 -57.79
C VAL RB 45 -107.37 -73.71 -56.48
N ILE RB 46 -107.94 -73.04 -55.50
CA ILE RB 46 -108.15 -73.60 -54.18
C ILE RB 46 -109.60 -74.08 -54.01
N SER RB 47 -110.27 -74.38 -55.13
CA SER RB 47 -111.72 -74.51 -55.15
C SER RB 47 -112.19 -75.82 -54.53
N ASP RB 48 -111.73 -76.95 -55.07
CA ASP RB 48 -112.26 -78.26 -54.71
C ASP RB 48 -111.66 -78.83 -53.43
N VAL RB 49 -111.07 -78.01 -52.56
CA VAL RB 49 -110.42 -78.50 -51.35
C VAL RB 49 -111.47 -78.53 -50.24
N THR RB 50 -112.02 -79.70 -49.97
CA THR RB 50 -113.04 -79.90 -48.95
C THR RB 50 -112.44 -80.64 -47.76
N ARG RB 51 -113.18 -80.66 -46.64
CA ARG RB 51 -112.73 -81.40 -45.47
C ARG RB 51 -112.91 -82.89 -45.69
N GLY RB 52 -111.86 -83.66 -45.42
CA GLY RB 52 -111.90 -85.09 -45.56
C GLY RB 52 -110.60 -85.74 -45.09
N PRO RB 53 -110.62 -87.06 -44.91
CA PRO RB 53 -109.41 -87.74 -44.42
C PRO RB 53 -108.36 -87.95 -45.49
N GLY RB 54 -108.72 -87.91 -46.78
CA GLY RB 54 -107.76 -88.16 -47.83
C GLY RB 54 -106.78 -87.02 -48.03
N LEU RB 55 -105.76 -87.30 -48.83
CA LEU RB 55 -104.73 -86.30 -49.11
C LEU RB 55 -105.14 -85.31 -50.20
N THR RB 56 -106.27 -85.53 -50.85
CA THR RB 56 -106.88 -84.53 -51.72
C THR RB 56 -107.88 -83.66 -50.96
N HIS RB 57 -107.67 -83.50 -49.66
CA HIS RB 57 -108.63 -82.84 -48.78
C HIS RB 57 -107.86 -81.96 -47.80
N ARG RB 58 -108.53 -81.51 -46.75
CA ARG RB 58 -107.95 -80.56 -45.82
C ARG RB 58 -108.38 -80.89 -44.39
N VAL RB 59 -107.59 -80.42 -43.44
CA VAL RB 59 -107.89 -80.53 -42.01
C VAL RB 59 -108.05 -79.12 -41.46
N GLY RB 60 -109.26 -78.77 -41.07
CA GLY RB 60 -109.55 -77.45 -40.56
C GLY RB 60 -109.82 -76.43 -41.63
N LYS RB 61 -109.36 -75.19 -41.43
CA LYS RB 61 -109.61 -74.12 -42.39
C LYS RB 61 -108.38 -73.22 -42.57
N ARG RB 62 -107.20 -73.74 -42.26
CA ARG RB 62 -105.96 -72.97 -42.35
C ARG RB 62 -104.99 -73.66 -43.30
N PHE RB 63 -104.50 -72.93 -44.28
CA PHE RB 63 -103.52 -73.41 -45.25
C PHE RB 63 -102.23 -72.63 -45.12
N CYS RB 64 -101.14 -73.26 -45.55
CA CYS RB 64 -99.90 -72.56 -45.90
C CYS RB 64 -99.40 -73.27 -47.16
N ILE RB 65 -99.76 -72.72 -48.31
CA ILE RB 65 -99.35 -73.28 -49.60
C ILE RB 65 -97.84 -73.13 -49.75
N LYS RB 66 -97.14 -74.26 -49.81
CA LYS RB 66 -95.70 -74.24 -49.96
C LYS RB 66 -95.30 -73.79 -51.36
N SER RB 67 -95.84 -74.45 -52.39
CA SER RB 67 -95.52 -74.07 -53.75
C SER RB 67 -96.64 -74.48 -54.70
N ILE RB 68 -96.84 -73.66 -55.72
CA ILE RB 68 -97.67 -74.00 -56.86
C ILE RB 68 -96.76 -74.46 -57.99
N TYR RB 69 -97.01 -75.66 -58.50
CA TYR RB 69 -96.22 -76.26 -59.56
C TYR RB 69 -97.08 -76.33 -60.81
N ILE RB 70 -96.82 -75.44 -61.75
CA ILE RB 70 -97.67 -75.28 -62.94
C ILE RB 70 -97.04 -76.07 -64.08
N LEU RB 71 -97.67 -77.17 -64.45
CA LEU RB 71 -97.44 -77.81 -65.73
C LEU RB 71 -98.46 -77.29 -66.74
N GLY RB 72 -98.21 -77.54 -68.01
CA GLY RB 72 -99.17 -77.15 -69.02
C GLY RB 72 -98.65 -77.12 -70.43
N LYS RB 73 -99.48 -77.55 -71.36
CA LYS RB 73 -99.20 -77.45 -72.79
C LYS RB 73 -100.24 -76.54 -73.44
N ILE RB 74 -99.76 -75.52 -74.13
CA ILE RB 74 -100.60 -74.45 -74.67
C ILE RB 74 -100.51 -74.53 -76.18
N TRP RB 75 -101.57 -74.98 -76.84
CA TRP RB 75 -101.52 -75.19 -78.28
C TRP RB 75 -102.65 -74.45 -78.97
N LEU RB 76 -102.62 -74.55 -80.30
CA LEU RB 76 -103.72 -74.19 -81.18
C LEU RB 76 -103.90 -75.21 -82.28
N ASP RB 77 -103.52 -76.47 -82.05
CA ASP RB 77 -103.32 -77.45 -83.12
C ASP RB 77 -104.64 -78.12 -83.53
N GLU RB 78 -105.78 -77.50 -83.25
CA GLU RB 78 -107.02 -77.79 -83.93
C GLU RB 78 -106.87 -77.46 -85.41
N THR RB 79 -107.65 -78.11 -86.27
CA THR RB 79 -107.55 -77.93 -87.72
C THR RB 79 -107.99 -76.54 -88.21
N ILE RB 80 -108.51 -75.72 -87.31
CA ILE RB 80 -108.94 -74.36 -87.62
C ILE RB 80 -107.98 -73.47 -86.82
N LYS RB 81 -108.17 -72.15 -86.86
CA LYS RB 81 -107.37 -71.13 -86.18
C LYS RB 81 -105.94 -71.08 -86.69
N LYS RB 82 -105.76 -71.33 -87.98
CA LYS RB 82 -104.55 -70.94 -88.69
C LYS RB 82 -104.62 -69.54 -89.25
N GLN RB 83 -105.80 -69.05 -89.60
CA GLN RB 83 -106.01 -67.64 -89.90
C GLN RB 83 -106.24 -66.88 -88.58
N ASN RB 84 -106.15 -65.54 -88.68
CA ASN RB 84 -106.24 -64.59 -87.57
C ASN RB 84 -105.21 -64.94 -86.49
N HIS RB 85 -104.01 -65.28 -86.93
CA HIS RB 85 -103.02 -65.98 -86.11
C HIS RB 85 -102.06 -65.05 -85.38
N THR RB 86 -100.98 -65.64 -84.85
CA THR RB 86 -99.94 -65.01 -84.03
C THR RB 86 -100.47 -64.38 -82.75
N ASN RB 87 -100.97 -65.19 -81.83
CA ASN RB 87 -101.39 -64.73 -80.51
C ASN RB 87 -100.44 -65.26 -79.46
N ASN RB 88 -100.38 -64.60 -78.31
CA ASN RB 88 -99.57 -65.04 -77.19
C ASN RB 88 -100.37 -65.03 -75.90
N VAL RB 89 -99.87 -65.75 -74.90
CA VAL RB 89 -100.58 -65.96 -73.64
C VAL RB 89 -99.77 -65.32 -72.52
N ILE RB 90 -100.41 -64.46 -71.74
CA ILE RB 90 -99.80 -63.87 -70.55
C ILE RB 90 -100.52 -64.45 -69.34
N PHE RB 91 -99.77 -65.07 -68.44
CA PHE RB 91 -100.37 -65.64 -67.24
C PHE RB 91 -100.34 -64.64 -66.09
N TYR RB 92 -101.30 -64.79 -65.18
CA TYR RB 92 -101.41 -63.91 -64.03
C TYR RB 92 -101.72 -64.76 -62.80
N LEU RB 93 -100.85 -64.70 -61.81
CA LEU RB 93 -101.04 -65.44 -60.56
C LEU RB 93 -101.13 -64.39 -59.46
N LEU RB 94 -102.35 -64.16 -58.95
CA LEU RB 94 -102.63 -63.02 -58.09
C LEU RB 94 -102.81 -63.48 -56.65
N ARG RB 95 -102.33 -62.66 -55.72
CA ARG RB 95 -102.66 -62.86 -54.31
C ARG RB 95 -103.90 -62.02 -53.99
N ASP RB 96 -105.03 -62.70 -53.77
CA ASP RB 96 -106.30 -62.03 -53.52
C ASP RB 96 -106.42 -61.68 -52.04
N ARG RB 97 -107.19 -60.63 -51.76
CA ARG RB 97 -107.36 -60.13 -50.40
C ARG RB 97 -108.71 -60.46 -49.81
N ARG RB 98 -109.78 -60.59 -50.59
CA ARG RB 98 -111.12 -60.85 -50.07
C ARG RB 98 -111.93 -61.54 -51.16
N PRO RB 99 -112.87 -62.41 -50.79
CA PRO RB 99 -113.75 -63.03 -51.79
C PRO RB 99 -115.09 -62.33 -51.90
N TYR RB 100 -115.84 -62.62 -52.97
CA TYR RB 100 -117.27 -62.30 -53.05
C TYR RB 100 -117.95 -63.49 -53.70
N GLY RB 101 -118.33 -64.49 -52.89
CA GLY RB 101 -119.01 -65.66 -53.38
C GLY RB 101 -118.21 -66.48 -54.38
N ASN RB 102 -118.61 -66.38 -55.64
CA ASN RB 102 -117.88 -66.99 -56.76
C ASN RB 102 -116.71 -66.10 -57.17
N ALA RB 103 -116.12 -66.40 -58.33
CA ALA RB 103 -114.99 -65.63 -58.81
C ALA RB 103 -115.46 -64.29 -59.37
N PRO RB 104 -114.72 -63.21 -59.12
CA PRO RB 104 -115.12 -61.90 -59.68
C PRO RB 104 -114.77 -61.76 -61.16
N GLN RB 105 -114.99 -60.57 -61.70
CA GLN RB 105 -114.68 -60.29 -63.09
C GLN RB 105 -113.16 -60.25 -63.30
N ASP RB 106 -112.76 -60.24 -64.57
CA ASP RB 106 -111.38 -59.97 -64.92
C ASP RB 106 -111.20 -58.58 -65.52
N PHE RB 107 -111.89 -58.30 -66.64
CA PHE RB 107 -111.70 -57.04 -67.34
C PHE RB 107 -112.28 -55.87 -66.56
N GLY RB 108 -113.29 -56.12 -65.73
CA GLY RB 108 -113.78 -55.12 -64.80
C GLY RB 108 -113.03 -55.06 -63.49
N GLN RB 109 -112.01 -55.91 -63.31
CA GLN RB 109 -111.22 -55.91 -62.09
C GLN RB 109 -109.78 -55.45 -62.32
N ILE RB 110 -109.04 -56.09 -63.24
CA ILE RB 110 -107.79 -55.51 -63.66
C ILE RB 110 -108.06 -54.37 -64.62
N PHE RB 111 -107.06 -53.49 -64.79
CA PHE RB 111 -107.37 -52.12 -65.17
C PHE RB 111 -107.62 -51.97 -66.67
N ASN RB 112 -106.63 -52.26 -67.50
CA ASN RB 112 -106.70 -51.83 -68.89
C ASN RB 112 -106.60 -53.05 -69.79
N MET RB 113 -106.53 -52.81 -71.10
CA MET RB 113 -106.64 -53.87 -72.10
C MET RB 113 -105.34 -54.65 -72.25
N PHE RB 114 -105.28 -55.75 -71.48
CA PHE RB 114 -104.50 -56.97 -71.69
C PHE RB 114 -103.00 -56.79 -71.43
N ASP RB 115 -102.53 -55.58 -71.18
CA ASP RB 115 -101.18 -55.30 -70.69
C ASP RB 115 -101.32 -54.31 -69.56
N ASN RB 116 -101.51 -54.80 -68.34
CA ASN RB 116 -101.99 -53.95 -67.28
C ASN RB 116 -101.59 -54.49 -65.90
N GLU RB 117 -102.22 -53.90 -64.89
CA GLU RB 117 -102.10 -54.18 -63.47
C GLU RB 117 -103.51 -54.15 -62.91
N PRO RB 118 -103.74 -54.53 -61.65
CA PRO RB 118 -105.05 -54.28 -61.05
C PRO RB 118 -105.33 -52.79 -60.90
N SER RB 119 -106.62 -52.46 -60.80
CA SER RB 119 -107.06 -51.08 -60.76
C SER RB 119 -106.66 -50.42 -59.44
N THR RB 120 -106.71 -49.08 -59.45
CA THR RB 120 -106.32 -48.30 -58.28
C THR RB 120 -107.30 -48.46 -57.12
N ALA RB 121 -108.57 -48.76 -57.42
CA ALA RB 121 -109.56 -48.95 -56.38
C ALA RB 121 -109.66 -50.40 -55.90
N THR RB 122 -108.78 -51.28 -56.38
CA THR RB 122 -108.89 -52.70 -56.09
C THR RB 122 -107.72 -53.24 -55.25
N ILE RB 123 -106.70 -52.43 -54.98
CA ILE RB 123 -105.53 -52.90 -54.26
C ILE RB 123 -105.84 -53.11 -52.78
N PHE RB 131 -106.21 -55.97 -55.85
CA PHE RB 131 -105.75 -57.25 -55.34
C PHE RB 131 -104.27 -57.37 -55.64
N GLN RB 132 -103.52 -58.06 -54.76
CA GLN RB 132 -102.09 -58.16 -54.95
C GLN RB 132 -101.76 -59.16 -56.07
N VAL RB 133 -100.57 -58.98 -56.62
CA VAL RB 133 -100.04 -59.80 -57.71
C VAL RB 133 -98.88 -60.59 -57.13
N LEU RB 134 -98.63 -61.79 -57.65
CA LEU RB 134 -97.37 -62.45 -57.33
C LEU RB 134 -96.37 -62.40 -58.49
N ARG RB 135 -96.69 -63.02 -59.62
CA ARG RB 135 -95.82 -62.99 -60.80
C ARG RB 135 -96.64 -63.15 -62.08
N LYS RB 136 -95.94 -63.13 -63.21
CA LYS RB 136 -96.49 -63.30 -64.54
C LYS RB 136 -95.72 -64.39 -65.26
N PHE RB 137 -96.23 -64.78 -66.44
CA PHE RB 137 -95.52 -65.72 -67.31
C PHE RB 137 -95.76 -65.33 -68.77
N HIS RB 138 -95.16 -66.09 -69.68
CA HIS RB 138 -95.29 -65.87 -71.12
C HIS RB 138 -95.47 -67.20 -71.82
N ALA RB 139 -96.21 -67.16 -72.93
CA ALA RB 139 -96.36 -68.31 -73.82
C ALA RB 139 -96.76 -67.76 -75.18
N THR RB 140 -95.93 -67.98 -76.19
CA THR RB 140 -96.10 -67.38 -77.51
C THR RB 140 -96.31 -68.48 -78.54
N VAL RB 141 -97.54 -68.59 -79.05
CA VAL RB 141 -97.87 -69.60 -80.05
C VAL RB 141 -98.23 -68.90 -81.36
N VAL RB 142 -97.28 -68.87 -82.29
CA VAL RB 142 -97.48 -68.13 -83.53
C VAL RB 142 -97.51 -69.10 -84.72
N GLY RB 143 -98.72 -69.47 -85.16
CA GLY RB 143 -98.81 -70.38 -86.29
C GLY RB 143 -99.84 -69.98 -87.33
N GLY RB 144 -99.37 -69.69 -88.55
CA GLY RB 144 -100.29 -69.32 -89.61
C GLY RB 144 -100.36 -70.36 -90.72
N LEU RB 145 -99.72 -70.07 -91.85
CA LEU RB 145 -99.67 -71.01 -92.96
C LEU RB 145 -98.25 -71.05 -93.50
N TYR RB 146 -98.00 -72.08 -94.32
CA TYR RB 146 -96.79 -72.33 -95.11
C TYR RB 146 -95.51 -72.53 -94.32
N CYS RB 147 -95.55 -72.57 -92.98
CA CYS RB 147 -94.49 -73.34 -92.32
C CYS RB 147 -95.09 -74.39 -91.38
N MET RB 148 -96.06 -74.09 -90.47
CA MET RB 148 -96.35 -72.82 -89.79
C MET RB 148 -95.55 -72.87 -88.48
N LYS RB 149 -94.68 -71.89 -88.28
CA LYS RB 149 -93.67 -72.07 -87.24
C LYS RB 149 -94.04 -71.35 -85.95
N GLU RB 150 -94.95 -71.97 -85.20
CA GLU RB 150 -94.91 -72.28 -83.77
C GLU RB 150 -96.21 -72.97 -83.38
N GLN RB 151 -96.16 -73.74 -82.29
CA GLN RB 151 -97.24 -74.59 -81.80
C GLN RB 151 -97.05 -74.83 -80.31
N ALA RB 152 -97.63 -75.94 -79.84
CA ALA RB 152 -97.70 -76.38 -78.44
C ALA RB 152 -96.38 -76.23 -77.69
N LEU RB 153 -96.38 -75.38 -76.67
CA LEU RB 153 -95.21 -75.14 -75.84
C LEU RB 153 -95.43 -75.77 -74.47
N VAL RB 154 -94.34 -76.22 -73.84
CA VAL RB 154 -94.43 -76.83 -72.53
C VAL RB 154 -93.86 -75.88 -71.49
N LYS RB 155 -94.59 -75.67 -70.41
CA LYS RB 155 -94.18 -74.75 -69.35
C LYS RB 155 -94.23 -75.47 -68.01
N ARG RB 156 -93.09 -75.54 -67.32
CA ARG RB 156 -93.03 -76.02 -65.95
C ARG RB 156 -92.38 -74.94 -65.08
N PHE RB 157 -92.92 -74.74 -63.88
CA PHE RB 157 -92.45 -73.68 -62.99
C PHE RB 157 -92.64 -74.10 -61.54
N TYR RB 158 -91.54 -74.18 -60.79
CA TYR RB 158 -91.62 -74.05 -59.34
C TYR RB 158 -91.98 -72.61 -58.98
N ARG RB 159 -92.86 -72.45 -57.99
CA ARG RB 159 -93.29 -71.10 -57.60
C ARG RB 159 -93.74 -71.15 -56.14
N LEU RB 160 -92.87 -70.69 -55.24
CA LEU RB 160 -93.15 -70.70 -53.81
C LEU RB 160 -94.13 -69.60 -53.43
N ASN RB 161 -95.04 -69.91 -52.51
CA ASN RB 161 -96.12 -69.00 -52.13
C ASN RB 161 -96.36 -69.14 -50.63
N HIS RB 162 -97.51 -68.64 -50.16
CA HIS RB 162 -97.76 -68.55 -48.71
C HIS RB 162 -99.25 -68.80 -48.44
N HIS RB 163 -99.68 -68.41 -47.24
CA HIS RB 163 -100.82 -68.99 -46.54
C HIS RB 163 -102.17 -68.56 -47.11
N VAL RB 164 -103.18 -69.40 -46.86
CA VAL RB 164 -104.56 -69.23 -47.31
C VAL RB 164 -105.47 -69.61 -46.14
N THR RB 165 -106.58 -68.90 -45.95
CA THR RB 165 -107.55 -69.21 -44.91
C THR RB 165 -108.92 -69.43 -45.55
N TYR RB 166 -109.67 -70.42 -45.04
CA TYR RB 166 -111.09 -70.55 -45.34
C TYR RB 166 -111.93 -70.01 -44.20
N ASN RB 167 -113.11 -69.49 -44.54
CA ASN RB 167 -113.98 -68.90 -43.54
C ASN RB 167 -114.77 -69.98 -42.80
N HIS RB 168 -115.60 -70.72 -43.52
CA HIS RB 168 -116.49 -71.68 -42.87
C HIS RB 168 -115.75 -72.97 -42.57
N GLN RB 169 -116.34 -73.74 -41.66
CA GLN RB 169 -115.82 -75.05 -41.27
C GLN RB 169 -116.51 -76.18 -42.05
N GLU RB 170 -117.02 -75.86 -43.23
CA GLU RB 170 -117.74 -76.80 -44.07
C GLU RB 170 -116.76 -77.68 -44.84
N ALA RB 171 -117.31 -78.74 -45.43
CA ALA RB 171 -116.59 -79.50 -46.45
C ALA RB 171 -116.99 -78.99 -47.84
N GLY RB 172 -116.82 -77.67 -48.01
CA GLY RB 172 -117.37 -76.97 -49.14
C GLY RB 172 -116.34 -76.56 -50.19
N LYS RB 173 -116.87 -75.97 -51.25
CA LYS RB 173 -116.09 -75.56 -52.42
C LYS RB 173 -115.62 -74.10 -52.21
N TYR RB 174 -115.21 -73.45 -53.30
CA TYR RB 174 -114.61 -72.11 -53.31
C TYR RB 174 -115.51 -71.00 -52.77
N GLU RB 175 -116.79 -71.26 -52.50
CA GLU RB 175 -117.72 -70.19 -52.16
C GLU RB 175 -117.50 -69.63 -50.77
N ASN RB 176 -116.97 -70.43 -49.84
CA ASN RB 176 -116.86 -70.05 -48.44
C ASN RB 176 -115.47 -69.53 -48.06
N HIS RB 177 -114.83 -68.77 -48.96
CA HIS RB 177 -113.50 -68.25 -48.70
C HIS RB 177 -113.53 -67.08 -47.72
N THR RB 178 -112.34 -66.59 -47.40
CA THR RB 178 -112.11 -65.38 -46.60
C THR RB 178 -110.81 -64.77 -47.11
N GLU RB 179 -110.18 -63.93 -46.26
CA GLU RB 179 -108.90 -63.27 -46.55
C GLU RB 179 -107.83 -64.25 -47.04
N ASN RB 180 -106.93 -63.71 -47.88
CA ASN RB 180 -105.78 -64.40 -48.47
C ASN RB 180 -106.22 -65.60 -49.32
N ALA RB 181 -106.95 -65.28 -50.39
CA ALA RB 181 -107.16 -66.23 -51.47
C ALA RB 181 -106.09 -66.02 -52.54
N LEU RB 182 -106.01 -66.95 -53.49
CA LEU RB 182 -105.12 -66.83 -54.62
C LEU RB 182 -105.66 -67.67 -55.77
N LEU RB 183 -105.55 -67.16 -56.99
CA LEU RB 183 -106.16 -67.78 -58.15
C LEU RB 183 -105.42 -67.32 -59.40
N LEU RB 184 -105.88 -67.79 -60.55
CA LEU RB 184 -105.23 -67.53 -61.83
C LEU RB 184 -106.15 -66.78 -62.78
N TYR RB 185 -105.53 -65.99 -63.65
CA TYR RB 185 -106.18 -65.45 -64.83
C TYR RB 185 -105.29 -65.68 -66.03
N MET RB 186 -105.89 -66.08 -67.15
CA MET RB 186 -105.19 -66.26 -68.41
C MET RB 186 -105.75 -65.28 -69.42
N ALA RB 187 -104.87 -64.71 -70.25
CA ALA RB 187 -105.25 -63.62 -71.14
C ALA RB 187 -104.74 -63.90 -72.54
N CYS RB 188 -105.62 -63.73 -73.52
CA CYS RB 188 -105.25 -63.71 -74.93
C CYS RB 188 -105.20 -62.27 -75.42
N THR RB 189 -104.43 -62.05 -76.48
CA THR RB 189 -104.15 -60.70 -76.95
C THR RB 189 -104.70 -60.43 -78.35
N HIS RB 190 -105.59 -61.28 -78.87
CA HIS RB 190 -106.15 -61.08 -80.19
C HIS RB 190 -107.61 -61.54 -80.20
N ALA RB 191 -108.37 -61.00 -81.16
CA ALA RB 191 -109.80 -61.21 -81.20
C ALA RB 191 -110.19 -62.66 -81.53
N SER RB 192 -109.34 -63.39 -82.25
CA SER RB 192 -109.55 -64.81 -82.43
C SER RB 192 -109.29 -65.55 -81.11
N ASN RB 193 -109.77 -66.78 -81.05
CA ASN RB 193 -109.49 -67.60 -79.87
C ASN RB 193 -108.79 -68.90 -80.27
N PRO RB 194 -107.49 -68.88 -80.56
CA PRO RB 194 -106.81 -70.14 -80.92
C PRO RB 194 -106.36 -70.95 -79.73
N VAL RB 195 -106.25 -70.34 -78.55
CA VAL RB 195 -105.52 -70.91 -77.44
C VAL RB 195 -106.35 -72.01 -76.79
N TYR RB 196 -105.86 -73.24 -76.88
CA TYR RB 196 -106.38 -74.36 -76.12
C TYR RB 196 -105.33 -74.77 -75.09
N ALA RB 197 -105.38 -74.12 -73.94
CA ALA RB 197 -104.38 -74.27 -72.89
C ALA RB 197 -104.91 -75.21 -71.81
N THR RB 198 -104.26 -76.35 -71.67
CA THR RB 198 -104.59 -77.31 -70.62
C THR RB 198 -103.41 -77.40 -69.66
N LEU RB 199 -103.68 -77.20 -68.37
CA LEU RB 199 -102.64 -77.01 -67.38
C LEU RB 199 -102.87 -77.95 -66.21
N LYS RB 200 -101.78 -78.56 -65.76
CA LYS RB 200 -101.76 -79.36 -64.55
C LYS RB 200 -101.11 -78.57 -63.43
N ILE RB 201 -101.87 -78.31 -62.37
CA ILE RB 201 -101.49 -77.36 -61.34
C ILE RB 201 -101.41 -78.11 -60.02
N ARG RB 202 -100.20 -78.49 -59.61
CA ARG RB 202 -100.00 -79.12 -58.31
C ARG RB 202 -99.84 -78.07 -57.22
N ILE RB 203 -100.61 -78.19 -56.15
CA ILE RB 203 -100.35 -77.50 -54.91
C ILE RB 203 -100.09 -78.55 -53.85
N TYR RB 204 -98.88 -78.58 -53.30
CA TYR RB 204 -98.60 -79.40 -52.13
C TYR RB 204 -98.20 -78.49 -50.97
N PHE RB 205 -98.75 -78.79 -49.81
CA PHE RB 205 -98.71 -77.88 -48.67
C PHE RB 205 -98.75 -78.63 -47.35
N PRO SB 16 -60.09 -40.11 -62.90
CA PRO SB 16 -60.51 -41.44 -62.47
C PRO SB 16 -60.76 -42.39 -63.64
N ASP SB 17 -60.58 -41.90 -64.87
CA ASP SB 17 -60.88 -42.68 -66.07
C ASP SB 17 -59.66 -42.87 -66.95
N ILE SB 18 -58.85 -41.83 -67.14
CA ILE SB 18 -57.80 -41.80 -68.16
C ILE SB 18 -56.41 -41.99 -67.54
N PRO SB 19 -55.49 -42.66 -68.24
CA PRO SB 19 -54.13 -42.82 -67.73
C PRO SB 19 -53.12 -41.81 -68.28
N ARG SB 20 -53.52 -40.88 -69.16
CA ARG SB 20 -52.55 -40.08 -69.90
C ARG SB 20 -52.53 -38.62 -69.48
N GLY SB 21 -53.65 -37.91 -69.57
CA GLY SB 21 -53.68 -36.48 -69.34
C GLY SB 21 -55.08 -35.97 -69.06
N CYS SB 22 -55.16 -34.87 -68.30
CA CYS SB 22 -56.41 -34.38 -67.73
C CYS SB 22 -57.27 -33.60 -68.72
N GLU SB 23 -57.02 -33.74 -70.03
CA GLU SB 23 -57.93 -33.22 -71.03
C GLU SB 23 -59.28 -33.94 -70.97
N GLY SB 24 -60.30 -33.28 -71.49
CA GLY SB 24 -61.60 -33.89 -71.62
C GLY SB 24 -61.56 -35.03 -72.62
N PRO SB 25 -62.26 -36.13 -72.33
CA PRO SB 25 -62.29 -37.25 -73.27
C PRO SB 25 -63.09 -36.92 -74.52
N CYS SB 26 -62.47 -36.20 -75.44
CA CYS SB 26 -63.17 -35.61 -76.57
C CYS SB 26 -63.53 -36.66 -77.61
N LYS SB 27 -64.74 -36.55 -78.14
CA LYS SB 27 -65.25 -37.50 -79.12
C LYS SB 27 -64.86 -37.06 -80.52
N VAL SB 28 -64.34 -38.00 -81.31
CA VAL SB 28 -64.14 -37.84 -82.73
C VAL SB 28 -64.79 -39.02 -83.41
N GLN SB 29 -65.95 -38.78 -84.02
CA GLN SB 29 -66.78 -39.86 -84.54
C GLN SB 29 -66.62 -39.98 -86.05
N SER SB 30 -66.29 -41.18 -86.49
CA SER SB 30 -66.14 -41.47 -87.92
C SER SB 30 -67.42 -42.19 -88.34
N PHE SB 31 -68.46 -41.41 -88.60
CA PHE SB 31 -69.67 -41.97 -89.18
C PHE SB 31 -69.43 -42.33 -90.63
N GLU SB 32 -69.98 -43.47 -91.04
CA GLU SB 32 -70.02 -43.83 -92.44
C GLU SB 32 -71.47 -44.09 -92.85
N GLN SB 33 -71.77 -43.73 -94.09
CA GLN SB 33 -72.98 -44.18 -94.78
C GLN SB 33 -72.44 -44.84 -96.04
N ARG SB 34 -72.02 -46.09 -95.90
CA ARG SB 34 -71.23 -46.76 -96.92
C ARG SB 34 -71.72 -48.19 -97.13
N ASP SB 35 -70.93 -48.97 -97.87
CA ASP SB 35 -71.12 -50.40 -98.02
C ASP SB 35 -69.74 -51.03 -98.17
N ASP SB 36 -69.72 -52.27 -98.65
CA ASP SB 36 -68.45 -52.92 -98.93
C ASP SB 36 -68.59 -53.72 -100.22
N VAL SB 37 -67.55 -54.48 -100.53
CA VAL SB 37 -67.59 -55.51 -101.56
C VAL SB 37 -67.27 -56.81 -100.84
N LYS SB 38 -67.14 -57.91 -101.60
CA LYS SB 38 -66.77 -59.18 -100.99
C LYS SB 38 -65.36 -59.12 -100.41
N HIS SB 39 -64.44 -58.48 -101.12
CA HIS SB 39 -63.04 -58.51 -100.72
C HIS SB 39 -62.75 -57.58 -99.55
N LEU SB 40 -63.23 -56.34 -99.62
CA LEU SB 40 -62.74 -55.36 -98.65
C LEU SB 40 -63.76 -54.27 -98.41
N GLY SB 41 -63.87 -53.89 -97.14
CA GLY SB 41 -64.38 -52.58 -96.78
C GLY SB 41 -63.35 -51.92 -95.89
N ILE SB 42 -62.69 -50.88 -96.37
CA ILE SB 42 -61.54 -50.31 -95.68
C ILE SB 42 -61.94 -49.01 -95.00
N CYS SB 43 -61.54 -48.88 -93.75
CA CYS SB 43 -61.86 -47.70 -92.94
C CYS SB 43 -60.71 -47.42 -92.01
N LYS SB 44 -59.85 -46.47 -92.37
CA LYS SB 44 -58.97 -45.88 -91.37
C LYS SB 44 -59.80 -44.99 -90.45
N VAL SB 45 -59.89 -45.38 -89.19
CA VAL SB 45 -60.83 -44.74 -88.28
C VAL SB 45 -60.23 -43.47 -87.70
N ILE SB 46 -58.91 -43.32 -87.77
CA ILE SB 46 -58.20 -42.20 -87.17
C ILE SB 46 -57.87 -41.14 -88.22
N SER SB 47 -58.64 -41.12 -89.32
CA SER SB 47 -58.23 -40.41 -90.53
C SER SB 47 -58.39 -38.91 -90.39
N ASP SB 48 -59.61 -38.44 -90.11
CA ASP SB 48 -59.94 -37.02 -90.16
C ASP SB 48 -59.54 -36.26 -88.89
N VAL SB 49 -58.62 -36.77 -88.08
CA VAL SB 49 -58.26 -36.12 -86.82
C VAL SB 49 -57.10 -35.17 -87.12
N THR SB 50 -57.41 -33.88 -87.26
CA THR SB 50 -56.43 -32.85 -87.55
C THR SB 50 -56.21 -31.99 -86.32
N ARG SB 51 -55.15 -31.17 -86.35
CA ARG SB 51 -54.88 -30.25 -85.25
C ARG SB 51 -55.87 -29.09 -85.28
N GLY SB 52 -56.48 -28.81 -84.14
CA GLY SB 52 -57.41 -27.72 -84.01
C GLY SB 52 -57.90 -27.55 -82.58
N PRO SB 53 -58.54 -26.42 -82.30
CA PRO SB 53 -59.01 -26.18 -80.92
C PRO SB 53 -60.27 -26.93 -80.55
N GLY SB 54 -61.05 -27.38 -81.54
CA GLY SB 54 -62.31 -28.05 -81.25
C GLY SB 54 -62.11 -29.45 -80.70
N LEU SB 55 -63.22 -30.02 -80.21
CA LEU SB 55 -63.18 -31.37 -79.66
C LEU SB 55 -63.24 -32.45 -80.72
N THR SB 56 -63.48 -32.10 -81.98
CA THR SB 56 -63.30 -33.00 -83.10
C THR SB 56 -61.89 -32.94 -83.68
N HIS SB 57 -60.92 -32.58 -82.86
CA HIS SB 57 -59.56 -32.30 -83.30
C HIS SB 57 -58.59 -32.90 -82.28
N ARG SB 58 -57.32 -32.50 -82.37
CA ARG SB 58 -56.28 -33.08 -81.55
C ARG SB 58 -55.29 -32.01 -81.12
N VAL SB 59 -54.57 -32.31 -80.03
CA VAL SB 59 -53.51 -31.46 -79.52
C VAL SB 59 -52.22 -32.26 -79.58
N GLY SB 60 -51.31 -31.85 -80.46
CA GLY SB 60 -50.05 -32.55 -80.63
C GLY SB 60 -50.14 -33.72 -81.59
N LYS SB 61 -49.42 -34.80 -81.29
CA LYS SB 61 -49.41 -35.96 -82.16
C LYS SB 61 -49.42 -37.27 -81.37
N ARG SB 62 -49.91 -37.24 -80.13
CA ARG SB 62 -49.94 -38.40 -79.26
C ARG SB 62 -51.38 -38.68 -78.83
N PHE SB 63 -51.83 -39.92 -79.05
CA PHE SB 63 -53.15 -40.36 -78.66
C PHE SB 63 -53.05 -41.48 -77.63
N CYS SB 64 -54.11 -41.61 -76.85
CA CYS SB 64 -54.38 -42.85 -76.10
C CYS SB 64 -55.89 -43.06 -76.22
N ILE SB 65 -56.28 -43.86 -77.21
CA ILE SB 65 -57.69 -44.17 -77.45
C ILE SB 65 -58.22 -44.98 -76.29
N LYS SB 66 -59.18 -44.40 -75.56
CA LYS SB 66 -59.77 -45.10 -74.42
C LYS SB 66 -60.65 -46.24 -74.90
N SER SB 67 -61.61 -45.95 -75.77
CA SER SB 67 -62.50 -47.00 -76.28
C SER SB 67 -63.04 -46.62 -77.63
N ILE SB 68 -63.23 -47.64 -78.47
CA ILE SB 68 -63.98 -47.52 -79.72
C ILE SB 68 -65.38 -48.06 -79.46
N TYR SB 69 -66.38 -47.22 -79.75
CA TYR SB 69 -67.78 -47.56 -79.54
C TYR SB 69 -68.45 -47.69 -80.91
N ILE SB 70 -68.69 -48.92 -81.32
CA ILE SB 70 -69.17 -49.22 -82.66
C ILE SB 70 -70.69 -49.37 -82.62
N LEU SB 71 -71.40 -48.39 -83.16
CA LEU SB 71 -72.79 -48.56 -83.54
C LEU SB 71 -72.86 -48.99 -85.00
N GLY SB 72 -74.03 -49.46 -85.41
CA GLY SB 72 -74.19 -49.81 -86.81
C GLY SB 72 -75.39 -50.69 -87.11
N LYS SB 73 -76.04 -50.40 -88.23
CA LYS SB 73 -77.12 -51.23 -88.76
C LYS SB 73 -76.69 -51.80 -90.10
N ILE SB 74 -76.77 -53.12 -90.22
CA ILE SB 74 -76.24 -53.84 -91.37
C ILE SB 74 -77.42 -54.51 -92.06
N TRP SB 75 -77.80 -53.98 -93.23
CA TRP SB 75 -78.98 -54.48 -93.91
C TRP SB 75 -78.67 -54.89 -95.34
N LEU SB 76 -79.70 -55.42 -95.98
CA LEU SB 76 -79.75 -55.62 -97.41
C LEU SB 76 -81.11 -55.23 -97.99
N ASP SB 77 -81.82 -54.30 -97.36
CA ASP SB 77 -83.24 -54.08 -97.59
C ASP SB 77 -83.49 -53.18 -98.80
N GLU SB 78 -82.52 -53.07 -99.70
CA GLU SB 78 -82.77 -52.60 -101.05
C GLU SB 78 -83.70 -53.60 -101.75
N THR SB 79 -84.45 -53.12 -102.76
CA THR SB 79 -85.43 -53.96 -103.45
C THR SB 79 -84.82 -55.08 -104.30
N ILE SB 80 -83.49 -55.12 -104.40
CA ILE SB 80 -82.77 -56.15 -105.13
C ILE SB 80 -81.99 -56.89 -104.05
N LYS SB 81 -81.17 -57.89 -104.44
CA LYS SB 81 -80.34 -58.72 -103.58
C LYS SB 81 -81.17 -59.58 -102.63
N LYS SB 82 -82.32 -60.04 -103.12
CA LYS SB 82 -83.02 -61.17 -102.52
C LYS SB 82 -82.57 -62.50 -103.11
N GLN SB 83 -82.13 -62.55 -104.37
CA GLN SB 83 -81.44 -63.70 -104.91
C GLN SB 83 -79.96 -63.63 -104.54
N ASN SB 84 -79.26 -64.76 -104.72
CA ASN SB 84 -77.85 -64.98 -104.36
C ASN SB 84 -77.63 -64.65 -102.89
N HIS SB 85 -78.56 -65.10 -102.06
CA HIS SB 85 -78.72 -64.60 -100.70
C HIS SB 85 -77.96 -65.41 -99.65
N THR SB 86 -78.29 -65.17 -98.38
CA THR SB 86 -77.68 -65.75 -97.18
C THR SB 86 -76.18 -65.45 -97.04
N ASN SB 87 -75.82 -64.19 -96.85
CA ASN SB 87 -74.45 -63.79 -96.61
C ASN SB 87 -74.33 -63.30 -95.16
N ASN SB 88 -73.11 -63.34 -94.63
CA ASN SB 88 -72.85 -62.83 -93.29
C ASN SB 88 -71.62 -61.93 -93.30
N VAL SB 89 -71.48 -61.13 -92.24
CA VAL SB 89 -70.45 -60.11 -92.15
C VAL SB 89 -69.53 -60.45 -90.99
N ILE SB 90 -68.23 -60.52 -91.25
CA ILE SB 90 -67.22 -60.70 -90.22
C ILE SB 90 -66.45 -59.40 -90.10
N PHE SB 91 -66.40 -58.83 -88.90
CA PHE SB 91 -65.67 -57.60 -88.70
C PHE SB 91 -64.25 -57.90 -88.22
N TYR SB 92 -63.35 -56.96 -88.53
CA TYR SB 92 -61.94 -57.10 -88.16
C TYR SB 92 -61.45 -55.76 -87.66
N LEU SB 93 -60.98 -55.72 -86.41
CA LEU SB 93 -60.45 -54.51 -85.80
C LEU SB 93 -58.98 -54.81 -85.47
N LEU SB 94 -58.07 -54.25 -86.26
CA LEU SB 94 -56.67 -54.65 -86.23
C LEU SB 94 -55.83 -53.57 -85.57
N ARG SB 95 -54.83 -53.99 -84.79
CA ARG SB 95 -53.80 -53.08 -84.31
C ARG SB 95 -52.66 -53.07 -85.33
N ASP SB 96 -52.52 -51.96 -86.04
CA ASP SB 96 -51.50 -51.84 -87.09
C ASP SB 96 -50.18 -51.41 -86.46
N ARG SB 97 -49.08 -51.79 -87.14
CA ARG SB 97 -47.74 -51.51 -86.65
C ARG SB 97 -47.03 -50.40 -87.42
N ARG SB 98 -47.34 -50.22 -88.71
CA ARG SB 98 -46.65 -49.22 -89.52
C ARG SB 98 -47.57 -48.81 -90.67
N PRO SB 99 -47.51 -47.56 -91.12
CA PRO SB 99 -48.30 -47.15 -92.28
C PRO SB 99 -47.50 -47.18 -93.57
N TYR SB 100 -48.20 -47.11 -94.71
CA TYR SB 100 -47.57 -46.79 -95.99
C TYR SB 100 -48.53 -45.85 -96.74
N GLY SB 101 -48.38 -44.55 -96.47
CA GLY SB 101 -49.21 -43.53 -97.11
C GLY SB 101 -50.69 -43.68 -96.83
N ASN SB 102 -51.43 -44.15 -97.84
CA ASN SB 102 -52.83 -44.46 -97.72
C ASN SB 102 -53.03 -45.84 -97.08
N ALA SB 103 -54.24 -46.37 -97.15
CA ALA SB 103 -54.53 -47.67 -96.56
C ALA SB 103 -53.99 -48.77 -97.47
N PRO SB 104 -53.42 -49.84 -96.89
CA PRO SB 104 -52.92 -50.95 -97.72
C PRO SB 104 -54.03 -51.86 -98.22
N GLN SB 105 -53.65 -52.95 -98.87
CA GLN SB 105 -54.60 -53.92 -99.38
C GLN SB 105 -55.25 -54.69 -98.23
N ASP SB 106 -56.32 -55.42 -98.55
CA ASP SB 106 -56.88 -56.38 -97.61
C ASP SB 106 -56.56 -57.82 -98.00
N PHE SB 107 -56.97 -58.24 -99.21
CA PHE SB 107 -56.81 -59.63 -99.61
C PHE SB 107 -55.35 -59.96 -99.88
N GLY SB 108 -54.54 -58.97 -100.24
CA GLY SB 108 -53.12 -59.14 -100.32
C GLY SB 108 -52.38 -58.92 -99.03
N GLN SB 109 -53.09 -58.61 -97.94
CA GLN SB 109 -52.47 -58.41 -96.64
C GLN SB 109 -52.86 -59.47 -95.63
N ILE SB 110 -54.17 -59.69 -95.40
CA ILE SB 110 -54.56 -60.87 -94.64
C ILE SB 110 -54.49 -62.08 -95.56
N PHE SB 111 -54.38 -63.26 -94.93
CA PHE SB 111 -53.74 -64.40 -95.60
C PHE SB 111 -54.66 -65.07 -96.62
N ASN SB 112 -55.79 -65.63 -96.18
CA ASN SB 112 -56.51 -66.56 -97.02
C ASN SB 112 -57.93 -66.03 -97.23
N MET SB 113 -58.77 -66.84 -97.88
CA MET SB 113 -60.08 -66.40 -98.34
C MET SB 113 -61.09 -66.39 -97.18
N PHE SB 114 -61.21 -65.21 -96.57
CA PHE SB 114 -62.35 -64.68 -95.82
C PHE SB 114 -62.57 -65.33 -94.46
N ASP SB 115 -61.83 -66.39 -94.13
CA ASP SB 115 -61.78 -66.95 -92.78
C ASP SB 115 -60.30 -67.18 -92.47
N ASN SB 116 -59.65 -66.16 -91.91
CA ASN SB 116 -58.19 -66.16 -91.91
C ASN SB 116 -57.66 -65.30 -90.77
N GLU SB 117 -56.36 -65.04 -90.85
CA GLU SB 117 -55.53 -64.24 -89.97
C GLU SB 117 -54.62 -63.41 -90.86
N PRO SB 118 -53.85 -62.46 -90.35
CA PRO SB 118 -52.81 -61.83 -91.18
C PRO SB 118 -51.72 -62.83 -91.56
N SER SB 119 -51.02 -62.50 -92.65
CA SER SB 119 -50.02 -63.38 -93.21
C SER SB 119 -48.80 -63.49 -92.30
N THR SB 120 -48.00 -64.53 -92.54
CA THR SB 120 -46.81 -64.78 -91.73
C THR SB 120 -45.73 -63.74 -91.93
N ALA SB 121 -45.70 -63.09 -93.10
CA ALA SB 121 -44.71 -62.06 -93.37
C ALA SB 121 -45.18 -60.66 -92.97
N THR SB 122 -46.35 -60.55 -92.34
CA THR SB 122 -46.95 -59.25 -92.06
C THR SB 122 -47.06 -58.95 -90.56
N ILE SB 123 -46.74 -59.90 -89.69
CA ILE SB 123 -46.89 -59.71 -88.25
C ILE SB 123 -45.82 -58.76 -87.71
N PHE SB 131 -49.63 -57.70 -89.18
CA PHE SB 131 -50.18 -56.65 -88.32
C PHE SB 131 -50.97 -57.32 -87.21
N GLN SB 132 -51.00 -56.70 -86.03
CA GLN SB 132 -51.69 -57.31 -84.91
C GLN SB 132 -53.20 -57.17 -85.06
N VAL SB 133 -53.91 -58.05 -84.37
CA VAL SB 133 -55.37 -58.11 -84.36
C VAL SB 133 -55.81 -57.72 -82.97
N LEU SB 134 -56.98 -57.11 -82.84
CA LEU SB 134 -57.57 -56.99 -81.51
C LEU SB 134 -58.73 -57.96 -81.29
N ARG SB 135 -59.81 -57.84 -82.05
CA ARG SB 135 -60.96 -58.76 -81.93
C ARG SB 135 -61.70 -58.86 -83.26
N LYS SB 136 -62.76 -59.66 -83.26
CA LYS SB 136 -63.63 -59.89 -84.40
C LYS SB 136 -65.07 -59.67 -83.96
N PHE SB 137 -65.99 -59.68 -84.93
CA PHE SB 137 -67.42 -59.62 -84.65
C PHE SB 137 -68.17 -60.47 -85.66
N HIS SB 138 -69.49 -60.53 -85.51
CA HIS SB 138 -70.36 -61.28 -86.41
C HIS SB 138 -71.61 -60.48 -86.72
N ALA SB 139 -72.14 -60.69 -87.93
CA ALA SB 139 -73.42 -60.11 -88.33
C ALA SB 139 -73.95 -60.98 -89.46
N THR SB 140 -75.10 -61.61 -89.25
CA THR SB 140 -75.64 -62.60 -90.17
C THR SB 140 -76.98 -62.10 -90.73
N VAL SB 141 -76.99 -61.72 -92.00
CA VAL SB 141 -78.21 -61.22 -92.64
C VAL SB 141 -78.62 -62.21 -93.73
N VAL SB 142 -79.61 -63.04 -93.43
CA VAL SB 142 -80.00 -64.09 -94.36
C VAL SB 142 -81.44 -63.84 -94.85
N GLY SB 143 -81.57 -63.24 -96.03
CA GLY SB 143 -82.90 -62.98 -96.56
C GLY SB 143 -83.07 -63.32 -98.03
N GLY SB 144 -83.94 -64.29 -98.31
CA GLY SB 144 -84.19 -64.67 -99.69
C GLY SB 144 -85.59 -64.31 -100.16
N LEU SB 145 -86.45 -65.32 -100.26
CA LEU SB 145 -87.84 -65.09 -100.66
C LEU SB 145 -88.75 -65.90 -99.75
N TYR SB 146 -90.03 -65.55 -99.80
CA TYR SB 146 -91.17 -66.22 -99.15
C TYR SB 146 -91.14 -66.25 -97.64
N CYS SB 147 -90.19 -65.61 -96.96
CA CYS SB 147 -90.52 -65.15 -95.61
C CYS SB 147 -90.25 -63.65 -95.46
N MET SB 148 -89.09 -63.07 -95.84
CA MET SB 148 -87.73 -63.65 -95.94
C MET SB 148 -87.08 -63.38 -94.58
N LYS SB 149 -86.65 -64.43 -93.89
CA LYS SB 149 -86.35 -64.25 -92.47
C LYS SB 149 -84.85 -64.09 -92.22
N GLU SB 150 -84.37 -62.88 -92.50
CA GLU SB 150 -83.52 -62.01 -91.67
C GLU SB 150 -83.19 -60.75 -92.46
N GLN SB 151 -82.88 -59.68 -91.72
CA GLN SB 151 -82.66 -58.33 -92.24
C GLN SB 151 -81.79 -57.55 -91.27
N ALA SB 152 -81.89 -56.22 -91.34
CA ALA SB 152 -81.11 -55.23 -90.60
C ALA SB 152 -80.93 -55.57 -89.13
N LEU SB 153 -79.68 -55.78 -88.73
CA LEU SB 153 -79.33 -56.10 -87.35
C LEU SB 153 -78.63 -54.91 -86.72
N VAL SB 154 -78.81 -54.74 -85.41
CA VAL SB 154 -78.19 -53.62 -84.71
C VAL SB 154 -77.06 -54.16 -83.84
N LYS SB 155 -75.89 -53.54 -83.92
CA LYS SB 155 -74.72 -53.97 -83.16
C LYS SB 155 -74.15 -52.77 -82.40
N ARG SB 156 -74.08 -52.90 -81.07
CA ARG SB 156 -73.38 -51.94 -80.23
C ARG SB 156 -72.34 -52.68 -79.41
N PHE SB 157 -71.16 -52.07 -79.26
CA PHE SB 157 -70.04 -52.71 -78.57
C PHE SB 157 -69.16 -51.66 -77.91
N TYR SB 158 -69.04 -51.72 -76.58
CA TYR SB 158 -67.88 -51.16 -75.91
C TYR SB 158 -66.65 -51.97 -76.26
N ARG SB 159 -65.53 -51.30 -76.51
CA ARG SB 159 -64.30 -52.00 -76.88
C ARG SB 159 -63.11 -51.12 -76.48
N LEU SB 160 -62.47 -51.46 -75.36
CA LEU SB 160 -61.34 -50.69 -74.85
C LEU SB 160 -60.07 -50.98 -75.64
N ASN SB 161 -59.28 -49.94 -75.88
CA ASN SB 161 -58.09 -50.03 -76.73
C ASN SB 161 -57.00 -49.15 -76.13
N HIS SB 162 -55.97 -48.84 -76.91
CA HIS SB 162 -54.78 -48.18 -76.40
C HIS SB 162 -54.22 -47.23 -77.46
N HIS SB 163 -52.97 -46.80 -77.27
CA HIS SB 163 -52.40 -45.56 -77.76
C HIS SB 163 -52.11 -45.59 -79.27
N VAL SB 164 -52.09 -44.39 -79.85
CA VAL SB 164 -51.84 -44.13 -81.27
C VAL SB 164 -50.91 -42.92 -81.36
N THR SB 165 -49.95 -42.95 -82.30
CA THR SB 165 -49.05 -41.84 -82.52
C THR SB 165 -49.17 -41.37 -83.97
N TYR SB 166 -49.13 -40.05 -84.18
CA TYR SB 166 -48.95 -39.48 -85.51
C TYR SB 166 -47.49 -39.04 -85.70
N ASN SB 167 -47.04 -39.11 -86.95
CA ASN SB 167 -45.66 -38.76 -87.26
C ASN SB 167 -45.49 -37.25 -87.35
N HIS SB 168 -46.16 -36.62 -88.32
CA HIS SB 168 -45.95 -35.21 -88.58
C HIS SB 168 -46.75 -34.35 -87.60
N GLN SB 169 -46.34 -33.10 -87.48
CA GLN SB 169 -47.01 -32.11 -86.65
C GLN SB 169 -48.00 -31.28 -87.45
N GLU SB 170 -48.50 -31.83 -88.55
CA GLU SB 170 -49.42 -31.15 -89.44
C GLU SB 170 -50.84 -31.21 -88.89
N ALA SB 171 -51.71 -30.40 -89.48
CA ALA SB 171 -53.15 -30.55 -89.30
C ALA SB 171 -53.73 -31.41 -90.43
N GLY SB 172 -53.15 -32.60 -90.59
CA GLY SB 172 -53.35 -33.42 -91.75
C GLY SB 172 -54.23 -34.64 -91.49
N LYS SB 173 -54.48 -35.36 -92.58
CA LYS SB 173 -55.35 -36.53 -92.61
C LYS SB 173 -54.51 -37.78 -92.33
N TYR SB 174 -55.06 -38.96 -92.66
CA TYR SB 174 -54.48 -40.26 -92.36
C TYR SB 174 -53.12 -40.53 -93.02
N GLU SB 175 -52.63 -39.66 -93.91
CA GLU SB 175 -51.44 -39.97 -94.68
C GLU SB 175 -50.16 -39.88 -93.85
N ASN SB 176 -50.15 -39.07 -92.80
CA ASN SB 176 -48.93 -38.81 -92.04
C ASN SB 176 -48.82 -39.63 -90.76
N HIS SB 177 -49.25 -40.90 -90.80
CA HIS SB 177 -49.21 -41.75 -89.63
C HIS SB 177 -47.80 -42.24 -89.34
N THR SB 178 -47.68 -42.99 -88.25
CA THR SB 178 -46.46 -43.69 -87.84
C THR SB 178 -46.91 -44.95 -87.10
N GLU SB 179 -46.02 -45.50 -86.26
CA GLU SB 179 -46.27 -46.68 -85.45
C GLU SB 179 -47.57 -46.59 -84.65
N ASN SB 180 -48.18 -47.76 -84.42
CA ASN SB 180 -49.40 -47.97 -83.65
C ASN SB 180 -50.59 -47.21 -84.26
N ALA SB 181 -50.93 -47.61 -85.49
CA ALA SB 181 -52.20 -47.26 -86.09
C ALA SB 181 -53.23 -48.35 -85.78
N LEU SB 182 -54.49 -48.06 -86.06
CA LEU SB 182 -55.56 -49.04 -85.92
C LEU SB 182 -56.70 -48.66 -86.84
N LEU SB 183 -57.32 -49.66 -87.46
CA LEU SB 183 -58.33 -49.42 -88.48
C LEU SB 183 -59.22 -50.65 -88.58
N LEU SB 184 -60.19 -50.60 -89.50
CA LEU SB 184 -61.18 -51.65 -89.65
C LEU SB 184 -61.12 -52.27 -91.04
N TYR SB 185 -61.49 -53.55 -91.09
CA TYR SB 185 -61.81 -54.22 -92.34
C TYR SB 185 -63.14 -54.94 -92.17
N MET SB 186 -63.97 -54.88 -93.21
CA MET SB 186 -65.24 -55.59 -93.24
C MET SB 186 -65.21 -56.57 -94.40
N ALA SB 187 -65.76 -57.76 -94.18
CA ALA SB 187 -65.65 -58.86 -95.13
C ALA SB 187 -67.00 -59.49 -95.39
N CYS SB 188 -67.32 -59.68 -96.67
CA CYS SB 188 -68.45 -60.46 -97.10
C CYS SB 188 -67.98 -61.85 -97.53
N THR SB 189 -68.88 -62.82 -97.46
CA THR SB 189 -68.53 -64.21 -97.70
C THR SB 189 -69.19 -64.82 -98.93
N HIS SB 190 -69.77 -64.01 -99.81
CA HIS SB 190 -70.42 -64.52 -101.01
C HIS SB 190 -70.20 -63.54 -102.15
N ALA SB 191 -70.33 -64.06 -103.37
CA ALA SB 191 -69.99 -63.30 -104.58
C ALA SB 191 -70.96 -62.15 -104.84
N SER SB 192 -72.20 -62.26 -104.39
CA SER SB 192 -73.11 -61.12 -104.44
C SER SB 192 -72.68 -60.06 -103.42
N ASN SB 193 -73.20 -58.86 -103.59
CA ASN SB 193 -72.92 -57.81 -102.61
C ASN SB 193 -74.23 -57.25 -102.03
N PRO SB 194 -74.87 -57.95 -101.09
CA PRO SB 194 -76.11 -57.40 -100.52
C PRO SB 194 -75.87 -56.42 -99.39
N VAL SB 195 -74.69 -56.43 -98.78
CA VAL SB 195 -74.47 -55.79 -97.50
C VAL SB 195 -74.36 -54.28 -97.68
N TYR SB 196 -75.33 -53.56 -97.12
CA TYR SB 196 -75.27 -52.11 -96.98
C TYR SB 196 -75.12 -51.77 -95.51
N ALA SB 197 -73.87 -51.76 -95.06
CA ALA SB 197 -73.53 -51.60 -93.65
C ALA SB 197 -73.12 -50.16 -93.38
N THR SB 198 -73.92 -49.45 -92.58
CA THR SB 198 -73.62 -48.10 -92.16
C THR SB 198 -73.37 -48.11 -90.66
N LEU SB 199 -72.22 -47.58 -90.26
CA LEU SB 199 -71.74 -47.73 -88.89
C LEU SB 199 -71.37 -46.36 -88.32
N LYS SB 200 -71.77 -46.15 -87.08
CA LYS SB 200 -71.37 -44.97 -86.31
C LYS SB 200 -70.30 -45.39 -85.30
N ILE SB 201 -69.12 -44.79 -85.43
CA ILE SB 201 -67.93 -45.25 -84.72
C ILE SB 201 -67.45 -44.10 -83.84
N ARG SB 202 -67.79 -44.13 -82.56
CA ARG SB 202 -67.29 -43.14 -81.62
C ARG SB 202 -65.93 -43.56 -81.07
N ILE SB 203 -64.95 -42.66 -81.16
CA ILE SB 203 -63.71 -42.77 -80.39
C ILE SB 203 -63.66 -41.57 -79.46
N TYR SB 204 -63.68 -41.82 -78.15
CA TYR SB 204 -63.42 -40.77 -77.17
C TYR SB 204 -62.18 -41.14 -76.39
N PHE SB 205 -61.32 -40.15 -76.18
CA PHE SB 205 -59.96 -40.39 -75.72
C PHE SB 205 -59.42 -39.18 -74.93
N PRO TB 16 -44.03 -67.85 -69.27
CA PRO TB 16 -45.28 -67.73 -68.51
C PRO TB 16 -46.45 -68.47 -69.16
N ASP TB 17 -46.21 -69.12 -70.29
CA ASP TB 17 -47.26 -69.77 -71.06
C ASP TB 17 -47.01 -71.28 -71.22
N ILE TB 18 -45.78 -71.67 -71.50
CA ILE TB 18 -45.44 -73.03 -71.93
C ILE TB 18 -44.80 -73.84 -70.81
N PRO TB 19 -45.07 -75.14 -70.73
CA PRO TB 19 -44.41 -75.98 -69.72
C PRO TB 19 -43.19 -76.74 -70.20
N ARG TB 20 -42.78 -76.61 -71.47
CA ARG TB 20 -41.78 -77.51 -72.05
C ARG TB 20 -40.44 -76.84 -72.32
N GLY TB 21 -40.42 -75.78 -73.14
CA GLY TB 21 -39.17 -75.18 -73.57
C GLY TB 21 -39.38 -73.78 -74.12
N CYS TB 22 -38.33 -72.96 -73.99
CA CYS TB 22 -38.40 -71.52 -74.23
C CYS TB 22 -38.37 -71.14 -75.71
N GLU TB 23 -38.64 -72.08 -76.61
CA GLU TB 23 -38.86 -71.75 -78.01
C GLU TB 23 -40.11 -70.90 -78.17
N GLY TB 24 -40.17 -70.17 -79.28
CA GLY TB 24 -41.36 -69.41 -79.63
C GLY TB 24 -42.50 -70.35 -79.96
N PRO TB 25 -43.72 -70.00 -79.51
CA PRO TB 25 -44.88 -70.85 -79.81
C PRO TB 25 -45.26 -70.79 -81.27
N CYS TB 26 -44.53 -71.55 -82.09
CA CYS TB 26 -44.61 -71.43 -83.54
C CYS TB 26 -45.90 -72.03 -84.07
N LYS TB 27 -46.52 -71.35 -85.03
CA LYS TB 27 -47.77 -71.78 -85.62
C LYS TB 27 -47.51 -72.70 -86.80
N VAL TB 28 -48.21 -73.84 -86.82
CA VAL TB 28 -48.27 -74.71 -87.99
C VAL TB 28 -49.74 -74.94 -88.28
N GLN TB 29 -50.24 -74.29 -89.33
CA GLN TB 29 -51.66 -74.27 -89.62
C GLN TB 29 -52.00 -75.25 -90.74
N SER TB 30 -52.98 -76.10 -90.45
CA SER TB 30 -53.46 -77.08 -91.42
C SER TB 30 -54.78 -76.54 -91.97
N PHE TB 31 -54.67 -75.62 -92.93
CA PHE TB 31 -55.87 -75.17 -93.61
C PHE TB 31 -56.36 -76.28 -94.55
N GLU TB 32 -57.67 -76.41 -94.61
CA GLU TB 32 -58.30 -77.26 -95.61
C GLU TB 32 -59.31 -76.44 -96.41
N GLN TB 33 -59.41 -76.77 -97.69
CA GLN TB 33 -60.53 -76.35 -98.53
C GLN TB 33 -61.09 -77.67 -99.06
N ARG TB 34 -61.91 -78.31 -98.24
CA ARG TB 34 -62.31 -79.69 -98.46
C ARG TB 34 -63.80 -79.87 -98.21
N ASP TB 35 -64.23 -81.13 -98.16
CA ASP TB 35 -65.57 -81.51 -97.75
C ASP TB 35 -65.46 -82.86 -97.05
N ASP TB 36 -66.60 -83.53 -96.91
CA ASP TB 36 -66.59 -84.87 -96.34
C ASP TB 36 -67.61 -85.72 -97.11
N VAL TB 37 -67.81 -86.94 -96.61
CA VAL TB 37 -68.92 -87.77 -97.03
C VAL TB 37 -69.72 -88.05 -95.76
N LYS TB 38 -70.75 -88.90 -95.85
CA LYS TB 38 -71.50 -89.25 -94.66
C LYS TB 38 -70.65 -90.01 -93.66
N HIS TB 39 -69.80 -90.91 -94.14
CA HIS TB 39 -69.06 -91.80 -93.25
C HIS TB 39 -67.90 -91.10 -92.57
N LEU TB 40 -67.09 -90.37 -93.35
CA LEU TB 40 -65.82 -89.92 -92.81
C LEU TB 40 -65.34 -88.65 -93.48
N GLY TB 41 -64.80 -87.75 -92.65
CA GLY TB 41 -63.87 -86.75 -93.13
C GLY TB 41 -62.62 -86.85 -92.27
N ILE TB 42 -61.52 -87.31 -92.86
CA ILE TB 42 -60.33 -87.66 -92.09
C ILE TB 42 -59.28 -86.57 -92.26
N CYS TB 43 -58.71 -86.15 -91.12
CA CYS TB 43 -57.71 -85.09 -91.12
C CYS TB 43 -56.71 -85.39 -90.01
N LYS TB 44 -55.55 -85.96 -90.38
CA LYS TB 44 -54.41 -85.91 -89.47
C LYS TB 44 -53.88 -84.49 -89.45
N VAL TB 45 -53.99 -83.84 -88.27
CA VAL TB 45 -53.72 -82.42 -88.19
C VAL TB 45 -52.22 -82.17 -88.03
N ILE TB 46 -51.47 -83.19 -87.63
CA ILE TB 46 -50.05 -83.06 -87.33
C ILE TB 46 -49.21 -83.56 -88.53
N SER TB 47 -49.80 -83.55 -89.72
CA SER TB 47 -49.26 -84.31 -90.85
C SER TB 47 -48.03 -83.63 -91.44
N ASP TB 48 -48.17 -82.40 -91.91
CA ASP TB 48 -47.15 -81.72 -92.68
C ASP TB 48 -46.04 -81.09 -91.83
N VAL TB 49 -45.85 -81.52 -90.59
CA VAL TB 49 -44.86 -80.91 -89.70
C VAL TB 49 -43.55 -81.67 -89.90
N THR TB 50 -42.64 -81.11 -90.69
CA THR TB 50 -41.34 -81.70 -90.98
C THR TB 50 -40.25 -80.92 -90.25
N ARG TB 51 -39.05 -81.51 -90.22
CA ARG TB 51 -37.92 -80.82 -89.62
C ARG TB 51 -37.42 -79.72 -90.54
N GLY TB 52 -37.25 -78.53 -89.97
CA GLY TB 52 -36.75 -77.39 -90.70
C GLY TB 52 -36.54 -76.19 -89.81
N PRO TB 53 -35.84 -75.17 -90.31
CA PRO TB 53 -35.57 -73.98 -89.49
C PRO TB 53 -36.76 -73.04 -89.37
N GLY TB 54 -37.73 -73.10 -90.29
CA GLY TB 54 -38.84 -72.19 -90.25
C GLY TB 54 -39.82 -72.48 -89.14
N LEU TB 55 -40.75 -71.54 -88.93
CA LEU TB 55 -41.75 -71.69 -87.89
C LEU TB 55 -42.92 -72.56 -88.31
N THR TB 56 -42.99 -72.95 -89.58
CA THR TB 56 -43.92 -73.99 -90.03
C THR TB 56 -43.29 -75.37 -89.96
N HIS TB 57 -42.33 -75.58 -89.06
CA HIS TB 57 -41.53 -76.78 -89.00
C HIS TB 57 -41.34 -77.16 -87.53
N ARG TB 58 -40.41 -78.07 -87.28
CA ARG TB 58 -40.22 -78.62 -85.95
C ARG TB 58 -38.73 -78.81 -85.66
N VAL TB 59 -38.40 -78.86 -84.38
CA VAL TB 59 -37.05 -79.15 -83.90
C VAL TB 59 -37.11 -80.44 -83.09
N GLY TB 60 -36.51 -81.50 -83.63
CA GLY TB 60 -36.52 -82.79 -82.97
C GLY TB 60 -37.75 -83.61 -83.28
N LYS TB 61 -38.25 -84.35 -82.28
CA LYS TB 61 -39.41 -85.19 -82.49
C LYS TB 61 -40.36 -85.17 -81.29
N ARG TB 62 -40.30 -84.10 -80.49
CA ARG TB 62 -41.13 -83.95 -79.30
C ARG TB 62 -41.98 -82.70 -79.39
N PHE TB 63 -43.29 -82.86 -79.22
CA PHE TB 63 -44.23 -81.76 -79.24
C PHE TB 63 -44.91 -81.63 -77.88
N CYS TB 64 -45.38 -80.42 -77.59
CA CYS TB 64 -46.40 -80.18 -76.57
C CYS TB 64 -47.35 -79.15 -77.18
N ILE TB 65 -48.43 -79.64 -77.79
CA ILE TB 65 -49.41 -78.77 -78.42
C ILE TB 65 -50.12 -77.97 -77.33
N LYS TB 66 -49.94 -76.65 -77.37
CA LYS TB 66 -50.59 -75.79 -76.38
C LYS TB 66 -52.10 -75.71 -76.63
N SER TB 67 -52.49 -75.36 -77.85
CA SER TB 67 -53.91 -75.27 -78.14
C SER TB 67 -54.14 -75.48 -79.64
N ILE TB 68 -55.28 -76.10 -79.95
CA ILE TB 68 -55.81 -76.16 -81.31
C ILE TB 68 -56.89 -75.10 -81.43
N TYR TB 69 -56.74 -74.22 -82.41
CA TYR TB 69 -57.66 -73.12 -82.66
C TYR TB 69 -58.38 -73.40 -83.98
N ILE TB 70 -59.63 -73.81 -83.87
CA ILE TB 70 -60.40 -74.26 -85.04
C ILE TB 70 -61.26 -73.12 -85.53
N LEU TB 71 -60.89 -72.55 -86.67
CA LEU TB 71 -61.78 -71.73 -87.46
C LEU TB 71 -62.49 -72.61 -88.50
N GLY TB 72 -63.55 -72.06 -89.09
CA GLY TB 72 -64.22 -72.81 -90.13
C GLY TB 72 -65.60 -72.32 -90.48
N LYS TB 73 -65.91 -72.34 -91.76
CA LYS TB 73 -67.25 -72.05 -92.26
C LYS TB 73 -67.81 -73.29 -92.94
N ILE TB 74 -68.99 -73.72 -92.50
CA ILE TB 74 -69.59 -74.98 -92.91
C ILE TB 74 -70.86 -74.65 -93.66
N TRP TB 75 -70.86 -74.82 -94.98
CA TRP TB 75 -72.00 -74.42 -95.78
C TRP TB 75 -72.50 -75.58 -96.64
N LEU TB 76 -73.58 -75.29 -97.35
CA LEU TB 76 -74.09 -76.10 -98.45
C LEU TB 76 -74.53 -75.24 -99.62
N ASP TB 77 -73.94 -74.05 -99.79
CA ASP TB 77 -74.51 -73.00 -100.64
C ASP TB 77 -74.12 -73.19 -102.11
N GLU TB 78 -73.75 -74.40 -102.50
CA GLU TB 78 -73.76 -74.80 -103.89
C GLU TB 78 -75.20 -74.76 -104.40
N THR TB 79 -75.38 -74.59 -105.72
CA THR TB 79 -76.71 -74.46 -106.31
C THR TB 79 -77.54 -75.75 -106.27
N ILE TB 80 -76.94 -76.85 -105.81
CA ILE TB 80 -77.62 -78.14 -105.67
C ILE TB 80 -77.63 -78.38 -104.16
N LYS TB 81 -78.16 -79.54 -103.73
CA LYS TB 81 -78.28 -79.98 -102.34
C LYS TB 81 -79.23 -79.09 -101.54
N LYS TB 82 -80.27 -78.59 -102.20
CA LYS TB 82 -81.45 -78.09 -101.51
C LYS TB 82 -82.48 -79.16 -101.22
N GLN TB 83 -82.57 -80.20 -102.06
CA GLN TB 83 -83.32 -81.40 -101.72
C GLN TB 83 -82.46 -82.32 -100.86
N ASN TB 84 -83.12 -83.33 -100.25
CA ASN TB 84 -82.54 -84.29 -99.30
C ASN TB 84 -81.84 -83.56 -98.16
N HIS TB 85 -82.50 -82.52 -97.66
CA HIS TB 85 -81.87 -81.50 -96.84
C HIS TB 85 -81.97 -81.77 -95.34
N THR TB 86 -81.65 -80.74 -94.54
CA THR TB 86 -81.59 -80.74 -93.08
C THR TB 86 -80.59 -81.73 -92.51
N ASN TB 87 -79.30 -81.52 -92.75
CA ASN TB 87 -78.24 -82.33 -92.17
C ASN TB 87 -77.46 -81.48 -91.17
N ASN TB 88 -76.79 -82.15 -90.23
CA ASN TB 88 -75.95 -81.47 -89.26
C ASN TB 88 -74.59 -82.15 -89.16
N VAL TB 89 -73.63 -81.43 -88.60
CA VAL TB 89 -72.23 -81.86 -88.56
C VAL TB 89 -71.84 -82.04 -87.10
N ILE TB 90 -71.31 -83.22 -86.77
CA ILE TB 90 -70.76 -83.50 -85.45
C ILE TB 90 -69.25 -83.63 -85.60
N PHE TB 91 -68.51 -82.82 -84.86
CA PHE TB 91 -67.06 -82.91 -84.93
C PHE TB 91 -66.52 -83.84 -83.85
N TYR TB 92 -65.35 -84.41 -84.14
CA TYR TB 92 -64.69 -85.35 -83.23
C TYR TB 92 -63.21 -85.04 -83.21
N LEU TB 93 -62.70 -84.71 -82.03
CA LEU TB 93 -61.28 -84.42 -81.84
C LEU TB 93 -60.75 -85.46 -80.86
N LEU TB 94 -60.00 -86.43 -81.39
CA LEU TB 94 -59.65 -87.62 -80.63
C LEU TB 94 -58.18 -87.58 -80.22
N ARG TB 95 -57.89 -88.08 -79.01
CA ARG TB 95 -56.51 -88.32 -78.60
C ARG TB 95 -56.16 -89.76 -78.97
N ASP TB 96 -55.31 -89.92 -79.98
CA ASP TB 96 -54.92 -91.23 -80.47
C ASP TB 96 -53.78 -91.80 -79.62
N ARG TB 97 -53.71 -93.13 -79.57
CA ARG TB 97 -52.72 -93.82 -78.76
C ARG TB 97 -51.60 -94.45 -79.59
N ARG TB 98 -51.83 -94.86 -80.84
CA ARG TB 98 -50.83 -95.52 -81.66
C ARG TB 98 -51.17 -95.30 -83.12
N PRO TB 99 -50.17 -95.21 -84.00
CA PRO TB 99 -50.46 -95.10 -85.44
C PRO TB 99 -50.36 -96.44 -86.15
N TYR TB 100 -50.88 -96.49 -87.38
CA TYR TB 100 -50.58 -97.58 -88.32
C TYR TB 100 -50.41 -96.94 -89.69
N GLY TB 101 -49.18 -96.50 -89.99
CA GLY TB 101 -48.86 -95.89 -91.28
C GLY TB 101 -49.65 -94.63 -91.57
N ASN TB 102 -50.61 -94.77 -92.48
CA ASN TB 102 -51.55 -93.69 -92.80
C ASN TB 102 -52.67 -93.63 -91.76
N ALA TB 103 -53.73 -92.89 -92.07
CA ALA TB 103 -54.85 -92.75 -91.16
C ALA TB 103 -55.71 -94.02 -91.19
N PRO TB 104 -56.22 -94.48 -90.04
CA PRO TB 104 -57.08 -95.67 -90.03
C PRO TB 104 -58.49 -95.36 -90.49
N GLN TB 105 -59.37 -96.36 -90.40
CA GLN TB 105 -60.77 -96.20 -90.78
C GLN TB 105 -61.49 -95.31 -89.77
N ASP TB 106 -62.70 -94.89 -90.13
CA ASP TB 106 -63.59 -94.24 -89.18
C ASP TB 106 -64.73 -95.16 -88.75
N PHE TB 107 -65.53 -95.62 -89.71
CA PHE TB 107 -66.72 -96.41 -89.38
C PHE TB 107 -66.35 -97.80 -88.87
N GLY TB 108 -65.19 -98.30 -89.28
CA GLY TB 108 -64.65 -99.51 -88.70
C GLY TB 108 -63.83 -99.32 -87.45
N GLN TB 109 -63.70 -98.07 -86.98
CA GLN TB 109 -62.94 -97.78 -85.77
C GLN TB 109 -63.82 -97.25 -84.65
N ILE TB 110 -64.59 -96.19 -84.88
CA ILE TB 110 -65.62 -95.83 -83.92
C ILE TB 110 -66.81 -96.77 -84.11
N PHE TB 111 -67.66 -96.85 -83.06
CA PHE TB 111 -68.45 -98.06 -82.87
C PHE TB 111 -69.69 -98.12 -83.77
N ASN TB 112 -70.61 -97.18 -83.62
CA ASN TB 112 -71.93 -97.37 -84.20
C ASN TB 112 -72.22 -96.21 -85.15
N MET TB 113 -73.44 -96.17 -85.67
CA MET TB 113 -73.80 -95.26 -86.75
C MET TB 113 -74.05 -93.84 -86.23
N PHE TB 114 -72.99 -93.05 -86.27
CA PHE TB 114 -72.92 -91.58 -86.36
C PHE TB 114 -73.31 -90.88 -85.05
N ASP TB 115 -73.77 -91.60 -84.04
CA ASP TB 115 -73.93 -91.09 -82.67
C ASP TB 115 -73.35 -92.13 -81.74
N ASN TB 116 -72.05 -92.01 -81.47
CA ASN TB 116 -71.33 -93.13 -80.89
C ASN TB 116 -70.10 -92.66 -80.12
N GLU TB 117 -69.27 -93.64 -79.79
CA GLU TB 117 -68.00 -93.55 -79.07
C GLU TB 117 -67.04 -94.49 -79.80
N PRO TB 118 -65.75 -94.51 -79.49
CA PRO TB 118 -64.89 -95.57 -80.01
C PRO TB 118 -65.28 -96.94 -79.48
N SER TB 119 -64.88 -97.97 -80.21
CA SER TB 119 -65.26 -99.34 -79.89
C SER TB 119 -64.58 -99.82 -78.62
N THR TB 120 -65.11 -100.90 -78.05
CA THR TB 120 -64.59 -101.47 -76.81
C THR TB 120 -63.21 -102.08 -76.99
N ALA TB 121 -62.89 -102.55 -78.21
CA ALA TB 121 -61.58 -103.13 -78.47
C ALA TB 121 -60.55 -102.12 -78.94
N THR TB 122 -60.89 -100.83 -78.94
CA THR TB 122 -60.02 -99.80 -79.51
C THR TB 122 -59.51 -98.81 -78.47
N ILE TB 123 -59.98 -98.88 -77.22
CA ILE TB 123 -59.59 -97.92 -76.21
C ILE TB 123 -58.15 -98.16 -75.75
N PHE TB 131 -59.41 -95.67 -78.90
CA PHE TB 131 -58.62 -94.44 -78.88
C PHE TB 131 -59.34 -93.42 -78.01
N GLN TB 132 -58.58 -92.58 -77.32
CA GLN TB 132 -59.19 -91.61 -76.43
C GLN TB 132 -59.84 -90.47 -77.21
N VAL TB 133 -60.79 -89.81 -76.55
CA VAL TB 133 -61.56 -88.71 -77.11
C VAL TB 133 -61.14 -87.47 -76.31
N LEU TB 134 -61.17 -86.30 -76.94
CA LEU TB 134 -61.07 -85.08 -76.16
C LEU TB 134 -62.41 -84.36 -76.01
N ARG TB 135 -63.00 -83.90 -77.11
CA ARG TB 135 -64.31 -83.23 -77.07
C ARG TB 135 -65.03 -83.41 -78.41
N LYS TB 136 -66.24 -82.85 -78.48
CA LYS TB 136 -67.09 -82.85 -79.65
C LYS TB 136 -67.53 -81.43 -79.96
N PHE TB 137 -68.18 -81.24 -81.11
CA PHE TB 137 -68.77 -79.95 -81.48
C PHE TB 137 -70.07 -80.21 -82.23
N HIS TB 138 -70.73 -79.11 -82.61
CA HIS TB 138 -71.99 -79.16 -83.35
C HIS TB 138 -71.97 -78.10 -84.44
N ALA TB 139 -72.67 -78.41 -85.55
CA ALA TB 139 -72.88 -77.47 -86.64
C ALA TB 139 -74.12 -77.94 -87.39
N THR TB 140 -75.17 -77.12 -87.40
CA THR TB 140 -76.46 -77.52 -87.95
C THR TB 140 -76.81 -76.63 -89.13
N VAL TB 141 -76.75 -77.18 -90.34
CA VAL TB 141 -77.07 -76.44 -91.55
C VAL TB 141 -78.33 -77.02 -92.19
N VAL TB 142 -79.46 -76.35 -91.96
CA VAL TB 142 -80.74 -76.87 -92.42
C VAL TB 142 -81.33 -75.95 -93.50
N GLY TB 143 -81.13 -76.31 -94.77
CA GLY TB 143 -81.66 -75.49 -95.84
C GLY TB 143 -82.36 -76.26 -96.95
N GLY TB 144 -83.65 -76.04 -97.12
CA GLY TB 144 -84.38 -76.72 -98.17
C GLY TB 144 -84.87 -75.78 -99.26
N LEU TB 145 -86.16 -75.48 -99.25
CA LEU TB 145 -86.73 -74.55 -100.22
C LEU TB 145 -87.66 -73.59 -99.49
N TYR TB 146 -88.01 -72.51 -100.19
CA TYR TB 146 -89.00 -71.48 -99.84
C TYR TB 146 -88.69 -70.69 -98.58
N CYS TB 147 -87.54 -70.86 -97.92
CA CYS TB 147 -87.03 -69.72 -97.16
C CYS TB 147 -85.59 -69.38 -97.58
N MET TB 148 -84.62 -70.32 -97.68
CA MET TB 148 -84.47 -71.59 -96.97
C MET TB 148 -83.62 -71.27 -95.72
N LYS TB 149 -84.16 -71.56 -94.54
CA LYS TB 149 -83.57 -70.96 -93.35
C LYS TB 149 -82.65 -71.95 -92.62
N GLU TB 150 -81.45 -72.09 -93.18
CA GLU TB 150 -80.12 -72.03 -92.54
C GLU TB 150 -79.06 -72.31 -93.59
N GLN TB 151 -77.85 -71.83 -93.33
CA GLN TB 151 -76.70 -71.87 -94.24
C GLN TB 151 -75.42 -71.76 -93.44
N ALA TB 152 -74.35 -71.31 -94.11
CA ALA TB 152 -72.98 -71.19 -93.63
C ALA TB 152 -72.88 -70.64 -92.21
N LEU TB 153 -72.35 -71.46 -91.30
CA LEU TB 153 -72.17 -71.07 -89.91
C LEU TB 153 -70.69 -70.91 -89.63
N VAL TB 154 -70.35 -70.00 -88.72
CA VAL TB 154 -68.95 -69.76 -88.38
C VAL TB 154 -68.68 -70.31 -86.99
N LYS TB 155 -67.60 -71.08 -86.87
CA LYS TB 155 -67.23 -71.70 -85.60
C LYS TB 155 -65.78 -71.36 -85.27
N ARG TB 156 -65.58 -70.73 -84.11
CA ARG TB 156 -64.25 -70.51 -83.56
C ARG TB 156 -64.19 -71.10 -82.16
N PHE TB 157 -63.07 -71.75 -81.84
CA PHE TB 157 -62.92 -72.44 -80.55
C PHE TB 157 -61.46 -72.44 -80.12
N TYR TB 158 -61.17 -71.82 -78.98
CA TYR TB 158 -59.98 -72.18 -78.21
C TYR TB 158 -60.16 -73.59 -77.65
N ARG TB 159 -59.08 -74.39 -77.70
CA ARG TB 159 -59.16 -75.77 -77.21
C ARG TB 159 -57.75 -76.20 -76.79
N LEU TB 160 -57.49 -76.19 -75.48
CA LEU TB 160 -56.18 -76.54 -74.95
C LEU TB 160 -55.97 -78.05 -74.97
N ASN TB 161 -54.75 -78.47 -75.29
CA ASN TB 161 -54.43 -79.89 -75.47
C ASN TB 161 -53.03 -80.14 -74.93
N HIS TB 162 -52.44 -81.27 -75.29
CA HIS TB 162 -51.17 -81.70 -74.68
C HIS TB 162 -50.31 -82.42 -75.72
N HIS TB 163 -49.32 -83.16 -75.25
CA HIS TB 163 -48.09 -83.48 -75.97
C HIS TB 163 -48.29 -84.54 -77.06
N VAL TB 164 -47.37 -84.50 -78.03
CA VAL TB 164 -47.33 -85.39 -79.21
C VAL TB 164 -45.87 -85.80 -79.42
N THR TB 165 -45.62 -87.04 -79.80
CA THR TB 165 -44.28 -87.52 -80.11
C THR TB 165 -44.24 -88.06 -81.54
N TYR TB 166 -43.16 -87.79 -82.26
CA TYR TB 166 -42.86 -88.48 -83.50
C TYR TB 166 -41.82 -89.58 -83.27
N ASN TB 167 -41.92 -90.63 -84.08
CA ASN TB 167 -41.01 -91.77 -83.94
C ASN TB 167 -39.67 -91.48 -84.60
N HIS TB 168 -39.67 -91.28 -85.91
CA HIS TB 168 -38.43 -91.15 -86.65
C HIS TB 168 -37.89 -89.72 -86.54
N GLN TB 169 -36.60 -89.58 -86.83
CA GLN TB 169 -35.92 -88.29 -86.84
C GLN TB 169 -35.87 -87.70 -88.24
N GLU TB 170 -36.81 -88.08 -89.09
CA GLU TB 170 -36.89 -87.64 -90.47
C GLU TB 170 -37.51 -86.25 -90.55
N ALA TB 171 -37.38 -85.64 -91.74
CA ALA TB 171 -38.17 -84.47 -92.09
C ALA TB 171 -39.41 -84.92 -92.87
N GLY TB 172 -40.16 -85.83 -92.25
CA GLY TB 172 -41.21 -86.56 -92.92
C GLY TB 172 -42.61 -86.13 -92.53
N LYS TB 173 -43.58 -86.75 -93.21
CA LYS TB 173 -44.99 -86.45 -93.07
C LYS TB 173 -45.59 -87.35 -91.97
N TYR TB 174 -46.92 -87.48 -91.95
CA TYR TB 174 -47.68 -88.18 -90.92
C TYR TB 174 -47.37 -89.68 -90.80
N GLU TB 175 -46.59 -90.26 -91.70
CA GLU TB 175 -46.43 -91.71 -91.72
C GLU TB 175 -45.55 -92.22 -90.58
N ASN TB 176 -44.64 -91.41 -90.07
CA ASN TB 176 -43.66 -91.85 -89.08
C ASN TB 176 -44.03 -91.50 -87.65
N HIS TB 177 -45.32 -91.58 -87.31
CA HIS TB 177 -45.79 -91.24 -85.98
C HIS TB 177 -45.44 -92.35 -84.96
N THR TB 178 -45.78 -92.07 -83.72
CA THR TB 178 -45.70 -93.01 -82.60
C THR TB 178 -46.83 -92.65 -81.63
N GLU TB 179 -46.68 -93.06 -80.36
CA GLU TB 179 -47.63 -92.79 -79.30
C GLU TB 179 -48.02 -91.32 -79.20
N ASN TB 180 -49.26 -91.10 -78.75
CA ASN TB 180 -49.88 -89.78 -78.52
C ASN TB 180 -49.95 -88.96 -79.82
N ALA TB 181 -50.72 -89.48 -80.77
CA ALA TB 181 -51.17 -88.71 -81.91
C ALA TB 181 -52.53 -88.09 -81.59
N LEU TB 182 -52.97 -87.17 -82.45
CA LEU TB 182 -54.29 -86.57 -82.34
C LEU TB 182 -54.71 -86.06 -83.71
N LEU TB 183 -55.99 -86.23 -84.02
CA LEU TB 183 -56.50 -85.93 -85.35
C LEU TB 183 -58.00 -85.68 -85.26
N LEU TB 184 -58.61 -85.41 -86.41
CA LEU TB 184 -60.02 -85.06 -86.48
C LEU TB 184 -60.81 -86.05 -87.32
N TYR TB 185 -62.09 -86.19 -86.96
CA TYR TB 185 -63.08 -86.84 -87.81
C TYR TB 185 -64.30 -85.94 -87.89
N MET TB 186 -64.87 -85.84 -89.08
CA MET TB 186 -66.10 -85.09 -89.31
C MET TB 186 -67.16 -86.06 -89.81
N ALA TB 187 -68.39 -85.87 -89.35
CA ALA TB 187 -69.45 -86.83 -89.60
C ALA TB 187 -70.71 -86.12 -90.08
N CYS TB 188 -71.29 -86.63 -91.16
CA CYS TB 188 -72.61 -86.22 -91.61
C CYS TB 188 -73.63 -87.25 -91.19
N THR TB 189 -74.88 -86.82 -91.07
CA THR TB 189 -75.94 -87.66 -90.51
C THR TB 189 -77.03 -88.01 -91.52
N HIS TB 190 -76.82 -87.78 -92.81
CA HIS TB 190 -77.81 -88.09 -93.83
C HIS TB 190 -77.12 -88.58 -95.09
N ALA TB 191 -77.88 -89.31 -95.91
CA ALA TB 191 -77.34 -89.99 -97.08
C ALA TB 191 -76.88 -89.03 -98.17
N SER TB 192 -77.48 -87.85 -98.25
CA SER TB 192 -76.97 -86.82 -99.14
C SER TB 192 -75.65 -86.26 -98.59
N ASN TB 193 -74.92 -85.57 -99.46
CA ASN TB 193 -73.69 -84.93 -99.00
C ASN TB 193 -73.73 -83.43 -99.30
N PRO TB 194 -74.43 -82.63 -98.48
CA PRO TB 194 -74.47 -81.18 -98.75
C PRO TB 194 -73.28 -80.45 -98.17
N VAL TB 195 -72.59 -81.03 -97.20
CA VAL TB 195 -71.66 -80.30 -96.33
C VAL TB 195 -70.37 -80.02 -97.10
N TYR TB 196 -70.11 -78.74 -97.33
CA TYR TB 196 -68.82 -78.26 -97.83
C TYR TB 196 -68.16 -77.47 -96.70
N ALA TB 197 -67.44 -78.18 -95.85
CA ALA TB 197 -66.85 -77.62 -94.65
C ALA TB 197 -65.36 -77.34 -94.88
N THR TB 198 -65.00 -76.07 -94.86
CA THR TB 198 -63.61 -75.65 -94.98
C THR TB 198 -63.18 -75.03 -93.67
N LEU TB 199 -62.08 -75.54 -93.10
CA LEU TB 199 -61.69 -75.21 -91.74
C LEU TB 199 -60.23 -74.76 -91.71
N LYS TB 200 -59.98 -73.70 -90.97
CA LYS TB 200 -58.64 -73.23 -90.69
C LYS TB 200 -58.26 -73.64 -89.27
N ILE TB 201 -57.20 -74.43 -89.16
CA ILE TB 201 -56.86 -75.11 -87.91
C ILE TB 201 -55.47 -74.66 -87.50
N ARG TB 202 -55.39 -73.70 -86.58
CA ARG TB 202 -54.10 -73.27 -86.05
C ARG TB 202 -53.68 -74.17 -84.88
N ILE TB 203 -52.46 -74.68 -84.95
CA ILE TB 203 -51.79 -75.25 -83.79
C ILE TB 203 -50.54 -74.41 -83.53
N TYR TB 204 -50.50 -73.75 -82.38
CA TYR TB 204 -49.28 -73.11 -81.93
C TYR TB 204 -48.82 -73.75 -80.63
N PHE TB 205 -47.52 -74.01 -80.55
CA PHE TB 205 -46.95 -74.88 -79.53
C PHE TB 205 -45.52 -74.48 -79.20
N PRO UB 16 -61.26 -92.85 -56.18
CA PRO UB 16 -61.59 -91.42 -56.10
C PRO UB 16 -62.92 -91.08 -56.77
N ASP UB 17 -63.59 -92.08 -57.34
CA ASP UB 17 -64.82 -91.86 -58.11
C ASP UB 17 -66.00 -92.61 -57.51
N ILE UB 18 -65.81 -93.86 -57.10
CA ILE UB 18 -66.90 -94.77 -56.75
C ILE UB 18 -67.05 -94.93 -55.25
N PRO UB 19 -68.28 -95.09 -54.74
CA PRO UB 19 -68.47 -95.32 -53.30
C PRO UB 19 -68.63 -96.79 -52.91
N ARG UB 20 -68.58 -97.74 -53.84
CA ARG UB 20 -69.00 -99.11 -53.56
C ARG UB 20 -67.84 -100.10 -53.54
N GLY UB 21 -67.09 -100.22 -54.64
CA GLY UB 21 -66.07 -101.24 -54.75
C GLY UB 21 -65.09 -100.93 -55.87
N CYS UB 22 -63.86 -101.44 -55.70
CA CYS UB 22 -62.72 -101.06 -56.52
C CYS UB 22 -62.68 -101.75 -57.88
N GLU UB 23 -63.80 -102.32 -58.33
CA GLU UB 23 -63.91 -102.79 -59.71
C GLU UB 23 -63.81 -101.63 -60.68
N GLY UB 24 -63.45 -101.94 -61.92
CA GLY UB 24 -63.45 -100.97 -62.98
C GLY UB 24 -64.86 -100.53 -63.30
N PRO UB 25 -65.05 -99.22 -63.56
CA PRO UB 25 -66.40 -98.73 -63.91
C PRO UB 25 -66.82 -99.20 -65.29
N CYS UB 26 -67.29 -100.44 -65.36
CA CYS UB 26 -67.52 -101.11 -66.63
C CYS UB 26 -68.77 -100.57 -67.32
N LYS UB 27 -68.68 -100.38 -68.63
CA LYS UB 27 -69.77 -99.84 -69.41
C LYS UB 27 -70.67 -100.97 -69.89
N VAL UB 28 -71.98 -100.79 -69.72
CA VAL UB 28 -72.99 -101.63 -70.33
C VAL UB 28 -73.95 -100.71 -71.06
N GLN UB 29 -73.86 -100.67 -72.38
CA GLN UB 29 -74.58 -99.70 -73.18
C GLN UB 29 -75.81 -100.34 -73.82
N SER UB 30 -76.95 -99.72 -73.57
CA SER UB 30 -78.22 -100.17 -74.13
C SER UB 30 -78.52 -99.28 -75.33
N PHE UB 31 -77.89 -99.59 -76.46
CA PHE UB 31 -78.24 -98.90 -77.69
C PHE UB 31 -79.61 -99.35 -78.17
N GLU UB 32 -80.38 -98.40 -78.69
CA GLU UB 32 -81.61 -98.71 -79.37
C GLU UB 32 -81.57 -98.10 -80.77
N GLN UB 33 -82.17 -98.82 -81.71
CA GLN UB 33 -82.54 -98.26 -83.02
C GLN UB 33 -84.03 -98.53 -83.11
N ARG UB 34 -84.80 -97.64 -82.49
CA ARG UB 34 -86.22 -97.88 -82.25
C ARG UB 34 -87.04 -96.64 -82.55
N ASP UB 35 -88.30 -96.67 -82.14
CA ASP UB 35 -89.18 -95.52 -82.17
C ASP UB 35 -90.14 -95.64 -80.99
N ASP UB 36 -91.22 -94.89 -81.02
CA ASP UB 36 -92.24 -95.02 -79.99
C ASP UB 36 -93.61 -94.88 -80.65
N VAL UB 37 -94.64 -94.85 -79.80
CA VAL UB 37 -95.99 -94.47 -80.22
C VAL UB 37 -96.33 -93.24 -79.39
N LYS UB 38 -97.57 -92.76 -79.51
CA LYS UB 38 -97.98 -91.63 -78.68
C LYS UB 38 -98.01 -91.99 -77.21
N HIS UB 39 -98.46 -93.20 -76.88
CA HIS UB 39 -98.68 -93.56 -75.49
C HIS UB 39 -97.37 -93.90 -74.78
N LEU UB 40 -96.53 -94.72 -75.41
CA LEU UB 40 -95.41 -95.27 -74.65
C LEU UB 40 -94.24 -95.62 -75.55
N GLY UB 41 -93.04 -95.31 -75.06
CA GLY UB 41 -91.84 -95.98 -75.50
C GLY UB 41 -91.15 -96.54 -74.27
N ILE UB 42 -91.12 -97.85 -74.12
CA ILE UB 42 -90.67 -98.47 -72.88
C ILE UB 42 -89.27 -99.05 -73.07
N CYS UB 43 -88.41 -98.75 -72.10
CA CYS UB 43 -87.02 -99.20 -72.15
C CYS UB 43 -86.56 -99.48 -70.73
N LYS UB 44 -86.56 -100.76 -70.32
CA LYS UB 44 -85.77 -101.14 -69.16
C LYS UB 44 -84.30 -101.09 -69.54
N VAL UB 45 -83.58 -100.19 -68.90
CA VAL UB 45 -82.21 -99.91 -69.34
C VAL UB 45 -81.24 -100.92 -68.72
N ILE UB 46 -81.65 -101.60 -67.67
CA ILE UB 46 -80.79 -102.51 -66.93
C ILE UB 46 -81.07 -103.97 -67.34
N SER UB 47 -81.60 -104.16 -68.56
CA SER UB 47 -82.22 -105.42 -68.94
C SER UB 47 -81.17 -106.50 -69.23
N ASP UB 48 -80.29 -106.24 -70.19
CA ASP UB 48 -79.38 -107.25 -70.71
C ASP UB 48 -78.13 -107.46 -69.84
N VAL UB 49 -78.15 -107.07 -68.58
CA VAL UB 49 -76.96 -107.19 -67.73
C VAL UB 49 -77.02 -108.55 -67.04
N THR UB 50 -76.26 -109.51 -67.57
CA THR UB 50 -76.20 -110.86 -67.04
C THR UB 50 -74.86 -111.09 -66.36
N ARG UB 51 -74.77 -112.19 -65.60
CA ARG UB 51 -73.51 -112.53 -64.95
C ARG UB 51 -72.53 -113.07 -65.98
N GLY UB 52 -71.31 -112.54 -65.96
CA GLY UB 52 -70.26 -112.97 -66.85
C GLY UB 52 -68.95 -112.27 -66.54
N PRO UB 53 -67.85 -112.78 -67.12
CA PRO UB 53 -66.54 -112.18 -66.85
C PRO UB 53 -66.29 -110.89 -67.62
N GLY UB 54 -67.00 -110.65 -68.71
CA GLY UB 54 -66.76 -109.47 -69.53
C GLY UB 54 -67.25 -108.19 -68.87
N LEU UB 55 -66.85 -107.07 -69.47
CA LEU UB 55 -67.24 -105.76 -68.96
C LEU UB 55 -68.63 -105.35 -69.39
N THR UB 56 -69.27 -106.10 -70.28
CA THR UB 56 -70.70 -105.94 -70.57
C THR UB 56 -71.56 -106.83 -69.68
N HIS UB 57 -71.07 -107.15 -68.49
CA HIS UB 57 -71.69 -108.13 -67.60
C HIS UB 57 -71.61 -107.59 -66.17
N ARG UB 58 -71.88 -108.47 -65.21
CA ARG UB 58 -71.97 -108.07 -63.82
C ARG UB 58 -71.37 -109.13 -62.92
N VAL UB 59 -70.97 -108.72 -61.72
CA VAL UB 59 -70.46 -109.60 -60.68
C VAL UB 59 -71.42 -109.52 -59.50
N GLY UB 60 -72.14 -110.61 -59.24
CA GLY UB 60 -73.10 -110.64 -58.16
C GLY UB 60 -74.46 -110.10 -58.55
N LYS UB 61 -75.11 -109.40 -57.61
CA LYS UB 61 -76.44 -108.87 -57.87
C LYS UB 61 -76.62 -107.47 -57.28
N ARG UB 62 -75.52 -106.75 -57.07
CA ARG UB 62 -75.55 -105.41 -56.48
C ARG UB 62 -74.91 -104.41 -57.43
N PHE UB 63 -75.65 -103.34 -57.74
CA PHE UB 63 -75.16 -102.27 -58.59
C PHE UB 63 -75.10 -100.97 -57.81
N CYS UB 64 -74.24 -100.08 -58.28
CA CYS UB 64 -74.32 -98.64 -57.94
C CYS UB 64 -74.03 -97.90 -59.24
N ILE UB 65 -75.10 -97.56 -59.96
CA ILE UB 65 -74.96 -96.85 -61.23
C ILE UB 65 -74.40 -95.45 -60.97
N LYS UB 66 -73.21 -95.19 -61.49
CA LYS UB 66 -72.58 -93.89 -61.31
C LYS UB 66 -73.29 -92.83 -62.12
N SER UB 67 -73.45 -93.06 -63.43
CA SER UB 67 -74.13 -92.09 -64.27
C SER UB 67 -74.72 -92.77 -65.49
N ILE UB 68 -75.86 -92.25 -65.92
CA ILE UB 68 -76.46 -92.59 -67.21
C ILE UB 68 -76.10 -91.48 -68.19
N TYR UB 69 -75.49 -91.87 -69.31
CA TYR UB 69 -75.05 -90.93 -70.34
C TYR UB 69 -75.92 -91.17 -71.57
N ILE UB 70 -76.86 -90.26 -71.81
CA ILE UB 70 -77.86 -90.43 -72.86
C ILE UB 70 -77.40 -89.67 -74.09
N LEU UB 71 -76.99 -90.40 -75.12
CA LEU UB 71 -76.89 -89.87 -76.47
C LEU UB 71 -78.19 -90.15 -77.21
N GLY UB 72 -78.36 -89.48 -78.34
CA GLY UB 72 -79.54 -89.74 -79.13
C GLY UB 72 -79.87 -88.70 -80.17
N LYS UB 73 -80.31 -89.15 -81.34
CA LYS UB 73 -80.82 -88.28 -82.39
C LYS UB 73 -82.29 -88.60 -82.63
N ILE UB 74 -83.12 -87.57 -82.55
CA ILE UB 74 -84.57 -87.73 -82.59
C ILE UB 74 -85.06 -87.03 -83.84
N TRP UB 75 -85.49 -87.81 -84.84
CA TRP UB 75 -85.87 -87.22 -86.11
C TRP UB 75 -87.27 -87.65 -86.52
N LEU UB 76 -87.70 -87.10 -87.64
CA LEU UB 76 -88.86 -87.56 -88.39
C LEU UB 76 -88.60 -87.57 -89.88
N ASP UB 77 -87.34 -87.73 -90.30
CA ASP UB 77 -86.91 -87.44 -91.66
C ASP UB 77 -87.18 -88.59 -92.62
N GLU UB 78 -88.11 -89.47 -92.28
CA GLU UB 78 -88.75 -90.34 -93.26
C GLU UB 78 -89.53 -89.48 -94.25
N THR UB 79 -89.74 -90.00 -95.46
CA THR UB 79 -90.40 -89.23 -96.53
C THR UB 79 -91.89 -88.97 -96.27
N ILE UB 80 -92.44 -89.53 -95.19
CA ILE UB 80 -93.83 -89.33 -94.80
C ILE UB 80 -93.73 -88.57 -93.47
N LYS UB 81 -94.88 -88.30 -92.83
CA LYS UB 81 -95.01 -87.59 -91.55
C LYS UB 81 -94.55 -86.14 -91.65
N LYS UB 82 -94.77 -85.52 -92.81
CA LYS UB 82 -94.77 -84.07 -92.93
C LYS UB 82 -96.12 -83.45 -92.64
N GLN UB 83 -97.23 -84.16 -92.91
CA GLN UB 83 -98.53 -83.76 -92.43
C GLN UB 83 -98.72 -84.26 -90.99
N ASN UB 84 -99.76 -83.73 -90.32
CA ASN UB 84 -100.10 -83.97 -88.92
C ASN UB 84 -98.90 -83.67 -88.03
N HIS UB 85 -98.23 -82.56 -88.31
CA HIS UB 85 -96.88 -82.28 -87.84
C HIS UB 85 -96.85 -81.49 -86.53
N THR UB 86 -95.65 -80.98 -86.21
CA THR UB 86 -95.32 -80.24 -84.98
C THR UB 86 -95.56 -81.02 -83.70
N ASN UB 87 -94.80 -82.09 -83.49
CA ASN UB 87 -94.85 -82.86 -82.25
C ASN UB 87 -93.54 -82.66 -81.49
N ASN UB 88 -93.59 -82.88 -80.18
CA ASN UB 88 -92.40 -82.81 -79.34
C ASN UB 88 -92.29 -84.03 -78.44
N VAL UB 89 -91.09 -84.25 -77.92
CA VAL UB 89 -90.78 -85.46 -77.14
C VAL UB 89 -90.44 -85.03 -75.73
N ILE UB 90 -91.11 -85.63 -74.75
CA ILE UB 90 -90.81 -85.43 -73.34
C ILE UB 90 -90.22 -86.74 -72.82
N PHE UB 91 -89.02 -86.68 -72.25
CA PHE UB 91 -88.39 -87.87 -71.71
C PHE UB 91 -88.70 -88.01 -70.23
N TYR UB 92 -88.69 -89.24 -69.75
CA TYR UB 92 -88.98 -89.56 -68.36
C TYR UB 92 -87.97 -90.60 -67.89
N LEU UB 93 -87.21 -90.27 -66.86
CA LEU UB 93 -86.23 -91.18 -66.28
C LEU UB 93 -86.66 -91.40 -64.83
N LEU UB 94 -87.22 -92.56 -64.54
CA LEU UB 94 -87.91 -92.81 -63.28
C LEU UB 94 -87.07 -93.72 -62.39
N ARG UB 95 -87.10 -93.45 -61.08
CA ARG UB 95 -86.56 -94.38 -60.10
C ARG UB 95 -87.68 -95.30 -59.66
N ASP UB 96 -87.62 -96.56 -60.07
CA ASP UB 96 -88.65 -97.54 -59.76
C ASP UB 96 -88.39 -98.15 -58.38
N ARG UB 97 -89.49 -98.59 -57.74
CA ARG UB 97 -89.42 -99.16 -56.40
C ARG UB 97 -89.58 -100.67 -56.36
N ARG UB 98 -90.31 -101.27 -57.30
CA ARG UB 98 -90.56 -102.71 -57.30
C ARG UB 98 -90.85 -103.16 -58.72
N PRO UB 99 -90.47 -104.39 -59.07
CA PRO UB 99 -90.82 -104.91 -60.40
C PRO UB 99 -92.06 -105.78 -60.38
N TYR UB 100 -92.62 -106.05 -61.56
CA TYR UB 100 -93.59 -107.14 -61.74
C TYR UB 100 -93.26 -107.83 -63.06
N GLY UB 101 -92.35 -108.80 -63.01
CA GLY UB 101 -91.95 -109.55 -64.18
C GLY UB 101 -91.33 -108.70 -65.27
N ASN UB 102 -92.09 -108.48 -66.34
CA ASN UB 102 -91.71 -107.60 -67.43
C ASN UB 102 -91.99 -106.14 -67.05
N ALA UB 103 -91.93 -105.26 -68.03
CA ALA UB 103 -92.16 -103.84 -67.79
C ALA UB 103 -93.66 -103.58 -67.62
N PRO UB 104 -94.05 -102.71 -66.69
CA PRO UB 104 -95.48 -102.40 -66.51
C PRO UB 104 -96.00 -101.44 -67.57
N GLN UB 105 -97.26 -101.03 -67.42
CA GLN UB 105 -97.87 -100.09 -68.34
C GLN UB 105 -97.24 -98.70 -68.18
N ASP UB 106 -97.56 -97.81 -69.13
CA ASP UB 106 -97.23 -96.40 -68.99
C ASP UB 106 -98.47 -95.57 -68.70
N PHE UB 107 -99.47 -95.60 -69.60
CA PHE UB 107 -100.63 -94.73 -69.46
C PHE UB 107 -101.52 -95.19 -68.30
N GLY UB 108 -101.48 -96.47 -67.96
CA GLY UB 108 -102.13 -96.96 -66.77
C GLY UB 108 -101.29 -96.85 -65.52
N GLN UB 109 -100.07 -96.32 -65.61
CA GLN UB 109 -99.20 -96.17 -64.45
C GLN UB 109 -98.95 -94.71 -64.11
N ILE UB 110 -98.46 -93.90 -65.05
CA ILE UB 110 -98.46 -92.46 -64.83
C ILE UB 110 -99.87 -91.93 -65.05
N PHE UB 111 -100.14 -90.75 -64.49
CA PHE UB 111 -101.51 -90.41 -64.12
C PHE UB 111 -102.34 -89.95 -65.31
N ASN UB 112 -101.96 -88.84 -65.95
CA ASN UB 112 -102.89 -88.18 -66.86
C ASN UB 112 -102.24 -88.11 -68.25
N MET UB 113 -102.91 -87.42 -69.17
CA MET UB 113 -102.54 -87.44 -70.58
C MET UB 113 -101.34 -86.51 -70.86
N PHE UB 114 -100.16 -87.13 -70.81
CA PHE UB 114 -98.91 -86.76 -71.48
C PHE UB 114 -98.22 -85.54 -70.87
N ASP UB 115 -98.84 -84.85 -69.92
CA ASP UB 115 -98.20 -83.84 -69.09
C ASP UB 115 -98.61 -84.11 -67.66
N ASN UB 116 -97.82 -84.93 -66.96
CA ASN UB 116 -98.30 -85.53 -65.73
C ASN UB 116 -97.15 -85.94 -64.83
N GLU UB 117 -97.51 -86.71 -63.81
CA GLU UB 117 -96.67 -87.29 -62.78
C GLU UB 117 -97.16 -88.73 -62.59
N PRO UB 118 -96.47 -89.58 -61.83
CA PRO UB 118 -97.07 -90.86 -61.45
C PRO UB 118 -98.30 -90.69 -60.58
N SER UB 119 -99.15 -91.72 -60.59
CA SER UB 119 -100.42 -91.68 -59.90
C SER UB 119 -100.23 -91.68 -58.38
N THR UB 120 -101.30 -91.30 -57.67
CA THR UB 120 -101.25 -91.21 -56.22
C THR UB 120 -101.15 -92.58 -55.56
N ALA UB 121 -101.64 -93.63 -56.22
CA ALA UB 121 -101.56 -94.98 -55.69
C ALA UB 121 -100.30 -95.72 -56.09
N THR UB 122 -99.36 -95.05 -56.78
CA THR UB 122 -98.19 -95.71 -57.33
C THR UB 122 -96.89 -95.24 -56.71
N ILE UB 123 -96.92 -94.23 -55.84
CA ILE UB 123 -95.69 -93.68 -55.27
C ILE UB 123 -95.09 -94.63 -54.23
N PHE UB 131 -94.26 -94.57 -58.37
CA PHE UB 131 -92.83 -94.79 -58.55
C PHE UB 131 -92.13 -93.45 -58.56
N GLN UB 132 -90.90 -93.41 -58.07
CA GLN UB 132 -90.19 -92.14 -57.98
C GLN UB 132 -89.70 -91.70 -59.36
N VAL UB 133 -89.47 -90.40 -59.48
CA VAL UB 133 -89.01 -89.75 -60.69
C VAL UB 133 -87.60 -89.26 -60.42
N LEU UB 134 -86.75 -89.21 -61.44
CA LEU UB 134 -85.50 -88.48 -61.28
C LEU UB 134 -85.51 -87.13 -61.99
N ARG UB 135 -85.63 -87.12 -63.33
CA ARG UB 135 -85.70 -85.87 -64.09
C ARG UB 135 -86.48 -86.08 -65.39
N LYS UB 136 -86.59 -85.00 -66.15
CA LYS UB 136 -87.26 -84.97 -67.45
C LYS UB 136 -86.33 -84.36 -68.48
N PHE UB 137 -86.73 -84.41 -69.75
CA PHE UB 137 -85.99 -83.74 -70.83
C PHE UB 137 -87.00 -83.21 -71.85
N HIS UB 138 -86.47 -82.55 -72.89
CA HIS UB 138 -87.28 -82.00 -73.96
C HIS UB 138 -86.61 -82.26 -75.30
N ALA UB 139 -87.44 -82.42 -76.33
CA ALA UB 139 -86.97 -82.54 -77.71
C ALA UB 139 -88.12 -82.13 -78.60
N THR UB 140 -87.95 -81.06 -79.37
CA THR UB 140 -89.01 -80.47 -80.17
C THR UB 140 -88.67 -80.55 -81.64
N VAL UB 141 -89.38 -81.42 -82.36
CA VAL UB 141 -89.15 -81.60 -83.79
C VAL UB 141 -90.40 -81.14 -84.56
N VAL UB 142 -90.32 -79.92 -85.10
CA VAL UB 142 -91.49 -79.34 -85.77
C VAL UB 142 -91.22 -79.17 -87.27
N GLY UB 143 -91.69 -80.13 -88.07
CA GLY UB 143 -91.48 -80.02 -89.49
C GLY UB 143 -92.70 -80.33 -90.35
N GLY UB 144 -93.17 -79.33 -91.09
CA GLY UB 144 -94.34 -79.55 -91.94
C GLY UB 144 -94.00 -79.46 -93.41
N LEU UB 145 -94.36 -78.36 -94.06
CA LEU UB 145 -94.04 -78.14 -95.46
C LEU UB 145 -93.54 -76.72 -95.65
N TYR UB 146 -92.93 -76.50 -96.81
CA TYR UB 146 -92.47 -75.21 -97.35
C TYR UB 146 -91.38 -74.52 -96.54
N CYS UB 147 -90.83 -75.12 -95.48
CA CYS UB 147 -89.46 -74.74 -95.15
C CYS UB 147 -88.56 -75.99 -95.07
N MET UB 148 -88.90 -77.10 -94.38
CA MET UB 148 -89.76 -77.23 -93.18
C MET UB 148 -88.81 -77.12 -91.98
N LYS UB 149 -89.07 -76.14 -91.10
CA LYS UB 149 -88.03 -75.79 -90.16
C LYS UB 149 -88.27 -76.41 -88.78
N GLU UB 150 -87.92 -77.70 -88.69
CA GLU UB 150 -87.10 -78.38 -87.68
C GLU UB 150 -87.05 -79.86 -88.00
N GLN UB 151 -85.99 -80.51 -87.52
CA GLN UB 151 -85.66 -81.90 -87.79
C GLN UB 151 -84.78 -82.45 -86.67
N ALA UB 152 -84.02 -83.51 -87.00
CA ALA UB 152 -83.15 -84.28 -86.12
C ALA UB 152 -82.34 -83.42 -85.15
N LEU UB 153 -82.59 -83.60 -83.87
CA LEU UB 153 -81.88 -82.87 -82.82
C LEU UB 153 -80.95 -83.82 -82.08
N VAL UB 154 -79.83 -83.31 -81.60
CA VAL UB 154 -78.87 -84.14 -80.87
C VAL UB 154 -78.93 -83.79 -79.40
N LYS UB 155 -79.02 -84.80 -78.54
CA LYS UB 155 -79.11 -84.60 -77.10
C LYS UB 155 -78.05 -85.44 -76.40
N ARG UB 156 -77.17 -84.78 -75.65
CA ARG UB 156 -76.23 -85.45 -74.77
C ARG UB 156 -76.40 -84.93 -73.35
N PHE UB 157 -76.35 -85.83 -72.38
CA PHE UB 157 -76.60 -85.47 -70.98
C PHE UB 157 -75.79 -86.38 -70.06
N TYR UB 158 -74.89 -85.78 -69.27
CA TYR UB 158 -74.46 -86.42 -68.03
C TYR UB 158 -75.61 -86.42 -67.04
N ARG UB 159 -75.78 -87.53 -66.32
CA ARG UB 159 -76.88 -87.64 -65.36
C ARG UB 159 -76.47 -88.64 -64.28
N LEU UB 160 -76.07 -88.14 -63.11
CA LEU UB 160 -75.63 -88.99 -62.02
C LEU UB 160 -76.81 -89.63 -61.31
N ASN UB 161 -76.64 -90.89 -60.91
CA ASN UB 161 -77.73 -91.68 -60.33
C ASN UB 161 -77.15 -92.56 -59.23
N HIS UB 162 -77.90 -93.57 -58.80
CA HIS UB 162 -77.52 -94.37 -57.63
C HIS UB 162 -77.94 -95.83 -57.83
N HIS UB 163 -77.98 -96.59 -56.75
CA HIS UB 163 -77.81 -98.03 -56.71
C HIS UB 163 -79.03 -98.80 -57.22
N VAL UB 164 -78.76 -100.02 -57.68
CA VAL UB 164 -79.74 -100.97 -58.23
C VAL UB 164 -79.42 -102.34 -57.67
N THR UB 165 -80.45 -103.14 -57.35
CA THR UB 165 -80.27 -104.49 -56.87
C THR UB 165 -81.01 -105.46 -57.78
N TYR UB 166 -80.41 -106.61 -58.05
CA TYR UB 166 -81.11 -107.75 -58.66
C TYR UB 166 -81.50 -108.77 -57.59
N ASN UB 167 -82.62 -109.45 -57.84
CA ASN UB 167 -83.11 -110.44 -56.88
C ASN UB 167 -82.34 -111.76 -57.01
N HIS UB 168 -82.47 -112.41 -58.17
CA HIS UB 168 -81.90 -113.73 -58.33
C HIS UB 168 -80.41 -113.65 -58.65
N GLN UB 169 -79.72 -114.78 -58.42
CA GLN UB 169 -78.30 -114.91 -58.72
C GLN UB 169 -78.07 -115.53 -60.09
N GLU UB 170 -79.03 -115.36 -61.00
CA GLU UB 170 -78.98 -115.92 -62.33
C GLU UB 170 -78.13 -115.05 -63.24
N ALA UB 171 -77.79 -115.60 -64.40
CA ALA UB 171 -77.26 -114.80 -65.51
C ALA UB 171 -78.40 -114.39 -66.44
N GLY UB 172 -79.40 -113.75 -65.84
CA GLY UB 172 -80.68 -113.53 -66.49
C GLY UB 172 -80.90 -112.09 -66.92
N LYS UB 173 -82.04 -111.90 -67.58
CA LYS UB 173 -82.45 -110.62 -68.14
C LYS UB 173 -83.26 -109.84 -67.11
N TYR UB 174 -84.01 -108.83 -67.56
CA TYR UB 174 -84.76 -107.89 -66.72
C TYR UB 174 -85.85 -108.53 -65.86
N GLU UB 175 -86.16 -109.81 -66.04
CA GLU UB 175 -87.32 -110.40 -65.38
C GLU UB 175 -87.09 -110.64 -63.88
N ASN UB 176 -85.85 -110.81 -63.46
CA ASN UB 176 -85.54 -111.19 -62.07
C ASN UB 176 -85.13 -110.00 -61.20
N HIS UB 177 -85.74 -108.84 -61.40
CA HIS UB 177 -85.40 -107.65 -60.65
C HIS UB 177 -85.95 -107.72 -59.21
N THR UB 178 -85.62 -106.69 -58.45
CA THR UB 178 -86.14 -106.44 -57.10
C THR UB 178 -86.18 -104.93 -56.91
N GLU UB 179 -86.19 -104.48 -55.64
CA GLU UB 179 -86.20 -103.07 -55.27
C GLU UB 179 -85.11 -102.26 -55.98
N ASN UB 180 -85.43 -100.97 -56.20
CA ASN UB 180 -84.56 -99.96 -56.82
C ASN UB 180 -84.17 -100.36 -58.24
N ALA UB 181 -85.20 -100.44 -59.10
CA ALA UB 181 -85.00 -100.46 -60.54
C ALA UB 181 -85.07 -99.04 -61.07
N LEU UB 182 -84.67 -98.88 -62.33
CA LEU UB 182 -84.78 -97.59 -63.02
C LEU UB 182 -84.84 -97.84 -64.51
N LEU UB 183 -85.66 -97.06 -65.21
CA LEU UB 183 -85.94 -97.29 -66.61
C LEU UB 183 -86.44 -95.99 -67.23
N LEU UB 184 -86.75 -96.05 -68.53
CA LEU UB 184 -87.14 -94.87 -69.29
C LEU UB 184 -88.54 -95.02 -69.86
N TYR UB 185 -89.21 -93.87 -70.01
CA TYR UB 185 -90.41 -93.76 -70.82
C TYR UB 185 -90.26 -92.57 -71.74
N MET UB 186 -90.69 -92.74 -72.98
CA MET UB 186 -90.71 -91.67 -73.98
C MET UB 186 -92.15 -91.41 -74.38
N ALA UB 187 -92.48 -90.13 -74.57
CA ALA UB 187 -93.87 -89.74 -74.79
C ALA UB 187 -93.98 -88.79 -75.98
N CYS UB 188 -94.92 -89.09 -76.87
CA CYS UB 188 -95.30 -88.18 -77.93
C CYS UB 188 -96.59 -87.46 -77.54
N THR UB 189 -96.81 -86.29 -78.13
CA THR UB 189 -97.92 -85.43 -77.73
C THR UB 189 -98.95 -85.23 -78.83
N HIS UB 190 -98.92 -86.02 -79.89
CA HIS UB 190 -99.88 -85.89 -80.98
C HIS UB 190 -100.22 -87.27 -81.53
N ALA UB 191 -101.39 -87.34 -82.19
CA ALA UB 191 -101.95 -88.61 -82.63
C ALA UB 191 -101.14 -89.25 -83.74
N SER UB 192 -100.44 -88.46 -84.55
CA SER UB 192 -99.51 -89.02 -85.51
C SER UB 192 -98.28 -89.58 -84.79
N ASN UB 193 -97.53 -90.40 -85.50
CA ASN UB 193 -96.29 -90.92 -84.92
C ASN UB 193 -95.10 -90.58 -85.81
N PRO UB 194 -94.60 -89.34 -85.78
CA PRO UB 194 -93.43 -89.01 -86.62
C PRO UB 194 -92.11 -89.39 -85.98
N VAL UB 195 -92.07 -89.59 -84.67
CA VAL UB 195 -90.82 -89.63 -83.92
C VAL UB 195 -90.11 -90.95 -84.16
N TYR UB 196 -88.95 -90.88 -84.79
CA TYR UB 196 -88.02 -92.01 -84.90
C TYR UB 196 -86.78 -91.67 -84.06
N ALA UB 197 -86.87 -92.00 -82.78
CA ALA UB 197 -85.85 -91.63 -81.80
C ALA UB 197 -84.95 -92.83 -81.53
N THR UB 198 -83.68 -92.71 -81.90
CA THR UB 198 -82.68 -93.73 -81.64
C THR UB 198 -81.67 -93.15 -80.65
N LEU UB 199 -81.45 -93.86 -79.56
CA LEU UB 199 -80.69 -93.35 -78.43
C LEU UB 199 -79.60 -94.32 -78.03
N LYS UB 200 -78.42 -93.77 -77.77
CA LYS UB 200 -77.31 -94.53 -77.22
C LYS UB 200 -77.17 -94.19 -75.73
N ILE UB 201 -77.31 -95.21 -74.90
CA ILE UB 201 -77.46 -95.02 -73.45
C ILE UB 201 -76.32 -95.74 -72.77
N ARG UB 202 -75.27 -95.01 -72.39
CA ARG UB 202 -74.18 -95.58 -71.63
C ARG UB 202 -74.48 -95.56 -70.14
N ILE UB 203 -74.34 -96.71 -69.49
CA ILE UB 203 -74.26 -96.80 -68.05
C ILE UB 203 -72.89 -97.36 -67.70
N TYR UB 204 -72.07 -96.57 -67.03
CA TYR UB 204 -70.83 -97.08 -66.46
C TYR UB 204 -70.88 -96.94 -64.95
N PHE UB 205 -70.46 -97.99 -64.26
CA PHE UB 205 -70.70 -98.14 -62.83
C PHE UB 205 -69.61 -98.98 -62.16
N PRO VB 16 -87.30 -47.31 -46.01
CA PRO VB 16 -86.29 -48.27 -46.46
C PRO VB 16 -86.12 -48.30 -47.97
N ASP VB 17 -86.90 -47.48 -48.69
CA ASP VB 17 -86.90 -47.49 -50.14
C ASP VB 17 -86.51 -46.14 -50.73
N ILE VB 18 -87.01 -45.04 -50.17
CA ILE VB 18 -86.92 -43.71 -50.78
C ILE VB 18 -85.87 -42.85 -50.10
N PRO VB 19 -85.17 -41.98 -50.84
CA PRO VB 19 -84.20 -41.07 -50.23
C PRO VB 19 -84.72 -39.68 -49.95
N ARG VB 20 -85.98 -39.36 -50.26
CA ARG VB 20 -86.44 -37.97 -50.25
C ARG VB 20 -87.42 -37.66 -49.12
N GLY VB 21 -88.54 -38.36 -49.04
CA GLY VB 21 -89.59 -38.03 -48.10
C GLY VB 21 -90.55 -39.18 -47.89
N CYS VB 22 -91.15 -39.21 -46.70
CA CYS VB 22 -91.92 -40.36 -46.21
C CYS VB 22 -93.33 -40.43 -46.79
N GLU VB 23 -93.61 -39.73 -47.89
CA GLU VB 23 -94.85 -39.93 -48.63
C GLU VB 23 -94.91 -41.33 -49.22
N GLY VB 24 -96.11 -41.78 -49.50
CA GLY VB 24 -96.31 -43.03 -50.20
C GLY VB 24 -95.80 -42.94 -51.62
N PRO VB 25 -95.15 -44.00 -52.10
CA PRO VB 25 -94.64 -44.00 -53.49
C PRO VB 25 -95.78 -44.06 -54.50
N CYS VB 26 -96.40 -42.92 -54.75
CA CYS VB 26 -97.64 -42.86 -55.51
C CYS VB 26 -97.39 -43.08 -56.98
N LYS VB 27 -98.27 -43.86 -57.62
CA LYS VB 27 -98.14 -44.20 -59.02
C LYS VB 27 -98.85 -43.14 -59.88
N VAL VB 28 -98.16 -42.67 -60.90
CA VAL VB 28 -98.76 -41.86 -61.95
C VAL VB 28 -98.42 -42.52 -63.27
N GLN VB 29 -99.39 -43.18 -63.88
CA GLN VB 29 -99.14 -44.01 -65.05
C GLN VB 29 -99.56 -43.28 -66.32
N SER VB 30 -98.62 -43.17 -67.25
CA SER VB 30 -98.87 -42.53 -68.54
C SER VB 30 -99.10 -43.66 -69.54
N PHE VB 31 -100.32 -44.19 -69.55
CA PHE VB 31 -100.68 -45.15 -70.58
C PHE VB 31 -100.83 -44.43 -71.92
N GLU VB 32 -100.38 -45.09 -72.97
CA GLU VB 32 -100.65 -44.64 -74.32
C GLU VB 32 -101.31 -45.77 -75.11
N GLN VB 33 -102.22 -45.39 -76.00
CA GLN VB 33 -102.71 -46.26 -77.06
C GLN VB 33 -102.42 -45.47 -78.32
N ARG VB 34 -101.18 -45.57 -78.78
CA ARG VB 34 -100.66 -44.69 -79.82
C ARG VB 34 -99.86 -45.46 -80.85
N ASP VB 35 -99.14 -44.72 -81.70
CA ASP VB 35 -98.18 -45.27 -82.62
C ASP VB 35 -97.07 -44.24 -82.79
N ASP VB 36 -96.28 -44.40 -83.84
CA ASP VB 36 -95.25 -43.42 -84.15
C ASP VB 36 -95.19 -43.24 -85.66
N VAL VB 37 -94.20 -42.47 -86.10
CA VAL VB 37 -93.81 -42.39 -87.50
C VAL VB 37 -92.36 -42.84 -87.55
N LYS VB 38 -91.73 -42.76 -88.73
CA LYS VB 38 -90.31 -43.11 -88.81
C LYS VB 38 -89.46 -42.13 -88.01
N HIS VB 39 -89.78 -40.85 -88.05
CA HIS VB 39 -88.92 -39.85 -87.45
C HIS VB 39 -89.05 -39.81 -85.93
N LEU VB 40 -90.28 -39.80 -85.43
CA LEU VB 40 -90.44 -39.47 -84.01
C LEU VB 40 -91.71 -40.10 -83.44
N GLY VB 41 -91.57 -40.62 -82.23
CA GLY VB 41 -92.71 -40.79 -81.34
C GLY VB 41 -92.37 -40.09 -80.04
N ILE VB 42 -93.07 -38.99 -79.74
CA ILE VB 42 -92.68 -38.12 -78.63
C ILE VB 42 -93.64 -38.34 -77.46
N CYS VB 43 -93.06 -38.49 -76.28
CA CYS VB 43 -93.84 -38.75 -75.07
C CYS VB 43 -93.13 -38.07 -73.90
N LYS VB 44 -93.60 -36.89 -73.50
CA LYS VB 44 -93.25 -36.39 -72.18
C LYS VB 44 -94.00 -37.20 -71.14
N VAL VB 45 -93.27 -37.95 -70.32
CA VAL VB 45 -93.88 -38.92 -69.44
C VAL VB 45 -94.36 -38.26 -68.15
N ILE VB 46 -93.85 -37.07 -67.86
CA ILE VB 46 -94.16 -36.37 -66.62
C ILE VB 46 -95.24 -35.30 -66.85
N SER VB 47 -96.05 -35.47 -67.90
CA SER VB 47 -96.87 -34.39 -68.43
C SER VB 47 -98.07 -34.10 -67.53
N ASP VB 48 -98.92 -35.11 -67.32
CA ASP VB 48 -100.22 -34.92 -66.68
C ASP VB 48 -100.14 -34.88 -65.15
N VAL VB 49 -98.97 -34.61 -64.56
CA VAL VB 49 -98.83 -34.63 -63.11
C VAL VB 49 -99.13 -33.22 -62.61
N THR VB 50 -100.34 -33.01 -62.10
CA THR VB 50 -100.78 -31.72 -61.57
C THR VB 50 -100.87 -31.80 -60.05
N ARG VB 51 -101.00 -30.63 -59.42
CA ARG VB 51 -101.18 -30.58 -57.97
C ARG VB 51 -102.59 -31.03 -57.59
N GLY VB 52 -102.66 -31.95 -56.64
CA GLY VB 52 -103.92 -32.44 -56.15
C GLY VB 52 -103.74 -33.41 -54.99
N PRO VB 53 -104.83 -33.71 -54.28
CA PRO VB 53 -104.73 -34.62 -53.13
C PRO VB 53 -104.60 -36.09 -53.51
N GLY VB 54 -105.01 -36.47 -54.71
CA GLY VB 54 -104.98 -37.87 -55.09
C GLY VB 54 -103.58 -38.38 -55.37
N LEU VB 55 -103.49 -39.70 -55.50
CA LEU VB 55 -102.20 -40.34 -55.75
C LEU VB 55 -101.79 -40.29 -57.22
N THR VB 56 -102.67 -39.83 -58.10
CA THR VB 56 -102.30 -39.49 -59.48
C THR VB 56 -101.88 -38.03 -59.61
N HIS VB 57 -101.37 -37.44 -58.53
CA HIS VB 57 -101.10 -36.01 -58.46
C HIS VB 57 -99.77 -35.82 -57.74
N ARG VB 58 -99.50 -34.58 -57.34
CA ARG VB 58 -98.22 -34.23 -56.75
C ARG VB 58 -98.40 -33.24 -55.62
N VAL VB 59 -97.42 -33.19 -54.73
CA VAL VB 59 -97.36 -32.23 -53.63
C VAL VB 59 -96.13 -31.37 -53.84
N GLY VB 60 -96.34 -30.10 -54.15
CA GLY VB 60 -95.24 -29.18 -54.40
C GLY VB 60 -94.74 -29.22 -55.83
N LYS VB 61 -93.42 -29.09 -56.00
CA LYS VB 61 -92.84 -29.07 -57.33
C LYS VB 61 -91.52 -29.83 -57.38
N ARG VB 62 -91.31 -30.77 -56.45
CA ARG VB 62 -90.08 -31.54 -56.37
C ARG VB 62 -90.39 -33.03 -56.47
N PHE VB 63 -89.73 -33.71 -57.40
CA PHE VB 63 -89.88 -35.14 -57.60
C PHE VB 63 -88.56 -35.83 -57.33
N CYS VB 64 -88.65 -37.11 -56.99
CA CYS VB 64 -87.53 -38.05 -57.08
C CYS VB 64 -88.13 -39.34 -57.63
N ILE VB 65 -88.08 -39.50 -58.95
CA ILE VB 65 -88.62 -40.69 -59.60
C ILE VB 65 -87.79 -41.90 -59.20
N LYS VB 66 -88.43 -42.84 -58.50
CA LYS VB 66 -87.73 -44.04 -58.07
C LYS VB 66 -87.45 -44.96 -59.26
N SER VB 67 -88.48 -45.30 -60.02
CA SER VB 67 -88.28 -46.17 -61.17
C SER VB 67 -89.37 -45.92 -62.21
N ILE VB 68 -88.99 -46.06 -63.47
CA ILE VB 68 -89.92 -46.12 -64.59
C ILE VB 68 -90.09 -47.58 -64.96
N TYR VB 69 -91.34 -48.05 -64.96
CA TYR VB 69 -91.68 -49.43 -65.27
C TYR VB 69 -92.42 -49.44 -66.60
N ILE VB 70 -91.73 -49.88 -67.66
CA ILE VB 70 -92.26 -49.80 -69.01
C ILE VB 70 -92.85 -51.15 -69.38
N LEU VB 71 -94.17 -51.22 -69.45
CA LEU VB 71 -94.87 -52.28 -70.15
C LEU VB 71 -95.13 -51.85 -71.59
N GLY VB 72 -95.49 -52.81 -72.42
CA GLY VB 72 -95.83 -52.48 -73.78
C GLY VB 72 -95.84 -53.63 -74.76
N LYS VB 73 -96.81 -53.62 -75.66
CA LYS VB 73 -96.88 -54.57 -76.76
C LYS VB 73 -96.75 -53.81 -78.08
N ILE VB 74 -95.80 -54.24 -78.89
CA ILE VB 74 -95.41 -53.52 -80.11
C ILE VB 74 -95.74 -54.45 -81.28
N TRP VB 75 -96.78 -54.10 -82.04
CA TRP VB 75 -97.24 -54.98 -83.11
C TRP VB 75 -97.30 -54.24 -84.43
N LEU VB 76 -97.64 -55.00 -85.46
CA LEU VB 76 -98.06 -54.50 -86.76
C LEU VB 76 -99.24 -55.28 -87.31
N ASP VB 77 -100.08 -55.85 -86.43
CA ASP VB 77 -101.03 -56.89 -86.82
C ASP VB 77 -102.32 -56.30 -87.38
N GLU VB 78 -102.28 -55.05 -87.85
CA GLU VB 78 -103.30 -54.54 -88.77
C GLU VB 78 -103.24 -55.35 -90.06
N THR VB 79 -104.35 -55.40 -90.79
CA THR VB 79 -104.44 -56.21 -92.01
C THR VB 79 -103.59 -55.68 -93.17
N ILE VB 80 -102.95 -54.52 -93.00
CA ILE VB 80 -102.07 -53.93 -94.00
C ILE VB 80 -100.69 -53.97 -93.34
N LYS VB 81 -99.68 -53.42 -94.01
CA LYS VB 81 -98.28 -53.35 -93.57
C LYS VB 81 -97.64 -54.72 -93.45
N LYS VB 82 -98.03 -55.65 -94.33
CA LYS VB 82 -97.26 -56.84 -94.59
C LYS VB 82 -96.22 -56.63 -95.68
N GLN VB 83 -96.45 -55.74 -96.65
CA GLN VB 83 -95.42 -55.30 -97.56
C GLN VB 83 -94.61 -54.17 -96.90
N ASN VB 84 -93.46 -53.87 -97.51
CA ASN VB 84 -92.46 -52.89 -97.03
C ASN VB 84 -92.04 -53.23 -95.59
N HIS VB 85 -91.82 -54.51 -95.35
CA HIS VB 85 -91.76 -55.07 -94.01
C HIS VB 85 -90.36 -55.13 -93.42
N THR VB 86 -90.22 -55.88 -92.32
CA THR VB 86 -89.01 -56.06 -91.51
C THR VB 86 -88.47 -54.75 -90.94
N ASN VB 87 -89.21 -54.13 -90.03
CA ASN VB 87 -88.75 -52.94 -89.32
C ASN VB 87 -88.53 -53.29 -87.85
N ASN VB 88 -87.69 -52.51 -87.17
CA ASN VB 88 -87.45 -52.69 -85.75
C ASN VB 88 -87.56 -51.36 -85.01
N VAL VB 89 -87.72 -51.45 -83.70
CA VAL VB 89 -87.98 -50.28 -82.86
C VAL VB 89 -86.81 -50.12 -81.89
N ILE VB 90 -86.24 -48.92 -81.87
CA ILE VB 90 -85.20 -48.56 -80.91
C ILE VB 90 -85.80 -47.54 -79.95
N PHE VB 91 -85.76 -47.85 -78.66
CA PHE VB 91 -86.29 -46.92 -77.67
C PHE VB 91 -85.19 -46.01 -77.14
N TYR VB 92 -85.59 -44.82 -76.71
CA TYR VB 92 -84.66 -43.82 -76.18
C TYR VB 92 -85.29 -43.20 -74.94
N LEU VB 93 -84.60 -43.32 -73.81
CA LEU VB 93 -85.06 -42.74 -72.55
C LEU VB 93 -84.00 -41.74 -72.12
N LEU VB 94 -84.29 -40.46 -72.28
CA LEU VB 94 -83.28 -39.40 -72.17
C LEU VB 94 -83.46 -38.64 -70.87
N ARG VB 95 -82.34 -38.25 -70.26
CA ARG VB 95 -82.37 -37.30 -69.15
C ARG VB 95 -82.22 -35.90 -69.73
N ASP VB 96 -83.29 -35.12 -69.70
CA ASP VB 96 -83.29 -33.78 -70.27
C ASP VB 96 -82.74 -32.78 -69.26
N ARG VB 97 -82.16 -31.69 -69.77
CA ARG VB 97 -81.55 -30.67 -68.94
C ARG VB 97 -82.38 -29.39 -68.83
N ARG VB 98 -83.17 -29.06 -69.85
CA ARG VB 98 -83.93 -27.82 -69.84
C ARG VB 98 -85.14 -27.98 -70.75
N PRO VB 99 -86.25 -27.33 -70.44
CA PRO VB 99 -87.41 -27.37 -71.34
C PRO VB 99 -87.49 -26.16 -72.25
N TYR VB 100 -88.32 -26.24 -73.29
CA TYR VB 100 -88.76 -25.06 -74.05
C TYR VB 100 -90.25 -25.26 -74.35
N GLY VB 101 -91.11 -24.84 -73.41
CA GLY VB 101 -92.54 -24.94 -73.57
C GLY VB 101 -93.04 -26.36 -73.73
N ASN VB 102 -93.43 -26.69 -74.97
CA ASN VB 102 -93.82 -28.05 -75.34
C ASN VB 102 -92.59 -28.92 -75.59
N ALA VB 103 -92.80 -30.09 -76.18
CA ALA VB 103 -91.69 -31.00 -76.46
C ALA VB 103 -90.91 -30.50 -77.67
N PRO VB 104 -89.57 -30.61 -77.64
CA PRO VB 104 -88.77 -30.18 -78.80
C PRO VB 104 -88.80 -31.20 -79.94
N GLN VB 105 -88.01 -30.94 -80.97
CA GLN VB 105 -87.92 -31.85 -82.10
C GLN VB 105 -87.18 -33.13 -81.71
N ASP VB 106 -87.24 -34.12 -82.59
CA ASP VB 106 -86.41 -35.32 -82.45
C ASP VB 106 -85.28 -35.33 -83.48
N PHE VB 107 -85.61 -35.29 -84.76
CA PHE VB 107 -84.59 -35.43 -85.80
C PHE VB 107 -83.72 -34.19 -85.89
N GLY VB 108 -84.25 -33.03 -85.49
CA GLY VB 108 -83.45 -31.85 -85.34
C GLY VB 108 -82.76 -31.70 -84.01
N GLN VB 109 -82.93 -32.67 -83.11
CA GLN VB 109 -82.30 -32.63 -81.80
C GLN VB 109 -81.27 -33.73 -81.63
N ILE VB 110 -81.64 -35.00 -81.82
CA ILE VB 110 -80.61 -36.04 -81.92
C ILE VB 110 -79.98 -35.97 -83.30
N PHE VB 111 -78.75 -36.49 -83.40
CA PHE VB 111 -77.81 -36.02 -84.42
C PHE VB 111 -78.10 -36.58 -85.81
N ASN VB 112 -78.05 -37.89 -85.98
CA ASN VB 112 -78.01 -38.45 -87.33
C ASN VB 112 -79.19 -39.39 -87.51
N MET VB 113 -79.22 -40.08 -88.65
CA MET VB 113 -80.38 -40.85 -89.07
C MET VB 113 -80.44 -42.20 -88.34
N PHE VB 114 -81.17 -42.20 -87.24
CA PHE VB 114 -81.87 -43.31 -86.58
C PHE VB 114 -80.93 -44.28 -85.86
N ASP VB 115 -79.62 -44.14 -86.00
CA ASP VB 115 -78.63 -44.83 -85.18
C ASP VB 115 -77.61 -43.79 -84.73
N ASN VB 116 -77.87 -43.16 -83.59
CA ASN VB 116 -77.17 -41.92 -83.27
C ASN VB 116 -77.15 -41.68 -81.77
N GLU VB 117 -76.75 -40.47 -81.43
CA GLU VB 117 -76.63 -39.89 -80.10
C GLU VB 117 -77.18 -38.47 -80.20
N PRO VB 118 -77.36 -37.74 -79.10
CA PRO VB 118 -77.66 -36.31 -79.22
C PRO VB 118 -76.50 -35.54 -79.84
N SER VB 119 -76.84 -34.37 -80.41
CA SER VB 119 -75.87 -33.56 -81.12
C SER VB 119 -74.84 -32.96 -80.17
N THR VB 120 -73.73 -32.49 -80.76
CA THR VB 120 -72.63 -31.93 -79.99
C THR VB 120 -73.01 -30.60 -79.35
N ALA VB 121 -73.94 -29.86 -79.96
CA ALA VB 121 -74.39 -28.58 -79.41
C ALA VB 121 -75.56 -28.71 -78.45
N THR VB 122 -75.98 -29.93 -78.12
CA THR VB 122 -77.17 -30.15 -77.32
C THR VB 122 -76.88 -30.78 -75.97
N ILE VB 123 -75.64 -31.18 -75.69
CA ILE VB 123 -75.33 -31.86 -74.44
C ILE VB 123 -75.33 -30.89 -73.27
N PHE VB 131 -78.58 -33.16 -74.71
CA PHE VB 131 -79.34 -33.66 -73.57
C PHE VB 131 -78.78 -35.02 -73.19
N GLN VB 132 -78.82 -35.34 -71.90
CA GLN VB 132 -78.25 -36.60 -71.44
C GLN VB 132 -79.15 -37.77 -71.81
N VAL VB 133 -78.55 -38.95 -71.86
CA VAL VB 133 -79.21 -40.19 -72.21
C VAL VB 133 -79.18 -41.04 -70.96
N LEU VB 134 -80.19 -41.91 -70.77
CA LEU VB 134 -80.08 -42.93 -69.74
C LEU VB 134 -79.79 -44.30 -70.32
N ARG VB 135 -80.70 -44.87 -71.11
CA ARG VB 135 -80.49 -46.17 -71.75
C ARG VB 135 -81.28 -46.27 -73.04
N LYS VB 136 -81.16 -47.42 -73.70
CA LYS VB 136 -81.86 -47.74 -74.94
C LYS VB 136 -82.56 -49.09 -74.78
N PHE VB 137 -83.37 -49.45 -75.77
CA PHE VB 137 -84.01 -50.77 -75.80
C PHE VB 137 -84.10 -51.24 -77.26
N HIS VB 138 -84.64 -52.44 -77.45
CA HIS VB 138 -84.80 -53.03 -78.76
C HIS VB 138 -86.17 -53.71 -78.85
N ALA VB 139 -86.71 -53.70 -80.07
CA ALA VB 139 -87.95 -54.43 -80.36
C ALA VB 139 -87.97 -54.67 -81.87
N THR VB 140 -87.95 -55.93 -82.28
CA THR VB 140 -87.80 -56.31 -83.68
C THR VB 140 -89.05 -57.06 -84.14
N VAL VB 141 -89.85 -56.41 -84.98
CA VAL VB 141 -91.07 -57.00 -85.50
C VAL VB 141 -90.92 -57.20 -87.01
N VAL VB 142 -90.62 -58.43 -87.42
CA VAL VB 142 -90.36 -58.71 -88.82
C VAL VB 142 -91.44 -59.63 -89.39
N GLY VB 143 -92.43 -59.04 -90.07
CA GLY VB 143 -93.48 -59.86 -90.65
C GLY VB 143 -93.86 -59.49 -92.07
N GLY VB 144 -93.64 -60.42 -93.01
CA GLY VB 144 -93.99 -60.15 -94.39
C GLY VB 144 -95.13 -61.02 -94.88
N LEU VB 145 -94.81 -62.02 -95.68
CA LEU VB 145 -95.81 -62.97 -96.18
C LEU VB 145 -95.27 -64.38 -96.05
N TYR VB 146 -96.18 -65.34 -96.19
CA TYR VB 146 -95.98 -66.79 -96.26
C TYR VB 146 -95.35 -67.43 -95.03
N CYS VB 147 -95.12 -66.71 -93.92
CA CYS VB 147 -95.12 -67.42 -92.65
C CYS VB 147 -96.12 -66.77 -91.67
N MET VB 148 -96.15 -65.44 -91.43
CA MET VB 148 -95.07 -64.44 -91.52
C MET VB 148 -94.45 -64.38 -90.12
N LYS VB 149 -93.15 -64.64 -90.02
CA LYS VB 149 -92.60 -64.94 -88.71
C LYS VB 149 -91.90 -63.71 -88.10
N GLU VB 150 -92.72 -62.81 -87.58
CA GLU VB 150 -92.67 -62.16 -86.26
C GLU VB 150 -93.81 -61.15 -86.15
N GLN VB 151 -94.21 -60.86 -84.92
CA GLN VB 151 -95.35 -60.02 -84.58
C GLN VB 151 -95.16 -59.46 -83.19
N ALA VB 152 -96.29 -59.09 -82.56
CA ALA VB 152 -96.41 -58.43 -81.25
C ALA VB 152 -95.48 -59.02 -80.20
N LEU VB 153 -94.55 -58.19 -79.71
CA LEU VB 153 -93.61 -58.60 -78.68
C LEU VB 153 -93.96 -57.89 -77.37
N VAL VB 154 -93.69 -58.54 -76.26
CA VAL VB 154 -93.98 -57.96 -74.95
C VAL VB 154 -92.68 -57.55 -74.29
N LYS VB 155 -92.63 -56.32 -73.77
CA LYS VB 155 -91.43 -55.79 -73.13
C LYS VB 155 -91.78 -55.25 -71.76
N ARG VB 156 -91.15 -55.80 -70.72
CA ARG VB 156 -91.24 -55.27 -69.36
C ARG VB 156 -89.83 -54.96 -68.87
N PHE VB 157 -89.68 -53.83 -68.17
CA PHE VB 157 -88.36 -53.39 -67.70
C PHE VB 157 -88.51 -52.59 -66.41
N TYR VB 158 -87.89 -53.08 -65.34
CA TYR VB 158 -87.52 -52.20 -64.24
C TYR VB 158 -86.40 -51.27 -64.70
N ARG VB 159 -86.48 -50.00 -64.30
CA ARG VB 159 -85.47 -49.01 -64.72
C ARG VB 159 -85.43 -47.90 -63.67
N LEU VB 160 -84.42 -47.95 -62.80
CA LEU VB 160 -84.29 -46.97 -61.72
C LEU VB 160 -83.75 -45.65 -62.27
N ASN VB 161 -84.26 -44.54 -61.73
CA ASN VB 161 -83.94 -43.20 -62.23
C ASN VB 161 -83.87 -42.26 -61.03
N HIS VB 162 -83.90 -40.95 -61.30
CA HIS VB 162 -83.65 -39.95 -60.26
C HIS VB 162 -84.53 -38.73 -60.50
N HIS VB 163 -84.18 -37.61 -59.86
CA HIS VB 163 -85.07 -36.53 -59.49
C HIS VB 163 -85.49 -35.65 -60.67
N VAL VB 164 -86.64 -34.99 -60.49
CA VAL VB 164 -87.27 -34.10 -61.47
C VAL VB 164 -87.79 -32.88 -60.70
N THR VB 165 -87.68 -31.71 -61.29
CA THR VB 165 -88.19 -30.48 -60.68
C THR VB 165 -89.19 -29.82 -61.64
N TYR VB 166 -90.28 -29.28 -61.10
CA TYR VB 166 -91.15 -28.37 -61.85
C TYR VB 166 -90.85 -26.93 -61.47
N ASN VB 167 -91.05 -26.03 -62.44
CA ASN VB 167 -90.78 -24.61 -62.21
C ASN VB 167 -91.92 -23.95 -61.44
N HIS VB 168 -93.10 -23.91 -62.04
CA HIS VB 168 -94.21 -23.17 -61.45
C HIS VB 168 -94.90 -23.99 -60.37
N GLN VB 169 -95.63 -23.29 -59.51
CA GLN VB 169 -96.42 -23.90 -58.45
C GLN VB 169 -97.86 -24.14 -58.87
N GLU VB 170 -98.08 -24.27 -60.17
CA GLU VB 170 -99.41 -24.45 -60.74
C GLU VB 170 -99.85 -25.91 -60.62
N ALA VB 171 -101.14 -26.14 -60.85
CA ALA VB 171 -101.65 -27.48 -61.09
C ALA VB 171 -101.69 -27.76 -62.59
N GLY VB 172 -100.54 -27.58 -63.23
CA GLY VB 172 -100.44 -27.52 -64.67
C GLY VB 172 -99.81 -28.76 -65.29
N LYS VB 173 -99.80 -28.74 -66.61
CA LYS VB 173 -99.30 -29.84 -67.44
C LYS VB 173 -97.81 -29.64 -67.71
N TYR VB 174 -97.29 -30.33 -68.72
CA TYR VB 174 -95.86 -30.38 -69.05
C TYR VB 174 -95.24 -29.04 -69.44
N GLU VB 175 -96.03 -27.98 -69.61
CA GLU VB 175 -95.49 -26.73 -70.16
C GLU VB 175 -94.62 -25.97 -69.16
N ASN VB 176 -94.84 -26.15 -67.86
CA ASN VB 176 -94.17 -25.36 -66.83
C ASN VB 176 -92.97 -26.08 -66.21
N HIS VB 177 -92.21 -26.82 -67.00
CA HIS VB 177 -91.07 -27.56 -66.50
C HIS VB 177 -89.88 -26.64 -66.21
N THR VB 178 -88.82 -27.24 -65.69
CA THR VB 178 -87.53 -26.62 -65.47
C THR VB 178 -86.47 -27.71 -65.64
N GLU VB 179 -85.29 -27.49 -65.04
CA GLU VB 179 -84.16 -28.42 -65.08
C GLU VB 179 -84.57 -29.84 -64.65
N ASN VB 180 -83.86 -30.82 -65.22
CA ASN VB 180 -84.01 -32.26 -64.96
C ASN VB 180 -85.41 -32.75 -65.30
N ALA VB 181 -85.72 -32.63 -66.59
CA ALA VB 181 -86.84 -33.34 -67.16
C ALA VB 181 -86.36 -34.68 -67.71
N LEU VB 182 -87.32 -35.55 -68.05
CA LEU VB 182 -87.01 -36.82 -68.69
C LEU VB 182 -88.23 -37.27 -69.48
N LEU VB 183 -87.98 -37.86 -70.65
CA LEU VB 183 -89.05 -38.20 -71.58
C LEU VB 183 -88.56 -39.30 -72.51
N LEU VB 184 -89.42 -39.71 -73.43
CA LEU VB 184 -89.14 -40.82 -74.33
C LEU VB 184 -89.15 -40.37 -75.79
N TYR VB 185 -88.36 -41.07 -76.59
CA TYR VB 185 -88.46 -41.02 -78.04
C TYR VB 185 -88.48 -42.45 -78.57
N MET VB 186 -89.34 -42.69 -79.55
CA MET VB 186 -89.40 -43.98 -80.23
C MET VB 186 -89.05 -43.77 -81.70
N ALA VB 187 -88.33 -44.71 -82.27
CA ALA VB 187 -87.77 -44.55 -83.60
C ALA VB 187 -88.03 -45.78 -84.45
N CYS VB 188 -88.53 -45.57 -85.65
CA CYS VB 188 -88.63 -46.60 -86.67
C CYS VB 188 -87.48 -46.45 -87.66
N THR VB 189 -87.13 -47.56 -88.32
CA THR VB 189 -85.96 -47.59 -89.18
C THR VB 189 -86.27 -47.82 -90.65
N HIS VB 190 -87.54 -47.68 -91.06
CA HIS VB 190 -87.92 -47.88 -92.45
C HIS VB 190 -89.02 -46.90 -92.82
N ALA VB 191 -89.14 -46.65 -94.13
CA ALA VB 191 -90.04 -45.61 -94.64
C ALA VB 191 -91.49 -45.95 -94.44
N SER VB 192 -91.85 -47.23 -94.39
CA SER VB 192 -93.20 -47.61 -94.01
C SER VB 192 -93.43 -47.36 -92.53
N ASN VB 193 -94.70 -47.34 -92.14
CA ASN VB 193 -95.01 -47.19 -90.72
C ASN VB 193 -95.85 -48.36 -90.22
N PRO VB 194 -95.26 -49.53 -89.96
CA PRO VB 194 -96.08 -50.65 -89.47
C PRO VB 194 -96.30 -50.62 -87.97
N VAL VB 195 -95.48 -49.89 -87.23
CA VAL VB 195 -95.38 -50.04 -85.78
C VAL VB 195 -96.58 -49.39 -85.11
N TYR VB 196 -97.40 -50.22 -84.48
CA TYR VB 196 -98.46 -49.77 -83.58
C TYR VB 196 -98.08 -50.16 -82.15
N ALA VB 197 -97.31 -49.29 -81.51
CA ALA VB 197 -96.74 -49.56 -80.20
C ALA VB 197 -97.55 -48.87 -79.12
N THR VB 198 -98.19 -49.67 -78.27
CA THR VB 198 -98.95 -49.16 -77.14
C THR VB 198 -98.24 -49.59 -75.86
N LEU VB 199 -97.94 -48.62 -75.00
CA LEU VB 199 -97.07 -48.84 -73.86
C LEU VB 199 -97.73 -48.34 -72.59
N LYS VB 200 -97.62 -49.14 -71.53
CA LYS VB 200 -98.05 -48.76 -70.20
C LYS VB 200 -96.83 -48.42 -69.37
N ILE VB 201 -96.76 -47.18 -68.91
CA ILE VB 201 -95.55 -46.61 -68.32
C ILE VB 201 -95.88 -46.21 -66.88
N ARG VB 202 -95.52 -47.05 -65.92
CA ARG VB 202 -95.70 -46.72 -64.51
C ARG VB 202 -94.49 -45.93 -64.01
N ILE VB 203 -94.76 -44.79 -63.38
CA ILE VB 203 -93.79 -44.10 -62.55
C ILE VB 203 -94.34 -44.07 -61.14
N TYR VB 204 -93.65 -44.73 -60.21
CA TYR VB 204 -93.97 -44.59 -58.80
C TYR VB 204 -92.77 -43.99 -58.07
N PHE VB 205 -93.05 -43.03 -57.20
CA PHE VB 205 -92.02 -42.16 -56.65
C PHE VB 205 -92.41 -41.65 -55.26
N PRO WB 16 -87.55 -97.84 8.04
CA PRO WB 16 -86.64 -98.28 6.98
C PRO WB 16 -87.33 -99.17 5.94
N ASP WB 17 -88.62 -99.43 6.11
CA ASP WB 17 -89.36 -100.35 5.25
C ASP WB 17 -90.53 -99.67 4.56
N ILE WB 18 -91.28 -98.85 5.27
CA ILE WB 18 -92.57 -98.32 4.82
C ILE WB 18 -92.47 -96.87 4.36
N PRO WB 19 -93.23 -96.47 3.35
CA PRO WB 19 -93.24 -95.06 2.92
C PRO WB 19 -94.38 -94.21 3.47
N ARG WB 20 -95.27 -94.77 4.29
CA ARG WB 20 -96.52 -94.08 4.64
C ARG WB 20 -96.57 -93.62 6.09
N GLY WB 21 -96.44 -94.53 7.05
CA GLY WB 21 -96.62 -94.20 8.45
C GLY WB 21 -96.01 -95.23 9.37
N CYS WB 22 -95.62 -94.79 10.56
CA CYS WB 22 -94.81 -95.56 11.50
C CYS WB 22 -95.60 -96.60 12.29
N GLU WB 23 -96.80 -96.96 11.84
CA GLU WB 23 -97.52 -98.09 12.39
C GLU WB 23 -96.77 -99.39 12.11
N GLY WB 24 -97.04 -100.41 12.92
CA GLY WB 24 -96.52 -101.73 12.68
C GLY WB 24 -97.11 -102.31 11.42
N PRO WB 25 -96.28 -103.02 10.63
CA PRO WB 25 -96.79 -103.65 9.40
C PRO WB 25 -97.69 -104.82 9.71
N CYS WB 26 -98.95 -104.52 10.04
CA CYS WB 26 -99.86 -105.51 10.57
C CYS WB 26 -100.35 -106.46 9.49
N LYS WB 27 -100.42 -107.74 9.84
CA LYS WB 27 -100.83 -108.78 8.90
C LYS WB 27 -102.35 -108.94 8.94
N VAL WB 28 -102.96 -108.98 7.76
CA VAL WB 28 -104.35 -109.36 7.61
C VAL WB 28 -104.38 -110.45 6.54
N GLN WB 29 -104.56 -111.69 6.98
CA GLN WB 29 -104.43 -112.85 6.10
C GLN WB 29 -105.79 -113.35 5.66
N SER WB 30 -105.95 -113.48 4.34
CA SER WB 30 -107.17 -114.01 3.75
C SER WB 30 -106.89 -115.46 3.36
N PHE WB 31 -106.97 -116.35 4.34
CA PHE WB 31 -106.88 -117.76 4.03
C PHE WB 31 -108.16 -118.22 3.35
N GLU WB 32 -107.99 -119.10 2.36
CA GLU WB 32 -109.11 -119.79 1.76
C GLU WB 32 -108.88 -121.29 1.85
N GLN WB 33 -109.99 -122.01 2.04
CA GLN WB 33 -110.02 -123.46 1.81
C GLN WB 33 -111.16 -123.62 0.81
N ARG WB 34 -110.81 -123.42 -0.47
CA ARG WB 34 -111.81 -123.27 -1.52
C ARG WB 34 -111.40 -124.05 -2.76
N ASP WB 35 -112.11 -123.79 -3.86
CA ASP WB 35 -111.76 -124.29 -5.17
C ASP WB 35 -112.19 -123.25 -6.19
N ASP WB 36 -112.29 -123.65 -7.45
CA ASP WB 36 -112.80 -122.76 -8.47
C ASP WB 36 -113.65 -123.56 -9.44
N VAL WB 37 -114.08 -122.90 -10.51
CA VAL WB 37 -114.68 -123.57 -11.66
C VAL WB 37 -113.78 -123.22 -12.84
N LYS WB 38 -114.18 -123.63 -14.05
CA LYS WB 38 -113.40 -123.26 -15.23
C LYS WB 38 -113.40 -121.76 -15.46
N HIS WB 39 -114.55 -121.12 -15.26
CA HIS WB 39 -114.68 -119.71 -15.61
C HIS WB 39 -114.02 -118.80 -14.59
N LEU WB 40 -114.27 -119.02 -13.30
CA LEU WB 40 -113.88 -118.01 -12.34
C LEU WB 40 -113.61 -118.61 -10.97
N GLY WB 41 -112.55 -118.11 -10.34
CA GLY WB 41 -112.43 -118.18 -8.90
C GLY WB 41 -112.20 -116.77 -8.40
N ILE WB 42 -113.17 -116.20 -7.70
CA ILE WB 42 -113.14 -114.78 -7.37
C ILE WB 42 -112.77 -114.61 -5.89
N CYS WB 43 -111.84 -113.70 -5.64
CA CYS WB 43 -111.35 -113.44 -4.29
C CYS WB 43 -111.02 -111.97 -4.17
N LYS WB 44 -111.92 -111.18 -3.58
CA LYS WB 44 -111.52 -109.87 -3.09
C LYS WB 44 -110.68 -110.07 -1.84
N VAL WB 45 -109.41 -109.69 -1.95
CA VAL WB 45 -108.45 -110.03 -0.91
C VAL WB 45 -108.52 -109.02 0.23
N ILE WB 46 -109.10 -107.85 -0.01
CA ILE WB 46 -109.14 -106.77 0.95
C ILE WB 46 -110.51 -106.73 1.65
N SER WB 47 -111.21 -107.86 1.67
CA SER WB 47 -112.64 -107.88 1.99
C SER WB 47 -112.89 -107.68 3.48
N ASP WB 48 -112.35 -108.58 4.31
CA ASP WB 48 -112.69 -108.63 5.73
C ASP WB 48 -111.92 -107.61 6.58
N VAL WB 49 -111.38 -106.55 5.99
CA VAL WB 49 -110.59 -105.58 6.75
C VAL WB 49 -111.54 -104.51 7.26
N THR WB 50 -111.93 -104.60 8.53
CA THR WB 50 -112.84 -103.67 9.17
C THR WB 50 -112.07 -102.80 10.15
N ARG WB 51 -112.71 -101.72 10.62
CA ARG WB 51 -112.10 -100.86 11.62
C ARG WB 51 -112.11 -101.54 12.98
N GLY WB 52 -110.95 -101.56 13.64
CA GLY WB 52 -110.83 -102.14 14.96
C GLY WB 52 -109.44 -101.94 15.52
N PRO WB 53 -109.28 -102.19 16.82
CA PRO WB 53 -107.96 -101.98 17.46
C PRO WB 53 -106.98 -103.10 17.17
N GLY WB 54 -107.43 -104.28 16.78
CA GLY WB 54 -106.53 -105.40 16.56
C GLY WB 54 -105.71 -105.25 15.28
N LEU WB 55 -104.71 -106.13 15.16
CA LEU WB 55 -103.84 -106.11 14.00
C LEU WB 55 -104.45 -106.80 12.78
N THR WB 56 -105.60 -107.48 12.95
CA THR WB 56 -106.39 -107.95 11.82
C THR WB 56 -107.42 -106.93 11.38
N HIS WB 57 -107.14 -105.65 11.60
CA HIS WB 57 -108.10 -104.58 11.39
C HIS WB 57 -107.37 -103.40 10.76
N ARG WB 58 -108.01 -102.24 10.75
CA ARG WB 58 -107.49 -101.07 10.07
C ARG WB 58 -107.78 -99.81 10.88
N VAL WB 59 -106.99 -98.78 10.61
CA VAL WB 59 -107.16 -97.46 11.21
C VAL WB 59 -107.44 -96.48 10.09
N GLY WB 60 -108.67 -95.96 10.04
CA GLY WB 60 -109.07 -95.04 9.00
C GLY WB 60 -109.54 -95.74 7.74
N LYS WB 61 -109.22 -95.16 6.57
CA LYS WB 61 -109.66 -95.72 5.30
C LYS WB 61 -108.57 -95.64 4.24
N ARG WB 62 -107.31 -95.55 4.65
CA ARG WB 62 -106.18 -95.43 3.73
C ARG WB 62 -105.21 -96.58 3.96
N PHE WB 63 -104.89 -97.29 2.88
CA PHE WB 63 -103.94 -98.38 2.91
C PHE WB 63 -102.74 -98.06 2.03
N CYS WB 64 -101.62 -98.70 2.36
CA CYS WB 64 -100.49 -98.85 1.42
C CYS WB 64 -100.01 -100.28 1.61
N ILE WB 65 -100.52 -101.19 0.78
CA ILE WB 65 -100.13 -102.60 0.86
C ILE WB 65 -98.67 -102.73 0.47
N LYS WB 66 -97.84 -103.17 1.42
CA LYS WB 66 -96.43 -103.36 1.14
C LYS WB 66 -96.19 -104.55 0.23
N SER WB 67 -96.72 -105.71 0.61
CA SER WB 67 -96.54 -106.89 -0.22
C SER WB 67 -97.66 -107.89 0.03
N ILE WB 68 -98.03 -108.59 -1.04
CA ILE WB 68 -98.91 -109.75 -0.96
C ILE WB 68 -98.03 -111.00 -1.01
N TYR WB 69 -98.16 -111.85 0.00
CA TYR WB 69 -97.39 -113.08 0.12
C TYR WB 69 -98.33 -114.25 -0.08
N ILE WB 70 -98.24 -114.88 -1.25
CA ILE WB 70 -99.18 -115.92 -1.64
C ILE WB 70 -98.54 -117.28 -1.35
N LEU WB 71 -99.06 -117.95 -0.34
CA LEU WB 71 -98.85 -119.39 -0.17
C LEU WB 71 -100.00 -120.14 -0.83
N GLY WB 72 -99.81 -121.43 -1.02
CA GLY WB 72 -100.88 -122.23 -1.58
C GLY WB 72 -100.47 -123.58 -2.13
N LYS WB 73 -101.31 -124.57 -1.89
CA LYS WB 73 -101.15 -125.90 -2.47
C LYS WB 73 -102.33 -126.19 -3.37
N ILE WB 74 -102.03 -126.54 -4.62
CA ILE WB 74 -103.03 -126.68 -5.67
C ILE WB 74 -103.04 -128.15 -6.09
N TRP WB 75 -104.08 -128.88 -5.72
CA TRP WB 75 -104.11 -130.31 -5.98
C TRP WB 75 -105.37 -130.71 -6.73
N LEU WB 76 -105.42 -132.00 -7.06
CA LEU WB 76 -106.62 -132.67 -7.51
C LEU WB 76 -106.76 -134.05 -6.89
N ASP WB 77 -106.21 -134.24 -5.67
CA ASP WB 77 -105.97 -135.57 -5.12
C ASP WB 77 -107.22 -136.14 -4.44
N GLU WB 78 -108.40 -135.62 -4.78
CA GLU WB 78 -109.65 -136.34 -4.53
C GLU WB 78 -109.64 -137.64 -5.33
N THR WB 79 -110.41 -138.63 -4.87
CA THR WB 79 -110.42 -139.95 -5.51
C THR WB 79 -111.07 -139.96 -6.91
N ILE WB 80 -111.63 -138.83 -7.34
CA ILE WB 80 -112.23 -138.69 -8.66
C ILE WB 80 -111.33 -137.67 -9.37
N LYS WB 81 -111.69 -137.28 -10.60
CA LYS WB 81 -110.97 -136.33 -11.45
C LYS WB 81 -109.59 -136.84 -11.85
N LYS WB 82 -109.47 -138.16 -12.04
CA LYS WB 82 -108.37 -138.73 -12.80
C LYS WB 82 -108.66 -138.81 -14.28
N GLN WB 83 -109.92 -138.97 -14.69
CA GLN WB 83 -110.31 -138.79 -16.08
C GLN WB 83 -110.52 -137.29 -16.36
N ASN WB 84 -110.61 -136.96 -17.65
CA ASN WB 84 -110.74 -135.60 -18.18
C ASN WB 84 -109.60 -134.72 -17.66
N HIS WB 85 -108.40 -135.28 -17.66
CA HIS WB 85 -107.29 -134.76 -16.88
C HIS WB 85 -106.39 -133.80 -17.65
N THR WB 86 -105.22 -133.52 -17.08
CA THR WB 86 -104.20 -132.57 -17.57
C THR WB 86 -104.71 -131.14 -17.69
N ASN WB 87 -105.03 -130.51 -16.57
CA ASN WB 87 -105.42 -129.11 -16.54
C ASN WB 87 -104.32 -128.30 -15.83
N ASN WB 88 -104.27 -127.00 -16.11
CA ASN WB 88 -103.33 -126.11 -15.45
C ASN WB 88 -104.03 -124.86 -14.95
N VAL WB 89 -103.39 -124.16 -14.03
CA VAL WB 89 -103.97 -123.01 -13.34
C VAL WB 89 -103.17 -121.77 -13.71
N ILE WB 90 -103.85 -120.73 -14.18
CA ILE WB 90 -103.23 -119.45 -14.45
C ILE WB 90 -103.79 -118.46 -13.43
N PHE WB 91 -102.90 -117.82 -12.66
CA PHE WB 91 -103.34 -116.85 -11.68
C PHE WB 91 -103.35 -115.44 -12.27
N TYR WB 92 -104.20 -114.60 -11.72
CA TYR WB 92 -104.36 -113.22 -12.16
C TYR WB 92 -104.47 -112.33 -10.94
N LEU WB 93 -103.54 -111.38 -10.80
CA LEU WB 93 -103.55 -110.44 -9.70
C LEU WB 93 -103.68 -109.05 -10.32
N LEU WB 94 -104.87 -108.47 -10.21
CA LEU WB 94 -105.23 -107.28 -10.98
C LEU WB 94 -105.26 -106.06 -10.08
N ARG WB 95 -104.81 -104.92 -10.61
CA ARG WB 95 -105.01 -103.63 -9.96
C ARG WB 95 -106.32 -103.04 -10.47
N ASP WB 96 -107.34 -103.01 -9.61
CA ASP WB 96 -108.66 -102.53 -9.98
C ASP WB 96 -108.71 -101.00 -9.83
N ARG WB 97 -109.58 -100.39 -10.64
CA ARG WB 97 -109.72 -98.93 -10.65
C ARG WB 97 -110.97 -98.43 -9.95
N ARG WB 98 -112.07 -99.19 -9.94
CA ARG WB 98 -113.33 -98.73 -9.35
C ARG WB 98 -114.13 -99.97 -8.93
N PRO WB 99 -114.92 -99.86 -7.86
CA PRO WB 99 -115.79 -100.98 -7.48
C PRO WB 99 -117.21 -100.81 -7.99
N TYR WB 100 -117.99 -101.89 -7.95
CA TYR WB 100 -119.45 -101.82 -8.07
C TYR WB 100 -120.03 -102.81 -7.06
N GLY WB 101 -120.23 -102.34 -5.82
CA GLY WB 101 -120.79 -103.16 -4.77
C GLY WB 101 -119.97 -104.40 -4.44
N ASN WB 102 -120.48 -105.55 -4.85
CA ASN WB 102 -119.77 -106.81 -4.73
C ASN WB 102 -118.74 -106.96 -5.86
N ALA WB 103 -118.21 -108.17 -6.01
CA ALA WB 103 -117.21 -108.42 -7.05
C ALA WB 103 -117.88 -108.51 -8.42
N PRO WB 104 -117.26 -107.96 -9.47
CA PRO WB 104 -117.85 -108.05 -10.81
C PRO WB 104 -117.63 -109.41 -11.45
N GLN WB 105 -118.04 -109.54 -12.71
CA GLN WB 105 -117.86 -110.78 -13.44
C GLN WB 105 -116.38 -111.02 -13.75
N ASP WB 106 -116.08 -112.23 -14.22
CA ASP WB 106 -114.76 -112.51 -14.77
C ASP WB 106 -114.80 -112.65 -16.29
N PHE WB 107 -115.60 -113.59 -16.80
CA PHE WB 107 -115.62 -113.87 -18.24
C PHE WB 107 -116.28 -112.74 -19.01
N GLY WB 108 -117.18 -112.00 -18.38
CA GLY WB 108 -117.71 -110.79 -18.95
C GLY WB 108 -116.89 -109.56 -18.71
N GLN WB 109 -115.76 -109.68 -18.00
CA GLN WB 109 -114.89 -108.55 -17.72
C GLN WB 109 -113.55 -108.67 -18.42
N ILE WB 110 -112.80 -109.76 -18.21
CA ILE WB 110 -111.65 -110.01 -19.06
C ILE WB 110 -112.14 -110.55 -20.41
N PHE WB 111 -111.26 -110.46 -21.41
CA PHE WB 111 -111.76 -110.37 -22.78
C PHE WB 111 -112.13 -111.73 -23.36
N ASN WB 112 -111.18 -112.65 -23.48
CA ASN WB 112 -111.40 -113.83 -24.31
C ASN WB 112 -111.22 -115.08 -23.45
N MET WB 113 -111.27 -116.24 -24.09
CA MET WB 113 -111.34 -117.52 -23.40
C MET WB 113 -109.95 -117.94 -22.87
N PHE WB 114 -109.70 -117.57 -21.62
CA PHE WB 114 -108.79 -118.18 -20.65
C PHE WB 114 -107.32 -117.92 -20.94
N ASP WB 115 -106.98 -117.32 -22.07
CA ASP WB 115 -105.64 -116.80 -22.36
C ASP WB 115 -105.82 -115.40 -22.94
N ASN WB 116 -105.85 -114.40 -22.06
CA ASN WB 116 -106.37 -113.11 -22.46
C ASN WB 116 -105.80 -111.99 -21.58
N GLU WB 117 -106.42 -110.83 -21.73
CA GLU WB 117 -106.16 -109.58 -21.04
C GLU WB 117 -107.53 -108.99 -20.69
N PRO WB 118 -107.62 -107.91 -19.91
CA PRO WB 118 -108.91 -107.22 -19.78
C PRO WB 118 -109.35 -106.60 -21.10
N SER WB 119 -110.66 -106.37 -21.20
CA SER WB 119 -111.26 -105.88 -22.43
C SER WB 119 -110.85 -104.43 -22.70
N THR WB 120 -111.06 -104.01 -23.94
CA THR WB 120 -110.69 -102.66 -24.36
C THR WB 120 -111.56 -101.59 -23.73
N ALA WB 121 -112.80 -101.92 -23.35
CA ALA WB 121 -113.69 -100.97 -22.71
C ALA WB 121 -113.57 -100.98 -21.19
N THR WB 122 -112.63 -101.73 -20.63
CA THR WB 122 -112.53 -101.91 -19.19
C THR WB 122 -111.27 -101.33 -18.58
N ILE WB 123 -110.33 -100.85 -19.41
CA ILE WB 123 -109.06 -100.34 -18.90
C ILE WB 123 -109.23 -98.99 -18.21
N PHE WB 131 -109.47 -102.80 -16.42
CA PHE WB 131 -108.83 -102.74 -15.12
C PHE WB 131 -107.36 -103.12 -15.30
N GLN WB 132 -106.49 -102.52 -14.49
CA GLN WB 132 -105.06 -102.78 -14.64
C GLN WB 132 -104.70 -104.15 -14.11
N VAL WB 133 -103.58 -104.66 -14.60
CA VAL WB 133 -103.03 -105.96 -14.25
C VAL WB 133 -101.75 -105.70 -13.49
N LEU WB 134 -101.39 -106.58 -12.54
CA LEU WB 134 -100.04 -106.53 -12.00
C LEU WB 134 -99.14 -107.65 -12.55
N ARG WB 135 -99.47 -108.91 -12.27
CA ARG WB 135 -98.69 -110.04 -12.79
C ARG WB 135 -99.58 -111.27 -12.93
N LYS WB 136 -98.96 -112.36 -13.40
CA LYS WB 136 -99.59 -113.66 -13.57
C LYS WB 136 -98.75 -114.72 -12.88
N PHE WB 137 -99.28 -115.95 -12.81
CA PHE WB 137 -98.53 -117.10 -12.29
C PHE WB 137 -98.92 -118.34 -13.08
N HIS WB 138 -98.30 -119.46 -12.73
CA HIS WB 138 -98.57 -120.74 -13.37
C HIS WB 138 -98.63 -121.84 -12.31
N ALA WB 139 -99.44 -122.86 -12.59
CA ALA WB 139 -99.52 -124.05 -11.77
C ALA WB 139 -100.08 -125.15 -12.65
N THR WB 140 -99.30 -126.21 -12.88
CA THR WB 140 -99.64 -127.26 -13.83
C THR WB 140 -99.79 -128.59 -13.09
N VAL WB 141 -101.02 -129.06 -12.96
CA VAL WB 141 -101.30 -130.32 -12.29
C VAL WB 141 -101.84 -131.33 -13.30
N VAL WB 142 -100.98 -132.23 -13.76
CA VAL WB 142 -101.34 -133.16 -14.81
C VAL WB 142 -101.34 -134.60 -14.26
N GLY WB 143 -102.51 -135.10 -13.89
CA GLY WB 143 -102.59 -136.45 -13.37
C GLY WB 143 -103.73 -137.28 -13.93
N GLY WB 144 -103.39 -138.36 -14.64
CA GLY WB 144 -104.42 -139.22 -15.20
C GLY WB 144 -104.44 -140.59 -14.56
N LEU WB 145 -103.92 -141.60 -15.27
CA LEU WB 145 -103.85 -142.95 -14.75
C LEU WB 145 -102.47 -143.53 -15.06
N TYR WB 146 -102.16 -144.62 -14.39
CA TYR WB 146 -100.99 -145.49 -14.57
C TYR WB 146 -99.65 -144.84 -14.31
N CYS WB 147 -99.57 -143.59 -13.85
CA CYS WB 147 -98.39 -143.24 -13.07
C CYS WB 147 -98.79 -142.65 -11.70
N MET WB 148 -99.71 -141.69 -11.57
CA MET WB 148 -100.11 -140.62 -12.51
C MET WB 148 -99.22 -139.42 -12.17
N LYS WB 149 -98.45 -138.94 -13.15
CA LYS WB 149 -97.36 -138.05 -12.79
C LYS WB 149 -97.71 -136.58 -13.01
N GLU WB 150 -98.49 -136.04 -12.07
CA GLU WB 150 -98.31 -134.79 -11.34
C GLU WB 150 -99.49 -134.59 -10.39
N GLN WB 151 -99.27 -133.81 -9.34
CA GLN WB 151 -100.20 -133.59 -8.24
C GLN WB 151 -99.87 -132.26 -7.57
N ALA WB 152 -100.29 -132.14 -6.29
CA ALA WB 152 -100.20 -130.96 -5.44
C ALA WB 152 -98.86 -130.25 -5.54
N LEU WB 153 -98.89 -129.00 -6.00
CA LEU WB 153 -97.69 -128.18 -6.14
C LEU WB 153 -97.73 -127.07 -5.09
N VAL WB 154 -96.56 -126.66 -4.62
CA VAL WB 154 -96.48 -125.60 -3.62
C VAL WB 154 -95.96 -124.33 -4.27
N LYS WB 155 -96.63 -123.21 -4.04
CA LYS WB 155 -96.25 -121.93 -4.63
C LYS WB 155 -96.12 -120.88 -3.53
N ARG WB 156 -94.94 -120.30 -3.40
CA ARG WB 156 -94.72 -119.14 -2.53
C ARG WB 156 -94.15 -118.00 -3.37
N PHE WB 157 -94.61 -116.79 -3.10
CA PHE WB 157 -94.22 -115.62 -3.89
C PHE WB 157 -94.25 -114.36 -3.02
N TYR WB 158 -93.10 -113.72 -2.85
CA TYR WB 158 -93.09 -112.30 -2.52
C TYR WB 158 -93.59 -111.49 -3.71
N ARG WB 159 -94.41 -110.48 -3.44
CA ARG WB 159 -94.98 -109.66 -4.51
C ARG WB 159 -95.30 -108.28 -3.95
N LEU WB 160 -94.44 -107.30 -4.24
CA LEU WB 160 -94.61 -105.96 -3.73
C LEU WB 160 -95.69 -105.21 -4.52
N ASN WB 161 -96.49 -104.41 -3.81
CA ASN WB 161 -97.63 -103.73 -4.40
C ASN WB 161 -97.75 -102.34 -3.77
N HIS WB 162 -98.90 -101.70 -3.92
CA HIS WB 162 -99.07 -100.30 -3.53
C HIS WB 162 -100.49 -100.07 -3.01
N HIS WB 163 -100.88 -98.81 -2.93
CA HIS WB 163 -101.89 -98.28 -2.01
C HIS WB 163 -103.32 -98.65 -2.41
N VAL WB 164 -104.19 -98.65 -1.41
CA VAL WB 164 -105.62 -98.98 -1.50
C VAL WB 164 -106.39 -97.97 -0.66
N THR WB 165 -107.55 -97.53 -1.13
CA THR WB 165 -108.40 -96.61 -0.38
C THR WB 165 -109.78 -97.24 -0.18
N TYR WB 166 -110.36 -97.06 1.01
CA TYR WB 166 -111.77 -97.34 1.23
C TYR WB 166 -112.59 -96.06 1.19
N ASN WB 167 -113.85 -96.19 0.76
CA ASN WB 167 -114.72 -95.01 0.64
C ASN WB 167 -115.30 -94.63 1.99
N HIS WB 168 -116.09 -95.53 2.58
CA HIS WB 168 -116.81 -95.19 3.79
C HIS WB 168 -115.90 -95.34 5.02
N GLN WB 169 -116.32 -94.70 6.11
CA GLN WB 169 -115.62 -94.77 7.38
C GLN WB 169 -116.22 -95.84 8.29
N GLU WB 170 -116.85 -96.84 7.70
CA GLU WB 170 -117.51 -97.91 8.42
C GLU WB 170 -116.50 -98.95 8.87
N ALA WB 171 -116.95 -99.83 9.76
CA ALA WB 171 -116.22 -101.08 10.06
C ALA WB 171 -116.78 -102.21 9.20
N GLY WB 172 -116.78 -101.97 7.89
CA GLY WB 172 -117.50 -102.79 6.94
C GLY WB 172 -116.60 -103.68 6.10
N LYS WB 173 -117.27 -104.49 5.28
CA LYS WB 173 -116.64 -105.48 4.42
C LYS WB 173 -116.33 -104.84 3.06
N TYR WB 174 -116.09 -105.68 2.05
CA TYR WB 174 -115.66 -105.28 0.71
C TYR WB 174 -116.64 -104.39 -0.04
N GLU WB 175 -117.85 -104.18 0.46
CA GLU WB 175 -118.88 -103.49 -0.32
C GLU WB 175 -118.63 -101.99 -0.43
N ASN WB 176 -117.93 -101.38 0.53
CA ASN WB 176 -117.78 -99.94 0.59
C ASN WB 176 -116.44 -99.46 0.03
N HIS WB 177 -115.95 -100.09 -1.04
CA HIS WB 177 -114.67 -99.71 -1.64
C HIS WB 177 -114.78 -98.41 -2.44
N THR WB 178 -113.64 -97.99 -2.96
CA THR WB 178 -113.50 -96.86 -3.87
C THR WB 178 -112.32 -97.18 -4.80
N GLU WB 179 -111.74 -96.13 -5.40
CA GLU WB 179 -110.58 -96.24 -6.29
C GLU WB 179 -109.44 -97.04 -5.67
N ASN WB 180 -108.68 -97.70 -6.56
CA ASN WB 180 -107.50 -98.51 -6.26
C ASN WB 180 -107.84 -99.68 -5.33
N ALA WB 181 -108.68 -100.57 -5.85
CA ALA WB 181 -108.85 -101.90 -5.28
C ALA WB 181 -107.90 -102.87 -5.96
N LEU WB 182 -107.78 -104.07 -5.38
CA LEU WB 182 -106.98 -105.14 -5.97
C LEU WB 182 -107.50 -106.47 -5.46
N LEU WB 183 -107.54 -107.46 -6.35
CA LEU WB 183 -108.16 -108.74 -6.03
C LEU WB 183 -107.57 -109.80 -6.97
N LEU WB 184 -108.05 -111.04 -6.82
CA LEU WB 184 -107.52 -112.18 -7.55
C LEU WB 184 -108.60 -112.82 -8.42
N TYR WB 185 -108.14 -113.40 -9.53
CA TYR WB 185 -108.94 -114.33 -10.32
C TYR WB 185 -108.11 -115.58 -10.58
N MET WB 186 -108.75 -116.73 -10.48
CA MET WB 186 -108.12 -118.01 -10.79
C MET WB 186 -108.86 -118.64 -11.96
N ALA WB 187 -108.12 -119.26 -12.87
CA ALA WB 187 -108.69 -119.75 -14.12
C ALA WB 187 -108.26 -121.19 -14.37
N CYS WB 188 -109.23 -122.04 -14.70
CA CYS WB 188 -108.96 -123.37 -15.20
C CYS WB 188 -109.12 -123.39 -16.72
N THR WB 189 -108.45 -124.34 -17.36
CA THR WB 189 -108.37 -124.37 -18.83
C THR WB 189 -109.06 -125.59 -19.45
N HIS WB 190 -109.86 -126.32 -18.69
CA HIS WB 190 -110.55 -127.49 -19.21
C HIS WB 190 -111.93 -127.61 -18.58
N ALA WB 191 -112.82 -128.32 -19.27
CA ALA WB 191 -114.23 -128.39 -18.88
C ALA WB 191 -114.45 -129.14 -17.59
N SER WB 192 -113.57 -130.08 -17.24
CA SER WB 192 -113.62 -130.70 -15.92
C SER WB 192 -113.17 -129.70 -14.86
N ASN WB 193 -113.50 -130.02 -13.61
CA ASN WB 193 -113.03 -129.17 -12.51
C ASN WB 193 -112.22 -129.98 -11.51
N PRO WB 194 -110.94 -130.29 -11.80
CA PRO WB 194 -110.15 -131.05 -10.82
C PRO WB 194 -109.53 -130.20 -9.74
N VAL WB 195 -109.41 -128.90 -9.98
CA VAL WB 195 -108.53 -128.03 -9.19
C VAL WB 195 -109.17 -127.74 -7.83
N TYR WB 196 -108.54 -128.24 -6.78
CA TYR WB 196 -108.87 -127.86 -5.41
C TYR WB 196 -107.70 -127.05 -4.85
N ALA WB 197 -107.76 -125.75 -5.10
CA ALA WB 197 -106.67 -124.83 -4.77
C ALA WB 197 -106.99 -124.09 -3.49
N THR WB 198 -106.20 -124.34 -2.44
CA THR WB 198 -106.34 -123.64 -1.17
C THR WB 198 -105.10 -122.79 -0.96
N LEU WB 199 -105.30 -121.50 -0.71
CA LEU WB 199 -104.23 -120.54 -0.72
C LEU WB 199 -104.24 -119.72 0.56
N LYS WB 200 -103.06 -119.52 1.13
CA LYS WB 200 -102.86 -118.63 2.25
C LYS WB 200 -102.23 -117.33 1.76
N ILE WB 201 -102.94 -116.22 1.97
CA ILE WB 201 -102.60 -114.95 1.33
C ILE WB 201 -102.34 -113.94 2.44
N ARG WB 202 -101.06 -113.71 2.76
CA ARG WB 202 -100.70 -112.69 3.73
C ARG WB 202 -100.58 -111.34 3.06
N ILE WB 203 -101.25 -110.34 3.60
CA ILE WB 203 -100.99 -108.93 3.30
C ILE WB 203 -100.53 -108.28 4.61
N TYR WB 204 -99.29 -107.80 4.63
CA TYR WB 204 -98.83 -106.97 5.72
C TYR WB 204 -98.46 -105.60 5.17
N PHE WB 205 -98.88 -104.57 5.90
CA PHE WB 205 -98.87 -103.20 5.39
C PHE WB 205 -98.73 -102.18 6.51
N PRO XB 16 -66.54 -105.89 -40.82
CA PRO XB 16 -66.76 -105.86 -39.37
C PRO XB 16 -66.98 -107.25 -38.77
N ASP XB 17 -66.95 -108.28 -39.61
CA ASP XB 17 -67.24 -109.65 -39.18
C ASP XB 17 -66.07 -110.59 -39.42
N ILE XB 18 -65.41 -110.49 -40.58
CA ILE XB 18 -64.45 -111.48 -41.04
C ILE XB 18 -63.01 -111.01 -40.88
N PRO XB 19 -62.07 -111.90 -40.57
CA PRO XB 19 -60.66 -111.51 -40.48
C PRO XB 19 -59.83 -111.77 -41.72
N ARG XB 20 -60.40 -112.32 -42.80
CA ARG XB 20 -59.60 -112.83 -43.91
C ARG XB 20 -59.73 -112.00 -45.18
N GLY XB 21 -60.94 -111.83 -45.72
CA GLY XB 21 -61.13 -111.19 -47.00
C GLY XB 21 -62.56 -110.74 -47.20
N CYS XB 22 -62.72 -109.69 -48.01
CA CYS XB 22 -63.97 -108.95 -48.15
C CYS XB 22 -64.98 -109.64 -49.05
N GLU XB 23 -64.82 -110.94 -49.32
CA GLU XB 23 -65.86 -111.71 -49.98
C GLU XB 23 -67.09 -111.82 -49.09
N GLY XB 24 -68.23 -112.09 -49.72
CA GLY XB 24 -69.45 -112.34 -48.99
C GLY XB 24 -69.34 -113.64 -48.22
N PRO XB 25 -69.87 -113.66 -46.99
CA PRO XB 25 -69.83 -114.89 -46.19
C PRO XB 25 -70.77 -115.96 -46.74
N CYS XB 26 -70.29 -116.64 -47.78
CA CYS XB 26 -71.15 -117.53 -48.56
C CYS XB 26 -71.45 -118.82 -47.81
N LYS XB 27 -72.71 -119.25 -47.90
CA LYS XB 27 -73.16 -120.44 -47.20
C LYS XB 27 -72.93 -121.67 -48.08
N VAL XB 28 -72.36 -122.71 -47.48
CA VAL XB 28 -72.29 -124.04 -48.09
C VAL XB 28 -72.84 -125.01 -47.06
N GLN XB 29 -74.05 -125.48 -47.29
CA GLN XB 29 -74.79 -126.27 -46.31
C GLN XB 29 -74.71 -127.75 -46.65
N SER XB 30 -74.23 -128.53 -45.70
CA SER XB 30 -74.15 -129.98 -45.86
C SER XB 30 -75.35 -130.57 -45.14
N PHE XB 31 -76.50 -130.55 -45.80
CA PHE XB 31 -77.66 -131.24 -45.26
C PHE XB 31 -77.47 -132.75 -45.38
N GLU XB 32 -77.90 -133.46 -44.36
CA GLU XB 32 -77.99 -134.90 -44.42
C GLU XB 32 -79.41 -135.34 -44.09
N GLN XB 33 -79.84 -136.41 -44.75
CA GLN XB 33 -81.02 -137.17 -44.35
C GLN XB 33 -80.48 -138.58 -44.19
N ARG XB 34 -79.89 -138.84 -43.02
CA ARG XB 34 -79.10 -140.04 -42.80
C ARG XB 34 -79.41 -140.65 -41.44
N ASP XB 35 -78.57 -141.60 -41.03
CA ASP XB 35 -78.59 -142.17 -39.71
C ASP XB 35 -77.16 -142.53 -39.34
N ASP XB 36 -77.00 -143.37 -38.33
CA ASP XB 36 -75.68 -143.87 -37.97
C ASP XB 36 -75.81 -145.33 -37.57
N VAL XB 37 -74.69 -145.88 -37.09
CA VAL XB 37 -74.68 -147.17 -36.42
C VAL XB 37 -74.15 -146.89 -35.02
N LYS XB 38 -73.94 -147.95 -34.22
CA LYS XB 38 -73.36 -147.75 -32.90
C LYS XB 38 -71.93 -147.22 -32.98
N HIS XB 39 -71.15 -147.72 -33.94
CA HIS XB 39 -69.73 -147.39 -33.98
C HIS XB 39 -69.49 -146.00 -34.55
N LEU XB 40 -70.12 -145.67 -35.68
CA LEU XB 40 -69.70 -144.48 -36.38
C LEU XB 40 -70.84 -143.88 -37.20
N GLY XB 41 -70.92 -142.55 -37.17
CA GLY XB 41 -71.56 -141.81 -38.23
C GLY XB 41 -70.57 -140.79 -38.73
N ILE XB 42 -70.09 -140.95 -39.96
CA ILE XB 42 -68.97 -140.15 -40.45
C ILE XB 42 -69.49 -139.11 -41.43
N CYS XB 43 -69.03 -137.87 -41.23
CA CYS XB 43 -69.45 -136.75 -42.07
C CYS XB 43 -68.27 -135.80 -42.22
N LYS XB 44 -67.57 -135.87 -43.35
CA LYS XB 44 -66.71 -134.76 -43.74
C LYS XB 44 -67.59 -133.60 -44.19
N VAL XB 45 -67.54 -132.52 -43.43
CA VAL XB 45 -68.49 -131.43 -43.63
C VAL XB 45 -68.02 -130.51 -44.75
N ILE XB 46 -66.74 -130.57 -45.09
CA ILE XB 46 -66.15 -129.67 -46.08
C ILE XB 46 -66.03 -130.37 -47.44
N SER XB 47 -66.86 -131.39 -47.66
CA SER XB 47 -66.63 -132.34 -48.75
C SER XB 47 -66.97 -131.75 -50.11
N ASP XB 48 -68.22 -131.32 -50.29
CA ASP XB 48 -68.73 -130.93 -51.60
C ASP XB 48 -68.36 -129.50 -52.01
N VAL XB 49 -67.33 -128.90 -51.41
CA VAL XB 49 -66.97 -127.52 -51.71
C VAL XB 49 -65.97 -127.55 -52.87
N THR XB 50 -66.45 -127.28 -54.07
CA THR XB 50 -65.63 -127.27 -55.29
C THR XB 50 -65.45 -125.84 -55.76
N ARG XB 51 -64.52 -125.64 -56.69
CA ARG XB 51 -64.29 -124.33 -57.27
C ARG XB 51 -65.42 -123.99 -58.24
N GLY XB 52 -66.00 -122.80 -58.08
CA GLY XB 52 -67.05 -122.33 -58.94
C GLY XB 52 -67.45 -120.91 -58.61
N PRO XB 53 -68.22 -120.27 -59.51
CA PRO XB 53 -68.62 -118.88 -59.26
C PRO XB 53 -69.75 -118.73 -58.26
N GLY XB 54 -70.53 -119.78 -58.01
CA GLY XB 54 -71.66 -119.68 -57.12
C GLY XB 54 -71.26 -119.59 -55.66
N LEU XB 55 -72.24 -119.27 -54.82
CA LEU XB 55 -71.99 -119.14 -53.39
C LEU XB 55 -71.98 -120.48 -52.67
N THR XB 56 -72.34 -121.57 -53.34
CA THR XB 56 -72.12 -122.92 -52.83
C THR XB 56 -70.78 -123.48 -53.27
N HIS XB 57 -69.80 -122.61 -53.51
CA HIS XB 57 -68.52 -122.98 -54.10
C HIS XB 57 -67.42 -122.21 -53.37
N ARG XB 58 -66.23 -122.21 -53.96
CA ARG XB 58 -65.06 -121.62 -53.31
C ARG XB 58 -64.20 -120.92 -54.34
N VAL XB 59 -63.38 -119.98 -53.84
CA VAL XB 59 -62.40 -119.26 -54.65
C VAL XB 59 -61.02 -119.59 -54.09
N GLY XB 60 -60.24 -120.33 -54.87
CA GLY XB 60 -58.91 -120.73 -54.44
C GLY XB 60 -58.91 -122.00 -53.60
N LYS XB 61 -58.03 -122.05 -52.60
CA LYS XB 61 -57.93 -123.24 -51.75
C LYS XB 61 -57.72 -122.87 -50.29
N ARG XB 62 -58.13 -121.67 -49.89
CA ARG XB 62 -57.96 -121.19 -48.52
C ARG XB 62 -59.31 -120.83 -47.93
N PHE XB 63 -59.61 -121.40 -46.76
CA PHE XB 63 -60.84 -121.13 -46.04
C PHE XB 63 -60.52 -120.49 -44.69
N CYS XB 64 -61.51 -119.75 -44.17
CA CYS XB 64 -61.56 -119.41 -42.75
C CYS XB 64 -63.03 -119.55 -42.36
N ILE XB 65 -63.38 -120.73 -41.85
CA ILE XB 65 -64.76 -121.01 -41.44
C ILE XB 65 -65.10 -120.13 -40.25
N LYS XB 66 -66.08 -119.24 -40.44
CA LYS XB 66 -66.50 -118.36 -39.35
C LYS XB 66 -67.26 -119.13 -38.28
N SER XB 67 -68.30 -119.86 -38.69
CA SER XB 67 -69.06 -120.63 -37.73
C SER XB 67 -69.75 -121.80 -38.41
N ILE XB 68 -69.87 -122.90 -37.66
CA ILE XB 68 -70.70 -124.03 -38.03
C ILE XB 68 -72.00 -123.92 -37.25
N TYR XB 69 -73.12 -123.91 -37.98
CA TYR XB 69 -74.45 -123.78 -37.41
C TYR XB 69 -75.17 -125.11 -37.59
N ILE XB 70 -75.29 -125.88 -36.52
CA ILE XB 70 -75.82 -127.23 -36.57
C ILE XB 70 -77.29 -127.20 -36.19
N LEU XB 71 -78.15 -127.40 -37.17
CA LEU XB 71 -79.53 -127.78 -36.93
C LEU XB 71 -79.64 -129.30 -36.95
N GLY XB 72 -80.77 -129.80 -36.46
CA GLY XB 72 -80.98 -131.23 -36.51
C GLY XB 72 -82.06 -131.76 -35.61
N LYS XB 73 -82.82 -132.72 -36.11
CA LYS XB 73 -83.81 -133.44 -35.33
C LYS XB 73 -83.40 -134.91 -35.25
N ILE XB 74 -83.32 -135.42 -34.03
CA ILE XB 74 -82.78 -136.75 -33.76
C ILE XB 74 -83.90 -137.58 -33.18
N TRP XB 75 -84.42 -138.53 -33.95
CA TRP XB 75 -85.59 -139.29 -33.52
C TRP XB 75 -85.31 -140.78 -33.59
N LEU XB 76 -86.31 -141.53 -33.14
CA LEU XB 76 -86.42 -142.96 -33.36
C LEU XB 76 -87.85 -143.36 -33.71
N ASP XB 77 -88.64 -142.46 -34.30
CA ASP XB 77 -90.09 -142.58 -34.38
C ASP XB 77 -90.53 -143.46 -35.55
N GLU XB 78 -89.64 -144.31 -36.06
CA GLU XB 78 -90.04 -145.45 -36.86
C GLU XB 78 -90.88 -146.40 -36.00
N THR XB 79 -91.74 -147.20 -36.63
CA THR XB 79 -92.66 -148.07 -35.91
C THR XB 79 -91.96 -149.24 -35.18
N ILE XB 80 -90.65 -149.38 -35.37
CA ILE XB 80 -89.85 -150.41 -34.71
C ILE XB 80 -88.91 -149.62 -33.79
N LYS XB 81 -88.00 -150.31 -33.09
CA LYS XB 81 -87.00 -149.75 -32.17
C LYS XB 81 -87.66 -149.10 -30.95
N LYS XB 82 -88.77 -149.67 -30.50
CA LYS XB 82 -89.28 -149.43 -29.17
C LYS XB 82 -88.70 -150.40 -28.14
N GLN XB 83 -88.35 -151.62 -28.53
CA GLN XB 83 -87.55 -152.49 -27.69
C GLN XB 83 -86.06 -152.15 -27.87
N ASN XB 84 -85.25 -152.70 -26.95
CA ASN XB 84 -83.80 -152.45 -26.84
C ASN XB 84 -83.52 -150.95 -26.75
N HIS XB 85 -84.34 -150.26 -25.94
CA HIS XB 85 -84.46 -148.82 -25.99
C HIS XB 85 -83.54 -148.08 -25.03
N THR XB 86 -83.83 -146.79 -24.83
CA THR XB 86 -83.06 -145.83 -24.03
C THR XB 86 -81.61 -145.66 -24.47
N ASN XB 87 -81.40 -145.10 -25.66
CA ASN XB 87 -80.08 -144.78 -26.16
C ASN XB 87 -79.92 -143.26 -26.22
N ASN XB 88 -78.68 -142.79 -26.19
CA ASN XB 88 -78.39 -141.37 -26.31
C ASN XB 88 -77.29 -141.13 -27.34
N VAL XB 89 -77.20 -139.89 -27.81
CA VAL XB 89 -76.30 -139.52 -28.90
C VAL XB 89 -75.27 -138.54 -28.35
N ILE XB 90 -74.00 -138.84 -28.56
CA ILE XB 90 -72.91 -137.94 -28.21
C ILE XB 90 -72.30 -137.45 -29.52
N PHE XB 91 -72.25 -136.13 -29.71
CA PHE XB 91 -71.66 -135.59 -30.92
C PHE XB 91 -70.18 -135.26 -30.70
N TYR XB 92 -69.44 -135.29 -31.80
CA TYR XB 92 -68.00 -135.02 -31.77
C TYR XB 92 -67.65 -134.14 -32.96
N LEU XB 93 -67.12 -132.96 -32.69
CA LEU XB 93 -66.70 -132.02 -33.73
C LEU XB 93 -65.20 -131.84 -33.56
N LEU XB 94 -64.42 -132.44 -34.44
CA LEU XB 94 -62.98 -132.56 -34.26
C LEU XB 94 -62.24 -131.62 -35.20
N ARG XB 95 -61.15 -131.05 -34.71
CA ARG XB 95 -60.21 -130.32 -35.58
C ARG XB 95 -59.15 -131.32 -36.05
N ASP XB 96 -59.20 -131.68 -37.33
CA ASP XB 96 -58.27 -132.66 -37.89
C ASP XB 96 -56.97 -131.97 -38.31
N ARG XB 97 -55.89 -132.75 -38.29
CA ARG XB 97 -54.57 -132.23 -38.62
C ARG XB 97 -54.07 -132.65 -39.99
N ARG XB 98 -54.46 -133.81 -40.51
CA ARG XB 98 -53.96 -134.30 -41.79
C ARG XB 98 -55.01 -135.25 -42.38
N PRO XB 99 -55.12 -135.30 -43.71
CA PRO XB 99 -56.04 -136.27 -44.32
C PRO XB 99 -55.33 -137.54 -44.79
N TYR XB 100 -56.10 -138.58 -45.09
CA TYR XB 100 -55.62 -139.73 -45.86
C TYR XB 100 -56.73 -140.12 -46.83
N GLY XB 101 -56.74 -139.48 -48.01
CA GLY XB 101 -57.73 -139.77 -49.02
C GLY XB 101 -59.16 -139.51 -48.59
N ASN XB 102 -59.89 -140.59 -48.35
CA ASN XB 102 -61.24 -140.54 -47.81
C ASN XB 102 -61.20 -140.35 -46.29
N ALA XB 103 -62.35 -140.53 -45.65
CA ALA XB 103 -62.42 -140.37 -44.21
C ALA XB 103 -61.80 -141.58 -43.50
N PRO XB 104 -61.06 -141.35 -42.40
CA PRO XB 104 -60.47 -142.48 -41.67
C PRO XB 104 -61.49 -143.21 -40.81
N GLN XB 105 -61.01 -144.18 -40.02
CA GLN XB 105 -61.87 -144.92 -39.12
C GLN XB 105 -62.33 -144.04 -37.96
N ASP XB 106 -63.30 -144.55 -37.21
CA ASP XB 106 -63.69 -143.93 -35.94
C ASP XB 106 -63.21 -144.73 -34.75
N PHE XB 107 -63.64 -146.00 -34.65
CA PHE XB 107 -63.32 -146.80 -33.47
C PHE XB 107 -61.84 -147.20 -33.44
N GLY XB 108 -61.20 -147.27 -34.60
CA GLY XB 108 -59.78 -147.43 -34.67
C GLY XB 108 -58.98 -146.15 -34.60
N GLN XB 109 -59.67 -145.00 -34.47
CA GLN XB 109 -59.00 -143.71 -34.38
C GLN XB 109 -59.18 -143.07 -33.01
N ILE XB 110 -60.42 -142.87 -32.56
CA ILE XB 110 -60.61 -142.50 -31.16
C ILE XB 110 -60.44 -143.74 -30.29
N PHE XB 111 -60.18 -143.50 -29.01
CA PHE XB 111 -59.44 -144.50 -28.23
C PHE XB 111 -60.32 -145.65 -27.75
N ASN XB 112 -61.34 -145.38 -26.93
CA ASN XB 112 -62.00 -146.45 -26.21
C ASN XB 112 -63.48 -146.44 -26.56
N MET XB 113 -64.25 -147.28 -25.88
CA MET XB 113 -65.64 -147.56 -26.24
C MET XB 113 -66.57 -146.44 -25.77
N PHE XB 114 -66.79 -145.48 -26.67
CA PHE XB 114 -67.95 -144.59 -26.81
C PHE XB 114 -67.99 -143.49 -25.75
N ASP XB 115 -67.10 -143.50 -24.75
CA ASP XB 115 -66.88 -142.39 -23.85
C ASP XB 115 -65.37 -142.19 -23.74
N ASN XB 116 -64.82 -141.38 -24.62
CA ASN XB 116 -63.39 -141.40 -24.84
C ASN XB 116 -62.89 -140.07 -25.39
N GLU XB 117 -61.64 -140.11 -25.85
CA GLU XB 117 -60.86 -139.04 -26.46
C GLU XB 117 -60.13 -139.67 -27.63
N PRO XB 118 -59.46 -138.90 -28.50
CA PRO XB 118 -58.56 -139.52 -29.47
C PRO XB 118 -57.39 -140.22 -28.81
N SER XB 119 -56.81 -141.17 -29.54
CA SER XB 119 -55.73 -142.01 -29.01
C SER XB 119 -54.45 -141.20 -28.80
N THR XB 120 -53.54 -141.77 -28.01
CA THR XB 120 -52.28 -141.10 -27.70
C THR XB 120 -51.37 -141.00 -28.90
N ALA XB 121 -51.48 -141.92 -29.86
CA ALA XB 121 -50.66 -141.89 -31.07
C ALA XB 121 -51.28 -141.07 -32.19
N THR XB 122 -52.41 -140.41 -31.94
CA THR XB 122 -53.15 -139.73 -33.01
C THR XB 122 -53.20 -138.22 -32.84
N ILE XB 123 -52.69 -137.69 -31.72
CA ILE XB 123 -52.78 -136.25 -31.46
C ILE XB 123 -51.81 -135.48 -32.35
N PHE XB 131 -55.81 -136.46 -33.24
CA PHE XB 131 -56.43 -135.32 -33.90
C PHE XB 131 -57.06 -134.44 -32.83
N GLN XB 132 -57.08 -133.13 -33.07
CA GLN XB 132 -57.62 -132.22 -32.06
C GLN XB 132 -59.14 -132.29 -32.02
N VAL XB 133 -59.69 -131.88 -30.89
CA VAL XB 133 -61.12 -131.86 -30.62
C VAL XB 133 -61.51 -130.40 -30.51
N LEU XB 134 -62.75 -130.07 -30.89
CA LEU XB 134 -63.26 -128.74 -30.53
C LEU XB 134 -64.27 -128.79 -29.38
N ARG XB 135 -65.41 -129.46 -29.57
CA ARG XB 135 -66.41 -129.60 -28.50
C ARG XB 135 -67.21 -130.88 -28.70
N LYS XB 136 -68.16 -131.10 -27.78
CA LYS XB 136 -69.08 -132.22 -27.78
C LYS XB 136 -70.50 -131.72 -27.65
N PHE XB 137 -71.47 -132.61 -27.80
CA PHE XB 137 -72.88 -132.29 -27.57
C PHE XB 137 -73.58 -133.50 -26.95
N HIS XB 138 -74.87 -133.34 -26.67
CA HIS XB 138 -75.68 -134.41 -26.10
C HIS XB 138 -77.04 -134.43 -26.77
N ALA XB 139 -77.62 -135.63 -26.85
CA ALA XB 139 -78.98 -135.81 -27.34
C ALA XB 139 -79.47 -137.14 -26.78
N THR XB 140 -80.51 -137.10 -25.96
CA THR XB 140 -80.99 -138.26 -25.22
C THR XB 140 -82.41 -138.60 -25.66
N VAL XB 141 -82.57 -139.70 -26.40
CA VAL XB 141 -83.87 -140.14 -26.88
C VAL XB 141 -84.22 -141.46 -26.22
N VAL XB 142 -85.07 -141.40 -25.19
CA VAL XB 142 -85.39 -142.59 -24.41
C VAL XB 142 -86.88 -142.95 -24.59
N GLY XB 143 -87.15 -143.89 -25.49
CA GLY XB 143 -88.53 -144.29 -25.71
C GLY XB 143 -88.75 -145.78 -25.79
N GLY XB 144 -89.52 -146.33 -24.84
CA GLY XB 144 -89.80 -147.76 -24.85
C GLY XB 144 -91.26 -148.06 -25.13
N LEU XB 145 -92.00 -148.44 -24.09
CA LEU XB 145 -93.42 -148.71 -24.22
C LEU XB 145 -94.16 -148.06 -23.06
N TYR XB 146 -95.48 -147.97 -23.23
CA TYR XB 146 -96.48 -147.54 -22.24
C TYR XB 146 -96.35 -146.10 -21.77
N CYS XB 147 -95.45 -145.28 -22.31
CA CYS XB 147 -95.74 -143.86 -22.29
C CYS XB 147 -95.66 -143.26 -23.71
N MET XB 148 -94.61 -143.49 -24.53
CA MET XB 148 -93.20 -143.78 -24.21
C MET XB 148 -92.50 -142.41 -24.16
N LYS XB 149 -91.89 -142.08 -23.03
CA LYS XB 149 -91.53 -140.69 -22.82
C LYS XB 149 -90.04 -140.44 -23.10
N GLU XB 150 -89.74 -140.35 -24.41
CA GLU XB 150 -88.96 -139.32 -25.10
C GLU XB 150 -88.85 -139.69 -26.57
N GLN XB 151 -88.63 -138.68 -27.40
CA GLN XB 151 -88.62 -138.78 -28.86
C GLN XB 151 -87.79 -137.63 -29.43
N ALA XB 152 -88.07 -137.30 -30.70
CA ALA XB 152 -87.38 -136.31 -31.54
C ALA XB 152 -87.06 -135.02 -30.79
N LEU XB 153 -85.77 -134.73 -30.66
CA LEU XB 153 -85.30 -133.52 -30.00
C LEU XB 153 -84.71 -132.58 -31.04
N VAL XB 154 -84.83 -131.28 -30.80
CA VAL XB 154 -84.30 -130.29 -31.73
C VAL XB 154 -83.06 -129.64 -31.12
N LYS XB 155 -81.99 -129.56 -31.90
CA LYS XB 155 -80.73 -129.00 -31.45
C LYS XB 155 -80.26 -127.93 -32.41
N ARG XB 156 -80.10 -126.70 -31.92
CA ARG XB 156 -79.48 -125.62 -32.68
C ARG XB 156 -78.28 -125.09 -31.88
N PHE XB 157 -77.19 -124.79 -32.58
CA PHE XB 157 -75.96 -124.35 -31.93
C PHE XB 157 -75.18 -123.42 -32.86
N TYR XB 158 -74.97 -122.19 -32.42
CA TYR XB 158 -73.85 -121.40 -32.93
C TYR XB 158 -72.54 -122.02 -32.43
N ARG XB 159 -71.53 -122.07 -33.31
CA ARG XB 159 -70.25 -122.67 -32.92
C ARG XB 159 -69.16 -122.04 -33.81
N LEU XB 160 -68.41 -121.10 -33.24
CA LEU XB 160 -67.36 -120.40 -33.99
C LEU XB 160 -66.13 -121.29 -34.13
N ASN XB 161 -65.49 -121.21 -35.29
CA ASN XB 161 -64.35 -122.08 -35.62
C ASN XB 161 -63.35 -121.27 -36.43
N HIS XB 162 -62.43 -121.96 -37.09
CA HIS XB 162 -61.29 -121.28 -37.75
C HIS XB 162 -60.92 -122.02 -39.03
N HIS XB 163 -59.72 -121.74 -39.54
CA HIS XB 163 -59.36 -121.86 -40.96
C HIS XB 163 -59.17 -123.31 -41.41
N VAL XB 164 -59.33 -123.49 -42.72
CA VAL XB 164 -59.22 -124.78 -43.41
C VAL XB 164 -58.46 -124.53 -44.72
N THR XB 165 -57.57 -125.46 -45.11
CA THR XB 165 -56.84 -125.35 -46.37
C THR XB 165 -57.11 -126.59 -47.22
N TYR XB 166 -57.26 -126.39 -48.53
CA TYR XB 166 -57.24 -127.48 -49.49
C TYR XB 166 -55.88 -127.57 -50.16
N ASN XB 167 -55.50 -128.81 -50.53
CA ASN XB 167 -54.19 -129.02 -51.15
C ASN XB 167 -54.23 -128.66 -52.64
N HIS XB 168 -55.03 -129.38 -53.41
CA HIS XB 168 -55.03 -129.20 -54.85
C HIS XB 168 -55.87 -127.99 -55.26
N GLN XB 169 -55.61 -127.52 -56.48
CA GLN XB 169 -56.35 -126.41 -57.06
C GLN XB 169 -57.49 -126.90 -57.95
N GLU XB 170 -57.99 -128.10 -57.68
CA GLU XB 170 -59.06 -128.73 -58.44
C GLU XB 170 -60.41 -128.19 -58.03
N ALA XB 171 -61.41 -128.48 -58.83
CA ALA XB 171 -62.81 -128.32 -58.43
C ALA XB 171 -63.34 -129.65 -57.87
N GLY XB 172 -62.61 -130.16 -56.88
CA GLY XB 172 -62.78 -131.52 -56.41
C GLY XB 172 -63.48 -131.61 -55.07
N LYS XB 173 -63.71 -132.86 -54.67
CA LYS XB 173 -64.42 -133.21 -53.45
C LYS XB 173 -63.42 -133.35 -52.30
N TYR XB 174 -63.82 -134.01 -51.21
CA TYR XB 174 -63.05 -134.14 -49.97
C TYR XB 174 -61.72 -134.87 -50.10
N GLU XB 175 -61.42 -135.46 -51.26
CA GLU XB 175 -60.24 -136.33 -51.37
C GLU XB 175 -58.93 -135.54 -51.39
N ASN XB 176 -58.95 -134.29 -51.84
CA ASN XB 176 -57.74 -133.52 -52.05
C ASN XB 176 -57.44 -132.55 -50.91
N HIS XB 177 -57.70 -132.96 -49.67
CA HIS XB 177 -57.48 -132.10 -48.51
C HIS XB 177 -55.99 -132.01 -48.17
N THR XB 178 -55.70 -131.19 -47.16
CA THR XB 178 -54.38 -131.03 -46.55
C THR XB 178 -54.62 -130.70 -45.08
N GLU XB 179 -53.61 -130.09 -44.44
CA GLU XB 179 -53.65 -129.67 -43.05
C GLU XB 179 -54.90 -128.85 -42.72
N ASN XB 180 -55.33 -128.96 -41.46
CA ASN XB 180 -56.47 -128.26 -40.86
C ASN XB 180 -57.78 -128.59 -41.58
N ALA XB 181 -58.15 -129.87 -41.50
CA ALA XB 181 -59.50 -130.30 -41.83
C ALA XB 181 -60.34 -130.32 -40.56
N LEU XB 182 -61.65 -130.47 -40.75
CA LEU XB 182 -62.57 -130.60 -39.62
C LEU XB 182 -63.83 -131.34 -40.10
N LEU XB 183 -64.34 -132.21 -39.25
CA LEU XB 183 -65.44 -133.09 -39.63
C LEU XB 183 -66.17 -133.54 -38.36
N LEU XB 184 -67.19 -134.37 -38.56
CA LEU XB 184 -68.05 -134.81 -37.46
C LEU XB 184 -68.00 -136.32 -37.29
N TYR XB 185 -68.20 -136.76 -36.05
CA TYR XB 185 -68.52 -138.14 -35.74
C TYR XB 185 -69.72 -138.16 -34.81
N MET XB 186 -70.62 -139.11 -35.06
CA MET XB 186 -71.79 -139.32 -34.23
C MET XB 186 -71.70 -140.72 -33.63
N ALA XB 187 -72.10 -140.86 -32.37
CA ALA XB 187 -71.90 -142.09 -31.64
C ALA XB 187 -73.18 -142.51 -30.92
N CYS XB 188 -73.56 -143.77 -31.08
CA CYS XB 188 -74.60 -144.39 -30.29
C CYS XB 188 -73.99 -145.23 -29.19
N THR XB 189 -74.76 -145.43 -28.11
CA THR XB 189 -74.23 -146.09 -26.92
C THR XB 189 -74.89 -147.43 -26.61
N HIS XB 190 -75.63 -148.00 -27.56
CA HIS XB 190 -76.29 -149.28 -27.35
C HIS XB 190 -76.28 -150.09 -28.63
N ALA XB 191 -76.42 -151.41 -28.48
CA ALA XB 191 -76.26 -152.34 -29.60
C ALA XB 191 -77.37 -152.21 -30.62
N SER XB 192 -78.55 -151.79 -30.22
CA SER XB 192 -79.60 -151.46 -31.18
C SER XB 192 -79.26 -150.19 -31.94
N ASN XB 193 -79.93 -149.98 -33.05
CA ASN XB 193 -79.73 -148.74 -33.79
C ASN XB 193 -81.05 -147.99 -33.96
N PRO XB 194 -81.54 -147.28 -32.94
CA PRO XB 194 -82.80 -146.54 -33.11
C PRO XB 194 -82.61 -145.18 -33.74
N VAL XB 195 -81.40 -144.63 -33.72
CA VAL XB 195 -81.18 -143.22 -33.97
C VAL XB 195 -81.28 -142.94 -35.47
N TYR XB 196 -82.30 -142.17 -35.86
CA TYR XB 196 -82.41 -141.61 -37.19
C TYR XB 196 -82.20 -140.10 -37.09
N ALA XB 197 -80.94 -139.70 -37.15
CA ALA XB 197 -80.54 -138.31 -36.94
C ALA XB 197 -80.30 -137.63 -38.27
N THR XB 198 -81.13 -136.64 -38.59
CA THR XB 198 -80.97 -135.84 -39.79
C THR XB 198 -80.63 -134.41 -39.37
N LEU XB 199 -79.53 -133.90 -39.92
CA LEU XB 199 -78.95 -132.65 -39.45
C LEU XB 199 -78.72 -131.71 -40.62
N LYS XB 200 -79.07 -130.44 -40.40
CA LYS XB 200 -78.77 -129.37 -41.33
C LYS XB 200 -77.60 -128.56 -40.80
N ILE XB 201 -76.51 -128.53 -41.57
CA ILE XB 201 -75.23 -128.03 -41.09
C ILE XB 201 -74.83 -126.85 -42.00
N ARG XB 202 -75.09 -125.63 -41.54
CA ARG XB 202 -74.65 -124.45 -42.27
C ARG XB 202 -73.22 -124.09 -41.90
N ILE XB 203 -72.37 -123.91 -42.92
CA ILE XB 203 -71.09 -123.25 -42.77
C ILE XB 203 -71.13 -122.00 -43.63
N TYR XB 204 -71.03 -120.83 -43.01
CA TYR XB 204 -70.85 -119.59 -43.75
C TYR XB 204 -69.51 -118.98 -43.33
N PHE XB 205 -68.77 -118.51 -44.34
CA PHE XB 205 -67.37 -118.16 -44.17
C PHE XB 205 -66.94 -117.07 -45.15
N PRO YB 16 -47.61 -121.23 -18.80
CA PRO YB 16 -48.82 -120.44 -18.52
C PRO YB 16 -49.93 -121.24 -17.85
N ASP YB 17 -49.67 -122.53 -17.60
CA ASP YB 17 -50.69 -123.43 -17.05
C ASP YB 17 -50.25 -124.03 -15.71
N ILE YB 18 -49.00 -124.44 -15.59
CA ILE YB 18 -48.53 -125.26 -14.47
C ILE YB 18 -47.72 -124.45 -13.48
N PRO YB 19 -47.80 -124.75 -12.18
CA PRO YB 19 -46.99 -124.05 -11.19
C PRO YB 19 -45.70 -124.77 -10.77
N ARG YB 20 -45.40 -125.94 -11.32
CA ARG YB 20 -44.34 -126.78 -10.78
C ARG YB 20 -43.12 -126.88 -11.68
N GLY YB 21 -43.28 -127.35 -12.92
CA GLY YB 21 -42.16 -127.62 -13.79
C GLY YB 21 -42.56 -127.72 -15.24
N CYS YB 22 -41.63 -127.38 -16.13
CA CYS YB 22 -41.89 -127.18 -17.55
C CYS YB 22 -42.01 -128.48 -18.35
N GLU YB 23 -42.22 -129.62 -17.68
CA GLU YB 23 -42.56 -130.85 -18.36
C GLU YB 23 -43.93 -130.72 -19.04
N GLY YB 24 -44.15 -131.57 -20.04
CA GLY YB 24 -45.43 -131.65 -20.69
C GLY YB 24 -46.47 -132.21 -19.74
N PRO YB 25 -47.69 -131.65 -19.77
CA PRO YB 25 -48.75 -132.16 -18.89
C PRO YB 25 -49.23 -133.53 -19.31
N CYS YB 26 -48.47 -134.55 -18.94
CA CYS YB 26 -48.66 -135.89 -19.45
C CYS YB 26 -49.89 -136.56 -18.85
N LYS YB 27 -50.64 -137.25 -19.69
CA LYS YB 27 -51.87 -137.91 -19.27
C LYS YB 27 -51.56 -139.32 -18.78
N VAL YB 28 -52.13 -139.66 -17.62
CA VAL YB 28 -52.14 -141.02 -17.12
C VAL YB 28 -53.59 -141.35 -16.78
N GLN YB 29 -54.23 -142.13 -17.62
CA GLN YB 29 -55.67 -142.38 -17.53
C GLN YB 29 -55.94 -143.72 -16.87
N SER YB 30 -56.77 -143.70 -15.83
CA SER YB 30 -57.20 -144.91 -15.14
C SER YB 30 -58.61 -145.22 -15.62
N PHE YB 31 -58.70 -145.84 -16.79
CA PHE YB 31 -59.99 -146.33 -17.26
C PHE YB 31 -60.41 -147.54 -16.44
N GLU YB 32 -61.70 -147.60 -16.13
CA GLU YB 32 -62.29 -148.78 -15.56
C GLU YB 32 -63.45 -149.25 -16.43
N GLN YB 33 -63.61 -150.57 -16.48
CA GLN YB 33 -64.84 -151.19 -16.98
C GLN YB 33 -65.26 -152.09 -15.82
N ARG YB 34 -65.94 -151.48 -14.86
CA ARG YB 34 -66.19 -152.11 -13.56
C ARG YB 34 -67.62 -151.87 -13.11
N ASP YB 35 -67.88 -152.20 -11.85
CA ASP YB 35 -69.12 -151.87 -11.18
C ASP YB 35 -68.80 -151.64 -9.71
N ASP YB 36 -69.83 -151.67 -8.87
CA ASP YB 36 -69.61 -151.56 -7.44
C ASP YB 36 -70.58 -152.50 -6.73
N VAL YB 37 -70.59 -152.40 -5.40
CA VAL YB 37 -71.61 -153.03 -4.58
C VAL YB 37 -72.28 -151.88 -3.82
N LYS YB 38 -73.19 -152.19 -2.90
CA LYS YB 38 -73.81 -151.14 -2.11
C LYS YB 38 -72.79 -150.46 -1.21
N HIS YB 39 -71.87 -151.23 -0.62
CA HIS YB 39 -70.97 -150.68 0.38
C HIS YB 39 -69.85 -149.87 -0.25
N LEU YB 40 -69.20 -150.41 -1.28
CA LEU YB 40 -67.96 -149.79 -1.70
C LEU YB 40 -67.69 -150.04 -3.18
N GLY YB 41 -67.21 -149.01 -3.86
CA GLY YB 41 -66.44 -149.19 -5.07
C GLY YB 41 -65.13 -148.45 -4.89
N ILE YB 42 -64.03 -149.19 -4.80
CA ILE YB 42 -62.75 -148.60 -4.41
C ILE YB 42 -61.85 -148.46 -5.63
N CYS YB 43 -61.26 -147.27 -5.76
CA CYS YB 43 -60.40 -146.97 -6.89
C CYS YB 43 -59.28 -146.06 -6.42
N LYS YB 44 -58.10 -146.62 -6.16
CA LYS YB 44 -56.90 -145.78 -6.09
C LYS YB 44 -56.55 -145.33 -7.50
N VAL YB 45 -56.65 -144.02 -7.72
CA VAL YB 45 -56.55 -143.51 -9.08
C VAL YB 45 -55.09 -143.33 -9.48
N ILE YB 46 -54.19 -143.29 -8.50
CA ILE YB 46 -52.78 -143.03 -8.73
C ILE YB 46 -51.99 -144.33 -8.74
N SER YB 47 -52.66 -145.46 -9.03
CA SER YB 47 -52.11 -146.77 -8.74
C SER YB 47 -51.03 -147.18 -9.72
N ASP YB 48 -51.36 -147.23 -11.02
CA ASP YB 48 -50.49 -147.79 -12.03
C ASP YB 48 -49.40 -146.83 -12.51
N VAL YB 49 -49.07 -145.79 -11.76
CA VAL YB 49 -48.09 -144.79 -12.21
C VAL YB 49 -46.72 -145.26 -11.73
N THR YB 50 -45.95 -145.87 -12.63
CA THR YB 50 -44.61 -146.38 -12.34
C THR YB 50 -43.57 -145.49 -13.00
N ARG YB 51 -42.31 -145.67 -12.62
CA ARG YB 51 -41.23 -144.93 -13.24
C ARG YB 51 -40.94 -145.47 -14.64
N GLY YB 52 -40.87 -144.57 -15.61
CA GLY YB 52 -40.58 -144.94 -16.97
C GLY YB 52 -40.45 -143.72 -17.86
N PRO YB 53 -39.92 -143.92 -19.07
CA PRO YB 53 -39.74 -142.77 -19.98
C PRO YB 53 -41.02 -142.32 -20.67
N GLY YB 54 -42.04 -143.17 -20.75
CA GLY YB 54 -43.25 -142.82 -21.44
C GLY YB 54 -44.11 -141.81 -20.69
N LEU YB 55 -45.11 -141.29 -21.39
CA LEU YB 55 -46.01 -140.31 -20.80
C LEU YB 55 -47.09 -140.94 -19.93
N THR YB 56 -47.22 -142.27 -19.93
CA THR YB 56 -48.04 -142.98 -18.96
C THR YB 56 -47.24 -143.37 -17.72
N HIS YB 57 -46.20 -142.62 -17.41
CA HIS YB 57 -45.25 -142.96 -16.36
C HIS YB 57 -44.90 -141.69 -15.58
N ARG YB 58 -43.85 -141.76 -14.77
CA ARG YB 58 -43.49 -140.67 -13.88
C ARG YB 58 -41.98 -140.53 -13.82
N VAL YB 59 -41.55 -139.33 -13.43
CA VAL YB 59 -40.14 -139.02 -13.21
C VAL YB 59 -39.97 -138.65 -11.74
N GLY YB 60 -39.28 -139.50 -10.99
CA GLY YB 60 -39.08 -139.27 -9.58
C GLY YB 60 -40.23 -139.79 -8.72
N LYS YB 61 -40.56 -139.04 -7.66
CA LYS YB 61 -41.62 -139.46 -6.75
C LYS YB 61 -42.46 -138.27 -6.28
N ARG YB 62 -42.48 -137.19 -7.06
CA ARG YB 62 -43.22 -135.99 -6.71
C ARG YB 62 -44.23 -135.66 -7.80
N PHE YB 63 -45.48 -135.49 -7.41
CA PHE YB 63 -46.56 -135.13 -8.33
C PHE YB 63 -47.13 -133.78 -7.94
N CYS YB 64 -47.73 -133.12 -8.93
CA CYS YB 64 -48.69 -132.03 -8.69
C CYS YB 64 -49.79 -132.25 -9.71
N ILE YB 65 -50.85 -132.95 -9.29
CA ILE YB 65 -51.99 -133.24 -10.17
C ILE YB 65 -52.70 -131.93 -10.49
N LYS YB 66 -52.69 -131.57 -11.76
CA LYS YB 66 -53.37 -130.33 -12.19
C LYS YB 66 -54.87 -130.49 -12.12
N SER YB 67 -55.42 -131.52 -12.76
CA SER YB 67 -56.85 -131.73 -12.74
C SER YB 67 -57.17 -133.20 -12.97
N ILE YB 68 -58.24 -133.65 -12.32
CA ILE YB 68 -58.86 -134.94 -12.60
C ILE YB 68 -60.07 -134.69 -13.48
N TYR YB 69 -60.09 -135.36 -14.63
CA TYR YB 69 -61.16 -135.22 -15.61
C TYR YB 69 -61.94 -136.52 -15.64
N ILE YB 70 -63.13 -136.52 -15.05
CA ILE YB 70 -63.92 -137.74 -14.87
C ILE YB 70 -64.95 -137.80 -15.99
N LEU YB 71 -64.74 -138.73 -16.92
CA LEU YB 71 -65.80 -139.20 -17.80
C LEU YB 71 -66.46 -140.42 -17.18
N GLY YB 72 -67.62 -140.78 -17.73
CA GLY YB 72 -68.26 -141.98 -17.25
C GLY YB 72 -69.73 -142.11 -17.62
N LYS YB 73 -70.14 -143.33 -17.96
CA LYS YB 73 -71.53 -143.65 -18.18
C LYS YB 73 -71.99 -144.67 -17.14
N ILE YB 74 -73.06 -144.34 -16.44
CA ILE YB 74 -73.53 -145.11 -15.29
C ILE YB 74 -74.90 -145.67 -15.65
N TRP YB 75 -74.97 -146.98 -15.89
CA TRP YB 75 -76.20 -147.58 -16.35
C TRP YB 75 -76.63 -148.73 -15.45
N LEU YB 76 -77.78 -149.28 -15.79
CA LEU YB 76 -78.27 -150.55 -15.28
C LEU YB 76 -78.91 -151.38 -16.39
N ASP YB 77 -78.50 -151.18 -17.64
CA ASP YB 77 -79.24 -151.66 -18.80
C ASP YB 77 -78.95 -153.12 -19.13
N GLU YB 78 -78.46 -153.88 -18.16
CA GLU YB 78 -78.53 -155.34 -18.21
C GLU YB 78 -79.99 -155.76 -18.19
N THR YB 79 -80.30 -156.95 -18.73
CA THR YB 79 -81.68 -157.41 -18.85
C THR YB 79 -82.34 -157.75 -17.51
N ILE YB 80 -81.58 -157.68 -16.41
CA ILE YB 80 -82.08 -157.93 -15.06
C ILE YB 80 -81.95 -156.57 -14.37
N LYS YB 81 -82.29 -156.50 -13.07
CA LYS YB 81 -82.25 -155.31 -12.22
C LYS YB 81 -83.23 -154.24 -12.68
N LYS YB 82 -84.38 -154.67 -13.20
CA LYS YB 82 -85.55 -153.81 -13.30
C LYS YB 82 -86.41 -153.85 -12.05
N GLN YB 83 -86.44 -154.96 -11.32
CA GLN YB 83 -87.01 -154.99 -9.98
C GLN YB 83 -85.98 -154.49 -8.97
N ASN YB 84 -86.46 -154.20 -7.75
CA ASN YB 84 -85.70 -153.62 -6.64
C ASN YB 84 -85.01 -152.33 -7.07
N HIS YB 85 -85.74 -151.51 -7.81
CA HIS YB 85 -85.19 -150.43 -8.61
C HIS YB 85 -85.12 -149.09 -7.89
N THR YB 86 -84.89 -148.03 -8.66
CA THR YB 86 -84.71 -146.63 -8.22
C THR YB 86 -83.56 -146.44 -7.25
N ASN YB 87 -82.32 -146.65 -7.71
CA ASN YB 87 -81.13 -146.39 -6.92
C ASN YB 87 -80.38 -145.19 -7.52
N ASN YB 88 -79.57 -144.54 -6.70
CA ASN YB 88 -78.75 -143.43 -7.17
C ASN YB 88 -77.31 -143.61 -6.69
N VAL YB 89 -76.40 -142.87 -7.34
CA VAL YB 89 -74.97 -143.02 -7.11
C VAL YB 89 -74.44 -141.70 -6.56
N ILE YB 90 -73.75 -141.78 -5.43
CA ILE YB 90 -73.07 -140.63 -4.84
C ILE YB 90 -71.58 -140.87 -4.96
N PHE YB 91 -70.87 -139.94 -5.61
CA PHE YB 91 -69.43 -140.08 -5.75
C PHE YB 91 -68.70 -139.37 -4.62
N TYR YB 92 -67.50 -139.86 -4.33
CA TYR YB 92 -66.66 -139.32 -3.27
C TYR YB 92 -65.23 -139.25 -3.77
N LEU YB 93 -64.67 -138.04 -3.79
CA LEU YB 93 -63.29 -137.82 -4.21
C LEU YB 93 -62.57 -137.24 -3.00
N LEU YB 94 -61.74 -138.06 -2.35
CA LEU YB 94 -61.19 -137.73 -1.05
C LEU YB 94 -59.72 -137.37 -1.17
N ARG YB 95 -59.27 -136.40 -0.38
CA ARG YB 95 -57.85 -136.13 -0.21
C ARG YB 95 -57.36 -136.95 0.97
N ASP YB 96 -56.57 -137.98 0.70
CA ASP YB 96 -56.06 -138.88 1.74
C ASP YB 96 -54.81 -138.29 2.36
N ARG YB 97 -54.56 -138.65 3.62
CA ARG YB 97 -53.43 -138.14 4.37
C ARG YB 97 -52.31 -139.16 4.57
N ARG YB 98 -52.59 -140.45 4.61
CA ARG YB 98 -51.58 -141.48 4.84
C ARG YB 98 -52.05 -142.79 4.24
N PRO YB 99 -51.15 -143.63 3.74
CA PRO YB 99 -51.55 -144.94 3.25
C PRO YB 99 -51.35 -146.04 4.28
N TYR YB 100 -51.96 -147.20 4.03
CA TYR YB 100 -51.60 -148.45 4.72
C TYR YB 100 -51.60 -149.57 3.68
N GLY YB 101 -50.47 -149.76 3.01
CA GLY YB 101 -50.34 -150.79 2.00
C GLY YB 101 -51.29 -150.65 0.84
N ASN YB 102 -52.30 -151.52 0.82
CA ASN YB 102 -53.38 -151.47 -0.15
C ASN YB 102 -54.42 -150.43 0.26
N ALA YB 103 -55.58 -150.45 -0.39
CA ALA YB 103 -56.63 -149.50 -0.07
C ALA YB 103 -57.33 -149.89 1.23
N PRO YB 104 -57.68 -148.92 2.08
CA PRO YB 104 -58.39 -149.26 3.33
C PRO YB 104 -59.86 -149.56 3.10
N GLN YB 105 -60.60 -149.74 4.18
CA GLN YB 105 -62.03 -150.00 4.11
C GLN YB 105 -62.78 -148.73 3.68
N ASP YB 106 -64.06 -148.90 3.36
CA ASP YB 106 -64.95 -147.77 3.16
C ASP YB 106 -65.93 -147.61 4.30
N PHE YB 107 -66.75 -148.64 4.57
CA PHE YB 107 -67.79 -148.51 5.58
C PHE YB 107 -67.20 -148.48 6.99
N GLY YB 108 -66.03 -149.07 7.18
CA GLY YB 108 -65.30 -148.92 8.42
C GLY YB 108 -64.42 -147.69 8.49
N GLN YB 109 -64.41 -146.88 7.44
CA GLN YB 109 -63.60 -145.66 7.42
C GLN YB 109 -64.45 -144.40 7.39
N ILE YB 110 -65.36 -144.26 6.42
CA ILE YB 110 -66.36 -143.20 6.54
C ILE YB 110 -67.43 -143.63 7.53
N PHE YB 111 -68.17 -142.63 8.04
CA PHE YB 111 -68.79 -142.80 9.35
C PHE YB 111 -70.07 -143.63 9.31
N ASN YB 112 -71.08 -143.16 8.60
CA ASN YB 112 -72.42 -143.72 8.79
C ASN YB 112 -72.92 -144.25 7.44
N MET YB 113 -74.18 -144.69 7.41
CA MET YB 113 -74.74 -145.42 6.28
C MET YB 113 -75.11 -144.47 5.14
N PHE YB 114 -74.15 -144.30 4.23
CA PHE YB 114 -74.28 -143.94 2.82
C PHE YB 114 -74.64 -142.47 2.60
N ASP YB 115 -74.94 -141.71 3.65
CA ASP YB 115 -75.06 -140.25 3.61
C ASP YB 115 -74.27 -139.71 4.78
N ASN YB 116 -72.98 -139.45 4.59
CA ASN YB 116 -72.09 -139.27 5.72
C ASN YB 116 -70.88 -138.45 5.33
N GLU YB 117 -69.90 -138.46 6.24
CA GLU YB 117 -68.60 -137.81 6.19
C GLU YB 117 -67.60 -138.83 6.72
N PRO YB 118 -66.29 -138.58 6.65
CA PRO YB 118 -65.35 -139.44 7.37
C PRO YB 118 -65.53 -139.34 8.88
N SER YB 119 -65.07 -140.38 9.56
CA SER YB 119 -65.25 -140.49 11.01
C SER YB 119 -64.41 -139.45 11.75
N THR YB 120 -64.76 -139.23 13.02
CA THR YB 120 -64.08 -138.25 13.84
C THR YB 120 -62.65 -138.66 14.18
N ALA YB 121 -62.37 -139.96 14.21
CA ALA YB 121 -61.03 -140.45 14.50
C ALA YB 121 -60.18 -140.61 13.24
N THR YB 122 -60.67 -140.21 12.08
CA THR YB 122 -59.98 -140.44 10.82
C THR YB 122 -59.51 -139.17 10.12
N ILE YB 123 -59.87 -138.00 10.65
CA ILE YB 123 -59.52 -136.74 9.99
C ILE YB 123 -58.04 -136.43 10.14
N PHE YB 131 -59.84 -138.61 7.02
CA PHE YB 131 -59.20 -138.23 5.76
C PHE YB 131 -59.96 -137.06 5.17
N GLN YB 132 -59.27 -136.18 4.46
CA GLN YB 132 -59.93 -135.00 3.92
C GLN YB 132 -60.76 -135.37 2.70
N VAL YB 133 -61.73 -134.51 2.41
CA VAL YB 133 -62.67 -134.66 1.31
C VAL YB 133 -62.36 -133.53 0.34
N LEU YB 134 -62.58 -133.77 -0.96
CA LEU YB 134 -62.57 -132.64 -1.89
C LEU YB 134 -63.97 -132.23 -2.33
N ARG YB 135 -64.70 -133.12 -3.02
CA ARG YB 135 -66.08 -132.82 -3.45
C ARG YB 135 -66.87 -134.12 -3.58
N LYS YB 136 -68.14 -133.96 -3.97
CA LYS YB 136 -69.07 -135.05 -4.20
C LYS YB 136 -69.70 -134.89 -5.58
N PHE YB 137 -70.46 -135.91 -6.01
CA PHE YB 137 -71.22 -135.83 -7.25
C PHE YB 137 -72.54 -136.57 -7.06
N HIS YB 138 -73.37 -136.57 -8.11
CA HIS YB 138 -74.65 -137.25 -8.11
C HIS YB 138 -74.85 -137.96 -9.44
N ALA YB 139 -75.58 -139.08 -9.38
CA ALA YB 139 -76.00 -139.81 -10.58
C ALA YB 139 -77.23 -140.63 -10.19
N THR YB 140 -78.36 -140.34 -10.80
CA THR YB 140 -79.64 -140.94 -10.43
C THR YB 140 -80.18 -141.78 -11.58
N VAL YB 141 -80.15 -143.10 -11.42
CA VAL YB 141 -80.65 -144.01 -12.45
C VAL YB 141 -81.88 -144.74 -11.91
N VAL YB 142 -83.06 -144.28 -12.32
CA VAL YB 142 -84.30 -144.84 -11.79
C VAL YB 142 -85.08 -145.55 -12.90
N GLY YB 143 -84.94 -146.88 -12.98
CA GLY YB 143 -85.66 -147.62 -14.00
C GLY YB 143 -86.31 -148.89 -13.51
N GLY YB 144 -87.65 -148.92 -13.58
CA GLY YB 144 -88.37 -150.11 -13.16
C GLY YB 144 -89.04 -150.84 -14.31
N LEU YB 145 -90.36 -150.70 -14.41
CA LEU YB 145 -91.11 -151.30 -15.50
C LEU YB 145 -92.10 -150.28 -16.05
N TYR YB 146 -92.63 -150.60 -17.24
CA TYR YB 146 -93.70 -149.91 -17.96
C TYR YB 146 -93.40 -148.47 -18.37
N CYS YB 147 -92.19 -147.95 -18.17
CA CYS YB 147 -91.77 -146.88 -19.08
C CYS YB 147 -90.42 -147.23 -19.73
N MET YB 148 -89.35 -147.65 -19.02
CA MET YB 148 -88.99 -147.37 -17.62
C MET YB 148 -88.10 -146.12 -17.66
N LYS YB 149 -88.50 -145.07 -16.95
CA LYS YB 149 -87.90 -143.78 -17.24
C LYS YB 149 -86.82 -143.42 -16.22
N GLU YB 150 -85.65 -144.04 -16.43
CA GLU YB 150 -84.29 -143.46 -16.47
C GLU YB 150 -83.29 -144.59 -16.67
N GLN YB 151 -82.13 -144.23 -17.23
CA GLN YB 151 -81.06 -145.14 -17.63
C GLN YB 151 -79.74 -144.40 -17.66
N ALA YB 152 -78.80 -144.93 -18.45
CA ALA YB 152 -77.41 -144.49 -18.60
C ALA YB 152 -77.27 -142.97 -18.70
N LEU YB 153 -76.58 -142.39 -17.73
CA LEU YB 153 -76.34 -140.95 -17.69
C LEU YB 153 -74.86 -140.68 -17.98
N VAL YB 154 -74.58 -139.54 -18.61
CA VAL YB 154 -73.20 -139.20 -18.94
C VAL YB 154 -72.75 -138.07 -18.02
N LYS YB 155 -71.57 -138.22 -17.41
CA LYS YB 155 -71.03 -137.23 -16.48
C LYS YB 155 -69.62 -136.86 -16.91
N ARG YB 156 -69.41 -135.57 -17.19
CA ARG YB 156 -68.08 -135.03 -17.42
C ARG YB 156 -67.83 -133.88 -16.43
N PHE YB 157 -66.62 -133.81 -15.89
CA PHE YB 157 -66.29 -132.83 -14.87
C PHE YB 157 -64.81 -132.46 -14.95
N TYR YB 158 -64.52 -131.19 -15.22
CA TYR YB 158 -63.25 -130.62 -14.82
C TYR YB 158 -63.19 -130.52 -13.29
N ARG YB 159 -62.03 -130.85 -12.71
CA ARG YB 159 -61.90 -130.81 -11.26
C ARG YB 159 -60.43 -130.59 -10.92
N LEU YB 160 -60.06 -129.36 -10.57
CA LEU YB 160 -58.69 -129.01 -10.26
C LEU YB 160 -58.30 -129.51 -8.87
N ASN YB 161 -57.07 -129.99 -8.74
CA ASN YB 161 -56.59 -130.61 -7.50
C ASN YB 161 -55.12 -130.22 -7.31
N HIS YB 162 -54.42 -130.94 -6.43
CA HIS YB 162 -53.08 -130.54 -6.01
C HIS YB 162 -52.22 -131.79 -5.77
N HIS YB 163 -51.10 -131.60 -5.07
CA HIS YB 163 -49.90 -132.43 -5.17
C HIS YB 163 -50.05 -133.78 -4.47
N VAL YB 164 -49.23 -134.74 -4.93
CA VAL YB 164 -49.18 -136.12 -4.46
C VAL YB 164 -47.70 -136.51 -4.35
N THR YB 165 -47.33 -137.27 -3.32
CA THR YB 165 -45.97 -137.75 -3.15
C THR YB 165 -45.98 -139.27 -3.08
N TYR YB 166 -44.99 -139.92 -3.71
CA TYR YB 166 -44.70 -141.33 -3.48
C TYR YB 166 -43.53 -141.49 -2.52
N ASN YB 167 -43.56 -142.57 -1.75
CA ASN YB 167 -42.50 -142.82 -0.76
C ASN YB 167 -41.26 -143.41 -1.44
N HIS YB 168 -41.38 -144.60 -2.01
CA HIS YB 168 -40.23 -145.30 -2.54
C HIS YB 168 -39.87 -144.77 -3.92
N GLN YB 169 -38.63 -145.05 -4.33
CA GLN YB 169 -38.11 -144.68 -5.64
C GLN YB 169 -38.25 -145.83 -6.64
N GLU YB 170 -39.20 -146.73 -6.39
CA GLU YB 170 -39.43 -147.90 -7.21
C GLU YB 170 -40.23 -147.52 -8.45
N ALA YB 171 -40.26 -148.46 -9.41
CA ALA YB 171 -41.22 -148.40 -10.51
C ALA YB 171 -42.45 -149.23 -10.15
N GLY YB 172 -43.04 -148.90 -9.00
CA GLY YB 172 -44.04 -149.72 -8.36
C GLY YB 172 -45.44 -149.18 -8.46
N LYS YB 173 -46.37 -149.97 -7.95
CA LYS YB 173 -47.80 -149.70 -7.97
C LYS YB 173 -48.19 -148.92 -6.72
N TYR YB 174 -49.49 -148.89 -6.41
CA TYR YB 174 -50.08 -148.10 -5.32
C TYR YB 174 -49.58 -148.45 -3.93
N GLU YB 175 -48.80 -149.53 -3.76
CA GLU YB 175 -48.47 -150.01 -2.42
C GLU YB 175 -47.45 -149.12 -1.71
N ASN YB 176 -46.61 -148.41 -2.46
CA ASN YB 176 -45.50 -147.65 -1.87
C ASN YB 176 -45.81 -146.15 -1.72
N HIS YB 177 -47.05 -145.82 -1.37
CA HIS YB 177 -47.45 -144.43 -1.21
C HIS YB 177 -46.89 -143.82 0.08
N THR YB 178 -47.17 -142.54 0.26
CA THR YB 178 -46.88 -141.76 1.47
C THR YB 178 -47.97 -140.71 1.58
N GLU YB 179 -47.67 -139.63 2.33
CA GLU YB 179 -48.57 -138.50 2.54
C GLU YB 179 -49.13 -137.94 1.23
N ASN YB 180 -50.35 -137.40 1.33
CA ASN YB 180 -51.10 -136.76 0.25
C ASN YB 180 -51.37 -137.72 -0.91
N ALA YB 181 -52.15 -138.76 -0.60
CA ALA YB 181 -52.78 -139.58 -1.61
C ALA YB 181 -54.17 -139.05 -1.90
N LEU YB 182 -54.78 -139.56 -2.97
CA LEU YB 182 -56.15 -139.22 -3.32
C LEU YB 182 -56.74 -140.34 -4.15
N LEU YB 183 -58.01 -140.65 -3.91
CA LEU YB 183 -58.65 -141.80 -4.53
C LEU YB 183 -60.16 -141.59 -4.52
N LEU YB 184 -60.89 -142.57 -5.03
CA LEU YB 184 -62.34 -142.48 -5.19
C LEU YB 184 -63.05 -143.55 -4.40
N TYR YB 185 -64.27 -143.21 -3.97
CA TYR YB 185 -65.23 -144.18 -3.49
C TYR YB 185 -66.56 -143.94 -4.19
N MET YB 186 -67.23 -145.02 -4.57
CA MET YB 186 -68.55 -144.96 -5.16
C MET YB 186 -69.53 -145.69 -4.25
N ALA YB 187 -70.74 -145.15 -4.11
CA ALA YB 187 -71.69 -145.66 -3.14
C ALA YB 187 -73.05 -145.85 -3.78
N CYS YB 188 -73.65 -147.01 -3.54
CA CYS YB 188 -75.03 -147.27 -3.89
C CYS YB 188 -75.89 -147.15 -2.63
N THR YB 189 -77.17 -146.86 -2.83
CA THR YB 189 -78.08 -146.56 -1.72
C THR YB 189 -79.19 -147.58 -1.54
N HIS YB 190 -79.10 -148.74 -2.19
CA HIS YB 190 -80.13 -149.77 -2.05
C HIS YB 190 -79.48 -151.15 -2.08
N ALA YB 191 -80.21 -152.13 -1.53
CA ALA YB 191 -79.67 -153.46 -1.32
C ALA YB 191 -79.42 -154.21 -2.62
N SER YB 192 -80.17 -153.90 -3.67
CA SER YB 192 -79.86 -154.44 -4.99
C SER YB 192 -78.59 -153.80 -5.53
N ASN YB 193 -78.01 -154.44 -6.55
CA ASN YB 193 -76.84 -153.85 -7.18
C ASN YB 193 -77.08 -153.65 -8.69
N PRO YB 194 -77.81 -152.61 -9.10
CA PRO YB 194 -78.05 -152.40 -10.53
C PRO YB 194 -76.92 -151.67 -11.22
N VAL YB 195 -76.08 -150.96 -10.47
CA VAL YB 195 -75.19 -149.94 -11.02
C VAL YB 195 -74.01 -150.62 -11.71
N TYR YB 196 -73.93 -150.45 -13.02
CA TYR YB 196 -72.75 -150.82 -13.80
C TYR YB 196 -72.10 -149.54 -14.31
N ALA YB 197 -71.24 -148.98 -13.47
CA ALA YB 197 -70.63 -147.68 -13.72
C ALA YB 197 -69.22 -147.86 -14.26
N THR YB 198 -69.00 -147.46 -15.50
CA THR YB 198 -67.69 -147.49 -16.13
C THR YB 198 -67.24 -146.06 -16.38
N LEU YB 199 -66.06 -145.73 -15.88
CA LEU YB 199 -65.60 -144.35 -15.83
C LEU YB 199 -64.21 -144.24 -16.46
N LYS YB 200 -64.04 -143.20 -17.26
CA LYS YB 200 -62.74 -142.83 -17.81
C LYS YB 200 -62.20 -141.63 -17.06
N ILE YB 201 -61.05 -141.81 -16.41
CA ILE YB 201 -60.54 -140.85 -15.45
C ILE YB 201 -59.19 -140.38 -15.94
N ARG YB 202 -59.15 -139.20 -16.57
CA ARG YB 202 -57.89 -138.60 -17.00
C ARG YB 202 -57.28 -137.79 -15.87
N ILE YB 203 -56.01 -138.05 -15.58
CA ILE YB 203 -55.18 -137.16 -14.77
C ILE YB 203 -54.04 -136.69 -15.66
N TYR YB 204 -53.99 -135.40 -15.94
CA TYR YB 204 -52.82 -134.81 -16.59
C TYR YB 204 -52.19 -133.80 -15.64
N PHE YB 205 -50.86 -133.85 -15.56
CA PHE YB 205 -50.11 -133.17 -14.51
C PHE YB 205 -48.72 -132.79 -14.98
N PRO ZB 16 -60.35 -116.41 11.38
CA PRO ZB 16 -60.87 -115.89 10.11
C PRO ZB 16 -62.28 -116.37 9.78
N ASP ZB 17 -62.85 -117.19 10.67
CA ASP ZB 17 -64.16 -117.80 10.43
C ASP ZB 17 -65.17 -117.42 11.49
N ILE ZB 18 -64.77 -117.42 12.77
CA ILE ZB 18 -65.69 -117.33 13.90
C ILE ZB 18 -65.69 -115.94 14.52
N PRO ZB 19 -66.83 -115.45 15.02
CA PRO ZB 19 -66.85 -114.15 15.70
C PRO ZB 19 -66.80 -114.22 17.22
N ARG ZB 20 -66.69 -115.40 17.83
CA ARG ZB 20 -66.88 -115.53 19.27
C ARG ZB 20 -65.60 -115.86 20.03
N GLY ZB 21 -64.95 -116.98 19.69
CA GLY ZB 21 -63.81 -117.46 20.46
C GLY ZB 21 -62.97 -118.45 19.68
N CYS ZB 22 -61.68 -118.50 20.01
CA CYS ZB 22 -60.67 -119.21 19.23
C CYS ZB 22 -60.66 -120.72 19.48
N GLU ZB 23 -61.73 -121.27 20.05
CA GLU ZB 23 -61.89 -122.72 20.10
C GLU ZB 23 -62.04 -123.29 18.69
N GLY ZB 24 -61.74 -124.58 18.56
CA GLY ZB 24 -61.97 -125.29 17.34
C GLY ZB 24 -63.46 -125.40 17.04
N PRO ZB 25 -63.84 -125.24 15.78
CA PRO ZB 25 -65.27 -125.36 15.42
C PRO ZB 25 -65.74 -126.80 15.52
N CYS ZB 26 -66.04 -127.23 16.74
CA CYS ZB 26 -66.29 -128.63 17.02
C CYS ZB 26 -67.66 -129.07 16.51
N LYS ZB 27 -67.70 -130.27 15.93
CA LYS ZB 27 -68.92 -130.81 15.36
C LYS ZB 27 -69.70 -131.57 16.42
N VAL ZB 28 -70.99 -131.29 16.50
CA VAL ZB 28 -71.93 -132.10 17.28
C VAL ZB 28 -73.07 -132.47 16.35
N GLN ZB 29 -73.09 -133.71 15.91
CA GLN ZB 29 -74.01 -134.15 14.86
C GLN ZB 29 -75.19 -134.90 15.47
N SER ZB 30 -76.39 -134.47 15.08
CA SER ZB 30 -77.63 -135.10 15.50
C SER ZB 30 -78.12 -135.93 14.33
N PHE ZB 31 -77.55 -137.13 14.17
CA PHE ZB 31 -78.06 -138.05 13.19
C PHE ZB 31 -79.40 -138.62 13.66
N GLU ZB 32 -80.31 -138.77 12.71
CA GLU ZB 32 -81.54 -139.49 12.96
C GLU ZB 32 -81.68 -140.61 11.94
N GLN ZB 33 -82.26 -141.72 12.40
CA GLN ZB 33 -82.78 -142.77 11.52
C GLN ZB 33 -84.23 -142.89 11.95
N ARG ZB 34 -85.06 -142.00 11.42
CA ARG ZB 34 -86.42 -141.80 11.91
C ARG ZB 34 -87.40 -141.66 10.77
N ASP ZB 35 -88.62 -141.24 11.10
CA ASP ZB 35 -89.64 -140.87 10.14
C ASP ZB 35 -90.48 -139.76 10.76
N ASP ZB 36 -91.65 -139.52 10.19
CA ASP ZB 36 -92.57 -138.56 10.77
C ASP ZB 36 -93.99 -139.10 10.64
N VAL ZB 37 -94.95 -138.25 11.01
CA VAL ZB 37 -96.36 -138.48 10.71
C VAL ZB 37 -96.79 -137.29 9.86
N LYS ZB 38 -98.08 -137.21 9.55
CA LYS ZB 38 -98.57 -136.05 8.81
C LYS ZB 38 -98.44 -134.77 9.61
N HIS ZB 39 -98.72 -134.84 10.92
CA HIS ZB 39 -98.78 -133.63 11.73
C HIS ZB 39 -97.39 -133.11 12.08
N LEU ZB 40 -96.50 -133.99 12.54
CA LEU ZB 40 -95.28 -133.49 13.14
C LEU ZB 40 -94.14 -134.49 13.02
N GLY ZB 41 -92.96 -133.95 12.71
CA GLY ZB 41 -91.72 -134.63 13.04
C GLY ZB 41 -90.88 -133.66 13.85
N ILE ZB 42 -90.67 -133.95 15.13
CA ILE ZB 42 -90.07 -132.99 16.04
C ILE ZB 42 -88.62 -133.39 16.32
N CYS ZB 43 -87.74 -132.41 16.23
CA CYS ZB 43 -86.30 -132.64 16.44
C CYS ZB 43 -85.71 -131.40 17.09
N LYS ZB 44 -85.52 -131.44 18.41
CA LYS ZB 44 -84.62 -130.47 19.03
C LYS ZB 44 -83.20 -130.86 18.67
N VAL ZB 45 -82.54 -130.00 17.89
CA VAL ZB 45 -81.26 -130.36 17.31
C VAL ZB 45 -80.14 -130.12 18.31
N ILE ZB 46 -80.38 -129.34 19.35
CA ILE ZB 46 -79.36 -128.96 20.31
C ILE ZB 46 -79.48 -129.82 21.58
N SER ZB 47 -80.08 -131.01 21.45
CA SER ZB 47 -80.56 -131.76 22.61
C SER ZB 47 -79.42 -132.41 23.38
N ASP ZB 48 -78.64 -133.27 22.72
CA ASP ZB 48 -77.65 -134.11 23.38
C ASP ZB 48 -76.34 -133.40 23.66
N VAL ZB 49 -76.30 -132.07 23.70
CA VAL ZB 49 -75.05 -131.34 23.90
C VAL ZB 49 -74.89 -131.14 25.41
N THR ZB 50 -74.06 -131.97 26.04
CA THR ZB 50 -73.80 -131.91 27.47
C THR ZB 50 -72.39 -131.38 27.71
N ARG ZB 51 -72.10 -131.02 28.95
CA ARG ZB 51 -70.77 -130.56 29.32
C ARG ZB 51 -69.80 -131.73 29.36
N GLY ZB 52 -68.67 -131.58 28.69
CA GLY ZB 52 -67.64 -132.59 28.66
C GLY ZB 52 -66.41 -132.13 27.92
N PRO ZB 53 -65.30 -132.87 28.07
CA PRO ZB 53 -64.05 -132.46 27.40
C PRO ZB 53 -64.02 -132.78 25.92
N GLY ZB 54 -64.85 -133.71 25.44
CA GLY ZB 54 -64.81 -134.10 24.05
C GLY ZB 54 -65.40 -133.06 23.12
N LEU ZB 55 -65.19 -133.27 21.83
CA LEU ZB 55 -65.70 -132.35 20.82
C LEU ZB 55 -67.16 -132.58 20.49
N THR ZB 56 -67.77 -133.65 21.00
CA THR ZB 56 -69.22 -133.82 20.96
C THR ZB 56 -69.89 -133.25 22.19
N HIS ZB 57 -69.27 -132.23 22.81
CA HIS ZB 57 -69.71 -131.70 24.09
C HIS ZB 57 -69.59 -130.18 24.03
N ARG ZB 58 -69.68 -129.54 25.19
CA ARG ZB 58 -69.71 -128.09 25.27
C ARG ZB 58 -68.91 -127.60 26.47
N VAL ZB 59 -68.49 -126.34 26.40
CA VAL ZB 59 -67.80 -125.67 27.49
C VAL ZB 59 -68.67 -124.49 27.91
N GLY ZB 60 -69.22 -124.57 29.12
CA GLY ZB 60 -70.09 -123.54 29.63
C GLY ZB 60 -71.53 -123.69 29.19
N LYS ZB 61 -72.19 -122.55 28.92
CA LYS ZB 61 -73.60 -122.59 28.52
C LYS ZB 61 -73.90 -121.57 27.42
N ARG ZB 62 -72.88 -121.17 26.66
CA ARG ZB 62 -73.02 -120.18 25.60
C ARG ZB 62 -72.59 -120.78 24.27
N PHE ZB 63 -73.47 -120.70 23.27
CA PHE ZB 63 -73.19 -121.17 21.92
C PHE ZB 63 -73.23 -120.02 20.94
N CYS ZB 64 -72.53 -120.19 19.84
CA CYS ZB 64 -72.75 -119.41 18.62
C CYS ZB 64 -72.66 -120.42 17.47
N ILE ZB 65 -73.80 -120.95 17.07
CA ILE ZB 65 -73.86 -121.93 15.98
C ILE ZB 65 -73.46 -121.24 14.68
N LYS ZB 66 -72.33 -121.69 14.11
CA LYS ZB 66 -71.86 -121.12 12.85
C LYS ZB 66 -72.76 -121.53 11.70
N SER ZB 67 -72.98 -122.84 11.53
CA SER ZB 67 -73.83 -123.30 10.44
C SER ZB 67 -74.43 -124.65 10.78
N ILE ZB 68 -75.66 -124.86 10.32
CA ILE ZB 68 -76.30 -126.17 10.32
C ILE ZB 68 -76.16 -126.75 8.92
N TYR ZB 69 -75.58 -127.94 8.84
CA TYR ZB 69 -75.34 -128.63 7.58
C TYR ZB 69 -76.26 -129.85 7.53
N ILE ZB 70 -77.32 -129.75 6.74
CA ILE ZB 70 -78.37 -130.78 6.71
C ILE ZB 70 -78.09 -131.72 5.54
N LEU ZB 71 -77.67 -132.93 5.84
CA LEU ZB 71 -77.75 -134.04 4.91
C LEU ZB 71 -79.05 -134.78 5.12
N GLY ZB 72 -79.39 -135.63 4.16
CA GLY ZB 72 -80.58 -136.43 4.33
C GLY ZB 72 -81.11 -137.07 3.06
N LYS ZB 73 -81.58 -138.31 3.18
CA LYS ZB 73 -82.26 -139.01 2.10
C LYS ZB 73 -83.69 -139.29 2.53
N ILE ZB 74 -84.64 -138.87 1.70
CA ILE ZB 74 -86.06 -138.91 2.05
C ILE ZB 74 -86.73 -139.85 1.06
N TRP ZB 75 -87.13 -141.03 1.54
CA TRP ZB 75 -87.67 -142.04 0.64
C TRP ZB 75 -89.03 -142.51 1.11
N LEU ZB 76 -89.60 -143.39 0.30
CA LEU ZB 76 -90.76 -144.20 0.66
C LEU ZB 76 -90.61 -145.63 0.16
N ASP ZB 77 -89.36 -146.12 0.02
CA ASP ZB 77 -89.08 -147.33 -0.76
C ASP ZB 77 -89.28 -148.60 0.06
N GLU ZB 78 -90.06 -148.53 1.13
CA GLU ZB 78 -90.66 -149.71 1.73
C GLU ZB 78 -91.61 -150.36 0.71
N THR ZB 79 -91.86 -151.66 0.85
CA THR ZB 79 -92.67 -152.40 -0.11
C THR ZB 79 -94.16 -152.02 -0.07
N ILE ZB 80 -94.56 -151.17 0.87
CA ILE ZB 80 -95.93 -150.69 0.99
C ILE ZB 80 -95.83 -149.20 0.69
N LYS ZB 81 -96.94 -148.46 0.80
CA LYS ZB 81 -97.07 -147.02 0.55
C LYS ZB 81 -96.80 -146.66 -0.91
N LYS ZB 82 -97.18 -147.56 -1.82
CA LYS ZB 82 -97.36 -147.19 -3.22
C LYS ZB 82 -98.76 -146.69 -3.53
N GLN ZB 83 -99.78 -147.14 -2.79
CA GLN ZB 83 -101.09 -146.50 -2.83
C GLN ZB 83 -101.11 -145.30 -1.89
N ASN ZB 84 -102.15 -144.47 -2.03
CA ASN ZB 84 -102.35 -143.21 -1.31
C ASN ZB 84 -101.15 -142.30 -1.48
N HIS ZB 85 -100.63 -142.24 -2.70
CA HIS ZB 85 -99.30 -141.74 -3.00
C HIS ZB 85 -99.26 -140.25 -3.34
N THR ZB 86 -98.12 -139.81 -3.89
CA THR ZB 86 -97.79 -138.43 -4.25
C THR ZB 86 -97.84 -137.46 -3.08
N ASN ZB 87 -96.94 -137.62 -2.11
CA ASN ZB 87 -96.80 -136.70 -0.99
C ASN ZB 87 -95.48 -135.96 -1.12
N ASN ZB 88 -95.39 -134.79 -0.49
CA ASN ZB 88 -94.17 -134.01 -0.46
C ASN ZB 88 -93.85 -133.55 0.95
N VAL ZB 89 -92.60 -133.16 1.17
CA VAL ZB 89 -92.08 -132.83 2.49
C VAL ZB 89 -91.69 -131.36 2.50
N ILE ZB 90 -92.21 -130.61 3.46
CA ILE ZB 90 -91.82 -129.23 3.67
C ILE ZB 90 -91.05 -129.17 4.98
N PHE ZB 91 -89.82 -128.65 4.93
CA PHE ZB 91 -89.02 -128.53 6.13
C PHE ZB 91 -89.20 -127.16 6.77
N TYR ZB 92 -89.00 -127.11 8.09
CA TYR ZB 92 -89.14 -125.89 8.86
C TYR ZB 92 -87.99 -125.81 9.85
N LEU ZB 93 -87.19 -124.76 9.75
CA LEU ZB 93 -86.07 -124.53 10.66
C LEU ZB 93 -86.36 -123.21 11.37
N LEU ZB 94 -86.76 -123.30 12.63
CA LEU ZB 94 -87.31 -122.16 13.35
C LEU ZB 94 -86.32 -121.64 14.37
N ARG ZB 95 -86.27 -120.32 14.53
CA ARG ZB 95 -85.55 -119.70 15.64
C ARG ZB 95 -86.52 -119.54 16.80
N ASP ZB 96 -86.33 -120.34 17.85
CA ASP ZB 96 -87.21 -120.33 19.01
C ASP ZB 96 -86.79 -119.23 19.98
N ARG ZB 97 -87.76 -118.74 20.74
CA ARG ZB 97 -87.52 -117.65 21.69
C ARG ZB 97 -87.50 -118.10 23.14
N ARG ZB 98 -88.21 -119.16 23.53
CA ARG ZB 98 -88.28 -119.61 24.92
C ARG ZB 98 -88.61 -121.09 24.93
N PRO ZB 99 -88.12 -121.83 25.92
CA PRO ZB 99 -88.50 -123.25 26.04
C PRO ZB 99 -89.62 -123.47 27.04
N TYR ZB 100 -90.22 -124.66 27.00
CA TYR ZB 100 -91.06 -125.16 28.10
C TYR ZB 100 -90.75 -126.63 28.28
N GLY ZB 101 -89.72 -126.92 29.08
CA GLY ZB 101 -89.32 -128.30 29.36
C GLY ZB 101 -88.89 -129.07 28.13
N ASN ZB 102 -89.76 -129.99 27.69
CA ASN ZB 102 -89.57 -130.74 26.46
C ASN ZB 102 -89.99 -129.90 25.25
N ALA ZB 103 -90.12 -130.55 24.10
CA ALA ZB 103 -90.51 -129.85 22.89
C ALA ZB 103 -92.01 -129.55 22.91
N PRO ZB 104 -92.43 -128.38 22.43
CA PRO ZB 104 -93.87 -128.07 22.41
C PRO ZB 104 -94.59 -128.75 21.25
N GLN ZB 105 -95.86 -128.43 21.08
CA GLN ZB 105 -96.66 -128.98 19.99
C GLN ZB 105 -96.20 -128.40 18.65
N ASP ZB 106 -96.69 -129.00 17.57
CA ASP ZB 106 -96.54 -128.43 16.24
C ASP ZB 106 -97.84 -127.84 15.73
N PHE ZB 107 -98.89 -128.67 15.61
CA PHE ZB 107 -100.14 -128.21 15.01
C PHE ZB 107 -100.88 -127.25 15.92
N GLY ZB 108 -100.65 -127.34 17.23
CA GLY ZB 108 -101.13 -126.35 18.15
C GLY ZB 108 -100.24 -125.15 18.34
N GLN ZB 109 -99.10 -125.12 17.64
CA GLN ZB 109 -98.16 -124.00 17.73
C GLN ZB 109 -98.08 -123.21 16.44
N ILE ZB 110 -97.76 -123.86 15.32
CA ILE ZB 110 -97.93 -123.17 14.04
C ILE ZB 110 -99.40 -123.17 13.67
N PHE ZB 111 -99.76 -122.27 12.75
CA PHE ZB 111 -101.13 -121.77 12.73
C PHE ZB 111 -102.11 -122.72 12.04
N ASN ZB 112 -101.92 -122.98 10.75
CA ASN ZB 112 -102.97 -123.61 9.97
C ASN ZB 112 -102.44 -124.91 9.38
N MET ZB 113 -103.26 -125.54 8.52
CA MET ZB 113 -102.99 -126.90 8.05
C MET ZB 113 -101.95 -126.89 6.93
N PHE ZB 114 -100.70 -127.08 7.36
CA PHE ZB 114 -99.55 -127.64 6.63
C PHE ZB 114 -98.97 -126.69 5.58
N ASP ZB 115 -99.60 -125.54 5.32
CA ASP ZB 115 -99.02 -124.46 4.53
C ASP ZB 115 -99.29 -123.18 5.30
N ASN ZB 116 -98.36 -122.81 6.19
CA ASN ZB 116 -98.67 -121.82 7.20
C ASN ZB 116 -97.42 -121.13 7.70
N GLU ZB 117 -97.60 -120.41 8.80
CA GLU ZB 117 -96.62 -119.65 9.56
C GLU ZB 117 -96.92 -119.91 11.02
N PRO ZB 118 -96.08 -119.47 11.97
CA PRO ZB 118 -96.48 -119.53 13.38
C PRO ZB 118 -97.66 -118.61 13.67
N SER ZB 119 -98.37 -118.93 14.75
CA SER ZB 119 -99.60 -118.21 15.10
C SER ZB 119 -99.28 -116.79 15.56
N THR ZB 120 -100.33 -115.96 15.56
CA THR ZB 120 -100.19 -114.56 15.94
C THR ZB 120 -99.88 -114.38 17.41
N ALA ZB 121 -100.28 -115.33 18.26
CA ALA ZB 121 -100.00 -115.24 19.69
C ALA ZB 121 -98.69 -115.91 20.07
N THR ZB 122 -97.90 -116.37 19.10
CA THR ZB 122 -96.71 -117.14 19.38
C THR ZB 122 -95.42 -116.45 18.96
N ILE ZB 123 -95.50 -115.30 18.28
CA ILE ZB 123 -94.32 -114.63 17.78
C ILE ZB 123 -93.54 -113.97 18.91
N PHE ZB 131 -93.02 -117.88 17.44
CA PHE ZB 131 -91.60 -118.17 17.40
C PHE ZB 131 -91.07 -117.77 16.03
N GLN ZB 132 -89.81 -117.33 15.98
CA GLN ZB 132 -89.26 -116.87 14.71
C GLN ZB 132 -88.94 -118.05 13.80
N VAL ZB 133 -88.87 -117.74 12.51
CA VAL ZB 133 -88.59 -118.71 11.45
C VAL ZB 133 -87.24 -118.32 10.88
N LEU ZB 134 -86.47 -119.30 10.39
CA LEU ZB 134 -85.31 -118.95 9.59
C LEU ZB 134 -85.54 -119.20 8.09
N ARG ZB 135 -85.76 -120.45 7.68
CA ARG ZB 135 -86.03 -120.77 6.28
C ARG ZB 135 -86.88 -122.03 6.18
N LYS ZB 136 -87.18 -122.41 4.94
CA LYS ZB 136 -87.94 -123.60 4.59
C LYS ZB 136 -87.16 -124.42 3.56
N PHE ZB 137 -87.65 -125.62 3.27
CA PHE ZB 137 -87.09 -126.45 2.20
C PHE ZB 137 -88.21 -127.21 1.52
N HIS ZB 138 -87.85 -128.00 0.50
CA HIS ZB 138 -88.79 -128.81 -0.24
C HIS ZB 138 -88.20 -130.19 -0.51
N ALA ZB 139 -89.08 -131.19 -0.58
CA ALA ZB 139 -88.70 -132.54 -0.96
C ALA ZB 139 -89.97 -133.22 -1.46
N THR ZB 140 -89.98 -133.61 -2.74
CA THR ZB 140 -91.17 -134.14 -3.39
C THR ZB 140 -90.93 -135.58 -3.82
N VAL ZB 141 -91.57 -136.52 -3.14
CA VAL ZB 141 -91.44 -137.94 -3.45
C VAL ZB 141 -92.77 -138.47 -3.95
N VAL ZB 142 -92.89 -138.60 -5.27
CA VAL ZB 142 -94.17 -139.00 -5.87
C VAL ZB 142 -94.03 -140.38 -6.54
N GLY ZB 143 -94.44 -141.43 -5.83
CA GLY ZB 143 -94.35 -142.76 -6.40
C GLY ZB 143 -95.58 -143.62 -6.21
N GLY ZB 144 -96.23 -143.98 -7.31
CA GLY ZB 144 -97.41 -144.83 -7.21
C GLY ZB 144 -97.19 -146.20 -7.81
N LEU ZB 145 -97.74 -146.45 -8.99
CA LEU ZB 145 -97.56 -147.71 -9.69
C LEU ZB 145 -97.24 -147.45 -11.14
N TYR ZB 146 -96.76 -148.49 -11.82
CA TYR ZB 146 -96.50 -148.61 -13.25
C TYR ZB 146 -95.44 -147.65 -13.80
N CYS ZB 147 -94.75 -146.86 -12.98
CA CYS ZB 147 -93.41 -146.46 -13.41
C CYS ZB 147 -92.36 -146.82 -12.35
N MET ZB 148 -92.50 -146.50 -11.04
CA MET ZB 148 -93.26 -145.40 -10.42
C MET ZB 148 -92.25 -144.24 -10.28
N LYS ZB 149 -92.56 -143.09 -10.87
CA LYS ZB 149 -91.50 -142.11 -11.07
C LYS ZB 149 -91.56 -141.01 -10.01
N GLU ZB 150 -91.05 -141.35 -8.82
CA GLU ZB 150 -90.08 -140.64 -7.99
C GLU ZB 150 -89.87 -141.41 -6.71
N GLN ZB 151 -88.71 -141.21 -6.08
CA GLN ZB 151 -88.23 -141.93 -4.91
C GLN ZB 151 -87.21 -141.07 -4.17
N ALA ZB 152 -86.35 -141.74 -3.39
CA ALA ZB 152 -85.34 -141.18 -2.50
C ALA ZB 152 -84.57 -140.01 -3.12
N LEU ZB 153 -84.69 -138.85 -2.51
CA LEU ZB 153 -84.01 -137.64 -2.96
C LEU ZB 153 -82.92 -137.28 -1.96
N VAL ZB 154 -81.83 -136.69 -2.45
CA VAL ZB 154 -80.73 -136.30 -1.58
C VAL ZB 154 -80.72 -134.78 -1.44
N LYS ZB 155 -80.63 -134.30 -0.20
CA LYS ZB 155 -80.64 -132.87 0.07
C LYS ZB 155 -79.43 -132.51 0.94
N ARG ZB 156 -78.58 -131.62 0.43
CA ARG ZB 156 -77.50 -131.04 1.20
C ARG ZB 156 -77.64 -129.52 1.18
N PHE ZB 157 -77.39 -128.88 2.33
CA PHE ZB 157 -77.58 -127.44 2.46
C PHE ZB 157 -76.60 -126.88 3.49
N TYR ZB 158 -75.73 -125.97 3.06
CA TYR ZB 158 -75.14 -125.01 3.99
C TYR ZB 158 -76.21 -124.05 4.46
N ARG ZB 159 -76.18 -123.71 5.75
CA ARG ZB 159 -77.19 -122.80 6.31
C ARG ZB 159 -76.58 -122.12 7.54
N LEU ZB 160 -76.15 -120.87 7.37
CA LEU ZB 160 -75.53 -120.13 8.45
C LEU ZB 160 -76.58 -119.62 9.44
N ASN ZB 161 -76.23 -119.65 10.72
CA ASN ZB 161 -77.17 -119.32 11.81
C ASN ZB 161 -76.39 -118.58 12.90
N HIS ZB 162 -76.98 -118.49 14.09
CA HIS ZB 162 -76.43 -117.64 15.16
C HIS ZB 162 -76.68 -118.29 16.51
N HIS ZB 163 -76.54 -117.49 17.57
CA HIS ZB 163 -76.19 -117.93 18.91
C HIS ZB 163 -77.35 -118.63 19.64
N VAL ZB 164 -76.97 -119.46 20.62
CA VAL ZB 164 -77.86 -120.26 21.46
C VAL ZB 164 -77.33 -120.19 22.89
N THR ZB 165 -78.23 -120.12 23.88
CA THR ZB 165 -77.84 -120.10 25.28
C THR ZB 165 -78.53 -121.26 26.01
N TYR ZB 166 -77.81 -121.91 26.92
CA TYR ZB 166 -78.42 -122.82 27.88
C TYR ZB 166 -78.59 -122.13 29.23
N ASN ZB 167 -79.62 -122.55 29.96
CA ASN ZB 167 -79.92 -121.94 31.26
C ASN ZB 167 -79.01 -122.53 32.34
N HIS ZB 168 -79.13 -123.82 32.60
CA HIS ZB 168 -78.42 -124.43 33.71
C HIS ZB 168 -76.98 -124.74 33.33
N GLN ZB 169 -76.16 -124.91 34.35
CA GLN ZB 169 -74.75 -125.28 34.20
C GLN ZB 169 -74.55 -126.78 34.30
N GLU ZB 170 -75.58 -127.55 34.00
CA GLU ZB 170 -75.57 -129.01 34.09
C GLU ZB 170 -74.90 -129.61 32.87
N ALA ZB 171 -74.59 -130.90 32.97
CA ALA ZB 171 -74.24 -131.70 31.80
C ALA ZB 171 -75.49 -132.42 31.28
N GLY ZB 172 -76.52 -131.61 31.01
CA GLY ZB 172 -77.85 -132.10 30.77
C GLY ZB 172 -78.29 -132.04 29.32
N LYS ZB 173 -79.48 -132.57 29.08
CA LYS ZB 173 -80.08 -132.68 27.77
C LYS ZB 173 -80.91 -131.42 27.48
N TYR ZB 174 -81.80 -131.50 26.49
CA TYR ZB 174 -82.59 -130.38 25.98
C TYR ZB 174 -83.54 -129.74 27.01
N GLU ZB 175 -83.70 -130.31 28.20
CA GLU ZB 175 -84.73 -129.84 29.12
C GLU ZB 175 -84.37 -128.51 29.78
N ASN ZB 176 -83.07 -128.20 29.91
CA ASN ZB 176 -82.63 -127.03 30.66
C ASN ZB 176 -82.29 -125.83 29.76
N HIS ZB 177 -83.07 -125.62 28.70
CA HIS ZB 177 -82.82 -124.53 27.77
C HIS ZB 177 -83.24 -123.19 28.36
N THR ZB 178 -82.99 -122.14 27.59
CA THR ZB 178 -83.43 -120.77 27.85
C THR ZB 178 -83.64 -120.11 26.50
N GLU ZB 179 -83.61 -118.77 26.49
CA GLU ZB 179 -83.77 -117.95 25.28
C GLU ZB 179 -82.84 -118.39 24.15
N ASN ZB 180 -83.33 -118.17 22.92
CA ASN ZB 180 -82.65 -118.46 21.65
C ASN ZB 180 -82.32 -119.94 21.51
N ALA ZB 181 -83.38 -120.74 21.46
CA ALA ZB 181 -83.29 -122.12 21.00
C ALA ZB 181 -83.57 -122.16 19.50
N LEU ZB 182 -83.30 -123.32 18.89
CA LEU ZB 182 -83.61 -123.55 17.49
C LEU ZB 182 -83.75 -125.05 17.26
N LEU ZB 183 -84.72 -125.43 16.44
CA LEU ZB 183 -85.07 -126.82 16.24
C LEU ZB 183 -85.76 -126.98 14.89
N LEU ZB 184 -86.16 -128.21 14.58
CA LEU ZB 184 -86.75 -128.54 13.29
C LEU ZB 184 -88.16 -129.08 13.45
N TYR ZB 185 -88.97 -128.84 12.42
CA TYR ZB 185 -90.24 -129.53 12.23
C TYR ZB 185 -90.30 -130.02 10.79
N MET ZB 186 -90.80 -131.24 10.63
CA MET ZB 186 -91.02 -131.83 9.32
C MET ZB 186 -92.51 -132.09 9.14
N ALA ZB 187 -93.01 -131.84 7.94
CA ALA ZB 187 -94.44 -131.89 7.68
C ALA ZB 187 -94.75 -132.70 6.44
N CYS ZB 188 -95.71 -133.61 6.56
CA CYS ZB 188 -96.29 -134.31 5.43
C CYS ZB 188 -97.62 -133.67 5.06
N THR ZB 189 -98.02 -133.84 3.80
CA THR ZB 189 -99.19 -133.16 3.28
C THR ZB 189 -100.32 -134.09 2.89
N HIS ZB 190 -100.28 -135.37 3.29
CA HIS ZB 190 -101.32 -136.32 2.95
C HIS ZB 190 -101.53 -137.27 4.12
N ALA ZB 191 -102.72 -137.88 4.15
CA ALA ZB 191 -103.15 -138.69 5.29
C ALA ZB 191 -102.36 -139.98 5.43
N SER ZB 192 -101.82 -140.51 4.32
CA SER ZB 192 -100.90 -141.63 4.42
C SER ZB 192 -99.57 -141.17 5.00
N ASN ZB 193 -98.76 -142.13 5.45
CA ASN ZB 193 -97.45 -141.78 5.94
C ASN ZB 193 -96.37 -142.55 5.17
N PRO ZB 194 -96.02 -142.13 3.95
CA PRO ZB 194 -94.97 -142.85 3.21
C PRO ZB 194 -93.56 -142.42 3.59
N VAL ZB 195 -93.40 -141.25 4.18
CA VAL ZB 195 -92.11 -140.59 4.27
C VAL ZB 195 -91.26 -141.25 5.35
N TYR ZB 196 -90.17 -141.88 4.92
CA TYR ZB 196 -89.12 -142.35 5.81
C TYR ZB 196 -87.88 -141.50 5.59
N ALA ZB 197 -87.83 -140.39 6.31
CA ALA ZB 197 -86.79 -139.38 6.14
C ALA ZB 197 -85.73 -139.53 7.22
N THR ZB 198 -84.52 -139.88 6.81
CA THR ZB 198 -83.39 -139.99 7.71
C THR ZB 198 -82.38 -138.91 7.34
N LEU ZB 199 -81.99 -138.11 8.32
CA LEU ZB 199 -81.23 -136.90 8.08
C LEU ZB 199 -80.00 -136.87 8.97
N LYS ZB 200 -78.88 -136.48 8.38
CA LYS ZB 200 -77.64 -136.23 9.11
C LYS ZB 200 -77.44 -134.73 9.24
N ILE ZB 201 -77.39 -134.25 10.48
CA ILE ZB 201 -77.46 -132.82 10.77
C ILE ZB 201 -76.18 -132.44 11.51
N ARG ZB 202 -75.22 -131.89 10.79
CA ARG ZB 202 -74.00 -131.38 11.42
C ARG ZB 202 -74.19 -129.96 11.91
N ILE ZB 203 -73.87 -129.73 13.17
CA ILE ZB 203 -73.67 -128.37 13.69
C ILE ZB 203 -72.22 -128.28 14.14
N TYR ZB 204 -71.45 -127.40 13.50
CA TYR ZB 204 -70.13 -127.07 13.98
C TYR ZB 204 -70.08 -125.60 14.34
N PHE ZB 205 -69.48 -125.29 15.48
CA PHE ZB 205 -69.60 -123.98 16.11
C PHE ZB 205 -68.37 -123.66 16.95
N PRO AC 16 -91.41 -91.42 -24.11
CA PRO AC 16 -90.32 -92.19 -23.51
C PRO AC 16 -90.26 -93.63 -23.99
N ASP AC 17 -91.18 -94.01 -24.87
CA ASP AC 17 -91.28 -95.40 -25.33
C ASP AC 17 -91.10 -95.52 -26.84
N ILE AC 18 -91.68 -94.62 -27.61
CA ILE AC 18 -91.80 -94.76 -29.06
C ILE AC 18 -90.82 -93.86 -29.81
N PRO AC 19 -90.29 -94.30 -30.95
CA PRO AC 19 -89.38 -93.45 -31.74
C PRO AC 19 -90.05 -92.71 -32.89
N ARG AC 20 -91.35 -92.87 -33.12
CA ARG AC 20 -91.97 -92.39 -34.35
C ARG AC 20 -92.90 -91.20 -34.15
N GLY AC 21 -93.93 -91.33 -33.30
CA GLY AC 21 -94.93 -90.29 -33.17
C GLY AC 21 -95.74 -90.44 -31.90
N CYS AC 22 -96.25 -89.31 -31.39
CA CYS AC 22 -96.84 -89.21 -30.06
C CYS AC 22 -98.27 -89.74 -29.99
N GLU AC 23 -98.70 -90.54 -30.96
CA GLU AC 23 -99.96 -91.26 -30.85
C GLU AC 23 -99.88 -92.28 -29.71
N GLY AC 24 -101.05 -92.67 -29.21
CA GLY AC 24 -101.14 -93.73 -28.24
C GLY AC 24 -100.75 -95.06 -28.85
N PRO AC 25 -100.01 -95.88 -28.10
CA PRO AC 25 -99.60 -97.19 -28.62
C PRO AC 25 -100.79 -98.14 -28.72
N CYS AC 26 -101.56 -97.98 -29.79
CA CYS AC 26 -102.85 -98.64 -29.92
C CYS AC 26 -102.68 -100.12 -30.22
N LYS AC 27 -103.50 -100.94 -29.58
CA LYS AC 27 -103.44 -102.39 -29.73
C LYS AC 27 -104.33 -102.83 -30.90
N VAL AC 28 -103.77 -103.67 -31.76
CA VAL AC 28 -104.54 -104.38 -32.78
C VAL AC 28 -104.20 -105.85 -32.64
N GLN AC 29 -105.13 -106.62 -32.08
CA GLN AC 29 -104.87 -107.99 -31.71
C GLN AC 29 -105.46 -108.95 -32.74
N SER AC 30 -104.61 -109.86 -33.22
CA SER AC 30 -105.02 -110.89 -34.17
C SER AC 30 -105.18 -112.18 -33.38
N PHE AC 31 -106.31 -112.33 -32.72
CA PHE AC 31 -106.63 -113.60 -32.08
C PHE AC 31 -106.95 -114.64 -33.14
N GLU AC 32 -106.49 -115.86 -32.90
CA GLU AC 32 -106.90 -116.99 -33.70
C GLU AC 32 -107.46 -118.07 -32.79
N GLN AC 33 -108.47 -118.78 -33.29
CA GLN AC 33 -108.91 -120.04 -32.73
C GLN AC 33 -108.81 -121.01 -33.90
N ARG AC 34 -107.60 -121.51 -34.12
CA ARG AC 34 -107.26 -122.23 -35.33
C ARG AC 34 -106.44 -123.47 -35.03
N ASP AC 35 -105.89 -124.05 -36.08
CA ASP AC 35 -104.92 -125.14 -35.98
C ASP AC 35 -103.96 -125.00 -37.15
N ASP AC 36 -103.23 -126.07 -37.44
CA ASP AC 36 -102.35 -126.08 -38.59
C ASP AC 36 -102.41 -127.46 -39.23
N VAL AC 37 -101.56 -127.66 -40.23
CA VAL AC 37 -101.27 -128.98 -40.78
C VAL AC 37 -99.78 -129.19 -40.58
N LYS AC 38 -99.24 -130.31 -41.09
CA LYS AC 38 -97.81 -130.53 -40.99
C LYS AC 38 -97.03 -129.49 -41.78
N HIS AC 39 -97.51 -129.11 -42.96
CA HIS AC 39 -96.74 -128.25 -43.85
C HIS AC 39 -96.78 -126.79 -43.40
N LEU AC 40 -97.97 -126.28 -43.09
CA LEU AC 40 -98.08 -124.84 -42.94
C LEU AC 40 -99.21 -124.46 -42.00
N GLY AC 41 -98.93 -123.46 -41.16
CA GLY AC 41 -99.97 -122.65 -40.57
C GLY AC 41 -99.65 -121.21 -40.88
N ILE AC 42 -100.45 -120.57 -41.73
CA ILE AC 42 -100.11 -119.26 -42.26
C ILE AC 42 -100.95 -118.19 -41.57
N CYS AC 43 -100.28 -117.12 -41.14
CA CYS AC 43 -100.94 -116.03 -40.43
C CYS AC 43 -100.24 -114.73 -40.81
N LYS AC 44 -100.83 -113.97 -41.74
CA LYS AC 44 -100.46 -112.56 -41.86
C LYS AC 44 -101.04 -111.82 -40.67
N VAL AC 45 -100.15 -111.30 -39.84
CA VAL AC 45 -100.57 -110.75 -38.55
C VAL AC 45 -101.05 -109.31 -38.72
N ILE AC 46 -100.69 -108.66 -39.83
CA ILE AC 46 -100.99 -107.27 -40.06
C ILE AC 46 -102.21 -107.13 -40.98
N SER AC 47 -103.06 -108.17 -41.03
CA SER AC 47 -104.04 -108.30 -42.09
C SER AC 47 -105.21 -107.34 -41.93
N ASP AC 48 -105.92 -107.43 -40.80
CA ASP AC 48 -107.17 -106.73 -40.60
C ASP AC 48 -107.01 -105.27 -40.18
N VAL AC 49 -105.85 -104.65 -40.41
CA VAL AC 49 -105.61 -103.29 -39.98
C VAL AC 49 -106.04 -102.36 -41.10
N THR AC 50 -107.24 -101.78 -40.98
CA THR AC 50 -107.81 -100.87 -41.96
C THR AC 50 -107.79 -99.46 -41.42
N ARG AC 51 -108.03 -98.49 -42.30
CA ARG AC 51 -108.11 -97.09 -41.89
C ARG AC 51 -109.42 -96.84 -41.15
N GLY AC 52 -109.32 -96.21 -39.98
CA GLY AC 52 -110.48 -95.88 -39.19
C GLY AC 52 -110.10 -95.08 -37.96
N PRO AC 53 -111.10 -94.49 -37.29
CA PRO AC 53 -110.80 -93.67 -36.11
C PRO AC 53 -110.52 -94.49 -34.85
N GLY AC 54 -110.96 -95.75 -34.80
CA GLY AC 54 -110.78 -96.55 -33.61
C GLY AC 54 -109.34 -97.00 -33.40
N LEU AC 55 -109.09 -97.54 -32.21
CA LEU AC 55 -107.76 -98.01 -31.87
C LEU AC 55 -107.44 -99.39 -32.43
N THR AC 56 -108.44 -100.07 -33.01
CA THR AC 56 -108.19 -101.27 -33.79
C THR AC 56 -107.98 -100.96 -35.27
N HIS AC 57 -107.48 -99.76 -35.57
CA HIS AC 57 -107.38 -99.25 -36.93
C HIS AC 57 -106.04 -98.54 -37.08
N ARG AC 58 -105.90 -97.77 -38.15
CA ARG AC 58 -104.64 -97.14 -38.49
C ARG AC 58 -104.88 -95.75 -39.05
N VAL AC 59 -103.85 -94.91 -38.96
CA VAL AC 59 -103.85 -93.57 -39.53
C VAL AC 59 -102.75 -93.52 -40.59
N GLY AC 60 -103.14 -93.42 -41.85
CA GLY AC 60 -102.19 -93.39 -42.94
C GLY AC 60 -101.77 -94.77 -43.41
N LYS AC 61 -100.50 -94.92 -43.77
CA LYS AC 61 -100.01 -96.20 -44.28
C LYS AC 61 -98.61 -96.51 -43.76
N ARG AC 62 -98.22 -95.93 -42.62
CA ARG AC 62 -96.90 -96.11 -42.05
C ARG AC 62 -97.03 -96.67 -40.64
N PHE AC 63 -96.34 -97.78 -40.37
CA PHE AC 63 -96.32 -98.41 -39.06
C PHE AC 63 -94.91 -98.40 -38.51
N CYS AC 64 -94.82 -98.47 -37.19
CA CYS AC 64 -93.60 -98.88 -36.49
C CYS AC 64 -94.07 -99.79 -35.35
N ILE AC 65 -94.09 -101.08 -35.61
CA ILE AC 65 -94.52 -102.06 -34.61
C ILE AC 65 -93.53 -102.08 -33.46
N LYS AC 66 -94.00 -101.69 -32.28
CA LYS AC 66 -93.12 -101.67 -31.10
C LYS AC 66 -92.81 -103.08 -30.65
N SER AC 67 -93.84 -103.90 -30.42
CA SER AC 67 -93.61 -105.26 -29.98
C SER AC 67 -94.78 -106.15 -30.37
N ILE AC 68 -94.47 -107.39 -30.68
CA ILE AC 68 -95.46 -108.46 -30.83
C ILE AC 68 -95.47 -109.26 -29.54
N TYR AC 69 -96.64 -109.38 -28.93
CA TYR AC 69 -96.83 -110.09 -27.69
C TYR AC 69 -97.65 -111.35 -27.96
N ILE AC 70 -96.98 -112.50 -27.98
CA ILE AC 70 -97.60 -113.75 -28.39
C ILE AC 70 -98.04 -114.50 -27.14
N LEU AC 71 -99.35 -114.56 -26.93
CA LEU AC 71 -99.95 -115.54 -26.04
C LEU AC 71 -100.36 -116.76 -26.84
N GLY AC 72 -100.65 -117.85 -26.14
CA GLY AC 72 -101.11 -119.03 -26.82
C GLY AC 72 -101.04 -120.31 -26.03
N LYS AC 73 -102.07 -121.14 -26.19
CA LYS AC 73 -102.09 -122.48 -25.61
C LYS AC 73 -102.15 -123.50 -26.74
N ILE AC 74 -101.19 -124.44 -26.72
CA ILE AC 74 -100.98 -125.37 -27.81
C ILE AC 74 -101.27 -126.77 -27.26
N TRP AC 75 -102.39 -127.36 -27.67
CA TRP AC 75 -102.80 -128.63 -27.11
C TRP AC 75 -103.05 -129.66 -28.20
N LEU AC 76 -103.36 -130.87 -27.74
CA LEU AC 76 -103.92 -131.92 -28.56
C LEU AC 76 -105.03 -132.67 -27.83
N ASP AC 77 -105.73 -131.99 -26.91
CA ASP AC 77 -106.57 -132.66 -25.92
C ASP AC 77 -107.96 -132.99 -26.46
N GLU AC 78 -108.11 -133.05 -27.78
CA GLU AC 78 -109.23 -133.74 -28.40
C GLU AC 78 -109.15 -135.22 -28.04
N THR AC 79 -110.30 -135.90 -28.06
CA THR AC 79 -110.37 -137.31 -27.66
C THR AC 79 -109.67 -138.26 -28.63
N ILE AC 80 -109.17 -137.75 -29.75
CA ILE AC 80 -108.44 -138.54 -30.74
C ILE AC 80 -107.02 -137.95 -30.70
N LYS AC 81 -106.12 -138.45 -31.56
CA LYS AC 81 -104.72 -138.04 -31.69
C LYS AC 81 -103.91 -138.37 -30.44
N LYS AC 82 -104.25 -139.48 -29.79
CA LYS AC 82 -103.35 -140.13 -28.85
C LYS AC 82 -102.42 -141.12 -29.52
N GLN AC 83 -102.83 -141.76 -30.62
CA GLN AC 83 -101.91 -142.51 -31.46
C GLN AC 83 -101.21 -141.54 -32.42
N ASN AC 84 -100.15 -142.06 -33.07
CA ASN AC 84 -99.25 -141.33 -33.97
C ASN AC 84 -98.70 -140.08 -33.29
N HIS AC 85 -98.31 -140.25 -32.03
CA HIS AC 85 -98.09 -139.15 -31.10
C HIS AC 85 -96.67 -138.64 -31.06
N THR AC 86 -96.36 -137.83 -30.04
CA THR AC 86 -95.08 -137.14 -29.80
C THR AC 86 -94.67 -136.21 -30.92
N ASN AC 87 -95.42 -135.13 -31.14
CA ASN AC 87 -95.07 -134.10 -32.10
C ASN AC 87 -94.70 -132.82 -31.35
N ASN AC 88 -93.94 -131.96 -32.00
CA ASN AC 88 -93.57 -130.66 -31.42
C ASN AC 88 -93.80 -129.55 -32.44
N VAL AC 89 -93.86 -128.32 -31.94
CA VAL AC 89 -94.21 -127.15 -32.74
C VAL AC 89 -93.02 -126.22 -32.77
N ILE AC 90 -92.60 -125.83 -33.97
CA ILE AC 90 -91.55 -124.83 -34.15
C ILE AC 90 -92.20 -123.59 -34.74
N PHE AC 91 -92.05 -122.46 -34.07
CA PHE AC 91 -92.62 -121.22 -34.58
C PHE AC 91 -91.61 -120.47 -35.42
N TYR AC 92 -92.13 -119.66 -36.35
CA TYR AC 92 -91.30 -118.88 -37.25
C TYR AC 92 -91.92 -117.50 -37.38
N LEU AC 93 -91.15 -116.47 -37.01
CA LEU AC 93 -91.59 -115.08 -37.11
C LEU AC 93 -90.63 -114.40 -38.07
N LEU AC 94 -91.09 -114.14 -39.30
CA LEU AC 94 -90.22 -113.73 -40.38
C LEU AC 94 -90.41 -112.25 -40.70
N ARG AC 95 -89.31 -111.58 -41.02
CA ARG AC 95 -89.38 -110.23 -41.58
C ARG AC 95 -89.43 -110.35 -43.10
N ASP AC 96 -90.60 -110.06 -43.68
CA ASP AC 96 -90.80 -110.18 -45.11
C ASP AC 96 -90.31 -108.92 -45.82
N ARG AC 97 -89.91 -109.09 -47.09
CA ARG AC 97 -89.38 -107.99 -47.88
C ARG AC 97 -90.35 -107.48 -48.94
N ARG AC 98 -91.24 -108.30 -49.47
CA ARG AC 98 -92.15 -107.89 -50.53
C ARG AC 98 -93.39 -108.78 -50.49
N PRO AC 99 -94.56 -108.26 -50.85
CA PRO AC 99 -95.76 -109.10 -50.93
C PRO AC 99 -96.04 -109.57 -52.34
N TYR AC 100 -96.92 -110.57 -52.46
CA TYR AC 100 -97.56 -110.92 -53.74
C TYR AC 100 -99.02 -111.23 -53.44
N GLY AC 101 -99.86 -110.18 -53.43
CA GLY AC 101 -101.28 -110.34 -53.18
C GLY AC 101 -101.60 -110.93 -51.81
N ASN AC 102 -102.03 -112.19 -51.83
CA ASN AC 102 -102.27 -112.96 -50.61
C ASN AC 102 -100.95 -113.49 -50.05
N ALA AC 103 -101.05 -114.42 -49.09
CA ALA AC 103 -99.86 -114.99 -48.48
C ALA AC 103 -99.22 -116.00 -49.43
N PRO AC 104 -97.88 -116.04 -49.50
CA PRO AC 104 -97.22 -117.03 -50.37
C PRO AC 104 -97.20 -118.41 -49.76
N GLN AC 105 -96.51 -119.34 -50.43
CA GLN AC 105 -96.37 -120.70 -49.94
C GLN AC 105 -95.47 -120.74 -48.71
N ASP AC 106 -95.45 -121.89 -48.03
CA ASP AC 106 -94.47 -122.15 -46.98
C ASP AC 106 -93.41 -123.14 -47.44
N PHE AC 107 -93.83 -124.35 -47.82
CA PHE AC 107 -92.87 -125.41 -48.15
C PHE AC 107 -92.17 -125.12 -49.48
N GLY AC 108 -92.82 -124.37 -50.37
CA GLY AC 108 -92.16 -123.88 -51.55
C GLY AC 108 -91.42 -122.57 -51.38
N GLN AC 109 -91.41 -122.03 -50.16
CA GLN AC 109 -90.70 -120.78 -49.88
C GLN AC 109 -89.53 -120.98 -48.93
N ILE AC 110 -89.75 -121.56 -47.75
CA ILE AC 110 -88.62 -121.99 -46.95
C ILE AC 110 -88.08 -123.30 -47.52
N PHE AC 111 -86.82 -123.61 -47.18
CA PHE AC 111 -86.02 -124.45 -48.07
C PHE AC 111 -86.34 -125.93 -47.92
N ASN AC 112 -86.12 -126.51 -46.75
CA ASN AC 112 -86.10 -127.97 -46.64
C ASN AC 112 -87.17 -128.40 -45.64
N MET AC 113 -87.18 -129.70 -45.34
CA MET AC 113 -88.26 -130.31 -44.57
C MET AC 113 -88.11 -130.04 -43.07
N PHE AC 114 -88.76 -128.96 -42.64
CA PHE AC 114 -89.28 -128.67 -41.30
C PHE AC 114 -88.18 -128.31 -40.29
N ASP AC 115 -86.90 -128.43 -40.65
CA ASP AC 115 -85.78 -127.89 -39.88
C ASP AC 115 -84.88 -127.17 -40.87
N ASN AC 116 -85.14 -125.89 -41.08
CA ASN AC 116 -84.58 -125.22 -42.24
C ASN AC 116 -84.49 -123.71 -42.02
N GLU AC 117 -84.23 -123.01 -43.11
CA GLU AC 117 -84.09 -121.58 -43.27
C GLU AC 117 -84.82 -121.22 -44.55
N PRO AC 118 -85.02 -119.94 -44.89
CA PRO AC 118 -85.50 -119.61 -46.24
C PRO AC 118 -84.49 -119.98 -47.31
N SER AC 119 -85.00 -120.15 -48.53
CA SER AC 119 -84.19 -120.60 -49.65
C SER AC 119 -83.18 -119.54 -50.08
N THR AC 120 -82.18 -119.98 -50.84
CA THR AC 120 -81.12 -119.09 -51.29
C THR AC 120 -81.62 -118.07 -52.31
N ALA AC 121 -82.68 -118.39 -53.05
CA ALA AC 121 -83.23 -117.47 -54.03
C ALA AC 121 -84.31 -116.56 -53.45
N THR AC 122 -84.55 -116.62 -52.15
CA THR AC 122 -85.66 -115.90 -51.52
C THR AC 122 -85.21 -114.81 -50.56
N ILE AC 123 -83.91 -114.71 -50.27
CA ILE AC 123 -83.42 -113.74 -49.30
C ILE AC 123 -83.48 -112.32 -49.85
N PHE AC 131 -86.51 -114.31 -47.71
CA PHE AC 131 -87.13 -113.38 -46.78
C PHE AC 131 -86.38 -113.44 -45.46
N GLN AC 132 -86.30 -112.31 -44.76
CA GLN AC 132 -85.54 -112.29 -43.52
C GLN AC 132 -86.31 -112.98 -42.39
N VAL AC 133 -85.56 -113.42 -41.39
CA VAL AC 133 -86.08 -114.12 -40.23
C VAL AC 133 -85.88 -113.19 -39.04
N LEU AC 134 -86.76 -113.25 -38.04
CA LEU AC 134 -86.44 -112.59 -36.78
C LEU AC 134 -86.02 -113.58 -35.69
N ARG AC 135 -86.91 -114.49 -35.28
CA ARG AC 135 -86.58 -115.50 -34.28
C ARG AC 135 -87.44 -116.75 -34.47
N LYS AC 136 -87.22 -117.72 -33.60
CA LYS AC 136 -87.95 -118.99 -33.57
C LYS AC 136 -88.46 -119.23 -32.15
N PHE AC 137 -89.29 -120.27 -32.01
CA PHE AC 137 -89.76 -120.70 -30.69
C PHE AC 137 -89.87 -122.22 -30.67
N HIS AC 138 -90.27 -122.77 -29.52
CA HIS AC 138 -90.46 -124.20 -29.35
C HIS AC 138 -91.73 -124.45 -28.55
N ALA AC 139 -92.36 -125.59 -28.84
CA ALA AC 139 -93.51 -126.08 -28.08
C ALA AC 139 -93.59 -127.57 -28.31
N THR AC 140 -93.44 -128.36 -27.24
CA THR AC 140 -93.34 -129.81 -27.33
C THR AC 140 -94.51 -130.45 -26.61
N VAL AC 141 -95.45 -131.03 -27.36
CA VAL AC 141 -96.61 -131.69 -26.78
C VAL AC 141 -96.54 -133.18 -27.09
N VAL AC 142 -96.12 -133.95 -26.09
CA VAL AC 142 -95.91 -135.39 -26.29
C VAL AC 142 -96.90 -136.19 -25.44
N GLY AC 143 -98.00 -136.62 -26.07
CA GLY AC 143 -98.97 -137.40 -25.33
C GLY AC 143 -99.49 -138.63 -26.05
N GLY AC 144 -99.22 -139.81 -25.50
CA GLY AC 144 -99.69 -141.03 -26.12
C GLY AC 144 -100.73 -141.74 -25.29
N LEU AC 145 -100.35 -142.83 -24.63
CA LEU AC 145 -101.25 -143.57 -23.76
C LEU AC 145 -100.54 -143.90 -22.46
N TYR AC 146 -101.34 -144.30 -21.48
CA TYR AC 146 -100.95 -144.83 -20.16
C TYR AC 146 -100.17 -143.86 -19.27
N CYS AC 147 -99.97 -142.60 -19.65
CA CYS AC 147 -99.79 -141.61 -18.59
C CYS AC 147 -100.79 -140.46 -18.75
N MET AC 148 -100.98 -139.82 -19.93
CA MET AC 148 -100.04 -139.62 -21.06
C MET AC 148 -99.34 -138.28 -20.78
N LYS AC 149 -98.01 -138.30 -20.68
CA LYS AC 149 -97.35 -137.16 -20.08
C LYS AC 149 -96.76 -136.22 -21.14
N GLU AC 150 -97.66 -135.42 -21.72
CA GLU AC 150 -97.60 -133.97 -21.94
C GLU AC 150 -98.84 -133.53 -22.69
N GLN AC 151 -99.20 -132.25 -22.54
CA GLN AC 151 -100.41 -131.65 -23.07
C GLN AC 151 -100.20 -130.14 -23.19
N ALA AC 152 -101.32 -129.40 -23.19
CA ALA AC 152 -101.44 -127.96 -23.40
C ALA AC 152 -100.37 -127.17 -22.66
N LEU AC 153 -99.53 -126.46 -23.42
CA LEU AC 153 -98.48 -125.64 -22.85
C LEU AC 153 -98.82 -124.17 -23.08
N VAL AC 154 -98.40 -123.31 -22.16
CA VAL AC 154 -98.68 -121.88 -22.27
C VAL AC 154 -97.39 -121.15 -22.63
N LYS AC 155 -97.46 -120.28 -23.64
CA LYS AC 155 -96.30 -119.54 -24.11
C LYS AC 155 -96.64 -118.06 -24.15
N ARG AC 156 -95.87 -117.26 -23.40
CA ARG AC 156 -95.93 -115.81 -23.48
C ARG AC 156 -94.54 -115.27 -23.81
N PHE AC 157 -94.49 -114.26 -24.69
CA PHE AC 157 -93.21 -113.71 -25.14
C PHE AC 157 -93.38 -112.23 -25.49
N TYR AC 158 -92.63 -111.38 -24.78
CA TYR AC 158 -92.30 -110.07 -25.33
C TYR AC 158 -91.34 -110.25 -26.50
N ARG AC 159 -91.55 -109.47 -27.57
CA ARG AC 159 -90.70 -109.58 -28.76
C ARG AC 159 -90.74 -108.24 -29.49
N LEU AC 160 -89.67 -107.45 -29.33
CA LEU AC 160 -89.59 -106.13 -29.94
C LEU AC 160 -89.26 -106.25 -31.42
N ASN AC 161 -89.86 -105.39 -32.23
CA ASN AC 161 -89.75 -105.45 -33.69
C ASN AC 161 -89.71 -104.02 -34.23
N HIS AC 162 -89.93 -103.87 -35.54
CA HIS AC 162 -89.74 -102.58 -36.20
C HIS AC 162 -90.78 -102.41 -37.30
N HIS AC 163 -90.52 -101.45 -38.21
CA HIS AC 163 -91.52 -100.75 -38.99
C HIS AC 163 -92.11 -101.58 -40.12
N VAL AC 164 -93.32 -101.19 -40.53
CA VAL AC 164 -94.13 -101.82 -41.58
C VAL AC 164 -94.75 -100.71 -42.42
N THR AC 165 -94.82 -100.88 -43.74
CA THR AC 165 -95.46 -99.92 -44.63
C THR AC 165 -96.57 -100.61 -45.40
N TYR AC 166 -97.69 -99.90 -45.59
CA TYR AC 166 -98.71 -100.30 -46.55
C TYR AC 166 -98.57 -99.50 -47.84
N ASN AC 167 -98.95 -100.13 -48.95
CA ASN AC 167 -98.84 -99.48 -50.26
C ASN AC 167 -100.01 -98.52 -50.49
N HIS AC 168 -101.22 -99.05 -50.55
CA HIS AC 168 -102.38 -98.24 -50.90
C HIS AC 168 -102.88 -97.45 -49.70
N GLN AC 169 -103.65 -96.40 -50.00
CA GLN AC 169 -104.28 -95.57 -48.99
C GLN AC 169 -105.70 -96.01 -48.70
N GLU AC 170 -106.00 -97.28 -48.93
CA GLU AC 170 -107.31 -97.85 -48.75
C GLU AC 170 -107.56 -98.18 -47.28
N ALA AC 171 -108.82 -98.44 -46.95
CA ALA AC 171 -109.18 -99.08 -45.69
C ALA AC 171 -109.28 -100.59 -45.88
N GLY AC 172 -108.19 -101.16 -46.41
CA GLY AC 172 -108.19 -102.51 -46.92
C GLY AC 172 -107.47 -103.50 -46.03
N LYS AC 173 -107.53 -104.76 -46.46
CA LYS AC 173 -106.96 -105.89 -45.75
C LYS AC 173 -105.52 -106.12 -46.22
N TYR AC 174 -104.97 -107.31 -45.95
CA TYR AC 174 -103.59 -107.68 -46.21
C TYR AC 174 -103.17 -107.64 -47.68
N GLU AC 175 -104.09 -107.44 -48.62
CA GLU AC 175 -103.76 -107.59 -50.04
C GLU AC 175 -102.93 -106.43 -50.57
N ASN AC 176 -103.04 -105.24 -49.96
CA ASN AC 176 -102.40 -104.03 -50.49
C ASN AC 176 -101.10 -103.69 -49.80
N HIS AC 177 -100.30 -104.70 -49.44
CA HIS AC 177 -99.03 -104.47 -48.75
C HIS AC 177 -97.96 -103.94 -49.69
N THR AC 178 -96.80 -103.65 -49.12
CA THR AC 178 -95.58 -103.27 -49.82
C THR AC 178 -94.41 -103.80 -49.00
N GLU AC 179 -93.22 -103.20 -49.18
CA GLU AC 179 -92.01 -103.54 -48.47
C GLU AC 179 -92.19 -103.56 -46.96
N ASN AC 180 -91.41 -104.42 -46.30
CA ASN AC 180 -91.35 -104.62 -44.84
C ASN AC 180 -92.71 -105.08 -44.29
N ALA AC 181 -93.11 -106.27 -44.73
CA ALA AC 181 -94.17 -107.00 -44.09
C ALA AC 181 -93.56 -107.95 -43.05
N LEU AC 182 -94.42 -108.53 -42.22
CA LEU AC 182 -94.00 -109.53 -41.24
C LEU AC 182 -95.21 -110.40 -40.89
N LEU AC 183 -94.96 -111.69 -40.73
CA LEU AC 183 -96.05 -112.66 -40.54
C LEU AC 183 -95.47 -113.89 -39.86
N LEU AC 184 -96.33 -114.88 -39.64
CA LEU AC 184 -95.99 -116.09 -38.90
C LEU AC 184 -96.14 -117.33 -39.76
N TYR AC 185 -95.33 -118.33 -39.46
CA TYR AC 185 -95.53 -119.69 -39.94
C TYR AC 185 -95.40 -120.64 -38.76
N MET AC 186 -96.29 -121.63 -38.71
CA MET AC 186 -96.24 -122.67 -37.69
C MET AC 186 -96.02 -124.00 -38.38
N ALA AC 187 -95.20 -124.86 -37.77
CA ALA AC 187 -94.77 -126.10 -38.41
C ALA AC 187 -94.93 -127.27 -37.46
N CYS AC 188 -95.53 -128.34 -37.96
CA CYS AC 188 -95.56 -129.62 -37.28
C CYS AC 188 -94.51 -130.55 -37.89
N THR AC 189 -94.06 -131.52 -37.09
CA THR AC 189 -92.95 -132.38 -37.48
C THR AC 189 -93.34 -133.83 -37.68
N HIS AC 190 -94.63 -134.15 -37.75
CA HIS AC 190 -95.07 -135.52 -37.93
C HIS AC 190 -96.31 -135.55 -38.82
N ALA AC 191 -96.55 -136.72 -39.44
CA ALA AC 191 -97.59 -136.85 -40.45
C ALA AC 191 -98.99 -136.73 -39.87
N SER AC 192 -99.18 -137.07 -38.59
CA SER AC 192 -100.45 -136.81 -37.93
C SER AC 192 -100.60 -135.31 -37.68
N ASN AC 193 -101.84 -134.90 -37.41
CA ASN AC 193 -102.07 -133.51 -37.08
C ASN AC 193 -102.73 -133.38 -35.70
N PRO AC 194 -101.98 -133.50 -34.60
CA PRO AC 194 -102.61 -133.36 -33.28
C PRO AC 194 -102.75 -131.93 -32.83
N VAL AC 195 -101.97 -131.01 -33.40
CA VAL AC 195 -101.76 -129.69 -32.83
C VAL AC 195 -102.98 -128.82 -33.07
N TYR AC 196 -103.65 -128.45 -31.98
CA TYR AC 196 -104.70 -127.44 -32.00
C TYR AC 196 -104.18 -126.21 -31.24
N ALA AC 197 -103.48 -125.35 -31.97
CA ALA AC 197 -102.79 -124.20 -31.40
C ALA AC 197 -103.63 -122.94 -31.60
N THR AC 198 -104.10 -122.36 -30.50
CA THR AC 198 -104.83 -121.11 -30.54
C THR AC 198 -104.00 -120.04 -29.84
N LEU AC 199 -103.77 -118.93 -30.53
CA LEU AC 199 -102.80 -117.94 -30.10
C LEU AC 199 -103.44 -116.56 -30.09
N LYS AC 200 -103.16 -115.81 -29.03
CA LYS AC 200 -103.55 -114.41 -28.93
C LYS AC 200 -102.32 -113.54 -29.17
N ILE AC 201 -102.38 -112.71 -30.20
CA ILE AC 201 -101.21 -112.02 -30.72
C ILE AC 201 -101.50 -110.52 -30.62
N ARG AC 202 -100.98 -109.87 -29.59
CA ARG AC 202 -101.10 -108.43 -29.45
C ARG AC 202 -99.97 -107.73 -30.20
N ILE AC 203 -100.33 -106.78 -31.05
CA ILE AC 203 -99.40 -105.80 -31.58
C ILE AC 203 -99.86 -104.43 -31.09
N TYR AC 204 -99.04 -103.77 -30.29
CA TYR AC 204 -99.28 -102.37 -29.95
C TYR AC 204 -98.12 -101.54 -30.46
N PHE AC 205 -98.45 -100.40 -31.06
CA PHE AC 205 -97.51 -99.63 -31.86
C PHE AC 205 -97.86 -98.14 -31.85
N PRO BC 16 -27.67 -119.04 -24.96
CA PRO BC 16 -27.32 -117.94 -25.86
C PRO BC 16 -27.34 -118.34 -27.33
N ASP BC 17 -27.66 -119.60 -27.62
CA ASP BC 17 -27.62 -120.14 -28.97
C ASP BC 17 -28.98 -120.64 -29.43
N ILE BC 18 -29.71 -121.35 -28.57
CA ILE BC 18 -30.90 -122.11 -28.94
C ILE BC 18 -32.18 -121.40 -28.52
N PRO BC 19 -33.26 -121.50 -29.30
CA PRO BC 19 -34.54 -120.90 -28.91
C PRO BC 19 -35.52 -121.86 -28.25
N ARG BC 20 -35.18 -123.14 -28.07
CA ARG BC 20 -36.18 -124.14 -27.69
C ARG BC 20 -36.00 -124.66 -26.27
N GLY BC 21 -34.84 -125.23 -25.94
CA GLY BC 21 -34.64 -125.89 -24.67
C GLY BC 21 -33.17 -126.07 -24.33
N CYS BC 22 -32.88 -126.11 -23.04
CA CYS BC 22 -31.52 -126.03 -22.51
C CYS BC 22 -30.75 -127.35 -22.59
N GLU BC 23 -31.21 -128.30 -23.41
CA GLU BC 23 -30.43 -129.48 -23.72
C GLU BC 23 -29.16 -129.10 -24.48
N GLY BC 24 -28.17 -129.99 -24.42
CA GLY BC 24 -26.97 -129.82 -25.20
C GLY BC 24 -27.27 -129.97 -26.68
N PRO BC 25 -26.64 -129.14 -27.52
CA PRO BC 25 -26.87 -129.24 -28.96
C PRO BC 25 -26.24 -130.49 -29.54
N CYS BC 26 -26.93 -131.61 -29.39
CA CYS BC 26 -26.36 -132.91 -29.68
C CYS BC 26 -26.27 -133.16 -31.18
N LYS BC 27 -25.15 -133.74 -31.60
CA LYS BC 27 -24.89 -134.01 -33.00
C LYS BC 27 -25.46 -135.37 -33.39
N VAL BC 28 -26.18 -135.40 -34.51
CA VAL BC 28 -26.58 -136.65 -35.15
C VAL BC 28 -26.14 -136.54 -36.60
N GLN BC 29 -25.08 -137.26 -36.96
CA GLN BC 29 -24.45 -137.10 -38.25
C GLN BC 29 -24.86 -138.24 -39.18
N SER BC 30 -25.44 -137.86 -40.32
CA SER BC 30 -25.86 -138.83 -41.33
C SER BC 30 -24.74 -138.88 -42.37
N PHE BC 31 -23.70 -139.64 -42.06
CA PHE BC 31 -22.68 -139.89 -43.07
C PHE BC 31 -23.20 -140.83 -44.13
N GLU BC 32 -22.83 -140.55 -45.37
CA GLU BC 32 -23.08 -141.47 -46.46
C GLU BC 32 -21.76 -141.79 -47.16
N GLN BC 33 -21.66 -143.03 -47.62
CA GLN BC 33 -20.63 -143.43 -48.58
C GLN BC 33 -21.45 -144.03 -49.73
N ARG BC 34 -21.95 -143.14 -50.59
CA ARG BC 34 -22.97 -143.50 -51.57
C ARG BC 34 -22.65 -142.88 -52.92
N ASP BC 35 -23.63 -142.94 -53.81
CA ASP BC 35 -23.60 -142.25 -55.09
C ASP BC 35 -25.03 -141.88 -55.45
N ASP BC 36 -25.26 -141.55 -56.71
CA ASP BC 36 -26.61 -141.27 -57.17
C ASP BC 36 -26.76 -141.86 -58.57
N VAL BC 37 -27.92 -141.57 -59.16
CA VAL BC 37 -28.15 -141.81 -60.59
C VAL BC 37 -28.45 -140.44 -61.18
N LYS BC 38 -28.81 -140.40 -62.47
CA LYS BC 38 -29.19 -139.13 -63.08
C LYS BC 38 -30.45 -138.56 -62.46
N HIS BC 39 -31.43 -139.43 -62.18
CA HIS BC 39 -32.74 -138.95 -61.74
C HIS BC 39 -32.72 -138.52 -60.28
N LEU BC 40 -32.15 -139.33 -59.40
CA LEU BC 40 -32.37 -139.09 -57.99
C LEU BC 40 -31.23 -139.61 -57.14
N GLY BC 41 -30.85 -138.82 -56.13
CA GLY BC 41 -30.17 -139.34 -54.97
C GLY BC 41 -30.97 -138.91 -53.76
N ILE BC 42 -31.60 -139.85 -53.07
CA ILE BC 42 -32.55 -139.53 -52.01
C ILE BC 42 -31.92 -139.77 -50.65
N CYS BC 43 -32.08 -138.78 -49.77
CA CYS BC 43 -31.51 -138.86 -48.43
C CYS BC 43 -32.45 -138.16 -47.46
N LYS BC 44 -33.27 -138.92 -46.75
CA LYS BC 44 -33.90 -138.37 -45.54
C LYS BC 44 -32.84 -138.23 -44.47
N VAL BC 45 -32.56 -137.00 -44.08
CA VAL BC 45 -31.42 -136.72 -43.22
C VAL BC 45 -31.79 -136.94 -41.77
N ILE BC 46 -33.08 -136.95 -41.46
CA ILE BC 46 -33.56 -137.05 -40.09
C ILE BC 46 -33.98 -138.50 -39.77
N SER BC 47 -33.43 -139.46 -40.51
CA SER BC 47 -33.97 -140.81 -40.53
C SER BC 47 -33.66 -141.59 -39.27
N ASP BC 48 -32.37 -141.76 -38.96
CA ASP BC 48 -31.92 -142.66 -37.89
C ASP BC 48 -32.01 -142.04 -36.50
N VAL BC 49 -32.82 -141.00 -36.29
CA VAL BC 49 -32.89 -140.33 -34.99
C VAL BC 49 -33.98 -141.02 -34.19
N THR BC 50 -33.60 -141.91 -33.28
CA THR BC 50 -34.52 -142.66 -32.43
C THR BC 50 -34.43 -142.14 -31.01
N ARG BC 51 -35.40 -142.54 -30.18
CA ARG BC 51 -35.37 -142.17 -28.77
C ARG BC 51 -34.31 -142.96 -28.03
N GLY BC 52 -33.48 -142.25 -27.26
CA GLY BC 52 -32.44 -142.88 -26.48
C GLY BC 52 -31.70 -141.87 -25.63
N PRO BC 53 -30.92 -142.36 -24.66
CA PRO BC 53 -30.19 -141.44 -23.78
C PRO BC 53 -28.96 -140.82 -24.41
N GLY BC 54 -28.40 -141.42 -25.46
CA GLY BC 54 -27.18 -140.92 -26.06
C GLY BC 54 -27.40 -139.64 -26.86
N LEU BC 55 -26.29 -139.02 -27.24
CA LEU BC 55 -26.35 -137.78 -28.00
C LEU BC 55 -26.58 -138.01 -29.49
N THR BC 56 -26.54 -139.26 -29.95
CA THR BC 56 -27.00 -139.62 -31.29
C THR BC 56 -28.47 -139.99 -31.30
N HIS BC 57 -29.26 -139.45 -30.37
CA HIS BC 57 -30.64 -139.84 -30.16
C HIS BC 57 -31.45 -138.58 -29.89
N ARG BC 58 -32.67 -138.76 -29.40
CA ARG BC 58 -33.61 -137.65 -29.22
C ARG BC 58 -34.40 -137.85 -27.94
N VAL BC 59 -34.93 -136.73 -27.43
CA VAL BC 59 -35.80 -136.72 -26.27
C VAL BC 59 -37.16 -136.18 -26.72
N GLY BC 60 -38.17 -137.04 -26.73
CA GLY BC 60 -39.49 -136.65 -27.17
C GLY BC 60 -39.68 -136.75 -28.67
N LYS BC 61 -40.43 -135.81 -29.24
CA LYS BC 61 -40.71 -135.83 -30.67
C LYS BC 61 -40.68 -134.43 -31.28
N ARG BC 62 -39.97 -133.50 -30.64
CA ARG BC 62 -39.89 -132.12 -31.10
C ARG BC 62 -38.43 -131.74 -31.34
N PHE BC 63 -38.14 -131.25 -32.54
CA PHE BC 63 -36.81 -130.80 -32.92
C PHE BC 63 -36.84 -129.31 -33.22
N CYS BC 64 -35.67 -128.68 -33.08
CA CYS BC 64 -35.38 -127.38 -33.70
C CYS BC 64 -33.95 -127.50 -34.22
N ILE BC 65 -33.81 -127.87 -35.49
CA ILE BC 65 -32.51 -128.02 -36.12
C ILE BC 65 -31.84 -126.65 -36.22
N LYS BC 66 -30.72 -126.49 -35.51
CA LYS BC 66 -30.01 -125.23 -35.55
C LYS BC 66 -29.33 -125.02 -36.89
N SER BC 67 -28.52 -125.99 -37.31
CA SER BC 67 -27.84 -125.86 -38.59
C SER BC 67 -27.52 -127.24 -39.16
N ILE BC 68 -27.57 -127.34 -40.48
CA ILE BC 68 -27.04 -128.48 -41.22
C ILE BC 68 -25.68 -128.10 -41.76
N TYR BC 69 -24.68 -128.90 -41.42
CA TYR BC 69 -23.29 -128.68 -41.82
C TYR BC 69 -22.91 -129.77 -42.82
N ILE BC 70 -22.85 -129.40 -44.09
CA ILE BC 70 -22.65 -130.37 -45.17
C ILE BC 70 -21.17 -130.38 -45.54
N LEU BC 71 -20.48 -131.45 -45.17
CA LEU BC 71 -19.20 -131.80 -45.77
C LEU BC 71 -19.43 -132.73 -46.95
N GLY BC 72 -18.40 -132.90 -47.76
CA GLY BC 72 -18.52 -133.83 -48.87
C GLY BC 72 -17.48 -133.68 -49.95
N LYS BC 73 -17.03 -134.81 -50.47
CA LYS BC 73 -16.14 -134.86 -51.62
C LYS BC 73 -16.85 -135.57 -52.76
N ILE BC 74 -16.92 -134.91 -53.92
CA ILE BC 74 -17.71 -135.36 -55.05
C ILE BC 74 -16.73 -135.65 -56.18
N TRP BC 75 -16.52 -136.93 -56.49
CA TRP BC 75 -15.52 -137.30 -57.48
C TRP BC 75 -16.12 -138.17 -58.55
N LEU BC 76 -15.27 -138.49 -59.52
CA LEU BC 76 -15.50 -139.54 -60.51
C LEU BC 76 -14.25 -140.36 -60.76
N ASP BC 77 -13.36 -140.45 -59.77
CA ASP BC 77 -11.98 -140.91 -59.98
C ASP BC 77 -11.87 -142.43 -59.98
N GLU BC 78 -12.98 -143.14 -60.22
CA GLU BC 78 -12.93 -144.52 -60.65
C GLU BC 78 -12.23 -144.59 -62.02
N THR BC 79 -11.64 -145.75 -62.33
CA THR BC 79 -10.87 -145.91 -63.57
C THR BC 79 -11.73 -145.88 -64.84
N ILE BC 80 -13.05 -145.82 -64.70
CA ILE BC 80 -13.98 -145.75 -65.81
C ILE BC 80 -14.62 -144.36 -65.67
N LYS BC 81 -15.58 -144.02 -66.53
CA LYS BC 81 -16.32 -142.76 -66.57
C LYS BC 81 -15.41 -141.58 -66.90
N LYS BC 82 -14.41 -141.81 -67.74
CA LYS BC 82 -13.72 -140.74 -68.45
C LYS BC 82 -14.39 -140.39 -69.76
N GLN BC 83 -15.04 -141.34 -70.43
CA GLN BC 83 -15.93 -141.03 -71.55
C GLN BC 83 -17.31 -140.64 -71.01
N ASN BC 84 -18.12 -140.07 -71.91
CA ASN BC 84 -19.45 -139.52 -71.63
C ASN BC 84 -19.38 -138.49 -70.50
N HIS BC 85 -18.36 -137.64 -70.56
CA HIS BC 85 -17.92 -136.86 -69.42
C HIS BC 85 -18.55 -135.47 -69.35
N THR BC 86 -17.97 -134.61 -68.50
CA THR BC 86 -18.41 -133.25 -68.18
C THR BC 86 -19.82 -133.18 -67.61
N ASN BC 87 -20.03 -133.73 -66.41
CA ASN BC 87 -21.30 -133.62 -65.71
C ASN BC 87 -21.11 -132.74 -64.48
N ASN BC 88 -22.21 -132.16 -63.99
CA ASN BC 88 -22.19 -131.36 -62.79
C ASN BC 88 -23.31 -131.77 -61.85
N VAL BC 89 -23.18 -131.37 -60.58
CA VAL BC 89 -24.08 -131.80 -59.52
C VAL BC 89 -24.80 -130.57 -58.98
N ILE BC 90 -26.13 -130.63 -58.96
CA ILE BC 90 -26.95 -129.59 -58.35
C ILE BC 90 -27.56 -130.18 -57.09
N PHE BC 91 -27.34 -129.54 -55.95
CA PHE BC 91 -27.92 -130.01 -54.71
C PHE BC 91 -29.26 -129.33 -54.43
N TYR BC 92 -30.10 -130.04 -53.69
CA TYR BC 92 -31.43 -129.54 -53.34
C TYR BC 92 -31.69 -129.86 -51.88
N LEU BC 93 -31.93 -128.83 -51.07
CA LEU BC 93 -32.23 -129.00 -49.66
C LEU BC 93 -33.63 -128.42 -49.46
N LEU BC 94 -34.62 -129.29 -49.28
CA LEU BC 94 -36.02 -128.90 -49.33
C LEU BC 94 -36.62 -128.92 -47.94
N ARG BC 95 -37.51 -127.96 -47.68
CA ARG BC 95 -38.35 -128.00 -46.48
C ARG BC 95 -39.65 -128.71 -46.84
N ASP BC 96 -39.82 -129.93 -46.33
CA ASP BC 96 -40.98 -130.74 -46.63
C ASP BC 96 -42.14 -130.38 -45.71
N ARG BC 97 -43.36 -130.58 -46.20
CA ARG BC 97 -44.57 -130.23 -45.45
C ARG BC 97 -45.29 -131.44 -44.87
N ARG BC 98 -45.21 -132.61 -45.49
CA ARG BC 98 -45.94 -133.79 -45.02
C ARG BC 98 -45.20 -135.03 -45.50
N PRO BC 99 -45.24 -136.12 -44.73
CA PRO BC 99 -44.63 -137.37 -45.20
C PRO BC 99 -45.65 -138.32 -45.81
N TYR BC 100 -45.17 -139.34 -46.51
CA TYR BC 100 -45.98 -140.51 -46.87
C TYR BC 100 -45.09 -141.74 -46.69
N GLY BC 101 -45.06 -142.28 -45.47
CA GLY BC 101 -44.27 -143.46 -45.16
C GLY BC 101 -42.78 -143.29 -45.39
N ASN BC 102 -42.29 -143.91 -46.45
CA ASN BC 102 -40.91 -143.75 -46.89
C ASN BC 102 -40.74 -142.45 -47.68
N ALA BC 103 -39.61 -142.31 -48.37
CA ALA BC 103 -39.34 -141.11 -49.13
C ALA BC 103 -40.14 -141.14 -50.44
N PRO BC 104 -40.68 -140.00 -50.88
CA PRO BC 104 -41.42 -139.97 -52.14
C PRO BC 104 -40.51 -139.96 -53.35
N GLN BC 105 -41.10 -139.81 -54.54
CA GLN BC 105 -40.34 -139.75 -55.77
C GLN BC 105 -39.57 -138.43 -55.86
N ASP BC 106 -38.66 -138.36 -56.83
CA ASP BC 106 -38.02 -137.10 -57.18
C ASP BC 106 -38.53 -136.55 -58.50
N PHE BC 107 -38.39 -137.31 -59.58
CA PHE BC 107 -38.75 -136.81 -60.91
C PHE BC 107 -40.26 -136.69 -61.07
N GLY BC 108 -41.02 -137.49 -60.33
CA GLY BC 108 -42.45 -137.32 -60.25
C GLY BC 108 -42.92 -136.33 -59.22
N GLN BC 109 -42.00 -135.71 -58.49
CA GLN BC 109 -42.35 -134.72 -57.47
C GLN BC 109 -41.89 -133.32 -57.84
N ILE BC 110 -40.59 -133.12 -58.11
CA ILE BC 110 -40.18 -131.86 -58.71
C ILE BC 110 -40.52 -131.89 -60.20
N PHE BC 111 -40.60 -130.69 -60.78
CA PHE BC 111 -41.45 -130.52 -61.97
C PHE BC 111 -40.80 -131.03 -63.25
N ASN BC 112 -39.68 -130.45 -63.65
CA ASN BC 112 -39.19 -130.67 -65.00
C ASN BC 112 -37.79 -131.27 -64.94
N MET BC 113 -37.16 -131.40 -66.11
CA MET BC 113 -35.91 -132.15 -66.24
C MET BC 113 -34.71 -131.33 -65.77
N PHE BC 114 -34.38 -131.52 -64.48
CA PHE BC 114 -33.09 -131.35 -63.84
C PHE BC 114 -32.69 -129.88 -63.65
N ASP BC 115 -33.44 -128.92 -64.18
CA ASP BC 115 -33.31 -127.50 -63.86
C ASP BC 115 -34.71 -126.98 -63.62
N ASN BC 116 -35.17 -127.06 -62.36
CA ASN BC 116 -36.58 -126.92 -62.09
C ASN BC 116 -36.84 -126.45 -60.67
N GLU BC 117 -38.10 -126.55 -60.28
CA GLU BC 117 -38.68 -126.23 -58.99
C GLU BC 117 -39.66 -127.34 -58.66
N PRO BC 118 -40.23 -127.42 -57.46
CA PRO BC 118 -41.34 -128.35 -57.24
C PRO BC 118 -42.56 -127.98 -58.06
N SER BC 119 -43.42 -128.98 -58.28
CA SER BC 119 -44.58 -128.83 -59.14
C SER BC 119 -45.62 -127.91 -58.50
N THR BC 120 -46.54 -127.43 -59.33
CA THR BC 120 -47.58 -126.51 -58.87
C THR BC 120 -48.58 -127.19 -57.95
N ALA BC 121 -48.77 -128.49 -58.07
CA ALA BC 121 -49.69 -129.23 -57.21
C ALA BC 121 -49.02 -129.76 -55.95
N THR BC 122 -47.76 -129.42 -55.71
CA THR BC 122 -47.00 -130.01 -54.61
C THR BC 122 -46.61 -128.99 -53.54
N ILE BC 123 -46.86 -127.70 -53.77
CA ILE BC 123 -46.42 -126.67 -52.83
C ILE BC 123 -47.28 -126.69 -51.57
N PHE BC 131 -43.72 -128.84 -52.21
CA PHE BC 131 -42.94 -128.81 -50.99
C PHE BC 131 -42.02 -127.60 -51.03
N GLN BC 132 -41.73 -127.01 -49.87
CA GLN BC 132 -40.90 -125.82 -49.86
C GLN BC 132 -39.44 -126.16 -50.10
N VAL BC 133 -38.70 -125.16 -50.55
CA VAL BC 133 -37.28 -125.26 -50.86
C VAL BC 133 -36.56 -124.39 -49.84
N LEU BC 134 -35.33 -124.76 -49.48
CA LEU BC 134 -34.50 -123.82 -48.73
C LEU BC 134 -33.42 -123.18 -49.60
N ARG BC 135 -32.48 -123.97 -50.13
CA ARG BC 135 -31.43 -123.44 -51.00
C ARG BC 135 -30.96 -124.53 -51.96
N LYS BC 136 -29.99 -124.16 -52.80
CA LYS BC 136 -29.35 -125.03 -53.78
C LYS BC 136 -27.83 -124.93 -53.61
N PHE BC 137 -27.11 -125.80 -54.33
CA PHE BC 137 -25.66 -125.74 -54.37
C PHE BC 137 -25.18 -126.13 -55.77
N HIS BC 138 -23.86 -126.10 -55.97
CA HIS BC 138 -23.24 -126.47 -57.23
C HIS BC 138 -22.00 -127.30 -56.98
N ALA BC 139 -21.72 -128.21 -57.91
CA ALA BC 139 -20.49 -129.00 -57.91
C ALA BC 139 -20.25 -129.45 -59.34
N THR BC 140 -19.14 -129.03 -59.93
CA THR BC 140 -18.86 -129.25 -61.34
C THR BC 140 -17.61 -130.10 -61.49
N VAL BC 141 -17.78 -131.36 -61.89
CA VAL BC 141 -16.66 -132.27 -62.08
C VAL BC 141 -16.55 -132.63 -63.56
N VAL BC 142 -15.60 -131.98 -64.24
CA VAL BC 142 -15.47 -132.15 -65.68
C VAL BC 142 -14.14 -132.83 -66.00
N GLY BC 143 -14.16 -134.15 -66.21
CA GLY BC 143 -12.94 -134.86 -66.53
C GLY BC 143 -13.06 -135.85 -67.66
N GLY BC 144 -12.34 -135.61 -68.76
CA GLY BC 144 -12.39 -136.52 -69.89
C GLY BC 144 -11.07 -137.24 -70.11
N LEU BC 145 -10.33 -136.82 -71.13
CA LEU BC 145 -9.03 -137.40 -71.41
C LEU BC 145 -8.04 -136.28 -71.71
N TYR BC 146 -6.76 -136.64 -71.69
CA TYR BC 146 -5.59 -135.84 -72.07
C TYR BC 146 -5.34 -134.60 -71.23
N CYS BC 147 -6.11 -134.32 -70.17
CA CYS BC 147 -5.49 -133.53 -69.11
C CYS BC 147 -5.59 -134.27 -67.76
N MET BC 148 -6.75 -134.81 -67.30
CA MET BC 148 -8.14 -134.42 -67.58
C MET BC 148 -8.52 -133.42 -66.47
N LYS BC 149 -8.91 -132.21 -66.86
CA LYS BC 149 -8.93 -131.14 -65.87
C LYS BC 149 -10.34 -130.89 -65.34
N GLU BC 150 -10.75 -131.78 -64.42
CA GLU BC 150 -11.36 -131.54 -63.11
C GLU BC 150 -11.70 -132.87 -62.47
N GLN BC 151 -11.79 -132.87 -61.14
CA GLN BC 151 -11.98 -134.06 -60.31
C GLN BC 151 -12.58 -133.63 -58.98
N ALA BC 152 -12.38 -134.48 -57.96
CA ALA BC 152 -12.92 -134.40 -56.60
C ALA BC 152 -12.86 -132.98 -56.02
N LEU BC 153 -14.03 -132.42 -55.74
CA LEU BC 153 -14.16 -131.09 -55.17
C LEU BC 153 -14.62 -131.21 -53.71
N VAL BC 154 -14.19 -130.27 -52.88
CA VAL BC 154 -14.58 -130.30 -51.48
C VAL BC 154 -15.57 -129.17 -51.22
N LYS BC 155 -16.68 -129.50 -50.55
CA LYS BC 155 -17.73 -128.53 -50.26
C LYS BC 155 -18.05 -128.54 -48.77
N ARG BC 156 -17.88 -127.40 -48.11
CA ARG BC 156 -18.33 -127.21 -46.74
C ARG BC 156 -19.27 -126.01 -46.69
N PHE BC 157 -20.34 -126.14 -45.91
CA PHE BC 157 -21.37 -125.11 -45.84
C PHE BC 157 -22.02 -125.10 -44.46
N TYR BC 158 -21.90 -123.98 -43.74
CA TYR BC 158 -22.88 -123.66 -42.71
C TYR BC 158 -24.22 -123.35 -43.34
N ARG BC 159 -25.30 -123.85 -42.73
CA ARG BC 159 -26.63 -123.61 -43.29
C ARG BC 159 -27.65 -123.69 -42.14
N LEU BC 160 -28.10 -122.53 -41.68
CA LEU BC 160 -29.04 -122.46 -40.57
C LEU BC 160 -30.45 -122.82 -41.03
N ASN BC 161 -31.18 -123.54 -40.18
CA ASN BC 161 -32.51 -124.05 -40.52
C ASN BC 161 -33.39 -123.99 -39.28
N HIS BC 162 -34.52 -124.69 -39.29
CA HIS BC 162 -35.53 -124.56 -38.25
C HIS BC 162 -36.19 -125.91 -37.98
N HIS BC 163 -37.33 -125.89 -37.31
CA HIS BC 163 -37.86 -126.96 -36.48
C HIS BC 163 -38.42 -128.13 -37.29
N VAL BC 164 -38.44 -129.29 -36.64
CA VAL BC 164 -38.91 -130.57 -37.19
C VAL BC 164 -39.74 -131.26 -36.11
N THR BC 165 -40.83 -131.92 -36.49
CA THR BC 165 -41.66 -132.67 -35.54
C THR BC 165 -41.75 -134.12 -36.01
N TYR BC 166 -41.71 -135.06 -35.05
CA TYR BC 166 -42.08 -136.44 -35.30
C TYR BC 166 -43.50 -136.71 -34.81
N ASN BC 167 -44.17 -137.64 -35.49
CA ASN BC 167 -45.55 -137.96 -35.13
C ASN BC 167 -45.59 -138.91 -33.92
N HIS BC 168 -45.06 -140.11 -34.08
CA HIS BC 168 -45.18 -141.12 -33.05
C HIS BC 168 -44.14 -140.91 -31.96
N GLN BC 169 -44.41 -141.52 -30.80
CA GLN BC 169 -43.51 -141.48 -29.66
C GLN BC 169 -42.61 -142.71 -29.61
N GLU BC 170 -42.37 -143.31 -30.77
CA GLU BC 170 -41.56 -144.51 -30.89
C GLU BC 170 -40.08 -144.16 -30.88
N ALA BC 171 -39.25 -145.20 -30.71
CA ALA BC 171 -37.83 -145.10 -30.98
C ALA BC 171 -37.54 -145.56 -32.42
N GLY BC 172 -38.25 -144.95 -33.36
CA GLY BC 172 -38.34 -145.41 -34.71
C GLY BC 172 -37.54 -144.58 -35.71
N LYS BC 173 -37.54 -145.07 -36.94
CA LYS BC 173 -36.81 -144.48 -38.06
C LYS BC 173 -37.70 -143.46 -38.76
N TYR BC 174 -37.33 -143.09 -40.00
CA TYR BC 174 -37.97 -142.04 -40.78
C TYR BC 174 -39.44 -142.28 -41.13
N GLU BC 175 -39.99 -143.45 -40.84
CA GLU BC 175 -41.33 -143.79 -41.31
C GLU BC 175 -42.43 -143.05 -40.55
N ASN BC 176 -42.18 -142.67 -39.30
CA ASN BC 176 -43.21 -142.10 -38.43
C ASN BC 176 -43.16 -140.57 -38.36
N HIS BC 177 -42.86 -139.92 -39.48
CA HIS BC 177 -42.77 -138.46 -39.51
C HIS BC 177 -44.15 -137.81 -39.49
N THR BC 178 -44.14 -136.49 -39.45
CA THR BC 178 -45.32 -135.63 -39.57
C THR BC 178 -44.86 -134.35 -40.25
N GLU BC 179 -45.63 -133.27 -40.07
CA GLU BC 179 -45.35 -131.94 -40.62
C GLU BC 179 -43.93 -131.47 -40.32
N ASN BC 180 -43.39 -130.66 -41.24
CA ASN BC 180 -42.07 -130.03 -41.20
C ASN BC 180 -40.95 -131.09 -41.14
N ALA BC 181 -40.88 -131.87 -42.22
CA ALA BC 181 -39.70 -132.68 -42.50
C ALA BC 181 -38.75 -131.88 -43.39
N LEU BC 182 -37.53 -132.40 -43.53
CA LEU BC 182 -36.54 -131.82 -44.43
C LEU BC 182 -35.56 -132.89 -44.85
N LEU BC 183 -35.15 -132.87 -46.11
CA LEU BC 183 -34.33 -133.92 -46.68
C LEU BC 183 -33.59 -133.36 -47.89
N LEU BC 184 -32.80 -134.23 -48.53
CA LEU BC 184 -31.95 -133.83 -49.64
C LEU BC 184 -32.31 -134.60 -50.91
N TYR BC 185 -32.07 -133.92 -52.04
CA TYR BC 185 -32.04 -134.57 -53.35
C TYR BC 185 -30.78 -134.14 -54.07
N MET BC 186 -30.14 -135.08 -54.74
CA MET BC 186 -28.97 -134.82 -55.56
C MET BC 186 -29.31 -135.18 -57.00
N ALA BC 187 -28.82 -134.36 -57.94
CA ALA BC 187 -29.21 -134.48 -59.33
C ALA BC 187 -27.98 -134.45 -60.23
N CYS BC 188 -27.92 -135.41 -61.16
CA CYS BC 188 -26.95 -135.39 -62.24
C CYS BC 188 -27.62 -134.90 -63.51
N THR BC 189 -26.81 -134.35 -64.42
CA THR BC 189 -27.33 -133.70 -65.62
C THR BC 189 -26.96 -134.40 -66.92
N HIS BC 190 -26.47 -135.64 -66.86
CA HIS BC 190 -26.09 -136.38 -68.05
C HIS BC 190 -26.42 -137.85 -67.87
N ALA BC 191 -26.57 -138.55 -69.00
CA ALA BC 191 -27.04 -139.92 -69.01
C ALA BC 191 -26.04 -140.90 -68.39
N SER BC 192 -24.75 -140.59 -68.44
CA SER BC 192 -23.77 -141.38 -67.71
C SER BC 192 -23.91 -141.13 -66.22
N ASN BC 193 -23.32 -142.02 -65.43
CA ASN BC 193 -23.33 -141.82 -63.99
C ASN BC 193 -21.90 -141.79 -63.44
N PRO BC 194 -21.16 -140.68 -63.59
CA PRO BC 194 -19.79 -140.66 -63.05
C PRO BC 194 -19.73 -140.31 -61.57
N VAL BC 195 -20.78 -139.70 -61.03
CA VAL BC 195 -20.71 -139.00 -59.75
C VAL BC 195 -20.71 -140.02 -58.62
N TYR BC 196 -19.59 -140.09 -57.89
CA TYR BC 196 -19.51 -140.81 -56.64
C TYR BC 196 -19.36 -139.80 -55.51
N ALA BC 197 -20.50 -139.33 -55.02
CA ALA BC 197 -20.56 -138.25 -54.04
C ALA BC 197 -20.79 -138.84 -52.65
N THR BC 198 -19.79 -138.67 -51.78
CA THR BC 198 -19.90 -139.09 -50.39
C THR BC 198 -19.87 -137.86 -49.51
N LEU BC 199 -20.87 -137.74 -48.65
CA LEU BC 199 -21.12 -136.51 -47.92
C LEU BC 199 -21.25 -136.80 -46.42
N LYS BC 200 -20.61 -135.96 -45.62
CA LYS BC 200 -20.76 -135.98 -44.18
C LYS BC 200 -21.66 -134.83 -43.76
N ILE BC 201 -22.79 -135.17 -43.13
CA ILE BC 201 -23.87 -134.22 -42.90
C ILE BC 201 -24.08 -134.14 -41.39
N ARG BC 202 -23.52 -133.11 -40.76
CA ARG BC 202 -23.76 -132.88 -39.34
C ARG BC 202 -25.03 -132.07 -39.12
N ILE BC 203 -25.92 -132.57 -38.27
CA ILE BC 203 -27.00 -131.77 -37.70
C ILE BC 203 -26.78 -131.71 -36.20
N TYR BC 204 -26.54 -130.51 -35.67
CA TYR BC 204 -26.53 -130.32 -34.24
C TYR BC 204 -27.65 -129.34 -33.87
N PHE BC 205 -28.37 -129.68 -32.80
CA PHE BC 205 -29.63 -129.03 -32.49
C PHE BC 205 -29.90 -129.05 -30.98
N PRO CC 16 -29.78 -82.88 -64.75
CA PRO CC 16 -29.29 -83.66 -63.60
C PRO CC 16 -28.07 -84.52 -63.93
N ASP CC 17 -27.62 -84.48 -65.18
CA ASP CC 17 -26.53 -85.34 -65.65
C ASP CC 17 -25.35 -84.53 -66.15
N ILE CC 18 -25.59 -83.47 -66.91
CA ILE CC 18 -24.55 -82.77 -67.67
C ILE CC 18 -24.16 -81.45 -67.01
N PRO CC 19 -22.89 -81.06 -67.09
CA PRO CC 19 -22.47 -79.76 -66.54
C PRO CC 19 -22.39 -78.62 -67.54
N ARG CC 20 -22.69 -78.85 -68.82
CA ARG CC 20 -22.38 -77.87 -69.86
C ARG CC 20 -23.62 -77.19 -70.45
N GLY CC 21 -24.56 -77.95 -71.01
CA GLY CC 21 -25.67 -77.39 -71.73
C GLY CC 21 -26.81 -78.38 -71.90
N CYS CC 22 -28.03 -77.86 -72.00
CA CYS CC 22 -29.26 -78.65 -71.92
C CYS CC 22 -29.60 -79.36 -73.23
N GLU CC 23 -28.64 -79.53 -74.14
CA GLU CC 23 -28.82 -80.39 -75.29
C GLU CC 23 -28.97 -81.84 -74.85
N GLY CC 24 -29.59 -82.64 -75.72
CA GLY CC 24 -29.66 -84.06 -75.50
C GLY CC 24 -28.29 -84.70 -75.57
N PRO CC 25 -28.02 -85.66 -74.69
CA PRO CC 25 -26.72 -86.34 -74.72
C PRO CC 25 -26.59 -87.25 -75.92
N CYS CC 26 -26.26 -86.64 -77.06
CA CYS CC 26 -26.32 -87.33 -78.35
C CYS CC 26 -25.17 -88.30 -78.51
N LYS CC 27 -25.48 -89.47 -79.06
CA LYS CC 27 -24.49 -90.53 -79.25
C LYS CC 27 -23.81 -90.36 -80.60
N VAL CC 28 -22.48 -90.44 -80.59
CA VAL CC 28 -21.68 -90.55 -81.80
C VAL CC 28 -20.77 -91.76 -81.62
N GLN CC 29 -21.10 -92.85 -82.29
CA GLN CC 29 -20.44 -94.12 -82.06
C GLN CC 29 -19.40 -94.39 -83.15
N SER CC 30 -18.19 -94.67 -82.73
CA SER CC 30 -17.08 -94.98 -83.63
C SER CC 30 -16.91 -96.51 -83.60
N PHE CC 31 -17.76 -97.20 -84.36
CA PHE CC 31 -17.56 -98.62 -84.52
C PHE CC 31 -16.35 -98.89 -85.40
N GLU CC 32 -15.59 -99.91 -85.04
CA GLU CC 32 -14.54 -100.41 -85.89
C GLU CC 32 -14.76 -101.90 -86.14
N GLN CC 33 -14.40 -102.32 -87.36
CA GLN CC 33 -14.22 -103.73 -87.67
C GLN CC 33 -12.79 -103.79 -88.20
N ARG CC 34 -11.85 -103.87 -87.27
CA ARG CC 34 -10.44 -103.67 -87.58
C ARG CC 34 -9.57 -104.69 -86.87
N ASP CC 35 -8.27 -104.44 -86.89
CA ASP CC 35 -7.29 -105.20 -86.12
C ASP CC 35 -6.17 -104.24 -85.74
N ASP CC 36 -5.04 -104.81 -85.33
CA ASP CC 36 -3.87 -103.99 -85.05
C ASP CC 36 -2.63 -104.72 -85.54
N VAL CC 37 -1.47 -104.15 -85.23
CA VAL CC 37 -0.19 -104.83 -85.37
C VAL CC 37 0.40 -104.87 -83.98
N LYS CC 38 1.65 -105.36 -83.86
CA LYS CC 38 2.30 -105.36 -82.55
C LYS CC 38 2.54 -103.94 -82.05
N HIS CC 39 2.94 -103.03 -82.94
CA HIS CC 39 3.35 -101.71 -82.52
C HIS CC 39 2.15 -100.82 -82.18
N LEU CC 40 1.15 -100.79 -83.05
CA LEU CC 40 0.15 -99.75 -82.89
C LEU CC 40 -1.20 -100.19 -83.46
N GLY CC 41 -2.26 -99.85 -82.73
CA GLY CC 41 -3.57 -99.72 -83.31
C GLY CC 41 -4.09 -98.35 -82.97
N ILE CC 42 -4.21 -97.47 -83.96
CA ILE CC 42 -4.49 -96.06 -83.72
C ILE CC 42 -5.95 -95.77 -84.04
N CYS CC 43 -6.61 -95.05 -83.12
CA CYS CC 43 -8.02 -94.72 -83.27
C CYS CC 43 -8.25 -93.35 -82.65
N LYS CC 44 -8.30 -92.30 -83.46
CA LYS CC 44 -8.91 -91.06 -83.01
C LYS CC 44 -10.41 -91.25 -82.93
N VAL CC 45 -10.93 -91.20 -81.71
CA VAL CC 45 -12.32 -91.58 -81.47
C VAL CC 45 -13.26 -90.43 -81.79
N ILE CC 46 -12.73 -89.20 -81.85
CA ILE CC 46 -13.53 -88.02 -82.04
C ILE CC 46 -13.47 -87.56 -83.51
N SER CC 47 -13.17 -88.50 -84.42
CA SER CC 47 -12.76 -88.15 -85.77
C SER CC 47 -13.93 -87.68 -86.63
N ASP CC 48 -14.94 -88.53 -86.80
CA ASP CC 48 -16.02 -88.30 -87.75
C ASP CC 48 -17.11 -87.37 -87.23
N VAL CC 49 -16.84 -86.55 -86.22
CA VAL CC 49 -17.86 -85.68 -85.64
C VAL CC 49 -17.81 -84.35 -86.39
N THR CC 50 -18.73 -84.17 -87.34
CA THR CC 50 -18.83 -82.97 -88.16
C THR CC 50 -20.05 -82.16 -87.73
N ARG CC 51 -20.12 -80.91 -88.19
CA ARG CC 51 -21.27 -80.07 -87.91
C ARG CC 51 -22.47 -80.52 -88.74
N GLY CC 52 -23.60 -80.70 -88.07
CA GLY CC 52 -24.83 -81.08 -88.73
C GLY CC 52 -25.99 -81.11 -87.77
N PRO CC 53 -27.21 -81.20 -88.30
CA PRO CC 53 -28.40 -81.20 -87.43
C PRO CC 53 -28.66 -82.53 -86.75
N GLY CC 54 -28.12 -83.63 -87.27
CA GLY CC 54 -28.39 -84.94 -86.72
C GLY CC 54 -27.68 -85.18 -85.39
N LEU CC 55 -28.07 -86.26 -84.73
CA LEU CC 55 -27.48 -86.61 -83.44
C LEU CC 55 -26.14 -87.33 -83.58
N THR CC 56 -25.74 -87.69 -84.80
CA THR CC 56 -24.38 -88.15 -85.07
C THR CC 56 -23.47 -86.99 -85.47
N HIS CC 57 -23.77 -85.79 -84.99
CA HIS CC 57 -23.10 -84.57 -85.42
C HIS CC 57 -22.88 -83.69 -84.19
N ARG CC 58 -22.52 -82.43 -84.43
CA ARG CC 58 -22.16 -81.52 -83.36
C ARG CC 58 -22.70 -80.12 -83.64
N VAL CC 59 -22.84 -79.34 -82.57
CA VAL CC 59 -23.24 -77.95 -82.64
C VAL CC 59 -22.09 -77.12 -82.09
N GLY CC 60 -21.45 -76.35 -82.97
CA GLY CC 60 -20.32 -75.53 -82.58
C GLY CC 60 -19.01 -76.27 -82.59
N LYS CC 61 -18.13 -75.97 -81.62
CA LYS CC 61 -16.83 -76.60 -81.55
C LYS CC 61 -16.42 -76.92 -80.11
N ARG CC 62 -17.39 -77.06 -79.21
CA ARG CC 62 -17.14 -77.33 -77.81
C ARG CC 62 -17.84 -78.62 -77.40
N PHE CC 63 -17.07 -79.54 -76.82
CA PHE CC 63 -17.59 -80.81 -76.32
C PHE CC 63 -17.39 -80.89 -74.82
N CYS CC 64 -18.21 -81.70 -74.17
CA CYS CC 64 -17.95 -82.23 -72.83
C CYS CC 64 -18.40 -83.69 -72.89
N ILE CC 65 -17.44 -84.58 -73.18
CA ILE CC 65 -17.73 -86.01 -73.27
C ILE CC 65 -18.10 -86.53 -71.89
N LYS CC 66 -19.35 -87.00 -71.75
CA LYS CC 66 -19.80 -87.52 -70.48
C LYS CC 66 -19.14 -88.86 -70.19
N SER CC 67 -19.24 -89.81 -71.11
CA SER CC 67 -18.64 -91.12 -70.90
C SER CC 67 -18.33 -91.78 -72.23
N ILE CC 68 -17.24 -92.54 -72.23
CA ILE CC 68 -16.90 -93.45 -73.32
C ILE CC 68 -17.32 -94.85 -72.89
N TYR CC 69 -18.15 -95.48 -73.70
CA TYR CC 69 -18.67 -96.82 -73.43
C TYR CC 69 -18.06 -97.78 -74.44
N ILE CC 70 -17.09 -98.57 -74.00
CA ILE CC 70 -16.31 -99.43 -74.89
C ILE CC 70 -16.91 -100.83 -74.86
N LEU CC 71 -17.55 -101.22 -75.94
CA LEU CC 71 -17.83 -102.62 -76.23
C LEU CC 71 -16.71 -103.18 -77.09
N GLY CC 72 -16.68 -104.51 -77.19
CA GLY CC 72 -15.69 -105.11 -78.05
C GLY CC 72 -15.44 -106.58 -77.81
N LYS CC 73 -15.26 -107.32 -78.90
CA LYS CC 73 -14.86 -108.72 -78.85
C LYS CC 73 -13.50 -108.87 -79.50
N ILE CC 74 -12.57 -109.47 -78.77
CA ILE CC 74 -11.17 -109.54 -79.16
C ILE CC 74 -10.83 -111.01 -79.36
N TRP CC 75 -10.66 -111.43 -80.62
CA TRP CC 75 -10.45 -112.83 -80.90
C TRP CC 75 -9.19 -113.04 -81.72
N LEU CC 76 -8.91 -114.32 -81.97
CA LEU CC 76 -7.95 -114.78 -82.94
C LEU CC 76 -8.47 -115.97 -83.73
N ASP CC 77 -9.79 -116.10 -83.87
CA ASP CC 77 -10.42 -117.35 -84.30
C ASP CC 77 -10.42 -117.51 -85.81
N GLU CC 78 -9.54 -116.81 -86.52
CA GLU CC 78 -9.16 -117.18 -87.87
C GLU CC 78 -8.49 -118.55 -87.85
N THR CC 79 -8.54 -119.27 -88.97
CA THR CC 79 -8.01 -120.63 -89.04
C THR CC 79 -6.48 -120.71 -88.95
N ILE CC 80 -5.81 -119.56 -88.91
CA ILE CC 80 -4.36 -119.48 -88.77
C ILE CC 80 -4.16 -118.81 -87.41
N LYS CC 81 -2.90 -118.55 -87.03
CA LYS CC 81 -2.48 -117.92 -85.78
C LYS CC 81 -2.81 -118.78 -84.56
N LYS CC 82 -2.73 -120.09 -84.73
CA LYS CC 82 -2.62 -121.01 -83.60
C LYS CC 82 -1.19 -121.25 -83.18
N GLN CC 83 -0.22 -121.18 -84.09
CA GLN CC 83 1.18 -121.12 -83.72
C GLN CC 83 1.57 -119.68 -83.39
N ASN CC 84 2.75 -119.53 -82.77
CA ASN CC 84 3.31 -118.28 -82.26
C ASN CC 84 2.32 -117.60 -81.31
N HIS CC 85 1.71 -118.41 -80.45
CA HIS CC 85 0.50 -118.04 -79.72
C HIS CC 85 0.76 -117.43 -78.35
N THR CC 86 -0.30 -117.34 -77.54
CA THR CC 86 -0.35 -116.73 -76.22
C THR CC 86 0.03 -115.26 -76.20
N ASN CC 87 -0.77 -114.40 -76.83
CA ASN CC 87 -0.58 -112.96 -76.79
C ASN CC 87 -1.71 -112.33 -75.97
N ASN CC 88 -1.47 -111.14 -75.45
CA ASN CC 88 -2.48 -110.38 -74.72
C ASN CC 88 -2.53 -108.95 -75.22
N VAL CC 89 -3.64 -108.28 -74.91
CA VAL CC 89 -3.93 -106.94 -75.41
C VAL CC 89 -3.97 -105.98 -74.22
N ILE CC 90 -3.20 -104.90 -74.31
CA ILE CC 90 -3.24 -103.84 -73.32
C ILE CC 90 -3.84 -102.62 -73.99
N PHE CC 91 -4.92 -102.08 -73.43
CA PHE CC 91 -5.54 -100.90 -74.00
C PHE CC 91 -4.99 -99.63 -73.35
N TYR CC 92 -5.04 -98.54 -74.11
CA TYR CC 92 -4.55 -97.25 -73.65
C TYR CC 92 -5.54 -96.18 -74.08
N LEU CC 93 -6.09 -95.46 -73.10
CA LEU CC 93 -7.03 -94.38 -73.36
C LEU CC 93 -6.38 -93.11 -72.82
N LEU CC 94 -5.89 -92.27 -73.72
CA LEU CC 94 -5.02 -91.15 -73.35
C LEU CC 94 -5.77 -89.83 -73.45
N ARG CC 95 -5.49 -88.92 -72.52
CA ARG CC 95 -5.94 -87.54 -72.65
C ARG CC 95 -4.84 -86.75 -73.36
N ASP CC 96 -5.09 -86.37 -74.61
CA ASP CC 96 -4.12 -85.66 -75.42
C ASP CC 96 -4.18 -84.17 -75.12
N ARG CC 97 -3.04 -83.49 -75.32
CA ARG CC 97 -2.93 -82.07 -75.04
C ARG CC 97 -2.90 -81.19 -76.29
N ARG CC 98 -2.42 -81.69 -77.44
CA ARG CC 98 -2.30 -80.88 -78.65
C ARG CC 98 -2.31 -81.82 -79.85
N PRO CC 99 -2.86 -81.39 -80.99
CA PRO CC 99 -2.79 -82.21 -82.20
C PRO CC 99 -1.66 -81.82 -83.13
N TYR CC 100 -1.34 -82.67 -84.09
CA TYR CC 100 -0.52 -82.30 -85.25
C TYR CC 100 -1.15 -82.97 -86.47
N GLY CC 101 -2.11 -82.30 -87.09
CA GLY CC 101 -2.78 -82.80 -88.27
C GLY CC 101 -3.50 -84.12 -88.05
N ASN CC 102 -2.91 -85.18 -88.60
CA ASN CC 102 -3.39 -86.54 -88.39
C ASN CC 102 -2.92 -87.09 -87.04
N ALA CC 103 -3.06 -88.39 -86.84
CA ALA CC 103 -2.65 -89.00 -85.59
C ALA CC 103 -1.14 -89.14 -85.54
N PRO CC 104 -0.51 -88.90 -84.39
CA PRO CC 104 0.95 -89.06 -84.28
C PRO CC 104 1.37 -90.52 -84.18
N GLN CC 105 2.67 -90.75 -83.97
CA GLN CC 105 3.19 -92.09 -83.81
C GLN CC 105 2.74 -92.69 -82.47
N ASP CC 106 2.97 -94.00 -82.33
CA ASP CC 106 2.81 -94.65 -81.04
C ASP CC 106 4.15 -95.00 -80.40
N PHE CC 107 4.96 -95.80 -81.09
CA PHE CC 107 6.21 -96.28 -80.51
C PHE CC 107 7.24 -95.16 -80.41
N GLY CC 108 7.14 -94.16 -81.27
CA GLY CC 108 7.94 -92.95 -81.12
C GLY CC 108 7.34 -91.91 -80.21
N GLN CC 109 6.17 -92.18 -79.62
CA GLN CC 109 5.54 -91.24 -78.71
C GLN CC 109 5.49 -91.76 -77.29
N ILE CC 110 4.92 -92.95 -77.05
CA ILE CC 110 5.10 -93.57 -75.75
C ILE CC 110 6.50 -94.18 -75.67
N PHE CC 111 6.96 -94.44 -74.44
CA PHE CC 111 8.40 -94.45 -74.21
C PHE CC 111 9.06 -95.76 -74.63
N ASN CC 112 8.67 -96.88 -74.00
CA ASN CC 112 9.48 -98.09 -74.13
C ASN CC 112 8.61 -99.19 -74.71
N MET CC 113 9.17 -100.40 -74.76
CA MET CC 113 8.56 -101.52 -75.48
C MET CC 113 7.43 -102.15 -74.68
N PHE CC 114 6.22 -101.67 -74.95
CA PHE CC 114 4.91 -102.30 -74.80
C PHE CC 114 4.45 -102.43 -73.34
N ASP CC 115 5.29 -102.10 -72.36
CA ASP CC 115 4.90 -101.94 -70.97
C ASP CC 115 5.52 -100.64 -70.48
N ASN CC 116 4.80 -99.55 -70.64
CA ASN CC 116 5.42 -98.24 -70.54
C ASN CC 116 4.41 -97.17 -70.17
N GLU CC 117 4.86 -95.92 -70.32
CA GLU CC 117 4.17 -94.67 -70.07
C GLU CC 117 4.55 -93.75 -71.24
N PRO CC 118 3.93 -92.58 -71.39
CA PRO CC 118 4.46 -91.60 -72.35
C PRO CC 118 5.84 -91.10 -71.95
N SER CC 119 6.57 -90.60 -72.94
CA SER CC 119 7.95 -90.18 -72.74
C SER CC 119 8.02 -88.91 -71.89
N THR CC 120 9.22 -88.65 -71.37
CA THR CC 120 9.44 -87.50 -70.50
C THR CC 120 9.32 -86.17 -71.24
N ALA CC 121 9.60 -86.17 -72.55
CA ALA CC 121 9.49 -84.95 -73.34
C ALA CC 121 8.10 -84.76 -73.95
N THR CC 122 7.14 -85.60 -73.62
CA THR CC 122 5.84 -85.58 -74.25
C THR CC 122 4.70 -85.22 -73.30
N ILE CC 123 4.97 -85.08 -72.01
CA ILE CC 123 3.92 -84.81 -71.03
C ILE CC 123 3.44 -83.37 -71.14
N PHE CC 131 1.90 -86.71 -73.21
CA PHE CC 131 0.45 -86.60 -73.24
C PHE CC 131 -0.12 -87.31 -72.01
N GLN CC 132 -1.24 -86.82 -71.50
CA GLN CC 132 -1.80 -87.40 -70.30
C GLN CC 132 -2.48 -88.74 -70.60
N VAL CC 133 -2.61 -89.55 -69.56
CA VAL CC 133 -3.21 -90.88 -69.63
C VAL CC 133 -4.49 -90.80 -68.82
N LEU CC 134 -5.50 -91.58 -69.20
CA LEU CC 134 -6.63 -91.75 -68.28
C LEU CC 134 -6.62 -93.10 -67.57
N ARG CC 135 -6.72 -94.21 -68.31
CA ARG CC 135 -6.69 -95.55 -67.72
C ARG CC 135 -6.16 -96.56 -68.74
N LYS CC 136 -6.08 -97.81 -68.29
CA LYS CC 136 -5.65 -98.96 -69.10
C LYS CC 136 -6.69 -100.06 -68.99
N PHE CC 137 -6.52 -101.11 -69.80
CA PHE CC 137 -7.35 -102.30 -69.72
C PHE CC 137 -6.51 -103.53 -70.01
N HIS CC 138 -7.14 -104.70 -69.95
CA HIS CC 138 -6.49 -105.97 -70.23
C HIS CC 138 -7.40 -106.86 -71.06
N ALA CC 139 -6.78 -107.69 -71.89
CA ALA CC 139 -7.49 -108.70 -72.67
C ALA CC 139 -6.47 -109.77 -73.03
N THR CC 140 -6.68 -111.00 -72.54
CA THR CC 140 -5.71 -112.08 -72.66
C THR CC 140 -6.31 -113.21 -73.49
N VAL CC 141 -5.83 -113.37 -74.72
CA VAL CC 141 -6.32 -114.43 -75.61
C VAL CC 141 -5.19 -115.42 -75.86
N VAL CC 142 -5.24 -116.56 -75.16
CA VAL CC 142 -4.16 -117.53 -75.24
C VAL CC 142 -4.67 -118.82 -75.88
N GLY CC 143 -4.43 -118.98 -77.18
CA GLY CC 143 -4.88 -120.20 -77.84
C GLY CC 143 -3.87 -120.83 -78.76
N GLY CC 144 -3.43 -122.04 -78.44
CA GLY CC 144 -2.46 -122.73 -79.29
C GLY CC 144 -3.04 -123.95 -79.96
N LEU CC 145 -2.69 -125.14 -79.47
CA LEU CC 145 -3.22 -126.38 -80.01
C LEU CC 145 -3.63 -127.29 -78.86
N TYR CC 146 -4.39 -128.32 -79.20
CA TYR CC 146 -4.83 -129.45 -78.37
C TYR CC 146 -5.69 -129.07 -77.18
N CYS CC 147 -6.10 -127.82 -76.98
CA CYS CC 147 -7.35 -127.63 -76.26
C CYS CC 147 -8.34 -126.77 -77.08
N MET CC 148 -7.98 -125.61 -77.67
CA MET CC 148 -6.94 -124.64 -77.27
C MET CC 148 -7.65 -123.63 -76.36
N LYS CC 149 -7.16 -123.49 -75.13
CA LYS CC 149 -7.98 -122.82 -74.13
C LYS CC 149 -7.57 -121.36 -73.93
N GLU CC 150 -8.01 -120.53 -74.88
CA GLU CC 150 -8.70 -119.24 -74.73
C GLU CC 150 -8.96 -118.66 -76.12
N GLN CC 151 -9.97 -117.79 -76.20
CA GLN CC 151 -10.46 -117.21 -77.44
C GLN CC 151 -11.19 -115.90 -77.12
N ALA CC 152 -12.08 -115.50 -78.02
CA ALA CC 152 -12.85 -114.25 -78.03
C ALA CC 152 -13.40 -113.88 -76.66
N LEU CC 153 -12.95 -112.75 -76.14
CA LEU CC 153 -13.40 -112.24 -74.84
C LEU CC 153 -14.26 -111.01 -75.06
N VAL CC 154 -15.24 -110.80 -74.18
CA VAL CC 154 -16.12 -109.65 -74.29
C VAL CC 154 -15.78 -108.64 -73.21
N LYS CC 155 -15.63 -107.38 -73.59
CA LYS CC 155 -15.28 -106.32 -72.64
C LYS CC 155 -16.27 -105.17 -72.77
N ARG CC 156 -16.95 -104.86 -71.67
CA ARG CC 156 -17.78 -103.66 -71.57
C ARG CC 156 -17.31 -102.82 -70.40
N PHE CC 157 -17.29 -101.50 -70.59
CA PHE CC 157 -16.76 -100.58 -69.57
C PHE CC 157 -17.48 -99.24 -69.67
N TYR CC 158 -18.17 -98.85 -68.61
CA TYR CC 158 -18.44 -97.44 -68.36
C TYR CC 158 -17.12 -96.73 -68.03
N ARG CC 159 -16.94 -95.52 -68.57
CA ARG CC 159 -15.71 -94.78 -68.33
C ARG CC 159 -16.01 -93.29 -68.49
N LEU CC 160 -16.16 -92.59 -67.37
CA LEU CC 160 -16.49 -91.16 -67.38
C LEU CC 160 -15.26 -90.33 -67.73
N ASN CC 161 -15.47 -89.27 -68.52
CA ASN CC 161 -14.38 -88.45 -69.03
C ASN CC 161 -14.85 -86.99 -69.05
N HIS CC 162 -14.13 -86.14 -69.78
CA HIS CC 162 -14.36 -84.69 -69.72
C HIS CC 162 -14.12 -84.08 -71.10
N HIS CC 163 -13.96 -82.76 -71.13
CA HIS CC 163 -14.26 -81.89 -72.26
C HIS CC 163 -13.22 -81.99 -73.38
N VAL CC 164 -13.67 -81.64 -74.59
CA VAL CC 164 -12.90 -81.66 -75.84
C VAL CC 164 -13.25 -80.38 -76.60
N THR CC 165 -12.27 -79.77 -77.27
CA THR CC 165 -12.49 -78.60 -78.09
C THR CC 165 -12.01 -78.87 -79.52
N TYR CC 166 -12.76 -78.38 -80.51
CA TYR CC 166 -12.28 -78.30 -81.88
C TYR CC 166 -11.82 -76.89 -82.21
N ASN CC 167 -10.83 -76.80 -83.09
CA ASN CC 167 -10.27 -75.50 -83.46
C ASN CC 167 -11.16 -74.80 -84.49
N HIS CC 168 -11.30 -75.38 -85.67
CA HIS CC 168 -12.02 -74.73 -86.75
C HIS CC 168 -13.52 -74.89 -86.59
N GLN CC 169 -14.26 -74.02 -87.27
CA GLN CC 169 -15.71 -74.05 -87.30
C GLN CC 169 -16.24 -74.81 -88.50
N GLU CC 170 -15.44 -75.72 -89.04
CA GLU CC 170 -15.77 -76.51 -90.22
C GLU CC 170 -16.69 -77.66 -89.84
N ALA CC 171 -17.26 -78.28 -90.87
CA ALA CC 171 -17.90 -79.59 -90.73
C ALA CC 171 -16.91 -80.69 -91.10
N GLY CC 172 -15.76 -80.65 -90.43
CA GLY CC 172 -14.60 -81.42 -90.81
C GLY CC 172 -14.33 -82.60 -89.91
N LYS CC 173 -13.31 -83.36 -90.31
CA LYS CC 173 -12.88 -84.58 -89.64
C LYS CC 173 -11.83 -84.24 -88.58
N TYR CC 174 -11.08 -85.25 -88.13
CA TYR CC 174 -10.12 -85.16 -87.03
C TYR CC 174 -8.95 -84.20 -87.28
N GLU CC 175 -8.80 -83.64 -88.48
CA GLU CC 175 -7.61 -82.87 -88.81
C GLU CC 175 -7.60 -81.50 -88.14
N ASN CC 176 -8.76 -80.94 -87.84
CA ASN CC 176 -8.85 -79.56 -87.33
C ASN CC 176 -9.00 -79.49 -85.82
N HIS CC 177 -8.32 -80.36 -85.09
CA HIS CC 177 -8.41 -80.37 -83.63
C HIS CC 177 -7.64 -79.22 -83.01
N THR CC 178 -7.72 -79.14 -81.68
CA THR CC 178 -6.96 -78.22 -80.84
C THR CC 178 -6.74 -78.93 -79.50
N GLU CC 179 -6.48 -78.14 -78.45
CA GLU CC 179 -6.27 -78.62 -77.09
C GLU CC 179 -7.37 -79.56 -76.61
N ASN CC 180 -6.99 -80.50 -75.74
CA ASN CC 180 -7.85 -81.50 -75.11
C ASN CC 180 -8.51 -82.42 -76.13
N ALA CC 181 -7.66 -83.16 -76.83
CA ALA CC 181 -8.11 -84.30 -77.60
C ALA CC 181 -8.00 -85.56 -76.74
N LEU CC 182 -8.59 -86.66 -77.23
CA LEU CC 182 -8.49 -87.94 -76.58
C LEU CC 182 -8.70 -89.04 -77.61
N LEU CC 183 -7.94 -90.12 -77.49
CA LEU CC 183 -7.94 -91.16 -78.49
C LEU CC 183 -7.44 -92.45 -77.86
N LEU CC 184 -7.37 -93.52 -78.66
CA LEU CC 184 -7.00 -94.84 -78.19
C LEU CC 184 -5.74 -95.34 -78.86
N TYR CC 185 -5.01 -96.18 -78.13
CA TYR CC 185 -3.96 -97.02 -78.69
C TYR CC 185 -4.15 -98.44 -78.18
N MET CC 186 -3.96 -99.40 -79.08
CA MET CC 186 -4.02 -100.81 -78.75
C MET CC 186 -2.65 -101.42 -79.00
N ALA CC 187 -2.24 -102.33 -78.13
CA ALA CC 187 -0.88 -102.86 -78.17
C ALA CC 187 -0.90 -104.37 -78.06
N CYS CC 188 -0.16 -105.03 -78.95
CA CYS CC 188 0.12 -106.45 -78.86
C CYS CC 188 1.52 -106.65 -78.29
N THR CC 189 1.73 -107.82 -77.67
CA THR CC 189 2.98 -108.08 -76.95
C THR CC 189 3.82 -109.19 -77.56
N HIS CC 190 3.53 -109.61 -78.80
CA HIS CC 190 4.29 -110.67 -79.44
C HIS CC 190 4.41 -110.36 -80.93
N ALA CC 191 5.43 -110.97 -81.55
CA ALA CC 191 5.78 -110.66 -82.94
C ALA CC 191 4.74 -111.14 -83.94
N SER CC 192 3.99 -112.19 -83.60
CA SER CC 192 2.85 -112.57 -84.42
C SER CC 192 1.72 -111.56 -84.27
N ASN CC 193 0.78 -111.60 -85.21
CA ASN CC 193 -0.38 -110.72 -85.10
C ASN CC 193 -1.67 -111.53 -85.09
N PRO CC 194 -2.05 -112.16 -83.97
CA PRO CC 194 -3.30 -112.92 -83.96
C PRO CC 194 -4.53 -112.08 -83.70
N VAL CC 195 -4.35 -110.88 -83.14
CA VAL CC 195 -5.45 -110.13 -82.53
C VAL CC 195 -6.31 -109.51 -83.62
N TYR CC 196 -7.56 -109.97 -83.71
CA TYR CC 196 -8.59 -109.32 -84.53
C TYR CC 196 -9.62 -108.72 -83.59
N ALA CC 197 -9.34 -107.49 -83.17
CA ALA CC 197 -10.13 -106.80 -82.16
C ALA CC 197 -11.09 -105.82 -82.83
N THR CC 198 -12.38 -106.08 -82.70
CA THR CC 198 -13.41 -105.19 -83.22
C THR CC 198 -14.18 -104.62 -82.04
N LEU CC 199 -14.28 -103.29 -81.99
CA LEU CC 199 -14.77 -102.60 -80.82
C LEU CC 199 -15.86 -101.62 -81.21
N LYS CC 200 -16.93 -101.60 -80.41
CA LYS CC 200 -17.99 -100.62 -80.53
C LYS CC 200 -17.84 -99.59 -79.42
N ILE CC 201 -17.64 -98.33 -79.81
CA ILE CC 201 -17.23 -97.28 -78.89
C ILE CC 201 -18.30 -96.21 -78.92
N ARG CC 202 -19.19 -96.22 -77.92
CA ARG CC 202 -20.19 -95.17 -77.80
C ARG CC 202 -19.62 -93.99 -77.01
N ILE CC 203 -19.76 -92.80 -77.58
CA ILE CC 203 -19.59 -91.55 -76.83
C ILE CC 203 -20.94 -90.83 -76.87
N TYR CC 204 -21.54 -90.64 -75.71
CA TYR CC 204 -22.71 -89.78 -75.60
C TYR CC 204 -22.38 -88.62 -74.67
N PHE CC 205 -22.78 -87.42 -75.08
CA PHE CC 205 -22.30 -86.18 -74.47
C PHE CC 205 -23.34 -85.07 -74.60
N PRO DC 16 -0.15 -81.17 -50.75
CA PRO DC 16 -1.23 -82.07 -50.33
C PRO DC 16 -0.87 -83.55 -50.47
N ASP DC 17 0.34 -83.85 -50.94
CA ASP DC 17 0.76 -85.22 -51.21
C ASP DC 17 1.98 -85.61 -50.40
N ILE DC 18 2.98 -84.72 -50.29
CA ILE DC 18 4.30 -85.06 -49.76
C ILE DC 18 4.49 -84.55 -48.33
N PRO DC 19 5.22 -85.27 -47.49
CA PRO DC 19 5.50 -84.78 -46.13
C PRO DC 19 6.85 -84.10 -45.96
N ARG DC 20 7.67 -83.97 -47.00
CA ARG DC 20 9.05 -83.56 -46.82
C ARG DC 20 9.35 -82.16 -47.36
N GLY DC 21 9.11 -81.91 -48.65
CA GLY DC 21 9.50 -80.67 -49.26
C GLY DC 21 8.77 -80.41 -50.57
N CYS DC 22 8.60 -79.14 -50.91
CA CYS DC 22 7.72 -78.70 -51.98
C CYS DC 22 8.33 -78.85 -53.38
N GLU DC 23 9.38 -79.66 -53.52
CA GLU DC 23 9.87 -80.04 -54.84
C GLU DC 23 8.82 -80.86 -55.58
N GLY DC 24 8.93 -80.88 -56.91
CA GLY DC 24 8.10 -81.72 -57.72
C GLY DC 24 8.42 -83.18 -57.48
N PRO DC 25 7.38 -84.03 -57.44
CA PRO DC 25 7.61 -85.47 -57.24
C PRO DC 25 8.25 -86.11 -58.45
N CYS DC 26 9.57 -85.95 -58.57
CA CYS DC 26 10.28 -86.30 -59.79
C CYS DC 26 10.44 -87.80 -59.92
N LYS DC 27 10.25 -88.30 -61.14
CA LYS DC 27 10.32 -89.72 -61.43
C LYS DC 27 11.76 -90.10 -61.77
N VAL DC 28 12.23 -91.18 -61.14
CA VAL DC 28 13.48 -91.83 -61.52
C VAL DC 28 13.15 -93.30 -61.72
N GLN DC 29 13.10 -93.73 -62.98
CA GLN DC 29 12.62 -95.06 -63.32
C GLN DC 29 13.79 -95.99 -63.61
N SER DC 30 13.80 -97.12 -62.91
CA SER DC 30 14.82 -98.15 -63.09
C SER DC 30 14.19 -99.23 -63.95
N PHE DC 31 14.17 -99.01 -65.26
CA PHE DC 31 13.75 -100.06 -66.17
C PHE DC 31 14.81 -101.13 -66.25
N GLU DC 32 14.37 -102.38 -66.32
CA GLU DC 32 15.25 -103.49 -66.61
C GLU DC 32 14.71 -104.24 -67.81
N GLN DC 33 15.64 -104.76 -68.61
CA GLN DC 33 15.34 -105.78 -69.61
C GLN DC 33 16.30 -106.91 -69.25
N ARG DC 34 15.90 -107.71 -68.27
CA ARG DC 34 16.80 -108.66 -67.63
C ARG DC 34 16.11 -110.00 -67.43
N ASP DC 35 16.75 -110.86 -66.63
CA ASP DC 35 16.17 -112.11 -66.18
C ASP DC 35 16.73 -112.38 -64.78
N ASP DC 36 16.60 -113.63 -64.34
CA ASP DC 36 17.20 -114.02 -63.07
C ASP DC 36 17.76 -115.42 -63.21
N VAL DC 37 18.21 -115.97 -62.08
CA VAL DC 37 18.54 -117.38 -61.96
C VAL DC 37 17.64 -117.92 -60.87
N LYS DC 38 17.81 -119.18 -60.49
CA LYS DC 38 17.02 -119.73 -59.39
C LYS DC 38 17.34 -119.04 -58.07
N HIS DC 39 18.61 -118.74 -57.83
CA HIS DC 39 19.01 -118.22 -56.53
C HIS DC 39 18.66 -116.76 -56.36
N LEU DC 40 18.98 -115.93 -57.36
CA LEU DC 40 18.92 -114.49 -57.11
C LEU DC 40 18.65 -113.72 -58.40
N GLY DC 41 17.80 -112.71 -58.28
CA GLY DC 41 17.81 -111.59 -59.19
C GLY DC 41 17.94 -110.33 -58.37
N ILE DC 42 19.07 -109.65 -58.47
CA ILE DC 42 19.38 -108.55 -57.56
C ILE DC 42 19.20 -107.23 -58.29
N CYS DC 43 18.52 -106.29 -57.62
CA CYS DC 43 18.23 -104.99 -58.20
C CYS DC 43 18.24 -103.96 -57.08
N LYS DC 44 19.34 -103.24 -56.92
CA LYS DC 44 19.28 -101.98 -56.17
C LYS DC 44 18.54 -100.95 -56.99
N VAL DC 45 17.38 -100.55 -56.49
CA VAL DC 45 16.48 -99.72 -57.29
C VAL DC 45 16.88 -98.25 -57.20
N ILE DC 46 17.67 -97.90 -56.20
CA ILE DC 46 18.04 -96.51 -55.96
C ILE DC 46 19.44 -96.23 -56.50
N SER DC 47 19.88 -97.02 -57.48
CA SER DC 47 21.29 -97.07 -57.85
C SER DC 47 21.73 -95.85 -58.64
N ASP DC 48 21.08 -95.60 -59.79
CA ASP DC 48 21.53 -94.59 -60.73
C ASP DC 48 21.10 -93.16 -60.38
N VAL DC 49 20.75 -92.89 -59.12
CA VAL DC 49 20.26 -91.56 -58.74
C VAL DC 49 21.47 -90.74 -58.32
N THR DC 50 21.95 -89.89 -59.22
CA THR DC 50 23.11 -89.03 -58.98
C THR DC 50 22.64 -87.58 -58.82
N ARG DC 51 23.54 -86.73 -58.33
CA ARG DC 51 23.23 -85.31 -58.20
C ARG DC 51 23.23 -84.64 -59.56
N GLY DC 52 22.17 -83.89 -59.85
CA GLY DC 52 22.05 -83.18 -61.10
C GLY DC 52 20.80 -82.32 -61.13
N PRO DC 53 20.71 -81.41 -62.10
CA PRO DC 53 19.55 -80.52 -62.17
C PRO DC 53 18.31 -81.19 -62.76
N GLY DC 54 18.46 -82.28 -63.50
CA GLY DC 54 17.32 -82.91 -64.14
C GLY DC 54 16.43 -83.66 -63.15
N LEU DC 55 15.26 -84.06 -63.65
CA LEU DC 55 14.30 -84.78 -62.82
C LEU DC 55 14.63 -86.27 -62.69
N THR DC 56 15.61 -86.77 -63.44
CA THR DC 56 16.16 -88.10 -63.22
C THR DC 56 17.34 -88.06 -62.26
N HIS DC 57 17.38 -87.08 -61.36
CA HIS DC 57 18.52 -86.82 -60.50
C HIS DC 57 18.01 -86.48 -59.11
N ARG DC 58 18.88 -85.94 -58.28
CA ARG DC 58 18.57 -85.68 -56.88
C ARG DC 58 19.19 -84.37 -56.43
N VAL DC 59 18.62 -83.81 -55.37
CA VAL DC 59 19.14 -82.61 -54.72
C VAL DC 59 19.51 -82.98 -53.29
N GLY DC 60 20.81 -82.97 -53.01
CA GLY DC 60 21.31 -83.34 -51.69
C GLY DC 60 21.50 -84.83 -51.51
N LYS DC 61 21.20 -85.34 -50.32
CA LYS DC 61 21.38 -86.76 -50.03
C LYS DC 61 20.23 -87.31 -49.19
N ARG DC 62 19.07 -86.68 -49.23
CA ARG DC 62 17.91 -87.09 -48.45
C ARG DC 62 16.73 -87.38 -49.37
N PHE DC 63 16.16 -88.58 -49.23
CA PHE DC 63 15.00 -88.99 -50.00
C PHE DC 63 13.82 -89.24 -49.06
N CYS DC 64 12.63 -89.12 -49.64
CA CYS DC 64 11.42 -89.71 -49.05
C CYS DC 64 10.66 -90.29 -50.23
N ILE DC 65 10.87 -91.58 -50.49
CA ILE DC 65 10.19 -92.27 -51.59
C ILE DC 65 8.71 -92.35 -51.30
N LYS DC 66 7.90 -91.69 -52.13
CA LYS DC 66 6.46 -91.71 -51.94
C LYS DC 66 5.89 -93.07 -52.28
N SER DC 67 6.18 -93.57 -53.49
CA SER DC 67 5.66 -94.88 -53.88
C SER DC 67 6.57 -95.50 -54.93
N ILE DC 68 6.67 -96.82 -54.87
CA ILE DC 68 7.27 -97.61 -55.93
C ILE DC 68 6.14 -98.20 -56.77
N TYR DC 69 6.17 -97.94 -58.07
CA TYR DC 69 5.17 -98.40 -59.02
C TYR DC 69 5.80 -99.45 -59.92
N ILE DC 70 5.47 -100.70 -59.68
CA ILE DC 70 6.12 -101.82 -60.36
C ILE DC 70 5.24 -102.26 -61.52
N LEU DC 71 5.69 -101.96 -62.74
CA LEU DC 71 5.19 -102.63 -63.93
C LEU DC 71 6.08 -103.83 -64.24
N GLY DC 72 5.59 -104.69 -65.12
CA GLY DC 72 6.40 -105.82 -65.52
C GLY DC 72 5.66 -106.94 -66.20
N LYS DC 73 6.28 -107.52 -67.22
CA LYS DC 73 5.78 -108.71 -67.88
C LYS DC 73 6.77 -109.85 -67.68
N ILE DC 74 6.29 -110.97 -67.15
CA ILE DC 74 7.12 -112.08 -66.74
C ILE DC 74 6.77 -113.26 -67.62
N TRP DC 75 7.66 -113.62 -68.55
CA TRP DC 75 7.35 -114.67 -69.51
C TRP DC 75 8.41 -115.75 -69.49
N LEU DC 76 8.15 -116.77 -70.30
CA LEU DC 76 9.12 -117.77 -70.69
C LEU DC 76 9.02 -118.11 -72.17
N ASP DC 77 8.56 -117.16 -73.00
CA ASP DC 77 8.10 -117.46 -74.35
C ASP DC 77 9.25 -117.51 -75.36
N GLU DC 78 10.48 -117.73 -74.88
CA GLU DC 78 11.56 -118.21 -75.73
C GLU DC 78 11.19 -119.60 -76.25
N THR DC 79 11.76 -119.99 -77.40
CA THR DC 79 11.42 -121.26 -78.04
C THR DC 79 11.91 -122.49 -77.28
N ILE DC 80 12.66 -122.28 -76.19
CA ILE DC 80 13.16 -123.36 -75.33
C ILE DC 80 12.43 -123.13 -74.01
N LYS DC 81 12.74 -123.95 -72.99
CA LYS DC 81 12.18 -123.91 -71.64
C LYS DC 81 10.68 -124.23 -71.63
N LYS DC 82 10.27 -125.13 -72.53
CA LYS DC 82 9.00 -125.83 -72.39
C LYS DC 82 9.12 -127.09 -71.57
N GLN DC 83 10.27 -127.77 -71.58
CA GLN DC 83 10.55 -128.83 -70.63
C GLN DC 83 11.07 -128.22 -69.33
N ASN DC 84 11.10 -129.07 -68.28
CA ASN DC 84 11.46 -128.71 -66.91
C ASN DC 84 10.60 -127.55 -66.41
N HIS DC 85 9.32 -127.61 -66.71
CA HIS DC 85 8.42 -126.47 -66.65
C HIS DC 85 7.69 -126.33 -65.33
N THR DC 86 6.66 -125.47 -65.32
CA THR DC 86 5.83 -125.09 -64.17
C THR DC 86 6.63 -124.45 -63.03
N ASN DC 87 7.19 -123.26 -63.26
CA ASN DC 87 7.87 -122.50 -62.23
C ASN DC 87 7.06 -121.25 -61.91
N ASN DC 88 7.26 -120.70 -60.72
CA ASN DC 88 6.59 -119.47 -60.32
C ASN DC 88 7.61 -118.49 -59.73
N VAL DC 89 7.22 -117.22 -59.67
CA VAL DC 89 8.10 -116.14 -59.26
C VAL DC 89 7.55 -115.53 -57.98
N ILE DC 90 8.41 -115.44 -56.96
CA ILE DC 90 8.06 -114.76 -55.72
C ILE DC 90 8.91 -113.50 -55.64
N PHE DC 91 8.26 -112.35 -55.50
CA PHE DC 91 9.00 -111.10 -55.40
C PHE DC 91 9.25 -110.74 -53.94
N TYR DC 92 10.33 -109.99 -53.73
CA TYR DC 92 10.73 -109.57 -52.39
C TYR DC 92 11.15 -108.11 -52.46
N LEU DC 93 10.46 -107.26 -51.70
CA LEU DC 93 10.79 -105.84 -51.63
C LEU DC 93 11.16 -105.55 -50.18
N LEU DC 94 12.46 -105.37 -49.93
CA LEU DC 94 13.00 -105.34 -48.57
C LEU DC 94 13.37 -103.93 -48.18
N ARG DC 95 13.13 -103.59 -46.91
CA ARG DC 95 13.67 -102.37 -46.33
C ARG DC 95 15.03 -102.69 -45.71
N ASP DC 96 16.10 -102.22 -46.33
CA ASP DC 96 17.45 -102.49 -45.87
C ASP DC 96 17.85 -101.50 -44.78
N ARG DC 97 18.75 -101.95 -43.90
CA ARG DC 97 19.20 -101.14 -42.78
C ARG DC 97 20.60 -100.57 -42.95
N ARG DC 98 21.48 -101.24 -43.69
CA ARG DC 98 22.85 -100.79 -43.84
C ARG DC 98 23.40 -101.34 -45.15
N PRO DC 99 24.30 -100.61 -45.81
CA PRO DC 99 24.94 -101.14 -47.02
C PRO DC 99 26.31 -101.74 -46.74
N TYR DC 100 26.83 -102.50 -47.70
CA TYR DC 100 28.25 -102.87 -47.74
C TYR DC 100 28.70 -102.77 -49.20
N GLY DC 101 29.11 -101.57 -49.61
CA GLY DC 101 29.59 -101.33 -50.97
C GLY DC 101 28.55 -101.62 -52.04
N ASN DC 102 28.75 -102.73 -52.74
CA ASN DC 102 27.80 -103.22 -53.73
C ASN DC 102 26.65 -103.98 -53.03
N ALA DC 103 25.86 -104.70 -53.82
CA ALA DC 103 24.73 -105.44 -53.27
C ALA DC 103 25.23 -106.71 -52.58
N PRO DC 104 24.65 -107.07 -51.43
CA PRO DC 104 25.07 -108.30 -50.75
C PRO DC 104 24.51 -109.55 -51.41
N GLN DC 105 24.75 -110.71 -50.78
CA GLN DC 105 24.23 -111.97 -51.29
C GLN DC 105 22.71 -112.04 -51.10
N ASP DC 106 22.11 -113.05 -51.74
CA ASP DC 106 20.71 -113.38 -51.47
C ASP DC 106 20.58 -114.66 -50.65
N PHE DC 107 21.10 -115.77 -51.17
CA PHE DC 107 20.91 -117.07 -50.50
C PHE DC 107 21.73 -117.16 -49.23
N GLY DC 108 22.82 -116.41 -49.14
CA GLY DC 108 23.55 -116.27 -47.90
C GLY DC 108 23.05 -115.18 -46.98
N GLN DC 109 21.99 -114.46 -47.39
CA GLN DC 109 21.41 -113.41 -46.57
C GLN DC 109 20.02 -113.74 -46.08
N ILE DC 110 19.08 -114.06 -46.99
CA ILE DC 110 17.82 -114.63 -46.53
C ILE DC 110 18.05 -116.11 -46.18
N PHE DC 111 17.15 -116.63 -45.35
CA PHE DC 111 17.52 -117.77 -44.50
C PHE DC 111 17.53 -119.09 -45.25
N ASN DC 112 16.39 -119.53 -45.78
CA ASN DC 112 16.27 -120.92 -46.21
C ASN DC 112 15.91 -120.93 -47.69
N MET DC 113 15.64 -122.13 -48.21
CA MET DC 113 15.50 -122.34 -49.66
C MET DC 113 14.10 -121.89 -50.15
N PHE DC 114 14.07 -120.63 -50.59
CA PHE DC 114 13.15 -120.04 -51.56
C PHE DC 114 11.74 -119.81 -51.01
N ASP DC 115 11.43 -120.28 -49.80
CA ASP DC 115 10.22 -119.91 -49.07
C ASP DC 115 10.64 -119.59 -47.65
N ASN DC 116 10.98 -118.32 -47.42
CA ASN DC 116 11.72 -117.99 -46.21
C ASN DC 116 11.50 -116.54 -45.81
N GLU DC 117 12.34 -116.09 -44.88
CA GLU DC 117 12.43 -114.77 -44.30
C GLU DC 117 13.91 -114.44 -44.22
N PRO DC 118 14.31 -113.22 -43.86
CA PRO DC 118 15.73 -112.98 -43.54
C PRO DC 118 16.17 -113.74 -42.31
N SER DC 119 17.49 -113.95 -42.21
CA SER DC 119 18.05 -114.76 -41.14
C SER DC 119 17.95 -114.04 -39.80
N THR DC 120 18.13 -114.81 -38.73
CA THR DC 120 18.01 -114.28 -37.37
C THR DC 120 19.16 -113.33 -37.03
N ALA DC 121 20.32 -113.49 -37.66
CA ALA DC 121 21.45 -112.62 -37.42
C ALA DC 121 21.49 -111.41 -38.34
N THR DC 122 20.46 -111.21 -39.16
CA THR DC 122 20.46 -110.16 -40.18
C THR DC 122 19.42 -109.09 -39.94
N ILE DC 123 18.54 -109.25 -38.96
CA ILE DC 123 17.46 -108.30 -38.74
C ILE DC 123 17.99 -107.00 -38.13
N PHE DC 131 17.57 -107.88 -42.22
CA PHE DC 131 17.08 -106.69 -42.91
C PHE DC 131 15.55 -106.74 -42.91
N GLN DC 132 14.91 -105.57 -42.86
CA GLN DC 132 13.47 -105.55 -42.79
C GLN DC 132 12.85 -105.86 -44.16
N VAL DC 133 11.61 -106.30 -44.12
CA VAL DC 133 10.83 -106.67 -45.29
C VAL DC 133 9.71 -105.66 -45.41
N LEU DC 134 9.26 -105.36 -46.63
CA LEU DC 134 8.02 -104.63 -46.76
C LEU DC 134 6.85 -105.52 -47.20
N ARG DC 135 6.91 -106.11 -48.39
CA ARG DC 135 5.86 -107.02 -48.86
C ARG DC 135 6.44 -108.03 -49.84
N LYS DC 136 5.56 -108.90 -50.34
CA LYS DC 136 5.87 -109.93 -51.32
C LYS DC 136 4.89 -109.84 -52.47
N PHE DC 137 5.14 -110.61 -53.53
CA PHE DC 137 4.22 -110.71 -54.66
C PHE DC 137 4.24 -112.14 -55.19
N HIS DC 138 3.43 -112.40 -56.22
CA HIS DC 138 3.34 -113.70 -56.86
C HIS DC 138 3.27 -113.53 -58.37
N ALA DC 139 3.81 -114.52 -59.07
CA ALA DC 139 3.71 -114.59 -60.54
C ALA DC 139 3.93 -116.04 -60.92
N THR DC 140 2.91 -116.67 -61.51
CA THR DC 140 2.92 -118.10 -61.79
C THR DC 140 2.84 -118.33 -63.29
N VAL DC 141 3.96 -118.77 -63.88
CA VAL DC 141 4.02 -119.04 -65.31
C VAL DC 141 4.22 -120.53 -65.54
N VAL DC 142 3.14 -121.23 -65.87
CA VAL DC 142 3.20 -122.68 -65.99
C VAL DC 142 2.94 -123.09 -67.45
N GLY DC 143 4.00 -123.33 -68.20
CA GLY DC 143 3.83 -123.74 -69.59
C GLY DC 143 4.69 -124.90 -70.03
N GLY DC 144 4.06 -126.02 -70.39
CA GLY DC 144 4.83 -127.17 -70.84
C GLY DC 144 4.60 -127.47 -72.31
N LEU DC 145 3.82 -128.51 -72.59
CA LEU DC 145 3.50 -128.87 -73.96
C LEU DC 145 2.01 -129.17 -74.05
N TYR DC 146 1.53 -129.22 -75.30
CA TYR DC 146 0.19 -129.63 -75.73
C TYR DC 146 -0.96 -128.76 -75.22
N CYS DC 147 -0.71 -127.65 -74.52
CA CYS DC 147 -1.70 -126.59 -74.59
C CYS DC 147 -1.06 -125.26 -75.03
N MET DC 148 0.07 -124.78 -74.46
CA MET DC 148 0.59 -124.97 -73.10
C MET DC 148 0.02 -123.82 -72.25
N LYS DC 149 -0.71 -124.14 -71.20
CA LYS DC 149 -1.55 -123.12 -70.59
C LYS DC 149 -0.90 -122.52 -69.35
N GLU DC 150 0.06 -121.62 -69.61
CA GLU DC 150 0.23 -120.27 -69.05
C GLU DC 150 1.50 -119.66 -69.61
N GLN DC 151 1.56 -118.34 -69.62
CA GLN DC 151 2.62 -117.54 -70.23
C GLN DC 151 2.66 -116.17 -69.57
N ALA DC 152 3.21 -115.19 -70.31
CA ALA DC 152 3.46 -113.80 -69.89
C ALA DC 152 2.30 -113.18 -69.12
N LEU DC 153 2.57 -112.82 -67.87
CA LEU DC 153 1.57 -112.20 -67.00
C LEU DC 153 1.95 -110.75 -66.78
N VAL DC 154 0.95 -109.89 -66.62
CA VAL DC 154 1.21 -108.47 -66.39
C VAL DC 154 0.90 -108.13 -64.94
N LYS DC 155 1.82 -107.43 -64.29
CA LYS DC 155 1.68 -107.06 -62.89
C LYS DC 155 1.89 -105.56 -62.73
N ARG DC 156 0.88 -104.87 -62.21
CA ARG DC 156 0.99 -103.47 -61.81
C ARG DC 156 0.62 -103.34 -60.35
N PHE DC 157 1.36 -102.52 -59.61
CA PHE DC 157 1.15 -102.36 -58.17
C PHE DC 157 1.54 -100.96 -57.73
N TYR DC 158 0.58 -100.21 -57.20
CA TYR DC 158 0.90 -99.11 -56.29
C TYR DC 158 1.47 -99.68 -54.99
N ARG DC 159 2.50 -99.04 -54.46
CA ARG DC 159 3.13 -99.54 -53.22
C ARG DC 159 3.80 -98.35 -52.53
N LEU DC 160 3.15 -97.82 -51.49
CA LEU DC 160 3.66 -96.67 -50.76
C LEU DC 160 4.79 -97.07 -49.83
N ASN DC 161 5.80 -96.23 -49.72
CA ASN DC 161 7.02 -96.52 -48.96
C ASN DC 161 7.50 -95.24 -48.28
N HIS DC 162 8.74 -95.23 -47.82
CA HIS DC 162 9.24 -94.14 -46.98
C HIS DC 162 10.72 -93.89 -47.29
N HIS DC 163 11.39 -93.17 -46.39
CA HIS DC 163 12.57 -92.36 -46.67
C HIS DC 163 13.84 -93.19 -46.87
N VAL DC 164 14.78 -92.58 -47.59
CA VAL DC 164 16.09 -93.15 -47.95
C VAL DC 164 17.13 -92.06 -47.77
N THR DC 165 18.31 -92.42 -47.27
CA THR DC 165 19.41 -91.48 -47.11
C THR DC 165 20.62 -91.97 -47.88
N TYR DC 166 21.34 -91.06 -48.53
CA TYR DC 166 22.68 -91.34 -49.05
C TYR DC 166 23.75 -90.80 -48.11
N ASN DC 167 24.89 -91.47 -48.10
CA ASN DC 167 25.99 -91.06 -47.21
C ASN DC 167 26.76 -89.91 -47.80
N HIS DC 168 27.40 -90.13 -48.94
CA HIS DC 168 28.28 -89.13 -49.51
C HIS DC 168 27.49 -88.07 -50.27
N GLN DC 169 28.14 -86.93 -50.49
CA GLN DC 169 27.57 -85.82 -51.25
C GLN DC 169 28.01 -85.85 -52.70
N GLU DC 170 28.35 -87.03 -53.20
CA GLU DC 170 28.82 -87.23 -54.55
C GLU DC 170 27.66 -87.27 -55.53
N ALA DC 171 27.99 -87.18 -56.81
CA ALA DC 171 27.04 -87.51 -57.88
C ALA DC 171 27.25 -88.97 -58.31
N GLY DC 172 27.17 -89.86 -57.31
CA GLY DC 172 27.60 -91.23 -57.46
C GLY DC 172 26.45 -92.23 -57.54
N LYS DC 173 26.85 -93.48 -57.76
CA LYS DC 173 25.94 -94.60 -57.92
C LYS DC 173 25.65 -95.23 -56.56
N TYR DC 174 25.12 -96.46 -56.57
CA TYR DC 174 24.66 -97.19 -55.38
C TYR DC 174 25.74 -97.48 -54.33
N GLU DC 175 27.01 -97.20 -54.62
CA GLU DC 175 28.09 -97.63 -53.72
C GLU DC 175 28.16 -96.80 -52.45
N ASN DC 176 27.71 -95.54 -52.49
CA ASN DC 176 27.87 -94.62 -51.37
C ASN DC 176 26.63 -94.50 -50.50
N HIS DC 177 25.91 -95.61 -50.28
CA HIS DC 177 24.70 -95.58 -49.48
C HIS DC 177 25.01 -95.48 -47.99
N THR DC 178 23.95 -95.40 -47.20
CA THR DC 178 23.96 -95.43 -45.74
C THR DC 178 22.66 -96.09 -45.30
N GLU DC 179 22.26 -95.83 -44.05
CA GLU DC 179 21.03 -96.34 -43.45
C GLU DC 179 19.80 -96.10 -44.32
N ASN DC 180 18.83 -97.01 -44.20
CA ASN DC 180 17.54 -97.00 -44.89
C ASN DC 180 17.71 -97.03 -46.41
N ALA DC 181 18.29 -98.13 -46.88
CA ALA DC 181 18.23 -98.49 -48.28
C ALA DC 181 17.02 -99.39 -48.52
N LEU DC 182 16.70 -99.61 -49.79
CA LEU DC 182 15.64 -100.53 -50.17
C LEU DC 182 15.91 -101.03 -51.59
N LEU DC 183 15.64 -102.30 -51.83
CA LEU DC 183 15.98 -102.94 -53.09
C LEU DC 183 15.09 -104.16 -53.28
N LEU DC 184 15.31 -104.87 -54.39
CA LEU DC 184 14.48 -106.00 -54.76
C LEU DC 184 15.30 -107.29 -54.86
N TYR DC 185 14.63 -108.39 -54.58
CA TYR DC 185 15.12 -109.72 -54.92
C TYR DC 185 14.02 -110.48 -55.64
N MET DC 186 14.38 -111.22 -56.67
CA MET DC 186 13.47 -112.08 -57.40
C MET DC 186 13.94 -113.52 -57.26
N ALA DC 187 13.00 -114.44 -57.11
CA ALA DC 187 13.33 -115.82 -56.80
C ALA DC 187 12.57 -116.78 -57.70
N CYS DC 188 13.29 -117.73 -58.28
CA CYS DC 188 12.70 -118.85 -58.98
C CYS DC 188 12.69 -120.08 -58.07
N THR DC 189 11.77 -121.01 -58.34
CA THR DC 189 11.56 -122.15 -57.46
C THR DC 189 11.90 -123.48 -58.12
N HIS DC 190 12.59 -123.49 -59.25
CA HIS DC 190 12.95 -124.73 -59.93
C HIS DC 190 14.33 -124.58 -60.56
N ALA DC 191 14.97 -125.74 -60.79
CA ALA DC 191 16.36 -125.76 -61.24
C ALA DC 191 16.54 -125.23 -62.65
N SER DC 192 15.51 -125.33 -63.50
CA SER DC 192 15.55 -124.67 -64.80
C SER DC 192 15.44 -123.16 -64.62
N ASN DC 193 15.80 -122.43 -65.68
CA ASN DC 193 15.64 -120.99 -65.63
C ASN DC 193 14.77 -120.50 -66.78
N PRO DC 194 13.44 -120.64 -66.70
CA PRO DC 194 12.59 -120.16 -67.81
C PRO DC 194 12.28 -118.68 -67.72
N VAL DC 195 12.42 -118.08 -66.55
CA VAL DC 195 11.84 -116.78 -66.26
C VAL DC 195 12.65 -115.68 -66.94
N TYR DC 196 12.03 -115.01 -67.91
CA TYR DC 196 12.56 -113.78 -68.49
C TYR DC 196 11.66 -112.62 -68.07
N ALA DC 197 11.98 -112.07 -66.89
CA ALA DC 197 11.16 -111.05 -66.26
C ALA DC 197 11.75 -109.67 -66.50
N THR DC 198 11.03 -108.84 -67.25
CA THR DC 198 11.44 -107.46 -67.50
C THR DC 198 10.44 -106.54 -66.83
N LEU DC 199 10.94 -105.64 -66.00
CA LEU DC 199 10.10 -104.85 -65.10
C LEU DC 199 10.42 -103.37 -65.26
N LYS DC 200 9.37 -102.57 -65.31
CA LYS DC 200 9.48 -101.11 -65.28
C LYS DC 200 9.10 -100.61 -63.90
N ILE DC 201 10.05 -99.95 -63.23
CA ILE DC 201 9.94 -99.63 -61.82
C ILE DC 201 10.00 -98.12 -61.68
N ARG DC 202 8.85 -97.47 -61.55
CA ARG DC 202 8.81 -96.03 -61.31
C ARG DC 202 8.93 -95.74 -59.81
N ILE DC 203 9.86 -94.87 -59.46
CA ILE DC 203 9.88 -94.23 -58.15
C ILE DC 203 9.71 -92.74 -58.38
N TYR DC 204 8.61 -92.18 -57.87
CA TYR DC 204 8.44 -90.74 -57.84
C TYR DC 204 8.33 -90.28 -56.39
N PHE DC 205 9.03 -89.20 -56.08
CA PHE DC 205 9.28 -88.81 -54.70
C PHE DC 205 9.46 -87.29 -54.58
N PRO EC 16 1.53 -102.95 -26.80
CA PRO EC 16 0.37 -102.68 -27.67
C PRO EC 16 -0.07 -103.90 -28.49
N ASP EC 17 0.64 -105.02 -28.34
CA ASP EC 17 0.40 -106.21 -29.14
C ASP EC 17 0.01 -107.40 -28.28
N ILE EC 18 0.69 -107.61 -27.16
CA ILE EC 18 0.62 -108.85 -26.39
C ILE EC 18 -0.22 -108.68 -25.13
N PRO EC 19 -0.97 -109.71 -24.71
CA PRO EC 19 -1.74 -109.62 -23.47
C PRO EC 19 -1.07 -110.24 -22.25
N ARG EC 20 0.14 -110.78 -22.36
CA ARG EC 20 0.70 -111.60 -21.29
C ARG EC 20 1.88 -110.95 -20.58
N GLY EC 21 2.95 -110.60 -21.30
CA GLY EC 21 4.15 -110.11 -20.69
C GLY EC 21 5.05 -109.38 -21.67
N CYS EC 22 5.84 -108.44 -21.14
CA CYS EC 22 6.58 -107.47 -21.95
C CYS EC 22 7.87 -108.04 -22.56
N GLU EC 23 8.01 -109.37 -22.62
CA GLU EC 23 9.09 -109.98 -23.38
C GLU EC 23 8.92 -109.69 -24.87
N GLY EC 24 10.03 -109.78 -25.61
CA GLY EC 24 9.99 -109.67 -27.04
C GLY EC 24 9.25 -110.83 -27.65
N PRO EC 25 8.44 -110.57 -28.69
CA PRO EC 25 7.72 -111.66 -29.35
C PRO EC 25 8.65 -112.56 -30.14
N CYS EC 26 9.31 -113.47 -29.44
CA CYS EC 26 10.40 -114.24 -30.02
C CYS EC 26 9.88 -115.31 -30.96
N LYS EC 27 10.58 -115.47 -32.08
CA LYS EC 27 10.19 -116.43 -33.11
C LYS EC 27 10.81 -117.79 -32.81
N VAL EC 28 10.01 -118.84 -32.88
CA VAL EC 28 10.48 -120.21 -32.87
C VAL EC 28 9.85 -120.89 -34.09
N GLN EC 29 10.66 -121.11 -35.12
CA GLN EC 29 10.16 -121.58 -36.40
C GLN EC 29 10.40 -123.07 -36.56
N SER EC 30 9.34 -123.80 -36.84
CA SER EC 30 9.41 -125.24 -37.09
C SER EC 30 9.36 -125.42 -38.60
N PHE EC 31 10.51 -125.23 -39.24
CA PHE EC 31 10.60 -125.56 -40.66
C PHE EC 31 10.59 -127.06 -40.84
N GLU EC 32 9.90 -127.51 -41.89
CA GLU EC 32 9.98 -128.88 -42.33
C GLU EC 32 10.39 -128.93 -43.79
N GLN EC 33 11.16 -129.95 -44.13
CA GLN EC 33 11.38 -130.36 -45.52
C GLN EC 33 10.96 -131.82 -45.53
N ARG EC 34 9.65 -132.03 -45.66
CA ARG EC 34 9.04 -133.33 -45.42
C ARG EC 34 8.01 -133.65 -46.48
N ASP EC 35 7.24 -134.70 -46.23
CA ASP EC 35 6.08 -135.05 -47.03
C ASP EC 35 5.05 -135.69 -46.09
N ASP EC 36 4.09 -136.38 -46.67
CA ASP EC 36 3.12 -137.11 -45.86
C ASP EC 36 2.82 -138.43 -46.56
N VAL EC 37 1.85 -139.15 -46.00
CA VAL EC 37 1.24 -140.30 -46.65
C VAL EC 37 -0.25 -139.95 -46.79
N LYS EC 38 -1.05 -140.89 -47.27
CA LYS EC 38 -2.49 -140.65 -47.35
C LYS EC 38 -3.10 -140.48 -45.97
N HIS EC 39 -2.67 -141.29 -45.00
CA HIS EC 39 -3.33 -141.29 -43.70
C HIS EC 39 -2.93 -140.09 -42.85
N LEU EC 40 -1.64 -139.80 -42.76
CA LEU EC 40 -1.22 -138.85 -41.76
C LEU EC 40 0.07 -138.14 -42.16
N GLY EC 41 0.09 -136.84 -41.88
CA GLY EC 41 1.34 -136.11 -41.72
C GLY EC 41 1.31 -135.43 -40.38
N ILE EC 42 2.13 -135.88 -39.43
CA ILE EC 42 2.03 -135.44 -38.05
C ILE EC 42 3.14 -134.45 -37.74
N CYS EC 43 2.76 -133.35 -37.11
CA CYS EC 43 3.70 -132.29 -36.77
C CYS EC 43 3.27 -131.66 -35.45
N LYS EC 44 3.91 -132.06 -34.35
CA LYS EC 44 3.84 -131.24 -33.14
C LYS EC 44 4.68 -130.00 -33.35
N VAL EC 45 4.01 -128.86 -33.38
CA VAL EC 45 4.66 -127.63 -33.78
C VAL EC 45 5.42 -127.00 -32.61
N ILE EC 46 5.09 -127.40 -31.39
CA ILE EC 46 5.66 -126.82 -30.19
C ILE EC 46 6.78 -127.72 -29.64
N SER EC 47 7.38 -128.54 -30.51
CA SER EC 47 8.20 -129.67 -30.06
C SER EC 47 9.56 -129.21 -29.55
N ASP EC 48 10.33 -128.53 -30.39
CA ASP EC 48 11.73 -128.23 -30.10
C ASP EC 48 11.92 -127.00 -29.21
N VAL EC 49 10.90 -126.58 -28.47
CA VAL EC 49 11.01 -125.37 -27.65
C VAL EC 49 11.52 -125.79 -26.27
N THR EC 50 12.81 -125.61 -26.03
CA THR EC 50 13.46 -125.95 -24.78
C THR EC 50 13.80 -124.69 -24.01
N ARG EC 51 14.15 -124.86 -22.74
CA ARG EC 51 14.56 -123.72 -21.92
C ARG EC 51 15.97 -123.27 -22.32
N GLY EC 52 16.12 -121.97 -22.54
CA GLY EC 52 17.40 -121.39 -22.90
C GLY EC 52 17.33 -119.89 -23.00
N PRO EC 53 18.49 -119.23 -23.06
CA PRO EC 53 18.50 -117.77 -23.14
C PRO EC 53 18.17 -117.22 -24.51
N GLY EC 54 18.34 -118.01 -25.57
CA GLY EC 54 18.11 -117.52 -26.91
C GLY EC 54 16.64 -117.31 -27.24
N LEU EC 55 16.40 -116.67 -28.37
CA LEU EC 55 15.03 -116.39 -28.80
C LEU EC 55 14.38 -117.58 -29.49
N THR EC 56 15.14 -118.64 -29.77
CA THR EC 56 14.58 -119.92 -30.20
C THR EC 56 14.28 -120.83 -29.01
N HIS EC 57 14.02 -120.26 -27.85
CA HIS EC 57 13.90 -120.98 -26.59
C HIS EC 57 12.74 -120.39 -25.80
N ARG EC 58 12.66 -120.76 -24.52
CA ARG EC 58 11.53 -120.36 -23.69
C ARG EC 58 12.01 -120.03 -22.29
N VAL EC 59 11.19 -119.25 -21.59
CA VAL EC 59 11.42 -118.90 -20.18
C VAL EC 59 10.25 -119.45 -19.38
N GLY EC 60 10.53 -120.46 -18.56
CA GLY EC 60 9.50 -121.09 -17.75
C GLY EC 60 8.75 -122.18 -18.49
N LYS EC 61 7.45 -122.30 -18.24
CA LYS EC 61 6.64 -123.34 -18.87
C LYS EC 61 5.27 -122.83 -19.29
N ARG EC 62 5.14 -121.51 -19.49
CA ARG EC 62 3.87 -120.89 -19.86
C ARG EC 62 4.02 -120.16 -21.18
N PHE EC 63 3.15 -120.47 -22.13
CA PHE EC 63 3.13 -119.81 -23.43
C PHE EC 63 1.80 -119.08 -23.63
N CYS EC 64 1.84 -118.08 -24.49
CA CYS EC 64 0.64 -117.52 -25.11
C CYS EC 64 1.03 -117.26 -26.56
N ILE EC 65 0.73 -118.24 -27.42
CA ILE EC 65 1.04 -118.14 -28.85
C ILE EC 65 0.19 -117.04 -29.46
N LYS EC 66 0.85 -115.98 -29.95
CA LYS EC 66 0.13 -114.89 -30.57
C LYS EC 66 -0.44 -115.29 -31.92
N SER EC 67 0.42 -115.81 -32.81
CA SER EC 67 -0.05 -116.24 -34.11
C SER EC 67 0.86 -117.31 -34.68
N ILE EC 68 0.25 -118.22 -35.42
CA ILE EC 68 0.97 -119.18 -36.26
C ILE EC 68 0.94 -118.65 -37.68
N TYR EC 69 2.11 -118.50 -38.27
CA TYR EC 69 2.27 -117.99 -39.63
C TYR EC 69 2.78 -119.12 -40.51
N ILE EC 70 1.88 -119.67 -41.33
CA ILE EC 70 2.17 -120.87 -42.11
C ILE EC 70 2.57 -120.43 -43.52
N LEU EC 71 3.85 -120.58 -43.84
CA LEU EC 71 4.32 -120.60 -45.21
C LEU EC 71 4.37 -122.03 -45.71
N GLY EC 72 4.49 -122.18 -47.02
CA GLY EC 72 4.62 -123.52 -47.56
C GLY EC 72 4.36 -123.65 -49.04
N LYS EC 73 5.15 -124.47 -49.70
CA LYS EC 73 4.96 -124.83 -51.10
C LYS EC 73 4.67 -126.32 -51.19
N ILE EC 74 3.56 -126.66 -51.83
CA ILE EC 74 3.04 -128.02 -51.86
C ILE EC 74 3.07 -128.47 -53.32
N TRP EC 75 3.99 -129.38 -53.64
CA TRP EC 75 4.18 -129.78 -55.02
C TRP EC 75 4.09 -131.29 -55.17
N LEU EC 76 4.18 -131.72 -56.43
CA LEU EC 76 4.41 -133.10 -56.81
C LEU EC 76 5.41 -133.21 -57.95
N ASP EC 77 6.32 -132.23 -58.08
CA ASP EC 77 7.10 -132.03 -59.30
C ASP EC 77 8.33 -132.95 -59.36
N GLU EC 78 8.32 -134.04 -58.60
CA GLU EC 78 9.20 -135.17 -58.87
C GLU EC 78 8.85 -135.75 -60.23
N THR EC 79 9.82 -136.42 -60.88
CA THR EC 79 9.62 -136.95 -62.23
C THR EC 79 8.64 -138.12 -62.30
N ILE EC 80 8.15 -138.59 -61.15
CA ILE EC 80 7.17 -139.67 -61.06
C ILE EC 80 5.93 -138.99 -60.49
N LYS EC 81 4.86 -139.75 -60.24
CA LYS EC 81 3.57 -139.33 -59.70
C LYS EC 81 2.84 -138.37 -60.65
N LYS EC 82 2.99 -138.59 -61.95
CA LYS EC 82 2.07 -138.06 -62.94
C LYS EC 82 0.89 -138.97 -63.19
N GLN EC 83 1.05 -140.28 -63.04
CA GLN EC 83 -0.10 -141.19 -63.00
C GLN EC 83 -0.66 -141.23 -61.59
N ASN EC 84 -1.88 -141.81 -61.48
CA ASN EC 84 -2.68 -141.88 -60.25
C ASN EC 84 -2.88 -140.50 -59.65
N HIS EC 85 -3.17 -139.53 -60.53
CA HIS EC 85 -3.05 -138.12 -60.22
C HIS EC 85 -4.34 -137.49 -59.69
N THR EC 86 -4.34 -136.15 -59.67
CA THR EC 86 -5.41 -135.28 -59.16
C THR EC 86 -5.73 -135.51 -57.69
N ASN EC 87 -4.79 -135.20 -56.79
CA ASN EC 87 -5.01 -135.26 -55.35
C ASN EC 87 -5.02 -133.84 -54.79
N ASN EC 88 -5.65 -133.68 -53.63
CA ASN EC 88 -5.66 -132.40 -52.95
C ASN EC 88 -5.31 -132.58 -51.48
N VAL EC 89 -4.93 -131.47 -50.83
CA VAL EC 89 -4.42 -131.48 -49.47
C VAL EC 89 -5.39 -130.69 -48.59
N ILE EC 90 -5.84 -131.30 -47.51
CA ILE EC 90 -6.66 -130.63 -46.52
C ILE EC 90 -5.82 -130.50 -45.26
N PHE EC 91 -5.66 -129.27 -44.77
CA PHE EC 91 -4.89 -129.05 -43.56
C PHE EC 91 -5.80 -129.05 -42.34
N TYR EC 92 -5.21 -129.41 -41.19
CA TYR EC 92 -5.94 -129.47 -39.93
C TYR EC 92 -5.07 -128.88 -38.84
N LEU EC 93 -5.55 -127.83 -38.19
CA LEU EC 93 -4.84 -127.18 -37.10
C LEU EC 93 -5.73 -127.31 -35.87
N LEU EC 94 -5.34 -128.21 -34.96
CA LEU EC 94 -6.22 -128.62 -33.87
C LEU EC 94 -5.75 -128.03 -32.56
N ARG EC 95 -6.71 -127.66 -31.71
CA ARG EC 95 -6.41 -127.31 -30.32
C ARG EC 95 -6.53 -128.57 -29.48
N ASP EC 96 -5.39 -129.09 -29.01
CA ASP EC 96 -5.37 -130.33 -28.25
C ASP EC 96 -5.64 -130.02 -26.77
N ARG EC 97 -6.20 -131.02 -26.07
CA ARG EC 97 -6.56 -130.88 -24.68
C ARG EC 97 -5.62 -131.60 -23.72
N ARG EC 98 -4.98 -132.70 -24.11
CA ARG EC 98 -4.12 -133.47 -23.23
C ARG EC 98 -3.10 -134.22 -24.09
N PRO EC 99 -1.89 -134.44 -23.58
CA PRO EC 99 -0.91 -135.25 -24.31
C PRO EC 99 -0.88 -136.69 -23.84
N TYR EC 100 -0.25 -137.57 -24.63
CA TYR EC 100 0.17 -138.89 -24.18
C TYR EC 100 1.56 -139.15 -24.76
N GLY EC 101 2.59 -138.70 -24.05
CA GLY EC 101 3.96 -138.90 -24.47
C GLY EC 101 4.29 -138.26 -25.81
N ASN EC 102 4.43 -139.10 -26.83
CA ASN EC 102 4.62 -138.66 -28.20
C ASN EC 102 3.29 -138.27 -28.83
N ALA EC 103 3.28 -138.09 -30.15
CA ALA EC 103 2.06 -137.70 -30.85
C ALA EC 103 1.13 -138.91 -30.98
N PRO EC 104 -0.18 -138.71 -30.82
CA PRO EC 104 -1.13 -139.82 -30.98
C PRO EC 104 -1.39 -140.16 -32.43
N GLN EC 105 -2.32 -141.09 -32.66
CA GLN EC 105 -2.69 -141.49 -34.01
C GLN EC 105 -3.46 -140.36 -34.70
N ASP EC 106 -3.64 -140.52 -36.02
CA ASP EC 106 -4.55 -139.65 -36.76
C ASP EC 106 -5.84 -140.37 -37.14
N PHE EC 107 -5.73 -141.47 -37.89
CA PHE EC 107 -6.92 -142.15 -38.40
C PHE EC 107 -7.67 -142.86 -37.28
N GLY EC 108 -6.97 -143.24 -36.22
CA GLY EC 108 -7.63 -143.73 -35.02
C GLY EC 108 -8.05 -142.67 -34.05
N GLN EC 109 -7.82 -141.39 -34.37
CA GLN EC 109 -8.21 -140.30 -33.50
C GLN EC 109 -9.30 -139.43 -34.12
N ILE EC 110 -9.09 -138.89 -35.32
CA ILE EC 110 -10.21 -138.29 -36.04
C ILE EC 110 -11.06 -139.40 -36.64
N PHE EC 111 -12.31 -139.05 -36.98
CA PHE EC 111 -13.36 -140.06 -36.99
C PHE EC 111 -13.35 -140.89 -38.27
N ASN EC 112 -13.56 -140.27 -39.43
CA ASN EC 112 -13.89 -141.05 -40.61
C ASN EC 112 -12.84 -140.75 -41.69
N MET EC 113 -13.07 -141.29 -42.89
CA MET EC 113 -12.07 -141.29 -43.96
C MET EC 113 -12.02 -139.92 -44.65
N PHE EC 114 -11.10 -139.09 -44.15
CA PHE EC 114 -10.42 -137.98 -44.81
C PHE EC 114 -11.29 -136.76 -45.05
N ASP EC 115 -12.61 -136.83 -44.78
CA ASP EC 115 -13.49 -135.67 -44.72
C ASP EC 115 -14.32 -135.83 -43.45
N ASN EC 116 -13.81 -135.29 -42.35
CA ASN EC 116 -14.33 -135.68 -41.05
C ASN EC 116 -14.08 -134.59 -40.01
N GLU EC 117 -14.30 -134.98 -38.76
CA GLU EC 117 -14.14 -134.22 -37.53
C GLU EC 117 -13.47 -135.17 -36.53
N PRO EC 118 -13.05 -134.71 -35.35
CA PRO EC 118 -12.64 -135.66 -34.31
C PRO EC 118 -13.81 -136.51 -33.83
N SER EC 119 -13.47 -137.66 -33.25
CA SER EC 119 -14.47 -138.62 -32.83
C SER EC 119 -15.27 -138.12 -31.63
N THR EC 120 -16.42 -138.76 -31.39
CA THR EC 120 -17.30 -138.37 -30.30
C THR EC 120 -16.71 -138.65 -28.93
N ALA EC 121 -15.82 -139.64 -28.83
CA ALA EC 121 -15.18 -139.98 -27.57
C ALA EC 121 -13.88 -139.21 -27.34
N THR EC 122 -13.53 -138.28 -28.22
CA THR EC 122 -12.24 -137.61 -28.17
C THR EC 122 -12.35 -136.12 -27.87
N ILE EC 123 -13.55 -135.56 -27.83
CA ILE EC 123 -13.72 -134.13 -27.63
C ILE EC 123 -13.42 -133.73 -26.19
N PHE EC 131 -10.68 -133.88 -29.39
CA PHE EC 131 -9.79 -132.73 -29.30
C PHE EC 131 -10.40 -131.58 -30.09
N GLN EC 132 -10.17 -130.35 -29.65
CA GLN EC 132 -10.76 -129.22 -30.32
C GLN EC 132 -10.05 -128.92 -31.64
N VAL EC 133 -10.77 -128.23 -32.51
CA VAL EC 133 -10.29 -127.86 -33.84
C VAL EC 133 -10.17 -126.33 -33.82
N LEU EC 134 -9.24 -125.79 -34.59
CA LEU EC 134 -9.27 -124.35 -34.82
C LEU EC 134 -9.79 -124.00 -36.22
N ARG EC 135 -9.07 -124.41 -37.28
CA ARG EC 135 -9.50 -124.15 -38.65
C ARG EC 135 -8.95 -125.22 -39.59
N LYS EC 136 -9.30 -125.08 -40.87
CA LYS EC 136 -8.85 -125.96 -41.95
C LYS EC 136 -8.26 -125.11 -43.07
N PHE EC 137 -7.66 -125.79 -44.06
CA PHE EC 137 -7.16 -125.12 -45.26
C PHE EC 137 -7.38 -126.03 -46.46
N HIS EC 138 -6.98 -125.54 -47.64
CA HIS EC 138 -7.09 -126.29 -48.88
C HIS EC 138 -5.84 -126.09 -49.71
N ALA EC 139 -5.50 -127.12 -50.48
CA ALA EC 139 -4.40 -127.07 -51.44
C ALA EC 139 -4.67 -128.14 -52.48
N THR EC 140 -4.87 -127.75 -53.74
CA THR EC 140 -5.30 -128.66 -54.80
C THR EC 140 -4.22 -128.71 -55.88
N VAL EC 141 -3.52 -129.84 -55.95
CA VAL EC 141 -2.46 -130.03 -56.94
C VAL EC 141 -2.88 -131.13 -57.91
N VAL EC 142 -3.35 -130.72 -59.08
CA VAL EC 142 -3.89 -131.69 -60.04
C VAL EC 142 -3.00 -131.71 -61.31
N GLY EC 143 -2.09 -132.69 -61.37
CA GLY EC 143 -1.24 -132.79 -62.54
C GLY EC 143 -1.07 -134.18 -63.09
N GLY EC 144 -1.53 -134.39 -64.33
CA GLY EC 144 -1.40 -135.70 -64.95
C GLY EC 144 -0.44 -135.69 -66.12
N LEU EC 145 -0.99 -135.74 -67.33
CA LEU EC 145 -0.17 -135.69 -68.54
C LEU EC 145 -0.81 -134.73 -69.53
N TYR EC 146 -0.03 -134.37 -70.54
CA TYR EC 146 -0.38 -133.57 -71.72
C TYR EC 146 -0.84 -132.16 -71.45
N CYS EC 147 -0.81 -131.66 -70.21
CA CYS EC 147 -0.66 -130.21 -70.08
C CYS EC 147 0.55 -129.86 -69.18
N MET EC 148 0.74 -130.44 -67.97
CA MET EC 148 -0.24 -131.00 -67.03
C MET EC 148 -0.61 -129.84 -66.09
N LYS EC 149 -1.90 -129.50 -66.02
CA LYS EC 149 -2.23 -128.22 -65.43
C LYS EC 149 -2.71 -128.36 -63.99
N GLU EC 150 -1.73 -128.53 -63.09
CA GLU EC 150 -1.49 -127.82 -61.83
C GLU EC 150 -0.27 -128.41 -61.15
N GLN EC 151 0.36 -127.61 -60.29
CA GLN EC 151 1.62 -127.92 -59.62
C GLN EC 151 1.73 -127.09 -58.35
N ALA EC 152 2.97 -126.89 -57.90
CA ALA EC 152 3.37 -126.22 -56.65
C ALA EC 152 2.59 -124.94 -56.39
N LEU EC 153 1.83 -124.93 -55.28
CA LEU EC 153 1.04 -123.79 -54.88
C LEU EC 153 1.68 -123.17 -53.63
N VAL EC 154 1.54 -121.85 -53.50
CA VAL EC 154 2.10 -121.16 -52.34
C VAL EC 154 0.97 -120.73 -51.42
N LYS EC 155 1.12 -121.01 -50.13
CA LYS EC 155 0.11 -120.70 -49.13
C LYS EC 155 0.75 -119.91 -47.99
N ARG EC 156 0.24 -118.70 -47.75
CA ARG EC 156 0.61 -117.91 -46.58
C ARG EC 156 -0.66 -117.56 -45.81
N PHE EC 157 -0.58 -117.63 -44.48
CA PHE EC 157 -1.75 -117.40 -43.63
C PHE EC 157 -1.32 -116.82 -42.29
N TYR EC 158 -1.78 -115.61 -41.98
CA TYR EC 158 -1.88 -115.19 -40.59
C TYR EC 158 -2.98 -116.01 -39.90
N ARG EC 159 -2.71 -116.42 -38.66
CA ARG EC 159 -3.68 -117.22 -37.92
C ARG EC 159 -3.44 -117.01 -36.42
N LEU EC 160 -4.29 -116.19 -35.80
CA LEU EC 160 -4.15 -115.88 -34.38
C LEU EC 160 -4.65 -117.02 -33.52
N ASN EC 161 -3.95 -117.27 -32.41
CA ASN EC 161 -4.22 -118.42 -31.54
C ASN EC 161 -4.00 -117.99 -30.10
N HIS EC 162 -3.89 -118.96 -29.19
CA HIS EC 162 -3.87 -118.67 -27.75
C HIS EC 162 -2.94 -119.65 -27.04
N HIS EC 163 -3.08 -119.73 -25.71
CA HIS EC 163 -2.03 -120.13 -24.78
C HIS EC 163 -1.75 -121.63 -24.79
N VAL EC 164 -0.54 -121.96 -24.37
CA VAL EC 164 0.01 -123.33 -24.30
C VAL EC 164 0.76 -123.45 -22.97
N THR EC 165 0.67 -124.60 -22.30
CA THR EC 165 1.39 -124.85 -21.06
C THR EC 165 2.25 -126.09 -21.23
N TYR EC 166 3.47 -126.06 -20.69
CA TYR EC 166 4.28 -127.26 -20.51
C TYR EC 166 4.19 -127.76 -19.08
N ASN EC 167 4.31 -129.08 -18.92
CA ASN EC 167 4.21 -129.68 -17.59
C ASN EC 167 5.52 -129.54 -16.82
N HIS EC 168 6.58 -130.15 -17.33
CA HIS EC 168 7.84 -130.20 -16.60
C HIS EC 168 8.62 -128.90 -16.79
N GLN EC 169 9.56 -128.68 -15.87
CA GLN EC 169 10.45 -127.52 -15.91
C GLN EC 169 11.78 -127.86 -16.59
N GLU EC 170 11.76 -128.86 -17.46
CA GLU EC 170 12.95 -129.33 -18.16
C GLU EC 170 13.26 -128.43 -19.35
N ALA EC 171 14.46 -128.61 -19.90
CA ALA EC 171 14.80 -128.07 -21.21
C ALA EC 171 14.56 -129.15 -22.28
N GLY EC 172 13.33 -129.66 -22.27
CA GLY EC 172 12.98 -130.86 -23.01
C GLY EC 172 12.16 -130.60 -24.25
N LYS EC 173 11.91 -131.69 -24.98
CA LYS EC 173 11.18 -131.69 -26.24
C LYS EC 173 9.69 -131.89 -25.97
N TYR EC 174 8.93 -132.27 -26.99
CA TYR EC 174 7.48 -132.39 -26.98
C TYR EC 174 6.93 -133.42 -25.98
N GLU EC 175 7.77 -134.23 -25.35
CA GLU EC 175 7.28 -135.35 -24.55
C GLU EC 175 6.66 -134.90 -23.23
N ASN EC 176 7.09 -133.75 -22.69
CA ASN EC 176 6.68 -133.32 -21.36
C ASN EC 176 5.54 -132.30 -21.38
N HIS EC 177 4.59 -132.45 -22.31
CA HIS EC 177 3.49 -131.51 -22.42
C HIS EC 177 2.46 -131.71 -21.30
N THR EC 178 1.45 -130.84 -21.32
CA THR EC 178 0.28 -130.92 -20.46
C THR EC 178 -0.89 -130.32 -21.25
N GLU EC 179 -1.93 -129.88 -20.54
CA GLU EC 179 -3.12 -129.26 -21.12
C GLU EC 179 -2.79 -128.13 -22.10
N ASN EC 180 -3.68 -127.97 -23.09
CA ASN EC 180 -3.62 -126.94 -24.14
C ASN EC 180 -2.35 -127.06 -24.98
N ALA EC 181 -2.25 -128.20 -25.67
CA ALA EC 181 -1.31 -128.35 -26.77
C ALA EC 181 -2.00 -127.99 -28.09
N LEU EC 182 -1.19 -127.86 -29.14
CA LEU EC 182 -1.72 -127.61 -30.48
C LEU EC 182 -0.71 -128.10 -31.50
N LEU EC 183 -1.20 -128.69 -32.58
CA LEU EC 183 -0.34 -129.34 -33.55
C LEU EC 183 -1.08 -129.43 -34.88
N LEU EC 184 -0.44 -130.01 -35.88
CA LEU EC 184 -0.97 -130.09 -37.23
C LEU EC 184 -1.16 -131.53 -37.68
N TYR EC 185 -2.14 -131.71 -38.56
CA TYR EC 185 -2.28 -132.92 -39.34
C TYR EC 185 -2.49 -132.54 -40.80
N MET EC 186 -1.84 -133.27 -41.69
CA MET EC 186 -2.00 -133.09 -43.13
C MET EC 186 -2.57 -134.38 -43.71
N ALA EC 187 -3.48 -134.23 -44.67
CA ALA EC 187 -4.24 -135.36 -45.19
C ALA EC 187 -4.23 -135.36 -46.71
N CYS EC 188 -3.92 -136.51 -47.30
CA CYS EC 188 -4.10 -136.75 -48.72
C CYS EC 188 -5.38 -137.55 -48.95
N THR EC 189 -5.94 -137.41 -50.15
CA THR EC 189 -7.25 -137.99 -50.45
C THR EC 189 -7.21 -139.08 -51.51
N HIS EC 190 -6.02 -139.60 -51.85
CA HIS EC 190 -5.90 -140.65 -52.85
C HIS EC 190 -4.80 -141.62 -52.44
N ALA EC 191 -4.88 -142.83 -53.00
CA ALA EC 191 -3.99 -143.92 -52.58
C ALA EC 191 -2.55 -143.70 -53.00
N SER EC 192 -2.31 -142.95 -54.07
CA SER EC 192 -0.96 -142.54 -54.41
C SER EC 192 -0.45 -141.50 -53.42
N ASN EC 193 0.85 -141.31 -53.41
CA ASN EC 193 1.42 -140.26 -52.55
C ASN EC 193 2.23 -139.26 -53.37
N PRO EC 194 1.58 -138.32 -54.08
CA PRO EC 194 2.36 -137.34 -54.85
C PRO EC 194 2.84 -136.17 -54.03
N VAL EC 195 2.23 -135.91 -52.88
CA VAL EC 195 2.36 -134.64 -52.18
C VAL EC 195 3.72 -134.57 -51.49
N TYR EC 196 4.55 -133.65 -51.94
CA TYR EC 196 5.78 -133.28 -51.26
C TYR EC 196 5.61 -131.85 -50.73
N ALA EC 197 5.04 -131.76 -49.53
CA ALA EC 197 4.68 -130.50 -48.92
C ALA EC 197 5.73 -130.09 -47.90
N THR EC 198 6.43 -128.99 -48.18
CA THR EC 198 7.41 -128.43 -47.27
C THR EC 198 6.90 -127.08 -46.78
N LEU EC 199 6.84 -126.92 -45.47
CA LEU EC 199 6.16 -125.78 -44.86
C LEU EC 199 7.07 -125.09 -43.86
N LYS EC 200 7.07 -123.76 -43.91
CA LYS EC 200 7.75 -122.93 -42.93
C LYS EC 200 6.72 -122.35 -41.98
N ILE EC 201 6.86 -122.67 -40.70
CA ILE EC 201 5.82 -122.42 -39.70
C ILE EC 201 6.43 -121.52 -38.63
N ARG EC 202 6.16 -120.22 -38.72
CA ARG EC 202 6.60 -119.28 -37.70
C ARG EC 202 5.57 -119.22 -36.57
N ILE EC 203 6.05 -119.39 -35.33
CA ILE EC 203 5.30 -119.02 -34.15
C ILE EC 203 6.09 -117.94 -33.43
N TYR EC 204 5.51 -116.74 -33.33
CA TYR EC 204 6.07 -115.70 -32.49
C TYR EC 204 5.07 -115.36 -31.39
N PHE EC 205 5.58 -115.22 -30.18
CA PHE EC 205 4.75 -115.19 -28.98
C PHE EC 205 5.40 -114.38 -27.87
N PRO FC 16 -46.90 -106.48 -48.73
CA PRO FC 16 -45.53 -106.04 -48.43
C PRO FC 16 -44.56 -106.25 -49.60
N ASP FC 17 -45.06 -106.79 -50.71
CA ASP FC 17 -44.22 -107.12 -51.86
C ASP FC 17 -44.64 -106.38 -53.12
N ILE FC 18 -45.93 -106.28 -53.38
CA ILE FC 18 -46.46 -105.82 -54.67
C ILE FC 18 -46.98 -104.39 -54.60
N PRO FC 19 -46.83 -103.61 -55.67
CA PRO FC 19 -47.38 -102.24 -55.68
C PRO FC 19 -48.73 -102.10 -56.35
N ARG FC 20 -49.34 -103.18 -56.87
CA ARG FC 20 -50.51 -103.04 -57.74
C ARG FC 20 -51.79 -103.54 -57.11
N GLY FC 21 -51.86 -104.81 -56.69
CA GLY FC 21 -53.09 -105.39 -56.23
C GLY FC 21 -52.86 -106.65 -55.42
N CYS FC 22 -53.78 -106.93 -54.50
CA CYS FC 22 -53.62 -107.95 -53.47
C CYS FC 22 -53.87 -109.37 -53.97
N GLU FC 23 -53.84 -109.60 -55.28
CA GLU FC 23 -53.84 -110.95 -55.82
C GLU FC 23 -52.55 -111.67 -55.43
N GLY FC 24 -52.62 -113.00 -55.46
CA GLY FC 24 -51.44 -113.82 -55.25
C GLY FC 24 -50.46 -113.65 -56.39
N PRO FC 25 -49.16 -113.59 -56.08
CA PRO FC 25 -48.16 -113.45 -57.13
C PRO FC 25 -48.03 -114.72 -57.97
N CYS FC 26 -48.95 -114.89 -58.91
CA CYS FC 26 -49.11 -116.15 -59.61
C CYS FC 26 -47.99 -116.35 -60.63
N LYS FC 27 -47.49 -117.57 -60.71
CA LYS FC 27 -46.40 -117.91 -61.60
C LYS FC 27 -46.95 -118.33 -62.97
N VAL FC 28 -46.37 -117.76 -64.03
CA VAL FC 28 -46.60 -118.22 -65.39
C VAL FC 28 -45.23 -118.47 -65.99
N GLN FC 29 -44.86 -119.73 -66.13
CA GLN FC 29 -43.52 -120.11 -66.52
C GLN FC 29 -43.47 -120.48 -68.00
N SER FC 30 -42.55 -119.84 -68.72
CA SER FC 30 -42.32 -120.11 -70.14
C SER FC 30 -41.08 -120.98 -70.23
N PHE FC 31 -41.25 -122.28 -70.00
CA PHE FC 31 -40.16 -123.20 -70.23
C PHE FC 31 -39.92 -123.36 -71.73
N GLU FC 32 -38.65 -123.45 -72.09
CA GLU FC 32 -38.28 -123.83 -73.45
C GLU FC 32 -37.36 -125.03 -73.40
N GLN FC 33 -37.50 -125.90 -74.40
CA GLN FC 33 -36.49 -126.91 -74.72
C GLN FC 33 -36.15 -126.63 -76.17
N ARG FC 34 -35.26 -125.67 -76.37
CA ARG FC 34 -35.02 -125.09 -77.69
C ARG FC 34 -33.54 -124.90 -77.94
N ASP FC 35 -33.22 -124.18 -79.00
CA ASP FC 35 -31.87 -123.74 -79.30
C ASP FC 35 -31.97 -122.38 -79.99
N ASP FC 36 -30.89 -121.98 -80.64
CA ASP FC 36 -30.92 -120.75 -81.42
C ASP FC 36 -30.12 -120.96 -82.69
N VAL FC 37 -29.95 -119.87 -83.45
CA VAL FC 37 -29.00 -119.81 -84.55
C VAL FC 37 -28.03 -118.70 -84.19
N LYS FC 38 -27.10 -118.38 -85.10
CA LYS FC 38 -26.20 -117.27 -84.85
C LYS FC 38 -26.94 -115.95 -84.77
N HIS FC 39 -27.93 -115.74 -85.63
CA HIS FC 39 -28.58 -114.44 -85.72
C HIS FC 39 -29.55 -114.20 -84.58
N LEU FC 40 -30.41 -115.18 -84.29
CA LEU FC 40 -31.53 -114.89 -83.41
C LEU FC 40 -32.00 -116.12 -82.67
N GLY FC 41 -32.31 -115.93 -81.39
CA GLY FC 41 -33.22 -116.81 -80.69
C GLY FC 41 -34.32 -115.95 -80.09
N ILE FC 42 -35.54 -116.07 -80.60
CA ILE FC 42 -36.60 -115.14 -80.25
C ILE FC 42 -37.56 -115.81 -79.28
N CYS FC 43 -37.91 -115.08 -78.22
CA CYS FC 43 -38.80 -115.61 -77.18
C CYS FC 43 -39.63 -114.45 -76.65
N LYS FC 44 -40.87 -114.32 -77.12
CA LYS FC 44 -41.83 -113.51 -76.37
C LYS FC 44 -42.23 -114.26 -75.12
N VAL FC 45 -41.86 -113.69 -73.97
CA VAL FC 45 -42.00 -114.43 -72.72
C VAL FC 45 -43.42 -114.31 -72.18
N ILE FC 46 -44.17 -113.33 -72.65
CA ILE FC 46 -45.50 -113.05 -72.15
C ILE FC 46 -46.57 -113.65 -73.08
N SER FC 47 -46.19 -114.68 -73.85
CA SER FC 47 -46.98 -115.11 -74.99
C SER FC 47 -48.23 -115.87 -74.58
N ASP FC 48 -48.06 -116.98 -73.86
CA ASP FC 48 -49.13 -117.92 -73.57
C ASP FC 48 -50.03 -117.49 -72.40
N VAL FC 49 -50.03 -116.21 -72.02
CA VAL FC 49 -50.81 -115.76 -70.88
C VAL FC 49 -52.19 -115.36 -71.38
N THR FC 50 -53.17 -116.25 -71.22
CA THR FC 50 -54.55 -116.04 -71.64
C THR FC 50 -55.43 -115.80 -70.43
N ARG FC 51 -56.66 -115.33 -70.68
CA ARG FC 51 -57.62 -115.14 -69.60
C ARG FC 51 -58.15 -116.48 -69.12
N GLY FC 52 -58.14 -116.70 -67.81
CA GLY FC 52 -58.63 -117.91 -67.22
C GLY FC 52 -58.59 -117.86 -65.71
N PRO FC 53 -59.28 -118.80 -65.05
CA PRO FC 53 -59.30 -118.79 -63.58
C PRO FC 53 -58.04 -119.35 -62.94
N GLY FC 54 -57.24 -120.12 -63.67
CA GLY FC 54 -56.06 -120.73 -63.10
C GLY FC 54 -54.93 -119.74 -62.88
N LEU FC 55 -53.92 -120.19 -62.14
CA LEU FC 55 -52.77 -119.35 -61.84
C LEU FC 55 -51.77 -119.29 -62.98
N THR FC 56 -51.94 -120.10 -64.03
CA THR FC 56 -51.19 -119.94 -65.27
C THR FC 56 -51.92 -119.04 -66.27
N HIS FC 57 -52.73 -118.10 -65.75
CA HIS FC 57 -53.61 -117.29 -66.56
C HIS FC 57 -53.58 -115.87 -66.02
N ARG FC 58 -54.53 -115.05 -66.47
CA ARG FC 58 -54.56 -113.64 -66.13
C ARG FC 58 -55.98 -113.17 -65.88
N VAL FC 59 -56.09 -112.06 -65.16
CA VAL FC 59 -57.36 -111.40 -64.89
C VAL FC 59 -57.28 -110.00 -65.50
N GLY FC 60 -58.06 -109.77 -66.55
CA GLY FC 60 -58.04 -108.49 -67.23
C GLY FC 60 -56.96 -108.38 -68.28
N LYS FC 61 -56.37 -107.19 -68.40
CA LYS FC 61 -55.33 -106.96 -69.40
C LYS FC 61 -54.20 -106.08 -68.85
N ARG FC 62 -54.03 -106.05 -67.54
CA ARG FC 62 -53.01 -105.23 -66.89
C ARG FC 62 -52.08 -106.11 -66.07
N PHE FC 63 -50.78 -105.99 -66.31
CA PHE FC 63 -49.76 -106.72 -65.58
C PHE FC 63 -48.86 -105.75 -64.84
N CYS FC 64 -48.24 -106.25 -63.77
CA CYS FC 64 -47.06 -105.65 -63.17
C CYS FC 64 -46.13 -106.81 -62.84
N ILE FC 65 -45.21 -107.13 -63.76
CA ILE FC 65 -44.27 -108.22 -63.56
C ILE FC 65 -43.32 -107.87 -62.43
N LYS FC 66 -43.39 -108.64 -61.34
CA LYS FC 66 -42.52 -108.40 -60.21
C LYS FC 66 -41.07 -108.77 -60.53
N SER FC 67 -40.86 -110.00 -61.00
CA SER FC 67 -39.51 -110.41 -61.33
C SER FC 67 -39.54 -111.53 -62.37
N ILE FC 68 -38.54 -111.53 -63.23
CA ILE FC 68 -38.25 -112.62 -64.14
C ILE FC 68 -37.11 -113.44 -63.52
N TYR FC 69 -37.36 -114.73 -63.33
CA TYR FC 69 -36.39 -115.65 -62.73
C TYR FC 69 -35.93 -116.61 -63.81
N ILE FC 70 -34.72 -116.40 -64.31
CA ILE FC 70 -34.20 -117.15 -65.45
C ILE FC 70 -33.33 -118.29 -64.93
N LEU FC 71 -33.84 -119.51 -65.05
CA LEU FC 71 -33.02 -120.70 -64.98
C LEU FC 71 -32.57 -121.10 -66.38
N GLY FC 72 -31.59 -121.98 -66.45
CA GLY FC 72 -31.17 -122.45 -67.75
C GLY FC 72 -29.82 -123.14 -67.78
N LYS FC 73 -29.73 -124.20 -68.57
CA LYS FC 73 -28.47 -124.89 -68.83
C LYS FC 73 -28.15 -124.77 -70.31
N ILE FC 74 -26.95 -124.27 -70.61
CA ILE FC 74 -26.55 -123.92 -71.97
C ILE FC 74 -25.39 -124.84 -72.33
N TRP FC 75 -25.63 -125.80 -73.21
CA TRP FC 75 -24.61 -126.79 -73.53
C TRP FC 75 -24.36 -126.86 -75.02
N LEU FC 76 -23.39 -127.70 -75.37
CA LEU FC 76 -23.15 -128.16 -76.72
C LEU FC 76 -22.83 -129.65 -76.75
N ASP FC 77 -23.33 -130.42 -75.79
CA ASP FC 77 -22.83 -131.76 -75.51
C ASP FC 77 -23.46 -132.81 -76.41
N GLU FC 78 -24.01 -132.40 -77.56
CA GLU FC 78 -24.27 -133.31 -78.66
C GLU FC 78 -22.93 -133.86 -79.16
N THR FC 79 -22.96 -135.05 -79.79
CA THR FC 79 -21.74 -135.72 -80.23
C THR FC 79 -21.03 -135.02 -81.39
N ILE FC 80 -21.63 -133.95 -81.93
CA ILE FC 80 -21.06 -133.16 -83.01
C ILE FC 80 -20.81 -131.79 -82.37
N LYS FC 81 -20.33 -130.82 -83.15
CA LYS FC 81 -20.02 -129.45 -82.75
C LYS FC 81 -18.87 -129.39 -81.74
N LYS FC 82 -17.91 -130.30 -81.88
CA LYS FC 82 -16.60 -130.13 -81.28
C LYS FC 82 -15.63 -129.37 -82.17
N GLN FC 83 -15.78 -129.46 -83.50
CA GLN FC 83 -15.09 -128.55 -84.40
C GLN FC 83 -15.87 -127.24 -84.53
N ASN FC 84 -15.20 -126.23 -85.10
CA ASN FC 84 -15.70 -124.87 -85.26
C ASN FC 84 -16.13 -124.29 -83.92
N HIS FC 85 -15.31 -124.54 -82.90
CA HIS FC 85 -15.70 -124.41 -81.50
C HIS FC 85 -15.38 -123.05 -80.90
N THR FC 86 -15.47 -122.97 -79.57
CA THR FC 86 -15.29 -121.78 -78.74
C THR FC 86 -16.26 -120.65 -79.06
N ASN FC 87 -17.55 -120.86 -78.81
CA ASN FC 87 -18.56 -119.83 -78.96
C ASN FC 87 -19.09 -119.43 -77.59
N ASN FC 88 -19.65 -118.23 -77.49
CA ASN FC 88 -20.25 -117.77 -76.25
C ASN FC 88 -21.63 -117.17 -76.52
N VAL FC 89 -22.42 -117.06 -75.46
CA VAL FC 89 -23.83 -116.65 -75.55
C VAL FC 89 -23.98 -115.32 -74.82
N ILE FC 90 -24.55 -114.33 -75.50
CA ILE FC 90 -24.89 -113.05 -74.90
C ILE FC 90 -26.41 -112.97 -74.84
N PHE FC 91 -26.96 -112.76 -73.65
CA PHE FC 91 -28.40 -112.65 -73.51
C PHE FC 91 -28.83 -111.19 -73.58
N TYR FC 92 -30.07 -110.99 -74.01
CA TYR FC 92 -30.64 -109.66 -74.15
C TYR FC 92 -32.07 -109.69 -73.64
N LEU FC 93 -32.35 -108.87 -72.62
CA LEU FC 93 -33.68 -108.77 -72.05
C LEU FC 93 -34.14 -107.33 -72.26
N LEU FC 94 -35.04 -107.12 -73.21
CA LEU FC 94 -35.37 -105.79 -73.70
C LEU FC 94 -36.73 -105.36 -73.19
N ARG FC 95 -36.86 -104.07 -72.87
CA ARG FC 95 -38.17 -103.48 -72.61
C ARG FC 95 -38.70 -102.92 -73.92
N ASP FC 96 -39.72 -103.56 -74.47
CA ASP FC 96 -40.29 -103.17 -75.75
C ASP FC 96 -41.32 -102.06 -75.55
N ARG FC 97 -41.49 -101.24 -76.59
CA ARG FC 97 -42.40 -100.10 -76.53
C ARG FC 97 -43.69 -100.31 -77.31
N ARG FC 98 -43.70 -101.11 -78.38
CA ARG FC 98 -44.88 -101.31 -79.21
C ARG FC 98 -44.77 -102.65 -79.91
N PRO FC 99 -45.89 -103.33 -80.15
CA PRO FC 99 -45.84 -104.58 -80.93
C PRO FC 99 -46.16 -104.39 -82.39
N TYR FC 100 -45.86 -105.39 -83.21
CA TYR FC 100 -46.41 -105.51 -84.57
C TYR FC 100 -46.76 -106.97 -84.79
N GLY FC 101 -47.97 -107.36 -84.40
CA GLY FC 101 -48.44 -108.72 -84.57
C GLY FC 101 -47.60 -109.76 -83.85
N ASN FC 102 -46.82 -110.51 -84.62
CA ASN FC 102 -45.87 -111.47 -84.09
C ASN FC 102 -44.58 -110.76 -83.65
N ALA FC 103 -43.53 -111.53 -83.40
CA ALA FC 103 -42.26 -110.95 -82.96
C ALA FC 103 -41.54 -110.33 -84.15
N PRO FC 104 -40.89 -109.18 -83.96
CA PRO FC 104 -40.15 -108.56 -85.06
C PRO FC 104 -38.81 -109.23 -85.32
N GLN FC 105 -38.02 -108.66 -86.22
CA GLN FC 105 -36.70 -109.18 -86.53
C GLN FC 105 -35.74 -108.93 -85.36
N ASP FC 106 -34.57 -109.58 -85.42
CA ASP FC 106 -33.48 -109.25 -84.51
C ASP FC 106 -32.37 -108.48 -85.20
N PHE FC 107 -31.78 -109.05 -86.26
CA PHE FC 107 -30.63 -108.43 -86.91
C PHE FC 107 -31.04 -107.18 -87.68
N GLY FC 108 -32.28 -107.12 -88.13
CA GLY FC 108 -32.82 -105.91 -88.70
C GLY FC 108 -33.41 -104.94 -87.70
N GLN FC 109 -33.35 -105.27 -86.41
CA GLN FC 109 -33.86 -104.40 -85.36
C GLN FC 109 -32.77 -103.86 -84.46
N ILE FC 110 -31.96 -104.73 -83.84
CA ILE FC 110 -30.75 -104.24 -83.20
C ILE FC 110 -29.69 -103.95 -84.26
N PHE FC 111 -28.71 -103.14 -83.89
CA PHE FC 111 -28.01 -102.35 -84.90
C PHE FC 111 -26.95 -103.15 -85.66
N ASN FC 112 -25.93 -103.64 -84.96
CA ASN FC 112 -24.75 -104.13 -85.66
C ASN FC 112 -24.52 -105.60 -85.29
N MET FC 113 -23.40 -106.14 -85.75
CA MET FC 113 -23.15 -107.58 -85.68
C MET FC 113 -22.69 -107.99 -84.28
N PHE FC 114 -23.68 -108.40 -83.48
CA PHE FC 114 -23.62 -109.31 -82.33
C PHE FC 114 -22.97 -108.69 -81.10
N ASP FC 115 -22.40 -107.49 -81.19
CA ASP FC 115 -21.98 -106.69 -80.03
C ASP FC 115 -22.48 -105.28 -80.26
N ASN FC 116 -23.70 -105.01 -79.79
CA ASN FC 116 -24.42 -103.83 -80.27
C ASN FC 116 -25.45 -103.38 -79.25
N GLU FC 117 -26.30 -102.47 -79.72
CA GLU FC 117 -27.41 -101.83 -79.04
C GLU FC 117 -28.56 -101.80 -80.04
N PRO FC 118 -29.78 -101.43 -79.66
CA PRO FC 118 -30.81 -101.16 -80.68
C PRO FC 118 -30.45 -99.97 -81.55
N SER FC 119 -31.05 -99.93 -82.74
CA SER FC 119 -30.74 -98.92 -83.73
C SER FC 119 -31.25 -97.55 -83.30
N THR FC 120 -30.72 -96.51 -83.96
CA THR FC 120 -31.09 -95.13 -83.62
C THR FC 120 -32.52 -94.80 -84.00
N ALA FC 121 -33.08 -95.49 -85.00
CA ALA FC 121 -34.45 -95.26 -85.41
C ALA FC 121 -35.46 -96.14 -84.67
N THR FC 122 -35.01 -96.91 -83.69
CA THR FC 122 -35.87 -97.89 -83.02
C THR FC 122 -36.11 -97.57 -81.55
N ILE FC 123 -35.46 -96.56 -80.99
CA ILE FC 123 -35.59 -96.25 -79.57
C ILE FC 123 -36.94 -95.62 -79.27
N PHE FC 131 -36.01 -99.73 -79.22
CA PHE FC 131 -36.68 -100.35 -78.08
C PHE FC 131 -35.74 -100.29 -76.88
N GLN FC 132 -36.30 -100.16 -75.69
CA GLN FC 132 -35.46 -100.04 -74.51
C GLN FC 132 -34.85 -101.39 -74.13
N VAL FC 133 -33.76 -101.32 -73.39
CA VAL FC 133 -33.00 -102.47 -72.93
C VAL FC 133 -33.16 -102.50 -71.41
N LEU FC 134 -33.15 -103.69 -70.81
CA LEU FC 134 -33.00 -103.76 -69.36
C LEU FC 134 -31.59 -104.17 -68.93
N ARG FC 135 -31.16 -105.39 -69.26
CA ARG FC 135 -29.81 -105.84 -68.93
C ARG FC 135 -29.33 -106.88 -69.94
N LYS FC 136 -28.11 -107.38 -69.71
CA LYS FC 136 -27.48 -108.40 -70.52
C LYS FC 136 -26.98 -109.52 -69.61
N PHE FC 137 -26.51 -110.60 -70.21
CA PHE FC 137 -25.88 -111.70 -69.47
C PHE FC 137 -24.75 -112.28 -70.30
N HIS FC 138 -24.06 -113.28 -69.75
CA HIS FC 138 -22.96 -113.96 -70.42
C HIS FC 138 -23.06 -115.46 -70.16
N ALA FC 139 -22.60 -116.23 -71.15
CA ALA FC 139 -22.48 -117.68 -71.03
C ALA FC 139 -21.43 -118.13 -72.04
N THR FC 140 -20.34 -118.69 -71.56
CA THR FC 140 -19.19 -119.03 -72.40
C THR FC 140 -18.96 -120.53 -72.40
N VAL FC 141 -19.27 -121.18 -73.51
CA VAL FC 141 -19.10 -122.63 -73.65
C VAL FC 141 -18.01 -122.92 -74.68
N VAL FC 142 -16.80 -123.22 -74.20
CA VAL FC 142 -15.68 -123.40 -75.09
C VAL FC 142 -15.20 -124.86 -75.05
N GLY FC 143 -15.63 -125.66 -76.01
CA GLY FC 143 -15.22 -127.05 -76.04
C GLY FC 143 -14.79 -127.57 -77.39
N GLY FC 144 -13.52 -127.94 -77.52
CA GLY FC 144 -13.04 -128.47 -78.79
C GLY FC 144 -12.66 -129.93 -78.72
N LEU FC 145 -11.37 -130.22 -78.69
CA LEU FC 145 -10.89 -131.60 -78.56
C LEU FC 145 -9.77 -131.63 -77.53
N TYR FC 146 -9.46 -132.86 -77.11
CA TYR FC 146 -8.33 -133.25 -76.25
C TYR FC 146 -8.36 -132.66 -74.84
N CYS FC 147 -9.39 -131.93 -74.43
CA CYS FC 147 -9.66 -131.92 -73.00
C CYS FC 147 -11.12 -132.34 -72.70
N MET FC 148 -12.17 -131.79 -73.36
CA MET FC 148 -12.31 -130.47 -73.98
C MET FC 148 -12.91 -129.57 -72.87
N LYS FC 149 -12.21 -128.48 -72.53
CA LYS FC 149 -12.54 -127.82 -71.28
C LYS FC 149 -13.40 -126.58 -71.51
N GLU FC 150 -14.69 -126.84 -71.75
CA GLU FC 150 -15.87 -126.24 -71.13
C GLU FC 150 -17.13 -126.84 -71.76
N GLN FC 151 -18.22 -126.80 -71.02
CA GLN FC 151 -19.51 -127.42 -71.37
C GLN FC 151 -20.63 -126.71 -70.63
N ALA FC 152 -21.74 -127.44 -70.45
CA ALA FC 152 -23.00 -126.99 -69.86
C ALA FC 152 -22.83 -126.15 -68.61
N LEU FC 153 -23.26 -124.89 -68.68
CA LEU FC 153 -23.17 -123.97 -67.55
C LEU FC 153 -24.57 -123.71 -67.01
N VAL FC 154 -24.67 -123.47 -65.70
CA VAL FC 154 -25.96 -123.22 -65.08
C VAL FC 154 -26.05 -121.74 -64.72
N LYS FC 155 -27.16 -121.10 -65.09
CA LYS FC 155 -27.36 -119.68 -64.83
C LYS FC 155 -28.70 -119.48 -64.12
N ARG FC 156 -28.65 -118.89 -62.92
CA ARG FC 156 -29.85 -118.46 -62.22
C ARG FC 156 -29.72 -116.97 -61.90
N PHE FC 157 -30.83 -116.23 -62.06
CA PHE FC 157 -30.82 -114.78 -61.88
C PHE FC 157 -32.18 -114.31 -61.39
N TYR FC 158 -32.21 -113.71 -60.20
CA TYR FC 158 -33.29 -112.78 -59.86
C TYR FC 158 -33.15 -111.52 -60.73
N ARG FC 159 -34.27 -111.01 -61.22
CA ARG FC 159 -34.25 -109.82 -62.07
C ARG FC 159 -35.59 -109.11 -61.95
N LEU FC 160 -35.62 -108.04 -61.17
CA LEU FC 160 -36.87 -107.29 -60.94
C LEU FC 160 -37.19 -106.41 -62.15
N ASN FC 161 -38.48 -106.32 -62.46
CA ASN FC 161 -38.95 -105.62 -63.66
C ASN FC 161 -40.27 -104.92 -63.33
N HIS FC 162 -41.00 -104.50 -64.35
CA HIS FC 162 -42.18 -103.65 -64.16
C HIS FC 162 -43.25 -104.00 -65.18
N HIS FC 163 -44.23 -103.11 -65.34
CA HIS FC 163 -45.58 -103.40 -65.79
C HIS FC 163 -45.67 -103.70 -67.29
N VAL FC 164 -46.71 -104.43 -67.66
CA VAL FC 164 -47.03 -104.87 -69.03
C VAL FC 164 -48.53 -104.69 -69.23
N THR FC 165 -48.95 -104.26 -70.43
CA THR FC 165 -50.35 -104.11 -70.75
C THR FC 165 -50.68 -104.95 -71.99
N TYR FC 166 -51.84 -105.60 -71.99
CA TYR FC 166 -52.40 -106.18 -73.21
C TYR FC 166 -53.48 -105.28 -73.79
N ASN FC 167 -53.61 -105.32 -75.12
CA ASN FC 167 -54.58 -104.46 -75.80
C ASN FC 167 -55.98 -105.06 -75.71
N HIS FC 168 -56.18 -106.24 -76.30
CA HIS FC 168 -57.51 -106.81 -76.38
C HIS FC 168 -57.89 -107.50 -75.08
N GLN FC 169 -59.20 -107.70 -74.92
CA GLN FC 169 -59.76 -108.40 -73.76
C GLN FC 169 -59.99 -109.87 -74.06
N GLU FC 170 -59.24 -110.41 -75.01
CA GLU FC 170 -59.36 -111.80 -75.44
C GLU FC 170 -58.64 -112.72 -74.46
N ALA FC 171 -58.91 -114.02 -74.60
CA ALA FC 171 -58.09 -115.06 -73.98
C ALA FC 171 -57.04 -115.54 -74.99
N GLY FC 172 -56.27 -114.58 -75.50
CA GLY FC 172 -55.43 -114.78 -76.65
C GLY FC 172 -53.95 -114.84 -76.31
N LYS FC 173 -53.16 -115.12 -77.35
CA LYS FC 173 -51.72 -115.30 -77.27
C LYS FC 173 -51.04 -113.94 -77.49
N TYR FC 174 -49.74 -113.97 -77.80
CA TYR FC 174 -48.88 -112.79 -77.92
C TYR FC 174 -49.29 -111.80 -79.00
N GLU FC 175 -50.26 -112.12 -79.85
CA GLU FC 175 -50.54 -111.29 -81.03
C GLU FC 175 -51.26 -109.99 -80.66
N ASN FC 176 -52.00 -109.97 -79.55
CA ASN FC 176 -52.84 -108.83 -79.20
C ASN FC 176 -52.20 -107.90 -78.17
N HIS FC 177 -50.89 -107.69 -78.27
CA HIS FC 177 -50.18 -106.84 -77.32
C HIS FC 177 -50.45 -105.36 -77.59
N THR FC 178 -49.88 -104.53 -76.72
CA THR FC 178 -49.86 -103.07 -76.84
C THR FC 178 -48.56 -102.59 -76.20
N GLU FC 179 -48.53 -101.31 -75.80
CA GLU FC 179 -47.38 -100.68 -75.14
C GLU FC 179 -46.85 -101.50 -73.96
N ASN FC 180 -45.55 -101.37 -73.73
CA ASN FC 180 -44.79 -102.00 -72.64
C ASN FC 180 -44.87 -103.53 -72.71
N ALA FC 181 -44.32 -104.06 -73.80
CA ALA FC 181 -44.00 -105.47 -73.89
C ALA FC 181 -42.56 -105.69 -73.43
N LEU FC 182 -42.19 -106.95 -73.24
CA LEU FC 182 -40.83 -107.33 -72.90
C LEU FC 182 -40.59 -108.77 -73.32
N LEU FC 183 -39.40 -109.03 -73.85
CA LEU FC 183 -39.10 -110.33 -74.44
C LEU FC 183 -37.58 -110.53 -74.44
N LEU FC 184 -37.15 -111.67 -74.96
CA LEU FC 184 -35.75 -112.06 -74.95
C LEU FC 184 -35.20 -112.23 -76.36
N TYR FC 185 -33.90 -111.97 -76.48
CA TYR FC 185 -33.13 -112.37 -77.65
C TYR FC 185 -31.86 -113.06 -77.17
N MET FC 186 -31.49 -114.14 -77.85
CA MET FC 186 -30.26 -114.87 -77.58
C MET FC 186 -29.38 -114.80 -78.82
N ALA FC 187 -28.08 -114.64 -78.62
CA ALA FC 187 -27.15 -114.38 -79.71
C ALA FC 187 -25.94 -115.29 -79.60
N CYS FC 188 -25.60 -115.93 -80.72
CA CYS FC 188 -24.35 -116.65 -80.87
C CYS FC 188 -23.35 -115.79 -81.64
N THR FC 189 -22.07 -116.05 -81.43
CA THR FC 189 -21.01 -115.21 -81.99
C THR FC 189 -20.13 -115.92 -83.01
N HIS FC 190 -20.55 -117.08 -83.51
CA HIS FC 190 -19.77 -117.82 -84.50
C HIS FC 190 -20.70 -118.49 -85.48
N ALA FC 191 -20.15 -118.80 -86.66
CA ALA FC 191 -20.95 -119.31 -87.78
C ALA FC 191 -21.49 -120.70 -87.53
N SER FC 192 -20.81 -121.51 -86.72
CA SER FC 192 -21.36 -122.78 -86.29
C SER FC 192 -22.52 -122.55 -85.31
N ASN FC 193 -23.33 -123.58 -85.12
CA ASN FC 193 -24.39 -123.49 -84.14
C ASN FC 193 -24.27 -124.58 -83.09
N PRO FC 194 -23.37 -124.45 -82.11
CA PRO FC 194 -23.26 -125.50 -81.08
C PRO FC 194 -24.28 -125.36 -79.96
N VAL FC 195 -24.85 -124.17 -79.78
CA VAL FC 195 -25.55 -123.81 -78.55
C VAL FC 195 -26.92 -124.48 -78.53
N TYR FC 196 -27.10 -125.39 -77.58
CA TYR FC 196 -28.40 -125.95 -77.25
C TYR FC 196 -28.81 -125.45 -75.87
N ALA FC 197 -29.43 -124.28 -75.86
CA ALA FC 197 -29.76 -123.58 -74.63
C ALA FC 197 -31.23 -123.80 -74.28
N THR FC 198 -31.47 -124.48 -73.17
CA THR FC 198 -32.82 -124.70 -72.67
C THR FC 198 -32.97 -123.95 -71.36
N LEU FC 199 -34.00 -123.11 -71.27
CA LEU FC 199 -34.14 -122.16 -70.18
C LEU FC 199 -35.51 -122.28 -69.56
N LYS FC 200 -35.55 -122.26 -68.23
CA LYS FC 200 -36.78 -122.18 -67.46
C LYS FC 200 -36.95 -120.77 -66.95
N ILE FC 201 -38.04 -120.13 -67.35
CA ILE FC 201 -38.23 -118.69 -67.15
C ILE FC 201 -39.49 -118.51 -66.32
N ARG FC 202 -39.33 -118.30 -65.02
CA ARG FC 202 -40.46 -118.00 -64.16
C ARG FC 202 -40.76 -116.50 -64.15
N ILE FC 203 -42.02 -116.16 -64.40
CA ILE FC 203 -42.53 -114.83 -64.11
C ILE FC 203 -43.63 -114.99 -63.08
N TYR FC 204 -43.43 -114.43 -61.89
CA TYR FC 204 -44.50 -114.34 -60.91
C TYR FC 204 -44.79 -112.87 -60.63
N PHE FC 205 -46.08 -112.54 -60.58
CA PHE FC 205 -46.53 -111.16 -60.62
C PHE FC 205 -47.87 -111.00 -59.88
N PRO GC 16 12.68 -94.20 -11.17
CA PRO GC 16 12.80 -92.73 -11.10
C PRO GC 16 14.05 -92.20 -11.80
N ASP GC 17 14.85 -93.10 -12.37
CA ASP GC 17 16.12 -92.72 -12.98
C ASP GC 17 16.18 -93.09 -14.47
N ILE GC 18 15.70 -94.27 -14.83
CA ILE GC 18 15.93 -94.85 -16.16
C ILE GC 18 14.69 -94.75 -17.03
N PRO GC 19 14.84 -94.55 -18.34
CA PRO GC 19 13.68 -94.52 -19.25
C PRO GC 19 13.39 -95.83 -19.97
N ARG GC 20 14.17 -96.90 -19.75
CA ARG GC 20 14.09 -98.09 -20.59
C ARG GC 20 13.49 -99.29 -19.90
N GLY GC 21 14.08 -99.74 -18.78
CA GLY GC 21 13.67 -100.97 -18.15
C GLY GC 21 14.15 -101.07 -16.72
N CYS GC 22 13.40 -101.81 -15.90
CA CYS GC 22 13.56 -101.83 -14.45
C CYS GC 22 14.71 -102.70 -13.96
N GLU GC 23 15.65 -103.05 -14.85
CA GLU GC 23 16.89 -103.68 -14.43
C GLU GC 23 17.71 -102.72 -13.57
N GLY GC 24 18.61 -103.29 -12.76
CA GLY GC 24 19.54 -102.51 -12.01
C GLY GC 24 20.52 -101.81 -12.92
N PRO GC 25 20.87 -100.55 -12.61
CA PRO GC 25 21.83 -99.83 -13.45
C PRO GC 25 23.24 -100.38 -13.29
N CYS GC 26 23.51 -101.48 -13.98
CA CYS GC 26 24.72 -102.26 -13.75
C CYS GC 26 25.93 -101.56 -14.34
N LYS GC 27 27.03 -101.59 -13.59
CA LYS GC 27 28.27 -100.94 -13.99
C LYS GC 27 29.12 -101.89 -14.84
N VAL GC 28 29.60 -101.39 -15.96
CA VAL GC 28 30.62 -102.07 -16.75
C VAL GC 28 31.75 -101.06 -16.97
N GLN GC 29 32.85 -101.25 -16.26
CA GLN GC 29 33.91 -100.26 -16.23
C GLN GC 29 35.06 -100.69 -17.13
N SER GC 30 35.43 -99.81 -18.05
CA SER GC 30 36.54 -100.04 -18.97
C SER GC 30 37.73 -99.27 -18.41
N PHE GC 31 38.41 -99.88 -17.43
CA PHE GC 31 39.65 -99.31 -16.96
C PHE GC 31 40.74 -99.51 -17.99
N GLU GC 32 41.59 -98.50 -18.14
CA GLU GC 32 42.79 -98.63 -18.93
C GLU GC 32 44.00 -98.25 -18.08
N GLN GC 33 45.10 -98.94 -18.32
CA GLN GC 33 46.42 -98.51 -17.86
C GLN GC 33 47.23 -98.45 -19.14
N ARG GC 34 47.10 -97.32 -19.85
CA ARG GC 34 47.58 -97.20 -21.22
C ARG GC 34 48.27 -95.86 -21.43
N ASP GC 35 48.54 -95.55 -22.69
CA ASP GC 35 49.02 -94.25 -23.11
C ASP GC 35 48.45 -93.99 -24.50
N ASP GC 36 49.04 -93.03 -25.20
CA ASP GC 36 48.65 -92.76 -26.57
C ASP GC 36 49.90 -92.43 -27.37
N VAL GC 37 49.68 -92.04 -28.63
CA VAL GC 37 50.72 -91.44 -29.46
C VAL GC 37 50.19 -90.05 -29.83
N LYS GC 38 50.91 -89.32 -30.67
CA LYS GC 38 50.41 -88.02 -31.12
C LYS GC 38 49.13 -88.16 -31.93
N HIS GC 39 49.06 -89.17 -32.80
CA HIS GC 39 47.95 -89.27 -33.73
C HIS GC 39 46.68 -89.79 -33.05
N LEU GC 40 46.80 -90.86 -32.27
CA LEU GC 40 45.58 -91.53 -31.84
C LEU GC 40 45.78 -92.25 -30.52
N GLY GC 41 44.76 -92.16 -29.67
CA GLY GC 41 44.54 -93.14 -28.63
C GLY GC 41 43.12 -93.64 -28.78
N ILE GC 42 42.95 -94.90 -29.18
CA ILE GC 42 41.65 -95.42 -29.56
C ILE GC 42 41.11 -96.31 -28.45
N CYS GC 43 39.84 -96.08 -28.11
CA CYS GC 43 39.19 -96.84 -27.04
C CYS GC 43 37.72 -97.00 -27.39
N LYS GC 44 37.35 -98.18 -27.92
CA LYS GC 44 35.95 -98.55 -27.92
C LYS GC 44 35.55 -98.90 -26.49
N VAL GC 45 34.66 -98.09 -25.92
CA VAL GC 45 34.35 -98.19 -24.50
C VAL GC 45 33.33 -99.29 -24.25
N ILE GC 46 32.61 -99.71 -25.28
CA ILE GC 46 31.52 -100.67 -25.16
C ILE GC 46 32.01 -102.07 -25.57
N SER GC 47 33.32 -102.31 -25.49
CA SER GC 47 33.93 -103.44 -26.16
C SER GC 47 33.66 -104.76 -25.43
N ASP GC 48 34.06 -104.85 -24.17
CA ASP GC 48 34.04 -106.11 -23.43
C ASP GC 48 32.67 -106.46 -22.85
N VAL GC 49 31.58 -105.89 -23.35
CA VAL GC 49 30.26 -106.14 -22.80
C VAL GC 49 29.67 -107.35 -23.53
N THR GC 50 29.74 -108.52 -22.91
CA THR GC 50 29.23 -109.76 -23.47
C THR GC 50 27.97 -110.18 -22.73
N ARG GC 51 27.25 -111.15 -23.30
CA ARG GC 51 26.06 -111.69 -22.65
C ARG GC 51 26.46 -112.57 -21.48
N GLY GC 52 25.84 -112.32 -20.32
CA GLY GC 52 26.08 -113.10 -19.14
C GLY GC 52 25.19 -112.68 -18.00
N PRO GC 53 25.13 -113.50 -16.94
CA PRO GC 53 24.25 -113.17 -15.80
C PRO GC 53 24.81 -112.10 -14.88
N GLY GC 54 26.12 -111.85 -14.90
CA GLY GC 54 26.72 -110.90 -14.00
C GLY GC 54 26.41 -109.46 -14.38
N LEU GC 55 26.74 -108.56 -13.46
CA LEU GC 55 26.51 -107.14 -13.68
C LEU GC 55 27.58 -106.49 -14.54
N THR GC 56 28.67 -107.19 -14.85
CA THR GC 56 29.62 -106.77 -15.86
C THR GC 56 29.26 -107.29 -17.24
N HIS GC 57 27.98 -107.55 -17.49
CA HIS GC 57 27.52 -108.22 -18.69
C HIS GC 57 26.24 -107.52 -19.17
N ARG GC 58 25.53 -108.17 -20.09
CA ARG GC 58 24.37 -107.55 -20.71
C ARG GC 58 23.27 -108.60 -20.92
N VAL GC 59 22.04 -108.11 -21.04
CA VAL GC 59 20.88 -108.92 -21.35
C VAL GC 59 20.33 -108.46 -22.69
N GLY GC 60 20.45 -109.31 -23.71
CA GLY GC 60 19.99 -108.98 -25.03
C GLY GC 60 21.01 -108.21 -25.85
N LYS GC 61 20.53 -107.25 -26.65
CA LYS GC 61 21.42 -106.47 -27.51
C LYS GC 61 21.01 -105.00 -27.55
N ARG GC 62 20.30 -104.52 -26.54
CA ARG GC 62 19.82 -103.14 -26.50
C ARG GC 62 20.34 -102.46 -25.24
N PHE GC 63 20.99 -101.31 -25.43
CA PHE GC 63 21.50 -100.51 -24.33
C PHE GC 63 20.81 -99.15 -24.31
N CYS GC 64 20.80 -98.54 -23.13
CA CYS GC 64 20.56 -97.10 -22.98
C CYS GC 64 21.56 -96.65 -21.92
N ILE GC 65 22.73 -96.17 -22.38
CA ILE GC 65 23.77 -95.69 -21.48
C ILE GC 65 23.28 -94.44 -20.76
N LYS GC 66 23.15 -94.54 -19.44
CA LYS GC 66 22.69 -93.40 -18.66
C LYS GC 66 23.77 -92.33 -18.58
N SER GC 67 24.98 -92.71 -18.15
CA SER GC 67 26.06 -91.74 -18.06
C SER GC 67 27.40 -92.44 -18.17
N ILE GC 68 28.35 -91.75 -18.78
CA ILE GC 68 29.76 -92.13 -18.76
C ILE GC 68 30.45 -91.28 -17.71
N TYR GC 69 31.10 -91.94 -16.76
CA TYR GC 69 31.81 -91.29 -15.66
C TYR GC 69 33.31 -91.50 -15.85
N ILE GC 70 33.99 -90.45 -16.29
CA ILE GC 70 35.39 -90.54 -16.67
C ILE GC 70 36.24 -90.09 -15.50
N LEU GC 71 36.93 -91.03 -14.87
CA LEU GC 71 38.05 -90.73 -14.00
C LEU GC 71 39.34 -90.82 -14.81
N GLY GC 72 40.41 -90.30 -14.24
CA GLY GC 72 41.68 -90.40 -14.93
C GLY GC 72 42.76 -89.47 -14.44
N LYS GC 73 43.99 -89.98 -14.37
CA LYS GC 73 45.17 -89.18 -14.06
C LYS GC 73 46.10 -89.20 -15.26
N ILE GC 74 46.46 -88.01 -15.73
CA ILE GC 74 47.21 -87.84 -16.97
C ILE GC 74 48.55 -87.23 -16.60
N TRP GC 75 49.62 -88.02 -16.69
CA TRP GC 75 50.92 -87.56 -16.25
C TRP GC 75 51.95 -87.72 -17.35
N LEU GC 76 53.16 -87.26 -17.03
CA LEU GC 76 54.38 -87.54 -17.78
C LEU GC 76 55.54 -87.83 -16.84
N ASP GC 77 55.28 -88.34 -15.64
CA ASP GC 77 56.25 -88.34 -14.55
C ASP GC 77 57.21 -89.53 -14.63
N GLU GC 78 57.35 -90.12 -15.81
CA GLU GC 78 58.50 -90.96 -16.11
C GLU GC 78 59.77 -90.10 -16.06
N THR GC 79 60.92 -90.72 -15.81
CA THR GC 79 62.18 -89.99 -15.64
C THR GC 79 62.70 -89.37 -16.94
N ILE GC 80 62.02 -89.62 -18.06
CA ILE GC 80 62.38 -89.06 -19.37
C ILE GC 80 61.18 -88.17 -19.71
N LYS GC 81 61.20 -87.55 -20.90
CA LYS GC 81 60.18 -86.66 -21.43
C LYS GC 81 60.05 -85.37 -20.61
N LYS GC 82 61.17 -84.90 -20.09
CA LYS GC 82 61.29 -83.51 -19.64
C LYS GC 82 61.73 -82.57 -20.75
N GLN GC 83 62.49 -83.04 -21.73
CA GLN GC 83 62.73 -82.29 -22.95
C GLN GC 83 61.57 -82.53 -23.92
N ASN GC 84 61.52 -81.69 -24.97
CA ASN GC 84 60.46 -81.65 -25.99
C ASN GC 84 59.09 -81.48 -25.33
N HIS GC 85 59.03 -80.62 -24.33
CA HIS GC 85 57.94 -80.58 -23.36
C HIS GC 85 56.81 -79.64 -23.73
N THR GC 86 55.94 -79.36 -22.75
CA THR GC 86 54.73 -78.55 -22.85
C THR GC 86 53.72 -79.07 -23.87
N ASN GC 87 53.14 -80.23 -23.62
CA ASN GC 87 52.09 -80.79 -24.46
C ASN GC 87 50.78 -80.78 -23.67
N ASN GC 88 49.66 -80.80 -24.39
CA ASN GC 88 48.34 -80.87 -23.77
C ASN GC 88 47.49 -81.94 -24.44
N VAL GC 89 46.43 -82.35 -23.74
CA VAL GC 89 45.59 -83.46 -24.16
C VAL GC 89 44.20 -82.94 -24.43
N ILE GC 90 43.67 -83.22 -25.62
CA ILE GC 90 42.30 -82.89 -25.98
C ILE GC 90 41.54 -84.21 -26.09
N PHE GC 91 40.46 -84.33 -25.32
CA PHE GC 91 39.65 -85.54 -25.38
C PHE GC 91 38.52 -85.39 -26.38
N TYR GC 92 38.08 -86.53 -26.93
CA TYR GC 92 37.01 -86.56 -27.91
C TYR GC 92 36.09 -87.72 -27.57
N LEU GC 93 34.82 -87.43 -27.32
CA LEU GC 93 33.82 -88.44 -27.03
C LEU GC 93 32.77 -88.34 -28.13
N LEU GC 94 32.78 -89.30 -29.05
CA LEU GC 94 32.02 -89.20 -30.29
C LEU GC 94 30.83 -90.14 -30.26
N ARG GC 95 29.71 -89.68 -30.82
CA ARG GC 95 28.57 -90.55 -31.08
C ARG GC 95 28.73 -91.13 -32.48
N ASP GC 96 29.04 -92.42 -32.57
CA ASP GC 96 29.27 -93.09 -33.85
C ASP GC 96 27.94 -93.53 -34.45
N ARG GC 97 27.92 -93.61 -35.77
CA ARG GC 97 26.71 -93.98 -36.51
C ARG GC 97 26.74 -95.40 -37.07
N ARG GC 98 27.92 -95.96 -37.38
CA ARG GC 98 28.01 -97.28 -37.97
C ARG GC 98 29.38 -97.87 -37.66
N PRO GC 99 29.49 -99.18 -37.50
CA PRO GC 99 30.81 -99.80 -37.31
C PRO GC 99 31.39 -100.36 -38.59
N TYR GC 100 32.70 -100.67 -38.57
CA TYR GC 100 33.32 -101.52 -39.58
C TYR GC 100 34.29 -102.44 -38.85
N GLY GC 101 33.79 -103.58 -38.38
CA GLY GC 101 34.59 -104.56 -37.68
C GLY GC 101 35.25 -104.04 -36.41
N ASN GC 102 36.55 -103.81 -36.49
CA ASN GC 102 37.31 -103.20 -35.42
C ASN GC 102 37.15 -101.68 -35.44
N ALA GC 103 37.99 -100.98 -34.68
CA ALA GC 103 37.91 -99.52 -34.63
C ALA GC 103 38.50 -98.92 -35.90
N PRO GC 104 37.90 -97.85 -36.43
CA PRO GC 104 38.46 -97.21 -37.63
C PRO GC 104 39.65 -96.33 -37.31
N GLN GC 105 40.14 -95.62 -38.33
CA GLN GC 105 41.26 -94.70 -38.15
C GLN GC 105 40.84 -93.48 -37.34
N ASP GC 106 41.84 -92.70 -36.91
CA ASP GC 106 41.57 -91.39 -36.33
C ASP GC 106 41.94 -90.26 -37.28
N PHE GC 107 43.21 -90.20 -37.70
CA PHE GC 107 43.68 -89.09 -38.51
C PHE GC 107 43.12 -89.16 -39.93
N GLY GC 108 42.78 -90.35 -40.40
CA GLY GC 108 42.06 -90.51 -41.63
C GLY GC 108 40.55 -90.42 -41.50
N GLN GC 109 40.05 -90.20 -40.30
CA GLN GC 109 38.61 -90.07 -40.07
C GLN GC 109 38.20 -88.67 -39.64
N ILE GC 110 38.79 -88.14 -38.56
CA ILE GC 110 38.61 -86.72 -38.30
C ILE GC 110 39.52 -85.92 -39.23
N PHE GC 111 39.17 -84.64 -39.43
CA PHE GC 111 39.54 -83.95 -40.66
C PHE GC 111 40.99 -83.49 -40.67
N ASN GC 112 41.37 -82.61 -39.76
CA ASN GC 112 42.63 -81.89 -39.92
C ASN GC 112 43.51 -82.18 -38.71
N MET GC 113 44.66 -81.49 -38.64
CA MET GC 113 45.70 -81.79 -37.66
C MET GC 113 45.35 -81.22 -36.29
N PHE GC 114 44.72 -82.06 -35.48
CA PHE GC 114 44.69 -82.08 -34.02
C PHE GC 114 43.84 -80.98 -33.40
N ASP GC 115 43.32 -80.03 -34.19
CA ASP GC 115 42.31 -79.07 -33.77
C ASP GC 115 41.25 -79.05 -34.87
N ASN GC 116 40.26 -79.92 -34.75
CA ASN GC 116 39.43 -80.21 -35.91
C ASN GC 116 38.05 -80.73 -35.47
N GLU GC 117 37.33 -81.24 -36.46
CA GLU GC 117 36.02 -81.85 -36.40
C GLU GC 117 36.07 -83.09 -37.29
N PRO GC 118 35.05 -83.96 -37.30
CA PRO GC 118 35.01 -85.00 -38.32
C PRO GC 118 34.87 -84.44 -39.73
N SER GC 119 35.27 -85.24 -40.70
CA SER GC 119 35.31 -84.81 -42.09
C SER GC 119 33.90 -84.64 -42.64
N THR GC 120 33.82 -83.93 -43.77
CA THR GC 120 32.54 -83.65 -44.40
C THR GC 120 31.89 -84.90 -44.99
N ALA GC 121 32.69 -85.89 -45.37
CA ALA GC 121 32.17 -87.13 -45.93
C ALA GC 121 31.89 -88.18 -44.86
N THR GC 122 32.03 -87.84 -43.59
CA THR GC 122 31.91 -88.83 -42.52
C THR GC 122 30.73 -88.59 -41.59
N ILE GC 123 30.01 -87.48 -41.76
CA ILE GC 123 28.91 -87.14 -40.85
C ILE GC 123 27.71 -88.04 -41.10
N PHE GC 131 30.87 -88.76 -38.41
CA PHE GC 131 30.33 -89.33 -37.19
C PHE GC 131 30.01 -88.18 -36.24
N GLN GC 132 28.97 -88.35 -35.43
CA GLN GC 132 28.57 -87.27 -34.54
C GLN GC 132 29.53 -87.16 -33.35
N VAL GC 133 29.53 -85.98 -32.76
CA VAL GC 133 30.37 -85.63 -31.62
C VAL GC 133 29.44 -85.43 -30.44
N LEU GC 134 29.90 -85.73 -29.23
CA LEU GC 134 29.15 -85.27 -28.06
C LEU GC 134 29.80 -84.08 -27.37
N ARG GC 135 31.02 -84.23 -26.84
CA ARG GC 135 31.73 -83.13 -26.20
C ARG GC 135 33.24 -83.34 -26.30
N LYS GC 136 33.98 -82.38 -25.74
CA LYS GC 136 35.43 -82.39 -25.68
C LYS GC 136 35.87 -82.16 -24.24
N PHE GC 137 37.18 -82.30 -23.99
CA PHE GC 137 37.76 -81.98 -22.69
C PHE GC 137 39.15 -81.39 -22.90
N HIS GC 138 39.80 -81.02 -21.78
CA HIS GC 138 41.15 -80.47 -21.81
C HIS GC 138 41.96 -81.06 -20.68
N ALA GC 139 43.27 -81.17 -20.92
CA ALA GC 139 44.23 -81.60 -19.91
C ALA GC 139 45.59 -81.07 -20.35
N THR GC 140 46.19 -80.19 -19.55
CA THR GC 140 47.42 -79.48 -19.91
C THR GC 140 48.53 -79.87 -18.95
N VAL GC 141 49.49 -80.65 -19.43
CA VAL GC 141 50.62 -81.08 -18.61
C VAL GC 141 51.90 -80.46 -19.16
N VAL GC 142 52.36 -79.39 -18.52
CA VAL GC 142 53.52 -78.66 -19.03
C VAL GC 142 54.69 -78.77 -18.04
N GLY GC 143 55.61 -79.70 -18.32
CA GLY GC 143 56.75 -79.86 -17.43
C GLY GC 143 58.08 -80.00 -18.13
N GLY GC 144 58.98 -79.04 -17.92
CA GLY GC 144 60.29 -79.11 -18.54
C GLY GC 144 61.40 -79.31 -17.53
N LEU GC 145 62.16 -78.26 -17.24
CA LEU GC 145 63.22 -78.33 -16.26
C LEU GC 145 63.15 -77.10 -15.37
N TYR GC 146 63.87 -77.18 -14.24
CA TYR GC 146 64.13 -76.13 -13.26
C TYR GC 146 62.89 -75.59 -12.54
N CYS GC 147 61.69 -76.14 -12.74
CA CYS GC 147 60.73 -76.04 -11.66
C CYS GC 147 60.19 -77.43 -11.27
N MET GC 148 59.74 -78.32 -12.17
CA MET GC 148 59.13 -78.09 -13.49
C MET GC 148 57.62 -78.01 -13.25
N LYS GC 149 57.00 -76.90 -13.63
CA LYS GC 149 55.66 -76.64 -13.10
C LYS GC 149 54.58 -76.99 -14.12
N GLU GC 150 54.32 -78.30 -14.21
CA GLU GC 150 53.02 -78.99 -14.18
C GLU GC 150 53.25 -80.48 -14.38
N GLN GC 151 52.30 -81.27 -13.89
CA GLN GC 151 52.35 -82.73 -13.86
C GLN GC 151 50.94 -83.29 -13.80
N ALA GC 152 50.83 -84.52 -13.28
CA ALA GC 152 49.62 -85.34 -13.19
C ALA GC 152 48.39 -84.56 -12.73
N LEU GC 153 47.39 -84.48 -13.60
CA LEU GC 153 46.15 -83.79 -13.31
C LEU GC 153 45.04 -84.82 -13.14
N VAL GC 154 44.06 -84.50 -12.29
CA VAL GC 154 42.95 -85.41 -12.05
C VAL GC 154 41.69 -84.84 -12.70
N LYS GC 155 40.99 -85.68 -13.46
CA LYS GC 155 39.78 -85.26 -14.17
C LYS GC 155 38.63 -86.20 -13.83
N ARG GC 156 37.56 -85.65 -13.27
CA ARG GC 156 36.32 -86.39 -13.07
C ARG GC 156 35.19 -85.64 -13.76
N PHE GC 157 34.29 -86.38 -14.41
CA PHE GC 157 33.20 -85.77 -15.18
C PHE GC 157 31.98 -86.70 -15.19
N TYR GC 158 30.87 -86.22 -14.65
CA TYR GC 158 29.57 -86.74 -15.05
C TYR GC 158 29.29 -86.34 -16.49
N ARG GC 159 28.72 -87.28 -17.27
CA ARG GC 159 28.44 -86.99 -18.67
C ARG GC 159 27.28 -87.90 -19.11
N LEU GC 160 26.08 -87.33 -19.19
CA LEU GC 160 24.89 -88.09 -19.56
C LEU GC 160 24.86 -88.35 -21.07
N ASN GC 161 24.41 -89.53 -21.45
CA ASN GC 161 24.43 -89.96 -22.85
C ASN GC 161 23.17 -90.80 -23.12
N HIS GC 162 23.16 -91.54 -24.22
CA HIS GC 162 21.94 -92.22 -24.68
C HIS GC 162 22.31 -93.56 -25.31
N HIS GC 163 21.37 -94.12 -26.07
CA HIS GC 163 21.24 -95.55 -26.32
C HIS GC 163 22.27 -96.09 -27.31
N VAL GC 164 22.52 -97.40 -27.20
CA VAL GC 164 23.48 -98.16 -28.00
C VAL GC 164 22.81 -99.49 -28.37
N THR GC 165 23.03 -99.98 -29.58
CA THR GC 165 22.51 -101.27 -30.02
C THR GC 165 23.66 -102.15 -30.47
N TYR GC 166 23.58 -103.44 -30.15
CA TYR GC 166 24.44 -104.46 -30.75
C TYR GC 166 23.69 -105.21 -31.84
N ASN GC 167 24.45 -105.65 -32.85
CA ASN GC 167 23.85 -106.36 -33.98
C ASN GC 167 23.57 -107.82 -33.62
N HIS GC 168 24.62 -108.57 -33.35
CA HIS GC 168 24.47 -110.01 -33.15
C HIS GC 168 24.00 -110.31 -31.72
N GLN GC 169 23.45 -111.51 -31.56
CA GLN GC 169 23.00 -112.01 -30.27
C GLN GC 169 24.07 -112.85 -29.58
N GLU GC 170 25.32 -112.61 -29.92
CA GLU GC 170 26.46 -113.34 -29.39
C GLU GC 170 26.83 -112.82 -28.00
N ALA GC 171 27.68 -113.60 -27.32
CA ALA GC 171 28.38 -113.11 -26.12
C ALA GC 171 29.76 -112.59 -26.53
N GLY GC 172 29.75 -111.66 -27.49
CA GLY GC 172 30.94 -111.26 -28.19
C GLY GC 172 31.44 -109.88 -27.79
N LYS GC 173 32.59 -109.53 -28.38
CA LYS GC 173 33.30 -108.29 -28.11
C LYS GC 173 32.81 -107.21 -29.08
N TYR GC 174 33.59 -106.13 -29.22
CA TYR GC 174 33.25 -104.94 -30.01
C TYR GC 174 33.04 -105.19 -31.50
N GLU GC 175 33.32 -106.38 -32.01
CA GLU GC 175 33.32 -106.59 -33.46
C GLU GC 175 31.91 -106.65 -34.04
N ASN GC 176 30.91 -107.04 -33.24
CA ASN GC 176 29.56 -107.28 -33.75
C ASN GC 176 28.61 -106.10 -33.49
N HIS GC 177 29.11 -104.87 -33.61
CA HIS GC 177 28.29 -103.68 -33.37
C HIS GC 177 27.33 -103.43 -34.53
N THR GC 178 26.51 -102.39 -34.34
CA THR GC 178 25.61 -101.85 -35.35
C THR GC 178 25.48 -100.35 -35.08
N GLU GC 179 24.39 -99.74 -35.56
CA GLU GC 179 24.09 -98.32 -35.37
C GLU GC 179 24.18 -97.89 -33.91
N ASN GC 180 24.53 -96.62 -33.74
CA ASN GC 180 24.66 -95.92 -32.45
C ASN GC 180 25.70 -96.59 -31.55
N ALA GC 181 26.94 -96.56 -32.03
CA ALA GC 181 28.09 -96.83 -31.19
C ALA GC 181 28.61 -95.52 -30.60
N LEU GC 182 29.51 -95.63 -29.64
CA LEU GC 182 30.18 -94.48 -29.05
C LEU GC 182 31.50 -94.92 -28.47
N LEU GC 183 32.52 -94.08 -28.63
CA LEU GC 183 33.88 -94.45 -28.24
C LEU GC 183 34.69 -93.17 -28.02
N LEU GC 184 35.96 -93.34 -27.69
CA LEU GC 184 36.84 -92.23 -27.34
C LEU GC 184 38.02 -92.14 -28.29
N TYR GC 185 38.50 -90.90 -28.46
CA TYR GC 185 39.79 -90.64 -29.06
C TYR GC 185 40.54 -89.66 -28.18
N MET GC 186 41.84 -89.90 -28.00
CA MET GC 186 42.71 -89.02 -27.26
C MET GC 186 43.78 -88.49 -28.21
N ALA GC 187 44.13 -87.22 -28.06
CA ALA GC 187 45.02 -86.56 -29.02
C ALA GC 187 46.12 -85.80 -28.29
N CYS GC 188 47.35 -86.00 -28.73
CA CYS GC 188 48.48 -85.19 -28.31
C CYS GC 188 48.79 -84.15 -29.38
N THR GC 189 49.42 -83.06 -28.97
CA THR GC 189 49.64 -81.92 -29.86
C THR GC 189 51.11 -81.66 -30.15
N HIS GC 190 52.01 -82.58 -29.84
CA HIS GC 190 53.43 -82.39 -30.08
C HIS GC 190 54.06 -83.73 -30.48
N ALA GC 191 55.20 -83.63 -31.16
CA ALA GC 191 55.85 -84.79 -31.77
C ALA GC 191 56.41 -85.76 -30.74
N SER GC 192 56.77 -85.26 -29.54
CA SER GC 192 57.14 -86.15 -28.45
C SER GC 192 55.90 -86.85 -27.91
N ASN GC 193 56.12 -87.93 -27.17
CA ASN GC 193 55.01 -88.62 -26.55
C ASN GC 193 55.19 -88.68 -25.03
N PRO GC 194 54.92 -87.60 -24.29
CA PRO GC 194 55.08 -87.65 -22.83
C PRO GC 194 53.87 -88.24 -22.12
N VAL GC 195 52.71 -88.25 -22.76
CA VAL GC 195 51.44 -88.45 -22.08
C VAL GC 195 51.27 -89.92 -21.73
N TYR GC 196 51.25 -90.21 -20.44
CA TYR GC 196 50.86 -91.52 -19.91
C TYR GC 196 49.52 -91.35 -19.18
N ALA GC 197 48.44 -91.46 -19.95
CA ALA GC 197 47.11 -91.20 -19.46
C ALA GC 197 46.40 -92.51 -19.15
N THR GC 198 46.10 -92.74 -17.87
CA THR GC 198 45.36 -93.90 -17.43
C THR GC 198 44.01 -93.44 -16.90
N LEU GC 199 42.94 -94.02 -17.42
CA LEU GC 199 41.60 -93.52 -17.19
C LEU GC 199 40.69 -94.65 -16.72
N LYS GC 200 39.88 -94.35 -15.71
CA LYS GC 200 38.84 -95.24 -15.24
C LYS GC 200 37.50 -94.74 -15.73
N ILE GC 201 36.81 -95.56 -16.53
CA ILE GC 201 35.65 -95.14 -17.28
C ILE GC 201 34.47 -96.00 -16.84
N ARG GC 202 33.64 -95.46 -15.95
CA ARG GC 202 32.43 -96.16 -15.54
C ARG GC 202 31.28 -95.85 -16.50
N ILE GC 203 30.63 -96.90 -16.99
CA ILE GC 203 29.34 -96.79 -17.64
C ILE GC 203 28.35 -97.59 -16.80
N TYR GC 204 27.36 -96.92 -16.22
CA TYR GC 204 26.25 -97.60 -15.59
C TYR GC 204 24.97 -97.24 -16.32
N PHE GC 205 24.14 -98.25 -16.57
CA PHE GC 205 23.02 -98.14 -17.49
C PHE GC 205 21.89 -99.09 -17.10
N PRO HC 16 16.01 -75.72 16.10
CA PRO HC 16 15.98 -75.20 14.73
C PRO HC 16 17.11 -75.75 13.85
N ASP HC 17 17.95 -76.61 14.41
CA ASP HC 17 19.12 -77.13 13.72
C ASP HC 17 19.10 -78.64 13.59
N ILE HC 18 18.72 -79.35 14.65
CA ILE HC 18 18.89 -80.80 14.76
C ILE HC 18 17.57 -81.55 14.56
N PRO HC 19 17.60 -82.73 13.94
CA PRO HC 19 16.38 -83.52 13.78
C PRO HC 19 16.16 -84.61 14.83
N ARG HC 20 17.06 -84.77 15.80
CA ARG HC 20 17.03 -85.95 16.66
C ARG HC 20 16.63 -85.65 18.10
N GLY HC 21 17.35 -84.77 18.80
CA GLY HC 21 17.13 -84.53 20.20
C GLY HC 21 17.73 -83.23 20.67
N CYS HC 22 17.13 -82.65 21.71
CA CYS HC 22 17.40 -81.29 22.16
C CYS HC 22 18.68 -81.16 22.99
N GLU HC 23 19.58 -82.15 22.93
CA GLU HC 23 20.91 -82.01 23.51
C GLU HC 23 21.69 -80.93 22.76
N GLY HC 24 22.70 -80.39 23.44
CA GLY HC 24 23.62 -79.46 22.82
C GLY HC 24 24.44 -80.16 21.76
N PRO HC 25 24.67 -79.48 20.62
CA PRO HC 25 25.48 -80.08 19.56
C PRO HC 25 26.95 -80.17 19.95
N CYS HC 26 27.27 -81.19 20.73
CA CYS HC 26 28.57 -81.28 21.39
C CYS HC 26 29.66 -81.66 20.40
N LYS HC 27 30.81 -81.02 20.52
CA LYS HC 27 31.93 -81.25 19.63
C LYS HC 27 32.80 -82.38 20.16
N VAL HC 28 33.15 -83.31 19.28
CA VAL HC 28 34.16 -84.33 19.54
C VAL HC 28 35.15 -84.25 18.38
N GLN HC 29 36.32 -83.70 18.64
CA GLN HC 29 37.27 -83.40 17.60
C GLN HC 29 38.38 -84.44 17.57
N SER HC 30 38.62 -84.99 16.39
CA SER HC 30 39.69 -85.97 16.17
C SER HC 30 40.82 -85.23 15.47
N PHE HC 31 41.63 -84.51 16.25
CA PHE HC 31 42.83 -83.92 15.70
C PHE HC 31 43.86 -85.00 15.43
N GLU HC 32 44.57 -84.86 14.32
CA GLU HC 32 45.73 -85.67 14.04
C GLU HC 32 46.93 -84.78 13.79
N GLN HC 33 48.09 -85.26 14.21
CA GLN HC 33 49.38 -84.73 13.78
C GLN HC 33 50.09 -85.95 13.22
N ARG HC 34 49.77 -86.25 11.96
CA ARG HC 34 50.15 -87.53 11.35
C ARG HC 34 50.66 -87.32 9.94
N ASP HC 35 50.80 -88.43 9.21
CA ASP HC 35 51.09 -88.43 7.79
C ASP HC 35 50.42 -89.64 7.18
N ASP HC 36 50.83 -90.01 5.98
CA ASP HC 36 50.32 -91.23 5.36
C ASP HC 36 51.47 -91.91 4.64
N VAL HC 37 51.12 -92.97 3.91
CA VAL HC 37 52.01 -93.59 2.93
C VAL HC 37 51.30 -93.48 1.60
N LYS HC 38 51.87 -94.08 0.55
CA LYS HC 38 51.20 -94.07 -0.75
C LYS HC 38 49.89 -94.85 -0.71
N HIS HC 39 49.88 -95.99 -0.01
CA HIS HC 39 48.73 -96.87 -0.06
C HIS HC 39 47.57 -96.35 0.80
N LEU HC 40 47.87 -95.96 2.04
CA LEU HC 40 46.77 -95.73 2.96
C LEU HC 40 47.14 -94.71 4.03
N GLY HC 41 46.18 -93.85 4.34
CA GLY HC 41 46.15 -93.17 5.62
C GLY HC 41 44.79 -93.43 6.23
N ILE HC 42 44.74 -94.20 7.31
CA ILE HC 42 43.48 -94.69 7.85
C ILE HC 42 43.13 -93.90 9.11
N CYS HC 43 41.87 -93.47 9.17
CA CYS HC 43 41.39 -92.67 10.30
C CYS HC 43 39.92 -93.03 10.54
N LYS HC 44 39.66 -93.88 11.52
CA LYS HC 44 38.31 -93.96 12.06
C LYS HC 44 38.05 -92.71 12.88
N VAL HC 45 37.11 -91.88 12.42
CA VAL HC 45 36.92 -90.56 13.01
C VAL HC 45 36.04 -90.63 14.25
N ILE HC 46 35.30 -91.73 14.41
CA ILE HC 46 34.35 -91.89 15.50
C ILE HC 46 34.96 -92.75 16.63
N SER HC 47 36.29 -92.78 16.70
CA SER HC 47 36.99 -93.81 17.48
C SER HC 47 36.91 -93.52 18.98
N ASP HC 48 37.40 -92.37 19.41
CA ASP HC 48 37.58 -92.07 20.83
C ASP HC 48 36.30 -91.59 21.52
N VAL HC 49 35.12 -91.86 20.97
CA VAL HC 49 33.88 -91.39 21.56
C VAL HC 49 33.38 -92.45 22.54
N THR HC 50 33.62 -92.23 23.82
CA THR HC 50 33.22 -93.14 24.88
C THR HC 50 32.08 -92.54 25.67
N ARG HC 51 31.43 -93.37 26.50
CA ARG HC 51 30.35 -92.89 27.35
C ARG HC 51 30.93 -92.07 28.50
N GLY HC 52 30.36 -90.89 28.71
CA GLY HC 52 30.78 -90.02 29.79
C GLY HC 52 29.92 -88.78 29.87
N PRO HC 53 30.04 -88.04 30.98
CA PRO HC 53 29.21 -86.83 31.14
C PRO HC 53 29.70 -85.64 30.35
N GLY HC 54 30.97 -85.61 29.94
CA GLY HC 54 31.51 -84.47 29.25
C GLY HC 54 31.02 -84.36 27.82
N LEU HC 55 31.32 -83.20 27.22
CA LEU HC 55 30.90 -82.96 25.84
C LEU HC 55 31.83 -83.59 24.82
N THR HC 56 32.97 -84.14 25.25
CA THR HC 56 33.79 -84.99 24.40
C THR HC 56 33.40 -86.46 24.51
N HIS HC 57 32.15 -86.74 24.84
CA HIS HC 57 31.68 -88.07 25.15
C HIS HC 57 30.31 -88.26 24.51
N ARG HC 58 29.61 -89.32 24.92
CA ARG HC 58 28.35 -89.69 24.30
C ARG HC 58 27.36 -90.17 25.36
N VAL HC 59 26.09 -90.11 25.01
CA VAL HC 59 25.00 -90.62 25.84
C VAL HC 59 24.31 -91.73 25.06
N GLY HC 60 24.45 -92.97 25.52
CA GLY HC 60 23.87 -94.10 24.84
C GLY HC 60 24.73 -94.65 23.74
N LYS HC 61 24.10 -95.09 22.65
CA LYS HC 61 24.84 -95.67 21.53
C LYS HC 61 24.26 -95.25 20.18
N ARG HC 62 23.57 -94.11 20.14
CA ARG HC 62 22.94 -93.61 18.92
C ARG HC 62 23.47 -92.22 18.61
N PHE HC 63 23.95 -92.05 17.39
CA PHE HC 63 24.46 -90.77 16.90
C PHE HC 63 23.61 -90.29 15.73
N CYS HC 64 23.63 -88.96 15.53
CA CYS HC 64 23.25 -88.35 14.26
C CYS HC 64 24.26 -87.23 14.03
N ILE HC 65 25.31 -87.55 13.28
CA ILE HC 65 26.36 -86.57 12.99
C ILE HC 65 25.78 -85.49 12.09
N LYS HC 66 25.75 -84.26 12.61
CA LYS HC 66 25.22 -83.14 11.84
C LYS HC 66 26.18 -82.76 10.72
N SER HC 67 27.45 -82.52 11.05
CA SER HC 67 28.41 -82.15 10.03
C SER HC 67 29.82 -82.52 10.48
N ILE HC 68 30.64 -82.90 9.51
CA ILE HC 68 32.08 -83.05 9.68
C ILE HC 68 32.74 -81.79 9.12
N TYR HC 69 33.53 -81.14 9.95
CA TYR HC 69 34.23 -79.90 9.59
C TYR HC 69 35.72 -80.20 9.53
N ILE HC 70 36.25 -80.30 8.32
CA ILE HC 70 37.62 -80.74 8.11
C ILE HC 70 38.50 -79.51 7.93
N LEU HC 71 39.32 -79.22 8.93
CA LEU HC 71 40.47 -78.35 8.76
C LEU HC 71 41.69 -79.18 8.43
N GLY HC 72 42.74 -78.51 7.97
CA GLY HC 72 43.96 -79.23 7.70
C GLY HC 72 44.96 -78.49 6.83
N LYS HC 73 46.24 -78.63 7.16
CA LYS HC 73 47.33 -78.12 6.36
C LYS HC 73 48.17 -79.29 5.88
N ILE HC 74 48.36 -79.37 4.56
CA ILE HC 74 48.99 -80.52 3.90
C ILE HC 74 50.28 -80.01 3.28
N TRP HC 75 51.42 -80.38 3.85
CA TRP HC 75 52.69 -79.86 3.39
C TRP HC 75 53.66 -80.98 3.06
N LEU HC 76 54.83 -80.56 2.56
CA LEU HC 76 56.00 -81.40 2.44
C LEU HC 76 57.26 -80.64 2.85
N ASP HC 77 57.14 -79.65 3.74
CA ASP HC 77 58.18 -78.64 3.94
C ASP HC 77 59.27 -79.13 4.92
N GLU HC 78 59.39 -80.44 5.09
CA GLU HC 78 60.61 -81.03 5.63
C GLU HC 78 61.76 -80.74 4.67
N THR HC 79 62.99 -80.74 5.18
CA THR HC 79 64.17 -80.39 4.38
C THR HC 79 64.52 -81.44 3.32
N ILE HC 80 63.81 -82.57 3.30
CA ILE HC 80 63.99 -83.63 2.32
C ILE HC 80 62.69 -83.64 1.52
N LYS HC 81 62.55 -84.57 0.57
CA LYS HC 81 61.39 -84.75 -0.30
C LYS HC 81 61.18 -83.56 -1.23
N LYS HC 82 62.28 -82.94 -1.67
CA LYS HC 82 62.27 -82.09 -2.84
C LYS HC 82 62.51 -82.86 -4.13
N GLN HC 83 63.26 -83.96 -4.09
CA GLN HC 83 63.32 -84.89 -5.21
C GLN HC 83 62.13 -85.84 -5.14
N ASN HC 84 61.90 -86.56 -6.26
CA ASN HC 84 60.78 -87.48 -6.47
C ASN HC 84 59.45 -86.77 -6.23
N HIS HC 85 59.37 -85.55 -6.74
CA HIS HC 85 58.35 -84.59 -6.32
C HIS HC 85 57.09 -84.60 -7.18
N THR HC 86 56.27 -83.55 -7.02
CA THR HC 86 54.97 -83.35 -7.66
C THR HC 86 53.96 -84.46 -7.35
N ASN HC 87 53.53 -84.57 -6.10
CA ASN HC 87 52.49 -85.51 -5.70
C ASN HC 87 51.25 -84.73 -5.29
N ASN HC 88 50.09 -85.37 -5.35
CA ASN HC 88 48.85 -84.77 -4.92
C ASN HC 88 48.07 -85.71 -4.00
N VAL HC 89 47.12 -85.15 -3.26
CA VAL HC 89 46.38 -85.88 -2.23
C VAL HC 89 44.93 -85.93 -2.63
N ILE HC 90 44.36 -87.13 -2.67
CA ILE HC 90 42.94 -87.32 -2.91
C ILE HC 90 42.32 -87.82 -1.60
N PHE HC 91 41.32 -87.11 -1.10
CA PHE HC 91 40.66 -87.53 0.12
C PHE HC 91 39.44 -88.39 -0.18
N TYR HC 92 39.11 -89.25 0.78
CA TYR HC 92 37.97 -90.16 0.64
C TYR HC 92 37.23 -90.19 1.96
N LEU HC 93 35.95 -89.82 1.93
CA LEU HC 93 35.09 -89.83 3.10
C LEU HC 93 33.97 -90.81 2.81
N LEU HC 94 34.03 -91.99 3.42
CA LEU HC 94 33.17 -93.11 3.04
C LEU HC 94 32.10 -93.34 4.08
N ARG HC 95 30.90 -93.70 3.63
CA ARG HC 95 29.85 -94.18 4.52
C ARG HC 95 29.98 -95.70 4.60
N ASP HC 96 30.43 -96.21 5.75
CA ASP HC 96 30.64 -97.63 5.95
C ASP HC 96 29.34 -98.31 6.35
N ARG HC 97 29.23 -99.59 6.02
CA ARG HC 97 28.02 -100.37 6.29
C ARG HC 97 28.17 -101.34 7.46
N ARG HC 98 29.40 -101.85 7.70
CA ARG HC 98 29.60 -102.84 8.74
C ARG HC 98 31.04 -102.77 9.21
N PRO HC 99 31.31 -103.04 10.49
CA PRO HC 99 32.70 -103.09 10.95
C PRO HC 99 33.26 -104.50 11.00
N TYR HC 100 34.58 -104.62 11.13
CA TYR HC 100 35.23 -105.87 11.53
C TYR HC 100 36.35 -105.51 12.50
N GLY HC 101 36.00 -105.41 13.79
CA GLY HC 101 36.97 -105.09 14.83
C GLY HC 101 37.64 -103.74 14.65
N ASN HC 102 38.90 -103.78 14.24
CA ASN HC 102 39.67 -102.59 13.90
C ASN HC 102 39.32 -102.11 12.48
N ALA HC 103 40.13 -101.20 11.95
CA ALA HC 103 39.89 -100.69 10.61
C ALA HC 103 40.33 -101.70 9.57
N PRO HC 104 39.57 -101.85 8.48
CA PRO HC 104 39.97 -102.79 7.43
C PRO HC 104 41.07 -102.24 6.54
N GLN HC 105 41.41 -102.99 5.49
CA GLN HC 105 42.43 -102.56 4.54
C GLN HC 105 41.92 -101.39 3.70
N ASP HC 106 42.85 -100.76 2.97
CA ASP HC 106 42.47 -99.79 1.96
C ASP HC 106 42.66 -100.34 0.55
N PHE HC 107 43.88 -100.75 0.19
CA PHE HC 107 44.15 -101.18 -1.17
C PHE HC 107 43.51 -102.53 -1.48
N GLY HC 108 43.28 -103.34 -0.45
CA GLY HC 108 42.50 -104.55 -0.61
C GLY HC 108 41.01 -104.35 -0.46
N GLN HC 109 40.56 -103.12 -0.21
CA GLN HC 109 39.14 -102.82 -0.07
C GLN HC 109 38.61 -101.95 -1.20
N ILE HC 110 39.20 -100.78 -1.45
CA ILE HC 110 38.89 -100.07 -2.67
C ILE HC 110 39.63 -100.72 -3.82
N PHE HC 111 39.08 -100.53 -5.04
CA PHE HC 111 39.28 -101.50 -6.12
C PHE HC 111 40.67 -101.40 -6.76
N ASN HC 112 41.01 -100.26 -7.35
CA ASN HC 112 42.16 -100.22 -8.24
C ASN HC 112 43.16 -99.19 -7.71
N MET HC 113 44.21 -98.95 -8.49
CA MET HC 113 45.35 -98.15 -8.03
C MET HC 113 45.04 -96.65 -8.10
N PHE HC 114 44.57 -96.13 -6.97
CA PHE HC 114 44.64 -94.75 -6.48
C PHE HC 114 43.71 -93.79 -7.23
N ASP HC 115 43.04 -94.23 -8.29
CA ASP HC 115 41.95 -93.50 -8.92
C ASP HC 115 40.83 -94.49 -9.16
N ASN HC 116 39.95 -94.64 -8.17
CA ASN HC 116 39.07 -95.79 -8.15
C ASN HC 116 37.81 -95.51 -7.35
N GLU HC 117 37.08 -96.58 -7.07
CA GLU HC 117 35.85 -96.69 -6.32
C GLU HC 117 35.99 -97.91 -5.43
N PRO HC 118 35.08 -98.18 -4.49
CA PRO HC 118 35.09 -99.47 -3.80
C PRO HC 118 34.79 -100.62 -4.76
N SER HC 119 35.21 -101.81 -4.36
CA SER HC 119 35.10 -102.99 -5.20
C SER HC 119 33.64 -103.43 -5.36
N THR HC 120 33.39 -104.26 -6.37
CA THR HC 120 32.04 -104.73 -6.66
C THR HC 120 31.52 -105.67 -5.58
N ALA HC 121 32.40 -106.37 -4.87
CA ALA HC 121 31.98 -107.27 -3.81
C ALA HC 121 31.89 -106.60 -2.45
N THR HC 122 32.10 -105.28 -2.38
CA THR HC 122 32.17 -104.57 -1.12
C THR HC 122 31.03 -103.58 -0.90
N ILE HC 123 30.18 -103.37 -1.90
CA ILE HC 123 29.12 -102.36 -1.78
C ILE HC 123 28.01 -102.86 -0.86
N PHE HC 131 31.42 -100.64 0.24
CA PHE HC 131 31.02 -99.64 1.23
C PHE HC 131 30.64 -98.36 0.49
N GLN HC 132 29.69 -97.61 1.04
CA GLN HC 132 29.23 -96.42 0.35
C GLN HC 132 30.25 -95.29 0.49
N VAL HC 133 30.17 -94.35 -0.44
CA VAL HC 133 31.04 -93.19 -0.52
C VAL HC 133 30.16 -91.98 -0.21
N LEU HC 134 30.75 -90.93 0.38
CA LEU HC 134 30.04 -89.67 0.42
C LEU HC 134 30.59 -88.65 -0.57
N ARG HC 135 31.85 -88.22 -0.43
CA ARG HC 135 32.47 -87.29 -1.36
C ARG HC 135 33.98 -87.50 -1.39
N LYS HC 136 34.65 -86.69 -2.22
CA LYS HC 136 36.10 -86.67 -2.38
C LYS HC 136 36.61 -85.25 -2.21
N PHE HC 137 37.93 -85.10 -2.17
CA PHE HC 137 38.56 -83.78 -2.14
C PHE HC 137 39.85 -83.83 -2.95
N HIS HC 138 40.53 -82.69 -3.03
CA HIS HC 138 41.80 -82.56 -3.74
C HIS HC 138 42.76 -81.72 -2.93
N ALA HC 139 44.05 -82.02 -3.07
CA ALA HC 139 45.12 -81.22 -2.49
C ALA HC 139 46.37 -81.51 -3.29
N THR HC 140 46.93 -80.49 -3.95
CA THR HC 140 48.04 -80.65 -4.89
C THR HC 140 49.24 -79.89 -4.38
N VAL HC 141 50.26 -80.63 -3.92
CA VAL HC 141 51.48 -80.02 -3.41
C VAL HC 141 52.64 -80.39 -4.33
N VAL HC 142 53.02 -79.45 -5.20
CA VAL HC 142 54.04 -79.73 -6.20
C VAL HC 142 55.29 -78.87 -5.93
N GLY HC 143 56.29 -79.45 -5.27
CA GLY HC 143 57.49 -78.70 -4.99
C GLY HC 143 58.78 -79.44 -5.25
N GLY HC 144 59.58 -78.96 -6.21
CA GLY HC 144 60.84 -79.62 -6.51
C GLY HC 144 62.04 -78.76 -6.14
N LEU HC 145 62.68 -78.17 -7.15
CA LEU HC 145 63.82 -77.29 -6.92
C LEU HC 145 63.67 -76.05 -7.79
N TYR HC 146 64.47 -75.04 -7.46
CA TYR HC 146 64.67 -73.77 -8.17
C TYR HC 146 63.43 -72.89 -8.28
N CYS HC 147 62.30 -73.22 -7.68
CA CYS HC 147 61.41 -72.12 -7.31
C CYS HC 147 61.06 -72.18 -5.81
N MET HC 148 60.65 -73.32 -5.20
CA MET HC 148 59.93 -74.48 -5.75
C MET HC 148 58.45 -74.18 -5.55
N LYS HC 149 57.68 -74.15 -6.63
CA LYS HC 149 56.36 -73.54 -6.53
C LYS HC 149 55.25 -74.58 -6.37
N GLU HC 150 55.14 -75.08 -5.14
CA GLU HC 150 53.94 -75.23 -4.31
C GLU HC 150 54.31 -75.90 -3.00
N GLN HC 151 53.50 -75.66 -1.97
CA GLN HC 151 53.72 -76.10 -0.59
C GLN HC 151 52.39 -76.17 0.13
N ALA HC 152 52.46 -76.07 1.46
CA ALA HC 152 51.37 -76.21 2.43
C ALA HC 152 50.10 -75.48 1.99
N LEU HC 153 49.03 -76.26 1.78
CA LEU HC 153 47.74 -75.72 1.39
C LEU HC 153 46.77 -75.85 2.55
N VAL HC 154 45.82 -74.91 2.65
CA VAL HC 154 44.84 -74.94 3.72
C VAL HC 154 43.48 -75.35 3.15
N LYS HC 155 42.83 -76.30 3.79
CA LYS HC 155 41.54 -76.81 3.33
C LYS HC 155 40.53 -76.76 4.47
N ARG HC 156 39.44 -76.02 4.28
CA ARG HC 156 38.31 -76.03 5.20
C ARG HC 156 37.05 -76.41 4.43
N PHE HC 157 36.21 -77.24 5.04
CA PHE HC 157 35.00 -77.75 4.37
C PHE HC 157 33.91 -78.01 5.39
N TYR HC 158 32.78 -77.31 5.25
CA TYR HC 158 31.53 -77.81 5.79
C TYR HC 158 31.10 -79.04 5.01
N ARG HC 159 30.60 -80.06 5.72
CA ARG HC 159 30.18 -81.29 5.05
C ARG HC 159 29.11 -81.96 5.92
N LEU HC 160 27.84 -81.82 5.52
CA LEU HC 160 26.73 -82.37 6.27
C LEU HC 160 26.62 -83.88 6.05
N ASN HC 161 26.29 -84.62 7.11
CA ASN HC 161 26.26 -86.08 7.07
C ASN HC 161 25.09 -86.55 7.93
N HIS HC 162 25.09 -87.83 8.29
CA HIS HC 162 23.93 -88.45 8.95
C HIS HC 162 24.40 -89.50 9.97
N HIS HC 163 23.48 -90.35 10.38
CA HIS HC 163 23.49 -91.05 11.67
C HIS HC 163 24.52 -92.18 11.73
N VAL HC 164 24.91 -92.51 12.96
CA VAL HC 164 25.89 -93.54 13.30
C VAL HC 164 25.36 -94.28 14.52
N THR HC 165 25.55 -95.62 14.55
CA THR HC 165 25.14 -96.42 15.69
C THR HC 165 26.36 -97.17 16.24
N TYR HC 166 26.44 -97.27 17.57
CA TYR HC 166 27.37 -98.19 18.22
C TYR HC 166 26.64 -99.45 18.68
N ASN HC 167 27.38 -100.56 18.68
CA ASN HC 167 26.78 -101.84 19.07
C ASN HC 167 26.69 -101.97 20.59
N HIS HC 168 27.84 -101.98 21.25
CA HIS HC 168 27.87 -102.25 22.68
C HIS HC 168 27.53 -100.98 23.47
N GLN HC 169 27.14 -101.19 24.73
CA GLN HC 169 26.84 -100.11 25.66
C GLN HC 169 28.03 -99.76 26.53
N GLU HC 170 29.24 -100.05 26.03
CA GLU HC 170 30.48 -99.81 26.75
C GLU HC 170 30.89 -98.35 26.64
N ALA HC 171 31.85 -97.97 27.48
CA ALA HC 171 32.57 -96.71 27.31
C ALA HC 171 33.86 -96.97 26.50
N GLY HC 172 33.67 -97.57 25.34
CA GLY HC 172 34.76 -98.14 24.58
C GLY HC 172 35.13 -97.33 23.34
N LYS HC 173 36.18 -97.81 22.68
CA LYS HC 173 36.76 -97.18 21.51
C LYS HC 173 36.10 -97.74 20.25
N TYR HC 174 36.73 -97.55 19.09
CA TYR HC 174 36.20 -97.90 17.77
C TYR HC 174 35.92 -99.39 17.55
N GLU HC 175 36.30 -100.27 18.48
CA GLU HC 175 36.22 -101.70 18.22
C GLU HC 175 34.79 -102.22 18.28
N ASN HC 176 33.91 -101.57 19.02
CA ASN HC 176 32.56 -102.09 19.26
C ASN HC 176 31.50 -101.44 18.36
N HIS HC 177 31.85 -101.17 17.10
CA HIS HC 177 30.92 -100.54 16.18
C HIS HC 177 29.86 -101.52 15.69
N THR HC 178 28.94 -100.99 14.89
CA THR HC 178 27.91 -101.75 14.17
C THR HC 178 27.64 -101.01 12.86
N GLU HC 179 26.46 -101.24 12.28
CA GLU HC 179 26.01 -100.61 11.05
C GLU HC 179 26.14 -99.08 11.09
N ASN HC 180 26.37 -98.51 9.90
CA ASN HC 180 26.50 -97.07 9.63
C ASN HC 180 27.67 -96.46 10.42
N ALA HC 181 28.86 -96.95 10.08
CA ALA HC 181 30.09 -96.27 10.45
C ALA HC 181 30.49 -95.32 9.34
N LEU HC 182 31.47 -94.47 9.62
CA LEU HC 182 32.04 -93.57 8.63
C LEU HC 182 33.44 -93.19 9.06
N LEU HC 183 34.34 -93.10 8.08
CA LEU HC 183 35.76 -92.89 8.37
C LEU HC 183 36.43 -92.31 7.13
N LEU HC 184 37.73 -92.08 7.23
CA LEU HC 184 38.50 -91.42 6.18
C LEU HC 184 39.59 -92.32 5.63
N TYR HC 185 39.91 -92.12 4.36
CA TYR HC 185 41.13 -92.65 3.75
C TYR HC 185 41.82 -91.51 3.01
N MET HC 186 43.14 -91.46 3.13
CA MET HC 186 43.96 -90.50 2.40
C MET HC 186 44.89 -91.26 1.48
N ALA HC 187 45.10 -90.73 0.28
CA ALA HC 187 45.84 -91.46 -0.76
C ALA HC 187 46.88 -90.55 -1.39
N CYS HC 188 48.10 -91.07 -1.51
CA CYS HC 188 49.16 -90.45 -2.28
C CYS HC 188 49.28 -91.15 -3.63
N THR HC 189 49.80 -90.43 -4.62
CA THR HC 189 49.83 -90.92 -5.99
C THR HC 189 51.23 -91.15 -6.53
N HIS HC 190 52.25 -91.17 -5.68
CA HIS HC 190 53.62 -91.39 -6.12
C HIS HC 190 54.37 -92.21 -5.07
N ALA HC 191 55.44 -92.87 -5.52
CA ALA HC 191 56.17 -93.82 -4.70
C ALA HC 191 56.91 -93.16 -3.55
N SER HC 192 57.30 -91.90 -3.69
CA SER HC 192 57.83 -91.15 -2.57
C SER HC 192 56.72 -90.84 -1.57
N ASN HC 193 57.13 -90.47 -0.35
CA ASN HC 193 56.14 -90.06 0.64
C ASN HC 193 56.43 -88.66 1.14
N PRO HC 194 56.09 -87.60 0.39
CA PRO HC 194 56.37 -86.24 0.88
C PRO HC 194 55.29 -85.72 1.81
N VAL HC 195 54.09 -86.30 1.77
CA VAL HC 195 52.90 -85.68 2.34
C VAL HC 195 52.93 -85.81 3.86
N TYR HC 196 53.03 -84.67 4.54
CA TYR HC 196 52.83 -84.58 5.97
C TYR HC 196 51.55 -83.79 6.23
N ALA HC 197 50.44 -84.52 6.23
CA ALA HC 197 49.10 -83.94 6.32
C ALA HC 197 48.58 -84.04 7.73
N THR HC 198 48.40 -82.89 8.39
CA THR HC 198 47.83 -82.82 9.71
C THR HC 198 46.48 -82.13 9.63
N LEU HC 199 45.44 -82.78 10.14
CA LEU HC 199 44.08 -82.35 9.93
C LEU HC 199 43.34 -82.24 11.25
N LYS HC 200 42.58 -81.17 11.40
CA LYS HC 200 41.68 -80.98 12.52
C LYS HC 200 40.26 -81.25 12.07
N ILE HC 201 39.62 -82.24 12.68
CA ILE HC 201 38.35 -82.78 12.20
C ILE HC 201 37.32 -82.61 13.31
N ARG HC 202 36.51 -81.57 13.19
CA ARG HC 202 35.41 -81.36 14.13
C ARG HC 202 34.18 -82.13 13.69
N ILE HC 203 33.62 -82.92 14.61
CA ILE HC 203 32.27 -83.46 14.47
C ILE HC 203 31.45 -82.88 15.62
N TYR HC 204 30.43 -82.10 15.29
CA TYR HC 204 29.45 -81.68 16.28
C TYR HC 204 28.09 -82.22 15.89
N PHE HC 205 27.37 -82.75 16.87
CA PHE HC 205 26.18 -83.55 16.63
C PHE HC 205 25.20 -83.46 17.79
N PRO IC 16 13.65 -73.42 -36.66
CA PRO IC 16 13.76 -73.01 -35.25
C PRO IC 16 15.08 -72.33 -34.92
N ASP IC 17 15.96 -72.19 -35.91
CA ASP IC 17 17.29 -71.65 -35.70
C ASP IC 17 17.54 -70.39 -36.52
N ILE IC 18 17.13 -70.39 -37.78
CA ILE IC 18 17.52 -69.36 -38.76
C ILE IC 18 16.40 -68.36 -39.02
N PRO IC 19 16.72 -67.08 -39.25
CA PRO IC 19 15.70 -66.10 -39.58
C PRO IC 19 15.51 -65.82 -41.06
N ARG IC 20 16.26 -66.48 -41.95
CA ARG IC 20 16.29 -66.07 -43.36
C ARG IC 20 15.61 -67.05 -44.30
N GLY IC 21 16.05 -68.31 -44.33
CA GLY IC 21 15.57 -69.27 -45.30
C GLY IC 21 15.87 -70.69 -44.89
N CYS IC 22 15.02 -71.61 -45.36
CA CYS IC 22 14.98 -73.00 -44.89
C CYS IC 22 16.07 -73.87 -45.50
N GLU IC 23 17.12 -73.29 -46.08
CA GLU IC 23 18.30 -74.03 -46.48
C GLU IC 23 19.00 -74.62 -45.25
N GLY IC 24 19.78 -75.66 -45.48
CA GLY IC 24 20.61 -76.23 -44.45
C GLY IC 24 21.70 -75.25 -44.04
N PRO IC 25 21.99 -75.17 -42.74
CA PRO IC 25 23.06 -74.26 -42.28
C PRO IC 25 24.43 -74.77 -42.69
N CYS IC 26 24.79 -74.52 -43.94
CA CYS IC 26 25.97 -75.13 -44.54
C CYS IC 26 27.25 -74.50 -44.02
N LYS IC 27 28.25 -75.33 -43.75
CA LYS IC 27 29.52 -74.89 -43.20
C LYS IC 27 30.46 -74.53 -44.34
N VAL IC 28 31.10 -73.36 -44.21
CA VAL IC 28 32.21 -72.97 -45.06
C VAL IC 28 33.34 -72.57 -44.14
N GLN IC 29 34.35 -73.43 -44.02
CA GLN IC 29 35.40 -73.25 -43.04
C GLN IC 29 36.65 -72.68 -43.68
N SER IC 30 37.21 -71.64 -43.04
CA SER IC 30 38.43 -70.99 -43.48
C SER IC 30 39.52 -71.42 -42.52
N PHE IC 31 40.06 -72.61 -42.74
CA PHE IC 31 41.23 -73.03 -41.98
C PHE IC 31 42.46 -72.24 -42.44
N GLU IC 32 43.29 -71.88 -41.48
CA GLU IC 32 44.59 -71.33 -41.77
C GLU IC 32 45.66 -72.15 -41.07
N GLN IC 33 46.81 -72.28 -41.74
CA GLN IC 33 48.04 -72.74 -41.10
C GLN IC 33 49.02 -71.60 -41.39
N ARG IC 34 48.96 -70.57 -40.55
CA ARG IC 34 49.62 -69.31 -40.83
C ARG IC 34 50.31 -68.77 -39.59
N ASP IC 35 50.72 -67.52 -39.66
CA ASP IC 35 51.24 -66.76 -38.53
C ASP IC 35 50.86 -65.31 -38.74
N ASP IC 36 51.52 -64.42 -38.01
CA ASP IC 36 51.31 -62.99 -38.21
C ASP IC 36 52.65 -62.28 -38.06
N VAL IC 37 52.59 -60.96 -38.10
CA VAL IC 37 53.71 -60.11 -37.72
C VAL IC 37 53.20 -59.27 -36.55
N LYS IC 38 54.02 -58.32 -36.07
CA LYS IC 38 53.57 -57.44 -35.00
C LYS IC 38 52.42 -56.56 -35.46
N HIS IC 39 52.47 -56.05 -36.69
CA HIS IC 39 51.49 -55.07 -37.15
C HIS IC 39 50.16 -55.73 -37.49
N LEU IC 40 50.19 -56.81 -38.26
CA LEU IC 40 48.94 -57.28 -38.84
C LEU IC 40 48.97 -58.77 -39.11
N GLY IC 41 47.85 -59.42 -38.82
CA GLY IC 41 47.51 -60.68 -39.44
C GLY IC 41 46.13 -60.53 -40.05
N ILE IC 42 46.05 -60.53 -41.38
CA ILE IC 42 44.81 -60.17 -42.06
C ILE IC 42 44.14 -61.44 -42.60
N CYS IC 43 42.84 -61.53 -42.35
CA CYS IC 43 42.07 -62.69 -42.77
C CYS IC 43 40.66 -62.24 -43.14
N LYS IC 44 40.40 -62.06 -44.42
CA LYS IC 44 39.00 -62.02 -44.86
C LYS IC 44 38.42 -63.41 -44.78
N VAL IC 45 37.45 -63.61 -43.92
CA VAL IC 45 36.96 -64.94 -43.59
C VAL IC 45 35.93 -65.39 -44.61
N ILE IC 46 35.36 -64.45 -45.37
CA ILE IC 46 34.29 -64.74 -46.31
C ILE IC 46 34.84 -64.83 -47.73
N SER IC 47 36.14 -65.14 -47.87
CA SER IC 47 36.85 -64.93 -49.12
C SER IC 47 36.50 -65.98 -50.16
N ASP IC 48 36.73 -67.25 -49.85
CA ASP IC 48 36.62 -68.34 -50.82
C ASP IC 48 35.20 -68.83 -51.06
N VAL IC 49 34.18 -68.04 -50.73
CA VAL IC 49 32.80 -68.48 -50.88
C VAL IC 49 32.33 -68.08 -52.27
N THR IC 50 32.33 -69.04 -53.21
CA THR IC 50 31.92 -68.83 -54.58
C THR IC 50 30.58 -69.51 -54.82
N ARG IC 51 29.96 -69.18 -55.96
CA ARG IC 51 28.70 -69.80 -56.33
C ARG IC 51 28.94 -71.23 -56.81
N GLY IC 52 28.18 -72.17 -56.25
CA GLY IC 52 28.29 -73.56 -56.62
C GLY IC 52 27.23 -74.40 -55.93
N PRO IC 53 27.05 -75.64 -56.39
CA PRO IC 53 26.03 -76.50 -55.78
C PRO IC 53 26.44 -77.11 -54.46
N GLY IC 54 27.74 -77.19 -54.17
CA GLY IC 54 28.19 -77.82 -52.94
C GLY IC 54 27.92 -76.98 -51.70
N LEU IC 55 28.12 -77.61 -50.55
CA LEU IC 55 27.89 -76.94 -49.27
C LEU IC 55 29.06 -76.06 -48.86
N THR IC 56 30.18 -76.12 -49.56
CA THR IC 56 31.27 -75.14 -49.41
C THR IC 56 31.10 -73.96 -50.36
N HIS IC 57 29.87 -73.65 -50.73
CA HIS IC 57 29.57 -72.66 -51.76
C HIS IC 57 28.36 -71.85 -51.31
N ARG IC 58 27.79 -71.09 -52.24
CA ARG IC 58 26.70 -70.17 -51.91
C ARG IC 58 25.66 -70.16 -53.03
N VAL IC 59 24.46 -69.73 -52.66
CA VAL IC 59 23.35 -69.56 -53.59
C VAL IC 59 22.98 -68.08 -53.59
N GLY IC 60 23.25 -67.41 -54.70
CA GLY IC 60 22.96 -65.99 -54.81
C GLY IC 60 24.06 -65.11 -54.26
N LYS IC 61 23.69 -64.00 -53.62
CA LYS IC 61 24.67 -63.07 -53.09
C LYS IC 61 24.26 -62.51 -51.73
N ARG IC 62 23.40 -63.24 -51.00
CA ARG IC 62 22.90 -62.80 -49.71
C ARG IC 62 23.24 -63.84 -48.65
N PHE IC 63 23.88 -63.39 -47.58
CA PHE IC 63 24.24 -64.24 -46.45
C PHE IC 63 23.53 -63.77 -45.19
N CYS IC 64 23.35 -64.70 -44.27
CA CYS IC 64 23.08 -64.37 -42.87
C CYS IC 64 23.92 -65.35 -42.05
N ILE IC 65 25.12 -64.90 -41.67
CA ILE IC 65 26.02 -65.72 -40.88
C ILE IC 65 25.43 -65.95 -39.50
N LYS IC 66 25.12 -67.21 -39.19
CA LYS IC 66 24.54 -67.54 -37.89
C LYS IC 66 25.59 -67.40 -36.80
N SER IC 67 26.73 -68.06 -36.95
CA SER IC 67 27.76 -67.98 -35.94
C SER IC 67 29.12 -68.26 -36.56
N ILE IC 68 30.14 -67.58 -36.04
CA ILE IC 68 31.54 -67.88 -36.30
C ILE IC 68 32.07 -68.69 -35.13
N TYR IC 69 32.60 -69.87 -35.43
CA TYR IC 69 33.14 -70.79 -34.43
C TYR IC 69 34.65 -70.85 -34.60
N ILE IC 70 35.37 -70.19 -33.70
CA ILE IC 70 36.81 -70.03 -33.83
C ILE IC 70 37.49 -71.09 -32.97
N LEU IC 71 38.10 -72.08 -33.64
CA LEU IC 71 39.10 -72.93 -33.02
C LEU IC 71 40.48 -72.35 -33.29
N GLY IC 72 41.46 -72.85 -32.55
CA GLY IC 72 42.81 -72.39 -32.79
C GLY IC 72 43.80 -72.69 -31.68
N LYS IC 73 45.01 -73.06 -32.08
CA LYS IC 73 46.13 -73.25 -31.15
C LYS IC 73 47.21 -72.23 -31.48
N ILE IC 74 47.61 -71.46 -30.47
CA ILE IC 74 48.51 -70.32 -30.65
C ILE IC 74 49.78 -70.64 -29.88
N TRP IC 75 50.86 -70.93 -30.60
CA TRP IC 75 52.09 -71.37 -29.95
C TRP IC 75 53.26 -70.50 -30.38
N LEU IC 76 54.41 -70.80 -29.77
CA LEU IC 76 55.71 -70.34 -30.20
C LEU IC 76 56.76 -71.44 -30.12
N ASP IC 77 56.35 -72.71 -30.24
CA ASP IC 77 57.16 -73.85 -29.85
C ASP IC 77 58.14 -74.26 -30.94
N GLU IC 78 58.45 -73.35 -31.87
CA GLU IC 78 59.65 -73.47 -32.68
C GLU IC 78 60.87 -73.39 -31.78
N THR IC 79 61.99 -73.97 -32.23
CA THR IC 79 63.21 -74.04 -31.41
C THR IC 79 63.89 -72.69 -31.18
N ILE IC 80 63.37 -71.63 -31.81
CA ILE IC 80 63.89 -70.27 -31.66
C ILE IC 80 62.73 -69.52 -30.99
N LYS IC 81 62.89 -68.20 -30.77
CA LYS IC 81 61.93 -67.30 -30.14
C LYS IC 81 61.68 -67.66 -28.68
N LYS IC 82 62.72 -68.14 -28.00
CA LYS IC 82 62.74 -68.14 -26.54
C LYS IC 82 63.30 -66.86 -25.97
N GLN IC 83 64.21 -66.17 -26.67
CA GLN IC 83 64.59 -64.81 -26.32
C GLN IC 83 63.57 -63.83 -26.91
N ASN IC 84 63.64 -62.57 -26.44
CA ASN IC 84 62.72 -61.48 -26.77
C ASN IC 84 61.28 -61.88 -26.50
N HIS IC 85 61.08 -62.55 -25.37
CA HIS IC 85 59.87 -63.32 -25.11
C HIS IC 85 58.77 -62.53 -24.39
N THR IC 86 57.78 -63.26 -23.87
CA THR IC 86 56.57 -62.77 -23.20
C THR IC 86 55.72 -61.85 -24.07
N ASN IC 87 55.14 -62.39 -25.14
CA ASN IC 87 54.21 -61.64 -25.99
C ASN IC 87 52.80 -62.23 -25.81
N ASN IC 88 51.79 -61.43 -26.11
CA ASN IC 88 50.40 -61.87 -26.06
C ASN IC 88 49.67 -61.48 -27.34
N VAL IC 89 48.54 -62.13 -27.58
CA VAL IC 89 47.78 -61.99 -28.81
C VAL IC 89 46.43 -61.40 -28.47
N ILE IC 90 46.07 -60.31 -29.15
CA ILE IC 90 44.75 -59.70 -29.03
C ILE IC 90 44.03 -59.92 -30.35
N PHE IC 91 42.86 -60.55 -30.30
CA PHE IC 91 42.10 -60.78 -31.51
C PHE IC 91 41.10 -59.64 -31.75
N TYR IC 92 40.76 -59.44 -33.02
CA TYR IC 92 39.83 -58.40 -33.42
C TYR IC 92 38.90 -58.97 -34.48
N LEU IC 93 37.60 -58.95 -34.18
CA LEU IC 93 36.59 -59.43 -35.12
C LEU IC 93 35.70 -58.24 -35.43
N LEU IC 94 35.85 -57.68 -36.62
CA LEU IC 94 35.26 -56.38 -36.94
C LEU IC 94 34.07 -56.56 -37.90
N ARG IC 95 33.04 -55.75 -37.70
CA ARG IC 95 31.96 -55.65 -38.69
C ARG IC 95 32.32 -54.53 -39.65
N ASP IC 96 32.66 -54.88 -40.88
CA ASP IC 96 33.06 -53.92 -41.89
C ASP IC 96 31.84 -53.33 -42.58
N ARG IC 97 32.00 -52.10 -43.08
CA ARG IC 97 30.90 -51.39 -43.72
C ARG IC 97 31.03 -51.31 -45.23
N ARG IC 98 32.26 -51.32 -45.71
CA ARG IC 98 32.46 -51.17 -47.14
C ARG IC 98 33.78 -51.81 -47.52
N PRO IC 99 33.88 -52.37 -48.72
CA PRO IC 99 35.18 -52.91 -49.17
C PRO IC 99 35.93 -51.94 -50.06
N TYR IC 100 37.22 -52.22 -50.28
CA TYR IC 100 37.98 -51.59 -51.37
C TYR IC 100 38.87 -52.69 -51.97
N GLY IC 101 38.32 -53.41 -52.94
CA GLY IC 101 39.04 -54.47 -53.62
C GLY IC 101 39.51 -55.58 -52.70
N ASN IC 102 40.82 -55.60 -52.44
CA ASN IC 102 41.42 -56.52 -51.49
C ASN IC 102 41.23 -56.01 -50.06
N ALA IC 103 41.96 -56.62 -49.11
CA ALA IC 103 41.84 -56.21 -47.72
C ALA IC 103 42.60 -54.90 -47.49
N PRO IC 104 42.06 -54.00 -46.68
CA PRO IC 104 42.76 -52.74 -46.39
C PRO IC 104 43.88 -52.91 -45.39
N GLN IC 105 44.50 -51.80 -44.99
CA GLN IC 105 45.57 -51.82 -44.01
C GLN IC 105 45.02 -52.17 -42.63
N ASP IC 106 45.94 -52.45 -41.70
CA ASP IC 106 45.58 -52.56 -40.29
C ASP IC 106 46.06 -51.36 -39.48
N PHE IC 107 47.37 -51.11 -39.48
CA PHE IC 107 47.92 -50.06 -38.64
C PHE IC 107 47.55 -48.67 -39.16
N GLY IC 108 47.30 -48.56 -40.46
CA GLY IC 108 46.75 -47.35 -41.02
C GLY IC 108 45.25 -47.26 -40.99
N GLN IC 109 44.58 -48.27 -40.44
CA GLN IC 109 43.13 -48.27 -40.33
C GLN IC 109 42.65 -48.20 -38.89
N ILE IC 110 43.07 -49.12 -38.01
CA ILE IC 110 42.84 -48.92 -36.59
C ILE IC 110 43.85 -47.90 -36.07
N PHE IC 111 43.46 -47.20 -35.02
CA PHE IC 111 43.98 -45.87 -34.73
C PHE IC 111 45.41 -45.89 -34.20
N ASN IC 112 45.66 -46.52 -33.06
CA ASN IC 112 46.91 -46.30 -32.36
C ASN IC 112 47.62 -47.63 -32.19
N MET IC 113 48.73 -47.62 -31.45
CA MET IC 113 49.65 -48.75 -31.38
C MET IC 113 49.11 -49.82 -30.43
N PHE IC 114 48.39 -50.78 -31.02
CA PHE IC 114 48.16 -52.17 -30.60
C PHE IC 114 47.21 -52.29 -29.40
N ASP IC 115 46.81 -51.19 -28.78
CA ASP IC 115 45.71 -51.16 -27.81
C ASP IC 115 44.82 -49.99 -28.18
N ASN IC 116 43.84 -50.25 -29.03
CA ASN IC 116 43.16 -49.16 -29.71
C ASN IC 116 41.76 -49.56 -30.14
N GLU IC 117 41.19 -48.71 -30.99
CA GLU IC 117 39.88 -48.80 -31.62
C GLU IC 117 40.08 -48.37 -33.06
N PRO IC 118 39.09 -48.50 -33.95
CA PRO IC 118 39.20 -47.86 -35.26
C PRO IC 118 39.24 -46.34 -35.17
N SER IC 119 39.78 -45.72 -36.21
CA SER IC 119 40.00 -44.28 -36.23
C SER IC 119 38.67 -43.53 -36.33
N THR IC 120 38.72 -42.25 -35.99
CA THR IC 120 37.53 -41.40 -36.00
C THR IC 120 36.99 -41.16 -37.41
N ALA IC 121 37.86 -41.21 -38.42
CA ALA IC 121 37.43 -41.02 -39.80
C ALA IC 121 37.03 -42.31 -40.49
N THR IC 122 36.99 -43.43 -39.77
CA THR IC 122 36.76 -44.74 -40.37
C THR IC 122 35.45 -45.39 -39.92
N ILE IC 123 34.75 -44.80 -38.96
CA ILE IC 123 33.53 -45.41 -38.44
C ILE IC 123 32.38 -45.31 -39.44
N PHE IC 131 35.19 -48.45 -39.11
CA PHE IC 131 34.49 -49.72 -39.29
C PHE IC 131 34.03 -50.21 -37.94
N GLN IC 132 32.89 -50.91 -37.91
CA GLN IC 132 32.36 -51.36 -36.63
C GLN IC 132 33.15 -52.55 -36.10
N VAL IC 133 33.05 -52.75 -34.80
CA VAL IC 133 33.73 -53.81 -34.07
C VAL IC 133 32.65 -54.75 -33.57
N LEU IC 134 32.95 -56.04 -33.45
CA LEU IC 134 32.04 -56.91 -32.71
C LEU IC 134 32.57 -57.26 -31.32
N ARG IC 135 33.71 -57.95 -31.22
CA ARG IC 135 34.31 -58.30 -29.93
C ARG IC 135 35.82 -58.45 -30.09
N LYS IC 136 36.46 -58.76 -28.96
CA LYS IC 136 37.90 -59.00 -28.86
C LYS IC 136 38.14 -60.34 -28.17
N PHE IC 137 39.40 -60.77 -28.15
CA PHE IC 137 39.80 -61.97 -27.41
C PHE IC 137 41.19 -61.75 -26.83
N HIS IC 138 41.68 -62.76 -26.10
CA HIS IC 138 43.00 -62.72 -25.50
C HIS IC 138 43.69 -64.07 -25.67
N ALA IC 139 45.01 -64.03 -25.78
CA ALA IC 139 45.84 -65.24 -25.81
C ALA IC 139 47.23 -64.82 -25.36
N THR IC 140 47.70 -65.37 -24.24
CA THR IC 140 48.96 -64.95 -23.62
C THR IC 140 49.94 -66.11 -23.62
N VAL IC 141 50.96 -66.03 -24.46
CA VAL IC 141 51.99 -67.07 -24.54
C VAL IC 141 53.32 -66.50 -24.05
N VAL IC 142 53.67 -66.83 -22.81
CA VAL IC 142 54.87 -66.26 -22.20
C VAL IC 142 55.90 -67.37 -21.93
N GLY IC 143 56.87 -67.52 -22.85
CA GLY IC 143 57.88 -68.54 -22.66
C GLY IC 143 59.29 -68.08 -22.93
N GLY IC 144 60.14 -68.09 -21.90
CA GLY IC 144 61.52 -67.68 -22.08
C GLY IC 144 62.49 -68.83 -21.90
N LEU IC 145 63.19 -68.86 -20.76
CA LEU IC 145 64.11 -69.94 -20.46
C LEU IC 145 63.90 -70.39 -19.03
N TYR IC 146 64.47 -71.56 -18.72
CA TYR IC 146 64.56 -72.19 -17.40
C TYR IC 146 63.24 -72.55 -16.74
N CYS IC 147 62.09 -72.38 -17.39
CA CYS IC 147 60.98 -73.26 -17.01
C CYS IC 147 60.43 -74.00 -18.25
N MET IC 148 60.12 -73.37 -19.40
CA MET IC 148 59.69 -71.97 -19.62
C MET IC 148 58.15 -72.00 -19.56
N LYS IC 149 57.57 -71.22 -18.65
CA LYS IC 149 56.17 -71.47 -18.33
C LYS IC 149 55.23 -70.50 -19.04
N GLU IC 150 55.02 -70.79 -20.33
CA GLU IC 150 53.74 -70.87 -21.05
C GLU IC 150 54.02 -71.18 -22.51
N GLN IC 151 53.03 -71.77 -23.17
CA GLN IC 151 53.10 -72.27 -24.55
C GLN IC 151 51.70 -72.33 -25.13
N ALA IC 152 51.55 -73.19 -26.16
CA ALA IC 152 50.36 -73.39 -26.98
C ALA IC 152 49.07 -73.43 -26.17
N LEU IC 153 48.18 -72.46 -26.42
CA LEU IC 153 46.89 -72.38 -25.74
C LEU IC 153 45.79 -72.72 -26.73
N VAL IC 154 44.71 -73.31 -26.22
CA VAL IC 154 43.59 -73.68 -27.08
C VAL IC 154 42.43 -72.74 -26.82
N LYS IC 155 41.84 -72.21 -27.88
CA LYS IC 155 40.73 -71.27 -27.77
C LYS IC 155 39.57 -71.74 -28.63
N ARG IC 156 38.42 -71.96 -28.00
CA ARG IC 156 37.17 -72.23 -28.71
C ARG IC 156 36.13 -71.21 -28.28
N PHE IC 157 35.34 -70.72 -29.24
CA PHE IC 157 34.36 -69.67 -28.97
C PHE IC 157 33.17 -69.81 -29.92
N TYR IC 158 31.98 -70.04 -29.35
CA TYR IC 158 30.76 -69.68 -30.06
C TYR IC 158 30.66 -68.15 -30.14
N ARG IC 159 30.22 -67.64 -31.30
CA ARG IC 159 30.11 -66.20 -31.48
C ARG IC 159 29.05 -65.93 -32.55
N LEU IC 160 27.85 -65.53 -32.10
CA LEU IC 160 26.74 -65.28 -33.01
C LEU IC 160 26.91 -63.94 -33.71
N ASN IC 161 26.55 -63.89 -34.99
CA ASN IC 161 26.75 -62.71 -35.83
C ASN IC 161 25.56 -62.57 -36.78
N HIS IC 162 25.70 -61.77 -37.82
CA HIS IC 162 24.58 -61.40 -38.67
C HIS IC 162 25.05 -61.26 -40.12
N HIS IC 163 24.22 -60.62 -40.95
CA HIS IC 163 24.16 -60.81 -42.39
C HIS IC 163 25.33 -60.17 -43.14
N VAL IC 164 25.57 -60.72 -44.34
CA VAL IC 164 26.65 -60.31 -45.25
C VAL IC 164 26.05 -60.30 -46.66
N THR IC 165 26.45 -59.30 -47.44
CA THR IC 165 26.00 -59.23 -48.82
C THR IC 165 27.21 -59.21 -49.75
N TYR IC 166 27.11 -59.91 -50.89
CA TYR IC 166 28.06 -59.76 -51.98
C TYR IC 166 27.48 -58.86 -53.06
N ASN IC 167 28.37 -58.13 -53.76
CA ASN IC 167 27.92 -57.21 -54.79
C ASN IC 167 27.62 -57.95 -56.10
N HIS IC 168 28.65 -58.58 -56.68
CA HIS IC 168 28.49 -59.19 -57.99
C HIS IC 168 27.84 -60.56 -57.87
N GLN IC 169 27.30 -61.03 -59.00
CA GLN IC 169 26.68 -62.34 -59.10
C GLN IC 169 27.66 -63.38 -59.64
N GLU IC 170 28.95 -63.14 -59.44
CA GLU IC 170 30.01 -64.00 -59.92
C GLU IC 170 30.19 -65.19 -58.99
N ALA IC 171 30.95 -66.18 -59.48
CA ALA IC 171 31.48 -67.24 -58.62
C ALA IC 171 32.89 -66.87 -58.17
N GLY IC 172 32.99 -65.68 -57.58
CA GLY IC 172 34.27 -65.04 -57.33
C GLY IC 172 34.69 -65.06 -55.87
N LYS IC 173 35.89 -64.53 -55.66
CA LYS IC 173 36.55 -64.49 -54.35
C LYS IC 173 36.17 -63.18 -53.65
N TYR IC 174 36.95 -62.81 -52.62
CA TYR IC 174 36.69 -61.68 -51.74
C TYR IC 174 36.69 -60.31 -52.43
N GLU IC 175 37.06 -60.23 -53.71
CA GLU IC 175 37.25 -58.93 -54.35
C GLU IC 175 35.93 -58.22 -54.65
N ASN IC 176 34.84 -58.97 -54.84
CA ASN IC 176 33.57 -58.40 -55.29
C ASN IC 176 32.58 -58.17 -54.15
N HIS IC 177 33.07 -57.74 -52.98
CA HIS IC 177 32.21 -57.51 -51.84
C HIS IC 177 31.40 -56.22 -51.98
N THR IC 178 30.56 -55.97 -51.00
CA THR IC 178 29.79 -54.75 -50.83
C THR IC 178 29.61 -54.54 -49.33
N GLU IC 179 28.58 -53.76 -48.95
CA GLU IC 179 28.24 -53.46 -47.56
C GLU IC 179 28.12 -54.71 -46.70
N ASN IC 180 28.43 -54.54 -45.42
CA ASN IC 180 28.38 -55.56 -44.36
C ASN IC 180 29.30 -56.75 -44.67
N ALA IC 181 30.57 -56.44 -44.77
CA ALA IC 181 31.61 -57.46 -44.70
C ALA IC 181 32.02 -57.65 -43.25
N LEU IC 182 32.79 -58.71 -43.00
CA LEU IC 182 33.36 -58.98 -41.68
C LEU IC 182 34.61 -59.83 -41.84
N LEU IC 183 35.61 -59.54 -41.04
CA LEU IC 183 36.93 -60.17 -41.19
C LEU IC 183 37.66 -60.07 -39.86
N LEU IC 184 38.89 -60.60 -39.84
CA LEU IC 184 39.69 -60.68 -38.63
C LEU IC 184 40.99 -59.90 -38.76
N TYR IC 185 41.45 -59.41 -37.62
CA TYR IC 185 42.82 -58.92 -37.48
C TYR IC 185 43.43 -59.54 -36.23
N MET IC 186 44.69 -59.93 -36.34
CA MET IC 186 45.44 -60.46 -35.21
C MET IC 186 46.62 -59.54 -34.95
N ALA IC 187 46.93 -59.31 -33.67
CA ALA IC 187 47.91 -58.32 -33.28
C ALA IC 187 48.89 -58.90 -32.27
N CYS IC 188 50.17 -58.69 -32.52
CA CYS IC 188 51.23 -58.97 -31.55
C CYS IC 188 51.66 -57.67 -30.89
N THR IC 189 52.21 -57.79 -29.69
CA THR IC 189 52.52 -56.62 -28.87
C THR IC 189 54.01 -56.44 -28.62
N HIS IC 190 54.88 -57.14 -29.35
CA HIS IC 190 56.32 -57.01 -29.17
C HIS IC 190 57.02 -57.13 -30.51
N ALA IC 191 58.24 -56.59 -30.56
CA ALA IC 191 58.97 -56.47 -31.82
C ALA IC 191 59.41 -57.82 -32.38
N SER IC 192 59.61 -58.81 -31.53
CA SER IC 192 59.84 -60.17 -32.01
C SER IC 192 58.56 -60.75 -32.59
N ASN IC 193 58.71 -61.82 -33.36
CA ASN IC 193 57.51 -62.48 -33.89
C ASN IC 193 57.50 -63.96 -33.47
N PRO IC 194 57.12 -64.28 -32.22
CA PRO IC 194 57.08 -65.70 -31.83
C PRO IC 194 55.81 -66.40 -32.23
N VAL IC 195 54.74 -65.66 -32.51
CA VAL IC 195 53.39 -66.21 -32.56
C VAL IC 195 53.21 -66.98 -33.86
N TYR IC 196 53.02 -68.30 -33.74
CA TYR IC 196 52.59 -69.15 -34.83
C TYR IC 196 51.17 -69.62 -34.54
N ALA IC 197 50.20 -68.81 -34.94
CA ALA IC 197 48.80 -69.02 -34.61
C ALA IC 197 48.08 -69.64 -35.81
N THR IC 198 47.63 -70.88 -35.64
CA THR IC 198 46.85 -71.57 -36.66
C THR IC 198 45.44 -71.76 -36.14
N LEU IC 199 44.46 -71.32 -36.91
CA LEU IC 199 43.08 -71.22 -36.44
C LEU IC 199 42.14 -71.91 -37.42
N LYS IC 200 41.20 -72.68 -36.88
CA LYS IC 200 40.13 -73.27 -37.64
C LYS IC 200 38.86 -72.48 -37.40
N ILE IC 201 38.30 -71.91 -38.46
CA ILE IC 201 37.23 -70.92 -38.36
C ILE IC 201 36.02 -71.47 -39.11
N ARG IC 202 35.07 -72.05 -38.38
CA ARG IC 202 33.83 -72.50 -38.98
C ARG IC 202 32.82 -71.37 -39.06
N ILE IC 203 32.26 -71.15 -40.24
CA ILE IC 203 31.05 -70.36 -40.41
C ILE IC 203 29.98 -71.28 -40.97
N TYR IC 204 28.92 -71.49 -40.21
CA TYR IC 204 27.74 -72.17 -40.73
C TYR IC 204 26.56 -71.22 -40.69
N PHE IC 205 25.79 -71.20 -41.77
CA PHE IC 205 24.80 -70.16 -42.02
C PHE IC 205 23.65 -70.68 -42.87
N PRO JC 16 -44.27 -113.97 24.72
CA PRO JC 16 -42.96 -113.56 24.21
C PRO JC 16 -42.04 -114.74 23.91
N ASP JC 17 -42.51 -115.96 24.15
CA ASP JC 17 -41.70 -117.15 24.00
C ASP JC 17 -42.27 -118.12 22.97
N ILE JC 18 -43.58 -118.34 22.98
CA ILE JC 18 -44.23 -119.41 22.23
C ILE JC 18 -44.92 -118.90 20.97
N PRO JC 19 -44.94 -119.66 19.89
CA PRO JC 19 -45.66 -119.25 18.67
C PRO JC 19 -47.05 -119.84 18.52
N ARG JC 20 -47.54 -120.66 19.46
CA ARG JC 20 -48.75 -121.44 19.23
C ARG JC 20 -49.93 -120.98 20.08
N GLY JC 21 -49.81 -120.98 21.40
CA GLY JC 21 -50.93 -120.70 22.27
C GLY JC 21 -50.49 -120.33 23.68
N CYS JC 22 -51.32 -119.53 24.35
CA CYS JC 22 -50.97 -118.87 25.60
C CYS JC 22 -51.06 -119.78 26.82
N GLU JC 23 -51.08 -121.10 26.63
CA GLU JC 23 -50.93 -122.03 27.73
C GLU JC 23 -49.54 -121.89 28.35
N GLY JC 24 -49.43 -122.33 29.61
CA GLY JC 24 -48.15 -122.40 30.27
C GLY JC 24 -47.26 -123.43 29.62
N PRO JC 25 -45.97 -123.13 29.49
CA PRO JC 25 -45.03 -124.10 28.90
C PRO JC 25 -44.79 -125.28 29.82
N CYS JC 26 -45.73 -126.22 29.81
CA CYS JC 26 -45.75 -127.29 30.81
C CYS JC 26 -44.68 -128.33 30.53
N LYS JC 27 -44.03 -128.78 31.59
CA LYS JC 27 -42.94 -129.75 31.49
C LYS JC 27 -43.50 -131.16 31.54
N VAL JC 28 -43.05 -132.00 30.61
CA VAL JC 28 -43.29 -133.43 30.65
C VAL JC 28 -41.94 -134.10 30.50
N GLN JC 29 -41.42 -134.62 31.60
CA GLN JC 29 -40.05 -135.12 31.65
C GLN JC 29 -40.03 -136.64 31.55
N SER JC 30 -39.32 -137.13 30.55
CA SER JC 30 -39.17 -138.57 30.33
C SER JC 30 -37.82 -138.97 30.95
N PHE JC 31 -37.83 -139.14 32.26
CA PHE JC 31 -36.64 -139.69 32.91
C PHE JC 31 -36.50 -141.17 32.58
N GLU JC 32 -35.26 -141.58 32.37
CA GLU JC 32 -34.95 -142.99 32.24
C GLU JC 32 -33.88 -143.35 33.26
N GLN JC 33 -33.97 -144.57 33.79
CA GLN JC 33 -32.89 -145.22 34.51
C GLN JC 33 -32.69 -146.53 33.76
N ARG JC 34 -31.94 -146.44 32.65
CA ARG JC 34 -31.88 -147.52 31.68
C ARG JC 34 -30.45 -147.75 31.22
N ASP JC 35 -30.31 -148.54 30.16
CA ASP JC 35 -29.05 -148.73 29.47
C ASP JC 35 -29.37 -148.96 28.00
N ASP JC 36 -28.40 -149.49 27.26
CA ASP JC 36 -28.65 -149.84 25.87
C ASP JC 36 -27.92 -151.15 25.57
N VAL JC 37 -27.95 -151.52 24.29
CA VAL JC 37 -27.10 -152.59 23.77
C VAL JC 37 -26.26 -151.92 22.69
N LYS JC 38 -25.45 -152.72 21.97
CA LYS JC 38 -24.67 -152.17 20.87
C LYS JC 38 -25.57 -151.64 19.75
N HIS JC 39 -26.64 -152.37 19.44
CA HIS JC 39 -27.46 -152.03 18.28
C HIS JC 39 -28.36 -150.84 18.55
N LEU JC 40 -29.07 -150.84 19.68
CA LEU JC 40 -30.14 -149.89 19.83
C LEU JC 40 -30.39 -149.55 21.29
N GLY JC 41 -30.63 -148.27 21.55
CA GLY JC 41 -31.37 -147.85 22.71
C GLY JC 41 -32.51 -146.97 22.24
N ILE JC 42 -33.74 -147.46 22.37
CA ILE JC 42 -34.89 -146.80 21.76
C ILE JC 42 -35.69 -146.07 22.82
N CYS JC 43 -36.03 -144.81 22.52
CA CYS JC 43 -36.78 -143.97 23.44
C CYS JC 43 -37.70 -143.07 22.64
N LYS JC 44 -38.98 -143.43 22.55
CA LYS JC 44 -39.98 -142.45 22.15
C LYS JC 44 -40.19 -141.48 23.31
N VAL JC 45 -39.81 -140.23 23.06
CA VAL JC 45 -39.75 -139.26 24.15
C VAL JC 45 -41.13 -138.66 24.41
N ILE JC 46 -42.04 -138.78 23.45
CA ILE JC 46 -43.36 -138.17 23.53
C ILE JC 46 -44.41 -139.21 23.97
N SER JC 47 -43.96 -140.27 24.65
CA SER JC 47 -44.77 -141.48 24.82
C SER JC 47 -45.87 -141.28 25.84
N ASP JC 48 -45.50 -140.94 27.08
CA ASP JC 48 -46.44 -140.93 28.20
C ASP JC 48 -47.28 -139.66 28.29
N VAL JC 49 -47.43 -138.90 27.20
CA VAL JC 49 -48.17 -137.64 27.23
C VAL JC 49 -49.63 -137.96 26.91
N THR JC 50 -50.47 -138.04 27.93
CA THR JC 50 -51.89 -138.34 27.80
C THR JC 50 -52.70 -137.09 28.07
N ARG JC 51 -53.99 -137.13 27.73
CA ARG JC 51 -54.89 -136.02 28.02
C ARG JC 51 -55.22 -135.98 29.50
N GLY JC 52 -55.07 -134.80 30.10
CA GLY JC 52 -55.36 -134.60 31.49
C GLY JC 52 -55.21 -133.15 31.90
N PRO JC 53 -55.73 -132.80 33.09
CA PRO JC 53 -55.64 -131.39 33.53
C PRO JC 53 -54.27 -131.00 34.05
N GLY JC 54 -53.44 -131.96 34.46
CA GLY JC 54 -52.16 -131.64 35.03
C GLY JC 54 -51.15 -131.16 34.00
N LEU JC 55 -50.03 -130.63 34.51
CA LEU JC 55 -48.98 -130.13 33.64
C LEU JC 55 -48.08 -131.22 33.09
N THR JC 56 -48.23 -132.46 33.56
CA THR JC 56 -47.60 -133.62 32.92
C THR JC 56 -48.51 -134.25 31.88
N HIS JC 57 -49.39 -133.46 31.27
CA HIS JC 57 -50.42 -133.94 30.39
C HIS JC 57 -50.53 -132.98 29.21
N ARG JC 58 -51.62 -133.11 28.45
CA ARG JC 58 -51.78 -132.36 27.21
C ARG JC 58 -53.24 -131.93 27.06
N VAL JC 59 -53.43 -130.89 26.26
CA VAL JC 59 -54.76 -130.40 25.89
C VAL JC 59 -54.90 -130.53 24.38
N GLY JC 60 -55.78 -131.45 23.95
CA GLY JC 60 -55.97 -131.69 22.54
C GLY JC 60 -54.99 -132.68 21.96
N LYS JC 61 -54.57 -132.44 20.72
CA LYS JC 61 -53.65 -133.35 20.04
C LYS JC 61 -52.60 -132.60 19.22
N ARG JC 62 -52.34 -131.35 19.57
CA ARG JC 62 -51.38 -130.51 18.84
C ARG JC 62 -50.29 -130.03 19.79
N PHE JC 63 -49.04 -130.27 19.42
CA PHE JC 63 -47.89 -129.84 20.19
C PHE JC 63 -47.06 -128.85 19.37
N CYS JC 64 -46.30 -128.02 20.08
CA CYS JC 64 -45.16 -127.30 19.52
C CYS JC 64 -44.07 -127.38 20.58
N ILE JC 65 -43.20 -128.37 20.47
CA ILE JC 65 -42.11 -128.56 21.43
C ILE JC 65 -41.14 -127.39 21.30
N LYS JC 66 -41.02 -126.61 22.37
CA LYS JC 66 -40.11 -125.48 22.36
C LYS JC 66 -38.66 -125.95 22.41
N SER JC 67 -38.32 -126.77 23.38
CA SER JC 67 -36.95 -127.27 23.48
C SER JC 67 -36.92 -128.59 24.23
N ILE JC 68 -36.00 -129.45 23.81
CA ILE JC 68 -35.64 -130.65 24.53
C ILE JC 68 -34.37 -130.37 25.32
N TYR JC 69 -34.43 -130.58 26.62
CA TYR JC 69 -33.32 -130.33 27.54
C TYR JC 69 -32.81 -131.67 28.05
N ILE JC 70 -31.68 -132.12 27.53
CA ILE JC 70 -31.16 -133.45 27.82
C ILE JC 70 -30.13 -133.34 28.93
N LEU JC 71 -30.46 -133.82 30.11
CA LEU JC 71 -29.51 -134.15 31.14
C LEU JC 71 -29.12 -135.62 31.01
N GLY JC 72 -28.04 -135.99 31.68
CA GLY JC 72 -27.67 -137.38 31.67
C GLY JC 72 -26.24 -137.67 32.12
N LYS JC 73 -26.07 -138.75 32.87
CA LYS JC 73 -24.77 -139.25 33.25
C LYS JC 73 -24.57 -140.64 32.64
N ILE JC 74 -23.47 -140.79 31.91
CA ILE JC 74 -23.21 -141.99 31.11
C ILE JC 74 -21.98 -142.65 31.69
N TRP JC 75 -22.17 -143.79 32.37
CA TRP JC 75 -21.05 -144.43 33.06
C TRP JC 75 -20.91 -145.87 32.63
N LEU JC 76 -19.87 -146.50 33.19
CA LEU JC 76 -19.68 -147.93 33.17
C LEU JC 76 -19.18 -148.44 34.51
N ASP JC 77 -19.49 -147.75 35.61
CA ASP JC 77 -18.81 -147.92 36.88
C ASP JC 77 -19.37 -149.09 37.69
N GLU JC 78 -20.05 -150.02 37.03
CA GLU JC 78 -20.27 -151.35 37.59
C GLU JC 78 -18.91 -152.04 37.77
N THR JC 79 -18.84 -152.99 38.69
CA THR JC 79 -17.58 -153.67 39.01
C THR JC 79 -17.06 -154.58 37.89
N ILE JC 80 -17.83 -154.73 36.82
CA ILE JC 80 -17.44 -155.53 35.66
C ILE JC 80 -17.32 -154.51 34.53
N LYS JC 81 -17.02 -154.96 33.30
CA LYS JC 81 -16.86 -154.16 32.10
C LYS JC 81 -15.66 -153.22 32.18
N LYS JC 82 -14.61 -153.67 32.86
CA LYS JC 82 -13.28 -153.09 32.70
C LYS JC 82 -12.50 -153.72 31.57
N GLN JC 83 -12.72 -155.00 31.27
CA GLN JC 83 -12.22 -155.61 30.04
C GLN JC 83 -13.16 -155.29 28.89
N ASN JC 84 -12.69 -155.55 27.67
CA ASN JC 84 -13.36 -155.26 26.39
C ASN JC 84 -13.75 -153.79 26.33
N HIS JC 85 -12.85 -152.92 26.76
CA HIS JC 85 -13.14 -151.54 27.11
C HIS JC 85 -12.95 -150.56 25.97
N THR JC 86 -12.94 -149.27 26.31
CA THR JC 86 -12.85 -148.11 25.41
C THR JC 86 -13.99 -148.03 24.40
N ASN JC 87 -15.21 -147.82 24.85
CA ASN JC 87 -16.36 -147.61 23.98
C ASN JC 87 -16.82 -146.17 24.11
N ASN JC 88 -17.52 -145.68 23.08
CA ASN JC 88 -18.09 -144.34 23.10
C ASN JC 88 -19.55 -144.37 22.66
N VAL JC 89 -20.27 -143.30 22.98
CA VAL JC 89 -21.71 -143.21 22.78
C VAL JC 89 -21.98 -142.10 21.77
N ILE JC 90 -22.71 -142.42 20.72
CA ILE JC 90 -23.17 -141.44 19.75
C ILE JC 90 -24.68 -141.31 19.91
N PHE JC 91 -25.15 -140.10 20.15
CA PHE JC 91 -26.58 -139.89 20.29
C PHE JC 91 -27.21 -139.48 18.95
N TYR JC 92 -28.49 -139.79 18.81
CA TYR JC 92 -29.24 -139.49 17.60
C TYR JC 92 -30.60 -138.97 17.99
N LEU JC 93 -30.91 -137.74 17.57
CA LEU JC 93 -32.20 -137.11 17.84
C LEU JC 93 -32.84 -136.85 16.49
N LEU JC 94 -33.84 -137.67 16.13
CA LEU JC 94 -34.36 -137.70 14.77
C LEU JC 94 -35.73 -137.04 14.72
N ARG JC 95 -35.99 -136.33 13.62
CA ARG JC 95 -37.35 -135.85 13.33
C ARG JC 95 -38.04 -136.92 12.47
N ASP JC 96 -39.01 -137.61 13.06
CA ASP JC 96 -39.72 -138.69 12.39
C ASP JC 96 -40.86 -138.11 11.55
N ARG JC 97 -41.21 -138.84 10.49
CA ARG JC 97 -42.25 -138.40 9.57
C ARG JC 97 -43.55 -139.17 9.71
N ARG JC 98 -43.55 -140.43 10.13
CA ARG JC 98 -44.75 -141.24 10.23
C ARG JC 98 -44.52 -142.33 11.27
N PRO JC 99 -45.56 -142.74 12.00
CA PRO JC 99 -45.41 -143.86 12.94
C PRO JC 99 -45.86 -145.18 12.35
N TYR JC 100 -45.50 -146.29 13.01
CA TYR JC 100 -46.13 -147.59 12.78
C TYR JC 100 -46.31 -148.25 14.14
N GLY JC 101 -47.43 -147.96 14.80
CA GLY JC 101 -47.73 -148.53 16.10
C GLY JC 101 -46.72 -148.19 17.18
N ASN JC 102 -45.91 -149.18 17.53
CA ASN JC 102 -44.80 -149.01 18.46
C ASN JC 102 -43.58 -148.41 17.74
N ALA JC 103 -42.44 -148.44 18.39
CA ALA JC 103 -41.22 -147.89 17.80
C ALA JC 103 -40.67 -148.85 16.75
N PRO JC 104 -40.16 -148.33 15.64
CA PRO JC 104 -39.59 -149.20 14.61
C PRO JC 104 -38.19 -149.69 14.97
N GLN JC 105 -37.56 -150.40 14.04
CA GLN JC 105 -36.21 -150.90 14.25
C GLN JC 105 -35.20 -149.74 14.23
N ASP JC 106 -33.97 -150.04 14.65
CA ASP JC 106 -32.87 -149.11 14.47
C ASP JC 106 -31.92 -149.56 13.37
N PHE JC 107 -31.33 -150.76 13.50
CA PHE JC 107 -30.32 -151.21 12.56
C PHE JC 107 -30.94 -151.55 11.21
N GLY JC 108 -32.22 -151.92 11.18
CA GLY JC 108 -32.95 -152.07 9.96
C GLY JC 108 -33.57 -150.79 9.43
N GLN JC 109 -33.38 -149.67 10.13
CA GLN JC 109 -33.93 -148.39 9.69
C GLN JC 109 -32.84 -147.40 9.30
N ILE JC 110 -31.88 -147.11 10.19
CA ILE JC 110 -30.70 -146.38 9.75
C ILE JC 110 -29.77 -147.34 9.01
N PHE JC 111 -28.87 -146.76 8.22
CA PHE JC 111 -28.35 -147.50 7.07
C PHE JC 111 -27.26 -148.50 7.44
N ASN JC 112 -26.13 -148.03 7.97
CA ASN JC 112 -24.95 -148.88 8.04
C ASN JC 112 -24.53 -149.00 9.50
N MET JC 113 -23.37 -149.64 9.72
CA MET JC 113 -22.93 -150.03 11.06
C MET JC 113 -22.33 -148.84 11.80
N PHE JC 114 -23.20 -148.18 12.58
CA PHE JC 114 -22.94 -147.37 13.76
C PHE JC 114 -22.29 -146.03 13.47
N ASP JC 115 -21.88 -145.75 12.24
CA ASP JC 115 -21.48 -144.43 11.77
C ASP JC 115 -22.17 -144.18 10.44
N ASN JC 116 -23.37 -143.62 10.51
CA ASN JC 116 -24.27 -143.68 9.35
C ASN JC 116 -25.27 -142.53 9.38
N GLU JC 117 -26.26 -142.67 8.51
CA GLU JC 117 -27.40 -141.79 8.29
C GLU JC 117 -28.60 -142.70 8.11
N PRO JC 118 -29.83 -142.18 8.04
CA PRO JC 118 -30.96 -143.04 7.63
C PRO JC 118 -30.83 -143.50 6.19
N SER JC 119 -31.51 -144.60 5.88
CA SER JC 119 -31.40 -145.24 4.58
C SER JC 119 -32.05 -144.38 3.49
N THR JC 120 -31.71 -144.69 2.24
CA THR JC 120 -32.22 -143.94 1.10
C THR JC 120 -33.71 -144.15 0.89
N ALA JC 121 -34.24 -145.29 1.31
CA ALA JC 121 -35.67 -145.57 1.16
C ALA JC 121 -36.49 -145.11 2.35
N THR JC 122 -35.88 -144.43 3.31
CA THR JC 122 -36.55 -144.07 4.56
C THR JC 122 -36.72 -142.57 4.75
N ILE JC 123 -36.16 -141.74 3.87
CA ILE JC 123 -36.22 -140.30 4.03
C ILE JC 123 -37.62 -139.77 3.73
N PHE JC 131 -36.17 -141.04 7.47
CA PHE JC 131 -36.67 -140.13 8.50
C PHE JC 131 -35.67 -139.00 8.68
N GLN JC 132 -36.15 -137.81 9.00
CA GLN JC 132 -35.24 -136.68 9.12
C GLN JC 132 -34.44 -136.76 10.42
N VAL JC 133 -33.32 -136.07 10.42
CA VAL JC 133 -32.39 -136.01 11.55
C VAL JC 133 -32.42 -134.58 12.06
N LEU JC 134 -32.21 -134.38 13.36
CA LEU JC 134 -31.95 -133.03 13.83
C LEU JC 134 -30.48 -132.79 14.15
N ARG JC 135 -29.92 -133.51 15.14
CA ARG JC 135 -28.50 -133.37 15.48
C ARG JC 135 -27.98 -134.66 16.08
N LYS JC 136 -26.70 -134.64 16.44
CA LYS JC 136 -25.99 -135.75 17.07
C LYS JC 136 -25.29 -135.25 18.32
N PHE JC 137 -24.73 -136.18 19.10
CA PHE JC 137 -23.92 -135.83 20.27
C PHE JC 137 -22.78 -136.84 20.40
N HIS JC 138 -21.94 -136.64 21.41
CA HIS JC 138 -20.82 -137.53 21.69
C HIS JC 138 -20.71 -137.76 23.19
N ALA JC 139 -20.22 -138.94 23.54
CA ALA JC 139 -19.92 -139.28 24.94
C ALA JC 139 -18.90 -140.41 24.89
N THR JC 140 -17.70 -140.17 25.43
CA THR JC 140 -16.59 -141.10 25.31
C THR JC 140 -16.18 -141.57 26.70
N VAL JC 141 -16.48 -142.84 27.02
CA VAL JC 141 -16.13 -143.41 28.31
C VAL JC 141 -15.10 -144.52 28.11
N VAL JC 142 -13.85 -144.20 28.37
CA VAL JC 142 -12.76 -145.14 28.11
C VAL JC 142 -12.10 -145.57 29.43
N GLY JC 143 -12.50 -146.72 29.95
CA GLY JC 143 -11.91 -147.18 31.20
C GLY JC 143 -11.53 -148.65 31.20
N GLY JC 144 -10.24 -148.94 31.33
CA GLY JC 144 -9.79 -150.32 31.37
C GLY JC 144 -9.23 -150.71 32.72
N LEU JC 145 -7.91 -150.82 32.82
CA LEU JC 145 -7.25 -151.14 34.08
C LEU JC 145 -6.06 -150.21 34.27
N TYR JC 146 -5.56 -150.20 35.51
CA TYR JC 146 -4.35 -149.54 35.98
C TYR JC 146 -4.33 -148.02 35.86
N CYS JC 147 -5.42 -147.37 35.44
CA CYS JC 147 -5.58 -145.99 35.92
C CYS JC 147 -6.94 -145.81 36.60
N MET JC 148 -8.10 -146.21 36.05
CA MET JC 148 -8.46 -146.39 34.62
C MET JC 148 -9.08 -145.04 34.19
N LYS JC 149 -8.50 -144.40 33.18
CA LYS JC 149 -8.81 -143.00 32.98
C LYS JC 149 -9.85 -142.81 31.86
N GLU JC 150 -11.11 -143.07 32.22
CA GLU JC 150 -12.31 -142.26 32.02
C GLU JC 150 -13.51 -143.00 32.56
N GLN JC 151 -14.55 -142.25 32.92
CA GLN JC 151 -15.76 -142.73 33.57
C GLN JC 151 -16.90 -141.77 33.30
N ALA JC 152 -17.91 -141.80 34.18
CA ALA JC 152 -19.17 -141.06 34.13
C ALA JC 152 -19.00 -139.61 33.70
N LEU JC 153 -19.59 -139.27 32.56
CA LEU JC 153 -19.54 -137.91 32.02
C LEU JC 153 -20.92 -137.28 32.14
N VAL JC 154 -20.95 -135.96 32.32
CA VAL JC 154 -22.20 -135.25 32.45
C VAL JC 154 -22.46 -134.43 31.18
N LYS JC 155 -23.67 -134.56 30.64
CA LYS JC 155 -24.03 -133.86 29.41
C LYS JC 155 -25.32 -133.09 29.62
N ARG JC 156 -25.26 -131.77 29.43
CA ARG JC 156 -26.45 -130.93 29.40
C ARG JC 156 -26.49 -130.17 28.07
N PHE JC 157 -27.69 -130.05 27.50
CA PHE JC 157 -27.84 -129.43 26.18
C PHE JC 157 -29.21 -128.77 26.08
N TYR JC 158 -29.24 -127.45 25.88
CA TYR JC 158 -30.39 -126.82 25.26
C TYR JC 158 -30.48 -127.24 23.80
N ARG JC 159 -31.69 -127.52 23.33
CA ARG JC 159 -31.87 -127.96 21.94
C ARG JC 159 -33.30 -127.58 21.50
N LEU JC 160 -33.40 -126.50 20.73
CA LEU JC 160 -34.71 -126.01 20.28
C LEU JC 160 -35.24 -126.87 19.14
N ASN JC 161 -36.55 -127.10 19.14
CA ASN JC 161 -37.18 -128.00 18.18
C ASN JC 161 -38.54 -127.43 17.81
N HIS JC 162 -39.41 -128.25 17.21
CA HIS JC 162 -40.66 -127.75 16.64
C HIS JC 162 -41.76 -128.81 16.82
N HIS JC 163 -42.85 -128.65 16.06
CA HIS JC 163 -44.17 -129.13 16.39
C HIS JC 163 -44.34 -130.64 16.22
N VAL JC 164 -45.32 -131.19 16.95
CA VAL JC 164 -45.67 -132.61 16.99
C VAL JC 164 -47.19 -132.70 16.97
N THR JC 165 -47.75 -133.69 16.26
CA THR JC 165 -49.19 -133.92 16.23
C THR JC 165 -49.49 -135.34 16.69
N TYR JC 166 -50.56 -135.50 17.46
CA TYR JC 166 -51.13 -136.82 17.74
C TYR JC 166 -52.35 -137.07 16.86
N ASN JC 167 -52.58 -138.33 16.51
CA ASN JC 167 -53.69 -138.69 15.64
C ASN JC 167 -55.00 -138.75 16.43
N HIS JC 168 -55.09 -139.66 17.38
CA HIS JC 168 -56.34 -139.88 18.09
C HIS JC 168 -56.54 -138.84 19.19
N GLN JC 169 -57.79 -138.71 19.62
CA GLN JC 169 -58.16 -137.82 20.70
C GLN JC 169 -58.23 -138.55 22.04
N GLU JC 170 -57.49 -139.64 22.16
CA GLU JC 170 -57.46 -140.47 23.35
C GLU JC 170 -56.56 -139.86 24.41
N ALA JC 171 -56.68 -140.39 25.62
CA ALA JC 171 -55.69 -140.15 26.67
C ALA JC 171 -54.67 -141.28 26.67
N GLY JC 172 -54.07 -141.49 25.49
CA GLY JC 172 -53.29 -142.68 25.22
C GLY JC 172 -51.79 -142.42 25.17
N LYS JC 173 -51.06 -143.53 25.00
CA LYS JC 173 -49.61 -143.55 24.98
C LYS JC 173 -49.11 -143.35 23.54
N TYR JC 174 -47.84 -143.69 23.29
CA TYR JC 174 -47.16 -143.46 22.01
C TYR JC 174 -47.77 -144.18 20.80
N GLU JC 175 -48.75 -145.06 21.00
CA GLU JC 175 -49.22 -145.90 19.90
C GLU JC 175 -50.07 -145.13 18.89
N ASN JC 176 -50.73 -144.04 19.31
CA ASN JC 176 -51.68 -143.32 18.47
C ASN JC 176 -51.08 -142.09 17.81
N HIS JC 177 -49.82 -142.14 17.40
CA HIS JC 177 -49.15 -141.00 16.79
C HIS JC 177 -49.62 -140.78 15.35
N THR JC 178 -49.10 -139.73 14.74
CA THR JC 178 -49.28 -139.38 13.34
C THR JC 178 -48.00 -138.67 12.89
N GLU JC 179 -48.10 -137.89 11.81
CA GLU JC 179 -47.01 -137.11 11.25
C GLU JC 179 -46.30 -136.25 12.30
N ASN JC 180 -45.00 -136.03 12.06
CA ASN JC 180 -44.09 -135.22 12.88
C ASN JC 180 -43.97 -135.76 14.30
N ALA JC 181 -43.44 -136.98 14.40
CA ALA JC 181 -42.95 -137.51 15.66
C ALA JC 181 -41.46 -137.19 15.79
N LEU JC 182 -40.94 -137.42 16.99
CA LEU JC 182 -39.51 -137.26 17.25
C LEU JC 182 -39.13 -138.12 18.44
N LEU JC 183 -37.95 -138.74 18.36
CA LEU JC 183 -37.54 -139.71 19.36
C LEU JC 183 -36.01 -139.82 19.32
N LEU JC 184 -35.47 -140.69 20.18
CA LEU JC 184 -34.04 -140.84 20.34
C LEU JC 184 -33.58 -142.25 20.00
N TYR JC 185 -32.34 -142.33 19.54
CA TYR JC 185 -31.61 -143.58 19.44
C TYR JC 185 -30.23 -143.37 20.06
N MET JC 186 -29.79 -144.38 20.82
CA MET JC 186 -28.46 -144.38 21.40
C MET JC 186 -27.68 -145.57 20.83
N ALA JC 187 -26.39 -145.36 20.57
CA ALA JC 187 -25.60 -146.35 19.86
C ALA JC 187 -24.28 -146.58 20.57
N CYS JC 188 -23.94 -147.84 20.78
CA CYS JC 188 -22.62 -148.25 21.24
C CYS JC 188 -21.80 -148.75 20.04
N THR JC 189 -20.49 -148.67 20.18
CA THR JC 189 -19.59 -148.96 19.06
C THR JC 189 -18.71 -150.18 19.29
N HIS JC 190 -19.00 -151.01 20.30
CA HIS JC 190 -18.21 -152.21 20.57
C HIS JC 190 -19.12 -153.32 21.05
N ALA JC 191 -18.63 -154.56 20.90
CA ALA JC 191 -19.43 -155.74 21.15
C ALA JC 191 -19.78 -155.93 22.62
N SER JC 192 -18.94 -155.42 23.53
CA SER JC 192 -19.31 -155.40 24.94
C SER JC 192 -20.40 -154.37 25.18
N ASN JC 193 -21.05 -154.48 26.33
CA ASN JC 193 -22.05 -153.49 26.68
C ASN JC 193 -21.71 -152.83 28.02
N PRO JC 194 -20.77 -151.88 28.07
CA PRO JC 194 -20.45 -151.25 29.35
C PRO JC 194 -21.38 -150.10 29.70
N VAL JC 195 -22.08 -149.54 28.72
CA VAL JC 195 -22.73 -148.24 28.85
C VAL JC 195 -24.00 -148.38 29.69
N TYR JC 196 -24.00 -147.76 30.87
CA TYR JC 196 -25.19 -147.59 31.68
C TYR JC 196 -25.54 -146.10 31.68
N ALA JC 197 -26.32 -145.71 30.68
CA ALA JC 197 -26.64 -144.31 30.44
C ALA JC 197 -28.03 -144.00 30.96
N THR JC 198 -28.11 -143.15 31.97
CA THR JC 198 -29.38 -142.71 32.53
C THR JC 198 -29.52 -141.21 32.24
N LEU JC 199 -30.64 -140.84 31.62
CA LEU JC 199 -30.81 -139.51 31.08
C LEU JC 199 -32.12 -138.91 31.58
N LYS JC 200 -32.04 -137.64 31.97
CA LYS JC 200 -33.22 -136.85 32.31
C LYS JC 200 -33.54 -135.91 31.16
N ILE JC 201 -34.72 -136.06 30.59
CA ILE JC 201 -35.08 -135.42 29.32
C ILE JC 201 -36.29 -134.53 29.58
N ARG JC 202 -36.05 -133.23 29.76
CA ARG JC 202 -37.15 -132.28 29.90
C ARG JC 202 -37.63 -131.81 28.54
N ILE JC 203 -38.94 -131.90 28.31
CA ILE JC 203 -39.60 -131.19 27.23
C ILE JC 203 -40.59 -130.23 27.85
N TYR JC 204 -40.37 -128.93 27.65
CA TYR JC 204 -41.36 -127.94 28.02
C TYR JC 204 -41.81 -127.21 26.76
N PHE JC 205 -43.13 -127.01 26.66
CA PHE JC 205 -43.76 -126.60 25.42
C PHE JC 205 -45.04 -125.81 25.68
N PRO KC 16 -0.90 -109.29 -6.49
CA PRO KC 16 -1.83 -109.13 -5.37
C PRO KC 16 -1.31 -109.73 -4.06
N ASP KC 17 -0.11 -110.30 -4.10
CA ASP KC 17 0.45 -111.00 -2.93
C ASP KC 17 1.77 -110.38 -2.48
N ILE KC 18 2.65 -110.03 -3.41
CA ILE KC 18 4.04 -109.67 -3.12
C ILE KC 18 4.26 -108.18 -3.20
N PRO KC 19 5.13 -107.61 -2.35
CA PRO KC 19 5.45 -106.18 -2.43
C PRO KC 19 6.71 -105.84 -3.20
N ARG KC 20 7.44 -106.81 -3.75
CA ARG KC 20 8.78 -106.57 -4.27
C ARG KC 20 8.87 -106.65 -5.79
N GLY KC 21 8.51 -107.79 -6.39
CA GLY KC 21 8.71 -108.00 -7.80
C GLY KC 21 7.86 -109.14 -8.33
N CYS KC 22 7.52 -109.06 -9.62
CA CYS KC 22 6.53 -109.92 -10.25
C CYS KC 22 7.05 -111.31 -10.62
N GLU KC 23 8.18 -111.73 -10.03
CA GLU KC 23 8.61 -113.11 -10.13
C GLU KC 23 7.62 -114.04 -9.45
N GLY KC 24 7.64 -115.31 -9.85
CA GLY KC 24 6.85 -116.33 -9.19
C GLY KC 24 7.36 -116.55 -7.78
N PRO KC 25 6.43 -116.75 -6.83
CA PRO KC 25 6.85 -117.00 -5.45
C PRO KC 25 7.48 -118.39 -5.29
N CYS KC 26 8.75 -118.48 -5.66
CA CYS KC 26 9.41 -119.77 -5.80
C CYS KC 26 9.74 -120.36 -4.44
N LYS KC 27 9.52 -121.67 -4.32
CA LYS KC 27 9.74 -122.39 -3.07
C LYS KC 27 11.19 -122.87 -3.00
N VAL KC 28 11.83 -122.62 -1.86
CA VAL KC 28 13.11 -123.23 -1.52
C VAL KC 28 12.95 -123.86 -0.15
N GLN KC 29 12.85 -125.19 -0.13
CA GLN KC 29 12.51 -125.91 1.09
C GLN KC 29 13.76 -126.51 1.72
N SER KC 30 13.93 -126.20 3.00
CA SER KC 30 15.05 -126.73 3.78
C SER KC 30 14.49 -127.86 4.64
N PHE KC 31 14.36 -129.03 4.02
CA PHE KC 31 14.00 -130.21 4.79
C PHE KC 31 15.18 -130.65 5.64
N GLU KC 32 14.88 -131.08 6.86
CA GLU KC 32 15.87 -131.74 7.69
C GLU KC 32 15.33 -133.10 8.12
N GLN KC 33 16.26 -134.05 8.24
CA GLN KC 33 16.01 -135.30 8.94
C GLN KC 33 17.13 -135.34 9.98
N ARG KC 34 16.88 -134.65 11.09
CA ARG KC 34 17.93 -134.35 12.06
C ARG KC 34 17.43 -134.56 13.48
N ASP KC 35 18.21 -134.09 14.44
CA ASP KC 35 17.83 -134.03 15.84
C ASP KC 35 18.51 -132.80 16.45
N ASP KC 36 18.57 -132.76 17.77
CA ASP KC 36 19.30 -131.69 18.44
C ASP KC 36 20.01 -132.28 19.65
N VAL KC 37 20.60 -131.39 20.44
CA VAL KC 37 21.10 -131.72 21.76
C VAL KC 37 20.34 -130.82 22.73
N LYS KC 38 20.70 -130.86 24.01
CA LYS KC 38 20.06 -129.96 24.97
C LYS KC 38 20.38 -128.50 24.67
N HIS KC 39 21.62 -128.22 24.29
CA HIS KC 39 22.06 -126.83 24.15
C HIS KC 39 21.55 -126.21 22.85
N LEU KC 40 21.69 -126.90 21.73
CA LEU KC 40 21.48 -126.23 20.46
C LEU KC 40 21.03 -127.20 19.38
N GLY KC 41 20.07 -126.75 18.58
CA GLY KC 41 19.88 -127.27 17.25
C GLY KC 41 19.92 -126.10 16.28
N ILE KC 42 20.95 -126.02 15.47
CA ILE KC 42 21.19 -124.84 14.65
C ILE KC 42 20.81 -125.11 13.20
N CYS KC 43 20.06 -124.16 12.63
CA CYS KC 43 19.59 -124.29 11.25
C CYS KC 43 19.55 -122.91 10.62
N LYS KC 44 20.57 -122.58 9.83
CA LYS KC 44 20.42 -121.47 8.90
C LYS KC 44 19.49 -121.91 7.78
N VAL KC 45 18.33 -121.27 7.70
CA VAL KC 45 17.27 -121.75 6.81
C VAL KC 45 17.50 -121.22 5.39
N ILE KC 46 18.32 -120.19 5.25
CA ILE KC 46 18.54 -119.55 3.97
C ILE KC 46 19.85 -120.02 3.34
N SER KC 47 20.31 -121.21 3.73
CA SER KC 47 21.69 -121.63 3.48
C SER KC 47 21.91 -122.02 2.03
N ASP KC 48 21.17 -123.00 1.53
CA ASP KC 48 21.42 -123.62 0.23
C ASP KC 48 20.85 -122.82 -0.94
N VAL KC 49 20.55 -121.53 -0.78
CA VAL KC 49 19.95 -120.74 -1.85
C VAL KC 49 21.08 -120.13 -2.66
N THR KC 50 21.38 -120.73 -3.81
CA THR KC 50 22.44 -120.28 -4.71
C THR KC 50 21.82 -119.67 -5.95
N ARG KC 51 22.64 -118.96 -6.73
CA ARG KC 51 22.18 -118.40 -7.99
C ARG KC 51 22.00 -119.50 -9.03
N GLY KC 52 20.84 -119.50 -9.68
CA GLY KC 52 20.54 -120.46 -10.71
C GLY KC 52 19.20 -120.18 -11.37
N PRO KC 53 18.94 -120.83 -12.50
CA PRO KC 53 17.66 -120.58 -13.20
C PRO KC 53 16.48 -121.30 -12.58
N GLY KC 54 16.70 -122.35 -11.80
CA GLY KC 54 15.61 -123.11 -11.23
C GLY KC 54 14.89 -122.38 -10.11
N LEU KC 55 13.74 -122.93 -9.73
CA LEU KC 55 12.94 -122.33 -8.67
C LEU KC 55 13.44 -122.68 -7.27
N THR KC 56 14.42 -123.59 -7.16
CA THR KC 56 15.14 -123.80 -5.90
C THR KC 56 16.38 -122.92 -5.81
N HIS KC 57 16.36 -121.76 -6.47
CA HIS KC 57 17.52 -120.90 -6.62
C HIS KC 57 17.08 -119.45 -6.45
N ARG KC 58 17.95 -118.52 -6.83
CA ARG KC 58 17.69 -117.11 -6.60
C ARG KC 58 18.20 -116.30 -7.79
N VAL KC 59 17.64 -115.09 -7.93
CA VAL KC 59 18.06 -114.13 -8.94
C VAL KC 59 18.58 -112.90 -8.21
N GLY KC 60 19.88 -112.67 -8.31
CA GLY KC 60 20.50 -111.54 -7.63
C GLY KC 60 20.89 -111.84 -6.19
N LYS KC 61 20.74 -110.85 -5.32
CA LYS KC 61 21.10 -111.02 -3.91
C LYS KC 61 20.10 -110.35 -2.98
N ARG KC 62 18.87 -110.15 -3.43
CA ARG KC 62 17.83 -109.50 -2.65
C ARG KC 62 16.64 -110.44 -2.49
N PHE KC 63 16.22 -110.64 -1.25
CA PHE KC 63 15.06 -111.47 -0.93
C PHE KC 63 13.99 -110.62 -0.25
N CYS KC 64 12.76 -111.07 -0.37
CA CYS KC 64 11.67 -110.66 0.53
C CYS KC 64 10.90 -111.94 0.83
N ILE KC 65 11.24 -112.60 1.94
CA ILE KC 65 10.58 -113.83 2.34
C ILE KC 65 9.13 -113.53 2.71
N LYS KC 66 8.20 -114.09 1.94
CA LYS KC 66 6.79 -113.87 2.21
C LYS KC 66 6.36 -114.61 3.47
N SER KC 67 6.62 -115.91 3.54
CA SER KC 67 6.24 -116.68 4.72
C SER KC 67 7.13 -117.89 4.87
N ILE KC 68 7.39 -118.25 6.11
CA ILE KC 68 8.01 -119.52 6.48
C ILE KC 68 6.90 -120.47 6.92
N TYR KC 69 6.82 -121.63 6.27
CA TYR KC 69 5.81 -122.63 6.56
C TYR KC 69 6.49 -123.83 7.19
N ILE KC 70 6.34 -123.99 8.49
CA ILE KC 70 7.06 -125.00 9.25
C ILE KC 70 6.16 -126.21 9.42
N LEU KC 71 6.49 -127.29 8.72
CA LEU KC 71 5.98 -128.61 9.05
C LEU KC 71 6.98 -129.30 9.97
N GLY KC 72 6.53 -130.39 10.59
CA GLY KC 72 7.45 -131.15 11.41
C GLY KC 72 6.81 -132.11 12.38
N LYS KC 73 7.41 -133.28 12.53
CA LYS KC 73 7.01 -134.27 13.52
C LYS KC 73 8.14 -134.46 14.51
N ILE KC 74 7.83 -134.30 15.79
CA ILE KC 74 8.83 -134.26 16.86
C ILE KC 74 8.55 -135.47 17.75
N TRP KC 75 9.42 -136.48 17.70
CA TRP KC 75 9.17 -137.70 18.43
C TRP KC 75 10.34 -138.06 19.32
N LEU KC 76 10.15 -139.14 20.06
CA LEU KC 76 11.20 -139.85 20.77
C LEU KC 76 11.04 -141.36 20.64
N ASP KC 77 10.41 -141.84 19.56
CA ASP KC 77 9.89 -143.20 19.49
C ASP KC 77 10.96 -144.21 19.09
N GLU KC 78 12.24 -143.87 19.27
CA GLU KC 78 13.31 -144.85 19.32
C GLU KC 78 13.07 -145.76 20.52
N THR KC 79 13.60 -146.99 20.46
CA THR KC 79 13.37 -147.99 21.51
C THR KC 79 14.06 -147.65 22.85
N ILE KC 80 14.85 -146.58 22.88
CA ILE KC 80 15.54 -146.11 24.08
C ILE KC 80 14.89 -144.76 24.37
N LYS KC 81 15.36 -144.05 25.40
CA LYS KC 81 14.90 -142.74 25.86
C LYS KC 81 13.45 -142.79 26.37
N LYS KC 82 13.08 -143.90 26.99
CA LYS KC 82 11.92 -143.95 27.86
C LYS KC 82 12.24 -143.57 29.29
N GLN KC 83 13.46 -143.82 29.76
CA GLN KC 83 13.94 -143.26 31.03
C GLN KC 83 14.47 -141.85 30.77
N ASN KC 84 14.68 -141.12 31.88
CA ASN KC 84 15.08 -139.70 31.91
C ASN KC 84 14.14 -138.86 31.08
N HIS KC 85 12.84 -139.12 31.23
CA HIS KC 85 11.82 -138.68 30.29
C HIS KC 85 11.18 -137.35 30.65
N THR KC 86 10.06 -137.05 29.99
CA THR KC 86 9.28 -135.82 30.08
C THR KC 86 10.07 -134.56 29.72
N ASN KC 87 10.46 -134.43 28.46
CA ASN KC 87 11.13 -133.23 27.96
C ASN KC 87 10.19 -132.52 26.98
N ASN KC 88 10.41 -131.23 26.80
CA ASN KC 88 9.64 -130.44 25.84
C ASN KC 88 10.57 -129.61 24.97
N VAL KC 89 10.03 -129.14 23.84
CA VAL KC 89 10.81 -128.45 22.82
C VAL KC 89 10.28 -127.03 22.70
N ILE KC 90 11.18 -126.06 22.82
CA ILE KC 90 10.85 -124.65 22.60
C ILE KC 90 11.54 -124.22 21.32
N PHE KC 91 10.78 -123.70 20.36
CA PHE KC 91 11.37 -123.24 19.11
C PHE KC 91 11.68 -121.76 19.18
N TYR KC 92 12.67 -121.35 18.40
CA TYR KC 92 13.11 -119.97 18.35
C TYR KC 92 13.35 -119.59 16.89
N LEU KC 93 12.63 -118.58 16.41
CA LEU KC 93 12.78 -118.09 15.04
C LEU KC 93 13.22 -116.64 15.16
N LEU KC 94 14.50 -116.38 14.90
CA LEU KC 94 15.12 -115.10 15.21
C LEU KC 94 15.35 -114.29 13.95
N ARG KC 95 15.17 -112.98 14.05
CA ARG KC 95 15.60 -112.07 12.99
C ARG KC 95 17.02 -111.61 13.31
N ASP KC 96 17.98 -112.09 12.52
CA ASP KC 96 19.38 -111.78 12.74
C ASP KC 96 19.74 -110.45 12.09
N ARG KC 97 20.75 -109.79 12.65
CA ARG KC 97 21.18 -108.48 12.17
C ARG KC 97 22.49 -108.51 11.39
N ARG KC 98 23.40 -109.45 11.66
CA ARG KC 98 24.69 -109.50 11.00
C ARG KC 98 25.22 -110.93 11.04
N PRO KC 99 25.96 -111.36 10.03
CA PRO KC 99 26.57 -112.70 10.08
C PRO KC 99 28.01 -112.66 10.56
N TYR KC 100 28.56 -113.83 10.91
CA TYR KC 100 30.00 -114.03 11.04
C TYR KC 100 30.33 -115.40 10.45
N GLY KC 101 30.56 -115.43 9.14
CA GLY KC 101 30.91 -116.66 8.45
C GLY KC 101 29.84 -117.73 8.54
N ASN KC 102 30.12 -118.75 9.34
CA ASN KC 102 29.17 -119.81 9.64
C ASN KC 102 28.17 -119.35 10.72
N ALA KC 103 27.41 -120.30 11.26
CA ALA KC 103 26.43 -119.96 12.29
C ALA KC 103 27.12 -119.71 13.63
N PRO KC 104 26.68 -118.71 14.40
CA PRO KC 104 27.29 -118.46 15.71
C PRO KC 104 26.83 -119.45 16.77
N GLN KC 105 27.25 -119.22 18.01
CA GLN KC 105 26.86 -120.07 19.12
C GLN KC 105 25.38 -119.86 19.45
N ASP KC 106 24.85 -120.76 20.29
CA ASP KC 106 23.53 -120.56 20.88
C ASP KC 106 23.61 -120.17 22.35
N PHE KC 107 24.22 -121.02 23.18
CA PHE KC 107 24.24 -120.79 24.61
C PHE KC 107 25.15 -119.62 24.97
N GLY KC 108 26.16 -119.35 24.15
CA GLY KC 108 26.94 -118.15 24.29
C GLY KC 108 26.38 -116.93 23.60
N GLN KC 109 25.22 -117.05 22.96
CA GLN KC 109 24.58 -115.94 22.28
C GLN KC 109 23.27 -115.53 22.93
N ILE KC 110 22.32 -116.45 23.09
CA ILE KC 110 21.17 -116.15 23.95
C ILE KC 110 21.60 -116.29 25.40
N PHE KC 111 20.82 -115.65 26.29
CA PHE KC 111 21.37 -115.21 27.56
C PHE KC 111 21.49 -116.34 28.58
N ASN KC 112 20.38 -116.94 28.98
CA ASN KC 112 20.39 -117.78 30.17
C ASN KC 112 19.93 -119.19 29.79
N MET KC 113 19.76 -120.04 30.80
CA MET KC 113 19.54 -121.47 30.59
C MET KC 113 18.09 -121.75 30.20
N PHE KC 114 17.86 -121.78 28.89
CA PHE KC 114 16.81 -122.50 28.15
C PHE KC 114 15.43 -121.86 28.29
N ASP KC 115 15.26 -120.85 29.14
CA ASP KC 115 14.07 -120.00 29.19
C ASP KC 115 14.56 -118.56 29.24
N ASN KC 116 14.75 -117.95 28.08
CA ASN KC 116 15.54 -116.73 28.03
C ASN KC 116 15.17 -115.89 26.82
N GLU KC 117 16.02 -114.90 26.56
CA GLU KC 117 15.98 -113.93 25.48
C GLU KC 117 17.42 -113.79 24.99
N PRO KC 118 17.71 -113.10 23.89
CA PRO KC 118 19.10 -112.77 23.57
C PRO KC 118 19.71 -111.84 24.60
N SER KC 119 21.04 -111.86 24.66
CA SER KC 119 21.78 -111.11 25.66
C SER KC 119 21.69 -109.60 25.40
N THR KC 120 22.03 -108.83 26.43
CA THR KC 120 21.95 -107.37 26.36
C THR KC 120 22.99 -106.79 25.41
N ALA KC 121 24.11 -107.48 25.21
CA ALA KC 121 25.15 -107.01 24.31
C ALA KC 121 24.98 -107.52 22.89
N THR KC 122 23.88 -108.20 22.59
CA THR KC 122 23.70 -108.84 21.30
C THR KC 122 22.54 -108.25 20.50
N ILE KC 123 21.76 -107.35 21.07
CA ILE KC 123 20.59 -106.80 20.37
C ILE KC 123 21.01 -105.84 19.27
N PHE KC 131 20.41 -109.99 18.91
CA PHE KC 131 19.73 -110.26 17.65
C PHE KC 131 18.22 -110.23 17.90
N GLN KC 132 17.46 -109.79 16.90
CA GLN KC 132 16.01 -109.68 17.09
C GLN KC 132 15.36 -111.05 17.05
N VAL KC 133 14.18 -111.13 17.66
CA VAL KC 133 13.38 -112.33 17.76
C VAL KC 133 12.13 -112.08 16.92
N LEU KC 134 11.56 -113.14 16.33
CA LEU KC 134 10.24 -113.00 15.76
C LEU KC 134 9.16 -113.66 16.63
N ARG KC 135 9.20 -114.97 16.82
CA ARG KC 135 8.23 -115.67 17.66
C ARG KC 135 8.86 -116.93 18.25
N LYS KC 136 8.06 -117.65 19.03
CA LYS KC 136 8.42 -118.91 19.67
C LYS KC 136 7.35 -119.95 19.37
N PHE KC 137 7.62 -121.20 19.74
CA PHE KC 137 6.64 -122.28 19.62
C PHE KC 137 6.79 -123.22 20.80
N HIS KC 138 5.94 -124.25 20.84
CA HIS KC 138 5.98 -125.26 21.90
C HIS KC 138 5.77 -126.64 21.28
N ALA KC 139 6.38 -127.64 21.92
CA ALA KC 139 6.18 -129.04 21.56
C ALA KC 139 6.54 -129.86 22.79
N THR KC 140 5.57 -130.58 23.34
CA THR KC 140 5.73 -131.30 24.60
C THR KC 140 5.58 -132.79 24.37
N VAL KC 141 6.69 -133.52 24.45
CA VAL KC 141 6.67 -134.97 24.27
C VAL KC 141 7.04 -135.65 25.58
N VAL KC 142 6.02 -136.15 26.29
CA VAL KC 142 6.25 -136.72 27.61
C VAL KC 142 5.94 -138.22 27.59
N GLY KC 143 6.97 -139.05 27.45
CA GLY KC 143 6.75 -140.48 27.44
C GLY KC 143 7.71 -141.29 28.28
N GLY KC 144 7.20 -141.95 29.31
CA GLY KC 144 8.06 -142.77 30.16
C GLY KC 144 7.77 -144.25 30.03
N LEU KC 145 7.10 -144.82 31.03
CA LEU KC 145 6.72 -146.23 31.01
C LEU KC 145 5.27 -146.36 31.46
N TYR KC 146 4.72 -147.54 31.20
CA TYR KC 146 3.41 -148.04 31.63
C TYR KC 146 2.21 -147.25 31.12
N CYS KC 147 2.37 -146.24 30.26
CA CYS KC 147 1.25 -145.95 29.36
C CYS KC 147 1.70 -145.98 27.89
N MET KC 148 2.80 -145.31 27.46
CA MET KC 148 3.44 -144.10 27.98
C MET KC 148 2.80 -142.93 27.22
N LYS KC 149 2.18 -142.00 27.95
CA LYS KC 149 1.28 -141.08 27.28
C LYS KC 149 1.93 -139.73 27.00
N GLU KC 150 2.76 -139.73 25.95
CA GLU KC 150 2.81 -138.79 24.82
C GLU KC 150 3.96 -139.17 23.90
N GLN KC 151 3.85 -138.77 22.64
CA GLN KC 151 4.77 -139.13 21.55
C GLN KC 151 4.69 -138.09 20.46
N ALA KC 152 5.07 -138.49 19.24
CA ALA KC 152 5.18 -137.69 18.03
C ALA KC 152 4.02 -136.72 17.83
N LEU KC 153 4.31 -135.43 17.84
CA LEU KC 153 3.32 -134.38 17.64
C LEU KC 153 3.54 -133.74 16.29
N VAL KC 154 2.45 -133.28 15.66
CA VAL KC 154 2.56 -132.64 14.36
C VAL KC 154 2.31 -131.15 14.52
N LYS KC 155 3.20 -130.34 13.93
CA LYS KC 155 3.11 -128.88 14.02
C LYS KC 155 3.15 -128.28 12.63
N ARG KC 156 2.10 -127.53 12.28
CA ARG KC 156 2.08 -126.73 11.05
C ARG KC 156 1.79 -125.28 11.43
N PHE KC 157 2.48 -124.36 10.77
CA PHE KC 157 2.36 -122.93 11.10
C PHE KC 157 2.61 -122.09 9.85
N TYR KC 158 1.61 -121.32 9.43
CA TYR KC 158 1.87 -120.13 8.63
C TYR KC 158 2.58 -119.09 9.49
N ARG KC 159 3.57 -118.42 8.91
CA ARG KC 159 4.33 -117.41 9.66
C ARG KC 159 4.90 -116.41 8.66
N LEU KC 160 4.27 -115.24 8.57
CA LEU KC 160 4.69 -114.21 7.63
C LEU KC 160 5.93 -113.48 8.15
N ASN KC 161 6.84 -113.15 7.23
CA ASN KC 161 8.13 -112.56 7.58
C ASN KC 161 8.49 -111.53 6.52
N HIS KC 162 9.76 -111.12 6.48
CA HIS KC 162 10.19 -110.00 5.63
C HIS KC 162 11.60 -110.27 5.11
N HIS KC 163 12.24 -109.20 4.61
CA HIS KC 163 13.29 -109.26 3.60
C HIS KC 163 14.63 -109.74 4.15
N VAL KC 164 15.45 -110.27 3.23
CA VAL KC 164 16.78 -110.83 3.49
C VAL KC 164 17.70 -110.35 2.36
N THR KC 165 18.95 -110.03 2.69
CA THR KC 165 19.93 -109.62 1.69
C THR KC 165 21.14 -110.56 1.77
N TYR KC 166 21.69 -110.92 0.61
CA TYR KC 166 23.01 -111.54 0.53
C TYR KC 166 24.08 -110.51 0.16
N ASN KC 167 25.29 -110.74 0.64
CA ASN KC 167 26.39 -109.80 0.38
C ASN KC 167 26.98 -110.04 -1.00
N HIS KC 168 27.55 -111.22 -1.22
CA HIS KC 168 28.26 -111.48 -2.46
C HIS KC 168 27.30 -111.85 -3.58
N GLN KC 169 27.79 -111.72 -4.81
CA GLN KC 169 27.04 -112.08 -6.01
C GLN KC 169 27.37 -113.50 -6.47
N GLU KC 170 27.82 -114.34 -5.54
CA GLU KC 170 28.21 -115.71 -5.83
C GLU KC 170 26.99 -116.61 -5.93
N ALA KC 171 27.21 -117.82 -6.44
CA ALA KC 171 26.24 -118.90 -6.33
C ALA KC 171 26.59 -119.76 -5.10
N GLY KC 172 26.69 -119.08 -3.97
CA GLY KC 172 27.26 -119.66 -2.77
C GLY KC 172 26.24 -120.01 -1.70
N LYS KC 173 26.76 -120.61 -0.63
CA LYS KC 173 25.98 -121.09 0.49
C LYS KC 173 25.87 -119.97 1.54
N TYR KC 174 25.50 -120.34 2.77
CA TYR KC 174 25.22 -119.42 3.87
C TYR KC 174 26.39 -118.55 4.31
N GLU KC 175 27.60 -118.77 3.80
CA GLU KC 175 28.78 -118.10 4.32
C GLU KC 175 28.84 -116.63 3.91
N ASN KC 176 28.24 -116.26 2.78
CA ASN KC 176 28.38 -114.92 2.22
C ASN KC 176 27.20 -114.01 2.54
N HIS KC 177 26.64 -114.12 3.74
CA HIS KC 177 25.49 -113.33 4.14
C HIS KC 177 25.89 -111.88 4.44
N THR KC 178 24.88 -111.08 4.75
CA THR KC 178 25.01 -109.70 5.22
C THR KC 178 23.84 -109.43 6.15
N GLU KC 179 23.50 -108.14 6.34
CA GLU KC 179 22.39 -107.70 7.17
C GLU KC 179 21.08 -108.41 6.84
N ASN KC 180 20.24 -108.55 7.88
CA ASN KC 180 18.91 -109.16 7.83
C ASN KC 180 18.96 -110.62 7.37
N ALA KC 181 19.63 -111.42 8.20
CA ALA KC 181 19.51 -112.86 8.13
C ALA KC 181 18.41 -113.33 9.07
N LEU KC 182 18.03 -114.60 8.93
CA LEU KC 182 17.06 -115.21 9.83
C LEU KC 182 17.28 -116.72 9.83
N LEU KC 183 17.15 -117.33 11.01
CA LEU KC 183 17.47 -118.74 11.18
C LEU KC 183 16.73 -119.27 12.39
N LEU KC 184 16.94 -120.54 12.69
CA LEU KC 184 16.24 -121.24 13.76
C LEU KC 184 17.19 -121.74 14.83
N TYR KC 185 16.67 -121.81 16.06
CA TYR KC 185 17.30 -122.55 17.14
C TYR KC 185 16.24 -123.42 17.79
N MET KC 186 16.63 -124.66 18.12
CA MET KC 186 15.76 -125.58 18.83
C MET KC 186 16.41 -125.92 20.17
N ALA KC 187 15.60 -126.03 21.21
CA ALA KC 187 16.12 -126.17 22.56
C ALA KC 187 15.41 -127.29 23.29
N CYS KC 188 16.20 -128.16 23.92
CA CYS KC 188 15.69 -129.16 24.85
C CYS KC 188 15.91 -128.68 26.28
N THR KC 189 15.09 -129.20 27.20
CA THR KC 189 15.07 -128.71 28.57
C THR KC 189 15.52 -129.75 29.59
N HIS KC 190 16.13 -130.85 29.15
CA HIS KC 190 16.59 -131.88 30.08
C HIS KC 190 17.89 -132.49 29.56
N ALA KC 191 18.64 -133.09 30.48
CA ALA KC 191 19.99 -133.56 30.19
C ALA KC 191 20.00 -134.75 29.23
N SER KC 192 18.94 -135.55 29.21
CA SER KC 192 18.81 -136.58 28.18
C SER KC 192 18.53 -135.94 26.83
N ASN KC 193 18.72 -136.73 25.78
CA ASN KC 193 18.40 -136.23 24.44
C ASN KC 193 17.39 -137.15 23.76
N PRO KC 194 16.10 -137.08 24.10
CA PRO KC 194 15.13 -137.95 23.42
C PRO KC 194 14.65 -137.41 22.09
N VAL KC 195 14.80 -136.11 21.86
CA VAL KC 195 14.08 -135.41 20.80
C VAL KC 195 14.71 -135.74 19.44
N TYR KC 196 13.95 -136.43 18.60
CA TYR KC 196 14.29 -136.62 17.20
C TYR KC 196 13.30 -135.83 16.36
N ALA KC 197 13.62 -134.56 16.14
CA ALA KC 197 12.73 -133.61 15.49
C ALA KC 197 13.14 -133.45 14.04
N THR KC 198 12.27 -133.87 13.12
CA THR KC 198 12.49 -133.69 11.69
C THR KC 198 11.43 -132.73 11.16
N LEU KC 199 11.89 -131.69 10.49
CA LEU KC 199 11.03 -130.57 10.13
C LEU KC 199 11.16 -130.27 8.64
N LYS KC 200 10.02 -130.03 8.01
CA LYS KC 200 9.95 -129.57 6.63
C LYS KC 200 9.62 -128.08 6.64
N ILE KC 201 10.53 -127.28 6.08
CA ILE KC 201 10.48 -125.83 6.23
C ILE KC 201 10.38 -125.24 4.83
N ARG KC 202 9.17 -124.87 4.42
CA ARG KC 202 8.98 -124.19 3.15
C ARG KC 202 9.16 -122.69 3.31
N ILE KC 203 10.00 -122.11 2.46
CA ILE KC 203 10.04 -120.66 2.25
C ILE KC 203 9.66 -120.41 0.80
N TYR KC 204 8.55 -119.73 0.57
CA TYR KC 204 8.22 -119.24 -0.75
C TYR KC 204 8.16 -117.72 -0.73
N PHE KC 205 8.75 -117.11 -1.75
CA PHE KC 205 9.04 -115.69 -1.74
C PHE KC 205 9.06 -115.11 -3.15
N PRO LC 16 4.77 -93.32 21.52
CA PRO LC 16 3.53 -94.02 21.18
C PRO LC 16 3.21 -95.16 22.14
N ASP LC 17 4.08 -95.39 23.13
CA ASP LC 17 3.95 -96.52 24.04
C ASP LC 17 3.80 -96.08 25.49
N ILE LC 18 4.58 -95.09 25.92
CA ILE LC 18 4.73 -94.73 27.33
C ILE LC 18 3.97 -93.47 27.68
N PRO LC 19 3.41 -93.37 28.90
CA PRO LC 19 2.73 -92.14 29.31
C PRO LC 19 3.57 -91.20 30.16
N ARG LC 20 4.83 -91.50 30.45
CA ARG LC 20 5.58 -90.76 31.46
C ARG LC 20 6.70 -89.91 30.88
N GLY LC 21 7.66 -90.52 30.16
CA GLY LC 21 8.83 -89.82 29.70
C GLY LC 21 9.53 -90.55 28.58
N CYS LC 22 10.23 -89.78 27.73
CA CYS LC 22 10.76 -90.26 26.46
C CYS LC 22 12.07 -91.05 26.61
N GLU LC 23 12.38 -91.53 27.81
CA GLU LC 23 13.48 -92.47 27.99
C GLU LC 23 13.16 -93.79 27.28
N GLY LC 24 14.22 -94.54 26.98
CA GLY LC 24 14.06 -95.86 26.44
C GLY LC 24 13.44 -96.80 27.47
N PRO LC 25 12.53 -97.67 27.02
CA PRO LC 25 11.92 -98.62 27.96
C PRO LC 25 12.90 -99.69 28.41
N CYS LC 26 13.74 -99.32 29.38
CA CYS LC 26 14.88 -100.13 29.76
C CYS LC 26 14.45 -101.35 30.56
N LYS LC 27 15.07 -102.49 30.26
CA LYS LC 27 14.75 -103.74 30.92
C LYS LC 27 15.58 -103.91 32.17
N VAL LC 28 14.92 -104.28 33.27
CA VAL LC 28 15.58 -104.72 34.49
C VAL LC 28 14.97 -106.06 34.86
N GLN LC 29 15.71 -107.14 34.62
CA GLN LC 29 15.18 -108.48 34.74
C GLN LC 29 15.62 -109.11 36.06
N SER LC 30 14.65 -109.59 36.83
CA SER LC 30 14.90 -110.28 38.09
C SER LC 30 14.76 -111.77 37.81
N PHE LC 31 15.83 -112.35 37.26
CA PHE LC 31 15.86 -113.79 37.11
C PHE LC 31 16.04 -114.46 38.47
N GLU LC 32 15.34 -115.56 38.67
CA GLU LC 32 15.57 -116.42 39.82
C GLU LC 32 15.88 -117.82 39.35
N GLN LC 33 16.75 -118.49 40.09
CA GLN LC 33 16.93 -119.94 40.02
C GLN LC 33 16.70 -120.40 41.44
N ARG LC 34 15.43 -120.55 41.80
CA ARG LC 34 15.02 -120.73 43.18
C ARG LC 34 13.96 -121.81 43.31
N ASP LC 35 13.35 -121.88 44.48
CA ASP LC 35 12.19 -122.72 44.74
C ASP LC 35 11.33 -122.01 45.77
N ASP LC 36 10.43 -122.75 46.39
CA ASP LC 36 9.62 -122.19 47.46
C ASP LC 36 9.43 -123.26 48.54
N VAL LC 37 8.62 -122.93 49.52
CA VAL LC 37 8.11 -123.89 50.49
C VAL LC 37 6.60 -123.88 50.34
N LYS LC 38 5.89 -124.61 51.19
CA LYS LC 38 4.43 -124.58 51.15
C LYS LC 38 3.89 -123.20 51.50
N HIS LC 39 4.49 -122.54 52.49
CA HIS LC 39 3.93 -121.30 53.00
C HIS LC 39 4.22 -120.12 52.07
N LEU LC 40 5.47 -119.98 51.63
CA LEU LC 40 5.84 -118.73 51.00
C LEU LC 40 6.99 -118.93 50.00
N GLY LC 41 6.87 -118.25 48.86
CA GLY LC 41 8.02 -117.91 48.06
C GLY LC 41 7.98 -116.41 47.84
N ILE LC 42 8.93 -115.68 48.43
CA ILE LC 42 8.85 -114.23 48.46
C ILE LC 42 9.86 -113.65 47.46
N CYS LC 43 9.37 -112.68 46.68
CA CYS LC 43 10.20 -112.06 45.65
C CYS LC 43 9.78 -110.60 45.53
N LYS LC 44 10.54 -109.70 46.15
CA LYS LC 44 10.44 -108.29 45.76
C LYS LC 44 11.10 -108.12 44.40
N VAL LC 45 10.28 -107.77 43.41
CA VAL LC 45 10.74 -107.79 42.04
C VAL LC 45 11.49 -106.50 41.70
N ILE LC 46 11.31 -105.46 42.51
CA ILE LC 46 11.88 -104.14 42.25
C ILE LC 46 13.13 -103.93 43.09
N SER LC 47 13.77 -105.03 43.51
CA SER LC 47 14.76 -104.99 44.59
C SER LC 47 16.08 -104.38 44.12
N ASP LC 48 16.71 -104.99 43.11
CA ASP LC 48 18.06 -104.66 42.70
C ASP LC 48 18.15 -103.43 41.80
N VAL LC 49 17.14 -102.56 41.78
CA VAL LC 49 17.14 -101.41 40.89
C VAL LC 49 17.80 -100.25 41.64
N THR LC 50 19.07 -99.99 41.34
CA THR LC 50 19.84 -98.93 41.96
C THR LC 50 20.07 -97.81 40.96
N ARG LC 51 20.54 -96.66 41.46
CA ARG LC 51 20.85 -95.54 40.58
C ARG LC 51 22.15 -95.81 39.84
N GLY LC 52 22.12 -95.62 38.52
CA GLY LC 52 23.28 -95.81 37.68
C GLY LC 52 23.00 -95.43 36.24
N PRO LC 53 24.06 -95.30 35.44
CA PRO LC 53 23.87 -94.91 34.04
C PRO LC 53 23.39 -96.04 33.15
N GLY LC 54 23.58 -97.30 33.54
CA GLY LC 54 23.20 -98.41 32.70
C GLY LC 54 21.69 -98.62 32.63
N LEU LC 55 21.30 -99.48 31.69
CA LEU LC 55 19.87 -99.77 31.50
C LEU LC 55 19.34 -100.79 32.51
N THR LC 56 20.21 -101.40 33.30
CA THR LC 56 19.78 -102.20 34.46
C THR LC 56 19.70 -101.35 35.72
N HIS LC 57 19.45 -100.06 35.57
CA HIS LC 57 19.50 -99.09 36.67
C HIS LC 57 18.34 -98.13 36.53
N ARG LC 58 18.39 -97.03 37.27
CA ARG LC 58 17.28 -96.09 37.33
C ARG LC 58 17.81 -94.66 37.38
N VAL LC 59 16.94 -93.73 36.98
CA VAL LC 59 17.22 -92.30 37.05
C VAL LC 59 16.20 -91.68 37.99
N GLY LC 60 16.67 -91.22 39.15
CA GLY LC 60 15.79 -90.64 40.14
C GLY LC 60 15.14 -91.66 41.05
N LYS LC 61 13.88 -91.43 41.41
CA LYS LC 61 13.17 -92.33 42.32
C LYS LC 61 11.72 -92.53 41.91
N ARG LC 62 11.40 -92.31 40.64
CA ARG LC 62 10.04 -92.43 40.12
C ARG LC 62 10.00 -93.46 39.00
N PHE LC 63 9.11 -94.44 39.13
CA PHE LC 63 8.91 -95.46 38.11
C PHE LC 63 7.50 -95.38 37.55
N CYS LC 64 7.35 -95.88 36.34
CA CYS LC 64 6.05 -96.26 35.80
C CYS LC 64 6.29 -97.58 35.06
N ILE LC 65 6.07 -98.70 35.75
CA ILE LC 65 6.27 -100.02 35.17
C ILE LC 65 5.24 -100.24 34.07
N LYS LC 66 5.72 -100.38 32.84
CA LYS LC 66 4.82 -100.61 31.72
C LYS LC 66 4.22 -102.00 31.77
N SER LC 67 5.07 -103.02 31.86
CA SER LC 67 4.56 -104.38 31.93
C SER LC 67 5.57 -105.29 32.62
N ILE LC 68 5.04 -106.27 33.34
CA ILE LC 68 5.82 -107.37 33.87
C ILE LC 68 5.62 -108.57 32.95
N TYR LC 69 6.72 -109.11 32.45
CA TYR LC 69 6.72 -110.23 31.53
C TYR LC 69 7.30 -111.44 32.25
N ILE LC 70 6.43 -112.36 32.65
CA ILE LC 70 6.82 -113.49 33.48
C ILE LC 70 7.06 -114.70 32.59
N LEU LC 71 8.32 -115.08 32.44
CA LEU LC 71 8.68 -116.40 31.96
C LEU LC 71 8.89 -117.32 33.16
N GLY LC 72 8.94 -118.62 32.87
CA GLY LC 72 9.21 -119.55 33.95
C GLY LC 72 8.86 -121.00 33.64
N LYS LC 73 9.72 -121.90 34.10
CA LYS LC 73 9.47 -123.33 34.03
C LYS LC 73 9.38 -123.88 35.45
N ILE LC 74 8.27 -124.57 35.72
CA ILE LC 74 7.93 -125.02 37.08
C ILE LC 74 7.92 -126.54 37.05
N TRP LC 75 8.93 -127.16 37.67
CA TRP LC 75 9.07 -128.60 37.59
C TRP LC 75 9.16 -129.21 38.98
N LEU LC 76 9.23 -130.54 38.98
CA LEU LC 76 9.61 -131.34 40.12
C LEU LC 76 10.53 -132.48 39.73
N ASP LC 77 11.30 -132.32 38.64
CA ASP LC 77 11.96 -133.44 37.97
C ASP LC 77 13.28 -133.81 38.63
N GLU LC 78 13.47 -133.44 39.89
CA GLU LC 78 14.47 -134.07 40.74
C GLU LC 78 14.11 -135.54 40.92
N THR LC 79 15.11 -136.38 41.20
CA THR LC 79 14.89 -137.83 41.32
C THR LC 79 14.07 -138.24 42.54
N ILE LC 80 13.72 -137.29 43.40
CA ILE LC 80 12.90 -137.51 44.59
C ILE LC 80 11.62 -136.73 44.31
N LYS LC 81 10.68 -136.71 45.27
CA LYS LC 81 9.39 -136.02 45.22
C LYS LC 81 8.47 -136.60 44.13
N LYS LC 82 8.57 -137.91 43.92
CA LYS LC 82 7.52 -138.66 43.24
C LYS LC 82 6.45 -139.16 44.18
N GLN LC 83 6.78 -139.44 45.45
CA GLN LC 83 5.78 -139.66 46.48
C GLN LC 83 5.32 -138.31 47.04
N ASN LC 84 4.21 -138.35 47.79
CA ASN LC 84 3.51 -137.20 48.36
C ASN LC 84 3.16 -136.19 47.27
N HIS LC 85 2.69 -136.70 46.13
CA HIS LC 85 2.65 -135.97 44.88
C HIS LC 85 1.34 -135.24 44.63
N THR LC 86 1.15 -134.80 43.39
CA THR LC 86 0.01 -134.01 42.89
C THR LC 86 -0.16 -132.68 43.60
N ASN LC 87 0.78 -131.76 43.45
CA ASN LC 87 0.67 -130.41 43.98
C ASN LC 87 0.52 -129.43 42.83
N ASN LC 88 -0.04 -128.26 43.11
CA ASN LC 88 -0.17 -127.21 42.12
C ASN LC 88 0.30 -125.87 42.69
N VAL LC 89 0.58 -124.93 41.79
CA VAL LC 89 1.17 -123.64 42.15
C VAL LC 89 0.17 -122.55 41.82
N ILE LC 90 -0.12 -121.70 42.80
CA ILE LC 90 -0.95 -120.52 42.60
C ILE LC 90 -0.04 -119.30 42.73
N PHE LC 91 -0.02 -118.46 41.70
CA PHE LC 91 0.80 -117.26 41.76
C PHE LC 91 -0.02 -116.07 42.27
N TYR LC 92 0.69 -115.12 42.86
CA TYR LC 92 0.07 -113.92 43.43
C TYR LC 92 0.93 -112.73 43.08
N LEU LC 93 0.36 -111.77 42.36
CA LEU LC 93 1.05 -110.55 41.98
C LEU LC 93 0.28 -109.40 42.61
N LEU LC 94 0.84 -108.82 43.68
CA LEU LC 94 0.10 -107.91 44.54
C LEU LC 94 0.59 -106.48 44.32
N ARG LC 95 -0.35 -105.53 44.37
CA ARG LC 95 -0.01 -104.12 44.42
C ARG LC 95 0.10 -103.71 45.88
N ASP LC 96 1.32 -103.47 46.36
CA ASP LC 96 1.56 -103.12 47.75
C ASP LC 96 1.35 -101.62 47.97
N ARG LC 97 0.98 -101.27 49.19
CA ARG LC 97 0.70 -99.88 49.54
C ARG LC 97 1.79 -99.22 50.38
N ARG LC 98 2.54 -99.97 51.19
CA ARG LC 98 3.55 -99.40 52.07
C ARG LC 98 4.60 -100.47 52.37
N PRO LC 99 5.85 -100.09 52.54
CA PRO LC 99 6.87 -101.06 52.94
C PRO LC 99 7.14 -101.08 54.44
N TYR LC 100 7.81 -102.12 54.91
CA TYR LC 100 8.43 -102.11 56.25
C TYR LC 100 9.80 -102.78 56.11
N GLY LC 101 10.81 -101.99 55.76
CA GLY LC 101 12.18 -102.49 55.61
C GLY LC 101 12.31 -103.56 54.55
N ASN LC 102 12.49 -104.80 55.00
CA ASN LC 102 12.54 -105.96 54.14
C ASN LC 102 11.12 -106.40 53.76
N ALA LC 103 11.00 -107.60 53.20
CA ALA LC 103 9.69 -108.11 52.80
C ALA LC 103 8.92 -108.59 54.02
N PRO LC 104 7.61 -108.34 54.07
CA PRO LC 104 6.81 -108.82 55.22
C PRO LC 104 6.49 -110.31 55.13
N GLN LC 105 5.67 -110.79 56.06
CA GLN LC 105 5.27 -112.19 56.07
C GLN LC 105 4.31 -112.47 54.91
N ASP LC 106 4.05 -113.76 54.67
CA ASP LC 106 3.00 -114.17 53.76
C ASP LC 106 1.79 -114.72 54.51
N PHE LC 107 1.99 -115.79 55.30
CA PHE LC 107 0.87 -116.45 55.95
C PHE LC 107 0.29 -115.59 57.08
N GLY LC 108 1.11 -114.72 57.66
CA GLY LC 108 0.61 -113.73 58.59
C GLY LC 108 0.11 -112.46 57.95
N GLN LC 109 0.15 -112.36 56.63
CA GLN LC 109 -0.32 -111.19 55.91
C GLN LC 109 -1.55 -111.48 55.07
N ILE LC 110 -1.49 -112.46 54.16
CA ILE LC 110 -2.73 -112.91 53.53
C ILE LC 110 -3.47 -113.82 54.52
N PHE LC 111 -4.77 -113.97 54.26
CA PHE LC 111 -5.68 -114.29 55.37
C PHE LC 111 -5.66 -115.76 55.76
N ASN LC 112 -6.03 -116.66 54.85
CA ASN LC 112 -6.33 -118.03 55.26
C ASN LC 112 -5.41 -118.98 54.50
N MET LC 113 -5.65 -120.28 54.67
CA MET LC 113 -4.74 -121.32 54.19
C MET LC 113 -4.91 -121.55 52.68
N PHE LC 114 -4.08 -120.84 51.92
CA PHE LC 114 -3.58 -121.14 50.58
C PHE LC 114 -4.64 -120.94 49.47
N ASP LC 115 -5.90 -120.68 49.82
CA ASP LC 115 -6.93 -120.24 48.89
C ASP LC 115 -7.63 -119.06 49.53
N ASN LC 116 -7.12 -117.85 49.30
CA ASN LC 116 -7.50 -116.73 50.15
C ASN LC 116 -7.32 -115.41 49.41
N GLU LC 117 -7.40 -114.34 50.19
CA GLU LC 117 -7.24 -112.94 49.82
C GLU LC 117 -6.41 -112.31 50.93
N PRO LC 118 -5.96 -111.06 50.80
CA PRO LC 118 -5.36 -110.38 51.95
C PRO LC 118 -6.38 -110.15 53.07
N SER LC 119 -5.85 -109.98 54.28
CA SER LC 119 -6.69 -109.86 55.47
C SER LC 119 -7.45 -108.54 55.46
N THR LC 120 -8.49 -108.49 56.32
CA THR LC 120 -9.33 -107.31 56.41
C THR LC 120 -8.61 -106.11 57.02
N ALA LC 121 -7.61 -106.35 57.85
CA ALA LC 121 -6.85 -105.27 58.46
C ALA LC 121 -5.64 -104.86 57.62
N THR LC 122 -5.47 -105.40 56.43
CA THR LC 122 -4.28 -105.17 55.62
C THR LC 122 -4.56 -104.42 54.33
N ILE LC 123 -5.83 -104.18 54.00
CA ILE LC 123 -6.16 -103.53 52.73
C ILE LC 123 -5.82 -102.04 52.75
N PHE LC 131 -3.31 -105.20 51.51
CA PHE LC 131 -2.58 -104.77 50.33
C PHE LC 131 -3.38 -105.15 49.10
N GLN LC 132 -3.29 -104.34 48.05
CA GLN LC 132 -4.07 -104.61 46.85
C GLN LC 132 -3.49 -105.78 46.07
N VAL LC 133 -4.35 -106.38 45.26
CA VAL LC 133 -4.02 -107.52 44.42
C VAL LC 133 -4.11 -107.04 42.98
N LEU LC 134 -3.30 -107.62 42.09
CA LEU LC 134 -3.55 -107.39 40.67
C LEU LC 134 -4.19 -108.59 39.98
N ARG LC 135 -3.51 -109.74 39.94
CA ARG LC 135 -4.06 -110.95 39.34
C ARG LC 135 -3.44 -112.19 39.98
N LYS LC 136 -3.88 -113.36 39.50
CA LYS LC 136 -3.41 -114.66 39.93
C LYS LC 136 -3.01 -115.47 38.71
N PHE LC 137 -2.40 -116.64 38.94
CA PHE LC 137 -2.08 -117.58 37.87
C PHE LC 137 -2.25 -119.01 38.39
N HIS LC 138 -2.01 -119.98 37.51
CA HIS LC 138 -2.11 -121.39 37.85
C HIS LC 138 -0.95 -122.15 37.22
N ALA LC 139 -0.53 -123.21 37.91
CA ALA LC 139 0.48 -124.14 37.39
C ALA LC 139 0.28 -125.45 38.13
N THR LC 140 -0.06 -126.51 37.39
CA THR LC 140 -0.42 -127.79 37.98
C THR LC 140 0.57 -128.86 37.55
N VAL LC 141 1.41 -129.30 38.49
CA VAL LC 141 2.40 -130.33 38.21
C VAL LC 141 2.07 -131.59 39.00
N VAL LC 142 1.47 -132.56 38.32
CA VAL LC 142 1.00 -133.77 39.01
C VAL LC 142 1.79 -134.99 38.52
N GLY LC 143 2.80 -135.38 39.28
CA GLY LC 143 3.59 -136.53 38.89
C GLY LC 143 3.89 -137.51 40.00
N GLY LC 144 3.39 -138.73 39.89
CA GLY LC 144 3.64 -139.74 40.91
C GLY LC 144 4.50 -140.88 40.41
N LEU LC 145 3.89 -142.03 40.16
CA LEU LC 145 4.59 -143.18 39.62
C LEU LC 145 3.77 -143.79 38.50
N TYR LC 146 4.43 -144.66 37.73
CA TYR LC 146 3.89 -145.53 36.68
C TYR LC 146 3.28 -144.79 35.49
N CYS LC 147 3.33 -143.47 35.40
CA CYS LC 147 3.30 -142.90 34.06
C CYS LC 147 4.51 -141.97 33.83
N MET LC 148 4.86 -141.00 34.73
CA MET LC 148 4.03 -140.26 35.68
C MET LC 148 3.58 -138.99 34.93
N LYS LC 149 2.27 -138.79 34.82
CA LYS LC 149 1.80 -137.82 33.84
C LYS LC 149 1.45 -136.48 34.49
N GLU LC 150 2.51 -135.71 34.79
CA GLU LC 150 2.74 -134.29 34.48
C GLU LC 150 4.06 -133.87 35.07
N GLN LC 151 4.64 -132.82 34.49
CA GLN LC 151 5.98 -132.31 34.80
C GLN LC 151 6.06 -130.85 34.39
N ALA LC 152 7.29 -130.38 34.16
CA ALA LC 152 7.69 -129.00 33.85
C ALA LC 152 6.76 -128.33 32.85
N LEU LC 153 6.11 -127.26 33.30
CA LEU LC 153 5.20 -126.48 32.47
C LEU LC 153 5.83 -125.13 32.17
N VAL LC 154 5.53 -124.59 30.99
CA VAL LC 154 6.08 -123.29 30.61
C VAL LC 154 4.97 -122.25 30.66
N LYS LC 155 5.25 -121.11 31.30
CA LYS LC 155 4.27 -120.04 31.46
C LYS LC 155 4.87 -118.73 30.98
N ARG LC 156 4.24 -118.11 29.99
CA ARG LC 156 4.58 -116.76 29.56
C ARG LC 156 3.33 -115.89 29.64
N PHE LC 157 3.50 -114.65 30.11
CA PHE LC 157 2.38 -113.74 30.33
C PHE LC 157 2.82 -112.30 30.14
N TYR LC 158 2.23 -111.60 29.16
CA TYR LC 158 2.17 -110.16 29.21
C TYR LC 158 1.25 -109.72 30.35
N ARG LC 159 1.66 -108.68 31.08
CA ARG LC 159 0.85 -108.22 32.21
C ARG LC 159 1.17 -106.73 32.44
N LEU LC 160 0.26 -105.86 31.98
CA LEU LC 160 0.46 -104.43 32.10
C LEU LC 160 0.17 -103.96 33.51
N ASN LC 161 0.97 -103.00 33.99
CA ASN LC 161 0.90 -102.53 35.38
C ASN LC 161 1.17 -101.02 35.39
N HIS LC 162 1.46 -100.47 36.56
CA HIS LC 162 1.55 -99.02 36.72
C HIS LC 162 2.65 -98.68 37.73
N HIS LC 163 2.61 -97.45 38.23
CA HIS LC 163 3.76 -96.70 38.74
C HIS LC 163 4.24 -97.20 40.11
N VAL LC 164 5.52 -96.93 40.38
CA VAL LC 164 6.24 -97.30 41.61
C VAL LC 164 7.09 -96.10 42.02
N THR LC 165 7.18 -95.84 43.32
CA THR LC 165 8.03 -94.76 43.83
C THR LC 165 9.02 -95.33 44.82
N TYR LC 166 10.27 -94.83 44.78
CA TYR LC 166 11.24 -95.07 45.85
C TYR LC 166 11.32 -93.86 46.77
N ASN LC 167 11.61 -94.12 48.04
CA ASN LC 167 11.68 -93.05 49.04
C ASN LC 167 13.02 -92.32 48.95
N HIS LC 168 14.11 -93.01 49.21
CA HIS LC 168 15.41 -92.37 49.30
C HIS LC 168 16.00 -92.16 47.90
N GLN LC 169 16.97 -91.24 47.83
CA GLN LC 169 17.69 -90.94 46.61
C GLN LC 169 18.99 -91.72 46.52
N GLU LC 170 19.06 -92.86 47.20
CA GLU LC 170 20.24 -93.70 47.26
C GLU LC 170 20.34 -94.55 46.00
N ALA LC 171 21.52 -95.16 45.82
CA ALA LC 171 21.69 -96.25 44.86
C ALA LC 171 21.52 -97.59 45.58
N GLY LC 172 20.37 -97.73 46.24
CA GLY LC 172 20.15 -98.79 47.19
C GLY LC 172 19.20 -99.87 46.68
N LYS LC 173 19.05 -100.88 47.52
CA LYS LC 173 18.25 -102.07 47.24
C LYS LC 173 16.81 -101.83 47.73
N TYR LC 174 16.05 -102.91 47.87
CA TYR LC 174 14.62 -102.90 48.21
C TYR LC 174 14.28 -102.27 49.57
N GLU LC 175 15.27 -101.94 50.40
CA GLU LC 175 14.98 -101.52 51.77
C GLU LC 175 14.40 -100.12 51.84
N ASN LC 176 14.71 -99.25 50.87
CA ASN LC 176 14.34 -97.84 50.93
C ASN LC 176 13.08 -97.52 50.13
N HIS LC 177 12.10 -98.40 50.12
CA HIS LC 177 10.87 -98.20 49.37
C HIS LC 177 9.96 -97.18 50.04
N THR LC 178 8.85 -96.90 49.38
CA THR LC 178 7.75 -96.07 49.87
C THR LC 178 6.47 -96.61 49.25
N GLU LC 179 5.43 -95.77 49.20
CA GLU LC 179 4.13 -96.09 48.61
C GLU LC 179 4.25 -96.68 47.20
N ASN LC 180 3.28 -97.53 46.87
CA ASN LC 180 3.13 -98.21 45.58
C ASN LC 180 4.35 -99.08 45.25
N ALA LC 181 4.54 -100.10 46.09
CA ALA LC 181 5.42 -101.21 45.76
C ALA LC 181 4.60 -102.32 45.11
N LEU LC 182 5.30 -103.30 44.54
CA LEU LC 182 4.65 -104.48 43.98
C LEU LC 182 5.65 -105.62 43.97
N LEU LC 183 5.16 -106.83 44.27
CA LEU LC 183 6.03 -107.98 44.46
C LEU LC 183 5.22 -109.25 44.24
N LEU LC 184 5.86 -110.40 44.39
CA LEU LC 184 5.26 -111.69 44.12
C LEU LC 184 5.22 -112.56 45.36
N TYR LC 185 4.22 -113.43 45.40
CA TYR LC 185 4.18 -114.55 46.33
C TYR LC 185 3.83 -115.80 45.55
N MET LC 186 4.50 -116.90 45.86
CA MET LC 186 4.22 -118.20 45.27
C MET LC 186 3.77 -119.15 46.38
N ALA LC 187 2.79 -119.99 46.09
CA ALA LC 187 2.16 -120.82 47.10
C ALA LC 187 2.06 -122.26 46.62
N CYS LC 188 2.48 -123.18 47.49
CA CYS LC 188 2.23 -124.60 47.30
C CYS LC 188 1.05 -125.04 48.15
N THR LC 189 0.39 -126.12 47.74
CA THR LC 189 -0.84 -126.55 48.38
C THR LC 189 -0.72 -127.91 49.07
N HIS LC 190 0.48 -128.42 49.29
CA HIS LC 190 0.67 -129.71 49.95
C HIS LC 190 1.92 -129.65 50.81
N ALA LC 191 1.96 -130.55 51.80
CA ALA LC 191 3.00 -130.53 52.83
C ALA LC 191 4.37 -130.90 52.28
N SER LC 192 4.44 -131.68 51.20
CA SER LC 192 5.70 -131.91 50.52
C SER LC 192 6.13 -130.65 49.78
N ASN LC 193 7.40 -130.60 49.41
CA ASN LC 193 7.88 -129.48 48.61
C ASN LC 193 8.49 -129.97 47.30
N PRO LC 194 7.67 -130.32 46.29
CA PRO LC 194 8.27 -130.77 45.03
C PRO LC 194 8.65 -129.63 44.10
N VAL LC 195 8.09 -128.44 44.30
CA VAL LC 195 8.10 -127.39 43.30
C VAL LC 195 9.48 -126.74 43.25
N TYR LC 196 10.16 -126.91 42.12
CA TYR LC 196 11.37 -126.17 41.80
C TYR LC 196 11.06 -125.21 40.66
N ALA LC 197 10.57 -124.03 41.02
CA ALA LC 197 10.09 -123.04 40.07
C ALA LC 197 11.14 -121.98 39.85
N THR LC 198 11.67 -121.91 38.63
CA THR LC 198 12.63 -120.89 38.23
C THR LC 198 11.98 -120.00 37.19
N LEU LC 199 11.99 -118.69 37.45
CA LEU LC 199 11.21 -117.75 36.68
C LEU LC 199 12.10 -116.60 36.21
N LYS LC 200 11.92 -116.23 34.94
CA LYS LC 200 12.55 -115.06 34.36
C LYS LC 200 11.52 -113.94 34.26
N ILE LC 201 11.79 -112.84 34.94
CA ILE LC 201 10.79 -111.78 35.15
C ILE LC 201 11.34 -110.50 34.55
N ARG LC 202 10.91 -110.17 33.33
CA ARG LC 202 11.30 -108.91 32.71
C ARG LC 202 10.35 -107.80 33.14
N ILE LC 203 10.93 -106.69 33.62
CA ILE LC 203 10.22 -105.43 33.75
C ILE LC 203 10.92 -104.43 32.83
N TYR LC 204 10.19 -103.94 31.83
CA TYR LC 204 10.67 -102.83 31.02
C TYR LC 204 9.71 -101.65 31.19
N PHE LC 205 10.28 -100.47 31.37
CA PHE LC 205 9.54 -99.31 31.81
C PHE LC 205 10.16 -98.01 31.31
N PRO MC 16 -21.10 -95.90 40.85
CA PRO MC 16 -20.93 -96.45 39.50
C PRO MC 16 -21.02 -97.97 39.44
N ASP MC 17 -21.25 -98.61 40.60
CA ASP MC 17 -21.26 -100.07 40.69
C ASP MC 17 -22.60 -100.59 41.19
N ILE MC 18 -23.18 -99.96 42.20
CA ILE MC 18 -24.32 -100.49 42.95
C ILE MC 18 -25.63 -99.82 42.55
N PRO MC 19 -26.74 -100.55 42.54
CA PRO MC 19 -28.04 -99.93 42.25
C PRO MC 19 -28.88 -99.56 43.46
N ARG MC 20 -28.40 -99.79 44.68
CA ARG MC 20 -29.26 -99.69 45.86
C ARG MC 20 -28.92 -98.50 46.77
N GLY MC 21 -27.69 -98.41 47.26
CA GLY MC 21 -27.32 -97.41 48.24
C GLY MC 21 -25.83 -97.22 48.33
N CYS MC 22 -25.42 -96.00 48.73
CA CYS MC 22 -24.05 -95.54 48.66
C CYS MC 22 -23.16 -96.06 49.80
N GLU MC 23 -23.59 -97.11 50.50
CA GLU MC 23 -22.73 -97.80 51.44
C GLU MC 23 -21.56 -98.46 50.70
N GLY MC 24 -20.49 -98.72 51.44
CA GLY MC 24 -19.37 -99.47 50.91
C GLY MC 24 -19.78 -100.90 50.64
N PRO MC 25 -19.30 -101.48 49.53
CA PRO MC 25 -19.62 -102.87 49.22
C PRO MC 25 -18.92 -103.84 50.16
N CYS MC 26 -19.49 -104.00 51.35
CA CYS MC 26 -18.82 -104.69 52.43
C CYS MC 26 -18.82 -106.20 52.21
N LYS MC 27 -17.68 -106.82 52.51
CA LYS MC 27 -17.51 -108.25 52.31
C LYS MC 27 -17.96 -109.01 53.55
N VAL MC 28 -18.76 -110.05 53.34
CA VAL MC 28 -19.09 -111.03 54.36
C VAL MC 28 -18.78 -112.39 53.78
N GLN MC 29 -17.69 -112.99 54.23
CA GLN MC 29 -17.17 -114.21 53.62
C GLN MC 29 -17.54 -115.43 54.46
N SER MC 30 -18.20 -116.39 53.84
CA SER MC 30 -18.55 -117.64 54.49
C SER MC 30 -17.52 -118.67 54.06
N PHE MC 31 -16.37 -118.65 54.71
CA PHE MC 31 -15.39 -119.70 54.49
C PHE MC 31 -15.87 -121.00 55.13
N GLU MC 32 -15.62 -122.09 54.44
CA GLU MC 32 -15.82 -123.41 55.00
C GLU MC 32 -14.52 -124.20 54.90
N GLN MC 33 -14.29 -125.03 55.92
CA GLN MC 33 -13.30 -126.10 55.84
C GLN MC 33 -14.10 -127.34 56.18
N ARG MC 34 -14.77 -127.88 55.15
CA ARG MC 34 -15.79 -128.90 55.34
C ARG MC 34 -15.66 -130.00 54.29
N ASP MC 35 -16.68 -130.84 54.22
CA ASP MC 35 -16.83 -131.84 53.17
C ASP MC 35 -18.31 -132.03 52.92
N ASP MC 36 -18.67 -133.11 52.25
CA ASP MC 36 -20.07 -133.43 52.05
C ASP MC 36 -20.26 -134.93 52.20
N VAL MC 37 -21.47 -135.39 51.90
CA VAL MC 37 -21.77 -136.80 51.73
C VAL MC 37 -22.28 -136.93 50.31
N LYS MC 38 -22.73 -138.13 49.93
CA LYS MC 38 -23.31 -138.31 48.59
C LYS MC 38 -24.60 -137.51 48.44
N HIS MC 39 -25.43 -137.49 49.47
CA HIS MC 39 -26.75 -136.88 49.35
C HIS MC 39 -26.69 -135.36 49.39
N LEU MC 40 -25.96 -134.80 50.35
CA LEU MC 40 -26.12 -133.37 50.57
C LEU MC 40 -24.85 -132.76 51.16
N GLY MC 41 -24.52 -131.57 50.68
CA GLY MC 41 -23.69 -130.64 51.42
C GLY MC 41 -24.45 -129.33 51.49
N ILE MC 42 -24.91 -128.96 52.69
CA ILE MC 42 -25.83 -127.84 52.84
C ILE MC 42 -25.08 -126.63 53.40
N CYS MC 43 -25.30 -125.48 52.76
CA CYS MC 43 -24.63 -124.25 53.15
C CYS MC 43 -25.59 -123.09 52.93
N LYS MC 44 -26.25 -122.62 53.98
CA LYS MC 44 -26.86 -121.30 53.93
C LYS MC 44 -25.76 -120.26 53.97
N VAL MC 45 -25.62 -119.52 52.87
CA VAL MC 45 -24.46 -118.64 52.72
C VAL MC 45 -24.70 -117.31 53.42
N ILE MC 46 -25.95 -117.00 53.72
CA ILE MC 46 -26.33 -115.71 54.30
C ILE MC 46 -26.52 -115.85 55.82
N SER MC 47 -25.90 -116.86 56.42
CA SER MC 47 -26.28 -117.30 57.76
C SER MC 47 -25.77 -116.34 58.83
N ASP MC 48 -24.46 -116.13 58.90
CA ASP MC 48 -23.83 -115.42 60.01
C ASP MC 48 -23.89 -113.90 59.86
N VAL MC 49 -24.81 -113.35 59.06
CA VAL MC 49 -24.88 -111.92 58.84
C VAL MC 49 -25.82 -111.34 59.90
N THR MC 50 -25.26 -110.76 60.95
CA THR MC 50 -26.01 -110.17 62.05
C THR MC 50 -25.89 -108.66 61.98
N ARG MC 51 -26.73 -107.97 62.75
CA ARG MC 51 -26.67 -106.52 62.83
C ARG MC 51 -25.46 -106.08 63.66
N GLY MC 52 -24.68 -105.16 63.10
CA GLY MC 52 -23.52 -104.63 63.77
C GLY MC 52 -22.85 -103.53 62.98
N PRO MC 53 -21.95 -102.79 63.63
CA PRO MC 53 -21.29 -101.68 62.92
C PRO MC 53 -20.19 -102.12 61.97
N GLY MC 54 -19.64 -103.32 62.13
CA GLY MC 54 -18.55 -103.76 61.30
C GLY MC 54 -18.98 -104.11 59.88
N LEU MC 55 -17.98 -104.31 59.03
CA LEU MC 55 -18.25 -104.65 57.63
C LEU MC 55 -18.56 -106.13 57.43
N THR MC 56 -18.39 -106.96 58.46
CA THR MC 56 -18.89 -108.32 58.45
C THR MC 56 -20.31 -108.42 59.01
N HIS MC 57 -21.07 -107.35 58.89
CA HIS MC 57 -22.38 -107.23 59.52
C HIS MC 57 -23.33 -106.55 58.54
N ARG MC 58 -24.48 -106.12 59.05
CA ARG MC 58 -25.53 -105.58 58.19
C ARG MC 58 -26.21 -104.40 58.87
N VAL MC 59 -26.83 -103.56 58.06
CA VAL MC 59 -27.62 -102.43 58.52
C VAL MC 59 -29.06 -102.65 58.07
N GLY MC 60 -29.95 -102.90 59.03
CA GLY MC 60 -31.34 -103.17 58.72
C GLY MC 60 -31.62 -104.61 58.39
N LYS MC 61 -32.53 -104.85 57.43
CA LYS MC 61 -32.90 -106.20 57.05
C LYS MC 61 -33.09 -106.35 55.55
N ARG MC 62 -32.46 -105.46 54.76
CA ARG MC 62 -32.59 -105.47 53.32
C ARG MC 62 -31.22 -105.62 52.68
N PHE MC 63 -31.08 -106.61 51.80
CA PHE MC 63 -29.85 -106.86 51.06
C PHE MC 63 -30.08 -106.69 49.58
N CYS MC 64 -29.00 -106.39 48.86
CA CYS MC 64 -28.92 -106.58 47.42
C CYS MC 64 -27.53 -107.15 47.16
N ILE MC 65 -27.44 -108.47 47.10
CA ILE MC 65 -26.16 -109.15 46.86
C ILE MC 65 -25.69 -108.83 45.45
N LYS MC 66 -24.56 -108.13 45.35
CA LYS MC 66 -24.02 -107.79 44.04
C LYS MC 66 -23.46 -109.02 43.34
N SER MC 67 -22.56 -109.76 44.01
CA SER MC 67 -22.01 -110.94 43.40
C SER MC 67 -21.54 -111.91 44.48
N ILE MC 68 -21.67 -113.20 44.17
CA ILE MC 68 -21.06 -114.27 44.95
C ILE MC 68 -19.78 -114.70 44.23
N TYR MC 69 -18.67 -114.66 44.95
CA TYR MC 69 -17.36 -115.00 44.41
C TYR MC 69 -16.91 -116.30 45.08
N ILE MC 70 -16.98 -117.40 44.34
CA ILE MC 70 -16.73 -118.72 44.88
C ILE MC 70 -15.29 -119.12 44.57
N LEU MC 71 -14.45 -119.13 45.59
CA LEU MC 71 -13.18 -119.84 45.55
C LEU MC 71 -13.37 -121.24 46.11
N GLY MC 72 -12.38 -122.09 45.87
CA GLY MC 72 -12.46 -123.42 46.42
C GLY MC 72 -11.53 -124.44 45.80
N LYS MC 73 -10.96 -125.29 46.64
CA LYS MC 73 -10.16 -126.41 46.20
C LYS MC 73 -10.85 -127.71 46.62
N ILE MC 74 -11.08 -128.59 45.66
CA ILE MC 74 -11.88 -129.79 45.86
C ILE MC 74 -10.96 -130.98 45.64
N TRP MC 75 -10.61 -131.68 46.72
CA TRP MC 75 -9.64 -132.76 46.62
C TRP MC 75 -10.20 -134.05 47.21
N LEU MC 76 -9.38 -135.09 47.09
CA LEU MC 76 -9.55 -136.34 47.80
C LEU MC 76 -8.20 -136.86 48.31
N ASP MC 77 -7.25 -135.98 48.58
CA ASP MC 77 -5.85 -136.36 48.75
C ASP MC 77 -5.53 -136.83 50.16
N GLU MC 78 -6.56 -137.25 50.91
CA GLU MC 78 -6.36 -138.09 52.07
C GLU MC 78 -5.75 -139.43 51.63
N THR MC 79 -5.05 -140.11 52.54
CA THR MC 79 -4.35 -141.35 52.19
C THR MC 79 -5.28 -142.52 51.91
N ILE MC 80 -6.60 -142.34 52.08
CA ILE MC 80 -7.60 -143.35 51.80
C ILE MC 80 -8.40 -142.77 50.64
N LYS MC 81 -9.46 -143.46 50.19
CA LYS MC 81 -10.35 -143.08 49.10
C LYS MC 81 -9.63 -143.04 47.75
N LYS MC 82 -8.66 -143.95 47.57
CA LYS MC 82 -8.18 -144.30 46.25
C LYS MC 82 -8.96 -145.42 45.61
N GLN MC 83 -9.54 -146.34 46.39
CA GLN MC 83 -10.53 -147.28 45.90
C GLN MC 83 -11.90 -146.62 45.88
N ASN MC 84 -12.85 -147.27 45.19
CA ASN MC 84 -14.22 -146.79 44.95
C ASN MC 84 -14.20 -145.41 44.32
N HIS MC 85 -13.30 -145.22 43.36
CA HIS MC 85 -12.89 -143.90 42.89
C HIS MC 85 -13.69 -143.39 41.71
N THR MC 86 -13.16 -142.32 41.07
CA THR MC 86 -13.75 -141.58 39.95
C THR MC 86 -15.12 -140.98 40.27
N ASN MC 87 -15.17 -140.02 41.18
CA ASN MC 87 -16.39 -139.28 41.48
C ASN MC 87 -16.24 -137.85 40.99
N ASN MC 88 -17.36 -137.17 40.76
CA ASN MC 88 -17.36 -135.78 40.37
C ASN MC 88 -18.36 -134.98 41.20
N VAL MC 89 -18.19 -133.67 41.20
CA VAL MC 89 -18.95 -132.77 42.05
C VAL MC 89 -19.79 -131.85 41.16
N ILE MC 90 -21.09 -131.81 41.42
CA ILE MC 90 -21.99 -130.88 40.74
C ILE MC 90 -22.45 -129.87 41.77
N PHE MC 91 -22.23 -128.58 41.48
CA PHE MC 91 -22.65 -127.54 42.40
C PHE MC 91 -24.04 -127.02 42.03
N TYR MC 92 -24.74 -126.52 43.04
CA TYR MC 92 -26.10 -126.00 42.87
C TYR MC 92 -26.22 -124.71 43.66
N LEU MC 93 -26.52 -123.61 42.97
CA LEU MC 93 -26.70 -122.31 43.60
C LEU MC 93 -28.14 -121.90 43.32
N LEU MC 94 -29.00 -121.99 44.34
CA LEU MC 94 -30.44 -121.89 44.16
C LEU MC 94 -30.95 -120.56 44.69
N ARG MC 95 -31.92 -119.98 43.99
CA ARG MC 95 -32.66 -118.83 44.51
C ARG MC 95 -33.88 -119.37 45.26
N ASP MC 96 -33.86 -119.26 46.59
CA ASP MC 96 -34.93 -119.77 47.43
C ASP MC 96 -36.05 -118.75 47.52
N ARG MC 97 -37.27 -119.25 47.75
CA ARG MC 97 -38.46 -118.40 47.83
C ARG MC 97 -38.98 -118.20 49.24
N ARG MC 98 -38.79 -119.15 50.15
CA ARG MC 98 -39.33 -119.06 51.50
C ARG MC 98 -38.47 -119.91 52.43
N PRO MC 99 -38.32 -119.52 53.69
CA PRO MC 99 -37.59 -120.38 54.63
C PRO MC 99 -38.52 -121.22 55.49
N TYR MC 100 -37.96 -122.22 56.17
CA TYR MC 100 -38.62 -122.91 57.28
C TYR MC 100 -37.57 -123.15 58.36
N GLY MC 101 -37.39 -122.15 59.23
CA GLY MC 101 -36.45 -122.25 60.32
C GLY MC 101 -35.01 -122.45 59.88
N ASN MC 102 -34.51 -123.68 60.06
CA ASN MC 102 -33.20 -124.07 59.59
C ASN MC 102 -33.26 -124.42 58.09
N ALA MC 103 -32.20 -125.05 57.59
CA ALA MC 103 -32.15 -125.43 56.18
C ALA MC 103 -33.01 -126.65 55.93
N PRO MC 104 -33.73 -126.69 54.80
CA PRO MC 104 -34.56 -127.87 54.49
C PRO MC 104 -33.74 -129.04 53.98
N GLN MC 105 -34.43 -130.10 53.56
CA GLN MC 105 -33.77 -131.28 53.01
C GLN MC 105 -33.18 -130.96 51.64
N ASP MC 106 -32.36 -131.88 51.15
CA ASP MC 106 -31.91 -131.83 49.76
C ASP MC 106 -32.59 -132.91 48.91
N PHE MC 107 -32.41 -134.18 49.27
CA PHE MC 107 -32.93 -135.27 48.45
C PHE MC 107 -34.44 -135.35 48.51
N GLY MC 108 -35.04 -134.87 49.60
CA GLY MC 108 -36.48 -134.72 49.67
C GLY MC 108 -37.00 -133.41 49.12
N GLN MC 109 -36.12 -132.55 48.62
CA GLN MC 109 -36.52 -131.27 48.05
C GLN MC 109 -36.27 -131.19 46.56
N ILE MC 110 -35.04 -131.41 46.11
CA ILE MC 110 -34.83 -131.60 44.68
C ILE MC 110 -35.27 -133.02 44.29
N PHE MC 111 -35.53 -133.20 43.00
CA PHE MC 111 -36.47 -134.24 42.59
C PHE MC 111 -35.85 -135.63 42.58
N ASN MC 112 -34.84 -135.87 41.75
CA ASN MC 112 -34.43 -137.24 41.48
C ASN MC 112 -32.96 -137.39 41.86
N MET MC 113 -32.40 -138.56 41.54
CA MET MC 113 -31.08 -138.96 42.04
C MET MC 113 -29.96 -138.28 41.23
N PHE MC 114 -29.53 -137.13 41.75
CA PHE MC 114 -28.22 -136.50 41.60
C PHE MC 114 -28.00 -135.86 40.22
N ASP MC 115 -28.91 -136.05 39.27
CA ASP MC 115 -28.95 -135.31 38.01
C ASP MC 115 -30.38 -134.88 37.79
N ASN MC 116 -30.73 -133.71 38.31
CA ASN MC 116 -32.14 -133.37 38.47
C ASN MC 116 -32.34 -131.87 38.50
N GLU MC 117 -33.54 -131.49 38.90
CA GLU MC 117 -34.08 -130.15 39.07
C GLU MC 117 -34.88 -130.16 40.37
N PRO MC 118 -35.36 -129.03 40.87
CA PRO MC 118 -36.32 -129.08 41.99
C PRO MC 118 -37.64 -129.72 41.56
N SER MC 119 -38.36 -130.21 42.56
CA SER MC 119 -39.59 -130.95 42.32
C SER MC 119 -40.69 -130.04 41.80
N THR MC 120 -41.73 -130.66 41.22
CA THR MC 120 -42.84 -129.91 40.65
C THR MC 120 -43.68 -129.21 41.71
N ALA MC 121 -43.71 -129.73 42.94
CA ALA MC 121 -44.46 -129.12 44.02
C ALA MC 121 -43.65 -128.10 44.81
N THR MC 122 -42.42 -127.80 44.39
CA THR MC 122 -41.52 -126.96 45.16
C THR MC 122 -41.19 -125.64 44.47
N ILE MC 123 -41.62 -125.44 43.23
CA ILE MC 123 -41.26 -124.24 42.49
C ILE MC 123 -42.03 -123.03 43.00
N PHE MC 131 -38.27 -124.40 44.33
CA PHE MC 131 -37.41 -123.25 44.55
C PHE MC 131 -36.65 -122.95 43.27
N GLN MC 132 -36.37 -121.67 43.03
CA GLN MC 132 -35.71 -121.29 41.79
C GLN MC 132 -34.23 -121.67 41.83
N VAL MC 133 -33.66 -121.80 40.65
CA VAL MC 133 -32.26 -122.16 40.44
C VAL MC 133 -31.59 -120.93 39.83
N LEU MC 134 -30.30 -120.74 40.11
CA LEU MC 134 -29.54 -119.76 39.34
C LEU MC 134 -28.62 -120.41 38.32
N ARG MC 135 -27.62 -121.18 38.76
CA ARG MC 135 -26.72 -121.88 37.84
C ARG MC 135 -26.18 -123.14 38.51
N LYS MC 136 -25.32 -123.84 37.76
CA LYS MC 136 -24.65 -125.05 38.19
C LYS MC 136 -23.15 -124.92 37.94
N PHE MC 137 -22.37 -125.88 38.43
CA PHE MC 137 -20.94 -125.94 38.16
C PHE MC 137 -20.52 -127.40 38.02
N HIS MC 138 -19.23 -127.62 37.75
CA HIS MC 138 -18.66 -128.94 37.62
C HIS MC 138 -17.31 -129.00 38.30
N ALA MC 139 -16.98 -130.18 38.81
CA ALA MC 139 -15.66 -130.45 39.40
C ALA MC 139 -15.46 -131.96 39.34
N THR MC 140 -14.46 -132.41 38.60
CA THR MC 140 -14.25 -133.84 38.34
C THR MC 140 -12.91 -134.26 38.92
N VAL MC 141 -12.95 -135.04 40.00
CA VAL MC 141 -11.73 -135.53 40.65
C VAL MC 141 -11.68 -137.04 40.52
N VAL MC 142 -10.87 -137.51 39.56
CA VAL MC 142 -10.82 -138.95 39.26
C VAL MC 142 -9.43 -139.50 39.61
N GLY MC 143 -9.30 -140.10 40.79
CA GLY MC 143 -8.02 -140.66 41.18
C GLY MC 143 -8.09 -142.04 41.79
N GLY MC 144 -7.49 -143.03 41.12
CA GLY MC 144 -7.49 -144.38 41.64
C GLY MC 144 -6.11 -144.85 42.06
N LEU MC 145 -5.51 -145.71 41.25
CA LEU MC 145 -4.15 -146.19 41.52
C LEU MC 145 -3.35 -146.15 40.23
N TYR MC 146 -2.03 -146.27 40.39
CA TYR MC 146 -1.01 -146.42 39.36
C TYR MC 146 -0.86 -145.24 38.41
N CYS MC 147 -1.57 -144.13 38.58
CA CYS MC 147 -1.01 -142.89 38.08
C CYS MC 147 -0.92 -141.83 39.19
N MET MC 148 -1.96 -141.54 40.01
CA MET MC 148 -3.41 -141.64 39.76
C MET MC 148 -3.83 -140.27 39.21
N LYS MC 149 -4.39 -140.25 38.01
CA LYS MC 149 -4.49 -138.97 37.31
C LYS MC 149 -5.88 -138.35 37.44
N GLU MC 150 -6.11 -137.76 38.61
CA GLU MC 150 -6.66 -136.42 38.88
C GLU MC 150 -6.78 -136.21 40.38
N GLN MC 151 -6.77 -134.96 40.79
CA GLN MC 151 -6.75 -134.52 42.19
C GLN MC 151 -7.31 -133.11 42.29
N ALA MC 152 -6.92 -132.42 43.37
CA ALA MC 152 -7.37 -131.09 43.77
C ALA MC 152 -7.46 -130.09 42.62
N LEU MC 153 -8.68 -129.63 42.35
CA LEU MC 153 -8.92 -128.67 41.29
C LEU MC 153 -9.27 -127.32 41.91
N VAL MC 154 -8.91 -126.23 41.22
CA VAL MC 154 -9.19 -124.90 41.74
C VAL MC 154 -10.30 -124.28 40.89
N LYS MC 155 -11.31 -123.72 41.56
CA LYS MC 155 -12.46 -123.11 40.89
C LYS MC 155 -12.67 -121.70 41.41
N ARG MC 156 -12.61 -120.71 40.50
CA ARG MC 156 -12.97 -119.34 40.80
C ARG MC 156 -14.06 -118.90 39.83
N PHE MC 157 -15.04 -118.16 40.35
CA PHE MC 157 -16.20 -117.75 39.54
C PHE MC 157 -16.74 -116.42 40.05
N TYR MC 158 -16.73 -115.40 39.21
CA TYR MC 158 -17.65 -114.28 39.36
C TYR MC 158 -19.07 -114.76 39.06
N ARG MC 159 -20.03 -114.31 39.87
CA ARG MC 159 -21.42 -114.73 39.68
C ARG MC 159 -22.33 -113.64 40.25
N LEU MC 160 -22.90 -112.82 39.36
CA LEU MC 160 -23.76 -111.72 39.77
C LEU MC 160 -25.14 -112.24 40.17
N ASN MC 161 -25.72 -111.63 41.21
CA ASN MC 161 -26.99 -112.09 41.78
C ASN MC 161 -27.77 -110.86 42.22
N HIS MC 162 -28.80 -111.07 43.05
CA HIS MC 162 -29.75 -110.01 43.38
C HIS MC 162 -30.20 -110.16 44.84
N HIS MC 163 -31.30 -109.49 45.17
CA HIS MC 163 -31.63 -109.02 46.52
C HIS MC 163 -32.08 -110.15 47.45
N VAL MC 164 -31.91 -109.90 48.75
CA VAL MC 164 -32.25 -110.81 49.85
C VAL MC 164 -32.90 -109.96 50.95
N THR MC 165 -33.93 -110.51 51.62
CA THR MC 165 -34.59 -109.82 52.72
C THR MC 165 -34.52 -110.71 53.96
N TYR MC 166 -34.29 -110.09 55.13
CA TYR MC 166 -34.49 -110.75 56.41
C TYR MC 166 -35.82 -110.33 57.03
N ASN MC 167 -36.42 -111.25 57.79
CA ASN MC 167 -37.72 -110.97 58.40
C ASN MC 167 -37.57 -110.13 59.66
N HIS MC 168 -36.87 -110.67 60.67
CA HIS MC 168 -36.80 -110.00 61.95
C HIS MC 168 -35.72 -108.92 61.94
N GLN MC 169 -35.84 -108.01 62.90
CA GLN MC 169 -34.87 -106.94 63.09
C GLN MC 169 -33.81 -107.29 64.12
N GLU MC 170 -33.58 -108.58 64.31
CA GLU MC 170 -32.63 -109.10 65.28
C GLU MC 170 -31.21 -109.02 64.75
N ALA MC 171 -30.25 -109.21 65.65
CA ALA MC 171 -28.86 -109.46 65.27
C ALA MC 171 -28.63 -110.98 65.24
N GLY MC 172 -29.47 -111.66 64.45
CA GLY MC 172 -29.59 -113.10 64.50
C GLY MC 172 -28.98 -113.80 63.30
N LYS MC 173 -29.01 -115.12 63.38
CA LYS MC 173 -28.44 -116.02 62.38
C LYS MC 173 -29.49 -116.34 61.33
N TYR MC 174 -29.26 -117.42 60.55
CA TYR MC 174 -30.09 -117.82 59.40
C TYR MC 174 -31.53 -118.18 59.74
N GLU MC 175 -31.91 -118.25 61.02
CA GLU MC 175 -33.22 -118.78 61.39
C GLU MC 175 -34.35 -117.80 61.08
N ASN MC 176 -34.06 -116.49 61.07
CA ASN MC 176 -35.10 -115.47 60.95
C ASN MC 176 -35.25 -114.93 59.53
N HIS MC 177 -35.11 -115.79 58.52
CA HIS MC 177 -35.21 -115.37 57.13
C HIS MC 177 -36.66 -115.10 56.73
N THR MC 178 -36.81 -114.66 55.48
CA THR MC 178 -38.10 -114.48 54.82
C THR MC 178 -37.86 -114.73 53.32
N GLU MC 179 -38.75 -114.20 52.48
CA GLU MC 179 -38.68 -114.31 51.02
C GLU MC 179 -37.31 -113.91 50.47
N ASN MC 180 -36.96 -114.56 49.36
CA ASN MC 180 -35.72 -114.36 48.59
C ASN MC 180 -34.48 -114.66 49.43
N ALA MC 181 -34.37 -115.93 49.81
CA ALA MC 181 -33.13 -116.48 50.33
C ALA MC 181 -32.35 -117.10 49.17
N LEU MC 182 -31.09 -117.44 49.44
CA LEU MC 182 -30.24 -118.13 48.47
C LEU MC 182 -29.16 -118.88 49.21
N LEU MC 183 -28.85 -120.08 48.74
CA LEU MC 183 -27.93 -120.96 49.45
C LEU MC 183 -27.35 -121.97 48.45
N LEU MC 184 -26.51 -122.86 48.96
CA LEU MC 184 -25.79 -123.82 48.13
C LEU MC 184 -26.15 -125.25 48.50
N TYR MC 185 -26.07 -126.12 47.49
CA TYR MC 185 -26.05 -127.56 47.70
C TYR MC 185 -24.91 -128.15 46.89
N MET MC 186 -24.20 -129.10 47.49
CA MET MC 186 -23.13 -129.83 46.81
C MET MC 186 -23.51 -131.30 46.75
N ALA MC 187 -23.20 -131.94 45.63
CA ALA MC 187 -23.67 -133.30 45.38
C ALA MC 187 -22.52 -134.17 44.89
N CYS MC 188 -22.40 -135.35 45.50
CA CYS MC 188 -21.52 -136.40 45.02
C CYS MC 188 -22.34 -137.43 44.25
N THR MC 189 -21.66 -138.15 43.35
CA THR MC 189 -22.34 -139.06 42.44
C THR MC 189 -21.97 -140.53 42.66
N HIS MC 190 -21.33 -140.86 43.77
CA HIS MC 190 -20.94 -142.25 44.05
C HIS MC 190 -21.07 -142.52 45.53
N ALA MC 191 -21.19 -143.82 45.86
CA ALA MC 191 -21.49 -144.24 47.23
C ALA MC 191 -20.34 -143.98 48.19
N SER MC 192 -19.10 -143.96 47.69
CA SER MC 192 -17.98 -143.55 48.51
C SER MC 192 -18.04 -142.04 48.75
N ASN MC 193 -17.29 -141.59 49.76
CA ASN MC 193 -17.23 -140.15 50.01
C ASN MC 193 -15.78 -139.67 49.95
N PRO MC 194 -15.20 -139.48 48.76
CA PRO MC 194 -13.81 -138.99 48.69
C PRO MC 194 -13.70 -137.49 48.81
N VAL MC 195 -14.78 -136.75 48.54
CA VAL MC 195 -14.71 -135.32 48.27
C VAL MC 195 -14.50 -134.56 49.59
N TYR MC 196 -13.35 -133.92 49.70
CA TYR MC 196 -13.07 -132.95 50.76
C TYR MC 196 -12.98 -131.58 50.13
N ALA MC 197 -14.13 -130.94 50.00
CA ALA MC 197 -14.26 -129.66 49.30
C ALA MC 197 -14.31 -128.52 50.30
N THR MC 198 -13.29 -127.67 50.27
CA THR MC 198 -13.24 -126.48 51.11
C THR MC 198 -13.33 -125.26 50.21
N LEU MC 199 -14.27 -124.37 50.50
CA LEU MC 199 -14.61 -123.29 49.60
C LEU MC 199 -14.61 -121.97 50.35
N LYS MC 200 -14.03 -120.95 49.72
CA LYS MC 200 -14.07 -119.58 50.20
C LYS MC 200 -15.09 -118.80 49.38
N ILE MC 201 -16.11 -118.29 50.04
CA ILE MC 201 -17.29 -117.74 49.37
C ILE MC 201 -17.41 -116.28 49.79
N ARG MC 202 -16.94 -115.37 48.94
CA ARG MC 202 -17.11 -113.94 49.19
C ARG MC 202 -18.46 -113.47 48.67
N ILE MC 203 -19.22 -112.78 49.53
CA ILE MC 203 -20.35 -111.97 49.12
C ILE MC 203 -20.03 -110.52 49.49
N TYR MC 204 -19.91 -109.66 48.49
CA TYR MC 204 -19.84 -108.23 48.73
C TYR MC 204 -21.03 -107.54 48.09
N PHE MC 205 -21.63 -106.62 48.83
CA PHE MC 205 -22.94 -106.09 48.51
C PHE MC 205 -23.11 -104.66 49.02
N PRO NC 16 -31.30 -122.21 -4.68
CA PRO NC 16 -30.63 -121.37 -3.67
C PRO NC 16 -29.35 -121.99 -3.14
N ASP NC 17 -28.99 -123.18 -3.63
CA ASP NC 17 -27.83 -123.91 -3.13
C ASP NC 17 -26.80 -124.16 -4.22
N ILE NC 18 -27.22 -124.54 -5.41
CA ILE NC 18 -26.34 -125.06 -6.46
C ILE NC 18 -26.08 -124.03 -7.55
N PRO NC 19 -24.88 -124.01 -8.14
CA PRO NC 19 -24.61 -123.09 -9.24
C PRO NC 19 -24.74 -123.67 -10.63
N ARG NC 20 -25.10 -124.95 -10.77
CA ARG NC 20 -24.99 -125.64 -12.06
C ARG NC 20 -26.34 -125.95 -12.70
N GLY NC 21 -27.21 -126.71 -12.02
CA GLY NC 21 -28.44 -127.17 -12.60
C GLY NC 21 -29.44 -127.63 -11.56
N CYS NC 22 -30.73 -127.52 -11.90
CA CYS NC 22 -31.83 -127.68 -10.96
C CYS NC 22 -32.16 -129.13 -10.64
N GLU NC 23 -31.26 -130.06 -10.92
CA GLU NC 23 -31.40 -131.44 -10.44
C GLU NC 23 -31.33 -131.47 -8.91
N GLY NC 24 -31.88 -132.54 -8.35
CA GLY NC 24 -31.76 -132.77 -6.93
C GLY NC 24 -30.33 -133.08 -6.56
N PRO NC 25 -29.87 -132.55 -5.41
CA PRO NC 25 -28.49 -132.82 -4.97
C PRO NC 25 -28.33 -134.26 -4.52
N CYS NC 26 -28.16 -135.16 -5.49
CA CYS NC 26 -28.23 -136.60 -5.23
C CYS NC 26 -26.97 -137.08 -4.54
N LYS NC 27 -27.15 -137.97 -3.56
CA LYS NC 27 -26.06 -138.50 -2.77
C LYS NC 27 -25.48 -139.74 -3.45
N VAL NC 28 -24.16 -139.79 -3.56
CA VAL NC 28 -23.45 -140.99 -3.96
C VAL NC 28 -22.38 -141.23 -2.91
N GLN NC 29 -22.60 -142.21 -2.03
CA GLN NC 29 -21.76 -142.41 -0.87
C GLN NC 29 -20.78 -143.54 -1.10
N SER NC 30 -19.47 -143.27 -0.97
CA SER NC 30 -18.40 -144.24 -1.12
C SER NC 30 -18.05 -144.70 0.30
N PHE NC 31 -18.84 -145.63 0.83
CA PHE NC 31 -18.48 -146.25 2.09
C PHE NC 31 -17.30 -147.19 1.89
N GLU NC 32 -16.40 -147.19 2.86
CA GLU NC 32 -15.35 -148.18 2.91
C GLU NC 32 -15.40 -148.89 4.26
N GLN NC 33 -15.06 -150.18 4.22
CA GLN NC 33 -14.73 -150.94 5.43
C GLN NC 33 -13.34 -151.49 5.12
N ARG NC 34 -12.33 -150.65 5.35
CA ARG NC 34 -10.99 -150.91 4.86
C ARG NC 34 -9.96 -150.59 5.92
N ASP NC 35 -8.69 -150.56 5.51
CA ASP NC 35 -7.60 -150.09 6.32
C ASP NC 35 -6.57 -149.44 5.39
N ASP NC 36 -5.36 -149.27 5.88
CA ASP NC 36 -4.28 -148.76 5.04
C ASP NC 36 -3.00 -149.48 5.41
N VAL NC 37 -1.91 -149.03 4.80
CA VAL NC 37 -0.56 -149.42 5.21
C VAL NC 37 0.13 -148.12 5.60
N LYS NC 38 1.43 -148.19 5.92
CA LYS NC 38 2.17 -146.97 6.24
C LYS NC 38 2.26 -146.04 5.03
N HIS NC 39 2.48 -146.60 3.85
CA HIS NC 39 2.74 -145.78 2.68
C HIS NC 39 1.47 -145.15 2.12
N LEU NC 40 0.41 -145.94 1.97
CA LEU NC 40 -0.70 -145.44 1.18
C LEU NC 40 -2.01 -146.09 1.60
N GLY NC 41 -3.06 -145.27 1.66
CA GLY NC 41 -4.42 -145.76 1.54
C GLY NC 41 -5.07 -144.97 0.42
N ILE NC 42 -5.38 -145.63 -0.69
CA ILE NC 42 -5.81 -144.94 -1.90
C ILE NC 42 -7.32 -145.13 -2.07
N CYS NC 43 -7.99 -144.00 -2.36
CA CYS NC 43 -9.44 -144.01 -2.52
C CYS NC 43 -9.80 -142.97 -3.57
N LYS NC 44 -10.04 -143.42 -4.81
CA LYS NC 44 -10.77 -142.57 -5.75
C LYS NC 44 -12.22 -142.52 -5.33
N VAL NC 45 -12.65 -141.33 -4.93
CA VAL NC 45 -13.96 -141.21 -4.30
C VAL NC 45 -15.06 -141.12 -5.35
N ILE NC 46 -14.69 -140.80 -6.59
CA ILE NC 46 -15.65 -140.57 -7.67
C ILE NC 46 -15.74 -141.81 -8.56
N SER NC 47 -15.38 -142.99 -8.01
CA SER NC 47 -15.11 -144.17 -8.83
C SER NC 47 -16.38 -144.80 -9.37
N ASP NC 48 -17.29 -145.21 -8.48
CA ASP NC 48 -18.44 -146.02 -8.85
C ASP NC 48 -19.61 -145.20 -9.40
N VAL NC 49 -19.38 -143.98 -9.89
CA VAL NC 49 -20.47 -143.14 -10.38
C VAL NC 49 -20.64 -143.43 -11.87
N THR NC 50 -21.63 -144.24 -12.20
CA THR NC 50 -21.93 -144.63 -13.58
C THR NC 50 -23.21 -143.94 -14.03
N ARG NC 51 -23.46 -143.98 -15.34
CA ARG NC 51 -24.69 -143.41 -15.88
C ARG NC 51 -25.87 -144.32 -15.56
N GLY NC 52 -26.93 -143.73 -15.02
CA GLY NC 52 -28.14 -144.44 -14.69
C GLY NC 52 -29.23 -143.52 -14.19
N PRO NC 53 -30.46 -144.03 -14.12
CA PRO NC 53 -31.57 -143.17 -13.67
C PRO NC 53 -31.62 -142.96 -12.17
N GLY NC 54 -30.99 -143.82 -11.38
CA GLY NC 54 -31.05 -143.70 -9.94
C GLY NC 54 -30.23 -142.55 -9.40
N LEU NC 55 -30.44 -142.26 -8.11
CA LEU NC 55 -29.73 -141.17 -7.47
C LEU NC 55 -28.32 -141.56 -7.02
N THR NC 56 -27.96 -142.83 -7.12
CA THR NC 56 -26.57 -143.26 -6.97
C THR NC 56 -25.84 -143.29 -8.30
N HIS NC 57 -26.26 -142.45 -9.25
CA HIS NC 57 -25.77 -142.47 -10.62
C HIS NC 57 -25.59 -141.03 -11.08
N ARG NC 58 -25.41 -140.85 -12.39
CA ARG NC 58 -25.10 -139.56 -12.95
C ARG NC 58 -25.83 -139.36 -14.27
N VAL NC 59 -25.99 -138.09 -14.66
CA VAL NC 59 -26.58 -137.70 -15.93
C VAL NC 59 -25.50 -136.94 -16.70
N GLY NC 60 -25.02 -137.54 -17.78
CA GLY NC 60 -23.99 -136.92 -18.59
C GLY NC 60 -22.59 -137.20 -18.08
N LYS NC 61 -21.70 -136.21 -18.18
CA LYS NC 61 -20.32 -136.37 -17.75
C LYS NC 61 -19.79 -135.12 -17.05
N ARG NC 62 -20.67 -134.29 -16.50
CA ARG NC 62 -20.30 -133.05 -15.84
C ARG NC 62 -20.79 -133.07 -14.40
N PHE NC 63 -19.89 -132.82 -13.46
CA PHE NC 63 -20.20 -132.75 -12.05
C PHE NC 63 -19.91 -131.36 -11.51
N CYS NC 64 -20.59 -131.00 -10.45
CA CYS NC 64 -20.18 -129.92 -9.56
C CYS NC 64 -20.43 -130.43 -8.15
N ILE NC 65 -19.39 -131.01 -7.54
CA ILE NC 65 -19.51 -131.55 -6.18
C ILE NC 65 -19.72 -130.40 -5.21
N LYS NC 66 -20.89 -130.39 -4.55
CA LYS NC 66 -21.19 -129.34 -3.59
C LYS NC 66 -20.35 -129.51 -2.33
N SER NC 67 -20.39 -130.69 -1.72
CA SER NC 67 -19.61 -130.91 -0.52
C SER NC 67 -19.30 -132.39 -0.36
N ILE NC 68 -18.12 -132.67 0.19
CA ILE NC 68 -17.75 -134.00 0.67
C ILE NC 68 -17.96 -134.03 2.18
N TYR NC 69 -18.75 -134.98 2.64
CA TYR NC 69 -19.08 -135.14 4.05
C TYR NC 69 -18.42 -136.43 4.54
N ILE NC 70 -17.33 -136.28 5.30
CA ILE NC 70 -16.51 -137.41 5.70
C ILE NC 70 -16.92 -137.82 7.11
N LEU NC 71 -17.59 -138.95 7.22
CA LEU NC 71 -17.71 -139.66 8.49
C LEU NC 71 -16.58 -140.69 8.60
N GLY NC 72 -16.38 -141.20 9.79
CA GLY NC 72 -15.38 -142.24 9.95
C GLY NC 72 -14.94 -142.49 11.37
N LYS NC 73 -14.74 -143.77 11.70
CA LYS NC 73 -14.17 -144.17 12.97
C LYS NC 73 -12.84 -144.87 12.72
N ILE NC 74 -11.79 -144.39 13.38
CA ILE NC 74 -10.42 -144.81 13.12
C ILE NC 74 -9.92 -145.48 14.40
N TRP NC 75 -9.78 -146.81 14.36
CA TRP NC 75 -9.42 -147.53 15.57
C TRP NC 75 -8.19 -148.40 15.33
N LEU NC 76 -7.77 -149.04 16.41
CA LEU NC 76 -6.82 -150.13 16.40
C LEU NC 76 -7.23 -151.25 17.35
N ASP NC 77 -8.54 -151.40 17.61
CA ASP NC 77 -9.03 -152.19 18.74
C ASP NC 77 -9.12 -153.68 18.41
N GLU NC 78 -8.37 -154.14 17.40
CA GLU NC 78 -8.04 -155.55 17.27
C GLU NC 78 -7.21 -155.97 18.48
N THR NC 79 -7.22 -157.28 18.80
CA THR NC 79 -6.54 -157.79 19.99
C THR NC 79 -5.01 -157.75 19.88
N ILE NC 80 -4.48 -157.36 18.72
CA ILE NC 80 -3.05 -157.23 18.47
C ILE NC 80 -2.85 -155.74 18.25
N LYS NC 81 -1.61 -155.33 17.94
CA LYS NC 81 -1.19 -153.95 17.68
C LYS NC 81 -1.33 -153.06 18.92
N LYS NC 82 -1.10 -153.64 20.10
CA LYS NC 82 -0.80 -152.87 21.30
C LYS NC 82 0.67 -152.58 21.46
N GLN NC 83 1.56 -153.45 20.96
CA GLN NC 83 2.97 -153.11 20.82
C GLN NC 83 3.19 -152.33 19.53
N ASN NC 84 4.38 -151.72 19.42
CA ASN NC 84 4.80 -150.85 18.32
C ASN NC 84 3.81 -149.72 18.13
N HIS NC 85 3.36 -149.15 19.25
CA HIS NC 85 2.16 -148.32 19.29
C HIS NC 85 2.43 -146.83 19.12
N THR NC 86 1.43 -146.01 19.43
CA THR NC 86 1.38 -144.56 19.29
C THR NC 86 1.58 -144.07 17.86
N ASN NC 87 0.63 -144.37 16.97
CA ASN NC 87 0.64 -143.88 15.61
C ASN NC 87 -0.50 -142.89 15.42
N ASN NC 88 -0.37 -142.02 14.43
CA ASN NC 88 -1.42 -141.07 14.10
C ASN NC 88 -1.70 -141.07 12.61
N VAL NC 89 -2.86 -140.53 12.22
CA VAL NC 89 -3.34 -140.57 10.86
C VAL NC 89 -3.43 -139.15 10.33
N ILE NC 90 -2.80 -138.89 9.19
CA ILE NC 90 -2.91 -137.61 8.50
C ILE NC 90 -3.71 -137.85 7.23
N PHE NC 91 -4.80 -137.11 7.06
CA PHE NC 91 -5.61 -137.27 5.86
C PHE NC 91 -5.18 -136.25 4.80
N TYR NC 92 -5.42 -136.62 3.54
CA TYR NC 92 -5.07 -135.79 2.40
C TYR NC 92 -6.21 -135.82 1.40
N LEU NC 93 -6.78 -134.66 1.11
CA LEU NC 93 -7.86 -134.54 0.14
C LEU NC 93 -7.35 -133.64 -0.97
N LEU NC 94 -7.02 -134.22 -2.12
CA LEU NC 94 -6.28 -133.53 -3.16
C LEU NC 94 -7.19 -133.20 -4.33
N ARG NC 95 -6.98 -132.04 -4.93
CA ARG NC 95 -7.60 -131.70 -6.21
C ARG NC 95 -6.66 -132.14 -7.32
N ASP NC 96 -7.04 -133.20 -8.04
CA ASP NC 96 -6.21 -133.76 -9.10
C ASP NC 96 -6.44 -132.99 -10.40
N ARG NC 97 -5.42 -132.99 -11.25
CA ARG NC 97 -5.46 -132.27 -12.52
C ARG NC 97 -5.64 -133.16 -13.73
N ARG NC 98 -5.16 -134.40 -13.70
CA ARG NC 98 -5.23 -135.30 -14.85
C ARG NC 98 -5.19 -136.74 -14.35
N PRO NC 99 -5.86 -137.66 -15.03
CA PRO NC 99 -5.77 -139.08 -14.66
C PRO NC 99 -4.75 -139.84 -15.48
N TYR NC 100 -4.38 -141.04 -15.03
CA TYR NC 100 -3.70 -142.03 -15.85
C TYR NC 100 -4.31 -143.39 -15.53
N GLY NC 101 -5.40 -143.73 -16.22
CA GLY NC 101 -6.07 -145.01 -16.03
C GLY NC 101 -6.60 -145.21 -14.62
N ASN NC 102 -5.91 -146.08 -13.89
CA ASN NC 102 -6.21 -146.32 -12.48
C ASN NC 102 -5.58 -145.22 -11.61
N ALA NC 103 -5.55 -145.45 -10.30
CA ALA NC 103 -4.99 -144.47 -9.39
C ALA NC 103 -3.47 -144.51 -9.45
N PRO NC 104 -2.80 -143.35 -9.39
CA PRO NC 104 -1.33 -143.33 -9.42
C PRO NC 104 -0.72 -143.70 -8.08
N GLN NC 105 0.60 -143.61 -7.97
CA GLN NC 105 1.30 -143.90 -6.74
C GLN NC 105 1.02 -142.82 -5.69
N ASP NC 106 1.42 -143.11 -4.45
CA ASP NC 106 1.43 -142.09 -3.41
C ASP NC 106 2.84 -141.64 -3.07
N PHE NC 107 3.70 -142.56 -2.64
CA PHE NC 107 5.04 -142.19 -2.19
C PHE NC 107 5.92 -141.75 -3.35
N GLY NC 108 5.63 -142.24 -4.56
CA GLY NC 108 6.28 -141.74 -5.75
C GLY NC 108 5.62 -140.53 -6.35
N GLN NC 109 4.55 -140.03 -5.76
CA GLN NC 109 3.85 -138.85 -6.25
C GLN NC 109 3.96 -137.66 -5.31
N ILE NC 110 3.56 -137.81 -4.04
CA ILE NC 110 3.90 -136.78 -3.07
C ILE NC 110 5.36 -136.94 -2.66
N PHE NC 111 5.92 -135.88 -2.11
CA PHE NC 111 7.36 -135.69 -2.23
C PHE NC 111 8.15 -136.52 -1.22
N ASN NC 112 7.95 -136.28 0.08
CA ASN NC 112 8.90 -136.80 1.06
C ASN NC 112 8.14 -137.69 2.05
N MET NC 113 8.84 -138.14 3.08
CA MET NC 113 8.33 -139.17 3.98
C MET NC 113 7.34 -138.58 4.99
N PHE NC 114 6.06 -138.66 4.62
CA PHE NC 114 4.86 -138.69 5.45
C PHE NC 114 4.52 -137.34 6.10
N ASP NC 115 5.37 -136.34 5.97
CA ASP NC 115 5.06 -134.96 6.32
C ASP NC 115 5.53 -134.08 5.17
N ASN NC 116 4.67 -133.87 4.18
CA ASN NC 116 5.14 -133.37 2.91
C ASN NC 116 4.02 -132.66 2.16
N GLU NC 117 4.30 -132.40 0.88
CA GLU NC 117 3.47 -131.76 -0.12
C GLU NC 117 3.65 -132.57 -1.40
N PRO NC 118 2.88 -132.32 -2.47
CA PRO NC 118 3.22 -132.94 -3.76
C PRO NC 118 4.55 -132.43 -4.30
N SER NC 119 5.15 -133.22 -5.18
CA SER NC 119 6.47 -132.93 -5.71
C SER NC 119 6.44 -131.71 -6.64
N THR NC 120 7.63 -131.16 -6.89
CA THR NC 120 7.75 -129.97 -7.72
C THR NC 120 7.43 -130.25 -9.19
N ALA NC 121 7.61 -131.49 -9.65
CA ALA NC 121 7.29 -131.85 -11.02
C ALA NC 121 5.87 -132.33 -11.20
N THR NC 122 5.04 -132.27 -10.16
CA THR NC 122 3.70 -132.83 -10.20
C THR NC 122 2.60 -131.79 -10.09
N ILE NC 123 2.93 -130.53 -9.84
CA ILE NC 123 1.92 -129.50 -9.64
C ILE NC 123 1.25 -129.13 -10.96
N PHE NC 131 0.02 -132.12 -8.26
CA PHE NC 131 -1.44 -132.09 -8.17
C PHE NC 131 -1.83 -131.15 -7.04
N GLN NC 132 -2.97 -130.47 -7.18
CA GLN NC 132 -3.37 -129.51 -6.17
C GLN NC 132 -3.89 -130.22 -4.92
N VAL NC 133 -3.85 -129.49 -3.81
CA VAL NC 133 -4.28 -129.96 -2.51
C VAL NC 133 -5.51 -129.14 -2.14
N LEU NC 134 -6.43 -129.72 -1.39
CA LEU NC 134 -7.48 -128.89 -0.78
C LEU NC 134 -7.24 -128.66 0.71
N ARG NC 135 -7.26 -129.72 1.53
CA ARG NC 135 -7.01 -129.58 2.97
C ARG NC 135 -6.42 -130.88 3.52
N LYS NC 136 -6.16 -130.87 4.82
CA LYS NC 136 -5.64 -132.00 5.58
C LYS NC 136 -6.52 -132.23 6.80
N PHE NC 137 -6.27 -133.33 7.51
CA PHE NC 137 -6.96 -133.62 8.77
C PHE NC 137 -5.98 -134.31 9.71
N HIS NC 138 -6.46 -134.62 10.93
CA HIS NC 138 -5.66 -135.30 11.94
C HIS NC 138 -6.52 -136.35 12.63
N ALA NC 139 -5.84 -137.42 13.07
CA ALA NC 139 -6.47 -138.46 13.88
C ALA NC 139 -5.35 -139.17 14.62
N THR NC 140 -5.37 -139.10 15.95
CA THR NC 140 -4.28 -139.59 16.79
C THR NC 140 -4.79 -140.72 17.67
N VAL NC 141 -4.37 -141.95 17.37
CA VAL NC 141 -4.77 -143.11 18.15
C VAL NC 141 -3.55 -143.70 18.85
N VAL NC 142 -3.42 -143.39 20.14
CA VAL NC 142 -2.23 -143.80 20.88
C VAL NC 142 -2.60 -144.81 21.97
N GLY NC 143 -2.44 -146.11 21.67
CA GLY NC 143 -2.77 -147.12 22.66
C GLY NC 143 -1.74 -148.22 22.82
N GLY NC 144 -1.13 -148.30 24.01
CA GLY NC 144 -0.15 -149.34 24.25
C GLY NC 144 -0.62 -150.36 25.26
N LEU NC 145 -0.08 -150.28 26.48
CA LEU NC 145 -0.49 -151.19 27.55
C LEU NC 145 -0.70 -150.38 28.82
N TYR NC 146 -1.35 -151.01 29.79
CA TYR NC 146 -1.58 -150.58 31.17
C TYR NC 146 -2.42 -149.31 31.33
N CYS NC 147 -2.96 -148.72 30.26
CA CYS NC 147 -4.18 -147.95 30.49
C CYS NC 147 -5.31 -148.42 29.56
N MET NC 148 -5.15 -148.61 28.23
CA MET NC 148 -4.21 -147.95 27.30
C MET NC 148 -4.98 -146.74 26.75
N LYS NC 149 -4.43 -145.55 26.92
CA LYS NC 149 -5.27 -144.37 26.73
C LYS NC 149 -5.03 -143.72 25.36
N GLU NC 150 -5.64 -144.35 24.35
CA GLU NC 150 -6.47 -143.78 23.28
C GLU NC 150 -6.88 -144.89 22.34
N GLN NC 151 -8.00 -144.68 21.64
CA GLN NC 151 -8.65 -145.65 20.76
C GLN NC 151 -9.50 -144.91 19.75
N ALA NC 152 -10.51 -145.62 19.21
CA ALA NC 152 -11.43 -145.21 18.15
C ALA NC 152 -11.93 -143.78 18.31
N LEU NC 153 -11.59 -142.93 17.34
CA LEU NC 153 -12.01 -141.54 17.33
C LEU NC 153 -13.04 -141.34 16.23
N VAL NC 154 -13.97 -140.41 16.45
CA VAL NC 154 -15.00 -140.13 15.46
C VAL NC 154 -14.72 -138.79 14.81
N LYS NC 155 -14.75 -138.75 13.48
CA LYS NC 155 -14.48 -137.53 12.73
C LYS NC 155 -15.61 -137.25 11.76
N ARG NC 156 -16.25 -136.09 11.90
CA ARG NC 156 -17.22 -135.60 10.93
C ARG NC 156 -16.78 -134.23 10.43
N PHE NC 157 -16.94 -133.98 9.14
CA PHE NC 157 -16.48 -132.73 8.52
C PHE NC 157 -17.36 -132.38 7.33
N TYR NC 158 -18.02 -131.24 7.40
CA TYR NC 158 -18.44 -130.54 6.19
C TYR NC 158 -17.22 -130.03 5.45
N ARG NC 159 -17.23 -130.16 4.11
CA ARG NC 159 -16.07 -129.71 3.32
C ARG NC 159 -16.58 -129.39 1.91
N LEU NC 160 -16.74 -128.09 1.63
CA LEU NC 160 -17.25 -127.65 0.33
C LEU NC 160 -16.16 -127.74 -0.73
N ASN NC 161 -16.55 -128.13 -1.94
CA ASN NC 161 -15.61 -128.38 -3.03
C ASN NC 161 -16.25 -127.92 -4.34
N HIS NC 162 -15.69 -128.35 -5.46
CA HIS NC 162 -16.11 -127.83 -6.77
C HIS NC 162 -16.03 -128.94 -7.82
N HIS NC 163 -16.05 -128.55 -9.09
CA HIS NC 163 -16.53 -129.34 -10.22
C HIS NC 163 -15.56 -130.46 -10.62
N VAL NC 164 -16.13 -131.48 -11.27
CA VAL NC 164 -15.45 -132.68 -11.75
C VAL NC 164 -16.00 -133.00 -13.14
N THR NC 165 -15.14 -133.43 -14.05
CA THR NC 165 -15.56 -133.82 -15.40
C THR NC 165 -15.13 -135.27 -15.66
N TYR NC 166 -16.00 -136.04 -16.32
CA TYR NC 166 -15.62 -137.32 -16.89
C TYR NC 166 -15.37 -137.19 -18.39
N ASN NC 167 -14.46 -138.01 -18.89
CA ASN NC 167 -14.09 -137.96 -20.31
C ASN NC 167 -15.13 -138.68 -21.17
N HIS NC 168 -15.27 -139.98 -20.97
CA HIS NC 168 -16.13 -140.78 -21.83
C HIS NC 168 -17.60 -140.65 -21.41
N GLN NC 169 -18.48 -141.00 -22.34
CA GLN NC 169 -19.91 -141.01 -22.12
C GLN NC 169 -20.42 -142.39 -21.71
N GLU NC 170 -19.54 -143.20 -21.14
CA GLU NC 170 -19.85 -144.55 -20.73
C GLU NC 170 -20.58 -144.56 -19.40
N ALA NC 171 -21.14 -145.72 -19.06
CA ALA NC 171 -21.60 -146.00 -17.71
C ALA NC 171 -20.51 -146.72 -16.93
N GLY NC 172 -19.33 -146.09 -16.91
CA GLY NC 172 -18.11 -146.73 -16.47
C GLY NC 172 -17.62 -146.26 -15.11
N LYS NC 173 -16.55 -146.90 -14.68
CA LYS NC 173 -15.93 -146.68 -13.38
C LYS NC 173 -14.86 -145.58 -13.51
N TYR NC 174 -13.97 -145.49 -12.52
CA TYR NC 174 -12.95 -144.45 -12.40
C TYR NC 174 -11.93 -144.40 -13.54
N GLU NC 175 -11.93 -145.36 -14.46
CA GLU NC 175 -10.87 -145.44 -15.46
C GLU NC 175 -10.99 -144.37 -16.53
N ASN NC 176 -12.19 -143.87 -16.81
CA ASN NC 176 -12.42 -142.96 -17.92
C ASN NC 176 -12.48 -141.50 -17.50
N HIS NC 177 -11.65 -141.09 -16.53
CA HIS NC 177 -11.65 -139.73 -16.05
C HIS NC 177 -10.98 -138.77 -17.05
N THR NC 178 -10.99 -137.50 -16.69
CA THR NC 178 -10.31 -136.42 -17.39
C THR NC 178 -9.91 -135.38 -16.33
N GLU NC 179 -9.68 -134.14 -16.78
CA GLU NC 179 -9.33 -133.01 -15.92
C GLU NC 179 -10.28 -132.85 -14.74
N ASN NC 180 -9.72 -132.32 -13.63
CA ASN NC 180 -10.40 -132.02 -12.37
C ASN NC 180 -11.01 -133.29 -11.75
N ALA NC 181 -10.14 -134.21 -11.40
CA ALA NC 181 -10.47 -135.30 -10.50
C ALA NC 181 -10.16 -134.89 -9.07
N LEU NC 182 -10.64 -135.69 -8.11
CA LEU NC 182 -10.33 -135.48 -6.70
C LEU NC 182 -10.48 -136.81 -5.98
N LEU NC 183 -9.57 -137.07 -5.03
CA LEU NC 183 -9.51 -138.36 -4.36
C LEU NC 183 -8.81 -138.18 -3.02
N LEU NC 184 -8.64 -139.27 -2.30
CA LEU NC 184 -8.09 -139.26 -0.95
C LEU NC 184 -6.82 -140.09 -0.87
N TYR NC 185 -5.94 -139.67 0.05
CA TYR NC 185 -4.83 -140.49 0.52
C TYR NC 185 -4.82 -140.47 2.03
N MET NC 186 -4.57 -141.64 2.61
CA MET NC 186 -4.42 -141.77 4.06
C MET NC 186 -3.01 -142.24 4.36
N ALA NC 187 -2.42 -141.71 5.43
CA ALA NC 187 -1.02 -141.94 5.73
C ALA NC 187 -0.84 -142.33 7.19
N CYS NC 188 -0.08 -143.40 7.41
CA CYS NC 188 0.38 -143.77 8.75
C CYS NC 188 1.83 -143.32 8.91
N THR NC 189 2.23 -143.13 10.17
CA THR NC 189 3.53 -142.54 10.47
C THR NC 189 4.47 -143.50 11.20
N HIS NC 190 4.16 -144.80 11.25
CA HIS NC 190 5.00 -145.77 11.92
C HIS NC 190 4.99 -147.09 11.16
N ALA NC 191 6.03 -147.88 11.39
CA ALA NC 191 6.25 -149.10 10.61
C ALA NC 191 5.21 -150.18 10.89
N SER NC 192 4.62 -150.19 12.08
CA SER NC 192 3.50 -151.06 12.35
C SER NC 192 2.26 -150.56 11.60
N ASN NC 193 1.27 -151.45 11.48
CA ASN NC 193 0.02 -151.04 10.85
C ASN NC 193 -1.16 -151.26 11.80
N PRO NC 194 -1.38 -150.39 12.79
CA PRO NC 194 -2.52 -150.60 13.69
C PRO NC 194 -3.82 -150.07 13.15
N VAL NC 195 -3.77 -149.15 12.18
CA VAL NC 195 -4.91 -148.31 11.82
C VAL NC 195 -5.91 -149.13 11.01
N TYR NC 196 -7.09 -149.34 11.59
CA TYR NC 196 -8.23 -149.87 10.87
C TYR NC 196 -9.28 -148.77 10.74
N ALA NC 197 -9.13 -147.98 9.68
CA ALA NC 197 -9.94 -146.79 9.47
C ALA NC 197 -11.05 -147.08 8.47
N THR NC 198 -12.30 -147.03 8.94
CA THR NC 198 -13.46 -147.21 8.08
C THR NC 198 -14.22 -145.90 8.02
N LEU NC 199 -14.47 -145.42 6.82
CA LEU NC 199 -14.97 -144.07 6.60
C LEU NC 199 -16.20 -144.11 5.70
N LYS NC 200 -17.20 -143.32 6.09
CA LYS NC 200 -18.40 -143.09 5.28
C LYS NC 200 -18.30 -141.72 4.64
N ILE NC 201 -18.29 -141.70 3.31
CA ILE NC 201 -17.95 -140.50 2.56
C ILE NC 201 -19.15 -140.15 1.69
N ARG NC 202 -19.96 -139.19 2.14
CA ARG NC 202 -21.08 -138.71 1.33
C ARG NC 202 -20.63 -137.61 0.40
N ILE NC 203 -20.94 -137.75 -0.89
CA ILE NC 203 -20.88 -136.66 -1.84
C ILE NC 203 -22.30 -136.43 -2.34
N TYR NC 204 -22.85 -135.26 -2.07
CA TYR NC 204 -24.11 -134.85 -2.68
C TYR NC 204 -23.86 -133.60 -3.53
N PHE NC 205 -24.44 -133.61 -4.72
CA PHE NC 205 -24.09 -132.65 -5.75
C PHE NC 205 -25.27 -132.38 -6.69
N PRO OC 16 -34.90 -46.43 53.68
CA PRO OC 16 -33.67 -46.80 52.98
C PRO OC 16 -32.65 -47.49 53.87
N ASP OC 17 -32.98 -47.66 55.15
CA ASP OC 17 -32.04 -48.21 56.13
C ASP OC 17 -32.57 -49.49 56.77
N ILE OC 18 -33.85 -49.53 57.13
CA ILE OC 18 -34.42 -50.56 57.98
C ILE OC 18 -35.25 -51.57 57.17
N PRO OC 19 -35.24 -52.85 57.54
CA PRO OC 19 -36.08 -53.84 56.85
C PRO OC 19 -37.41 -54.15 57.52
N ARG OC 20 -37.75 -53.51 58.65
CA ARG OC 20 -38.87 -53.96 59.45
C ARG OC 20 -40.05 -53.00 59.44
N GLY OC 21 -39.85 -51.74 59.85
CA GLY OC 21 -40.93 -50.81 60.01
C GLY OC 21 -40.45 -49.37 60.06
N CYS OC 22 -41.33 -48.46 59.63
CA CYS OC 22 -40.98 -47.06 59.37
C CYS OC 22 -40.89 -46.20 60.64
N GLU OC 23 -40.77 -46.82 61.81
CA GLU OC 23 -40.46 -46.09 63.03
C GLU OC 23 -39.06 -45.49 62.93
N GLY OC 24 -38.83 -44.46 63.74
CA GLY OC 24 -37.51 -43.87 63.87
C GLY OC 24 -36.56 -44.85 64.52
N PRO OC 25 -35.32 -44.90 64.03
CA PRO OC 25 -34.32 -45.80 64.64
C PRO OC 25 -33.90 -45.33 66.02
N CYS OC 26 -34.73 -45.62 67.01
CA CYS OC 26 -34.59 -45.03 68.33
C CYS OC 26 -33.42 -45.66 69.09
N LYS OC 27 -32.66 -44.82 69.78
CA LYS OC 27 -31.49 -45.26 70.52
C LYS OC 27 -31.89 -45.67 71.93
N VAL OC 28 -31.42 -46.83 72.37
CA VAL OC 28 -31.50 -47.26 73.75
C VAL OC 28 -30.09 -47.65 74.17
N GLN OC 29 -29.45 -46.80 74.96
CA GLN OC 29 -28.04 -46.95 75.27
C GLN OC 29 -27.87 -47.54 76.66
N SER OC 30 -27.09 -48.63 76.73
CA SER OC 30 -26.79 -49.28 78.00
C SER OC 30 -25.37 -48.86 78.39
N PHE OC 31 -25.26 -47.66 78.95
CA PHE OC 31 -23.98 -47.25 79.49
C PHE OC 31 -23.68 -48.02 80.77
N GLU OC 32 -22.42 -48.40 80.93
CA GLU OC 32 -21.94 -48.95 82.19
C GLU OC 32 -20.76 -48.12 82.69
N GLN OC 33 -20.69 -47.99 84.01
CA GLN OC 33 -19.47 -47.54 84.68
C GLN OC 33 -19.17 -48.66 85.66
N ARG OC 34 -18.52 -49.71 85.15
CA ARG OC 34 -18.39 -50.97 85.86
C ARG OC 34 -16.98 -51.52 85.75
N ASP OC 35 -16.82 -52.77 86.15
CA ASP OC 35 -15.60 -53.53 85.95
C ASP OC 35 -15.99 -54.98 85.76
N ASP OC 36 -15.02 -55.89 85.90
CA ASP OC 36 -15.32 -57.31 85.85
C ASP OC 36 -14.46 -58.02 86.89
N VAL OC 37 -14.52 -59.35 86.86
CA VAL OC 37 -13.59 -60.20 87.58
C VAL OC 37 -12.91 -61.04 86.53
N LYS OC 38 -12.06 -61.99 86.95
CA LYS OC 38 -11.43 -62.88 85.98
C LYS OC 38 -12.45 -63.76 85.28
N HIS OC 39 -13.46 -64.25 86.02
CA HIS OC 39 -14.38 -65.23 85.46
C HIS OC 39 -15.40 -64.59 84.54
N LEU OC 40 -16.02 -63.49 84.98
CA LEU OC 40 -17.19 -63.02 84.27
C LEU OC 40 -17.39 -61.52 84.43
N GLY OC 41 -17.76 -60.87 83.32
CA GLY OC 41 -18.46 -59.61 83.38
C GLY OC 41 -19.73 -59.76 82.58
N ILE OC 42 -20.89 -59.75 83.24
CA ILE OC 42 -22.14 -60.09 82.60
C ILE OC 42 -22.95 -58.84 82.33
N CYS OC 43 -23.46 -58.73 81.10
CA CYS OC 43 -24.24 -57.57 80.69
C CYS OC 43 -25.31 -58.03 79.72
N LYS OC 44 -26.55 -58.19 80.21
CA LYS OC 44 -27.69 -58.24 79.30
C LYS OC 44 -27.92 -56.83 78.76
N VAL OC 45 -27.73 -56.66 77.46
CA VAL OC 45 -27.72 -55.33 76.85
C VAL OC 45 -29.15 -54.87 76.56
N ILE OC 46 -30.09 -55.79 76.52
CA ILE OC 46 -31.47 -55.50 76.15
C ILE OC 46 -32.35 -55.38 77.39
N SER OC 47 -31.74 -55.07 78.54
CA SER OC 47 -32.38 -55.26 79.83
C SER OC 47 -33.43 -54.20 80.11
N ASP OC 48 -33.02 -52.93 80.11
CA ASP OC 48 -33.88 -51.83 80.56
C ASP OC 48 -34.87 -51.34 79.51
N VAL OC 49 -35.18 -52.14 78.49
CA VAL OC 49 -36.06 -51.70 77.41
C VAL OC 49 -37.49 -52.08 77.81
N THR OC 50 -38.24 -51.11 78.32
CA THR OC 50 -39.62 -51.30 78.75
C THR OC 50 -40.56 -50.62 77.77
N ARG OC 51 -41.86 -50.94 77.88
CA ARG OC 51 -42.85 -50.30 77.04
C ARG OC 51 -43.09 -48.87 77.49
N GLY OC 52 -43.05 -47.94 76.53
CA GLY OC 52 -43.29 -46.54 76.81
C GLY OC 52 -43.29 -45.72 75.54
N PRO OC 53 -43.77 -44.47 75.64
CA PRO OC 53 -43.82 -43.62 74.44
C PRO OC 53 -42.48 -43.03 74.04
N GLY OC 54 -41.51 -42.96 74.95
CA GLY OC 54 -40.24 -42.34 74.65
C GLY OC 54 -39.37 -43.19 73.75
N LEU OC 55 -38.29 -42.57 73.26
CA LEU OC 55 -37.37 -43.27 72.36
C LEU OC 55 -36.38 -44.16 73.11
N THR OC 56 -36.34 -44.08 74.44
CA THR OC 56 -35.63 -45.06 75.26
C THR OC 56 -36.51 -46.23 75.67
N HIS OC 57 -37.52 -46.53 74.85
CA HIS OC 57 -38.54 -47.51 75.18
C HIS OC 57 -38.85 -48.34 73.94
N ARG OC 58 -39.95 -49.07 73.98
CA ARG OC 58 -40.29 -50.01 72.92
C ARG OC 58 -41.79 -50.00 72.67
N VAL OC 59 -42.17 -50.43 71.46
CA VAL OC 59 -43.56 -50.60 71.07
C VAL OC 59 -43.78 -52.07 70.77
N GLY OC 60 -44.56 -52.74 71.61
CA GLY OC 60 -44.82 -54.15 71.45
C GLY OC 60 -43.77 -55.03 72.07
N LYS OC 61 -43.45 -56.15 71.41
CA LYS OC 61 -42.47 -57.09 71.94
C LYS OC 61 -41.58 -57.67 70.84
N ARG OC 62 -41.45 -56.95 69.72
CA ARG OC 62 -40.65 -57.40 68.59
C ARG OC 62 -39.57 -56.39 68.28
N PHE OC 63 -38.32 -56.84 68.21
CA PHE OC 63 -37.18 -56.01 67.88
C PHE OC 63 -36.54 -56.50 66.59
N CYS OC 64 -35.84 -55.57 65.93
CA CYS OC 64 -34.84 -55.91 64.92
C CYS OC 64 -33.68 -54.95 65.17
N ILE OC 65 -32.70 -55.40 65.96
CA ILE OC 65 -31.53 -54.58 66.27
C ILE OC 65 -30.72 -54.36 65.00
N LYS OC 66 -30.62 -53.11 64.57
CA LYS OC 66 -29.85 -52.79 63.37
C LYS OC 66 -28.37 -52.94 63.63
N SER OC 67 -27.85 -52.27 64.66
CA SER OC 67 -26.44 -52.36 64.97
C SER OC 67 -26.21 -52.08 66.44
N ILE OC 68 -25.20 -52.76 67.00
CA ILE OC 68 -24.65 -52.45 68.31
C ILE OC 68 -23.38 -51.64 68.10
N TYR OC 69 -23.32 -50.46 68.70
CA TYR OC 69 -22.19 -49.56 68.59
C TYR OC 69 -21.49 -49.50 69.94
N ILE OC 70 -20.35 -50.16 70.05
CA ILE OC 70 -19.65 -50.32 71.32
C ILE OC 70 -18.56 -49.26 71.40
N LEU OC 71 -18.77 -48.28 72.27
CA LEU OC 71 -17.70 -47.43 72.76
C LEU OC 71 -17.15 -48.01 74.05
N GLY OC 72 -16.00 -47.51 74.46
CA GLY OC 72 -15.44 -47.96 75.72
C GLY OC 72 -13.97 -47.67 75.93
N LYS OC 73 -13.63 -47.30 77.15
CA LYS OC 73 -12.25 -47.13 77.57
C LYS OC 73 -11.93 -48.13 78.66
N ILE OC 74 -10.87 -48.91 78.44
CA ILE OC 74 -10.53 -50.04 79.29
C ILE OC 74 -9.18 -49.73 79.92
N TRP OC 75 -9.18 -49.43 81.22
CA TRP OC 75 -7.95 -49.01 81.88
C TRP OC 75 -7.66 -49.87 83.10
N LEU OC 76 -6.53 -49.56 83.71
CA LEU OC 76 -6.16 -50.03 85.03
C LEU OC 76 -5.51 -48.92 85.85
N ASP OC 77 -5.84 -47.66 85.57
CA ASP OC 77 -5.05 -46.51 86.03
C ASP OC 77 -5.41 -46.09 87.45
N GLU OC 78 -6.01 -46.99 88.23
CA GLU OC 78 -6.03 -46.86 89.67
C GLU OC 78 -4.60 -46.95 90.20
N THR OC 79 -4.34 -46.37 91.36
CA THR OC 79 -2.99 -46.30 91.93
C THR OC 79 -2.43 -47.65 92.37
N ILE OC 80 -3.25 -48.71 92.31
CA ILE OC 80 -2.85 -50.07 92.65
C ILE OC 80 -2.93 -50.83 91.32
N LYS OC 81 -2.66 -52.14 91.35
CA LYS OC 81 -2.68 -53.05 90.20
C LYS OC 81 -1.61 -52.71 89.17
N LYS OC 82 -0.46 -52.23 89.66
CA LYS OC 82 0.77 -52.24 88.88
C LYS OC 82 1.54 -53.53 89.03
N GLN OC 83 1.46 -54.22 90.18
CA GLN OC 83 1.95 -55.58 90.31
C GLN OC 83 0.89 -56.55 89.80
N ASN OC 84 1.31 -57.81 89.59
CA ASN OC 84 0.52 -58.91 89.03
C ASN OC 84 -0.05 -58.50 87.67
N HIS OC 85 0.78 -57.85 86.86
CA HIS OC 85 0.33 -57.08 85.71
C HIS OC 85 0.32 -57.87 84.41
N THR OC 86 0.20 -57.14 83.29
CA THR OC 86 0.09 -57.65 81.91
C THR OC 86 -1.11 -58.56 81.69
N ASN OC 87 -2.32 -58.02 81.79
CA ASN OC 87 -3.54 -58.75 81.50
C ASN OC 87 -4.17 -58.17 80.24
N ASN OC 88 -5.00 -58.98 79.56
CA ASN OC 88 -5.71 -58.53 78.38
C ASN OC 88 -7.19 -58.92 78.47
N VAL OC 89 -8.00 -58.25 77.66
CA VAL OC 89 -9.45 -58.39 77.71
C VAL OC 89 -9.93 -58.99 76.40
N ILE OC 90 -10.69 -60.08 76.49
CA ILE OC 90 -11.32 -60.68 75.32
C ILE OC 90 -12.83 -60.45 75.46
N PHE OC 91 -13.43 -59.83 74.45
CA PHE OC 91 -14.86 -59.59 74.49
C PHE OC 91 -15.61 -60.72 73.79
N TYR OC 92 -16.86 -60.92 74.21
CA TYR OC 92 -17.72 -61.96 73.67
C TYR OC 92 -19.11 -61.39 73.47
N LEU OC 93 -19.59 -61.39 72.23
CA LEU OC 93 -20.93 -60.91 71.90
C LEU OC 93 -21.68 -62.10 71.33
N LEU OC 94 -22.59 -62.65 72.12
CA LEU OC 94 -23.21 -63.95 71.83
C LEU OC 94 -24.65 -63.75 71.37
N ARG OC 95 -25.07 -64.57 70.40
CA ARG OC 95 -26.48 -64.66 70.05
C ARG OC 95 -27.09 -65.78 70.89
N ASP OC 96 -27.93 -65.41 71.85
CA ASP OC 96 -28.55 -66.36 72.75
C ASP OC 96 -29.81 -66.95 72.13
N ARG OC 97 -30.14 -68.18 72.53
CA ARG OC 97 -31.29 -68.89 71.98
C ARG OC 97 -32.48 -68.95 72.93
N ARG OC 98 -32.24 -68.94 74.24
CA ARG OC 98 -33.33 -69.06 75.21
C ARG OC 98 -32.90 -68.41 76.51
N PRO OC 99 -33.83 -67.82 77.27
CA PRO OC 99 -33.49 -67.28 78.58
C PRO OC 99 -33.81 -68.23 79.72
N TYR OC 100 -33.28 -67.96 80.91
CA TYR OC 100 -33.75 -68.57 82.15
C TYR OC 100 -33.76 -67.46 83.22
N GLY OC 101 -34.86 -66.72 83.29
CA GLY OC 101 -35.00 -65.65 84.26
C GLY OC 101 -33.98 -64.55 84.13
N ASN OC 102 -33.03 -64.54 85.07
CA ASN OC 102 -31.89 -63.62 85.03
C ASN OC 102 -30.81 -64.15 84.08
N ALA OC 103 -29.62 -63.56 84.16
CA ALA OC 103 -28.53 -63.99 83.29
C ALA OC 103 -27.93 -65.30 83.80
N PRO OC 104 -27.56 -66.22 82.90
CA PRO OC 104 -26.96 -67.47 83.34
C PRO OC 104 -25.49 -67.31 83.72
N GLN OC 105 -24.84 -68.43 84.02
CA GLN OC 105 -23.42 -68.42 84.36
C GLN OC 105 -22.57 -68.10 83.13
N ASP OC 106 -21.29 -67.82 83.38
CA ASP OC 106 -20.31 -67.73 82.29
C ASP OC 106 -19.39 -68.94 82.26
N PHE OC 107 -18.66 -69.19 83.35
CA PHE OC 107 -17.67 -70.26 83.35
C PHE OC 107 -18.32 -71.64 83.34
N GLY OC 108 -19.54 -71.74 83.87
CA GLY OC 108 -20.32 -72.95 83.73
C GLY OC 108 -21.13 -73.03 82.46
N GLN OC 109 -21.04 -72.03 81.58
CA GLN OC 109 -21.76 -72.03 80.32
C GLN OC 109 -20.83 -72.12 79.12
N ILE OC 110 -19.86 -71.21 78.99
CA ILE OC 110 -18.81 -71.43 78.00
C ILE OC 110 -17.83 -72.45 78.56
N PHE OC 111 -17.11 -73.13 77.64
CA PHE OC 111 -16.59 -74.46 77.91
C PHE OC 111 -15.37 -74.45 78.82
N ASN OC 112 -14.27 -73.83 78.38
CA ASN OC 112 -13.00 -74.06 79.04
C ASN OC 112 -12.46 -72.72 79.53
N MET OC 113 -11.22 -72.74 80.06
CA MET OC 113 -10.65 -71.60 80.77
C MET OC 113 -10.15 -70.54 79.79
N PHE OC 114 -11.03 -69.58 79.51
CA PHE OC 114 -10.79 -68.21 79.07
C PHE OC 114 -10.32 -68.08 77.63
N ASP OC 115 -10.04 -69.20 76.94
CA ASP OC 115 -9.83 -69.24 75.50
C ASP OC 115 -10.65 -70.39 74.97
N ASN OC 116 -11.90 -70.14 74.62
CA ASN OC 116 -12.85 -71.22 74.44
C ASN OC 116 -13.99 -70.81 73.51
N GLU OC 117 -15.01 -71.65 73.51
CA GLU OC 117 -16.26 -71.57 72.76
C GLU OC 117 -17.35 -71.99 73.74
N PRO OC 118 -18.64 -71.85 73.40
CA PRO OC 118 -19.68 -72.48 74.22
C PRO OC 118 -19.58 -73.99 74.21
N SER OC 119 -20.15 -74.60 75.25
CA SER OC 119 -20.06 -76.04 75.44
C SER OC 119 -20.88 -76.79 74.39
N THR OC 120 -20.59 -78.09 74.27
CA THR OC 120 -21.26 -78.93 73.28
C THR OC 120 -22.73 -79.15 73.61
N ALA OC 121 -23.09 -79.10 74.89
CA ALA OC 121 -24.47 -79.28 75.30
C ALA OC 121 -25.27 -77.98 75.34
N THR OC 122 -24.68 -76.87 74.91
CA THR OC 122 -25.30 -75.56 75.04
C THR OC 122 -25.65 -74.91 73.70
N ILE OC 123 -25.24 -75.50 72.58
CA ILE OC 123 -25.46 -74.90 71.28
C ILE OC 123 -26.94 -74.99 70.88
N PHE OC 131 -25.10 -71.85 73.01
CA PHE OC 131 -25.63 -70.59 72.53
C PHE OC 131 -24.75 -70.10 71.39
N GLN OC 132 -25.35 -69.41 70.42
CA GLN OC 132 -24.59 -68.97 69.27
C GLN OC 132 -23.70 -67.78 69.63
N VAL OC 133 -22.67 -67.60 68.82
CA VAL OC 133 -21.67 -66.54 68.98
C VAL OC 133 -21.86 -65.61 67.79
N LEU OC 134 -21.57 -64.33 67.97
CA LEU OC 134 -21.45 -63.46 66.80
C LEU OC 134 -20.00 -63.12 66.47
N ARG OC 135 -19.30 -62.43 67.36
CA ARG OC 135 -17.88 -62.10 67.15
C ARG OC 135 -17.16 -61.94 68.48
N LYS OC 136 -15.86 -61.63 68.40
CA LYS OC 136 -14.99 -61.39 69.53
C LYS OC 136 -14.27 -60.06 69.34
N PHE OC 137 -13.55 -59.63 70.38
CA PHE OC 137 -12.71 -58.44 70.29
C PHE OC 137 -11.46 -58.66 71.14
N HIS OC 138 -10.58 -57.65 71.13
CA HIS OC 138 -9.33 -57.69 71.90
C HIS OC 138 -9.10 -56.34 72.55
N ALA OC 139 -8.45 -56.38 73.72
CA ALA OC 139 -8.01 -55.17 74.41
C ALA OC 139 -6.87 -55.59 75.33
N THR OC 140 -5.68 -55.05 75.10
CA THR OC 140 -4.47 -55.47 75.80
C THR OC 140 -3.90 -54.31 76.61
N VAL OC 141 -4.03 -54.39 77.92
CA VAL OC 141 -3.54 -53.35 78.82
C VAL OC 141 -2.39 -53.92 79.66
N VAL OC 142 -1.17 -53.60 79.27
CA VAL OC 142 0.00 -54.16 79.92
C VAL OC 142 0.80 -53.06 80.63
N GLY OC 143 0.57 -52.91 81.94
CA GLY OC 143 1.30 -51.89 82.67
C GLY OC 143 1.86 -52.35 84.00
N GLY OC 144 3.19 -52.34 84.14
CA GLY OC 144 3.80 -52.75 85.39
C GLY OC 144 4.50 -51.60 86.09
N LEU OC 145 5.82 -51.58 86.04
CA LEU OC 145 6.60 -50.50 86.63
C LEU OC 145 7.68 -50.06 85.66
N TYR OC 146 8.25 -48.90 85.95
CA TYR OC 146 9.42 -48.28 85.30
C TYR OC 146 9.23 -47.93 83.83
N CYS OC 147 8.06 -48.09 83.23
CA CYS OC 147 7.76 -47.22 82.10
C CYS OC 147 6.43 -46.46 82.32
N MET OC 148 5.29 -47.09 82.70
CA MET OC 148 4.86 -48.48 82.48
C MET OC 148 4.05 -48.46 81.16
N LYS OC 149 4.49 -49.24 80.18
CA LYS OC 149 3.99 -48.99 78.84
C LYS OC 149 2.87 -49.97 78.46
N GLU OC 150 1.67 -49.66 78.99
CA GLU OC 150 0.37 -49.57 78.32
C GLU OC 150 -0.70 -49.25 79.36
N GLN OC 151 -1.79 -48.65 78.90
CA GLN OC 151 -2.89 -48.15 79.72
C GLN OC 151 -4.15 -48.08 78.88
N ALA OC 152 -5.08 -47.21 79.31
CA ALA OC 152 -6.43 -47.00 78.77
C ALA OC 152 -6.46 -46.98 77.25
N LEU OC 153 -7.17 -47.94 76.66
CA LEU OC 153 -7.32 -48.03 75.21
C LEU OC 153 -8.75 -47.68 74.84
N VAL OC 154 -8.92 -47.10 73.66
CA VAL OC 154 -10.25 -46.71 73.20
C VAL OC 154 -10.69 -47.67 72.08
N LYS OC 155 -11.90 -48.19 72.20
CA LYS OC 155 -12.44 -49.13 71.22
C LYS OC 155 -13.79 -48.65 70.73
N ARG OC 156 -13.90 -48.44 69.41
CA ARG OC 156 -15.18 -48.16 68.77
C ARG OC 156 -15.41 -49.18 67.67
N PHE OC 157 -16.65 -49.66 67.55
CA PHE OC 157 -16.97 -50.72 66.58
C PHE OC 157 -18.42 -50.57 66.12
N TYR OC 158 -18.61 -50.36 64.81
CA TYR OC 158 -19.87 -50.71 64.19
C TYR OC 158 -20.01 -52.24 64.16
N ARG OC 159 -21.22 -52.73 64.44
CA ARG OC 159 -21.44 -54.18 64.47
C ARG OC 159 -22.92 -54.44 64.16
N LEU OC 160 -23.21 -54.84 62.92
CA LEU OC 160 -24.58 -55.09 62.51
C LEU OC 160 -25.08 -56.42 63.05
N ASN OC 161 -26.35 -56.46 63.45
CA ASN OC 161 -26.94 -57.63 64.09
C ASN OC 161 -28.39 -57.77 63.62
N HIS OC 162 -29.18 -58.56 64.33
CA HIS OC 162 -30.53 -58.92 63.87
C HIS OC 162 -31.48 -59.04 65.06
N HIS OC 163 -32.61 -59.68 64.83
CA HIS OC 163 -33.85 -59.48 65.58
C HIS OC 163 -33.83 -60.10 66.97
N VAL OC 164 -34.69 -59.56 67.84
CA VAL OC 164 -34.87 -59.94 69.24
C VAL OC 164 -36.37 -59.95 69.52
N THR OC 165 -36.83 -60.93 70.32
CA THR OC 165 -38.24 -60.99 70.71
C THR OC 165 -38.32 -60.99 72.23
N TYR OC 166 -39.32 -60.27 72.78
CA TYR OC 166 -39.71 -60.41 74.17
C TYR OC 166 -40.93 -61.30 74.30
N ASN OC 167 -41.02 -62.00 75.43
CA ASN OC 167 -42.14 -62.91 75.66
C ASN OC 167 -43.39 -62.16 76.12
N HIS OC 168 -43.30 -61.53 77.29
CA HIS OC 168 -44.46 -60.90 77.88
C HIS OC 168 -44.71 -59.52 77.26
N GLN OC 169 -45.95 -59.05 77.43
CA GLN OC 169 -46.36 -57.73 76.97
C GLN OC 169 -46.25 -56.68 78.06
N GLU OC 170 -45.37 -56.92 79.03
CA GLU OC 170 -45.16 -56.05 80.18
C GLU OC 170 -44.28 -54.88 79.80
N ALA OC 171 -44.25 -53.88 80.68
CA ALA OC 171 -43.23 -52.83 80.64
C ALA OC 171 -42.08 -53.21 81.56
N GLY OC 172 -41.54 -54.41 81.34
CA GLY OC 172 -40.63 -55.04 82.26
C GLY OC 172 -39.19 -55.05 81.79
N LYS OC 173 -38.34 -55.57 82.68
CA LYS OC 173 -36.90 -55.63 82.50
C LYS OC 173 -36.53 -56.95 81.81
N TYR OC 174 -35.26 -57.32 81.88
CA TYR OC 174 -34.68 -58.48 81.20
C TYR OC 174 -35.27 -59.84 81.59
N GLU OC 175 -36.13 -59.90 82.60
CA GLU OC 175 -36.56 -61.19 83.14
C GLU OC 175 -37.56 -61.89 82.22
N ASN OC 176 -38.31 -61.15 81.41
CA ASN OC 176 -39.40 -61.71 80.60
C ASN OC 176 -39.01 -61.96 79.15
N HIS OC 177 -37.78 -62.40 78.92
CA HIS OC 177 -37.30 -62.65 77.56
C HIS OC 177 -37.88 -63.95 76.99
N THR OC 178 -37.53 -64.20 75.74
CA THR OC 178 -37.84 -65.43 75.02
C THR OC 178 -36.69 -65.66 74.03
N GLU OC 179 -36.96 -66.45 72.98
CA GLU OC 179 -36.00 -66.77 71.92
C GLU OC 179 -35.34 -65.52 71.33
N ASN OC 180 -34.09 -65.72 70.88
CA ASN OC 180 -33.24 -64.71 70.23
C ASN OC 180 -32.97 -63.52 71.16
N ALA OC 181 -32.31 -63.82 72.26
CA ALA OC 181 -31.68 -62.81 73.08
C ALA OC 181 -30.23 -62.62 72.62
N LEU OC 182 -29.60 -61.56 73.12
CA LEU OC 182 -28.18 -61.31 72.85
C LEU OC 182 -27.62 -60.45 73.98
N LEU OC 183 -26.39 -60.75 74.37
CA LEU OC 183 -25.79 -60.11 75.54
C LEU OC 183 -24.27 -60.22 75.43
N LEU OC 184 -23.57 -59.70 76.43
CA LEU OC 184 -22.12 -59.62 76.42
C LEU OC 184 -21.52 -60.40 77.58
N TYR OC 185 -20.31 -60.91 77.35
CA TYR OC 185 -19.44 -61.39 78.40
C TYR OC 185 -18.06 -60.79 78.21
N MET OC 186 -17.45 -60.39 79.31
CA MET OC 186 -16.08 -59.87 79.31
C MET OC 186 -15.22 -60.79 80.16
N ALA OC 187 -13.99 -61.02 79.71
CA ALA OC 187 -13.13 -62.03 80.32
C ALA OC 187 -11.74 -61.45 80.57
N CYS OC 188 -11.24 -61.65 81.78
CA CYS OC 188 -9.85 -61.39 82.12
C CYS OC 188 -9.07 -62.70 82.12
N THR OC 189 -7.76 -62.59 81.90
CA THR OC 189 -6.91 -63.76 81.72
C THR OC 189 -5.88 -63.94 82.83
N HIS OC 190 -6.00 -63.24 83.95
CA HIS OC 190 -5.05 -63.36 85.04
C HIS OC 190 -5.78 -63.23 86.36
N ALA OC 191 -5.16 -63.76 87.42
CA ALA OC 191 -5.79 -63.87 88.72
C ALA OC 191 -6.01 -62.52 89.40
N SER OC 192 -5.19 -61.53 89.08
CA SER OC 192 -5.45 -60.17 89.54
C SER OC 192 -6.64 -59.59 88.78
N ASN OC 193 -7.20 -58.52 89.32
CA ASN OC 193 -8.28 -57.85 88.63
C ASN OC 193 -7.93 -56.37 88.37
N PRO OC 194 -7.10 -56.06 87.36
CA PRO OC 194 -6.79 -54.65 87.11
C PRO OC 194 -7.83 -53.95 86.27
N VAL OC 195 -8.65 -54.69 85.54
CA VAL OC 195 -9.44 -54.13 84.44
C VAL OC 195 -10.62 -53.36 85.00
N TYR OC 196 -10.61 -52.04 84.77
CA TYR OC 196 -11.75 -51.18 85.01
C TYR OC 196 -12.29 -50.71 83.66
N ALA OC 197 -13.17 -51.52 83.08
CA ALA OC 197 -13.67 -51.31 81.74
C ALA OC 197 -15.06 -50.68 81.80
N THR OC 198 -15.17 -49.45 81.31
CA THR OC 198 -16.45 -48.75 81.23
C THR OC 198 -16.79 -48.56 79.77
N LEU OC 199 -17.98 -48.99 79.38
CA LEU OC 199 -18.34 -49.09 77.98
C LEU OC 199 -19.68 -48.41 77.74
N LYS OC 200 -19.74 -47.65 76.65
CA LYS OC 200 -20.97 -47.04 76.17
C LYS OC 200 -21.48 -47.84 74.97
N ILE OC 201 -22.68 -48.40 75.11
CA ILE OC 201 -23.19 -49.38 74.17
C ILE OC 201 -24.48 -48.83 73.58
N ARG OC 202 -24.39 -48.27 72.38
CA ARG OC 202 -25.59 -47.81 71.67
C ARG OC 202 -26.21 -48.94 70.88
N ILE OC 203 -27.51 -49.15 71.08
CA ILE OC 203 -28.33 -49.95 70.17
C ILE OC 203 -29.38 -49.02 69.58
N TYR OC 204 -29.34 -48.82 68.27
CA TYR OC 204 -30.42 -48.13 67.57
C TYR OC 204 -31.04 -49.09 66.58
N PHE OC 205 -32.36 -49.09 66.53
CA PHE OC 205 -33.13 -50.13 65.86
C PHE OC 205 -34.47 -49.60 65.36
N PRO PC 16 4.87 -76.08 33.77
CA PRO PC 16 3.99 -74.96 34.11
C PRO PC 16 4.65 -73.93 35.03
N ASP PC 17 5.91 -74.16 35.39
CA ASP PC 17 6.62 -73.30 36.34
C ASP PC 17 7.87 -72.69 35.73
N ILE PC 18 8.65 -73.46 34.99
CA ILE PC 18 9.99 -73.08 34.56
C ILE PC 18 10.03 -72.65 33.09
N PRO PC 19 10.86 -71.69 32.72
CA PRO PC 19 10.99 -71.30 31.32
C PRO PC 19 12.16 -71.93 30.57
N ARG PC 20 12.97 -72.78 31.20
CA ARG PC 20 14.24 -73.20 30.62
C ARG PC 20 14.25 -74.67 30.19
N GLY PC 21 14.01 -75.60 31.11
CA GLY PC 21 14.15 -77.00 30.83
C GLY PC 21 13.43 -77.87 31.84
N CYS PC 22 13.01 -79.06 31.39
CA CYS PC 22 12.09 -79.93 32.12
C CYS PC 22 12.77 -80.73 33.24
N GLU PC 23 13.97 -80.33 33.67
CA GLU PC 23 14.57 -80.89 34.87
C GLU PC 23 13.73 -80.53 36.09
N GLY PC 24 13.90 -81.34 37.15
CA GLY PC 24 13.29 -81.04 38.42
C GLY PC 24 13.88 -79.78 39.03
N PRO PC 25 13.05 -78.94 39.65
CA PRO PC 25 13.57 -77.72 40.28
C PRO PC 25 14.37 -78.04 41.53
N CYS PC 26 15.62 -78.43 41.33
CA CYS PC 26 16.44 -78.99 42.40
C CYS PC 26 16.91 -77.91 43.36
N LYS PC 27 16.86 -78.23 44.65
CA LYS PC 27 17.24 -77.28 45.70
C LYS PC 27 18.73 -77.38 45.97
N VAL PC 28 19.40 -76.24 46.03
CA VAL PC 28 20.77 -76.14 46.52
C VAL PC 28 20.76 -75.05 47.58
N GLN PC 29 20.83 -75.46 48.85
CA GLN PC 29 20.65 -74.55 49.96
C GLN PC 29 21.99 -74.16 50.56
N SER PC 30 22.29 -72.87 50.60
CA SER PC 30 23.53 -72.35 51.16
C SER PC 30 23.19 -71.89 52.57
N PHE PC 31 23.16 -72.84 53.51
CA PHE PC 31 23.02 -72.48 54.90
C PHE PC 31 24.32 -71.87 55.41
N GLU PC 32 24.18 -70.85 56.24
CA GLU PC 32 25.31 -70.30 56.97
C GLU PC 32 25.00 -70.32 58.45
N GLN PC 33 26.04 -70.55 59.25
CA GLN PC 33 26.03 -70.28 60.68
C GLN PC 33 27.20 -69.35 60.88
N ARG PC 34 26.97 -68.06 60.62
CA ARG PC 34 28.04 -67.08 60.49
C ARG PC 34 27.69 -65.80 61.20
N ASP PC 35 28.48 -64.76 60.95
CA ASP PC 35 28.20 -63.40 61.39
C ASP PC 35 28.76 -62.47 60.34
N ASP PC 36 28.92 -61.20 60.70
CA ASP PC 36 29.55 -60.24 59.81
C ASP PC 36 30.43 -59.31 60.64
N VAL PC 37 30.96 -58.29 59.96
CA VAL PC 37 31.61 -57.16 60.62
C VAL PC 37 30.81 -55.94 60.19
N LYS PC 38 31.26 -54.75 60.58
CA LYS PC 38 30.59 -53.53 60.13
C LYS PC 38 30.69 -53.35 58.63
N HIS PC 39 31.86 -53.66 58.05
CA HIS PC 39 32.09 -53.36 56.65
C HIS PC 39 31.39 -54.36 55.73
N LEU PC 40 31.54 -55.65 56.01
CA LEU PC 40 31.13 -56.63 55.00
C LEU PC 40 30.74 -57.94 55.63
N GLY PC 41 29.67 -58.52 55.11
CA GLY PC 41 29.44 -59.95 55.21
C GLY PC 41 29.25 -60.48 53.80
N ILE PC 42 30.20 -61.28 53.31
CA ILE PC 42 30.21 -61.65 51.90
C ILE PC 42 29.75 -63.10 51.77
N CYS PC 43 28.85 -63.31 50.81
CA CYS PC 43 28.28 -64.64 50.57
C CYS PC 43 28.02 -64.79 49.08
N LYS PC 44 28.91 -65.45 48.36
CA LYS PC 44 28.53 -65.97 47.05
C LYS PC 44 27.60 -67.15 47.24
N VAL PC 45 26.37 -67.00 46.80
CA VAL PC 45 25.33 -67.96 47.12
C VAL PC 45 25.37 -69.13 46.14
N ILE PC 46 26.03 -68.95 45.01
CA ILE PC 46 26.05 -69.95 43.95
C ILE PC 46 27.36 -70.74 43.99
N SER PC 47 28.02 -70.77 45.17
CA SER PC 47 29.42 -71.18 45.26
C SER PC 47 29.58 -72.70 45.12
N ASP PC 48 28.94 -73.46 46.00
CA ASP PC 48 29.18 -74.90 46.11
C ASP PC 48 28.41 -75.73 45.09
N VAL PC 49 27.96 -75.14 43.97
CA VAL PC 49 27.17 -75.87 42.99
C VAL PC 49 28.14 -76.48 41.97
N THR PC 50 28.43 -77.76 42.13
CA THR PC 50 29.34 -78.49 41.26
C THR PC 50 28.55 -79.44 40.38
N ARG PC 51 29.22 -79.98 39.35
CA ARG PC 51 28.58 -80.97 38.48
C ARG PC 51 28.47 -82.31 39.21
N GLY PC 52 27.27 -82.89 39.18
CA GLY PC 52 27.04 -84.17 39.79
C GLY PC 52 25.62 -84.65 39.53
N PRO PC 53 25.36 -85.94 39.81
CA PRO PC 53 24.02 -86.48 39.55
C PRO PC 53 22.99 -86.10 40.60
N GLY PC 54 23.41 -85.71 41.80
CA GLY PC 54 22.48 -85.39 42.86
C GLY PC 54 21.75 -84.08 42.65
N LEU PC 55 20.73 -83.86 43.47
CA LEU PC 55 19.93 -82.63 43.38
C LEU PC 55 20.59 -81.45 44.06
N THR PC 56 21.69 -81.66 44.79
CA THR PC 56 22.53 -80.58 45.28
C THR PC 56 23.63 -80.23 44.30
N HIS PC 57 23.40 -80.48 43.01
CA HIS PC 57 24.43 -80.36 41.99
C HIS PC 57 23.79 -79.72 40.75
N ARG PC 58 24.51 -79.79 39.63
CA ARG PC 58 24.09 -79.12 38.41
C ARG PC 58 24.37 -79.98 37.19
N VAL PC 59 23.65 -79.70 36.12
CA VAL PC 59 23.85 -80.34 34.83
C VAL PC 59 24.25 -79.26 33.83
N GLY PC 60 25.51 -79.31 33.39
CA GLY PC 60 26.02 -78.32 32.45
C GLY PC 60 26.54 -77.08 33.13
N LYS PC 61 26.33 -75.92 32.51
CA LYS PC 61 26.82 -74.66 33.06
C LYS PC 61 25.82 -73.53 32.89
N ARG PC 62 24.54 -73.87 32.75
CA ARG PC 62 23.48 -72.88 32.55
C ARG PC 62 22.44 -73.01 33.66
N PHE PC 63 22.16 -71.89 34.32
CA PHE PC 63 21.14 -71.82 35.37
C PHE PC 63 20.03 -70.88 34.96
N CYS PC 64 18.86 -71.10 35.54
CA CYS PC 64 17.80 -70.09 35.61
C CYS PC 64 17.22 -70.20 37.01
N ILE PC 65 17.75 -69.38 37.92
CA ILE PC 65 17.29 -69.37 39.31
C ILE PC 65 15.85 -68.88 39.36
N LYS PC 66 14.94 -69.75 39.79
CA LYS PC 66 13.54 -69.38 39.87
C LYS PC 66 13.30 -68.41 41.03
N SER PC 67 13.74 -68.78 42.23
CA SER PC 67 13.56 -67.90 43.38
C SER PC 67 14.62 -68.19 44.43
N ILE PC 68 15.03 -67.13 45.12
CA ILE PC 68 15.83 -67.23 46.34
C ILE PC 68 14.90 -67.08 47.52
N TYR PC 69 14.92 -68.06 48.42
CA TYR PC 69 14.07 -68.09 49.60
C TYR PC 69 14.97 -67.91 50.82
N ILE PC 70 14.93 -66.71 51.40
CA ILE PC 70 15.85 -66.35 52.49
C ILE PC 70 15.12 -66.56 53.81
N LEU PC 71 15.53 -67.57 54.55
CA LEU PC 71 15.24 -67.68 55.96
C LEU PC 71 16.39 -67.06 56.76
N GLY PC 72 16.15 -66.83 58.04
CA GLY PC 72 17.21 -66.32 58.87
C GLY PC 72 16.77 -65.70 60.18
N LYS PC 73 17.55 -65.95 61.23
CA LYS PC 73 17.36 -65.32 62.52
C LYS PC 73 18.58 -64.48 62.84
N ILE PC 74 18.36 -63.21 63.14
CA ILE PC 74 19.42 -62.22 63.30
C ILE PC 74 19.37 -61.76 64.75
N TRP PC 75 20.36 -62.17 65.55
CA TRP PC 75 20.33 -61.86 66.97
C TRP PC 75 21.62 -61.19 67.41
N LEU PC 76 21.63 -60.83 68.69
CA LEU PC 76 22.82 -60.43 69.41
C LEU PC 76 22.84 -61.02 70.81
N ASP PC 77 22.20 -62.18 71.01
CA ASP PC 77 21.86 -62.68 72.34
C ASP PC 77 23.03 -63.42 73.00
N GLU PC 78 24.26 -63.18 72.54
CA GLU PC 78 25.44 -63.49 73.32
C GLU PC 78 25.43 -62.65 74.59
N THR PC 79 26.11 -63.11 75.64
CA THR PC 79 26.10 -62.43 76.94
C THR PC 79 26.84 -61.09 76.94
N ILE PC 80 27.49 -60.73 75.83
CA ILE PC 80 28.19 -59.47 75.67
C ILE PC 80 27.39 -58.74 74.59
N LYS PC 81 27.84 -57.54 74.18
CA LYS PC 81 27.25 -56.67 73.17
C LYS PC 81 25.88 -56.17 73.60
N LYS PC 82 25.71 -55.92 74.89
CA LYS PC 82 24.63 -55.07 75.39
C LYS PC 82 25.02 -53.61 75.44
N GLN PC 83 26.30 -53.29 75.64
CA GLN PC 83 26.80 -51.93 75.44
C GLN PC 83 27.11 -51.72 73.96
N ASN PC 84 27.31 -50.45 73.58
CA ASN PC 84 27.53 -49.97 72.22
C ASN PC 84 26.41 -50.45 71.30
N HIS PC 85 25.18 -50.35 71.79
CA HIS PC 85 24.04 -51.06 71.24
C HIS PC 85 23.25 -50.27 70.20
N THR PC 86 22.05 -50.77 69.88
CA THR PC 86 21.12 -50.24 68.87
C THR PC 86 21.71 -50.21 67.46
N ASN PC 87 21.99 -51.37 66.88
CA ASN PC 87 22.44 -51.47 65.50
C ASN PC 87 21.35 -52.13 64.67
N ASN PC 88 21.37 -51.90 63.36
CA ASN PC 88 20.44 -52.52 62.44
C ASN PC 88 21.17 -53.10 61.24
N VAL PC 89 20.49 -54.00 60.54
CA VAL PC 89 21.08 -54.77 59.45
C VAL PC 89 20.37 -54.40 58.15
N ILE PC 90 21.13 -54.00 57.14
CA ILE PC 90 20.60 -53.74 55.81
C ILE PC 90 21.14 -54.83 54.90
N PHE PC 91 20.23 -55.55 54.23
CA PHE PC 91 20.65 -56.60 53.32
C PHE PC 91 20.77 -56.06 51.89
N TYR PC 92 21.63 -56.71 51.12
CA TYR PC 92 21.87 -56.31 49.73
C TYR PC 92 21.95 -57.57 48.89
N LEU PC 93 21.06 -57.68 47.90
CA LEU PC 93 21.04 -58.81 46.98
C LEU PC 93 21.29 -58.25 45.59
N LEU PC 94 22.49 -58.45 45.08
CA LEU PC 94 22.97 -57.76 43.89
C LEU PC 94 22.99 -58.71 42.69
N ARG PC 95 22.64 -58.18 41.52
CA ARG PC 95 22.85 -58.89 40.26
C ARG PC 95 24.23 -58.50 39.73
N ASP PC 96 25.18 -59.42 39.78
CA ASP PC 96 26.55 -59.16 39.35
C ASP PC 96 26.67 -59.36 37.84
N ARG PC 97 27.62 -58.65 37.25
CA ARG PC 97 27.83 -58.69 35.80
C ARG PC 97 29.07 -59.48 35.39
N ARG PC 98 30.07 -59.51 36.24
CA ARG PC 98 31.31 -60.19 35.87
C ARG PC 98 32.02 -60.63 37.14
N PRO PC 99 32.73 -61.75 37.11
CA PRO PC 99 33.52 -62.15 38.29
C PRO PC 99 34.98 -61.74 38.17
N TYR PC 100 35.70 -61.81 39.29
CA TYR PC 100 37.16 -61.78 39.30
C TYR PC 100 37.64 -62.79 40.34
N GLY PC 101 37.78 -64.05 39.92
CA GLY PC 101 38.22 -65.12 40.80
C GLY PC 101 37.32 -65.36 41.98
N ASN PC 102 37.80 -64.94 43.15
CA ASN PC 102 37.02 -64.98 44.38
C ASN PC 102 36.06 -63.79 44.45
N ALA PC 103 35.48 -63.55 45.63
CA ALA PC 103 34.54 -62.45 45.80
C ALA PC 103 35.30 -61.13 45.88
N PRO PC 104 34.78 -60.07 45.27
CA PRO PC 104 35.45 -58.76 45.36
C PRO PC 104 35.22 -58.07 46.70
N GLN PC 105 35.70 -56.83 46.82
CA GLN PC 105 35.51 -56.05 48.02
C GLN PC 105 34.05 -55.63 48.17
N ASP PC 106 33.71 -55.12 49.35
CA ASP PC 106 32.42 -54.47 49.56
C ASP PC 106 32.56 -52.96 49.66
N PHE PC 107 33.35 -52.47 50.62
CA PHE PC 107 33.44 -51.03 50.86
C PHE PC 107 34.21 -50.33 49.75
N GLY PC 108 35.10 -51.05 49.07
CA GLY PC 108 35.73 -50.54 47.87
C GLY PC 108 34.95 -50.77 46.60
N GLN PC 109 33.78 -51.39 46.70
CA GLN PC 109 32.94 -51.65 45.52
C GLN PC 109 31.64 -50.86 45.55
N ILE PC 110 30.83 -50.99 46.62
CA ILE PC 110 29.73 -50.06 46.79
C ILE PC 110 30.28 -48.74 47.32
N PHE PC 111 29.55 -47.67 47.04
CA PHE PC 111 30.14 -46.34 46.95
C PHE PC 111 30.49 -45.74 48.31
N ASN PC 112 29.50 -45.51 49.17
CA ASN PC 112 29.72 -44.66 50.33
C ASN PC 112 29.42 -45.47 51.59
N MET PC 113 29.46 -44.79 52.74
CA MET PC 113 29.40 -45.45 54.04
C MET PC 113 27.97 -45.86 54.40
N PHE PC 114 27.65 -47.10 54.05
CA PHE PC 114 26.65 -47.99 54.65
C PHE PC 114 25.21 -47.61 54.30
N ASP PC 115 24.98 -46.46 53.65
CA ASP PC 115 23.70 -46.12 53.05
C ASP PC 115 23.99 -45.60 51.66
N ASN PC 116 24.01 -46.51 50.69
CA ASN PC 116 24.61 -46.18 49.40
C ASN PC 116 24.05 -47.07 48.29
N GLU PC 117 24.73 -47.00 47.15
CA GLU PC 117 24.49 -47.71 45.91
C GLU PC 117 25.86 -48.17 45.42
N PRO PC 118 25.94 -48.99 44.37
CA PRO PC 118 27.25 -49.23 43.74
C PRO PC 118 27.82 -47.98 43.10
N SER PC 119 29.14 -47.98 42.94
CA SER PC 119 29.85 -46.81 42.44
C SER PC 119 29.54 -46.56 40.97
N THR PC 120 29.86 -45.35 40.53
CA THR PC 120 29.58 -44.95 39.14
C THR PC 120 30.46 -45.69 38.14
N ALA PC 121 31.65 -46.13 38.55
CA ALA PC 121 32.54 -46.86 37.67
C ALA PC 121 32.31 -48.37 37.72
N THR PC 122 31.30 -48.84 38.43
CA THR PC 122 31.08 -50.26 38.65
C THR PC 122 29.82 -50.79 38.02
N ILE PC 123 28.97 -49.93 37.46
CA ILE PC 123 27.68 -50.37 36.92
C ILE PC 123 27.88 -51.11 35.61
N PHE PC 131 27.80 -52.79 39.47
CA PHE PC 131 27.06 -54.04 39.42
C PHE PC 131 25.60 -53.75 39.70
N GLN PC 132 24.71 -54.52 39.09
CA GLN PC 132 23.29 -54.26 39.26
C GLN PC 132 22.82 -54.71 40.65
N VAL PC 133 21.70 -54.13 41.07
CA VAL PC 133 21.07 -54.40 42.36
C VAL PC 133 19.75 -55.08 42.05
N LEU PC 134 19.29 -55.96 42.94
CA LEU PC 134 17.90 -56.41 42.84
C LEU PC 134 17.00 -55.76 43.88
N ARG PC 135 17.23 -56.01 45.17
CA ARG PC 135 16.44 -55.41 46.23
C ARG PC 135 17.27 -55.29 47.50
N LYS PC 136 16.63 -54.75 48.55
CA LYS PC 136 17.21 -54.57 49.88
C LYS PC 136 16.27 -55.17 50.91
N PHE PC 137 16.73 -55.22 52.16
CA PHE PC 137 15.89 -55.65 53.28
C PHE PC 137 16.26 -54.85 54.52
N HIS PC 138 15.56 -55.12 55.63
CA HIS PC 138 15.81 -54.46 56.90
C HIS PC 138 15.75 -55.46 58.03
N ALA PC 139 16.53 -55.20 59.07
CA ALA PC 139 16.49 -56.00 60.30
C ALA PC 139 17.04 -55.11 61.40
N THR PC 140 16.23 -54.80 62.40
CA THR PC 140 16.58 -53.83 63.44
C THR PC 140 16.62 -54.54 64.79
N VAL PC 141 17.82 -54.73 65.34
CA VAL PC 141 17.98 -55.38 66.63
C VAL PC 141 18.53 -54.37 67.63
N VAL PC 142 17.65 -53.83 68.48
CA VAL PC 142 18.06 -52.77 69.40
C VAL PC 142 17.95 -53.27 70.85
N GLY PC 143 19.07 -53.71 71.42
CA GLY PC 143 19.04 -54.17 72.78
C GLY PC 143 20.16 -53.67 73.66
N GLY PC 144 19.82 -52.90 74.70
CA GLY PC 144 20.84 -52.39 75.58
C GLY PC 144 20.75 -52.98 76.99
N LEU PC 145 20.24 -52.20 77.93
CA LEU PC 145 20.05 -52.67 79.30
C LEU PC 145 18.68 -52.23 79.79
N TYR PC 146 18.26 -52.86 80.89
CA TYR PC 146 17.07 -52.56 81.69
C TYR PC 146 15.74 -52.75 80.97
N CYS PC 147 15.69 -53.25 79.74
CA CYS PC 147 14.48 -53.95 79.35
C CYS PC 147 14.81 -55.36 78.84
N MET PC 148 15.77 -55.60 77.92
CA MET PC 148 16.29 -54.73 76.85
C MET PC 148 15.44 -55.04 75.61
N LYS PC 149 14.77 -54.04 75.05
CA LYS PC 149 13.70 -54.34 74.13
C LYS PC 149 14.15 -54.19 72.67
N GLU PC 150 14.87 -55.22 72.21
CA GLU PC 150 14.71 -55.97 70.97
C GLU PC 150 15.83 -57.00 70.86
N GLN PC 151 15.57 -58.07 70.10
CA GLN PC 151 16.43 -59.24 69.97
C GLN PC 151 16.12 -59.92 68.64
N ALA PC 152 16.46 -61.22 68.59
CA ALA PC 152 16.37 -62.11 67.43
C ALA PC 152 15.06 -61.95 66.64
N LEU PC 153 15.20 -61.52 65.38
CA LEU PC 153 14.06 -61.34 64.49
C LEU PC 153 14.09 -62.42 63.43
N VAL PC 154 12.90 -62.82 62.96
CA VAL PC 154 12.81 -63.86 61.93
C VAL PC 154 12.39 -63.22 60.62
N LYS PC 155 13.10 -63.54 59.55
CA LYS PC 155 12.83 -62.97 58.23
C LYS PC 155 12.68 -64.09 57.22
N ARG PC 156 11.52 -64.16 56.57
CA ARG PC 156 11.29 -65.04 55.44
C ARG PC 156 10.84 -64.22 54.24
N PHE PC 157 11.35 -64.56 53.05
CA PHE PC 157 11.07 -63.78 51.84
C PHE PC 157 11.10 -64.69 50.62
N TYR PC 158 9.97 -64.80 49.92
CA TYR PC 158 10.01 -65.19 48.52
C TYR PC 158 10.65 -64.05 47.71
N ARG PC 159 11.49 -64.43 46.74
CA ARG PC 159 12.17 -63.42 45.92
C ARG PC 159 12.52 -64.05 44.58
N LEU PC 160 11.74 -63.74 43.55
CA LEU PC 160 11.94 -64.30 42.22
C LEU PC 160 13.11 -63.62 41.52
N ASN PC 161 13.89 -64.40 40.78
CA ASN PC 161 15.11 -63.92 40.14
C ASN PC 161 15.25 -64.61 38.79
N HIS PC 162 16.44 -64.55 38.20
CA HIS PC 162 16.65 -65.00 36.83
C HIS PC 162 18.04 -65.63 36.69
N HIS PC 163 18.49 -65.78 35.44
CA HIS PC 163 19.46 -66.78 35.01
C HIS PC 163 20.89 -66.47 35.44
N VAL PC 164 21.70 -67.53 35.52
CA VAL PC 164 23.10 -67.52 35.92
C VAL PC 164 23.86 -68.45 34.98
N THR PC 165 25.07 -68.05 34.59
CA THR PC 165 25.90 -68.88 33.74
C THR PC 165 27.23 -69.15 34.44
N TYR PC 166 27.74 -70.38 34.32
CA TYR PC 166 29.13 -70.69 34.68
C TYR PC 166 29.99 -70.74 33.44
N ASN PC 167 31.27 -70.38 33.62
CA ASN PC 167 32.20 -70.36 32.49
C ASN PC 167 32.72 -71.76 32.17
N HIS PC 168 33.42 -72.37 33.12
CA HIS PC 168 34.07 -73.64 32.86
C HIS PC 168 33.08 -74.79 32.99
N GLN PC 169 33.45 -75.93 32.41
CA GLN PC 169 32.67 -77.15 32.48
C GLN PC 169 33.15 -78.07 33.59
N GLU PC 170 33.78 -77.48 34.61
CA GLU PC 170 34.33 -78.21 35.73
C GLU PC 170 33.24 -78.57 36.73
N ALA PC 171 33.58 -79.46 37.66
CA ALA PC 171 32.78 -79.68 38.87
C ALA PC 171 33.34 -78.82 40.01
N GLY PC 172 33.44 -77.52 39.72
CA GLY PC 172 34.17 -76.59 40.55
C GLY PC 172 33.30 -75.67 41.38
N LYS PC 173 33.97 -74.88 42.20
CA LYS PC 173 33.35 -73.95 43.13
C LYS PC 173 33.18 -72.59 42.45
N TYR PC 174 32.95 -71.54 43.25
CA TYR PC 174 32.64 -70.19 42.78
C TYR PC 174 33.71 -69.52 41.92
N GLU PC 175 34.89 -70.12 41.79
CA GLU PC 175 36.00 -69.43 41.13
C GLU PC 175 35.84 -69.34 39.62
N ASN PC 176 35.11 -70.27 39.02
CA ASN PC 176 35.01 -70.36 37.55
C ASN PC 176 33.75 -69.72 36.99
N HIS PC 177 33.30 -68.61 37.57
CA HIS PC 177 32.09 -67.94 37.13
C HIS PC 177 32.31 -67.19 35.81
N THR PC 178 31.23 -66.61 35.31
CA THR PC 178 31.21 -65.72 34.16
C THR PC 178 30.09 -64.72 34.39
N GLU PC 179 29.59 -64.11 33.30
CA GLU PC 179 28.49 -63.15 33.32
C GLU PC 179 27.27 -63.66 34.08
N ASN PC 180 26.54 -62.70 34.67
CA ASN PC 180 25.30 -62.90 35.43
C ASN PC 180 25.52 -63.82 36.65
N ALA PC 181 26.38 -63.35 37.53
CA ALA PC 181 26.45 -63.88 38.88
C ALA PC 181 25.49 -63.10 39.79
N LEU PC 182 25.28 -63.63 40.99
CA LEU PC 182 24.47 -62.95 42.00
C LEU PC 182 24.88 -63.45 43.37
N LEU PC 183 24.93 -62.53 44.33
CA LEU PC 183 25.45 -62.84 45.66
C LEU PC 183 24.88 -61.84 46.65
N LEU PC 184 25.29 -61.98 47.91
CA LEU PC 184 24.77 -61.16 48.99
C LEU PC 184 25.86 -60.35 49.67
N TYR PC 185 25.46 -59.20 50.19
CA TYR PC 185 26.25 -58.44 51.14
C TYR PC 185 25.38 -58.07 52.33
N MET PC 186 25.95 -58.18 53.53
CA MET PC 186 25.28 -57.77 54.75
C MET PC 186 26.08 -56.64 55.38
N ALA PC 187 25.37 -55.67 55.94
CA ALA PC 187 26.01 -54.44 56.42
C ALA PC 187 25.52 -54.11 57.82
N CYS PC 188 26.46 -53.81 58.71
CA CYS PC 188 26.17 -53.24 60.02
C CYS PC 188 26.43 -51.74 59.98
N THR PC 189 25.76 -51.01 60.88
CA THR PC 189 25.79 -49.56 60.86
C THR PC 189 26.45 -48.95 62.09
N HIS PC 190 27.16 -49.73 62.90
CA HIS PC 190 27.82 -49.22 64.09
C HIS PC 190 29.15 -49.94 64.28
N ALA PC 191 30.04 -49.29 65.04
CA ALA PC 191 31.42 -49.76 65.19
C ALA PC 191 31.51 -51.05 65.99
N SER PC 192 30.57 -51.30 66.89
CA SER PC 192 30.49 -52.60 67.55
C SER PC 192 30.02 -53.66 66.56
N ASN PC 193 30.24 -54.92 66.94
CA ASN PC 193 29.74 -56.00 66.10
C ASN PC 193 28.82 -56.92 66.90
N PRO PC 194 27.55 -56.54 67.12
CA PRO PC 194 26.66 -57.42 67.88
C PRO PC 194 26.01 -58.50 67.02
N VAL PC 195 25.96 -58.30 65.70
CA VAL PC 195 25.07 -59.05 64.83
C VAL PC 195 25.63 -60.46 64.62
N TYR PC 196 24.91 -61.44 65.11
CA TYR PC 196 25.16 -62.85 64.79
C TYR PC 196 24.00 -63.36 63.93
N ALA PC 197 24.14 -63.16 62.63
CA ALA PC 197 23.08 -63.44 61.67
C ALA PC 197 23.35 -64.77 60.99
N THR PC 198 22.47 -65.74 61.23
CA THR PC 198 22.55 -67.05 60.58
C THR PC 198 21.35 -67.20 59.68
N LEU PC 199 21.59 -67.51 58.40
CA LEU PC 199 20.57 -67.46 57.38
C LEU PC 199 20.54 -68.77 56.61
N LYS PC 200 19.33 -69.25 56.36
CA LYS PC 200 19.09 -70.40 55.49
C LYS PC 200 18.57 -69.91 54.16
N ILE PC 201 19.32 -70.19 53.09
CA ILE PC 201 19.09 -69.58 51.79
C ILE PC 201 18.79 -70.71 50.81
N ARG PC 202 17.52 -70.95 50.51
CA ARG PC 202 17.14 -71.92 49.51
C ARG PC 202 17.13 -71.29 48.12
N ILE PC 203 17.82 -71.93 47.18
CA ILE PC 203 17.64 -71.66 45.76
C ILE PC 203 17.13 -72.93 45.12
N TYR PC 204 15.92 -72.89 44.58
CA TYR PC 204 15.42 -73.98 43.76
C TYR PC 204 15.17 -73.46 42.35
N PHE PC 205 15.59 -74.24 41.36
CA PHE PC 205 15.68 -73.78 39.99
C PHE PC 205 15.51 -74.93 39.00
N PRO QC 16 -23.58 -77.20 50.90
CA PRO QC 16 -22.96 -75.99 50.36
C PRO QC 16 -21.58 -75.71 50.92
N ASP QC 17 -21.11 -76.59 51.81
CA ASP QC 17 -19.83 -76.38 52.50
C ASP QC 17 -18.85 -77.52 52.24
N ILE QC 18 -19.31 -78.76 52.26
CA ILE QC 18 -18.45 -79.94 52.28
C ILE QC 18 -18.40 -80.63 50.92
N PRO QC 19 -17.26 -81.21 50.54
CA PRO QC 19 -17.17 -81.94 49.27
C PRO QC 19 -17.33 -83.46 49.40
N ARG QC 20 -17.54 -84.01 50.60
CA ARG QC 20 -17.43 -85.45 50.80
C ARG QC 20 -18.77 -86.12 51.08
N GLY QC 21 -19.47 -85.71 52.14
CA GLY QC 21 -20.68 -86.39 52.56
C GLY QC 21 -21.53 -85.53 53.47
N CYS QC 22 -22.84 -85.79 53.45
CA CYS QC 22 -23.85 -84.92 54.06
C CYS QC 22 -23.97 -85.09 55.57
N GLU QC 23 -22.98 -85.69 56.22
CA GLU QC 23 -22.91 -85.69 57.68
C GLU QC 23 -22.72 -84.26 58.19
N GLY QC 24 -23.10 -84.05 59.45
CA GLY QC 24 -22.85 -82.80 60.12
C GLY QC 24 -21.37 -82.59 60.32
N PRO QC 25 -20.90 -81.35 60.13
CA PRO QC 25 -19.47 -81.06 60.33
C PRO QC 25 -19.08 -81.11 61.80
N CYS QC 26 -18.88 -82.33 62.30
CA CYS QC 26 -18.74 -82.56 63.72
C CYS QC 26 -17.38 -82.10 64.22
N LYS QC 27 -17.38 -81.46 65.40
CA LYS QC 27 -16.17 -80.93 65.99
C LYS QC 27 -15.50 -81.99 66.85
N VAL QC 28 -14.19 -82.14 66.67
CA VAL QC 28 -13.35 -82.94 67.56
C VAL QC 28 -12.20 -82.04 67.96
N GLN QC 29 -12.22 -81.54 69.19
CA GLN QC 29 -11.29 -80.52 69.64
C GLN QC 29 -10.18 -81.15 70.49
N SER QC 30 -8.95 -80.88 70.11
CA SER QC 30 -7.78 -81.35 70.85
C SER QC 30 -7.28 -80.17 71.66
N PHE QC 31 -7.91 -79.93 72.80
CA PHE QC 31 -7.39 -78.94 73.73
C PHE QC 31 -6.13 -79.46 74.40
N GLU QC 32 -5.16 -78.58 74.58
CA GLU QC 32 -4.00 -78.87 75.38
C GLU QC 32 -3.87 -77.81 76.48
N GLN QC 33 -3.40 -78.26 77.63
CA GLN QC 33 -2.88 -77.36 78.68
C GLN QC 33 -1.47 -77.88 78.91
N ARG QC 34 -0.56 -77.43 78.06
CA ARG QC 34 0.78 -78.03 77.98
C ARG QC 34 1.84 -76.95 77.86
N ASP QC 35 3.06 -77.38 77.53
CA ASP QC 35 4.16 -76.50 77.20
C ASP QC 35 5.02 -77.21 76.17
N ASP QC 36 6.24 -76.74 75.99
CA ASP QC 36 7.19 -77.42 75.12
C ASP QC 36 8.57 -77.34 75.75
N VAL QC 37 9.56 -77.81 74.99
CA VAL QC 37 10.96 -77.60 75.29
C VAL QC 37 11.52 -76.84 74.10
N LYS QC 38 12.84 -76.60 74.10
CA LYS QC 38 13.45 -75.94 72.94
C LYS QC 38 13.35 -76.80 71.69
N HIS QC 39 13.54 -78.11 71.82
CA HIS QC 39 13.62 -78.98 70.66
C HIS QC 39 12.25 -79.27 70.06
N LEU QC 40 11.28 -79.63 70.90
CA LEU QC 40 10.06 -80.17 70.33
C LEU QC 40 8.87 -79.94 71.25
N GLY QC 41 7.74 -79.59 70.63
CA GLY QC 41 6.45 -79.80 71.23
C GLY QC 41 5.61 -80.59 70.24
N ILE QC 42 5.31 -81.85 70.56
CA ILE QC 42 4.71 -82.76 69.60
C ILE QC 42 3.23 -82.93 69.91
N CYS QC 43 2.41 -82.83 68.87
CA CYS QC 43 0.96 -82.94 69.01
C CYS QC 43 0.40 -83.61 67.77
N LYS QC 44 0.13 -84.90 67.84
CA LYS QC 44 -0.75 -85.51 66.85
C LYS QC 44 -2.18 -85.05 67.12
N VAL QC 45 -2.73 -84.27 66.19
CA VAL QC 45 -3.99 -83.58 66.44
C VAL QC 45 -5.16 -84.52 66.17
N ILE QC 46 -4.93 -85.61 65.44
CA ILE QC 46 -5.99 -86.53 65.04
C ILE QC 46 -6.00 -87.76 65.95
N SER QC 47 -5.48 -87.61 67.16
CA SER QC 47 -5.13 -88.76 67.99
C SER QC 47 -6.36 -89.43 68.60
N ASP QC 48 -7.14 -88.68 69.37
CA ASP QC 48 -8.22 -89.24 70.18
C ASP QC 48 -9.51 -89.49 69.39
N VAL QC 49 -9.45 -89.57 68.07
CA VAL QC 49 -10.66 -89.73 67.26
C VAL QC 49 -10.91 -91.24 67.10
N THR QC 50 -11.82 -91.78 67.89
CA THR QC 50 -12.18 -93.19 67.88
C THR QC 50 -13.55 -93.36 67.26
N ARG QC 51 -13.90 -94.61 66.94
CA ARG QC 51 -15.22 -94.91 66.39
C ARG QC 51 -16.27 -94.84 67.50
N GLY QC 52 -17.35 -94.10 67.24
CA GLY QC 52 -18.43 -93.98 68.18
C GLY QC 52 -19.59 -93.18 67.60
N PRO QC 53 -20.74 -93.22 68.27
CA PRO QC 53 -21.91 -92.50 67.75
C PRO QC 53 -21.87 -91.00 68.00
N GLY QC 54 -21.08 -90.54 68.97
CA GLY QC 54 -21.06 -89.13 69.31
C GLY QC 54 -20.34 -88.29 68.27
N LEU QC 55 -20.48 -86.97 68.42
CA LEU QC 55 -19.85 -86.03 67.49
C LEU QC 55 -18.38 -85.79 67.81
N THR QC 56 -17.88 -86.29 68.94
CA THR QC 56 -16.45 -86.33 69.22
C THR QC 56 -15.81 -87.63 68.73
N HIS QC 57 -16.40 -88.25 67.70
CA HIS QC 57 -16.01 -89.57 67.25
C HIS QC 57 -16.03 -89.57 65.72
N ARG QC 58 -15.97 -90.77 65.14
CA ARG QC 58 -15.85 -90.91 63.69
C ARG QC 58 -16.69 -92.08 63.21
N VAL QC 59 -17.02 -92.04 61.92
CA VAL QC 59 -17.74 -93.11 61.24
C VAL QC 59 -16.83 -93.65 60.15
N GLY QC 60 -16.36 -94.88 60.32
CA GLY QC 60 -15.46 -95.49 59.35
C GLY QC 60 -14.00 -95.13 59.59
N LYS QC 61 -13.25 -94.96 58.50
CA LYS QC 61 -11.83 -94.64 58.61
C LYS QC 61 -11.39 -93.61 57.58
N ARG QC 62 -12.33 -92.80 57.08
CA ARG QC 62 -12.05 -91.80 56.06
C ARG QC 62 -12.43 -90.42 56.57
N PHE QC 63 -11.49 -89.48 56.51
CA PHE QC 63 -11.71 -88.11 56.92
C PHE QC 63 -11.53 -87.18 55.72
N CYS QC 64 -12.17 -86.02 55.81
CA CYS QC 64 -11.82 -84.85 54.99
C CYS QC 64 -11.90 -83.66 55.94
N ILE QC 65 -10.77 -83.30 56.54
CA ILE QC 65 -10.71 -82.18 57.47
C ILE QC 65 -10.98 -80.88 56.71
N LYS QC 66 -12.09 -80.22 57.06
CA LYS QC 66 -12.43 -78.97 56.41
C LYS QC 66 -11.49 -77.86 56.83
N SER QC 67 -11.35 -77.64 58.14
CA SER QC 67 -10.46 -76.60 58.62
C SER QC 67 -9.98 -76.92 60.02
N ILE QC 68 -8.74 -76.52 60.29
CA ILE QC 68 -8.18 -76.49 61.64
C ILE QC 68 -8.28 -75.07 62.15
N TYR QC 69 -8.92 -74.90 63.30
CA TYR QC 69 -9.11 -73.59 63.93
C TYR QC 69 -8.27 -73.55 65.20
N ILE QC 70 -7.17 -72.83 65.14
CA ILE QC 70 -6.19 -72.81 66.23
C ILE QC 70 -6.44 -71.59 67.10
N LEU QC 71 -6.96 -71.82 68.30
CA LEU QC 71 -6.90 -70.83 69.37
C LEU QC 71 -5.67 -71.10 70.21
N GLY QC 72 -5.32 -70.13 71.04
CA GLY QC 72 -4.19 -70.33 71.93
C GLY QC 72 -3.63 -69.07 72.54
N LYS QC 73 -3.25 -69.17 73.82
CA LYS QC 73 -2.55 -68.12 74.52
C LYS QC 73 -1.17 -68.62 74.91
N ILE QC 74 -0.14 -67.86 74.53
CA ILE QC 74 1.25 -68.30 74.66
C ILE QC 74 1.91 -67.31 75.62
N TRP QC 75 2.21 -67.76 76.83
CA TRP QC 75 2.73 -66.86 77.85
C TRP QC 75 4.03 -67.40 78.43
N LEU QC 76 4.60 -66.58 79.31
CA LEU QC 76 5.67 -66.97 80.21
C LEU QC 76 5.46 -66.40 81.61
N ASP QC 77 4.21 -66.16 82.01
CA ASP QC 77 3.89 -65.31 83.16
C ASP QC 77 3.95 -66.08 84.47
N GLU QC 78 4.67 -67.20 84.50
CA GLU QC 78 5.15 -67.79 85.74
C GLU QC 78 6.12 -66.81 86.40
N THR QC 79 6.26 -66.90 87.73
CA THR QC 79 7.09 -65.96 88.48
C THR QC 79 8.59 -66.11 88.22
N ILE QC 80 8.99 -67.11 87.42
CA ILE QC 80 10.37 -67.34 87.04
C ILE QC 80 10.39 -67.10 85.54
N LYS QC 81 11.54 -67.30 84.89
CA LYS QC 81 11.78 -67.13 83.45
C LYS QC 81 11.63 -65.68 83.02
N LYS QC 82 12.01 -64.76 83.89
CA LYS QC 82 12.31 -63.38 83.49
C LYS QC 82 13.75 -63.19 83.06
N GLN QC 83 14.69 -63.97 83.61
CA GLN QC 83 16.04 -64.04 83.07
C GLN QC 83 16.07 -65.03 81.91
N ASN QC 84 17.17 -64.99 81.14
CA ASN QC 84 17.41 -65.78 79.93
C ASN QC 84 16.27 -65.57 78.94
N HIS QC 85 15.85 -64.32 78.79
CA HIS QC 85 14.57 -63.97 78.19
C HIS QC 85 14.66 -63.69 76.69
N THR QC 86 13.58 -63.09 76.16
CA THR QC 86 13.37 -62.78 74.74
C THR QC 86 13.40 -63.99 73.82
N ASN QC 87 12.44 -64.89 73.97
CA ASN QC 87 12.29 -66.04 73.08
C ASN QC 87 11.03 -65.86 72.25
N ASN QC 88 10.98 -66.54 71.10
CA ASN QC 88 9.80 -66.51 70.24
C ASN QC 88 9.43 -67.93 69.82
N VAL QC 89 8.19 -68.08 69.35
CA VAL QC 89 7.60 -69.38 69.04
C VAL QC 89 7.32 -69.42 67.55
N ILE QC 90 7.82 -70.45 66.88
CA ILE QC 90 7.51 -70.70 65.47
C ILE QC 90 6.65 -71.96 65.42
N PHE QC 91 5.47 -71.86 64.82
CA PHE QC 91 4.61 -73.01 64.69
C PHE QC 91 4.83 -73.73 63.37
N TYR QC 92 4.55 -75.02 63.36
CA TYR QC 92 4.72 -75.85 62.18
C TYR QC 92 3.52 -76.78 62.06
N LEU QC 93 2.79 -76.67 60.95
CA LEU QC 93 1.64 -77.51 60.69
C LEU QC 93 1.96 -78.30 59.42
N LEU QC 94 2.27 -79.59 59.59
CA LEU QC 94 2.85 -80.39 58.52
C LEU QC 94 1.82 -81.37 57.97
N ARG QC 95 1.86 -81.58 56.66
CA ARG QC 95 1.10 -82.67 56.03
C ARG QC 95 2.00 -83.90 55.99
N ASP QC 96 1.69 -84.89 56.82
CA ASP QC 96 2.49 -86.11 56.91
C ASP QC 96 2.08 -87.09 55.83
N ARG QC 97 3.03 -87.94 55.43
CA ARG QC 97 2.80 -88.91 54.37
C ARG QC 97 2.66 -90.34 54.86
N ARG QC 98 3.27 -90.71 56.01
CA ARG QC 98 3.22 -92.07 56.51
C ARG QC 98 3.46 -92.05 58.01
N PRO QC 99 2.85 -92.96 58.76
CA PRO QC 99 3.13 -93.04 60.20
C PRO QC 99 4.16 -94.11 60.54
N TYR QC 100 4.69 -94.05 61.76
CA TYR QC 100 5.42 -95.17 62.36
C TYR QC 100 5.00 -95.26 63.82
N GLY QC 101 3.92 -96.00 64.08
CA GLY QC 101 3.40 -96.18 65.42
C GLY QC 101 3.00 -94.90 66.12
N ASN QC 102 3.83 -94.48 67.07
CA ASN QC 102 3.66 -93.21 67.76
C ASN QC 102 4.22 -92.06 66.91
N ALA QC 103 4.38 -90.89 67.51
CA ALA QC 103 4.89 -89.73 66.79
C ALA QC 103 6.41 -89.86 66.60
N PRO QC 104 6.93 -89.47 65.44
CA PRO QC 104 8.39 -89.54 65.23
C PRO QC 104 9.14 -88.40 65.91
N GLN QC 105 10.44 -88.32 65.66
CA GLN QC 105 11.26 -87.26 66.23
C GLN QC 105 10.93 -85.92 65.58
N ASP QC 106 11.45 -84.85 66.16
CA ASP QC 106 11.42 -83.54 65.52
C ASP QC 106 12.79 -83.13 65.00
N PHE QC 107 13.78 -83.04 65.90
CA PHE QC 107 15.10 -82.54 65.51
C PHE QC 107 15.83 -83.54 64.63
N GLY QC 108 15.53 -84.82 64.76
CA GLY QC 108 16.01 -85.82 63.84
C GLY QC 108 15.18 -86.00 62.60
N GLN QC 109 14.09 -85.24 62.46
CA GLN QC 109 13.24 -85.32 61.29
C GLN QC 109 13.28 -84.06 60.44
N ILE QC 110 13.00 -82.89 61.01
CA ILE QC 110 13.29 -81.66 60.29
C ILE QC 110 14.78 -81.38 60.38
N PHE QC 111 15.27 -80.55 59.44
CA PHE QC 111 16.67 -80.65 59.03
C PHE QC 111 17.62 -79.98 60.02
N ASN QC 112 17.50 -78.67 60.21
CA ASN QC 112 18.56 -77.93 60.88
C ASN QC 112 17.98 -77.25 62.12
N MET QC 113 18.81 -76.43 62.77
CA MET QC 113 18.50 -75.87 64.09
C MET QC 113 17.53 -74.69 63.97
N PHE QC 114 16.24 -75.03 64.09
CA PHE QC 114 15.11 -74.21 64.54
C PHE QC 114 14.67 -73.17 63.51
N ASP QC 115 15.39 -72.99 62.40
CA ASP QC 115 14.94 -72.23 61.25
C ASP QC 115 15.24 -73.07 60.02
N ASN QC 116 14.28 -73.90 59.63
CA ASN QC 116 14.58 -74.98 58.70
C ASN QC 116 13.34 -75.43 57.95
N GLU QC 117 13.50 -76.57 57.29
CA GLU QC 117 12.52 -77.29 56.49
C GLU QC 117 12.70 -78.77 56.84
N PRO QC 118 11.84 -79.67 56.38
CA PRO QC 118 12.14 -81.10 56.51
C PRO QC 118 13.36 -81.50 55.69
N SER QC 119 13.97 -82.61 56.09
CA SER QC 119 15.22 -83.07 55.48
C SER QC 119 14.97 -83.57 54.06
N THR QC 120 16.07 -83.68 53.31
CA THR QC 120 16.00 -84.11 51.91
C THR QC 120 15.60 -85.57 51.78
N ALA QC 121 15.89 -86.39 52.78
CA ALA QC 121 15.52 -87.80 52.74
C ALA QC 121 14.14 -88.07 53.33
N THR QC 122 13.40 -87.04 53.70
CA THR QC 122 12.12 -87.21 54.39
C THR QC 122 10.92 -86.74 53.59
N ILE QC 123 11.13 -86.13 52.44
CA ILE QC 123 10.02 -85.57 51.65
C ILE QC 123 9.22 -86.69 51.00
N PHE QC 131 8.54 -85.02 54.80
CA PHE QC 131 7.10 -84.86 54.99
C PHE QC 131 6.70 -83.48 54.50
N GLN QC 132 5.48 -83.37 53.97
CA GLN QC 132 5.05 -82.10 53.42
C GLN QC 132 4.70 -81.11 54.53
N VAL QC 133 4.74 -79.84 54.18
CA VAL QC 133 4.46 -78.73 55.08
C VAL QC 133 3.18 -78.08 54.59
N LEU QC 134 2.39 -77.51 55.49
CA LEU QC 134 1.31 -76.65 55.03
C LEU QC 134 1.61 -75.17 55.24
N ARG QC 135 1.79 -74.71 56.48
CA ARG QC 135 2.13 -73.32 56.76
C ARG QC 135 2.89 -73.21 58.07
N LYS QC 136 3.25 -71.98 58.42
CA LYS QC 136 3.95 -71.63 59.65
C LYS QC 136 3.19 -70.51 60.36
N PHE QC 137 3.62 -70.20 61.58
CA PHE QC 137 3.07 -69.06 62.33
C PHE QC 137 4.19 -68.42 63.13
N HIS QC 138 3.84 -67.35 63.86
CA HIS QC 138 4.78 -66.63 64.70
C HIS QC 138 4.12 -66.26 66.01
N ALA QC 139 4.93 -66.20 67.07
CA ALA QC 139 4.49 -65.74 68.39
C ALA QC 139 5.74 -65.30 69.13
N THR QC 140 5.81 -64.01 69.47
CA THR QC 140 7.00 -63.40 70.04
C THR QC 140 6.70 -62.90 71.44
N VAL QC 141 7.23 -63.58 72.46
CA VAL QC 141 7.02 -63.19 73.85
C VAL QC 141 8.35 -62.76 74.45
N VAL QC 142 8.55 -61.44 74.54
CA VAL QC 142 9.83 -60.91 75.00
C VAL QC 142 9.64 -60.17 76.33
N GLY QC 143 9.94 -60.85 77.43
CA GLY QC 143 9.80 -60.22 78.74
C GLY QC 143 10.96 -60.45 79.68
N GLY QC 144 11.65 -59.37 80.05
CA GLY QC 144 12.77 -59.51 80.97
C GLY QC 144 12.51 -58.84 82.30
N LEU QC 145 13.11 -57.68 82.53
CA LEU QC 145 12.89 -56.93 83.76
C LEU QC 145 12.69 -55.46 83.41
N TYR QC 146 12.18 -54.72 84.40
CA TYR QC 146 12.01 -53.27 84.43
C TYR QC 146 11.05 -52.70 83.39
N CYS QC 147 10.36 -53.50 82.59
CA CYS QC 147 9.08 -53.00 82.09
C CYS QC 147 7.94 -53.98 82.41
N MET QC 148 8.03 -55.32 82.16
CA MET QC 148 8.81 -56.02 81.13
C MET QC 148 7.87 -56.16 79.92
N LYS QC 149 8.29 -55.63 78.77
CA LYS QC 149 7.32 -55.42 77.72
C LYS QC 149 7.37 -56.52 76.66
N GLU QC 150 6.77 -57.66 77.01
CA GLU QC 150 5.80 -58.46 76.27
C GLU QC 150 5.45 -59.70 77.08
N GLN QC 151 4.27 -60.25 76.81
CA GLN QC 151 3.67 -61.36 77.55
C GLN QC 151 2.66 -62.07 76.65
N ALA QC 152 1.71 -62.77 77.29
CA ALA QC 152 0.68 -63.62 76.71
C ALA QC 152 0.03 -63.00 75.47
N LEU QC 153 0.19 -63.66 74.33
CA LEU QC 153 -0.39 -63.23 73.08
C LEU QC 153 -1.51 -64.17 72.68
N VAL QC 154 -2.53 -63.64 71.99
CA VAL QC 154 -3.65 -64.46 71.58
C VAL QC 154 -3.57 -64.66 70.06
N LYS QC 155 -3.71 -65.92 69.62
CA LYS QC 155 -3.63 -66.26 68.21
C LYS QC 155 -4.87 -67.06 67.81
N ARG QC 156 -5.62 -66.54 66.83
CA ARG QC 156 -6.71 -67.27 66.21
C ARG QC 156 -6.46 -67.33 64.70
N PHE QC 157 -6.74 -68.48 64.10
CA PHE QC 157 -6.48 -68.69 62.68
C PHE QC 157 -7.48 -69.68 62.10
N TYR QC 158 -8.26 -69.23 61.12
CA TYR QC 158 -8.85 -70.15 60.16
C TYR QC 158 -7.75 -70.74 59.28
N ARG QC 159 -7.84 -72.05 59.00
CA ARG QC 159 -6.82 -72.70 58.19
C ARG QC 159 -7.46 -73.92 57.52
N LEU QC 160 -7.79 -73.78 56.24
CA LEU QC 160 -8.44 -74.85 55.48
C LEU QC 160 -7.43 -75.93 55.10
N ASN QC 161 -7.86 -77.19 55.15
CA ASN QC 161 -6.98 -78.33 54.93
C ASN QC 161 -7.76 -79.41 54.19
N HIS QC 162 -7.25 -80.63 54.18
CA HIS QC 162 -7.81 -81.70 53.33
C HIS QC 162 -7.70 -83.04 54.06
N HIS QC 163 -7.85 -84.12 53.30
CA HIS QC 163 -8.32 -85.42 53.77
C HIS QC 163 -7.26 -86.19 54.58
N VAL QC 164 -7.75 -87.10 55.41
CA VAL QC 164 -6.96 -87.96 56.31
C VAL QC 164 -7.59 -89.36 56.25
N THR QC 165 -6.76 -90.40 56.29
CA THR QC 165 -7.23 -91.77 56.30
C THR QC 165 -6.66 -92.49 57.52
N TYR QC 166 -7.48 -93.33 58.16
CA TYR QC 166 -7.01 -94.29 59.15
C TYR QC 166 -6.88 -95.68 58.54
N ASN QC 167 -5.91 -96.45 59.05
CA ASN QC 167 -5.66 -97.78 58.52
C ASN QC 167 -6.67 -98.78 59.07
N HIS QC 168 -6.65 -98.99 60.39
CA HIS QC 168 -7.47 -100.02 60.99
C HIS QC 168 -8.90 -99.54 61.19
N GLN QC 169 -9.81 -100.51 61.35
CA GLN QC 169 -11.22 -100.24 61.61
C GLN QC 169 -11.53 -100.27 63.10
N GLU QC 170 -10.52 -100.01 63.93
CA GLU QC 170 -10.64 -100.03 65.37
C GLU QC 170 -11.28 -98.74 65.88
N ALA QC 171 -11.67 -98.77 67.14
CA ALA QC 171 -12.00 -97.54 67.88
C ALA QC 171 -10.77 -97.06 68.66
N GLY QC 172 -9.67 -96.89 67.91
CA GLY QC 172 -8.36 -96.72 68.48
C GLY QC 172 -7.84 -95.30 68.40
N LYS QC 173 -6.67 -95.12 68.99
CA LYS QC 173 -5.99 -93.84 69.09
C LYS QC 173 -5.06 -93.66 67.88
N TYR QC 174 -4.12 -92.73 67.98
CA TYR QC 174 -3.22 -92.31 66.90
C TYR QC 174 -2.30 -93.42 66.37
N GLU QC 175 -2.25 -94.59 66.99
CA GLU QC 175 -1.27 -95.60 66.63
C GLU QC 175 -1.58 -96.29 65.31
N ASN QC 176 -2.85 -96.35 64.92
CA ASN QC 176 -3.27 -97.12 63.75
C ASN QC 176 -3.47 -96.27 62.51
N HIS QC 177 -2.61 -95.25 62.31
CA HIS QC 177 -2.73 -94.37 61.16
C HIS QC 177 -2.25 -95.05 59.87
N THR QC 178 -2.38 -94.31 58.77
CA THR QC 178 -1.87 -94.66 57.46
C THR QC 178 -1.53 -93.36 56.75
N GLU QC 179 -1.47 -93.39 55.41
CA GLU QC 179 -1.18 -92.24 54.56
C GLU QC 179 -2.06 -91.03 54.89
N ASN QC 180 -1.48 -89.84 54.66
CA ASN QC 180 -2.10 -88.53 54.85
C ASN QC 180 -2.52 -88.30 56.30
N ALA QC 181 -1.50 -88.28 57.16
CA ALA QC 181 -1.66 -87.76 58.50
C ALA QC 181 -1.28 -86.28 58.51
N LEU QC 182 -1.59 -85.61 59.62
CA LEU QC 182 -1.20 -84.22 59.82
C LEU QC 182 -1.15 -83.94 61.31
N LEU QC 183 -0.15 -83.15 61.72
CA LEU QC 183 0.12 -82.92 63.13
C LEU QC 183 0.89 -81.62 63.28
N LEU QC 184 1.22 -81.27 64.51
CA LEU QC 184 1.87 -80.01 64.84
C LEU QC 184 3.24 -80.23 65.48
N TYR QC 185 4.12 -79.27 65.25
CA TYR QC 185 5.35 -79.12 66.01
C TYR QC 185 5.47 -77.68 66.46
N MET QC 186 5.91 -77.49 67.70
CA MET QC 186 6.17 -76.16 68.24
C MET QC 186 7.65 -76.07 68.59
N ALA QC 187 8.25 -74.91 68.34
CA ALA QC 187 9.68 -74.75 68.46
C ALA QC 187 10.02 -73.49 69.25
N CYS QC 188 10.91 -73.64 70.23
CA CYS QC 188 11.51 -72.51 70.92
C CYS QC 188 12.90 -72.26 70.36
N THR QC 189 13.37 -71.02 70.50
CA THR QC 189 14.61 -70.60 69.88
C THR QC 189 15.70 -70.23 70.88
N HIS QC 190 15.54 -70.58 72.15
CA HIS QC 190 16.55 -70.27 73.16
C HIS QC 190 16.63 -71.41 74.17
N ALA QC 191 17.77 -71.48 74.86
CA ALA QC 191 18.07 -72.61 75.74
C ALA QC 191 17.18 -72.64 76.98
N SER QC 192 16.69 -71.49 77.43
CA SER QC 192 15.69 -71.47 78.48
C SER QC 192 14.36 -71.98 77.96
N ASN QC 193 13.47 -72.34 78.87
CA ASN QC 193 12.13 -72.76 78.46
C ASN QC 193 11.07 -71.89 79.12
N PRO QC 194 10.82 -70.67 78.64
CA PRO QC 194 9.78 -69.84 79.26
C PRO QC 194 8.39 -70.15 78.75
N VAL QC 195 8.26 -70.78 77.59
CA VAL QC 195 7.01 -70.81 76.84
C VAL QC 195 6.06 -71.80 77.50
N TYR QC 196 4.95 -71.28 78.02
CA TYR QC 196 3.83 -72.09 78.47
C TYR QC 196 2.66 -71.83 77.52
N ALA QC 197 2.63 -72.60 76.44
CA ALA QC 197 1.68 -72.40 75.35
C ALA QC 197 0.54 -73.40 75.48
N THR QC 198 -0.66 -72.90 75.74
CA THR QC 198 -1.86 -73.73 75.80
C THR QC 198 -2.77 -73.34 74.64
N LEU QC 199 -3.16 -74.33 73.85
CA LEU QC 199 -3.83 -74.10 72.59
C LEU QC 199 -5.11 -74.92 72.50
N LYS QC 200 -6.16 -74.27 72.02
CA LYS QC 200 -7.42 -74.93 71.71
C LYS QC 200 -7.53 -75.11 70.21
N ILE QC 201 -7.63 -76.36 69.77
CA ILE QC 201 -7.49 -76.72 68.38
C ILE QC 201 -8.79 -77.40 67.94
N ARG QC 202 -9.66 -76.64 67.29
CA ARG QC 202 -10.88 -77.21 66.73
C ARG QC 202 -10.63 -77.78 65.34
N ILE QC 203 -11.02 -79.03 65.13
CA ILE QC 203 -11.17 -79.59 63.80
C ILE QC 203 -12.63 -79.95 63.62
N TYR QC 204 -13.30 -79.31 62.67
CA TYR QC 204 -14.63 -79.72 62.27
C TYR QC 204 -14.60 -80.13 60.80
N PHE QC 205 -15.25 -81.25 60.51
CA PHE QC 205 -15.09 -81.94 59.24
C PHE QC 205 -16.35 -82.71 58.86
N PRO RC 16 -88.17 -84.71 24.34
CA PRO RC 16 -86.94 -84.38 25.07
C PRO RC 16 -86.71 -85.27 26.29
N ASP RC 17 -87.63 -86.20 26.54
CA ASP RC 17 -87.58 -87.04 27.74
C ASP RC 17 -87.49 -88.52 27.40
N ILE RC 18 -88.26 -88.99 26.40
CA ILE RC 18 -88.46 -90.41 26.15
C ILE RC 18 -87.66 -90.89 24.93
N PRO RC 19 -87.15 -92.12 24.95
CA PRO RC 19 -86.44 -92.65 23.78
C PRO RC 19 -87.27 -93.53 22.86
N ARG RC 20 -88.56 -93.74 23.13
CA ARG RC 20 -89.33 -94.76 22.42
C ARG RC 20 -90.39 -94.19 21.49
N GLY RC 21 -91.33 -93.40 22.01
CA GLY RC 21 -92.45 -92.93 21.22
C GLY RC 21 -93.13 -91.73 21.85
N CYS RC 22 -93.76 -90.92 20.99
CA CYS RC 22 -94.25 -89.60 21.36
C CYS RC 22 -95.59 -89.63 22.10
N GLU RC 23 -95.99 -90.78 22.65
CA GLU RC 23 -97.12 -90.84 23.55
C GLU RC 23 -96.82 -90.07 24.82
N GLY RC 24 -97.89 -89.66 25.51
CA GLY RC 24 -97.77 -89.04 26.80
C GLY RC 24 -97.24 -90.03 27.82
N PRO RC 25 -96.34 -89.56 28.71
CA PRO RC 25 -95.81 -90.46 29.74
C PRO RC 25 -96.85 -90.79 30.79
N CYS RC 26 -97.72 -91.75 30.46
CA CYS RC 26 -98.91 -92.02 31.24
C CYS RC 26 -98.57 -92.76 32.53
N LYS RC 27 -99.22 -92.35 33.62
CA LYS RC 27 -98.97 -92.92 34.93
C LYS RC 27 -99.87 -94.14 35.14
N VAL RC 28 -99.27 -95.23 35.61
CA VAL RC 28 -100.01 -96.39 36.11
C VAL RC 28 -99.47 -96.69 37.49
N GLN RC 29 -100.24 -96.35 38.51
CA GLN RC 29 -99.78 -96.40 39.89
C GLN RC 29 -100.31 -97.66 40.59
N SER RC 30 -99.39 -98.48 41.06
CA SER RC 30 -99.74 -99.69 41.78
C SER RC 30 -99.68 -99.36 43.26
N PHE RC 31 -100.74 -98.73 43.77
CA PHE RC 31 -100.84 -98.52 45.19
C PHE RC 31 -101.12 -99.84 45.89
N GLU RC 32 -100.50 -100.03 47.05
CA GLU RC 32 -100.84 -101.13 47.93
C GLU RC 32 -101.20 -100.59 49.30
N GLN RC 33 -102.14 -101.26 49.94
CA GLN RC 33 -102.39 -101.11 51.37
C GLN RC 33 -102.27 -102.53 51.90
N ARG RC 34 -101.02 -102.94 52.14
CA ARG RC 34 -100.70 -104.34 52.38
C ARG RC 34 -99.71 -104.47 53.54
N ASP RC 35 -99.16 -105.67 53.69
CA ASP RC 35 -98.08 -105.95 54.60
C ASP RC 35 -97.23 -107.05 53.97
N ASP RC 36 -96.39 -107.68 54.79
CA ASP RC 36 -95.63 -108.83 54.32
C ASP RC 36 -95.55 -109.86 55.43
N VAL RC 37 -94.77 -110.90 55.18
CA VAL RC 37 -94.38 -111.86 56.21
C VAL RC 37 -92.86 -111.79 56.28
N LYS RC 38 -92.23 -112.65 57.08
CA LYS RC 38 -90.78 -112.68 57.13
C LYS RC 38 -90.19 -113.11 55.79
N HIS RC 39 -90.81 -114.10 55.14
CA HIS RC 39 -90.21 -114.69 53.94
C HIS RC 39 -90.39 -113.80 52.73
N LEU RC 40 -91.61 -113.30 52.51
CA LEU RC 40 -91.87 -112.69 51.20
C LEU RC 40 -92.96 -111.64 51.30
N GLY RC 41 -92.74 -110.53 50.59
CA GLY RC 41 -93.83 -109.69 50.15
C GLY RC 41 -93.71 -109.53 48.65
N ILE RC 42 -94.63 -110.10 47.89
CA ILE RC 42 -94.50 -110.19 46.44
C ILE RC 42 -95.41 -109.17 45.78
N CYS RC 43 -94.83 -108.45 44.82
CA CYS RC 43 -95.56 -107.41 44.10
C CYS RC 43 -95.06 -107.37 42.66
N LYS RC 44 -95.81 -107.99 41.75
CA LYS RC 44 -95.62 -107.67 40.33
C LYS RC 44 -96.19 -106.28 40.08
N VAL RC 45 -95.30 -105.36 39.73
CA VAL RC 45 -95.69 -103.96 39.66
C VAL RC 45 -96.34 -103.65 38.33
N ILE RC 46 -96.15 -104.50 37.33
CA ILE RC 46 -96.63 -104.26 35.98
C ILE RC 46 -97.92 -105.05 35.73
N SER RC 47 -98.64 -105.39 36.81
CA SER RC 47 -99.68 -106.41 36.74
C SER RC 47 -100.94 -105.91 36.05
N ASP RC 48 -101.54 -104.84 36.59
CA ASP RC 48 -102.85 -104.38 36.17
C ASP RC 48 -102.83 -103.53 34.90
N VAL RC 49 -101.78 -103.59 34.09
CA VAL RC 49 -101.67 -102.74 32.90
C VAL RC 49 -102.30 -103.50 31.74
N THR RC 50 -103.54 -103.16 31.40
CA THR RC 50 -104.29 -103.77 30.32
C THR RC 50 -104.40 -102.81 29.15
N ARG RC 51 -104.82 -103.34 28.00
CA ARG RC 51 -105.03 -102.49 26.83
C ARG RC 51 -106.30 -101.67 27.00
N GLY RC 52 -106.19 -100.37 26.77
CA GLY RC 52 -107.31 -99.46 26.86
C GLY RC 52 -106.94 -98.05 26.44
N PRO RC 53 -107.95 -97.20 26.23
CA PRO RC 53 -107.66 -95.83 25.79
C PRO RC 53 -107.20 -94.91 26.91
N GLY RC 54 -107.46 -95.25 28.16
CA GLY RC 54 -107.10 -94.38 29.27
C GLY RC 54 -105.61 -94.38 29.55
N LEU RC 55 -105.20 -93.43 30.40
CA LEU RC 55 -103.80 -93.31 30.76
C LEU RC 55 -103.37 -94.29 31.84
N THR RC 56 -104.32 -95.02 32.44
CA THR RC 56 -103.99 -96.16 33.29
C THR RC 56 -103.93 -97.46 32.51
N HIS RC 57 -103.61 -97.38 31.22
CA HIS RC 57 -103.67 -98.51 30.30
C HIS RC 57 -102.44 -98.46 29.40
N ARG RC 58 -102.48 -99.25 28.33
CA ARG RC 58 -101.33 -99.40 27.45
C ARG RC 58 -101.77 -99.49 26.01
N VAL RC 59 -100.85 -99.18 25.11
CA VAL RC 59 -101.05 -99.29 23.67
C VAL RC 59 -100.04 -100.30 23.14
N GLY RC 60 -100.55 -101.46 22.70
CA GLY RC 60 -99.70 -102.51 22.20
C GLY RC 60 -99.15 -103.41 23.29
N LYS RC 61 -97.91 -103.86 23.16
CA LYS RC 61 -97.31 -104.76 24.13
C LYS RC 61 -95.84 -104.41 24.38
N ARG RC 62 -95.44 -103.16 24.14
CA ARG RC 62 -94.07 -102.72 24.31
C ARG RC 62 -94.03 -101.56 25.29
N PHE RC 63 -93.20 -101.69 26.32
CA PHE RC 63 -93.00 -100.65 27.32
C PHE RC 63 -91.56 -100.17 27.30
N CYS RC 64 -91.36 -98.95 27.76
CA CYS RC 64 -90.06 -98.45 28.20
C CYS RC 64 -90.33 -97.65 29.46
N ILE RC 65 -90.20 -98.31 30.62
CA ILE RC 65 -90.44 -97.66 31.90
C ILE RC 65 -89.36 -96.61 32.13
N LYS RC 66 -89.78 -95.35 32.20
CA LYS RC 66 -88.84 -94.27 32.43
C LYS RC 66 -88.31 -94.29 33.85
N SER RC 67 -89.22 -94.30 34.83
CA SER RC 67 -88.79 -94.33 36.23
C SER RC 67 -89.89 -94.94 37.10
N ILE RC 68 -89.44 -95.64 38.13
CA ILE RC 68 -90.30 -96.08 39.22
C ILE RC 68 -90.12 -95.12 40.38
N TYR RC 69 -91.23 -94.54 40.84
CA TYR RC 69 -91.23 -93.57 41.93
C TYR RC 69 -91.91 -94.22 43.13
N ILE RC 70 -91.12 -94.62 44.12
CA ILE RC 70 -91.61 -95.39 45.25
C ILE RC 70 -91.87 -94.43 46.41
N LEU RC 71 -93.14 -94.21 46.71
CA LEU RC 71 -93.54 -93.64 47.99
C LEU RC 71 -93.86 -94.79 48.94
N GLY RC 72 -93.97 -94.45 50.22
CA GLY RC 72 -94.33 -95.47 51.19
C GLY RC 72 -94.06 -95.12 52.63
N LYS RC 73 -94.98 -95.50 53.50
CA LYS RC 73 -94.80 -95.39 54.95
C LYS RC 73 -94.81 -96.78 55.56
N ILE RC 74 -93.77 -97.09 56.32
CA ILE RC 74 -93.52 -98.44 56.83
C ILE RC 74 -93.60 -98.35 58.35
N TRP RC 75 -94.67 -98.88 58.93
CA TRP RC 75 -94.88 -98.74 60.36
C TRP RC 75 -95.09 -100.09 61.01
N LEU RC 76 -95.22 -100.03 62.34
CA LEU RC 76 -95.70 -101.13 63.16
C LEU RC 76 -96.65 -100.63 64.23
N ASP RC 77 -97.36 -99.52 63.99
CA ASP RC 77 -98.03 -98.77 65.04
C ASP RC 77 -99.41 -99.34 65.36
N GLU RC 78 -99.65 -100.61 65.03
CA GLU RC 78 -100.73 -101.36 65.64
C GLU RC 78 -100.46 -101.51 67.13
N THR RC 79 -101.51 -101.71 67.93
CA THR RC 79 -101.38 -101.77 69.38
C THR RC 79 -100.64 -103.02 69.89
N ILE RC 80 -100.30 -103.93 68.99
CA ILE RC 80 -99.56 -105.15 69.31
C ILE RC 80 -98.22 -104.97 68.59
N LYS RC 81 -97.34 -105.97 68.66
CA LYS RC 81 -96.01 -106.01 68.04
C LYS RC 81 -95.07 -104.97 68.63
N LYS RC 82 -95.23 -104.69 69.92
CA LYS RC 82 -94.18 -104.04 70.70
C LYS RC 82 -93.19 -105.03 71.29
N GLN RC 83 -93.60 -106.25 71.61
CA GLN RC 83 -92.67 -107.32 71.92
C GLN RC 83 -92.17 -107.95 70.62
N ASN RC 84 -91.10 -108.76 70.75
CA ASN RC 84 -90.38 -109.42 69.66
C ASN RC 84 -89.92 -108.38 68.63
N HIS RC 85 -89.42 -107.27 69.13
CA HIS RC 85 -89.27 -106.05 68.35
C HIS RC 85 -87.91 -105.89 67.68
N THR RC 86 -87.63 -104.67 67.20
CA THR RC 86 -86.42 -104.27 66.46
C THR RC 86 -86.22 -105.05 65.17
N ASN RC 87 -87.10 -104.89 64.20
CA ASN RC 87 -86.95 -105.48 62.88
C ASN RC 87 -86.69 -104.38 61.86
N ASN RC 88 -86.08 -104.74 60.73
CA ASN RC 88 -85.84 -103.80 59.65
C ASN RC 88 -86.27 -104.40 58.32
N VAL RC 89 -86.44 -103.53 57.32
CA VAL RC 89 -86.99 -103.91 56.03
C VAL RC 89 -85.92 -103.68 54.97
N ILE RC 90 -85.63 -104.70 54.19
CA ILE RC 90 -84.73 -104.60 53.05
C ILE RC 90 -85.58 -104.73 51.79
N PHE RC 91 -85.51 -103.74 50.91
CA PHE RC 91 -86.26 -103.81 49.67
C PHE RC 91 -85.41 -104.40 48.54
N TYR RC 92 -86.10 -105.01 47.58
CA TYR RC 92 -85.44 -105.64 46.44
C TYR RC 92 -86.22 -105.30 45.19
N LEU RC 93 -85.56 -104.65 44.24
CA LEU RC 93 -86.17 -104.28 42.96
C LEU RC 93 -85.37 -105.01 41.88
N LEU RC 94 -85.95 -106.07 41.32
CA LEU RC 94 -85.22 -107.00 40.47
C LEU RC 94 -85.61 -106.82 39.01
N ARG RC 95 -84.63 -106.95 38.12
CA ARG RC 95 -84.90 -107.05 36.70
C ARG RC 95 -85.06 -108.53 36.34
N ASP RC 96 -86.30 -108.94 36.05
CA ASP RC 96 -86.59 -110.33 35.74
C ASP RC 96 -86.32 -110.62 34.27
N ARG RC 97 -85.99 -111.88 33.98
CA ARG RC 97 -85.66 -112.29 32.63
C ARG RC 97 -86.75 -113.10 31.95
N ARG RC 98 -87.58 -113.84 32.67
CA ARG RC 98 -88.61 -114.68 32.09
C ARG RC 98 -89.73 -114.88 33.10
N PRO RC 99 -90.97 -115.02 32.66
CA PRO RC 99 -92.06 -115.31 33.60
C PRO RC 99 -92.40 -116.79 33.64
N TYR RC 100 -93.16 -117.21 34.66
CA TYR RC 100 -93.85 -118.50 34.68
C TYR RC 100 -95.24 -118.26 35.26
N GLY RC 101 -96.19 -117.89 34.41
CA GLY RC 101 -97.56 -117.65 34.82
C GLY RC 101 -97.71 -116.54 35.85
N ASN RC 102 -97.97 -116.93 37.09
CA ASN RC 102 -98.03 -116.02 38.21
C ASN RC 102 -96.62 -115.70 38.72
N ALA RC 103 -96.53 -115.09 39.90
CA ALA RC 103 -95.24 -114.74 40.46
C ALA RC 103 -94.55 -115.98 41.03
N PRO RC 104 -93.23 -116.11 40.86
CA PRO RC 104 -92.53 -117.27 41.42
C PRO RC 104 -92.28 -117.13 42.92
N GLN RC 105 -91.55 -118.09 43.48
CA GLN RC 105 -91.22 -118.06 44.89
C GLN RC 105 -90.22 -116.94 45.19
N ASP RC 106 -90.02 -116.67 46.48
CA ASP RC 106 -88.93 -115.79 46.92
C ASP RC 106 -87.80 -116.59 47.56
N PHE RC 107 -88.10 -117.31 48.64
CA PHE RC 107 -87.05 -118.00 49.39
C PHE RC 107 -86.49 -119.18 48.61
N GLY RC 108 -87.29 -119.76 47.72
CA GLY RC 108 -86.79 -120.75 46.79
C GLY RC 108 -86.20 -120.20 45.53
N GLN RC 109 -86.16 -118.87 45.38
CA GLN RC 109 -85.58 -118.23 44.20
C GLN RC 109 -84.33 -117.45 44.53
N ILE RC 110 -84.39 -116.50 45.46
CA ILE RC 110 -83.15 -115.92 45.97
C ILE RC 110 -82.51 -116.90 46.95
N PHE RC 111 -81.21 -116.71 47.18
CA PHE RC 111 -80.38 -117.84 47.58
C PHE RC 111 -80.50 -118.17 49.06
N ASN RC 112 -80.13 -117.24 49.95
CA ASN RC 112 -79.93 -117.61 51.34
C ASN RC 112 -80.86 -116.77 52.22
N MET RC 113 -80.69 -116.89 53.53
CA MET RC 113 -81.63 -116.32 54.49
C MET RC 113 -81.39 -114.82 54.68
N PHE RC 114 -82.15 -114.05 53.89
CA PHE RC 114 -82.58 -112.67 54.11
C PHE RC 114 -81.46 -111.64 53.94
N ASP RC 115 -80.20 -112.05 53.75
CA ASP RC 115 -79.11 -111.20 53.34
C ASP RC 115 -78.37 -111.93 52.22
N ASN RC 116 -78.80 -111.71 50.98
CA ASN RC 116 -78.42 -112.62 49.92
C ASN RC 116 -78.48 -111.93 48.56
N GLU RC 117 -78.39 -112.76 47.52
CA GLU RC 117 -78.44 -112.45 46.11
C GLU RC 117 -79.31 -113.54 45.47
N PRO RC 118 -79.68 -113.43 44.20
CA PRO RC 118 -80.31 -114.59 43.53
C PRO RC 118 -79.34 -115.75 43.40
N SER RC 119 -79.92 -116.94 43.25
CA SER RC 119 -79.15 -118.18 43.23
C SER RC 119 -78.32 -118.27 41.95
N THR RC 120 -77.32 -119.18 41.99
CA THR RC 120 -76.42 -119.37 40.86
C THR RC 120 -77.11 -119.98 39.65
N ALA RC 121 -78.17 -120.75 39.87
CA ALA RC 121 -78.91 -121.36 38.78
C ALA RC 121 -80.04 -120.49 38.26
N THR RC 122 -80.17 -119.25 38.75
CA THR RC 122 -81.31 -118.40 38.42
C THR RC 122 -80.92 -117.15 37.63
N ILE RC 123 -79.63 -116.90 37.44
CA ILE RC 123 -79.19 -115.68 36.77
C ILE RC 123 -79.45 -115.75 35.27
N PHE RC 131 -82.05 -114.24 38.23
CA PHE RC 131 -82.70 -113.05 37.71
C PHE RC 131 -81.85 -111.84 38.09
N GLN RC 132 -81.84 -110.83 37.24
CA GLN RC 132 -81.01 -109.66 37.51
C GLN RC 132 -81.61 -108.80 38.61
N VAL RC 133 -80.74 -108.01 39.22
CA VAL RC 133 -81.08 -107.12 40.32
C VAL RC 133 -80.89 -105.71 39.78
N LEU RC 134 -81.68 -104.75 40.28
CA LEU RC 134 -81.35 -103.36 40.01
C LEU RC 134 -80.73 -102.66 41.22
N ARG RC 135 -81.47 -102.52 42.32
CA ARG RC 135 -80.94 -101.91 43.54
C ARG RC 135 -81.66 -102.46 44.77
N LYS RC 136 -81.26 -101.96 45.93
CA LYS RC 136 -81.83 -102.30 47.24
C LYS RC 136 -82.20 -101.03 47.97
N PHE RC 137 -82.88 -101.19 49.11
CA PHE RC 137 -83.20 -100.06 49.99
C PHE RC 137 -83.12 -100.53 51.44
N HIS RC 138 -83.37 -99.60 52.36
CA HIS RC 138 -83.37 -99.88 53.79
C HIS RC 138 -84.53 -99.16 54.46
N ALA RC 139 -85.04 -99.78 55.52
CA ALA RC 139 -86.07 -99.17 56.37
C ALA RC 139 -85.99 -99.86 57.72
N THR RC 140 -85.66 -99.11 58.76
CA THR RC 140 -85.39 -99.66 60.09
C THR RC 140 -86.42 -99.13 61.08
N VAL RC 141 -87.33 -100.00 61.52
CA VAL RC 141 -88.36 -99.63 62.47
C VAL RC 141 -88.14 -100.39 63.78
N VAL RC 142 -87.55 -99.71 64.76
CA VAL RC 142 -87.18 -100.36 66.01
C VAL RC 142 -88.00 -99.79 67.17
N GLY RC 143 -89.09 -100.47 67.53
CA GLY RC 143 -89.91 -99.99 68.62
C GLY RC 143 -90.33 -101.05 69.62
N GLY RC 144 -89.87 -100.91 70.87
CA GLY RC 144 -90.24 -101.87 71.90
C GLY RC 144 -91.13 -101.28 72.97
N LEU RC 145 -90.56 -101.01 74.14
CA LEU RC 145 -91.31 -100.39 75.22
C LEU RC 145 -90.45 -99.30 75.85
N TYR RC 146 -91.12 -98.45 76.64
CA TYR RC 146 -90.58 -97.40 77.50
C TYR RC 146 -89.85 -96.27 76.76
N CYS RC 147 -89.82 -96.24 75.42
CA CYS RC 147 -89.70 -94.92 74.80
C CYS RC 147 -90.83 -94.67 73.80
N MET RC 148 -91.19 -95.58 72.86
CA MET RC 148 -90.37 -96.61 72.19
C MET RC 148 -89.81 -95.95 70.92
N LYS RC 149 -88.49 -95.90 70.79
CA LYS RC 149 -87.92 -95.00 69.81
C LYS RC 149 -87.54 -95.71 68.52
N GLU RC 150 -88.56 -95.99 67.71
CA GLU RC 150 -88.69 -95.73 66.27
C GLU RC 150 -90.04 -96.26 65.79
N GLN RC 151 -90.53 -95.70 64.70
CA GLN RC 151 -91.85 -95.96 64.12
C GLN RC 151 -91.83 -95.61 62.64
N ALA RC 152 -93.02 -95.34 62.10
CA ALA RC 152 -93.32 -95.06 60.69
C ALA RC 152 -92.31 -94.15 60.03
N LEU RC 153 -91.62 -94.67 59.02
CA LEU RC 153 -90.63 -93.91 58.27
C LEU RC 153 -91.17 -93.64 56.87
N VAL RC 154 -90.78 -92.50 56.29
CA VAL RC 154 -91.23 -92.15 54.96
C VAL RC 154 -90.08 -92.30 53.98
N LYS RC 155 -90.33 -92.98 52.86
CA LYS RC 155 -89.31 -93.23 51.84
C LYS RC 155 -89.81 -92.77 50.49
N ARG RC 156 -89.09 -91.85 49.87
CA ARG RC 156 -89.33 -91.45 48.48
C ARG RC 156 -88.05 -91.64 47.68
N PHE RC 157 -88.18 -92.15 46.46
CA PHE RC 157 -87.02 -92.46 45.62
C PHE RC 157 -87.38 -92.30 44.15
N TYR RC 158 -86.70 -91.40 43.46
CA TYR RC 158 -86.56 -91.51 42.01
C TYR RC 158 -85.69 -92.71 41.68
N ARG RC 159 -86.07 -93.46 40.65
CA ARG RC 159 -85.30 -94.65 40.27
C ARG RC 159 -85.55 -94.91 38.78
N LEU RC 160 -84.58 -94.54 37.95
CA LEU RC 160 -84.70 -94.71 36.50
C LEU RC 160 -84.48 -96.16 36.10
N ASN RC 161 -85.25 -96.63 35.13
CA ASN RC 161 -85.24 -98.04 34.71
C ASN RC 161 -85.42 -98.10 33.20
N HIS RC 162 -85.74 -99.28 32.68
CA HIS RC 162 -85.77 -99.50 31.23
C HIS RC 162 -86.89 -100.46 30.87
N HIS RC 163 -86.82 -101.01 29.66
CA HIS RC 163 -87.96 -101.49 28.88
C HIS RC 163 -88.54 -102.81 29.39
N VAL RC 164 -89.80 -103.03 29.07
CA VAL RC 164 -90.60 -104.20 29.44
C VAL RC 164 -91.42 -104.61 28.22
N THR RC 165 -91.57 -105.91 28.00
CA THR RC 165 -92.38 -106.43 26.89
C THR RC 165 -93.46 -107.34 27.44
N TYR RC 166 -94.67 -107.26 26.87
CA TYR RC 166 -95.71 -108.26 27.10
C TYR RC 166 -95.77 -109.23 25.92
N ASN RC 167 -96.15 -110.47 26.22
CA ASN RC 167 -96.22 -111.50 25.18
C ASN RC 167 -97.51 -111.37 24.37
N HIS RC 168 -98.65 -111.56 25.02
CA HIS RC 168 -99.91 -111.59 24.30
C HIS RC 168 -100.41 -110.18 24.01
N GLN RC 169 -101.32 -110.10 23.04
CA GLN RC 169 -101.96 -108.86 22.65
C GLN RC 169 -103.30 -108.67 23.35
N GLU RC 170 -103.47 -109.29 24.51
CA GLU RC 170 -104.69 -109.25 25.29
C GLU RC 170 -104.78 -107.96 26.08
N ALA RC 171 -105.96 -107.70 26.62
CA ALA RC 171 -106.14 -106.69 27.65
C ALA RC 171 -106.08 -107.35 29.03
N GLY RC 172 -104.98 -108.07 29.25
CA GLY RC 172 -104.86 -108.98 30.37
C GLY RC 172 -103.95 -108.49 31.47
N LYS RC 173 -103.90 -109.29 32.53
CA LYS RC 173 -103.15 -109.00 33.74
C LYS RC 173 -101.73 -109.57 33.60
N TYR RC 174 -101.03 -109.71 34.73
CA TYR RC 174 -99.62 -110.12 34.81
C TYR RC 174 -99.33 -111.51 34.26
N GLU RC 175 -100.34 -112.31 33.90
CA GLU RC 175 -100.10 -113.71 33.56
C GLU RC 175 -99.45 -113.87 32.18
N ASN RC 176 -99.67 -112.92 31.27
CA ASN RC 176 -99.22 -113.06 29.89
C ASN RC 176 -97.91 -112.33 29.60
N HIS RC 177 -96.98 -112.34 30.55
CA HIS RC 177 -95.70 -111.66 30.38
C HIS RC 177 -94.77 -112.43 29.43
N THR RC 178 -93.61 -111.83 29.19
CA THR RC 178 -92.51 -112.42 28.44
C THR RC 178 -91.22 -111.84 29.02
N GLU RC 179 -90.14 -111.87 28.24
CA GLU RC 179 -88.82 -111.34 28.61
C GLU RC 179 -88.90 -109.91 29.13
N ASN RC 180 -87.96 -109.60 30.03
CA ASN RC 180 -87.77 -108.28 30.67
C ASN RC 180 -89.01 -107.86 31.46
N ALA RC 181 -89.31 -108.64 32.50
CA ALA RC 181 -90.23 -108.21 33.54
C ALA RC 181 -89.43 -107.56 34.68
N LEU RC 182 -90.15 -106.93 35.59
CA LEU RC 182 -89.54 -106.34 36.78
C LEU RC 182 -90.60 -106.24 37.87
N LEU RC 183 -90.19 -106.51 39.11
CA LEU RC 183 -91.13 -106.60 40.22
C LEU RC 183 -90.37 -106.37 41.52
N LEU RC 184 -91.09 -106.45 42.63
CA LEU RC 184 -90.54 -106.15 43.94
C LEU RC 184 -90.62 -107.36 44.87
N TYR RC 185 -89.66 -107.43 45.79
CA TYR RC 185 -89.74 -108.29 46.95
C TYR RC 185 -89.41 -107.48 48.19
N MET RC 186 -90.16 -107.71 49.26
CA MET RC 186 -89.91 -107.09 50.55
C MET RC 186 -89.58 -108.17 51.55
N ALA RC 187 -88.63 -107.90 52.44
CA ALA RC 187 -88.10 -108.91 53.34
C ALA RC 187 -88.05 -108.38 54.76
N CYS RC 188 -88.55 -109.18 55.70
CA CYS RC 188 -88.38 -108.95 57.12
C CYS RC 188 -87.27 -109.85 57.66
N THR RC 189 -86.65 -109.42 58.76
CA THR RC 189 -85.48 -110.10 59.29
C THR RC 189 -85.70 -110.74 60.65
N HIS RC 190 -86.95 -110.86 61.11
CA HIS RC 190 -87.24 -111.47 62.40
C HIS RC 190 -88.53 -112.26 62.31
N ALA RC 191 -88.67 -113.21 63.25
CA ALA RC 191 -89.77 -114.18 63.21
C ALA RC 191 -91.12 -113.55 63.48
N SER RC 192 -91.17 -112.43 64.22
CA SER RC 192 -92.40 -111.68 64.35
C SER RC 192 -92.72 -110.96 63.04
N ASN RC 193 -93.97 -110.53 62.92
CA ASN RC 193 -94.34 -109.77 61.73
C ASN RC 193 -94.90 -108.41 62.13
N PRO RC 194 -94.06 -107.43 62.49
CA PRO RC 194 -94.60 -106.11 62.86
C PRO RC 194 -94.87 -105.21 61.66
N VAL RC 195 -94.26 -105.49 60.51
CA VAL RC 195 -94.16 -104.53 59.42
C VAL RC 195 -95.50 -104.44 58.70
N TYR RC 196 -96.12 -103.28 58.78
CA TYR RC 196 -97.28 -102.92 57.97
C TYR RC 196 -96.85 -101.83 56.98
N ALA RC 197 -96.32 -102.28 55.85
CA ALA RC 197 -95.74 -101.39 54.86
C ALA RC 197 -96.72 -101.16 53.72
N THR RC 198 -97.17 -99.91 53.58
CA THR RC 198 -98.06 -99.52 52.49
C THR RC 198 -97.30 -98.55 51.59
N LEU RC 199 -97.26 -98.86 50.31
CA LEU RC 199 -96.39 -98.17 49.38
C LEU RC 199 -97.19 -97.70 48.17
N LYS RC 200 -96.92 -96.46 47.75
CA LYS RC 200 -97.46 -95.90 46.53
C LYS RC 200 -96.36 -95.90 45.47
N ILE RC 201 -96.60 -96.61 44.37
CA ILE RC 201 -95.58 -96.92 43.39
C ILE RC 201 -96.03 -96.34 42.06
N ARG RC 202 -95.51 -95.17 41.70
CA ARG RC 202 -95.79 -94.57 40.40
C ARG RC 202 -94.81 -95.10 39.35
N ILE RC 203 -95.35 -95.58 38.25
CA ILE RC 203 -94.59 -95.81 37.02
C ILE RC 203 -95.17 -94.90 35.96
N TYR RC 204 -94.37 -93.95 35.48
CA TYR RC 204 -94.75 -93.18 34.30
C TYR RC 204 -93.73 -93.44 33.20
N PHE RC 205 -94.26 -93.63 31.99
CA PHE RC 205 -93.48 -94.16 30.88
C PHE RC 205 -94.00 -93.68 29.54
N PRO SC 16 -40.09 -89.44 48.29
CA PRO SC 16 -41.35 -88.86 47.78
C PRO SC 16 -42.31 -88.47 48.89
N ASP SC 17 -41.92 -88.69 50.15
CA ASP SC 17 -42.79 -88.45 51.29
C ASP SC 17 -42.21 -87.44 52.26
N ILE SC 18 -40.92 -87.51 52.55
CA ILE SC 18 -40.29 -86.77 53.64
C ILE SC 18 -39.48 -85.57 53.13
N PRO SC 19 -39.45 -84.47 53.86
CA PRO SC 19 -38.63 -83.32 53.45
C PRO SC 19 -37.26 -83.24 54.11
N ARG SC 20 -36.88 -84.17 54.98
CA ARG SC 20 -35.71 -83.99 55.83
C ARG SC 20 -34.55 -84.92 55.47
N GLY SC 21 -34.76 -86.23 55.50
CA GLY SC 21 -33.68 -87.18 55.31
C GLY SC 21 -34.19 -88.56 54.95
N CYS SC 22 -33.36 -89.31 54.23
CA CYS SC 22 -33.75 -90.57 53.59
C CYS SC 22 -33.78 -91.76 54.54
N GLU SC 23 -33.84 -91.51 55.85
CA GLU SC 23 -34.11 -92.58 56.81
C GLU SC 23 -35.52 -93.12 56.62
N GLY SC 24 -35.73 -94.35 57.08
CA GLY SC 24 -37.05 -94.93 57.09
C GLY SC 24 -37.96 -94.19 58.06
N PRO SC 25 -39.23 -93.99 57.67
CA PRO SC 25 -40.17 -93.30 58.57
C PRO SC 25 -40.54 -94.17 59.76
N CYS SC 26 -39.66 -94.20 60.76
CA CYS SC 26 -39.75 -95.14 61.84
C CYS SC 26 -40.86 -94.77 62.82
N LYS SC 27 -41.61 -95.77 63.26
CA LYS SC 27 -42.73 -95.57 64.16
C LYS SC 27 -42.25 -95.60 65.61
N VAL SC 28 -42.69 -94.62 66.39
CA VAL SC 28 -42.54 -94.63 67.83
C VAL SC 28 -43.92 -94.37 68.42
N GLN SC 29 -44.53 -95.41 68.95
CA GLN SC 29 -45.93 -95.36 69.36
C GLN SC 29 -46.02 -95.20 70.87
N SER SC 30 -46.72 -94.15 71.29
CA SER SC 30 -46.93 -93.87 72.72
C SER SC 30 -48.32 -94.38 73.05
N PHE SC 31 -48.42 -95.69 73.29
CA PHE SC 31 -49.66 -96.24 73.79
C PHE SC 31 -49.87 -95.85 75.23
N GLU SC 32 -51.12 -95.54 75.57
CA GLU SC 32 -51.50 -95.35 76.96
C GLU SC 32 -52.65 -96.28 77.29
N GLN SC 33 -52.65 -96.77 78.53
CA GLN SC 33 -53.82 -97.40 79.14
C GLN SC 33 -54.04 -96.58 80.40
N ARG SC 34 -54.70 -95.44 80.23
CA ARG SC 34 -54.77 -94.42 81.27
C ARG SC 34 -56.18 -93.87 81.40
N ASP SC 35 -56.30 -92.77 82.14
CA ASP SC 35 -57.52 -92.00 82.24
C ASP SC 35 -57.12 -90.53 82.42
N ASP SC 36 -58.06 -89.72 82.86
CA ASP SC 36 -57.76 -88.33 83.19
C ASP SC 36 -58.53 -87.94 84.43
N VAL SC 37 -58.45 -86.65 84.77
CA VAL SC 37 -59.32 -86.03 85.75
C VAL SC 37 -60.06 -84.93 85.02
N LYS SC 38 -60.86 -84.14 85.73
CA LYS SC 38 -61.54 -83.02 85.09
C LYS SC 38 -60.55 -81.98 84.59
N HIS SC 39 -59.50 -81.71 85.36
CA HIS SC 39 -58.61 -80.61 85.02
C HIS SC 39 -57.65 -80.98 83.90
N LEU SC 40 -57.02 -82.15 83.99
CA LEU SC 40 -55.91 -82.40 83.09
C LEU SC 40 -55.72 -83.89 82.82
N GLY SC 41 -55.43 -84.20 81.57
CA GLY SC 41 -54.74 -85.43 81.24
C GLY SC 41 -53.52 -85.07 80.42
N ILE SC 42 -52.33 -85.25 80.97
CA ILE SC 42 -51.12 -84.73 80.37
C ILE SC 42 -50.35 -85.87 79.71
N CYS SC 43 -49.91 -85.63 78.48
CA CYS SC 43 -49.19 -86.63 77.71
C CYS SC 43 -48.16 -85.93 76.83
N LYS SC 44 -46.90 -85.90 77.27
CA LYS SC 44 -45.83 -85.60 76.34
C LYS SC 44 -45.64 -86.80 75.41
N VAL SC 45 -45.93 -86.61 74.14
CA VAL SC 45 -46.00 -87.72 73.21
C VAL SC 45 -44.61 -88.09 72.70
N ILE SC 46 -43.66 -87.19 72.84
CA ILE SC 46 -42.31 -87.37 72.32
C ILE SC 46 -41.36 -87.82 73.43
N SER SC 47 -41.90 -88.43 74.49
CA SER SC 47 -41.18 -88.60 75.74
C SER SC 47 -40.12 -89.70 75.65
N ASP SC 48 -40.54 -90.92 75.33
CA ASP SC 48 -39.68 -92.09 75.41
C ASP SC 48 -38.77 -92.28 74.20
N VAL SC 49 -38.53 -91.24 73.41
CA VAL SC 49 -37.71 -91.37 72.19
C VAL SC 49 -36.26 -91.11 72.58
N THR SC 50 -35.49 -92.18 72.76
CA THR SC 50 -34.09 -92.12 73.13
C THR SC 50 -33.22 -92.49 71.94
N ARG SC 51 -31.92 -92.22 72.05
CA ARG SC 51 -30.98 -92.60 71.00
C ARG SC 51 -30.75 -94.11 71.03
N GLY SC 52 -30.86 -94.74 69.87
CA GLY SC 52 -30.63 -96.15 69.73
C GLY SC 52 -30.73 -96.61 68.29
N PRO SC 53 -30.27 -97.84 68.01
CA PRO SC 53 -30.31 -98.33 66.64
C PRO SC 53 -31.68 -98.79 66.18
N GLY SC 54 -32.59 -99.11 67.11
CA GLY SC 54 -33.90 -99.62 66.73
C GLY SC 54 -34.80 -98.56 66.15
N LEU SC 55 -35.92 -99.01 65.59
CA LEU SC 55 -36.88 -98.11 64.98
C LEU SC 55 -37.81 -97.46 66.00
N THR SC 56 -37.76 -97.89 67.27
CA THR SC 56 -38.41 -97.17 68.37
C THR SC 56 -37.48 -96.16 69.00
N HIS SC 57 -36.52 -95.64 68.24
CA HIS SC 57 -35.46 -94.79 68.76
C HIS SC 57 -35.22 -93.66 67.76
N ARG SC 58 -34.10 -92.95 67.93
CA ARG SC 58 -33.81 -91.77 67.14
C ARG SC 58 -32.33 -91.71 66.80
N VAL SC 59 -32.03 -90.97 65.73
CA VAL SC 59 -30.66 -90.70 65.31
C VAL SC 59 -30.44 -89.20 65.40
N GLY SC 60 -29.60 -88.79 66.34
CA GLY SC 60 -29.32 -87.38 66.55
C GLY SC 60 -30.32 -86.69 67.45
N LYS SC 61 -30.65 -85.44 67.14
CA LYS SC 61 -31.58 -84.68 67.98
C LYS SC 61 -32.53 -83.84 67.13
N ARG SC 62 -32.75 -84.22 65.87
CA ARG SC 62 -33.60 -83.47 64.96
C ARG SC 62 -34.72 -84.37 64.46
N PHE SC 63 -35.96 -83.91 64.61
CA PHE SC 63 -37.14 -84.63 64.14
C PHE SC 63 -37.85 -83.80 63.08
N CYS SC 64 -38.60 -84.48 62.22
CA CYS SC 64 -39.66 -83.89 61.42
C CYS SC 64 -40.82 -84.89 61.47
N ILE SC 65 -41.73 -84.68 62.40
CA ILE SC 65 -42.89 -85.56 62.57
C ILE SC 65 -43.78 -85.43 61.35
N LYS SC 66 -43.93 -86.52 60.59
CA LYS SC 66 -44.77 -86.49 59.41
C LYS SC 66 -46.24 -86.43 59.81
N SER SC 67 -46.69 -87.36 60.65
CA SER SC 67 -48.09 -87.35 61.06
C SER SC 67 -48.23 -88.04 62.41
N ILE SC 68 -49.18 -87.53 63.19
CA ILE SC 68 -49.65 -88.19 64.40
C ILE SC 68 -50.94 -88.92 64.07
N TYR SC 69 -50.98 -90.22 64.34
CA TYR SC 69 -52.13 -91.06 64.05
C TYR SC 69 -52.73 -91.49 65.38
N ILE SC 70 -53.87 -90.89 65.74
CA ILE SC 70 -54.47 -91.08 67.05
C ILE SC 70 -55.56 -92.14 66.92
N LEU SC 71 -55.32 -93.31 67.46
CA LEU SC 71 -56.36 -94.26 67.78
C LEU SC 71 -56.81 -94.07 69.21
N GLY SC 72 -57.96 -94.65 69.55
CA GLY SC 72 -58.41 -94.57 70.92
C GLY SC 72 -59.86 -94.91 71.13
N LYS SC 73 -60.14 -95.61 72.23
CA LYS SC 73 -61.50 -95.89 72.67
C LYS SC 73 -61.73 -95.22 74.01
N ILE SC 74 -62.78 -94.41 74.08
CA ILE SC 74 -63.06 -93.56 75.23
C ILE SC 74 -64.36 -94.04 75.85
N TRP SC 75 -64.29 -94.68 77.01
CA TRP SC 75 -65.47 -95.27 77.61
C TRP SC 75 -65.66 -94.78 79.03
N LEU SC 76 -66.77 -95.24 79.61
CA LEU SC 76 -67.05 -95.16 81.04
C LEU SC 76 -67.66 -96.44 81.57
N ASP SC 77 -67.37 -97.58 80.92
CA ASP SC 77 -68.14 -98.81 81.11
C ASP SC 77 -67.69 -99.60 82.34
N GLU SC 78 -67.02 -98.95 83.29
CA GLU SC 78 -66.92 -99.46 84.64
C GLU SC 78 -68.32 -99.53 85.25
N THR SC 79 -68.49 -100.41 86.24
CA THR SC 79 -69.81 -100.63 86.85
C THR SC 79 -70.31 -99.45 87.68
N ILE SC 80 -69.49 -98.41 87.85
CA ILE SC 80 -69.85 -97.20 88.57
C ILE SC 80 -69.84 -96.11 87.50
N LYS SC 81 -70.09 -94.85 87.90
CA LYS SC 81 -70.13 -93.67 87.04
C LYS SC 81 -71.28 -93.73 86.04
N LYS SC 82 -72.39 -94.32 86.45
CA LYS SC 82 -73.67 -94.10 85.79
C LYS SC 82 -74.43 -92.90 86.34
N GLN SC 83 -74.25 -92.56 87.62
CA GLN SC 83 -74.72 -91.29 88.14
C GLN SC 83 -73.67 -90.21 87.84
N ASN SC 84 -74.09 -88.94 88.03
CA ASN SC 84 -73.32 -87.73 87.72
C ASN SC 84 -72.85 -87.75 86.27
N HIS SC 85 -73.74 -88.16 85.38
CA HIS SC 85 -73.38 -88.58 84.03
C HIS SC 85 -73.45 -87.47 83.00
N THR SC 86 -73.40 -87.86 81.72
CA THR SC 86 -73.38 -87.00 80.53
C THR SC 86 -72.18 -86.06 80.48
N ASN SC 87 -70.98 -86.60 80.35
CA ASN SC 87 -69.77 -85.81 80.18
C ASN SC 87 -69.23 -86.02 78.76
N ASN SC 88 -68.44 -85.06 78.28
CA ASN SC 88 -67.80 -85.17 76.98
C ASN SC 88 -66.32 -84.82 77.08
N VAL SC 89 -65.57 -85.23 76.07
CA VAL SC 89 -64.11 -85.10 76.07
C VAL SC 89 -63.72 -84.17 74.93
N ILE SC 90 -62.94 -83.14 75.25
CA ILE SC 90 -62.38 -82.24 74.26
C ILE SC 90 -60.88 -82.49 74.23
N PHE SC 91 -60.35 -82.81 73.06
CA PHE SC 91 -58.92 -83.05 72.93
C PHE SC 91 -58.20 -81.77 72.52
N TYR SC 92 -56.92 -81.69 72.89
CA TYR SC 92 -56.09 -80.54 72.60
C TYR SC 92 -54.72 -81.03 72.15
N LEU SC 93 -54.32 -80.68 70.94
CA LEU SC 93 -53.02 -81.05 70.41
C LEU SC 93 -52.28 -79.74 70.12
N LEU SC 94 -51.31 -79.42 70.98
CA LEU SC 94 -50.70 -78.10 71.00
C LEU SC 94 -49.31 -78.15 70.42
N ARG SC 95 -48.93 -77.10 69.68
CA ARG SC 95 -47.54 -76.90 69.28
C ARG SC 95 -46.86 -76.06 70.35
N ASP SC 96 -45.96 -76.67 71.11
CA ASP SC 96 -45.27 -75.99 72.20
C ASP SC 96 -44.05 -75.26 71.66
N ARG SC 97 -43.68 -74.19 72.36
CA ARG SC 97 -42.56 -73.35 71.96
C ARG SC 97 -41.31 -73.54 72.81
N ARG SC 98 -41.43 -73.92 74.09
CA ARG SC 98 -40.28 -74.06 74.97
C ARG SC 98 -40.64 -75.04 76.08
N PRO SC 99 -39.67 -75.81 76.58
CA PRO SC 99 -39.94 -76.69 77.72
C PRO SC 99 -39.52 -76.08 79.05
N TYR SC 100 -39.98 -76.66 80.14
CA TYR SC 100 -39.42 -76.42 81.48
C TYR SC 100 -39.36 -77.76 82.19
N GLY SC 101 -38.27 -78.50 81.99
CA GLY SC 101 -38.08 -79.80 82.63
C GLY SC 101 -39.13 -80.82 82.27
N ASN SC 102 -40.02 -81.09 83.23
CA ASN SC 102 -41.17 -81.96 83.03
C ASN SC 102 -42.31 -81.20 82.33
N ALA SC 103 -43.50 -81.78 82.32
CA ALA SC 103 -44.63 -81.14 81.68
C ALA SC 103 -45.18 -80.02 82.56
N PRO SC 104 -45.58 -78.89 81.97
CA PRO SC 104 -46.14 -77.80 82.78
C PRO SC 104 -47.58 -78.06 83.19
N GLN SC 105 -48.20 -77.07 83.83
CA GLN SC 105 -49.59 -77.18 84.26
C GLN SC 105 -50.52 -77.15 83.04
N ASP SC 106 -51.79 -77.47 83.29
CA ASP SC 106 -52.83 -77.28 82.29
C ASP SC 106 -53.73 -76.10 82.63
N PHE SC 107 -54.39 -76.16 83.80
CA PHE SC 107 -55.36 -75.13 84.16
C PHE SC 107 -54.68 -73.80 84.49
N GLY SC 108 -53.43 -73.84 84.93
CA GLY SC 108 -52.64 -72.64 85.07
C GLY SC 108 -51.91 -72.22 83.82
N GLN SC 109 -52.08 -72.94 82.72
CA GLN SC 109 -51.44 -72.60 81.45
C GLN SC 109 -52.45 -72.19 80.39
N ILE SC 110 -53.44 -73.03 80.08
CA ILE SC 110 -54.54 -72.55 79.27
C ILE SC 110 -55.48 -71.72 80.14
N PHE SC 111 -56.27 -70.87 79.48
CA PHE SC 111 -56.77 -69.66 80.14
C PHE SC 111 -57.93 -69.93 81.09
N ASN SC 112 -59.06 -70.41 80.58
CA ASN SC 112 -60.28 -70.38 81.35
C ASN SC 112 -60.81 -71.79 81.51
N MET SC 113 -62.00 -71.92 82.09
CA MET SC 113 -62.54 -73.21 82.50
C MET SC 113 -63.13 -73.97 81.31
N PHE SC 114 -62.27 -74.82 80.72
CA PHE SC 114 -62.56 -76.03 79.94
C PHE SC 114 -63.12 -75.74 78.55
N ASP SC 115 -63.43 -74.50 78.21
CA ASP SC 115 -63.73 -74.07 76.86
C ASP SC 115 -62.94 -72.80 76.61
N ASN SC 116 -61.71 -72.95 76.12
CA ASN SC 116 -60.77 -71.85 76.18
C ASN SC 116 -59.70 -71.98 75.10
N GLU SC 117 -58.67 -71.16 75.26
CA GLU SC 117 -57.47 -71.04 74.44
C GLU SC 117 -56.31 -70.90 75.41
N PRO SC 118 -55.05 -70.94 74.96
CA PRO SC 118 -53.95 -70.56 75.86
C PRO SC 118 -54.03 -69.09 76.26
N SER SC 119 -53.39 -68.78 77.39
CA SER SC 119 -53.44 -67.45 77.97
C SER SC 119 -52.69 -66.44 77.11
N THR SC 120 -52.97 -65.17 77.36
CA THR SC 120 -52.35 -64.09 76.60
C THR SC 120 -50.86 -63.95 76.88
N ALA SC 121 -50.41 -64.35 78.07
CA ALA SC 121 -49.00 -64.28 78.42
C ALA SC 121 -48.23 -65.54 78.05
N THR SC 122 -48.86 -66.49 77.38
CA THR SC 122 -48.25 -67.78 77.10
C THR SC 122 -48.00 -68.04 75.63
N ILE SC 123 -48.46 -67.16 74.74
CA ILE SC 123 -48.33 -67.39 73.30
C ILE SC 123 -46.89 -67.20 72.85
N PHE SC 131 -48.63 -70.79 74.16
CA PHE SC 131 -48.15 -71.88 73.32
C PHE SC 131 -49.10 -72.05 72.15
N GLN SC 132 -48.58 -72.44 70.99
CA GLN SC 132 -49.43 -72.56 69.81
C GLN SC 132 -50.30 -73.81 69.90
N VAL SC 133 -51.40 -73.76 69.15
CA VAL SC 133 -52.38 -74.82 69.08
C VAL SC 133 -52.29 -75.39 67.67
N LEU SC 134 -52.58 -76.69 67.51
CA LEU SC 134 -52.78 -77.20 66.16
C LEU SC 134 -54.27 -77.45 65.85
N ARG SC 135 -54.93 -78.36 66.56
CA ARG SC 135 -56.35 -78.63 66.36
C ARG SC 135 -56.98 -79.14 67.64
N LYS SC 136 -58.29 -79.42 67.57
CA LYS SC 136 -59.08 -79.97 68.65
C LYS SC 136 -59.83 -81.19 68.15
N PHE SC 137 -60.49 -81.90 69.08
CA PHE SC 137 -61.35 -83.03 68.73
C PHE SC 137 -62.55 -83.05 69.68
N HIS SC 138 -63.44 -84.01 69.46
CA HIS SC 138 -64.62 -84.19 70.30
C HIS SC 138 -64.84 -85.68 70.57
N ALA SC 139 -65.41 -85.95 71.74
CA ALA SC 139 -65.82 -87.31 72.12
C ALA SC 139 -66.89 -87.16 73.18
N THR SC 140 -68.10 -87.63 72.89
CA THR SC 140 -69.26 -87.41 73.76
C THR SC 140 -69.77 -88.75 74.26
N VAL SC 141 -69.57 -89.04 75.54
CA VAL SC 141 -70.02 -90.28 76.14
C VAL SC 141 -71.10 -89.98 77.18
N VAL SC 142 -72.35 -90.18 76.79
CA VAL SC 142 -73.47 -89.81 77.66
C VAL SC 142 -74.23 -91.07 78.09
N GLY SC 143 -73.93 -91.57 79.29
CA GLY SC 143 -74.62 -92.75 79.76
C GLY SC 143 -75.08 -92.68 81.21
N GLY SC 144 -76.39 -92.73 81.42
CA GLY SC 144 -76.92 -92.68 82.77
C GLY SC 144 -77.58 -93.98 83.19
N LEU SC 145 -78.92 -93.99 83.21
CA LEU SC 145 -79.66 -95.19 83.55
C LEU SC 145 -80.81 -95.35 82.56
N TYR SC 146 -81.38 -96.56 82.56
CA TYR SC 146 -82.59 -96.98 81.86
C TYR SC 146 -82.51 -96.92 80.33
N CYS SC 147 -81.36 -96.60 79.72
CA CYS SC 147 -81.16 -97.13 78.37
C CYS SC 147 -79.83 -97.90 78.30
N MET SC 148 -78.66 -97.40 78.76
CA MET SC 148 -78.23 -96.00 78.89
C MET SC 148 -77.51 -95.66 77.57
N LYS SC 149 -78.00 -94.64 76.86
CA LYS SC 149 -77.58 -94.51 75.48
C LYS SC 149 -76.48 -93.47 75.30
N GLU SC 150 -75.26 -93.90 75.65
CA GLU SC 150 -74.01 -93.80 74.90
C GLU SC 150 -72.88 -94.38 75.74
N GLN SC 151 -71.83 -94.83 75.06
CA GLN SC 151 -70.68 -95.54 75.64
C GLN SC 151 -69.47 -95.37 74.73
N ALA SC 152 -68.53 -96.32 74.85
CA ALA SC 152 -67.23 -96.36 74.18
C ALA SC 152 -67.30 -95.97 72.71
N LEU SC 153 -66.61 -94.89 72.36
CA LEU SC 153 -66.56 -94.40 70.99
C LEU SC 153 -65.16 -94.64 70.44
N VAL SC 154 -65.06 -94.87 69.13
CA VAL SC 154 -63.77 -95.11 68.50
C VAL SC 154 -63.40 -93.89 67.66
N LYS SC 155 -62.17 -93.40 67.82
CA LYS SC 155 -61.70 -92.23 67.10
C LYS SC 155 -60.38 -92.55 66.41
N ARG SC 156 -60.35 -92.41 65.09
CA ARG SC 156 -59.13 -92.49 64.32
C ARG SC 156 -58.97 -91.20 63.52
N PHE SC 157 -57.73 -90.70 63.45
CA PHE SC 157 -57.45 -89.42 62.79
C PHE SC 157 -56.04 -89.43 62.21
N TYR SC 158 -55.93 -89.28 60.88
CA TYR SC 158 -54.71 -88.76 60.29
C TYR SC 158 -54.56 -87.30 60.67
N ARG SC 159 -53.33 -86.88 61.00
CA ARG SC 159 -53.08 -85.49 61.39
C ARG SC 159 -51.62 -85.15 61.08
N LEU SC 160 -51.40 -84.43 59.99
CA LEU SC 160 -50.06 -84.08 59.56
C LEU SC 160 -49.51 -82.93 60.40
N ASN SC 161 -48.22 -83.00 60.72
CA ASN SC 161 -47.56 -82.05 61.61
C ASN SC 161 -46.16 -81.79 61.10
N HIS SC 162 -45.31 -81.21 61.94
CA HIS SC 162 -43.99 -80.73 61.50
C HIS SC 162 -42.97 -80.93 62.62
N HIS SC 163 -41.83 -80.25 62.51
CA HIS SC 163 -40.55 -80.64 63.08
C HIS SC 163 -40.47 -80.42 64.59
N VAL SC 164 -39.57 -81.19 65.21
CA VAL SC 164 -39.29 -81.19 66.66
C VAL SC 164 -37.78 -81.26 66.84
N THR SC 165 -37.24 -80.56 67.83
CA THR SC 165 -35.82 -80.60 68.13
C THR SC 165 -35.63 -81.01 69.59
N TYR SC 166 -34.62 -81.85 69.85
CA TYR SC 166 -34.14 -82.10 71.20
C TYR SC 166 -32.88 -81.28 71.49
N ASN SC 167 -32.71 -80.91 72.75
CA ASN SC 167 -31.57 -80.08 73.15
C ASN SC 167 -30.31 -80.95 73.30
N HIS SC 168 -30.34 -81.86 74.25
CA HIS SC 168 -29.14 -82.63 74.57
C HIS SC 168 -28.96 -83.78 73.59
N GLN SC 169 -27.73 -84.29 73.54
CA GLN SC 169 -27.36 -85.43 72.71
C GLN SC 169 -27.42 -86.74 73.50
N GLU SC 170 -28.23 -86.77 74.55
CA GLU SC 170 -28.38 -87.92 75.42
C GLU SC 170 -29.30 -88.96 74.80
N ALA SC 171 -29.29 -90.15 75.37
CA ALA SC 171 -30.33 -91.15 75.12
C ALA SC 171 -31.42 -91.04 76.19
N GLY SC 172 -31.95 -89.82 76.33
CA GLY SC 172 -32.78 -89.45 77.44
C GLY SC 172 -34.25 -89.33 77.11
N LYS SC 173 -35.02 -89.07 78.15
CA LYS SC 173 -36.48 -88.96 78.09
C LYS SC 173 -36.87 -87.50 77.81
N TYR SC 174 -38.13 -87.16 78.08
CA TYR SC 174 -38.73 -85.87 77.75
C TYR SC 174 -38.09 -84.66 78.46
N GLU SC 175 -37.17 -84.88 79.40
CA GLU SC 175 -36.68 -83.79 80.23
C GLU SC 175 -35.73 -82.85 79.47
N ASN SC 176 -35.04 -83.35 78.44
CA ASN SC 176 -34.00 -82.60 77.75
C ASN SC 176 -34.48 -81.95 76.45
N HIS SC 177 -35.72 -81.47 76.43
CA HIS SC 177 -36.28 -80.87 75.23
C HIS SC 177 -35.71 -79.47 74.99
N THR SC 178 -36.14 -78.88 73.87
CA THR SC 178 -35.86 -77.50 73.49
C THR SC 178 -37.07 -77.01 72.70
N GLU SC 179 -36.85 -75.96 71.87
CA GLU SC 179 -37.87 -75.37 71.01
C GLU SC 179 -38.59 -76.41 70.16
N ASN SC 180 -39.86 -76.11 69.86
CA ASN SC 180 -40.77 -76.90 69.02
C ASN SC 180 -41.00 -78.30 69.60
N ALA SC 181 -41.60 -78.29 70.79
CA ALA SC 181 -42.19 -79.49 71.34
C ALA SC 181 -43.66 -79.55 70.94
N LEU SC 182 -44.28 -80.71 71.17
CA LEU SC 182 -45.71 -80.88 70.94
C LEU SC 182 -46.21 -82.02 71.83
N LEU SC 183 -47.41 -81.85 72.37
CA LEU SC 183 -47.94 -82.78 73.35
C LEU SC 183 -49.46 -82.65 73.38
N LEU SC 184 -50.09 -83.43 74.24
CA LEU SC 184 -51.55 -83.51 74.31
C LEU SC 184 -52.07 -83.08 75.67
N TYR SC 185 -53.27 -82.53 75.67
CA TYR SC 185 -54.07 -82.36 76.88
C TYR SC 185 -55.46 -82.90 76.62
N MET SC 186 -56.02 -83.59 77.61
CA MET SC 186 -57.38 -84.09 77.56
C MET SC 186 -58.17 -83.43 78.68
N ALA SC 187 -59.43 -83.09 78.39
CA ALA SC 187 -60.23 -82.30 79.31
C ALA SC 187 -61.61 -82.93 79.49
N CYS SC 188 -62.03 -83.06 80.74
CA CYS SC 188 -63.39 -83.42 81.07
C CYS SC 188 -64.16 -82.16 81.48
N THR SC 189 -65.48 -82.22 81.34
CA THR SC 189 -66.32 -81.05 81.54
C THR SC 189 -67.27 -81.17 82.71
N HIS SC 190 -67.09 -82.15 83.59
CA HIS SC 190 -67.97 -82.34 84.74
C HIS SC 190 -67.15 -82.82 85.93
N ALA SC 191 -67.70 -82.59 87.13
CA ALA SC 191 -66.97 -82.84 88.37
C ALA SC 191 -66.74 -84.32 88.63
N SER SC 192 -67.60 -85.19 88.11
CA SER SC 192 -67.32 -86.62 88.16
C SER SC 192 -66.19 -86.97 87.20
N ASN SC 193 -65.62 -88.15 87.40
CA ASN SC 193 -64.59 -88.61 86.47
C ASN SC 193 -64.97 -89.95 85.85
N PRO SC 194 -65.86 -89.98 84.85
CA PRO SC 194 -66.22 -91.27 84.25
C PRO SC 194 -65.25 -91.71 83.17
N VAL SC 195 -64.46 -90.80 82.61
CA VAL SC 195 -63.75 -91.02 81.36
C VAL SC 195 -62.55 -91.93 81.60
N TYR SC 196 -62.60 -93.13 81.03
CA TYR SC 196 -61.44 -94.02 80.95
C TYR SC 196 -61.01 -94.10 79.49
N ALA SC 197 -60.16 -93.16 79.11
CA ALA SC 197 -59.74 -93.00 77.72
C ALA SC 197 -58.37 -93.61 77.51
N THR SC 198 -58.31 -94.66 76.71
CA THR SC 198 -57.05 -95.30 76.35
C THR SC 198 -56.80 -95.10 74.87
N LEU SC 199 -55.64 -94.55 74.54
CA LEU SC 199 -55.36 -94.08 73.19
C LEU SC 199 -54.05 -94.67 72.68
N LYS SC 200 -54.07 -95.11 71.43
CA LYS SC 200 -52.88 -95.55 70.73
C LYS SC 200 -52.44 -94.46 69.76
N ILE SC 201 -51.23 -93.95 69.96
CA ILE SC 201 -50.77 -92.74 69.29
C ILE SC 201 -49.52 -93.11 68.49
N ARG SC 202 -49.69 -93.33 67.19
CA ARG SC 202 -48.56 -93.57 66.31
C ARG SC 202 -47.98 -92.26 65.81
N ILE SC 203 -46.66 -92.11 65.97
CA ILE SC 203 -45.90 -91.09 65.26
C ILE SC 203 -44.90 -91.81 64.38
N TYR SC 204 -45.04 -91.65 63.07
CA TYR SC 204 -44.01 -92.12 62.14
C TYR SC 204 -43.43 -90.92 61.40
N PHE SC 205 -42.11 -90.91 61.28
CA PHE SC 205 -41.39 -89.72 60.86
C PHE SC 205 -40.08 -90.08 60.15
N PRO TC 16 -51.91 -59.43 54.24
CA PRO TC 16 -52.60 -60.44 53.43
C PRO TC 16 -53.94 -60.87 54.01
N ASP TC 17 -54.33 -60.29 55.14
CA ASP TC 17 -55.54 -60.69 55.84
C ASP TC 17 -56.53 -59.54 55.99
N ILE TC 18 -56.05 -58.35 56.32
CA ILE TC 18 -56.89 -57.23 56.74
C ILE TC 18 -57.05 -56.19 55.64
N PRO TC 19 -58.21 -55.55 55.53
CA PRO TC 19 -58.38 -54.48 54.53
C PRO TC 19 -58.20 -53.06 55.06
N ARG TC 20 -57.89 -52.86 56.34
CA ARG TC 20 -57.96 -51.54 56.94
C ARG TC 20 -56.59 -50.96 57.30
N GLY TC 21 -55.82 -51.65 58.13
CA GLY TC 21 -54.57 -51.09 58.63
C GLY TC 21 -53.65 -52.16 59.19
N CYS TC 22 -52.35 -51.90 59.13
CA CYS TC 22 -51.30 -52.88 59.38
C CYS TC 22 -51.06 -53.14 60.87
N GLU TC 23 -51.99 -52.76 61.75
CA GLU TC 23 -51.94 -53.17 63.14
C GLU TC 23 -52.10 -54.68 63.25
N GLY TC 24 -51.63 -55.23 64.38
CA GLY TC 24 -51.83 -56.61 64.69
C GLY TC 24 -53.31 -56.90 64.93
N PRO TC 25 -53.80 -58.04 64.45
CA PRO TC 25 -55.21 -58.39 64.67
C PRO TC 25 -55.47 -58.75 66.13
N CYS TC 26 -55.62 -57.73 66.96
CA CYS TC 26 -55.63 -57.90 68.40
C CYS TC 26 -56.96 -58.50 68.86
N LYS TC 27 -56.86 -59.44 69.81
CA LYS TC 27 -58.03 -60.13 70.33
C LYS TC 27 -58.62 -59.36 71.50
N VAL TC 28 -59.94 -59.18 71.47
CA VAL TC 28 -60.69 -58.68 72.62
C VAL TC 28 -61.82 -59.66 72.85
N GLN TC 29 -61.70 -60.48 73.88
CA GLN TC 29 -62.61 -61.59 74.11
C GLN TC 29 -63.63 -61.23 75.19
N SER TC 30 -64.90 -61.38 74.84
CA SER TC 30 -66.00 -61.13 75.76
C SER TC 30 -66.47 -62.49 76.26
N PHE TC 31 -65.75 -63.03 77.24
CA PHE TC 31 -66.21 -64.25 77.90
C PHE TC 31 -67.41 -63.92 78.77
N GLU TC 32 -68.37 -64.84 78.77
CA GLU TC 32 -69.46 -64.78 79.73
C GLU TC 32 -69.53 -66.09 80.49
N GLN TC 33 -69.91 -65.99 81.76
CA GLN TC 33 -70.35 -67.13 82.55
C GLN TC 33 -71.74 -66.72 83.03
N ARG TC 34 -72.72 -66.91 82.16
CA ARG TC 34 -74.05 -66.33 82.34
C ARG TC 34 -75.13 -67.35 82.01
N ASP TC 35 -76.36 -66.85 81.91
CA ASP TC 35 -77.50 -67.61 81.43
C ASP TC 35 -78.42 -66.65 80.71
N ASP TC 36 -79.66 -67.07 80.49
CA ASP TC 36 -80.65 -66.19 79.92
C ASP TC 36 -81.99 -66.44 80.59
N VAL TC 37 -83.02 -65.79 80.07
CA VAL TC 37 -84.40 -66.10 80.42
C VAL TC 37 -85.07 -66.50 79.10
N LYS TC 38 -86.39 -66.74 79.13
CA LYS TC 38 -87.09 -67.06 77.89
C LYS TC 38 -87.07 -65.89 76.92
N HIS TC 39 -87.23 -64.67 77.42
CA HIS TC 39 -87.39 -63.52 76.54
C HIS TC 39 -86.07 -63.07 75.94
N LEU TC 40 -85.03 -62.94 76.78
CA LEU TC 40 -83.84 -62.26 76.29
C LEU TC 40 -82.59 -62.73 77.02
N GLY TC 41 -81.52 -62.89 76.24
CA GLY TC 41 -80.18 -62.83 76.78
C GLY TC 41 -79.42 -61.80 75.98
N ILE TC 42 -79.07 -60.68 76.60
CA ILE TC 42 -78.53 -59.54 75.88
C ILE TC 42 -77.03 -59.44 76.12
N CYS TC 43 -76.29 -59.25 75.03
CA CYS TC 43 -74.84 -59.17 75.09
C CYS TC 43 -74.36 -58.19 74.03
N LYS TC 44 -74.06 -56.95 74.43
CA LYS TC 44 -73.25 -56.10 73.58
C LYS TC 44 -71.82 -56.60 73.61
N VAL TC 45 -71.35 -57.09 72.46
CA VAL TC 45 -70.08 -57.80 72.42
C VAL TC 45 -68.92 -56.82 72.33
N ILE TC 46 -69.19 -55.58 71.94
CA ILE TC 46 -68.16 -54.57 71.72
C ILE TC 46 -68.06 -53.64 72.93
N SER TC 47 -68.49 -54.11 74.10
CA SER TC 47 -68.77 -53.23 75.23
C SER TC 47 -67.49 -52.73 75.90
N ASP TC 48 -66.66 -53.67 76.38
CA ASP TC 48 -65.51 -53.33 77.22
C ASP TC 48 -64.29 -52.88 76.43
N VAL TC 49 -64.43 -52.43 75.19
CA VAL TC 49 -63.28 -52.05 74.37
C VAL TC 49 -63.04 -50.56 74.59
N THR TC 50 -62.06 -50.25 75.44
CA THR TC 50 -61.68 -48.89 75.78
C THR TC 50 -60.36 -48.53 75.12
N ARG TC 51 -60.02 -47.24 75.12
CA ARG TC 51 -58.74 -46.80 74.59
C ARG TC 51 -57.61 -47.16 75.55
N GLY TC 52 -56.57 -47.78 75.02
CA GLY TC 52 -55.42 -48.16 75.80
C GLY TC 52 -54.32 -48.76 74.95
N PRO TC 53 -53.12 -48.89 75.51
CA PRO TC 53 -52.01 -49.44 74.73
C PRO TC 53 -52.04 -50.94 74.58
N GLY TC 54 -52.76 -51.66 75.44
CA GLY TC 54 -52.78 -53.10 75.38
C GLY TC 54 -53.58 -53.64 74.22
N LEU TC 55 -53.45 -54.95 73.98
CA LEU TC 55 -54.16 -55.61 72.90
C LEU TC 55 -55.60 -55.93 73.25
N THR TC 56 -56.01 -55.76 74.51
CA THR TC 56 -57.41 -55.81 74.89
C THR TC 56 -58.06 -54.43 74.81
N HIS TC 57 -57.55 -53.56 73.96
CA HIS TC 57 -57.96 -52.16 73.90
C HIS TC 57 -58.05 -51.75 72.44
N ARG TC 58 -58.14 -50.44 72.21
CA ARG TC 58 -58.36 -49.91 70.87
C ARG TC 58 -57.55 -48.65 70.66
N VAL TC 59 -57.32 -48.34 69.38
CA VAL TC 59 -56.64 -47.11 68.96
C VAL TC 59 -57.62 -46.31 68.13
N GLY TC 60 -58.07 -45.18 68.67
CA GLY TC 60 -59.02 -44.34 67.98
C GLY TC 60 -60.46 -44.76 68.21
N LYS TC 61 -61.30 -44.64 67.18
CA LYS TC 61 -62.71 -44.98 67.30
C LYS TC 61 -63.23 -45.70 66.06
N ARG TC 62 -62.35 -46.33 65.30
CA ARG TC 62 -62.72 -47.03 64.06
C ARG TC 62 -62.31 -48.49 64.16
N PHE TC 63 -63.28 -49.38 63.92
CA PHE TC 63 -63.05 -50.82 63.92
C PHE TC 63 -63.32 -51.38 62.54
N CYS TC 64 -62.68 -52.52 62.26
CA CYS TC 64 -63.12 -53.43 61.19
C CYS TC 64 -62.97 -54.84 61.78
N ILE TC 65 -64.07 -55.35 62.34
CA ILE TC 65 -64.07 -56.68 62.93
C ILE TC 65 -63.87 -57.72 61.83
N LYS TC 66 -62.76 -58.44 61.90
CA LYS TC 66 -62.47 -59.47 60.91
C LYS TC 66 -63.39 -60.66 61.08
N SER TC 67 -63.44 -61.22 62.29
CA SER TC 67 -64.30 -62.36 62.53
C SER TC 67 -64.68 -62.45 64.00
N ILE TC 68 -65.90 -62.91 64.24
CA ILE TC 68 -66.35 -63.30 65.57
C ILE TC 68 -66.24 -64.82 65.68
N TYR TC 69 -65.52 -65.29 66.67
CA TYR TC 69 -65.29 -66.71 66.92
C TYR TC 69 -66.03 -67.10 68.18
N ILE TC 70 -67.16 -67.78 68.02
CA ILE TC 70 -68.05 -68.10 69.13
C ILE TC 70 -67.74 -69.51 69.61
N LEU TC 71 -67.14 -69.62 70.78
CA LEU TC 71 -67.12 -70.86 71.55
C LEU TC 71 -68.29 -70.83 72.52
N GLY TC 72 -68.59 -72.01 73.08
CA GLY TC 72 -69.65 -72.06 74.07
C GLY TC 72 -70.18 -73.45 74.37
N LYS TC 73 -70.46 -73.69 75.64
CA LYS TC 73 -71.12 -74.92 76.07
C LYS TC 73 -72.47 -74.55 76.71
N ILE TC 74 -73.52 -75.16 76.20
CA ILE TC 74 -74.89 -74.80 76.55
C ILE TC 74 -75.51 -76.01 77.25
N TRP TC 75 -75.69 -75.92 78.57
CA TRP TC 75 -76.16 -77.06 79.33
C TRP TC 75 -77.40 -76.71 80.13
N LEU TC 76 -77.92 -77.74 80.81
CA LEU TC 76 -78.91 -77.62 81.85
C LEU TC 76 -78.61 -78.54 83.02
N ASP TC 77 -77.32 -78.87 83.24
CA ASP TC 77 -76.94 -80.00 84.09
C ASP TC 77 -76.89 -79.62 85.57
N GLU TC 78 -77.59 -78.55 85.95
CA GLU TC 78 -77.97 -78.33 87.34
C GLU TC 78 -78.89 -79.46 87.79
N THR TC 79 -78.94 -79.73 89.09
CA THR TC 79 -79.73 -80.85 89.62
C THR TC 79 -81.24 -80.64 89.51
N ILE TC 80 -81.68 -79.46 89.05
CA ILE TC 80 -83.09 -79.14 88.86
C ILE TC 80 -83.22 -78.97 87.35
N LYS TC 81 -84.41 -78.61 86.86
CA LYS TC 81 -84.76 -78.39 85.46
C LYS TC 81 -84.66 -79.66 84.64
N LYS TC 82 -84.99 -80.79 85.26
CA LYS TC 82 -85.33 -82.01 84.52
C LYS TC 82 -86.80 -82.09 84.17
N GLN TC 83 -87.69 -81.50 84.97
CA GLN TC 83 -89.08 -81.29 84.58
C GLN TC 83 -89.18 -80.02 83.74
N ASN TC 84 -90.33 -79.86 83.07
CA ASN TC 84 -90.66 -78.77 82.14
C ASN TC 84 -89.60 -78.69 81.04
N HIS TC 85 -89.21 -79.86 80.54
CA HIS TC 85 -87.98 -80.02 79.76
C HIS TC 85 -88.17 -79.88 78.26
N THR TC 86 -87.16 -80.31 77.50
CA THR TC 86 -87.04 -80.22 76.04
C THR TC 86 -87.14 -78.81 75.49
N ASN TC 87 -86.15 -77.97 75.81
CA ASN TC 87 -86.05 -76.63 75.25
C ASN TC 87 -84.86 -76.56 74.31
N ASN TC 88 -84.89 -75.60 73.38
CA ASN TC 88 -83.78 -75.38 72.47
C ASN TC 88 -83.42 -73.90 72.42
N VAL TC 89 -82.21 -73.61 71.92
CA VAL TC 89 -81.64 -72.27 71.93
C VAL TC 89 -81.46 -71.82 70.49
N ILE TC 90 -82.00 -70.65 70.16
CA ILE TC 90 -81.79 -70.03 68.86
C ILE TC 90 -80.93 -68.80 69.08
N PHE TC 91 -79.80 -68.73 68.39
CA PHE TC 91 -78.92 -67.58 68.53
C PHE TC 91 -79.24 -66.54 67.46
N TYR TC 92 -78.94 -65.28 67.78
CA TYR TC 92 -79.18 -64.16 66.89
C TYR TC 92 -77.99 -63.23 66.94
N LEU TC 93 -77.34 -63.03 65.79
CA LEU TC 93 -76.20 -62.13 65.68
C LEU TC 93 -76.61 -61.04 64.70
N LEU TC 94 -76.88 -59.84 65.23
CA LEU TC 94 -77.53 -58.78 64.47
C LEU TC 94 -76.52 -57.69 64.13
N ARG TC 95 -76.66 -57.12 62.92
CA ARG TC 95 -75.94 -55.91 62.57
C ARG TC 95 -76.83 -54.72 62.93
N ASP TC 96 -76.44 -53.98 63.97
CA ASP TC 96 -77.23 -52.85 64.45
C ASP TC 96 -76.88 -51.60 63.65
N ARG TC 97 -77.84 -50.69 63.56
CA ARG TC 97 -77.69 -49.46 62.79
C ARG TC 97 -77.47 -48.22 63.65
N ARG TC 98 -78.02 -48.18 64.88
CA ARG TC 98 -77.90 -47.01 65.73
C ARG TC 98 -78.02 -47.44 67.18
N PRO TC 99 -77.36 -46.75 68.10
CA PRO TC 99 -77.52 -47.06 69.52
C PRO TC 99 -78.52 -46.15 70.21
N TYR TC 100 -78.95 -46.52 71.42
CA TYR TC 100 -79.63 -45.62 72.34
C TYR TC 100 -79.09 -45.92 73.74
N GLY TC 101 -77.98 -45.28 74.10
CA GLY TC 101 -77.37 -45.46 75.41
C GLY TC 101 -76.93 -46.88 75.69
N ASN TC 102 -77.69 -47.55 76.56
CA ASN TC 102 -77.49 -48.96 76.87
C ASN TC 102 -78.13 -49.83 75.78
N ALA TC 103 -78.26 -51.13 76.05
CA ALA TC 103 -78.84 -52.04 75.10
C ALA TC 103 -80.36 -51.89 75.07
N PRO TC 104 -80.97 -51.95 73.88
CA PRO TC 104 -82.44 -51.84 73.81
C PRO TC 104 -83.14 -53.12 74.21
N GLN TC 105 -84.47 -53.15 74.06
CA GLN TC 105 -85.25 -54.33 74.37
C GLN TC 105 -85.00 -55.43 73.35
N ASP TC 106 -85.48 -56.63 73.67
CA ASP TC 106 -85.51 -57.72 72.69
C ASP TC 106 -86.93 -57.99 72.20
N PHE TC 107 -87.85 -58.32 73.10
CA PHE TC 107 -89.19 -58.71 72.69
C PHE TC 107 -89.99 -57.52 72.18
N GLY TC 108 -89.65 -56.31 72.63
CA GLY TC 108 -90.20 -55.11 72.04
C GLY TC 108 -89.45 -54.59 70.84
N GLN TC 109 -88.40 -55.29 70.41
CA GLN TC 109 -87.63 -54.87 69.24
C GLN TC 109 -87.75 -55.86 68.09
N ILE TC 110 -87.44 -57.14 68.31
CA ILE TC 110 -87.79 -58.14 67.30
C ILE TC 110 -89.28 -58.44 67.42
N PHE TC 111 -89.85 -58.97 66.33
CA PHE TC 111 -91.27 -58.78 66.07
C PHE TC 111 -92.16 -59.70 66.91
N ASN TC 112 -92.04 -61.01 66.73
CA ASN TC 112 -93.06 -61.91 67.25
C ASN TC 112 -92.40 -62.90 68.22
N MET TC 113 -93.19 -63.87 68.68
CA MET TC 113 -92.78 -64.76 69.76
C MET TC 113 -91.83 -65.85 69.26
N PHE TC 114 -90.54 -65.56 69.37
CA PHE TC 114 -89.39 -66.46 69.49
C PHE TC 114 -89.04 -67.18 68.18
N ASP TC 115 -89.84 -67.05 67.13
CA ASP TC 115 -89.50 -67.47 65.78
C ASP TC 115 -89.87 -66.33 64.85
N ASN TC 116 -88.93 -65.41 64.64
CA ASN TC 116 -89.29 -64.12 64.06
C ASN TC 116 -88.10 -63.48 63.37
N GLU TC 117 -88.29 -62.20 63.05
CA GLU TC 117 -87.37 -61.28 62.41
C GLU TC 117 -87.51 -59.95 63.15
N PRO TC 118 -86.66 -58.95 62.89
CA PRO TC 118 -86.94 -57.63 63.43
C PRO TC 118 -88.21 -57.02 62.85
N SER TC 119 -88.78 -56.06 63.58
CA SER TC 119 -90.05 -55.47 63.21
C SER TC 119 -89.91 -54.60 61.96
N THR TC 120 -91.05 -54.30 61.35
CA THR TC 120 -91.08 -53.51 60.13
C THR TC 120 -90.68 -52.07 60.36
N ALA TC 121 -90.87 -51.54 61.56
CA ALA TC 121 -90.50 -50.17 61.88
C ALA TC 121 -89.08 -50.06 62.42
N THR TC 122 -88.32 -51.15 62.43
CA THR TC 122 -87.00 -51.17 63.06
C THR TC 122 -85.86 -51.40 62.07
N ILE TC 123 -86.16 -51.68 60.81
CA ILE TC 123 -85.13 -51.98 59.83
C ILE TC 123 -84.36 -50.73 59.43
N PHE TC 131 -83.42 -53.37 62.58
CA PHE TC 131 -81.98 -53.56 62.62
C PHE TC 131 -81.62 -54.75 61.74
N GLN TC 132 -80.46 -54.70 61.11
CA GLN TC 132 -80.08 -55.77 60.21
C GLN TC 132 -79.66 -57.02 60.98
N VAL TC 133 -79.74 -58.15 60.30
CA VAL TC 133 -79.42 -59.47 60.83
C VAL TC 133 -78.18 -59.93 60.09
N LEU TC 134 -77.34 -60.73 60.75
CA LEU TC 134 -76.29 -61.43 59.99
C LEU TC 134 -76.62 -62.92 59.80
N ARG TC 135 -76.70 -63.69 60.89
CA ARG TC 135 -77.03 -65.11 60.80
C ARG TC 135 -77.70 -65.57 62.09
N LYS TC 136 -78.04 -66.86 62.12
CA LYS TC 136 -78.66 -67.53 63.26
C LYS TC 136 -77.87 -68.79 63.57
N PHE TC 137 -78.21 -69.43 64.70
CA PHE TC 137 -77.61 -70.72 65.07
C PHE TC 137 -78.69 -71.57 65.75
N HIS TC 138 -78.30 -72.79 66.12
CA HIS TC 138 -79.18 -73.72 66.81
C HIS TC 138 -78.42 -74.42 67.93
N ALA TC 139 -79.16 -74.77 68.98
CA ALA TC 139 -78.63 -75.58 70.09
C ALA TC 139 -79.82 -76.22 70.77
N THR TC 140 -79.88 -77.55 70.75
CA THR TC 140 -81.04 -78.30 71.23
C THR TC 140 -80.65 -79.16 72.41
N VAL TC 141 -81.09 -78.78 73.61
CA VAL TC 141 -80.78 -79.53 74.82
C VAL TC 141 -82.07 -80.13 75.38
N VAL TC 142 -82.28 -81.42 75.12
CA VAL TC 142 -83.52 -82.06 75.51
C VAL TC 142 -83.25 -83.13 76.58
N GLY TC 143 -83.45 -82.77 77.85
CA GLY TC 143 -83.23 -83.73 78.91
C GLY TC 143 -84.30 -83.79 79.97
N GLY TC 144 -84.99 -84.93 80.08
CA GLY TC 144 -86.03 -85.05 81.09
C GLY TC 144 -85.68 -86.06 82.17
N LEU TC 145 -86.28 -87.24 82.11
CA LEU TC 145 -85.98 -88.29 83.08
C LEU TC 145 -85.83 -89.61 82.33
N TYR TC 146 -85.26 -90.59 83.03
CA TYR TC 146 -85.10 -92.00 82.66
C TYR TC 146 -84.23 -92.26 81.43
N CYS TC 147 -83.59 -91.26 80.83
CA CYS TC 147 -82.36 -91.59 80.12
C CYS TC 147 -81.19 -90.73 80.60
N MET TC 148 -81.28 -89.38 80.73
CA MET TC 148 -82.12 -88.42 80.00
C MET TC 148 -81.27 -87.96 78.80
N LYS TC 149 -81.79 -88.16 77.59
CA LYS TC 149 -80.89 -88.07 76.44
C LYS TC 149 -81.01 -86.72 75.73
N GLU TC 150 -80.37 -85.71 76.34
CA GLU TC 150 -79.45 -84.73 75.77
C GLU TC 150 -79.02 -83.76 76.86
N GLN TC 151 -77.86 -83.15 76.67
CA GLN TC 151 -77.19 -82.27 77.62
C GLN TC 151 -76.24 -81.34 76.88
N ALA TC 152 -75.23 -80.84 77.61
CA ALA TC 152 -74.24 -79.85 77.21
C ALA TC 152 -73.69 -80.11 75.80
N LEU TC 153 -73.93 -79.15 74.91
CA LEU TC 153 -73.45 -79.24 73.53
C LEU TC 153 -72.35 -78.21 73.32
N VAL TC 154 -71.39 -78.52 72.45
CA VAL TC 154 -70.29 -77.61 72.18
C VAL TC 154 -70.48 -77.01 70.80
N LYS TC 155 -70.36 -75.69 70.69
CA LYS TC 155 -70.54 -74.97 69.43
C LYS TC 155 -69.33 -74.09 69.17
N ARG TC 156 -68.65 -74.32 68.04
CA ARG TC 156 -67.60 -73.44 67.56
C ARG TC 156 -67.96 -72.97 66.15
N PHE TC 157 -67.70 -71.70 65.87
CA PHE TC 157 -68.08 -71.11 64.58
C PHE TC 157 -67.11 -69.99 64.21
N TYR TC 158 -66.40 -70.15 63.10
CA TYR TC 158 -65.88 -68.99 62.39
C TYR TC 158 -67.03 -68.20 61.79
N ARG TC 159 -66.94 -66.87 61.86
CA ARG TC 159 -68.01 -66.02 61.34
C ARG TC 159 -67.42 -64.66 60.98
N LEU TC 160 -67.18 -64.44 59.68
CA LEU TC 160 -66.58 -63.21 59.20
C LEU TC 160 -67.60 -62.07 59.20
N ASN TC 161 -67.15 -60.88 59.56
CA ASN TC 161 -68.03 -59.72 59.73
C ASN TC 161 -67.29 -58.47 59.25
N HIS TC 162 -67.78 -57.30 59.61
CA HIS TC 162 -67.27 -56.04 59.05
C HIS TC 162 -67.31 -54.94 60.12
N HIS TC 163 -67.20 -53.70 59.67
CA HIS TC 163 -66.69 -52.56 60.44
C HIS TC 163 -67.67 -52.06 61.50
N VAL TC 164 -67.10 -51.40 62.52
CA VAL TC 164 -67.81 -50.83 63.66
C VAL TC 164 -67.18 -49.46 63.94
N THR TC 165 -68.00 -48.48 64.30
CA THR TC 165 -67.51 -47.16 64.65
C THR TC 165 -67.97 -46.80 66.07
N TYR TC 166 -67.09 -46.16 66.84
CA TYR TC 166 -67.48 -45.51 68.09
C TYR TC 166 -67.64 -44.00 67.88
N ASN TC 167 -68.55 -43.41 68.65
CA ASN TC 167 -68.82 -41.98 68.53
C ASN TC 167 -67.76 -41.16 69.26
N HIS TC 168 -67.68 -41.31 70.57
CA HIS TC 168 -66.81 -40.48 71.37
C HIS TC 168 -65.37 -40.98 71.31
N GLN TC 169 -64.45 -40.09 71.66
CA GLN TC 169 -63.02 -40.40 71.74
C GLN TC 169 -62.60 -40.78 73.15
N GLU TC 170 -63.54 -41.26 73.95
CA GLU TC 170 -63.31 -41.63 75.33
C GLU TC 170 -62.66 -43.00 75.42
N ALA TC 171 -62.17 -43.32 76.62
CA ALA TC 171 -61.80 -44.69 76.96
C ALA TC 171 -62.97 -45.36 77.67
N GLY TC 172 -64.13 -45.34 77.00
CA GLY TC 172 -65.40 -45.68 77.60
C GLY TC 172 -65.95 -47.02 77.17
N LYS TC 173 -67.07 -47.36 77.79
CA LYS TC 173 -67.76 -48.63 77.58
C LYS TC 173 -68.77 -48.49 76.44
N TYR TC 174 -69.73 -49.42 76.37
CA TYR TC 174 -70.71 -49.52 75.28
C TYR TC 174 -71.64 -48.33 75.14
N GLU TC 175 -71.63 -47.36 76.06
CA GLU TC 175 -72.63 -46.31 76.06
C GLU TC 175 -72.40 -45.29 74.95
N ASN TC 176 -71.17 -45.11 74.49
CA ASN TC 176 -70.83 -44.05 73.55
C ASN TC 176 -70.74 -44.54 72.10
N HIS TC 177 -71.62 -45.45 71.71
CA HIS TC 177 -71.60 -46.00 70.36
C HIS TC 177 -72.16 -45.01 69.34
N THR TC 178 -72.12 -45.42 68.08
CA THR TC 178 -72.72 -44.73 66.95
C THR TC 178 -73.14 -45.80 65.94
N GLU TC 179 -73.29 -45.40 64.68
CA GLU TC 179 -73.66 -46.29 63.57
C GLU TC 179 -72.77 -47.53 63.49
N ASN TC 180 -73.39 -48.62 62.99
CA ASN TC 180 -72.77 -49.93 62.77
C ASN TC 180 -72.25 -50.54 64.08
N ALA TC 181 -73.19 -50.78 64.98
CA ALA TC 181 -72.94 -51.66 66.11
C ALA TC 181 -73.34 -53.08 65.75
N LEU TC 182 -72.95 -54.03 66.61
CA LEU TC 182 -73.34 -55.43 66.45
C LEU TC 182 -73.30 -56.10 67.81
N LEU TC 183 -74.26 -56.97 68.06
CA LEU TC 183 -74.43 -57.58 69.37
C LEU TC 183 -75.20 -58.89 69.21
N LEU TC 184 -75.45 -59.55 70.34
CA LEU TC 184 -76.09 -60.86 70.36
C LEU TC 184 -77.41 -60.83 71.13
N TYR TC 185 -78.31 -61.71 70.70
CA TYR TC 185 -79.49 -62.06 71.50
C TYR TC 185 -79.60 -63.57 71.55
N MET TC 186 -79.94 -64.10 72.71
CA MET TC 186 -80.17 -65.52 72.90
C MET TC 186 -81.62 -65.71 73.32
N ALA TC 187 -82.25 -66.77 72.81
CA ALA TC 187 -83.69 -66.96 72.99
C ALA TC 187 -83.97 -68.39 73.42
N CYS TC 188 -84.79 -68.52 74.47
CA CYS TC 188 -85.35 -69.80 74.88
C CYS TC 188 -86.78 -69.90 74.38
N THR TC 189 -87.25 -71.14 74.21
CA THR TC 189 -88.56 -71.38 73.59
C THR TC 189 -89.57 -72.01 74.54
N HIS TC 190 -89.31 -72.03 75.84
CA HIS TC 190 -90.24 -72.60 76.80
C HIS TC 190 -90.22 -71.79 78.09
N ALA TC 191 -91.31 -71.90 78.86
CA ALA TC 191 -91.53 -71.07 80.03
C ALA TC 191 -90.56 -71.37 81.16
N SER TC 192 -90.05 -72.59 81.23
CA SER TC 192 -88.97 -72.89 82.16
C SER TC 192 -87.67 -72.25 81.69
N ASN TC 193 -86.71 -72.15 82.62
CA ASN TC 193 -85.41 -71.62 82.24
C ASN TC 193 -84.31 -72.63 82.55
N PRO TC 194 -84.12 -73.67 81.72
CA PRO TC 194 -83.05 -74.63 82.03
C PRO TC 194 -81.69 -74.18 81.52
N VAL TC 195 -81.65 -73.26 80.57
CA VAL TC 195 -80.45 -73.01 79.77
C VAL TC 195 -79.43 -72.23 80.59
N TYR TC 196 -78.30 -72.86 80.86
CA TYR TC 196 -77.13 -72.20 81.43
C TYR TC 196 -76.05 -72.19 80.36
N ALA TC 197 -76.09 -71.16 79.53
CA ALA TC 197 -75.22 -71.04 78.36
C ALA TC 197 -74.06 -70.11 78.67
N THR TC 198 -72.85 -70.64 78.69
CA THR TC 198 -71.64 -69.86 78.88
C THR TC 198 -70.82 -69.91 77.60
N LEU TC 199 -70.48 -68.74 77.08
CA LEU TC 199 -69.91 -68.61 75.75
C LEU TC 199 -68.63 -67.80 75.80
N LYS TC 200 -67.63 -68.28 75.08
CA LYS TC 200 -66.38 -67.55 74.87
C LYS TC 200 -66.38 -66.97 73.47
N ILE TC 201 -66.30 -65.64 73.38
CA ILE TC 201 -66.54 -64.92 72.15
C ILE TC 201 -65.27 -64.15 71.82
N ARG TC 202 -64.45 -64.68 70.92
CA ARG TC 202 -63.27 -63.97 70.45
C ARG TC 202 -63.62 -63.06 69.28
N ILE TC 203 -63.23 -61.79 69.40
CA ILE TC 203 -63.17 -60.88 68.27
C ILE TC 203 -61.72 -60.48 68.08
N TYR TC 204 -61.14 -60.84 66.94
CA TYR TC 204 -59.83 -60.32 66.56
C TYR TC 204 -59.97 -59.52 65.28
N PHE TC 205 -59.31 -58.37 65.26
CA PHE TC 205 -59.57 -57.35 64.24
C PHE TC 205 -58.33 -56.50 63.99
N PRO UC 16 -81.18 -56.11 39.95
CA PRO UC 16 -80.29 -57.28 39.89
C PRO UC 16 -80.91 -58.53 40.50
N ASP UC 17 -82.14 -58.42 41.00
CA ASP UC 17 -82.81 -59.51 41.71
C ASP UC 17 -84.11 -59.93 41.04
N ILE UC 18 -84.92 -58.96 40.60
CA ILE UC 18 -86.30 -59.20 40.16
C ILE UC 18 -86.43 -59.19 38.64
N PRO UC 19 -87.31 -60.01 38.07
CA PRO UC 19 -87.53 -59.98 36.61
C PRO UC 19 -88.73 -59.15 36.17
N ARG UC 20 -89.48 -58.53 37.07
CA ARG UC 20 -90.78 -57.96 36.72
C ARG UC 20 -90.79 -56.43 36.73
N GLY UC 21 -90.47 -55.80 37.87
CA GLY UC 21 -90.60 -54.37 38.02
C GLY UC 21 -89.80 -53.83 39.18
N CYS UC 22 -89.39 -52.57 39.07
CA CYS UC 22 -88.41 -51.95 39.96
C CYS UC 22 -89.00 -51.51 41.30
N GLU UC 23 -90.17 -52.02 41.67
CA GLU UC 23 -90.68 -51.83 43.02
C GLU UC 23 -89.78 -52.52 44.04
N GLY UC 24 -89.86 -52.06 45.29
CA GLY UC 24 -89.18 -52.72 46.37
C GLY UC 24 -89.77 -54.09 46.63
N PRO UC 25 -88.91 -55.07 46.92
CA PRO UC 25 -89.42 -56.42 47.20
C PRO UC 25 -90.13 -56.48 48.55
N CYS UC 26 -91.39 -56.05 48.55
CA CYS UC 26 -92.11 -55.82 49.79
C CYS UC 26 -92.55 -57.14 50.42
N LYS UC 27 -92.42 -57.22 51.74
CA LYS UC 27 -92.75 -58.41 52.50
C LYS UC 27 -94.22 -58.39 52.88
N VAL UC 28 -94.90 -59.51 52.65
CA VAL UC 28 -96.24 -59.75 53.18
C VAL UC 28 -96.19 -61.10 53.88
N GLN UC 29 -96.17 -61.07 55.21
CA GLN UC 29 -95.93 -62.27 56.00
C GLN UC 29 -97.24 -62.81 56.55
N SER UC 30 -97.51 -64.07 56.25
CA SER UC 30 -98.71 -64.75 56.75
C SER UC 30 -98.27 -65.58 57.94
N PHE UC 31 -98.15 -64.93 59.09
CA PHE UC 31 -97.91 -65.67 60.32
C PHE UC 31 -99.17 -66.41 60.73
N GLU UC 32 -98.97 -67.62 61.22
CA GLU UC 32 -100.04 -68.37 61.85
C GLU UC 32 -99.62 -68.77 63.26
N GLN UC 33 -100.60 -68.78 64.17
CA GLN UC 33 -100.47 -69.44 65.46
C GLN UC 33 -101.65 -70.41 65.47
N ARG UC 34 -101.44 -71.56 64.85
CA ARG UC 34 -102.52 -72.48 64.53
C ARG UC 34 -102.12 -73.91 64.82
N ASP UC 35 -102.94 -74.85 64.36
CA ASP UC 35 -102.64 -76.27 64.38
C ASP UC 35 -103.29 -76.88 63.14
N ASP UC 36 -103.42 -78.21 63.14
CA ASP UC 36 -104.13 -78.89 62.07
C ASP UC 36 -104.94 -80.02 62.67
N VAL UC 37 -105.54 -80.81 61.78
CA VAL UC 37 -106.14 -82.10 62.14
C VAL UC 37 -105.39 -83.13 61.33
N LYS UC 38 -105.83 -84.40 61.39
CA LYS UC 38 -105.20 -85.43 60.58
C LYS UC 38 -105.42 -85.18 59.10
N HIS UC 39 -106.62 -84.74 58.72
CA HIS UC 39 -106.96 -84.64 57.31
C HIS UC 39 -106.33 -83.41 56.66
N LEU UC 40 -106.45 -82.25 57.30
CA LEU UC 40 -106.12 -81.03 56.59
C LEU UC 40 -105.66 -79.93 57.53
N GLY UC 41 -104.63 -79.21 57.10
CA GLY UC 41 -104.39 -77.86 57.58
C GLY UC 41 -104.30 -76.96 56.37
N ILE UC 42 -105.27 -76.08 56.19
CA ILE UC 42 -105.40 -75.31 54.96
C ILE UC 42 -104.94 -73.89 55.19
N CYS UC 43 -104.11 -73.40 54.27
CA CYS UC 43 -103.56 -72.05 54.37
C CYS UC 43 -103.41 -71.49 52.97
N LYS UC 44 -104.35 -70.66 52.54
CA LYS UC 44 -104.08 -69.78 51.40
C LYS UC 44 -103.12 -68.69 51.85
N VAL UC 45 -101.92 -68.71 51.27
CA VAL UC 45 -100.85 -67.87 51.77
C VAL UC 45 -100.96 -66.47 51.17
N ILE UC 46 -101.70 -66.32 50.08
CA ILE UC 46 -101.80 -65.07 49.36
C ILE UC 46 -103.10 -64.33 49.73
N SER UC 47 -103.65 -64.64 50.91
CA SER UC 47 -105.03 -64.29 51.23
C SER UC 47 -105.20 -62.81 51.54
N ASP UC 48 -104.47 -62.31 52.54
CA ASP UC 48 -104.68 -60.97 53.08
C ASP UC 48 -103.99 -59.88 52.27
N VAL UC 49 -103.64 -60.13 51.01
CA VAL UC 49 -102.92 -59.14 50.21
C VAL UC 49 -103.97 -58.28 49.49
N THR UC 50 -104.24 -57.09 50.02
CA THR UC 50 -105.21 -56.16 49.47
C THR UC 50 -104.47 -54.98 48.84
N ARG UC 51 -105.21 -54.18 48.06
CA ARG UC 51 -104.63 -52.98 47.46
C ARG UC 51 -104.45 -51.90 48.51
N GLY UC 52 -103.26 -51.32 48.57
CA GLY UC 52 -102.95 -50.26 49.49
C GLY UC 52 -101.56 -49.71 49.27
N PRO UC 53 -101.27 -48.56 49.88
CA PRO UC 53 -99.95 -47.95 49.68
C PRO UC 53 -98.84 -48.60 50.50
N GLY UC 54 -99.17 -49.32 51.56
CA GLY UC 54 -98.16 -49.91 52.41
C GLY UC 54 -97.47 -51.09 51.77
N LEU UC 55 -96.38 -51.53 52.41
CA LEU UC 55 -95.61 -52.67 51.92
C LEU UC 55 -96.22 -54.01 52.29
N THR UC 56 -97.26 -54.02 53.14
CA THR UC 56 -98.06 -55.21 53.36
C THR UC 56 -99.25 -55.28 52.41
N HIS UC 57 -99.12 -54.67 51.23
CA HIS UC 57 -100.23 -54.50 50.30
C HIS UC 57 -99.70 -54.77 48.89
N ARG UC 58 -100.50 -54.38 47.89
CA ARG UC 58 -100.18 -54.69 46.51
C ARG UC 58 -100.56 -53.52 45.61
N VAL UC 59 -99.93 -53.47 44.45
CA VAL UC 59 -100.22 -52.49 43.41
C VAL UC 59 -100.72 -53.25 42.19
N GLY UC 60 -102.00 -53.08 41.87
CA GLY UC 60 -102.59 -53.77 40.74
C GLY UC 60 -103.08 -55.16 41.08
N LYS UC 61 -102.93 -56.11 40.14
CA LYS UC 61 -103.39 -57.47 40.36
C LYS UC 61 -102.41 -58.50 39.79
N ARG UC 62 -101.14 -58.13 39.65
CA ARG UC 62 -100.12 -58.99 39.09
C ARG UC 62 -99.00 -59.18 40.10
N PHE UC 63 -98.66 -60.44 40.39
CA PHE UC 63 -97.58 -60.78 41.30
C PHE UC 63 -96.51 -61.56 40.55
N CYS UC 64 -95.29 -61.49 41.09
CA CYS UC 64 -94.23 -62.46 40.78
C CYS UC 64 -93.55 -62.74 42.12
N ILE UC 65 -94.01 -63.80 42.79
CA ILE UC 65 -93.44 -64.18 44.09
C ILE UC 65 -92.01 -64.65 43.88
N LYS UC 66 -91.06 -63.92 44.47
CA LYS UC 66 -89.65 -64.28 44.34
C LYS UC 66 -89.35 -65.53 45.16
N SER UC 67 -89.69 -65.52 46.44
CA SER UC 67 -89.42 -66.69 47.27
C SER UC 67 -90.39 -66.72 48.45
N ILE UC 68 -90.75 -67.93 48.84
CA ILE UC 68 -91.46 -68.19 50.09
C ILE UC 68 -90.43 -68.66 51.11
N TYR UC 69 -90.38 -67.96 52.24
CA TYR UC 69 -89.45 -68.26 53.32
C TYR UC 69 -90.23 -68.79 54.50
N ILE UC 70 -90.17 -70.10 54.72
CA ILE UC 70 -90.99 -70.77 55.73
C ILE UC 70 -90.17 -70.93 56.99
N LEU UC 71 -90.51 -70.17 58.02
CA LEU UC 71 -90.11 -70.46 59.39
C LEU UC 71 -91.20 -71.28 60.06
N GLY UC 72 -90.86 -71.87 61.19
CA GLY UC 72 -91.86 -72.61 61.93
C GLY UC 72 -91.32 -73.56 62.97
N LYS UC 73 -92.01 -73.62 64.11
CA LYS UC 73 -91.73 -74.59 65.15
C LYS UC 73 -92.93 -75.51 65.32
N ILE UC 74 -92.69 -76.81 65.23
CA ILE UC 74 -93.75 -77.81 65.20
C ILE UC 74 -93.59 -78.67 66.44
N TRP UC 75 -94.50 -78.51 67.39
CA TRP UC 75 -94.37 -79.20 68.66
C TRP UC 75 -95.62 -79.99 68.99
N LEU UC 76 -95.53 -80.70 70.12
CA LEU UC 76 -96.67 -81.31 70.79
C LEU UC 76 -96.58 -81.12 72.30
N ASP UC 77 -95.92 -80.06 72.77
CA ASP UC 77 -95.47 -79.96 74.15
C ASP UC 77 -96.58 -79.44 75.08
N GLU UC 78 -97.83 -79.56 74.66
CA GLU UC 78 -98.95 -79.51 75.59
C GLU UC 78 -98.85 -80.67 76.57
N THR UC 79 -99.44 -80.53 77.76
CA THR UC 79 -99.33 -81.54 78.80
C THR UC 79 -100.08 -82.84 78.49
N ILE UC 80 -100.81 -82.88 77.38
CA ILE UC 80 -101.54 -84.06 76.92
C ILE UC 80 -100.84 -84.45 75.62
N LYS UC 81 -101.33 -85.48 74.93
CA LYS UC 81 -100.82 -86.02 73.68
C LYS UC 81 -99.43 -86.61 73.83
N LYS UC 82 -99.16 -87.21 74.99
CA LYS UC 82 -98.05 -88.14 75.15
C LYS UC 82 -98.45 -89.57 74.81
N GLN UC 83 -99.70 -89.96 75.00
CA GLN UC 83 -100.22 -91.21 74.47
C GLN UC 83 -100.65 -91.00 73.02
N ASN UC 84 -100.89 -92.12 72.32
CA ASN UC 84 -101.22 -92.19 70.90
C ASN UC 84 -100.18 -91.47 70.06
N HIS UC 85 -98.91 -91.67 70.42
CA HIS UC 85 -97.81 -90.82 70.00
C HIS UC 85 -97.12 -91.27 68.72
N THR UC 86 -95.94 -90.70 68.46
CA THR UC 86 -95.10 -90.90 67.28
C THR UC 86 -95.79 -90.55 65.97
N ASN UC 87 -96.11 -89.27 65.76
CA ASN UC 87 -96.67 -88.79 64.50
C ASN UC 87 -95.63 -87.91 63.81
N ASN UC 88 -95.77 -87.77 62.49
CA ASN UC 88 -94.89 -86.90 61.72
C ASN UC 88 -95.72 -86.01 60.79
N VAL UC 89 -95.10 -84.94 60.31
CA VAL UC 89 -95.76 -83.91 59.53
C VAL UC 89 -95.15 -83.90 58.13
N ILE UC 90 -96.00 -84.00 57.12
CA ILE UC 90 -95.58 -83.87 55.73
C ILE UC 90 -96.17 -82.57 55.20
N PHE UC 91 -95.31 -81.68 54.70
CA PHE UC 91 -95.79 -80.43 54.15
C PHE UC 91 -96.02 -80.54 52.65
N TYR UC 92 -96.94 -79.72 52.15
CA TYR UC 92 -97.30 -79.71 50.74
C TYR UC 92 -97.42 -78.26 50.28
N LEU UC 93 -96.62 -77.87 49.31
CA LEU UC 93 -96.66 -76.52 48.75
C LEU UC 93 -97.03 -76.68 47.27
N LEU UC 94 -98.27 -76.36 46.93
CA LEU UC 94 -98.83 -76.70 45.64
C LEU UC 94 -98.94 -75.45 44.76
N ARG UC 95 -98.69 -75.62 43.47
CA ARG UC 95 -99.00 -74.58 42.49
C ARG UC 95 -100.41 -74.84 41.97
N ASP UC 96 -101.35 -73.97 42.35
CA ASP UC 96 -102.75 -74.14 41.97
C ASP UC 96 -102.98 -73.51 40.60
N ARG UC 97 -103.98 -74.04 39.90
CA ARG UC 97 -104.31 -73.60 38.54
C ARG UC 97 -105.56 -72.74 38.47
N ARG UC 98 -106.54 -72.94 39.35
CA ARG UC 98 -107.79 -72.21 39.29
C ARG UC 98 -108.39 -72.15 40.69
N PRO UC 99 -109.10 -71.07 41.03
CA PRO UC 99 -109.79 -71.03 42.33
C PRO UC 99 -111.25 -71.41 42.23
N TYR UC 100 -111.89 -71.68 43.37
CA TYR UC 100 -113.35 -71.72 43.49
C TYR UC 100 -113.72 -71.05 44.81
N GLY UC 101 -113.87 -69.72 44.77
CA GLY UC 101 -114.24 -68.95 45.94
C GLY UC 101 -113.25 -69.05 47.08
N ASN UC 102 -113.63 -69.79 48.11
CA ASN UC 102 -112.76 -70.09 49.24
C ASN UC 102 -111.80 -71.24 48.89
N ALA UC 103 -111.14 -71.78 49.90
CA ALA UC 103 -110.21 -72.88 49.67
C ALA UC 103 -110.96 -74.18 49.44
N PRO UC 104 -110.50 -75.03 48.51
CA PRO UC 104 -111.18 -76.31 48.28
C PRO UC 104 -110.85 -77.35 49.34
N GLN UC 105 -111.33 -78.57 49.14
CA GLN UC 105 -111.05 -79.66 50.06
C GLN UC 105 -109.59 -80.09 49.97
N ASP UC 106 -109.17 -80.92 50.93
CA ASP UC 106 -107.87 -81.57 50.83
C ASP UC 106 -108.02 -83.06 50.51
N PHE UC 107 -108.73 -83.81 51.36
CA PHE UC 107 -108.82 -85.26 51.18
C PHE UC 107 -109.69 -85.62 49.99
N GLY UC 108 -110.62 -84.75 49.62
CA GLY UC 108 -111.35 -84.91 48.37
C GLY UC 108 -110.67 -84.31 47.17
N GLN UC 109 -109.48 -83.73 47.34
CA GLN UC 109 -108.75 -83.15 46.23
C GLN UC 109 -107.45 -83.89 45.92
N ILE UC 110 -106.56 -84.06 46.91
CA ILE UC 110 -105.47 -84.99 46.72
C ILE UC 110 -105.98 -86.41 46.90
N PHE UC 111 -105.23 -87.37 46.33
CA PHE UC 111 -105.84 -88.63 45.90
C PHE UC 111 -106.08 -89.58 47.08
N ASN UC 112 -105.03 -90.02 47.76
CA ASN UC 112 -105.17 -91.17 48.64
C ASN UC 112 -104.76 -90.74 50.05
N MET UC 113 -104.71 -91.72 50.96
CA MET UC 113 -104.56 -91.46 52.39
C MET UC 113 -103.09 -91.15 52.74
N PHE UC 114 -102.79 -89.85 52.73
CA PHE UC 114 -101.74 -89.15 53.46
C PHE UC 114 -100.33 -89.40 52.92
N ASP UC 115 -100.17 -90.30 51.96
CA ASP UC 115 -98.94 -90.46 51.19
C ASP UC 115 -99.34 -90.56 49.72
N ASN UC 116 -99.43 -89.41 49.06
CA ASN UC 116 -100.14 -89.37 47.79
C ASN UC 116 -99.65 -88.21 46.93
N GLU UC 117 -100.42 -87.96 45.88
CA GLU UC 117 -100.27 -86.93 44.87
C GLU UC 117 -101.67 -86.37 44.62
N PRO UC 118 -101.83 -85.28 43.87
CA PRO UC 118 -103.18 -84.90 43.44
C PRO UC 118 -103.81 -85.93 42.52
N SER UC 119 -105.14 -85.91 42.46
CA SER UC 119 -105.90 -86.89 41.71
C SER UC 119 -105.70 -86.71 40.21
N THR UC 120 -106.06 -87.76 39.46
CA THR UC 120 -105.90 -87.75 38.01
C THR UC 120 -106.84 -86.78 37.32
N ALA UC 121 -107.99 -86.49 37.94
CA ALA UC 121 -108.95 -85.55 37.37
C ALA UC 121 -108.70 -84.11 37.81
N THR UC 122 -107.63 -83.85 38.56
CA THR UC 122 -107.40 -82.54 39.15
C THR UC 122 -106.17 -81.83 38.60
N ILE UC 123 -105.38 -82.49 37.76
CA ILE UC 123 -104.14 -81.90 37.26
C ILE UC 123 -104.43 -80.81 36.23
N PHE UC 131 -104.05 -80.30 40.39
CA PHE UC 131 -103.30 -79.07 40.64
C PHE UC 131 -101.82 -79.41 40.71
N GLN UC 132 -100.97 -78.49 40.27
CA GLN UC 132 -99.55 -78.77 40.26
C GLN UC 132 -98.96 -78.71 41.67
N VAL UC 133 -97.82 -79.37 41.83
CA VAL UC 133 -97.10 -79.46 43.08
C VAL UC 133 -95.80 -78.71 42.88
N LEU UC 134 -95.26 -78.11 43.95
CA LEU UC 134 -93.88 -77.62 43.86
C LEU UC 134 -92.90 -78.52 44.60
N ARG UC 135 -93.03 -78.65 45.93
CA ARG UC 135 -92.16 -79.52 46.71
C ARG UC 135 -92.89 -80.00 47.96
N LYS UC 136 -92.18 -80.81 48.76
CA LYS UC 136 -92.65 -81.36 50.02
C LYS UC 136 -91.62 -81.06 51.11
N PHE UC 137 -91.99 -81.37 52.36
CA PHE UC 137 -91.06 -81.26 53.48
C PHE UC 137 -91.34 -82.38 54.47
N HIS UC 138 -90.56 -82.42 55.54
CA HIS UC 138 -90.71 -83.42 56.60
C HIS UC 138 -90.54 -82.76 57.95
N ALA UC 139 -91.25 -83.32 58.95
CA ALA UC 139 -91.11 -82.90 60.34
C ALA UC 139 -91.59 -84.07 61.18
N THR UC 140 -90.69 -84.64 61.99
CA THR UC 140 -90.97 -85.86 62.75
C THR UC 140 -90.89 -85.57 64.24
N VAL UC 141 -92.04 -85.55 64.91
CA VAL UC 141 -92.10 -85.30 66.34
C VAL UC 141 -92.59 -86.56 67.06
N VAL UC 142 -91.65 -87.30 67.64
CA VAL UC 142 -91.98 -88.57 68.26
C VAL UC 142 -91.76 -88.50 69.77
N GLY UC 143 -92.82 -88.26 70.52
CA GLY UC 143 -92.68 -88.19 71.97
C GLY UC 143 -93.74 -88.94 72.75
N GLY UC 144 -93.33 -89.97 73.49
CA GLY UC 144 -94.28 -90.73 74.29
C GLY UC 144 -94.06 -90.55 75.78
N LEU UC 145 -93.49 -91.56 76.43
CA LEU UC 145 -93.20 -91.48 77.85
C LEU UC 145 -91.79 -92.02 78.09
N TYR UC 146 -91.28 -91.73 79.30
CA TYR UC 146 -90.03 -92.22 79.88
C TYR UC 146 -88.77 -91.81 79.14
N CYS UC 147 -88.81 -90.99 78.10
CA CYS UC 147 -87.62 -90.18 77.84
C CYS UC 147 -87.99 -88.69 77.76
N MET UC 148 -89.02 -88.22 77.02
CA MET UC 148 -89.62 -88.77 75.80
C MET UC 148 -88.86 -88.10 74.63
N LYS UC 149 -88.25 -88.91 73.78
CA LYS UC 149 -87.25 -88.33 72.88
C LYS UC 149 -87.82 -88.08 71.49
N GLU UC 150 -88.57 -86.97 71.39
CA GLU UC 150 -88.50 -85.90 70.40
C GLU UC 150 -89.61 -84.90 70.68
N GLN UC 151 -89.40 -83.66 70.23
CA GLN UC 151 -90.27 -82.51 70.49
C GLN UC 151 -90.06 -81.47 69.40
N ALA UC 152 -90.38 -80.21 69.73
CA ALA UC 152 -90.37 -79.03 68.87
C ALA UC 152 -89.15 -78.95 67.97
N LEU UC 153 -89.38 -79.00 66.66
CA LEU UC 153 -88.31 -78.92 65.67
C LEU UC 153 -88.41 -77.57 64.96
N VAL UC 154 -87.26 -77.04 64.53
CA VAL UC 154 -87.25 -75.76 63.83
C VAL UC 154 -86.94 -76.01 62.36
N LYS UC 155 -87.74 -75.41 61.47
CA LYS UC 155 -87.57 -75.58 60.04
C LYS UC 155 -87.49 -74.21 59.37
N ARG UC 156 -86.38 -73.95 58.68
CA ARG UC 156 -86.24 -72.77 57.83
C ARG UC 156 -85.89 -73.23 56.42
N PHE UC 157 -86.49 -72.58 55.42
CA PHE UC 157 -86.30 -72.97 54.02
C PHE UC 157 -86.43 -71.76 53.12
N TYR UC 158 -85.36 -71.44 52.38
CA TYR UC 158 -85.50 -70.68 51.15
C TYR UC 158 -86.21 -71.54 50.11
N ARG UC 159 -87.12 -70.93 49.35
CA ARG UC 159 -87.87 -71.68 48.34
C ARG UC 159 -88.32 -70.70 47.26
N LEU UC 160 -87.62 -70.70 46.13
CA LEU UC 160 -87.93 -69.78 45.03
C LEU UC 160 -89.15 -70.26 44.25
N ASN UC 161 -89.98 -69.32 43.84
CA ASN UC 161 -91.25 -69.62 43.18
C ASN UC 161 -91.50 -68.57 42.09
N HIS UC 162 -92.73 -68.48 41.61
CA HIS UC 162 -93.04 -67.67 40.43
C HIS UC 162 -94.42 -67.05 40.58
N HIS UC 163 -94.97 -66.56 39.46
CA HIS UC 163 -95.96 -65.50 39.41
C HIS UC 163 -97.36 -65.94 39.85
N VAL UC 164 -98.15 -64.95 40.28
CA VAL UC 164 -99.52 -65.10 40.77
C VAL UC 164 -100.34 -63.94 40.19
N THR UC 165 -101.59 -64.23 39.79
CA THR UC 165 -102.49 -63.20 39.28
C THR UC 165 -103.75 -63.15 40.14
N TYR UC 166 -104.25 -61.95 40.42
CA TYR UC 166 -105.59 -61.77 40.96
C TYR UC 166 -106.57 -61.38 39.86
N ASN UC 167 -107.83 -61.79 40.03
CA ASN UC 167 -108.85 -61.50 39.02
C ASN UC 167 -109.37 -60.08 39.16
N HIS UC 168 -109.99 -59.77 40.28
CA HIS UC 168 -110.64 -58.48 40.44
C HIS UC 168 -109.63 -57.40 40.82
N GLN UC 169 -110.04 -56.15 40.61
CA GLN UC 169 -109.24 -54.99 40.96
C GLN UC 169 -109.63 -54.43 42.33
N GLU UC 170 -110.17 -55.29 43.19
CA GLU UC 170 -110.62 -54.92 44.51
C GLU UC 170 -109.45 -54.84 45.49
N ALA UC 171 -109.71 -54.26 46.64
CA ALA UC 171 -108.82 -54.38 47.79
C ALA UC 171 -109.28 -55.53 48.68
N GLY UC 172 -109.42 -56.70 48.06
CA GLY UC 172 -110.09 -57.83 48.65
C GLY UC 172 -109.16 -58.94 49.11
N LYS UC 173 -109.78 -59.94 49.72
CA LYS UC 173 -109.10 -61.09 50.29
C LYS UC 173 -108.99 -62.20 49.24
N TYR UC 174 -108.72 -63.43 49.68
CA TYR UC 174 -108.45 -64.59 48.83
C TYR UC 174 -109.60 -65.01 47.91
N GLU UC 175 -110.79 -64.40 48.04
CA GLU UC 175 -111.95 -64.89 47.31
C GLU UC 175 -111.91 -64.55 45.83
N ASN UC 176 -111.21 -63.47 45.45
CA ASN UC 176 -111.25 -62.97 44.08
C ASN UC 176 -110.03 -63.41 43.26
N HIS UC 177 -109.55 -64.63 43.46
CA HIS UC 177 -108.39 -65.13 42.75
C HIS UC 177 -108.72 -65.47 41.30
N THR UC 178 -107.69 -65.89 40.57
CA THR UC 178 -107.77 -66.41 39.20
C THR UC 178 -106.64 -67.42 39.05
N GLU UC 179 -106.25 -67.69 37.80
CA GLU UC 179 -105.15 -68.61 37.46
C GLU UC 179 -103.87 -68.31 38.24
N ASN UC 180 -103.11 -69.39 38.47
CA ASN UC 180 -101.81 -69.39 39.16
C ASN UC 180 -101.92 -68.87 40.59
N ALA UC 181 -102.69 -69.61 41.40
CA ALA UC 181 -102.65 -69.47 42.84
C ALA UC 181 -101.63 -70.45 43.41
N LEU UC 182 -101.31 -70.29 44.69
CA LEU UC 182 -100.44 -71.20 45.40
C LEU UC 182 -100.74 -71.12 46.89
N LEU UC 183 -100.72 -72.27 47.56
CA LEU UC 183 -101.14 -72.35 48.95
C LEU UC 183 -100.51 -73.59 49.57
N LEU UC 184 -100.81 -73.82 50.85
CA LEU UC 184 -100.21 -74.89 51.62
C LEU UC 184 -101.25 -75.87 52.12
N TYR UC 185 -100.81 -77.12 52.27
CA TYR UC 185 -101.55 -78.13 53.02
C TYR UC 185 -100.58 -78.80 53.99
N MET UC 186 -101.05 -79.04 55.20
CA MET UC 186 -100.29 -79.77 56.21
C MET UC 186 -101.05 -81.04 56.56
N ALA UC 187 -100.31 -82.12 56.76
CA ALA UC 187 -100.91 -83.44 56.93
C ALA UC 187 -100.32 -84.15 58.13
N CYS UC 188 -101.19 -84.70 58.97
CA CYS UC 188 -100.80 -85.60 60.04
C CYS UC 188 -101.07 -87.05 59.61
N THR UC 189 -100.34 -87.98 60.21
CA THR UC 189 -100.38 -89.37 59.79
C THR UC 189 -100.95 -90.32 60.84
N HIS UC 190 -101.59 -89.80 61.88
CA HIS UC 190 -102.16 -90.64 62.93
C HIS UC 190 -103.46 -90.02 63.43
N ALA UC 191 -104.30 -90.87 64.03
CA ALA UC 191 -105.66 -90.48 64.41
C ALA UC 191 -105.68 -89.46 65.55
N SER UC 192 -104.66 -89.46 66.41
CA SER UC 192 -104.53 -88.41 67.40
C SER UC 192 -104.12 -87.10 66.72
N ASN UC 193 -104.30 -86.00 67.44
CA ASN UC 193 -103.87 -84.71 66.91
C ASN UC 193 -102.87 -84.05 67.86
N PRO UC 194 -101.60 -84.46 67.87
CA PRO UC 194 -100.64 -83.81 68.77
C PRO UC 194 -100.05 -82.54 68.20
N VAL UC 195 -100.11 -82.35 66.89
CA VAL UC 195 -99.29 -81.37 66.20
C VAL UC 195 -99.86 -79.97 66.43
N TYR UC 196 -99.08 -79.14 67.12
CA TYR UC 196 -99.34 -77.71 67.23
C TYR UC 196 -98.25 -76.98 66.46
N ALA UC 197 -98.48 -76.80 65.17
CA ALA UC 197 -97.51 -76.24 64.26
C ALA UC 197 -97.81 -74.78 63.99
N THR UC 198 -96.92 -73.90 64.43
CA THR UC 198 -97.04 -72.47 64.18
C THR UC 198 -95.90 -72.05 63.27
N LEU UC 199 -96.25 -71.40 62.16
CA LEU UC 199 -95.31 -71.15 61.09
C LEU UC 199 -95.33 -69.67 60.72
N LYS UC 200 -94.14 -69.12 60.52
CA LYS UC 200 -93.97 -67.77 59.99
C LYS UC 200 -93.56 -67.86 58.53
N ILE UC 201 -94.37 -67.30 57.66
CA ILE UC 201 -94.25 -67.51 56.22
C ILE UC 201 -94.04 -66.15 55.57
N ARG UC 202 -92.78 -65.82 55.27
CA ARG UC 202 -92.47 -64.59 54.54
C ARG UC 202 -92.58 -64.82 53.03
N ILE UC 203 -93.33 -63.95 52.37
CA ILE UC 203 -93.27 -63.81 50.92
C ILE UC 203 -92.81 -62.40 50.63
N TYR UC 204 -91.63 -62.27 50.00
CA TYR UC 204 -91.20 -60.99 49.48
C TYR UC 204 -91.06 -61.09 47.97
N PHE UC 205 -91.55 -60.06 47.28
CA PHE UC 205 -91.76 -60.12 45.85
C PHE UC 205 -91.65 -58.74 45.21
N PRO VC 16 -63.30 -105.02 29.70
CA PRO VC 16 -63.40 -103.64 30.20
C PRO VC 16 -63.37 -103.55 31.72
N ASP VC 17 -63.25 -104.70 32.39
CA ASP VC 17 -63.30 -104.75 33.86
C ASP VC 17 -62.02 -105.33 34.45
N ILE VC 18 -61.48 -106.40 33.87
CA ILE VC 18 -60.43 -107.21 34.47
C ILE VC 18 -59.07 -106.93 33.84
N PRO VC 19 -57.99 -106.97 34.61
CA PRO VC 19 -56.64 -106.78 34.04
C PRO VC 19 -55.88 -108.06 33.73
N ARG VC 20 -56.46 -109.25 33.98
CA ARG VC 20 -55.68 -110.49 33.94
C ARG VC 20 -56.03 -111.38 32.77
N GLY VC 21 -57.30 -111.80 32.63
CA GLY VC 21 -57.68 -112.77 31.64
C GLY VC 21 -59.17 -112.78 31.39
N CYS VC 22 -59.55 -113.17 30.16
CA CYS VC 22 -60.91 -113.01 29.65
C CYS VC 22 -61.88 -114.08 30.15
N GLU VC 23 -61.55 -114.78 31.23
CA GLU VC 23 -62.51 -115.63 31.91
C GLU VC 23 -63.65 -114.80 32.50
N GLY VC 24 -64.77 -115.46 32.73
CA GLY VC 24 -65.88 -114.85 33.42
C GLY VC 24 -65.52 -114.56 34.86
N PRO VC 25 -65.94 -113.40 35.39
CA PRO VC 25 -65.65 -113.07 36.79
C PRO VC 25 -66.46 -113.94 37.74
N CYS VC 26 -65.98 -115.16 37.96
CA CYS VC 26 -66.75 -116.18 38.65
C CYS VC 26 -66.80 -115.90 40.15
N LYS VC 27 -67.98 -116.11 40.73
CA LYS VC 27 -68.19 -115.86 42.15
C LYS VC 27 -67.86 -117.11 42.96
N VAL VC 28 -67.09 -116.92 44.02
CA VAL VC 28 -66.87 -117.95 45.04
C VAL VC 28 -67.19 -117.31 46.38
N GLN VC 29 -68.34 -117.66 46.94
CA GLN VC 29 -68.86 -116.98 48.12
C GLN VC 29 -68.60 -117.82 49.36
N SER VC 30 -68.04 -117.16 50.38
CA SER VC 30 -67.79 -117.77 51.67
C SER VC 30 -68.84 -117.23 52.63
N PHE VC 31 -70.04 -117.82 52.57
CA PHE VC 31 -71.05 -117.49 53.56
C PHE VC 31 -70.67 -118.09 54.90
N GLU VC 32 -70.94 -117.34 55.96
CA GLU VC 32 -70.84 -117.86 57.31
C GLU VC 32 -72.16 -117.64 58.03
N GLN VC 33 -72.50 -118.59 58.89
CA GLN VC 33 -73.53 -118.42 59.90
C GLN VC 33 -72.81 -118.72 61.20
N ARG VC 34 -72.11 -117.72 61.72
CA ARG VC 34 -71.16 -117.90 62.80
C ARG VC 34 -71.29 -116.80 63.84
N ASP VC 35 -70.30 -116.74 64.73
CA ASP VC 35 -70.16 -115.66 65.69
C ASP VC 35 -68.66 -115.48 65.94
N ASP VC 36 -68.33 -114.78 67.02
CA ASP VC 36 -66.94 -114.64 67.40
C ASP VC 36 -66.84 -114.72 68.91
N VAL VC 37 -65.64 -114.48 69.41
CA VAL VC 37 -65.41 -114.24 70.84
C VAL VC 37 -64.81 -112.84 70.94
N LYS VC 38 -64.41 -112.43 72.13
CA LYS VC 38 -63.76 -111.13 72.28
C LYS VC 38 -62.44 -111.08 71.54
N HIS VC 39 -61.66 -112.16 71.61
CA HIS VC 39 -60.30 -112.14 71.07
C HIS VC 39 -60.29 -112.24 69.55
N LEU VC 40 -61.04 -113.19 69.00
CA LEU VC 40 -60.83 -113.50 67.59
C LEU VC 40 -62.09 -114.05 66.95
N GLY VC 41 -62.34 -113.60 65.72
CA GLY VC 41 -63.15 -114.35 64.78
C GLY VC 41 -62.34 -114.53 63.52
N ILE VC 42 -61.93 -115.75 63.22
CA ILE VC 42 -60.96 -116.00 62.16
C ILE VC 42 -61.68 -116.58 60.95
N CYS VC 43 -61.36 -116.02 59.78
CA CYS VC 43 -61.99 -116.44 58.53
C CYS VC 43 -60.96 -116.32 57.42
N LYS VC 44 -60.33 -117.43 57.04
CA LYS VC 44 -59.66 -117.47 55.74
C LYS VC 44 -60.71 -117.51 54.65
N VAL VC 45 -60.75 -116.43 53.85
CA VAL VC 45 -61.85 -116.25 52.91
C VAL VC 45 -61.58 -117.05 51.64
N ILE VC 46 -60.33 -117.42 51.40
CA ILE VC 46 -59.94 -118.09 50.16
C ILE VC 46 -59.83 -119.60 50.39
N SER VC 47 -60.54 -120.12 51.39
CA SER VC 47 -60.27 -121.46 51.91
C SER VC 47 -60.79 -122.55 50.99
N ASP VC 48 -62.08 -122.55 50.71
CA ASP VC 48 -62.74 -123.66 50.01
C ASP VC 48 -62.59 -123.60 48.50
N VAL VC 49 -61.61 -122.87 47.96
CA VAL VC 49 -61.45 -122.73 46.51
C VAL VC 49 -60.54 -123.86 46.04
N THR VC 50 -61.14 -124.91 45.49
CA THR VC 50 -60.42 -126.08 44.99
C THR VC 50 -60.46 -126.09 43.46
N ARG VC 51 -59.63 -126.93 42.86
CA ARG VC 51 -59.63 -127.07 41.41
C ARG VC 51 -60.86 -127.85 40.95
N GLY VC 52 -61.56 -127.30 39.97
CA GLY VC 52 -62.73 -127.93 39.42
C GLY VC 52 -63.29 -127.16 38.25
N PRO VC 53 -64.20 -127.79 37.49
CA PRO VC 53 -64.76 -127.11 36.30
C PRO VC 53 -65.82 -126.07 36.64
N GLY VC 54 -66.43 -126.15 37.82
CA GLY VC 54 -67.50 -125.24 38.16
C GLY VC 54 -67.00 -123.83 38.48
N LEU VC 55 -67.95 -122.90 38.58
CA LEU VC 55 -67.63 -121.51 38.86
C LEU VC 55 -67.38 -121.26 40.34
N THR VC 56 -67.65 -122.23 41.21
CA THR VC 56 -67.22 -122.19 42.60
C THR VC 56 -65.85 -122.82 42.80
N HIS VC 57 -65.02 -122.80 41.76
CA HIS VC 57 -63.75 -123.51 41.74
C HIS VC 57 -62.71 -122.61 41.08
N ARG VC 58 -61.57 -123.19 40.72
CA ARG VC 58 -60.44 -122.43 40.20
C ARG VC 58 -59.76 -123.21 39.09
N VAL VC 59 -59.03 -122.47 38.25
CA VAL VC 59 -58.22 -123.04 37.18
C VAL VC 59 -56.77 -122.66 37.46
N GLY VC 60 -55.95 -123.65 37.81
CA GLY VC 60 -54.56 -123.41 38.13
C GLY VC 60 -54.34 -123.02 39.57
N LYS VC 61 -53.39 -122.10 39.81
CA LYS VC 61 -53.06 -121.69 41.16
C LYS VC 61 -52.79 -120.18 41.24
N ARG VC 62 -53.33 -119.40 40.30
CA ARG VC 62 -53.12 -117.97 40.24
C ARG VC 62 -54.45 -117.25 40.29
N PHE VC 63 -54.60 -116.31 41.23
CA PHE VC 63 -55.79 -115.50 41.37
C PHE VC 63 -55.46 -114.04 41.14
N CYS VC 64 -56.48 -113.28 40.75
CA CYS VC 64 -56.49 -111.82 40.87
C CYS VC 64 -57.89 -111.46 41.35
N ILE VC 65 -58.04 -111.33 42.67
CA ILE VC 65 -59.33 -110.99 43.26
C ILE VC 65 -59.71 -109.57 42.85
N LYS VC 66 -60.80 -109.45 42.10
CA LYS VC 66 -61.25 -108.13 41.66
C LYS VC 66 -61.83 -107.34 42.83
N SER VC 67 -62.78 -107.93 43.54
CA SER VC 67 -63.38 -107.23 44.67
C SER VC 67 -63.95 -108.23 45.66
N ILE VC 68 -63.87 -107.87 46.94
CA ILE VC 68 -64.58 -108.55 48.01
C ILE VC 68 -65.83 -107.75 48.33
N TYR VC 69 -66.98 -108.40 48.27
CA TYR VC 69 -68.28 -107.79 48.52
C TYR VC 69 -68.83 -108.36 49.82
N ILE VC 70 -68.77 -107.57 50.89
CA ILE VC 70 -69.12 -108.04 52.22
C ILE VC 70 -70.55 -107.62 52.52
N LEU VC 71 -71.45 -108.61 52.53
CA LEU VC 71 -72.75 -108.46 53.17
C LEU VC 71 -72.67 -108.95 54.60
N GLY VC 72 -73.67 -108.62 55.38
CA GLY VC 72 -73.70 -109.11 56.75
C GLY VC 72 -74.64 -108.38 57.68
N LYS VC 73 -75.31 -109.15 58.54
CA LYS VC 73 -76.14 -108.61 59.60
C LYS VC 73 -75.53 -109.01 60.94
N ILE VC 74 -75.30 -108.02 61.79
CA ILE VC 74 -74.56 -108.20 63.05
C ILE VC 74 -75.53 -107.88 64.17
N TRP VC 75 -75.98 -108.90 64.89
CA TRP VC 75 -77.00 -108.69 65.91
C TRP VC 75 -76.54 -109.24 67.26
N LEU VC 76 -77.40 -109.03 68.24
CA LEU VC 76 -77.34 -109.68 69.53
C LEU VC 76 -78.73 -110.10 70.02
N ASP VC 77 -79.66 -110.36 69.09
CA ASP VC 77 -81.09 -110.43 69.40
C ASP VC 77 -81.49 -111.80 69.92
N GLU VC 78 -80.54 -112.58 70.44
CA GLU VC 78 -80.85 -113.70 71.32
C GLU VC 78 -81.49 -113.14 72.60
N THR VC 79 -82.28 -113.98 73.27
CA THR VC 79 -83.03 -113.54 74.46
C THR VC 79 -82.14 -113.25 75.67
N ILE VC 80 -80.83 -113.50 75.56
CA ILE VC 80 -79.86 -113.22 76.61
C ILE VC 80 -78.97 -112.14 76.01
N LYS VC 81 -77.93 -111.71 76.74
CA LYS VC 81 -76.95 -110.69 76.37
C LYS VC 81 -77.59 -109.32 76.23
N LYS VC 82 -78.59 -109.04 77.06
CA LYS VC 82 -79.03 -107.68 77.34
C LYS VC 82 -78.26 -107.02 78.46
N GLN VC 83 -77.78 -107.79 79.44
CA GLN VC 83 -76.81 -107.31 80.41
C GLN VC 83 -75.40 -107.40 79.82
N ASN VC 84 -74.46 -106.72 80.49
CA ASN VC 84 -73.05 -106.58 80.09
C ASN VC 84 -72.96 -106.02 78.67
N HIS VC 85 -73.80 -105.02 78.39
CA HIS VC 85 -74.11 -104.61 77.03
C HIS VC 85 -73.23 -103.49 76.50
N THR VC 86 -73.66 -102.88 75.39
CA THR VC 86 -72.97 -101.83 74.63
C THR VC 86 -71.60 -102.25 74.12
N ASN VC 87 -71.55 -103.20 73.20
CA ASN VC 87 -70.31 -103.60 72.54
C ASN VC 87 -70.36 -103.19 71.08
N ASN VC 88 -69.19 -103.04 70.46
CA ASN VC 88 -69.10 -102.72 69.05
C ASN VC 88 -68.11 -103.65 68.35
N VAL VC 89 -68.22 -103.70 67.03
CA VAL VC 89 -67.45 -104.64 66.21
C VAL VC 89 -66.53 -103.85 65.31
N ILE VC 90 -65.24 -104.17 65.34
CA ILE VC 90 -64.25 -103.59 64.44
C ILE VC 90 -63.80 -104.69 63.49
N PHE VC 91 -63.94 -104.45 62.19
CA PHE VC 91 -63.52 -105.45 61.21
C PHE VC 91 -62.09 -105.17 60.76
N TYR VC 92 -61.42 -106.24 60.34
CA TYR VC 92 -60.04 -106.18 59.88
C TYR VC 92 -59.90 -107.04 58.64
N LEU VC 93 -59.49 -106.41 57.53
CA LEU VC 93 -59.28 -107.12 56.28
C LEU VC 93 -57.81 -106.94 55.92
N LEU VC 94 -57.02 -107.99 56.11
CA LEU VC 94 -55.57 -107.90 56.07
C LEU VC 94 -55.03 -108.52 54.79
N ARG VC 95 -53.99 -107.90 54.24
CA ARG VC 95 -53.21 -108.51 53.16
C ARG VC 95 -52.07 -109.31 53.80
N ASP VC 96 -52.16 -110.63 53.75
CA ASP VC 96 -51.17 -111.51 54.35
C ASP VC 96 -50.00 -111.71 53.39
N ARG VC 97 -48.82 -111.98 53.96
CA ARG VC 97 -47.61 -112.16 53.20
C ARG VC 97 -47.15 -113.61 53.08
N ARG VC 98 -47.43 -114.47 54.06
CA ARG VC 98 -46.98 -115.85 54.07
C ARG VC 98 -47.93 -116.69 54.91
N PRO VC 99 -48.14 -117.96 54.57
CA PRO VC 99 -48.96 -118.82 55.43
C PRO VC 99 -48.12 -119.67 56.37
N TYR VC 100 -48.77 -120.28 57.37
CA TYR VC 100 -48.21 -121.39 58.14
C TYR VC 100 -49.33 -122.39 58.37
N GLY VC 101 -49.51 -123.31 57.41
CA GLY VC 101 -50.53 -124.33 57.51
C GLY VC 101 -51.93 -123.80 57.61
N ASN VC 102 -52.50 -123.89 58.81
CA ASN VC 102 -53.81 -123.32 59.12
C ASN VC 102 -53.68 -121.83 59.41
N ALA VC 103 -54.74 -121.24 59.95
CA ALA VC 103 -54.73 -119.81 60.25
C ALA VC 103 -53.91 -119.54 61.51
N PRO VC 104 -53.13 -118.45 61.54
CA PRO VC 104 -52.34 -118.14 62.74
C PRO VC 104 -53.18 -117.51 63.84
N GLN VC 105 -52.53 -117.10 64.91
CA GLN VC 105 -53.22 -116.45 66.03
C GLN VC 105 -53.71 -115.05 65.62
N ASP VC 106 -54.55 -114.47 66.47
CA ASP VC 106 -54.91 -113.06 66.33
C ASP VC 106 -54.24 -112.20 67.39
N PHE VC 107 -54.49 -112.50 68.67
CA PHE VC 107 -53.99 -111.64 69.75
C PHE VC 107 -52.48 -111.78 69.91
N GLY VC 108 -51.93 -112.93 69.53
CA GLY VC 108 -50.49 -113.09 69.45
C GLY VC 108 -49.87 -112.64 68.14
N GLN VC 109 -50.68 -112.13 67.21
CA GLN VC 109 -50.18 -111.65 65.93
C GLN VC 109 -50.34 -110.15 65.76
N ILE VC 110 -51.57 -109.62 65.90
CA ILE VC 110 -51.70 -108.17 66.02
C ILE VC 110 -51.30 -107.74 67.43
N PHE VC 111 -51.00 -106.45 67.57
CA PHE VC 111 -50.09 -106.06 68.65
C PHE VC 111 -50.78 -105.94 70.00
N ASN VC 112 -51.76 -105.05 70.14
CA ASN VC 112 -52.22 -104.69 71.47
C ASN VC 112 -53.71 -104.98 71.57
N MET VC 113 -54.31 -104.58 72.69
CA MET VC 113 -55.68 -104.97 73.04
C MET VC 113 -56.71 -104.13 72.26
N PHE VC 114 -57.11 -104.69 71.12
CA PHE VC 114 -58.37 -104.51 70.41
C PHE VC 114 -58.49 -103.15 69.70
N ASP VC 115 -57.54 -102.24 69.89
CA ASP VC 115 -57.40 -101.02 69.10
C ASP VC 115 -55.93 -100.90 68.73
N ASN VC 116 -55.55 -101.50 67.60
CA ASN VC 116 -54.14 -101.75 67.35
C ASN VC 116 -53.86 -101.87 65.86
N GLU VC 117 -52.65 -102.35 65.57
CA GLU VC 117 -52.07 -102.60 64.27
C GLU VC 117 -51.35 -103.94 64.39
N PRO VC 118 -50.85 -104.54 63.30
CA PRO VC 118 -49.95 -105.69 63.46
C PRO VC 118 -48.65 -105.31 64.15
N SER VC 119 -48.00 -106.32 64.73
CA SER VC 119 -46.79 -106.11 65.51
C SER VC 119 -45.62 -105.69 64.63
N THR VC 120 -44.59 -105.15 65.28
CA THR VC 120 -43.41 -104.68 64.56
C THR VC 120 -42.60 -105.81 63.97
N ALA VC 121 -42.67 -107.00 64.55
CA ALA VC 121 -41.95 -108.15 64.03
C ALA VC 121 -42.75 -108.96 63.00
N THR VC 122 -43.93 -108.49 62.63
CA THR VC 122 -44.82 -109.24 61.76
C THR VC 122 -45.05 -108.60 60.41
N ILE VC 123 -44.55 -107.40 60.17
CA ILE VC 123 -44.81 -106.70 58.92
C ILE VC 123 -44.01 -107.32 57.78
N PHE VC 131 -47.90 -108.37 59.00
CA PHE VC 131 -48.71 -108.61 57.82
C PHE VC 131 -49.37 -107.30 57.42
N GLN VC 132 -49.57 -107.11 56.12
CA GLN VC 132 -50.15 -105.85 55.66
C GLN VC 132 -51.65 -105.79 55.95
N VAL VC 133 -52.16 -104.57 55.99
CA VAL VC 133 -53.55 -104.27 56.27
C VAL VC 133 -54.13 -103.70 54.98
N LEU VC 134 -55.42 -103.91 54.73
CA LEU VC 134 -56.07 -103.15 53.68
C LEU VC 134 -56.97 -102.05 54.23
N ARG VC 135 -58.04 -102.40 54.97
CA ARG VC 135 -58.93 -101.41 55.57
C ARG VC 135 -59.57 -101.97 56.83
N LYS VC 136 -60.41 -101.14 57.45
CA LYS VC 136 -61.17 -101.48 58.65
C LYS VC 136 -62.64 -101.15 58.41
N PHE VC 137 -63.49 -101.55 59.36
CA PHE VC 137 -64.91 -101.19 59.32
C PHE VC 137 -65.40 -100.96 60.76
N HIS VC 138 -66.68 -100.62 60.89
CA HIS VC 138 -67.30 -100.39 62.17
C HIS VC 138 -68.70 -101.00 62.19
N ALA VC 139 -69.12 -101.44 63.38
CA ALA VC 139 -70.48 -101.93 63.60
C ALA VC 139 -70.74 -101.80 65.09
N THR VC 140 -71.73 -100.97 65.46
CA THR VC 140 -71.99 -100.64 66.85
C THR VC 140 -73.38 -101.11 67.24
N VAL VC 141 -73.45 -102.16 68.06
CA VAL VC 141 -74.72 -102.72 68.52
C VAL VC 141 -74.85 -102.50 70.02
N VAL VC 142 -75.61 -101.48 70.40
CA VAL VC 142 -75.73 -101.12 71.81
C VAL VC 142 -77.15 -101.36 72.30
N GLY VC 143 -77.38 -102.50 72.95
CA GLY VC 143 -78.70 -102.79 73.46
C GLY VC 143 -78.74 -103.34 74.88
N GLY VC 144 -79.36 -102.58 75.79
CA GLY VC 144 -79.45 -103.05 77.17
C GLY VC 144 -80.87 -103.36 77.58
N LEU VC 145 -81.48 -102.47 78.37
CA LEU VC 145 -82.86 -102.65 78.78
C LEU VC 145 -83.59 -101.32 78.64
N TYR VC 146 -84.92 -101.41 78.70
CA TYR VC 146 -85.89 -100.32 78.75
C TYR VC 146 -85.91 -99.42 77.52
N CYS VC 147 -85.16 -99.68 76.45
CA CYS VC 147 -85.64 -99.21 75.16
C CYS VC 147 -85.74 -100.37 74.15
N MET VC 148 -84.74 -101.26 73.95
CA MET VC 148 -83.28 -101.07 74.12
C MET VC 148 -82.76 -100.62 72.75
N LYS VC 149 -82.12 -99.46 72.71
CA LYS VC 149 -81.92 -98.83 71.40
C LYS VC 149 -80.51 -99.06 70.86
N GLU VC 150 -80.31 -100.27 70.34
CA GLU VC 150 -79.72 -100.63 69.04
C GLU VC 150 -79.68 -102.14 68.92
N GLN VC 151 -79.64 -102.63 67.68
CA GLN VC 151 -79.72 -104.03 67.32
C GLN VC 151 -79.10 -104.23 65.95
N ALA VC 152 -79.51 -105.33 65.28
CA ALA VC 152 -79.02 -105.83 63.99
C ALA VC 152 -78.81 -104.72 62.97
N LEU VC 153 -77.56 -104.53 62.53
CA LEU VC 153 -77.21 -103.54 61.54
C LEU VC 153 -76.82 -104.24 60.25
N VAL VC 154 -77.10 -103.60 59.11
CA VAL VC 154 -76.77 -104.18 57.82
C VAL VC 154 -75.59 -103.43 57.22
N LYS VC 155 -74.58 -104.19 56.75
CA LYS VC 155 -73.38 -103.60 56.18
C LYS VC 155 -73.12 -104.20 54.81
N ARG VC 156 -73.08 -103.35 53.78
CA ARG VC 156 -72.66 -103.74 52.44
C ARG VC 156 -71.50 -102.85 52.02
N PHE VC 157 -70.51 -103.45 51.36
CA PHE VC 157 -69.29 -102.73 50.97
C PHE VC 157 -68.71 -103.33 49.70
N TYR VC 158 -68.63 -102.53 48.64
CA TYR VC 158 -67.66 -102.80 47.58
C TYR VC 158 -66.26 -102.55 48.11
N ARG VC 159 -65.32 -103.43 47.75
CA ARG VC 159 -63.95 -103.29 48.24
C ARG VC 159 -63.01 -103.96 47.23
N LEU VC 160 -62.35 -103.15 46.41
CA LEU VC 160 -61.46 -103.66 45.38
C LEU VC 160 -60.13 -104.11 45.98
N ASN VC 161 -59.59 -105.21 45.45
CA ASN VC 161 -58.38 -105.83 46.01
C ASN VC 161 -57.55 -106.37 44.85
N HIS VC 162 -56.59 -107.23 45.14
CA HIS VC 162 -55.60 -107.67 44.15
C HIS VC 162 -55.25 -109.14 44.40
N HIS VC 163 -54.13 -109.57 43.80
CA HIS VC 163 -53.87 -110.95 43.41
C HIS VC 163 -53.52 -111.85 44.61
N VAL VC 164 -53.75 -113.15 44.40
CA VAL VC 164 -53.51 -114.22 45.38
C VAL VC 164 -52.89 -115.39 44.63
N THR VC 165 -51.93 -116.10 45.25
CA THR VC 165 -51.31 -117.27 44.66
C THR VC 165 -51.50 -118.47 45.59
N TYR VC 166 -51.76 -119.64 45.02
CA TYR VC 166 -51.67 -120.91 45.76
C TYR VC 166 -50.35 -121.61 45.43
N ASN VC 167 -49.85 -122.36 46.42
CA ASN VC 167 -48.57 -123.06 46.24
C ASN VC 167 -48.77 -124.34 45.45
N HIS VC 168 -49.53 -125.28 46.00
CA HIS VC 168 -49.65 -126.60 45.39
C HIS VC 168 -50.67 -126.57 44.25
N GLN VC 169 -50.57 -127.58 43.39
CA GLN VC 169 -51.49 -127.77 42.27
C GLN VC 169 -52.62 -128.73 42.62
N GLU VC 170 -52.94 -128.83 43.91
CA GLU VC 170 -53.96 -129.73 44.42
C GLU VC 170 -55.34 -129.12 44.24
N ALA VC 171 -56.36 -129.95 44.42
CA ALA VC 171 -57.73 -129.48 44.59
C ALA VC 171 -58.04 -129.36 46.09
N GLY VC 172 -57.19 -128.59 46.77
CA GLY VC 172 -57.14 -128.58 48.21
C GLY VC 172 -57.72 -127.30 48.83
N LYS VC 173 -57.75 -127.32 50.15
CA LYS VC 173 -58.31 -126.25 50.96
C LYS VC 173 -57.22 -125.24 51.30
N TYR VC 174 -57.45 -124.40 52.31
CA TYR VC 174 -56.59 -123.28 52.70
C TYR VC 174 -55.18 -123.69 53.15
N GLU VC 175 -54.89 -124.98 53.31
CA GLU VC 175 -53.63 -125.39 53.92
C GLU VC 175 -52.44 -125.20 52.98
N ASN VC 176 -52.65 -125.24 51.67
CA ASN VC 176 -51.56 -125.22 50.70
C ASN VC 176 -51.30 -123.84 50.11
N HIS VC 177 -51.43 -122.79 50.90
CA HIS VC 177 -51.23 -121.43 50.43
C HIS VC 177 -49.74 -121.11 50.22
N THR VC 178 -49.49 -119.91 49.74
CA THR VC 178 -48.16 -119.32 49.58
C THR VC 178 -48.33 -117.81 49.76
N GLU VC 179 -47.36 -117.05 49.23
CA GLU VC 179 -47.36 -115.58 49.27
C GLU VC 179 -48.67 -114.97 48.78
N ASN VC 180 -48.98 -113.81 49.35
CA ASN VC 180 -50.16 -112.98 49.04
C ASN VC 180 -51.47 -113.73 49.32
N ALA VC 181 -51.66 -114.05 50.60
CA ALA VC 181 -52.97 -114.46 51.10
C ALA VC 181 -53.70 -113.24 51.63
N LEU VC 182 -54.99 -113.42 51.91
CA LEU VC 182 -55.81 -112.37 52.51
C LEU VC 182 -56.98 -113.02 53.24
N LEU VC 183 -57.32 -112.47 54.40
CA LEU VC 183 -58.32 -113.08 55.27
C LEU VC 183 -58.88 -112.01 56.19
N LEU VC 184 -59.81 -112.42 57.06
CA LEU VC 184 -60.52 -111.51 57.93
C LEU VC 184 -60.27 -111.82 59.40
N TYR VC 185 -60.32 -110.78 60.22
CA TYR VC 185 -60.43 -110.90 61.66
C TYR VC 185 -61.56 -110.01 62.14
N MET VC 186 -62.34 -110.52 63.09
CA MET VC 186 -63.40 -109.76 63.72
C MET VC 186 -63.09 -109.64 65.20
N ALA VC 187 -63.38 -108.47 65.78
CA ALA VC 187 -62.97 -108.18 67.14
C ALA VC 187 -64.12 -107.60 67.93
N CYS VC 188 -64.34 -108.14 69.13
CA CYS VC 188 -65.25 -107.56 70.10
C CYS VC 188 -64.45 -106.79 71.15
N THR VC 189 -65.10 -105.82 71.79
CA THR VC 189 -64.42 -104.90 72.69
C THR VC 189 -64.87 -105.02 74.14
N HIS VC 190 -65.60 -106.08 74.50
CA HIS VC 190 -66.06 -106.27 75.86
C HIS VC 190 -66.04 -107.74 76.22
N ALA VC 191 -65.99 -108.01 77.53
CA ALA VC 191 -65.80 -109.37 78.03
C ALA VC 191 -66.99 -110.28 77.76
N SER VC 192 -68.20 -109.72 77.65
CA SER VC 192 -69.34 -110.51 77.21
C SER VC 192 -69.21 -110.82 75.72
N ASN VC 193 -69.99 -111.80 75.28
CA ASN VC 193 -70.00 -112.11 73.85
C ASN VC 193 -71.41 -112.00 73.29
N PRO VC 194 -71.92 -110.79 73.01
CA PRO VC 194 -73.27 -110.68 72.45
C PRO VC 194 -73.31 -110.86 70.95
N VAL VC 195 -72.19 -110.69 70.26
CA VAL VC 195 -72.17 -110.50 68.82
C VAL VC 195 -72.41 -111.82 68.12
N TYR VC 196 -73.54 -111.92 67.42
CA TYR VC 196 -73.83 -113.00 66.50
C TYR VC 196 -73.81 -112.43 65.08
N ALA VC 197 -72.61 -112.40 64.50
CA ALA VC 197 -72.38 -111.77 63.20
C ALA VC 197 -72.33 -112.82 62.11
N THR VC 198 -73.31 -112.79 61.21
CA THR VC 198 -73.33 -113.68 60.05
C THR VC 198 -73.15 -112.85 58.80
N LEU VC 199 -72.17 -113.23 57.98
CA LEU VC 199 -71.72 -112.40 56.87
C LEU VC 199 -71.70 -113.22 55.59
N LYS VC 200 -72.19 -112.60 54.52
CA LYS VC 200 -72.11 -113.15 53.18
C LYS VC 200 -71.01 -112.43 52.42
N ILE VC 201 -70.00 -113.17 51.98
CA ILE VC 201 -68.77 -112.60 51.47
C ILE VC 201 -68.59 -113.09 50.04
N ARG VC 202 -68.96 -112.27 49.06
CA ARG VC 202 -68.74 -112.60 47.66
C ARG VC 202 -67.34 -112.17 47.23
N ILE VC 203 -66.60 -113.11 46.63
CA ILE VC 203 -65.41 -112.78 45.87
C ILE VC 203 -65.67 -113.21 44.44
N TYR VC 204 -65.68 -112.25 43.51
CA TYR VC 204 -65.71 -112.57 42.09
C TYR VC 204 -64.44 -112.02 41.45
N PHE VC 205 -63.84 -112.84 40.59
CA PHE VC 205 -62.49 -112.61 40.11
C PHE VC 205 -62.28 -113.21 38.72
N ALA WC 1 -6.35 -11.00 45.17
CA ALA WC 1 -6.69 -11.32 43.79
C ALA WC 1 -6.27 -10.18 42.87
N PRO WC 2 -5.75 -10.51 41.68
CA PRO WC 2 -5.22 -9.47 40.78
C PRO WC 2 -6.35 -8.63 40.17
N MET WC 3 -6.32 -7.33 40.50
CA MET WC 3 -7.23 -6.30 39.98
C MET WC 3 -8.69 -6.61 40.30
N TYR WC 4 -8.99 -6.58 41.62
CA TYR WC 4 -10.34 -6.40 42.12
C TYR WC 4 -11.02 -5.21 41.46
N ARG WC 5 -12.30 -5.36 41.10
CA ARG WC 5 -12.97 -4.27 40.39
C ARG WC 5 -14.41 -3.94 40.82
N LYS WC 6 -14.76 -3.71 42.10
CA LYS WC 6 -14.10 -3.96 43.38
C LYS WC 6 -14.18 -5.43 43.87
N PRO WC 7 -15.24 -6.19 43.56
CA PRO WC 7 -15.10 -7.64 43.55
C PRO WC 7 -14.62 -8.11 42.18
N THR WC 8 -14.07 -9.33 42.16
CA THR WC 8 -13.41 -9.83 40.96
C THR WC 8 -14.42 -10.26 39.92
N MET WC 9 -14.30 -9.72 38.72
CA MET WC 9 -14.83 -10.38 37.54
C MET WC 9 -13.76 -11.30 36.98
N TYR WC 10 -14.08 -11.92 35.84
CA TYR WC 10 -13.39 -13.11 35.33
C TYR WC 10 -13.27 -14.19 36.40
N ARG WC 11 -14.33 -14.39 37.18
CA ARG WC 11 -14.43 -15.55 38.06
C ARG WC 11 -15.51 -16.48 37.51
N MET WC 12 -16.78 -16.07 37.54
CA MET WC 12 -17.75 -16.10 36.43
C MET WC 12 -17.91 -17.43 35.66
N TYR WC 13 -17.21 -18.49 36.02
CA TYR WC 13 -17.02 -19.60 35.07
C TYR WC 13 -16.89 -20.91 35.83
N ARG WC 14 -16.42 -21.94 35.12
CA ARG WC 14 -16.32 -23.30 35.63
C ARG WC 14 -15.16 -23.41 36.61
N SER WC 15 -15.44 -23.88 37.82
CA SER WC 15 -14.42 -24.24 38.79
C SER WC 15 -14.98 -25.32 39.70
N PRO WC 16 -14.32 -26.39 39.88
CA PRO WC 16 -14.82 -27.42 40.79
C PRO WC 16 -14.60 -27.06 42.26
N ASP WC 17 -15.51 -26.26 42.82
CA ASP WC 17 -15.38 -25.85 44.21
C ASP WC 17 -16.50 -26.42 45.07
N ILE WC 18 -17.73 -25.90 44.92
CA ILE WC 18 -18.82 -25.95 45.90
C ILE WC 18 -20.01 -25.29 45.20
N PRO WC 19 -21.26 -25.31 45.72
CA PRO WC 19 -22.34 -24.59 45.02
C PRO WC 19 -22.33 -23.08 45.12
N ARG WC 20 -22.16 -22.47 46.31
CA ARG WC 20 -22.62 -21.09 46.50
C ARG WC 20 -21.56 -20.04 46.26
N GLY WC 21 -20.47 -20.06 47.02
CA GLY WC 21 -19.41 -19.08 46.83
C GLY WC 21 -18.72 -19.29 45.49
N CYS WC 22 -18.12 -18.24 44.96
CA CYS WC 22 -17.57 -18.36 43.62
C CYS WC 22 -16.09 -18.07 43.56
N GLU WC 23 -15.57 -17.31 44.51
CA GLU WC 23 -14.27 -16.67 44.39
C GLU WC 23 -13.13 -17.67 44.56
N GLY WC 24 -11.91 -17.13 44.63
CA GLY WC 24 -10.73 -17.90 44.97
C GLY WC 24 -10.90 -18.56 46.32
N PRO WC 25 -10.62 -19.88 46.38
CA PRO WC 25 -10.95 -20.64 47.58
C PRO WC 25 -10.09 -20.27 48.76
N CYS WC 26 -10.48 -19.18 49.41
CA CYS WC 26 -9.54 -18.41 50.20
C CYS WC 26 -9.30 -19.05 51.55
N LYS WC 27 -8.03 -19.11 51.95
CA LYS WC 27 -7.67 -19.75 53.20
C LYS WC 27 -7.78 -18.74 54.35
N VAL WC 28 -8.38 -19.19 55.45
CA VAL WC 28 -8.33 -18.49 56.72
C VAL WC 28 -7.78 -19.47 57.73
N GLN WC 29 -6.60 -19.17 58.24
CA GLN WC 29 -6.07 -19.96 59.34
C GLN WC 29 -6.80 -19.60 60.62
N SER WC 30 -6.97 -20.57 61.49
CA SER WC 30 -7.12 -20.34 62.92
C SER WC 30 -5.99 -21.11 63.62
N PHE WC 31 -4.81 -20.52 63.63
CA PHE WC 31 -3.73 -21.09 64.41
C PHE WC 31 -3.99 -20.87 65.90
N GLU WC 32 -3.66 -21.88 66.69
CA GLU WC 32 -3.66 -21.76 68.13
C GLU WC 32 -2.29 -22.15 68.65
N GLN WC 33 -1.87 -21.46 69.71
CA GLN WC 33 -0.77 -21.89 70.56
C GLN WC 33 -1.39 -21.95 71.95
N ARG WC 34 -2.06 -23.07 72.23
CA ARG WC 34 -2.94 -23.18 73.39
C ARG WC 34 -2.74 -24.51 74.08
N ASP WC 35 -3.65 -24.83 75.00
CA ASP WC 35 -3.75 -26.12 75.64
C ASP WC 35 -5.22 -26.37 75.93
N ASP WC 36 -5.49 -27.33 76.81
CA ASP WC 36 -6.85 -27.58 77.25
C ASP WC 36 -6.84 -27.91 78.73
N VAL WC 37 -8.00 -28.29 79.24
CA VAL WC 37 -8.13 -28.90 80.56
C VAL WC 37 -8.74 -30.27 80.32
N LYS WC 38 -9.06 -31.00 81.40
CA LYS WC 38 -9.71 -32.30 81.23
C LYS WC 38 -11.10 -32.15 80.61
N HIS WC 39 -11.84 -31.12 81.02
CA HIS WC 39 -13.23 -31.01 80.60
C HIS WC 39 -13.37 -30.49 79.17
N LEU WC 40 -12.64 -29.43 78.83
CA LEU WC 40 -12.95 -28.76 77.58
C LEU WC 40 -11.74 -28.05 77.02
N GLY WC 41 -11.59 -28.15 75.70
CA GLY WC 41 -10.83 -27.17 74.94
C GLY WC 41 -11.73 -26.67 73.84
N ILE WC 42 -12.14 -25.41 73.92
CA ILE WC 42 -13.18 -24.88 73.03
C ILE WC 42 -12.54 -24.00 71.97
N CYS WC 43 -12.95 -24.22 70.72
CA CYS WC 43 -12.42 -23.48 69.59
C CYS WC 43 -13.53 -23.31 68.57
N LYS WC 44 -14.15 -22.13 68.54
CA LYS WC 44 -14.93 -21.75 67.37
C LYS WC 44 -13.96 -21.41 66.24
N VAL WC 45 -14.03 -22.18 65.15
CA VAL WC 45 -13.03 -22.12 64.09
C VAL WC 45 -13.35 -21.03 63.06
N ILE WC 46 -14.43 -20.27 63.28
CA ILE WC 46 -14.96 -19.37 62.27
C ILE WC 46 -14.80 -17.89 62.67
N SER WC 47 -14.24 -17.63 63.87
CA SER WC 47 -14.32 -16.32 64.51
C SER WC 47 -13.57 -15.23 63.74
N ASP WC 48 -12.42 -15.56 63.15
CA ASP WC 48 -11.61 -14.53 62.50
C ASP WC 48 -12.14 -14.09 61.14
N VAL WC 49 -13.04 -14.86 60.52
CA VAL WC 49 -13.46 -14.52 59.16
C VAL WC 49 -14.48 -13.39 59.26
N THR WC 50 -14.03 -12.19 58.94
CA THR WC 50 -14.85 -10.99 58.97
C THR WC 50 -15.05 -10.48 57.55
N ARG WC 51 -15.82 -9.40 57.42
CA ARG WC 51 -16.04 -8.81 56.12
C ARG WC 51 -14.78 -8.13 55.62
N GLY WC 52 -14.42 -8.41 54.38
CA GLY WC 52 -13.33 -7.74 53.73
C GLY WC 52 -13.20 -8.21 52.30
N PRO WC 53 -12.60 -7.39 51.44
CA PRO WC 53 -12.28 -7.84 50.08
C PRO WC 53 -11.06 -8.74 50.02
N GLY WC 54 -10.29 -8.86 51.11
CA GLY WC 54 -9.07 -9.62 51.09
C GLY WC 54 -9.29 -11.12 51.05
N LEU WC 55 -8.21 -11.85 50.79
CA LEU WC 55 -8.25 -13.30 50.63
C LEU WC 55 -8.12 -14.05 51.94
N THR WC 56 -8.38 -13.41 53.07
CA THR WC 56 -8.62 -14.07 54.35
C THR WC 56 -9.93 -13.57 54.95
N HIS WC 57 -10.92 -13.33 54.10
CA HIS WC 57 -12.13 -12.64 54.49
C HIS WC 57 -13.32 -13.28 53.77
N ARG WC 58 -14.44 -12.56 53.76
CA ARG WC 58 -15.68 -13.01 53.16
C ARG WC 58 -16.39 -11.82 52.53
N VAL WC 59 -17.39 -12.13 51.71
CA VAL WC 59 -18.31 -11.14 51.17
C VAL WC 59 -19.72 -11.61 51.49
N GLY WC 60 -20.44 -10.84 52.29
CA GLY WC 60 -21.72 -11.29 52.76
C GLY WC 60 -21.56 -12.32 53.86
N LYS WC 61 -22.65 -13.02 54.15
CA LYS WC 61 -22.74 -13.87 55.34
C LYS WC 61 -22.81 -15.35 54.98
N ARG WC 62 -22.34 -15.74 53.80
CA ARG WC 62 -22.52 -17.10 53.31
C ARG WC 62 -21.18 -17.77 53.06
N PHE WC 63 -21.00 -18.98 53.62
CA PHE WC 63 -19.83 -19.80 53.39
C PHE WC 63 -20.24 -21.12 52.74
N CYS WC 64 -19.27 -21.76 52.08
CA CYS WC 64 -19.28 -23.21 51.80
C CYS WC 64 -17.86 -23.68 52.06
N ILE WC 65 -17.60 -24.15 53.28
CA ILE WC 65 -16.27 -24.63 53.65
C ILE WC 65 -15.96 -25.89 52.86
N LYS WC 66 -14.93 -25.81 52.02
CA LYS WC 66 -14.53 -26.95 51.21
C LYS WC 66 -13.88 -28.01 52.08
N SER WC 67 -12.86 -27.65 52.85
CA SER WC 67 -12.20 -28.61 53.70
C SER WC 67 -11.54 -27.92 54.88
N ILE WC 68 -11.53 -28.61 56.01
CA ILE WC 68 -10.74 -28.24 57.17
C ILE WC 68 -9.48 -29.09 57.16
N TYR WC 69 -8.33 -28.44 57.19
CA TYR WC 69 -7.02 -29.10 57.17
C TYR WC 69 -6.37 -28.89 58.53
N ILE WC 70 -6.36 -29.94 59.35
CA ILE WC 70 -5.91 -29.85 60.72
C ILE WC 70 -4.46 -30.31 60.79
N LEU WC 71 -3.55 -29.38 61.01
CA LEU WC 71 -2.21 -29.68 61.48
C LEU WC 71 -2.18 -29.59 62.99
N GLY WC 72 -1.12 -30.12 63.58
CA GLY WC 72 -0.99 -30.01 65.02
C GLY WC 72 0.02 -30.95 65.65
N LYS WC 73 0.75 -30.45 66.64
CA LYS WC 73 1.65 -31.25 67.45
C LYS WC 73 1.15 -31.22 68.89
N ILE WC 74 0.95 -32.41 69.45
CA ILE WC 74 0.33 -32.58 70.76
C ILE WC 74 1.37 -33.19 71.68
N TRP WC 75 1.89 -32.40 72.61
CA TRP WC 75 2.98 -32.86 73.46
C TRP WC 75 2.62 -32.69 74.93
N LEU WC 76 3.56 -33.17 75.76
CA LEU WC 76 3.60 -32.88 77.18
C LEU WC 76 5.03 -32.60 77.65
N ASP WC 77 5.89 -32.10 76.76
CA ASP WC 77 7.33 -32.12 76.97
C ASP WC 77 7.81 -30.93 77.81
N GLU WC 78 6.91 -30.33 78.58
CA GLU WC 78 7.29 -29.49 79.71
C GLU WC 78 8.03 -30.35 80.74
N THR WC 79 8.88 -29.73 81.56
CA THR WC 79 9.70 -30.46 82.52
C THR WC 79 8.89 -31.08 83.67
N ILE WC 80 7.59 -30.82 83.73
CA ILE WC 80 6.69 -31.36 84.74
C ILE WC 80 5.74 -32.26 83.93
N LYS WC 81 4.75 -32.86 84.60
CA LYS WC 81 3.74 -33.76 84.04
C LYS WC 81 4.35 -35.04 83.49
N LYS WC 82 5.40 -35.53 84.14
CA LYS WC 82 5.83 -36.91 84.00
C LYS WC 82 5.13 -37.84 84.97
N GLN WC 83 4.74 -37.37 86.15
CA GLN WC 83 3.84 -38.11 87.03
C GLN WC 83 2.39 -37.86 86.59
N ASN WC 84 1.49 -38.70 87.13
CA ASN WC 84 0.06 -38.73 86.80
C ASN WC 84 -0.15 -38.89 85.29
N HIS WC 85 0.65 -39.77 84.70
CA HIS WC 85 0.85 -39.81 83.26
C HIS WC 85 -0.09 -40.75 82.52
N THR WC 86 0.25 -41.03 81.25
CA THR WC 86 -0.51 -41.83 80.30
C THR WC 86 -1.90 -41.31 80.02
N ASN WC 87 -2.02 -40.13 79.39
CA ASN WC 87 -3.29 -39.58 78.97
C ASN WC 87 -3.35 -39.59 77.44
N ASN WC 88 -4.56 -39.56 76.91
CA ASN WC 88 -4.76 -39.49 75.46
C ASN WC 88 -5.78 -38.41 75.12
N VAL WC 89 -5.78 -38.01 73.85
CA VAL WC 89 -6.59 -36.89 73.38
C VAL WC 89 -7.60 -37.42 72.37
N ILE WC 90 -8.87 -37.12 72.58
CA ILE WC 90 -9.93 -37.43 71.63
C ILE WC 90 -10.42 -36.12 71.05
N PHE WC 91 -10.38 -36.00 69.73
CA PHE WC 91 -10.86 -34.79 69.09
C PHE WC 91 -12.33 -34.94 68.69
N TYR WC 92 -13.01 -33.79 68.62
CA TYR WC 92 -14.42 -33.74 68.28
C TYR WC 92 -14.65 -32.58 67.33
N LEU WC 93 -15.13 -32.88 66.12
CA LEU WC 93 -15.42 -31.87 65.12
C LEU WC 93 -16.93 -31.96 64.85
N LEU WC 94 -17.68 -30.99 65.37
CA LEU WC 94 -19.14 -31.08 65.42
C LEU WC 94 -19.76 -30.15 64.40
N ARG WC 95 -20.86 -30.59 63.78
CA ARG WC 95 -21.69 -29.71 62.96
C ARG WC 95 -22.76 -29.13 63.87
N ASP WC 96 -22.66 -27.83 64.17
CA ASP WC 96 -23.59 -27.16 65.07
C ASP WC 96 -24.82 -26.70 64.29
N ARG WC 97 -25.95 -26.61 65.00
CA ARG WC 97 -27.22 -26.24 64.39
C ARG WC 97 -27.66 -24.82 64.72
N ARG WC 98 -27.30 -24.24 65.90
CA ARG WC 98 -27.44 -22.80 66.14
C ARG WC 98 -26.53 -22.40 67.30
N PRO WC 99 -26.04 -21.16 67.32
CA PRO WC 99 -25.33 -20.68 68.50
C PRO WC 99 -26.28 -20.12 69.56
N TYR WC 100 -25.89 -20.24 70.82
CA TYR WC 100 -26.63 -19.64 71.94
C TYR WC 100 -25.80 -18.46 72.44
N GLY WC 101 -25.97 -17.31 71.79
CA GLY WC 101 -25.17 -16.15 72.11
C GLY WC 101 -23.70 -16.34 71.77
N ASN WC 102 -22.86 -16.48 72.79
CA ASN WC 102 -21.44 -16.69 72.61
C ASN WC 102 -21.13 -18.19 72.71
N ALA WC 103 -19.85 -18.53 72.86
CA ALA WC 103 -19.42 -19.93 72.83
C ALA WC 103 -19.88 -20.68 74.08
N PRO WC 104 -20.47 -21.87 73.92
CA PRO WC 104 -20.99 -22.63 75.08
C PRO WC 104 -19.97 -23.56 75.73
N GLN WC 105 -20.43 -24.31 76.73
CA GLN WC 105 -19.62 -25.24 77.51
C GLN WC 105 -19.36 -26.53 76.73
N ASP WC 106 -18.70 -27.49 77.39
CA ASP WC 106 -18.59 -28.84 76.86
C ASP WC 106 -19.16 -29.89 77.81
N PHE WC 107 -18.74 -29.92 79.08
CA PHE WC 107 -19.29 -30.94 80.00
C PHE WC 107 -20.76 -30.68 80.29
N GLY WC 108 -21.20 -29.44 80.20
CA GLY WC 108 -22.61 -29.16 80.15
C GLY WC 108 -23.24 -29.33 78.78
N GLN WC 109 -22.49 -29.84 77.79
CA GLN WC 109 -22.99 -29.94 76.42
C GLN WC 109 -23.01 -31.36 75.90
N ILE WC 110 -21.90 -32.09 75.95
CA ILE WC 110 -21.93 -33.50 75.53
C ILE WC 110 -22.41 -34.36 76.69
N PHE WC 111 -22.86 -35.58 76.42
CA PHE WC 111 -23.70 -36.26 77.41
C PHE WC 111 -22.91 -36.73 78.63
N ASN WC 112 -21.94 -37.62 78.45
CA ASN WC 112 -21.39 -38.33 79.59
C ASN WC 112 -19.89 -38.07 79.65
N MET WC 113 -19.21 -38.76 80.57
CA MET WC 113 -17.82 -38.46 80.91
C MET WC 113 -16.86 -39.05 79.86
N PHE WC 114 -16.53 -38.20 78.89
CA PHE WC 114 -15.32 -38.19 78.05
C PHE WC 114 -15.29 -39.30 77.01
N ASP WC 115 -16.23 -40.24 77.02
CA ASP WC 115 -16.46 -41.20 75.94
C ASP WC 115 -17.95 -41.22 75.67
N ASN WC 116 -18.41 -40.34 74.78
CA ASN WC 116 -19.82 -40.04 74.70
C ASN WC 116 -20.21 -39.52 73.32
N GLU WC 117 -21.42 -38.99 73.26
CA GLU WC 117 -22.10 -38.39 72.13
C GLU WC 117 -22.79 -37.14 72.66
N PRO WC 118 -23.36 -36.28 71.82
CA PRO WC 118 -24.23 -35.22 72.34
C PRO WC 118 -25.48 -35.77 73.00
N SER WC 119 -26.07 -34.96 73.88
CA SER WC 119 -27.21 -35.38 74.67
C SER WC 119 -28.45 -35.55 73.80
N THR WC 120 -29.44 -36.25 74.35
CA THR WC 120 -30.68 -36.52 73.63
C THR WC 120 -31.52 -35.26 73.41
N ALA WC 121 -31.39 -34.28 74.29
CA ALA WC 121 -32.12 -33.02 74.15
C ALA WC 121 -31.39 -31.98 73.33
N THR WC 122 -30.25 -32.33 72.75
CA THR WC 122 -29.41 -31.36 72.06
C THR WC 122 -29.29 -31.61 70.57
N ILE WC 123 -29.83 -32.71 70.05
CA ILE WC 123 -29.68 -33.05 68.64
C ILE WC 123 -30.55 -32.15 67.77
N PHE WC 131 -26.56 -31.45 68.94
CA PHE WC 131 -25.83 -30.89 67.81
C PHE WC 131 -25.23 -32.04 67.02
N GLN WC 132 -25.12 -31.87 65.70
CA GLN WC 132 -24.60 -32.96 64.88
C GLN WC 132 -23.08 -33.09 65.03
N VAL WC 133 -22.60 -34.27 64.70
CA VAL WC 133 -21.18 -34.63 64.78
C VAL WC 133 -20.72 -34.84 63.36
N LEU WC 134 -19.44 -34.55 63.07
CA LEU WC 134 -18.88 -35.01 61.80
C LEU WC 134 -17.96 -36.21 61.97
N ARG WC 135 -16.84 -36.07 62.69
CA ARG WC 135 -15.93 -37.18 62.94
C ARG WC 135 -15.19 -36.97 64.24
N LYS WC 136 -14.31 -37.94 64.56
CA LYS WC 136 -13.46 -37.93 65.74
C LYS WC 136 -12.02 -38.18 65.32
N PHE WC 137 -11.09 -38.03 66.27
CA PHE WC 137 -9.68 -38.37 66.03
C PHE WC 137 -9.10 -38.96 67.31
N HIS WC 138 -7.82 -39.33 67.24
CA HIS WC 138 -7.11 -39.90 68.37
C HIS WC 138 -5.70 -39.31 68.44
N ALA WC 139 -5.19 -39.21 69.67
CA ALA WC 139 -3.81 -38.79 69.91
C ALA WC 139 -3.43 -39.31 71.29
N THR WC 140 -2.45 -40.20 71.35
CA THR WC 140 -2.08 -40.91 72.57
C THR WC 140 -0.65 -40.54 72.97
N VAL WC 141 -0.52 -39.75 74.03
CA VAL WC 141 0.80 -39.33 74.53
C VAL WC 141 1.03 -39.94 75.90
N VAL WC 142 1.81 -41.02 75.94
CA VAL WC 142 2.02 -41.75 77.18
C VAL WC 142 3.49 -41.64 77.61
N GLY WC 143 3.78 -40.73 78.53
CA GLY WC 143 5.14 -40.58 78.99
C GLY WC 143 5.29 -40.42 80.49
N GLY WC 144 5.96 -41.40 81.13
CA GLY WC 144 6.15 -41.32 82.56
C GLY WC 144 7.62 -41.12 82.94
N LEU WC 145 8.26 -42.18 83.41
CA LEU WC 145 9.67 -42.12 83.75
C LEU WC 145 10.37 -43.36 83.21
N TYR WC 146 11.70 -43.29 83.19
CA TYR WC 146 12.66 -44.35 82.86
C TYR WC 146 12.58 -44.88 81.44
N CYS WC 147 11.75 -44.34 80.55
CA CYS WC 147 12.12 -44.44 79.14
C CYS WC 147 12.17 -43.06 78.48
N MET WC 148 11.17 -42.16 78.60
CA MET WC 148 9.72 -42.38 78.82
C MET WC 148 9.09 -42.45 77.42
N LYS WC 149 8.44 -43.57 77.12
CA LYS WC 149 8.13 -43.82 75.72
C LYS WC 149 6.68 -43.46 75.37
N GLU WC 150 6.47 -42.15 75.20
CA GLU WC 150 5.79 -41.46 74.09
C GLU WC 150 5.76 -39.97 74.39
N GLN WC 151 5.64 -39.17 73.33
CA GLN WC 151 5.72 -37.72 73.35
C GLN WC 151 5.00 -37.15 72.13
N ALA WC 152 5.38 -35.93 71.76
CA ALA WC 152 4.80 -35.10 70.69
C ALA WC 152 4.50 -35.90 69.42
N LEU WC 153 3.22 -35.96 69.06
CA LEU WC 153 2.77 -36.65 67.86
C LEU WC 153 2.31 -35.62 66.84
N VAL WC 154 2.49 -35.95 65.56
CA VAL WC 154 2.08 -35.03 64.49
C VAL WC 154 0.83 -35.59 63.81
N LYS WC 155 -0.18 -34.76 63.64
CA LYS WC 155 -1.43 -35.16 63.02
C LYS WC 155 -1.78 -34.22 61.88
N ARG WC 156 -1.91 -34.77 60.66
CA ARG WC 156 -2.42 -34.03 59.52
C ARG WC 156 -3.63 -34.77 58.96
N PHE WC 157 -4.66 -34.02 58.56
CA PHE WC 157 -5.90 -34.63 58.09
C PHE WC 157 -6.58 -33.70 57.08
N TYR WC 158 -6.74 -34.18 55.85
CA TYR WC 158 -7.78 -33.65 54.97
C TYR WC 158 -9.15 -34.04 55.54
N ARG WC 159 -10.10 -33.10 55.50
CA ARG WC 159 -11.43 -33.37 56.03
C ARG WC 159 -12.43 -32.45 55.30
N LEU WC 160 -13.16 -33.02 54.35
CA LEU WC 160 -14.12 -32.25 53.56
C LEU WC 160 -15.39 -31.99 54.36
N ASN WC 161 -15.96 -30.80 54.19
CA ASN WC 161 -17.10 -30.35 54.98
C ASN WC 161 -18.01 -29.52 54.08
N HIS WC 162 -18.93 -28.77 54.67
CA HIS WC 162 -19.98 -28.08 53.91
C HIS WC 162 -20.30 -26.73 54.56
N HIS WC 163 -21.44 -26.17 54.19
CA HIS WC 163 -21.72 -24.74 54.21
C HIS WC 163 -21.97 -24.20 55.62
N VAL WC 164 -21.73 -22.89 55.75
CA VAL WC 164 -21.86 -22.12 57.00
C VAL WC 164 -22.53 -20.79 56.64
N THR WC 165 -23.39 -20.23 57.55
CA THR WC 165 -24.00 -18.91 57.41
C THR WC 165 -23.84 -18.10 58.71
N TYR WC 166 -23.64 -16.77 58.58
CA TYR WC 166 -23.66 -15.82 59.69
C TYR WC 166 -25.03 -15.13 59.82
N ASN WC 167 -25.24 -14.50 60.98
CA ASN WC 167 -26.52 -13.86 61.25
C ASN WC 167 -26.49 -12.36 60.91
N HIS WC 168 -25.68 -11.58 61.62
CA HIS WC 168 -25.75 -10.14 61.47
C HIS WC 168 -24.94 -9.70 60.25
N GLN WC 169 -25.07 -8.42 59.89
CA GLN WC 169 -24.34 -7.84 58.77
C GLN WC 169 -23.10 -7.09 59.23
N GLU WC 170 -22.46 -7.59 60.28
CA GLU WC 170 -21.31 -6.96 60.88
C GLU WC 170 -20.02 -7.49 60.27
N ALA WC 171 -18.98 -6.67 60.34
CA ALA WC 171 -17.61 -7.13 60.12
C ALA WC 171 -17.02 -7.56 61.47
N GLY WC 172 -17.64 -8.59 62.04
CA GLY WC 172 -17.46 -8.88 63.45
C GLY WC 172 -17.11 -10.30 63.84
N LYS WC 173 -17.32 -10.60 65.12
CA LYS WC 173 -16.76 -11.74 65.80
C LYS WC 173 -17.65 -12.98 65.64
N TYR WC 174 -17.42 -13.99 66.48
CA TYR WC 174 -18.14 -15.25 66.44
C TYR WC 174 -19.59 -15.15 66.92
N GLU WC 175 -19.92 -14.12 67.70
CA GLU WC 175 -21.23 -14.06 68.35
C GLU WC 175 -22.39 -13.86 67.39
N ASN WC 176 -22.14 -13.37 66.17
CA ASN WC 176 -23.22 -13.18 65.20
C ASN WC 176 -23.35 -14.35 64.23
N HIS WC 177 -23.09 -15.58 64.69
CA HIS WC 177 -23.35 -16.74 63.87
C HIS WC 177 -24.85 -17.05 63.85
N THR WC 178 -25.23 -17.95 62.95
CA THR WC 178 -26.59 -18.48 62.90
C THR WC 178 -26.45 -19.98 62.61
N GLU WC 179 -27.53 -20.58 62.10
CA GLU WC 179 -27.60 -21.98 61.65
C GLU WC 179 -26.38 -22.41 60.84
N ASN WC 180 -26.04 -23.70 61.01
CA ASN WC 180 -24.89 -24.35 60.42
C ASN WC 180 -23.59 -23.64 60.81
N ALA WC 181 -23.33 -23.70 62.11
CA ALA WC 181 -22.00 -23.43 62.60
C ALA WC 181 -21.24 -24.75 62.72
N LEU WC 182 -19.92 -24.64 62.94
CA LEU WC 182 -19.09 -25.80 63.18
C LEU WC 182 -17.86 -25.38 63.97
N LEU WC 183 -17.44 -26.21 64.91
CA LEU WC 183 -16.36 -25.85 65.83
C LEU WC 183 -15.75 -27.13 66.38
N LEU WC 184 -14.77 -26.97 67.25
CA LEU WC 184 -14.01 -28.08 67.80
C LEU WC 184 -14.14 -28.17 69.31
N TYR WC 185 -14.03 -29.40 69.81
CA TYR WC 185 -13.82 -29.66 71.22
C TYR WC 185 -12.68 -30.66 71.36
N MET WC 186 -11.81 -30.41 72.34
CA MET WC 186 -10.72 -31.32 72.67
C MET WC 186 -10.93 -31.82 74.09
N ALA WC 187 -10.62 -33.10 74.31
CA ALA WC 187 -10.93 -33.75 75.56
C ALA WC 187 -9.73 -34.53 76.08
N CYS WC 188 -9.42 -34.32 77.36
CA CYS WC 188 -8.46 -35.14 78.07
C CYS WC 188 -9.18 -36.17 78.92
N THR WC 189 -8.51 -37.27 79.22
CA THR WC 189 -9.13 -38.40 79.91
C THR WC 189 -8.57 -38.67 81.30
N HIS WC 190 -7.80 -37.74 81.86
CA HIS WC 190 -7.23 -37.92 83.19
C HIS WC 190 -7.21 -36.59 83.93
N ALA WC 191 -7.15 -36.69 85.26
CA ALA WC 191 -7.29 -35.52 86.12
C ALA WC 191 -6.11 -34.57 86.02
N SER WC 192 -4.92 -35.08 85.68
CA SER WC 192 -3.80 -34.19 85.37
C SER WC 192 -4.03 -33.49 84.04
N ASN WC 193 -3.27 -32.42 83.82
CA ASN WC 193 -3.36 -31.73 82.54
C ASN WC 193 -1.99 -31.69 81.85
N PRO WC 194 -1.53 -32.78 81.22
CA PRO WC 194 -0.23 -32.73 80.55
C PRO WC 194 -0.29 -32.15 79.15
N VAL WC 195 -1.47 -32.13 78.54
CA VAL WC 195 -1.60 -31.94 77.10
C VAL WC 195 -1.38 -30.46 76.76
N TYR WC 196 -0.31 -30.18 76.03
CA TYR WC 196 -0.08 -28.89 75.42
C TYR WC 196 -0.21 -29.06 73.91
N ALA WC 197 -1.44 -28.94 73.43
CA ALA WC 197 -1.77 -29.19 72.04
C ALA WC 197 -1.90 -27.88 71.27
N THR WC 198 -1.00 -27.67 70.32
CA THR WC 198 -1.03 -26.51 69.45
C THR WC 198 -1.31 -26.97 68.03
N LEU WC 199 -2.35 -26.39 67.42
CA LEU WC 199 -2.89 -26.88 66.18
C LEU WC 199 -3.00 -25.75 65.17
N LYS WC 200 -2.60 -26.06 63.93
CA LYS WC 200 -2.77 -25.16 62.80
C LYS WC 200 -3.93 -25.66 61.96
N ILE WC 201 -4.96 -24.83 61.83
CA ILE WC 201 -6.24 -25.26 61.26
C ILE WC 201 -6.51 -24.39 60.04
N ARG WC 202 -6.23 -24.93 58.85
CA ARG WC 202 -6.54 -24.23 57.61
C ARG WC 202 -7.99 -24.53 57.19
N ILE WC 203 -8.74 -23.48 56.92
CA ILE WC 203 -10.00 -23.58 56.19
C ILE WC 203 -9.83 -22.78 54.91
N TYR WC 204 -9.91 -23.46 53.77
CA TYR WC 204 -9.98 -22.77 52.48
C TYR WC 204 -11.30 -23.13 51.82
N PHE WC 205 -11.94 -22.11 51.25
CA PHE WC 205 -13.34 -22.22 50.83
C PHE WC 205 -13.64 -21.27 49.68
N ALA XC 1 31.54 -32.33 12.63
CA ALA XC 1 30.15 -32.07 12.28
C ALA XC 1 29.85 -30.57 12.32
N PRO XC 2 29.06 -30.07 11.37
CA PRO XC 2 28.81 -28.62 11.30
C PRO XC 2 27.92 -28.13 12.44
N MET XC 3 28.48 -27.25 13.26
CA MET XC 3 27.82 -26.58 14.39
C MET XC 3 27.27 -27.57 15.41
N TYR XC 4 28.21 -28.28 16.07
CA TYR XC 4 27.98 -28.94 17.35
C TYR XC 4 27.33 -27.96 18.34
N ARG XC 5 26.34 -28.44 19.10
CA ARG XC 5 25.65 -27.53 20.01
C ARG XC 5 25.33 -28.06 21.43
N LYS XC 6 26.25 -28.61 22.22
CA LYS XC 6 27.61 -29.14 21.99
C LYS XC 6 27.65 -30.56 21.34
N PRO XC 7 26.68 -31.44 21.61
CA PRO XC 7 26.41 -32.52 20.65
C PRO XC 7 25.43 -32.06 19.59
N THR XC 8 25.43 -32.77 18.47
CA THR XC 8 24.67 -32.34 17.31
C THR XC 8 23.19 -32.61 17.49
N MET XC 9 22.38 -31.57 17.33
CA MET XC 9 20.99 -31.77 16.98
C MET XC 9 20.87 -31.77 15.46
N TYR XC 10 19.62 -31.88 14.98
CA TYR XC 10 19.30 -32.28 13.61
C TYR XC 10 20.00 -33.59 13.23
N ARG XC 11 20.06 -34.53 14.17
CA ARG XC 11 20.48 -35.89 13.85
C ARG XC 11 19.27 -36.81 13.94
N MET XC 12 18.72 -37.03 15.15
CA MET XC 12 17.31 -36.93 15.51
C MET XC 12 16.28 -37.69 14.63
N TYR XC 13 16.70 -38.40 13.59
CA TYR XC 13 15.78 -38.76 12.51
C TYR XC 13 16.19 -40.08 11.88
N ARG XC 14 15.61 -40.37 10.71
CA ARG XC 14 15.79 -41.63 10.01
C ARG XC 14 17.17 -41.69 9.38
N SER XC 15 17.93 -42.74 9.70
CA SER XC 15 19.18 -43.05 9.04
C SER XC 15 19.40 -44.55 9.12
N PRO XC 16 19.66 -45.21 8.05
CA PRO XC 16 19.92 -46.66 8.12
C PRO XC 16 21.34 -46.96 8.63
N ASP XC 17 21.50 -46.96 9.95
CA ASP XC 17 22.81 -47.23 10.53
C ASP XC 17 22.82 -48.54 11.31
N ILE XC 18 22.18 -48.58 12.48
CA ILE XC 18 22.42 -49.51 13.60
C ILE XC 18 21.36 -49.15 14.66
N PRO XC 19 21.16 -49.92 15.74
CA PRO XC 19 20.17 -49.47 16.74
C PRO XC 19 20.59 -48.32 17.65
N ARG XC 20 21.78 -48.34 18.25
CA ARG XC 20 22.01 -47.54 19.46
C ARG XC 20 22.59 -46.16 19.19
N GLY XC 21 23.79 -46.08 18.59
CA GLY XC 21 24.39 -44.79 18.31
C GLY XC 21 23.59 -44.06 17.25
N CYS XC 22 23.71 -42.73 17.24
CA CYS XC 22 22.84 -41.98 16.33
C CYS XC 22 23.62 -41.11 15.36
N GLU XC 23 24.85 -40.75 15.71
CA GLU XC 23 25.56 -39.65 15.07
C GLU XC 23 26.07 -40.05 13.68
N GLY XC 24 26.88 -39.15 13.11
CA GLY XC 24 27.59 -39.43 11.88
C GLY XC 24 28.47 -40.65 12.04
N PRO XC 25 28.37 -41.59 11.09
CA PRO XC 25 29.03 -42.90 11.28
C PRO XC 25 30.53 -42.80 11.21
N CYS XC 26 31.11 -42.40 12.35
CA CYS XC 26 32.42 -41.77 12.34
C CYS XC 26 33.53 -42.82 12.20
N LYS XC 27 34.49 -42.53 11.35
CA LYS XC 27 35.58 -43.46 11.11
C LYS XC 27 36.68 -43.25 12.13
N VAL XC 28 37.19 -44.36 12.66
CA VAL XC 28 38.42 -44.38 13.43
C VAL XC 28 39.32 -45.39 12.77
N GLN XC 29 40.43 -44.91 12.21
CA GLN XC 29 41.44 -45.81 11.70
C GLN XC 29 42.20 -46.43 12.87
N SER XC 30 42.63 -47.67 12.70
CA SER XC 30 43.79 -48.21 13.41
C SER XC 30 44.77 -48.67 12.34
N PHE XC 31 45.53 -47.74 11.79
CA PHE XC 31 46.61 -48.10 10.90
C PHE XC 31 47.74 -48.73 11.68
N GLU XC 32 48.34 -49.76 11.10
CA GLU XC 32 49.57 -50.32 11.63
C GLU XC 32 50.63 -50.32 10.53
N GLN XC 33 51.87 -50.10 10.95
CA GLN XC 33 53.05 -50.38 10.13
C GLN XC 33 53.87 -51.33 11.01
N ARG XC 34 53.49 -52.60 10.96
CA ARG XC 34 53.98 -53.59 11.92
C ARG XC 34 54.36 -54.89 11.21
N ASP XC 35 54.58 -55.92 12.01
CA ASP XC 35 54.77 -57.27 11.53
C ASP XC 35 54.20 -58.21 12.59
N ASP XC 36 54.57 -59.49 12.51
CA ASP XC 36 54.18 -60.44 13.53
C ASP XC 36 55.34 -61.38 13.78
N VAL XC 37 55.08 -62.40 14.61
CA VAL XC 37 55.96 -63.54 14.77
C VAL XC 37 55.15 -64.76 14.36
N LYS XC 38 55.71 -65.95 14.51
CA LYS XC 38 54.96 -67.16 14.20
C LYS XC 38 53.76 -67.33 15.13
N HIS XC 39 53.95 -67.03 16.42
CA HIS XC 39 52.90 -67.31 17.40
C HIS XC 39 51.77 -66.30 17.34
N LEU XC 40 52.09 -65.01 17.31
CA LEU XC 40 51.05 -64.02 17.53
C LEU XC 40 51.36 -62.70 16.86
N GLY XC 41 50.33 -62.11 16.26
CA GLY XC 41 50.31 -60.68 16.03
C GLY XC 41 49.04 -60.15 16.65
N ILE XC 42 49.17 -59.36 17.71
CA ILE XC 42 48.02 -58.96 18.52
C ILE XC 42 47.66 -57.52 18.21
N CYS XC 43 46.36 -57.28 18.00
CA CYS XC 43 45.88 -55.95 17.67
C CYS XC 43 44.49 -55.79 18.28
N LYS XC 44 44.41 -55.12 19.43
CA LYS XC 44 43.12 -54.59 19.86
C LYS XC 44 42.76 -53.41 18.97
N VAL XC 45 41.64 -53.53 18.24
CA VAL XC 45 41.30 -52.57 17.19
C VAL XC 45 40.52 -51.37 17.74
N ILE XC 46 40.31 -51.32 19.05
CA ILE XC 46 39.40 -50.36 19.66
C ILE XC 46 40.14 -49.33 20.51
N SER XC 47 41.48 -49.45 20.62
CA SER XC 47 42.26 -48.74 21.65
C SER XC 47 42.24 -47.23 21.46
N ASP XC 48 42.28 -46.75 20.22
CA ASP XC 48 42.38 -45.29 20.01
C ASP XC 48 41.08 -44.54 20.23
N VAL XC 49 39.94 -45.22 20.27
CA VAL XC 49 38.67 -44.50 20.35
C VAL XC 49 38.48 -44.08 21.81
N THR XC 50 38.71 -42.80 22.07
CA THR XC 50 38.58 -42.21 23.39
C THR XC 50 37.42 -41.23 23.38
N ARG XC 51 37.14 -40.64 24.54
CA ARG XC 51 36.08 -39.65 24.65
C ARG XC 51 36.47 -38.37 23.93
N GLY XC 52 35.56 -37.87 23.10
CA GLY XC 52 35.73 -36.59 22.46
C GLY XC 52 34.51 -36.25 21.64
N PRO XC 53 34.29 -34.96 21.41
CA PRO XC 53 33.23 -34.55 20.47
C PRO XC 53 33.61 -34.74 19.02
N GLY XC 54 34.88 -35.02 18.72
CA GLY XC 54 35.33 -35.10 17.34
C GLY XC 54 34.86 -36.36 16.64
N LEU XC 55 35.04 -36.36 15.33
CA LEU XC 55 34.57 -37.44 14.47
C LEU XC 55 35.56 -38.58 14.33
N THR XC 56 36.50 -38.72 15.27
CA THR XC 56 37.28 -39.93 15.46
C THR XC 56 37.22 -40.34 16.93
N HIS XC 57 36.06 -40.16 17.53
CA HIS XC 57 35.90 -40.32 18.98
C HIS XC 57 34.55 -40.96 19.27
N ARG XC 58 34.13 -40.86 20.53
CA ARG XC 58 32.89 -41.44 21.02
C ARG XC 58 32.27 -40.50 22.04
N VAL XC 59 31.00 -40.77 22.35
CA VAL XC 59 30.30 -40.12 23.44
C VAL XC 59 29.73 -41.21 24.33
N GLY XC 60 30.20 -41.28 25.57
CA GLY XC 60 29.82 -42.37 26.42
C GLY XC 60 30.59 -43.63 26.06
N LYS XC 61 30.11 -44.76 26.56
CA LYS XC 61 30.86 -46.01 26.51
C LYS XC 61 30.20 -47.04 25.59
N ARG XC 62 29.38 -46.60 24.64
CA ARG XC 62 28.58 -47.52 23.83
C ARG XC 62 28.92 -47.38 22.36
N PHE XC 63 29.20 -48.51 21.71
CA PHE XC 63 29.44 -48.57 20.27
C PHE XC 63 28.41 -49.47 19.62
N CYS XC 64 28.22 -49.28 18.30
CA CYS XC 64 27.67 -50.28 17.38
C CYS XC 64 28.51 -50.19 16.12
N ILE XC 65 29.55 -51.02 16.04
CA ILE XC 65 30.45 -51.03 14.88
C ILE XC 65 29.67 -51.51 13.66
N LYS XC 66 29.52 -50.63 12.67
CA LYS XC 66 28.81 -50.99 11.46
C LYS XC 66 29.62 -51.98 10.62
N SER XC 67 30.87 -51.62 10.31
CA SER XC 67 31.71 -52.51 9.52
C SER XC 67 33.17 -52.23 9.81
N ILE XC 68 33.96 -53.30 9.75
CA ILE XC 68 35.42 -53.23 9.74
C ILE XC 68 35.88 -53.38 8.29
N TYR XC 69 36.64 -52.40 7.81
CA TYR XC 69 37.14 -52.38 6.45
C TYR XC 69 38.65 -52.58 6.50
N ILE XC 70 39.10 -53.78 6.15
CA ILE XC 70 40.50 -54.16 6.29
C ILE XC 70 41.20 -53.96 4.96
N LEU XC 71 42.05 -52.95 4.89
CA LEU XC 71 43.06 -52.86 3.84
C LEU XC 71 44.35 -53.48 4.36
N GLY XC 72 45.27 -53.74 3.44
CA GLY XC 72 46.55 -54.27 3.85
C GLY XC 72 47.39 -54.89 2.76
N LYS XC 73 48.69 -54.65 2.81
CA LYS XC 73 49.65 -55.29 1.92
C LYS XC 73 50.59 -56.14 2.76
N ILE XC 74 50.70 -57.41 2.40
CA ILE XC 74 51.42 -58.41 3.19
C ILE XC 74 52.59 -58.89 2.34
N TRP XC 75 53.81 -58.50 2.70
CA TRP XC 75 54.96 -58.80 1.88
C TRP XC 75 56.03 -59.50 2.70
N LEU XC 76 57.10 -59.87 2.00
CA LEU XC 76 58.36 -60.30 2.58
C LEU XC 76 59.54 -59.71 1.81
N ASP XC 77 59.36 -58.54 1.17
CA ASP XC 77 60.28 -58.06 0.15
C ASP XC 77 61.48 -57.32 0.74
N GLU XC 78 61.78 -57.58 2.02
CA GLU XC 78 63.10 -57.29 2.56
C GLU XC 78 64.14 -58.14 1.84
N THR XC 79 65.40 -57.68 1.81
CA THR XC 79 66.45 -58.38 1.08
C THR XC 79 66.86 -59.72 1.69
N ILE XC 80 66.29 -60.07 2.84
CA ILE XC 80 66.54 -61.35 3.52
C ILE XC 80 65.19 -62.06 3.45
N LYS XC 81 65.10 -63.25 4.06
CA LYS XC 81 63.91 -64.11 4.14
C LYS XC 81 63.49 -64.61 2.75
N LYS XC 82 64.46 -64.86 1.89
CA LYS XC 82 64.26 -65.71 0.72
C LYS XC 82 64.50 -67.18 1.01
N GLN XC 83 65.38 -67.52 1.95
CA GLN XC 83 65.47 -68.87 2.48
C GLN XC 83 64.42 -69.06 3.56
N ASN XC 84 64.21 -70.34 3.93
CA ASN XC 84 63.20 -70.81 4.89
C ASN XC 84 61.81 -70.31 4.48
N HIS XC 85 61.53 -70.41 3.18
CA HIS XC 85 60.44 -69.68 2.54
C HIS XC 85 59.14 -70.46 2.48
N THR XC 86 58.21 -69.95 1.67
CA THR XC 86 56.84 -70.45 1.45
C THR XC 86 56.00 -70.48 2.73
N ASN XC 87 55.69 -69.32 3.30
CA ASN XC 87 54.80 -69.20 4.43
C ASN XC 87 53.51 -68.53 4.00
N ASN XC 88 52.44 -68.75 4.76
CA ASN XC 88 51.16 -68.11 4.49
C ASN XC 88 50.58 -67.53 5.77
N VAL XC 89 49.63 -66.61 5.61
CA VAL XC 89 49.07 -65.84 6.72
C VAL XC 89 47.59 -66.20 6.85
N ILE XC 90 47.18 -66.59 8.05
CA ILE XC 90 45.78 -66.84 8.35
C ILE XC 90 45.33 -65.74 9.31
N PHE XC 91 44.29 -65.01 8.93
CA PHE XC 91 43.77 -63.95 9.80
C PHE XC 91 42.66 -64.49 10.69
N TYR XC 92 42.50 -63.83 11.84
CA TYR XC 92 41.48 -64.22 12.82
C TYR XC 92 40.84 -62.95 13.36
N LEU XC 93 39.53 -62.83 13.17
CA LEU XC 93 38.77 -61.69 13.67
C LEU XC 93 37.76 -62.24 14.66
N LEU XC 94 38.01 -62.03 15.95
CA LEU XC 94 37.27 -62.72 17.01
C LEU XC 94 36.31 -61.77 17.70
N ARG XC 95 35.14 -62.28 18.07
CA ARG XC 95 34.23 -61.56 18.95
C ARG XC 95 34.55 -61.96 20.38
N ASP XC 96 35.14 -61.04 21.14
CA ASP XC 96 35.54 -61.31 22.51
C ASP XC 96 34.36 -61.10 23.46
N ARG XC 97 34.40 -61.81 24.58
CA ARG XC 97 33.32 -61.76 25.57
C ARG XC 97 33.67 -60.97 26.82
N ARG XC 98 34.96 -60.93 27.27
CA ARG XC 98 35.42 -59.96 28.27
C ARG XC 98 36.92 -59.82 28.18
N PRO XC 99 37.47 -58.66 28.54
CA PRO XC 99 38.93 -58.53 28.66
C PRO XC 99 39.42 -58.97 30.03
N TYR XC 100 40.65 -59.50 30.07
CA TYR XC 100 41.33 -59.86 31.31
C TYR XC 100 42.42 -58.82 31.53
N GLY XC 101 42.05 -57.69 32.12
CA GLY XC 101 42.98 -56.59 32.29
C GLY XC 101 43.42 -55.98 30.97
N ASN XC 102 44.68 -56.22 30.59
CA ASN XC 102 45.20 -55.72 29.33
C ASN XC 102 45.12 -56.81 28.26
N ALA XC 103 45.83 -56.63 27.14
CA ALA XC 103 45.71 -57.54 26.01
C ALA XC 103 46.35 -58.90 26.32
N PRO XC 104 45.65 -60.01 26.02
CA PRO XC 104 46.18 -61.34 26.33
C PRO XC 104 47.04 -61.96 25.24
N GLN XC 105 47.46 -63.20 25.46
CA GLN XC 105 48.31 -63.96 24.56
C GLN XC 105 47.52 -64.50 23.37
N ASP XC 106 48.19 -65.29 22.52
CA ASP XC 106 47.52 -66.06 21.48
C ASP XC 106 47.78 -67.56 21.61
N PHE XC 107 49.04 -68.01 21.68
CA PHE XC 107 49.29 -69.45 21.79
C PHE XC 107 48.83 -69.99 23.14
N GLY XC 108 48.81 -69.15 24.16
CA GLY XC 108 48.09 -69.49 25.37
C GLY XC 108 46.60 -69.25 25.31
N GLN XC 109 46.06 -68.88 24.14
CA GLN XC 109 44.65 -68.52 24.03
C GLN XC 109 43.89 -69.41 23.06
N ILE XC 110 44.33 -69.55 21.81
CA ILE XC 110 43.67 -70.47 20.90
C ILE XC 110 44.20 -71.88 21.12
N PHE XC 111 43.47 -72.90 20.67
CA PHE XC 111 43.70 -74.24 21.21
C PHE XC 111 45.01 -74.85 20.73
N ASN XC 112 45.17 -75.07 19.43
CA ASN XC 112 46.24 -75.92 18.97
C ASN XC 112 47.13 -75.14 18.01
N MET XC 113 48.09 -75.83 17.40
CA MET XC 113 49.15 -75.18 16.63
C MET XC 113 48.65 -74.77 15.23
N PHE XC 114 48.20 -73.51 15.17
CA PHE XC 114 48.13 -72.62 14.01
C PHE XC 114 47.04 -72.99 13.00
N ASP XC 115 46.35 -74.12 13.18
CA ASP XC 115 45.13 -74.46 12.45
C ASP XC 115 44.14 -74.97 13.48
N ASN XC 116 43.36 -74.05 14.04
CA ASN XC 116 42.63 -74.36 15.26
C ASN XC 116 41.41 -73.47 15.41
N GLU XC 117 40.84 -73.52 16.62
CA GLU XC 117 39.69 -72.80 17.12
C GLU XC 117 40.05 -72.35 18.52
N PRO XC 118 39.24 -71.51 19.19
CA PRO XC 118 39.46 -71.28 20.62
C PRO XC 118 39.24 -72.53 21.44
N SER XC 119 39.84 -72.55 22.63
CA SER XC 119 39.81 -73.72 23.50
C SER XC 119 38.42 -73.95 24.07
N THR XC 120 38.21 -75.16 24.58
CA THR XC 120 36.91 -75.54 25.12
C THR XC 120 36.58 -74.80 26.41
N ALA XC 121 37.59 -74.38 27.16
CA ALA XC 121 37.36 -73.64 28.40
C ALA XC 121 37.29 -72.14 28.19
N THR XC 122 37.33 -71.66 26.94
CA THR XC 122 37.41 -70.24 26.66
C THR XC 122 36.18 -69.69 25.95
N ILE XC 123 35.23 -70.54 25.56
CA ILE XC 123 34.07 -70.09 24.81
C ILE XC 123 33.09 -69.33 25.71
N PHE XC 131 36.28 -67.69 23.48
CA PHE XC 131 35.83 -66.43 22.90
C PHE XC 131 35.24 -66.72 21.52
N GLN XC 132 34.24 -65.94 21.12
CA GLN XC 132 33.59 -66.19 19.85
C GLN XC 132 34.47 -65.74 18.69
N VAL XC 133 34.19 -66.32 17.53
CA VAL XC 133 34.91 -66.06 16.29
C VAL XC 133 33.92 -65.37 15.37
N LEU XC 134 34.41 -64.49 14.49
CA LEU XC 134 33.55 -64.03 13.40
C LEU XC 134 33.90 -64.68 12.06
N ARG XC 135 35.10 -64.44 11.54
CA ARG XC 135 35.54 -65.04 10.27
C ARG XC 135 37.05 -65.19 10.26
N LYS XC 136 37.54 -65.73 9.14
CA LYS XC 136 38.97 -65.93 8.88
C LYS XC 136 39.30 -65.33 7.51
N PHE XC 137 40.60 -65.29 7.20
CA PHE XC 137 41.06 -64.87 5.88
C PHE XC 137 42.29 -65.68 5.49
N HIS XC 138 42.81 -65.42 4.29
CA HIS XC 138 44.00 -66.10 3.79
C HIS XC 138 44.91 -65.10 3.09
N ALA XC 139 46.21 -65.36 3.16
CA ALA XC 139 47.22 -64.59 2.43
C ALA XC 139 48.44 -65.48 2.28
N THR XC 140 48.79 -65.80 1.04
CA THR XC 140 49.84 -66.77 0.75
C THR XC 140 50.99 -66.09 0.02
N VAL XC 141 52.11 -65.91 0.71
CA VAL XC 141 53.28 -65.27 0.12
C VAL XC 141 54.41 -66.29 0.02
N VAL XC 142 54.62 -66.84 -1.18
CA VAL XC 142 55.58 -67.90 -1.37
C VAL XC 142 56.73 -67.42 -2.28
N GLY XC 143 57.83 -67.00 -1.67
CA GLY XC 143 58.96 -66.54 -2.46
C GLY XC 143 60.31 -67.06 -2.01
N GLY XC 144 60.96 -67.85 -2.88
CA GLY XC 144 62.27 -68.37 -2.53
C GLY XC 144 63.38 -67.79 -3.40
N LEU XC 145 63.87 -68.57 -4.35
CA LEU XC 145 64.90 -68.11 -5.27
C LEU XC 145 64.53 -68.54 -6.68
N TYR XC 146 65.22 -67.93 -7.64
CA TYR XC 146 65.21 -68.22 -9.08
C TYR XC 146 63.87 -68.01 -9.78
N CYS XC 147 62.83 -67.51 -9.12
CA CYS XC 147 61.83 -66.78 -9.91
C CYS XC 147 61.62 -65.37 -9.34
N MET XC 148 61.40 -65.13 -8.04
CA MET XC 148 60.79 -66.00 -7.01
C MET XC 148 59.28 -65.67 -7.02
N LYS XC 149 58.45 -66.67 -7.27
CA LYS XC 149 57.08 -66.34 -7.62
C LYS XC 149 56.12 -66.48 -6.45
N GLU XC 150 56.16 -65.46 -5.57
CA GLU XC 150 55.05 -64.69 -5.01
C GLU XC 150 55.60 -63.67 -4.04
N GLN XC 151 54.85 -62.60 -3.82
CA GLN XC 151 55.22 -61.44 -3.03
C GLN XC 151 53.96 -60.73 -2.54
N ALA XC 152 54.11 -59.44 -2.23
CA ALA XC 152 53.12 -58.53 -1.66
C ALA XC 152 51.75 -58.68 -2.29
N LEU XC 153 50.76 -59.09 -1.48
CA LEU XC 153 49.39 -59.26 -1.92
C LEU XC 153 48.52 -58.17 -1.30
N VAL XC 154 47.49 -57.76 -2.02
CA VAL XC 154 46.60 -56.71 -1.52
C VAL XC 154 45.27 -57.34 -1.12
N LYS XC 155 44.78 -57.01 0.06
CA LYS XC 155 43.53 -57.57 0.58
C LYS XC 155 42.63 -56.44 1.02
N ARG XC 156 41.43 -56.36 0.42
CA ARG XC 156 40.38 -55.45 0.88
C ARG XC 156 39.13 -56.27 1.17
N PHE XC 157 38.44 -55.92 2.25
CA PHE XC 157 37.26 -56.68 2.70
C PHE XC 157 36.28 -55.76 3.42
N TYR XC 158 35.08 -55.64 2.87
CA TYR XC 158 33.94 -55.24 3.69
C TYR XC 158 33.61 -56.37 4.67
N ARG XC 159 33.29 -56.00 5.92
CA ARG XC 159 32.98 -57.01 6.93
C ARG XC 159 32.07 -56.36 7.98
N LEU XC 160 30.77 -56.66 7.90
CA LEU XC 160 29.80 -56.08 8.81
C LEU XC 160 29.85 -56.77 10.18
N ASN XC 161 29.70 -55.98 11.24
CA ASN XC 161 29.85 -56.48 12.61
C ASN XC 161 28.81 -55.77 13.49
N HIS XC 162 28.99 -55.83 14.80
CA HIS XC 162 27.97 -55.37 15.75
C HIS XC 162 28.64 -54.75 16.97
N HIS XC 163 27.87 -54.59 18.05
CA HIS XC 163 28.07 -53.60 19.10
C HIS XC 163 29.22 -53.93 20.03
N VAL XC 164 29.75 -52.87 20.65
CA VAL XC 164 30.88 -52.90 21.60
C VAL XC 164 30.53 -51.96 22.75
N THR XC 165 30.96 -52.30 24.01
CA THR XC 165 30.82 -51.45 25.18
C THR XC 165 32.15 -51.35 25.94
N TYR XC 166 32.44 -50.17 26.52
CA TYR XC 166 33.56 -49.95 27.44
C TYR XC 166 33.11 -50.02 28.91
N ASN XC 167 34.10 -50.16 29.80
CA ASN XC 167 33.81 -50.29 31.23
C ASN XC 167 33.87 -48.96 31.95
N HIS XC 168 35.05 -48.34 32.02
CA HIS XC 168 35.20 -47.17 32.86
C HIS XC 168 34.71 -45.92 32.13
N GLN XC 169 34.63 -44.81 32.85
CA GLN XC 169 34.20 -43.54 32.28
C GLN XC 169 35.39 -42.66 31.93
N GLU XC 170 36.47 -43.28 31.49
CA GLU XC 170 37.71 -42.58 31.18
C GLU XC 170 37.76 -42.18 29.71
N ALA XC 171 38.53 -41.14 29.42
CA ALA XC 171 38.96 -40.84 28.06
C ALA XC 171 40.28 -41.56 27.80
N GLY XC 172 40.21 -42.89 27.83
CA GLY XC 172 41.40 -43.70 27.98
C GLY XC 172 41.60 -44.85 27.01
N LYS XC 173 42.47 -45.77 27.41
CA LYS XC 173 43.08 -46.76 26.53
C LYS XC 173 42.21 -48.02 26.43
N TYR XC 174 42.80 -49.10 25.95
CA TYR XC 174 42.11 -50.37 25.74
C TYR XC 174 41.79 -51.10 27.04
N GLU XC 175 42.48 -50.79 28.14
CA GLU XC 175 42.37 -51.59 29.36
C GLU XC 175 41.02 -51.46 30.05
N ASN XC 176 40.25 -50.41 29.75
CA ASN XC 176 38.94 -50.25 30.37
C ASN XC 176 37.80 -50.78 29.49
N HIS XC 177 38.05 -51.84 28.73
CA HIS XC 177 36.97 -52.48 27.99
C HIS XC 177 36.11 -53.33 28.93
N THR XC 178 34.98 -53.78 28.41
CA THR XC 178 34.11 -54.73 29.10
C THR XC 178 33.61 -55.70 28.05
N GLU XC 179 32.50 -56.39 28.35
CA GLU XC 179 31.80 -57.30 27.45
C GLU XC 179 31.65 -56.77 26.03
N ASN XC 180 31.69 -57.72 25.09
CA ASN XC 180 31.65 -57.48 23.65
C ASN XC 180 32.80 -56.58 23.21
N ALA XC 181 33.99 -57.11 23.39
CA ALA XC 181 35.15 -56.59 22.70
C ALA XC 181 35.35 -57.37 21.40
N LEU XC 182 36.24 -56.85 20.54
CA LEU XC 182 36.61 -57.53 19.32
C LEU XC 182 37.99 -57.06 18.89
N LEU XC 183 38.80 -57.98 18.38
CA LEU XC 183 40.19 -57.68 18.08
C LEU XC 183 40.69 -58.69 17.05
N LEU XC 184 41.96 -58.57 16.68
CA LEU XC 184 42.56 -59.38 15.63
C LEU XC 184 43.71 -60.21 16.17
N TYR XC 185 43.91 -61.36 15.53
CA TYR XC 185 45.13 -62.13 15.66
C TYR XC 185 45.63 -62.51 14.28
N MET XC 186 46.94 -62.42 14.08
CA MET XC 186 47.57 -62.83 12.84
C MET XC 186 48.53 -63.97 13.14
N ALA XC 187 48.58 -64.95 12.23
CA ALA XC 187 49.32 -66.18 12.49
C ALA XC 187 50.20 -66.53 11.30
N CYS XC 188 51.46 -66.84 11.58
CA CYS XC 188 52.37 -67.41 10.61
C CYS XC 188 52.48 -68.92 10.83
N THR XC 189 52.83 -69.64 9.78
CA THR XC 189 52.82 -71.10 9.81
C THR XC 189 54.20 -71.73 9.67
N HIS XC 190 55.28 -70.95 9.81
CA HIS XC 190 56.63 -71.49 9.69
C HIS XC 190 57.54 -70.77 10.67
N ALA XC 191 58.65 -71.44 11.00
CA ALA XC 191 59.55 -70.98 12.05
C ALA XC 191 60.28 -69.70 11.68
N SER XC 192 60.50 -69.45 10.39
CA SER XC 192 61.03 -68.17 9.96
C SER XC 192 59.96 -67.08 10.12
N ASN XC 193 60.40 -65.83 10.10
CA ASN XC 193 59.45 -64.73 10.16
C ASN XC 193 59.60 -63.82 8.94
N PRO XC 194 59.08 -64.19 7.77
CA PRO XC 194 59.21 -63.30 6.61
C PRO XC 194 58.14 -62.23 6.55
N VAL XC 195 57.03 -62.41 7.25
CA VAL XC 195 55.82 -61.65 7.01
C VAL XC 195 55.97 -60.23 7.59
N TYR XC 196 55.98 -59.25 6.72
CA TYR XC 196 55.87 -57.84 7.11
C TYR XC 196 54.53 -57.32 6.63
N ALA XC 197 53.52 -57.51 7.47
CA ALA XC 197 52.14 -57.21 7.13
C ALA XC 197 51.73 -55.87 7.74
N THR XC 198 51.45 -54.90 6.88
CA THR XC 198 50.98 -53.59 7.32
C THR XC 198 49.55 -53.41 6.82
N LEU XC 199 48.64 -53.10 7.74
CA LEU XC 199 47.22 -53.13 7.47
C LEU XC 199 46.58 -51.81 7.88
N LYS XC 200 45.70 -51.32 7.01
CA LYS XC 200 44.87 -50.16 7.31
C LYS XC 200 43.46 -50.64 7.62
N ILE XC 201 43.00 -50.35 8.84
CA ILE XC 201 41.78 -50.94 9.38
C ILE XC 201 40.82 -49.80 9.69
N ARG XC 202 39.86 -49.56 8.80
CA ARG XC 202 38.83 -48.57 9.04
C ARG XC 202 37.67 -49.19 9.82
N ILE XC 203 37.28 -48.55 10.92
CA ILE XC 203 36.01 -48.80 11.57
C ILE XC 203 35.21 -47.52 11.50
N TYR XC 204 34.08 -47.55 10.81
CA TYR XC 204 33.13 -46.45 10.85
C TYR XC 204 31.82 -46.96 11.43
N PHE XC 205 31.24 -46.16 12.33
CA PHE XC 205 30.15 -46.62 13.18
C PHE XC 205 29.25 -45.46 13.60
N ALA YC 1 -41.71 16.05 14.50
CA ALA YC 1 -40.97 14.92 13.96
C ALA YC 1 -39.58 15.36 13.49
N PRO YC 2 -38.56 14.54 13.73
CA PRO YC 2 -37.18 14.94 13.39
C PRO YC 2 -36.95 14.98 11.89
N MET YC 3 -36.64 16.17 11.39
CA MET YC 3 -36.29 16.46 9.99
C MET YC 3 -37.41 16.06 9.01
N TYR YC 4 -38.53 16.78 9.15
CA TYR YC 4 -39.54 16.90 8.10
C TYR YC 4 -38.89 17.27 6.78
N ARG YC 5 -39.34 16.64 5.68
CA ARG YC 5 -38.68 16.91 4.40
C ARG YC 5 -39.61 17.08 3.17
N LYS YC 6 -40.66 17.92 3.15
CA LYS YC 6 -41.40 18.64 4.20
C LYS YC 6 -42.41 17.75 4.99
N PRO YC 7 -43.03 16.74 4.37
CA PRO YC 7 -43.55 15.63 5.18
C PRO YC 7 -42.46 14.58 5.39
N THR YC 8 -42.67 13.76 6.42
CA THR YC 8 -41.64 12.83 6.85
C THR YC 8 -41.55 11.64 5.90
N MET YC 9 -40.35 11.39 5.39
CA MET YC 9 -40.01 10.06 4.92
C MET YC 9 -39.41 9.28 6.08
N TYR YC 10 -38.97 8.05 5.77
CA TYR YC 10 -38.73 7.00 6.76
C TYR YC 10 -39.92 6.80 7.69
N ARG YC 11 -41.14 6.87 7.14
CA ARG YC 11 -42.32 6.46 7.87
C ARG YC 11 -42.85 5.15 7.26
N MET YC 12 -43.35 5.19 6.02
CA MET YC 12 -43.01 4.29 4.90
C MET YC 12 -43.06 2.77 5.17
N TYR YC 13 -43.41 2.32 6.36
CA TYR YC 13 -43.06 0.95 6.76
C TYR YC 13 -44.10 0.41 7.74
N ARG YC 14 -43.76 -0.70 8.39
CA ARG YC 14 -44.65 -1.43 9.28
C ARG YC 14 -44.84 -0.66 10.58
N SER YC 15 -46.09 -0.39 10.93
CA SER YC 15 -46.46 0.14 12.23
C SER YC 15 -47.88 -0.31 12.56
N PRO YC 16 -48.11 -0.88 13.67
CA PRO YC 16 -49.49 -1.26 14.03
C PRO YC 16 -50.33 -0.06 14.47
N ASP YC 17 -50.88 0.67 13.49
CA ASP YC 17 -51.70 1.83 13.83
C ASP YC 17 -53.16 1.62 13.43
N ILE YC 18 -53.46 1.64 12.13
CA ILE YC 18 -54.78 1.92 11.53
C ILE YC 18 -54.58 1.74 10.01
N PRO YC 19 -55.62 1.73 9.17
CA PRO YC 19 -55.34 1.63 7.72
C PRO YC 19 -54.79 2.86 7.02
N ARG YC 20 -55.35 4.05 7.22
CA ARG YC 20 -55.16 5.13 6.25
C ARG YC 20 -54.00 6.06 6.55
N GLY YC 21 -54.03 6.76 7.69
CA GLY YC 21 -52.94 7.65 8.05
C GLY YC 21 -51.67 6.87 8.32
N CYS YC 22 -50.53 7.53 8.15
CA CYS YC 22 -49.29 6.77 8.27
C CYS YC 22 -48.36 7.31 9.34
N GLU YC 23 -48.50 8.59 9.70
CA GLU YC 23 -47.48 9.32 10.42
C GLU YC 23 -47.45 8.92 11.89
N GLY YC 24 -46.66 9.66 12.66
CA GLY YC 24 -46.62 9.54 14.11
C GLY YC 24 -48.00 9.77 14.69
N PRO YC 25 -48.45 8.85 15.56
CA PRO YC 25 -49.85 8.88 16.01
C PRO YC 25 -50.14 10.07 16.90
N CYS YC 26 -50.38 11.20 16.24
CA CYS YC 26 -50.18 12.48 16.89
C CYS YC 26 -51.34 12.82 17.80
N LYS YC 27 -51.03 13.31 18.99
CA LYS YC 27 -52.05 13.65 19.96
C LYS YC 27 -52.56 15.06 19.74
N VAL YC 28 -53.87 15.21 19.79
CA VAL YC 28 -54.52 16.51 19.87
C VAL YC 28 -55.41 16.47 21.09
N GLN YC 29 -55.07 17.28 22.08
CA GLN YC 29 -55.95 17.45 23.21
C GLN YC 29 -57.14 18.30 22.83
N SER YC 30 -58.26 17.95 23.41
CA SER YC 30 -59.32 18.93 23.60
C SER YC 30 -59.58 18.99 25.10
N PHE YC 31 -58.74 19.74 25.81
CA PHE YC 31 -59.02 20.00 27.21
C PHE YC 31 -60.19 20.96 27.34
N GLU YC 32 -61.03 20.71 28.33
CA GLU YC 32 -62.06 21.65 28.72
C GLU YC 32 -61.92 21.97 30.19
N GLN YC 33 -62.23 23.22 30.53
CA GLN YC 33 -62.47 23.63 31.91
C GLN YC 33 -63.86 24.26 31.85
N ARG YC 34 -64.87 23.39 31.90
CA ARG YC 34 -66.24 23.78 31.58
C ARG YC 34 -67.22 23.18 32.58
N ASP YC 35 -68.50 23.27 32.25
CA ASP YC 35 -69.57 22.60 32.98
C ASP YC 35 -70.65 22.24 31.97
N ASP YC 36 -71.84 21.94 32.47
CA ASP YC 36 -72.97 21.68 31.58
C ASP YC 36 -74.22 22.29 32.20
N VAL YC 37 -75.35 22.02 31.57
CA VAL YC 37 -76.66 22.29 32.15
C VAL YC 37 -77.35 20.94 32.23
N LYS YC 38 -78.63 20.92 32.62
CA LYS YC 38 -79.37 19.67 32.66
C LYS YC 38 -79.55 19.11 31.25
N HIS YC 39 -79.83 19.96 30.27
CA HIS YC 39 -80.17 19.49 28.94
C HIS YC 39 -78.96 19.03 28.16
N LEU YC 40 -77.89 19.82 28.16
CA LEU YC 40 -76.82 19.55 27.20
C LEU YC 40 -75.49 20.05 27.70
N GLY YC 41 -74.46 19.24 27.47
CA GLY YC 41 -73.10 19.74 27.40
C GLY YC 41 -72.52 19.28 26.08
N ILE YC 42 -72.27 20.21 25.17
CA ILE YC 42 -71.91 19.87 23.80
C ILE YC 42 -70.42 20.09 23.58
N CYS YC 43 -69.79 19.10 22.97
CA CYS YC 43 -68.35 19.13 22.73
C CYS YC 43 -68.07 18.42 21.41
N LYS YC 44 -67.90 19.17 20.33
CA LYS YC 44 -67.24 18.61 19.16
C LYS YC 44 -65.76 18.44 19.46
N VAL YC 45 -65.32 17.23 19.42
CA VAL YC 45 -63.98 16.89 19.92
C VAL YC 45 -62.91 17.06 18.82
N ILE YC 46 -63.31 17.52 17.63
CA ILE YC 46 -62.46 17.49 16.45
C ILE YC 46 -62.06 18.91 16.01
N SER YC 47 -62.57 19.95 16.70
CA SER YC 47 -62.55 21.33 16.20
C SER YC 47 -61.15 21.90 16.08
N ASP YC 48 -60.25 21.57 17.01
CA ASP YC 48 -58.92 22.19 16.99
C ASP YC 48 -57.99 21.60 15.94
N VAL YC 49 -58.29 20.43 15.37
CA VAL YC 49 -57.34 19.80 14.46
C VAL YC 49 -57.47 20.49 13.12
N THR YC 50 -56.51 21.35 12.81
CA THR YC 50 -56.45 22.11 11.57
C THR YC 50 -55.27 21.62 10.74
N ARG YC 51 -55.12 22.20 9.56
CA ARG YC 51 -54.00 21.85 8.70
C ARG YC 51 -52.70 22.38 9.27
N GLY YC 52 -51.70 21.53 9.33
CA GLY YC 52 -50.37 21.92 9.73
C GLY YC 52 -49.42 20.75 9.63
N PRO YC 53 -48.13 21.04 9.47
CA PRO YC 53 -47.13 19.97 9.55
C PRO YC 53 -46.84 19.51 10.97
N GLY YC 54 -47.31 20.24 11.99
CA GLY YC 54 -46.99 19.93 13.36
C GLY YC 54 -47.69 18.69 13.87
N LEU YC 55 -47.24 18.24 15.04
CA LEU YC 55 -47.73 17.02 15.64
C LEU YC 55 -48.97 17.22 16.51
N THR YC 56 -49.70 18.32 16.32
CA THR YC 56 -51.06 18.49 16.81
C THR YC 56 -51.97 18.93 15.68
N HIS YC 57 -51.73 18.37 14.49
CA HIS YC 57 -52.36 18.85 13.27
C HIS YC 57 -52.69 17.65 12.38
N ARG YC 58 -52.95 17.94 11.11
CA ARG YC 58 -53.33 16.95 10.12
C ARG YC 58 -52.73 17.33 8.78
N VAL YC 59 -52.73 16.38 7.85
CA VAL YC 59 -52.38 16.61 6.46
C VAL YC 59 -53.53 16.10 5.61
N GLY YC 60 -54.19 17.00 4.90
CA GLY YC 60 -55.38 16.62 4.19
C GLY YC 60 -56.57 16.50 5.14
N LYS YC 61 -57.62 15.87 4.65
CA LYS YC 61 -58.91 15.88 5.34
C LYS YC 61 -59.30 14.50 5.88
N ARG YC 62 -58.32 13.62 6.11
CA ARG YC 62 -58.60 12.23 6.45
C ARG YC 62 -58.01 11.89 7.82
N PHE YC 63 -58.84 11.32 8.70
CA PHE YC 63 -58.41 10.82 9.99
C PHE YC 63 -58.67 9.33 10.09
N CYS YC 64 -57.95 8.69 10.92
CA CYS YC 64 -58.34 7.40 11.52
C CYS YC 64 -57.99 7.52 12.99
N ILE YC 65 -58.98 7.92 13.80
CA ILE YC 65 -58.78 8.06 15.24
C ILE YC 65 -58.54 6.69 15.85
N LYS YC 66 -57.34 6.51 16.41
CA LYS YC 66 -57.00 5.24 17.04
C LYS YC 66 -57.76 5.06 18.34
N SER YC 67 -57.66 6.03 19.24
CA SER YC 67 -58.37 5.93 20.52
C SER YC 67 -58.63 7.31 21.08
N ILE YC 68 -59.77 7.43 21.76
CA ILE YC 68 -60.09 8.58 22.59
C ILE YC 68 -59.80 8.20 24.04
N TYR YC 69 -58.95 9.00 24.69
CA TYR YC 69 -58.55 8.77 26.07
C TYR YC 69 -59.14 9.87 26.93
N ILE YC 70 -60.19 9.54 27.67
CA ILE YC 70 -60.96 10.52 28.43
C ILE YC 70 -60.46 10.53 29.86
N LEU YC 71 -59.77 11.59 30.24
CA LEU YC 71 -59.57 11.93 31.63
C LEU YC 71 -60.66 12.89 32.07
N GLY YC 72 -60.78 13.07 33.39
CA GLY YC 72 -61.75 14.03 33.88
C GLY YC 72 -62.10 13.89 35.35
N LYS YC 73 -62.26 15.03 36.00
CA LYS YC 73 -62.74 15.08 37.38
C LYS YC 73 -64.07 15.82 37.41
N ILE YC 74 -65.09 15.19 37.97
CA ILE YC 74 -66.46 15.67 37.93
C ILE YC 74 -66.87 15.97 39.35
N TRP YC 75 -66.99 17.26 39.69
CA TRP YC 75 -67.26 17.63 41.07
C TRP YC 75 -68.48 18.54 41.15
N LEU YC 76 -68.82 18.87 42.38
CA LEU YC 76 -69.75 19.93 42.73
C LEU YC 76 -69.27 20.75 43.91
N ASP YC 77 -67.94 20.82 44.12
CA ASP YC 77 -67.37 21.26 45.38
C ASP YC 77 -67.28 22.80 45.47
N GLU YC 78 -68.06 23.50 44.68
CA GLU YC 78 -68.37 24.90 44.94
C GLU YC 78 -69.13 24.99 46.27
N THR YC 79 -69.06 26.16 46.92
CA THR YC 79 -69.67 26.33 48.25
C THR YC 79 -71.21 26.34 48.22
N ILE YC 80 -71.80 26.28 47.03
CA ILE YC 80 -73.25 26.23 46.86
C ILE YC 80 -73.50 24.85 46.25
N LYS YC 81 -74.76 24.53 45.92
CA LYS YC 81 -75.23 23.27 45.33
C LYS YC 81 -75.02 22.10 46.27
N LYS YC 82 -75.18 22.33 47.57
CA LYS YC 82 -75.42 21.27 48.53
C LYS YC 82 -76.90 20.95 48.69
N GLN YC 83 -77.79 21.92 48.50
CA GLN YC 83 -79.21 21.65 48.37
C GLN YC 83 -79.52 21.25 46.93
N ASN YC 84 -80.73 20.70 46.73
CA ASN YC 84 -81.23 20.15 45.47
C ASN YC 84 -80.27 19.11 44.92
N HIS YC 85 -79.78 18.26 45.81
CA HIS YC 85 -78.60 17.44 45.56
C HIS YC 85 -78.90 16.06 45.00
N THR YC 86 -77.89 15.18 45.03
CA THR YC 86 -77.89 13.82 44.49
C THR YC 86 -78.18 13.74 43.01
N ASN YC 87 -77.28 14.27 42.18
CA ASN YC 87 -77.39 14.16 40.72
C ASN YC 87 -76.27 13.24 40.21
N ASN YC 88 -76.47 12.67 39.03
CA ASN YC 88 -75.47 11.84 38.40
C ASN YC 88 -75.29 12.25 36.94
N VAL YC 89 -74.16 11.83 36.36
CA VAL YC 89 -73.75 12.24 35.03
C VAL YC 89 -73.72 11.01 34.14
N ILE YC 90 -74.41 11.07 33.01
CA ILE YC 90 -74.37 10.02 32.00
C ILE YC 90 -73.65 10.59 30.79
N PHE YC 91 -72.58 9.93 30.36
CA PHE YC 91 -71.84 10.39 29.19
C PHE YC 91 -72.34 9.71 27.92
N TYR YC 92 -72.17 10.40 26.81
CA TYR YC 92 -72.61 9.90 25.51
C TYR YC 92 -71.53 10.20 24.49
N LEU YC 93 -71.00 9.16 23.86
CA LEU YC 93 -69.98 9.30 22.83
C LEU YC 93 -70.57 8.72 21.55
N LEU YC 94 -70.95 9.61 20.62
CA LEU YC 94 -71.77 9.23 19.48
C LEU YC 94 -70.93 9.22 18.21
N ARG YC 95 -71.21 8.26 17.33
CA ARG YC 95 -70.66 8.28 15.98
C ARG YC 95 -71.65 9.01 15.09
N ASP YC 96 -71.29 10.22 14.66
CA ASP YC 96 -72.17 11.04 13.84
C ASP YC 96 -72.03 10.66 12.37
N ARG YC 97 -73.11 10.89 11.61
CA ARG YC 97 -73.14 10.54 10.19
C ARG YC 97 -73.02 11.73 9.26
N ARG YC 98 -73.49 12.92 9.65
CA ARG YC 98 -73.15 14.15 8.93
C ARG YC 98 -73.39 15.34 9.83
N PRO YC 99 -72.66 16.44 9.65
CA PRO YC 99 -72.98 17.68 10.36
C PRO YC 99 -74.04 18.49 9.62
N TYR YC 100 -74.84 19.23 10.38
CA TYR YC 100 -75.82 20.18 9.82
C TYR YC 100 -75.29 21.58 10.09
N GLY YC 101 -74.40 22.05 9.20
CA GLY YC 101 -73.75 23.33 9.41
C GLY YC 101 -72.83 23.32 10.62
N ASN YC 102 -73.23 24.03 11.67
CA ASN YC 102 -72.45 24.09 12.90
C ASN YC 102 -72.99 23.06 13.91
N ALA YC 103 -72.59 23.18 15.18
CA ALA YC 103 -72.93 22.17 16.18
C ALA YC 103 -74.42 22.21 16.52
N PRO YC 104 -75.09 21.05 16.56
CA PRO YC 104 -76.54 21.04 16.84
C PRO YC 104 -76.90 20.93 18.32
N GLN YC 105 -78.20 20.82 18.60
CA GLN YC 105 -78.76 20.74 19.94
C GLN YC 105 -78.57 19.34 20.54
N ASP YC 106 -79.12 19.14 21.74
CA ASP YC 106 -79.23 17.81 22.33
C ASP YC 106 -80.67 17.41 22.63
N PHE YC 107 -81.44 18.23 23.36
CA PHE YC 107 -82.81 17.86 23.68
C PHE YC 107 -83.69 17.87 22.42
N GLY YC 108 -83.31 18.68 21.43
CA GLY YC 108 -83.89 18.54 20.11
C GLY YC 108 -83.24 17.45 19.27
N GLN YC 109 -82.33 16.67 19.84
CA GLN YC 109 -81.59 15.66 19.07
C GLN YC 109 -81.80 14.25 19.57
N ILE YC 110 -81.57 13.97 20.85
CA ILE YC 110 -81.85 12.63 21.37
C ILE YC 110 -83.32 12.53 21.74
N PHE YC 111 -83.83 11.27 21.87
CA PHE YC 111 -85.28 11.12 21.80
C PHE YC 111 -85.99 11.65 23.04
N ASN YC 112 -85.73 11.07 24.20
CA ASN YC 112 -86.60 11.31 25.35
C ASN YC 112 -85.77 11.90 26.48
N MET YC 113 -86.40 12.06 27.65
CA MET YC 113 -85.82 12.80 28.76
C MET YC 113 -84.79 11.96 29.51
N PHE YC 114 -83.53 12.13 29.09
CA PHE YC 114 -82.29 11.92 29.83
C PHE YC 114 -81.93 10.45 30.07
N ASP YC 115 -82.82 9.52 29.73
CA ASP YC 115 -82.51 8.09 29.67
C ASP YC 115 -83.07 7.57 28.36
N ASN YC 116 -82.27 7.63 27.31
CA ASN YC 116 -82.81 7.49 25.96
C ASN YC 116 -81.76 7.00 24.99
N GLU YC 117 -82.12 7.11 23.71
CA GLU YC 117 -81.36 6.75 22.52
C GLU YC 117 -81.60 7.88 21.51
N PRO YC 118 -80.90 7.92 20.38
CA PRO YC 118 -81.30 8.86 19.33
C PRO YC 118 -82.67 8.52 18.75
N SER YC 119 -83.29 9.52 18.15
CA SER YC 119 -84.65 9.40 17.64
C SER YC 119 -84.69 8.48 16.42
N THR YC 120 -85.91 8.02 16.10
CA THR YC 120 -86.11 7.10 14.99
C THR YC 120 -85.86 7.76 13.64
N ALA YC 121 -86.04 9.08 13.55
CA ALA YC 121 -85.81 9.79 12.30
C ALA YC 121 -84.37 10.30 12.17
N THR YC 122 -83.49 9.96 13.10
CA THR YC 122 -82.15 10.51 13.13
C THR YC 122 -81.05 9.46 12.90
N ILE YC 123 -81.41 8.19 12.81
CA ILE YC 123 -80.41 7.13 12.67
C ILE YC 123 -79.82 7.13 11.26
N PHE YC 131 -78.37 9.28 14.58
CA PHE YC 131 -76.92 9.22 14.58
C PHE YC 131 -76.48 8.00 15.38
N GLN YC 132 -75.37 7.39 15.00
CA GLN YC 132 -74.93 6.18 15.69
C GLN YC 132 -74.33 6.53 17.04
N VAL YC 133 -74.31 5.53 17.91
CA VAL YC 133 -73.81 5.62 19.27
C VAL YC 133 -72.57 4.73 19.32
N LEU YC 134 -71.59 5.08 20.15
CA LEU YC 134 -70.54 4.12 20.45
C LEU YC 134 -70.68 3.50 21.83
N ARG YC 135 -70.60 4.28 22.91
CA ARG YC 135 -70.77 3.77 24.26
C ARG YC 135 -71.29 4.86 25.18
N LYS YC 136 -71.48 4.50 26.46
CA LYS YC 136 -71.93 5.39 27.51
C LYS YC 136 -70.98 5.28 28.70
N PHE YC 137 -71.16 6.16 29.68
CA PHE YC 137 -70.41 6.10 30.93
C PHE YC 137 -71.32 6.50 32.09
N HIS YC 138 -70.76 6.47 33.30
CA HIS YC 138 -71.48 6.85 34.51
C HIS YC 138 -70.57 7.68 35.41
N ALA YC 139 -71.19 8.60 36.16
CA ALA YC 139 -70.49 9.38 37.17
C ALA YC 139 -71.56 9.86 38.15
N THR YC 140 -71.47 9.43 39.41
CA THR YC 140 -72.49 9.69 40.42
C THR YC 140 -71.91 10.53 41.54
N VAL YC 141 -72.32 11.80 41.60
CA VAL YC 141 -71.84 12.71 42.64
C VAL YC 141 -73.02 13.09 43.54
N VAL YC 142 -73.08 12.45 44.71
CA VAL YC 142 -74.22 12.65 45.60
C VAL YC 142 -73.75 13.33 46.90
N GLY YC 143 -73.91 14.65 46.98
CA GLY YC 143 -73.50 15.35 48.18
C GLY YC 143 -74.49 16.37 48.69
N GLY YC 144 -75.03 16.14 49.88
CA GLY YC 144 -75.99 17.08 50.45
C GLY YC 144 -75.44 17.79 51.69
N LEU YC 145 -75.90 17.39 52.86
CA LEU YC 145 -75.42 17.96 54.11
C LEU YC 145 -75.15 16.84 55.10
N TYR YC 146 -74.42 17.19 56.17
CA TYR YC 146 -74.13 16.40 57.36
C TYR YC 146 -73.32 15.13 57.11
N CYS YC 147 -72.84 14.85 55.90
CA CYS YC 147 -71.64 14.03 55.83
C CYS YC 147 -70.54 14.73 55.01
N MET YC 148 -70.78 15.28 53.80
CA MET YC 148 -71.77 14.90 52.77
C MET YC 148 -71.08 13.88 51.86
N LYS YC 149 -71.64 12.68 51.75
CA LYS YC 149 -70.84 11.60 51.19
C LYS YC 149 -71.16 11.34 49.72
N GLU YC 150 -70.61 12.22 48.88
CA GLU YC 150 -69.85 11.96 47.65
C GLU YC 150 -69.46 13.28 47.02
N GLN YC 151 -68.39 13.26 46.22
CA GLN YC 151 -67.78 14.42 45.60
C GLN YC 151 -67.00 13.99 44.37
N ALA YC 152 -66.02 14.81 43.98
CA ALA YC 152 -65.17 14.70 42.79
C ALA YC 152 -64.69 13.28 42.53
N LEU YC 153 -65.10 12.72 41.39
CA LEU YC 153 -64.70 11.38 40.99
C LEU YC 153 -63.75 11.47 39.82
N VAL YC 154 -62.82 10.52 39.72
CA VAL YC 154 -61.85 10.51 38.63
C VAL YC 154 -62.20 9.39 37.66
N LYS YC 155 -62.25 9.71 36.36
CA LYS YC 155 -62.59 8.75 35.33
C LYS YC 155 -61.52 8.74 34.26
N ARG YC 156 -60.90 7.57 34.04
CA ARG YC 156 -60.00 7.36 32.92
C ARG YC 156 -60.50 6.17 32.11
N PHE YC 157 -60.41 6.29 30.78
CA PHE YC 157 -60.94 5.26 29.88
C PHE YC 157 -60.14 5.23 28.58
N TYR YC 158 -59.49 4.10 28.30
CA TYR YC 158 -59.15 3.77 26.93
C TYR YC 158 -60.43 3.48 26.14
N ARG YC 159 -60.50 3.97 24.90
CA ARG YC 159 -61.69 3.75 24.09
C ARG YC 159 -61.29 3.81 22.61
N LEU YC 160 -61.17 2.65 21.99
CA LEU YC 160 -60.75 2.57 20.60
C LEU YC 160 -61.89 2.94 19.66
N ASN YC 161 -61.56 3.65 18.58
CA ASN YC 161 -62.56 4.19 17.65
C ASN YC 161 -62.00 4.10 16.23
N HIS YC 162 -62.61 4.82 15.30
CA HIS YC 162 -62.29 4.67 13.88
C HIS YC 162 -62.39 6.02 13.17
N HIS YC 163 -62.46 5.99 11.85
CA HIS YC 163 -62.03 7.05 10.95
C HIS YC 163 -62.99 8.23 10.92
N VAL YC 164 -62.44 9.39 10.54
CA VAL YC 164 -63.13 10.68 10.44
C VAL YC 164 -62.65 11.36 9.16
N THR YC 165 -63.54 12.08 8.50
CA THR YC 165 -63.20 12.88 7.32
C THR YC 165 -63.77 14.30 7.45
N TYR YC 166 -63.02 15.30 6.94
CA TYR YC 166 -63.48 16.68 6.80
C TYR YC 166 -63.99 16.97 5.39
N ASN YC 167 -64.72 18.09 5.25
CA ASN YC 167 -65.30 18.45 3.96
C ASN YC 167 -64.41 19.41 3.18
N HIS YC 168 -64.22 20.63 3.69
CA HIS YC 168 -63.53 21.64 2.90
C HIS YC 168 -62.03 21.47 3.00
N GLN YC 169 -61.29 22.21 2.17
CA GLN YC 169 -59.84 22.18 2.16
C GLN YC 169 -59.24 23.33 2.97
N GLU YC 170 -59.92 23.70 4.05
CA GLU YC 170 -59.52 24.83 4.88
C GLU YC 170 -58.62 24.36 6.02
N ALA YC 171 -57.79 25.28 6.51
CA ALA YC 171 -57.13 25.12 7.80
C ALA YC 171 -58.03 25.72 8.88
N GLY YC 172 -59.20 25.09 9.04
CA GLY YC 172 -60.29 25.74 9.74
C GLY YC 172 -60.99 24.95 10.82
N LYS YC 173 -62.19 25.41 11.17
CA LYS YC 173 -62.89 25.06 12.38
C LYS YC 173 -63.73 23.79 12.18
N TYR YC 174 -64.67 23.55 13.11
CA TYR YC 174 -65.52 22.37 13.10
C TYR YC 174 -66.58 22.40 12.01
N GLU YC 175 -66.91 23.57 11.46
CA GLU YC 175 -68.05 23.69 10.56
C GLU YC 175 -67.83 23.01 9.21
N ASN YC 176 -66.58 22.73 8.82
CA ASN YC 176 -66.32 22.07 7.56
C ASN YC 176 -66.14 20.56 7.71
N HIS YC 177 -66.86 19.93 8.64
CA HIS YC 177 -66.85 18.48 8.74
C HIS YC 177 -67.73 17.88 7.64
N THR YC 178 -67.61 16.57 7.49
CA THR YC 178 -68.49 15.80 6.61
C THR YC 178 -68.81 14.50 7.35
N GLU YC 179 -69.23 13.48 6.58
CA GLU YC 179 -69.50 12.12 7.06
C GLU YC 179 -68.45 11.60 8.03
N ASN YC 180 -68.94 10.79 8.98
CA ASN YC 180 -68.17 10.20 10.08
C ASN YC 180 -67.51 11.29 10.92
N ALA YC 181 -68.39 12.09 11.52
CA ALA YC 181 -67.96 12.89 12.65
C ALA YC 181 -68.20 12.11 13.94
N LEU YC 182 -67.66 12.63 15.04
CA LEU YC 182 -67.89 12.05 16.36
C LEU YC 182 -67.68 13.12 17.40
N LEU YC 183 -68.51 13.12 18.43
CA LEU YC 183 -68.51 14.18 19.43
C LEU YC 183 -69.14 13.65 20.71
N LEU YC 184 -69.23 14.52 21.72
CA LEU YC 184 -69.71 14.14 23.04
C LEU YC 184 -70.96 14.92 23.43
N TYR YC 185 -71.79 14.27 24.25
CA TYR YC 185 -72.85 14.94 24.97
C TYR YC 185 -72.78 14.52 26.43
N MET YC 186 -72.98 15.48 27.33
CA MET YC 186 -73.04 15.21 28.75
C MET YC 186 -74.41 15.60 29.26
N ALA YC 187 -74.95 14.79 30.18
CA ALA YC 187 -76.33 14.95 30.61
C ALA YC 187 -76.42 14.93 32.13
N CYS YC 188 -77.14 15.90 32.68
CA CYS YC 188 -77.52 15.90 34.08
C CYS YC 188 -78.96 15.43 34.22
N THR YC 189 -79.30 14.91 35.40
CA THR YC 189 -80.60 14.27 35.61
C THR YC 189 -81.46 15.00 36.64
N HIS YC 190 -81.12 16.23 37.00
CA HIS YC 190 -81.90 16.99 37.97
C HIS YC 190 -81.91 18.46 37.58
N ALA YC 191 -82.92 19.19 38.08
CA ALA YC 191 -83.16 20.56 37.66
C ALA YC 191 -82.08 21.51 38.17
N SER YC 192 -81.42 21.20 39.28
CA SER YC 192 -80.26 21.97 39.70
C SER YC 192 -79.08 21.68 38.78
N ASN YC 193 -78.09 22.56 38.84
CA ASN YC 193 -76.88 22.34 38.05
C ASN YC 193 -75.65 22.29 38.95
N PRO YC 194 -75.39 21.18 39.65
CA PRO YC 194 -74.20 21.13 40.50
C PRO YC 194 -72.94 20.76 39.75
N VAL YC 195 -73.07 20.14 38.59
CA VAL YC 195 -71.97 19.43 37.95
C VAL YC 195 -70.99 20.42 37.32
N TYR YC 196 -69.78 20.46 37.86
CA TYR YC 196 -68.67 21.17 37.25
C TYR YC 196 -67.65 20.13 36.76
N ALA YC 197 -67.88 19.66 35.54
CA ALA YC 197 -67.11 18.56 34.97
C ALA YC 197 -66.05 19.12 34.02
N THR YC 198 -64.78 18.93 34.38
CA THR YC 198 -63.67 19.33 33.54
C THR YC 198 -62.94 18.07 33.08
N LEU YC 199 -62.77 17.93 31.77
CA LEU YC 199 -62.31 16.70 31.18
C LEU YC 199 -61.13 16.97 30.25
N LYS YC 200 -60.12 16.11 30.35
CA LYS YC 200 -58.99 16.10 29.44
C LYS YC 200 -59.15 14.95 28.46
N ILE YC 201 -59.24 15.28 27.17
CA ILE YC 201 -59.65 14.33 26.15
C ILE YC 201 -58.50 14.23 25.15
N ARG YC 202 -57.69 13.19 25.27
CA ARG YC 202 -56.62 12.93 24.30
C ARG YC 202 -57.16 12.13 23.13
N ILE YC 203 -56.91 12.61 21.92
CA ILE YC 203 -57.05 11.81 20.71
C ILE YC 203 -55.67 11.73 20.07
N TYR YC 204 -55.12 10.52 19.99
CA TYR YC 204 -53.91 10.28 19.22
C TYR YC 204 -54.23 9.31 18.09
N PHE YC 205 -53.72 9.63 16.90
CA PHE YC 205 -54.15 8.98 15.67
C PHE YC 205 -53.05 8.98 14.63
N ALA ZC 1 -25.63 11.54 -37.46
CA ALA ZC 1 -25.28 10.49 -36.53
C ALA ZC 1 -24.03 10.87 -35.74
N PRO ZC 2 -24.00 10.55 -34.44
CA PRO ZC 2 -22.87 10.97 -33.60
C PRO ZC 2 -21.60 10.21 -33.92
N MET ZC 3 -20.58 10.94 -34.38
CA MET ZC 3 -19.24 10.44 -34.69
C MET ZC 3 -19.24 9.35 -35.76
N TYR ZC 4 -19.65 9.76 -36.97
CA TYR ZC 4 -19.33 9.05 -38.20
C TYR ZC 4 -17.84 8.73 -38.28
N ARG ZC 5 -17.50 7.51 -38.73
CA ARG ZC 5 -16.08 7.14 -38.73
C ARG ZC 5 -15.58 6.37 -39.98
N LYS ZC 6 -15.78 6.82 -41.24
CA LYS ZC 6 -16.67 7.82 -41.82
C LYS ZC 6 -18.15 7.36 -42.01
N PRO ZC 7 -18.41 6.06 -42.26
CA PRO ZC 7 -19.73 5.53 -41.90
C PRO ZC 7 -19.74 5.04 -40.46
N THR ZC 8 -20.95 4.94 -39.92
CA THR ZC 8 -21.11 4.65 -38.49
C THR ZC 8 -20.82 3.19 -38.19
N MET ZC 9 -19.91 2.95 -37.27
CA MET ZC 9 -19.90 1.70 -36.53
C MET ZC 9 -20.78 1.85 -35.30
N TYR ZC 10 -20.80 0.80 -34.49
CA TYR ZC 10 -21.84 0.57 -33.47
C TYR ZC 10 -23.24 0.70 -34.06
N ARG ZC 11 -23.43 0.17 -35.27
CA ARG ZC 11 -24.77 0.01 -35.83
C ARG ZC 11 -25.10 -1.48 -35.86
N MET ZC 12 -24.42 -2.27 -36.70
CA MET ZC 12 -23.76 -3.54 -36.39
C MET ZC 12 -24.59 -4.62 -35.65
N TYR ZC 13 -25.86 -4.37 -35.34
CA TYR ZC 13 -26.52 -5.15 -34.29
C TYR ZC 13 -28.01 -5.26 -34.58
N ARG ZC 14 -28.76 -5.69 -33.57
CA ARG ZC 14 -30.20 -5.96 -33.69
C ARG ZC 14 -30.97 -4.65 -33.75
N SER ZC 15 -31.77 -4.50 -34.80
CA SER ZC 15 -32.74 -3.42 -34.90
C SER ZC 15 -33.91 -3.89 -35.77
N PRO ZC 16 -35.09 -3.76 -35.33
CA PRO ZC 16 -36.23 -4.15 -36.18
C PRO ZC 16 -36.54 -3.13 -37.27
N ASP ZC 17 -35.80 -3.21 -38.38
CA ASP ZC 17 -36.01 -2.28 -39.48
C ASP ZC 17 -36.56 -2.97 -40.72
N ILE ZC 18 -35.72 -3.76 -41.40
CA ILE ZC 18 -35.85 -4.15 -42.82
C ILE ZC 18 -34.69 -5.11 -43.08
N PRO ZC 19 -34.58 -5.82 -44.22
CA PRO ZC 19 -33.39 -6.67 -44.42
C PRO ZC 19 -32.08 -5.95 -44.76
N ARG ZC 20 -32.06 -5.01 -45.70
CA ARG ZC 20 -30.80 -4.67 -46.37
C ARG ZC 20 -30.05 -3.51 -45.73
N GLY ZC 21 -30.65 -2.32 -45.69
CA GLY ZC 21 -29.99 -1.18 -45.08
C GLY ZC 21 -29.84 -1.37 -43.58
N CYS ZC 22 -28.86 -0.70 -42.99
CA CYS ZC 22 -28.59 -0.98 -41.59
C CYS ZC 22 -28.70 0.24 -40.71
N GLU ZC 23 -28.53 1.44 -41.29
CA GLU ZC 23 -28.25 2.65 -40.53
C GLU ZC 23 -29.50 3.17 -39.83
N GLY ZC 24 -29.38 4.37 -39.27
CA GLY ZC 24 -30.49 5.10 -38.71
C GLY ZC 24 -31.55 5.31 -39.76
N PRO ZC 25 -32.82 4.99 -39.41
CA PRO ZC 25 -33.87 4.97 -40.43
C PRO ZC 25 -34.23 6.36 -40.91
N CYS ZC 26 -33.41 6.84 -41.84
CA CYS ZC 26 -33.28 8.27 -42.06
C CYS ZC 26 -34.45 8.81 -42.86
N LYS ZC 27 -34.97 9.95 -42.43
CA LYS ZC 27 -36.11 10.55 -43.10
C LYS ZC 27 -35.64 11.44 -44.24
N VAL ZC 28 -36.31 11.31 -45.38
CA VAL ZC 28 -36.19 12.26 -46.48
C VAL ZC 28 -37.60 12.73 -46.79
N GLN ZC 29 -37.84 14.01 -46.55
CA GLN ZC 29 -39.09 14.60 -46.97
C GLN ZC 29 -39.08 14.80 -48.47
N SER ZC 30 -40.25 14.66 -49.10
CA SER ZC 30 -40.55 15.33 -50.36
C SER ZC 30 -41.80 16.18 -50.12
N PHE ZC 31 -41.59 17.34 -49.53
CA PHE ZC 31 -42.68 18.30 -49.42
C PHE ZC 31 -43.00 18.89 -50.78
N GLU ZC 32 -44.29 19.07 -51.04
CA GLU ZC 32 -44.73 19.83 -52.20
C GLU ZC 32 -45.64 20.96 -51.74
N GLN ZC 33 -45.55 22.08 -52.46
CA GLN ZC 33 -46.55 23.14 -52.40
C GLN ZC 33 -46.98 23.29 -53.85
N ARG ZC 34 -47.89 22.43 -54.27
CA ARG ZC 34 -48.20 22.26 -55.68
C ARG ZC 34 -49.71 22.15 -55.89
N ASP ZC 35 -50.09 21.75 -57.11
CA ASP ZC 35 -51.46 21.42 -57.44
C ASP ZC 35 -51.41 20.32 -58.50
N ASP ZC 36 -52.54 20.13 -59.19
CA ASP ZC 36 -52.56 19.18 -60.30
C ASP ZC 36 -53.42 19.75 -61.40
N VAL ZC 37 -53.66 18.93 -62.42
CA VAL ZC 37 -54.67 19.19 -63.44
C VAL ZC 37 -55.63 18.02 -63.37
N LYS ZC 38 -56.60 17.96 -64.28
CA LYS ZC 38 -57.51 16.83 -64.32
C LYS ZC 38 -56.78 15.54 -64.66
N HIS ZC 39 -55.83 15.60 -65.60
CA HIS ZC 39 -55.21 14.39 -66.11
C HIS ZC 39 -54.17 13.84 -65.15
N LEU ZC 40 -53.29 14.69 -64.63
CA LEU ZC 40 -52.14 14.16 -63.94
C LEU ZC 40 -51.60 15.13 -62.90
N GLY ZC 41 -51.23 14.57 -61.75
CA GLY ZC 41 -50.26 15.22 -60.88
C GLY ZC 41 -49.16 14.22 -60.63
N ILE ZC 42 -47.96 14.49 -61.14
CA ILE ZC 42 -46.89 13.51 -61.14
C ILE ZC 42 -45.86 13.87 -60.07
N CYS ZC 43 -45.47 12.87 -59.29
CA CYS ZC 43 -44.51 13.07 -58.20
C CYS ZC 43 -43.67 11.81 -58.08
N LYS ZC 44 -42.46 11.83 -58.64
CA LYS ZC 44 -41.46 10.85 -58.22
C LYS ZC 44 -40.98 11.21 -56.82
N VAL ZC 45 -41.22 10.30 -55.86
CA VAL ZC 45 -41.02 10.59 -54.45
C VAL ZC 45 -39.58 10.32 -54.01
N ILE ZC 46 -38.69 9.93 -54.94
CA ILE ZC 46 -37.38 9.43 -54.62
C ILE ZC 46 -36.27 10.39 -55.09
N SER ZC 47 -36.65 11.50 -55.74
CA SER ZC 47 -35.71 12.32 -56.53
C SER ZC 47 -34.65 13.00 -55.67
N ASP ZC 48 -35.02 13.46 -54.47
CA ASP ZC 48 -34.07 14.21 -53.65
C ASP ZC 48 -33.02 13.35 -52.96
N VAL ZC 49 -33.21 12.03 -52.88
CA VAL ZC 49 -32.29 11.21 -52.10
C VAL ZC 49 -31.06 10.98 -52.98
N THR ZC 50 -29.99 11.69 -52.67
CA THR ZC 50 -28.73 11.60 -53.38
C THR ZC 50 -27.68 10.99 -52.47
N ARG ZC 51 -26.46 10.82 -53.00
CA ARG ZC 51 -25.38 10.29 -52.19
C ARG ZC 51 -24.92 11.31 -51.18
N GLY ZC 52 -24.78 10.86 -49.94
CA GLY ZC 52 -24.23 11.69 -48.89
C GLY ZC 52 -24.12 10.90 -47.60
N PRO ZC 53 -23.22 11.31 -46.73
CA PRO ZC 53 -23.18 10.71 -45.37
C PRO ZC 53 -24.27 11.22 -44.46
N GLY ZC 54 -25.00 12.27 -44.85
CA GLY ZC 54 -25.98 12.87 -43.99
C GLY ZC 54 -27.23 12.03 -43.83
N LEU ZC 55 -28.05 12.42 -42.86
CA LEU ZC 55 -29.26 11.68 -42.51
C LEU ZC 55 -30.48 12.08 -43.34
N THR ZC 56 -30.27 12.70 -44.50
CA THR ZC 56 -31.30 12.83 -45.53
C THR ZC 56 -30.74 12.34 -46.86
N HIS ZC 57 -29.94 11.27 -46.81
CA HIS ZC 57 -29.17 10.82 -47.96
C HIS ZC 57 -29.14 9.30 -47.98
N ARG ZC 58 -28.21 8.75 -48.75
CA ARG ZC 58 -28.04 7.33 -48.94
C ARG ZC 58 -26.56 7.00 -49.06
N VAL ZC 59 -26.26 5.71 -48.93
CA VAL ZC 59 -24.92 5.18 -49.22
C VAL ZC 59 -25.10 4.06 -50.22
N GLY ZC 60 -24.54 4.23 -51.41
CA GLY ZC 60 -24.78 3.26 -52.46
C GLY ZC 60 -26.16 3.46 -53.07
N LYS ZC 61 -26.61 2.46 -53.81
CA LYS ZC 61 -27.79 2.59 -54.65
C LYS ZC 61 -28.95 1.71 -54.16
N ARG ZC 62 -28.96 1.35 -52.89
CA ARG ZC 62 -29.92 0.38 -52.37
C ARG ZC 62 -30.78 1.00 -51.27
N PHE ZC 63 -32.09 0.87 -51.40
CA PHE ZC 63 -33.05 1.30 -50.38
C PHE ZC 63 -33.84 0.11 -49.90
N CYS ZC 64 -34.43 0.26 -48.68
CA CYS ZC 64 -35.59 -0.51 -48.23
C CYS ZC 64 -36.48 0.50 -47.51
N ILE ZC 65 -37.44 1.06 -48.24
CA ILE ZC 65 -38.35 2.05 -47.68
C ILE ZC 65 -39.24 1.37 -46.65
N LYS ZC 66 -39.11 1.80 -45.39
CA LYS ZC 66 -39.92 1.22 -44.32
C LYS ZC 66 -41.37 1.66 -44.45
N SER ZC 67 -41.61 2.96 -44.52
CA SER ZC 67 -42.97 3.46 -44.64
C SER ZC 67 -42.98 4.82 -45.30
N ILE ZC 68 -44.03 5.07 -46.07
CA ILE ZC 68 -44.36 6.39 -46.59
C ILE ZC 68 -45.44 6.97 -45.70
N TYR ZC 69 -45.17 8.15 -45.16
CA TYR ZC 69 -46.10 8.85 -44.26
C TYR ZC 69 -46.61 10.09 -44.99
N ILE ZC 70 -47.86 10.03 -45.45
CA ILE ZC 70 -48.42 11.07 -46.29
C ILE ZC 70 -49.25 12.01 -45.41
N LEU ZC 71 -48.74 13.21 -45.20
CA LEU ZC 71 -49.55 14.33 -44.73
C LEU ZC 71 -50.06 15.11 -45.93
N GLY ZC 72 -51.04 15.97 -45.68
CA GLY ZC 72 -51.53 16.80 -46.76
C GLY ZC 72 -52.86 17.45 -46.51
N LYS ZC 73 -52.99 18.70 -46.94
CA LYS ZC 73 -54.25 19.43 -46.92
C LYS ZC 73 -54.66 19.75 -48.35
N ILE ZC 74 -55.88 19.34 -48.72
CA ILE ZC 74 -56.36 19.41 -50.09
C ILE ZC 74 -57.54 20.38 -50.10
N TRP ZC 75 -57.33 21.56 -50.68
CA TRP ZC 75 -58.35 22.60 -50.62
C TRP ZC 75 -58.69 23.10 -52.02
N LEU ZC 76 -59.66 24.00 -52.05
CA LEU ZC 76 -59.97 24.83 -53.19
C LEU ZC 76 -60.28 26.27 -52.77
N ASP ZC 77 -59.72 26.72 -51.64
CA ASP ZC 77 -60.20 27.92 -50.95
C ASP ZC 77 -59.60 29.20 -51.55
N GLU ZC 78 -59.12 29.14 -52.79
CA GLU ZC 78 -58.92 30.34 -53.60
C GLU ZC 78 -60.27 31.00 -53.83
N THR ZC 79 -60.27 32.31 -54.08
CA THR ZC 79 -61.51 33.08 -54.24
C THR ZC 79 -62.28 32.75 -55.52
N ILE ZC 80 -61.73 31.89 -56.38
CA ILE ZC 80 -62.36 31.45 -57.61
C ILE ZC 80 -62.60 29.95 -57.38
N LYS ZC 81 -63.13 29.25 -58.39
CA LYS ZC 81 -63.43 27.81 -58.39
C LYS ZC 81 -64.51 27.45 -57.37
N LYS ZC 82 -65.48 28.36 -57.19
CA LYS ZC 82 -66.76 28.02 -56.59
C LYS ZC 82 -67.77 27.54 -57.61
N GLN ZC 83 -67.71 28.01 -58.84
CA GLN ZC 83 -68.46 27.41 -59.94
C GLN ZC 83 -67.69 26.21 -60.49
N ASN ZC 84 -68.40 25.40 -61.30
CA ASN ZC 84 -67.92 24.14 -61.88
C ASN ZC 84 -67.43 23.20 -60.79
N HIS ZC 85 -68.19 23.14 -59.70
CA HIS ZC 85 -67.72 22.60 -58.43
C HIS ZC 85 -68.01 21.12 -58.24
N THR ZC 86 -67.87 20.66 -56.99
CA THR ZC 86 -68.01 19.27 -56.54
C THR ZC 86 -67.07 18.29 -57.23
N ASN ZC 87 -65.76 18.43 -57.00
CA ASN ZC 87 -64.77 17.50 -57.51
C ASN ZC 87 -64.17 16.72 -56.34
N ASN ZC 88 -63.62 15.55 -56.63
CA ASN ZC 88 -62.95 14.74 -55.62
C ASN ZC 88 -61.60 14.27 -56.13
N VAL ZC 89 -60.75 13.84 -55.20
CA VAL ZC 89 -59.36 13.49 -55.49
C VAL ZC 89 -59.18 12.00 -55.19
N ILE ZC 90 -58.66 11.27 -56.16
CA ILE ZC 90 -58.31 9.87 -55.98
C ILE ZC 90 -56.78 9.78 -56.04
N PHE ZC 91 -56.16 9.24 -54.99
CA PHE ZC 91 -54.72 9.10 -54.97
C PHE ZC 91 -54.31 7.73 -55.49
N TYR ZC 92 -53.10 7.67 -56.03
CA TYR ZC 92 -52.55 6.44 -56.59
C TYR ZC 92 -51.10 6.33 -56.17
N LEU ZC 93 -50.77 5.26 -55.46
CA LEU ZC 93 -49.40 4.99 -55.01
C LEU ZC 93 -48.98 3.69 -55.67
N LEU ZC 94 -48.13 3.76 -56.68
CA LEU ZC 94 -47.85 2.64 -57.56
C LEU ZC 94 -46.46 2.09 -57.28
N ARG ZC 95 -46.33 0.77 -57.36
CA ARG ZC 95 -45.01 0.12 -57.35
C ARG ZC 95 -44.57 -0.02 -58.81
N ASP ZC 96 -43.57 0.77 -59.20
CA ASP ZC 96 -43.07 0.77 -60.57
C ASP ZC 96 -42.05 -0.34 -60.76
N ARG ZC 97 -41.94 -0.83 -62.00
CA ARG ZC 97 -41.04 -1.92 -62.33
C ARG ZC 97 -39.80 -1.48 -63.09
N ARG ZC 98 -39.85 -0.40 -63.91
CA ARG ZC 98 -38.64 0.25 -64.43
C ARG ZC 98 -38.97 1.66 -64.87
N PRO ZC 99 -38.01 2.59 -64.82
CA PRO ZC 99 -38.22 3.90 -65.42
C PRO ZC 99 -37.89 3.92 -66.90
N TYR ZC 100 -38.58 4.76 -67.66
CA TYR ZC 100 -38.30 4.98 -69.08
C TYR ZC 100 -37.67 6.37 -69.19
N GLY ZC 101 -36.36 6.43 -68.97
CA GLY ZC 101 -35.66 7.70 -68.95
C GLY ZC 101 -36.08 8.58 -67.79
N ASN ZC 102 -36.81 9.65 -68.08
CA ASN ZC 102 -37.31 10.56 -67.05
C ASN ZC 102 -38.76 10.20 -66.69
N ALA ZC 103 -39.46 11.10 -66.00
CA ALA ZC 103 -40.79 10.79 -65.48
C ALA ZC 103 -41.82 10.71 -66.62
N PRO ZC 104 -42.66 9.67 -66.64
CA PRO ZC 104 -43.62 9.49 -67.73
C PRO ZC 104 -44.97 10.18 -67.49
N GLN ZC 105 -45.91 9.97 -68.42
CA GLN ZC 105 -47.24 10.56 -68.39
C GLN ZC 105 -48.15 9.83 -67.40
N ASP ZC 106 -49.42 10.23 -67.37
CA ASP ZC 106 -50.45 9.47 -66.65
C ASP ZC 106 -51.59 9.03 -67.57
N PHE ZC 107 -52.22 9.94 -68.33
CA PHE ZC 107 -53.32 9.52 -69.19
C PHE ZC 107 -52.83 8.64 -70.33
N GLY ZC 108 -51.57 8.81 -70.73
CA GLY ZC 108 -50.93 7.82 -71.57
C GLY ZC 108 -50.40 6.62 -70.84
N GLN ZC 109 -50.65 6.50 -69.53
CA GLN ZC 109 -50.09 5.43 -68.71
C GLN ZC 109 -51.14 4.54 -68.08
N ILE ZC 110 -52.09 5.09 -67.32
CA ILE ZC 110 -53.17 4.27 -66.78
C ILE ZC 110 -54.26 4.08 -67.83
N PHE ZC 111 -55.10 3.05 -67.68
CA PHE ZC 111 -55.87 2.59 -68.84
C PHE ZC 111 -56.95 3.56 -69.26
N ASN ZC 112 -57.93 3.83 -68.40
CA ASN ZC 112 -59.14 4.49 -68.85
C ASN ZC 112 -59.33 5.78 -68.07
N MET ZC 113 -60.48 6.44 -68.28
CA MET ZC 113 -60.70 7.79 -67.78
C MET ZC 113 -61.08 7.77 -66.29
N PHE ZC 114 -60.04 7.93 -65.47
CA PHE ZC 114 -60.02 8.46 -64.10
C PHE ZC 114 -60.61 7.50 -63.06
N ASP ZC 115 -61.19 6.37 -63.47
CA ASP ZC 115 -61.56 5.28 -62.58
C ASP ZC 115 -61.08 4.00 -63.24
N ASN ZC 116 -59.85 3.61 -62.94
CA ASN ZC 116 -59.17 2.62 -63.78
C ASN ZC 116 -58.09 1.89 -63.01
N GLU ZC 117 -57.28 1.17 -63.76
CA GLU ZC 117 -56.13 0.37 -63.37
C GLU ZC 117 -55.04 0.64 -64.41
N PRO ZC 118 -53.81 0.18 -64.21
CA PRO ZC 118 -52.84 0.24 -65.32
C PRO ZC 118 -53.26 -0.66 -66.48
N SER ZC 119 -52.72 -0.33 -67.67
CA SER ZC 119 -53.10 -1.02 -68.89
C SER ZC 119 -52.58 -2.45 -68.90
N THR ZC 120 -53.16 -3.25 -69.80
CA THR ZC 120 -52.79 -4.66 -69.92
C THR ZC 120 -51.38 -4.86 -70.45
N ALA ZC 121 -50.87 -3.91 -71.24
CA ALA ZC 121 -49.53 -4.00 -71.77
C ALA ZC 121 -48.48 -3.37 -70.87
N THR ZC 122 -48.86 -2.92 -69.68
CA THR ZC 122 -47.96 -2.18 -68.80
C THR ZC 122 -47.63 -2.91 -67.51
N ILE ZC 123 -48.27 -4.04 -67.23
CA ILE ZC 123 -48.06 -4.75 -65.97
C ILE ZC 123 -46.70 -5.43 -65.95
N PHE ZC 131 -47.58 -1.52 -64.64
CA PHE ZC 131 -46.85 -1.27 -63.41
C PHE ZC 131 -47.71 -1.68 -62.24
N GLN ZC 132 -47.09 -2.15 -61.16
CA GLN ZC 132 -47.86 -2.61 -60.03
C GLN ZC 132 -48.43 -1.44 -59.24
N VAL ZC 133 -49.48 -1.74 -58.48
CA VAL ZC 133 -50.21 -0.78 -57.66
C VAL ZC 133 -49.96 -1.18 -56.22
N LEU ZC 134 -49.93 -0.23 -55.30
CA LEU ZC 134 -49.99 -0.60 -53.89
C LEU ZC 134 -51.36 -0.34 -53.27
N ARG ZC 135 -51.81 0.93 -53.21
CA ARG ZC 135 -53.13 1.26 -52.67
C ARG ZC 135 -53.64 2.54 -53.31
N LYS ZC 136 -54.85 2.94 -52.88
CA LYS ZC 136 -55.53 4.15 -53.31
C LYS ZC 136 -55.96 4.94 -52.09
N PHE ZC 137 -56.45 6.16 -52.31
CA PHE ZC 137 -57.02 6.99 -51.25
C PHE ZC 137 -58.19 7.78 -51.81
N HIS ZC 138 -58.83 8.57 -50.94
CA HIS ZC 138 -59.96 9.41 -51.32
C HIS ZC 138 -59.83 10.76 -50.65
N ALA ZC 139 -60.34 11.79 -51.34
CA ALA ZC 139 -60.44 13.14 -50.79
C ALA ZC 139 -61.53 13.86 -51.57
N THR ZC 140 -62.59 14.25 -50.88
CA THR ZC 140 -63.78 14.80 -51.52
C THR ZC 140 -63.99 16.25 -51.06
N VAL ZC 141 -63.75 17.20 -51.95
CA VAL ZC 141 -63.91 18.61 -51.64
C VAL ZC 141 -65.05 19.18 -52.48
N VAL ZC 142 -66.22 19.33 -51.87
CA VAL ZC 142 -67.40 19.76 -52.61
C VAL ZC 142 -67.86 21.13 -52.11
N GLY ZC 143 -67.47 22.19 -52.81
CA GLY ZC 143 -67.88 23.52 -52.41
C GLY ZC 143 -68.37 24.41 -53.53
N GLY ZC 144 -69.64 24.80 -53.47
CA GLY ZC 144 -70.19 25.67 -54.50
C GLY ZC 144 -70.54 27.04 -53.97
N LEU ZC 145 -71.83 27.31 -53.79
CA LEU ZC 145 -72.28 28.58 -53.24
C LEU ZC 145 -73.34 28.31 -52.19
N TYR ZC 146 -73.62 29.35 -51.41
CA TYR ZC 146 -74.69 29.46 -50.40
C TYR ZC 146 -74.59 28.48 -49.23
N CYS ZC 147 -73.55 27.67 -49.11
CA CYS ZC 147 -73.20 27.25 -47.75
C CYS ZC 147 -71.72 27.57 -47.44
N MET ZC 148 -70.71 27.25 -48.29
CA MET ZC 148 -70.62 26.16 -49.27
C MET ZC 148 -69.98 24.98 -48.52
N LYS ZC 149 -70.67 23.84 -48.47
CA LYS ZC 149 -70.27 22.83 -47.50
C LYS ZC 149 -69.43 21.73 -48.14
N GLU ZC 150 -68.16 22.05 -48.35
CA GLU ZC 150 -66.94 21.31 -48.00
C GLU ZC 150 -65.73 22.08 -48.50
N GLN ZC 151 -64.58 21.83 -47.87
CA GLN ZC 151 -63.33 22.53 -48.09
C GLN ZC 151 -62.18 21.64 -47.65
N ALA ZC 152 -61.04 22.29 -47.34
CA ALA ZC 152 -59.74 21.70 -46.98
C ALA ZC 152 -59.87 20.52 -46.02
N LEU ZC 153 -59.46 19.35 -46.47
CA LEU ZC 153 -59.49 18.14 -45.67
C LEU ZC 153 -58.06 17.74 -45.30
N VAL ZC 154 -57.89 17.13 -44.13
CA VAL ZC 154 -56.57 16.71 -43.70
C VAL ZC 154 -56.48 15.19 -43.78
N LYS ZC 155 -55.39 14.69 -44.39
CA LYS ZC 155 -55.19 13.27 -44.57
C LYS ZC 155 -53.83 12.88 -44.03
N ARG ZC 156 -53.81 11.96 -43.06
CA ARG ZC 156 -52.57 11.34 -42.57
C ARG ZC 156 -52.70 9.83 -42.71
N PHE ZC 157 -51.61 9.18 -43.13
CA PHE ZC 157 -51.63 7.74 -43.39
C PHE ZC 157 -50.25 7.15 -43.13
N TYR ZC 158 -50.15 6.23 -42.18
CA TYR ZC 158 -49.08 5.25 -42.19
C TYR ZC 158 -49.27 4.30 -43.37
N ARG ZC 159 -48.18 3.96 -44.06
CA ARG ZC 159 -48.27 3.07 -45.22
C ARG ZC 159 -46.92 2.37 -45.39
N LEU ZC 160 -46.85 1.11 -44.96
CA LEU ZC 160 -45.63 0.34 -45.03
C LEU ZC 160 -45.37 -0.14 -46.46
N ASN ZC 161 -44.10 -0.13 -46.86
CA ASN ZC 161 -43.70 -0.45 -48.24
C ASN ZC 161 -42.38 -1.21 -48.20
N HIS ZC 162 -41.71 -1.30 -49.34
CA HIS ZC 162 -40.53 -2.16 -49.47
C HIS ZC 162 -39.51 -1.51 -50.40
N HIS ZC 163 -38.56 -2.32 -50.88
CA HIS ZC 163 -37.23 -1.89 -51.30
C HIS ZC 163 -37.23 -1.17 -52.65
N VAL ZC 164 -36.19 -0.36 -52.85
CA VAL ZC 164 -35.95 0.46 -54.05
C VAL ZC 164 -34.47 0.36 -54.38
N THR ZC 165 -34.11 0.37 -55.69
CA THR ZC 165 -32.72 0.42 -56.18
C THR ZC 165 -32.55 1.50 -57.24
N TYR ZC 166 -31.38 2.17 -57.25
CA TYR ZC 166 -30.96 3.10 -58.30
C TYR ZC 166 -30.05 2.42 -59.32
N ASN ZC 167 -29.89 3.08 -60.48
CA ASN ZC 167 -29.07 2.51 -61.56
C ASN ZC 167 -27.63 3.02 -61.52
N HIS ZC 168 -27.43 4.31 -61.74
CA HIS ZC 168 -26.07 4.82 -61.91
C HIS ZC 168 -25.43 5.05 -60.55
N GLN ZC 169 -24.13 5.34 -60.56
CA GLN ZC 169 -23.37 5.60 -59.34
C GLN ZC 169 -23.22 7.10 -59.11
N GLU ZC 170 -24.23 7.88 -59.47
CA GLU ZC 170 -24.20 9.32 -59.38
C GLU ZC 170 -24.78 9.78 -58.05
N ALA ZC 171 -24.34 10.98 -57.63
CA ALA ZC 171 -25.04 11.72 -56.57
C ALA ZC 171 -26.08 12.62 -57.22
N GLY ZC 172 -27.06 11.97 -57.85
CA GLY ZC 172 -27.91 12.65 -58.81
C GLY ZC 172 -29.40 12.49 -58.67
N LYS ZC 173 -30.11 12.80 -59.76
CA LYS ZC 173 -31.54 13.06 -59.77
C LYS ZC 173 -32.32 11.76 -59.96
N TYR ZC 174 -33.60 11.89 -60.32
CA TYR ZC 174 -34.51 10.77 -60.49
C TYR ZC 174 -34.23 9.94 -61.74
N GLU ZC 175 -33.53 10.50 -62.72
CA GLU ZC 175 -33.39 9.84 -64.02
C GLU ZC 175 -32.54 8.58 -63.98
N ASN ZC 176 -31.70 8.41 -62.95
CA ASN ZC 176 -30.87 7.21 -62.85
C ASN ZC 176 -31.50 6.13 -61.97
N HIS ZC 177 -32.83 6.02 -61.96
CA HIS ZC 177 -33.47 4.92 -61.27
C HIS ZC 177 -33.34 3.63 -62.08
N THR ZC 178 -33.70 2.53 -61.44
CA THR ZC 178 -33.80 1.23 -62.10
C THR ZC 178 -35.03 0.55 -61.53
N GLU ZC 179 -35.09 -0.79 -61.67
CA GLU ZC 179 -36.13 -1.65 -61.12
C GLU ZC 179 -36.51 -1.31 -59.68
N ASN ZC 180 -37.81 -1.52 -59.40
CA ASN ZC 180 -38.47 -1.20 -58.14
C ASN ZC 180 -38.33 0.29 -57.81
N ALA ZC 181 -38.94 1.07 -58.67
CA ALA ZC 181 -39.25 2.45 -58.33
C ALA ZC 181 -40.65 2.51 -57.75
N LEU ZC 182 -40.99 3.67 -57.17
CA LEU ZC 182 -42.34 3.91 -56.67
C LEU ZC 182 -42.58 5.42 -56.63
N LEU ZC 183 -43.80 5.82 -56.98
CA LEU ZC 183 -44.12 7.23 -57.15
C LEU ZC 183 -45.63 7.41 -57.00
N LEU ZC 184 -46.08 8.64 -57.15
CA LEU ZC 184 -47.47 9.00 -56.94
C LEU ZC 184 -48.10 9.58 -58.20
N TYR ZC 185 -49.40 9.36 -58.32
CA TYR ZC 185 -50.24 10.07 -59.27
C TYR ZC 185 -51.47 10.59 -58.54
N MET ZC 186 -51.86 11.81 -58.85
CA MET ZC 186 -53.07 12.41 -58.31
C MET ZC 186 -54.02 12.71 -59.47
N ALA ZC 187 -55.31 12.50 -59.24
CA ALA ZC 187 -56.29 12.56 -60.30
C ALA ZC 187 -57.49 13.40 -59.87
N CYS ZC 188 -57.89 14.33 -60.73
CA CYS ZC 188 -59.14 15.05 -60.59
C CYS ZC 188 -60.18 14.45 -61.53
N THR ZC 189 -61.45 14.64 -61.17
CA THR ZC 189 -62.55 13.98 -61.88
C THR ZC 189 -63.47 14.96 -62.61
N HIS ZC 190 -63.07 16.22 -62.77
CA HIS ZC 190 -63.91 17.20 -63.44
C HIS ZC 190 -63.02 18.16 -64.24
N ALA ZC 191 -63.63 18.79 -65.24
CA ALA ZC 191 -62.90 19.60 -66.21
C ALA ZC 191 -62.33 20.87 -65.60
N SER ZC 192 -62.95 21.39 -64.54
CA SER ZC 192 -62.35 22.48 -63.79
C SER ZC 192 -61.15 21.99 -62.99
N ASN ZC 193 -60.33 22.93 -62.56
CA ASN ZC 193 -59.20 22.54 -61.71
C ASN ZC 193 -59.25 23.29 -60.37
N PRO ZC 194 -60.10 22.88 -59.42
CA PRO ZC 194 -60.13 23.58 -58.14
C PRO ZC 194 -59.07 23.12 -57.17
N VAL ZC 195 -58.51 21.93 -57.37
CA VAL ZC 195 -57.73 21.23 -56.35
C VAL ZC 195 -56.36 21.87 -56.20
N TYR ZC 196 -56.11 22.47 -55.04
CA TYR ZC 196 -54.78 22.92 -54.64
C TYR ZC 196 -54.32 22.03 -53.49
N ALA ZC 197 -53.70 20.91 -53.86
CA ALA ZC 197 -53.31 19.88 -52.91
C ALA ZC 197 -51.82 20.00 -52.60
N THR ZC 198 -51.51 20.33 -51.35
CA THR ZC 198 -50.14 20.40 -50.89
C THR ZC 198 -49.91 19.30 -49.86
N LEU ZC 199 -48.89 18.48 -50.09
CA LEU ZC 199 -48.71 17.25 -49.33
C LEU ZC 199 -47.29 17.19 -48.78
N LYS ZC 200 -47.19 16.78 -47.53
CA LYS ZC 200 -45.91 16.50 -46.88
C LYS ZC 200 -45.73 14.99 -46.81
N ILE ZC 201 -44.67 14.50 -47.45
CA ILE ZC 201 -44.49 13.07 -47.69
C ILE ZC 201 -43.18 12.65 -47.03
N ARG ZC 202 -43.27 12.07 -45.84
CA ARG ZC 202 -42.09 11.54 -45.16
C ARG ZC 202 -41.81 10.12 -45.62
N ILE ZC 203 -40.58 9.86 -46.03
CA ILE ZC 203 -40.06 8.51 -46.17
C ILE ZC 203 -38.90 8.38 -45.19
N TYR ZC 204 -39.04 7.48 -44.22
CA TYR ZC 204 -37.92 7.12 -43.36
C TYR ZC 204 -37.63 5.64 -43.56
N PHE ZC 205 -36.34 5.31 -43.66
CA PHE ZC 205 -35.90 4.01 -44.13
C PHE ZC 205 -34.54 3.65 -43.55
N ALA AD 1 19.56 -18.45 -38.34
CA ALA AD 1 18.59 -18.65 -37.28
C ALA AD 1 18.80 -17.63 -36.16
N PRO AD 2 17.70 -17.12 -35.58
CA PRO AD 2 17.83 -16.05 -34.57
C PRO AD 2 18.39 -16.58 -33.26
N MET AD 3 19.56 -16.05 -32.89
CA MET AD 3 20.27 -16.35 -31.64
C MET AD 3 20.60 -17.84 -31.47
N TYR AD 4 21.48 -18.30 -32.36
CA TYR AD 4 22.26 -19.52 -32.17
C TYR AD 4 22.94 -19.50 -30.80
N ARG AD 5 22.93 -20.64 -30.11
CA ARG AD 5 23.50 -20.64 -28.76
C ARG AD 5 24.37 -21.87 -28.37
N LYS AD 6 25.40 -22.29 -29.13
CA LYS AD 6 25.81 -22.04 -30.52
C LYS AD 6 25.00 -22.82 -31.59
N PRO AD 7 24.50 -24.03 -31.30
CA PRO AD 7 23.34 -24.52 -32.06
C PRO AD 7 22.06 -24.06 -31.40
N THR AD 8 20.98 -24.08 -32.19
CA THR AD 8 19.71 -23.50 -31.75
C THR AD 8 19.01 -24.41 -30.75
N MET AD 9 18.68 -23.86 -29.59
CA MET AD 9 17.60 -24.42 -28.79
C MET AD 9 16.31 -23.76 -29.20
N TYR AD 10 15.23 -24.12 -28.49
CA TYR AD 10 13.85 -23.92 -28.94
C TYR AD 10 13.63 -24.46 -30.36
N ARG AD 11 14.22 -25.62 -30.65
CA ARG AD 11 13.88 -26.35 -31.86
C ARG AD 11 13.11 -27.61 -31.48
N MET AD 12 13.76 -28.57 -30.82
CA MET AD 12 13.32 -29.25 -29.59
C MET AD 12 11.89 -29.84 -29.56
N TYR AD 13 11.12 -29.73 -30.63
CA TYR AD 13 9.66 -29.86 -30.50
C TYR AD 13 9.08 -30.43 -31.78
N ARG AD 14 7.76 -30.34 -31.91
CA ARG AD 14 7.00 -30.92 -33.02
C ARG AD 14 7.21 -30.09 -34.28
N SER AD 15 7.64 -30.76 -35.34
CA SER AD 15 7.69 -30.17 -36.67
C SER AD 15 7.55 -31.28 -37.70
N PRO AD 16 6.67 -31.17 -38.62
CA PRO AD 16 6.56 -32.22 -39.65
C PRO AD 16 7.66 -32.12 -40.70
N ASP AD 17 8.83 -32.68 -40.40
CA ASP AD 17 9.93 -32.63 -41.34
C ASP AD 17 10.30 -34.02 -41.87
N ILE AD 18 10.89 -34.86 -41.03
CA ILE AD 18 11.74 -36.02 -41.40
C ILE AD 18 12.11 -36.68 -40.07
N PRO AD 19 12.73 -37.87 -40.01
CA PRO AD 19 13.11 -38.41 -38.69
C PRO AD 19 14.34 -37.78 -38.03
N ARG AD 20 15.46 -37.58 -38.73
CA ARG AD 20 16.74 -37.44 -38.04
C ARG AD 20 17.14 -36.01 -37.75
N GLY AD 21 17.30 -35.17 -38.78
CA GLY AD 21 17.67 -33.78 -38.55
C GLY AD 21 16.53 -33.02 -37.87
N CYS AD 22 16.87 -31.95 -37.18
CA CYS AD 22 15.84 -31.30 -36.38
C CYS AD 22 15.65 -29.84 -36.77
N GLU AD 23 16.68 -29.21 -37.35
CA GLU AD 23 16.76 -27.76 -37.44
C GLU AD 23 15.82 -27.20 -38.50
N GLY AD 24 15.97 -25.91 -38.76
CA GLY AD 24 15.29 -25.24 -39.84
C GLY AD 24 15.62 -25.91 -41.16
N PRO AD 25 14.59 -26.23 -41.96
CA PRO AD 25 14.80 -27.06 -43.15
C PRO AD 25 15.57 -26.33 -44.23
N CYS AD 26 16.89 -26.33 -44.05
CA CYS AD 26 17.72 -25.30 -44.66
C CYS AD 26 17.96 -25.59 -46.13
N LYS AD 27 17.85 -24.56 -46.95
CA LYS AD 27 18.03 -24.73 -48.38
C LYS AD 27 19.50 -24.59 -48.75
N VAL AD 28 19.96 -25.50 -49.61
CA VAL AD 28 21.24 -25.38 -50.27
C VAL AD 28 20.96 -25.47 -51.76
N GLN AD 29 21.20 -24.39 -52.47
CA GLN AD 29 21.13 -24.44 -53.91
C GLN AD 29 22.35 -25.15 -54.47
N SER AD 30 22.14 -25.87 -55.62
CA SER AD 30 23.22 -26.15 -56.56
C SER AD 30 22.76 -25.61 -57.91
N PHE AD 31 22.92 -24.30 -58.10
CA PHE AD 31 22.68 -23.72 -59.40
C PHE AD 31 23.78 -24.12 -60.36
N GLU AD 32 23.41 -24.40 -61.60
CA GLU AD 32 24.36 -24.60 -62.67
C GLU AD 32 24.03 -23.63 -63.80
N GLN AD 33 25.09 -23.15 -64.46
CA GLN AD 33 24.98 -22.50 -65.76
C GLN AD 33 25.92 -23.32 -66.64
N ARG AD 34 25.41 -24.44 -67.13
CA ARG AD 34 26.23 -25.47 -67.76
C ARG AD 34 25.58 -25.99 -69.02
N ASP AD 35 26.13 -27.09 -69.54
CA ASP AD 35 25.54 -27.84 -70.64
C ASP AD 35 25.90 -29.31 -70.42
N ASP AD 36 25.76 -30.10 -71.46
CA ASP AD 36 26.17 -31.49 -71.40
C ASP AD 36 26.80 -31.88 -72.73
N VAL AD 37 27.11 -33.17 -72.85
CA VAL AD 37 27.47 -33.77 -74.14
C VAL AD 37 26.43 -34.86 -74.38
N LYS AD 38 26.60 -35.64 -75.45
CA LYS AD 38 25.68 -36.74 -75.69
C LYS AD 38 25.77 -37.80 -74.61
N HIS AD 39 26.98 -38.09 -74.14
CA HIS AD 39 27.17 -39.21 -73.22
C HIS AD 39 26.74 -38.85 -71.80
N LEU AD 40 27.17 -37.70 -71.30
CA LEU AD 40 27.01 -37.47 -69.87
C LEU AD 40 26.91 -35.99 -69.55
N GLY AD 41 26.01 -35.67 -68.63
CA GLY AD 41 26.11 -34.45 -67.85
C GLY AD 41 26.07 -34.84 -66.39
N ILE AD 42 27.18 -34.68 -65.68
CA ILE AD 42 27.32 -35.22 -64.34
C ILE AD 42 27.19 -34.09 -63.32
N CYS AD 43 26.38 -34.34 -62.30
CA CYS AD 43 26.13 -33.34 -61.25
C CYS AD 43 25.94 -34.08 -59.93
N LYS AD 44 26.97 -34.13 -59.11
CA LYS AD 44 26.76 -34.45 -57.69
C LYS AD 44 26.10 -33.24 -57.03
N VAL AD 45 24.89 -33.45 -56.49
CA VAL AD 45 24.06 -32.35 -56.02
C VAL AD 45 24.35 -32.01 -54.55
N ILE AD 46 25.33 -32.67 -53.94
CA ILE AD 46 25.55 -32.60 -52.50
C ILE AD 46 26.86 -31.88 -52.16
N SER AD 47 27.64 -31.48 -53.18
CA SER AD 47 29.05 -31.11 -53.02
C SER AD 47 29.23 -29.85 -52.18
N ASP AD 48 28.33 -28.86 -52.32
CA ASP AD 48 28.53 -27.59 -51.62
C ASP AD 48 28.19 -27.65 -50.13
N VAL AD 49 27.47 -28.66 -49.67
CA VAL AD 49 27.00 -28.67 -48.28
C VAL AD 49 28.18 -29.11 -47.42
N THR AD 50 28.80 -28.14 -46.75
CA THR AD 50 29.95 -28.36 -45.88
C THR AD 50 29.54 -28.08 -44.44
N ARG AD 51 30.47 -28.28 -43.52
CA ARG AD 51 30.20 -28.00 -42.12
C ARG AD 51 30.10 -26.50 -41.89
N GLY AD 52 29.06 -26.10 -41.18
CA GLY AD 52 28.90 -24.73 -40.77
C GLY AD 52 27.65 -24.57 -39.93
N PRO AD 53 27.63 -23.54 -39.08
CA PRO AD 53 26.39 -23.21 -38.36
C PRO AD 53 25.36 -22.51 -39.22
N GLY AD 54 25.73 -22.07 -40.42
CA GLY AD 54 24.83 -21.29 -41.26
C GLY AD 54 23.72 -22.13 -41.87
N LEU AD 55 22.74 -21.42 -42.43
CA LEU AD 55 21.55 -22.05 -42.99
C LEU AD 55 21.72 -22.47 -44.45
N THR AD 56 22.96 -22.64 -44.92
CA THR AD 56 23.27 -23.35 -46.15
C THR AD 56 24.34 -24.39 -45.87
N HIS AD 57 24.26 -25.03 -44.71
CA HIS AD 57 25.33 -25.89 -44.22
C HIS AD 57 24.70 -27.08 -43.50
N ARG AD 58 25.53 -27.78 -42.73
CA ARG AD 58 25.15 -28.97 -41.99
C ARG AD 58 25.85 -28.99 -40.64
N VAL AD 59 25.37 -29.86 -39.76
CA VAL AD 59 26.03 -30.17 -38.50
C VAL AD 59 26.22 -31.67 -38.44
N GLY AD 60 27.47 -32.12 -38.43
CA GLY AD 60 27.72 -33.53 -38.52
C GLY AD 60 27.56 -34.02 -39.94
N LYS AD 61 27.47 -35.33 -40.09
CA LYS AD 61 27.55 -35.98 -41.40
C LYS AD 61 26.23 -36.62 -41.81
N ARG AD 62 25.11 -36.16 -41.26
CA ARG AD 62 23.82 -36.81 -41.46
C ARG AD 62 22.83 -35.86 -42.12
N PHE AD 63 22.20 -36.31 -43.21
CA PHE AD 63 21.14 -35.59 -43.88
C PHE AD 63 19.85 -36.40 -43.86
N CYS AD 64 18.73 -35.66 -44.04
CA CYS AD 64 17.47 -36.24 -44.52
C CYS AD 64 16.90 -35.21 -45.50
N ILE AD 65 17.20 -35.41 -46.78
CA ILE AD 65 16.72 -34.50 -47.83
C ILE AD 65 15.22 -34.63 -47.93
N LYS AD 66 14.52 -33.52 -47.63
CA LYS AD 66 13.06 -33.53 -47.71
C LYS AD 66 12.60 -33.56 -49.16
N SER AD 67 13.08 -32.63 -49.98
CA SER AD 67 12.69 -32.61 -51.38
C SER AD 67 13.75 -31.93 -52.21
N ILE AD 68 13.90 -32.41 -53.44
CA ILE AD 68 14.67 -31.75 -54.48
C ILE AD 68 13.71 -31.00 -55.38
N TYR AD 69 13.93 -29.71 -55.53
CA TYR AD 69 13.08 -28.83 -56.34
C TYR AD 69 13.88 -28.40 -57.56
N ILE AD 70 13.57 -28.97 -58.71
CA ILE AD 70 14.35 -28.77 -59.93
C ILE AD 70 13.67 -27.71 -60.76
N LEU AD 71 14.28 -26.53 -60.83
CA LEU AD 71 13.99 -25.56 -61.86
C LEU AD 71 14.96 -25.76 -63.02
N GLY AD 72 14.64 -25.14 -64.15
CA GLY AD 72 15.54 -25.22 -65.27
C GLY AD 72 14.95 -24.85 -66.61
N LYS AD 73 15.74 -24.15 -67.42
CA LYS AD 73 15.39 -23.84 -68.80
C LYS AD 73 16.39 -24.52 -69.72
N ILE AD 74 15.87 -25.30 -70.67
CA ILE AD 74 16.68 -26.16 -71.53
C ILE AD 74 16.50 -25.65 -72.95
N TRP AD 75 17.54 -25.01 -73.50
CA TRP AD 75 17.41 -24.40 -74.81
C TRP AD 75 18.50 -24.89 -75.75
N LEU AD 76 18.40 -24.41 -76.98
CA LEU AD 76 19.46 -24.49 -77.98
C LEU AD 76 19.59 -23.20 -78.76
N ASP AD 77 19.22 -22.06 -78.16
CA ASP AD 77 18.97 -20.82 -78.89
C ASP AD 77 20.26 -20.04 -79.15
N GLU AD 78 21.41 -20.71 -79.11
CA GLU AD 78 22.62 -20.21 -79.74
C GLU AD 78 22.39 -20.10 -81.24
N THR AD 79 23.13 -19.23 -81.91
CA THR AD 79 22.94 -18.98 -83.35
C THR AD 79 23.37 -20.15 -84.24
N ILE AD 80 23.92 -21.21 -83.65
CA ILE AD 80 24.34 -22.41 -84.36
C ILE AD 80 23.42 -23.50 -83.80
N LYS AD 81 23.61 -24.75 -84.23
CA LYS AD 81 22.85 -25.94 -83.82
C LYS AD 81 21.39 -25.86 -84.25
N LYS AD 82 21.14 -25.24 -85.41
CA LYS AD 82 19.89 -25.43 -86.14
C LYS AD 82 19.94 -26.62 -87.08
N GLN AD 83 21.10 -26.97 -87.63
CA GLN AD 83 21.29 -28.23 -88.32
C GLN AD 83 21.58 -29.33 -87.30
N ASN AD 84 21.48 -30.59 -87.77
CA ASN AD 84 21.63 -31.81 -86.98
C ASN AD 84 20.67 -31.80 -85.80
N HIS AD 85 19.45 -31.37 -86.06
CA HIS AD 85 18.50 -30.95 -85.03
C HIS AD 85 17.58 -32.06 -84.54
N THR AD 86 16.52 -31.67 -83.82
CA THR AD 86 15.53 -32.52 -83.16
C THR AD 86 16.12 -33.49 -82.15
N ASN AD 87 16.66 -32.97 -81.05
CA ASN AD 87 17.16 -33.78 -79.95
C ASN AD 87 16.26 -33.58 -78.74
N ASN AD 88 16.26 -34.56 -77.83
CA ASN AD 88 15.51 -34.46 -76.60
C ASN AD 88 16.38 -34.83 -75.40
N VAL AD 89 15.94 -34.44 -74.22
CA VAL AD 89 16.71 -34.59 -72.99
C VAL AD 89 15.96 -35.53 -72.06
N ILE AD 90 16.63 -36.58 -71.60
CA ILE AD 90 16.09 -37.48 -70.59
C ILE AD 90 16.87 -37.26 -69.31
N PHE AD 91 16.16 -36.94 -68.22
CA PHE AD 91 16.83 -36.74 -66.96
C PHE AD 91 16.85 -38.02 -66.14
N TYR AD 92 17.86 -38.13 -65.26
CA TYR AD 92 18.03 -39.30 -64.41
C TYR AD 92 18.40 -38.83 -63.03
N LEU AD 93 17.59 -39.18 -62.04
CA LEU AD 93 17.84 -38.84 -60.65
C LEU AD 93 17.99 -40.16 -59.90
N LEU AD 94 19.23 -40.50 -59.54
CA LEU AD 94 19.55 -41.84 -59.06
C LEU AD 94 19.81 -41.82 -57.56
N ARG AD 95 19.38 -42.86 -56.87
CA ARG AD 95 19.78 -43.09 -55.49
C ARG AD 95 21.04 -43.95 -55.49
N ASP AD 96 22.17 -43.36 -55.14
CA ASP AD 96 23.45 -44.05 -55.15
C ASP AD 96 23.65 -44.81 -53.85
N ARG AD 97 24.42 -45.89 -53.92
CA ARG AD 97 24.67 -46.75 -52.77
C ARG AD 97 26.06 -46.58 -52.17
N ARG AD 98 27.09 -46.25 -52.99
CA ARG AD 98 28.37 -45.79 -52.42
C ARG AD 98 29.13 -45.01 -53.47
N PRO AD 99 29.97 -44.06 -53.09
CA PRO AD 99 30.87 -43.42 -54.05
C PRO AD 99 32.16 -44.22 -54.23
N TYR AD 100 32.72 -44.13 -55.43
CA TYR AD 100 34.03 -44.72 -55.74
C TYR AD 100 35.02 -43.58 -55.87
N GLY AD 101 35.55 -43.13 -54.74
CA GLY AD 101 36.43 -41.97 -54.72
C GLY AD 101 35.72 -40.69 -55.12
N ASN AD 102 36.01 -40.18 -56.31
CA ASN AD 102 35.38 -38.97 -56.81
C ASN AD 102 34.21 -39.35 -57.74
N ALA AD 103 33.72 -38.38 -58.52
CA ALA AD 103 32.53 -38.60 -59.34
C ALA AD 103 32.82 -39.54 -60.52
N PRO AD 104 31.97 -40.55 -60.74
CA PRO AD 104 32.22 -41.52 -61.82
C PRO AD 104 31.65 -41.12 -63.18
N GLN AD 105 31.77 -42.03 -64.15
CA GLN AD 105 31.32 -41.83 -65.52
C GLN AD 105 29.81 -42.01 -65.64
N ASP AD 106 29.31 -41.95 -66.88
CA ASP AD 106 27.94 -42.35 -67.17
C ASP AD 106 27.84 -43.45 -68.20
N PHE AD 107 28.48 -43.32 -69.38
CA PHE AD 107 28.39 -44.38 -70.38
C PHE AD 107 29.13 -45.64 -69.92
N GLY AD 108 30.13 -45.48 -69.07
CA GLY AD 108 30.66 -46.62 -68.35
C GLY AD 108 29.88 -47.01 -67.12
N GLN AD 109 28.72 -46.40 -66.88
CA GLN AD 109 27.95 -46.63 -65.67
C GLN AD 109 26.55 -47.18 -65.94
N ILE AD 110 25.75 -46.51 -66.76
CA ILE AD 110 24.44 -47.06 -67.12
C ILE AD 110 24.60 -48.05 -68.26
N PHE AD 111 23.63 -48.98 -68.43
CA PHE AD 111 23.91 -50.18 -69.20
C PHE AD 111 24.08 -49.90 -70.69
N ASN AD 112 23.05 -49.40 -71.36
CA ASN AD 112 23.05 -49.40 -72.82
C ASN AD 112 22.90 -47.97 -73.32
N MET AD 113 22.77 -47.83 -74.64
CA MET AD 113 22.84 -46.52 -75.30
C MET AD 113 21.52 -45.75 -75.13
N PHE AD 114 21.50 -44.92 -74.09
CA PHE AD 114 20.71 -43.70 -73.89
C PHE AD 114 19.23 -43.97 -73.63
N ASP AD 115 18.77 -45.21 -73.72
CA ASP AD 115 17.45 -45.63 -73.26
C ASP AD 115 17.64 -46.92 -72.47
N ASN AD 116 17.89 -46.79 -71.17
CA ASN AD 116 18.43 -47.90 -70.42
C ASN AD 116 18.10 -47.79 -68.94
N GLU AD 117 18.78 -48.62 -68.16
CA GLU AD 117 18.73 -48.77 -66.72
C GLU AD 117 20.17 -48.94 -66.27
N PRO AD 118 20.47 -48.93 -64.96
CA PRO AD 118 21.81 -49.33 -64.53
C PRO AD 118 22.10 -50.80 -64.82
N SER AD 119 23.38 -51.11 -64.89
CA SER AD 119 23.83 -52.45 -65.27
C SER AD 119 23.50 -53.47 -64.18
N THR AD 120 23.55 -54.74 -64.57
CA THR AD 120 23.22 -55.83 -63.66
C THR AD 120 24.26 -56.00 -62.56
N ALA AD 121 25.51 -55.61 -62.81
CA ALA AD 121 26.56 -55.71 -61.82
C ALA AD 121 26.68 -54.45 -60.95
N THR AD 122 25.78 -53.49 -61.10
CA THR AD 122 25.89 -52.21 -60.42
C THR AD 122 24.78 -51.96 -59.42
N ILE AD 123 23.78 -52.82 -59.34
CA ILE AD 123 22.64 -52.59 -58.46
C ILE AD 123 23.02 -52.81 -57.00
N PHE AD 131 23.24 -49.19 -59.12
CA PHE AD 131 22.80 -48.11 -58.25
C PHE AD 131 21.31 -47.93 -58.42
N GLN AD 132 20.62 -47.54 -57.36
CA GLN AD 132 19.17 -47.40 -57.43
C GLN AD 132 18.78 -46.14 -58.20
N VAL AD 133 17.56 -46.16 -58.71
CA VAL AD 133 16.99 -45.08 -59.49
C VAL AD 133 15.86 -44.50 -58.66
N LEU AD 134 15.58 -43.21 -58.78
CA LEU AD 134 14.34 -42.68 -58.23
C LEU AD 134 13.29 -42.41 -59.30
N ARG AD 135 13.54 -41.48 -60.23
CA ARG AD 135 12.61 -41.19 -61.32
C ARG AD 135 13.37 -40.66 -62.54
N LYS AD 136 12.61 -40.36 -63.59
CA LYS AD 136 13.09 -39.81 -64.84
C LYS AD 136 12.29 -38.56 -65.19
N PHE AD 137 12.73 -37.85 -66.22
CA PHE AD 137 11.98 -36.70 -66.74
C PHE AD 137 12.14 -36.66 -68.26
N HIS AD 138 11.49 -35.67 -68.89
CA HIS AD 138 11.55 -35.47 -70.33
C HIS AD 138 11.70 -33.99 -70.64
N ALA AD 139 12.38 -33.70 -71.75
CA ALA AD 139 12.49 -32.35 -72.27
C ALA AD 139 12.82 -32.47 -73.75
N THR AD 140 11.92 -31.98 -74.61
CA THR AD 140 12.03 -32.17 -76.05
C THR AD 140 12.19 -30.83 -76.74
N VAL AD 141 13.39 -30.55 -77.25
CA VAL AD 141 13.67 -29.29 -77.93
C VAL AD 141 13.96 -29.59 -79.40
N VAL AD 142 12.97 -29.36 -80.25
CA VAL AD 142 13.09 -29.71 -81.66
C VAL AD 142 13.07 -28.43 -82.52
N GLY AD 143 14.25 -27.94 -82.90
CA GLY AD 143 14.29 -26.75 -83.72
C GLY AD 143 15.26 -26.81 -84.89
N GLY AD 144 14.73 -26.74 -86.11
CA GLY AD 144 15.60 -26.78 -87.28
C GLY AD 144 15.60 -25.47 -88.05
N LEU AD 145 14.91 -25.43 -89.18
CA LEU AD 145 14.80 -24.22 -89.97
C LEU AD 145 13.36 -24.03 -90.41
N TYR AD 146 13.07 -22.82 -90.87
CA TYR AD 146 11.83 -22.38 -91.50
C TYR AD 146 10.58 -22.43 -90.62
N CYS AD 147 10.67 -22.77 -89.33
CA CYS AD 147 9.67 -22.24 -88.43
C CYS AD 147 10.31 -21.49 -87.25
N MET AD 148 11.33 -22.02 -86.52
CA MET AD 148 11.66 -23.43 -86.24
C MET AD 148 10.92 -23.78 -84.94
N LYS AD 149 10.06 -24.79 -84.98
CA LYS AD 149 9.11 -24.92 -83.90
C LYS AD 149 9.53 -25.98 -82.88
N GLU AD 150 10.48 -25.58 -82.03
CA GLU AD 150 10.53 -25.70 -80.57
C GLU AD 150 11.84 -25.14 -80.06
N GLN AD 151 11.85 -24.71 -78.80
CA GLN AD 151 12.96 -24.03 -78.14
C GLN AD 151 12.84 -24.22 -76.63
N ALA AD 152 13.45 -23.29 -75.89
CA ALA AD 152 13.59 -23.27 -74.44
C ALA AD 152 12.31 -23.65 -73.70
N LEU AD 153 12.37 -24.75 -72.95
CA LEU AD 153 11.24 -25.23 -72.18
C LEU AD 153 11.52 -25.03 -70.70
N VAL AD 154 10.47 -24.79 -69.92
CA VAL AD 154 10.64 -24.58 -68.49
C VAL AD 154 10.11 -25.80 -67.74
N LYS AD 155 10.91 -26.31 -66.80
CA LYS AD 155 10.54 -27.49 -66.03
C LYS AD 155 10.67 -27.19 -64.54
N ARG AD 156 9.56 -27.34 -63.81
CA ARG AD 156 9.57 -27.28 -62.36
C ARG AD 156 8.97 -28.56 -61.81
N PHE AD 157 9.57 -29.09 -60.73
CA PHE AD 157 9.14 -30.37 -60.17
C PHE AD 157 9.41 -30.39 -58.67
N TYR AD 158 8.36 -30.53 -57.88
CA TYR AD 158 8.50 -31.08 -56.53
C TYR AD 158 8.88 -32.55 -56.63
N ARG AD 159 9.81 -32.98 -55.77
CA ARG AD 159 10.26 -34.38 -55.80
C ARG AD 159 10.77 -34.74 -54.41
N LEU AD 160 9.96 -35.46 -53.64
CA LEU AD 160 10.32 -35.85 -52.29
C LEU AD 160 11.31 -37.00 -52.29
N ASN AD 161 12.27 -36.95 -51.37
CA ASN AD 161 13.36 -37.92 -51.31
C ASN AD 161 13.70 -38.21 -49.85
N HIS AD 162 14.84 -38.81 -49.60
CA HIS AD 162 15.18 -39.31 -48.26
C HIS AD 162 16.68 -39.13 -48.00
N HIS AD 163 17.18 -39.84 -46.98
CA HIS AD 163 18.35 -39.47 -46.21
C HIS AD 163 19.66 -39.69 -46.95
N VAL AD 164 20.68 -38.95 -46.51
CA VAL AD 164 22.05 -38.96 -47.06
C VAL AD 164 23.02 -38.91 -45.88
N THR AD 165 24.18 -39.63 -45.99
CA THR AD 165 25.26 -39.59 -45.00
C THR AD 165 26.61 -39.33 -45.68
N TYR AD 166 27.49 -38.57 -45.01
CA TYR AD 166 28.89 -38.38 -45.41
C TYR AD 166 29.83 -39.31 -44.66
N ASN AD 167 31.07 -39.44 -45.18
CA ASN AD 167 32.04 -40.34 -44.57
C ASN AD 167 32.97 -39.62 -43.60
N HIS AD 168 33.78 -38.69 -44.08
CA HIS AD 168 34.81 -38.11 -43.24
C HIS AD 168 34.21 -37.00 -42.37
N GLN AD 169 35.00 -36.50 -41.42
CA GLN AD 169 34.59 -35.42 -40.53
C GLN AD 169 35.13 -34.08 -41.02
N GLU AD 170 35.21 -33.90 -42.33
CA GLU AD 170 35.77 -32.71 -42.93
C GLU AD 170 34.68 -31.69 -43.21
N ALA AD 171 35.08 -30.42 -43.26
CA ALA AD 171 34.26 -29.36 -43.84
C ALA AD 171 34.60 -29.26 -45.33
N GLY AD 172 34.29 -30.34 -46.05
CA GLY AD 172 34.87 -30.54 -47.35
C GLY AD 172 33.94 -30.90 -48.49
N LYS AD 173 34.53 -31.44 -49.56
CA LYS AD 173 33.92 -31.54 -50.87
C LYS AD 173 33.10 -32.83 -50.99
N TYR AD 174 32.78 -33.21 -52.23
CA TYR AD 174 31.97 -34.38 -52.54
C TYR AD 174 32.70 -35.70 -52.31
N GLU AD 175 34.03 -35.69 -52.29
CA GLU AD 175 34.79 -36.94 -52.28
C GLU AD 175 34.67 -37.72 -50.97
N ASN AD 176 34.24 -37.09 -49.89
CA ASN AD 176 34.08 -37.78 -48.62
C ASN AD 176 32.65 -38.25 -48.37
N HIS AD 177 31.92 -38.62 -49.42
CA HIS AD 177 30.61 -39.20 -49.25
C HIS AD 177 30.74 -40.65 -48.81
N THR AD 178 29.61 -41.23 -48.41
CA THR AD 178 29.51 -42.65 -48.11
C THR AD 178 28.16 -43.11 -48.65
N GLU AD 179 27.67 -44.25 -48.13
CA GLU AD 179 26.36 -44.82 -48.44
C GLU AD 179 25.23 -43.78 -48.48
N ASN AD 180 24.28 -44.06 -49.37
CA ASN AD 180 23.13 -43.21 -49.67
C ASN AD 180 23.58 -41.82 -50.12
N ALA AD 181 24.27 -41.82 -51.26
CA ALA AD 181 24.42 -40.60 -52.03
C ALA AD 181 23.30 -40.52 -53.07
N LEU AD 182 23.18 -39.35 -53.69
CA LEU AD 182 22.22 -39.15 -54.78
C LEU AD 182 22.71 -38.01 -55.66
N LEU AD 183 22.52 -38.15 -56.96
CA LEU AD 183 23.08 -37.21 -57.92
C LEU AD 183 22.28 -37.31 -59.22
N LEU AD 184 22.68 -36.52 -60.21
CA LEU AD 184 21.95 -36.42 -61.47
C LEU AD 184 22.83 -36.85 -62.64
N TYR AD 185 22.16 -37.37 -63.67
CA TYR AD 185 22.76 -37.53 -64.98
C TYR AD 185 21.79 -36.96 -66.02
N MET AD 186 22.35 -36.27 -67.01
CA MET AD 186 21.58 -35.74 -68.12
C MET AD 186 22.08 -36.37 -69.40
N ALA AD 187 21.17 -36.70 -70.31
CA ALA AD 187 21.50 -37.48 -71.49
C ALA AD 187 20.91 -36.83 -72.74
N CYS AD 188 21.75 -36.68 -73.76
CA CYS AD 188 21.31 -36.30 -75.09
C CYS AD 188 21.23 -37.54 -75.97
N THR AD 189 20.39 -37.46 -77.01
CA THR AD 189 20.09 -38.62 -77.84
C THR AD 189 20.58 -38.48 -79.28
N HIS AD 190 21.43 -37.50 -79.58
CA HIS AD 190 21.93 -37.31 -80.93
C HIS AD 190 23.38 -36.84 -80.88
N ALA AD 191 24.09 -37.06 -81.99
CA ALA AD 191 25.53 -36.82 -82.04
C ALA AD 191 25.89 -35.35 -81.96
N SER AD 192 25.01 -34.46 -82.39
CA SER AD 192 25.21 -33.04 -82.16
C SER AD 192 25.01 -32.71 -80.68
N ASN AD 193 25.50 -31.54 -80.29
CA ASN AD 193 25.28 -31.10 -78.92
C ASN AD 193 24.57 -29.75 -78.89
N PRO AD 194 23.25 -29.71 -79.10
CA PRO AD 194 22.55 -28.40 -79.06
C PRO AD 194 22.18 -27.98 -77.66
N VAL AD 195 22.11 -28.90 -76.71
CA VAL AD 195 21.45 -28.69 -75.44
C VAL AD 195 22.31 -27.81 -74.55
N TYR AD 196 21.81 -26.61 -74.25
CA TYR AD 196 22.38 -25.74 -73.23
C TYR AD 196 21.39 -25.66 -72.07
N ALA AD 197 21.50 -26.62 -71.16
CA ALA AD 197 20.55 -26.79 -70.07
C ALA AD 197 21.13 -26.20 -68.79
N THR AD 198 20.49 -25.14 -68.29
CA THR AD 198 20.87 -24.52 -67.02
C THR AD 198 19.75 -24.74 -66.03
N LEU AD 199 20.09 -25.30 -64.87
CA LEU AD 199 19.10 -25.78 -63.93
C LEU AD 199 19.39 -25.20 -62.54
N LYS AD 200 18.32 -24.77 -61.88
CA LYS AD 200 18.37 -24.34 -60.48
C LYS AD 200 17.78 -25.44 -59.62
N ILE AD 201 18.59 -25.98 -58.71
CA ILE AD 201 18.26 -27.20 -57.98
C ILE AD 201 18.25 -26.85 -56.50
N ARG AD 202 17.07 -26.62 -55.94
CA ARG AD 202 16.94 -26.39 -54.51
C ARG AD 202 16.82 -27.72 -53.76
N ILE AD 203 17.65 -27.90 -52.74
CA ILE AD 203 17.45 -28.93 -51.73
C ILE AD 203 17.25 -28.21 -50.40
N TYR AD 204 16.08 -28.38 -49.81
CA TYR AD 204 15.85 -27.93 -48.45
C TYR AD 204 15.52 -29.13 -47.59
N PHE AD 205 16.12 -29.17 -46.41
CA PHE AD 205 16.14 -30.37 -45.57
C PHE AD 205 16.25 -30.03 -44.10
N ARG BD 14 13.22 -39.99 22.24
CA ARG BD 14 12.55 -41.28 22.19
C ARG BD 14 11.50 -41.35 23.31
N SER BD 15 11.41 -42.50 23.97
CA SER BD 15 10.43 -42.86 24.98
C SER BD 15 11.17 -44.02 25.60
N PRO BD 16 10.62 -44.80 26.63
CA PRO BD 16 9.42 -45.22 27.36
C PRO BD 16 9.32 -44.62 28.77
N ASP BD 17 10.31 -43.80 29.14
CA ASP BD 17 10.37 -43.25 30.48
C ASP BD 17 10.34 -41.72 30.48
N ILE BD 18 11.07 -41.09 29.57
CA ILE BD 18 11.34 -39.65 29.61
C ILE BD 18 10.49 -38.89 28.59
N PRO BD 19 10.07 -37.67 28.90
CA PRO BD 19 9.32 -36.86 27.93
C PRO BD 19 10.14 -35.85 27.16
N ARG BD 20 11.46 -35.75 27.39
CA ARG BD 20 12.23 -34.63 26.86
C ARG BD 20 13.21 -35.03 25.75
N GLY BD 21 14.13 -35.95 26.02
CA GLY BD 21 15.17 -36.28 25.07
C GLY BD 21 15.82 -37.62 25.38
N CYS BD 22 16.34 -38.26 24.32
CA CYS BD 22 16.79 -39.64 24.36
C CYS BD 22 18.16 -39.83 24.99
N GLU BD 23 18.65 -38.85 25.75
CA GLU BD 23 19.84 -39.04 26.56
C GLU BD 23 19.58 -40.07 27.66
N GLY BD 24 20.66 -40.65 28.16
CA GLY BD 24 20.57 -41.54 29.30
C GLY BD 24 20.17 -40.78 30.54
N PRO BD 25 19.31 -41.38 31.37
CA PRO BD 25 18.88 -40.72 32.61
C PRO BD 25 20.01 -40.66 33.63
N CYS BD 26 20.90 -39.69 33.44
CA CYS BD 26 22.16 -39.65 34.18
C CYS BD 26 21.93 -39.20 35.61
N LYS BD 27 22.62 -39.87 36.54
CA LYS BD 27 22.49 -39.58 37.96
C LYS BD 27 23.47 -38.49 38.37
N VAL BD 28 22.96 -37.49 39.11
CA VAL BD 28 23.80 -36.51 39.78
C VAL BD 28 23.35 -36.50 41.24
N GLN BD 29 24.16 -37.09 42.11
CA GLN BD 29 23.79 -37.32 43.49
C GLN BD 29 24.43 -36.27 44.40
N SER BD 30 23.56 -35.76 45.29
CA SER BD 30 23.95 -34.75 46.27
C SER BD 30 24.00 -35.46 47.62
N PHE BD 31 25.10 -36.15 47.88
CA PHE BD 31 25.32 -36.71 49.19
C PHE BD 31 25.63 -35.60 50.19
N GLU BD 32 25.10 -35.74 51.38
CA GLU BD 32 25.48 -34.88 52.50
C GLU BD 32 25.94 -35.74 53.66
N GLN BD 33 26.93 -35.23 54.38
CA GLN BD 33 27.28 -35.73 55.71
C GLN BD 33 27.17 -34.50 56.59
N ARG BD 34 25.94 -34.20 57.01
CA ARG BD 34 25.62 -32.92 57.63
C ARG BD 34 24.72 -33.12 58.83
N ASP BD 35 24.18 -32.01 59.32
CA ASP BD 35 23.15 -32.00 60.35
C ASP BD 35 22.25 -30.80 60.08
N ASP BD 36 21.47 -30.43 61.09
CA ASP BD 36 20.64 -29.23 60.97
C ASP BD 36 20.65 -28.52 62.31
N VAL BD 37 19.83 -27.46 62.40
CA VAL BD 37 19.50 -26.82 63.66
C VAL BD 37 18.00 -26.96 63.81
N LYS BD 38 17.42 -26.35 64.84
CA LYS BD 38 15.97 -26.38 65.00
C LYS BD 38 15.27 -25.64 63.86
N HIS BD 39 15.83 -24.50 63.45
CA HIS BD 39 15.14 -23.65 62.48
C HIS BD 39 15.24 -24.20 61.07
N LEU BD 40 16.44 -24.57 60.64
CA LEU BD 40 16.62 -24.83 59.22
C LEU BD 40 17.73 -25.83 58.96
N GLY BD 41 17.48 -26.73 58.01
CA GLY BD 41 18.54 -27.41 57.30
C GLY BD 41 18.30 -27.18 55.83
N ILE BD 42 19.17 -26.41 55.18
CA ILE BD 42 18.92 -25.95 53.81
C ILE BD 42 19.80 -26.75 52.85
N CYS BD 43 19.16 -27.21 51.77
CA CYS BD 43 19.85 -28.01 50.76
C CYS BD 43 19.24 -27.70 49.40
N LYS BD 44 19.91 -26.85 48.63
CA LYS BD 44 19.62 -26.81 47.20
C LYS BD 44 20.19 -28.06 46.56
N VAL BD 45 19.31 -28.88 46.03
CA VAL BD 45 19.72 -30.19 45.58
C VAL BD 45 20.27 -30.14 44.16
N ILE BD 46 19.98 -29.07 43.44
CA ILE BD 46 20.36 -28.94 42.04
C ILE BD 46 21.62 -28.06 41.90
N SER BD 47 22.41 -27.98 42.98
CA SER BD 47 23.43 -26.93 43.10
C SER BD 47 24.63 -27.20 42.22
N ASP BD 48 25.29 -28.34 42.42
CA ASP BD 48 26.58 -28.62 41.80
C ASP BD 48 26.47 -29.14 40.36
N VAL BD 49 25.35 -28.91 39.68
CA VAL BD 49 25.18 -29.44 38.32
C VAL BD 49 25.69 -28.38 37.34
N THR BD 50 26.90 -28.59 36.85
CA THR BD 50 27.55 -27.67 35.91
C THR BD 50 27.59 -28.32 34.52
N ARG BD 51 27.91 -27.50 33.52
CA ARG BD 51 28.05 -28.01 32.16
C ARG BD 51 29.34 -28.80 32.02
N GLY BD 52 29.23 -30.02 31.47
CA GLY BD 52 30.37 -30.86 31.25
C GLY BD 52 30.00 -32.13 30.52
N PRO BD 53 30.99 -32.86 30.02
CA PRO BD 53 30.71 -34.09 29.27
C PRO BD 53 30.34 -35.27 30.14
N GLY BD 54 30.72 -35.25 31.43
CA GLY BD 54 30.45 -36.39 32.29
C GLY BD 54 29.00 -36.52 32.68
N LEU BD 55 28.67 -37.66 33.28
CA LEU BD 55 27.30 -37.94 33.70
C LEU BD 55 26.95 -37.27 35.03
N THR BD 56 27.92 -36.68 35.72
CA THR BD 56 27.65 -35.81 36.85
C THR BD 56 27.49 -34.35 36.43
N HIS BD 57 27.07 -34.12 35.20
CA HIS BD 57 27.04 -32.80 34.60
C HIS BD 57 25.74 -32.66 33.80
N ARG BD 58 25.68 -31.63 32.97
CA ARG BD 58 24.46 -31.30 32.25
C ARG BD 58 24.80 -30.83 30.83
N VAL BD 59 23.80 -30.95 29.95
CA VAL BD 59 23.88 -30.47 28.58
C VAL BD 59 22.83 -29.39 28.41
N GLY BD 60 23.27 -28.15 28.23
CA GLY BD 60 22.36 -27.03 28.09
C GLY BD 60 21.89 -26.46 29.41
N LYS BD 61 20.62 -26.05 29.47
CA LYS BD 61 20.08 -25.45 30.68
C LYS BD 61 18.65 -25.89 30.96
N ARG BD 62 18.26 -27.05 30.42
CA ARG BD 62 16.91 -27.58 30.58
C ARG BD 62 16.96 -28.96 31.24
N PHE BD 63 16.22 -29.12 32.32
CA PHE BD 63 16.12 -30.38 33.03
C PHE BD 63 14.69 -30.90 32.98
N CYS BD 64 14.56 -32.20 33.13
CA CYS BD 64 13.30 -32.83 33.52
C CYS BD 64 13.68 -33.91 34.52
N ILE BD 65 13.63 -33.58 35.80
CA ILE BD 65 13.97 -34.52 36.86
C ILE BD 65 12.92 -35.62 36.90
N LYS BD 66 13.37 -36.85 36.61
CA LYS BD 66 12.46 -37.98 36.62
C LYS BD 66 12.04 -38.33 38.04
N SER BD 67 13.02 -38.55 38.92
CA SER BD 67 12.69 -38.89 40.30
C SER BD 67 13.84 -38.48 41.22
N ILE BD 68 13.47 -38.08 42.43
CA ILE BD 68 14.39 -37.90 43.53
C ILE BD 68 14.31 -39.13 44.41
N TYR BD 69 15.46 -39.77 44.63
CA TYR BD 69 15.56 -40.98 45.44
C TYR BD 69 16.32 -40.64 46.71
N ILE BD 70 15.60 -40.53 47.82
CA ILE BD 70 16.16 -40.06 49.08
C ILE BD 70 16.51 -41.27 49.93
N LEU BD 71 17.81 -41.52 50.08
CA LEU BD 71 18.31 -42.37 51.14
C LEU BD 71 18.68 -41.50 52.33
N GLY BD 72 18.89 -42.15 53.48
CA GLY BD 72 19.32 -41.39 54.63
C GLY BD 72 19.15 -42.10 55.96
N LYS BD 73 20.13 -41.92 56.84
CA LYS BD 73 20.06 -42.41 58.20
C LYS BD 73 20.10 -41.22 59.15
N ILE BD 74 19.10 -41.14 60.03
CA ILE BD 74 18.88 -39.98 60.89
C ILE BD 74 19.08 -40.45 62.32
N TRP BD 75 20.18 -40.05 62.96
CA TRP BD 75 20.50 -40.54 64.29
C TRP BD 75 20.73 -39.38 65.25
N LEU BD 76 20.96 -39.77 66.50
CA LEU BD 76 21.48 -38.91 67.53
C LEU BD 76 22.53 -39.63 68.38
N ASP BD 77 23.22 -40.62 67.81
CA ASP BD 77 23.99 -41.60 68.59
C ASP BD 77 25.38 -41.08 68.95
N GLU BD 78 25.57 -39.77 68.93
CA GLU BD 78 26.68 -39.14 69.64
C GLU BD 78 26.52 -39.40 71.14
N THR BD 79 27.62 -39.37 71.89
CA THR BD 79 27.60 -39.68 73.31
C THR BD 79 26.90 -38.63 74.17
N ILE BD 80 26.46 -37.52 73.56
CA ILE BD 80 25.73 -36.46 74.23
C ILE BD 80 24.35 -36.49 73.58
N LYS BD 81 23.46 -35.57 73.96
CA LYS BD 81 22.09 -35.41 73.47
C LYS BD 81 21.22 -36.61 73.83
N LYS BD 82 21.46 -37.20 75.00
CA LYS BD 82 20.48 -38.05 75.65
C LYS BD 82 19.53 -37.29 76.55
N GLN BD 83 19.95 -36.16 77.13
CA GLN BD 83 19.04 -35.24 77.77
C GLN BD 83 18.43 -34.32 76.72
N ASN BD 84 17.37 -33.60 77.12
CA ASN BD 84 16.54 -32.72 76.29
C ASN BD 84 16.04 -33.47 75.06
N HIS BD 85 15.58 -34.70 75.29
CA HIS BD 85 15.39 -35.69 74.24
C HIS BD 85 13.99 -35.70 73.65
N THR BD 86 13.69 -36.77 72.90
CA THR BD 86 12.45 -37.01 72.16
C THR BD 86 12.12 -35.94 71.13
N ASN BD 87 12.94 -35.82 70.08
CA ASN BD 87 12.69 -34.92 68.97
C ASN BD 87 12.36 -35.74 67.73
N ASN BD 88 11.67 -35.11 66.78
CA ASN BD 88 11.35 -35.75 65.51
C ASN BD 88 11.68 -34.83 64.35
N VAL BD 89 11.79 -35.41 63.15
CA VAL BD 89 12.23 -34.71 61.96
C VAL BD 89 11.09 -34.70 60.96
N ILE BD 90 10.73 -33.51 60.48
CA ILE BD 90 9.75 -33.35 59.42
C ILE BD 90 10.49 -32.88 58.18
N PHE BD 91 10.37 -33.61 57.08
CA PHE BD 91 11.03 -33.21 55.85
C PHE BD 91 10.10 -32.37 54.98
N TYR BD 92 10.69 -31.52 54.15
CA TYR BD 92 9.95 -30.64 53.27
C TYR BD 92 10.64 -30.63 51.91
N LEU BD 93 9.92 -31.05 50.87
CA LEU BD 93 10.44 -31.05 49.51
C LEU BD 93 9.55 -30.11 48.71
N LEU BD 94 10.08 -28.92 48.40
CA LEU BD 94 9.27 -27.82 47.87
C LEU BD 94 9.55 -27.62 46.39
N ARG BD 95 8.51 -27.30 45.63
CA ARG BD 95 8.67 -26.84 44.26
C ARG BD 95 8.79 -25.31 44.28
N ASP BD 96 9.98 -24.81 44.02
CA ASP BD 96 10.24 -23.37 44.06
C ASP BD 96 9.86 -22.72 42.73
N ARG BD 97 9.49 -21.44 42.80
CA ARG BD 97 9.05 -20.70 41.62
C ARG BD 97 10.09 -19.71 41.09
N ARG BD 98 10.89 -19.19 41.94
CA ARG BD 98 11.86 -18.19 41.51
C ARG BD 98 13.05 -18.21 42.47
N PRO BD 99 14.26 -17.92 41.98
CA PRO BD 99 15.41 -17.82 42.89
C PRO BD 99 15.73 -16.39 43.28
N TYR BD 100 16.56 -16.24 44.32
CA TYR BD 100 17.22 -14.96 44.60
C TYR BD 100 18.65 -15.28 45.01
N GLY BD 101 19.54 -15.38 44.02
CA GLY BD 101 20.94 -15.67 44.27
C GLY BD 101 21.19 -16.99 44.96
N ASN BD 102 21.54 -16.92 46.24
CA ASN BD 102 21.71 -18.08 47.09
C ASN BD 102 20.35 -18.57 47.59
N ALA BD 103 20.37 -19.47 48.58
CA ALA BD 103 19.13 -20.00 49.12
C ALA BD 103 18.47 -18.96 50.04
N PRO BD 104 17.14 -18.85 50.01
CA PRO BD 104 16.46 -17.90 50.89
C PRO BD 104 16.34 -18.41 52.32
N GLN BD 105 15.63 -17.66 53.16
CA GLN BD 105 15.41 -18.06 54.55
C GLN BD 105 14.46 -19.25 54.62
N ASP BD 106 14.38 -19.85 55.80
CA ASP BD 106 13.35 -20.84 56.07
C ASP BD 106 12.24 -20.29 56.98
N PHE BD 107 12.62 -19.85 58.19
CA PHE BD 107 11.62 -19.41 59.16
C PHE BD 107 10.98 -18.10 58.76
N GLY BD 108 11.69 -17.27 57.99
CA GLY BD 108 11.11 -16.10 57.38
C GLY BD 108 10.42 -16.34 56.06
N GLN BD 109 10.40 -17.58 55.58
CA GLN BD 109 9.74 -17.93 54.33
C GLN BD 109 8.53 -18.82 54.53
N ILE BD 110 8.68 -19.98 55.18
CA ILE BD 110 7.50 -20.71 55.61
C ILE BD 110 6.92 -20.04 56.85
N PHE BD 111 5.63 -20.27 57.08
CA PHE BD 111 4.82 -19.30 57.82
C PHE BD 111 5.05 -19.36 59.33
N ASN BD 112 4.76 -20.48 59.97
CA ASN BD 112 4.65 -20.49 61.42
C ASN BD 112 5.65 -21.51 61.98
N MET BD 113 5.59 -21.72 63.30
CA MET BD 113 6.61 -22.48 64.02
C MET BD 113 6.40 -23.98 63.83
N PHE BD 114 7.10 -24.51 62.82
CA PHE BD 114 7.57 -25.90 62.65
C PHE BD 114 6.46 -26.88 62.29
N ASP BD 115 5.19 -26.46 62.30
CA ASP BD 115 4.07 -27.23 61.77
C ASP BD 115 3.24 -26.26 60.93
N ASN BD 116 3.59 -26.14 59.65
CA ASN BD 116 3.11 -25.01 58.87
C ASN BD 116 3.09 -25.33 57.39
N GLU BD 117 2.90 -24.26 56.61
CA GLU BD 117 2.85 -24.20 55.16
C GLU BD 117 3.66 -22.97 54.76
N PRO BD 118 3.93 -22.73 53.48
CA PRO BD 118 4.49 -21.43 53.09
C PRO BD 118 3.50 -20.29 53.33
N SER BD 119 4.06 -19.08 53.45
CA SER BD 119 3.26 -17.91 53.79
C SER BD 119 2.34 -17.52 52.64
N THR BD 120 1.34 -16.69 52.97
CA THR BD 120 0.35 -16.26 52.00
C THR BD 120 0.94 -15.33 50.95
N ALA BD 121 2.01 -14.61 51.27
CA ALA BD 121 2.65 -13.71 50.32
C ALA BD 121 3.75 -14.40 49.53
N THR BD 122 3.94 -15.71 49.68
CA THR BD 122 5.06 -16.41 49.06
C THR BD 122 4.63 -17.42 48.02
N ILE BD 123 3.33 -17.67 47.85
CA ILE BD 123 2.85 -18.69 46.93
C ILE BD 123 3.02 -18.24 45.48
N PHE BD 131 5.85 -20.35 47.78
CA PHE BD 131 6.46 -21.36 46.93
C PHE BD 131 5.66 -22.65 47.04
N GLN BD 132 5.61 -23.41 45.96
CA GLN BD 132 4.81 -24.63 45.97
C GLN BD 132 5.50 -25.73 46.78
N VAL BD 133 4.70 -26.68 47.23
CA VAL BD 133 5.12 -27.81 48.03
C VAL BD 133 4.92 -29.05 47.16
N LEU BD 134 5.76 -30.07 47.35
CA LEU BD 134 5.43 -31.36 46.76
C LEU BD 134 4.91 -32.36 47.79
N ARG BD 135 5.74 -32.74 48.76
CA ARG BD 135 5.31 -33.67 49.82
C ARG BD 135 6.10 -33.42 51.09
N LYS BD 136 5.79 -34.22 52.12
CA LYS BD 136 6.45 -34.18 53.42
C LYS BD 136 6.89 -35.59 53.78
N PHE BD 137 7.66 -35.71 54.88
CA PHE BD 137 8.06 -37.02 55.41
C PHE BD 137 8.09 -36.93 56.93
N HIS BD 138 8.41 -38.06 57.57
CA HIS BD 138 8.51 -38.15 59.02
C HIS BD 138 9.73 -38.97 59.41
N ALA BD 139 10.31 -38.63 60.56
CA ALA BD 139 11.40 -39.39 61.15
C ALA BD 139 11.41 -39.08 62.63
N THR BD 140 11.18 -40.08 63.48
CA THR BD 140 11.00 -39.89 64.91
C THR BD 140 12.10 -40.61 65.66
N VAL BD 141 13.03 -39.86 66.24
CA VAL BD 141 14.13 -40.43 66.99
C VAL BD 141 14.00 -40.03 68.46
N VAL BD 142 13.50 -40.96 69.27
CA VAL BD 142 13.22 -40.66 70.67
C VAL BD 142 14.13 -41.48 71.59
N GLY BD 143 15.22 -40.87 72.04
CA GLY BD 143 16.13 -41.59 72.91
C GLY BD 143 16.61 -40.80 74.12
N GLY BD 144 16.25 -41.27 75.32
CA GLY BD 144 16.68 -40.58 76.53
C GLY BD 144 17.66 -41.40 77.35
N LEU BD 145 17.19 -41.98 78.45
CA LEU BD 145 18.01 -42.83 79.29
C LEU BD 145 17.23 -44.07 79.66
N TYR BD 146 17.96 -45.06 80.18
CA TYR BD 146 17.49 -46.32 80.76
C TYR BD 146 16.74 -47.24 79.81
N CYS BD 147 16.61 -46.94 78.52
CA CYS BD 147 16.45 -48.05 77.59
C CYS BD 147 17.52 -48.00 76.49
N MET BD 148 17.79 -46.88 75.78
CA MET BD 148 16.91 -45.74 75.46
C MET BD 148 16.27 -46.08 74.11
N LYS BD 149 14.93 -46.13 74.06
CA LYS BD 149 14.31 -46.78 72.92
C LYS BD 149 13.82 -45.77 71.89
N GLU BD 150 14.78 -45.27 71.10
CA GLU BD 150 14.81 -45.15 69.64
C GLU BD 150 16.10 -44.47 69.22
N GLN BD 151 16.52 -44.72 67.98
CA GLN BD 151 17.78 -44.28 67.41
C GLN BD 151 17.66 -44.24 65.90
N ALA BD 152 18.82 -44.34 65.22
CA ALA BD 152 19.02 -44.22 63.77
C ALA BD 152 17.97 -44.98 62.97
N LEU BD 153 17.20 -44.24 62.18
CA LEU BD 153 16.16 -44.81 61.32
C LEU BD 153 16.61 -44.70 59.87
N VAL BD 154 16.19 -45.67 59.05
CA VAL BD 154 16.55 -45.65 57.64
C VAL BD 154 15.33 -45.30 56.81
N LYS BD 155 15.48 -44.35 55.89
CA LYS BD 155 14.38 -43.89 55.05
C LYS BD 155 14.79 -43.97 53.59
N ARG BD 156 14.04 -44.73 52.80
CA ARG BD 156 14.18 -44.75 51.35
C ARG BD 156 12.84 -44.40 50.72
N PHE BD 157 12.88 -43.60 49.65
CA PHE BD 157 11.65 -43.13 49.01
C PHE BD 157 11.90 -42.90 47.52
N TYR BD 158 11.18 -43.63 46.67
CA TYR BD 158 10.94 -43.15 45.31
C TYR BD 158 10.03 -41.94 45.35
N ARG BD 159 10.33 -40.94 44.53
CA ARG BD 159 9.52 -39.71 44.52
C ARG BD 159 9.64 -39.07 43.13
N LEU BD 160 8.62 -39.25 42.30
CA LEU BD 160 8.64 -38.71 40.94
C LEU BD 160 8.36 -37.22 40.94
N ASN BD 161 9.05 -36.49 40.06
CA ASN BD 161 8.98 -35.03 40.03
C ASN BD 161 9.05 -34.58 38.57
N HIS BD 162 9.33 -33.30 38.34
CA HIS BD 162 9.23 -32.71 37.00
C HIS BD 162 10.32 -31.67 36.82
N HIS BD 163 10.15 -30.82 35.80
CA HIS BD 163 11.22 -30.13 35.09
C HIS BD 163 11.81 -28.97 35.89
N VAL BD 164 13.05 -28.63 35.54
CA VAL BD 164 13.86 -27.57 36.15
C VAL BD 164 14.58 -26.83 35.01
N THR BD 165 14.66 -25.51 35.12
CA THR BD 165 15.36 -24.72 34.14
C THR BD 165 16.47 -23.92 34.83
N TYR BD 166 17.63 -23.81 34.16
CA TYR BD 166 18.66 -22.87 34.55
C TYR BD 166 18.61 -21.63 33.67
N ASN BD 167 18.99 -20.48 34.24
CA ASN BD 167 18.95 -19.22 33.50
C ASN BD 167 20.18 -19.09 32.60
N HIS BD 168 21.36 -19.04 33.18
CA HIS BD 168 22.56 -18.77 32.41
C HIS BD 168 23.07 -20.04 31.73
N GLN BD 169 23.90 -19.84 30.71
CA GLN BD 169 24.53 -20.92 29.97
C GLN BD 169 25.92 -21.22 30.50
N GLU BD 170 26.16 -20.90 31.77
CA GLU BD 170 27.45 -21.10 32.41
C GLU BD 170 27.62 -22.54 32.85
N ALA BD 171 28.86 -22.89 33.21
CA ALA BD 171 29.13 -24.12 33.94
C ALA BD 171 29.17 -23.83 35.44
N GLY BD 172 28.08 -23.24 35.92
CA GLY BD 172 28.03 -22.64 37.23
C GLY BD 172 27.22 -23.44 38.24
N LYS BD 173 27.24 -22.92 39.46
CA LYS BD 173 26.59 -23.54 40.61
C LYS BD 173 25.15 -23.00 40.73
N TYR BD 174 24.54 -23.18 41.92
CA TYR BD 174 23.15 -22.86 42.18
C TYR BD 174 22.77 -21.39 42.03
N GLU BD 175 23.74 -20.49 41.82
CA GLU BD 175 23.45 -19.05 41.85
C GLU BD 175 22.69 -18.57 40.62
N ASN BD 176 22.84 -19.26 39.49
CA ASN BD 176 22.29 -18.79 38.22
C ASN BD 176 20.98 -19.47 37.84
N HIS BD 177 20.12 -19.74 38.84
CA HIS BD 177 18.85 -20.40 38.58
C HIS BD 177 17.83 -19.46 37.94
N THR BD 178 16.67 -20.02 37.64
CA THR BD 178 15.49 -19.31 37.14
C THR BD 178 14.27 -20.06 37.65
N GLU BD 179 13.13 -19.88 36.99
CA GLU BD 179 11.86 -20.54 37.31
C GLU BD 179 12.00 -22.05 37.43
N ASN BD 180 11.15 -22.61 38.29
CA ASN BD 180 11.03 -24.06 38.58
C ASN BD 180 12.35 -24.62 39.15
N ALA BD 181 12.73 -24.09 40.31
CA ALA BD 181 13.73 -24.73 41.16
C ALA BD 181 13.03 -25.67 42.13
N LEU BD 182 13.83 -26.50 42.80
CA LEU BD 182 13.32 -27.38 43.84
C LEU BD 182 14.45 -27.73 44.80
N LEU BD 183 14.13 -27.79 46.09
CA LEU BD 183 15.15 -27.95 47.12
C LEU BD 183 14.49 -28.53 48.36
N LEU BD 184 15.28 -28.72 49.41
CA LEU BD 184 14.84 -29.36 50.64
C LEU BD 184 14.98 -28.42 51.83
N TYR BD 185 14.09 -28.62 52.80
CA TYR BD 185 14.23 -28.07 54.13
C TYR BD 185 14.02 -29.18 55.15
N MET BD 186 14.84 -29.20 56.19
CA MET BD 186 14.70 -30.14 57.29
C MET BD 186 14.42 -29.35 58.57
N ALA BD 187 13.55 -29.89 59.41
CA ALA BD 187 13.06 -29.15 60.57
C ALA BD 187 13.13 -30.01 61.81
N CYS BD 188 13.69 -29.47 62.89
CA CYS BD 188 13.63 -30.07 64.21
C CYS BD 188 12.55 -29.36 65.03
N THR BD 189 12.03 -30.07 66.03
CA THR BD 189 10.89 -29.58 66.79
C THR BD 189 11.20 -29.31 68.26
N HIS BD 190 12.47 -29.26 68.64
CA HIS BD 190 12.85 -29.00 70.02
C HIS BD 190 14.12 -28.16 70.05
N ALA BD 191 14.31 -27.48 71.19
CA ALA BD 191 15.39 -26.50 71.32
C ALA BD 191 16.77 -27.14 71.32
N SER BD 192 16.89 -28.39 71.75
CA SER BD 192 18.14 -29.11 71.60
C SER BD 192 18.37 -29.47 70.13
N ASN BD 193 19.61 -29.82 69.81
CA ASN BD 193 19.91 -30.25 68.45
C ASN BD 193 20.52 -31.64 68.45
N PRO BD 194 19.71 -32.71 68.61
CA PRO BD 194 20.30 -34.06 68.58
C PRO BD 194 20.49 -34.61 67.19
N VAL BD 195 19.79 -34.07 66.20
CA VAL BD 195 19.62 -34.71 64.91
C VAL BD 195 20.91 -34.58 64.09
N TYR BD 196 21.55 -35.72 63.83
CA TYR BD 196 22.65 -35.82 62.88
C TYR BD 196 22.16 -36.63 61.68
N ALA BD 197 21.55 -35.93 60.73
CA ALA BD 197 20.90 -36.56 59.59
C ALA BD 197 21.80 -36.45 58.37
N THR BD 198 22.26 -37.60 57.89
CA THR BD 198 23.07 -37.69 56.68
C THR BD 198 22.27 -38.42 55.62
N LEU BD 199 22.12 -37.80 54.45
CA LEU BD 199 21.19 -38.26 53.44
C LEU BD 199 21.90 -38.39 52.10
N LYS BD 200 21.62 -39.48 51.41
CA LYS BD 200 22.07 -39.70 50.04
C LYS BD 200 20.91 -39.47 49.09
N ILE BD 201 21.07 -38.49 48.21
CA ILE BD 201 19.95 -37.98 47.41
C ILE BD 201 20.31 -38.19 45.94
N ARG BD 202 19.79 -39.25 45.34
CA ARG BD 202 19.97 -39.48 43.91
C ARG BD 202 18.92 -38.74 43.10
N ILE BD 203 19.37 -37.97 42.12
CA ILE BD 203 18.51 -37.47 41.05
C ILE BD 203 19.02 -38.06 39.75
N TYR BD 204 18.21 -38.87 39.09
CA TYR BD 204 18.50 -39.32 37.75
C TYR BD 204 17.42 -38.82 36.80
N PHE BD 205 17.84 -38.31 35.66
CA PHE BD 205 16.97 -37.53 34.78
C PHE BD 205 17.40 -37.65 33.32
N ARG CD 14 -24.20 -16.74 36.00
CA ARG CD 14 -24.72 -18.09 35.94
C ARG CD 14 -25.98 -18.28 36.81
N SER CD 15 -26.80 -17.22 36.96
CA SER CD 15 -27.93 -17.22 37.91
C SER CD 15 -29.11 -16.38 37.40
N PRO CD 16 -30.40 -16.77 37.72
CA PRO CD 16 -31.53 -16.00 37.17
C PRO CD 16 -32.01 -14.80 37.98
N ASP CD 17 -31.48 -13.61 37.73
CA ASP CD 17 -32.12 -12.40 38.23
C ASP CD 17 -32.64 -11.53 37.10
N ILE CD 18 -31.75 -11.03 36.25
CA ILE CD 18 -31.92 -9.90 35.31
C ILE CD 18 -30.65 -9.91 34.46
N PRO CD 19 -30.57 -9.26 33.31
CA PRO CD 19 -29.37 -9.41 32.47
C PRO CD 19 -28.14 -8.63 32.89
N ARG CD 20 -28.06 -8.04 34.08
CA ARG CD 20 -26.81 -7.35 34.45
C ARG CD 20 -26.17 -7.93 35.70
N GLY CD 21 -26.90 -7.99 36.81
CA GLY CD 21 -26.34 -8.25 38.11
C GLY CD 21 -26.37 -9.69 38.54
N CYS CD 22 -25.19 -10.28 38.64
CA CYS CD 22 -24.94 -11.46 39.46
C CYS CD 22 -24.80 -11.10 40.93
N GLU CD 23 -24.89 -9.81 41.26
CA GLU CD 23 -24.83 -9.31 42.62
C GLU CD 23 -26.00 -9.82 43.45
N GLY CD 24 -25.83 -9.74 44.77
CA GLY CD 24 -26.91 -10.00 45.69
C GLY CD 24 -28.02 -9.00 45.50
N PRO CD 25 -29.25 -9.50 45.23
CA PRO CD 25 -30.35 -8.61 44.86
C PRO CD 25 -30.83 -7.74 46.00
N CYS CD 26 -30.09 -6.67 46.27
CA CYS CD 26 -30.14 -6.05 47.58
C CYS CD 26 -31.28 -5.05 47.65
N LYS CD 27 -31.88 -4.95 48.84
CA LYS CD 27 -32.95 -4.01 49.09
C LYS CD 27 -32.37 -2.72 49.64
N VAL CD 28 -32.79 -1.60 49.07
CA VAL CD 28 -32.53 -0.29 49.63
C VAL CD 28 -33.88 0.42 49.70
N GLN CD 29 -34.31 0.72 50.91
CA GLN CD 29 -35.64 1.26 51.12
C GLN CD 29 -35.54 2.77 51.26
N SER CD 30 -36.42 3.45 50.55
CA SER CD 30 -36.56 4.90 50.72
C SER CD 30 -37.84 5.11 51.52
N PHE CD 31 -37.74 4.95 52.83
CA PHE CD 31 -38.86 5.31 53.68
C PHE CD 31 -38.99 6.81 53.76
N GLU CD 32 -40.24 7.28 53.75
CA GLU CD 32 -40.53 8.67 54.04
C GLU CD 32 -41.52 8.75 55.19
N GLN CD 33 -41.36 9.79 56.00
CA GLN CD 33 -42.38 10.23 56.94
C GLN CD 33 -42.60 11.69 56.57
N ARG CD 34 -43.43 11.89 55.55
CA ARG CD 34 -43.56 13.19 54.89
C ARG CD 34 -45.01 13.52 54.62
N ASP CD 35 -45.21 14.55 53.81
CA ASP CD 35 -46.52 14.92 53.28
C ASP CD 35 -46.30 15.52 51.90
N ASP CD 36 -47.31 16.22 51.40
CA ASP CD 36 -47.16 16.92 50.14
C ASP CD 36 -47.89 18.26 50.23
N VAL CD 37 -47.96 18.95 49.10
CA VAL CD 37 -48.82 20.10 48.94
C VAL CD 37 -49.75 19.75 47.79
N LYS CD 38 -50.60 20.71 47.37
CA LYS CD 38 -51.47 20.45 46.23
C LYS CD 38 -50.67 20.23 44.95
N HIS CD 39 -49.62 21.01 44.75
CA HIS CD 39 -48.90 20.99 43.48
C HIS CD 39 -47.99 19.77 43.36
N LEU CD 40 -47.20 19.49 44.40
CA LEU CD 40 -46.14 18.52 44.22
C LEU CD 40 -45.78 17.82 45.51
N GLY CD 41 -45.55 16.51 45.41
CA GLY CD 41 -44.74 15.81 46.38
C GLY CD 41 -43.65 15.09 45.61
N ILE CD 42 -42.40 15.52 45.76
CA ILE CD 42 -41.31 15.05 44.91
C ILE CD 42 -40.46 14.06 45.68
N CYS CD 43 -40.15 12.94 45.04
CA CYS CD 43 -39.36 11.88 45.66
C CYS CD 43 -38.52 11.22 44.58
N LYS CD 44 -37.24 11.60 44.48
CA LYS CD 44 -36.29 10.75 43.77
C LYS CD 44 -36.02 9.51 44.62
N VAL CD 45 -36.20 8.36 44.01
CA VAL CD 45 -36.05 7.09 44.69
C VAL CD 45 -34.78 6.36 44.21
N ILE CD 46 -33.69 7.09 43.93
CA ILE CD 46 -32.49 6.48 43.37
C ILE CD 46 -31.24 6.72 44.22
N SER CD 47 -31.00 7.95 44.69
CA SER CD 47 -29.77 8.25 45.40
C SER CD 47 -29.78 7.79 46.86
N ASP CD 48 -30.80 7.01 47.23
CA ASP CD 48 -30.72 6.12 48.37
C ASP CD 48 -29.51 5.20 48.25
N VAL CD 49 -29.22 4.73 47.04
CA VAL CD 49 -28.00 3.99 46.76
C VAL CD 49 -26.90 4.99 46.41
N THR CD 50 -25.80 4.92 47.13
CA THR CD 50 -24.54 5.53 46.76
C THR CD 50 -23.57 4.39 46.42
N ARG CD 51 -22.37 4.76 45.98
CA ARG CD 51 -21.34 3.75 45.82
C ARG CD 51 -20.86 3.30 47.18
N GLY CD 52 -20.64 1.99 47.32
CA GLY CD 52 -20.04 1.46 48.50
C GLY CD 52 -19.87 -0.05 48.40
N PRO CD 53 -19.02 -0.60 49.27
CA PRO CD 53 -18.95 -2.06 49.37
C PRO CD 53 -20.08 -2.66 50.20
N GLY CD 54 -20.82 -1.84 50.94
CA GLY CD 54 -21.87 -2.34 51.80
C GLY CD 54 -23.09 -2.83 51.04
N LEU CD 55 -24.01 -3.42 51.79
CA LEU CD 55 -25.15 -4.12 51.22
C LEU CD 55 -26.36 -3.21 50.98
N THR CD 56 -26.21 -1.90 51.12
CA THR CD 56 -27.21 -0.95 50.68
C THR CD 56 -26.61 -0.03 49.62
N HIS CD 57 -25.77 -0.60 48.76
CA HIS CD 57 -24.97 0.18 47.84
C HIS CD 57 -24.95 -0.51 46.50
N ARG CD 58 -24.00 -0.11 45.67
CA ARG CD 58 -23.82 -0.65 44.34
C ARG CD 58 -22.34 -0.85 44.07
N VAL CD 59 -22.04 -1.57 43.00
CA VAL CD 59 -20.68 -1.74 42.50
C VAL CD 59 -20.64 -1.17 41.09
N GLY CD 60 -19.88 -0.09 40.91
CA GLY CD 60 -19.89 0.56 39.61
C GLY CD 60 -21.01 1.58 39.52
N LYS CD 61 -21.65 1.63 38.35
CA LYS CD 61 -22.64 2.67 38.07
C LYS CD 61 -23.84 2.11 37.30
N ARG CD 62 -24.28 0.88 37.60
CA ARG CD 62 -25.34 0.24 36.84
C ARG CD 62 -26.38 -0.41 37.75
N PHE CD 63 -27.67 -0.24 37.41
CA PHE CD 63 -28.79 -0.90 38.08
C PHE CD 63 -29.65 -1.67 37.08
N CYS CD 64 -30.42 -2.65 37.58
CA CYS CD 64 -31.61 -3.20 36.93
C CYS CD 64 -32.61 -3.41 38.08
N ILE CD 65 -33.47 -2.42 38.29
CA ILE CD 65 -34.48 -2.49 39.33
C ILE CD 65 -35.49 -3.58 39.00
N LYS CD 66 -35.54 -4.61 39.84
CA LYS CD 66 -36.47 -5.70 39.60
C LYS CD 66 -37.91 -5.26 39.88
N SER CD 67 -38.15 -4.71 41.06
CA SER CD 67 -39.50 -4.27 41.39
C SER CD 67 -39.45 -3.17 42.44
N ILE CD 68 -40.38 -2.24 42.34
CA ILE CD 68 -40.66 -1.26 43.38
C ILE CD 68 -41.88 -1.75 44.16
N TYR CD 69 -41.71 -1.87 45.47
CA TYR CD 69 -42.76 -2.36 46.36
C TYR CD 69 -43.19 -1.19 47.24
N ILE CD 70 -44.36 -0.63 46.95
CA ILE CD 70 -44.83 0.58 47.60
C ILE CD 70 -45.78 0.18 48.73
N LEU CD 71 -45.33 0.35 49.95
CA LEU CD 71 -46.22 0.40 51.11
C LEU CD 71 -46.58 1.85 51.40
N GLY CD 72 -47.59 2.04 52.23
CA GLY CD 72 -47.95 3.39 52.60
C GLY CD 72 -49.32 3.55 53.21
N LYS CD 73 -49.42 4.40 54.22
CA LYS CD 73 -50.67 4.78 54.83
C LYS CD 73 -50.89 6.27 54.62
N ILE CD 74 -52.04 6.62 54.04
CA ILE CD 74 -52.34 7.98 53.60
C ILE CD 74 -53.52 8.47 54.42
N TRP CD 75 -53.25 9.39 55.35
CA TRP CD 75 -54.30 9.83 56.26
C TRP CD 75 -54.44 11.33 56.24
N LEU CD 76 -55.43 11.79 57.00
CA LEU CD 76 -55.60 13.19 57.37
C LEU CD 76 -55.99 13.33 58.83
N ASP CD 77 -55.60 12.38 59.69
CA ASP CD 77 -56.18 12.21 61.02
C ASP CD 77 -55.54 13.13 62.05
N GLU CD 78 -54.89 14.21 61.60
CA GLU CD 78 -54.61 15.35 62.46
C GLU CD 78 -55.93 15.96 62.91
N THR CD 79 -55.91 16.66 64.07
CA THR CD 79 -57.14 17.22 64.64
C THR CD 79 -57.72 18.38 63.84
N ILE CD 80 -57.04 18.81 62.79
CA ILE CD 80 -57.49 19.88 61.90
C ILE CD 80 -57.73 19.18 60.57
N LYS CD 81 -58.10 19.94 59.53
CA LYS CD 81 -58.38 19.48 58.16
C LYS CD 81 -59.57 18.55 58.09
N LYS CD 82 -60.57 18.80 58.95
CA LYS CD 82 -61.91 18.28 58.74
C LYS CD 82 -62.77 19.18 57.88
N GLN CD 83 -62.54 20.49 57.90
CA GLN CD 83 -63.12 21.39 56.92
C GLN CD 83 -62.27 21.39 55.65
N ASN CD 84 -62.84 21.96 54.57
CA ASN CD 84 -62.27 22.00 53.23
C ASN CD 84 -61.91 20.59 52.74
N HIS CD 85 -62.81 19.64 53.02
CA HIS CD 85 -62.51 18.22 52.98
C HIS CD 85 -62.80 17.57 51.63
N THR CD 86 -62.81 16.23 51.63
CA THR CD 86 -62.98 15.34 50.48
C THR CD 86 -61.93 15.53 49.39
N ASN CD 87 -60.68 15.21 49.69
CA ASN CD 87 -59.60 15.24 48.70
C ASN CD 87 -59.16 13.81 48.41
N ASN CD 88 -58.55 13.60 47.25
CA ASN CD 88 -58.02 12.30 46.88
C ASN CD 88 -56.59 12.45 46.35
N VAL CD 89 -55.87 11.33 46.33
CA VAL CD 89 -54.44 11.31 46.00
C VAL CD 89 -54.27 10.49 44.72
N ILE CD 90 -53.61 11.07 43.73
CA ILE CD 90 -53.25 10.37 42.51
C ILE CD 90 -51.73 10.21 42.51
N PHE CD 91 -51.27 8.98 42.39
CA PHE CD 91 -49.83 8.73 42.36
C PHE CD 91 -49.32 8.69 40.93
N TYR CD 92 -48.05 9.03 40.77
CA TYR CD 92 -47.40 9.05 39.47
C TYR CD 92 -46.02 8.44 39.60
N LEU CD 93 -45.77 7.37 38.86
CA LEU CD 93 -44.48 6.70 38.85
C LEU CD 93 -43.95 6.80 37.43
N LEU CD 94 -42.96 7.67 37.22
CA LEU CD 94 -42.54 8.05 35.89
C LEU CD 94 -41.19 7.43 35.55
N ARG CD 95 -41.02 7.04 34.30
CA ARG CD 95 -39.71 6.65 33.77
C ARG CD 95 -39.06 7.89 33.18
N ASP CD 96 -38.04 8.41 33.85
CA ASP CD 96 -37.37 9.63 33.42
C ASP CD 96 -36.29 9.29 32.38
N ARG CD 97 -36.01 10.26 31.51
CA ARG CD 97 -35.06 10.09 30.43
C ARG CD 97 -33.72 10.79 30.67
N ARG CD 98 -33.69 11.94 31.37
CA ARG CD 98 -32.48 12.47 32.06
C ARG CD 98 -32.78 13.65 32.96
N PRO CD 99 -32.13 13.72 34.12
CA PRO CD 99 -32.17 14.94 34.94
C PRO CD 99 -30.98 15.87 34.70
N TYR CD 100 -31.14 17.13 35.14
CA TYR CD 100 -30.07 18.12 35.13
C TYR CD 100 -30.18 18.91 36.43
N GLY CD 101 -29.11 18.95 37.22
CA GLY CD 101 -29.21 19.57 38.52
C GLY CD 101 -30.10 18.74 39.41
N ASN CD 102 -31.01 19.37 40.13
CA ASN CD 102 -31.81 18.64 41.11
C ASN CD 102 -33.06 18.04 40.47
N ALA CD 103 -33.99 17.61 41.31
CA ALA CD 103 -35.28 17.13 40.84
C ALA CD 103 -36.09 18.32 40.34
N PRO CD 104 -36.50 18.33 39.07
CA PRO CD 104 -37.35 19.42 38.59
C PRO CD 104 -38.75 19.29 39.16
N GLN CD 105 -39.34 20.43 39.49
CA GLN CD 105 -40.61 20.46 40.19
C GLN CD 105 -41.75 20.03 39.26
N ASP CD 106 -42.86 19.60 39.87
CA ASP CD 106 -43.86 18.82 39.15
C ASP CD 106 -44.69 19.65 38.19
N PHE CD 107 -45.31 20.71 38.69
CA PHE CD 107 -46.15 21.55 37.84
C PHE CD 107 -45.33 22.30 36.80
N GLY CD 108 -44.03 22.47 37.05
CA GLY CD 108 -43.14 22.91 36.01
C GLY CD 108 -42.72 21.80 35.05
N GLN CD 109 -43.32 20.61 35.15
CA GLN CD 109 -42.97 19.53 34.23
C GLN CD 109 -44.17 18.84 33.57
N ILE CD 110 -45.26 18.58 34.30
CA ILE CD 110 -46.39 17.89 33.68
C ILE CD 110 -47.41 18.91 33.19
N PHE CD 111 -48.34 18.49 32.32
CA PHE CD 111 -48.93 19.50 31.45
C PHE CD 111 -49.97 20.36 32.15
N ASN CD 112 -51.06 19.77 32.63
CA ASN CD 112 -52.22 20.57 33.00
C ASN CD 112 -52.54 20.31 34.48
N MET CD 113 -53.65 20.88 34.93
CA MET CD 113 -53.98 20.91 36.36
C MET CD 113 -54.55 19.56 36.82
N PHE CD 114 -53.64 18.73 37.32
CA PHE CD 114 -53.82 17.64 38.29
C PHE CD 114 -54.52 16.41 37.71
N ASP CD 115 -55.03 16.47 36.48
CA ASP CD 115 -55.49 15.31 35.72
C ASP CD 115 -54.90 15.42 34.33
N ASN CD 116 -53.70 14.86 34.16
CA ASN CD 116 -52.91 15.22 32.98
C ASN CD 116 -51.92 14.11 32.65
N GLU CD 117 -51.00 14.46 31.76
CA GLU CD 117 -49.90 13.67 31.22
C GLU CD 117 -48.69 14.60 31.19
N PRO CD 118 -47.48 14.12 30.91
CA PRO CD 118 -46.37 15.05 30.63
C PRO CD 118 -46.61 15.86 29.38
N SER CD 119 -45.93 17.01 29.31
CA SER CD 119 -46.12 17.96 28.23
C SER CD 119 -45.57 17.40 26.92
N THR CD 120 -46.00 18.04 25.81
CA THR CD 120 -45.60 17.61 24.49
C THR CD 120 -44.12 17.87 24.21
N ALA CD 121 -43.54 18.86 24.87
CA ALA CD 121 -42.12 19.17 24.69
C ALA CD 121 -41.22 18.41 25.66
N THR CD 122 -41.77 17.51 26.46
CA THR CD 122 -41.01 16.85 27.51
C THR CD 122 -40.85 15.35 27.29
N ILE CD 123 -41.49 14.78 26.27
CA ILE CD 123 -41.45 13.34 26.06
C ILE CD 123 -40.09 12.90 25.53
N PHE CD 131 -41.22 13.16 29.57
CA PHE CD 131 -40.67 12.02 30.29
C PHE CD 131 -41.68 10.89 30.24
N GLN CD 132 -41.19 9.65 30.21
CA GLN CD 132 -42.11 8.52 30.11
C GLN CD 132 -42.81 8.27 31.45
N VAL CD 133 -43.95 7.60 31.36
CA VAL CD 133 -44.79 7.25 32.50
C VAL CD 133 -44.73 5.74 32.61
N LEU CD 134 -44.85 5.20 33.84
CA LEU CD 134 -45.10 3.78 33.97
C LEU CD 134 -46.55 3.46 34.33
N ARG CD 135 -47.02 3.90 35.50
CA ARG CD 135 -48.41 3.67 35.91
C ARG CD 135 -48.86 4.77 36.86
N LYS CD 136 -50.12 4.67 37.30
CA LYS CD 136 -50.76 5.57 38.24
C LYS CD 136 -51.36 4.76 39.38
N PHE CD 137 -51.84 5.45 40.41
CA PHE CD 137 -52.57 4.81 41.50
C PHE CD 137 -53.67 5.76 41.98
N HIS CD 138 -54.45 5.30 42.97
CA HIS CD 138 -55.52 6.08 43.55
C HIS CD 138 -55.51 5.92 45.07
N ALA CD 139 -55.96 6.97 45.76
CA ALA CD 139 -56.15 6.95 47.20
C ALA CD 139 -57.14 8.05 47.53
N THR CD 140 -58.30 7.68 48.08
CA THR CD 140 -59.40 8.61 48.30
C THR CD 140 -59.70 8.70 49.79
N VAL CD 141 -59.35 9.84 50.38
CA VAL CD 141 -59.58 10.06 51.81
C VAL CD 141 -60.60 11.19 51.98
N VAL CD 142 -61.85 10.80 52.25
CA VAL CD 142 -62.93 11.79 52.32
C VAL CD 142 -63.48 11.85 53.75
N GLY CD 143 -63.01 12.84 54.53
CA GLY CD 143 -63.51 12.97 55.88
C GLY CD 143 -63.86 14.38 56.31
N GLY CD 144 -65.14 14.61 56.60
CA GLY CD 144 -65.54 15.94 57.03
C GLY CD 144 -66.00 15.97 58.47
N LEU CD 145 -67.30 16.04 58.70
CA LEU CD 145 -67.86 16.03 60.04
C LEU CD 145 -69.05 15.09 60.08
N TYR CD 146 -69.45 14.75 61.30
CA TYR CD 146 -70.64 13.99 61.69
C TYR CD 146 -70.69 12.55 61.18
N CYS CD 147 -69.66 12.03 60.53
CA CYS CD 147 -69.49 10.58 60.62
C CYS CD 147 -68.08 10.22 61.13
N MET CD 148 -66.96 10.77 60.60
CA MET CD 148 -66.70 11.29 59.25
C MET CD 148 -66.14 10.11 58.44
N LYS CD 149 -66.81 9.76 57.35
CA LYS CD 149 -66.54 8.45 56.76
C LYS CD 149 -65.60 8.55 55.56
N GLU CD 150 -64.30 8.72 55.88
CA GLU CD 150 -63.14 7.98 55.39
C GLU CD 150 -61.88 8.57 56.00
N GLN CD 151 -60.83 7.75 56.08
CA GLN CD 151 -59.57 8.06 56.74
C GLN CD 151 -58.47 7.20 56.13
N ALA CD 152 -57.41 7.00 56.92
CA ALA CD 152 -56.16 6.30 56.58
C ALA CD 152 -56.39 5.01 55.80
N LEU CD 153 -55.89 4.97 54.56
CA LEU CD 153 -56.01 3.80 53.70
C LEU CD 153 -54.64 3.15 53.55
N VAL CD 154 -54.62 1.83 53.39
CA VAL CD 154 -53.36 1.12 53.23
C VAL CD 154 -53.23 0.67 51.79
N LYS CD 155 -52.07 0.92 51.18
CA LYS CD 155 -51.81 0.57 49.80
C LYS CD 155 -50.52 -0.24 49.70
N ARG CD 156 -50.62 -1.46 49.18
CA ARG CD 156 -49.45 -2.27 48.86
C ARG CD 156 -49.53 -2.66 47.37
N PHE CD 157 -48.38 -2.63 46.70
CA PHE CD 157 -48.33 -2.88 45.26
C PHE CD 157 -46.99 -3.49 44.89
N TYR CD 158 -47.00 -4.71 44.35
CA TYR CD 158 -45.91 -5.17 43.50
C TYR CD 158 -45.93 -4.38 42.20
N ARG CD 159 -44.74 -3.99 41.71
CA ARG CD 159 -44.66 -3.21 40.48
C ARG CD 159 -43.29 -3.46 39.86
N LEU CD 160 -43.25 -4.31 38.82
CA LEU CD 160 -42.00 -4.65 38.16
C LEU CD 160 -41.55 -3.53 37.23
N ASN CD 161 -40.24 -3.30 37.20
CA ASN CD 161 -39.65 -2.19 36.45
C ASN CD 161 -38.33 -2.65 35.84
N HIS CD 162 -37.51 -1.70 35.41
CA HIS CD 162 -36.31 -2.02 34.64
C HIS CD 162 -35.17 -1.05 34.99
N HIS CD 163 -34.15 -1.01 34.14
CA HIS CD 163 -32.79 -0.63 34.48
C HIS CD 163 -32.62 0.88 34.68
N VAL CD 164 -31.58 1.22 35.46
CA VAL CD 164 -31.20 2.58 35.83
C VAL CD 164 -29.68 2.68 35.72
N THR CD 165 -29.13 3.83 35.29
CA THR CD 165 -27.68 4.02 35.16
C THR CD 165 -27.29 5.42 35.62
N TYR CD 166 -26.13 5.55 36.30
CA TYR CD 166 -25.50 6.86 36.54
C TYR CD 166 -24.37 7.10 35.56
N ASN CD 167 -24.20 8.37 35.17
CA ASN CD 167 -23.02 8.79 34.40
C ASN CD 167 -21.86 9.09 35.34
N HIS CD 168 -22.03 10.09 36.20
CA HIS CD 168 -20.94 10.56 37.04
C HIS CD 168 -20.60 9.52 38.09
N GLN CD 169 -19.31 9.27 38.23
CA GLN CD 169 -18.81 8.08 38.91
C GLN CD 169 -18.57 8.31 40.39
N GLU CD 170 -19.38 9.18 41.00
CA GLU CD 170 -19.22 9.58 42.38
C GLU CD 170 -19.96 8.63 43.32
N ALA CD 171 -19.48 8.56 44.56
CA ALA CD 171 -20.19 7.94 45.66
C ALA CD 171 -21.13 8.98 46.28
N GLY CD 172 -22.12 9.38 45.49
CA GLY CD 172 -22.82 10.60 45.84
C GLY CD 172 -24.32 10.65 45.65
N LYS CD 173 -24.81 11.87 45.45
CA LYS CD 173 -26.21 12.22 45.52
C LYS CD 173 -26.90 12.01 44.17
N TYR CD 174 -28.08 12.62 44.00
CA TYR CD 174 -28.99 12.37 42.89
C TYR CD 174 -28.76 13.22 41.65
N GLU CD 175 -27.95 14.28 41.75
CA GLU CD 175 -27.86 15.24 40.65
C GLU CD 175 -26.98 14.79 39.51
N ASN CD 176 -26.49 13.55 39.51
CA ASN CD 176 -25.38 13.22 38.64
C ASN CD 176 -25.62 11.95 37.82
N HIS CD 177 -26.79 11.85 37.20
CA HIS CD 177 -27.24 10.62 36.57
C HIS CD 177 -27.08 10.68 35.05
N THR CD 178 -27.67 9.70 34.38
CA THR CD 178 -27.81 9.63 32.92
C THR CD 178 -29.13 8.92 32.65
N GLU CD 179 -29.23 8.31 31.45
CA GLU CD 179 -30.37 7.53 30.95
C GLU CD 179 -31.09 6.71 32.01
N ASN CD 180 -32.43 6.79 31.95
CA ASN CD 180 -33.36 5.99 32.75
C ASN CD 180 -33.17 6.24 34.25
N ALA CD 181 -33.53 7.46 34.63
CA ALA CD 181 -33.92 7.65 36.01
C ALA CD 181 -35.39 7.31 36.18
N LEU CD 182 -35.83 7.22 37.43
CA LEU CD 182 -37.23 7.00 37.75
C LEU CD 182 -37.51 7.52 39.15
N LEU CD 183 -38.67 8.14 39.32
CA LEU CD 183 -38.99 8.82 40.57
C LEU CD 183 -40.50 8.93 40.69
N LEU CD 184 -40.97 9.55 41.77
CA LEU CD 184 -42.38 9.65 42.08
C LEU CD 184 -42.84 11.10 42.14
N TYR CD 185 -44.11 11.30 41.81
CA TYR CD 185 -44.83 12.53 42.11
C TYR CD 185 -46.15 12.18 42.75
N MET CD 186 -46.52 12.94 43.78
CA MET CD 186 -47.81 12.80 44.44
C MET CD 186 -48.59 14.08 44.26
N ALA CD 187 -49.90 13.95 44.05
CA ALA CD 187 -50.73 15.09 43.68
C ALA CD 187 -51.99 15.12 44.53
N CYS CD 188 -52.28 16.30 45.09
CA CYS CD 188 -53.56 16.57 45.73
C CYS CD 188 -54.45 17.35 44.78
N THR CD 189 -55.76 17.24 44.98
CA THR CD 189 -56.74 17.81 44.06
C THR CD 189 -57.57 18.93 44.67
N HIS CD 190 -57.19 19.47 45.82
CA HIS CD 190 -57.93 20.55 46.45
C HIS CD 190 -56.97 21.51 47.13
N ALA CD 191 -57.45 22.74 47.34
CA ALA CD 191 -56.60 23.83 47.82
C ALA CD 191 -56.15 23.63 49.27
N SER CD 192 -56.92 22.91 50.07
CA SER CD 192 -56.45 22.52 51.39
C SER CD 192 -55.37 21.46 51.27
N ASN CD 193 -54.62 21.27 52.36
CA ASN CD 193 -53.61 20.22 52.37
C ASN CD 193 -53.87 19.25 53.52
N PRO CD 194 -54.82 18.32 53.39
CA PRO CD 194 -55.06 17.37 54.49
C PRO CD 194 -54.12 16.18 54.46
N VAL CD 195 -53.50 15.89 53.31
CA VAL CD 195 -52.88 14.60 53.07
C VAL CD 195 -51.55 14.52 53.81
N TYR CD 196 -51.48 13.62 54.78
CA TYR CD 196 -50.22 13.24 55.43
C TYR CD 196 -49.90 11.81 55.02
N ALA CD 197 -49.22 11.68 53.89
CA ALA CD 197 -48.94 10.40 53.27
C ALA CD 197 -47.51 9.97 53.58
N THR CD 198 -47.38 8.89 54.34
CA THR CD 198 -46.07 8.31 54.66
C THR CD 198 -45.98 6.95 53.99
N LEU CD 199 -44.92 6.75 53.22
CA LEU CD 199 -44.81 5.60 52.33
C LEU CD 199 -43.48 4.89 52.56
N LYS CD 200 -43.55 3.57 52.61
CA LYS CD 200 -42.37 2.72 52.65
C LYS CD 200 -42.15 2.10 51.27
N ILE CD 201 -41.02 2.40 50.66
CA ILE CD 201 -40.77 2.10 49.25
C ILE CD 201 -39.56 1.18 49.18
N ARG CD 202 -39.81 -0.12 49.04
CA ARG CD 202 -38.72 -1.07 48.85
C ARG CD 202 -38.35 -1.18 47.38
N ILE CD 203 -37.07 -1.04 47.08
CA ILE CD 203 -36.51 -1.43 45.80
C ILE CD 203 -35.49 -2.53 46.08
N TYR CD 204 -35.74 -3.73 45.57
CA TYR CD 204 -34.74 -4.78 45.59
C TYR CD 204 -34.40 -5.16 44.16
N PHE CD 205 -33.10 -5.32 43.91
CA PHE CD 205 -32.58 -5.40 42.55
C PHE CD 205 -31.30 -6.23 42.50
N ARG DD 14 -46.43 1.61 -0.87
CA ARG DD 14 -47.65 1.13 -0.23
C ARG DD 14 -48.85 1.14 -1.18
N SER DD 15 -48.78 1.97 -2.22
CA SER DD 15 -49.99 2.31 -2.97
C SER DD 15 -49.77 2.42 -4.48
N PRO DD 16 -50.74 1.95 -5.30
CA PRO DD 16 -50.60 1.97 -6.77
C PRO DD 16 -50.97 3.28 -7.48
N ASP DD 17 -50.01 4.19 -7.67
CA ASP DD 17 -50.22 5.28 -8.61
C ASP DD 17 -49.29 5.19 -9.79
N ILE DD 18 -47.99 5.30 -9.55
CA ILE DD 18 -46.92 5.61 -10.51
C ILE DD 18 -45.62 5.40 -9.72
N PRO DD 19 -44.44 5.27 -10.32
CA PRO DD 19 -43.26 4.93 -9.52
C PRO DD 19 -42.61 6.07 -8.73
N ARG DD 20 -43.24 7.24 -8.57
CA ARG DD 20 -42.60 8.28 -7.75
C ARG DD 20 -43.45 8.70 -6.55
N GLY DD 21 -44.68 9.11 -6.79
CA GLY DD 21 -45.48 9.79 -5.80
C GLY DD 21 -46.42 8.89 -5.02
N CYS DD 22 -46.12 8.75 -3.72
CA CYS DD 22 -47.09 8.36 -2.73
C CYS DD 22 -47.99 9.51 -2.31
N GLU DD 23 -47.76 10.70 -2.88
CA GLU DD 23 -48.56 11.89 -2.65
C GLU DD 23 -50.00 11.70 -3.11
N GLY DD 24 -50.87 12.56 -2.60
CA GLY DD 24 -52.23 12.64 -3.08
C GLY DD 24 -52.25 13.06 -4.54
N PRO DD 25 -52.88 12.24 -5.40
CA PRO DD 25 -52.79 12.48 -6.84
C PRO DD 25 -53.56 13.71 -7.29
N CYS DD 26 -52.94 14.86 -7.09
CA CYS DD 26 -53.70 16.11 -7.02
C CYS DD 26 -53.95 16.67 -8.41
N LYS DD 27 -55.11 17.30 -8.58
CA LYS DD 27 -55.47 17.94 -9.83
C LYS DD 27 -55.05 19.40 -9.76
N VAL DD 28 -54.39 19.86 -10.82
CA VAL DD 28 -54.15 21.27 -11.05
C VAL DD 28 -54.61 21.55 -12.46
N GLN DD 29 -55.61 22.39 -12.59
CA GLN DD 29 -56.24 22.65 -13.88
C GLN DD 29 -55.68 23.94 -14.46
N SER DD 30 -55.30 23.87 -15.71
CA SER DD 30 -54.91 25.06 -16.44
C SER DD 30 -56.08 25.41 -17.36
N PHE DD 31 -57.08 26.06 -16.79
CA PHE DD 31 -58.16 26.59 -17.61
C PHE DD 31 -57.67 27.78 -18.41
N GLU DD 32 -58.12 27.85 -19.66
CA GLU DD 32 -57.92 29.05 -20.47
C GLU DD 32 -59.27 29.55 -20.96
N GLN DD 33 -59.37 30.87 -21.06
CA GLN DD 33 -60.43 31.53 -21.82
C GLN DD 33 -59.67 32.41 -22.80
N ARG DD 34 -59.24 31.79 -23.90
CA ARG DD 34 -58.28 32.40 -24.81
C ARG DD 34 -58.68 32.17 -26.26
N ASP DD 35 -57.76 32.48 -27.16
CA ASP DD 35 -57.89 32.16 -28.57
C ASP DD 35 -56.49 31.89 -29.10
N ASP DD 36 -56.34 31.91 -30.42
CA ASP DD 36 -55.03 31.77 -31.02
C ASP DD 36 -54.93 32.71 -32.21
N VAL DD 37 -53.83 32.59 -32.94
CA VAL DD 37 -53.67 33.21 -34.25
C VAL DD 37 -53.45 32.06 -35.22
N LYS DD 38 -53.17 32.36 -36.49
CA LYS DD 38 -52.86 31.31 -37.44
C LYS DD 38 -51.57 30.58 -37.08
N HIS DD 39 -50.56 31.33 -36.64
CA HIS DD 39 -49.25 30.73 -36.43
C HIS DD 39 -49.19 29.91 -35.15
N LEU DD 40 -49.68 30.47 -34.05
CA LEU DD 40 -49.38 29.83 -32.77
C LEU DD 40 -50.46 30.12 -31.73
N GLY DD 41 -50.80 29.10 -30.97
CA GLY DD 41 -51.39 29.27 -29.67
C GLY DD 41 -50.55 28.51 -28.67
N ILE DD 42 -49.85 29.22 -27.79
CA ILE DD 42 -48.83 28.60 -26.94
C ILE DD 42 -49.38 28.48 -25.52
N CYS DD 43 -49.20 27.29 -24.95
CA CYS DD 43 -49.68 26.99 -23.60
C CYS DD 43 -48.70 26.05 -22.94
N LYS DD 44 -47.83 26.57 -22.09
CA LYS DD 44 -47.14 25.71 -21.13
C LYS DD 44 -48.14 25.29 -20.06
N VAL DD 45 -48.26 23.99 -19.87
CA VAL DD 45 -49.23 23.42 -18.94
C VAL DD 45 -48.51 22.86 -17.69
N ILE DD 46 -47.43 23.52 -17.22
CA ILE DD 46 -46.65 22.99 -16.12
C ILE DD 46 -46.56 23.95 -14.94
N SER DD 47 -46.28 25.24 -15.17
CA SER DD 47 -46.07 26.17 -14.06
C SER DD 47 -47.36 26.64 -13.42
N ASP DD 48 -48.47 26.01 -13.77
CA ASP DD 48 -49.66 25.99 -12.93
C ASP DD 48 -49.32 25.47 -11.54
N VAL DD 49 -48.45 24.47 -11.45
CA VAL DD 49 -47.91 24.00 -10.18
C VAL DD 49 -46.68 24.83 -9.86
N THR DD 50 -46.69 25.45 -8.69
CA THR DD 50 -45.52 25.99 -8.04
C THR DD 50 -45.22 25.13 -6.82
N ARG DD 51 -44.11 25.43 -6.14
CA ARG DD 51 -43.88 24.78 -4.86
C ARG DD 51 -44.84 25.32 -3.82
N GLY DD 52 -45.36 24.42 -3.00
CA GLY DD 52 -46.18 24.82 -1.88
C GLY DD 52 -46.62 23.62 -1.07
N PRO DD 53 -47.05 23.87 0.17
CA PRO DD 53 -47.70 22.80 0.95
C PRO DD 53 -49.14 22.55 0.54
N GLY DD 54 -49.75 23.46 -0.23
CA GLY DD 54 -51.14 23.32 -0.58
C GLY DD 54 -51.39 22.23 -1.60
N LEU DD 55 -52.67 21.98 -1.86
CA LEU DD 55 -53.11 20.85 -2.65
C LEU DD 55 -53.17 21.14 -4.15
N THR DD 56 -52.68 22.29 -4.59
CA THR DD 56 -52.47 22.56 -6.01
C THR DD 56 -50.99 22.82 -6.27
N HIS DD 57 -50.14 22.06 -5.58
CA HIS DD 57 -48.72 22.32 -5.57
C HIS DD 57 -47.97 21.00 -5.65
N ARG DD 58 -46.69 21.06 -5.30
CA ARG DD 58 -45.82 19.91 -5.31
C ARG DD 58 -44.93 19.93 -4.08
N VAL DD 59 -44.26 18.82 -3.83
CA VAL DD 59 -43.27 18.71 -2.78
C VAL DD 59 -41.94 18.36 -3.45
N GLY DD 60 -40.98 19.27 -3.39
CA GLY DD 60 -39.73 19.03 -4.10
C GLY DD 60 -39.82 19.53 -5.53
N LYS DD 61 -39.25 18.75 -6.45
CA LYS DD 61 -39.12 19.17 -7.84
C LYS DD 61 -39.39 18.02 -8.82
N ARG DD 62 -40.34 17.13 -8.51
CA ARG DD 62 -40.57 15.95 -9.33
C ARG DD 62 -42.06 15.73 -9.60
N PHE DD 63 -42.40 15.37 -10.85
CA PHE DD 63 -43.74 14.99 -11.26
C PHE DD 63 -43.74 13.60 -11.92
N CYS DD 64 -44.89 12.95 -11.94
CA CYS DD 64 -45.25 11.88 -12.87
C CYS DD 64 -46.72 12.14 -13.24
N ILE DD 65 -46.91 12.85 -14.35
CA ILE DD 65 -48.25 13.18 -14.83
C ILE DD 65 -48.95 11.90 -15.25
N LYS DD 66 -50.03 11.56 -14.56
CA LYS DD 66 -50.78 10.35 -14.89
C LYS DD 66 -51.55 10.54 -16.19
N SER DD 67 -52.35 11.60 -16.28
CA SER DD 67 -53.10 11.84 -17.50
C SER DD 67 -53.43 13.31 -17.64
N ILE DD 68 -53.45 13.76 -18.89
CA ILE DD 68 -53.98 15.07 -19.25
C ILE DD 68 -55.39 14.86 -19.78
N TYR DD 69 -56.35 15.55 -19.18
CA TYR DD 69 -57.75 15.46 -19.54
C TYR DD 69 -58.18 16.78 -20.17
N ILE DD 70 -58.32 16.78 -21.49
CA ILE DD 70 -58.56 18.01 -22.24
C ILE DD 70 -60.05 18.14 -22.49
N LEU DD 71 -60.69 19.08 -21.82
CA LEU DD 71 -62.00 19.59 -22.21
C LEU DD 71 -61.81 20.81 -23.10
N GLY DD 72 -62.88 21.20 -23.77
CA GLY DD 72 -62.81 22.40 -24.58
C GLY DD 72 -63.91 22.56 -25.60
N LYS DD 73 -64.37 23.80 -25.75
CA LYS DD 73 -65.32 24.16 -26.79
C LYS DD 73 -64.66 25.16 -27.73
N ILE DD 74 -64.67 24.83 -29.03
CA ILE DD 74 -63.94 25.58 -30.04
C ILE DD 74 -64.97 26.17 -30.98
N TRP DD 75 -65.16 27.49 -30.91
CA TRP DD 75 -66.21 28.12 -31.70
C TRP DD 75 -65.65 29.26 -32.53
N LEU DD 76 -66.55 29.84 -33.32
CA LEU DD 76 -66.35 31.11 -33.99
C LEU DD 76 -67.59 31.98 -33.93
N ASP DD 77 -68.43 31.81 -32.89
CA ASP DD 77 -69.80 32.32 -32.89
C ASP DD 77 -69.87 33.78 -32.46
N GLU DD 78 -68.77 34.51 -32.57
CA GLU DD 78 -68.81 35.96 -32.60
C GLU DD 78 -69.57 36.42 -33.84
N THR DD 79 -70.15 37.62 -33.79
CA THR DD 79 -70.99 38.12 -34.89
C THR DD 79 -70.21 38.44 -36.17
N ILE DD 80 -68.89 38.32 -36.13
CA ILE DD 80 -68.03 38.55 -37.29
C ILE DD 80 -67.42 37.18 -37.56
N LYS DD 81 -66.51 37.08 -38.55
CA LYS DD 81 -65.81 35.87 -38.99
C LYS DD 81 -66.76 34.84 -39.56
N LYS DD 82 -67.81 35.30 -40.24
CA LYS DD 82 -68.56 34.47 -41.17
C LYS DD 82 -67.99 34.49 -42.57
N GLN DD 83 -67.35 35.59 -42.99
CA GLN DD 83 -66.54 35.58 -44.21
C GLN DD 83 -65.15 35.05 -43.89
N ASN DD 84 -64.40 34.73 -44.96
CA ASN DD 84 -63.06 34.12 -44.93
C ASN DD 84 -63.10 32.83 -44.12
N HIS DD 85 -64.14 32.04 -44.33
CA HIS DD 85 -64.54 30.97 -43.44
C HIS DD 85 -63.94 29.61 -43.78
N THR DD 86 -64.49 28.55 -43.18
CA THR DD 86 -64.07 27.15 -43.26
C THR DD 86 -62.63 26.92 -42.82
N ASN DD 87 -62.34 27.11 -41.54
CA ASN DD 87 -61.04 26.81 -40.98
C ASN DD 87 -61.16 25.62 -40.02
N ASN DD 88 -60.06 24.92 -39.79
CA ASN DD 88 -60.03 23.81 -38.85
C ASN DD 88 -58.84 23.95 -37.90
N VAL DD 89 -58.91 23.22 -36.79
CA VAL DD 89 -57.93 23.33 -35.72
C VAL DD 89 -57.22 21.99 -35.59
N ILE DD 90 -55.89 22.03 -35.62
CA ILE DD 90 -55.06 20.85 -35.38
C ILE DD 90 -54.35 21.07 -34.05
N PHE DD 91 -54.53 20.14 -33.12
CA PHE DD 91 -53.87 20.25 -31.83
C PHE DD 91 -52.53 19.51 -31.83
N TYR DD 92 -51.63 19.97 -30.99
CA TYR DD 92 -50.30 19.39 -30.87
C TYR DD 92 -49.94 19.29 -29.39
N LEU DD 93 -49.69 18.08 -28.92
CA LEU DD 93 -49.29 17.85 -27.54
C LEU DD 93 -47.90 17.22 -27.58
N LEU DD 94 -46.88 18.01 -27.25
CA LEU DD 94 -45.49 17.64 -27.49
C LEU DD 94 -44.81 17.26 -26.19
N ARG DD 95 -43.94 16.26 -26.26
CA ARG DD 95 -43.03 15.96 -25.15
C ARG DD 95 -41.74 16.73 -25.39
N ASP DD 96 -41.50 17.76 -24.57
CA ASP DD 96 -40.33 18.61 -24.72
C ASP DD 96 -39.14 17.99 -24.00
N ARG DD 97 -37.94 18.32 -24.50
CA ARG DD 97 -36.71 17.77 -23.95
C ARG DD 97 -35.91 18.76 -23.11
N ARG DD 98 -35.98 20.10 -23.40
CA ARG DD 98 -35.67 21.18 -22.44
C ARG DD 98 -36.01 22.57 -22.96
N PRO DD 99 -36.53 23.43 -22.09
CA PRO DD 99 -36.67 24.86 -22.43
C PRO DD 99 -35.50 25.72 -21.97
N TYR DD 100 -35.41 26.92 -22.53
CA TYR DD 100 -34.45 27.94 -22.12
C TYR DD 100 -35.16 29.28 -22.18
N GLY DD 101 -35.20 30.00 -21.07
CA GLY DD 101 -35.99 31.22 -21.03
C GLY DD 101 -37.45 30.88 -21.10
N ASN DD 102 -38.21 31.58 -21.94
CA ASN DD 102 -39.65 31.39 -21.94
C ASN DD 102 -40.05 30.26 -22.90
N ALA DD 103 -41.35 30.20 -23.20
CA ALA DD 103 -41.84 29.27 -24.20
C ALA DD 103 -41.39 29.73 -25.58
N PRO DD 104 -40.63 28.92 -26.32
CA PRO DD 104 -40.27 29.31 -27.68
C PRO DD 104 -41.47 29.21 -28.60
N GLN DD 105 -41.57 30.17 -29.52
CA GLN DD 105 -42.74 30.30 -30.36
C GLN DD 105 -42.79 29.17 -31.39
N ASP DD 106 -43.99 28.93 -31.92
CA ASP DD 106 -44.29 27.66 -32.60
C ASP DD 106 -43.65 27.58 -33.99
N PHE DD 107 -43.91 28.58 -34.85
CA PHE DD 107 -43.37 28.54 -36.19
C PHE DD 107 -41.85 28.73 -36.19
N GLY DD 108 -41.30 29.29 -35.12
CA GLY DD 108 -39.87 29.23 -34.90
C GLY DD 108 -39.39 27.92 -34.33
N GLN DD 109 -40.26 26.90 -34.25
CA GLN DD 109 -39.81 25.61 -33.74
C GLN DD 109 -40.22 24.41 -34.60
N ILE DD 110 -41.43 24.37 -35.17
CA ILE DD 110 -41.83 23.23 -35.97
C ILE DD 110 -41.56 23.52 -37.44
N PHE DD 111 -41.56 22.47 -38.28
CA PHE DD 111 -40.78 22.62 -39.52
C PHE DD 111 -41.49 23.46 -40.57
N ASN DD 112 -42.65 23.03 -41.04
CA ASN DD 112 -43.21 23.61 -42.25
C ASN DD 112 -44.59 24.18 -41.93
N MET DD 113 -45.29 24.64 -42.98
CA MET DD 113 -46.51 25.42 -42.82
C MET DD 113 -47.70 24.50 -42.52
N PHE DD 114 -47.95 24.33 -41.22
CA PHE DD 114 -49.21 23.99 -40.56
C PHE DD 114 -49.64 22.54 -40.75
N ASP DD 115 -48.94 21.76 -41.57
CA ASP DD 115 -49.09 20.32 -41.65
C ASP DD 115 -47.69 19.72 -41.64
N ASN DD 116 -47.17 19.45 -40.45
CA ASN DD 116 -45.73 19.23 -40.32
C ASN DD 116 -45.41 18.39 -39.10
N GLU DD 117 -44.12 18.37 -38.78
CA GLU DD 117 -43.48 17.69 -37.66
C GLU DD 117 -42.46 18.68 -37.10
N PRO DD 118 -41.81 18.41 -35.96
CA PRO DD 118 -40.67 19.23 -35.57
C PRO DD 118 -39.51 19.09 -36.54
N SER DD 119 -38.64 20.11 -36.53
CA SER DD 119 -37.53 20.18 -37.47
C SER DD 119 -36.48 19.11 -37.17
N THR DD 120 -35.62 18.88 -38.17
CA THR DD 120 -34.58 17.86 -38.04
C THR DD 120 -33.51 18.23 -37.03
N ALA DD 121 -33.30 19.54 -36.80
CA ALA DD 121 -32.31 19.99 -35.83
C ALA DD 121 -32.89 20.17 -34.44
N THR DD 122 -34.14 19.79 -34.22
CA THR DD 122 -34.82 20.05 -32.95
C THR DD 122 -35.18 18.79 -32.18
N ILE DD 123 -34.98 17.60 -32.77
CA ILE DD 123 -35.38 16.36 -32.13
C ILE DD 123 -34.44 16.02 -30.97
N PHE DD 131 -37.97 18.30 -30.76
CA PHE DD 131 -38.69 17.94 -29.55
C PHE DD 131 -39.65 16.80 -29.87
N GLN DD 132 -39.88 15.92 -28.90
CA GLN DD 132 -40.73 14.77 -29.16
C GLN DD 132 -42.20 15.18 -29.19
N VAL DD 133 -42.99 14.35 -29.85
CA VAL DD 133 -44.42 14.53 -30.04
C VAL DD 133 -45.10 13.43 -29.25
N LEU DD 134 -46.31 13.70 -28.72
CA LEU DD 134 -47.11 12.59 -28.22
C LEU DD 134 -48.25 12.23 -29.15
N ARG DD 135 -49.21 13.14 -29.38
CA ARG DD 135 -50.32 12.88 -30.30
C ARG DD 135 -50.82 14.19 -30.89
N LYS DD 136 -51.84 14.07 -31.73
CA LYS DD 136 -52.52 15.19 -32.39
C LYS DD 136 -54.01 15.07 -32.16
N PHE DD 137 -54.76 16.11 -32.57
CA PHE DD 137 -56.22 16.07 -32.53
C PHE DD 137 -56.76 16.84 -33.73
N HIS DD 138 -58.09 16.87 -33.85
CA HIS DD 138 -58.77 17.58 -34.93
C HIS DD 138 -59.98 18.32 -34.37
N ALA DD 139 -60.29 19.45 -35.00
CA ALA DD 139 -61.50 20.21 -34.70
C ALA DD 139 -61.81 21.05 -35.94
N THR DD 140 -62.96 20.81 -36.55
CA THR DD 140 -63.32 21.42 -37.83
C THR DD 140 -64.55 22.29 -37.66
N VAL DD 141 -64.37 23.61 -37.71
CA VAL DD 141 -65.47 24.56 -37.56
C VAL DD 141 -65.67 25.30 -38.88
N VAL DD 142 -66.67 24.87 -39.65
CA VAL DD 142 -66.88 25.44 -40.97
C VAL DD 142 -68.21 26.20 -41.02
N GLY DD 143 -68.16 27.52 -40.86
CA GLY DD 143 -69.38 28.30 -40.90
C GLY DD 143 -69.31 29.56 -41.72
N GLY DD 144 -70.09 29.63 -42.79
CA GLY DD 144 -70.09 30.83 -43.62
C GLY DD 144 -71.40 31.59 -43.55
N LEU DD 145 -72.21 31.47 -44.61
CA LEU DD 145 -73.51 32.12 -44.63
C LEU DD 145 -74.54 31.13 -45.16
N TYR DD 146 -75.81 31.49 -44.96
CA TYR DD 146 -77.03 30.83 -45.47
C TYR DD 146 -77.25 29.40 -44.99
N CYS DD 147 -76.44 28.85 -44.10
CA CYS DD 147 -77.01 27.80 -43.25
C CYS DD 147 -76.80 28.13 -41.76
N MET DD 148 -75.61 28.51 -41.25
CA MET DD 148 -74.25 28.21 -41.72
C MET DD 148 -73.83 26.93 -40.94
N LYS DD 149 -73.50 25.87 -41.68
CA LYS DD 149 -73.45 24.58 -41.02
C LYS DD 149 -72.01 24.17 -40.67
N GLU DD 150 -71.52 24.77 -39.57
CA GLU DD 150 -70.84 24.18 -38.42
C GLU DD 150 -70.43 25.27 -37.46
N GLN DD 151 -70.28 24.91 -36.19
CA GLN DD 151 -70.00 25.81 -35.08
C GLN DD 151 -69.33 25.04 -33.96
N ALA DD 152 -69.45 25.58 -32.74
CA ALA DD 152 -68.84 25.11 -31.49
C ALA DD 152 -68.90 23.60 -31.32
N LEU DD 153 -67.72 22.98 -31.28
CA LEU DD 153 -67.61 21.53 -31.10
C LEU DD 153 -67.05 21.25 -29.71
N VAL DD 154 -67.46 20.13 -29.13
CA VAL DD 154 -66.99 19.75 -27.80
C VAL DD 154 -66.00 18.60 -27.92
N LYS DD 155 -64.85 18.71 -27.27
CA LYS DD 155 -63.81 17.69 -27.32
C LYS DD 155 -63.41 17.30 -25.91
N ARG DD 156 -63.56 16.01 -25.58
CA ARG DD 156 -63.04 15.45 -24.35
C ARG DD 156 -62.13 14.28 -24.68
N PHE DD 157 -61.01 14.17 -23.96
CA PHE DD 157 -60.00 13.14 -24.25
C PHE DD 157 -59.28 12.76 -22.98
N TYR DD 158 -59.39 11.50 -22.58
CA TYR DD 158 -58.37 10.89 -21.73
C TYR DD 158 -57.07 10.75 -22.52
N ARG DD 159 -55.94 11.04 -21.87
CA ARG DD 159 -54.65 10.97 -22.55
C ARG DD 159 -53.57 10.71 -21.49
N LEU DD 160 -53.10 9.47 -21.39
CA LEU DD 160 -52.11 9.09 -20.40
C LEU DD 160 -50.73 9.55 -20.84
N ASN DD 161 -49.92 10.00 -19.87
CA ASN DD 161 -48.60 10.58 -20.14
C ASN DD 161 -47.65 10.16 -19.03
N HIS DD 162 -46.52 10.85 -18.91
CA HIS DD 162 -45.45 10.41 -18.02
C HIS DD 162 -44.74 11.64 -17.42
N HIS DD 163 -43.55 11.41 -16.86
CA HIS DD 163 -42.96 12.21 -15.81
C HIS DD 163 -42.41 13.55 -16.31
N VAL DD 164 -42.31 14.49 -15.37
CA VAL DD 164 -41.85 15.88 -15.57
C VAL DD 164 -40.94 16.23 -14.39
N THR DD 165 -39.89 17.02 -14.63
CA THR DD 165 -38.97 17.42 -13.56
C THR DD 165 -38.54 18.87 -13.74
N TYR DD 166 -38.40 19.63 -12.63
CA TYR DD 166 -37.74 20.94 -12.65
C TYR DD 166 -36.31 20.82 -12.12
N ASN DD 167 -35.42 21.63 -12.70
CA ASN DD 167 -34.07 21.79 -12.16
C ASN DD 167 -34.05 22.82 -11.04
N HIS DD 168 -34.39 24.06 -11.38
CA HIS DD 168 -34.27 25.17 -10.45
C HIS DD 168 -35.31 25.02 -9.35
N GLN DD 169 -34.86 25.21 -8.11
CA GLN DD 169 -35.59 24.78 -6.94
C GLN DD 169 -36.50 25.87 -6.39
N GLU DD 170 -37.02 26.72 -7.28
CA GLU DD 170 -37.83 27.86 -6.90
C GLU DD 170 -39.30 27.48 -6.78
N ALA DD 171 -40.02 28.26 -5.95
CA ALA DD 171 -41.47 28.24 -5.91
C ALA DD 171 -41.99 29.21 -6.98
N GLY DD 172 -41.75 28.84 -8.24
CA GLY DD 172 -41.87 29.84 -9.28
C GLY DD 172 -42.48 29.43 -10.61
N LYS DD 173 -42.09 30.16 -11.63
CA LYS DD 173 -42.71 30.16 -12.94
C LYS DD 173 -42.13 29.06 -13.83
N TYR DD 174 -42.36 29.17 -15.14
CA TYR DD 174 -42.10 28.13 -16.13
C TYR DD 174 -40.70 28.15 -16.72
N GLU DD 175 -39.92 29.20 -16.51
CA GLU DD 175 -38.66 29.35 -17.23
C GLU DD 175 -37.51 28.54 -16.64
N ASN DD 176 -37.78 27.68 -15.66
CA ASN DD 176 -36.68 27.17 -14.85
C ASN DD 176 -36.70 25.65 -14.72
N HIS DD 177 -36.86 24.95 -15.83
CA HIS DD 177 -37.12 23.52 -15.84
C HIS DD 177 -35.87 22.73 -16.20
N THR DD 178 -36.06 21.44 -16.45
CA THR DD 178 -35.07 20.50 -16.98
C THR DD 178 -35.83 19.49 -17.83
N GLU DD 179 -35.22 18.30 -18.00
CA GLU DD 179 -35.74 17.14 -18.74
C GLU DD 179 -37.25 16.95 -18.62
N ASN DD 180 -37.85 16.67 -19.78
CA ASN DD 180 -39.26 16.29 -19.92
C ASN DD 180 -40.19 17.39 -19.42
N ALA DD 181 -40.16 18.48 -20.16
CA ALA DD 181 -41.32 19.35 -20.13
C ALA DD 181 -42.35 18.83 -21.14
N LEU DD 182 -43.56 19.39 -21.07
CA LEU DD 182 -44.60 19.08 -22.04
C LEU DD 182 -45.59 20.24 -22.07
N LEU DD 183 -46.07 20.56 -23.26
CA LEU DD 183 -46.90 21.75 -23.46
C LEU DD 183 -47.72 21.55 -24.73
N LEU DD 184 -48.52 22.57 -25.06
CA LEU DD 184 -49.45 22.49 -26.18
C LEU DD 184 -49.14 23.57 -27.21
N TYR DD 185 -49.47 23.25 -28.46
CA TYR DD 185 -49.55 24.22 -29.54
C TYR DD 185 -50.86 24.02 -30.27
N MET DD 186 -51.52 25.12 -30.61
CA MET DD 186 -52.75 25.10 -31.39
C MET DD 186 -52.49 25.83 -32.71
N ALA DD 187 -53.05 25.31 -33.80
CA ALA DD 187 -52.74 25.80 -35.13
C ALA DD 187 -54.01 26.05 -35.92
N CYS DD 188 -54.11 27.21 -36.54
CA CYS DD 188 -55.14 27.50 -37.52
C CYS DD 188 -54.56 27.37 -38.93
N THR DD 189 -55.43 27.11 -39.89
CA THR DD 189 -55.00 26.81 -41.25
C THR DD 189 -55.43 27.84 -42.28
N HIS DD 190 -55.89 29.02 -41.85
CA HIS DD 190 -56.31 30.06 -42.77
C HIS DD 190 -55.93 31.42 -42.21
N ALA DD 191 -55.84 32.40 -43.12
CA ALA DD 191 -55.33 33.73 -42.78
C ALA DD 191 -56.26 34.50 -41.86
N SER DD 192 -57.56 34.23 -41.91
CA SER DD 192 -58.47 34.79 -40.93
C SER DD 192 -58.26 34.13 -39.57
N ASN DD 193 -58.78 34.79 -38.54
CA ASN DD 193 -58.69 34.20 -37.21
C ASN DD 193 -60.08 34.03 -36.60
N PRO DD 194 -60.86 33.01 -36.99
CA PRO DD 194 -62.19 32.85 -36.40
C PRO DD 194 -62.17 32.12 -35.07
N VAL DD 195 -61.11 31.37 -34.79
CA VAL DD 195 -61.12 30.34 -33.74
C VAL DD 195 -61.04 31.02 -32.38
N TYR DD 196 -62.10 30.89 -31.60
CA TYR DD 196 -62.10 31.24 -30.18
C TYR DD 196 -62.20 29.96 -29.37
N ALA DD 197 -61.04 29.36 -29.10
CA ALA DD 197 -60.96 28.06 -28.46
C ALA DD 197 -60.64 28.22 -26.98
N THR DD 198 -61.58 27.85 -26.13
CA THR DD 198 -61.38 27.87 -24.68
C THR DD 198 -61.39 26.43 -24.18
N LEU DD 199 -60.34 26.06 -23.45
CA LEU DD 199 -60.09 24.68 -23.09
C LEU DD 199 -59.86 24.56 -21.61
N LYS DD 200 -60.47 23.53 -21.02
CA LYS DD 200 -60.24 23.15 -19.64
C LYS DD 200 -59.34 21.93 -19.60
N ILE DD 201 -58.17 22.06 -18.98
CA ILE DD 201 -57.10 21.08 -19.08
C ILE DD 201 -56.80 20.59 -17.68
N ARG DD 202 -57.35 19.43 -17.31
CA ARG DD 202 -57.04 18.81 -16.03
C ARG DD 202 -55.78 17.97 -16.13
N ILE DD 203 -54.83 18.20 -15.23
CA ILE DD 203 -53.74 17.27 -14.97
C ILE DD 203 -53.88 16.81 -13.54
N TYR DD 204 -54.11 15.52 -13.35
CA TYR DD 204 -54.04 14.93 -12.02
C TYR DD 204 -52.93 13.88 -12.01
N PHE DD 205 -52.14 13.90 -10.93
CA PHE DD 205 -50.88 13.18 -10.89
C PHE DD 205 -50.52 12.78 -9.47
N ARG ED 14 -21.38 -10.70 -41.51
CA ARG ED 14 -22.60 -11.23 -42.08
C ARG ED 14 -22.34 -12.45 -42.86
N SER ED 15 -22.71 -12.28 -44.12
CA SER ED 15 -22.54 -13.17 -45.21
C SER ED 15 -21.06 -13.55 -45.08
N PRO ED 16 -20.81 -14.88 -44.63
CA PRO ED 16 -19.58 -15.60 -45.03
C PRO ED 16 -18.75 -14.99 -46.16
N ASP ED 17 -17.79 -14.12 -45.84
CA ASP ED 17 -16.78 -13.77 -46.83
C ASP ED 17 -15.40 -14.25 -46.42
N ILE ED 18 -14.88 -13.75 -45.31
CA ILE ED 18 -13.47 -13.76 -44.88
C ILE ED 18 -13.49 -13.23 -43.45
N PRO ED 19 -12.46 -13.38 -42.61
CA PRO ED 19 -12.61 -12.97 -41.21
C PRO ED 19 -12.47 -11.49 -40.92
N ARG ED 20 -12.50 -10.57 -41.89
CA ARG ED 20 -12.45 -9.16 -41.55
C ARG ED 20 -13.66 -8.38 -42.02
N GLY ED 21 -13.96 -8.43 -43.31
CA GLY ED 21 -14.91 -7.54 -43.94
C GLY ED 21 -16.32 -8.07 -44.05
N CYS ED 22 -17.21 -7.43 -43.29
CA CYS ED 22 -18.63 -7.45 -43.58
C CYS ED 22 -19.00 -6.48 -44.70
N GLU ED 23 -18.02 -5.76 -45.23
CA GLU ED 23 -18.18 -4.83 -46.34
C GLU ED 23 -18.63 -5.56 -47.60
N GLY ED 24 -19.17 -4.78 -48.54
CA GLY ED 24 -19.46 -5.27 -49.87
C GLY ED 24 -18.18 -5.69 -50.57
N PRO ED 25 -18.14 -6.96 -51.01
CA PRO ED 25 -16.88 -7.51 -51.54
C PRO ED 25 -16.49 -6.90 -52.88
N CYS ED 26 -15.91 -5.71 -52.81
CA CYS ED 26 -15.90 -4.83 -53.97
C CYS ED 26 -14.74 -5.14 -54.89
N LYS ED 27 -14.99 -4.97 -56.19
CA LYS ED 27 -13.97 -5.18 -57.20
C LYS ED 27 -13.28 -3.86 -57.49
N VAL ED 28 -11.95 -3.89 -57.50
CA VAL ED 28 -11.14 -2.80 -58.01
C VAL ED 28 -10.17 -3.41 -59.00
N GLN ED 29 -10.29 -3.02 -60.26
CA GLN ED 29 -9.52 -3.62 -61.32
C GLN ED 29 -8.32 -2.75 -61.62
N SER ED 30 -7.20 -3.38 -61.71
CA SER ED 30 -6.00 -2.71 -62.19
C SER ED 30 -5.78 -3.17 -63.62
N PHE ED 31 -6.50 -2.56 -64.55
CA PHE ED 31 -6.23 -2.82 -65.95
C PHE ED 31 -4.92 -2.16 -66.36
N GLU ED 32 -4.16 -2.86 -67.19
CA GLU ED 32 -3.00 -2.27 -67.84
C GLU ED 32 -3.12 -2.42 -69.34
N GLN ED 33 -2.63 -1.42 -70.05
CA GLN ED 33 -2.36 -1.52 -71.48
C GLN ED 33 -0.88 -1.16 -71.59
N ARG ED 34 -0.03 -2.15 -71.33
CA ARG ED 34 1.39 -1.91 -71.11
C ARG ED 34 2.23 -2.96 -71.84
N ASP ED 35 3.51 -2.98 -71.52
CA ASP ED 35 4.42 -4.02 -71.97
C ASP ED 35 5.47 -4.22 -70.87
N ASP ED 36 6.57 -4.85 -71.22
CA ASP ED 36 7.67 -4.99 -70.27
C ASP ED 36 8.98 -4.85 -71.02
N VAL ED 37 10.08 -5.08 -70.30
CA VAL ED 37 11.39 -5.24 -70.90
C VAL ED 37 11.85 -6.64 -70.52
N LYS ED 38 13.09 -7.00 -70.87
CA LYS ED 38 13.61 -8.30 -70.47
C LYS ED 38 13.73 -8.41 -68.96
N HIS ED 39 14.17 -7.34 -68.29
CA HIS ED 39 14.48 -7.41 -66.87
C HIS ED 39 13.22 -7.39 -66.02
N LEU ED 40 12.30 -6.46 -66.30
CA LEU ED 40 11.24 -6.23 -65.33
C LEU ED 40 9.99 -5.69 -66.01
N GLY ED 41 8.85 -6.21 -65.56
CA GLY ED 41 7.60 -5.50 -65.69
C GLY ED 41 6.98 -5.40 -64.30
N ILE ED 42 6.92 -4.19 -63.74
CA ILE ED 42 6.56 -4.01 -62.35
C ILE ED 42 5.13 -3.50 -62.26
N CYS ED 43 4.36 -4.12 -61.36
CA CYS ED 43 2.95 -3.76 -61.19
C CYS ED 43 2.60 -3.95 -59.72
N LYS ED 44 2.59 -2.87 -58.94
CA LYS ED 44 1.88 -2.91 -57.67
C LYS ED 44 0.39 -2.92 -57.93
N VAL ED 45 -0.26 -3.89 -57.37
CA VAL ED 45 -1.69 -4.09 -57.59
C VAL ED 45 -2.50 -3.73 -56.32
N ILE ED 46 -2.07 -2.70 -55.57
CA ILE ED 46 -2.72 -2.38 -54.29
C ILE ED 46 -3.25 -0.96 -54.24
N SER ED 47 -2.47 0.04 -54.67
CA SER ED 47 -2.88 1.43 -54.53
C SER ED 47 -3.89 1.88 -55.58
N ASP ED 48 -4.40 0.93 -56.35
CA ASP ED 48 -5.68 1.08 -57.03
C ASP ED 48 -6.77 1.47 -56.05
N VAL ED 49 -6.76 0.88 -54.85
CA VAL ED 49 -7.63 1.28 -53.76
C VAL ED 49 -6.95 2.42 -52.99
N THR ED 50 -7.65 3.53 -52.88
CA THR ED 50 -7.35 4.58 -51.93
C THR ED 50 -8.46 4.59 -50.89
N ARG ED 51 -8.31 5.43 -49.87
CA ARG ED 51 -9.42 5.63 -48.94
C ARG ED 51 -10.53 6.40 -49.63
N GLY ED 52 -11.77 5.98 -49.37
CA GLY ED 52 -12.91 6.71 -49.84
C GLY ED 52 -14.20 6.06 -49.40
N PRO ED 53 -15.31 6.81 -49.45
CA PRO ED 53 -16.62 6.20 -49.25
C PRO ED 53 -17.14 5.46 -50.46
N GLY ED 54 -16.53 5.67 -51.63
CA GLY ED 54 -17.01 5.06 -52.86
C GLY ED 54 -16.74 3.56 -52.92
N LEU ED 55 -17.28 2.95 -53.97
CA LEU ED 55 -17.29 1.50 -54.09
C LEU ED 55 -16.07 0.94 -54.79
N THR ED 56 -15.06 1.76 -55.05
CA THR ED 56 -13.74 1.29 -55.47
C THR ED 56 -12.69 1.68 -54.45
N HIS ED 57 -13.06 1.61 -53.18
CA HIS ED 57 -12.24 2.16 -52.11
C HIS ED 57 -12.27 1.19 -50.93
N ARG ED 58 -11.86 1.71 -49.77
CA ARG ED 58 -11.82 0.96 -48.55
C ARG ED 58 -12.31 1.82 -47.40
N VAL ED 59 -12.56 1.19 -46.27
CA VAL ED 59 -12.90 1.87 -45.03
C VAL ED 59 -11.83 1.52 -44.01
N GLY ED 60 -11.05 2.52 -43.60
CA GLY ED 60 -9.95 2.24 -42.70
C GLY ED 60 -8.70 1.87 -43.48
N LYS ED 61 -7.97 0.87 -42.98
CA LYS ED 61 -6.67 0.51 -43.54
C LYS ED 61 -6.46 -1.01 -43.58
N ARG ED 62 -7.51 -1.79 -43.86
CA ARG ED 62 -7.42 -3.24 -43.81
C ARG ED 62 -8.05 -3.89 -45.05
N PHE ED 63 -7.37 -4.91 -45.59
CA PHE ED 63 -7.88 -5.76 -46.68
C PHE ED 63 -7.87 -7.23 -46.29
N CYS ED 64 -8.70 -7.95 -46.93
CA CYS ED 64 -8.55 -9.39 -47.07
C CYS ED 64 -8.92 -9.71 -48.52
N ILE ED 65 -7.90 -9.77 -49.38
CA ILE ED 65 -8.11 -10.05 -50.79
C ILE ED 65 -8.61 -11.48 -50.94
N LYS ED 66 -9.83 -11.63 -51.44
CA LYS ED 66 -10.40 -12.96 -51.63
C LYS ED 66 -9.72 -13.68 -52.80
N SER ED 67 -9.68 -13.04 -53.95
CA SER ED 67 -9.04 -13.67 -55.11
C SER ED 67 -8.56 -12.61 -56.08
N ILE ED 68 -7.44 -12.91 -56.73
CA ILE ED 68 -6.96 -12.15 -57.88
C ILE ED 68 -7.35 -12.92 -59.14
N TYR ED 69 -8.07 -12.24 -60.03
CA TYR ED 69 -8.55 -12.83 -61.28
C TYR ED 69 -7.80 -12.18 -62.43
N ILE ED 70 -6.85 -12.91 -63.00
CA ILE ED 70 -5.94 -12.37 -64.01
C ILE ED 70 -6.48 -12.74 -65.38
N LEU ED 71 -6.99 -11.75 -66.10
CA LEU ED 71 -7.18 -11.84 -67.54
C LEU ED 71 -5.95 -11.28 -68.23
N GLY ED 72 -5.84 -11.55 -69.54
CA GLY ED 72 -4.74 -10.98 -70.28
C GLY ED 72 -4.46 -11.64 -71.61
N LYS ED 73 -4.14 -10.82 -72.60
CA LYS ED 73 -3.69 -11.28 -73.90
C LYS ED 73 -2.26 -10.83 -74.13
N ILE ED 74 -1.37 -11.78 -74.43
CA ILE ED 74 0.06 -11.55 -74.51
C ILE ED 74 0.48 -11.79 -75.95
N TRP ED 75 0.79 -10.73 -76.68
CA TRP ED 75 1.08 -10.86 -78.10
C TRP ED 75 2.44 -10.25 -78.43
N LEU ED 76 2.80 -10.39 -79.70
CA LEU ED 76 3.88 -9.66 -80.33
C LEU ED 76 3.50 -9.20 -81.74
N ASP ED 77 2.20 -8.99 -81.99
CA ASP ED 77 1.67 -8.87 -83.35
C ASP ED 77 1.83 -7.47 -83.91
N GLU ED 78 2.75 -6.68 -83.37
CA GLU ED 78 3.28 -5.52 -84.07
C GLU ED 78 4.01 -5.98 -85.34
N THR ED 79 4.11 -5.11 -86.33
CA THR ED 79 4.71 -5.46 -87.62
C THR ED 79 6.22 -5.71 -87.56
N ILE ED 80 6.83 -5.48 -86.39
CA ILE ED 80 8.26 -5.72 -86.18
C ILE ED 80 8.29 -6.85 -85.15
N LYS ED 81 9.49 -7.25 -84.71
CA LYS ED 81 9.75 -8.31 -83.73
C LYS ED 81 9.32 -9.68 -84.25
N LYS ED 82 9.48 -9.90 -85.55
CA LYS ED 82 9.51 -11.24 -86.11
C LYS ED 82 10.90 -11.83 -86.13
N GLN ED 83 11.96 -11.03 -86.23
CA GLN ED 83 13.31 -11.48 -85.99
C GLN ED 83 13.60 -11.44 -84.49
N ASN ED 84 14.70 -12.10 -84.09
CA ASN ED 84 15.15 -12.28 -82.70
C ASN ED 84 14.04 -12.91 -81.87
N HIS ED 85 13.37 -13.91 -82.45
CA HIS ED 85 12.09 -14.39 -81.99
C HIS ED 85 12.18 -15.56 -81.00
N THR ED 86 11.04 -16.21 -80.78
CA THR ED 86 10.82 -17.31 -79.83
C THR ED 86 11.14 -16.95 -78.39
N ASN ED 87 10.37 -16.04 -77.79
CA ASN ED 87 10.48 -15.69 -76.39
C ASN ED 87 9.26 -16.19 -75.64
N ASN ED 88 9.39 -16.38 -74.33
CA ASN ED 88 8.27 -16.78 -73.49
C ASN ED 88 8.20 -15.91 -72.25
N VAL ED 89 7.04 -15.92 -71.59
CA VAL ED 89 6.74 -15.04 -70.47
C VAL ED 89 6.54 -15.90 -69.23
N ILE ED 90 7.26 -15.59 -68.17
CA ILE ED 90 7.07 -16.23 -66.88
C ILE ED 90 6.50 -15.19 -65.93
N PHE ED 91 5.34 -15.50 -65.34
CA PHE ED 91 4.73 -14.57 -64.41
C PHE ED 91 5.15 -14.88 -62.97
N TYR ED 92 5.13 -13.84 -62.14
CA TYR ED 92 5.52 -13.97 -60.74
C TYR ED 92 4.53 -13.18 -59.91
N LEU ED 93 3.85 -13.85 -58.99
CA LEU ED 93 2.90 -13.22 -58.08
C LEU ED 93 3.43 -13.45 -56.68
N LEU ED 94 3.98 -12.40 -56.07
CA LEU ED 94 4.75 -12.52 -54.84
C LEU ED 94 3.96 -11.98 -53.66
N ARG ED 95 4.10 -12.63 -52.51
CA ARG ED 95 3.60 -12.10 -51.25
C ARG ED 95 4.74 -11.29 -50.61
N ASP ED 96 4.60 -9.97 -50.60
CA ASP ED 96 5.62 -9.09 -50.08
C ASP ED 96 5.46 -8.94 -48.56
N ARG ED 97 6.58 -8.67 -47.89
CA ARG ED 97 6.60 -8.54 -46.44
C ARG ED 97 6.71 -7.11 -45.94
N ARG ED 98 7.39 -6.20 -46.67
CA ARG ED 98 7.20 -4.74 -46.56
C ARG ED 98 7.92 -3.95 -47.64
N PRO ED 99 7.29 -2.90 -48.16
CA PRO ED 99 8.00 -1.95 -49.02
C PRO ED 99 8.54 -0.74 -48.28
N TYR ED 100 9.47 -0.03 -48.93
CA TYR ED 100 10.00 1.24 -48.44
C TYR ED 100 10.17 2.16 -49.66
N GLY ED 101 9.53 3.32 -49.62
CA GLY ED 101 9.55 4.17 -50.80
C GLY ED 101 8.73 3.53 -51.89
N ASN ED 102 9.24 3.50 -53.12
CA ASN ED 102 8.44 3.01 -54.22
C ASN ED 102 8.56 1.50 -54.38
N ALA ED 103 8.11 0.99 -55.53
CA ALA ED 103 8.29 -0.40 -55.87
C ALA ED 103 9.77 -0.65 -56.18
N PRO ED 104 10.44 -1.54 -55.44
CA PRO ED 104 11.83 -1.85 -55.78
C PRO ED 104 11.89 -2.68 -57.05
N GLN ED 105 12.90 -2.40 -57.87
CA GLN ED 105 13.01 -3.00 -59.18
C GLN ED 105 13.37 -4.48 -59.07
N ASP ED 106 13.08 -5.22 -60.14
CA ASP ED 106 13.01 -6.68 -60.06
C ASP ED 106 14.39 -7.33 -59.96
N PHE ED 107 15.28 -7.03 -60.92
CA PHE ED 107 16.60 -7.64 -60.92
C PHE ED 107 17.43 -7.16 -59.75
N GLY ED 108 17.09 -6.00 -59.18
CA GLY ED 108 17.63 -5.62 -57.89
C GLY ED 108 16.96 -6.29 -56.71
N GLN ED 109 16.10 -7.28 -56.95
CA GLN ED 109 15.46 -7.98 -55.83
C GLN ED 109 15.49 -9.50 -55.93
N ILE ED 110 15.29 -10.09 -57.11
CA ILE ED 110 15.30 -11.56 -57.20
C ILE ED 110 16.69 -12.03 -57.62
N PHE ED 111 16.91 -13.42 -57.44
CA PHE ED 111 18.31 -13.77 -57.29
C PHE ED 111 19.07 -13.80 -58.61
N ASN ED 112 18.68 -14.68 -59.54
CA ASN ED 112 19.54 -14.97 -60.67
C ASN ED 112 18.79 -14.64 -61.95
N MET ED 113 19.41 -14.97 -63.09
CA MET ED 113 18.93 -14.54 -64.41
C MET ED 113 17.74 -15.39 -64.87
N PHE ED 114 16.54 -14.89 -64.56
CA PHE ED 114 15.26 -15.10 -65.23
C PHE ED 114 14.66 -16.48 -64.99
N ASP ED 115 15.38 -17.40 -64.34
CA ASP ED 115 14.83 -18.65 -63.84
C ASP ED 115 15.35 -18.81 -62.42
N ASN ED 116 14.59 -18.30 -61.45
CA ASN ED 116 15.15 -18.08 -60.13
C ASN ED 116 14.06 -18.05 -59.07
N GLU ED 117 14.47 -17.60 -57.89
CA GLU ED 117 13.70 -17.42 -56.67
C GLU ED 117 14.15 -16.09 -56.08
N PRO ED 118 13.50 -15.57 -55.04
CA PRO ED 118 14.09 -14.42 -54.32
C PRO ED 118 15.39 -14.78 -53.64
N SER ED 119 16.20 -13.76 -53.37
CA SER ED 119 17.53 -13.94 -52.82
C SER ED 119 17.45 -14.42 -51.37
N THR ED 120 18.59 -14.95 -50.88
CA THR ED 120 18.65 -15.48 -49.53
C THR ED 120 18.56 -14.39 -48.47
N ALA ED 121 18.97 -13.16 -48.80
CA ALA ED 121 18.90 -12.05 -47.86
C ALA ED 121 17.57 -11.30 -47.94
N THR ED 122 16.61 -11.77 -48.73
CA THR ED 122 15.37 -11.04 -48.97
C THR ED 122 14.14 -11.75 -48.44
N ILE ED 123 14.27 -12.97 -47.94
CA ILE ED 123 13.11 -13.73 -47.49
C ILE ED 123 12.58 -13.19 -46.17
N PHE ED 131 11.41 -12.02 -50.05
CA PHE ED 131 9.97 -11.83 -50.06
C PHE ED 131 9.32 -13.15 -50.45
N GLN ED 132 8.13 -13.41 -49.91
CA GLN ED 132 7.47 -14.68 -50.19
C GLN ED 132 6.89 -14.69 -51.60
N VAL ED 133 6.69 -15.90 -52.10
CA VAL ED 133 6.16 -16.16 -53.43
C VAL ED 133 4.79 -16.79 -53.22
N LEU ED 134 3.86 -16.57 -54.15
CA LEU ED 134 2.65 -17.39 -54.15
C LEU ED 134 2.65 -18.44 -55.25
N ARG ED 135 2.67 -18.03 -56.52
CA ARG ED 135 2.71 -18.97 -57.65
C ARG ED 135 3.38 -18.33 -58.86
N LYS ED 136 3.47 -19.11 -59.93
CA LYS ED 136 4.03 -18.70 -61.21
C LYS ED 136 3.04 -19.02 -62.32
N PHE ED 137 3.33 -18.55 -63.53
CA PHE ED 137 2.54 -18.89 -64.70
C PHE ED 137 3.47 -19.03 -65.91
N HIS ED 138 2.88 -19.35 -67.07
CA HIS ED 138 3.63 -19.50 -68.31
C HIS ED 138 2.85 -18.88 -69.45
N ALA ED 139 3.58 -18.37 -70.43
CA ALA ED 139 3.00 -17.84 -71.67
C ALA ED 139 4.10 -17.89 -72.72
N THR ED 140 3.89 -18.68 -73.77
CA THR ED 140 4.92 -18.94 -74.78
C THR ED 140 4.46 -18.41 -76.13
N VAL ED 141 5.07 -17.32 -76.59
CA VAL ED 141 4.73 -16.73 -77.87
C VAL ED 141 5.92 -16.86 -78.82
N VAL ED 142 5.84 -17.84 -79.72
CA VAL ED 142 6.97 -18.13 -80.60
C VAL ED 142 6.58 -17.84 -82.06
N GLY ED 143 6.96 -16.66 -82.55
CA GLY ED 143 6.64 -16.32 -83.92
C GLY ED 143 7.78 -15.70 -84.71
N GLY ED 144 8.23 -16.39 -85.76
CA GLY ED 144 9.31 -15.86 -86.58
C GLY ED 144 8.86 -15.50 -87.97
N LEU ED 145 9.20 -16.33 -88.95
CA LEU ED 145 8.79 -16.11 -90.33
C LEU ED 145 8.31 -17.44 -90.91
N TYR ED 146 7.62 -17.33 -92.05
CA TYR ED 146 7.16 -18.40 -92.94
C TYR ED 146 6.15 -19.36 -92.32
N CYS ED 147 5.68 -19.16 -91.09
CA CYS ED 147 4.35 -19.70 -90.79
C CYS ED 147 3.42 -18.59 -90.28
N MET ED 148 3.78 -17.74 -89.29
CA MET ED 148 4.73 -17.92 -88.17
C MET ED 148 3.89 -18.46 -87.00
N LYS ED 149 4.24 -19.65 -86.49
CA LYS ED 149 3.30 -20.34 -85.64
C LYS ED 149 3.62 -20.16 -84.16
N GLU ED 150 3.23 -18.98 -83.66
CA GLU ED 150 2.48 -18.69 -82.44
C GLU ED 150 2.35 -17.19 -82.26
N GLN ED 151 1.31 -16.79 -81.53
CA GLN ED 151 0.92 -15.39 -81.34
C GLN ED 151 0.11 -15.27 -80.05
N ALA ED 152 -0.70 -14.21 -79.98
CA ALA ED 152 -1.52 -13.79 -78.83
C ALA ED 152 -2.22 -14.95 -78.15
N LEU ED 153 -1.88 -15.18 -76.88
CA LEU ED 153 -2.49 -16.23 -76.08
C LEU ED 153 -3.38 -15.60 -75.01
N VAL ED 154 -4.45 -16.31 -74.64
CA VAL ED 154 -5.37 -15.79 -73.64
C VAL ED 154 -5.18 -16.59 -72.35
N LYS ED 155 -5.05 -15.88 -71.23
CA LYS ED 155 -4.84 -16.52 -69.93
C LYS ED 155 -5.87 -16.00 -68.95
N ARG ED 156 -6.67 -16.90 -68.37
CA ARG ED 156 -7.57 -16.59 -67.27
C ARG ED 156 -7.25 -17.52 -66.11
N PHE ED 157 -7.27 -16.97 -64.88
CA PHE ED 157 -6.89 -17.73 -63.70
C PHE ED 157 -7.65 -17.20 -62.48
N TYR ED 158 -8.47 -18.06 -61.87
CA TYR ED 158 -8.81 -17.87 -60.47
C TYR ED 158 -7.59 -18.11 -59.60
N ARG ED 159 -7.39 -17.26 -58.58
CA ARG ED 159 -6.23 -17.40 -57.70
C ARG ED 159 -6.58 -16.80 -56.35
N LEU ED 160 -6.87 -17.67 -55.38
CA LEU ED 160 -7.27 -17.23 -54.04
C LEU ED 160 -6.05 -16.77 -53.25
N ASN ED 161 -6.22 -15.71 -52.46
CA ASN ED 161 -5.11 -15.08 -51.73
C ASN ED 161 -5.64 -14.62 -50.38
N HIS ED 162 -4.89 -13.74 -49.71
CA HIS ED 162 -5.19 -13.38 -48.33
C HIS ED 162 -4.84 -11.90 -48.09
N HIS ED 163 -4.74 -11.53 -46.82
CA HIS ED 163 -4.96 -10.16 -46.32
C HIS ED 163 -3.81 -9.21 -46.64
N VAL ED 164 -4.15 -7.92 -46.67
CA VAL ED 164 -3.25 -6.81 -46.97
C VAL ED 164 -3.57 -5.69 -45.99
N THR ED 165 -2.56 -4.99 -45.54
CA THR ED 165 -2.76 -3.89 -44.59
C THR ED 165 -1.89 -2.70 -44.95
N TYR ED 166 -2.41 -1.46 -44.79
CA TYR ED 166 -1.59 -0.25 -44.82
C TYR ED 166 -1.30 0.24 -43.41
N ASN ED 167 -0.10 0.80 -43.23
CA ASN ED 167 0.23 1.51 -41.99
C ASN ED 167 -0.26 2.96 -42.05
N HIS ED 168 0.29 3.72 -43.00
CA HIS ED 168 0.00 5.15 -43.07
C HIS ED 168 -1.43 5.38 -43.50
N GLN ED 169 -2.10 6.28 -42.79
CA GLN ED 169 -3.55 6.38 -42.80
C GLN ED 169 -4.05 7.36 -43.84
N GLU ED 170 -3.32 7.47 -44.95
CA GLU ED 170 -3.61 8.43 -46.01
C GLU ED 170 -4.60 7.86 -47.02
N ALA ED 171 -5.33 8.76 -47.66
CA ALA ED 171 -6.13 8.44 -48.85
C ALA ED 171 -5.21 8.57 -50.07
N GLY ED 172 -4.24 7.66 -50.14
CA GLY ED 172 -3.13 7.90 -51.05
C GLY ED 172 -2.56 6.74 -51.82
N LYS ED 173 -1.29 6.88 -52.17
CA LYS ED 173 -0.59 6.05 -53.14
C LYS ED 173 0.01 4.81 -52.47
N TYR ED 174 0.94 4.16 -53.16
CA TYR ED 174 1.47 2.84 -52.81
C TYR ED 174 2.65 2.86 -51.86
N GLU ED 175 3.27 4.01 -51.62
CA GLU ED 175 4.54 4.05 -50.89
C GLU ED 175 4.37 3.93 -49.38
N ASN ED 176 3.18 3.69 -48.88
CA ASN ED 176 2.92 3.93 -47.46
C ASN ED 176 2.26 2.76 -46.76
N HIS ED 177 2.79 1.55 -46.97
CA HIS ED 177 2.15 0.32 -46.55
C HIS ED 177 2.80 -0.24 -45.28
N THR ED 178 2.42 -1.47 -44.95
CA THR ED 178 3.01 -2.28 -43.89
C THR ED 178 2.91 -3.74 -44.37
N GLU ED 179 2.94 -4.67 -43.39
CA GLU ED 179 2.83 -6.12 -43.56
C GLU ED 179 1.90 -6.56 -44.68
N ASN ED 180 2.38 -7.52 -45.46
CA ASN ED 180 1.63 -8.23 -46.51
C ASN ED 180 1.16 -7.27 -47.60
N ALA ED 181 2.14 -6.73 -48.31
CA ALA ED 181 1.81 -6.28 -49.65
C ALA ED 181 1.89 -7.45 -50.62
N LEU ED 182 1.40 -7.24 -51.84
CA LEU ED 182 1.49 -8.23 -52.89
C LEU ED 182 1.43 -7.53 -54.24
N LEU ED 183 2.23 -8.01 -55.19
CA LEU ED 183 2.37 -7.34 -56.47
C LEU ED 183 2.87 -8.35 -57.50
N LEU ED 184 3.08 -7.89 -58.72
CA LEU ED 184 3.44 -8.74 -59.84
C LEU ED 184 4.79 -8.35 -60.43
N TYR ED 185 5.48 -9.35 -60.97
CA TYR ED 185 6.62 -9.14 -61.85
C TYR ED 185 6.43 -9.99 -63.09
N MET ED 186 6.76 -9.42 -64.24
CA MET ED 186 6.73 -10.13 -65.51
C MET ED 186 8.14 -10.17 -66.08
N ALA ED 187 8.51 -11.30 -66.68
CA ALA ED 187 9.88 -11.53 -67.09
C ALA ED 187 9.92 -12.05 -68.53
N CYS ED 188 10.78 -11.45 -69.34
CA CYS ED 188 11.11 -11.96 -70.66
C CYS ED 188 12.45 -12.68 -70.60
N THR ED 189 12.65 -13.61 -71.53
CA THR ED 189 13.82 -14.48 -71.50
C THR ED 189 14.77 -14.28 -72.68
N HIS ED 190 14.62 -13.20 -73.44
CA HIS ED 190 15.50 -12.93 -74.56
C HIS ED 190 15.75 -11.43 -74.68
N ALA ED 191 16.86 -11.10 -75.35
CA ALA ED 191 17.34 -9.72 -75.40
C ALA ED 191 16.43 -8.80 -76.21
N SER ED 192 15.69 -9.35 -77.18
CA SER ED 192 14.66 -8.57 -77.85
C SER ED 192 13.48 -8.33 -76.92
N ASN ED 193 12.64 -7.37 -77.28
CA ASN ED 193 11.44 -7.13 -76.49
C ASN ED 193 10.20 -7.25 -77.36
N PRO ED 194 9.73 -8.47 -77.68
CA PRO ED 194 8.52 -8.58 -78.51
C PRO ED 194 7.23 -8.49 -77.71
N VAL ED 195 7.29 -8.70 -76.39
CA VAL ED 195 6.11 -8.98 -75.59
C VAL ED 195 5.34 -7.69 -75.35
N TYR ED 196 4.14 -7.62 -75.90
CA TYR ED 196 3.17 -6.58 -75.58
C TYR ED 196 2.02 -7.22 -74.82
N ALA ED 197 2.19 -7.30 -73.50
CA ALA ED 197 1.27 -8.01 -72.62
C ALA ED 197 0.35 -7.01 -71.93
N THR ED 198 -0.94 -7.08 -72.24
CA THR ED 198 -1.95 -6.25 -71.60
C THR ED 198 -2.86 -7.15 -70.79
N LEU ED 199 -3.02 -6.83 -69.51
CA LEU ED 199 -3.66 -7.72 -68.56
C LEU ED 199 -4.75 -6.98 -67.80
N LYS ED 200 -5.88 -7.64 -67.65
CA LYS ED 200 -6.98 -7.16 -66.82
C LYS ED 200 -6.98 -7.94 -65.51
N ILE ED 201 -6.81 -7.24 -64.40
CA ILE ED 201 -6.54 -7.86 -63.11
C ILE ED 201 -7.64 -7.45 -62.16
N ARG ED 202 -8.63 -8.32 -61.96
CA ARG ED 202 -9.69 -8.06 -61.00
C ARG ED 202 -9.26 -8.53 -59.60
N ILE ED 203 -9.39 -7.65 -58.63
CA ILE ED 203 -9.36 -8.02 -57.21
C ILE ED 203 -10.71 -7.68 -56.63
N TYR ED 204 -11.45 -8.67 -56.18
CA TYR ED 204 -12.65 -8.44 -55.39
C TYR ED 204 -12.48 -9.04 -54.01
N PHE ED 205 -12.89 -8.27 -53.00
CA PHE ED 205 -12.53 -8.55 -51.62
C PHE ED 205 -13.59 -8.03 -50.65
N ARG FD 14 14.14 -35.08 -26.69
CA ARG FD 14 13.48 -36.00 -27.61
C ARG FD 14 14.14 -37.37 -27.62
N SER FD 15 15.28 -37.52 -26.94
CA SER FD 15 16.17 -38.64 -27.19
C SER FD 15 16.75 -39.20 -25.90
N PRO FD 16 17.04 -40.54 -25.84
CA PRO FD 16 17.61 -41.11 -24.60
C PRO FD 16 19.14 -41.16 -24.49
N ASP FD 17 19.77 -40.13 -23.94
CA ASP FD 17 21.15 -40.26 -23.52
C ASP FD 17 21.30 -40.14 -22.01
N ILE FD 18 20.96 -38.98 -21.46
CA ILE FD 18 21.33 -38.48 -20.13
C ILE FD 18 20.50 -37.20 -19.96
N PRO FD 19 20.31 -36.63 -18.76
CA PRO FD 19 19.39 -35.49 -18.64
C PRO FD 19 19.93 -34.14 -19.09
N ARG FD 20 21.06 -34.02 -19.80
CA ARG FD 20 21.48 -32.70 -20.26
C ARG FD 20 21.61 -32.61 -21.76
N GLY FD 21 22.38 -33.48 -22.38
CA GLY FD 21 22.80 -33.34 -23.75
C GLY FD 21 21.95 -34.07 -24.75
N CYS FD 22 21.25 -33.29 -25.57
CA CYS FD 22 20.75 -33.73 -26.87
C CYS FD 22 21.86 -33.72 -27.92
N GLU FD 23 23.06 -33.31 -27.56
CA GLU FD 23 24.23 -33.28 -28.42
C GLU FD 23 24.61 -34.69 -28.86
N GLY FD 24 25.41 -34.76 -29.92
CA GLY FD 24 26.02 -35.99 -30.36
C GLY FD 24 26.97 -36.50 -29.29
N PRO FD 25 26.74 -37.74 -28.83
CA PRO FD 25 27.49 -38.26 -27.69
C PRO FD 25 28.94 -38.52 -28.01
N CYS FD 26 29.73 -37.45 -28.01
CA CYS FD 26 31.00 -37.47 -28.72
C CYS FD 26 32.11 -38.06 -27.87
N LYS FD 27 33.02 -38.77 -28.53
CA LYS FD 27 34.18 -39.35 -27.86
C LYS FD 27 35.34 -38.37 -27.93
N VAL FD 28 35.97 -38.16 -26.78
CA VAL FD 28 37.26 -37.46 -26.72
C VAL FD 28 38.17 -38.36 -25.91
N GLN FD 29 39.22 -38.83 -26.56
CA GLN FD 29 40.11 -39.80 -25.95
C GLN FD 29 41.33 -39.09 -25.38
N SER FD 30 41.67 -39.44 -24.17
CA SER FD 30 42.92 -38.97 -23.57
C SER FD 30 43.88 -40.15 -23.59
N PHE FD 31 44.50 -40.37 -24.75
CA PHE FD 31 45.57 -41.36 -24.83
C PHE FD 31 46.80 -40.84 -24.11
N GLU FD 32 47.48 -41.74 -23.41
CA GLU FD 32 48.78 -41.45 -22.86
C GLU FD 32 49.77 -42.50 -23.35
N GLN FD 33 51.01 -42.05 -23.57
CA GLN FD 33 52.16 -42.94 -23.71
C GLN FD 33 53.11 -42.43 -22.64
N ARG FD 34 52.89 -42.89 -21.40
CA ARG FD 34 53.53 -42.32 -20.24
C ARG FD 34 54.01 -43.41 -19.28
N ASP FD 35 54.38 -43.00 -18.09
CA ASP FD 35 54.70 -43.89 -16.99
C ASP FD 35 54.29 -43.20 -15.70
N ASP FD 36 54.80 -43.69 -14.57
CA ASP FD 36 54.56 -43.03 -13.30
C ASP FD 36 55.84 -43.11 -12.47
N VAL FD 37 55.73 -42.66 -11.23
CA VAL FD 37 56.74 -42.90 -10.22
C VAL FD 37 56.04 -43.67 -9.10
N LYS FD 38 56.74 -43.93 -7.99
CA LYS FD 38 56.10 -44.60 -6.88
C LYS FD 38 54.99 -43.75 -6.28
N HIS FD 39 55.20 -42.44 -6.16
CA HIS FD 39 54.26 -41.59 -5.45
C HIS FD 39 53.02 -41.30 -6.28
N LEU FD 40 53.21 -40.91 -7.55
CA LEU FD 40 52.07 -40.36 -8.27
C LEU FD 40 52.20 -40.58 -9.77
N GLY FD 41 51.08 -40.92 -10.39
CA GLY FD 41 50.88 -40.68 -11.80
C GLY FD 41 49.61 -39.89 -11.96
N ILE FD 42 49.71 -38.63 -12.37
CA ILE FD 42 48.57 -37.72 -12.34
C ILE FD 42 48.04 -37.53 -13.76
N CYS FD 43 46.72 -37.63 -13.89
CA CYS FD 43 46.06 -37.50 -15.19
C CYS FD 43 44.71 -36.85 -14.98
N LYS FD 44 44.61 -35.55 -15.22
CA LYS FD 44 43.30 -34.94 -15.43
C LYS FD 44 42.78 -35.39 -16.79
N VAL FD 45 41.58 -35.93 -16.78
CA VAL FD 45 40.96 -36.49 -17.97
C VAL FD 45 39.79 -35.58 -18.43
N ILE FD 46 39.91 -34.25 -18.30
CA ILE FD 46 38.80 -33.35 -18.61
C ILE FD 46 39.16 -32.32 -19.66
N SER FD 47 40.32 -31.65 -19.55
CA SER FD 47 40.65 -30.56 -20.46
C SER FD 47 41.15 -31.04 -21.81
N ASP FD 48 41.03 -32.34 -22.08
CA ASP FD 48 40.98 -32.86 -23.43
C ASP FD 48 39.89 -32.17 -24.25
N VAL FD 49 38.75 -31.90 -23.63
CA VAL FD 49 37.70 -31.09 -24.22
C VAL FD 49 37.99 -29.62 -23.90
N THR FD 50 38.08 -28.81 -24.94
CA THR FD 50 38.00 -27.37 -24.86
C THR FD 50 36.68 -26.94 -25.50
N ARG FD 51 36.40 -25.65 -25.44
CA ARG FD 51 35.26 -25.14 -26.20
C ARG FD 51 35.58 -25.15 -27.68
N GLY FD 52 34.60 -25.55 -28.49
CA GLY FD 52 34.72 -25.47 -29.91
C GLY FD 52 33.46 -25.96 -30.60
N PRO FD 53 33.32 -25.60 -31.88
CA PRO FD 53 32.24 -26.20 -32.69
C PRO FD 53 32.55 -27.60 -33.17
N GLY FD 54 33.81 -28.04 -33.07
CA GLY FD 54 34.19 -29.33 -33.58
C GLY FD 54 33.69 -30.48 -32.73
N LEU FD 55 33.91 -31.69 -33.24
CA LEU FD 55 33.32 -32.89 -32.67
C LEU FD 55 34.18 -33.52 -31.58
N THR FD 56 35.25 -32.85 -31.14
CA THR FD 56 35.98 -33.24 -29.94
C THR FD 56 35.93 -32.12 -28.92
N HIS FD 57 34.77 -31.47 -28.82
CA HIS FD 57 34.63 -30.25 -28.05
C HIS FD 57 33.30 -30.30 -27.31
N ARG FD 58 32.88 -29.13 -26.85
CA ARG FD 58 31.64 -28.96 -26.12
C ARG FD 58 30.96 -27.69 -26.58
N VAL FD 59 29.69 -27.54 -26.18
CA VAL FD 59 28.93 -26.33 -26.41
C VAL FD 59 28.53 -25.79 -25.04
N GLY FD 60 29.06 -24.62 -24.69
CA GLY FD 60 28.81 -24.10 -23.35
C GLY FD 60 29.83 -24.64 -22.36
N LYS FD 61 29.36 -24.96 -21.16
CA LYS FD 61 30.24 -25.34 -20.06
C LYS FD 61 29.66 -26.51 -19.24
N ARG FD 62 29.00 -27.47 -19.89
CA ARG FD 62 28.34 -28.56 -19.17
C ARG FD 62 28.64 -29.92 -19.79
N PHE FD 63 28.92 -30.92 -18.94
CA PHE FD 63 29.08 -32.32 -19.33
C PHE FD 63 28.11 -33.23 -18.56
N CYS FD 64 27.85 -34.42 -19.12
CA CYS FD 64 27.36 -35.60 -18.41
C CYS FD 64 28.12 -36.78 -19.01
N ILE FD 65 29.24 -37.16 -18.37
CA ILE FD 65 30.06 -38.26 -18.84
C ILE FD 65 29.28 -39.56 -18.69
N LYS FD 66 28.98 -40.20 -19.81
CA LYS FD 66 28.25 -41.46 -19.77
C LYS FD 66 29.12 -42.58 -19.23
N SER FD 67 30.29 -42.78 -19.81
CA SER FD 67 31.17 -43.84 -19.33
C SER FD 67 32.62 -43.50 -19.67
N ILE FD 68 33.52 -43.91 -18.78
CA ILE FD 68 34.95 -43.92 -19.03
C ILE FD 68 35.34 -45.35 -19.41
N TYR FD 69 35.96 -45.50 -20.57
CA TYR FD 69 36.39 -46.79 -21.10
C TYR FD 69 37.91 -46.84 -21.07
N ILE FD 70 38.47 -47.57 -20.12
CA ILE FD 70 39.90 -47.58 -19.88
C ILE FD 70 40.50 -48.78 -20.58
N LEU FD 71 41.23 -48.55 -21.66
CA LEU FD 71 42.17 -49.52 -22.19
C LEU FD 71 43.55 -49.26 -21.60
N GLY FD 72 44.43 -50.23 -21.77
CA GLY FD 72 45.79 -50.02 -21.30
C GLY FD 72 46.62 -51.28 -21.17
N LYS FD 73 47.89 -51.17 -21.53
CA LYS FD 73 48.86 -52.24 -21.33
C LYS FD 73 49.94 -51.74 -20.37
N ILE FD 74 50.16 -52.50 -19.31
CA ILE FD 74 51.02 -52.09 -18.21
C ILE FD 74 52.19 -53.07 -18.16
N TRP FD 75 53.37 -52.61 -18.57
CA TRP FD 75 54.51 -53.51 -18.68
C TRP FD 75 55.69 -52.98 -17.89
N LEU FD 76 56.75 -53.79 -17.90
CA LEU FD 76 58.08 -53.40 -17.47
C LEU FD 76 59.15 -53.96 -18.41
N ASP FD 77 58.81 -54.19 -19.69
CA ASP FD 77 59.61 -55.01 -20.59
C ASP FD 77 60.75 -54.23 -21.22
N GLU FD 78 61.16 -53.11 -20.61
CA GLU FD 78 62.46 -52.52 -20.87
C GLU FD 78 63.55 -53.51 -20.43
N THR FD 79 64.74 -53.40 -21.01
CA THR FD 79 65.82 -54.35 -20.73
C THR FD 79 66.41 -54.22 -19.32
N ILE FD 80 65.95 -53.23 -18.55
CA ILE FD 80 66.37 -53.01 -17.18
C ILE FD 80 65.10 -53.27 -16.35
N LYS FD 81 65.17 -53.09 -15.02
CA LYS FD 81 64.09 -53.27 -14.06
C LYS FD 81 63.65 -54.74 -13.97
N LYS FD 82 64.60 -55.65 -14.13
CA LYS FD 82 64.42 -57.03 -13.69
C LYS FD 82 64.84 -57.24 -12.25
N GLN FD 83 65.80 -56.48 -11.74
CA GLN FD 83 66.06 -56.43 -10.31
C GLN FD 83 65.11 -55.44 -9.64
N ASN FD 84 65.05 -55.50 -8.31
CA ASN FD 84 64.15 -54.73 -7.44
C ASN FD 84 62.71 -54.94 -7.86
N HIS FD 85 62.37 -56.18 -8.17
CA HIS FD 85 61.17 -56.53 -8.92
C HIS FD 85 59.95 -56.83 -8.05
N THR FD 86 58.92 -57.42 -8.68
CA THR FD 86 57.61 -57.74 -8.11
C THR FD 86 56.86 -56.53 -7.57
N ASN FD 87 56.45 -55.63 -8.45
CA ASN FD 87 55.63 -54.49 -8.07
C ASN FD 87 54.24 -54.66 -8.70
N ASN FD 88 53.25 -54.00 -8.11
CA ASN FD 88 51.89 -54.02 -8.64
C ASN FD 88 51.33 -52.60 -8.71
N VAL FD 89 50.28 -52.44 -9.51
CA VAL FD 89 49.69 -51.14 -9.80
C VAL FD 89 48.28 -51.10 -9.25
N ILE FD 90 47.98 -50.09 -8.45
CA ILE FD 90 46.63 -49.85 -7.95
C ILE FD 90 46.12 -48.59 -8.62
N PHE FD 91 44.97 -48.69 -9.30
CA PHE FD 91 44.41 -47.52 -9.94
C PHE FD 91 43.40 -46.82 -9.03
N TYR FD 92 43.24 -45.52 -9.25
CA TYR FD 92 42.33 -44.71 -8.46
C TYR FD 92 41.59 -43.77 -9.39
N LEU FD 93 40.26 -43.88 -9.41
CA LEU FD 93 39.42 -43.03 -10.23
C LEU FD 93 38.52 -42.25 -9.26
N LEU FD 94 38.82 -40.98 -9.08
CA LEU FD 94 38.23 -40.18 -8.00
C LEU FD 94 37.21 -39.21 -8.56
N ARG FD 95 36.12 -39.01 -7.82
CA ARG FD 95 35.18 -37.92 -8.10
C ARG FD 95 35.63 -36.70 -7.31
N ASP FD 96 36.15 -35.70 -8.00
CA ASP FD 96 36.67 -34.49 -7.35
C ASP FD 96 35.53 -33.51 -7.10
N ARG FD 97 35.69 -32.68 -6.07
CA ARG FD 97 34.68 -31.72 -5.68
C ARG FD 97 35.02 -30.28 -6.05
N ARG FD 98 36.31 -29.87 -6.09
CA ARG FD 98 36.81 -28.71 -6.85
C ARG FD 98 38.34 -28.62 -6.90
N PRO FD 99 38.89 -28.22 -8.04
CA PRO FD 99 40.32 -27.87 -8.10
C PRO FD 99 40.59 -26.38 -7.94
N TYR FD 100 41.85 -26.06 -7.64
CA TYR FD 100 42.34 -24.68 -7.59
C TYR FD 100 43.74 -24.67 -8.20
N GLY FD 101 43.95 -23.86 -9.23
CA GLY FD 101 45.21 -23.92 -9.92
C GLY FD 101 45.32 -25.23 -10.68
N ASN FD 102 46.47 -25.89 -10.59
CA ASN FD 102 46.68 -27.09 -11.39
C ASN FD 102 46.16 -28.34 -10.68
N ALA FD 103 46.56 -29.49 -11.18
CA ALA FD 103 46.25 -30.76 -10.52
C ALA FD 103 47.08 -30.87 -9.25
N PRO FD 104 46.45 -30.99 -8.08
CA PRO FD 104 47.24 -31.17 -6.85
C PRO FD 104 47.82 -32.58 -6.82
N GLN FD 105 49.05 -32.67 -6.32
CA GLN FD 105 49.80 -33.91 -6.36
C GLN FD 105 49.22 -34.92 -5.37
N ASP FD 106 49.53 -36.20 -5.62
CA ASP FD 106 48.76 -37.30 -5.03
C ASP FD 106 49.06 -37.49 -3.55
N PHE FD 107 50.34 -37.68 -3.20
CA PHE FD 107 50.69 -37.90 -1.81
C PHE FD 107 50.46 -36.65 -0.96
N GLY FD 108 50.40 -35.48 -1.58
CA GLY FD 108 49.89 -34.32 -0.91
C GLY FD 108 48.38 -34.25 -0.83
N GLN FD 109 47.67 -35.32 -1.23
CA GLN FD 109 46.22 -35.30 -1.15
C GLN FD 109 45.61 -36.53 -0.49
N ILE FD 110 46.12 -37.74 -0.75
CA ILE FD 110 45.51 -38.93 -0.14
C ILE FD 110 46.28 -39.30 1.13
N PHE FD 111 45.68 -40.16 1.99
CA PHE FD 111 46.09 -40.08 3.39
C PHE FD 111 47.43 -40.74 3.65
N ASN FD 112 47.54 -42.05 3.42
CA ASN FD 112 48.68 -42.80 3.95
C ASN FD 112 49.41 -43.46 2.78
N MET FD 113 50.41 -44.28 3.13
CA MET FD 113 51.35 -44.82 2.14
C MET FD 113 50.73 -45.99 1.37
N PHE FD 114 50.13 -45.63 0.22
CA PHE FD 114 49.91 -46.44 -0.98
C PHE FD 114 48.81 -47.49 -0.82
N ASP FD 115 48.26 -47.68 0.37
CA ASP FD 115 47.05 -48.46 0.61
C ASP FD 115 46.17 -47.63 1.53
N ASN FD 116 45.32 -46.79 0.94
CA ASN FD 116 44.71 -45.73 1.72
C ASN FD 116 43.40 -45.27 1.08
N GLU FD 117 42.92 -44.14 1.59
CA GLU FD 117 41.71 -43.41 1.21
C GLU FD 117 42.11 -41.94 1.19
N PRO FD 118 41.25 -41.02 0.72
CA PRO FD 118 41.53 -39.60 0.93
C PRO FD 118 41.49 -39.23 2.41
N SER FD 119 42.16 -38.11 2.73
CA SER FD 119 42.30 -37.67 4.11
C SER FD 119 40.97 -37.19 4.67
N THR FD 120 40.92 -37.10 6.00
CA THR FD 120 39.71 -36.69 6.70
C THR FD 120 39.37 -35.22 6.45
N ALA FD 121 40.37 -34.40 6.17
CA ALA FD 121 40.13 -32.98 5.90
C ALA FD 121 39.89 -32.69 4.43
N THR FD 122 39.81 -33.71 3.58
CA THR FD 122 39.72 -33.52 2.14
C THR FD 122 38.40 -33.98 1.55
N ILE FD 123 37.53 -34.61 2.34
CA ILE FD 123 36.28 -35.15 1.82
C ILE FD 123 35.28 -34.04 1.51
N PHE FD 131 38.14 -35.67 -1.13
CA PHE FD 131 37.53 -35.80 -2.45
C PHE FD 131 36.89 -37.18 -2.55
N GLN FD 132 35.79 -37.28 -3.29
CA GLN FD 132 35.10 -38.57 -3.38
C GLN FD 132 35.86 -39.53 -4.29
N VAL FD 133 35.59 -40.81 -4.09
CA VAL FD 133 36.20 -41.91 -4.82
C VAL FD 133 35.10 -42.54 -5.65
N LEU FD 134 35.44 -43.09 -6.81
CA LEU FD 134 34.47 -43.95 -7.48
C LEU FD 134 34.81 -45.43 -7.35
N ARG FD 135 35.95 -45.87 -7.89
CA ARG FD 135 36.37 -47.27 -7.77
C ARG FD 135 37.90 -47.37 -7.84
N LYS FD 136 38.39 -48.60 -7.74
CA LYS FD 136 39.79 -48.95 -7.81
C LYS FD 136 39.99 -50.04 -8.85
N PHE FD 137 41.26 -50.35 -9.15
CA PHE FD 137 41.60 -51.47 -10.03
C PHE FD 137 42.88 -52.13 -9.53
N HIS FD 138 43.30 -53.18 -10.22
CA HIS FD 138 44.53 -53.90 -9.90
C HIS FD 138 45.28 -54.25 -11.17
N ALA FD 139 46.60 -54.30 -11.05
CA ALA FD 139 47.48 -54.75 -12.14
C ALA FD 139 48.78 -55.20 -11.49
N THR FD 140 49.11 -56.49 -11.64
CA THR FD 140 50.24 -57.09 -10.95
C THR FD 140 51.25 -57.58 -11.97
N VAL FD 141 52.39 -56.89 -12.05
CA VAL FD 141 53.45 -57.27 -12.97
C VAL FD 141 54.68 -57.71 -12.18
N VAL FD 142 54.87 -59.02 -12.09
CA VAL FD 142 55.94 -59.57 -11.26
C VAL FD 142 56.96 -60.29 -12.14
N GLY FD 143 58.06 -59.60 -12.47
CA GLY FD 143 59.07 -60.21 -13.30
C GLY FD 143 60.50 -59.99 -12.84
N GLY FD 144 61.18 -61.07 -12.46
CA GLY FD 144 62.55 -60.94 -12.01
C GLY FD 144 63.54 -61.59 -12.96
N LEU FD 145 64.07 -62.75 -12.59
CA LEU FD 145 64.98 -63.49 -13.44
C LEU FD 145 64.58 -64.96 -13.45
N TYR FD 146 65.15 -65.67 -14.42
CA TYR FD 146 65.09 -67.13 -14.61
C TYR FD 146 63.70 -67.70 -14.86
N CYS FD 147 62.64 -66.90 -15.00
CA CYS FD 147 61.54 -67.38 -15.81
C CYS FD 147 61.19 -66.39 -16.93
N MET FD 148 61.03 -65.07 -16.70
CA MET FD 148 60.58 -64.37 -15.49
C MET FD 148 59.05 -64.25 -15.62
N LYS FD 149 58.31 -64.79 -14.66
CA LYS FD 149 56.90 -65.00 -14.92
C LYS FD 149 56.03 -63.91 -14.29
N GLU FD 150 56.01 -62.77 -14.97
CA GLU FD 150 54.85 -61.96 -15.37
C GLU FD 150 55.35 -60.71 -16.09
N GLN FD 151 54.48 -60.15 -16.94
CA GLN FD 151 54.78 -59.02 -17.81
C GLN FD 151 53.48 -58.31 -18.18
N ALA FD 152 53.51 -57.60 -19.31
CA ALA FD 152 52.46 -56.74 -19.85
C ALA FD 152 51.06 -57.36 -19.75
N LEU FD 153 50.19 -56.71 -18.99
CA LEU FD 153 48.82 -57.17 -18.81
C LEU FD 153 47.88 -56.21 -19.53
N VAL FD 154 46.76 -56.73 -20.03
CA VAL FD 154 45.79 -55.91 -20.73
C VAL FD 154 44.57 -55.72 -19.85
N LYS FD 155 44.11 -54.47 -19.72
CA LYS FD 155 42.96 -54.14 -18.88
C LYS FD 155 41.95 -53.34 -19.70
N ARG FD 156 40.74 -53.86 -19.81
CA ARG FD 156 39.62 -53.12 -20.39
C ARG FD 156 38.48 -53.09 -19.38
N PHE FD 157 37.81 -51.94 -19.27
CA PHE FD 157 36.77 -51.74 -18.28
C PHE FD 157 35.73 -50.75 -18.79
N TYR FD 158 34.48 -51.19 -18.94
CA TYR FD 158 33.36 -50.28 -18.91
C TYR FD 158 33.21 -49.71 -17.50
N ARG FD 159 32.92 -48.40 -17.41
CA ARG FD 159 32.78 -47.77 -16.09
C ARG FD 159 31.87 -46.56 -16.25
N LEU FD 160 30.61 -46.70 -15.85
CA LEU FD 160 29.62 -45.63 -15.97
C LEU FD 160 29.84 -44.56 -14.89
N ASN FD 161 29.65 -43.31 -15.27
CA ASN FD 161 29.93 -42.18 -14.39
C ASN FD 161 28.88 -41.10 -14.64
N HIS FD 162 29.14 -39.88 -14.18
CA HIS FD 162 28.14 -38.82 -14.19
C HIS FD 162 28.80 -37.47 -14.46
N HIS FD 163 28.07 -36.39 -14.16
CA HIS FD 163 28.21 -35.08 -14.79
C HIS FD 163 29.45 -34.32 -14.31
N VAL FD 164 29.90 -33.39 -15.18
CA VAL FD 164 31.07 -32.53 -14.97
C VAL FD 164 30.69 -31.12 -15.45
N THR FD 165 31.18 -30.07 -14.77
CA THR FD 165 30.88 -28.68 -15.15
C THR FD 165 32.14 -27.81 -15.01
N TYR FD 166 32.33 -26.85 -15.94
CA TYR FD 166 33.31 -25.78 -15.77
C TYR FD 166 32.64 -24.49 -15.32
N ASN FD 167 33.34 -23.72 -14.48
CA ASN FD 167 32.92 -22.36 -14.15
C ASN FD 167 33.39 -21.38 -15.21
N HIS FD 168 34.72 -21.25 -15.35
CA HIS FD 168 35.29 -20.24 -16.22
C HIS FD 168 35.01 -20.58 -17.67
N GLN FD 169 34.56 -19.58 -18.42
CA GLN FD 169 33.92 -19.77 -19.71
C GLN FD 169 34.90 -19.74 -20.86
N GLU FD 170 36.13 -20.18 -20.61
CA GLU FD 170 37.21 -20.12 -21.59
C GLU FD 170 37.20 -21.36 -22.49
N ALA FD 171 37.75 -21.18 -23.68
CA ALA FD 171 38.11 -22.29 -24.57
C ALA FD 171 39.51 -22.78 -24.20
N GLY FD 172 39.61 -23.34 -23.01
CA GLY FD 172 40.92 -23.49 -22.43
C GLY FD 172 41.25 -24.76 -21.67
N LYS FD 173 42.19 -24.62 -20.75
CA LYS FD 173 42.86 -25.73 -20.08
C LYS FD 173 42.09 -26.17 -18.84
N TYR FD 174 42.76 -26.92 -17.96
CA TYR FD 174 42.16 -27.64 -16.84
C TYR FD 174 42.03 -26.84 -15.56
N GLU FD 175 42.69 -25.68 -15.45
CA GLU FD 175 42.78 -24.98 -14.18
C GLU FD 175 41.53 -24.19 -13.83
N ASN FD 176 40.46 -24.29 -14.59
CA ASN FD 176 39.40 -23.30 -14.51
C ASN FD 176 38.01 -23.91 -14.35
N HIS FD 177 37.87 -24.88 -13.45
CA HIS FD 177 36.68 -25.70 -13.34
C HIS FD 177 35.80 -25.24 -12.18
N THR FD 178 34.80 -26.07 -11.87
CA THR FD 178 33.93 -25.97 -10.70
C THR FD 178 33.56 -27.39 -10.29
N GLU FD 179 32.42 -27.52 -9.59
CA GLU FD 179 31.82 -28.77 -9.10
C GLU FD 179 31.99 -29.96 -10.05
N ASN FD 180 32.36 -31.09 -9.45
CA ASN FD 180 32.45 -32.40 -10.09
C ASN FD 180 33.47 -32.40 -11.23
N ALA FD 181 34.72 -32.26 -10.82
CA ALA FD 181 35.78 -32.76 -11.68
C ALA FD 181 35.99 -34.25 -11.39
N LEU FD 182 36.76 -34.91 -12.25
CA LEU FD 182 37.14 -36.30 -12.05
C LEU FD 182 38.42 -36.57 -12.81
N LEU FD 183 39.31 -37.36 -12.21
CA LEU FD 183 40.64 -37.58 -12.75
C LEU FD 183 41.18 -38.89 -12.19
N LEU FD 184 42.41 -39.23 -12.58
CA LEU FD 184 43.03 -40.49 -12.23
C LEU FD 184 44.30 -40.28 -11.42
N TYR FD 185 44.59 -41.26 -10.56
CA TYR FD 185 45.90 -41.41 -9.94
C TYR FD 185 46.34 -42.85 -10.09
N MET FD 186 47.62 -43.03 -10.39
CA MET FD 186 48.23 -44.35 -10.49
C MET FD 186 49.31 -44.46 -9.43
N ALA FD 187 49.43 -45.62 -8.81
CA ALA FD 187 50.30 -45.80 -7.66
C ALA FD 187 51.15 -47.05 -7.82
N CYS FD 188 52.45 -46.90 -7.60
CA CYS FD 188 53.36 -48.03 -7.48
C CYS FD 188 53.64 -48.30 -6.00
N THR FD 189 54.01 -49.55 -5.71
CA THR FD 189 54.15 -49.99 -4.33
C THR FD 189 55.59 -50.36 -3.95
N HIS FD 190 56.58 -49.99 -4.76
CA HIS FD 190 57.97 -50.30 -4.46
C HIS FD 190 58.87 -49.16 -4.93
N ALA FD 191 60.06 -49.09 -4.32
CA ALA FD 191 60.96 -47.95 -4.53
C ALA FD 191 61.52 -47.91 -5.94
N SER FD 192 61.64 -49.04 -6.61
CA SER FD 192 62.00 -49.04 -8.03
C SER FD 192 60.83 -48.52 -8.87
N ASN FD 193 61.13 -48.14 -10.10
CA ASN FD 193 60.07 -47.70 -10.99
C ASN FD 193 60.05 -48.56 -12.26
N PRO FD 194 59.52 -49.78 -12.22
CA PRO FD 194 59.48 -50.60 -13.45
C PRO FD 194 58.30 -50.28 -14.35
N VAL FD 195 57.25 -49.66 -13.82
CA VAL FD 195 55.96 -49.61 -14.47
C VAL FD 195 55.99 -48.60 -15.62
N TYR FD 196 55.84 -49.11 -16.83
CA TYR FD 196 55.61 -48.28 -18.01
C TYR FD 196 54.18 -48.54 -18.49
N ALA FD 197 53.24 -47.79 -17.92
CA ALA FD 197 51.83 -47.99 -18.15
C ALA FD 197 51.31 -46.96 -19.16
N THR FD 198 50.89 -47.46 -20.32
CA THR FD 198 50.29 -46.61 -21.35
C THR FD 198 48.83 -47.00 -21.50
N LEU FD 199 47.95 -46.01 -21.39
CA LEU FD 199 46.52 -46.25 -21.28
C LEU FD 199 45.76 -45.42 -22.31
N LYS FD 200 44.80 -46.06 -22.94
CA LYS FD 200 43.86 -45.39 -23.83
C LYS FD 200 42.53 -45.22 -23.12
N ILE FD 201 42.11 -43.98 -22.95
CA ILE FD 201 41.00 -43.63 -22.06
C ILE FD 201 39.94 -42.95 -22.91
N ARG FD 202 38.92 -43.71 -23.32
CA ARG FD 202 37.79 -43.12 -24.04
C ARG FD 202 36.75 -42.57 -23.07
N ILE FD 203 36.36 -41.32 -23.27
CA ILE FD 203 35.16 -40.76 -22.67
C ILE FD 203 34.22 -40.39 -23.80
N TYR FD 204 33.06 -41.05 -23.86
CA TYR FD 204 32.00 -40.62 -24.77
C TYR FD 204 30.79 -40.22 -23.95
N PHE FD 205 30.19 -39.10 -24.33
CA PHE FD 205 29.20 -38.42 -23.50
C PHE FD 205 28.19 -37.64 -24.35
#